data_2MJR
#
_entry.id   2MJR
#
loop_
_entity.id
_entity.type
_entity.pdbx_description
1 polymer Anoplin
2 non-polymer 'UNKNOWN ATOM OR ION'
3 non-polymer 'dodecyl 2-(trimethylammonio)ethyl phosphate'
#
_entity_poly.entity_id   1
_entity_poly.type   'polypeptide(L)'
_entity_poly.pdbx_seq_one_letter_code
;GLLKWIKTLL(NH2)
;
_entity_poly.pdbx_strand_id   A
#
loop_
_chem_comp.id
_chem_comp.type
_chem_comp.name
_chem_comp.formula
DPV non-polymer 'dodecyl 2-(trimethylammonio)ethyl phosphate' 'C17 H38 N O4 P'
NH2 non-polymer 'AMINO GROUP' 'H2 N'
UNX non-polymer 'UNKNOWN ATOM OR ION' ?
#
# COMPACT_ATOMS: atom_id res chain seq x y z
N GLY A 1 -4.22 2.39 -5.89
CA GLY A 1 -3.09 1.63 -6.46
C GLY A 1 -2.47 0.68 -5.47
N LEU A 2 -1.83 -0.37 -5.96
CA LEU A 2 -1.18 -1.34 -5.10
C LEU A 2 -0.04 -0.70 -4.32
N LEU A 3 0.56 0.37 -4.83
CA LEU A 3 1.62 1.05 -4.11
C LEU A 3 1.09 1.61 -2.78
N LYS A 4 -0.05 2.28 -2.81
CA LYS A 4 -0.66 2.79 -1.58
C LYS A 4 -1.16 1.65 -0.72
N TRP A 5 -1.63 0.58 -1.35
CA TRP A 5 -2.09 -0.58 -0.60
C TRP A 5 -0.95 -1.17 0.23
N ILE A 6 0.22 -1.33 -0.38
CA ILE A 6 1.39 -1.86 0.31
C ILE A 6 1.85 -0.88 1.41
N LYS A 7 1.84 0.42 1.13
CA LYS A 7 2.18 1.41 2.16
C LYS A 7 1.20 1.39 3.33
N THR A 8 -0.04 1.05 3.06
CA THR A 8 -1.07 0.95 4.10
C THR A 8 -0.84 -0.31 4.94
N LEU A 9 -0.46 -1.41 4.28
CA LEU A 9 -0.16 -2.67 4.98
C LEU A 9 1.05 -2.48 5.90
N LEU A 10 2.03 -1.74 5.44
CA LEU A 10 3.23 -1.45 6.23
C LEU A 10 2.86 -0.59 7.44
N NH2 A 11 2.28 0.57 7.19
HN1 NH2 A 11 2.09 0.85 6.23
HN2 NH2 A 11 2.02 1.18 7.94
UNK UNX B . 14.10 -11.51 -4.58
N DPV C . 16.00 -12.44 -27.41
P DPV C . 16.50 -7.84 -26.16
C1 DPV C . 17.57 -5.81 -27.43
C2 DPV C . 17.22 -4.37 -27.89
C3 DPV C . 18.44 -3.39 -27.87
C4 DPV C . 16.86 -9.94 -27.71
C5 DPV C . 15.67 -10.91 -27.37
C6 DPV C . 17.12 -12.81 -26.42
C7 DPV C . 16.38 -12.91 -28.82
C8 DPV C . 14.73 -13.20 -26.96
C15 DPV C . 18.90 -2.99 -26.42
C16 DPV C . 20.24 -3.67 -26.00
C17 DPV C . 20.31 -3.97 -24.47
C18 DPV C . 19.59 -5.30 -24.10
C19 DPV C . 19.76 -5.63 -22.59
O1P DPV C . 15.37 -8.13 -25.27
C20 DPV C . 19.17 -7.03 -22.21
C21 DPV C . 17.62 -7.04 -22.08
C22 DPV C . 17.12 -8.36 -21.44
C23 DPV C . 15.57 -8.38 -21.30
O2P DPV C . 17.80 -8.04 -25.47
O3P DPV C . 16.38 -6.43 -26.90
O4P DPV C . 16.42 -8.58 -27.58
H1 DPV C . 17.93 -6.40 -28.29
H1A DPV C . 18.33 -5.79 -26.66
H2 DPV C . 16.83 -4.42 -28.91
H2A DPV C . 16.42 -3.97 -27.26
H3 DPV C . 18.14 -2.47 -28.38
H3A DPV C . 19.27 -3.81 -28.43
H4 DPV C . 17.71 -10.12 -27.03
H4A DPV C . 17.19 -10.10 -28.74
H5 DPV C . 15.30 -10.67 -26.38
H5A DPV C . 14.86 -10.73 -28.10
H6 DPV C . 18.06 -12.32 -26.74
H6A DPV C . 17.26 -13.90 -26.42
H6B DPV C . 16.85 -12.47 -25.42
H7 DPV C . 15.57 -12.65 -29.51
H7A DPV C . 16.52 -13.99 -28.81
H7B DPV C . 17.30 -12.41 -29.13
H8 DPV C . 13.93 -12.97 -27.67
H8A DPV C . 14.45 -12.86 -25.96
H8B DPV C . 14.93 -14.27 -26.96
H15 DPV C . 18.11 -3.21 -25.70
H15A DPV C . 19.05 -1.91 -26.38
H16 DPV C . 20.39 -4.61 -26.56
H16A DPV C . 21.07 -3.02 -26.27
H17 DPV C . 21.36 -4.05 -24.19
H17A DPV C . 19.88 -3.14 -23.91
H18 DPV C . 18.53 -5.23 -24.35
H18A DPV C . 20.01 -6.12 -24.69
H19 DPV C . 20.82 -5.63 -22.34
H19A DPV C . 19.28 -4.86 -22.00
H20 DPV C . 19.48 -7.78 -22.94
H20A DPV C . 19.60 -7.32 -21.25
H21 DPV C . 17.31 -6.20 -21.46
H21A DPV C . 17.17 -6.90 -23.07
H22 DPV C . 17.43 -9.20 -22.06
H22A DPV C . 17.57 -8.49 -20.46
H23 DPV C . 15.25 -7.57 -20.63
H23A DPV C . 15.25 -9.33 -20.88
H23B DPV C . 15.10 -8.24 -22.27
N DPV D . 16.26 3.40 -23.28
P DPV D . 18.25 4.42 -19.23
C1 DPV D . 20.31 4.98 -17.71
C2 DPV D . 21.31 4.27 -16.77
C3 DPV D . 22.40 5.23 -16.21
C4 DPV D . 17.36 2.68 -20.98
C5 DPV D . 17.55 3.38 -22.37
C6 DPV D . 15.68 1.99 -23.48
C7 DPV D . 16.65 3.95 -24.65
C8 DPV D . 15.18 4.32 -22.68
C15 DPV D . 23.10 4.58 -14.98
C16 DPV D . 24.33 5.40 -14.49
C17 DPV D . 24.77 5.03 -13.03
C18 DPV D . 25.37 3.59 -12.89
C19 DPV D . 25.95 3.36 -11.46
O1P DPV D . 18.50 5.65 -20.00
C20 DPV D . 26.41 1.89 -11.25
C21 DPV D . 27.16 1.71 -9.89
C22 DPV D . 27.54 0.23 -9.60
C23 DPV D . 26.37 -0.61 -9.03
O2P DPV D . 16.98 4.47 -18.47
O3P DPV D . 19.50 3.96 -18.34
O4P DPV D . 18.43 3.10 -20.09
H1 DPV D . 19.68 5.67 -17.15
H1A DPV D . 20.86 5.54 -18.49
H2 DPV D . 20.74 3.83 -15.95
H2A DPV D . 21.80 3.46 -17.31
H3 DPV D . 21.94 6.18 -15.89
H3A DPV D . 23.13 5.45 -16.99
H4 DPV D . 16.40 2.96 -20.53
H4A DPV D . 17.41 1.60 -21.10
H5 DPV D . 17.84 4.43 -22.24
H5A DPV D . 18.34 2.87 -22.93
H6 DPV D . 14.82 2.06 -24.17
H6A DPV D . 15.34 1.60 -22.53
H6B DPV D . 16.44 1.35 -23.91
H7 DPV D . 17.05 4.97 -24.51
H7A DPV D . 15.76 3.99 -25.29
H7B DPV D . 17.40 3.31 -25.09
H8 DPV D . 14.34 4.37 -23.37
H8A DPV D . 15.61 5.32 -22.55
H8B DPV D . 14.87 3.92 -21.72
H15 DPV D . 23.42 3.57 -15.22
H15A DPV D . 22.38 4.52 -14.17
H16 DPV D . 25.17 5.25 -15.18
H16A DPV D . 24.09 6.46 -14.51
H17 DPV D . 25.52 5.76 -12.71
H17A DPV D . 23.92 5.13 -12.36
H18 DPV D . 24.59 2.85 -13.10
H18A DPV D . 26.17 3.44 -13.63
H19 DPV D . 26.80 4.03 -11.31
H19A DPV D . 25.20 3.61 -10.72
H20 DPV D . 25.53 1.25 -11.28
H20A DPV D . 27.08 1.59 -12.07
H21 DPV D . 28.06 2.31 -9.91
H21A DPV D . 26.53 2.09 -9.07
H22 DPV D . 27.93 -0.24 -10.50
H22A DPV D . 28.36 0.22 -8.87
H23 DPV D . 26.70 -1.63 -8.81
H23A DPV D . 25.55 -0.67 -9.74
H23B DPV D . 25.99 -0.16 -8.10
N DPV E . 36.03 -3.70 -3.20
P DPV E . 33.05 -1.43 0.48
C1 DPV E . 32.12 0.95 1.00
C2 DPV E . 32.10 2.38 0.39
C3 DPV E . 31.59 3.49 1.37
C4 DPV E . 34.64 -2.74 -1.15
C5 DPV E . 35.51 -2.44 -2.42
C6 DPV E . 36.89 -3.18 -4.37
C7 DPV E . 34.87 -4.50 -3.81
C8 DPV E . 36.90 -4.62 -2.33
C15 DPV E . 30.05 3.52 1.60
C16 DPV E . 29.26 4.06 0.37
C17 DPV E . 27.74 4.23 0.69
C18 DPV E . 26.94 4.66 -0.56
C19 DPV E . 25.43 4.73 -0.28
O1P DPV E . 31.83 -2.26 0.38
C20 DPV E . 24.61 5.21 -1.51
C21 DPV E . 23.06 5.22 -1.27
C22 DPV E . 22.42 3.81 -1.43
C23 DPV E . 20.94 3.80 -1.00
O2P DPV E . 33.76 -1.62 1.76
O3P DPV E . 32.82 0.09 0.09
O4P DPV E . 33.98 -1.51 -0.80
H1 DPV E . 32.64 0.96 1.96
H1A DPV E . 31.10 0.59 1.13
H2 DPV E . 33.12 2.63 0.09
H2A DPV E . 31.50 2.38 -0.51
H3 DPV E . 31.91 4.46 0.99
H3A DPV E . 32.09 3.36 2.34
H4 DPV E . 33.89 -3.49 -1.37
H4A DPV E . 35.27 -3.07 -0.31
H5 DPV E . 34.92 -1.86 -3.12
H5A DPV E . 36.38 -1.86 -2.12
H6 DPV E . 37.73 -2.61 -3.96
H6A DPV E . 36.28 -2.55 -5.01
H6B DPV E . 37.27 -4.03 -4.94
H7 DPV E . 34.28 -4.93 -3.01
H7A DPV E . 35.28 -5.30 -4.44
H7B DPV E . 34.26 -3.83 -4.43
H8 DPV E . 37.73 -4.03 -1.91
H8A DPV E . 37.30 -5.43 -2.95
H8B DPV E . 36.29 -5.03 -1.52
H15 DPV E . 29.84 4.15 2.46
H15A DPV E . 29.69 2.52 1.85
H16 DPV E . 29.67 5.03 0.06
H16A DPV E . 29.38 3.37 -0.47
H17 DPV E . 27.36 3.28 1.06
H17A DPV E . 27.63 4.97 1.48
H18 DPV E . 27.30 5.64 -0.91
H18A DPV E . 27.11 3.95 -1.37
H19 DPV E . 25.07 3.74 0.04
H19A DPV E . 25.25 5.42 0.56
H20 DPV E . 24.92 6.23 -1.77
H20A DPV E . 24.84 4.59 -2.37
H21 DPV E . 22.86 5.61 -0.26
H21A DPV E . 22.60 5.91 -1.97
H22 DPV E . 22.49 3.51 -2.48
H22A DPV E . 22.96 3.08 -0.84
H23 DPV E . 20.50 2.82 -1.17
H23A DPV E . 20.36 4.53 -1.58
H23B DPV E . 20.84 4.05 0.06
N DPV F . 27.19 -4.71 13.99
P DPV F . 28.32 -7.71 10.44
C1 DPV F . 25.91 -8.66 10.01
C2 DPV F . 24.57 -8.27 9.38
C3 DPV F . 24.58 -8.44 7.83
C4 DPV F . 28.55 -5.46 11.84
C5 DPV F . 27.15 -5.30 12.54
C6 DPV F . 27.94 -5.64 14.96
C7 DPV F . 25.74 -4.59 14.48
C8 DPV F . 27.82 -3.30 14.04
C15 DPV F . 23.26 -7.94 7.19
C16 DPV F . 23.30 -8.02 5.64
C17 DPV F . 21.94 -7.59 5.01
C18 DPV F . 22.05 -7.50 3.47
C19 DPV F . 20.67 -7.22 2.80
O1P DPV F . 29.37 -8.24 9.56
C20 DPV F . 20.82 -7.00 1.27
C21 DPV F . 19.45 -6.79 0.57
C22 DPV F . 19.65 -6.51 -0.95
C23 DPV F . 18.32 -6.28 -1.67
O2P DPV F . 28.31 -8.39 11.77
O3P DPV F . 26.88 -7.60 9.76
O4P DPV F . 28.36 -6.10 10.55
H1 DPV F . 25.79 -8.76 11.09
H1A DPV F . 26.29 -9.60 9.60
H2 DPV F . 23.78 -8.89 9.80
H2A DPV F . 24.34 -7.23 9.63
H3 DPV F . 24.72 -9.50 7.58
H3A DPV F . 25.42 -7.89 7.41
H4 DPV F . 28.98 -4.47 11.66
H4A DPV F . 29.23 -6.05 12.45
H5 DPV F . 26.51 -4.63 11.93
H5A DPV F . 26.66 -6.28 12.59
H6 DPV F . 27.47 -6.63 14.95
H6A DPV F . 27.89 -5.22 15.97
H6B DPV F . 28.98 -5.71 14.65
H7 DPV F . 25.28 -5.59 14.48
H7A DPV F . 25.19 -3.93 13.81
H7B DPV F . 25.73 -4.18 15.51
H8 DPV F . 28.87 -3.38 13.74
H8A DPV F . 27.76 -2.92 15.06
H8B DPV F . 27.27 -2.65 13.35
H15 DPV F . 23.10 -6.90 7.48
H15A DPV F . 22.42 -8.52 7.57
H16 DPV F . 24.10 -7.39 5.26
H16A DPV F . 23.53 -9.05 5.33
H17 DPV F . 21.17 -8.31 5.28
H17A DPV F . 21.65 -6.62 5.40
H18 DPV F . 22.74 -6.70 3.20
H18A DPV F . 22.44 -8.43 3.07
H19 DPV F . 19.99 -8.06 2.98
H19A DPV F . 20.21 -6.34 3.25
H20 DPV F . 21.46 -6.13 1.10
H20A DPV F . 21.32 -7.87 0.83
H21 DPV F . 18.83 -7.68 0.71
H21A DPV F . 18.94 -5.95 1.03
H22 DPV F . 20.29 -5.64 -1.08
H22A DPV F . 20.16 -7.37 -1.40
H23 DPV F . 17.68 -7.16 -1.60
H23A DPV F . 18.50 -6.08 -2.73
H23B DPV F . 17.79 -5.42 -1.26
N DPV G . 25.46 0.25 10.25
P DPV G . 23.41 -4.21 10.47
C1 DPV G . 21.38 -5.45 9.35
C2 DPV G . 19.83 -5.53 9.45
C3 DPV G . 19.11 -5.94 8.12
C4 DPV G . 24.11 -1.80 11.27
C5 DPV G . 24.55 -1.00 9.99
C6 DPV G . 26.74 -0.10 11.04
C7 DPV G . 24.69 1.36 11.01
C8 DPV G . 25.88 0.81 8.89
C15 DPV G . 19.15 -7.48 7.83
C16 DPV G . 17.92 -8.01 7.02
C17 DPV G . 17.90 -7.58 5.51
C18 DPV G . 16.68 -8.22 4.77
C19 DPV G . 16.63 -7.84 3.27
O1P DPV G . 24.17 -4.27 9.20
C20 DPV G . 15.44 -8.55 2.54
C21 DPV G . 15.39 -8.29 0.99
C22 DPV G . 14.72 -6.94 0.61
C23 DPV G . 14.50 -6.80 -0.92
O2P DPV G . 24.02 -5.02 11.53
O3P DPV G . 21.83 -4.44 10.29
O4P DPV G . 23.05 -2.72 10.92
H1 DPV G . 21.81 -6.42 9.60
H1A DPV G . 21.68 -5.15 8.34
H2 DPV G . 19.54 -6.21 10.25
H2A DPV G . 19.46 -4.53 9.73
H3 DPV G . 19.53 -5.39 7.27
H3A DPV G . 18.05 -5.62 8.20
H4 DPV G . 24.96 -2.35 11.69
H4A DPV G . 23.72 -1.11 12.03
H5 DPV G . 25.10 -1.66 9.33
H5A DPV G . 23.66 -0.64 9.47
H6 DPV G . 27.35 0.81 11.14
H6A DPV G . 27.29 -0.86 10.47
H6B DPV G . 26.47 -0.48 12.02
H7 DPV G . 24.41 0.99 12.00
H7A DPV G . 23.78 1.62 10.44
H7B DPV G . 25.34 2.24 11.11
H8 DPV G . 26.51 1.70 9.05
H8A DPV G . 24.98 1.08 8.33
H8B DPV G . 26.45 0.05 8.36
H15 DPV G . 19.17 -8.02 8.78
H15A DPV G . 20.08 -7.73 7.32
H16 DPV G . 17.93 -9.10 7.07
H16A DPV G . 17.00 -7.68 7.50
H17 DPV G . 17.86 -6.50 5.44
H17A DPV G . 18.82 -7.93 5.03
H18 DPV G . 16.72 -9.31 4.88
H18A DPV G . 15.76 -7.88 5.26
H19 DPV G . 16.54 -6.76 3.15
H19A DPV G . 17.57 -8.15 2.78
H20 DPV G . 15.53 -9.63 2.70
H20A DPV G . 14.49 -8.24 2.99
H21 DPV G . 16.41 -8.34 0.58
H21A DPV G . 14.82 -9.11 0.53
H22 DPV G . 13.76 -6.86 1.12
H22A DPV G . 15.35 -6.11 0.96
H23 DPV G . 13.83 -7.59 -1.28
H23A DPV G . 15.44 -6.88 -1.46
H23B DPV G . 14.05 -5.83 -1.14
N DPV H . 20.39 -4.14 14.19
P DPV H . 19.97 0.53 12.89
C1 DPV H . 18.03 1.21 14.53
C2 DPV H . 17.16 0.65 15.67
C3 DPV H . 16.56 -0.76 15.38
C4 DPV H . 20.13 -2.10 12.51
C5 DPV H . 19.80 -2.71 13.92
C6 DPV H . 19.95 -4.55 15.60
C7 DPV H . 21.92 -4.14 14.15
C8 DPV H . 19.84 -5.19 13.20
C15 DPV H . 15.51 -0.77 14.21
C16 DPV H . 14.81 -2.16 14.05
C17 DPV H . 15.70 -3.27 13.40
C18 DPV H . 15.56 -3.37 11.85
C19 DPV H . 16.66 -2.60 11.09
O1P DPV H . 19.52 1.70 12.11
C20 DPV H . 16.54 -2.75 9.55
C21 DPV H . 17.73 -2.09 8.82
C22 DPV H . 17.61 -2.24 7.28
C23 DPV H . 18.93 -1.85 6.56
O2P DPV H . 21.44 0.51 13.05
O3P DPV H . 19.19 0.36 14.29
O4P DPV H . 19.37 -0.86 12.35
H1 DPV H . 17.44 1.27 13.61
H1A DPV H . 18.38 2.21 14.78
H2 DPV H . 17.76 0.60 16.59
H2A DPV H . 16.34 1.35 15.88
H3 DPV H . 16.07 -1.13 16.29
H3A DPV H . 17.37 -1.45 15.15
H4 DPV H . 21.19 -1.89 12.42
H4A DPV H . 19.82 -2.78 11.72
H5 DPV H . 20.19 -2.05 14.70
H5A DPV H . 18.72 -2.78 14.04
H6 DPV H . 18.85 -4.58 15.65
H6A DPV H . 20.33 -3.82 16.32
H6B DPV H . 20.36 -5.55 15.83
H7 DPV H . 22.27 -5.13 14.45
H7A DPV H . 22.29 -3.39 14.84
H7B DPV H . 22.24 -3.91 13.13
H8 DPV H . 18.75 -5.18 13.24
H8A DPV H . 20.22 -6.18 13.49
H8B DPV H . 20.19 -4.94 12.20
H15 DPV H . 15.99 -0.49 13.27
H15A DPV H . 14.74 -0.02 14.42
H16 DPV H . 14.49 -2.50 15.04
H16A DPV H . 13.90 -2.03 13.47
H17 DPV H . 16.75 -3.14 13.67
H17A DPV H . 15.41 -4.23 13.83
H18 DPV H . 15.61 -4.42 11.57
H18A DPV H . 14.56 -3.02 11.54
H19 DPV H . 16.62 -1.53 11.35
H19A DPV H . 17.63 -2.97 11.41
H20 DPV H . 16.51 -3.81 9.30
H20A DPV H . 15.60 -2.32 9.21
H21 DPV H . 17.77 -1.02 9.07
H21A DPV H . 18.65 -2.54 9.16
H22 DPV H . 17.36 -3.27 7.01
H22A DPV H . 16.80 -1.60 6.90
H23 DPV H . 19.72 -2.58 6.78
H23A DPV H . 19.27 -0.86 6.89
H23B DPV H . 18.78 -1.82 5.48
N DPV I . 9.90 -16.30 15.79
P DPV I . 9.66 -11.63 14.84
C1 DPV I . 9.83 -10.35 12.56
C2 DPV I . 9.03 -9.38 11.67
C3 DPV I . 9.95 -8.81 10.55
C4 DPV I . 10.40 -14.12 14.38
C5 DPV I . 9.35 -14.99 15.15
C6 DPV I . 10.55 -17.24 14.75
C7 DPV I . 8.72 -17.05 16.42
C8 DPV I . 10.92 -16.00 16.90
C15 DPV I . 9.22 -7.76 9.65
C16 DPV I . 10.20 -7.08 8.63
C17 DPV I . 10.54 -7.98 7.39
C18 DPV I . 11.81 -7.50 6.61
C19 DPV I . 11.60 -6.15 5.85
O1P DPV I . 10.98 -11.13 15.27
C20 DPV I . 12.77 -5.85 4.87
C21 DPV I . 12.61 -4.45 4.21
C22 DPV I . 13.75 -4.16 3.20
C23 DPV I . 13.58 -2.79 2.53
O2P DPV I . 8.75 -11.83 15.99
O3P DPV I . 8.99 -10.79 13.66
O4P DPV I . 9.75 -12.92 13.89
H1 DPV I . 10.14 -11.23 11.99
H1A DPV I . 10.72 -9.85 12.97
H2 DPV I . 8.18 -9.89 11.22
H2A DPV I . 8.65 -8.56 12.28
H3 DPV I . 10.31 -9.64 9.93
H3A DPV I . 10.82 -8.34 11.01
H4 DPV I . 11.24 -13.84 15.03
H4A DPV I . 10.79 -14.67 13.52
H5 DPV I . 8.92 -14.40 15.95
H5A DPV I . 8.55 -15.27 14.46
H6 DPV I . 9.80 -17.54 14.03
H6A DPV I . 10.94 -18.11 15.27
H6B DPV I . 11.37 -16.71 14.27
H7 DPV I . 7.99 -17.29 15.64
H7A DPV I . 8.26 -16.40 17.18
H7B DPV I . 9.09 -17.96 16.90
H8 DPV I . 11.80 -15.50 16.46
H8A DPV I . 11.22 -16.94 17.38
H8B DPV I . 10.46 -15.33 17.63
H15 DPV I . 8.79 -6.99 10.29
H15A DPV I . 8.40 -8.24 9.11
H16 DPV I . 9.73 -6.16 8.27
H16A DPV I . 11.11 -6.79 9.15
H17 DPV I . 10.72 -9.00 7.73
H17A DPV I . 9.68 -8.01 6.72
H18 DPV I . 12.65 -7.41 7.30
H18A DPV I . 12.07 -8.28 5.88
H19 DPV I . 10.66 -6.19 5.30
H19A DPV I . 11.52 -5.34 6.58
H20 DPV I . 13.72 -5.89 5.42
H20A DPV I . 12.81 -6.62 4.10
H21 DPV I . 11.65 -4.42 3.69
H21A DPV I . 12.58 -3.69 4.98
H22 DPV I . 14.71 -4.18 3.73
H22A DPV I . 13.78 -4.94 2.44
H23 DPV I . 12.67 -2.76 1.94
H23A DPV I . 14.42 -2.58 1.86
H23B DPV I . 13.54 -1.98 3.27
N DPV J . -4.67 -20.29 6.64
P DPV J . -1.08 -18.55 8.92
C1 DPV J . 1.41 -18.12 9.57
C2 DPV J . 2.57 -18.63 10.46
C3 DPV J . 2.73 -17.80 11.76
C4 DPV J . -2.39 -20.63 7.95
C5 DPV J . -3.80 -19.95 7.90
C6 DPV J . -4.99 -21.78 6.54
C7 DPV J . -3.98 -19.82 5.35
C8 DPV J . -5.99 -19.51 6.77
C15 DPV J . 4.09 -18.01 12.50
C16 DPV J . 5.32 -17.49 11.70
C17 DPV J . 6.58 -17.26 12.61
C18 DPV J . 7.73 -16.48 11.87
C19 DPV J . 7.41 -14.97 11.68
O1P DPV J . -1.96 -17.59 9.62
C20 DPV J . 8.45 -14.25 10.79
C21 DPV J . 7.82 -12.96 10.15
C22 DPV J . 8.73 -12.38 9.05
C23 DPV J . 8.01 -11.31 8.22
O2P DPV J . -0.78 -18.13 7.54
O3P DPV J . 0.23 -18.93 9.76
O4P DPV J . -1.58 -20.07 9.03
H1 DPV J . 1.17 -17.08 9.81
H1A DPV J . 1.70 -18.19 8.53
H2 DPV J . 2.41 -19.69 10.71
H2A DPV J . 3.48 -18.59 9.88
H3 DPV J . 1.92 -18.05 12.45
H3A DPV J . 2.61 -16.73 11.54
H4 DPV J . -2.49 -21.70 8.11
H4A DPV J . -1.85 -20.46 7.00
H5 DPV J . -4.37 -20.24 8.79
H5A DPV J . -3.68 -18.86 7.91
H6 DPV J . -5.48 -22.10 7.47
H6A DPV J . -4.05 -22.34 6.40
H6B DPV J . -5.65 -21.95 5.69
H7 DPV J . -3.73 -18.75 5.43
H7A DPV J . -4.67 -19.96 4.51
H7B DPV J . -3.07 -20.40 5.19
H8 DPV J . -6.61 -19.73 5.89
H8A DPV J . -5.78 -18.44 6.82
H8B DPV J . -6.50 -19.84 7.67
H15 DPV J . 4.23 -19.05 12.75
H15A DPV J . 4.04 -17.47 13.45
H16 DPV J . 5.58 -18.21 10.91
H16A DPV J . 5.05 -16.55 11.21
H17 DPV J . 6.30 -16.69 13.50
H17A DPV J . 6.96 -18.22 12.95
H18 DPV J . 8.65 -16.59 12.44
H18A DPV J . 7.90 -16.95 10.89
H19 DPV J . 6.42 -14.87 11.23
H19A DPV J . 7.36 -14.47 12.66
H20 DPV J . 9.33 -13.98 11.37
H20A DPV J . 8.78 -14.91 9.98
H21 DPV J . 6.85 -13.22 9.72
H21A DPV J . 7.66 -12.22 10.93
H22 DPV J . 9.63 -11.94 9.50
H22A DPV J . 9.06 -13.17 8.37
H23 DPV J . 8.68 -10.86 7.49
H23A DPV J . 7.63 -10.51 8.86
H23B DPV J . 7.16 -11.75 7.68
N DPV K . 2.07 -22.00 7.42
P DPV K . 3.22 -25.34 3.48
C1 DPV K . 4.47 -24.00 1.60
C2 DPV K . 5.34 -22.72 1.37
C3 DPV K . 6.68 -22.74 2.18
C4 DPV K . 2.79 -23.44 5.30
C5 DPV K . 2.43 -23.40 6.83
C6 DPV K . 0.88 -21.34 6.67
C7 DPV K . 3.29 -21.05 7.39
C8 DPV K . 1.64 -22.22 8.87
C15 DPV K . 7.51 -21.45 1.95
C16 DPV K . 8.67 -21.34 2.98
C17 DPV K . 9.53 -20.07 2.74
C18 DPV K . 10.56 -19.79 3.89
C19 DPV K . 11.83 -20.70 3.80
O1P DPV K . 1.91 -25.24 2.83
C20 DPV K . 12.90 -20.27 4.85
C21 DPV K . 14.22 -21.05 4.67
C22 DPV K . 15.28 -20.62 5.74
C23 DPV K . 16.61 -21.37 5.57
O2P DPV K . 3.79 -26.69 3.37
O3P DPV K . 4.25 -24.19 3.02
O4P DPV K . 3.23 -24.79 4.99
H1 DPV K . 3.50 -23.87 1.11
H1A DPV K . 4.97 -24.88 1.19
H2 DPV K . 5.56 -22.65 0.30
H2A DPV K . 4.75 -21.84 1.64
H3 DPV K . 7.26 -23.62 1.90
H3A DPV K . 6.43 -22.82 3.25
H4 DPV K . 1.90 -23.21 4.71
H4A DPV K . 3.58 -22.73 5.06
H5 DPV K . 1.58 -24.05 7.01
H5A DPV K . 3.29 -23.78 7.40
H6 DPV K . 0.65 -20.39 7.15
H6A DPV K . 0.02 -22.01 6.73
H6B DPV K . 1.16 -21.18 5.63
H7 DPV K . 3.58 -20.88 6.36
H7A DPV K . 4.10 -21.52 7.95
H7B DPV K . 3.01 -20.11 7.86
H8 DPV K . 2.48 -22.68 9.41
H8A DPV K . 0.77 -22.87 8.90
H8B DPV K . 1.41 -21.25 9.32
H15 DPV K . 6.87 -20.58 2.04
H15A DPV K . 7.91 -21.46 0.93
H16 DPV K . 8.25 -21.30 3.99
H16A DPV K . 9.31 -22.23 2.92
H17 DPV K . 10.06 -20.14 1.78
H17A DPV K . 8.88 -19.20 2.67
H18 DPV K . 10.88 -18.75 3.81
H18A DPV K . 10.08 -19.91 4.85
H19 DPV K . 11.55 -21.73 3.98
H19A DPV K . 12.26 -20.65 2.79
H20 DPV K . 13.09 -19.20 4.75
H20A DPV K . 12.51 -20.44 5.85
H21 DPV K . 14.04 -22.12 4.76
H21A DPV K . 14.63 -20.87 3.67
H22 DPV K . 15.46 -19.54 5.66
H22A DPV K . 14.88 -20.81 6.74
H23 DPV K . 17.03 -21.19 4.57
H23A DPV K . 16.46 -22.45 5.69
H23B DPV K . 17.33 -21.04 6.32
N DPV L . -0.35 -26.81 6.99
P DPV L . -2.32 -23.35 4.00
C1 DPV L . -0.32 -22.35 2.62
C2 DPV L . 0.34 -22.47 1.23
C3 DPV L . -0.56 -21.88 0.10
C4 DPV L . -0.73 -25.26 4.88
C5 DPV L . -0.99 -25.50 6.41
C6 DPV L . -0.61 -26.82 8.50
C7 DPV L . 1.18 -26.88 6.78
C8 DPV L . -0.99 -28.07 6.38
C15 DPV L . 0.01 -22.18 -1.30
C16 DPV L . -0.87 -21.60 -2.46
C17 DPV L . -0.50 -20.13 -2.81
C18 DPV L . -1.42 -19.55 -3.93
C19 DPV L . -0.75 -18.35 -4.64
O1P DPV L . -1.85 -22.47 5.10
C20 DPV L . -1.58 -17.83 -5.85
C21 DPV L . -0.80 -16.74 -6.63
C22 DPV L . -1.68 -16.04 -7.70
C23 DPV L . -0.88 -14.95 -8.46
O2P DPV L . -3.75 -23.11 3.68
O3P DPV L . -1.39 -23.34 2.70
O4P DPV L . -1.97 -24.89 4.23
H1 DPV L . 0.42 -22.56 3.39
H1A DPV L . -0.74 -21.35 2.77
H2 DPV L . 1.30 -21.95 1.23
H2A DPV L . 0.55 -23.52 1.02
H3 DPV L . -0.65 -20.79 0.25
H3A DPV L . -1.56 -22.31 0.18
H4 DPV L . 0.01 -24.47 4.74
H4A DPV L . -0.37 -26.18 4.42
H5 DPV L . -0.60 -24.65 6.98
H5A DPV L . -2.06 -25.57 6.58
H6 DPV L . -1.70 -26.80 8.66
H6A DPV L . -0.16 -25.93 8.94
H6B DPV L . -0.18 -27.72 8.93
H7 DPV L . 1.41 -26.79 5.72
H7A DPV L . 1.53 -27.83 7.16
H7B DPV L . 1.65 -26.07 7.34
H8 DPV L . -0.78 -28.09 5.31
H8A DPV L . -2.06 -28.03 6.55
H8B DPV L . -0.56 -28.96 6.86
H15 DPV L . 0.06 -23.26 -1.44
H15A DPV L . 1.03 -21.80 -1.39
H16 DPV L . -0.72 -22.21 -3.35
H16A DPV L . -1.93 -21.67 -2.20
H17 DPV L . -0.59 -19.50 -1.92
H17A DPV L . 0.54 -20.10 -3.13
H18 DPV L . -1.62 -20.33 -4.67
H18A DPV L . -2.38 -19.25 -3.51
H19 DPV L . -0.61 -17.53 -3.92
H19A DPV L . 0.23 -18.64 -4.99
H20 DPV L . -1.80 -18.66 -6.53
H20A DPV L . -2.54 -17.44 -5.49
H21 DPV L . -0.42 -15.99 -5.92
H21A DPV L . 0.06 -17.21 -7.11
H22 DPV L . -2.04 -16.78 -8.40
H22A DPV L . -2.54 -15.58 -7.22
H23 DPV L . -0.01 -15.39 -8.95
H23A DPV L . -0.54 -14.17 -7.77
H23B DPV L . -1.51 -14.50 -9.22
N DPV M . 4.12 -19.74 -23.19
P DPV M . 1.15 -21.12 -19.22
C1 DPV M . 2.87 -19.81 -17.70
C2 DPV M . 3.67 -19.96 -16.38
C3 DPV M . 4.59 -21.22 -16.40
C4 DPV M . 2.47 -20.89 -21.47
C5 DPV M . 3.94 -20.49 -21.83
C6 DPV M . 3.38 -18.39 -23.19
C7 DPV M . 3.66 -20.60 -24.39
C8 DPV M . 5.63 -19.46 -23.34
C15 DPV M . 5.14 -21.54 -15.00
C16 DPV M . 5.95 -22.87 -14.97
C17 DPV M . 6.60 -23.17 -13.58
C18 DPV M . 5.56 -23.47 -12.46
C19 DPV M . 6.21 -23.80 -11.10
O1P DPV M . 0.38 -19.90 -19.51
C20 DPV M . 5.14 -23.79 -9.97
C21 DPV M . 5.69 -24.37 -8.64
C22 DPV M . 4.62 -24.25 -7.52
C23 DPV M . 5.02 -25.05 -6.27
O2P DPV M . 0.31 -22.33 -19.24
O3P DPV M . 2.03 -21.00 -17.90
O4P DPV M . 2.48 -21.27 -20.09
H1 DPV M . 2.21 -18.93 -17.64
H1A DPV M . 3.55 -19.70 -18.54
H2 DPV M . 4.27 -19.07 -16.22
H2A DPV M . 2.96 -20.04 -15.56
H3 DPV M . 5.42 -21.05 -17.10
H3A DPV M . 4.03 -22.09 -16.77
H4 DPV M . 1.80 -20.04 -21.61
H4A DPV M . 2.14 -21.74 -22.09
H5 DPV M . 4.32 -19.82 -21.05
H5A DPV M . 4.56 -21.38 -21.86
H6 DPV M . 3.69 -17.82 -22.32
H6A DPV M . 2.30 -18.57 -23.16
H6B DPV M . 3.64 -17.85 -24.12
H7 DPV M . 4.16 -21.57 -24.34
H7A DPV M . 3.93 -20.08 -25.32
H7B DPV M . 2.58 -20.73 -24.33
H8 DPV M . 6.16 -20.41 -23.33
H8A DPV M . 5.95 -18.84 -22.49
H8B DPV M . 5.81 -18.93 -24.27
H15 DPV M . 4.31 -21.61 -14.29
H15A DPV M . 5.78 -20.72 -14.66
H16 DPV M . 5.30 -23.71 -15.25
H16A DPV M . 6.75 -22.82 -15.72
H17 DPV M . 7.25 -24.05 -13.68
H17A DPV M . 7.23 -22.34 -13.28
H18 DPV M . 4.91 -22.60 -12.35
H18A DPV M . 4.92 -24.30 -12.77
H19 DPV M . 6.69 -24.78 -11.15
H19A DPV M . 6.98 -23.05 -10.86
H20 DPV M . 4.81 -22.77 -9.81
H20A DPV M . 4.28 -24.38 -10.28
H21 DPV M . 5.96 -25.42 -8.78
H21A DPV M . 6.59 -23.83 -8.34
H22 DPV M . 4.48 -23.20 -7.25
H22A DPV M . 3.66 -24.63 -7.88
H23 DPV M . 4.24 -24.98 -5.52
H23A DPV M . 5.93 -24.66 -5.84
H23B DPV M . 5.18 -26.11 -6.51
N DPV N . 4.42 -5.22 -20.90
P DPV N . 4.99 -9.28 -23.36
C1 DPV N . 3.97 -10.72 -21.44
C2 DPV N . 2.80 -11.69 -21.16
C3 DPV N . 2.19 -11.56 -19.73
C4 DPV N . 5.74 -7.39 -21.70
C5 DPV N . 5.13 -6.56 -20.51
C6 DPV N . 3.81 -4.63 -19.62
C7 DPV N . 3.27 -5.42 -21.91
C8 DPV N . 5.44 -4.20 -21.46
C15 DPV N . 3.22 -11.86 -18.58
C16 DPV N . 2.51 -11.99 -17.21
C17 DPV N . 3.52 -11.77 -16.03
C18 DPV N . 2.98 -12.35 -14.68
C19 DPV N . 1.84 -11.50 -14.05
O1P DPV N . 4.76 -8.91 -24.77
C20 DPV N . 1.30 -12.11 -12.74
C21 DPV N . 2.17 -11.77 -11.49
C22 DPV N . 1.52 -12.32 -10.19
C23 DPV N . 2.30 -11.88 -8.95
O2P DPV N . 6.33 -9.88 -23.17
O3P DPV N . 3.81 -10.18 -22.76
O4P DPV N . 4.66 -8.10 -22.34
H1 DPV N . 3.96 -9.89 -20.71
H1A DPV N . 4.92 -11.25 -21.37
H2 DPV N . 2.00 -11.51 -21.88
H2A DPV N . 3.13 -12.72 -21.31
H3 DPV N . 1.35 -12.24 -19.64
H3A DPV N . 1.80 -10.55 -19.60
H4 DPV N . 6.24 -6.75 -22.42
H4A DPV N . 6.45 -8.12 -21.29
H5 DPV N . 4.39 -7.18 -19.98
H5A DPV N . 5.93 -6.32 -19.81
H6 DPV N . 3.33 -3.68 -19.86
H6A DPV N . 4.62 -4.48 -18.89
H6B DPV N . 3.08 -5.35 -19.22
H7 DPV N . 2.78 -4.45 -22.10
H7A DPV N . 2.55 -6.12 -21.48
H7B DPV N . 3.67 -5.82 -22.84
H8 DPV N . 4.93 -3.25 -21.66
H8A DPV N . 5.86 -4.61 -22.39
H8B DPV N . 6.23 -4.06 -20.72
H15 DPV N . 3.97 -11.07 -18.55
H15A DPV N . 3.74 -12.80 -18.80
H16 DPV N . 1.71 -11.24 -17.13
H16A DPV N . 2.06 -12.98 -17.14
H17 DPV N . 4.46 -12.26 -16.26
H17A DPV N . 3.73 -10.70 -15.92
H18 DPV N . 2.64 -13.38 -14.84
H18A DPV N . 3.82 -12.40 -13.98
H19 DPV N . 2.20 -10.49 -13.88
H19A DPV N . 1.01 -11.44 -14.77
H20 DPV N . 0.29 -11.73 -12.57
H20A DPV N . 1.21 -13.20 -12.84
H21 DPV N . 3.17 -12.19 -11.61
H21A DPV N . 2.28 -10.69 -11.42
H22 DPV N . 0.49 -11.97 -10.12
H22A DPV N . 1.49 -13.42 -10.23
H23 DPV N . 1.78 -12.24 -8.05
H23A DPV N . 2.37 -10.80 -8.89
H23B DPV N . 3.31 -12.31 -8.94
N DPV O . 19.14 -21.73 -25.04
P DPV O . 21.39 -17.08 -24.40
C1 DPV O . 22.49 -15.55 -22.59
C2 DPV O . 21.77 -14.17 -22.54
C3 DPV O . 22.69 -13.03 -23.07
C4 DPV O . 19.99 -19.23 -24.90
C5 DPV O . 19.52 -20.52 -24.13
C6 DPV O . 20.32 -22.20 -25.91
C7 DPV O . 17.91 -21.44 -25.93
C8 DPV O . 18.76 -22.89 -24.11
C15 DPV O . 22.11 -11.60 -22.82
C16 DPV O . 22.33 -11.14 -21.36
C17 DPV O . 21.88 -9.67 -21.11
C18 DPV O . 22.33 -9.22 -19.69
C19 DPV O . 21.58 -7.95 -19.19
O1P DPV O . 22.66 -17.58 -24.97
C20 DPV O . 21.99 -7.55 -17.75
C21 DPV O . 21.32 -8.43 -16.65
C22 DPV O . 21.97 -8.22 -15.26
C23 DPV O . 21.26 -9.04 -14.17
O2P DPV O . 20.75 -16.08 -25.28
O3P DPV O . 21.53 -16.59 -22.88
O4P DPV O . 20.40 -18.24 -23.92
H1 DPV O . 23.26 -15.54 -23.36
H1A DPV O . 22.94 -15.75 -21.62
H2 DPV O . 20.86 -14.21 -23.12
H2A DPV O . 21.48 -13.98 -21.50
H3 DPV O . 22.83 -13.17 -24.14
H3A DPV O . 23.68 -13.11 -22.61
H4 DPV O . 20.85 -19.46 -25.54
H4A DPV O . 19.18 -18.81 -25.50
H5 DPV O . 20.33 -20.84 -23.47
H5A DPV O . 18.65 -20.27 -23.52
H6 DPV O . 21.19 -22.36 -25.27
H6A DPV O . 20.54 -21.41 -26.65
H6B DPV O . 20.04 -23.12 -26.43
H7 DPV O . 17.06 -21.19 -25.29
H7A DPV O . 17.69 -22.33 -26.52
H7B DPV O . 18.15 -20.60 -26.59
H8 DPV O . 17.91 -22.58 -23.49
H8A DPV O . 19.62 -23.14 -23.48
H8B DPV O . 18.47 -23.76 -24.72
H15 DPV O . 21.05 -11.58 -23.07
H15A DPV O . 22.62 -10.90 -23.49
H16 DPV O . 21.76 -11.79 -20.69
H16A DPV O . 23.38 -11.24 -21.09
H17 DPV O . 22.33 -9.01 -21.86
H17A DPV O . 20.79 -9.60 -21.20
H18 DPV O . 22.15 -10.02 -18.98
H18A DPV O . 23.41 -9.02 -19.70
H19 DPV O . 21.82 -7.11 -19.87
H19A DPV O . 20.50 -8.10 -19.24
H20 DPV O . 23.08 -7.61 -17.66
H20A DPV O . 21.72 -6.51 -17.58
H21 DPV O . 20.25 -8.18 -16.60
H21A DPV O . 21.40 -9.48 -16.93
H22 DPV O . 23.03 -8.54 -15.30
H22A DPV O . 21.96 -7.16 -15.00
H23 DPV O . 21.70 -8.83 -13.19
H23A DPV O . 21.34 -10.11 -14.37
H23B DPV O . 20.20 -8.78 -14.13
N DPV P . 27.45 -11.22 -22.10
P DPV P . 26.58 -16.43 -21.98
C1 DPV P . 27.46 -18.33 -20.39
C2 DPV P . 27.14 -19.66 -21.13
C3 DPV P . 27.12 -20.89 -20.16
C4 DPV P . 26.89 -13.81 -22.18
C5 DPV P . 27.71 -12.66 -21.53
C6 DPV P . 25.99 -10.78 -21.92
C7 DPV P . 27.86 -11.08 -23.57
C8 DPV P . 28.31 -10.24 -21.29
C15 DPV P . 25.87 -20.91 -19.22
C16 DPV P . 26.08 -21.86 -18.01
C17 DPV P . 24.94 -21.71 -16.96
C18 DPV P . 25.23 -22.51 -15.66
C19 DPV P . 24.15 -22.22 -14.58
O1P DPV P . 25.29 -16.57 -21.27
C20 DPV P . 24.42 -23.03 -13.27
C21 DPV P . 23.64 -22.45 -12.05
C22 DPV P . 23.92 -23.27 -10.77
C23 DPV P . 23.33 -22.58 -9.51
O2P DPV P . 26.44 -16.65 -23.43
O3P DPV P . 27.78 -17.27 -21.33
O4P DPV P . 27.36 -15.07 -21.61
H1 DPV P . 26.61 -18.02 -19.77
H1A DPV P . 28.33 -18.48 -19.74
H2 DPV P . 26.17 -19.56 -21.64
H2A DPV P . 27.89 -19.83 -21.90
H3 DPV P . 28.04 -20.89 -19.57
H3A DPV P . 27.12 -21.80 -20.76
H4 DPV P . 25.82 -13.71 -21.95
H4A DPV P . 27.03 -13.84 -23.26
H5 DPV P . 27.50 -12.63 -20.46
H5A DPV P . 28.77 -12.86 -21.67
H6 DPV P . 25.71 -10.87 -20.86
H6A DPV P . 25.34 -11.43 -22.53
H6B DPV P . 25.89 -9.74 -22.24
H7 DPV P . 27.69 -10.05 -23.88
H7A DPV P . 27.23 -11.75 -24.18
H7B DPV P . 28.91 -11.35 -23.67
H8 DPV P . 29.36 -10.51 -21.42
H8A DPV P . 28.03 -10.33 -20.23
H8B DPV P . 28.13 -9.22 -21.64
H15 DPV P . 24.99 -21.22 -19.78
H15A DPV P . 25.68 -19.90 -18.84
H16 DPV P . 26.13 -22.90 -18.35
H16A DPV P . 27.04 -21.63 -17.53
H17 DPV P . 24.81 -20.65 -16.71
H17A DPV P . 23.99 -22.05 -17.40
H18 DPV P . 25.25 -23.58 -15.89
H18A DPV P . 26.21 -22.23 -15.28
H19 DPV P . 24.15 -21.16 -14.35
H19A DPV P . 23.16 -22.48 -14.95
H20 DPV P . 24.15 -24.08 -13.43
H20A DPV P . 25.49 -23.00 -13.05
H21 DPV P . 23.94 -21.41 -11.90
H21A DPV P . 22.56 -22.47 -12.27
H22 DPV P . 23.50 -24.27 -10.87
H22A DPV P . 24.99 -23.37 -10.61
H23 DPV P . 22.29 -22.29 -9.68
H23A DPV P . 23.90 -21.70 -9.24
H23B DPV P . 23.36 -23.28 -8.65
N DPV Q . 24.02 -6.51 -25.81
P DPV Q . 25.34 -4.53 -22.18
C1 DPV Q . 25.31 -4.36 -19.58
C2 DPV Q . 24.75 -5.15 -18.40
C3 DPV Q . 25.59 -4.94 -17.10
C4 DPV Q . 23.83 -6.48 -23.14
C5 DPV Q . 23.14 -6.78 -24.52
C6 DPV Q . 25.37 -7.25 -25.77
C7 DPV Q . 24.26 -5.00 -26.03
C8 DPV Q . 23.23 -7.02 -27.02
C15 DPV Q . 25.06 -5.83 -15.95
C16 DPV Q . 26.03 -5.86 -14.74
C17 DPV Q . 25.55 -6.89 -13.67
C18 DPV Q . 26.45 -6.85 -12.40
C19 DPV Q . 26.39 -8.20 -11.63
O1P DPV Q . 26.55 -5.37 -22.41
C20 DPV Q . 27.33 -8.23 -10.39
C21 DPV Q . 27.63 -9.70 -9.94
C22 DPV Q . 28.63 -9.79 -8.75
C23 DPV Q . 30.08 -9.38 -9.13
O2P DPV Q . 25.61 -3.09 -22.42
O3P DPV Q . 24.65 -4.82 -20.78
O4P DPV Q . 24.04 -5.06 -22.96
H1 DPV Q . 25.14 -3.29 -19.45
H1A DPV Q . 26.39 -4.56 -19.68
H2 DPV Q . 23.71 -4.85 -18.22
H2A DPV Q . 24.75 -6.21 -18.65
H3 DPV Q . 25.54 -3.88 -16.80
H3A DPV Q . 26.64 -5.17 -17.30
H4 DPV Q . 23.19 -6.83 -22.32
H4A DPV Q . 24.78 -7.01 -23.08
H5 DPV Q . 22.84 -7.82 -24.55
H5A DPV Q . 22.25 -6.16 -24.61
H6 DPV Q . 25.18 -8.31 -25.60
H6A DPV Q . 25.97 -6.84 -24.95
H6B DPV Q . 25.88 -7.10 -26.72
H7 DPV Q . 23.30 -4.48 -26.02
H7A DPV Q . 24.76 -4.86 -26.98
H7B DPV Q . 24.90 -4.63 -25.21
H8 DPV Q . 23.82 -6.86 -27.92
H8A DPV Q . 22.28 -6.48 -27.08
H8B DPV Q . 23.04 -8.10 -26.89
H15 DPV Q . 24.94 -6.86 -16.32
H15A DPV Q . 24.08 -5.48 -15.63
H16 DPV Q . 27.03 -6.15 -15.08
H16A DPV Q . 26.10 -4.87 -14.30
H17 DPV Q . 24.52 -6.68 -13.38
H17A DPV Q . 25.57 -7.89 -14.11
H18 DPV Q . 27.49 -6.65 -12.68
H18A DPV Q . 26.12 -6.04 -11.74
H19 DPV Q . 25.37 -8.40 -11.29
H19A DPV Q . 26.67 -9.01 -12.31
H20 DPV Q . 28.27 -7.72 -10.64
H20A DPV Q . 26.87 -7.68 -9.58
H21 DPV Q . 26.69 -10.17 -9.65
H21A DPV Q . 28.02 -10.28 -10.78
H22 DPV Q . 28.28 -9.18 -7.92
H22A DPV Q . 28.65 -10.82 -8.40
H23 DPV Q . 30.77 -9.72 -8.35
H23A DPV Q . 30.16 -8.29 -9.20
H23B DPV Q . 30.38 -9.81 -10.07
N DPV R . 34.08 -14.43 -15.43
P DPV R . 28.96 -13.79 -14.41
C1 DPV R . 29.59 -11.24 -14.55
C2 DPV R . 29.36 -9.93 -13.77
C3 DPV R . 30.58 -9.00 -13.84
C4 DPV R . 31.47 -14.16 -15.11
C5 DPV R . 32.89 -14.08 -14.47
C6 DPV R . 34.03 -15.90 -15.85
C7 DPV R . 35.38 -14.19 -14.66
C8 DPV R . 34.11 -13.51 -16.67
C15 DPV R . 30.30 -7.68 -13.08
C16 DPV R . 31.56 -6.79 -12.94
C17 DPV R . 31.28 -5.45 -12.22
C18 DPV R . 31.12 -5.60 -10.67
C19 DPV R . 30.68 -4.26 -10.03
O1P DPV R . 28.67 -13.79 -15.85
C20 DPV R . 30.39 -4.39 -8.51
C21 DPV R . 29.67 -3.13 -7.96
C22 DPV R . 29.36 -3.26 -6.46
C23 DPV R . 28.44 -2.13 -5.97
O2P DPV R . 28.04 -14.70 -13.67
O3P DPV R . 29.00 -12.32 -13.77
O4P DPV R . 30.50 -14.02 -14.04
H1 DPV R . 29.11 -11.19 -15.53
H1A DPV R . 30.66 -11.43 -14.68
H2 DPV R . 28.47 -9.43 -14.17
H2A DPV R . 29.15 -10.17 -12.72
H3 DPV R . 30.83 -8.77 -14.88
H3A DPV R . 31.44 -9.50 -13.39
H4 DPV R . 31.33 -13.35 -15.82
H4A DPV R . 31.32 -15.12 -15.60
H5 DPV R . 33.06 -13.06 -14.11
H5A DPV R . 32.96 -14.75 -13.62
H6 DPV R . 34.92 -16.14 -16.43
H6A DPV R . 33.14 -16.07 -16.46
H6B DPV R . 34.00 -16.51 -14.95
H7 DPV R . 35.40 -13.17 -14.30
H7A DPV R . 36.23 -14.39 -15.31
H7B DPV R . 35.39 -14.88 -13.80
H8 DPV R . 33.22 -13.71 -17.28
H8A DPV R . 35.01 -13.72 -17.25
H8B DPV R . 34.10 -12.47 -16.35
H15 DPV R . 29.93 -7.92 -12.08
H15A DPV R . 29.52 -7.12 -13.61
H16 DPV R . 32.36 -7.33 -12.41
H16A DPV R . 31.95 -6.57 -13.94
H17 DPV R . 32.10 -4.76 -12.42
H17A DPV R . 30.37 -5.00 -12.64
H18 DPV R . 30.37 -6.36 -10.45
H18A DPV R . 32.07 -5.91 -10.23
H19 DPV R . 31.45 -3.51 -10.19
H19A DPV R . 29.76 -3.91 -10.54
H20 DPV R . 29.76 -5.27 -8.34
H20A DPV R . 31.33 -4.55 -7.98
H21 DPV R . 30.30 -2.25 -8.14
H21A DPV R . 28.75 -2.98 -8.52
H22 DPV R . 28.87 -4.22 -6.26
H22A DPV R . 30.29 -3.24 -5.89
H23 DPV R . 28.84 -1.14 -6.24
H23A DPV R . 28.35 -2.16 -4.88
H23B DPV R . 27.44 -2.23 -6.40
N DPV S . 34.57 -8.30 -16.21
P DPV S . 34.37 -10.61 -11.93
C1 DPV S . 32.08 -11.87 -11.56
C2 DPV S . 31.60 -12.87 -10.50
C3 DPV S . 30.08 -13.18 -10.54
C4 DPV S . 34.99 -10.22 -14.43
C5 DPV S . 33.99 -9.20 -15.07
C6 DPV S . 35.65 -7.33 -15.68
C7 DPV S . 33.41 -7.47 -16.78
C8 DPV S . 35.16 -9.13 -17.37
C15 DPV S . 29.70 -14.06 -9.29
C16 DPV S . 28.30 -14.73 -9.39
C17 DPV S . 27.12 -13.75 -9.12
C18 DPV S . 25.79 -14.53 -8.87
C19 DPV S . 24.57 -13.58 -8.77
O1P DPV S . 35.74 -10.61 -11.40
C20 DPV S . 23.26 -14.36 -8.49
C21 DPV S . 22.00 -13.47 -8.75
C22 DPV S . 20.69 -14.28 -8.54
C23 DPV S . 19.46 -13.55 -9.09
O2P DPV S . 33.68 -9.34 -11.62
O3P DPV S . 33.53 -11.91 -11.52
O4P DPV S . 34.28 -11.02 -13.47
H1 DPV S . 31.73 -12.15 -12.55
H1A DPV S . 31.73 -10.86 -11.31
H2 DPV S . 32.14 -13.80 -10.65
H2A DPV S . 31.87 -12.48 -9.51
H3 DPV S . 29.84 -13.72 -11.45
H3A DPV S . 29.50 -12.26 -10.52
H4 DPV S . 35.38 -10.89 -15.21
H4A DPV S . 35.81 -9.70 -13.94
H5 DPV S . 33.15 -9.75 -15.50
H5A DPV S . 33.61 -8.54 -14.29
H6 DPV S . 36.50 -7.91 -15.31
H6A DPV S . 35.22 -6.74 -14.86
H6B DPV S . 35.97 -6.67 -16.49
H7 DPV S . 32.64 -8.16 -17.15
H7A DPV S . 33.78 -6.84 -17.59
H7B DPV S . 33.01 -6.85 -15.97
H8 DPV S . 34.41 -9.86 -17.68
H8A DPV S . 36.06 -9.65 -17.01
H8B DPV S . 35.40 -8.46 -18.20
H15 DPV S . 29.76 -13.45 -8.37
H15A DPV S . 30.44 -14.86 -9.18
H16 DPV S . 28.18 -15.19 -10.37
H16A DPV S . 28.26 -15.54 -8.65
H17 DPV S . 27.34 -13.13 -8.25
H17A DPV S . 27.00 -13.08 -9.97
H18 DPV S . 25.62 -15.24 -9.68
H18A DPV S . 25.88 -15.11 -7.94
H19 DPV S . 24.73 -12.84 -7.97
H19A DPV S . 24.48 -13.02 -9.71
H20 DPV S . 23.22 -15.24 -9.14
H20A DPV S . 23.26 -14.70 -7.45
H21 DPV S . 22.02 -12.61 -8.08
H21A DPV S . 22.04 -13.11 -9.77
H22 DPV S . 20.77 -15.25 -9.03
H22A DPV S . 20.55 -14.47 -7.47
H23 DPV S . 19.55 -13.43 -10.17
H23A DPV S . 19.36 -12.57 -8.63
H23B DPV S . 18.55 -14.13 -8.88
N DPV T . 27.49 -26.62 3.93
P DPV T . 27.56 -22.11 5.91
C1 DPV T . 28.83 -20.27 7.24
C2 DPV T . 29.86 -19.15 7.02
C3 DPV T . 29.69 -18.02 8.07
C4 DPV T . 27.63 -23.97 4.07
C5 DPV T . 28.17 -25.35 4.56
C6 DPV T . 27.65 -26.68 2.40
C7 DPV T . 25.98 -26.70 4.29
C8 DPV T . 28.19 -27.85 4.52
C15 DPV T . 30.67 -16.85 7.82
C16 DPV T . 30.39 -15.67 8.79
C17 DPV T . 31.34 -14.45 8.54
C18 DPV T . 30.89 -13.49 7.40
C19 DPV T . 29.63 -12.64 7.78
O1P DPV T . 26.37 -21.39 5.40
C20 DPV T . 29.38 -11.49 6.79
C21 DPV T . 28.19 -10.58 7.25
C22 DPV T . 28.17 -9.21 6.52
C23 DPV T . 27.42 -9.27 5.16
O2P DPV T . 27.25 -22.92 7.10
O3P DPV T . 28.82 -21.16 6.10
O4P DPV T . 28.33 -22.92 4.78
H1 DPV T . 29.08 -20.85 8.14
H1A DPV T . 27.83 -19.85 7.36
H2 DPV T . 30.87 -19.57 7.07
H2A DPV T . 29.71 -18.75 6.01
H3 DPV T . 29.87 -18.43 9.07
H3A DPV T . 28.66 -17.66 8.03
H4 DPV T . 27.80 -23.86 3.00
H4A DPV T . 26.55 -23.88 4.27
H5 DPV T . 29.24 -25.41 4.33
H5A DPV T . 28.05 -25.42 5.64
H6 DPV T . 27.07 -25.86 1.96
H6A DPV T . 27.29 -27.64 2.03
H6B DPV T . 28.71 -26.55 2.16
H7 DPV T . 25.48 -25.83 3.86
H7A DPV T . 25.89 -26.71 5.38
H7B DPV T . 25.58 -27.62 3.86
H8 DPV T . 28.05 -27.83 5.60
H8A DPV T . 29.24 -27.81 4.27
H8B DPV T . 27.73 -28.75 4.09
H15 DPV T . 30.56 -16.50 6.79
H15A DPV T . 31.69 -17.19 7.94
H16 DPV T . 29.35 -15.35 8.70
H16A DPV T . 30.53 -16.01 9.81
H17 DPV T . 31.42 -13.88 9.47
H17A DPV T . 32.34 -14.81 8.32
H18 DPV T . 31.71 -12.82 7.17
H18A DPV T . 30.68 -14.06 6.49
H19 DPV T . 28.74 -13.29 7.82
H19A DPV T . 29.77 -12.23 8.78
H20 DPV T . 30.28 -10.88 6.71
H20A DPV T . 29.17 -11.90 5.80
H21 DPV T . 27.25 -11.12 7.12
H21A DPV T . 28.30 -10.39 8.32
H22 DPV T . 27.66 -8.49 7.16
H22A DPV T . 29.18 -8.84 6.36
H23 DPV T . 26.39 -9.55 5.31
H23A DPV T . 27.90 -9.99 4.49
H23B DPV T . 27.45 -8.28 4.69
N DPV U . 34.09 -20.29 0.98
P DPV U . 30.61 -24.18 0.49
C1 DPV U . 28.30 -24.66 -0.62
C2 DPV U . 27.14 -23.92 -1.31
C3 DPV U . 26.54 -22.81 -0.41
C4 DPV U . 32.50 -22.40 0.79
C5 DPV U . 32.95 -21.04 0.19
C6 DPV U . 34.32 -18.94 0.27
C7 DPV U . 35.40 -21.07 0.96
C8 DPV U . 33.66 -19.98 2.44
C15 DPV U . 25.39 -22.07 -1.14
C16 DPV U . 24.84 -20.89 -0.30
C17 DPV U . 23.67 -20.20 -1.04
C18 DPV U . 23.15 -18.95 -0.31
C19 DPV U . 21.84 -18.44 -0.96
O1P DPV U . 31.29 -25.45 0.19
C20 DPV U . 21.30 -17.17 -0.25
C21 DPV U . 19.86 -16.83 -0.70
C22 DPV U . 19.23 -15.74 0.19
C23 DPV U . 17.77 -15.45 -0.22
O2P DPV U . 30.18 -24.09 1.89
O3P DPV U . 29.46 -23.80 -0.55
O4P DPV U . 31.41 -22.90 -0.01
H1 DPV U . 28.00 -24.93 0.39
H1A DPV U . 28.55 -25.56 -1.18
H2 DPV U . 27.51 -23.49 -2.25
H2A DPV U . 26.37 -24.65 -1.56
H3 DPV U . 27.32 -22.10 -0.14
H3A DPV U . 26.16 -23.25 0.51
H4 DPV U . 33.32 -23.13 0.78
H4A DPV U . 32.14 -22.26 1.82
H5 DPV U . 33.33 -21.19 -0.83
H5A DPV U . 32.10 -20.37 0.14
H6 DPV U . 33.39 -18.37 0.29
H6A DPV U . 34.63 -19.13 -0.75
H6B DPV U . 35.11 -18.40 0.81
H7 DPV U . 35.27 -22.00 1.55
H7A DPV U . 36.18 -20.46 1.42
H7B DPV U . 35.66 -21.32 -0.07
H8 DPV U . 32.71 -19.44 2.42
H8A DPV U . 34.44 -19.37 2.91
H8B DPV U . 33.55 -20.93 2.98
H15 DPV U . 24.58 -22.78 -1.35
H15A DPV U . 25.76 -21.69 -2.09
H16 DPV U . 24.50 -21.24 0.67
H16A DPV U . 25.64 -20.16 -0.13
H17 DPV U . 23.99 -19.91 -2.05
H17A DPV U . 22.86 -20.93 -1.16
H18 DPV U . 22.96 -19.19 0.74
H18A DPV U . 23.91 -18.18 -0.34
H19 DPV U . 22.03 -18.21 -2.01
H19A DPV U . 21.09 -19.22 -0.92
H20 DPV U . 21.31 -17.34 0.84
H20A DPV U . 21.96 -16.32 -0.46
H21 DPV U . 19.87 -16.50 -1.75
H21A DPV U . 19.24 -17.73 -0.66
H22 DPV U . 19.25 -16.05 1.24
H22A DPV U . 19.81 -14.82 0.12
H23 DPV U . 17.15 -16.35 -0.07
H23A DPV U . 17.71 -15.15 -1.25
H23B DPV U . 17.37 -14.65 0.41
N DPV V . 27.86 -13.05 12.44
P DPV V . 22.86 -11.90 11.23
C1 DPV V . 21.69 -11.44 8.96
C2 DPV V . 21.97 -11.60 7.46
C3 DPV V . 20.73 -11.30 6.60
C4 DPV V . 25.34 -12.32 12.01
C5 DPV V . 26.57 -13.16 11.55
C6 DPV V . 27.58 -13.47 13.89
C7 DPV V . 28.44 -11.62 12.40
C8 DPV V . 28.89 -14.00 11.86
C15 DPV V . 21.04 -11.43 5.09
C16 DPV V . 19.76 -11.31 4.24
C17 DPV V . 20.05 -11.24 2.72
C18 DPV V . 18.74 -11.35 1.92
C19 DPV V . 18.91 -10.96 0.44
O1P DPV V . 21.79 -12.74 11.83
C20 DPV V . 17.57 -11.17 -0.32
C21 DPV V . 17.56 -10.49 -1.72
C22 DPV V . 16.13 -10.52 -2.33
C23 DPV V . 16.13 -9.97 -3.78
O2P DPV V . 22.94 -10.56 11.83
O3P DPV V . 22.87 -11.91 9.65
O4P DPV V . 24.26 -12.66 11.12
H1 DPV V . 21.52 -10.38 9.22
H1A DPV V . 20.83 -12.05 9.26
H2 DPV V . 22.79 -10.95 7.17
H2A DPV V . 22.30 -12.62 7.26
H3 DPV V . 20.37 -10.29 6.82
H3A DPV V . 19.93 -12.00 6.87
H4 DPV V . 25.05 -12.56 13.03
H4A DPV V . 25.55 -11.25 11.93
H5 DPV V . 26.29 -14.21 11.54
H5A DPV V . 26.85 -12.88 10.54
H6 DPV V . 28.53 -13.50 14.44
H6A DPV V . 27.11 -14.46 13.89
H6B DPV V . 26.91 -12.73 14.36
H7 DPV V . 28.64 -11.35 11.36
H7A DPV V . 29.37 -11.61 12.97
H7B DPV V . 27.72 -10.92 12.82
H8 DPV V . 29.13 -13.71 10.84
H8A DPV V . 28.49 -15.02 11.88
H8B DPV V . 29.79 -13.96 12.48
H15 DPV V . 21.52 -12.39 4.89
H15A DPV V . 21.76 -10.65 4.79
H16 DPV V . 19.12 -12.17 4.46
H16A DPV V . 19.21 -10.40 4.54
H17 DPV V . 20.56 -10.30 2.49
H17A DPV V . 20.73 -12.05 2.43
H18 DPV V . 18.38 -12.39 1.99
H18A DPV V . 17.98 -10.71 2.37
H19 DPV V . 19.21 -9.92 0.37
H19A DPV V . 19.69 -11.57 -0.03
H20 DPV V . 17.39 -12.24 -0.44
H20A DPV V . 16.75 -10.77 0.27
H21 DPV V . 17.90 -9.45 -1.62
H21A DPV V . 18.26 -11.00 -2.37
H22 DPV V . 15.76 -11.55 -2.34
H22A DPV V . 15.45 -9.92 -1.72
H23 DPV V . 16.79 -10.54 -4.42
H23A DPV V . 16.44 -8.93 -3.79
H23B DPV V . 15.11 -10.03 -4.19
N DPV W . 19.35 -16.00 15.13
P DPV W . 14.23 -16.30 14.16
C1 DPV W . 13.48 -15.35 11.81
C2 DPV W . 13.17 -14.00 11.09
C3 DPV W . 12.74 -14.23 9.61
C4 DPV W . 16.76 -16.37 14.73
C5 DPV W . 18.17 -16.13 14.11
C6 DPV W . 20.66 -15.87 14.33
C7 DPV W . 19.47 -17.25 16.04
C8 DPV W . 19.20 -14.74 16.00
C15 DPV W . 12.55 -12.87 8.84
C16 DPV W . 12.06 -13.10 7.37
C17 DPV W . 11.90 -11.76 6.58
C18 DPV W . 11.39 -12.00 5.13
C19 DPV W . 11.59 -10.77 4.18
O1P DPV W . 13.67 -17.60 13.72
C20 DPV W . 11.14 -11.12 2.72
C21 DPV W . 11.66 -10.12 1.63
C22 DPV W . 11.15 -10.54 0.22
C23 DPV W . 11.71 -9.67 -0.94
O2P DPV W . 13.96 -16.05 15.60
O3P DPV W . 13.79 -15.08 13.21
O4P DPV W . 15.75 -16.09 13.74
H1 DPV W . 12.61 -16.01 11.77
H1A DPV W . 14.34 -15.83 11.34
H2 DPV W . 12.37 -13.48 11.62
H2A DPV W . 14.06 -13.36 11.12
H3 DPV W . 11.81 -14.79 9.58
H3A DPV W . 13.51 -14.82 9.09
H4 DPV W . 16.67 -17.41 15.06
H4A DPV W . 16.61 -15.71 15.58
H5 DPV W . 18.41 -16.95 13.42
H5A DPV W . 18.14 -15.20 13.54
H6 DPV W . 20.60 -14.98 13.70
H6A DPV W . 20.79 -16.77 13.72
H6B DPV W . 21.50 -15.78 15.03
H7 DPV W . 18.58 -17.33 16.67
H7A DPV W . 20.36 -17.14 16.68
H7B DPV W . 19.58 -18.14 15.41
H8 DPV W . 18.31 -14.84 16.63
H8A DPV W . 19.11 -13.87 15.35
H8B DPV W . 20.09 -14.63 16.64
H15 DPV W . 13.50 -12.33 8.82
H15A DPV W . 11.83 -12.25 9.37
H16 DPV W . 12.77 -13.75 6.85
H16A DPV W . 11.10 -13.63 7.39
H17 DPV W . 11.20 -11.10 7.10
H17A DPV W . 12.86 -11.24 6.55
H18 DPV W . 11.90 -12.86 4.70
H18A DPV W . 10.32 -12.25 5.17
H19 DPV W . 11.02 -9.92 4.55
H19A DPV W . 12.65 -10.49 4.17
H20 DPV W . 11.49 -12.12 2.47
H20A DPV W . 10.04 -11.14 2.70
H21 DPV W . 11.32 -9.11 1.87
H21A DPV W . 12.75 -10.12 1.65
H22 DPV W . 11.41 -11.58 0.04
H22A DPV W . 10.06 -10.49 0.21
H23 DPV W . 12.80 -9.76 -0.99
H23A DPV W . 11.46 -8.62 -0.79
H23B DPV W . 11.30 -10.00 -1.90
N DPV X . 4.71 -22.22 13.15
P DPV X . 9.79 -21.13 13.98
C1 DPV X . 11.33 -19.86 12.28
C2 DPV X . 11.90 -20.69 11.10
C3 DPV X . 11.24 -20.36 9.72
C4 DPV X . 7.31 -21.91 13.56
C5 DPV X . 5.85 -21.48 13.92
C6 DPV X . 4.83 -23.76 13.25
C7 DPV X . 4.70 -21.82 11.65
C8 DPV X . 3.36 -21.81 13.78
C15 DPV X . 11.80 -19.04 9.08
C16 DPV X . 10.89 -18.52 7.92
C17 DPV X . 9.64 -17.76 8.46
C18 DPV X . 8.62 -17.42 7.33
C19 DPV X . 7.29 -16.92 7.94
O1P DPV X . 10.44 -20.52 15.14
C20 DPV X . 6.21 -16.62 6.86
C21 DPV X . 4.80 -16.37 7.48
C22 DPV X . 4.67 -14.99 8.18
C23 DPV X . 3.38 -14.90 9.01
O2P DPV X . 10.15 -22.56 13.85
O3P DPV X . 9.98 -20.31 12.62
O4P DPV X . 8.22 -20.86 13.92
H1 DPV X . 11.98 -19.95 13.15
H1A DPV X . 11.28 -18.80 11.99
H2 DPV X . 12.98 -20.52 11.03
H2A DPV X . 11.76 -21.75 11.32
H3 DPV X . 10.16 -20.31 9.84
H3A DPV X . 11.43 -21.20 9.03
H4 DPV X . 7.57 -22.83 14.11
H4A DPV X . 7.40 -22.09 12.49
H5 DPV X . 5.68 -21.63 14.99
H5A DPV X . 5.74 -20.41 13.71
H6 DPV X . 4.86 -24.04 14.31
H6A DPV X . 5.74 -24.08 12.75
H6B DPV X . 3.96 -24.21 12.77
H7 DPV X . 5.65 -22.11 11.21
H7A DPV X . 4.57 -20.74 11.58
H7B DPV X . 3.88 -22.34 11.16
H8 DPV X . 3.25 -20.73 13.70
H8A DPV X . 3.36 -22.11 14.83
H8B DPV X . 2.55 -22.32 13.24
H15 DPV X . 12.79 -19.25 8.68
H15A DPV X . 11.90 -18.27 9.83
H16 DPV X . 11.48 -17.83 7.30
H16A DPV X . 10.59 -19.35 7.28
H17 DPV X . 9.15 -18.38 9.21
H17A DPV X . 9.95 -16.84 8.95
H18 DPV X . 9.03 -16.66 6.67
H18A DPV X . 8.43 -18.32 6.73
H19 DPV X . 6.90 -17.67 8.64
H19A DPV X . 7.48 -16.02 8.52
H20 DPV X . 6.52 -15.75 6.27
H20A DPV X . 6.14 -17.46 6.17
H21 DPV X . 4.05 -16.44 6.69
H21A DPV X . 4.57 -17.18 8.18
H22 DPV X . 5.52 -14.82 8.84
H22A DPV X . 4.67 -14.18 7.43
H23 DPV X . 3.37 -15.66 9.78
H23A DPV X . 2.50 -15.03 8.38
H23B DPV X . 3.32 -13.93 9.51
N DPV Y . 10.18 -24.91 10.62
P DPV Y . 5.72 -24.45 9.29
C1 DPV Y . 6.02 -26.61 7.86
C2 DPV Y . 6.86 -27.91 7.85
C3 DPV Y . 8.27 -27.73 7.20
C4 DPV Y . 8.10 -23.47 9.81
C5 DPV Y . 9.26 -23.66 10.85
C6 DPV Y . 10.96 -24.80 9.29
C7 DPV Y . 9.38 -26.23 10.66
C8 DPV Y . 11.20 -24.94 11.77
C15 DPV Y . 8.25 -28.03 5.67
C16 DPV Y . 9.61 -27.68 4.99
C17 DPV Y . 9.59 -27.94 3.45
C18 DPV Y . 8.72 -26.92 2.66
C19 DPV Y . 8.55 -27.35 1.18
O1P DPV Y . 4.41 -24.63 9.95
C20 DPV Y . 7.49 -26.48 0.44
C21 DPV Y . 7.00 -27.18 -0.85
C22 DPV Y . 6.08 -26.28 -1.69
C23 DPV Y . 5.55 -27.02 -2.94
O2P DPV Y . 5.64 -23.54 8.14
O3P DPV Y . 6.46 -25.83 8.98
O4P DPV Y . 6.90 -24.10 10.31
H1 DPV Y . 6.15 -26.04 6.94
H1A DPV Y . 4.96 -26.85 8.00
H2 DPV Y . 6.98 -28.25 8.88
H2A DPV Y . 6.31 -28.69 7.33
H3 DPV Y . 8.97 -28.40 7.70
H3A DPV Y . 8.63 -26.70 7.38
H4 DPV Y . 7.90 -22.40 9.68
H4A DPV Y . 8.37 -23.89 8.84
H5 DPV Y . 9.90 -22.78 10.83
H5A DPV Y . 8.83 -23.75 11.85
H6 DPV Y . 10.25 -24.82 8.46
H6A DPV Y . 11.65 -25.65 9.21
H6B DPV Y . 11.52 -23.87 9.29
H7 DPV Y . 8.82 -26.26 11.59
H7A DPV Y . 10.08 -27.07 10.59
H7B DPV Y . 8.70 -26.24 9.81
H8 DPV Y . 10.65 -25.01 12.72
H8A DPV Y . 11.78 -24.01 11.75
H8B DPV Y . 11.86 -25.80 11.65
H15 DPV Y . 7.45 -27.47 5.22
H15A DPV Y . 8.04 -29.10 5.53
H16 DPV Y . 9.86 -26.63 5.17
H16A DPV Y . 10.41 -28.28 5.44
H17 DPV Y . 10.61 -27.90 3.07
H17A DPV Y . 9.22 -28.96 3.27
H18 DPV Y . 7.73 -26.85 3.11
H18A DPV Y . 9.17 -25.93 2.70
H19 DPV Y . 9.51 -27.27 0.67
H19A DPV Y . 8.24 -28.40 1.15
H20 DPV Y . 6.63 -26.30 1.10
H20A DPV Y . 7.93 -25.51 0.20
H21 DPV Y . 7.86 -27.49 -1.45
H21A DPV Y . 6.46 -28.10 -0.57
H22 DPV Y . 5.23 -25.95 -1.08
H22A DPV Y . 6.61 -25.38 -2.01
H23 DPV Y . 6.36 -27.34 -3.58
H23A DPV Y . 4.89 -26.37 -3.51
H23B DPV Y . 4.97 -27.90 -2.65
N DPV Z . 6.97 -32.23 1.59
P DPV Z . 11.38 -32.67 0.87
C1 DPV Z . 11.27 -30.06 0.57
C2 DPV Z . 11.77 -28.96 -0.38
C3 DPV Z . 10.95 -28.88 -1.69
C4 DPV Z . 9.08 -33.83 1.16
C5 DPV Z . 7.53 -33.60 1.04
C6 DPV Z . 7.17 -31.11 0.55
C7 DPV Z . 7.59 -31.80 2.94
C8 DPV Z . 5.47 -32.41 1.81
C15 DPV Z . 11.55 -27.83 -2.67
C16 DPV Z . 10.80 -27.76 -4.03
C17 DPV Z . 9.59 -26.78 -4.04
C18 DPV Z . 9.99 -25.35 -4.54
C19 DPV Z . 8.73 -24.46 -4.80
O1P DPV Z . 11.71 -32.44 2.30
C20 DPV Z . 9.08 -23.21 -5.65
C21 DPV Z . 7.88 -22.22 -5.73
C22 DPV Z . 8.03 -21.21 -6.90
C23 DPV Z . 6.75 -20.34 -7.06
O2P DPV Z . 12.10 -33.82 0.32
O3P DPV Z . 11.50 -31.36 -0.04
O4P DPV Z . 9.82 -32.72 0.59
H1 DPV Z . 11.82 -30.01 1.51
H1A DPV Z . 10.20 -29.94 0.77
H2 DPV Z . 11.72 -27.99 0.14
H2A DPV Z . 12.82 -29.14 -0.60
H3 DPV Z . 9.91 -28.62 -1.47
H3A DPV Z . 10.95 -29.85 -2.18
H4 DPV Z . 9.35 -33.94 2.21
H4A DPV Z . 9.36 -34.74 0.63
H5 DPV Z . 7.22 -33.68 -0.01
H5A DPV Z . 7.02 -34.39 1.60
H6 DPV Z . 6.70 -31.41 -0.39
H6A DPV Z . 8.23 -30.94 0.41
H6B DPV Z . 6.69 -30.19 0.93
H7 DPV Z . 7.43 -32.60 3.67
H7A DPV Z . 7.10 -30.88 3.28
H7B DPV Z . 8.65 -31.62 2.80
H8 DPV Z . 5.31 -33.21 2.54
H8A DPV Z . 5.00 -32.68 0.86
H8B DPV Z . 5.04 -31.47 2.19
H15 DPV Z . 12.59 -28.09 -2.87
H15A DPV Z . 11.56 -26.83 -2.21
H16 DPV Z . 11.50 -27.49 -4.82
H16A DPV Z . 10.43 -28.77 -4.30
H17 DPV Z . 8.82 -27.18 -4.71
H17A DPV Z . 9.14 -26.70 -3.05
H18 DPV Z . 10.61 -24.87 -3.79
H18A DPV Z . 10.57 -25.43 -5.45
H19 DPV Z . 7.99 -25.06 -5.33
H19A DPV Z . 8.29 -24.17 -3.85
H20 DPV Z . 9.95 -22.69 -5.22
H20A DPV Z . 9.37 -23.53 -6.66
H21 DPV Z . 6.95 -22.77 -5.85
H21A DPV Z . 7.80 -21.68 -4.78
H22 DPV Z . 8.89 -20.56 -6.73
H22A DPV Z . 8.20 -21.76 -7.83
H23 DPV Z . 6.63 -19.68 -6.20
H23A DPV Z . 5.86 -20.97 -7.15
H23B DPV Z . 6.83 -19.72 -7.96
N DPV AA . 10.94 -27.42 -17.86
P DPV AA . 10.54 -22.88 -19.14
C1 DPV AA . 9.96 -21.32 -17.11
C2 DPV AA . 9.00 -20.18 -16.72
C3 DPV AA . 8.97 -20.00 -15.18
C4 DPV AA . 9.82 -25.03 -17.76
C5 DPV AA . 10.47 -26.15 -18.64
C6 DPV AA . 9.75 -28.13 -17.18
C7 DPV AA . 12.02 -27.10 -16.81
C8 DPV AA . 11.54 -28.39 -18.88
C15 DPV AA . 8.01 -18.86 -14.74
C16 DPV AA . 7.69 -18.88 -13.22
C17 DPV AA . 8.81 -18.27 -12.34
C18 DPV AA . 8.43 -18.26 -10.84
C19 DPV AA . 9.60 -17.70 -9.96
O1P DPV AA . 11.88 -23.06 -18.53
C20 DPV AA . 9.19 -17.58 -8.47
C21 DPV AA . 10.37 -17.09 -7.60
C22 DPV AA . 9.95 -16.93 -6.11
C23 DPV AA . 11.13 -16.45 -5.24
O2P DPV AA . 10.59 -22.83 -20.60
O3P DPV AA . 9.71 -21.66 -18.49
O4P DPV AA . 9.44 -23.91 -18.58
H1 DPV AA . 10.99 -21.00 -17.00
H1A DPV AA . 9.77 -22.20 -16.49
H2 DPV AA . 9.33 -19.25 -17.19
H2A DPV AA . 7.99 -20.41 -17.08
H3 DPV AA . 9.98 -19.78 -14.81
H3A DPV AA . 8.64 -20.94 -14.72
H4 DPV AA . 8.92 -25.42 -17.27
H4A DPV AA . 10.53 -24.68 -16.99
H5 DPV AA . 9.75 -26.47 -19.41
H5A DPV AA . 11.35 -25.74 -19.15
H6 DPV AA . 9.00 -28.35 -17.94
H6A DPV AA . 9.34 -27.47 -16.42
H6B DPV AA . 10.11 -29.06 -16.72
H7 DPV AA . 11.58 -26.46 -16.04
H7A DPV AA . 12.84 -26.58 -17.30
H7B DPV AA . 12.38 -28.03 -16.37
H8 DPV AA . 12.40 -27.91 -19.38
H8A DPV AA . 10.78 -28.65 -19.63
H8B DPV AA . 11.87 -29.30 -18.36
H15 DPV AA . 7.07 -18.96 -15.30
H15A DPV AA . 8.44 -17.89 -15.02
H16 DPV AA . 6.77 -18.31 -13.06
H16A DPV AA . 7.47 -19.90 -12.90
H17 DPV AA . 9.73 -18.83 -12.48
H17A DPV AA . 9.01 -17.23 -12.67
H18 DPV AA . 7.54 -17.65 -10.68
H18A DPV AA . 8.20 -19.28 -10.51
H19 DPV AA . 10.47 -18.35 -10.06
H19A DPV AA . 9.89 -16.71 -10.34
H20 DPV AA . 8.35 -16.89 -8.38
H20A DPV AA . 8.87 -18.55 -8.12
H21 DPV AA . 11.20 -17.80 -7.66
H21A DPV AA . 10.74 -16.12 -7.97
H22 DPV AA . 9.13 -16.21 -6.03
H22A DPV AA . 9.59 -17.89 -5.72
H23 DPV AA . 11.47 -15.46 -5.56
H23A DPV AA . 11.97 -17.15 -5.31
H23B DPV AA . 10.83 -16.39 -4.19
N DPV BA . 16.35 -26.37 -20.93
P DPV BA . 14.50 -22.01 -22.99
C1 DPV BA . 15.04 -19.59 -23.83
C2 DPV BA . 16.22 -18.61 -24.01
C3 DPV BA . 15.81 -17.29 -24.76
C4 DPV BA . 15.38 -24.36 -22.36
C5 DPV BA . 16.63 -25.03 -21.71
C6 DPV BA . 15.43 -26.13 -19.72
C7 DPV BA . 17.69 -26.89 -20.41
C8 DPV BA . 15.74 -27.46 -21.84
C15 DPV BA . 14.83 -16.36 -23.97
C16 DPV BA . 15.44 -15.70 -22.70
C17 DPV BA . 16.35 -14.48 -23.02
C18 DPV BA . 17.12 -14.01 -21.76
C19 DPV BA . 17.83 -12.65 -21.99
O1P DPV BA . 13.68 -22.39 -24.16
C20 DPV BA . 18.76 -12.23 -20.83
C21 DPV BA . 17.99 -11.76 -19.56
C22 DPV BA . 18.97 -11.26 -18.46
C23 DPV BA . 18.21 -10.69 -17.25
O2P DPV BA . 13.68 -21.72 -21.80
O3P DPV BA . 15.55 -20.85 -23.31
O4P DPV BA . 15.70 -23.00 -22.70
H1 DPV BA . 14.30 -19.19 -23.12
H1A DPV BA . 14.56 -19.79 -24.79
H2 DPV BA . 16.65 -18.37 -23.04
H2A DPV BA . 16.99 -19.09 -24.60
H3 DPV BA . 15.35 -17.56 -25.71
H3A DPV BA . 16.72 -16.73 -25.01
H4 DPV BA . 15.06 -24.89 -23.26
H4A DPV BA . 14.55 -24.34 -21.64
H5 DPV BA . 17.36 -25.26 -22.50
H5A DPV BA . 17.08 -24.34 -21.01
H6 DPV BA . 15.87 -25.33 -19.11
H6A DPV BA . 15.35 -27.05 -19.13
H6B DPV BA . 14.45 -25.82 -20.07
H7 DPV BA . 17.53 -27.81 -19.85
H7A DPV BA . 18.14 -26.13 -19.75
H7B DPV BA . 18.36 -27.08 -21.25
H8 DPV BA . 15.65 -28.39 -21.27
H8A DPV BA . 16.40 -27.61 -22.70
H8B DPV BA . 14.75 -27.13 -22.17
H15 DPV BA . 13.94 -16.92 -23.68
H15A DPV BA . 14.47 -15.57 -24.64
H16 DPV BA . 14.63 -15.37 -22.05
H16A DPV BA . 16.01 -16.44 -22.13
H17 DPV BA . 17.08 -14.75 -23.79
H17A DPV BA . 15.73 -13.66 -23.39
H18 DPV BA . 16.42 -13.91 -20.92
H18A DPV BA . 17.86 -14.77 -21.48
H19 DPV BA . 18.43 -12.72 -22.91
H19A DPV BA . 17.08 -11.87 -22.17
H20 DPV BA . 19.43 -13.05 -20.57
H20A DPV BA . 19.39 -11.40 -21.18
H21 DPV BA . 17.30 -10.94 -19.83
H21A DPV BA . 17.39 -12.58 -19.16
H22 DPV BA . 19.61 -12.09 -18.14
H22A DPV BA . 19.61 -10.47 -18.87
H23 DPV BA . 18.91 -10.38 -16.48
H23A DPV BA . 17.55 -11.45 -16.83
H23B DPV BA . 17.61 -9.84 -17.55
N DPV CA . 31.17 -15.83 -20.12
P DPV CA . 31.27 -11.63 -18.37
C1 DPV CA . 33.07 -10.88 -20.12
C2 DPV CA . 32.45 -10.19 -21.37
C3 DPV CA . 33.29 -8.95 -21.83
C4 DPV CA . 29.94 -13.80 -18.93
C5 DPV CA . 30.14 -15.35 -19.03
C6 DPV CA . 30.75 -15.42 -21.54
C7 DPV CA . 31.20 -17.36 -20.08
C8 DPV CA . 32.61 -15.33 -19.85
C15 DPV CA . 33.10 -7.68 -20.93
C16 DPV CA . 31.77 -6.91 -21.21
C17 DPV CA . 31.09 -6.34 -19.92
C18 DPV CA . 30.30 -7.43 -19.16
C19 DPV CA . 29.59 -6.85 -17.89
O1P DPV CA . 30.05 -10.87 -18.68
C20 DPV CA . 28.83 -7.95 -17.08
C21 DPV CA . 27.50 -8.39 -17.76
C22 DPV CA . 26.79 -9.51 -16.96
C23 DPV CA . 25.48 -9.92 -17.64
O2P DPV CA . 32.03 -11.05 -17.24
O3P DPV CA . 32.18 -11.92 -19.67
O4P DPV CA . 31.05 -13.20 -18.24
H1 DPV CA . 34.03 -11.34 -20.39
H1A DPV CA . 33.22 -10.16 -19.32
H2 DPV CA . 32.40 -10.92 -22.18
H2A DPV CA . 31.42 -9.88 -21.14
H3 DPV CA . 33.00 -8.71 -22.86
H3A DPV CA . 34.35 -9.22 -21.85
H4 DPV CA . 29.85 -13.37 -19.92
H4A DPV CA . 29.03 -13.59 -18.37
H5 DPV CA . 30.48 -15.74 -18.06
H5A DPV CA . 29.18 -15.82 -19.28
H6 DPV CA . 31.44 -15.86 -22.27
H6A DPV CA . 30.77 -14.32 -21.62
H6B DPV CA . 29.73 -15.78 -21.73
H7 DPV CA . 31.50 -17.69 -19.08
H7A DPV CA . 31.91 -17.72 -20.82
H7B DPV CA . 30.20 -17.74 -20.31
H8 DPV CA . 33.29 -15.77 -20.58
H8A DPV CA . 32.89 -15.62 -18.84
H8B DPV CA . 32.61 -14.24 -19.94
H15 DPV CA . 33.93 -7.00 -21.11
H15A DPV CA . 33.16 -7.98 -19.88
H16 DPV CA . 31.98 -6.08 -21.89
H16A DPV CA . 31.05 -7.55 -21.74
H17 DPV CA . 31.85 -5.90 -19.28
H17A DPV CA . 30.40 -5.54 -20.23
H18 DPV CA . 29.55 -7.87 -19.81
H18A DPV CA . 30.98 -8.23 -18.85
H19 DPV CA . 30.34 -6.39 -17.24
H19A DPV CA . 28.89 -6.06 -18.18
H20 DPV CA . 29.48 -8.81 -16.94
H20A DPV CA . 28.60 -7.55 -16.09
H21 DPV CA . 26.84 -7.53 -17.85
H21A DPV CA . 27.71 -8.75 -18.77
H22 DPV CA . 27.44 -10.38 -16.90
H22A DPV CA . 26.59 -9.16 -15.95
H23 DPV CA . 24.80 -9.06 -17.74
H23A DPV CA . 24.96 -10.67 -17.05
H23B DPV CA . 25.65 -10.33 -18.64
N DPV DA . 14.58 -3.82 -23.34
P DPV DA . 17.93 -2.07 -20.62
C1 DPV DA . 18.90 -4.00 -19.16
C2 DPV DA . 18.58 -5.42 -18.65
C3 DPV DA . 17.24 -5.48 -17.86
C4 DPV DA . 16.20 -1.83 -22.57
C5 DPV DA . 14.77 -2.28 -23.02
C6 DPV DA . 15.60 -4.33 -24.38
C7 DPV DA . 13.19 -4.01 -23.94
C8 DPV DA . 14.67 -4.69 -22.08
C15 DPV DA . 16.90 -6.94 -17.44
C16 DPV DA . 15.59 -7.00 -16.61
C17 DPV DA . 15.09 -8.45 -16.35
C18 DPV DA . 14.44 -9.12 -17.61
C19 DPV DA . 13.68 -10.43 -17.23
O1P DPV DA . 19.00 -1.83 -21.61
C20 DPV DA . 13.04 -11.13 -18.47
C21 DPV DA . 14.05 -12.06 -19.22
C22 DPV DA . 13.40 -12.77 -20.44
C23 DPV DA . 13.44 -11.92 -21.73
O2P DPV DA . 17.92 -1.08 -19.54
O3P DPV DA . 17.88 -3.58 -20.10
O4P DPV DA . 16.48 -2.32 -21.26
H1 DPV DA . 18.93 -3.30 -18.32
H1A DPV DA . 19.87 -3.99 -19.67
H2 DPV DA . 18.54 -6.10 -19.49
H2A DPV DA . 19.40 -5.75 -18.00
H3 DPV DA . 16.43 -5.10 -18.50
H3A DPV DA . 17.30 -4.84 -16.98
H4 DPV DA . 16.96 -2.20 -23.28
H4A DPV DA . 16.25 -0.74 -22.55
H5 DPV DA . 14.04 -2.03 -22.24
H5A DPV DA . 14.49 -1.75 -23.93
H6 DPV DA . 16.60 -4.28 -23.94
H6A DPV DA . 15.55 -3.70 -25.26
H6B DPV DA . 15.36 -5.37 -24.64
H7 DPV DA . 13.03 -5.07 -24.15
H7A DPV DA . 13.12 -3.44 -24.87
H7B DPV DA . 12.44 -3.64 -23.23
H8 DPV DA . 13.92 -4.35 -21.36
H8A DPV DA . 15.68 -4.58 -21.64
H8B DPV DA . 14.49 -5.74 -22.35
H15 DPV DA . 17.72 -7.35 -16.85
H15A DPV DA . 16.81 -7.55 -18.35
H16 DPV DA . 15.75 -6.50 -15.66
H16A DPV DA . 14.80 -6.44 -17.13
H17 DPV DA . 15.91 -9.07 -15.98
H17A DPV DA . 14.34 -8.41 -15.55
H18 DPV DA . 13.74 -8.42 -18.07
H18A DPV DA . 15.22 -9.34 -18.34
H19 DPV DA . 14.36 -11.12 -16.72
H19A DPV DA . 12.88 -10.18 -16.52
H20 DPV DA . 12.19 -11.72 -18.13
H20A DPV DA . 12.66 -10.37 -19.16
H21 DPV DA . 14.92 -11.49 -19.54
H21A DPV DA . 14.40 -12.82 -18.52
H22 DPV DA . 13.94 -13.70 -20.63
H22A DPV DA . 12.37 -13.06 -20.21
H23 DPV DA . 12.89 -10.99 -21.59
H23A DPV DA . 12.99 -12.47 -22.56
H23B DPV DA . 14.47 -11.67 -22.00
N DPV EA . 28.21 1.87 -17.45
P DPV EA . 23.58 0.17 -19.20
C1 DPV EA . 22.53 -1.84 -17.91
C2 DPV EA . 22.46 -2.45 -16.50
C3 DPV EA . 21.29 -3.47 -16.42
C4 DPV EA . 25.92 1.25 -18.61
C5 DPV EA . 27.28 0.76 -18.04
C6 DPV EA . 27.51 2.64 -16.32
C7 DPV EA . 28.66 2.87 -18.54
C8 DPV EA . 29.45 1.19 -16.88
C15 DPV EA . 21.09 -4.07 -15.01
C16 DPV EA . 19.82 -4.98 -15.01
C17 DPV EA . 19.49 -5.57 -13.62
C18 DPV EA . 18.23 -6.47 -13.70
C19 DPV EA . 17.86 -7.07 -12.31
O1P DPV EA . 23.02 1.53 -19.00
C20 DPV EA . 16.62 -8.00 -12.43
C21 DPV EA . 16.06 -8.40 -11.03
C22 DPV EA . 14.73 -9.20 -11.14
C23 DPV EA . 14.10 -9.44 -9.75
O2P DPV EA . 23.07 -0.47 -20.43
O3P DPV EA . 23.47 -0.75 -17.90
O4P DPV EA . 25.17 0.10 -19.06
H1 DPV EA . 22.86 -2.59 -18.64
H1A DPV EA . 21.55 -1.45 -18.21
H2 DPV EA . 23.40 -2.94 -16.25
H2A DPV EA . 22.30 -1.66 -15.76
H3 DPV EA . 21.47 -4.28 -17.14
H3A DPV EA . 20.37 -2.97 -16.72
H4 DPV EA . 25.35 1.76 -17.84
H4A DPV EA . 26.06 1.93 -19.46
H5 DPV EA . 27.09 0.03 -17.25
H5A DPV EA . 27.85 0.26 -18.84
H6 DPV EA . 27.24 1.94 -15.53
H6A DPV EA . 26.63 3.14 -16.70
H6B DPV EA . 28.20 3.38 -15.92
H7 DPV EA . 29.14 2.31 -19.35
H7A DPV EA . 29.38 3.58 -18.10
H7B DPV EA . 27.79 3.41 -18.92
H8 DPV EA . 29.15 0.50 -16.09
H8A DPV EA . 30.12 1.96 -16.46
H8B DPV EA . 29.96 0.65 -17.68
H15 DPV EA . 20.96 -3.27 -14.28
H15A DPV EA . 21.96 -4.65 -14.72
H16 DPV EA . 18.96 -4.39 -15.36
H16A DPV EA . 19.97 -5.80 -15.73
H17 DPV EA . 20.35 -6.15 -13.25
H17A DPV EA . 19.31 -4.76 -12.92
H18 DPV EA . 17.39 -5.88 -14.08
H18A DPV EA . 18.41 -7.29 -14.41
H19 DPV EA . 18.71 -7.64 -11.92
H19A DPV EA . 17.65 -6.26 -11.62
H20 DPV EA . 15.83 -7.50 -12.99
H20A DPV EA . 16.88 -8.91 -12.98
H21 DPV EA . 16.81 -8.99 -10.50
H21A DPV EA . 15.89 -7.49 -10.44
H22 DPV EA . 14.02 -8.64 -11.75
H22A DPV EA . 14.93 -10.16 -11.63
H23 DPV EA . 14.77 -10.03 -9.12
H23A DPV EA . 13.16 -9.98 -9.86
H23B DPV EA . 13.90 -8.50 -9.24
N DPV FA . 29.58 -1.83 4.01
P DPV FA . 27.64 0.12 0.13
C1 DPV FA . 28.29 -2.26 -0.73
C2 DPV FA . 27.99 -3.77 -0.56
C3 DPV FA . 26.49 -4.11 -0.81
C4 DPV FA . 28.33 0.09 2.67
C5 DPV FA . 29.54 -0.33 3.57
C6 DPV FA . 28.51 -2.09 5.09
C7 DPV FA . 30.96 -2.09 4.63
C8 DPV FA . 29.39 -2.81 2.84
C15 DPV FA . 26.25 -5.63 -1.00
C16 DPV FA . 24.76 -5.93 -1.28
C17 DPV FA . 24.56 -7.28 -2.00
C18 DPV FA . 23.06 -7.53 -2.27
C19 DPV FA . 22.84 -8.67 -3.31
O1P DPV FA . 26.43 0.85 0.55
C20 DPV FA . 21.34 -8.84 -3.63
C21 DPV FA . 21.11 -9.76 -4.86
C22 DPV FA . 19.62 -9.77 -5.27
C23 DPV FA . 19.36 -10.59 -6.55
O2P DPV FA . 28.19 0.65 -1.14
O3P DPV FA . 27.45 -1.47 0.14
O4P DPV FA . 28.74 -0.01 1.29
H1 DPV FA . 29.34 -2.07 -0.48
H1A DPV FA . 28.12 -1.97 -1.76
H2 DPV FA . 28.62 -4.34 -1.26
H2A DPV FA . 28.26 -4.10 0.45
H3 DPV FA . 26.15 -3.57 -1.71
H3A DPV FA . 25.90 -3.75 0.03
H4 DPV FA . 27.47 -0.56 2.86
H4A DPV FA . 28.05 1.13 2.88
H5 DPV FA . 30.47 -0.13 3.02
H5A DPV FA . 29.55 0.28 4.48
H6 DPV FA . 27.51 -1.96 4.64
H6A DPV FA . 28.65 -1.39 5.92
H6B DPV FA . 28.61 -3.12 5.45
H7 DPV FA . 31.71 -1.95 3.86
H7A DPV FA . 30.99 -3.11 5.02
H7B DPV FA . 31.12 -1.37 5.45
H8 DPV FA . 30.15 -2.59 2.09
H8A DPV FA . 28.40 -2.69 2.43
H8B DPV FA . 29.53 -3.83 3.21
H15 DPV FA . 26.58 -6.17 -0.11
H15A DPV FA . 26.87 -5.98 -1.84
H16 DPV FA . 24.21 -5.91 -0.33
H16A DPV FA . 24.33 -5.12 -1.90
H17 DPV FA . 25.11 -7.26 -2.96
H17A DPV FA . 24.97 -8.09 -1.40
H18 DPV FA . 22.56 -7.78 -1.34
H18A DPV FA . 22.60 -6.62 -2.67
H19 DPV FA . 23.39 -8.45 -4.22
H19A DPV FA . 23.23 -9.61 -2.90
H20 DPV FA . 20.82 -9.27 -2.77
H20A DPV FA . 20.90 -7.86 -3.83
H21 DPV FA . 21.71 -9.41 -5.70
H21A DPV FA . 21.43 -10.78 -4.63
H22 DPV FA . 19.03 -10.20 -4.45
H22A DPV FA . 19.27 -8.75 -5.42
H23 DPV FA . 18.30 -10.57 -6.80
H23A DPV FA . 19.68 -11.62 -6.40
H23B DPV FA . 19.92 -10.16 -7.39
N DPV GA . 26.73 4.72 5.27
P DPV GA . 23.28 6.85 3.38
C1 DPV GA . 22.89 4.39 2.58
C2 DPV GA . 22.92 2.94 3.10
C3 DPV GA . 23.07 1.93 1.92
C4 DPV GA . 25.88 6.51 3.48
C5 DPV GA . 26.97 6.09 4.53
C6 DPV GA . 25.46 4.76 6.14
C7 DPV GA . 27.92 4.49 6.21
C8 DPV GA . 26.66 3.53 4.29
C15 DPV GA . 22.86 0.43 2.32
C16 DPV GA . 21.39 0.04 2.74
C17 DPV GA . 20.36 0.16 1.58
C18 DPV GA . 18.91 -0.06 2.10
C19 DPV GA . 17.86 0.52 1.11
O1P DPV GA . 22.23 7.64 4.04
C20 DPV GA . 16.42 0.48 1.70
C21 DPV GA . 15.48 1.47 0.97
C22 DPV GA . 14.07 1.51 1.61
C23 DPV GA . 13.21 2.65 1.02
O2P DPV GA . 23.41 7.19 1.94
O3P DPV GA . 23.16 5.27 3.68
O4P DPV GA . 24.67 6.89 4.16
H1 DPV GA . 23.66 4.53 1.82
H1A DPV GA . 21.91 4.62 2.16
H2 DPV GA . 23.75 2.80 3.79
H2A DPV GA . 22.00 2.74 3.64
H3 DPV GA . 24.07 2.04 1.49
H3A DPV GA . 22.36 2.19 1.14
H4 DPV GA . 26.24 7.36 2.89
H4A DPV GA . 25.67 5.67 2.81
H5 DPV GA . 27.94 6.02 4.03
H5A DPV GA . 27.03 6.87 5.30
H6 DPV GA . 25.49 5.65 6.77
H6A DPV GA . 25.43 3.86 6.76
H6B DPV GA . 24.59 4.79 5.50
H7 DPV GA . 27.98 5.33 6.91
H7A DPV GA . 28.84 4.42 5.61
H7B DPV GA . 27.75 3.55 6.76
H8 DPV GA . 25.80 3.66 3.63
H8A DPV GA . 26.55 2.61 4.87
H8B DPV GA . 27.58 3.50 3.71
H15 DPV GA . 23.54 0.19 3.15
H15A DPV GA . 23.17 -0.20 1.49
H16 DPV GA . 21.41 -0.99 3.10
H16A DPV GA . 21.08 0.67 3.57
H17 DPV GA . 20.42 1.15 1.13
H17A DPV GA . 20.58 -0.57 0.80
H18 DPV GA . 18.74 -1.12 2.26
H18A DPV GA . 18.79 0.44 3.07
H19 DPV GA . 18.13 1.55 0.87
H19A DPV GA . 17.89 -0.05 0.18
H20 DPV GA . 16.02 -0.54 1.62
H20A DPV GA . 16.45 0.74 2.76
H21 DPV GA . 15.92 2.47 0.99
H21A DPV GA . 15.38 1.19 -0.08
H22 DPV GA . 13.57 0.55 1.47
H22A DPV GA . 14.16 1.67 2.69
H23 DPV GA . 13.66 3.62 1.22
H23A DPV GA . 12.22 2.64 1.47
H23B DPV GA . 13.11 2.52 -0.07
N DPV HA . 19.85 8.20 0.67
P DPV HA . 16.47 10.31 -2.71
C1 DPV HA . 14.48 10.98 -1.16
C2 DPV HA . 14.20 11.84 0.12
C3 DPV HA . 15.28 11.67 1.24
C4 DPV HA . 18.11 9.55 -0.79
C5 DPV HA . 18.42 8.26 0.02
C6 DPV HA . 20.97 8.33 -0.38
C7 DPV HA . 19.98 6.82 1.32
C8 DPV HA . 20.03 9.26 1.76
C15 DPV HA . 15.27 10.27 1.93
C16 DPV HA . 16.28 10.23 3.11
C17 DPV HA . 16.36 8.80 3.71
C18 DPV HA . 17.31 8.76 4.96
C19 DPV HA . 17.41 7.33 5.58
O1P DPV HA . 17.63 10.91 -3.42
C20 DPV HA . 18.42 6.41 4.82
C21 DPV HA . 18.31 4.94 5.28
C22 DPV HA . 19.35 4.01 4.57
C23 DPV HA . 18.92 3.60 3.15
O2P DPV HA . 15.51 9.72 -3.66
O3P DPV HA . 15.80 11.30 -1.66
O4P DPV HA . 16.89 9.30 -1.55
H1 DPV HA . 14.43 9.92 -0.91
H1A DPV HA . 13.73 11.21 -1.93
H2 DPV HA . 14.15 12.89 -0.18
H2A DPV HA . 13.22 11.57 0.52
H3 DPV HA . 15.10 12.44 2.00
H3A DPV HA . 16.27 11.87 0.82
H4 DPV HA . 17.95 10.39 -0.13
H4A DPV HA . 18.91 9.76 -1.50
H5 DPV HA . 17.69 8.14 0.82
H5A DPV HA . 18.34 7.39 -0.66
H6 DPV HA . 21.93 8.16 0.12
H6A DPV HA . 20.94 9.32 -0.82
H6B DPV HA . 20.82 7.57 -1.16
H7 DPV HA . 19.15 6.69 2.01
H7A DPV HA . 20.94 6.77 1.85
H7B DPV HA . 19.94 6.06 0.54
H8 DPV HA . 19.23 9.15 2.51
H8A DPV HA . 19.96 10.26 1.29
H8B DPV HA . 21.01 9.13 2.23
H15 DPV HA . 15.53 9.51 1.20
H15A DPV HA . 14.27 10.05 2.30
H16 DPV HA . 17.27 10.53 2.76
H16A DPV HA . 15.97 10.94 3.88
H17 DPV HA . 15.36 8.47 4.01
H17A DPV HA . 16.73 8.11 2.96
H18 DPV HA . 18.31 9.12 4.69
H18A DPV HA . 16.92 9.43 5.72
H19 DPV HA . 17.73 7.42 6.62
H19A DPV HA . 16.43 6.86 5.58
H20 DPV HA . 18.22 6.47 3.76
H20A DPV HA . 19.44 6.79 4.99
H21 DPV HA . 18.47 4.88 6.36
H21A DPV HA . 17.30 4.56 5.09
H22 DPV HA . 20.32 4.50 4.54
H22A DPV HA . 19.47 3.11 5.17
H23 DPV HA . 17.97 3.05 3.18
H23A DPV HA . 19.68 2.95 2.71
H23B DPV HA . 18.80 4.47 2.50
N DPV IA . 10.82 9.10 4.92
P DPV IA . 11.65 5.94 8.39
C1 DPV IA . 13.35 7.52 9.63
C2 DPV IA . 14.67 7.42 10.42
C3 DPV IA . 15.93 7.23 9.53
C4 DPV IA . 10.83 6.68 6.04
C5 DPV IA . 11.21 7.58 4.81
C6 DPV IA . 9.29 9.30 4.98
C7 DPV IA . 11.32 9.78 3.64
C8 DPV IA . 11.48 9.78 6.13
C15 DPV IA . 17.22 7.29 10.41
C16 DPV IA . 18.53 7.14 9.60
C17 DPV IA . 18.94 5.66 9.35
C18 DPV IA . 20.30 5.56 8.59
C19 DPV IA . 20.75 4.09 8.41
O1P DPV IA . 10.61 6.47 9.30
C20 DPV IA . 22.01 3.99 7.50
C21 DPV IA . 22.60 2.55 7.39
C22 DPV IA . 21.69 1.56 6.60
C23 DPV IA . 22.40 0.21 6.33
O2P DPV IA . 11.47 4.50 8.14
O3P DPV IA . 13.15 6.31 8.85
O4P DPV IA . 11.84 6.80 7.06
H1 DPV IA . 12.53 7.63 10.34
H1A DPV IA . 13.36 8.38 8.96
H2 DPV IA . 14.77 8.35 11.00
H2A DPV IA . 14.59 6.61 11.15
H3 DPV IA . 15.97 8.01 8.77
H3A DPV IA . 15.88 6.26 9.03
H4 DPV IA . 9.86 6.98 6.44
H4A DPV IA . 10.78 5.64 5.72
H5 DPV IA . 12.29 7.54 4.65
H5A DPV IA . 10.72 7.20 3.91
H6 DPV IA . 8.92 8.86 5.91
H6A DPV IA . 8.83 8.80 4.12
H6B DPV IA . 9.07 10.37 4.96
H7 DPV IA . 12.42 9.66 3.59
H7A DPV IA . 11.07 10.84 3.68
H7B DPV IA . 10.85 9.32 2.77
H8 DPV IA . 12.56 9.72 6.01
H8A DPV IA . 11.16 9.29 7.04
H8B DPV IA . 11.16 10.83 6.14
H15 DPV IA . 17.17 6.52 11.19
H15A DPV IA . 17.24 8.25 10.92
H16 DPV IA . 18.46 7.68 8.66
H16A DPV IA . 19.35 7.61 10.17
H17 DPV IA . 19.01 5.13 10.30
H17A DPV IA . 18.16 5.16 8.76
H18 DPV IA . 20.20 6.05 7.62
H18A DPV IA . 21.06 6.10 9.16
H19 DPV IA . 20.95 3.64 9.39
H19A DPV IA . 19.93 3.52 7.94
H20 DPV IA . 21.79 4.38 6.50
H20A DPV IA . 22.79 4.64 7.92
H21 DPV IA . 23.56 2.60 6.89
H21A DPV IA . 22.79 2.15 8.39
H22 DPV IA . 20.77 1.38 7.17
H22A DPV IA . 21.39 2.00 5.65
H23 DPV IA . 23.27 0.36 5.71
H23A DPV IA . 21.71 -0.47 5.83
H23B DPV IA . 22.71 -0.24 7.27
N DPV JA . 11.66 -6.05 14.71
P DPV JA . 10.77 -1.72 14.88
C1 DPV JA . 10.85 0.67 15.94
C2 DPV JA . 11.67 1.52 16.94
C3 DPV JA . 12.98 2.10 16.33
C4 DPV JA . 11.39 -3.89 16.28
C5 DPV JA . 10.71 -5.00 15.40
C6 DPV JA . 12.30 -6.97 15.76
C7 DPV JA . 12.74 -5.38 13.87
C8 DPV JA . 10.81 -6.91 13.79
C15 DPV JA . 12.75 3.48 15.63
C16 DPV JA . 14.05 4.00 14.94
C17 DPV JA . 14.21 3.51 13.48
C18 DPV JA . 15.59 3.88 12.88
C19 DPV JA . 15.66 3.76 11.33
O1P DPV JA . 10.85 -1.53 13.41
C20 DPV JA . 15.49 2.32 10.78
C21 DPV JA . 15.56 2.33 9.21
C22 DPV JA . 15.06 1.00 8.58
C23 DPV JA . 13.54 0.99 8.35
O2P DPV JA . 9.39 -1.95 15.34
O3P DPV JA . 11.54 -0.59 15.70
O4P DPV JA . 11.84 -2.79 15.43
H1 DPV JA . 9.87 0.46 16.36
H1A DPV JA . 10.73 1.20 14.99
H2 DPV JA . 11.03 2.33 17.32
H2A DPV JA . 11.91 0.90 17.80
H3 DPV JA . 13.41 1.39 15.64
H3A DPV JA . 13.71 2.24 17.15
H4 DPV JA . 10.70 -3.51 17.03
H4A DPV JA . 12.27 -4.30 16.79
H5 DPV JA . 10.01 -5.57 16.03
H5A DPV JA . 10.14 -4.51 14.60
H6 DPV JA . 11.51 -7.48 16.31
H6A DPV JA . 12.91 -6.37 16.44
H6B DPV JA . 12.93 -7.70 15.24
H7 DPV JA . 12.27 -4.71 13.13
H7A DPV JA . 13.33 -6.15 13.35
H7B DPV JA . 13.39 -4.80 14.52
H8 DPV JA . 10.04 -7.43 14.38
H8A DPV JA . 11.46 -7.64 13.29
H8B DPV JA . 10.33 -6.26 13.05
H15 DPV JA . 12.43 4.21 16.37
H15A DPV JA . 11.95 3.40 14.89
H16 DPV JA . 14.02 5.10 14.93
H16A DPV JA . 14.93 3.72 15.54
H17 DPV JA . 14.08 2.41 13.45
H17A DPV JA . 13.40 3.94 12.87
H18 DPV JA . 15.83 4.91 13.15
H18A DPV JA . 16.37 3.25 13.33
H19 DPV JA . 14.88 4.40 10.89
H19A DPV JA . 16.62 4.15 10.99
H20 DPV JA . 16.27 1.67 11.18
H20A DPV JA . 14.52 1.91 11.08
H21 DPV JA . 14.99 3.17 8.81
H21A DPV JA . 16.60 2.49 8.92
H22 DPV JA . 15.55 0.87 7.61
H22A DPV JA . 15.35 0.15 9.19
H23 DPV JA . 13.24 0.10 7.78
H23A DPV JA . 13.22 1.87 7.79
H23B DPV JA . 13.01 0.97 9.31
N DPV KA . 5.70 5.11 4.14
P DPV KA . 5.23 3.95 8.33
C1 DPV KA . 3.80 2.77 10.17
C2 DPV KA . 4.51 1.52 10.72
C3 DPV KA . 3.93 1.10 12.11
C4 DPV KA . 5.38 3.08 5.85
C5 DPV KA . 5.12 3.65 4.42
C6 DPV KA . 7.19 5.22 4.51
C7 DPV KA . 4.90 6.19 4.88
C8 DPV KA . 5.58 5.38 2.64
C15 DPV KA . 4.39 -0.32 12.52
C16 DPV KA . 3.65 -0.81 13.80
C17 DPV KA . 3.95 -2.29 14.17
C18 DPV KA . 3.30 -3.32 13.19
C19 DPV KA . 3.25 -4.76 13.78
O1P DPV KA . 6.59 3.43 8.51
C20 DPV KA . 3.00 -5.86 12.70
C21 DPV KA . 4.31 -6.24 11.95
C22 DPV KA . 4.08 -7.33 10.87
C23 DPV KA . 5.42 -7.78 10.26
O2P DPV KA . 5.07 5.29 8.95
O3P DPV KA . 4.10 2.92 8.77
O4P DPV KA . 4.70 3.90 6.84
H1 DPV KA . 2.72 2.66 10.28
H1A DPV KA . 4.12 3.66 10.72
H2 DPV KA . 4.38 0.70 10.01
H2A DPV KA . 5.58 1.70 10.81
H3 DPV KA . 2.83 1.13 12.07
H3A DPV KA . 4.24 1.83 12.86
H4 DPV KA . 4.98 2.06 5.92
H4A DPV KA . 6.44 3.06 6.07
H5 DPV KA . 5.58 2.99 3.69
H5A DPV KA . 4.05 3.70 4.22
H6 DPV KA . 7.56 6.21 4.20
H6A DPV KA . 7.76 4.44 3.99
H6B DPV KA . 7.30 5.11 5.59
H7 DPV KA . 3.84 6.07 4.65
H7A DPV KA . 5.25 7.18 4.55
H7B DPV KA . 5.06 6.08 5.95
H8 DPV KA . 6.14 4.61 2.10
H8A DPV KA . 5.99 6.37 2.43
H8B DPV KA . 4.52 5.34 2.37
H15 DPV KA . 5.47 -0.32 12.71
H15A DPV KA . 4.20 -1.02 11.69
H16 DPV KA . 3.94 -0.17 14.64
H16A DPV KA . 2.57 -0.68 13.68
H17 DPV KA . 5.02 -2.45 14.21
H17A DPV KA . 3.57 -2.48 15.18
H18 DPV KA . 2.27 -3.01 12.95
H18A DPV KA . 3.86 -3.31 12.26
H19 DPV KA . 4.19 -4.98 14.30
H19A DPV KA . 2.46 -4.81 14.53
H20 DPV KA . 2.61 -6.74 13.19
H20A DPV KA . 2.24 -5.52 11.99
H21 DPV KA . 4.72 -5.35 11.47
H21A DPV KA . 5.04 -6.59 12.67
H22 DPV KA . 3.58 -8.18 11.31
H22A DPV KA . 3.44 -6.94 10.08
H23 DPV KA . 6.11 -8.13 11.04
H23A DPV KA . 5.90 -6.95 9.72
H23B DPV KA . 5.26 -8.60 9.55
N DPV LA . 1.82 -29.28 -0.42
P DPV LA . 0.35 -26.04 -3.39
C1 DPV LA . 2.07 -24.07 -3.64
C2 DPV LA . 3.32 -23.52 -2.91
C3 DPV LA . 3.80 -22.17 -3.48
C4 DPV LA . 0.52 -28.55 -2.64
C5 DPV LA . 1.57 -29.52 -1.97
C6 DPV LA . 2.88 -30.30 0.03
C7 DPV LA . 0.54 -29.54 0.39
C8 DPV LA . 2.36 -27.87 -0.11
C15 DPV LA . 5.09 -21.68 -2.77
C16 DPV LA . 5.41 -20.22 -3.18
C17 DPV LA . 6.73 -19.69 -2.55
C18 DPV LA . 6.93 -18.18 -2.91
C19 DPV LA . 8.23 -17.60 -2.27
O1P DPV LA . 0.24 -26.09 -4.85
C20 DPV LA . 8.34 -16.06 -2.48
C21 DPV LA . 9.56 -15.46 -1.72
C22 DPV LA . 9.69 -13.92 -1.91
C23 DPV LA . 10.49 -13.51 -3.17
O2P DPV LA . -0.94 -25.76 -2.73
O3P DPV LA . 1.56 -25.16 -2.84
O4P DPV LA . 1.15 -27.27 -2.77
H1 DPV LA . 1.30 -23.31 -3.73
H1A DPV LA . 2.34 -24.45 -4.63
H2 DPV LA . 3.08 -23.41 -1.84
H2A DPV LA . 4.12 -24.26 -2.98
H3 DPV LA . 3.00 -21.43 -3.36
H3A DPV LA . 3.99 -22.28 -4.56
H4 DPV LA . 0.25 -28.93 -3.62
H4A DPV LA . -0.38 -28.45 -2.01
H5 DPV LA . 1.22 -30.55 -2.07
H5A DPV LA . 2.52 -29.42 -2.48
H6 DPV LA . 3.79 -30.12 -0.54
H6A DPV LA . 2.50 -31.31 -0.15
H6B DPV LA . 3.07 -30.15 1.10
H7 DPV LA . -0.20 -28.79 0.14
H7A DPV LA . 0.78 -29.50 1.45
H7B DPV LA . 0.15 -30.54 0.13
H8 DPV LA . 1.58 -27.14 -0.34
H8A DPV LA . 3.25 -27.69 -0.71
H8B DPV LA . 2.60 -27.81 0.96
H15 DPV LA . 5.93 -22.34 -3.03
H15A DPV LA . 4.95 -21.73 -1.69
H16 DPV LA . 5.48 -20.16 -4.27
H16A DPV LA . 4.58 -19.59 -2.86
H17 DPV LA . 6.68 -19.80 -1.45
H17A DPV LA . 7.57 -20.27 -2.90
H18 DPV LA . 6.98 -18.07 -3.99
H18A DPV LA . 6.07 -17.61 -2.55
H19 DPV LA . 8.23 -17.82 -1.19
H19A DPV LA . 9.11 -18.09 -2.70
H20 DPV LA . 8.42 -15.85 -3.55
H20A DPV LA . 7.42 -15.58 -2.13
H21 DPV LA . 9.44 -15.67 -0.66
H21A DPV LA . 10.48 -15.96 -2.04
H22 DPV LA . 8.70 -13.45 -1.93
H22A DPV LA . 10.21 -13.51 -1.02
H23 DPV LA . 9.92 -13.75 -4.07
H23A DPV LA . 11.45 -14.02 -3.22
H23B DPV LA . 10.68 -12.43 -3.17
N DPV MA . 5.99 -13.76 -24.17
P DPV MA . 4.22 -16.27 -19.92
C1 DPV MA . 5.29 -16.04 -17.52
C2 DPV MA . 5.24 -15.10 -16.30
C3 DPV MA . 5.89 -15.71 -15.04
C4 DPV MA . 4.91 -15.03 -22.10
C5 DPV MA . 6.01 -14.05 -22.63
C6 DPV MA . 7.24 -12.92 -24.50
C7 DPV MA . 4.76 -12.94 -24.58
C8 DPV MA . 6.05 -15.04 -25.02
C15 DPV MA . 5.64 -14.80 -13.80
C16 DPV MA . 6.21 -15.41 -12.49
C17 DPV MA . 5.84 -14.58 -11.23
C18 DPV MA . 6.83 -13.42 -10.89
C19 DPV MA . 8.07 -13.92 -10.08
O1P DPV MA . 2.80 -16.42 -20.33
C20 DPV MA . 9.04 -12.77 -9.74
C21 DPV MA . 10.24 -13.27 -8.88
C22 DPV MA . 11.26 -12.12 -8.62
C23 DPV MA . 12.46 -12.62 -7.78
O2P DPV MA . 4.95 -17.55 -19.98
O3P DPV MA . 4.39 -15.50 -18.52
O4P DPV MA . 4.97 -15.08 -20.67
H1 DPV MA . 6.31 -16.07 -17.94
H1A DPV MA . 4.96 -17.04 -17.26
H2 DPV MA . 5.75 -14.16 -16.56
H2A DPV MA . 4.20 -14.86 -16.10
H3 DPV MA . 6.96 -15.84 -15.20
H3A DPV MA . 5.46 -16.70 -14.86
H4 DPV MA . 3.91 -14.69 -22.40
H4A DPV MA . 5.09 -16.03 -22.51
H5 DPV MA . 5.90 -13.09 -22.13
H5A DPV MA . 7.00 -14.46 -22.39
H6 DPV MA . 8.13 -13.51 -24.26
H6A DPV MA . 7.23 -12.02 -23.88
H6B DPV MA . 7.23 -12.66 -25.56
H7 DPV MA . 3.86 -13.51 -24.37
H7A DPV MA . 4.81 -12.71 -25.65
H7B DPV MA . 4.76 -12.02 -23.99
H8 DPV MA . 6.93 -15.62 -24.75
H8A DPV MA . 6.10 -14.76 -26.09
H8B DPV MA . 5.15 -15.63 -24.85
H15 DPV MA . 4.57 -14.65 -13.68
H15A DPV MA . 6.09 -13.82 -13.98
H16 DPV MA . 5.81 -16.42 -12.37
H16A DPV MA . 7.30 -15.50 -12.57
H17 DPV MA . 4.83 -14.16 -11.35
H17A DPV MA . 5.78 -15.26 -10.37
H18 DPV MA . 7.16 -12.94 -11.81
H18A DPV MA . 6.30 -12.67 -10.31
H19 DPV MA . 7.72 -14.39 -9.15
H19A DPV MA . 8.60 -14.68 -10.66
H20 DPV MA . 9.41 -12.32 -10.67
H20A DPV MA . 8.50 -11.99 -9.20
H21 DPV MA . 9.86 -13.64 -7.93
H21A DPV MA . 10.73 -14.09 -9.39
H22 DPV MA . 11.63 -11.75 -9.58
H22A DPV MA . 10.77 -11.30 -8.10
H23 DPV MA . 12.12 -13.00 -6.81
H23A DPV MA . 13.16 -11.81 -7.61
H23B DPV MA . 12.99 -13.42 -8.29
N DPV NA . -5.07 -21.41 -6.20
P DPV NA . -3.62 -18.57 -10.35
C1 DPV NA . -1.41 -17.68 -11.41
C2 DPV NA . 0.12 -17.83 -11.24
C3 DPV NA . 0.89 -16.76 -12.09
C4 DPV NA . -4.57 -19.97 -8.38
C5 DPV NA . -4.15 -20.36 -6.93
C6 DPV NA . -5.00 -22.79 -6.89
C7 DPV NA . -6.54 -20.94 -6.13
C8 DPV NA . -4.56 -21.57 -4.77
C15 DPV NA . 2.45 -16.90 -11.95
C16 DPV NA . 3.03 -18.11 -12.76
C17 DPV NA . 4.06 -18.97 -11.95
C18 DPV NA . 3.40 -20.09 -11.09
C19 DPV NA . 3.18 -19.67 -9.60
O1P DPV NA . -4.36 -19.30 -11.41
C20 DPV NA . 2.43 -20.78 -8.81
C21 DPV NA . 2.18 -20.36 -7.34
C22 DPV NA . 1.45 -21.44 -6.48
C23 DPV NA . -0.05 -21.60 -6.86
O2P DPV NA . -4.13 -17.21 -10.15
O3P DPV NA . -2.04 -18.65 -10.53
O4P DPV NA . -3.44 -19.39 -9.00
H1 DPV NA . -1.72 -16.68 -11.12
H1A DPV NA . -1.70 -17.88 -12.44
H2 DPV NA . 0.38 -17.71 -10.19
H2A DPV NA . 0.42 -18.83 -11.55
H3 DPV NA . 0.60 -15.76 -11.76
H3A DPV NA . 0.61 -16.85 -13.14
H4 DPV NA . -4.89 -20.85 -8.95
H4A DPV NA . -5.39 -19.23 -8.35
H5 DPV NA . -3.15 -20.80 -6.95
H5A DPV NA . -4.13 -19.47 -6.30
H6 DPV NA . -5.58 -23.51 -6.30
H6A DPV NA . -3.95 -23.11 -6.93
H6B DPV NA . -5.41 -22.71 -7.89
H7 DPV NA . -6.56 -19.94 -5.67
H7A DPV NA . -7.12 -21.64 -5.53
H7B DPV NA . -6.95 -20.89 -7.15
H8 DPV NA . -4.59 -20.59 -4.27
H8A DPV NA . -3.53 -21.94 -4.80
H8B DPV NA . -5.20 -22.28 -4.24
H15 DPV NA . 2.70 -16.98 -10.90
H15A DPV NA . 2.90 -15.98 -12.32
H16 DPV NA . 2.24 -18.75 -13.15
H16A DPV NA . 3.55 -17.70 -13.64
H17 DPV NA . 4.72 -19.45 -12.67
H17A DPV NA . 4.70 -18.32 -11.33
H18 DPV NA . 2.46 -20.40 -11.54
H18A DPV NA . 4.06 -20.96 -11.11
H19 DPV NA . 4.15 -19.48 -9.13
H19A DPV NA . 2.61 -18.76 -9.56
H20 DPV NA . 1.47 -20.99 -9.31
H20A DPV NA . 3.01 -21.71 -8.83
H21 DPV NA . 3.15 -20.14 -6.87
H21A DPV NA . 1.60 -19.43 -7.32
H22 DPV NA . 1.95 -22.39 -6.59
H22A DPV NA . 1.51 -21.14 -5.44
H23 DPV NA . -0.55 -20.63 -6.92
H23A DPV NA . -0.56 -22.19 -6.11
H23B DPV NA . -0.15 -22.10 -7.83
N DPV OA . 4.89 6.74 -17.20
P DPV OA . 7.91 3.53 -19.27
C1 DPV OA . 7.76 1.12 -18.26
C2 DPV OA . 8.43 0.27 -17.17
C3 DPV OA . 7.55 -0.94 -16.75
C4 DPV OA . 7.22 5.64 -17.86
C5 DPV OA . 5.70 5.43 -17.53
C6 DPV OA . 3.43 6.35 -16.91
C7 DPV OA . 4.88 7.71 -18.41
C8 DPV OA . 5.44 7.47 -15.96
C15 DPV OA . 6.36 -0.54 -15.81
C16 DPV OA . 5.37 -1.71 -15.54
C17 DPV OA . 4.49 -2.09 -16.77
C18 DPV OA . 3.12 -2.74 -16.38
C19 DPV OA . 3.23 -4.19 -15.84
O1P DPV OA . 6.56 3.22 -19.82
C20 DPV OA . 1.90 -4.63 -15.17
C21 DPV OA . 1.92 -6.13 -14.75
C22 DPV OA . 0.67 -6.49 -13.90
C23 DPV OA . 0.65 -7.97 -13.50
O2P DPV OA . 8.82 4.10 -20.27
O3P DPV OA . 8.55 2.31 -18.45
O4P DPV OA . 7.86 4.34 -17.89
H1 DPV OA . 7.71 0.57 -19.20
H1A DPV OA . 6.76 1.42 -17.94
H2 DPV OA . 9.38 -0.11 -17.56
H2A DPV OA . 8.66 0.89 -16.30
H3 DPV OA . 8.17 -1.66 -16.23
H3A DPV OA . 7.16 -1.43 -17.64
H4 DPV OA . 7.34 6.15 -18.83
H4A DPV OA . 7.69 6.23 -17.07
H5 DPV OA . 5.21 4.96 -18.38
H5A DPV OA . 5.60 4.77 -16.67
H6 DPV OA . 3.02 5.82 -17.78
H6A DPV OA . 2.85 7.25 -16.70
H6B DPV OA . 3.42 5.68 -16.04
H7 DPV OA . 4.49 7.17 -19.29
H7A DPV OA . 5.90 8.06 -18.59
H7B DPV OA . 4.23 8.56 -18.17
H8 DPV OA . 6.45 7.83 -16.19
H8A DPV OA . 5.46 6.77 -15.13
H8B DPV OA . 4.78 8.31 -15.73
H15 DPV OA . 5.80 0.30 -16.24
H15A DPV OA . 6.78 -0.20 -14.85
H16 DPV OA . 5.94 -2.59 -15.19
H16A DPV OA . 4.73 -1.42 -14.71
H17 DPV OA . 4.28 -1.19 -17.35
H17A DPV OA . 5.05 -2.76 -17.42
H18 DPV OA . 2.63 -2.10 -15.64
H18A DPV OA . 2.48 -2.74 -17.26
H19 DPV OA . 3.48 -4.86 -16.65
H19A DPV OA . 4.04 -4.26 -15.10
H20 DPV OA . 1.72 -4.01 -14.29
H20A DPV OA . 1.07 -4.47 -15.88
H21 DPV OA . 1.94 -6.76 -15.65
H21A DPV OA . 2.82 -6.34 -14.17
H22 DPV OA . 0.65 -5.88 -13.01
H22A DPV OA . -0.23 -6.27 -14.48
H23 DPV OA . -0.24 -8.20 -12.92
H23A DPV OA . 1.52 -8.22 -12.89
H23B DPV OA . 0.66 -8.61 -14.39
N DPV PA . 11.95 4.38 -17.08
P DPV PA . 12.68 1.63 -20.80
C1 DPV PA . 11.57 -0.73 -20.90
C2 DPV PA . 10.26 -1.41 -20.44
C3 DPV PA . 9.85 -2.65 -21.29
C4 DPV PA . 12.62 3.96 -19.63
C5 DPV PA . 11.75 4.75 -18.60
C6 DPV PA . 10.90 5.16 -16.28
C7 DPV PA . 13.36 4.79 -16.58
C8 DPV PA . 11.73 2.88 -16.81
C15 DPV PA . 10.56 -3.96 -20.86
C16 DPV PA . 9.85 -5.22 -21.42
C17 DPV PA . 10.57 -6.52 -20.98
C18 DPV PA . 9.68 -7.78 -21.24
C19 DPV PA . 10.42 -9.08 -20.81
O1P DPV PA . 12.54 1.98 -22.23
C20 DPV PA . 9.56 -10.36 -21.03
C21 DPV PA . 8.66 -10.71 -19.79
C22 DPV PA . 7.82 -11.99 -20.07
C23 DPV PA . 7.09 -12.50 -18.81
O2P DPV PA . 14.07 1.29 -20.43
O3P DPV PA . 11.60 0.57 -20.30
O4P DPV PA . 12.00 2.68 -19.83
H1 DPV PA . 12.44 -1.31 -20.58
H1A DPV PA . 11.58 -0.62 -21.99
H2 DPV PA . 10.34 -1.69 -19.38
H2A DPV PA . 9.45 -0.67 -20.51
H3 DPV PA . 10.05 -2.46 -22.35
H3A DPV PA . 8.77 -2.78 -21.19
H4 DPV PA . 12.65 4.49 -20.58
H4A DPV PA . 13.64 3.82 -19.25
H5 DPV PA . 11.96 5.81 -18.69
H5A DPV PA . 10.70 4.59 -18.82
H6 DPV PA . 9.91 4.83 -16.59
H6A DPV PA . 11.03 6.22 -16.48
H6B DPV PA . 11.06 4.96 -15.22
H7 DPV PA . 14.11 4.20 -17.13
H7A DPV PA . 13.43 4.59 -15.52
H7B DPV PA . 13.51 5.85 -16.78
H8 DPV PA . 10.73 2.61 -17.19
H8A DPV PA . 11.78 2.70 -15.73
H8B DPV PA . 12.50 2.30 -17.32
H15 DPV PA . 10.60 -4.02 -19.77
H15A DPV PA . 11.61 -3.94 -21.20
H16 DPV PA . 8.81 -5.23 -21.06
H16A DPV PA . 9.82 -5.16 -22.51
H17 DPV PA . 11.50 -6.62 -21.53
H17A DPV PA . 10.81 -6.48 -19.92
H18 DPV PA . 8.75 -7.69 -20.68
H18A DPV PA . 9.42 -7.84 -22.30
H19 DPV PA . 11.33 -9.17 -21.40
H19A DPV PA . 10.72 -9.01 -19.75
H20 DPV PA . 8.94 -10.26 -21.92
H20A DPV PA . 10.23 -11.20 -21.20
H21 DPV PA . 9.30 -10.87 -18.92
H21A DPV PA . 7.99 -9.87 -19.57
H22 DPV PA . 7.09 -11.78 -20.85
H22A DPV PA . 8.47 -12.78 -20.44
H23 DPV PA . 7.81 -12.71 -18.01
H23A DPV PA . 6.55 -13.41 -19.04
H23B DPV PA . 6.38 -11.75 -18.46
N DPV QA . 30.20 -23.57 -15.20
P DPV QA . 27.96 -22.17 -11.33
C1 DPV QA . 27.44 -19.86 -10.14
C2 DPV QA . 26.39 -19.29 -9.15
C3 DPV QA . 25.01 -18.98 -9.80
C4 DPV QA . 29.02 -21.71 -13.72
C5 DPV QA . 29.09 -23.21 -14.16
C6 DPV QA . 31.61 -23.19 -14.70
C7 DPV QA . 29.94 -22.90 -16.56
C8 DPV QA . 30.16 -25.09 -15.40
C15 DPV QA . 23.94 -18.62 -8.73
C16 DPV QA . 22.50 -18.56 -9.33
C17 DPV QA . 21.44 -18.23 -8.24
C18 DPV QA . 20.00 -18.16 -8.83
C19 DPV QA . 18.97 -17.69 -7.75
O1P DPV QA . 27.43 -23.55 -11.31
C20 DPV QA . 17.56 -17.46 -8.37
C21 DPV QA . 16.56 -16.88 -7.32
C22 DPV QA . 15.15 -16.64 -7.94
C23 DPV QA . 14.14 -16.07 -6.91
O2P DPV QA . 29.30 -22.10 -10.70
O3P DPV QA . 26.92 -21.07 -10.78
O4P DPV QA . 27.91 -21.51 -12.80
H1 DPV QA . 27.67 -19.13 -10.92
H1A DPV QA . 28.36 -20.11 -9.60
H2 DPV QA . 26.26 -20.02 -8.34
H2A DPV QA . 26.79 -18.38 -8.70
H3 DPV QA . 24.67 -19.86 -10.36
H3A DPV QA . 25.12 -18.17 -10.51
H4 DPV QA . 29.95 -21.41 -13.22
H4A DPV QA . 28.86 -21.08 -14.59
H5 DPV QA . 29.27 -23.84 -13.27
H5A DPV QA . 28.13 -23.52 -14.58
H6 DPV QA . 31.77 -23.65 -13.72
H6A DPV QA . 31.68 -22.11 -14.62
H6B DPV QA . 32.36 -23.57 -15.41
H7 DPV QA . 28.95 -23.20 -16.91
H7A DPV QA . 30.71 -23.24 -17.27
H7B DPV QA . 30.00 -21.82 -16.45
H8 DPV QA . 29.19 -25.38 -15.79
H8A DPV QA . 30.34 -25.58 -14.44
H8B DPV QA . 30.95 -25.37 -16.12
H15 DPV QA . 24.19 -17.65 -8.30
H15A DPV QA . 23.96 -19.35 -7.92
H16 DPV QA . 22.46 -17.80 -10.12
H16A DPV QA . 22.26 -19.52 -9.79
H17 DPV QA . 21.47 -18.99 -7.45
H17A DPV QA . 21.69 -17.27 -7.78
H18 DPV QA . 19.99 -17.48 -9.67
H18A DPV QA . 19.71 -19.15 -9.20
H19 DPV QA . 18.91 -18.43 -6.95
H19A DPV QA . 19.31 -16.76 -7.31
H20 DPV QA . 17.63 -16.78 -9.21
H20A DPV QA . 17.17 -18.41 -8.75
H21 DPV QA . 16.47 -17.58 -6.48
H21A DPV QA . 16.95 -15.94 -6.93
H22 DPV QA . 15.24 -15.95 -8.79
H22A DPV QA . 14.76 -17.58 -8.33
H23 DPV QA . 14.04 -16.75 -6.06
H23A DPV QA . 13.17 -15.94 -7.38
H23B DPV QA . 14.48 -15.10 -6.54
N DPV RA . 34.95 -21.05 -8.28
P DPV RA . 34.17 -17.18 -11.76
C1 DPV RA . 31.59 -16.73 -11.62
C2 DPV RA . 30.24 -17.32 -12.11
C3 DPV RA . 30.25 -17.58 -13.64
C4 DPV RA . 34.83 -19.12 -10.08
C5 DPV RA . 34.39 -19.64 -8.68
C6 DPV RA . 34.39 -21.39 -6.90
C7 DPV RA . 36.48 -21.06 -8.19
C8 DPV RA . 34.48 -22.15 -9.26
C15 DPV RA . 28.86 -17.97 -14.19
C16 DPV RA . 28.92 -18.15 -15.73
C17 DPV RA . 27.59 -18.71 -16.35
C18 DPV RA . 26.37 -17.71 -16.38
C19 DPV RA . 26.63 -16.42 -17.23
O1P DPV RA . 34.36 -15.72 -11.72
C20 DPV RA . 25.30 -15.80 -17.76
C21 DPV RA . 25.55 -14.45 -18.47
C22 DPV RA . 24.29 -13.89 -19.20
C23 DPV RA . 23.20 -13.36 -18.24
O2P DPV RA . 35.10 -17.83 -12.70
O3P DPV RA . 32.65 -17.64 -11.98
O4P DPV RA . 34.16 -17.85 -10.31
H1 DPV RA . 31.76 -15.77 -12.11
H1A DPV RA . 31.57 -16.60 -10.54
H2 DPV RA . 30.05 -18.26 -11.58
H2A DPV RA . 29.44 -16.62 -11.86
H3 DPV RA . 30.97 -18.38 -13.87
H3A DPV RA . 30.59 -16.68 -14.16
H4 DPV RA . 35.91 -18.96 -10.12
H4A DPV RA . 34.53 -19.82 -10.87
H5 DPV RA . 34.71 -18.95 -7.91
H5A DPV RA . 33.30 -19.71 -8.65
H6 DPV RA . 34.79 -22.36 -6.57
H6A DPV RA . 33.29 -21.44 -6.96
H6B DPV RA . 34.68 -20.61 -6.21
H7 DPV RA . 36.90 -20.85 -9.19
H7A DPV RA . 36.81 -22.03 -7.85
H7B DPV RA . 36.80 -20.27 -7.49
H8 DPV RA . 34.90 -21.96 -10.25
H8A DPV RA . 33.39 -22.15 -9.30
H8B DPV RA . 34.84 -23.13 -8.89
H15 DPV RA . 28.14 -17.20 -13.95
H15A DPV RA . 28.53 -18.89 -13.71
H16 DPV RA . 29.18 -17.20 -16.20
H16A DPV RA . 29.72 -18.85 -15.96
H17 DPV RA . 27.79 -19.03 -17.38
H17A DPV RA . 27.29 -19.61 -15.80
H18 DPV RA . 25.52 -18.26 -16.79
H18A DPV RA . 26.10 -17.43 -15.36
H19 DPV RA . 27.15 -15.70 -16.61
H19A DPV RA . 27.28 -16.66 -18.08
H20 DPV RA . 24.83 -16.50 -18.46
H20A DPV RA . 24.61 -15.66 -16.92
H21 DPV RA . 25.92 -13.71 -17.76
H21A DPV RA . 26.34 -14.58 -19.21
H22 DPV RA . 24.60 -13.08 -19.87
H22A DPV RA . 23.86 -14.66 -19.83
H23 DPV RA . 22.36 -12.96 -18.81
H23A DPV RA . 23.60 -12.56 -17.61
H23B DPV RA . 22.82 -14.15 -17.60
N DPV SA . 31.63 0.18 -3.58
P DPV SA . 33.90 -2.36 -7.57
C1 DPV SA . 33.37 -0.70 -9.55
C2 DPV SA . 32.18 -0.43 -10.51
C3 DPV SA . 32.57 -0.60 -12.01
C4 DPV SA . 32.77 -1.33 -5.44
C5 DPV SA . 31.71 -0.23 -5.09
C6 DPV SA . 31.20 -1.00 -2.70
C7 DPV SA . 30.56 1.28 -3.45
C8 DPV SA . 32.96 0.77 -3.08
C15 DPV SA . 31.35 -0.53 -12.98
C16 DPV SA . 30.60 -1.89 -13.06
C17 DPV SA . 29.46 -1.93 -14.13
C18 DPV SA . 28.16 -1.21 -13.67
C19 DPV SA . 26.96 -1.58 -14.59
O1P DPV SA . 35.23 -1.75 -7.39
C20 DPV SA . 25.63 -0.85 -14.20
C21 DPV SA . 24.99 -1.28 -12.84
C22 DPV SA . 24.39 -2.72 -12.86
C23 DPV SA . 23.75 -3.09 -11.52
O2P DPV SA . 33.89 -3.79 -7.22
O3P DPV SA . 33.26 -2.05 -9.01
O4P DPV SA . 32.73 -1.52 -6.86
H1 DPV SA . 34.33 -0.60 -10.07
H1A DPV SA . 33.34 0.01 -8.73
H2 DPV SA . 31.36 -1.12 -10.25
H2A DPV SA . 31.81 0.58 -10.35
H3 DPV SA . 33.10 -1.54 -12.16
H3A DPV SA . 33.27 0.20 -12.28
H4 DPV SA . 33.77 -1.01 -5.15
H4A DPV SA . 32.53 -2.27 -4.94
H5 DPV SA . 31.95 0.68 -5.65
H5A DPV SA . 30.72 -0.57 -5.39
H6 DPV SA . 31.98 -1.76 -2.71
H6A DPV SA . 30.26 -1.42 -3.09
H6B DPV SA . 31.04 -0.63 -1.67
H7 DPV SA . 30.85 2.14 -4.06
H7A DPV SA . 30.46 1.56 -2.40
H7B DPV SA . 29.61 0.87 -3.82
H8 DPV SA . 33.26 1.58 -3.74
H8A DPV SA . 33.72 -0.01 -3.07
H8B DPV SA . 32.81 1.16 -2.06
H15 DPV SA . 31.71 -0.27 -13.98
H15A DPV SA . 30.66 0.26 -12.67
H16 DPV SA . 31.32 -2.68 -13.32
H16A DPV SA . 30.19 -2.15 -12.08
H17 DPV SA . 29.82 -1.51 -15.06
H17A DPV SA . 29.22 -2.98 -14.32
H18 DPV SA . 27.94 -1.49 -12.63
H18A DPV SA . 28.32 -0.12 -13.68
H19 DPV SA . 27.21 -1.32 -15.62
H19A DPV SA . 26.80 -2.66 -14.56
H20 DPV SA . 25.81 0.23 -14.18
H20A DPV SA . 24.90 -1.02 -15.00
H21 DPV SA . 25.73 -1.21 -12.04
H21A DPV SA . 24.20 -0.57 -12.59
H22 DPV SA . 23.64 -2.79 -13.65
H22A DPV SA . 25.17 -3.44 -13.09
H23 DPV SA . 24.47 -2.98 -10.70
H23A DPV SA . 23.41 -4.13 -11.53
H23B DPV SA . 22.89 -2.46 -11.30
N DPV TA . 15.46 -9.89 18.41
P DPV TA . 18.10 -11.25 14.07
C1 DPV TA . 18.38 -10.46 11.60
C2 DPV TA . 17.18 -10.87 10.71
C3 DPV TA . 17.64 -11.32 9.31
C4 DPV TA . 16.80 -10.78 16.30
C5 DPV TA . 15.86 -9.68 16.90
C6 DPV TA . 14.68 -11.20 18.62
C7 DPV TA . 14.53 -8.72 18.81
C8 DPV TA . 16.69 -9.85 19.33
C15 DPV TA . 16.43 -11.55 8.38
C16 DPV TA . 16.88 -12.01 6.96
C17 DPV TA . 15.67 -12.17 6.01
C18 DPV TA . 16.09 -12.66 4.60
C19 DPV TA . 14.88 -12.76 3.65
O1P DPV TA . 19.49 -11.36 14.55
C20 DPV TA . 15.28 -13.34 2.28
C21 DPV TA . 14.08 -13.35 1.30
C22 DPV TA . 14.48 -13.91 -0.08
C23 DPV TA . 13.29 -13.96 -1.05
O2P DPV TA . 17.51 -12.57 13.74
O3P DPV TA . 17.91 -10.16 12.93
O4P DPV TA . 17.18 -10.33 14.98
H1 DPV TA . 19.13 -11.27 11.65
H1A DPV TA . 18.85 -9.56 11.18
H2 DPV TA . 16.63 -11.69 11.21
H2A DPV TA . 16.50 -10.02 10.63
H3 DPV TA . 18.23 -12.24 9.40
H3A DPV TA . 18.30 -10.55 8.87
H4 DPV TA . 17.70 -10.90 16.91
H4A DPV TA . 16.28 -11.74 16.22
H5 DPV TA . 16.35 -8.71 16.83
H5A DPV TA . 14.92 -9.65 16.33
H6 DPV TA . 15.35 -12.05 18.39
H6A DPV TA . 13.82 -11.21 17.96
H6B DPV TA . 14.37 -11.27 19.67
H7 DPV TA . 15.07 -7.78 18.67
H7A DPV TA . 14.26 -8.84 19.87
H7B DPV TA . 13.64 -8.75 18.18
H8 DPV TA . 16.36 -9.93 20.37
H8A DPV TA . 17.22 -8.91 19.17
H8B DPV TA . 17.35 -10.69 19.09
H15 DPV TA . 15.85 -10.62 8.29
H15A DPV TA . 15.77 -12.31 8.81
H16 DPV TA . 17.56 -11.26 6.55
H16A DPV TA . 17.41 -12.95 7.05
H17 DPV TA . 14.96 -12.89 6.45
H17A DPV TA . 15.14 -11.21 5.92
H18 DPV TA . 16.82 -11.96 4.18
H18A DPV TA . 16.58 -13.63 4.69
H19 DPV TA . 14.11 -13.40 4.11
H19A DPV TA . 14.45 -11.77 3.52
H20 DPV TA . 16.08 -12.75 1.85
H20A DPV TA . 15.65 -14.37 2.41
H21 DPV TA . 13.26 -13.94 1.72
H21A DPV TA . 13.71 -12.32 1.17
H22 DPV TA . 15.27 -13.31 -0.53
H22A DPV TA . 14.87 -14.93 0.04
H23 DPV TA . 12.91 -12.96 -1.23
H23A DPV TA . 12.48 -14.58 -0.63
H23B DPV TA . 13.60 -14.40 -2.00
N DPV UA . 31.18 -28.12 -3.10
P DPV UA . 26.63 -29.17 -1.14
C1 DPV UA . 24.40 -28.07 -0.39
C2 DPV UA . 23.82 -27.33 0.83
C3 DPV UA . 23.77 -25.78 0.62
C4 DPV UA . 29.17 -28.94 -1.59
C5 DPV UA . 30.13 -27.78 -1.98
C6 DPV UA . 30.50 -28.37 -4.46
C7 DPV UA . 32.07 -29.31 -2.72
C8 DPV UA . 32.08 -26.89 -3.25
C15 DPV UA . 22.76 -25.14 1.60
C16 DPV UA . 22.52 -23.64 1.28
C17 DPV UA . 21.28 -23.09 2.04
C18 DPV UA . 20.95 -21.64 1.60
C19 DPV UA . 19.55 -21.17 2.12
O1P DPV UA . 26.22 -29.31 -2.55
C20 DPV UA . 19.13 -19.86 1.41
C21 DPV UA . 17.74 -19.32 1.85
C22 DPV UA . 17.82 -18.39 3.11
C23 DPV UA . 16.50 -17.64 3.34
O2P DPV UA . 26.61 -30.47 -0.43
O3P DPV UA . 25.84 -28.04 -0.35
O4P DPV UA . 28.00 -28.38 -0.95
H1 DPV UA . 24.08 -29.11 -0.34
H1A DPV UA . 24.05 -27.63 -1.32
H2 DPV UA . 22.81 -27.71 1.01
H2A DPV UA . 24.41 -27.56 1.72
H3 DPV UA . 23.46 -25.56 -0.40
H3A DPV UA . 24.76 -25.36 0.77
H4 DPV UA . 28.86 -29.47 -2.49
H4A DPV UA . 29.65 -29.63 -0.90
H5 DPV UA . 29.55 -26.92 -2.34
H5A DPV UA . 30.70 -27.46 -1.09
H6 DPV UA . 29.88 -29.28 -4.38
H6A DPV UA . 31.26 -28.50 -5.23
H6B DPV UA . 29.87 -27.51 -4.70
H7 DPV UA . 31.45 -30.21 -2.64
H7A DPV UA . 32.56 -29.11 -1.77
H7B DPV UA . 32.83 -29.46 -3.51
H8 DPV UA . 32.60 -26.72 -2.32
H8A DPV UA . 31.45 -26.03 -3.50
H8B DPV UA . 32.79 -27.06 -4.07
H15 DPV UA . 23.12 -25.24 2.63
H15A DPV UA . 21.80 -25.67 1.53
H16 DPV UA . 23.41 -23.07 1.56
H16A DPV UA . 22.36 -23.51 0.21
H17 DPV UA . 20.42 -23.73 1.85
H17A DPV UA . 21.47 -23.10 3.12
H18 DPV UA . 21.72 -20.96 1.97
H18A DPV UA . 20.97 -21.58 0.51
H19 DPV UA . 18.81 -21.94 1.91
H19A DPV UA . 19.59 -21.03 3.20
H20 DPV UA . 19.89 -19.10 1.58
H20A DPV UA . 19.09 -20.04 0.33
H21 DPV UA . 17.32 -18.74 1.02
H21A DPV UA . 17.06 -20.15 2.05
H22 DPV UA . 18.07 -18.99 3.99
H22A DPV UA . 18.63 -17.66 2.97
H23 DPV UA . 16.26 -16.99 2.50
H23A DPV UA . 16.57 -17.02 4.24
H23B DPV UA . 15.67 -18.34 3.48
N DPV VA . 24.28 -32.73 -3.84
P DPV VA . 20.87 -30.17 -0.91
C1 DPV VA . 20.14 -27.81 -1.76
C2 DPV VA . 20.43 -26.31 -1.54
C3 DPV VA . 19.75 -25.45 -2.63
C4 DPV VA . 22.89 -31.33 -2.08
C5 DPV VA . 23.53 -31.39 -3.51
C6 DPV VA . 23.33 -33.94 -3.80
C7 DPV VA . 25.47 -32.96 -2.88
C8 DPV VA . 24.83 -32.59 -5.27
C15 DPV VA . 20.00 -23.92 -2.47
C16 DPV VA . 19.15 -23.22 -1.36
C17 DPV VA . 17.62 -23.17 -1.67
C18 DPV VA . 16.85 -22.34 -0.61
C19 DPV VA . 15.32 -22.45 -0.81
O1P DPV VA . 19.60 -30.70 -1.47
C20 DPV VA . 14.51 -21.53 0.15
C21 DPV VA . 14.50 -20.04 -0.31
C22 DPV VA . 13.60 -19.16 0.58
C23 DPV VA . 13.59 -17.71 0.08
O2P DPV VA . 21.24 -30.84 0.35
O3P DPV VA . 20.91 -28.59 -0.81
O4P DPV VA . 22.06 -30.16 -1.98
H1 DPV VA . 19.08 -28.01 -1.60
H1A DPV VA . 20.44 -28.11 -2.77
H2 DPV VA . 20.07 -26.02 -0.54
H2A DPV VA . 21.51 -26.15 -1.57
H3 DPV VA . 18.67 -25.65 -2.64
H3A DPV VA . 20.13 -25.76 -3.61
H4 DPV VA . 22.28 -32.21 -1.90
H4A DPV VA . 23.67 -31.27 -1.31
H5 DPV VA . 22.73 -31.27 -4.26
H5A DPV VA . 24.24 -30.57 -3.63
H6 DPV VA . 23.88 -34.83 -4.16
H6A DPV VA . 22.47 -33.74 -4.44
H6B DPV VA . 23.00 -34.11 -2.76
H7 DPV VA . 26.08 -32.05 -2.85
H7A DPV VA . 26.05 -33.80 -3.23
H7B DPV VA . 25.07 -33.17 -1.88
H8 DPV VA . 25.52 -31.74 -5.30
H8A DPV VA . 24.00 -32.42 -5.96
H8B DPV VA . 25.36 -33.51 -5.53
H15 DPV VA . 19.79 -23.43 -3.42
H15A DPV VA . 21.06 -23.75 -2.27
H16 DPV VA . 19.32 -23.74 -0.40
H16A DPV VA . 19.52 -22.20 -1.23
H17 DPV VA . 17.47 -22.73 -2.66
H17A DPV VA . 17.22 -24.19 -1.70
H18 DPV VA . 17.10 -22.71 0.40
H18A DPV VA . 17.17 -21.30 -0.67
H19 DPV VA . 15.06 -22.20 -1.85
H19A DPV VA . 15.01 -23.48 -0.65
H20 DPV VA . 13.48 -21.90 0.19
H20A DPV VA . 14.91 -21.61 1.17
H21 DPV VA . 15.53 -19.65 -0.30
H21A DPV VA . 14.15 -19.99 -1.34
H22 DPV VA . 12.57 -19.54 0.57
H22A DPV VA . 13.95 -19.19 1.61
H23 DPV VA . 14.60 -17.29 0.11
H23A DPV VA . 12.94 -17.09 0.72
H23B DPV VA . 13.21 -17.65 -0.94
N DPV WA . 18.18 -28.28 6.56
P DPV WA . 13.66 -26.89 6.24
C1 DPV WA . 13.03 -25.89 3.89
C2 DPV WA . 12.22 -24.75 3.24
C3 DPV WA . 12.11 -24.92 1.70
C4 DPV WA . 16.21 -26.53 6.75
C5 DPV WA . 16.97 -27.57 5.87
C6 DPV WA . 17.74 -29.11 7.79
C7 DPV WA . 19.28 -27.28 6.99
C8 DPV WA . 18.80 -29.25 5.55
C15 DPV WA . 11.12 -23.89 1.10
C16 DPV WA . 10.91 -24.11 -0.42
C17 DPV WA . 9.83 -23.17 -1.04
C18 DPV WA . 10.30 -21.69 -1.31
C19 DPV WA . 11.32 -21.59 -2.48
O1P DPV WA . 13.70 -28.24 5.63
C20 DPV WA . 11.49 -20.13 -2.98
C21 DPV WA . 12.64 -19.96 -4.02
C22 DPV WA . 12.26 -20.45 -5.45
C23 DPV WA . 13.41 -20.24 -6.45
O2P DPV WA . 13.17 -26.92 7.63
O3P DPV WA . 12.92 -25.79 5.33
O4P DPV WA . 15.02 -26.07 6.06
H1 DPV WA . 12.64 -26.86 3.56
H1A DPV WA . 14.09 -25.80 3.60
H2 DPV WA . 11.22 -24.75 3.67
H2A DPV WA . 12.69 -23.79 3.48
H3 DPV WA . 11.78 -25.93 1.47
H3A DPV WA . 13.10 -24.78 1.25
H4 DPV WA . 15.91 -26.98 7.71
H4A DPV WA . 16.85 -25.67 6.95
H5 DPV WA . 16.27 -28.36 5.55
H5A DPV WA . 17.36 -27.07 4.98
H6 DPV WA . 18.60 -29.66 8.18
H6A DPV WA . 16.96 -29.81 7.49
H6B DPV WA . 17.36 -28.44 8.56
H7 DPV WA . 20.12 -27.84 7.40
H7A DPV WA . 18.86 -26.61 7.75
H7B DPV WA . 19.58 -26.70 6.11
H8 DPV WA . 19.15 -28.67 4.68
H8A DPV WA . 18.04 -29.96 5.23
H8B DPV WA . 19.64 -29.77 6.01
H15 DPV WA . 11.49 -22.87 1.28
H15A DPV WA . 10.15 -23.98 1.60
H16 DPV WA . 11.87 -23.98 -0.94
H16A DPV WA . 10.60 -25.15 -0.59
H17 DPV WA . 9.48 -23.60 -1.98
H17A DPV WA . 8.96 -23.15 -0.38
H18 DPV WA . 9.41 -21.10 -1.54
H18A DPV WA . 10.73 -21.27 -0.40
H19 DPV WA . 12.28 -21.97 -2.15
H19A DPV WA . 10.99 -22.22 -3.31
H20 DPV WA . 10.55 -19.77 -3.42
H20A DPV WA . 11.70 -19.47 -2.12
H21 DPV WA . 12.91 -18.90 -4.07
H21A DPV WA . 13.53 -20.49 -3.66
H22 DPV WA . 12.02 -21.53 -5.42
H22A DPV WA . 11.37 -19.93 -5.79
H23 DPV WA . 14.31 -20.77 -6.13
H23A DPV WA . 13.64 -19.19 -6.55
H23B DPV WA . 13.12 -20.62 -7.43
N DPV XA . 6.64 -34.07 -7.26
P DPV XA . 3.75 -30.80 -6.57
C1 DPV XA . 5.70 -29.15 -7.05
C2 DPV XA . 7.23 -29.15 -7.18
C3 DPV XA . 7.77 -27.79 -7.73
C4 DPV XA . 4.05 -33.40 -7.09
C5 DPV XA . 5.36 -33.47 -7.96
C6 DPV XA . 6.42 -35.53 -6.82
C7 DPV XA . 7.09 -33.22 -6.05
C8 DPV XA . 7.78 -34.06 -8.29
C15 DPV XA . 9.31 -27.84 -7.86
C16 DPV XA . 9.91 -26.47 -8.28
C17 DPV XA . 11.45 -26.49 -8.17
C18 DPV XA . 12.12 -25.13 -8.54
C19 DPV XA . 13.66 -25.10 -8.26
O1P DPV XA . 3.15 -30.71 -7.92
C20 DPV XA . 14.49 -25.99 -9.22
C21 DPV XA . 16.00 -26.05 -8.80
C22 DPV XA . 16.83 -27.04 -9.66
C23 DPV XA . 16.62 -28.53 -9.26
O2P DPV XA . 2.96 -30.08 -5.56
O3P DPV XA . 5.30 -30.44 -6.53
O4P DPV XA . 4.12 -32.31 -6.13
H1 DPV XA . 5.38 -28.37 -6.35
H1A DPV XA . 5.24 -28.99 -8.02
H2 DPV XA . 7.68 -29.34 -6.20
H2A DPV XA . 7.54 -29.96 -7.84
H3 DPV XA . 7.47 -26.98 -7.05
H3A DPV XA . 7.32 -27.59 -8.71
H4 DPV XA . 3.18 -33.26 -7.73
H4A DPV XA . 3.92 -34.34 -6.54
H5 DPV XA . 5.17 -34.08 -8.83
H5A DPV XA . 5.62 -32.46 -8.30
H6 DPV XA . 7.36 -35.93 -6.41
H6A DPV XA . 6.10 -36.12 -7.68
H6B DPV XA . 5.65 -35.56 -6.05
H7 DPV XA . 7.23 -32.19 -6.38
H7A DPV XA . 8.02 -33.64 -5.65
H7B DPV XA . 6.30 -33.26 -5.29
H8 DPV XA . 7.94 -33.03 -8.62
H8A DPV XA . 7.48 -34.68 -9.14
H8B DPV XA . 8.68 -34.47 -7.82
H15 DPV XA . 9.60 -28.59 -8.59
H15A DPV XA . 9.74 -28.13 -6.89
H16 DPV XA . 9.62 -26.24 -9.31
H16A DPV XA . 9.51 -25.68 -7.65
H17 DPV XA . 11.73 -26.76 -7.14
H17A DPV XA . 11.85 -27.28 -8.82
H18 DPV XA . 11.94 -24.91 -9.60
H18A DPV XA . 11.64 -24.34 -7.96
H19 DPV XA . 14.00 -24.07 -8.33
H19A DPV XA . 13.83 -25.43 -7.22
H20 DPV XA . 14.08 -27.00 -9.24
H20A DPV XA . 14.42 -25.60 -10.24
H21 DPV XA . 16.42 -25.05 -8.90
H21A DPV XA . 16.08 -26.33 -7.74
H22 DPV XA . 16.61 -26.90 -10.72
H22A DPV XA . 17.89 -26.81 -9.52
H23 DPV XA . 15.58 -28.83 -9.43
H23A DPV XA . 16.86 -28.70 -8.21
H23B DPV XA . 17.25 -29.18 -9.87
N DPV YA . 24.52 -25.92 -19.42
P DPV YA . 23.32 -27.14 -14.56
C1 DPV YA . 21.79 -26.67 -12.52
C2 DPV YA . 20.89 -25.57 -11.92
C3 DPV YA . 20.75 -25.76 -10.39
C4 DPV YA . 24.27 -26.38 -16.83
C5 DPV YA . 23.94 -25.44 -18.03
C6 DPV YA . 23.78 -27.18 -19.91
C7 DPV YA . 26.03 -26.20 -19.38
C8 DPV YA . 24.27 -24.80 -20.44
C15 DPV YA . 20.03 -24.54 -9.75
C16 DPV YA . 20.18 -24.57 -8.20
C17 DPV YA . 19.87 -23.20 -7.54
C18 DPV YA . 18.35 -22.89 -7.33
C19 DPV YA . 17.73 -23.74 -6.18
O1P DPV YA . 22.84 -28.46 -14.98
C20 DPV YA . 16.29 -23.28 -5.86
C21 DPV YA . 15.61 -24.26 -4.88
C22 DPV YA . 14.21 -23.77 -4.44
C23 DPV YA . 13.58 -24.72 -3.43
O2P DPV YA . 24.57 -27.21 -13.79
O3P DPV YA . 22.20 -26.27 -13.85
O4P DPV YA . 23.36 -26.08 -15.75
H1 DPV YA . 22.69 -26.80 -11.91
H1A DPV YA . 21.24 -27.61 -12.58
H2 DPV YA . 21.34 -24.60 -12.14
H2A DPV YA . 19.92 -25.59 -12.39
H3 DPV YA . 21.75 -25.86 -9.95
H3A DPV YA . 20.20 -26.67 -10.18
H4 DPV YA . 24.12 -27.42 -17.12
H4A DPV YA . 25.29 -26.23 -16.50
H5 DPV YA . 22.85 -25.36 -18.15
H5A DPV YA . 24.34 -24.44 -17.84
H6 DPV YA . 22.71 -26.97 -19.97
H6A DPV YA . 23.95 -28.00 -19.20
H6B DPV YA . 24.16 -27.45 -20.89
H7 DPV YA . 26.55 -25.30 -19.01
H7A DPV YA . 26.38 -26.45 -20.38
H7B DPV YA . 26.23 -27.03 -18.69
H8 DPV YA . 24.62 -25.14 -21.41
H8A DPV YA . 24.82 -23.91 -20.12
H8B DPV YA . 23.19 -24.60 -20.47
H15 DPV YA . 18.97 -24.56 -10.01
H15A DPV YA . 20.45 -23.62 -10.14
H16 DPV YA . 19.56 -25.36 -7.78
H16A DPV YA . 21.22 -24.83 -7.95
H17 DPV YA . 20.36 -23.18 -6.57
H17A DPV YA . 20.32 -22.40 -8.12
H18 DPV YA . 18.24 -21.83 -7.11
H18A DPV YA . 17.81 -23.07 -8.27
H19 DPV YA . 17.72 -24.79 -6.47
H19A DPV YA . 18.34 -23.64 -5.29
H20 DPV YA . 16.32 -22.28 -5.42
H20A DPV YA . 15.70 -23.22 -6.78
H21 DPV YA . 15.52 -25.24 -5.35
H21A DPV YA . 16.25 -24.38 -3.99
H22 DPV YA . 14.30 -22.77 -3.99
H22A DPV YA . 13.56 -23.68 -5.32
H23 DPV YA . 12.62 -24.32 -3.10
H23A DPV YA . 14.22 -24.85 -2.56
H23B DPV YA . 13.40 -25.70 -3.88
N DPV ZA . 16.76 9.34 -11.25
P DPV ZA . 20.63 7.68 -13.08
C1 DPV ZA . 19.46 5.32 -13.22
C2 DPV ZA . 19.35 3.99 -12.42
C3 DPV ZA . 20.73 3.27 -12.31
C4 DPV ZA . 19.34 9.59 -11.89
C5 DPV ZA . 18.20 9.85 -10.85
C6 DPV ZA . 16.29 9.91 -12.60
C7 DPV ZA . 15.79 9.85 -10.17
C8 DPV ZA . 16.67 7.81 -11.27
C15 DPV ZA . 20.74 2.11 -11.27
C16 DPV ZA . 22.22 1.76 -10.85
C17 DPV ZA . 22.38 0.38 -10.14
C18 DPV ZA . 21.62 0.26 -8.79
C19 DPV ZA . 21.91 -1.10 -8.08
O1P DPV ZA . 20.11 7.91 -14.44
C20 DPV ZA . 21.12 -1.20 -6.74
C21 DPV ZA . 21.50 -2.47 -5.91
C22 DPV ZA . 20.83 -2.42 -4.51
C23 DPV ZA . 21.29 -3.58 -3.59
O2P DPV ZA . 22.02 8.15 -12.92
O3P DPV ZA . 20.41 6.19 -12.54
O4P DPV ZA . 19.66 8.19 -11.93
H1 DPV ZA . 19.81 5.13 -14.24
H1A DPV ZA . 18.49 5.82 -13.26
H2 DPV ZA . 18.97 4.21 -11.43
H2A DPV ZA . 18.64 3.33 -12.92
H3 DPV ZA . 21.49 4.00 -12.03
H3A DPV ZA . 21.02 2.87 -13.29
H4 DPV ZA . 19.02 9.93 -12.89
H4A DPV ZA . 20.23 10.14 -11.60
H5 DPV ZA . 18.45 9.38 -9.90
H5A DPV ZA . 18.10 10.93 -10.68
H6 DPV ZA . 16.94 9.50 -13.39
H6A DPV ZA . 16.36 10.99 -12.57
H6B DPV ZA . 15.27 9.59 -12.79
H7 DPV ZA . 14.79 9.46 -10.39
H7A DPV ZA . 15.78 10.93 -10.17
H7B DPV ZA . 16.12 9.47 -9.20
H8 DPV ZA . 17.00 7.42 -10.31
H8A DPV ZA . 17.33 7.43 -12.06
H8B DPV ZA . 15.65 7.51 -11.48
H15 DPV ZA . 20.26 1.23 -11.71
H15A DPV ZA . 20.17 2.40 -10.39
H16 DPV ZA . 22.84 1.75 -11.74
H16A DPV ZA . 22.59 2.55 -10.20
H17 DPV ZA . 22.04 -0.40 -10.81
H17A DPV ZA . 23.44 0.22 -9.97
H18 DPV ZA . 21.92 1.08 -8.13
H18A DPV ZA . 20.55 0.35 -8.96
H19 DPV ZA . 21.63 -1.92 -8.74
H19A DPV ZA . 22.98 -1.19 -7.88
H20 DPV ZA . 21.32 -0.31 -6.14
H20A DPV ZA . 20.05 -1.21 -6.95
H21 DPV ZA . 21.18 -3.36 -6.45
H21A DPV ZA . 22.59 -2.51 -5.80
H22 DPV ZA . 21.10 -1.48 -4.01
H22A DPV ZA . 19.75 -2.45 -4.61
H23 DPV ZA . 20.92 -4.54 -3.97
H23A DPV ZA . 20.88 -3.45 -2.59
H23B DPV ZA . 22.37 -3.63 -3.51
N DPV AB . 21.50 6.54 -8.91
P DPV AB . 16.52 6.25 -7.43
C1 DPV AB . 15.34 3.95 -6.99
C2 DPV AB . 14.46 2.90 -7.70
C3 DPV AB . 14.16 1.70 -6.78
C4 DPV AB . 18.94 6.62 -8.26
C5 DPV AB . 20.02 6.05 -9.22
C6 DPV AB . 21.64 8.07 -9.05
C7 DPV AB . 22.43 5.90 -9.96
C8 DPV AB . 21.95 6.06 -7.53
C15 DPV AB . 13.22 0.68 -7.48
C16 DPV AB . 12.84 -0.48 -6.52
C17 DPV AB . 11.63 -1.28 -7.06
C18 DPV AB . 11.30 -2.53 -6.20
C19 DPV AB . 12.17 -3.76 -6.58
O1P DPV AB . 16.90 6.16 -5.99
C20 DPV AB . 11.74 -5.03 -5.82
C21 DPV AB . 12.54 -6.26 -6.30
C22 DPV AB . 12.13 -7.55 -5.56
C23 DPV AB . 12.83 -8.78 -6.16
O2P DPV AB . 15.87 7.52 -7.75
O3P DPV AB . 15.71 4.96 -7.94
O4P DPV AB . 17.71 5.87 -8.40
H1 DPV AB . 14.79 4.41 -6.16
H1A DPV AB . 16.25 3.47 -6.60
H2 DPV AB . 13.53 3.37 -8.00
H2A DPV AB . 14.97 2.55 -8.59
H3 DPV AB . 13.68 2.06 -5.86
H3A DPV AB . 15.09 1.20 -6.49
H4 DPV AB . 19.27 6.55 -7.21
H4A DPV AB . 18.75 7.67 -8.50
H5 DPV AB . 20.03 4.96 -9.14
H5A DPV AB . 19.79 6.33 -10.24
H6 DPV AB . 21.33 8.37 -10.04
H6A DPV AB . 22.68 8.34 -8.88
H6B DPV AB . 21.01 8.55 -8.29
H7 DPV AB . 22.33 4.81 -9.90
H7A DPV AB . 23.46 6.19 -9.74
H7B DPV AB . 22.14 6.25 -10.95
H8 DPV AB . 21.39 6.59 -6.76
H8A DPV AB . 23.02 6.27 -7.41
H8B DPV AB . 21.78 4.98 -7.45
H15 DPV AB . 13.71 0.27 -8.36
H15A DPV AB . 12.32 1.19 -7.81
H16 DPV AB . 13.70 -1.14 -6.39
H16A DPV AB . 12.58 -0.08 -5.52
H17 DPV AB . 10.75 -0.64 -7.07
H17A DPV AB . 11.81 -1.58 -8.10
H18 DPV AB . 11.42 -2.30 -5.14
H18A DPV AB . 10.25 -2.79 -6.36
H19 DPV AB . 12.08 -3.94 -7.67
H19A DPV AB . 13.22 -3.54 -6.37
H20 DPV AB . 11.90 -4.89 -4.74
H20A DPV AB . 10.67 -5.21 -5.98
H21 DPV AB . 12.38 -6.40 -7.38
H21A DPV AB . 13.61 -6.08 -6.15
H22 DPV AB . 12.40 -7.46 -4.50
H22A DPV AB . 11.05 -7.69 -5.62
H23 DPV AB . 12.54 -8.92 -7.20
H23A DPV AB . 12.56 -9.68 -5.60
H23B DPV AB . 13.92 -8.66 -6.12
N DPV BB . -1.91 -1.55 -18.24
P DPV BB . -2.02 -0.59 -13.96
C1 DPV BB . 0.54 -1.10 -13.79
C2 DPV BB . 1.87 -0.40 -13.44
C3 DPV BB . 2.22 0.74 -14.44
C4 DPV BB . -2.79 0.10 -16.35
C5 DPV BB . -2.28 -0.08 -17.81
C6 DPV BB . -0.68 -2.08 -17.49
C7 DPV BB . -1.57 -1.51 -19.74
C8 DPV BB . -3.10 -2.54 -18.04
C15 DPV BB . 3.42 1.56 -13.91
C16 DPV BB . 3.79 2.76 -14.82
C17 DPV BB . 4.94 3.62 -14.20
C18 DPV BB . 6.35 2.98 -14.39
C19 DPV BB . 7.46 3.88 -13.79
O1P DPV BB . -3.07 0.18 -13.26
C20 DPV BB . 8.85 3.17 -13.73
C21 DPV BB . 8.95 2.14 -12.55
C22 DPV BB . 10.41 1.65 -12.36
C23 DPV BB . 10.50 0.61 -11.22
O2P DPV BB . -2.28 -2.04 -13.92
O3P DPV BB . -0.55 -0.18 -13.50
O4P DPV BB . -1.70 -0.05 -15.42
H1 DPV BB . 0.52 -1.37 -14.84
H1A DPV BB . 0.41 -2.00 -13.17
H2 DPV BB . 1.80 0.00 -12.43
H2A DPV BB . 2.67 -1.14 -13.44
H3 DPV BB . 1.35 1.40 -14.56
H3A DPV BB . 2.46 0.32 -15.42
H4 DPV BB . -3.21 1.10 -16.22
H4A DPV BB . -3.56 -0.64 -16.12
H5 DPV BB . -3.05 0.27 -18.50
H5A DPV BB . -1.38 0.52 -17.94
H6 DPV BB . -0.93 -2.19 -16.43
H6A DPV BB . 0.14 -1.38 -17.62
H6B DPV BB . -0.40 -3.06 -17.91
H7 DPV BB . -2.44 -1.14 -20.29
H7A DPV BB . -1.30 -2.52 -20.08
H7B DPV BB . -0.71 -0.84 -19.89
H8 DPV BB . -3.98 -2.12 -18.53
H8A DPV BB . -3.28 -2.66 -16.97
H8B DPV BB . -2.84 -3.50 -18.49
H15 DPV BB . 4.28 0.89 -13.83
H15A DPV BB . 3.18 1.93 -12.91
H16 DPV BB . 4.07 2.41 -15.81
H16A DPV BB . 2.90 3.40 -14.94
H17 DPV BB . 4.92 4.60 -14.67
H17A DPV BB . 4.75 3.78 -13.13
H18 DPV BB . 6.36 2.00 -13.90
H18A DPV BB . 6.54 2.82 -15.45
H19 DPV BB . 7.56 4.78 -14.40
H19A DPV BB . 7.18 4.21 -12.79
H20 DPV BB . 9.06 2.67 -14.68
H20A DPV BB . 9.62 3.93 -13.59
H21 DPV BB . 8.60 2.61 -11.63
H21A DPV BB . 8.30 1.29 -12.77
H22 DPV BB . 10.78 1.20 -13.28
H22A DPV BB . 11.05 2.50 -12.11
H23 DPV BB . 9.93 -0.28 -11.47
H23A DPV BB . 10.09 1.02 -10.29
H23B DPV BB . 11.53 0.33 -11.04
N DPV CB . 12.31 8.53 -6.14
P DPV CB . 9.36 7.09 -9.60
C1 DPV CB . 10.37 4.70 -9.31
C2 DPV CB . 10.16 3.44 -8.44
C3 DPV CB . 10.46 3.71 -6.95
C4 DPV CB . 10.37 8.80 -7.93
C5 DPV CB . 10.83 8.94 -6.44
C6 DPV CB . 13.32 9.45 -6.86
C7 DPV CB . 12.61 7.05 -6.50
C8 DPV CB . 12.52 8.69 -4.63
C15 DPV CB . 10.03 2.49 -6.07
C16 DPV CB . 10.56 2.59 -4.62
C17 DPV CB . 10.11 1.37 -3.78
C18 DPV CB . 10.61 1.44 -2.31
C19 DPV CB . 10.00 0.30 -1.46
O1P DPV CB . 8.05 7.73 -9.88
C20 DPV CB . 10.41 0.41 0.04
C21 DPV CB . 9.81 -0.73 0.89
C22 DPV CB . 10.21 -0.59 2.38
C23 DPV CB . 9.69 -1.78 3.23
O2P DPV CB . 10.31 7.30 -10.70
O3P DPV CB . 9.22 5.57 -9.14
O4P DPV CB . 9.94 7.45 -8.16
H1 DPV CB . 11.28 5.22 -9.00
H1A DPV CB . 10.44 4.42 -10.37
H2 DPV CB . 9.13 3.09 -8.57
H2A DPV CB . 10.81 2.65 -8.81
H3 DPV CB . 9.92 4.60 -6.60
H3A DPV CB . 11.53 3.90 -6.82
H4 DPV CB . 9.53 9.46 -8.11
H4A DPV CB . 11.18 9.04 -8.62
H5 DPV CB . 10.71 9.98 -6.13
H5A DPV CB . 10.18 8.32 -5.81
H6 DPV CB . 13.23 9.29 -7.93
H6A DPV CB . 14.33 9.19 -6.52
H6B DPV CB . 13.10 10.49 -6.60
H7 DPV CB . 11.90 6.41 -5.97
H7A DPV CB . 13.64 6.83 -6.20
H7B DPV CB . 12.50 6.93 -7.59
H8 DPV CB . 12.35 9.74 -4.36
H8A DPV CB . 13.54 8.40 -4.39
H8B DPV CB . 11.81 8.04 -4.10
H15 DPV CB . 10.41 1.57 -6.52
H15A DPV CB . 8.95 2.43 -6.06
H16 DPV CB . 11.66 2.65 -4.63
H16A DPV CB . 10.21 3.51 -4.16
H17 DPV CB . 9.01 1.33 -3.79
H17A DPV CB . 10.47 0.46 -4.25
H18 DPV CB . 11.70 1.37 -2.30
H18A DPV CB . 10.33 2.40 -1.87
H19 DPV CB . 8.91 0.32 -1.54
H19A DPV CB . 10.33 -0.67 -1.85
H20 DPV CB . 11.50 0.38 0.11
H20A DPV CB . 10.09 1.37 0.42
H21 DPV CB . 8.72 -0.72 0.81
H21A DPV CB . 10.15 -1.70 0.50
H22 DPV CB . 11.30 -0.53 2.47
H22A DPV CB . 9.80 0.34 2.79
H23 DPV CB . 10.13 -2.72 2.87
H23A DPV CB . 8.61 -1.84 3.18
H23B DPV CB . 9.98 -1.65 4.27
N DPV DB . 4.69 -10.89 14.12
P DPV DB . 7.40 -6.74 15.84
C1 DPV DB . 7.36 -4.76 14.12
C2 DPV DB . 7.66 -4.51 12.64
C3 DPV DB . 7.55 -3.00 12.26
C4 DPV DB . 6.17 -8.76 14.67
C5 DPV DB . 4.82 -9.51 14.85
C6 DPV DB . 5.82 -11.87 14.49
C7 DPV DB . 4.68 -10.72 12.59
C8 DPV DB . 3.37 -11.52 14.56
C15 DPV DB . 7.10 -2.82 10.80
C16 DPV DB . 7.41 -1.40 10.25
C17 DPV DB . 6.77 -1.20 8.83
C18 DPV DB . 7.19 0.15 8.18
C19 DPV DB . 8.55 0.06 7.43
O1P DPV DB . 7.13 -5.69 16.86
C20 DPV DB . 8.83 1.35 6.63
C21 DPV DB . 10.26 1.36 6.03
C22 DPV DB . 10.53 2.64 5.21
C23 DPV DB . 11.97 2.69 4.69
O2P DPV DB . 8.50 -7.63 16.25
O3P DPV DB . 7.57 -6.17 14.36
O4P DPV DB . 6.07 -7.51 15.40
H1 DPV DB . 8.03 -4.18 14.75
H1A DPV DB . 6.32 -4.51 14.35
H2 DPV DB . 8.65 -4.87 12.40
H2A DPV DB . 6.95 -5.09 12.03
H3 DPV DB . 8.53 -2.54 12.42
H3A DPV DB . 6.85 -2.49 12.91
H4 DPV DB . 6.99 -9.35 15.08
H4A DPV DB . 6.36 -8.54 13.61
H5 DPV DB . 4.67 -9.71 15.92
H5A DPV DB . 4.00 -8.89 14.50
H6 DPV DB . 6.77 -11.47 14.13
H6A DPV DB . 5.62 -12.84 14.04
H6B DPV DB . 5.85 -11.96 15.58
H7 DPV DB . 5.61 -10.27 12.27
H7A DPV DB . 3.83 -10.08 12.32
H7B DPV DB . 4.55 -11.70 12.13
H8 DPV DB . 2.54 -10.86 14.24
H8A DPV DB . 3.36 -11.61 15.65
H8B DPV DB . 3.26 -12.50 14.09
H15 DPV DB . 6.03 -3.01 10.73
H15A DPV DB . 7.60 -3.56 10.16
H16 DPV DB . 7.02 -0.65 10.93
H16A DPV DB . 8.49 -1.27 10.19
H17 DPV DB . 7.04 -2.03 8.18
H17A DPV DB . 5.69 -1.21 8.94
H18 DPV DB . 6.41 0.44 7.48
H18A DPV DB . 7.23 0.92 8.94
H19 DPV DB . 9.35 -0.11 8.16
H19A DPV DB . 8.55 -0.80 6.75
H20 DPV DB . 8.10 1.44 5.83
H20A DPV DB . 8.72 2.22 7.29
H21 DPV DB . 10.99 1.27 6.84
H21A DPV DB . 10.39 0.48 5.38
H22 DPV DB . 9.84 2.70 4.37
H22A DPV DB . 10.34 3.51 5.84
H23 DPV DB . 12.13 3.60 4.10
H23A DPV DB . 12.17 1.83 4.05
H23B DPV DB . 12.68 2.68 5.52
N DPV EB . -1.92 -15.11 12.51
P DPV EB . 0.94 -11.77 11.48
C1 DPV EB . 2.42 -11.27 9.37
C2 DPV EB . 2.67 -10.16 8.34
C3 DPV EB . 3.91 -10.46 7.47
C4 DPV EB . -1.34 -13.00 11.01
C5 DPV EB . -0.95 -14.45 11.47
C6 DPV EB . -2.01 -14.29 13.82
C7 DPV EB . -1.34 -16.49 12.86
C8 DPV EB . -3.33 -15.30 11.93
C15 DPV EB . 4.31 -9.21 6.63
C16 DPV EB . 5.61 -9.45 5.81
C17 DPV EB . 6.14 -8.13 5.20
C18 DPV EB . 7.41 -8.34 4.35
C19 DPV EB . 7.90 -7.00 3.74
O1P DPV EB . 0.39 -11.07 12.64
C20 DPV EB . 9.13 -7.20 2.81
C21 DPV EB . 9.47 -5.90 2.05
C22 DPV EB . 10.67 -6.10 1.09
C23 DPV EB . 10.92 -4.84 0.24
O2P DPV EB . 1.93 -12.80 11.87
O3P DPV EB . 1.46 -10.77 10.34
O4P DPV EB . -0.18 -12.33 10.47
H1 DPV EB . 2.00 -12.16 8.88
H1A DPV EB . 3.34 -11.53 9.89
H2 DPV EB . 1.79 -10.04 7.71
H2A DPV EB . 2.81 -9.21 8.88
H3 DPV EB . 3.70 -11.30 6.80
H3A DPV EB . 4.76 -10.75 8.11
H4 DPV EB . -2.11 -13.04 10.23
H4A DPV EB . -1.73 -12.41 11.84
H5 DPV EB . -0.92 -15.10 10.59
H5A DPV EB . 0.04 -14.43 11.92
H6 DPV EB . -2.61 -14.86 14.55
H6A DPV EB . -2.48 -13.33 13.62
H6B DPV EB . -1.00 -14.14 14.22
H7 DPV EB . -1.30 -17.10 11.95
H7A DPV EB . -1.97 -16.97 13.61
H7B DPV EB . -0.33 -16.36 13.26
H8 DPV EB . -3.24 -15.86 11.00
H8A DPV EB . -3.77 -14.32 11.75
H8B DPV EB . -3.93 -15.86 12.65
H15 DPV EB . 4.47 -8.36 7.31
H15A DPV EB . 3.50 -8.94 5.97
H16 DPV EB . 6.38 -9.88 6.44
H16A DPV EB . 5.40 -10.17 5.00
H17 DPV EB . 5.36 -7.67 4.58
H17A DPV EB . 6.36 -7.41 6.02
H18 DPV EB . 8.20 -8.77 4.97
H18A DPV EB . 7.20 -9.06 3.55
H19 DPV EB . 7.08 -6.55 3.17
H19A DPV EB . 8.16 -6.30 4.54
H20 DPV EB . 9.99 -7.51 3.41
H20A DPV EB . 8.92 -8.00 2.10
H21 DPV EB . 8.59 -5.58 1.48
H21A DPV EB . 9.70 -5.11 2.76
H22 DPV EB . 11.56 -6.34 1.67
H22A DPV EB . 10.47 -6.94 0.43
H23 DPV EB . 11.10 -3.98 0.88
H23A DPV EB . 10.07 -4.63 -0.41
H23B DPV EB . 11.80 -4.99 -0.39
N DPV FB . -5.08 -20.37 0.18
P DPV FB . -3.14 -17.07 2.37
C1 DPV FB . -3.47 -15.71 4.56
C2 DPV FB . -4.23 -15.80 5.91
C3 DPV FB . -3.93 -14.60 6.87
C4 DPV FB . -3.07 -19.58 1.72
C5 DPV FB . -4.10 -20.70 1.36
C6 DPV FB . -4.32 -20.07 -1.13
C7 DPV FB . -6.00 -19.17 0.51
C8 DPV FB . -5.96 -21.59 -0.04
C15 DPV FB . -2.49 -14.64 7.49
C16 DPV FB . -1.53 -13.66 6.77
C17 DPV FB . -0.05 -13.83 7.23
C18 DPV FB . 0.94 -14.00 6.03
C19 DPV FB . 0.89 -15.45 5.43
O1P DPV FB . -1.67 -17.04 2.53
C20 DPV FB . 1.95 -15.64 4.30
C21 DPV FB . 1.87 -17.02 3.59
C22 DPV FB . 2.35 -18.22 4.48
C23 DPV FB . 2.37 -19.54 3.68
O2P DPV FB . -3.60 -16.30 1.20
O3P DPV FB . -3.94 -16.76 3.71
O4P DPV FB . -3.74 -18.54 2.43
H1 DPV FB . -3.66 -14.75 4.07
H1A DPV FB . -2.40 -15.83 4.72
H2 DPV FB . -5.30 -15.82 5.70
H2A DPV FB . -3.98 -16.74 6.41
H3 DPV FB . -4.65 -14.65 7.69
H3A DPV FB . -4.12 -13.65 6.36
H4 DPV FB . -2.29 -19.98 2.38
H4A DPV FB . -2.61 -19.18 0.82
H5 DPV FB . -3.55 -21.60 1.07
H5A DPV FB . -4.71 -20.93 2.24
H6 DPV FB . -3.69 -20.93 -1.37
H6A DPV FB . -3.71 -19.17 -0.99
H6B DPV FB . -5.05 -19.91 -1.93
H7 DPV FB . -6.51 -19.37 1.46
H7A DPV FB . -6.72 -19.05 -0.30
H7B DPV FB . -5.38 -18.27 0.60
H8 DPV FB . -6.53 -21.79 0.87
H8A DPV FB . -5.33 -22.44 -0.28
H8B DPV FB . -6.64 -21.38 -0.88
H15 DPV FB . -2.10 -15.66 7.45
H15A DPV FB . -2.56 -14.37 8.54
H16 DPV FB . -1.61 -13.80 5.69
H16A DPV FB . -1.85 -12.63 6.97
H17 DPV FB . 0.24 -12.93 7.78
H17A DPV FB . 0.06 -14.67 7.91
H18 DPV FB . 0.72 -13.27 5.24
H18A DPV FB . 1.95 -13.80 6.38
H19 DPV FB . 1.07 -16.17 6.23
H19A DPV FB . -0.10 -15.64 5.02
H20 DPV FB . 1.81 -14.86 3.55
H20A DPV FB . 2.96 -15.51 4.72
H21 DPV FB . 0.84 -17.20 3.27
H21A DPV FB . 2.48 -16.99 2.69
H22 DPV FB . 3.35 -18.01 4.86
H22A DPV FB . 1.68 -18.33 5.34
H23 DPV FB . 2.74 -20.35 4.30
H23A DPV FB . 3.02 -19.44 2.81
H23B DPV FB . 1.36 -19.79 3.34
N DPV GB . -6.08 -13.69 -0.37
P DPV GB . -5.42 -16.78 -3.44
C1 DPV GB . -3.58 -15.03 -4.12
C2 DPV GB . -2.19 -14.55 -3.68
C3 DPV GB . -1.83 -13.19 -4.35
C4 DPV GB . -6.78 -16.10 -1.28
C5 DPV GB . -6.99 -14.55 -1.31
C6 DPV GB . -6.16 -14.15 1.10
C7 DPV GB . -6.57 -12.24 -0.43
C8 DPV GB . -4.61 -13.71 -0.82
C15 DPV GB . -0.43 -12.64 -3.90
C16 DPV GB . 0.72 -13.11 -4.84
C17 DPV GB . 2.10 -12.54 -4.37
C18 DPV GB . 3.25 -13.02 -5.30
C19 DPV GB . 4.64 -12.52 -4.83
O1P DPV GB . -5.52 -18.22 -3.78
C20 DPV GB . 5.78 -13.16 -5.69
C21 DPV GB . 7.21 -12.73 -5.24
C22 DPV GB . 7.64 -11.35 -5.81
C23 DPV GB . 9.08 -10.98 -5.41
O2P DPV GB . -6.34 -15.95 -4.27
O3P DPV GB . -3.91 -16.24 -3.39
O4P DPV GB . -5.51 -16.48 -1.87
H1 DPV GB . -4.33 -14.26 -3.88
H1A DPV GB . -3.61 -15.22 -5.20
H2 DPV GB . -2.17 -14.44 -2.59
H2A DPV GB . -1.44 -15.30 -3.94
H3 DPV GB . -2.58 -12.45 -4.07
H3A DPV GB . -1.86 -13.28 -5.43
H4 DPV GB . -6.80 -16.46 -0.25
H4A DPV GB . -7.59 -16.60 -1.83
H5 DPV GB . -6.83 -14.18 -2.33
H5A DPV GB . -8.03 -14.32 -1.04
H6 DPV GB . -5.78 -15.17 1.18
H6A DPV GB . -7.20 -14.12 1.43
H6B DPV GB . -5.55 -13.48 1.72
H7 DPV GB . -7.58 -12.20 -0.02
H7A DPV GB . -6.56 -11.92 -1.48
H7B DPV GB . -5.91 -11.62 0.17
H8 DPV GB . -4.03 -13.03 -0.19
H8A DPV GB . -4.56 -13.38 -1.87
H8B DPV GB . -4.22 -14.73 -0.73
H15 DPV GB . -0.22 -12.94 -2.87
H15A DPV GB . -0.47 -11.56 -3.92
H16 DPV GB . 0.76 -14.20 -4.86
H16A DPV GB . 0.52 -12.77 -5.86
H17 DPV GB . 2.07 -11.45 -4.37
H17A DPV GB . 2.29 -12.87 -3.35
H18 DPV GB . 3.25 -14.11 -5.33
H18A DPV GB . 3.07 -12.66 -6.31
H19 DPV GB . 4.68 -11.43 -4.92
H19A DPV GB . 4.79 -12.79 -3.78
H20 DPV GB . 5.71 -14.25 -5.60
H20A DPV GB . 5.63 -12.93 -6.74
H21 DPV GB . 7.27 -12.72 -4.14
H21A DPV GB . 7.92 -13.49 -5.59
H22 DPV GB . 7.57 -11.37 -6.91
H22A DPV GB . 6.95 -10.57 -5.45
H23 DPV GB . 9.78 -11.73 -5.74
H23A DPV GB . 9.16 -10.89 -4.32
H23B DPV GB . 9.36 -10.03 -5.85
N DPV HB . -3.64 -17.39 -19.43
P DPV HB . -4.46 -13.91 -16.20
C1 DPV HB . -6.46 -13.90 -14.47
C2 DPV HB . -7.08 -12.49 -14.67
C3 DPV HB . -7.65 -11.90 -13.34
C4 DPV HB . -3.01 -15.62 -17.53
C5 DPV HB . -3.00 -17.12 -18.02
C6 DPV HB . -5.12 -16.98 -19.47
C7 DPV HB . -3.56 -18.90 -19.69
C8 DPV HB . -2.85 -16.68 -20.55
C15 DPV HB . -6.55 -11.36 -12.39
C16 DPV HB . -7.18 -10.71 -11.10
C17 DPV HB . -6.10 -10.09 -10.16
C18 DPV HB . -5.59 -8.70 -10.66
C19 DPV HB . -4.41 -8.12 -9.80
O1P DPV HB . -3.52 -13.71 -15.07
C20 DPV HB . -3.06 -8.88 -10.05
C21 DPV HB . -1.84 -8.05 -9.56
C22 DPV HB . -0.53 -8.87 -9.72
C23 DPV HB . 0.71 -8.01 -9.41
O2P DPV HB . -4.46 -12.77 -17.13
O3P DPV HB . -5.92 -14.40 -15.74
O4P DPV HB . -4.28 -15.33 -16.92
H1 DPV HB . -5.66 -13.88 -13.74
H1A DPV HB . -7.23 -14.60 -14.14
H2 DPV HB . -6.32 -11.81 -15.08
H2A DPV HB . -7.88 -12.56 -15.41
H3 DPV HB . -8.25 -12.66 -12.83
H3A DPV HB . -8.33 -11.08 -13.60
H4 DPV HB . -2.22 -15.48 -16.78
H4A DPV HB . -2.85 -14.94 -18.37
H5 DPV HB . -1.96 -17.47 -18.06
H5A DPV HB . -3.53 -17.75 -17.29
H6 DPV HB . -5.19 -15.89 -19.33
H6A DPV HB . -5.66 -17.48 -18.67
H6B DPV HB . -5.54 -17.24 -20.45
H7 DPV HB . -2.51 -19.20 -19.70
H7A DPV HB . -4.02 -19.13 -20.66
H7B DPV HB . -4.09 -19.43 -18.89
H8 DPV HB . -2.93 -15.60 -20.41
H8A DPV HB . -3.28 -16.97 -21.51
H8B DPV HB . -1.81 -16.99 -20.49
H15 DPV HB . -5.96 -10.61 -12.91
H15A DPV HB . -5.88 -12.16 -12.09
H16 DPV HB . -7.91 -9.94 -11.39
H16A DPV HB . -7.72 -11.48 -10.55
H17 DPV HB . -6.55 -9.95 -9.16
H17A DPV HB . -5.27 -10.78 -10.03
H18 DPV HB . -5.26 -8.77 -11.69
H18A DPV HB . -6.42 -7.98 -10.62
H19 DPV HB . -4.28 -7.07 -10.06
H19A DPV HB . -4.67 -8.16 -8.74
H20 DPV HB . -3.09 -9.84 -9.52
H20A DPV HB . -2.96 -9.08 -11.11
H21 DPV HB . -1.78 -7.13 -10.14
H21A DPV HB . -1.97 -7.78 -8.51
H22 DPV HB . -0.54 -9.74 -9.05
H22A DPV HB . -0.44 -9.25 -10.75
H23 DPV HB . 0.76 -7.14 -10.08
H23A DPV HB . 1.62 -8.59 -9.54
H23B DPV HB . 0.68 -7.65 -8.38
N DPV IB . 32.46 -9.73 3.39
P DPV IB . 33.97 -14.65 4.38
C1 DPV IB . 32.00 -16.09 3.41
C2 DPV IB . 30.54 -16.45 3.73
C3 DPV IB . 29.59 -15.21 3.67
C4 DPV IB . 32.85 -12.29 3.99
C5 DPV IB . 33.01 -11.14 2.94
C6 DPV IB . 33.11 -9.23 4.69
C7 DPV IB . 30.93 -9.75 3.54
C8 DPV IB . 32.80 -8.73 2.27
C15 DPV IB . 28.35 -15.40 4.58
C16 DPV IB . 27.24 -14.36 4.24
C17 DPV IB . 26.14 -14.32 5.34
C18 DPV IB . 24.79 -13.69 4.86
C19 DPV IB . 24.89 -12.17 4.47
O1P DPV IB . 34.93 -15.55 3.72
C20 DPV IB . 24.70 -11.96 2.94
C21 DPV IB . 24.77 -10.45 2.56
C22 DPV IB . 24.58 -10.19 1.03
C23 DPV IB . 23.12 -10.39 0.55
O2P DPV IB . 34.49 -14.18 5.68
O3P DPV IB . 32.50 -15.26 4.49
O4P DPV IB . 33.47 -13.47 3.43
H1 DPV IB . 32.61 -17.00 3.36
H1A DPV IB . 32.06 -15.54 2.47
H2 DPV IB . 30.19 -17.22 3.03
H2A DPV IB . 30.50 -16.90 4.72
H3 DPV IB . 29.28 -15.08 2.63
H3A DPV IB . 30.13 -14.31 3.98
H4 DPV IB . 33.37 -12.03 4.92
H4A DPV IB . 31.80 -12.50 4.20
H5 DPV IB . 34.06 -11.01 2.71
H5A DPV IB . 32.47 -11.42 2.03
H6 DPV IB . 32.77 -8.22 4.90
H6A DPV IB . 34.20 -9.24 4.57
H6B DPV IB . 32.83 -9.90 5.51
H7 DPV IB . 30.48 -10.05 2.60
H7A DPV IB . 30.58 -8.74 3.81
H7B DPV IB . 30.65 -10.45 4.33
H8 DPV IB . 32.43 -7.74 2.55
H8A DPV IB . 32.33 -9.05 1.34
H8B DPV IB . 33.89 -8.70 2.15
H15 DPV IB . 28.66 -15.29 5.62
H15A DPV IB . 27.94 -16.40 4.46
H16 DPV IB . 27.68 -13.37 4.15
H16A DPV IB . 26.79 -14.62 3.28
H17 DPV IB . 25.92 -15.33 5.68
H17A DPV IB . 26.50 -13.76 6.20
H18 DPV IB . 24.39 -14.28 4.02
H18A DPV IB . 24.06 -13.78 5.67
H19 DPV IB . 24.11 -11.62 5.01
H19A DPV IB . 25.85 -11.76 4.79
H20 DPV IB . 25.47 -12.50 2.39
H20A DPV IB . 23.73 -12.35 2.64
H21 DPV IB . 24.03 -9.89 3.13
H21A DPV IB . 25.75 -10.06 2.85
H22 DPV IB . 24.87 -9.16 0.81
H22A DPV IB . 25.24 -10.84 0.46
H23 DPV IB . 23.03 -10.13 -0.51
H23A DPV IB . 22.43 -9.76 1.12
H23B DPV IB . 22.81 -11.44 0.67
N DPV JB . 35.11 -14.23 -8.08
P DPV JB . 32.39 -16.93 -5.48
C1 DPV JB . 29.91 -17.70 -5.20
C2 DPV JB . 28.54 -17.59 -5.90
C3 DPV JB . 27.38 -17.70 -4.88
C4 DPV JB . 33.23 -16.09 -7.82
C5 DPV JB . 33.70 -14.76 -8.48
C6 DPV JB . 35.18 -13.86 -6.59
C7 DPV JB . 35.37 -12.95 -8.89
C8 DPV JB . 36.22 -15.24 -8.44
C15 DPV JB . 26.00 -17.50 -5.55
C16 DPV JB . 24.90 -17.26 -4.50
C17 DPV JB . 23.52 -17.00 -5.15
C18 DPV JB . 22.63 -16.06 -4.29
C19 DPV JB . 21.19 -15.98 -4.84
O1P DPV JB . 33.28 -18.10 -5.66
C20 DPV JB . 20.40 -14.79 -4.23
C21 DPV JB . 18.95 -14.73 -4.77
C22 DPV JB . 18.15 -13.58 -4.13
C23 DPV JB . 16.77 -13.42 -4.80
O2P DPV JB . 32.39 -16.45 -4.09
O3P DPV JB . 30.93 -17.17 -6.08
O4P DPV JB . 32.64 -15.77 -6.54
H1 DPV JB . 29.91 -17.11 -4.27
H1A DPV JB . 30.15 -18.75 -4.97
H2 DPV JB . 28.48 -16.63 -6.41
H2A DPV JB . 28.46 -18.38 -6.66
H3 DPV JB . 27.52 -16.94 -4.10
H3A DPV JB . 27.42 -18.68 -4.38
H4 DPV JB . 32.47 -16.57 -8.43
H4A DPV JB . 34.07 -16.76 -7.67
H5 DPV JB . 33.72 -14.91 -9.57
H5A DPV JB . 32.98 -13.97 -8.27
H6 DPV JB . 35.05 -14.77 -5.99
H6A DPV JB . 34.37 -13.15 -6.37
H6B DPV JB . 36.14 -13.41 -6.37
H7 DPV JB . 36.35 -12.54 -8.62
H7A DPV JB . 34.58 -12.23 -8.67
H7B DPV JB . 35.34 -13.20 -9.97
H8 DPV JB . 36.12 -15.52 -9.48
H8A DPV JB . 36.12 -16.12 -7.79
H8B DPV JB . 37.20 -14.77 -8.26
H15 DPV JB . 25.76 -18.38 -6.15
H15A DPV JB . 26.05 -16.65 -6.23
H16 DPV JB . 24.83 -18.11 -3.81
H16A DPV JB . 25.18 -16.38 -3.90
H17 DPV JB . 23.64 -16.56 -6.14
H17A DPV JB . 23.01 -17.97 -5.30
H18 DPV JB . 22.60 -16.41 -3.25
H18A DPV JB . 23.08 -15.07 -4.29
H19 DPV JB . 21.22 -15.87 -5.93
H19A DPV JB . 20.66 -16.91 -4.62
H20 DPV JB . 20.40 -14.88 -3.15
H20A DPV JB . 20.92 -13.85 -4.48
H21 DPV JB . 18.97 -14.60 -5.85
H21A DPV JB . 18.45 -15.69 -4.55
H22 DPV JB . 18.00 -13.79 -3.06
H22A DPV JB . 18.70 -12.65 -4.21
H23 DPV JB . 16.88 -12.98 -5.80
H23A DPV JB . 16.13 -12.77 -4.21
H23B DPV JB . 16.27 -14.38 -4.89
N DPV KB . 30.41 -26.27 -9.68
P DPV KB . 31.53 -24.06 -5.74
C1 DPV KB . 30.24 -21.96 -6.71
C2 DPV KB . 28.79 -22.48 -6.92
C3 DPV KB . 27.78 -21.73 -6.01
C4 DPV KB . 32.00 -25.88 -7.58
C5 DPV KB . 31.27 -26.91 -8.52
C6 DPV KB . 29.87 -27.43 -10.52
C7 DPV KB . 31.23 -25.34 -10.59
C8 DPV KB . 29.21 -25.50 -9.12
C15 DPV KB . 26.32 -22.21 -6.24
C16 DPV KB . 25.36 -21.54 -5.23
C17 DPV KB . 23.86 -21.74 -5.59
C18 DPV KB . 22.95 -21.06 -4.54
C19 DPV KB . 21.45 -21.10 -4.92
O1P DPV KB . 30.67 -23.88 -4.54
C20 DPV KB . 20.59 -20.23 -3.95
C21 DPV KB . 19.09 -20.31 -4.31
C22 DPV KB . 18.24 -19.41 -3.36
C23 DPV KB . 16.73 -19.51 -3.67
O2P DPV KB . 32.96 -24.10 -5.38
O3P DPV KB . 31.19 -23.04 -6.94
O4P DPV KB . 31.06 -25.29 -6.65
H1 DPV KB . 30.44 -21.15 -7.41
H1A DPV KB . 30.37 -21.58 -5.69
H2 DPV KB . 28.51 -22.35 -7.97
H2A DPV KB . 28.74 -23.55 -6.70
H3 DPV KB . 27.84 -20.65 -6.22
H3A DPV KB . 28.06 -21.89 -4.96
H4 DPV KB . 32.76 -26.41 -6.99
H4A DPV KB . 32.49 -25.10 -8.16
H5 DPV KB . 32.02 -27.54 -9.00
H5A DPV KB . 30.60 -27.54 -7.92
H6 DPV KB . 29.27 -27.03 -11.34
H6A DPV KB . 29.26 -28.08 -9.88
H6B DPV KB . 30.71 -28.00 -10.92
H7 DPV KB . 31.52 -24.45 -10.02
H7A DPV KB . 30.60 -25.05 -11.44
H7B DPV KB . 32.11 -25.88 -10.94
H8 DPV KB . 29.58 -24.61 -8.60
H8A DPV KB . 28.66 -26.13 -8.44
H8B DPV KB . 28.57 -25.19 -9.95
H15 DPV KB . 26.26 -23.30 -6.12
H15A DPV KB . 26.01 -21.97 -7.26
H16 DPV KB . 25.54 -21.97 -4.24
H16A DPV KB . 25.57 -20.48 -5.17
H17 DPV KB . 23.66 -21.31 -6.58
H17A DPV KB . 23.63 -22.81 -5.64
H18 DPV KB . 23.08 -21.57 -3.58
H18A DPV KB . 23.27 -20.02 -4.40
H19 DPV KB . 21.33 -20.74 -5.95
H19A DPV KB . 21.11 -22.13 -4.88
H20 DPV KB . 20.74 -20.58 -2.93
H20A DPV KB . 20.93 -19.20 -4.00
H21 DPV KB . 18.94 -20.00 -5.33
H21A DPV KB . 18.74 -21.34 -4.22
H22 DPV KB . 18.41 -19.70 -2.32
H22A DPV KB . 18.56 -18.36 -3.46
H23 DPV KB . 16.53 -19.21 -4.71
H23A DPV KB . 16.17 -18.84 -3.01
H23B DPV KB . 16.38 -20.52 -3.52
N DPV LB . -6.84 -15.13 -8.19
P DPV LB . -6.27 -10.51 -5.81
C1 DPV LB . -4.03 -9.17 -5.75
C2 DPV LB . -2.53 -9.50 -5.87
C3 DPV LB . -1.61 -8.33 -5.43
C4 DPV LB . -6.22 -12.89 -6.92
C5 DPV LB . -6.60 -13.57 -8.27
C6 DPV LB . -5.60 -15.88 -7.66
C7 DPV LB . -7.12 -15.63 -9.62
C8 DPV LB . -8.05 -15.47 -7.32
C15 DPV LB . -0.12 -8.79 -5.45
C16 DPV LB . 0.88 -7.64 -5.10
C17 DPV LB . 2.32 -8.19 -5.00
C18 DPV LB . 3.36 -7.09 -4.65
C19 DPV LB . 4.74 -7.70 -4.32
O1P DPV LB . -7.10 -9.28 -5.88
C20 DPV LB . 5.85 -6.62 -4.15
C21 DPV LB . 7.17 -7.25 -3.64
C22 DPV LB . 8.34 -6.23 -3.58
C23 DPV LB . 9.56 -6.81 -2.86
O2P DPV LB . -6.40 -11.18 -4.49
O3P DPV LB . -4.76 -10.30 -6.27
O4P DPV LB . -6.52 -11.48 -7.05
H1 DPV LB . -4.30 -9.01 -4.70
H1A DPV LB . -4.28 -8.28 -6.33
H2 DPV LB . -2.32 -10.38 -5.26
H2A DPV LB . -2.30 -9.77 -6.91
H3 DPV LB . -1.87 -8.01 -4.43
H3A DPV LB . -1.73 -7.48 -6.10
H4 DPV LB . -6.81 -13.30 -6.10
H4A DPV LB . -5.16 -13.01 -6.71
H5 DPV LB . -7.53 -13.14 -8.66
H5A DPV LB . -5.80 -13.40 -9.00
H6 DPV LB . -5.42 -15.59 -6.62
H6A DPV LB . -4.74 -15.61 -8.28
H6B DPV LB . -5.78 -16.95 -7.72
H7 DPV LB . -8.03 -15.13 -9.99
H7A DPV LB . -7.27 -16.71 -9.59
H7B DPV LB . -6.27 -15.38 -10.25
H8 DPV LB . -8.92 -14.93 -7.70
H8A DPV LB . -7.84 -15.18 -6.29
H8B DPV LB . -8.23 -16.55 -7.38
H15 DPV LB . 0.14 -9.19 -6.43
H15A DPV LB . 0.02 -9.59 -4.72
H16 DPV LB . 0.83 -6.87 -5.88
H16A DPV LB . 0.59 -7.18 -4.16
H17 DPV LB . 2.36 -8.96 -4.22
H17A DPV LB . 2.61 -8.66 -5.95
H18 DPV LB . 3.45 -6.39 -5.49
H18A DPV LB . 3.01 -6.51 -3.79
H19 DPV LB . 4.66 -8.27 -3.40
H19A DPV LB . 5.04 -8.40 -5.12
H20 DPV LB . 6.03 -6.14 -5.12
H20A DPV LB . 5.51 -5.85 -3.46
H21 DPV LB . 7.00 -7.66 -2.64
H21A DPV LB . 7.46 -8.09 -4.28
H22 DPV LB . 8.61 -5.93 -4.59
H22A DPV LB . 8.01 -5.33 -3.05
H23 DPV LB . 10.38 -6.09 -2.86
H23A DPV LB . 9.91 -7.72 -3.36
H23B DPV LB . 9.32 -7.06 -1.82
N DPV MB . -0.72 3.87 -12.70
P DPV MB . -0.05 0.44 -8.78
C1 DPV MB . 0.89 -1.70 -9.93
C2 DPV MB . 2.19 -2.54 -9.96
C3 DPV MB . 2.09 -3.78 -10.90
C4 DPV MB . -0.58 2.12 -10.70
C5 DPV MB . 0.13 2.81 -11.91
C6 DPV MB . -1.14 5.04 -11.79
C7 DPV MB . -1.95 3.23 -13.36
C8 DPV MB . 0.16 4.43 -13.82
C15 DPV MB . 3.34 -4.71 -10.76
C16 DPV MB . 4.40 -4.61 -11.91
C17 DPV MB . 5.05 -3.20 -12.14
C18 DPV MB . 5.88 -2.66 -10.94
C19 DPV MB . 6.60 -1.31 -11.27
O1P DPV MB . 0.14 1.25 -7.56
C20 DPV MB . 5.63 -0.09 -11.36
C21 DPV MB . 5.19 0.46 -9.98
C22 DPV MB . 4.10 1.56 -10.13
C23 DPV MB . 3.69 2.16 -8.77
O2P DPV MB . -1.40 -0.16 -8.82
O3P DPV MB . 1.12 -0.62 -9.00
O4P DPV MB . 0.35 1.20 -10.11
H1 DPV MB . 0.69 -1.29 -10.93
H1A DPV MB . 0.04 -2.30 -9.60
H2 DPV MB . 3.01 -1.90 -10.29
H2A DPV MB . 2.40 -2.87 -8.94
H3 DPV MB . 1.96 -3.46 -11.93
H3A DPV MB . 1.20 -4.35 -10.62
H4 DPV MB . -0.87 2.87 -9.96
H4A DPV MB . -1.46 1.57 -11.03
H5 DPV MB . 1.03 3.30 -11.57
H5A DPV MB . 0.41 2.03 -12.63
H6 DPV MB . -0.25 5.47 -11.32
H6A DPV MB . -1.83 4.67 -11.03
H6B DPV MB . -1.65 5.80 -12.40
H7 DPV MB . -1.63 2.40 -13.99
H7A DPV MB . -2.46 3.99 -13.96
H7B DPV MB . -2.62 2.86 -12.58
H8 DPV MB . 1.05 4.88 -13.38
H8A DPV MB . -0.41 5.19 -14.38
H8B DPV MB . 0.45 3.61 -14.49
H15 DPV MB . 2.99 -5.75 -10.73
H15A DPV MB . 3.84 -4.54 -9.80
H16 DPV MB . 5.19 -5.32 -11.70
H16A DPV MB . 3.93 -4.92 -12.83
H17 DPV MB . 5.70 -3.29 -13.01
H17A DPV MB . 4.26 -2.49 -12.40
H18 DPV MB . 5.25 -2.55 -10.06
H18A DPV MB . 6.64 -3.41 -10.67
H19 DPV MB . 7.36 -1.11 -10.51
H19A DPV MB . 7.13 -1.41 -12.22
H20 DPV MB . 6.14 0.72 -11.91
H20A DPV MB . 4.76 -0.36 -11.95
H21 DPV MB . 4.78 -0.35 -9.37
H21A DPV MB . 6.06 0.88 -9.46
H22 DPV MB . 4.47 2.36 -10.78
H22A DPV MB . 3.22 1.14 -10.62
H23 DPV MB . 2.89 2.89 -8.92
H23A DPV MB . 4.54 2.65 -8.30
H23B DPV MB . 3.32 1.37 -8.11
N DPV NB . -2.02 -9.28 7.52
P DPV NB . -3.59 -11.53 3.58
C1 DPV NB . -2.21 -13.05 1.98
C2 DPV NB . -0.80 -13.64 1.80
C3 DPV NB . -0.63 -14.22 0.36
C4 DPV NB . -2.04 -9.86 4.91
C5 DPV NB . -1.24 -9.79 6.26
C6 DPV NB . -3.32 -10.08 7.79
C7 DPV NB . -2.36 -7.79 7.38
C8 DPV NB . -1.11 -9.46 8.73
C15 DPV NB . 0.78 -14.84 0.16
C16 DPV NB . 0.94 -15.54 -1.23
C17 DPV NB . 2.31 -16.26 -1.33
C18 DPV NB . 2.43 -17.23 -2.54
C19 DPV NB . 2.90 -16.54 -3.85
O1P DPV NB . -4.82 -12.33 3.83
C20 DPV NB . 3.23 -17.58 -4.97
C21 DPV NB . 3.90 -16.96 -6.22
C22 DPV NB . 2.88 -16.34 -7.23
C23 DPV NB . 3.59 -15.63 -8.39
O2P DPV NB . -3.83 -10.46 2.60
O3P DPV NB . -2.31 -12.42 3.27
O4P DPV NB . -2.89 -11.03 4.93
H1 DPV NB . -2.40 -12.30 1.20
H1A DPV NB . -2.97 -13.83 1.91
H2 DPV NB . -0.06 -12.87 1.97
H2A DPV NB . -0.65 -14.44 2.53
H3 DPV NB . -0.79 -13.44 -0.38
H3A DPV NB . -1.39 -15.00 0.19
H4 DPV NB . -2.65 -8.96 4.77
H4A DPV NB . -1.34 -9.96 4.07
H5 DPV NB . -0.86 -10.79 6.49
H5A DPV NB . -0.38 -9.13 6.12
H6 DPV NB . -3.78 -9.71 8.71
H6A DPV NB . -3.07 -11.14 7.90
H6B DPV NB . -4.00 -9.94 6.96
H7 DPV NB . -3.05 -7.65 6.54
H7A DPV NB . -1.44 -7.23 7.20
H7B DPV NB . -2.83 -7.45 8.31
H8 DPV NB . -0.21 -8.85 8.60
H8A DPV NB . -0.84 -10.51 8.83
H8B DPV NB . -1.65 -9.13 9.63
H15 DPV NB . 0.96 -15.57 0.95
H15A DPV NB . 1.53 -14.06 0.26
H16 DPV NB . 0.14 -16.26 -1.36
H16A DPV NB . 0.85 -14.80 -2.03
H17 DPV NB . 3.10 -15.51 -1.38
H17A DPV NB . 2.48 -16.83 -0.42
H18 DPV NB . 3.15 -18.01 -2.28
H18A DPV NB . 1.48 -17.74 -2.69
H19 DPV NB . 2.11 -15.86 -4.20
H19A DPV NB . 3.78 -15.94 -3.65
H20 DPV NB . 3.90 -18.33 -4.57
H20A DPV NB . 2.32 -18.11 -5.26
H21 DPV NB . 4.63 -16.20 -5.91
H21A DPV NB . 4.47 -17.73 -6.73
H22 DPV NB . 2.25 -17.14 -7.63
H22A DPV NB . 2.23 -15.64 -6.71
H23 DPV NB . 4.22 -16.33 -8.94
H23A DPV NB . 4.21 -14.81 -8.01
H23B DPV NB . 2.85 -15.21 -9.08
N DPV OB . 17.05 -34.10 -5.89
P DPV OB . 20.92 -31.76 -7.53
C1 DPV OB . 20.79 -29.19 -7.03
C2 DPV OB . 19.65 -28.25 -6.57
C3 DPV OB . 18.73 -28.95 -5.52
C4 DPV OB . 18.39 -32.58 -7.60
C5 DPV OB . 18.37 -33.88 -6.70
C6 DPV OB . 16.77 -32.92 -4.92
C7 DPV OB . 15.83 -34.32 -6.81
C8 DPV OB . 17.24 -35.36 -5.04
C15 DPV OB . 17.67 -27.97 -4.95
C16 DPV OB . 16.89 -28.66 -3.79
C17 DPV OB . 16.15 -27.62 -2.90
C18 DPV OB . 15.65 -28.26 -1.58
C19 DPV OB . 15.32 -27.22 -0.46
O1P DPV OB . 22.18 -31.89 -8.28
C20 DPV OB . 16.60 -26.71 0.26
C21 DPV OB . 16.25 -25.79 1.46
C22 DPV OB . 17.54 -25.27 2.17
C23 DPV OB . 17.20 -24.29 3.31
O2P DPV OB . 21.07 -32.17 -6.12
O3P DPV OB . 20.22 -30.33 -7.71
O4P DPV OB . 19.68 -32.48 -8.27
H1 DPV OB . 21.46 -28.67 -7.71
H1A DPV OB . 21.37 -29.54 -6.16
H2 DPV OB . 20.10 -27.35 -6.13
H2A DPV OB . 19.07 -27.95 -7.44
H3 DPV OB . 19.35 -29.33 -4.71
H3A DPV OB . 18.24 -29.80 -5.99
H4 DPV OB . 17.61 -32.66 -8.37
H4A DPV OB . 18.21 -31.69 -7.00
H5 DPV OB . 18.51 -34.75 -7.34
H5A DPV OB . 19.18 -33.83 -5.99
H6 DPV OB . 16.59 -32.02 -5.51
H6A DPV OB . 17.65 -32.78 -4.28
H6B DPV OB . 15.89 -33.17 -4.32
H7 DPV OB . 15.66 -33.40 -7.39
H7A DPV OB . 14.95 -34.53 -6.19
H7B DPV OB . 16.04 -35.15 -7.49
H8 DPV OB . 17.44 -36.21 -5.71
H8A DPV OB . 16.32 -35.55 -4.47
H8B DPV OB . 18.08 -35.21 -4.35
H15 DPV OB . 16.98 -27.67 -5.73
H15A DPV OB . 18.17 -27.07 -4.58
H16 DPV OB . 16.17 -29.38 -4.19
H16A DPV OB . 17.60 -29.21 -3.15
H17 DPV OB . 16.82 -26.79 -2.68
H17A DPV OB . 15.30 -27.20 -3.45
H18 DPV OB . 14.73 -28.83 -1.80
H18A DPV OB . 16.38 -28.97 -1.20
H19 DPV OB . 14.76 -26.37 -0.88
H19A DPV OB . 14.66 -27.69 0.28
H20 DPV OB . 17.18 -27.56 0.62
H20A DPV OB . 17.23 -26.17 -0.44
H21 DPV OB . 15.66 -24.94 1.12
H21A DPV OB . 15.65 -26.34 2.18
H22 DPV OB . 18.10 -26.12 2.59
H22A DPV OB . 18.19 -24.77 1.45
H23 DPV OB . 16.56 -24.77 4.05
H23A DPV OB . 16.68 -23.42 2.92
H23B DPV OB . 18.12 -23.95 3.81
N GLY A 1 -4.15 2.85 -5.82
CA GLY A 1 -3.33 1.85 -6.50
C GLY A 1 -2.61 0.95 -5.53
N LEU A 2 -1.90 -0.05 -6.04
CA LEU A 2 -1.28 -1.05 -5.17
C LEU A 2 -0.08 -0.57 -4.37
N LEU A 3 0.61 0.47 -4.81
CA LEU A 3 1.74 0.98 -4.03
C LEU A 3 1.18 1.53 -2.71
N LYS A 4 0.02 2.16 -2.79
CA LYS A 4 -0.66 2.66 -1.60
C LYS A 4 -1.16 1.51 -0.75
N TRP A 5 -1.60 0.43 -1.37
CA TRP A 5 -2.06 -0.75 -0.63
C TRP A 5 -0.93 -1.30 0.22
N ILE A 6 0.25 -1.45 -0.37
CA ILE A 6 1.43 -1.92 0.37
C ILE A 6 1.82 -0.91 1.45
N LYS A 7 1.75 0.38 1.15
CA LYS A 7 2.12 1.42 2.13
C LYS A 7 1.13 1.38 3.31
N THR A 8 -0.13 1.08 3.04
CA THR A 8 -1.14 0.97 4.10
C THR A 8 -0.85 -0.26 4.97
N LEU A 9 -0.49 -1.38 4.34
CA LEU A 9 -0.20 -2.61 5.06
C LEU A 9 1.01 -2.45 5.97
N LEU A 10 2.04 -1.76 5.48
CA LEU A 10 3.26 -1.50 6.26
C LEU A 10 3.09 -0.31 7.19
N NH2 A 11 1.89 0.27 7.25
HN1 NH2 A 11 1.14 -0.08 6.70
HN2 NH2 A 11 1.77 1.06 7.86
UNK UNX B . 7.62 -15.15 -7.34
N DPV C . 14.41 -35.76 1.58
P DPV C . 10.48 -35.12 0.40
C1 DPV C . 8.50 -36.00 1.87
C2 DPV C . 8.32 -37.53 1.62
C3 DPV C . 7.19 -37.84 0.59
C4 DPV C . 12.78 -33.86 0.58
C5 DPV C . 13.87 -34.96 0.32
C6 DPV C . 13.35 -36.72 2.15
C7 DPV C . 14.91 -34.82 2.68
C8 DPV C . 15.58 -36.60 1.11
C15 DPV C . 7.71 -37.88 -0.89
C16 DPV C . 6.74 -37.19 -1.90
C17 DPV C . 6.97 -35.66 -1.97
C18 DPV C . 5.90 -34.92 -2.81
C19 DPV C . 6.22 -33.41 -2.90
O1P DPV C . 9.59 -34.16 -0.29
C20 DPV C . 5.03 -32.59 -3.49
C21 DPV C . 5.37 -31.09 -3.72
C22 DPV C . 5.66 -30.29 -2.41
C23 DPV C . 5.88 -28.80 -2.70
O2P DPV C . 10.97 -36.19 -0.50
O3P DPV C . 9.91 -35.66 1.79
O4P DPV C . 11.63 -34.42 1.25
H1 DPV C . 7.94 -35.42 1.13
H1A DPV C . 8.15 -35.75 2.87
H2 DPV C . 9.26 -37.97 1.29
H2A DPV C . 8.07 -38.00 2.57
H3 DPV C . 6.38 -37.10 0.70
H3A DPV C . 6.76 -38.81 0.82
H4 DPV C . 13.19 -33.07 1.22
H4A DPV C . 12.46 -33.42 -0.37
H5 DPV C . 13.49 -35.70 -0.37
H5A DPV C . 14.75 -34.49 -0.13
H6 DPV C . 12.98 -37.37 1.35
H6A DPV C . 12.52 -36.14 2.57
H6B DPV C . 13.80 -37.33 2.95
H7 DPV C . 15.69 -34.17 2.27
H7A DPV C . 15.33 -35.42 3.50
H7B DPV C . 14.08 -34.22 3.05
H8 DPV C . 16.37 -35.94 0.74
H8A DPV C . 15.23 -37.26 0.30
H8B DPV C . 15.95 -37.20 1.94
H15 DPV C . 7.84 -38.92 -1.18
H15A DPV C . 8.70 -37.41 -0.97
H16 DPV C . 6.91 -37.62 -2.89
H16A DPV C . 5.70 -37.41 -1.63
H17 DPV C . 6.97 -35.24 -0.95
H17A DPV C . 7.96 -35.46 -2.39
H18 DPV C . 5.86 -35.35 -3.82
H18A DPV C . 4.92 -35.07 -2.36
H19 DPV C . 6.46 -33.03 -1.90
H19A DPV C . 7.11 -33.27 -3.52
H20 DPV C . 4.74 -33.03 -4.44
H20A DPV C . 4.16 -32.67 -2.82
H21 DPV C . 6.23 -31.01 -4.40
H21A DPV C . 4.52 -30.62 -4.24
H22 DPV C . 4.83 -30.40 -1.71
H22A DPV C . 6.56 -30.69 -1.93
H23 DPV C . 6.61 -28.65 -3.49
H23A DPV C . 6.25 -28.29 -1.80
H23B DPV C . 4.94 -28.33 -3.00
N DPV D . -5.49 -34.94 -3.73
P DPV D . -2.51 -34.66 -8.08
C1 DPV D . 0.04 -34.16 -7.77
C2 DPV D . 1.02 -33.78 -6.64
C3 DPV D . 0.52 -32.52 -5.86
C4 DPV D . -3.84 -34.63 -5.79
C5 DPV D . -4.75 -35.59 -4.95
C6 DPV D . -4.53 -34.48 -2.62
C7 DPV D . -6.43 -36.00 -3.11
C8 DPV D . -6.37 -33.74 -4.14
C15 DPV D . 1.36 -32.22 -4.58
C16 DPV D . 0.78 -31.01 -3.81
C17 DPV D . 1.44 -30.84 -2.40
C18 DPV D . 0.96 -29.53 -1.72
C19 DPV D . 1.52 -29.42 -0.28
O1P DPV D . -2.36 -35.50 -9.28
C20 DPV D . 1.09 -28.08 0.40
C21 DPV D . 1.48 -28.07 1.90
C22 DPV D . 1.10 -26.73 2.59
C23 DPV D . 1.52 -26.73 4.07
O2P DPV D . -3.04 -33.33 -8.40
O3P DPV D . -1.19 -34.64 -7.17
O4P DPV D . -3.30 -35.40 -6.90
H1 DPV D . -0.17 -33.28 -8.40
H1A DPV D . 0.46 -34.95 -8.39
H2 DPV D . 1.14 -34.62 -5.96
H2A DPV D . 2.01 -33.57 -7.06
H3 DPV D . -0.52 -32.67 -5.56
H3A DPV D . 0.56 -31.66 -6.52
H4 DPV D . -4.43 -33.80 -6.19
H4A DPV D . -3.01 -34.25 -5.18
H5 DPV D . -5.51 -36.02 -5.60
H5A DPV D . -4.14 -36.41 -4.55
H6 DPV D . -3.89 -33.68 -3.02
H6A DPV D . -3.92 -35.34 -2.32
H6B DPV D . -5.10 -34.11 -1.78
H7 DPV D . -5.82 -36.85 -2.78
H7A DPV D . -7.15 -36.32 -3.87
H7B DPV D . -6.94 -35.56 -2.26
H8 DPV D . -5.72 -32.94 -4.52
H8A DPV D . -6.92 -33.39 -3.27
H8B DPV D . -7.06 -34.07 -4.93
H15 DPV D . 2.39 -32.02 -4.87
H15A DPV D . 1.37 -33.11 -3.94
H16 DPV D . 0.95 -30.10 -4.39
H16A DPV D . -0.30 -31.12 -3.69
H17 DPV D . 1.19 -31.70 -1.79
H17A DPV D . 2.52 -30.81 -2.52
H18 DPV D . 1.29 -28.67 -2.31
H18A DPV D . -0.13 -29.51 -1.69
H19 DPV D . 1.17 -30.26 0.31
H19A DPV D . 2.61 -29.47 -0.32
H20 DPV D . 1.56 -27.24 -0.11
H20A DPV D . 0.00 -27.97 0.32
H21 DPV D . 0.98 -28.90 2.42
H21A DPV D . 2.56 -28.23 1.99
H22 DPV D . 1.58 -25.90 2.08
H22A DPV D . 0.02 -26.57 2.52
H23 DPV D . 1.22 -25.80 4.55
H23A DPV D . 2.60 -26.84 4.17
H23B DPV D . 1.04 -27.55 4.61
N DPV E . -2.30 -29.87 -22.60
P DPV E . -3.52 -30.20 -18.62
C1 DPV E . -2.86 -28.67 -16.60
C2 DPV E . -1.73 -28.47 -15.57
C3 DPV E . -1.73 -29.58 -14.47
C4 DPV E . -2.47 -31.63 -20.58
C5 DPV E . -3.15 -30.94 -21.82
C6 DPV E . -3.09 -29.47 -23.84
C7 DPV E . -0.93 -30.42 -23.04
C8 DPV E . -2.10 -28.59 -21.76
C15 DPV E . -0.55 -29.42 -13.46
C16 DPV E . -0.89 -28.49 -12.26
C17 DPV E . 0.38 -28.19 -11.41
C18 DPV E . 0.07 -27.44 -10.09
C19 DPV E . 1.31 -27.36 -9.13
O1P DPV E . -4.25 -29.08 -19.22
C20 DPV E . 2.31 -26.23 -9.51
C21 DPV E . 3.54 -26.20 -8.55
C22 DPV E . 4.52 -25.03 -8.86
C23 DPV E . 5.52 -25.34 -10.01
O2P DPV E . -4.41 -31.30 -18.21
O3P DPV E . -2.49 -29.76 -17.48
O4P DPV E . -2.27 -30.69 -19.50
H1 DPV E . -3.80 -28.91 -16.10
H1A DPV E . -2.98 -27.76 -17.21
H2 DPV E . -0.77 -28.46 -16.09
H2A DPV E . -1.85 -27.50 -15.11
H3 DPV E . -1.64 -30.55 -14.96
H3A DPV E . -2.69 -29.57 -13.95
H4 DPV E . -3.09 -32.44 -20.22
H4A DPV E . -1.49 -32.04 -20.86
H5 DPV E . -3.41 -31.72 -22.55
H5A DPV E . -4.07 -30.46 -21.50
H6 DPV E . -4.07 -29.09 -23.53
H6A DPV E . -3.22 -30.36 -24.48
H6B DPV E . -2.54 -28.70 -24.38
H7 DPV E . -1.09 -31.33 -23.63
H7A DPV E . -0.32 -30.63 -22.16
H7B DPV E . -0.43 -29.66 -23.66
H8 DPV E . -1.47 -28.84 -20.89
H8A DPV E . -3.07 -28.23 -21.43
H8B DPV E . -1.60 -27.84 -22.36
H15 DPV E . 0.33 -29.06 -13.98
H15A DPV E . -0.30 -30.41 -13.08
H16 DPV E . -1.33 -27.56 -12.61
H16A DPV E . -1.64 -28.99 -11.62
H17 DPV E . 0.90 -29.13 -11.19
H17A DPV E . 1.05 -27.57 -12.01
H18 DPV E . -0.31 -26.44 -10.30
H18A DPV E . -0.73 -27.97 -9.56
H19 DPV E . 0.95 -27.17 -8.12
H19A DPV E . 1.83 -28.32 -9.12
H20 DPV E . 2.66 -26.36 -10.54
H20A DPV E . 1.80 -25.27 -9.45
H21 DPV E . 3.19 -26.09 -7.52
H21A DPV E . 4.08 -27.15 -8.60
H22 DPV E . 3.96 -24.13 -9.11
H22A DPV E . 5.10 -24.81 -7.96
H23 DPV E . 6.15 -24.47 -10.19
H23A DPV E . 5.00 -25.59 -10.92
H23B DPV E . 6.17 -26.17 -9.73
N DPV F . 4.97 -20.89 -30.50
P DPV F . 1.81 -19.19 -27.39
C1 DPV F . -0.30 -20.42 -26.47
C2 DPV F . -1.58 -21.14 -26.98
C3 DPV F . -2.77 -20.97 -26.00
C4 DPV F . 3.21 -19.11 -29.63
C5 DPV F . 3.51 -20.59 -30.02
C6 DPV F . 5.40 -20.01 -31.69
C7 DPV F . 5.98 -20.72 -29.35
C8 DPV F . 5.02 -22.36 -30.95
C15 DPV F . -4.10 -21.52 -26.59
C16 DPV F . -5.33 -21.36 -25.63
C17 DPV F . -5.82 -19.88 -25.50
C18 DPV F . -7.17 -19.74 -24.73
C19 DPV F . -7.02 -19.74 -23.17
O1P DPV F . 1.48 -17.92 -26.69
C20 DPV F . -6.47 -18.39 -22.61
C21 DPV F . -6.40 -18.38 -21.05
C22 DPV F . -5.88 -17.02 -20.52
C23 DPV F . -5.90 -16.95 -18.98
O2P DPV F . 2.97 -19.88 -26.78
O3P DPV F . 0.55 -20.14 -27.61
O4P DPV F . 1.92 -19.02 -28.98
H1 DPV F . -0.56 -19.48 -25.98
H1A DPV F . 0.24 -21.06 -25.76
H2 DPV F . -1.85 -20.73 -27.95
H2A DPV F . -1.36 -22.20 -27.11
H3 DPV F . -2.89 -19.90 -25.78
H3A DPV F . -2.55 -21.47 -25.05
H4 DPV F . 3.98 -18.71 -28.95
H4A DPV F . 3.18 -18.48 -30.53
H5 DPV F . 3.31 -21.24 -29.16
H5A DPV F . 2.83 -20.89 -30.83
H6 DPV F . 5.43 -18.97 -31.37
H6A DPV F . 4.67 -20.12 -32.50
H6B DPV F . 6.39 -20.32 -32.02
H7 DPV F . 5.69 -21.38 -28.52
H7A DPV F . 5.97 -19.68 -29.02
H7B DPV F . 6.98 -21.00 -29.70
H8 DPV F . 4.31 -22.50 -31.77
H8A DPV F . 4.75 -23.00 -30.11
H8B DPV F . 6.04 -22.59 -31.28
H15 DPV F . -3.97 -22.58 -26.82
H15A DPV F . -4.32 -21.02 -27.54
H16 DPV F . -6.15 -21.97 -26.02
H16A DPV F . -5.08 -21.75 -24.65
H17 DPV F . -5.05 -19.28 -25.02
H17A DPV F . -5.96 -19.46 -26.50
H18 DPV F . -7.66 -18.81 -25.03
H18A DPV F . -7.84 -20.55 -25.01
H19 DPV F . -8.01 -19.92 -22.73
H19A DPV F . -6.38 -20.56 -22.86
H20 DPV F . -5.47 -18.20 -23.01
H20A DPV F . -7.11 -17.57 -22.95
H21 DPV F . -7.39 -18.58 -20.65
H21A DPV F . -5.74 -19.18 -20.71
H22 DPV F . -4.86 -16.85 -20.88
H22A DPV F . -6.50 -16.21 -20.91
H23 DPV F . -5.27 -17.74 -18.55
H23A DPV F . -6.91 -17.07 -18.60
H23B DPV F . -5.51 -15.99 -18.64
N DPV G . -0.24 -9.60 -25.13
P DPV G . -1.56 -7.46 -20.74
C1 DPV G . -0.93 -9.36 -19.01
C2 DPV G . 0.01 -8.62 -18.01
C3 DPV G . 1.42 -9.26 -17.93
C4 DPV G . -1.14 -7.92 -23.31
C5 DPV G . -0.41 -9.26 -23.62
C6 DPV G . 0.55 -8.50 -25.89
C7 DPV G . -1.60 -9.85 -25.82
C8 DPV G . 0.57 -10.90 -25.22
C15 DPV G . 2.32 -8.50 -16.89
C16 DPV G . 3.66 -9.22 -16.62
C17 DPV G . 4.55 -8.40 -15.62
C18 DPV G . 5.77 -9.23 -15.09
C19 DPV G . 5.66 -9.66 -13.59
O1P DPV G . -0.67 -6.28 -20.86
C20 DPV G . 4.53 -10.70 -13.33
C21 DPV G . 4.52 -11.22 -11.88
C22 DPV G . 3.31 -12.15 -11.62
C23 DPV G . 3.27 -12.68 -10.18
O2P DPV G . -2.72 -7.17 -19.88
O3P DPV G . -0.77 -8.82 -20.35
O4P DPV G . -1.96 -8.11 -22.14
H1 DPV G . -0.69 -10.43 -19.03
H1A DPV G . -1.97 -9.24 -18.70
H2 DPV G . 0.09 -7.57 -18.29
H2A DPV G . -0.45 -8.65 -17.02
H3 DPV G . 1.90 -9.24 -18.91
H3A DPV G . 1.33 -10.31 -17.63
H4 DPV G . -0.43 -7.11 -23.15
H4A DPV G . -1.80 -7.65 -24.14
H5 DPV G . 0.60 -9.23 -23.16
H5A DPV G . -0.96 -10.08 -23.16
H6 DPV G . 1.48 -8.32 -25.36
H6A DPV G . -0.05 -7.59 -25.90
H6B DPV G . 0.74 -8.84 -26.91
H7 DPV G . -2.14 -10.61 -25.27
H7A DPV G . -1.42 -10.18 -26.85
H7B DPV G . -2.16 -8.91 -25.83
H8 DPV G . 1.53 -10.74 -24.71
H8A DPV G . 0.73 -11.16 -26.27
H8B DPV G . 0.02 -11.70 -24.72
H15 DPV G . 1.76 -8.41 -15.95
H15A DPV G . 2.50 -7.49 -17.27
H16 DPV G . 3.46 -10.21 -16.21
H16A DPV G . 4.21 -9.35 -17.56
H17 DPV G . 4.92 -7.51 -16.13
H17A DPV G . 3.94 -8.06 -14.78
H18 DPV G . 5.94 -10.11 -15.71
H18A DPV G . 6.67 -8.61 -15.19
H19 DPV G . 6.61 -10.09 -13.28
H19A DPV G . 5.49 -8.77 -12.97
H20 DPV G . 3.55 -10.24 -13.55
H20A DPV G . 4.64 -11.54 -14.02
H21 DPV G . 5.45 -11.76 -11.68
H21A DPV G . 4.48 -10.38 -11.18
H22 DPV G . 2.38 -11.62 -11.83
H22A DPV G . 3.36 -13.00 -12.31
H23 DPV G . 2.46 -13.40 -10.05
H23A DPV G . 3.12 -11.86 -9.47
H23B DPV G . 4.21 -13.19 -9.92
N DPV H . 2.83 -2.25 -21.94
P DPV H . 0.40 -4.66 -25.32
C1 DPV H . -2.09 -4.89 -26.17
C2 DPV H . -3.39 -5.66 -25.85
C3 DPV H . -4.21 -4.99 -24.69
C4 DPV H . 1.26 -2.51 -24.07
C5 DPV H . 1.58 -2.94 -22.60
C6 DPV H . 2.69 -0.73 -21.87
C7 DPV H . 4.13 -2.61 -22.69
C8 DPV H . 2.95 -2.79 -20.50
C15 DPV H . -5.40 -5.86 -24.18
C16 DPV H . -4.92 -7.11 -23.39
C17 DPV H . -6.02 -7.71 -22.48
C18 DPV H . -5.55 -9.07 -21.86
C19 DPV H . -6.45 -9.51 -20.67
O1P DPV H . 1.36 -5.53 -24.63
C20 DPV H . -6.21 -11.00 -20.26
C21 DPV H . -4.83 -11.26 -19.60
C22 DPV H . -4.64 -12.76 -19.24
C23 DPV H . -3.26 -13.02 -18.61
O2P DPV H . 0.74 -4.46 -26.74
O3P DPV H . -1.13 -5.07 -25.08
O4P DPV H . 0.13 -3.28 -24.55
H1 DPV H . -1.65 -5.29 -27.09
H1A DPV H . -2.28 -3.83 -26.30
H2 DPV H . -4.01 -5.70 -26.75
H2A DPV H . -3.14 -6.69 -25.59
H3 DPV H . -4.60 -4.04 -25.05
H3A DPV H . -3.55 -4.76 -23.86
H4 DPV H . 0.99 -1.45 -24.10
H4A DPV H . 2.12 -2.69 -24.72
H5 DPV H . 0.71 -2.72 -21.97
H5A DPV H . 1.74 -4.02 -22.56
H6 DPV H . 1.76 -0.47 -21.34
H6A DPV H . 2.65 -0.32 -22.89
H6B DPV H . 3.55 -0.32 -21.34
H7 DPV H . 4.22 -3.70 -22.74
H7A DPV H . 4.98 -2.18 -22.14
H7B DPV H . 4.09 -2.20 -23.71
H8 DPV H . 3.06 -3.87 -20.55
H8A DPV H . 2.04 -2.52 -19.95
H8B DPV H . 3.82 -2.35 -20.03
H15 DPV H . -6.04 -6.17 -25.01
H15A DPV H . -6.02 -5.23 -23.52
H16 DPV H . -4.58 -7.88 -24.10
H16A DPV H . -4.07 -6.84 -22.76
H17 DPV H . -6.24 -7.00 -21.67
H17A DPV H . -6.94 -7.86 -23.04
H18 DPV H . -5.56 -9.82 -22.66
H18A DPV H . -4.52 -8.97 -21.51
H19 DPV H . -6.27 -8.87 -19.81
H19A DPV H . -7.50 -9.40 -20.94
H20 DPV H . -7.00 -11.29 -19.57
H20A DPV H . -6.32 -11.65 -21.14
H21 DPV H . -4.03 -10.96 -20.28
H21A DPV H . -4.73 -10.65 -18.69
H22 DPV H . -5.42 -13.06 -18.53
H22A DPV H . -4.76 -13.38 -20.12
H23 DPV H . -2.46 -12.71 -19.29
H23A DPV H . -3.13 -14.09 -18.40
H23B DPV H . -3.15 -12.47 -17.67
N DPV I . 8.38 -3.62 -26.06
P DPV I . 10.77 -2.11 -22.58
C1 DPV I . 10.69 -0.07 -20.95
C2 DPV I . 9.91 0.40 -19.70
C3 DPV I . 9.94 -0.69 -18.59
C4 DPV I . 10.04 -1.82 -25.08
C5 DPV I . 8.57 -2.33 -25.19
C6 DPV I . 8.93 -4.86 -25.34
C7 DPV I . 6.86 -3.80 -26.25
C8 DPV I . 9.02 -3.52 -27.46
C15 DPV I . 9.07 -0.27 -17.38
C16 DPV I . 8.98 -1.43 -16.33
C17 DPV I . 7.86 -1.22 -15.27
C18 DPV I . 6.39 -1.25 -15.80
C19 DPV I . 5.80 -2.68 -16.04
O1P DPV I . 12.25 -2.05 -22.45
C20 DPV I . 6.07 -3.25 -17.47
C21 DPV I . 5.19 -4.50 -17.76
C22 DPV I . 5.60 -5.18 -19.10
C23 DPV I . 4.70 -6.40 -19.41
O2P DPV I . 10.28 -3.51 -22.61
O3P DPV I . 9.99 -1.19 -21.54
O4P DPV I . 10.22 -1.21 -23.78
H1 DPV I . 10.74 0.73 -21.68
H1A DPV I . 11.69 -0.37 -20.67
H2 DPV I . 10.34 1.33 -19.33
H2A DPV I . 8.88 0.61 -19.99
H3 DPV I . 10.96 -0.86 -18.27
H3A DPV I . 9.56 -1.64 -19.00
H4 DPV I . 10.76 -2.64 -25.18
H4A DPV I . 10.24 -1.07 -25.84
H5 DPV I . 8.19 -2.57 -24.20
H5A DPV I . 7.95 -1.54 -25.63
H6 DPV I . 10.01 -4.74 -25.20
H6A DPV I . 8.72 -5.75 -25.93
H6B DPV I . 8.44 -4.95 -24.36
H7 DPV I . 6.39 -3.89 -25.27
H7A DPV I . 6.68 -4.72 -26.82
H7B DPV I . 6.46 -2.94 -26.79
H8 DPV I . 10.11 -3.47 -27.34
H8A DPV I . 8.67 -2.60 -27.94
H8B DPV I . 8.75 -4.39 -28.05
H15 DPV I . 8.08 -0.02 -17.74
H15A DPV I . 9.50 0.61 -16.90
H16 DPV I . 8.82 -2.39 -16.85
H16A DPV I . 9.95 -1.52 -15.83
H17 DPV I . 7.97 -1.98 -14.49
H17A DPV I . 8.04 -0.25 -14.77
H18 DPV I . 5.76 -0.76 -15.06
H18A DPV I . 6.29 -0.65 -16.72
H19 DPV I . 6.18 -3.37 -15.28
H19A DPV I . 4.72 -2.62 -15.89
H20 DPV I . 5.87 -2.48 -18.22
H20A DPV I . 7.13 -3.52 -17.55
H21 DPV I . 5.30 -5.22 -16.95
H21A DPV I . 4.14 -4.20 -17.81
H22 DPV I . 5.53 -4.46 -19.92
H22A DPV I . 6.64 -5.50 -19.04
H23 DPV I . 4.85 -7.17 -18.67
H23A DPV I . 4.96 -6.81 -20.40
H23B DPV I . 3.66 -6.11 -19.43
N DPV J . 14.49 4.12 -2.44
P DPV J . 14.01 2.58 -7.41
C1 DPV J . 12.20 0.72 -7.14
C2 DPV J . 11.68 -0.43 -8.02
C3 DPV J . 10.43 -1.13 -7.42
C4 DPV J . 14.43 3.48 -5.00
C5 DPV J . 14.20 3.03 -3.52
C6 DPV J . 15.96 4.58 -2.44
C7 DPV J . 14.20 3.48 -1.06
C8 DPV J . 13.55 5.34 -2.58
C15 DPV J . 9.89 -2.19 -8.40
C16 DPV J . 8.66 -2.95 -7.84
C17 DPV J . 8.00 -3.80 -8.96
C18 DPV J . 6.74 -4.57 -8.47
C19 DPV J . 5.90 -5.08 -9.68
O1P DPV J . 13.01 3.58 -7.81
C20 DPV J . 4.82 -6.10 -9.26
C21 DPV J . 4.04 -6.63 -10.50
C22 DPV J . 3.12 -7.82 -10.14
C23 DPV J . 2.24 -8.23 -11.34
O2P DPV J . 15.32 2.84 -8.05
O3P DPV J . 13.51 1.07 -7.61
O4P DPV J . 14.11 2.36 -5.84
H1 DPV J . 11.53 1.58 -7.22
H1A DPV J . 12.27 0.40 -6.09
H2 DPV J . 11.44 -0.03 -9.01
H2A DPV J . 12.48 -1.17 -8.15
H3 DPV J . 9.66 -0.39 -7.20
H3A DPV J . 10.71 -1.61 -6.47
H4 DPV J . 13.77 4.31 -5.25
H4A DPV J . 15.47 3.77 -5.16
H5 DPV J . 13.17 2.70 -3.40
H5A DPV J . 14.86 2.18 -3.31
H6 DPV J . 16.60 3.70 -2.32
H6A DPV J . 16.12 5.28 -1.62
H6B DPV J . 16.17 5.07 -3.40
H7 DPV J . 14.87 2.64 -0.91
H7A DPV J . 13.16 3.14 -1.05
H7B DPV J . 14.36 4.23 -0.28
H8 DPV J . 12.52 4.99 -2.55
H8A DPV J . 13.76 5.83 -3.54
H8B DPV J . 13.75 6.03 -1.75
H15 DPV J . 10.68 -2.91 -8.64
H15A DPV J . 9.62 -1.69 -9.34
H16 DPV J . 8.97 -3.60 -7.01
H16A DPV J . 7.93 -2.24 -7.45
H17 DPV J . 7.72 -3.14 -9.77
H17A DPV J . 8.72 -4.52 -9.36
H18 DPV J . 7.06 -5.42 -7.85
H18A DPV J . 6.12 -3.92 -7.85
H19 DPV J . 5.43 -4.23 -10.16
H19A DPV J . 6.58 -5.54 -10.41
H20 DPV J . 5.30 -6.94 -8.74
H20A DPV J . 4.13 -5.64 -8.56
H21 DPV J . 3.44 -5.81 -10.91
H21A DPV J . 4.75 -6.95 -11.28
H22 DPV J . 3.72 -8.67 -9.82
H22A DPV J . 2.47 -7.55 -9.30
H23 DPV J . 2.85 -8.37 -12.23
H23A DPV J . 1.49 -7.47 -11.54
H23B DPV J . 1.72 -9.16 -11.12
N DPV K . 21.83 -1.13 -8.50
P DPV K . 22.04 0.26 -4.46
C1 DPV K . 19.75 0.55 -3.27
C2 DPV K . 18.27 0.17 -3.50
C3 DPV K . 17.81 0.47 -4.96
C4 DPV K . 23.34 -1.09 -6.29
C5 DPV K . 23.04 -0.48 -7.71
C6 DPV K . 20.48 -0.76 -7.87
C7 DPV K . 21.96 -2.65 -8.63
C8 DPV K . 21.85 -0.54 -9.92
C15 DPV K . 16.34 0.04 -5.24
C16 DPV K . 16.15 -1.50 -5.34
C17 DPV K . 14.73 -1.88 -5.82
C18 DPV K . 14.54 -3.41 -5.85
C19 DPV K . 13.13 -3.79 -6.41
O1P DPV K . 22.08 1.56 -5.17
C20 DPV K . 12.99 -5.33 -6.63
C21 DPV K . 11.72 -5.66 -7.46
C22 DPV K . 11.61 -7.18 -7.81
C23 DPV K . 12.55 -7.63 -8.94
O2P DPV K . 22.92 0.23 -3.28
O3P DPV K . 20.57 -0.24 -4.16
O4P DPV K . 22.21 -1.00 -5.42
H1 DPV K . 19.90 1.61 -3.46
H1A DPV K . 20.03 0.32 -2.24
H2 DPV K . 18.13 -0.88 -3.26
H2A DPV K . 17.65 0.75 -2.80
H3 DPV K . 18.47 -0.03 -5.67
H3A DPV K . 17.90 1.54 -5.14
H4 DPV K . 23.61 -2.15 -6.40
H4A DPV K . 24.19 -0.57 -5.84
H5 DPV K . 22.82 0.59 -7.61
H5A DPV K . 23.92 -0.59 -8.34
H6 DPV K . 20.39 -1.26 -6.91
H6A DPV K . 19.67 -1.09 -8.54
H6B DPV K . 20.43 0.32 -7.74
H7 DPV K . 21.94 -3.09 -7.64
H7A DPV K . 22.91 -2.89 -9.12
H7B DPV K . 21.12 -3.04 -9.23
H8 DPV K . 22.80 -0.82 -10.40
H8A DPV K . 21.77 0.55 -9.86
H8B DPV K . 21.01 -0.95 -10.49
H15 DPV K . 16.02 0.50 -6.18
H15A DPV K . 15.69 0.44 -4.46
H16 DPV K . 16.90 -1.91 -6.02
H16A DPV K . 16.33 -1.94 -4.35
H17 DPV K . 13.98 -1.42 -5.17
H17A DPV K . 14.58 -1.47 -6.83
H18 DPV K . 15.31 -3.87 -6.47
H18A DPV K . 14.64 -3.81 -4.84
H19 DPV K . 12.35 -3.44 -5.73
H19A DPV K . 12.99 -3.28 -7.36
H20 DPV K . 13.87 -5.70 -7.15
H20A DPV K . 12.95 -5.83 -5.66
H21 DPV K . 10.84 -5.36 -6.90
H21A DPV K . 11.72 -5.07 -8.39
H22 DPV K . 11.80 -7.77 -6.91
H22A DPV K . 10.58 -7.38 -8.11
H23 DPV K . 13.59 -7.52 -8.65
H23A DPV K . 12.38 -7.03 -9.84
H23B DPV K . 12.37 -8.68 -9.18
N DPV L . 25.34 -6.08 5.71
P DPV L . 24.18 -6.32 0.92
C1 DPV L . 26.61 -7.15 0.31
C2 DPV L . 26.49 -8.27 -0.75
C3 DPV L . 27.84 -9.03 -0.93
C4 DPV L . 24.04 -5.59 3.43
C5 DPV L . 24.95 -5.05 4.58
C6 DPV L . 24.10 -6.52 6.52
C7 DPV L . 26.05 -7.31 5.16
C8 DPV L . 26.29 -5.35 6.68
C15 DPV L . 27.85 -10.01 -2.15
C16 DPV L . 27.90 -9.27 -3.52
C17 DPV L . 28.26 -10.19 -4.74
C18 DPV L . 27.16 -11.25 -5.11
C19 DPV L . 25.85 -10.63 -5.69
O1P DPV L . 23.63 -7.69 0.86
C20 DPV L . 24.96 -11.64 -6.49
C21 DPV L . 24.16 -12.64 -5.59
C22 DPV L . 24.92 -13.99 -5.36
C23 DPV L . 24.14 -14.94 -4.45
O2P DPV L . 23.18 -5.31 0.51
O3P DPV L . 25.57 -6.16 0.12
O4P DPV L . 24.88 -5.97 2.31
H1 DPV L . 26.55 -7.57 1.33
H1A DPV L . 27.57 -6.64 0.20
H2 DPV L . 25.72 -8.96 -0.46
H2A DPV L . 26.19 -7.82 -1.70
H3 DPV L . 28.03 -9.61 -0.02
H3A DPV L . 28.66 -8.32 -1.02
H4 DPV L . 23.45 -6.46 3.75
H4A DPV L . 23.37 -4.79 3.10
H5 DPV L . 25.89 -4.67 4.16
H5A DPV L . 24.45 -4.23 5.08
H6 DPV L . 23.43 -7.08 5.86
H6A DPV L . 23.60 -5.63 6.91
H6B DPV L . 24.43 -7.17 7.34
H7 DPV L . 26.91 -6.99 4.57
H7A DPV L . 25.36 -7.87 4.54
H7B DPV L . 26.39 -7.94 6.00
H8 DPV L . 27.17 -5.03 6.12
H8A DPV L . 26.58 -6.05 7.47
H8B DPV L . 25.78 -4.49 7.10
H15 DPV L . 26.98 -10.67 -2.11
H15A DPV L . 28.74 -10.65 -2.06
H16 DPV L . 26.93 -8.78 -3.71
H16A DPV L . 28.64 -8.47 -3.47
H17 DPV L . 28.44 -9.56 -5.61
H17A DPV L . 29.19 -10.70 -4.52
H18 DPV L . 27.60 -11.91 -5.87
H18A DPV L . 26.94 -11.86 -4.25
H19 DPV L . 25.27 -10.19 -4.87
H19A DPV L . 26.11 -9.81 -6.36
H20 DPV L . 24.23 -11.06 -7.06
H20A DPV L . 25.57 -12.18 -7.23
H21 DPV L . 23.92 -12.18 -4.63
H21A DPV L . 23.22 -12.87 -6.09
H22 DPV L . 25.10 -14.48 -6.32
H22A DPV L . 25.89 -13.80 -4.91
H23 DPV L . 23.93 -14.47 -3.48
H23A DPV L . 24.72 -15.85 -4.26
H23B DPV L . 23.19 -15.23 -4.91
N DPV M . 19.82 -6.29 7.52
P DPV M . 15.76 -5.79 10.84
C1 DPV M . 14.98 -3.64 9.52
C2 DPV M . 15.52 -2.24 9.13
C3 DPV M . 14.71 -1.56 7.99
C4 DPV M . 17.89 -6.09 9.33
C5 DPV M . 18.28 -6.42 7.85
C6 DPV M . 20.65 -7.29 8.34
C7 DPV M . 20.33 -4.85 7.76
C8 DPV M . 20.00 -6.63 6.04
C15 DPV M . 15.13 -2.08 6.58
C16 DPV M . 14.40 -1.33 5.44
C17 DPV M . 14.90 -1.77 4.02
C18 DPV M . 14.33 -3.14 3.58
C19 DPV M . 14.71 -3.48 2.11
O1P DPV M . 14.38 -6.27 10.94
C20 DPV M . 14.29 -4.94 1.75
C21 DPV M . 14.54 -5.28 0.24
C22 DPV M . 13.25 -5.11 -0.62
C23 DPV M . 13.53 -5.39 -2.11
O2P DPV M . 16.57 -6.21 12.00
O3P DPV M . 15.85 -4.21 10.54
O4P DPV M . 16.45 -6.14 9.43
H1 DPV M . 13.97 -3.56 9.93
H1A DPV M . 14.98 -4.29 8.64
H2 DPV M . 15.49 -1.60 10.02
H2A DPV M . 16.58 -2.31 8.85
H3 DPV M . 14.88 -0.49 8.04
H3A DPV M . 13.63 -1.72 8.15
H4 DPV M . 18.32 -6.82 10.01
H4A DPV M . 18.23 -5.08 9.60
H5 DPV M . 17.98 -7.44 7.62
H5A DPV M . 17.75 -5.74 7.18
H6 DPV M . 20.28 -8.31 8.15
H6A DPV M . 20.56 -7.06 9.41
H6B DPV M . 21.70 -7.22 8.04
H7 DPV M . 21.38 -4.79 7.44
H7A DPV M . 20.25 -4.62 8.82
H7B DPV M . 19.71 -4.16 7.18
H8 DPV M . 19.40 -5.93 5.44
H8A DPV M . 19.64 -7.65 5.86
H8B DPV M . 21.05 -6.53 5.77
H15 DPV M . 14.91 -3.15 6.51
H15A DPV M . 16.20 -1.95 6.48
H16 DPV M . 13.32 -1.48 5.51
H16A DPV M . 14.57 -0.25 5.54
H17 DPV M . 14.62 -1.00 3.30
H17A DPV M . 16.00 -1.81 4.01
H18 DPV M . 14.72 -3.92 4.24
H18A DPV M . 13.25 -3.14 3.67
H19 DPV M . 14.22 -2.78 1.44
H19A DPV M . 15.79 -3.38 1.97
H20 DPV M . 14.87 -5.62 2.36
H20A DPV M . 13.24 -5.09 1.99
H21 DPV M . 15.34 -4.66 -0.16
H21A DPV M . 14.87 -6.32 0.17
H22 DPV M . 12.48 -5.80 -0.26
H22A DPV M . 12.88 -4.09 -0.51
H23 DPV M . 13.88 -6.42 -2.26
H23A DPV M . 14.27 -4.69 -2.51
H23B DPV M . 12.61 -5.27 -2.68
N DPV N . 21.47 -24.37 9.03
P DPV N . 17.29 -25.58 9.46
C1 DPV N . 16.54 -23.54 7.99
C2 DPV N . 17.15 -22.50 7.01
C3 DPV N . 17.73 -21.26 7.75
C4 DPV N . 19.79 -26.07 10.22
C5 DPV N . 20.51 -24.67 10.24
C6 DPV N . 20.70 -24.24 7.71
C7 DPV N . 22.58 -25.43 8.88
C8 DPV N . 22.14 -23.02 9.30
C15 DPV N . 18.47 -20.28 6.79
C16 DPV N . 19.93 -20.74 6.45
C17 DPV N . 20.74 -19.66 5.66
C18 DPV N . 21.10 -20.10 4.21
C19 DPV N . 19.95 -19.80 3.19
O1P DPV N . 16.26 -26.44 8.84
C20 DPV N . 20.26 -20.41 1.80
C21 DPV N . 19.12 -20.08 0.77
C22 DPV N . 18.82 -21.24 -0.23
C23 DPV N . 19.93 -21.46 -1.28
O2P DPV N . 16.99 -25.33 10.89
O3P DPV N . 17.62 -24.25 8.65
O4P DPV N . 18.77 -26.11 9.19
H1 DPV N . 15.92 -23.05 8.74
H1A DPV N . 15.94 -24.25 7.44
H2 DPV N . 17.92 -23.01 6.43
H2A DPV N . 16.37 -22.19 6.31
H3 DPV N . 18.41 -21.58 8.54
H3A DPV N . 16.91 -20.73 8.22
H4 DPV N . 20.52 -26.87 10.03
H4A DPV N . 19.32 -26.26 11.20
H5 DPV N . 19.76 -23.87 10.27
H5A DPV N . 21.11 -24.60 11.15
H6 DPV N . 20.23 -25.20 7.48
H6A DPV N . 21.39 -23.96 6.91
H6B DPV N . 19.92 -23.48 7.83
H7 DPV N . 23.27 -25.12 8.09
H7A DPV N . 22.13 -26.39 8.64
H7B DPV N . 23.12 -25.50 9.84
H8 DPV N . 22.68 -23.08 10.25
H8A DPV N . 21.37 -22.26 9.36
H8B DPV N . 22.84 -22.80 8.49
H15 DPV N . 18.52 -19.29 7.27
H15A DPV N . 17.90 -20.15 5.86
H16 DPV N . 20.46 -20.96 7.38
H16A DPV N . 19.89 -21.67 5.88
H17 DPV N . 20.23 -18.70 5.66
H17A DPV N . 21.69 -19.50 6.20
H18 DPV N . 21.99 -19.54 3.89
H18A DPV N . 21.37 -21.16 4.19
H19 DPV N . 19.02 -20.23 3.58
H19A DPV N . 19.81 -18.73 3.11
H20 DPV N . 21.20 -20.02 1.41
H20A DPV N . 20.38 -21.49 1.90
H21 DPV N . 18.20 -19.86 1.32
H21A DPV N . 19.39 -19.17 0.22
H22 DPV N . 18.63 -22.16 0.31
H22A DPV N . 17.89 -20.98 -0.76
H23 DPV N . 20.85 -21.78 -0.80
H23A DPV N . 20.13 -20.54 -1.84
H23B DPV N . 19.62 -22.23 -1.99
N DPV O . 26.43 -28.04 -2.96
P DPV O . 22.02 -28.72 -2.23
C1 DPV O . 19.73 -29.45 -3.22
C2 DPV O . 18.92 -29.41 -4.54
C3 DPV O . 18.45 -27.97 -4.90
C4 DPV O . 23.95 -27.09 -2.90
C5 DPV O . 25.31 -27.21 -3.69
C6 DPV O . 25.96 -29.47 -2.59
C7 DPV O . 26.95 -27.33 -1.70
C8 DPV O . 27.60 -28.18 -3.93
C15 DPV O . 17.71 -27.96 -6.27
C16 DPV O . 16.95 -26.63 -6.50
C17 DPV O . 16.27 -26.61 -7.90
C18 DPV O . 14.99 -25.72 -7.95
C19 DPV O . 13.72 -26.48 -7.45
O1P DPV O . 22.40 -29.94 -1.48
C20 DPV O . 12.43 -25.65 -7.71
C21 DPV O . 11.13 -26.43 -7.34
C22 DPV O . 10.76 -27.52 -8.38
C23 DPV O . 9.28 -27.94 -8.30
O2P DPV O . 21.51 -27.66 -1.35
O3P DPV O . 21.08 -29.01 -3.48
O4P DPV O . 23.14 -28.23 -3.25
H1 DPV O . 19.26 -28.81 -2.47
H1A DPV O . 19.78 -30.48 -2.85
H2 DPV O . 19.54 -29.81 -5.35
H2A DPV O . 18.05 -30.06 -4.44
H3 DPV O . 19.31 -27.31 -4.95
H3A DPV O . 17.79 -27.60 -4.12
H4 DPV O . 24.13 -27.08 -1.83
H4A DPV O . 23.43 -26.19 -3.20
H5 DPV O . 25.12 -27.68 -4.65
H5A DPV O . 25.72 -26.21 -3.86
H6 DPV O . 25.14 -29.40 -1.87
H6A DPV O . 26.80 -30.02 -2.15
H6B DPV O . 25.61 -29.97 -3.49
H7 DPV O . 27.79 -27.89 -1.30
H7A DPV O . 26.14 -27.28 -0.96
H7B DPV O . 27.26 -26.32 -1.98
H8 DPV O . 27.97 -27.18 -4.18
H8A DPV O . 27.25 -28.69 -4.83
H8B DPV O . 28.40 -28.76 -3.45
H15 DPV O . 17.00 -28.79 -6.30
H15A DPV O . 18.44 -28.11 -7.07
H16 DPV O . 16.21 -26.50 -5.71
H16A DPV O . 17.64 -25.79 -6.44
H17 DPV O . 16.99 -26.24 -8.64
H17A DPV O . 16.00 -27.63 -8.21
H18 DPV O . 15.14 -24.81 -7.37
H18A DPV O . 14.83 -25.41 -8.99
H19 DPV O . 13.65 -27.44 -7.96
H19A DPV O . 13.82 -26.67 -6.38
H20 DPV O . 12.47 -24.73 -7.12
H20A DPV O . 12.38 -25.35 -8.76
H21 DPV O . 11.23 -26.87 -6.35
H21A DPV O . 10.30 -25.71 -7.28
H22 DPV O . 10.96 -27.16 -9.40
H22A DPV O . 11.39 -28.40 -8.22
H23 DPV O . 9.03 -28.29 -7.31
H23A DPV O . 9.08 -28.74 -9.00
H23B DPV O . 8.63 -27.10 -8.55
N DPV P . 10.62 -32.72 4.57
P DPV P . 14.56 -31.04 6.27
C1 DPV P . 16.85 -29.89 6.78
C2 DPV P . 18.32 -29.98 6.30
C3 DPV P . 19.27 -29.18 7.24
C4 DPV P . 13.00 -31.61 4.21
C5 DPV P . 11.66 -31.65 5.03
C6 DPV P . 11.18 -34.16 4.62
C7 DPV P . 10.10 -32.41 3.15
C8 DPV P . 9.41 -32.66 5.51
C15 DPV P . 20.79 -29.28 6.83
C16 DPV P . 21.15 -28.64 5.44
C17 DPV P . 20.95 -27.10 5.39
C18 DPV P . 21.26 -26.52 3.98
C19 DPV P . 20.71 -25.07 3.78
O1P DPV P . 13.95 -30.23 7.34
C20 DPV P . 19.18 -25.05 3.51
C21 DPV P . 18.62 -23.62 3.35
C22 DPV P . 17.07 -23.64 3.19
C23 DPV P . 16.51 -22.22 3.03
O2P DPV P . 14.57 -32.48 6.59
O3P DPV P . 15.99 -30.50 5.79
O4P DPV P . 13.95 -30.70 4.81
H1 DPV P . 16.74 -30.43 7.73
H1A DPV P . 16.56 -28.85 6.92
H2 DPV P . 18.62 -31.03 6.27
H2A DPV P . 18.37 -29.57 5.29
H3 DPV P . 19.17 -29.57 8.25
H3A DPV P . 18.96 -28.14 7.27
H4 DPV P . 13.45 -32.61 4.18
H4A DPV P . 12.80 -31.28 3.19
H5 DPV P . 11.89 -31.86 6.08
H5A DPV P . 11.17 -30.67 4.98
H6 DPV P . 12.00 -34.24 3.90
H6A DPV P . 10.39 -34.86 4.36
H6B DPV P . 11.54 -34.35 5.63
H7 DPV P . 9.64 -31.42 3.17
H7A DPV P . 9.36 -33.17 2.87
H7B DPV P . 10.94 -32.43 2.46
H8 DPV P . 8.67 -33.39 5.20
H8A DPV P . 9.00 -31.66 5.49
H8B DPV P . 9.76 -32.89 6.53
H15 DPV P . 21.08 -30.33 6.82
H15A DPV P . 21.39 -28.80 7.61
H16 DPV P . 22.19 -28.87 5.22
H16A DPV P . 20.56 -29.11 4.66
H17 DPV P . 19.93 -26.86 5.66
H17A DPV P . 21.61 -26.62 6.12
H18 DPV P . 22.35 -26.50 3.83
H18A DPV P . 20.85 -27.16 3.20
H19 DPV P . 20.95 -24.45 4.66
H19A DPV P . 21.22 -24.60 2.93
H20 DPV P . 18.98 -25.61 2.60
H20A DPV P . 18.65 -25.55 4.33
H21 DPV P . 18.89 -23.02 4.22
H21A DPV P . 19.07 -23.15 2.47
H22 DPV P . 16.80 -24.23 2.30
H22A DPV P . 16.62 -24.12 4.05
H23 DPV P . 16.88 -21.74 2.13
H23A DPV P . 16.76 -21.60 3.90
H23B DPV P . 15.42 -22.26 2.96
N DPV Q . 1.86 -37.11 -12.03
P DPV Q . 4.91 -34.08 -9.96
C1 DPV Q . 6.58 -33.26 -8.12
C2 DPV Q . 7.75 -33.81 -7.28
C3 DPV Q . 8.31 -32.81 -6.24
C4 DPV Q . 2.91 -35.77 -10.00
C5 DPV Q . 3.15 -36.70 -11.24
C6 DPV Q . 1.19 -35.89 -12.67
C7 DPV Q . 0.84 -37.85 -11.13
C8 DPV Q . 2.29 -38.07 -13.15
C15 DPV Q . 9.19 -31.68 -6.86
C16 DPV Q . 10.12 -30.96 -5.84
C17 DPV Q . 9.36 -30.06 -4.81
C18 DPV Q . 10.37 -29.22 -3.97
C19 DPV Q . 9.64 -28.25 -3.01
O1P DPV Q . 5.40 -34.18 -11.35
C20 DPV Q . 10.63 -27.39 -2.13
C21 DPV Q . 11.46 -26.30 -2.90
C22 DPV Q . 10.58 -25.14 -3.49
C23 DPV Q . 11.44 -24.03 -4.10
O2P DPV Q . 4.13 -32.84 -9.72
O3P DPV Q . 6.04 -34.37 -8.86
O4P DPV Q . 4.18 -35.40 -9.44
H1 DPV Q . 5.80 -32.84 -7.47
H1A DPV Q . 6.93 -32.49 -8.82
H2 DPV Q . 7.40 -34.69 -6.74
H2A DPV Q . 8.56 -34.14 -7.95
H3 DPV Q . 8.92 -33.36 -5.51
H3A DPV Q . 7.49 -32.36 -5.67
H4 DPV Q . 2.37 -34.87 -10.30
H4A DPV Q . 2.34 -36.30 -9.25
H5 DPV Q . 3.81 -36.20 -11.95
H5A DPV Q . 3.64 -37.62 -10.91
H6 DPV Q . 0.85 -35.22 -11.88
H6A DPV Q . 0.33 -36.22 -13.27
H6B DPV Q . 1.91 -35.37 -13.30
H7 DPV Q . 1.34 -38.71 -10.67
H7A DPV Q . 0.01 -38.19 -11.75
H7B DPV Q . 0.48 -37.17 -10.37
H8 DPV Q . 2.76 -38.95 -12.71
H8A DPV Q . 3.01 -37.55 -13.80
H8B DPV Q . 1.41 -38.37 -13.73
H15 DPV Q . 8.54 -30.95 -7.36
H15A DPV Q . 9.83 -32.11 -7.64
H16 DPV Q . 10.71 -31.70 -5.31
H16A DPV Q . 10.80 -30.34 -6.42
H17 DPV Q . 8.68 -29.39 -5.35
H17A DPV Q . 8.76 -30.68 -4.16
H18 DPV Q . 11.02 -29.90 -3.40
H18A DPV Q . 11.02 -28.66 -4.65
H19 DPV Q . 8.99 -27.58 -3.58
H19A DPV Q . 9.01 -28.83 -2.34
H20 DPV Q . 10.05 -26.90 -1.35
H20A DPV Q . 11.33 -28.06 -1.62
H21 DPV Q . 12.18 -25.87 -2.22
H21A DPV Q . 12.03 -26.77 -3.71
H22 DPV Q . 9.91 -25.54 -4.26
H22A DPV Q . 9.95 -24.72 -2.69
H23 DPV Q . 10.81 -23.30 -4.62
H23A DPV Q . 12.15 -24.45 -4.83
H23B DPV Q . 12.00 -23.52 -3.33
N DPV R . 7.44 -38.36 -9.90
P DPV R . 11.67 -36.35 -10.74
C1 DPV R . 10.17 -34.24 -11.23
C2 DPV R . 9.92 -32.80 -10.79
C3 DPV R . 8.62 -32.27 -11.45
C4 DPV R . 10.10 -38.27 -9.90
C5 DPV R . 8.79 -38.50 -9.09
C6 DPV R . 6.29 -38.53 -8.91
C7 DPV R . 7.32 -39.47 -10.97
C8 DPV R . 7.31 -36.98 -10.56
C15 DPV R . 8.18 -30.88 -10.93
C16 DPV R . 6.77 -30.52 -11.45
C17 DPV R . 6.30 -29.13 -10.96
C18 DPV R . 4.89 -28.75 -11.50
C19 DPV R . 4.94 -28.08 -12.91
O1P DPV R . 12.97 -36.73 -10.16
C20 DPV R . 3.51 -27.73 -13.40
C21 DPV R . 3.50 -27.09 -14.81
C22 DPV R . 2.04 -26.86 -15.29
C23 DPV R . 1.97 -26.13 -16.63
O2P DPV R . 11.58 -36.71 -12.17
O3P DPV R . 11.26 -34.83 -10.45
O4P DPV R . 10.42 -36.86 -9.89
H1 DPV R . 9.28 -34.85 -11.07
H1A DPV R . 10.45 -34.27 -12.28
H2 DPV R . 9.81 -32.77 -9.69
H2A DPV R . 10.77 -32.16 -11.06
H3 DPV R . 7.81 -32.98 -11.25
H3A DPV R . 8.76 -32.23 -12.54
H4 DPV R . 10.93 -38.80 -9.43
H4A DPV R . 10.00 -38.61 -10.93
H5 DPV R . 8.80 -39.51 -8.67
H5A DPV R . 8.74 -37.78 -8.26
H6 DPV R . 6.37 -37.75 -8.15
H6A DPV R . 6.36 -39.52 -8.45
H6B DPV R . 5.35 -38.44 -9.45
H7 DPV R . 8.10 -39.33 -11.72
H7A DPV R . 6.33 -39.40 -11.44
H7B DPV R . 7.43 -40.44 -10.48
H8 DPV R . 7.42 -36.20 -9.80
H8A DPV R . 6.31 -36.91 -11.03
H8B DPV R . 8.08 -36.87 -11.32
H15 DPV R . 8.91 -30.12 -11.26
H15A DPV R . 8.18 -30.88 -9.83
H16 DPV R . 6.77 -30.53 -12.54
H16A DPV R . 6.06 -31.28 -11.12
H17 DPV R . 6.25 -29.14 -9.86
H17A DPV R . 7.02 -28.36 -11.23
H18 DPV R . 4.26 -29.65 -11.54
H18A DPV R . 4.41 -28.07 -10.80
H19 DPV R . 5.55 -27.17 -12.86
H19A DPV R . 5.41 -28.77 -13.63
H20 DPV R . 2.90 -28.63 -13.40
H20A DPV R . 3.07 -27.02 -12.69
H21 DPV R . 4.04 -26.14 -14.79
H21A DPV R . 4.01 -27.75 -15.52
H22 DPV R . 1.54 -27.81 -15.39
H22A DPV R . 1.49 -26.27 -14.54
H23 DPV R . 2.50 -26.69 -17.41
H23A DPV R . 2.42 -25.13 -16.56
H23B DPV R . 0.93 -26.01 -16.95
N DPV S . 5.11 -33.71 -21.74
P DPV S . 6.28 -32.89 -16.70
C1 DPV S . 7.56 -30.92 -15.54
C2 DPV S . 7.70 -29.38 -15.63
C3 DPV S . 8.69 -28.83 -14.57
C4 DPV S . 5.72 -33.61 -19.17
C5 DPV S . 6.06 -33.16 -20.62
C6 DPV S . 5.62 -33.14 -23.09
C7 DPV S . 3.66 -33.23 -21.56
C8 DPV S . 5.15 -35.25 -21.83
C15 DPV S . 8.55 -27.28 -14.36
C16 DPV S . 9.32 -26.84 -13.07
C17 DPV S . 8.99 -25.37 -12.66
C18 DPV S . 9.48 -25.11 -11.20
C19 DPV S . 9.09 -23.69 -10.68
O1P DPV S . 4.90 -33.18 -16.29
C20 DPV S . 9.34 -23.58 -9.15
C21 DPV S . 8.86 -22.21 -8.58
C22 DPV S . 9.18 -22.08 -7.05
C23 DPV S . 8.71 -20.72 -6.49
O2P DPV S . 7.26 -33.81 -16.09
O3P DPV S . 6.67 -31.34 -16.59
O4P DPV S . 6.45 -32.75 -18.28
H1 DPV S . 8.52 -31.39 -15.68
H1A DPV S . 7.14 -31.21 -14.58
H2 DPV S . 8.04 -29.11 -16.62
H2A DPV S . 6.71 -28.93 -15.48
H3 DPV S . 9.70 -29.05 -14.89
H3A DPV S . 8.53 -29.34 -13.61
H4 DPV S . 4.65 -33.49 -18.97
H4A DPV S . 6.01 -34.65 -18.99
H5 DPV S . 6.03 -32.07 -20.69
H5A DPV S . 7.08 -33.49 -20.87
H6 DPV S . 5.54 -32.05 -23.06
H6A DPV S . 5.01 -33.55 -23.90
H6B DPV S . 6.66 -33.44 -23.22
H7 DPV S . 3.25 -33.70 -20.66
H7A DPV S . 3.07 -33.53 -22.44
H7B DPV S . 3.66 -32.14 -21.45
H8 DPV S . 4.72 -35.66 -20.91
H8A DPV S . 6.18 -35.56 -21.96
H8B DPV S . 4.55 -35.57 -22.70
H15 DPV S . 7.50 -27.03 -14.24
H15A DPV S . 8.94 -26.75 -15.23
H16 DPV S . 9.07 -27.51 -12.25
H16A DPV S . 10.40 -26.94 -13.24
H17 DPV S . 9.46 -24.68 -13.34
H17A DPV S . 7.91 -25.22 -12.70
H18 DPV S . 9.04 -25.86 -10.54
H18A DPV S . 10.57 -25.22 -11.15
H19 DPV S . 9.67 -22.93 -11.21
H19A DPV S . 8.04 -23.51 -10.89
H20 DPV S . 8.80 -24.38 -8.63
H20A DPV S . 10.41 -23.70 -8.95
H21 DPV S . 9.35 -21.40 -9.12
H21A DPV S . 7.78 -22.10 -8.74
H22 DPV S . 8.68 -22.89 -6.50
H22A DPV S . 10.25 -22.19 -6.89
H23 DPV S . 7.62 -20.65 -6.50
H23A DPV S . 9.10 -19.90 -7.09
H23B DPV S . 9.05 -20.60 -5.46
N DPV T . -4.95 -23.66 -21.17
P DPV T . -2.42 -19.27 -22.66
C1 DPV T . -1.61 -17.44 -20.99
C2 DPV T . -1.62 -17.09 -19.49
C3 DPV T . -0.76 -18.09 -18.66
C4 DPV T . -3.47 -21.63 -22.04
C5 DPV T . -4.59 -22.14 -21.07
C6 DPV T . -3.74 -24.58 -20.91
C7 DPV T . -5.57 -24.00 -22.52
C8 DPV T . -6.01 -23.94 -20.09
C15 DPV T . -1.11 -18.04 -17.15
C16 DPV T . -0.23 -19.04 -16.34
C17 DPV T . -0.52 -18.91 -14.80
C18 DPV T . 0.56 -19.68 -13.97
C19 DPV T . 0.49 -19.28 -12.47
O1P DPV T . -1.19 -20.01 -23.03
C20 DPV T . 1.71 -19.84 -11.66
C21 DPV T . 1.88 -19.25 -10.23
C22 DPV T . 2.26 -17.72 -10.18
C23 DPV T . 3.72 -17.43 -10.58
O2P DPV T . -2.82 -18.29 -23.69
O3P DPV T . -2.36 -18.65 -21.19
O4P DPV T . -3.62 -20.20 -22.16
H1 DPV T . -2.08 -16.63 -21.56
H1A DPV T . -0.58 -17.59 -21.35
H2 DPV T . -1.24 -16.08 -19.34
H2A DPV T . -2.66 -17.10 -19.13
H3 DPV T . 0.30 -17.85 -18.81
H3A DPV T . -0.91 -19.11 -19.04
H4 DPV T . -2.49 -21.86 -21.64
H4A DPV T . -3.57 -22.07 -23.04
H5 DPV T . -4.27 -21.95 -20.04
H5A DPV T . -5.50 -21.58 -21.25
H6 DPV T . -4.08 -25.62 -20.93
H6A DPV T . -3.31 -24.33 -19.94
H6B DPV T . -2.99 -24.42 -21.69
H7 DPV T . -6.44 -23.34 -22.70
H7A DPV T . -5.89 -25.04 -22.53
H7B DPV T . -4.82 -23.83 -23.31
H8 DPV T . -6.86 -23.25 -20.24
H8A DPV T . -5.57 -23.78 -19.10
H8B DPV T . -6.35 -24.98 -20.19
H15 DPV T . -2.16 -18.29 -17.01
H15A DPV T . -0.96 -17.03 -16.78
H16 DPV T . -0.43 -20.06 -16.65
H16A DPV T . 0.82 -18.83 -16.53
H17 DPV T . -0.51 -17.86 -14.52
H17A DPV T . -1.51 -19.31 -14.58
H18 DPV T . 0.40 -20.76 -14.08
H18A DPV T . 1.55 -19.44 -14.36
H19 DPV T . 0.47 -18.19 -12.39
H19A DPV T . -0.43 -19.66 -12.02
H20 DPV T . 1.60 -20.92 -11.57
H20A DPV T . 2.63 -19.68 -12.23
H21 DPV T . 0.95 -19.40 -9.67
H21A DPV T . 2.65 -19.82 -9.70
H22 DPV T . 1.59 -17.15 -10.83
H22A DPV T . 2.09 -17.35 -9.17
H23 DPV T . 3.97 -17.88 -11.54
H23A DPV T . 4.40 -17.83 -9.82
H23B DPV T . 3.84 -16.36 -10.66
N DPV U . 5.06 -26.38 -23.64
P DPV U . 6.34 -24.47 -27.29
C1 DPV U . 7.51 -22.80 -25.69
C2 DPV U . 8.07 -22.84 -24.25
C3 DPV U . 7.99 -21.44 -23.58
C4 DPV U . 5.76 -26.82 -26.16
C5 DPV U . 6.20 -26.61 -24.67
C6 DPV U . 5.72 -26.10 -22.29
C7 DPV U . 4.18 -27.64 -23.48
C8 DPV U . 4.18 -25.15 -23.97
C15 DPV U . 8.38 -21.49 -22.08
C16 DPV U . 8.09 -20.11 -21.41
C17 DPV U . 8.26 -20.13 -19.87
C18 DPV U . 7.82 -18.77 -19.26
C19 DPV U . 8.05 -18.66 -17.72
O1P DPV U . 6.77 -24.02 -28.63
C20 DPV U . 6.96 -19.35 -16.84
C21 DPV U . 5.58 -18.59 -16.86
C22 DPV U . 4.60 -19.12 -15.77
C23 DPV U . 4.75 -18.40 -14.42
O2P DPV U . 4.96 -24.04 -26.97
O3P DPV U . 7.40 -24.14 -26.15
O4P DPV U . 6.61 -26.04 -27.05
H1 DPV U . 6.52 -22.33 -25.69
H1A DPV U . 8.19 -22.24 -26.35
H2 DPV U . 7.50 -23.56 -23.67
H2A DPV U . 9.11 -23.17 -24.28
H3 DPV U . 6.97 -21.06 -23.68
H3A DPV U . 8.65 -20.74 -24.11
H4 DPV U . 5.85 -27.87 -26.42
H4A DPV U . 4.73 -26.50 -26.30
H5 DPV U . 6.77 -27.49 -24.35
H5A DPV U . 6.87 -25.75 -24.60
H6 DPV U . 6.37 -25.22 -22.38
H6A DPV U . 6.32 -26.97 -22.00
H6B DPV U . 4.95 -25.91 -21.54
H7 DPV U . 3.41 -27.44 -22.72
H7A DPV U . 4.81 -28.47 -23.16
H7B DPV U . 3.71 -27.87 -24.44
H8 DPV U . 3.63 -25.37 -24.89
H8A DPV U . 4.82 -24.29 -24.10
H8B DPV U . 3.48 -24.99 -23.14
H15 DPV U . 9.44 -21.73 -21.97
H15A DPV U . 7.80 -22.26 -21.57
H16 DPV U . 8.75 -19.35 -21.84
H16A DPV U . 7.06 -19.81 -21.65
H17 DPV U . 7.66 -20.94 -19.44
H17A DPV U . 9.31 -20.33 -19.62
H18 DPV U . 8.39 -17.98 -19.74
H18A DPV U . 6.77 -18.58 -19.50
H19 DPV U . 9.02 -19.08 -17.47
H19A DPV U . 8.10 -17.60 -17.45
H20 DPV U . 6.81 -20.37 -17.16
H20A DPV U . 7.32 -19.38 -15.81
H21 DPV U . 5.73 -17.52 -16.73
H21A DPV U . 5.12 -18.73 -17.84
H22 DPV U . 3.57 -19.00 -16.12
H22A DPV U . 4.74 -20.21 -15.64
H23 DPV U . 4.16 -18.90 -13.66
H23A DPV U . 4.41 -17.36 -14.50
H23B DPV U . 5.79 -18.40 -14.09
N DPV V . 4.77 -12.82 -28.68
P DPV V . 4.49 -9.98 -25.17
C1 DPV V . 4.58 -10.46 -22.61
C2 DPV V . 4.05 -11.38 -21.49
C3 DPV V . 4.98 -11.34 -20.24
C4 DPV V . 3.66 -10.69 -27.53
C5 DPV V . 3.45 -12.02 -28.34
C6 DPV V . 4.37 -14.13 -29.36
C7 DPV V . 5.57 -13.18 -27.42
C8 DPV V . 5.67 -12.02 -29.65
C15 DPV V . 4.46 -12.25 -19.09
C16 DPV V . 5.52 -12.41 -17.96
C17 DPV V . 5.03 -13.34 -16.81
C18 DPV V . 6.11 -13.50 -15.68
C19 DPV V . 5.61 -14.40 -14.52
O1P DPV V . 5.96 -9.99 -25.36
C20 DPV V . 6.55 -14.33 -13.28
C21 DPV V . 5.98 -15.14 -12.07
C22 DPV V . 6.74 -14.84 -10.73
C23 DPV V . 6.16 -15.64 -9.51
O2P DPV V . 3.94 -8.62 -25.23
O3P DPV V . 4.02 -10.81 -23.90
O4P DPV V . 3.73 -11.01 -26.12
H1 DPV V . 4.34 -9.41 -22.39
H1A DPV V . 5.67 -10.58 -22.69
H2 DPV V . 3.05 -11.04 -21.22
H2A DPV V . 3.96 -12.40 -21.86
H3 DPV V . 5.06 -10.31 -19.88
H3A DPV V . 5.98 -11.66 -20.54
H4 DPV V . 4.57 -10.19 -27.84
H4A DPV V . 2.81 -10.03 -27.69
H5 DPV V . 2.80 -12.69 -27.78
H5A DPV V . 2.97 -11.78 -29.29
H6 DPV V . 5.26 -14.68 -29.64
H6A DPV V . 3.78 -13.90 -30.26
H6B DPV V . 3.76 -14.71 -28.67
H7 DPV V . 6.39 -13.84 -27.70
H7A DPV V . 4.91 -13.68 -26.71
H7B DPV V . 5.97 -12.26 -26.98
H8 DPV V . 5.99 -11.10 -29.17
H8A DPV V . 5.09 -11.80 -30.56
H8B DPV V . 6.54 -12.64 -29.91
H15 DPV V . 4.22 -13.24 -19.50
H15A DPV V . 3.54 -11.84 -18.68
H16 DPV V . 6.45 -12.81 -18.38
H16A DPV V . 5.76 -11.42 -17.55
H17 DPV V . 4.12 -12.92 -16.37
H17A DPV V . 4.78 -14.32 -17.21
H18 DPV V . 7.02 -13.93 -16.11
H18A DPV V . 6.36 -12.51 -15.30
H19 DPV V . 4.61 -14.09 -14.23
H19A DPV V . 5.54 -15.44 -14.87
H20 DPV V . 7.54 -14.72 -13.54
H20A DPV V . 6.68 -13.29 -12.99
H21 DPV V . 4.93 -14.87 -11.94
H21A DPV V . 6.04 -16.20 -12.29
H22 DPV V . 7.80 -15.08 -10.85
H22A DPV V . 6.67 -13.77 -10.51
H23 DPV V . 6.24 -16.71 -9.68
H23A DPV V . 5.13 -15.36 -9.30
H23B DPV V . 6.75 -15.41 -8.61
N DPV W . 14.44 2.86 -19.37
P DPV W . 14.70 -1.42 -17.09
C1 DPV W . 14.35 -3.12 -15.14
C2 DPV W . 13.15 -3.61 -14.28
C3 DPV W . 12.09 -4.37 -15.14
C4 DPV W . 13.56 0.58 -18.37
C5 DPV W . 14.70 1.66 -18.39
C6 DPV W . 15.69 3.75 -19.33
C7 DPV W . 13.24 3.71 -18.91
C8 DPV W . 14.24 2.40 -20.83
C15 DPV W . 10.76 -4.68 -14.38
C16 DPV W . 10.93 -5.73 -13.22
C17 DPV W . 9.55 -6.36 -12.82
C18 DPV W . 9.63 -7.10 -11.46
C19 DPV W . 8.34 -7.94 -11.19
O1P DPV W . 14.53 -2.41 -18.17
C20 DPV W . 8.26 -8.39 -9.70
C21 DPV W . 7.06 -9.34 -9.42
C22 DPV W . 6.99 -9.69 -7.90
C23 DPV W . 5.90 -10.75 -7.60
O2P DPV W . 16.10 -0.99 -16.92
O3P DPV W . 14.00 -1.84 -15.72
O4P DPV W . 13.67 -0.20 -17.16
H1 DPV W . 15.24 -2.99 -14.52
H1A DPV W . 14.57 -3.84 -15.93
H2 DPV W . 13.53 -4.28 -13.51
H2A DPV W . 12.70 -2.76 -13.78
H3 DPV W . 12.52 -5.29 -15.52
H3A DPV W . 11.84 -3.75 -16.01
H4 DPV W . 12.58 1.06 -18.36
H4A DPV W . 13.63 -0.09 -19.23
H5 DPV W . 14.81 2.08 -17.39
H5A DPV W . 15.63 1.18 -18.68
H6 DPV W . 15.83 4.10 -18.30
H6A DPV W . 15.54 4.60 -19.99
H6B DPV W . 16.55 3.16 -19.65
H7 DPV W . 12.33 3.11 -18.97
H7A DPV W . 13.15 4.59 -19.55
H7B DPV W . 13.41 4.02 -17.87
H8 DPV W . 15.10 1.78 -21.12
H8A DPV W . 14.17 3.28 -21.48
H8B DPV W . 13.32 1.82 -20.90
H15 DPV W . 10.05 -5.07 -15.11
H15A DPV W . 10.34 -3.76 -13.99
H16 DPV W . 11.60 -6.54 -13.54
H16A DPV W . 11.39 -5.24 -12.36
H17 DPV W . 8.80 -5.56 -12.74
H17A DPV W . 9.23 -7.04 -13.61
H18 DPV W . 10.49 -7.78 -11.45
H18A DPV W . 9.77 -6.37 -10.65
H19 DPV W . 7.45 -7.34 -11.43
H19A DPV W . 8.33 -8.81 -11.84
H20 DPV W . 9.19 -8.89 -9.43
H20A DPV W . 8.18 -7.50 -9.06
H21 DPV W . 6.13 -8.86 -9.74
H21A DPV W . 7.18 -10.25 -10.01
H22 DPV W . 7.94 -10.06 -7.55
H22A DPV W . 6.76 -8.79 -7.33
H23 DPV W . 4.91 -10.39 -7.90
H23A DPV W . 5.87 -10.97 -6.53
H23B DPV W . 6.11 -11.68 -8.14
N DPV X . 25.13 -5.38 -3.88
P DPV X . 26.17 -3.37 -8.63
C1 DPV X . 25.23 -4.76 -10.64
C2 DPV X . 23.92 -4.93 -11.44
C3 DPV X . 23.62 -3.67 -12.31
C4 DPV X . 25.87 -4.41 -6.23
C5 DPV X . 24.91 -4.31 -5.01
C6 DPV X . 26.53 -5.23 -3.26
C7 DPV X . 24.91 -6.81 -4.39
C8 DPV X . 24.10 -5.11 -2.78
C15 DPV X . 22.41 -3.89 -13.27
C16 DPV X . 21.04 -3.45 -12.65
C17 DPV X . 19.87 -3.94 -13.55
C18 DPV X . 18.48 -3.37 -13.13
C19 DPV X . 17.89 -4.00 -11.84
O1P DPV X . 26.41 -1.97 -9.02
C20 DPV X . 16.37 -3.77 -11.75
C21 DPV X . 15.77 -4.33 -10.42
C22 DPV X . 14.21 -4.39 -10.43
C23 DPV X . 13.53 -2.99 -10.39
O2P DPV X . 27.42 -4.17 -8.68
O3P DPV X . 24.95 -4.04 -9.42
O4P DPV X . 25.36 -3.54 -7.27
H1 DPV X . 25.62 -5.75 -10.36
H1A DPV X . 25.98 -4.22 -11.22
H2 DPV X . 24.02 -5.80 -12.09
H2A DPV X . 23.09 -5.12 -10.76
H3 DPV X . 24.50 -3.45 -12.92
H3A DPV X . 23.45 -2.80 -11.67
H4 DPV X . 26.87 -4.08 -5.95
H4A DPV X . 25.90 -5.43 -6.62
H5 DPV X . 25.01 -3.32 -4.55
H5A DPV X . 23.87 -4.42 -5.35
H6 DPV X . 26.60 -5.87 -2.37
H6A DPV X . 26.70 -4.19 -2.98
H6B DPV X . 27.28 -5.55 -4.00
H7 DPV X . 25.68 -7.04 -5.13
H7A DPV X . 23.93 -6.87 -4.85
H7B DPV X . 24.98 -7.50 -3.54
H8 DPV X . 24.22 -5.86 -2.00
H8A DPV X . 23.10 -5.16 -3.20
H8B DPV X . 24.27 -4.11 -2.36
H15 DPV X . 22.36 -4.93 -13.57
H15A DPV X . 22.58 -3.31 -14.18
H16 DPV X . 20.94 -3.85 -11.65
H16A DPV X . 21.03 -2.35 -12.58
H17 DPV X . 20.06 -3.62 -14.58
H17A DPV X . 19.83 -5.02 -13.55
H18 DPV X . 18.53 -2.28 -13.01
H18A DPV X . 17.78 -3.55 -13.97
H19 DPV X . 18.09 -5.08 -11.85
H19A DPV X . 18.40 -3.58 -10.97
H20 DPV X . 16.15 -2.70 -11.82
H20A DPV X . 15.87 -4.25 -12.60
H21 DPV X . 16.14 -5.34 -10.26
H21A DPV X . 16.11 -3.72 -9.58
H22 DPV X . 13.87 -4.94 -11.30
H22A DPV X . 13.89 -4.95 -9.55
H23 DPV X . 13.88 -2.42 -9.53
H23A DPV X . 12.45 -3.11 -10.30
H23B DPV X . 13.75 -2.43 -11.30
N DPV Y . 29.49 -14.79 -6.94
P DPV Y . 27.00 -11.76 -10.47
C1 DPV Y . 27.53 -9.31 -9.76
C2 DPV Y . 26.72 -8.30 -8.92
C3 DPV Y . 25.19 -8.44 -9.18
C4 DPV Y . 28.41 -13.28 -8.84
C5 DPV Y . 28.19 -14.27 -7.65
C6 DPV Y . 30.30 -15.73 -7.87
C7 DPV Y . 29.05 -15.63 -5.72
C8 DPV Y . 30.39 -13.65 -6.42
C15 DPV Y . 24.35 -7.67 -8.12
C16 DPV Y . 22.84 -7.80 -8.42
C17 DPV Y . 21.95 -7.51 -7.18
C18 DPV Y . 21.77 -5.99 -6.89
C19 DPV Y . 20.97 -5.77 -5.58
O1P DPV Y . 28.10 -11.79 -11.46
C20 DPV Y . 20.69 -4.26 -5.31
C21 DPV Y . 19.88 -4.03 -3.99
C22 DPV Y . 18.39 -4.44 -4.10
C23 DPV Y . 17.62 -4.15 -2.80
O2P DPV Y . 25.68 -11.72 -11.13
O3P DPV Y . 27.19 -10.65 -9.34
O4P DPV Y . 27.11 -12.92 -9.37
H1 DPV Y . 27.30 -9.18 -10.82
H1A DPV Y . 28.60 -9.15 -9.60
H2 DPV Y . 26.94 -8.47 -7.85
H2A DPV Y . 27.04 -7.29 -9.16
H3 DPV Y . 24.91 -9.49 -9.16
H3A DPV Y . 24.96 -8.06 -10.18
H4 DPV Y . 28.91 -12.38 -8.49
H4A DPV Y . 29.01 -13.75 -9.63
H5 DPV Y . 27.58 -13.78 -6.89
H5A DPV Y . 27.65 -15.15 -8.02
H6 DPV Y . 31.16 -16.11 -7.32
H6A DPV Y . 30.64 -15.15 -8.73
H6B DPV Y . 29.66 -16.55 -8.19
H7 DPV Y . 29.94 -16.00 -5.21
H7A DPV Y . 28.44 -16.46 -6.07
H7B DPV Y . 28.46 -14.99 -5.05
H8 DPV Y . 31.23 -14.08 -5.87
H8A DPV Y . 29.80 -13.00 -5.78
H8B DPV Y . 30.76 -13.08 -7.29
H15 DPV Y . 24.64 -6.62 -8.12
H15A DPV Y . 24.58 -8.08 -7.14
H16 DPV Y . 22.56 -7.14 -9.24
H16A DPV Y . 22.62 -8.82 -8.75
H17 DPV Y . 20.97 -7.95 -7.34
H17A DPV Y . 22.38 -8.00 -6.30
H18 DPV Y . 22.74 -5.50 -6.82
H18A DPV Y . 21.23 -5.53 -7.73
H19 DPV Y . 20.02 -6.31 -5.65
H19A DPV Y . 21.52 -6.20 -4.74
H20 DPV Y . 21.64 -3.73 -5.22
H20A DPV Y . 20.15 -3.83 -6.15
H21 DPV Y . 20.36 -4.57 -3.17
H21A DPV Y . 19.94 -2.96 -3.74
H22 DPV Y . 17.92 -3.89 -4.92
H22A DPV Y . 18.30 -5.50 -4.33
H23 DPV Y . 17.69 -3.09 -2.54
H23A DPV Y . 18.04 -4.74 -1.97
H23B DPV Y . 16.57 -4.41 -2.91
N DPV Z . 25.70 -20.15 3.03
P DPV Z . 27.94 -16.30 1.07
C1 DPV Z . 27.05 -13.87 1.45
C2 DPV Z . 25.77 -13.00 1.35
C3 DPV Z . 25.33 -12.75 -0.12
C4 DPV Z . 25.98 -18.04 1.46
C5 DPV Z . 26.66 -19.26 2.17
C6 DPV Z . 24.62 -20.82 2.17
C7 DPV Z . 25.00 -19.36 4.15
C8 DPV Z . 26.54 -21.26 3.69
C15 DPV Z . 24.22 -11.67 -0.20
C16 DPV Z . 23.83 -11.35 -1.68
C17 DPV Z . 22.98 -10.05 -1.76
C18 DPV Z . 22.49 -9.71 -3.20
C19 DPV Z . 21.22 -10.52 -3.60
O1P DPV Z . 28.45 -16.54 2.44
C20 DPV Z . 20.50 -9.90 -4.83
C21 DPV Z . 19.05 -10.44 -5.00
C22 DPV Z . 18.11 -9.39 -5.61
C23 DPV Z . 16.68 -9.94 -5.79
O2P DPV Z . 29.02 -16.02 0.11
O3P DPV Z . 26.76 -15.22 1.01
O4P DPV Z . 26.93 -17.43 0.55
H1 DPV Z . 27.84 -13.45 0.82
H1A DPV Z . 27.39 -13.90 2.49
H2 DPV Z . 24.96 -13.50 1.90
H2A DPV Z . 25.96 -12.05 1.85
H3 DPV Z . 24.97 -13.69 -0.56
H3A DPV Z . 26.20 -12.43 -0.71
H4 DPV Z . 25.12 -18.38 0.88
H4A DPV Z . 25.64 -17.30 2.19
H5 DPV Z . 27.11 -19.91 1.42
H5A DPV Z . 27.45 -18.90 2.84
H6 DPV Z . 25.11 -21.42 1.39
H6A DPV Z . 24.00 -20.04 1.71
H6B DPV Z . 24.01 -21.47 2.80
H7 DPV Z . 25.76 -18.88 4.77
H7A DPV Z . 24.40 -20.05 4.76
H7B DPV Z . 24.34 -18.61 3.70
H8 DPV Z . 27.26 -20.80 4.37
H8A DPV Z . 27.05 -21.82 2.92
H8B DPV Z . 25.87 -21.92 4.26
H15 DPV Z . 24.58 -10.75 0.28
H15A DPV Z . 23.33 -12.01 0.34
H16 DPV Z . 24.73 -11.24 -2.29
H16A DPV Z . 23.25 -12.20 -2.09
H17 DPV Z . 22.12 -10.12 -1.08
H17A DPV Z . 23.60 -9.22 -1.41
H18 DPV Z . 22.26 -8.64 -3.24
H18A DPV Z . 23.28 -9.89 -3.92
H19 DPV Z . 21.48 -11.56 -3.82
H19A DPV Z . 20.53 -10.53 -2.75
H20 DPV Z . 20.46 -8.81 -4.70
H20A DPV Z . 21.07 -10.09 -5.73
H21 DPV Z . 19.08 -11.34 -5.64
H21A DPV Z . 18.65 -10.76 -4.03
H22 DPV Z . 18.07 -8.50 -4.97
H22A DPV Z . 18.48 -9.07 -6.59
H23 DPV Z . 16.67 -10.78 -6.49
H23A DPV Z . 16.01 -9.17 -6.19
H23B DPV Z . 16.27 -10.28 -4.83
N DPV AA . 23.20 -15.15 5.31
P DPV AA . 20.63 -11.57 5.39
C1 DPV AA . 18.74 -10.09 4.44
C2 DPV AA . 17.76 -10.01 3.26
C3 DPV AA . 16.82 -8.78 3.41
C4 DPV AA . 22.83 -12.67 4.42
C5 DPV AA . 23.25 -13.60 5.60
C6 DPV AA . 24.20 -15.53 4.20
C7 DPV AA . 21.78 -15.62 4.92
C8 DPV AA . 23.61 -15.89 6.59
C15 DPV AA . 15.80 -8.66 2.25
C16 DPV AA . 14.53 -9.56 2.42
C17 DPV AA . 13.34 -9.13 1.50
C18 DPV AA . 13.56 -9.41 -0.02
C19 DPV AA . 13.34 -10.91 -0.40
O1P DPV AA . 20.00 -12.29 6.51
C20 DPV AA . 13.42 -11.12 -1.94
C21 DPV AA . 13.10 -12.57 -2.36
C22 DPV AA . 13.09 -12.72 -3.90
C23 DPV AA . 12.47 -14.07 -4.34
O2P DPV AA . 21.45 -10.43 5.85
O3P DPV AA . 19.62 -11.21 4.23
O4P DPV AA . 21.39 -12.53 4.36
H1 DPV AA . 19.33 -9.18 4.50
H1A DPV AA . 18.19 -10.25 5.37
H2 DPV AA . 18.33 -9.92 2.33
H2A DPV AA . 17.17 -10.93 3.20
H3 DPV AA . 17.42 -7.88 3.43
H3A DPV AA . 16.28 -8.83 4.36
H4 DPV AA . 23.26 -11.68 4.55
H4A DPV AA . 23.18 -13.06 3.46
H5 DPV AA . 24.28 -13.37 5.89
H5A DPV AA . 22.60 -13.42 6.47
H6 DPV AA . 24.19 -16.62 4.08
H6A DPV AA . 25.20 -15.18 4.48
H6B DPV AA . 23.88 -15.05 3.26
H7 DPV AA . 21.48 -15.12 4.00
H7A DPV AA . 21.09 -15.35 5.73
H7B DPV AA . 21.79 -16.70 4.78
H8 DPV AA . 22.91 -15.62 7.39
H8A DPV AA . 24.62 -15.57 6.88
H8B DPV AA . 23.58 -16.96 6.42
H15 DPV AA . 16.29 -8.88 1.29
H15A DPV AA . 15.48 -7.62 2.20
H16 DPV AA . 14.79 -10.60 2.24
H16A DPV AA . 14.19 -9.49 3.46
H17 DPV AA . 12.44 -9.64 1.84
H17A DPV AA . 13.16 -8.06 1.63
H18 DPV AA . 12.85 -8.80 -0.58
H18A DPV AA . 14.57 -9.10 -0.33
H19 DPV AA . 14.08 -11.52 0.10
H19A DPV AA . 12.35 -11.22 -0.05
H20 DPV AA . 12.71 -10.44 -2.42
H20A DPV AA . 14.41 -10.85 -2.28
H21 DPV AA . 13.84 -13.25 -1.92
H21A DPV AA . 12.12 -12.85 -1.96
H22 DPV AA . 12.51 -11.91 -4.35
H22A DPV AA . 14.11 -12.65 -4.28
H23 DPV AA . 12.98 -14.90 -3.86
H23A DPV AA . 12.57 -14.18 -5.42
H23B DPV AA . 11.41 -14.10 -4.08
N DPV BA . 20.08 -35.54 -4.95
P DPV BA . 21.60 -32.15 -7.16
C1 DPV BA . 22.15 -33.90 -9.01
C2 DPV BA . 22.20 -35.44 -9.24
C3 DPV BA . 23.07 -35.87 -10.47
C4 DPV BA . 20.30 -32.88 -4.95
C5 DPV BA . 19.56 -34.16 -5.48
C6 DPV BA . 19.31 -36.65 -5.68
C7 DPV BA . 19.83 -35.69 -3.44
C8 DPV BA . 21.59 -35.75 -5.23
C15 DPV BA . 22.39 -35.64 -11.85
C16 DPV BA . 22.72 -34.26 -12.48
C17 DPV BA . 21.92 -34.01 -13.80
C18 DPV BA . 22.11 -32.56 -14.35
C19 DPV BA . 21.26 -31.51 -13.56
O1P DPV BA . 20.37 -31.42 -7.56
C20 DPV BA . 21.56 -30.06 -14.04
C21 DPV BA . 20.86 -29.03 -13.11
C22 DPV BA . 21.09 -27.57 -13.58
C23 DPV BA . 20.54 -26.56 -12.53
O2P DPV BA . 22.81 -31.38 -7.48
O3P DPV BA . 21.65 -33.66 -7.68
O4P DPV BA . 21.57 -32.69 -5.64
H1 DPV BA . 23.16 -33.49 -9.09
H1A DPV BA . 21.49 -33.44 -9.74
H2 DPV BA . 22.62 -35.90 -8.34
H2A DPV BA . 21.18 -35.82 -9.35
H3 DPV BA . 23.29 -36.92 -10.36
H3A DPV BA . 24.04 -35.36 -10.43
H4 DPV BA . 19.67 -32.01 -5.12
H4A DPV BA . 20.50 -32.98 -3.88
H5 DPV BA . 18.50 -34.11 -5.19
H5A DPV BA . 19.61 -34.20 -6.57
H6 DPV BA . 18.25 -36.53 -5.48
H6A DPV BA . 19.66 -37.62 -5.31
H6B DPV BA . 19.51 -36.56 -6.75
H7 DPV BA . 18.76 -35.58 -3.24
H7A DPV BA . 20.39 -34.91 -2.91
H7B DPV BA . 20.18 -36.67 -3.11
H8 DPV BA . 22.15 -35.00 -4.68
H8A DPV BA . 21.76 -35.64 -6.30
H8B DPV BA . 21.87 -36.75 -4.91
H15 DPV BA . 21.30 -35.77 -11.76
H15A DPV BA . 22.73 -36.42 -12.54
H16 DPV BA . 22.48 -33.47 -11.77
H16A DPV BA . 23.79 -34.20 -12.69
H17 DPV BA . 22.26 -34.73 -14.56
H17A DPV BA . 20.86 -34.20 -13.62
H18 DPV BA . 23.17 -32.29 -14.31
H18A DPV BA . 21.81 -32.54 -15.41
H19 DPV BA . 20.21 -31.73 -13.69
H19A DPV BA . 21.49 -31.60 -12.50
H20 DPV BA . 22.65 -29.88 -14.02
H20A DPV BA . 21.21 -29.94 -15.06
H21 DPV BA . 19.79 -29.23 -13.09
H21A DPV BA . 21.24 -29.15 -12.09
H22 DPV BA . 22.16 -27.39 -13.72
H22A DPV BA . 20.59 -27.41 -14.53
H23 DPV BA . 20.62 -25.55 -12.92
H23A DPV BA . 21.11 -26.62 -11.61
H23B DPV BA . 19.50 -26.77 -12.30
N DPV CA . 11.37 -36.16 -5.02
P DPV CA . 15.22 -35.43 -3.28
C1 DPV CA . 16.52 -33.19 -2.92
C2 DPV CA . 17.08 -32.35 -1.75
C3 DPV CA . 18.09 -33.18 -0.90
C4 DPV CA . 12.80 -34.40 -3.61
C5 DPV CA . 11.79 -34.66 -4.77
C6 DPV CA . 10.52 -36.22 -6.29
C7 DPV CA . 10.52 -36.69 -3.84
C8 DPV CA . 12.58 -37.08 -5.23
C15 DPV CA . 18.51 -32.48 0.43
C16 DPV CA . 19.50 -31.29 0.26
C17 DPV CA . 18.84 -29.90 0.59
C18 DPV CA . 18.82 -29.62 2.13
C19 DPV CA . 17.98 -28.37 2.50
O1P DPV CA . 14.62 -36.53 -2.49
C20 DPV CA . 16.47 -28.66 2.64
C21 DPV CA . 15.64 -27.37 2.82
C22 DPV CA . 14.11 -27.68 2.93
C23 DPV CA . 13.26 -26.41 2.69
O2P DPV CA . 16.33 -35.93 -4.11
O3P DPV CA . 15.60 -34.17 -2.39
O4P DPV CA . 14.14 -34.58 -4.12
H1 DPV CA . 15.99 -32.55 -3.63
H1A DPV CA . 17.34 -33.70 -3.44
H2 DPV CA . 17.56 -31.46 -2.14
H2A DPV CA . 16.24 -32.03 -1.12
H3 DPV CA . 18.99 -33.39 -1.50
H3A DPV CA . 17.65 -34.15 -0.65
H4 DPV CA . 12.70 -33.38 -3.26
H4A DPV CA . 12.61 -35.10 -2.78
H5 DPV CA . 10.87 -34.11 -4.58
H5A DPV CA . 12.22 -34.30 -5.71
H6 DPV CA . 10.22 -37.25 -6.47
H6A DPV CA . 11.11 -35.84 -7.13
H6B DPV CA . 9.62 -35.60 -6.15
H7 DPV CA . 9.69 -35.99 -3.68
H7A DPV CA . 11.15 -36.72 -2.95
H7B DPV CA . 10.15 -37.68 -4.09
H8 DPV CA . 13.14 -37.16 -4.30
H8A DPV CA . 13.22 -36.65 -6.00
H8B DPV CA . 12.23 -38.07 -5.54
H15 DPV CA . 18.99 -33.24 1.06
H15A DPV CA . 17.61 -32.18 0.98
H16 DPV CA . 20.38 -31.44 0.88
H16A DPV CA . 19.87 -31.26 -0.78
H17 DPV CA . 19.41 -29.11 0.11
H17A DPV CA . 17.83 -29.87 0.18
H18 DPV CA . 18.42 -30.49 2.67
H18A DPV CA . 19.84 -29.47 2.47
H19 DPV CA . 18.34 -27.98 3.46
H19A DPV CA . 18.15 -27.58 1.76
H20 DPV CA . 16.12 -29.18 1.74
H20A DPV CA . 16.30 -29.33 3.49
H21 DPV CA . 15.95 -26.85 3.72
H21A DPV CA . 15.81 -26.70 1.98
H22 DPV CA . 13.84 -28.43 2.19
H22A DPV CA . 13.90 -28.09 3.92
H23 DPV CA . 12.20 -26.65 2.82
H23A DPV CA . 13.41 -26.05 1.68
H23B DPV CA . 13.52 -25.63 3.40
N DPV DA . 4.33 -33.23 1.92
P DPV DA . 7.15 -29.77 3.10
C1 DPV DA . 8.27 -27.46 2.66
C2 DPV DA . 9.01 -26.72 1.51
C3 DPV DA . 9.40 -25.27 1.91
C4 DPV DA . 6.45 -31.71 1.41
C5 DPV DA . 5.70 -32.63 2.44
C6 DPV DA . 3.33 -32.10 1.57
C7 DPV DA . 3.72 -34.04 3.07
C8 DPV DA . 4.52 -34.14 0.71
C15 DPV DA . 10.32 -24.63 0.83
C16 DPV DA . 10.76 -23.19 1.22
C17 DPV DA . 11.84 -22.60 0.25
C18 DPV DA . 13.27 -23.16 0.55
C19 DPV DA . 14.40 -22.47 -0.29
O1P DPV DA . 5.75 -29.30 3.00
C20 DPV DA . 14.53 -23.06 -1.73
C21 DPV DA . 15.95 -22.82 -2.31
C22 DPV DA . 16.19 -23.59 -3.62
C23 DPV DA . 17.67 -23.54 -4.04
O2P DPV DA . 7.56 -30.03 4.49
O3P DPV DA . 8.19 -28.86 2.30
O4P DPV DA . 7.51 -30.98 2.10
H1 DPV DA . 8.81 -27.37 3.60
H1A DPV DA . 7.27 -27.04 2.78
H2 DPV DA . 9.91 -27.28 1.26
H2A DPV DA . 8.37 -26.71 0.63
H3 DPV DA . 9.93 -25.28 2.86
H3A DPV DA . 8.51 -24.67 2.03
H4 DPV DA . 6.91 -32.32 0.63
H4A DPV DA . 5.77 -30.98 0.96
H5 DPV DA . 6.33 -33.48 2.71
H5A DPV DA . 5.48 -32.06 3.33
H6 DPV DA . 2.37 -32.55 1.31
H6A DPV DA . 3.72 -31.54 0.71
H6B DPV DA . 3.22 -31.44 2.43
H7 DPV DA . 4.41 -34.85 3.33
H7A DPV DA . 2.76 -34.45 2.74
H7B DPV DA . 3.57 -33.39 3.93
H8 DPV DA . 4.91 -33.56 -0.13
H8A DPV DA . 3.55 -34.59 0.45
H8B DPV DA . 5.23 -34.93 0.98
H15 DPV DA . 9.79 -24.61 -0.13
H15A DPV DA . 11.20 -25.26 0.70
H16 DPV DA . 9.89 -22.53 1.21
H16A DPV DA . 11.16 -23.18 2.24
H17 DPV DA . 11.56 -22.81 -0.79
H17A DPV DA . 11.85 -21.51 0.37
H18 DPV DA . 13.49 -23.02 1.60
H18A DPV DA . 13.28 -24.23 0.36
H19 DPV DA . 14.23 -21.40 -0.34
H19A DPV DA . 15.33 -22.62 0.25
H20 DPV DA . 14.33 -24.14 -1.71
H20A DPV DA . 13.79 -22.59 -2.38
H21 DPV DA . 16.10 -21.75 -2.47
H21A DPV DA . 16.69 -23.14 -1.56
H22 DPV DA . 15.90 -24.64 -3.50
H22A DPV DA . 15.57 -23.17 -4.42
H23 DPV DA . 18.30 -24.00 -3.27
H23A DPV DA . 17.99 -22.49 -4.17
H23B DPV DA . 17.82 -24.06 -4.98
N DPV EA . -6.38 -30.01 -8.53
P DPV EA . -3.93 -30.73 -4.30
C1 DPV EA . -3.07 -28.52 -3.20
C2 DPV EA . -1.94 -27.50 -3.42
C3 DPV EA . -1.79 -26.57 -2.21
C4 DPV EA . -5.74 -29.76 -5.95
C5 DPV EA . -5.77 -29.13 -7.39
C6 DPV EA . -5.64 -31.35 -8.69
C7 DPV EA . -6.23 -29.22 -9.83
C8 DPV EA . -7.89 -30.26 -8.32
C15 DPV EA . -0.51 -25.70 -2.29
C16 DPV EA . -0.41 -24.71 -1.08
C17 DPV EA . 0.99 -24.06 -0.93
C18 DPV EA . 1.32 -23.03 -2.05
C19 DPV EA . 2.76 -22.47 -1.87
O1P DPV EA . -4.97 -30.82 -3.25
C20 DPV EA . 3.23 -21.65 -3.10
C21 DPV EA . 4.78 -21.45 -3.09
C22 DPV EA . 5.32 -20.83 -4.41
C23 DPV EA . 5.33 -19.29 -4.41
O2P DPV EA . -2.97 -31.85 -4.19
O3P DPV EA . -3.23 -29.30 -4.41
O4P DPV EA . -4.52 -30.54 -5.78
H1 DPV EA . -2.80 -29.19 -2.38
H1A DPV EA . -4.01 -28.02 -2.97
H2 DPV EA . -1.01 -28.04 -3.61
H2A DPV EA . -2.17 -26.91 -4.32
H3 DPV EA . -1.77 -27.15 -1.28
H3A DPV EA . -2.66 -25.90 -2.14
H4 DPV EA . -5.75 -28.96 -5.21
H4A DPV EA . -6.61 -30.41 -5.78
H5 DPV EA . -6.37 -28.22 -7.35
H5A DPV EA . -4.76 -28.88 -7.69
H6 DPV EA . -5.75 -31.94 -7.77
H6A DPV EA . -4.58 -31.15 -8.88
H6B DPV EA . -6.07 -31.90 -9.54
H7 DPV EA . -6.66 -29.81 -10.66
H7A DPV EA . -5.16 -29.05 -10.02
H7B DPV EA . -6.76 -28.27 -9.74
H8 DPV EA . -8.02 -30.85 -7.41
H8A DPV EA . -8.28 -30.81 -9.18
H8B DPV EA . -8.39 -29.30 -8.23
H15 DPV EA . -0.50 -25.14 -3.22
H15A DPV EA . 0.37 -26.35 -2.28
H16 DPV EA . -1.18 -23.93 -1.18
H16A DPV EA . -0.63 -25.25 -0.15
H17 DPV EA . 1.04 -23.55 0.04
H17A DPV EA . 1.75 -24.84 -0.91
H18 DPV EA . 1.24 -23.51 -3.03
H18A DPV EA . 0.60 -22.20 -2.02
H19 DPV EA . 2.79 -21.84 -0.98
H19A DPV EA . 3.45 -23.31 -1.72
H20 DPV EA . 2.94 -22.16 -4.02
H20A DPV EA . 2.73 -20.68 -3.11
H21 DPV EA . 5.07 -20.83 -2.23
H21A DPV EA . 5.25 -22.42 -2.95
H22 DPV EA . 6.34 -21.18 -4.56
H22A DPV EA . 4.73 -21.18 -5.26
H23 DPV EA . 5.66 -18.92 -5.38
H23A DPV EA . 6.03 -18.92 -3.65
H23B DPV EA . 4.34 -18.90 -4.19
N DPV FA . -7.57 -29.89 -14.98
P DPV FA . -5.43 -25.20 -15.78
C1 DPV FA . -3.16 -25.03 -14.49
C2 DPV FA . -2.47 -24.29 -13.32
C3 DPV FA . -0.93 -24.48 -13.36
C4 DPV FA . -6.62 -27.47 -15.44
C5 DPV FA . -6.71 -28.69 -14.46
C6 DPV FA . -9.03 -29.47 -15.23
C7 DPV FA . -7.56 -30.98 -13.90
C8 DPV FA . -6.97 -30.51 -16.26
C15 DPV FA . -0.24 -23.63 -12.26
C16 DPV FA . 1.27 -23.96 -12.09
C17 DPV FA . 2.19 -23.35 -13.20
C18 DPV FA . 3.68 -23.44 -12.77
C19 DPV FA . 4.61 -22.61 -13.71
O1P DPV FA . -4.68 -25.45 -17.03
C20 DPV FA . 6.10 -22.65 -13.23
C21 DPV FA . 6.63 -21.32 -12.57
C22 DPV FA . 6.00 -21.00 -11.17
C23 DPV FA . 6.71 -19.80 -10.50
O2P DPV FA . -6.67 -24.43 -16.03
O3P DPV FA . -4.53 -24.57 -14.62
O4P DPV FA . -5.68 -26.52 -14.92
H1 DPV FA . -2.63 -24.85 -15.42
H1A DPV FA . -3.17 -26.11 -14.28
H2 DPV FA . -2.71 -23.22 -13.38
H2A DPV FA . -2.86 -24.67 -12.38
H3 DPV FA . -0.55 -24.20 -14.34
H3A DPV FA . -0.69 -25.53 -13.21
H4 DPV FA . -6.28 -27.79 -16.42
H4A DPV FA . -7.60 -26.99 -15.52
H5 DPV FA . -5.70 -29.08 -14.27
H5A DPV FA . -7.14 -28.36 -13.51
H6 DPV FA . -9.61 -30.36 -15.50
H6A DPV FA . -9.06 -28.75 -16.06
H6B DPV FA . -9.43 -29.01 -14.33
H7 DPV FA . -8.18 -31.81 -14.23
H7A DPV FA . -7.95 -30.56 -12.97
H7B DPV FA . -6.53 -31.31 -13.76
H8 DPV FA . -7.56 -31.39 -16.55
H8A DPV FA . -5.93 -30.80 -16.06
H8B DPV FA . -7.00 -29.76 -17.06
H15 DPV FA . -0.73 -23.81 -11.30
H15A DPV FA . -0.36 -22.56 -12.49
H16 DPV FA . 1.59 -23.58 -11.12
H16A DPV FA . 1.41 -25.04 -12.07
H17 DPV FA . 2.04 -23.87 -14.15
H17A DPV FA . 1.92 -22.30 -13.36
H18 DPV FA . 3.79 -23.07 -11.75
H18A DPV FA . 3.99 -24.48 -12.78
H19 DPV FA . 4.55 -23.00 -14.72
H19A DPV FA . 4.26 -21.57 -13.74
H20 DPV FA . 6.26 -23.49 -12.53
H20A DPV FA . 6.72 -22.85 -14.11
H21 DPV FA . 7.70 -21.42 -12.45
H21A DPV FA . 6.45 -20.50 -13.25
H22 DPV FA . 4.94 -20.77 -11.29
H22A DPV FA . 6.08 -21.87 -10.52
H23 DPV FA . 7.77 -20.01 -10.36
H23A DPV FA . 6.27 -19.59 -9.52
H23B DPV FA . 6.61 -18.90 -11.11
N DPV GA . -13.66 -24.62 -12.61
P DPV GA . -9.76 -26.47 -12.20
C1 DPV GA . -7.35 -25.49 -11.94
C2 DPV GA . -6.43 -25.16 -10.76
C3 DPV GA . -5.62 -23.88 -11.02
C4 DPV GA . -11.18 -24.28 -11.76
C5 DPV GA . -12.60 -24.85 -11.48
C6 DPV GA . -14.99 -25.17 -12.11
C7 DPV GA . -13.27 -25.38 -13.89
C8 DPV GA . -13.85 -23.13 -12.94
C15 DPV GA . -4.64 -23.58 -9.85
C16 DPV GA . -3.85 -22.27 -10.07
C17 DPV GA . -2.81 -22.05 -8.95
C18 DPV GA . -1.91 -20.80 -9.20
C19 DPV GA . -2.64 -19.46 -8.89
O1P DPV GA . -10.55 -27.68 -11.93
C20 DPV GA . -1.68 -18.24 -9.09
C21 DPV GA . -2.37 -16.87 -8.86
C22 DPV GA . -3.28 -16.45 -10.06
C23 DPV GA . -3.82 -15.01 -9.89
O2P DPV GA . -9.72 -26.17 -13.65
O3P DPV GA . -8.33 -26.48 -11.51
O4P DPV GA . -10.19 -25.22 -11.29
H1 DPV GA . -7.88 -24.59 -12.25
H1A DPV GA . -6.78 -25.89 -12.77
H2 DPV GA . -7.04 -25.03 -9.86
H2A DPV GA . -5.75 -26.00 -10.59
H3 DPV GA . -6.31 -23.03 -11.12
H3A DPV GA . -5.06 -23.97 -11.95
H4 DPV GA . -11.01 -24.12 -12.83
H4A DPV GA . -11.04 -23.34 -11.23
H5 DPV GA . -12.54 -25.93 -11.32
H5A DPV GA . -13.00 -24.39 -10.57
H6 DPV GA . -15.73 -25.06 -12.91
H6A DPV GA . -15.30 -24.61 -11.23
H6B DPV GA . -14.86 -26.23 -11.87
H7 DPV GA . -12.35 -24.97 -14.30
H7A DPV GA . -14.07 -25.27 -14.63
H7B DPV GA . -13.15 -26.45 -13.65
H8 DPV GA . -14.64 -23.03 -13.68
H8A DPV GA . -12.92 -22.73 -13.34
H8B DPV GA . -14.13 -22.61 -12.02
H15 DPV GA . -3.94 -24.42 -9.75
H15A DPV GA . -5.20 -23.51 -8.91
H16 DPV GA . -3.34 -22.32 -11.04
H16A DPV GA . -4.55 -21.43 -10.12
H17 DPV GA . -3.31 -21.95 -7.98
H17A DPV GA . -2.16 -22.93 -8.88
H18 DPV GA . -1.02 -20.89 -8.57
H18A DPV GA . -1.56 -20.80 -10.24
H19 DPV GA . -3.51 -19.35 -9.54
H19A DPV GA . -3.00 -19.47 -7.85
H20 DPV GA . -0.85 -18.33 -8.38
H20A DPV GA . -1.25 -18.27 -10.08
H21 DPV GA . -2.95 -16.88 -7.94
H21A DPV GA . -1.59 -16.12 -8.75
H22 DPV GA . -2.72 -16.50 -10.99
H22A DPV GA . -4.12 -17.14 -10.14
H23 DPV GA . -4.45 -14.74 -10.73
H23A DPV GA . -3.01 -14.30 -9.83
H23B DPV GA . -4.43 -14.94 -8.97
N DPV HA . -15.40 -20.23 -4.73
P DPV HA . -12.02 -23.43 -4.62
C1 DPV HA . -9.71 -23.70 -5.78
C2 DPV HA . -8.78 -22.96 -6.77
C3 DPV HA . -9.27 -23.10 -8.25
C4 DPV HA . -14.48 -22.70 -5.16
C5 DPV HA . -15.26 -21.46 -5.71
C6 DPV HA . -16.13 -19.12 -5.49
C7 DPV HA . -14.04 -19.67 -4.30
C8 DPV HA . -16.24 -20.60 -3.50
C15 DPV HA . -8.56 -22.09 -9.21
C16 DPV HA . -9.18 -20.66 -9.15
C17 DPV HA . -8.41 -19.62 -10.01
C18 DPV HA . -7.13 -19.05 -9.31
C19 DPV HA . -7.47 -17.93 -8.26
O1P DPV HA . -11.65 -23.02 -3.25
C20 DPV HA . -6.24 -17.49 -7.43
C21 DPV HA . -5.93 -18.48 -6.26
C22 DPV HA . -4.61 -18.11 -5.54
C23 DPV HA . -4.29 -19.14 -4.43
O2P DPV HA . -12.41 -24.85 -4.68
O3P DPV HA . -10.98 -23.00 -5.72
O4P DPV HA . -13.06 -22.45 -5.31
H1 DPV HA . -9.87 -24.73 -6.09
H1A DPV HA . -9.25 -23.68 -4.78
H2 DPV HA . -8.74 -21.91 -6.49
H2A DPV HA . -7.77 -23.36 -6.69
H3 DPV HA . -10.36 -22.96 -8.30
H3A DPV HA . -9.07 -24.11 -8.59
H4 DPV HA . -14.70 -22.86 -4.10
H4A DPV HA . -14.74 -23.59 -5.73
H5 DPV HA . -14.77 -21.10 -6.63
H5A DPV HA . -16.28 -21.77 -5.97
H6 DPV HA . -16.31 -18.28 -4.82
H6A DPV HA . -17.09 -19.51 -5.86
H6B DPV HA . -15.51 -18.80 -6.34
H7 DPV HA . -14.21 -18.78 -3.66
H7A DPV HA . -13.47 -19.38 -5.19
H7B DPV HA . -13.50 -20.43 -3.74
H8 DPV HA . -15.71 -21.38 -2.93
H8A DPV HA . -17.21 -20.98 -3.83
H8B DPV HA . -16.37 -19.71 -2.88
H15 DPV HA . -8.65 -22.47 -10.23
H15A DPV HA . -7.49 -22.06 -8.98
H16 DPV HA . -10.22 -20.71 -9.50
H16A DPV HA . -9.23 -20.32 -8.10
H17 DPV HA . -8.12 -20.07 -10.96
H17A DPV HA . -9.08 -18.79 -10.26
H18 DPV HA . -6.58 -19.86 -8.82
H18A DPV HA . -6.46 -18.63 -10.06
H19 DPV HA . -7.86 -17.05 -8.80
H19A DPV HA . -8.27 -18.26 -7.59
H20 DPV HA . -5.36 -17.40 -8.08
H20A DPV HA . -6.43 -16.50 -7.00
H21 DPV HA . -6.75 -18.47 -5.55
H21A DPV HA . -5.83 -19.50 -6.66
H22 DPV HA . -3.78 -18.10 -6.24
H22A DPV HA . -4.69 -17.12 -5.10
H23 DPV HA . -3.38 -18.84 -3.90
H23A DPV HA . -4.15 -20.12 -4.87
H23B DPV HA . -5.11 -19.19 -3.70
N DPV IA . -14.53 -19.15 -15.69
P DPV IA . -10.62 -18.69 -19.13
C1 DPV IA . -10.09 -17.36 -21.28
C2 DPV IA . -10.76 -16.36 -22.26
C3 DPV IA . -9.85 -16.02 -23.47
C4 DPV IA . -12.41 -19.08 -17.27
C5 DPV IA . -13.61 -18.31 -16.63
C6 DPV IA . -15.29 -20.25 -16.47
C7 DPV IA . -15.57 -18.21 -15.08
C8 DPV IA . -13.74 -19.81 -14.54
C15 DPV IA . -8.72 -15.00 -23.13
C16 DPV IA . -7.81 -14.74 -24.36
C17 DPV IA . -6.69 -13.70 -24.09
C18 DPV IA . -5.48 -14.30 -23.31
C19 DPV IA . -4.29 -13.29 -23.23
O1P DPV IA . -9.39 -18.37 -18.37
C20 DPV IA . -3.04 -13.93 -22.59
C21 DPV IA . -1.91 -12.87 -22.40
C22 DPV IA . -0.67 -13.50 -21.74
C23 DPV IA . 0.42 -12.45 -21.46
O2P DPV IA . -10.63 -20.07 -19.66
O3P DPV IA . -11.02 -17.59 -20.21
O4P DPV IA . -11.95 -18.29 -18.37
H1 DPV IA . -9.88 -18.30 -21.80
H1A DPV IA . -9.16 -16.94 -20.88
H2 DPV IA . -11.68 -16.79 -22.62
H2A DPV IA . -11.01 -15.45 -21.72
H3 DPV IA . -10.47 -15.61 -24.27
H3A DPV IA . -9.41 -16.94 -23.87
H4 DPV IA . -11.60 -19.20 -16.55
H4A DPV IA . -12.73 -20.05 -17.64
H5 DPV IA . -13.22 -17.47 -16.04
H5A DPV IA . -14.25 -17.91 -17.42
H6 DPV IA . -14.56 -20.97 -16.86
H6A DPV IA . -15.83 -19.79 -17.30
H6B DPV IA . -15.98 -20.76 -15.79
H7 DPV IA . -15.05 -17.44 -14.49
H7A DPV IA . -16.24 -18.77 -14.43
H7B DPV IA . -16.14 -17.74 -15.89
H8 DPV IA . -13.19 -19.03 -14.00
H8A DPV IA . -13.04 -20.53 -14.95
H8B DPV IA . -14.44 -20.30 -13.86
H15 DPV IA . -8.12 -15.38 -22.31
H15A DPV IA . -9.17 -14.07 -22.81
H16 DPV IA . -7.38 -15.68 -24.70
H16A DPV IA . -8.44 -14.37 -25.17
H17 DPV IA . -6.34 -13.33 -25.05
H17A DPV IA . -7.09 -12.85 -23.54
H18 DPV IA . -5.78 -14.57 -22.30
H18A DPV IA . -5.14 -15.21 -23.81
H19 DPV IA . -4.04 -12.95 -24.24
H19A DPV IA . -4.61 -12.42 -22.67
H20 DPV IA . -3.31 -14.35 -21.61
H20A DPV IA . -2.68 -14.74 -23.22
H21 DPV IA . -1.64 -12.46 -23.39
H21A DPV IA . -2.28 -12.05 -21.79
H22 DPV IA . -0.95 -13.97 -20.79
H22A DPV IA . -0.27 -14.28 -22.38
H23 DPV IA . 1.28 -12.90 -20.96
H23A DPV IA . 0.04 -11.64 -20.84
H23B DPV IA . 0.78 -12.01 -22.41
N DPV JA . -1.90 -0.38 -19.57
P DPV JA . -0.06 2.32 -16.12
C1 DPV JA . 0.53 1.52 -13.69
C2 DPV JA . 0.56 0.26 -12.80
C3 DPV JA . -0.84 -0.05 -12.17
C4 DPV JA . -1.60 1.87 -18.18
C5 DPV JA . -2.58 0.77 -18.75
C6 DPV JA . -1.26 0.14 -20.86
C7 DPV JA . -2.99 -1.39 -19.95
C8 DPV JA . -0.85 -1.15 -18.74
C15 DPV JA . -0.77 -1.23 -11.16
C16 DPV JA . -2.01 -1.28 -10.20
C17 DPV JA . -3.31 -1.90 -10.81
C18 DPV JA . -3.26 -3.46 -10.89
C19 DPV JA . -4.69 -4.09 -11.03
O1P DPV JA . 1.26 2.45 -16.76
C20 DPV JA . -5.43 -4.30 -9.65
C21 DPV JA . -5.07 -5.66 -8.98
C22 DPV JA . -5.71 -5.76 -7.58
C23 DPV JA . -5.29 -7.07 -6.85
O2P DPV JA . -0.63 3.61 -15.71
O3P DPV JA . -0.09 1.22 -14.96
O4P DPV JA . -1.07 1.39 -16.92
H1 DPV JA . -0.02 2.34 -13.20
H1A DPV JA . 1.55 1.86 -13.88
H2 DPV JA . 0.89 -0.59 -13.38
H2A DPV JA . 1.28 0.42 -11.99
H3 DPV JA . -1.56 -0.28 -12.96
H3A DPV JA . -1.21 0.85 -11.66
H4 DPV JA . -0.78 2.07 -18.87
H4A DPV JA . -2.16 2.79 -17.99
H5 DPV JA . -3.13 0.32 -17.91
H5A DPV JA . -3.30 1.25 -19.42
H6 DPV JA . -2.02 0.70 -21.42
H6A DPV JA . -0.91 -0.71 -21.46
H6B DPV JA . -0.42 0.79 -20.61
H7 DPV JA . -2.54 -2.23 -20.49
H7A DPV JA . -3.73 -0.89 -20.57
H7B DPV JA . -3.47 -1.75 -19.03
H8 DPV JA . -0.02 -0.47 -18.50
H8A DPV JA . -0.48 -2.00 -19.32
H8B DPV JA . -1.31 -1.50 -17.81
H15 DPV JA . 0.13 -1.13 -10.54
H15A DPV JA . -0.68 -2.17 -11.70
H16 DPV JA . -1.73 -1.85 -9.31
H16A DPV JA . -2.23 -0.27 -9.85
H17 DPV JA . -4.14 -1.59 -10.18
H17A DPV JA . -3.49 -1.48 -11.80
H18 DPV JA . -2.67 -3.76 -11.76
H18A DPV JA . -2.77 -3.88 -10.01
H19 DPV JA . -5.31 -3.46 -11.66
H19A DPV JA . -4.61 -5.06 -11.53
H20 DPV JA . -5.18 -3.47 -8.98
H20A DPV JA . -6.50 -4.27 -9.83
H21 DPV JA . -5.42 -6.48 -9.61
H21A DPV JA . -3.98 -5.75 -8.89
H22 DPV JA . -5.43 -4.91 -6.96
H22A DPV JA . -6.80 -5.75 -7.67
H23 DPV JA . -4.21 -7.14 -6.80
H23A DPV JA . -5.69 -7.93 -7.37
H23B DPV JA . -5.69 -7.06 -5.83
N DPV KA . 19.67 0.57 -16.28
P DPV KA . 15.51 3.33 -14.68
C1 DPV KA . 15.93 5.65 -13.50
C2 DPV KA . 15.86 6.31 -12.11
C3 DPV KA . 14.41 6.33 -11.55
C4 DPV KA . 17.49 1.87 -15.51
C5 DPV KA . 19.05 1.77 -15.46
C6 DPV KA . 19.28 0.62 -17.76
C7 DPV KA . 19.25 -0.78 -15.69
C8 DPV KA . 21.19 0.68 -16.18
C15 DPV KA . 14.38 6.76 -10.06
C16 DPV KA . 12.93 6.77 -9.50
C17 DPV KA . 12.90 6.97 -7.96
C18 DPV KA . 11.47 6.74 -7.40
C19 DPV KA . 11.49 6.63 -5.84
O1P DPV KA . 15.13 4.13 -15.86
C20 DPV KA . 10.06 6.36 -5.22
C21 DPV KA . 9.50 4.92 -5.43
C22 DPV KA . 10.24 3.83 -4.59
C23 DPV KA . 9.56 2.45 -4.74
O2P DPV KA . 14.61 2.18 -14.46
O3P DPV KA . 15.73 4.21 -13.36
O4P DPV KA . 17.06 2.94 -14.66
H1 DPV KA . 15.16 6.07 -14.16
H1A DPV KA . 16.91 5.83 -13.95
H2 DPV KA . 16.52 5.78 -11.42
H2A DPV KA . 16.23 7.34 -12.18
H3 DPV KA . 13.97 5.34 -11.65
H3A DPV KA . 13.81 7.02 -12.14
H4 DPV KA . 17.16 2.08 -16.54
H4A DPV KA . 17.03 0.95 -15.17
H5 DPV KA . 19.49 2.69 -15.85
H5A DPV KA . 19.36 1.64 -14.42
H6 DPV KA . 19.56 1.60 -18.17
H6A DPV KA . 18.19 0.47 -17.86
H6B DPV KA . 19.81 -0.17 -18.29
H7 DPV KA . 19.59 -0.82 -14.64
H7A DPV KA . 19.74 -1.57 -16.26
H7B DPV KA . 18.17 -0.88 -15.74
H8 DPV KA . 21.64 -0.14 -16.75
H8A DPV KA . 21.49 0.62 -15.13
H8B DPV KA . 21.51 1.64 -16.60
H15 DPV KA . 14.83 7.75 -9.95
H15A DPV KA . 14.99 6.06 -9.47
H16 DPV KA . 12.37 7.58 -9.98
H16A DPV KA . 12.44 5.83 -9.75
H17 DPV KA . 13.59 6.26 -7.50
H17A DPV KA . 13.24 7.97 -7.70
H18 DPV KA . 10.82 7.57 -7.70
H18A DPV KA . 11.05 5.82 -7.82
H19 DPV KA . 12.17 5.83 -5.54
H19A DPV KA . 11.88 7.55 -5.43
H20 DPV KA . 10.11 6.58 -4.14
H20A DPV KA . 9.36 7.09 -5.65
H21 DPV KA . 8.44 4.93 -5.15
H21A DPV KA . 9.54 4.66 -6.50
H22 DPV KA . 11.27 3.76 -4.92
H22A DPV KA . 10.24 4.13 -3.55
H23 DPV KA . 8.54 2.48 -4.38
H23A DPV KA . 10.11 1.71 -4.14
H23B DPV KA . 9.57 2.13 -5.78
N DPV LA . 25.20 -1.49 0.41
P DPV LA . 20.42 0.56 1.03
C1 DPV LA . 17.91 0.02 0.56
C2 DPV LA . 17.02 -1.01 -0.15
C3 DPV LA . 15.70 -0.36 -0.68
C4 DPV LA . 22.86 -0.31 0.75
C5 DPV LA . 23.68 -1.64 0.78
C6 DPV LA . 25.84 -2.89 0.53
C7 DPV LA . 25.94 -0.56 1.39
C8 DPV LA . 25.40 -1.00 -1.03
C15 DPV LA . 14.80 -1.38 -1.44
C16 DPV LA . 13.58 -0.66 -2.07
C17 DPV LA . 12.48 -1.67 -2.50
C18 DPV LA . 11.20 -0.96 -3.01
C19 DPV LA . 10.00 -1.95 -3.20
O1P DPV LA . 20.26 1.04 2.42
C20 DPV LA . 8.61 -1.24 -3.18
C21 DPV LA . 8.15 -0.89 -1.73
C22 DPV LA . 6.79 -0.15 -1.71
C23 DPV LA . 6.41 0.31 -0.28
O2P DPV LA . 20.65 1.67 0.09
O3P DPV LA . 19.28 -0.46 0.58
O4P DPV LA . 21.47 -0.63 0.90
H1 DPV LA . 17.88 0.97 0.02
H1A DPV LA . 17.57 0.17 1.59
H2 DPV LA . 17.57 -1.44 -0.99
H2A DPV LA . 16.78 -1.83 0.54
H3 DPV LA . 15.95 0.47 -1.33
H3A DPV LA . 15.15 0.04 0.17
H4 DPV LA . 23.17 0.34 1.57
H4A DPV LA . 23.00 0.21 -0.20
H5 DPV LA . 23.62 -2.09 1.77
H5A DPV LA . 23.25 -2.35 0.06
H6 DPV LA . 25.33 -3.57 -0.17
H6A DPV LA . 25.71 -3.25 1.55
H6B DPV LA . 26.89 -2.83 0.28
H7 DPV LA . 25.79 -0.92 2.42
H7A DPV LA . 25.54 0.45 1.27
H7B DPV LA . 27.02 -0.57 1.14
H8 DPV LA . 24.99 0.02 -1.13
H8A DPV LA . 24.87 -1.67 -1.72
H8B DPV LA . 26.47 -0.99 -1.26
H15 DPV LA . 14.47 -2.14 -0.75
H15A DPV LA . 15.38 -1.87 -2.22
H16 DPV LA . 13.14 0.03 -1.34
H16A DPV LA . 13.90 -0.08 -2.93
H17 DPV LA . 12.87 -2.34 -3.29
H17A DPV LA . 12.22 -2.30 -1.64
H18 DPV LA . 10.93 -0.18 -2.29
H18A DPV LA . 11.41 -0.45 -3.96
H19 DPV LA . 10.13 -2.47 -4.15
H19A DPV LA . 10.03 -2.72 -2.42
H20 DPV LA . 8.64 -0.34 -3.80
H20A DPV LA . 7.88 -1.91 -3.63
H21 DPV LA . 8.05 -1.81 -1.14
H21A DPV LA . 8.91 -0.27 -1.24
H22 DPV LA . 6.85 0.74 -2.35
H22A DPV LA . 6.01 -0.79 -2.11
H23 DPV LA . 6.37 -0.54 0.39
H23A DPV LA . 5.43 0.79 -0.29
H23B DPV LA . 7.14 1.03 0.10
N DPV MA . 11.99 -26.31 11.23
P DPV MA . 11.87 -22.65 8.47
C1 DPV MA . 12.15 -22.81 5.86
C2 DPV MA . 13.16 -21.68 5.56
C3 DPV MA . 12.87 -21.05 4.17
C4 DPV MA . 10.75 -24.16 10.27
C5 DPV MA . 10.66 -25.67 10.67
C6 DPV MA . 13.20 -26.10 10.28
C7 DPV MA . 11.75 -27.82 11.37
C8 DPV MA . 12.33 -25.74 12.63
C15 DPV MA . 13.74 -19.78 3.92
C16 DPV MA . 13.82 -19.36 2.42
C17 DPV MA . 12.48 -18.79 1.87
C18 DPV MA . 12.61 -18.36 0.38
C19 DPV MA . 11.29 -17.76 -0.16
O1P DPV MA . 10.80 -21.66 8.21
C20 DPV MA . 11.51 -17.09 -1.55
C21 DPV MA . 10.21 -16.48 -2.15
C22 DPV MA . 9.38 -17.51 -2.99
C23 DPV MA . 8.56 -16.80 -4.09
O2P DPV MA . 12.93 -22.10 9.34
O3P DPV MA . 12.44 -23.39 7.16
O4P DPV MA . 11.33 -24.06 8.97
H1 DPV MA . 11.13 -22.43 5.86
H1A DPV MA . 12.24 -23.60 5.11
H2 DPV MA . 13.08 -20.91 6.34
H2A DPV MA . 14.18 -22.08 5.58
H3 DPV MA . 11.82 -20.77 4.10
H3A DPV MA . 13.08 -21.79 3.40
H4 DPV MA . 9.75 -23.71 10.25
H4A DPV MA . 11.38 -23.61 10.99
H5 DPV MA . 9.89 -25.80 11.43
H5A DPV MA . 10.37 -26.25 9.79
H6 DPV MA . 14.06 -26.64 10.68
H6A DPV MA . 13.42 -25.04 10.21
H6B DPV MA . 12.93 -26.50 9.30
H7 DPV MA . 12.65 -28.28 11.80
H7A DPV MA . 11.57 -28.24 10.37
H7B DPV MA . 10.90 -27.99 12.02
H8 DPV MA . 11.48 -25.93 13.29
H8A DPV MA . 12.51 -24.67 12.54
H8B DPV MA . 13.22 -26.26 13.00
H15 DPV MA . 14.77 -19.97 4.27
H15A DPV MA . 13.36 -18.95 4.52
H16 DPV MA . 14.60 -18.60 2.32
H16A DPV MA . 14.13 -20.22 1.82
H17 DPV MA . 11.69 -19.55 1.95
H17A DPV MA . 12.18 -17.93 2.47
H18 DPV MA . 13.43 -17.63 0.29
H18A DPV MA . 12.89 -19.23 -0.22
H19 DPV MA . 10.54 -18.54 -0.24
H19A DPV MA . 10.91 -17.01 0.54
H20 DPV MA . 12.24 -16.29 -1.44
H20A DPV MA . 11.95 -17.82 -2.25
H21 DPV MA . 9.58 -16.06 -1.36
H21A DPV MA . 10.50 -15.65 -2.80
H22 DPV MA . 10.06 -18.23 -3.47
H22A DPV MA . 8.71 -18.06 -2.33
H23 DPV MA . 9.21 -16.25 -4.76
H23A DPV MA . 7.84 -16.12 -3.65
H23B DPV MA . 8.02 -17.55 -4.68
N DPV NA . 15.87 -21.63 11.90
P DPV NA . 18.12 -17.80 11.50
C1 DPV NA . 17.24 -15.34 11.34
C2 DPV NA . 16.14 -14.54 10.63
C3 DPV NA . 16.09 -13.08 11.17
C4 DPV NA . 15.83 -19.07 11.16
C5 DPV NA . 15.33 -20.53 10.91
C6 DPV NA . 15.72 -21.25 13.37
C7 DPV NA . 17.35 -21.97 11.61
C8 DPV NA . 15.05 -22.90 11.67
C15 DPV NA . 14.95 -12.28 10.50
C16 DPV NA . 14.89 -10.80 11.00
C17 DPV NA . 14.27 -9.85 9.94
C18 DPV NA . 15.32 -9.43 8.85
C19 DPV NA . 14.68 -9.09 7.46
O1P DPV NA . 18.00 -17.77 12.97
C20 DPV NA . 14.16 -10.33 6.66
C21 DPV NA . 15.28 -11.33 6.22
C22 DPV NA . 14.73 -12.41 5.27
C23 DPV NA . 15.84 -13.42 4.88
O2P DPV NA . 19.53 -17.80 11.06
O3P DPV NA . 17.24 -16.67 10.77
O4P DPV NA . 17.24 -18.95 10.82
H1 DPV NA . 18.21 -14.89 11.19
H1A DPV NA . 17.02 -15.41 12.41
H2 DPV NA . 16.34 -14.52 9.56
H2A DPV NA . 15.17 -15.02 10.78
H3 DPV NA . 17.04 -12.59 10.98
H3A DPV NA . 15.94 -13.09 12.26
H4 DPV NA . 15.26 -18.38 10.54
H4A DPV NA . 15.69 -18.80 12.21
H5 DPV NA . 14.25 -20.55 11.00
H5A DPV NA . 15.59 -20.85 9.90
H6 DPV NA . 14.67 -21.02 13.58
H6A DPV NA . 16.34 -20.37 13.58
H6B DPV NA . 16.05 -22.08 13.99
H7 DPV NA . 17.44 -22.28 10.56
H7A DPV NA . 17.66 -22.79 12.27
H7B DPV NA . 17.96 -21.09 11.80
H8 DPV NA . 15.16 -23.21 10.63
H8A DPV NA . 13.99 -22.68 11.87
H8B DPV NA . 15.41 -23.69 12.33
H15 DPV NA . 13.99 -12.76 10.71
H15A DPV NA . 15.09 -12.31 9.42
H16 DPV NA . 14.30 -10.76 11.90
H16A DPV NA . 15.89 -10.45 11.26
H17 DPV NA . 13.40 -10.34 9.48
H17A DPV NA . 13.90 -8.95 10.43
H18 DPV NA . 15.85 -8.56 9.22
H18A DPV NA . 16.07 -10.21 8.72
H19 DPV NA . 13.85 -8.40 7.62
H19A DPV NA . 15.43 -8.56 6.85
H20 DPV NA . 13.41 -10.86 7.25
H20A DPV NA . 13.65 -9.96 5.77
H21 DPV NA . 16.08 -10.77 5.73
H21A DPV NA . 15.71 -11.80 7.12
H22 DPV NA . 13.92 -12.95 5.75
H22A DPV NA . 14.35 -11.94 4.36
H23 DPV NA . 16.68 -12.91 4.40
H23A DPV NA . 15.44 -14.15 4.17
H23B DPV NA . 16.20 -13.95 5.76
N DPV OA . -1.07 -21.10 10.01
P DPV OA . 2.65 -22.19 12.60
C1 DPV OA . 4.59 -23.85 12.00
C2 DPV OA . 6.13 -23.91 11.86
C3 DPV OA . 6.65 -23.34 10.50
C4 DPV OA . 1.37 -22.09 10.29
C5 DPV OA . 0.38 -20.91 10.57
C6 DPV OA . -1.87 -19.83 10.32
C7 DPV OA . -1.79 -22.27 10.70
C8 DPV OA . -1.09 -21.32 8.48
C15 DPV OA . 6.58 -24.39 9.34
C16 DPV OA . 7.31 -23.87 8.08
C17 DPV OA . 7.25 -24.92 6.93
C18 DPV OA . 8.16 -24.53 5.72
C19 DPV OA . 7.55 -23.39 4.84
O1P DPV OA . 2.37 -21.02 13.46
C20 DPV OA . 8.57 -22.26 4.56
C21 DPV OA . 7.96 -21.18 3.62
C22 DPV OA . 8.97 -20.04 3.35
C23 DPV OA . 8.37 -18.95 2.44
O2P DPV OA . 1.82 -23.36 13.00
O3P DPV OA . 4.21 -22.53 12.47
O4P DPV OA . 2.60 -21.86 11.03
H1 DPV OA . 4.10 -24.05 11.04
H1A DPV OA . 4.25 -24.58 12.73
H2 DPV OA . 6.57 -23.33 12.67
H2A DPV OA . 6.46 -24.94 11.98
H3 DPV OA . 7.68 -23.02 10.64
H3A DPV OA . 6.07 -22.45 10.22
H4 DPV OA . 0.94 -23.03 10.60
H4A DPV OA . 1.62 -22.13 9.23
H5 DPV OA . 0.29 -20.74 11.64
H5A DPV OA . 0.78 -19.98 10.12
H6 DPV OA . -2.90 -19.97 9.99
H6A DPV OA . -1.41 -18.99 9.78
H6B DPV OA . -1.83 -19.64 11.40
H7 DPV OA . -1.25 -23.20 10.48
H7A DPV OA . -2.81 -22.34 10.31
H7B DPV OA . -1.80 -22.09 11.78
H8 DPV OA . -0.54 -22.23 8.24
H8A DPV OA . -0.63 -20.45 8.00
H8B DPV OA . -2.12 -21.42 8.16
H15 DPV OA . 5.53 -24.59 9.10
H15A DPV OA . 7.03 -25.32 9.67
H16 DPV OA . 6.86 -22.94 7.76
H16A DPV OA . 8.36 -23.67 8.33
H17 DPV OA . 7.59 -25.89 7.30
H17A DPV OA . 6.21 -25.05 6.59
H18 DPV OA . 9.15 -24.24 6.10
H18A DPV OA . 8.30 -25.41 5.10
H19 DPV OA . 7.22 -23.83 3.89
H19A DPV OA . 6.66 -22.97 5.31
H20 DPV OA . 8.86 -21.80 5.50
H20A DPV OA . 9.47 -22.68 4.10
H21 DPV OA . 7.68 -21.66 2.67
H21A DPV OA . 7.05 -20.77 4.07
H22 DPV OA . 9.28 -19.58 4.29
H22A DPV OA . 9.87 -20.45 2.87
H23 DPV OA . 7.48 -18.51 2.91
H23A DPV OA . 8.08 -19.37 1.47
H23B DPV OA . 9.10 -18.16 2.27
N DPV PA . -2.87 -30.90 0.75
P DPV PA . 0.04 -32.24 4.31
C1 DPV PA . 1.99 -30.60 4.95
C2 DPV PA . 3.46 -30.63 5.40
C3 DPV PA . 3.63 -31.37 6.76
C4 DPV PA . -0.91 -32.30 1.86
C5 DPV PA . -1.59 -30.90 1.65
C6 DPV PA . -4.03 -31.67 1.42
C7 DPV PA . -2.62 -31.49 -0.66
C8 DPV PA . -3.31 -29.45 0.58
C15 DPV PA . 5.13 -31.43 7.20
C16 DPV PA . 5.27 -31.87 8.69
C17 DPV PA . 6.75 -32.06 9.16
C18 DPV PA . 7.52 -30.72 9.39
C19 DPV PA . 8.45 -30.37 8.18
O1P DPV PA . -0.86 -31.22 4.86
C20 DPV PA . 9.08 -28.97 8.31
C21 DPV PA . 9.87 -28.61 7.01
C22 DPV PA . 10.58 -27.24 7.12
C23 DPV PA . 11.20 -26.83 5.78
O2P DPV PA . -0.33 -33.60 4.75
O3P DPV PA . 1.60 -31.93 4.53
O4P DPV PA . 0.24 -32.14 2.72
H1 DPV PA . 1.35 -30.28 5.78
H1A DPV PA . 1.87 -29.92 4.12
H2 DPV PA . 4.07 -31.12 4.63
H2A DPV PA . 3.82 -29.61 5.50
H3 DPV PA . 3.23 -32.38 6.68
H3A DPV PA . 3.06 -30.83 7.52
H4 DPV PA . -1.60 -33.01 2.32
H4A DPV PA . -0.56 -32.70 0.90
H5 DPV PA . -1.88 -30.49 2.62
H5A DPV PA . -0.88 -30.23 1.19
H6 DPV PA . -3.75 -32.72 1.51
H6A DPV PA . -4.92 -31.58 0.79
H6B DPV PA . -4.23 -31.24 2.40
H7 DPV PA . -2.36 -32.56 -0.55
H7A DPV PA . -1.79 -30.95 -1.13
H7B DPV PA . -3.52 -31.39 -1.25
H8 DPV PA . -4.17 -29.42 -0.09
H8A DPV PA . -2.48 -28.88 0.14
H8B DPV PA . -3.56 -29.03 1.55
H15 DPV PA . 5.59 -30.45 7.07
H15A DPV PA . 5.66 -32.13 6.55
H16 DPV PA . 4.76 -31.14 9.33
H16A DPV PA . 4.74 -32.82 8.82
H17 DPV PA . 6.72 -32.59 10.12
H17A DPV PA . 7.28 -32.71 8.47
H18 DPV PA . 6.82 -29.90 9.56
H18A DPV PA . 8.14 -30.82 10.28
H19 DPV PA . 9.24 -31.12 8.11
H19A DPV PA . 7.86 -30.42 7.26
H20 DPV PA . 8.30 -28.22 8.46
H20A DPV PA . 9.75 -28.95 9.17
H21 DPV PA . 10.62 -29.38 6.82
H21A DPV PA . 9.19 -28.61 6.17
H22 DPV PA . 9.87 -26.48 7.42
H22A DPV PA . 11.36 -27.29 7.88
H23 DPV PA . 10.44 -26.76 4.99
H23A DPV PA . 11.95 -27.57 5.46
H23B DPV PA . 11.68 -25.86 5.86
N DPV QA . 10.96 -32.57 -17.86
P DPV QA . 14.59 -29.28 -16.15
C1 DPV QA . 13.60 -26.96 -15.44
C2 DPV QA . 13.50 -26.06 -14.19
C3 DPV QA . 13.01 -24.62 -14.55
C4 DPV QA . 12.98 -31.02 -17.17
C5 DPV QA . 11.53 -31.12 -17.73
C6 DPV QA . 11.86 -33.49 -18.70
C7 DPV QA . 9.61 -32.46 -18.59
C8 DPV QA . 10.72 -33.19 -16.48
C15 DPV QA . 13.62 -23.50 -13.65
C16 DPV QA . 12.99 -23.41 -12.23
C17 DPV QA . 13.50 -22.14 -11.48
C18 DPV QA . 12.85 -21.98 -10.08
C19 DPV QA . 13.27 -20.64 -9.40
O1P DPV QA . 15.46 -30.34 -15.58
C20 DPV QA . 12.55 -20.42 -8.04
C21 DPV QA . 12.88 -19.02 -7.43
C22 DPV QA . 11.86 -18.61 -6.33
C23 DPV QA . 12.08 -17.18 -5.82
O2P DPV QA . 15.23 -28.62 -17.30
O3P DPV QA . 14.04 -28.28 -15.03
O4P DPV QA . 13.12 -29.79 -16.45
H1 DPV QA . 12.62 -27.04 -15.92
H1A DPV QA . 14.32 -26.54 -16.14
H2 DPV QA . 12.82 -26.51 -13.46
H2A DPV QA . 14.49 -26.02 -13.72
H3 DPV QA . 11.93 -24.59 -14.50
H3A DPV QA . 13.29 -24.40 -15.59
H4 DPV QA . 13.18 -31.85 -16.48
H4A DPV QA . 13.70 -31.05 -17.98
H5 DPV QA . 10.85 -30.57 -17.08
H5A DPV QA . 11.50 -30.66 -18.72
H6 DPV QA . 12.80 -33.65 -18.18
H6A DPV QA . 12.05 -33.03 -19.67
H6B DPV QA . 11.35 -34.46 -18.85
H7 DPV QA . 9.78 -32.05 -19.59
H7A DPV QA . 8.96 -31.79 -18.02
H7B DPV QA . 9.16 -33.45 -18.66
H8 DPV QA . 10.13 -32.50 -15.88
H8A DPV QA . 11.68 -33.38 -16.01
H8B DPV QA . 10.17 -34.14 -16.60
H15 DPV QA . 13.47 -22.55 -14.16
H15A DPV QA . 14.69 -23.64 -13.56
H16 DPV QA . 11.89 -23.35 -12.32
H16A DPV QA . 13.23 -24.30 -11.66
H17 DPV QA . 14.59 -22.21 -11.37
H17A DPV QA . 13.28 -21.25 -12.08
H18 DPV QA . 11.77 -22.00 -10.18
H18A DPV QA . 13.15 -22.82 -9.43
H19 DPV QA . 14.36 -20.63 -9.24
H19A DPV QA . 13.04 -19.82 -10.08
H20 DPV QA . 11.47 -20.49 -8.21
H20A DPV QA . 12.82 -21.20 -7.34
H21 DPV QA . 13.88 -19.04 -7.01
H21A DPV QA . 12.87 -18.26 -8.22
H22 DPV QA . 10.84 -18.68 -6.73
H22A DPV QA . 11.92 -19.31 -5.48
H23 DPV QA . 11.36 -16.92 -5.05
H23A DPV QA . 11.97 -16.46 -6.64
H23B DPV QA . 13.08 -17.07 -5.40
N DPV RA . 14.52 -33.44 -12.53
P DPV RA . 18.53 -33.13 -10.52
C1 DPV RA . 17.18 -34.77 -8.97
C2 DPV RA . 16.43 -34.88 -7.62
C3 DPV RA . 15.03 -34.18 -7.59
C4 DPV RA . 17.09 -32.71 -12.65
C5 DPV RA . 15.62 -32.51 -13.15
C6 DPV RA . 14.94 -34.92 -12.42
C7 DPV RA . 13.30 -33.38 -13.45
C8 DPV RA . 14.08 -32.91 -11.15
C15 DPV RA . 15.14 -32.66 -7.30
C16 DPV RA . 13.76 -32.00 -7.00
C17 DPV RA . 13.90 -30.54 -6.45
C18 DPV RA . 14.27 -30.51 -4.94
C19 DPV RA . 14.36 -29.07 -4.38
O1P DPV RA . 19.15 -34.32 -11.12
C20 DPV RA . 14.99 -29.07 -2.96
C21 DPV RA . 15.27 -27.63 -2.45
C22 DPV RA . 16.20 -27.65 -1.21
C23 DPV RA . 16.62 -26.24 -0.78
O2P DPV RA . 19.49 -32.01 -10.41
O3P DPV RA . 17.73 -33.44 -9.17
O4P DPV RA . 17.16 -32.72 -11.21
H1 DPV RA . 18.01 -35.48 -8.98
H1A DPV RA . 16.50 -35.00 -9.80
H2 DPV RA . 16.27 -35.94 -7.40
H2A DPV RA . 17.05 -34.50 -6.82
H3 DPV RA . 14.43 -34.65 -6.81
H3A DPV RA . 14.50 -34.35 -8.53
H4 DPV RA . 17.48 -33.66 -13.03
H4A DPV RA . 17.73 -31.90 -13.04
H5 DPV RA . 15.32 -31.47 -12.95
H5A DPV RA . 15.61 -32.65 -14.23
H6 DPV RA . 15.76 -34.98 -11.71
H6A DPV RA . 15.26 -35.26 -13.40
H6B DPV RA . 14.08 -35.50 -12.06
H7 DPV RA . 12.97 -32.34 -13.52
H7A DPV RA . 12.50 -33.99 -13.02
H7B DPV RA . 13.58 -33.75 -14.44
H8 DPV RA . 13.28 -33.54 -10.76
H8A DPV RA . 13.73 -31.88 -11.25
H8B DPV RA . 14.93 -32.95 -10.47
H15 DPV RA . 15.59 -32.17 -8.15
H15A DPV RA . 15.80 -32.52 -6.44
H16 DPV RA . 13.17 -31.98 -7.92
H16A DPV RA . 13.21 -32.60 -6.28
H17 DPV RA . 14.67 -30.00 -7.02
H17A DPV RA . 12.97 -30.01 -6.60
H18 DPV RA . 13.52 -31.08 -4.37
H18A DPV RA . 15.22 -31.01 -4.80
H19 DPV RA . 14.97 -28.47 -5.05
H19A DPV RA . 13.36 -28.62 -4.34
H20 DPV RA . 14.32 -29.59 -2.26
H20A DPV RA . 15.92 -29.62 -2.99
H21 DPV RA . 15.75 -27.04 -3.25
H21A DPV RA . 14.32 -27.14 -2.20
H22 DPV RA . 15.68 -28.14 -0.38
H22A DPV RA . 17.09 -28.23 -1.43
H23 DPV RA . 15.75 -25.65 -0.49
H23A DPV RA . 17.14 -25.73 -1.59
H23B DPV RA . 17.29 -26.29 0.08
N DPV SA . 0.97 -32.06 -16.96
P DPV SA . 2.13 -29.36 -20.74
C1 DPV SA . 4.57 -29.56 -19.75
C2 DPV SA . 5.82 -28.70 -19.40
C3 DPV SA . 5.54 -27.64 -18.29
C4 DPV SA . 1.00 -29.78 -18.38
C5 DPV SA . 1.31 -30.52 -17.04
C6 DPV SA . -0.49 -32.36 -17.36
C7 DPV SA . 1.16 -32.51 -15.51
C8 DPV SA . 1.92 -32.89 -17.84
C15 DPV SA . 6.72 -26.62 -18.17
C16 DPV SA . 6.43 -25.44 -17.18
C17 DPV SA . 5.32 -24.43 -17.66
C18 DPV SA . 5.71 -23.59 -18.92
C19 DPV SA . 4.48 -22.84 -19.48
O1P DPV SA . 2.44 -30.13 -21.96
C20 DPV SA . 4.80 -22.15 -20.84
C21 DPV SA . 3.50 -21.63 -21.53
C22 DPV SA . 3.81 -20.77 -22.78
C23 DPV SA . 2.53 -20.11 -23.33
O2P DPV SA . 1.06 -28.36 -21.00
O3P DPV SA . 3.43 -28.69 -20.06
O4P DPV SA . 1.84 -30.27 -19.45
H1 DPV SA . 4.80 -30.19 -20.62
H1A DPV SA . 4.31 -30.20 -18.91
H2 DPV SA . 6.63 -29.36 -19.08
H2A DPV SA . 6.15 -28.20 -20.31
H3 DPV SA . 5.38 -28.16 -17.34
H3A DPV SA . 4.62 -27.10 -18.53
H4 DPV SA . -0.05 -29.92 -18.67
H4A DPV SA . 1.19 -28.72 -18.26
H5 DPV SA . 2.38 -30.43 -16.82
H5A DPV SA . 0.76 -30.04 -16.24
H6 DPV SA . -0.70 -33.42 -17.18
H6A DPV SA . -0.61 -32.14 -18.43
H6B DPV SA . -1.15 -31.74 -16.77
H7 DPV SA . 2.20 -32.33 -15.21
H7A DPV SA . 0.92 -33.57 -15.42
H7B DPV SA . 0.49 -31.93 -14.87
H8 DPV SA . 1.75 -33.95 -17.66
H8A DPV SA . 2.95 -32.62 -17.59
H8B DPV SA . 1.72 -32.65 -18.89
H15 DPV SA . 6.96 -26.23 -19.16
H15A DPV SA . 7.60 -27.15 -17.81
H16 DPV SA . 6.12 -25.85 -16.21
H16A DPV SA . 7.34 -24.89 -17.00
H17 DPV SA . 4.39 -24.97 -17.85
H17A DPV SA . 5.11 -23.74 -16.83
H18 DPV SA . 6.49 -22.88 -18.65
H18A DPV SA . 6.11 -24.25 -19.69
H19 DPV SA . 3.66 -23.54 -19.63
H19A DPV SA . 4.15 -22.10 -18.77
H20 DPV SA . 5.47 -21.31 -20.66
H20A DPV SA . 5.30 -22.85 -21.51
H21 DPV SA . 2.88 -22.48 -21.82
H21A DPV SA . 2.93 -21.04 -20.81
H22 DPV SA . 4.53 -19.98 -22.51
H22A DPV SA . 4.27 -21.39 -23.55
H23 DPV SA . 2.78 -19.44 -24.16
H23A DPV SA . 2.04 -19.52 -22.56
H23B DPV SA . 1.83 -20.87 -23.70
N DPV TA . 12.89 -15.53 -28.58
P DPV TA . 10.46 -13.62 -25.04
C1 DPV TA . 9.88 -12.85 -22.62
C2 DPV TA . 10.53 -12.20 -21.38
C3 DPV TA . 9.58 -12.20 -20.15
C4 DPV TA . 12.12 -13.49 -27.05
C5 DPV TA . 12.89 -14.86 -27.16
C6 DPV TA . 11.49 -16.02 -28.97
C7 DPV TA . 13.82 -16.74 -28.53
C8 DPV TA . 13.41 -14.57 -29.68
C15 DPV TA . 10.29 -11.68 -18.87
C16 DPV TA . 9.40 -11.86 -17.61
C17 DPV TA . 10.14 -11.41 -16.32
C18 DPV TA . 9.33 -11.75 -15.04
C19 DPV TA . 10.11 -11.40 -13.74
O1P DPV TA . 9.30 -13.01 -25.75
C20 DPV TA . 9.40 -11.96 -12.48
C21 DPV TA . 10.18 -11.64 -11.18
C22 DPV TA . 9.53 -12.31 -9.94
C23 DPV TA . 10.22 -11.87 -8.64
O2P DPV TA . 10.28 -15.08 -24.86
O3P DPV TA . 10.84 -12.86 -23.69
O4P DPV TA . 11.87 -13.21 -25.66
H1 DPV TA . 9.58 -13.88 -22.40
H1A DPV TA . 9.01 -12.26 -22.93
H2 DPV TA . 11.44 -12.76 -21.12
H2A DPV TA . 10.84 -11.19 -21.61
H3 DPV TA . 9.21 -13.22 -19.97
H3A DPV TA . 8.70 -11.58 -20.37
H4 DPV TA . 12.75 -12.70 -27.46
H4A DPV TA . 11.18 -13.53 -27.60
H5 DPV TA . 13.93 -14.71 -26.86
H5A DPV TA . 12.44 -15.58 -26.47
H6 DPV TA . 11.12 -16.69 -28.20
H6A DPV TA . 11.55 -16.55 -29.93
H6B DPV TA . 10.82 -15.16 -29.07
H7 DPV TA . 13.47 -17.43 -27.75
H7A DPV TA . 14.84 -16.40 -28.29
H7B DPV TA . 13.82 -17.24 -29.50
H8 DPV TA . 14.39 -14.19 -29.36
H8A DPV TA . 12.70 -13.75 -29.80
H8B DPV TA . 13.52 -15.13 -30.61
H15 DPV TA . 10.53 -10.62 -19.00
H15A DPV TA . 11.22 -12.21 -18.74
H16 DPV TA . 8.47 -11.28 -17.72
H16A DPV TA . 9.12 -12.91 -17.51
H17 DPV TA . 11.12 -11.91 -16.28
H17A DPV TA . 10.32 -10.33 -16.37
H18 DPV TA . 8.38 -11.19 -15.05
H18A DPV TA . 9.09 -12.81 -15.04
H19 DPV TA . 11.12 -11.83 -13.80
H19A DPV TA . 10.21 -10.32 -13.66
H20 DPV TA . 8.39 -11.54 -12.41
H20A DPV TA . 9.28 -13.05 -12.58
H21 DPV TA . 11.21 -12.01 -11.28
H21A DPV TA . 10.23 -10.56 -11.05
H22 DPV TA . 8.47 -12.04 -9.89
H22A DPV TA . 9.58 -13.40 -10.03
H23 DPV TA . 9.66 -12.22 -7.77
H23A DPV TA . 10.28 -10.78 -8.57
H23B DPV TA . 11.22 -12.29 -8.58
N DPV UA . 17.10 -3.01 -20.95
P DPV UA . 17.10 -6.29 -24.10
C1 DPV UA . 18.30 -7.92 -25.76
C2 DPV UA . 17.97 -7.44 -27.19
C3 DPV UA . 17.00 -8.39 -27.97
C4 DPV UA . 17.78 -3.83 -23.39
C5 DPV UA . 18.22 -3.10 -22.07
C6 DPV UA . 15.90 -2.17 -21.39
C7 DPV UA . 17.73 -2.34 -19.72
C8 DPV UA . 16.62 -4.41 -20.50
C15 DPV UA . 15.49 -7.97 -27.89
C16 DPV UA . 14.78 -8.56 -26.64
C17 DPV UA . 13.30 -8.11 -26.54
C18 DPV UA . 12.58 -8.86 -25.38
C19 DPV UA . 11.18 -8.27 -25.08
O1P DPV UA . 16.48 -7.34 -23.28
C20 DPV UA . 10.48 -9.03 -23.93
C21 DPV UA . 9.18 -8.32 -23.46
C22 DPV UA . 8.52 -9.06 -22.26
C23 DPV UA . 7.32 -8.29 -21.71
O2P DPV UA . 16.11 -5.62 -24.98
O3P DPV UA . 18.42 -6.77 -24.87
O4P DPV UA . 17.98 -5.26 -23.24
H1 DPV UA . 17.53 -8.59 -25.38
H1A DPV UA . 19.26 -8.46 -25.77
H2 DPV UA . 17.54 -6.43 -27.16
H2A DPV UA . 18.91 -7.35 -27.76
H3 DPV UA . 17.13 -9.42 -27.63
H3A DPV UA . 17.29 -8.38 -29.02
H4 DPV UA . 16.73 -3.62 -23.61
H4A DPV UA . 18.39 -3.48 -24.22
H5 DPV UA . 19.07 -3.61 -21.64
H5A DPV UA . 18.50 -2.07 -22.30
H6 DPV UA . 15.41 -2.66 -22.24
H6A DPV UA . 16.26 -1.18 -21.68
H6B DPV UA . 15.20 -2.08 -20.56
H7 DPV UA . 18.58 -2.93 -19.38
H7A DPV UA . 16.98 -2.28 -18.93
H7B DPV UA . 18.07 -1.34 -20.01
H8 DPV UA . 17.48 -4.98 -20.16
H8A DPV UA . 16.13 -4.91 -21.34
H8B DPV UA . 15.90 -4.27 -19.68
H15 DPV UA . 14.99 -8.33 -28.79
H15A DPV UA . 15.41 -6.88 -27.90
H16 DPV UA . 14.83 -9.65 -26.69
H16A DPV UA . 15.30 -8.23 -25.75
H17 DPV UA . 13.26 -7.03 -26.36
H17A DPV UA . 12.77 -8.31 -27.48
H18 DPV UA . 12.49 -9.92 -25.63
H18A DPV UA . 13.19 -8.78 -24.47
H19 DPV UA . 11.28 -7.21 -24.81
H19A DPV UA . 10.56 -8.32 -25.98
H20 DPV UA . 10.24 -10.05 -24.25
H20A DPV UA . 11.17 -9.12 -23.08
H21 DPV UA . 9.42 -7.29 -23.17
H21A DPV UA . 8.47 -8.27 -24.29
H22 DPV UA . 8.20 -10.06 -22.58
H22A DPV UA . 9.26 -9.19 -21.46
H23 DPV UA . 7.61 -7.29 -21.37
H23A DPV UA . 6.88 -8.82 -20.87
H23B DPV UA . 6.54 -8.18 -22.48
N DPV VA . 20.28 -7.84 -21.19
P DPV VA . 19.28 -12.15 -24.05
C1 DPV VA . 19.84 -14.56 -23.17
C2 DPV VA . 18.55 -15.06 -22.47
C3 DPV VA . 18.64 -16.58 -22.11
C4 DPV VA . 19.76 -10.17 -22.35
C5 DPV VA . 20.37 -8.75 -22.48
C6 DPV VA . 21.15 -8.40 -20.05
C7 DPV VA . 18.82 -7.68 -20.69
C8 DPV VA . 20.79 -6.45 -21.57
C15 DPV VA . 17.70 -16.96 -20.93
C16 DPV VA . 18.29 -16.54 -19.54
C17 DPV VA . 17.26 -16.67 -18.39
C18 DPV VA . 17.78 -15.96 -17.12
C19 DPV VA . 16.85 -16.15 -15.90
O1P DPV VA . 17.83 -11.98 -23.83
C20 DPV VA . 17.44 -15.44 -14.66
C21 DPV VA . 16.47 -15.50 -13.44
C22 DPV VA . 17.10 -14.91 -12.14
C23 DPV VA . 17.26 -13.37 -12.17
O2P DPV VA . 19.57 -12.51 -25.45
O3P DPV VA . 19.96 -13.13 -22.98
O4P DPV VA . 20.16 -10.92 -23.52
H1 DPV VA . 20.71 -15.03 -22.72
H1A DPV VA . 19.80 -14.79 -24.23
H2 DPV VA . 18.39 -14.46 -21.57
H2A DPV VA . 17.69 -14.90 -23.12
H3 DPV VA . 19.67 -16.86 -21.85
H3A DPV VA . 18.36 -17.18 -22.98
H4 DPV VA . 20.14 -10.69 -21.46
H4A DPV VA . 18.66 -10.11 -22.30
H5 DPV VA . 21.43 -8.82 -22.74
H5A DPV VA . 19.85 -8.21 -23.28
H6 DPV VA . 22.18 -8.49 -20.42
H6A DPV VA . 20.77 -9.37 -19.75
H6B DPV VA . 21.11 -7.70 -19.21
H7 DPV VA . 18.82 -7.00 -19.84
H7A DPV VA . 18.44 -8.66 -20.38
H7B DPV VA . 18.21 -7.30 -21.51
H8 DPV VA . 20.19 -6.06 -22.39
H8A DPV VA . 21.85 -6.53 -21.89
H8B DPV VA . 20.72 -5.80 -20.70
H15 DPV VA . 17.55 -18.04 -20.92
H15A DPV VA . 16.73 -16.50 -21.06
H16 DPV VA . 19.17 -17.15 -19.31
H16A DPV VA . 18.63 -15.51 -19.60
H17 DPV VA . 16.31 -16.22 -18.69
H17A DPV VA . 17.08 -17.72 -18.18
H18 DPV VA . 18.77 -16.33 -16.87
H18A DPV VA . 17.88 -14.89 -17.32
H19 DPV VA . 15.86 -15.74 -16.13
H19A DPV VA . 16.73 -17.22 -15.70
H20 DPV VA . 18.38 -15.92 -14.39
H20A DPV VA . 17.65 -14.40 -14.90
H21 DPV VA . 15.54 -14.96 -13.67
H21A DPV VA . 16.20 -16.55 -13.24
H22 DPV VA . 16.47 -15.18 -11.29
H22A DPV VA . 18.08 -15.37 -11.96
H23 DPV VA . 16.30 -12.89 -12.37
H23A DPV VA . 17.97 -13.06 -12.94
H23B DPV VA . 17.63 -13.01 -11.22
N DPV WA . 24.76 -6.42 -16.93
P DPV WA . 21.14 -3.99 -18.51
C1 DPV WA . 19.58 -5.60 -17.15
C2 DPV WA . 18.06 -5.62 -16.90
C3 DPV WA . 17.69 -6.59 -15.74
C4 DPV WA . 23.49 -5.08 -18.85
C5 DPV WA . 24.32 -6.35 -18.44
C6 DPV WA . 23.55 -6.46 -15.97
C7 DPV WA . 25.69 -5.25 -16.55
C8 DPV WA . 25.56 -7.72 -16.74
C15 DPV WA . 16.18 -6.60 -15.43
C16 DPV WA . 15.77 -7.75 -14.46
C17 DPV WA . 16.07 -7.45 -12.97
C18 DPV WA . 16.20 -8.75 -12.14
C19 DPV WA . 16.39 -8.45 -10.62
O1P DPV WA . 21.34 -3.11 -17.34
C20 DPV WA . 16.88 -9.69 -9.82
C21 DPV WA . 18.43 -9.79 -9.79
C22 DPV WA . 18.92 -11.06 -9.03
C23 DPV WA . 20.44 -11.02 -8.78
O2P DPV WA . 21.18 -3.23 -19.78
O3P DPV WA . 19.84 -4.91 -18.40
O4P DPV WA . 22.10 -5.27 -18.51
H1 DPV WA . 20.07 -5.07 -16.32
H1A DPV WA . 19.98 -6.61 -17.22
H2 DPV WA . 17.71 -4.61 -16.67
H2A DPV WA . 17.55 -5.95 -17.82
H3 DPV WA . 18.25 -6.30 -14.85
H3A DPV WA . 18.02 -7.60 -16.01
H4 DPV WA . 23.87 -4.19 -18.35
H4A DPV WA . 23.56 -4.93 -19.94
H5 DPV WA . 23.74 -7.25 -18.64
H5A DPV WA . 25.23 -6.39 -19.03
H6 DPV WA . 22.90 -7.28 -16.27
H6A DPV WA . 23.01 -5.51 -16.06
H6B DPV WA . 23.91 -6.60 -14.95
H7 DPV WA . 25.14 -4.31 -16.64
H7A DPV WA . 26.55 -5.24 -17.22
H7B DPV WA . 26.03 -5.39 -15.51
H8 DPV WA . 26.43 -7.70 -17.39
H8A DPV WA . 24.92 -8.56 -16.99
H8B DPV WA . 25.88 -7.80 -15.69
H15 DPV WA . 15.62 -6.70 -16.36
H15A DPV WA . 15.88 -5.63 -14.99
H16 DPV WA . 14.70 -7.94 -14.58
H16A DPV WA . 16.29 -8.67 -14.78
H17 DPV WA . 17.00 -6.88 -12.87
H17A DPV WA . 15.26 -6.83 -12.56
H18 DPV WA . 15.31 -9.37 -12.27
H18A DPV WA . 17.05 -9.33 -12.50
H19 DPV WA . 17.09 -7.63 -10.48
H19A DPV WA . 15.43 -8.13 -10.21
H20 DPV WA . 16.50 -9.61 -8.79
H20A DPV WA . 16.44 -10.61 -10.24
H21 DPV WA . 18.83 -9.82 -10.81
H21A DPV WA . 18.83 -8.90 -9.31
H22 DPV WA . 18.40 -11.14 -8.07
H22A DPV WA . 18.67 -11.96 -9.60
H23 DPV WA . 20.75 -11.89 -8.20
H23A DPV WA . 20.70 -10.13 -8.20
H23B DPV WA . 20.98 -11.01 -9.71
N DPV XA . 26.96 -19.31 -3.11
P DPV XA . 28.51 -19.52 -7.14
C1 DPV XA . 26.81 -18.04 -8.45
C2 DPV XA . 25.63 -17.09 -8.15
C3 DPV XA . 25.00 -16.54 -9.45
C4 DPV XA . 28.95 -20.24 -4.65
C5 DPV XA . 27.60 -20.54 -3.88
C6 DPV XA . 26.23 -18.36 -4.07
C7 DPV XA . 27.99 -18.50 -2.30
C8 DPV XA . 25.91 -19.86 -2.14
C15 DPV XA . 23.98 -15.38 -9.21
C16 DPV XA . 22.70 -15.81 -8.44
C17 DPV XA . 21.59 -14.74 -8.53
C18 DPV XA . 20.35 -15.09 -7.65
C19 DPV XA . 20.40 -14.40 -6.25
O1P DPV XA . 29.70 -19.34 -7.98
C20 DPV XA . 19.39 -15.06 -5.25
C21 DPV XA . 19.27 -14.31 -3.89
C22 DPV XA . 20.56 -14.39 -3.00
C23 DPV XA . 20.35 -13.73 -1.63
O2P DPV XA . 27.85 -20.82 -7.36
O3P DPV XA . 27.49 -18.30 -7.21
O4P DPV XA . 28.75 -19.17 -5.61
H1 DPV XA . 26.44 -18.98 -8.86
H1A DPV XA . 27.51 -17.58 -9.15
H2 DPV XA . 24.88 -17.64 -7.57
H2A DPV XA . 25.98 -16.28 -7.53
H3 DPV XA . 24.50 -17.36 -9.99
H3A DPV XA . 25.79 -16.17 -10.11
H4 DPV XA . 29.72 -19.94 -3.94
H4A DPV XA . 29.28 -21.14 -5.18
H5 DPV XA . 26.85 -20.90 -4.59
H5A DPV XA . 27.79 -21.32 -3.15
H6 DPV XA . 26.96 -17.89 -4.73
H6A DPV XA . 25.71 -17.60 -3.49
H6B DPV XA . 25.52 -18.94 -4.67
H7 DPV XA . 28.71 -18.06 -2.98
H7A DPV XA . 28.49 -19.17 -1.60
H7B DPV XA . 27.47 -17.71 -1.75
H8 DPV XA . 26.41 -20.54 -1.43
H8A DPV XA . 25.15 -20.41 -2.70
H8B DPV XA . 25.47 -19.03 -1.59
H15 DPV XA . 23.69 -14.98 -10.18
H15A DPV XA . 24.48 -14.56 -8.67
H16 DPV XA . 22.32 -16.75 -8.86
H16A DPV XA . 22.96 -16.00 -7.39
H17 DPV XA . 22.00 -13.76 -8.22
H17A DPV XA . 21.27 -14.64 -9.56
H18 DPV XA . 19.45 -14.76 -8.17
H18A DPV XA . 20.27 -16.17 -7.53
H19 DPV XA . 21.40 -14.47 -5.84
H19A DPV XA . 20.15 -13.34 -6.36
H20 DPV XA . 18.39 -15.09 -5.71
H20A DPV XA . 19.69 -16.10 -5.07
H21 DPV XA . 19.02 -13.26 -4.08
H21A DPV XA . 18.44 -14.74 -3.34
H22 DPV XA . 20.84 -15.44 -2.87
H22A DPV XA . 21.39 -13.89 -3.52
H23 DPV XA . 21.28 -13.76 -1.06
H23A DPV XA . 19.58 -14.26 -1.06
H23B DPV XA . 20.04 -12.69 -1.75
N DPV YA . 24.34 -11.58 -24.20
P DPV YA . 23.66 -13.81 -19.77
C1 DPV YA . 22.64 -16.08 -20.67
C2 DPV YA . 22.97 -17.06 -19.51
C3 DPV YA . 22.55 -18.51 -19.87
C4 DPV YA . 23.18 -12.72 -22.12
C5 DPV YA . 24.15 -11.61 -22.65
C6 DPV YA . 25.28 -10.42 -24.54
C7 DPV YA . 23.01 -11.32 -24.95
C8 DPV YA . 24.97 -12.88 -24.73
C15 DPV YA . 23.01 -19.54 -18.82
C16 DPV YA . 22.35 -20.93 -19.07
C17 DPV YA . 22.85 -22.01 -18.08
C18 DPV YA . 22.09 -23.36 -18.29
C19 DPV YA . 22.68 -24.55 -17.48
O1P DPV YA . 24.96 -14.32 -20.24
C20 DPV YA . 22.36 -24.52 -15.95
C21 DPV YA . 23.54 -23.92 -15.10
C22 DPV YA . 23.23 -23.87 -13.58
C23 DPV YA . 22.24 -22.75 -13.18
O2P DPV YA . 23.71 -13.46 -18.33
O3P DPV YA . 22.40 -14.74 -20.14
O4P DPV YA . 23.07 -12.63 -20.67
H1 DPV YA . 23.46 -16.05 -21.40
H1A DPV YA . 21.73 -16.41 -21.17
H2 DPV YA . 24.05 -17.02 -19.30
H2A DPV YA . 22.46 -16.73 -18.60
H3 DPV YA . 22.97 -18.78 -20.85
H3A DPV YA . 21.46 -18.54 -19.96
H4 DPV YA . 22.19 -12.56 -22.54
H4A DPV YA . 23.53 -13.71 -22.40
H5 DPV YA . 23.78 -10.63 -22.34
H5A DPV YA . 25.14 -11.76 -22.20
H6 DPV YA . 24.85 -9.48 -24.18
H6A DPV YA . 25.43 -10.37 -25.63
H6B DPV YA . 26.24 -10.60 -24.05
H7 DPV YA . 23.21 -11.21 -26.02
H7A DPV YA . 22.56 -10.40 -24.56
H7B DPV YA . 22.33 -12.16 -24.78
H8 DPV YA . 25.15 -12.78 -25.81
H8A DPV YA . 24.29 -13.71 -24.54
H8B DPV YA . 25.92 -13.03 -24.20
H15 DPV YA . 22.76 -19.20 -17.81
H15A DPV YA . 24.10 -19.64 -18.85
H16 DPV YA . 21.26 -20.82 -18.97
H16A DPV YA . 22.56 -21.24 -20.09
H17 DPV YA . 23.92 -22.16 -18.22
H17A DPV YA . 22.70 -21.66 -17.05
H18 DPV YA . 21.03 -23.23 -18.02
H18A DPV YA . 22.12 -23.62 -19.36
H19 DPV YA . 22.24 -25.47 -17.89
H19A DPV YA . 23.76 -24.62 -17.65
H20 DPV YA . 21.44 -23.96 -15.77
H20A DPV YA . 22.17 -25.54 -15.61
H21 DPV YA . 24.43 -24.53 -15.26
H21A DPV YA . 23.79 -22.92 -15.45
H22 DPV YA . 22.85 -24.83 -13.24
H22A DPV YA . 24.17 -23.70 -13.04
H23 DPV YA . 21.27 -22.91 -13.65
H23A DPV YA . 22.62 -21.77 -13.48
H23B DPV YA . 22.10 -22.73 -12.10
N DPV ZA . -7.00 -21.37 7.16
P DPV ZA . -3.62 -24.64 6.93
C1 DPV ZA . -1.63 -23.98 5.39
C2 DPV ZA . -1.14 -22.68 4.72
C3 DPV ZA . 0.39 -22.71 4.42
C4 DPV ZA . -5.93 -23.74 7.80
C5 DPV ZA . -7.20 -22.93 7.34
C6 DPV ZA . -6.54 -20.70 8.47
C7 DPV ZA . -8.34 -20.76 6.77
C8 DPV ZA . -6.00 -21.05 6.02
C15 DPV ZA . 1.27 -22.55 5.70
C16 DPV ZA . 2.77 -22.73 5.38
C17 DPV ZA . 3.67 -22.76 6.67
C18 DPV ZA . 3.91 -21.37 7.34
C19 DPV ZA . 4.82 -20.42 6.49
O1P DPV ZA . -2.96 -24.31 8.21
C20 DPV ZA . 5.24 -19.17 7.29
C21 DPV ZA . 6.03 -18.17 6.39
C22 DPV ZA . 6.62 -16.98 7.21
C23 DPV ZA . 7.98 -17.32 7.86
O2P DPV ZA . -3.72 -26.09 6.71
O3P DPV ZA . -3.04 -23.84 5.69
O4P DPV ZA . -5.00 -23.88 6.70
H1 DPV ZA . -1.49 -24.85 4.73
H1A DPV ZA . -1.09 -24.15 6.33
H2 DPV ZA . -1.68 -22.55 3.78
H2A DPV ZA . -1.37 -21.83 5.36
H3 DPV ZA . 0.62 -21.91 3.71
H3A DPV ZA . 0.64 -23.65 3.91
H4 DPV ZA . -5.42 -23.23 8.63
H4A DPV ZA . -6.22 -24.73 8.12
H5 DPV ZA . -7.56 -23.32 6.39
H5A DPV ZA . -7.98 -23.05 8.09
H6 DPV ZA . -5.54 -21.06 8.72
H6A DPV ZA . -7.24 -20.95 9.26
H6B DPV ZA . -6.51 -19.62 8.31
H7 DPV ZA . -8.21 -19.70 6.59
H7A DPV ZA . -9.05 -20.93 7.58
H7B DPV ZA . -8.71 -21.26 5.85
H8 DPV ZA . -6.34 -21.53 5.11
H8A DPV ZA . -5.01 -21.42 6.31
H8B DPV ZA . -5.96 -19.96 5.89
H15 DPV ZA . 0.97 -23.28 6.45
H15A DPV ZA . 1.10 -21.55 6.12
H16 DPV ZA . 2.92 -23.68 4.85
H16A DPV ZA . 3.12 -21.94 4.71
H17 DPV ZA . 3.22 -23.44 7.40
H17A DPV ZA . 4.64 -23.19 6.41
H18 DPV ZA . 2.95 -20.87 7.54
H18A DPV ZA . 4.38 -21.54 8.31
H19 DPV ZA . 5.71 -20.96 6.18
H19A DPV ZA . 4.28 -20.12 5.59
H20 DPV ZA . 4.35 -18.66 7.69
H20A DPV ZA . 5.86 -19.48 8.14
H21 DPV ZA . 6.84 -18.69 5.87
H21A DPV ZA . 5.35 -17.77 5.63
H22 DPV ZA . 6.75 -16.13 6.53
H22A DPV ZA . 5.91 -16.65 7.98
H23 DPV ZA . 8.72 -17.56 7.09
H23A DPV ZA . 7.88 -18.16 8.53
H23B DPV ZA . 8.34 -16.46 8.44
N DPV AB . -11.40 -28.72 -4.72
P DPV AB . -7.48 -26.39 -3.31
C1 DPV AB . -5.33 -25.19 -4.25
C2 DPV AB . -4.62 -23.85 -3.98
C3 DPV AB . -3.27 -23.73 -4.74
C4 DPV AB . -8.90 -27.83 -5.01
C5 DPV AB . -10.38 -27.52 -4.59
C6 DPV AB . -12.78 -28.22 -4.24
C7 DPV AB . -11.01 -29.92 -3.84
C8 DPV AB . -11.57 -29.17 -6.18
C15 DPV AB . -2.42 -22.57 -4.16
C16 DPV AB . -1.29 -22.12 -5.13
C17 DPV AB . -0.67 -20.77 -4.67
C18 DPV AB . 0.41 -20.24 -5.66
C19 DPV AB . 0.91 -18.84 -5.21
O1P DPV AB . -8.53 -26.09 -2.33
C20 DPV AB . 2.00 -18.28 -6.14
C21 DPV AB . 2.63 -16.98 -5.54
C22 DPV AB . 3.85 -16.48 -6.36
C23 DPV AB . 4.80 -15.61 -5.50
O2P DPV AB . -6.57 -27.44 -2.80
O3P DPV AB . -6.71 -25.08 -3.82
O4P DPV AB . -8.04 -26.68 -4.78
H1 DPV AB . -5.31 -25.44 -5.31
H1A DPV AB . -4.83 -25.98 -3.69
H2 DPV AB . -5.28 -23.02 -4.31
H2A DPV AB . -4.47 -23.76 -2.92
H3 DPV AB . -3.46 -23.57 -5.80
H3A DPV AB . -2.70 -24.66 -4.64
H4 DPV AB . -8.50 -28.68 -4.43
H4A DPV AB . -8.86 -28.08 -6.07
H5 DPV AB . -10.41 -27.20 -3.55
H5A DPV AB . -10.77 -26.70 -5.20
H6 DPV AB . -12.69 -27.92 -3.20
H6A DPV AB . -13.51 -29.02 -4.34
H6B DPV AB . -13.07 -27.35 -4.85
H7 DPV AB . -11.78 -30.69 -3.94
H7A DPV AB . -10.96 -29.59 -2.80
H7B DPV AB . -10.04 -30.29 -4.16
H8 DPV AB . -12.33 -29.96 -6.22
H8A DPV AB . -10.60 -29.55 -6.54
H8B DPV AB . -11.88 -28.32 -6.78
H15 DPV AB . -1.98 -22.87 -3.21
H15A DPV AB . -3.07 -21.72 -3.96
H16 DPV AB . -0.50 -22.88 -5.15
H16A DPV AB . -1.68 -22.02 -6.14
H17 DPV AB . -1.47 -20.03 -4.61
H17A DPV AB . -0.23 -20.88 -3.68
H18 DPV AB . 1.25 -20.95 -5.69
H18A DPV AB . 0.00 -20.18 -6.66
H19 DPV AB . 0.07 -18.15 -5.18
H19A DPV AB . 1.31 -18.92 -4.19
H20 DPV AB . 2.79 -19.03 -6.29
H20A DPV AB . 1.57 -18.06 -7.11
H21 DPV AB . 1.88 -16.19 -5.49
H21A DPV AB . 2.94 -17.18 -4.51
H22 DPV AB . 4.42 -17.34 -6.76
H22A DPV AB . 3.51 -15.90 -7.22
H23 DPV AB . 5.65 -15.28 -6.10
H23A DPV AB . 5.18 -16.18 -4.65
H23B DPV AB . 4.28 -14.73 -5.12
N DPV BB . -7.04 -15.88 10.17
P DPV BB . -3.55 -18.23 7.05
C1 DPV BB . -3.07 -19.12 4.66
C2 DPV BB . -3.54 -19.06 3.20
C3 DPV BB . -3.11 -17.75 2.47
C4 DPV BB . -5.14 -17.00 8.68
C5 DPV BB . -6.46 -16.16 8.73
C6 DPV BB . -8.29 -14.99 10.01
C7 DPV BB . -6.04 -15.14 11.07
C8 DPV BB . -7.48 -17.18 10.86
C15 DPV BB . -2.66 -18.04 1.01
C16 DPV BB . -2.41 -16.74 0.21
C17 DPV BB . -2.07 -17.04 -1.27
C18 DPV BB . -1.66 -15.74 -2.03
C19 DPV BB . -1.53 -15.99 -3.56
O1P DPV BB . -2.29 -17.55 7.37
C20 DPV BB . -0.76 -14.82 -4.24
C21 DPV BB . -0.83 -14.91 -5.80
C22 DPV BB . 0.08 -13.83 -6.45
C23 DPV BB . 0.03 -13.88 -7.99
O2P DPV BB . -3.64 -19.56 7.68
O3P DPV BB . -3.88 -18.26 5.49
O4P DPV BB . -4.84 -17.34 7.31
H1 DPV BB . -3.15 -20.14 5.04
H1A DPV BB . -2.02 -18.80 4.73
H2 DPV BB . -3.15 -19.93 2.68
H2A DPV BB . -4.64 -19.15 3.18
H3 DPV BB . -2.29 -17.26 3.01
H3A DPV BB . -3.96 -17.06 2.46
H4 DPV BB . -4.31 -16.42 9.11
H4A DPV BB . -5.27 -17.93 9.25
H5 DPV BB . -6.28 -15.18 8.26
H5A DPV BB . -7.24 -16.67 8.15
H6 DPV BB . -8.00 -14.06 9.52
H6A DPV BB . -8.71 -14.78 10.99
H6B DPV BB . -9.02 -15.53 9.41
H7 DPV BB . -6.53 -14.90 12.02
H7A DPV BB . -5.73 -14.21 10.57
H7B DPV BB . -5.17 -15.77 11.24
H8 DPV BB . -6.60 -17.81 11.03
H8A DPV BB . -8.19 -17.71 10.21
H8B DPV BB . -7.95 -16.94 11.81
H15 DPV BB . -3.42 -18.64 0.51
H15A DPV BB . -1.75 -18.64 1.03
H16 DPV BB . -3.29 -16.10 0.26
H16A DPV BB . -1.58 -16.18 0.67
H17 DPV BB . -1.26 -17.76 -1.33
H17A DPV BB . -2.95 -17.49 -1.75
H18 DPV BB . -2.40 -14.96 -1.86
H18A DPV BB . -0.71 -15.39 -1.63
H19 DPV BB . -0.99 -16.91 -3.74
H19A DPV BB . -2.53 -16.09 -4.00
H20 DPV BB . -1.20 -13.87 -3.93
H20A DPV BB . 0.28 -14.83 -3.92
H21 DPV BB . -0.50 -15.90 -6.12
H21A DPV BB . -1.87 -14.76 -6.13
H22 DPV BB . -0.23 -12.83 -6.12
H22A DPV BB . 1.12 -13.97 -6.13
H23 DPV BB . 0.64 -13.09 -8.42
H23A DPV BB . -1.00 -13.74 -8.35
H23B DPV BB . 0.40 -14.83 -8.36
N DPV CB . -12.11 -22.83 2.45
P DPV CB . -7.70 -23.26 2.99
C1 DPV CB . -7.38 -21.35 1.22
C2 DPV CB . -6.51 -20.11 0.93
C3 DPV CB . -6.91 -19.45 -0.42
C4 DPV CB . -10.06 -23.25 4.10
C5 DPV CB . -11.42 -22.51 3.83
C6 DPV CB . -11.21 -22.50 1.25
C7 DPV CB . -13.37 -21.97 2.36
C8 DPV CB . -12.55 -24.31 2.37
C15 DPV CB . -6.04 -18.19 -0.72
C16 DPV CB . -6.65 -17.34 -1.88
C17 DPV CB . -5.70 -16.20 -2.32
C18 DPV CB . -6.34 -15.30 -3.40
C19 DPV CB . -5.30 -14.29 -3.96
O1P DPV CB . -6.94 -23.90 4.07
C20 DPV CB . -5.92 -13.31 -5.00
C21 DPV CB . -6.51 -12.03 -4.34
C22 DPV CB . -7.01 -11.02 -5.40
C23 DPV CB . -7.41 -9.67 -4.76
O2P DPV CB . -7.97 -24.19 1.88
O3P DPV CB . -7.05 -21.86 2.53
O4P DPV CB . -8.99 -22.49 3.50
H1 DPV CB . -8.45 -21.09 1.19
H1A DPV CB . -7.19 -22.13 0.47
H2 DPV CB . -6.64 -19.39 1.73
H2A DPV CB . -5.46 -20.41 0.91
H3 DPV CB . -7.96 -19.19 -0.39
H3A DPV CB . -6.78 -20.17 -1.24
H4 DPV CB . -9.87 -23.33 5.17
H4A DPV CB . -10.07 -24.26 3.67
H5 DPV CB . -12.13 -22.79 4.62
H5A DPV CB . -11.26 -21.43 3.87
H6 DPV CB . -11.77 -22.66 0.32
H6A DPV CB . -10.34 -23.15 1.27
H6B DPV CB . -10.90 -21.45 1.33
H7 DPV CB . -14.02 -22.19 3.22
H7A DPV CB . -13.90 -22.23 1.43
H7B DPV CB . -13.08 -20.92 2.35
H8 DPV CB . -11.65 -24.94 2.39
H8A DPV CB . -13.09 -24.47 1.44
H8B DPV CB . -13.18 -24.53 3.24
H15 DPV CB . -5.04 -18.50 -1.00
H15A DPV CB . -5.98 -17.57 0.17
H16 DPV CB . -6.85 -17.99 -2.74
H16A DPV CB . -7.61 -16.93 -1.56
H17 DPV CB . -5.42 -15.60 -1.45
H17A DPV CB . -4.78 -16.65 -2.71
H18 DPV CB . -6.71 -15.92 -4.22
H18A DPV CB . -7.19 -14.76 -2.97
H19 DPV CB . -4.85 -13.72 -3.14
H19A DPV CB . -4.49 -14.84 -4.45
H20 DPV CB . -5.15 -13.03 -5.71
H20A DPV CB . -6.70 -13.82 -5.58
H21 DPV CB . -7.33 -12.29 -3.68
H21A DPV CB . -5.73 -11.55 -3.73
H22 DPV CB . -6.22 -10.84 -6.14
H22A DPV CB . -7.87 -11.43 -5.93
H23 DPV CB . -6.56 -9.22 -4.23
H23A DPV CB . -8.22 -9.81 -4.06
H23B DPV CB . -7.74 -8.97 -5.53
N DPV DB . -15.84 -14.41 -4.06
P DPV DB . -13.64 -10.60 -3.90
C1 DPV DB . -13.77 -10.75 -6.51
C2 DPV DB . -13.56 -11.80 -7.63
C3 DPV DB . -12.15 -11.70 -8.33
C4 DPV DB . -13.99 -13.00 -2.79
C5 DPV DB . -14.38 -13.87 -4.04
C6 DPV DB . -16.87 -13.27 -4.03
C7 DPV DB . -16.10 -15.39 -2.90
C8 DPV DB . -16.04 -15.17 -5.39
C15 DPV DB . -10.92 -12.13 -7.45
C16 DPV DB . -10.93 -13.64 -7.04
C17 DPV DB . -9.59 -14.02 -6.34
C18 DPV DB . -9.52 -15.51 -5.90
C19 DPV DB . -10.36 -15.82 -4.61
O1P DPV DB . -15.10 -10.43 -3.79
C20 DPV DB . -10.01 -17.19 -3.96
C21 DPV DB . -10.42 -18.43 -4.84
C22 DPV DB . -10.31 -19.78 -4.08
C23 DPV DB . -8.85 -20.26 -3.89
O2P DPV DB . -12.90 -9.39 -3.52
O3P DPV DB . -13.16 -11.22 -5.29
O4P DPV DB . -13.08 -11.93 -3.18
H1 DPV DB . -13.34 -9.79 -6.79
H1A DPV DB . -14.85 -10.62 -6.34
H2 DPV DB . -13.72 -12.80 -7.23
H2A DPV DB . -14.33 -11.64 -8.39
H3 DPV DB . -11.99 -10.68 -8.67
H3A DPV DB . -12.18 -12.34 -9.22
H4 DPV DB . -14.87 -12.56 -2.32
H4A DPV DB . -13.48 -13.63 -2.04
H5 DPV DB . -14.25 -13.27 -4.95
H5A DPV DB . -13.70 -14.73 -4.10
H6 DPV DB . -16.79 -12.74 -3.08
H6A DPV DB . -17.88 -13.70 -4.11
H6B DPV DB . -16.68 -12.59 -4.86
H7 DPV DB . -15.35 -16.18 -2.93
H7A DPV DB . -17.11 -15.81 -3.00
H7B DPV DB . -16.02 -14.84 -1.96
H8 DPV DB . -15.35 -16.01 -5.42
H8A DPV DB . -15.84 -14.50 -6.22
H8B DPV DB . -17.08 -15.53 -5.44
H15 DPV DB . -10.88 -11.50 -6.56
H15A DPV DB . -10.02 -11.93 -8.03
H16 DPV DB . -11.77 -13.82 -6.37
H16A DPV DB . -11.06 -14.25 -7.93
H17 DPV DB . -8.77 -13.82 -7.02
H17A DPV DB . -9.44 -13.37 -5.46
H18 DPV DB . -9.85 -16.14 -6.73
H18A DPV DB . -8.48 -15.75 -5.71
H19 DPV DB . -10.18 -15.04 -3.87
H19A DPV DB . -11.42 -15.79 -4.85
H20 DPV DB . -8.94 -17.24 -3.76
H20A DPV DB . -10.52 -17.25 -3.00
H21 DPV DB . -11.46 -18.30 -5.16
H21A DPV DB . -9.81 -18.46 -5.74
H22 DPV DB . -10.78 -19.70 -3.09
H22A DPV DB . -10.85 -20.54 -4.64
H23 DPV DB . -8.29 -19.60 -3.24
H23A DPV DB . -8.33 -20.30 -4.86
H23B DPV DB . -8.83 -21.27 -3.46
N DPV EB . -14.59 -6.19 -5.68
P DPV EB . -10.33 -7.71 -7.25
C1 DPV EB . -8.63 -9.19 -8.53
C2 DPV EB . -8.46 -9.93 -9.88
C3 DPV EB . -7.10 -10.69 -9.98
C4 DPV EB . -12.57 -6.33 -7.38
C5 DPV EB . -13.57 -7.08 -6.45
C6 DPV EB . -15.49 -7.13 -4.85
C7 DPV EB . -15.51 -5.39 -6.64
C8 DPV EB . -13.89 -5.22 -4.70
C15 DPV EB . -5.88 -9.74 -10.23
C16 DPV EB . -4.53 -10.49 -10.44
C17 DPV EB . -3.98 -11.29 -9.22
C18 DPV EB . -3.65 -10.39 -7.98
C19 DPV EB . -2.93 -11.20 -6.87
O1P DPV EB . -9.42 -6.56 -7.03
C20 DPV EB . -2.92 -10.41 -5.52
C21 DPV EB . -2.44 -11.29 -4.34
C22 DPV EB . -2.55 -10.54 -2.99
C23 DPV EB . -2.17 -11.47 -1.80
O2P DPV EB . -10.55 -8.48 -6.01
O3P DPV EB . -9.94 -8.59 -8.50
O4P DPV EB . -11.68 -7.31 -8.00
H1 DPV EB . -8.56 -9.90 -7.70
H1A DPV EB . -7.88 -8.42 -8.42
H2 DPV EB . -9.28 -10.65 -9.99
H2A DPV EB . -8.55 -9.21 -10.70
H3 DPV EB . -7.17 -11.40 -10.82
H3A DPV EB . -6.94 -11.28 -9.07
H4 DPV EB . -13.11 -5.82 -8.18
H4A DPV EB . -11.97 -5.60 -6.82
H5 DPV EB . -14.16 -7.78 -7.05
H5A DPV EB . -13.01 -7.65 -5.70
H6 DPV EB . -16.00 -7.82 -5.53
H6A DPV EB . -16.22 -6.53 -4.31
H6B DPV EB . -14.85 -7.68 -4.16
H7 DPV EB . -14.90 -4.69 -7.22
H7A DPV EB . -16.24 -4.83 -6.05
H7B DPV EB . -16.01 -6.09 -7.32
H8 DPV EB . -14.65 -4.67 -4.13
H8A DPV EB . -13.28 -4.52 -5.28
H8B DPV EB . -13.26 -5.80 -4.02
H15 DPV EB . -5.78 -9.04 -9.40
H15A DPV EB . -6.09 -9.13 -11.12
H16 DPV EB . -4.64 -11.17 -11.29
H16A DPV EB . -3.77 -9.76 -10.75
H17 DPV EB . -4.69 -12.06 -8.93
H17A DPV EB . -3.06 -11.81 -9.53
H18 DPV EB . -3.02 -9.56 -8.29
H18A DPV EB . -4.58 -9.98 -7.60
H19 DPV EB . -3.44 -12.15 -6.72
H19A DPV EB . -1.91 -11.42 -7.17
H20 DPV EB . -2.26 -9.54 -5.63
H20A DPV EB . -3.93 -10.03 -5.31
H21 DPV EB . -3.03 -12.21 -4.31
H21A DPV EB . -1.40 -11.58 -4.51
H22 DPV EB . -1.89 -9.68 -2.98
H22A DPV EB . -3.57 -10.18 -2.85
H23 DPV EB . -2.85 -12.33 -1.76
H23A DPV EB . -2.26 -10.92 -0.86
H23B DPV EB . -1.16 -11.83 -1.90
N DPV FB . 18.86 0.51 6.11
P DPV FB . 15.88 2.75 2.43
C1 DPV FB . 13.36 2.02 2.34
C2 DPV FB . 12.34 1.28 1.46
C3 DPV FB . 12.26 -0.23 1.80
C4 DPV FB . 17.23 1.79 4.46
C5 DPV FB . 17.89 0.44 4.88
C6 DPV FB . 20.09 1.41 5.81
C7 DPV FB . 19.38 -0.91 6.38
C8 DPV FB . 18.16 1.00 7.39
C15 DPV FB . 11.02 -0.92 1.19
C16 DPV FB . 10.99 -2.42 1.54
C17 DPV FB . 9.68 -3.12 1.07
C18 DPV FB . 9.63 -4.64 1.42
C19 DPV FB . 8.90 -4.98 2.77
O1P DPV FB . 15.39 3.91 3.22
C20 DPV FB . 9.74 -4.75 4.07
C21 DPV FB . 10.91 -5.77 4.25
C22 DPV FB . 11.80 -5.40 5.46
C23 DPV FB . 13.04 -6.32 5.55
O2P DPV FB . 16.89 3.16 1.43
O3P DPV FB . 14.70 1.87 1.80
O4P DPV FB . 16.34 1.52 3.34
H1 DPV FB . 13.11 3.09 2.35
H1A DPV FB . 13.34 1.65 3.37
H2 DPV FB . 11.35 1.71 1.61
H2A DPV FB . 12.59 1.41 0.41
H3 DPV FB . 12.25 -0.37 2.88
H3A DPV FB . 13.18 -0.72 1.42
H4 DPV FB . 16.63 2.20 5.28
H4A DPV FB . 17.98 2.51 4.15
H5 DPV FB . 17.11 -0.28 5.15
H5A DPV FB . 18.46 0.04 4.04
H6 DPV FB . 19.75 2.43 5.66
H6A DPV FB . 20.58 1.04 4.91
H6B DPV FB . 20.78 1.37 6.66
H7 DPV FB . 20.07 -0.88 7.24
H7A DPV FB . 19.91 -1.27 5.49
H7B DPV FB . 18.53 -1.56 6.61
H8 DPV FB . 17.84 2.05 7.25
H8A DPV FB . 18.87 0.94 8.23
H8B DPV FB . 17.29 0.37 7.58
H15 DPV FB . 11.02 -0.80 0.11
H15A DPV FB . 10.11 -0.43 1.57
H16 DPV FB . 11.84 -2.92 1.08
H16A DPV FB . 11.09 -2.53 2.62
H17 DPV FB . 8.81 -2.60 1.50
H17A DPV FB . 9.61 -3.01 -0.01
H18 DPV FB . 9.09 -5.13 0.61
H18A DPV FB . 10.64 -5.06 1.41
H19 DPV FB . 7.98 -4.40 2.83
H19A DPV FB . 8.60 -6.03 2.73
H20 DPV FB . 10.12 -3.73 4.09
H20A DPV FB . 9.07 -4.84 4.93
H21 DPV FB . 10.51 -6.77 4.37
H21A DPV FB . 11.53 -5.77 3.34
H22 DPV FB . 12.14 -4.37 5.38
H22A DPV FB . 11.22 -5.48 6.39
H23 DPV FB . 13.65 -6.23 4.65
H23A DPV FB . 12.73 -7.37 5.65
H23B DPV FB . 13.64 -6.05 6.42
N DPV GB . 9.15 -10.51 16.15
P DPV GB . 5.02 -10.23 13.54
C1 DPV GB . 4.84 -10.43 10.93
C2 DPV GB . 5.74 -10.20 9.70
C3 DPV GB . 5.23 -11.00 8.48
C4 DPV GB . 7.47 -9.63 14.30
C5 DPV GB . 7.73 -9.96 15.81
C6 DPV GB . 9.40 -11.87 15.46
C7 DPV GB . 9.20 -10.74 17.67
C8 DPV GB . 10.25 -9.50 15.79
C15 DPV GB . 6.19 -10.87 7.27
C16 DPV GB . 5.63 -11.59 6.01
C17 DPV GB . 6.56 -11.46 4.78
C18 DPV GB . 5.89 -12.03 3.51
C19 DPV GB . 6.77 -11.90 2.25
O1P DPV GB . 5.32 -11.65 13.82
C20 DPV GB . 6.07 -12.54 1.02
C21 DPV GB . 6.85 -12.29 -0.30
C22 DPV GB . 6.15 -12.98 -1.51
C23 DPV GB . 6.96 -12.86 -2.81
O2P DPV GB . 3.63 -9.88 13.88
O3P DPV GB . 5.46 -9.77 12.07
O4P DPV GB . 6.09 -9.22 14.15
H1 DPV GB . 3.84 -10.01 10.78
H1A DPV GB . 4.75 -11.49 11.15
H2 DPV GB . 5.76 -9.14 9.46
H2A DPV GB . 6.76 -10.50 9.95
H3 DPV GB . 4.24 -10.62 8.19
H3A DPV GB . 5.12 -12.05 8.74
H4 DPV GB . 8.11 -8.80 13.99
H4A DPV GB . 7.67 -10.49 13.67
H5 DPV GB . 7.58 -9.04 16.41
H5A DPV GB . 7.00 -10.69 16.15
H6 DPV GB . 10.35 -12.27 15.80
H6A DPV GB . 9.43 -11.71 14.38
H6B DPV GB . 8.58 -12.55 15.71
H7 DPV GB . 10.17 -11.16 17.94
H7A DPV GB . 8.40 -11.44 17.95
H7B DPV GB . 9.04 -9.79 18.18
H8 DPV GB . 11.22 -9.89 16.13
H8A DPV GB . 10.04 -8.55 16.28
H8B DPV GB . 10.27 -9.36 14.71
H15 DPV GB . 7.17 -11.30 7.53
H15A DPV GB . 6.36 -9.81 7.04
H16 DPV GB . 5.48 -12.65 6.24
H16A DPV GB . 4.65 -11.17 5.77
H17 DPV GB . 6.81 -10.40 4.62
H17A DPV GB . 7.50 -11.99 4.97
H18 DPV GB . 5.66 -13.09 3.67
H18A DPV GB . 4.93 -11.53 3.34
H19 DPV GB . 6.95 -10.84 2.04
H19A DPV GB . 7.74 -12.38 2.41
H20 DPV GB . 5.97 -13.62 1.18
H20A DPV GB . 5.07 -12.14 0.91
H21 DPV GB . 6.92 -11.22 -0.49
H21A DPV GB . 7.86 -12.68 -0.20
H22 DPV GB . 6.00 -14.05 -1.28
H22A DPV GB . 5.16 -12.54 -1.65
H23 DPV GB . 7.12 -11.82 -3.07
H23A DPV GB . 6.42 -13.36 -3.62
H23B DPV GB . 7.93 -13.35 -2.69
N DPV HB . 13.85 -13.26 15.09
P DPV HB . 10.18 -16.16 14.51
C1 DPV HB . 9.70 -18.57 15.39
C2 DPV HB . 10.39 -19.71 16.17
C3 DPV HB . 9.93 -21.14 15.72
C4 DPV HB . 12.08 -14.62 13.64
C5 DPV HB . 13.58 -14.28 13.92
C6 DPV HB . 13.35 -11.84 14.72
C7 DPV HB . 15.35 -13.19 15.32
C8 DPV HB . 13.19 -13.71 16.42
C15 DPV HB . 10.89 -21.82 14.67
C16 DPV HB . 10.66 -21.35 13.19
C17 DPV HB . 11.64 -20.21 12.75
C18 DPV HB . 11.09 -19.44 11.53
C19 DPV HB . 11.97 -18.20 11.19
O1P DPV HB . 9.32 -15.24 15.30
C20 DPV HB . 11.30 -17.32 10.10
C21 DPV HB . 12.18 -16.11 9.69
C22 DPV HB . 11.51 -15.27 8.58
C23 DPV HB . 12.35 -14.04 8.20
O2P DPV HB . 9.61 -16.44 13.18
O3P DPV HB . 10.62 -17.46 15.31
O4P DPV HB . 11.70 -15.72 14.48
H1 DPV HB . 9.46 -18.88 14.37
H1A DPV HB . 8.78 -18.25 15.91
H2 DPV HB . 11.47 -19.62 16.08
H2A DPV HB . 10.15 -19.59 17.24
H3 DPV HB . 8.90 -21.11 15.34
H3A DPV HB . 9.92 -21.78 16.60
H4 DPV HB . 11.44 -13.76 13.85
H4A DPV HB . 11.96 -14.92 12.60
H5 DPV HB . 14.11 -15.19 14.16
H5A DPV HB . 14.02 -13.84 13.02
H6 DPV HB . 13.88 -11.51 13.83
H6A DPV HB . 13.56 -11.17 15.56
H6B DPV HB . 12.28 -11.88 14.54
H7 DPV HB . 15.73 -14.20 15.53
H7A DPV HB . 15.56 -12.54 16.17
H7B DPV HB . 15.83 -12.80 14.42
H8 DPV HB . 13.48 -13.03 17.21
H8A DPV HB . 13.54 -14.73 16.65
H8B DPV HB . 12.10 -13.72 16.30
H15 DPV HB . 10.70 -22.89 14.71
H15A DPV HB . 11.93 -21.68 14.96
H16 DPV HB . 10.80 -22.19 12.53
H16A DPV HB . 9.63 -21.01 13.08
H17 DPV HB . 11.81 -19.52 13.58
H17A DPV HB . 12.61 -20.65 12.51
H18 DPV HB . 11.06 -20.11 10.66
H18A DPV HB . 10.08 -19.11 11.74
H19 DPV HB . 12.12 -17.60 12.09
H19A DPV HB . 12.95 -18.53 10.83
H20 DPV HB . 11.10 -17.93 9.22
H20A DPV HB . 10.33 -16.95 10.48
H21 DPV HB . 12.36 -15.47 10.57
H21A DPV HB . 13.16 -16.47 9.36
H22 DPV HB . 11.38 -15.90 7.69
H22A DPV HB . 10.52 -14.95 8.90
H23 DPV HB . 11.90 -13.52 7.35
H23A DPV HB . 13.36 -14.32 7.92
H23B DPV HB . 12.39 -13.33 9.03
N DPV IB . 16.45 -31.07 -21.29
P DPV IB . 15.08 -27.50 -23.95
C1 DPV IB . 14.37 -25.63 -22.25
C2 DPV IB . 14.95 -24.98 -20.98
C3 DPV IB . 13.94 -24.03 -20.28
C4 DPV IB . 16.18 -29.84 -23.66
C5 DPV IB . 17.08 -30.68 -22.68
C6 DPV IB . 16.30 -29.83 -20.38
C7 DPV IB . 17.42 -32.02 -20.60
C8 DPV IB . 15.09 -31.78 -21.43
C15 DPV IB . 14.59 -23.34 -19.04
C16 DPV IB . 13.67 -22.29 -18.38
C17 DPV IB . 14.45 -21.43 -17.34
C18 DPV IB . 13.52 -20.41 -16.63
C19 DPV IB . 14.37 -19.32 -15.89
O1P DPV IB . 15.58 -27.16 -25.30
C20 DPV IB . 13.51 -18.35 -15.01
C21 DPV IB . 12.55 -17.43 -15.83
C22 DPV IB . 11.91 -16.33 -14.95
C23 DPV IB . 10.75 -15.60 -15.68
O2P DPV IB . 13.67 -27.92 -23.95
O3P DPV IB . 15.44 -26.40 -22.84
O4P DPV IB . 16.03 -28.50 -23.17
H1 DPV IB . 13.54 -26.28 -21.99
H1A DPV IB . 14.05 -24.87 -22.96
H2 DPV IB . 15.25 -25.77 -20.28
H2A DPV IB . 15.85 -24.42 -21.23
H3 DPV IB . 13.06 -24.60 -19.96
H3A DPV IB . 13.60 -23.27 -20.99
H4 DPV IB . 16.66 -29.79 -24.64
H4A DPV IB . 15.20 -30.30 -23.77
H5 DPV IB . 17.35 -31.62 -23.17
H5A DPV IB . 18.00 -30.14 -22.48
H6 DPV IB . 17.27 -29.35 -20.28
H6A DPV IB . 15.92 -30.15 -19.41
H6B DPV IB . 15.59 -29.13 -20.85
H7 DPV IB . 18.40 -31.54 -20.52
H7A DPV IB . 17.51 -32.94 -21.20
H7B DPV IB . 17.04 -32.27 -19.61
H8 DPV IB . 15.21 -32.64 -22.10
H8A DPV IB . 14.36 -31.08 -21.84
H8B DPV IB . 14.76 -32.11 -20.44
H15 DPV IB . 15.53 -22.86 -19.36
H15A DPV IB . 14.85 -24.09 -18.30
H16 DPV IB . 13.25 -21.63 -19.15
H16A DPV IB . 12.84 -22.80 -17.89
H17 DPV IB . 14.90 -22.10 -16.59
H17A DPV IB . 15.27 -20.92 -17.84
H18 DPV IB . 12.89 -19.92 -17.38
H18A DPV IB . 12.88 -20.92 -15.93
H19 DPV IB . 15.09 -19.82 -15.23
H19A DPV IB . 14.94 -18.74 -16.61
H20 DPV IB . 12.93 -18.93 -14.29
H20A DPV IB . 14.19 -17.72 -14.43
H21 DPV IB . 13.10 -16.97 -16.66
H21A DPV IB . 11.76 -18.05 -16.28
H22 DPV IB . 11.52 -16.78 -14.03
H22A DPV IB . 12.67 -15.60 -14.67
H23 DPV IB . 9.96 -16.31 -15.93
H23A DPV IB . 11.11 -15.14 -16.60
H23B DPV IB . 10.34 -14.83 -15.04
N DPV JB . 11.21 -26.65 -27.39
P DPV JB . 9.81 -27.12 -22.40
C1 DPV JB . 9.99 -25.75 -20.19
C2 DPV JB . 9.72 -24.33 -19.63
C3 DPV JB . 10.10 -24.25 -18.14
C4 DPV JB . 10.28 -26.90 -24.94
C5 DPV JB . 11.28 -26.17 -25.90
C6 DPV JB . 12.31 -25.90 -28.17
C7 DPV JB . 9.85 -26.31 -28.03
C8 DPV JB . 11.51 -28.16 -27.52
C15 DPV JB . 9.72 -22.86 -17.55
C16 DPV JB . 10.17 -22.72 -16.08
C17 DPV JB . 9.78 -21.34 -15.51
C18 DPV JB . 10.33 -21.12 -14.09
C19 DPV JB . 9.94 -19.71 -13.56
O1P DPV JB . 8.49 -27.72 -22.68
C20 DPV JB . 10.47 -19.49 -12.12
C21 DPV JB . 9.94 -18.16 -11.51
C22 DPV JB . 10.34 -18.05 -10.02
C23 DPV JB . 9.57 -16.93 -9.29
O2P DPV JB . 10.74 -28.09 -21.80
O3P DPV JB . 9.71 -25.74 -21.60
O4P DPV JB . 10.42 -26.32 -23.63
H1 DPV JB . 11.04 -26.02 -20.04
H1A DPV JB . 9.33 -26.48 -19.70
H2 DPV JB . 10.30 -23.60 -20.20
H2A DPV JB . 8.67 -24.10 -19.77
H3 DPV JB . 11.18 -24.42 -18.02
H3A DPV JB . 9.59 -25.03 -17.58
H4 DPV JB . 9.25 -26.75 -25.28
H4A DPV JB . 10.51 -27.96 -24.89
H5 DPV JB . 11.08 -25.10 -25.89
H5A DPV JB . 12.30 -26.34 -25.55
H6 DPV JB . 13.28 -26.12 -27.70
H6A DPV JB . 12.10 -24.83 -28.13
H6B DPV JB . 12.30 -26.25 -29.20
H7 DPV JB . 9.08 -26.91 -27.55
H7A DPV JB . 9.89 -26.54 -29.10
H7B DPV JB . 9.65 -25.24 -27.89
H8 DPV JB . 11.59 -28.41 -28.59
H8A DPV JB . 10.69 -28.72 -27.07
H8B DPV JB . 12.45 -28.39 -27.01
H15 DPV JB . 8.64 -22.72 -17.62
H15A DPV JB . 10.21 -22.07 -18.15
H16 DPV JB . 9.71 -23.52 -15.48
H16A DPV JB . 11.26 -22.84 -16.02
H17 DPV JB . 10.16 -20.57 -16.17
H17A DPV JB . 8.69 -21.27 -15.49
H18 DPV JB . 9.94 -21.88 -13.42
H18A DPV JB . 11.42 -21.21 -14.10
H19 DPV JB . 10.36 -18.94 -14.22
H19A DPV JB . 8.86 -19.60 -13.57
H20 DPV JB . 10.15 -20.33 -11.49
H20A DPV JB . 11.56 -19.47 -12.12
H21 DPV JB . 10.33 -17.31 -12.07
H21A DPV JB . 8.85 -18.13 -11.61
H22 DPV JB . 10.14 -18.99 -9.50
H22A DPV JB . 11.41 -17.85 -9.95
H23 DPV JB . 9.94 -16.83 -8.27
H23A DPV JB . 8.51 -17.18 -9.25
H23B DPV JB . 9.69 -15.98 -9.81
N DPV KB . 24.83 -28.91 -16.95
P DPV KB . 20.08 -28.55 -19.05
C1 DPV KB . 17.98 -27.04 -18.74
C2 DPV KB . 17.56 -25.76 -17.99
C3 DPV KB . 17.58 -25.96 -16.45
C4 DPV KB . 22.44 -28.99 -18.05
C5 DPV KB . 23.36 -28.38 -16.95
C6 DPV KB . 25.57 -28.23 -15.80
C7 DPV KB . 25.56 -28.53 -18.26
C8 DPV KB . 24.90 -30.43 -16.74
C15 DPV KB . 17.49 -24.63 -15.68
C16 DPV KB . 17.49 -24.91 -14.15
C17 DPV KB . 17.66 -23.62 -13.31
C18 DPV KB . 17.43 -23.92 -11.81
C19 DPV KB . 17.58 -22.66 -10.92
O1P DPV KB . 20.52 -28.37 -20.44
C20 DPV KB . 17.05 -22.95 -9.49
C21 DPV KB . 17.11 -21.69 -8.58
C22 DPV KB . 16.32 -21.94 -7.26
C23 DPV KB . 16.38 -20.72 -6.33
O2P DPV KB . 19.35 -29.82 -18.83
O3P DPV KB . 19.36 -27.27 -18.43
O4P DPV KB . 21.21 -28.27 -17.97
H1 DPV KB . 17.38 -27.89 -18.40
H1A DPV KB . 17.87 -26.91 -19.82
H2 DPV KB . 18.23 -24.94 -18.28
H2A DPV KB . 16.55 -25.48 -18.31
H3 DPV KB . 18.51 -26.47 -16.17
H3A DPV KB . 16.75 -26.61 -16.16
H4 DPV KB . 22.87 -28.85 -19.04
H4A DPV KB . 22.25 -30.05 -17.85
H5 DPV KB . 23.42 -27.30 -17.09
H5A DPV KB . 22.95 -28.58 -15.96
H6 DPV KB . 25.09 -28.51 -14.85
H6A DPV KB . 25.53 -27.15 -15.93
H6B DPV KB . 26.61 -28.57 -15.79
H7 DPV KB . 25.06 -29.02 -19.10
H7A DPV KB . 26.60 -28.86 -18.19
H7B DPV KB . 25.52 -27.44 -18.39
H8 DPV KB . 24.42 -30.94 -17.59
H8A DPV KB . 24.39 -30.69 -15.81
H8B DPV KB . 25.95 -30.74 -16.68
H15 DPV KB . 16.58 -24.09 -15.96
H15A DPV KB . 18.34 -24.00 -15.94
H16 DPV KB . 16.54 -25.39 -13.89
H16A DPV KB . 18.29 -25.60 -13.91
H17 DPV KB . 18.67 -23.23 -13.45
H17A DPV KB . 16.94 -22.86 -13.63
H18 DPV KB . 16.42 -24.34 -11.68
H18A DPV KB . 18.14 -24.69 -11.47
H19 DPV KB . 18.63 -22.36 -10.89
H19A DPV KB . 17.01 -21.83 -11.36
H20 DPV KB . 16.02 -23.30 -9.55
H20A DPV KB . 17.64 -23.75 -9.04
H21 DPV KB . 18.16 -21.46 -8.35
H21A DPV KB . 16.69 -20.84 -9.10
H22 DPV KB . 15.28 -22.16 -7.50
H22A DPV KB . 16.73 -22.81 -6.75
H23 DPV KB . 15.74 -20.89 -5.46
H23A DPV KB . 16.04 -19.82 -6.83
H23B DPV KB . 17.40 -20.57 -5.97
N DPV LB . 6.12 -18.85 12.26
P DPV LB . 1.61 -16.95 10.56
C1 DPV LB . 1.25 -17.78 8.10
C2 DPV LB . 1.19 -17.19 6.68
C3 DPV LB . 0.90 -18.29 5.64
C4 DPV LB . 4.08 -17.74 10.99
C5 DPV LB . 4.82 -19.06 11.40
C6 DPV LB . 5.80 -18.23 13.63
C7 DPV LB . 7.18 -18.00 11.53
C8 DPV LB . 6.74 -20.23 12.50
C15 DPV LB . 0.75 -17.69 4.21
C16 DPV LB . 1.07 -18.73 3.09
C17 DPV LB . 2.60 -18.83 2.84
C18 DPV LB . 2.98 -20.06 1.98
C19 DPV LB . 4.53 -20.25 1.94
O1P DPV LB . 0.29 -17.44 10.95
C20 DPV LB . 4.98 -21.57 1.25
C21 DPV LB . 4.66 -22.84 2.10
C22 DPV LB . 5.27 -24.12 1.47
C23 DPV LB . 4.94 -25.37 2.31
O2P DPV LB . 1.97 -15.72 11.31
O3P DPV LB . 1.76 -16.75 8.98
O4P DPV LB . 2.74 -18.08 10.59
H1 DPV LB . 0.26 -18.08 8.43
H1A DPV LB . 1.94 -18.64 8.13
H2 DPV LB . 0.40 -16.44 6.65
H2A DPV LB . 2.14 -16.70 6.45
H3 DPV LB . 0.00 -18.84 5.90
H3A DPV LB . 1.74 -19.01 5.66
H4 DPV LB . 4.03 -17.07 11.84
H4A DPV LB . 4.60 -17.25 10.17
H5 DPV LB . 4.15 -19.69 11.99
H5A DPV LB . 5.11 -19.61 10.50
H6 DPV LB . 5.07 -18.86 14.14
H6A DPV LB . 5.39 -17.22 13.48
H6B DPV LB . 6.72 -18.16 14.22
H7 DPV LB . 7.40 -18.47 10.57
H7A DPV LB . 8.08 -17.95 12.14
H7B DPV LB . 6.77 -16.99 11.37
H8 DPV LB . 7.62 -20.11 13.15
H8A DPV LB . 7.03 -20.66 11.54
H8B DPV LB . 5.99 -20.87 12.99
H15 DPV LB . 1.40 -16.82 4.09
H15A DPV LB . -0.28 -17.33 4.08
H16 DPV LB . 0.66 -19.70 3.36
H16A DPV LB . 0.58 -18.41 2.17
H17 DPV LB . 2.95 -17.92 2.34
H17A DPV LB . 3.13 -18.91 3.81
H18 DPV LB . 2.50 -20.95 2.40
H18A DPV LB . 2.60 -19.94 0.97
H19 DPV LB . 4.97 -19.41 1.40
H19A DPV LB . 4.92 -20.23 2.96
H20 DPV LB . 4.52 -21.66 0.27
H20A DPV LB . 6.07 -21.52 1.08
H21 DPV LB . 5.05 -22.72 3.11
H21A DPV LB . 3.58 -22.96 2.18
H22 DPV LB . 4.88 -24.25 0.46
H22A DPV LB . 6.35 -24.01 1.40
H23 DPV LB . 5.38 -26.25 1.85
H23A DPV LB . 3.85 -25.52 2.37
H23B DPV LB . 5.34 -25.27 3.33
N DPV MB . -12.97 -17.82 4.73
P DPV MB . -13.15 -16.46 -0.35
C1 DPV MB . -11.17 -14.74 -0.36
C2 DPV MB . -9.65 -14.76 -0.66
C3 DPV MB . -8.88 -13.79 0.28
C4 DPV MB . -13.28 -17.14 2.19
C5 DPV MB . -12.34 -17.72 3.30
C6 DPV MB . -14.22 -18.72 4.76
C7 DPV MB . -13.33 -16.44 5.30
C8 DPV MB . -11.92 -18.46 5.66
C15 DPV MB . -7.34 -13.97 0.10
C16 DPV MB . -6.53 -13.16 1.15
C17 DPV MB . -5.01 -13.54 1.08
C18 DPV MB . -4.20 -12.82 2.18
C19 DPV MB . -2.73 -13.30 2.22
O1P DPV MB . -13.73 -17.55 -1.15
C20 DPV MB . -1.95 -12.67 3.41
C21 DPV MB . -0.51 -13.23 3.52
C22 DPV MB . 0.21 -12.71 4.79
C23 DPV MB . 1.62 -13.30 4.94
O2P DPV MB . -14.11 -15.35 -0.15
O3P DPV MB . -11.72 -15.98 -0.88
O4P DPV MB . -12.47 -16.96 1.00
H1 DPV MB . -11.34 -14.71 0.72
H1A DPV MB . -11.65 -13.89 -0.84
H2 DPV MB . -9.28 -15.76 -0.53
H2A DPV MB . -9.48 -14.48 -1.70
H3 DPV MB . -9.14 -14.00 1.32
H3A DPV MB . -9.15 -12.75 0.07
H4 DPV MB . -14.09 -17.83 1.97
H4A DPV MB . -13.68 -16.17 2.48
H5 DPV MB . -12.02 -18.72 3.01
H5A DPV MB . -11.45 -17.08 3.39
H6 DPV MB . -13.96 -19.71 4.37
H6A DPV MB . -15.01 -18.27 4.15
H6B DPV MB . -14.57 -18.81 5.79
H7 DPV MB . -12.44 -15.81 5.29
H7A DPV MB . -13.69 -16.56 6.33
H7B DPV MB . -14.11 -16.00 4.68
H8 DPV MB . -11.66 -19.44 5.29
H8A DPV MB . -12.33 -18.53 6.67
H8B DPV MB . -11.03 -17.81 5.67
H15 DPV MB . -7.05 -13.66 -0.89
H15A DPV MB . -7.10 -15.03 0.21
H16 DPV MB . -6.65 -12.09 0.95
H16A DPV MB . -6.91 -13.37 2.16
H17 DPV MB . -4.92 -14.62 1.20
H17A DPV MB . -4.61 -13.27 0.10
H18 DPV MB . -4.22 -11.74 2.01
H18A DPV MB . -4.67 -13.01 3.16
H19 DPV MB . -2.71 -14.40 2.33
H19A DPV MB . -2.24 -13.06 1.28
H20 DPV MB . -1.91 -11.58 3.28
H20A DPV MB . -2.48 -12.87 4.34
H21 DPV MB . -0.54 -14.33 3.55
H21A DPV MB . 0.06 -12.94 2.63
H22 DPV MB . 0.28 -11.62 4.75
H22A DPV MB . -0.37 -12.95 5.68
H23 DPV MB . 2.25 -13.04 4.09
H23A DPV MB . 1.58 -14.40 5.00
H23B DPV MB . 2.10 -12.93 5.84
N DPV NB . 3.25 -5.89 13.47
P DPV NB . 4.44 -5.80 9.18
C1 DPV NB . 6.86 -5.49 8.25
C2 DPV NB . 8.30 -6.03 8.39
C3 DPV NB . 8.43 -7.50 7.90
C4 DPV NB . 2.91 -6.94 11.02
C5 DPV NB . 2.65 -5.74 12.02
C6 DPV NB . 3.19 -4.51 14.15
C7 DPV NB . 4.70 -6.35 13.49
C8 DPV NB . 2.40 -6.86 14.29
C15 DPV NB . 9.88 -8.03 8.06
C16 DPV NB . 10.05 -9.51 7.62
C17 DPV NB . 10.21 -9.67 6.08
C18 DPV NB . 10.46 -11.16 5.71
C19 DPV NB . 10.89 -11.32 4.23
O1P DPV NB . 3.71 -6.21 7.97
C20 DPV NB . 11.20 -12.81 3.89
C21 DPV NB . 11.99 -12.95 2.57
C22 DPV NB . 12.52 -14.39 2.37
C23 DPV NB . 13.40 -14.52 1.11
O2P DPV NB . 4.21 -4.38 9.53
O3P DPV NB . 5.98 -6.21 9.16
O4P DPV NB . 4.23 -6.80 10.42
H1 DPV NB . 6.83 -4.43 8.52
H1A DPV NB . 6.49 -5.62 7.23
H2 DPV NB . 8.97 -5.39 7.82
H2A DPV NB . 8.61 -5.97 9.44
H3 DPV NB . 8.14 -7.55 6.84
H3A DPV NB . 7.75 -8.14 8.47
H4 DPV NB . 2.86 -7.89 11.56
H4A DPV NB . 2.17 -6.93 10.23
H5 DPV NB . 3.07 -4.83 11.60
H5A DPV NB . 1.57 -5.60 12.13
H6 DPV NB . 3.61 -4.60 15.15
H6A DPV NB . 2.15 -4.19 14.21
H6B DPV NB . 3.77 -3.81 13.56
H7 DPV NB . 4.76 -7.36 13.06
H7A DPV NB . 5.07 -6.35 14.51
H7B DPV NB . 5.29 -5.66 12.87
H8 DPV NB . 1.39 -6.47 14.39
H8A DPV NB . 2.86 -6.98 15.28
H8B DPV NB . 2.37 -7.83 13.78
H15 DPV NB . 10.17 -7.95 9.11
H15A DPV NB . 10.58 -7.39 7.50
H16 DPV NB . 10.94 -9.91 8.11
H16A DPV NB . 9.20 -10.09 7.97
H17 DPV NB . 9.31 -9.31 5.57
H17A DPV NB . 11.05 -9.06 5.74
H18 DPV NB . 11.26 -11.56 6.35
H18A DPV NB . 9.55 -11.74 5.90
H19 DPV NB . 10.09 -10.96 3.57
H19A DPV NB . 11.77 -10.71 4.04
H20 DPV NB . 11.79 -13.25 4.71
H20A DPV NB . 10.27 -13.37 3.82
H21 DPV NB . 11.35 -12.66 1.74
H21A DPV NB . 12.84 -12.26 2.58
H22 DPV NB . 13.12 -14.69 3.24
H22A DPV NB . 11.68 -15.10 2.30
H23 DPV NB . 14.22 -13.80 1.14
H23A DPV NB . 12.79 -14.32 0.21
H23B DPV NB . 13.81 -15.52 1.03
N DPV OB . 19.36 -25.41 -22.89
P DPV OB . 16.77 -21.22 -23.50
C1 DPV OB . 16.44 -19.08 -25.02
C2 DPV OB . 15.20 -18.41 -24.38
C3 DPV OB . 15.25 -16.86 -24.55
C4 DPV OB . 18.80 -22.90 -23.57
C5 DPV OB . 18.29 -24.38 -23.39
C6 DPV OB . 20.55 -25.54 -23.87
C7 DPV OB . 19.89 -25.05 -21.48
C8 DPV OB . 18.68 -26.78 -22.80
C15 DPV OB . 14.05 -16.14 -23.85
C16 DPV OB . 14.22 -16.01 -22.31
C17 DPV OB . 12.95 -15.42 -21.64
C18 DPV OB . 13.03 -15.38 -20.08
C19 DPV OB . 13.90 -14.22 -19.53
O1P DPV OB . 17.42 -20.29 -22.54
C20 DPV OB . 13.74 -14.10 -17.99
C21 DPV OB . 14.60 -12.97 -17.40
C22 DPV OB . 14.36 -12.80 -15.87
C23 DPV OB . 15.30 -11.72 -15.27
O2P DPV OB . 15.68 -21.98 -22.86
O3P DPV OB . 16.34 -20.53 -24.88
O4P DPV OB . 17.81 -22.13 -24.29
H1 DPV OB . 16.48 -18.84 -26.08
H1A DPV OB . 17.36 -18.73 -24.53
H2 DPV OB . 14.30 -18.80 -24.86
H2A DPV OB . 15.16 -18.68 -23.32
H3 DPV OB . 15.24 -16.61 -25.61
H3A DPV OB . 16.20 -16.47 -24.15
H4 DPV OB . 18.99 -22.44 -22.59
H4A DPV OB . 19.72 -22.89 -24.15
H5 DPV OB . 17.46 -24.39 -22.67
H5A DPV OB . 17.92 -24.73 -24.35
H6 DPV OB . 20.16 -25.78 -24.86
H6A DPV OB . 21.21 -26.33 -23.52
H6B DPV OB . 21.10 -24.59 -23.89
H7 DPV OB . 19.03 -24.97 -20.81
H7A DPV OB . 20.41 -24.10 -21.53
H7B DPV OB . 20.56 -25.85 -21.15
H8 DPV OB . 17.86 -26.72 -22.09
H8A DPV OB . 19.41 -27.51 -22.47
H8B DPV OB . 18.30 -27.05 -23.79
H15 DPV OB . 13.12 -16.66 -24.09
H15A DPV OB . 13.97 -15.13 -24.28
H16 DPV OB . 14.43 -17.00 -21.89
H16A DPV OB . 15.07 -15.37 -22.10
H17 DPV OB . 12.77 -14.42 -22.02
H17A DPV OB . 12.09 -16.04 -21.92
H18 DPV OB . 12.02 -15.28 -19.70
H18A DPV OB . 13.42 -16.34 -19.70
H19 DPV OB . 14.95 -14.39 -19.78
H19A DPV OB . 13.59 -13.28 -20.00
H20 DPV OB . 12.69 -13.92 -17.75
H20A DPV OB . 14.03 -15.05 -17.52
H21 DPV OB . 15.66 -13.19 -17.57
H21A DPV OB . 14.38 -12.02 -17.91
H22 DPV OB . 13.31 -12.50 -15.70
H22A DPV OB . 14.53 -13.74 -15.36
H23 DPV OB . 16.33 -12.02 -15.37
H23A DPV OB . 15.07 -11.59 -14.20
H23B DPV OB . 15.15 -10.76 -15.77
N GLY A 1 -3.83 2.80 -5.87
CA GLY A 1 -3.17 1.68 -6.56
C GLY A 1 -2.48 0.75 -5.60
N LEU A 2 -1.82 -0.28 -6.12
CA LEU A 2 -1.12 -1.25 -5.28
C LEU A 2 -0.02 -0.62 -4.43
N LEU A 3 0.59 0.47 -4.88
CA LEU A 3 1.63 1.12 -4.09
C LEU A 3 1.03 1.63 -2.78
N LYS A 4 -0.13 2.26 -2.86
CA LYS A 4 -0.84 2.74 -1.67
C LYS A 4 -1.23 1.58 -0.79
N TRP A 5 -1.65 0.48 -1.40
CA TRP A 5 -2.05 -0.72 -0.67
C TRP A 5 -0.90 -1.25 0.21
N ILE A 6 0.27 -1.39 -0.38
CA ILE A 6 1.44 -1.90 0.37
C ILE A 6 1.82 -0.91 1.48
N LYS A 7 1.85 0.38 1.18
CA LYS A 7 2.21 1.38 2.19
C LYS A 7 1.21 1.40 3.34
N THR A 8 -0.05 1.10 3.07
CA THR A 8 -1.06 1.04 4.13
C THR A 8 -0.82 -0.19 5.01
N LEU A 9 -0.50 -1.33 4.41
CA LEU A 9 -0.25 -2.56 5.18
C LEU A 9 1.00 -2.43 6.05
N LEU A 10 2.05 -1.81 5.50
CA LEU A 10 3.29 -1.60 6.23
C LEU A 10 3.06 -0.66 7.41
N NH2 A 11 2.22 0.35 7.20
HN1 NH2 A 11 1.77 0.46 6.31
HN2 NH2 A 11 2.04 1.01 7.94
UNK UNX B . 10.59 -14.44 -5.98
N DPV C . 4.45 -35.22 -13.18
P DPV C . 8.77 -34.17 -14.79
C1 DPV C . 9.64 -34.59 -12.36
C2 DPV C . 10.17 -33.77 -11.17
C3 DPV C . 9.62 -34.33 -9.83
C4 DPV C . 6.23 -33.60 -14.31
C5 DPV C . 5.82 -34.47 -13.06
C6 DPV C . 4.24 -36.00 -11.88
C7 DPV C . 4.44 -36.22 -14.34
C8 DPV C . 3.27 -34.23 -13.33
C15 DPV C . 10.05 -33.46 -8.62
C16 DPV C . 9.19 -33.77 -7.37
C17 DPV C . 9.59 -32.89 -6.16
C18 DPV C . 8.53 -32.93 -5.03
C19 DPV C . 8.83 -31.95 -3.86
O1P DPV C . 9.28 -33.68 -16.10
C20 DPV C . 9.81 -32.54 -2.80
C21 DPV C . 10.02 -31.55 -1.62
C22 DPV C . 11.04 -32.09 -0.59
C23 DPV C . 11.16 -31.15 0.64
O2P DPV C . 8.40 -35.60 -14.85
O3P DPV C . 9.73 -33.80 -13.57
O4P DPV C . 7.62 -33.23 -14.17
H1 DPV C . 10.23 -35.50 -12.50
H1A DPV C . 8.59 -34.86 -12.20
H2 DPV C . 11.26 -33.79 -11.16
H2A DPV C . 9.87 -32.73 -11.29
H3 DPV C . 9.96 -35.35 -9.69
H3A DPV C . 8.52 -34.35 -9.89
H4 DPV C . 6.10 -34.15 -15.23
H4A DPV C . 5.62 -32.68 -14.33
H5 DPV C . 6.59 -35.24 -12.90
H5A DPV C . 5.78 -33.84 -12.17
H6 DPV C . 5.06 -36.72 -11.77
H6A DPV C . 3.28 -36.51 -11.92
H6B DPV C . 4.25 -35.29 -11.04
H7 DPV C . 5.30 -36.89 -14.23
H7A DPV C . 4.51 -35.67 -15.29
H7B DPV C . 3.51 -36.79 -14.31
H8 DPV C . 2.33 -34.79 -13.33
H8A DPV C . 3.38 -33.70 -14.29
H8B DPV C . 3.29 -33.53 -12.51
H15 DPV C . 9.92 -32.40 -8.88
H15A DPV C . 11.11 -33.63 -8.41
H16 DPV C . 8.13 -33.60 -7.60
H16A DPV C . 9.29 -34.83 -7.11
H17 DPV C . 10.56 -33.23 -5.77
H17A DPV C . 9.73 -31.84 -6.49
H18 DPV C . 7.56 -32.65 -5.46
H18A DPV C . 8.42 -33.95 -4.65
H19 DPV C . 9.22 -31.00 -4.25
H19A DPV C . 7.89 -31.71 -3.36
H20 DPV C . 9.39 -33.48 -2.41
H20A DPV C . 10.77 -32.77 -3.27
H21 DPV C . 10.37 -30.59 -2.01
H21A DPV C . 9.06 -31.38 -1.12
H22 DPV C . 10.74 -33.08 -0.24
H22A DPV C . 12.03 -32.19 -1.06
H23 DPV C . 11.47 -30.15 0.32
H23A DPV C . 11.91 -31.53 1.34
H23B DPV C . 10.20 -31.07 1.15
N DPV D . 19.25 -35.58 -2.12
P DPV D . 15.84 -32.46 -2.98
C1 DPV D . 13.74 -31.08 -3.64
C2 DPV D . 12.76 -30.96 -4.84
C3 DPV D . 11.88 -29.68 -4.74
C4 DPV D . 17.19 -34.66 -3.54
C5 DPV D . 17.88 -34.81 -2.13
C6 DPV D . 20.28 -34.94 -3.06
C7 DPV D . 19.81 -35.52 -0.69
C8 DPV D . 19.07 -37.06 -2.49
C15 DPV D . 12.62 -28.39 -5.22
C16 DPV D . 11.81 -27.10 -4.85
C17 DPV D . 12.31 -25.84 -5.60
C18 DPV D . 13.63 -25.24 -5.02
C19 DPV D . 14.15 -24.06 -5.92
O1P DPV D . 15.78 -32.28 -1.53
C20 DPV D . 15.47 -23.42 -5.39
C21 DPV D . 15.26 -22.43 -4.21
C22 DPV D . 14.71 -21.05 -4.65
C23 DPV D . 14.42 -20.15 -3.43
O2P DPV D . 16.87 -31.62 -3.63
O3P DPV D . 14.41 -32.35 -3.69
O4P DPV D . 15.90 -34.00 -3.41
H1 DPV D . 14.47 -30.28 -3.68
H1A DPV D . 13.18 -31.02 -2.70
H2 DPV D . 13.33 -30.96 -5.78
H2A DPV D . 12.12 -31.84 -4.85
H3 DPV D . 11.54 -29.55 -3.71
H3A DPV D . 11.00 -29.81 -5.36
H4 DPV D . 17.82 -34.07 -4.21
H4A DPV D . 17.01 -35.65 -3.97
H5 DPV D . 18.08 -33.81 -1.72
H5A DPV D . 17.21 -35.33 -1.45
H6 DPV D . 20.39 -33.89 -2.80
H6A DPV D . 19.91 -35.03 -4.10
H6B DPV D . 21.24 -35.46 -2.96
H7 DPV D . 19.97 -34.47 -0.42
H7A DPV D . 20.76 -36.07 -0.66
H7B DPV D . 19.09 -35.98 -0.02
H8 DPV D . 20.03 -37.56 -2.47
H8A DPV D . 18.64 -37.13 -3.49
H8B DPV D . 18.39 -37.52 -1.76
H15 DPV D . 12.77 -28.44 -6.30
H15A DPV D . 13.61 -28.33 -4.76
H16 DPV D . 10.76 -27.26 -5.11
H16A DPV D . 11.85 -26.94 -3.77
H17 DPV D . 12.45 -26.08 -6.64
H17A DPV D . 11.54 -25.06 -5.54
H18 DPV D . 13.46 -24.88 -4.01
H18A DPV D . 14.40 -26.02 -4.98
H19 DPV D . 14.34 -24.45 -6.92
H19A DPV D . 13.37 -23.31 -6.02
H20 DPV D . 16.15 -24.20 -5.07
H20A DPV D . 15.96 -22.89 -6.21
H21 DPV D . 14.58 -22.88 -3.47
H21A DPV D . 16.22 -22.28 -3.70
H22 DPV D . 15.44 -20.55 -5.29
H22A DPV D . 13.80 -21.17 -5.23
H23 DPV D . 13.70 -20.63 -2.77
H23A DPV D . 13.99 -19.20 -3.76
H23B DPV D . 15.33 -19.95 -2.88
N DPV E . 14.64 -26.22 12.37
P DPV E . 14.32 -22.25 14.26
C1 DPV E . 16.27 -20.70 15.12
C2 DPV E . 15.85 -19.21 15.22
C3 DPV E . 16.44 -18.34 14.07
C4 DPV E . 15.57 -23.73 12.46
C5 DPV E . 15.08 -24.94 11.58
C6 DPV E . 14.14 -27.24 11.33
C7 DPV E . 13.49 -25.95 13.35
C8 DPV E . 15.83 -26.85 13.13
C15 DPV E . 15.99 -16.85 14.21
C16 DPV E . 16.37 -16.01 12.96
C17 DPV E . 15.78 -14.56 13.08
C18 DPV E . 15.88 -13.73 11.76
C19 DPV E . 14.76 -14.08 10.74
O1P DPV E . 13.10 -21.47 14.47
C20 DPV E . 14.80 -13.13 9.50
C21 DPV E . 13.69 -13.48 8.49
C22 DPV E . 13.80 -12.66 7.19
C23 DPV E . 12.70 -13.03 6.17
O2P DPV E . 14.53 -23.24 15.35
O3P DPV E . 15.61 -21.33 13.98
O4P DPV E . 14.42 -22.90 12.80
H1 DPV E . 17.36 -20.77 14.99
H1A DPV E . 15.99 -21.22 16.04
H2 DPV E . 14.75 -19.15 15.18
H2A DPV E . 16.17 -18.82 16.17
H3 DPV E . 16.12 -18.73 13.10
H3A DPV E . 17.54 -18.40 14.09
H4 DPV E . 16.04 -24.10 13.38
H4A DPV E . 16.28 -23.13 11.90
H5 DPV E . 14.23 -24.62 10.97
H5A DPV E . 15.89 -25.24 10.91
H6 DPV E . 13.27 -26.82 10.81
H6A DPV E . 13.86 -28.16 11.85
H6B DPV E . 14.95 -27.44 10.62
H7 DPV E . 13.17 -26.89 13.81
H7A DPV E . 12.66 -25.50 12.80
H7B DPV E . 13.84 -25.27 14.13
H8 DPV E . 15.52 -27.81 13.54
H8A DPV E . 16.11 -26.18 13.94
H8B DPV E . 16.66 -26.97 12.44
H15 DPV E . 16.47 -16.42 15.10
H15A DPV E . 14.92 -16.82 14.37
H16 DPV E . 17.45 -15.96 12.85
H16A DPV E . 15.95 -16.49 12.07
H17 DPV E . 14.74 -14.60 13.40
H17A DPV E . 16.33 -14.03 13.87
H18 DPV E . 15.81 -12.68 12.02
H18A DPV E . 16.86 -13.88 11.30
H19 DPV E . 14.87 -15.12 10.42
H19A DPV E . 13.78 -14.00 11.23
H20 DPV E . 14.68 -12.10 9.84
H20A DPV E . 15.77 -13.22 9.02
H21 DPV E . 13.74 -14.55 8.24
H21A DPV E . 12.71 -13.30 8.94
H22 DPV E . 13.74 -11.60 7.42
H22A DPV E . 14.78 -12.85 6.74
H23 DPV E . 11.73 -12.74 6.56
H23A DPV E . 12.70 -14.10 5.97
H23B DPV E . 12.87 -12.50 5.23
N DPV F . 21.17 -21.26 12.89
P DPV F . 19.59 -25.45 10.70
C1 DPV F . 20.54 -27.34 9.18
C2 DPV F . 21.52 -27.56 7.99
C3 DPV F . 20.94 -27.04 6.64
C4 DPV F . 19.78 -22.91 11.34
C5 DPV F . 21.04 -22.70 12.26
C6 DPV F . 22.35 -21.29 13.86
C7 DPV F . 21.49 -20.21 11.81
C8 DPV F . 19.90 -20.85 13.67
C15 DPV F . 20.09 -28.12 5.90
C16 DPV F . 19.22 -27.48 4.81
C17 DPV F . 18.53 -28.54 3.92
C18 DPV F . 17.42 -27.91 3.02
C19 DPV F . 16.76 -28.96 2.10
O1P DPV F . 18.17 -25.66 10.41
C20 DPV F . 15.61 -28.32 1.26
C21 DPV F . 15.01 -29.34 0.25
C22 DPV F . 13.93 -28.70 -0.67
C23 DPV F . 14.53 -27.86 -1.83
O2P DPV F . 19.98 -25.95 12.03
O3P DPV F . 20.56 -25.93 9.53
O4P DPV F . 20.08 -23.97 10.40
H1 DPV F . 19.53 -27.64 8.90
H1A DPV F . 20.87 -27.93 10.04
H2 DPV F . 22.45 -27.04 8.20
H2A DPV F . 21.77 -28.62 7.91
H3 DPV F . 21.77 -26.74 6.00
H3A DPV F . 20.34 -26.14 6.82
H4 DPV F . 18.90 -23.17 11.93
H4A DPV F . 19.59 -21.99 10.76
H5 DPV F . 21.01 -23.41 13.07
H5A DPV F . 21.95 -22.88 11.67
H6 DPV F . 22.14 -22.04 14.64
H6A DPV F . 22.46 -20.31 14.32
H6B DPV F . 23.26 -21.56 13.31
H7 DPV F . 21.64 -19.24 12.29
H7A DPV F . 20.64 -20.15 11.11
H7B DPV F . 22.39 -20.52 11.27
H8 DPV F . 19.08 -20.74 12.98
H8A DPV F . 20.10 -19.90 14.17
H8B DPV F . 19.69 -21.62 14.42
H15 DPV F . 19.45 -28.65 6.61
H15A DPV F . 20.76 -28.87 5.46
H16 DPV F . 18.44 -26.86 5.29
H16A DPV F . 19.81 -26.82 4.18
H17 DPV F . 19.27 -29.03 3.28
H17A DPV F . 18.07 -29.31 4.54
H18 DPV F . 16.66 -27.45 3.66
H18A DPV F . 17.87 -27.12 2.40
H19 DPV F . 17.50 -29.38 1.43
H19A DPV F . 16.35 -29.78 2.70
H20 DPV F . 14.82 -27.97 1.94
H20A DPV F . 15.99 -27.45 0.73
H21 DPV F . 15.80 -29.77 -0.37
H21A DPV F . 14.55 -30.17 0.80
H22 DPV F . 13.31 -29.49 -1.10
H22A DPV F . 13.25 -28.07 -0.08
H23 DPV F . 15.12 -28.51 -2.50
H23A DPV F . 15.20 -27.09 -1.44
H23B DPV F . 13.75 -27.39 -2.40
N DPV G . 28.85 -12.82 9.51
P DPV G . 26.07 -12.10 6.57
C1 DPV G . 24.29 -11.43 4.79
C2 DPV G . 23.87 -12.50 3.75
C3 DPV G . 23.50 -11.83 2.40
C4 DPV G . 26.55 -13.75 8.57
C5 DPV G . 27.28 -12.76 9.55
C6 DPV G . 29.42 -12.48 8.12
C7 DPV G . 29.37 -14.19 9.97
C8 DPV G . 29.38 -11.77 10.51
C15 DPV G . 22.91 -12.84 1.39
C16 DPV G . 22.51 -12.14 0.06
C17 DPV G . 21.91 -13.13 -0.96
C18 DPV G . 21.33 -12.40 -2.20
C19 DPV G . 20.63 -13.41 -3.17
O1P DPV G . 26.53 -10.77 6.99
C20 DPV G . 19.51 -12.70 -4.00
C21 DPV G . 18.78 -13.71 -4.94
C22 DPV G . 17.46 -13.13 -5.55
C23 DPV G . 16.26 -13.22 -4.56
O2P DPV G . 27.03 -12.76 5.67
O3P DPV G . 24.57 -12.10 6.03
O4P DPV G . 25.58 -13.02 7.79
H1 DPV G . 25.18 -10.90 4.44
H1A DPV G . 23.47 -10.72 4.94
H2 DPV G . 24.68 -13.21 3.60
H2A DPV G . 23.01 -13.05 4.14
H3 DPV G . 24.39 -11.38 1.97
H3A DPV G . 22.77 -11.04 2.57
H4 DPV G . 27.26 -14.24 7.88
H4A DPV G . 26.03 -14.52 9.14
H5 DPV G . 27.00 -11.73 9.31
H5A DPV G . 26.97 -12.97 10.57
H6 DPV G . 29.09 -13.23 7.40
H6A DPV G . 30.50 -12.46 8.17
H6B DPV G . 29.04 -11.49 7.82
H7 DPV G . 28.98 -14.41 10.96
H7A DPV G . 30.46 -14.17 9.99
H7B DPV G . 29.03 -14.95 9.26
H8 DPV G . 29.00 -12.01 11.50
H8A DPV G . 29.02 -10.78 10.20
H8B DPV G . 30.47 -11.80 10.50
H15 DPV G . 22.03 -13.32 1.82
H15A DPV G . 23.64 -13.63 1.17
H16 DPV G . 21.77 -11.35 0.28
H16A DPV G . 23.38 -11.66 -0.38
H17 DPV G . 22.66 -13.86 -1.26
H17A DPV G . 21.09 -13.68 -0.47
H18 DPV G . 20.62 -11.65 -1.88
H18A DPV G . 22.14 -11.90 -2.74
H19 DPV G . 21.37 -13.84 -3.85
H19A DPV G . 20.18 -14.22 -2.61
H20 DPV G . 18.79 -12.26 -3.31
H20A DPV G . 19.94 -11.90 -4.61
H21 DPV G . 19.46 -13.98 -5.76
H21A DPV G . 18.56 -14.64 -4.40
H22 DPV G . 17.62 -12.10 -5.85
H22A DPV G . 17.22 -13.70 -6.45
H23 DPV G . 15.37 -12.83 -5.03
H23A DPV G . 16.46 -12.62 -3.66
H23B DPV G . 16.09 -14.25 -4.27
N DPV H . 28.91 -10.86 3.04
P DPV H . 31.71 -10.86 -1.36
C1 DPV H . 30.01 -12.09 -2.96
C2 DPV H . 30.81 -12.16 -4.28
C3 DPV H . 30.57 -13.51 -5.05
C4 DPV H . 29.91 -10.80 0.58
C5 DPV H . 29.66 -10.04 1.92
C6 DPV H . 27.51 -11.29 2.58
C7 DPV H . 29.71 -12.11 3.47
C8 DPV H . 28.77 -9.96 4.26
C15 DPV H . 31.63 -14.63 -4.77
C16 DPV H . 31.69 -15.16 -3.29
C17 DPV H . 30.38 -15.89 -2.84
C18 DPV H . 30.36 -16.07 -1.29
C19 DPV H . 29.06 -16.77 -0.75
O1P DPV H . 32.78 -10.04 -1.97
C20 DPV H . 27.74 -15.94 -0.92
C21 DPV H . 27.68 -14.66 -0.01
C22 DPV H . 26.36 -13.86 -0.19
C23 DPV H . 26.40 -12.91 -1.40
O2P DPV H . 32.20 -12.20 -0.99
O3P DPV H . 30.36 -10.87 -2.24
O4P DPV H . 30.95 -10.10 -0.16
H1 DPV H . 28.93 -12.05 -3.18
H1A DPV H . 30.21 -12.95 -2.32
H2 DPV H . 30.50 -11.33 -4.92
H2A DPV H . 31.88 -12.03 -4.08
H3 DPV H . 30.61 -13.29 -6.12
H3A DPV H . 29.56 -13.89 -4.86
H4 DPV H . 30.25 -11.82 0.78
H4A DPV H . 29.00 -10.83 -0.02
H5 DPV H . 30.60 -9.72 2.34
H5A DPV H . 29.06 -9.15 1.72
H6 DPV H . 26.91 -10.38 2.38
H6A DPV H . 27.04 -11.86 3.39
H6B DPV H . 27.58 -11.90 1.69
H7 DPV H . 29.18 -12.59 4.31
H7A DPV H . 30.71 -11.80 3.79
H7B DPV H . 29.78 -12.81 2.63
H8 DPV H . 28.20 -9.07 3.96
H8A DPV H . 29.75 -9.67 4.61
H8B DPV H . 28.22 -10.50 5.04
H15 DPV H . 32.62 -14.26 -5.04
H15A DPV H . 31.43 -15.47 -5.43
H16 DPV H . 32.53 -15.84 -3.19
H16A DPV H . 31.90 -14.32 -2.62
H17 DPV H . 29.51 -15.31 -3.13
H17A DPV H . 30.32 -16.86 -3.33
H18 DPV H . 31.22 -16.67 -0.99
H18A DPV H . 30.48 -15.10 -0.80
H19 DPV H . 28.94 -17.73 -1.27
H19A DPV H . 29.20 -17.00 0.30
H20 DPV H . 27.62 -15.65 -1.97
H20A DPV H . 26.90 -16.58 -0.68
H21 DPV H . 27.77 -14.97 1.03
H21A DPV H . 28.54 -14.01 -0.22
H22 DPV H . 25.52 -14.55 -0.28
H22A DPV H . 26.18 -13.27 0.71
H23 DPV H . 25.45 -12.38 -1.49
H23A DPV H . 26.56 -13.46 -2.33
H23B DPV H . 27.19 -12.16 -1.30
N DPV I . 16.00 8.83 -8.55
P DPV I . 14.22 5.49 -6.76
C1 DPV I . 14.05 4.66 -4.28
C2 DPV I . 15.38 3.86 -4.16
C3 DPV I . 15.38 2.94 -2.91
C4 DPV I . 13.66 7.56 -8.32
C5 DPV I . 15.01 7.73 -9.10
C6 DPV I . 15.34 10.21 -8.49
C7 DPV I . 17.18 8.92 -9.53
C8 DPV I . 16.55 8.47 -7.17
C15 DPV I . 16.61 1.97 -2.87
C16 DPV I . 16.42 0.67 -3.74
C17 DPV I . 15.99 -0.59 -2.92
C18 DPV I . 14.47 -0.59 -2.54
C19 DPV I . 14.10 -1.84 -1.70
O1P DPV I . 15.55 5.10 -7.29
C20 DPV I . 12.62 -1.80 -1.22
C21 DPV I . 12.35 -2.62 0.08
C22 DPV I . 12.49 -4.16 -0.10
C23 DPV I . 12.32 -4.90 1.24
O2P DPV I . 13.14 4.58 -7.22
O3P DPV I . 14.21 5.77 -5.19
O4P DPV I . 13.88 7.04 -6.98
H1 DPV I . 13.25 4.00 -4.64
H1A DPV I . 13.77 5.06 -3.30
H2 DPV I . 15.52 3.27 -5.07
H2A DPV I . 16.22 4.56 -4.09
H3 DPV I . 14.46 2.36 -2.87
H3A DPV I . 15.41 3.56 -2.02
H4 DPV I . 13.14 8.51 -8.24
H4A DPV I . 13.02 6.85 -8.86
H5 DPV I . 15.56 6.79 -9.12
H5A DPV I . 14.78 8.02 -10.14
H6 DPV I . 14.51 10.19 -7.78
H6A DPV I . 14.97 10.48 -9.49
H6B DPV I . 16.09 10.95 -8.17
H7 DPV I . 17.70 7.95 -9.54
H7A DPV I . 17.87 9.70 -9.18
H7B DPV I . 16.80 9.16 -10.52
H8 DPV I . 17.01 7.48 -7.22
H8A DPV I . 15.73 8.48 -6.44
H8B DPV I . 17.30 9.22 -6.89
H15 DPV I . 16.82 1.69 -1.84
H15A DPV I . 17.49 2.51 -3.23
H16 DPV I . 15.71 0.85 -4.55
H16A DPV I . 17.38 0.44 -4.21
H17 DPV I . 16.20 -1.48 -3.51
H17A DPV I . 16.59 -0.66 -2.00
H18 DPV I . 14.24 0.31 -1.98
H18A DPV I . 13.88 -0.59 -3.46
H19 DPV I . 14.27 -2.74 -2.28
H19A DPV I . 14.77 -1.88 -0.83
H20 DPV I . 12.33 -0.76 -1.01
H20A DPV I . 11.96 -2.14 -2.02
H21 DPV I . 13.02 -2.27 0.87
H21A DPV I . 11.34 -2.40 0.42
H22 DPV I . 11.75 -4.51 -0.82
H22A DPV I . 13.48 -4.39 -0.51
H23 DPV I . 13.12 -4.62 1.94
H23A DPV I . 12.37 -5.98 1.07
H23B DPV I . 11.36 -4.66 1.69
N DPV J . 5.81 4.36 -20.10
P DPV J . 9.50 0.75 -21.08
C1 DPV J . 11.51 -0.36 -19.86
C2 DPV J . 12.85 0.06 -19.21
C3 DPV J . 13.74 -1.18 -18.95
C4 DPV J . 7.67 2.62 -20.86
C5 DPV J . 7.16 3.63 -19.77
C6 DPV J . 5.97 5.32 -21.30
C7 DPV J . 5.44 5.17 -18.87
C8 DPV J . 4.65 3.39 -20.38
C15 DPV J . 15.01 -0.78 -18.14
C16 DPV J . 15.66 -1.99 -17.43
C17 DPV J . 16.95 -1.58 -16.69
C18 DPV J . 17.56 -2.77 -15.89
C19 DPV J . 18.92 -2.37 -15.27
O1P DPV J . 9.88 1.03 -22.47
C20 DPV J . 19.54 -3.52 -14.45
C21 DPV J . 20.95 -3.13 -13.92
C22 DPV J . 21.54 -4.25 -13.03
C23 DPV J . 23.02 -3.95 -12.67
O2P DPV J . 8.70 -0.49 -20.95
O3P DPV J . 10.72 0.83 -20.05
O4P DPV J . 8.86 2.00 -20.31
H1 DPV J . 11.69 -0.84 -20.82
H1A DPV J . 10.97 -1.04 -19.20
H2 DPV J . 13.37 0.75 -19.88
H2A DPV J . 12.65 0.57 -18.28
H3 DPV J . 14.05 -1.63 -19.90
H3A DPV J . 13.18 -1.93 -18.40
H4 DPV J . 6.93 1.84 -21.03
H4A DPV J . 7.92 3.13 -21.79
H5 DPV J . 7.02 3.09 -18.84
H5A DPV J . 7.91 4.40 -19.63
H6 DPV J . 5.05 5.87 -21.43
H6A DPV J . 6.20 4.74 -22.19
H6B DPV J . 6.80 6.01 -21.08
H7 DPV J . 6.25 5.88 -18.65
H7A DPV J . 5.30 4.49 -18.01
H7B DPV J . 4.51 5.73 -19.06
H8 DPV J . 4.55 2.70 -19.54
H8A DPV J . 4.87 2.83 -21.30
H8B DPV J . 3.73 3.96 -20.51
H15 DPV J . 14.74 -0.04 -17.39
H15A DPV J . 15.73 -0.31 -18.83
H16 DPV J . 14.94 -2.39 -16.71
H16A DPV J . 15.88 -2.77 -18.16
H17 DPV J . 17.68 -1.20 -17.42
H17A DPV J . 16.73 -0.76 -16.01
H18 DPV J . 16.86 -3.07 -15.12
H18A DPV J . 17.71 -3.62 -16.57
H19 DPV J . 19.61 -2.05 -16.06
H19A DPV J . 18.77 -1.50 -14.61
H20 DPV J . 18.88 -3.75 -13.60
H20A DPV J . 19.61 -4.42 -15.07
H21 DPV J . 21.61 -2.95 -14.78
H21A DPV J . 20.89 -2.21 -13.36
H22 DPV J . 20.96 -4.33 -12.11
H22A DPV J . 21.49 -5.21 -13.54
H23 DPV J . 23.63 -3.92 -13.57
H23A DPV J . 23.41 -4.74 -12.01
H23B DPV J . 23.11 -3.00 -12.15
N DPV K . 28.90 -8.05 -15.46
P DPV K . 25.91 -6.04 -18.62
C1 DPV K . 23.90 -4.90 -17.37
C2 DPV K . 22.37 -5.15 -17.21
C3 DPV K . 22.11 -6.52 -16.52
C4 DPV K . 26.87 -8.00 -17.17
C5 DPV K . 27.67 -7.27 -16.03
C6 DPV K . 28.48 -9.35 -14.73
C7 DPV K . 29.60 -7.12 -14.46
C8 DPV K . 29.92 -8.40 -16.56
C15 DPV K . 20.69 -7.10 -16.77
C16 DPV K . 20.50 -7.62 -18.24
C17 DPV K . 19.32 -8.62 -18.42
C18 DPV K . 17.91 -7.99 -18.15
C19 DPV K . 16.73 -8.90 -18.64
O1P DPV K . 26.27 -6.52 -19.95
C20 DPV K . 16.57 -10.27 -17.90
C21 DPV K . 16.05 -10.13 -16.44
C22 DPV K . 15.89 -11.52 -15.78
C23 DPV K . 15.49 -11.40 -14.29
O2P DPV K . 26.79 -4.95 -18.16
O3P DPV K . 24.35 -5.69 -18.50
O4P DPV K . 25.73 -7.21 -17.54
H1 DPV K . 24.09 -3.85 -17.57
H1A DPV K . 24.43 -5.20 -16.46
H2 DPV K . 21.94 -4.35 -16.61
H2A DPV K . 21.91 -5.10 -18.19
H3 DPV K . 22.27 -6.41 -15.45
H3A DPV K . 22.84 -7.26 -16.87
H4 DPV K . 27.51 -8.13 -18.04
H4A DPV K . 26.53 -8.98 -16.81
H5 DPV K . 28.05 -6.31 -16.42
H5A DPV K . 27.00 -7.06 -15.20
H6 DPV K . 29.36 -9.82 -14.29
H6A DPV K . 28.02 -10.03 -15.45
H6B DPV K . 27.76 -9.09 -13.95
H7 DPV K . 29.94 -6.22 -14.98
H7A DPV K . 30.45 -7.64 -14.02
H7B DPV K . 28.88 -6.85 -13.69
H8 DPV K . 29.48 -9.12 -17.24
H8A DPV K . 30.82 -8.82 -16.11
H8B DPV K . 30.18 -7.48 -17.10
H15 DPV K . 19.92 -6.33 -16.55
H15A DPV K . 20.52 -7.92 -16.06
H16 DPV K . 20.37 -6.78 -18.90
H16A DPV K . 21.42 -8.13 -18.54
H17 DPV K . 19.35 -8.98 -19.44
H17A DPV K . 19.46 -9.48 -17.76
H18 DPV K . 17.80 -7.79 -17.08
H18A DPV K . 17.84 -7.03 -18.67
H19 DPV K . 15.79 -8.34 -18.57
H19A DPV K . 16.88 -9.10 -19.70
H20 DPV K . 15.87 -10.88 -18.47
H20A DPV K . 17.52 -10.81 -17.90
H21 DPV K . 16.75 -9.53 -15.87
H21A DPV K . 15.09 -9.61 -16.44
H22 DPV K . 15.14 -12.10 -16.30
H22A DPV K . 16.83 -12.06 -15.84
H23 DPV K . 15.32 -12.38 -13.87
H23A DPV K . 14.57 -10.82 -14.19
H23B DPV K . 16.28 -10.90 -13.73
N DPV L . -0.83 -4.03 -21.74
P DPV L . 4.13 -3.91 -23.31
C1 DPV L . 5.60 -4.03 -25.50
C2 DPV L . 6.95 -4.44 -24.84
C3 DPV L . 7.23 -5.99 -24.90
C4 DPV L . 1.73 -4.11 -22.37
C5 DPV L . 0.27 -4.49 -22.77
C6 DPV L . -2.17 -4.52 -22.26
C7 DPV L . -0.59 -4.63 -20.33
C8 DPV L . -0.90 -2.48 -21.64
C15 DPV L . 7.73 -6.53 -26.29
C16 DPV L . 9.09 -5.95 -26.82
C17 DPV L . 10.29 -6.17 -25.86
C18 DPV L . 11.64 -5.73 -26.50
C19 DPV L . 12.83 -5.68 -25.49
O1P DPV L . 4.83 -4.57 -22.19
C20 DPV L . 13.37 -7.09 -25.10
C21 DPV L . 14.36 -7.00 -23.90
C22 DPV L . 14.87 -8.41 -23.47
C23 DPV L . 15.68 -8.34 -22.17
O2P DPV L . 4.27 -2.44 -23.28
O3P DPV L . 4.46 -4.55 -24.73
O4P DPV L . 2.61 -4.39 -23.46
H1 DPV L . 5.52 -2.93 -25.53
H1A DPV L . 5.53 -4.41 -26.51
H2 DPV L . 7.76 -3.91 -25.34
H2A DPV L . 6.96 -4.12 -23.81
H3 DPV L . 6.32 -6.52 -24.62
H3A DPV L . 7.97 -6.23 -24.13
H4 DPV L . 1.80 -3.04 -22.14
H4A DPV L . 2.05 -4.69 -21.50
H5 DPV L . 0.03 -4.03 -23.73
H5A DPV L . 0.19 -5.57 -22.87
H6 DPV L . -2.15 -5.62 -22.30
H6A DPV L . -2.34 -4.11 -23.27
H6B DPV L . -2.97 -4.19 -21.58
H7 DPV L . -0.51 -5.71 -20.42
H7A DPV L . -1.45 -4.37 -19.70
H7B DPV L . 0.33 -4.20 -19.91
H8 DPV L . -1.00 -2.07 -22.65
H8A DPV L . 0.03 -2.11 -21.20
H8B DPV L . -1.74 -2.20 -21.02
H15 DPV L . 6.95 -6.34 -27.04
H15A DPV L . 7.81 -7.62 -26.22
H16 DPV L . 9.32 -6.42 -27.78
H16A DPV L . 8.97 -4.87 -27.02
H17 DPV L . 10.13 -5.60 -24.94
H17A DPV L . 10.35 -7.22 -25.58
H18 DPV L . 11.90 -6.39 -27.33
H18A DPV L . 11.52 -4.73 -26.93
H19 DPV L . 13.64 -5.10 -25.92
H19A DPV L . 12.50 -5.15 -24.59
H20 DPV L . 12.54 -7.75 -24.81
H20A DPV L . 13.87 -7.53 -25.95
H21 DPV L . 15.22 -6.37 -24.17
H21A DPV L . 13.86 -6.52 -23.05
H22 DPV L . 14.02 -9.07 -23.33
H22A DPV L . 15.49 -8.83 -24.27
H23 DPV L . 16.58 -7.72 -22.30
H23A DPV L . 16.00 -9.35 -21.89
H23B DPV L . 15.09 -7.94 -21.35
N DPV M . -6.40 -6.69 -20.75
P DPV M . -2.80 -8.86 -20.90
C1 DPV M . -1.72 -11.25 -20.82
C2 DPV M . -2.83 -12.28 -21.20
C3 DPV M . -3.05 -13.30 -20.05
C4 DPV M . -4.65 -7.77 -22.43
C5 DPV M . -5.95 -7.96 -21.56
C6 DPV M . -6.70 -5.49 -21.67
C7 DPV M . -5.36 -6.30 -19.69
C8 DPV M . -7.70 -7.06 -20.02
C15 DPV M . -4.05 -14.46 -20.42
C16 DPV M . -3.42 -15.58 -21.33
C17 DPV M . -2.38 -16.48 -20.58
C18 DPV M . -1.36 -17.18 -21.53
C19 DPV M . -0.36 -16.22 -22.27
O1P DPV M . -2.04 -7.61 -20.73
C20 DPV M . 0.67 -15.52 -21.35
C21 DPV M . 1.27 -14.27 -22.03
C22 DPV M . 2.29 -13.55 -21.12
C23 DPV M . 2.81 -12.25 -21.77
O2P DPV M . -3.51 -9.26 -19.66
O3P DPV M . -1.93 -10.05 -21.57
O4P DPV M . -3.74 -8.87 -22.19
H1 DPV M . -1.75 -11.03 -19.75
H1A DPV M . -0.74 -11.67 -21.07
H2 DPV M . -3.76 -11.76 -21.41
H2A DPV M . -2.53 -12.80 -22.11
H3 DPV M . -3.46 -12.76 -19.19
H3A DPV M . -2.10 -13.71 -19.73
H4 DPV M . -4.91 -7.76 -23.50
H4A DPV M . -4.14 -6.83 -22.19
H5 DPV M . -6.78 -8.25 -22.21
H5A DPV M . -5.78 -8.76 -20.84
H6 DPV M . -7.46 -5.78 -22.41
H6A DPV M . -5.78 -5.20 -22.19
H6B DPV M . -7.06 -4.66 -21.06
H7 DPV M . -5.14 -7.18 -19.07
H7A DPV M . -5.75 -5.49 -19.09
H7B DPV M . -4.44 -5.98 -20.20
H8 DPV M . -7.50 -7.90 -19.33
H8A DPV M . -8.46 -7.34 -20.75
H8B DPV M . -8.04 -6.19 -19.44
H15 DPV M . -4.92 -14.04 -20.93
H15A DPV M . -4.40 -14.92 -19.49
H16 DPV M . -4.23 -16.21 -21.70
H16A DPV M . -2.97 -15.11 -22.21
H17 DPV M . -1.83 -15.89 -19.84
H17A DPV M . -2.92 -17.24 -20.02
H18 DPV M . -0.78 -17.90 -20.94
H18A DPV M . -1.91 -17.76 -22.27
H19 DPV M . 0.19 -16.80 -23.02
H19A DPV M . -0.93 -15.47 -22.83
H20 DPV M . 0.20 -15.22 -20.41
H20A DPV M . 1.47 -16.24 -21.11
H21 DPV M . 1.76 -14.56 -22.96
H21A DPV M . 0.46 -13.58 -22.29
H22 DPV M . 1.81 -13.30 -20.16
H22A DPV M . 3.13 -14.22 -20.91
H23 DPV M . 3.55 -11.77 -21.12
H23A DPV M . 1.99 -11.55 -21.94
H23B DPV M . 3.29 -12.47 -22.73
N DPV N . -1.29 -30.82 -18.28
P DPV N . 1.11 -30.92 -13.65
C1 DPV N . 1.46 -28.36 -13.03
C2 DPV N . 2.12 -27.69 -14.25
C3 DPV N . 3.33 -26.80 -13.86
C4 DPV N . -0.04 -31.24 -15.99
C5 DPV N . -0.03 -30.54 -17.38
C6 DPV N . -1.13 -30.01 -19.57
C7 DPV N . -2.61 -30.39 -17.61
C8 DPV N . -1.36 -32.30 -18.67
C15 DPV N . 3.85 -25.96 -15.06
C16 DPV N . 4.88 -24.87 -14.65
C17 DPV N . 6.36 -25.31 -14.85
C18 DPV N . 7.33 -24.19 -14.39
C19 DPV N . 8.83 -24.53 -14.67
O1P DPV N . 0.16 -31.95 -13.15
C20 DPV N . 9.75 -23.42 -14.07
C21 DPV N . 11.26 -23.72 -14.34
C22 DPV N . 12.17 -22.65 -13.67
C23 DPV N . 13.67 -22.88 -14.01
O2P DPV N . 2.47 -31.12 -13.11
O3P DPV N . 0.55 -29.41 -13.48
O4P DPV N . 1.09 -30.74 -15.24
H1 DPV N . 2.22 -28.80 -12.36
H1A DPV N . 0.90 -27.62 -12.46
H2 DPV N . 2.46 -28.46 -14.95
H2A DPV N . 1.38 -27.09 -14.77
H3 DPV N . 4.15 -27.43 -13.47
H3A DPV N . 3.04 -26.12 -13.05
H4 DPV N . -0.95 -31.01 -15.45
H4A DPV N . 0.06 -32.32 -16.10
H5 DPV N . 0.00 -29.46 -17.23
H5A DPV N . 0.85 -30.83 -17.94
H6 DPV N . -1.07 -28.95 -19.31
H6A DPV N . -1.99 -30.19 -20.22
H6B DPV N . -0.21 -30.31 -20.08
H7 DPV N . -2.78 -31.02 -16.73
H7A DPV N . -3.43 -30.51 -18.31
H7B DPV N . -2.53 -29.34 -17.30
H8 DPV N . -1.51 -32.90 -17.77
H8A DPV N . -0.43 -32.60 -19.16
H8B DPV N . -2.20 -32.46 -19.35
H15 DPV N . 3.00 -25.45 -15.53
H15A DPV N . 4.28 -26.62 -15.82
H16 DPV N . 4.71 -23.98 -15.27
H16A DPV N . 4.71 -24.56 -13.62
H17 DPV N . 6.55 -26.22 -14.28
H17A DPV N . 6.54 -25.54 -15.91
H18 DPV N . 7.08 -23.26 -14.88
H18A DPV N . 7.20 -24.03 -13.31
H19 DPV N . 9.07 -25.50 -14.24
H19A DPV N . 8.98 -24.59 -15.75
H20 DPV N . 9.48 -22.46 -14.49
H20A DPV N . 9.58 -23.36 -12.99
H21 DPV N . 11.51 -24.69 -13.94
H21A DPV N . 11.43 -23.73 -15.42
H22 DPV N . 11.89 -21.65 -14.01
H22A DPV N . 12.04 -22.68 -12.59
H23 DPV N . 13.83 -22.79 -15.09
H23A DPV N . 13.98 -23.88 -13.69
H23B DPV N . 14.28 -22.14 -13.51
N DPV O . -0.37 -33.71 -9.33
P DPV O . 4.83 -33.33 -8.98
C1 DPV O . 6.51 -31.51 -9.80
C2 DPV O . 7.26 -31.19 -11.12
C3 DPV O . 6.49 -30.23 -12.07
C4 DPV O . 2.26 -33.76 -9.03
C5 DPV O . 1.04 -33.60 -10.00
C6 DPV O . -0.61 -32.59 -8.32
C7 DPV O . -0.59 -35.09 -8.65
C8 DPV O . -1.41 -33.57 -10.45
C15 DPV O . 6.94 -28.74 -11.97
C16 DPV O . 6.08 -27.91 -10.97
C17 DPV O . 6.59 -26.44 -10.87
C18 DPV O . 5.65 -25.56 -9.99
C19 DPV O . 6.26 -24.15 -9.74
O1P DPV O . 4.78 -32.73 -7.63
C20 DPV O . 5.30 -23.27 -8.90
C21 DPV O . 5.99 -21.96 -8.41
C22 DPV O . 5.00 -21.06 -7.62
C23 DPV O . 5.72 -19.90 -6.90
O2P DPV O . 5.51 -34.66 -8.99
O3P DPV O . 5.36 -32.35 -10.11
O4P DPV O . 3.43 -33.34 -9.74
H1 DPV O . 7.18 -32.06 -9.13
H1A DPV O . 6.17 -30.60 -9.30
H2 DPV O . 8.24 -30.77 -10.87
H2A DPV O . 7.45 -32.12 -11.64
H3 DPV O . 5.41 -30.31 -11.93
H3A DPV O . 6.69 -30.56 -13.10
H4 DPV O . 2.14 -33.13 -8.15
H4A DPV O . 2.37 -34.80 -8.73
H5 DPV O . 1.09 -32.61 -10.48
H5A DPV O . 1.09 -34.36 -10.78
H6 DPV O . 0.10 -32.71 -7.50
H6A DPV O . -1.63 -32.66 -7.94
H6B DPV O . -0.46 -31.62 -8.81
H7 DPV O . -1.62 -35.13 -8.29
H7A DPV O . 0.11 -35.18 -7.82
H7B DPV O . -0.41 -35.87 -9.39
H8 DPV O . -1.27 -34.38 -11.17
H8A DPV O . -1.28 -32.60 -10.93
H8B DPV O . -2.41 -33.63 -10.00
H15 DPV O . 6.84 -28.27 -12.96
H15A DPV O . 8.00 -28.68 -11.69
H16 DPV O . 5.04 -27.91 -11.28
H16A DPV O . 6.13 -28.37 -9.98
H17 DPV O . 7.60 -26.44 -10.42
H17A DPV O . 6.66 -26.01 -11.86
H18 DPV O . 4.68 -25.46 -10.49
H18A DPV O . 5.49 -26.05 -9.03
H19 DPV O . 7.21 -24.25 -9.22
H19A DPV O . 6.45 -23.66 -10.70
H20 DPV O . 4.42 -23.02 -9.49
H20A DPV O . 4.96 -23.83 -8.02
H21 DPV O . 6.83 -22.22 -7.77
H21A DPV O . 6.38 -21.39 -9.27
H22 DPV O . 4.26 -20.64 -8.31
H22A DPV O . 4.47 -21.65 -6.88
H23 DPV O . 4.99 -19.28 -6.37
H23A DPV O . 6.25 -19.26 -7.61
H23B DPV O . 6.44 -20.28 -6.17
N DPV P . -5.97 -27.28 -4.39
P DPV P . -4.41 -30.41 -7.40
C1 DPV P . -2.69 -29.59 -9.23
C2 DPV P . -2.53 -28.41 -10.21
C3 DPV P . -2.19 -27.08 -9.48
C4 DPV P . -4.07 -28.90 -5.28
C5 DPV P . -4.46 -27.47 -4.78
C6 DPV P . -6.31 -28.06 -3.11
C7 DPV P . -6.94 -27.66 -5.52
C8 DPV P . -6.17 -25.79 -4.07
C15 DPV P . -2.13 -25.87 -10.44
C16 DPV P . -1.86 -24.54 -9.69
C17 DPV P . -1.87 -23.31 -10.66
C18 DPV P . -1.71 -21.94 -9.92
C19 DPV P . -0.24 -21.62 -9.52
O1P DPV P . -3.36 -31.35 -6.94
C20 DPV P . -0.12 -20.24 -8.80
C21 DPV P . 1.36 -19.94 -8.38
C22 DPV P . 1.49 -18.64 -7.53
C23 DPV P . 1.53 -17.35 -8.37
O2P DPV P . -5.75 -31.02 -7.34
O3P DPV P . -4.09 -29.70 -8.81
O4P DPV P . -4.34 -28.99 -6.70
H1 DPV P . -2.41 -30.53 -9.72
H1A DPV P . -2.05 -29.46 -8.35
H2 DPV P . -1.73 -28.65 -10.91
H2A DPV P . -3.45 -28.29 -10.80
H3 DPV P . -1.24 -27.20 -8.96
H3A DPV P . -2.95 -26.90 -8.71
H4 DPV P . -2.99 -29.07 -5.13
H4A DPV P . -4.63 -29.68 -4.75
H5 DPV P . -3.87 -27.23 -3.90
H5A DPV P . -4.24 -26.75 -5.57
H6 DPV P . -5.60 -27.78 -2.32
H6A DPV P . -6.22 -29.13 -3.32
H6B DPV P . -7.33 -27.82 -2.81
H7 DPV P . -6.68 -27.07 -6.41
H7A DPV P . -7.96 -27.44 -5.20
H7B DPV P . -6.83 -28.73 -5.73
H8 DPV P . -5.93 -25.20 -4.96
H8A DPV P . -5.49 -25.51 -3.25
H8B DPV P . -7.20 -25.62 -3.78
H15 DPV P . -3.07 -25.79 -10.99
H15A DPV P . -1.33 -26.04 -11.18
H16 DPV P . -2.62 -24.39 -8.93
H16A DPV P . -0.89 -24.59 -9.18
H17 DPV P . -1.07 -23.41 -11.41
H17A DPV P . -2.81 -23.29 -11.20
H18 DPV P . -2.08 -21.14 -10.58
H18A DPV P . -2.35 -21.93 -9.03
H19 DPV P . 0.14 -22.40 -8.86
H19A DPV P . 0.40 -21.61 -10.42
H20 DPV P . -0.47 -19.45 -9.46
H20A DPV P . -0.76 -20.25 -7.92
H21 DPV P . 1.73 -20.78 -7.78
H21A DPV P . 1.99 -19.88 -9.26
H22 DPV P . 0.68 -18.59 -6.80
H22A DPV P . 2.43 -18.71 -6.96
H23 DPV P . 0.62 -17.26 -8.97
H23A DPV P . 2.39 -17.36 -9.05
H23B DPV P . 1.61 -16.47 -7.73
N DPV Q . 2.50 -34.06 3.14
P DPV Q . -1.06 -30.68 3.28
C1 DPV Q . -1.28 -28.57 4.85
C2 DPV Q . -0.11 -27.65 4.39
C3 DPV Q . 1.24 -27.99 5.09
C4 DPV Q . 0.63 -32.51 4.20
C5 DPV Q . 1.02 -33.53 3.08
C6 DPV Q . 2.80 -34.79 4.46
C7 DPV Q . 3.51 -32.92 2.92
C8 DPV Q . 2.67 -35.08 2.00
C15 DPV Q . 2.44 -27.11 4.60
C16 DPV Q . 2.91 -27.39 3.13
C17 DPV Q . 3.50 -28.83 2.92
C18 DPV Q . 4.24 -28.98 1.54
C19 DPV Q . 5.69 -28.42 1.57
O1P DPV Q . -0.03 -30.26 2.32
C20 DPV Q . 6.35 -28.53 0.17
C21 DPV Q . 7.80 -27.96 0.18
C22 DPV Q . 8.45 -28.03 -1.23
C23 DPV Q . 9.92 -27.54 -1.22
O2P DPV Q . -2.42 -30.60 2.70
O3P DPV Q . -0.93 -29.98 4.71
O4P DPV Q . -0.75 -32.10 3.96
H1 DPV Q . -1.50 -28.39 5.91
H1A DPV Q . -2.17 -28.37 4.27
H2 DPV Q . 0.00 -27.73 3.32
H2A DPV Q . -0.38 -26.61 4.61
H3 DPV Q . 1.48 -29.04 4.96
H3A DPV Q . 1.11 -27.83 6.16
H4 DPV Q . 0.68 -32.99 5.18
H4A DPV Q . 1.27 -31.63 4.18
H5 DPV Q . 0.36 -34.40 3.13
H5A DPV Q . 0.89 -33.06 2.10
H6 DPV Q . 3.82 -35.18 4.42
H6A DPV Q . 2.08 -35.60 4.59
H6B DPV Q . 2.72 -34.08 5.28
H7 DPV Q . 3.29 -32.42 1.97
H7A DPV Q . 4.52 -33.33 2.91
H7B DPV Q . 3.41 -32.19 3.75
H8 DPV Q . 2.46 -34.59 1.05
H8A DPV Q . 1.97 -35.91 2.15
H8B DPV Q . 3.71 -35.45 2.00
H15 DPV Q . 3.29 -27.27 5.27
H15A DPV Q . 2.17 -26.05 4.69
H16 DPV Q . 2.08 -27.23 2.43
H16A DPV Q . 3.67 -26.64 2.87
H17 DPV Q . 4.19 -29.08 3.72
H17A DPV Q . 2.69 -29.55 2.96
H18 DPV Q . 4.28 -30.05 1.29
H18A DPV Q . 3.66 -28.50 0.76
H19 DPV Q . 5.67 -27.37 1.87
H19A DPV Q . 6.28 -28.96 2.31
H20 DPV Q . 6.38 -29.57 -0.14
H20A DPV Q . 5.76 -27.98 -0.57
H21 DPV Q . 7.80 -26.92 0.52
H21A DPV Q . 8.42 -28.53 0.89
H22 DPV Q . 8.42 -29.06 -1.59
H22A DPV Q . 7.87 -27.44 -1.93
H23 DPV Q . 10.36 -27.65 -2.21
H23A DPV Q . 10.51 -28.11 -0.51
H23B DPV Q . 9.95 -26.48 -0.94
N DPV R . 8.08 -29.75 9.11
P DPV R . 5.72 -32.23 5.89
C1 DPV R . 3.45 -32.03 7.20
C2 DPV R . 2.43 -30.95 7.60
C3 DPV R . 3.10 -29.82 8.44
C4 DPV R . 7.73 -31.88 7.52
C5 DPV R . 8.12 -31.32 8.93
C6 DPV R . 8.71 -29.43 10.47
C7 DPV R . 6.63 -29.23 9.14
C8 DPV R . 8.87 -28.99 8.02
C15 DPV R . 2.06 -28.82 9.00
C16 DPV R . 2.67 -27.83 10.03
C17 DPV R . 3.44 -26.64 9.37
C18 DPV R . 3.81 -25.59 10.45
C19 DPV R . 4.39 -24.30 9.82
O1P DPV R . 6.40 -31.73 4.67
C20 DPV R . 4.61 -23.19 10.89
C21 DPV R . 5.22 -21.91 10.25
C22 DPV R . 5.30 -20.76 11.28
C23 DPV R . 5.92 -19.50 10.65
O2P DPV R . 5.59 -33.70 5.88
O3P DPV R . 4.35 -31.47 6.18
O4P DPV R . 6.33 -31.66 7.25
H1 DPV R . 4.04 -32.34 8.07
H1A DPV R . 2.93 -32.88 6.78
H2 DPV R . 1.97 -30.53 6.71
H2A DPV R . 1.64 -31.41 8.19
H3 DPV R . 3.82 -29.29 7.80
H3A DPV R . 3.65 -30.27 9.27
H4 DPV R . 8.32 -31.38 6.74
H4A DPV R . 7.92 -32.95 7.49
H5 DPV R . 7.44 -31.74 9.68
H5A DPV R . 9.14 -31.64 9.17
H6 DPV R . 9.75 -29.77 10.47
H6A DPV R . 8.15 -29.93 11.26
H6B DPV R . 8.69 -28.34 10.63
H7 DPV R . 6.19 -29.38 8.16
H7A DPV R . 6.66 -28.16 9.37
H7B DPV R . 6.08 -29.77 9.91
H8 DPV R . 8.37 -29.14 7.05
H8A DPV R . 9.89 -29.39 7.98
H8B DPV R . 8.88 -27.93 8.26
H15 DPV R . 1.26 -29.37 9.49
H15A DPV R . 1.61 -28.26 8.18
H16 DPV R . 1.85 -27.43 10.63
H16A DPV R . 3.34 -28.36 10.71
H17 DPV R . 4.35 -27.00 8.88
H17A DPV R . 2.80 -26.18 8.61
H18 DPV R . 2.92 -25.33 11.04
H18A DPV R . 4.55 -26.02 11.14
H19 DPV R . 5.35 -24.53 9.34
H19A DPV R . 3.71 -23.93 9.05
H20 DPV R . 3.66 -22.95 11.36
H20A DPV R . 5.28 -23.56 11.67
H21 DPV R . 6.21 -22.14 9.86
H21A DPV R . 4.59 -21.61 9.40
H22 DPV R . 4.28 -20.51 11.63
H22A DPV R . 5.88 -21.06 12.15
H23 DPV R . 5.39 -19.22 9.73
H23A DPV R . 6.97 -19.69 10.40
H23B DPV R . 5.87 -18.67 11.34
N DPV S . -3.85 -23.84 10.34
P DPV S . -5.72 -20.16 7.09
C1 DPV S . -4.06 -19.40 5.21
C2 DPV S . -3.76 -19.61 3.71
C3 DPV S . -2.59 -18.72 3.24
C4 DPV S . -4.85 -21.91 8.82
C5 DPV S . -3.96 -23.19 8.90
C6 DPV S . -5.24 -24.23 10.91
C7 DPV S . -3.13 -22.90 11.33
C8 DPV S . -3.03 -25.12 10.20
C15 DPV S . -2.28 -18.94 1.73
C16 DPV S . -0.99 -18.20 1.26
C17 DPV S . 0.31 -18.99 1.64
C18 DPV S . 1.58 -18.31 1.06
C19 DPV S . 2.81 -19.24 1.20
O1P DPV S . -7.16 -20.45 7.21
C20 DPV S . 4.10 -18.58 0.62
C21 DPV S . 5.29 -19.58 0.53
C22 DPV S . 5.96 -19.87 1.91
C23 DPV S . 6.99 -21.01 1.81
O2P DPV S . -5.36 -18.89 7.80
O3P DPV S . -5.19 -20.22 5.57
O4P DPV S . -4.78 -21.38 7.47
H1 DPV S . -3.19 -19.68 5.81
H1A DPV S . -4.30 -18.35 5.40
H2 DPV S . -3.49 -20.66 3.55
H2A DPV S . -4.65 -19.39 3.13
H3 DPV S . -1.69 -18.94 3.84
H3A DPV S . -2.84 -17.67 3.40
H4 DPV S . -5.90 -22.15 9.05
H4A DPV S . -4.50 -21.14 9.51
H5 DPV S . -4.36 -23.95 8.23
H5A DPV S . -2.94 -22.94 8.59
H6 DPV S . -5.75 -24.88 10.19
H6A DPV S . -5.82 -23.32 11.07
H6B DPV S . -5.08 -24.76 11.85
H7 DPV S . -2.16 -22.63 10.91
H7A DPV S . -2.99 -23.44 12.28
H7B DPV S . -3.73 -22.01 11.48
H8 DPV S . -2.04 -24.87 9.82
H8A DPV S . -3.53 -25.80 9.52
H8B DPV S . -2.94 -25.59 11.19
H15 DPV S . -3.12 -18.58 1.14
H15A DPV S . -2.18 -20.01 1.53
H16 DPV S . -1.02 -18.09 0.18
H16A DPV S . -0.95 -17.19 1.69
H17 DPV S . 0.40 -19.06 2.73
H17A DPV S . 0.23 -20.01 1.24
H18 DPV S . 1.42 -18.07 0.01
H18A DPV S . 1.76 -17.37 1.59
H19 DPV S . 2.97 -19.48 2.26
H19A DPV S . 2.61 -20.18 0.68
H20 DPV S . 3.88 -18.22 -0.38
H20A DPV S . 4.38 -17.71 1.22
H21 DPV S . 4.95 -20.51 0.08
H21A DPV S . 6.05 -19.16 -0.14
H22 DPV S . 6.44 -18.97 2.28
H22A DPV S . 5.19 -20.15 2.65
H23 DPV S . 6.51 -21.94 1.50
H23A DPV S . 7.46 -21.17 2.78
H23B DPV S . 7.77 -20.75 1.09
N DPV T . 23.70 -10.02 11.94
P DPV T . 19.39 -7.37 10.60
C1 DPV T . 17.30 -7.60 9.06
C2 DPV T . 16.48 -8.65 8.29
C3 DPV T . 17.22 -9.11 7.01
C4 DPV T . 21.49 -8.62 11.53
C5 DPV T . 22.27 -9.95 11.30
C6 DPV T . 23.64 -9.86 13.47
C7 DPV T . 24.66 -8.97 11.34
C8 DPV T . 24.27 -11.41 11.64
C15 DPV T . 16.48 -10.29 6.32
C16 DPV T . 17.19 -10.69 5.01
C17 DPV T . 16.51 -11.90 4.32
C18 DPV T . 17.24 -12.24 2.99
C19 DPV T . 16.66 -13.50 2.31
O1P DPV T . 18.84 -6.97 11.90
C20 DPV T . 17.25 -13.66 0.88
C21 DPV T . 16.82 -14.98 0.22
C22 DPV T . 17.35 -15.07 -1.24
C23 DPV T . 17.05 -16.42 -1.88
O2P DPV T . 19.99 -6.25 9.86
O3P DPV T . 18.39 -8.26 9.72
O4P DPV T . 20.33 -8.65 10.68
H1 DPV T . 17.69 -6.83 8.40
H1A DPV T . 16.67 -7.14 9.82
H2 DPV T . 16.27 -9.50 8.94
H2A DPV T . 15.52 -8.21 8.00
H3 DPV T . 18.24 -9.43 7.27
H3A DPV T . 17.31 -8.27 6.31
H4 DPV T . 21.17 -8.54 12.57
H4A DPV T . 22.10 -7.75 11.26
H5 DPV T . 21.69 -10.78 11.69
H5A DPV T . 22.40 -10.10 10.21
H6 DPV T . 22.96 -10.63 13.88
H6A DPV T . 23.27 -8.86 13.71
H6B DPV T . 24.64 -9.99 13.88
H7 DPV T . 25.66 -9.11 11.76
H7A DPV T . 24.28 -7.97 11.57
H7B DPV T . 24.69 -9.12 10.26
H8 DPV T . 24.30 -11.54 10.54
H8A DPV T . 23.61 -12.15 12.08
H8B DPV T . 25.27 -11.48 12.06
H15 DPV T . 15.45 -10.01 6.10
H15A DPV T . 16.46 -11.15 7.01
H16 DPV T . 17.21 -9.84 4.33
H16A DPV T . 18.23 -10.94 5.24
H17 DPV T . 16.54 -12.76 4.98
H17A DPV T . 15.46 -11.67 4.12
H18 DPV T . 17.16 -11.39 2.32
H18A DPV T . 18.30 -12.40 3.19
H19 DPV T . 16.90 -14.39 2.90
H19A DPV T . 15.57 -13.43 2.24
H20 DPV T . 16.90 -12.82 0.27
H20A DPV T . 18.33 -13.60 0.92
H21 DPV T . 17.22 -15.83 0.80
H21A DPV T . 15.73 -15.07 0.21
H22 DPV T . 16.90 -14.28 -1.83
H22A DPV T . 18.44 -14.91 -1.25
H23 DPV T . 15.97 -16.61 -1.90
H23A DPV T . 17.52 -17.24 -1.33
H23B DPV T . 17.41 -16.44 -2.91
N DPV U . 32.26 -6.01 -1.07
P DPV U . 28.68 -6.14 1.37
C1 DPV U . 26.53 -6.53 2.77
C2 DPV U . 25.98 -7.35 3.96
C3 DPV U . 24.46 -7.11 4.21
C4 DPV U . 31.24 -6.74 1.28
C5 DPV U . 31.64 -5.56 0.30
C6 DPV U . 32.57 -4.76 -1.88
C7 DPV U . 31.26 -6.87 -1.90
C8 DPV U . 33.57 -6.80 -0.86
C15 DPV U . 23.52 -7.96 3.30
C16 DPV U . 23.19 -7.30 1.93
C17 DPV U . 22.11 -8.08 1.15
C18 DPV U . 21.94 -7.56 -0.29
C19 DPV U . 20.80 -8.30 -1.05
O1P DPV U . 28.39 -4.73 1.09
C20 DPV U . 20.73 -7.88 -2.54
C21 DPV U . 19.46 -8.45 -3.24
C22 DPV U . 19.29 -7.93 -4.70
C23 DPV U . 20.14 -8.73 -5.72
O2P DPV U . 28.47 -7.00 0.19
O3P DPV U . 27.96 -6.69 2.68
O4P DPV U . 30.10 -6.37 2.08
H1 DPV U . 26.08 -6.86 1.84
H1A DPV U . 26.32 -5.46 2.92
H2 DPV U . 26.16 -8.41 3.78
H2A DPV U . 26.53 -7.07 4.86
H3 DPV U . 24.22 -6.05 4.12
H3A DPV U . 24.25 -7.38 5.24
H4 DPV U . 30.99 -7.64 0.72
H4A DPV U . 32.09 -6.96 1.94
H5 DPV U . 30.75 -4.97 0.07
H5A DPV U . 32.37 -4.92 0.79
H6 DPV U . 33.26 -4.14 -1.31
H6A DPV U . 31.64 -4.21 -2.04
H6B DPV U . 33.01 -5.04 -2.84
H7 DPV U . 31.70 -7.08 -2.87
H7A DPV U . 30.33 -6.31 -2.01
H7B DPV U . 31.07 -7.81 -1.36
H8 DPV U . 34.01 -7.00 -1.83
H8A DPV U . 33.34 -7.74 -0.35
H8B DPV U . 34.25 -6.20 -0.24
H15 DPV U . 22.57 -8.13 3.84
H15A DPV U . 23.96 -8.95 3.13
H16 DPV U . 22.85 -6.28 2.09
H16A DPV U . 24.10 -7.25 1.33
H17 DPV U . 22.37 -9.15 1.12
H17A DPV U . 21.15 -8.01 1.68
H18 DPV U . 21.71 -6.48 -0.27
H18A DPV U . 22.88 -7.68 -0.84
H19 DPV U . 20.97 -9.38 -0.99
H19A DPV U . 19.85 -8.09 -0.56
H20 DPV U . 20.72 -6.78 -2.61
H20A DPV U . 21.62 -8.23 -3.07
H21 DPV U . 19.48 -9.54 -3.22
H21A DPV U . 18.57 -8.14 -2.67
H22 DPV U . 18.24 -8.02 -4.99
H22A DPV U . 19.55 -6.87 -4.76
H23 DPV U . 19.88 -9.79 -5.69
H23A DPV U . 21.21 -8.62 -5.50
H23B DPV U . 19.96 -8.36 -6.73
N DPV V . 18.97 0.42 7.48
P DPV V . 16.12 -3.12 7.46
C1 DPV V . 15.12 -5.32 6.41
C2 DPV V . 14.44 -5.71 5.09
C3 DPV V . 14.94 -7.09 4.56
C4 DPV V . 17.82 -1.58 6.19
C5 DPV V . 17.65 -0.20 6.91
C6 DPV V . 18.63 1.83 7.99
C7 DPV V . 20.08 0.55 6.42
C8 DPV V . 19.50 -0.39 8.68
C15 DPV V . 14.32 -7.43 3.17
C16 DPV V . 14.68 -8.87 2.72
C17 DPV V . 14.04 -9.20 1.35
C18 DPV V . 14.24 -10.71 0.98
C19 DPV V . 13.62 -11.02 -0.41
O1P DPV V . 17.19 -4.00 7.99
C20 DPV V . 13.62 -12.55 -0.73
C21 DPV V . 12.99 -12.83 -2.14
C22 DPV V . 12.68 -14.33 -2.36
C23 DPV V . 11.94 -14.58 -3.70
O2P DPV V . 15.51 -2.29 8.53
O3P DPV V . 15.04 -3.88 6.54
O4P DPV V . 16.56 -2.28 6.17
H1 DPV V . 14.63 -5.79 7.26
H1A DPV V . 16.18 -5.61 6.39
H2 DPV V . 13.36 -5.75 5.24
H2A DPV V . 14.64 -4.94 4.34
H3 DPV V . 14.66 -7.86 5.28
H3A DPV V . 16.03 -7.08 4.48
H4 DPV V . 18.13 -1.41 5.16
H4A DPV V . 18.56 -2.19 6.71
H5 DPV V . 17.21 0.52 6.22
H5A DPV V . 16.96 -0.32 7.75
H6 DPV V . 17.88 1.75 8.77
H6A DPV V . 18.24 2.42 7.15
H6B DPV V . 19.54 2.30 8.38
H7 DPV V . 20.39 -0.44 6.11
H7A DPV V . 20.92 1.10 6.85
H7B DPV V . 19.68 1.10 5.56
H8 DPV V . 18.71 -0.46 9.44
H8A DPV V . 20.37 0.12 9.10
H8B DPV V . 19.78 -1.38 8.33
H15 DPV V . 14.69 -6.72 2.43
H15A DPV V . 13.24 -7.32 3.23
H16 DPV V . 15.76 -8.98 2.66
H16A DPV V . 14.31 -9.58 3.48
H17 DPV V . 12.97 -8.98 1.36
H17A DPV V . 14.50 -8.58 0.58
H18 DPV V . 15.30 -10.94 0.95
H18A DPV V . 13.78 -11.34 1.74
H19 DPV V . 12.59 -10.65 -0.45
H19A DPV V . 14.18 -10.49 -1.18
H20 DPV V . 14.64 -12.93 -0.70
H20A DPV V . 13.04 -13.08 0.03
H21 DPV V . 12.07 -12.25 -2.24
H21A DPV V . 13.69 -12.48 -2.91
H22 DPV V . 13.60 -14.92 -2.34
H22A DPV V . 12.04 -14.70 -1.55
H23 DPV V . 11.20 -13.79 -3.88
H23A DPV V . 11.43 -15.53 -3.69
H23B DPV V . 12.65 -14.57 -4.53
N DPV W . 16.13 3.48 -17.32
P DPV W . 16.20 1.46 -13.21
C1 DPV W . 15.60 -1.08 -12.73
C2 DPV W . 16.78 -1.40 -11.77
C3 DPV W . 16.81 -2.91 -11.40
C4 DPV W . 15.19 3.24 -14.85
C5 DPV W . 15.27 2.65 -16.30
C6 DPV W . 16.00 2.83 -18.71
C7 DPV W . 17.62 3.45 -16.92
C8 DPV W . 15.65 4.94 -17.44
C15 DPV W . 17.91 -3.23 -10.34
C16 DPV W . 17.73 -4.64 -9.68
C17 DPV W . 16.70 -4.65 -8.51
C18 DPV W . 16.74 -5.95 -7.65
C19 DPV W . 16.14 -7.22 -8.36
O1P DPV W . 17.18 0.95 -14.18
C20 DPV W . 15.75 -8.33 -7.33
C21 DPV W . 15.13 -9.58 -8.03
C22 DPV W . 14.68 -10.64 -6.98
C23 DPV W . 14.30 -11.99 -7.63
O2P DPV W . 16.82 2.28 -12.16
O3P DPV W . 15.22 0.33 -12.62
O4P DPV W . 14.94 2.16 -13.90
H1 DPV W . 15.87 -1.30 -13.77
H1A DPV W . 14.73 -1.67 -12.46
H2 DPV W . 17.72 -1.12 -12.26
H2A DPV W . 16.69 -0.80 -10.86
H3 DPV W . 16.98 -3.50 -12.28
H3A DPV W . 15.85 -3.19 -10.99
H4 DPV W . 16.12 3.74 -14.57
H4A DPV W . 14.37 3.96 -14.79
H5 DPV W . 15.72 1.65 -16.25
H5A DPV W . 14.27 2.56 -16.71
H6 DPV W . 16.57 3.42 -19.43
H6A DPV W . 14.94 2.81 -18.99
H6B DPV W . 16.40 1.81 -18.65
H7 DPV W . 17.74 3.90 -15.93
H7A DPV W . 18.19 4.03 -17.66
H7B DPV W . 17.96 2.42 -16.91
H8 DPV W . 15.78 5.44 -16.49
H8A DPV W . 14.59 4.93 -17.73
H8B DPV W . 16.25 5.44 -18.21
H15 DPV W . 17.92 -2.46 -9.56
H15A DPV W . 18.89 -3.19 -10.82
H16 DPV W . 17.45 -5.37 -10.43
H16A DPV W . 18.70 -4.95 -9.29
H17 DPV W . 16.90 -3.80 -7.85
H17A DPV W . 15.69 -4.51 -8.91
H18 DPV W . 17.77 -6.16 -7.34
H18A DPV W . 16.17 -5.76 -6.74
H19 DPV W . 15.25 -6.91 -8.93
H19A DPV W . 16.87 -7.60 -9.08
H20 DPV W . 16.63 -8.62 -6.78
H20A DPV W . 15.04 -7.91 -6.62
H21 DPV W . 14.25 -9.27 -8.62
H21A DPV W . 15.86 -10.02 -8.71
H22 DPV W . 15.49 -10.81 -6.27
H22A DPV W . 13.83 -10.26 -6.42
H23 DPV W . 13.51 -11.86 -8.37
H23A DPV W . 13.93 -12.69 -6.87
H23B DPV W . 15.17 -12.45 -8.11
N DPV X . 13.15 -1.16 -24.36
P DPV X . 10.59 -4.20 -21.74
C1 DPV X . 10.65 -6.81 -22.17
C2 DPV X . 10.67 -7.51 -20.79
C3 DPV X . 12.09 -7.99 -20.40
C4 DPV X . 10.89 -2.23 -23.42
C5 DPV X . 11.73 -1.77 -24.65
C6 DPV X . 14.08 -2.15 -23.66
C7 DPV X . 13.05 0.14 -23.52
C8 DPV X . 13.79 -0.79 -25.70
C15 DPV X . 12.16 -8.75 -19.02
C16 DPV X . 11.77 -7.89 -17.77
C17 DPV X . 12.78 -6.74 -17.46
C18 DPV X . 12.23 -5.79 -16.35
C19 DPV X . 13.24 -4.64 -16.08
O1P DPV X . 10.94 -3.65 -20.41
C20 DPV X . 12.74 -3.60 -15.02
C21 DPV X . 11.74 -2.57 -15.64
C22 DPV X . 11.37 -1.45 -14.64
C23 DPV X . 10.49 -0.38 -15.31
O2P DPV X . 9.12 -4.28 -21.93
O3P DPV X . 11.39 -5.54 -22.09
O4P DPV X . 11.36 -3.50 -22.94
H1 DPV X . 11.14 -7.45 -22.91
H1A DPV X . 9.62 -6.61 -22.48
H2 DPV X . 10.28 -6.82 -20.04
H2A DPV X . 9.99 -8.37 -20.82
H3 DPV X . 12.77 -7.15 -20.38
H3A DPV X . 12.47 -8.67 -21.17
H4 DPV X . 10.95 -1.48 -22.62
H4A DPV X . 9.84 -2.35 -23.72
H5 DPV X . 11.88 -2.63 -25.33
H5A DPV X . 11.17 -1.01 -25.20
H6 DPV X . 14.15 -3.06 -24.26
H6A DPV X . 13.67 -2.39 -22.67
H6B DPV X . 15.07 -1.69 -23.55
H7 DPV X . 12.39 0.85 -24.04
H7A DPV X . 14.05 0.57 -23.42
H7B DPV X . 12.64 -0.11 -22.55
H8 DPV X . 13.89 -1.69 -26.31
H8A DPV X . 14.77 -0.35 -25.52
H8B DPV X . 13.15 -0.06 -26.22
H15 DPV X . 13.17 -9.14 -18.88
H15A DPV X . 11.49 -9.61 -19.07
H16 DPV X . 10.76 -7.48 -17.91
H16A DPV X . 11.70 -8.55 -16.90
H17 DPV X . 13.72 -7.17 -17.13
H17A DPV X . 12.96 -6.16 -18.36
H18 DPV X . 11.28 -5.37 -16.66
H18A DPV X . 12.07 -6.35 -15.42
H19 DPV X . 14.19 -5.07 -15.72
H19A DPV X . 13.47 -4.13 -17.02
H20 DPV X . 12.27 -4.11 -14.19
H20A DPV X . 13.60 -3.06 -14.64
H21 DPV X . 12.19 -2.11 -16.52
H21A DPV X . 10.83 -3.09 -15.96
H22 DPV X . 10.84 -1.88 -13.78
H22A DPV X . 12.27 -0.98 -14.25
H23 DPV X . 10.19 0.37 -14.59
H23A DPV X . 9.59 -0.84 -15.72
H23B DPV X . 11.03 0.10 -16.11
N DPV Y . 7.36 4.20 -14.07
P DPV Y . 4.29 1.76 -16.63
C1 DPV Y . 4.47 -0.81 -16.14
C2 DPV Y . 3.95 -2.15 -16.73
C3 DPV Y . 2.52 -2.50 -16.27
C4 DPV Y . 5.70 2.16 -14.42
C5 DPV Y . 5.93 3.70 -14.51
C6 DPV Y . 7.37 5.73 -14.20
C7 DPV Y . 8.47 3.64 -14.99
C8 DPV Y . 7.67 3.84 -12.61
C15 DPV Y . 2.08 -3.91 -16.76
C16 DPV Y . 0.69 -4.33 -16.19
C17 DPV Y . 0.52 -5.87 -16.04
C18 DPV Y . 1.39 -6.46 -14.88
C19 DPV Y . 0.95 -7.87 -14.44
O1P DPV Y . 3.36 2.77 -17.17
C20 DPV Y . 1.86 -8.40 -13.29
C21 DPV Y . 1.21 -9.59 -12.54
C22 DPV Y . 2.12 -10.07 -11.37
C23 DPV Y . 1.38 -11.04 -10.43
O2P DPV Y . 5.58 1.77 -17.35
O3P DPV Y . 3.63 0.29 -16.58
O4P DPV Y . 4.43 1.82 -15.03
H1 DPV Y . 4.45 -0.86 -15.05
H1A DPV Y . 5.49 -0.65 -16.47
H2 DPV Y . 3.98 -2.08 -17.82
H2A DPV Y . 4.63 -2.95 -16.44
H3 DPV Y . 1.81 -1.75 -16.64
H3A DPV Y . 2.48 -2.48 -15.18
H4 DPV Y . 6.50 1.60 -14.93
H4A DPV Y . 5.68 1.85 -13.36
H5 DPV Y . 5.80 4.03 -15.55
H5A DPV Y . 5.21 4.22 -13.89
H6 DPV Y . 6.62 6.14 -13.52
H6A DPV Y . 7.13 6.01 -15.23
H6B DPV Y . 8.36 6.10 -13.94
H7 DPV Y . 8.51 2.55 -14.87
H7A DPV Y . 9.42 4.09 -14.71
H7B DPV Y . 8.23 3.89 -16.03
H8 DPV Y . 7.72 2.75 -12.50
H8A DPV Y . 6.87 4.25 -11.97
H8B DPV Y . 8.63 4.29 -12.33
H15 DPV Y . 2.85 -4.63 -16.46
H15A DPV Y . 2.04 -3.92 -17.85
H16 DPV Y . 0.53 -3.87 -15.22
H16A DPV Y . -0.09 -3.95 -16.86
H17 DPV Y . -0.53 -6.08 -15.84
H17A DPV Y . 0.77 -6.38 -16.98
H18 DPV Y . 2.43 -6.49 -15.19
H18A DPV Y . 1.32 -5.79 -14.02
H19 DPV Y . -0.08 -7.83 -14.09
H19A DPV Y . 0.98 -8.56 -15.29
H20 DPV Y . 2.82 -8.70 -13.70
H20A DPV Y . 2.04 -7.60 -12.58
H21 DPV Y . 0.24 -9.29 -12.14
H21A DPV Y . 1.04 -10.42 -13.24
H22 DPV Y . 3.01 -10.58 -11.79
H22A DPV Y . 2.47 -9.22 -10.79
H23 DPV Y . 0.97 -11.89 -10.99
H23A DPV Y . 0.56 -10.53 -9.93
H23B DPV Y . 2.07 -11.43 -9.67
N DPV Z . -6.38 -5.43 -11.53
P DPV Z . -7.10 -6.11 -16.15
C1 DPV Z . -4.95 -7.58 -15.86
C2 DPV Z . -3.46 -7.59 -16.26
C3 DPV Z . -2.62 -8.67 -15.53
C4 DPV Z . -7.71 -5.06 -13.81
C5 DPV Z . -7.05 -4.42 -12.53
C6 DPV Z . -5.27 -6.28 -12.19
C7 DPV Z . -7.42 -6.37 -10.90
C8 DPV Z . -5.71 -4.63 -10.40
C15 DPV Z . -2.87 -10.13 -16.04
C16 DPV Z . -1.68 -11.06 -15.70
C17 DPV Z . -1.85 -12.46 -16.36
C18 DPV Z . -0.54 -13.29 -16.32
C19 DPV Z . -0.77 -14.74 -16.83
O1P DPV Z . -7.91 -7.33 -15.96
C20 DPV Z . 0.55 -15.57 -16.82
C21 DPV Z . 0.30 -17.03 -17.29
C22 DPV Z . 1.61 -17.89 -17.31
C23 DPV Z . 2.51 -17.62 -18.55
O2P DPV Z . -7.71 -5.19 -17.11
O3P DPV Z . -5.55 -6.41 -16.44
O4P DPV Z . -6.68 -5.40 -14.76
H1 DPV Z . -5.45 -8.47 -16.24
H1A DPV Z . -5.05 -7.55 -14.78
H2 DPV Z . -3.37 -7.72 -17.34
H2A DPV Z . -3.04 -6.60 -16.03
H3 DPV Z . -2.79 -8.62 -14.45
H3A DPV Z . -1.57 -8.42 -15.69
H4 DPV Z . -8.27 -5.95 -13.56
H4A DPV Z . -8.37 -4.32 -14.28
H5 DPV Z . -6.29 -3.71 -12.83
H5A DPV Z . -7.82 -3.89 -11.97
H6 DPV Z . -4.58 -5.61 -12.70
H6A DPV Z . -5.74 -6.95 -12.91
H6B DPV Z . -4.75 -6.85 -11.43
H7 DPV Z . -8.21 -5.77 -10.44
H7A DPV Z . -6.93 -6.99 -10.14
H7B DPV Z . -7.84 -7.00 -11.68
H8 DPV Z . -6.48 -4.06 -9.87
H8A DPV Z . -4.98 -3.95 -10.85
H8B DPV Z . -5.21 -5.32 -9.71
H15 DPV Z . -3.01 -10.10 -17.12
H15A DPV Z . -3.79 -10.52 -15.58
H16 DPV Z . -0.75 -10.61 -16.07
H16A DPV Z . -1.59 -11.17 -14.62
H17 DPV Z . -2.65 -13.00 -15.84
H17A DPV Z . -2.16 -12.33 -17.40
H18 DPV Z . 0.21 -12.79 -16.96
H18A DPV Z . -0.15 -13.31 -15.31
H19 DPV Z . -1.50 -15.23 -16.19
H19A DPV Z . -1.18 -14.71 -17.85
H20 DPV Z . 1.27 -15.08 -17.49
H20A DPV Z . 0.97 -15.57 -15.82
H21 DPV Z . -0.42 -17.50 -16.62
H21A DPV Z . -0.14 -17.02 -18.30
H22 DPV Z . 2.17 -17.70 -16.40
H22A DPV Z . 1.33 -18.94 -17.31
H23 DPV Z . 3.39 -18.25 -18.51
H23A DPV Z . 2.81 -16.57 -18.59
H23B DPV Z . 1.96 -17.87 -19.47
N DPV AA . -6.72 -12.03 -17.66
P DPV AA . -6.61 -11.31 -13.00
C1 DPV AA . -5.14 -13.33 -12.11
C2 DPV AA . -4.29 -13.71 -13.36
C3 DPV AA . -3.61 -15.11 -13.24
C4 DPV AA . -7.57 -10.93 -15.39
C5 DPV AA . -7.92 -11.70 -16.71
C6 DPV AA . -5.72 -12.99 -16.99
C7 DPV AA . -6.00 -10.76 -18.14
C8 DPV AA . -7.29 -12.72 -18.90
C15 DPV AA . -2.44 -15.18 -12.22
C16 DPV AA . -1.09 -14.72 -12.84
C17 DPV AA . 0.09 -14.86 -11.83
C18 DPV AA . 1.45 -14.50 -12.51
C19 DPV AA . 2.62 -14.54 -11.49
O1P DPV AA . -5.35 -10.54 -12.98
C20 DPV AA . 3.96 -14.13 -12.17
C21 DPV AA . 5.16 -14.04 -11.18
C22 DPV AA . 5.17 -12.72 -10.35
C23 DPV AA . 6.52 -12.49 -9.64
O2P DPV AA . -7.72 -10.61 -12.31
O3P DPV AA . -6.45 -12.85 -12.53
O4P DPV AA . -7.00 -11.85 -14.44
H1 DPV AA . -5.30 -14.21 -11.48
H1A DPV AA . -4.64 -12.56 -11.53
H2 DPV AA . -4.95 -13.73 -14.24
H2A DPV AA . -3.53 -12.95 -13.53
H3 DPV AA . -3.27 -15.43 -14.23
H3A DPV AA . -4.37 -15.85 -12.94
H4 DPV AA . -6.85 -10.12 -15.59
H4A DPV AA . -8.48 -10.49 -14.96
H5 DPV AA . -8.40 -12.64 -16.45
H5A DPV AA . -8.64 -11.12 -17.29
H6 DPV AA . -6.26 -13.88 -16.64
H6A DPV AA . -5.24 -12.48 -16.15
H6B DPV AA . -4.96 -13.28 -17.72
H7 DPV AA . -5.52 -10.28 -17.28
H7A DPV AA . -6.73 -10.08 -18.59
H7B DPV AA . -5.23 -11.03 -18.88
H8 DPV AA . -6.48 -12.97 -19.58
H8A DPV AA . -7.99 -12.05 -19.39
H8B DPV AA . -7.80 -13.64 -18.59
H15 DPV AA . -2.32 -16.22 -11.89
H15A DPV AA . -2.66 -14.59 -11.34
H16 DPV AA . -0.86 -15.33 -13.73
H16A DPV AA . -1.16 -13.68 -13.16
H17 DPV AA . -0.09 -14.20 -10.97
H17A DPV AA . 0.13 -15.89 -11.46
H18 DPV AA . 1.64 -15.20 -13.32
H18A DPV AA . 1.37 -13.49 -12.93
H19 DPV AA . 2.41 -13.88 -10.66
H19A DPV AA . 2.72 -15.55 -11.08
H20 DPV AA . 4.20 -14.87 -12.94
H20A DPV AA . 3.84 -13.17 -12.69
H21 DPV AA . 5.15 -14.90 -10.50
H21A DPV AA . 6.08 -14.10 -11.76
H22 DPV AA . 4.97 -11.86 -11.00
H22A DPV AA . 4.36 -12.76 -9.61
H23 DPV AA . 6.42 -11.69 -8.89
H23A DPV AA . 7.28 -12.19 -10.36
H23B DPV AA . 6.86 -13.40 -9.14
N DPV BA . -9.29 -25.51 -9.19
P DPV BA . -8.77 -22.35 -5.64
C1 DPV BA . -7.76 -22.54 -3.22
C2 DPV BA . -6.41 -21.95 -2.76
C3 DPV BA . -6.29 -20.45 -3.14
C4 DPV BA . -9.41 -24.74 -6.64
C5 DPV BA . -10.09 -24.79 -8.05
C6 DPV BA . -9.17 -27.02 -8.94
C7 DPV BA . -7.89 -24.90 -9.38
C8 DPV BA . -10.06 -25.31 -10.51
C15 DPV BA . -4.83 -19.90 -3.02
C16 DPV BA . -3.91 -20.24 -4.25
C17 DPV BA . -4.06 -19.26 -5.46
C18 DPV BA . -4.91 -19.86 -6.62
C19 DPV BA . -5.06 -18.88 -7.83
O1P DPV BA . -8.43 -21.06 -6.27
C20 DPV BA . -3.80 -18.88 -8.78
C21 DPV BA . -3.30 -17.46 -9.18
C22 DPV BA . -2.59 -16.72 -8.01
C23 DPV BA . -2.06 -15.34 -8.43
O2P DPV BA . -10.13 -22.32 -5.07
O3P DPV BA . -7.65 -22.88 -4.63
O4P DPV BA . -8.49 -23.60 -6.59
H1 DPV BA . -7.98 -23.46 -2.66
H1A DPV BA . -8.57 -21.82 -3.07
H2 DPV BA . -6.34 -22.05 -1.67
H2A DPV BA . -5.61 -22.53 -3.20
H3 DPV BA . -6.94 -19.86 -2.49
H3A DPV BA . -6.65 -20.29 -4.15
H4 DPV BA . -10.15 -24.62 -5.85
H4A DPV BA . -8.84 -25.66 -6.46
H5 DPV BA . -11.05 -25.32 -7.96
H5A DPV BA . -10.30 -23.78 -8.39
H6 DPV BA . -8.67 -27.49 -9.79
H6A DPV BA . -10.18 -27.44 -8.81
H6B DPV BA . -8.59 -27.18 -8.02
H7 DPV BA . -7.99 -23.84 -9.55
H7A DPV BA . -7.41 -25.37 -10.24
H7B DPV BA . -7.29 -25.09 -8.48
H8 DPV BA . -10.16 -24.25 -10.71
H8A DPV BA . -11.05 -25.76 -10.41
H8B DPV BA . -9.50 -25.80 -11.32
H15 DPV BA . -4.38 -20.30 -2.11
H15A DPV BA . -4.88 -18.82 -2.90
H16 DPV BA . -2.88 -20.17 -3.91
H16A DPV BA . -4.07 -21.27 -4.55
H17 DPV BA . -4.52 -18.31 -5.13
H17A DPV BA . -3.07 -19.02 -5.83
H18 DPV BA . -4.45 -20.78 -6.97
H18A DPV BA . -5.90 -20.11 -6.27
H19 DPV BA . -5.92 -19.18 -8.43
H19A DPV BA . -5.27 -17.87 -7.46
H20 DPV BA . -2.97 -19.43 -8.31
H20A DPV BA . -4.05 -19.44 -9.69
H21 DPV BA . -2.60 -17.56 -10.01
H21A DPV BA . -4.14 -16.87 -9.54
H22 DPV BA . -3.27 -16.58 -7.17
H22A DPV BA . -1.75 -17.33 -7.64
H23 DPV BA . -1.63 -14.82 -7.58
H23A DPV BA . -2.86 -14.73 -8.84
H23B DPV BA . -1.28 -15.44 -9.19
N DPV CA . -3.40 -33.72 -3.65
P DPV CA . 1.00 -32.26 -4.09
C1 DPV CA . 3.33 -31.22 -3.53
C2 DPV CA . 3.97 -29.97 -2.90
C3 DPV CA . 5.42 -29.71 -3.44
C4 DPV CA . -1.58 -31.87 -4.23
C5 DPV CA . -2.19 -32.85 -3.16
C6 DPV CA . -3.02 -34.61 -4.86
C7 DPV CA . -4.61 -32.85 -4.04
C8 DPV CA . -3.82 -34.64 -2.50
C15 DPV CA . 5.43 -29.07 -4.86
C16 DPV CA . 6.87 -28.81 -5.38
C17 DPV CA . 6.83 -28.17 -6.80
C18 DPV CA . 8.24 -27.79 -7.35
C19 DPV CA . 9.01 -28.99 -7.94
O1P DPV CA . 1.02 -33.57 -3.41
C20 DPV CA . 10.35 -28.58 -8.57
C21 DPV CA . 11.13 -29.81 -9.09
C22 DPV CA . 12.52 -29.43 -9.66
C23 DPV CA . 13.24 -30.67 -10.21
O2P DPV CA . 1.30 -32.38 -5.53
O3P DPV CA . 1.89 -31.15 -3.36
O4P DPV CA . -0.30 -31.39 -3.78
H1 DPV CA . 3.55 -31.28 -4.59
H1A DPV CA . 3.70 -32.12 -3.04
H2 DPV CA . 3.35 -29.09 -3.09
H2A DPV CA . 4.02 -30.10 -1.82
H3 DPV CA . 5.97 -30.66 -3.46
H3A DPV CA . 5.94 -29.05 -2.75
H4 DPV CA . -1.46 -32.36 -5.20
H4A DPV CA . -2.25 -31.01 -4.34
H5 DPV CA . -1.42 -33.55 -2.84
H5A DPV CA . -2.52 -32.29 -2.30
H6 DPV CA . -2.78 -33.98 -5.71
H6A DPV CA . -3.86 -35.26 -5.10
H6B DPV CA . -2.15 -35.22 -4.58
H7 DPV CA . -4.88 -32.23 -3.19
H7A DPV CA . -5.45 -33.50 -4.31
H7B DPV CA . -4.33 -32.22 -4.89
H8 DPV CA . -4.11 -34.01 -1.64
H8A DPV CA . -2.99 -35.28 -2.23
H8B DPV CA . -4.68 -35.25 -2.82
H15 DPV CA . 4.90 -28.11 -4.82
H15A DPV CA . 4.90 -29.71 -5.57
H16 DPV CA . 7.40 -28.16 -4.70
H16A DPV CA . 7.42 -29.77 -5.43
H17 DPV CA . 6.34 -28.85 -7.51
H17A DPV CA . 6.21 -27.27 -6.77
H18 DPV CA . 8.11 -27.02 -8.13
H18A DPV CA . 8.83 -27.32 -6.55
H19 DPV CA . 9.19 -29.73 -7.13
H19A DPV CA . 8.39 -29.48 -8.69
H20 DPV CA . 10.17 -27.88 -9.40
H20A DPV CA . 10.96 -28.05 -7.83
H21 DPV CA . 11.26 -30.53 -8.28
H21A DPV CA . 10.54 -30.30 -9.88
H22 DPV CA . 12.40 -28.70 -10.46
H22A DPV CA . 13.12 -28.98 -8.88
H23 DPV CA . 12.69 -31.10 -11.05
H23A DPV CA . 13.35 -31.43 -9.44
H23B DPV CA . 14.24 -30.40 -10.57
N DPV DA . 25.53 -28.21 5.05
P DPV DA . 24.86 -28.89 0.51
C1 DPV DA . 24.13 -30.81 -1.12
C2 DPV DA . 24.11 -32.35 -1.20
C3 DPV DA . 23.43 -32.90 -2.50
C4 DPV DA . 24.15 -27.88 2.79
C5 DPV DA . 24.13 -28.16 4.33
C6 DPV DA . 26.36 -29.41 4.58
C7 DPV DA . 25.26 -28.38 6.56
C8 DPV DA . 26.35 -26.92 4.86
C15 DPV DA . 24.26 -32.66 -3.80
C16 DPV DA . 23.58 -33.28 -5.07
C17 DPV DA . 22.80 -32.26 -5.98
C18 DPV DA . 21.39 -31.85 -5.45
C19 DPV DA . 21.39 -30.52 -4.64
O1P DPV DA . 23.96 -27.93 -0.17
C20 DPV DA . 20.07 -30.34 -3.83
C21 DPV DA . 20.15 -29.13 -2.86
C22 DPV DA . 18.85 -28.97 -2.04
C23 DPV DA . 18.93 -27.77 -1.07
O2P DPV DA . 26.29 -28.60 0.26
O3P DPV DA . 24.47 -30.42 0.25
O4P DPV DA . 24.51 -29.08 2.06
H1 DPV DA . 24.87 -30.40 -1.80
H1A DPV DA . 23.14 -30.39 -1.35
H2 DPV DA . 25.14 -32.73 -1.14
H2A DPV DA . 23.57 -32.75 -0.34
H3 DPV DA . 22.43 -32.44 -2.59
H3A DPV DA . 23.27 -33.97 -2.37
H4 DPV DA . 23.17 -27.57 2.46
H4A DPV DA . 24.88 -27.10 2.55
H5 DPV DA . 23.55 -27.37 4.82
H5A DPV DA . 23.63 -29.12 4.51
H6 DPV DA . 27.29 -29.46 5.16
H6A DPV DA . 26.59 -29.29 3.52
H6B DPV DA . 25.78 -30.33 4.73
H7 DPV DA . 24.73 -29.33 6.71
H7A DPV DA . 24.65 -27.54 6.90
H7B DPV DA . 26.21 -28.40 7.09
H8 DPV DA . 25.74 -26.07 5.18
H8A DPV DA . 26.61 -26.82 3.80
H8B DPV DA . 27.25 -26.98 5.47
H15 DPV DA . 25.23 -33.13 -3.68
H15A DPV DA . 24.43 -31.60 -3.95
H16 DPV DA . 24.36 -33.73 -5.68
H16A DPV DA . 22.91 -34.10 -4.79
H17 DPV DA . 23.42 -31.38 -6.16
H17A DPV DA . 22.67 -32.73 -6.96
H18 DPV DA . 20.72 -31.72 -6.31
H18A DPV DA . 20.97 -32.65 -4.84
H19 DPV DA . 22.24 -30.51 -3.94
H19A DPV DA . 21.52 -29.67 -5.32
H20 DPV DA . 19.24 -30.21 -4.52
H20A DPV DA . 19.88 -31.25 -3.25
H21 DPV DA . 20.99 -29.27 -2.18
H21A DPV DA . 20.33 -28.22 -3.44
H22 DPV DA . 18.00 -28.82 -2.71
H22A DPV DA . 18.65 -29.88 -1.46
H23 DPV DA . 19.20 -26.86 -1.61
H23A DPV DA . 19.68 -27.95 -0.30
H23B DPV DA . 17.97 -27.61 -0.59
N DPV EA . 9.96 -22.39 12.37
P DPV EA . 11.16 -25.23 9.04
C1 DPV EA . 10.69 -25.45 6.48
C2 DPV EA . 9.88 -24.74 5.36
C3 DPV EA . 10.44 -25.02 3.95
C4 DPV EA . 11.80 -23.30 10.67
C5 DPV EA . 11.16 -22.07 11.42
C6 DPV EA . 10.32 -23.43 13.44
C7 DPV EA . 8.72 -22.84 11.58
C8 DPV EA . 9.60 -21.08 13.09
C15 DPV EA . 9.64 -24.26 2.86
C16 DPV EA . 10.37 -24.30 1.49
C17 DPV EA . 9.62 -23.46 0.42
C18 DPV EA . 10.44 -23.31 -0.89
C19 DPV EA . 9.70 -22.39 -1.90
O1P DPV EA . 12.58 -25.56 8.87
C20 DPV EA . 10.54 -22.18 -3.18
C21 DPV EA . 9.82 -21.20 -4.17
C22 DPV EA . 10.67 -20.95 -5.44
C23 DPV EA . 9.99 -19.95 -6.39
O2P DPV EA . 10.41 -26.29 9.74
O3P DPV EA . 10.45 -24.73 7.70
O4P DPV EA . 10.92 -23.77 9.64
H1 DPV EA . 10.37 -26.48 6.59
H1A DPV EA . 11.76 -25.42 6.26
H2 DPV EA . 8.84 -25.06 5.43
H2A DPV EA . 9.90 -23.67 5.55
H3 DPV EA . 10.39 -26.10 3.75
H3A DPV EA . 11.50 -24.73 3.91
H4 DPV EA . 12.75 -23.01 10.21
H4A DPV EA . 11.98 -24.11 11.38
H5 DPV EA . 11.94 -21.60 12.03
H5A DPV EA . 10.82 -21.35 10.68
H6 DPV EA . 11.20 -23.09 13.99
H6A DPV EA . 10.52 -24.39 12.95
H6B DPV EA . 9.47 -23.54 14.13
H7 DPV EA . 8.49 -22.09 10.82
H7A DPV EA . 7.87 -22.96 12.27
H7B DPV EA . 8.94 -23.80 11.10
H8 DPV EA . 10.48 -20.73 13.64
H8A DPV EA . 8.78 -21.28 13.80
H8B DPV EA . 9.29 -20.34 12.36
H15 DPV EA . 9.51 -23.22 3.17
H15A DPV EA . 8.64 -24.71 2.76
H16 DPV EA . 11.38 -23.91 1.61
H16A DPV EA . 10.46 -25.33 1.15
H17 DPV EA . 8.65 -23.94 0.20
H17A DPV EA . 9.41 -22.47 0.83
H18 DPV EA . 11.42 -22.88 -0.65
H18A DPV EA . 10.61 -24.29 -1.34
H19 DPV EA . 8.73 -22.83 -2.15
H19A DPV EA . 9.51 -21.42 -1.43
H20 DPV EA . 11.52 -21.77 -2.93
H20A DPV EA . 10.69 -23.14 -3.69
H21 DPV EA . 8.85 -21.62 -4.45
H21A DPV EA . 9.63 -20.25 -3.66
H22 DPV EA . 11.64 -20.55 -5.15
H22A DPV EA . 10.85 -21.90 -5.95
H23 DPV EA . 9.88 -18.98 -5.93
H23A DPV EA . 9.00 -20.31 -6.69
H23B DPV EA . 10.59 -19.83 -7.31
N DPV FA . 13.44 -32.34 9.42
P DPV FA . 15.93 -28.91 7.17
C1 DPV FA . 15.76 -26.31 7.65
C2 DPV FA . 15.89 -25.47 6.35
C3 DPV FA . 14.77 -24.39 6.28
C4 DPV FA . 15.21 -30.39 9.24
C5 DPV FA . 13.84 -30.97 8.75
C6 DPV FA . 13.27 -32.21 10.95
C7 DPV FA . 14.44 -33.46 9.09
C8 DPV FA . 12.07 -32.75 8.84
C15 DPV FA . 14.73 -23.67 4.89
C16 DPV FA . 13.58 -22.61 4.80
C17 DPV FA . 13.50 -21.98 3.37
C18 DPV FA . 12.24 -21.05 3.23
C19 DPV FA . 12.18 -20.38 1.82
O1P DPV FA . 16.91 -29.95 6.79
C20 DPV FA . 10.86 -19.58 1.62
C21 DPV FA . 10.84 -18.75 0.31
C22 DPV FA . 9.48 -18.01 0.10
C23 DPV FA . 9.56 -16.88 -0.96
O2P DPV FA . 14.84 -28.80 6.18
O3P DPV FA . 16.61 -27.51 7.55
O4P DPV FA . 15.40 -29.06 8.68
H1 DPV FA . 16.08 -25.73 8.51
H1A DPV FA . 14.72 -26.63 7.79
H2 DPV FA . 16.87 -24.99 6.33
H2A DPV FA . 15.83 -26.13 5.49
H3 DPV FA . 14.92 -23.64 7.06
H3A DPV FA . 13.80 -24.86 6.45
H4 DPV FA . 15.21 -30.29 10.33
H4A DPV FA . 16.04 -31.03 8.94
H5 DPV FA . 13.03 -30.26 8.96
H5A DPV FA . 13.87 -31.14 7.67
H6 DPV FA . 12.58 -31.40 11.16
H6A DPV FA . 14.25 -31.99 11.39
H6B DPV FA . 12.89 -33.16 11.34
H7 DPV FA . 14.54 -33.55 8.01
H7A DPV FA . 14.07 -34.41 9.51
H7B DPV FA . 15.41 -33.21 9.54
H8 DPV FA . 12.16 -32.85 7.76
H8A DPV FA . 11.33 -31.99 9.09
H8B DPV FA . 11.77 -33.71 9.29
H15 DPV FA . 14.59 -24.42 4.10
H15A DPV FA . 15.69 -23.18 4.71
H16 DPV FA . 12.64 -23.09 5.05
H16A DPV FA . 13.77 -21.82 5.54
H17 DPV FA . 14.40 -21.39 3.18
H17A DPV FA . 13.44 -22.78 2.63
H18 DPV FA . 11.34 -21.65 3.38
H18A DPV FA . 12.27 -20.29 3.99
H19 DPV FA . 13.03 -19.70 1.71
H19A DPV FA . 12.27 -21.14 1.04
H20 DPV FA . 10.01 -20.28 1.62
H20A DPV FA . 10.72 -18.90 2.47
H21 DPV FA . 11.65 -18.01 0.34
H21A DPV FA . 11.03 -19.40 -0.56
H22 DPV FA . 8.72 -18.74 -0.20
H22A DPV FA . 9.15 -17.58 1.06
H23 DPV FA . 9.85 -17.28 -1.92
H23A DPV FA . 10.29 -16.13 -0.65
H23B DPV FA . 8.59 -16.39 -1.05
N DPV GA . 26.44 -19.44 8.76
P DPV GA . 22.86 -22.41 8.46
C1 DPV GA . 22.18 -22.86 5.96
C2 DPV GA . 22.65 -23.65 4.72
C3 DPV GA . 24.10 -23.25 4.32
C4 DPV GA . 25.32 -21.65 7.82
C5 DPV GA . 26.09 -20.32 7.51
C6 DPV GA . 27.48 -20.12 9.66
C7 DPV GA . 25.19 -19.09 9.60
C8 DPV GA . 27.04 -18.13 8.24
C15 DPV GA . 24.51 -23.91 2.98
C16 DPV GA . 26.01 -23.65 2.65
C17 DPV GA . 26.51 -24.48 1.43
C18 DPV GA . 26.16 -23.84 0.06
C19 DPV GA . 26.66 -24.72 -1.11
O1P DPV GA . 23.37 -23.12 9.64
C20 DPV GA . 26.48 -24.01 -2.48
C21 DPV GA . 26.94 -24.90 -3.66
C22 DPV GA . 26.77 -24.19 -5.04
C23 DPV GA . 25.30 -24.21 -5.55
O2P DPV GA . 21.52 -21.85 8.70
O3P DPV GA . 22.93 -23.30 7.13
O4P DPV GA . 23.90 -21.34 7.87
H1 DPV GA . 22.33 -21.79 5.81
H1A DPV GA . 21.12 -23.05 6.14
H2 DPV GA . 22.59 -24.71 4.92
H2A DPV GA . 21.97 -23.43 3.89
H3 DPV GA . 24.79 -23.57 5.11
H3A DPV GA . 24.17 -22.17 4.23
H4 DPV GA . 25.48 -22.38 7.01
H4A DPV GA . 25.64 -22.08 8.76
H5 DPV GA . 27.03 -20.56 7.02
H5A DPV GA . 25.49 -19.71 6.83
H6 DPV GA . 27.05 -21.04 10.07
H6A DPV GA . 27.74 -19.43 10.48
H6B DPV GA . 28.36 -20.35 9.06
H7 DPV GA . 25.47 -18.38 10.38
H7A DPV GA . 24.80 -20.00 10.05
H7B DPV GA . 24.44 -18.65 8.94
H8 DPV GA . 27.93 -18.37 7.64
H8A DPV GA . 27.32 -17.50 9.10
H8B DPV GA . 26.31 -17.62 7.62
H15 DPV GA . 23.89 -23.51 2.18
H15A DPV GA . 24.33 -24.98 3.04
H16 DPV GA . 26.18 -22.58 2.47
H16A DPV GA . 26.62 -23.92 3.52
H17 DPV GA . 27.59 -24.58 1.51
H17A DPV GA . 26.10 -25.49 1.49
H18 DPV GA . 25.09 -23.70 -0.01
H18A DPV GA . 26.63 -22.85 0.01
H19 DPV GA . 27.71 -24.97 -0.97
H19A DPV GA . 26.10 -25.67 -1.11
H20 DPV GA . 25.43 -23.75 -2.60
H20A DPV GA . 27.06 -23.08 -2.47
H21 DPV GA . 28.00 -25.14 -3.53
H21A DPV GA . 26.39 -25.84 -3.67
H22 DPV GA . 27.13 -23.16 -4.98
H22A DPV GA . 27.38 -24.70 -5.78
H23 DPV GA . 24.65 -23.67 -4.85
H23A DPV GA . 24.94 -25.23 -5.66
H23B DPV GA . 25.24 -23.71 -6.52
N DPV HA . 33.75 -18.90 -5.11
P DPV HA . 31.03 -20.79 -1.55
C1 DPV HA . 31.35 -19.67 0.80
C2 DPV HA . 32.39 -18.67 1.33
C3 DPV HA . 31.90 -18.01 2.64
C4 DPV HA . 32.53 -18.99 -2.77
C5 DPV HA . 32.41 -19.10 -4.32
C6 DPV HA . 34.29 -17.46 -4.97
C7 DPV HA . 33.46 -19.14 -6.59
C8 DPV HA . 34.84 -19.91 -4.67
C15 DPV HA . 32.80 -16.82 3.07
C16 DPV HA . 32.46 -16.24 4.49
C17 DPV HA . 31.06 -15.55 4.58
C18 DPV HA . 30.05 -16.42 5.39
C19 DPV HA . 28.61 -15.84 5.42
O1P DPV HA . 29.62 -21.05 -1.18
C20 DPV HA . 27.82 -16.10 4.11
C21 DPV HA . 26.29 -16.03 4.34
C22 DPV HA . 25.50 -16.27 3.02
C23 DPV HA . 24.00 -16.44 3.28
O2P DPV HA . 31.58 -21.88 -2.38
O3P DPV HA . 31.95 -20.43 -0.29
O4P DPV HA . 31.25 -19.33 -2.18
H1 DPV HA . 31.05 -20.37 1.59
H1A DPV HA . 30.47 -19.14 0.44
H2 DPV HA . 33.35 -19.18 1.52
H2A DPV HA . 32.57 -17.90 0.58
H3 DPV HA . 31.88 -18.76 3.44
H3A DPV HA . 30.87 -17.65 2.51
H4 DPV HA . 33.29 -19.66 -2.40
H4A DPV HA . 32.78 -17.97 -2.49
H5 DPV HA . 32.04 -20.11 -4.58
H5A DPV HA . 31.70 -18.37 -4.70
H6 DPV HA . 33.53 -16.77 -5.32
H6A DPV HA . 35.19 -17.36 -5.59
H6B DPV HA . 34.52 -17.27 -3.92
H7 DPV HA . 33.04 -20.15 -6.70
H7A DPV HA . 34.39 -19.06 -7.15
H7B DPV HA . 32.73 -18.40 -6.92
H8 DPV HA . 34.43 -20.92 -4.78
H8A DPV HA . 35.12 -19.72 -3.63
H8B DPV HA . 35.72 -19.79 -5.32
H15 DPV HA . 32.73 -16.02 2.33
H15A DPV HA . 33.85 -17.14 3.08
H16 DPV HA . 32.56 -17.03 5.23
H16A DPV HA . 33.22 -15.50 4.74
H17 DPV HA . 31.18 -14.59 5.09
H17A DPV HA . 30.66 -15.35 3.58
H18 DPV HA . 30.02 -17.44 4.99
H18A DPV HA . 30.40 -16.50 6.42
H19 DPV HA . 28.08 -16.30 6.25
H19A DPV HA . 28.66 -14.77 5.62
H20 DPV HA . 28.11 -15.36 3.36
H20A DPV HA . 28.08 -17.08 3.71
H21 DPV HA . 26.00 -16.80 5.07
H21A DPV HA . 26.01 -15.07 4.76
H22 DPV HA . 25.66 -15.43 2.35
H22A DPV HA . 25.88 -17.17 2.51
H23 DPV HA . 23.60 -15.56 3.79
H23A DPV HA . 23.80 -17.32 3.89
H23B DPV HA . 23.46 -16.56 2.34
N DPV IA . 29.80 -18.06 -11.58
P DPV IA . 29.56 -19.32 -7.56
C1 DPV IA . 28.29 -18.42 -5.46
C2 DPV IA . 28.51 -19.43 -4.29
C3 DPV IA . 27.20 -20.19 -3.87
C4 DPV IA . 29.14 -20.16 -10.05
C5 DPV IA . 30.27 -19.36 -10.81
C6 DPV IA . 31.01 -17.53 -12.37
C7 DPV IA . 29.37 -16.95 -10.61
C8 DPV IA . 28.67 -18.34 -12.59
C15 DPV IA . 26.22 -19.29 -3.05
C16 DPV IA . 25.09 -20.10 -2.33
C17 DPV IA . 23.99 -20.62 -3.32
C18 DPV IA . 22.69 -21.12 -2.60
C19 DPV IA . 22.88 -22.51 -1.92
O1P DPV IA . 30.28 -20.57 -7.24
C20 DPV IA . 21.62 -22.94 -1.12
C21 DPV IA . 21.87 -24.26 -0.34
C22 DPV IA . 20.68 -24.61 0.60
C23 DPV IA . 21.01 -25.83 1.48
O2P DPV IA . 30.45 -18.14 -7.57
O3P DPV IA . 28.21 -19.11 -6.72
O4P DPV IA . 28.66 -19.43 -8.88
H1 DPV IA . 27.36 -17.86 -5.30
H1A DPV IA . 29.12 -17.71 -5.48
H2 DPV IA . 29.26 -20.17 -4.61
H2A DPV IA . 28.91 -18.91 -3.43
H3 DPV IA . 27.50 -21.04 -3.26
H3A DPV IA . 26.70 -20.59 -4.76
H4 DPV IA . 28.30 -20.36 -10.72
H4A DPV IA . 29.55 -21.12 -9.72
H5 DPV IA . 31.04 -19.06 -10.11
H5A DPV IA . 30.71 -20.01 -11.56
H6 DPV IA . 31.31 -18.30 -13.10
H6A DPV IA . 31.83 -17.33 -11.68
H6B DPV IA . 30.73 -16.62 -12.89
H7 DPV IA . 29.17 -16.04 -11.18
H7A DPV IA . 30.16 -16.78 -9.88
H7B DPV IA . 28.46 -17.27 -10.10
H8 DPV IA . 28.46 -17.43 -13.15
H8A DPV IA . 27.78 -18.65 -12.03
H8B DPV IA . 28.98 -19.14 -13.27
H15 DPV IA . 25.78 -18.53 -3.69
H15A DPV IA . 26.79 -18.76 -2.28
H16 DPV IA . 25.52 -20.94 -1.78
H16A DPV IA . 24.62 -19.44 -1.60
H17 DPV IA . 23.71 -19.82 -4.00
H17A DPV IA . 24.40 -21.43 -3.93
H18 DPV IA . 22.38 -20.38 -1.85
H18A DPV IA . 21.88 -21.19 -3.33
H19 DPV IA . 23.09 -23.26 -2.68
H19A DPV IA . 23.73 -22.47 -1.25
H20 DPV IA . 21.37 -22.15 -0.40
H20A DPV IA . 20.76 -23.05 -1.79
H21 DPV IA . 22.03 -25.07 -1.05
H21A DPV IA . 22.78 -24.17 0.25
H22 DPV IA . 20.45 -23.76 1.24
H22A DPV IA . 19.79 -24.83 0.00
H23 DPV IA . 20.13 -26.12 2.05
H23A DPV IA . 21.81 -25.59 2.18
H23B DPV IA . 21.32 -26.67 0.87
N DPV JA . 17.66 6.94 -0.97
P DPV JA . 13.44 5.21 -0.02
C1 DPV JA . 14.10 2.84 0.82
C2 DPV JA . 15.36 2.02 1.17
C3 DPV JA . 14.99 0.54 1.44
C4 DPV JA . 15.03 7.20 -0.66
C5 DPV JA . 16.31 7.48 -1.54
C6 DPV JA . 17.65 5.41 -0.81
C7 DPV JA . 18.03 7.60 0.39
C8 DPV JA . 18.76 7.31 -1.97
C15 DPV JA . 16.23 -0.30 1.83
C16 DPV JA . 15.84 -1.78 2.10
C17 DPV JA . 17.09 -2.68 2.34
C18 DPV JA . 16.79 -4.19 2.09
C19 DPV JA . 16.73 -4.62 0.59
O1P DPV JA . 13.01 6.06 1.09
C20 DPV JA . 18.12 -4.55 -0.14
C21 DPV JA . 18.09 -5.10 -1.60
C22 DPV JA . 17.34 -4.17 -2.59
C23 DPV JA . 17.31 -4.74 -4.02
O2P DPV JA . 12.29 4.65 -0.77
O3P DPV JA . 14.54 4.14 0.38
O4P DPV JA . 14.53 5.89 -0.97
H1 DPV JA . 13.55 2.36 0.00
H1A DPV JA . 13.46 2.94 1.69
H2 DPV JA . 16.08 2.08 0.35
H2A DPV JA . 15.82 2.45 2.06
H3 DPV JA . 14.54 0.12 0.54
H3A DPV JA . 14.26 0.48 2.23
H4 DPV JA . 15.28 7.26 0.40
H4A DPV JA . 14.26 7.93 -0.90
H5 DPV JA . 16.17 7.04 -2.53
H5A DPV JA . 16.42 8.56 -1.66
H6 DPV JA . 16.91 5.13 -0.06
H6A DPV JA . 18.65 5.08 -0.49
H6B DPV JA . 17.40 4.96 -1.78
H7 DPV JA . 19.03 7.26 0.68
H7A DPV JA . 17.30 7.28 1.13
H7B DPV JA . 18.01 8.68 0.27
H8 DPV JA . 19.73 6.98 -1.59
H8A DPV JA . 18.77 8.39 -2.11
H8B DPV JA . 18.55 6.83 -2.93
H15 DPV JA . 16.70 0.12 2.72
H15A DPV JA . 16.97 -0.26 1.02
H16 DPV JA . 15.18 -1.84 2.98
H16A DPV JA . 15.28 -2.16 1.25
H17 DPV JA . 17.91 -2.35 1.69
H17A DPV JA . 17.43 -2.54 3.36
H18 DPV JA . 17.57 -4.79 2.60
H18A DPV JA . 15.85 -4.45 2.57
H19 DPV JA . 16.35 -5.64 0.53
H19A DPV JA . 16.01 -3.99 0.06
H20 DPV JA . 18.49 -3.53 -0.16
H20A DPV JA . 18.85 -5.14 0.44
H21 DPV JA . 19.12 -5.21 -1.94
H21A DPV JA . 17.64 -6.10 -1.60
H22 DPV JA . 16.30 -4.03 -2.25
H22A DPV JA . 17.81 -3.18 -2.60
H23 DPV JA . 16.83 -5.73 -4.04
H23A DPV JA . 18.33 -4.84 -4.41
H23B DPV JA . 16.76 -4.08 -4.69
N DPV KA . 23.94 5.22 -9.46
P DPV KA . 20.46 3.57 -13.03
C1 DPV KA . 20.35 1.00 -12.45
C2 DPV KA . 20.40 0.06 -11.21
C3 DPV KA . 21.85 0.00 -10.62
C4 DPV KA . 22.01 4.65 -11.19
C5 DPV KA . 23.51 5.02 -10.96
C6 DPV KA . 23.87 3.89 -8.68
C7 DPV KA . 23.10 6.29 -8.73
C8 DPV KA . 25.39 5.70 -9.47
C15 DPV KA . 21.89 -0.61 -9.19
C16 DPV KA . 21.47 0.40 -8.08
C17 DPV KA . 21.72 -0.15 -6.65
C18 DPV KA . 21.13 0.81 -5.59
C19 DPV KA . 21.39 0.31 -4.14
O1P DPV KA . 19.40 4.57 -12.80
C20 DPV KA . 20.53 1.14 -3.13
C21 DPV KA . 20.75 0.71 -1.64
C22 DPV KA . 20.11 -0.67 -1.29
C23 DPV KA . 20.19 -0.96 0.22
O2P DPV KA . 20.48 3.12 -14.44
O3P DPV KA . 20.41 2.36 -11.96
O4P DPV KA . 21.89 4.03 -12.50
H1 DPV KA . 21.19 0.81 -13.12
H1A DPV KA . 19.40 0.86 -12.97
H2 DPV KA . 19.70 0.42 -10.47
H2A DPV KA . 20.10 -0.94 -11.50
H3 DPV KA . 22.30 1.00 -10.59
H3A DPV KA . 22.47 -0.60 -11.27
H4 DPV KA . 21.67 3.94 -10.43
H4A DPV KA . 21.39 5.55 -11.16
H5 DPV KA . 24.15 4.23 -11.37
H5A DPV KA . 23.74 5.96 -11.49
H6 DPV KA . 24.50 3.14 -9.19
H6A DPV KA . 22.84 3.55 -8.63
H6B DPV KA . 24.26 4.06 -7.66
H7 DPV KA . 22.06 5.94 -8.67
H7A DPV KA . 23.14 7.23 -9.31
H7B DPV KA . 23.51 6.45 -7.73
H8 DPV KA . 25.45 6.65 -10.02
H8A DPV KA . 26.01 4.94 -9.94
H8B DPV KA . 25.71 5.85 -8.43
H15 DPV KA . 22.91 -0.95 -8.98
H15A DPV KA . 21.25 -1.50 -9.15
H16 DPV KA . 22.02 1.32 -8.21
H16A DPV KA . 20.41 0.63 -8.20
H17 DPV KA . 21.26 -1.13 -6.55
H17A DPV KA . 22.80 -0.26 -6.49
H18 DPV KA . 21.57 1.81 -5.71
H18A DPV KA . 20.06 0.90 -5.76
H19 DPV KA . 21.12 -0.74 -4.07
H19A DPV KA . 22.45 0.40 -3.90
H20 DPV KA . 20.80 2.19 -3.22
H20A DPV KA . 19.48 1.05 -3.37
H21 DPV KA . 21.82 0.70 -1.41
H21A DPV KA . 20.30 1.48 -1.00
H22 DPV KA . 19.07 -0.69 -1.62
H22A DPV KA . 20.64 -1.46 -1.83
H23 DPV KA . 19.90 -1.98 0.42
H23A DPV KA . 19.53 -0.29 0.76
H23B DPV KA . 21.22 -0.82 0.58
N DPV LA . -1.32 -9.88 -25.20
P DPV LA . 1.60 -13.89 -26.08
C1 DPV LA . 1.65 -13.44 -28.64
C2 DPV LA . 1.29 -12.35 -29.69
C3 DPV LA . 2.37 -11.23 -29.83
C4 DPV LA . -0.16 -12.25 -25.04
C5 DPV LA . -0.19 -10.77 -24.55
C6 DPV LA . -1.28 -8.50 -24.52
C7 DPV LA . -2.73 -10.47 -24.99
C8 DPV LA . -1.06 -9.67 -26.71
C15 DPV LA . 2.19 -10.08 -28.79
C16 DPV LA . 3.21 -8.93 -29.02
C17 DPV LA . 2.87 -7.62 -28.25
C18 DPV LA . 3.55 -7.49 -26.84
C19 DPV LA . 2.75 -8.19 -25.70
O1P DPV LA . 2.94 -14.45 -25.82
C20 DPV LA . 3.38 -7.89 -24.30
C21 DPV LA . 2.47 -8.37 -23.14
C22 DPV LA . 3.02 -7.91 -21.76
C23 DPV LA . 2.05 -8.27 -20.62
O2P DPV LA . 0.56 -14.96 -26.15
O3P DPV LA . 1.55 -12.89 -27.32
O4P DPV LA . 1.21 -12.68 -25.11
H1 DPV LA . 0.93 -14.27 -28.74
H1A DPV LA . 2.66 -13.82 -28.82
H2 DPV LA . 1.18 -12.83 -30.67
H2A DPV LA . 0.32 -11.92 -29.45
H3 DPV LA . 2.28 -10.80 -30.83
H3A DPV LA . 3.37 -11.66 -29.76
H4 DPV LA . -0.70 -12.89 -24.34
H4A DPV LA . -0.60 -12.34 -26.03
H5 DPV LA . -0.35 -10.74 -23.47
H5A DPV LA . 0.76 -10.29 -24.78
H6 DPV LA . -0.31 -8.03 -24.73
H6A DPV LA . -1.41 -8.63 -23.45
H6B DPV LA . -2.08 -7.89 -24.93
H7 DPV LA . -2.90 -10.60 -23.91
H7A DPV LA . -2.81 -11.43 -25.50
H7B DPV LA . -3.46 -9.77 -25.39
H8 DPV LA . -1.09 -10.64 -27.22
H8A DPV LA . -0.08 -9.21 -26.84
H8B DPV LA . -1.84 -9.01 -27.11
H15 DPV LA . 2.31 -10.48 -27.78
H15A DPV LA . 1.17 -9.69 -28.86
H16 DPV LA . 4.22 -9.27 -28.77
H16A DPV LA . 3.23 -8.69 -30.10
H17 DPV LA . 3.21 -6.78 -28.85
H17A DPV LA . 1.78 -7.50 -28.15
H18 DPV LA . 4.57 -7.87 -26.89
H18A DPV LA . 3.63 -6.43 -26.61
H19 DPV LA . 1.72 -7.82 -25.71
H19A DPV LA . 2.73 -9.27 -25.86
H20 DPV LA . 4.36 -8.39 -24.23
H20A DPV LA . 3.55 -6.82 -24.21
H21 DPV LA . 1.47 -7.95 -23.29
H21A DPV LA . 2.38 -9.45 -23.16
H22 DPV LA . 3.99 -8.38 -21.58
H22A DPV LA . 3.17 -6.83 -21.77
H23 DPV LA . 1.06 -7.84 -20.79
H23A DPV LA . 2.43 -7.89 -19.67
H23B DPV LA . 1.94 -9.37 -20.53
N DPV MA . -9.18 -17.63 -10.65
P DPV MA . -5.81 -19.05 -13.56
C1 DPV MA . -3.25 -19.19 -13.04
C2 DPV MA . -1.89 -18.82 -13.66
C3 DPV MA . -0.74 -19.00 -12.63
C4 DPV MA . -7.06 -17.20 -12.17
C5 DPV MA . -7.66 -17.93 -10.93
C6 DPV MA . -9.50 -16.13 -10.53
C7 DPV MA . -9.55 -18.29 -9.31
C8 DPV MA . -10.08 -18.26 -11.74
C15 DPV MA . 0.63 -18.59 -13.23
C16 DPV MA . 1.74 -18.70 -12.15
C17 DPV MA . 3.13 -18.31 -12.72
C18 DPV MA . 4.23 -18.46 -11.63
C19 DPV MA . 5.63 -18.08 -12.20
O1P DPV MA . -6.01 -20.36 -12.92
C20 DPV MA . 6.80 -18.45 -11.24
C21 DPV MA . 6.93 -17.46 -10.04
C22 DPV MA . 8.23 -17.70 -9.24
C23 DPV MA . 8.44 -16.62 -8.17
O2P DPV MA . -6.73 -18.86 -14.69
O3P DPV MA . -4.28 -18.75 -13.94
O4P DPV MA . -5.82 -17.82 -12.53
H1 DPV MA . -3.32 -20.28 -12.89
H1A DPV MA . -3.38 -18.68 -12.08
H2 DPV MA . -1.70 -19.46 -14.53
H2A DPV MA . -1.91 -17.79 -13.99
H3 DPV MA . -0.70 -20.05 -12.32
H3A DPV MA . -0.95 -18.39 -11.74
H4 DPV MA . -7.75 -17.26 -13.03
H4A DPV MA . -6.87 -16.15 -11.95
H5 DPV MA . -7.56 -19.01 -11.05
H5A DPV MA . -7.10 -17.62 -10.04
H6 DPV MA . -9.29 -15.65 -11.49
H6A DPV MA . -8.87 -15.71 -9.75
H6B DPV MA . -10.55 -16.01 -10.27
H7 DPV MA . -9.33 -19.36 -9.37
H7A DPV MA . -10.61 -18.14 -9.11
H7B DPV MA . -8.95 -17.84 -8.52
H8 DPV MA . -9.86 -19.33 -11.81
H8A DPV MA . -9.86 -17.77 -12.70
H8B DPV MA . -11.13 -18.11 -11.47
H15 DPV MA . 0.58 -17.55 -13.59
H15A DPV MA . 0.87 -19.23 -14.07
H16 DPV MA . 1.50 -18.05 -11.31
H16A DPV MA . 1.78 -19.73 -11.77
H17 DPV MA . 3.36 -18.94 -13.57
H17A DPV MA . 3.11 -17.27 -13.06
H18 DPV MA . 4.00 -17.84 -10.77
H18A DPV MA . 4.25 -19.51 -11.29
H19 DPV MA . 5.79 -18.61 -13.15
H19A DPV MA . 5.66 -17.01 -12.43
H20 DPV MA . 6.67 -19.47 -10.87
H20A DPV MA . 7.73 -18.44 -11.81
H21 DPV MA . 6.92 -16.44 -10.41
H21A DPV MA . 6.07 -17.58 -9.37
H22 DPV MA . 8.22 -18.68 -8.77
H22A DPV MA . 9.10 -17.68 -9.93
H23 DPV MA . 8.48 -15.62 -8.62
H23A DPV MA . 9.37 -16.80 -7.63
H23B DPV MA . 7.61 -16.63 -7.45
N DPV NA . 3.84 -18.24 -27.91
P DPV NA . 7.21 -21.01 -26.59
C1 DPV NA . 5.59 -22.16 -24.86
C2 DPV NA . 5.09 -21.93 -23.41
C3 DPV NA . 4.07 -20.75 -23.28
C4 DPV NA . 6.43 -18.69 -27.47
C5 DPV NA . 5.22 -17.71 -27.36
C6 DPV NA . 3.92 -18.66 -29.39
C7 DPV NA . 2.83 -17.10 -27.79
C8 DPV NA . 3.30 -19.40 -27.06
C15 DPV NA . 4.75 -19.36 -23.29
C16 DPV NA . 3.72 -18.20 -23.09
C17 DPV NA . 4.34 -16.79 -23.32
C18 DPV NA . 5.30 -16.33 -22.18
C19 DPV NA . 5.95 -14.95 -22.51
O1P DPV NA . 6.72 -21.99 -27.59
C20 DPV NA . 7.11 -14.61 -21.55
C21 DPV NA . 7.73 -13.23 -21.90
C22 DPV NA . 8.97 -12.91 -21.02
C23 DPV NA . 9.36 -11.42 -21.12
O2P DPV NA . 8.65 -20.74 -26.75
O3P DPV NA . 6.80 -21.39 -25.08
O4P DPV NA . 6.30 -19.71 -26.47
H1 DPV NA . 5.83 -23.22 -25.01
H1A DPV NA . 4.84 -21.87 -25.59
H2 DPV NA . 4.60 -22.84 -23.07
H2A DPV NA . 5.95 -21.77 -22.74
H3 DPV NA . 3.52 -20.88 -22.34
H3A DPV NA . 3.34 -20.82 -24.10
H4 DPV NA . 6.47 -19.15 -28.46
H4A DPV NA . 7.36 -18.14 -27.28
H5 DPV NA . 5.07 -17.42 -26.32
H5A DPV NA . 5.45 -16.80 -27.92
H6 DPV NA . 4.32 -17.83 -29.98
H6A DPV NA . 2.92 -18.92 -29.74
H6B DPV NA . 4.57 -19.54 -29.47
H7 DPV NA . 2.73 -16.80 -26.74
H7A DPV NA . 1.86 -17.43 -28.17
H7B DPV NA . 3.18 -16.25 -28.38
H8 DPV NA . 3.24 -19.09 -26.01
H8A DPV NA . 3.99 -20.26 -27.15
H8B DPV NA . 2.31 -19.68 -27.42
H15 DPV NA . 5.27 -19.21 -24.24
H15A DPV NA . 5.50 -19.32 -22.50
H16 DPV NA . 2.89 -18.33 -23.79
H16A DPV NA . 3.30 -18.25 -22.08
H17 DPV NA . 4.88 -16.78 -24.28
H17A DPV NA . 3.53 -16.06 -23.41
H18 DPV NA . 4.75 -16.26 -21.24
H18A DPV NA . 6.09 -17.07 -22.04
H19 DPV NA . 6.32 -14.98 -23.53
H19A DPV NA . 5.18 -14.17 -22.46
H20 DPV NA . 6.76 -14.62 -20.52
H20A DPV NA . 7.88 -15.39 -21.64
H21 DPV NA . 8.03 -13.21 -22.96
H21A DPV NA . 6.96 -12.46 -21.77
H22 DPV NA . 8.75 -13.15 -19.97
H22A DPV NA . 9.80 -13.54 -21.34
H23 DPV NA . 10.28 -11.24 -20.55
H23A DPV NA . 8.58 -10.78 -20.72
H23B DPV NA . 9.54 -11.15 -22.16
N DPV OA . 8.26 -30.51 -20.36
P DPV OA . 10.17 -27.34 -22.29
C1 DPV OA . 10.25 -26.09 -19.98
C2 DPV OA . 10.48 -24.68 -19.37
C3 DPV OA . 11.97 -24.19 -19.45
C4 DPV OA . 7.96 -28.79 -22.41
C5 DPV OA . 8.40 -30.21 -21.90
C6 DPV OA . 8.32 -32.03 -20.18
C7 DPV OA . 6.93 -30.00 -19.75
C8 DPV OA . 9.43 -29.90 -19.57
C15 DPV OA . 12.92 -24.98 -18.51
C16 DPV OA . 14.37 -24.41 -18.51
C17 DPV OA . 15.39 -25.40 -17.86
C18 DPV OA . 15.32 -25.45 -16.29
C19 DPV OA . 16.14 -26.63 -15.72
O1P DPV OA . 11.21 -28.28 -21.86
C20 DPV OA . 15.92 -26.80 -14.20
C21 DPV OA . 16.72 -28.00 -13.62
C22 DPV OA . 16.37 -28.24 -12.12
C23 DPV OA . 17.17 -29.41 -11.52
O2P DPV OA . 10.21 -27.09 -23.75
O3P DPV OA . 10.13 -25.99 -21.43
O4P DPV OA . 8.70 -27.73 -21.76
H1 DPV OA . 11.06 -26.77 -19.72
H1A DPV OA . 9.31 -26.49 -19.59
H2 DPV OA . 9.84 -23.96 -19.88
H2A DPV OA . 10.17 -24.69 -18.32
H3 DPV OA . 12.00 -23.14 -19.18
H3A DPV OA . 12.32 -24.27 -20.49
H4 DPV OA . 8.11 -28.73 -23.49
H4A DPV OA . 6.89 -28.64 -22.20
H5 DPV OA . 7.80 -30.96 -22.42
H5A DPV OA . 9.45 -30.38 -22.17
H6 DPV OA . 9.27 -32.40 -20.57
H6A DPV OA . 7.48 -32.49 -20.73
H6B DPV OA . 8.22 -32.27 -19.11
H7 DPV OA . 6.89 -28.91 -19.86
H7A DPV OA . 6.89 -30.28 -18.70
H7B DPV OA . 6.10 -30.47 -20.30
H8 DPV OA . 9.38 -28.82 -19.65
H8A DPV OA . 10.36 -30.27 -20.00
H8B DPV OA . 9.35 -30.21 -18.52
H15 DPV OA . 12.95 -26.03 -18.82
H15A DPV OA . 12.52 -24.96 -17.50
H16 DPV OA . 14.69 -24.22 -19.53
H16A DPV OA . 14.39 -23.46 -17.98
H17 DPV OA . 15.22 -26.40 -18.26
H17A DPV OA . 16.40 -25.12 -18.15
H18 DPV OA . 15.71 -24.51 -15.90
H18A DPV OA . 14.28 -25.55 -15.98
H19 DPV OA . 15.85 -27.56 -16.23
H19A DPV OA . 17.21 -26.47 -15.92
H20 DPV OA . 16.21 -25.89 -13.67
H20A DPV OA . 14.85 -26.96 -14.01
H21 DPV OA . 16.49 -28.91 -14.19
H21A DPV OA . 17.79 -27.81 -13.73
H22 DPV OA . 16.58 -27.34 -11.55
H22A DPV OA . 15.30 -28.45 -12.02
H23 DPV OA . 16.92 -29.54 -10.47
H23A DPV OA . 18.25 -29.22 -11.59
H23B DPV OA . 16.96 -30.35 -12.04
N DPV PA . 16.83 -33.31 -8.05
P DPV PA . 13.63 -35.99 -5.68
C1 DPV PA . 12.53 -36.96 -7.87
C2 DPV PA . 13.10 -37.78 -9.05
C3 DPV PA . 12.88 -37.12 -10.44
C4 DPV PA . 14.60 -33.76 -6.67
C5 DPV PA . 15.27 -33.21 -7.97
C6 DPV PA . 17.50 -32.46 -6.95
C7 DPV PA . 17.26 -32.74 -9.40
C8 DPV PA . 17.33 -34.76 -7.96
C15 DPV PA . 13.77 -35.85 -10.64
C16 DPV PA . 13.71 -35.34 -12.11
C17 DPV PA . 14.42 -33.97 -12.26
C18 DPV PA . 14.10 -33.32 -13.62
C19 DPV PA . 14.69 -31.89 -13.75
O1P DPV PA . 14.39 -36.41 -4.50
C20 DPV PA . 13.98 -31.02 -14.84
C21 DPV PA . 12.85 -30.10 -14.27
C22 DPV PA . 11.49 -30.83 -14.06
C23 DPV PA . 10.39 -29.86 -13.57
O2P DPV PA . 12.38 -35.30 -5.30
O3P DPV PA . 13.41 -37.18 -6.72
O4P DPV PA . 14.50 -35.19 -6.76
H1 DPV PA . 12.52 -35.89 -8.10
H1A DPV PA . 11.51 -37.27 -7.62
H2 DPV PA . 14.17 -37.94 -8.90
H2A DPV PA . 12.63 -38.76 -9.05
H3 DPV PA . 11.82 -36.85 -10.56
H3A DPV PA . 13.12 -37.85 -11.22
H4 DPV PA . 15.17 -33.49 -5.79
H4A DPV PA . 13.58 -33.35 -6.58
H5 DPV PA . 14.86 -33.73 -8.84
H5A DPV PA . 15.02 -32.14 -8.07
H6 DPV PA . 17.21 -32.86 -5.97
H6A DPV PA . 17.17 -31.42 -7.04
H6B DPV PA . 18.59 -32.52 -7.08
H7 DPV PA . 16.81 -33.35 -10.20
H7A DPV PA . 18.35 -32.79 -9.47
H7B DPV PA . 16.92 -31.71 -9.47
H8 DPV PA . 16.85 -35.34 -8.76
H8A DPV PA . 17.05 -35.16 -6.98
H8B DPV PA . 18.42 -34.78 -8.10
H15 DPV PA . 14.80 -36.08 -10.39
H15A DPV PA . 13.43 -35.06 -9.97
H16 DPV PA . 14.17 -36.07 -12.77
H16A DPV PA . 12.66 -35.25 -12.41
H17 DPV PA . 14.10 -33.30 -11.45
H17A DPV PA . 15.50 -34.10 -12.16
H18 DPV PA . 14.48 -33.94 -14.43
H18A DPV PA . 13.01 -33.28 -13.74
H19 DPV PA . 14.66 -31.37 -12.79
H19A DPV PA . 15.75 -31.98 -14.02
H20 DPV PA . 14.73 -30.38 -15.29
H20A DPV PA . 13.59 -31.65 -15.65
H21 DPV PA . 13.18 -29.65 -13.33
H21A DPV PA . 12.71 -29.27 -14.98
H22 DPV PA . 11.17 -31.28 -15.01
H22A DPV PA . 11.61 -31.63 -13.34
H23 DPV PA . 9.45 -30.39 -13.46
H23A DPV PA . 10.25 -29.04 -14.26
H23B DPV PA . 10.66 -29.44 -12.59
N DPV QA . -5.72 -28.99 3.31
P DPV QA . -4.29 -25.50 -0.34
C1 DPV QA . -3.19 -23.14 -0.44
C2 DPV QA . -1.69 -22.79 -0.53
C3 DPV QA . -1.47 -21.57 -1.45
C4 DPV QA . -5.09 -27.33 1.33
C5 DPV QA . -4.68 -27.98 2.69
C6 DPV QA . -7.06 -28.30 3.65
C7 DPV QA . -5.11 -29.52 4.62
C8 DPV QA . -5.96 -30.19 2.39
C15 DPV QA . 0.04 -21.28 -1.71
C16 DPV QA . 0.20 -19.95 -2.46
C17 DPV QA . 1.68 -19.62 -2.82
C18 DPV QA . 1.79 -18.17 -3.35
C19 DPV QA . 3.20 -17.83 -3.92
O1P DPV QA . -3.77 -26.17 -1.55
C20 DPV QA . 3.22 -16.37 -4.45
C21 DPV QA . 4.48 -16.05 -5.30
C22 DPV QA . 4.39 -14.61 -5.87
C23 DPV QA . 5.54 -14.30 -6.84
O2P DPV QA . -5.68 -25.00 -0.54
O3P DPV QA . -3.31 -24.40 0.25
O4P DPV QA . -4.11 -26.34 0.99
H1 DPV QA . -3.73 -22.38 0.12
H1A DPV QA . -3.62 -23.24 -1.44
H2 DPV QA . -1.30 -22.58 0.46
H2A DPV QA . -1.14 -23.65 -0.93
H3 DPV QA . -1.94 -20.69 -1.00
H3A DPV QA . -1.96 -21.74 -2.42
H4 DPV QA . -5.13 -28.09 0.53
H4A DPV QA . -6.07 -26.85 1.42
H5 DPV QA . -3.74 -28.52 2.56
H5A DPV QA . -4.51 -27.20 3.43
H6 DPV QA . -7.70 -29.02 4.15
H6A DPV QA . -7.52 -27.96 2.71
H6B DPV QA . -6.86 -27.44 4.30
H7 DPV QA . -5.82 -30.23 5.07
H7A DPV QA . -4.94 -28.68 5.30
H7B DPV QA . -4.16 -30.03 4.39
H8 DPV QA . -6.63 -30.89 2.89
H8A DPV QA . -4.99 -30.67 2.18
H8B DPV QA . -6.41 -29.84 1.46
H15 DPV QA . 0.48 -22.10 -2.29
H15A DPV QA . 0.57 -21.23 -0.75
H16 DPV QA . -0.38 -19.98 -3.39
H16A DPV QA . -0.20 -19.13 -1.85
H17 DPV QA . 2.32 -19.74 -1.93
H17A DPV QA . 2.04 -20.34 -3.58
H18 DPV QA . 1.06 -18.03 -4.15
H18A DPV QA . 1.55 -17.47 -2.55
H19 DPV QA . 3.95 -17.94 -3.13
H19A DPV QA . 3.45 -18.53 -4.72
H20 DPV QA . 2.33 -16.22 -5.08
H20A DPV QA . 3.14 -15.68 -3.62
H21 DPV QA . 5.37 -16.15 -4.67
H21A DPV QA . 4.57 -16.77 -6.11
H22 DPV QA . 3.44 -14.48 -6.40
H22A DPV QA . 4.42 -13.89 -5.05
H23 DPV QA . 5.53 -15.00 -7.68
H23A DPV QA . 6.51 -14.35 -6.35
H23B DPV QA . 5.42 -13.30 -7.24
N DPV RA . -8.06 -17.25 3.69
P DPV RA . -9.39 -19.29 -0.33
C1 DPV RA . -9.18 -21.74 0.56
C2 DPV RA . -8.70 -22.49 1.83
C3 DPV RA . -7.16 -22.60 1.89
C4 DPV RA . -9.84 -17.79 1.81
C5 DPV RA . -8.94 -18.33 2.98
C6 DPV RA . -6.86 -16.88 2.80
C7 DPV RA . -7.52 -17.89 4.97
C8 DPV RA . -8.83 -15.98 4.09
C15 DPV RA . -6.68 -23.47 3.08
C16 DPV RA . -5.16 -23.29 3.31
C17 DPV RA . -4.61 -24.17 4.46
C18 DPV RA . -3.15 -23.77 4.87
C19 DPV RA . -2.09 -24.12 3.77
O1P DPV RA . -10.19 -19.83 -1.43
C20 DPV RA . -0.71 -23.49 4.10
C21 DPV RA . 0.34 -23.77 2.98
C22 DPV RA . 1.63 -22.94 3.19
C23 DPV RA . 2.64 -23.16 2.05
O2P DPV RA . -8.49 -18.20 -0.78
O3P DPV RA . -8.62 -20.40 0.52
O4P DPV RA . -10.27 -18.90 0.97
H1 DPV RA . -8.89 -22.28 -0.34
H1A DPV RA . -10.28 -21.67 0.59
H2 DPV RA . -9.07 -21.96 2.72
H2A DPV RA . -9.14 -23.48 1.85
H3 DPV RA . -6.74 -21.59 2.00
H3A DPV RA . -6.77 -23.01 0.96
H4 DPV RA . -10.74 -17.32 2.24
H4A DPV RA . -9.30 -17.05 1.22
H5 DPV RA . -9.58 -18.78 3.74
H5A DPV RA . -8.27 -19.10 2.59
H6 DPV RA . -7.24 -16.43 1.88
H6A DPV RA . -6.28 -17.77 2.58
H6B DPV RA . -6.24 -16.15 3.34
H7 DPV RA . -6.85 -17.17 5.47
H7A DPV RA . -6.97 -18.80 4.72
H7B DPV RA . -8.36 -18.13 5.63
H8 DPV RA . -9.70 -16.27 4.69
H8A DPV RA . -9.16 -15.45 3.19
H8B DPV RA . -8.17 -15.33 4.67
H15 DPV RA . -6.90 -24.52 2.86
H15A DPV RA . -7.22 -23.20 3.99
H16 DPV RA . -4.63 -23.53 2.37
H16A DPV RA . -4.98 -22.24 3.53
H17 DPV RA . -5.25 -24.05 5.34
H17A DPV RA . -4.64 -25.22 4.18
H18 DPV RA . -3.12 -22.70 5.09
H18A DPV RA . -2.89 -24.29 5.79
H19 DPV RA . -1.98 -25.21 3.68
H19A DPV RA . -2.42 -23.74 2.79
H20 DPV RA . -0.82 -22.41 4.22
H20A DPV RA . -0.34 -23.89 5.05
H21 DPV RA . 0.58 -24.84 2.97
H21A DPV RA . -0.09 -23.52 2.01
H22 DPV RA . 1.39 -21.88 3.25
H22A DPV RA . 2.11 -23.23 4.14
H23 DPV RA . 2.19 -22.90 1.08
H23A DPV RA . 2.95 -24.22 2.01
H23B DPV RA . 3.53 -22.55 2.19
N DPV SA . 17.17 -9.85 13.57
P DPV SA . 20.97 -13.43 13.45
C1 DPV SA . 22.68 -14.78 12.01
C2 DPV SA . 23.02 -15.10 10.53
C3 DPV SA . 22.27 -16.38 10.04
C4 DPV SA . 19.22 -11.54 13.64
C5 DPV SA . 18.24 -10.68 12.77
C6 DPV SA . 16.24 -10.74 14.40
C7 DPV SA . 16.31 -9.11 12.54
C8 DPV SA . 17.84 -8.80 14.49
C15 DPV SA . 22.48 -16.61 8.52
C16 DPV SA . 21.74 -17.90 8.04
C17 DPV SA . 21.96 -18.17 6.51
C18 DPV SA . 20.77 -17.72 5.60
C19 DPV SA . 20.67 -16.17 5.42
O1P DPV SA . 21.94 -12.93 14.44
C20 DPV SA . 19.63 -15.74 4.34
C21 DPV SA . 20.25 -15.50 2.92
C22 DPV SA . 20.23 -16.78 2.03
C23 DPV SA . 20.74 -16.49 0.61
O2P DPV SA . 20.16 -14.55 13.97
O3P DPV SA . 21.64 -13.77 12.04
O4P DPV SA . 20.09 -12.29 12.77
H1 DPV SA . 22.34 -15.67 12.53
H1A DPV SA . 23.56 -14.38 12.52
H2 DPV SA . 22.76 -14.25 9.91
H2A DPV SA . 24.10 -15.27 10.45
H3 DPV SA . 21.20 -16.27 10.25
H3A DPV SA . 22.62 -17.24 10.60
H4 DPV SA . 19.83 -10.89 14.28
H4A DPV SA . 18.65 -12.23 14.27
H5 DPV SA . 18.81 -9.97 12.16
H5A DPV SA . 17.70 -11.35 12.09
H6 DPV SA . 15.75 -11.46 13.75
H6A DPV SA . 15.50 -10.11 14.90
H6B DPV SA . 16.83 -11.27 15.16
H7 DPV SA . 16.96 -8.47 11.94
H7A DPV SA . 15.56 -8.51 13.05
H7B DPV SA . 15.82 -9.85 11.89
H8 DPV SA . 18.53 -8.19 13.88
H8A DPV SA . 18.40 -9.32 15.27
H8B DPV SA . 17.07 -8.16 14.92
H15 DPV SA . 23.55 -16.69 8.30
H15A DPV SA . 22.09 -15.75 7.97
H16 DPV SA . 22.13 -18.75 8.60
H16A DPV SA . 20.68 -17.84 8.26
H17 DPV SA . 22.89 -17.72 6.17
H17A DPV SA . 22.09 -19.26 6.38
H18 DPV SA . 20.91 -18.18 4.62
H18A DPV SA . 19.83 -18.10 6.01
H19 DPV SA . 20.37 -15.73 6.38
H19A DPV SA . 21.66 -15.76 5.19
H20 DPV SA . 18.80 -16.44 4.29
H20A DPV SA . 19.20 -14.78 4.67
H21 DPV SA . 19.66 -14.73 2.42
H21A DPV SA . 21.26 -15.12 3.01
H22 DPV SA . 20.87 -17.55 2.49
H22A DPV SA . 19.22 -17.18 1.98
H23 DPV SA . 20.10 -15.76 0.12
H23A DPV SA . 20.73 -17.41 0.01
H23B DPV SA . 21.77 -16.11 0.63
N DPV TA . 8.86 5.62 -4.78
P DPV TA . 7.77 3.85 -0.80
C1 DPV TA . 6.62 1.52 -1.06
C2 DPV TA . 6.34 0.23 -0.25
C3 DPV TA . 7.50 -0.81 -0.35
C4 DPV TA . 8.79 3.48 -3.23
C5 DPV TA . 9.58 4.75 -3.70
C6 DPV TA . 8.42 4.81 -6.02
C7 DPV TA . 9.87 6.70 -5.24
C8 DPV TA . 7.64 6.35 -4.19
C15 DPV TA . 7.42 -1.68 -1.63
C16 DPV TA . 8.47 -2.83 -1.63
C17 DPV TA . 8.17 -3.85 -2.75
C18 DPV TA . 9.28 -4.95 -2.85
C19 DPV TA . 8.91 -5.98 -3.95
O1P DPV TA . 8.27 4.73 0.26
C20 DPV TA . 9.95 -7.11 -4.10
C21 DPV TA . 9.56 -8.08 -5.25
C22 DPV TA . 10.64 -9.16 -5.50
C23 DPV TA . 10.24 -10.11 -6.65
O2P DPV TA . 6.62 4.47 -1.49
O3P DPV TA . 7.52 2.35 -0.30
O4P DPV TA . 8.93 3.34 -1.80
H1 DPV TA . 7.07 1.28 -2.03
H1A DPV TA . 5.68 2.06 -1.21
H2 DPV TA . 6.19 0.50 0.78
H2A DPV TA . 5.41 -0.22 -0.61
H3 DPV TA . 7.44 -1.46 0.53
H3A DPV TA . 8.47 -0.30 -0.30
H4 DPV TA . 7.72 3.56 -3.48
H4A DPV TA . 9.19 2.59 -3.72
H5 DPV TA . 9.78 5.39 -2.84
H5A DPV TA . 10.53 4.43 -4.12
H6 DPV TA . 7.94 5.49 -6.74
H6A DPV TA . 7.71 4.05 -5.71
H6B DPV TA . 9.31 4.35 -6.48
H7 DPV TA . 9.39 7.34 -5.99
H7A DPV TA . 10.73 6.20 -5.69
H7B DPV TA . 10.18 7.29 -4.37
H8 DPV TA . 7.97 6.96 -3.34
H8A DPV TA . 6.91 5.61 -3.86
H8B DPV TA . 7.19 6.99 -4.96
H15 DPV TA . 7.57 -1.06 -2.51
H15A DPV TA . 6.42 -2.12 -1.71
H16 DPV TA . 9.46 -2.40 -1.77
H16A DPV TA . 8.46 -3.34 -0.66
H17 DPV TA . 7.21 -4.33 -2.55
H17A DPV TA . 8.10 -3.34 -3.71
H18 DPV TA . 10.24 -4.50 -3.08
H18A DPV TA . 9.38 -5.47 -1.89
H19 DPV TA . 7.95 -6.43 -3.69
H19A DPV TA . 8.79 -5.46 -4.91
H20 DPV TA . 10.94 -6.68 -4.29
H20A DPV TA . 10.02 -7.66 -3.16
H21 DPV TA . 8.62 -8.55 -5.00
H21A DPV TA . 9.40 -7.50 -6.17
H22 DPV TA . 11.59 -8.68 -5.77
H22A DPV TA . 10.79 -9.74 -4.60
H23 DPV TA . 9.31 -10.65 -6.40
H23A DPV TA . 11.02 -10.86 -6.81
H23B DPV TA . 10.09 -9.57 -7.58
N DPV UA . 8.64 9.26 -9.41
P DPV UA . 5.22 6.06 -9.82
C1 DPV UA . 5.01 3.49 -9.54
C2 DPV UA . 5.27 2.37 -8.50
C3 DPV UA . 6.76 1.97 -8.43
C4 DPV UA . 7.73 6.76 -9.37
C5 DPV UA . 8.10 8.02 -10.21
C6 DPV UA . 9.99 8.95 -8.74
C7 DPV UA . 7.62 9.76 -8.37
C8 DPV UA . 8.88 10.39 -10.43
C15 DPV UA . 6.98 0.86 -7.36
C16 DPV UA . 8.48 0.50 -7.24
C17 DPV UA . 8.73 -0.66 -6.23
C18 DPV UA . 10.24 -1.04 -6.22
C19 DPV UA . 10.52 -2.22 -5.23
O1P DPV UA . 3.84 6.48 -9.49
C20 DPV UA . 12.04 -2.61 -5.18
C21 DPV UA . 12.52 -3.46 -6.40
C22 DPV UA . 12.07 -4.94 -6.33
C23 DPV UA . 12.56 -5.76 -7.54
O2P DPV UA . 5.46 6.09 -11.28
O3P DPV UA . 5.65 4.71 -9.12
O4P DPV UA . 6.33 6.84 -8.97
H1 DPV UA . 5.40 3.20 -10.52
H1A DPV UA . 3.93 3.67 -9.62
H2 DPV UA . 4.93 2.72 -7.53
H2A DPV UA . 4.67 1.51 -8.77
H3 DPV UA . 7.37 2.84 -8.18
H3A DPV UA . 7.09 1.59 -9.40
H4 DPV UA . 7.88 5.85 -9.96
H4A DPV UA . 8.34 6.70 -8.47
H5 DPV UA . 8.88 7.75 -10.92
H5A DPV UA . 7.23 8.35 -10.78
H6 DPV UA . 10.70 8.64 -9.50
H6A DPV UA . 9.85 8.16 -8.00
H6B DPV UA . 10.35 9.86 -8.23
H7 DPV UA . 6.68 9.98 -8.88
H7A DPV UA . 8.02 10.66 -7.90
H7B DPV UA . 7.46 8.99 -7.62
H8 DPV UA . 7.93 10.62 -10.92
H8A DPV UA . 9.60 10.03 -11.18
H8B DPV UA . 9.27 11.26 -9.91
H15 DPV UA . 6.41 -0.03 -7.63
H15A DPV UA . 6.62 1.21 -6.39
H16 DPV UA . 8.85 0.22 -8.22
H16A DPV UA . 9.04 1.38 -6.91
H17 DPV UA . 8.42 -0.36 -5.23
H17A DPV UA . 8.14 -1.54 -6.52
H18 DPV UA . 10.55 -1.35 -7.23
H18A DPV UA . 10.83 -0.18 -5.94
H19 DPV UA . 10.22 -1.89 -4.23
H19A DPV UA . 9.91 -3.08 -5.49
H20 DPV UA . 12.64 -1.70 -5.12
H20A DPV UA . 12.22 -3.17 -4.26
H21 DPV UA . 12.17 -3.01 -7.34
H21A DPV UA . 13.61 -3.43 -6.42
H22 DPV UA . 12.45 -5.40 -5.42
H22A DPV UA . 10.98 -5.00 -6.30
H23 DPV UA . 12.16 -5.34 -8.47
H23A DPV UA . 12.25 -6.79 -7.46
H23B DPV UA . 13.65 -5.73 -7.59
N DPV VA . 10.55 -9.73 15.09
P DPV VA . 6.47 -7.45 14.47
C1 DPV VA . 7.57 -6.24 12.43
C2 DPV VA . 8.85 -6.69 11.70
C3 DPV VA . 8.72 -8.08 11.03
C4 DPV VA . 8.21 -8.83 15.93
C5 DPV VA . 9.64 -8.50 15.37
C6 DPV VA . 9.99 -10.62 13.97
C7 DPV VA . 10.82 -10.57 16.35
C8 DPV VA . 11.91 -9.19 14.59
C15 DPV VA . 7.98 -8.00 9.66
C16 DPV VA . 7.97 -9.34 8.89
C17 DPV VA . 7.34 -9.17 7.49
C18 DPV VA . 7.25 -10.52 6.72
C19 DPV VA . 6.65 -10.31 5.31
O1P DPV VA . 6.13 -8.71 13.76
C20 DPV VA . 6.42 -11.66 4.58
C21 DPV VA . 5.80 -11.43 3.17
C22 DPV VA . 5.51 -12.76 2.44
C23 DPV VA . 4.92 -12.52 1.04
O2P DPV VA . 5.27 -6.61 14.68
O3P DPV VA . 7.68 -6.66 13.81
O4P DPV VA . 7.34 -7.66 15.80
H1 DPV VA . 7.48 -5.15 12.40
H1A DPV VA . 6.67 -6.69 11.98
H2 DPV VA . 9.13 -5.94 10.96
H2A DPV VA . 9.67 -6.72 12.43
H3 DPV VA . 8.19 -8.78 11.69
H3A DPV VA . 9.72 -8.49 10.86
H4 DPV VA . 7.76 -9.67 15.39
H4A DPV VA . 8.27 -9.09 16.99
H5 DPV VA . 9.53 -7.96 14.42
H5A DPV VA . 10.16 -7.85 16.08
H6 DPV VA . 9.84 -10.01 13.07
H6A DPV VA . 9.03 -11.03 14.30
H6B DPV VA . 10.69 -11.42 13.77
H7 DPV VA . 11.23 -9.92 17.13
H7A DPV VA . 11.52 -11.37 16.11
H7B DPV VA . 9.87 -11.00 16.70
H8 DPV VA . 11.73 -8.57 13.70
H8A DPV VA . 12.56 -10.03 14.35
H8B DPV VA . 12.36 -8.59 15.37
H15 DPV VA . 8.47 -7.24 9.05
H15A DPV VA . 6.95 -7.67 9.83
H16 DPV VA . 8.99 -9.72 8.80
H16A DPV VA . 7.39 -10.08 9.47
H17 DPV VA . 6.34 -8.74 7.59
H17A DPV VA . 7.94 -8.46 6.90
H18 DPV VA . 8.25 -10.95 6.63
H18A DPV VA . 6.63 -11.21 7.29
H19 DPV VA . 5.69 -9.78 5.39
H19A DPV VA . 7.31 -9.69 4.71
H20 DPV VA . 7.36 -12.20 4.48
H20A DPV VA . 5.74 -12.29 5.17
H21 DPV VA . 4.86 -10.87 3.28
H21A DPV VA . 6.48 -10.82 2.58
H22 DPV VA . 6.44 -13.33 2.35
H22A DPV VA . 4.81 -13.36 3.03
H23 DPV VA . 4.70 -13.47 0.56
H23A DPV VA . 5.64 -11.98 0.41
H23B DPV VA . 4.00 -11.93 1.10
N DPV WA . 1.11 3.42 -13.03
P DPV WA . 1.04 1.31 -8.79
C1 DPV WA . 2.62 -0.44 -7.67
C2 DPV WA . 3.65 -1.52 -8.02
C3 DPV WA . 4.18 -2.23 -6.75
C4 DPV WA . 0.90 1.32 -11.44
C5 DPV WA . 0.32 2.71 -11.87
C6 DPV WA . 1.20 2.56 -14.31
C7 DPV WA . 2.52 3.83 -12.57
C8 DPV WA . 0.35 4.70 -13.38
C15 DPV WA . 5.35 -3.20 -7.09
C16 DPV WA . 5.73 -4.16 -5.92
C17 DPV WA . 4.79 -5.39 -5.84
C18 DPV WA . 5.32 -6.45 -4.83
C19 DPV WA . 4.37 -7.67 -4.70
O1P DPV WA . 1.79 2.57 -8.87
C20 DPV WA . 4.92 -8.71 -3.68
C21 DPV WA . 3.89 -9.85 -3.44
C22 DPV WA . 4.53 -11.05 -2.69
C23 DPV WA . 3.53 -12.23 -2.57
O2P DPV WA . 0.12 1.30 -7.64
O3P DPV WA . 1.97 0.02 -8.88
O4P DPV WA . 0.32 0.91 -10.18
H1 DPV WA . 1.86 -0.84 -7.00
H1A DPV WA . 3.11 0.41 -7.19
H2 DPV WA . 3.19 -2.26 -8.68
H2A DPV WA . 4.48 -1.06 -8.56
H3 DPV WA . 3.36 -2.79 -6.28
H3A DPV WA . 4.53 -1.49 -6.02
H4 DPV WA . 0.65 0.58 -12.20
H4A DPV WA . 1.99 1.38 -11.32
H5 DPV WA . -0.71 2.59 -12.20
H5A DPV WA . 0.33 3.40 -11.01
H6 DPV WA . 1.66 3.14 -15.10
H6A DPV WA . 0.18 2.25 -14.59
H6B DPV WA . 1.81 1.67 -14.10
H7 DPV WA . 2.44 4.41 -11.65
H7A DPV WA . 2.98 4.44 -13.36
H7B DPV WA . 3.11 2.93 -12.40
H8 DPV WA . 0.29 5.34 -12.49
H8A DPV WA . -0.66 4.44 -13.70
H8B DPV WA . 0.88 5.23 -14.18
H15 DPV WA . 6.23 -2.60 -7.35
H15A DPV WA . 5.09 -3.79 -7.98
H16 DPV WA . 6.75 -4.50 -6.09
H16A DPV WA . 5.71 -3.61 -4.98
H17 DPV WA . 3.79 -5.07 -5.54
H17A DPV WA . 4.70 -5.87 -6.83
H18 DPV WA . 6.30 -6.80 -5.17
H18A DPV WA . 5.45 -5.98 -3.85
H19 DPV WA . 3.39 -7.32 -4.39
H19A DPV WA . 4.27 -8.14 -5.68
H20 DPV WA . 5.86 -9.12 -4.06
H20A DPV WA . 5.14 -8.21 -2.73
H21 DPV WA . 3.04 -9.46 -2.86
H21A DPV WA . 3.50 -10.20 -4.40
H22 DPV WA . 5.42 -11.39 -3.23
H22A DPV WA . 4.83 -10.74 -1.69
H23 DPV WA . 3.20 -12.55 -3.57
H23A DPV WA . 2.65 -11.93 -2.01
H23B DPV WA . 4.00 -13.07 -2.08
N DPV XA . -4.30 -1.94 -16.49
P DPV XA . -3.47 -1.84 -12.07
C1 DPV XA . -5.39 -0.06 -12.03
C2 DPV XA . -6.37 0.61 -11.03
C3 DPV XA . -7.75 -0.09 -10.94
C4 DPV XA . -3.65 -3.29 -14.28
C5 DPV XA . -3.19 -2.34 -15.45
C6 DPV XA . -5.47 -1.18 -15.84
C7 DPV XA . -4.84 -3.16 -17.24
C8 DPV XA . -3.66 -1.00 -17.51
C15 DPV XA . -7.76 -1.26 -9.92
C16 DPV XA . -9.18 -1.91 -9.78
C17 DPV XA . -9.19 -3.09 -8.77
C18 DPV XA . -9.20 -2.61 -7.28
C19 DPV XA . -8.76 -3.72 -6.28
O1P DPV XA . -2.80 -2.83 -11.20
C20 DPV XA . -7.22 -3.89 -6.20
C21 DPV XA . -6.82 -4.90 -5.07
C22 DPV XA . -5.30 -4.92 -4.81
C23 DPV XA . -4.93 -5.84 -3.62
O2P DPV XA . -2.53 -0.80 -12.53
O3P DPV XA . -4.80 -1.25 -11.43
O4P DPV XA . -4.32 -2.52 -13.26
H1 DPV XA . -5.91 -0.33 -12.95
H1A DPV XA . -4.59 0.64 -12.25
H2 DPV XA . -5.91 0.67 -10.04
H2A DPV XA . -6.52 1.65 -11.36
H3 DPV XA . -8.06 -0.45 -11.93
H3A DPV XA . -8.50 0.65 -10.62
H4 DPV XA . -4.33 -4.05 -14.65
H4A DPV XA . -2.78 -3.77 -13.83
H5 DPV XA . -2.78 -1.42 -15.03
H5A DPV XA . -2.40 -2.84 -16.02
H6 DPV XA . -6.16 -0.85 -16.61
H6A DPV XA . -5.07 -0.31 -15.30
H6B DPV XA . -5.99 -1.86 -15.14
H7 DPV XA . -5.36 -3.81 -16.53
H7A DPV XA . -4.02 -3.70 -17.70
H7B DPV XA . -5.55 -2.82 -18.01
H8 DPV XA . -4.41 -0.70 -18.25
H8A DPV XA . -2.83 -1.52 -18.01
H8B DPV XA . -3.27 -0.11 -16.99
H15 DPV XA . -7.43 -0.90 -8.95
H15A DPV XA . -7.04 -2.02 -10.25
H16 DPV XA . -9.91 -1.16 -9.49
H16A DPV XA . -9.48 -2.29 -10.76
H17 DPV XA . -10.09 -3.69 -8.95
H17A DPV XA . -8.34 -3.74 -8.96
H18 DPV XA . -8.54 -1.75 -7.16
H18A DPV XA . -10.20 -2.28 -7.02
H19 DPV XA . -9.14 -3.46 -5.29
H19A DPV XA . -9.23 -4.67 -6.55
H20 DPV XA . -6.82 -4.24 -7.15
H20A DPV XA . -6.77 -2.92 -5.97
H21 DPV XA . -7.33 -4.63 -4.16
H21A DPV XA . -7.16 -5.90 -5.35
H22 DPV XA . -4.78 -5.27 -5.71
H22A DPV XA . -4.95 -3.91 -4.60
H23 DPV XA . -3.86 -5.78 -3.42
H23A DPV XA . -5.18 -6.87 -3.85
H23B DPV XA . -5.47 -5.54 -2.72
N DPV YA . -10.69 -7.26 -2.98
P DPV YA . -9.98 -10.80 0.74
C1 DPV YA . -7.51 -10.64 1.60
C2 DPV YA . -6.19 -10.72 0.81
C3 DPV YA . -5.96 -9.46 -0.09
C4 DPV YA . -10.46 -9.28 -1.30
C5 DPV YA . -9.74 -8.16 -2.13
C6 DPV YA . -11.68 -6.49 -2.10
C7 DPV YA . -11.45 -8.06 -4.05
C8 DPV YA . -9.81 -6.22 -3.70
C15 DPV YA . -4.98 -9.75 -1.27
C16 DPV YA . -5.67 -9.71 -2.67
C17 DPV YA . -6.65 -10.90 -2.91
C18 DPV YA . -7.12 -10.95 -4.38
C19 DPV YA . -8.13 -12.11 -4.62
O1P DPV YA . -10.42 -10.01 1.91
C20 DPV YA . -8.29 -12.47 -6.13
C21 DPV YA . -7.13 -13.38 -6.65
C22 DPV YA . -7.30 -13.73 -8.15
C23 DPV YA . -6.25 -14.77 -8.61
O2P DPV YA . -10.98 -11.82 0.35
O3P DPV YA . -8.51 -11.40 0.88
O4P DPV YA . -9.48 -9.92 -0.48
H1 DPV YA . -7.37 -11.07 2.59
H1A DPV YA . -7.83 -9.59 1.70
H2 DPV YA . -5.36 -10.80 1.51
H2A DPV YA . -6.20 -11.62 0.20
H3 DPV YA . -5.57 -8.67 0.53
H3A DPV YA . -6.93 -9.11 -0.47
H4 DPV YA . -11.23 -8.84 -0.66
H4A DPV YA . -10.92 -10.02 -1.96
H5 DPV YA . -9.20 -7.51 -1.44
H5A DPV YA . -9.02 -8.63 -2.80
H6 DPV YA . -12.23 -5.78 -2.71
H6A DPV YA . -11.12 -5.97 -1.32
H6B DPV YA . -12.37 -7.20 -1.64
H7 DPV YA . -12.14 -8.74 -3.56
H7A DPV YA . -10.73 -8.62 -4.66
H7B DPV YA . -12.00 -7.36 -4.69
H8 DPV YA . -9.23 -5.67 -2.93
H8A DPV YA . -10.45 -5.53 -4.24
H8B DPV YA . -9.14 -6.73 -4.38
H15 DPV YA . -4.47 -10.71 -1.13
H15A DPV YA . -4.21 -8.99 -1.25
H16 DPV YA . -6.20 -8.77 -2.79
H16A DPV YA . -4.88 -9.74 -3.43
H17 DPV YA . -6.15 -11.84 -2.65
H17A DPV YA . -7.52 -10.81 -2.25
H18 DPV YA . -7.59 -10.00 -4.65
H18A DPV YA . -6.24 -11.08 -5.02
H19 DPV YA . -7.83 -13.00 -4.06
H19A DPV YA . -9.11 -11.81 -4.23
H20 DPV YA . -9.24 -13.00 -6.26
H20A DPV YA . -8.35 -11.56 -6.73
H21 DPV YA . -6.17 -12.87 -6.50
H21A DPV YA . -7.09 -14.29 -6.05
H22 DPV YA . -8.31 -14.13 -8.32
H22A DPV YA . -7.20 -12.82 -8.75
H23 DPV YA . -6.41 -15.01 -9.66
H23A DPV YA . -6.34 -15.69 -8.03
H23B DPV YA . -5.25 -14.38 -8.49
N DPV ZA . 17.51 -29.63 -18.68
P DPV ZA . 21.20 -27.20 -15.78
C1 DPV ZA . 19.83 -25.26 -14.67
C2 DPV ZA . 19.21 -23.95 -15.18
C3 DPV ZA . 18.30 -23.27 -14.12
C4 DPV ZA . 19.53 -28.62 -17.26
C5 DPV ZA . 18.37 -28.37 -18.27
C6 DPV ZA . 18.35 -30.64 -19.48
C7 DPV ZA . 16.37 -29.13 -19.58
C8 DPV ZA . 16.89 -30.34 -17.46
C15 DPV ZA . 17.73 -21.92 -14.65
C16 DPV ZA . 17.28 -20.99 -13.48
C17 DPV ZA . 16.71 -19.61 -13.95
C18 DPV ZA . 17.78 -18.71 -14.66
C19 DPV ZA . 17.29 -17.26 -14.86
O1P DPV ZA . 20.96 -28.00 -14.56
C20 DPV ZA . 18.30 -16.44 -15.71
C21 DPV ZA . 18.01 -14.91 -15.64
C22 DPV ZA . 18.92 -14.08 -16.60
C23 DPV ZA . 18.40 -14.05 -18.05
O2P DPV ZA . 22.54 -27.44 -16.32
O3P DPV ZA . 20.85 -25.65 -15.61
O4P DPV ZA . 20.04 -27.33 -16.87
H1 DPV ZA . 20.28 -25.12 -13.69
H1A DPV ZA . 19.07 -26.04 -14.61
H2 DPV ZA . 20.00 -23.26 -15.46
H2A DPV ZA . 18.62 -24.16 -16.07
H3 DPV ZA . 18.88 -23.10 -13.21
H3A DPV ZA . 17.47 -23.93 -13.86
H4 DPV ZA . 19.18 -29.14 -16.38
H4A DPV ZA . 20.35 -29.19 -17.73
H5 DPV ZA . 17.68 -27.64 -17.85
H5A DPV ZA . 18.78 -27.97 -19.20
H6 DPV ZA . 19.17 -31.00 -18.85
H6A DPV ZA . 18.74 -30.14 -20.36
H6B DPV ZA . 17.71 -31.47 -19.78
H7 DPV ZA . 15.77 -28.41 -19.02
H7A DPV ZA . 15.76 -29.97 -19.89
H7B DPV ZA . 16.82 -28.64 -20.46
H8 DPV ZA . 16.30 -29.61 -16.90
H8A DPV ZA . 17.68 -30.76 -16.84
H8B DPV ZA . 16.24 -31.14 -17.83
H15 DPV ZA . 16.89 -22.11 -15.31
H15A DPV ZA . 18.50 -21.41 -15.23
H16 DPV ZA . 16.51 -21.51 -12.89
H16A DPV ZA . 18.12 -20.81 -12.81
H17 DPV ZA . 15.87 -19.78 -14.62
H17A DPV ZA . 16.32 -19.09 -13.07
H18 DPV ZA . 18.70 -18.70 -14.06
H18A DPV ZA . 18.04 -19.15 -15.62
H19 DPV ZA . 16.32 -17.25 -15.36
H19A DPV ZA . 17.15 -16.79 -13.89
H20 DPV ZA . 19.32 -16.62 -15.34
H20A DPV ZA . 18.27 -16.78 -16.74
H21 DPV ZA . 16.96 -14.72 -15.87
H21A DPV ZA . 18.18 -14.57 -14.61
H22 DPV ZA . 18.98 -13.05 -16.23
H22A DPV ZA . 19.95 -14.48 -16.58
H23 DPV ZA . 19.04 -13.44 -18.68
H23A DPV ZA . 17.39 -13.63 -18.08
H23B DPV ZA . 18.36 -15.05 -18.47
N DPV AB . 25.95 -29.03 -6.51
P DPV AB . 23.01 -29.08 -10.41
C1 DPV AB . 21.19 -27.21 -10.71
C2 DPV AB . 19.92 -26.74 -10.00
C3 DPV AB . 19.23 -25.57 -10.74
C4 DPV AB . 24.36 -28.02 -8.37
C5 DPV AB . 25.32 -29.18 -7.93
C6 DPV AB . 26.99 -27.88 -6.46
C7 DPV AB . 26.68 -30.33 -6.18
C8 DPV AB . 24.88 -28.79 -5.42
C15 DPV AB . 18.11 -24.97 -9.84
C16 DPV AB . 17.50 -23.68 -10.42
C17 DPV AB . 16.59 -23.01 -9.35
C18 DPV AB . 15.98 -21.68 -9.84
C19 DPV AB . 15.29 -20.96 -8.65
O1P DPV AB . 23.04 -29.15 -11.89
C20 DPV AB . 14.49 -19.72 -9.12
C21 DPV AB . 13.82 -19.04 -7.90
C22 DPV AB . 13.03 -17.78 -8.32
C23 DPV AB . 12.46 -17.06 -7.10
O2P DPV AB . 23.03 -30.42 -9.81
O3P DPV AB . 21.81 -28.18 -9.84
O4P DPV AB . 24.11 -28.08 -9.81
H1 DPV AB . 20.94 -27.69 -11.67
H1A DPV AB . 21.89 -26.38 -10.88
H2 DPV AB . 19.22 -27.57 -9.90
H2A DPV AB . 20.20 -26.43 -8.99
H3 DPV AB . 18.80 -25.92 -11.68
H3A DPV AB . 19.96 -24.79 -10.97
H4 DPV AB . 23.42 -28.09 -7.84
H4A DPV AB . 24.83 -27.06 -8.14
H5 DPV AB . 24.78 -30.13 -7.95
H5A DPV AB . 26.15 -29.26 -8.64
H6 DPV AB . 27.76 -28.09 -7.20
H6A DPV AB . 27.43 -27.85 -5.46
H6B DPV AB . 26.49 -26.94 -6.68
H7 DPV AB . 27.15 -30.24 -5.19
H7A DPV AB . 27.44 -30.52 -6.94
H7B DPV AB . 25.96 -31.16 -6.16
H8 DPV AB . 24.11 -29.56 -5.51
H8A DPV AB . 24.45 -27.79 -5.54
H8B DPV AB . 25.36 -28.86 -4.43
H15 DPV AB . 18.54 -24.75 -8.85
H15A DPV AB . 17.33 -25.72 -9.70
H16 DPV AB . 18.28 -22.99 -10.72
H16A DPV AB . 16.90 -23.93 -11.30
H17 DPV AB . 15.80 -23.70 -9.06
H17A DPV AB . 17.20 -22.82 -8.45
H18 DPV AB . 16.75 -21.04 -10.25
H18A DPV AB . 15.25 -21.89 -10.63
H19 DPV AB . 14.61 -21.66 -8.14
H19A DPV AB . 16.05 -20.67 -7.93
H20 DPV AB . 15.16 -19.03 -9.62
H20A DPV AB . 13.72 -20.03 -9.83
H21 DPV AB . 13.15 -19.73 -7.40
H21A DPV AB . 14.60 -18.75 -7.17
H22 DPV AB . 13.67 -17.09 -8.87
H22A DPV AB . 12.20 -18.07 -8.98
H23 DPV AB . 11.85 -17.73 -6.48
H23A DPV AB . 11.83 -16.22 -7.41
H23B DPV AB . 13.26 -16.65 -6.48
N DPV BB . 28.42 -10.22 -21.25
P DPV BB . 29.25 -12.76 -16.76
C1 DPV BB . 26.81 -13.16 -15.89
C2 DPV BB . 25.96 -13.06 -14.60
C3 DPV BB . 24.59 -13.75 -14.80
C4 DPV BB . 29.07 -11.43 -18.99
C5 DPV BB . 28.10 -10.45 -19.74
C6 DPV BB . 27.39 -9.21 -21.78
C7 DPV BB . 28.29 -11.52 -22.08
C8 DPV BB . 29.82 -9.61 -21.45
C15 DPV BB . 23.80 -13.90 -13.47
C16 DPV BB . 22.47 -14.69 -13.68
C17 DPV BB . 21.90 -15.15 -12.32
C18 DPV BB . 20.59 -15.98 -12.47
C19 DPV BB . 20.09 -16.48 -11.08
O1P DPV BB . 29.24 -14.09 -17.41
C20 DPV BB . 18.72 -17.23 -11.18
C21 DPV BB . 18.18 -17.67 -9.79
C22 DPV BB . 17.59 -16.51 -8.94
C23 DPV BB . 17.30 -16.93 -7.50
O2P DPV BB . 30.60 -12.40 -16.29
O3P DPV BB . 28.12 -12.59 -15.64
O4P DPV BB . 28.58 -11.61 -17.64
H1 DPV BB . 26.93 -14.21 -16.16
H1A DPV BB . 26.33 -12.61 -16.71
H2 DPV BB . 26.50 -13.53 -13.78
H2A DPV BB . 25.81 -12.00 -14.35
H3 DPV BB . 24.74 -14.75 -15.24
H3A DPV BB . 23.99 -13.19 -15.52
H4 DPV BB . 29.09 -12.40 -19.49
H4A DPV BB . 30.08 -11.01 -18.95
H5 DPV BB . 27.08 -10.84 -19.68
H5A DPV BB . 28.13 -9.48 -19.26
H6 DPV BB . 27.51 -8.27 -21.25
H6A DPV BB . 26.39 -9.62 -21.62
H6B DPV BB . 27.56 -9.06 -22.85
H7 DPV BB . 29.04 -12.23 -21.75
H7A DPV BB . 28.45 -11.28 -23.14
H7B DPV BB . 27.29 -11.93 -21.93
H8 DPV BB . 30.56 -10.33 -21.09
H8A DPV BB . 29.87 -8.68 -20.88
H8B DPV BB . 29.97 -9.42 -22.51
H15 DPV BB . 23.58 -12.91 -13.07
H15A DPV BB . 24.43 -14.42 -12.75
H16 DPV BB . 21.75 -14.06 -14.20
H16A DPV BB . 22.66 -15.56 -14.31
H17 DPV BB . 22.64 -15.77 -11.80
H17A DPV BB . 21.70 -14.28 -11.69
H18 DPV BB . 19.81 -15.36 -12.93
H18A DPV BB . 20.76 -16.83 -13.13
H19 DPV BB . 20.84 -17.16 -10.66
H19A DPV BB . 19.99 -15.62 -10.42
H20 DPV BB . 17.98 -16.58 -11.67
H20A DPV BB . 18.84 -18.11 -11.81
H21 DPV BB . 17.39 -18.43 -9.95
H21A DPV BB . 18.98 -18.18 -9.24
H22 DPV BB . 18.27 -15.66 -8.93
H22A DPV BB . 16.66 -16.17 -9.41
H23 DPV BB . 18.22 -17.16 -6.97
H23A DPV BB . 16.66 -17.81 -7.47
H23B DPV BB . 16.79 -16.12 -6.96
N DPV CB . 33.20 -11.31 -13.47
P DPV CB . 30.81 -12.97 -9.12
C1 DPV CB . 29.33 -11.20 -7.91
C2 DPV CB . 28.72 -9.80 -8.15
C3 DPV CB . 28.58 -8.99 -6.83
C4 DPV CB . 31.98 -11.90 -11.22
C5 DPV CB . 32.39 -12.36 -12.64
C6 DPV CB . 33.70 -12.00 -14.74
C7 DPV CB . 34.45 -10.77 -12.72
C8 DPV CB . 32.31 -10.14 -13.90
C15 DPV CB . 28.27 -7.49 -7.11
C16 DPV CB . 28.30 -6.60 -5.82
C17 DPV CB . 26.95 -6.61 -5.06
C18 DPV CB . 27.03 -5.78 -3.74
C19 DPV CB . 25.64 -5.60 -3.09
O1P DPV CB . 30.13 -14.21 -8.73
C20 DPV CB . 25.76 -4.94 -1.68
C21 DPV CB . 24.37 -4.55 -1.11
C22 DPV CB . 24.49 -3.92 0.30
C23 DPV CB . 23.12 -3.45 0.83
O2P DPV CB . 32.05 -12.74 -8.33
O3P DPV CB . 29.85 -11.71 -9.16
O4P DPV CB . 31.04 -12.87 -10.70
H1 DPV CB . 30.17 -11.12 -7.21
H1A DPV CB . 28.58 -11.89 -7.52
H2 DPV CB . 29.36 -9.26 -8.84
H2A DPV CB . 27.74 -9.91 -8.63
H3 DPV CB . 29.50 -9.06 -6.25
H3A DPV CB . 27.78 -9.43 -6.22
H4 DPV CB . 32.87 -11.86 -10.57
H4A DPV CB . 31.49 -10.92 -11.25
H5 DPV CB . 33.01 -13.26 -12.57
H5A DPV CB . 31.50 -12.60 -13.22
H6 DPV CB . 32.84 -12.38 -15.29
H6A DPV CB . 34.36 -12.83 -14.46
H6B DPV CB . 34.25 -11.28 -15.35
H7 DPV CB . 34.11 -10.18 -11.87
H7A DPV CB . 35.02 -10.14 -13.41
H7B DPV CB . 35.05 -11.62 -12.39
H8 DPV CB . 31.96 -9.61 -12.99
H8A DPV CB . 31.46 -10.52 -14.46
H8B DPV CB . 32.90 -9.45 -14.52
H15 DPV CB . 27.30 -7.39 -7.61
H15A DPV CB . 29.02 -7.10 -7.80
H16 DPV CB . 29.11 -6.93 -5.16
H16A DPV CB . 28.53 -5.57 -6.13
H17 DPV CB . 26.17 -6.18 -5.70
H17A DPV CB . 26.65 -7.63 -4.82
H18 DPV CB . 27.71 -6.29 -3.05
H18A DPV CB . 27.47 -4.80 -3.95
H19 DPV CB . 25.01 -4.98 -3.73
H19A DPV CB . 25.15 -6.57 -2.98
H20 DPV CB . 26.26 -5.62 -0.99
H20A DPV CB . 26.37 -4.04 -1.75
H21 DPV CB . 23.87 -3.86 -1.78
H21A DPV CB . 23.74 -5.45 -1.05
H22 DPV CB . 24.92 -4.64 1.00
H22A DPV CB . 25.17 -3.06 0.26
H23 DPV CB . 23.22 -3.03 1.83
H23A DPV CB . 22.42 -4.29 0.90
H23B DPV CB . 22.69 -2.69 0.18
N DPV DB . 25.64 2.79 -3.66
P DPV DB . 27.88 -1.45 -5.72
C1 DPV DB . 25.92 -2.99 -6.52
C2 DPV DB . 25.24 -3.46 -7.80
C3 DPV DB . 23.77 -3.90 -7.54
C4 DPV DB . 27.00 0.87 -4.88
C5 DPV DB . 25.60 1.43 -4.41
C6 DPV DB . 26.11 3.93 -4.59
C7 DPV DB . 26.55 2.76 -2.40
C8 DPV DB . 24.22 3.12 -3.18
C15 DPV DB . 23.05 -4.24 -8.86
C16 DPV DB . 21.54 -4.57 -8.65
C17 DPV DB . 21.20 -6.10 -8.58
C18 DPV DB . 21.34 -6.81 -9.95
C19 DPV DB . 20.63 -8.19 -9.98
O1P DPV DB . 29.20 -0.97 -6.15
C20 DPV DB . 21.03 -8.99 -11.25
C21 DPV DB . 20.23 -10.30 -11.39
C22 DPV DB . 20.52 -11.00 -12.74
C23 DPV DB . 19.54 -12.16 -13.02
O2P DPV DB . 27.95 -2.23 -4.46
O3P DPV DB . 27.07 -2.19 -6.88
O4P DPV DB . 26.76 -0.30 -5.68
H1 DPV DB . 25.24 -2.37 -5.94
H1A DPV DB . 26.24 -3.84 -5.92
H2 DPV DB . 25.24 -2.64 -8.52
H2A DPV DB . 25.80 -4.29 -8.24
H3 DPV DB . 23.24 -3.09 -7.03
H3A DPV DB . 23.78 -4.76 -6.87
H4 DPV DB . 27.53 1.61 -5.49
H4A DPV DB . 27.61 0.60 -4.01
H5 DPV DB . 24.96 1.56 -5.29
H5A DPV DB . 25.14 0.70 -3.75
H6 DPV DB . 25.44 3.98 -5.45
H6A DPV DB . 27.13 3.72 -4.92
H6B DPV DB . 26.07 4.87 -4.03
H7 DPV DB . 26.21 1.94 -1.75
H7A DPV DB . 26.46 3.71 -1.89
H7B DPV DB . 27.58 2.58 -2.72
H8 DPV DB . 23.89 2.34 -2.49
H8A DPV DB . 23.56 3.14 -4.07
H8B DPV DB . 24.22 4.09 -2.70
H15 DPV DB . 23.56 -5.08 -9.35
H15A DPV DB . 23.13 -3.39 -9.54
H16 DPV DB . 21.17 -4.08 -7.74
H16A DPV DB . 20.97 -4.13 -9.48
H17 DPV DB . 21.85 -6.58 -7.84
H17A DPV DB . 20.18 -6.21 -8.21
H18 DPV DB . 20.92 -6.18 -10.73
H18A DPV DB . 22.41 -6.95 -10.18
H19 DPV DB . 20.90 -8.77 -9.09
H19A DPV DB . 19.54 -8.03 -9.96
H20 DPV DB . 20.85 -8.36 -12.14
H20A DPV DB . 22.10 -9.21 -11.22
H21 DPV DB . 20.49 -10.97 -10.56
H21A DPV DB . 19.16 -10.08 -11.32
H22 DPV DB . 20.44 -10.28 -13.56
H22A DPV DB . 21.54 -11.40 -12.73
H23 DPV DB . 18.51 -11.79 -13.06
H23A DPV DB . 19.61 -12.92 -12.24
H23B DPV DB . 19.78 -12.62 -13.98
N DPV EB . 33.50 -8.96 -7.46
P DPV EB . 30.71 -6.99 -11.01
C1 DPV EB . 28.10 -7.09 -10.83
C2 DPV EB . 26.84 -6.18 -10.84
C3 DPV EB . 25.55 -6.96 -11.21
C4 DPV EB . 32.31 -7.12 -8.96
C5 DPV EB . 32.16 -8.34 -7.98
C6 DPV EB . 34.30 -9.61 -8.61
C7 DPV EB . 33.15 -10.07 -6.46
C8 DPV EB . 34.38 -7.93 -6.72
C15 DPV EB . 25.47 -7.29 -12.74
C16 DPV EB . 24.29 -8.24 -13.06
C17 DPV EB . 24.40 -8.83 -14.49
C18 DPV EB . 23.20 -9.76 -14.79
C19 DPV EB . 23.21 -10.32 -16.24
O1P DPV EB . 31.64 -6.27 -11.90
C20 DPV EB . 21.92 -11.14 -16.51
C21 DPV EB . 21.84 -11.72 -17.95
C22 DPV EB . 22.63 -13.06 -18.11
C23 DPV EB . 22.33 -13.75 -19.46
O2P DPV EB . 30.61 -8.43 -11.37
O3P DPV EB . 29.29 -6.27 -10.87
O4P DPV EB . 31.01 -6.76 -9.47
H1 DPV EB . 28.11 -7.71 -9.94
H1A DPV EB . 28.11 -7.72 -11.73
H2 DPV EB . 26.74 -5.74 -9.84
H2A DPV EB . 26.98 -5.35 -11.54
H3 DPV EB . 24.68 -6.35 -10.94
H3A DPV EB . 25.49 -7.88 -10.63
H4 DPV EB . 32.73 -6.26 -8.42
H4A DPV EB . 32.97 -7.37 -9.80
H5 DPV EB . 31.58 -8.03 -7.11
H5A DPV EB . 31.62 -9.14 -8.50
H6 DPV EB . 33.69 -10.38 -9.07
H6A DPV EB . 35.21 -10.06 -8.19
H6B DPV EB . 34.57 -8.84 -9.34
H7 DPV EB . 32.61 -9.63 -5.61
H7A DPV EB . 34.07 -10.54 -6.10
H7B DPV EB . 32.52 -10.81 -6.96
H8 DPV EB . 34.71 -7.17 -7.44
H8A DPV EB . 35.24 -8.44 -6.30
H8B DPV EB . 33.78 -7.47 -5.93
H15 DPV EB . 26.40 -7.76 -13.04
H15A DPV EB . 25.37 -6.37 -13.31
H16 DPV EB . 24.28 -9.06 -12.33
H16A DPV EB . 23.35 -7.69 -12.95
H17 DPV EB . 24.42 -8.01 -15.22
H17A DPV EB . 25.33 -9.38 -14.59
H18 DPV EB . 23.22 -10.60 -14.09
H18A DPV EB . 22.28 -9.21 -14.62
H19 DPV EB . 23.28 -9.49 -16.95
H19A DPV EB . 24.10 -10.95 -16.38
H20 DPV EB . 21.83 -11.95 -15.78
H20A DPV EB . 21.05 -10.48 -16.36
H21 DPV EB . 20.79 -11.90 -18.20
H21A DPV EB . 22.21 -10.98 -18.68
H22 DPV EB . 23.69 -12.87 -18.03
H22A DPV EB . 22.35 -13.74 -17.31
H23 DPV EB . 21.29 -14.07 -19.52
H23A DPV EB . 22.97 -14.62 -19.58
H23B DPV EB . 22.52 -13.05 -20.29
N DPV FB . 18.18 -3.37 -21.04
P DPV FB . 21.96 -5.49 -22.59
C1 DPV FB . 21.55 -6.04 -25.13
C2 DPV FB . 21.48 -7.24 -26.12
C3 DPV FB . 22.87 -7.94 -26.30
C4 DPV FB . 19.58 -5.60 -21.46
C5 DPV FB . 18.19 -4.88 -21.50
C6 DPV FB . 19.01 -2.47 -21.98
C7 DPV FB . 18.70 -3.20 -19.60
C8 DPV FB . 16.74 -2.87 -21.09
C15 DPV FB . 22.84 -9.46 -25.97
C16 DPV FB . 22.18 -10.33 -27.09
C17 DPV FB . 22.43 -11.86 -26.90
C18 DPV FB . 21.50 -12.52 -25.83
C19 DPV FB . 22.20 -12.73 -24.45
O1P DPV FB . 22.81 -4.35 -22.99
C20 DPV FB . 21.20 -13.24 -23.36
C21 DPV FB . 20.37 -12.09 -22.74
C22 DPV FB . 19.23 -12.64 -21.84
C23 DPV FB . 18.40 -11.51 -21.21
O2P DPV FB . 22.46 -6.12 -21.35
O3P DPV FB . 21.72 -6.54 -23.78
O4P DPV FB . 20.41 -5.13 -22.56
H1 DPV FB . 22.39 -5.39 -25.39
H1A DPV FB . 20.62 -5.46 -25.18
H2 DPV FB . 20.72 -7.94 -25.76
H2A DPV FB . 21.13 -6.87 -27.09
H3 DPV FB . 23.61 -7.46 -25.65
H3A DPV FB . 23.21 -7.79 -27.33
H4 DPV FB . 20.09 -5.39 -20.52
H4A DPV FB . 19.43 -6.67 -21.56
H5 DPV FB . 17.79 -4.90 -22.51
H5A DPV FB . 17.50 -5.40 -20.83
H6 DPV FB . 18.63 -2.59 -23.00
H6A DPV FB . 20.06 -2.78 -21.93
H6B DPV FB . 18.92 -1.43 -21.66
H7 DPV FB . 18.09 -3.82 -18.93
H7A DPV FB . 18.61 -2.14 -19.32
H7B DPV FB . 19.75 -3.51 -19.55
H8 DPV FB . 16.13 -3.49 -20.43
H8A DPV FB . 16.39 -2.94 -22.12
H8B DPV FB . 16.72 -1.83 -20.76
H15 DPV FB . 22.32 -9.62 -25.02
H15A DPV FB . 23.87 -9.79 -25.83
H16 DPV FB . 21.11 -10.13 -27.12
H16A DPV FB . 22.60 -10.04 -28.05
H17 DPV FB . 22.23 -12.34 -27.85
H17A DPV FB . 23.49 -12.04 -26.67
H18 DPV FB . 20.60 -11.91 -25.70
H18A DPV FB . 21.18 -13.50 -26.21
H19 DPV FB . 23.00 -13.47 -24.56
H19A DPV FB . 22.67 -11.81 -24.11
H20 DPV FB . 20.54 -14.00 -23.79
H20A DPV FB . 21.77 -13.73 -22.56
H21 DPV FB . 21.02 -11.44 -22.14
H21A DPV FB . 19.94 -11.47 -23.53
H22 DPV FB . 18.58 -13.26 -22.46
H22A DPV FB . 19.64 -13.28 -21.06
H23 DPV FB . 17.95 -10.88 -21.98
H23A DPV FB . 19.04 -10.89 -20.57
H23B DPV FB . 17.60 -11.93 -20.60
N DPV GB . 5.98 -11.97 -26.30
P DPV GB . 9.13 -16.04 -25.36
C1 DPV GB . 10.32 -16.61 -23.12
C2 DPV GB . 11.48 -16.16 -22.22
C3 DPV GB . 11.48 -16.87 -20.83
C4 DPV GB . 7.53 -14.12 -26.15
C5 DPV GB . 7.44 -12.57 -26.19
C6 DPV GB . 5.20 -12.54 -27.50
C7 DPV GB . 6.12 -10.45 -26.49
C8 DPV GB . 5.18 -12.22 -25.01
C15 DPV GB . 10.60 -16.11 -19.80
C16 DPV GB . 10.67 -16.77 -18.39
C17 DPV GB . 10.03 -15.85 -17.31
C18 DPV GB . 10.13 -16.47 -15.89
C19 DPV GB . 9.59 -15.52 -14.80
O1P DPV GB . 7.96 -16.83 -24.93
C20 DPV GB . 9.58 -16.20 -13.41
C21 DPV GB . 9.26 -15.22 -12.23
C22 DPV GB . 10.48 -14.35 -11.77
C23 DPV GB . 11.56 -15.15 -10.98
O2P DPV GB . 9.83 -16.64 -26.51
O3P DPV GB . 10.12 -15.64 -24.17
O4P DPV GB . 8.81 -14.47 -25.56
H1 DPV GB . 10.54 -17.59 -23.56
H1A DPV GB . 9.40 -16.68 -22.53
H2 DPV GB . 12.42 -16.39 -22.74
H2A DPV GB . 11.45 -15.08 -22.09
H3 DPV GB . 12.50 -16.91 -20.47
H3A DPV GB . 11.13 -17.89 -20.93
H4 DPV GB . 6.73 -14.54 -25.54
H4A DPV GB . 7.47 -14.53 -27.16
H5 DPV GB . 7.88 -12.14 -25.28
H5A DPV GB . 8.00 -12.19 -27.06
H6 DPV GB . 5.04 -13.61 -27.35
H6A DPV GB . 5.77 -12.37 -28.41
H6B DPV GB . 4.23 -12.04 -27.55
H7 DPV GB . 6.65 -10.03 -25.63
H7A DPV GB . 5.12 -10.02 -26.57
H7B DPV GB . 6.68 -10.26 -27.41
H8 DPV GB . 4.20 -11.74 -25.10
H8A DPV GB . 5.72 -11.79 -24.17
H8B DPV GB . 5.04 -13.29 -24.88
H15 DPV GB . 9.56 -16.11 -20.13
H15A DPV GB . 10.93 -15.08 -19.73
H16 DPV GB . 10.16 -17.73 -18.41
H16A DPV GB . 11.72 -16.95 -18.13
H17 DPV GB . 10.54 -14.88 -17.31
H17A DPV GB . 8.98 -15.67 -17.56
H18 DPV GB . 9.55 -17.40 -15.87
H18A DPV GB . 11.17 -16.72 -15.68
H19 DPV GB . 10.21 -14.62 -14.77
H19A DPV GB . 8.57 -15.20 -15.05
H20 DPV GB . 8.82 -17.00 -13.41
H20A DPV GB . 10.54 -16.69 -13.23
H21 DPV GB . 8.44 -14.56 -12.53
H21A DPV GB . 8.90 -15.80 -11.38
H22 DPV GB . 10.94 -13.88 -12.63
H22A DPV GB . 10.10 -13.54 -11.13
H23 DPV GB . 12.32 -14.46 -10.60
H23A DPV GB . 12.04 -15.88 -11.60
H23B DPV GB . 11.11 -15.65 -10.11
N DPV HB . 14.42 -26.07 -23.40
P DPV HB . 19.01 -26.64 -22.04
C1 DPV HB . 19.88 -25.19 -20.02
C2 DPV HB . 19.27 -24.24 -18.97
C3 DPV HB . 18.43 -23.11 -19.64
C4 DPV HB . 16.78 -25.26 -22.50
C5 DPV HB . 15.98 -26.12 -23.54
C6 DPV HB . 13.95 -26.54 -22.02
C7 DPV HB . 13.83 -27.01 -24.45
C8 DPV HB . 13.88 -24.65 -23.68
C15 DPV HB . 17.74 -22.18 -18.60
C16 DPV HB . 16.96 -21.05 -19.33
C17 DPV HB . 16.33 -20.00 -18.36
C18 DPV HB . 15.00 -20.48 -17.70
C19 DPV HB . 14.17 -19.27 -17.19
O1P DPV HB . 18.35 -27.95 -22.21
C20 DPV HB . 12.87 -19.68 -16.43
C21 DPV HB . 11.80 -20.33 -17.35
C22 DPV HB . 10.43 -20.49 -16.65
C23 DPV HB . 9.43 -21.28 -17.51
O2P DPV HB . 20.42 -26.70 -22.48
O3P DPV HB . 18.81 -26.01 -20.58
O4P DPV HB . 18.21 -25.42 -22.71
H1 DPV HB . 20.36 -24.62 -20.82
H1A DPV HB . 20.61 -25.85 -19.56
H2 DPV HB . 18.65 -24.81 -18.28
H2A DPV HB . 20.08 -23.79 -18.39
H3 DPV HB . 17.67 -23.56 -20.27
H3A DPV HB . 19.09 -22.51 -20.28
H4 DPV HB . 16.53 -24.21 -22.63
H4A DPV HB . 16.53 -25.56 -21.47
H5 DPV HB . 16.23 -25.80 -24.55
H5A DPV HB . 16.28 -27.17 -23.43
H6 DPV HB . 14.27 -27.57 -21.87
H6A DPV HB . 12.86 -26.49 -21.98
H6B DPV HB . 14.38 -25.90 -21.24
H7 DPV HB . 14.14 -26.67 -25.45
H7A DPV HB . 12.75 -27.00 -24.37
H7B DPV HB . 14.21 -28.02 -24.26
H8 DPV HB . 14.24 -24.32 -24.66
H8A DPV HB . 14.23 -23.97 -22.91
H8B DPV HB . 12.79 -24.68 -23.68
H15 DPV HB . 18.49 -21.75 -17.93
H15A DPV HB . 17.05 -22.77 -17.98
H16 DPV HB . 17.64 -20.53 -20.00
H16A DPV HB . 16.18 -21.50 -19.95
H17 DPV HB . 17.05 -19.72 -17.60
H17A DPV HB . 16.12 -19.11 -18.95
H18 DPV HB . 14.41 -21.03 -18.44
H18A DPV HB . 15.23 -21.16 -16.88
H19 DPV HB . 14.79 -18.67 -16.50
H19A DPV HB . 13.91 -18.61 -18.03
H20 DPV HB . 13.12 -20.36 -15.61
H20A DPV HB . 12.44 -18.78 -15.98
H21 DPV HB . 11.67 -19.72 -18.25
H21A DPV HB . 12.16 -21.32 -17.68
H22 DPV HB . 10.57 -21.00 -15.70
H22A DPV HB . 10.02 -19.51 -16.44
H23 DPV HB . 9.80 -22.29 -17.71
H23A DPV HB . 9.26 -20.78 -18.46
H23B DPV HB . 8.47 -21.37 -16.99
N DPV IB . 5.22 -12.70 16.39
P DPV IB . 2.84 -15.94 14.50
C1 DPV IB . 5.19 -16.89 13.85
C2 DPV IB . 6.62 -16.92 14.45
C3 DPV IB . 7.68 -17.25 13.37
C4 DPV IB . 2.98 -14.11 16.44
C5 DPV IB . 4.51 -14.04 16.77
C6 DPV IB . 5.19 -12.43 14.88
C7 DPV IB . 6.70 -12.82 16.80
C8 DPV IB . 4.62 -11.50 17.14
C15 DPV IB . 9.13 -17.17 13.91
C16 DPV IB . 10.17 -17.31 12.75
C17 DPV IB . 11.64 -17.24 13.27
C18 DPV IB . 12.67 -17.34 12.09
C19 DPV IB . 13.15 -18.79 11.83
O1P DPV IB . 1.86 -16.95 14.07
C20 DPV IB . 14.13 -18.89 10.63
C21 DPV IB . 14.73 -20.31 10.52
C22 DPV IB . 15.51 -20.53 9.20
C23 DPV IB . 16.11 -21.94 9.11
O2P DPV IB . 2.95 -14.81 13.55
O3P DPV IB . 4.25 -16.56 14.91
O4P DPV IB . 2.64 -15.47 16.03
H1 DPV IB . 5.13 -16.13 13.07
H1A DPV IB . 4.93 -17.87 13.43
H2 DPV IB . 6.84 -15.94 14.89
H2A DPV IB . 6.66 -17.66 15.26
H3 DPV IB . 7.56 -16.57 12.52
H3A DPV IB . 7.50 -18.27 12.99
H4 DPV IB . 2.40 -13.86 17.33
H4A DPV IB . 2.71 -13.42 15.63
H5 DPV IB . 4.66 -14.20 17.85
H5A DPV IB . 5.05 -14.82 16.24
H6 DPV IB . 4.15 -12.30 14.56
H6A DPV IB . 5.62 -13.30 14.37
H6B DPV IB . 5.76 -11.53 14.65
H7 DPV IB . 7.14 -13.67 16.27
H7A DPV IB . 6.74 -13.00 17.88
H7B DPV IB . 7.22 -11.90 16.55
H8 DPV IB . 4.67 -11.69 18.21
H8A DPV IB . 3.58 -11.37 16.82
H8B DPV IB . 5.19 -10.59 16.89
H15 DPV IB . 9.30 -17.96 14.65
H15A DPV IB . 9.28 -16.20 14.41
H16 DPV IB . 10.01 -18.26 12.24
H16A DPV IB . 10.01 -16.51 12.03
H17 DPV IB . 11.79 -16.31 13.79
H17A DPV IB . 11.82 -18.05 13.98
H18 DPV IB . 12.24 -16.92 11.18
H18A DPV IB . 13.53 -16.72 12.34
H19 DPV IB . 13.64 -19.18 12.75
H19A DPV IB . 12.28 -19.42 11.64
H20 DPV IB . 13.60 -18.63 9.72
H20A DPV IB . 14.94 -18.16 10.76
H21 DPV IB . 15.40 -20.50 11.37
H21A DPV IB . 13.93 -21.05 10.58
H22 DPV IB . 14.83 -20.37 8.35
H22A DPV IB . 16.31 -19.78 9.10
H23 DPV IB . 16.85 -22.10 9.89
H23A DPV IB . 16.58 -22.10 8.14
H23B DPV IB . 15.32 -22.70 9.23
N DPV JB . 16.90 -3.73 12.17
P DPV JB . 13.18 -7.19 10.86
C1 DPV JB . 12.21 -8.40 8.76
C2 DPV JB . 12.40 -8.47 7.23
C3 DPV JB . 11.27 -9.31 6.56
C4 DPV JB . 14.95 -5.47 11.69
C5 DPV JB . 16.25 -4.76 11.19
C6 DPV JB . 18.14 -3.19 11.47
C7 DPV JB . 17.34 -4.38 13.49
C8 DPV JB . 15.96 -2.55 12.46
C15 DPV JB . 11.57 -9.56 5.06
C16 DPV JB . 10.42 -10.35 4.38
C17 DPV JB . 10.80 -10.83 2.96
C18 DPV JB . 9.61 -11.52 2.26
C19 DPV JB . 9.99 -12.04 0.85
O1P DPV JB . 13.32 -8.43 11.64
C20 DPV JB . 8.75 -12.56 0.06
C21 DPV JB . 9.15 -13.03 -1.36
C22 DPV JB . 7.93 -13.43 -2.23
C23 DPV JB . 8.37 -13.86 -3.64
O2P DPV JB . 12.07 -6.34 11.34
O3P DPV JB . 13.14 -7.43 9.28
O4P DPV JB . 14.55 -6.40 10.67
H1 DPV JB . 11.19 -8.09 9.01
H1A DPV JB . 12.41 -9.38 9.21
H2 DPV JB . 12.40 -7.46 6.82
H2A DPV JB . 13.37 -8.93 7.03
H3 DPV JB . 10.32 -8.77 6.66
H3A DPV JB . 11.17 -10.26 7.08
H4 DPV JB . 15.15 -6.02 12.62
H4A DPV JB . 14.16 -4.74 11.85
H5 DPV JB . 17.01 -5.51 10.98
H5A DPV JB . 16.03 -4.23 10.25
H6 DPV JB . 17.84 -2.71 10.53
H6A DPV JB . 18.82 -4.02 11.26
H6B DPV JB . 18.63 -2.46 12.11
H7 DPV JB . 16.45 -4.74 14.03
H7A DPV JB . 17.87 -3.64 14.09
H7B DPV JB . 18.00 -5.23 13.26
H8 DPV JB . 15.60 -2.14 11.50
H8A DPV JB . 16.50 -1.79 13.02
H8B DPV JB . 15.11 -2.91 13.05
H15 DPV JB . 12.51 -10.10 4.97
H15A DPV JB . 11.69 -8.60 4.54
H16 DPV JB . 10.17 -11.23 5.00
H16A DPV JB . 9.54 -9.72 4.33
H17 DPV JB . 11.13 -9.97 2.37
H17A DPV JB . 11.64 -11.53 3.02
H18 DPV JB . 9.24 -12.35 2.87
H18A DPV JB . 8.79 -10.79 2.16
H19 DPV JB . 10.47 -11.25 0.28
H19A DPV JB . 10.72 -12.86 0.95
H20 DPV JB . 8.29 -13.39 0.60
H20A DPV JB . 8.01 -11.75 -0.02
H21 DPV JB . 9.70 -12.23 -1.87
H21A DPV JB . 9.84 -13.87 -1.28
H22 DPV JB . 7.40 -14.26 -1.74
H22A DPV JB . 7.23 -12.59 -2.30
H23 DPV JB . 8.86 -13.03 -4.16
H23A DPV JB . 7.50 -14.15 -4.23
H23B DPV JB . 9.04 -14.70 -3.59
N DPV KB . -6.99 -0.73 2.73
P DPV KB . -8.06 -3.98 -0.63
C1 DPV KB . -8.47 -5.80 1.21
C2 DPV KB . -7.70 -6.67 2.21
C3 DPV KB . -6.69 -5.84 3.07
C4 DPV KB . -8.34 -1.73 0.65
C5 DPV KB . -8.36 -1.20 2.13
C6 DPV KB . -7.29 -0.09 4.09
C7 DPV KB . -6.30 0.31 1.84
C8 DPV KB . -6.05 -1.94 2.97
C15 DPV KB . -5.97 -6.69 4.16
C16 DPV KB . -5.06 -7.81 3.57
C17 DPV KB . -4.06 -8.42 4.61
C18 DPV KB . -3.57 -9.86 4.22
C19 DPV KB . -2.69 -9.87 2.93
O1P DPV KB . -9.50 -4.05 -0.97
C20 DPV KB . -2.51 -11.32 2.39
C21 DPV KB . -1.98 -11.33 0.93
C22 DPV KB . -2.14 -12.72 0.28
C23 DPV KB . -1.79 -12.69 -1.23
O2P DPV KB . -7.23 -3.72 -1.83
O3P DPV KB . -7.55 -5.23 0.24
O4P DPV KB . -7.73 -3.02 0.60
H1 DPV KB . -9.20 -6.41 0.66
H1A DPV KB . -8.99 -5.00 1.74
H2 DPV KB . -8.41 -7.18 2.86
H2A DPV KB . -7.16 -7.44 1.66
H3 DPV KB . -7.23 -5.03 3.56
H3A DPV KB . -5.95 -5.39 2.42
H4 DPV KB . -9.37 -1.83 0.30
H4A DPV KB . -7.82 -1.04 -0.02
H5 DPV KB . -9.04 -0.34 2.18
H5A DPV KB . -8.76 -1.98 2.78
H6 DPV KB . -7.94 0.78 3.92
H6A DPV KB . -6.36 0.22 4.56
H6B DPV KB . -7.80 -0.81 4.72
H7 DPV KB . -6.02 -0.16 0.89
H7A DPV KB . -5.40 0.67 2.33
H7B DPV KB . -6.98 1.14 1.66
H8 DPV KB . -5.13 -1.57 3.46
H8A DPV KB . -5.80 -2.38 2.01
H8B DPV KB . -6.56 -2.66 3.61
H15 DPV KB . -6.70 -7.13 4.84
H15A DPV KB . -5.35 -6.01 4.77
H16 DPV KB . -5.70 -8.60 3.18
H16A DPV KB . -4.48 -7.41 2.73
H17 DPV KB . -3.21 -7.75 4.73
H17A DPV KB . -4.56 -8.49 5.58
H18 DPV KB . -3.01 -10.27 5.04
H18A DPV KB . -4.45 -10.50 4.09
H19 DPV KB . -3.16 -9.27 2.15
H19A DPV KB . -1.72 -9.43 3.14
H20 DPV KB . -1.82 -11.87 3.04
H20A DPV KB . -3.48 -11.84 2.42
H21 DPV KB . -2.53 -10.59 0.35
H21A DPV KB . -0.93 -11.04 0.93
H22 DPV KB . -1.51 -13.45 0.79
H22A DPV KB . -3.17 -13.06 0.38
H23 DPV KB . -2.42 -11.97 -1.75
H23A DPV KB . -1.93 -13.67 -1.67
H23B DPV KB . -0.74 -12.41 -1.37
N DPV LB . 13.15 -12.81 -27.78
P DPV LB . 17.11 -10.80 -26.42
C1 DPV LB . 18.41 -12.79 -27.50
C2 DPV LB . 18.20 -13.99 -28.45
C3 DPV LB . 17.15 -15.01 -27.93
C4 DPV LB . 14.62 -11.45 -26.02
C5 DPV LB . 13.27 -11.57 -26.82
C6 DPV LB . 11.77 -12.73 -28.46
C7 DPV LB . 13.22 -14.15 -27.02
C8 DPV LB . 14.21 -12.78 -28.90
C15 DPV LB . 17.72 -15.97 -26.83
C16 DPV LB . 16.63 -16.96 -26.34
C17 DPV LB . 17.19 -17.96 -25.30
C18 DPV LB . 16.10 -18.94 -24.79
C19 DPV LB . 16.64 -19.88 -23.68
O1P DPV LB . 17.87 -9.59 -26.76
C20 DPV LB . 15.59 -20.90 -23.15
C21 DPV LB . 14.48 -20.24 -22.28
C22 DPV LB . 13.47 -21.29 -21.74
C23 DPV LB . 12.27 -20.61 -21.07
O2P DPV LB . 17.36 -11.26 -25.04
O3P DPV LB . 17.23 -11.96 -27.51
O4P DPV LB . 15.56 -10.69 -26.80
H1 DPV LB . 18.59 -13.14 -26.47
H1A DPV LB . 19.26 -12.19 -27.83
H2 DPV LB . 17.87 -13.61 -29.42
H2A DPV LB . 19.16 -14.49 -28.62
H3 DPV LB . 16.80 -15.61 -28.78
H3A DPV LB . 16.28 -14.49 -27.54
H4 DPV LB . 14.44 -10.93 -25.08
H4A DPV LB . 15.03 -12.44 -25.83
H5 DPV LB . 12.45 -11.64 -26.11
H5A DPV LB . 13.12 -10.67 -27.42
H6 DPV LB . 11.71 -11.78 -29.01
H6A DPV LB . 11.00 -12.78 -27.69
H6B DPV LB . 11.67 -13.57 -29.15
H7 DPV LB . 14.20 -14.23 -26.53
H7A DPV LB . 13.08 -14.97 -27.71
H7B DPV LB . 12.43 -14.16 -26.25
H8 DPV LB . 15.20 -12.85 -28.44
H8A DPV LB . 14.12 -11.84 -29.45
H8B DPV LB . 14.04 -13.64 -29.56
H15 DPV LB . 18.09 -15.39 -25.99
H15A DPV LB . 18.56 -16.54 -27.25
H16 DPV LB . 15.80 -16.39 -25.89
H16A DPV LB . 16.21 -17.51 -27.19
H17 DPV LB . 18.00 -18.54 -25.75
H17A DPV LB . 17.62 -17.41 -24.46
H18 DPV LB . 15.25 -18.35 -24.40
H18A DPV LB . 15.73 -19.54 -25.63
H19 DPV LB . 17.50 -20.44 -24.07
H19A DPV LB . 17.02 -19.28 -22.84
H20 DPV LB . 15.14 -21.42 -24.00
H20A DPV LB . 16.10 -21.65 -22.55
H21 DPV LB . 14.93 -19.70 -21.45
H21A DPV LB . 13.94 -19.50 -22.89
H22 DPV LB . 13.11 -21.91 -22.56
H22A DPV LB . 13.97 -21.94 -21.02
H23 DPV LB . 11.69 -20.03 -21.79
H23A DPV LB . 12.61 -19.94 -20.28
H23B DPV LB . 11.60 -21.36 -20.63
N DPV MB . 24.29 -21.58 -19.18
P DPV MB . 26.80 -24.60 -15.73
C1 DPV MB . 28.29 -24.50 -13.60
C2 DPV MB . 28.62 -23.58 -12.39
C3 DPV MB . 28.01 -24.08 -11.04
C4 DPV MB . 25.69 -23.22 -17.63
C5 DPV MB . 25.17 -21.77 -17.90
C6 DPV MB . 23.00 -22.44 -19.11
C7 DPV MB . 25.06 -21.93 -20.47
C8 DPV MB . 23.88 -20.11 -19.24
C15 DPV MB . 26.46 -23.92 -10.96
C16 DPV MB . 25.92 -24.38 -9.57
C17 DPV MB . 24.37 -24.47 -9.50
C18 DPV MB . 23.68 -23.08 -9.33
C19 DPV MB . 22.13 -23.19 -9.11
O1P DPV MB . 25.67 -25.50 -15.39
C20 DPV MB . 21.68 -23.09 -7.61
C21 DPV MB . 21.70 -24.47 -6.87
C22 DPV MB . 21.29 -24.31 -5.39
C23 DPV MB . 21.35 -25.66 -4.64
O2P DPV MB . 27.83 -25.27 -16.54
O3P DPV MB . 27.37 -23.81 -14.47
O4P DPV MB . 26.32 -23.21 -16.33
H1 DPV MB . 29.21 -24.72 -14.16
H1A DPV MB . 27.84 -25.44 -13.27
H2 DPV MB . 29.71 -23.53 -12.28
H2A DPV MB . 28.29 -22.56 -12.59
H3 DPV MB . 28.47 -23.51 -10.22
H3A DPV MB . 28.29 -25.12 -10.88
H4 DPV MB . 24.87 -23.92 -17.62
H4A DPV MB . 26.42 -23.51 -18.39
H5 DPV MB . 24.55 -21.45 -17.04
H5A DPV MB . 26.02 -21.08 -17.98
H6 DPV MB . 22.35 -22.18 -19.96
H6A DPV MB . 22.48 -22.22 -18.16
H6B DPV MB . 23.26 -23.49 -19.15
H7 DPV MB . 25.34 -22.97 -20.45
H7A DPV MB . 25.95 -21.30 -20.52
H7B DPV MB . 24.41 -21.72 -21.33
H8 DPV MB . 24.78 -19.49 -19.30
H8A DPV MB . 23.32 -19.87 -18.33
H8B DPV MB . 23.25 -19.96 -20.12
H15 DPV MB . 26.00 -24.53 -11.74
H15A DPV MB . 26.19 -22.88 -11.14
H16 DPV MB . 26.32 -25.38 -9.35
H16A DPV MB . 26.30 -23.71 -8.79
H17 DPV MB . 23.98 -24.97 -10.39
H17A DPV MB . 24.10 -25.08 -8.64
H18 DPV MB . 24.15 -22.52 -8.51
H18A DPV MB . 23.85 -22.49 -10.24
H19 DPV MB . 21.66 -22.36 -9.63
H19A DPV MB . 21.74 -24.11 -9.56
H20 DPV MB . 22.31 -22.37 -7.07
H20A DPV MB . 20.66 -22.71 -7.59
H21 DPV MB . 21.01 -25.15 -7.36
H21A DPV MB . 22.70 -24.90 -6.93
H22 DPV MB . 21.97 -23.60 -4.89
H22A DPV MB . 20.29 -23.89 -5.31
H23 DPV MB . 21.09 -25.52 -3.59
H23A DPV MB . 22.34 -26.10 -4.70
H23B DPV MB . 20.63 -26.37 -5.07
N DPV NB . 22.54 -17.44 -24.73
P DPV NB . 20.40 -19.03 -21.33
C1 DPV NB . 18.53 -17.48 -20.35
C2 DPV NB . 17.10 -17.00 -20.66
C3 DPV NB . 17.09 -15.88 -21.72
C4 DPV NB . 22.56 -17.75 -22.07
C5 DPV NB . 22.94 -16.88 -23.31
C6 DPV NB . 23.12 -18.85 -24.98
C7 DPV NB . 23.09 -16.50 -25.80
C8 DPV NB . 21.00 -17.50 -24.90
C15 DPV NB . 15.64 -15.51 -22.15
C16 DPV NB . 15.60 -14.30 -23.12
C17 DPV NB . 14.22 -13.57 -23.10
C18 DPV NB . 14.22 -12.21 -22.31
C19 DPV NB . 14.40 -12.33 -20.77
O1P DPV NB . 20.54 -20.18 -22.24
C20 DPV NB . 13.13 -12.92 -20.04
C21 DPV NB . 13.40 -13.38 -18.58
C22 DPV NB . 14.22 -14.71 -18.51
C23 DPV NB . 14.29 -15.27 -17.08
O2P DPV NB . 20.76 -19.37 -19.93
O3P DPV NB . 18.99 -18.29 -21.46
O4P DPV NB . 21.13 -17.71 -21.87
H1 DPV NB . 19.21 -16.63 -20.21
H1A DPV NB . 18.53 -18.10 -19.44
H2 DPV NB . 16.50 -17.86 -21.00
H2A DPV NB . 16.64 -16.63 -19.74
H3 DPV NB . 17.65 -16.20 -22.61
H3A DPV NB . 17.57 -15.00 -21.31
H4 DPV NB . 22.88 -18.79 -22.23
H4A DPV NB . 23.05 -17.36 -21.18
H5 DPV NB . 22.47 -15.89 -23.22
H5A DPV NB . 24.02 -16.73 -23.33
H6 DPV NB . 24.21 -18.80 -24.85
H6A DPV NB . 22.88 -19.16 -26.00
H6B DPV NB . 22.69 -19.55 -24.26
H7 DPV NB . 22.66 -15.50 -25.65
H7A DPV NB . 22.83 -16.88 -26.79
H7B DPV NB . 24.18 -16.46 -25.69
H8 DPV NB . 20.58 -16.50 -24.70
H8A DPV NB . 20.59 -18.22 -24.20
H8B DPV NB . 20.76 -17.80 -25.93
H15 DPV NB . 15.06 -15.29 -21.24
H15A DPV NB . 15.16 -16.38 -22.62
H16 DPV NB . 16.39 -13.59 -22.87
H16A DPV NB . 15.80 -14.65 -24.13
H17 DPV NB . 13.92 -13.38 -24.11
H17A DPV NB . 13.45 -14.23 -22.68
H18 DPV NB . 15.05 -11.59 -22.69
H18A DPV NB . 13.30 -11.68 -22.53
H19 DPV NB . 15.28 -12.92 -20.54
H19A DPV NB . 14.58 -11.33 -20.35
H20 DPV NB . 12.35 -12.15 -20.04
H20A DPV NB . 12.73 -13.76 -20.61
H21 DPV NB . 13.92 -12.59 -18.05
H21A DPV NB . 12.43 -13.53 -18.09
H22 DPV NB . 13.76 -15.46 -19.16
H22A DPV NB . 15.23 -14.53 -18.87
H23 DPV NB . 14.73 -14.54 -16.40
H23A DPV NB . 14.89 -16.18 -17.07
H23B DPV NB . 13.29 -15.52 -16.72
N DPV OB . -6.02 -8.87 8.83
P DPV OB . -7.25 -12.79 5.60
C1 DPV OB . -5.27 -14.49 5.93
C2 DPV OB . -4.12 -15.16 5.18
C3 DPV OB . -2.86 -14.26 5.10
C4 DPV OB . -6.78 -10.61 6.96
C5 DPV OB . -5.64 -10.08 7.91
C6 DPV OB . -7.22 -9.20 9.75
C7 DPV OB . -4.80 -8.56 9.72
C8 DPV OB . -6.34 -7.60 8.00
C15 DPV OB . -1.73 -14.97 4.31
C16 DPV OB . -0.34 -14.31 4.53
C17 DPV OB . 0.78 -15.15 3.86
C18 DPV OB . 2.19 -14.83 4.48
C19 DPV OB . 3.25 -15.95 4.21
O1P DPV OB . -8.13 -12.26 4.54
C20 DPV OB . 2.96 -17.27 5.01
C21 DPV OB . 4.16 -18.24 5.05
C22 DPV OB . 5.22 -17.85 6.11
C23 DPV OB . 6.31 -18.91 6.25
O2P DPV OB . -8.01 -13.52 6.63
O3P DPV OB . -6.00 -13.62 5.03
O4P DPV OB . -6.24 -11.70 6.20
H1 DPV OB . -5.96 -15.25 6.31
H1A DPV OB . -4.89 -13.90 6.78
H2 DPV OB . -3.86 -16.09 5.69
H2A DPV OB . -4.45 -15.43 4.17
H3 DPV OB . -2.53 -14.03 6.11
H3A DPV OB . -3.11 -13.32 4.60
H4 DPV OB . -7.62 -10.97 7.56
H4A DPV OB . -7.11 -9.82 6.28
H5 DPV OB . -5.33 -10.90 8.57
H5A DPV OB . -4.78 -9.78 7.32
H6 DPV OB . -7.37 -8.36 10.45
H6A DPV OB . -6.99 -10.12 10.30
H6B DPV OB . -8.11 -9.34 9.14
H7 DPV OB . -5.05 -7.72 10.37
H7A DPV OB . -3.96 -8.31 9.08
H7B DPV OB . -4.59 -9.45 10.32
H8 DPV OB . -5.48 -7.36 7.38
H8A DPV OB . -6.54 -6.78 8.69
H8B DPV OB . -7.21 -7.79 7.37
H15 DPV OB . -1.97 -14.99 3.25
H15A DPV OB . -1.66 -16.02 4.64
H16 DPV OB . -0.35 -13.30 4.12
H16A DPV OB . -0.16 -14.23 5.61
H17 DPV OB . 0.56 -16.22 4.00
H17A DPV OB . 0.80 -14.97 2.78
H18 DPV OB . 2.55 -13.89 4.06
H18A DPV OB . 2.10 -14.69 5.56
H19 DPV OB . 3.28 -16.17 3.14
H19A DPV OB . 4.22 -15.56 4.49
H20 DPV OB . 2.65 -17.02 6.04
H20A DPV OB . 2.11 -17.78 4.55
H21 DPV OB . 3.78 -19.25 5.28
H21A DPV OB . 4.63 -18.29 4.06
H22 DPV OB . 5.69 -16.89 5.84
H22A DPV OB . 4.74 -17.70 7.09
H23 DPV OB . 7.09 -18.59 6.94
H23A DPV OB . 6.77 -19.11 5.28
H23B DPV OB . 5.89 -19.85 6.62
N GLY A 1 -3.47 2.88 -5.85
CA GLY A 1 -2.99 1.67 -6.53
C GLY A 1 -2.33 0.72 -5.57
N LEU A 2 -1.67 -0.30 -6.10
CA LEU A 2 -0.97 -1.30 -5.27
C LEU A 2 0.06 -0.65 -4.35
N LEU A 3 0.71 0.40 -4.83
CA LEU A 3 1.72 1.08 -4.01
C LEU A 3 1.11 1.61 -2.71
N LYS A 4 -0.04 2.28 -2.81
CA LYS A 4 -0.73 2.78 -1.62
C LYS A 4 -1.24 1.62 -0.78
N TRP A 5 -1.67 0.56 -1.43
CA TRP A 5 -2.18 -0.61 -0.73
C TRP A 5 -1.08 -1.24 0.15
N ILE A 6 0.12 -1.35 -0.39
CA ILE A 6 1.27 -1.90 0.35
C ILE A 6 1.69 -0.91 1.45
N LYS A 7 1.68 0.38 1.17
CA LYS A 7 2.01 1.39 2.19
C LYS A 7 1.05 1.33 3.36
N THR A 8 -0.22 1.08 3.08
CA THR A 8 -1.24 0.98 4.13
C THR A 8 -0.95 -0.23 5.03
N LEU A 9 -0.48 -1.32 4.43
CA LEU A 9 -0.18 -2.53 5.19
C LEU A 9 1.08 -2.41 6.05
N LEU A 10 2.13 -1.79 5.53
CA LEU A 10 3.42 -1.74 6.23
C LEU A 10 3.63 -0.52 7.12
N NH2 A 11 3.12 0.63 6.71
HN1 NH2 A 11 2.59 0.69 5.84
HN2 NH2 A 11 3.25 1.45 7.27
UNK UNX B . 11.97 -13.04 -5.79
N DPV C . 28.43 -28.45 1.05
P DPV C . 25.85 -26.35 4.65
C1 DPV C . 26.28 -24.48 6.40
C2 DPV C . 27.32 -23.34 6.58
C3 DPV C . 27.10 -22.56 7.91
C4 DPV C . 26.44 -27.11 2.18
C5 DPV C . 27.99 -27.33 2.07
C6 DPV C . 29.95 -28.56 1.10
C7 DPV C . 27.86 -29.83 1.43
C8 DPV C . 28.03 -28.10 -0.39
C15 DPV C . 28.32 -21.65 8.29
C16 DPV C . 28.51 -20.40 7.37
C17 DPV C . 27.48 -19.26 7.66
C18 DPV C . 27.73 -18.00 6.77
C19 DPV C . 26.71 -17.82 5.60
O1P DPV C . 26.73 -27.36 5.25
C20 DPV C . 26.96 -18.72 4.35
C21 DPV C . 26.05 -19.99 4.32
C22 DPV C . 26.18 -20.82 3.00
C23 DPV C . 25.34 -20.22 1.84
O2P DPV C . 24.42 -26.64 4.88
O3P DPV C . 26.27 -24.86 5.01
O4P DPV C . 26.18 -26.02 3.12
H1 DPV C . 26.58 -25.33 7.02
H1A DPV C . 25.28 -24.15 6.70
H2 DPV C . 28.32 -23.78 6.56
H2A DPV C . 27.23 -22.65 5.73
H3 DPV C . 26.96 -23.27 8.72
H3A DPV C . 26.18 -21.96 7.84
H4 DPV C . 26.03 -26.82 1.21
H4A DPV C . 25.94 -28.01 2.54
H5 DPV C . 28.47 -26.41 1.76
H5A DPV C . 28.39 -27.61 3.05
H6 DPV C . 30.26 -28.79 2.12
H6A DPV C . 30.38 -27.60 0.78
H6B DPV C . 30.28 -29.36 0.42
H7 DPV C . 28.19 -30.09 2.43
H7A DPV C . 28.23 -30.56 0.71
H7B DPV C . 26.77 -29.79 1.39
H8 DPV C . 28.48 -27.15 -0.67
H8A DPV C . 26.94 -28.03 -0.45
H8B DPV C . 28.39 -28.90 -1.05
H15 DPV C . 29.22 -22.25 8.24
H15A DPV C . 28.21 -21.32 9.32
H16 DPV C . 29.52 -20.00 7.54
H16A DPV C . 28.46 -20.67 6.32
H17 DPV C . 26.46 -19.63 7.52
H17A DPV C . 27.56 -18.96 8.71
H18 DPV C . 27.65 -17.11 7.41
H18A DPV C . 28.75 -18.00 6.37
H19 DPV C . 25.68 -17.96 5.98
H19A DPV C . 26.77 -16.79 5.27
H20 DPV C . 26.77 -18.13 3.45
H20A DPV C . 28.01 -19.03 4.31
H21 DPV C . 26.30 -20.64 5.16
H21A DPV C . 25.00 -19.70 4.46
H22 DPV C . 27.23 -20.88 2.70
H22A DPV C . 25.84 -21.83 3.19
H23 DPV C . 25.71 -19.23 1.57
H23A DPV C . 24.29 -20.15 2.13
H23B DPV C . 25.41 -20.86 0.96
N DPV D . 30.63 -12.56 3.51
P DPV D . 32.05 -8.85 2.21
C1 DPV D . 32.51 -7.95 -0.20
C2 DPV D . 31.83 -7.79 -1.59
C3 DPV D . 31.18 -6.39 -1.79
C4 DPV D . 29.95 -10.46 2.00
C5 DPV D . 29.52 -11.56 3.04
C6 DPV D . 31.44 -13.17 2.34
C7 DPV D . 31.60 -11.90 4.50
C8 DPV D . 29.95 -13.73 4.23
C15 DPV D . 30.73 -6.13 -3.26
C16 DPV D . 31.91 -5.69 -4.17
C17 DPV D . 31.51 -5.52 -5.68
C18 DPV D . 30.71 -4.20 -5.96
C19 DPV D . 30.60 -3.87 -7.48
O1P DPV D . 32.61 -7.83 3.11
C20 DPV D . 29.56 -4.74 -8.26
C21 DPV D . 28.11 -4.19 -8.13
C22 DPV D . 27.10 -5.06 -8.92
C23 DPV D . 25.68 -4.46 -8.89
O2P DPV D . 32.98 -9.97 2.04
O3P DPV D . 31.52 -8.26 0.82
O4P DPV D . 30.58 -9.33 2.66
H1 DPV D . 33.22 -8.78 -0.26
H1A DPV D . 33.05 -7.04 0.07
H2 DPV D . 32.60 -7.95 -2.35
H2A DPV D . 31.09 -8.58 -1.72
H3 DPV D . 31.87 -5.61 -1.48
H3A DPV D . 30.30 -6.30 -1.13
H4 DPV D . 30.63 -10.86 1.26
H4A DPV D . 29.06 -10.08 1.49
H5 DPV D . 29.10 -11.07 3.93
H5A DPV D . 28.73 -12.16 2.58
H6 DPV D . 32.01 -12.37 1.86
H6A DPV D . 30.74 -13.62 1.62
H6B DPV D . 32.11 -13.94 2.74
H7 DPV D . 31.03 -11.55 5.37
H7A DPV D . 32.09 -11.06 4.01
H7B DPV D . 32.35 -12.64 4.82
H8 DPV D . 29.36 -13.33 5.05
H8A DPV D . 30.72 -14.41 4.61
H8B DPV D . 29.30 -14.25 3.52
H15 DPV D . 29.97 -5.35 -3.25
H15A DPV D . 30.26 -7.03 -3.67
H16 DPV D . 32.34 -4.74 -3.80
H16A DPV D . 32.70 -6.44 -4.12
H17 DPV D . 32.43 -5.51 -6.27
H17A DPV D . 30.93 -6.38 -6.00
H18 DPV D . 29.72 -4.26 -5.51
H18A DPV D . 31.23 -3.37 -5.47
H19 DPV D . 30.36 -2.82 -7.60
H19A DPV D . 31.59 -4.01 -7.95
H20 DPV D . 29.84 -4.75 -9.32
H20A DPV D . 29.60 -5.77 -7.91
H21 DPV D . 27.82 -4.15 -7.08
H21A DPV D . 28.08 -3.15 -8.51
H22 DPV D . 27.43 -5.15 -9.96
H22A DPV D . 27.07 -6.07 -8.49
H23 DPV D . 25.68 -3.46 -9.34
H23A DPV D . 25.32 -4.36 -7.86
H23B DPV D . 24.98 -5.09 -9.44
N DPV E . 1.14 0.60 10.70
P DPV E . 4.41 -3.17 12.24
C1 DPV E . 6.79 -2.11 12.62
C2 DPV E . 7.70 -1.62 13.77
C3 DPV E . 9.13 -1.31 13.27
C4 DPV E . 2.74 -1.43 11.25
C5 DPV E . 2.58 0.12 11.09
C6 DPV E . 1.19 2.14 10.61
C7 DPV E . 0.10 0.24 11.76
C8 DPV E . 0.70 0.07 9.32
C15 DPV E . 10.10 -1.04 14.47
C16 DPV E . 11.61 -0.90 14.05
C17 DPV E . 12.23 -2.26 13.60
C18 DPV E . 13.77 -2.20 13.47
C19 DPV E . 14.33 -3.54 12.91
O1P DPV E . 3.36 -3.91 12.95
C20 DPV E . 15.87 -3.56 12.87
C21 DPV E . 16.43 -4.87 12.24
C22 DPV E . 16.45 -4.84 10.68
C23 DPV E . 17.01 -6.15 10.07
O2P DPV E . 4.94 -3.93 11.09
O3P DPV E . 5.55 -2.60 13.21
O4P DPV E . 4.01 -1.67 11.87
H1 DPV E . 6.56 -1.28 11.94
H1A DPV E . 7.27 -2.92 12.07
H2 DPV E . 7.27 -0.71 14.20
H2A DPV E . 7.73 -2.38 14.54
H3 DPV E . 9.11 -0.45 12.61
H3A DPV E . 9.50 -2.17 12.69
H4 DPV E . 1.96 -1.83 11.88
H4A DPV E . 2.72 -1.91 10.26
H5 DPV E . 2.83 0.61 12.05
H5A DPV E . 3.27 0.49 10.33
H6 DPV E . 1.93 2.44 9.87
H6A DPV E . 1.46 2.54 11.59
H6B DPV E . 0.20 2.50 10.32
H7 DPV E . 0.44 0.59 12.73
H7A DPV E . -0.02 -0.85 11.79
H7B DPV E . -0.86 0.70 11.51
H8 DPV E . -0.29 0.48 9.09
H8A DPV E . 0.65 -1.02 9.35
H8B DPV E . 1.43 0.39 8.58
H15 DPV E . 10.00 -1.83 15.21
H15A DPV E . 9.79 -0.11 14.95
H16 DPV E . 11.70 -0.18 13.25
H16A DPV E . 12.17 -0.53 14.91
H17 DPV E . 11.97 -3.04 14.32
H17A DPV E . 11.81 -2.54 12.63
H18 DPV E . 14.06 -1.38 12.81
H18A DPV E . 14.21 -2.00 14.46
H19 DPV E . 13.97 -4.36 13.53
H19A DPV E . 13.93 -3.69 11.90
H20 DPV E . 16.25 -2.70 12.31
H20A DPV E . 16.26 -3.48 13.89
H21 DPV E . 17.45 -5.03 12.59
H21A DPV E . 15.85 -5.73 12.59
H22 DPV E . 15.44 -4.68 10.30
H22A DPV E . 17.07 -4.00 10.34
H23 DPV E . 17.02 -6.09 8.98
H23A DPV E . 16.37 -6.99 10.37
H23B DPV E . 18.03 -6.33 10.43
N DPV F . 14.96 8.11 5.19
P DPV F . 17.78 4.06 6.84
C1 DPV F . 17.53 1.79 5.57
C2 DPV F . 18.24 0.95 4.51
C3 DPV F . 18.26 1.65 3.13
C4 DPV F . 16.62 6.23 6.01
C5 DPV F . 15.70 6.78 4.85
C6 DPV F . 14.07 8.49 4.00
C7 DPV F . 14.03 7.99 6.42
C8 DPV F . 15.95 9.28 5.41
C15 DPV F . 19.32 1.02 2.19
C16 DPV F . 19.45 1.83 0.86
C17 DPV F . 20.75 1.48 0.09
C18 DPV F . 20.65 0.15 -0.72
C19 DPV F . 21.94 -0.11 -1.52
O1P DPV F . 16.82 3.50 7.83
C20 DPV F . 21.74 -1.24 -2.58
C21 DPV F . 23.02 -1.42 -3.45
C22 DPV F . 22.77 -2.46 -4.57
C23 DPV F . 24.02 -2.64 -5.46
O2P DPV F . 18.87 4.79 7.50
O3P DPV F . 18.30 3.00 5.78
O4P DPV F . 17.06 4.90 5.69
H1 DPV F . 16.53 2.04 5.24
H1A DPV F . 17.47 1.23 6.51
H2 DPV F . 19.26 0.76 4.85
H2A DPV F . 17.74 -0.02 4.42
H3 DPV F . 18.50 2.72 3.26
H3A DPV F . 17.27 1.58 2.67
H4 DPV F . 17.48 6.88 6.16
H4A DPV F . 16.04 6.19 6.94
H5 DPV F . 16.32 6.96 3.96
H5A DPV F . 14.95 6.04 4.61
H6 DPV F . 14.71 8.68 3.12
H6A DPV F . 13.50 9.39 4.23
H6B DPV F . 13.38 7.66 3.78
H7 DPV F . 14.64 7.77 7.30
H7A DPV F . 13.31 7.19 6.24
H7B DPV F . 13.50 8.94 6.56
H8 DPV F . 16.59 9.36 4.54
H8A DPV F . 16.54 9.08 6.30
H8B DPV F . 15.38 10.21 5.54
H15 DPV F . 19.04 -0.01 1.97
H15A DPV F . 20.29 1.01 2.70
H16 DPV F . 18.57 1.64 0.23
H16A DPV F . 19.45 2.89 1.08
H17 DPV F . 20.95 2.29 -0.61
H17A DPV F . 21.60 1.43 0.77
H18 DPV F . 20.47 -0.69 -0.04
H18A DPV F . 19.79 0.20 -1.39
H19 DPV F . 22.24 0.80 -2.04
H19A DPV F . 22.75 -0.38 -0.84
H20 DPV F . 21.51 -2.17 -2.07
H20A DPV F . 20.90 -0.99 -3.21
H21 DPV F . 23.28 -0.46 -3.91
H21A DPV F . 23.85 -1.74 -2.82
H22 DPV F . 22.51 -3.42 -4.14
H22A DPV F . 21.94 -2.13 -5.20
H23 DPV F . 24.34 -1.68 -5.88
H23A DPV F . 23.81 -3.32 -6.28
H23B DPV F . 24.85 -3.05 -4.87
N DPV G . 19.30 8.41 -2.07
P DPV G . 16.34 6.14 0.75
C1 DPV G . 15.53 3.64 0.88
C2 DPV G . 14.27 2.76 0.75
C3 DPV G . 14.03 2.26 -0.72
C4 DPV G . 16.90 7.49 -1.43
C5 DPV G . 18.42 7.18 -1.65
C6 DPV G . 18.77 9.14 -3.31
C7 DPV G . 20.70 7.88 -2.39
C8 DPV G . 19.42 9.42 -0.90
C15 DPV G . 13.15 0.96 -0.75
C16 DPV G . 12.98 0.41 -2.20
C17 DPV G . 12.75 -1.13 -2.20
C18 DPV G . 12.40 -1.68 -3.62
C19 DPV G . 12.39 -3.24 -3.63
O1P DPV G . 15.90 7.34 1.50
C20 DPV G . 12.11 -3.81 -5.06
C21 DPV G . 12.48 -5.33 -5.16
C22 DPV G . 12.16 -5.87 -6.58
C23 DPV G . 12.78 -7.27 -6.83
O2P DPV G . 17.63 5.62 1.23
O3P DPV G . 15.19 5.03 0.63
O4P DPV G . 16.28 6.33 -0.84
H1 DPV G . 15.93 3.57 1.90
H1A DPV G . 16.31 3.33 0.18
H2 DPV G . 14.40 1.89 1.39
H2A DPV G . 13.39 3.30 1.11
H3 DPV G . 14.98 2.06 -1.20
H3A DPV G . 13.53 3.06 -1.29
H4 DPV G . 16.77 8.35 -0.76
H4A DPV G . 16.41 7.70 -2.38
H5 DPV G . 18.85 6.77 -0.74
H5A DPV G . 18.51 6.44 -2.44
H6 DPV G . 18.71 8.42 -4.13
H6A DPV G . 19.46 9.95 -3.57
H6B DPV G . 17.78 9.55 -3.10
H7 DPV G . 20.63 7.16 -3.21
H7A DPV G . 21.10 7.37 -1.50
H7B DPV G . 21.35 8.71 -2.67
H8 DPV G . 19.81 8.90 -0.02
H8A DPV G . 18.43 9.84 -0.69
H8B DPV G . 20.11 10.21 -1.20
H15 DPV G . 12.18 1.17 -0.31
H15A DPV G . 13.65 0.21 -0.13
H16 DPV G . 12.13 0.91 -2.67
H16A DPV G . 13.87 0.63 -2.80
H17 DPV G . 13.66 -1.61 -1.84
H17A DPV G . 11.95 -1.39 -1.50
H18 DPV G . 11.42 -1.31 -3.93
H18A DPV G . 13.14 -1.32 -4.33
H19 DPV G . 13.36 -3.60 -3.28
H19A DPV G . 11.63 -3.62 -2.94
H20 DPV G . 11.05 -3.66 -5.30
H20A DPV G . 12.70 -3.25 -5.79
H21 DPV G . 13.54 -5.45 -4.96
H21A DPV G . 11.92 -5.90 -4.42
H22 DPV G . 11.08 -5.94 -6.72
H22A DPV G . 12.54 -5.19 -7.34
H23 DPV G . 12.38 -8.00 -6.13
H23A DPV G . 13.86 -7.23 -6.71
H23B DPV G . 12.56 -7.59 -7.84
N DPV H . 4.97 -0.25 -20.44
P DPV H . 7.42 3.08 -19.02
C1 DPV H . 8.19 5.57 -19.35
C2 DPV H . 9.11 6.04 -18.19
C3 DPV H . 10.56 6.34 -18.67
C4 DPV H . 6.30 1.94 -21.09
C5 DPV H . 4.97 1.31 -20.56
C6 DPV H . 5.22 -0.91 -21.81
C7 DPV H . 6.00 -0.76 -19.41
C8 DPV H . 3.58 -0.67 -19.96
C15 DPV H . 11.50 5.09 -18.58
C16 DPV H . 12.27 5.03 -17.24
C17 DPV H . 13.07 3.69 -17.08
C18 DPV H . 14.16 3.76 -15.97
C19 DPV H . 13.59 3.83 -14.52
O1P DPV H . 6.82 2.26 -17.96
C20 DPV H . 14.70 4.12 -13.48
C21 DPV H . 14.11 4.42 -12.08
C22 DPV H . 15.16 4.97 -11.07
C23 DPV H . 16.08 3.87 -10.48
O2P DPV H . 8.83 2.70 -19.25
O3P DPV H . 7.20 4.65 -18.82
O4P DPV H . 6.56 3.15 -20.35
H1 DPV H . 7.67 6.43 -19.79
H1A DPV H . 8.77 5.07 -20.13
H2 DPV H . 8.68 6.94 -17.76
H2A DPV H . 9.12 5.28 -17.42
H3 DPV H . 10.96 7.15 -18.07
H3A DPV H . 10.55 6.69 -19.71
H4 DPV H . 7.14 1.27 -20.96
H4A DPV H . 6.19 2.19 -22.15
H5 DPV H . 4.76 1.70 -19.55
H5A DPV H . 4.14 1.59 -21.21
H6 DPV H . 6.22 -0.67 -22.15
H6A DPV H . 4.48 -0.54 -22.53
H6B DPV H . 5.12 -2.00 -21.71
H7 DPV H . 5.81 -0.26 -18.46
H7A DPV H . 7.00 -0.52 -19.78
H7B DPV H . 5.88 -1.84 -19.30
H8 DPV H . 2.84 -0.30 -20.68
H8A DPV H . 3.41 -0.23 -18.98
H8B DPV H . 3.54 -1.76 -19.90
H15 DPV H . 12.23 5.14 -19.38
H15A DPV H . 10.93 4.17 -18.73
H16 DPV H . 12.97 5.87 -17.18
H16A DPV H . 11.57 5.12 -16.40
H17 DPV H . 12.38 2.88 -16.86
H17A DPV H . 13.56 3.45 -18.03
H18 DPV H . 14.80 2.88 -16.06
H18A DPV H . 14.79 4.63 -16.16
H19 DPV H . 12.83 4.62 -14.47
H19A DPV H . 13.10 2.88 -14.28
H20 DPV H . 15.37 3.26 -13.42
H20A DPV H . 15.29 4.98 -13.82
H21 DPV H . 13.32 5.17 -12.19
H21A DPV H . 13.64 3.52 -11.67
H22 DPV H . 15.77 5.74 -11.55
H22A DPV H . 14.63 5.45 -10.24
H23 DPV H . 16.51 3.26 -11.28
H23A DPV H . 15.51 3.22 -9.81
H23B DPV H . 16.89 4.33 -9.91
N DPV I . 6.31 8.90 -13.72
P DPV I . 4.81 4.69 -14.80
C1 DPV I . 7.38 4.42 -15.15
C2 DPV I . 8.74 4.78 -14.49
C3 DPV I . 9.20 3.76 -13.41
C4 DPV I . 4.35 7.13 -13.88
C5 DPV I . 5.53 7.72 -13.05
C6 DPV I . 7.36 9.39 -12.71
C7 DPV I . 7.05 8.47 -15.00
C8 DPV I . 5.39 10.09 -14.04
C15 DPV I . 9.85 2.47 -14.02
C16 DPV I . 10.31 1.46 -12.93
C17 DPV I . 9.14 0.62 -12.35
C18 DPV I . 9.63 -0.39 -11.27
C19 DPV I . 8.52 -1.40 -10.84
O1P DPV I . 4.61 5.21 -16.18
C20 DPV I . 8.34 -2.56 -11.89
C21 DPV I . 7.09 -3.46 -11.62
C22 DPV I . 7.31 -4.50 -10.49
C23 DPV I . 6.20 -5.56 -10.47
O2P DPV I . 4.27 3.32 -14.65
O3P DPV I . 6.31 4.83 -14.27
O4P DPV I . 4.29 5.70 -13.66
H1 DPV I . 7.28 4.95 -16.09
H1A DPV I . 7.30 3.34 -15.33
H2 DPV I . 9.51 4.86 -15.26
H2A DPV I . 8.65 5.76 -14.03
H3 DPV I . 8.35 3.49 -12.78
H3A DPV I . 9.94 4.25 -12.77
H4 DPV I . 3.42 7.58 -13.54
H4A DPV I . 4.48 7.33 -14.94
H5 DPV I . 5.17 8.07 -12.08
H5A DPV I . 6.27 6.93 -12.87
H6 DPV I . 6.85 9.73 -11.80
H6A DPV I . 7.92 10.23 -13.15
H6B DPV I . 8.04 8.57 -12.49
H7 DPV I . 6.31 8.10 -15.73
H7A DPV I . 7.75 7.65 -14.75
H7B DPV I . 7.59 9.31 -15.41
H8 DPV I . 4.86 10.39 -13.13
H8A DPV I . 4.67 9.78 -14.81
H8B DPV I . 5.99 10.92 -14.42
H15 DPV I . 10.72 2.76 -14.62
H15A DPV I . 9.15 1.99 -14.70
H16 DPV I . 11.05 0.78 -13.38
H16A DPV I . 10.84 1.99 -12.12
H17 DPV I . 8.40 1.28 -11.91
H17A DPV I . 8.66 0.09 -13.17
H18 DPV I . 10.51 -0.93 -11.63
H18A DPV I . 9.94 0.18 -10.38
H19 DPV I . 8.80 -1.84 -9.88
H19A DPV I . 7.57 -0.88 -10.69
H20 DPV I . 8.22 -2.12 -12.88
H20A DPV I . 9.24 -3.17 -11.92
H21 DPV I . 6.22 -2.84 -11.40
H21A DPV I . 6.88 -3.99 -12.54
H22 DPV I . 8.28 -4.99 -10.61
H22A DPV I . 7.32 -3.98 -9.52
H23 DPV I . 6.19 -6.12 -11.41
H23A DPV I . 5.22 -5.10 -10.33
H23B DPV I . 6.38 -6.28 -9.66
N DPV J . 0.96 -8.88 -25.41
P DPV J . -0.10 -13.69 -23.57
C1 DPV J . 0.20 -13.23 -20.98
C2 DPV J . 1.34 -12.21 -20.82
C3 DPV J . 1.99 -12.26 -19.41
C4 DPV J . 0.33 -11.30 -24.55
C5 DPV J . 1.43 -10.20 -24.70
C6 DPV J . 0.55 -9.12 -26.87
C7 DPV J . -0.20 -8.21 -24.65
C8 DPV J . 2.14 -7.89 -25.40
C15 DPV J . 3.16 -11.26 -19.32
C16 DPV J . 3.87 -11.26 -17.94
C17 DPV J . 5.08 -10.27 -17.94
C18 DPV J . 5.64 -10.00 -16.52
C19 DPV J . 6.63 -8.81 -16.52
O1P DPV J . 0.62 -14.96 -23.34
C20 DPV J . 7.20 -8.54 -15.10
C21 DPV J . 8.21 -7.36 -15.09
C22 DPV J . 8.70 -7.06 -13.64
C23 DPV J . 9.60 -5.83 -13.58
O2P DPV J . -1.20 -13.86 -24.53
O3P DPV J . -0.54 -12.96 -22.21
O4P DPV J . 0.90 -12.48 -23.95
H1 DPV J . 0.58 -14.26 -20.99
H1A DPV J . -0.50 -13.13 -20.14
H2 DPV J . 2.10 -12.40 -21.58
H2A DPV J . 0.95 -11.20 -21.00
H3 DPV J . 2.34 -13.27 -19.20
H3A DPV J . 1.24 -12.01 -18.64
H4 DPV J . -0.48 -10.93 -23.92
H4A DPV J . -0.08 -11.56 -25.54
H5 DPV J . 1.80 -9.93 -23.71
H5A DPV J . 2.27 -10.59 -25.29
H6 DPV J . 1.38 -9.60 -27.39
H6A DPV J . 0.31 -8.16 -27.35
H6B DPV J . -0.32 -9.78 -26.90
H7 DPV J . -0.40 -7.23 -25.09
H7A DPV J . 0.07 -8.10 -23.59
H7B DPV J . -1.10 -8.83 -24.74
H8 DPV J . 2.41 -7.67 -24.37
H8A DPV J . 1.84 -6.97 -25.92
H8B DPV J . 2.98 -8.35 -25.93
H15 DPV J . 2.79 -10.25 -19.54
H15A DPV J . 3.89 -11.51 -20.09
H16 DPV J . 3.15 -10.95 -17.17
H16A DPV J . 4.21 -12.26 -17.69
H17 DPV J . 5.87 -10.67 -18.57
H17A DPV J . 4.76 -9.32 -18.38
H18 DPV J . 4.81 -9.77 -15.84
H18A DPV J . 6.13 -10.90 -16.14
H19 DPV J . 7.46 -9.01 -17.21
H19A DPV J . 6.13 -7.91 -16.87
H20 DPV J . 6.37 -8.32 -14.43
H20A DPV J . 7.70 -9.45 -14.74
H21 DPV J . 9.06 -7.61 -15.72
H21A DPV J . 7.73 -6.47 -15.50
H22 DPV J . 7.83 -6.90 -12.99
H22A DPV J . 9.23 -7.92 -13.26
H23 DPV J . 9.07 -4.94 -13.95
H23A DPV J . 10.50 -5.97 -14.18
H23B DPV J . 9.91 -5.63 -12.55
N DPV K . 6.78 -20.56 -26.84
P DPV K . 3.04 -20.16 -24.07
C1 DPV K . 1.59 -21.66 -22.48
C2 DPV K . 0.22 -22.37 -22.44
C3 DPV K . -0.10 -22.89 -21.01
C4 DPV K . 5.10 -21.47 -25.00
C5 DPV K . 5.31 -20.99 -26.48
C6 DPV K . 7.80 -21.68 -26.56
C7 DPV K . 7.20 -19.28 -26.09
C8 DPV K . 6.82 -20.25 -28.35
C15 DPV K . -1.53 -23.48 -20.91
C16 DPV K . -1.96 -23.79 -19.45
C17 DPV K . -2.43 -22.52 -18.69
C18 DPV K . -2.67 -22.81 -17.17
C19 DPV K . -3.29 -21.60 -16.41
O1P DPV K . 2.83 -19.11 -25.08
C20 DPV K . -2.31 -20.40 -16.14
C21 DPV K . -1.25 -20.65 -15.01
C22 DPV K . -1.86 -20.68 -13.58
C23 DPV K . -0.76 -20.69 -12.50
O2P DPV K . 3.73 -19.66 -22.86
O3P DPV K . 1.69 -20.97 -23.75
O4P DPV K . 3.69 -21.49 -24.68
H1 DPV K . 1.66 -20.93 -21.68
H1A DPV K . 2.39 -22.39 -22.39
H2 DPV K . -0.56 -21.67 -22.75
H2A DPV K . 0.22 -23.20 -23.15
H3 DPV K . 0.01 -22.05 -20.31
H3A DPV K . 0.64 -23.64 -20.73
H4 DPV K . 5.49 -22.49 -24.90
H4A DPV K . 5.61 -20.83 -24.30
H5 DPV K . 5.02 -21.78 -27.17
H5A DPV K . 4.68 -20.12 -26.66
H6 DPV K . 7.80 -21.92 -25.50
H6A DPV K . 8.80 -21.34 -26.86
H6B DPV K . 7.52 -22.57 -27.13
H7 DPV K . 6.50 -18.47 -26.34
H7A DPV K . 8.21 -19.00 -26.41
H7B DPV K . 7.19 -19.47 -25.02
H8 DPV K . 6.14 -19.42 -28.56
H8A DPV K . 6.50 -21.15 -28.90
H8B DPV K . 7.84 -19.99 -28.63
H15 DPV K . -1.57 -24.41 -21.49
H15A DPV K . -2.25 -22.79 -21.37
H16 DPV K . -2.77 -24.51 -19.47
H16A DPV K . -1.12 -24.25 -18.92
H17 DPV K . -1.67 -21.73 -18.78
H17A DPV K . -3.35 -22.14 -19.14
H18 DPV K . -3.34 -23.65 -17.08
H18A DPV K . -1.72 -23.10 -16.70
H19 DPV K . -4.15 -21.23 -16.97
H19A DPV K . -3.68 -21.96 -15.45
H20 DPV K . -1.78 -20.14 -17.07
H20A DPV K . -2.90 -19.52 -15.87
H21 DPV K . -0.73 -21.59 -15.20
H21A DPV K . -0.51 -19.85 -15.06
H22 DPV K . -2.49 -19.80 -13.43
H22A DPV K . -2.49 -21.56 -13.46
H23 DPV K . -1.22 -20.76 -11.50
H23A DPV K . -0.16 -19.79 -12.54
H23B DPV K . -0.11 -21.55 -12.62
N DPV L . 2.77 -31.45 -11.58
P DPV L . 6.55 -32.91 -13.54
C1 DPV L . 8.16 -33.76 -15.45
C2 DPV L . 7.22 -34.22 -16.60
C3 DPV L . 6.99 -33.11 -17.67
C4 DPV L . 4.51 -31.24 -13.57
C5 DPV L . 4.23 -31.07 -12.04
C6 DPV L . 2.49 -32.95 -11.79
C7 DPV L . 1.70 -30.61 -12.31
C8 DPV L . 2.67 -31.17 -10.08
C15 DPV L . 5.80 -33.47 -18.60
C16 DPV L . 5.51 -32.41 -19.71
C17 DPV L . 5.12 -30.97 -19.22
C18 DPV L . 3.80 -30.92 -18.38
C19 DPV L . 3.34 -29.46 -18.06
O1P DPV L . 7.22 -33.07 -12.23
C20 DPV L . 4.26 -28.74 -17.01
C21 DPV L . 3.69 -27.35 -16.65
C22 DPV L . 4.63 -26.59 -15.67
C23 DPV L . 4.03 -25.22 -15.27
O2P DPV L . 5.60 -34.02 -13.80
O3P DPV L . 7.57 -32.62 -14.73
O4P DPV L . 5.93 -31.46 -13.78
H1 DPV L . 8.33 -34.58 -14.75
H1A DPV L . 9.12 -33.44 -15.86
H2 DPV L . 7.65 -35.09 -17.09
H2A DPV L . 6.27 -34.53 -16.18
H3 DPV L . 7.90 -32.96 -18.25
H3A DPV L . 6.76 -32.17 -17.16
H4 DPV L . 3.96 -32.09 -13.99
H4A DPV L . 4.22 -30.34 -14.10
H5 DPV L . 4.91 -31.72 -11.48
H5A DPV L . 4.41 -30.04 -11.75
H6 DPV L . 3.27 -33.53 -11.29
H6A DPV L . 2.49 -33.16 -12.87
H6B DPV L . 1.51 -33.18 -11.37
H7 DPV L . 1.91 -29.55 -12.15
H7A DPV L . 0.72 -30.86 -11.89
H7B DPV L . 1.72 -30.84 -13.37
H8 DPV L . 2.89 -30.12 -9.89
H8A DPV L . 3.39 -31.80 -9.56
H8B DPV L . 1.65 -31.41 -9.75
H15 DPV L . 4.90 -33.62 -18.00
H15A DPV L . 6.01 -34.43 -19.09
H16 DPV L . 6.40 -32.32 -20.34
H16A DPV L . 4.72 -32.78 -20.35
H17 DPV L . 5.95 -30.55 -18.65
H17A DPV L . 5.01 -30.33 -20.11
H18 DPV L . 3.01 -31.41 -18.94
H18A DPV L . 3.94 -31.47 -17.45
H19 DPV L . 3.31 -28.88 -18.98
H19A DPV L . 2.33 -29.51 -17.68
H20 DPV L . 4.34 -29.35 -16.11
H20A DPV L . 5.26 -28.62 -17.44
H21 DPV L . 3.57 -26.76 -17.56
H21A DPV L . 2.70 -27.47 -16.19
H22 DPV L . 4.78 -27.19 -14.77
H22A DPV L . 5.60 -26.44 -16.14
H23 DPV L . 3.11 -25.36 -14.70
H23A DPV L . 3.80 -24.63 -16.16
H23B DPV L . 4.73 -24.68 -14.66
N DPV M . 14.78 -18.94 -24.70
P DPV M . 14.82 -23.39 -22.83
C1 DPV M . 13.82 -24.79 -20.86
C2 DPV M . 12.62 -24.63 -19.90
C3 DPV M . 11.30 -24.32 -20.68
C4 DPV M . 15.79 -21.02 -23.43
C5 DPV M . 14.57 -20.07 -23.65
C6 DPV M . 14.99 -19.51 -26.12
C7 DPV M . 15.93 -18.01 -24.33
C8 DPV M . 13.50 -18.10 -24.73
C15 DPV M . 10.12 -23.93 -19.75
C16 DPV M . 10.14 -22.43 -19.32
C17 DPV M . 8.78 -22.02 -18.70
C18 DPV M . 8.70 -20.50 -18.39
C19 DPV M . 7.23 -19.99 -18.24
O1P DPV M . 13.82 -23.31 -23.93
C20 DPV M . 6.58 -20.38 -16.88
C21 DPV M . 5.09 -19.92 -16.81
C22 DPV M . 4.43 -20.35 -15.46
C23 DPV M . 2.98 -19.84 -15.36
O2P DPV M . 15.84 -24.42 -23.09
O3P DPV M . 14.17 -23.48 -21.38
O4P DPV M . 15.44 -21.98 -22.40
H1 DPV M . 14.68 -25.20 -20.34
H1A DPV M . 13.55 -25.45 -21.70
H2 DPV M . 12.50 -25.55 -19.33
H2A DPV M . 12.84 -23.83 -19.19
H3 DPV M . 11.03 -25.21 -21.25
H3A DPV M . 11.47 -23.53 -21.40
H4 DPV M . 16.04 -21.55 -24.35
H4A DPV M . 16.66 -20.46 -23.08
H5 DPV M . 13.70 -20.65 -23.96
H5A DPV M . 14.33 -19.58 -22.70
H6 DPV M . 14.14 -20.15 -26.37
H6A DPV M . 15.92 -20.10 -26.13
H6B DPV M . 15.06 -18.68 -26.83
H7 DPV M . 15.78 -17.66 -23.29
H7A DPV M . 15.95 -17.15 -25.01
H7B DPV M . 16.88 -18.56 -24.40
H8 DPV M . 13.33 -17.69 -23.72
H8A DPV M . 12.65 -18.74 -25.02
H8B DPV M . 13.61 -17.29 -25.45
H15 DPV M . 10.12 -24.56 -18.86
H15A DPV M . 9.20 -24.14 -20.28
H16 DPV M . 10.94 -22.25 -18.61
H16A DPV M . 10.33 -21.81 -20.21
H17 DPV M . 7.97 -22.29 -19.39
H17A DPV M . 8.61 -22.58 -17.79
H18 DPV M . 9.27 -20.27 -17.49
H18A DPV M . 9.16 -19.94 -19.21
H19 DPV M . 7.23 -18.90 -18.32
H19A DPV M . 6.63 -20.37 -19.06
H20 DPV M . 6.63 -21.47 -16.75
H20A DPV M . 7.14 -19.93 -16.06
H21 DPV M . 5.04 -18.84 -16.92
H21A DPV M . 4.53 -20.36 -17.64
H22 DPV M . 4.43 -21.44 -15.38
H22A DPV M . 5.01 -19.95 -14.62
H23 DPV M . 2.55 -20.14 -14.40
H23A DPV M . 2.37 -20.25 -16.16
H23B DPV M . 2.95 -18.75 -15.41
N DPV N . 20.37 -33.69 3.01
P DPV N . 20.04 -33.04 -1.18
C1 DPV N . 20.45 -32.18 -3.62
C2 DPV N . 19.94 -33.19 -4.66
C3 DPV N . 18.62 -32.74 -5.35
C4 DPV N . 19.43 -31.99 1.17
C5 DPV N . 19.25 -33.35 1.96
C6 DPV N . 20.05 -35.05 3.63
C7 DPV N . 20.42 -32.66 4.15
C8 DPV N . 21.76 -33.79 2.35
C15 DPV N . 18.83 -31.64 -6.44
C16 DPV N . 17.74 -30.52 -6.38
C17 DPV N . 18.01 -29.51 -5.21
C18 DPV N . 16.80 -28.58 -4.93
C19 DPV N . 16.79 -27.34 -5.84
O1P DPV N . 21.47 -32.89 -0.85
C20 DPV N . 15.55 -26.45 -5.54
C21 DPV N . 15.65 -25.09 -6.25
C22 DPV N . 14.42 -24.21 -5.92
C23 DPV N . 14.57 -22.79 -6.45
O2P DPV N . 19.64 -34.47 -1.26
O3P DPV N . 19.59 -32.18 -2.44
O4P DPV N . 19.07 -32.18 -0.23
H1 DPV N . 21.46 -32.42 -3.31
H1A DPV N . 20.45 -31.17 -4.04
H2 DPV N . 20.71 -33.35 -5.42
H2A DPV N . 19.77 -34.15 -4.17
H3 DPV N . 17.92 -32.41 -4.58
H3A DPV N . 18.15 -33.62 -5.82
H4 DPV N . 18.77 -31.24 1.60
H4A DPV N . 20.46 -31.64 1.24
H5 DPV N . 18.30 -33.33 2.49
H5A DPV N . 19.23 -34.18 1.26
H6 DPV N . 20.00 -35.80 2.83
H6A DPV N . 19.07 -34.98 4.13
H6B DPV N . 20.82 -35.31 4.36
H7 DPV N . 20.71 -31.68 3.73
H7A DPV N . 21.17 -32.97 4.88
H7B DPV N . 19.44 -32.58 4.61
H8 DPV N . 22.08 -32.80 2.01
H8A DPV N . 21.70 -34.47 1.50
H8B DPV N . 22.48 -34.17 3.08
H15 DPV N . 18.79 -32.11 -7.43
H15A DPV N . 19.82 -31.18 -6.36
H16 DPV N . 17.75 -29.97 -7.33
H16A DPV N . 16.75 -30.98 -6.26
H17 DPV N . 18.23 -30.07 -4.29
H17A DPV N . 18.91 -28.92 -5.43
H18 DPV N . 15.87 -29.14 -5.03
H18A DPV N . 16.86 -28.25 -3.89
H19 DPV N . 17.70 -26.75 -5.67
H19A DPV N . 16.78 -27.63 -6.89
H20 DPV N . 14.65 -26.97 -5.87
H20A DPV N . 15.48 -26.29 -4.46
H21 DPV N . 16.56 -24.57 -5.92
H21A DPV N . 15.72 -25.23 -7.33
H22 DPV N . 13.53 -24.67 -6.36
H22A DPV N . 14.27 -24.17 -4.84
H23 DPV N . 15.44 -22.30 -6.02
H23A DPV N . 13.68 -22.20 -6.21
H23B DPV N . 14.69 -22.81 -7.54
N DPV O . 17.48 -25.86 13.70
P DPV O . 17.60 -27.90 9.44
C1 DPV O . 19.58 -26.21 9.05
C2 DPV O . 20.33 -25.95 7.72
C3 DPV O . 20.94 -24.52 7.70
C4 DPV O . 16.85 -27.76 11.93
C5 DPV O . 17.38 -27.40 13.36
C6 DPV O . 16.09 -25.20 13.72
C7 DPV O . 18.41 -25.11 12.73
C8 DPV O . 18.08 -25.74 15.11
C15 DPV O . 21.72 -24.24 6.38
C16 DPV O . 22.12 -22.74 6.26
C17 DPV O . 23.17 -22.46 5.12
C18 DPV O . 22.68 -22.68 3.66
C19 DPV O . 21.72 -21.56 3.16
O1P DPV O . 17.22 -29.31 9.18
C20 DPV O . 21.47 -21.68 1.62
C21 DPV O . 20.43 -20.63 1.10
C22 DPV O . 21.02 -19.19 0.90
C23 DPV O . 21.89 -19.08 -0.38
O2P DPV O . 16.64 -26.96 8.84
O3P DPV O . 19.13 -27.59 9.06
O4P DPV O . 17.92 -27.62 10.97
H1 DPV O . 20.25 -26.06 9.90
H1A DPV O . 18.72 -25.55 9.14
H2 DPV O . 21.12 -26.69 7.59
H2A DPV O . 19.64 -26.06 6.88
H3 DPV O . 21.61 -24.39 8.55
H3A DPV O . 20.14 -23.78 7.80
H4 DPV O . 16.49 -28.79 11.92
H4A DPV O . 16.03 -27.09 11.65
H5 DPV O . 16.73 -27.85 14.11
H5A DPV O . 18.38 -27.82 13.49
H6 DPV O . 15.43 -25.75 14.40
H6A DPV O . 15.67 -25.22 12.70
H6B DPV O . 16.19 -24.16 14.06
H7 DPV O . 19.38 -25.62 12.70
H7A DPV O . 18.53 -24.08 13.07
H7B DPV O . 17.96 -25.12 11.74
H8 DPV O . 19.09 -26.18 15.11
H8A DPV O . 17.43 -26.27 15.82
H8B DPV O . 18.14 -24.67 15.38
H15 DPV O . 21.10 -24.51 5.53
H15A DPV O . 22.61 -24.87 6.36
H16 DPV O . 21.23 -22.14 6.08
H16A DPV O . 22.54 -22.40 7.20
H17 DPV O . 23.52 -21.43 5.23
H17A DPV O . 24.04 -23.10 5.29
H18 DPV O . 23.55 -22.71 3.01
H18A DPV O . 22.19 -23.66 3.57
H19 DPV O . 20.76 -21.64 3.69
H19A DPV O . 22.15 -20.59 3.39
H20 DPV O . 22.42 -21.57 1.10
H20A DPV O . 21.10 -22.68 1.40
H21 DPV O . 20.03 -20.99 0.15
H21A DPV O . 19.59 -20.58 1.79
H22 DPV O . 20.20 -18.49 0.81
H22A DPV O . 21.62 -18.90 1.77
H23 DPV O . 22.79 -19.70 -0.31
H23A DPV O . 22.20 -18.05 -0.53
H23B DPV O . 21.33 -19.39 -1.26
N DPV P . 25.73 -16.89 13.51
P DPV P . 21.82 -20.25 12.55
C1 DPV P . 19.42 -19.98 11.48
C2 DPV P . 18.75 -21.28 11.97
C3 DPV P . 17.53 -21.69 11.09
C4 DPV P . 23.88 -18.77 13.15
C5 DPV P . 24.22 -17.31 13.62
C6 DPV P . 26.23 -16.91 12.05
C7 DPV P . 26.64 -17.78 14.37
C8 DPV P . 25.84 -15.44 14.02
C15 DPV P . 17.95 -22.37 9.76
C16 DPV P . 16.75 -22.61 8.81
C17 DPV P . 17.21 -23.42 7.57
C18 DPV P . 16.12 -23.52 6.47
C19 DPV P . 16.51 -24.54 5.35
O1P DPV P . 22.34 -20.73 11.25
C20 DPV P . 17.68 -24.04 4.43
C21 DPV P . 18.02 -25.09 3.33
C22 DPV P . 19.12 -24.55 2.40
C23 DPV P . 19.55 -25.59 1.34
O2P DPV P . 21.85 -21.28 13.59
O3P DPV P . 20.40 -19.50 12.44
O4P DPV P . 22.44 -18.86 13.01
H1 DPV P . 19.93 -20.14 10.52
H1A DPV P . 18.67 -19.20 11.36
H2 DPV P . 19.49 -22.10 11.99
H2A DPV P . 18.42 -21.14 13.00
H3 DPV P . 16.92 -20.80 10.88
H3A DPV P . 16.90 -22.37 11.65
H4 DPV P . 24.34 -18.98 12.19
H4A DPV P . 24.22 -19.50 13.89
H5 DPV P . 23.64 -16.60 13.02
H5A DPV P . 23.91 -17.19 14.67
H6 DPV P . 27.25 -16.52 12.03
H6A DPV P . 25.57 -16.28 11.45
H6B DPV P . 26.21 -17.94 11.69
H7 DPV P . 26.29 -17.74 15.42
H7A DPV P . 27.67 -17.40 14.31
H7B DPV P . 26.59 -18.81 14.01
H8 DPV P . 25.51 -15.41 15.07
H8A DPV P . 25.21 -14.80 13.41
H8B DPV P . 26.89 -15.12 13.95
H15 DPV P . 18.44 -23.32 9.99
H15A DPV P . 18.70 -21.74 9.25
H16 DPV P . 15.96 -23.14 9.33
H16A DPV P . 16.35 -21.64 8.48
H17 DPV P . 18.10 -22.98 7.15
H17A DPV P . 17.47 -24.44 7.90
H18 DPV P . 15.18 -23.86 6.92
H18A DPV P . 15.94 -22.54 6.04
H19 DPV P . 16.76 -25.50 5.79
H19A DPV P . 15.63 -24.69 4.71
H20 DPV P . 17.39 -23.11 3.96
H20A DPV P . 18.57 -23.86 5.04
H21 DPV P . 18.37 -26.01 3.81
H21A DPV P . 17.13 -25.33 2.75
H22 DPV P . 18.76 -23.65 1.89
H22A DPV P . 20.00 -24.27 2.97
H23 DPV P . 20.32 -25.17 0.68
H23A DPV P . 18.70 -25.88 0.72
H23B DPV P . 19.95 -26.48 1.81
N DPV Q . 26.09 -3.41 9.58
P DPV Q . 25.78 -8.17 10.19
C1 DPV Q . 24.73 -9.33 8.09
C2 DPV Q . 24.91 -9.44 6.56
C3 DPV Q . 23.58 -9.91 5.92
C4 DPV Q . 25.10 -5.81 9.18
C5 DPV Q . 25.55 -4.73 10.21
C6 DPV Q . 24.99 -2.64 8.82
C7 DPV Q . 27.29 -3.66 8.65
C8 DPV Q . 26.58 -2.51 10.74
C15 DPV Q . 23.75 -10.45 4.48
C16 DPV Q . 22.37 -10.94 3.95
C17 DPV Q . 22.49 -11.85 2.70
C18 DPV Q . 21.12 -12.49 2.35
C19 DPV Q . 21.25 -13.50 1.18
O1P DPV Q . 27.07 -7.66 10.70
C20 DPV Q . 19.89 -14.18 0.82
C21 DPV Q . 19.50 -15.33 1.79
C22 DPV Q . 18.11 -15.93 1.43
C23 DPV Q . 17.75 -17.09 2.38
O2P DPV Q . 25.25 -9.25 11.05
O3P DPV Q . 25.83 -8.57 8.64
O4P DPV Q . 24.70 -7.00 9.90
H1 DPV Q . 23.80 -8.81 8.32
H1A DPV Q . 24.72 -10.32 8.55
H2 DPV Q . 25.20 -8.48 6.15
H2A DPV Q . 25.70 -10.16 6.35
H3 DPV Q . 22.88 -9.06 5.92
H3A DPV Q . 23.14 -10.69 6.54
H4 DPV Q . 24.23 -5.45 8.61
H4A DPV Q . 25.90 -6.06 8.49
H5 DPV Q . 24.72 -4.47 10.86
H5A DPV Q . 26.34 -5.14 10.83
H6 DPV Q . 24.14 -2.46 9.48
H6A DPV Q . 24.67 -3.27 7.97
H6B DPV Q . 25.40 -1.70 8.46
H7 DPV Q . 28.02 -4.26 9.18
H7A DPV Q . 27.72 -2.70 8.37
H7B DPV Q . 26.93 -4.18 7.76
H8 DPV Q . 27.37 -3.04 11.28
H8A DPV Q . 25.74 -2.32 11.41
H8B DPV Q . 26.96 -1.58 10.33
H15 DPV Q . 24.46 -11.27 4.48
H15A DPV Q . 24.15 -9.67 3.82
H16 DPV Q . 21.87 -11.50 4.74
H16A DPV Q . 21.74 -10.08 3.72
H17 DPV Q . 22.85 -11.26 1.86
H17A DPV Q . 23.23 -12.64 2.89
H18 DPV Q . 20.73 -13.00 3.24
H18A DPV Q . 20.43 -11.70 2.08
H19 DPV Q . 21.62 -12.98 0.30
H19A DPV Q . 21.99 -14.26 1.43
H20 DPV Q . 19.10 -13.43 0.79
H20A DPV Q . 19.97 -14.59 -0.19
H21 DPV Q . 20.26 -16.11 1.76
H21A DPV Q . 19.47 -14.95 2.82
H22 DPV Q . 17.36 -15.16 1.49
H22A DPV Q . 18.14 -16.30 0.40
H23 DPV Q . 16.77 -17.49 2.11
H23A DPV Q . 17.70 -16.75 3.41
H23B DPV Q . 18.47 -17.90 2.30
N DPV R . 9.72 -5.54 15.36
P DPV R . 8.20 -7.53 11.16
C1 DPV R . 10.52 -8.11 10.05
C2 DPV R . 11.58 -7.51 9.11
C3 DPV R . 12.81 -8.45 8.94
C4 DPV R . 8.76 -5.60 12.87
C5 DPV R . 9.89 -5.14 13.85
C6 DPV R . 8.45 -4.96 15.98
C7 DPV R . 10.91 -4.97 16.14
C8 DPV R . 9.74 -7.06 15.55
C15 DPV R . 13.89 -7.80 8.04
C16 DPV R . 15.11 -8.73 7.76
C17 DPV R . 15.02 -9.51 6.40
C18 DPV R . 14.27 -10.87 6.51
C19 DPV R . 14.20 -11.61 5.13
O1P DPV R . 7.94 -8.98 11.27
C20 DPV R . 12.82 -11.45 4.41
C21 DPV R . 11.79 -12.52 4.88
C22 DPV R . 10.42 -12.37 4.16
C23 DPV R . 9.39 -13.39 4.67
O2P DPV R . 6.97 -6.78 10.86
O3P DPV R . 9.41 -7.16 10.17
O4P DPV R . 9.03 -6.95 12.41
H1 DPV R . 10.14 -9.05 9.63
H1A DPV R . 10.95 -8.29 11.03
H2 DPV R . 11.13 -7.30 8.14
H2A DPV R . 11.91 -6.55 9.52
H3 DPV R . 12.47 -9.39 8.51
H3A DPV R . 13.24 -8.67 9.92
H4 DPV R . 7.77 -5.57 13.35
H4A DPV R . 8.74 -4.93 12.00
H5 DPV R . 10.85 -5.53 13.51
H5A DPV R . 9.94 -4.05 13.83
H6 DPV R . 7.57 -5.38 15.46
H6A DPV R . 8.45 -3.87 15.87
H6B DPV R . 8.40 -5.23 17.04
H7 DPV R . 11.84 -5.33 15.70
H7A DPV R . 10.85 -5.28 17.18
H7B DPV R . 10.88 -3.87 16.08
H8 DPV R . 10.68 -7.46 15.15
H8A DPV R . 8.90 -7.50 15.02
H8B DPV R . 9.67 -7.30 16.62
H15 DPV R . 14.25 -6.89 8.53
H15A DPV R . 13.45 -7.48 7.10
H16 DPV R . 16.00 -8.09 7.71
H16A DPV R . 15.27 -9.42 8.59
H17 DPV R . 14.55 -8.88 5.64
H17A DPV R . 16.03 -9.70 6.06
H18 DPV R . 14.80 -11.51 7.22
H18A DPV R . 13.26 -10.71 6.90
H19 DPV R . 14.98 -11.23 4.47
H19A DPV R . 14.41 -12.67 5.28
H20 DPV R . 12.42 -10.45 4.58
H20A DPV R . 12.97 -11.55 3.34
H21 DPV R . 12.18 -13.52 4.68
H21A DPV R . 11.64 -12.44 5.96
H22 DPV R . 10.04 -11.36 4.33
H22A DPV R . 10.55 -12.49 3.08
H23 DPV R . 8.42 -13.23 4.19
H23A DPV R . 9.26 -13.29 5.75
H23B DPV R . 9.72 -14.41 4.46
N DPV S . 3.84 -7.72 13.60
P DPV S . 4.58 -12.70 13.68
C1 DPV S . 7.15 -12.75 13.19
C2 DPV S . 8.12 -12.91 12.02
C3 DPV S . 9.58 -13.20 12.50
C4 DPV S . 4.52 -10.18 12.90
C5 DPV S . 3.52 -9.26 13.67
C6 DPV S . 3.82 -7.19 12.15
C7 DPV S . 5.20 -7.40 14.24
C8 DPV S . 2.75 -6.98 14.39
C15 DPV S . 10.48 -13.74 11.36
C16 DPV S . 11.09 -12.60 10.45
C17 DPV S . 11.52 -13.12 9.04
C18 DPV S . 12.71 -14.13 9.06
C19 DPV S . 12.98 -14.73 7.66
O1P DPV S . 4.96 -12.30 15.05
C20 DPV S . 14.07 -15.84 7.70
C21 DPV S . 14.25 -16.50 6.30
C22 DPV S . 15.33 -17.62 6.28
C23 DPV S . 14.82 -18.95 6.89
O2P DPV S . 3.74 -13.92 13.68
O3P DPV S . 5.80 -12.79 12.66
O4P DPV S . 3.95 -11.51 12.82
H1 DPV S . 7.27 -13.57 13.90
H1A DPV S . 7.31 -11.80 13.70
H2 DPV S . 7.79 -13.74 11.39
H2A DPV S . 8.11 -12.00 11.41
H3 DPV S . 9.55 -13.96 13.29
H3A DPV S . 10.01 -12.30 12.95
H4 DPV S . 4.68 -9.81 11.88
H4A DPV S . 5.48 -10.22 13.42
H5 DPV S . 2.51 -9.39 13.25
H5A DPV S . 3.49 -9.55 14.72
H6 DPV S . 2.87 -7.47 11.69
H6A DPV S . 4.65 -7.65 11.60
H6B DPV S . 3.95 -6.11 12.16
H7 DPV S . 5.20 -7.77 15.27
H7A DPV S . 5.34 -6.31 14.23
H7B DPV S . 6.00 -7.88 13.66
H8 DPV S . 2.79 -7.31 15.44
H8A DPV S . 1.78 -7.21 13.96
H8B DPV S . 2.94 -5.90 14.34
H15 DPV S . 9.92 -14.45 10.75
H15A DPV S . 11.32 -14.30 11.81
H16 DPV S . 10.35 -11.82 10.31
H16A DPV S . 11.94 -12.14 10.96
H17 DPV S . 10.66 -13.59 8.56
H17A DPV S . 11.80 -12.26 8.43
H18 DPV S . 13.61 -13.63 9.42
H18A DPV S . 12.50 -14.94 9.77
H19 DPV S . 12.05 -15.15 7.27
H19A DPV S . 13.29 -13.94 6.99
H20 DPV S . 15.01 -15.40 8.02
H20A DPV S . 13.78 -16.60 8.43
H21 DPV S . 13.29 -16.90 5.95
H21A DPV S . 14.54 -15.72 5.58
H22 DPV S . 15.62 -17.80 5.25
H22A DPV S . 16.22 -17.28 6.81
H23 DPV S . 15.60 -19.72 6.80
H23A DPV S . 13.93 -19.30 6.38
H23B DPV S . 14.60 -18.83 7.96
N DPV T . 13.19 3.00 5.99
P DPV T . 14.06 -0.82 9.07
C1 DPV T . 15.25 -2.38 7.32
C2 DPV T . 15.66 -3.86 7.18
C3 DPV T . 16.23 -4.14 5.78
C4 DPV T . 12.80 0.92 7.60
C5 DPV T . 13.64 1.57 6.45
C6 DPV T . 13.38 4.04 7.09
C7 DPV T . 11.72 2.99 5.52
C8 DPV T . 14.04 3.39 4.78
C15 DPV T . 16.93 -5.53 5.69
C16 DPV T . 17.66 -5.73 4.32
C17 DPV T . 16.71 -6.20 3.19
C18 DPV T . 17.47 -6.30 1.84
C19 DPV T . 16.60 -6.95 0.73
O1P DPV T . 15.27 0.01 9.27
C20 DPV T . 17.33 -6.95 -0.64
C21 DPV T . 16.75 -7.96 -1.66
C22 DPV T . 15.41 -7.51 -2.32
C23 DPV T . 15.01 -8.44 -3.49
O2P DPV T . 13.22 -0.88 10.28
O3P DPV T . 14.38 -2.27 8.48
O4P DPV T . 13.23 -0.44 7.77
H1 DPV T . 16.14 -1.77 7.47
H1A DPV T . 14.71 -2.05 6.43
H2 DPV T . 16.42 -4.08 7.93
H2A DPV T . 14.80 -4.51 7.36
H3 DPV T . 16.96 -3.37 5.53
H3A DPV T . 15.42 -4.09 5.04
H4 DPV T . 12.95 1.48 8.54
H4A DPV T . 11.74 0.92 7.34
H5 DPV T . 14.69 1.65 6.77
H5A DPV T . 13.60 0.92 5.57
H6 DPV T . 13.10 5.02 6.71
H6A DPV T . 14.44 4.04 7.39
H6B DPV T . 12.76 3.78 7.95
H7 DPV T . 11.62 2.29 4.68
H7A DPV T . 11.44 3.99 5.21
H7B DPV T . 11.08 2.67 6.35
H8 DPV T . 13.95 2.60 4.02
H8A DPV T . 15.08 3.49 5.09
H8B DPV T . 13.67 4.34 4.37
H15 DPV T . 16.20 -6.33 5.84
H15A DPV T . 17.67 -5.60 6.49
H16 DPV T . 18.16 -4.79 4.03
H16A DPV T . 18.45 -6.47 4.45
H17 DPV T . 16.28 -7.17 3.45
H17A DPV T . 15.88 -5.49 3.07
H18 DPV T . 17.78 -5.30 1.52
H18A DPV T . 18.37 -6.90 1.98
H19 DPV T . 16.35 -7.97 1.02
H19A DPV T . 15.65 -6.40 0.63
H20 DPV T . 17.30 -5.93 -1.05
H20A DPV T . 18.38 -7.19 -0.49
H21 DPV T . 17.49 -8.09 -2.45
H21A DPV T . 16.61 -8.94 -1.19
H22 DPV T . 14.62 -7.50 -1.57
H22A DPV T . 15.51 -6.49 -2.70
H23 DPV T . 14.04 -8.14 -3.89
H23A DPV T . 14.94 -9.48 -3.15
H23B DPV T . 15.74 -8.38 -4.30
N DPV U . 10.80 3.18 11.48
P DPV U . 8.68 4.68 6.89
C1 DPV U . 7.18 2.52 6.69
C2 DPV U . 7.29 1.08 6.15
C3 DPV U . 8.62 0.39 6.56
C4 DPV U . 9.52 3.98 9.30
C5 DPV U . 10.64 3.09 9.93
C6 DPV U . 9.53 2.70 12.22
C7 DPV U . 11.16 4.62 11.94
C8 DPV U . 11.96 2.26 11.88
C15 DPV U . 8.73 -1.06 6.02
C16 DPV U . 10.16 -1.62 6.23
C17 DPV U . 10.28 -3.10 5.79
C18 DPV U . 11.75 -3.60 5.95
C19 DPV U . 11.90 -5.15 5.83
O1P DPV U . 7.55 5.36 7.59
C20 DPV U . 11.90 -5.67 4.36
C21 DPV U . 12.06 -7.22 4.32
C22 DPV U . 11.98 -7.82 2.89
C23 DPV U . 13.32 -7.73 2.13
O2P DPV U . 9.45 5.61 6.05
O3P DPV U . 8.24 3.34 6.12
O4P DPV U . 9.61 3.81 7.87
H1 DPV U . 6.21 2.96 6.43
H1A DPV U . 7.28 2.51 7.79
H2 DPV U . 6.44 0.49 6.53
H2A DPV U . 7.20 1.10 5.06
H3 DPV U . 8.70 0.38 7.65
H3A DPV U . 9.45 0.99 6.18
H4 DPV U . 8.54 3.66 9.64
H4A DPV U . 9.69 5.03 9.55
H5 DPV U . 10.44 2.04 9.69
H5A DPV U . 11.61 3.37 9.50
H6 DPV U . 9.71 2.70 13.29
H6A DPV U . 9.30 1.68 11.87
H6B DPV U . 8.69 3.37 11.97
H7 DPV U . 12.06 4.94 11.41
H7A DPV U . 11.33 4.61 13.01
H7B DPV U . 10.32 5.28 11.70
H8 DPV U . 12.10 2.30 12.97
H8A DPV U . 12.86 2.59 11.37
H8B DPV U . 11.71 1.23 11.58
H15 DPV U . 8.49 -1.08 4.96
H15A DPV U . 8.00 -1.69 6.54
H16 DPV U . 10.87 -1.01 5.67
H16A DPV U . 10.42 -1.54 7.30
H17 DPV U . 9.62 -3.72 6.40
H17A DPV U . 9.97 -3.20 4.75
H18 DPV U . 12.39 -3.10 5.21
H18A DPV U . 12.12 -3.30 6.93
H19 DPV U . 12.84 -5.43 6.30
H19A DPV U . 11.10 -5.64 6.40
H20 DPV U . 10.97 -5.38 3.87
H20A DPV U . 12.73 -5.21 3.81
H21 DPV U . 12.99 -7.51 4.80
H21A DPV U . 11.25 -7.67 4.92
H22 DPV U . 11.70 -8.87 2.96
H22A DPV U . 11.21 -7.32 2.31
H23 DPV U . 13.22 -8.19 1.15
H23A DPV U . 14.11 -8.26 2.68
H23B DPV U . 13.62 -6.70 2.00
N DPV V . 1.41 4.69 -11.01
P DPV V . 1.29 1.31 -8.53
C1 DPV V . 2.81 -0.77 -8.16
C2 DPV V . 3.94 -1.23 -7.22
C3 DPV V . 4.14 -2.77 -7.33
C4 DPV V . 1.28 3.92 -8.45
C5 DPV V . 1.66 5.03 -9.49
C6 DPV V . 1.49 6.00 -11.79
C7 DPV V . 0.02 4.06 -11.28
C8 DPV V . 2.52 3.76 -11.54
C15 DPV V . 5.30 -3.26 -6.42
C16 DPV V . 5.59 -4.77 -6.61
C17 DPV V . 6.79 -5.24 -5.76
C18 DPV V . 7.26 -6.67 -6.15
C19 DPV V . 8.40 -7.17 -5.22
O1P DPV V . 0.25 1.31 -7.50
C20 DPV V . 8.97 -8.54 -5.68
C21 DPV V . 10.02 -9.09 -4.67
C22 DPV V . 10.73 -10.36 -5.22
C23 DPV V . 11.80 -10.90 -4.24
O2P DPV V . 0.79 0.75 -9.80
O3P DPV V . 2.66 0.67 -8.04
O4P DPV V . 2.03 2.70 -8.70
H1 DPV V . 3.07 -1.00 -9.20
H1A DPV V . 1.87 -1.25 -7.89
H2 DPV V . 4.86 -0.72 -7.47
H2A DPV V . 3.67 -0.97 -6.19
H3 DPV V . 4.38 -3.02 -8.36
H3A DPV V . 3.22 -3.28 -7.07
H4 DPV V . 1.50 4.26 -7.44
H4A DPV V . 0.21 3.70 -8.51
H5 DPV V . 1.07 5.92 -9.26
H5A DPV V . 2.71 5.29 -9.38
H6 DPV V . 1.35 5.80 -12.85
H6A DPV V . 2.47 6.46 -11.61
H6B DPV V . 0.70 6.68 -11.44
H7 DPV V . -0.11 3.94 -12.36
H7A DPV V . -0.75 4.73 -10.87
H7B DPV V . -0.03 3.09 -10.79
H8 DPV V . 2.44 2.78 -11.06
H8A DPV V . 3.49 4.21 -11.35
H8B DPV V . 2.38 3.64 -12.63
H15 DPV V . 5.03 -3.07 -5.37
H15A DPV V . 6.20 -2.69 -6.63
H16 DPV V . 4.70 -5.36 -6.35
H16A DPV V . 5.81 -4.95 -7.67
H17 DPV V . 7.62 -4.54 -5.88
H17A DPV V . 6.51 -5.21 -4.70
H18 DPV V . 6.42 -7.36 -6.09
H18A DPV V . 7.62 -6.66 -7.19
H19 DPV V . 9.22 -6.43 -5.21
H19A DPV V . 8.03 -7.25 -4.20
H20 DPV V . 8.15 -9.26 -5.78
H20A DPV V . 9.43 -8.43 -6.66
H21 DPV V . 10.77 -8.32 -4.48
H21A DPV V . 9.52 -9.33 -3.73
H22 DPV V . 9.99 -11.14 -5.41
H22A DPV V . 11.20 -10.14 -6.18
H23 DPV V . 11.35 -11.13 -3.27
H23A DPV V . 12.58 -10.15 -4.09
H23B DPV V . 12.26 -11.81 -4.64
N DPV W . -3.68 -9.08 -20.93
P DPV W . -2.25 -12.08 -17.50
C1 DPV W . -0.43 -11.62 -15.65
C2 DPV W . 0.94 -12.14 -15.18
C3 DPV W . 1.70 -11.07 -14.35
C4 DPV W . -1.90 -10.54 -19.63
C5 DPV W . -3.24 -9.73 -19.58
C6 DPV W . -5.04 -8.41 -20.69
C7 DPV W . -3.85 -10.12 -22.06
C8 DPV W . -2.70 -7.97 -21.37
C15 DPV W . 3.09 -11.59 -13.88
C16 DPV W . 3.84 -10.53 -13.02
C17 DPV W . 5.24 -11.04 -12.62
C18 DPV W . 6.02 -10.00 -11.75
C19 DPV W . 7.52 -10.41 -11.65
O1P DPV W . -3.31 -11.61 -16.59
C20 DPV W . 8.33 -9.52 -10.66
C21 DPV W . 9.84 -9.92 -10.69
C22 DPV W . 10.59 -9.44 -9.43
C23 DPV W . 12.05 -9.99 -9.41
O2P DPV W . -2.74 -13.16 -18.38
O3P DPV W . -0.88 -12.46 -16.74
O4P DPV W . -1.50 -10.90 -18.28
H1 DPV W . -1.15 -11.65 -14.84
H1A DPV W . -0.34 -10.58 -16.02
H2 DPV W . 0.79 -13.03 -14.57
H2A DPV W . 1.55 -12.41 -16.05
H3 DPV W . 1.09 -10.79 -13.46
H3A DPV W . 1.84 -10.17 -14.95
H4 DPV W . -2.03 -11.44 -20.22
H4A DPV W . -1.12 -9.92 -20.07
H5 DPV W . -4.05 -10.39 -19.25
H5A DPV W . -3.16 -8.92 -18.84
H6 DPV W . -4.92 -7.60 -19.96
H6A DPV W . -5.74 -9.17 -20.30
H6B DPV W . -5.41 -8.02 -21.64
H7 DPV W . -2.88 -10.57 -22.28
H7A DPV W . -4.24 -9.62 -22.95
H7B DPV W . -4.55 -10.89 -21.73
H8 DPV W . -3.09 -7.49 -22.27
H8A DPV W . -1.72 -8.42 -21.57
H8B DPV W . -2.62 -7.23 -20.57
H15 DPV W . 3.68 -11.84 -14.76
H15A DPV W . 2.96 -12.51 -13.30
H16 DPV W . 3.96 -9.61 -13.61
H16A DPV W . 3.26 -10.30 -12.13
H17 DPV W . 5.15 -11.97 -12.05
H17A DPV W . 5.82 -11.26 -13.52
H18 DPV W . 5.95 -9.01 -12.20
H18A DPV W . 5.57 -9.95 -10.75
H19 DPV W . 7.58 -11.45 -11.32
H19A DPV W . 7.98 -10.36 -12.63
H20 DPV W . 8.22 -8.47 -10.92
H20A DPV W . 7.92 -9.66 -9.65
H21 DPV W . 9.92 -11.01 -10.75
H21A DPV W . 10.30 -9.50 -11.58
H22 DPV W . 10.61 -8.36 -9.39
H22A DPV W . 10.08 -9.80 -8.53
H23 DPV W . 12.49 -9.82 -8.43
H23A DPV W . 12.65 -9.47 -10.15
H23B DPV W . 12.06 -11.06 -9.62
N DPV X . -12.04 -13.41 -6.18
P DPV X . -9.38 -9.31 -5.01
C1 DPV X . -7.07 -8.41 -5.88
C2 DPV X . -6.04 -8.73 -6.97
C3 DPV X . -5.56 -10.20 -6.94
C4 DPV X . -10.47 -11.70 -4.94
C5 DPV X . -10.68 -12.64 -6.16
C6 DPV X . -12.21 -14.32 -4.95
C7 DPV X . -12.05 -14.31 -7.43
C8 DPV X . -13.24 -12.46 -6.28
C15 DPV X . -4.53 -10.49 -8.06
C16 DPV X . -4.11 -11.98 -8.16
C17 DPV X . -5.11 -12.84 -9.00
C18 DPV X . -4.51 -14.20 -9.49
C19 DPV X . -3.50 -14.02 -10.66
O1P DPV X . -10.68 -8.71 -5.39
C20 DPV X . -3.00 -15.37 -11.24
C21 DPV X . -1.85 -15.14 -12.27
C22 DPV X . -1.44 -16.44 -13.02
C23 DPV X . -2.40 -16.81 -14.17
O2P DPV X . -8.93 -8.87 -3.66
O3P DPV X . -8.26 -9.21 -6.13
O4P DPV X . -9.31 -10.90 -5.22
H1 DPV X . -6.67 -8.66 -4.90
H1A DPV X . -7.34 -7.35 -5.90
H2 DPV X . -6.47 -8.50 -7.95
H2A DPV X . -5.18 -8.06 -6.85
H3 DPV X . -6.43 -10.86 -7.05
H3A DPV X . -5.12 -10.42 -5.96
H4 DPV X . -11.33 -11.05 -4.80
H4A DPV X . -10.30 -12.28 -4.02
H5 DPV X . -10.64 -12.05 -7.08
H5A DPV X . -9.89 -13.39 -6.19
H6 DPV X . -11.33 -14.96 -4.86
H6A DPV X . -13.12 -14.93 -5.07
H6B DPV X . -12.31 -13.69 -4.05
H7 DPV X . -11.92 -13.68 -8.31
H7A DPV X . -13.00 -14.84 -7.49
H7B DPV X . -11.23 -15.02 -7.36
H8 DPV X . -13.13 -11.82 -7.17
H8A DPV X . -13.28 -11.85 -5.38
H8B DPV X . -14.16 -13.05 -6.37
H15 DPV X . -3.64 -9.90 -7.86
H15A DPV X . -4.93 -10.16 -9.03
H16 DPV X . -3.13 -12.01 -8.63
H16A DPV X . -4.00 -12.41 -7.16
H17 DPV X . -5.99 -13.04 -8.40
H17A DPV X . -5.45 -12.27 -9.87
H18 DPV X . -4.03 -14.71 -8.66
H18A DPV X . -5.34 -14.84 -9.83
H19 DPV X . -3.99 -13.45 -11.47
H19A DPV X . -2.64 -13.43 -10.32
H20 DPV X . -2.63 -15.99 -10.43
H20A DPV X . -3.83 -15.89 -11.71
H21 DPV X . -2.15 -14.37 -13.01
H21A DPV X . -0.98 -14.74 -11.75
H22 DPV X . -0.44 -16.29 -13.45
H22A DPV X . -1.35 -17.27 -12.32
H23 DPV X . -1.99 -17.64 -14.75
H23A DPV X . -2.54 -15.96 -14.85
H23B DPV X . -3.38 -17.11 -13.78
N DPV Y . 1.24 -31.39 -1.07
P DPV Y . -2.49 -28.72 -0.37
C1 DPV Y . -3.68 -27.66 -2.44
C2 DPV Y . -4.08 -27.97 -3.90
C3 DPV Y . -2.83 -28.17 -4.81
C4 DPV Y . 0.00 -29.32 0.10
C5 DPV Y . 1.30 -29.90 -0.57
C6 DPV Y . 2.67 -31.82 -1.40
C7 DPV Y . 0.39 -31.52 -2.35
C8 DPV Y . 0.69 -32.37 0.00
C15 DPV Y . -3.25 -28.28 -6.31
C16 DPV Y . -2.08 -28.72 -7.26
C17 DPV Y . -0.95 -27.65 -7.40
C18 DPV Y . 0.02 -28.00 -8.56
C19 DPV Y . 1.32 -27.16 -8.50
O1P DPV Y . -3.21 -29.65 0.53
C20 DPV Y . 2.12 -27.26 -9.84
C21 DPV Y . 3.65 -27.11 -9.60
C22 DPV Y . 4.49 -27.15 -10.90
C23 DPV Y . 4.56 -25.76 -11.60
O2P DPV Y . -2.45 -27.35 0.18
O3P DPV Y . -2.99 -28.81 -1.87
O4P DPV Y . -1.07 -29.26 -0.84
H1 DPV Y . -3.03 -26.80 -2.41
H1A DPV Y . -4.58 -27.46 -1.85
H2 DPV Y . -4.69 -28.87 -3.93
H2A DPV Y . -4.68 -27.15 -4.28
H3 DPV Y . -2.29 -29.07 -4.51
H3A DPV Y . -2.15 -27.32 -4.69
H4 DPV Y . -0.30 -29.95 0.95
H4A DPV Y . 0.20 -28.30 0.47
H5 DPV Y . 1.55 -29.28 -1.44
H5A DPV Y . 2.12 -29.83 0.15
H6 DPV Y . 3.28 -31.78 -0.49
H6A DPV Y . 3.08 -31.13 -2.15
H6B DPV Y . 2.66 -32.84 -1.80
H7 DPV Y . -0.64 -31.26 -2.12
H7A DPV Y . 0.45 -32.55 -2.71
H7B DPV Y . 0.80 -30.83 -3.10
H8 DPV Y . -0.35 -32.11 0.21
H8A DPV Y . 1.30 -32.28 0.91
H8B DPV Y . 0.76 -33.39 -0.39
H15 DPV Y . -3.65 -27.33 -6.65
H15A DPV Y . -4.04 -29.02 -6.41
H16 DPV Y . -1.65 -29.66 -6.89
H16A DPV Y . -2.50 -28.92 -8.24
H17 DPV Y . -1.40 -26.67 -7.58
H17A DPV Y . -0.39 -27.59 -6.46
H18 DPV Y . 0.28 -29.06 -8.51
H18A DPV Y . -0.50 -27.83 -9.50
H19 DPV Y . 1.08 -26.10 -8.32
H19A DPV Y . 1.93 -27.51 -7.67
H20 DPV Y . 1.94 -28.23 -10.31
H20A DPV Y . 1.77 -26.49 -10.53
H21 DPV Y . 3.84 -26.18 -9.06
H21A DPV Y . 3.99 -27.92 -8.94
H22 DPV Y . 5.50 -27.47 -10.67
H22A DPV Y . 4.07 -27.87 -11.60
H23 DPV Y . 5.18 -25.84 -12.49
H23A DPV Y . 5.01 -25.03 -10.92
H23B DPV Y . 3.57 -25.42 -11.88
N DPV Z . 10.58 -34.03 2.37
P DPV Z . 11.29 -34.67 -1.97
C1 DPV Z . 10.23 -35.92 -4.00
C2 DPV Z . 8.89 -36.56 -4.44
C3 DPV Z . 8.07 -35.63 -5.38
C4 DPV Z . 11.97 -35.27 0.47
C5 DPV Z . 11.26 -35.36 1.87
C6 DPV Z . 9.42 -33.58 1.46
C7 DPV Z . 11.59 -32.88 2.53
C8 DPV Z . 9.98 -34.32 3.75
C15 DPV Z . 8.49 -35.76 -6.88
C16 DPV Z . 8.03 -34.56 -7.75
C17 DPV Z . 9.08 -33.40 -7.71
C18 DPV Z . 8.69 -32.17 -8.59
C19 DPV Z . 7.79 -31.14 -7.83
O1P DPV Z . 10.98 -33.23 -1.99
C20 DPV Z . 7.68 -29.78 -8.59
C21 DPV Z . 8.98 -28.91 -8.46
C22 DPV Z . 8.85 -27.50 -9.11
C23 DPV Z . 9.02 -27.53 -10.65
O2P DPV Z . 12.63 -34.99 -2.49
O3P DPV Z . 10.13 -35.56 -2.60
O4P DPV Z . 10.98 -35.36 -0.57
H1 DPV Z . 11.04 -36.65 -4.12
H1A DPV Z . 10.46 -35.03 -4.59
H2 DPV Z . 9.08 -37.51 -4.94
H2A DPV Z . 8.29 -36.79 -3.55
H3 DPV Z . 8.16 -34.59 -5.04
H3A DPV Z . 7.00 -35.89 -5.29
H4 DPV Z . 12.51 -34.31 0.37
H4A DPV Z . 12.67 -36.09 0.35
H5 DPV Z . 10.50 -36.13 1.84
H5A DPV Z . 12.01 -35.63 2.63
H6 DPV Z . 8.71 -34.40 1.36
H6A DPV Z . 9.83 -33.33 0.47
H6B DPV Z . 8.93 -32.70 1.89
H7 DPV Z . 12.39 -33.20 3.20
H7A DPV Z . 11.08 -32.02 2.95
H7B DPV Z . 12.00 -32.62 1.54
H8 DPV Z . 10.78 -34.63 4.42
H8A DPV Z . 9.23 -35.12 3.66
H8B DPV Z . 9.51 -33.40 4.13
H15 DPV Z . 8.06 -36.68 -7.27
H15A DPV Z . 9.58 -35.87 -6.95
H16 DPV Z . 7.90 -34.90 -8.77
H16A DPV Z . 7.05 -34.18 -7.40
H17 DPV Z . 9.25 -33.09 -6.69
H17A DPV Z . 10.02 -33.80 -8.08
H18 DPV Z . 9.62 -31.69 -8.87
H18A DPV Z . 8.21 -32.50 -9.51
H19 DPV Z . 6.80 -31.57 -7.72
H19A DPV Z . 8.19 -30.96 -6.83
H20 DPV Z . 7.45 -29.95 -9.64
H20A DPV Z . 6.84 -29.22 -8.17
H21 DPV Z . 9.22 -28.77 -7.41
H21A DPV Z . 9.83 -29.44 -8.91
H22 DPV Z . 7.89 -27.06 -8.86
H22A DPV Z . 9.62 -26.84 -8.69
H23 DPV Z . 8.96 -26.51 -11.05
H23A DPV Z . 8.22 -28.12 -11.11
H23B DPV Z . 9.98 -27.96 -10.93
N DPV AA . 15.41 -32.36 -1.99
P DPV AA . 12.82 -32.79 -6.52
C1 DPV AA . 12.88 -30.35 -7.49
C2 DPV AA . 13.75 -29.43 -8.38
C3 DPV AA . 12.99 -28.14 -8.81
C4 DPV AA . 14.25 -32.19 -4.37
C5 DPV AA . 15.14 -33.01 -3.39
C6 DPV AA . 14.10 -31.95 -1.28
C7 DPV AA . 16.34 -31.15 -2.12
C8 DPV AA . 16.11 -33.41 -1.11
C15 DPV AA . 13.85 -27.26 -9.77
C16 DPV AA . 13.06 -26.07 -10.39
C17 DPV AA . 12.95 -24.83 -9.46
C18 DPV AA . 12.25 -23.64 -10.17
C19 DPV AA . 12.03 -22.44 -9.22
O1P DPV AA . 12.55 -33.98 -7.36
C20 DPV AA . 11.41 -21.21 -9.94
C21 DPV AA . 10.98 -20.12 -8.91
C22 DPV AA . 10.56 -18.79 -9.61
C23 DPV AA . 10.03 -17.74 -8.60
O2P DPV AA . 11.62 -32.35 -5.78
O3P DPV AA . 13.56 -31.61 -7.33
O4P DPV AA . 14.12 -32.95 -5.60
H1 DPV AA . 12.72 -29.89 -6.51
H1A DPV AA . 11.91 -30.52 -7.97
H2 DPV AA . 14.65 -29.15 -7.83
H2A DPV AA . 14.05 -29.98 -9.27
H3 DPV AA . 12.71 -27.56 -7.92
H3A DPV AA . 12.06 -28.43 -9.32
H4 DPV AA . 13.25 -32.04 -3.94
H4A DPV AA . 14.70 -31.23 -4.60
H5 DPV AA . 14.65 -33.98 -3.20
H5A DPV AA . 16.10 -33.21 -3.85
H6 DPV AA . 13.47 -32.83 -1.17
H6A DPV AA . 13.59 -31.18 -1.87
H6B DPV AA . 14.35 -31.54 -0.29
H7 DPV AA . 17.26 -31.45 -2.63
H7A DPV AA . 16.58 -30.78 -1.11
H7B DPV AA . 15.84 -30.36 -2.68
H8 DPV AA . 17.05 -33.69 -1.60
H8A DPV AA . 15.46 -34.29 -1.02
H8B DPV AA . 16.31 -32.97 -0.13
H15 DPV AA . 14.22 -27.89 -10.58
H15A DPV AA . 14.73 -26.89 -9.23
H16 DPV AA . 13.57 -25.77 -11.31
H16A DPV AA . 12.06 -26.41 -10.68
H17 DPV AA . 12.37 -25.11 -8.57
H17A DPV AA . 13.95 -24.53 -9.13
H18 DPV AA . 12.87 -23.32 -11.02
H18A DPV AA . 11.30 -23.96 -10.58
H19 DPV AA . 11.37 -22.76 -8.40
H19A DPV AA . 12.97 -22.15 -8.77
H20 DPV AA . 12.15 -20.80 -10.63
H20A DPV AA . 10.54 -21.51 -10.52
H21 DPV AA . 10.15 -20.49 -8.31
H21A DPV AA . 11.81 -19.91 -8.22
H22 DPV AA . 11.41 -18.37 -10.14
H22A DPV AA . 9.78 -19.00 -10.35
H23 DPV AA . 10.82 -17.43 -7.91
H23A DPV AA . 9.20 -18.15 -8.03
H23B DPV AA . 9.69 -16.85 -9.13
N DPV BA . 3.36 -31.17 5.28
P DPV BA . 4.71 -29.13 1.24
C1 DPV BA . 5.51 -28.57 -1.17
C2 DPV BA . 5.51 -29.14 -2.61
C3 DPV BA . 6.57 -28.45 -3.53
C4 DPV BA . 3.23 -30.78 2.67
C5 DPV BA . 4.12 -30.85 3.96
C6 DPV BA . 2.25 -30.14 5.58
C7 DPV BA . 4.39 -31.11 6.43
C8 DPV BA . 2.76 -32.59 5.27
C15 DPV BA . 8.00 -29.07 -3.37
C16 DPV BA . 9.04 -28.35 -4.30
C17 DPV BA . 10.43 -29.06 -4.36
C18 DPV BA . 11.36 -28.79 -3.12
C19 DPV BA . 12.11 -27.43 -3.23
O1P DPV BA . 3.81 -28.00 1.55
C20 DPV BA . 12.79 -27.01 -1.90
C21 DPV BA . 14.16 -27.71 -1.65
C22 DPV BA . 14.75 -27.29 -0.27
C23 DPV BA . 16.18 -27.82 -0.07
O2P DPV BA . 6.04 -28.98 1.86
O3P DPV BA . 4.79 -29.47 -0.31
O4P DPV BA . 4.05 -30.57 1.50
H1 DPV BA . 6.54 -28.47 -0.80
H1A DPV BA . 5.03 -27.59 -1.15
H2 DPV BA . 5.68 -30.22 -2.58
H2A DPV BA . 4.52 -28.99 -3.04
H3 DPV BA . 6.61 -27.38 -3.33
H3A DPV BA . 6.26 -28.57 -4.57
H4 DPV BA . 2.69 -31.73 2.54
H4A DPV BA . 2.50 -29.97 2.75
H5 DPV BA . 4.89 -31.62 3.83
H5A DPV BA . 4.62 -29.88 4.09
H6 DPV BA . 1.47 -30.23 4.84
H6A DPV BA . 2.68 -29.15 5.57
H6B DPV BA . 1.83 -30.35 6.58
H7 DPV BA . 5.16 -31.85 6.24
H7A DPV BA . 3.88 -31.33 7.37
H7B DPV BA . 4.82 -30.12 6.46
H8 DPV BA . 2.00 -32.64 4.49
H8A DPV BA . 2.32 -32.79 6.24
H8B DPV BA . 3.56 -33.30 5.06
H15 DPV BA . 7.97 -30.13 -3.62
H15A DPV BA . 8.33 -28.97 -2.33
H16 DPV BA . 8.63 -28.31 -5.30
H16A DPV BA . 9.16 -27.31 -3.97
H17 DPV BA . 10.28 -30.14 -4.46
H17A DPV BA . 10.95 -28.75 -5.27
H18 DPV BA . 10.75 -28.82 -2.21
H18A DPV BA . 12.08 -29.60 -3.05
H19 DPV BA . 12.85 -27.48 -4.03
H19A DPV BA . 11.40 -26.65 -3.50
H20 DPV BA . 12.95 -25.92 -1.91
H20A DPV BA . 12.12 -27.22 -1.05
H21 DPV BA . 14.04 -28.79 -1.68
H21A DPV BA . 14.85 -27.43 -2.45
H22 DPV BA . 14.77 -26.21 -0.20
H22A DPV BA . 14.11 -27.67 0.53
H23 DPV BA . 16.59 -27.43 0.86
H23A DPV BA . 16.82 -27.51 -0.89
H23B DPV BA . 16.18 -28.92 -0.02
N DPV CA . 30.11 -8.24 7.31
P DPV CA . 28.80 -12.92 8.42
C1 DPV CA . 27.07 -13.96 6.76
C2 DPV CA . 26.46 -13.15 5.59
C3 DPV CA . 26.03 -14.02 4.37
C4 DPV CA . 28.62 -10.36 7.82
C5 DPV CA . 29.96 -9.60 8.07
C6 DPV CA . 31.48 -7.63 7.68
C7 DPV CA . 29.02 -7.24 7.73
C8 DPV CA . 30.09 -8.41 5.78
C15 DPV CA . 24.66 -14.73 4.59
C16 DPV CA . 24.27 -15.64 3.39
C17 DPV CA . 22.81 -16.20 3.50
C18 DPV CA . 22.67 -17.36 4.54
C19 DPV CA . 21.17 -17.65 4.86
O1P DPV CA . 29.86 -13.04 7.39
C20 DPV CA . 21.02 -18.71 6.00
C21 DPV CA . 19.56 -18.78 6.57
C22 DPV CA . 18.78 -20.07 6.17
C23 DPV CA . 18.22 -20.03 4.73
O2P DPV CA . 29.06 -13.78 9.59
O3P DPV CA . 27.31 -13.05 7.85
O4P DPV CA . 28.49 -11.41 8.82
H1 DPV CA . 26.36 -14.72 7.09
H1A DPV CA . 28.00 -14.44 6.44
H2 DPV CA . 25.59 -12.59 5.97
H2A DPV CA . 27.19 -12.41 5.26
H3 DPV CA . 26.81 -14.76 4.16
H3A DPV CA . 25.95 -13.38 3.49
H4 DPV CA . 27.78 -9.68 7.94
H4A DPV CA . 28.59 -10.80 6.82
H5 DPV CA . 30.06 -9.39 9.13
H5A DPV CA . 30.80 -10.24 7.77
H6 DPV CA . 32.27 -8.33 7.38
H6A DPV CA . 31.50 -7.48 8.77
H6B DPV CA . 31.60 -6.67 7.16
H7 DPV CA . 28.04 -7.63 7.43
H7A DPV CA . 29.19 -6.29 7.23
H7B DPV CA . 29.05 -7.11 8.81
H8 DPV CA . 30.18 -7.44 5.31
H8A DPV CA . 29.13 -8.86 5.50
H8B DPV CA . 30.91 -9.06 5.47
H15 DPV CA . 23.88 -13.97 4.74
H15A DPV CA . 24.70 -15.34 5.51
H16 DPV CA . 24.33 -15.06 2.46
H16A DPV CA . 24.98 -16.47 3.30
H17 DPV CA . 22.14 -15.39 3.77
H17A DPV CA . 22.50 -16.58 2.52
H18 DPV CA . 23.14 -18.27 4.14
H18A DPV CA . 23.19 -17.10 5.46
H19 DPV CA . 20.70 -16.72 5.17
H19A DPV CA . 20.66 -18.00 3.96
H20 DPV CA . 21.35 -19.69 5.64
H20A DPV CA . 21.69 -18.44 6.82
H21 DPV CA . 19.63 -18.76 7.66
H21A DPV CA . 18.99 -17.90 6.27
H22 DPV CA . 19.41 -20.95 6.29
H22A DPV CA . 17.94 -20.20 6.86
H23 DPV CA . 17.56 -19.18 4.60
H23A DPV CA . 17.66 -20.95 4.52
H23B DPV CA . 19.04 -19.96 4.00
N DPV DA . 31.40 -21.27 4.01
P DPV DA . 30.25 -23.86 -0.36
C1 DPV DA . 27.69 -24.26 -0.77
C2 DPV DA . 26.45 -23.39 -1.01
C3 DPV DA . 25.17 -24.26 -1.10
C4 DPV DA . 30.85 -22.75 1.91
C5 DPV DA . 30.61 -21.42 2.68
C6 DPV DA . 30.92 -22.27 5.08
C7 DPV DA . 31.16 -19.85 4.54
C8 DPV DA . 32.93 -21.43 3.80
C15 DPV DA . 23.91 -23.39 -1.41
C16 DPV DA . 22.66 -24.27 -1.68
C17 DPV DA . 21.41 -23.40 -1.98
C18 DPV DA . 20.16 -24.26 -2.36
C19 DPV DA . 18.86 -23.55 -1.94
O1P DPV DA . 31.43 -23.51 -1.18
C20 DPV DA . 17.58 -24.31 -2.41
C21 DPV DA . 16.29 -23.96 -1.60
C22 DPV DA . 15.87 -22.44 -1.61
C23 DPV DA . 15.30 -21.98 -2.97
O2P DPV DA . 30.30 -25.26 0.10
O3P DPV DA . 28.87 -23.45 -1.04
O4P DPV DA . 29.95 -22.81 0.79
H1 DPV DA . 27.72 -24.59 0.27
H1A DPV DA . 27.71 -25.12 -1.44
H2 DPV DA . 26.35 -22.66 -0.21
H2A DPV DA . 26.58 -22.83 -1.94
H3 DPV DA . 25.02 -24.80 -0.16
H3A DPV DA . 25.29 -25.01 -1.89
H4 DPV DA . 31.89 -22.78 1.53
H4A DPV DA . 30.67 -23.61 2.55
H5 DPV DA . 30.87 -20.57 2.04
H5A DPV DA . 29.54 -21.34 2.93
H6 DPV DA . 31.15 -23.28 4.74
H6A DPV DA . 29.84 -22.16 5.20
H6B DPV DA . 31.44 -22.07 6.02
H7 DPV DA . 31.51 -19.12 3.80
H7A DPV DA . 31.72 -19.72 5.47
H7B DPV DA . 30.09 -19.72 4.73
H8 DPV DA . 33.27 -20.71 3.05
H8A DPV DA . 33.13 -22.45 3.46
H8B DPV DA . 33.44 -21.25 4.76
H15 DPV DA . 24.11 -22.76 -2.28
H15A DPV DA . 23.71 -22.73 -0.56
H16 DPV DA . 22.86 -24.93 -2.54
H16A DPV DA . 22.47 -24.90 -0.82
H17 DPV DA . 21.19 -22.80 -1.09
H17A DPV DA . 21.63 -22.70 -2.79
H18 DPV DA . 20.17 -24.43 -3.44
H18A DPV DA . 20.22 -25.23 -1.87
H19 DPV DA . 18.84 -23.46 -0.85
H19A DPV DA . 18.83 -22.54 -2.34
H20 DPV DA . 17.42 -24.12 -3.48
H20A DPV DA . 17.75 -25.39 -2.31
H21 DPV DA . 15.46 -24.56 -1.97
H21A DPV DA . 16.45 -24.25 -0.55
H22 DPV DA . 15.11 -22.29 -0.85
H22A DPV DA . 16.72 -21.81 -1.34
H23 DPV DA . 15.07 -20.92 -2.95
H23A DPV DA . 14.37 -22.51 -3.19
H23B DPV DA . 16.02 -22.17 -3.77
N DPV EA . 31.33 -4.00 2.36
P DPV EA . 26.92 -5.26 4.90
C1 DPV EA . 24.94 -6.20 3.49
C2 DPV EA . 24.68 -7.02 2.21
C3 DPV EA . 23.18 -7.36 2.03
C4 DPV EA . 29.18 -4.44 3.85
C5 DPV EA . 30.54 -4.99 3.29
C6 DPV EA . 31.68 -2.68 3.08
C7 DPV EA . 30.55 -3.70 1.07
C8 DPV EA . 32.65 -4.67 1.96
C15 DPV EA . 22.96 -8.30 0.82
C16 DPV EA . 21.47 -8.64 0.61
C17 DPV EA . 21.30 -9.69 -0.53
C18 DPV EA . 19.82 -10.11 -0.69
C19 DPV EA . 19.66 -11.26 -1.72
O1P DPV EA . 26.58 -5.99 6.13
C20 DPV EA . 18.21 -11.80 -1.71
C21 DPV EA . 18.07 -13.11 -2.54
C22 DPV EA . 16.66 -13.74 -2.36
C23 DPV EA . 16.49 -15.01 -3.21
O2P DPV EA . 26.56 -3.83 4.99
O3P DPV EA . 26.37 -5.97 3.58
O4P DPV EA . 28.42 -5.53 4.40
H1 DPV EA . 24.43 -5.24 3.44
H1A DPV EA . 24.60 -6.75 4.37
H2 DPV EA . 25.04 -6.46 1.35
H2A DPV EA . 25.26 -7.94 2.27
H3 DPV EA . 22.63 -6.43 1.89
H3A DPV EA . 22.80 -7.84 2.94
H4 DPV EA . 29.35 -3.70 4.62
H4A DPV EA . 28.60 -3.99 3.04
H5 DPV EA . 31.20 -5.25 4.13
H5A DPV EA . 30.35 -5.89 2.71
H6 DPV EA . 32.24 -2.91 3.99
H6A DPV EA . 30.76 -2.16 3.34
H6B DPV EA . 32.29 -2.06 2.41
H7 DPV EA . 30.29 -4.63 0.59
H7A DPV EA . 31.19 -3.09 0.41
H7B DPV EA . 29.65 -3.14 1.32
H8 DPV EA . 32.42 -5.62 1.46
H8A DPV EA . 33.23 -4.87 2.86
H8B DPV EA . 33.20 -4.01 1.29
H15 DPV EA . 23.53 -9.22 0.98
H15A DPV EA . 23.36 -7.83 -0.08
H16 DPV EA . 21.05 -9.04 1.54
H16A DPV EA . 20.92 -7.74 0.36
H17 DPV EA . 21.68 -9.28 -1.47
H17A DPV EA . 21.90 -10.58 -0.29
H18 DPV EA . 19.42 -10.42 0.27
H18A DPV EA . 19.25 -9.24 -1.02
H19 DPV EA . 19.91 -10.91 -2.73
H19A DPV EA . 20.35 -12.06 -1.48
H20 DPV EA . 17.91 -12.00 -0.68
H20A DPV EA . 17.53 -11.04 -2.11
H21 DPV EA . 18.24 -12.88 -3.59
H21A DPV EA . 18.83 -13.82 -2.22
H22 DPV EA . 16.50 -13.98 -1.30
H22A DPV EA . 15.89 -13.01 -2.63
H23 DPV EA . 15.50 -15.43 -3.07
H23A DPV EA . 17.23 -15.76 -2.92
H23B DPV EA . 16.62 -14.78 -4.27
N DPV FA . 20.73 -4.42 12.97
P DPV FA . 20.92 -4.49 7.79
C1 DPV FA . 20.61 -7.03 7.27
C2 DPV FA . 19.74 -8.20 7.78
C3 DPV FA . 19.71 -9.43 6.83
C4 DPV FA . 21.19 -4.05 10.39
C5 DPV FA . 20.34 -3.68 11.64
C6 DPV FA . 22.23 -4.27 13.32
C7 DPV FA . 20.38 -5.93 12.90
C8 DPV FA . 19.91 -3.81 14.11
C15 DPV FA . 19.04 -9.12 5.47
C16 DPV FA . 18.65 -10.39 4.68
C17 DPV FA . 17.97 -10.02 3.34
C18 DPV FA . 17.35 -11.26 2.65
C19 DPV FA . 16.26 -10.85 1.63
O1P DPV FA . 20.14 -4.02 6.64
C20 DPV FA . 15.39 -12.07 1.23
C21 DPV FA . 14.13 -11.62 0.47
C22 DPV FA . 13.10 -12.77 0.37
C23 DPV FA . 11.74 -12.28 -0.17
O2P DPV FA . 22.36 -4.28 7.59
O3P DPV FA . 20.55 -5.98 8.26
O4P DPV FA . 20.39 -3.91 9.19
H1 DPV FA . 21.65 -7.34 7.12
H1A DPV FA . 20.20 -6.65 6.32
H2 DPV FA . 20.13 -8.53 8.75
H2A DPV FA . 18.72 -7.85 7.95
H3 DPV FA . 19.15 -10.23 7.33
H3A DPV FA . 20.72 -9.81 6.66
H4 DPV FA . 22.08 -3.40 10.30
H4A DPV FA . 21.53 -5.09 10.46
H5 DPV FA . 20.43 -2.60 11.83
H5A DPV FA . 19.30 -3.90 11.44
H6 DPV FA . 22.48 -3.21 13.34
H6A DPV FA . 22.83 -4.79 12.56
H6B DPV FA . 22.42 -4.71 14.30
H7 DPV FA . 19.33 -6.03 12.63
H7A DPV FA . 20.58 -6.38 13.87
H7B DPV FA . 20.99 -6.40 12.12
H8 DPV FA . 20.18 -4.32 15.05
H8A DPV FA . 18.85 -3.94 13.91
H8B DPV FA . 20.16 -2.75 14.18
H15 DPV FA . 19.72 -8.51 4.86
H15A DPV FA . 18.14 -8.53 5.63
H16 DPV FA . 19.53 -11.01 4.49
H16A DPV FA . 17.96 -11.00 5.29
H17 DPV FA . 17.17 -9.30 3.55
H17A DPV FA . 18.69 -9.54 2.67
H18 DPV FA . 18.13 -11.83 2.15
H18A DPV FA . 16.92 -11.91 3.41
H19 DPV FA . 15.62 -10.09 2.08
H19A DPV FA . 16.73 -10.42 0.75
H20 DPV FA . 15.98 -12.76 0.61
H20A DPV FA . 15.10 -12.61 2.13
H21 DPV FA . 13.66 -10.77 0.98
H21A DPV FA . 14.40 -11.28 -0.54
H22 DPV FA . 13.48 -13.56 -0.28
H22A DPV FA . 12.95 -13.21 1.36
H23 DPV FA . 11.04 -13.11 -0.17
H23A DPV FA . 11.85 -11.91 -1.19
H23B DPV FA . 11.34 -11.49 0.47
N DPV GA . 21.04 5.47 3.31
P DPV GA . 24.75 3.27 1.62
C1 DPV GA . 25.13 1.70 -0.44
C2 DPV GA . 26.04 2.57 -1.37
C3 DPV GA . 26.72 1.73 -2.50
C4 DPV GA . 23.07 3.75 3.54
C5 DPV GA . 21.55 4.07 3.82
C6 DPV GA . 21.01 5.54 1.77
C7 DPV GA . 21.87 6.64 3.88
C8 DPV GA . 19.61 5.63 3.80
C15 DPV GA . 25.77 1.40 -3.71
C16 DPV GA . 25.60 2.59 -4.69
C17 DPV GA . 24.70 2.22 -5.89
C18 DPV GA . 24.63 3.38 -6.93
C19 DPV GA . 23.75 3.06 -8.17
O1P DPV GA . 25.35 4.60 1.37
C20 DPV GA . 22.23 3.21 -7.86
C21 DPV GA . 21.35 3.14 -9.15
C22 DPV GA . 19.87 3.57 -8.91
C23 DPV GA . 19.06 2.55 -8.09
O2P DPV GA . 25.61 2.41 2.44
O3P DPV GA . 24.22 2.57 0.29
O4P DPV GA . 23.25 3.37 2.15
H1 DPV GA . 24.53 1.02 -1.05
H1A DPV GA . 25.73 1.12 0.25
H2 DPV GA . 25.46 3.39 -1.80
H2A DPV GA . 26.82 3.02 -0.75
H3 DPV GA . 27.10 0.80 -2.08
H3A DPV GA . 27.59 2.28 -2.87
H4 DPV GA . 23.69 4.62 3.75
H4A DPV GA . 23.39 2.92 4.18
H5 DPV GA . 20.92 3.31 3.35
H5A DPV GA . 21.38 4.04 4.89
H6 DPV GA . 20.36 4.77 1.39
H6A DPV GA . 22.03 5.41 1.39
H6B DPV GA . 20.64 6.54 1.47
H7 DPV GA . 21.89 6.56 4.97
H7A DPV GA . 21.40 7.59 3.59
H7B DPV GA . 22.89 6.59 3.47
H8 DPV GA . 19.59 5.59 4.89
H8A DPV GA . 18.99 4.84 3.38
H8B DPV GA . 19.22 6.60 3.46
H15 DPV GA . 24.79 1.09 -3.33
H15A DPV GA . 26.19 0.56 -4.25
H16 DPV GA . 25.15 3.44 -4.16
H16A DPV GA . 26.58 2.91 -5.04
H17 DPV GA . 25.09 1.32 -6.39
H17A DPV GA . 23.69 1.99 -5.54
H18 DPV GA . 24.28 4.30 -6.44
H18A DPV GA . 25.65 3.59 -7.29
H19 DPV GA . 24.01 3.76 -8.97
H19A DPV GA . 23.96 2.05 -8.53
H20 DPV GA . 21.91 2.43 -7.17
H20A DPV GA . 22.05 4.17 -7.37
H21 DPV GA . 21.78 3.81 -9.90
H21A DPV GA . 21.38 2.13 -9.57
H22 DPV GA . 19.85 4.55 -8.42
H22A DPV GA . 19.39 3.70 -9.88
H23 DPV GA . 19.42 2.49 -7.07
H23A DPV GA . 19.11 1.55 -8.55
H23B DPV GA . 18.00 2.85 -8.06
N DPV HA . 18.60 3.79 -16.52
P DPV HA . 21.12 5.19 -12.74
C1 DPV HA . 22.33 7.46 -12.23
C2 DPV HA . 23.52 7.92 -11.34
C3 DPV HA . 23.77 7.04 -10.05
C4 DPV HA . 19.61 5.55 -14.84
C5 DPV HA . 19.88 4.46 -15.91
C6 DPV HA . 19.05 2.88 -17.66
C7 DPV HA . 17.61 4.82 -17.11
C8 DPV HA . 17.89 2.91 -15.47
C15 DPV HA . 22.54 6.85 -9.11
C16 DPV HA . 22.09 8.15 -8.37
C17 DPV HA . 20.60 8.08 -7.90
C18 DPV HA . 20.36 7.08 -6.73
C19 DPV HA . 18.85 6.85 -6.49
O1P DPV HA . 20.08 5.51 -11.74
C20 DPV HA . 18.62 5.74 -5.43
C21 DPV HA . 17.11 5.63 -5.06
C22 DPV HA . 16.86 4.43 -4.11
C23 DPV HA . 15.36 4.28 -3.76
O2P DPV HA . 21.38 3.74 -12.80
O3P DPV HA . 22.45 6.05 -12.56
O4P DPV HA . 20.85 5.85 -14.16
H1 DPV HA . 21.39 7.63 -11.68
H1A DPV HA . 22.30 8.05 -13.15
H2 DPV HA . 24.43 7.89 -11.95
H2A DPV HA . 23.38 8.96 -11.05
H3 DPV HA . 24.59 7.47 -9.48
H3A DPV HA . 24.11 6.05 -10.37
H4 DPV HA . 19.26 6.47 -15.32
H4A DPV HA . 18.88 5.21 -14.11
H5 DPV HA . 20.44 4.90 -16.75
H5A DPV HA . 20.49 3.66 -15.49
H6 DPV HA . 19.73 2.12 -17.26
H6A DPV HA . 19.56 3.49 -18.41
H6B DPV HA . 18.17 2.40 -18.10
H7 DPV HA . 17.22 5.44 -16.30
H7A DPV HA . 16.79 4.30 -17.61
H7B DPV HA . 18.14 5.45 -17.83
H8 DPV HA . 17.06 2.38 -15.95
H8A DPV HA . 17.51 3.55 -14.67
H8B DPV HA . 18.61 2.19 -15.07
H15 DPV HA . 22.80 6.11 -8.36
H15A DPV HA . 21.71 6.44 -9.68
H16 DPV HA . 22.74 8.34 -7.51
H16A DPV HA . 22.19 9.02 -9.04
H17 DPV HA . 20.28 9.07 -7.60
H17A DPV HA . 19.97 7.79 -8.76
H18 DPV HA . 20.85 6.13 -6.94
H18A DPV HA . 20.83 7.48 -5.82
H19 DPV HA . 18.39 7.77 -6.17
H19A DPV HA . 18.38 6.54 -7.43
H20 DPV HA . 18.98 4.78 -5.81
H20A DPV HA . 19.19 5.96 -4.53
H21 DPV HA . 16.78 6.55 -4.60
H21A DPV HA . 16.53 5.48 -5.99
H22 DPV HA . 17.20 3.51 -4.58
H22A DPV HA . 17.43 4.57 -3.18
H23 DPV HA . 15.02 5.16 -3.21
H23A DPV HA . 15.22 3.40 -3.14
H23B DPV HA . 14.76 4.18 -4.66
N DPV IA . 16.40 -3.34 -22.75
P DPV IA . 18.92 -0.28 -19.28
C1 DPV IA . 17.17 -0.61 -17.35
C2 DPV IA . 15.64 -0.65 -17.22
C3 DPV IA . 15.16 -1.22 -15.85
C4 DPV IA . 17.49 -1.68 -21.00
C5 DPV IA . 17.54 -3.08 -21.70
C6 DPV IA . 16.69 -4.69 -23.42
C7 DPV IA . 16.35 -2.26 -23.85
C8 DPV IA . 15.02 -3.43 -22.07
C15 DPV IA . 15.02 -0.12 -14.76
C16 DPV IA . 14.51 -0.72 -13.42
C17 DPV IA . 14.21 0.40 -12.38
C18 DPV IA . 13.68 -0.18 -11.04
C19 DPV IA . 13.33 0.96 -10.05
O1P DPV IA . 19.99 -0.43 -18.27
C20 DPV IA . 12.70 0.43 -8.74
C21 DPV IA . 12.37 1.60 -7.77
C22 DPV IA . 11.75 1.09 -6.43
C23 DPV IA . 11.60 2.25 -5.42
O2P DPV IA . 19.27 0.72 -20.30
O3P DPV IA . 17.48 -0.02 -18.63
O4P DPV IA . 18.45 -1.68 -19.91
H1 DPV IA . 17.62 0.00 -16.55
H1A DPV IA . 17.58 -1.62 -17.30
H2 DPV IA . 15.23 0.35 -17.38
H2A DPV IA . 15.25 -1.28 -18.01
H3 DPV IA . 15.83 -2.00 -15.51
H3A DPV IA . 14.18 -1.68 -16.00
H4 DPV IA . 17.74 -0.89 -21.70
H4A DPV IA . 16.50 -1.49 -20.58
H5 DPV IA . 18.50 -3.17 -22.22
H5A DPV IA . 17.48 -3.86 -20.94
H6 DPV IA . 16.69 -5.47 -22.66
H6A DPV IA . 17.67 -4.63 -23.91
H6B DPV IA . 15.92 -4.88 -24.17
H7 DPV IA . 16.08 -1.31 -23.41
H7A DPV IA . 15.61 -2.55 -24.61
H7B DPV IA . 17.34 -2.20 -24.31
H8 DPV IA . 14.81 -2.47 -21.58
H8A DPV IA . 15.05 -4.23 -21.32
H8B DPV IA . 14.26 -3.63 -22.82
H15 DPV IA . 14.32 0.64 -15.10
H15A DPV IA . 15.99 0.36 -14.60
H16 DPV IA . 13.60 -1.30 -13.59
H16A DPV IA . 15.27 -1.40 -13.01
H17 DPV IA . 15.13 0.98 -12.19
H17A DPV IA . 13.47 1.08 -12.80
H18 DPV IA . 12.79 -0.77 -11.24
H18A DPV IA . 14.43 -0.84 -10.60
H19 DPV IA . 14.24 1.51 -9.81
H19A DPV IA . 12.64 1.66 -10.53
H20 DPV IA . 11.79 -0.13 -8.98
H20A DPV IA . 13.40 -0.26 -8.25
H21 DPV IA . 13.28 2.16 -7.56
H21A DPV IA . 11.66 2.29 -8.25
H22 DPV IA . 10.78 0.65 -6.61
H22A DPV IA . 12.40 0.33 -5.99
H23 DPV IA . 11.02 3.07 -5.86
H23A DPV IA . 12.58 2.63 -5.12
H23B DPV IA . 11.07 1.90 -4.53
N DPV JA . -6.85 -2.42 -15.33
P DPV JA . -5.25 -6.05 -17.58
C1 DPV JA . -4.14 -8.08 -16.30
C2 DPV JA . -4.04 -7.94 -14.76
C3 DPV JA . -2.65 -8.38 -14.22
C4 DPV JA . -4.81 -3.94 -16.10
C5 DPV JA . -5.51 -3.16 -14.94
C6 DPV JA . -7.91 -3.38 -15.90
C7 DPV JA . -6.61 -1.27 -16.32
C8 DPV JA . -7.42 -1.82 -14.04
C15 DPV JA . -1.57 -7.26 -14.35
C16 DPV JA . -0.20 -7.75 -13.85
C17 DPV JA . 0.84 -6.60 -13.76
C18 DPV JA . 2.22 -7.13 -13.29
C19 DPV JA . 3.33 -6.05 -13.24
O1P DPV JA . -6.38 -5.85 -18.52
C20 DPV JA . 3.87 -5.67 -14.66
C21 DPV JA . 5.09 -4.72 -14.59
C22 DPV JA . 5.58 -4.32 -16.00
C23 DPV JA . 6.84 -3.43 -15.95
O2P DPV JA . -3.95 -5.86 -18.25
O3P DPV JA . -5.36 -7.43 -16.76
O4P DPV JA . -5.41 -5.24 -16.22
H1 DPV JA . -3.28 -7.62 -16.77
H1A DPV JA . -4.18 -9.14 -16.57
H2 DPV JA . -4.25 -6.91 -14.48
H2A DPV JA . -4.81 -8.56 -14.31
H3 DPV JA . -2.32 -9.28 -14.74
H3A DPV JA . -2.76 -8.64 -13.17
H4 DPV JA . -4.90 -3.40 -17.05
H4A DPV JA . -3.75 -4.06 -15.88
H5 DPV JA . -5.75 -3.86 -14.13
H5A DPV JA . -4.83 -2.39 -14.56
H6 DPV JA . -8.07 -4.20 -15.19
H6A DPV JA . -7.55 -3.77 -16.85
H6B DPV JA . -8.84 -2.82 -16.06
H7 DPV JA . -5.86 -0.58 -15.90
H7A DPV JA . -7.55 -0.73 -16.50
H7B DPV JA . -6.24 -1.69 -17.26
H8 DPV JA . -6.70 -1.13 -13.62
H8A DPV JA . -7.63 -2.63 -13.34
H8B DPV JA . -8.35 -1.29 -14.28
H15 DPV JA . -1.89 -6.38 -13.78
H15A DPV JA . -1.48 -6.95 -15.40
H16 DPV JA . -0.32 -8.20 -12.85
H16A DPV JA . 0.17 -8.52 -14.52
H17 DPV JA . 0.93 -6.13 -14.73
H17A DPV JA . 0.49 -5.84 -13.05
H18 DPV JA . 2.12 -7.58 -12.29
H18A DPV JA . 2.54 -7.94 -13.96
H19 DPV JA . 2.97 -5.15 -12.73
H19A DPV JA . 4.17 -6.44 -12.64
H20 DPV JA . 4.16 -6.58 -15.19
H20A DPV JA . 3.07 -5.20 -15.23
H21 DPV JA . 4.83 -3.83 -14.02
H21A DPV JA . 5.90 -5.23 -14.05
H22 DPV JA . 5.81 -5.21 -16.57
H22A DPV JA . 4.79 -3.78 -16.53
H23 DPV JA . 6.65 -2.52 -15.38
H23A DPV JA . 7.14 -3.14 -16.96
H23B DPV JA . 7.68 -3.97 -15.49
N DPV KA . -1.55 -0.47 -19.38
P DPV KA . 1.15 -2.92 -21.63
C1 DPV KA . 2.41 -2.78 -23.95
C2 DPV KA . 3.06 -4.17 -24.22
C3 DPV KA . 4.60 -4.14 -23.99
C4 DPV KA . -0.86 -1.19 -21.87
C5 DPV KA . -1.60 -1.55 -20.52
C6 DPV KA . -2.25 0.83 -19.80
C7 DPV KA . -0.10 -0.15 -18.94
C8 DPV KA . -2.29 -1.04 -18.17
C15 DPV KA . 5.24 -5.53 -24.24
C16 DPV KA . 6.79 -5.47 -24.10
C17 DPV KA . 7.48 -6.87 -24.32
C18 DPV KA . 7.26 -7.92 -23.18
C19 DPV KA . 7.75 -7.49 -21.75
O1P DPV KA . 1.51 -3.27 -20.24
C20 DPV KA . 9.30 -7.33 -21.66
C21 DPV KA . 9.77 -6.74 -20.28
C22 DPV KA . 9.49 -5.21 -20.08
C23 DPV KA . 10.36 -4.30 -20.97
O2P DPV KA . 0.30 -3.95 -22.26
O3P DPV KA . 2.42 -2.50 -22.51
O4P DPV KA . 0.58 -1.43 -21.77
H1 DPV KA . 2.99 -2.00 -24.46
H1A DPV KA . 1.39 -2.77 -24.31
H2 DPV KA . 2.61 -4.92 -23.58
H2A DPV KA . 2.85 -4.46 -25.25
H3 DPV KA . 4.81 -3.83 -22.98
H3A DPV KA . 5.05 -3.40 -24.67
H4 DPV KA . -1.25 -1.82 -22.67
H4A DPV KA . -1.02 -0.15 -22.13
H5 DPV KA . -2.67 -1.72 -20.73
H5A DPV KA . -1.19 -2.48 -20.12
H6 DPV KA . -3.28 0.59 -20.10
H6A DPV KA . -1.70 1.27 -20.62
H6B DPV KA . -2.26 1.51 -18.94
H7 DPV KA . 0.40 -1.10 -18.66
H7A DPV KA . -0.13 0.52 -18.08
H7B DPV KA . 0.43 0.31 -19.77
H8 DPV KA . -1.79 -1.96 -17.84
H8A DPV KA . -3.33 -1.27 -18.46
H8B DPV KA . -2.28 -0.30 -17.36
H15 DPV KA . 4.97 -5.89 -25.25
H15A DPV KA . 4.83 -6.25 -23.53
H16 DPV KA . 7.18 -4.78 -24.85
H16A DPV KA . 7.06 -5.07 -23.13
H17 DPV KA . 7.13 -7.30 -25.26
H17A DPV KA . 8.56 -6.70 -24.45
H18 DPV KA . 6.19 -8.15 -23.12
H18A DPV KA . 7.75 -8.85 -23.45
H19 DPV KA . 7.26 -6.56 -21.46
H19A DPV KA . 7.44 -8.25 -21.03
H20 DPV KA . 9.76 -8.32 -21.79
H20A DPV KA . 9.67 -6.71 -22.46
H21 DPV KA . 9.28 -7.30 -19.47
H21A DPV KA . 10.84 -6.92 -20.18
H22 DPV KA . 8.43 -5.00 -20.27
H22A DPV KA . 9.67 -4.96 -19.03
H23 DPV KA . 10.22 -3.25 -20.67
H23A DPV KA . 10.08 -4.39 -22.02
H23B DPV KA . 11.42 -4.54 -20.86
N DPV LA . 2.36 -26.61 -23.09
P DPV LA . 5.97 -24.15 -21.57
C1 DPV LA . 7.66 -22.35 -22.45
C2 DPV LA . 7.99 -20.85 -22.41
C3 DPV LA . 9.39 -20.59 -23.04
C4 DPV LA . 4.59 -25.25 -23.50
C5 DPV LA . 3.08 -25.22 -23.10
C6 DPV LA . 0.86 -26.36 -22.81
C7 DPV LA . 2.91 -27.51 -21.96
C8 DPV LA . 2.47 -27.34 -24.45
C15 DPV LA . 9.81 -19.09 -23.09
C16 DPV LA . 10.05 -18.48 -21.68
C17 DPV LA . 10.93 -17.20 -21.73
C18 DPV LA . 10.93 -16.49 -20.36
C19 DPV LA . 12.02 -15.38 -20.27
O1P DPV LA . 5.05 -24.36 -20.44
C20 DPV LA . 11.98 -14.73 -18.86
C21 DPV LA . 13.05 -13.62 -18.68
C22 DPV LA . 12.90 -12.95 -17.28
C23 DPV LA . 13.75 -11.68 -17.14
O2P DPV LA . 7.09 -25.11 -21.56
O3P DPV LA . 6.44 -22.63 -21.73
O4P DPV LA . 5.22 -24.07 -22.98
H1 DPV LA . 7.54 -22.69 -23.48
H1A DPV LA . 8.48 -22.92 -21.98
H2 DPV LA . 7.22 -20.30 -22.95
H2A DPV LA . 7.98 -20.51 -21.38
H3 DPV LA . 9.39 -20.98 -24.07
H3A DPV LA . 10.15 -21.16 -22.49
H4 DPV LA . 5.09 -26.13 -23.09
H4A DPV LA . 4.70 -25.26 -24.59
H5 DPV LA . 2.98 -24.81 -22.10
H5A DPV LA . 2.54 -24.57 -23.79
H6 DPV LA . 0.35 -27.32 -22.79
H6A DPV LA . 0.46 -25.73 -23.60
H6B DPV LA . 0.78 -25.86 -21.84
H7 DPV LA . 3.96 -27.74 -22.17
H7A DPV LA . 2.32 -28.44 -21.93
H7B DPV LA . 2.82 -26.98 -21.01
H8 DPV LA . 3.52 -27.60 -24.64
H8A DPV LA . 2.10 -26.69 -25.24
H8B DPV LA . 1.88 -28.26 -24.41
H15 DPV LA . 9.04 -18.51 -23.61
H15A DPV LA . 10.72 -19.02 -23.68
H16 DPV LA . 9.09 -18.24 -21.22
H16A DPV LA . 10.54 -19.22 -21.04
H17 DPV LA . 11.96 -17.49 -22.00
H17A DPV LA . 10.57 -16.52 -22.51
H18 DPV LA . 9.95 -16.04 -20.20
H18A DPV LA . 11.10 -17.22 -19.57
H19 DPV LA . 13.01 -15.82 -20.43
H19A DPV LA . 11.84 -14.63 -21.03
H20 DPV LA . 10.99 -14.31 -18.69
H20A DPV LA . 12.15 -15.50 -18.10
H21 DPV LA . 14.04 -14.04 -18.79
H21A DPV LA . 12.92 -12.87 -19.46
H22 DPV LA . 11.86 -12.70 -17.11
H22A DPV LA . 13.19 -13.67 -16.50
H23 DPV LA . 13.63 -11.26 -16.14
H23A DPV LA . 13.43 -10.92 -17.86
H23B DPV LA . 14.81 -11.89 -17.30
N DPV MA . 11.71 -32.37 -11.84
P DPV MA . 15.85 -30.27 -13.80
C1 DPV MA . 16.15 -27.72 -13.26
C2 DPV MA . 16.88 -26.81 -12.25
C3 DPV MA . 16.49 -25.33 -12.47
C4 DPV MA . 14.18 -31.55 -12.26
C5 DPV MA . 12.66 -31.20 -12.23
C6 DPV MA . 11.99 -32.89 -10.41
C7 DPV MA . 11.80 -33.54 -12.84
C8 DPV MA . 10.27 -31.85 -11.88
C15 DPV MA . 16.93 -24.43 -11.27
C16 DPV MA . 16.35 -22.99 -11.40
C17 DPV MA . 16.55 -22.18 -10.10
C18 DPV MA . 15.77 -20.83 -10.15
C19 DPV MA . 15.87 -20.06 -8.79
O1P DPV MA . 16.68 -31.47 -14.03
C20 DPV MA . 14.86 -18.89 -8.72
C21 DPV MA . 14.92 -18.14 -7.35
C22 DPV MA . 13.66 -17.25 -7.15
C23 DPV MA . 13.73 -16.37 -5.88
O2P DPV MA . 15.11 -29.86 -15.02
O3P DPV MA . 16.66 -29.08 -13.11
O4P DPV MA . 14.94 -30.36 -12.50
H1 DPV MA . 15.08 -27.72 -13.06
H1A DPV MA . 16.34 -27.38 -14.28
H2 DPV MA . 16.62 -27.13 -11.24
H2A DPV MA . 17.96 -26.92 -12.36
H3 DPV MA . 15.40 -25.26 -12.57
H3A DPV MA . 16.94 -24.96 -13.39
H4 DPV MA . 14.49 -31.97 -11.31
H4A DPV MA . 14.37 -32.27 -13.05
H5 DPV MA . 12.50 -30.39 -11.50
H5A DPV MA . 12.35 -30.83 -13.20
H6 DPV MA . 11.92 -32.06 -9.71
H6A DPV MA . 12.99 -33.32 -10.39
H6B DPV MA . 11.24 -33.66 -10.17
H7 DPV MA . 11.07 -34.30 -12.58
H7A DPV MA . 12.81 -33.96 -12.80
H7B DPV MA . 11.59 -33.15 -13.85
H8 DPV MA . 10.01 -31.59 -12.91
H8A DPV MA . 10.19 -30.97 -11.25
H8B DPV MA . 9.60 -32.64 -11.52
H15 DPV MA . 18.02 -24.38 -11.22
H15A DPV MA . 16.57 -24.87 -10.34
H16 DPV MA . 16.84 -22.47 -12.24
H16A DPV MA . 15.28 -23.06 -11.63
H17 DPV MA . 16.18 -22.77 -9.25
H17A DPV MA . 17.61 -21.99 -9.95
H18 DPV MA . 16.18 -20.20 -10.94
H18A DPV MA . 14.73 -21.02 -10.38
H19 DPV MA . 15.66 -20.75 -7.98
H19A DPV MA . 16.88 -19.70 -8.65
H20 DPV MA . 15.07 -18.18 -9.53
H20A DPV MA . 13.86 -19.28 -8.89
H21 DPV MA . 14.97 -18.88 -6.53
H21A DPV MA . 15.82 -17.53 -7.30
H22 DPV MA . 13.52 -16.61 -8.02
H22A DPV MA . 12.78 -17.89 -7.09
H23 DPV MA . 12.83 -15.75 -5.81
H23A DPV MA . 14.60 -15.72 -5.91
H23B DPV MA . 13.79 -17.00 -4.98
N DPV NA . 21.06 -25.78 -20.22
P DPV NA . 21.19 -29.68 -16.68
C1 DPV NA . 18.63 -30.30 -17.07
C2 DPV NA . 17.83 -29.22 -17.85
C3 DPV NA . 17.49 -27.99 -16.94
C4 DPV NA . 21.23 -27.85 -18.58
C5 DPV NA . 20.70 -26.40 -18.83
C6 DPV NA . 20.46 -26.61 -21.39
C7 DPV NA . 22.58 -25.65 -20.41
C8 DPV NA . 20.45 -24.38 -20.27
C15 DPV NA . 16.88 -26.82 -17.73
C16 DPV NA . 16.50 -25.63 -16.78
C17 DPV NA . 16.35 -24.28 -17.54
C18 DPV NA . 17.66 -23.45 -17.52
C19 DPV NA . 17.61 -22.28 -18.55
O1P DPV NA . 22.54 -30.14 -17.06
C20 DPV NA . 18.86 -21.35 -18.44
C21 DPV NA . 19.10 -20.46 -19.70
C22 DPV NA . 18.01 -19.36 -19.90
C23 DPV NA . 18.32 -18.49 -21.14
O2P DPV NA . 20.98 -29.81 -15.22
O3P DPV NA . 20.01 -30.34 -17.56
O4P DPV NA . 20.86 -28.21 -17.22
H1 DPV NA . 18.63 -30.10 -15.99
H1A DPV NA . 18.18 -31.27 -17.24
H2 DPV NA . 18.41 -28.88 -18.72
H2A DPV NA . 16.91 -29.65 -18.22
H3 DPV NA . 18.41 -27.66 -16.45
H3A DPV NA . 16.80 -28.31 -16.16
H4 DPV NA . 20.77 -28.55 -19.27
H4A DPV NA . 22.32 -27.89 -18.68
H5 DPV NA . 19.61 -26.41 -18.76
H5A DPV NA . 21.08 -25.74 -18.06
H6 DPV NA . 19.39 -26.74 -21.20
H6A DPV NA . 20.94 -27.58 -21.42
H6B DPV NA . 20.62 -26.07 -22.32
H7 DPV NA . 22.98 -25.07 -19.58
H7A DPV NA . 22.76 -25.14 -21.36
H7B DPV NA . 23.02 -26.65 -20.43
H8 DPV NA . 20.89 -23.79 -19.46
H8A DPV NA . 19.37 -24.45 -20.14
H8B DPV NA . 20.69 -23.93 -21.23
H15 DPV NA . 15.98 -27.15 -18.27
H15A DPV NA . 17.59 -26.47 -18.48
H16 DPV NA . 15.55 -25.86 -16.29
H16A DPV NA . 17.24 -25.53 -15.99
H17 DPV NA . 16.04 -24.47 -18.58
H17A DPV NA . 15.54 -23.69 -17.07
H18 DPV NA . 17.81 -23.04 -16.51
H18A DPV NA . 18.51 -24.09 -17.75
H19 DPV NA . 17.56 -22.71 -19.56
H19A DPV NA . 16.71 -21.69 -18.39
H20 DPV NA . 18.77 -20.71 -17.56
H20A DPV NA . 19.76 -21.97 -18.30
H21 DPV NA . 20.07 -19.99 -19.61
H21A DPV NA . 19.14 -21.11 -20.59
H22 DPV NA . 17.04 -19.83 -20.04
H22A DPV NA . 17.96 -18.73 -19.02
H23 DPV NA . 19.28 -17.97 -21.01
H23A DPV NA . 17.54 -17.74 -21.29
H23B DPV NA . 18.38 -19.10 -22.04
N DPV OA . 28.24 -26.34 -9.97
P DPV OA . 24.87 -29.74 -7.79
C1 DPV OA . 22.73 -30.62 -8.99
C2 DPV OA . 21.85 -30.28 -10.21
C3 DPV OA . 21.23 -28.85 -10.13
C4 DPV OA . 26.36 -27.83 -8.84
C5 DPV OA . 27.86 -27.69 -9.28
C6 DPV OA . 29.77 -26.34 -10.18
C7 DPV OA . 27.89 -25.11 -9.10
C8 DPV OA . 27.58 -26.22 -11.35
C15 DPV OA . 19.93 -28.81 -9.26
C16 DPV OA . 19.24 -27.41 -9.26
C17 DPV OA . 19.86 -26.44 -8.21
C18 DPV OA . 19.19 -25.04 -8.27
C19 DPV OA . 19.59 -24.16 -7.06
O1P DPV OA . 25.15 -31.01 -7.08
C20 DPV OA . 18.89 -22.77 -7.11
C21 DPV OA . 19.09 -21.98 -5.79
C22 DPV OA . 18.34 -20.63 -5.82
C23 DPV OA . 18.42 -19.90 -4.45
O2P DPV OA . 24.32 -28.72 -6.88
O3P DPV OA . 24.01 -29.95 -9.11
O4P DPV OA . 26.11 -29.24 -8.65
H1 DPV OA . 22.23 -30.31 -8.07
H1A DPV OA . 22.90 -31.70 -8.95
H2 DPV OA . 22.47 -30.33 -11.11
H2A DPV OA . 21.07 -31.03 -10.32
H3 DPV OA . 20.98 -28.54 -11.15
H3A DPV OA . 21.96 -28.15 -9.74
H4 DPV OA . 26.20 -27.29 -7.90
H4A DPV OA . 25.68 -27.45 -9.61
H5 DPV OA . 28.50 -27.80 -8.40
H5A DPV OA . 28.10 -28.49 -9.98
H6 DPV OA . 30.04 -27.21 -10.80
H6A DPV OA . 30.26 -26.41 -9.20
H6B DPV OA . 30.06 -25.42 -10.68
H7 DPV OA . 28.34 -24.22 -9.53
H7A DPV OA . 28.27 -25.28 -8.09
H7B DPV OA . 26.80 -25.00 -9.08
H8 DPV OA . 26.50 -26.16 -11.21
H8A DPV OA . 27.83 -27.11 -11.94
H8B DPV OA . 27.94 -25.32 -11.85
H15 DPV OA . 20.15 -29.12 -8.23
H15A DPV OA . 19.22 -29.54 -9.66
H16 DPV OA . 19.31 -26.97 -10.26
H16A DPV OA . 18.19 -27.55 -9.05
H17 DPV OA . 19.72 -26.87 -7.22
H17A DPV OA . 20.92 -26.33 -8.39
H18 DPV OA . 19.47 -24.54 -9.21
H18A DPV OA . 18.10 -25.16 -8.29
H19 DPV OA . 19.32 -24.67 -6.14
H19A DPV OA . 20.68 -24.02 -7.05
H20 DPV OA . 19.29 -22.19 -7.95
H20A DPV OA . 17.81 -22.91 -7.28
H21 DPV OA . 18.72 -22.59 -4.95
H21A DPV OA . 20.16 -21.81 -5.62
H22 DPV OA . 18.75 -19.98 -6.59
H22A DPV OA . 17.28 -20.79 -6.05
H23 DPV OA . 17.90 -18.95 -4.51
H23A DPV OA . 19.47 -19.71 -4.19
H23B DPV OA . 17.97 -20.49 -3.67
N DPV PA . 32.33 -17.29 -7.76
P DPV PA . 29.91 -21.79 -6.63
C1 DPV PA . 30.19 -23.64 -4.75
C2 DPV PA . 29.72 -24.89 -5.53
C3 DPV PA . 29.07 -25.95 -4.60
C4 DPV PA . 30.91 -19.50 -7.36
C5 DPV PA . 31.92 -18.44 -6.79
C6 DPV PA . 33.08 -17.83 -8.99
C7 DPV PA . 33.27 -16.36 -7.00
C8 DPV PA . 31.12 -16.45 -8.23
C15 DPV PA . 28.37 -27.07 -5.42
C16 DPV PA . 27.58 -28.08 -4.54
C17 DPV PA . 26.21 -27.51 -4.03
C18 DPV PA . 25.43 -28.55 -3.20
C19 DPV PA . 24.11 -27.95 -2.63
O1P DPV PA . 28.63 -21.37 -6.02
C20 DPV PA . 23.42 -28.95 -1.66
C21 DPV PA . 22.05 -28.44 -1.12
C22 DPV PA . 20.90 -28.55 -2.17
C23 DPV PA . 19.51 -28.37 -1.53
O2P DPV PA . 29.73 -22.38 -7.97
O3P DPV PA . 30.83 -22.69 -5.66
O4P DPV PA . 31.04 -20.68 -6.55
H1 DPV PA . 29.33 -23.16 -4.27
H1A DPV PA . 30.91 -23.93 -3.99
H2 DPV PA . 28.98 -24.58 -6.28
H2A DPV PA . 30.57 -25.33 -6.06
H3 DPV PA . 28.35 -25.46 -3.94
H3A DPV PA . 29.85 -26.39 -3.95
H4 DPV PA . 29.89 -19.12 -7.31
H4A DPV PA . 31.16 -19.75 -8.39
H5 DPV PA . 31.47 -17.98 -5.89
H5A DPV PA . 32.83 -18.95 -6.48
H6 DPV PA . 33.51 -17.00 -9.53
H6A DPV PA . 32.38 -18.37 -9.62
H6B DPV PA . 33.88 -18.50 -8.64
H7 DPV PA . 32.72 -15.92 -6.15
H7A DPV PA . 33.61 -15.56 -7.67
H7B DPV PA . 34.13 -16.93 -6.63
H8 DPV PA . 30.61 -16.05 -7.35
H8A DPV PA . 30.45 -17.10 -8.78
H8B DPV PA . 31.48 -15.64 -8.87
H15 DPV PA . 29.12 -27.62 -5.98
H15A DPV PA . 27.69 -26.62 -6.14
H16 DPV PA . 27.37 -28.98 -5.13
H16A DPV PA . 28.18 -28.39 -3.68
H17 DPV PA . 26.40 -26.62 -3.42
H17A DPV PA . 25.61 -27.19 -4.89
H18 DPV PA . 25.19 -29.41 -3.84
H18A DPV PA . 26.05 -28.90 -2.38
H19 DPV PA . 24.32 -27.03 -2.10
H19A DPV PA . 23.43 -27.72 -3.46
H20 DPV PA . 23.28 -29.92 -2.15
H20A DPV PA . 24.08 -29.13 -0.80
H21 DPV PA . 21.77 -29.05 -0.24
H21A DPV PA . 22.14 -27.41 -0.77
H22 DPV PA . 21.04 -27.80 -2.95
H22A DPV PA . 20.94 -29.52 -2.65
H23 DPV PA . 19.43 -27.37 -1.09
H23A DPV PA . 19.34 -29.12 -0.77
H23B DPV PA . 18.74 -28.47 -2.29
N DPV QA . 14.91 -32.61 7.81
P DPV QA . 13.92 -29.35 5.25
C1 DPV QA . 12.85 -27.73 3.47
C2 DPV QA . 13.66 -26.42 3.61
C3 DPV QA . 12.82 -25.15 3.30
C4 DPV QA . 15.55 -31.39 5.54
C5 DPV QA . 14.66 -32.46 6.27
C6 DPV QA . 14.54 -31.32 8.56
C7 DPV QA . 16.37 -32.99 8.13
C8 DPV QA . 13.99 -33.73 8.32
C15 DPV QA . 12.76 -24.83 1.78
C16 DPV QA . 12.02 -23.50 1.53
C17 DPV QA . 11.95 -23.16 0.01
C18 DPV QA . 11.27 -21.78 -0.22
C19 DPV QA . 11.18 -21.44 -1.74
O1P DPV QA . 12.65 -29.71 5.92
C20 DPV QA . 10.56 -20.03 -1.96
C21 DPV QA . 10.64 -19.60 -3.45
C22 DPV QA . 10.06 -18.18 -3.66
C23 DPV QA . 10.12 -17.77 -5.13
O2P DPV QA . 14.75 -28.45 6.06
O3P DPV QA . 13.73 -28.86 3.74
O4P DPV QA . 14.72 -30.61 4.67
H1 DPV QA . 12.02 -27.75 4.18
H1A DPV QA . 12.46 -27.82 2.46
H2 DPV QA . 14.03 -26.35 4.63
H2A DPV QA . 14.53 -26.46 2.95
H3 DPV QA . 13.28 -24.30 3.82
H3A DPV QA . 11.82 -25.26 3.70
H4 DPV QA . 16.03 -30.72 6.27
H4A DPV QA . 16.32 -31.88 4.96
H5 DPV QA . 13.61 -32.20 6.14
H5A DPV QA . 14.83 -33.44 5.82
H6 DPV QA . 13.50 -31.07 8.33
H6A DPV QA . 15.21 -30.52 8.25
H6B DPV QA . 14.66 -31.50 9.64
H7 DPV QA . 16.62 -33.90 7.58
H7A DPV QA . 16.46 -33.17 9.21
H7B DPV QA . 17.04 -32.17 7.83
H8 DPV QA . 14.25 -34.66 7.79
H8A DPV QA . 12.96 -33.46 8.12
H8B DPV QA . 14.14 -33.86 9.39
H15 DPV QA . 12.23 -25.64 1.26
H15A DPV QA . 13.77 -24.76 1.37
H16 DPV QA . 11.00 -23.55 1.93
H16A DPV QA . 12.55 -22.69 2.04
H17 DPV QA . 12.96 -23.14 -0.41
H17A DPV QA . 11.39 -23.94 -0.52
H18 DPV QA . 10.27 -21.80 0.20
H18A DPV QA . 11.84 -21.00 0.30
H19 DPV QA . 12.19 -21.47 -2.17
H19A DPV QA . 10.58 -22.19 -2.24
H20 DPV QA . 9.52 -20.04 -1.63
H20A DPV QA . 11.09 -19.31 -1.33
H21 DPV QA . 11.69 -19.64 -3.77
H21A DPV QA . 10.09 -20.32 -4.05
H22 DPV QA . 9.03 -18.14 -3.31
H22A DPV QA . 10.64 -17.46 -3.06
H23 DPV QA . 11.14 -17.83 -5.51
H23A DPV QA . 9.77 -16.75 -5.26
H23B DPV QA . 9.49 -18.43 -5.74
N DPV RA . 8.81 -20.69 15.05
P DPV RA . 12.57 -22.66 13.53
C1 DPV RA . 14.79 -21.35 13.88
C2 DPV RA . 15.02 -20.00 14.59
C3 DPV RA . 16.28 -19.27 14.09
C4 DPV RA . 10.17 -22.92 14.57
C5 DPV RA . 9.33 -22.07 15.59
C6 DPV RA . 8.18 -19.95 16.24
C7 DPV RA . 7.72 -20.88 13.98
C8 DPV RA . 9.95 -19.80 14.50
C15 DPV RA . 16.34 -17.83 14.68
C16 DPV RA . 17.44 -16.96 14.02
C17 DPV RA . 17.31 -15.49 14.49
C18 DPV RA . 18.17 -14.52 13.64
C19 DPV RA . 17.81 -13.05 13.94
O1P DPV RA . 12.93 -24.04 13.13
C20 DPV RA . 18.48 -12.07 12.93
C21 DPV RA . 17.92 -10.63 13.10
C22 DPV RA . 18.46 -9.64 12.02
C23 DPV RA . 17.69 -9.78 10.68
O2P DPV RA . 12.15 -21.83 12.39
O3P DPV RA . 13.64 -21.97 14.48
O4P DPV RA . 11.56 -22.60 14.77
H1 DPV RA . 14.62 -21.19 12.81
H1A DPV RA . 15.67 -22.00 14.00
H2 DPV RA . 14.13 -19.38 14.41
H2A DPV RA . 15.09 -20.17 15.66
H3 DPV RA . 16.27 -19.22 13.00
H3A DPV RA . 17.17 -19.82 14.39
H4 DPV RA . 10.04 -23.99 14.76
H4A DPV RA . 9.89 -22.69 13.55
H5 DPV RA . 8.45 -22.65 15.89
H5A DPV RA . 9.94 -21.89 16.48
H6 DPV RA . 8.93 -19.80 17.01
H6A DPV RA . 7.35 -20.56 16.64
H6B DPV RA . 7.79 -18.98 15.89
H7 DPV RA . 8.16 -21.38 13.12
H7A DPV RA . 7.34 -19.90 13.68
H7B DPV RA . 6.91 -21.49 14.39
H8 DPV RA . 10.39 -20.29 13.63
H8A DPV RA . 10.70 -19.69 15.29
H8B DPV RA . 9.54 -18.84 14.21
H15 DPV RA . 16.51 -17.89 15.75
H15A DPV RA . 15.37 -17.34 14.52
H16 DPV RA . 18.43 -17.35 14.27
H16A DPV RA . 17.33 -17.01 12.93
H17 DPV RA . 16.26 -15.18 14.41
H17A DPV RA . 17.60 -15.41 15.54
H18 DPV RA . 19.24 -14.70 13.85
H18A DPV RA . 18.01 -14.73 12.57
H19 DPV RA . 16.73 -12.93 13.88
H19A DPV RA . 18.11 -12.79 14.96
H20 DPV RA . 19.56 -12.08 13.09
H20A DPV RA . 18.29 -12.41 11.92
H21 DPV RA . 16.83 -10.64 13.09
H21A DPV RA . 18.23 -10.26 14.09
H22 DPV RA . 18.34 -8.62 12.38
H22A DPV RA . 19.52 -9.81 11.85
H23 DPV RA . 18.06 -9.04 9.96
H23A DPV RA . 16.62 -9.58 10.82
H23B DPV RA . 17.82 -10.77 10.25
N DPV SA . -0.63 -4.78 11.18
P DPV SA . -2.31 -7.64 8.57
C1 DPV SA . -0.70 -8.95 6.95
C2 DPV SA . -1.33 -9.02 5.55
C3 DPV SA . -0.23 -8.97 4.47
C4 DPV SA . -0.03 -6.95 9.78
C5 DPV SA . 0.10 -6.16 11.12
C6 DPV SA . -0.06 -3.79 10.14
C7 DPV SA . -0.40 -4.17 12.58
C8 DPV SA . -2.15 -4.90 10.96
C15 DPV SA . -0.81 -8.87 3.04
C16 DPV SA . 0.34 -8.64 2.03
C17 DPV SA . -0.17 -8.32 0.61
C18 DPV SA . 1.00 -7.83 -0.28
C19 DPV SA . 0.56 -7.61 -1.76
O1P DPV SA . -3.71 -7.75 9.01
C20 DPV SA . 1.74 -7.15 -2.66
C21 DPV SA . 2.71 -8.32 -3.04
C22 DPV SA . 3.96 -7.82 -3.83
C23 DPV SA . 5.03 -7.22 -2.91
O2P DPV SA . -2.09 -6.45 7.71
O3P DPV SA . -1.73 -9.01 7.96
O4P DPV SA . -1.26 -7.73 9.79
H1 DPV SA . -0.03 -9.80 7.10
H1A DPV SA . -0.13 -8.02 7.06
H2 DPV SA . -1.90 -9.95 5.45
H2A DPV SA . -2.02 -8.19 5.42
H3 DPV SA . 0.40 -9.85 4.55
H3A DPV SA . 0.41 -8.09 4.66
H4 DPV SA . -0.03 -6.27 8.93
H4A DPV SA . 0.81 -7.64 9.68
H5 DPV SA . -0.30 -6.77 11.94
H5A DPV SA . 1.15 -5.97 11.33
H6 DPV SA . -0.27 -4.16 9.14
H6A DPV SA . 1.02 -3.70 10.30
H6B DPV SA . -0.55 -2.82 10.29
H7 DPV SA . -0.84 -4.85 13.33
H7A DPV SA . -0.90 -3.20 12.63
H7B DPV SA . 0.67 -4.06 12.75
H8 DPV SA . -2.55 -5.64 11.67
H8A DPV SA . -2.34 -5.23 9.94
H8B DPV SA . -2.62 -3.93 11.13
H15 DPV SA . -1.53 -8.04 2.99
H15A DPV SA . -1.35 -9.79 2.79
H16 DPV SA . 0.96 -7.82 2.38
H16A DPV SA . 0.97 -9.52 1.99
H17 DPV SA . -0.62 -9.22 0.17
H17A DPV SA . -0.94 -7.55 0.65
H18 DPV SA . 1.39 -6.89 0.12
H18A DPV SA . 1.80 -8.56 -0.24
H19 DPV SA . 0.13 -8.53 -2.16
H19A DPV SA . -0.22 -6.85 -1.79
H20 DPV SA . 1.34 -6.71 -3.57
H20A DPV SA . 2.29 -6.36 -2.14
H21 DPV SA . 3.04 -8.85 -2.14
H21A DPV SA . 2.17 -9.05 -3.64
H22 DPV SA . 4.40 -8.68 -4.35
H22A DPV SA . 3.66 -7.10 -4.60
H23 DPV SA . 4.65 -6.33 -2.39
H23A DPV SA . 5.90 -6.92 -3.49
H23B DPV SA . 5.35 -7.94 -2.17
N DPV TA . -8.53 -2.73 -5.48
P DPV TA . -4.72 -4.68 -4.76
C1 DPV TA . -3.12 -6.71 -4.95
C2 DPV TA . -2.66 -7.94 -4.14
C3 DPV TA . -1.97 -9.04 -5.00
C4 DPV TA . -7.25 -4.55 -4.02
C5 DPV TA . -7.43 -3.03 -4.40
C6 DPV TA . -8.27 -3.51 -6.81
C7 DPV TA . -8.45 -1.24 -5.81
C8 DPV TA . -9.93 -3.05 -4.96
C15 DPV TA . -0.60 -8.62 -5.61
C16 DPV TA . 0.27 -9.86 -5.94
C17 DPV TA . 1.62 -9.49 -6.61
C18 DPV TA . 2.56 -10.73 -6.62
C19 DPV TA . 3.93 -10.46 -7.29
O1P DPV TA . -5.20 -4.86 -6.15
C20 DPV TA . 4.85 -11.70 -7.16
C21 DPV TA . 6.22 -11.52 -7.85
C22 DPV TA . 7.12 -12.78 -7.66
C23 DPV TA . 8.47 -12.66 -8.39
O2P DPV TA . -3.89 -3.47 -4.61
O3P DPV TA . -4.06 -5.99 -4.15
O4P DPV TA . -5.88 -4.79 -3.65
H1 DPV TA . -2.26 -6.06 -5.17
H1A DPV TA . -3.60 -7.02 -5.88
H2 DPV TA . -1.99 -7.62 -3.34
H2A DPV TA . -3.53 -8.38 -3.66
H3 DPV TA . -2.64 -9.36 -5.80
H3A DPV TA . -1.82 -9.92 -4.35
H4 DPV TA . -7.90 -4.78 -3.16
H4A DPV TA . -7.51 -5.21 -4.84
H5 DPV TA . -7.68 -2.45 -3.51
H5A DPV TA . -6.49 -2.65 -4.81
H6 DPV TA . -8.39 -4.57 -6.63
H6A DPV TA . -7.24 -3.29 -7.14
H6B DPV TA . -8.99 -3.17 -7.56
H7 DPV TA . -8.59 -0.67 -4.88
H7A DPV TA . -9.23 -0.99 -6.52
H7B DPV TA . -7.46 -1.02 -6.23
H8 DPV TA . -10.08 -2.51 -4.03
H8A DPV TA . -10.01 -4.13 -4.79
H8B DPV TA . -10.67 -2.73 -5.71
H15 DPV TA . -0.06 -7.99 -4.90
H15A DPV TA . -0.77 -8.02 -6.50
H16 DPV TA . 0.45 -10.42 -5.03
H16A DPV TA . -0.29 -10.53 -6.62
H17 DPV TA . 1.45 -9.14 -7.63
H17A DPV TA . 2.09 -8.68 -6.05
H18 DPV TA . 2.73 -11.06 -5.59
H18A DPV TA . 2.06 -11.55 -7.15
H19 DPV TA . 3.78 -10.21 -8.35
H19A DPV TA . 4.42 -9.59 -6.82
H20 DPV TA . 5.01 -11.92 -6.10
H20A DPV TA . 4.34 -12.57 -7.60
H21 DPV TA . 6.06 -11.35 -8.92
H21A DPV TA . 6.72 -10.64 -7.45
H22 DPV TA . 7.29 -12.94 -6.59
H22A DPV TA . 6.59 -13.66 -8.04
H23 DPV TA . 8.32 -12.56 -9.46
H23A DPV TA . 9.07 -13.55 -8.21
H23B DPV TA . 9.02 -11.79 -8.02
N DPV UA . -10.66 -8.19 -9.72
P DPV UA . -7.67 -5.18 -11.40
C1 DPV UA . -5.20 -6.00 -11.78
C2 DPV UA . -3.84 -6.13 -11.05
C3 DPV UA . -3.87 -7.19 -9.91
C4 DPV UA . -8.60 -6.51 -9.31
C5 DPV UA . -9.31 -7.88 -8.96
C6 DPV UA . -10.43 -8.47 -11.21
C7 DPV UA . -11.69 -7.05 -9.56
C8 DPV UA . -11.26 -9.45 -9.09
C15 DPV UA . -2.55 -7.18 -9.06
C16 DPV UA . -1.31 -7.83 -9.75
C17 DPV UA . -1.31 -9.38 -9.64
C18 DPV UA . -0.02 -10.00 -10.24
C19 DPV UA . 0.14 -11.49 -9.84
O1P DPV UA . -7.85 -5.26 -12.86
C20 DPV UA . 1.46 -12.07 -10.40
C21 DPV UA . 1.76 -13.49 -9.85
C22 DPV UA . 3.09 -14.05 -10.43
C23 DPV UA . 3.43 -15.42 -9.84
O2P DPV UA . -8.37 -3.99 -10.83
O3P DPV UA . -6.14 -5.29 -10.92
O4P DPV UA . -8.04 -6.56 -10.64
H1 DPV UA . -5.09 -5.44 -12.70
H1A DPV UA . -5.60 -7.00 -12.01
H2 DPV UA . -3.08 -6.40 -11.79
H2A DPV UA . -3.56 -5.16 -10.64
H3 DPV UA . -4.04 -8.18 -10.34
H3A DPV UA . -4.71 -6.97 -9.25
H4 DPV UA . -9.32 -5.69 -9.24
H4A DPV UA . -7.79 -6.32 -8.60
H5 DPV UA . -8.63 -8.70 -9.17
H5A DPV UA . -9.54 -7.88 -7.89
H6 DPV UA . -11.38 -8.74 -11.68
H6A DPV UA . -9.71 -9.29 -11.31
H6B DPV UA . -10.03 -7.57 -11.68
H7 DPV UA . -12.63 -7.35 -10.06
H7A DPV UA . -11.31 -6.14 -10.04
H7B DPV UA . -11.87 -6.87 -8.50
H8 DPV UA . -11.41 -9.29 -8.02
H8A DPV UA . -10.57 -10.29 -9.25
H8B DPV UA . -12.21 -9.68 -9.58
H15 DPV UA . -2.75 -7.69 -8.11
H15A DPV UA . -2.30 -6.15 -8.81
H16 DPV UA . -1.28 -7.54 -10.81
H16A DPV UA . -0.41 -7.45 -9.28
H17 DPV UA . -1.40 -9.67 -8.59
H17A DPV UA . -2.17 -9.80 -10.16
H18 DPV UA . -0.05 -9.91 -11.33
H18A DPV UA . 0.85 -9.44 -9.89
H19 DPV UA . 0.14 -11.57 -8.75
H19A DPV UA . -0.71 -12.07 -10.21
H20 DPV UA . 1.39 -12.12 -11.49
H20A DPV UA . 2.29 -11.41 -10.15
H21 DPV UA . 1.83 -13.44 -8.76
H21A DPV UA . 0.93 -14.16 -10.11
H22 DPV UA . 3.01 -14.14 -11.52
H22A DPV UA . 3.91 -13.35 -10.21
H23 DPV UA . 4.34 -15.80 -10.29
H23A DPV UA . 2.63 -16.14 -10.04
H23B DPV UA . 3.58 -15.35 -8.76
N DPV VA . -6.43 -6.81 3.93
P DPV VA . -4.51 -11.15 3.24
C1 DPV VA . -3.38 -12.13 1.11
C2 DPV VA . -2.63 -11.68 -0.17
C3 DPV VA . -1.35 -12.51 -0.40
C4 DPV VA . -4.99 -8.95 4.57
C5 DPV VA . -5.03 -7.40 4.33
C6 DPV VA . -7.38 -6.84 5.13
C7 DPV VA . -7.06 -7.55 2.72
C8 DPV VA . -6.21 -5.34 3.52
C15 DPV VA . -0.49 -11.94 -1.58
C16 DPV VA . 0.91 -12.63 -1.70
C17 DPV VA . 2.08 -11.81 -1.06
C18 DPV VA . 2.19 -11.99 0.49
C19 DPV VA . 3.33 -11.12 1.07
O1P DPV VA . -3.71 -11.76 4.33
C20 DPV VA . 3.34 -11.10 2.63
C21 DPV VA . 4.08 -9.85 3.18
C22 DPV VA . 4.04 -9.80 4.73
C23 DPV VA . 4.72 -8.50 5.25
O2P DPV VA . -5.81 -11.80 3.05
O3P DPV VA . -3.69 -10.96 1.89
O4P DPV VA . -4.60 -9.56 3.33
H1 DPV VA . -4.32 -12.64 0.85
H1A DPV VA . -2.77 -12.80 1.72
H2 DPV VA . -3.29 -11.77 -1.03
H2A DPV VA . -2.38 -10.62 -0.07
H3 DPV VA . -1.62 -13.54 -0.62
H3A DPV VA . -0.75 -12.51 0.51
H4 DPV VA . -4.26 -9.19 5.34
H4A DPV VA . -5.98 -9.32 4.86
H5 DPV VA . -4.71 -6.88 5.24
H5A DPV VA . -4.32 -7.16 3.53
H6 DPV VA . -6.93 -6.29 5.95
H6A DPV VA . -7.55 -7.87 5.41
H6B DPV VA . -8.32 -6.37 4.84
H7 DPV VA . -6.35 -7.55 1.89
H7A DPV VA . -7.97 -7.02 2.43
H7B DPV VA . -7.30 -8.57 3.02
H8 DPV VA . -5.53 -5.31 2.66
H8A DPV VA . -5.78 -4.80 4.37
H8B DPV VA . -7.18 -4.90 3.25
H15 DPV VA . -0.38 -10.87 -1.47
H15A DPV VA . -1.05 -12.11 -2.52
H16 DPV VA . 0.89 -13.64 -1.29
H16A DPV VA . 1.14 -12.73 -2.76
H17 DPV VA . 3.02 -12.14 -1.51
H17A DPV VA . 1.95 -10.75 -1.30
H18 DPV VA . 1.25 -11.69 0.95
H18A DPV VA . 2.36 -13.04 0.73
H19 DPV VA . 4.30 -11.48 0.71
H19A DPV VA . 3.22 -10.09 0.70
H20 DPV VA . 2.31 -11.11 3.00
H20A DPV VA . 3.82 -12.02 3.00
H21 DPV VA . 5.11 -9.86 2.84
H21A DPV VA . 3.61 -8.95 2.78
H22 DPV VA . 3.01 -9.84 5.09
H22A DPV VA . 4.57 -10.66 5.15
H23 DPV VA . 5.74 -8.42 4.88
H23A DPV VA . 4.73 -8.50 6.34
H23B DPV VA . 4.15 -7.62 4.91
N DPV WA . -8.69 -19.90 -2.26
P DPV WA . -4.44 -20.22 -4.10
C1 DPV WA . -3.87 -19.48 -1.63
C2 DPV WA . -2.60 -18.77 -1.07
C3 DPV WA . -1.31 -19.65 -1.10
C4 DPV WA . -6.96 -20.92 -4.03
C5 DPV WA . -8.40 -20.38 -3.73
C6 DPV WA . -8.01 -18.55 -1.98
C7 DPV WA . -8.26 -20.92 -1.18
C8 DPV WA . -10.20 -19.70 -2.14
C15 DPV WA . -0.84 -20.07 -2.53
C16 DPV WA . 0.52 -20.82 -2.49
C17 DPV WA . 0.82 -21.52 -3.84
C18 DPV WA . 2.19 -22.26 -3.84
C19 DPV WA . 2.29 -23.20 -5.07
O1P DPV WA . -4.06 -21.59 -3.68
C20 DPV WA . 3.64 -23.99 -5.11
C21 DPV WA . 3.59 -25.08 -6.23
C22 DPV WA . 4.66 -26.19 -6.04
C23 DPV WA . 5.98 -25.86 -6.77
O2P DPV WA . -3.97 -19.91 -5.46
O3P DPV WA . -4.04 -19.09 -3.02
O4P DPV WA . -5.98 -19.87 -3.87
H1 DPV WA . -3.77 -20.55 -1.54
H1A DPV WA . -4.75 -19.14 -1.08
H2 DPV WA . -2.42 -17.85 -1.63
H2A DPV WA . -2.80 -18.47 -0.05
H3 DPV WA . -1.48 -20.55 -0.49
H3A DPV WA . -0.51 -19.10 -0.60
H4 DPV WA . -6.71 -21.74 -3.35
H4A DPV WA . -6.90 -21.28 -5.06
H5 DPV WA . -8.62 -19.55 -4.40
H5A DPV WA . -9.11 -21.20 -3.93
H6 DPV WA . -8.32 -17.83 -2.74
H6A DPV WA . -6.93 -18.68 -2.00
H6B DPV WA . -8.32 -18.20 -0.99
H7 DPV WA . -8.78 -21.86 -1.39
H7A DPV WA . -8.55 -20.54 -0.20
H7B DPV WA . -7.19 -21.07 -1.24
H8 DPV WA . -10.70 -20.65 -2.35
H8A DPV WA . -10.51 -18.95 -2.86
H8B DPV WA . -10.43 -19.37 -1.12
H15 DPV WA . -0.74 -19.18 -3.15
H15A DPV WA . -1.58 -20.71 -2.98
H16 DPV WA . 1.33 -20.11 -2.26
H16A DPV WA . 0.52 -21.57 -1.69
H17 DPV WA . 0.02 -22.24 -4.04
H17A DPV WA . 0.81 -20.78 -4.64
H18 DPV WA . 3.00 -21.52 -3.86
H18A DPV WA . 2.30 -22.85 -2.93
H19 DPV WA . 1.48 -23.91 -5.03
H19A DPV WA . 2.19 -22.63 -5.98
H20 DPV WA . 4.47 -23.31 -5.29
H20A DPV WA . 3.80 -24.46 -4.14
H21 DPV WA . 2.61 -25.57 -6.20
H21A DPV WA . 3.68 -24.61 -7.21
H22 DPV WA . 4.85 -26.36 -4.98
H22A DPV WA . 4.28 -27.13 -6.45
H23 DPV WA . 6.72 -26.65 -6.58
H23A DPV WA . 6.39 -24.92 -6.40
H23B DPV WA . 5.83 -25.78 -7.84
N DPV XA . -8.45 -16.68 -12.10
P DPV XA . -9.03 -18.17 -7.57
C1 DPV XA . -11.06 -19.68 -6.86
C2 DPV XA . -11.36 -21.04 -6.18
C3 DPV XA . -10.72 -22.22 -6.96
C4 DPV XA . -9.52 -18.17 -10.19
C5 DPV XA . -8.29 -17.34 -10.68
C6 DPV XA . -9.67 -15.74 -12.17
C7 DPV XA . -8.56 -17.75 -13.21
C8 DPV XA . -7.19 -15.84 -12.38
C15 DPV XA . -10.75 -23.55 -6.13
C16 DPV XA . -10.28 -24.80 -6.92
C17 DPV XA . -8.83 -24.74 -7.53
C18 DPV XA . -7.68 -24.65 -6.47
C19 DPV XA . -6.31 -24.44 -7.17
O1P DPV XA . -7.64 -17.88 -7.20
C20 DPV XA . -5.15 -24.38 -6.15
C21 DPV XA . -3.81 -24.07 -6.85
C22 DPV XA . -2.61 -24.11 -5.87
C23 DPV XA . -1.29 -23.71 -6.58
O2P DPV XA . -9.89 -16.98 -7.44
O3P DPV XA . -9.63 -19.45 -6.82
O4P DPV XA . -9.17 -18.92 -9.00
H1 DPV XA . -11.40 -19.70 -7.91
H1A DPV XA . -11.57 -18.87 -6.34
H2 DPV XA . -10.99 -21.01 -5.15
H2A DPV XA . -12.44 -21.18 -6.12
H3 DPV XA . -9.69 -21.98 -7.19
H3A DPV XA . -11.25 -22.37 -7.90
H4 DPV XA . -10.37 -17.51 -9.96
H4A DPV XA . -9.82 -18.88 -10.95
H5 DPV XA . -8.09 -16.53 -9.98
H5A DPV XA . -7.40 -17.98 -10.73
H6 DPV XA . -9.58 -14.98 -11.39
H6A DPV XA . -10.58 -16.32 -12.03
H6B DPV XA . -9.69 -15.25 -13.15
H7 DPV XA . -9.48 -18.32 -13.07
H7A DPV XA . -7.70 -18.41 -13.15
H7B DPV XA . -8.57 -17.25 -14.18
H8 DPV XA . -6.31 -16.49 -12.34
H8A DPV XA . -7.11 -15.06 -11.62
H8B DPV XA . -7.28 -15.38 -13.37
H15 DPV XA . -11.78 -23.72 -5.79
H15A DPV XA . -10.14 -23.42 -5.23
H16 DPV XA . -10.34 -25.68 -6.26
H16A DPV XA . -10.98 -24.98 -7.74
H17 DPV XA . -8.67 -25.63 -8.13
H17A DPV XA . -8.76 -23.89 -8.21
H18 DPV XA . -7.87 -23.81 -5.79
H18A DPV XA . -7.67 -25.56 -5.87
H19 DPV XA . -6.13 -25.27 -7.86
H19A DPV XA . -6.34 -23.52 -7.75
H20 DPV XA . -5.35 -23.59 -5.41
H20A DPV XA . -5.08 -25.32 -5.61
H21 DPV XA . -3.63 -24.80 -7.65
H21A DPV XA . -3.87 -23.08 -7.31
H22 DPV XA . -2.78 -23.42 -5.05
H22A DPV XA . -2.51 -25.11 -5.45
H23 DPV XA . -0.46 -23.85 -5.90
H23A DPV XA . -1.33 -22.67 -6.90
H23B DPV XA . -1.12 -24.34 -7.46
N DPV YA . -8.32 -13.93 5.89
P DPV YA . -7.71 -17.01 1.70
C1 DPV YA . -6.44 -19.29 1.78
C2 DPV YA . -6.52 -20.67 2.47
C3 DPV YA . -5.15 -21.40 2.52
C4 DPV YA . -7.74 -15.33 3.71
C5 DPV YA . -8.07 -15.34 5.23
C6 DPV YA . -7.05 -13.06 5.87
C7 DPV YA . -8.72 -14.15 7.34
C8 DPV YA . -9.47 -13.18 5.20
C15 DPV YA . -4.74 -22.04 1.17
C16 DPV YA . -3.29 -22.59 1.19
C17 DPV YA . -2.91 -23.20 -0.18
C18 DPV YA . -1.49 -23.80 -0.21
C19 DPV YA . -1.20 -24.46 -1.58
O1P DPV YA . -8.98 -16.58 1.07
C20 DPV YA . 0.15 -25.21 -1.60
C21 DPV YA . 0.28 -26.10 -2.87
C22 DPV YA . 1.67 -26.76 -2.97
C23 DPV YA . 1.73 -27.77 -4.14
O2P DPV YA . -6.53 -16.52 0.95
O3P DPV YA . -7.67 -18.58 2.04
O4P DPV YA . -7.63 -16.70 3.26
H1 DPV YA . -5.60 -18.73 2.19
H1A DPV YA . -6.31 -19.41 0.70
H2 DPV YA . -6.88 -20.54 3.50
H2A DPV YA . -7.26 -21.30 1.96
H3 DPV YA . -5.19 -22.19 3.28
H3A DPV YA . -4.37 -20.69 2.85
H4 DPV YA . -8.55 -14.85 3.15
H4A DPV YA . -6.80 -14.81 3.51
H5 DPV YA . -8.97 -15.93 5.41
H5A DPV YA . -7.24 -15.80 5.78
H6 DPV YA . -6.25 -13.59 6.40
H6A DPV YA . -7.26 -12.11 6.36
H6B DPV YA . -6.75 -12.89 4.84
H7 DPV YA . -9.60 -14.80 7.38
H7A DPV YA . -8.92 -13.19 7.82
H7B DPV YA . -7.88 -14.64 7.87
H8 DPV YA . -10.36 -13.82 5.17
H8A DPV YA . -9.17 -12.93 4.17
H8B DPV YA . -9.69 -12.27 5.75
H15 DPV YA . -4.84 -21.31 0.37
H15A DPV YA . -5.44 -22.86 0.94
H16 DPV YA . -2.59 -21.78 1.44
H16A DPV YA . -3.20 -23.36 1.97
H17 DPV YA . -3.63 -23.97 -0.45
H17A DPV YA . -2.98 -22.42 -0.95
H18 DPV YA . -0.75 -23.02 -0.02
H18A DPV YA . -1.40 -24.55 0.59
H19 DPV YA . -2.01 -25.15 -1.82
H19A DPV YA . -1.20 -23.68 -2.36
H20 DPV YA . 0.97 -24.48 -1.58
H20A DPV YA . 0.25 -25.83 -0.72
H21 DPV YA . -0.50 -26.87 -2.84
H21A DPV YA . 0.10 -25.48 -3.77
H22 DPV YA . 2.44 -25.99 -3.11
H22A DPV YA . 1.91 -27.29 -2.04
H23 DPV YA . 2.73 -28.19 -4.22
H23A DPV YA . 1.49 -27.27 -5.08
H23B DPV YA . 1.03 -28.58 -3.99
N DPV ZA . 33.69 -15.78 -2.25
P DPV ZA . 29.70 -12.49 -1.42
C1 DPV ZA . 27.54 -13.37 -0.16
C2 DPV ZA . 26.74 -12.17 0.41
C3 DPV ZA . 25.24 -12.22 0.00
C4 DPV ZA . 31.73 -14.17 -1.48
C5 DPV ZA . 32.14 -15.57 -2.06
C6 DPV ZA . 34.28 -14.83 -3.30
C7 DPV ZA . 33.90 -17.22 -2.74
C8 DPV ZA . 34.47 -15.62 -0.92
C15 DPV ZA . 24.99 -11.58 -1.40
C16 DPV ZA . 23.83 -12.26 -2.17
C17 DPV ZA . 23.56 -11.53 -3.51
C18 DPV ZA . 22.72 -12.42 -4.49
C19 DPV ZA . 22.66 -11.83 -5.93
O1P DPV ZA . 30.70 -11.46 -1.12
C20 DPV ZA . 24.00 -12.00 -6.72
C21 DPV ZA . 23.97 -11.25 -8.08
C22 DPV ZA . 25.36 -11.31 -8.78
C23 DPV ZA . 25.37 -10.49 -10.09
O2P DPV ZA . 28.76 -12.03 -2.45
O3P DPV ZA . 28.97 -13.09 -0.11
O4P DPV ZA . 30.31 -13.94 -1.73
H1 DPV ZA . 27.33 -14.26 0.44
H1A DPV ZA . 27.25 -13.59 -1.20
H2 DPV ZA . 26.82 -12.20 1.50
H2A DPV ZA . 27.20 -11.23 0.08
H3 DPV ZA . 24.67 -11.68 0.75
H3A DPV ZA . 24.89 -13.26 0.02
H4 DPV ZA . 31.91 -14.16 -0.40
H4A DPV ZA . 32.30 -13.39 -1.97
H5 DPV ZA . 31.76 -16.36 -1.41
H5A DPV ZA . 31.68 -15.69 -3.05
H6 DPV ZA . 34.21 -13.80 -2.93
H6A DPV ZA . 33.71 -14.92 -4.23
H6B DPV ZA . 35.33 -15.09 -3.46
H7 DPV ZA . 33.37 -17.34 -3.69
H7A DPV ZA . 33.51 -17.92 -1.99
H7B DPV ZA . 34.97 -17.38 -2.89
H8 DPV ZA . 34.04 -16.29 -0.18
H8A DPV ZA . 34.38 -14.59 -0.58
H8B DPV ZA . 35.52 -15.86 -1.09
H15 DPV ZA . 25.89 -11.61 -2.00
H15A DPV ZA . 24.75 -10.52 -1.25
H16 DPV ZA . 24.11 -13.30 -2.36
H16A DPV ZA . 22.92 -12.26 -1.56
H17 DPV ZA . 23.05 -10.59 -3.32
H17A DPV ZA . 24.52 -11.30 -3.98
H18 DPV ZA . 23.13 -13.42 -4.54
H18A DPV ZA . 21.71 -12.49 -4.10
H19 DPV ZA . 21.86 -12.33 -6.49
H19A DPV ZA . 22.40 -10.76 -5.89
H20 DPV ZA . 24.83 -11.62 -6.13
H20A DPV ZA . 24.19 -13.06 -6.89
H21 DPV ZA . 23.21 -11.70 -8.73
H21A DPV ZA . 23.69 -10.20 -7.92
H22 DPV ZA . 26.13 -10.90 -8.11
H22A DPV ZA . 25.62 -12.34 -9.00
H23 DPV ZA . 26.35 -10.55 -10.55
H23A DPV ZA . 25.14 -9.44 -9.89
H23B DPV ZA . 24.63 -10.88 -10.79
N DPV AB . 23.59 -0.68 4.79
P DPV AB . 26.16 -2.21 0.48
C1 DPV AB . 24.95 -4.07 -0.87
C2 DPV AB . 23.55 -4.64 -1.08
C3 DPV AB . 23.51 -5.65 -2.25
C4 DPV AB . 25.21 -1.27 2.77
C5 DPV AB . 23.91 -0.53 3.26
C6 DPV AB . 23.40 -2.15 5.21
C7 DPV AB . 22.27 0.06 5.06
C8 DPV AB . 24.69 -0.02 5.65
C15 DPV AB . 22.06 -6.05 -2.55
C16 DPV AB . 21.98 -7.12 -3.67
C17 DPV AB . 20.51 -7.45 -3.99
C18 DPV AB . 20.36 -8.68 -4.93
C19 DPV AB . 18.86 -9.00 -5.12
O1P DPV AB . 26.81 -1.59 -0.68
C20 DPV AB . 18.61 -10.36 -5.80
C21 DPV AB . 17.12 -10.75 -5.60
C22 DPV AB . 16.76 -12.11 -6.27
C23 DPV AB . 15.33 -12.51 -5.92
O2P DPV AB . 27.12 -2.98 1.30
O3P DPV AB . 24.85 -3.03 0.12
O4P DPV AB . 25.25 -1.19 1.33
H1 DPV AB . 25.64 -4.85 -0.52
H1A DPV AB . 25.33 -3.64 -1.80
H2 DPV AB . 23.22 -5.15 -0.16
H2A DPV AB . 22.86 -3.82 -1.27
H3 DPV AB . 24.11 -6.53 -2.00
H3A DPV AB . 23.95 -5.19 -3.15
H4 DPV AB . 26.10 -0.79 3.18
H4A DPV AB . 25.18 -2.32 3.06
H5 DPV AB . 24.00 0.53 3.03
H5A DPV AB . 23.05 -0.93 2.70
H6 DPV AB . 24.35 -2.68 5.10
H6A DPV AB . 22.63 -2.60 4.57
H6B DPV AB . 23.08 -2.18 6.25
H7 DPV AB . 22.38 1.10 4.78
H7A DPV AB . 22.02 -0.03 6.12
H7B DPV AB . 21.48 -0.41 4.46
H8 DPV AB . 24.82 1.02 5.33
H8A DPV AB . 25.61 -0.57 5.52
H8B DPV AB . 24.38 -0.06 6.70
H15 DPV AB . 21.48 -5.18 -2.86
H15A DPV AB . 21.59 -6.46 -1.65
H16 DPV AB . 22.48 -6.74 -4.57
H16A DPV AB . 22.51 -8.03 -3.34
H17 DPV AB . 19.98 -7.65 -3.06
H17A DPV AB . 20.04 -6.58 -4.46
H18 DPV AB . 20.83 -8.48 -5.90
H18A DPV AB . 20.87 -9.54 -4.47
H19 DPV AB . 18.39 -9.02 -4.12
H19A DPV AB . 18.38 -8.20 -5.69
H20 DPV AB . 18.85 -10.29 -6.86
H20A DPV AB . 19.25 -11.13 -5.36
H21 DPV AB . 16.91 -10.83 -4.54
H21A DPV AB . 16.48 -9.96 -6.02
H22 DPV AB . 16.87 -12.02 -7.35
H22A DPV AB . 17.44 -12.88 -5.93
H23 DPV AB . 15.10 -13.46 -6.38
H23A DPV AB . 14.62 -11.77 -6.30
H23B DPV AB . 15.20 -12.60 -4.84
N DPV BB . 33.35 -22.99 -9.42
P DPV BB . 31.50 -19.47 -12.86
C1 DPV BB . 33.28 -17.56 -13.06
C2 DPV BB . 34.77 -17.27 -12.73
C3 DPV BB . 35.07 -15.75 -12.56
C4 DPV BB . 32.51 -21.02 -10.97
C5 DPV BB . 32.26 -22.45 -10.42
C6 DPV BB . 32.79 -24.26 -8.77
C7 DPV BB . 33.68 -22.00 -8.29
C8 DPV BB . 34.64 -23.35 -10.18
C15 DPV BB . 34.58 -15.21 -11.18
C16 DPV BB . 34.80 -13.69 -11.01
C17 DPV BB . 34.16 -13.18 -9.68
C18 DPV BB . 34.32 -11.65 -9.44
C19 DPV BB . 33.51 -10.77 -10.47
O1P DPV BB . 30.93 -19.54 -14.22
C20 DPV BB . 32.83 -9.52 -9.83
C21 DPV BB . 31.49 -9.86 -9.10
C22 DPV BB . 30.72 -8.59 -8.70
C23 DPV BB . 29.36 -8.92 -8.07
O2P DPV BB . 30.64 -18.73 -11.93
O3P DPV BB . 33.02 -18.98 -12.85
O4P DPV BB . 31.94 -20.91 -12.30
H1 DPV BB . 32.63 -16.99 -12.40
H1A DPV BB . 33.06 -17.31 -14.10
H2 DPV BB . 35.05 -17.81 -11.83
H2A DPV BB . 35.38 -17.66 -13.54
H3 DPV BB . 34.59 -15.18 -13.37
H3A DPV BB . 36.13 -15.59 -12.64
H4 DPV BB . 32.04 -20.29 -10.32
H4A DPV BB . 33.58 -20.81 -11.04
H5 DPV BB . 31.29 -22.46 -9.89
H5A DPV BB . 32.19 -23.16 -11.25
H6 DPV BB . 32.57 -25.00 -9.56
H6A DPV BB . 31.88 -24.01 -8.22
H6B DPV BB . 33.55 -24.66 -8.09
H7 DPV BB . 34.11 -21.10 -8.73
H7A DPV BB . 34.40 -22.47 -7.62
H7B DPV BB . 32.76 -21.77 -7.76
H8 DPV BB . 35.07 -22.43 -10.60
H8A DPV BB . 34.40 -24.06 -10.98
H8B DPV BB . 35.35 -23.80 -9.48
H15 DPV BB . 35.10 -15.74 -10.38
H15A DPV BB . 33.51 -15.42 -11.07
H16 DPV BB . 35.87 -13.47 -11.02
H16A DPV BB . 34.35 -13.17 -11.85
H17 DPV BB . 33.11 -13.45 -9.66
H17A DPV BB . 34.64 -13.71 -8.84
H18 DPV BB . 33.98 -11.42 -8.42
H18A DPV BB . 35.38 -11.37 -9.49
H19 DPV BB . 34.19 -10.43 -11.24
H19A DPV BB . 32.75 -11.38 -10.97
H20 DPV BB . 33.51 -9.03 -9.14
H20A DPV BB . 32.62 -8.81 -10.63
H21 DPV BB . 30.86 -10.47 -9.77
H21A DPV BB . 31.70 -10.47 -8.22
H22 DPV BB . 31.33 -8.01 -7.98
H22A DPV BB . 30.56 -7.95 -9.57
H23 DPV BB . 29.49 -9.50 -7.15
H23A DPV BB . 28.74 -9.50 -8.75
H23B DPV BB . 28.83 -8.01 -7.82
N DPV CB . 24.14 -10.11 -22.93
P DPV CB . 24.90 -5.55 -21.98
C1 DPV CB . 24.77 -3.00 -21.45
C2 DPV CB . 23.78 -1.99 -20.79
C3 DPV CB . 23.48 -2.31 -19.29
C4 DPV CB . 23.66 -7.51 -23.20
C5 DPV CB . 24.02 -8.71 -22.24
C6 DPV CB . 24.37 -11.15 -21.84
C7 DPV CB . 25.32 -10.16 -23.92
C8 DPV CB . 22.83 -10.49 -23.65
C15 DPV CB . 22.40 -3.42 -19.11
C16 DPV CB . 22.10 -3.67 -17.60
C17 DPV CB . 20.96 -4.72 -17.40
C18 DPV CB . 19.55 -4.11 -17.61
C19 DPV CB . 18.46 -5.20 -17.79
O1P DPV CB . 25.47 -6.07 -20.71
C20 DPV CB . 17.06 -4.56 -17.96
C21 DPV CB . 16.03 -5.58 -18.53
C22 DPV CB . 14.60 -5.00 -18.50
C23 DPV CB . 13.59 -6.00 -19.10
O2P DPV CB . 25.92 -5.45 -23.04
O3P DPV CB . 24.06 -4.22 -21.79
O4P DPV CB . 23.57 -6.29 -22.42
H1 DPV CB . 25.19 -2.58 -22.37
H1A DPV CB . 25.58 -3.23 -20.75
H2 DPV CB . 24.23 -1.00 -20.86
H2A DPV CB . 22.86 -1.96 -21.37
H3 DPV CB . 23.12 -1.40 -18.82
H3A DPV CB . 24.41 -2.60 -18.78
H4 DPV CB . 24.42 -7.39 -23.97
H4A DPV CB . 22.69 -7.69 -23.67
H5 DPV CB . 24.98 -8.51 -21.75
H5A DPV CB . 23.25 -8.79 -21.47
H6 DPV CB . 23.53 -11.16 -21.15
H6A DPV CB . 25.29 -10.90 -21.30
H6B DPV CB . 24.50 -12.14 -22.31
H7 DPV CB . 25.12 -9.47 -24.75
H7A DPV CB . 25.40 -11.19 -24.30
H7B DPV CB . 26.23 -9.87 -23.39
H8 DPV CB . 22.69 -9.81 -24.50
H8A DPV CB . 22.00 -10.40 -22.96
H8B DPV CB . 22.92 -11.51 -24.01
H15 DPV CB . 22.74 -4.34 -19.57
H15A DPV CB . 21.49 -3.11 -19.63
H16 DPV CB . 23.00 -4.03 -17.11
H16A DPV CB . 21.82 -2.74 -17.12
H17 DPV CB . 21.12 -5.57 -18.08
H17A DPV CB . 21.03 -5.12 -16.38
H18 DPV CB . 19.30 -3.47 -16.76
H18A DPV CB . 19.55 -3.48 -18.50
H19 DPV CB . 18.70 -5.79 -18.68
H19A DPV CB . 18.46 -5.87 -16.93
H20 DPV CB . 16.72 -4.19 -16.99
H20A DPV CB . 17.11 -3.70 -18.63
H21 DPV CB . 16.31 -5.83 -19.56
H21A DPV CB . 16.08 -6.49 -17.94
H22 DPV CB . 14.31 -4.78 -17.46
H22A DPV CB . 14.56 -4.07 -19.06
H23 DPV CB . 13.84 -6.24 -20.13
H23A DPV CB . 12.59 -5.56 -19.09
H23B DPV CB . 13.56 -6.92 -18.51
N DPV DB . 16.82 3.39 -22.21
P DPV DB . 13.15 0.66 -20.75
C1 DPV DB . 12.22 -0.04 -23.09
C2 DPV DB . 12.13 0.45 -24.55
C3 DPV DB . 11.22 -0.44 -25.47
C4 DPV DB . 15.45 1.96 -20.42
C5 DPV DB . 16.17 2.00 -21.82
C6 DPV DB . 18.00 3.74 -21.29
C7 DPV DB . 15.80 4.54 -22.18
C8 DPV DB . 17.35 3.26 -23.64
C15 DPV DB . 11.87 -1.78 -25.90
C16 DPV DB . 11.50 -2.97 -24.95
C17 DPV DB . 12.25 -4.25 -25.35
C18 DPV DB . 12.17 -5.32 -24.21
C19 DPV DB . 13.15 -6.49 -24.46
O1P DPV DB . 13.90 -0.57 -20.46
C20 DPV DB . 13.70 -7.07 -23.14
C21 DPV DB . 14.82 -8.10 -23.42
C22 DPV DB . 15.48 -8.61 -22.12
C23 DPV DB . 16.66 -9.55 -22.44
O2P DPV DB . 11.88 0.71 -19.99
O3P DPV DB . 12.95 0.94 -22.31
O4P DPV DB . 14.01 2.01 -20.62
H1 DPV DB . 11.22 -0.15 -22.66
H1A DPV DB . 12.76 -0.99 -23.04
H2 DPV DB . 11.69 1.46 -24.55
H2A DPV DB . 13.13 0.53 -24.98
H3 DPV DB . 11.00 0.13 -26.37
H3A DPV DB . 10.26 -0.61 -24.98
H4 DPV DB . 15.70 1.03 -19.90
H4A DPV DB . 15.75 2.80 -19.80
H5 DPV DB . 16.98 1.27 -21.83
H5A DPV DB . 15.45 1.74 -22.60
H6 DPV DB . 18.72 2.91 -21.31
H6A DPV DB . 17.63 3.89 -20.28
H6B DPV DB . 18.48 4.65 -21.66
H7 DPV DB . 15.00 4.33 -22.89
H7A DPV DB . 16.31 5.47 -22.48
H7B DPV DB . 15.39 4.65 -21.18
H8 DPV DB . 16.51 3.03 -24.31
H8A DPV DB . 18.08 2.45 -23.67
H8B DPV DB . 17.82 4.20 -23.93
H15 DPV DB . 12.96 -1.67 -25.95
H15A DPV DB . 11.53 -2.03 -26.91
H16 DPV DB . 11.77 -2.70 -23.92
H16A DPV DB . 10.43 -3.14 -24.98
H17 DPV DB . 11.84 -4.67 -26.27
H17A DPV DB . 13.31 -4.02 -25.53
H18 DPV DB . 12.41 -4.84 -23.26
H18A DPV DB . 11.14 -5.70 -24.14
H19 DPV DB . 12.63 -7.27 -25.03
H19A DPV DB . 13.99 -6.15 -25.08
H20 DPV DB . 14.10 -6.27 -22.52
H20A DPV DB . 12.89 -7.54 -22.57
H21 DPV DB . 14.41 -8.95 -23.98
H21A DPV DB . 15.59 -7.64 -24.05
H22 DPV DB . 15.84 -7.77 -21.53
H22A DPV DB . 14.75 -9.15 -21.52
H23 DPV DB . 17.06 -9.97 -21.52
H23A DPV DB . 17.45 -9.00 -22.95
H23B DPV DB . 16.33 -10.36 -23.09
N DPV EB . 18.30 -11.33 -25.94
P DPV EB . 19.74 -7.07 -24.61
C1 DPV EB . 19.84 -6.83 -22.02
C2 DPV EB . 20.36 -7.54 -20.75
C3 DPV EB . 19.36 -8.59 -20.23
C4 DPV EB . 19.93 -9.24 -26.15
C5 DPV EB . 19.31 -10.37 -25.23
C6 DPV EB . 17.02 -10.58 -26.38
C7 DPV EB . 17.88 -12.40 -24.92
C8 DPV EB . 18.92 -12.05 -27.14
C15 DPV EB . 19.83 -9.23 -18.90
C16 DPV EB . 18.73 -10.15 -18.29
C17 DPV EB . 19.23 -10.86 -17.00
C18 DPV EB . 18.11 -11.58 -16.20
C19 DPV EB . 17.74 -12.98 -16.76
O1P DPV EB . 20.32 -5.73 -24.86
C20 DPV EB . 16.80 -13.75 -15.78
C21 DPV EB . 16.19 -15.02 -16.43
C22 DPV EB . 15.28 -15.79 -15.44
C23 DPV EB . 14.58 -16.98 -16.13
O2P DPV EB . 18.29 -7.12 -24.92
O3P DPV EB . 20.10 -7.66 -23.18
O4P DPV EB . 20.59 -8.25 -25.31
H1 DPV EB . 18.77 -6.63 -21.95
H1A DPV EB . 20.37 -5.89 -22.15
H2 DPV EB . 21.33 -8.00 -20.96
H2A DPV EB . 20.52 -6.78 -19.98
H3 DPV EB . 19.23 -9.38 -20.98
H3A DPV EB . 18.38 -8.13 -20.08
H4 DPV EB . 20.67 -9.68 -26.82
H4A DPV EB . 19.16 -8.74 -26.73
H5 DPV EB . 20.12 -10.97 -24.83
H5A DPV EB . 18.78 -9.89 -24.40
H6 DPV EB . 17.29 -9.85 -27.16
H6A DPV EB . 16.60 -10.07 -25.52
H6B DPV EB . 16.31 -11.30 -26.77
H7 DPV EB . 18.76 -12.97 -24.62
H7A DPV EB . 17.15 -13.07 -25.39
H7B DPV EB . 17.44 -11.91 -24.05
H8 DPV EB . 19.81 -12.59 -26.80
H8A DPV EB . 19.21 -11.30 -27.89
H8B DPV EB . 18.19 -12.75 -27.56
H15 DPV EB . 20.07 -8.45 -18.18
H15A DPV EB . 20.74 -9.82 -19.08
H16 DPV EB . 17.85 -9.56 -18.06
H16A DPV EB . 18.44 -10.91 -19.02
H17 DPV EB . 20.02 -11.57 -17.24
H17A DPV EB . 19.68 -10.11 -16.35
H18 DPV EB . 18.46 -11.70 -15.16
H18A DPV EB . 17.22 -10.95 -16.15
H19 DPV EB . 17.23 -12.86 -17.73
H19A DPV EB . 18.65 -13.57 -16.93
H20 DPV EB . 17.37 -14.03 -14.89
H20A DPV EB . 15.98 -13.09 -15.46
H21 DPV EB . 15.61 -14.72 -17.31
H21A DPV EB . 16.99 -15.68 -16.77
H22 DPV EB . 15.88 -16.16 -14.60
H22A DPV EB . 14.53 -15.11 -15.04
H23 DPV EB . 15.31 -17.67 -16.54
H23A DPV EB . 13.94 -16.63 -16.94
H23B DPV EB . 13.95 -17.51 -15.42
N DPV FB . 19.63 -17.59 -28.10
P DPV FB . 15.33 -14.79 -27.07
C1 DPV FB . 13.02 -14.81 -28.32
C2 DPV FB . 11.91 -14.75 -27.25
C3 DPV FB . 11.22 -16.14 -27.06
C4 DPV FB . 17.62 -15.99 -27.48
C5 DPV FB . 18.23 -17.43 -27.44
C6 DPV FB . 20.70 -16.68 -27.44
C7 DPV FB . 19.58 -17.30 -29.62
C8 DPV FB . 20.06 -19.05 -27.93
C15 DPV FB . 10.31 -16.22 -25.81
C16 DPV FB . 8.93 -15.52 -25.99
C17 DPV FB . 8.09 -15.50 -24.68
C18 DPV FB . 8.59 -14.41 -23.67
C19 DPV FB . 7.80 -14.48 -22.33
O1P DPV FB . 15.03 -14.46 -25.67
C20 DPV FB . 8.31 -13.45 -21.27
C21 DPV FB . 8.02 -11.94 -21.60
C22 DPV FB . 6.55 -11.50 -21.33
C23 DPV FB . 5.68 -11.48 -22.61
O2P DPV FB . 15.85 -13.64 -27.83
O3P DPV FB . 14.15 -15.58 -27.81
O4P DPV FB . 16.21 -16.11 -27.22
H1 DPV FB . 12.64 -15.30 -29.23
H1A DPV FB . 13.35 -13.81 -28.57
H2 DPV FB . 12.33 -14.42 -26.31
H2A DPV FB . 11.16 -14.01 -27.56
H3 DPV FB . 11.99 -16.90 -26.98
H3A DPV FB . 10.65 -16.37 -27.96
H4 DPV FB . 18.07 -15.37 -26.72
H4A DPV FB . 17.75 -15.54 -28.47
H5 DPV FB . 18.32 -17.75 -26.40
H5A DPV FB . 17.56 -18.11 -27.96
H6 DPV FB . 20.73 -16.91 -26.37
H6A DPV FB . 20.43 -15.63 -27.60
H6B DPV FB . 21.67 -16.88 -27.91
H7 DPV FB . 18.83 -17.96 -30.07
H7A DPV FB . 20.56 -17.51 -30.05
H7B DPV FB . 19.31 -16.26 -29.78
H8 DPV FB . 19.33 -19.69 -28.42
H8A DPV FB . 20.10 -19.27 -26.86
H8B DPV FB . 21.05 -19.19 -28.39
H15 DPV FB . 10.84 -15.81 -24.95
H15A DPV FB . 10.14 -17.28 -25.58
H16 DPV FB . 9.08 -14.50 -26.35
H16A DPV FB . 8.36 -16.05 -26.76
H17 DPV FB . 7.05 -15.29 -24.93
H17A DPV FB . 8.11 -16.49 -24.21
H18 DPV FB . 9.65 -14.55 -23.47
H18A DPV FB . 8.47 -13.43 -24.13
H19 DPV FB . 6.74 -14.33 -22.53
H19A DPV FB . 7.91 -15.48 -21.92
H20 DPV FB . 7.88 -13.70 -20.30
H20A DPV FB . 9.39 -13.58 -21.16
H21 DPV FB . 8.67 -11.33 -20.97
H21A DPV FB . 8.30 -11.71 -22.64
H22 DPV FB . 6.09 -12.16 -20.60
H22A DPV FB . 6.56 -10.51 -20.90
H23 DPV FB . 6.08 -10.75 -23.33
H23A DPV FB . 4.66 -11.19 -22.37
H23B DPV FB . 5.65 -12.45 -23.09
N DPV GB . 26.61 -23.08 -20.06
P DPV GB . 23.13 -23.01 -16.69
C1 DPV GB . 21.06 -22.26 -15.27
C2 DPV GB . 21.49 -21.30 -14.13
C3 DPV GB . 20.52 -21.33 -12.93
C4 DPV GB . 24.98 -21.98 -18.28
C5 DPV GB . 25.29 -23.20 -19.21
C6 DPV GB . 26.81 -24.39 -20.81
C7 DPV GB . 27.86 -22.84 -19.19
C8 DPV GB . 26.49 -21.95 -21.11
C15 DPV GB . 20.95 -20.29 -11.85
C16 DPV GB . 20.00 -20.31 -10.61
C17 DPV GB . 20.39 -19.18 -9.58
C18 DPV GB . 19.36 -18.00 -9.48
C19 DPV GB . 19.17 -17.20 -10.81
O1P DPV GB . 22.74 -24.35 -17.17
C20 DPV GB . 18.46 -15.82 -10.62
C21 DPV GB . 16.96 -15.92 -10.22
C22 DPV GB . 16.27 -14.52 -10.26
C23 DPV GB . 14.79 -14.55 -9.80
O2P DPV GB . 24.08 -23.06 -15.57
O3P DPV GB . 21.90 -22.02 -16.43
O4P DPV GB . 23.59 -22.03 -17.87
H1 DPV GB . 21.15 -23.30 -14.96
H1A DPV GB . 20.02 -22.04 -15.55
H2 DPV GB . 22.50 -21.59 -13.80
H2A DPV GB . 21.56 -20.29 -14.52
H3 DPV GB . 20.50 -22.33 -12.49
H3A DPV GB . 19.51 -21.09 -13.27
H4 DPV GB . 25.62 -21.99 -17.40
H4A DPV GB . 25.14 -21.05 -18.82
H5 DPV GB . 25.38 -24.11 -18.61
H5A DPV GB . 24.48 -23.33 -19.92
H6 DPV GB . 25.94 -24.59 -21.45
H6A DPV GB . 26.93 -25.20 -20.09
H6B DPV GB . 27.71 -24.32 -21.44
H7 DPV GB . 27.93 -23.64 -18.45
H7A DPV GB . 27.77 -21.87 -18.69
H7B DPV GB . 28.75 -22.84 -19.83
H8 DPV GB . 27.38 -21.96 -21.74
H8A DPV GB . 26.38 -21.00 -20.60
H8B DPV GB . 25.59 -22.15 -21.73
H15 DPV GB . 20.96 -19.29 -12.29
H15A DPV GB . 21.97 -20.51 -11.52
H16 DPV GB . 18.97 -20.19 -10.93
H16A DPV GB . 20.08 -21.28 -10.11
H17 DPV GB . 20.46 -19.64 -8.59
H17A DPV GB . 21.38 -18.78 -9.80
H18 DPV GB . 18.40 -18.39 -9.15
H18A DPV GB . 19.71 -17.32 -8.70
H19 DPV GB . 20.15 -17.02 -11.26
H19A DPV GB . 18.60 -17.80 -11.53
H20 DPV GB . 19.00 -15.23 -9.87
H20A DPV GB . 18.54 -15.27 -11.57
H21 DPV GB . 16.43 -16.58 -10.91
H21A DPV GB . 16.87 -16.33 -9.22
H22 DPV GB . 16.82 -13.82 -9.61
H22A DPV GB . 16.31 -14.13 -11.27
H23 DPV GB . 14.24 -15.31 -10.35
H23A DPV GB . 14.31 -13.59 -9.96
H23B DPV GB . 14.74 -14.79 -8.73
N DPV HB . 25.37 -26.90 -15.99
P DPV HB . 28.68 -23.15 -15.42
C1 DPV HB . 28.58 -21.97 -13.09
C2 DPV HB . 28.18 -22.41 -11.67
C3 DPV HB . 27.58 -21.26 -10.80
C4 DPV HB . 27.19 -25.28 -14.97
C5 DPV HB . 26.40 -25.75 -16.24
C6 DPV HB . 26.07 -28.20 -15.52
C7 DPV HB . 24.68 -27.20 -17.32
C8 DPV HB . 24.28 -26.50 -14.99
C15 DPV HB . 26.22 -20.64 -11.32
C16 DPV HB . 25.04 -21.64 -11.57
C17 DPV HB . 24.52 -22.33 -10.25
C18 DPV HB . 23.35 -23.33 -10.52
C19 DPV HB . 23.82 -24.68 -11.15
O1P DPV HB . 29.89 -22.74 -16.15
C20 DPV HB . 22.66 -25.66 -11.46
C21 DPV HB . 21.77 -25.21 -12.66
C22 DPV HB . 20.89 -26.38 -13.20
C23 DPV HB . 20.09 -25.96 -14.45
O2P DPV HB . 27.49 -22.39 -15.87
O3P DPV HB . 28.87 -23.17 -13.84
O4P DPV HB . 28.46 -24.74 -15.40
H1 DPV HB . 27.74 -21.45 -13.57
H1A DPV HB . 29.45 -21.33 -13.08
H2 DPV HB . 27.46 -23.22 -11.74
H2A DPV HB . 29.06 -22.80 -11.16
H3 DPV HB . 28.32 -20.46 -10.73
H3A DPV HB . 27.44 -21.63 -9.79
H4 DPV HB . 26.62 -24.53 -14.43
H4A DPV HB . 27.39 -26.13 -14.32
H5 DPV HB . 25.84 -24.90 -16.65
H5A DPV HB . 27.10 -26.10 -17.00
H6 DPV HB . 26.49 -28.05 -14.53
H6A DPV HB . 26.85 -28.46 -16.23
H6B DPV HB . 25.32 -29.01 -15.48
H7 DPV HB . 24.17 -26.30 -17.66
H7A DPV HB . 23.95 -28.00 -17.17
H7B DPV HB . 25.42 -27.51 -18.05
H8 DPV HB . 23.82 -25.56 -15.32
H8A DPV HB . 24.74 -26.37 -14.00
H8B DPV HB . 23.53 -27.29 -14.94
H15 DPV HB . 26.40 -20.10 -12.25
H15A DPV HB . 25.88 -19.88 -10.60
H16 DPV HB . 24.20 -21.09 -12.02
H16A DPV HB . 25.34 -22.40 -12.29
H17 DPV HB . 25.33 -22.87 -9.76
H17A DPV HB . 24.17 -21.56 -9.56
H18 DPV HB . 22.85 -23.54 -9.56
H18A DPV HB . 22.60 -22.85 -11.16
H19 DPV HB . 24.38 -24.48 -12.08
H19A DPV HB . 24.51 -25.16 -10.46
H20 DPV HB . 23.10 -26.64 -11.67
H20A DPV HB . 22.04 -25.79 -10.56
H21 DPV HB . 21.12 -24.40 -12.34
H21A DPV HB . 22.40 -24.84 -13.46
H22 DPV HB . 21.53 -27.23 -13.45
H22A DPV HB . 20.21 -26.70 -12.42
H23 DPV HB . 19.45 -26.78 -14.76
H23A DPV HB . 20.76 -25.71 -15.27
H23B DPV HB . 19.46 -25.09 -14.23
N DPV IB . 13.43 -16.68 17.66
P DPV IB . 14.65 -11.82 15.99
C1 DPV IB . 12.58 -10.44 16.87
C2 DPV IB . 11.30 -11.09 16.27
C3 DPV IB . 10.59 -12.05 17.28
C4 DPV IB . 13.98 -14.29 16.62
C5 DPV IB . 14.49 -15.52 17.44
C6 DPV IB . 12.29 -16.23 18.59
C7 DPV IB . 14.17 -17.85 18.33
C8 DPV IB . 12.83 -17.19 16.33
C15 DPV IB . 9.47 -12.86 16.59
C16 DPV IB . 8.81 -13.89 17.55
C17 DPV IB . 7.59 -14.64 16.91
C18 DPV IB . 8.02 -15.69 15.83
C19 DPV IB . 6.81 -16.16 14.97
O1P DPV IB . 15.81 -10.91 15.99
C20 DPV IB . 7.27 -16.71 13.60
C21 DPV IB . 6.09 -16.83 12.60
C22 DPV IB . 6.49 -17.45 11.22
C23 DPV IB . 7.28 -16.47 10.31
O2P DPV IB . 14.07 -11.98 14.64
O3P DPV IB . 13.58 -11.47 17.13
O4P DPV IB . 14.96 -13.23 16.72
H1 DPV IB . 12.99 -9.72 16.16
H1A DPV IB . 12.34 -9.93 17.80
H2 DPV IB . 10.60 -10.30 15.99
H2A DPV IB . 11.55 -11.64 15.37
H3 DPV IB . 10.17 -11.48 18.11
H3A DPV IB . 11.32 -12.74 17.71
H4 DPV IB . 13.85 -14.57 15.57
H4A DPV IB . 13.03 -13.94 17.02
H5 DPV IB . 15.36 -15.96 16.95
H5A DPV IB . 14.79 -15.19 18.45
H6 DPV IB . 11.59 -17.07 18.73
H6A DPV IB . 11.78 -15.38 18.15
H6B DPV IB . 12.73 -15.96 19.56
H7 DPV IB . 14.98 -18.18 17.68
H7A DPV IB . 13.45 -18.67 18.48
H7B DPV IB . 14.56 -17.52 19.29
H8 DPV IB . 13.64 -17.50 15.67
H8A DPV IB . 12.27 -16.37 15.86
H8B DPV IB . 12.17 -18.03 16.55
H15 DPV IB . 9.90 -13.39 15.73
H15A DPV IB . 8.71 -12.18 16.21
H16 DPV IB . 9.55 -14.62 17.89
H16A DPV IB . 8.45 -13.37 18.44
H17 DPV IB . 7.03 -15.14 17.69
H17A DPV IB . 6.91 -13.90 16.46
H18 DPV IB . 8.79 -15.26 15.18
H18A DPV IB . 8.47 -16.57 16.33
H19 DPV IB . 6.23 -16.91 15.51
H19A DPV IB . 6.14 -15.31 14.79
H20 DPV IB . 8.03 -16.06 13.17
H20A DPV IB . 7.74 -17.70 13.74
H21 DPV IB . 5.32 -17.48 13.05
H21A DPV IB . 5.63 -15.85 12.44
H22 DPV IB . 7.07 -18.36 11.38
H22A DPV IB . 5.59 -17.74 10.70
H23 DPV IB . 7.49 -16.94 9.35
H23A DPV IB . 8.24 -16.20 10.77
H23B DPV IB . 6.71 -15.57 10.15
N DPV JB . 0.07 -21.65 12.40
P DPV JB . 2.19 -17.36 10.20
C1 DPV JB . 3.78 -16.69 8.22
C2 DPV JB . 2.87 -16.08 7.12
C3 DPV JB . 3.60 -15.03 6.23
C4 DPV JB . 1.01 -19.38 11.38
C5 DPV JB . 0.98 -20.95 11.33
C6 DPV JB . -1.39 -21.24 12.25
C7 DPV JB . 0.55 -21.34 13.84
C8 DPV JB . 0.15 -23.16 12.20
C15 DPV JB . 4.56 -15.66 5.17
C16 DPV JB . 5.05 -14.60 4.16
C17 DPV JB . 6.02 -15.20 3.11
C18 DPV JB . 6.39 -14.14 2.01
C19 DPV JB . 7.37 -14.73 0.95
O1P DPV JB . 0.92 -16.66 9.86
C20 DPV JB . 7.68 -13.70 -0.17
C21 DPV JB . 8.52 -14.32 -1.32
C22 DPV JB . 8.75 -13.28 -2.47
C23 DPV JB . 9.73 -13.81 -3.54
O2P DPV JB . 2.95 -16.67 11.26
O3P DPV JB . 3.06 -17.75 8.91
O4P DPV JB . 2.01 -18.92 10.45
H1 DPV JB . 4.67 -17.13 7.76
H1A DPV JB . 4.08 -15.93 8.93
H2 DPV JB . 2.47 -16.88 6.49
H2A DPV JB . 2.01 -15.60 7.60
H3 DPV JB . 4.16 -14.33 6.87
H3A DPV JB . 2.83 -14.44 5.71
H4 DPV JB . 0.04 -18.97 11.11
H4A DPV JB . 1.28 -19.04 12.38
H5 DPV JB . 0.62 -21.27 10.34
H5A DPV JB . 2.00 -21.34 11.46
H6 DPV JB . -1.75 -21.54 11.27
H6A DPV JB . -1.48 -20.15 12.38
H6B DPV JB . -1.99 -21.74 13.03
H7 DPV JB . 1.61 -21.63 13.92
H7A DPV JB . -0.05 -21.91 14.55
H7B DPV JB . 0.45 -20.27 14.03
H8 DPV JB . 1.19 -23.49 12.31
H8A DPV JB . -0.21 -23.40 11.19
H8B DPV JB . -0.48 -23.66 12.95
H15 DPV JB . 4.03 -16.46 4.63
H15A DPV JB . 5.41 -16.11 5.67
H16 DPV JB . 4.19 -14.17 3.65
H16A DPV JB . 5.55 -13.78 4.70
H17 DPV JB . 6.93 -15.54 3.60
H17A DPV JB . 5.56 -16.06 2.63
H18 DPV JB . 5.47 -13.81 1.51
H18A DPV JB . 6.84 -13.27 2.48
H19 DPV JB . 8.29 -15.03 1.44
H19A DPV JB . 6.92 -15.62 0.51
H20 DPV JB . 6.74 -13.30 -0.58
H20A DPV JB . 8.23 -12.86 0.26
H21 DPV JB . 9.47 -14.67 -0.93
H21A DPV JB . 7.99 -15.19 -1.73
H22 DPV JB . 7.80 -13.03 -2.94
H22A DPV JB . 9.17 -12.36 -2.05
H23 DPV JB . 10.73 -13.91 -3.12
H23A DPV JB . 9.75 -13.13 -4.38
H23B DPV JB . 9.39 -14.79 -3.90
N DPV KB . 12.39 -26.76 8.75
P DPV KB . 8.01 -29.24 7.21
C1 DPV KB . 6.46 -27.16 6.73
C2 DPV KB . 5.60 -27.47 5.47
C3 DPV KB . 5.54 -26.25 4.49
C4 DPV KB . 10.29 -28.21 8.00
C5 DPV KB . 10.85 -27.06 8.89
C6 DPV KB . 12.76 -25.69 9.78
C7 DPV KB . 12.72 -26.22 7.34
C8 DPV KB . 13.25 -28.00 9.02
C15 DPV KB . 4.62 -25.11 5.01
C16 DPV KB . 4.83 -23.78 4.23
C17 DPV KB . 4.15 -22.58 4.96
C18 DPV KB . 4.44 -21.25 4.21
C19 DPV KB . 4.02 -19.97 5.02
O1P DPV KB . 8.43 -29.21 5.79
C20 DPV KB . 2.48 -19.73 5.07
C21 DPV KB . 1.92 -19.10 3.77
C22 DPV KB . 0.37 -18.96 3.84
C23 DPV KB . -0.23 -18.47 2.51
O2P DPV KB . 7.92 -30.63 7.72
O3P DPV KB . 6.68 -28.39 7.51
O4P DPV KB . 8.85 -28.27 8.16
H1 DPV KB . 7.42 -26.74 6.46
H1A DPV KB . 5.92 -26.45 7.38
H2 DPV KB . 6.04 -28.32 4.94
H2A DPV KB . 4.59 -27.77 5.77
H3 DPV KB . 5.17 -26.60 3.53
H3A DPV KB . 6.56 -25.87 4.34
H4 DPV KB . 10.53 -28.03 6.95
H4A DPV KB . 10.72 -29.17 8.29
H5 DPV KB . 10.32 -26.13 8.65
H5A DPV KB . 10.67 -27.30 9.94
H6 DPV KB . 12.17 -24.79 9.58
H6A DPV KB . 13.82 -25.46 9.68
H6B DPV KB . 12.54 -26.06 10.78
H7 DPV KB . 12.47 -26.99 6.60
H7A DPV KB . 13.79 -26.01 7.29
H7B DPV KB . 12.13 -25.32 7.16
H8 DPV KB . 13.04 -28.75 8.26
H8A DPV KB . 13.00 -28.39 10.03
H8B DPV KB . 14.31 -27.71 8.98
H15 DPV KB . 4.82 -24.93 6.06
H15A DPV KB . 3.57 -25.42 4.94
H16 DPV KB . 5.91 -23.59 4.14
H16A DPV KB . 4.42 -23.89 3.23
H17 DPV KB . 3.07 -22.75 5.01
H17A DPV KB . 4.52 -22.52 5.98
H18 DPV KB . 5.52 -21.18 4.03
H18A DPV KB . 3.95 -21.25 3.25
H19 DPV KB . 4.38 -20.07 6.04
H19A DPV KB . 4.51 -19.09 4.58
H20 DPV KB . 1.96 -20.67 5.27
H20A DPV KB . 2.25 -19.06 5.91
H21 DPV KB . 2.37 -18.11 3.61
H21A DPV KB . 2.18 -19.73 2.91
H22 DPV KB . -0.06 -19.92 4.10
H22A DPV KB . 0.11 -18.25 4.64
H23 DPV KB . -1.32 -18.35 2.61
H23A DPV KB . -0.04 -19.20 1.72
H23B DPV KB . 0.20 -17.52 2.23
N DPV LB . 28.70 -8.79 -18.89
P DPV LB . 30.10 -9.97 -14.44
C1 DPV LB . 28.83 -9.11 -12.32
C2 DPV LB . 27.91 -7.96 -11.83
C3 DPV LB . 26.61 -7.84 -12.68
C4 DPV LB . 29.42 -10.45 -16.91
C5 DPV LB . 28.34 -10.04 -17.98
C6 DPV LB . 29.92 -9.08 -19.77
C7 DPV LB . 28.93 -7.52 -18.06
C8 DPV LB . 27.50 -8.54 -19.81
C15 DPV LB . 25.66 -6.79 -12.07
C16 DPV LB . 24.40 -6.55 -12.96
C17 DPV LB . 23.43 -5.55 -12.27
C18 DPV LB . 22.29 -5.07 -13.21
C19 DPV LB . 21.46 -3.96 -12.52
O1P DPV LB . 29.86 -11.35 -13.94
C20 DPV LB . 20.28 -3.43 -13.40
C21 DPV LB . 19.05 -4.39 -13.37
C22 DPV LB . 17.78 -3.69 -13.95
C23 DPV LB . 16.58 -4.66 -14.00
O2P DPV LB . 31.54 -9.64 -14.54
O3P DPV LB . 29.25 -8.85 -13.67
O4P DPV LB . 29.27 -9.61 -15.74
H1 DPV LB . 29.72 -9.17 -11.68
H1A DPV LB . 28.29 -10.05 -12.28
H2 DPV LB . 27.65 -8.15 -10.79
H2A DPV LB . 28.46 -7.02 -11.87
H3 DPV LB . 26.11 -8.81 -12.72
H3A DPV LB . 26.87 -7.56 -13.71
H4 DPV LB . 29.25 -11.49 -16.61
H4A DPV LB . 30.43 -10.34 -17.31
H5 DPV LB . 28.18 -10.88 -18.66
H5A DPV LB . 27.39 -9.82 -17.49
H6 DPV LB . 29.74 -10.00 -20.35
H6A DPV LB . 30.80 -9.21 -19.14
H6B DPV LB . 30.08 -8.23 -20.45
H7 DPV LB . 29.81 -7.66 -17.43
H7A DPV LB . 28.05 -7.34 -17.44
H7B DPV LB . 29.09 -6.67 -18.74
H8 DPV LB . 26.61 -8.32 -19.19
H8A DPV LB . 27.31 -9.43 -20.41
H8B DPV LB . 27.71 -7.68 -20.46
H15 DPV LB . 26.19 -5.84 -11.95
H15A DPV LB . 25.33 -7.12 -11.08
H16 DPV LB . 24.71 -6.16 -13.93
H16A DPV LB . 23.88 -7.50 -13.13
H17 DPV LB . 23.00 -6.01 -11.37
H17A DPV LB . 24.01 -4.68 -11.94
H18 DPV LB . 22.72 -4.69 -14.14
H18A DPV LB . 21.65 -5.93 -13.47
H19 DPV LB . 21.07 -4.32 -11.56
H19A DPV LB . 22.11 -3.12 -12.29
H20 DPV LB . 19.98 -2.46 -13.02
H20A DPV LB . 20.62 -3.28 -14.43
H21 DPV LB . 19.27 -5.28 -13.97
H21A DPV LB . 18.84 -4.71 -12.35
H22 DPV LB . 17.52 -2.83 -13.33
H22A DPV LB . 17.98 -3.31 -14.95
H23 DPV LB . 16.79 -5.50 -14.65
H23A DPV LB . 15.70 -4.14 -14.39
H23B DPV LB . 16.34 -5.02 -13.01
N DPV MB . 23.59 2.55 -19.08
P DPV MB . 26.44 -0.06 -16.13
C1 DPV MB . 26.95 -2.55 -15.36
C2 DPV MB . 25.98 -2.84 -14.19
C3 DPV MB . 26.15 -1.84 -13.01
C4 DPV MB . 25.85 1.42 -18.20
C5 DPV MB . 24.34 1.25 -18.62
C6 DPV MB . 24.28 3.23 -20.27
C7 DPV MB . 23.41 3.55 -17.94
C8 DPV MB . 22.20 2.10 -19.55
C15 DPV MB . 24.90 -1.82 -12.08
C16 DPV MB . 24.90 -0.60 -11.12
C17 DPV MB . 23.53 -0.41 -10.41
C18 DPV MB . 23.43 -1.16 -9.05
C19 DPV MB . 22.05 -0.95 -8.35
O1P DPV MB . 27.74 0.37 -15.57
C20 DPV MB . 20.94 -1.94 -8.83
C21 DPV MB . 20.99 -3.31 -8.11
C22 DPV MB . 19.79 -4.22 -8.48
C23 DPV MB . 19.73 -5.49 -7.60
O2P DPV MB . 25.29 0.49 -15.37
O3P DPV MB . 26.34 -1.65 -16.35
O4P DPV MB . 26.33 0.14 -17.70
H1 DPV MB . 27.89 -2.12 -15.00
H1A DPV MB . 27.18 -3.49 -15.87
H2 DPV MB . 24.96 -2.82 -14.57
H2A DPV MB . 26.16 -3.86 -13.82
H3 DPV MB . 26.33 -0.84 -13.39
H3A DPV MB . 27.03 -2.12 -12.42
H4 DPV MB . 26.45 1.70 -19.08
H4A DPV MB . 25.96 2.19 -17.44
H5 DPV MB . 24.29 0.55 -19.45
H5A DPV MB . 23.79 0.84 -17.78
H6 DPV MB . 24.39 2.52 -21.08
H6A DPV MB . 25.26 3.60 -19.94
H6B DPV MB . 23.66 4.08 -20.60
H7 DPV MB . 22.84 3.08 -17.13
H7A DPV MB . 22.86 4.43 -18.31
H7B DPV MB . 24.39 3.86 -17.58
H8 DPV MB . 21.68 1.61 -18.72
H8A DPV MB . 22.30 1.40 -20.38
H8B DPV MB . 21.63 2.98 -19.87
H15 DPV MB . 24.86 -2.74 -11.50
H15A DPV MB . 24.00 -1.78 -12.70
H16 DPV MB . 25.71 -0.70 -10.39
H16A DPV MB . 25.11 0.31 -11.70
H17 DPV MB . 23.38 0.66 -10.23
H17A DPV MB . 22.72 -0.73 -11.07
H18 DPV MB . 23.62 -2.23 -9.20
H18A DPV MB . 24.22 -0.80 -8.39
H19 DPV MB . 22.17 -1.05 -7.27
H19A DPV MB . 21.71 0.07 -8.53
H20 DPV MB . 19.96 -1.48 -8.63
H20A DPV MB . 21.00 -2.08 -9.92
H21 DPV MB . 21.94 -3.83 -8.35
H21A DPV MB . 20.99 -3.15 -7.02
H22 DPV MB . 18.85 -3.66 -8.36
H22A DPV MB . 19.86 -4.51 -9.54
H23 DPV MB . 18.88 -6.10 -7.89
H23A DPV MB . 19.62 -5.21 -6.55
H23B DPV MB . 20.64 -6.07 -7.71
N DPV NB . 25.07 -18.95 -24.92
P DPV NB . 25.57 -15.10 -22.91
C1 DPV NB . 25.80 -14.94 -20.28
C2 DPV NB . 24.73 -13.99 -19.72
C3 DPV NB . 23.97 -14.57 -18.48
C4 DPV NB . 26.78 -17.11 -24.07
C5 DPV NB . 25.88 -18.34 -23.73
C6 DPV NB . 25.99 -19.43 -26.07
C7 DPV NB . 24.03 -17.95 -25.47
C8 DPV NB . 24.31 -20.17 -24.39
C15 DPV NB . 22.78 -15.48 -18.88
C16 DPV NB . 21.88 -15.81 -17.66
C17 DPV NB . 20.65 -16.69 -18.07
C18 DPV NB . 19.61 -16.87 -16.92
C19 DPV NB . 20.08 -17.86 -15.81
O1P DPV NB . 25.57 -14.16 -24.05
C20 DPV NB . 19.00 -18.06 -14.70
C21 DPV NB . 17.92 -19.11 -15.07
C22 DPV NB . 16.91 -19.34 -13.92
C23 DPV NB . 15.83 -20.37 -14.31
O2P DPV NB . 24.25 -15.69 -22.67
O3P DPV NB . 26.24 -14.46 -21.59
O4P DPV NB . 26.75 -16.16 -22.97
H1 DPV NB . 26.67 -14.95 -19.61
H1A DPV NB . 25.42 -15.95 -20.38
H2 DPV NB . 25.20 -13.05 -19.43
H2A DPV NB . 24.00 -13.74 -20.51
H3 DPV NB . 23.60 -13.72 -17.90
H3A DPV NB . 24.67 -15.11 -17.84
H4 DPV NB . 27.82 -17.44 -24.23
H4A DPV NB . 26.44 -16.61 -24.98
H5 DPV NB . 26.50 -19.14 -23.31
H5A DPV NB . 25.15 -18.05 -22.97
H6 DPV NB . 26.71 -20.15 -25.67
H6A DPV NB . 26.51 -18.57 -26.49
H6B DPV NB . 25.37 -19.91 -26.84
H7 DPV NB . 23.39 -17.62 -24.65
H7A DPV NB . 23.43 -18.44 -26.25
H7B DPV NB . 24.57 -17.09 -25.90
H8 DPV NB . 23.65 -19.85 -23.57
H8A DPV NB . 25.03 -20.91 -24.02
H8B DPV NB . 23.71 -20.60 -25.20
H15 DPV NB . 23.16 -16.42 -19.31
H15A DPV NB . 22.17 -14.99 -19.64
H16 DPV NB . 22.46 -16.34 -16.90
H16A DPV NB . 21.52 -14.88 -17.20
H17 DPV NB . 20.15 -16.21 -18.91
H17A DPV NB . 21.00 -17.67 -18.41
H18 DPV NB . 19.39 -15.89 -16.48
H18A DPV NB . 18.69 -17.23 -17.36
H19 DPV NB . 20.33 -18.83 -16.25
H19A DPV NB . 20.98 -17.47 -15.34
H20 DPV NB . 19.50 -18.38 -13.79
H20A DPV NB . 18.52 -17.09 -14.46
H21 DPV NB . 17.39 -18.78 -15.98
H21A DPV NB . 18.41 -20.05 -15.32
H22 DPV NB . 17.44 -19.69 -13.03
H22A DPV NB . 16.42 -18.39 -13.66
H23 DPV NB . 15.13 -20.52 -13.49
H23A DPV NB . 16.30 -21.34 -14.55
H23B DPV NB . 15.27 -20.03 -15.18
N DPV OB . -1.87 -27.19 4.26
P DPV OB . -0.42 -24.31 7.73
C1 DPV OB . 1.89 -24.13 8.91
C2 DPV OB . 3.30 -24.76 8.87
C3 DPV OB . 4.26 -24.05 9.87
C4 DPV OB . -2.12 -25.96 6.62
C5 DPV OB . -2.18 -27.30 5.79
C6 DPV OB . -0.42 -26.74 4.01
C7 DPV OB . -2.04 -28.59 3.65
C8 DPV OB . -2.84 -26.25 3.52
C15 DPV OB . 5.76 -24.38 9.60
C16 DPV OB . 6.36 -23.52 8.45
C17 DPV OB . 7.83 -23.89 8.13
C18 DPV OB . 8.30 -23.14 6.85
C19 DPV OB . 9.81 -23.41 6.55
O1P DPV OB . -1.30 -24.08 8.89
C20 DPV OB . 10.28 -22.78 5.20
C21 DPV OB . 10.46 -21.24 5.25
C22 DPV OB . 11.01 -20.67 3.92
C23 DPV OB . 11.24 -19.15 3.99
O2P DPV OB . -0.31 -23.13 6.86
O3P DPV OB . 1.00 -24.94 8.11
O4P DPV OB . -0.74 -25.66 6.94
H1 DPV OB . 1.51 -24.11 9.94
H1A DPV OB . 1.92 -23.12 8.51
H2 DPV OB . 3.22 -25.82 9.12
H2A DPV OB . 3.67 -24.68 7.86
H3 DPV OB . 4.01 -24.38 10.88
H3A DPV OB . 4.12 -22.96 9.82
H4 DPV OB . -2.55 -25.14 6.04
H4A DPV OB . -2.68 -26.07 7.54
H5 DPV OB . -1.48 -28.02 6.22
H5A DPV OB . -3.20 -27.72 5.88
H6 DPV OB . -0.30 -25.72 4.40
H6A DPV OB . -0.22 -26.75 2.93
H6B DPV OB . 0.26 -27.41 4.52
H7 DPV OB . -3.05 -28.94 3.82
H7A DPV OB . -1.32 -29.28 4.14
H7B DPV OB . -1.83 -28.54 2.57
H8 DPV OB . -3.87 -26.59 3.69
H8A DPV OB . -2.61 -26.27 2.45
H8B DPV OB . -2.71 -25.24 3.90
H15 DPV OB . 5.88 -25.44 9.38
H15A DPV OB . 6.33 -24.18 10.51
H16 DPV OB . 5.75 -23.64 7.56
H16A DPV OB . 6.31 -22.46 8.72
H17 DPV OB . 8.47 -23.61 8.96
H17A DPV OB . 7.92 -24.96 7.97
H18 DPV OB . 7.70 -23.46 5.99
H18A DPV OB . 8.15 -22.06 6.98
H19 DPV OB . 10.42 -23.03 7.36
H19A DPV OB . 9.97 -24.49 6.50
H20 DPV OB . 11.24 -23.24 4.93
H20A DPV OB . 9.58 -23.05 4.39
H21 DPV OB . 9.49 -20.77 5.48
H21A DPV OB . 11.14 -20.99 6.07
H22 DPV OB . 11.96 -21.16 3.68
H22A DPV OB . 10.32 -20.90 3.11
H23 DPV OB . 11.59 -18.77 3.03
H23A DPV OB . 11.99 -18.90 4.76
H23B DPV OB . 10.32 -18.63 4.25
N GLY A 1 -4.08 0.92 -7.61
CA GLY A 1 -3.49 1.63 -6.48
C GLY A 1 -2.81 0.70 -5.49
N LEU A 2 -2.03 -0.25 -5.98
CA LEU A 2 -1.39 -1.24 -5.12
C LEU A 2 -0.17 -0.67 -4.37
N LEU A 3 0.48 0.36 -4.89
CA LEU A 3 1.60 0.97 -4.16
C LEU A 3 1.09 1.66 -2.89
N LYS A 4 -0.10 2.24 -2.98
CA LYS A 4 -0.77 2.79 -1.80
C LYS A 4 -1.10 1.66 -0.82
N TRP A 5 -1.61 0.56 -1.35
CA TRP A 5 -1.96 -0.61 -0.53
C TRP A 5 -0.74 -1.20 0.20
N ILE A 6 0.41 -1.23 -0.46
CA ILE A 6 1.65 -1.72 0.19
C ILE A 6 1.98 -0.84 1.38
N LYS A 7 1.96 0.47 1.19
CA LYS A 7 2.27 1.39 2.28
C LYS A 7 1.22 1.28 3.39
N THR A 8 -0.02 1.01 2.99
CA THR A 8 -1.12 0.86 3.95
C THR A 8 -0.92 -0.34 4.87
N LEU A 9 -0.46 -1.46 4.34
CA LEU A 9 -0.25 -2.64 5.19
C LEU A 9 0.91 -2.44 6.14
N LEU A 10 1.98 -1.81 5.65
CA LEU A 10 3.17 -1.58 6.46
C LEU A 10 2.91 -0.56 7.58
N NH2 A 11 2.14 0.48 7.28
HN1 NH2 A 11 1.77 0.58 6.35
HN2 NH2 A 11 1.96 1.17 7.98
UNK UNX B . 8.99 -15.96 -3.84
N DPV C . 1.65 -23.22 17.45
P DPV C . -1.22 -23.31 13.56
C1 DPV C . -2.54 -25.51 14.01
C2 DPV C . -2.52 -26.99 13.57
C3 DPV C . -2.84 -27.12 12.05
C4 DPV C . 1.02 -22.81 14.92
C5 DPV C . 0.79 -23.65 16.21
C6 DPV C . 1.23 -24.10 18.63
C7 DPV C . 1.41 -21.74 17.84
C8 DPV C . 3.17 -23.43 17.20
C15 DPV C . -2.69 -28.59 11.54
C16 DPV C . -3.26 -28.80 10.11
C17 DPV C . -2.42 -28.09 9.00
C18 DPV C . -3.05 -28.28 7.58
C19 DPV C . -2.35 -27.42 6.49
O1P DPV C . -1.57 -22.76 12.25
C20 DPV C . -0.94 -27.97 6.09
C21 DPV C . -0.33 -27.16 4.91
C22 DPV C . 1.15 -27.55 4.66
C23 DPV C . 1.79 -26.69 3.56
O2P DPV C . -1.93 -22.63 14.67
O3P DPV C . -1.29 -24.89 13.62
O4P DPV C . 0.36 -23.44 13.79
H1 DPV C . -3.38 -24.98 13.53
H1A DPV C . -2.64 -25.45 15.10
H2 DPV C . -1.53 -27.41 13.78
H2A DPV C . -3.25 -27.55 14.14
H3 DPV C . -2.16 -26.48 11.49
H3A DPV C . -3.85 -26.78 11.87
H4 DPV C . 0.62 -21.79 15.04
H4A DPV C . 2.08 -22.75 14.69
H5 DPV C . -0.25 -23.59 16.51
H5A DPV C . 1.03 -24.70 16.00
H6 DPV C . 1.40 -25.15 18.36
H6A DPV C . 0.17 -23.94 18.83
H6B DPV C . 1.82 -23.84 19.51
H7 DPV C . 0.34 -21.60 17.99
H7A DPV C . 1.77 -21.10 17.04
H7B DPV C . 1.96 -21.53 18.76
H8 DPV C . 3.34 -24.48 16.93
H8A DPV C . 3.71 -23.19 18.12
H8B DPV C . 3.49 -22.78 16.39
H15 DPV C . -3.22 -29.26 12.23
H15A DPV C . -1.63 -28.89 11.57
H16 DPV C . -3.29 -29.87 9.89
H16A DPV C . -4.30 -28.44 10.08
H17 DPV C . -2.35 -27.02 9.22
H17A DPV C . -1.41 -28.49 9.01
H18 DPV C . -3.02 -29.34 7.30
H18A DPV C . -4.10 -27.98 7.62
H19 DPV C . -2.98 -27.39 5.60
H19A DPV C . -2.24 -26.39 6.84
H20 DPV C . -0.27 -27.92 6.95
H20A DPV C . -1.02 -29.02 5.79
H21 DPV C . -0.91 -27.33 4.00
H21A DPV C . -0.38 -26.09 5.14
H22 DPV C . 1.73 -27.44 5.58
H22A DPV C . 1.21 -28.61 4.37
H23 DPV C . 1.75 -25.63 3.83
H23A DPV C . 1.27 -26.83 2.62
H23B DPV C . 2.83 -26.96 3.43
N DPV D . 10.94 -37.08 -1.05
P DPV D . 8.43 -37.95 -4.81
C1 DPV D . 6.25 -38.02 -3.34
C2 DPV D . 5.09 -38.97 -2.96
C3 DPV D . 3.96 -38.22 -2.18
C4 DPV D . 10.66 -38.01 -3.52
C5 DPV D . 11.27 -38.20 -2.09
C6 DPV D . 11.36 -35.66 -1.53
C7 DPV D . 11.73 -37.37 0.23
C8 DPV D . 9.44 -37.07 -0.69
C15 DPV D . 2.70 -37.88 -3.07
C16 DPV D . 2.88 -36.63 -4.01
C17 DPV D . 2.80 -35.28 -3.25
C18 DPV D . 3.05 -34.08 -4.20
C19 DPV D . 2.93 -32.72 -3.47
O1P DPV D . 8.93 -38.54 -6.06
C20 DPV D . 3.26 -31.54 -4.42
C21 DPV D . 2.98 -30.15 -3.79
C22 DPV D . 4.01 -29.75 -2.68
C23 DPV D . 3.85 -28.26 -2.29
O2P DPV D . 8.21 -36.48 -4.93
O3P DPV D . 7.17 -38.73 -4.20
O4P DPV D . 9.27 -38.35 -3.52
H1 DPV D . 5.87 -37.15 -3.88
H1A DPV D . 6.79 -37.69 -2.45
H2 DPV D . 4.70 -39.45 -3.86
H2A DPV D . 5.49 -39.75 -2.32
H3 DPV D . 4.33 -37.32 -1.70
H3A DPV D . 3.61 -38.88 -1.38
H4 DPV D . 10.76 -36.97 -3.85
H4A DPV D . 11.18 -38.65 -4.23
H5 DPV D . 10.95 -39.15 -1.67
H5A DPV D . 12.37 -38.22 -2.19
H6 DPV D . 10.76 -35.40 -2.40
H6A DPV D . 12.42 -35.69 -1.81
H6B DPV D . 11.20 -34.95 -0.73
H7 DPV D . 11.44 -38.37 0.60
H7A DPV D . 11.50 -36.61 0.98
H7B DPV D . 12.80 -37.36 -0.01
H8 DPV D . 9.15 -38.07 -0.37
H8A DPV D . 8.88 -36.79 -1.58
H8B DPV D . 9.26 -36.35 0.10
H15 DPV D . 1.84 -37.70 -2.42
H15A DPV D . 2.44 -38.74 -3.68
H16 DPV D . 3.83 -36.71 -4.54
H16A DPV D . 2.10 -36.66 -4.77
H17 DPV D . 1.81 -35.18 -2.79
H17A DPV D . 3.54 -35.26 -2.44
H18 DPV D . 4.05 -34.17 -4.63
H18A DPV D . 2.34 -34.11 -5.03
H19 DPV D . 1.92 -32.61 -3.08
H19A DPV D . 3.61 -32.71 -2.61
H20 DPV D . 4.31 -31.61 -4.75
H20A DPV D . 2.65 -31.63 -5.32
H21 DPV D . 3.02 -29.40 -4.59
H21A DPV D . 1.98 -30.13 -3.37
H22 DPV D . 3.85 -30.36 -1.80
H22A DPV D . 5.03 -29.92 -3.04
H23 DPV D . 4.55 -28.00 -1.50
H23A DPV D . 2.83 -28.05 -1.95
H23B DPV D . 4.07 -27.61 -3.15
N DPV E . 18.78 -31.42 -13.04
P DPV E . 22.96 -28.51 -14.32
C1 DPV E . 25.31 -29.68 -14.44
C2 DPV E . 26.26 -28.52 -14.82
C3 DPV E . 27.41 -28.32 -13.78
C4 DPV E . 20.80 -29.80 -13.59
C5 DPV E . 19.91 -31.00 -14.05
C6 DPV E . 18.02 -32.59 -13.68
C7 DPV E . 19.37 -31.90 -11.70
C8 DPV E . 17.77 -30.28 -12.79
C15 DPV E . 26.99 -27.58 -12.46
C16 DPV E . 26.70 -26.06 -12.69
C17 DPV E . 26.44 -25.29 -11.36
C18 DPV E . 25.02 -25.54 -10.76
C19 DPV E . 24.76 -24.62 -9.54
O1P DPV E . 22.70 -27.25 -15.04
C20 DPV E . 23.36 -24.88 -8.90
C21 DPV E . 23.11 -24.03 -7.62
C22 DPV E . 22.78 -22.53 -7.88
C23 DPV E . 21.29 -22.29 -8.23
O2P DPV E . 23.24 -28.28 -12.89
O3P DPV E . 24.01 -29.47 -15.05
O4P DPV E . 21.84 -29.62 -14.57
H1 DPV E . 25.72 -30.62 -14.80
H1A DPV E . 25.19 -29.76 -13.36
H2 DPV E . 26.71 -28.74 -15.79
H2A DPV E . 25.69 -27.60 -14.93
H3 DPV E . 28.22 -27.76 -14.25
H3A DPV E . 27.84 -29.30 -13.51
H4 DPV E . 20.21 -28.89 -13.51
H4A DPV E . 21.26 -30.02 -12.62
H5 DPV E . 19.42 -30.74 -14.99
H5A DPV E . 20.54 -31.88 -14.22
H6 DPV E . 18.72 -33.42 -13.84
H6A DPV E . 17.61 -32.27 -14.64
H6B DPV E . 17.22 -32.91 -13.01
H7 DPV E . 19.87 -31.06 -11.21
H7A DPV E . 20.08 -32.71 -11.89
H7B DPV E . 18.54 -32.27 -11.07
H8 DPV E . 16.96 -30.65 -12.14
H8A DPV E . 17.37 -29.96 -13.76
H8B DPV E . 18.29 -29.45 -12.30
H15 DPV E . 27.80 -27.69 -11.73
H15A DPV E . 26.11 -28.07 -12.03
H16 DPV E . 27.57 -25.61 -13.18
H16A DPV E . 25.85 -25.93 -13.35
H17 DPV E . 27.20 -25.55 -10.62
H17A DPV E . 26.55 -24.23 -11.58
H18 DPV E . 24.27 -25.34 -11.53
H18A DPV E . 24.92 -26.58 -10.46
H19 DPV E . 25.53 -24.78 -8.78
H19A DPV E . 24.83 -23.57 -9.85
H20 DPV E . 22.57 -24.71 -9.64
H20A DPV E . 23.31 -25.94 -8.62
H21 DPV E . 22.27 -24.48 -7.05
H21A DPV E . 23.97 -24.11 -6.98
H22 DPV E . 23.01 -21.96 -6.98
H22A DPV E . 23.41 -22.13 -8.67
H23 DPV E . 21.01 -22.88 -9.10
H23A DPV E . 21.13 -21.24 -8.45
H23B DPV E . 20.65 -22.58 -7.40
N DPV F . 6.99 -26.06 -21.42
P DPV F . 7.96 -30.78 -19.46
C1 DPV F . 7.30 -33.31 -19.41
C2 DPV F . 6.16 -33.66 -18.42
C3 DPV F . 6.10 -35.19 -18.14
C4 DPV F . 7.29 -28.36 -20.17
C5 DPV F . 6.67 -27.59 -21.38
C6 DPV F . 6.31 -25.47 -22.67
C7 DPV F . 6.45 -25.31 -20.19
C8 DPV F . 8.50 -25.79 -21.56
C15 DPV F . 4.93 -35.58 -17.18
C16 DPV F . 5.31 -35.42 -15.67
C17 DPV F . 4.10 -35.65 -14.71
C18 DPV F . 3.15 -34.41 -14.56
C19 DPV F . 3.74 -33.32 -13.63
O1P DPV F . 7.81 -30.49 -18.02
C20 DPV F . 2.87 -32.02 -13.65
C21 DPV F . 3.48 -30.87 -12.76
C22 DPV F . 4.75 -30.22 -13.40
C23 DPV F . 5.30 -29.08 -12.53
O2P DPV F . 9.38 -30.89 -19.86
O3P DPV F . 7.06 -31.98 -19.96
O4P DPV F . 7.12 -29.78 -20.39
H1 DPV F . 8.27 -33.34 -18.91
H1A DPV F . 7.31 -34.03 -20.24
H2 DPV F . 6.31 -33.11 -17.50
H2A DPV F . 5.21 -33.34 -18.85
H3 DPV F . 7.05 -35.54 -17.73
H3A DPV F . 5.94 -35.72 -19.09
H4 DPV F . 8.36 -28.15 -20.10
H4A DPV F . 6.79 -28.09 -19.25
H5 DPV F . 7.03 -28.03 -22.31
H5A DPV F . 5.58 -27.70 -21.36
H6 DPV F . 6.70 -25.97 -23.56
H6A DPV F . 6.51 -24.39 -22.73
H6B DPV F . 5.23 -25.64 -22.60
H7 DPV F . 6.95 -25.70 -19.30
H7A DPV F . 5.38 -25.47 -20.14
H7B DPV F . 6.67 -24.24 -20.30
H8 DPV F . 8.88 -26.34 -22.43
H8A DPV F . 9.01 -26.14 -20.65
H8B DPV F . 8.67 -24.72 -21.70
H15 DPV F . 4.66 -36.61 -17.36
H15A DPV F . 4.05 -34.98 -17.41
H16 DPV F . 6.09 -36.14 -15.43
H16A DPV F . 5.74 -34.42 -15.50
H17 DPV F . 3.51 -36.51 -15.06
H17A DPV F . 4.48 -35.93 -13.72
H18 DPV F . 2.94 -33.99 -15.56
H18A DPV F . 2.20 -34.75 -14.16
H19 DPV F . 3.79 -33.70 -12.61
H19A DPV F . 4.75 -33.08 -13.94
H20 DPV F . 2.75 -31.66 -14.67
H20A DPV F . 1.88 -32.25 -13.26
H21 DPV F . 2.72 -30.10 -12.64
H21A DPV F . 3.72 -31.25 -11.78
H22 DPV F . 5.53 -30.97 -13.52
H22A DPV F . 4.51 -29.83 -14.39
H23 DPV F . 5.54 -29.44 -11.52
H23A DPV F . 4.57 -28.27 -12.45
H23B DPV F . 6.21 -28.67 -12.97
N DPV G . 9.33 -32.70 -15.06
P DPV G . 10.12 -33.30 -9.92
C1 DPV G . 9.11 -31.37 -8.50
C2 DPV G . 9.20 -29.83 -8.28
C3 DPV G . 8.44 -29.04 -9.40
C4 DPV G . 9.58 -32.79 -12.43
C5 DPV G . 10.28 -32.58 -13.81
C6 DPV G . 10.16 -32.38 -16.31
C7 DPV G . 8.79 -34.13 -15.22
C8 DPV G . 8.15 -31.70 -15.00
C15 DPV G . 8.44 -27.51 -9.11
C16 DPV G . 7.55 -26.75 -10.14
C17 DPV G . 7.28 -25.25 -9.75
C18 DPV G . 8.46 -24.30 -10.11
C19 DPV G . 8.00 -22.81 -10.07
O1P DPV G . 11.18 -33.89 -9.10
C20 DPV G . 9.19 -21.82 -10.29
C21 DPV G . 8.72 -20.34 -10.49
C22 DPV G . 8.24 -19.65 -9.18
C23 DPV G . 8.09 -18.12 -9.34
O2P DPV G . 8.86 -34.10 -9.87
O3P DPV G . 9.90 -31.75 -9.65
O4P DPV G . 10.58 -32.97 -11.42
H1 DPV G . 9.49 -31.88 -7.62
H1A DPV G . 8.07 -31.68 -8.66
H2 DPV G . 8.75 -29.59 -7.32
H2A DPV G . 10.24 -29.53 -8.25
H3 DPV G . 7.41 -29.40 -9.47
H3A DPV G . 8.92 -29.22 -10.36
H4 DPV G . 8.96 -31.93 -12.17
H4A DPV G . 8.96 -33.69 -12.47
H5 DPV G . 10.71 -31.57 -13.84
H5A DPV G . 11.07 -33.31 -13.94
H6 DPV G . 10.97 -33.11 -16.40
H6A DPV G . 10.57 -31.37 -16.21
H6B DPV G . 9.51 -32.41 -17.19
H7 DPV G . 9.62 -34.83 -15.25
H7A DPV G . 8.21 -34.19 -16.14
H7B DPV G . 8.14 -34.36 -14.36
H8 DPV G . 8.55 -30.69 -14.91
H8A DPV G . 7.53 -31.94 -14.13
H8B DPV G . 7.56 -31.79 -15.91
H15 DPV G . 9.46 -27.12 -9.15
H15A DPV G . 8.06 -27.33 -8.10
H16 DPV G . 8.02 -26.80 -11.13
H16A DPV G . 6.59 -27.26 -10.22
H17 DPV G . 6.38 -24.93 -10.29
H17A DPV G . 7.07 -25.19 -8.69
H18 DPV G . 9.28 -24.46 -9.41
H18A DPV G . 8.83 -24.53 -11.11
H19 DPV G . 7.25 -22.65 -10.84
H19A DPV G . 7.54 -22.59 -9.10
H20 DPV G . 9.88 -21.88 -9.44
H20A DPV G . 9.74 -22.12 -11.18
H21 DPV G . 9.56 -19.77 -10.90
H21A DPV G . 7.92 -20.30 -11.24
H22 DPV G . 7.29 -20.07 -8.87
H22A DPV G . 8.96 -19.85 -8.38
H23 DPV G . 7.77 -17.68 -8.39
H23A DPV G . 7.33 -17.89 -10.09
H23B DPV G . 9.04 -17.66 -9.63
N DPV H . 14.53 -22.40 -26.25
P DPV H . 10.85 -20.24 -25.09
C1 DPV H . 9.04 -21.16 -26.73
C2 DPV H . 8.58 -22.47 -27.42
C3 DPV H . 7.08 -22.42 -27.84
C4 DPV H . 13.37 -20.72 -24.52
C5 DPV H . 14.43 -21.86 -24.77
C6 DPV H . 14.83 -21.25 -27.26
C7 DPV H . 13.27 -23.15 -26.70
C8 DPV H . 15.70 -23.38 -26.31
C15 DPV H . 6.12 -22.73 -26.64
C16 DPV H . 4.63 -22.53 -27.04
C17 DPV H . 3.63 -22.98 -25.93
C18 DPV H . 3.63 -22.02 -24.70
C19 DPV H . 2.52 -22.40 -23.67
O1P DPV H . 10.04 -19.79 -23.96
C20 DPV H . 2.64 -21.59 -22.34
C21 DPV H . 3.60 -22.28 -21.32
C22 DPV H . 3.76 -21.44 -20.02
C23 DPV H . 4.47 -22.25 -18.91
O2P DPV H . 11.28 -19.13 -25.97
O3P DPV H . 10.19 -21.45 -25.90
O4P DPV H . 12.03 -21.24 -24.68
H1 DPV H . 9.31 -20.42 -27.48
H1A DPV H . 8.25 -20.76 -26.09
H2 DPV H . 9.20 -22.63 -28.31
H2A DPV H . 8.75 -23.31 -26.75
H3 DPV H . 6.91 -23.16 -28.62
H3A DPV H . 6.85 -21.43 -28.26
H4 DPV H . 13.47 -20.33 -23.50
H4A DPV H . 13.53 -19.90 -25.22
H5 DPV H . 15.42 -21.48 -24.51
H5A DPV H . 14.21 -22.72 -24.14
H6 DPV H . 15.71 -20.71 -26.92
H6A DPV H . 13.96 -20.59 -27.30
H6B DPV H . 15.02 -21.69 -28.25
H7 DPV H . 13.44 -23.59 -27.68
H7A DPV H . 12.43 -22.44 -26.76
H7B DPV H . 13.05 -23.93 -25.97
H8 DPV H . 15.50 -24.21 -25.62
H8A DPV H . 16.62 -22.87 -26.02
H8B DPV H . 15.80 -23.76 -27.34
H15 DPV H . 6.37 -22.08 -25.80
H15A DPV H . 6.29 -23.76 -26.31
H16 DPV H . 4.45 -21.49 -27.29
H16A DPV H . 4.42 -23.12 -27.94
H17 DPV H . 2.62 -23.00 -26.35
H17A DPV H . 3.87 -24.00 -25.60
H18 DPV H . 4.61 -22.06 -24.20
H18A DPV H . 3.47 -20.99 -25.03
H19 DPV H . 1.55 -22.19 -24.12
H19A DPV H . 2.55 -23.47 -23.46
H20 DPV H . 2.98 -20.57 -22.54
H20A DPV H . 1.64 -21.51 -21.88
H21 DPV H . 3.19 -23.27 -21.07
H21A DPV H . 4.58 -22.43 -21.78
H22 DPV H . 4.32 -20.54 -20.24
H22A DPV H . 2.78 -21.15 -19.66
H23 DPV H . 3.92 -23.17 -18.70
H23A DPV H . 4.53 -21.66 -18.01
H23B DPV H . 5.48 -22.52 -19.23
N DPV I . 22.30 -12.54 -19.24
P DPV I . 21.58 -16.21 -21.76
C1 DPV I . 21.53 -16.70 -24.32
C2 DPV I . 20.61 -17.37 -25.37
C3 DPV I . 19.48 -16.41 -25.85
C4 DPV I . 20.83 -13.76 -21.09
C5 DPV I . 21.28 -13.69 -19.59
C6 DPV I . 22.52 -12.57 -17.72
C7 DPV I . 21.76 -11.16 -19.62
C8 DPV I . 23.67 -12.78 -19.93
C15 DPV I . 18.37 -17.20 -26.59
C16 DPV I . 17.20 -16.25 -27.04
C17 DPV I . 15.86 -17.02 -27.31
C18 DPV I . 15.10 -17.52 -26.03
C19 DPV I . 14.61 -16.36 -25.11
O1P DPV I . 22.91 -15.62 -21.99
C20 DPV I . 13.68 -16.87 -23.99
C21 DPV I . 13.20 -15.69 -23.10
C22 DPV I . 12.31 -16.17 -21.91
C23 DPV I . 11.79 -14.99 -21.09
O2P DPV I . 21.62 -17.34 -20.82
O3P DPV I . 20.78 -16.54 -23.10
O4P DPV I . 20.44 -15.13 -21.40
H1 DPV I . 22.39 -17.33 -24.13
H1A DPV I . 21.86 -15.71 -24.68
H2 DPV I . 21.21 -17.69 -26.22
H2A DPV I . 20.18 -18.27 -24.93
H3 DPV I . 19.90 -15.65 -26.50
H3A DPV I . 19.05 -15.89 -24.99
H4 DPV I . 19.96 -13.11 -21.25
H4A DPV I . 21.63 -13.46 -21.77
H5 DPV I . 20.41 -13.56 -18.95
H5A DPV I . 21.77 -14.63 -19.32
H6 DPV I . 22.92 -13.55 -17.44
H6A DPV I . 21.56 -12.38 -17.22
H6B DPV I . 23.24 -11.78 -17.46
H7 DPV I . 20.78 -11.02 -19.17
H7A DPV I . 21.69 -11.09 -20.71
H7B DPV I . 22.46 -10.39 -19.25
H8 DPV I . 23.53 -12.70 -21.01
H8A DPV I . 24.01 -13.79 -19.67
H8B DPV I . 24.37 -12.03 -19.58
H15 DPV I . 17.98 -17.97 -25.92
H15A DPV I . 18.78 -17.70 -27.46
H16 DPV I . 17.04 -15.48 -26.28
H16A DPV I . 17.51 -15.74 -27.94
H17 DPV I . 15.20 -16.36 -27.88
H17A DPV I . 16.07 -17.88 -27.96
H18 DPV I . 14.23 -18.10 -26.36
H18A DPV I . 15.74 -18.20 -25.47
H19 DPV I . 15.47 -15.85 -24.67
H19A DPV I . 14.06 -15.63 -25.71
H20 DPV I . 12.81 -17.38 -24.41
H20A DPV I . 14.21 -17.59 -23.36
H21 DPV I . 14.06 -15.15 -22.71
H21A DPV I . 12.62 -15.00 -23.71
H22 DPV I . 11.46 -16.76 -22.30
H22A DPV I . 12.90 -16.83 -21.27
H23 DPV I . 12.61 -14.40 -20.68
H23A DPV I . 11.17 -15.35 -20.26
H23B DPV I . 11.16 -14.34 -21.70
N DPV J . 7.03 -17.19 -26.42
P DPV J . 3.53 -17.42 -24.29
C1 DPV J . 1.31 -17.36 -22.96
C2 DPV J . 0.63 -18.08 -21.77
C3 DPV J . 1.53 -18.11 -20.50
C4 DPV J . 5.84 -18.68 -24.56
C5 DPV J . 6.09 -18.40 -26.10
C6 DPV J . 6.47 -15.85 -25.90
C7 DPV J . 8.46 -17.38 -25.85
C8 DPV J . 7.13 -17.07 -27.94
C15 DPV J . 0.70 -18.36 -19.21
C16 DPV J . 1.63 -18.42 -17.97
C17 DPV J . 0.85 -18.35 -16.63
C18 DPV J . 1.83 -18.31 -15.42
C19 DPV J . 1.15 -17.95 -14.07
O1P DPV J . 3.13 -16.99 -25.64
C20 DPV J . 0.85 -19.19 -13.19
C21 DPV J . 0.53 -18.76 -11.73
C22 DPV J . 0.44 -19.99 -10.78
C23 DPV J . 0.34 -19.56 -9.30
O2P DPV J . 4.16 -16.32 -23.53
O3P DPV J . 2.38 -18.17 -23.49
O4P DPV J . 4.41 -18.76 -24.30
H1 DPV J . 0.58 -17.19 -23.75
H1A DPV J . 1.71 -16.40 -22.62
H2 DPV J . -0.30 -17.56 -21.54
H2A DPV J . 0.37 -19.10 -22.06
H3 DPV J . 2.07 -17.16 -20.41
H3A DPV J . 2.29 -18.89 -20.62
H4 DPV J . 6.29 -19.64 -24.29
H4A DPV J . 6.27 -17.89 -23.95
H5 DPV J . 6.53 -19.29 -26.56
H5A DPV J . 5.13 -18.20 -26.59
H6 DPV J . 7.11 -15.04 -26.25
H6A DPV J . 6.47 -15.87 -24.81
H6B DPV J . 5.45 -15.73 -26.27
H7 DPV J . 8.40 -17.44 -24.76
H7A DPV J . 9.07 -16.53 -26.15
H7B DPV J . 8.87 -18.31 -26.27
H8 DPV J . 6.13 -16.92 -28.35
H8A DPV J . 7.56 -18.00 -28.34
H8B DPV J . 7.78 -16.23 -28.20
H15 DPV J . 0.15 -19.29 -19.30
H15A DPV J . -0.01 -17.54 -19.09
H16 DPV J . 2.21 -19.35 -18.00
H16A DPV J . 2.35 -17.59 -18.01
H17 DPV J . 0.22 -17.45 -16.63
H17A DPV J . 0.19 -19.22 -16.54
H18 DPV J . 2.37 -19.27 -15.35
H18A DPV J . 2.60 -17.55 -15.62
H19 DPV J . 1.83 -17.29 -13.53
H19A DPV J . 0.23 -17.38 -14.25
H20 DPV J . 0.01 -19.75 -13.60
H20A DPV J . 1.71 -19.85 -13.18
H21 DPV J . 1.31 -18.09 -11.37
H21A DPV J . -0.41 -18.21 -11.70
H22 DPV J . -0.43 -20.59 -11.05
H22A DPV J . 1.33 -20.61 -10.91
H23 DPV J . 1.24 -19.02 -8.99
H23A DPV J . 0.25 -20.45 -8.66
H23B DPV J . -0.53 -18.93 -9.14
N DPV K . 8.86 -1.21 -18.44
P DPV K . 13.86 -1.95 -19.82
C1 DPV K . 14.10 -3.95 -18.16
C2 DPV K . 15.25 -4.79 -17.52
C3 DPV K . 15.72 -4.23 -16.14
C4 DPV K . 11.34 -1.48 -19.29
C5 DPV K . 10.39 -1.06 -18.12
C6 DPV K . 8.09 -0.71 -17.20
C7 DPV K . 8.46 -2.68 -18.67
C8 DPV K . 8.42 -0.35 -19.65
C15 DPV K . 14.85 -4.76 -14.97
C16 DPV K . 15.29 -4.17 -13.59
C17 DPV K . 14.59 -4.89 -12.40
C18 DPV K . 13.08 -4.53 -12.26
C19 DPV K . 12.41 -5.36 -11.13
O1P DPV K . 13.39 -2.86 -20.89
C20 DPV K . 10.88 -5.15 -11.07
C21 DPV K . 10.47 -3.91 -10.21
C22 DPV K . 8.93 -3.71 -10.27
C23 DPV K . 8.48 -2.47 -9.47
O2P DPV K . 14.63 -0.82 -20.37
O3P DPV K . 14.65 -2.71 -18.65
O4P DPV K . 12.70 -1.48 -18.81
H1 DPV K . 13.67 -4.52 -18.99
H1A DPV K . 13.32 -3.74 -17.42
H2 DPV K . 14.93 -5.83 -17.41
H2A DPV K . 16.09 -4.78 -18.21
H3 DPV K . 15.72 -3.13 -16.16
H3A DPV K . 16.75 -4.54 -15.98
H4 DPV K . 11.10 -2.49 -19.62
H4A DPV K . 11.26 -0.79 -20.13
H5 DPV K . 10.61 -1.66 -17.25
H5A DPV K . 10.58 -0.01 -17.87
H6 DPV K . 8.34 0.34 -17.03
H6A DPV K . 8.38 -1.31 -16.34
H6B DPV K . 7.02 -0.82 -17.40
H7 DPV K . 8.79 -3.27 -17.82
H7A DPV K . 8.92 -3.03 -19.59
H7B DPV K . 7.37 -2.74 -18.77
H8 DPV K . 8.92 -0.73 -20.54
H8A DPV K . 8.70 0.68 -19.46
H8B DPV K . 7.34 -0.44 -19.76
H15 DPV K . 14.91 -5.85 -14.94
H15A DPV K . 13.81 -4.49 -15.16
H16 DPV K . 16.37 -4.30 -13.49
H16A DPV K . 15.09 -3.10 -13.56
H17 DPV K . 14.72 -5.96 -12.49
H17A DPV K . 15.10 -4.58 -11.48
H18 DPV K . 12.97 -3.46 -12.05
H18A DPV K . 12.57 -4.74 -13.20
H19 DPV K . 12.60 -6.42 -11.32
H19A DPV K . 12.88 -5.13 -10.17
H20 DPV K . 10.47 -5.06 -12.09
H20A DPV K . 10.42 -6.04 -10.63
H21 DPV K . 10.78 -4.06 -9.17
H21A DPV K . 10.98 -3.02 -10.58
H22 DPV K . 8.62 -3.58 -11.31
H22A DPV K . 8.43 -4.59 -9.86
H23 DPV K . 8.78 -2.57 -8.43
H23A DPV K . 7.40 -2.37 -9.51
H23B DPV K . 8.93 -1.56 -9.88
N DPV L . 7.60 5.85 -5.86
P DPV L . 5.23 4.02 -9.65
C1 DPV L . 6.54 4.25 -11.91
C2 DPV L . 6.56 5.05 -13.23
C3 DPV L . 5.23 4.91 -14.01
C4 DPV L . 6.29 5.95 -8.18
C5 DPV L . 6.37 5.36 -6.72
C6 DPV L . 7.57 5.08 -4.54
C7 DPV L . 8.95 5.55 -6.56
C8 DPV L . 7.50 7.36 -5.55
C15 DPV L . 5.28 5.56 -15.43
C16 DPV L . 3.90 5.58 -16.16
C17 DPV L . 3.48 4.18 -16.75
C18 DPV L . 2.46 3.41 -15.83
C19 DPV L . 2.53 1.86 -16.03
O1P DPV L . 6.33 3.14 -9.18
C20 DPV L . 3.74 1.23 -15.26
C21 DPV L . 3.84 -0.31 -15.52
C22 DPV L . 5.07 -0.91 -14.77
C23 DPV L . 5.23 -2.41 -15.06
O2P DPV L . 3.96 3.29 -9.75
O3P DPV L . 5.59 4.83 -10.99
O4P DPV L . 5.12 5.40 -8.85
H1 DPV L . 6.27 3.21 -12.11
H1A DPV L . 7.54 4.28 -11.45
H2 DPV L . 6.75 6.11 -13.01
H2A DPV L . 7.39 4.69 -13.85
H3 DPV L . 4.42 5.37 -13.43
H3A DPV L . 4.98 3.84 -14.11
H4 DPV L . 6.19 7.04 -8.13
H4A DPV L . 7.18 5.69 -8.75
H5 DPV L . 5.47 5.63 -6.16
H5A DPV L . 6.43 4.28 -6.77
H6 DPV L . 7.71 4.02 -4.75
H6A DPV L . 6.61 5.26 -4.04
H6B DPV L . 8.39 5.43 -3.89
H7 DPV L . 9.01 4.48 -6.75
H7A DPV L . 9.76 5.87 -5.90
H7B DPV L . 9.00 6.11 -7.50
H8 DPV L . 8.33 7.64 -4.90
H8A DPV L . 6.54 7.55 -5.06
H8B DPV L . 7.56 7.92 -6.49
H15 DPV L . 6.03 5.05 -16.04
H15A DPV L . 5.62 6.60 -15.31
H16 DPV L . 3.12 5.98 -15.51
H16A DPV L . 3.98 6.28 -17.01
H17 DPV L . 3.00 4.34 -17.72
H17A DPV L . 4.37 3.58 -16.94
H18 DPV L . 2.65 3.65 -14.77
H18A DPV L . 1.46 3.76 -16.06
H19 DPV L . 1.61 1.42 -15.65
H19A DPV L . 2.58 1.62 -17.09
H20 DPV L . 4.67 1.70 -15.59
H20A DPV L . 3.63 1.41 -14.20
H21 DPV L . 2.93 -0.79 -15.18
H21A DPV L . 3.94 -0.49 -16.59
H22 DPV L . 5.98 -0.38 -15.07
H22A DPV L . 4.95 -0.76 -13.69
H23 DPV L . 5.37 -2.58 -16.13
H23A DPV L . 4.34 -2.96 -14.73
H23B DPV L . 6.09 -2.80 -14.53
N DPV M . -0.32 -9.63 12.70
P DPV M . 2.17 -6.16 14.65
C1 DPV M . 1.78 -4.98 12.34
C2 DPV M . 2.53 -4.20 11.26
C3 DPV M . 3.59 -5.09 10.52
C4 DPV M . 1.27 -8.61 14.58
C5 DPV M . 0.95 -9.80 13.61
C6 DPV M . -0.14 -8.50 11.67
C7 DPV M . -1.60 -9.36 13.52
C8 DPV M . -0.52 -10.96 11.95
C15 DPV M . 4.40 -4.29 9.45
C16 DPV M . 5.44 -3.32 10.10
C17 DPV M . 6.46 -2.80 9.05
C18 DPV M . 7.41 -1.73 9.68
C19 DPV M . 8.86 -1.78 9.11
O1P DPV M . 0.96 -5.52 15.20
C20 DPV M . 8.97 -1.29 7.64
C21 DPV M . 10.45 -1.19 7.16
C22 DPV M . 11.13 -2.56 6.89
C23 DPV M . 12.60 -2.40 6.47
O2P DPV M . 3.19 -6.33 15.69
O3P DPV M . 2.74 -5.46 13.34
O4P DPV M . 1.86 -7.51 13.84
H1 DPV M . 1.05 -4.33 12.83
H1A DPV M . 1.26 -5.84 11.91
H2 DPV M . 1.82 -3.80 10.54
H2A DPV M . 3.03 -3.34 11.73
H3 DPV M . 3.07 -5.90 10.02
H3A DPV M . 4.28 -5.53 11.24
H4 DPV M . 0.36 -8.26 15.07
H4A DPV M . 1.98 -8.93 15.33
H5 DPV M . 1.81 -9.98 12.96
H5A DPV M . 0.79 -10.70 14.22
H6 DPV M . 0.78 -8.69 11.10
H6A DPV M . -0.06 -7.56 12.21
H6B DPV M . -1.01 -8.50 11.00
H7 DPV M . -1.50 -8.40 14.03
H7A DPV M . -1.73 -10.16 14.25
H7B DPV M . -2.46 -9.33 12.84
H8 DPV M . -1.41 -10.87 11.30
H8A DPV M . -0.69 -11.76 12.68
H8B DPV M . 0.36 -11.17 11.35
H15 DPV M . 3.71 -3.73 8.81
H15A DPV M . 4.92 -5.01 8.81
H16 DPV M . 4.92 -2.48 10.55
H16A DPV M . 5.98 -3.84 10.89
H17 DPV M . 7.03 -3.65 8.67
H17A DPV M . 5.92 -2.35 8.21
H18 DPV M . 6.99 -0.74 9.53
H18A DPV M . 7.47 -1.89 10.76
H19 DPV M . 9.49 -1.15 9.74
H19A DPV M . 9.24 -2.80 9.19
H20 DPV M . 8.42 -1.96 6.97
H20A DPV M . 8.51 -0.30 7.55
H21 DPV M . 10.47 -0.60 6.24
H21A DPV M . 11.03 -0.63 7.90
H22 DPV M . 11.07 -3.18 7.79
H22A DPV M . 10.58 -3.09 6.10
H23 DPV M . 12.67 -1.81 5.55
H23A DPV M . 13.04 -3.38 6.29
H23B DPV M . 13.17 -1.90 7.25
N DPV N . -4.30 -2.01 8.40
P DPV N . -2.71 -5.61 11.05
C1 DPV N . -1.94 -6.61 8.74
C2 DPV N . -0.85 -6.42 7.67
C3 DPV N . 0.57 -6.77 8.22
C4 DPV N . -4.08 -3.38 10.68
C5 DPV N . -5.02 -2.67 9.64
C6 DPV N . -5.39 -1.33 7.55
C7 DPV N . -3.61 -3.07 7.52
C8 DPV N . -3.28 -0.93 8.82
C15 DPV N . 1.71 -6.41 7.22
C16 DPV N . 1.84 -7.42 6.04
C17 DPV N . 2.91 -6.92 5.02
C18 DPV N . 3.24 -7.97 3.92
C19 DPV N . 4.14 -9.13 4.44
O1P DPV N . -2.14 -4.95 12.23
C20 DPV N . 5.05 -9.70 3.33
C21 DPV N . 5.96 -10.85 3.86
C22 DPV N . 6.97 -11.30 2.76
C23 DPV N . 7.81 -12.49 3.24
O2P DPV N . -3.32 -6.91 11.38
O3P DPV N . -1.68 -5.68 9.82
O4P DPV N . -3.66 -4.66 10.17
H1 DPV N . -2.93 -6.39 8.31
H1A DPV N . -1.94 -7.62 9.13
H2 DPV N . -1.08 -7.07 6.81
H2A DPV N . -0.87 -5.39 7.31
H3 DPV N . 0.62 -7.83 8.47
H3A DPV N . 0.75 -6.21 9.14
H4 DPV N . -3.21 -2.77 10.90
H4A DPV N . -4.63 -3.55 11.61
H5 DPV N . -5.75 -3.39 9.26
H5A DPV N . -5.57 -1.87 10.15
H6 DPV N . -4.91 -0.87 6.68
H6A DPV N . -5.89 -0.57 8.15
H6B DPV N . -6.11 -2.09 7.23
H7 DPV N . -2.80 -3.53 8.10
H7A DPV N . -3.19 -2.57 6.64
H7B DPV N . -4.34 -3.82 7.22
H8 DPV N . -2.48 -1.42 9.38
H8A DPV N . -3.79 -0.20 9.45
H8B DPV N . -2.88 -0.45 7.93
H15 DPV N . 2.66 -6.40 7.77
H15A DPV N . 1.55 -5.40 6.84
H16 DPV N . 2.12 -8.40 6.43
H16A DPV N . 0.89 -7.52 5.53
H17 DPV N . 2.54 -6.01 4.54
H17A DPV N . 3.83 -6.65 5.56
H18 DPV N . 2.32 -8.37 3.49
H18A DPV N . 3.76 -7.44 3.12
H19 DPV N . 4.77 -8.78 5.26
H19A DPV N . 3.50 -9.93 4.83
H20 DPV N . 4.44 -10.06 2.50
H20A DPV N . 5.68 -8.90 2.93
H21 DPV N . 6.51 -10.50 4.73
H21A DPV N . 5.33 -11.69 4.16
H22 DPV N . 6.43 -11.59 1.86
H22A DPV N . 7.62 -10.48 2.50
H23 DPV N . 8.47 -12.81 2.43
H23A DPV N . 7.18 -13.33 3.52
H23B DPV N . 8.43 -12.21 4.09
N DPV O . 15.59 -9.22 17.20
P DPV O . 13.66 -14.02 16.93
C1 DPV O . 13.33 -14.04 14.34
C2 DPV O . 13.59 -13.06 13.16
C3 DPV O . 12.88 -11.70 13.38
C4 DPV O . 14.34 -11.54 17.48
C5 DPV O . 15.65 -10.71 17.71
C6 DPV O . 14.49 -8.42 17.92
C7 DPV O . 15.38 -9.16 15.67
C8 DPV O . 16.95 -8.58 17.53
C15 DPV O . 13.37 -10.62 12.38
C16 DPV O . 12.70 -9.23 12.64
C17 DPV O . 11.33 -9.07 11.91
C18 DPV O . 10.62 -7.77 12.39
C19 DPV O . 9.27 -7.50 11.64
O1P DPV O . 14.01 -15.41 17.30
C20 DPV O . 9.47 -6.75 10.29
C21 DPV O . 8.15 -6.48 9.53
C22 DPV O . 7.68 -7.71 8.69
C23 DPV O . 6.43 -7.39 7.85
O2P DPV O . 12.24 -13.69 17.20
O3P DPV O . 14.14 -13.61 15.46
O4P DPV O . 14.68 -12.95 17.53
H1 DPV O . 12.28 -14.03 14.61
H1A DPV O . 13.64 -15.05 14.07
H2 DPV O . 14.67 -12.91 13.08
H2A DPV O . 13.24 -13.52 12.24
H3 DPV O . 13.05 -11.35 14.40
H3A DPV O . 11.80 -11.85 13.26
H4 DPV O . 13.60 -11.32 18.25
H4A DPV O . 13.93 -11.33 16.49
H5 DPV O . 15.87 -10.68 18.78
H5A DPV O . 16.47 -11.19 17.20
H6 DPV O . 13.52 -8.86 17.68
H6A DPV O . 14.54 -7.38 17.58
H6B DPV O . 14.68 -8.46 19.00
H7 DPV O . 14.41 -9.57 15.43
H7A DPV O . 16.17 -9.74 15.18
H7B DPV O . 15.45 -8.12 15.35
H8 DPV O . 17.10 -8.60 18.61
H8A DPV O . 16.94 -7.54 17.18
H8B DPV O . 17.74 -9.14 17.03
H15 DPV O . 13.18 -10.95 11.34
H15A DPV O . 14.46 -10.51 12.48
H16 DPV O . 12.57 -9.09 13.72
H16A DPV O . 13.37 -8.45 12.30
H17 DPV O . 11.50 -9.03 10.84
H17A DPV O . 10.70 -9.92 12.12
H18 DPV O . 10.39 -7.87 13.44
H18A DPV O . 11.28 -6.91 12.28
H19 DPV O . 8.74 -8.43 11.48
H19A DPV O . 8.64 -6.88 12.28
H20 DPV O . 9.95 -5.79 10.49
H20A DPV O . 10.17 -7.31 9.65
H21 DPV O . 7.37 -6.18 10.23
H21A DPV O . 8.31 -5.64 8.84
H22 DPV O . 8.48 -8.03 8.02
H22A DPV O . 7.45 -8.55 9.36
H23 DPV O . 6.18 -8.23 7.21
H23A DPV O . 6.61 -6.52 7.21
H23B DPV O . 5.57 -7.18 8.50
N DPV P . 6.95 -14.03 19.19
P DPV P . 9.33 -17.49 18.11
C1 DPV P . 10.19 -18.62 20.31
C2 DPV P . 11.45 -19.40 20.77
C3 DPV P . 11.72 -20.64 19.85
C4 DPV P . 8.95 -14.92 17.66
C5 DPV P . 7.41 -14.73 17.85
C6 DPV P . 7.59 -12.63 19.36
C7 DPV P . 7.26 -14.88 20.43
C8 DPV P . 5.43 -13.84 19.10
C15 DPV P . 13.21 -20.77 19.38
C16 DPV P . 13.66 -19.73 18.31
C17 DPV P . 12.97 -19.93 16.93
C18 DPV P . 13.49 -18.91 15.87
C19 DPV P . 12.86 -19.20 14.48
O1P DPV P . 8.02 -18.07 18.47
C20 DPV P . 13.17 -18.06 13.47
C21 DPV P . 12.46 -18.32 12.11
C22 DPV P . 12.56 -17.11 11.16
C23 DPV P . 11.87 -17.39 9.81
O2P DPV P . 9.68 -17.73 16.70
O3P DPV P . 10.51 -17.86 19.12
O4P DPV P . 9.47 -15.96 18.54
H1 DPV P . 9.38 -19.33 20.10
H1A DPV P . 9.87 -17.92 21.09
H2 DPV P . 12.30 -18.72 20.76
H2A DPV P . 11.31 -19.73 21.79
H3 DPV P . 11.07 -20.61 18.97
H3A DPV P . 11.44 -21.53 20.40
H4 DPV P . 9.17 -15.21 16.63
H4A DPV P . 9.48 -14.00 17.87
H5 DPV P . 7.02 -14.12 17.02
H5A DPV P . 6.91 -15.71 17.81
H6 DPV P . 7.38 -12.04 18.47
H6A DPV P . 8.66 -12.75 19.49
H6B DPV P . 7.16 -12.16 20.24
H7 DPV P . 8.34 -15.00 20.53
H7A DPV P . 6.78 -15.86 20.30
H7B DPV P . 6.85 -14.38 21.32
H8 DPV P . 5.09 -13.31 20.00
H8A DPV P . 4.95 -14.82 19.04
H8B DPV P . 5.20 -13.26 18.21
H15 DPV P . 13.36 -21.77 18.99
H15A DPV P . 13.86 -20.67 20.25
H16 DPV P . 13.46 -18.71 18.67
H16A DPV P . 14.74 -19.81 18.18
H17 DPV P . 13.14 -20.95 16.57
H17A DPV P . 11.89 -19.79 17.04
H18 DPV P . 13.23 -17.90 16.19
H18A DPV P . 14.58 -18.98 15.80
H19 DPV P . 13.24 -20.15 14.10
H19A DPV P . 11.77 -19.30 14.59
H20 DPV P . 12.83 -17.12 13.88
H20A DPV P . 14.25 -17.99 13.30
H21 DPV P . 12.88 -19.21 11.64
H21A DPV P . 11.40 -18.54 12.30
H22 DPV P . 12.11 -16.23 11.62
H22A DPV P . 13.62 -16.87 10.97
H23 DPV P . 11.83 -16.48 9.20
H23A DPV P . 10.83 -17.72 9.98
H23B DPV P . 12.40 -18.17 9.27
N DPV Q . 12.34 -37.50 -8.00
P DPV Q . 13.23 -34.15 -4.58
C1 DPV Q . 10.80 -33.49 -5.32
C2 DPV Q . 9.43 -33.04 -4.77
C3 DPV Q . 9.35 -31.51 -4.54
C4 DPV Q . 13.17 -36.57 -5.66
C5 DPV Q . 12.06 -36.59 -6.76
C6 DPV Q . 12.56 -38.97 -7.59
C7 DPV Q . 13.53 -36.98 -8.82
C8 DPV Q . 11.09 -37.44 -8.89
C15 DPV Q . 7.87 -31.04 -4.35
C16 DPV Q . 7.74 -29.50 -4.15
C17 DPV Q . 7.99 -29.07 -2.67
C18 DPV Q . 7.74 -27.54 -2.47
C19 DPV Q . 7.92 -27.13 -0.99
O1P DPV Q . 14.18 -33.88 -3.49
C20 DPV Q . 7.79 -25.59 -0.79
C21 DPV Q . 8.11 -25.18 0.68
C22 DPV Q . 8.00 -23.64 0.88
C23 DPV Q . 8.35 -23.23 2.33
O2P DPV Q . 13.74 -33.68 -5.88
O3P DPV Q . 11.75 -33.65 -4.23
O4P DPV Q . 12.74 -35.69 -4.60
H1 DPV Q . 10.68 -34.44 -5.84
H1A DPV Q . 11.19 -32.74 -6.02
H2 DPV Q . 8.66 -33.35 -5.49
H2A DPV Q . 9.23 -33.57 -3.84
H3 DPV Q . 9.78 -30.98 -5.40
H3A DPV Q . 9.93 -31.24 -3.67
H4 DPV Q . 13.30 -37.57 -5.25
H4A DPV Q . 14.12 -36.21 -6.08
H5 DPV Q . 11.11 -36.93 -6.32
H5A DPV Q . 11.91 -35.58 -7.15
H6 DPV Q . 13.48 -39.04 -7.01
H6A DPV Q . 12.64 -39.58 -8.50
H6B DPV Q . 11.71 -39.30 -6.99
H7 DPV Q . 14.44 -37.06 -8.22
H7A DPV Q . 13.34 -35.94 -9.08
H7B DPV Q . 13.62 -37.59 -9.74
H8 DPV Q . 10.91 -36.40 -9.17
H8A DPV Q . 10.24 -37.83 -8.33
H8B DPV Q . 11.26 -38.05 -9.78
H15 DPV Q . 7.41 -31.56 -3.51
H15A DPV Q . 7.29 -31.31 -5.25
H16 DPV Q . 8.43 -28.98 -4.81
H16A DPV Q . 6.74 -29.20 -4.44
H17 DPV Q . 7.34 -29.63 -2.01
H17A DPV Q . 9.03 -29.30 -2.39
H18 DPV Q . 8.44 -26.97 -3.10
H18A DPV Q . 6.72 -27.29 -2.79
H19 DPV Q . 7.17 -27.64 -0.37
H19A DPV Q . 8.90 -27.45 -0.65
H20 DPV Q . 8.46 -25.07 -1.47
H20A DPV Q . 6.76 -25.28 -1.03
H21 DPV Q . 7.42 -25.68 1.36
H21A DPV Q . 9.12 -25.50 0.92
H22 DPV Q . 8.67 -23.13 0.19
H22A DPV Q . 6.98 -23.32 0.66
H23 DPV Q . 8.26 -22.15 2.45
H23A DPV Q . 9.38 -23.51 2.58
H23B DPV Q . 7.68 -23.71 3.04
N DPV R . 15.36 -24.58 16.23
P DPV R . 17.68 -19.94 15.98
C1 DPV R . 19.64 -21.64 16.45
C2 DPV R . 20.65 -22.50 15.64
C3 DPV R . 19.96 -23.59 14.76
C4 DPV R . 16.13 -22.06 16.17
C5 DPV R . 15.76 -23.33 15.35
C6 DPV R . 16.56 -25.08 17.08
C7 DPV R . 14.97 -25.71 15.27
C8 DPV R . 14.16 -24.29 17.15
C15 DPV R . 19.66 -23.11 13.32
C16 DPV R . 19.16 -24.26 12.41
C17 DPV R . 18.92 -23.75 10.96
C18 DPV R . 18.40 -24.88 10.04
C19 DPV R . 18.01 -24.32 8.64
O1P DPV R . 17.46 -18.66 15.31
C20 DPV R . 17.24 -25.37 7.80
C21 DPV R . 16.66 -24.74 6.50
C22 DPV R . 15.71 -25.72 5.77
C23 DPV R . 15.06 -25.06 4.53
O2P DPV R . 17.51 -19.82 17.45
O3P DPV R . 19.07 -20.64 15.57
O4P DPV R . 16.87 -21.16 15.32
H1 DPV R . 18.85 -22.28 16.85
H1A DPV R . 20.14 -21.15 17.27
H2 DPV R . 21.28 -21.85 15.03
H2A DPV R . 21.31 -23.00 16.35
H3 DPV R . 19.04 -23.95 15.25
H3A DPV R . 20.62 -24.46 14.70
H4 DPV R . 15.23 -21.56 16.53
H4A DPV R . 16.75 -22.32 17.02
H5 DPV R . 14.92 -23.10 14.70
H5A DPV R . 16.61 -23.63 14.73
H6 DPV R . 16.81 -24.31 17.81
H6A DPV R . 17.41 -25.27 16.41
H6B DPV R . 16.26 -26.00 17.59
H7 DPV R . 14.12 -25.36 14.67
H7A DPV R . 14.69 -26.59 15.85
H7B DPV R . 15.82 -25.93 14.62
H8 DPV R . 14.46 -23.53 17.89
H8A DPV R . 13.88 -25.21 17.67
H8B DPV R . 13.34 -23.92 16.55
H15 DPV R . 20.57 -22.69 12.89
H15A DPV R . 18.90 -22.32 13.36
H16 DPV R . 19.90 -25.07 12.40
H16A DPV R . 18.22 -24.67 12.82
H17 DPV R . 18.20 -22.94 10.98
H17A DPV R . 19.86 -23.35 10.55
H18 DPV R . 19.17 -25.65 9.92
H18A DPV R . 17.54 -25.35 10.49
H19 DPV R . 17.38 -23.44 8.77
H19A DPV R . 18.91 -24.01 8.10
H20 DPV R . 17.91 -26.20 7.54
H20A DPV R . 16.41 -25.78 8.39
H21 DPV R . 16.12 -23.83 6.75
H21A DPV R . 17.49 -24.46 5.84
H22 DPV R . 16.26 -26.60 5.46
H22A DPV R . 14.92 -26.04 6.44
H23 DPV R . 15.82 -24.66 3.86
H23A DPV R . 14.40 -24.23 4.84
H23B DPV R . 14.46 -25.79 3.98
N DPV S . 18.92 -33.65 2.23
P DPV S . 20.75 -30.61 5.10
C1 DPV S . 21.62 -28.51 6.40
C2 DPV S . 22.14 -27.08 6.13
C3 DPV S . 21.12 -26.23 5.32
C4 DPV S . 20.64 -31.69 2.71
C5 DPV S . 19.14 -32.19 2.76
C6 DPV S . 19.27 -33.77 0.73
C7 DPV S . 17.43 -33.98 2.40
C8 DPV S . 19.71 -34.68 3.03
C15 DPV S . 21.68 -24.82 4.98
C16 DPV S . 20.66 -24.00 4.15
C17 DPV S . 21.22 -22.60 3.75
C18 DPV S . 20.13 -21.72 3.07
C19 DPV S . 20.06 -21.91 1.51
O1P DPV S . 19.40 -30.54 5.69
C20 DPV S . 20.97 -20.90 0.75
C21 DPV S . 20.26 -19.53 0.53
C22 DPV S . 21.16 -18.55 -0.28
C23 DPV S . 20.46 -17.20 -0.51
O2P DPV S . 21.55 -31.74 5.64
O3P DPV S . 21.53 -29.22 5.14
O4P DPV S . 20.78 -30.50 3.51
H1 DPV S . 22.31 -29.04 7.06
H1A DPV S . 20.63 -28.46 6.86
H2 DPV S . 22.36 -26.59 7.08
H2A DPV S . 23.09 -27.14 5.58
H3 DPV S . 20.21 -26.13 5.90
H3A DPV S . 20.88 -26.75 4.39
H4 DPV S . 21.31 -32.46 3.11
H4A DPV S . 20.91 -31.46 1.69
H5 DPV S . 18.80 -32.18 3.79
H5A DPV S . 18.51 -31.52 2.18
H6 DPV S . 20.34 -33.60 0.60
H6A DPV S . 18.68 -33.02 0.17
H6B DPV S . 19.00 -34.78 0.40
H7 DPV S . 17.16 -33.88 3.46
H7A DPV S . 17.25 -35.00 2.06
H7B DPV S . 16.84 -33.28 1.80
H8 DPV S . 19.45 -34.59 4.09
H8A DPV S . 20.79 -34.51 2.90
H8B DPV S . 19.46 -35.69 2.68
H15 DPV S . 22.62 -24.92 4.43
H15A DPV S . 21.90 -24.29 5.92
H16 DPV S . 20.41 -24.55 3.24
H16A DPV S . 19.74 -23.88 4.73
H17 DPV S . 21.56 -22.10 4.65
H17A DPV S . 22.09 -22.72 3.09
H18 DPV S . 19.14 -21.97 3.49
H18A DPV S . 20.31 -20.67 3.31
H19 DPV S . 20.36 -22.93 1.25
H19A DPV S . 19.03 -21.80 1.19
H20 DPV S . 21.90 -20.74 1.30
H20A DPV S . 21.23 -21.32 -0.21
H21 DPV S . 19.32 -19.69 -0.01
H21A DPV S . 20.03 -19.08 1.49
H22 DPV S . 22.09 -18.38 0.26
H22A DPV S . 21.41 -18.99 -1.24
H23 DPV S . 19.55 -17.34 -1.10
H23A DPV S . 21.13 -16.52 -1.06
H23B DPV S . 20.21 -16.72 0.44
N DPV T . 14.17 -28.07 -23.31
P DPV T . 14.69 -27.30 -18.99
C1 DPV T . 14.14 -28.79 -16.90
C2 DPV T . 14.23 -30.25 -16.43
C3 DPV T . 13.98 -30.39 -14.90
C4 DPV T . 13.14 -27.07 -21.07
C5 DPV T . 12.90 -27.87 -22.40
C6 DPV T . 15.25 -28.92 -22.62
C7 DPV T . 14.78 -26.72 -23.75
C8 DPV T . 13.71 -28.82 -24.57
C15 DPV T . 14.12 -31.86 -14.43
C16 DPV T . 14.04 -31.96 -12.88
C17 DPV T . 14.25 -33.43 -12.41
C18 DPV T . 14.39 -33.57 -10.86
C19 DPV T . 15.79 -33.12 -10.34
O1P DPV T . 16.02 -26.93 -19.51
C20 DPV T . 15.95 -33.41 -8.81
C21 DPV T . 17.34 -32.94 -8.24
C22 DPV T . 17.31 -31.51 -7.61
C23 DPV T . 17.63 -30.38 -8.63
O2P DPV T . 14.07 -26.20 -18.22
O3P DPV T . 14.69 -28.71 -18.23
O4P DPV T . 13.74 -27.94 -20.08
H1 DPV T . 13.10 -28.45 -16.92
H1A DPV T . 14.72 -28.13 -16.24
H2 DPV T . 13.50 -30.85 -16.97
H2A DPV T . 15.23 -30.64 -16.67
H3 DPV T . 12.98 -30.02 -14.66
H3A DPV T . 14.69 -29.76 -14.37
H4 DPV T . 13.80 -26.21 -21.25
H4A DPV T . 12.18 -26.71 -20.68
H5 DPV T . 12.51 -28.86 -22.15
H5A DPV T . 12.16 -27.34 -23.00
H6 DPV T . 16.06 -29.11 -23.33
H6A DPV T . 14.80 -29.87 -22.29
H6B DPV T . 15.63 -28.37 -21.74
H7 DPV T . 14.00 -26.12 -24.22
H7A DPV T . 15.58 -26.91 -24.46
H7B DPV T . 15.18 -26.21 -22.87
H8 DPV T . 12.96 -28.22 -25.09
H8A DPV T . 13.29 -29.78 -24.27
H8B DPV T . 14.58 -28.97 -25.22
H15 DPV T . 15.07 -32.26 -14.77
H15A DPV T . 13.32 -32.46 -14.88
H16 DPV T . 14.81 -31.32 -12.44
H16A DPV T . 13.07 -31.61 -12.53
H17 DPV T . 13.41 -34.03 -12.74
H17A DPV T . 15.15 -33.85 -12.89
H18 DPV T . 13.61 -32.99 -10.37
H18A DPV T . 14.23 -34.62 -10.60
H19 DPV T . 16.57 -33.66 -10.87
H19A DPV T . 15.93 -32.05 -10.52
H20 DPV T . 15.14 -32.93 -8.26
H20A DPV T . 15.86 -34.49 -8.65
H21 DPV T . 17.61 -33.64 -7.44
H21A DPV T . 18.11 -33.01 -9.00
H22 DPV T . 16.34 -31.30 -7.14
H22A DPV T . 18.06 -31.46 -6.81
H23 DPV T . 17.65 -29.41 -8.12
H23A DPV T . 16.88 -30.34 -9.41
H23B DPV T . 18.61 -30.54 -9.08
N DPV U . 27.12 -19.92 -18.06
P DPV U . 25.80 -21.87 -13.87
C1 DPV U . 24.49 -20.99 -11.77
C2 DPV U . 23.29 -20.12 -11.37
C3 DPV U . 23.60 -18.61 -11.55
C4 DPV U . 25.41 -20.98 -16.32
C5 DPV U . 25.80 -19.76 -17.24
C6 DPV U . 28.34 -20.32 -17.19
C7 DPV U . 27.44 -18.56 -18.70
C8 DPV U . 26.94 -20.95 -19.19
C15 DPV U . 22.34 -17.75 -11.24
C16 DPV U . 22.56 -16.26 -11.60
C17 DPV U . 21.28 -15.43 -11.33
C18 DPV U . 21.45 -13.94 -11.70
C19 DPV U . 20.17 -13.13 -11.36
O1P DPV U . 25.24 -23.15 -14.33
C20 DPV U . 20.32 -11.63 -11.75
C21 DPV U . 19.05 -10.81 -11.37
C22 DPV U . 19.13 -9.36 -11.94
C23 DPV U . 17.75 -8.67 -11.89
O2P DPV U . 26.99 -22.06 -13.02
O3P DPV U . 24.69 -20.92 -13.21
O4P DPV U . 26.02 -20.79 -15.03
H1 DPV U . 25.40 -20.66 -11.27
H1A DPV U . 24.29 -22.03 -11.50
H2 DPV U . 22.43 -20.39 -11.97
H2A DPV U . 23.05 -20.31 -10.33
H3 DPV U . 23.93 -18.41 -12.57
H3A DPV U . 24.42 -18.31 -10.88
H4 DPV U . 24.32 -21.01 -16.20
H4A DPV U . 25.75 -21.92 -16.76
H5 DPV U . 24.99 -19.58 -17.95
H5A DPV U . 25.89 -18.87 -16.61
H6 DPV U . 29.24 -20.35 -17.82
H6A DPV U . 28.16 -21.31 -16.76
H6B DPV U . 28.48 -19.58 -16.40
H7 DPV U . 27.58 -17.81 -17.90
H7A DPV U . 26.61 -18.27 -19.34
H7B DPV U . 28.36 -18.65 -19.29
H8 DPV U . 26.10 -20.64 -19.81
H8A DPV U . 26.75 -21.93 -18.74
H8B DPV U . 27.86 -20.98 -19.78
H15 DPV U . 22.10 -17.84 -10.18
H15A DPV U . 21.50 -18.14 -11.82
H16 DPV U . 23.39 -15.85 -11.00
H16A DPV U . 22.85 -16.16 -12.65
H17 DPV U . 20.45 -15.86 -11.93
H17A DPV U . 21.00 -15.53 -10.28
H18 DPV U . 22.30 -13.53 -11.16
H18A DPV U . 21.67 -13.85 -12.77
H19 DPV U . 19.31 -13.55 -11.88
H19A DPV U . 19.98 -13.19 -10.29
H20 DPV U . 21.19 -11.20 -11.26
H20A DPV U . 20.49 -11.57 -12.84
H21 DPV U . 18.17 -11.32 -11.77
H21A DPV U . 18.96 -10.78 -10.28
H22 DPV U . 19.85 -8.78 -11.35
H22A DPV U . 19.47 -9.37 -12.97
H23 DPV U . 17.37 -8.63 -10.87
H23A DPV U . 17.04 -9.20 -12.52
H23B DPV U . 17.84 -7.65 -12.26
N DPV V . 17.68 -18.46 -21.86
P DPV V . 14.23 -22.18 -20.50
C1 DPV V . 13.93 -21.90 -17.92
C2 DPV V . 13.69 -20.79 -16.87
C3 DPV V . 13.46 -21.37 -15.46
C4 DPV V . 16.15 -20.57 -21.33
C5 DPV V . 16.28 -19.16 -21.99
C6 DPV V . 18.07 -18.20 -20.39
C7 DPV V . 17.59 -17.10 -22.57
C8 DPV V . 18.80 -19.28 -22.53
C15 DPV V . 13.19 -20.24 -14.43
C16 DPV V . 13.07 -20.80 -12.98
C17 DPV V . 12.77 -19.66 -11.97
C18 DPV V . 12.74 -20.16 -10.50
C19 DPV V . 12.31 -19.03 -9.53
O1P DPV V . 12.90 -22.67 -20.92
C20 DPV V . 12.05 -19.57 -8.10
C21 DPV V . 11.43 -18.47 -7.18
C22 DPV V . 10.88 -19.06 -5.86
C23 DPV V . 9.94 -18.07 -5.14
O2P DPV V . 15.20 -23.28 -20.40
O3P DPV V . 14.18 -21.26 -19.20
O4P DPV V . 14.74 -20.93 -21.36
H1 DPV V . 14.80 -22.49 -17.64
H1A DPV V . 13.05 -22.53 -17.99
H2 DPV V . 14.56 -20.12 -16.85
H2A DPV V . 12.82 -20.19 -17.17
H3 DPV V . 14.35 -21.93 -15.15
H3A DPV V . 12.63 -22.07 -15.47
H4 DPV V . 16.73 -21.32 -21.87
H4A DPV V . 16.47 -20.53 -20.28
H5 DPV V . 16.07 -19.24 -23.06
H5A DPV V . 15.54 -18.48 -21.54
H6 DPV V . 18.20 -19.15 -19.88
H6A DPV V . 17.26 -17.63 -19.92
H6B DPV V . 19.00 -17.63 -20.37
H7 DPV V . 16.76 -16.54 -22.14
H7A DPV V . 17.42 -17.28 -23.64
H7B DPV V . 18.52 -16.56 -22.43
H8 DPV V . 18.54 -19.45 -23.58
H8A DPV V . 18.90 -20.24 -22.01
H8B DPV V . 19.73 -18.72 -22.46
H15 DPV V . 12.26 -19.73 -14.70
H15A DPV V . 13.99 -19.51 -14.47
H16 DPV V . 12.27 -21.54 -12.93
H16A DPV V . 14.01 -21.28 -12.70
H17 DPV V . 13.52 -18.87 -12.06
H17A DPV V . 11.80 -19.21 -12.22
H18 DPV V . 12.02 -20.99 -10.42
H18A DPV V . 13.72 -20.54 -10.22
H19 DPV V . 13.10 -18.27 -9.49
H19A DPV V . 11.41 -18.55 -9.90
H20 DPV V . 11.38 -20.42 -8.14
H20A DPV V . 12.99 -19.92 -7.64
H21 DPV V . 12.17 -17.70 -6.97
H21A DPV V . 10.60 -17.99 -7.72
H22 DPV V . 10.35 -19.99 -6.05
H22A DPV V . 11.73 -19.29 -5.20
H23 DPV V . 9.01 -17.95 -5.71
H23A DPV V . 10.40 -17.09 -5.03
H23B DPV V . 9.68 -18.44 -4.14
N DPV W . 19.28 -4.72 -19.27
P DPV W . 19.31 -9.07 -17.26
C1 DPV W . 18.24 -11.22 -16.21
C2 DPV W . 17.63 -11.73 -14.88
C3 DPV W . 16.08 -11.73 -14.88
C4 DPV W . 19.36 -6.42 -17.23
C5 DPV W . 18.79 -6.08 -18.66
C6 DPV W . 18.86 -3.51 -18.40
C7 DPV W . 18.59 -4.54 -20.63
C8 DPV W . 20.79 -4.69 -19.49
C15 DPV W . 15.51 -12.08 -13.46
C16 DPV W . 13.95 -12.17 -13.45
C17 DPV W . 13.40 -12.47 -12.03
C18 DPV W . 11.84 -12.67 -12.04
C19 DPV W . 11.29 -13.05 -10.64
O1P DPV W . 18.85 -9.39 -18.62
C20 DPV W . 9.77 -13.40 -10.69
C21 DPV W . 9.20 -13.82 -9.30
C22 DPV W . 7.72 -14.27 -9.39
C23 DPV W . 7.13 -14.67 -8.00
O2P DPV W . 20.76 -9.24 -17.08
O3P DPV W . 18.45 -9.78 -16.12
O4P DPV W . 18.77 -7.65 -16.73
H1 DPV W . 19.21 -11.69 -16.38
H1A DPV W . 17.59 -11.45 -17.06
H2 DPV W . 17.99 -12.75 -14.71
H2A DPV W . 18.01 -11.12 -14.07
H3 DPV W . 15.71 -12.46 -15.60
H3A DPV W . 15.71 -10.75 -15.17
H4 DPV W . 20.45 -6.54 -17.26
H4A DPV W . 19.11 -5.62 -16.53
H5 DPV W . 19.07 -6.88 -19.36
H5A DPV W . 17.70 -6.06 -18.61
H6 DPV W . 19.32 -3.62 -17.41
H6A DPV W . 17.78 -3.49 -18.31
H6B DPV W . 19.22 -2.60 -18.88
H7 DPV W . 18.88 -5.37 -21.29
H7A DPV W . 18.92 -3.59 -21.07
H7B DPV W . 17.51 -4.53 -20.49
H8 DPV W . 21.07 -5.53 -20.14
H8A DPV W . 21.29 -4.80 -18.52
H8B DPV W . 21.08 -3.75 -19.95
H15 DPV W . 15.83 -11.32 -12.75
H15A DPV W . 15.93 -13.03 -13.12
H16 DPV W . 13.54 -11.22 -13.81
H16A DPV W . 13.65 -12.96 -14.13
H17 DPV W . 13.87 -13.36 -11.62
H17A DPV W . 13.64 -11.63 -11.35
H18 DPV W . 11.37 -11.75 -12.39
H18A DPV W . 11.59 -13.46 -12.76
H19 DPV W . 11.84 -13.90 -10.25
H19A DPV W . 11.44 -12.21 -9.95
H20 DPV W . 9.21 -12.53 -11.06
H20A DPV W . 9.61 -14.21 -11.41
H21 DPV W . 9.81 -14.64 -8.89
H21A DPV W . 9.29 -12.97 -8.62
H22 DPV W . 7.11 -13.46 -9.81
H22A DPV W . 7.63 -15.11 -10.06
H23 DPV W . 7.70 -15.49 -7.57
H23A DPV W . 6.09 -14.98 -8.10
H23B DPV W . 7.17 -13.83 -7.31
N DPV X . 16.69 4.31 -2.92
P DPV X . 19.29 2.76 -7.21
C1 DPV X . 17.56 3.51 -9.03
C2 DPV X . 17.32 4.60 -10.11
C3 DPV X . 17.71 4.16 -11.54
C4 DPV X . 18.18 3.40 -4.93
C5 DPV X . 17.45 4.61 -4.26
C6 DPV X . 17.63 3.83 -1.80
C7 DPV X . 15.55 3.30 -3.12
C8 DPV X . 16.06 5.64 -2.46
C15 DPV X . 16.63 3.25 -12.21
C16 DPV X . 17.03 2.87 -13.67
C17 DPV X . 15.90 2.14 -14.46
C18 DPV X . 15.71 0.66 -14.01
C19 DPV X . 14.83 -0.17 -15.01
O1P DPV X . 20.75 2.71 -6.98
C20 DPV X . 13.30 0.15 -14.99
C21 DPV X . 12.58 -0.38 -13.71
C22 DPV X . 11.06 -0.04 -13.75
C23 DPV X . 10.35 -0.51 -12.47
O2P DPV X . 18.69 1.41 -7.23
O3P DPV X . 18.91 3.64 -8.50
O4P DPV X . 18.53 3.80 -6.27
H1 DPV X . 16.85 3.65 -8.22
H1A DPV X . 17.42 2.51 -9.45
H2 DPV X . 16.26 4.88 -10.09
H2A DPV X . 17.90 5.49 -9.84
H3 DPV X . 18.67 3.65 -11.53
H3A DPV X . 17.82 5.06 -12.16
H4 DPV X . 19.09 3.14 -4.37
H4A DPV X . 17.52 2.53 -4.98
H5 DPV X . 18.18 5.40 -4.05
H5A DPV X . 16.71 5.01 -4.96
H6 DPV X . 18.38 4.61 -1.62
H6A DPV X . 18.11 2.90 -2.12
H6B DPV X . 17.04 3.66 -0.89
H7 DPV X . 14.89 3.64 -3.92
H7A DPV X . 14.98 3.22 -2.18
H7B DPV X . 15.98 2.33 -3.37
H8 DPV X . 16.86 6.37 -2.27
H8A DPV X . 15.49 5.47 -1.55
H8B DPV X . 15.41 6.02 -3.26
H15 DPV X . 15.67 3.77 -12.22
H15A DPV X . 16.51 2.34 -11.61
H16 DPV X . 17.29 3.79 -14.21
H16A DPV X . 17.94 2.25 -13.65
H17 DPV X . 14.96 2.70 -14.34
H17A DPV X . 16.15 2.17 -15.51
H18 DPV X . 16.69 0.19 -13.94
H18A DPV X . 15.26 0.63 -13.02
H19 DPV X . 15.21 -0.01 -16.03
H19A DPV X . 14.97 -1.23 -14.80
H20 DPV X . 13.16 1.23 -15.07
H20A DPV X . 12.84 -0.30 -15.87
H21 DPV X . 12.72 -1.46 -13.63
H21A DPV X . 13.03 0.07 -12.83
H22 DPV X . 10.92 1.03 -13.86
H22A DPV X . 10.60 -0.54 -14.61
H23 DPV X . 10.78 -0.03 -11.58
H23A DPV X . 10.44 -1.59 -12.35
H23B DPV X . 9.29 -0.25 -12.51
N DPV Y . 17.33 4.69 3.08
P DPV Y . 13.88 5.00 0.76
C1 DPV Y . 11.98 5.20 -1.00
C2 DPV Y . 11.38 6.16 -2.07
C3 DPV Y . 12.23 6.26 -3.37
C4 DPV Y . 15.46 6.41 2.31
C5 DPV Y . 16.89 5.79 2.06
C6 DPV Y . 16.43 3.45 2.97
C7 DPV Y . 17.33 5.22 4.54
C8 DPV Y . 18.77 4.28 2.74
C15 DPV Y . 12.17 4.98 -4.26
C16 DPV Y . 12.95 5.16 -5.58
C17 DPV Y . 12.86 3.89 -6.48
C18 DPV Y . 13.67 4.09 -7.80
C19 DPV Y . 13.50 2.94 -8.82
O1P DPV Y . 14.72 3.92 0.20
C20 DPV Y . 14.31 1.66 -8.45
C21 DPV Y . 14.31 0.63 -9.62
C22 DPV Y . 15.32 -0.53 -9.35
C23 DPV Y . 15.24 -1.60 -10.46
O2P DPV Y . 13.02 4.53 1.87
O3P DPV Y . 13.10 5.84 -0.35
O4P DPV Y . 14.69 6.33 1.08
H1 DPV Y . 11.22 4.98 -0.25
H1A DPV Y . 12.31 4.28 -1.45
H2 DPV Y . 10.37 5.81 -2.32
H2A DPV Y . 11.27 7.15 -1.63
H3 DPV Y . 13.27 6.48 -3.11
H3A DPV Y . 11.87 7.11 -3.95
H4 DPV Y . 14.93 5.89 3.10
H4A DPV Y . 15.57 7.47 2.59
H5 DPV Y . 16.91 5.33 1.07
H5A DPV Y . 17.64 6.59 2.09
H6 DPV Y . 16.50 3.05 1.97
H6A DPV Y . 15.40 3.73 3.18
H6B DPV Y . 16.77 2.70 3.70
H7 DPV Y . 16.31 5.45 4.83
H7A DPV Y . 17.95 6.11 4.59
H7B DPV Y . 17.73 4.44 5.20
H8 DPV Y . 19.41 5.17 2.81
H8A DPV Y . 18.79 3.88 1.73
H8B DPV Y . 19.11 3.53 3.46
H15 DPV Y . 11.12 4.74 -4.47
H15A DPV Y . 12.58 4.13 -3.71
H16 DPV Y . 12.54 6.02 -6.12
H16A DPV Y . 13.99 5.38 -5.36
H17 DPV Y . 13.26 3.03 -5.94
H17A DPV Y . 11.81 3.69 -6.72
H18 DPV Y . 13.34 5.02 -8.27
H18A DPV Y . 14.73 4.23 -7.57
H19 DPV Y . 12.45 2.68 -8.93
H19A DPV Y . 13.83 3.30 -9.80
H20 DPV Y . 15.35 1.93 -8.22
H20A DPV Y . 13.89 1.20 -7.56
H21 DPV Y . 13.30 0.22 -9.73
H21A DPV Y . 14.58 1.13 -10.55
H22 DPV Y . 16.34 -0.13 -9.32
H22A DPV Y . 15.12 -0.99 -8.39
H23 DPV Y . 15.95 -2.40 -10.25
H23A DPV Y . 15.48 -1.18 -11.43
H23B DPV Y . 14.23 -2.04 -10.50
N DPV Z . 6.34 6.05 3.87
P DPV Z . 5.34 5.10 -1.16
C1 DPV Z . 5.32 2.47 -1.14
C2 DPV Z . 5.24 1.34 -2.22
C3 DPV Z . 6.59 0.64 -2.53
C4 DPV Z . 5.89 5.77 1.29
C5 DPV Z . 6.62 5.24 2.55
C6 DPV Z . 4.85 5.99 4.27
C7 DPV Z . 6.78 7.53 3.75
C8 DPV Z . 7.16 5.40 4.99
C15 DPV Z . 7.49 1.46 -3.50
C16 DPV Z . 8.81 0.69 -3.87
C17 DPV Z . 10.08 1.61 -3.85
C18 DPV Z . 10.53 1.98 -2.40
C19 DPV Z . 11.83 1.24 -1.94
O1P DPV Z . 3.87 5.18 -0.97
C20 DPV Z . 12.00 1.34 -0.40
C21 DPV Z . 13.25 0.57 0.10
C22 DPV Z . 13.36 0.57 1.65
C23 DPV Z . 12.48 -0.52 2.33
O2P DPV Z . 5.83 6.26 -1.94
O3P DPV Z . 5.84 3.69 -1.73
O4P DPV Z . 6.13 4.87 0.20
H1 DPV Z . 4.31 2.66 -0.76
H1A DPV Z . 5.96 2.16 -0.30
H2 DPV Z . 4.55 0.58 -1.85
H2A DPV Z . 4.81 1.73 -3.13
H3 DPV Z . 6.38 -0.34 -2.98
H3A DPV Z . 7.13 0.45 -1.60
H4 DPV Z . 4.80 5.80 1.47
H4A DPV Z . 6.24 6.77 1.02
H5 DPV Z . 6.33 4.21 2.74
H5A DPV Z . 7.70 5.28 2.38
H6 DPV Z . 4.72 6.44 5.26
H6A DPV Z . 4.54 4.93 4.31
H6B DPV Z . 4.25 6.52 3.53
H7 DPV Z . 6.17 8.02 2.99
H7A DPV Z . 7.83 7.56 3.48
H7B DPV Z . 6.62 8.01 4.73
H8 DPV Z . 8.22 5.45 4.72
H8A DPV Z . 6.85 4.35 5.09
H8B DPV Z . 6.98 5.93 5.93
H15 DPV Z . 7.74 2.41 -3.03
H15A DPV Z . 6.94 1.68 -4.42
H16 DPV Z . 8.97 -0.16 -3.21
H16A DPV Z . 8.70 0.29 -4.88
H17 DPV Z . 10.90 1.11 -4.38
H17A DPV Z . 9.87 2.54 -4.40
H18 DPV Z . 10.69 3.05 -2.34
H18A DPV Z . 9.72 1.74 -1.69
H19 DPV Z . 11.78 0.20 -2.24
H19A DPV Z . 12.69 1.69 -2.44
H20 DPV Z . 12.09 2.39 -0.10
H20A DPV Z . 11.10 0.95 0.09
H21 DPV Z . 13.23 -0.47 -0.27
H21A DPV Z . 14.15 1.03 -0.31
H22 DPV Z . 14.39 0.40 1.95
H22A DPV Z . 13.08 1.56 2.04
H23 DPV Z . 12.69 -1.51 1.90
H23A DPV Z . 11.43 -0.30 2.20
H23B DPV Z . 12.69 -0.56 3.39
N DPV AA . 11.86 2.81 5.37
P DPV AA . 8.09 1.46 2.63
C1 DPV AA . 8.37 -0.36 0.80
C2 DPV AA . 9.10 -1.72 0.58
C3 DPV AA . 9.60 -1.88 -0.87
C4 DPV AA . 9.35 2.06 4.88
C5 DPV AA . 10.88 1.97 4.50
C6 DPV AA . 11.89 2.32 6.84
C7 DPV AA . 11.53 4.32 5.34
C8 DPV AA . 13.26 2.63 4.80
C15 DPV AA . 10.66 -3.01 -0.97
C16 DPV AA . 11.21 -3.19 -2.42
C17 DPV AA . 12.22 -4.38 -2.51
C18 DPV AA . 11.54 -5.74 -2.82
C19 DPV AA . 12.50 -6.95 -2.55
O1P DPV AA . 6.65 1.74 2.57
C20 DPV AA . 11.89 -8.33 -2.91
C21 DPV AA . 10.80 -8.82 -1.90
C22 DPV AA . 10.43 -10.31 -2.14
C23 DPV AA . 9.21 -10.75 -1.28
O2P DPV AA . 8.90 2.52 1.96
O3P DPV AA . 8.50 -0.01 2.20
O4P DPV AA . 8.61 1.10 4.11
H1 DPV AA . 8.86 0.42 0.21
H1A DPV AA . 7.32 -0.43 0.54
H2 DPV AA . 9.94 -1.78 1.27
H2A DPV AA . 8.41 -2.53 0.83
H3 DPV AA . 10.06 -0.94 -1.21
H3A DPV AA . 8.76 -2.08 -1.54
H4 DPV AA . 9.23 1.84 5.95
H4A DPV AA . 8.98 3.07 4.68
H5 DPV AA . 11.19 0.93 4.56
H5A DPV AA . 11.00 2.29 3.46
H6 DPV AA . 12.16 1.26 6.84
H6A DPV AA . 10.90 2.45 7.28
H6B DPV AA . 12.64 2.90 7.39
H7 DPV AA . 10.53 4.48 5.75
H7A DPV AA . 11.56 4.66 4.30
H7B DPV AA . 12.27 4.86 5.93
H8 DPV AA . 13.25 2.99 3.77
H8A DPV AA . 13.52 1.57 4.82
H8B DPV AA . 13.96 3.21 5.39
H15 DPV AA . 10.22 -3.95 -0.63
H15A DPV AA . 11.50 -2.79 -0.30
H16 DPV AA . 10.38 -3.35 -3.12
H16A DPV AA . 11.72 -2.27 -2.72
H17 DPV AA . 12.96 -4.17 -3.29
H17A DPV AA . 12.78 -4.45 -1.57
H18 DPV AA . 10.64 -5.85 -2.22
H18A DPV AA . 11.23 -5.76 -3.88
H19 DPV AA . 13.42 -6.80 -3.13
H19A DPV AA . 12.80 -6.93 -1.50
H20 DPV AA . 11.47 -8.31 -3.91
H20A DPV AA . 12.71 -9.07 -2.92
H21 DPV AA . 11.17 -8.70 -0.87
H21A DPV AA . 9.91 -8.19 -2.01
H22 DPV AA . 10.20 -10.47 -3.19
H22A DPV AA . 11.28 -10.93 -1.88
H23 DPV AA . 8.99 -11.81 -1.45
H23A DPV AA . 8.33 -10.17 -1.56
H23B DPV AA . 9.40 -10.59 -0.22
N DPV BA . 12.06 -2.95 12.23
P DPV BA . 8.02 -3.91 14.60
C1 DPV BA . 9.29 -6.02 15.50
C2 DPV BA . 10.10 -6.53 16.72
C3 DPV BA . 10.71 -7.94 16.48
C4 DPV BA . 9.50 -2.57 12.89
C5 DPV BA . 10.95 -1.97 12.79
C6 DPV BA . 12.19 -4.23 13.07
C7 DPV BA . 13.41 -2.20 12.29
C8 DPV BA . 11.81 -3.29 10.75
C15 DPV BA . 9.65 -9.09 16.56
C16 DPV BA . 10.09 -10.35 15.78
C17 DPV BA . 8.98 -11.45 15.85
C18 DPV BA . 9.10 -12.51 14.71
C19 DPV BA . 8.46 -12.01 13.37
O1P DPV BA . 7.21 -2.78 15.09
C20 DPV BA . 8.69 -13.04 12.22
C21 DPV BA . 8.00 -12.62 10.88
C22 DPV BA . 8.65 -11.39 10.15
C23 DPV BA . 10.05 -11.69 9.55
O2P DPV BA . 7.26 -4.79 13.69
O3P DPV BA . 8.78 -4.69 15.77
O4P DPV BA . 9.44 -3.45 14.02
H1 DPV BA . 9.94 -5.96 14.62
H1A DPV BA . 8.45 -6.68 15.28
H2 DPV BA . 10.91 -5.82 16.93
H2A DPV BA . 9.45 -6.55 17.60
H3 DPV BA . 11.46 -8.13 17.25
H3A DPV BA . 11.23 -7.96 15.53
H4 DPV BA . 8.79 -1.76 13.05
H4A DPV BA . 9.23 -3.12 11.98
H5 DPV BA . 10.93 -1.10 12.13
H5A DPV BA . 11.28 -1.64 13.78
H6 DPV BA . 13.07 -4.78 12.74
H6A DPV BA . 11.28 -4.82 12.93
H6B DPV BA . 12.30 -3.94 14.12
H7 DPV BA . 13.34 -1.29 11.71
H7A DPV BA . 14.20 -2.84 11.89
H7B DPV BA . 13.61 -1.96 13.34
H8 DPV BA . 11.76 -2.36 10.17
H8A DPV BA . 10.87 -3.83 10.68
H8B DPV BA . 12.64 -3.91 10.39
H15 DPV BA . 8.71 -8.73 16.13
H15A DPV BA . 9.46 -9.34 17.60
H16 DPV BA . 10.28 -10.08 14.74
H16A DPV BA . 11.02 -10.75 16.20
H17 DPV BA . 9.07 -11.96 16.81
H17A DPV BA . 7.99 -10.99 15.81
H18 DPV BA . 10.15 -12.78 14.55
H18A DPV BA . 8.58 -13.42 15.02
H19 DPV BA . 7.40 -11.86 13.52
H19A DPV BA . 8.90 -11.05 13.10
H20 DPV BA . 9.76 -13.17 12.06
H20A DPV BA . 8.28 -14.00 12.52
H21 DPV BA . 8.00 -13.47 10.19
H21A DPV BA . 6.95 -12.38 11.07
H22 DPV BA . 8.00 -11.08 9.33
H22A DPV BA . 8.73 -10.54 10.83
H23 DPV BA . 10.44 -10.82 9.04
H23A DPV BA . 9.98 -12.51 8.84
H23B DPV BA . 10.76 -11.97 10.33
N DPV CA . 0.04 -16.55 17.53
P DPV CA . 2.81 -13.45 16.35
C1 DPV CA . 2.64 -11.00 17.20
C2 DPV CA . 3.58 -10.16 18.10
C3 DPV CA . 5.09 -10.30 17.71
C4 DPV CA . 2.58 -15.96 16.96
C5 DPV CA . 1.56 -16.77 17.86
C6 DPV CA . -0.41 -15.09 17.75
C7 DPV CA . -0.78 -17.42 18.49
C8 DPV CA . -0.31 -16.96 16.08
C15 DPV CA . 5.64 -9.17 16.80
C16 DPV CA . 5.28 -9.34 15.31
C17 DPV CA . 6.06 -8.33 14.40
C18 DPV CA . 5.37 -8.10 13.01
C19 DPV CA . 5.53 -9.31 12.04
O1P DPV CA . 4.11 -13.51 15.65
C20 DPV CA . 4.54 -9.19 10.85
C21 DPV CA . 4.78 -10.36 9.84
C22 DPV CA . 3.84 -10.26 8.60
C23 DPV CA . 4.21 -11.33 7.56
O2P DPV CA . 1.67 -13.32 15.41
O3P DPV CA . 2.78 -12.39 17.54
O4P DPV CA . 2.62 -14.60 17.43
H1 DPV CA . 1.59 -10.72 17.38
H1A DPV CA . 2.88 -10.85 16.15
H2 DPV CA . 3.29 -9.11 18.05
H2A DPV CA . 3.45 -10.48 19.14
H3 DPV CA . 5.28 -11.28 17.25
H3A DPV CA . 5.67 -10.29 18.64
H4 DPV CA . 3.58 -16.39 17.06
H4A DPV CA . 2.27 -15.98 15.91
H5 DPV CA . 1.76 -17.84 17.72
H5A DPV CA . 1.71 -16.52 18.90
H6 DPV CA . -0.14 -14.79 18.76
H6A DPV CA . -1.49 -15.02 17.61
H6B DPV CA . 0.10 -14.45 17.03
H7 DPV CA . -0.53 -18.47 18.33
H7A DPV CA . -1.85 -17.26 18.31
H7B DPV CA . -0.53 -17.14 19.51
H8 DPV CA . -1.38 -16.85 15.93
H8A DPV CA . -0.02 -18.01 15.93
H8B DPV CA . 0.23 -16.32 15.39
H15 DPV CA . 6.73 -9.17 16.91
H15A DPV CA . 5.29 -8.20 17.16
H16 DPV CA . 5.50 -10.36 14.98
H16A DPV CA . 4.21 -9.19 15.18
H17 DPV CA . 6.12 -7.37 14.91
H17A DPV CA . 7.08 -8.68 14.25
H18 DPV CA . 4.31 -7.89 13.18
H18A DPV CA . 5.81 -7.21 12.55
H19 DPV CA . 6.55 -9.34 11.68
H19A DPV CA . 5.33 -10.24 12.57
H20 DPV CA . 3.51 -9.22 11.21
H20A DPV CA . 4.68 -8.24 10.34
H21 DPV CA . 5.82 -10.34 9.51
H21A DPV CA . 4.60 -11.32 10.34
H22 DPV CA . 2.80 -10.37 8.90
H22A DPV CA . 3.94 -9.27 8.14
H23 DPV CA . 5.22 -11.19 7.19
H23A DPV CA . 3.52 -11.28 6.71
H23B DPV CA . 4.13 -12.33 8.00
N DPV DA . -6.88 -31.21 -2.42
P DPV DA . -4.79 -29.18 1.09
C1 DPV DA . -3.09 -27.29 0.39
C2 DPV DA . -1.67 -26.83 0.76
C3 DPV DA . -1.35 -25.43 0.17
C4 DPV DA . -4.62 -30.56 -1.16
C5 DPV DA . -5.42 -30.65 -2.51
C6 DPV DA . -6.89 -32.69 -2.01
C7 DPV DA . -7.47 -31.11 -3.83
C8 DPV DA . -7.77 -30.41 -1.45
C15 DPV DA . 0.00 -24.88 0.70
C16 DPV DA . 0.36 -23.51 0.04
C17 DPV DA . 1.73 -22.99 0.55
C18 DPV DA . 2.31 -21.86 -0.37
C19 DPV DA . 1.87 -20.41 0.00
O1P DPV DA . -5.72 -28.20 1.68
C20 DPV DA . 2.67 -19.82 1.22
C21 DPV DA . 2.59 -18.26 1.33
C22 DPV DA . 1.23 -17.76 1.87
C23 DPV DA . 1.17 -16.23 1.99
O2P DPV DA . -4.85 -30.47 1.81
O3P DPV DA . -3.29 -28.62 0.94
O4P DPV DA . -4.98 -29.32 -0.50
H1 DPV DA . -3.83 -26.61 0.82
H1A DPV DA . -3.22 -27.34 -0.69
H2 DPV DA . -1.57 -26.80 1.84
H2A DPV DA . -0.94 -27.56 0.38
H3 DPV DA . -2.14 -24.74 0.43
H3A DPV DA . -1.31 -25.50 -0.93
H4 DPV DA . -4.87 -31.41 -0.52
H4A DPV DA . -3.55 -30.56 -1.35
H5 DPV DA . -5.47 -29.65 -2.95
H5A DPV DA . -4.87 -31.30 -3.19
H6 DPV DA . -6.54 -32.77 -0.97
H6A DPV DA . -6.22 -33.25 -2.67
H6B DPV DA . -7.91 -33.08 -2.09
H7 DPV DA . -7.51 -30.05 -4.13
H7A DPV DA . -8.48 -31.52 -3.82
H7B DPV DA . -6.85 -31.67 -4.51
H8 DPV DA . -7.76 -29.36 -1.75
H8A DPV DA . -7.38 -30.52 -0.44
H8B DPV DA . -8.79 -30.81 -1.50
H15 DPV DA . 0.80 -25.59 0.49
H15A DPV DA . -0.06 -24.76 1.78
H16 DPV DA . 0.39 -23.64 -1.04
H16A DPV DA . -0.41 -22.78 0.27
H17 DPV DA . 1.64 -22.64 1.58
H17A DPV DA . 2.45 -23.82 0.56
H18 DPV DA . 3.39 -21.92 -0.32
H18A DPV DA . 2.03 -22.06 -1.40
H19 DPV DA . 2.04 -19.77 -0.88
H19A DPV DA . 0.80 -20.39 0.22
H20 DPV DA . 2.31 -20.27 2.15
H20A DPV DA . 3.72 -20.10 1.13
H21 DPV DA . 3.39 -17.92 1.99
H21A DPV DA . 2.79 -17.82 0.34
H22 DPV DA . 0.44 -18.09 1.20
H22A DPV DA . 1.03 -18.20 2.85
H23 DPV DA . 0.17 -15.92 2.30
H23A DPV DA . 1.38 -15.76 1.02
H23B DPV DA . 1.88 -15.87 2.72
N DPV EA . 5.79 -36.47 -7.92
P DPV EA . 3.92 -32.78 -8.21
C1 DPV EA . 4.43 -30.20 -8.34
C2 DPV EA . 3.91 -28.87 -7.74
C3 DPV EA . 5.03 -28.03 -7.08
C4 DPV EA . 6.19 -33.87 -7.49
C5 DPV EA . 5.66 -35.24 -6.94
C6 DPV EA . 7.25 -36.73 -8.30
C7 DPV EA . 4.94 -36.26 -9.19
C8 DPV EA . 5.24 -37.70 -7.18
C15 DPV EA . 4.42 -26.84 -6.28
C16 DPV EA . 5.52 -26.03 -5.55
C17 DPV EA . 4.89 -24.95 -4.62
C18 DPV EA . 5.99 -24.06 -3.99
C19 DPV EA . 5.41 -23.06 -2.97
O1P DPV EA . 4.23 -32.91 -9.65
C20 DPV EA . 6.51 -22.09 -2.45
C21 DPV EA . 5.94 -21.12 -1.38
C22 DPV EA . 7.00 -20.13 -0.87
C23 DPV EA . 6.35 -19.03 -0.01
O2P DPV EA . 2.86 -33.71 -7.79
O3P DPV EA . 3.63 -31.26 -7.77
O4P DPV EA . 5.22 -32.83 -7.27
H1 DPV EA . 4.32 -30.21 -9.42
H1A DPV EA . 5.48 -30.37 -8.06
H2 DPV EA . 3.44 -28.28 -8.54
H2A DPV EA . 3.14 -29.08 -7.01
H3 DPV EA . 5.72 -27.66 -7.83
H3A DPV EA . 5.59 -28.67 -6.39
H4 DPV EA . 7.11 -33.61 -6.96
H4A DPV EA . 6.41 -33.94 -8.55
H5 DPV EA . 6.20 -35.51 -6.01
H5A DPV EA . 4.60 -35.15 -6.69
H6 DPV EA . 7.84 -36.81 -7.39
H6A DPV EA . 7.61 -35.90 -8.92
H6B DPV EA . 7.29 -37.67 -8.88
H7 DPV EA . 4.97 -37.18 -9.80
H7A DPV EA . 5.34 -35.41 -9.76
H7B DPV EA . 3.91 -36.05 -8.90
H8 DPV EA . 4.20 -37.53 -6.91
H8A DPV EA . 5.84 -37.87 -6.29
H8B DPV EA . 5.32 -38.57 -7.85
H15 DPV EA . 3.70 -27.22 -5.55
H15A DPV EA . 3.87 -26.19 -6.97
H16 DPV EA . 6.14 -26.70 -4.96
H16A DPV EA . 6.16 -25.55 -6.29
H17 DPV EA . 4.21 -24.33 -5.20
H17A DPV EA . 4.31 -25.43 -3.83
H18 DPV EA . 6.73 -24.69 -3.50
H18A DPV EA . 6.50 -23.52 -4.78
H19 DPV EA . 4.61 -22.48 -3.44
H19A DPV EA . 4.96 -23.61 -2.13
H20 DPV EA . 7.33 -22.66 -2.02
H20A DPV EA . 6.90 -21.51 -3.28
H21 DPV EA . 5.09 -20.57 -1.80
H21A DPV EA . 5.57 -21.71 -0.52
H22 DPV EA . 7.76 -20.65 -0.27
H22A DPV EA . 7.52 -19.66 -1.71
H23 DPV EA . 5.91 -19.45 0.89
H23A DPV EA . 5.58 -18.49 -0.56
H23B DPV EA . 7.11 -18.30 0.30
N DPV FA . 21.45 -33.42 -5.01
P DPV FA . 22.08 -30.84 -8.59
C1 DPV FA . 21.49 -28.38 -9.19
C2 DPV FA . 20.31 -27.37 -9.15
C3 DPV FA . 20.05 -26.80 -7.73
C4 DPV FA . 21.21 -33.11 -7.64
C5 DPV FA . 20.57 -33.61 -6.30
C6 DPV FA . 22.78 -34.20 -5.10
C7 DPV FA . 20.66 -33.99 -3.82
C8 DPV FA . 21.74 -31.94 -4.72
C15 DPV FA . 18.94 -25.71 -7.76
C16 DPV FA . 18.63 -25.15 -6.34
C17 DPV FA . 17.38 -24.21 -6.38
C18 DPV FA . 16.86 -23.87 -4.96
C19 DPV FA . 15.59 -22.98 -5.02
O1P DPV FA . 23.38 -30.73 -7.91
C20 DPV FA . 15.07 -22.59 -3.61
C21 DPV FA . 13.81 -21.70 -3.66
C22 DPV FA . 13.33 -21.31 -2.23
C23 DPV FA . 12.01 -20.50 -2.26
O2P DPV FA . 22.20 -31.28 -10.00
O3P DPV FA . 21.16 -29.55 -8.42
O4P DPV FA . 21.01 -31.69 -7.76
H1 DPV FA . 21.67 -28.68 -10.24
H1A DPV FA . 22.39 -27.92 -8.79
H2 DPV FA . 20.53 -26.55 -9.84
H2A DPV FA . 19.42 -27.87 -9.52
H3 DPV FA . 20.97 -26.38 -7.32
H3A DPV FA . 19.74 -27.61 -7.06
H4 DPV FA . 22.27 -33.33 -7.66
H4A DPV FA . 20.72 -33.59 -8.49
H5 DPV FA . 19.62 -33.09 -6.12
H5A DPV FA . 20.37 -34.68 -6.38
H6 DPV FA . 23.40 -33.75 -5.88
H6A DPV FA . 22.57 -35.25 -5.33
H6B DPV FA . 23.30 -34.13 -4.14
H7 DPV FA . 21.26 -33.89 -2.92
H7A DPV FA . 20.44 -35.04 -4.01
H7B DPV FA . 19.73 -33.42 -3.71
H8 DPV FA . 20.80 -31.39 -4.67
H8A DPV FA . 22.37 -31.54 -5.53
H8B DPV FA . 22.29 -31.85 -3.77
H15 DPV FA . 18.04 -26.14 -8.19
H15A DPV FA . 19.26 -24.88 -8.41
H16 DPV FA . 18.45 -25.97 -5.66
H16A DPV FA . 19.49 -24.58 -5.97
H17 DPV FA . 17.64 -23.29 -6.91
H17A DPV FA . 16.57 -24.70 -6.94
H18 DPV FA . 16.63 -24.80 -4.42
H18A DPV FA . 17.64 -23.36 -4.39
H19 DPV FA . 15.81 -22.08 -5.59
H19A DPV FA . 14.80 -23.52 -5.56
H20 DPV FA . 14.84 -23.50 -3.05
H20A DPV FA . 15.87 -22.07 -3.07
H21 DPV FA . 14.02 -20.79 -4.23
H21A DPV FA . 13.00 -22.23 -4.17
H22 DPV FA . 13.18 -22.21 -1.63
H22A DPV FA . 14.11 -20.72 -1.73
H23 DPV FA . 11.20 -21.10 -2.67
H23A DPV FA . 12.12 -19.60 -2.87
H23B DPV FA . 11.73 -20.20 -1.25
N DPV GA . 0.35 -28.92 -16.80
P DPV GA . -1.18 -29.91 -11.92
C1 DPV GA . -1.77 -28.62 -9.74
C2 DPV GA . -2.15 -27.22 -9.24
C3 DPV GA . -3.56 -26.79 -9.75
C4 DPV GA . -0.50 -29.66 -14.40
C5 DPV GA . -0.59 -28.64 -15.57
C6 DPV GA . 0.06 -30.28 -17.46
C7 DPV GA . 1.84 -28.83 -16.40
C8 DPV GA . 0.07 -27.82 -17.84
C15 DPV GA . -4.01 -25.46 -9.10
C16 DPV GA . -5.29 -24.90 -9.79
C17 DPV GA . -6.06 -23.93 -8.86
C18 DPV GA . -7.15 -23.11 -9.61
C19 DPV GA . -8.22 -22.51 -8.66
O1P DPV GA . -2.11 -31.06 -11.79
C20 DPV GA . -7.72 -21.27 -7.84
C21 DPV GA . -7.97 -21.40 -6.30
C22 DPV GA . -6.86 -22.21 -5.58
C23 DPV GA . -7.18 -22.38 -4.09
O2P DPV GA . 0.20 -30.27 -11.55
O3P DPV GA . -1.71 -28.61 -11.18
O4P DPV GA . -1.30 -29.18 -13.32
H1 DPV GA . -0.78 -28.90 -9.35
H1A DPV GA . -2.50 -29.35 -9.41
H2 DPV GA . -2.13 -27.21 -8.15
H2A DPV GA . -1.40 -26.49 -9.57
H3 DPV GA . -4.29 -27.57 -9.51
H3A DPV GA . -3.53 -26.68 -10.83
H4 DPV GA . -0.87 -30.64 -14.72
H4A DPV GA . 0.53 -29.75 -14.07
H5 DPV GA . -1.62 -28.61 -15.96
H5A DPV GA . -0.35 -27.64 -15.20
H6 DPV GA . -0.99 -30.33 -17.74
H6A DPV GA . 0.29 -31.08 -16.74
H6B DPV GA . 0.70 -30.39 -18.34
H7 DPV GA . 2.06 -29.63 -15.68
H7A DPV GA . 2.03 -27.86 -15.96
H7B DPV GA . 2.45 -28.97 -17.30
H8 DPV GA . 0.30 -26.84 -17.39
H8A DPV GA . -0.98 -27.87 -18.12
H8B DPV GA . 0.71 -27.99 -18.71
H15 DPV GA . -3.21 -24.71 -9.17
H15A DPV GA . -4.21 -25.62 -8.04
H16 DPV GA . -5.01 -24.39 -10.71
H16A DPV GA . -5.96 -25.72 -10.07
H17 DPV GA . -6.52 -24.52 -8.06
H17A DPV GA . -5.36 -23.24 -8.38
H18 DPV GA . -6.68 -22.32 -10.20
H18A DPV GA . -7.67 -23.78 -10.32
H19 DPV GA . -9.08 -22.20 -9.26
H19A DPV GA . -8.59 -23.30 -7.98
H20 DPV GA . -6.65 -21.09 -8.02
H20A DPV GA . -8.25 -20.40 -8.21
H21 DPV GA . -8.02 -20.40 -5.88
H21A DPV GA . -8.95 -21.86 -6.14
H22 DPV GA . -6.77 -23.20 -6.03
H22A DPV GA . -5.90 -21.70 -5.69
H23 DPV GA . -8.14 -22.87 -3.95
H23A DPV GA . -7.21 -21.42 -3.58
H23B DPV GA . -6.41 -22.98 -3.60
N DPV HA . -9.46 -21.09 -13.39
P DPV HA . -7.15 -20.97 -17.63
C1 DPV HA . -7.36 -23.57 -17.77
C2 DPV HA . -7.02 -24.84 -16.96
C3 DPV HA . -5.55 -24.86 -16.47
C4 DPV HA . -7.96 -20.00 -15.29
C5 DPV HA . -8.33 -21.28 -14.45
C6 DPV HA . -10.78 -20.66 -14.05
C7 DPV HA . -9.08 -20.06 -12.31
C8 DPV HA . -9.69 -22.45 -12.70
C15 DPV HA . -5.16 -26.20 -15.80
C16 DPV HA . -3.67 -26.25 -15.34
C17 DPV HA . -3.40 -25.44 -14.04
C18 DPV HA . -1.92 -25.56 -13.58
C19 DPV HA . -1.62 -24.62 -12.39
O1P DPV HA . -8.49 -20.68 -18.18
C20 DPV HA . -0.22 -24.89 -11.79
C21 DPV HA . 0.07 -23.96 -10.56
C22 DPV HA . 1.44 -24.29 -9.93
C23 DPV HA . 1.73 -23.39 -8.71
O2P DPV HA . -6.09 -20.71 -18.63
O3P DPV HA . -7.05 -22.40 -16.96
O4P DPV HA . -6.87 -20.28 -16.21
H1 DPV HA . -6.77 -23.54 -18.69
H1A DPV HA . -8.43 -23.55 -18.02
H2 DPV HA . -7.69 -24.91 -16.09
H2A DPV HA . -7.22 -25.72 -17.59
H3 DPV HA . -5.40 -24.04 -15.78
H3A DPV HA . -4.88 -24.69 -17.33
H4 DPV HA . -8.83 -19.66 -15.85
H4A DPV HA . -7.63 -19.19 -14.62
H5 DPV HA . -8.65 -22.07 -15.13
H5A DPV HA . -7.43 -21.63 -13.92
H6 DPV HA . -11.04 -21.39 -14.83
H6A DPV HA . -10.65 -19.68 -14.50
H6B DPV HA . -11.57 -20.63 -13.30
H7 DPV HA . -8.13 -20.36 -11.86
H7A DPV HA . -9.86 -20.04 -11.54
H7B DPV HA . -8.98 -19.07 -12.77
H8 DPV HA . -8.76 -22.76 -12.22
H8A DPV HA . -9.99 -23.18 -13.46
H8B DPV HA . -10.49 -22.34 -11.96
H15 DPV HA . -5.32 -27.01 -16.51
H15A DPV HA . -5.82 -26.38 -14.94
H16 DPV HA . -3.39 -27.29 -15.16
H16A DPV HA . -3.03 -25.88 -16.15
H17 DPV HA . -3.63 -24.38 -14.22
H17A DPV HA . -4.07 -25.78 -13.25
H18 DPV HA . -1.74 -26.60 -13.27
H18A DPV HA . -1.25 -25.33 -14.41
H19 DPV HA . -1.69 -23.58 -12.72
H19A DPV HA . -2.38 -24.75 -11.60
H20 DPV HA . -0.14 -25.93 -11.49
H20A DPV HA . 0.54 -24.71 -12.56
H21 DPV HA . 0.04 -22.92 -10.89
H21A DPV HA . -0.72 -24.10 -9.82
H22 DPV HA . 1.46 -25.34 -9.60
H22A DPV HA . 2.23 -24.16 -10.67
H23 DPV HA . 1.82 -22.34 -9.01
H23A DPV HA . 2.67 -23.70 -8.23
H23B DPV HA . 0.94 -23.48 -7.96
N DPV IA . -3.47 -20.50 -22.43
P DPV IA . -0.54 -22.91 -18.86
C1 DPV IA . -1.76 -21.90 -16.79
C2 DPV IA . -3.14 -21.86 -16.13
C3 DPV IA . -3.04 -21.29 -14.68
C4 DPV IA . -1.62 -21.50 -20.80
C5 DPV IA . -2.61 -21.73 -22.00
C6 DPV IA . -4.42 -20.05 -21.31
C7 DPV IA . -4.32 -20.92 -23.63
C8 DPV IA . -2.60 -19.31 -22.87
C15 DPV IA . -4.41 -21.41 -13.93
C16 DPV IA . -4.44 -20.67 -12.57
C17 DPV IA . -3.63 -21.40 -11.46
C18 DPV IA . -3.83 -20.69 -10.09
C19 DPV IA . -3.00 -21.37 -8.96
O1P DPV IA . -0.07 -24.28 -18.56
C20 DPV IA . -3.22 -20.64 -7.61
C21 DPV IA . -2.25 -21.16 -6.50
C22 DPV IA . -2.53 -20.53 -5.10
C23 DPV IA . -2.14 -19.03 -5.00
O2P DPV IA . 0.55 -21.91 -18.70
O3P DPV IA . -1.88 -22.52 -18.09
O4P DPV IA . -1.29 -22.80 -20.27
H1 DPV IA . -1.36 -20.89 -16.92
H1A DPV IA . -1.08 -22.50 -16.20
H2 DPV IA . -3.82 -21.24 -16.73
H2A DPV IA . -3.54 -22.87 -16.10
H3 DPV IA . -2.74 -20.25 -14.72
H3A DPV IA . -2.28 -21.84 -14.13
H4 DPV IA . -0.71 -21.00 -21.14
H4A DPV IA . -2.10 -20.91 -20.03
H5 DPV IA . -2.04 -22.06 -22.88
H5A DPV IA . -3.31 -22.52 -21.73
H6 DPV IA . -5.04 -20.91 -21.01
H6A DPV IA . -5.06 -19.24 -21.67
H6B DPV IA . -3.84 -19.70 -20.45
H7 DPV IA . -3.65 -21.21 -24.45
H7A DPV IA . -4.95 -20.10 -23.92
H7B DPV IA . -4.93 -21.78 -23.33
H8 DPV IA . -3.24 -18.51 -23.25
H8A DPV IA . -1.92 -19.64 -23.66
H8B DPV IA . -2.02 -18.95 -22.02
H15 DPV IA . -4.66 -22.47 -13.79
H15A DPV IA . -5.18 -20.99 -14.56
H16 DPV IA . -4.06 -19.65 -12.70
H16A DPV IA . -5.48 -20.58 -12.26
H17 DPV IA . -3.97 -22.43 -11.38
H17A DPV IA . -2.57 -21.42 -11.72
H18 DPV IA . -3.51 -19.65 -10.19
H18A DPV IA . -4.88 -20.70 -9.82
H19 DPV IA . -3.29 -22.41 -8.87
H19A DPV IA . -1.94 -21.35 -9.22
H20 DPV IA . -3.07 -19.57 -7.75
H20A DPV IA . -4.26 -20.80 -7.29
H21 DPV IA . -2.36 -22.25 -6.42
H21A DPV IA . -1.22 -20.96 -6.79
H22 DPV IA . -3.60 -20.65 -4.85
H22A DPV IA . -1.97 -21.09 -4.36
H23 DPV IA . -2.72 -18.42 -5.69
H23A DPV IA . -1.08 -18.90 -5.21
H23B DPV IA . -2.34 -18.67 -3.98
N DPV JA . 20.07 -8.90 -23.45
P DPV JA . 17.04 -12.18 -22.75
C1 DPV JA . 17.00 -13.31 -20.37
C2 DPV JA . 15.88 -14.36 -20.19
C3 DPV JA . 15.25 -14.36 -18.77
C4 DPV JA . 18.05 -9.88 -22.02
C5 DPV JA . 19.43 -9.14 -22.03
C6 DPV JA . 21.43 -8.20 -23.26
C7 DPV JA . 19.18 -7.98 -24.32
C8 DPV JA . 20.32 -10.22 -24.20
C15 DPV JA . 14.39 -13.09 -18.48
C16 DPV JA . 13.28 -13.36 -17.42
C17 DPV JA . 12.56 -12.04 -17.03
C18 DPV JA . 11.23 -12.30 -16.28
C19 DPV JA . 10.61 -10.96 -15.77
O1P DPV JA . 15.70 -11.60 -22.45
C20 DPV JA . 9.06 -11.03 -15.57
C21 DPV JA . 8.64 -11.71 -14.23
C22 DPV JA . 7.09 -11.77 -14.10
C23 DPV JA . 6.66 -12.38 -12.75
O2P DPV JA . 17.17 -12.55 -24.17
O3P DPV JA . 17.46 -13.36 -21.75
O4P DPV JA . 18.25 -11.29 -22.21
H1 DPV JA . 16.62 -12.30 -20.15
H1A DPV JA . 17.84 -13.53 -19.71
H2 DPV JA . 15.11 -14.20 -20.94
H2A DPV JA . 16.31 -15.35 -20.37
H3 DPV JA . 16.01 -14.47 -18.00
H3A DPV JA . 14.61 -15.25 -18.69
H4 DPV JA . 17.56 -9.73 -21.05
H4A DPV JA . 17.40 -9.49 -22.81
H5 DPV JA . 19.31 -8.15 -21.58
H5A DPV JA . 20.15 -9.70 -21.44
H6 DPV JA . 22.07 -8.84 -22.65
H6A DPV JA . 21.25 -7.24 -22.77
H6B DPV JA . 21.88 -8.05 -24.24
H7 DPV JA . 19.69 -7.79 -25.27
H7A DPV JA . 19.01 -7.05 -23.79
H7B DPV JA . 18.23 -8.48 -24.51
H8 DPV JA . 20.95 -10.87 -23.58
H8A DPV JA . 20.82 -10.00 -25.15
H8B DPV JA . 19.36 -10.71 -24.40
H15 DPV JA . 13.92 -12.74 -19.40
H15A DPV JA . 15.05 -12.29 -18.13
H16 DPV JA . 12.56 -14.07 -17.83
H16A DPV JA . 13.72 -13.81 -16.53
H17 DPV JA . 13.22 -11.43 -16.40
H17A DPV JA . 12.35 -11.46 -17.93
H18 DPV JA . 10.52 -12.79 -16.96
H18A DPV JA . 11.39 -12.97 -15.43
H19 DPV JA . 11.09 -10.66 -14.84
H19A DPV JA . 10.81 -10.17 -16.49
H20 DPV JA . 8.67 -10.01 -15.57
H20A DPV JA . 8.60 -11.54 -16.42
H21 DPV JA . 9.05 -12.72 -14.19
H21A DPV JA . 9.06 -11.15 -13.40
H22 DPV JA . 6.68 -10.76 -14.17
H22A DPV JA . 6.67 -12.35 -14.91
H23 DPV JA . 5.57 -12.38 -12.68
H23A DPV JA . 7.06 -11.82 -11.93
H23B DPV JA . 6.99 -13.43 -12.67
N DPV KA . -3.37 -7.06 -17.54
P DPV KA . 0.88 -6.16 -19.30
C1 DPV KA . 2.95 -7.47 -18.36
C2 DPV KA . 3.80 -8.75 -18.56
C3 DPV KA . 3.07 -10.10 -18.17
C4 DPV KA . -0.76 -7.55 -17.76
C5 DPV KA . -2.22 -8.13 -17.75
C6 DPV KA . -3.35 -5.98 -18.65
C7 DPV KA . -3.31 -6.40 -16.17
C8 DPV KA . -4.71 -7.80 -17.64
C15 DPV KA . 2.54 -10.25 -16.70
C16 DPV KA . 3.56 -9.85 -15.58
C17 DPV KA . 3.21 -10.44 -14.16
C18 DPV KA . 1.78 -10.12 -13.60
C19 DPV KA . 1.54 -8.61 -13.27
O1P DPV KA . 0.92 -5.51 -20.62
C20 DPV KA . 0.49 -7.95 -14.24
C21 DPV KA . 0.18 -6.47 -13.87
C22 DPV KA . 1.22 -5.48 -14.47
C23 DPV KA . 0.89 -4.01 -14.10
O2P DPV KA . 1.14 -5.20 -18.21
O3P DPV KA . 1.78 -7.49 -19.22
O4P DPV KA . -0.45 -7.04 -19.07
H1 DPV KA . 2.62 -7.38 -17.33
H1A DPV KA . 3.56 -6.60 -18.63
H2 DPV KA . 4.11 -8.81 -19.60
H2A DPV KA . 4.71 -8.66 -17.96
H3 DPV KA . 3.75 -10.92 -18.38
H3A DPV KA . 2.23 -10.23 -18.86
H4 DPV KA . -0.65 -6.75 -17.02
H4A DPV KA . -0.05 -8.35 -17.52
H5 DPV KA . -2.41 -8.64 -18.69
H5A DPV KA . -2.32 -8.86 -16.94
H6 DPV KA . -3.41 -6.47 -19.61
H6A DPV KA . -2.42 -5.41 -18.57
H6B DPV KA . -4.22 -5.32 -18.51
H7 DPV KA . -4.18 -5.75 -16.04
H7A DPV KA . -2.38 -5.82 -16.09
H7B DPV KA . -3.32 -7.19 -15.40
H8 DPV KA . -4.76 -8.57 -16.86
H8A DPV KA . -4.79 -8.28 -18.63
H8B DPV KA . -5.53 -7.09 -17.50
H15 DPV KA . 2.25 -11.29 -16.57
H15A DPV KA . 1.64 -9.65 -16.60
H16 DPV KA . 4.55 -10.19 -15.85
H16A DPV KA . 3.61 -8.76 -15.50
H17 DPV KA . 3.33 -11.52 -14.21
H17A DPV KA . 3.95 -10.09 -13.45
H18 DPV KA . 1.01 -10.50 -14.29
H18A DPV KA . 1.66 -10.69 -12.68
H19 DPV KA . 1.16 -8.53 -12.25
H19A DPV KA . 2.48 -8.06 -13.31
H20 DPV KA . 0.86 -8.01 -15.26
H20A DPV KA . -0.44 -8.52 -14.20
H21 DPV KA . -0.81 -6.22 -14.26
H21A DPV KA . 0.14 -6.35 -12.78
H22 DPV KA . 2.22 -5.71 -14.12
H22A DPV KA . 1.22 -5.57 -15.56
H23 DPV KA . 1.65 -3.34 -14.52
H23A DPV KA . 0.89 -3.88 -13.01
H23B DPV KA . -0.08 -3.72 -14.50
N DPV LA . 0.86 4.64 -11.22
P DPV LA . -0.15 0.54 -8.69
C1 DPV LA . 2.38 -0.18 -8.41
C2 DPV LA . 3.10 -1.30 -7.65
C3 DPV LA . 4.55 -0.92 -7.27
C4 DPV LA . -0.20 2.29 -10.63
C5 DPV LA . 0.92 3.08 -11.38
C6 DPV LA . 1.04 5.07 -9.75
C7 DPV LA . -0.44 5.23 -11.78
C8 DPV LA . 2.03 5.23 -12.01
C15 DPV LA . 5.27 -2.12 -6.58
C16 DPV LA . 6.66 -1.71 -5.99
C17 DPV LA . 7.29 -2.83 -5.09
C18 DPV LA . 7.90 -4.01 -5.90
C19 DPV LA . 8.08 -5.28 -5.02
O1P DPV LA . -0.06 1.52 -7.57
C20 DPV LA . 8.62 -6.49 -5.84
C21 DPV LA . 8.29 -7.84 -5.15
C22 DPV LA . 8.61 -9.06 -6.06
C23 DPV LA . 8.02 -10.37 -5.50
O2P DPV LA . -1.50 -0.04 -8.79
O3P DPV LA . 1.00 -0.59 -8.65
O4P DPV LA . 0.40 1.09 -10.08
H1 DPV LA . 2.39 0.74 -7.82
H1A DPV LA . 2.86 0.01 -9.37
H2 DPV LA . 2.52 -1.54 -6.75
H2A DPV LA . 3.10 -2.21 -8.27
H3 DPV LA . 4.53 -0.06 -6.59
H3A DPV LA . 5.11 -0.63 -8.17
H4 DPV LA . -0.61 2.88 -9.81
H4A DPV LA . -1.00 2.01 -11.31
H5 DPV LA . 1.90 2.76 -11.01
H5A DPV LA . 0.87 2.86 -12.45
H6 DPV LA . 1.08 6.16 -9.71
H6A DPV LA . 1.97 4.64 -9.36
H6B DPV LA . 0.19 4.71 -9.17
H7 DPV LA . -0.56 4.91 -12.81
H7A DPV LA . -0.39 6.32 -11.73
H7B DPV LA . -1.28 4.86 -11.18
H8 DPV LA . 1.91 4.97 -13.06
H8A DPV LA . 2.97 4.82 -11.61
H8B DPV LA . 2.02 6.32 -11.90
H15 DPV LA . 5.40 -2.93 -7.30
H15A DPV LA . 4.64 -2.50 -5.78
H16 DPV LA . 7.35 -1.46 -6.81
H16A DPV LA . 6.54 -0.82 -5.39
H17 DPV LA . 8.06 -2.39 -4.47
H17A DPV LA . 6.51 -3.20 -4.41
H18 DPV LA . 7.25 -4.27 -6.74
H18A DPV LA . 8.87 -3.70 -6.30
H19 DPV LA . 8.76 -5.07 -4.19
H19A DPV LA . 7.11 -5.54 -4.58
H20 DPV LA . 8.16 -6.48 -6.83
H20A DPV LA . 9.69 -6.39 -5.99
H21 DPV LA . 8.86 -7.93 -4.22
H21A DPV LA . 7.23 -7.86 -4.89
H22 DPV LA . 8.18 -8.89 -7.05
H22A DPV LA . 9.69 -9.17 -6.19
H23 DPV LA . 8.54 -10.68 -4.60
H23A DPV LA . 8.10 -11.17 -6.24
H23B DPV LA . 6.96 -10.25 -5.27
N DPV MA . -8.94 -4.69 -0.29
P DPV MA . -5.95 -6.38 3.07
C1 DPV MA . -4.06 -8.16 3.36
C2 DPV MA . -2.96 -8.83 2.52
C3 DPV MA . -1.91 -9.61 3.36
C4 DPV MA . -6.89 -4.58 1.38
C5 DPV MA . -7.68 -5.40 0.30
C6 DPV MA . -9.62 -5.68 -1.26
C7 DPV MA . -8.56 -3.44 -1.10
C8 DPV MA . -9.97 -4.31 0.80
C15 DPV MA . -0.76 -10.06 2.44
C16 DPV MA . 0.30 -10.98 3.14
C17 DPV MA . 1.33 -11.44 2.07
C18 DPV MA . 2.33 -12.52 2.54
C19 DPV MA . 3.24 -12.91 1.35
O1P DPV MA . -5.75 -5.75 4.39
C20 DPV MA . 4.33 -13.97 1.68
C21 DPV MA . 5.24 -14.17 0.42
C22 DPV MA . 6.42 -15.14 0.66
C23 DPV MA . 7.40 -15.11 -0.53
O2P DPV MA . -7.18 -7.18 3.01
O3P DPV MA . -4.65 -7.14 2.52
O4P DPV MA . -5.77 -5.37 1.84
H1 DPV MA . -4.83 -8.89 3.64
H1A DPV MA . -3.63 -7.68 4.25
H2 DPV MA . -3.42 -9.51 1.80
H2A DPV MA . -2.45 -8.05 1.94
H3 DPV MA . -2.39 -10.47 3.81
H3A DPV MA . -1.52 -8.98 4.16
H4 DPV MA . -6.52 -3.65 0.95
H4A DPV MA . -7.53 -4.35 2.24
H5 DPV MA . -7.01 -5.64 -0.53
H5A DPV MA . -8.02 -6.34 0.75
H6 DPV MA . -9.91 -6.57 -0.70
H6A DPV MA . -8.91 -5.94 -2.05
H6B DPV MA . -10.51 -5.21 -1.68
H7 DPV MA . -8.13 -2.69 -0.43
H7A DPV MA . -9.46 -3.04 -1.58
H7B DPV MA . -7.83 -3.72 -1.86
H8 DPV MA . -10.21 -5.21 1.38
H8A DPV MA . -10.87 -3.92 0.31
H8B DPV MA . -9.53 -3.55 1.45
H15 DPV MA . -0.24 -9.18 2.06
H15A DPV MA . -1.18 -10.60 1.59
H16 DPV MA . 0.80 -10.44 3.94
H16A DPV MA . -0.20 -11.86 3.57
H17 DPV MA . 0.78 -11.83 1.20
H17A DPV MA . 1.88 -10.57 1.73
H18 DPV MA . 2.92 -12.15 3.37
H18A DPV MA . 1.78 -13.40 2.88
H19 DPV MA . 2.62 -13.28 0.53
H19A DPV MA . 3.74 -12.00 0.99
H20 DPV MA . 4.93 -13.64 2.53
H20A DPV MA . 3.86 -14.92 1.95
H21 DPV MA . 4.63 -14.54 -0.41
H21A DPV MA . 5.64 -13.21 0.12
H22 DPV MA . 6.95 -14.87 1.57
H22A DPV MA . 6.03 -16.16 0.80
H23 DPV MA . 8.19 -15.85 -0.39
H23A DPV MA . 7.85 -14.12 -0.62
H23B DPV MA . 6.88 -15.33 -1.46
N DPV NA . -8.11 -1.93 -13.17
P DPV NA . -6.22 -1.62 -8.91
C1 DPV NA . -6.05 -4.22 -8.77
C2 DPV NA . -6.93 -5.46 -9.03
C3 DPV NA . -6.10 -6.73 -9.38
C4 DPV NA . -7.08 -0.54 -11.14
C5 DPV NA . -7.13 -0.81 -12.68
C6 DPV NA . -8.14 -1.87 -14.70
C7 DPV NA . -9.56 -1.70 -12.68
C8 DPV NA . -7.67 -3.35 -12.76
C15 DPV NA . -5.36 -7.33 -8.14
C16 DPV NA . -4.38 -8.47 -8.55
C17 DPV NA . -3.48 -8.96 -7.37
C18 DPV NA . -2.34 -7.96 -7.04
C19 DPV NA . -1.39 -8.51 -5.93
O1P DPV NA . -4.76 -1.59 -8.70
C20 DPV NA . -0.42 -7.43 -5.37
C21 DPV NA . 0.79 -7.12 -6.31
C22 DPV NA . 1.66 -5.96 -5.76
C23 DPV NA . 2.79 -5.57 -6.73
O2P DPV NA . -6.90 -0.52 -8.17
O3P DPV NA . -6.88 -3.05 -8.68
O4P DPV NA . -6.63 -1.71 -10.44
H1 DPV NA . -5.48 -4.33 -7.85
H1A DPV NA . -5.35 -4.08 -9.61
H2 DPV NA . -7.57 -5.65 -8.16
H2A DPV NA . -7.59 -5.25 -9.88
H3 DPV NA . -5.39 -6.49 -10.17
H3A DPV NA . -6.78 -7.49 -9.78
H4 DPV NA . -6.39 0.28 -10.94
H4A DPV NA . -8.08 -0.27 -10.76
H5 DPV NA . -7.42 0.11 -13.19
H5A DPV NA . -6.13 -1.08 -13.03
H6 DPV NA . -7.12 -2.05 -15.08
H6A DPV NA . -8.47 -0.88 -15.01
H6B DPV NA . -8.81 -2.63 -15.09
H7 DPV NA . -9.58 -1.79 -11.60
H7A DPV NA . -10.22 -2.45 -13.14
H7B DPV NA . -9.87 -0.69 -12.97
H8 DPV NA . -8.34 -4.08 -13.22
H8A DPV NA . -7.71 -3.44 -11.67
H8B DPV NA . -6.65 -3.51 -13.11
H15 DPV NA . -6.09 -7.72 -7.43
H15A DPV NA . -4.80 -6.54 -7.65
H16 DPV NA . -4.96 -9.32 -8.92
H16A DPV NA . -3.75 -8.13 -9.37
H17 DPV NA . -4.10 -9.13 -6.48
H17A DPV NA . -3.05 -9.93 -7.65
H18 DPV NA . -1.75 -7.75 -7.94
H18A DPV NA . -2.77 -7.01 -6.70
H19 DPV NA . -2.02 -8.87 -5.10
H19A DPV NA . -0.83 -9.37 -6.31
H20 DPV NA . -0.97 -6.51 -5.15
H20A DPV NA . -0.02 -7.78 -4.41
H21 DPV NA . 1.40 -8.01 -6.43
H21A DPV NA . 0.41 -6.84 -7.30
H22 DPV NA . 1.03 -5.08 -5.57
H22A DPV NA . 2.09 -6.26 -4.79
H23 DPV NA . 3.39 -4.77 -6.30
H23A DPV NA . 2.37 -5.22 -7.67
H23B DPV NA . 3.44 -6.43 -6.92
N DPV OA . 2.59 -26.96 13.12
P DPV OA . 4.62 -22.89 12.18
C1 DPV OA . 2.40 -21.75 11.37
C2 DPV OA . 1.43 -20.61 11.72
C3 DPV OA . 0.41 -20.37 10.59
C4 DPV OA . 4.44 -25.09 13.59
C5 DPV OA . 3.40 -26.10 14.16
C6 DPV OA . 1.78 -28.01 13.88
C7 DPV OA . 3.52 -27.71 12.13
C8 DPV OA . 1.61 -26.09 12.32
C15 DPV OA . -0.68 -19.36 11.02
C16 DPV OA . -1.67 -19.00 9.85
C17 DPV OA . -1.10 -17.93 8.89
C18 DPV OA . -2.08 -17.65 7.72
C19 DPV OA . -1.55 -16.50 6.81
O1P DPV OA . 5.88 -22.48 12.84
C20 DPV OA . -2.47 -16.27 5.59
C21 DPV OA . -1.97 -15.08 4.72
C22 DPV OA . -2.85 -14.90 3.45
C23 DPV OA . -2.39 -13.70 2.61
O2P DPV OA . 4.82 -23.29 10.78
O3P DPV OA . 3.44 -21.82 12.38
O4P DPV OA . 3.77 -23.94 13.03
H1 DPV OA . 1.86 -22.71 11.36
H1A DPV OA . 2.85 -21.58 10.40
H2 DPV OA . 0.91 -20.84 12.65
H2A DPV OA . 2.01 -19.69 11.88
H3 DPV OA . -0.06 -21.32 10.32
H3A DPV OA . 0.93 -20.01 9.69
H4 DPV OA . 5.11 -24.75 14.39
H4A DPV OA . 5.05 -25.56 12.80
H5 DPV OA . 3.92 -26.82 14.81
H5A DPV OA . 2.66 -25.57 14.77
H6 DPV OA . 1.08 -27.49 14.55
H6A DPV OA . 2.47 -28.64 14.46
H6B DPV OA . 1.23 -28.63 13.17
H7 DPV OA . 4.04 -26.98 11.51
H7A DPV OA . 2.91 -28.36 11.50
H7B DPV OA . 4.24 -28.29 12.70
H8 DPV OA . 1.04 -26.73 11.63
H8A DPV OA . 2.17 -25.34 11.76
H8B DPV OA . 0.93 -25.61 13.02
H15 DPV OA . -0.22 -18.44 11.39
H15A DPV OA . -1.26 -19.78 11.84
H16 DPV OA . -1.94 -19.91 9.30
H16A DPV OA . -2.59 -18.61 10.30
H17 DPV OA . -0.91 -17.01 9.44
H17A DPV OA . -0.15 -18.27 8.47
H18 DPV OA . -2.22 -18.55 7.12
H18A DPV OA . -3.06 -17.36 8.12
H19 DPV OA . -1.48 -15.58 7.39
H19A DPV OA . -0.54 -16.75 6.46
H20 DPV OA . -2.48 -17.18 4.97
H20A DPV OA . -3.49 -16.08 5.92
H21 DPV OA . -2.01 -14.16 5.33
H21A DPV OA . -0.94 -15.24 4.43
H22 DPV OA . -2.79 -15.81 2.85
H22A DPV OA . -3.89 -14.76 3.74
H23 DPV OA . -1.35 -13.82 2.28
H23A DPV OA . -2.48 -12.77 3.18
H23B DPV OA . -3.02 -13.61 1.72
N DPV PA . -11.77 -28.03 -3.15
P DPV PA . -11.61 -23.33 -2.68
C1 DPV PA . -9.34 -23.43 -1.33
C2 DPV PA . -8.85 -23.96 0.03
C3 DPV PA . -7.30 -23.94 0.13
C4 DPV PA . -12.24 -25.77 -1.83
C5 DPV PA . -12.45 -26.61 -3.14
C6 DPV PA . -10.24 -27.92 -3.15
C7 DPV PA . -12.20 -28.75 -4.43
C8 DPV PA . -12.23 -28.89 -1.94
C15 DPV PA . -6.81 -24.46 1.51
C16 DPV PA . -5.32 -24.13 1.76
C17 DPV PA . -4.80 -24.79 3.07
C18 DPV PA . -3.35 -24.33 3.44
C19 DPV PA . -3.34 -23.04 4.30
O1P DPV PA . -10.84 -23.85 -3.83
C20 DPV PA . -1.89 -22.54 4.58
C21 DPV PA . -1.87 -21.40 5.64
C22 DPV PA . -0.43 -20.91 5.98
C23 DPV PA . 0.13 -19.93 4.93
O2P DPV PA . -12.23 -22.03 -2.99
O3P DPV PA . -10.79 -23.33 -1.29
O4P DPV PA . -12.65 -24.39 -2.07
H1 DPV PA . -8.94 -22.44 -1.54
H1A DPV PA . -9.05 -24.13 -2.13
H2 DPV PA . -9.28 -23.35 0.82
H2A DPV PA . -9.22 -24.99 0.17
H3 DPV PA . -6.95 -22.91 -0.02
H3A DPV PA . -6.87 -24.55 -0.67
H4 DPV PA . -12.86 -26.18 -1.03
H4A DPV PA . -11.19 -25.79 -1.53
H5 DPV PA . -13.52 -26.77 -3.30
H5A DPV PA . -12.05 -26.08 -4.00
H6 DPV PA . -9.91 -27.44 -2.21
H6A DPV PA . -9.94 -27.31 -4.00
H6B DPV PA . -9.82 -28.92 -3.23
H7 DPV PA . -13.29 -28.85 -4.43
H7A DPV PA . -11.72 -29.73 -4.46
H7B DPV PA . -11.88 -28.15 -5.29
H8 DPV PA . -11.89 -28.43 -1.01
H8A DPV PA . -11.81 -29.89 -2.04
H8B DPV PA . -13.32 -28.95 -1.95
H15 DPV PA . -6.97 -25.54 1.56
H15A DPV PA . -7.42 -24.01 2.30
H16 DPV PA . -4.72 -24.48 0.92
H16A DPV PA . -5.20 -23.04 1.82
H17 DPV PA . -5.48 -24.58 3.90
H17A DPV PA . -4.79 -25.87 2.93
H18 DPV PA . -2.86 -25.13 3.99
H18A DPV PA . -2.77 -24.16 2.53
H19 DPV PA . -3.91 -22.24 3.82
H19A DPV PA . -3.84 -23.25 5.26
H20 DPV PA . -1.28 -23.38 4.93
H20A DPV PA . -1.45 -22.19 3.64
H21 DPV PA . -2.48 -20.56 5.30
H21A DPV PA . -2.33 -21.76 6.56
H22 DPV PA . -0.45 -20.41 6.95
H22A DPV PA . 0.24 -21.76 6.07
H23 DPV PA . 1.13 -19.58 5.24
H23A DPV PA . -0.52 -19.05 4.82
H23B DPV PA . 0.23 -20.41 3.96
N DPV QA . 18.42 -15.02 15.59
P DPV QA . 18.26 -11.50 12.73
C1 DPV QA . 16.95 -12.97 11.02
C2 DPV QA . 16.43 -14.43 10.86
C3 DPV QA . 15.84 -14.71 9.44
C4 DPV QA . 18.07 -12.40 15.18
C5 DPV QA . 18.66 -13.55 16.09
C6 DPV QA . 19.15 -15.33 14.26
C7 DPV QA . 16.92 -15.33 15.40
C8 DPV QA . 18.98 -15.96 16.66
C15 DPV QA . 14.43 -14.06 9.22
C16 DPV QA . 13.77 -14.55 7.90
C17 DPV QA . 12.37 -13.92 7.71
C18 DPV QA . 11.58 -14.49 6.49
C19 DPV QA . 12.07 -13.92 5.12
O1P DPV QA . 17.32 -10.42 13.08
C20 DPV QA . 11.27 -14.52 3.93
C21 DPV QA . 11.64 -13.82 2.59
C22 DPV QA . 10.84 -14.38 1.38
C23 DPV QA . 10.87 -13.41 0.18
O2P DPV QA . 19.28 -11.06 11.74
O3P DPV QA . 17.54 -12.87 12.32
O4P DPV QA . 18.89 -12.23 14.00
H1 DPV QA . 17.71 -12.76 10.26
H1A DPV QA . 16.13 -12.25 10.93
H2 DPV QA . 17.26 -15.12 11.03
H2A DPV QA . 15.67 -14.64 11.62
H3 DPV QA . 15.75 -15.79 9.33
H3A DPV QA . 16.53 -14.36 8.67
H4 DPV QA . 17.05 -12.64 14.88
H4A DPV QA . 18.07 -11.46 15.74
H5 DPV QA . 19.74 -13.41 16.18
H5A DPV QA . 18.20 -13.48 17.07
H6 DPV QA . 19.00 -16.38 14.02
H6A DPV QA . 20.21 -15.12 14.40
H6B DPV QA . 18.73 -14.70 13.48
H7 DPV QA . 16.39 -15.12 16.34
H7A DPV QA . 16.80 -16.39 15.13
H7B DPV QA . 16.52 -14.71 14.60
H8 DPV QA . 18.43 -15.80 17.60
H8A DPV QA . 20.04 -15.75 16.80
H8B DPV QA . 18.84 -17.00 16.33
H15 DPV QA . 14.54 -12.97 9.20
H15A DPV QA . 13.78 -14.31 10.06
H16 DPV QA . 14.42 -14.30 7.06
H16A DPV QA . 13.70 -15.64 7.94
H17 DPV QA . 11.77 -14.12 8.61
H17A DPV QA . 12.46 -12.84 7.62
H18 DPV QA . 11.65 -15.59 6.49
H18A DPV QA . 10.52 -14.25 6.61
H19 DPV QA . 11.96 -12.84 5.13
H19A DPV QA . 13.14 -14.14 4.99
H20 DPV QA . 11.48 -15.60 3.84
H20A DPV QA . 10.20 -14.42 4.12
H21 DPV QA . 11.42 -12.75 2.69
H21A DPV QA . 12.70 -13.92 2.40
H22 DPV QA . 11.25 -15.35 1.09
H22A DPV QA . 9.80 -14.55 1.67
H23 DPV QA . 11.90 -13.28 -0.18
H23A DPV QA . 10.49 -12.44 0.49
H23B DPV QA . 10.26 -13.80 -0.64
N DPV RA . 21.84 -8.81 14.32
P DPV RA . 22.19 -6.31 10.23
C1 DPV RA . 21.73 -3.88 11.08
C2 DPV RA . 21.63 -3.07 12.40
C3 DPV RA . 20.21 -3.06 13.02
C4 DPV RA . 21.38 -8.31 11.74
C5 DPV RA . 21.95 -9.29 12.82
C6 DPV RA . 22.59 -9.82 15.18
C7 DPV RA . 20.36 -8.79 14.77
C8 DPV RA . 22.48 -7.42 14.54
C15 DPV RA . 19.81 -4.41 13.69
C16 DPV RA . 18.37 -4.36 14.28
C17 DPV RA . 17.80 -5.77 14.65
C18 DPV RA . 17.37 -6.64 13.41
C19 DPV RA . 16.05 -6.14 12.74
O1P DPV RA . 23.36 -6.03 9.38
C20 DPV RA . 15.76 -6.87 11.40
C21 DPV RA . 14.57 -6.20 10.66
C22 DPV RA . 14.27 -6.88 9.30
C23 DPV RA . 13.22 -6.08 8.51
O2P DPV RA . 20.95 -6.52 9.43
O3P DPV RA . 22.00 -5.26 11.42
O4P DPV RA . 22.46 -7.45 11.31
H1 DPV RA . 20.79 -3.82 10.51
H1A DPV RA . 22.55 -3.52 10.48
H2 DPV RA . 22.36 -3.43 13.12
H2A DPV RA . 21.91 -2.03 12.16
H3 DPV RA . 19.47 -2.82 12.24
H3A DPV RA . 20.16 -2.27 13.76
H4 DPV RA . 21.02 -8.88 10.88
H4A DPV RA . 20.56 -7.71 12.14
H5 DPV RA . 21.42 -10.25 12.76
H5A DPV RA . 23.01 -9.47 12.62
H6 DPV RA . 23.64 -9.85 14.88
H6A DPV RA . 22.14 -10.81 15.05
H6B DPV RA . 22.52 -9.52 16.24
H7 DPV RA . 19.82 -8.06 14.16
H7A DPV RA . 20.32 -8.53 15.82
H7B DPV RA . 19.94 -9.79 14.61
H8 DPV RA . 21.92 -6.68 13.95
H8A DPV RA . 23.52 -7.45 14.20
H8B DPV RA . 22.42 -7.17 15.59
H15 DPV RA . 20.52 -4.64 14.49
H15A DPV RA . 19.87 -5.21 12.95
H16 DPV RA . 18.38 -3.74 15.18
H16A DPV RA . 17.70 -3.85 13.58
H17 DPV RA . 18.54 -6.31 15.23
H17A DPV RA . 16.92 -5.64 15.30
H18 DPV RA . 18.17 -6.63 12.67
H18A DPV RA . 17.23 -7.66 13.73
H19 DPV RA . 15.22 -6.28 13.43
H19A DPV RA . 16.13 -5.06 12.55
H20 DPV RA . 16.65 -6.83 10.77
H20A DPV RA . 15.54 -7.92 11.60
H21 DPV RA . 13.68 -6.25 11.29
H21A DPV RA . 14.80 -5.14 10.50
H22 DPV RA . 15.18 -6.94 8.72
H22A DPV RA . 13.92 -7.90 9.47
H23 DPV RA . 13.03 -6.56 7.55
H23A DPV RA . 13.56 -5.06 8.32
H23B DPV RA . 12.27 -6.04 9.06
N DPV SA . 29.06 -27.71 -4.28
P DPV SA . 27.42 -26.71 0.61
C1 DPV SA . 24.83 -26.55 0.98
C2 DPV SA . 23.64 -25.62 0.64
C3 DPV SA . 22.30 -26.09 1.27
C4 DPV SA . 28.30 -26.95 -1.85
C5 DPV SA . 27.97 -27.74 -3.15
C6 DPV SA . 29.22 -26.29 -4.86
C7 DPV SA . 28.59 -28.64 -5.39
C8 DPV SA . 30.43 -28.22 -3.79
C15 DPV SA . 21.61 -27.25 0.48
C16 DPV SA . 20.31 -27.70 1.21
C17 DPV SA . 19.53 -28.80 0.43
C18 DPV SA . 18.55 -28.23 -0.63
C19 DPV SA . 17.67 -29.35 -1.27
O1P DPV SA . 27.40 -27.85 1.55
C20 DPV SA . 16.49 -28.79 -2.11
C21 DPV SA . 16.88 -28.46 -3.58
C22 DPV SA . 15.67 -27.90 -4.38
C23 DPV SA . 15.89 -27.95 -5.90
O2P DPV SA . 28.58 -25.82 0.85
O3P DPV SA . 26.04 -25.90 0.54
O4P DPV SA . 27.23 -27.13 -0.92
H1 DPV SA . 24.88 -26.73 2.05
H1A DPV SA . 24.72 -27.52 0.47
H2 DPV SA . 23.87 -24.64 1.02
H2A DPV SA . 23.54 -25.54 -0.44
H3 DPV SA . 21.62 -25.23 1.30
H3A DPV SA . 22.48 -26.40 2.31
H4 DPV SA . 29.23 -27.31 -1.41
H4A DPV SA . 28.40 -25.88 -2.07
H5 DPV SA . 27.81 -28.80 -2.89
H5A DPV SA . 27.05 -27.35 -3.59
H6 DPV SA . 29.58 -25.62 -4.09
H6A DPV SA . 28.25 -25.95 -5.22
H6B DPV SA . 29.93 -26.33 -5.70
H7 DPV SA . 28.50 -29.66 -5.00
H7A DPV SA . 29.32 -28.62 -6.21
H7B DPV SA . 27.61 -28.30 -5.75
H8 DPV SA . 31.12 -28.27 -4.64
H8A DPV SA . 30.30 -29.22 -3.35
H8B DPV SA . 30.81 -27.53 -3.03
H15 DPV SA . 22.29 -28.09 0.40
H15A DPV SA . 21.38 -26.91 -0.53
H16 DPV SA . 20.58 -28.09 2.19
H16A DPV SA . 19.66 -26.84 1.37
H17 DPV SA . 20.22 -29.51 -0.04
H17A DPV SA . 18.95 -29.38 1.16
H18 DPV SA . 17.90 -27.47 -0.16
H18A DPV SA . 19.12 -27.71 -1.42
H19 DPV SA . 18.29 -30.02 -1.86
H19A DPV SA . 17.24 -29.94 -0.45
H20 DPV SA . 15.70 -29.55 -2.13
H20A DPV SA . 16.06 -27.91 -1.63
H21 DPV SA . 17.70 -27.73 -3.60
H21A DPV SA . 17.25 -29.38 -4.07
H22 DPV SA . 14.77 -28.49 -4.14
H22A DPV SA . 15.47 -26.87 -4.06
H23 DPV SA . 15.90 -28.98 -6.26
H23A DPV SA . 16.85 -27.49 -6.16
H23B DPV SA . 15.10 -27.41 -6.42
N DPV TA . 27.35 -16.43 -13.76
P DPV TA . 26.78 -15.49 -9.13
C1 DPV TA . 24.47 -14.88 -8.08
C2 DPV TA . 23.15 -15.51 -7.57
C3 DPV TA . 22.04 -14.44 -7.53
C4 DPV TA . 27.41 -16.99 -11.18
C5 DPV TA . 26.62 -16.39 -12.39
C6 DPV TA . 28.71 -15.68 -13.72
C7 DPV TA . 26.47 -15.70 -14.78
C8 DPV TA . 27.58 -17.87 -14.24
C15 DPV TA . 20.67 -15.02 -7.08
C16 DPV TA . 19.56 -13.93 -7.19
C17 DPV TA . 18.17 -14.47 -6.76
C18 DPV TA . 17.07 -13.40 -6.95
C19 DPV TA . 15.69 -13.89 -6.42
O1P DPV TA . 27.96 -15.47 -8.25
C20 DPV TA . 14.58 -12.86 -6.74
C21 DPV TA . 13.20 -13.25 -6.15
C22 DPV TA . 12.11 -12.23 -6.59
C23 DPV TA . 10.72 -12.60 -6.04
O2P DPV TA . 26.66 -14.25 -9.94
O3P DPV TA . 25.43 -15.91 -8.39
O4P DPV TA . 26.63 -16.83 -9.98
H1 DPV TA . 24.27 -14.30 -8.99
H1A DPV TA . 24.89 -14.21 -7.31
H2 DPV TA . 22.87 -16.33 -8.24
H2A DPV TA . 23.31 -15.93 -6.57
H3 DPV TA . 21.94 -14.00 -8.53
H3A DPV TA . 22.33 -13.64 -6.84
H4 DPV TA . 27.58 -18.07 -11.35
H4A DPV TA . 28.37 -16.50 -11.05
H5 DPV TA . 25.68 -16.92 -12.51
H5A DPV TA . 26.39 -15.34 -12.17
H6 DPV TA . 29.15 -15.69 -14.72
H6A DPV TA . 29.38 -16.20 -13.03
H6B DPV TA . 28.54 -14.66 -13.38
H7 DPV TA . 26.95 -15.73 -15.76
H7A DPV TA . 26.33 -14.67 -14.46
H7B DPV TA . 25.50 -16.20 -14.82
H8 DPV TA . 28.02 -17.84 -15.25
H8A DPV TA . 26.61 -18.38 -14.28
H8B DPV TA . 28.25 -18.37 -13.55
H15 DPV TA . 20.74 -15.37 -6.06
H15A DPV TA . 20.42 -15.88 -7.71
H16 DPV TA . 19.82 -13.08 -6.57
H16A DPV TA . 19.49 -13.58 -8.22
H17 DPV TA . 17.92 -15.35 -7.35
H17A DPV TA . 18.21 -14.78 -5.71
H18 DPV TA . 17.35 -12.49 -6.43
H18A DPV TA . 16.99 -13.16 -8.01
H19 DPV TA . 15.43 -14.85 -6.87
H19A DPV TA . 15.75 -14.05 -5.34
H20 DPV TA . 14.87 -11.87 -6.35
H20A DPV TA . 14.50 -12.75 -7.83
H21 DPV TA . 12.92 -14.25 -6.48
H21A DPV TA . 13.26 -13.27 -5.06
H22 DPV TA . 12.38 -11.23 -6.25
H22A DPV TA . 12.06 -12.21 -7.69
H23 DPV TA . 10.49 -13.65 -6.20
H23A DPV TA . 9.97 -12.02 -6.58
H23B DPV TA . 10.65 -12.37 -4.99
N DPV UA . 24.96 -6.15 -14.04
P DPV UA . 21.09 -3.20 -14.01
C1 DPV UA . 19.43 -4.25 -12.30
C2 DPV UA . 19.38 -5.01 -10.96
C3 DPV UA . 17.91 -5.04 -10.43
C4 DPV UA . 22.73 -5.02 -14.94
C5 DPV UA . 24.27 -5.24 -15.11
C6 DPV UA . 24.51 -7.62 -14.22
C7 DPV UA . 24.67 -5.68 -12.60
C8 DPV UA . 26.47 -6.07 -14.27
C15 DPV UA . 17.74 -5.90 -9.15
C16 DPV UA . 16.27 -5.89 -8.64
C17 DPV UA . 15.98 -4.66 -7.73
C18 DPV UA . 14.46 -4.44 -7.46
C19 DPV UA . 14.23 -3.44 -6.29
O1P DPV UA . 21.11 -1.76 -13.69
C20 DPV UA . 12.75 -2.99 -6.13
C21 DPV UA . 12.40 -1.78 -7.05
C22 DPV UA . 11.01 -1.21 -6.72
C23 DPV UA . 10.68 0.04 -7.58
O2P DPV UA . 20.22 -3.49 -15.16
O3P DPV UA . 20.80 -4.12 -12.74
O4P DPV UA . 22.54 -3.84 -14.12
H1 DPV UA . 18.86 -4.80 -13.07
H1A DPV UA . 19.00 -3.26 -12.19
H2 DPV UA . 19.74 -6.03 -11.10
H2A DPV UA . 20.02 -4.51 -10.24
H3 DPV UA . 17.27 -5.45 -11.21
H3A DPV UA . 17.59 -4.02 -10.23
H4 DPV UA . 22.28 -4.85 -15.92
H4A DPV UA . 22.26 -5.88 -14.48
H5 DPV UA . 24.46 -5.69 -16.09
H5A DPV UA . 24.77 -4.26 -15.08
H6 DPV UA . 25.10 -8.24 -13.53
H6A DPV UA . 24.71 -7.92 -15.26
H6B DPV UA . 23.44 -7.70 -13.99
H7 DPV UA . 23.60 -5.76 -12.40
H7A DPV UA . 25.00 -4.66 -12.48
H7B DPV UA . 25.21 -6.34 -11.91
H8 DPV UA . 26.79 -5.02 -14.18
H8A DPV UA . 26.69 -6.44 -15.28
H8B DPV UA . 26.97 -6.68 -13.53
H15 DPV UA . 18.43 -5.55 -8.37
H15A DPV UA . 18.03 -6.94 -9.37
H16 DPV UA . 15.58 -5.90 -9.49
H16A DPV UA . 16.09 -6.80 -8.06
H17 DPV UA . 16.49 -4.80 -6.77
H17A DPV UA . 16.38 -3.75 -8.18
H18 DPV UA . 14.00 -4.06 -8.38
H18A DPV UA . 13.98 -5.39 -7.24
H19 DPV UA . 14.55 -3.92 -5.36
H19A DPV UA . 14.87 -2.57 -6.42
H20 DPV UA . 12.08 -3.82 -6.35
H20A DPV UA . 12.59 -2.70 -5.11
H21 DPV UA . 13.15 -1.00 -6.91
H21A DPV UA . 12.44 -2.09 -8.10
H22 DPV UA . 10.25 -1.97 -6.89
H22A DPV UA . 10.96 -0.93 -5.67
H23 DPV UA . 9.66 0.36 -7.40
H23A DPV UA . 10.78 -0.20 -8.65
H23B DPV UA . 11.36 0.86 -7.34
N DPV VA . 28.34 -5.95 -3.30
P DPV VA . 28.93 -7.99 0.99
C1 DPV VA . 28.26 -9.45 3.05
C2 DPV VA . 27.33 -10.63 3.41
C3 DPV VA . 27.49 -11.08 4.88
C4 DPV VA . 27.56 -7.39 -1.21
C5 DPV VA . 28.20 -6.06 -1.74
C6 DPV VA . 26.99 -6.09 -4.02
C7 DPV VA . 29.33 -6.99 -3.86
C8 DPV VA . 28.91 -4.56 -3.62
C15 DPV VA . 26.46 -12.19 5.20
C16 DPV VA . 26.61 -12.78 6.64
C17 DPV VA . 25.23 -13.22 7.19
C18 DPV VA . 25.32 -14.06 8.50
C19 DPV VA . 23.89 -14.29 9.05
O1P DPV VA . 29.92 -8.60 0.09
C20 DPV VA . 23.87 -15.24 10.29
C21 DPV VA . 22.43 -15.39 10.89
C22 DPV VA . 21.48 -16.25 10.01
C23 DPV VA . 20.00 -16.07 10.42
O2P DPV VA . 29.53 -7.04 1.95
O3P DPV VA . 27.99 -9.08 1.68
O4P DPV VA . 27.63 -7.41 0.24
H1 DPV VA . 28.05 -8.59 3.70
H1A DPV VA . 29.31 -9.75 3.14
H2 DPV VA . 26.30 -10.33 3.22
H2A DPV VA . 27.56 -11.46 2.74
H3 DPV VA . 27.33 -10.23 5.54
H3A DPV VA . 28.50 -11.45 5.05
H4 DPV VA . 26.51 -7.43 -1.50
H4A DPV VA . 28.08 -8.27 -1.61
H5 DPV VA . 27.60 -5.21 -1.41
H5A DPV VA . 29.21 -5.95 -1.31
H6 DPV VA . 26.31 -5.33 -3.64
H6A DPV VA . 26.58 -7.08 -3.83
H6B DPV VA . 27.14 -5.94 -5.10
H7 DPV VA . 30.30 -6.84 -3.38
H7A DPV VA . 29.42 -6.84 -4.94
H7B DPV VA . 28.95 -7.99 -3.65
H8 DPV VA . 29.89 -4.46 -3.13
H8A DPV VA . 28.22 -3.80 -3.23
H8B DPV VA . 29.02 -4.45 -4.70
H15 DPV VA . 26.54 -13.00 4.48
H15A DPV VA . 25.46 -11.77 5.09
H16 DPV VA . 27.29 -13.64 6.60
H16A DPV VA . 27.06 -12.04 7.31
H17 DPV VA . 24.63 -12.33 7.37
H17A DPV VA . 24.71 -13.81 6.43
H18 DPV VA . 25.80 -15.02 8.28
H18A DPV VA . 25.93 -13.54 9.24
H19 DPV VA . 23.46 -13.33 9.34
H19A DPV VA . 23.27 -14.71 8.26
H20 DPV VA . 24.26 -16.22 10.01
H20A DPV VA . 24.53 -14.84 11.06
H21 DPV VA . 22.50 -15.84 11.87
H21A DPV VA . 22.00 -14.38 11.03
H22 DPV VA . 21.58 -15.98 8.96
H22A DPV VA . 21.75 -17.31 10.10
H23 DPV VA . 19.70 -15.02 10.33
H23A DPV VA . 19.85 -16.39 11.44
H23B DPV VA . 19.35 -16.67 9.77
N DPV WA . 30.54 -12.63 -9.74
P DPV WA . 28.02 -8.73 -12.14
C1 DPV WA . 27.66 -6.88 -10.31
C2 DPV WA . 26.72 -6.61 -9.10
C3 DPV WA . 26.47 -7.87 -8.20
C4 DPV WA . 29.27 -10.77 -11.13
C5 DPV WA . 29.41 -11.54 -9.77
C6 DPV WA . 31.94 -12.03 -10.01
C7 DPV WA . 30.26 -13.76 -10.75
C8 DPV WA . 30.55 -13.25 -8.34
C15 DPV WA . 27.76 -8.37 -7.46
C16 DPV WA . 27.42 -9.53 -6.47
C17 DPV WA . 28.71 -10.22 -5.94
C18 DPV WA . 28.42 -11.29 -4.85
C19 DPV WA . 27.88 -12.63 -5.42
O1P DPV WA . 29.21 -7.98 -12.61
C20 DPV WA . 27.54 -13.64 -4.28
C21 DPV WA . 27.06 -15.00 -4.82
C22 DPV WA . 26.57 -15.92 -3.65
C23 DPV WA . 26.30 -17.35 -4.13
O2P DPV WA . 27.31 -9.38 -13.26
O3P DPV WA . 27.06 -7.87 -11.20
O4P DPV WA . 28.32 -9.71 -10.92
H1 DPV WA . 27.83 -5.96 -10.86
H1A DPV WA . 28.62 -7.27 -9.95
H2 DPV WA . 27.15 -5.82 -8.50
H2A DPV WA . 25.77 -6.25 -9.48
H3 DPV WA . 26.06 -8.68 -8.81
H3A DPV WA . 25.72 -7.62 -7.46
H4 DPV WA . 30.22 -10.34 -11.43
H4A DPV WA . 28.90 -11.44 -11.91
H5 DPV WA . 29.65 -10.81 -8.98
H5A DPV WA . 28.48 -12.03 -9.53
H6 DPV WA . 32.11 -11.21 -9.29
H6A DPV WA . 31.98 -11.65 -11.03
H6B DPV WA . 32.69 -12.81 -9.87
H7 DPV WA . 29.26 -14.17 -10.54
H7A DPV WA . 31.02 -14.53 -10.63
H7B DPV WA . 30.28 -13.35 -11.76
H8 DPV WA . 29.56 -13.66 -8.13
H8A DPV WA . 30.80 -12.47 -7.61
H8B DPV WA . 31.30 -14.04 -8.30
H15 DPV WA . 28.21 -7.55 -6.92
H15A DPV WA . 28.48 -8.73 -8.21
H16 DPV WA . 26.84 -9.12 -5.64
H16A DPV WA . 26.81 -10.27 -6.98
H17 DPV WA . 29.25 -10.69 -6.77
H17A DPV WA . 29.38 -9.46 -5.51
H18 DPV WA . 29.34 -11.49 -4.30
H18A DPV WA . 27.70 -10.88 -4.13
H19 DPV WA . 26.98 -12.46 -6.02
H19A DPV WA . 28.62 -13.08 -6.08
H20 DPV WA . 28.44 -13.79 -3.67
H20A DPV WA . 26.78 -13.20 -3.63
H21 DPV WA . 26.23 -14.86 -5.52
H21A DPV WA . 27.88 -15.49 -5.35
H22 DPV WA . 27.32 -15.94 -2.87
H22A DPV WA . 25.65 -15.50 -3.22
H23 DPV WA . 25.57 -17.36 -4.95
H23A DPV WA . 25.88 -17.95 -3.31
H23B DPV WA . 27.21 -17.83 -4.48
N DPV XA . 24.27 -2.24 2.69
P DPV XA . 26.00 -2.52 -1.48
C1 DPV XA . 24.10 -0.83 -2.05
C2 DPV XA . 23.68 0.64 -1.80
C3 DPV XA . 22.25 0.99 -2.35
C4 DPV XA . 25.51 -3.70 0.84
C5 DPV XA . 25.59 -2.53 1.88
C6 DPV XA . 23.88 -3.42 3.58
C7 DPV XA . 23.09 -1.86 1.76
C8 DPV XA . 24.54 -1.03 3.59
C15 DPV XA . 21.08 0.36 -1.53
C16 DPV XA . 20.88 1.02 -0.12
C17 DPV XA . 19.80 0.27 0.72
C18 DPV XA . 18.34 0.66 0.34
C19 DPV XA . 17.28 -0.23 1.05
O1P DPV XA . 27.42 -2.52 -1.04
C20 DPV XA . 17.02 -1.58 0.32
C21 DPV XA . 15.95 -2.43 1.03
C22 DPV XA . 15.64 -3.74 0.26
C23 DPV XA . 14.49 -4.53 0.93
O2P DPV XA . 25.87 -3.05 -2.85
O3P DPV XA . 25.28 -1.12 -1.26
O4P DPV XA . 25.00 -3.22 -0.42
H1 DPV XA . 23.30 -1.52 -1.75
H1A DPV XA . 24.32 -0.97 -3.11
H2 DPV XA . 23.72 0.85 -0.73
H2A DPV XA . 24.41 1.29 -2.27
H3 DPV XA . 22.18 0.64 -3.38
H3A DPV XA . 22.14 2.07 -2.37
H4 DPV XA . 26.49 -4.14 0.70
H4A DPV XA . 24.84 -4.49 1.22
H5 DPV XA . 26.36 -2.76 2.63
H5A DPV XA . 25.87 -1.61 1.37
H6 DPV XA . 24.74 -3.73 4.17
H6A DPV XA . 23.55 -4.26 2.95
H6B DPV XA . 23.06 -3.13 4.24
H7 DPV XA . 23.39 -1.02 1.13
H7A DPV XA . 22.22 -1.60 2.37
H7B DPV XA . 22.85 -2.73 1.12
H8 DPV XA . 24.80 -0.17 2.97
H8A DPV XA . 25.39 -1.28 4.25
H8B DPV XA . 23.66 -0.82 4.19
H15 DPV XA . 21.24 -0.71 -1.41
H15A DPV XA . 20.16 0.47 -2.11
H16 DPV XA . 21.81 1.00 0.43
H16A DPV XA . 20.59 2.07 -0.24
H17 DPV XA . 19.95 -0.81 0.62
H17A DPV XA . 19.96 0.51 1.78
H18 DPV XA . 18.18 1.70 0.62
H18A DPV XA . 18.21 0.59 -0.74
H19 DPV XA . 17.58 -0.40 2.09
H19A DPV XA . 16.34 0.34 1.08
H20 DPV XA . 16.71 -1.37 -0.71
H20A DPV XA . 17.96 -2.14 0.27
H21 DPV XA . 16.28 -2.66 2.05
H21A DPV XA . 15.03 -1.83 1.13
H22 DPV XA . 15.35 -3.50 -0.77
H22A DPV XA . 16.53 -4.36 0.23
H23 DPV XA . 14.75 -4.78 1.96
H23A DPV XA . 14.30 -5.44 0.38
H23B DPV XA . 13.57 -3.94 0.94
N DPV YA . 24.78 -2.31 7.99
P DPV YA . 20.59 -0.45 6.58
C1 DPV YA . 19.20 -1.91 4.91
C2 DPV YA . 19.84 -3.22 4.42
C3 DPV YA . 19.40 -3.55 2.98
C4 DPV YA . 22.44 -1.10 8.36
C5 DPV YA . 23.24 -2.28 7.72
C6 DPV YA . 25.09 -2.46 9.50
C7 DPV YA . 25.49 -1.05 7.45
C8 DPV YA . 25.35 -3.54 7.27
C15 DPV YA . 20.18 -4.79 2.40
C16 DPV YA . 19.73 -5.16 0.96
C17 DPV YA . 20.23 -4.14 -0.12
C18 DPV YA . 19.55 -4.37 -1.49
C19 DPV YA . 19.78 -3.16 -2.43
O1P DPV YA . 19.88 0.82 6.81
C20 DPV YA . 19.00 -3.29 -3.75
C21 DPV YA . 19.08 -1.97 -4.57
C22 DPV YA . 18.31 -2.04 -5.91
C23 DPV YA . 19.08 -2.80 -7.01
O2P DPV YA . 21.68 -0.31 5.58
O3P DPV YA . 19.61 -1.68 6.28
O4P DPV YA . 21.05 -1.16 7.94
H1 DPV YA . 19.53 -1.08 4.28
H1A DPV YA . 18.11 -2.00 4.88
H2 DPV YA . 20.93 -3.11 4.46
H2A DPV YA . 19.56 -4.04 5.09
H3 DPV YA . 19.57 -2.69 2.33
H3A DPV YA . 18.33 -3.77 2.96
H4 DPV YA . 22.48 -1.17 9.45
H4A DPV YA . 22.86 -0.13 8.05
H5 DPV YA . 22.82 -3.23 8.08
H5A DPV YA . 23.10 -2.25 6.63
H6 DPV YA . 24.61 -3.36 9.86
H6A DPV YA . 24.71 -1.58 10.03
H6B DPV YA . 26.17 -2.53 9.63
H7 DPV YA . 26.56 -1.17 7.57
H7A DPV YA . 25.14 -0.17 8.00
H7B DPV YA . 25.24 -0.94 6.39
H8 DPV YA . 25.16 -3.43 6.20
H8A DPV YA . 24.85 -4.44 7.67
H8B DPV YA . 26.43 -3.59 7.45
H15 DPV YA . 20.01 -5.65 3.05
H15A DPV YA . 21.25 -4.58 2.41
H16 DPV YA . 20.12 -6.16 0.72
H16A DPV YA . 18.64 -5.23 0.93
H17 DPV YA . 20.02 -3.13 0.22
H17A DPV YA . 21.31 -4.23 -0.22
H18 DPV YA . 19.95 -5.28 -1.95
H18A DPV YA . 18.48 -4.51 -1.35
H19 DPV YA . 19.45 -2.25 -1.91
H19A DPV YA . 20.85 -3.06 -2.63
H20 DPV YA . 19.40 -4.12 -4.33
H20A DPV YA . 17.95 -3.52 -3.54
H21 DPV YA . 18.65 -1.15 -3.97
H21A DPV YA . 20.12 -1.71 -4.76
H22 DPV YA . 17.32 -2.49 -5.76
H22A DPV YA . 18.12 -1.02 -6.27
H23 DPV YA . 18.57 -2.70 -7.98
H23A DPV YA . 19.15 -3.86 -6.77
H23B DPV YA . 20.09 -2.40 -7.13
N DPV ZA . -5.85 -29.46 -12.50
P DPV ZA . -6.40 -30.98 -7.47
C1 DPV ZA . -4.44 -29.71 -6.26
C2 DPV ZA . -3.89 -28.28 -6.10
C3 DPV ZA . -4.33 -27.60 -4.78
C4 DPV ZA . -6.25 -30.04 -9.94
C5 DPV ZA . -5.27 -30.04 -11.16
C6 DPV ZA . -7.02 -30.33 -13.04
C7 DPV ZA . -4.72 -29.51 -13.54
C8 DPV ZA . -6.32 -28.01 -12.36
C15 DPV ZA . -3.83 -26.13 -4.73
C16 DPV ZA . -4.03 -25.49 -3.32
C17 DPV ZA . -3.51 -24.03 -3.28
C18 DPV ZA . -3.82 -23.38 -1.90
C19 DPV ZA . -3.11 -22.02 -1.72
O1P DPV ZA . -7.87 -30.90 -7.62
C20 DPV ZA . -3.14 -21.55 -0.24
C21 DPV ZA . -2.44 -20.16 -0.08
C22 DPV ZA . -2.11 -19.81 1.40
C23 DPV ZA . -3.34 -19.46 2.26
O2P DPV ZA . -5.98 -32.21 -6.77
O3P DPV ZA . -5.77 -29.64 -6.85
O4P DPV ZA . -5.61 -30.74 -8.85
H1 DPV ZA . -3.79 -30.27 -6.93
H1A DPV ZA . -4.50 -30.23 -5.29
H2 DPV ZA . -2.81 -28.32 -6.14
H2A DPV ZA . -4.24 -27.69 -6.94
H3 DPV ZA . -3.92 -28.16 -3.93
H3A DPV ZA . -5.42 -27.61 -4.68
H4 DPV ZA . -6.48 -29.03 -9.63
H4A DPV ZA . -7.18 -30.57 -10.20
H5 DPV ZA . -4.38 -29.45 -10.91
H5A DPV ZA . -4.95 -31.06 -11.36
H6 DPV ZA . -7.85 -30.27 -12.34
H6A DPV ZA . -6.68 -31.37 -13.12
H6B DPV ZA . -7.32 -29.95 -14.01
H7 DPV ZA . -3.89 -28.87 -13.19
H7A DPV ZA . -5.09 -29.14 -14.49
H7B DPV ZA . -4.37 -30.54 -13.64
H8 DPV ZA . -5.47 -27.40 -12.00
H8A DPV ZA . -7.14 -27.97 -11.62
H8B DPV ZA . -6.66 -27.64 -13.33
H15 DPV ZA . -4.37 -25.54 -5.47
H15A DPV ZA . -2.77 -26.09 -4.99
H16 DPV ZA . -5.08 -25.52 -3.05
H16A DPV ZA . -3.48 -26.09 -2.58
H17 DPV ZA . -2.43 -24.02 -3.44
H17A DPV ZA . -3.97 -23.44 -4.07
H18 DPV ZA . -4.91 -23.23 -1.80
H18A DPV ZA . -3.52 -24.05 -1.10
H19 DPV ZA . -2.06 -22.11 -2.04
H19A DPV ZA . -3.59 -21.27 -2.35
H20 DPV ZA . -4.17 -21.47 0.11
H20A DPV ZA . -2.63 -22.28 0.39
H21 DPV ZA . -1.51 -20.16 -0.64
H21A DPV ZA . -3.08 -19.38 -0.51
H22 DPV ZA . -1.57 -20.63 1.87
H22A DPV ZA . -1.45 -18.95 1.41
H23 DPV ZA . -4.00 -20.32 2.36
H23A DPV ZA . -3.90 -18.64 1.80
H23B DPV ZA . -3.03 -19.14 3.26
N DPV AB . -2.36 -33.73 -7.86
P DPV AB . -1.11 -31.33 -3.79
C1 DPV AB . -0.55 -28.78 -3.83
C2 DPV AB . 0.03 -27.68 -4.73
C3 DPV AB . 0.21 -26.35 -3.94
C4 DPV AB . -0.75 -32.43 -6.20
C5 DPV AB . -1.95 -33.43 -6.38
C6 DPV AB . -2.73 -32.46 -8.66
C7 DPV AB . -3.59 -34.64 -7.86
C8 DPV AB . -1.24 -34.48 -8.62
C15 DPV AB . 0.65 -25.18 -4.87
C16 DPV AB . 0.91 -23.87 -4.08
C17 DPV AB . 1.26 -22.70 -5.03
C18 DPV AB . 1.61 -21.41 -4.24
C19 DPV AB . 1.88 -20.22 -5.21
O1P DPV AB . -2.57 -31.41 -3.90
C20 DPV AB . 2.41 -18.96 -4.45
C21 DPV AB . 3.97 -18.95 -4.35
C22 DPV AB . 4.48 -17.74 -3.51
C23 DPV AB . 6.02 -17.60 -3.59
O2P DPV AB . -0.66 -31.47 -2.40
O3P DPV AB . -0.50 -30.04 -4.52
O4P DPV AB . -0.36 -32.33 -4.80
H1 DPV AB . 0.03 -28.86 -2.91
H1A DPV AB . -1.59 -28.56 -3.59
H2 DPV AB . 1.00 -28.00 -5.13
H2A DPV AB . -0.63 -27.52 -5.58
H3 DPV AB . 0.98 -26.50 -3.16
H3A DPV AB . -0.72 -26.08 -3.44
H4 DPV AB . 0.11 -32.79 -6.76
H4A DPV AB . -1.02 -31.45 -6.57
H5 DPV AB . -1.71 -34.38 -5.91
H5A DPV AB . -2.83 -33.02 -5.88
H6 DPV AB . -3.54 -31.95 -8.14
H6A DPV AB . -3.03 -32.74 -9.67
H6B DPV AB . -1.84 -31.81 -8.71
H7 DPV AB . -3.34 -35.55 -7.31
H7A DPV AB . -3.87 -34.88 -8.89
H7B DPV AB . -4.40 -34.11 -7.36
H8 DPV AB . -1.56 -34.65 -9.65
H8A DPV AB . -1.06 -35.44 -8.13
H8B DPV AB . -0.33 -33.88 -8.61
H15 DPV AB . -0.13 -25.01 -5.62
H15A DPV AB . 1.57 -25.47 -5.41
H16 DPV AB . 0.01 -23.62 -3.51
H16A DPV AB . 1.73 -24.04 -3.37
H17 DPV AB . 2.13 -22.99 -5.65
H17A DPV AB . 0.42 -22.51 -5.70
H18 DPV AB . 0.78 -21.15 -3.57
H18A DPV AB . 2.49 -21.59 -3.63
H19 DPV AB . 2.58 -20.51 -5.99
H19A DPV AB . 0.94 -19.95 -5.71
H20 DPV AB . 2.09 -18.06 -4.97
H20A DPV AB . 1.98 -18.92 -3.45
H21 DPV AB . 4.32 -19.87 -3.89
H21A DPV AB . 4.39 -18.90 -5.34
H22 DPV AB . 4.02 -16.81 -3.88
H22A DPV AB . 4.18 -17.86 -2.46
H23 DPV AB . 6.32 -17.32 -4.61
H23A DPV AB . 6.50 -18.55 -3.35
H23B DPV AB . 6.37 -16.85 -2.91
N DPV BB . -12.22 -13.74 3.54
P DPV BB . -9.53 -14.52 7.50
C1 DPV BB . -7.18 -13.39 7.39
C2 DPV BB . -6.55 -12.01 7.12
C3 DPV BB . -5.00 -12.07 7.10
C4 DPV BB . -10.14 -14.68 4.93
C5 DPV BB . -11.43 -14.98 4.09
C6 DPV BB . -12.76 -12.86 4.68
C7 DPV BB . -13.42 -14.26 2.75
C8 DPV BB . -11.35 -12.88 2.60
C15 DPV BB . -4.37 -10.68 6.78
C16 DPV BB . -2.82 -10.71 6.73
C17 DPV BB . -2.15 -10.66 8.15
C18 DPV BB . -0.60 -10.58 8.08
C19 DPV BB . 0.10 -11.97 8.19
O1P DPV BB . -10.15 -14.25 8.81
C20 DPV BB . 0.58 -12.54 6.82
C21 DPV BB . 1.34 -13.88 7.02
C22 DPV BB . 1.94 -14.42 5.70
C23 DPV BB . 2.58 -15.81 5.90
O2P DPV BB . -8.89 -15.86 7.47
O3P DPV BB . -8.57 -13.35 7.01
O4P DPV BB . -10.52 -14.27 6.27
H1 DPV BB . -6.68 -14.16 6.81
H1A DPV BB . -7.10 -13.63 8.46
H2 DPV BB . -6.92 -11.63 6.16
H2A DPV BB . -6.88 -11.31 7.89
H3 DPV BB . -4.68 -12.79 6.33
H3A DPV BB . -4.64 -12.43 8.06
H4 DPV BB . -9.55 -15.59 5.00
H4A DPV BB . -9.54 -13.90 4.47
H5 DPV BB . -11.15 -15.58 3.22
H5A DPV BB . -12.13 -15.57 4.70
H6 DPV BB . -11.92 -12.44 5.24
H6A DPV BB . -13.37 -13.47 5.34
H6B DPV BB . -13.35 -12.05 4.25
H7 DPV BB . -13.06 -14.84 1.89
H7A DPV BB . -14.01 -13.39 2.38
H7B DPV BB . -14.05 -14.87 3.40
H8 DPV BB . -11.97 -12.09 2.18
H8A DPV BB . -10.96 -13.51 1.80
H8B DPV BB . -10.53 -12.44 3.17
H15 DPV BB . -4.71 -9.95 7.52
H15A DPV BB . -4.74 -10.35 5.81
H16 DPV BB . -2.47 -11.60 6.19
H16A DPV BB . -2.48 -9.84 6.17
H17 DPV BB . -2.52 -9.77 8.66
H17A DPV BB . -2.47 -11.51 8.74
H18 DPV BB . -0.27 -10.05 7.18
H18A DPV BB . -0.26 -9.98 8.91
H19 DPV BB . 0.97 -11.87 8.84
H19A DPV BB . -0.57 -12.69 8.67
H20 DPV BB . -0.28 -12.70 6.16
H20A DPV BB . 1.24 -11.82 6.33
H21 DPV BB . 2.14 -13.75 7.76
H21A DPV BB . 0.65 -14.62 7.44
H22 DPV BB . 1.16 -14.48 4.94
H22A DPV BB . 2.70 -13.72 5.34
H23 DPV BB . 3.36 -15.78 6.65
H23A DPV BB . 3.02 -16.15 4.95
H23B DPV BB . 1.82 -16.55 6.20
N DPV CB . -12.62 -19.48 0.24
P DPV CB . -10.74 -19.05 4.35
C1 DPV CB . -8.54 -19.59 3.04
C2 DPV CB . -7.88 -20.73 2.24
C3 DPV CB . -6.82 -20.22 1.22
C4 DPV CB . -12.61 -18.33 2.63
C5 DPV CB . -12.75 -18.16 1.08
C6 DPV CB . -13.70 -20.52 0.59
C7 DPV CB . -11.24 -20.14 0.38
C8 DPV CB . -12.80 -19.10 -1.24
C15 DPV CB . -7.45 -19.74 -0.12
C16 DPV CB . -6.37 -19.43 -1.19
C17 DPV CB . -7.01 -18.68 -2.40
C18 DPV CB . -6.01 -18.48 -3.56
C19 DPV CB . -6.72 -17.79 -4.77
O1P DPV CB . -9.99 -18.15 5.24
C20 DPV CB . -5.89 -17.89 -6.08
C21 DPV CB . -6.79 -17.57 -7.31
C22 DPV CB . -6.05 -17.86 -8.65
C23 DPV CB . -7.04 -17.89 -9.84
O2P DPV CB . -11.84 -19.73 5.08
O3P DPV CB . -9.81 -20.07 3.53
O4P DPV CB . -11.21 -18.36 2.98
H1 DPV CB . -7.91 -19.29 3.87
H1A DPV CB . -8.72 -18.73 2.39
H2 DPV CB . -7.39 -21.41 2.94
H2A DPV CB . -8.65 -21.31 1.72
H3 DPV CB . -6.12 -21.03 1.01
H3A DPV CB . -6.24 -19.41 1.67
H4 DPV CB . -13.08 -17.49 3.15
H4A DPV CB . -13.08 -19.26 2.96
H5 DPV CB . -13.74 -17.75 0.85
H5A DPV CB . -12.00 -17.46 0.72
H6 DPV CB . -13.55 -20.85 1.62
H6A DPV CB . -13.62 -21.37 -0.10
H6B DPV CB . -14.69 -20.05 0.48
H7 DPV CB . -11.17 -20.99 -0.31
H7A DPV CB . -11.11 -20.49 1.41
H7B DPV CB . -10.47 -19.40 0.14
H8 DPV CB . -12.00 -18.42 -1.53
H8A DPV CB . -13.77 -18.61 -1.37
H8B DPV CB . -12.75 -20.00 -1.85
H15 DPV CB . -8.04 -18.84 0.08
H15A DPV CB . -8.12 -20.50 -0.50
H16 DPV CB . -5.58 -18.82 -0.75
H16A DPV CB . -5.92 -20.37 -1.53
H17 DPV CB . -7.86 -19.26 -2.77
H17A DPV CB . -7.39 -17.72 -2.07
H18 DPV CB . -5.17 -17.86 -3.23
H18A DPV CB . -5.61 -19.44 -3.88
H19 DPV CB . -7.69 -18.26 -4.92
H19A DPV CB . -6.90 -16.73 -4.53
H20 DPV CB . -5.04 -17.21 -6.04
H20A DPV CB . -5.50 -18.90 -6.18
H21 DPV CB . -7.69 -18.18 -7.26
H21A DPV CB . -7.10 -16.52 -7.28
H22 DPV CB . -5.29 -17.10 -8.83
H22A DPV CB . -5.55 -18.82 -8.59
H23 DPV CB . -7.81 -18.65 -9.69
H23A DPV CB . -6.51 -18.13 -10.76
H23B DPV CB . -7.54 -16.92 -9.97
N DPV DB . 8.10 -10.74 -27.25
P DPV DB . 4.36 -11.65 -24.69
C1 DPV DB . 2.48 -13.46 -24.37
C2 DPV DB . 1.33 -14.08 -25.21
C3 DPV DB . -0.10 -13.52 -24.90
C4 DPV DB . 5.66 -11.75 -27.01
C5 DPV DB . 7.14 -11.69 -26.46
C6 DPV DB . 7.67 -9.27 -27.14
C7 DPV DB . 8.21 -11.14 -28.74
C8 DPV DB . 9.49 -10.87 -26.63
C15 DPV DB . -0.60 -13.88 -23.47
C16 DPV DB . -2.15 -13.71 -23.34
C17 DPV DB . -2.65 -13.83 -21.87
C18 DPV DB . -2.66 -15.27 -21.30
C19 DPV DB . -3.10 -15.26 -19.82
O1P DPV DB . 5.00 -12.18 -23.48
C20 DPV DB . -3.23 -16.67 -19.20
C21 DPV DB . -3.55 -16.56 -17.69
C22 DPV DB . -3.92 -17.93 -17.05
C23 DPV DB . -4.35 -17.75 -15.59
O2P DPV DB . 4.47 -10.18 -24.77
O3P DPV DB . 2.86 -12.18 -24.92
O4P DPV DB . 4.81 -12.42 -26.04
H1 DPV DB . 2.19 -13.34 -23.33
H1A DPV DB . 3.34 -14.12 -24.43
H2 DPV DB . 1.54 -13.91 -26.27
H2A DPV DB . 1.32 -15.16 -25.06
H3 DPV DB . -0.78 -13.93 -25.64
H3A DPV DB . -0.11 -12.43 -25.04
H4 DPV DB . 5.27 -10.74 -27.18
H4A DPV DB . 5.64 -12.33 -27.93
H5 DPV DB . 7.13 -11.35 -25.43
H5A DPV DB . 7.57 -12.70 -26.49
H6 DPV DB . 8.42 -8.64 -27.64
H6A DPV DB . 7.60 -8.99 -26.09
H6B DPV DB . 6.70 -9.14 -27.63
H7 DPV DB . 7.24 -10.99 -29.22
H7A DPV DB . 8.50 -12.20 -28.80
H7B DPV DB . 8.97 -10.52 -29.22
H8 DPV DB . 10.18 -10.19 -27.15
H8A DPV DB . 9.84 -11.90 -26.74
H8B DPV DB . 9.43 -10.60 -25.57
H15 DPV DB . -0.11 -13.24 -22.74
H15A DPV DB . -0.34 -14.91 -23.24
H16 DPV DB . -2.43 -12.73 -23.73
H16A DPV DB . -2.66 -14.45 -23.96
H17 DPV DB . -2.05 -13.19 -21.23
H17A DPV DB . -3.67 -13.43 -21.83
H18 DPV DB . -3.35 -15.89 -21.90
H18A DPV DB . -1.67 -15.71 -21.38
H19 DPV DB . -2.39 -14.67 -19.24
H19A DPV DB . -4.07 -14.75 -19.74
H20 DPV DB . -4.02 -17.22 -19.71
H20A DPV DB . -2.30 -17.23 -19.34
H21 DPV DB . -2.69 -16.14 -17.16
H21A DPV DB . -4.39 -15.86 -17.54
H22 DPV DB . -4.74 -18.38 -17.61
H22A DPV DB . -3.06 -18.60 -17.10
H23 DPV DB . -3.52 -17.41 -14.98
H23A DPV DB . -4.70 -18.70 -15.18
H23B DPV DB . -5.17 -17.02 -15.50
N DPV EB . 1.10 -9.22 -22.60
P DPV EB . -3.34 -9.92 -21.04
C1 DPV EB . -5.43 -10.98 -19.88
C2 DPV EB . -5.96 -11.40 -18.50
C3 DPV EB . -5.34 -12.74 -18.01
C4 DPV EB . -0.80 -10.53 -21.30
C5 DPV EB . -0.14 -9.15 -21.64
C6 DPV EB . 2.24 -10.06 -22.00
C7 DPV EB . 1.61 -7.81 -22.83
C8 DPV EB . 0.71 -9.80 -23.98
C15 DPV EB . -5.51 -12.94 -16.46
C16 DPV EB . -4.39 -12.22 -15.64
C17 DPV EB . -3.07 -13.04 -15.55
C18 DPV EB . -1.79 -12.14 -15.45
C19 DPV EB . -1.08 -11.97 -16.84
O1P DPV EB . -3.52 -8.45 -21.18
C20 DPV EB . -0.18 -13.18 -17.19
C21 DPV EB . 0.37 -13.10 -18.64
C22 DPV EB . 1.43 -14.21 -18.90
C23 DPV EB . 1.98 -14.13 -20.33
O2P DPV EB . -3.69 -10.64 -22.29
O3P DPV EB . -4.06 -10.51 -19.75
O4P DPV EB . -1.93 -10.34 -20.42
H1 DPV EB . -5.45 -11.83 -20.57
H1A DPV EB . -6.04 -10.17 -20.28
H2 DPV EB . -5.74 -10.59 -17.78
H2A DPV EB . -7.05 -11.49 -18.55
H3 DPV EB . -4.29 -12.79 -18.27
H3A DPV EB . -5.85 -13.56 -18.53
H4 DPV EB . -1.14 -11.03 -22.21
H4A DPV EB . -0.08 -11.17 -20.79
H5 DPV EB . -0.88 -8.50 -22.11
H5A DPV EB . 0.20 -8.68 -20.72
H6 DPV EB . 1.92 -11.10 -21.90
H6A DPV EB . 2.49 -9.64 -21.02
H6B DPV EB . 3.11 -10.00 -22.66
H7 DPV EB . 0.80 -7.19 -23.22
H7A DPV EB . 2.45 -7.84 -23.54
H7B DPV EB . 1.96 -7.40 -21.87
H8 DPV EB . 0.36 -10.82 -23.85
H8A DPV EB . 1.59 -9.79 -24.63
H8B DPV EB . -0.09 -9.19 -24.41
H15 DPV EB . -5.49 -14.01 -16.24
H15A DPV EB . -6.48 -12.58 -16.14
H16 DPV EB . -4.20 -11.24 -16.07
H16A DPV EB . -4.77 -12.04 -14.63
H17 DPV EB . -3.11 -13.69 -14.67
H17A DPV EB . -2.98 -13.71 -16.41
H18 DPV EB . -2.06 -11.16 -15.05
H18A DPV EB . -1.09 -12.59 -14.73
H19 DPV EB . -1.83 -11.81 -17.62
H19A DPV EB . -0.46 -11.07 -16.80
H20 DPV EB . 0.65 -13.23 -16.48
H20A DPV EB . -0.74 -14.12 -17.08
H21 DPV EB . -0.45 -13.19 -19.34
H21A DPV EB . 0.84 -12.11 -18.79
H22 DPV EB . 2.26 -14.10 -18.20
H22A DPV EB . 0.98 -15.19 -18.73
H23 DPV EB . 2.78 -14.85 -20.47
H23A DPV EB . 2.36 -13.13 -20.55
H23B DPV EB . 1.19 -14.37 -21.06
N DPV FB . 6.36 -5.94 -22.61
P DPV FB . 4.75 -2.11 -20.16
C1 DPV FB . 2.48 -0.87 -20.51
C2 DPV FB . 1.10 -1.05 -21.19
C3 DPV FB . 0.15 -2.02 -20.43
C4 DPV FB . 4.74 -4.64 -20.95
C5 DPV FB . 6.21 -4.93 -21.41
C6 DPV FB . 5.93 -7.36 -22.18
C7 DPV FB . 7.86 -5.98 -22.98
C8 DPV FB . 5.58 -5.49 -23.86
C15 DPV FB . -0.58 -1.33 -19.23
C16 DPV FB . -1.41 -2.35 -18.41
C17 DPV FB . -2.02 -1.69 -17.15
C18 DPV FB . -2.75 -2.74 -16.26
C19 DPV FB . -3.27 -2.08 -14.94
O1P DPV FB . 5.09 -1.30 -18.98
C20 DPV FB . -3.98 -3.10 -14.00
C21 DPV FB . -2.96 -3.93 -13.17
C22 DPV FB . -3.67 -4.79 -12.09
C23 DPV FB . -2.66 -5.51 -11.19
O2P DPV FB . 5.58 -1.74 -21.33
O3P DPV FB . 3.19 -2.13 -20.47
O4P DPV FB . 4.74 -3.69 -19.85
H1 DPV FB . 3.07 -0.15 -21.08
H1A DPV FB . 2.36 -0.49 -19.49
H2 DPV FB . 0.62 -0.09 -21.32
H2A DPV FB . 1.27 -1.45 -22.20
H3 DPV FB . 0.71 -2.88 -20.06
H3A DPV FB . -0.59 -2.40 -21.13
H4 DPV FB . 4.15 -4.25 -21.77
H4A DPV FB . 4.29 -5.58 -20.58
H5 DPV FB . 6.67 -3.99 -21.73
H5A DPV FB . 6.80 -5.32 -20.58
H6 DPV FB . 6.09 -8.04 -23.02
H6A DPV FB . 4.87 -7.35 -21.91
H6B DPV FB . 6.53 -7.67 -21.33
H7 DPV FB . 8.00 -6.70 -23.78
H7A DPV FB . 8.43 -6.29 -22.10
H7B DPV FB . 8.16 -4.99 -23.29
H8 DPV FB . 4.51 -5.51 -23.63
H8A DPV FB . 5.80 -6.19 -24.68
H8B DPV FB . 5.89 -4.49 -24.14
H15 DPV FB . -1.25 -0.55 -19.62
H15A DPV FB . 0.15 -0.85 -18.59
H16 DPV FB . -2.22 -2.76 -19.04
H16A DPV FB . -0.78 -3.19 -18.12
H17 DPV FB . -1.22 -1.23 -16.57
H17A DPV FB . -2.72 -0.90 -17.44
H18 DPV FB . -3.59 -3.16 -16.82
H18A DPV FB . -2.06 -3.54 -16.03
H19 DPV FB . -2.44 -1.61 -14.42
H19A DPV FB . -3.99 -1.29 -15.19
H20 DPV FB . -4.60 -2.53 -13.31
H20A DPV FB . -4.63 -3.75 -14.57
H21 DPV FB . -2.40 -4.59 -13.84
H21A DPV FB . -2.25 -3.26 -12.69
H22 DPV FB . -4.30 -4.14 -11.46
H22A DPV FB . -4.33 -5.52 -12.57
H23 DPV FB . -1.97 -4.80 -10.73
H23A DPV FB . -2.08 -6.23 -11.77
H23B DPV FB . -3.16 -6.06 -10.39
N DPV GB . -10.07 -11.19 -16.66
P DPV GB . -6.88 -8.05 -13.91
C1 DPV GB . -4.53 -8.72 -13.01
C2 DPV GB . -3.85 -9.92 -12.32
C3 DPV GB . -2.46 -9.52 -11.74
C4 DPV GB . -8.31 -9.92 -15.12
C5 DPV GB . -9.04 -10.01 -16.50
C6 DPV GB . -9.39 -12.56 -16.59
C7 DPV GB . -10.72 -11.05 -18.04
C8 DPV GB . -11.18 -11.13 -15.59
C15 DPV GB . -1.95 -10.59 -10.76
C16 DPV GB . -0.62 -10.19 -10.08
C17 DPV GB . -0.24 -11.25 -9.01
C18 DPV GB . 1.15 -10.96 -8.37
C19 DPV GB . 1.49 -12.03 -7.32
O1P DPV GB . -6.29 -6.72 -14.22
C20 DPV GB . 2.85 -11.77 -6.62
C21 DPV GB . 3.11 -12.82 -5.50
C22 DPV GB . 4.36 -12.47 -4.66
C23 DPV GB . 4.53 -13.45 -3.49
O2P DPV GB . -7.94 -7.94 -12.88
O3P DPV GB . -5.79 -9.16 -13.56
O4P DPV GB . -7.32 -8.86 -15.21
H1 DPV GB . -4.71 -7.93 -12.28
H1A DPV GB . -3.90 -8.34 -13.82
H2 DPV GB . -4.50 -10.27 -11.51
H2A DPV GB . -3.73 -10.74 -13.02
H3 DPV GB . -2.54 -8.56 -11.22
H3A DPV GB . -1.75 -9.40 -12.56
H4 DPV GB . -9.02 -9.69 -14.33
H4A DPV GB . -7.80 -10.85 -14.88
H5 DPV GB . -9.59 -9.08 -16.67
H5A DPV GB . -8.30 -10.12 -17.30
H6 DPV GB . -8.94 -12.68 -15.59
H6A DPV GB . -8.62 -12.62 -17.36
H6B DPV GB . -10.14 -13.34 -16.75
H7 DPV GB . -11.23 -10.08 -18.09
H7A DPV GB . -11.45 -11.86 -18.17
H7B DPV GB . -9.95 -11.11 -18.81
H8 DPV GB . -11.65 -10.15 -15.63
H8A DPV GB . -10.75 -11.30 -14.60
H8B DPV GB . -11.93 -11.91 -15.81
H15 DPV GB . -1.82 -11.53 -11.30
H15A DPV GB . -2.72 -10.77 -9.99
H16 DPV GB . 0.17 -10.13 -10.83
H16A DPV GB . -0.72 -9.21 -9.61
H17 DPV GB . -1.00 -11.25 -8.22
H17A DPV GB . -0.22 -12.23 -9.45
H18 DPV GB . 1.90 -10.94 -9.15
H18A DPV GB . 1.13 -9.97 -7.90
H19 DPV GB . 0.70 -12.08 -6.58
H19A DPV GB . 1.54 -13.01 -7.81
H20 DPV GB . 3.65 -11.80 -7.36
H20A DPV GB . 2.83 -10.76 -6.19
H21 DPV GB . 2.23 -12.87 -4.85
H21A DPV GB . 3.24 -13.80 -5.97
H22 DPV GB . 5.25 -12.49 -5.30
H22A DPV GB . 4.26 -11.46 -4.27
H23 DPV GB . 4.69 -14.47 -3.86
H23A DPV GB . 3.63 -13.46 -2.86
H23B DPV GB . 5.38 -13.17 -2.87
N DPV HB . -11.31 -5.01 -8.90
P DPV HB . -9.25 -4.13 -4.84
C1 DPV HB . -7.19 -5.76 -5.12
C2 DPV HB . -6.36 -5.97 -3.85
C3 DPV HB . -5.14 -6.90 -4.11
C4 DPV HB . -10.18 -3.35 -7.14
C5 DPV HB . -10.32 -3.81 -8.63
C6 DPV HB . -10.88 -6.30 -8.20
C7 DPV HB . -11.30 -5.28 -10.41
C8 DPV HB . -12.76 -4.66 -8.49
C15 DPV HB . -4.21 -7.03 -2.86
C16 DPV HB . -4.81 -7.89 -1.69
C17 DPV HB . -4.76 -9.42 -1.98
C18 DPV HB . -5.30 -10.28 -0.79
C19 DPV HB . -6.86 -10.31 -0.73
O1P DPV HB . -8.32 -3.04 -4.47
C20 DPV HB . -7.39 -11.24 0.41
C21 DPV HB . -7.38 -10.53 1.81
C22 DPV HB . -7.44 -11.54 2.99
C23 DPV HB . -6.04 -12.13 3.33
O2P DPV HB . -10.52 -4.03 -4.10
O3P DPV HB . -8.59 -5.60 -4.74
O4P DPV HB . -9.42 -4.32 -6.41
H1 DPV HB . -6.84 -4.88 -5.68
H1A DPV HB . -7.14 -6.64 -5.77
H2 DPV HB . -6.02 -5.00 -3.48
H2A DPV HB . -7.00 -6.41 -3.08
H3 DPV HB . -4.56 -6.50 -4.94
H3A DPV HB . -5.49 -7.89 -4.42
H4 DPV HB . -9.65 -2.39 -7.10
H4A DPV HB . -11.16 -3.22 -6.68
H5 DPV HB . -10.68 -2.97 -9.23
H5A DPV HB . -9.34 -4.10 -9.01
H6 DPV HB . -9.85 -6.54 -8.49
H6A DPV HB . -11.55 -7.11 -8.49
H6B DPV HB . -10.93 -6.15 -7.12
H7 DPV HB . -11.60 -4.38 -10.94
H7A DPV HB . -12.01 -6.09 -10.63
H7B DPV HB . -10.28 -5.58 -10.71
H8 DPV HB . -13.07 -3.76 -9.03
H8A DPV HB . -12.79 -4.49 -7.42
H8B DPV HB . -13.41 -5.50 -8.76
H15 DPV HB . -3.99 -6.03 -2.49
H15A DPV HB . -3.26 -7.47 -3.18
H16 DPV HB . -4.24 -7.68 -0.78
H16A DPV HB . -5.84 -7.58 -1.49
H17 DPV HB . -5.31 -9.66 -2.89
H17A DPV HB . -3.71 -9.71 -2.15
H18 DPV HB . -4.93 -11.30 -0.91
H18A DPV HB . -4.90 -9.90 0.15
H19 DPV HB . -7.26 -9.30 -0.60
H19A DPV HB . -7.25 -10.68 -1.68
H20 DPV HB . -8.41 -11.54 0.18
H20A DPV HB . -6.78 -12.14 0.44
H21 DPV HB . -6.50 -9.89 1.92
H21A DPV HB . -8.25 -9.87 1.87
H22 DPV HB . -7.83 -11.03 3.87
H22A DPV HB . -8.13 -12.36 2.76
H23 DPV HB . -5.56 -12.54 2.44
H23A DPV HB . -6.14 -12.92 4.08
H23B DPV HB . -5.39 -11.34 3.74
N DPV IB . 26.06 -22.27 4.43
P DPV IB . 25.07 -23.96 8.88
C1 DPV IB . 25.06 -21.97 10.61
C2 DPV IB . 24.10 -21.25 11.58
C3 DPV IB . 22.76 -20.87 10.89
C4 DPV IB . 24.55 -23.01 6.48
C5 DPV IB . 25.93 -22.47 5.99
C6 DPV IB . 25.75 -23.56 3.64
C7 DPV IB . 27.50 -21.85 4.13
C8 DPV IB . 25.12 -21.14 3.95
C15 DPV IB . 21.79 -20.10 11.84
C16 DPV IB . 20.37 -19.99 11.23
C17 DPV IB . 19.33 -19.44 12.26
C18 DPV IB . 17.86 -19.71 11.87
C19 DPV IB . 17.33 -18.79 10.72
O1P DPV IB . 24.49 -25.30 8.66
C20 DPV IB . 15.86 -19.12 10.32
C21 DPV IB . 15.75 -20.39 9.41
C22 DPV IB . 14.28 -20.72 9.07
C23 DPV IB . 14.17 -22.00 8.21
O2P DPV IB . 26.55 -24.00 8.89
O3P DPV IB . 24.44 -23.21 10.16
O4P DPV IB . 24.46 -22.84 7.92
H1 DPV IB . 25.28 -21.34 9.74
H1A DPV IB . 26.00 -22.20 11.12
H2 DPV IB . 23.90 -21.88 12.44
H2A DPV IB . 24.58 -20.34 11.94
H3 DPV IB . 22.27 -21.79 10.54
H3A DPV IB . 22.97 -20.25 10.01
H4 DPV IB . 23.73 -22.43 6.03
H4A DPV IB . 24.42 -24.07 6.23
H5 DPV IB . 26.15 -21.50 6.45
H5A DPV IB . 26.72 -23.18 6.28
H6 DPV IB . 24.71 -23.84 3.79
H6A DPV IB . 26.41 -24.36 4.01
H6B DPV IB . 25.95 -23.38 2.58
H7 DPV IB . 27.73 -20.94 4.70
H7A DPV IB . 27.60 -21.66 3.06
H7B DPV IB . 28.17 -22.66 4.44
H8 DPV IB . 24.08 -21.44 4.11
H8A DPV IB . 25.30 -20.96 2.89
H8B DPV IB . 25.34 -20.23 4.52
H15 DPV IB . 22.20 -19.10 12.03
H15A DPV IB . 21.74 -20.63 12.79
H16 DPV IB . 20.39 -19.33 10.35
H16A DPV IB . 20.04 -20.97 10.89
H17 DPV IB . 19.51 -19.92 13.22
H17A DPV IB . 19.49 -18.37 12.42
H18 DPV IB . 17.75 -20.76 11.58
H18A DPV IB . 17.23 -19.56 12.75
H19 DPV IB . 17.37 -17.75 11.07
H19A DPV IB . 17.98 -18.86 9.84
H20 DPV IB . 15.26 -19.26 11.22
H20A DPV IB . 15.44 -18.26 9.78
H21 DPV IB . 16.31 -20.21 8.49
H21A DPV IB . 16.21 -21.24 9.91
H22 DPV IB . 13.71 -20.87 10.00
H22A DPV IB . 13.82 -19.89 8.53
H23 DPV IB . 13.12 -22.24 8.03
H23A DPV IB . 14.63 -22.85 8.73
H23B DPV IB . 14.67 -21.88 7.26
N DPV JB . 28.20 -21.56 -8.56
P DPV JB . 25.84 -24.30 -4.76
C1 DPV JB . 23.38 -24.65 -3.89
C2 DPV JB . 22.30 -23.90 -3.10
C3 DPV JB . 21.48 -22.89 -3.98
C4 DPV JB . 27.12 -23.07 -6.67
C5 DPV JB . 26.99 -21.81 -7.59
C6 DPV JB . 28.38 -22.71 -9.57
C7 DPV JB . 29.52 -21.34 -7.79
C8 DPV JB . 27.90 -20.28 -9.36
C15 DPV JB . 20.45 -22.12 -3.12
C16 DPV JB . 19.61 -21.09 -3.93
C17 DPV JB . 18.61 -20.34 -3.02
C18 DPV JB . 17.60 -19.47 -3.83
C19 DPV JB . 16.58 -18.75 -2.89
O1P DPV JB . 25.78 -25.65 -5.37
C20 DPV JB . 15.54 -17.91 -3.70
C21 DPV JB . 14.42 -17.36 -2.78
C22 DPV JB . 13.33 -16.61 -3.60
C23 DPV JB . 12.06 -16.31 -2.75
O2P DPV JB . 26.83 -24.22 -3.66
O3P DPV JB . 24.40 -23.73 -4.34
O4P DPV JB . 25.96 -23.13 -5.82
H1 DPV JB . 23.85 -25.40 -3.25
H1A DPV JB . 22.95 -25.16 -4.76
H2 DPV JB . 21.61 -24.62 -2.66
H2A DPV JB . 22.77 -23.36 -2.27
H3 DPV JB . 20.98 -23.43 -4.78
H3A DPV JB . 22.17 -22.17 -4.45
H4 DPV JB . 27.17 -23.99 -7.26
H4A DPV JB . 28.02 -23.00 -6.04
H5 DPV JB . 26.09 -21.91 -8.21
H5A DPV JB . 26.88 -20.92 -6.97
H6 DPV JB . 28.60 -23.63 -9.03
H6A DPV JB . 29.21 -22.46 -10.25
H6B DPV JB . 27.46 -22.82 -10.15
H7 DPV JB . 29.37 -20.52 -7.08
H7A DPV JB . 30.30 -21.08 -8.51
H7B DPV JB . 29.78 -22.26 -7.26
H8 DPV JB . 27.76 -19.45 -8.66
H8A DPV JB . 26.98 -20.44 -9.94
H8B DPV JB . 28.74 -20.07 -10.03
H15 DPV JB . 20.97 -21.59 -2.32
H15A DPV JB . 19.77 -22.84 -2.64
H16 DPV JB . 20.28 -20.38 -4.42
H16A DPV JB . 19.08 -21.62 -4.73
H17 DPV JB . 18.05 -21.06 -2.42
H17A DPV JB . 19.16 -19.70 -2.33
H18 DPV JB . 18.15 -18.74 -4.40
H18A DPV JB . 17.05 -20.11 -4.53
H19 DPV JB . 16.06 -19.50 -2.28
H19A DPV JB . 17.13 -18.10 -2.20
H20 DPV JB . 16.05 -17.09 -4.19
H20A DPV JB . 15.10 -18.54 -4.47
H21 DPV JB . 13.95 -18.19 -2.23
H21A DPV JB . 14.84 -16.69 -2.04
H22 DPV JB . 13.73 -15.67 -3.97
H22A DPV JB . 13.04 -17.21 -4.46
H23 DPV JB . 11.58 -17.24 -2.43
H23A DPV JB . 11.34 -15.74 -3.33
H23B DPV JB . 12.32 -15.73 -1.86
N DPV KB . 25.71 -9.36 9.53
P DPV KB . 25.40 -6.83 5.01
C1 DPV KB . 25.05 -7.52 2.51
C2 DPV KB . 23.52 -7.40 2.27
C3 DPV KB . 23.10 -7.69 0.79
C4 DPV KB . 25.85 -7.75 7.42
C5 DPV KB . 26.36 -9.05 8.13
C6 DPV KB . 26.40 -10.61 10.09
C7 DPV KB . 24.22 -9.66 9.38
C8 DPV KB . 25.92 -8.21 10.53
C15 DPV KB . 23.49 -6.55 -0.19
C16 DPV KB . 22.92 -6.77 -1.60
C17 DPV KB . 23.28 -5.60 -2.55
C18 DPV KB . 22.68 -5.82 -3.97
C19 DPV KB . 23.07 -4.66 -4.94
O1P DPV KB . 24.07 -6.33 5.45
C20 DPV KB . 22.35 -4.77 -6.33
C21 DPV KB . 22.96 -5.86 -7.26
C22 DPV KB . 22.18 -5.94 -8.61
C23 DPV KB . 22.59 -7.18 -9.43
O2P DPV KB . 26.33 -5.73 4.69
O3P DPV KB . 25.30 -7.93 3.88
O4P DPV KB . 26.02 -7.92 5.99
H1 DPV KB . 25.46 -8.29 1.85
H1A DPV KB . 25.55 -6.58 2.31
H2 DPV KB . 23.00 -8.10 2.92
H2A DPV KB . 23.17 -6.40 2.56
H3 DPV KB . 22.01 -7.82 0.77
H3A DPV KB . 23.54 -8.63 0.46
H4 DPV KB . 24.80 -7.58 7.64
H4A DPV KB . 26.43 -6.87 7.74
H5 DPV KB . 26.15 -9.91 7.49
H5A DPV KB . 27.44 -8.97 8.27
H6 DPV KB . 26.28 -11.42 9.38
H6A DPV KB . 25.94 -10.85 11.05
H6B DPV KB . 27.46 -10.39 10.24
H7 DPV KB . 23.83 -9.99 10.36
H7A DPV KB . 24.08 -10.46 8.64
H7B DPV KB . 23.70 -8.76 9.06
H8 DPV KB . 25.41 -7.32 10.16
H8A DPV KB . 27.00 -8.02 10.63
H8B DPV KB . 25.51 -8.51 11.49
H15 DPV KB . 24.58 -6.47 -0.25
H15A DPV KB . 23.12 -5.59 0.20
H16 DPV KB . 23.30 -7.71 -2.01
H16A DPV KB . 21.82 -6.87 -1.54
H17 DPV KB . 22.90 -4.66 -2.13
H17A DPV KB . 24.36 -5.51 -2.62
H18 DPV KB . 23.03 -6.76 -4.37
H18A DPV KB . 21.59 -5.88 -3.90
H19 DPV KB . 22.79 -3.71 -4.48
H19A DPV KB . 24.15 -4.64 -5.08
H20 DPV KB . 21.29 -4.96 -6.17
H20A DPV KB . 22.42 -3.79 -6.83
H21 DPV KB . 24.01 -5.63 -7.46
H21A DPV KB . 22.93 -6.83 -6.75
H22 DPV KB . 21.11 -6.00 -8.41
H22A DPV KB . 22.36 -5.04 -9.19
H23 DPV KB . 22.03 -7.21 -10.36
H23A DPV KB . 22.41 -8.10 -8.88
H23B DPV KB . 23.66 -7.13 -9.69
N DPV LB . -14.54 -11.08 -4.11
P DPV LB . -12.97 -15.17 -2.30
C1 DPV LB . -10.45 -15.72 -1.88
C2 DPV LB . -10.08 -15.15 -0.49
C3 DPV LB . -9.00 -16.04 0.18
C4 DPV LB . -14.69 -13.68 -3.56
C5 DPV LB . -14.81 -12.54 -4.63
C6 DPV LB . -13.09 -10.89 -3.65
C7 DPV LB . -15.51 -10.67 -2.97
C8 DPV LB . -14.78 -10.12 -5.28
C15 DPV LB . -8.25 -15.30 1.32
C16 DPV LB . -6.94 -16.04 1.74
C17 DPV LB . -5.62 -15.47 1.10
C18 DPV LB . -5.55 -15.57 -0.45
C19 DPV LB . -4.17 -15.14 -1.02
O1P DPV LB . -13.42 -14.96 -0.91
C20 DPV LB . -3.09 -16.27 -0.97
C21 DPV LB . -1.74 -15.80 -1.56
C22 DPV LB . -0.70 -16.95 -1.59
C23 DPV LB . 0.68 -16.46 -2.06
O2P DPV LB . -13.37 -16.47 -2.84
O3P DPV LB . -11.42 -14.84 -2.50
O4P DPV LB . -13.30 -13.94 -3.26
H1 DPV LB . -9.56 -15.76 -2.52
H1A DPV LB . -10.87 -16.73 -1.79
H2 DPV LB . -9.70 -14.14 -0.62
H2A DPV LB . -10.97 -15.11 0.14
H3 DPV LB . -8.28 -16.36 -0.56
H3A DPV LB . -9.47 -16.94 0.58
H4 DPV LB . -15.22 -13.42 -2.65
H4A DPV LB . -15.13 -14.60 -3.97
H5 DPV LB . -14.10 -12.72 -5.44
H5A DPV LB . -15.82 -12.54 -5.04
H6 DPV LB . -12.92 -11.51 -2.77
H6A DPV LB . -12.94 -9.84 -3.39
H6B DPV LB . -12.42 -11.18 -4.46
H7 DPV LB . -16.53 -10.83 -3.31
H7A DPV LB . -15.34 -9.62 -2.72
H7B DPV LB . -15.31 -11.31 -2.10
H8 DPV LB . -14.61 -9.09 -4.95
H8A DPV LB . -15.81 -10.23 -5.63
H8B DPV LB . -14.08 -10.37 -6.10
H15 DPV LB . -8.91 -15.23 2.19
H15A DPV LB . -8.02 -14.27 1.02
H16 DPV LB . -6.84 -15.95 2.83
H16A DPV LB . -7.02 -17.10 1.52
H17 DPV LB . -5.50 -14.43 1.39
H17A DPV LB . -4.78 -16.02 1.53
H18 DPV LB . -5.77 -16.59 -0.76
H18A DPV LB . -6.31 -14.93 -0.88
H19 DPV LB . -4.30 -14.84 -2.07
H19A DPV LB . -3.81 -14.25 -0.49
H20 DPV LB . -2.95 -16.58 0.06
H20A DPV LB . -3.46 -17.13 -1.53
H21 DPV LB . -1.89 -15.43 -2.58
H21A DPV LB . -1.36 -14.97 -0.97
H22 DPV LB . -0.60 -17.38 -0.59
H22A DPV LB . -1.04 -17.75 -2.25
H23 DPV LB . 1.42 -17.26 -1.99
H23A DPV LB . 1.03 -15.63 -1.43
H23B DPV LB . 0.64 -16.10 -3.09
N DPV MB . -11.66 -17.05 -6.51
P DPV MB . -11.23 -13.90 -10.12
C1 DPV MB . -8.78 -13.12 -9.59
C2 DPV MB . -7.58 -13.97 -9.12
C3 DPV MB . -6.40 -13.08 -8.65
C4 DPV MB . -10.94 -16.25 -8.96
C5 DPV MB . -10.52 -16.87 -7.58
C6 DPV MB . -11.02 -17.66 -5.25
C7 DPV MB . -12.76 -17.99 -7.00
C8 DPV MB . -12.28 -15.70 -6.10
C15 DPV MB . -5.28 -13.93 -8.00
C16 DPV MB . -4.10 -13.04 -7.50
C17 DPV MB . -2.97 -13.87 -6.81
C18 DPV MB . -2.04 -14.58 -7.84
C19 DPV MB . -0.83 -15.27 -7.15
O1P DPV MB . -12.03 -14.52 -11.19
C20 DPV MB . 0.24 -15.69 -8.19
C21 DPV MB . 1.51 -16.26 -7.52
C22 DPV MB . 2.70 -16.37 -8.51
C23 DPV MB . 3.92 -17.05 -7.86
O2P DPV MB . -11.71 -12.53 -9.80
O3P DPV MB . -9.66 -13.96 -10.38
O4P DPV MB . -11.08 -14.82 -8.81
H1 DPV MB . -9.32 -12.72 -8.72
H1A DPV MB . -8.43 -12.29 -10.21
H2 DPV MB . -7.91 -14.61 -8.29
H2A DPV MB . -7.25 -14.62 -9.92
H3 DPV MB . -6.76 -12.34 -7.94
H3A DPV MB . -5.98 -12.54 -9.51
H4 DPV MB . -10.16 -16.45 -9.69
H4A DPV MB . -11.88 -16.69 -9.31
H5 DPV MB . -10.08 -17.86 -7.75
H5A DPV MB . -9.73 -16.24 -7.13
H6 DPV MB . -11.81 -17.78 -4.49
H6A DPV MB . -10.25 -17.00 -4.88
H6B DPV MB . -10.60 -18.63 -5.51
H7 DPV MB . -13.26 -17.55 -7.85
H7A DPV MB . -13.47 -18.16 -6.19
H7B DPV MB . -12.30 -18.95 -7.29
H8 DPV MB . -12.76 -15.25 -6.97
H8A DPV MB . -11.49 -15.05 -5.72
H8B DPV MB . -13.02 -15.88 -5.32
H15 DPV MB . -4.91 -14.66 -8.72
H15A DPV MB . -5.69 -14.48 -7.15
H16 DPV MB . -3.68 -12.47 -8.34
H16A DPV MB . -4.49 -12.32 -6.78
H17 DPV MB . -2.36 -13.18 -6.21
H17A DPV MB . -3.40 -14.60 -6.13
H18 DPV MB . -2.62 -15.33 -8.40
H18A DPV MB . -1.68 -13.84 -8.56
H19 DPV MB . -0.38 -14.57 -6.43
H19A DPV MB . -1.17 -16.14 -6.60
H20 DPV MB . -0.18 -16.43 -8.88
H20A DPV MB . 0.51 -14.81 -8.80
H21 DPV MB . 1.81 -15.61 -6.68
H21A DPV MB . 1.28 -17.25 -7.10
H22 DPV MB . 2.39 -16.95 -9.39
H22A DPV MB . 2.98 -15.37 -8.85
H23 DPV MB . 4.74 -17.12 -8.57
H23A DPV MB . 3.67 -18.07 -7.55
H23B DPV MB . 4.25 -16.49 -6.99
N DPV NB . -8.32 -16.38 -19.50
P DPV NB . -9.66 -15.86 -14.94
C1 DPV NB . -7.60 -15.72 -13.33
C2 DPV NB . -6.48 -14.74 -12.91
C3 DPV NB . -5.26 -15.49 -12.34
C4 DPV NB . -8.16 -16.84 -16.89
C5 DPV NB . -7.45 -16.36 -18.19
C6 DPV NB . -9.66 -15.62 -19.35
C7 DPV NB . -8.61 -17.83 -19.93
C8 DPV NB . -7.51 -15.70 -20.61
C15 DPV NB . -4.11 -14.53 -11.96
C16 DPV NB . -2.73 -15.26 -11.96
C17 DPV NB . -1.57 -14.25 -11.81
C18 DPV NB . -0.19 -14.89 -12.09
C19 DPV NB . 0.95 -13.83 -11.96
O1P DPV NB . -10.96 -15.19 -14.98
C20 DPV NB . 2.33 -14.36 -12.45
C21 DPV NB . 2.44 -14.35 -14.01
C22 DPV NB . 3.88 -14.76 -14.45
C23 DPV NB . 4.06 -14.61 -15.98
O2P DPV NB . -9.78 -17.26 -14.46
O3P DPV NB . -8.55 -15.01 -14.17
O4P DPV NB . -8.82 -15.70 -16.30
H1 DPV NB . -7.18 -16.55 -13.89
H1A DPV NB . -8.11 -16.10 -12.44
H2 DPV NB . -6.18 -14.15 -13.79
H2A DPV NB . -6.86 -14.04 -12.17
H3 DPV NB . -4.91 -16.21 -13.10
H3A DPV NB . -5.55 -16.07 -11.47
H4 DPV NB . -8.90 -17.62 -17.10
H4A DPV NB . -7.43 -17.21 -16.18
H5 DPV NB . -7.09 -15.34 -18.05
H5A DPV NB . -6.58 -17.00 -18.38
H6 DPV NB . -10.27 -16.12 -18.60
H6A DPV NB . -10.18 -15.63 -20.32
H6B DPV NB . -9.45 -14.59 -19.04
H7 DPV NB . -7.66 -18.37 -20.03
H7A DPV NB . -9.14 -17.82 -20.89
H7B DPV NB . -9.23 -18.31 -19.17
H8 DPV NB . -8.09 -15.72 -21.54
H8A DPV NB . -6.57 -16.24 -20.75
H8B DPV NB . -7.31 -14.66 -20.33
H15 DPV NB . -4.30 -14.11 -10.98
H15A DPV NB . -4.07 -13.70 -12.67
H16 DPV NB . -2.70 -16.00 -11.15
H16A DPV NB . -2.61 -15.81 -12.90
H17 DPV NB . -1.72 -13.42 -12.50
H17A DPV NB . -1.59 -13.84 -10.79
H18 DPV NB . -0.01 -15.71 -11.39
H18A DPV NB . -0.20 -15.30 -13.10
H19 DPV NB . 0.68 -12.93 -12.51
H19A DPV NB . 1.04 -13.55 -10.90
H20 DPV NB . 3.10 -13.72 -12.03
H20A DPV NB . 2.50 -15.36 -12.06
H21 DPV NB . 1.72 -15.05 -14.44
H21A DPV NB . 2.21 -13.37 -14.39
H22 DPV NB . 4.61 -14.14 -13.95
H22A DPV NB . 4.07 -15.79 -14.17
H23 DPV NB . 3.38 -15.29 -16.51
H23A DPV NB . 5.08 -14.85 -16.26
H23B DPV NB . 3.84 -13.58 -16.30
N DPV OB . 31.41 -13.26 4.33
P DPV OB . 27.17 -14.23 1.40
C1 DPV OB . 27.20 -16.83 1.73
C2 DPV OB . 26.75 -17.86 2.80
C3 DPV OB . 27.38 -17.60 4.22
C4 DPV OB . 29.39 -13.84 2.74
C5 DPV OB . 29.99 -13.91 4.18
C6 DPV OB . 32.45 -13.93 3.41
C7 DPV OB . 31.40 -11.74 4.04
C8 DPV OB . 31.87 -13.45 5.78
C15 DPV OB . 26.66 -16.50 5.08
C16 DPV OB . 25.27 -16.93 5.64
C17 DPV OB . 25.39 -17.88 6.88
C18 DPV OB . 24.01 -18.12 7.58
C19 DPV OB . 23.11 -19.14 6.82
O1P DPV OB . 28.02 -14.41 0.19
C20 DPV OB . 21.68 -19.17 7.42
C21 DPV OB . 20.80 -20.24 6.73
C22 DPV OB . 19.39 -20.35 7.36
C23 DPV OB . 18.50 -21.29 6.54
O2P DPV OB . 26.23 -13.12 1.25
O3P DPV OB . 26.48 -15.59 1.88
O4P DPV OB . 28.00 -14.19 2.78
H1 DPV OB . 28.28 -16.65 1.82
H1A DPV OB . 26.99 -17.23 0.74
H2 DPV OB . 25.67 -17.88 2.86
H2A DPV OB . 27.07 -18.84 2.48
H3 DPV OB . 28.43 -17.30 4.11
H3A DPV OB . 27.39 -18.54 4.78
H4 DPV OB . 29.49 -12.83 2.33
H4A DPV OB . 29.92 -14.55 2.09
H5 DPV OB . 29.32 -13.40 4.88
H5A DPV OB . 30.07 -14.95 4.49
H6 DPV OB . 33.44 -13.51 3.62
H6A DPV OB . 32.19 -13.74 2.37
H6B DPV OB . 32.46 -15.01 3.61
H7 DPV OB . 30.69 -11.26 4.72
H7A DPV OB . 31.09 -11.58 3.01
H7B DPV OB . 32.40 -11.34 4.20
H8 DPV OB . 32.87 -13.02 5.90
H8A DPV OB . 31.89 -14.52 5.99
H8B DPV OB . 31.15 -12.96 6.44
H15 DPV OB . 26.52 -15.61 4.46
H15A DPV OB . 27.30 -16.20 5.90
H16 DPV OB . 24.72 -16.04 5.94
H16A DPV OB . 24.67 -17.41 4.85
H17 DPV OB . 25.81 -18.84 6.58
H17A DPV OB . 26.06 -17.43 7.61
H18 DPV OB . 24.19 -18.48 8.60
H18A DPV OB . 23.48 -17.16 7.67
H19 DPV OB . 23.05 -18.88 5.77
H19A DPV OB . 23.56 -20.14 6.90
H20 DPV OB . 21.72 -19.38 8.49
H20A DPV OB . 21.21 -18.19 7.30
H21 DPV OB . 20.71 -20.00 5.66
H21A DPV OB . 21.30 -21.22 6.81
H22 DPV OB . 19.47 -20.73 8.38
H22A DPV OB . 18.93 -19.36 7.40
H23 DPV OB . 17.54 -21.43 7.03
H23A DPV OB . 18.96 -22.28 6.43
H23B DPV OB . 18.30 -20.87 5.55
N GLY A 1 -3.54 3.01 -6.80
CA GLY A 1 -3.03 1.70 -7.17
C GLY A 1 -2.47 0.96 -5.98
N LEU A 2 -1.84 -0.18 -6.23
CA LEU A 2 -1.39 -1.05 -5.15
C LEU A 2 -0.15 -0.61 -4.37
N LEU A 3 0.62 0.37 -4.82
CA LEU A 3 1.76 0.80 -4.01
C LEU A 3 1.21 1.47 -2.75
N LYS A 4 0.09 2.18 -2.91
CA LYS A 4 -0.63 2.78 -1.77
C LYS A 4 -1.10 1.68 -0.83
N TRP A 5 -1.61 0.61 -1.39
CA TRP A 5 -2.09 -0.54 -0.60
C TRP A 5 -0.95 -1.18 0.19
N ILE A 6 0.22 -1.30 -0.41
CA ILE A 6 1.40 -1.83 0.29
C ILE A 6 1.80 -0.86 1.43
N LYS A 7 1.72 0.44 1.18
CA LYS A 7 2.01 1.43 2.23
C LYS A 7 1.00 1.33 3.37
N THR A 8 -0.23 0.95 3.04
CA THR A 8 -1.29 0.79 4.03
C THR A 8 -0.95 -0.38 4.95
N LEU A 9 -0.42 -1.46 4.38
CA LEU A 9 -0.06 -2.64 5.15
C LEU A 9 1.13 -2.39 6.08
N LEU A 10 2.18 -1.75 5.57
CA LEU A 10 3.40 -1.54 6.36
C LEU A 10 3.18 -0.44 7.42
N NH2 A 11 2.27 0.49 7.16
HN1 NH2 A 11 1.75 0.47 6.29
HN2 NH2 A 11 2.10 1.22 7.82
UNK UNX B . 10.76 -14.70 -5.24
N DPV C . 22.14 1.30 -12.79
P DPV C . 17.92 4.25 -12.12
C1 DPV C . 16.04 3.04 -10.79
C2 DPV C . 15.23 1.75 -11.04
C3 DPV C . 14.44 1.27 -9.78
C4 DPV C . 20.16 2.88 -12.01
C5 DPV C . 20.64 1.43 -12.39
C6 DPV C . 23.10 1.73 -11.67
C7 DPV C . 22.46 2.10 -14.07
C8 DPV C . 22.44 -0.18 -13.09
C15 DPV C . 13.91 -0.19 -9.93
C16 DPV C . 15.03 -1.23 -9.66
C17 DPV C . 14.54 -2.69 -9.66
C18 DPV C . 15.75 -3.67 -9.53
C19 DPV C . 15.32 -5.14 -9.56
O1P DPV C . 18.13 5.19 -11.00
C20 DPV C . 16.57 -6.07 -9.48
C21 DPV C . 16.16 -7.54 -9.30
C22 DPV C . 17.40 -8.49 -9.25
C23 DPV C . 17.91 -8.87 -10.66
O2P DPV C . 18.19 4.89 -13.42
O3P DPV C . 16.54 3.49 -12.07
O4P DPV C . 18.71 2.86 -11.94
H1 DPV C . 15.39 3.83 -10.38
H1A DPV C . 16.88 2.83 -10.12
H2 DPV C . 14.50 1.94 -11.84
H2A DPV C . 15.91 0.98 -11.38
H3 DPV C . 13.61 1.94 -9.59
H3A DPV C . 15.08 1.33 -8.89
H4 DPV C . 20.55 3.17 -11.03
H4A DPV C . 20.46 3.58 -12.79
H5 DPV C . 20.46 0.76 -11.54
H5A DPV C . 20.05 1.07 -13.24
H6 DPV C . 22.87 1.17 -10.76
H6A DPV C . 22.97 2.80 -11.47
H6B DPV C . 24.13 1.53 -11.99
H7 DPV C . 23.49 1.94 -14.35
H7A DPV C . 22.29 3.16 -13.87
H7B DPV C . 21.78 1.78 -14.86
H8 DPV C . 21.78 -0.51 -13.89
H8A DPV C . 22.25 -0.77 -12.19
H8B DPV C . 23.48 -0.26 -13.41
H15 DPV C . 13.47 -0.33 -10.92
H15A DPV C . 13.10 -0.35 -9.21
H16 DPV C . 15.80 -1.12 -10.42
H16A DPV C . 15.50 -1.02 -8.69
H17 DPV C . 13.84 -2.83 -8.84
H17A DPV C . 14.00 -2.89 -10.56
H18 DPV C . 16.44 -3.47 -10.35
H18A DPV C . 16.28 -3.47 -8.60
H19 DPV C . 14.67 -5.35 -8.70
H19A DPV C . 14.76 -5.36 -10.46
H20 DPV C . 17.15 -5.96 -10.41
H20A DPV C . 17.21 -5.77 -8.66
H21 DPV C . 15.63 -7.65 -8.35
H21A DPV C . 15.47 -7.86 -10.09
H22 DPV C . 18.21 -8.05 -8.69
H22A DPV C . 17.12 -9.41 -8.74
H23 DPV C . 18.69 -9.64 -10.58
H23A DPV C . 18.34 -8.00 -11.16
H23B DPV C . 17.10 -9.26 -11.28
N DPV D . 22.36 2.78 -2.51
P DPV D . 24.93 0.11 0.12
C1 DPV D . 24.26 -2.25 0.96
C2 DPV D . 24.15 -2.90 2.37
C3 DPV D . 22.88 -3.77 2.56
C4 DPV D . 22.91 1.79 -0.11
C5 DPV D . 23.24 2.85 -1.22
C6 DPV D . 22.73 1.55 -3.37
C7 DPV D . 22.64 4.03 -3.35
C8 DPV D . 20.84 2.75 -2.21
C15 DPV D . 21.56 -2.95 2.74
C16 DPV D . 20.39 -3.87 3.21
C17 DPV D . 19.00 -3.21 3.01
C18 DPV D . 17.87 -4.17 3.49
C19 DPV D . 16.42 -3.73 3.11
O1P DPV D . 26.37 0.18 0.48
C20 DPV D . 16.08 -3.71 1.57
C21 DPV D . 16.23 -5.07 0.82
C22 DPV D . 17.54 -5.14 -0.02
C23 DPV D . 17.55 -6.38 -0.96
O2P DPV D . 24.74 -0.23 -1.31
O3P DPV D . 24.10 -0.82 1.09
O4P DPV D . 24.11 1.39 0.60
H1 DPV D . 25.27 -2.47 0.56
H1A DPV D . 23.51 -2.65 0.28
H2 DPV D . 25.02 -3.53 2.52
H2A DPV D . 24.18 -2.13 3.12
H3 DPV D . 23.02 -4.38 3.45
H3A DPV D . 22.78 -4.47 1.73
H4 DPV D . 22.19 2.21 0.59
H4A DPV D . 22.45 0.90 -0.56
H5 DPV D . 23.14 3.85 -0.80
H5A DPV D . 24.27 2.72 -1.54
H6 DPV D . 22.50 0.65 -2.82
H6A DPV D . 23.80 1.58 -3.59
H6B DPV D . 22.15 1.58 -4.29
H7 DPV D . 22.31 4.91 -2.77
H7A DPV D . 22.08 3.98 -4.28
H7B DPV D . 23.71 4.10 -3.54
H8 DPV D . 20.29 2.82 -3.15
H8A DPV D . 20.59 3.58 -1.55
H8B DPV D . 20.60 1.80 -1.72
H15 DPV D . 21.30 -2.49 1.78
H15A DPV D . 21.71 -2.14 3.47
H16 DPV D . 20.41 -4.80 2.64
H16A DPV D . 20.53 -4.12 4.27
H17 DPV D . 18.95 -2.27 3.58
H17A DPV D . 18.85 -2.97 1.96
H18 DPV D . 18.06 -5.17 3.10
H18A DPV D . 17.93 -4.25 4.58
H19 DPV D . 15.70 -4.40 3.61
H19A DPV D . 16.22 -2.74 3.52
H20 DPV D . 15.03 -3.39 1.48
H20A DPV D . 16.67 -2.92 1.09
H21 DPV D . 16.19 -5.90 1.53
H21A DPV D . 15.37 -5.20 0.16
H22 DPV D . 17.64 -4.25 -0.62
H22A DPV D . 18.40 -5.21 0.64
H23 DPV D . 17.42 -7.30 -0.39
H23A DPV D . 18.49 -6.45 -1.50
H23B DPV D . 16.75 -6.32 -1.68
N DPV E . 29.83 -16.41 5.51
P DPV E . 31.45 -15.35 0.95
C1 DPV E . 32.66 -13.09 0.54
C2 DPV E . 32.29 -11.63 0.24
C3 DPV E . 33.55 -10.82 -0.21
C4 DPV E . 29.98 -15.16 3.17
C5 DPV E . 29.98 -16.52 3.94
C6 DPV E . 28.50 -15.77 5.92
C7 DPV E . 30.98 -15.61 6.15
C8 DPV E . 29.82 -17.83 6.08
C15 DPV E . 33.18 -9.50 -0.97
C16 DPV E . 32.58 -8.36 -0.05
C17 DPV E . 31.02 -8.37 0.12
C18 DPV E . 30.26 -8.00 -1.18
C19 DPV E . 28.72 -8.23 -1.06
O1P DPV E . 31.35 -15.81 -0.44
C20 DPV E . 28.33 -9.73 -1.13
C21 DPV E . 26.80 -9.93 -0.99
C22 DPV E . 26.43 -11.43 -1.12
C23 DPV E . 24.91 -11.63 -0.96
O2P DPV E . 32.53 -16.04 1.69
O3P DPV E . 31.49 -13.77 1.07
O4P DPV E . 30.03 -15.38 1.73
H1 DPV E . 32.95 -13.58 -0.40
H1A DPV E . 33.49 -13.16 1.26
H2 DPV E . 31.53 -11.61 -0.54
H2A DPV E . 31.86 -11.18 1.14
H3 DPV E . 34.16 -11.43 -0.87
H3A DPV E . 34.16 -10.59 0.67
H4 DPV E . 29.05 -14.61 3.37
H4A DPV E . 30.83 -14.56 3.47
H5 DPV E . 29.15 -17.14 3.58
H5A DPV E . 30.92 -17.07 3.75
H6 DPV E . 28.41 -15.80 7.01
H6A DPV E . 27.68 -16.33 5.46
H6B DPV E . 28.48 -14.72 5.57
H7 DPV E . 30.95 -14.57 5.79
H7A DPV E . 31.93 -16.09 5.87
H7B DPV E . 30.85 -15.64 7.24
H8 DPV E . 30.78 -18.28 5.86
H8A DPV E . 29.01 -18.39 5.64
H8B DPV E . 29.69 -17.76 7.17
H15 DPV E . 32.51 -9.73 -1.79
H15A DPV E . 34.10 -9.10 -1.42
H16 DPV E . 33.04 -8.43 0.94
H16A DPV E . 32.86 -7.38 -0.48
H17 DPV E . 30.70 -9.34 0.49
H17A DPV E . 30.76 -7.63 0.88
H18 DPV E . 30.46 -6.96 -1.41
H18A DPV E . 30.63 -8.58 -2.03
H19 DPV E . 28.33 -7.81 -0.13
H19A DPV E . 28.21 -7.71 -1.89
H20 DPV E . 28.69 -10.16 -2.08
H20A DPV E . 28.83 -10.30 -0.33
H21 DPV E . 26.50 -9.56 -0.02
H21A DPV E . 26.30 -9.34 -1.76
H22 DPV E . 26.74 -11.83 -2.09
H22A DPV E . 26.95 -12.01 -0.33
H23 DPV E . 24.37 -11.06 -1.71
H23A DPV E . 24.58 -11.32 0.03
H23B DPV E . 24.66 -12.68 -1.07
N DPV F . 31.69 -19.98 1.38
P DPV F . 27.99 -21.17 4.83
C1 DPV F . 26.05 -20.25 6.32
C2 DPV F . 26.42 -19.15 7.35
C3 DPV F . 25.43 -19.08 8.55
C4 DPV F . 29.90 -20.56 3.21
C5 DPV F . 30.25 -19.73 1.94
C6 DPV F . 31.92 -21.47 1.01
C7 DPV F . 32.79 -19.54 2.37
C8 DPV F . 31.86 -19.15 0.12
C15 DPV F . 24.13 -18.27 8.22
C16 DPV F . 23.17 -18.20 9.44
C17 DPV F . 21.84 -17.48 9.12
C18 DPV F . 20.80 -17.74 10.25
C19 DPV F . 19.41 -17.12 9.91
O1P DPV F . 28.97 -21.36 5.95
C20 DPV F . 18.34 -17.50 10.98
C21 DPV F . 16.96 -16.86 10.65
C22 DPV F . 15.92 -17.19 11.73
C23 DPV F . 14.53 -16.56 11.43
O2P DPV F . 27.42 -22.45 4.36
O3P DPV F . 26.89 -20.07 5.14
O4P DPV F . 28.57 -20.27 3.64
H1 DPV F . 26.21 -21.25 6.74
H1A DPV F . 25.01 -20.16 6.03
H2 DPV F . 27.42 -19.37 7.74
H2A DPV F . 26.47 -18.19 6.86
H3 DPV F . 25.94 -18.62 9.39
H3A DPV F . 25.16 -20.08 8.86
H4 DPV F . 29.97 -21.63 3.00
H4A DPV F . 30.59 -20.32 4.02
H5 DPV F . 29.54 -20.00 1.14
H5A DPV F . 30.16 -18.66 2.15
H6 DPV F . 31.89 -22.08 1.92
H6A DPV F . 32.89 -21.58 0.52
H6B DPV F . 31.13 -21.78 0.31
H7 DPV F . 33.78 -19.74 1.92
H7A DPV F . 32.70 -20.13 3.29
H7B DPV F . 32.68 -18.48 2.57
H8 DPV F . 31.09 -19.43 -0.60
H8A DPV F . 32.85 -19.35 -0.30
H8B DPV F . 31.76 -18.10 0.37
H15 DPV F . 23.63 -18.74 7.38
H15A DPV F . 24.39 -17.25 7.90
H16 DPV F . 22.96 -19.24 9.74
H16A DPV F . 23.68 -17.70 10.28
H17 DPV F . 21.99 -16.41 8.99
H17A DPV F . 21.44 -17.87 8.17
H18 DPV F . 20.67 -18.82 10.40
H18A DPV F . 21.16 -17.32 11.20
H19 DPV F . 19.52 -16.03 9.85
H19A DPV F . 19.08 -17.48 8.93
H20 DPV F . 18.22 -18.58 11.05
H20A DPV F . 18.67 -17.15 11.96
H21 DPV F . 17.07 -15.78 10.58
H21A DPV F . 16.62 -17.22 9.67
H22 DPV F . 15.83 -18.27 11.83
H22A DPV F . 16.27 -16.82 12.69
H23 DPV F . 14.58 -15.48 11.42
H23A DPV F . 13.81 -16.85 12.20
H23B DPV F . 14.15 -16.91 10.46
N DPV G . 23.53 -20.65 13.03
P DPV G . 24.45 -23.40 9.17
C1 DPV G . 22.32 -22.36 8.08
C2 DPV G . 21.20 -21.36 8.44
C3 DPV G . 19.91 -21.62 7.62
C4 DPV G . 24.88 -22.41 11.58
C5 DPV G . 24.56 -20.91 11.88
C6 DPV G . 22.13 -21.19 12.66
C7 DPV G . 23.99 -21.24 14.36
C8 DPV G . 23.42 -19.12 13.19
C15 DPV G . 18.71 -20.79 8.19
C16 DPV G . 17.36 -21.06 7.47
C17 DPV G . 16.81 -22.51 7.71
C18 DPV G . 15.35 -22.71 7.24
C19 DPV G . 15.20 -22.75 5.70
O1P DPV G . 25.12 -23.59 7.88
C20 DPV G . 13.72 -22.90 5.22
C21 DPV G . 12.88 -21.59 5.38
C22 DPV G . 11.45 -21.75 4.78
C23 DPV G . 10.54 -20.57 5.16
O2P DPV G . 23.99 -24.68 9.76
O3P DPV G . 23.31 -22.28 9.12
O4P DPV G . 25.29 -22.50 10.20
H1 DPV G . 21.93 -23.37 8.06
H1A DPV G . 22.78 -22.12 7.12
H2 DPV G . 20.98 -21.46 9.51
H2A DPV G . 21.54 -20.35 8.27
H3 DPV G . 19.66 -22.69 7.64
H3A DPV G . 20.08 -21.35 6.58
H4 DPV G . 25.70 -22.78 12.21
H4A DPV G . 23.98 -23.02 11.73
H5 DPV G . 25.48 -20.40 12.16
H5A DPV G . 24.19 -20.45 10.98
H6 DPV G . 22.17 -22.29 12.65
H6A DPV G . 21.85 -20.82 11.67
H6B DPV G . 21.40 -20.86 13.41
H7 DPV G . 24.03 -22.32 14.27
H7A DPV G . 23.26 -20.98 15.14
H7B DPV G . 24.98 -20.84 14.61
H8 DPV G . 23.09 -18.68 12.26
H8A DPV G . 24.40 -18.75 13.46
H8B DPV G . 22.70 -18.90 13.98
H15 DPV G . 18.94 -19.72 8.10
H15A DPV G . 18.61 -21.01 9.26
H16 DPV G . 16.62 -20.35 7.86
H16A DPV G . 17.46 -20.87 6.41
H17 DPV G . 17.44 -23.22 7.20
H17A DPV G . 16.87 -22.74 8.78
H18 DPV G . 14.99 -23.65 7.67
H18A DPV G . 14.71 -21.93 7.67
H19 DPV G . 15.63 -21.85 5.24
H19A DPV G . 15.76 -23.60 5.32
H20 DPV G . 13.73 -23.18 4.18
H20A DPV G . 13.24 -23.70 5.77
H21 DPV G . 12.80 -21.35 6.44
H21A DPV G . 13.40 -20.76 4.90
H22 DPV G . 11.52 -21.81 3.69
H22A DPV G . 10.98 -22.67 5.13
H23 DPV G . 10.93 -19.65 4.76
H23A DPV G . 10.47 -20.49 6.25
H23B DPV G . 9.54 -20.72 4.75
N DPV H . 15.46 -31.12 5.31
P DPV H . 17.92 -29.34 9.60
C1 DPV H . 17.99 -26.84 8.89
C2 DPV H . 19.00 -25.70 8.59
C3 DPV H . 20.08 -25.49 9.69
C4 DPV H . 16.50 -30.06 7.51
C5 DPV H . 16.71 -30.91 6.21
C6 DPV H . 14.38 -31.95 6.02
C7 DPV H . 15.94 -31.90 4.07
C8 DPV H . 14.85 -29.80 4.82
C15 DPV H . 19.56 -24.99 11.08
C16 DPV H . 18.80 -23.64 11.01
C17 DPV H . 18.56 -23.01 12.42
C18 DPV H . 17.49 -21.88 12.38
C19 DPV H . 16.04 -22.44 12.56
O1P DPV H . 16.62 -28.99 10.24
C20 DPV H . 14.92 -21.40 12.32
C21 DPV H . 14.61 -21.19 10.81
C22 DPV H . 13.36 -20.28 10.61
C23 DPV H . 13.06 -20.02 9.13
O2P DPV H . 18.77 -30.14 10.50
O3P DPV H . 18.69 -28.09 8.97
O4P DPV H . 17.79 -29.98 8.14
H1 DPV H . 17.48 -26.64 9.83
H1A DPV H . 17.24 -26.90 8.09
H2 DPV H . 19.48 -25.92 7.64
H2A DPV H . 18.46 -24.77 8.44
H3 DPV H . 20.83 -24.79 9.33
H3A DPV H . 20.60 -26.43 9.85
H4 DPV H . 16.16 -29.06 7.26
H4A DPV H . 15.78 -30.56 8.18
H5 DPV H . 17.46 -30.43 5.58
H5A DPV H . 17.06 -31.90 6.48
H6 DPV H . 13.56 -32.13 5.31
H6A DPV H . 14.00 -31.41 6.89
H6B DPV H . 14.80 -32.91 6.34
H7 DPV H . 16.34 -32.87 4.38
H7A DPV H . 16.73 -31.33 3.58
H7B DPV H . 15.09 -32.05 3.39
H8 DPV H . 15.60 -29.23 4.28
H8A DPV H . 14.50 -29.23 5.69
H8B DPV H . 14.00 -30.03 4.16
H15 DPV H . 20.41 -24.90 11.74
H15A DPV H . 18.90 -25.76 11.51
H16 DPV H . 19.38 -22.93 10.41
H16A DPV H . 17.85 -23.80 10.51
H17 DPV H . 18.24 -23.80 13.12
H17A DPV H . 19.51 -22.62 12.80
H18 DPV H . 17.70 -21.18 13.19
H18A DPV H . 17.57 -21.32 11.45
H19 DPV H . 15.88 -23.30 11.90
H19A DPV H . 15.97 -22.83 13.58
H20 DPV H . 14.02 -21.74 12.81
H20A DPV H . 15.18 -20.44 12.79
H21 DPV H . 15.48 -20.73 10.34
H21A DPV H . 14.43 -22.15 10.33
H22 DPV H . 12.50 -20.75 11.07
H22A DPV H . 13.53 -19.33 11.12
H23 DPV H . 12.80 -20.94 8.62
H23A DPV H . 13.92 -19.55 8.63
H23B DPV H . 12.21 -19.32 9.04
N DPV I . 8.15 -38.06 -0.18
P DPV I . 11.56 -35.64 1.24
C1 DPV I . 14.02 -36.51 0.98
C2 DPV I . 15.33 -36.00 0.33
C3 DPV I . 15.72 -34.59 0.89
C4 DPV I . 10.47 -38.02 1.18
C5 DPV I . 9.45 -38.84 0.29
C6 DPV I . 8.46 -37.15 -1.37
C7 DPV I . 7.13 -39.10 -0.63
C8 DPV I . 7.51 -37.21 0.95
C15 DPV I . 17.04 -34.10 0.26
C16 DPV I . 17.36 -32.61 0.60
C17 DPV I . 18.42 -32.04 -0.39
C18 DPV I . 18.84 -30.57 -0.11
C19 DPV I . 17.77 -29.50 -0.50
O1P DPV I . 11.72 -35.87 2.70
C20 DPV I . 16.86 -29.09 0.69
C21 DPV I . 15.94 -27.90 0.35
C22 DPV I . 14.95 -27.67 1.50
C23 DPV I . 14.23 -26.33 1.36
O2P DPV I . 10.80 -34.40 0.97
O3P DPV I . 12.92 -35.74 0.42
O4P DPV I . 11.00 -36.91 0.45
H1 DPV I . 13.87 -37.57 0.74
H1A DPV I . 14.06 -36.37 2.06
H2 DPV I . 16.11 -36.72 0.53
H2A DPV I . 15.19 -35.95 -0.75
H3 DPV I . 15.82 -34.66 1.97
H3A DPV I . 14.91 -33.88 0.70
H4 DPV I . 9.98 -37.67 2.09
H4A DPV I . 11.30 -38.66 1.49
H5 DPV I . 9.95 -39.19 -0.61
H5A DPV I . 9.11 -39.70 0.86
H6 DPV I . 8.88 -37.78 -2.18
H6A DPV I . 9.20 -36.40 -1.06
H6B DPV I . 7.55 -36.65 -1.70
H7 DPV I . 7.57 -39.71 -1.40
H7A DPV I . 6.24 -38.59 -1.00
H7B DPV I . 6.88 -39.72 0.24
H8 DPV I . 8.18 -36.39 1.20
H8A DPV I . 7.33 -37.86 1.82
H8B DPV I . 6.56 -36.80 0.59
H15 DPV I . 16.98 -34.21 -0.83
H15A DPV I . 17.87 -34.74 0.60
H16 DPV I . 16.45 -32.03 0.54
H16A DPV I . 17.73 -32.54 1.62
H17 DPV I . 19.31 -32.67 -0.36
H17A DPV I . 18.03 -32.11 -1.42
H18 DPV I . 19.12 -30.46 0.94
H18A DPV I . 19.72 -30.36 -0.68
H19 DPV I . 18.30 -28.61 -0.86
H19A DPV I . 17.16 -29.86 -1.33
H20 DPV I . 16.27 -29.95 1.01
H20A DPV I . 17.49 -28.82 1.55
H21 DPV I . 16.56 -27.01 0.20
H21A DPV I . 15.39 -28.10 -0.58
H22 DPV I . 14.21 -28.49 1.54
H22A DPV I . 15.48 -27.67 2.46
H23 DPV I . 13.49 -26.26 2.14
H23A DPV I . 13.73 -26.25 0.39
H23B DPV I . 14.92 -25.49 1.45
N DPV J . 3.95 -36.15 -6.55
P DPV J . 0.57 -33.41 -3.64
C1 DPV J . 1.63 -32.74 -1.37
C2 DPV J . 2.96 -32.33 -0.73
C3 DPV J . 2.82 -32.28 0.82
C4 DPV J . 2.31 -34.86 -4.93
C5 DPV J . 2.85 -35.04 -6.38
C6 DPV J . 3.45 -37.52 -6.07
C7 DPV J . 4.28 -36.25 -8.04
C8 DPV J . 5.24 -35.79 -5.80
C15 DPV J . 4.04 -31.63 1.54
C16 DPV J . 4.13 -30.08 1.37
C17 DPV J . 3.03 -29.29 2.16
C18 DPV J . 3.01 -27.77 1.78
C19 DPV J . 2.02 -26.99 2.66
O1P DPV J . -0.03 -34.64 -3.09
C20 DPV J . 1.89 -25.51 2.21
C21 DPV J . 1.20 -24.64 3.29
C22 DPV J . 1.04 -23.17 2.81
C23 DPV J . 0.55 -22.25 3.93
O2P DPV J . -0.45 -32.36 -3.89
O3P DPV J . 1.82 -32.90 -2.79
O4P DPV J . 1.51 -33.67 -4.89
H1 DPV J . 1.27 -33.68 -0.95
H1A DPV J . 0.89 -31.96 -1.20
H2 DPV J . 3.74 -33.03 -1.03
H2A DPV J . 3.25 -31.35 -1.12
H3 DPV J . 2.71 -33.30 1.19
H3A DPV J . 1.91 -31.75 1.09
H4 DPV J . 1.68 -35.71 -4.66
H4A DPV J . 3.13 -34.75 -4.22
H5 DPV J . 2.04 -35.30 -7.04
H5A DPV J . 3.30 -34.10 -6.72
H6 DPV J . 4.20 -38.29 -6.29
H6A DPV J . 2.50 -37.77 -6.57
H6B DPV J . 3.29 -37.50 -4.99
H7 DPV J . 3.36 -36.45 -8.61
H7A DPV J . 4.98 -37.06 -8.19
H7B DPV J . 4.73 -35.31 -8.38
H8 DPV J . 5.58 -34.80 -6.12
H8A DPV J . 6.01 -36.55 -6.02
H8B DPV J . 5.03 -35.79 -4.72
H15 DPV J . 4.95 -32.09 1.16
H15A DPV J . 3.98 -31.88 2.60
H16 DPV J . 5.10 -29.74 1.72
H16A DPV J . 4.06 -29.80 0.31
H17 DPV J . 2.06 -29.71 1.96
H17A DPV J . 3.22 -29.40 3.23
H18 DPV J . 4.02 -27.37 1.90
H18A DPV J . 2.74 -27.68 0.73
H19 DPV J . 1.02 -27.45 2.62
H19A DPV J . 2.35 -27.00 3.70
H20 DPV J . 2.89 -25.10 2.01
H20A DPV J . 1.31 -25.45 1.27
H21 DPV J . 0.22 -25.06 3.56
H21A DPV J . 1.82 -24.66 4.21
H22 DPV J . 2.00 -22.81 2.44
H22A DPV J . 0.34 -23.13 1.98
H23 DPV J . 1.30 -22.19 4.72
H23A DPV J . -0.40 -22.61 4.35
H23B DPV J . 0.37 -21.23 3.54
N DPV K . 3.56 -32.58 -17.70
P DPV K . 6.60 -29.45 -19.43
C1 DPV K . 7.77 -27.22 -20.06
C2 DPV K . 7.91 -25.74 -19.61
C3 DPV K . 8.59 -25.57 -18.23
C4 DPV K . 4.72 -30.19 -17.70
C5 DPV K . 4.87 -31.75 -17.91
C6 DPV K . 2.37 -32.07 -18.55
C7 DPV K . 3.16 -32.62 -16.23
C8 DPV K . 3.86 -34.01 -18.15
C15 DPV K . 10.14 -25.80 -18.28
C16 DPV K . 10.72 -26.18 -16.89
C17 DPV K . 10.47 -27.69 -16.56
C18 DPV K . 10.61 -27.99 -15.03
C19 DPV K . 10.05 -29.39 -14.63
O1P DPV K . 5.62 -29.74 -20.51
C20 DPV K . 8.51 -29.50 -14.70
C21 DPV K . 7.97 -30.78 -14.00
C22 DPV K . 6.43 -30.93 -14.19
C23 DPV K . 5.62 -29.99 -13.27
O2P DPV K . 7.85 -30.22 -19.62
O3P DPV K . 6.82 -27.89 -19.21
O4P DPV K . 6.00 -29.55 -17.95
H1 DPV K . 7.42 -27.28 -21.09
H1A DPV K . 8.74 -27.72 -19.98
H2 DPV K . 8.46 -25.19 -20.36
H2A DPV K . 6.90 -25.31 -19.55
H3 DPV K . 8.13 -26.28 -17.53
H3A DPV K . 8.37 -24.55 -17.85
H4 DPV K . 3.98 -29.77 -18.37
H4A DPV K . 4.43 -29.97 -16.67
H5 DPV K . 5.20 -31.92 -18.93
H5A DPV K . 5.62 -32.14 -17.24
H6 DPV K . 2.69 -32.09 -19.60
H6A DPV K . 2.12 -31.05 -18.26
H6B DPV K . 1.52 -32.73 -18.40
H7 DPV K . 2.31 -33.29 -16.12
H7A DPV K . 2.87 -31.60 -15.92
H7B DPV K . 4.01 -32.96 -15.63
H8 DPV K . 4.12 -34.01 -19.22
H8A DPV K . 2.97 -34.61 -17.99
H8B DPV K . 4.69 -34.40 -17.55
H15 DPV K . 10.61 -24.85 -18.60
H15A DPV K . 10.41 -26.56 -19.01
H16 DPV K . 11.79 -25.98 -16.89
H16A DPV K . 10.28 -25.54 -16.10
H17 DPV K . 9.48 -27.99 -16.92
H17A DPV K . 11.21 -28.28 -17.11
H18 DPV K . 11.66 -27.93 -14.75
H18A DPV K . 10.08 -27.20 -14.47
H19 DPV K . 10.51 -30.16 -15.26
H19A DPV K . 10.37 -29.60 -13.60
H20 DPV K . 8.06 -28.63 -14.22
H20A DPV K . 8.19 -29.47 -15.75
H21 DPV K . 8.48 -31.65 -14.44
H21A DPV K . 8.24 -30.75 -12.95
H22 DPV K . 6.17 -30.76 -15.23
H22A DPV K . 6.16 -31.97 -13.96
H23 DPV K . 5.88 -28.95 -13.45
H23A DPV K . 5.81 -30.22 -12.22
H23B DPV K . 4.56 -30.10 -13.46
N DPV L . 3.30 -26.73 -21.26
P DPV L . -0.04 -23.35 -22.20
C1 DPV L . -2.13 -24.90 -22.67
C2 DPV L . -1.77 -26.42 -22.60
C3 DPV L . -2.07 -27.04 -21.20
C4 DPV L . 1.26 -25.15 -20.69
C5 DPV L . 2.66 -25.30 -21.37
C6 DPV L . 3.56 -27.13 -19.80
C7 DPV L . 4.64 -26.71 -21.98
C8 DPV L . 2.44 -27.82 -21.95
C15 DPV L . -1.45 -28.45 -21.02
C16 DPV L . -1.33 -28.89 -19.52
C17 DPV L . -0.04 -28.34 -18.83
C18 DPV L . 0.12 -28.88 -17.39
C19 DPV L . 1.35 -28.22 -16.66
O1P DPV L . 0.58 -23.89 -23.45
C20 DPV L . 1.60 -28.81 -15.23
C21 DPV L . 0.58 -28.33 -14.13
C22 DPV L . 0.82 -26.85 -13.67
C23 DPV L . -0.21 -26.42 -12.60
O2P DPV L . -0.28 -21.89 -22.29
O3P DPV L . -1.32 -24.18 -21.68
O4P DPV L . 0.76 -23.79 -20.86
H1 DPV L . -1.93 -24.51 -23.66
H1A DPV L . -3.18 -24.77 -22.42
H2 DPV L . -2.37 -26.97 -23.35
H2A DPV L . -0.72 -26.57 -22.85
H3 DPV L . -3.16 -27.09 -21.04
H3A DPV L . -1.67 -26.37 -20.43
H4 DPV L . 0.54 -25.84 -21.11
H4A DPV L . 1.36 -25.34 -19.62
H5 DPV L . 2.57 -25.07 -22.43
H5A DPV L . 3.36 -24.60 -20.92
H6 DPV L . 4.27 -26.42 -19.38
H6A DPV L . 3.99 -28.14 -19.77
H6B DPV L . 2.63 -27.10 -19.25
H7 DPV L . 5.29 -25.97 -21.51
H7A DPV L . 4.47 -26.42 -23.02
H7B DPV L . 5.10 -27.69 -21.91
H8 DPV L . 1.49 -27.90 -21.44
H8A DPV L . 2.98 -28.76 -21.88
H8B DPV L . 2.29 -27.55 -23.00
H15 DPV L . -0.48 -28.53 -21.51
H15A DPV L . -2.10 -29.18 -21.53
H16 DPV L . -2.21 -28.57 -18.96
H16A DPV L . -1.29 -29.97 -19.47
H17 DPV L . 0.83 -28.61 -19.42
H17A DPV L . -0.09 -27.24 -18.83
H18 DPV L . -0.79 -28.66 -16.81
H18A DPV L . 0.26 -29.96 -17.42
H19 DPV L . 2.23 -28.39 -17.27
H19A DPV L . 1.21 -27.14 -16.58
H20 DPV L . 1.58 -29.89 -15.29
H20A DPV L . 2.62 -28.54 -14.91
H21 DPV L . -0.43 -28.46 -14.52
H21A DPV L . 0.67 -28.97 -13.26
H22 DPV L . 1.82 -26.77 -13.26
H22A DPV L . 0.75 -26.18 -14.51
H23 DPV L . -0.02 -25.40 -12.26
H23A DPV L . -0.19 -27.08 -11.73
H23B DPV L . -1.22 -26.43 -13.01
N DPV M . -4.77 -8.23 -16.28
P DPV M . -5.21 -11.84 -20.11
C1 DPV M . -6.50 -13.87 -19.10
C2 DPV M . -7.19 -14.18 -17.76
C3 DPV M . -6.98 -15.66 -17.34
C4 DPV M . -4.91 -10.18 -18.07
C5 DPV M . -5.41 -8.76 -17.62
C6 DPV M . -3.24 -8.07 -16.37
C7 DPV M . -5.11 -9.14 -15.08
C8 DPV M . -5.37 -6.86 -16.01
C15 DPV M . -7.55 -15.93 -15.93
C16 DPV M . -7.24 -17.38 -15.43
C17 DPV M . -7.74 -17.59 -13.98
C18 DPV M . -7.33 -18.99 -13.41
C19 DPV M . -7.91 -19.24 -11.98
O1P DPV M . -5.54 -11.84 -21.54
C20 DPV M . -7.13 -18.47 -10.86
C21 DPV M . -7.78 -18.71 -9.45
C22 DPV M . -7.07 -17.93 -8.30
C23 DPV M . -5.76 -18.59 -7.83
O2P DPV M . -3.89 -12.45 -19.85
O3P DPV M . -6.37 -12.43 -19.19
O4P DPV M . -5.40 -10.41 -19.42
H1 DPV M . -5.50 -14.31 -19.11
H1A DPV M . -7.09 -14.24 -19.95
H2 DPV M . -6.78 -13.51 -16.99
H2A DPV M . -8.26 -13.96 -17.83
H3 DPV M . -5.91 -15.89 -17.33
H3A DPV M . -7.47 -16.32 -18.07
H4 DPV M . -3.83 -10.21 -18.09
H4A DPV M . -5.32 -10.95 -17.40
H5 DPV M . -5.17 -8.02 -18.38
H5A DPV M . -6.49 -8.79 -17.46
H6 DPV M . -2.89 -7.57 -15.46
H6A DPV M . -3.00 -7.45 -17.24
H6B DPV M . -2.76 -9.05 -16.48
H7 DPV M . -4.70 -10.14 -15.27
H7A DPV M . -6.19 -9.18 -14.97
H7B DPV M . -4.66 -8.70 -14.20
H8 DPV M . -4.88 -6.44 -15.14
H8A DPV M . -6.45 -6.96 -15.84
H8B DPV M . -5.19 -6.21 -16.88
H15 DPV M . -8.64 -15.78 -15.95
H15A DPV M . -7.14 -15.22 -15.22
H16 DPV M . -7.72 -18.09 -16.09
H16A DPV M . -6.16 -17.57 -15.48
H17 DPV M . -7.34 -16.81 -13.34
H17A DPV M . -8.82 -17.50 -13.97
H18 DPV M . -7.71 -19.77 -14.07
H18A DPV M . -6.24 -19.08 -13.39
H19 DPV M . -8.97 -18.98 -11.95
H19A DPV M . -7.84 -20.31 -11.78
H20 DPV M . -6.09 -18.81 -10.84
H20A DPV M . -7.12 -17.40 -11.08
H21 DPV M . -8.82 -18.39 -9.49
H21A DPV M . -7.78 -19.77 -9.22
H22 DPV M . -6.88 -16.91 -8.62
H22A DPV M . -7.76 -17.86 -7.45
H23 DPV M . -5.34 -18.06 -6.96
H23A DPV M . -5.02 -18.57 -8.64
H23B DPV M . -5.92 -19.64 -7.55
N DPV N . -3.88 -8.25 -22.40
P DPV N . -3.52 -4.65 -18.67
C1 DPV N . -2.53 -3.88 -16.38
C2 DPV N . -1.44 -4.26 -15.34
C3 DPV N . -1.01 -3.00 -14.51
C4 DPV N . -3.95 -6.49 -20.43
C5 DPV N . -3.30 -7.78 -21.00
C6 DPV N . -3.16 -9.57 -22.76
C7 DPV N . -3.61 -7.24 -23.52
C8 DPV N . -5.40 -8.57 -22.32
C15 DPV N . 0.12 -3.33 -13.49
C16 DPV N . 1.52 -3.58 -14.13
C17 DPV N . 2.50 -4.28 -13.15
C18 DPV N . 3.90 -4.52 -13.80
C19 DPV N . 4.74 -5.51 -12.95
O1P DPV N . -2.92 -3.64 -19.56
C20 DPV N . 6.17 -5.72 -13.55
C21 DPV N . 6.86 -6.98 -12.93
C22 DPV N . 8.33 -7.09 -13.37
C23 DPV N . 9.01 -8.33 -12.74
O2P DPV N . -4.94 -4.33 -18.37
O3P DPV N . -2.65 -4.94 -17.36
O4P DPV N . -3.32 -6.13 -19.19
H1 DPV N . -3.50 -3.75 -15.87
H1A DPV N . -2.27 -2.96 -16.89
H2 DPV N . -1.82 -5.03 -14.69
H2A DPV N . -0.59 -4.68 -15.88
H3 DPV N . -1.88 -2.63 -13.95
H3A DPV N . -0.67 -2.20 -15.17
H4 DPV N . -3.83 -5.66 -21.15
H4A DPV N . -5.03 -6.67 -20.23
H5 DPV N . -2.24 -7.61 -21.13
H5A DPV N . -3.45 -8.60 -20.30
H6 DPV N . -3.35 -10.32 -21.97
H6A DPV N . -2.08 -9.38 -22.83
H6B DPV N . -3.54 -9.94 -23.73
H7 DPV N . -4.13 -6.31 -23.29
H7A DPV N . -3.98 -7.64 -24.45
H7B DPV N . -2.52 -7.05 -23.58
H8 DPV N . -5.94 -7.62 -22.15
H8A DPV N . -5.59 -9.24 -21.50
H8B DPV N . -5.72 -9.03 -23.26
H15 DPV N . -0.19 -4.22 -12.93
H15A DPV N . 0.21 -2.50 -12.77
H16 DPV N . 1.41 -4.22 -15.01
H16A DPV N . 1.93 -2.62 -14.47
H17 DPV N . 2.60 -3.67 -12.25
H17A DPV N . 2.08 -5.24 -12.83
H18 DPV N . 3.79 -4.93 -14.81
H18A DPV N . 4.43 -3.57 -13.87
H19 DPV N . 4.84 -5.12 -11.93
H19A DPV N . 4.22 -6.47 -12.88
H20 DPV N . 6.10 -5.85 -14.64
H20A DPV N . 6.76 -4.85 -13.36
H21 DPV N . 6.83 -6.91 -11.85
H21A DPV N . 6.31 -7.88 -13.23
H22 DPV N . 8.41 -7.14 -14.46
H22A DPV N . 8.88 -6.20 -13.06
H23 DPV N . 8.59 -9.24 -13.15
H23A DPV N . 8.89 -8.33 -11.64
H23B DPV N . 10.08 -8.31 -12.97
N DPV O . 3.00 -7.77 -26.06
P DPV O . 3.36 -4.43 -23.14
C1 DPV O . 4.56 -4.10 -20.85
C2 DPV O . 4.61 -4.65 -19.39
C3 DPV O . 5.29 -6.06 -19.31
C4 DPV O . 3.60 -7.01 -23.56
C5 DPV O . 2.95 -8.07 -24.51
C6 DPV O . 2.19 -6.52 -26.44
C7 DPV O . 2.38 -8.96 -26.80
C8 DPV O . 4.45 -7.62 -26.55
C15 DPV O . 5.25 -6.63 -17.86
C16 DPV O . 6.25 -7.80 -17.68
C17 DPV O . 5.88 -8.70 -16.45
C18 DPV O . 6.99 -9.76 -16.15
C19 DPV O . 6.51 -10.84 -15.13
O1P DPV O . 4.59 -4.17 -23.90
C20 DPV O . 5.71 -11.99 -15.81
C21 DPV O . 4.99 -12.89 -14.78
C22 DPV O . 4.29 -14.12 -15.43
C23 DPV O . 2.94 -13.78 -16.08
O2P DPV O . 2.39 -3.33 -23.29
O3P DPV O . 3.61 -4.85 -21.62
O4P DPV O . 2.72 -5.86 -23.44
H1 DPV O . 4.24 -3.06 -20.83
H1A DPV O . 5.54 -4.18 -21.32
H2 DPV O . 5.15 -3.95 -18.76
H2A DPV O . 3.60 -4.71 -19.01
H3 DPV O . 6.33 -5.98 -19.64
H3A DPV O . 4.77 -6.74 -19.98
H4 DPV O . 3.73 -7.45 -22.57
H4A DPV O . 4.58 -6.70 -23.95
H5 DPV O . 3.43 -9.04 -24.37
H5A DPV O . 1.89 -8.18 -24.24
H6 DPV O . 2.18 -6.42 -27.52
H6A DPV O . 2.68 -5.66 -25.98
H6B DPV O . 1.17 -6.63 -26.06
H7 DPV O . 2.98 -9.86 -26.60
H7A DPV O . 2.35 -8.74 -27.88
H7B DPV O . 1.36 -9.10 -26.42
H8 DPV O . 4.89 -6.74 -26.09
H8A DPV O . 4.44 -7.49 -27.64
H8B DPV O . 5.00 -8.51 -26.27
H15 DPV O . 4.24 -6.98 -17.66
H15A DPV O . 5.48 -5.85 -17.14
H16 DPV O . 6.25 -8.43 -18.57
H16A DPV O . 7.25 -7.38 -17.57
H17 DPV O . 5.74 -8.08 -15.58
H17A DPV O . 4.93 -9.19 -16.65
H18 DPV O . 7.31 -10.24 -17.08
H18A DPV O . 7.85 -9.25 -15.74
H19 DPV O . 7.39 -11.27 -14.65
H19A DPV O . 5.91 -10.37 -14.34
H20 DPV O . 4.97 -11.56 -16.50
H20A DPV O . 6.40 -12.59 -16.42
H21 DPV O . 5.74 -13.26 -14.05
H21A DPV O . 4.25 -12.32 -14.22
H22 DPV O . 4.96 -14.59 -16.17
H22A DPV O . 4.12 -14.87 -14.65
H23 DPV O . 3.05 -13.06 -16.88
H23A DPV O . 2.24 -13.38 -15.34
H23B DPV O . 2.49 -14.68 -16.50
N DPV P . 12.29 -1.51 -23.36
P DPV P . 13.89 -5.77 -24.57
C1 DPV P . 13.34 -5.63 -27.13
C2 DPV P . 13.15 -4.58 -28.25
C3 DPV P . 11.80 -3.81 -28.12
C4 DPV P . 12.24 -4.15 -23.27
C5 DPV P . 12.19 -2.86 -24.15
C6 DPV P . 13.66 -1.38 -22.66
C7 DPV P . 11.17 -1.37 -22.31
C8 DPV P . 12.15 -0.37 -24.36
C15 DPV P . 10.59 -4.61 -28.73
C16 DPV P . 9.26 -4.39 -27.97
C17 DPV P . 9.22 -5.15 -26.61
C18 DPV P . 7.79 -5.22 -26.00
C19 DPV P . 7.79 -5.86 -24.59
O1P DPV P . 14.95 -5.26 -23.69
C20 DPV P . 8.19 -4.88 -23.46
C21 DPV P . 8.58 -5.61 -22.16
C22 DPV P . 8.82 -4.61 -21.02
C23 DPV P . 9.38 -5.31 -19.76
O2P DPV P . 14.01 -7.23 -24.76
O3P DPV P . 13.76 -4.95 -25.93
O4P DPV P . 12.41 -5.32 -24.11
H1 DPV P . 12.43 -6.19 -26.95
H1A DPV P . 14.14 -6.32 -27.43
H2 DPV P . 13.97 -3.86 -28.22
H2A DPV P . 13.22 -5.07 -29.21
H3 DPV P . 11.88 -2.86 -28.64
H3A DPV P . 11.62 -3.58 -27.06
H4 DPV P . 13.05 -4.11 -22.55
H4A DPV P . 11.32 -4.26 -22.71
H5 DPV P . 13.03 -2.88 -24.85
H5A DPV P . 11.26 -2.82 -24.73
H6 DPV P . 14.45 -1.49 -23.41
H6A DPV P . 13.76 -2.17 -21.92
H6B DPV P . 13.72 -0.40 -22.17
H7 DPV P . 10.21 -1.52 -22.81
H7A DPV P . 11.23 -0.37 -21.87
H7B DPV P . 11.32 -2.13 -21.53
H8 DPV P . 11.17 -0.41 -24.83
H8A DPV P . 12.94 -0.48 -25.12
H8B DPV P . 12.29 0.59 -23.85
H15 DPV P . 10.83 -5.68 -28.75
H15A DPV P . 10.47 -4.28 -29.77
H16 DPV P . 9.08 -3.32 -27.82
H16A DPV P . 8.45 -4.76 -28.60
H17 DPV P . 9.59 -6.16 -26.74
H17A DPV P . 9.89 -4.65 -25.91
H18 DPV P . 7.35 -4.22 -25.98
H18A DPV P . 7.15 -5.83 -26.65
H19 DPV P . 6.80 -6.26 -24.38
H19A DPV P . 8.48 -6.73 -24.59
H20 DPV P . 9.03 -4.26 -23.78
H20A DPV P . 7.35 -4.20 -23.26
H21 DPV P . 7.78 -6.30 -21.88
H21A DPV P . 9.48 -6.19 -22.34
H22 DPV P . 9.51 -3.83 -21.33
H22A DPV P . 7.87 -4.12 -20.77
H23 DPV P . 10.41 -5.64 -19.95
H23A DPV P . 8.78 -6.16 -19.48
H23B DPV P . 9.43 -4.62 -18.92
N DPV Q . 21.24 6.47 -7.86
P DPV Q . 18.86 2.55 -6.38
C1 DPV Q . 17.99 0.76 -8.08
C2 DPV Q . 18.53 -0.03 -9.29
C3 DPV Q . 19.01 -1.43 -8.90
C4 DPV Q . 19.86 4.23 -8.20
C5 DPV Q . 20.05 5.55 -7.39
C6 DPV Q . 22.60 5.79 -7.65
C7 DPV Q . 21.19 7.72 -6.98
C8 DPV Q . 21.09 6.93 -9.34
C15 DPV Q . 19.41 -2.27 -10.14
C16 DPV Q . 19.93 -3.67 -9.75
C17 DPV Q . 20.24 -4.53 -10.99
C18 DPV Q . 20.99 -5.83 -10.61
C19 DPV Q . 21.40 -6.67 -11.86
O1P DPV Q . 20.04 2.87 -5.53
C20 DPV Q . 22.36 -7.86 -11.51
C21 DPV Q . 21.65 -9.04 -10.81
C22 DPV Q . 22.64 -10.19 -10.46
C23 DPV Q . 21.92 -11.37 -9.77
O2P DPV Q . 17.62 2.43 -5.59
O3P DPV Q . 19.12 1.32 -7.36
O4P DPV Q . 18.70 3.54 -7.65
H1 DPV Q . 17.36 1.57 -8.41
H1A DPV Q . 17.42 0.11 -7.40
H2 DPV Q . 17.73 -0.10 -10.04
H2A DPV Q . 19.35 0.54 -9.74
H3 DPV Q . 18.20 -1.95 -8.36
H3A DPV Q . 19.87 -1.36 -8.22
H4 DPV Q . 19.66 4.44 -9.24
H4A DPV Q . 20.73 3.58 -8.12
H5 DPV Q . 19.15 6.14 -7.46
H5A DPV Q . 20.22 5.32 -6.33
H6 DPV Q . 22.65 4.89 -8.26
H6A DPV Q . 22.72 5.54 -6.60
H6B DPV Q . 23.40 6.48 -7.95
H7 DPV Q . 21.27 7.42 -5.93
H7A DPV Q . 20.24 8.23 -7.14
H7B DPV Q . 22.02 8.38 -7.25
H8 DPV Q . 20.13 7.43 -9.46
H8A DPV Q . 21.15 6.05 -9.99
H8B DPV Q . 21.90 7.63 -9.55
H15 DPV Q . 20.17 -1.73 -10.71
H15A DPV Q . 18.52 -2.38 -10.78
H16 DPV Q . 20.84 -3.56 -9.13
H16A DPV Q . 19.18 -4.19 -9.15
H17 DPV Q . 19.31 -4.79 -11.51
H17A DPV Q . 20.85 -3.94 -11.69
H18 DPV Q . 21.90 -5.58 -10.04
H18A DPV Q . 20.36 -6.44 -9.95
H19 DPV Q . 20.50 -7.05 -12.33
H19A DPV Q . 21.90 -6.02 -12.58
H20 DPV Q . 22.81 -8.20 -12.44
H20A DPV Q . 23.18 -7.51 -10.87
H21 DPV Q . 21.18 -8.71 -9.88
H21A DPV Q . 20.88 -9.43 -11.45
H22 DPV Q . 23.11 -10.55 -11.36
H22A DPV Q . 23.43 -9.80 -9.81
H23 DPV Q . 21.16 -11.81 -10.40
H23A DPV Q . 21.46 -11.06 -8.82
H23B DPV Q . 22.65 -12.14 -9.53
N DPV R . 28.41 -3.56 -8.39
P DPV R . 28.76 -8.04 -6.47
C1 DPV R . 26.43 -9.24 -6.11
C2 DPV R . 25.59 -10.29 -6.87
C3 DPV R . 24.14 -10.41 -6.30
C4 DPV R . 28.49 -6.22 -8.38
C5 DPV R . 28.16 -4.90 -7.59
C6 DPV R . 29.89 -3.42 -8.81
C7 DPV R . 28.09 -2.40 -7.45
C8 DPV R . 27.50 -3.44 -9.61
C15 DPV R . 23.98 -11.49 -5.19
C16 DPV R . 22.55 -11.48 -4.60
C17 DPV R . 22.28 -12.67 -3.62
C18 DPV R . 20.98 -12.45 -2.79
C19 DPV R . 21.17 -11.51 -1.58
O1P DPV R . 30.17 -8.32 -6.81
C20 DPV R . 19.82 -11.20 -0.87
C21 DPV R . 19.99 -10.14 0.26
C22 DPV R . 18.62 -9.78 0.90
C23 DPV R . 18.75 -8.70 2.00
O2P DPV R . 28.63 -7.33 -5.19
O3P DPV R . 27.82 -9.34 -6.59
O4P DPV R . 27.94 -7.35 -7.68
H1 DPV R . 26.06 -8.23 -6.33
H1A DPV R . 26.42 -9.43 -5.03
H2 DPV R . 25.53 -10.01 -7.91
H2A DPV R . 26.09 -11.25 -6.83
H3 DPV R . 23.45 -10.63 -7.13
H3A DPV R . 23.82 -9.43 -5.90
H4 DPV R . 28.01 -6.18 -9.37
H4A DPV R . 29.56 -6.34 -8.51
H5 DPV R . 27.10 -4.89 -7.30
H5A DPV R . 28.78 -4.88 -6.70
H6 DPV R . 30.52 -3.62 -7.94
H6A DPV R . 30.07 -2.42 -9.18
H6B DPV R . 30.09 -4.16 -9.60
H7 DPV R . 28.25 -1.45 -8.00
H7A DPV R . 28.78 -2.42 -6.59
H7B DPV R . 27.06 -2.49 -7.12
H8 DPV R . 26.46 -3.54 -9.28
H8A DPV R . 27.76 -4.22 -10.32
H8B DPV R . 27.65 -2.46 -10.07
H15 DPV R . 24.72 -11.31 -4.41
H15A DPV R . 24.20 -12.49 -5.61
H16 DPV R . 22.42 -10.54 -4.07
H16A DPV R . 21.81 -11.50 -5.41
H17 DPV R . 22.17 -13.58 -4.21
H17A DPV R . 23.13 -12.82 -2.95
H18 DPV R . 20.18 -12.06 -3.44
H18A DPV R . 20.65 -13.43 -2.42
H19 DPV R . 21.85 -11.98 -0.87
H19A DPV R . 21.63 -10.57 -1.91
H20 DPV R . 19.10 -10.82 -1.60
H20A DPV R . 19.41 -12.11 -0.45
H21 DPV R . 20.67 -10.54 1.01
H21A DPV R . 20.44 -9.24 -0.16
H22 DPV R . 17.95 -9.42 0.12
H22A DPV R . 18.18 -10.68 1.34
H23 DPV R . 19.29 -9.10 2.86
H23A DPV R . 17.76 -8.38 2.33
H23B DPV R . 19.29 -7.83 1.60
N DPV S . 33.91 -16.23 -3.77
P DPV S . 31.46 -16.86 -7.95
C1 DPV S . 29.29 -15.53 -7.39
C2 DPV S . 28.76 -14.12 -7.05
C3 DPV S . 27.21 -14.06 -7.07
C4 DPV S . 32.55 -17.56 -5.62
C5 DPV S . 32.76 -16.20 -4.84
C6 DPV S . 33.62 -17.25 -2.64
C7 DPV S . 33.98 -14.85 -3.11
C8 DPV S . 35.29 -16.54 -4.41
C15 DPV S . 26.61 -13.93 -8.50
C16 DPV S . 25.06 -13.85 -8.51
C17 DPV S . 24.37 -15.25 -8.35
C18 DPV S . 22.84 -15.20 -8.62
C19 DPV S . 22.03 -14.55 -7.45
O1P DPV S . 32.84 -16.63 -8.41
C20 DPV S . 20.51 -14.55 -7.75
C21 DPV S . 19.63 -14.15 -6.52
C22 DPV S . 19.54 -15.28 -5.45
C23 DPV S . 18.56 -14.95 -4.32
O2P DPV S . 30.68 -17.66 -8.92
O3P DPV S . 30.72 -15.51 -7.50
O4P DPV S . 31.36 -17.44 -6.45
H1 DPV S . 28.99 -16.23 -6.62
H1A DPV S . 28.88 -15.85 -8.35
H2 DPV S . 29.12 -13.84 -6.06
H2A DPV S . 29.16 -13.39 -7.76
H3 DPV S . 26.89 -13.22 -6.47
H3A DPV S . 26.82 -14.97 -6.60
H4 DPV S . 33.42 -17.79 -6.24
H4A DPV S . 32.39 -18.38 -4.92
H5 DPV S . 32.98 -15.39 -5.54
H5A DPV S . 31.83 -15.96 -4.31
H6 DPV S . 33.62 -18.26 -3.07
H6A DPV S . 32.65 -17.02 -2.19
H6B DPV S . 34.41 -17.19 -1.88
H7 DPV S . 33.01 -14.64 -2.64
H7A DPV S . 34.20 -14.10 -3.87
H7B DPV S . 34.78 -14.86 -2.38
H8 DPV S . 35.48 -15.79 -5.18
H8A DPV S . 35.26 -17.53 -4.85
H8B DPV S . 36.05 -16.50 -3.64
H15 DPV S . 26.94 -14.78 -9.12
H15A DPV S . 27.02 -13.02 -8.96
H16 DPV S . 24.73 -13.20 -7.70
H16A DPV S . 24.74 -13.38 -9.44
H17 DPV S . 24.83 -15.95 -9.03
H17A DPV S . 24.57 -15.63 -7.33
H18 DPV S . 22.63 -14.67 -9.54
H18A DPV S . 22.48 -16.23 -8.74
H19 DPV S . 22.23 -15.10 -6.52
H19A DPV S . 22.38 -13.54 -7.30
H20 DPV S . 20.31 -13.84 -8.56
H20A DPV S . 20.20 -15.53 -8.11
H21 DPV S . 20.04 -13.25 -6.07
H21A DPV S . 18.63 -13.91 -6.88
H22 DPV S . 19.23 -16.22 -5.91
H22A DPV S . 20.53 -15.43 -5.02
H23 DPV S . 18.66 -15.64 -3.49
H23A DPV S . 17.52 -15.00 -4.67
H23B DPV S . 18.74 -13.94 -3.92
N DPV T . 31.01 -21.77 -8.41
P DPV T . 31.70 -20.93 -3.27
C1 DPV T . 29.77 -19.17 -2.87
C2 DPV T . 29.56 -17.66 -2.98
C3 DPV T . 28.13 -17.20 -2.60
C4 DPV T . 31.52 -21.42 -5.86
C5 DPV T . 30.49 -21.32 -7.02
C6 DPV T . 31.40 -23.25 -8.43
C7 DPV T . 32.19 -20.87 -8.89
C8 DPV T . 29.85 -21.57 -9.40
C15 DPV T . 27.98 -16.79 -1.11
C16 DPV T . 26.66 -16.00 -0.87
C17 DPV T . 26.48 -15.50 0.59
C18 DPV T . 26.09 -16.63 1.56
C19 DPV T . 25.76 -16.07 2.98
O1P DPV T . 31.27 -21.84 -2.20
C20 DPV T . 25.49 -17.21 4.01
C21 DPV T . 24.04 -17.78 4.01
C22 DPV T . 23.03 -16.87 4.75
C23 DPV T . 21.73 -17.63 5.11
O2P DPV T . 33.17 -21.00 -3.48
O3P DPV T . 31.17 -19.43 -3.11
O4P DPV T . 30.86 -21.11 -4.62
H1 DPV T . 29.51 -19.54 -1.86
H1A DPV T . 29.15 -19.70 -3.59
H2 DPV T . 30.30 -17.14 -2.35
H2A DPV T . 29.78 -17.37 -4.01
H3 DPV T . 27.39 -17.97 -2.87
H3A DPV T . 27.89 -16.32 -3.22
H4 DPV T . 31.97 -22.41 -5.79
H4A DPV T . 32.30 -20.68 -6.01
H5 DPV T . 29.63 -21.97 -6.78
H5A DPV T . 30.14 -20.30 -7.10
H6 DPV T . 31.57 -23.57 -9.45
H6A DPV T . 30.58 -23.82 -7.99
H6B DPV T . 32.30 -23.39 -7.82
H7 DPV T . 31.90 -19.82 -8.81
H7A DPV T . 32.46 -21.14 -9.92
H7B DPV T . 33.05 -21.06 -8.23
H8 DPV T . 29.60 -20.51 -9.43
H8A DPV T . 28.98 -22.15 -9.04
H8B DPV T . 30.15 -21.94 -10.38
H15 DPV T . 28.82 -16.15 -0.83
H15A DPV T . 28.02 -17.69 -0.48
H16 DPV T . 26.64 -15.14 -1.54
H16A DPV T . 25.80 -16.63 -1.15
H17 DPV T . 27.40 -15.01 0.92
H17A DPV T . 25.69 -14.74 0.59
H18 DPV T . 25.21 -17.15 1.18
H18A DPV T . 26.91 -17.36 1.63
H19 DPV T . 26.60 -15.45 3.33
H19A DPV T . 24.88 -15.42 2.91
H20 DPV T . 26.19 -18.03 3.82
H20A DPV T . 25.72 -16.82 5.01
H21 DPV T . 23.70 -17.93 2.97
H21A DPV T . 24.04 -18.76 4.50
H22 DPV T . 23.48 -16.51 5.68
H22A DPV T . 22.80 -15.98 4.16
H23 DPV T . 21.94 -18.52 5.71
H23A DPV T . 21.21 -17.96 4.21
H23B DPV T . 21.05 -17.01 5.69
N DPV U . 23.07 -27.50 6.88
P DPV U . 19.40 -28.99 4.08
C1 DPV U . 17.87 -26.96 4.82
C2 DPV U . 17.83 -25.87 3.72
C3 DPV U . 18.52 -24.55 4.20
C4 DPV U . 21.03 -29.01 6.17
C5 DPV U . 21.65 -27.58 6.24
C6 DPV U . 23.51 -26.04 6.81
C7 DPV U . 24.11 -28.35 6.14
C8 DPV U . 23.03 -27.89 8.38
C15 DPV U . 20.00 -24.50 3.72
C16 DPV U . 20.75 -23.24 4.23
C17 DPV U . 22.09 -23.05 3.46
C18 DPV U . 22.86 -21.78 3.91
C19 DPV U . 24.13 -21.52 3.05
O1P DPV U . 20.37 -28.18 3.29
C20 DPV U . 23.80 -20.83 1.68
C21 DPV U . 25.06 -20.28 0.97
C22 DPV U . 25.91 -21.39 0.26
C23 DPV U . 27.06 -20.78 -0.56
O2P DPV U . 19.32 -30.38 3.57
O3P DPV U . 17.95 -28.29 4.24
O4P DPV U . 19.66 -28.93 5.65
H1 DPV U . 18.73 -26.80 5.49
H1A DPV U . 16.95 -26.90 5.42
H2 DPV U . 18.30 -26.24 2.80
H2A DPV U . 16.78 -25.66 3.48
H3 DPV U . 18.48 -24.47 5.30
H3A DPV U . 17.97 -23.70 3.80
H4 DPV U . 21.62 -29.66 5.50
H4A DPV U . 20.99 -29.44 7.16
H5 DPV U . 21.74 -27.18 5.21
H5A DPV U . 21.00 -26.92 6.81
H6 DPV U . 22.79 -25.42 7.34
H6A DPV U . 23.57 -25.74 5.76
H6B DPV U . 24.49 -25.94 7.29
H7 DPV U . 23.85 -29.41 6.25
H7A DPV U . 25.10 -28.15 6.57
H7B DPV U . 24.08 -28.07 5.08
H8 DPV U . 24.02 -27.73 8.81
H8A DPV U . 22.77 -28.95 8.47
H8B DPV U . 22.28 -27.29 8.90
H15 DPV U . 20.00 -24.50 2.62
H15A DPV U . 20.54 -25.40 4.04
H16 DPV U . 20.13 -22.36 4.08
H16A DPV U . 20.93 -23.32 5.31
H17 DPV U . 22.74 -23.92 3.62
H17A DPV U . 21.89 -23.00 2.40
H18 DPV U . 22.20 -20.91 3.87
H18A DPV U . 23.17 -21.89 4.95
H19 DPV U . 24.80 -20.86 3.61
H19A DPV U . 24.67 -22.45 2.87
H20 DPV U . 23.27 -21.52 1.03
H20A DPV U . 23.11 -19.99 1.86
H21 DPV U . 24.73 -19.56 0.21
H21A DPV U . 25.68 -19.73 1.68
H22 DPV U . 26.32 -22.08 1.00
H22A DPV U . 25.27 -21.98 -0.41
H23 DPV U . 26.69 -20.11 -1.34
H23A DPV U . 27.64 -21.56 -1.03
H23B DPV U . 27.72 -20.21 0.09
N DPV V . 23.37 -30.51 0.76
P DPV V . 24.83 -25.57 -0.11
C1 DPV V . 22.65 -24.17 -0.61
C2 DPV V . 22.25 -22.94 -1.45
C3 DPV V . 20.81 -22.48 -1.11
C4 DPV V . 24.05 -27.97 0.53
C5 DPV V . 23.30 -29.19 -0.10
C6 DPV V . 24.81 -31.01 0.94
C7 DPV V . 22.61 -31.61 -0.01
C8 DPV V . 22.70 -30.34 2.13
C15 DPV V . 20.47 -21.09 -1.73
C16 DPV V . 19.01 -20.67 -1.43
C17 DPV V . 18.67 -19.20 -1.84
C18 DPV V . 17.14 -18.94 -1.75
C19 DPV V . 16.72 -17.51 -2.21
O1P DPV V . 24.89 -25.03 1.27
C20 DPV V . 15.18 -17.31 -2.14
C21 DPV V . 14.71 -15.92 -2.70
C22 DPV V . 13.16 -15.82 -2.73
C23 DPV V . 12.65 -14.50 -3.38
O2P DPV V . 26.18 -25.83 -0.65
O3P DPV V . 23.93 -24.69 -1.10
O4P DPV V . 23.84 -26.80 -0.28
H1 DPV V . 22.73 -23.91 0.44
H1A DPV V . 21.89 -24.95 -0.72
H2 DPV V . 22.95 -22.12 -1.28
H2A DPV V . 22.31 -23.20 -2.52
H3 DPV V . 20.71 -22.43 -0.03
H3A DPV V . 20.12 -23.23 -1.48
H4 DPV V . 23.71 -27.77 1.54
H4A DPV V . 25.12 -28.18 0.58
H5 DPV V . 22.25 -28.94 -0.23
H5A DPV V . 23.73 -29.43 -1.07
H6 DPV V . 25.29 -31.10 -0.05
H6A DPV V . 24.80 -31.97 1.46
H6B DPV V . 25.37 -30.29 1.55
H7 DPV V . 22.60 -32.52 0.59
H7A DPV V . 23.13 -31.81 -0.96
H7B DPV V . 21.59 -31.28 -0.21
H8 DPV V . 21.68 -29.96 1.97
H8A DPV V . 23.26 -29.61 2.74
H8B DPV V . 22.66 -31.31 2.64
H15 DPV V . 20.61 -21.13 -2.81
H15A DPV V . 21.14 -20.33 -1.35
H16 DPV V . 18.34 -21.35 -1.96
H16A DPV V . 18.80 -20.77 -0.37
H17 DPV V . 19.20 -18.52 -1.18
H17A DPV V . 19.02 -19.00 -2.86
H18 DPV V . 16.59 -19.69 -2.34
H18A DPV V . 16.84 -19.05 -0.70
H19 DPV V . 17.20 -16.75 -1.60
H19A DPV V . 17.06 -17.33 -3.24
H20 DPV V . 14.67 -18.12 -2.68
H20A DPV V . 14.87 -17.38 -1.11
H21 DPV V . 15.12 -15.13 -2.06
H21A DPV V . 15.11 -15.76 -3.70
H22 DPV V . 12.75 -16.68 -3.27
H22A DPV V . 12.76 -15.86 -1.70
H23 DPV V . 13.26 -14.19 -4.22
H23A DPV V . 12.68 -13.70 -2.65
H23B DPV V . 11.62 -14.62 -3.72
N DPV W . 9.80 -34.65 -5.44
P DPV W . 7.25 -33.48 -1.40
C1 DPV W . 6.89 -30.90 -1.23
C2 DPV W . 7.65 -29.64 -0.76
C3 DPV W . 6.88 -28.34 -1.14
C4 DPV W . 9.39 -33.64 -3.03
C5 DPV W . 9.08 -34.78 -4.06
C6 DPV W . 9.45 -33.34 -6.17
C7 DPV W . 9.33 -35.82 -6.32
C8 DPV W . 11.32 -34.76 -5.27
C15 DPV W . 7.70 -27.07 -0.75
C16 DPV W . 6.98 -25.77 -1.22
C17 DPV W . 7.83 -24.52 -0.91
C18 DPV W . 7.17 -23.23 -1.49
C19 DPV W . 7.99 -21.95 -1.15
O1P DPV W . 6.32 -33.62 -2.57
C20 DPV W . 7.35 -20.70 -1.83
C21 DPV W . 8.15 -19.40 -1.53
C22 DPV W . 7.55 -18.19 -2.29
C23 DPV W . 8.19 -16.85 -1.91
O2P DPV W . 6.72 -34.09 -0.18
O3P DPV W . 7.81 -32.00 -1.18
O4P DPV W . 8.77 -33.96 -1.74
H1 DPV W . 6.04 -31.11 -0.57
H1A DPV W . 6.55 -30.79 -2.27
H2 DPV W . 7.80 -29.68 0.32
H2A DPV W . 8.63 -29.63 -1.24
H3 DPV W . 5.92 -28.31 -0.63
H3A DPV W . 6.68 -28.32 -2.22
H4 DPV W . 10.47 -33.55 -2.86
H4A DPV W . 9.01 -32.67 -3.36
H5 DPV W . 9.38 -35.73 -3.63
H5A DPV W . 8.00 -34.82 -4.25
H6 DPV W . 9.91 -33.37 -7.17
H6A DPV W . 9.84 -32.49 -5.60
H6B DPV W . 8.35 -33.28 -6.25
H7 DPV W . 9.81 -35.75 -7.30
H7A DPV W . 8.25 -35.78 -6.44
H7B DPV W . 9.61 -36.76 -5.84
H8 DPV W . 11.79 -34.74 -6.26
H8A DPV W . 11.55 -35.70 -4.76
H8B DPV W . 11.67 -33.90 -4.67
H15 DPV W . 8.69 -27.12 -1.24
H15A DPV W . 7.86 -27.04 0.33
H16 DPV W . 6.78 -25.83 -2.30
H16A DPV W . 6.01 -25.69 -0.71
H17 DPV W . 7.95 -24.40 0.17
H17A DPV W . 8.82 -24.62 -1.36
H18 DPV W . 7.09 -23.32 -2.59
H18A DPV W . 6.14 -23.12 -1.09
H19 DPV W . 8.02 -21.82 -0.05
H19A DPV W . 9.01 -22.07 -1.48
H20 DPV W . 7.32 -20.84 -2.90
H20A DPV W . 6.32 -20.55 -1.48
H21 DPV W . 8.12 -19.19 -0.45
H21A DPV W . 9.19 -19.54 -1.81
H22 DPV W . 7.67 -18.35 -3.36
H22A DPV W . 6.47 -18.12 -2.10
H23 DPV W . 9.27 -16.90 -2.03
H23A DPV W . 7.99 -16.63 -0.85
H23B DPV W . 7.77 -16.05 -2.51
N DPV X . 16.86 -33.73 -12.76
P DPV X . 18.87 -31.47 -17.08
C1 DPV X . 16.63 -31.44 -18.40
C2 DPV X . 15.15 -31.12 -18.10
C3 DPV X . 14.68 -31.73 -16.76
C4 DPV X . 18.06 -32.45 -14.77
C5 DPV X . 16.94 -33.44 -14.31
C6 DPV X . 16.80 -32.44 -11.91
C7 DPV X . 18.07 -34.57 -12.32
C8 DPV X . 15.59 -34.57 -12.53
C15 DPV X . 13.20 -31.40 -16.47
C16 DPV X . 12.61 -32.24 -15.30
C17 DPV X . 13.11 -31.72 -13.90
C18 DPV X . 12.31 -32.38 -12.74
C19 DPV X . 12.84 -31.92 -11.35
O1P DPV X . 19.76 -30.55 -16.32
C20 DPV X . 11.79 -32.08 -10.22
C21 DPV X . 10.78 -30.88 -10.19
C22 DPV X . 9.77 -31.00 -9.02
C23 DPV X . 8.64 -29.99 -9.17
O2P DPV X . 19.55 -32.00 -18.29
O3P DPV X . 17.44 -30.84 -17.38
O4P DPV X . 18.20 -32.62 -16.20
H1 DPV X . 16.77 -32.53 -18.40
H1A DPV X . 16.92 -31.05 -19.38
H2 DPV X . 15.02 -30.04 -18.08
H2A DPV X . 14.54 -31.50 -18.93
H3 DPV X . 15.29 -31.38 -15.94
H3A DPV X . 14.79 -32.81 -16.81
H4 DPV X . 17.74 -31.43 -14.54
H4A DPV X . 19.00 -32.67 -14.27
H5 DPV X . 15.97 -33.04 -14.61
H5A DPV X . 17.10 -34.40 -14.79
H6 DPV X . 17.77 -31.93 -11.96
H6A DPV X . 16.60 -32.71 -10.87
H6B DPV X . 16.01 -31.80 -12.30
H7 DPV X . 18.12 -35.48 -12.93
H7A DPV X . 17.96 -34.82 -11.27
H7B DPV X . 18.98 -33.98 -12.46
H8 DPV X . 15.68 -35.51 -13.10
H8A DPV X . 14.73 -34.00 -12.88
H8B DPV X . 15.49 -34.81 -11.46
H15 DPV X . 12.60 -31.61 -17.36
H15A DPV X . 13.09 -30.33 -16.27
H16 DPV X . 11.52 -32.20 -15.35
H16A DPV X . 12.90 -33.28 -15.42
H17 DPV X . 14.18 -31.94 -13.80
H17A DPV X . 13.00 -30.63 -13.84
H18 DPV X . 11.24 -32.12 -12.86
H18A DPV X . 12.37 -33.46 -12.80
H19 DPV X . 13.71 -32.54 -11.09
H19A DPV X . 13.20 -30.89 -11.37
H20 DPV X . 11.26 -33.03 -10.34
H20A DPV X . 12.31 -32.11 -9.25
H21 DPV X . 11.33 -29.95 -10.12
H21A DPV X . 10.23 -30.86 -11.15
H22 DPV X . 9.33 -32.00 -9.01
H22A DPV X . 10.28 -30.84 -8.07
H23 DPV X . 8.01 -30.25 -10.02
H23A DPV X . 9.03 -28.98 -9.31
H23B DPV X . 8.02 -30.00 -8.27
N DPV Y . 12.15 -21.23 -26.88
P DPV Y . 8.61 -23.87 -25.09
C1 DPV Y . 6.71 -24.00 -23.32
C2 DPV Y . 5.88 -23.09 -22.40
C3 DPV Y . 6.74 -22.44 -21.30
C4 DPV Y . 11.03 -22.86 -25.11
C5 DPV Y . 10.92 -21.54 -25.96
C6 DPV Y . 12.39 -22.33 -27.93
C7 DPV Y . 13.42 -21.01 -26.04
C8 DPV Y . 11.84 -19.93 -27.63
C15 DPV Y . 5.83 -21.82 -20.20
C16 DPV Y . 6.60 -20.93 -19.20
C17 DPV Y . 7.33 -21.75 -18.10
C18 DPV Y . 7.91 -20.81 -17.03
C19 DPV Y . 8.55 -21.59 -15.85
O1P DPV Y . 8.36 -23.49 -26.49
C20 DPV Y . 10.04 -22.03 -16.05
C21 DPV Y . 11.05 -20.85 -15.89
C22 DPV Y . 12.51 -21.36 -15.95
C23 DPV Y . 13.51 -20.18 -16.03
O2P DPV Y . 8.71 -25.34 -24.92
O3P DPV Y . 7.62 -23.17 -24.07
O4P DPV Y . 9.79 -23.05 -24.40
H1 DPV Y . 7.28 -24.72 -22.74
H1A DPV Y . 6.06 -24.53 -24.02
H2 DPV Y . 5.37 -22.33 -22.99
H2A DPV Y . 5.10 -23.71 -21.92
H3 DPV Y . 7.39 -21.68 -21.74
H3A DPV Y . 7.39 -23.20 -20.86
H4 DPV Y . 11.20 -23.71 -25.77
H4A DPV Y . 11.84 -22.76 -24.40
H5 DPV Y . 10.04 -21.57 -26.60
H5A DPV Y . 10.82 -20.68 -25.28
H6 DPV Y . 11.47 -22.47 -28.50
H6A DPV Y . 12.66 -23.26 -27.42
H6B DPV Y . 13.20 -22.02 -28.59
H7 DPV Y . 13.22 -20.22 -25.32
H7A DPV Y . 14.26 -20.74 -26.71
H7B DPV Y . 13.67 -21.93 -25.51
H8 DPV Y . 11.76 -19.11 -26.90
H8A DPV Y . 10.91 -20.03 -28.19
H8B DPV Y . 12.67 -19.72 -28.32
H15 DPV Y . 5.30 -22.61 -19.65
H15A DPV Y . 5.05 -21.22 -20.67
H16 DPV Y . 7.31 -20.29 -19.74
H16A DPV Y . 5.88 -20.25 -18.72
H17 DPV Y . 6.63 -22.46 -17.64
H17A DPV Y . 8.13 -22.32 -18.57
H18 DPV Y . 8.64 -20.13 -17.47
H18A DPV Y . 7.11 -20.18 -16.63
H19 DPV Y . 8.47 -20.97 -14.95
H19A DPV Y . 7.95 -22.48 -15.64
H20 DPV Y . 10.27 -22.79 -15.30
H20A DPV Y . 10.16 -22.48 -17.03
H21 DPV Y . 10.89 -20.12 -16.69
H21A DPV Y . 10.89 -20.33 -14.94
H22 DPV Y . 12.71 -21.95 -15.05
H22A DPV Y . 12.64 -22.00 -16.81
H23 DPV Y . 13.36 -19.63 -16.96
H23A DPV Y . 14.54 -20.55 -15.99
H23B DPV Y . 13.36 -19.48 -15.19
N DPV Z . 1.95 -15.28 -27.39
P DPV Z . 3.49 -19.45 -25.46
C1 DPV Z . 3.18 -19.09 -22.88
C2 DPV Z . 2.10 -18.71 -21.82
C3 DPV Z . 2.48 -19.11 -20.36
C4 DPV Z . 3.73 -17.09 -26.65
C5 DPV Z . 2.57 -16.12 -26.23
C6 DPV Z . 1.19 -16.17 -28.39
C7 DPV Z . 2.98 -14.42 -28.14
C8 DPV Z . 0.92 -14.33 -26.76
C15 DPV Z . 2.15 -20.59 -20.05
C16 DPV Z . 2.56 -20.99 -18.60
C17 DPV Z . 2.38 -22.52 -18.38
C18 DPV Z . 3.07 -23.01 -17.11
C19 DPV Z . 2.83 -24.55 -16.90
O1P DPV Z . 2.70 -19.83 -26.64
C20 DPV Z . 3.77 -25.18 -15.83
C21 DPV Z . 5.09 -25.72 -16.44
C22 DPV Z . 5.95 -26.51 -15.41
C23 DPV Z . 6.92 -25.61 -14.62
O2P DPV Z . 4.53 -20.46 -25.17
O3P DPV Z . 2.57 -19.09 -24.19
O4P DPV Z . 4.06 -17.96 -25.52
H1 DPV Z . 3.98 -18.37 -22.85
H1A DPV Z . 3.58 -20.09 -22.67
H2 DPV Z . 1.95 -17.63 -21.85
H2A DPV Z . 1.14 -19.16 -22.10
H3 DPV Z . 1.93 -18.47 -19.67
H3A DPV Z . 3.55 -18.93 -20.20
H4 DPV Z . 3.44 -17.69 -27.51
H4A DPV Z . 4.61 -16.50 -26.91
H5 DPV Z . 1.76 -16.71 -25.81
H5A DPV Z . 2.94 -15.43 -25.47
H6 DPV Z . 1.91 -16.83 -28.91
H6A DPV Z . 0.69 -15.52 -29.13
H6B DPV Z . 0.44 -16.78 -27.86
H7 DPV Z . 2.49 -13.78 -28.87
H7A DPV Z . 3.68 -15.08 -28.66
H7B DPV Z . 3.53 -13.80 -27.42
H8 DPV Z . 1.44 -13.66 -26.06
H8A DPV Z . 0.16 -14.91 -26.25
H8B DPV Z . 0.46 -13.74 -27.56
H15 DPV Z . 2.67 -21.23 -20.77
H15A DPV Z . 1.07 -20.74 -20.17
H16 DPV Z . 3.61 -20.71 -18.43
H16A DPV Z . 1.95 -20.45 -17.87
H17 DPV Z . 1.31 -22.73 -18.33
H17A DPV Z . 2.78 -23.05 -19.24
H18 DPV Z . 4.15 -22.82 -17.18
H18A DPV Z . 2.70 -22.46 -16.24
H19 DPV Z . 1.81 -24.72 -16.60
H19A DPV Z . 2.97 -25.08 -17.85
H20 DPV Z . 3.99 -24.44 -15.06
H20A DPV Z . 3.23 -25.98 -15.33
H21 DPV Z . 4.85 -26.40 -17.25
H21A DPV Z . 5.68 -24.91 -16.89
H22 DPV Z . 5.31 -27.05 -14.71
H22A DPV Z . 6.54 -27.26 -15.96
H23 DPV Z . 6.37 -24.91 -14.00
H23A DPV Z . 7.55 -25.03 -15.31
H23B DPV Z . 7.58 -26.21 -13.98
N DPV AA . -4.04 -19.19 -23.00
P DPV AA . -1.42 -16.67 -19.93
C1 DPV AA . -0.03 -16.77 -17.74
C2 DPV AA . 0.61 -17.77 -16.76
C3 DPV AA . 0.79 -17.13 -15.34
C4 DPV AA . -1.77 -18.58 -21.77
C5 DPV AA . -2.85 -18.18 -22.82
C6 DPV AA . -3.55 -20.58 -23.48
C7 DPV AA . -4.98 -18.64 -24.08
C8 DPV AA . -4.86 -19.32 -21.71
C15 DPV AA . 1.44 -18.11 -14.34
C16 DPV AA . 1.53 -17.55 -12.89
C17 DPV AA . 2.62 -16.45 -12.72
C18 DPV AA . 2.95 -16.17 -11.23
C19 DPV AA . 4.02 -15.04 -11.08
O1P DPV AA . -0.49 -16.06 -20.90
C20 DPV AA . 4.66 -15.01 -9.65
C21 DPV AA . 5.78 -16.07 -9.43
C22 DPV AA . 7.13 -15.72 -10.13
C23 DPV AA . 8.15 -16.87 -9.95
O2P DPV AA . -2.40 -15.69 -19.44
O3P DPV AA . -0.72 -17.51 -18.79
O4P DPV AA . -2.12 -18.02 -20.47
H1 DPV AA . -0.77 -16.14 -17.21
H1A DPV AA . 0.74 -16.15 -18.19
H2 DPV AA . -0.04 -18.63 -16.68
H2A DPV AA . 1.56 -18.12 -17.15
H3 DPV AA . -0.19 -16.84 -14.97
H3A DPV AA . 1.39 -16.22 -15.39
H4 DPV AA . -1.67 -19.66 -21.69
H4A DPV AA . -0.80 -18.17 -22.07
H5 DPV AA . -3.27 -17.20 -22.54
H5A DPV AA . -2.38 -18.05 -23.81
H6 DPV AA . -2.94 -21.02 -22.68
H6A DPV AA . -2.95 -20.46 -24.38
H6B DPV AA . -4.43 -21.23 -23.68
H7 DPV AA . -5.29 -17.63 -23.78
H7A DPV AA . -5.84 -19.29 -24.16
H7B DPV AA . -4.45 -18.60 -25.03
H8 DPV AA . -5.22 -18.33 -21.42
H8A DPV AA . -4.23 -19.76 -20.92
H8B DPV AA . -5.72 -19.99 -21.90
H15 DPV AA . 2.44 -18.37 -14.70
H15A DPV AA . 0.86 -19.04 -14.32
H16 DPV AA . 0.55 -17.17 -12.57
H16A DPV AA . 1.76 -18.39 -12.23
H17 DPV AA . 3.52 -16.76 -13.24
H17A DPV AA . 2.27 -15.52 -13.18
H18 DPV AA . 2.03 -15.89 -10.70
H18A DPV AA . 3.31 -17.09 -10.78
H19 DPV AA . 4.82 -15.18 -11.82
H19A DPV AA . 3.57 -14.07 -11.29
H20 DPV AA . 5.06 -14.02 -9.46
H20A DPV AA . 3.86 -15.18 -8.92
H21 DPV AA . 5.95 -16.19 -8.36
H21A DPV AA . 5.44 -17.03 -9.82
H22 DPV AA . 6.97 -15.55 -11.18
H22A DPV AA . 7.55 -14.81 -9.71
H23 DPV AA . 8.93 -16.80 -10.71
H23A DPV AA . 7.67 -17.85 -10.06
H23B DPV AA . 8.61 -16.81 -8.97
N DPV BA . 10.81 -9.67 -27.01
P DPV BA . 6.82 -10.13 -24.70
C1 DPV BA . 4.94 -11.77 -24.00
C2 DPV BA . 3.45 -12.03 -24.34
C3 DPV BA . 2.69 -12.67 -23.13
C4 DPV BA . 8.23 -9.21 -26.71
C5 DPV BA . 9.35 -10.25 -27.01
C6 DPV BA . 11.00 -8.61 -28.13
C7 DPV BA . 11.76 -10.83 -27.32
C8 DPV BA . 11.21 -9.08 -25.66
C15 DPV BA . 1.14 -12.43 -23.16
C16 DPV BA . 0.66 -10.95 -22.91
C17 DPV BA . 1.22 -10.31 -21.60
C18 DPV BA . 0.46 -9.00 -21.22
C19 DPV BA . 1.12 -8.31 -20.00
O1P DPV BA . 7.90 -10.91 -24.06
C20 DPV BA . 0.18 -7.25 -19.34
C21 DPV BA . 0.89 -6.39 -18.24
C22 DPV BA . 1.41 -7.17 -16.99
C23 DPV BA . 0.30 -7.80 -16.14
O2P DPV BA . 6.51 -8.88 -23.97
O3P DPV BA . 5.53 -10.99 -25.05
O4P DPV BA . 7.04 -9.90 -26.27
H1 DPV BA . 5.02 -11.21 -23.06
H1A DPV BA . 5.49 -12.72 -23.90
H2 DPV BA . 2.99 -11.08 -24.59
H2A DPV BA . 3.37 -12.67 -25.21
H3 DPV BA . 3.10 -12.30 -22.20
H3A DPV BA . 2.87 -13.75 -23.14
H4 DPV BA . 8.52 -8.51 -25.93
H4A DPV BA . 8.00 -8.65 -27.62
H5 DPV BA . 9.33 -11.06 -26.27
H5A DPV BA . 9.18 -10.69 -28.00
H6 DPV BA . 10.32 -7.77 -27.91
H6A DPV BA . 10.73 -9.06 -29.09
H6B DPV BA . 12.03 -8.28 -28.14
H7 DPV BA . 11.62 -11.61 -26.56
H7A DPV BA . 12.79 -10.45 -27.33
H7B DPV BA . 11.52 -11.23 -28.32
H8 DPV BA . 12.28 -8.81 -25.69
H8A DPV BA . 11.04 -9.82 -24.88
H8B DPV BA . 10.61 -8.19 -25.47
H15 DPV BA . 0.69 -13.07 -22.38
H15A DPV BA . 0.74 -12.77 -24.12
H16 DPV BA . 0.93 -10.33 -23.77
H16A DPV BA . -0.43 -10.97 -22.87
H17 DPV BA . 1.13 -11.02 -20.77
H17A DPV BA . 2.28 -10.09 -21.74
H18 DPV BA . 0.46 -8.31 -22.06
H18A DPV BA . -0.58 -9.25 -21.00
H19 DPV BA . 1.38 -9.05 -19.26
H19A DPV BA . 2.04 -7.82 -20.32
H20 DPV BA . -0.18 -6.57 -20.13
H20A DPV BA . -0.69 -7.75 -18.92
H21 DPV BA . 1.74 -5.86 -18.70
H21A DPV BA . 0.20 -5.62 -17.92
H22 DPV BA . 2.10 -7.96 -17.31
H22A DPV BA . 1.97 -6.48 -16.35
H23 DPV BA . -0.21 -8.59 -16.71
H23A DPV BA . -0.43 -7.05 -15.84
H23B DPV BA . 0.73 -8.25 -15.25
N DPV CA . 24.54 -8.69 -20.63
P DPV CA . 24.01 -4.47 -17.65
C1 DPV CA . 22.04 -3.40 -16.37
C2 DPV CA . 20.60 -3.75 -16.00
C3 DPV CA . 20.00 -2.70 -15.02
C4 DPV CA . 24.63 -6.31 -19.43
C5 DPV CA . 23.81 -7.33 -20.29
C6 DPV CA . 23.55 -9.55 -21.42
C7 DPV CA . 24.93 -9.47 -19.37
C8 DPV CA . 25.76 -8.46 -21.53
C15 DPV CA . 18.55 -3.07 -14.60
C16 DPV CA . 17.86 -1.88 -13.87
C17 DPV CA . 16.46 -2.23 -13.34
C18 DPV CA . 15.37 -2.30 -14.46
C19 DPV CA . 13.91 -2.32 -13.89
O1P DPV CA . 24.67 -5.26 -16.59
C20 DPV CA . 13.48 -3.70 -13.30
C21 DPV CA . 12.09 -3.65 -12.61
C22 DPV CA . 10.90 -3.67 -13.61
C23 DPV CA . 9.56 -3.43 -12.90
O2P DPV CA . 24.72 -3.21 -17.92
O3P DPV CA . 22.45 -4.29 -17.43
O4P DPV CA . 23.69 -5.32 -18.96
H1 DPV CA . 22.10 -2.37 -16.71
H1A DPV CA . 22.69 -3.54 -15.50
H2 DPV CA . 19.99 -3.80 -16.91
H2A DPV CA . 20.57 -4.74 -15.55
H3 DPV CA . 20.01 -1.71 -15.50
H3A DPV CA . 20.63 -2.63 -14.13
H4 DPV CA . 25.07 -6.80 -18.55
H4A DPV CA . 25.41 -5.83 -20.00
H5 DPV CA . 22.88 -7.60 -19.77
H5A DPV CA . 23.54 -6.88 -21.26
H6 DPV CA . 24.02 -10.49 -21.67
H6A DPV CA . 23.24 -9.02 -22.33
H6B DPV CA . 22.67 -9.75 -20.80
H7 DPV CA . 25.73 -8.94 -18.85
H7A DPV CA . 25.27 -10.47 -19.65
H7B DPV CA . 24.04 -9.54 -18.73
H8 DPV CA . 25.45 -7.87 -22.41
H8A DPV CA . 26.16 -9.43 -21.84
H8B DPV CA . 26.52 -7.92 -20.96
H15 DPV CA . 18.59 -3.94 -13.93
H15A DPV CA . 17.97 -3.35 -15.47
H16 DPV CA . 18.48 -1.58 -13.03
H16A DPV CA . 17.79 -1.03 -14.55
H17 DPV CA . 16.49 -3.17 -12.78
H17A DPV CA . 16.18 -1.44 -12.63
H18 DPV CA . 15.48 -1.44 -15.12
H18A DPV CA . 15.54 -3.18 -15.08
H19 DPV CA . 13.80 -1.57 -13.12
H19A DPV CA . 13.23 -2.05 -14.71
H20 DPV CA . 13.49 -4.47 -14.08
H20A DPV CA . 14.23 -4.01 -12.58
H21 DPV CA . 12.00 -4.49 -11.93
H21A DPV CA . 12.05 -2.74 -12.00
H22 DPV CA . 11.03 -2.91 -14.38
H22A DPV CA . 10.88 -4.65 -14.09
H23 DPV CA . 8.72 -3.55 -13.58
H23A DPV CA . 9.51 -2.42 -12.49
H23B DPV CA . 9.42 -4.14 -12.08
N DPV DA . 10.06 9.30 -4.99
P DPV DA . 9.94 4.63 -4.72
C1 DPV DA . 11.65 2.79 -5.52
C2 DPV DA . 12.39 1.55 -5.00
C3 DPV DA . 13.35 0.98 -6.11
C4 DPV DA . 10.82 6.88 -5.74
C5 DPV DA . 10.76 7.95 -4.60
C6 DPV DA . 10.76 9.99 -6.18
C7 DPV DA . 10.16 10.26 -3.79
C8 DPV DA . 8.57 9.11 -5.32
C15 DPV DA . 13.87 -0.46 -5.80
C16 DPV DA . 12.80 -1.55 -6.12
C17 DPV DA . 13.32 -2.98 -5.83
C18 DPV DA . 12.20 -4.05 -5.92
C19 DPV DA . 11.84 -4.47 -7.38
O1P DPV DA . 9.24 5.08 -3.50
C20 DPV DA . 10.50 -5.25 -7.41
C21 DPV DA . 10.26 -5.93 -8.79
C22 DPV DA . 8.92 -6.74 -8.83
C23 DPV DA . 7.69 -5.87 -9.19
O2P DPV DA . 9.01 4.30 -5.81
O3P DPV DA . 10.99 3.45 -4.40
O4P DPV DA . 11.13 5.60 -5.15
H1 DPV DA . 12.36 3.50 -5.98
H1A DPV DA . 10.89 2.51 -6.25
H2 DPV DA . 12.97 1.80 -4.11
H2A DPV DA . 11.66 0.80 -4.73
H3 DPV DA . 14.22 1.65 -6.18
H3A DPV DA . 12.87 0.99 -7.07
H4 DPV DA . 9.86 6.81 -6.27
H4A DPV DA . 11.60 7.15 -6.45
H5 DPV DA . 10.20 7.56 -3.75
H5A DPV DA . 11.78 8.19 -4.27
H6 DPV DA . 11.74 10.34 -5.86
H6A DPV DA . 10.15 10.84 -6.52
H6B DPV DA . 10.86 9.27 -7.01
H7 DPV DA . 9.66 9.78 -2.92
H7A DPV DA . 9.66 11.20 -4.04
H7B DPV DA . 11.21 10.45 -3.55
H8 DPV DA . 8.48 8.47 -6.20
H8A DPV DA . 8.11 10.08 -5.52
H8B DPV DA . 8.08 8.64 -4.46
H15 DPV DA . 14.18 -0.53 -4.74
H15A DPV DA . 14.76 -0.66 -6.39
H16 DPV DA . 11.91 -1.36 -5.50
H16A DPV DA . 12.50 -1.47 -7.17
H17 DPV DA . 14.13 -3.25 -6.52
H17A DPV DA . 13.73 -3.02 -4.82
H18 DPV DA . 12.52 -4.93 -5.39
H18A DPV DA . 11.31 -3.67 -5.42
H19 DPV DA . 11.78 -3.59 -8.02
H19A DPV DA . 12.65 -5.10 -7.77
H20 DPV DA . 10.51 -6.01 -6.64
H20A DPV DA . 9.68 -4.56 -7.18
H21 DPV DA . 10.27 -5.18 -9.60
H21A DPV DA . 11.07 -6.61 -8.98
H22 DPV DA . 9.01 -7.52 -9.57
H22A DPV DA . 8.75 -7.24 -7.88
H23 DPV DA . 7.86 -5.35 -10.14
H23A DPV DA . 7.52 -5.12 -8.42
H23B DPV DA . 6.81 -6.49 -9.30
N DPV EA . 28.28 -3.17 -2.77
P DPV EA . 24.20 -2.17 -5.74
C1 DPV EA . 21.65 -1.55 -5.79
C2 DPV EA . 20.29 -1.90 -5.11
C3 DPV EA . 19.71 -3.26 -5.59
C4 DPV EA . 26.06 -2.19 -3.89
C5 DPV EA . 26.89 -3.46 -3.47
C6 DPV EA . 28.97 -4.51 -2.51
C7 DPV EA . 28.11 -2.43 -1.42
C8 DPV EA . 29.22 -2.33 -3.67
C15 DPV EA . 18.33 -3.58 -4.94
C16 DPV EA . 17.58 -4.69 -5.72
C17 DPV EA . 16.45 -5.35 -4.87
C18 DPV EA . 15.65 -6.37 -5.71
C19 DPV EA . 14.66 -7.22 -4.87
O1P DPV EA . 24.51 -0.77 -6.10
C20 DPV EA . 13.84 -8.15 -5.81
C21 DPV EA . 12.94 -9.15 -5.01
C22 DPV EA . 12.00 -9.97 -5.92
C23 DPV EA . 10.68 -9.23 -6.28
O2P DPV EA . 24.58 -3.11 -6.81
O3P DPV EA . 22.70 -2.39 -5.23
O4P DPV EA . 24.74 -2.62 -4.29
H1 DPV EA . 21.58 -1.73 -6.87
H1A DPV EA . 21.89 -0.50 -5.60
H2 DPV EA . 20.43 -1.92 -4.03
H2A DPV EA . 19.57 -1.10 -5.32
H3 DPV EA . 20.40 -4.06 -5.32
H3A DPV EA . 19.61 -3.26 -6.67
H4 DPV EA . 25.95 -1.50 -3.04
H4A DPV EA . 26.54 -1.69 -4.72
H5 DPV EA . 26.31 -4.06 -2.75
H5A DPV EA . 27.09 -4.08 -4.33
H6 DPV EA . 29.12 -5.04 -3.45
H6A DPV EA . 28.34 -5.10 -1.83
H6B DPV EA . 29.93 -4.33 -2.02
H7 DPV EA . 27.65 -1.46 -1.60
H7A DPV EA . 29.10 -2.30 -0.95
H7B DPV EA . 27.47 -3.03 -0.78
H8 DPV EA . 28.74 -1.37 -3.91
H8A DPV EA . 29.43 -2.91 -4.58
H8B DPV EA . 30.15 -2.16 -3.13
H15 DPV EA . 17.71 -2.68 -4.92
H15A DPV EA . 18.49 -3.88 -3.89
H16 DPV EA . 17.15 -4.27 -6.63
H16A DPV EA . 18.29 -5.48 -6.03
H17 DPV EA . 16.90 -5.86 -4.01
H17A DPV EA . 15.78 -4.58 -4.50
H18 DPV EA . 15.10 -5.82 -6.49
H18A DPV EA . 16.35 -7.05 -6.22
H19 DPV EA . 15.21 -7.83 -4.15
H19A DPV EA . 13.98 -6.58 -4.32
H20 DPV EA . 13.21 -7.52 -6.46
H20A DPV EA . 14.50 -8.72 -6.46
H21 DPV EA . 13.59 -9.83 -4.46
H21A DPV EA . 12.35 -8.59 -4.26
H22 DPV EA . 12.53 -10.26 -6.84
H22A DPV EA . 11.74 -10.91 -5.42
H23 DPV EA . 10.89 -8.30 -6.81
H23A DPV EA . 10.12 -8.98 -5.37
H23B DPV EA . 10.05 -9.85 -6.91
N DPV FA . 27.98 -9.35 4.57
P DPV FA . 27.94 -5.11 1.57
C1 DPV FA . 25.96 -5.63 -0.05
C2 DPV FA . 24.79 -6.61 -0.20
C3 DPV FA . 23.83 -6.16 -1.34
C4 DPV FA . 28.37 -7.30 2.96
C5 DPV FA . 28.24 -7.82 4.41
C6 DPV FA . 29.09 -10.21 3.90
C7 DPV FA . 26.60 -9.74 4.01
C8 DPV FA . 27.98 -9.65 6.07
C15 DPV FA . 22.88 -7.29 -1.79
C16 DPV FA . 21.88 -6.76 -2.86
C17 DPV FA . 21.07 -7.90 -3.52
C18 DPV FA . 20.03 -7.35 -4.53
C19 DPV FA . 19.30 -8.48 -5.32
O1P DPV FA . 27.63 -3.67 1.74
C20 DPV FA . 18.26 -9.27 -4.46
C21 DPV FA . 17.54 -10.37 -5.31
C22 DPV FA . 16.69 -11.29 -4.39
C23 DPV FA . 15.97 -12.41 -5.16
O2P DPV FA . 29.12 -5.31 0.71
O3P DPV FA . 26.67 -5.98 1.15
O4P DPV FA . 28.02 -5.90 2.96
H1 DPV FA . 26.63 -5.70 -0.91
H1A DPV FA . 25.59 -4.60 0.04
H2 DPV FA . 25.19 -7.60 -0.43
H2A DPV FA . 24.25 -6.68 0.73
H3 DPV FA . 24.42 -5.83 -2.20
H3A DPV FA . 23.28 -5.27 -0.99
H4 DPV FA . 29.40 -7.40 2.61
H4A DPV FA . 27.66 -7.83 2.30
H5 DPV FA . 29.17 -7.60 4.97
H5A DPV FA . 27.41 -7.33 4.91
H6 DPV FA . 30.07 -9.91 4.32
H6A DPV FA . 29.07 -10.03 2.81
H6B DPV FA . 28.90 -11.26 4.13
H7 DPV FA . 25.84 -9.13 4.51
H7A DPV FA . 26.42 -10.79 4.20
H7B DPV FA . 26.58 -9.55 2.93
H8 DPV FA . 27.22 -9.04 6.56
H8A DPV FA . 28.98 -9.41 6.47
H8B DPV FA . 27.78 -10.73 6.22
H15 DPV FA . 22.33 -7.69 -0.93
H15A DPV FA . 23.47 -8.10 -2.22
H16 DPV FA . 21.19 -6.04 -2.39
H16A DPV FA . 22.41 -6.22 -3.64
H17 DPV FA . 21.76 -8.57 -4.03
H17A DPV FA . 20.56 -8.48 -2.73
H18 DPV FA . 19.28 -6.74 -4.01
H18A DPV FA . 20.53 -6.70 -5.24
H19 DPV FA . 18.78 -8.03 -6.17
H19A DPV FA . 20.05 -9.16 -5.73
H20 DPV FA . 18.76 -9.74 -3.63
H20A DPV FA . 17.53 -8.56 -4.06
H21 DPV FA . 16.91 -9.89 -6.06
H21A DPV FA . 18.29 -10.98 -5.82
H22 DPV FA . 17.34 -11.73 -3.63
H22A DPV FA . 15.94 -10.69 -3.86
H23 DPV FA . 15.47 -13.09 -4.47
H23A DPV FA . 16.67 -12.99 -5.76
H23B DPV FA . 15.22 -11.96 -5.82
N DPV GA . 14.43 -6.96 13.08
P DPV GA . 17.50 -3.63 12.51
C1 DPV GA . 16.54 -2.65 14.76
C2 DPV GA . 15.13 -2.16 15.15
C3 DPV GA . 14.74 -2.71 16.56
C4 DPV GA . 16.01 -5.54 11.49
C5 DPV GA . 14.61 -6.20 11.72
C6 DPV GA . 15.47 -8.09 13.27
C7 DPV GA . 13.04 -7.62 13.08
C8 DPV GA . 14.49 -6.02 14.30
C15 DPV GA . 13.34 -2.24 17.04
C16 DPV GA . 12.16 -2.88 16.23
C17 DPV GA . 11.42 -1.84 15.34
C18 DPV GA . 10.64 -2.50 14.17
C19 DPV GA . 11.51 -2.67 12.89
O1P DPV GA . 18.40 -4.46 13.33
C20 DPV GA . 10.72 -3.29 11.72
C21 DPV GA . 11.56 -3.30 10.40
C22 DPV GA . 10.78 -3.95 9.21
C23 DPV GA . 10.96 -5.49 9.17
O2P DPV GA . 18.18 -3.12 11.30
O3P DPV GA . 16.72 -2.48 13.32
O4P DPV GA . 16.08 -4.29 12.22
H1 DPV GA . 17.31 -2.06 15.27
H1A DPV GA . 16.66 -3.72 15.00
H2 DPV GA . 15.12 -1.06 15.17
H2A DPV GA . 14.40 -2.49 14.40
H3 DPV GA . 15.48 -2.37 17.29
H3A DPV GA . 14.78 -3.80 16.55
H4 DPV GA . 16.82 -6.20 11.81
H4A DPV GA . 16.14 -5.31 10.43
H5 DPV GA . 13.84 -5.43 11.68
H5A DPV GA . 14.41 -6.92 10.92
H6 DPV GA . 16.48 -7.64 13.38
H6A DPV GA . 15.45 -8.75 12.39
H6B DPV GA . 15.24 -8.67 14.18
H7 DPV GA . 12.26 -6.88 13.03
H7A DPV GA . 12.93 -8.19 14.01
H7B DPV GA . 12.96 -8.31 12.23
H8 DPV GA . 13.76 -5.22 14.14
H8A DPV GA . 15.50 -5.59 14.35
H8B DPV GA . 14.27 -6.58 15.21
H15 DPV GA . 13.27 -1.15 17.03
H15A DPV GA . 13.22 -2.54 18.09
H16 DPV GA . 12.52 -3.71 15.62
H16A DPV GA . 11.43 -3.30 16.92
H17 DPV GA . 10.72 -1.29 15.97
H17A DPV GA . 12.13 -1.11 14.95
H18 DPV GA . 10.21 -3.45 14.48
H18A DPV GA . 9.80 -1.85 13.92
H19 DPV GA . 11.90 -1.70 12.59
H19A DPV GA . 12.38 -3.31 13.12
H20 DPV GA . 10.41 -4.31 11.98
H20A DPV GA . 9.81 -2.71 11.55
H21 DPV GA . 11.78 -2.27 10.14
H21A DPV GA . 12.51 -3.81 10.56
H22 DPV GA . 9.72 -3.71 9.27
H22A DPV GA . 11.16 -3.52 8.28
H23 DPV GA . 12.02 -5.76 9.15
H23A DPV GA . 10.50 -5.88 8.27
H23B DPV GA . 10.47 -5.97 10.02
N DPV HA . 14.33 4.70 8.46
P DPV HA . 11.27 0.52 8.53
C1 DPV HA . 8.70 0.89 8.92
C2 DPV HA . 8.13 -0.53 9.24
C3 DPV HA . 7.57 -0.60 10.69
C4 DPV HA . 12.62 2.72 8.73
C5 DPV HA . 13.22 3.82 7.80
C6 DPV HA . 15.52 3.86 8.98
C7 DPV HA . 13.75 5.55 9.63
C8 DPV HA . 14.88 5.66 7.39
C15 DPV HA . 6.94 -1.98 11.00
C16 DPV HA . 6.61 -2.12 12.52
C17 DPV HA . 6.05 -3.51 12.90
C18 DPV HA . 7.16 -4.57 13.13
C19 DPV HA . 6.55 -5.96 13.51
O1P DPV HA . 11.96 -0.59 7.84
C20 DPV HA . 7.62 -7.05 13.83
C21 DPV HA . 8.23 -7.67 12.54
C22 DPV HA . 9.23 -8.80 12.88
C23 DPV HA . 9.87 -9.39 11.61
O2P DPV HA . 11.37 0.41 10.02
O3P DPV HA . 9.79 0.78 7.98
O4P DPV HA . 11.67 1.96 7.96
H1 DPV HA . 7.90 1.50 8.48
H1A DPV HA . 9.06 1.37 9.83
H2 DPV HA . 7.35 -0.77 8.52
H2A DPV HA . 8.93 -1.25 9.13
H3 DPV HA . 6.83 0.19 10.83
H3A DPV HA . 8.38 -0.41 11.38
H4 DPV HA . 13.40 2.04 9.07
H4A DPV HA . 12.12 3.17 9.58
H5 DPV HA . 13.67 3.33 6.93
H5A DPV HA . 12.44 4.48 7.45
H6 DPV HA . 15.91 3.27 8.16
H6A DPV HA . 15.16 3.20 9.78
H6B DPV HA . 16.28 4.54 9.37
H7 DPV HA . 14.54 6.22 9.99
H7A DPV HA . 13.42 4.88 10.42
H7B DPV HA . 12.90 6.13 9.24
H8 DPV HA . 15.65 6.30 7.83
H8A DPV HA . 14.07 6.27 7.00
H8B DPV HA . 15.33 5.07 6.58
H15 DPV HA . 7.63 -2.77 10.70
H15A DPV HA . 6.04 -2.12 10.40
H16 DPV HA . 7.51 -1.91 13.11
H16A DPV HA . 5.86 -1.37 12.79
H17 DPV HA . 5.46 -3.42 13.82
H17A DPV HA . 5.38 -3.87 12.10
H18 DPV HA . 7.76 -4.69 12.21
H18A DPV HA . 7.83 -4.26 13.93
H19 DPV HA . 5.92 -5.84 14.41
H19A DPV HA . 5.90 -6.31 12.71
H20 DPV HA . 8.41 -6.63 14.44
H20A DPV HA . 7.13 -7.83 14.41
H21 DPV HA . 7.44 -8.08 11.92
H21A DPV HA . 8.75 -6.90 11.96
H22 DPV HA . 10.00 -8.43 13.55
H22A DPV HA . 8.71 -9.61 13.42
H23 DPV HA . 10.43 -8.63 11.07
H23A DPV HA . 9.12 -9.82 10.96
H23B DPV HA . 10.57 -10.19 11.89
N DPV IA . 18.65 -12.94 15.86
P DPV IA . 13.61 -11.83 16.42
C1 DPV IA . 11.93 -9.81 16.51
C2 DPV IA . 10.66 -10.51 16.00
C3 DPV IA . 9.32 -9.96 16.56
C4 DPV IA . 16.05 -12.57 15.94
C5 DPV IA . 17.46 -11.99 15.56
C6 DPV IA . 19.94 -12.23 15.40
C7 DPV IA . 18.56 -14.28 15.08
C8 DPV IA . 18.79 -13.25 17.37
C15 DPV IA . 8.19 -10.99 16.29
C16 DPV IA . 6.76 -10.39 16.40
C17 DPV IA . 5.65 -11.48 16.38
C18 DPV IA . 5.46 -12.17 14.99
C19 DPV IA . 4.40 -13.31 15.09
O1P DPV IA . 12.91 -12.98 15.82
C20 DPV IA . 4.21 -14.06 13.73
C21 DPV IA . 3.21 -13.34 12.78
C22 DPV IA . 3.07 -14.09 11.42
C23 DPV IA . 2.08 -13.38 10.48
O2P DPV IA . 13.66 -11.89 17.89
O3P DPV IA . 13.10 -10.42 15.87
O4P DPV IA . 15.05 -11.57 15.77
H1 DPV IA . 11.91 -8.74 16.25
H1A DPV IA . 12.03 -9.91 17.60
H2 DPV IA . 10.65 -10.46 14.91
H2A DPV IA . 10.74 -11.56 16.27
H3 DPV IA . 9.11 -9.00 16.07
H3A DPV IA . 9.41 -9.76 17.64
H4 DPV IA . 15.79 -13.44 15.31
H4A DPV IA . 16.05 -12.89 17.00
H5 DPV IA . 17.45 -11.76 14.49
H5A DPV IA . 17.62 -11.08 16.12
H6 DPV IA . 20.04 -11.29 15.95
H6A DPV IA . 19.88 -12.04 14.33
H6B DPV IA . 20.80 -12.88 15.60
H7 DPV IA . 18.45 -14.07 14.01
H7A DPV IA . 17.71 -14.84 15.45
H7B DPV IA . 19.48 -14.86 15.25
H8 DPV IA . 17.91 -13.83 17.68
H8A DPV IA . 18.84 -12.31 17.92
H8B DPV IA . 19.70 -13.83 17.52
H15 DPV IA . 8.28 -11.81 17.01
H15A DPV IA . 8.31 -11.40 15.30
H16 DPV IA . 6.68 -9.86 17.34
H16A DPV IA . 6.60 -9.65 15.60
H17 DPV IA . 5.88 -12.24 17.13
H17A DPV IA . 4.69 -11.04 16.67
H18 DPV IA . 5.13 -11.41 14.27
H18A DPV IA . 6.41 -12.57 14.65
H19 DPV IA . 4.73 -14.04 15.83
H19A DPV IA . 3.46 -12.92 15.44
H20 DPV IA . 5.17 -14.20 13.23
H20A DPV IA . 3.81 -15.06 13.95
H21 DPV IA . 2.23 -13.29 13.26
H21A DPV IA . 3.55 -12.31 12.61
H22 DPV IA . 4.05 -14.14 10.92
H22A DPV IA . 2.74 -15.11 11.60
H23 DPV IA . 2.02 -13.89 9.51
H23A DPV IA . 2.39 -12.33 10.30
H23B DPV IA . 1.08 -13.38 10.91
N DPV JA . 6.20 -30.79 5.98
P DPV JA . 10.09 -31.65 8.67
C1 DPV JA . 12.22 -30.58 9.77
C2 DPV JA . 12.81 -29.18 10.09
C3 DPV JA . 13.13 -28.38 8.79
C4 DPV JA . 7.86 -30.33 8.02
C5 DPV JA . 6.98 -31.35 7.23
C6 DPV JA . 5.25 -31.88 5.49
C7 DPV JA . 7.20 -30.45 4.85
C8 DPV JA . 5.35 -29.53 6.34
C15 DPV JA . 13.96 -27.08 9.05
C16 DPV JA . 13.16 -25.89 9.62
C17 DPV JA . 12.22 -25.21 8.59
C18 DPV JA . 11.42 -24.04 9.19
C19 DPV JA . 10.42 -23.46 8.16
O1P DPV JA . 10.30 -32.98 9.27
C20 DPV JA . 9.53 -22.30 8.71
C21 DPV JA . 8.41 -22.74 9.72
C22 DPV JA . 7.25 -23.55 9.07
C23 DPV JA . 6.19 -22.65 8.39
O2P DPV JA . 10.42 -31.63 7.23
O3P DPV JA . 10.79 -30.47 9.49
O4P DPV JA . 8.66 -31.01 9.03
H1 DPV JA . 12.73 -31.02 8.91
H1A DPV JA . 12.34 -31.24 10.63
H2 DPV JA . 12.09 -28.62 10.70
H2A DPV JA . 13.71 -29.32 10.68
H3 DPV JA . 12.22 -28.13 8.26
H3A DPV JA . 13.71 -29.02 8.12
H4 DPV JA . 8.51 -29.80 7.34
H4A DPV JA . 7.24 -29.60 8.53
H5 DPV JA . 7.62 -32.18 6.88
H5A DPV JA . 6.24 -31.76 7.92
H6 DPV JA . 4.55 -32.09 6.30
H6A DPV JA . 5.84 -32.77 5.25
H6B DPV JA . 4.71 -31.52 4.62
H7 DPV JA . 7.85 -29.64 5.17
H7A DPV JA . 6.62 -30.15 3.96
H7B DPV JA . 7.78 -31.36 4.64
H8 DPV JA . 6.03 -28.72 6.62
H8A DPV JA . 4.69 -29.76 7.19
H8B DPV JA . 4.77 -29.24 5.47
H15 DPV JA . 14.44 -26.76 8.11
H15A DPV JA . 14.79 -27.30 9.73
H16 DPV JA . 12.57 -26.22 10.49
H16A DPV JA . 13.87 -25.15 9.99
H17 DPV JA . 12.80 -24.85 7.74
H17A DPV JA . 11.53 -25.97 8.20
H18 DPV JA . 10.86 -24.41 10.06
H18A DPV JA . 12.10 -23.26 9.54
H19 DPV JA . 10.98 -23.10 7.31
H19A DPV JA . 9.77 -24.27 7.79
H20 DPV JA . 10.18 -21.55 9.19
H20A DPV JA . 9.06 -21.78 7.87
H21 DPV JA . 8.85 -23.36 10.51
H21A DPV JA . 8.02 -21.85 10.21
H22 DPV JA . 7.63 -24.26 8.34
H22A DPV JA . 6.76 -24.13 9.85
H23 DPV JA . 5.35 -23.26 7.99
H23A DPV JA . 6.62 -22.10 7.55
H23B DPV JA . 5.76 -21.93 9.11
N DPV KA . -3.01 -32.99 -0.39
P DPV KA . -1.67 -30.66 3.40
C1 DPV KA . -3.00 -30.73 5.67
C2 DPV KA . -4.26 -29.99 6.21
C3 DPV KA . -4.07 -28.44 6.14
C4 DPV KA . -1.32 -32.57 1.64
C5 DPV KA . -1.78 -32.21 0.18
C6 DPV KA . -4.29 -32.74 0.44
C7 DPV KA . -2.74 -34.50 -0.48
C8 DPV KA . -3.27 -32.51 -1.84
C15 DPV KA . -5.41 -27.68 6.25
C16 DPV KA . -5.23 -26.11 6.34
C17 DPV KA . -4.65 -25.49 5.02
C18 DPV KA . -4.40 -23.96 5.15
C19 DPV KA . -3.43 -23.40 4.06
O1P DPV KA . -0.47 -30.91 4.23
C20 DPV KA . -4.06 -23.24 2.65
C21 DPV KA . -3.02 -22.91 1.52
C22 DPV KA . -2.46 -21.45 1.59
C23 DPV KA . -1.52 -21.12 0.41
O2P DPV KA . -1.54 -29.45 2.56
O3P DPV KA . -3.05 -30.69 4.22
O4P DPV KA . -2.20 -31.94 2.60
H1 DPV KA . -2.09 -30.27 6.05
H1A DPV KA . -3.01 -31.77 5.99
H2 DPV KA . -5.13 -30.30 5.63
H2A DPV KA . -4.43 -30.29 7.24
H3 DPV KA . -3.57 -28.19 5.21
H3A DPV KA . -3.40 -28.14 6.97
H4 DPV KA . -1.33 -33.65 1.80
H4A DPV KA . -0.29 -32.21 1.79
H5 DPV KA . -2.02 -31.15 0.13
H5A DPV KA . -0.96 -32.41 -0.51
H6 DPV KA . -5.12 -33.30 -0.01
H6A DPV KA . -4.49 -31.67 0.43
H6B DPV KA . -4.12 -33.10 1.44
H7 DPV KA . -3.60 -35.00 -0.92
H7A DPV KA . -2.57 -34.88 0.54
H7B DPV KA . -1.85 -34.66 -1.09
H8 DPV KA . -4.16 -33.02 -2.22
H8A DPV KA . -2.41 -32.74 -2.46
H8B DPV KA . -3.47 -31.43 -1.83
H15 DPV KA . -5.95 -28.01 7.15
H15A DPV KA . -6.05 -27.91 5.40
H16 DPV KA . -6.18 -25.66 6.58
H16A DPV KA . -4.55 -25.89 7.19
H17 DPV KA . -3.70 -25.99 4.77
H17A DPV KA . -5.35 -25.68 4.21
H18 DPV KA . -5.35 -23.41 5.11
H18A DPV KA . -3.95 -23.75 6.14
H19 DPV KA . -3.06 -22.43 4.40
H19A DPV KA . -2.55 -24.04 3.98
H20 DPV KA . -4.57 -24.17 2.36
H20A DPV KA . -4.82 -22.47 2.68
H21 DPV KA . -2.19 -23.64 1.56
H21A DPV KA . -3.50 -23.05 0.54
H22 DPV KA . -3.27 -20.74 1.60
H22A DPV KA . -1.89 -21.33 2.52
H23 DPV KA . -1.03 -20.15 0.56
H23A DPV KA . -2.09 -21.08 -0.52
H23B DPV KA . -0.74 -21.88 0.30
N DPV LA . -2.74 -24.71 -17.48
P DPV LA . -3.85 -28.51 -14.23
C1 DPV LA . -3.10 -30.88 -15.05
C2 DPV LA . -1.81 -31.71 -15.18
C3 DPV LA . -1.24 -32.19 -13.80
C4 DPV LA . -3.26 -26.29 -15.43
C5 DPV LA . -2.21 -25.75 -16.44
C6 DPV LA . -1.52 -24.24 -18.29
C7 DPV LA . -3.35 -23.47 -16.79
C8 DPV LA . -3.77 -25.32 -18.43
C15 DPV LA . 0.12 -32.91 -13.95
C16 DPV LA . 0.62 -33.51 -12.61
C17 DPV LA . 2.10 -34.02 -12.67
C18 DPV LA . 3.18 -32.90 -12.66
C19 DPV LA . 3.35 -32.22 -11.24
O1P DPV LA . -4.14 -28.10 -12.85
C20 DPV LA . 4.56 -32.79 -10.45
C21 DPV LA . 4.59 -32.16 -9.03
C22 DPV LA . 5.85 -32.52 -8.22
C23 DPV LA . 5.81 -31.84 -6.85
O2P DPV LA . -5.09 -28.76 -15.00
O3P DPV LA . -2.77 -29.67 -14.33
O4P DPV LA . -2.81 -27.57 -14.96
H1 DPV LA . -3.47 -30.61 -16.05
H1A DPV LA . -3.87 -31.44 -14.52
H2 DPV LA . -2.01 -32.58 -15.82
H2A DPV LA . -1.05 -31.11 -15.70
H3 DPV LA . -1.95 -32.86 -13.32
H3A DPV LA . -1.10 -31.33 -13.14
H4 DPV LA . -3.37 -25.61 -14.58
H4A DPV LA . -4.22 -26.41 -15.94
H5 DPV LA . -1.41 -25.29 -15.87
H5A DPV LA . -1.78 -26.59 -17.00
H6 DPV LA . -0.81 -23.75 -17.61
H6A DPV LA . -1.86 -23.53 -19.05
H6B DPV LA . -1.07 -25.10 -18.77
H7 DPV LA . -3.64 -22.74 -17.55
H7A DPV LA . -2.61 -23.03 -16.12
H7B DPV LA . -4.23 -23.79 -16.23
H8 DPV LA . -4.70 -25.50 -17.89
H8A DPV LA . -3.36 -26.27 -18.81
H8B DPV LA . -3.96 -24.62 -19.26
H15 DPV LA . 0.84 -32.20 -14.36
H15A DPV LA . 0.02 -33.72 -14.69
H16 DPV LA . 0.53 -32.77 -11.81
H16A DPV LA . -0.02 -34.34 -12.33
H17 DPV LA . 2.27 -34.68 -11.83
H17A DPV LA . 2.22 -34.63 -13.58
H18 DPV LA . 4.13 -33.30 -12.99
H18A DPV LA . 2.90 -32.12 -13.37
H19 DPV LA . 3.48 -31.14 -11.38
H19A DPV LA . 2.43 -32.34 -10.65
H20 DPV LA . 4.49 -33.87 -10.36
H20A DPV LA . 5.49 -32.56 -10.99
H21 DPV LA . 4.56 -31.07 -9.12
H21A DPV LA . 3.71 -32.48 -8.48
H22 DPV LA . 5.91 -33.60 -8.09
H22A DPV LA . 6.74 -32.22 -8.77
H23 DPV LA . 4.89 -32.07 -6.32
H23A DPV LA . 5.91 -30.76 -6.95
H23B DPV LA . 6.65 -32.18 -6.24
N DPV MA . -6.54 -1.66 -14.74
P DPV MA . -4.35 -5.68 -12.24
C1 DPV MA . -2.13 -7.09 -12.05
C2 DPV MA . -0.62 -7.01 -12.36
C3 DPV MA . 0.11 -8.31 -11.92
C4 DPV MA . -5.58 -3.87 -13.63
C5 DPV MA . -5.42 -2.33 -13.86
C6 DPV MA . -6.35 -0.16 -14.67
C7 DPV MA . -7.96 -1.94 -14.19
C8 DPV MA . -6.42 -2.12 -16.21
C15 DPV MA . 1.66 -8.18 -12.07
C16 DPV MA . 2.38 -9.51 -11.75
C17 DPV MA . 3.93 -9.37 -11.81
C18 DPV MA . 4.61 -10.70 -11.39
C19 DPV MA . 6.14 -10.54 -11.10
O1P DPV MA . -4.68 -5.37 -10.83
C20 DPV MA . 6.85 -11.92 -11.07
C21 DPV MA . 8.19 -11.96 -10.27
C22 DPV MA . 8.00 -12.04 -8.72
C23 DPV MA . 9.24 -12.64 -8.01
O2P DPV MA . -5.17 -6.79 -12.76
O3P DPV MA . -2.77 -5.86 -12.50
O4P DPV MA . -4.32 -4.41 -13.19
H1 DPV MA . -2.57 -7.93 -12.59
H1A DPV MA . -2.31 -7.20 -10.98
H2 DPV MA . -0.48 -6.85 -13.43
H2A DPV MA . -0.20 -6.15 -11.83
H3 DPV MA . -0.27 -9.14 -12.54
H3A DPV MA . -0.14 -8.54 -10.88
H4 DPV MA . -6.33 -4.05 -12.84
H4A DPV MA . -5.88 -4.37 -14.55
H5 DPV MA . -5.39 -1.83 -12.90
H5A DPV MA . -4.45 -2.14 -14.36
H6 DPV MA . -5.36 0.09 -15.05
H6A DPV MA . -6.46 0.18 -13.64
H6B DPV MA . -7.09 0.33 -15.29
H7 DPV MA . -8.00 -1.60 -13.16
H7A DPV MA . -8.15 -3.01 -14.28
H7B DPV MA . -8.68 -1.39 -14.81
H8 DPV MA . -5.41 -1.90 -16.55
H8A DPV MA . -7.15 -1.59 -16.81
H8B DPV MA . -6.61 -3.19 -16.26
H15 DPV MA . 2.02 -7.40 -11.40
H15A DPV MA . 1.91 -7.87 -13.10
H16 DPV MA . 2.07 -9.84 -10.75
H16A DPV MA . 2.05 -10.28 -12.46
H17 DPV MA . 4.23 -9.11 -12.83
H17A DPV MA . 4.25 -8.56 -11.15
H18 DPV MA . 4.12 -11.11 -10.49
H18A DPV MA . 4.48 -11.43 -12.19
H19 DPV MA . 6.60 -9.93 -11.88
H19A DPV MA . 6.26 -10.02 -10.16
H20 DPV MA . 6.19 -12.68 -10.66
H20A DPV MA . 7.05 -12.24 -12.09
H21 DPV MA . 8.73 -12.85 -10.60
H21A DPV MA . 8.79 -11.10 -10.54
H22 DPV MA . 7.82 -11.04 -8.33
H22A DPV MA . 7.13 -12.64 -8.47
H23 DPV MA . 9.14 -12.56 -6.91
H23A DPV MA . 10.16 -12.14 -8.32
H23B DPV MA . 9.35 -13.70 -8.24
N DPV NA . -9.21 -7.16 -12.21
P DPV NA . -8.44 -10.99 -15.12
C1 DPV NA . -9.95 -13.04 -14.65
C2 DPV NA . -10.67 -13.74 -13.48
C3 DPV NA . -9.69 -14.20 -12.35
C4 DPV NA . -9.36 -8.59 -14.47
C5 DPV NA . -10.07 -8.04 -13.17
C6 DPV NA . -8.80 -5.83 -12.88
C7 DPV NA . -7.95 -7.87 -11.72
C8 DPV NA . -10.07 -6.83 -10.98
C15 DPV NA . -10.42 -14.53 -11.03
C16 DPV NA . -9.44 -14.98 -9.93
C17 DPV NA . -10.17 -15.36 -8.59
C18 DPV NA . -10.40 -14.13 -7.62
C19 DPV NA . -9.11 -13.56 -6.94
O1P DPV NA . -8.96 -10.72 -16.47
C20 DPV NA . -8.36 -14.56 -6.01
C21 DPV NA . -7.20 -13.90 -5.24
C22 DPV NA . -6.20 -14.97 -4.73
C23 DPV NA . -5.00 -14.34 -3.98
O2P DPV NA . -7.08 -11.60 -15.15
O3P DPV NA . -9.44 -11.77 -14.18
O4P DPV NA . -8.54 -9.73 -14.12
H1 DPV NA . -9.11 -13.65 -15.00
H1A DPV NA . -10.64 -12.85 -15.47
H2 DPV NA . -11.43 -13.07 -13.06
H2A DPV NA . -11.18 -14.61 -13.87
H3 DPV NA . -8.94 -13.42 -12.17
H3A DPV NA . -9.15 -15.10 -12.71
H4 DPV NA . -10.14 -8.92 -15.17
H4A DPV NA . -8.75 -7.83 -14.94
H5 DPV NA . -10.92 -7.43 -13.46
H5A DPV NA . -10.45 -8.88 -12.60
H6 DPV NA . -8.14 -6.05 -13.72
H6A DPV NA . -8.28 -5.19 -12.16
H6B DPV NA . -9.70 -5.34 -13.23
H7 DPV NA . -8.23 -8.82 -11.26
H7A DPV NA . -7.44 -7.25 -10.98
H7B DPV NA . -7.28 -8.06 -12.57
H8 DPV NA . -10.37 -7.75 -10.49
H8A DPV NA . -10.95 -6.27 -11.31
H8B DPV NA . -9.49 -6.21 -10.29
H15 DPV NA . -11.16 -15.32 -11.20
H15A DPV NA . -10.96 -13.64 -10.69
H16 DPV NA . -8.91 -15.87 -10.28
H16A DPV NA . -8.69 -14.21 -9.76
H17 DPV NA . -11.13 -15.82 -8.82
H17A DPV NA . -9.57 -16.10 -8.07
H18 DPV NA . -10.88 -13.32 -8.19
H18A DPV NA . -11.10 -14.44 -6.84
H19 DPV NA . -8.42 -13.18 -7.70
H19A DPV NA . -9.42 -12.69 -6.34
H20 DPV NA . -9.08 -14.99 -5.27
H20A DPV NA . -7.99 -15.39 -6.61
H21 DPV NA . -6.66 -13.20 -5.90
H21A DPV NA . -7.58 -13.32 -4.38
H22 DPV NA . -6.72 -15.66 -4.07
H22A DPV NA . -5.83 -15.55 -5.58
H23 DPV NA . -4.29 -15.12 -3.67
H23A DPV NA . -5.33 -13.80 -3.10
H23B DPV NA . -4.47 -13.64 -4.64
N DPV OA . 0.79 -1.85 -19.10
P DPV OA . -0.13 1.11 -15.93
C1 DPV OA . 1.19 3.26 -15.33
C2 DPV OA . 2.14 4.33 -15.92
C3 DPV OA . 3.49 3.73 -16.42
C4 DPV OA . -1.05 -0.32 -17.89
C5 DPV OA . -0.57 -1.07 -19.19
C6 DPV OA . 0.97 -2.66 -17.80
C7 DPV OA . 1.99 -0.89 -19.26
C8 DPV OA . 0.85 -2.86 -20.26
C15 DPV OA . 4.59 4.83 -16.57
C16 DPV OA . 6.01 4.24 -16.85
C17 DPV OA . 6.74 3.79 -15.55
C18 DPV OA . 8.18 3.25 -15.85
C19 DPV OA . 9.02 2.95 -14.58
O1P DPV OA . -1.48 1.52 -15.50
C20 DPV OA . 8.70 1.57 -13.93
C21 DPV OA . 9.63 1.21 -12.71
C22 DPV OA . 10.89 0.37 -13.10
C23 DPV OA . 12.10 1.21 -13.53
O2P DPV OA . 0.50 0.17 -14.96
O3P DPV OA . 0.81 2.31 -16.35
O4P DPV OA . -0.06 0.60 -17.43
H1 DPV OA . 1.69 2.73 -14.52
H1A DPV OA . 0.30 3.74 -14.95
H2 DPV OA . 1.64 4.83 -16.76
H2A DPV OA . 2.32 5.09 -15.16
H3 DPV OA . 3.32 3.25 -17.39
H3A DPV OA . 3.84 2.96 -15.73
H4 DPV OA . -1.96 0.25 -18.09
H4A DPV OA . -1.25 -1.06 -17.11
H5 DPV OA . -1.34 -1.79 -19.46
H5A DPV OA . -0.46 -0.33 -20.00
H6 DPV OA . 0.12 -3.34 -17.71
H6A DPV OA . 0.99 -1.96 -16.95
H6B DPV OA . 1.89 -3.23 -17.84
H7 DPV OA . 1.85 -0.34 -20.20
H7A DPV OA . 2.91 -1.48 -19.31
H7B DPV OA . 2.01 -0.20 -18.41
H8 DPV OA . 0.00 -3.54 -20.15
H8A DPV OA . 1.79 -3.41 -20.21
H8B DPV OA . 0.79 -2.30 -21.19
H15 DPV OA . 4.64 5.44 -15.66
H15A DPV OA . 4.33 5.50 -17.39
H16 DPV OA . 5.94 3.40 -17.55
H16A DPV OA . 6.60 5.02 -17.34
H17 DPV OA . 6.83 4.62 -14.85
H17A DPV OA . 6.14 3.01 -15.06
H18 DPV OA . 8.12 2.34 -16.47
H18A DPV OA . 8.72 4.00 -16.45
H19 DPV OA . 10.09 2.99 -14.85
H19A DPV OA . 8.87 3.75 -13.83
H20 DPV OA . 7.67 1.58 -13.57
H20A DPV OA . 8.76 0.80 -14.70
H21 DPV OA . 9.94 2.12 -12.19
H21A DPV OA . 9.04 0.63 -12.02
H22 DPV OA . 11.18 -0.23 -12.24
H22A DPV OA . 10.63 -0.33 -13.90
H23 DPV OA . 13.00 0.58 -13.61
H23A DPV OA . 12.30 2.01 -12.79
H23B DPV OA . 11.93 1.70 -14.50
N DPV PA . 13.31 5.71 -13.37
P DPV PA . 8.97 5.66 -11.38
C1 DPV PA . 6.60 4.58 -11.52
C2 DPV PA . 5.16 4.92 -11.96
C3 DPV PA . 4.14 3.80 -11.60
C4 DPV PA . 10.87 6.65 -12.88
C5 DPV PA . 11.76 5.44 -13.37
C6 DPV PA . 13.70 6.93 -14.24
C7 DPV PA . 13.98 4.49 -13.96
C8 DPV PA . 13.84 5.92 -11.95
C15 DPV PA . 4.16 2.63 -12.63
C16 DPV PA . 3.16 1.49 -12.28
C17 DPV PA . 3.77 0.38 -11.38
C18 DPV PA . 4.67 -0.62 -12.18
C19 DPV PA . 5.35 -1.70 -11.28
O1P DPV PA . 9.51 4.33 -11.04
C20 DPV PA . 6.60 -1.14 -10.52
C21 DPV PA . 7.29 -2.24 -9.65
C22 DPV PA . 8.45 -1.67 -8.77
C23 DPV PA . 9.81 -1.65 -9.49
O2P DPV PA . 9.08 6.61 -10.27
O3P DPV PA . 7.49 5.61 -11.99
O4P DPV PA . 9.49 6.21 -12.78
H1 DPV PA . 6.66 4.55 -10.44
H1A DPV PA . 6.89 3.60 -11.92
H2 DPV PA . 4.85 5.84 -11.47
H2A DPV PA . 5.13 5.13 -13.04
H3 DPV PA . 3.14 4.23 -11.57
H3A DPV PA . 4.34 3.43 -10.60
H4 DPV PA . 11.21 7.02 -11.92
H4A DPV PA . 10.93 7.47 -13.60
H5 DPV PA . 11.58 4.57 -12.73
H5A DPV PA . 11.48 5.19 -14.40
H6 DPV PA . 13.25 6.82 -15.23
H6A DPV PA . 14.78 6.96 -14.32
H6B DPV PA . 13.34 7.83 -13.75
H7 DPV PA . 13.58 4.30 -14.97
H7A DPV PA . 13.78 3.64 -13.32
H7B DPV PA . 15.06 4.66 -14.00
H8 DPV PA . 14.94 6.00 -11.99
H8A DPV PA . 13.54 5.05 -11.34
H8B DPV PA . 13.43 6.84 -11.54
H15 DPV PA . 5.17 2.24 -12.76
H15A DPV PA . 3.87 3.04 -13.60
H16 DPV PA . 2.28 1.92 -11.75
H16A DPV PA . 2.79 1.04 -13.20
H17 DPV PA . 4.35 0.84 -10.58
H17A DPV PA . 2.97 -0.19 -10.90
H18 DPV PA . 4.06 -1.14 -12.91
H18A DPV PA . 5.45 -0.09 -12.75
H19 DPV PA . 4.63 -2.11 -10.58
H19A DPV PA . 5.69 -2.54 -11.91
H20 DPV PA . 7.31 -0.72 -11.25
H20A DPV PA . 6.30 -0.31 -9.88
H21 DPV PA . 6.55 -2.68 -8.98
H21A DPV PA . 7.67 -3.03 -10.28
H22 DPV PA . 8.20 -0.65 -8.43
H22A DPV PA . 8.52 -2.29 -7.87
H23 DPV PA . 10.59 -1.27 -8.83
H23A DPV PA . 9.76 -1.04 -10.37
H23B DPV PA . 10.09 -2.67 -9.78
N DPV QA . 17.76 0.12 -19.29
P DPV QA . 14.87 -2.85 -18.62
C1 DPV QA . 13.06 -4.71 -18.28
C2 DPV QA . 12.25 -5.24 -17.09
C3 DPV QA . 12.41 -6.79 -16.88
C4 DPV QA . 17.44 -2.39 -18.48
C5 DPV QA . 17.51 -0.86 -18.11
C6 DPV QA . 16.60 0.09 -20.30
C7 DPV QA . 19.08 -0.19 -20.03
C8 DPV QA . 17.87 1.55 -18.73
C15 DPV QA . 11.18 -7.63 -17.38
C16 DPV QA . 11.34 -9.18 -17.17
C17 DPV QA . 11.16 -9.60 -15.67
C18 DPV QA . 11.19 -11.16 -15.47
C19 DPV QA . 11.22 -11.54 -13.95
O1P DPV QA . 14.20 -1.58 -18.29
C20 DPV QA . 11.15 -13.06 -13.70
C21 DPV QA . 11.32 -13.39 -12.19
C22 DPV QA . 11.08 -14.90 -11.85
C23 DPV QA . 11.15 -15.17 -10.33
O2P DPV QA . 14.93 -3.10 -20.07
O3P DPV QA . 14.28 -4.09 -17.80
O4P DPV QA . 16.29 -3.02 -17.90
H1 DPV QA . 13.33 -5.51 -18.98
H1A DPV QA . 12.48 -3.95 -18.81
H2 DPV QA . 12.57 -4.73 -16.19
H2A DPV QA . 11.21 -4.99 -17.24
H3 DPV QA . 12.54 -6.96 -15.81
H3A DPV QA . 13.33 -7.16 -17.36
H4 DPV QA . 17.42 -2.53 -19.57
H4A DPV QA . 18.34 -2.89 -18.10
H5 DPV QA . 16.55 -0.58 -17.63
H5A DPV QA . 18.30 -0.69 -17.37
H6 DPV QA . 15.66 0.32 -19.78
H6A DPV QA . 16.55 -0.90 -20.74
H6B DPV QA . 16.80 0.85 -21.06
H7 DPV QA . 19.89 -0.23 -19.30
H7A DPV QA . 19.26 0.61 -20.76
H7B DPV QA . 18.98 -1.15 -20.56
H8 DPV QA . 18.73 1.59 -18.05
H8A DPV QA . 16.96 1.79 -18.18
H8B DPV QA . 18.01 2.25 -19.55
H15 DPV QA . 11.07 -7.45 -18.45
H15A DPV QA . 10.28 -7.29 -16.89
H16 DPV QA . 10.56 -9.66 -17.76
H16A DPV QA . 12.30 -9.49 -17.55
H17 DPV QA . 11.96 -9.16 -15.09
H17A DPV QA . 10.22 -9.20 -15.28
H18 DPV QA . 10.31 -11.60 -15.95
H18A DPV QA . 12.07 -11.57 -15.97
H19 DPV QA . 12.16 -11.14 -13.52
H19A DPV QA . 10.40 -11.03 -13.42
H20 DPV QA . 10.17 -13.44 -14.04
H20A DPV QA . 11.92 -13.56 -14.29
H21 DPV QA . 12.32 -13.10 -11.89
H21A DPV QA . 10.62 -12.78 -11.60
H22 DPV QA . 10.10 -15.19 -12.23
H22A DPV QA . 11.82 -15.49 -12.37
H23 DPV QA . 11.13 -16.25 -10.12
H23A DPV QA . 10.30 -14.73 -9.83
H23B DPV QA . 12.05 -14.76 -9.88
N DPV RA . 30.28 -8.45 -12.83
P DPV RA . 28.25 -8.54 -17.14
C1 DPV RA . 28.66 -10.29 -19.03
C2 DPV RA . 28.35 -11.77 -19.22
C3 DPV RA . 28.41 -12.16 -20.73
C4 DPV RA . 29.71 -7.48 -15.23
C5 DPV RA . 30.80 -7.89 -14.21
C6 DPV RA . 31.49 -8.97 -12.05
C7 DPV RA . 29.28 -9.62 -13.01
C8 DPV RA . 29.59 -7.35 -11.99
C15 DPV RA . 28.21 -13.69 -20.94
C16 DPV RA . 26.71 -14.11 -20.84
C17 DPV RA . 26.52 -15.66 -20.80
C18 DPV RA . 25.06 -16.08 -20.47
C19 DPV RA . 24.75 -15.99 -18.94
O1P DPV RA . 26.87 -8.41 -16.61
C20 DPV RA . 23.24 -16.06 -18.67
C21 DPV RA . 22.91 -15.88 -17.16
C22 DPV RA . 21.38 -15.74 -16.90
C23 DPV RA . 20.88 -14.29 -17.05
O2P DPV RA . 28.56 -7.49 -18.15
O3P DPV RA . 28.60 -10.02 -17.61
O4P DPV RA . 29.37 -8.67 -16.01
H1 DPV RA . 29.66 -10.07 -19.40
H1A DPV RA . 27.93 -9.68 -19.54
H2 DPV RA . 29.07 -12.36 -18.66
H2A DPV RA . 27.36 -11.98 -18.82
H3 DPV RA . 29.38 -11.88 -21.14
H3A DPV RA . 27.65 -11.61 -21.30
H4 DPV RA . 28.81 -7.12 -14.72
H4A DPV RA . 30.09 -6.71 -15.91
H5 DPV RA . 31.46 -8.65 -14.65
H5A DPV RA . 31.42 -7.01 -13.97
H6 DPV RA . 32.22 -8.16 -11.91
H6A DPV RA . 31.95 -9.78 -12.62
H6B DPV RA . 31.15 -9.34 -11.08
H7 DPV RA . 28.40 -9.24 -13.55
H7A DPV RA . 28.99 -9.98 -12.03
H7B DPV RA . 29.75 -10.41 -13.60
H8 DPV RA . 30.30 -6.52 -11.87
H8A DPV RA . 29.32 -7.76 -11.01
H8B DPV RA . 28.70 -7.00 -12.52
H15 DPV RA . 28.80 -14.23 -20.21
H15A DPV RA . 28.59 -13.98 -21.93
H16 DPV RA . 26.27 -13.67 -19.92
H16A DPV RA . 26.15 -13.70 -21.68
H17 DPV RA . 26.82 -16.07 -21.75
H17A DPV RA . 27.21 -16.09 -20.06
H18 DPV RA . 24.37 -15.47 -21.04
H18A DPV RA . 24.92 -17.12 -20.80
H19 DPV RA . 25.27 -16.79 -18.41
H19A DPV RA . 25.14 -15.04 -18.56
H20 DPV RA . 22.73 -15.28 -19.25
H20A DPV RA . 22.86 -17.02 -19.01
H21 DPV RA . 23.27 -16.76 -16.63
H21A DPV RA . 23.44 -15.01 -16.73
H22 DPV RA . 20.83 -16.39 -17.58
H22A DPV RA . 21.16 -16.08 -15.90
H23 DPV RA . 21.12 -13.87 -18.04
H23A DPV RA . 21.33 -13.65 -16.28
H23B DPV RA . 19.80 -14.25 -16.91
N DPV SA . 25.16 -27.99 -12.69
P DPV SA . 28.15 -25.28 -9.32
C1 DPV SA . 25.90 -24.00 -8.90
C2 DPV SA . 24.79 -23.83 -7.84
C3 DPV SA . 23.70 -22.85 -8.32
C4 DPV SA . 26.85 -26.60 -11.19
C5 DPV SA . 25.83 -27.77 -11.30
C6 DPV SA . 24.28 -26.79 -13.07
C7 DPV SA . 24.27 -29.24 -12.59
C8 DPV SA . 26.22 -28.24 -13.80
C15 DPV SA . 22.54 -22.72 -7.30
C16 DPV SA . 21.65 -21.46 -7.55
C17 DPV SA . 22.28 -20.15 -6.97
C18 DPV SA . 21.57 -19.67 -5.68
C19 DPV SA . 22.25 -18.38 -5.13
O1P DPV SA . 29.35 -25.70 -8.58
C20 DPV SA . 21.65 -17.96 -3.76
C21 DPV SA . 22.44 -16.79 -3.11
C22 DPV SA . 21.94 -16.44 -1.68
C23 DPV SA . 22.53 -17.38 -0.59
O2P DPV SA . 28.47 -24.29 -10.38
O3P DPV SA . 26.95 -24.82 -8.36
O4P DPV SA . 27.25 -26.52 -9.83
H1 DPV SA . 25.48 -24.51 -9.79
H1A DPV SA . 26.30 -23.04 -9.20
H2 DPV SA . 24.33 -24.81 -7.64
H2A DPV SA . 25.22 -23.48 -6.91
H3 DPV SA . 23.30 -23.18 -9.28
H3A DPV SA . 24.16 -21.88 -8.47
H4 DPV SA . 27.73 -26.79 -11.82
H4A DPV SA . 26.38 -25.65 -11.48
H5 DPV SA . 26.34 -28.70 -11.04
H5A DPV SA . 25.02 -27.61 -10.58
H6 DPV SA . 24.91 -25.91 -13.17
H6A DPV SA . 23.54 -26.65 -12.28
H6B DPV SA . 23.79 -26.99 -14.02
H7 DPV SA . 24.87 -30.11 -12.33
H7A DPV SA . 23.77 -29.40 -13.56
H7B DPV SA . 23.52 -29.06 -11.81
H8 DPV SA . 26.87 -29.07 -13.48
H8A DPV SA . 26.82 -27.33 -13.91
H8B DPV SA . 25.70 -28.52 -14.72
H15 DPV SA . 22.92 -22.72 -6.28
H15A DPV SA . 21.91 -23.60 -7.39
H16 DPV SA . 21.49 -21.34 -8.63
H16A DPV SA . 20.66 -21.62 -7.11
H17 DPV SA . 23.35 -20.31 -6.77
H17A DPV SA . 22.23 -19.37 -7.74
H18 DPV SA . 20.52 -19.46 -5.91
H18A DPV SA . 21.60 -20.46 -4.94
H19 DPV SA . 23.32 -18.56 -5.00
H19A DPV SA . 22.13 -17.56 -5.84
H20 DPV SA . 20.61 -17.69 -3.89
H20A DPV SA . 21.64 -18.82 -3.09
H21 DPV SA . 23.50 -17.05 -3.07
H21A DPV SA . 22.33 -15.91 -3.73
H22 DPV SA . 22.24 -15.42 -1.46
H22A DPV SA . 20.85 -16.47 -1.64
H23 DPV SA . 23.62 -17.41 -0.66
H23A DPV SA . 22.16 -18.40 -0.73
H23B DPV SA . 22.23 -17.03 0.39
N DPV TA . 20.38 -36.13 -1.28
P DPV TA . 20.30 -31.73 -4.12
C1 DPV TA . 18.70 -29.68 -4.23
C2 DPV TA . 17.28 -29.23 -4.70
C3 DPV TA . 16.81 -27.92 -3.98
C4 DPV TA . 20.54 -33.99 -2.86
C5 DPV TA . 19.67 -35.16 -2.31
C6 DPV TA . 21.54 -36.89 -1.96
C7 DPV TA . 19.33 -37.15 -0.82
C8 DPV TA . 20.90 -35.38 -0.04
C15 DPV TA . 15.81 -27.06 -4.81
C16 DPV TA . 15.37 -25.79 -4.02
C17 DPV TA . 14.59 -24.75 -4.86
C18 DPV TA . 14.23 -23.49 -4.02
C19 DPV TA . 13.44 -22.41 -4.84
O1P DPV TA . 21.16 -30.93 -3.20
C20 DPV TA . 13.09 -21.17 -3.94
C21 DPV TA . 12.33 -20.04 -4.73
C22 DPV TA . 10.78 -20.26 -4.83
C23 DPV TA . 10.06 -19.02 -5.47
O2P DPV TA . 20.98 -32.02 -5.41
O3P DPV TA . 18.85 -31.11 -4.32
O4P DPV TA . 19.66 -33.02 -3.46
H1 DPV TA . 19.46 -29.21 -4.85
H1A DPV TA . 18.86 -29.39 -3.18
H2 DPV TA . 17.30 -29.08 -5.78
H2A DPV TA . 16.57 -30.03 -4.49
H3 DPV TA . 17.67 -27.31 -3.74
H3A DPV TA . 16.35 -28.20 -3.02
H4 DPV TA . 21.10 -33.51 -2.04
H4A DPV TA . 21.26 -34.34 -3.61
H5 DPV TA . 18.80 -34.75 -1.80
H5A DPV TA . 19.31 -35.77 -3.15
H6 DPV TA . 22.31 -36.17 -2.26
H6A DPV TA . 21.17 -37.45 -2.82
H6B DPV TA . 21.96 -37.58 -1.21
H7 DPV TA . 18.49 -36.63 -0.35
H7A DPV TA . 19.78 -37.86 -0.11
H7B DPV TA . 18.97 -37.70 -1.70
H8 DPV TA . 21.70 -34.70 -0.36
H8A DPV TA . 21.28 -36.12 0.67
H8B DPV TA . 20.08 -34.81 0.40
H15 DPV TA . 14.93 -27.66 -5.06
H15A DPV TA . 16.28 -26.78 -5.76
H16 DPV TA . 14.76 -26.09 -3.15
H16A DPV TA . 16.27 -25.31 -3.62
H17 DPV TA . 15.22 -24.43 -5.71
H17A DPV TA . 13.66 -25.20 -5.24
H18 DPV TA . 13.65 -23.77 -3.15
H18A DPV TA . 15.15 -23.01 -3.66
H19 DPV TA . 14.03 -22.09 -5.69
H19A DPV TA . 12.52 -22.88 -5.25
H20 DPV TA . 12.51 -21.49 -3.07
H20A DPV TA . 14.02 -20.75 -3.56
H21 DPV TA . 12.52 -19.10 -4.21
H21A DPV TA . 12.76 -19.95 -5.73
H22 DPV TA . 10.55 -21.15 -5.43
H22A DPV TA . 10.37 -20.43 -3.83
H23 DPV TA . 10.17 -18.15 -4.83
H23A DPV TA . 8.99 -19.22 -5.60
H23B DPV TA . 10.51 -18.76 -6.43
N DPV UA . 17.91 -33.73 -7.59
P DPV UA . 14.63 -36.11 -6.09
C1 DPV UA . 15.27 -34.95 -3.81
C2 DPV UA . 15.42 -33.49 -3.32
C3 DPV UA . 14.21 -33.06 -2.47
C4 DPV UA . 15.29 -33.93 -7.54
C5 DPV UA . 16.62 -34.40 -8.18
C6 DPV UA . 18.14 -34.15 -6.12
C7 DPV UA . 17.88 -32.20 -7.68
C8 DPV UA . 19.11 -34.24 -8.39
C15 DPV UA . 14.39 -31.61 -1.92
C16 DPV UA . 13.14 -31.11 -1.12
C17 DPV UA . 11.97 -30.60 -2.03
C18 DPV UA . 12.25 -29.19 -2.64
C19 DPV UA . 11.12 -28.76 -3.60
O1P DPV UA . 13.58 -37.13 -6.00
C20 DPV UA . 11.60 -27.62 -4.53
C21 DPV UA . 10.66 -27.49 -5.74
C22 DPV UA . 11.26 -26.51 -6.79
C23 DPV UA . 10.41 -26.47 -8.06
O2P DPV UA . 15.98 -36.72 -6.08
O3P DPV UA . 14.46 -34.92 -5.03
O4P DPV UA . 14.41 -35.07 -7.31
H1 DPV UA . 16.25 -35.34 -4.03
H1A DPV UA . 14.78 -35.58 -3.07
H2 DPV UA . 16.33 -33.40 -2.74
H2A DPV UA . 15.52 -32.82 -4.19
H3 DPV UA . 14.06 -33.75 -1.64
H3A DPV UA . 13.29 -33.11 -3.08
H4 DPV UA . 15.46 -33.41 -6.61
H4A DPV UA . 14.80 -33.23 -8.24
H5 DPV UA . 16.74 -35.48 -8.02
H5A DPV UA . 16.61 -34.22 -9.25
H6 DPV UA . 19.10 -33.74 -5.79
H6A DPV UA . 18.15 -35.24 -6.05
H6B DPV UA . 17.34 -33.75 -5.51
H7 DPV UA . 17.78 -31.90 -8.72
H7A DPV UA . 18.83 -31.80 -7.28
H7B DPV UA . 17.06 -31.81 -7.09
H8 DPV UA . 20.02 -33.77 -7.96
H8A DPV UA . 18.99 -33.93 -9.43
H8B DPV UA . 19.16 -35.34 -8.32
H15 DPV UA . 14.61 -30.92 -2.74
H15A DPV UA . 15.25 -31.60 -1.26
H16 DPV UA . 12.79 -31.91 -0.47
H16A DPV UA . 13.46 -30.29 -0.47
H17 DPV UA . 11.79 -31.33 -2.83
H17A DPV UA . 11.05 -30.56 -1.44
H18 DPV UA . 12.36 -28.47 -1.83
H18A DPV UA . 13.19 -29.21 -3.18
H19 DPV UA . 10.81 -29.61 -4.21
H19A DPV UA . 10.24 -28.44 -3.02
H20 DPV UA . 11.66 -26.68 -3.97
H20A DPV UA . 12.62 -27.85 -4.89
H21 DPV UA . 10.52 -28.47 -6.22
H21A DPV UA . 9.67 -27.13 -5.42
H22 DPV UA . 11.35 -25.50 -6.37
H22A DPV UA . 12.27 -26.84 -7.06
H23 DPV UA . 9.39 -26.14 -7.82
H23A DPV UA . 10.37 -27.44 -8.52
H23B DPV UA . 10.83 -25.77 -8.77
N DPV VA . 23.36 -34.41 -8.52
P DPV VA . 21.47 -32.65 -11.96
C1 DPV VA . 20.58 -30.34 -12.87
C2 DPV VA . 20.53 -29.23 -11.78
C3 DPV VA . 19.28 -28.31 -11.94
C4 DPV VA . 23.72 -33.81 -11.12
C5 DPV VA . 23.07 -34.77 -10.02
C6 DPV VA . 22.82 -33.01 -8.16
C7 DPV VA . 24.86 -34.49 -8.20
C8 DPV VA . 22.66 -35.46 -7.64
C15 DPV VA . 19.24 -27.17 -10.87
C16 DPV VA . 17.94 -26.31 -10.93
C17 DPV VA . 16.83 -26.74 -9.92
C18 DPV VA . 16.07 -28.04 -10.37
C19 DPV VA . 14.78 -28.34 -9.54
O1P DPV VA . 21.32 -33.73 -12.95
C20 DPV VA . 15.06 -29.02 -8.17
C21 DPV VA . 13.78 -29.74 -7.64
C22 DPV VA . 14.00 -30.46 -6.30
C23 DPV VA . 12.81 -31.37 -5.97
O2P DPV VA . 20.38 -32.66 -10.97
O3P DPV VA . 21.71 -31.21 -12.64
O4P DPV VA . 22.93 -32.59 -11.31
H1 DPV VA . 19.65 -30.92 -12.86
H1A DPV VA . 20.69 -29.89 -13.87
H2 DPV VA . 20.52 -29.70 -10.80
H2A DPV VA . 21.43 -28.61 -11.85
H3 DPV VA . 18.37 -28.93 -11.88
H3A DPV VA . 19.28 -27.85 -12.93
H4 DPV VA . 24.71 -33.52 -10.81
H4A DPV VA . 23.75 -34.34 -12.08
H5 DPV VA . 21.98 -34.79 -10.17
H5A DPV VA . 23.47 -35.77 -10.19
H6 DPV VA . 21.78 -32.95 -8.49
H6A DPV VA . 23.42 -32.27 -8.67
H6B DPV VA . 22.88 -32.87 -7.07
H7 DPV VA . 25.22 -35.50 -8.46
H7A DPV VA . 25.02 -34.29 -7.13
H7B DPV VA . 25.39 -33.73 -8.79
H8 DPV VA . 23.08 -36.45 -7.86
H8A DPV VA . 21.58 -35.45 -7.86
H8B DPV VA . 22.82 -35.22 -6.58
H15 DPV VA . 20.10 -26.51 -11.03
H15A DPV VA . 19.35 -27.61 -9.88
H16 DPV VA . 18.20 -25.27 -10.70
H16A DPV VA . 17.53 -26.31 -11.94
H17 DPV VA . 17.26 -26.90 -8.92
H17A DPV VA . 16.13 -25.93 -9.83
H18 DPV VA . 15.77 -27.93 -11.40
H18A DPV VA . 16.75 -28.89 -10.32
H19 DPV VA . 14.18 -27.44 -9.42
H19A DPV VA . 14.17 -29.03 -10.15
H20 DPV VA . 15.86 -29.77 -8.28
H20A DPV VA . 15.39 -28.27 -7.45
H21 DPV VA . 12.97 -29.01 -7.53
H21A DPV VA . 13.46 -30.45 -8.39
H22 DPV VA . 14.93 -31.07 -6.34
H22A DPV VA . 14.15 -29.73 -5.50
H23 DPV VA . 11.88 -30.79 -5.96
H23A DPV VA . 12.93 -31.83 -5.00
H23B DPV VA . 12.72 -32.16 -6.72
N DPV WA . 18.11 -19.28 -24.12
P DPV WA . 16.18 -23.38 -23.86
C1 DPV WA . 17.66 -24.87 -25.46
C2 DPV WA . 18.02 -26.39 -25.49
C3 DPV WA . 18.83 -26.85 -24.25
C4 DPV WA . 17.17 -21.43 -25.36
C5 DPV WA . 16.86 -20.10 -24.57
C6 DPV WA . 19.03 -18.91 -25.31
C7 DPV WA . 18.91 -20.05 -23.08
C8 DPV WA . 17.64 -17.98 -23.49
C15 DPV WA . 17.96 -27.07 -22.96
C16 DPV WA . 18.77 -27.81 -21.85
C17 DPV WA . 17.90 -28.24 -20.64
C18 DPV WA . 17.79 -27.13 -19.55
C19 DPV WA . 17.15 -27.71 -18.27
O1P DPV WA . 17.31 -23.12 -22.96
C20 DPV WA . 16.89 -26.64 -17.17
C21 DPV WA . 15.99 -27.21 -16.02
C22 DPV WA . 16.77 -28.13 -15.04
C23 DPV WA . 15.80 -28.87 -14.08
O2P DPV WA . 14.91 -23.41 -23.12
O3P DPV WA . 16.39 -24.70 -24.77
O4P DPV WA . 16.12 -22.41 -25.14
H1 DPV WA . 18.45 -24.30 -24.96
H1A DPV WA . 17.56 -24.50 -26.49
H2 DPV WA . 17.12 -26.98 -25.62
H2A DPV WA . 18.63 -26.58 -26.37
H3 DPV WA . 19.63 -26.13 -24.03
H3A DPV WA . 19.32 -27.78 -24.51
H4 DPV WA . 17.25 -21.22 -26.43
H4A DPV WA . 18.12 -21.84 -25.04
H5 DPV WA . 16.26 -19.44 -25.21
H5A DPV WA . 16.28 -20.34 -23.67
H6 DPV WA . 18.43 -18.39 -26.06
H6A DPV WA . 19.46 -19.84 -25.73
H6B DPV WA . 19.84 -18.26 -24.95
H7 DPV WA . 18.23 -20.34 -22.27
H7A DPV WA . 19.72 -19.42 -22.69
H7B DPV WA . 19.35 -20.95 -23.53
H8 DPV WA . 17.01 -18.22 -22.63
H8A DPV WA . 17.08 -17.41 -24.22
H8B DPV WA . 18.52 -17.40 -23.17
H15 DPV WA . 17.08 -27.66 -23.21
H15A DPV WA . 17.58 -26.12 -22.60
H16 DPV WA . 19.20 -28.71 -22.29
H16A DPV WA . 19.59 -27.19 -21.52
H17 DPV WA . 16.91 -28.56 -20.98
H17A DPV WA . 18.37 -29.12 -20.19
H18 DPV WA . 18.77 -26.74 -19.31
H18A DPV WA . 17.15 -26.31 -19.91
H19 DPV WA . 16.22 -28.21 -18.53
H19A DPV WA . 17.82 -28.46 -17.85
H20 DPV WA . 17.83 -26.26 -16.77
H20A DPV WA . 16.37 -25.79 -17.62
H21 DPV WA . 15.59 -26.38 -15.46
H21A DPV WA . 15.15 -27.76 -16.44
H22 DPV WA . 17.34 -28.88 -15.58
H22A DPV WA . 17.48 -27.54 -14.45
H23 DPV WA . 16.36 -29.49 -13.38
H23A DPV WA . 15.13 -29.51 -14.63
H23B DPV WA . 15.21 -28.16 -13.51
N DPV XA . 10.65 -15.35 -28.78
P DPV XA . 14.90 -17.51 -26.71
C1 DPV XA . 14.09 -17.02 -24.26
C2 DPV XA . 13.54 -17.78 -23.05
C3 DPV XA . 13.37 -16.83 -21.82
C4 DPV XA . 13.06 -16.20 -28.09
C5 DPV XA . 11.74 -15.48 -27.66
C6 DPV XA . 10.18 -16.73 -29.30
C7 DPV XA . 11.14 -14.48 -29.95
C8 DPV XA . 9.43 -14.65 -28.16
C15 DPV XA . 12.75 -17.54 -20.56
C16 DPV XA . 11.24 -17.93 -20.77
C17 DPV XA . 10.60 -18.55 -19.48
C18 DPV XA . 9.79 -17.54 -18.62
C19 DPV XA . 10.60 -16.98 -17.42
O1P DPV XA . 14.83 -18.52 -27.79
C20 DPV XA . 9.77 -16.00 -16.52
C21 DPV XA . 8.78 -16.73 -15.58
C22 DPV XA . 7.87 -15.73 -14.83
C23 DPV XA . 6.78 -16.45 -14.01
O2P DPV XA . 16.29 -17.15 -26.42
O3P DPV XA . 14.08 -17.92 -25.40
O4P DPV XA . 13.95 -16.23 -26.96
H1 DPV XA . 13.46 -16.15 -24.48
H1A DPV XA . 15.11 -16.69 -24.07
H2 DPV XA . 12.58 -18.22 -23.31
H2A DPV XA . 14.21 -18.59 -22.80
H3 DPV XA . 12.73 -15.98 -22.09
H3A DPV XA . 14.34 -16.43 -21.54
H4 DPV XA . 12.83 -17.22 -28.41
H4A DPV XA . 13.56 -15.67 -28.90
H5 DPV XA . 11.29 -16.03 -26.83
H5A DPV XA . 11.99 -14.47 -27.29
H6 DPV XA . 9.36 -16.57 -30.03
H6A DPV XA . 9.84 -17.34 -28.47
H6B DPV XA . 11.03 -17.22 -29.79
H7 DPV XA . 11.48 -13.50 -29.55
H7A DPV XA . 10.31 -14.32 -30.66
H7B DPV XA . 11.98 -14.97 -30.45
H8 DPV XA . 9.72 -13.65 -27.83
H8A DPV XA . 9.10 -15.25 -27.31
H8B DPV XA . 8.65 -14.58 -28.93
H15 DPV XA . 12.84 -16.85 -19.71
H15A DPV XA . 13.33 -18.43 -20.31
H16 DPV XA . 10.68 -17.06 -21.10
H16A DPV XA . 11.17 -18.67 -21.58
H17 DPV XA . 9.89 -19.33 -19.80
H17A DPV XA . 11.35 -19.07 -18.87
H18 DPV XA . 9.42 -16.71 -19.24
H18A DPV XA . 8.91 -18.05 -18.25
H19 DPV XA . 10.98 -17.81 -16.81
H19A DPV XA . 11.47 -16.43 -17.81
H20 DPV XA . 10.46 -15.43 -15.91
H20A DPV XA . 9.23 -15.27 -17.15
H21 DPV XA . 8.16 -17.44 -16.16
H21A DPV XA . 9.34 -17.31 -14.85
H22 DPV XA . 8.45 -15.11 -14.16
H22A DPV XA . 7.38 -15.06 -15.56
H23 DPV XA . 6.19 -15.73 -13.47
H23A DPV XA . 7.23 -17.15 -13.31
H23B DPV XA . 6.12 -17.02 -14.67
N DPV YA . 23.85 -20.55 -23.27
P DPV YA . 21.87 -15.86 -23.82
C1 DPV YA . 19.99 -14.58 -25.07
C2 DPV YA . 18.50 -14.70 -25.48
C3 DPV YA . 18.11 -13.61 -26.54
C4 DPV YA . 22.83 -18.13 -22.99
C5 DPV YA . 22.56 -19.67 -23.19
C6 DPV YA . 24.77 -20.42 -22.03
C7 DPV YA . 24.64 -20.21 -24.54
C8 DPV YA . 23.39 -22.02 -23.36
C15 DPV YA . 16.61 -13.73 -27.04
C16 DPV YA . 15.60 -12.74 -26.39
C17 DPV YA . 15.15 -13.16 -24.96
C18 DPV YA . 13.88 -12.37 -24.53
C19 DPV YA . 13.50 -12.67 -23.07
O1P DPV YA . 22.10 -15.01 -22.62
C20 DPV YA . 12.27 -11.87 -22.57
C21 DPV YA . 12.61 -10.40 -22.21
C22 DPV YA . 11.37 -9.64 -21.66
C23 DPV YA . 11.70 -8.18 -21.33
O2P DPV YA . 22.89 -15.65 -24.86
O3P DPV YA . 20.39 -15.79 -24.36
O4P DPV YA . 21.66 -17.41 -23.46
H1 DPV YA . 20.64 -14.46 -25.96
H1A DPV YA . 20.13 -13.72 -24.42
H2 DPV YA . 18.34 -15.69 -25.91
H2A DPV YA . 17.86 -14.61 -24.59
H3 DPV YA . 18.77 -13.70 -27.40
H3A DPV YA . 18.29 -12.61 -26.12
H4 DPV YA . 22.99 -17.90 -21.94
H4A DPV YA . 23.68 -17.81 -23.59
H5 DPV YA . 21.94 -20.02 -22.37
H5A DPV YA . 22.03 -19.82 -24.12
H6 DPV YA . 24.19 -20.66 -21.13
H6A DPV YA . 25.12 -19.38 -22.00
H6B DPV YA . 25.61 -21.10 -22.15
H7 DPV YA . 23.98 -20.27 -25.41
H7A DPV YA . 25.45 -20.94 -24.66
H7B DPV YA . 25.07 -19.21 -24.46
H8 DPV YA . 22.76 -22.12 -24.24
H8A DPV YA . 22.86 -22.29 -22.46
H8B DPV YA . 24.28 -22.65 -23.47
H15 DPV YA . 16.26 -14.75 -26.93
H15A DPV YA . 16.61 -13.53 -28.10
H16 DPV YA . 16.03 -11.74 -26.35
H16A DPV YA . 14.73 -12.69 -27.06
H17 DPV YA . 14.94 -14.23 -24.93
H17A DPV YA . 15.97 -12.96 -24.28
H18 DPV YA . 14.04 -11.30 -24.67
H18A DPV YA . 13.04 -12.65 -25.18
H19 DPV YA . 13.29 -13.75 -22.96
H19A DPV YA . 14.35 -12.45 -22.41
H20 DPV YA . 11.47 -11.92 -23.31
H20A DPV YA . 11.90 -12.35 -21.65
H21 DPV YA . 13.40 -10.37 -21.45
H21A DPV YA . 13.00 -9.89 -23.09
H22 DPV YA . 10.57 -9.66 -22.41
H22A DPV YA . 11.02 -10.14 -20.76
H23 DPV YA . 10.86 -7.70 -20.85
H23A DPV YA . 11.95 -7.62 -22.25
H23B DPV YA . 12.56 -8.11 -20.65
N DPV ZA . 23.93 1.37 4.63
P DPV ZA . 23.58 -2.88 7.23
C1 DPV ZA . 21.03 -2.37 7.17
C2 DPV ZA . 20.14 -1.28 6.50
C3 DPV ZA . 18.63 -1.55 6.65
C4 DPV ZA . 24.59 -0.99 5.70
C5 DPV ZA . 24.11 0.49 5.92
C6 DPV ZA . 25.23 1.46 3.79
C7 DPV ZA . 23.58 2.78 5.08
C8 DPV ZA . 22.80 0.82 3.74
C15 DPV ZA . 18.08 -1.12 8.05
C16 DPV ZA . 16.54 -1.31 8.17
C17 DPV ZA . 16.14 -2.78 8.52
C18 DPV ZA . 14.71 -3.17 8.05
C19 DPV ZA . 14.57 -3.22 6.50
O1P DPV ZA . 23.53 -3.83 6.12
C20 DPV ZA . 13.35 -4.01 6.00
C21 DPV ZA . 13.59 -5.57 6.09
C22 DPV ZA . 12.43 -6.39 5.45
C23 DPV ZA . 12.44 -6.33 3.90
O2P DPV ZA . 23.81 -3.55 8.53
O3P DPV ZA . 22.37 -1.85 7.27
O4P DPV ZA . 24.61 -1.66 6.98
H1 DPV ZA . 20.67 -2.62 8.17
H1A DPV ZA . 21.02 -3.28 6.56
H2 DPV ZA . 20.40 -0.29 6.93
H2A DPV ZA . 20.41 -1.23 5.45
H3 DPV ZA . 18.41 -2.61 6.46
H3A DPV ZA . 18.09 -0.99 5.89
H4 DPV ZA . 23.89 -1.50 5.03
H4A DPV ZA . 25.58 -1.02 5.27
H5 DPV ZA . 23.15 0.49 6.44
H5A DPV ZA . 24.84 1.01 6.55
H6 DPV ZA . 25.07 2.15 2.95
H6A DPV ZA . 25.46 0.45 3.41
H6B DPV ZA . 26.04 1.80 4.45
H7 DPV ZA . 24.39 3.19 5.69
H7A DPV ZA . 22.67 2.74 5.67
H7B DPV ZA . 23.43 3.41 4.19
H8 DPV ZA . 22.62 1.52 2.91
H8A DPV ZA . 21.88 0.73 4.35
H8B DPV ZA . 23.09 -0.16 3.36
H15 DPV ZA . 18.30 -0.07 8.20
H15A DPV ZA . 18.58 -1.68 8.83
H16 DPV ZA . 16.15 -0.65 8.96
H16A DPV ZA . 16.08 -0.97 7.24
H17 DPV ZA . 16.85 -3.51 8.08
H17A DPV ZA . 16.20 -2.92 9.60
H18 DPV ZA . 14.45 -4.14 8.48
H18A DPV ZA . 13.99 -2.44 8.46
H19 DPV ZA . 14.48 -2.19 6.10
H19A DPV ZA . 15.48 -3.64 6.07
H20 DPV ZA . 12.46 -3.74 6.55
H20A DPV ZA . 13.16 -3.75 4.96
H21 DPV ZA . 14.54 -5.84 5.61
H21A DPV ZA . 13.68 -5.87 7.13
H22 DPV ZA . 12.52 -7.43 5.74
H22A DPV ZA . 11.46 -6.03 5.82
H23 DPV ZA . 12.17 -5.33 3.56
H23A DPV ZA . 11.71 -7.03 3.50
H23B DPV ZA . 13.42 -6.58 3.51
N DPV AB . 23.90 -7.89 8.98
P DPV AB . 18.64 -8.21 9.57
C1 DPV AB . 16.87 -8.72 7.70
C2 DPV AB . 16.73 -8.71 6.16
C3 DPV AB . 15.33 -9.18 5.67
C4 DPV AB . 21.27 -7.88 9.34
C5 DPV AB . 22.57 -8.73 9.06
C6 DPV AB . 23.89 -6.89 7.82
C7 DPV AB . 25.07 -8.87 8.75
C8 DPV AB . 24.20 -7.15 10.28
C15 DPV AB . 15.25 -9.22 4.12
C16 DPV AB . 13.87 -9.72 3.59
C17 DPV AB . 13.78 -9.70 2.03
C18 DPV AB . 12.33 -9.91 1.51
C19 DPV AB . 12.27 -10.15 -0.03
O1P DPV AB . 17.91 -9.12 10.48
C20 DPV AB . 10.82 -10.38 -0.54
C21 DPV AB . 10.76 -10.79 -2.05
C22 DPV AB . 9.43 -11.52 -2.38
C23 DPV AB . 9.32 -11.94 -3.87
O2P DPV AB . 18.61 -6.81 10.01
O3P DPV AB . 18.25 -8.39 8.03
O4P DPV AB . 20.13 -8.75 9.24
H1 DPV AB . 16.20 -7.97 8.16
H1A DPV AB . 16.63 -9.70 8.10
H2 DPV AB . 16.91 -7.70 5.80
H2A DPV AB . 17.49 -9.36 5.73
H3 DPV AB . 14.56 -8.52 6.06
H3A DPV AB . 15.12 -10.18 6.07
H4 DPV AB . 21.30 -7.47 10.35
H4A DPV AB . 21.16 -7.08 8.60
H5 DPV AB . 22.68 -9.48 9.85
H5A DPV AB . 22.47 -9.24 8.10
H6 DPV AB . 23.10 -6.16 7.98
H6A DPV AB . 23.71 -7.46 6.91
H6B DPV AB . 24.86 -6.39 7.76
H7 DPV AB . 25.10 -9.58 9.59
H7A DPV AB . 26.01 -8.29 8.71
H7B DPV AB . 24.91 -9.41 7.80
H8 DPV AB . 25.14 -6.63 10.20
H8A DPV AB . 24.24 -7.87 11.10
H8B DPV AB . 23.40 -6.43 10.46
H15 DPV AB . 16.04 -9.89 3.73
H15A DPV AB . 15.45 -8.24 3.72
H16 DPV AB . 13.69 -10.73 3.94
H16A DPV AB . 13.08 -9.10 4.01
H17 DPV AB . 14.17 -8.74 1.64
H17A DPV AB . 14.43 -10.49 1.63
H18 DPV AB . 11.89 -10.80 2.01
H18A DPV AB . 11.71 -9.06 1.79
H19 DPV AB . 12.70 -9.29 -0.54
H19A DPV AB . 12.88 -11.02 -0.26
H20 DPV AB . 10.37 -11.17 0.07
H20A DPV AB . 10.23 -9.47 -0.39
H21 DPV AB . 10.84 -9.89 -2.67
H21A DPV AB . 11.60 -11.43 -2.29
H22 DPV AB . 9.37 -12.42 -1.76
H22A DPV AB . 8.58 -10.89 -2.12
H23 DPV AB . 8.42 -12.55 -4.04
H23A DPV AB . 10.19 -12.52 -4.19
H23B DPV AB . 9.26 -11.06 -4.52
N DPV BB . -12.02 -19.69 -6.61
P DPV BB . -10.20 -18.27 -2.43
C1 DPV BB . -7.67 -18.93 -1.99
C2 DPV BB . -6.87 -17.60 -1.92
C3 DPV BB . -6.58 -17.12 -0.47
C4 DPV BB . -11.16 -20.04 -4.14
C5 DPV BB . -10.96 -19.32 -5.51
C6 DPV BB . -11.70 -18.84 -7.86
C7 DPV BB . -13.46 -19.37 -6.19
C8 DPV BB . -11.92 -21.17 -7.01
C15 DPV BB . -6.09 -15.66 -0.51
C16 DPV BB . -5.68 -15.16 0.90
C17 DPV BB . -5.36 -13.64 0.90
C18 DPV BB . -6.59 -12.76 1.29
C19 DPV BB . -6.33 -11.23 1.09
O1P DPV BB . -9.87 -17.08 -3.24
C20 DPV BB . -5.39 -10.61 2.17
C21 DPV BB . -5.17 -9.09 1.92
C22 DPV BB . -4.27 -8.41 2.99
C23 DPV BB . -2.77 -8.73 2.81
O2P DPV BB . -11.49 -18.10 -1.73
O3P DPV BB . -9.01 -18.75 -1.45
O4P DPV BB . -10.10 -19.65 -3.24
H1 DPV BB . -7.72 -19.27 -3.03
H1A DPV BB . -7.16 -19.69 -1.40
H2 DPV BB . -5.93 -17.74 -2.45
H2A DPV BB . -7.44 -16.84 -2.46
H3 DPV BB . -5.85 -17.77 0.01
H3A DPV BB . -7.51 -17.16 0.12
H4 DPV BB . -12.14 -19.76 -3.72
H4A DPV BB . -11.12 -21.11 -4.29
H5 DPV BB . -10.99 -18.23 -5.36
H5A DPV BB . -9.98 -19.59 -5.90
H6 DPV BB . -11.80 -17.78 -7.60
H6A DPV BB . -12.41 -19.09 -8.66
H6B DPV BB . -10.67 -19.07 -8.18
H7 DPV BB . -14.12 -19.54 -7.03
H7A DPV BB . -13.51 -18.33 -5.86
H7B DPV BB . -13.72 -20.04 -5.36
H8 DPV BB . -12.30 -21.79 -6.19
H8A DPV BB . -10.88 -21.41 -7.23
H8B DPV BB . -12.54 -21.34 -7.89
H15 DPV BB . -6.88 -15.03 -0.90
H15A DPV BB . -5.24 -15.58 -1.18
H16 DPV BB . -6.46 -15.37 1.63
H16A DPV BB . -4.78 -15.69 1.20
H17 DPV BB . -4.55 -13.43 1.60
H17A DPV BB . -5.00 -13.33 -0.08
H18 DPV BB . -7.44 -13.04 0.67
H18A DPV BB . -6.86 -12.95 2.33
H19 DPV BB . -5.91 -11.07 0.09
H19A DPV BB . -7.29 -10.73 1.12
H20 DPV BB . -5.82 -10.76 3.17
H20A DPV BB . -4.43 -11.13 2.16
H21 DPV BB . -4.74 -8.96 0.92
H21A DPV BB . -6.15 -8.60 1.91
H22 DPV BB . -4.40 -7.33 2.90
H22A DPV BB . -4.60 -8.70 3.99
H23 DPV BB . -2.58 -9.79 2.96
H23A DPV BB . -2.17 -8.16 3.54
H23B DPV BB . -2.42 -8.45 1.81
N DPV CB . -6.90 -11.13 7.87
P DPV CB . -3.55 -14.15 7.87
C1 DPV CB . -1.39 -15.07 9.08
C2 DPV CB . -0.84 -16.29 8.29
C3 DPV CB . 0.35 -15.88 7.37
C4 DPV CB . -4.48 -11.82 8.73
C5 DPV CB . -6.03 -12.08 8.76
C6 DPV CB . -6.78 -9.65 8.31
C7 DPV CB . -8.36 -11.55 8.01
C8 DPV CB . -6.52 -11.22 6.37
C15 DPV CB . 0.88 -17.11 6.59
C16 DPV CB . 1.83 -16.70 5.45
C17 DPV CB . 2.26 -17.91 4.61
C18 DPV CB . 2.82 -17.50 3.23
C19 DPV CB . 3.07 -18.75 2.34
O1P DPV CB . -4.17 -15.46 8.16
C20 DPV CB . 3.15 -18.39 0.82
C21 DPV CB . 3.45 -19.65 -0.06
C22 DPV CB . 2.20 -20.58 -0.24
C23 DPV CB . 2.59 -21.92 -0.91
O2P DPV CB . -3.90 -13.68 6.52
O3P DPV CB . -1.97 -14.10 8.16
O4P DPV CB . -3.78 -13.06 9.02
H1 DPV CB . -2.16 -15.40 9.78
H1A DPV CB . -0.57 -14.59 9.62
H2 DPV CB . -0.52 -17.03 9.00
H2A DPV CB . -1.65 -16.74 7.70
H3 DPV CB . 1.15 -15.46 7.96
H3A DPV CB . 0.02 -15.12 6.68
H4 DPV CB . -4.15 -11.44 7.76
H4A DPV CB . -4.21 -11.07 9.48
H5 DPV CB . -6.22 -13.09 8.42
H5A DPV CB . -6.40 -11.97 9.79
H6 DPV CB . -5.74 -9.31 8.13
H6A DPV CB . -7.00 -9.59 9.39
H6B DPV CB . -7.47 -9.03 7.73
H7 DPV CB . -8.64 -11.43 9.07
H7A DPV CB . -8.46 -12.61 7.71
H7B DPV CB . -8.97 -10.90 7.38
H8 DPV CB . -7.22 -10.62 5.78
H8A DPV CB . -6.57 -12.28 6.06
H8B DPV CB . -5.49 -10.85 6.24
H15 DPV CB . 0.03 -17.65 6.15
H15A DPV CB . 1.39 -17.79 7.27
H16 DPV CB . 1.34 -15.96 4.83
H16A DPV CB . 2.72 -16.23 5.88
H17 DPV CB . 3.02 -18.49 5.16
H17A DPV CB . 1.40 -18.57 4.46
H18 DPV CB . 2.11 -16.82 2.74
H18A DPV CB . 3.76 -16.94 3.37
H19 DPV CB . 3.99 -19.22 2.67
H19A DPV CB . 2.24 -19.47 2.48
H20 DPV CB . 2.23 -17.91 0.50
H20A DPV CB . 3.96 -17.68 0.67
H21 DPV CB . 3.79 -19.31 -1.04
H21A DPV CB . 4.28 -20.21 0.39
H22 DPV CB . 1.74 -20.81 0.72
H22A DPV CB . 1.45 -20.08 -0.85
H23 DPV CB . 3.26 -22.48 -0.26
H23A DPV CB . 3.12 -21.74 -1.86
H23B DPV CB . 1.71 -22.53 -1.10
N DPV DB . 3.29 -26.54 9.99
P DPV DB . 7.76 -27.01 11.89
C1 DPV DB . 8.03 -24.99 13.54
C2 DPV DB . 7.70 -23.47 13.66
C3 DPV DB . 6.18 -23.19 13.82
C4 DPV DB . 5.14 -26.95 11.86
C5 DPV DB . 4.09 -25.98 11.21
C6 DPV DB . 2.46 -27.77 10.36
C7 DPV DB . 4.24 -26.85 8.82
C8 DPV DB . 2.34 -25.43 9.55
C15 DPV DB . 5.52 -22.67 12.51
C16 DPV DB . 3.98 -22.50 12.67
C17 DPV DB . 3.32 -21.93 11.39
C18 DPV DB . 1.76 -21.91 11.49
C19 DPV DB . 1.04 -21.07 10.39
O1P DPV DB . 7.68 -27.88 13.08
C20 DPV DB . 1.15 -21.69 8.95
C21 DPV DB . 0.48 -20.82 7.85
C22 DPV DB . -1.03 -21.12 7.65
C23 DPV DB . -1.67 -20.19 6.59
O2P DPV DB . 8.90 -27.38 11.02
O3P DPV DB . 7.68 -25.44 12.21
O4P DPV DB . 6.38 -26.88 11.10
H1 DPV DB . 9.10 -25.15 13.70
H1A DPV DB . 7.46 -25.56 14.28
H2 DPV DB . 8.21 -23.10 14.55
H2A DPV DB . 8.12 -22.95 12.80
H3 DPV DB . 6.03 -22.46 14.60
H3A DPV DB . 5.65 -24.11 14.14
H4 DPV DB . 5.34 -26.61 12.88
H4A DPV DB . 4.79 -27.98 11.88
H5 DPV DB . 3.36 -25.71 11.98
H5A DPV DB . 4.61 -25.08 10.89
H6 DPV DB . 1.81 -27.52 11.19
H6A DPV DB . 3.15 -28.58 10.65
H6B DPV DB . 1.88 -28.08 9.48
H7 DPV DB . 4.86 -25.98 8.62
H7A DPV DB . 3.65 -27.10 7.94
H7B DPV DB . 4.89 -27.68 9.11
H8 DPV DB . 2.94 -24.55 9.27
H8A DPV DB . 1.67 -25.17 10.38
H8B DPV DB . 1.77 -25.80 8.69
H15 DPV DB . 5.72 -23.36 11.70
H15A DPV DB . 5.99 -21.71 12.25
H16 DPV DB . 3.54 -23.47 12.91
H16A DPV DB . 3.76 -21.83 13.51
H17 DPV DB . 3.67 -20.92 11.20
H17A DPV DB . 3.60 -22.55 10.53
H18 DPV DB . 1.37 -22.93 11.48
H18A DPV DB . 1.48 -21.48 12.46
H19 DPV DB . -0.01 -20.98 10.66
H19A DPV DB . 1.45 -20.06 10.40
H20 DPV DB . 2.20 -21.79 8.69
H20A DPV DB . 0.70 -22.68 8.94
H21 DPV DB . 0.60 -19.76 8.11
H21A DPV DB . 1.00 -20.97 6.89
H22 DPV DB . -1.14 -22.15 7.32
H22A DPV DB . -1.57 -21.00 8.59
H23 DPV DB . -1.13 -20.27 5.65
H23A DPV DB . -1.65 -19.15 6.94
H23B DPV DB . -2.72 -20.46 6.40
N DPV EB . -8.96 -21.89 4.15
P DPV EB . -6.47 -19.58 6.90
C1 DPV EB . -5.17 -18.50 4.93
C2 DPV EB . -4.82 -18.84 3.46
C3 DPV EB . -3.72 -17.93 2.83
C4 DPV EB . -8.49 -21.30 6.74
C5 DPV EB . -9.26 -20.97 5.41
C6 DPV EB . -7.61 -21.54 3.52
C7 DPV EB . -10.05 -21.60 3.11
C8 DPV EB . -9.00 -23.39 4.47
C15 DPV EB . -2.30 -18.13 3.45
C16 DPV EB . -1.17 -17.69 2.50
C17 DPV EB . -0.98 -16.13 2.46
C18 DPV EB . -0.22 -15.65 1.18
C19 DPV EB . -1.14 -15.04 0.05
O1P DPV EB . -7.48 -18.58 7.30
C20 DPV EB . -2.19 -16.00 -0.58
C21 DPV EB . -1.58 -17.09 -1.51
C22 DPV EB . -2.68 -17.93 -2.20
C23 DPV EB . -2.09 -19.03 -3.13
O2P DPV EB . -5.31 -19.58 7.81
O3P DPV EB . -6.08 -19.52 5.37
O4P DPV EB . -7.06 -21.05 6.62
H1 DPV EB . -4.27 -18.52 5.54
H1A DPV EB . -5.66 -17.53 4.99
H2 DPV EB . -4.48 -19.89 3.42
H2A DPV EB . -5.72 -18.78 2.86
H3 DPV EB . -4.02 -16.87 2.93
H3A DPV EB . -3.69 -18.15 1.76
H4 DPV EB . -8.89 -20.71 7.56
H4A DPV EB . -8.64 -22.36 6.99
H5 DPV EB . -10.33 -21.02 5.60
H5A DPV EB . -9.00 -19.95 5.11
H6 DPV EB . -6.81 -21.73 4.25
H6A DPV EB . -7.61 -20.46 3.26
H6B DPV EB . -7.45 -22.13 2.61
H7 DPV EB . -10.00 -20.54 2.84
H7A DPV EB . -11.04 -21.84 3.53
H7B DPV EB . -9.86 -22.21 2.21
H8 DPV EB . -8.86 -23.93 3.54
H8A DPV EB . -9.97 -23.62 4.91
H8B DPV EB . -8.21 -23.62 5.19
H15 DPV EB . -2.15 -19.19 3.69
H15A DPV EB . -2.23 -17.59 4.40
H16 DPV EB . -0.24 -18.15 2.83
H16A DPV EB . -1.38 -18.08 1.50
H17 DPV EB . -1.96 -15.63 2.52
H17A DPV EB . -0.42 -15.82 3.35
H18 DPV EB . 0.49 -14.88 1.50
H18A DPV EB . 0.39 -16.47 0.77
H19 DPV EB . -1.67 -14.20 0.50
H19A DPV EB . -0.51 -14.64 -0.73
H20 DPV EB . -2.78 -16.48 0.20
H20A DPV EB . -2.88 -15.40 -1.16
H21 DPV EB . -0.96 -16.62 -2.29
H21A DPV EB . -0.94 -17.77 -0.95
H22 DPV EB . -3.30 -18.40 -1.43
H22A DPV EB . -3.32 -17.27 -2.78
H23 DPV EB . -1.43 -18.59 -3.86
H23A DPV EB . -2.88 -19.56 -3.65
H23B DPV EB . -1.53 -19.76 -2.54
N DPV FB . -7.62 -26.58 -8.34
P DPV FB . -4.11 -30.47 -8.90
C1 DPV FB . -2.39 -29.94 -6.97
C2 DPV FB . -2.39 -28.80 -5.93
C3 DPV FB . -3.71 -28.79 -5.11
C4 DPV FB . -5.96 -28.65 -8.44
C5 DPV FB . -6.50 -27.34 -9.12
C6 DPV FB . -7.13 -26.15 -6.92
C7 DPV FB . -8.90 -27.44 -8.21
C8 DPV FB . -7.95 -25.33 -9.14
C15 DPV FB . -4.02 -27.37 -4.54
C16 DPV FB . -5.27 -27.36 -3.58
C17 DPV FB . -4.91 -27.26 -2.07
C18 DPV FB . -4.38 -28.60 -1.43
C19 DPV FB . -3.03 -28.45 -0.67
O1P DPV FB . -4.83 -31.39 -8.00
C20 DPV FB . -1.79 -28.58 -1.60
C21 DPV FB . -0.47 -28.60 -0.79
C22 DPV FB . 0.78 -28.94 -1.67
C23 DPV FB . 1.30 -27.71 -2.45
O2P DPV FB . -3.49 -31.18 -10.03
O3P DPV FB . -3.11 -29.46 -8.15
O4P DPV FB . -4.97 -29.22 -9.35
H1 DPV FB . -1.36 -30.17 -7.27
H1A DPV FB . -2.88 -30.82 -6.57
H2 DPV FB . -1.54 -28.93 -5.26
H2A DPV FB . -2.26 -27.84 -6.43
H3 DPV FB . -3.61 -29.52 -4.28
H3A DPV FB . -4.54 -29.13 -5.71
H4 DPV FB . -5.47 -28.42 -7.49
H4A DPV FB . -6.77 -29.37 -8.29
H5 DPV FB . -5.67 -26.64 -9.22
H5A DPV FB . -6.87 -27.58 -10.11
H6 DPV FB . -6.20 -25.59 -7.03
H6A DPV FB . -6.97 -27.04 -6.30
H6B DPV FB . -7.89 -25.50 -6.47
H7 DPV FB . -9.21 -27.74 -9.23
H7A DPV FB . -9.69 -26.82 -7.75
H7B DPV FB . -8.69 -28.32 -7.62
H8 DPV FB . -8.33 -25.62 -10.13
H8A DPV FB . -7.04 -24.74 -9.27
H8B DPV FB . -8.69 -24.75 -8.59
H15 DPV FB . -4.23 -26.72 -5.39
H15A DPV FB . -3.15 -26.96 -4.02
H16 DPV FB . -5.87 -26.49 -3.84
H16A DPV FB . -5.91 -28.24 -3.78
H17 DPV FB . -4.19 -26.45 -1.93
H17A DPV FB . -5.80 -26.96 -1.53
H18 DPV FB . -5.14 -28.97 -0.72
H18A DPV FB . -4.29 -29.38 -2.19
H19 DPV FB . -3.00 -27.48 -0.16
H19A DPV FB . -2.99 -29.21 0.11
H20 DPV FB . -1.87 -29.50 -2.17
H20A DPV FB . -1.79 -27.75 -2.32
H21 DPV FB . -0.32 -27.65 -0.27
H21A DPV FB . -0.53 -29.36 -0.01
H22 DPV FB . 1.58 -29.30 -1.02
H22A DPV FB . 0.54 -29.75 -2.37
H23 DPV FB . 2.17 -28.01 -3.05
H23A DPV FB . 1.61 -26.90 -1.77
H23B DPV FB . 0.53 -27.33 -3.14
N DPV GB . -8.96 -8.44 -6.18
P DPV GB . -6.85 -11.03 -10.28
C1 DPV GB . -5.58 -13.17 -9.57
C2 DPV GB . -5.07 -13.91 -8.32
C3 DPV GB . -3.80 -14.73 -8.62
C4 DPV GB . -8.06 -9.82 -8.25
C5 DPV GB . -7.96 -8.54 -7.39
C6 DPV GB . -10.43 -8.54 -6.61
C7 DPV GB . -8.78 -7.08 -5.54
C8 DPV GB . -8.63 -9.51 -5.12
C15 DPV GB . -3.27 -15.41 -7.34
C16 DPV GB . -1.84 -15.97 -7.57
C17 DPV GB . -1.32 -16.72 -6.30
C18 DPV GB . 0.19 -17.06 -6.37
C19 DPV GB . 1.05 -15.80 -6.10
O1P DPV GB . -8.13 -11.48 -10.83
C20 DPV GB . 2.56 -16.12 -6.09
C21 DPV GB . 3.39 -14.81 -5.85
C22 DPV GB . 4.88 -15.13 -5.62
C23 DPV GB . 5.72 -13.85 -5.57
O2P DPV GB . -5.88 -10.75 -11.36
O3P DPV GB . -6.28 -11.99 -9.15
O4P DPV GB . -7.00 -9.82 -9.24
H1 DPV GB . -4.73 -12.87 -10.19
H1A DPV GB . -6.25 -13.81 -10.15
H2 DPV GB . -4.86 -13.19 -7.53
H2A DPV GB . -5.86 -14.58 -7.96
H3 DPV GB . -3.05 -14.04 -9.01
H3A DPV GB . -4.01 -15.48 -9.38
H4 DPV GB . -7.94 -10.70 -7.62
H4A DPV GB . -9.03 -9.89 -8.76
H5 DPV GB . -6.93 -8.44 -7.00
H5A DPV GB . -8.15 -7.66 -8.03
H6 DPV GB . -10.61 -9.53 -7.07
H6A DPV GB . -10.62 -7.74 -7.33
H6B DPV GB . -11.08 -8.43 -5.73
H7 DPV GB . -7.75 -6.96 -5.20
H7A DPV GB . -9.44 -7.00 -4.68
H7B DPV GB . -9.02 -6.30 -6.27
H8 DPV GB . -7.58 -9.40 -4.82
H8A DPV GB . -8.81 -10.50 -5.54
H8B DPV GB . -9.29 -9.36 -4.25
H15 DPV GB . -3.94 -16.21 -7.03
H15A DPV GB . -3.23 -14.68 -6.53
H16 DPV GB . -1.84 -16.65 -8.42
H16A DPV GB . -1.18 -15.15 -7.82
H17 DPV GB . -1.54 -16.13 -5.40
H17A DPV GB . -1.90 -17.65 -6.18
H18 DPV GB . 0.40 -17.83 -5.63
H18A DPV GB . 0.43 -17.48 -7.36
H19 DPV GB . 0.86 -15.04 -6.86
H19A DPV GB . 0.78 -15.39 -5.14
H20 DPV GB . 2.77 -16.83 -5.31
H20A DPV GB . 2.85 -16.55 -7.05
H21 DPV GB . 3.27 -14.17 -6.72
H21A DPV GB . 2.98 -14.28 -4.99
H22 DPV GB . 5.00 -15.67 -4.67
H22A DPV GB . 5.26 -15.77 -6.40
H23 DPV GB . 5.67 -13.33 -6.54
H23A DPV GB . 6.76 -14.09 -5.35
H23B DPV GB . 5.35 -13.17 -4.80
N DPV HB . -6.87 -2.32 -8.61
P DPV HB . -2.60 -0.44 -10.07
C1 DPV HB . -0.13 -1.09 -9.43
C2 DPV HB . 1.03 -0.71 -8.50
C3 DPV HB . 2.00 -1.89 -8.31
C4 DPV HB . -4.30 -2.24 -9.23
C5 DPV HB . -5.56 -1.46 -8.72
C6 DPV HB . -8.00 -1.37 -8.20
C7 DPV HB . -6.73 -3.38 -7.52
C8 DPV HB . -7.25 -2.97 -9.94
C15 DPV HB . 3.19 -1.55 -7.37
C16 DPV HB . 4.01 -2.83 -7.06
C17 DPV HB . 5.23 -2.58 -6.15
C18 DPV HB . 5.90 -3.92 -5.78
C19 DPV HB . 7.17 -3.73 -4.89
O1P DPV HB . -2.35 -1.09 -11.37
C20 DPV HB . 7.78 -5.10 -4.54
C21 DPV HB . 8.99 -4.96 -3.56
C22 DPV HB . 9.64 -6.34 -3.30
C23 DPV HB . 10.86 -6.22 -2.37
O2P DPV HB . -3.42 0.78 -10.18
O3P DPV HB . -1.26 -0.23 -9.18
O4P DPV HB . -3.13 -1.44 -8.96
H1 DPV HB . 0.19 -1.00 -10.47
H1A DPV HB . -0.44 -2.14 -9.24
H2 DPV HB . 1.55 0.15 -8.92
H2A DPV HB . 0.64 -0.39 -7.53
H3 DPV HB . 2.41 -2.17 -9.27
H3A DPV HB . 1.45 -2.77 -7.93
H4 DPV HB . -4.20 -3.18 -8.68
H4A DPV HB . -4.38 -2.44 -10.29
H5 DPV HB . -5.36 -1.07 -7.73
H5A DPV HB . -5.77 -0.61 -9.39
H6 DPV HB . -7.73 -0.91 -7.23
H6A DPV HB . -8.94 -1.94 -8.10
H6B DPV HB . -8.10 -0.60 -8.97
H7 DPV HB . -5.97 -4.11 -7.81
H7A DPV HB . -7.70 -3.90 -7.40
H7B DPV HB . -6.46 -2.91 -6.57
H8 DPV HB . -6.50 -3.70 -10.20
H8A DPV HB . -7.30 -2.19 -10.70
H8B DPV HB . -8.24 -3.44 -9.84
H15 DPV HB . 2.81 -1.14 -6.42
H15A DPV HB . 3.82 -0.80 -7.83
H16 DPV HB . 3.34 -3.56 -6.59
H16A DPV HB . 4.35 -3.27 -8.01
H17 DPV HB . 5.94 -1.92 -6.66
H17A DPV HB . 4.92 -2.08 -5.22
H18 DPV HB . 5.19 -4.56 -5.24
H18A DPV HB . 6.18 -4.46 -6.70
H19 DPV HB . 7.90 -3.11 -5.42
H19A DPV HB . 6.88 -3.21 -3.98
H20 DPV HB . 7.02 -5.72 -4.06
H20A DPV HB . 8.09 -5.59 -5.47
H21 DPV HB . 9.71 -4.26 -3.97
H21A DPV HB . 8.63 -4.55 -2.62
H22 DPV HB . 8.91 -7.02 -2.85
H22A DPV HB . 9.97 -6.78 -4.24
H23 DPV HB . 11.25 -7.22 -2.13
H23A DPV HB . 10.60 -5.72 -1.44
H23B DPV HB . 11.66 -5.66 -2.87
N DPV IB . 31.90 -14.05 -11.43
P DPV IB . 27.56 -13.22 -13.39
C1 DPV IB . 25.06 -13.90 -13.24
C2 DPV IB . 23.85 -13.83 -12.27
C3 DPV IB . 22.58 -14.52 -12.84
C4 DPV IB . 29.32 -13.43 -11.38
C5 DPV IB . 30.71 -13.25 -12.10
C6 DPV IB . 32.18 -13.59 -9.99
C7 DPV IB . 33.15 -13.81 -12.27
C8 DPV IB . 31.63 -15.57 -11.44
C15 DPV IB . 22.54 -16.06 -12.54
C16 DPV IB . 21.16 -16.71 -12.89
C17 DPV IB . 20.06 -16.42 -11.83
C18 DPV IB . 18.67 -16.08 -12.45
C19 DPV IB . 18.58 -14.70 -13.19
O1P DPV IB . 27.51 -12.26 -14.49
C20 DPV IB . 18.60 -13.49 -12.21
C21 DPV IB . 18.47 -12.12 -12.95
C22 DPV IB . 19.80 -11.65 -13.59
C23 DPV IB . 19.67 -10.26 -14.23
O2P DPV IB . 28.07 -14.53 -13.81
O3P DPV IB . 26.21 -13.31 -12.57
O4P DPV IB . 28.30 -12.65 -12.06
H1 DPV IB . 25.29 -14.94 -13.48
H1A DPV IB . 24.86 -13.34 -14.14
H2 DPV IB . 24.13 -14.29 -11.32
H2A DPV IB . 23.64 -12.80 -12.07
H3 DPV IB . 22.48 -14.36 -13.92
H3A DPV IB . 21.71 -14.04 -12.38
H4 DPV IB . 29.02 -14.48 -11.37
H4A DPV IB . 29.39 -13.08 -10.34
H5 DPV IB . 30.61 -13.60 -13.13
H5A DPV IB . 30.99 -12.20 -12.10
H6 DPV IB . 31.29 -13.78 -9.38
H6A DPV IB . 32.44 -12.53 -10.00
H6B DPV IB . 33.02 -14.19 -9.60
H7 DPV IB . 32.96 -14.14 -13.30
H7A DPV IB . 33.98 -14.40 -11.83
H7B DPV IB . 33.39 -12.75 -12.23
H8 DPV IB . 31.45 -15.90 -12.47
H8A DPV IB . 30.76 -15.79 -10.81
H8B DPV IB . 32.52 -16.08 -11.03
H15 DPV IB . 22.77 -16.24 -11.49
H15A DPV IB . 23.31 -16.55 -13.13
H16 DPV IB . 20.84 -16.37 -13.87
H16A DPV IB . 21.29 -17.79 -12.97
H17 DPV IB . 19.95 -17.32 -11.20
H17A DPV IB . 20.35 -15.61 -11.14
H18 DPV IB . 18.41 -16.87 -13.17
H18A DPV IB . 17.90 -16.13 -11.67
H19 DPV IB . 19.40 -14.61 -13.91
H19A DPV IB . 17.64 -14.68 -13.75
H20 DPV IB . 17.75 -13.59 -11.51
H20A DPV IB . 19.51 -13.49 -11.60
H21 DPV IB . 17.68 -12.19 -13.73
H21A DPV IB . 18.12 -11.39 -12.22
H22 DPV IB . 20.58 -11.61 -12.81
H22A DPV IB . 20.11 -12.36 -14.35
H23 DPV IB . 19.38 -9.52 -13.48
H23A DPV IB . 18.91 -10.29 -15.02
H23B DPV IB . 20.62 -9.95 -14.67
N DPV JB . 26.62 -27.59 -5.28
P DPV JB . 22.68 -27.66 -8.77
C1 DPV JB . 20.79 -26.25 -7.57
C2 DPV JB . 19.57 -26.42 -6.61
C3 DPV JB . 19.33 -25.17 -5.70
C4 DPV JB . 24.80 -27.72 -7.21
C5 DPV JB . 25.26 -27.09 -5.86
C6 DPV JB . 27.78 -27.33 -6.26
C7 DPV JB . 26.57 -29.08 -4.91
C8 DPV JB . 26.89 -26.78 -4.01
C15 DPV JB . 18.61 -24.02 -6.45
C16 DPV JB . 18.33 -22.82 -5.48
C17 DPV JB . 17.70 -21.59 -6.20
C18 DPV JB . 17.60 -20.36 -5.24
C19 DPV JB . 17.22 -19.02 -5.94
O1P DPV JB . 22.76 -26.66 -9.86
C20 DPV JB . 15.69 -18.70 -5.91
C21 DPV JB . 15.37 -17.28 -6.49
C22 DPV JB . 13.87 -16.94 -6.39
C23 DPV JB . 13.55 -15.47 -6.78
O2P DPV JB . 23.00 -29.02 -9.23
O3P DPV JB . 21.30 -27.57 -7.92
O4P DPV JB . 23.47 -27.24 -7.45
H1 DPV JB . 20.47 -25.71 -8.47
H1A DPV JB . 21.59 -25.70 -7.06
H2 DPV JB . 18.68 -26.66 -7.19
H2A DPV JB . 19.75 -27.29 -5.97
H3 DPV JB . 20.28 -24.83 -5.29
H3A DPV JB . 18.72 -25.49 -4.86
H4 DPV JB . 25.45 -27.41 -8.02
H4A DPV JB . 24.77 -28.81 -7.13
H5 DPV JB . 25.35 -26.02 -5.97
H5A DPV JB . 24.49 -27.30 -5.09
H6 DPV JB . 27.80 -26.26 -6.52
H6A DPV JB . 27.62 -27.90 -7.18
H6B DPV JB . 28.72 -27.64 -5.80
H7 DPV JB . 25.69 -29.25 -4.29
H7A DPV JB . 27.49 -29.36 -4.39
H7B DPV JB . 26.47 -29.67 -5.83
H8 DPV JB . 26.06 -26.92 -3.32
H8A DPV JB . 27.00 -25.74 -4.27
H8B DPV JB . 27.82 -27.15 -3.56
H15 DPV JB . 17.65 -24.37 -6.85
H15A DPV JB . 19.23 -23.68 -7.27
H16 DPV JB . 17.66 -23.17 -4.69
H16A DPV JB . 19.28 -22.52 -5.02
H17 DPV JB . 18.32 -21.33 -7.06
H17A DPV JB . 16.71 -21.84 -6.58
H18 DPV JB . 16.88 -20.59 -4.45
H18A DPV JB . 18.57 -20.23 -4.77
H19 DPV JB . 17.76 -18.21 -5.43
H19A DPV JB . 17.58 -19.02 -6.99
H20 DPV JB . 15.14 -19.47 -6.48
H20A DPV JB . 15.34 -18.75 -4.88
H21 DPV JB . 15.96 -16.55 -5.93
H21A DPV JB . 15.70 -17.24 -7.53
H22 DPV JB . 13.27 -17.60 -7.02
H22A DPV JB . 13.52 -17.11 -5.36
H23 DPV JB . 12.49 -15.25 -6.61
H23A DPV JB . 13.79 -15.31 -7.84
H23B DPV JB . 14.15 -14.76 -6.19
N DPV KB . 27.09 -24.09 -20.14
P DPV KB . 22.43 -25.12 -20.68
C1 DPV KB . 21.37 -22.90 -19.80
C2 DPV KB . 21.71 -21.41 -19.63
C3 DPV KB . 20.43 -20.56 -19.53
C4 DPV KB . 24.79 -25.23 -19.46
C5 DPV KB . 25.73 -23.98 -19.38
C6 DPV KB . 27.86 -22.78 -19.97
C7 DPV KB . 26.92 -24.34 -21.65
C8 DPV KB . 27.96 -25.22 -19.54
C15 DPV KB . 20.77 -19.04 -19.57
C16 DPV KB . 19.48 -18.17 -19.67
C17 DPV KB . 19.74 -16.83 -20.40
C18 DPV KB . 18.46 -15.95 -20.44
C19 DPV KB . 18.59 -14.75 -21.43
O1P DPV KB . 21.79 -25.39 -21.98
C20 DPV KB . 19.41 -13.53 -20.87
C21 DPV KB . 18.64 -12.76 -19.77
C22 DPV KB . 19.43 -11.49 -19.31
C23 DPV KB . 18.87 -10.92 -18.01
O2P DPV KB . 21.82 -25.93 -19.59
O3P DPV KB . 22.55 -23.57 -20.32
O4P DPV KB . 24.03 -25.19 -20.71
H1 DPV KB . 21.12 -23.35 -18.84
H1A DPV KB . 20.55 -23.04 -20.51
H2 DPV KB . 22.33 -21.28 -18.74
H2A DPV KB . 22.31 -21.07 -20.48
H3 DPV KB . 19.90 -20.78 -18.60
H3A DPV KB . 19.75 -20.82 -20.35
H4 DPV KB . 25.36 -26.15 -19.41
H4A DPV KB . 24.08 -25.19 -18.63
H5 DPV KB . 25.21 -23.10 -19.80
H5A DPV KB . 25.96 -23.77 -18.34
H6 DPV KB . 28.08 -22.64 -18.91
H6A DPV KB . 27.26 -21.95 -20.33
H6B DPV KB . 28.80 -22.84 -20.53
H7 DPV KB . 26.40 -25.29 -21.78
H7A DPV KB . 27.91 -24.37 -22.12
H7B DPV KB . 26.32 -23.53 -22.08
H8 DPV KB . 27.48 -26.17 -19.71
H8A DPV KB . 28.08 -25.04 -18.48
H8B DPV KB . 28.95 -25.20 -20.03
H15 DPV KB . 21.39 -18.83 -20.43
H15A DPV KB . 21.34 -18.75 -18.67
H16 DPV KB . 18.71 -18.72 -20.20
H16A DPV KB . 19.10 -17.97 -18.65
H17 DPV KB . 20.54 -16.28 -19.90
H17A DPV KB . 20.08 -17.04 -21.42
H18 DPV KB . 17.62 -16.56 -20.78
H18A DPV KB . 18.22 -15.61 -19.44
H19 DPV KB . 19.07 -15.10 -22.34
H19A DPV KB . 17.60 -14.41 -21.73
H20 DPV KB . 20.37 -13.89 -20.51
H20A DPV KB . 19.63 -12.86 -21.70
H21 DPV KB . 17.67 -12.44 -20.17
H21A DPV KB . 18.45 -13.42 -18.93
H22 DPV KB . 20.49 -11.74 -19.15
H22A DPV KB . 19.39 -10.74 -20.10
H23 DPV KB . 19.42 -10.03 -17.71
H23A DPV KB . 18.94 -11.66 -17.21
H23B DPV KB . 17.81 -10.67 -18.13
N DPV LB . -7.97 -1.30 0.43
P DPV LB . -8.06 -5.88 2.06
C1 DPV LB . -8.26 -6.80 -0.42
C2 DPV LB . -6.84 -7.18 -0.84
C3 DPV LB . -6.65 -6.97 -2.36
C4 DPV LB . -8.98 -3.46 1.63
C5 DPV LB . -8.25 -2.83 0.37
C6 DPV LB . -9.27 -0.49 0.56
C7 DPV LB . -7.28 -0.89 -0.91
C8 DPV LB . -7.03 -0.92 1.59
C15 DPV LB . -5.17 -7.10 -2.77
C16 DPV LB . -4.99 -7.12 -4.32
C17 DPV LB . -3.50 -7.25 -4.74
C18 DPV LB . -2.95 -8.68 -4.54
C19 DPV LB . -1.51 -8.83 -5.12
O1P DPV LB . -6.66 -5.40 1.94
C20 DPV LB . -0.86 -10.20 -4.75
C21 DPV LB . -1.42 -11.41 -5.58
C22 DPV LB . -0.67 -12.73 -5.30
C23 DPV LB . -1.05 -13.36 -3.93
O2P DPV LB . -8.39 -6.24 3.45
O3P DPV LB . -8.45 -7.04 1.00
O4P DPV LB . -9.14 -4.88 1.44
H1 DPV LB . -8.46 -5.75 -0.65
H1A DPV LB . -8.98 -7.41 -0.98
H2 DPV LB . -6.12 -6.56 -0.29
H2A DPV LB . -6.64 -8.22 -0.59
H3 DPV LB . -7.01 -5.97 -2.63
H3A DPV LB . -7.25 -7.71 -2.89
H4 DPV LB . -8.41 -3.28 2.54
H4A DPV LB . -9.97 -3.00 1.72
H5 DPV LB . -7.28 -3.33 0.26
H5A DPV LB . -8.84 -3.02 -0.53
H6 DPV LB . -9.04 0.58 0.50
H6A DPV LB . -9.73 -0.72 1.53
H6B DPV LB . -9.94 -0.77 -0.26
H7 DPV LB . -6.34 -1.45 -1.01
H7A DPV LB . -7.09 0.18 -0.91
H7B DPV LB . -7.96 -1.14 -1.75
H8 DPV LB . -6.80 0.15 1.52
H8A DPV LB . -6.10 -1.50 1.50
H8B DPV LB . -7.52 -1.15 2.54
H15 DPV LB . -4.74 -8.01 -2.35
H15A DPV LB . -4.60 -6.25 -2.36
H16 DPV LB . -5.57 -7.94 -4.75
H16A DPV LB . -5.39 -6.19 -4.73
H17 DPV LB . -3.44 -7.00 -5.81
H17A DPV LB . -2.90 -6.52 -4.19
H18 DPV LB . -2.93 -8.90 -3.46
H18A DPV LB . -3.62 -9.39 -5.01
H19 DPV LB . -1.53 -8.71 -6.19
H19A DPV LB . -0.89 -8.03 -4.70
H20 DPV LB . 0.21 -10.12 -4.91
H20A DPV LB . -1.03 -10.39 -3.69
H21 DPV LB . -2.50 -11.54 -5.39
H21A DPV LB . -1.33 -11.18 -6.64
H22 DPV LB . -0.90 -13.45 -6.07
H22A DPV LB . 0.41 -12.56 -5.34
H23 DPV LB . -0.74 -12.72 -3.11
H23A DPV LB . -0.54 -14.32 -3.82
H23B DPV LB . -2.12 -13.53 -3.88
N DPV MB . 0.86 -2.17 11.33
P DPV MB . 3.00 -6.05 11.07
C1 DPV MB . 4.98 -7.36 9.94
C2 DPV MB . 6.30 -7.11 9.18
C3 DPV MB . 7.01 -8.45 8.82
C4 DPV MB . 2.93 -3.50 10.27
C5 DPV MB . 2.31 -2.74 11.51
C6 DPV MB . -0.16 -3.30 11.01
C7 DPV MB . 0.79 -1.11 10.21
C8 DPV MB . 0.44 -1.50 12.64
C15 DPV MB . 8.42 -8.23 8.21
C16 DPV MB . 9.11 -9.57 7.79
C17 DPV MB . 10.52 -9.35 7.14
C18 DPV MB . 11.69 -9.15 8.15
C19 DPV MB . 12.23 -10.49 8.72
O1P DPV MB . 3.31 -5.67 12.46
C20 DPV MB . 13.41 -10.26 9.70
C21 DPV MB . 13.95 -11.61 10.25
C22 DPV MB . 15.16 -11.41 11.20
C23 DPV MB . 15.72 -12.74 11.74
O2P DPV MB . 2.17 -7.27 11.00
O3P DPV MB . 4.31 -6.11 10.13
O4P DPV MB . 2.40 -4.85 10.19
H1 DPV MB . 4.33 -8.03 9.36
H1A DPV MB . 5.18 -7.80 10.92
H2 DPV MB . 6.10 -6.55 8.26
H2A DPV MB . 6.96 -6.50 9.81
H3 DPV MB . 6.39 -9.00 8.10
H3A DPV MB . 7.11 -9.09 9.71
H4 DPV MB . 2.69 -2.98 9.35
H4A DPV MB . 4.02 -3.57 10.37
H5 DPV MB . 2.30 -3.42 12.38
H5A DPV MB . 2.95 -1.88 11.75
H6 DPV MB . -0.08 -4.06 11.77
H6A DPV MB . 0.08 -3.71 10.03
H6B DPV MB . -1.16 -2.87 11.00
H7 DPV MB . 1.48 -0.29 10.47
H7A DPV MB . -0.24 -0.73 10.14
H7B DPV MB . 1.09 -1.56 9.27
H8 DPV MB . 1.14 -0.69 12.83
H8A DPV MB . 0.49 -2.23 13.45
H8B DPV MB . -0.57 -1.10 12.55
H15 DPV MB . 9.04 -7.72 8.96
H15A DPV MB . 8.35 -7.58 7.35
H16 DPV MB . 9.20 -10.22 8.66
H16A DPV MB . 8.46 -10.08 7.07
H17 DPV MB . 10.75 -10.20 6.49
H17A DPV MB . 10.47 -8.47 6.47
H18 DPV MB . 12.51 -8.62 7.64
H18A DPV MB . 11.37 -8.50 8.97
H19 DPV MB . 11.43 -11.03 9.22
H19A DPV MB . 12.58 -11.11 7.89
H20 DPV MB . 14.23 -9.74 9.18
H20A DPV MB . 13.08 -9.64 10.53
H21 DPV MB . 13.15 -12.15 10.76
H21A DPV MB . 14.26 -12.23 9.40
H22 DPV MB . 15.95 -10.88 10.68
H22A DPV MB . 14.84 -10.81 12.06
H23 DPV MB . 16.06 -13.37 10.91
H23A DPV MB . 14.95 -13.26 12.31
H23B DPV MB . 16.58 -12.57 12.40
N DPV NB . -10.87 -24.89 -3.76
P DPV NB . -6.51 -23.45 -3.49
C1 DPV NB . -4.44 -23.72 -5.07
C2 DPV NB . -4.13 -22.30 -5.60
C3 DPV NB . -2.60 -22.10 -5.78
C4 DPV NB . -8.44 -24.97 -2.64
C5 DPV NB . -9.71 -25.76 -3.14
C6 DPV NB . -11.37 -23.82 -2.76
C7 DPV NB . -12.04 -25.82 -4.09
C8 DPV NB . -10.44 -24.19 -5.06
C15 DPV NB . -2.26 -20.77 -6.51
C16 DPV NB . -2.37 -20.93 -8.06
C17 DPV NB . -2.18 -19.57 -8.78
C18 DPV NB . -2.51 -19.69 -10.30
C19 DPV NB . -2.49 -18.30 -11.01
O1P DPV NB . -6.97 -22.05 -3.47
C20 DPV NB . -2.86 -18.46 -12.50
C21 DPV NB . -2.95 -17.09 -13.23
C22 DPV NB . -3.21 -17.29 -14.75
C23 DPV NB . -3.33 -15.94 -15.49
O2P DPV NB . -5.66 -23.78 -2.31
O3P DPV NB . -5.86 -23.88 -4.89
O4P DPV NB . -7.69 -24.50 -3.75
H1 DPV NB . -4.10 -24.45 -5.81
H1A DPV NB . -3.93 -23.91 -4.12
H2 DPV NB . -4.66 -22.15 -6.53
H2A DPV NB . -4.51 -21.57 -4.89
H3 DPV NB . -2.19 -22.93 -6.35
H3A DPV NB . -2.11 -22.09 -4.81
H4 DPV NB . -8.74 -24.13 -2.01
H4A DPV NB . -7.81 -25.65 -2.06
H5 DPV NB . -9.41 -26.49 -3.90
H5A DPV NB . -10.16 -26.30 -2.30
H6 DPV NB . -12.27 -23.34 -3.15
H6A DPV NB . -10.58 -23.07 -2.60
H6B DPV NB . -11.61 -24.33 -1.82
H7 DPV NB . -11.71 -26.59 -4.80
H7A DPV NB . -12.86 -25.24 -4.53
H7B DPV NB . -12.37 -26.30 -3.16
H8 DPV NB . -11.30 -23.68 -5.49
H8A DPV NB . -10.07 -24.96 -5.76
H8B DPV NB . -9.65 -23.46 -4.85
H15 DPV NB . -1.23 -20.48 -6.26
H15A DPV NB . -2.92 -19.97 -6.18
H16 DPV NB . -1.62 -21.64 -8.41
H16A DPV NB . -3.35 -21.34 -8.32
H17 DPV NB . -2.85 -18.83 -8.33
H17A DPV NB . -1.15 -19.22 -8.65
H18 DPV NB . -1.80 -20.37 -10.77
H18A DPV NB . -3.50 -20.13 -10.40
H19 DPV NB . -3.18 -17.63 -10.52
H19A DPV NB . -1.49 -17.85 -10.93
H20 DPV NB . -2.09 -19.07 -12.99
H20A DPV NB . -3.80 -19.00 -12.58
H21 DPV NB . -3.75 -16.49 -12.80
H21A DPV NB . -2.01 -16.54 -13.10
H22 DPV NB . -2.39 -17.88 -15.18
H22A DPV NB . -4.12 -17.89 -14.90
H23 DPV NB . -2.42 -15.36 -15.36
H23A DPV NB . -4.19 -15.37 -15.11
H23B DPV NB . -3.48 -16.13 -16.55
N DPV OB . 31.23 -22.14 -14.68
P DPV OB . 27.20 -24.73 -15.63
C1 DPV OB . 24.76 -23.91 -15.66
C2 DPV OB . 23.91 -22.65 -15.89
C3 DPV OB . 22.39 -23.00 -15.85
C4 DPV OB . 29.65 -23.76 -16.03
C5 DPV OB . 29.83 -22.81 -14.80
C6 DPV OB . 31.50 -21.17 -15.84
C7 DPV OB . 31.25 -21.34 -13.37
C8 DPV OB . 32.36 -23.18 -14.60
C15 DPV OB . 21.51 -21.73 -15.70
C16 DPV OB . 19.99 -22.02 -15.93
C17 DPV OB . 19.34 -22.97 -14.86
C18 DPV OB . 17.80 -22.92 -14.93
C19 DPV OB . 17.15 -23.82 -13.86
O1P DPV OB . 27.50 -24.92 -14.20
C20 DPV OB . 15.62 -23.59 -13.77
C21 DPV OB . 14.93 -24.61 -12.82
C22 DPV OB . 13.39 -24.48 -12.81
C23 DPV OB . 12.74 -25.01 -14.11
O2P DPV OB . 26.91 -26.02 -16.33
O3P DPV OB . 26.15 -23.60 -15.90
O4P DPV OB . 28.25 -23.80 -16.41
H1 DPV OB . 24.64 -24.25 -14.64
H1A DPV OB . 24.45 -24.70 -16.37
H2 DPV OB . 24.15 -21.92 -15.12
H2A DPV OB . 24.15 -22.21 -16.86
H3 DPV OB . 22.20 -23.66 -15.01
H3A DPV OB . 22.12 -23.52 -16.77
H4 DPV OB . 30.21 -23.39 -16.88
H4A DPV OB . 29.99 -24.78 -15.79
H5 DPV OB . 29.08 -22.00 -14.86
H5A DPV OB . 29.64 -23.36 -13.88
H6 DPV OB . 31.64 -21.74 -16.76
H6A DPV OB . 32.41 -20.60 -15.62
H6B DPV OB . 30.66 -20.48 -15.95
H7 DPV OB . 30.97 -21.99 -12.54
H7A DPV OB . 30.54 -20.51 -13.46
H7B DPV OB . 32.26 -20.92 -13.20
H8 DPV OB . 32.41 -23.75 -15.53
H8A DPV OB . 32.15 -23.84 -13.75
H8B DPV OB . 33.31 -22.67 -14.44
H15 DPV OB . 21.81 -20.96 -16.42
H15A DPV OB . 21.65 -21.30 -14.70
H16 DPV OB . 19.47 -21.07 -15.94
H16A DPV OB . 19.86 -22.46 -16.92
H17 DPV OB . 19.69 -23.98 -15.01
H17A DPV OB . 19.66 -22.65 -13.86
H18 DPV OB . 17.47 -21.88 -14.80
H18A DPV OB . 17.47 -23.24 -15.92
H19 DPV OB . 17.36 -24.86 -14.09
H19A DPV OB . 17.58 -23.60 -12.87
H20 DPV OB . 15.42 -22.56 -13.44
H20A DPV OB . 15.19 -23.68 -14.77
H21 DPV OB . 15.20 -25.64 -13.09
H21A DPV OB . 15.30 -24.45 -11.80
H22 DPV OB . 12.99 -25.05 -11.97
H22A DPV OB . 13.10 -23.44 -12.67
H23 DPV OB . 11.66 -24.97 -14.02
H23A DPV OB . 13.04 -26.04 -14.28
H23B DPV OB . 13.04 -24.42 -14.98
N GLY A 1 -4.17 2.50 -5.73
CA GLY A 1 -3.43 1.44 -6.43
C GLY A 1 -2.62 0.60 -5.48
N LEU A 2 -1.92 -0.40 -6.01
CA LEU A 2 -1.15 -1.33 -5.18
C LEU A 2 -0.02 -0.66 -4.38
N LEU A 3 0.55 0.44 -4.86
CA LEU A 3 1.61 1.11 -4.10
C LEU A 3 1.03 1.63 -2.78
N LYS A 4 -0.12 2.26 -2.87
CA LYS A 4 -0.80 2.79 -1.68
C LYS A 4 -1.22 1.65 -0.76
N TRP A 5 -1.65 0.56 -1.36
CA TRP A 5 -2.02 -0.64 -0.59
C TRP A 5 -0.85 -1.19 0.21
N ILE A 6 0.32 -1.35 -0.43
CA ILE A 6 1.51 -1.84 0.26
C ILE A 6 1.88 -0.89 1.40
N LYS A 7 1.88 0.42 1.12
CA LYS A 7 2.19 1.40 2.14
C LYS A 7 1.24 1.35 3.33
N THR A 8 -0.04 1.11 3.06
CA THR A 8 -1.04 1.01 4.12
C THR A 8 -0.79 -0.23 4.98
N LEU A 9 -0.46 -1.35 4.35
CA LEU A 9 -0.22 -2.60 5.07
C LEU A 9 0.97 -2.49 6.01
N LEU A 10 2.02 -1.82 5.54
CA LEU A 10 3.21 -1.60 6.36
C LEU A 10 2.90 -0.66 7.51
N NH2 A 11 2.18 0.42 7.19
HN1 NH2 A 11 1.89 0.56 6.23
HN2 NH2 A 11 1.93 1.07 7.89
UNK UNX B . 12.81 -12.25 -5.27
N DPV C . 16.69 -34.66 -3.63
P DPV C . 17.65 -32.89 -7.84
C1 DPV C . 18.24 -30.64 -8.99
C2 DPV C . 19.11 -29.38 -8.75
C3 DPV C . 18.41 -28.33 -7.84
C4 DPV C . 15.95 -33.53 -5.93
C5 DPV C . 15.82 -33.58 -4.36
C6 DPV C . 18.20 -34.41 -3.84
C7 DPV C . 16.33 -36.10 -4.07
C8 DPV C . 16.41 -34.56 -2.12
C15 DPV C . 19.33 -27.13 -7.51
C16 DPV C . 19.37 -26.08 -8.66
C17 DPV C . 20.30 -24.89 -8.30
C18 DPV C . 20.42 -23.90 -9.48
C19 DPV C . 21.56 -22.88 -9.24
O1P DPV C . 16.57 -33.17 -8.79
C20 DPV C . 22.00 -22.18 -10.56
C21 DPV C . 23.30 -21.38 -10.37
C22 DPV C . 23.80 -20.79 -11.71
C23 DPV C . 25.15 -20.06 -11.52
O2P DPV C . 18.81 -33.78 -8.03
O3P DPV C . 18.04 -31.35 -7.75
O4P DPV C . 17.15 -32.82 -6.31
H1 DPV C . 17.27 -30.35 -9.41
H1A DPV C . 18.76 -31.29 -9.70
H2 DPV C . 20.05 -29.70 -8.28
H2A DPV C . 19.37 -28.93 -9.71
H3 DPV C . 18.14 -28.81 -6.90
H3A DPV C . 17.48 -27.99 -8.30
H4 DPV C . 15.99 -34.55 -6.34
H4A DPV C . 15.09 -33.01 -6.36
H5 DPV C . 16.10 -32.60 -3.95
H5A DPV C . 14.79 -33.77 -4.10
H6 DPV C . 18.44 -33.39 -3.51
H6A DPV C . 18.44 -34.52 -4.90
H6B DPV C . 18.77 -35.14 -3.25
H7 DPV C . 15.26 -36.25 -3.93
H7A DPV C . 16.90 -36.80 -3.45
H7B DPV C . 16.60 -36.23 -5.12
H8 DPV C . 15.33 -34.71 -1.95
H8A DPV C . 16.70 -33.58 -1.76
H8B DPV C . 16.98 -35.34 -1.60
H15 DPV C . 20.34 -27.48 -7.29
H15A DPV C . 18.95 -26.64 -6.60
H16 DPV C . 19.74 -26.56 -9.57
H16A DPV C . 18.36 -25.71 -8.86
H17 DPV C . 19.93 -24.38 -7.42
H17A DPV C . 21.29 -25.28 -8.06
H18 DPV C . 20.62 -24.45 -10.40
H18A DPV C . 19.47 -23.37 -9.60
H19 DPV C . 21.26 -22.12 -8.51
H19A DPV C . 22.43 -23.40 -8.81
H20 DPV C . 22.16 -22.96 -11.33
H20A DPV C . 21.20 -21.53 -10.91
H21 DPV C . 23.12 -20.57 -9.66
H21A DPV C . 24.07 -22.02 -9.95
H22 DPV C . 23.93 -21.59 -12.45
H22A DPV C . 23.06 -20.09 -12.11
H23 DPV C . 25.49 -19.67 -12.47
H23A DPV C . 25.90 -20.74 -11.13
H23B DPV C . 25.03 -19.22 -10.82
N DPV D . 31.15 -12.53 -19.37
P DPV D . 27.38 -9.78 -21.61
C1 DPV D . 26.83 -9.03 -24.05
C2 DPV D . 25.48 -9.56 -24.56
C3 DPV D . 25.66 -10.66 -25.65
C4 DPV D . 29.00 -11.26 -20.23
C5 DPV D . 29.99 -12.44 -20.44
C6 DPV D . 30.60 -12.67 -17.94
C7 DPV D . 32.11 -11.33 -19.45
C8 DPV D . 31.95 -13.80 -19.69
C15 DPV D . 24.30 -11.32 -26.00
C16 DPV D . 24.46 -12.39 -27.12
C17 DPV D . 23.11 -13.12 -27.44
C18 DPV D . 22.79 -14.26 -26.41
C19 DPV D . 21.33 -14.20 -25.85
O1P DPV D . 28.10 -8.56 -21.19
C20 DPV D . 21.15 -13.11 -24.77
C21 DPV D . 19.77 -13.25 -24.04
C22 DPV D . 19.61 -12.26 -22.84
C23 DPV D . 20.40 -12.71 -21.59
O2P DPV D . 26.02 -9.84 -21.06
O3P DPV D . 27.43 -10.02 -23.19
O4P DPV D . 28.22 -11.11 -21.42
H1 DPV D . 27.50 -8.83 -24.89
H1A DPV D . 26.68 -8.10 -23.49
H2 DPV D . 24.92 -9.97 -23.72
H2A DPV D . 24.89 -8.73 -24.97
H3 DPV D . 26.36 -11.42 -25.29
H3A DPV D . 26.09 -10.21 -26.54
H4 DPV D . 28.34 -11.46 -19.39
H4A DPV D . 29.56 -10.33 -20.06
H5 DPV D . 29.45 -13.38 -20.41
H5A DPV D . 30.47 -12.35 -21.42
H6 DPV D . 31.42 -12.91 -17.27
H6A DPV D . 29.85 -13.47 -17.92
H6B DPV D . 30.13 -11.73 -17.65
H7 DPV D . 31.57 -10.42 -19.17
H7A DPV D . 32.49 -11.24 -20.48
H7B DPV D . 32.94 -11.50 -18.76
H8 DPV D . 31.28 -14.66 -19.65
H8A DPV D . 32.73 -13.91 -18.94
H8B DPV D . 32.39 -13.71 -20.69
H15 DPV D . 23.59 -10.56 -26.32
H15A DPV D . 23.90 -11.80 -25.11
H16 DPV D . 24.80 -11.88 -28.04
H16A DPV D . 25.22 -13.12 -26.86
H17 DPV D . 22.30 -12.38 -27.48
H17A DPV D . 23.18 -13.56 -28.44
H18 DPV D . 22.93 -15.22 -26.90
H18A DPV D . 23.49 -14.23 -25.57
H19 DPV D . 20.62 -14.04 -26.67
H19A DPV D . 21.09 -15.18 -25.42
H20 DPV D . 21.95 -13.19 -24.03
H20A DPV D . 21.21 -12.12 -25.22
H21 DPV D . 18.97 -13.05 -24.76
H21A DPV D . 19.64 -14.28 -23.68
H22 DPV D . 19.93 -11.26 -23.14
H22A DPV D . 18.56 -12.20 -22.58
H23 DPV D . 20.10 -13.71 -21.27
H23A DPV D . 20.22 -12.03 -20.75
H23B DPV D . 21.48 -12.72 -21.78
N DPV E . 25.75 -0.28 -18.39
P DPV E . 29.13 -0.83 -14.53
C1 DPV E . 29.87 -0.41 -12.08
C2 DPV E . 29.39 0.15 -10.73
C3 DPV E . 30.45 1.10 -10.05
C4 DPV E . 27.41 -0.12 -16.35
C5 DPV E . 26.05 -0.68 -16.90
C6 DPV E . 26.82 -0.79 -19.38
C7 DPV E . 25.59 1.25 -18.55
C8 DPV E . 24.42 -0.92 -18.80
C15 DPV E . 31.62 0.34 -9.35
C16 DPV E . 31.34 0.05 -7.85
C17 DPV E . 32.41 -0.86 -7.18
C18 DPV E . 32.19 -2.36 -7.51
C19 DPV E . 33.15 -3.30 -6.73
O1P DPV E . 29.55 -2.24 -14.69
C20 DPV E . 32.95 -4.81 -7.06
C21 DPV E . 31.57 -5.38 -6.57
C22 DPV E . 31.46 -6.90 -6.80
C23 DPV E . 30.03 -7.42 -6.57
O2P DPV E . 30.08 0.11 -15.15
O3P DPV E . 28.78 -0.45 -13.02
O4P DPV E . 27.62 -0.58 -14.99
H1 DPV E . 30.66 0.23 -12.50
H1A DPV E . 30.29 -1.42 -11.95
H2 DPV E . 28.47 0.71 -10.88
H2A DPV E . 29.14 -0.68 -10.05
H3 DPV E . 29.93 1.73 -9.32
H3A DPV E . 30.86 1.77 -10.80
H4 DPV E . 28.23 -0.47 -16.97
H4A DPV E . 27.39 0.97 -16.35
H5 DPV E . 26.07 -1.78 -16.87
H5A DPV E . 25.22 -0.32 -16.29
H6 DPV E . 26.92 -1.87 -19.25
H6A DPV E . 27.78 -0.30 -19.16
H6B DPV E . 26.51 -0.56 -20.40
H7 DPV E . 24.81 1.59 -17.85
H7A DPV E . 25.29 1.48 -19.58
H7B DPV E . 26.54 1.73 -18.32
H8 DPV E . 23.64 -0.58 -18.11
H8A DPV E . 24.52 -2.01 -18.76
H8B DPV E . 24.17 -0.61 -19.82
H15 DPV E . 32.52 0.96 -9.43
H15A DPV E . 31.83 -0.59 -9.89
H16 DPV E . 31.33 1.00 -7.32
H16A DPV E . 30.34 -0.40 -7.73
H17 DPV E . 33.41 -0.55 -7.48
H17A DPV E . 32.35 -0.72 -6.09
H18 DPV E . 31.15 -2.63 -7.28
H18A DPV E . 32.33 -2.51 -8.58
H19 DPV E . 34.18 -3.03 -6.98
H19A DPV E . 33.04 -3.14 -5.66
H20 DPV E . 33.05 -4.97 -8.13
H20A DPV E . 33.76 -5.38 -6.58
H21 DPV E . 31.45 -5.17 -5.50
H21A DPV E . 30.76 -4.87 -7.10
H22 DPV E . 31.75 -7.14 -7.83
H22A DPV E . 32.15 -7.43 -6.13
H23 DPV E . 29.71 -7.20 -5.55
H23A DPV E . 29.99 -8.50 -6.72
H23B DPV E . 29.33 -6.95 -7.26
N DPV F . 29.62 4.93 -6.45
P DPV F . 27.39 0.97 -5.68
C1 DPV F . 25.45 2.33 -6.81
C2 DPV F . 25.18 2.91 -8.23
C3 DPV F . 24.44 4.28 -8.13
C4 DPV F . 29.52 2.46 -5.50
C5 DPV F . 30.32 3.54 -6.29
C6 DPV F . 29.17 5.53 -5.10
C7 DPV F . 28.43 4.89 -7.42
C8 DPV F . 30.67 5.89 -7.04
C15 DPV F . 24.05 4.90 -9.51
C16 DPV F . 22.78 4.25 -10.14
C17 DPV F . 22.31 4.97 -11.44
C18 DPV F . 21.03 4.29 -12.00
C19 DPV F . 20.48 5.01 -13.27
O1P DPV F . 27.93 -0.41 -5.65
C20 DPV F . 19.22 4.32 -13.87
C21 DPV F . 19.55 3.02 -14.66
C22 DPV F . 18.29 2.38 -15.30
C23 DPV F . 18.62 1.02 -15.96
O2P DPV F . 26.84 1.38 -4.37
O3P DPV F . 26.40 1.24 -6.91
O4P DPV F . 28.40 2.02 -6.30
H1 DPV F . 25.89 3.12 -6.19
H1A DPV F . 24.53 1.98 -6.36
H2 DPV F . 26.13 3.05 -8.74
H2A DPV F . 24.59 2.20 -8.79
H3 DPV F . 25.09 4.99 -7.61
H3A DPV F . 23.54 4.18 -7.51
H4 DPV F . 30.16 1.59 -5.32
H4A DPV F . 29.15 2.85 -4.55
H5 DPV F . 31.26 3.72 -5.77
H5A DPV F . 30.53 3.17 -7.29
H6 DPV F . 30.03 5.52 -4.40
H6A DPV F . 28.36 4.92 -4.69
H6B DPV F . 28.84 6.56 -5.25
H7 DPV F . 28.78 4.49 -8.38
H7A DPV F . 28.05 5.92 -7.55
H7B DPV F . 27.65 4.26 -7.01
H8 DPV F . 30.20 6.87 -7.21
H8A DPV F . 31.02 5.48 -7.99
H8B DPV F . 31.49 5.98 -6.33
H15 DPV F . 24.89 4.83 -10.21
H15A DPV F . 23.86 5.96 -9.37
H16 DPV F . 22.98 3.20 -10.36
H16A DPV F . 21.97 4.27 -9.41
H17 DPV F . 22.11 6.02 -11.22
H17A DPV F . 23.11 4.92 -12.18
H18 DPV F . 21.25 3.24 -12.24
H18A DPV F . 20.25 4.28 -11.23
H19 DPV F . 20.21 6.04 -13.00
H19A DPV F . 21.26 5.07 -14.03
H20 DPV F . 18.50 4.10 -13.08
H20A DPV F . 18.72 5.02 -14.55
H21 DPV F . 20.27 3.24 -15.44
H21A DPV F . 20.01 2.29 -13.98
H22 DPV F . 17.52 2.22 -14.53
H22A DPV F . 17.87 3.05 -16.04
H23 DPV F . 17.72 0.58 -16.40
H23A DPV F . 19.01 0.32 -15.22
H23B DPV F . 19.37 1.15 -16.75
N DPV G . 15.84 7.35 -15.12
P DPV G . 16.81 6.78 -10.48
C1 DPV G . 14.79 5.78 -9.11
C2 DPV G . 15.29 4.52 -8.36
C3 DPV G . 14.46 3.26 -8.72
C4 DPV G . 15.98 8.11 -12.58
C5 DPV G . 15.70 6.96 -13.61
C6 DPV G . 14.83 8.45 -15.53
C7 DPV G . 15.55 6.10 -15.94
C8 DPV G . 17.28 7.83 -15.46
C15 DPV G . 14.99 1.98 -8.00
C16 DPV G . 14.30 0.69 -8.53
C17 DPV G . 14.93 -0.59 -7.91
C18 DPV G . 14.31 -1.89 -8.53
C19 DPV G . 15.01 -3.18 -7.99
O1P DPV G . 18.08 7.52 -10.26
C20 DPV G . 14.46 -4.46 -8.69
C21 DPV G . 15.03 -5.75 -8.07
C22 DPV G . 14.54 -7.07 -8.75
C23 DPV G . 13.03 -7.37 -8.55
O2P DPV G . 17.05 5.44 -11.06
O3P DPV G . 15.86 6.76 -9.17
O4P DPV G . 15.70 7.64 -11.24
H1 DPV G . 14.47 5.53 -10.12
H1A DPV G . 13.94 6.22 -8.56
H2 DPV G . 16.33 4.34 -8.62
H2A DPV G . 15.24 4.69 -7.28
H3 DPV G . 14.50 3.10 -9.81
H3A DPV G . 13.41 3.41 -8.45
H4 DPV G . 17.02 8.43 -12.65
H4A DPV G . 15.31 8.96 -12.78
H5 DPV G . 16.39 6.14 -13.43
H5A DPV G . 14.68 6.60 -13.47
H6 DPV G . 13.84 8.14 -15.21
H6A DPV G . 14.87 8.59 -16.61
H6B DPV G . 15.10 9.38 -15.02
H7 DPV G . 14.53 5.77 -15.72
H7A DPV G . 16.27 5.31 -15.67
H7B DPV G . 15.65 6.34 -17.01
H8 DPV G . 17.98 7.04 -15.17
H8A DPV G . 17.49 8.74 -14.90
H8B DPV G . 17.34 8.01 -16.53
H15 DPV G . 14.84 2.08 -6.93
H15A DPV G . 16.07 1.89 -8.18
H16 DPV G . 13.23 0.74 -8.29
H16A DPV G . 14.38 0.65 -9.62
H17 DPV G . 16.00 -0.58 -8.09
H17A DPV G . 14.77 -0.60 -6.83
H18 DPV G . 13.24 -1.93 -8.30
H18A DPV G . 14.40 -1.85 -9.62
H19 DPV G . 16.08 -3.11 -8.17
H19A DPV G . 14.85 -3.25 -6.92
H20 DPV G . 13.37 -4.47 -8.61
H20A DPV G . 14.71 -4.42 -9.76
H21 DPV G . 16.12 -5.72 -8.12
H21A DPV G . 14.77 -5.79 -7.01
H22 DPV G . 14.75 -7.03 -9.83
H22A DPV G . 15.11 -7.91 -8.35
H23 DPV G . 12.42 -6.75 -9.21
H23A DPV G . 12.72 -7.18 -7.52
H23B DPV G . 12.82 -8.42 -8.78
N DPV H . 9.16 10.25 -9.01
P DPV H . 11.52 8.52 -12.54
C1 DPV H . 10.31 8.41 -14.86
C2 DPV H . 11.00 7.21 -15.54
C3 DPV H . 11.04 7.37 -17.08
C4 DPV H . 11.20 8.81 -9.97
C5 DPV H . 10.09 8.99 -8.87
C6 DPV H . 8.28 10.18 -10.25
C7 DPV H . 9.97 11.55 -9.01
C8 DPV H . 8.22 10.27 -7.80
C15 DPV H . 11.93 6.25 -17.71
C16 DPV H . 11.51 5.90 -19.16
C17 DPV H . 12.23 4.61 -19.62
C18 DPV H . 11.66 4.06 -20.96
C19 DPV H . 12.21 2.65 -21.33
O1P DPV H . 12.55 7.46 -12.54
C20 DPV H . 11.51 1.50 -20.54
C21 DPV H . 12.23 0.14 -20.73
C22 DPV H . 11.72 -0.92 -19.72
C23 DPV H . 12.42 -2.28 -19.93
O2P DPV H . 12.09 9.86 -12.83
O3P DPV H . 10.24 8.17 -13.42
O4P DPV H . 10.59 8.50 -11.25
H1 DPV H . 10.86 9.33 -15.05
H1A DPV H . 9.30 8.51 -15.24
H2 DPV H . 12.01 7.12 -15.16
H2A DPV H . 10.47 6.30 -15.28
H3 DPV H . 11.44 8.35 -17.36
H3A DPV H . 10.02 7.31 -17.48
H4 DPV H . 11.78 9.72 -10.07
H4A DPV H . 11.86 7.98 -9.71
H5 DPV H . 9.44 8.10 -8.86
H5A DPV H . 10.58 9.04 -7.89
H6 DPV H . 7.73 9.24 -10.25
H6A DPV H . 8.92 10.23 -11.15
H6B DPV H . 7.59 11.03 -10.25
H7 DPV H . 9.27 12.40 -9.05
H7A DPV H . 10.62 11.56 -9.89
H7B DPV H . 10.57 11.60 -8.10
H8 DPV H . 7.50 11.08 -7.93
H8A DPV H . 8.82 10.45 -6.90
H8B DPV H . 7.72 9.31 -7.73
H15 DPV H . 11.84 5.36 -17.10
H15A DPV H . 12.97 6.57 -17.69
H16 DPV H . 10.43 5.75 -19.21
H16A DPV H . 11.76 6.72 -19.83
H17 DPV H . 13.30 4.81 -19.74
H17A DPV H . 12.13 3.84 -18.85
H18 DPV H . 10.56 4.02 -20.91
H18A DPV H . 11.91 4.75 -21.76
H19 DPV H . 12.07 2.48 -22.40
H19A DPV H . 13.29 2.63 -21.14
H20 DPV H . 11.47 1.75 -19.48
H20A DPV H . 10.48 1.41 -20.89
H21 DPV H . 12.07 -0.20 -21.76
H21A DPV H . 13.31 0.28 -20.61
H22 DPV H . 11.91 -0.58 -18.70
H22A DPV H . 10.65 -1.05 -19.84
H23 DPV H . 13.50 -2.17 -19.84
H23A DPV H . 12.20 -2.68 -20.92
H23B DPV H . 12.07 -2.99 -19.18
N DPV I . 3.78 8.53 -4.11
P DPV I . 4.88 7.47 -8.55
C1 DPV I . 6.68 5.99 -9.73
C2 DPV I . 7.90 6.10 -10.65
C3 DPV I . 8.77 4.81 -10.60
C4 DPV I . 5.37 8.62 -6.22
C5 DPV I . 4.42 7.75 -5.32
C6 DPV I . 4.84 9.11 -3.16
C7 DPV I . 2.95 7.53 -3.31
C8 DPV I . 2.83 9.64 -4.59
C15 DPV I . 10.07 5.00 -11.42
C16 DPV I . 10.95 3.71 -11.42
C17 DPV I . 12.37 3.97 -12.02
C18 DPV I . 12.39 4.11 -13.58
C19 DPV I . 12.63 2.75 -14.31
O1P DPV I . 4.00 8.61 -8.94
C20 DPV I . 12.60 2.96 -15.85
C21 DPV I . 13.01 1.70 -16.66
C22 DPV I . 14.55 1.52 -16.74
C23 DPV I . 14.93 0.37 -17.69
O2P DPV I . 4.12 6.23 -8.35
O3P DPV I . 6.14 7.32 -9.52
O4P DPV I . 5.86 7.82 -7.34
H1 DPV I . 5.91 5.37 -10.20
H1A DPV I . 6.96 5.56 -8.76
H2 DPV I . 7.56 6.27 -11.67
H2A DPV I . 8.51 6.96 -10.35
H3 DPV I . 8.20 3.98 -10.99
H3A DPV I . 9.02 4.58 -9.56
H4 DPV I . 4.85 9.49 -6.61
H4A DPV I . 6.24 8.96 -5.64
H5 DPV I . 3.60 7.36 -5.92
H5A DPV I . 4.98 6.92 -4.90
H6 DPV I . 5.42 9.86 -3.69
H6A DPV I . 5.48 8.30 -2.81
H6B DPV I . 4.33 9.58 -2.30
H7 DPV I . 2.23 7.05 -3.97
H7A DPV I . 2.45 8.06 -2.50
H7B DPV I . 3.63 6.77 -2.89
H8 DPV I . 2.08 9.20 -5.26
H8A DPV I . 3.41 10.39 -5.13
H8B DPV I . 2.34 10.10 -3.73
H15 DPV I . 10.64 5.83 -10.99
H15A DPV I . 9.82 5.27 -12.44
H16 DPV I . 11.06 3.36 -10.39
H16A DPV I . 10.45 2.92 -11.98
H17 DPV I . 12.79 4.87 -11.58
H17A DPV I . 13.03 3.14 -11.72
H18 DPV I . 11.46 4.56 -13.93
H18A DPV I . 13.20 4.79 -13.84
H19 DPV I . 13.59 2.34 -14.01
H19A DPV I . 11.86 2.04 -14.02
H20 DPV I . 11.57 3.24 -16.14
H20A DPV I . 13.25 3.80 -16.12
H21 DPV I . 12.54 0.82 -16.24
H21A DPV I . 12.62 1.81 -17.67
H22 DPV I . 15.02 2.44 -17.10
H22A DPV I . 14.96 1.31 -15.75
H23 DPV I . 14.50 -0.58 -17.36
H23A DPV I . 16.01 0.24 -17.74
H23B DPV I . 14.57 0.57 -18.70
N DPV J . -6.72 -5.94 -13.01
P DPV J . -6.94 -4.32 -8.92
C1 DPV J . -7.53 -5.15 -6.51
C2 DPV J . -8.25 -4.04 -5.69
C3 DPV J . -9.74 -4.36 -5.37
C4 DPV J . -7.50 -6.39 -10.48
C5 DPV J . -6.42 -6.59 -11.61
C6 DPV J . -8.15 -6.23 -13.52
C7 DPV J . -5.72 -6.52 -14.02
C8 DPV J . -6.52 -4.42 -12.97
C15 DPV J . -9.99 -5.56 -4.38
C16 DPV J . -10.20 -5.13 -2.88
C17 DPV J . -8.94 -4.60 -2.12
C18 DPV J . -7.91 -5.70 -1.69
C19 DPV J . -6.73 -5.87 -2.69
O1P DPV J . -7.08 -2.85 -8.89
C20 DPV J . -5.74 -6.96 -2.22
C21 DPV J . -4.84 -7.55 -3.36
C22 DPV J . -3.83 -6.54 -3.95
C23 DPV J . -2.71 -7.25 -4.73
O2P DPV J . -5.53 -4.73 -8.79
O3P DPV J . -7.92 -5.06 -7.90
O4P DPV J . -7.70 -4.99 -10.16
H1 DPV J . -6.44 -5.03 -6.43
H1A DPV J . -7.80 -6.14 -6.13
H2 DPV J . -7.70 -3.88 -4.76
H2A DPV J . -8.19 -3.10 -6.24
H3 DPV J . -10.26 -4.58 -6.31
H3A DPV J . -10.23 -3.45 -4.98
H4 DPV J . -8.45 -6.81 -10.81
H4A DPV J . -7.18 -6.92 -9.57
H5 DPV J . -5.46 -6.18 -11.27
H5A DPV J . -6.29 -7.66 -11.79
H6 DPV J . -8.26 -5.81 -14.53
H6A DPV J . -8.88 -5.76 -12.85
H6B DPV J . -8.30 -7.32 -13.54
H7 DPV J . -4.71 -6.31 -13.67
H7A DPV J . -5.90 -6.06 -15.00
H7B DPV J . -5.88 -7.61 -14.08
H8 DPV J . -7.26 -3.98 -12.30
H8A DPV J . -6.63 -4.01 -13.97
H8B DPV J . -5.51 -4.21 -12.59
H15 DPV J . -9.17 -6.28 -4.45
H15A DPV J . -10.89 -6.08 -4.70
H16 DPV J . -10.97 -4.36 -2.85
H16A DPV J . -10.61 -5.98 -2.34
H17 DPV J . -8.44 -3.81 -2.68
H17A DPV J . -9.29 -4.13 -1.20
H18 DPV J . -7.49 -5.43 -0.72
H18A DPV J . -8.42 -6.66 -1.56
H19 DPV J . -7.12 -6.15 -3.67
H19A DPV J . -6.20 -4.92 -2.80
H20 DPV J . -5.11 -6.56 -1.42
H20A DPV J . -6.30 -7.80 -1.78
H21 DPV J . -4.29 -8.39 -2.95
H21A DPV J . -5.47 -7.93 -4.16
H22 DPV J . -4.34 -5.84 -4.61
H22A DPV J . -3.38 -5.94 -3.14
H23 DPV J . -3.13 -7.75 -5.62
H23A DPV J . -2.21 -7.99 -4.11
H23B DPV J . -1.97 -6.52 -5.06
N DPV K . -8.21 -6.24 3.19
P DPV K . -4.43 -8.14 3.41
C1 DPV K . -2.27 -9.50 2.85
C2 DPV K . -1.24 -9.47 1.70
C3 DPV K . -0.59 -10.86 1.43
C4 DPV K . -6.04 -6.83 1.79
C5 DPV K . -6.77 -5.81 2.74
C6 DPV K . -8.16 -7.49 4.07
C7 DPV K . -8.79 -5.09 4.03
C8 DPV K . -9.15 -6.49 1.99
C15 DPV K . -0.27 -11.07 -0.09
C16 DPV K . 0.76 -12.21 -0.36
C17 DPV K . 0.27 -13.65 0.01
C18 DPV K . -0.59 -14.31 -1.10
C19 DPV K . -1.13 -15.71 -0.67
O1P DPV K . -5.20 -9.39 3.22
C20 DPV K . -0.04 -16.83 -0.66
C21 DPV K . -0.60 -18.23 -0.25
C22 DPV K . -1.16 -19.04 -1.46
C23 DPV K . -1.63 -20.44 -1.04
O2P DPV K . -4.55 -7.61 4.79
O3P DPV K . -2.92 -8.22 2.88
O4P DPV K . -4.69 -7.04 2.27
H1 DPV K . -3.01 -10.29 2.65
H1A DPV K . -1.78 -9.70 3.81
H2 DPV K . -1.74 -9.13 0.80
H2A DPV K . -0.45 -8.75 1.93
H3 DPV K . -1.28 -11.65 1.75
H3A DPV K . 0.32 -10.95 2.03
H4 DPV K . -6.56 -7.80 1.76
H4A DPV K . -5.99 -6.43 0.79
H5 DPV K . -6.18 -5.67 3.65
H5A DPV K . -6.85 -4.84 2.23
H6 DPV K . -7.80 -8.34 3.46
H6A DPV K . -9.17 -7.71 4.44
H6B DPV K . -7.47 -7.31 4.90
H7 DPV K . -8.85 -4.19 3.41
H7A DPV K . -8.13 -4.92 4.89
H7B DPV K . -9.79 -5.37 4.37
H8 DPV K . -8.79 -7.35 1.43
H8A DPV K . -9.15 -5.60 1.35
H8B DPV K . -10.16 -6.68 2.37
H15 DPV K . 0.14 -10.14 -0.49
H15A DPV K . -1.20 -11.27 -0.63
H16 DPV K . 1.04 -12.18 -1.41
H16A DPV K . 1.67 -12.00 0.21
H17 DPV K . 1.15 -14.27 0.17
H17A DPV K . -0.28 -13.63 0.96
H18 DPV K . -1.46 -13.67 -1.32
H18A DPV K . -0.03 -14.40 -2.02
H19 DPV K . -1.59 -15.64 0.32
H19A DPV K . -1.93 -16.00 -1.37
H20 DPV K . 0.43 -16.91 -1.65
H20A DPV K . 0.74 -16.56 0.05
H21 DPV K . 0.20 -18.80 0.21
H21A DPV K . -1.39 -18.12 0.51
H22 DPV K . -2.00 -18.49 -1.91
H22A DPV K . -0.39 -19.13 -2.22
H23 DPV K . -0.81 -21.01 -0.61
H23A DPV K . -2.00 -20.99 -1.92
H23B DPV K . -2.44 -20.38 -0.31
N DPV L . -3.96 -21.38 8.11
P DPV L . -5.88 -18.46 4.30
C1 DPV L . -7.04 -16.22 4.97
C2 DPV L . -8.24 -15.67 5.79
C3 DPV L . -7.97 -15.59 7.33
C4 DPV L . -5.24 -19.69 6.54
C5 DPV L . -4.87 -21.17 6.85
C6 DPV L . -3.66 -22.88 8.20
C7 DPV L . -2.61 -20.64 8.00
C8 DPV L . -4.68 -20.94 9.40
C15 DPV L . -7.02 -14.43 7.78
C16 DPV L . -7.69 -13.01 7.82
C17 DPV L . -7.50 -12.11 6.53
C18 DPV L . -6.03 -11.65 6.30
C19 DPV L . -5.33 -12.43 5.15
O1P DPV L . -4.53 -17.84 4.26
C20 DPV L . -3.79 -12.31 5.25
C21 DPV L . -3.07 -13.16 4.16
C22 DPV L . -1.52 -13.18 4.33
C23 DPV L . -1.05 -14.13 5.45
O2P DPV L . -6.38 -18.78 2.94
O3P DPV L . -6.93 -17.64 5.19
O4P DPV L . -5.98 -19.69 5.30
H1 DPV L . -7.23 -16.05 3.90
H1A DPV L . -6.12 -15.73 5.26
H2 DPV L . -8.53 -14.70 5.41
H2A DPV L . -9.09 -16.34 5.63
H3 DPV L . -7.53 -16.54 7.66
H3A DPV L . -8.92 -15.50 7.85
H4 DPV L . -5.87 -19.27 7.33
H4A DPV L . -4.34 -19.08 6.42
H5 DPV L . -5.78 -21.74 7.01
H5A DPV L . -4.33 -21.59 5.99
H6 DPV L . -4.61 -23.42 8.31
H6A DPV L . -3.03 -23.07 9.06
H6B DPV L . -3.15 -23.20 7.29
H7 DPV L . -1.99 -20.90 8.87
H7A DPV L . -2.80 -19.57 7.98
H7B DPV L . -2.12 -20.95 7.08
H8 DPV L . -4.86 -19.86 9.35
H8A DPV L . -4.04 -21.17 10.25
H8B DPV L . -5.62 -21.48 9.48
H15 DPV L . -6.11 -14.41 7.17
H15A DPV L . -6.69 -14.67 8.79
H16 DPV L . -8.76 -13.12 8.02
H16A DPV L . -7.28 -12.46 8.68
H17 DPV L . -7.89 -12.64 5.66
H17A DPV L . -8.12 -11.23 6.66
H18 DPV L . -6.03 -10.58 6.04
H18A DPV L . -5.46 -11.74 7.22
H19 DPV L . -5.60 -13.48 5.19
H19A DPV L . -5.67 -12.04 4.19
H20 DPV L . -3.49 -11.26 5.16
H20A DPV L . -3.47 -12.65 6.24
H21 DPV L . -3.46 -14.18 4.17
H21A DPV L . -3.31 -12.74 3.18
H22 DPV L . -1.07 -13.49 3.38
H22A DPV L . -1.16 -12.16 4.52
H23 DPV L . 0.04 -14.11 5.52
H23A DPV L . -1.36 -15.15 5.24
H23B DPV L . -1.45 -13.82 6.42
N DPV M . 1.14 -32.69 -0.40
P DPV M . 2.23 -28.68 -1.87
C1 DPV M . 2.25 -26.21 -0.97
C2 DPV M . 3.21 -25.02 -0.83
C3 DPV M . 2.47 -23.68 -0.59
C4 DPV M . 2.02 -30.28 0.20
C5 DPV M . 2.28 -31.63 -0.54
C6 DPV M . -0.20 -32.19 -0.99
C7 DPV M . 0.92 -33.12 1.07
C8 DPV M . 1.57 -33.93 -1.19
C15 DPV M . 3.46 -22.49 -0.66
C16 DPV M . 2.76 -21.10 -0.69
C17 DPV M . 3.82 -19.98 -0.89
C18 DPV M . 3.19 -18.57 -0.99
C19 DPV M . 4.31 -17.48 -1.07
O1P DPV M . 2.77 -29.43 -3.02
C20 DPV M . 3.77 -16.03 -1.31
C21 DPV M . 3.31 -15.79 -2.77
C22 DPV M . 3.04 -14.28 -3.04
C23 DPV M . 2.52 -14.03 -4.46
O2P DPV M . 0.76 -28.56 -1.94
O3P DPV M . 2.98 -27.30 -1.60
O4P DPV M . 2.75 -29.22 -0.46
H1 DPV M . 1.89 -26.54 0.01
H1A DPV M . 1.40 -25.96 -1.61
H2 DPV M . 3.90 -25.21 0.00
H2A DPV M . 3.82 -24.95 -1.75
H3 DPV M . 1.97 -23.70 0.38
H3A DPV M . 1.69 -23.55 -1.36
H4 DPV M . 0.96 -30.01 0.18
H4A DPV M . 2.35 -30.34 1.24
H5 DPV M . 2.39 -31.45 -1.60
H5A DPV M . 3.20 -32.08 -0.17
H6 DPV M . -0.03 -31.86 -2.01
H6A DPV M . -0.56 -31.36 -0.38
H6B DPV M . -0.92 -33.01 -0.96
H7 DPV M . 1.88 -33.46 1.49
H7A DPV M . 0.19 -33.93 1.10
H7B DPV M . 0.55 -32.26 1.64
H8 DPV M . 0.79 -34.69 -1.11
H8A DPV M . 2.50 -34.32 -0.77
H8B DPV M . 1.71 -33.65 -2.24
H15 DPV M . 4.08 -22.59 -1.55
H15A DPV M . 4.13 -22.53 0.21
H16 DPV M . 2.04 -21.08 -1.51
H16A DPV M . 2.22 -20.94 0.24
H17 DPV M . 4.53 -20.01 -0.06
H17A DPV M . 4.38 -20.18 -1.81
H18 DPV M . 2.55 -18.52 -1.87
H18A DPV M . 2.58 -18.38 -0.11
H19 DPV M . 4.87 -17.48 -0.14
H19A DPV M . 5.02 -17.73 -1.86
H20 DPV M . 2.94 -15.84 -0.61
H20A DPV M . 4.56 -15.34 -1.06
H21 DPV M . 4.08 -16.14 -3.46
H21A DPV M . 2.41 -16.36 -2.98
H22 DPV M . 2.30 -13.92 -2.32
H22A DPV M . 3.95 -13.71 -2.88
H23 DPV M . 1.56 -14.54 -4.63
H23A DPV M . 3.24 -14.40 -5.21
H23B DPV M . 2.37 -12.96 -4.63
N DPV N . 5.79 -32.29 -3.67
P DPV N . 8.87 -32.06 -7.37
C1 DPV N . 9.00 -33.33 -9.69
C2 DPV N . 9.99 -32.58 -10.61
C3 DPV N . 9.48 -32.42 -12.08
C4 DPV N . 6.54 -32.41 -6.21
C5 DPV N . 6.82 -32.85 -4.73
C6 DPV N . 6.19 -32.86 -2.30
C7 DPV N . 4.35 -32.74 -3.97
C8 DPV N . 5.85 -30.75 -3.58
C15 DPV N . 8.35 -31.34 -12.29
C16 DPV N . 8.87 -29.87 -12.13
C17 DPV N . 7.76 -28.83 -12.45
C18 DPV N . 8.34 -27.38 -12.45
C19 DPV N . 7.41 -26.39 -13.20
O1P DPV N . 8.57 -30.82 -8.11
C20 DPV N . 8.08 -24.98 -13.33
C21 DPV N . 7.24 -23.97 -14.19
C22 DPV N . 6.00 -23.41 -13.43
C23 DPV N . 5.31 -22.26 -14.19
O2P DPV N . 9.69 -31.80 -6.18
O3P DPV N . 9.46 -33.23 -8.30
O4P DPV N . 7.57 -32.95 -7.07
H1 DPV N . 7.99 -32.90 -9.76
H1A DPV N . 8.96 -34.39 -9.96
H2 DPV N . 10.21 -31.59 -10.19
H2A DPV N . 10.93 -33.13 -10.62
H3 DPV N . 9.10 -33.39 -12.43
H3A DPV N . 10.32 -32.18 -12.73
H4 DPV N . 5.58 -32.82 -6.54
H4A DPV N . 6.53 -31.33 -6.30
H5 DPV N . 6.80 -33.94 -4.66
H5A DPV N . 7.81 -32.50 -4.44
H6 DPV N . 7.22 -32.55 -2.07
H6A DPV N . 6.13 -33.95 -2.34
H6B DPV N . 5.51 -32.47 -1.54
H7 DPV N . 4.03 -32.32 -4.93
H7A DPV N . 3.69 -32.38 -3.18
H7B DPV N . 4.32 -33.84 -4.02
H8 DPV N . 5.50 -30.34 -4.54
H8A DPV N . 6.88 -30.44 -3.40
H8B DPV N . 5.20 -30.41 -2.78
H15 DPV N . 7.55 -31.51 -11.58
H15A DPV N . 7.95 -31.46 -13.29
H16 DPV N . 9.23 -29.72 -11.11
H16A DPV N . 9.73 -29.73 -12.80
H17 DPV N . 7.33 -29.05 -13.43
H17A DPV N . 6.96 -28.90 -11.71
H18 DPV N . 8.47 -27.05 -11.41
H18A DPV N . 9.32 -27.37 -12.92
H19 DPV N . 7.21 -26.78 -14.20
H19A DPV N . 6.45 -26.31 -12.68
H20 DPV N . 8.24 -24.56 -12.34
H20A DPV N . 9.06 -25.09 -13.80
H21 DPV N . 7.89 -23.14 -14.47
H21A DPV N . 6.93 -24.44 -15.13
H22 DPV N . 5.29 -24.21 -13.27
H22A DPV N . 6.31 -23.04 -12.44
H23 DPV N . 4.34 -22.04 -13.73
H23A DPV N . 5.13 -22.53 -15.24
H23B DPV N . 5.91 -21.36 -14.17
N DPV O . 10.60 -35.66 -3.82
P DPV O . 12.94 -32.78 -0.97
C1 DPV O . 12.67 -30.19 -1.29
C2 DPV O . 11.58 -29.18 -1.70
C3 DPV O . 11.05 -29.43 -3.15
C4 DPV O . 11.85 -33.39 -3.31
C5 DPV O . 11.93 -34.95 -3.43
C6 DPV O . 9.51 -35.44 -2.75
C7 DPV O . 10.90 -37.17 -3.89
C8 DPV O . 10.07 -35.23 -5.21
C15 DPV O . 11.88 -28.74 -4.28
C16 DPV O . 11.62 -27.20 -4.36
C17 DPV O . 12.43 -26.54 -5.51
C18 DPV O . 12.14 -25.02 -5.57
C19 DPV O . 12.88 -24.32 -6.75
O1P DPV O . 12.25 -33.91 -0.31
C20 DPV O . 12.49 -22.81 -6.85
C21 DPV O . 13.29 -22.12 -7.99
C22 DPV O . 12.92 -20.62 -8.13
C23 DPV O . 13.77 -19.93 -9.22
O2P DPV O . 14.27 -32.53 -0.37
O3P DPV O . 12.02 -31.47 -1.06
O4P DPV O . 13.00 -32.91 -2.58
H1 DPV O . 13.42 -30.29 -2.07
H1A DPV O . 13.16 -29.87 -0.36
H2 DPV O . 10.75 -29.25 -0.99
H2A DPV O . 11.99 -28.17 -1.62
H3 DPV O . 10.02 -29.08 -3.22
H3A DPV O . 11.01 -30.50 -3.35
H4 DPV O . 11.86 -32.94 -4.31
H4A DPV O . 10.93 -33.08 -2.79
H5 DPV O . 12.68 -35.22 -4.19
H5A DPV O . 12.25 -35.37 -2.48
H6 DPV O . 9.25 -34.38 -2.73
H6A DPV O . 9.90 -35.76 -1.78
H6B DPV O . 8.63 -36.04 -3.01
H7 DPV O . 11.66 -37.35 -4.65
H7A DPV O . 9.98 -37.71 -4.14
H7B DPV O . 11.27 -37.50 -2.91
H8 DPV O . 9.18 -35.81 -5.46
H8A DPV O . 10.87 -35.40 -5.95
H8B DPV O . 9.82 -34.16 -5.17
H15 DPV O . 11.62 -29.20 -5.23
H15A DPV O . 12.95 -28.92 -4.12
H16 DPV O . 10.56 -27.02 -4.53
H16A DPV O . 11.89 -26.73 -3.42
H17 DPV O . 13.50 -26.70 -5.36
H17A DPV O . 12.16 -26.99 -6.47
H18 DPV O . 11.07 -24.86 -5.69
H18A DPV O . 12.44 -24.54 -4.63
H19 DPV O . 13.96 -24.41 -6.59
H19A DPV O . 12.64 -24.83 -7.69
H20 DPV O . 11.41 -22.73 -7.06
H20A DPV O . 12.69 -22.31 -5.92
H21 DPV O . 14.36 -22.22 -7.78
H21A DPV O . 13.09 -22.63 -8.95
H22 DPV O . 11.86 -20.52 -8.38
H22A DPV O . 13.08 -20.11 -7.18
H23 DPV O . 13.64 -20.43 -10.19
H23A DPV O . 14.83 -19.95 -8.96
H23B DPV O . 13.47 -18.89 -9.33
N DPV P . 20.89 -31.55 0.29
P DPV P . 25.65 -29.52 -0.55
C1 DPV P . 27.56 -29.54 -2.35
C2 DPV P . 28.68 -30.46 -2.87
C3 DPV P . 29.57 -29.83 -4.01
C4 DPV P . 23.30 -30.50 -0.02
C5 DPV P . 22.21 -31.47 -0.57
C6 DPV P . 20.21 -30.17 0.44
C7 DPV P . 21.17 -32.14 1.69
C8 DPV P . 19.92 -32.50 -0.43
C15 DPV P . 30.42 -28.57 -3.60
C16 DPV P . 29.64 -27.23 -3.79
C17 DPV P . 30.59 -26.01 -4.02
C18 DPV P . 29.83 -24.69 -4.37
C19 DPV P . 29.13 -24.73 -5.78
O1P DPV P . 25.35 -28.14 -1.00
C20 DPV P . 28.43 -23.40 -6.14
C21 DPV P . 29.36 -22.42 -6.93
C22 DPV P . 28.71 -21.03 -7.18
C23 DPV P . 27.62 -21.03 -8.28
O2P DPV P . 26.10 -29.56 0.85
O3P DPV P . 26.62 -30.30 -1.56
O4P DPV P . 24.47 -30.55 -0.87
H1 DPV P . 27.98 -28.75 -1.72
H1A DPV P . 27.01 -29.08 -3.18
H2 DPV P . 29.32 -30.75 -2.05
H2A DPV P . 28.23 -31.38 -3.26
H3 DPV P . 28.96 -29.59 -4.87
H3A DPV P . 30.27 -30.60 -4.33
H4 DPV P . 22.92 -29.48 -0.01
H4A DPV P . 23.59 -30.79 0.99
H5 DPV P . 21.93 -31.17 -1.58
H5A DPV P . 22.62 -32.50 -0.63
H6 DPV P . 20.04 -29.76 -0.55
H6A DPV P . 20.84 -29.52 1.03
H6B DPV P . 19.24 -30.31 0.94
H7 DPV P . 21.65 -33.11 1.58
H7A DPV P . 20.20 -32.25 2.22
H7B DPV P . 21.81 -31.45 2.24
H8 DPV P . 20.39 -33.48 -0.52
H8A DPV P . 19.70 -32.09 -1.42
H8B DPV P . 19.00 -32.57 0.16
H15 DPV P . 31.30 -28.55 -4.24
H15A DPV P . 30.77 -28.66 -2.58
H16 DPV P . 28.97 -27.32 -4.63
H16A DPV P . 29.02 -27.04 -2.90
H17 DPV P . 31.17 -25.84 -3.11
H17A DPV P . 31.31 -26.24 -4.81
H18 DPV P . 29.08 -24.49 -3.60
H18A DPV P . 30.55 -23.87 -4.35
H19 DPV P . 29.87 -24.99 -6.55
H19A DPV P . 28.38 -25.52 -5.78
H20 DPV P . 27.56 -23.62 -6.75
H20A DPV P . 28.07 -22.91 -5.22
H21 DPV P . 30.28 -22.28 -6.36
H21A DPV P . 29.63 -22.88 -7.87
H22 DPV P . 28.29 -20.63 -6.26
H22A DPV P . 29.50 -20.33 -7.49
H23 DPV P . 26.73 -21.56 -7.93
H23A DPV P . 27.98 -21.52 -9.19
H23B DPV P . 27.32 -20.01 -8.53
N DPV Q . 22.50 -31.94 -9.87
P DPV Q . 23.71 -26.84 -9.35
C1 DPV Q . 23.98 -26.26 -6.80
C2 DPV Q . 23.49 -26.66 -5.38
C3 DPV Q . 22.15 -25.98 -4.95
C4 DPV Q . 23.19 -29.41 -9.43
C5 DPV Q . 22.38 -30.43 -10.31
C6 DPV Q . 21.95 -32.18 -8.45
C7 DPV Q . 23.96 -32.44 -9.96
C8 DPV Q . 21.66 -32.76 -10.86
C15 DPV Q . 22.30 -24.46 -4.60
C16 DPV Q . 20.93 -23.82 -4.25
C17 DPV Q . 21.06 -22.32 -3.88
C18 DPV Q . 19.67 -21.59 -3.90
C19 DPV Q . 19.79 -20.08 -3.53
O1P DPV Q . 25.14 -27.04 -9.60
C20 DPV Q . 18.49 -19.30 -3.93
C21 DPV Q . 18.59 -17.78 -3.56
C22 DPV Q . 17.32 -17.00 -4.00
C23 DPV Q . 17.42 -15.49 -3.64
O2P DPV Q . 23.26 -25.55 -9.91
O3P DPV Q . 23.29 -27.04 -7.81
O4P DPV Q . 22.80 -28.07 -9.81
H1 DPV Q . 23.78 -25.21 -6.99
H1A DPV Q . 25.05 -26.45 -6.89
H2 DPV Q . 23.37 -27.75 -5.35
H2A DPV Q . 24.28 -26.41 -4.66
H3 DPV Q . 21.78 -26.51 -4.08
H3A DPV Q . 21.42 -26.11 -5.75
H4 DPV Q . 22.98 -29.56 -8.38
H4A DPV Q . 24.27 -29.54 -9.62
H5 DPV Q . 21.32 -30.17 -10.27
H5A DPV Q . 22.72 -30.36 -11.34
H6 DPV Q . 22.56 -31.63 -7.73
H6A DPV Q . 21.99 -33.26 -8.23
H6B DPV Q . 20.91 -31.83 -8.41
H7 DPV Q . 24.34 -32.27 -10.97
H7A DPV Q . 23.98 -33.52 -9.72
H7B DPV Q . 24.57 -31.90 -9.23
H8 DPV Q . 22.05 -32.62 -11.87
H8A DPV Q . 20.62 -32.43 -10.80
H8B DPV Q . 21.73 -33.82 -10.57
H15 DPV Q . 22.74 -23.93 -5.44
H15A DPV Q . 22.98 -24.36 -3.75
H16 DPV Q . 20.26 -23.93 -5.11
H16A DPV Q . 20.46 -24.36 -3.42
H17 DPV Q . 21.51 -22.22 -2.89
H17A DPV Q . 21.72 -21.83 -4.60
H18 DPV Q . 19.25 -21.69 -4.90
H18A DPV Q . 18.99 -22.09 -3.21
H19 DPV Q . 19.96 -19.98 -2.46
H19A DPV Q . 20.64 -19.64 -4.05
H20 DPV Q . 18.34 -19.40 -5.01
H20A DPV Q . 17.63 -19.74 -3.42
H21 DPV Q . 18.74 -17.68 -2.49
H21A DPV Q . 19.46 -17.36 -4.06
H22 DPV Q . 17.19 -17.08 -5.09
H22A DPV Q . 16.45 -17.42 -3.52
H23 DPV Q . 16.54 -14.96 -3.99
H23A DPV Q . 18.30 -15.05 -4.12
H23B DPV Q . 17.51 -15.36 -2.57
N DPV R . 30.87 -14.46 -13.86
P DPV R . 31.30 -15.47 -8.92
C1 DPV R . 30.22 -16.00 -6.63
C2 DPV R . 28.84 -16.24 -6.00
C3 DPV R . 28.82 -15.85 -4.50
C4 DPV R . 30.79 -14.31 -11.21
C5 DPV R . 30.44 -15.13 -12.51
C6 DPV R . 30.14 -13.12 -14.08
C7 DPV R . 30.45 -15.41 -15.00
C8 DPV R . 32.39 -14.26 -13.94
C15 DPV R . 27.38 -15.98 -3.90
C16 DPV R . 27.29 -15.53 -2.42
C17 DPV R . 27.35 -13.97 -2.25
C18 DPV R . 26.16 -13.44 -1.40
C19 DPV R . 26.26 -11.89 -1.22
O1P DPV R . 32.14 -16.63 -9.30
C20 DPV R . 25.12 -11.32 -0.30
C21 DPV R . 23.72 -11.37 -0.96
C22 DPV R . 22.64 -10.77 -0.04
C23 DPV R . 21.22 -10.98 -0.62
O2P DPV R . 32.10 -14.36 -8.37
O3P DPV R . 30.04 -15.87 -8.05
O4P DPV R . 30.28 -15.03 -10.07
H1 DPV R . 30.66 -15.08 -6.24
H1A DPV R . 30.88 -16.85 -6.42
H2 DPV R . 28.09 -15.65 -6.53
H2A DPV R . 28.57 -17.30 -6.10
H3 DPV R . 29.16 -14.81 -4.39
H3A DPV R . 29.52 -16.48 -3.94
H4 DPV R . 31.88 -14.20 -11.12
H4A DPV R . 30.34 -13.32 -11.24
H5 DPV R . 30.93 -16.10 -12.45
H5A DPV R . 29.35 -15.28 -12.54
H6 DPV R . 30.42 -12.43 -13.28
H6A DPV R . 29.06 -13.29 -14.05
H6B DPV R . 30.42 -12.71 -15.04
H7 DPV R . 30.95 -16.38 -14.84
H7A DPV R . 30.76 -14.98 -15.95
H7B DPV R . 29.37 -15.55 -14.97
H8 DPV R . 32.88 -15.22 -13.78
H8A DPV R . 32.70 -13.54 -13.18
H8B DPV R . 32.65 -13.88 -14.93
H15 DPV R . 27.08 -17.03 -3.98
H15A DPV R . 26.68 -15.40 -4.51
H16 DPV R . 26.36 -15.92 -2.01
H16A DPV R . 28.10 -15.99 -1.84
H17 DPV R . 28.29 -13.70 -1.76
H17A DPV R . 27.34 -13.48 -3.21
H18 DPV R . 25.22 -13.70 -1.91
H18A DPV R . 26.15 -13.93 -0.42
H19 DPV R . 27.21 -11.65 -0.77
H19A DPV R . 26.22 -11.40 -2.19
H20 DPV R . 25.11 -11.87 0.64
H20A DPV R . 25.37 -10.29 -0.06
H21 DPV R . 23.74 -10.81 -1.91
H21A DPV R . 23.46 -12.40 -1.20
H22 DPV R . 22.69 -11.25 0.95
H22A DPV R . 22.82 -9.71 0.11
H23 DPV R . 20.48 -10.62 0.08
H23A DPV R . 21.03 -12.04 -0.81
H23B DPV R . 21.11 -10.43 -1.56
N DPV S . 31.90 -17.22 0.47
P DPV S . 29.32 -14.92 4.44
C1 DPV S . 27.28 -13.31 4.52
C2 DPV S . 26.05 -12.91 3.70
C3 DPV S . 25.03 -14.08 3.58
C4 DPV S . 30.72 -16.18 2.60
C5 DPV S . 31.43 -15.93 1.22
C6 DPV S . 32.90 -18.05 1.32
C7 DPV S . 32.65 -16.79 -0.81
C8 DPV S . 30.72 -18.13 0.06
C15 DPV S . 23.63 -13.57 3.16
C16 DPV S . 22.53 -14.70 3.21
C17 DPV S . 22.57 -15.67 1.99
C18 DPV S . 21.97 -15.03 0.70
C19 DPV S . 22.14 -15.97 -0.52
O1P DPV S . 28.87 -16.27 4.89
C20 DPV S . 21.63 -15.29 -1.82
C21 DPV S . 21.93 -16.11 -3.10
C22 DPV S . 23.44 -16.08 -3.52
C23 DPV S . 23.64 -16.70 -4.91
O2P DPV S . 29.98 -14.18 5.53
O3P DPV S . 28.18 -14.10 3.71
O4P DPV S . 30.15 -14.94 3.07
H1 DPV S . 27.82 -12.41 4.86
H1A DPV S . 26.98 -13.88 5.39
H2 DPV S . 25.57 -12.05 4.19
H2A DPV S . 26.35 -12.58 2.69
H3 DPV S . 24.95 -14.58 4.55
H3A DPV S . 25.40 -14.81 2.86
H4 DPV S . 29.92 -16.90 2.47
H4A DPV S . 31.44 -16.56 3.33
H5 DPV S . 30.74 -15.41 0.55
H5A DPV S . 32.30 -15.30 1.37
H6 DPV S . 32.39 -18.44 2.20
H6A DPV S . 33.73 -17.40 1.62
H6B DPV S . 33.28 -18.87 0.71
H7 DPV S . 33.04 -17.67 -1.30
H7A DPV S . 33.46 -16.12 -0.53
H7B DPV S . 31.94 -16.27 -1.47
H8 DPV S . 30.03 -17.53 -0.54
H8A DPV S . 30.22 -18.49 0.97
H8B DPV S . 31.10 -18.97 -0.52
H15 DPV S . 23.67 -13.14 2.16
H15A DPV S . 23.32 -12.78 3.84
H16 DPV S . 22.66 -15.27 4.13
H16A DPV S . 21.55 -14.24 3.27
H17 DPV S . 23.59 -16.00 1.80
H17A DPV S . 21.99 -16.58 2.24
H18 DPV S . 20.91 -14.83 0.86
H18A DPV S . 22.47 -14.09 0.49
H19 DPV S . 23.19 -16.23 -0.62
H19A DPV S . 21.58 -16.90 -0.35
H20 DPV S . 20.55 -15.14 -1.75
H20A DPV S . 22.08 -14.29 -1.91
H21 DPV S . 21.61 -17.15 -2.96
H21A DPV S . 21.33 -15.70 -3.92
H22 DPV S . 23.80 -15.05 -3.53
H22A DPV S . 24.04 -16.63 -2.79
H23 DPV S . 23.12 -16.12 -5.67
H23A DPV S . 23.26 -17.73 -4.93
H23B DPV S . 24.71 -16.73 -5.16
N DPV T . 27.69 3.55 -13.01
P DPV T . 23.27 1.69 -14.97
C1 DPV T . 22.33 -0.44 -13.75
C2 DPV T . 21.05 -0.79 -12.96
C3 DPV T . 20.85 -2.33 -12.87
C4 DPV T . 25.31 2.54 -13.53
C5 DPV T . 26.85 2.40 -13.66
C6 DPV T . 27.38 4.92 -13.64
C7 DPV T . 29.18 3.24 -13.29
C8 DPV T . 27.49 3.64 -11.49
C15 DPV T . 19.49 -2.67 -12.22
C16 DPV T . 19.28 -4.21 -12.10
C17 DPV T . 17.89 -4.55 -11.49
C18 DPV T . 17.64 -6.08 -11.42
C19 DPV T . 18.34 -6.76 -10.20
O1P DPV T . 22.91 3.11 -15.14
C20 DPV T . 18.00 -8.28 -10.14
C21 DPV T . 18.39 -8.91 -8.77
C22 DPV T . 18.03 -10.42 -8.73
C23 DPV T . 18.21 -11.02 -7.33
O2P DPV T . 23.09 0.94 -16.23
O3P DPV T . 22.55 0.99 -13.71
O4P DPV T . 24.71 1.47 -14.30
H1 DPV T . 23.20 -0.94 -13.30
H1A DPV T . 22.22 -0.76 -14.78
H2 DPV T . 21.10 -0.36 -11.96
H2A DPV T . 20.19 -0.33 -13.47
H3 DPV T . 21.66 -2.76 -12.28
H3A DPV T . 20.90 -2.76 -13.87
H4 DPV T . 24.97 2.47 -12.49
H4A DPV T . 24.98 3.50 -13.95
H5 DPV T . 27.17 1.46 -13.21
H5A DPV T . 27.11 2.38 -14.72
H6 DPV T . 26.35 5.19 -13.40
H6A DPV T . 27.52 4.86 -14.72
H6B DPV T . 28.07 5.67 -13.21
H7 DPV T . 29.43 2.28 -12.86
H7A DPV T . 29.79 4.04 -12.85
H7B DPV T . 29.33 3.22 -14.38
H8 DPV T . 27.77 2.68 -11.04
H8A DPV T . 26.44 3.86 -11.29
H8B DPV T . 28.12 4.43 -11.09
H15 DPV T . 18.68 -2.24 -12.82
H15A DPV T . 19.44 -2.23 -11.22
H16 DPV T . 19.38 -4.66 -13.09
H16A DPV T . 20.07 -4.63 -11.48
H17 DPV T . 17.80 -4.11 -10.50
H17A DPV T . 17.11 -4.11 -12.13
H18 DPV T . 16.56 -6.25 -11.35
H18A DPV T . 17.97 -6.55 -12.35
H19 DPV T . 19.42 -6.64 -10.29
H19A DPV T . 18.02 -6.27 -9.28
H20 DPV T . 16.93 -8.42 -10.29
H20A DPV T . 18.52 -8.80 -10.94
H21 DPV T . 19.46 -8.79 -8.60
H21A DPV T . 17.86 -8.39 -7.97
H22 DPV T . 16.99 -10.56 -9.05
H22A DPV T . 18.67 -10.97 -9.44
H23 DPV T . 17.60 -10.46 -6.63
H23A DPV T . 19.25 -10.98 -7.04
H23B DPV T . 17.86 -12.06 -7.37
N DPV U . 19.55 7.84 -6.84
P DPV U . 21.91 4.98 -3.90
C1 DPV U . 24.46 4.64 -3.47
C2 DPV U . 25.67 5.53 -3.07
C3 DPV U . 25.65 5.99 -1.59
C4 DPV U . 20.27 6.93 -4.44
C5 DPV U . 20.08 8.16 -5.40
C6 DPV U . 20.58 7.06 -7.68
C7 DPV U . 19.30 9.19 -7.53
C8 DPV U . 18.22 7.07 -6.81
C15 DPV U . 24.48 6.97 -1.25
C16 DPV U . 24.38 7.28 0.28
C17 DPV U . 22.94 7.77 0.71
C18 DPV U . 21.90 6.61 0.83
C19 DPV U . 21.98 5.88 2.20
O1P DPV U . 21.34 4.98 -2.54
C20 DPV U . 21.29 4.49 2.18
C21 DPV U . 21.48 3.75 3.55
C22 DPV U . 21.06 2.25 3.51
C23 DPV U . 19.52 2.03 3.42
O2P DPV U . 21.71 3.69 -4.58
O3P DPV U . 23.40 5.51 -3.96
O4P DPV U . 21.48 6.22 -4.79
H1 DPV U . 24.75 3.96 -4.28
H1A DPV U . 24.10 4.08 -2.62
H2 DPV U . 26.58 4.95 -3.24
H2A DPV U . 25.74 6.40 -3.73
H3 DPV U . 26.59 6.49 -1.35
H3A DPV U . 25.59 5.11 -0.94
H4 DPV U . 20.36 7.28 -3.42
H4A DPV U . 19.42 6.24 -4.51
H5 DPV U . 19.36 8.85 -4.94
H5A DPV U . 21.03 8.68 -5.50
H6 DPV U . 20.76 6.09 -7.22
H6A DPV U . 21.51 7.64 -7.72
H6B DPV U . 20.17 6.92 -8.69
H7 DPV U . 18.55 9.74 -6.95
H7A DPV U . 18.93 9.01 -8.54
H7B DPV U . 20.24 9.76 -7.57
H8 DPV U . 17.49 7.62 -6.21
H8A DPV U . 18.40 6.08 -6.38
H8B DPV U . 17.85 6.96 -7.84
H15 DPV U . 23.54 6.53 -1.58
H15A DPV U . 24.61 7.90 -1.80
H16 DPV U . 24.65 6.40 0.86
H16A DPV U . 25.11 8.06 0.52
H17 DPV U . 23.03 8.29 1.67
H17A DPV U . 22.58 8.51 -0.01
H18 DPV U . 20.90 7.03 0.73
H18A DPV U . 22.03 5.89 0.02
H19 DPV U . 23.03 5.74 2.48
H19A DPV U . 21.53 6.51 2.97
H20 DPV U . 20.23 4.62 1.97
H20A DPV U . 21.72 3.88 1.38
H21 DPV U . 22.53 3.79 3.84
H21A DPV U . 20.91 4.27 4.33
H22 DPV U . 21.55 1.75 2.68
H22A DPV U . 21.41 1.77 4.43
H23 DPV U . 19.02 2.56 4.22
H23A DPV U . 19.29 0.97 3.50
H23B DPV U . 19.13 2.40 2.47
N DPV V . 17.64 6.88 3.65
P DPV V . 15.61 4.89 -0.73
C1 DPV V . 14.48 2.76 -1.80
C2 DPV V . 14.26 1.24 -1.57
C3 DPV V . 13.89 0.50 -2.90
C4 DPV V . 16.47 6.04 1.44
C5 DPV V . 17.20 5.67 2.77
C6 DPV V . 16.43 7.65 4.20
C7 DPV V . 18.57 7.86 2.90
C8 DPV V . 18.42 6.32 4.85
C15 DPV V . 13.62 -1.04 -2.70
C16 DPV V . 13.39 -1.74 -4.09
C17 DPV V . 12.85 -3.21 -4.01
C18 DPV V . 13.96 -4.31 -3.96
C19 DPV V . 13.40 -5.72 -4.37
O1P DPV V . 14.49 5.82 -0.99
C20 DPV V . 14.50 -6.85 -4.30
C21 DPV V . 13.99 -8.23 -4.83
C22 DPV V . 15.17 -9.19 -5.20
C23 DPV V . 14.69 -10.49 -5.92
O2P DPV V . 16.74 5.12 -1.65
O3P DPV V . 15.15 3.36 -0.64
O4P DPV V . 16.04 4.82 0.79
H1 DPV V . 15.10 2.93 -2.68
H1A DPV V . 13.51 3.27 -1.94
H2 DPV V . 15.16 0.80 -1.15
H2A DPV V . 13.45 1.10 -0.84
H3 DPV V . 14.72 0.63 -3.61
H3A DPV V . 13.01 0.97 -3.34
H4 DPV V . 15.58 6.66 1.64
H4A DPV V . 17.15 6.58 0.77
H5 DPV V . 16.55 5.04 3.37
H5A DPV V . 18.10 5.09 2.52
H6 DPV V . 15.88 8.08 3.36
H6A DPV V . 16.78 8.44 4.86
H6B DPV V . 15.80 6.95 4.76
H7 DPV V . 19.42 7.30 2.49
H7A DPV V . 18.93 8.61 3.60
H7B DPV V . 18.01 8.33 2.09
H8 DPV V . 19.30 5.79 4.49
H8A DPV V . 17.77 5.65 5.41
H8B DPV V . 18.72 7.15 5.49
H15 DPV V . 12.73 -1.16 -2.08
H15A DPV V . 14.45 -1.50 -2.19
H16 DPV V . 12.67 -1.16 -4.66
H16A DPV V . 14.33 -1.73 -4.66
H17 DPV V . 12.18 -3.31 -3.14
H17A DPV V . 12.24 -3.38 -4.90
H18 DPV V . 14.77 -4.04 -4.64
H18A DPV V . 14.38 -4.36 -2.96
H19 DPV V . 12.57 -5.99 -3.72
H19A DPV V . 13.01 -5.66 -5.38
H20 DPV V . 15.35 -6.53 -4.90
H20A DPV V . 14.85 -6.96 -3.27
H21 DPV V . 13.36 -8.69 -4.07
H21A DPV V . 13.37 -8.07 -5.71
H22 DPV V . 15.87 -8.67 -5.85
H22A DPV V . 15.71 -9.46 -4.29
H23 DPV V . 14.31 -10.26 -6.91
H23A DPV V . 13.88 -10.97 -5.35
H23B DPV V . 15.51 -11.21 -6.01
N DPV W . 10.23 8.80 -3.33
P DPV W . 7.20 5.94 -1.04
C1 DPV W . 7.04 3.51 -2.00
C2 DPV W . 7.99 2.47 -2.62
C3 DPV W . 7.32 1.08 -2.78
C4 DPV W . 8.35 8.27 -1.49
C5 DPV W . 8.84 9.19 -2.66
C6 DPV W . 10.22 7.39 -3.93
C7 DPV W . 11.40 8.93 -2.34
C8 DPV W . 10.48 9.79 -4.48
C15 DPV W . 8.37 0.02 -3.17
C16 DPV W . 7.74 -1.37 -3.39
C17 DPV W . 8.80 -2.40 -3.86
C18 DPV W . 8.16 -3.77 -4.17
C19 DPV W . 9.23 -4.79 -4.65
O1P DPV W . 7.82 5.88 0.28
C20 DPV W . 8.55 -6.09 -5.13
C21 DPV W . 9.56 -7.05 -5.81
C22 DPV W . 8.83 -8.32 -6.34
C23 DPV W . 9.76 -9.19 -7.20
O2P DPV W . 5.72 6.03 -0.98
O3P DPV W . 7.72 4.80 -2.02
O4P DPV W . 7.86 7.02 -2.03
H1 DPV W . 6.12 3.58 -2.57
H1A DPV W . 6.82 3.24 -0.96
H2 DPV W . 8.31 2.83 -3.60
H2A DPV W . 8.88 2.38 -1.99
H3 DPV W . 6.54 1.15 -3.55
H3A DPV W . 6.83 0.80 -1.84
H4 DPV W . 9.16 8.06 -0.79
H4A DPV W . 7.53 8.76 -0.96
H5 DPV W . 8.09 9.18 -3.46
H5A DPV W . 8.94 10.21 -2.29
H6 DPV W . 11.13 7.23 -4.49
H6A DPV W . 9.34 7.30 -4.59
H6B DPV W . 10.13 6.66 -3.11
H7 DPV W . 11.43 9.95 -1.96
H7A DPV W . 12.33 8.69 -2.85
H7B DPV W . 11.23 8.23 -1.51
H8 DPV W . 10.47 10.81 -4.07
H8A DPV W . 9.69 9.67 -5.21
H8B DPV W . 11.45 9.57 -4.93
H15 DPV W . 9.13 -0.05 -2.37
H15A DPV W . 8.89 0.34 -4.07
H16 DPV W . 7.27 -1.72 -2.46
H16A DPV W . 6.95 -1.29 -4.15
H17 DPV W . 9.30 -2.01 -4.75
H17A DPV W . 9.56 -2.52 -3.08
H18 DPV W . 7.67 -4.16 -3.27
H18A DPV W . 7.40 -3.65 -4.94
H19 DPV W . 9.81 -4.35 -5.47
H19A DPV W . 9.92 -5.02 -3.83
H20 DPV W . 8.10 -6.61 -4.28
H20A DPV W . 7.76 -5.85 -5.84
H21 DPV W . 10.05 -6.54 -6.64
H21A DPV W . 10.34 -7.34 -5.10
H22 DPV W . 8.47 -8.91 -5.50
H22A DPV W . 7.97 -8.02 -6.94
H23 DPV W . 10.12 -8.62 -8.06
H23A DPV W . 9.23 -10.06 -7.56
H23B DPV W . 10.63 -9.52 -6.62
N DPV X . 8.42 -3.05 12.08
P DPV X . 7.08 -7.92 13.27
C1 DPV X . 5.44 -9.89 12.90
C2 DPV X . 5.07 -10.68 11.64
C3 DPV X . 6.30 -10.92 10.71
C4 DPV X . 7.98 -5.63 12.49
C5 DPV X . 7.44 -4.27 11.95
C6 DPV X . 9.70 -3.25 11.25
C7 DPV X . 8.83 -2.78 13.54
C8 DPV X . 7.69 -1.82 11.54
C15 DPV X . 5.90 -11.75 9.47
C16 DPV X . 7.06 -11.96 8.46
C17 DPV X . 7.27 -10.73 7.52
C18 DPV X . 8.38 -11.04 6.47
C19 DPV X . 8.59 -9.85 5.50
O1P DPV X . 8.34 -8.64 13.00
C20 DPV X . 9.81 -10.12 4.58
C21 DPV X . 9.99 -8.99 3.53
C22 DPV X . 11.11 -9.29 2.50
C23 DPV X . 12.54 -9.10 3.06
O2P DPV X . 6.85 -7.71 14.71
O3P DPV X . 5.84 -8.55 12.53
O4P DPV X . 6.92 -6.60 12.42
H1 DPV X . 4.59 -9.84 13.58
H1A DPV X . 6.27 -10.39 13.42
H2 DPV X . 4.64 -11.63 11.93
H2A DPV X . 4.30 -10.11 11.10
H3 DPV X . 7.08 -11.45 11.28
H3A DPV X . 6.71 -9.96 10.40
H4 DPV X . 8.83 -5.97 11.90
H4A DPV X . 8.29 -5.52 13.54
H5 DPV X . 7.20 -4.38 10.89
H5A DPV X . 6.53 -4.00 12.50
H6 DPV X . 9.42 -3.47 10.20
H6A DPV X . 10.27 -4.08 11.66
H6B DPV X . 10.29 -2.34 11.29
H7 DPV X . 7.93 -2.67 14.14
H7A DPV X . 9.43 -1.86 13.57
H7B DPV X . 9.43 -3.61 13.90
H8 DPV X . 8.36 -0.95 11.59
H8A DPV X . 6.79 -1.64 12.15
H8B DPV X . 7.40 -2.00 10.49
H15 DPV X . 5.04 -11.29 8.97
H15A DPV X . 5.57 -12.74 9.82
H16 DPV X . 7.98 -12.18 8.99
H16A DPV X . 6.83 -12.83 7.84
H17 DPV X . 6.34 -10.49 7.01
H17A DPV X . 7.56 -9.87 8.12
H18 DPV X . 9.30 -11.27 6.98
H18A DPV X . 8.08 -11.92 5.89
H19 DPV X . 7.69 -9.69 4.90
H19A DPV X . 8.77 -8.93 6.07
H20 DPV X . 10.72 -10.20 5.19
H20A DPV X . 9.67 -11.07 4.07
H21 DPV X . 9.05 -8.87 2.99
H21A DPV X . 10.19 -8.04 4.04
H22 DPV X . 11.01 -10.32 2.11
H22A DPV X . 10.99 -8.63 1.64
H23 DPV X . 12.64 -8.10 3.50
H23A DPV X . 13.28 -9.21 2.27
H23B DPV X . 12.75 -9.84 3.83
N DPV Y . 0.29 -9.25 13.51
P DPV Y . 2.42 -14.00 13.80
C1 DPV Y . 1.17 -15.81 12.35
C2 DPV Y . -0.35 -15.71 12.06
C3 DPV Y . -0.68 -14.55 11.09
C4 DPV Y . 1.36 -11.62 13.96
C5 DPV Y . 0.35 -10.77 13.12
C6 DPV Y . 1.66 -8.55 13.45
C7 DPV Y . -0.31 -9.06 14.92
C8 DPV Y . -0.65 -8.54 12.51
C15 DPV Y . -2.23 -14.38 10.90
C16 DPV Y . -2.61 -13.45 9.72
C17 DPV Y . -2.30 -11.95 10.00
C18 DPV Y . -2.82 -11.04 8.84
C19 DPV Y . -2.36 -9.56 8.96
O1P DPV Y . 3.43 -13.92 12.72
C20 DPV Y . -0.87 -9.33 8.50
C21 DPV Y . -0.69 -9.27 6.93
C22 DPV Y . -0.99 -7.86 6.33
C23 DPV Y . 0.22 -6.89 6.47
O2P DPV Y . 3.04 -13.92 15.14
O3P DPV Y . 1.42 -15.25 13.66
O4P DPV Y . 1.20 -13.00 13.59
H1 DPV Y . 1.47 -16.86 12.36
H1A DPV Y . 1.75 -15.27 11.58
H2 DPV Y . -0.68 -16.66 11.63
H2A DPV Y . -0.88 -15.58 13.00
H3 DPV Y . -0.22 -14.75 10.12
H3A DPV Y . -0.26 -13.62 11.47
H4 DPV Y . 2.40 -11.31 13.73
H4A DPV Y . 1.18 -11.52 15.02
H5 DPV Y . 0.63 -10.82 12.06
H5A DPV Y . -0.66 -11.17 13.25
H6 DPV Y . 2.09 -8.72 12.45
H6A DPV Y . 2.31 -8.97 14.21
H6B DPV Y . 1.53 -7.48 13.62
H7 DPV Y . -1.29 -9.55 14.96
H7A DPV Y . -0.42 -7.99 15.12
H7B DPV Y . 0.36 -9.50 15.66
H8 DPV Y . -1.63 -9.02 12.54
H8A DPV Y . -0.21 -8.64 11.51
H8B DPV Y . -0.73 -7.50 12.78
H15 DPV Y . -2.66 -14.00 11.83
H15A DPV Y . -2.67 -15.37 10.72
H16 DPV Y . -2.09 -13.78 8.81
H16A DPV Y . -3.68 -13.56 9.52
H17 DPV Y . -2.78 -11.64 10.93
H17A DPV Y . -1.23 -11.81 10.11
H18 DPV Y . -2.50 -11.45 7.88
H18A DPV Y . -3.92 -11.06 8.84
H19 DPV Y . -3.02 -8.92 8.36
H19A DPV Y . -2.46 -9.23 9.99
H20 DPV Y . -0.50 -8.40 8.94
H20A DPV Y . -0.24 -10.13 8.89
H21 DPV Y . 0.33 -9.56 6.68
H21A DPV Y . -1.35 -10.01 6.46
H22 DPV Y . -1.22 -7.97 5.27
H22A DPV Y . -1.87 -7.43 6.80
H23 DPV Y . 0.67 -6.96 7.46
H23A DPV Y . -0.13 -5.86 6.33
H23B DPV Y . 0.97 -7.09 5.71
N DPV Z . 7.91 -22.89 15.68
P DPV Z . 4.89 -21.98 12.24
C1 DPV Z . 5.02 -19.46 13.07
C2 DPV Z . 5.24 -18.61 11.81
C3 DPV Z . 5.78 -17.19 12.16
C4 DPV Z . 5.64 -23.36 14.37
C5 DPV Z . 6.49 -22.37 15.24
C6 DPV Z . 8.83 -23.11 14.46
C7 DPV Z . 7.82 -24.18 16.51
C8 DPV Z . 8.55 -21.81 16.56
C15 DPV Z . 6.24 -16.41 10.88
C16 DPV Z . 5.06 -15.81 10.07
C17 DPV Z . 5.44 -15.58 8.58
C18 DPV Z . 4.22 -15.02 7.80
C19 DPV Z . 4.52 -14.83 6.29
O1P DPV Z . 6.34 -21.84 11.92
C20 DPV Z . 3.20 -14.59 5.51
C21 DPV Z . 3.46 -14.38 3.99
C22 DPV Z . 2.17 -14.36 3.13
C23 DPV Z . 1.56 -15.77 2.90
O2P DPV Z . 4.16 -22.64 11.15
O3P DPV Z . 4.19 -20.60 12.72
O4P DPV Z . 4.61 -22.61 13.68
H1 DPV Z . 5.98 -19.81 13.48
H1A DPV Z . 4.49 -18.87 13.83
H2 DPV Z . 5.95 -19.12 11.15
H2A DPV Z . 4.30 -18.53 11.26
H3 DPV Z . 6.61 -17.27 12.84
H3A DPV Z . 5.00 -16.61 12.67
H4 DPV Z . 6.27 -23.87 13.63
H4A DPV Z . 5.17 -24.11 15.01
H5 DPV Z . 6.67 -21.45 14.68
H5A DPV Z . 5.94 -22.11 16.16
H6 DPV Z . 8.88 -22.17 13.89
H6A DPV Z . 8.42 -23.91 13.84
H6B DPV Z . 9.83 -23.38 14.82
H7 DPV Z . 7.40 -24.98 15.88
H7A DPV Z . 7.17 -24.01 17.37
H7B DPV Z . 8.82 -24.46 16.85
H8 DPV Z . 7.91 -21.64 17.44
H8A DPV Z . 8.64 -20.88 15.99
H8B DPV Z . 9.54 -22.14 16.88
H15 DPV Z . 6.84 -17.08 10.25
H15A DPV Z . 6.90 -15.59 11.19
H16 DPV Z . 4.20 -16.49 10.11
H16A DPV Z . 4.75 -14.87 10.53
H17 DPV Z . 6.28 -14.89 8.52
H17A DPV Z . 5.75 -16.53 8.13
H18 DPV Z . 3.38 -15.71 7.92
H18A DPV Z . 3.92 -14.06 8.23
H19 DPV Z . 5.20 -13.99 6.15
H19A DPV Z . 5.01 -15.73 5.90
H20 DPV Z . 2.54 -15.45 5.65
H20A DPV Z . 2.68 -13.72 5.92
H21 DPV Z . 3.97 -13.41 3.86
H21A DPV Z . 4.14 -15.14 3.63
H22 DPV Z . 1.42 -13.72 3.59
H22A DPV Z . 2.40 -13.92 2.16
H23 DPV Z . 2.27 -16.40 2.34
H23A DPV Z . 0.64 -15.70 2.33
H23B DPV Z . 1.33 -16.26 3.85
N DPV AA . 6.15 -30.25 2.40
P DPV AA . 2.09 -27.44 4.14
C1 DPV AA . 2.96 -24.96 4.10
C2 DPV AA . 3.02 -23.72 5.02
C3 DPV AA . 4.39 -22.98 4.98
C4 DPV AA . 4.01 -28.84 3.07
C5 DPV AA . 5.54 -29.10 3.27
C6 DPV AA . 6.11 -29.92 0.90
C7 DPV AA . 5.47 -31.61 2.68
C8 DPV AA . 7.63 -30.38 2.79
C15 DPV AA . 4.65 -22.27 3.61
C16 DPV AA . 5.95 -21.44 3.63
C17 DPV AA . 6.15 -20.76 2.26
C18 DPV AA . 7.38 -19.81 2.25
C19 DPV AA . 7.55 -19.15 0.86
O1P DPV AA . 1.34 -27.23 2.89
C20 DPV AA . 8.27 -17.78 0.96
C21 DPV AA . 8.38 -17.11 -0.43
C22 DPV AA . 8.97 -15.68 -0.33
C23 DPV AA . 9.16 -15.06 -1.73
O2P DPV AA . 1.43 -28.41 5.02
O3P DPV AA . 2.46 -26.08 4.90
O4P DPV AA . 3.64 -27.75 3.91
H1 DPV AA . 2.29 -24.78 3.27
H1A DPV AA . 3.95 -25.23 3.73
H2 DPV AA . 2.23 -23.02 4.73
H2A DPV AA . 2.81 -24.01 6.05
H3 DPV AA . 5.19 -23.70 5.17
H3A DPV AA . 4.41 -22.24 5.78
H4 DPV AA . 3.80 -28.57 2.03
H4A DPV AA . 3.44 -29.72 3.35
H5 DPV AA . 6.09 -28.18 3.03
H5A DPV AA . 5.73 -29.34 4.31
H6 DPV AA . 6.62 -28.96 0.74
H6A DPV AA . 5.07 -29.85 0.57
H6B DPV AA . 6.63 -30.71 0.34
H7 DPV AA . 5.51 -31.82 3.75
H7A DPV AA . 6.02 -32.39 2.12
H7B DPV AA . 4.44 -31.56 2.33
H8 DPV AA . 7.69 -30.64 3.86
H8A DPV AA . 8.13 -29.43 2.62
H8B DPV AA . 8.09 -31.16 2.19
H15 DPV AA . 3.79 -21.61 3.39
H15A DPV AA . 4.69 -23.01 2.81
H16 DPV AA . 5.88 -20.67 4.41
H16A DPV AA . 6.80 -22.08 3.86
H17 DPV AA . 6.26 -21.52 1.49
H17A DPV AA . 5.26 -20.18 2.02
H18 DPV AA . 7.24 -19.05 3.02
H18A DPV AA . 8.29 -20.38 2.50
H19 DPV AA . 8.10 -19.81 0.19
H19A DPV AA . 6.57 -18.98 0.41
H20 DPV AA . 7.72 -17.13 1.65
H20A DPV AA . 9.27 -17.93 1.38
H21 DPV AA . 9.01 -17.72 -1.08
H21A DPV AA . 7.39 -17.05 -0.88
H22 DPV AA . 8.30 -15.04 0.26
H22A DPV AA . 9.93 -15.71 0.18
H23 DPV AA . 9.61 -14.07 -1.66
H23A DPV AA . 8.19 -14.97 -2.23
H23B DPV AA . 9.80 -15.69 -2.35
N DPV BA . 13.33 -33.82 5.25
P DPV BA . 11.62 -29.49 5.00
C1 DPV BA . 10.03 -27.78 6.24
C2 DPV BA . 8.80 -27.86 5.29
C3 DPV BA . 7.72 -26.76 5.55
C4 DPV BA . 13.51 -31.22 5.61
C5 DPV BA . 12.85 -32.57 6.05
C6 DPV BA . 12.84 -33.78 3.79
C7 DPV BA . 12.72 -35.06 5.92
C8 DPV BA . 14.87 -33.98 5.28
C15 DPV BA . 8.18 -25.27 5.36
C16 DPV BA . 8.67 -24.89 3.92
C17 DPV BA . 7.57 -24.98 2.81
C18 DPV BA . 8.02 -24.21 1.54
C19 DPV BA . 6.98 -24.30 0.37
O1P DPV BA . 12.19 -28.36 4.24
C20 DPV BA . 7.24 -23.22 -0.74
C21 DPV BA . 8.46 -23.56 -1.67
C22 DPV BA . 8.81 -22.37 -2.59
C23 DPV BA . 9.94 -22.73 -3.58
O2P DPV BA . 10.96 -30.47 4.13
O3P DPV BA . 10.73 -29.06 6.27
O4P DPV BA . 12.66 -30.13 6.04
H1 DPV BA . 10.72 -26.99 5.90
H1A DPV BA . 9.70 -27.55 7.25
H2 DPV BA . 9.13 -27.80 4.26
H2A DPV BA . 8.33 -28.84 5.42
H3 DPV BA . 7.37 -26.87 6.58
H3A DPV BA . 6.86 -26.95 4.91
H4 DPV BA . 14.49 -31.11 6.08
H4A DPV BA . 13.62 -31.17 4.53
H5 DPV BA . 13.07 -32.74 7.11
H5A DPV BA . 11.77 -32.51 5.92
H6 DPV BA . 13.31 -32.93 3.28
H6A DPV BA . 11.75 -33.66 3.78
H6B DPV BA . 13.11 -34.71 3.29
H7 DPV BA . 11.63 -34.99 5.86
H7A DPV BA . 13.02 -35.09 6.96
H7B DPV BA . 13.07 -35.96 5.40
H8 DPV BA . 15.21 -33.95 6.31
H8A DPV BA . 15.33 -33.17 4.71
H8B DPV BA . 15.14 -34.94 4.83
H15 DPV BA . 8.98 -25.05 6.06
H15A DPV BA . 7.36 -24.61 5.62
H16 DPV BA . 9.06 -23.88 3.95
H16A DPV BA . 9.51 -25.53 3.63
H17 DPV BA . 7.37 -26.02 2.57
H17A DPV BA . 6.64 -24.54 3.18
H18 DPV BA . 8.17 -23.16 1.81
H18A DPV BA . 8.98 -24.60 1.20
H19 DPV BA . 7.00 -25.30 -0.06
H19A DPV BA . 5.98 -24.13 0.78
H20 DPV BA . 6.35 -23.14 -1.36
H20A DPV BA . 7.39 -22.25 -0.28
H21 DPV BA . 9.33 -23.82 -1.05
H21A DPV BA . 8.21 -24.42 -2.28
H22 DPV BA . 7.94 -22.06 -3.16
H22A DPV BA . 9.13 -21.51 -1.99
H23 DPV BA . 10.18 -21.88 -4.21
H23A DPV BA . 9.62 -23.55 -4.22
H23B DPV BA . 10.85 -23.03 -3.04
N DPV CA . 28.73 -27.53 -14.63
P DPV CA . 29.57 -25.72 -9.86
C1 DPV CA . 28.13 -27.60 -8.75
C2 DPV CA . 28.05 -28.51 -7.51
C3 DPV CA . 26.69 -29.26 -7.48
C4 DPV CA . 29.57 -26.34 -12.42
C5 DPV CA . 28.41 -27.08 -13.17
C6 DPV CA . 29.10 -26.34 -15.55
C7 DPV CA . 27.44 -28.15 -15.22
C8 DPV CA . 29.83 -28.58 -14.68
C15 DPV CA . 26.42 -29.92 -6.12
C16 DPV CA . 25.01 -30.57 -6.07
C17 DPV CA . 24.65 -31.06 -4.64
C18 DPV CA . 23.24 -31.72 -4.55
C19 DPV CA . 22.09 -30.68 -4.63
O1P DPV CA . 30.85 -25.01 -9.73
C20 DPV CA . 20.70 -31.37 -4.52
C21 DPV CA . 19.51 -30.39 -4.74
C22 DPV CA . 18.98 -29.71 -3.44
C23 DPV CA . 19.71 -28.38 -3.09
O2P DPV CA . 28.42 -24.79 -9.89
O3P DPV CA . 29.40 -26.91 -8.79
O4P DPV CA . 29.57 -26.79 -11.05
H1 DPV CA . 28.01 -28.19 -9.66
H1A DPV CA . 27.34 -26.86 -8.69
H2 DPV CA . 28.87 -29.24 -7.53
H2A DPV CA . 28.17 -27.90 -6.62
H3 DPV CA . 26.66 -30.01 -8.27
H3A DPV CA . 25.88 -28.55 -7.67
H4 DPV CA . 30.54 -26.58 -12.86
H4A DPV CA . 29.41 -25.25 -12.46
H5 DPV CA . 28.16 -27.99 -12.62
H5A DPV CA . 27.53 -26.44 -13.20
H6 DPV CA . 30.05 -25.91 -15.20
H6A DPV CA . 28.31 -25.59 -15.50
H6B DPV CA . 29.22 -26.71 -16.58
H7 DPV CA . 27.15 -29.00 -14.59
H7A DPV CA . 27.65 -28.49 -16.25
H7B DPV CA . 26.65 -27.40 -15.23
H8 DPV CA . 29.95 -28.94 -15.71
H8A DPV CA . 29.55 -29.41 -14.03
H8B DPV CA . 30.77 -28.14 -14.35
H15 DPV CA . 26.49 -29.17 -5.33
H15A DPV CA . 27.17 -30.69 -5.91
H16 DPV CA . 24.27 -29.85 -6.40
H16A DPV CA . 24.98 -31.43 -6.77
H17 DPV CA . 25.40 -31.79 -4.31
H17A DPV CA . 24.71 -30.21 -3.93
H18 DPV CA . 23.15 -32.46 -5.35
H18A DPV CA . 23.18 -32.25 -3.59
H19 DPV CA . 22.20 -29.95 -3.82
H19A DPV CA . 22.14 -30.14 -5.57
H20 DPV CA . 20.64 -32.15 -5.28
H20A DPV CA . 20.60 -31.87 -3.55
H21 DPV CA . 19.77 -29.64 -5.48
H21A DPV CA . 18.68 -30.97 -5.16
H22 DPV CA . 17.93 -29.47 -3.58
H22A DPV CA . 19.04 -30.39 -2.59
H23 DPV CA . 20.75 -28.56 -2.84
H23A DPV CA . 19.23 -27.91 -2.24
H23B DPV CA . 19.66 -27.69 -3.94
N DPV DA . 25.48 -14.22 -21.66
P DPV DA . 29.22 -16.95 -19.19
C1 DPV DA . 29.21 -18.37 -17.00
C2 DPV DA . 28.61 -19.62 -16.35
C3 DPV DA . 27.10 -19.47 -16.10
C4 DPV DA . 27.52 -15.54 -20.61
C5 DPV DA . 26.06 -15.60 -21.20
C6 DPV DA . 25.38 -13.22 -20.50
C7 DPV DA . 24.05 -14.48 -22.18
C8 DPV DA . 26.30 -13.58 -22.81
C15 DPV DA . 26.48 -20.74 -15.45
C16 DPV DA . 24.93 -20.67 -15.37
C17 DPV DA . 24.23 -20.92 -16.74
C18 DPV DA . 22.71 -20.69 -16.63
C19 DPV DA . 21.98 -21.09 -17.94
O1P DPV DA . 30.32 -17.36 -20.08
C20 DPV DA . 20.45 -20.98 -17.81
C21 DPV DA . 19.72 -21.46 -19.10
C22 DPV DA . 18.19 -21.57 -18.90
C23 DPV DA . 17.75 -22.89 -18.23
O2P DPV DA . 29.57 -15.78 -18.38
O3P DPV DA . 28.65 -18.17 -18.33
O4P DPV DA . 27.82 -16.81 -19.95
H1 DPV DA . 28.99 -17.48 -16.39
H1A DPV DA . 30.30 -18.47 -17.09
H2 DPV DA . 28.80 -20.49 -16.98
H2A DPV DA . 29.12 -19.79 -15.39
H3 DPV DA . 26.60 -19.28 -17.05
H3A DPV DA . 26.92 -18.61 -15.45
H4 DPV DA . 28.25 -15.37 -21.40
H4A DPV DA . 27.59 -14.75 -19.86
H5 DPV DA . 26.06 -16.27 -22.07
H5A DPV DA . 25.39 -15.99 -20.45
H6 DPV DA . 26.38 -12.97 -20.16
H6A DPV DA . 24.80 -13.68 -19.68
H6B DPV DA . 24.87 -12.32 -20.85
H7 DPV DA . 24.11 -15.18 -23.02
H7A DPV DA . 23.62 -13.53 -22.51
H7B DPV DA . 23.47 -14.91 -21.37
H8 DPV DA . 26.32 -14.29 -23.65
H8A DPV DA . 27.31 -13.38 -22.45
H8B DPV DA . 25.81 -12.65 -23.12
H15 DPV DA . 26.88 -20.85 -14.43
H15A DPV DA . 26.79 -21.63 -16.00
H16 DPV DA . 24.59 -21.43 -14.66
H16A DPV DA . 24.63 -19.70 -14.98
H17 DPV DA . 24.64 -20.27 -17.51
H17A DPV DA . 24.42 -21.96 -17.05
H18 DPV DA . 22.30 -21.27 -15.81
H18A DPV DA . 22.52 -19.63 -16.42
H19 DPV DA . 22.33 -20.46 -18.76
H19A DPV DA . 22.25 -22.13 -18.19
H20 DPV DA . 20.12 -21.58 -16.95
H20A DPV DA . 20.18 -19.94 -17.61
H21 DPV DA . 19.93 -20.74 -19.90
H21A DPV DA . 20.13 -22.43 -19.42
H22 DPV DA . 17.81 -20.72 -18.32
H22A DPV DA . 17.71 -21.51 -19.88
H23 DPV DA . 18.11 -23.76 -18.80
H23A DPV DA . 16.66 -22.94 -18.19
H23B DPV DA . 18.14 -22.95 -17.22
N DPV EA . 28.58 -7.41 -17.48
P DPV EA . 26.59 -12.23 -16.94
C1 DPV EA . 24.23 -13.23 -16.56
C2 DPV EA . 22.75 -12.82 -16.54
C3 DPV EA . 21.99 -13.51 -15.37
C4 DPV EA . 27.68 -9.86 -17.03
C5 DPV EA . 27.43 -8.46 -17.66
C6 DPV EA . 29.84 -7.82 -18.28
C7 DPV EA . 28.96 -7.20 -16.00
C8 DPV EA . 28.08 -6.09 -18.05
C15 DPV EA . 20.54 -13.00 -15.24
C16 DPV EA . 20.05 -13.08 -13.77
C17 DPV EA . 18.66 -12.40 -13.57
C18 DPV EA . 18.19 -12.46 -12.10
C19 DPV EA . 17.51 -13.81 -11.75
O1P DPV EA . 27.25 -13.20 -17.82
C20 DPV EA . 17.23 -13.92 -10.23
C21 DPV EA . 16.47 -15.22 -9.88
C22 DPV EA . 16.28 -15.36 -8.34
C23 DPV EA . 15.25 -16.45 -8.00
O2P DPV EA . 27.03 -12.36 -15.52
O3P DPV EA . 25.01 -12.16 -17.11
O4P DPV EA . 26.65 -10.73 -17.48
H1 DPV EA . 24.57 -13.42 -15.54
H1A DPV EA . 24.37 -14.12 -17.18
H2 DPV EA . 22.68 -11.73 -16.42
H2A DPV EA . 22.27 -13.07 -17.49
H3 DPV EA . 22.54 -13.31 -14.45
H3A DPV EA . 21.99 -14.59 -15.53
H4 DPV EA . 28.65 -10.26 -17.35
H4A DPV EA . 27.65 -9.80 -15.93
H5 DPV EA . 27.25 -8.57 -18.74
H5A DPV EA . 26.53 -8.02 -17.22
H6 DPV EA . 30.22 -8.77 -17.88
H6A DPV EA . 30.60 -7.04 -18.17
H6B DPV EA . 29.57 -7.93 -19.33
H7 DPV EA . 28.05 -6.95 -15.46
H7A DPV EA . 29.68 -6.40 -15.93
H7B DPV EA . 29.38 -8.13 -15.61
H8 DPV EA . 27.20 -5.77 -17.49
H8A DPV EA . 27.83 -6.21 -19.10
H8B DPV EA . 28.88 -5.33 -17.95
H15 DPV EA . 19.87 -13.59 -15.87
H15A DPV EA . 20.46 -11.96 -15.57
H16 DPV EA . 19.99 -14.13 -13.47
H16A DPV EA . 20.78 -12.59 -13.12
H17 DPV EA . 18.74 -11.36 -13.87
H17A DPV EA . 17.92 -12.88 -14.23
H18 DPV EA . 19.04 -12.28 -11.43
H18A DPV EA . 17.48 -11.66 -11.92
H19 DPV EA . 16.57 -13.91 -12.31
H19A DPV EA . 18.16 -14.65 -12.04
H20 DPV EA . 18.17 -13.88 -9.68
H20A DPV EA . 16.62 -13.05 -9.91
H21 DPV EA . 15.50 -15.22 -10.37
H21A DPV EA . 17.03 -16.08 -10.24
H22 DPV EA . 17.23 -15.62 -7.88
H22A DPV EA . 15.96 -14.41 -7.91
H23 DPV EA . 15.20 -16.58 -6.91
H23A DPV EA . 15.52 -17.39 -8.46
H23B DPV EA . 14.25 -16.15 -8.35
N DPV FA . 30.47 -5.14 -11.35
P DPV FA . 30.70 -9.67 -12.59
C1 DPV FA . 29.40 -10.27 -10.38
C2 DPV FA . 29.62 -10.98 -9.01
C3 DPV FA . 28.35 -10.92 -8.12
C4 DPV FA . 31.20 -7.14 -12.94
C5 DPV FA . 31.60 -5.84 -12.18
C6 DPV FA . 31.10 -3.95 -10.64
C7 DPV FA . 29.87 -6.07 -10.28
C8 DPV FA . 29.35 -4.60 -12.26
C15 DPV FA . 28.55 -11.69 -6.76
C16 DPV FA . 27.38 -11.50 -5.73
C17 DPV FA . 26.08 -12.28 -6.11
C18 DPV FA . 24.98 -12.18 -5.01
C19 DPV FA . 23.56 -12.42 -5.58
O1P DPV FA . 29.40 -9.67 -13.27
C20 DPV FA . 22.45 -12.28 -4.49
C21 DPV FA . 21.03 -12.33 -5.13
C22 DPV FA . 19.88 -12.32 -4.07
C23 DPV FA . 18.47 -12.18 -4.73
O2P DPV FA . 31.76 -10.28 -13.42
O3P DPV FA . 30.67 -10.27 -11.10
O4P DPV FA . 31.12 -8.24 -12.01
H1 DPV FA . 28.66 -10.81 -10.97
H1A DPV FA . 29.08 -9.24 -10.22
H2 DPV FA . 29.88 -12.03 -9.20
H2A DPV FA . 30.45 -10.51 -8.50
H3 DPV FA . 27.49 -11.35 -8.65
H3A DPV FA . 28.10 -9.87 -7.90
H4 DPV FA . 30.24 -7.02 -13.44
H4A DPV FA . 31.97 -7.37 -13.69
H5 DPV FA . 32.41 -6.07 -11.48
H5A DPV FA . 31.97 -5.11 -12.90
H6 DPV FA . 30.34 -3.45 -10.02
H6A DPV FA . 31.48 -3.25 -11.39
H6B DPV FA . 31.93 -4.30 -10.02
H7 DPV FA . 29.32 -6.87 -10.77
H7A DPV FA . 29.20 -5.49 -9.64
H7B DPV FA . 30.69 -6.49 -9.68
H8 DPV FA . 28.87 -5.45 -12.76
H8A DPV FA . 29.80 -3.93 -13.00
H8B DPV FA . 28.62 -4.07 -11.65
H15 DPV FA . 29.47 -11.32 -6.30
H15A DPV FA . 28.70 -12.75 -6.97
H16 DPV FA . 27.73 -11.83 -4.76
H16A DPV FA . 27.15 -10.44 -5.65
H17 DPV FA . 25.70 -11.90 -7.06
H17A DPV FA . 26.32 -13.34 -6.28
H18 DPV FA . 25.20 -12.91 -4.23
H18A DPV FA . 25.02 -11.19 -4.54
H19 DPV FA . 23.37 -11.69 -6.38
H19A DPV FA . 23.51 -13.42 -6.02
H20 DPV FA . 22.56 -13.08 -3.76
H20A DPV FA . 22.57 -11.33 -3.96
H21 DPV FA . 20.92 -11.47 -5.80
H21A DPV FA . 20.95 -13.24 -5.73
H22 DPV FA . 19.91 -13.24 -3.50
H22A DPV FA . 20.03 -11.49 -3.38
H23 DPV FA . 17.74 -12.54 -4.00
H23A DPV FA . 18.37 -12.82 -5.58
H23B DPV FA . 18.24 -11.13 -4.86
N DPV GA . 17.55 3.49 -20.44
P DPV GA . 19.15 -0.28 -22.62
C1 DPV GA . 19.50 -1.74 -20.49
C2 DPV GA . 19.78 -1.53 -18.99
C3 DPV GA . 20.70 -2.65 -18.47
C4 DPV GA . 17.82 2.01 -22.63
C5 DPV GA . 17.92 3.42 -21.96
C6 DPV GA . 18.43 2.54 -19.56
C7 DPV GA . 16.06 3.17 -20.20
C8 DPV GA . 17.82 4.92 -19.97
C15 DPV GA . 21.15 -2.42 -16.98
C16 DPV GA . 22.45 -3.21 -16.62
C17 DPV GA . 22.21 -4.73 -16.38
C18 DPV GA . 23.53 -5.54 -16.48
C19 DPV GA . 23.35 -7.05 -16.14
O1P DPV GA . 18.02 -0.82 -23.41
C20 DPV GA . 23.29 -7.31 -14.60
C21 DPV GA . 23.06 -8.81 -14.22
C22 DPV GA . 21.59 -9.31 -14.43
C23 DPV GA . 20.56 -8.68 -13.46
O2P DPV GA . 20.45 -0.69 -23.17
O3P DPV GA . 19.00 -0.51 -21.04
O4P DPV GA . 19.05 1.29 -22.34
H1 DPV GA . 20.43 -2.01 -21.01
H1A DPV GA . 18.76 -2.54 -20.64
H2 DPV GA . 20.27 -0.56 -18.85
H2A DPV GA . 18.84 -1.52 -18.44
H3 DPV GA . 21.60 -2.71 -19.10
H3A DPV GA . 20.20 -3.61 -18.54
H4 DPV GA . 16.98 1.44 -22.24
H4A DPV GA . 17.73 2.10 -23.71
H5 DPV GA . 18.93 3.80 -22.07
H5A DPV GA . 17.23 4.10 -22.48
H6 DPV GA . 18.19 2.72 -18.51
H6A DPV GA . 19.48 2.78 -19.75
H6B DPV GA . 18.22 1.51 -19.84
H7 DPV GA . 15.83 3.32 -19.14
H7A DPV GA . 15.87 2.13 -20.48
H7B DPV GA . 15.47 3.85 -20.81
H8 DPV GA . 17.57 5.01 -18.90
H8A DPV GA . 17.21 5.61 -20.57
H8B DPV GA . 18.89 5.14 -20.11
H15 DPV GA . 20.34 -2.68 -16.30
H15A DPV GA . 21.36 -1.35 -16.84
H16 DPV GA . 23.18 -3.09 -17.42
H16A DPV GA . 22.89 -2.77 -15.73
H17 DPV GA . 21.75 -4.86 -15.38
H17A DPV GA . 21.50 -5.11 -17.10
H18 DPV GA . 23.91 -5.47 -17.50
H18A DPV GA . 24.30 -5.11 -15.83
H19 DPV GA . 22.44 -7.43 -16.63
H19A DPV GA . 24.19 -7.61 -16.56
H20 DPV GA . 24.23 -6.99 -14.16
H20A DPV GA . 22.52 -6.70 -14.16
H21 DPV GA . 23.73 -9.43 -14.81
H21A DPV GA . 23.33 -8.95 -13.17
H22 DPV GA . 21.28 -9.13 -15.47
H22A DPV GA . 21.59 -10.39 -14.28
H23 DPV GA . 20.45 -7.61 -13.65
H23A DPV GA . 20.85 -8.83 -12.43
H23B DPV GA . 19.59 -9.15 -13.60
N DPV HA . 14.38 -1.15 -25.03
P DPV HA . 10.43 -3.52 -25.34
C1 DPV HA . 11.62 -4.13 -27.63
C2 DPV HA . 13.03 -4.49 -28.17
C3 DPV HA . 13.34 -6.03 -28.23
C4 DPV HA . 12.43 -2.57 -23.88
C5 DPV HA . 13.84 -2.55 -24.55
C6 DPV HA . 15.75 -1.37 -25.67
C7 DPV HA . 14.56 -0.18 -23.85
C8 DPV HA . 13.47 -0.50 -26.09
C15 DPV HA . 13.44 -6.75 -26.84
C16 DPV HA . 14.69 -6.31 -25.98
C17 DPV HA . 14.34 -6.32 -24.47
C18 DPV HA . 15.48 -5.73 -23.60
C19 DPV HA . 15.00 -5.50 -22.14
O1P DPV HA . 9.95 -4.36 -24.23
C20 DPV HA . 16.00 -4.66 -21.31
C21 DPV HA . 15.59 -4.60 -19.82
C22 DPV HA . 16.48 -3.61 -19.00
C23 DPV HA . 16.02 -3.51 -17.53
O2P DPV HA . 9.33 -3.03 -26.19
O3P DPV HA . 11.64 -4.19 -26.17
O4P DPV HA . 11.41 -2.33 -24.88
H1 DPV HA . 11.36 -3.11 -27.93
H1A DPV HA . 10.86 -4.82 -28.01
H2 DPV HA . 13.10 -4.09 -29.19
H2A DPV HA . 13.78 -3.97 -27.59
H3 DPV HA . 14.28 -6.18 -28.78
H3A DPV HA . 12.56 -6.52 -28.81
H4 DPV HA . 12.26 -3.55 -23.41
H4A DPV HA . 12.36 -1.80 -23.12
H5 DPV HA . 14.58 -2.93 -23.84
H5A DPV HA . 13.84 -3.20 -25.43
H6 DPV HA . 16.16 -0.41 -25.99
H6A DPV HA . 15.64 -2.03 -26.54
H6B DPV HA . 16.41 -1.83 -24.93
H7 DPV HA . 13.58 0.06 -23.43
H7A DPV HA . 15.05 0.73 -24.21
H7B DPV HA . 15.19 -0.66 -23.09
H8 DPV HA . 12.51 -0.26 -25.63
H8A DPV HA . 13.32 -1.22 -26.91
H8B DPV HA . 13.95 0.40 -26.47
H15 DPV HA . 13.51 -7.83 -27.02
H15A DPV HA . 12.52 -6.58 -26.28
H16 DPV HA . 15.52 -6.99 -26.18
H16A DPV HA . 15.00 -5.30 -26.27
H17 DPV HA . 13.42 -5.74 -24.31
H17A DPV HA . 14.12 -7.34 -24.15
H18 DPV HA . 16.34 -6.41 -23.61
H18A DPV HA . 15.81 -4.78 -24.03
H19 DPV HA . 14.03 -4.98 -22.15
H19A DPV HA . 14.85 -6.48 -21.67
H20 DPV HA . 17.00 -5.11 -21.38
H20A DPV HA . 16.07 -3.65 -21.73
H21 DPV HA . 14.55 -4.27 -19.75
H21A DPV HA . 15.65 -5.59 -19.37
H22 DPV HA . 17.51 -3.94 -19.04
H22A DPV HA . 16.43 -2.63 -19.46
H23 DPV HA . 16.08 -4.48 -17.05
H23A DPV HA . 14.99 -3.14 -17.47
H23B DPV HA . 16.67 -2.81 -16.99
N DPV IA . 7.81 -2.22 -21.87
P DPV IA . 5.53 -1.47 -17.76
C1 DPV IA . 7.74 -0.47 -16.76
C2 DPV IA . 8.87 -1.49 -17.04
C3 DPV IA . 9.86 -1.55 -15.84
C4 DPV IA . 5.62 -1.93 -20.38
C5 DPV IA . 6.94 -1.29 -20.95
C6 DPV IA . 8.44 -3.37 -21.07
C7 DPV IA . 8.93 -1.37 -22.46
C8 DPV IA . 7.01 -2.80 -23.05
C15 DPV IA . 10.91 -2.68 -16.02
C16 DPV IA . 11.87 -2.83 -14.79
C17 DPV IA . 12.99 -1.76 -14.77
C18 DPV IA . 13.94 -1.92 -13.55
C19 DPV IA . 15.04 -0.83 -13.55
O1P DPV IA . 4.54 -1.04 -16.77
C20 DPV IA . 15.85 -0.81 -12.22
C21 DPV IA . 16.90 0.33 -12.23
C22 DPV IA . 17.60 0.47 -10.85
C23 DPV IA . 18.60 1.64 -10.85
O2P DPV IA . 5.93 -2.88 -17.57
O3P DPV IA . 6.78 -0.48 -17.85
O4P DPV IA . 5.13 -1.11 -19.27
H1 DPV IA . 7.22 -0.71 -15.83
H1A DPV IA . 8.16 0.53 -16.69
H2 DPV IA . 8.44 -2.48 -17.20
H2A DPV IA . 9.40 -1.19 -17.94
H3 DPV IA . 9.30 -1.72 -14.92
H3A DPV IA . 10.37 -0.59 -15.74
H4 DPV IA . 4.86 -1.96 -21.16
H4A DPV IA . 5.81 -2.94 -20.02
H5 DPV IA . 6.68 -0.41 -21.54
H5A DPV IA . 7.58 -0.98 -20.13
H6 DPV IA . 7.65 -4.04 -20.71
H6A DPV IA . 8.99 -2.94 -20.22
H6B DPV IA . 9.12 -3.93 -21.72
H7 DPV IA . 9.46 -0.86 -21.64
H7A DPV IA . 8.51 -0.62 -23.14
H7B DPV IA . 9.62 -2.01 -23.01
H8 DPV IA . 6.56 -1.97 -23.62
H8A DPV IA . 6.23 -3.46 -22.66
H8B DPV IA . 7.69 -3.37 -23.70
H15 DPV IA . 11.51 -2.50 -16.92
H15A DPV IA . 10.40 -3.63 -16.16
H16 DPV IA . 11.28 -2.79 -13.87
H16A DPV IA . 12.32 -3.83 -14.83
H17 DPV IA . 13.57 -1.82 -15.69
H17A DPV IA . 12.54 -0.76 -14.72
H18 DPV IA . 13.36 -1.87 -12.63
H18A DPV IA . 14.41 -2.91 -13.59
H19 DPV IA . 15.72 -0.99 -14.39
H19A DPV IA . 14.58 0.15 -13.69
H20 DPV IA . 15.15 -0.65 -11.39
H20A DPV IA . 16.34 -1.77 -12.08
H21 DPV IA . 17.65 0.14 -12.99
H21A DPV IA . 16.41 1.27 -12.48
H22 DPV IA . 16.86 0.64 -10.07
H22A DPV IA . 18.13 -0.45 -10.61
H23 DPV IA . 19.11 1.71 -9.88
H23A DPV IA . 18.10 2.59 -11.03
H23B DPV IA . 19.37 1.50 -11.61
N DPV JA . 2.49 1.64 -21.93
P DPV JA . 7.23 2.87 -20.08
C1 DPV JA . 8.67 3.15 -17.93
C2 DPV JA . 8.61 4.30 -16.91
C3 DPV JA . 7.64 4.06 -15.71
C4 DPV JA . 4.94 2.14 -21.09
C5 DPV JA . 3.43 2.03 -20.74
C6 DPV JA . 2.85 0.25 -22.51
C7 DPV JA . 2.53 2.69 -23.07
C8 DPV JA . 1.05 1.59 -21.40
C15 DPV JA . 8.17 3.01 -14.68
C16 DPV JA . 7.20 2.79 -13.48
C17 DPV JA . 5.90 2.00 -13.86
C18 DPV JA . 5.04 1.74 -12.59
C19 DPV JA . 3.71 1.02 -12.94
O1P DPV JA . 7.98 1.77 -20.70
C20 DPV JA . 2.88 0.73 -11.65
C21 DPV JA . 1.51 0.06 -11.92
C22 DPV JA . 1.61 -1.48 -12.14
C23 DPV JA . 0.23 -2.11 -12.44
O2P DPV JA . 7.49 4.17 -20.74
O3P DPV JA . 7.35 2.92 -18.50
O4P DPV JA . 5.66 2.56 -19.91
H1 DPV JA . 9.36 3.41 -18.74
H1A DPV JA . 9.02 2.23 -17.46
H2 DPV JA . 9.61 4.49 -16.52
H2A DPV JA . 8.30 5.21 -17.42
H3 DPV JA . 6.67 3.74 -16.10
H3A DPV JA . 7.47 5.01 -15.20
H4 DPV JA . 5.33 1.19 -21.44
H4A DPV JA . 5.09 2.90 -21.88
H5 DPV JA . 3.29 1.27 -19.96
H5A DPV JA . 3.07 2.99 -20.34
H6 DPV JA . 3.82 0.31 -23.00
H6A DPV JA . 2.08 -0.04 -23.23
H6B DPV JA . 2.87 -0.47 -21.69
H7 DPV JA . 3.54 2.69 -23.51
H7A DPV JA . 2.30 3.67 -22.65
H7B DPV JA . 1.80 2.41 -23.84
H8 DPV JA . 0.77 2.59 -21.03
H8A DPV JA . 0.99 0.87 -20.58
H8B DPV JA . 0.38 1.29 -22.21
H15 DPV JA . 9.13 3.36 -14.29
H15A DPV JA . 8.36 2.06 -15.17
H16 DPV JA . 7.74 2.24 -12.71
H16A DPV JA . 6.93 3.76 -13.06
H17 DPV JA . 5.32 2.57 -14.58
H17A DPV JA . 6.17 1.05 -14.32
H18 DPV JA . 5.60 1.13 -11.89
H18A DPV JA . 4.82 2.69 -12.10
H19 DPV JA . 3.11 1.64 -13.61
H19A DPV JA . 3.92 0.08 -13.46
H20 DPV JA . 3.47 0.10 -10.97
H20A DPV JA . 2.71 1.67 -11.13
H21 DPV JA . 0.86 0.24 -11.06
H21A DPV JA . 1.03 0.53 -12.79
H22 DPV JA . 2.28 -1.68 -12.97
H22A DPV JA . 2.03 -1.94 -11.24
H23 DPV JA . 0.34 -3.19 -12.55
H23A DPV JA . -0.18 -1.70 -13.37
H23B DPV JA . -0.46 -1.91 -11.63
N DPV KA . 1.01 5.60 -10.51
P DPV KA . -0.89 2.54 -14.15
C1 DPV KA . -2.48 0.49 -14.42
C2 DPV KA . -3.29 -0.52 -13.58
C3 DPV KA . -4.16 -1.51 -14.43
C4 DPV KA . 0.56 3.91 -12.49
C5 DPV KA . 0.70 4.13 -10.95
C6 DPV KA . -0.12 6.58 -10.90
C7 DPV KA . 2.36 6.10 -11.08
C8 DPV KA . 1.11 5.61 -8.97
C15 DPV KA . -3.34 -2.54 -15.29
C16 DPV KA . -2.70 -3.69 -14.45
C17 DPV KA . -1.61 -4.43 -15.27
C18 DPV KA . -0.91 -5.56 -14.47
C19 DPV KA . 0.36 -6.07 -15.23
O1P DPV KA . -1.67 3.69 -14.68
C20 DPV KA . 1.06 -7.22 -14.45
C21 DPV KA . 2.45 -7.55 -15.09
C22 DPV KA . 3.07 -8.88 -14.54
C23 DPV KA . 3.56 -8.78 -13.08
O2P DPV KA . 0.11 2.04 -15.11
O3P DPV KA . -1.81 1.40 -13.52
O4P DPV KA . -0.31 2.79 -12.70
H1 DPV KA . -1.73 -0.03 -15.03
H1A DPV KA . -3.14 1.06 -15.08
H2 DPV KA . -2.61 -1.08 -12.93
H2A DPV KA . -3.96 0.05 -12.93
H3 DPV KA . -4.79 -0.93 -15.10
H3A DPV KA . -4.83 -2.05 -13.77
H4 DPV KA . 0.11 4.79 -12.97
H4A DPV KA . 1.53 3.71 -12.94
H5 DPV KA . -0.24 3.86 -10.47
H5A DPV KA . 1.49 3.49 -10.57
H6 DPV KA . -1.07 6.19 -10.51
H6A DPV KA . -0.16 6.65 -11.99
H6B DPV KA . 0.09 7.56 -10.47
H7 DPV KA . 3.14 5.40 -10.78
H7A DPV KA . 2.57 7.09 -10.67
H7B DPV KA . 2.28 6.15 -12.17
H8 DPV KA . 0.15 5.30 -8.55
H8A DPV KA . 1.36 6.63 -8.64
H8B DPV KA . 1.90 4.91 -8.67
H15 DPV KA . -2.55 -2.00 -15.84
H15A DPV KA . -4.00 -2.97 -16.03
H16 DPV KA . -2.26 -3.30 -13.53
H16A DPV KA . -3.49 -4.40 -14.15
H17 DPV KA . -2.06 -4.85 -16.17
H17A DPV KA . -0.86 -3.69 -15.58
H18 DPV KA . -0.61 -5.18 -13.48
H18A DPV KA . -1.61 -6.38 -14.31
H19 DPV KA . 0.07 -6.42 -16.22
H19A DPV KA . 1.05 -5.23 -15.35
H20 DPV KA . 1.22 -6.92 -13.42
H20A DPV KA . 0.42 -8.09 -14.46
H21 DPV KA . 2.33 -7.66 -16.17
H21A DPV KA . 3.14 -6.72 -14.92
H22 DPV KA . 2.34 -9.68 -14.64
H22A DPV KA . 3.93 -9.14 -15.17
H23 DPV KA . 4.31 -8.00 -12.97
H23A DPV KA . 4.00 -9.73 -12.78
H23B DPV KA . 2.72 -8.57 -12.41
N DPV LA . -1.85 -25.75 -3.59
P DPV LA . -6.03 -23.54 -4.78
C1 DPV LA . -5.89 -21.28 -3.49
C2 DPV LA . -5.59 -21.46 -1.98
C3 DPV LA . -6.67 -20.82 -1.06
C4 DPV LA . -4.45 -25.54 -4.12
C5 DPV LA . -3.07 -26.20 -4.47
C6 DPV LA . -0.65 -26.58 -4.07
C7 DPV LA . -2.06 -26.04 -2.08
C8 DPV LA . -1.52 -24.27 -3.80
C15 DPV LA . -6.72 -19.25 -1.10
C16 DPV LA . -5.50 -18.61 -0.40
C17 DPV LA . -5.72 -17.11 -0.08
C18 DPV LA . -4.51 -16.54 0.70
C19 DPV LA . -4.65 -15.04 1.10
O1P DPV LA . -6.69 -23.26 -6.06
C20 DPV LA . -4.62 -14.05 -0.10
C21 DPV LA . -4.39 -12.60 0.38
C22 DPV LA . -4.83 -11.58 -0.70
C23 DPV LA . -4.39 -10.14 -0.37
O2P DPV LA . -6.97 -24.11 -3.78
O3P DPV LA . -5.18 -22.30 -4.22
O4P DPV LA . -4.66 -24.37 -4.93
H1 DPV LA . -6.97 -21.36 -3.69
H1A DPV LA . -5.54 -20.30 -3.82
H2 DPV LA . -5.54 -22.53 -1.76
H2A DPV LA . -4.61 -21.04 -1.75
H3 DPV LA . -6.50 -21.15 -0.04
H3A DPV LA . -7.65 -21.21 -1.35
H4 DPV LA . -5.26 -26.26 -4.33
H4A DPV LA . -4.49 -25.26 -3.06
H5 DPV LA . -3.17 -27.29 -4.34
H5A DPV LA . -2.83 -26.00 -5.51
H6 DPV LA . -0.49 -26.38 -5.13
H6A DPV LA . -0.86 -27.65 -3.92
H6B DPV LA . 0.23 -26.29 -3.50
H7 DPV LA . -2.83 -25.38 -1.70
H7A DPV LA . -1.11 -25.88 -1.56
H7B DPV LA . -2.38 -27.08 -1.97
H8 DPV LA . -0.67 -24.00 -3.16
H8A DPV LA . -2.40 -23.67 -3.53
H8B DPV LA . -1.27 -24.11 -4.85
H15 DPV LA . -7.64 -18.94 -0.58
H15A DPV LA . -6.80 -18.90 -2.12
H16 DPV LA . -5.29 -19.14 0.53
H16A DPV LA . -4.62 -18.72 -1.04
H17 DPV LA . -5.88 -16.56 -1.02
H17A DPV LA . -6.62 -17.00 0.53
H18 DPV LA . -4.37 -17.14 1.60
H18A DPV LA . -3.62 -16.68 0.09
H19 DPV LA . -5.57 -14.91 1.68
H19A DPV LA . -3.82 -14.81 1.78
H20 DPV LA . -3.82 -14.33 -0.79
H20A DPV LA . -5.56 -14.13 -0.64
H21 DPV LA . -4.96 -12.41 1.29
H21A DPV LA . -3.33 -12.46 0.61
H22 DPV LA . -4.42 -11.86 -1.68
H22A DPV LA . -5.91 -11.60 -0.79
H23 DPV LA . -4.88 -9.45 -1.03
H23A DPV LA . -3.31 -10.04 -0.48
H23B DPV LA . -4.66 -9.89 0.66
N DPV MA . 4.36 -31.29 -10.17
P DPV MA . 2.66 -27.11 -12.21
C1 DPV MA . 3.28 -24.75 -11.22
C2 DPV MA . 4.53 -24.75 -10.31
C3 DPV MA . 4.64 -23.45 -9.47
C4 DPV MA . 3.45 -28.82 -10.38
C5 DPV MA . 3.87 -30.13 -11.11
C6 DPV MA . 4.66 -32.52 -11.05
C7 DPV MA . 3.28 -31.69 -9.15
C8 DPV MA . 5.65 -30.89 -9.42
C15 DPV MA . 6.07 -23.23 -8.93
C16 DPV MA . 6.18 -21.95 -8.04
C17 DPV MA . 7.66 -21.53 -7.84
C18 DPV MA . 7.80 -20.37 -6.82
C19 DPV MA . 9.27 -19.88 -6.72
O1P DPV MA . 2.62 -27.83 -13.49
C20 DPV MA . 9.41 -18.65 -5.78
C21 DPV MA . 10.83 -18.02 -5.88
C22 DPV MA . 10.94 -16.75 -4.99
C23 DPV MA . 12.25 -15.98 -5.26
O2P DPV MA . 1.33 -26.98 -11.60
O3P DPV MA . 3.46 -25.72 -12.29
O4P DPV MA . 3.76 -27.69 -11.21
H1 DPV MA . 2.38 -24.98 -10.63
H1A DPV MA . 3.16 -23.76 -11.68
H2 DPV MA . 4.49 -25.61 -9.63
H2A DPV MA . 5.42 -24.86 -10.93
H3 DPV MA . 3.92 -23.48 -8.64
H3A DPV MA . 4.37 -22.59 -10.10
H4 DPV MA . 2.38 -28.83 -10.14
H4A DPV MA . 4.02 -28.70 -9.45
H5 DPV MA . 3.04 -30.51 -11.70
H5A DPV MA . 4.71 -29.91 -11.79
H6 DPV MA . 5.41 -32.23 -11.79
H6A DPV MA . 3.73 -32.83 -11.54
H6B DPV MA . 5.04 -33.33 -10.42
H7 DPV MA . 3.10 -30.86 -8.46
H7A DPV MA . 3.62 -32.57 -8.59
H7B DPV MA . 2.35 -31.92 -9.69
H8 DPV MA . 6.37 -30.49 -10.14
H8A DPV MA . 6.06 -31.78 -8.93
H8B DPV MA . 5.41 -30.13 -8.67
H15 DPV MA . 6.76 -23.15 -9.77
H15A DPV MA . 6.38 -24.10 -8.34
H16 DPV MA . 5.63 -21.13 -8.51
H16A DPV MA . 5.71 -22.15 -7.07
H17 DPV MA . 8.25 -22.38 -7.49
H17A DPV MA . 8.08 -21.22 -8.81
H18 DPV MA . 7.17 -19.53 -7.14
H18A DPV MA . 7.45 -20.69 -5.84
H19 DPV MA . 9.90 -20.70 -6.36
H19A DPV MA . 9.63 -19.61 -7.72
H20 DPV MA . 8.66 -17.90 -6.05
H20A DPV MA . 9.21 -18.96 -4.75
H21 DPV MA . 11.57 -18.75 -5.57
H21A DPV MA . 11.04 -17.75 -6.92
H22 DPV MA . 10.10 -16.09 -5.18
H22A DPV MA . 10.91 -17.04 -3.94
H23 DPV MA . 12.27 -15.05 -4.68
H23A DPV MA . 12.33 -15.72 -6.33
H23B DPV MA . 13.12 -16.58 -4.99
N DPV NA . -1.98 -28.76 -11.96
P DPV NA . 0.14 -30.07 -7.33
C1 DPV NA . 1.64 -28.03 -6.65
C2 DPV NA . 2.82 -27.18 -7.20
C3 DPV NA . 3.39 -26.16 -6.16
C4 DPV NA . -0.77 -29.50 -9.73
C5 DPV NA . -1.50 -28.37 -10.50
C6 DPV NA . -3.13 -29.78 -11.92
C7 DPV NA . -0.83 -29.31 -12.83
C8 DPV NA . -2.50 -27.47 -12.63
C15 DPV NA . 2.44 -24.96 -5.87
C16 DPV NA . 3.15 -23.86 -5.01
C17 DPV NA . 2.18 -22.80 -4.40
C18 DPV NA . 1.45 -21.93 -5.46
C19 DPV NA . 0.67 -20.74 -4.82
O1P DPV NA . -0.40 -30.04 -5.96
C20 DPV NA . -0.03 -19.89 -5.92
C21 DPV NA . -0.96 -18.77 -5.36
C22 DPV NA . -0.19 -17.51 -4.88
C23 DPV NA . -1.15 -16.38 -4.47
O2P DPV NA . 0.30 -31.46 -7.83
O3P DPV NA . 1.45 -29.18 -7.53
O4P DPV NA . -0.68 -29.13 -8.34
H1 DPV NA . 1.87 -28.40 -5.64
H1A DPV NA . 0.73 -27.44 -6.63
H2 DPV NA . 3.63 -27.85 -7.47
H2A DPV NA . 2.50 -26.66 -8.10
H3 DPV NA . 4.33 -25.77 -6.55
H3A DPV NA . 3.62 -26.67 -5.23
H4 DPV NA . -1.32 -30.44 -9.81
H4A DPV NA . 0.24 -29.64 -10.13
H5 DPV NA . -2.39 -28.05 -9.95
H5A DPV NA . -0.84 -27.51 -10.60
H6 DPV NA . -3.96 -29.37 -11.33
H6A DPV NA . -2.77 -30.70 -11.47
H6B DPV NA . -3.47 -29.97 -12.94
H7 DPV NA . -0.01 -28.60 -12.83
H7A DPV NA . -1.20 -29.46 -13.86
H7B DPV NA . -0.51 -30.28 -12.42
H8 DPV NA . -3.34 -27.09 -12.05
H8A DPV NA . -2.82 -27.71 -13.64
H8B DPV NA . -1.69 -26.74 -12.66
H15 DPV NA . 1.56 -25.32 -5.33
H15A DPV NA . 2.10 -24.53 -6.81
H16 DPV NA . 3.69 -24.33 -4.20
H16A DPV NA . 3.88 -23.34 -5.64
H17 DPV NA . 1.44 -23.31 -3.77
H17A DPV NA . 2.76 -22.15 -3.74
H18 DPV NA . 2.18 -21.54 -6.17
H18A DPV NA . 0.75 -22.55 -6.01
H19 DPV NA . -0.08 -21.13 -4.13
H19A DPV NA . 1.36 -20.11 -4.25
H20 DPV NA . 0.72 -19.44 -6.59
H20A DPV NA . -0.65 -20.55 -6.54
H21 DPV NA . -1.66 -18.48 -6.15
H21A DPV NA . -1.57 -19.18 -4.54
H22 DPV NA . 0.46 -17.76 -4.04
H22A DPV NA . 0.44 -17.15 -5.69
H23 DPV NA . -0.59 -15.51 -4.13
H23A DPV NA . -1.81 -16.70 -3.65
H23B DPV NA . -1.78 -16.07 -5.32
N DPV OA . 8.44 -27.73 -21.71
P DPV OA . 7.44 -29.69 -17.53
C1 DPV OA . 9.19 -28.47 -15.99
C2 DPV OA . 10.70 -28.50 -15.65
C3 DPV OA . 11.55 -27.44 -16.42
C4 DPV OA . 6.97 -28.02 -19.53
C5 DPV OA . 8.37 -27.73 -20.15
C6 DPV OA . 9.80 -27.14 -22.09
C7 DPV OA . 7.36 -26.85 -22.37
C8 DPV OA . 8.34 -29.16 -22.24
C15 DPV OA . 11.41 -26.00 -15.83
C16 DPV OA . 12.57 -25.05 -16.25
C17 DPV OA . 13.85 -25.24 -15.39
C18 DPV OA . 14.98 -24.23 -15.76
C19 DPV OA . 16.29 -24.45 -14.92
O1P DPV OA . 6.63 -30.05 -16.35
C20 DPV OA . 17.18 -25.63 -15.44
C21 DPV OA . 17.94 -26.39 -14.31
C22 DPV OA . 19.10 -25.56 -13.67
C23 DPV OA . 19.93 -26.43 -12.71
O2P DPV OA . 7.39 -30.75 -18.57
O3P DPV OA . 8.96 -29.26 -17.18
O4P DPV OA . 7.12 -28.22 -18.10
H1 DPV OA . 8.62 -28.92 -15.18
H1A DPV OA . 8.83 -27.45 -16.15
H2 DPV OA . 10.82 -28.36 -14.57
H2A DPV OA . 11.08 -29.50 -15.87
H3 DPV OA . 11.27 -27.45 -17.47
H3A DPV OA . 12.60 -27.76 -16.36
H4 DPV OA . 6.32 -27.15 -19.67
H4A DPV OA . 6.51 -28.90 -19.98
H5 DPV OA . 8.71 -26.75 -19.80
H5A DPV OA . 9.09 -28.48 -19.80
H6 DPV OA . 9.90 -27.17 -23.19
H6A DPV OA . 10.59 -27.74 -21.64
H6B DPV OA . 9.85 -26.12 -21.74
H7 DPV OA . 6.37 -27.28 -22.16
H7A DPV OA . 7.53 -26.83 -23.46
H7B DPV OA . 7.42 -25.84 -21.97
H8 DPV OA . 9.13 -29.76 -21.79
H8A DPV OA . 8.45 -29.14 -23.34
H8B DPV OA . 7.35 -29.57 -21.99
H15 DPV OA . 11.36 -26.04 -14.74
H15A DPV OA . 10.46 -25.57 -16.17
H16 DPV OA . 12.80 -25.18 -17.31
H16A DPV OA . 12.23 -24.01 -16.14
H17 DPV OA . 13.60 -25.11 -14.33
H17A DPV OA . 14.22 -26.26 -15.52
H18 DPV OA . 15.21 -24.31 -16.83
H18A DPV OA . 14.62 -23.21 -15.60
H19 DPV OA . 16.88 -23.53 -14.95
H19A DPV OA . 16.01 -24.61 -13.88
H20 DPV OA . 16.54 -26.35 -15.95
H20A DPV OA . 17.88 -25.26 -16.19
H21 DPV OA . 17.23 -26.70 -13.54
H21A DPV OA . 18.35 -27.31 -14.75
H22 DPV OA . 19.75 -25.18 -14.46
H22A DPV OA . 18.69 -24.71 -13.14
H23 DPV OA . 20.38 -27.28 -13.23
H23A DPV OA . 19.31 -26.82 -11.90
H23B DPV OA . 20.74 -25.83 -12.27
N DPV PA . 19.32 -23.82 -23.49
P DPV PA . 15.80 -26.01 -21.49
C1 DPV PA . 15.39 -26.78 -19.00
C2 DPV PA . 16.51 -27.83 -18.77
C3 DPV PA . 16.19 -28.82 -17.61
C4 DPV PA . 17.26 -23.83 -21.83
C5 DPV PA . 17.76 -23.85 -23.31
C6 DPV PA . 19.96 -22.58 -22.82
C7 DPV PA . 19.62 -23.75 -24.99
C8 DPV PA . 19.99 -25.10 -22.95
C15 DPV PA . 15.06 -29.85 -17.93
C16 DPV PA . 14.93 -30.97 -16.87
C17 DPV PA . 14.29 -30.50 -15.52
C18 DPV PA . 13.98 -31.72 -14.59
C19 DPV PA . 13.21 -31.33 -13.28
O1P DPV PA . 14.50 -26.56 -21.93
C20 DPV PA . 14.15 -30.86 -12.12
C21 DPV PA . 13.36 -30.70 -10.81
C22 DPV PA . 14.29 -30.27 -9.63
C23 DPV PA . 13.49 -30.00 -8.33
O2P DPV PA . 16.94 -26.82 -22.01
O3P DPV PA . 15.88 -25.74 -19.91
O4P DPV PA . 15.94 -24.44 -21.78
H1 DPV PA . 14.50 -27.24 -19.43
H1A DPV PA . 15.13 -26.29 -18.05
H2 DPV PA . 16.67 -28.40 -19.69
H2A DPV PA . 17.43 -27.31 -18.54
H3 DPV PA . 15.91 -28.26 -16.71
H3A DPV PA . 17.10 -29.37 -17.36
H4 DPV PA . 17.93 -24.40 -21.18
H4A DPV PA . 17.19 -22.81 -21.48
H5 DPV PA . 17.41 -24.76 -23.81
H5A DPV PA . 17.36 -22.98 -23.85
H6 DPV PA . 21.04 -22.57 -23.05
H6A DPV PA . 19.81 -22.64 -21.75
H6B DPV PA . 19.49 -21.68 -23.22
H7 DPV PA . 19.17 -24.62 -25.48
H7A DPV PA . 20.69 -23.74 -25.15
H7B DPV PA . 19.18 -22.83 -25.40
H8 DPV PA . 19.51 -25.97 -23.41
H8A DPV PA . 19.86 -25.14 -21.86
H8B DPV PA . 21.06 -25.08 -23.19
H15 DPV PA . 15.27 -30.31 -18.90
H15A DPV PA . 14.10 -29.33 -18.04
H16 DPV PA . 14.30 -31.76 -17.29
H16A DPV PA . 15.91 -31.41 -16.68
H17 DPV PA . 14.96 -29.81 -15.01
H17A DPV PA . 13.36 -29.97 -15.73
H18 DPV PA . 13.37 -32.43 -15.14
H18A DPV PA . 14.92 -32.23 -14.34
H19 DPV PA . 12.47 -30.56 -13.50
H19A DPV PA . 12.67 -32.22 -12.95
H20 DPV PA . 14.94 -31.60 -11.98
H20A DPV PA . 14.63 -29.92 -12.40
H21 DPV PA . 12.57 -29.95 -10.94
H21A DPV PA . 12.88 -31.64 -10.54
H22 DPV PA . 15.03 -31.05 -9.44
H22A DPV PA . 14.82 -29.37 -9.90
H23 DPV PA . 14.14 -29.58 -7.56
H23A DPV PA . 13.06 -30.93 -7.95
H23B DPV PA . 12.68 -29.29 -8.51
N DPV QA . 20.89 -29.83 6.60
P DPV QA . 21.82 -26.83 2.39
C1 DPV QA . 20.39 -26.12 0.32
C2 DPV QA . 18.96 -25.72 -0.07
C3 DPV QA . 18.62 -24.30 0.45
C4 DPV QA . 21.62 -28.44 4.46
C5 DPV QA . 20.48 -29.21 5.22
C6 DPV QA . 21.36 -28.76 7.60
C7 DPV QA . 21.97 -30.91 6.44
C8 DPV QA . 19.64 -30.50 7.19
C15 DPV QA . 17.17 -23.89 0.04
C16 DPV QA . 16.84 -22.41 0.38
C17 DPV QA . 17.46 -21.40 -0.64
C18 DPV QA . 17.15 -19.92 -0.28
C19 DPV QA . 15.78 -19.46 -0.82
O1P DPV QA . 22.37 -25.74 3.21
C20 DPV QA . 15.53 -17.96 -0.51
C21 DPV QA . 14.22 -17.47 -1.15
C22 DPV QA . 13.89 -16.02 -0.74
C23 DPV QA . 12.57 -15.56 -1.37
O2P DPV QA . 22.81 -27.36 1.43
O3P DPV QA . 20.42 -26.46 1.72
O4P DPV QA . 21.06 -27.96 3.22
H1 DPV QA . 20.70 -27.00 -0.27
H1A DPV QA . 21.10 -25.30 0.13
H2 DPV QA . 18.86 -25.74 -1.16
H2A DPV QA . 18.26 -26.44 0.35
H3 DPV QA . 19.33 -23.58 0.03
H3A DPV QA . 18.70 -24.26 1.53
H4 DPV QA . 21.96 -27.57 5.05
H4A DPV QA . 22.46 -29.09 4.24
H5 DPV QA . 19.65 -28.53 5.40
H5A DPV QA . 20.12 -30.02 4.59
H6 DPV QA . 20.58 -28.01 7.71
H6A DPV QA . 22.28 -28.29 7.22
H6B DPV QA . 21.56 -29.24 8.56
H7 DPV QA . 21.62 -31.66 5.73
H7A DPV QA . 22.17 -31.37 7.40
H7B DPV QA . 22.89 -30.44 6.06
H8 DPV QA . 19.30 -31.29 6.50
H8A DPV QA . 18.85 -29.75 7.30
H8B DPV QA . 19.89 -30.94 8.15
H15 DPV QA . 16.46 -24.54 0.57
H15A DPV QA . 17.02 -24.05 -1.04
H16 DPV QA . 15.76 -22.29 0.39
H16A DPV QA . 17.19 -22.18 1.39
H17 DPV QA . 18.55 -21.53 -0.65
H17A DPV QA . 17.10 -21.63 -1.65
H18 DPV QA . 17.20 -19.79 0.81
H18A DPV QA . 17.93 -19.30 -0.71
H19 DPV QA . 15.74 -19.62 -1.90
H19A DPV QA . 14.98 -20.06 -0.37
H20 DPV QA . 15.49 -17.82 0.58
H20A DPV QA . 16.37 -17.37 -0.88
H21 DPV QA . 14.31 -17.53 -2.25
H21A DPV QA . 13.40 -18.13 -0.85
H22 DPV QA . 13.81 -15.95 0.35
H22A DPV QA . 14.69 -15.34 -1.04
H23 DPV QA . 12.27 -14.59 -0.96
H23A DPV QA . 11.78 -16.29 -1.16
H23B DPV QA . 12.68 -15.46 -2.45
N DPV RA . 36.64 -14.06 -6.55
P DPV RA . 33.61 -16.92 -4.82
C1 DPV RA . 32.08 -18.83 -4.01
C2 DPV RA . 31.21 -19.97 -4.57
C3 DPV RA . 30.23 -20.56 -3.50
C4 DPV RA . 35.07 -16.18 -6.90
C5 DPV RA . 35.21 -14.68 -6.44
C6 DPV RA . 36.59 -12.66 -5.95
C7 DPV RA . 37.09 -13.93 -8.02
C8 DPV RA . 37.70 -14.87 -5.76
C15 DPV RA . 29.03 -19.61 -3.21
C16 DPV RA . 28.06 -20.26 -2.19
C17 DPV RA . 26.96 -19.24 -1.75
C18 DPV RA . 25.95 -19.89 -0.78
C19 DPV RA . 24.91 -18.85 -0.29
O1P DPV RA . 34.85 -17.18 -4.07
C20 DPV RA . 23.74 -19.50 0.53
C21 DPV RA . 22.65 -20.12 -0.40
C22 DPV RA . 21.50 -20.80 0.39
C23 DPV RA . 20.55 -19.79 1.08
O2P DPV RA . 32.82 -15.82 -4.22
O3P DPV RA . 32.77 -18.22 -5.12
O4P DPV RA . 33.84 -16.75 -6.40
H1 DPV RA . 31.46 -18.08 -3.52
H1A DPV RA . 32.81 -19.23 -3.30
H2 DPV RA . 30.63 -19.60 -5.43
H2A DPV RA . 31.85 -20.77 -4.94
H3 DPV RA . 30.78 -20.75 -2.58
H3A DPV RA . 29.86 -21.52 -3.86
H4 DPV RA . 35.07 -16.23 -7.99
H4A DPV RA . 35.90 -16.77 -6.52
H5 DPV RA . 34.53 -14.05 -7.04
H5A DPV RA . 34.92 -14.59 -5.39
H6 DPV RA . 36.32 -12.74 -4.88
H6A DPV RA . 35.84 -12.07 -6.48
H6B DPV RA . 37.57 -12.18 -6.04
H7 DPV RA . 37.13 -14.92 -8.47
H7A DPV RA . 38.08 -13.46 -8.05
H7B DPV RA . 36.36 -13.30 -8.55
H8 DPV RA . 37.82 -15.85 -6.23
H8A DPV RA . 37.35 -14.99 -4.73
H8B DPV RA . 38.65 -14.33 -5.79
H15 DPV RA . 28.50 -19.40 -4.14
H15A DPV RA . 29.39 -18.67 -2.82
H16 DPV RA . 27.58 -21.13 -2.64
H16A DPV RA . 28.61 -20.59 -1.32
H17 DPV RA . 27.44 -18.39 -1.26
H17A DPV RA . 26.43 -18.86 -2.63
H18 DPV RA . 25.43 -20.71 -1.30
H18A DPV RA . 26.48 -20.32 0.08
H19 DPV RA . 25.41 -18.12 0.35
H19A DPV RA . 24.48 -18.29 -1.13
H20 DPV RA . 24.15 -20.27 1.19
H20A DPV RA . 23.29 -18.73 1.16
H21 DPV RA . 22.22 -19.34 -1.06
H21A DPV RA . 23.10 -20.87 -1.06
H22 DPV RA . 20.91 -21.41 -0.31
H22A DPV RA . 21.92 -21.48 1.13
H23 DPV RA . 19.74 -20.33 1.58
H23A DPV RA . 20.10 -19.12 0.34
H23B DPV RA . 21.09 -19.19 1.81
N DPV SA . 31.04 -4.84 3.69
P DPV SA . 31.60 -6.48 -0.80
C1 DPV SA . 29.82 -7.49 -2.43
C2 DPV SA . 28.85 -8.54 -1.83
C3 DPV SA . 27.38 -8.01 -1.69
C4 DPV SA . 31.93 -4.79 1.19
C5 DPV SA . 31.10 -4.09 2.31
C6 DPV SA . 30.45 -6.26 3.57
C7 DPV SA . 30.11 -4.02 4.61
C8 DPV SA . 32.43 -4.91 4.36
C15 DPV SA . 26.55 -8.18 -2.99
C16 DPV SA . 25.04 -7.92 -2.73
C17 DPV SA . 24.21 -8.15 -4.03
C18 DPV SA . 22.69 -8.14 -3.75
C19 DPV SA . 21.89 -8.40 -5.06
O1P DPV SA . 32.59 -5.79 -1.65
C20 DPV SA . 20.34 -8.25 -4.89
C21 DPV SA . 19.89 -6.76 -4.93
C22 DPV SA . 18.36 -6.62 -5.10
C23 DPV SA . 17.97 -5.15 -5.36
O2P DPV SA . 32.08 -7.80 -0.35
O3P DPV SA . 30.13 -6.49 -1.43
O4P DPV SA . 31.02 -5.57 0.38
H1 DPV SA . 30.74 -7.98 -2.76
H1A DPV SA . 29.37 -6.99 -3.30
H2 DPV SA . 28.86 -9.44 -2.45
H2A DPV SA . 29.22 -8.83 -0.85
H3 DPV SA . 27.39 -6.95 -1.39
H3A DPV SA . 26.91 -8.58 -0.88
H4 DPV SA . 32.41 -4.05 0.55
H4A DPV SA . 32.68 -5.45 1.61
H5 DPV SA . 31.53 -3.10 2.51
H5A DPV SA . 30.07 -3.95 1.96
H6 DPV SA . 31.07 -6.84 2.89
H6A DPV SA . 29.44 -6.19 3.18
H6B DPV SA . 30.44 -6.72 4.56
H7 DPV SA . 30.52 -3.01 4.71
H7A DPV SA . 30.07 -4.51 5.58
H7B DPV SA . 29.12 -3.98 4.15
H8 DPV SA . 32.84 -3.90 4.43
H8A DPV SA . 33.09 -5.53 3.73
H8B DPV SA . 32.32 -5.36 5.35
H15 DPV SA . 26.68 -9.20 -3.36
H15A DPV SA . 26.92 -7.50 -3.76
H16 DPV SA . 24.68 -8.58 -1.95
H16A DPV SA . 24.90 -6.89 -2.39
H17 DPV SA . 24.45 -7.37 -4.76
H17A DPV SA . 24.49 -9.10 -4.47
H18 DPV SA . 22.44 -8.92 -3.02
H18A DPV SA . 22.39 -7.18 -3.32
H19 DPV SA . 22.24 -7.72 -5.85
H19A DPV SA . 22.10 -9.41 -5.41
H20 DPV SA . 19.86 -8.79 -5.71
H20A DPV SA . 20.01 -8.72 -3.96
H21 DPV SA . 20.20 -6.26 -4.01
H21A DPV SA . 20.40 -6.25 -5.76
H22 DPV SA . 18.02 -7.23 -5.96
H22A DPV SA . 17.85 -6.98 -4.21
H23 DPV SA . 18.28 -4.52 -4.53
H23A DPV SA . 16.89 -5.05 -5.49
H23B DPV SA . 18.45 -4.78 -6.29
N DPV TA . 11.75 7.11 2.53
P DPV TA . 10.53 3.05 4.28
C1 DPV TA . 11.90 0.80 4.50
C2 DPV TA . 12.59 0.44 3.17
C3 DPV TA . 12.77 -1.09 2.94
C4 DPV TA . 10.55 5.65 4.41
C5 DPV TA . 11.47 6.88 4.06
C6 DPV TA . 12.46 5.92 1.86
C7 DPV TA . 12.66 8.34 2.42
C8 DPV TA . 10.44 7.43 1.78
C15 DPV TA . 13.69 -1.34 1.70
C16 DPV TA . 13.97 -2.86 1.43
C17 DPV TA . 12.87 -3.52 0.55
C18 DPV TA . 13.23 -4.98 0.17
C19 DPV TA . 12.09 -5.64 -0.64
O1P DPV TA . 9.49 2.92 5.32
C20 DPV TA . 12.32 -7.16 -0.89
C21 DPV TA . 11.16 -7.77 -1.73
C22 DPV TA . 11.26 -9.32 -1.81
C23 DPV TA . 10.14 -9.92 -2.69
O2P DPV TA . 10.00 2.75 2.92
O3P DPV TA . 11.88 2.26 4.64
O4P DPV TA . 11.32 4.43 4.34
H1 DPV TA . 10.88 0.42 4.54
H1A DPV TA . 12.47 0.39 5.34
H2 DPV TA . 12.03 0.87 2.35
H2A DPV TA . 13.58 0.91 3.17
H3 DPV TA . 11.79 -1.55 2.80
H3A DPV TA . 13.22 -1.54 3.83
H4 DPV TA . 10.17 5.76 5.44
H4A DPV TA . 9.71 5.60 3.73
H5 DPV TA . 11.01 7.79 4.45
H5A DPV TA . 12.44 6.76 4.56
H6 DPV TA . 11.79 5.05 1.90
H6A DPV TA . 13.38 5.70 2.43
H6B DPV TA . 12.69 6.17 0.83
H7 DPV TA . 12.16 9.20 2.86
H7A DPV TA . 12.86 8.53 1.35
H7B DPV TA . 13.60 8.14 2.95
H8 DPV TA . 9.80 6.55 1.79
H8A DPV TA . 10.68 7.70 0.75
H8B DPV TA . 9.94 8.27 2.27
H15 DPV TA . 14.64 -0.84 1.87
H15A DPV TA . 13.23 -0.88 0.82
H16 DPV TA . 14.93 -2.93 0.90
H16A DPV TA . 14.08 -3.40 2.37
H17 DPV TA . 11.92 -3.51 1.11
H17A DPV TA . 12.73 -2.94 -0.36
H18 DPV TA . 14.15 -4.99 -0.43
H18A DPV TA . 13.42 -5.56 1.08
H19 DPV TA . 11.14 -5.51 -0.10
H19A DPV TA . 11.97 -5.12 -1.60
H20 DPV TA . 13.27 -7.30 -1.41
H20A DPV TA . 12.40 -7.67 0.07
H21 DPV TA . 10.20 -7.49 -1.28
H21A DPV TA . 11.18 -7.35 -2.74
H22 DPV TA . 12.23 -9.61 -2.22
H22A DPV TA . 11.18 -9.74 -0.81
H23 DPV TA . 10.20 -11.01 -2.69
H23A DPV TA . 10.24 -9.57 -3.73
H23B DPV TA . 9.15 -9.62 -2.32
N DPV UA . 2.89 1.76 11.54
P DPV UA . 6.26 2.33 8.14
C1 DPV UA . 8.49 1.01 7.99
C2 DPV UA . 9.49 0.19 8.82
C3 DPV UA . 10.76 -0.11 7.99
C4 DPV UA . 4.03 2.85 9.38
C5 DPV UA . 3.53 3.03 10.86
C6 DPV UA . 3.90 0.62 11.68
C7 DPV UA . 1.64 1.28 10.77
C8 DPV UA . 2.43 2.18 12.94
C15 DPV UA . 11.77 -1.02 8.74
C16 DPV UA . 12.97 -1.45 7.86
C17 DPV UA . 12.66 -2.68 6.95
C18 DPV UA . 13.97 -3.29 6.35
C19 DPV UA . 13.73 -4.53 5.42
O1P DPV UA . 5.70 1.82 6.87
C20 DPV UA . 13.22 -5.84 6.13
C21 DPV UA . 14.22 -6.47 7.19
C22 DPV UA . 15.50 -7.12 6.59
C23 DPV UA . 15.23 -8.41 5.77
O2P DPV UA . 6.75 3.71 8.01
O3P DPV UA . 7.33 1.35 8.79
O4P DPV UA . 5.30 2.13 9.38
H1 DPV UA . 8.96 1.93 7.65
H1A DPV UA . 8.17 0.43 7.12
H2 DPV UA . 9.76 0.74 9.73
H2A DPV UA . 9.02 -0.75 9.13
H3 DPV UA . 11.25 0.83 7.72
H3A DPV UA . 10.47 -0.60 7.06
H4 DPV UA . 3.31 2.31 8.77
H4A DPV UA . 4.21 3.84 8.95
H5 DPV UA . 4.35 3.36 11.49
H5A DPV UA . 2.76 3.81 10.87
H6 DPV UA . 4.77 1.00 12.24
H6A DPV UA . 4.20 0.29 10.69
H6B DPV UA . 3.43 -0.20 12.23
H7 DPV UA . 1.96 0.90 9.80
H7A DPV UA . 0.95 2.11 10.65
H7B DPV UA . 1.17 0.47 11.34
H8 DPV UA . 1.71 2.99 12.86
H8A DPV UA . 3.30 2.51 13.51
H8B DPV UA . 1.97 1.32 13.43
H15 DPV UA . 11.26 -1.91 9.13
H15A DPV UA . 12.15 -0.48 9.61
H16 DPV UA . 13.31 -0.62 7.24
H16A DPV UA . 13.80 -1.71 8.52
H17 DPV UA . 12.15 -3.45 7.54
H17A DPV UA . 11.98 -2.38 6.14
H18 DPV UA . 14.48 -2.52 5.78
H18A DPV UA . 14.64 -3.57 7.17
H19 DPV UA . 13.02 -4.25 4.65
H19A DPV UA . 14.67 -4.76 4.90
H20 DPV UA . 12.28 -5.62 6.64
H20A DPV UA . 12.99 -6.58 5.37
H21 DPV UA . 14.51 -5.71 7.91
H21A DPV UA . 13.67 -7.24 7.75
H22 DPV UA . 16.03 -6.40 5.97
H22A DPV UA . 16.18 -7.36 7.41
H23 DPV UA . 14.57 -9.07 6.32
H23A DPV UA . 16.16 -8.93 5.57
H23B DPV UA . 14.77 -8.15 4.81
N DPV VA . 20.41 -2.45 15.28
P DPV VA . 19.41 -7.42 14.16
C1 DPV VA . 16.80 -7.73 14.48
C2 DPV VA . 15.59 -8.40 13.78
C3 DPV VA . 15.04 -7.59 12.58
C4 DPV VA . 19.96 -5.06 15.16
C5 DPV VA . 19.43 -3.61 14.91
C6 DPV VA . 21.76 -2.56 14.53
C7 DPV VA . 20.68 -2.40 16.80
C8 DPV VA . 19.75 -1.12 14.86
C15 DPV VA . 14.03 -8.42 11.73
C16 DPV VA . 14.74 -9.33 10.68
C17 DPV VA . 13.70 -10.13 9.86
C18 DPV VA . 14.36 -11.02 8.76
C19 DPV VA . 13.28 -11.66 7.85
O1P DPV VA . 20.45 -7.36 13.10
C20 DPV VA . 13.90 -12.43 6.66
C21 DPV VA . 12.80 -12.82 5.63
C22 DPV VA . 13.39 -13.56 4.40
C23 DPV VA . 12.36 -13.66 3.25
O2P DPV VA . 19.79 -8.34 15.25
O3P DPV VA . 17.95 -7.71 13.56
O4P DPV VA . 18.96 -5.97 14.67
H1 DPV VA . 16.56 -6.71 14.77
H1A DPV VA . 17.07 -8.31 15.36
H2 DPV VA . 15.87 -9.40 13.47
H2A DPV VA . 14.79 -8.52 14.52
H3 DPV VA . 15.87 -7.26 11.94
H3A DPV VA . 14.55 -6.70 12.95
H4 DPV VA . 20.89 -5.22 14.60
H4A DPV VA . 20.12 -5.24 16.22
H5 DPV VA . 19.19 -3.50 13.86
H5A DPV VA . 18.52 -3.46 15.50
H6 DPV VA . 21.55 -2.62 13.45
H6A DPV VA . 22.28 -3.46 14.86
H6B DPV VA . 22.36 -1.67 14.75
H7 DPV VA . 19.72 -2.30 17.31
H7A DPV VA . 21.32 -1.54 17.02
H7B DPV VA . 21.16 -3.33 17.11
H8 DPV VA . 18.81 -1.02 15.40
H8A DPV VA . 19.58 -1.14 13.79
H8B DPV VA . 20.42 -0.30 15.12
H15 DPV VA . 13.38 -7.72 11.20
H15A DPV VA . 13.40 -9.02 12.38
H16 DPV VA . 15.34 -8.72 10.01
H16A DPV VA . 15.41 -10.02 11.19
H17 DPV VA . 13.12 -10.78 10.54
H17A DPV VA . 13.00 -9.44 9.39
H18 DPV VA . 15.02 -10.39 8.15
H18A DPV VA . 14.97 -11.79 9.22
H19 DPV VA . 12.66 -12.35 8.44
H19A DPV VA . 12.62 -10.88 7.46
H20 DPV VA . 14.65 -11.81 6.16
H20A DPV VA . 14.40 -13.33 7.02
H21 DPV VA . 12.05 -13.47 6.11
H21A DPV VA . 12.28 -11.92 5.30
H22 DPV VA . 14.26 -13.01 4.03
H22A DPV VA . 13.72 -14.56 4.69
H23 DPV VA . 12.80 -14.15 2.39
H23A DPV VA . 12.03 -12.66 2.94
H23B DPV VA . 11.48 -14.23 3.57
N DPV WA . 13.01 2.54 11.93
P DPV WA . 13.26 -1.81 13.68
C1 DPV WA . 12.90 -4.26 14.42
C2 DPV WA . 11.75 -5.20 14.85
C3 DPV WA . 12.30 -6.35 15.74
C4 DPV WA . 11.94 0.21 12.58
C5 DPV WA . 13.19 0.99 12.06
C6 DPV WA . 12.64 3.19 13.29
C7 DPV WA . 11.94 2.90 10.88
C8 DPV WA . 14.34 3.14 11.47
C15 DPV WA . 11.17 -7.22 16.38
C16 DPV WA . 10.55 -8.28 15.42
C17 DPV WA . 11.47 -9.54 15.22
C18 DPV WA . 10.73 -10.62 14.40
C19 DPV WA . 11.63 -11.86 14.11
O1P DPV WA . 14.59 -2.08 13.12
C20 DPV WA . 10.83 -13.05 13.49
C21 DPV WA . 10.38 -12.80 12.00
C22 DPV WA . 9.53 -13.98 11.43
C23 DPV WA . 10.37 -15.21 11.03
O2P DPV WA . 13.34 -1.01 14.93
O3P DPV WA . 12.33 -3.09 13.80
O4P DPV WA . 12.23 -1.20 12.60
H1 DPV WA . 13.47 -3.96 15.29
H1A DPV WA . 13.56 -4.76 13.70
H2 DPV WA . 11.01 -4.62 15.40
H2A DPV WA . 11.26 -5.61 13.96
H3 DPV WA . 12.90 -5.91 16.54
H3A DPV WA . 12.97 -6.98 15.15
H4 DPV WA . 11.67 0.53 13.59
H4A DPV WA . 11.09 0.37 11.91
H5 DPV WA . 14.04 0.83 12.75
H5A DPV WA . 13.48 0.62 11.08
H6 DPV WA . 11.66 2.84 13.61
H6A DPV WA . 12.64 4.28 13.17
H6B DPV WA . 13.40 2.91 14.03
H7 DPV WA . 11.92 3.98 10.75
H7A DPV WA . 10.97 2.54 11.22
H7B DPV WA . 12.21 2.41 9.94
H8 DPV WA . 14.62 2.68 10.51
H8A DPV WA . 15.11 2.93 12.22
H8B DPV WA . 14.22 4.22 11.34
H15 DPV WA . 10.36 -6.55 16.73
H15A DPV WA . 11.56 -7.72 17.27
H16 DPV WA . 9.60 -8.61 15.84
H16A DPV WA . 10.34 -7.83 14.45
H17 DPV WA . 12.39 -9.24 14.70
H17A DPV WA . 11.75 -9.94 16.19
H18 DPV WA . 9.84 -10.94 14.94
H18A DPV WA . 10.40 -10.19 13.46
H19 DPV WA . 12.45 -11.57 13.43
H19A DPV WA . 12.09 -12.19 15.04
H20 DPV WA . 11.45 -13.95 13.54
H20A DPV WA . 9.95 -13.24 14.11
H21 DPV WA . 9.78 -11.89 11.96
H21A DPV WA . 11.26 -12.64 11.38
H22 DPV WA . 8.76 -14.28 12.16
H22A DPV WA . 8.99 -13.62 10.55
H23 DPV WA . 11.12 -14.93 10.28
H23A DPV WA . 9.73 -15.98 10.59
H23B DPV WA . 10.88 -15.63 11.90
N DPV XA . 15.98 -29.98 10.61
P DPV XA . 14.73 -25.28 11.38
C1 DPV XA . 14.74 -24.25 8.95
C2 DPV XA . 13.68 -23.16 8.69
C3 DPV XA . 13.06 -23.29 7.28
C4 DPV XA . 16.17 -27.48 11.47
C5 DPV XA . 15.74 -28.46 10.33
C6 DPV XA . 15.22 -30.48 11.84
C7 DPV XA . 17.48 -30.31 10.76
C8 DPV XA . 15.45 -30.75 9.38
C15 DPV XA . 11.96 -22.23 7.05
C16 DPV XA . 11.43 -22.25 5.58
C17 DPV XA . 10.28 -21.23 5.32
C18 DPV XA . 10.76 -19.74 5.35
C19 DPV XA . 9.55 -18.77 5.30
O1P DPV XA . 13.46 -25.95 11.02
C20 DPV XA . 9.99 -17.31 5.63
C21 DPV XA . 8.75 -16.36 5.69
C22 DPV XA . 9.13 -14.87 5.99
C23 DPV XA . 9.58 -14.65 7.45
O2P DPV XA . 14.74 -24.83 12.78
O3P DPV XA . 15.17 -24.14 10.34
O4P DPV XA . 16.03 -26.13 10.98
H1 DPV XA . 14.33 -25.24 8.77
H1A DPV XA . 15.60 -24.09 8.30
H2 DPV XA . 12.90 -23.24 9.45
H2A DPV XA . 14.15 -22.18 8.80
H3 DPV XA . 12.62 -24.29 7.17
H3A DPV XA . 13.84 -23.20 6.53
H4 DPV XA . 15.56 -27.62 12.37
H4A DPV XA . 17.23 -27.64 11.73
H5 DPV XA . 14.67 -28.34 10.15
H5A DPV XA . 16.29 -28.20 9.42
H6 DPV XA . 15.36 -31.56 11.93
H6A DPV XA . 14.15 -30.26 11.71
H6B DPV XA . 15.61 -29.98 12.72
H7 DPV XA . 18.02 -29.95 9.88
H7A DPV XA . 17.61 -31.39 10.86
H7B DPV XA . 17.87 -29.80 11.66
H8 DPV XA . 16.02 -30.45 8.49
H8A DPV XA . 14.39 -30.51 9.24
H8B DPV XA . 15.57 -31.83 9.56
H15 DPV XA . 12.37 -21.24 7.27
H15A DPV XA . 11.13 -22.40 7.74
H16 DPV XA . 12.25 -22.05 4.88
H16A DPV XA . 11.07 -23.26 5.35
H17 DPV XA . 9.83 -21.44 4.35
H17A DPV XA . 9.50 -21.38 6.07
H18 DPV XA . 11.33 -19.55 6.27
H18A DPV XA . 11.41 -19.54 4.51
H19 DPV XA . 9.10 -18.79 4.32
H19A DPV XA . 8.80 -19.08 6.03
H20 DPV XA . 10.50 -17.29 6.60
H20A DPV XA . 10.68 -16.96 4.87
H21 DPV XA . 8.22 -16.39 4.73
H21A DPV XA . 8.04 -16.72 6.45
H22 DPV XA . 9.91 -14.55 5.31
H22A DPV XA . 8.25 -14.25 5.80
H23 DPV XA . 10.49 -15.21 7.67
H23A DPV XA . 8.80 -14.96 8.15
H23B DPV XA . 9.79 -13.59 7.62
N DPV YA . 14.91 -9.57 18.45
P DPV YA . 17.08 -12.39 15.23
C1 DPV YA . 15.90 -13.62 13.25
C2 DPV YA . 15.44 -13.30 11.81
C3 DPV YA . 14.11 -14.01 11.44
C4 DPV YA . 15.00 -11.12 16.30
C5 DPV YA . 15.76 -10.49 17.51
C6 DPV YA . 13.61 -10.26 18.93
C7 DPV YA . 14.59 -8.24 17.77
C8 DPV YA . 15.75 -9.26 19.69
C15 DPV YA . 14.29 -15.46 10.89
C16 DPV YA . 14.41 -15.50 9.33
C17 DPV YA . 14.47 -16.96 8.82
C18 DPV YA . 14.52 -17.03 7.27
C19 DPV YA . 14.62 -18.50 6.78
O1P DPV YA . 18.40 -11.82 15.57
C20 DPV YA . 14.66 -18.60 5.22
C21 DPV YA . 14.76 -20.07 4.73
C22 DPV YA . 16.21 -20.63 4.75
C23 DPV YA . 16.24 -22.12 4.31
O2P DPV YA . 16.76 -13.57 16.06
O3P DPV YA . 16.88 -12.64 13.66
O4P DPV YA . 15.92 -11.30 15.17
H1 DPV YA . 15.04 -13.58 13.92
H1A DPV YA . 16.34 -14.62 13.28
H2 DPV YA . 15.29 -12.22 11.73
H2A DPV YA . 16.22 -13.57 11.09
H3 DPV YA . 13.57 -13.40 10.69
H3A DPV YA . 13.46 -14.04 12.32
H4 DPV YA . 14.57 -12.08 16.57
H4A DPV YA . 14.20 -10.45 15.96
H5 DPV YA . 16.18 -11.29 18.12
H5A DPV YA . 16.60 -9.87 17.15
H6 DPV YA . 12.96 -10.43 18.07
H6A DPV YA . 13.11 -9.60 19.66
H6B DPV YA . 13.87 -11.21 19.41
H7 DPV YA . 15.53 -7.75 17.49
H7A DPV YA . 14.02 -7.61 18.47
H7B DPV YA . 13.99 -8.44 16.88
H8 DPV YA . 15.98 -10.20 20.21
H8A DPV YA . 15.18 -8.60 20.36
H8B DPV YA . 16.68 -8.77 19.38
H15 DPV YA . 13.40 -16.05 11.19
H15A DPV YA . 15.15 -15.93 11.35
H16 DPV YA . 13.54 -14.99 8.88
H16A DPV YA . 15.31 -14.97 9.03
H17 DPV YA . 15.35 -17.46 9.23
H17A DPV YA . 13.59 -17.51 9.18
H18 DPV YA . 13.61 -16.57 6.86
H18A DPV YA . 15.38 -16.46 6.90
H19 DPV YA . 15.53 -18.95 7.19
H19A DPV YA . 13.76 -19.07 7.16
H20 DPV YA . 13.74 -18.16 4.82
H20A DPV YA . 15.50 -18.02 4.83
H21 DPV YA . 14.11 -20.71 5.34
H21A DPV YA . 14.37 -20.13 3.71
H22 DPV YA . 16.83 -20.04 4.06
H22A DPV YA . 16.63 -20.55 5.75
H23 DPV YA . 15.70 -22.74 5.03
H23A DPV YA . 17.27 -22.47 4.25
H23B DPV YA . 15.77 -22.24 3.33
N DPV ZA . 28.34 -21.70 -20.31
P DPV ZA . 25.71 -25.01 -17.36
C1 DPV ZA . 23.79 -25.52 -19.06
C2 DPV ZA . 22.83 -24.86 -20.09
C3 DPV ZA . 23.57 -24.04 -21.19
C4 DPV ZA . 27.48 -23.45 -18.52
C5 DPV ZA . 27.27 -22.07 -19.22
C6 DPV ZA . 29.76 -21.60 -19.71
C7 DPV ZA . 27.98 -20.33 -20.89
C8 DPV ZA . 28.35 -22.73 -21.47
C15 DPV ZA . 23.57 -22.52 -20.86
C16 DPV ZA . 24.24 -21.65 -21.97
C17 DPV ZA . 24.14 -20.13 -21.64
C18 DPV ZA . 22.75 -19.54 -22.03
C19 DPV ZA . 22.45 -18.21 -21.28
O1P DPV ZA . 26.50 -26.15 -17.86
C20 DPV ZA . 21.01 -17.70 -21.62
C21 DPV ZA . 20.54 -16.54 -20.71
C22 DPV ZA . 20.08 -17.00 -19.29
C23 DPV ZA . 19.62 -15.82 -18.43
O2P DPV ZA . 25.20 -25.24 -15.99
O3P DPV ZA . 24.58 -24.52 -18.37
O4P DPV ZA . 26.45 -23.60 -17.51
H1 DPV ZA . 23.20 -26.06 -18.31
H1A DPV ZA . 24.45 -26.22 -19.56
H2 DPV ZA . 22.28 -25.66 -20.58
H2A DPV ZA . 22.10 -24.24 -19.57
H3 DPV ZA . 23.08 -24.19 -22.15
H3A DPV ZA . 24.60 -24.39 -21.31
H4 DPV ZA . 27.40 -24.25 -19.24
H4A DPV ZA . 28.46 -23.49 -18.02
H5 DPV ZA . 26.30 -22.05 -19.70
H5A DPV ZA . 27.29 -21.27 -18.47
H6 DPV ZA . 30.04 -22.57 -19.29
H6A DPV ZA . 29.77 -20.82 -18.95
H6B DPV ZA . 30.45 -21.35 -20.53
H7 DPV ZA . 28.76 -20.01 -21.57
H7A DPV ZA . 27.88 -19.61 -20.07
H7B DPV ZA . 27.02 -20.42 -21.42
H8 DPV ZA . 28.67 -23.70 -21.09
H8A DPV ZA . 29.03 -22.38 -22.24
H8B DPV ZA . 27.33 -22.80 -21.87
H15 DPV ZA . 24.09 -22.35 -19.91
H15A DPV ZA . 22.54 -22.20 -20.73
H16 DPV ZA . 25.30 -21.93 -22.04
H16A DPV ZA . 23.79 -21.87 -22.94
H17 DPV ZA . 24.34 -19.97 -20.58
H17A DPV ZA . 24.91 -19.60 -22.20
H18 DPV ZA . 22.73 -19.37 -23.11
H18A DPV ZA . 21.96 -20.26 -21.79
H19 DPV ZA . 22.54 -18.37 -20.21
H19A DPV ZA . 23.18 -17.45 -21.56
H20 DPV ZA . 20.99 -17.36 -22.66
H20A DPV ZA . 20.30 -18.53 -21.55
H21 DPV ZA . 21.35 -15.80 -20.62
H21A DPV ZA . 19.70 -16.04 -21.21
H22 DPV ZA . 19.27 -17.72 -19.39
H22A DPV ZA . 20.91 -17.51 -18.78
H23 DPV ZA . 18.76 -15.32 -18.89
H23A DPV ZA . 20.42 -15.09 -18.30
H23B DPV ZA . 19.30 -16.16 -17.44
N DPV AB . 20.02 -4.95 -25.61
P DPV AB . 20.37 -5.87 -21.06
C1 DPV AB . 19.67 -6.80 -18.74
C2 DPV AB . 18.68 -6.52 -17.59
C3 DPV AB . 18.40 -7.81 -16.79
C4 DPV AB . 19.85 -4.27 -23.06
C5 DPV AB . 19.36 -5.21 -24.22
C6 DPV AB . 19.37 -5.92 -26.62
C7 DPV AB . 21.53 -5.24 -25.58
C8 DPV AB . 19.76 -3.51 -26.10
C15 DPV AB . 17.49 -7.56 -15.56
C16 DPV AB . 16.87 -8.89 -15.06
C17 DPV AB . 16.16 -8.76 -13.69
C18 DPV AB . 15.31 -10.02 -13.40
C19 DPV AB . 14.84 -10.10 -11.93
O1P DPV AB . 20.48 -7.15 -21.79
C20 DPV AB . 14.11 -11.45 -11.67
C21 DPV AB . 13.78 -11.65 -10.18
C22 DPV AB . 13.10 -13.03 -9.97
C23 DPV AB . 12.94 -13.37 -8.48
O2P DPV AB . 21.68 -5.33 -20.69
O3P DPV AB . 19.35 -5.94 -19.85
O4P DPV AB . 19.43 -4.81 -21.79
H1 DPV AB . 20.69 -6.60 -18.41
H1A DPV AB . 19.59 -7.83 -19.07
H2 DPV AB . 19.09 -5.74 -16.94
H2A DPV AB . 17.74 -6.15 -18.00
H3 DPV AB . 19.35 -8.25 -16.45
H3A DPV AB . 17.92 -8.54 -17.46
H4 DPV AB . 20.94 -4.17 -23.06
H4A DPV AB . 19.40 -3.28 -23.18
H5 DPV AB . 19.59 -6.24 -23.95
H5A DPV AB . 18.28 -5.12 -24.33
H6 DPV AB . 18.30 -5.72 -26.67
H6A DPV AB . 19.55 -6.94 -26.28
H6B DPV AB . 19.83 -5.76 -27.60
H7 DPV AB . 22.01 -4.53 -24.90
H7A DPV AB . 21.94 -5.10 -26.59
H7B DPV AB . 21.70 -6.27 -25.26
H8 DPV AB . 20.13 -3.40 -27.12
H8A DPV AB . 20.29 -2.81 -25.44
H8B DPV AB . 18.69 -3.30 -26.07
H15 DPV AB . 16.68 -6.87 -15.83
H15A DPV AB . 18.07 -7.10 -14.76
H16 DPV AB . 16.15 -9.23 -15.81
H16A DPV AB . 17.64 -9.65 -14.99
H17 DPV AB . 16.92 -8.64 -12.91
H17A DPV AB . 15.52 -7.87 -13.67
H18 DPV AB . 14.44 -10.03 -14.07
H18A DPV AB . 15.90 -10.91 -13.64
H19 DPV AB . 15.71 -10.03 -11.27
H19A DPV AB . 14.16 -9.27 -11.71
H20 DPV AB . 13.19 -11.48 -12.27
H20A DPV AB . 14.74 -12.28 -12.02
H21 DPV AB . 14.70 -11.61 -9.59
H21A DPV AB . 13.11 -10.86 -9.83
H22 DPV AB . 12.12 -13.04 -10.45
H22A DPV AB . 13.70 -13.82 -10.44
H23 DPV AB . 12.48 -14.36 -8.36
H23A DPV AB . 12.30 -12.64 -7.98
H23B DPV AB . 13.90 -13.38 -7.97
N DPV BB . 13.07 -24.47 -25.08
P DPV BB . 9.50 -22.45 -22.51
C1 DPV BB . 9.27 -20.44 -24.20
C2 DPV BB . 8.54 -20.12 -25.52
C3 DPV BB . 8.84 -18.67 -26.04
C4 DPV BB . 11.75 -23.78 -22.84
C5 DPV BB . 13.06 -23.69 -23.71
C6 DPV BB . 11.92 -24.05 -26.03
C7 DPV BB . 13.02 -25.99 -24.84
C8 DPV BB . 14.40 -24.16 -25.78
C15 DPV BB . 9.81 -18.62 -27.26
C16 DPV BB . 11.32 -18.67 -26.88
C17 DPV BB . 11.93 -20.10 -26.95
C18 DPV BB . 13.43 -20.14 -26.55
C19 DPV BB . 13.68 -19.94 -25.03
O1P DPV BB . 8.68 -23.55 -21.96
C20 DPV BB . 15.17 -20.10 -24.65
C21 DPV BB . 15.40 -19.74 -23.17
C22 DPV BB . 16.90 -19.68 -22.78
C23 DPV BB . 17.11 -19.01 -21.40
O2P DPV BB . 9.89 -21.48 -21.47
O3P DPV BB . 8.83 -21.77 -23.80
O4P DPV BB . 10.72 -22.94 -23.42
H1 DPV BB . 10.35 -20.45 -24.34
H1A DPV BB . 9.02 -19.72 -23.42
H2 DPV BB . 8.80 -20.85 -26.27
H2A DPV BB . 7.46 -20.21 -25.34
H3 DPV BB . 9.21 -18.03 -25.23
H3A DPV BB . 7.88 -18.23 -26.36
H4 DPV BB . 11.39 -24.81 -22.80
H4A DPV BB . 11.96 -23.43 -21.83
H5 DPV BB . 13.26 -22.63 -23.94
H5A DPV BB . 13.90 -24.06 -23.12
H6 DPV BB . 11.97 -22.97 -26.17
H6A DPV BB . 10.97 -24.33 -25.56
H6B DPV BB . 12.04 -24.57 -26.98
H7 DPV BB . 13.09 -26.49 -25.81
H7A DPV BB . 12.07 -26.24 -24.36
H7B DPV BB . 13.86 -26.27 -24.20
H8 DPV BB . 15.23 -24.49 -25.15
H8A DPV BB . 14.46 -23.07 -25.96
H8B DPV BB . 14.42 -24.69 -26.75
H15 DPV BB . 9.64 -17.68 -27.78
H15A DPV BB . 9.57 -19.41 -27.97
H16 DPV BB . 11.87 -18.02 -27.58
H16A DPV BB . 11.46 -18.24 -25.89
H17 DPV BB . 11.37 -20.78 -26.31
H17A DPV BB . 11.83 -20.47 -27.98
H18 DPV BB . 13.84 -21.11 -26.87
H18A DPV BB . 13.98 -19.38 -27.11
H19 DPV BB . 13.34 -18.94 -24.75
H19A DPV BB . 13.06 -20.65 -24.46
H20 DPV BB . 15.49 -21.14 -24.82
H20A DPV BB . 15.78 -19.45 -25.28
H21 DPV BB . 14.94 -18.76 -22.96
H21A DPV BB . 14.90 -20.47 -22.53
H22 DPV BB . 17.33 -20.69 -22.76
H22A DPV BB . 17.46 -19.11 -23.53
H23 DPV BB . 16.53 -19.53 -20.63
H23A DPV BB . 16.80 -17.96 -21.42
H23B DPV BB . 18.16 -19.05 -21.12
N DPV CB . -2.28 -12.19 -21.98
P DPV CB . -0.26 -15.55 -19.53
C1 DPV CB . 2.36 -15.45 -19.52
C2 DPV CB . 3.56 -15.73 -20.44
C3 DPV CB . 4.92 -15.40 -19.76
C4 DPV CB . -0.96 -14.48 -21.83
C5 DPV CB . -2.33 -13.73 -21.69
C6 DPV CB . -1.44 -11.45 -20.93
C7 DPV CB . -3.72 -11.67 -21.91
C8 DPV CB . -1.74 -11.88 -23.39
C15 DPV CB . 6.12 -15.78 -20.67
C16 DPV CB . 7.48 -15.72 -19.92
C17 DPV CB . 8.51 -16.71 -20.53
C18 DPV CB . 9.88 -16.63 -19.80
C19 DPV CB . 10.73 -17.93 -19.99
O1P DPV CB . -0.36 -14.22 -18.91
C20 DPV CB . 12.04 -17.87 -19.13
C21 DPV CB . 12.64 -19.28 -18.80
C22 DPV CB . 13.34 -19.95 -20.02
C23 DPV CB . 14.21 -21.15 -19.59
O2P DPV CB . -0.67 -16.62 -18.60
O3P DPV CB . 1.16 -15.83 -20.23
O4P DPV CB . -0.97 -15.64 -20.96
H1 DPV CB . 2.43 -16.03 -18.60
H1A DPV CB . 2.31 -14.39 -19.27
H2 DPV CB . 3.54 -16.78 -20.74
H2A DPV CB . 3.46 -15.14 -21.35
H3 DPV CB . 4.99 -15.94 -18.81
H3A DPV CB . 4.97 -14.33 -19.52
H4 DPV CB . -0.82 -14.81 -22.86
H4A DPV CB . -0.12 -13.84 -21.55
H5 DPV CB . -3.06 -14.17 -22.37
H5A DPV CB . -2.70 -13.84 -20.66
H6 DPV CB . -0.40 -11.77 -21.02
H6A DPV CB . -1.83 -11.69 -19.93
H6B DPV CB . -1.52 -10.37 -21.12
H7 DPV CB . -4.33 -12.20 -22.64
H7A DPV CB . -3.72 -10.59 -22.12
H7B DPV CB . -4.11 -11.85 -20.90
H8 DPV CB . -1.80 -10.80 -23.57
H8A DPV CB . -2.33 -12.42 -24.14
H8B DPV CB . -0.69 -12.19 -23.45
H15 DPV CB . 6.15 -15.12 -21.54
H15A DPV CB . 5.96 -16.80 -21.04
H16 DPV CB . 7.87 -14.70 -19.95
H16A DPV CB . 7.34 -15.97 -18.86
H17 DPV CB . 8.12 -17.72 -20.45
H17A DPV CB . 8.65 -16.49 -21.59
H18 DPV CB . 10.45 -15.77 -20.18
H18A DPV CB . 9.73 -16.46 -18.73
H19 DPV CB . 10.13 -18.80 -19.69
H19A DPV CB . 10.99 -18.06 -21.05
H20 DPV CB . 12.78 -17.26 -19.64
H20A DPV CB . 11.82 -17.38 -18.18
H21 DPV CB . 13.38 -19.14 -18.00
H21A DPV CB . 11.87 -19.94 -18.42
H22 DPV CB . 12.60 -20.28 -20.75
H22A DPV CB . 13.99 -19.21 -20.52
H23 DPV CB . 13.62 -21.87 -19.01
H23A DPV CB . 15.05 -20.81 -18.96
H23B DPV CB . 14.62 -21.66 -20.46
N DPV DB . 0.34 -2.41 -18.65
P DPV DB . 2.71 -3.95 -23.01
C1 DPV DB . 3.20 -3.24 -25.49
C2 DPV DB . 4.69 -3.55 -25.70
C3 DPV DB . 4.97 -4.34 -27.01
C4 DPV DB . 1.74 -3.23 -20.72
C5 DPV DB . 0.94 -2.06 -20.05
C6 DPV DB . 1.45 -2.73 -17.61
C7 DPV DB . -0.66 -3.57 -18.75
C8 DPV DB . -0.41 -1.17 -18.14
C15 DPV DB . 6.44 -4.79 -27.06
C16 DPV DB . 6.74 -5.81 -28.21
C17 DPV DB . 8.16 -6.44 -28.08
C18 DPV DB . 8.21 -7.60 -27.04
C19 DPV DB . 9.62 -7.79 -26.43
O1P DPV DB . 3.96 -4.54 -22.48
C20 DPV DB . 9.60 -8.87 -25.32
C21 DPV DB . 10.97 -8.98 -24.59
C22 DPV DB . 10.98 -10.09 -23.51
C23 DPV DB . 10.48 -9.59 -22.12
O2P DPV DB . 1.74 -4.97 -23.45
O3P DPV DB . 2.98 -2.81 -24.12
O4P DPV DB . 2.09 -2.84 -22.07
H1 DPV DB . 2.90 -2.43 -26.17
H1A DPV DB . 2.60 -4.12 -25.70
H2 DPV DB . 5.27 -2.61 -25.71
H2A DPV DB . 5.05 -4.14 -24.85
H3 DPV DB . 4.73 -3.72 -27.87
H3A DPV DB . 4.31 -5.22 -27.04
H4 DPV DB . 2.66 -3.44 -20.17
H4A DPV DB . 1.13 -4.14 -20.78
H5 DPV DB . 1.60 -1.20 -19.92
H5A DPV DB . 0.11 -1.78 -20.70
H6 DPV DB . 0.99 -2.91 -16.64
H6A DPV DB . 2.13 -1.87 -17.55
H6B DPV DB . 1.99 -3.62 -17.94
H7 DPV DB . -1.37 -3.37 -19.56
H7A DPV DB . -1.20 -3.66 -17.80
H7B DPV DB . -0.12 -4.50 -18.95
H8 DPV DB . -1.25 -0.96 -18.82
H8A DPV DB . 0.27 -0.32 -18.11
H8B DPV DB . -0.79 -1.38 -17.13
H15 DPV DB . 6.72 -5.24 -26.10
H15A DPV DB . 7.09 -3.92 -27.20
H16 DPV DB . 5.98 -6.60 -28.22
H16A DPV DB . 6.66 -5.28 -29.17
H17 DPV DB . 8.48 -6.82 -29.05
H17A DPV DB . 8.87 -5.65 -27.81
H18 DPV DB . 7.51 -7.39 -26.22
H18A DPV DB . 7.87 -8.53 -27.51
H19 DPV DB . 10.33 -8.08 -27.22
H19A DPV DB . 9.97 -6.84 -26.01
H20 DPV DB . 8.83 -8.62 -24.58
H20A DPV DB . 9.34 -9.84 -25.75
H21 DPV DB . 11.75 -9.21 -25.33
H21A DPV DB . 11.24 -8.01 -24.14
H22 DPV DB . 10.36 -10.94 -23.82
H22A DPV DB . 11.98 -10.47 -23.39
H23 DPV DB . 10.53 -10.40 -21.40
H23A DPV DB . 9.45 -9.25 -22.20
H23B DPV DB . 11.11 -8.76 -21.78
N DPV EB . 4.82 -8.21 -23.95
P DPV EB . 1.11 -8.06 -20.67
C1 DPV EB . 0.57 -9.32 -18.47
C2 DPV EB . 1.21 -10.41 -17.57
C3 DPV EB . 1.75 -11.62 -18.39
C4 DPV EB . 3.57 -8.37 -21.61
C5 DPV EB . 3.49 -8.01 -23.14
C6 DPV EB . 5.89 -7.19 -23.49
C7 DPV EB . 4.52 -7.95 -25.42
C8 DPV EB . 5.38 -9.64 -23.82
C15 DPV EB . 3.32 -11.66 -18.52
C16 DPV EB . 4.10 -11.92 -17.18
C17 DPV EB . 3.77 -13.28 -16.51
C18 DPV EB . 4.60 -13.50 -15.21
C19 DPV EB . 4.31 -14.85 -14.48
O1P DPV EB . 0.16 -6.96 -20.42
C20 DPV EB . 4.62 -16.18 -15.30
C21 DPV EB . 6.05 -16.26 -15.94
C22 DPV EB . 7.20 -16.33 -14.90
C23 DPV EB . 8.58 -16.10 -15.56
O2P DPV EB . 0.63 -9.00 -21.71
O3P DPV EB . 1.58 -8.79 -19.34
O4P DPV EB . 2.61 -7.56 -20.90
H1 DPV EB . -0.23 -9.75 -19.06
H1A DPV EB . 0.17 -8.51 -17.86
H2 DPV EB . 2.00 -9.95 -16.99
H2A DPV EB . 0.46 -10.76 -16.87
H3 DPV EB . 1.32 -11.62 -19.40
H3A DPV EB . 1.40 -12.54 -17.92
H4 DPV EB . 3.35 -9.43 -21.45
H4A DPV EB . 4.56 -8.14 -21.22
H5 DPV EB . 2.72 -8.62 -23.62
H5A DPV EB . 3.21 -6.96 -23.24
H6 DPV EB . 6.15 -7.38 -22.45
H6A DPV EB . 5.49 -6.18 -23.60
H6B DPV EB . 6.79 -7.30 -24.12
H7 DPV EB . 4.11 -6.94 -25.52
H7A DPV EB . 3.78 -8.68 -25.76
H7B DPV EB . 5.43 -8.05 -26.01
H8 DPV EB . 4.60 -10.34 -24.13
H8A DPV EB . 5.66 -9.83 -22.78
H8B DPV EB . 6.26 -9.74 -24.47
H15 DPV EB . 3.66 -10.72 -18.95
H15A DPV EB . 3.59 -12.43 -19.24
H16 DPV EB . 5.17 -11.89 -17.40
H16A DPV EB . 3.89 -11.11 -16.48
H17 DPV EB . 2.70 -13.33 -16.25
H17A DPV EB . 3.97 -14.09 -17.21
H18 DPV EB . 5.67 -13.42 -15.45
H18A DPV EB . 4.39 -12.68 -14.51
H19 DPV EB . 4.88 -14.88 -13.56
H19A DPV EB . 3.25 -14.88 -14.19
H20 DPV EB . 4.48 -17.03 -14.65
H20A DPV EB . 3.88 -16.27 -16.10
H21 DPV EB . 6.10 -17.15 -16.57
H21A DPV EB . 6.21 -15.41 -16.60
H22 DPV EB . 7.07 -15.58 -14.12
H22A DPV EB . 7.20 -17.32 -14.40
H23 DPV EB . 8.77 -16.85 -16.32
H23A DPV EB . 9.37 -16.18 -14.81
H23B DPV EB . 8.62 -15.12 -16.01
N DPV FB . -9.59 -15.27 0.43
P DPV FB . -8.93 -11.27 -1.59
C1 DPV FB . -7.48 -10.32 -3.55
C2 DPV FB . -8.26 -9.22 -4.32
C3 DPV FB . -8.25 -9.46 -5.85
C4 DPV FB . -8.55 -13.86 -1.56
C5 DPV FB . -8.51 -14.23 -0.03
C6 DPV FB . -9.57 -16.55 -0.41
C7 DPV FB . -11.00 -14.66 0.39
C8 DPV FB . -9.28 -15.64 1.88
C15 DPV FB . -6.86 -9.23 -6.51
C16 DPV FB . -6.85 -9.76 -7.96
C17 DPV FB . -5.48 -9.57 -8.65
C18 DPV FB . -5.50 -10.12 -10.09
C19 DPV FB . -4.22 -9.71 -10.87
O1P DPV FB . -10.13 -11.33 -2.45
C20 DPV FB . -4.30 -10.14 -12.37
C21 DPV FB . -3.07 -9.63 -13.15
C22 DPV FB . -3.14 -10.09 -14.64
C23 DPV FB . -1.86 -9.69 -15.40
O2P DPV FB . -9.29 -10.99 -0.18
O3P DPV FB . -7.80 -10.28 -2.14
O4P DPV FB . -7.97 -12.55 -1.74
H1 DPV FB . -7.75 -11.31 -3.94
H1A DPV FB . -6.41 -10.17 -3.67
H2 DPV FB . -9.30 -9.22 -3.97
H2A DPV FB . -7.84 -8.25 -4.08
H3 DPV FB . -8.97 -8.77 -6.30
H3A DPV FB . -8.60 -10.46 -6.06
H4 DPV FB . -7.95 -14.58 -2.13
H4A DPV FB . -9.56 -13.86 -1.94
H5 DPV FB . -7.54 -14.64 0.21
H5A DPV FB . -8.66 -13.32 0.56
H6 DPV FB . -8.56 -16.94 -0.45
H6A DPV FB . -9.92 -16.32 -1.42
H6B DPV FB . -10.24 -17.28 0.05
H7 DPV FB . -11.71 -15.38 0.78
H7A DPV FB . -11.26 -14.40 -0.64
H7B DPV FB . -11.01 -13.76 1.01
H8 DPV FB . -9.30 -14.74 2.50
H8A DPV FB . -8.30 -16.11 1.93
H8B DPV FB . -10.04 -16.34 2.23
H15 DPV FB . -6.08 -9.75 -5.94
H15A DPV FB . -6.61 -8.16 -6.50
H16 DPV FB . -7.11 -10.82 -7.96
H16A DPV FB . -7.61 -9.23 -8.54
H17 DPV FB . -5.23 -8.50 -8.66
H17A DPV FB . -4.70 -10.09 -8.07
H18 DPV FB . -5.58 -11.21 -10.07
H18A DPV FB . -6.39 -9.74 -10.62
H19 DPV FB . -4.10 -8.62 -10.83
H19A DPV FB . -3.34 -10.16 -10.40
H20 DPV FB . -4.35 -11.23 -12.42
H20A DPV FB . -5.21 -9.74 -12.81
H21 DPV FB . -3.03 -8.54 -13.12
H21A DPV FB . -2.16 -10.02 -12.70
H22 DPV FB . -3.25 -11.18 -14.69
H22A DPV FB . -4.01 -9.64 -15.13
H23 DPV FB . -1.73 -8.60 -15.39
H23A DPV FB . -1.93 -10.00 -16.44
H23B DPV FB . -0.98 -10.16 -14.94
N DPV GB . -6.02 -26.66 -9.01
P DPV GB . -1.56 -24.14 -7.94
C1 DPV GB . 0.34 -22.66 -8.90
C2 DPV GB . 0.74 -21.84 -10.16
C3 DPV GB . 1.87 -20.82 -9.81
C4 DPV GB . -3.72 -25.52 -8.35
C5 DPV GB . -4.82 -25.75 -9.44
C6 DPV GB . -5.58 -28.09 -8.64
C7 DPV GB . -6.97 -26.75 -10.21
C8 DPV GB . -6.81 -26.05 -7.83
C15 DPV GB . 2.55 -20.24 -11.08
C16 DPV GB . 3.85 -19.45 -10.72
C17 DPV GB . 4.62 -18.96 -11.99
C18 DPV GB . 6.10 -18.56 -11.67
C19 DPV GB . 6.23 -17.13 -11.06
O1P DPV GB . -2.06 -23.19 -6.92
C20 DPV GB . 7.61 -16.92 -10.38
C21 DPV GB . 7.62 -15.61 -9.51
C22 DPV GB . 8.87 -15.54 -8.59
C23 DPV GB . 8.76 -14.43 -7.53
O2P DPV GB . -0.76 -25.23 -7.35
O3P DPV GB . -0.86 -23.42 -9.17
O4P DPV GB . -2.71 -24.66 -8.91
H1 DPV GB . 1.14 -23.34 -8.62
H1A DPV GB . 0.13 -21.97 -8.08
H2 DPV GB . 1.10 -22.54 -10.93
H2A DPV GB . -0.13 -21.31 -10.55
H3 DPV GB . 2.62 -21.31 -9.19
H3A DPV GB . 1.44 -20.01 -9.22
H4 DPV GB . -4.16 -25.03 -7.48
H4A DPV GB . -3.27 -26.46 -8.06
H5 DPV GB . -5.23 -24.79 -9.74
H5A DPV GB . -4.36 -26.22 -10.32
H6 DPV GB . -5.01 -28.52 -9.47
H6A DPV GB . -6.48 -28.69 -8.44
H6B DPV GB . -4.96 -28.04 -7.73
H7 DPV GB . -7.30 -25.75 -10.49
H7A DPV GB . -7.84 -27.36 -9.92
H7B DPV GB . -6.45 -27.22 -11.05
H8 DPV GB . -7.13 -25.04 -8.10
H8A DPV GB . -6.16 -26.02 -6.96
H8B DPV GB . -7.68 -26.69 -7.63
H15 DPV GB . 1.85 -19.58 -11.60
H15A DPV GB . 2.80 -21.05 -11.77
H16 DPV GB . 3.59 -18.59 -10.10
H16A DPV GB . 4.50 -20.10 -10.14
H17 DPV GB . 4.64 -19.77 -12.73
H17A DPV GB . 4.09 -18.12 -12.44
H18 DPV GB . 6.53 -19.30 -10.99
H18A DPV GB . 6.69 -18.62 -12.59
H19 DPV GB . 6.09 -16.39 -11.86
H19A DPV GB . 5.44 -16.98 -10.33
H20 DPV GB . 7.81 -17.78 -9.72
H20A DPV GB . 8.40 -16.87 -11.13
H21 DPV GB . 7.60 -14.74 -10.17
H21A DPV GB . 6.71 -15.57 -8.91
H22 DPV GB . 8.99 -16.50 -8.07
H22A DPV GB . 9.76 -15.38 -9.20
H23 DPV GB . 8.60 -13.46 -8.01
H23A DPV GB . 9.66 -14.38 -6.93
H23B DPV GB . 7.92 -14.61 -6.86
N DPV HB . 3.74 -25.97 -16.62
P DPV HB . 3.92 -24.82 -21.02
C1 DPV HB . 4.85 -24.17 -23.38
C2 DPV HB . 4.43 -22.93 -24.21
C3 DPV HB . 2.88 -22.71 -24.26
C4 DPV HB . 3.67 -24.13 -18.51
C5 DPV HB . 4.52 -25.18 -17.72
C6 DPV HB . 3.12 -25.04 -15.56
C7 DPV HB . 4.76 -26.88 -15.92
C8 DPV HB . 2.65 -26.87 -17.21
C15 DPV HB . 2.36 -21.84 -23.07
C16 DPV HB . 0.81 -21.82 -23.00
C17 DPV HB . 0.30 -21.08 -21.71
C18 DPV HB . 0.43 -21.92 -20.42
C19 DPV HB . 0.10 -21.10 -19.15
O1P DPV HB . 4.46 -26.19 -20.91
C20 DPV HB . 0.33 -21.94 -17.87
C21 DPV HB . 0.18 -21.06 -16.59
C22 DPV HB . 0.48 -21.89 -15.31
C23 DPV HB . 0.46 -21.00 -14.06
O2P DPV HB . 2.48 -24.83 -21.35
O3P DPV HB . 4.79 -23.87 -21.95
O4P DPV HB . 4.30 -23.88 -19.79
H1 DPV HB . 4.21 -25.01 -23.61
H1A DPV HB . 5.89 -24.43 -23.63
H2 DPV HB . 4.93 -22.03 -23.83
H2A DPV HB . 4.78 -23.07 -25.24
H3 DPV HB . 2.37 -23.68 -24.26
H3A DPV HB . 2.62 -22.21 -25.19
H4 DPV HB . 2.65 -24.48 -18.69
H4A DPV HB . 3.63 -23.19 -17.97
H5 DPV HB . 4.91 -25.92 -18.42
H5A DPV HB . 5.36 -24.68 -17.24
H6 DPV HB . 2.34 -24.43 -16.03
H6A DPV HB . 3.89 -24.41 -15.14
H6B DPV HB . 2.68 -25.65 -14.77
H7 DPV HB . 5.19 -27.56 -16.65
H7A DPV HB . 4.26 -27.43 -15.13
H7B DPV HB . 5.55 -26.24 -15.49
H8 DPV HB . 3.11 -27.51 -17.99
H8A DPV HB . 1.87 -26.24 -17.65
H8B DPV HB . 2.23 -27.49 -16.42
H15 DPV HB . 2.73 -20.83 -23.18
H15A DPV HB . 2.76 -22.24 -22.15
H16 DPV HB . 0.42 -21.30 -23.88
H16A DPV HB . 0.41 -22.83 -23.02
H17 DPV HB . 0.84 -20.13 -21.60
H17A DPV HB . -0.76 -20.82 -21.86
H18 DPV HB . -0.24 -22.78 -20.48
H18A DPV HB . 1.45 -22.31 -20.33
H19 DPV HB . 0.73 -20.20 -19.13
H19A DPV HB . -0.93 -20.76 -19.20
H20 DPV HB . -0.37 -22.76 -17.84
H20A DPV HB . 1.33 -22.36 -17.89
H21 DPV HB . 0.86 -20.21 -16.65
H21A DPV HB . -0.83 -20.67 -16.52
H22 DPV HB . -0.25 -22.69 -15.20
H22A DPV HB . 1.47 -22.36 -15.39
H23 DPV HB . -0.49 -20.47 -13.97
H23A DPV HB . 1.27 -20.26 -14.09
H23B DPV HB . 0.60 -21.61 -13.16
N DPV IB . 31.23 -11.32 2.46
P DPV IB . 29.98 -10.23 7.44
C1 DPV IB . 29.31 -7.75 8.01
C2 DPV IB . 28.68 -6.52 7.32
C3 DPV IB . 27.14 -6.46 7.53
C4 DPV IB . 30.79 -10.67 4.99
C5 DPV IB . 30.21 -11.19 3.64
C6 DPV IB . 31.83 -9.97 2.07
C7 DPV IB . 30.44 -11.87 1.26
C8 DPV IB . 32.36 -12.32 2.80
C15 DPV IB . 26.50 -5.24 6.81
C16 DPV IB . 25.07 -4.99 7.33
C17 DPV IB . 24.42 -3.69 6.78
C18 DPV IB . 23.10 -3.35 7.53
C19 DPV IB . 21.89 -4.25 7.10
O1P DPV IB . 29.42 -11.21 8.39
C20 DPV IB . 20.78 -4.27 8.19
C21 DPV IB . 19.52 -5.08 7.75
C22 DPV IB . 18.46 -4.24 6.95
C23 DPV IB . 17.53 -3.43 7.89
O2P DPV IB . 31.39 -9.90 7.73
O3P DPV IB . 29.05 -8.94 7.23
O4P DPV IB . 29.70 -10.62 5.92
H1 DPV IB . 30.39 -7.61 8.09
H1A DPV IB . 28.91 -7.89 9.02
H2 DPV IB . 29.13 -5.62 7.73
H2A DPV IB . 28.91 -6.55 6.26
H3 DPV IB . 26.94 -6.40 8.61
H3A DPV IB . 26.68 -7.38 7.16
H4 DPV IB . 31.55 -11.38 5.37
H4A DPV IB . 31.22 -9.69 4.88
H5 DPV IB . 29.76 -12.17 3.79
H5A DPV IB . 29.42 -10.50 3.30
H6 DPV IB . 32.41 -9.58 2.91
H6A DPV IB . 31.02 -9.28 1.81
H6B DPV IB . 32.49 -10.11 1.20
H7 DPV IB . 31.11 -11.95 0.41
H7A DPV IB . 29.62 -11.16 1.02
H7B DPV IB . 30.02 -12.84 1.51
H8 DPV IB . 31.91 -13.26 3.12
H8A DPV IB . 32.97 -11.91 3.61
H8B DPV IB . 32.97 -12.48 1.91
H15 DPV IB . 26.49 -5.42 5.73
H15A DPV IB . 27.11 -4.35 6.99
H16 DPV IB . 24.45 -5.85 7.07
H16A DPV IB . 25.10 -4.94 8.42
H17 DPV IB . 25.12 -2.86 6.92
H17A DPV IB . 24.24 -3.78 5.70
H18 DPV IB . 23.26 -3.43 8.61
H18A DPV IB . 22.84 -2.30 7.34
H19 DPV IB . 21.47 -3.88 6.16
H19A DPV IB . 22.23 -5.27 6.93
H20 DPV IB . 21.18 -4.73 9.10
H20A DPV IB . 20.48 -3.25 8.46
H21 DPV IB . 19.83 -5.94 7.14
H21A DPV IB . 19.04 -5.51 8.64
H22 DPV IB . 18.98 -3.56 6.26
H22A DPV IB . 17.85 -4.91 6.35
H23 DPV IB . 16.86 -2.80 7.30
H23A DPV IB . 18.12 -2.77 8.55
H23B DPV IB . 16.93 -4.09 8.51
N DPV JB . 30.92 -1.70 -2.41
P DPV JB . 27.15 -2.95 0.33
C1 DPV JB . 25.02 -4.50 0.40
C2 DPV JB . 23.60 -4.56 -0.22
C3 DPV JB . 22.81 -5.81 0.24
C4 DPV JB . 29.14 -3.34 -1.32
C5 DPV JB . 29.40 -1.99 -2.11
C6 DPV JB . 31.59 -2.85 -3.19
C7 DPV JB . 31.71 -1.42 -1.12
C8 DPV JB . 30.97 -0.44 -3.28
C15 DPV JB . 21.42 -5.84 -0.45
C16 DPV JB . 20.56 -7.05 -0.02
C17 DPV JB . 19.21 -7.05 -0.79
C18 DPV JB . 18.32 -8.25 -0.39
C19 DPV JB . 17.00 -8.28 -1.22
O1P DPV JB . 27.61 -3.75 1.49
C20 DPV JB . 16.14 -9.56 -0.98
C21 DPV JB . 16.77 -10.84 -1.63
C22 DPV JB . 15.87 -12.10 -1.55
C23 DPV JB . 14.79 -12.12 -2.66
O2P DPV JB . 27.32 -1.51 0.54
O3P DPV JB . 25.68 -3.35 -0.19
O4P DPV JB . 27.71 -3.46 -1.07
H1 DPV JB . 24.96 -4.36 1.48
H1A DPV JB . 25.58 -5.40 0.15
H2 DPV JB . 23.05 -3.66 0.06
H2A DPV JB . 23.69 -4.57 -1.30
H3 DPV JB . 22.68 -5.79 1.33
H3A DPV JB . 23.37 -6.72 -0.01
H4 DPV JB . 29.45 -4.18 -1.93
H4A DPV JB . 29.67 -3.34 -0.37
H5 DPV JB . 28.87 -2.02 -3.06
H5A DPV JB . 29.01 -1.15 -1.52
H6 DPV JB . 32.62 -2.56 -3.43
H6A DPV JB . 31.03 -3.03 -4.12
H6B DPV JB . 31.60 -3.75 -2.58
H7 DPV JB . 31.23 -0.60 -0.58
H7A DPV JB . 32.73 -1.15 -1.38
H7B DPV JB . 31.70 -2.32 -0.50
H8 DPV JB . 30.51 0.39 -2.73
H8A DPV JB . 30.43 -0.62 -4.22
H8B DPV JB . 32.01 -0.19 -3.49
H15 DPV JB . 21.56 -5.86 -1.53
H15A DPV JB . 20.88 -4.91 -0.20
H16 DPV JB . 21.11 -7.97 -0.23
H16A DPV JB . 20.38 -7.01 1.06
H17 DPV JB . 18.68 -6.11 -0.58
H17A DPV JB . 19.40 -7.10 -1.86
H18 DPV JB . 18.87 -9.17 -0.53
H18A DPV JB . 18.07 -8.18 0.68
H19 DPV JB . 16.39 -7.40 -0.98
H19A DPV JB . 17.24 -8.20 -2.29
H20 DPV JB . 16.01 -9.72 0.09
H20A DPV JB . 15.15 -9.40 -1.42
H21 DPV JB . 17.04 -10.64 -2.67
H21A DPV JB . 17.72 -11.07 -1.12
H22 DPV JB . 16.50 -12.99 -1.66
H22A DPV JB . 15.40 -12.16 -0.57
H23 DPV JB . 15.26 -12.20 -3.64
H23A DPV JB . 14.17 -11.22 -2.63
H23B DPV JB . 14.14 -12.99 -2.52
N DPV KB . 18.64 -19.39 16.23
P DPV KB . 22.30 -18.98 13.42
C1 DPV KB . 23.23 -20.09 11.26
C2 DPV KB . 22.83 -20.51 9.82
C3 DPV KB . 22.13 -21.90 9.77
C4 DPV KB . 20.24 -17.94 14.67
C5 DPV KB . 20.07 -18.80 15.98
C6 DPV KB . 18.72 -20.32 17.44
C7 DPV KB . 18.13 -20.21 15.03
C8 DPV KB . 17.63 -18.27 16.58
C15 DPV KB . 21.94 -22.36 8.30
C16 DPV KB . 21.06 -23.63 8.18
C17 DPV KB . 20.89 -24.11 6.70
C18 DPV KB . 19.96 -23.17 5.84
C19 DPV KB . 20.49 -22.87 4.40
O1P DPV KB . 23.04 -17.70 13.35
C20 DPV KB . 21.79 -21.98 4.34
C21 DPV KB . 21.53 -20.50 4.74
C22 DPV KB . 22.83 -19.66 4.65
C23 DPV KB . 22.60 -18.20 5.11
O2P DPV KB . 22.90 -19.90 14.40
O3P DPV KB . 22.06 -19.64 12.00
O4P DPV KB . 20.73 -18.78 13.59
H1 DPV KB . 23.70 -20.93 11.79
H1A DPV KB . 23.94 -19.26 11.21
H2 DPV KB . 22.18 -19.75 9.39
H2A DPV KB . 23.74 -20.54 9.22
H3 DPV KB . 21.15 -21.83 10.27
H3A DPV KB . 22.74 -22.63 10.31
H4 DPV KB . 19.28 -17.51 14.38
H4A DPV KB . 20.95 -17.13 14.85
H5 DPV KB . 20.77 -19.64 15.94
H5A DPV KB . 20.31 -18.19 16.85
H6 DPV KB . 19.09 -19.76 18.31
H6A DPV KB . 19.41 -21.14 17.20
H6B DPV KB . 17.73 -20.72 17.66
H7 DPV KB . 18.01 -19.56 14.17
H7A DPV KB . 17.16 -20.65 15.30
H7B DPV KB . 18.85 -21.01 14.82
H8 DPV KB . 17.52 -17.61 15.70
H8A DPV KB . 18.01 -17.71 17.43
H8B DPV KB . 16.66 -18.73 16.81
H15 DPV KB . 22.92 -22.54 7.85
H15A DPV KB . 21.48 -21.54 7.73
H16 DPV KB . 21.52 -24.44 8.75
H16A DPV KB . 20.07 -23.44 8.62
H17 DPV KB . 21.87 -24.20 6.23
H17A DPV KB . 20.45 -25.11 6.69
H18 DPV KB . 18.98 -23.64 5.75
H18A DPV KB . 19.78 -22.22 6.36
H19 DPV KB . 20.70 -23.83 3.90
H19A DPV KB . 19.70 -22.39 3.82
H20 DPV KB . 22.55 -22.41 4.99
H20A DPV KB . 22.17 -22.01 3.33
H21 DPV KB . 20.77 -20.06 4.09
H21A DPV KB . 21.15 -20.46 5.77
H22 DPV KB . 23.60 -20.11 5.28
H22A DPV KB . 23.20 -19.66 3.63
H23 DPV KB . 22.28 -18.18 6.15
H23A DPV KB . 21.84 -17.73 4.50
H23B DPV KB . 23.53 -17.63 5.02
N DPV LB . -4.46 -18.93 -19.31
P DPV LB . -4.19 -22.02 -15.29
C1 DPV LB . -6.46 -21.16 -14.27
C2 DPV LB . -6.12 -20.10 -13.19
C3 DPV LB . -6.08 -18.63 -13.75
C4 DPV LB . -3.57 -20.50 -17.38
C5 DPV LB . -4.80 -19.94 -18.16
C6 DPV LB . -3.66 -19.59 -20.45
C7 DPV LB . -3.71 -17.70 -18.80
C8 DPV LB . -5.80 -18.47 -19.90
C15 DPV LB . -4.62 -18.17 -14.03
C16 DPV LB . -4.56 -16.82 -14.77
C17 DPV LB . -3.09 -16.37 -15.08
C18 DPV LB . -2.37 -15.71 -13.87
C19 DPV LB . -2.73 -14.20 -13.70
O1P DPV LB . -4.47 -23.43 -14.95
C20 DPV LB . -1.98 -13.52 -12.51
C21 DPV LB . -2.68 -13.76 -11.14
C22 DPV LB . -1.95 -13.03 -9.99
C23 DPV LB . -2.69 -13.17 -8.66
O2P DPV LB . -3.13 -21.44 -14.44
O3P DPV LB . -5.51 -21.11 -15.37
O4P DPV LB . -3.93 -21.81 -16.86
H1 DPV LB . -6.45 -22.16 -13.84
H1A DPV LB . -7.46 -20.96 -14.68
H2 DPV LB . -6.88 -20.15 -12.41
H2A DPV LB . -5.18 -20.36 -12.70
H3 DPV LB . -6.52 -17.96 -13.00
H3A DPV LB . -6.68 -18.55 -14.65
H4 DPV LB . -2.72 -20.64 -18.06
H4A DPV LB . -3.28 -19.83 -16.57
H5 DPV LB . -5.35 -20.76 -18.62
H5A DPV LB . -5.47 -19.43 -17.46
H6 DPV LB . -4.17 -20.51 -20.75
H6A DPV LB . -2.66 -19.83 -20.08
H6B DPV LB . -3.59 -18.90 -21.28
H7 DPV LB . -4.32 -17.22 -18.01
H7A DPV LB . -3.57 -17.00 -19.63
H7B DPV LB . -2.75 -18.01 -18.39
H8 DPV LB . -5.61 -17.77 -20.71
H8A DPV LB . -6.38 -17.97 -19.11
H8B DPV LB . -6.35 -19.34 -20.27
H15 DPV LB . -4.11 -18.93 -14.63
H15A DPV LB . -4.08 -18.08 -13.08
H16 DPV LB . -5.10 -16.90 -15.72
H16A DPV LB . -5.07 -16.05 -14.19
H17 DPV LB . -2.51 -17.24 -15.40
H17A DPV LB . -3.10 -15.68 -15.92
H18 DPV LB . -2.60 -16.25 -12.94
H18A DPV LB . -1.29 -15.79 -14.02
H19 DPV LB . -2.47 -13.67 -14.62
H19A DPV LB . -3.81 -14.09 -13.56
H20 DPV LB . -0.94 -13.89 -12.46
H20A DPV LB . -1.93 -12.45 -12.70
H21 DPV LB . -3.71 -13.38 -11.20
H21A DPV LB . -2.73 -14.82 -10.93
H22 DPV LB . -0.93 -13.44 -9.88
H22A DPV LB . -1.84 -11.96 -10.23
H23 DPV LB . -3.71 -12.75 -8.74
H23A DPV LB . -2.17 -12.64 -7.87
H23B DPV LB . -2.79 -14.22 -8.37
N DPV MB . 11.50 -10.94 -29.17
P DPV MB . 9.68 -13.61 -26.02
C1 DPV MB . 7.50 -14.95 -25.50
C2 DPV MB . 6.01 -14.76 -25.13
C3 DPV MB . 5.11 -15.93 -25.67
C4 DPV MB . 9.46 -12.46 -28.40
C5 DPV MB . 9.94 -11.12 -29.05
C6 DPV MB . 12.12 -12.02 -30.10
C7 DPV MB . 12.21 -11.00 -27.80
C8 DPV MB . 11.77 -9.57 -29.79
C15 DPV MB . 4.55 -16.87 -24.56
C16 DPV MB . 5.63 -17.84 -23.99
C17 DPV MB . 5.02 -18.81 -22.95
C18 DPV MB . 6.11 -19.66 -22.24
C19 DPV MB . 5.55 -20.50 -21.05
O1P DPV MB . 10.16 -14.80 -26.75
C20 DPV MB . 5.24 -19.66 -19.77
C21 DPV MB . 3.75 -19.78 -19.33
C22 DPV MB . 3.43 -19.00 -18.02
C23 DPV MB . 3.89 -19.76 -16.75
O2P DPV MB . 10.52 -13.33 -24.84
O3P DPV MB . 8.12 -13.65 -25.69
O4P DPV MB . 9.47 -12.33 -26.96
H1 DPV MB . 8.02 -15.49 -24.70
H1A DPV MB . 7.58 -15.51 -26.44
H2 DPV MB . 5.92 -14.68 -24.04
H2A DPV MB . 5.66 -13.83 -25.55
H3 DPV MB . 5.63 -16.52 -26.42
H3A DPV MB . 4.25 -15.48 -26.17
H4 DPV MB . 8.42 -12.68 -28.71
H4A DPV MB . 10.11 -13.28 -28.70
H5 DPV MB . 9.53 -11.05 -30.05
H5A DPV MB . 9.56 -10.27 -28.46
H6 DPV MB . 11.63 -11.97 -31.07
H6A DPV MB . 11.99 -13.00 -29.65
H6B DPV MB . 13.20 -11.80 -30.22
H7 DPV MB . 11.76 -10.25 -27.15
H7A DPV MB . 13.27 -10.80 -27.94
H7B DPV MB . 12.07 -11.99 -27.37
H8 DPV MB . 12.85 -9.42 -29.89
H8A DPV MB . 11.35 -8.80 -29.14
H8B DPV MB . 11.29 -9.52 -30.77
H15 DPV MB . 3.73 -17.45 -24.97
H15A DPV MB . 4.14 -16.27 -23.74
H16 DPV MB . 6.07 -18.41 -24.80
H16A DPV MB . 6.43 -17.25 -23.51
H17 DPV MB . 4.45 -18.24 -22.21
H17A DPV MB . 4.31 -19.46 -23.46
H18 DPV MB . 6.54 -20.34 -22.97
H18A DPV MB . 6.91 -19.02 -21.89
H19 DPV MB . 4.68 -21.06 -21.38
H19A DPV MB . 6.31 -21.24 -20.79
H20 DPV MB . 5.87 -20.01 -18.96
H20A DPV MB . 5.48 -18.60 -19.93
H21 DPV MB . 3.11 -19.39 -20.13
H21A DPV MB . 3.49 -20.83 -19.20
H22 DPV MB . 3.91 -18.02 -18.05
H22A DPV MB . 2.36 -18.83 -17.97
H23 DPV MB . 3.45 -20.76 -16.72
H23A DPV MB . 3.56 -19.21 -15.85
H23B DPV MB . 4.97 -19.84 -16.71
N DPV NB . -7.77 -13.60 -14.67
P DPV NB . -7.33 -15.15 -10.47
C1 DPV NB . -7.79 -15.38 -7.91
C2 DPV NB . -8.31 -14.58 -6.70
C3 DPV NB . -7.28 -13.58 -6.09
C4 DPV NB . -6.45 -13.61 -12.38
C5 DPV NB . -7.65 -13.04 -13.22
C6 DPV NB . -8.08 -15.11 -14.68
C7 DPV NB . -6.51 -13.30 -15.52
C8 DPV NB . -8.97 -12.88 -15.34
C15 DPV NB . -6.14 -14.28 -5.26
C16 DPV NB . -5.24 -13.28 -4.47
C17 DPV NB . -4.33 -12.40 -5.39
C18 DPV NB . -3.54 -11.29 -4.62
C19 DPV NB . -2.32 -11.81 -3.77
O1P DPV NB . -8.56 -15.64 -11.13
C20 DPV NB . -1.14 -12.45 -4.61
C21 DPV NB . -0.39 -11.49 -5.57
C22 DPV NB . 0.50 -10.44 -4.83
C23 DPV NB . 1.38 -9.64 -5.82
O2P DPV NB . -6.26 -16.17 -10.47
O3P DPV NB . -7.60 -14.50 -9.05
O4P DPV NB . -6.84 -13.73 -11.00
H1 DPV NB . -6.83 -15.86 -7.68
H1A DPV NB . -8.51 -16.15 -8.18
H2 DPV NB . -9.20 -14.04 -7.01
H2A DPV NB . -8.63 -15.29 -5.92
H3 DPV NB . -7.83 -12.90 -5.43
H3A DPV NB . -6.86 -12.97 -6.89
H4 DPV NB . -6.15 -14.60 -12.75
H4A DPV NB . -5.60 -12.94 -12.45
H5 DPV NB . -8.59 -13.28 -12.70
H5A DPV NB . -7.56 -11.95 -13.28
H6 DPV NB . -8.99 -15.28 -14.10
H6A DPV NB . -7.25 -15.64 -14.22
H6B DPV NB . -8.22 -15.44 -15.71
H7 DPV NB . -6.33 -12.23 -15.51
H7A DPV NB . -6.69 -13.65 -16.54
H7B DPV NB . -5.67 -13.84 -15.09
H8 DPV NB . -8.76 -11.81 -15.35
H8A DPV NB . -9.87 -13.09 -14.77
H8B DPV NB . -9.06 -13.26 -16.36
H15 DPV NB . -5.52 -14.87 -5.94
H15A DPV NB . -6.60 -14.98 -4.56
H16 DPV NB . -5.88 -12.65 -3.85
H16A DPV NB . -4.61 -13.86 -3.79
H17 DPV NB . -3.65 -13.05 -5.94
H17A DPV NB . -4.96 -11.90 -6.13
H18 DPV NB . -3.19 -10.55 -5.34
H18A DPV NB . -4.22 -10.76 -3.95
H19 DPV NB . -1.93 -10.98 -3.20
H19A DPV NB . -2.67 -12.55 -3.06
H20 DPV NB . -0.42 -12.88 -3.91
H20A DPV NB . -1.53 -13.29 -5.19
H21 DPV NB . 0.25 -12.09 -6.23
H21A DPV NB . -1.10 -10.97 -6.22
H22 DPV NB . -0.13 -9.75 -4.27
H22A DPV NB . 1.15 -10.95 -4.12
H23 DPV NB . 2.03 -10.31 -6.40
H23A DPV NB . 2.00 -8.93 -5.28
H23B DPV NB . 0.75 -9.08 -6.53
N DPV OB . 25.66 -9.79 11.44
P DPV OB . 24.50 -5.24 11.77
C1 DPV OB . 26.21 -3.49 10.84
C2 DPV OB . 27.62 -3.42 10.21
C3 DPV OB . 28.10 -1.94 10.09
C4 DPV OB . 24.20 -7.77 12.37
C5 DPV OB . 25.03 -9.06 12.67
C6 DPV OB . 26.63 -8.89 10.66
C7 DPV OB . 26.45 -11.00 11.96
C8 DPV OB . 24.57 -10.31 10.48
C15 DPV OB . 29.35 -1.75 9.15
C16 DPV OB . 29.06 -1.92 7.62
C17 DPV OB . 28.11 -0.82 7.05
C18 DPV OB . 27.68 -1.14 5.59
C19 DPV OB . 26.53 -0.18 5.15
O1P DPV OB . 24.18 -4.41 12.96
C20 DPV OB . 26.01 -0.53 3.72
C21 DPV OB . 24.84 0.43 3.31
C22 DPV OB . 24.25 0.08 1.90
C23 DPV OB . 23.28 -1.13 1.94
O2P DPV OB . 23.38 -5.30 10.82
O3P DPV OB . 25.90 -4.89 11.10
O4P DPV OB . 25.11 -6.66 12.14
H1 DPV OB . 26.19 -2.95 11.79
H1A DPV OB . 25.46 -3.07 10.15
H2 DPV OB . 28.33 -3.98 10.82
H2A DPV OB . 27.59 -3.88 9.23
H3 DPV OB . 28.36 -1.58 11.10
H3A DPV OB . 27.28 -1.31 9.75
H4 DPV OB . 23.57 -7.91 11.48
H4A DPV OB . 23.56 -7.53 13.22
H5 DPV OB . 25.84 -8.81 13.36
H5A DPV OB . 24.38 -9.79 13.18
H6 DPV OB . 27.39 -8.52 11.35
H6A DPV OB . 26.07 -8.05 10.23
H6B DPV OB . 27.11 -9.47 9.86
H7 DPV OB . 25.77 -11.66 12.51
H7A DPV OB . 27.25 -10.64 12.62
H7B DPV OB . 26.89 -11.54 11.11
H8 DPV OB . 23.88 -10.94 11.05
H8A DPV OB . 25.05 -10.89 9.69
H8B DPV OB . 24.04 -9.46 10.05
H15 DPV OB . 30.12 -2.47 9.45
H15A DPV OB . 29.77 -0.76 9.33
H16 DPV OB . 30.01 -1.87 7.08
H16A DPV OB . 28.64 -2.90 7.44
H17 DPV OB . 27.22 -0.74 7.67
H17A DPV OB . 28.62 0.15 7.07
H18 DPV OB . 28.52 -1.03 4.91
H18A DPV OB . 27.32 -2.17 5.54
H19 DPV OB . 25.70 -0.25 5.86
H19A DPV OB . 26.89 0.85 5.15
H20 DPV OB . 26.82 -0.45 3.01
H20A DPV OB . 25.66 -1.57 3.71
H21 DPV OB . 24.05 0.40 4.06
H21A DPV OB . 25.23 1.45 3.28
H22 DPV OB . 23.70 0.96 1.54
H22A DPV OB . 25.05 -0.10 1.20
H23 DPV OB . 22.46 -0.94 2.64
H23A DPV OB . 23.80 -2.04 2.24
H23B DPV OB . 22.85 -1.29 0.95
N GLY A 1 -4.23 2.67 -5.72
CA GLY A 1 -3.20 1.89 -6.42
C GLY A 1 -2.45 0.98 -5.49
N LEU A 2 -1.94 -0.13 -6.01
CA LEU A 2 -1.25 -1.13 -5.17
C LEU A 2 -0.06 -0.60 -4.38
N LEU A 3 0.66 0.40 -4.87
CA LEU A 3 1.78 0.96 -4.09
C LEU A 3 1.25 1.56 -2.78
N LYS A 4 0.12 2.23 -2.84
CA LYS A 4 -0.50 2.81 -1.64
C LYS A 4 -1.07 1.69 -0.77
N TRP A 5 -1.58 0.64 -1.40
CA TRP A 5 -2.10 -0.51 -0.65
C TRP A 5 -1.00 -1.17 0.18
N ILE A 6 0.16 -1.41 -0.42
CA ILE A 6 1.27 -2.00 0.31
C ILE A 6 1.72 -1.03 1.42
N LYS A 7 1.69 0.27 1.14
CA LYS A 7 2.01 1.27 2.19
C LYS A 7 1.02 1.24 3.35
N THR A 8 -0.22 0.87 3.08
CA THR A 8 -1.24 0.76 4.12
C THR A 8 -0.93 -0.39 5.04
N LEU A 9 -0.42 -1.47 4.47
CA LEU A 9 -0.06 -2.67 5.24
C LEU A 9 1.26 -2.45 6.00
N LEU A 10 2.09 -1.56 5.47
CA LEU A 10 3.33 -1.17 6.11
C LEU A 10 3.02 -0.32 7.35
N NH2 A 11 2.12 0.64 7.22
HN1 NH2 A 11 1.68 0.81 6.32
HN2 NH2 A 11 1.90 1.22 7.99
UNK UNX B . 13.19 -12.72 -4.40
N DPV C . 12.88 -18.34 -23.65
P DPV C . 12.29 -21.92 -19.89
C1 DPV C . 10.45 -21.33 -18.15
C2 DPV C . 10.38 -20.27 -17.02
C3 DPV C . 11.58 -20.36 -16.04
C4 DPV C . 12.62 -19.84 -21.49
C5 DPV C . 13.01 -19.75 -23.00
C6 DPV C . 11.40 -17.92 -23.73
C7 DPV C . 13.40 -18.45 -25.08
C8 DPV C . 13.68 -17.26 -22.91
C15 DPV C . 11.39 -21.49 -14.99
C16 DPV C . 12.66 -21.64 -14.07
C17 DPV C . 12.64 -22.95 -13.26
C18 DPV C . 12.98 -24.22 -14.11
C19 DPV C . 12.19 -25.51 -13.72
O1P DPV C . 13.68 -21.94 -19.36
C20 DPV C . 10.72 -25.50 -14.21
C21 DPV C . 9.69 -25.24 -13.04
C22 DPV C . 8.24 -24.95 -13.53
C23 DPV C . 8.11 -23.56 -14.19
O2P DPV C . 11.70 -23.27 -19.92
O3P DPV C . 11.36 -20.86 -19.16
O4P DPV C . 12.17 -21.18 -21.29
H1 DPV C . 10.79 -22.28 -17.74
H1A DPV C . 9.46 -21.45 -18.61
H2 DPV C . 10.36 -19.28 -17.48
H2A DPV C . 9.44 -20.38 -16.49
H3 DPV C . 11.70 -19.40 -15.55
H3A DPV C . 12.51 -20.52 -16.61
H4 DPV C . 13.47 -19.62 -20.85
H4A DPV C . 11.80 -19.17 -21.26
H5 DPV C . 14.07 -20.07 -23.09
H5A DPV C . 12.41 -20.43 -23.57
H6 DPV C . 10.84 -18.69 -24.26
H6A DPV C . 11.32 -16.98 -24.27
H6B DPV C . 11.00 -17.79 -22.72
H7 DPV C . 12.82 -19.22 -25.60
H7A DPV C . 14.46 -18.72 -25.05
H7B DPV C . 13.27 -17.48 -25.60
H8 DPV C . 14.72 -17.58 -22.86
H8A DPV C . 13.27 -17.14 -21.90
H8B DPV C . 13.60 -16.33 -23.47
H15 DPV C . 11.19 -22.42 -15.51
H15A DPV C . 10.53 -21.26 -14.36
H16 DPV C . 13.56 -21.59 -14.66
H16A DPV C . 12.70 -20.79 -13.39
H17 DPV C . 13.37 -22.86 -12.45
H17A DPV C . 11.66 -23.07 -12.78
H18 DPV C . 12.81 -24.02 -15.18
H18A DPV C . 14.05 -24.41 -14.02
H19 DPV C . 12.69 -26.36 -14.18
H19A DPV C . 12.24 -25.68 -12.64
H20 DPV C . 10.59 -24.73 -14.98
H20A DPV C . 10.49 -26.46 -14.68
H21 DPV C . 9.67 -26.13 -12.40
H21A DPV C . 10.03 -24.42 -12.40
H22 DPV C . 7.91 -25.70 -14.24
H22A DPV C . 7.56 -25.01 -12.67
H23 DPV C . 7.06 -23.31 -14.35
H23A DPV C . 8.63 -23.53 -15.15
H23B DPV C . 8.55 -22.78 -13.54
N DPV D . 18.82 -31.04 -10.27
P DPV D . 19.28 -30.99 -14.82
C1 DPV D . 21.55 -30.84 -16.08
C2 DPV D . 22.98 -30.52 -15.60
C3 DPV D . 23.45 -29.12 -16.04
C4 DPV D . 19.29 -29.71 -12.52
C5 DPV D . 18.24 -30.41 -11.58
C6 DPV D . 19.63 -30.05 -9.43
C7 DPV D . 17.65 -31.53 -9.40
C8 DPV D . 19.68 -32.28 -10.60
C15 DPV D . 24.92 -28.83 -15.58
C16 DPV D . 25.44 -27.46 -16.09
C17 DPV D . 24.94 -26.26 -15.24
C18 DPV D . 25.28 -24.88 -15.87
C19 DPV D . 24.61 -23.68 -15.10
O1P DPV D . 19.53 -32.27 -14.09
C20 DPV D . 25.25 -23.41 -13.70
C21 DPV D . 24.51 -22.32 -12.92
C22 DPV D . 24.96 -22.31 -11.44
C23 DPV D . 24.23 -21.21 -10.65
O2P DPV D . 18.38 -31.19 -15.98
O3P DPV D . 20.61 -30.21 -15.18
O4P DPV D . 18.83 -29.78 -13.89
H1 DPV D . 21.38 -30.49 -17.10
H1A DPV D . 21.41 -31.93 -16.02
H2 DPV D . 23.02 -30.61 -14.52
H2A DPV D . 23.66 -31.28 -16.00
H3 DPV D . 22.79 -28.37 -15.63
H3A DPV D . 23.41 -29.05 -17.13
H4 DPV D . 19.42 -28.67 -12.24
H4A DPV D . 20.25 -30.24 -12.45
H5 DPV D . 17.49 -29.68 -11.28
H5A DPV D . 17.72 -31.22 -12.14
H6 DPV D . 20.48 -29.68 -10.01
H6A DPV D . 20.01 -30.55 -8.53
H6B DPV D . 18.98 -29.22 -9.14
H7 DPV D . 18.04 -31.96 -8.47
H7A DPV D . 17.10 -32.28 -9.97
H7B DPV D . 17.02 -30.67 -9.16
H8 DPV D . 20.59 -31.93 -11.09
H8A DPV D . 19.11 -32.95 -11.27
H8B DPV D . 19.94 -32.80 -9.67
H15 DPV D . 25.57 -29.61 -15.94
H15A DPV D . 24.97 -28.86 -14.49
H16 DPV D . 26.53 -27.46 -16.07
H16A DPV D . 25.15 -27.32 -17.14
H17 DPV D . 23.88 -26.34 -15.07
H17A DPV D . 25.41 -26.32 -14.26
H18 DPV D . 26.36 -24.74 -15.92
H18A DPV D . 24.91 -24.86 -16.89
H19 DPV D . 24.71 -22.78 -15.72
H19A DPV D . 23.54 -23.88 -14.98
H20 DPV D . 25.23 -24.33 -13.12
H20A DPV D . 26.29 -23.12 -13.84
H21 DPV D . 24.70 -21.34 -13.37
H21A DPV D . 23.43 -22.50 -12.98
H22 DPV D . 24.73 -23.28 -10.99
H22A DPV D . 26.04 -22.14 -11.36
H23 DPV D . 24.59 -21.20 -9.61
H23A DPV D . 23.14 -21.41 -10.61
H23B DPV D . 24.38 -20.21 -11.08
N DPV E . 24.97 -30.93 -1.80
P DPV E . 21.62 -33.11 -3.93
C1 DPV E . 22.02 -35.67 -4.39
C2 DPV E . 21.15 -36.65 -5.20
C3 DPV E . 19.65 -36.35 -4.97
C4 DPV E . 24.07 -32.12 -4.01
C5 DPV E . 23.99 -30.89 -3.03
C6 DPV E . 26.43 -31.07 -2.25
C7 DPV E . 24.64 -32.09 -0.84
C8 DPV E . 24.81 -29.60 -1.04
C15 DPV E . 18.72 -37.15 -5.92
C16 DPV E . 17.23 -36.70 -5.80
C17 DPV E . 16.95 -35.38 -6.55
C18 DPV E . 15.49 -34.93 -6.41
C19 DPV E . 15.23 -33.61 -7.17
O1P DPV E . 20.31 -32.47 -4.11
C20 DPV E . 13.73 -33.22 -7.13
C21 DPV E . 13.48 -31.86 -7.85
C22 DPV E . 11.95 -31.54 -7.91
C23 DPV E . 11.67 -30.15 -8.51
O2P DPV E . 21.89 -33.42 -2.50
O3P DPV E . 21.86 -34.33 -4.94
O4P DPV E . 22.81 -32.32 -4.68
H1 DPV E . 21.70 -35.68 -3.34
H1A DPV E . 23.08 -35.96 -4.46
H2 DPV E . 21.40 -36.54 -6.25
H2A DPV E . 21.35 -37.67 -4.91
H3 DPV E . 19.47 -35.28 -5.10
H3A DPV E . 19.38 -36.58 -3.94
H4 DPV E . 24.84 -31.95 -4.76
H4A DPV E . 24.29 -33.04 -3.44
H5 DPV E . 24.19 -29.97 -3.59
H5A DPV E . 22.97 -30.81 -2.61
H6 DPV E . 26.68 -30.25 -2.94
H6A DPV E . 26.57 -32.03 -2.76
H6B DPV E . 27.08 -31.01 -1.37
H7 DPV E . 25.31 -32.06 0.02
H7A DPV E . 24.77 -33.05 -1.37
H7B DPV E . 23.61 -31.98 -0.52
H8 DPV E . 25.45 -29.64 -0.15
H8A DPV E . 23.77 -29.50 -0.74
H8B DPV E . 25.12 -28.79 -1.69
H15 DPV E . 18.79 -38.21 -5.69
H15A DPV E . 19.04 -37.03 -6.95
H16 DPV E . 16.62 -37.50 -6.20
H16A DPV E . 16.97 -36.59 -4.75
H17 DPV E . 17.60 -34.59 -6.16
H17A DPV E . 17.20 -35.50 -7.61
H18 DPV E . 14.82 -35.70 -6.81
H18A DPV E . 15.24 -34.80 -5.35
H19 DPV E . 15.82 -32.81 -6.72
H19A DPV E . 15.57 -33.71 -8.20
H20 DPV E . 13.15 -34.01 -7.63
H20A DPV E . 13.40 -33.16 -6.10
H21 DPV E . 13.98 -31.07 -7.32
H21A DPV E . 13.88 -31.89 -8.86
H22 DPV E . 11.45 -32.31 -8.50
H22A DPV E . 11.52 -31.58 -6.90
H23 DPV E . 12.16 -29.38 -7.93
H23A DPV E . 10.61 -29.95 -8.48
H23B DPV E . 12.00 -30.10 -9.56
N DPV F . 24.21 -29.65 8.46
P DPV F . 24.28 -29.83 3.22
C1 DPV F . 25.57 -27.56 3.06
C2 DPV F . 26.72 -26.87 2.26
C3 DPV F . 26.70 -25.32 2.40
C4 DPV F . 24.08 -29.99 5.83
C5 DPV F . 24.98 -29.93 7.12
C6 DPV F . 25.22 -29.67 9.62
C7 DPV F . 23.53 -28.26 8.46
C8 DPV F . 23.14 -30.72 8.75
C15 DPV F . 25.42 -24.69 1.80
C16 DPV F . 25.49 -23.14 1.69
C17 DPV F . 24.15 -22.54 1.14
C18 DPV F . 22.99 -22.50 2.21
C19 DPV F . 21.65 -23.17 1.74
O1P DPV F . 24.16 -31.10 2.52
C20 DPV F . 21.63 -24.73 1.83
C21 DPV F . 21.65 -25.41 0.44
C22 DPV F . 21.65 -26.95 0.56
C23 DPV F . 21.48 -27.61 -0.82
O2P DPV F . 23.01 -29.06 3.20
O3P DPV F . 25.54 -28.97 2.73
O4P DPV F . 24.94 -29.94 4.67
H1 DPV F . 25.74 -27.45 4.13
H1A DPV F . 24.62 -27.10 2.77
H2 DPV F . 27.68 -27.26 2.63
H2A DPV F . 26.65 -27.15 1.20
H3 DPV F . 27.59 -24.90 1.92
H3A DPV F . 26.77 -25.04 3.46
H4 DPV F . 23.50 -30.92 5.81
H4A DPV F . 23.42 -29.12 5.79
H5 DPV F . 25.50 -30.87 7.23
H5A DPV F . 25.71 -29.11 7.00
H6 DPV F . 25.70 -30.64 9.66
H6A DPV F . 24.70 -29.46 10.56
H6B DPV F . 25.98 -28.89 9.43
H7 DPV F . 22.74 -28.25 7.69
H7A DPV F . 24.28 -27.49 8.24
H7B DPV F . 23.09 -28.08 9.45
H8 DPV F . 23.63 -31.71 8.79
H8A DPV F . 22.39 -30.70 7.96
H8B DPV F . 22.67 -30.50 9.72
H15 DPV F . 24.58 -24.95 2.44
H15A DPV F . 25.23 -25.10 0.81
H16 DPV F . 25.70 -22.72 2.67
H16A DPV F . 26.30 -22.85 1.02
H17 DPV F . 24.34 -21.53 0.82
H17A DPV F . 23.83 -23.10 0.26
H18 DPV F . 23.29 -22.97 3.15
H18A DPV F . 22.79 -21.46 2.43
H19 DPV F . 20.87 -22.79 2.38
H19A DPV F . 21.42 -22.85 0.72
H20 DPV F . 22.45 -25.09 2.45
H20A DPV F . 20.73 -25.03 2.35
H21 DPV F . 20.78 -25.09 -0.13
H21A DPV F . 22.55 -25.10 -0.12
H22 DPV F . 22.58 -27.29 1.03
H22A DPV F . 20.83 -27.25 1.21
H23 DPV F . 21.42 -28.69 -0.73
H23A DPV F . 22.31 -27.37 -1.47
H23B DPV F . 20.57 -27.25 -1.30
N DPV G . 29.29 -20.97 4.64
P DPV G . 27.79 -16.33 6.60
C1 DPV G . 26.08 -14.47 6.02
C2 DPV G . 24.67 -14.30 5.42
C3 DPV G . 24.34 -12.80 5.19
C4 DPV G . 28.77 -18.55 5.60
C5 DPV G . 28.35 -19.72 4.66
C6 DPV G . 29.31 -21.66 6.01
C7 DPV G . 30.72 -20.63 4.20
C8 DPV G . 28.70 -21.99 3.65
C15 DPV G . 23.02 -12.63 4.39
C16 DPV G . 22.67 -11.13 4.18
C17 DPV G . 21.52 -10.96 3.16
C18 DPV G . 21.13 -9.47 3.00
C19 DPV G . 20.02 -9.23 1.92
O1P DPV G . 27.87 -16.55 8.05
C20 DPV G . 20.54 -9.31 0.46
C21 DPV G . 19.49 -8.84 -0.60
C22 DPV G . 18.50 -9.97 -1.03
C23 DPV G . 17.68 -9.53 -2.27
O2P DPV G . 28.89 -15.46 6.11
O3P DPV G . 26.36 -15.88 6.11
O4P DPV G . 27.63 -17.66 5.75
H1 DPV G . 26.82 -14.01 5.37
H1A DPV G . 26.12 -14.05 7.03
H2 DPV G . 24.62 -14.84 4.47
H2A DPV G . 23.93 -14.73 6.10
H3 DPV G . 25.16 -12.31 4.64
H3A DPV G . 24.25 -12.30 6.15
H4 DPV G . 29.04 -18.93 6.59
H4A DPV G . 29.62 -18.00 5.19
H5 DPV G . 27.36 -20.07 4.92
H5A DPV G . 28.32 -19.35 3.63
H6 DPV G . 29.88 -22.59 5.95
H6A DPV G . 28.28 -21.86 6.31
H6B DPV G . 29.77 -20.98 6.73
H7 DPV G . 30.68 -20.19 3.20
H7A DPV G . 31.32 -21.56 4.18
H7B DPV G . 31.17 -19.93 4.92
H8 DPV G . 28.62 -21.51 2.66
H8A DPV G . 27.70 -22.28 3.99
H8B DPV G . 29.35 -22.87 3.59
H15 DPV G . 22.19 -13.11 4.92
H15A DPV G . 23.10 -13.12 3.42
H16 DPV G . 22.38 -10.69 5.15
H16A DPV G . 23.55 -10.60 3.83
H17 DPV G . 21.84 -11.35 2.19
H17A DPV G . 20.65 -11.53 3.48
H18 DPV G . 20.77 -9.10 3.97
H18A DPV G . 22.02 -8.88 2.75
H19 DPV G . 19.21 -9.95 2.07
H19A DPV G . 19.61 -8.22 2.07
H20 DPV G . 21.41 -8.67 0.35
H20A DPV G . 20.86 -10.33 0.23
H21 DPV G . 18.94 -8.01 -0.19
H21A DPV G . 20.03 -8.49 -1.48
H22 DPV G . 19.05 -10.88 -1.27
H22A DPV G . 17.83 -10.22 -0.21
H23 DPV G . 16.93 -10.30 -2.52
H23A DPV G . 18.33 -9.40 -3.14
H23B DPV G . 17.17 -8.59 -2.06
N DPV H . 20.26 -5.42 12.79
P DPV H . 20.56 -1.35 10.60
C1 DPV H . 21.95 -2.86 8.87
C2 DPV H . 23.41 -2.33 9.06
C3 DPV H . 24.47 -3.26 8.40
C4 DPV H . 19.36 -3.00 12.19
C5 DPV H . 19.05 -4.53 12.33
C6 DPV H . 20.68 -5.08 14.24
C7 DPV H . 21.50 -5.31 11.89
C8 DPV H . 19.75 -6.86 12.75
C15 DPV H . 24.55 -4.68 9.02
C16 DPV H . 25.69 -5.52 8.39
C17 DPV H . 25.63 -7.03 8.78
C18 DPV H . 24.62 -7.85 7.92
C19 DPV H . 25.17 -8.21 6.49
O1P DPV H . 19.56 -0.27 10.60
C20 DPV H . 24.13 -8.02 5.36
C21 DPV H . 24.07 -6.57 4.76
C22 DPV H . 22.92 -5.73 5.30
C23 DPV H . 22.95 -4.28 4.77
O2P DPV H . 21.71 -1.03 11.45
O3P DPV H . 20.96 -1.79 9.08
O4P DPV H . 19.93 -2.77 10.88
H1 DPV H . 21.83 -3.21 7.84
H1A DPV H . 21.74 -3.67 9.56
H2 DPV H . 23.47 -1.34 8.61
H2A DPV H . 23.61 -2.21 10.12
H3 DPV H . 25.44 -2.76 8.53
H3A DPV H . 24.28 -3.33 7.33
H4 DPV H . 18.44 -2.43 12.27
H4A DPV H . 20.08 -2.66 12.96
H5 DPV H . 18.23 -4.66 13.04
H5A DPV H . 18.72 -4.92 11.37
H6 DPV H . 19.81 -5.21 14.89
H6A DPV H . 21.05 -4.06 14.29
H6B DPV H . 21.47 -5.77 14.55
H7 DPV H . 21.89 -4.30 11.97
H7A DPV H . 21.20 -5.51 10.85
H7B DPV H . 22.25 -6.03 12.21
H8 DPV H . 19.52 -7.12 11.72
H8A DPV H . 18.85 -6.93 13.36
H8B DPV H . 20.51 -7.52 13.15
H15 DPV H . 23.59 -5.18 8.88
H15A DPV H . 24.72 -4.63 10.10
H16 DPV H . 25.68 -5.41 7.29
H16A DPV H . 26.65 -5.11 8.72
H17 DPV H . 26.62 -7.47 8.69
H17A DPV H . 25.35 -7.12 9.84
H18 DPV H . 24.38 -8.78 8.45
H18A DPV H . 23.69 -7.28 7.86
H19 DPV H . 26.07 -7.63 6.29
H19A DPV H . 25.49 -9.26 6.49
H20 DPV H . 24.44 -8.69 4.54
H20A DPV H . 23.15 -8.37 5.66
H21 DPV H . 25.03 -6.04 4.91
H21A DPV H . 23.95 -6.66 3.67
H22 DPV H . 21.96 -6.17 5.02
H22A DPV H . 22.95 -5.69 6.40
H23 DPV H . 22.88 -4.28 3.69
H23A DPV H . 23.91 -3.81 5.05
H23B DPV H . 22.13 -3.69 5.19
N DPV I . 26.97 0.57 2.00
P DPV I . 28.61 -3.68 1.00
C1 DPV I . 27.26 -5.88 0.78
C2 DPV I . 25.93 -6.52 1.18
C3 DPV I . 25.83 -7.97 0.64
C4 DPV I . 28.87 -1.28 2.03
C5 DPV I . 28.03 -0.26 1.19
C6 DPV I . 26.04 -0.29 2.88
C7 DPV I . 26.10 1.33 0.97
C8 DPV I . 27.66 1.62 2.89
C15 DPV I . 24.48 -8.62 1.04
C16 DPV I . 24.23 -9.99 0.34
C17 DPV I . 25.10 -11.14 0.94
C18 DPV I . 24.50 -12.53 0.63
C19 DPV I . 25.38 -13.65 1.22
O1P DPV I . 29.89 -4.34 1.34
C20 DPV I . 24.70 -15.04 1.13
C21 DPV I . 25.63 -16.16 1.70
C22 DPV I . 25.01 -17.55 1.45
C23 DPV I . 25.88 -18.66 2.08
O2P DPV I . 28.58 -3.20 -0.39
O3P DPV I . 27.34 -4.55 1.37
O4P DPV I . 28.18 -2.56 2.05
H1 DPV I . 28.10 -6.49 1.15
H1A DPV I . 27.32 -5.80 -0.31
H2 DPV I . 25.84 -6.52 2.26
H2A DPV I . 25.10 -5.92 0.78
H3 DPV I . 26.65 -8.57 1.03
H3A DPV I . 25.93 -7.94 -0.45
H4 DPV I . 29.86 -1.42 1.58
H4A DPV I . 29.01 -0.92 3.05
H5 DPV I . 28.69 0.46 0.72
H5A DPV I . 27.48 -0.78 0.41
H6 DPV I . 26.66 -0.88 3.58
H6A DPV I . 25.45 -0.95 2.23
H6B DPV I . 25.37 0.37 3.45
H7 DPV I . 25.36 1.92 1.50
H7A DPV I . 25.60 0.62 0.32
H7B DPV I . 26.75 1.99 0.39
H8 DPV I . 28.26 2.28 2.25
H8A DPV I . 28.31 1.10 3.60
H8B DPV I . 26.89 2.19 3.43
H15 DPV I . 23.68 -7.94 0.73
H15A DPV I . 24.41 -8.73 2.11
H16 DPV I . 23.17 -10.24 0.47
H16A DPV I . 24.39 -9.89 -0.74
H17 DPV I . 26.12 -11.10 0.52
H17A DPV I . 25.19 -11.02 2.02
H18 DPV I . 23.47 -12.60 1.02
H18A DPV I . 24.43 -12.66 -0.45
H19 DPV I . 26.34 -13.67 0.68
H19A DPV I . 25.60 -13.43 2.27
H20 DPV I . 23.76 -15.02 1.68
H20A DPV I . 24.46 -15.25 0.07
H21 DPV I . 26.60 -16.10 1.21
H21A DPV I . 25.77 -16.00 2.77
H22 DPV I . 24.00 -17.60 1.89
H22A DPV I . 24.90 -17.75 0.38
H23 DPV I . 25.44 -19.65 1.90
H23A DPV I . 25.94 -18.51 3.17
H23B DPV I . 26.89 -18.66 1.65
N DPV J . 4.32 6.11 -3.45
P DPV J . 5.36 7.18 0.45
C1 DPV J . 7.51 7.98 1.70
C2 DPV J . 9.05 7.76 1.65
C3 DPV J . 9.61 7.75 0.19
C4 DPV J . 6.37 6.10 -1.73
C5 DPV J . 5.69 5.50 -3.02
C6 DPV J . 4.34 7.67 -3.49
C7 DPV J . 3.17 5.63 -2.53
C8 DPV J . 4.02 5.63 -4.87
C15 DPV J . 9.90 6.30 -0.31
C16 DPV J . 10.25 6.27 -1.82
C17 DPV J . 10.73 4.85 -2.29
C18 DPV J . 9.59 3.86 -2.68
C19 DPV J . 9.04 3.05 -1.45
O1P DPV J . 5.21 8.50 -0.21
C20 DPV J . 7.98 2.01 -1.89
C21 DPV J . 7.38 1.26 -0.66
C22 DPV J . 6.45 0.07 -1.05
C23 DPV J . 5.09 0.52 -1.65
O2P DPV J . 4.31 6.95 1.45
O3P DPV J . 6.82 6.90 1.01
O4P DPV J . 5.51 5.96 -0.59
H1 DPV J . 7.17 8.00 2.74
H1A DPV J . 7.27 8.93 1.22
H2 DPV J . 9.52 8.59 2.18
H2A DPV J . 9.31 6.84 2.17
H3 DPV J . 10.55 8.30 0.19
H3A DPV J . 8.93 8.26 -0.50
H4 DPV J . 7.31 5.61 -1.54
H4A DPV J . 6.60 7.16 -1.90
H5 DPV J . 6.38 5.63 -3.86
H5A DPV J . 5.54 4.43 -2.88
H6 DPV J . 3.39 8.02 -3.87
H6A DPV J . 5.15 7.99 -4.14
H6B DPV J . 4.49 8.04 -2.48
H7 DPV J . 3.32 6.06 -1.52
H7A DPV J . 3.19 4.54 -2.48
H7B DPV J . 2.22 5.98 -2.94
H8 DPV J . 4.00 4.54 -4.87
H8A DPV J . 4.81 6.01 -5.54
H8B DPV J . 3.04 6.01 -5.18
H15 DPV J . 9.01 5.69 -0.11
H15A DPV J . 10.71 5.88 0.27
H16 DPV J . 9.38 6.59 -2.40
H16A DPV J . 11.04 6.98 -2.02
H17 DPV J . 11.32 5.00 -3.20
H17A DPV J . 11.40 4.41 -1.56
H18 DPV J . 8.77 4.39 -3.16
H18A DPV J . 9.98 3.14 -3.41
H19 DPV J . 9.85 2.54 -0.95
H19A DPV J . 8.60 3.74 -0.73
H20 DPV J . 7.19 2.50 -2.45
H20A DPV J . 8.45 1.29 -2.55
H21 DPV J . 8.20 0.87 -0.05
H21A DPV J . 6.82 1.96 -0.04
H22 DPV J . 6.96 -0.58 -1.78
H22A DPV J . 6.26 -0.54 -0.17
H23 DPV J . 5.24 1.16 -2.52
H23A DPV J . 4.52 1.08 -0.89
H23B DPV J . 4.51 -0.36 -1.94
N DPV K . 6.04 0.97 -20.17
P DPV K . 7.30 4.62 -16.62
C1 DPV K . 8.80 5.12 -14.57
C2 DPV K . 9.53 4.35 -13.46
C3 DPV K . 9.53 5.16 -12.13
C4 DPV K . 6.54 2.89 -18.40
C5 DPV K . 6.91 1.48 -18.96
C6 DPV K . 4.57 0.81 -19.76
C7 DPV K . 6.57 -0.39 -20.60
C8 DPV K . 6.17 1.94 -21.37
C15 DPV K . 10.01 4.30 -10.94
C16 DPV K . 9.90 5.07 -9.60
C17 DPV K . 10.30 4.19 -8.39
C18 DPV K . 9.12 3.33 -7.84
C19 DPV K . 9.61 2.39 -6.71
O1P DPV K . 7.60 5.82 -17.45
C20 DPV K . 8.46 1.46 -6.19
C21 DPV K . 9.06 0.32 -5.30
C22 DPV K . 7.98 -0.68 -4.78
C23 DPV K . 7.56 -1.72 -5.85
O2P DPV K . 6.00 4.72 -15.94
O3P DPV K . 8.48 4.22 -15.64
O4P DPV K . 7.50 3.24 -17.39
H1 DPV K . 7.86 5.53 -14.18
H1A DPV K . 9.41 5.95 -14.95
H2 DPV K . 9.03 3.39 -13.30
H2A DPV K . 10.56 4.15 -13.78
H3 DPV K . 8.52 5.53 -11.94
H3A DPV K . 10.18 6.04 -12.24
H4 DPV K . 6.58 3.65 -19.19
H4A DPV K . 5.53 2.87 -17.96
H5 DPV K . 7.95 1.49 -19.30
H5A DPV K . 6.82 0.72 -18.17
H6 DPV K . 4.15 1.79 -19.47
H6A DPV K . 4.52 0.12 -18.92
H6B DPV K . 4.01 0.43 -20.62
H7 DPV K . 6.00 -0.73 -21.46
H7A DPV K . 6.48 -1.10 -19.77
H7B DPV K . 7.62 -0.28 -20.88
H8 DPV K . 5.60 1.52 -22.23
H8A DPV K . 7.23 2.04 -21.64
H8B DPV K . 5.75 2.91 -21.09
H15 DPV K . 11.06 3.99 -11.11
H15A DPV K . 9.42 3.39 -10.89
H16 DPV K . 10.56 5.94 -9.65
H16A DPV K . 8.89 5.46 -9.45
H17 DPV K . 11.15 3.54 -8.65
H17A DPV K . 10.65 4.84 -7.57
H18 DPV K . 8.32 4.00 -7.47
H18A DPV K . 8.70 2.73 -8.65
H19 DPV K . 10.42 1.78 -7.09
H19A DPV K . 10.01 2.98 -5.88
H20 DPV K . 7.74 2.05 -5.63
H20A DPV K . 7.96 1.02 -7.06
H21 DPV K . 9.83 -0.21 -5.85
H21A DPV K . 9.54 0.79 -4.43
H22 DPV K . 8.41 -1.22 -3.93
H22A DPV K . 7.11 -0.15 -4.43
H23 DPV K . 8.43 -2.28 -6.22
H23A DPV K . 7.07 -1.24 -6.70
H23B DPV K . 6.86 -2.44 -5.41
N DPV L . -1.28 -11.81 -23.08
P DPV L . 0.91 -8.99 -19.99
C1 DPV L . 1.88 -9.61 -17.62
C2 DPV L . 1.79 -8.35 -16.71
C3 DPV L . 2.38 -8.63 -15.30
C4 DPV L . -0.52 -11.08 -20.67
C5 DPV L . -0.11 -11.56 -22.09
C6 DPV L . -0.65 -12.37 -24.38
C7 DPV L . -2.30 -12.83 -22.55
C8 DPV L . -2.01 -10.50 -23.42
C15 DPV L . 2.03 -7.49 -14.31
C16 DPV L . 2.75 -7.66 -12.94
C17 DPV L . 2.12 -6.72 -11.86
C18 DPV L . 2.98 -6.65 -10.57
C19 DPV L . 2.41 -5.59 -9.56
O1P DPV L . 1.29 -8.44 -21.30
C20 DPV L . 3.41 -5.31 -8.41
C21 DPV L . 2.78 -4.36 -7.34
C22 DPV L . 3.84 -3.84 -6.34
C23 DPV L . 3.21 -2.84 -5.34
O2P DPV L . -0.20 -8.23 -19.38
O3P DPV L . 2.14 -9.20 -19.00
O4P DPV L . 0.64 -10.57 -20.02
H1 DPV L . 2.68 -10.26 -17.29
H1A DPV L . 0.92 -10.15 -17.57
H2 DPV L . 2.34 -7.54 -17.18
H2A DPV L . 0.75 -8.05 -16.64
H3 DPV L . 3.46 -8.74 -15.37
H3A DPV L . 1.97 -9.57 -14.91
H4 DPV L . -1.28 -10.29 -20.73
H4A DPV L . -0.93 -11.91 -20.09
H5 DPV L . 0.56 -10.83 -22.54
H5A DPV L . 0.43 -12.50 -22.01
H6 DPV L . 0.05 -11.64 -24.78
H6A DPV L . -1.44 -12.57 -25.12
H6B DPV L . -0.14 -13.30 -24.15
H7 DPV L . -3.01 -13.07 -23.34
H7A DPV L . -2.82 -12.41 -21.70
H7B DPV L . -1.77 -13.75 -22.25
H8 DPV L . -2.51 -10.14 -22.52
H8A DPV L . -2.75 -10.70 -24.20
H8B DPV L . -1.28 -9.74 -23.77
H15 DPV L . 0.94 -7.47 -14.15
H15A DPV L . 2.31 -6.51 -14.74
H16 DPV L . 2.68 -8.69 -12.60
H16A DPV L . 3.81 -7.42 -13.06
H17 DPV L . 2.03 -5.71 -12.26
H17A DPV L . 1.12 -7.07 -11.60
H18 DPV L . 2.98 -7.63 -10.10
H18A DPV L . 4.01 -6.41 -10.83
H19 DPV L . 2.20 -4.66 -10.09
H19A DPV L . 1.47 -5.95 -9.14
H20 DPV L . 3.70 -6.24 -7.93
H20A DPV L . 4.31 -4.85 -8.84
H21 DPV L . 2.31 -3.51 -7.83
H21A DPV L . 1.99 -4.88 -6.80
H22 DPV L . 4.26 -4.68 -5.79
H22A DPV L . 4.65 -3.33 -6.87
H23 DPV L . 3.98 -2.51 -4.64
H23A DPV L . 2.41 -3.32 -4.78
H23B DPV L . 2.80 -1.96 -5.85
N DPV M . 4.16 -7.38 -23.63
P DPV M . 7.18 -10.49 -25.47
C1 DPV M . 7.08 -11.62 -23.11
C2 DPV M . 7.71 -11.55 -21.71
C3 DPV M . 9.07 -12.33 -21.63
C4 DPV M . 5.73 -8.32 -25.58
C5 DPV M . 5.27 -7.10 -24.72
C6 DPV M . 3.87 -6.05 -22.93
C7 DPV M . 4.63 -8.40 -22.58
C8 DPV M . 2.86 -7.87 -24.26
C15 DPV M . 9.25 -12.97 -20.22
C16 DPV M . 10.62 -13.69 -20.10
C17 DPV M . 10.68 -14.59 -18.84
C18 DPV M . 12.08 -15.23 -18.65
C19 DPV M . 12.05 -16.26 -17.47
O1P DPV M . 6.14 -11.45 -25.90
C20 DPV M . 13.44 -16.88 -17.16
C21 DPV M . 13.87 -17.96 -18.21
C22 DPV M . 15.02 -18.89 -17.70
C23 DPV M . 16.39 -18.18 -17.59
O2P DPV M . 8.17 -10.22 -26.54
O3P DPV M . 7.86 -10.86 -24.06
O4P DPV M . 6.60 -9.16 -24.79
H1 DPV M . 7.03 -12.67 -23.45
H1A DPV M . 6.07 -11.21 -23.08
H2 DPV M . 7.88 -10.51 -21.44
H2A DPV M . 7.00 -11.96 -20.98
H3 DPV M . 9.89 -11.64 -21.84
H3A DPV M . 9.10 -13.11 -22.39
H4 DPV M . 4.88 -8.92 -25.91
H4A DPV M . 6.29 -7.97 -26.45
H5 DPV M . 6.13 -6.68 -24.20
H5A DPV M . 4.86 -6.32 -25.39
H6 DPV M . 3.10 -6.22 -22.16
H6A DPV M . 3.51 -5.33 -23.67
H6B DPV M . 4.78 -5.67 -22.47
H7 DPV M . 4.75 -9.37 -23.05
H7A DPV M . 3.86 -8.47 -21.79
H7B DPV M . 5.57 -8.06 -22.13
H8 DPV M . 3.03 -8.87 -24.67
H8A DPV M . 2.57 -7.16 -25.04
H8B DPV M . 2.10 -7.91 -23.48
H15 DPV M . 8.46 -13.69 -20.04
H15A DPV M . 9.19 -12.21 -19.45
H16 DPV M . 10.80 -14.29 -20.99
H16A DPV M . 11.43 -12.94 -20.07
H17 DPV M . 10.44 -14.01 -17.97
H17A DPV M . 9.94 -15.37 -18.95
H18 DPV M . 12.39 -15.73 -19.58
H18A DPV M . 12.81 -14.46 -18.43
H19 DPV M . 11.70 -15.75 -16.57
H19A DPV M . 11.32 -17.04 -17.68
H20 DPV M . 14.20 -16.09 -17.11
H20A DPV M . 13.39 -17.35 -16.18
H21 DPV M . 13.01 -18.58 -18.43
H21A DPV M . 14.17 -17.46 -19.15
H22 DPV M . 14.74 -19.30 -16.72
H22A DPV M . 15.11 -19.75 -18.37
H23 DPV M . 16.39 -17.44 -16.79
H23A DPV M . 16.63 -17.68 -18.52
H23B DPV M . 17.16 -18.91 -17.40
N DPV N . 5.11 -21.91 -24.64
P DPV N . 6.90 -17.43 -24.93
C1 DPV N . 7.32 -14.92 -25.65
C2 DPV N . 8.83 -15.01 -26.02
C3 DPV N . 9.56 -13.64 -25.85
C4 DPV N . 5.46 -19.52 -25.74
C5 DPV N . 5.32 -20.35 -24.42
C6 DPV N . 5.09 -22.61 -23.27
C7 DPV N . 6.24 -22.55 -25.47
C8 DPV N . 3.76 -22.21 -25.33
C15 DPV N . 11.10 -13.76 -26.14
C16 DPV N . 11.95 -14.19 -24.90
C17 DPV N . 12.43 -12.97 -24.06
C18 DPV N . 13.30 -13.40 -22.87
C19 DPV N . 13.72 -12.18 -22.00
O1P DPV N . 6.85 -17.04 -23.51
C20 DPV N . 14.49 -12.58 -20.71
C21 DPV N . 15.95 -13.05 -20.99
C22 DPV N . 16.71 -13.42 -19.69
C23 DPV N . 16.34 -14.83 -19.17
O2P DPV N . 8.11 -18.22 -25.25
O3P DPV N . 6.66 -16.20 -25.94
O4P DPV N . 5.54 -18.10 -25.45
H1 DPV N . 7.23 -14.67 -24.60
H1A DPV N . 6.85 -14.14 -26.25
H2 DPV N . 9.29 -15.75 -25.38
H2A DPV N . 8.93 -15.37 -27.06
H3 DPV N . 9.41 -13.27 -24.84
H3A DPV N . 9.13 -12.92 -26.56
H4 DPV N . 6.35 -19.83 -26.28
H4A DPV N . 4.59 -19.68 -26.36
H5 DPV N . 6.21 -20.22 -23.80
H5A DPV N . 4.44 -19.98 -23.87
H6 DPV N . 4.23 -22.23 -22.69
H6A DPV N . 6.01 -22.37 -22.75
H6B DPV N . 4.98 -23.69 -23.39
H7 DPV N . 6.08 -23.62 -25.53
H7A DPV N . 7.21 -22.35 -25.00
H7B DPV N . 6.24 -22.13 -26.48
H8 DPV N . 3.63 -23.29 -25.40
H8A DPV N . 3.78 -21.77 -26.34
H8B DPV N . 2.95 -21.77 -24.74
H15 DPV N . 11.48 -12.81 -26.51
H15A DPV N . 11.26 -14.50 -26.94
H16 DPV N . 11.37 -14.87 -24.26
H16A DPV N . 12.83 -14.75 -25.25
H17 DPV N . 13.00 -12.32 -24.71
H17A DPV N . 11.56 -12.42 -23.71
H18 DPV N . 12.76 -14.13 -22.26
H18A DPV N . 14.20 -13.89 -23.26
H19 DPV N . 14.33 -11.52 -22.59
H19A DPV N . 12.83 -11.64 -21.71
H20 DPV N . 14.51 -11.73 -20.04
H20A DPV N . 13.94 -13.37 -20.20
H21 DPV N . 15.95 -13.88 -21.69
H21A DPV N . 16.48 -12.23 -21.49
H22 DPV N . 17.78 -13.40 -19.91
H22A DPV N . 16.51 -12.69 -18.92
H23 DPV N . 16.90 -15.05 -18.26
H23A DPV N . 16.59 -15.60 -19.92
H23B DPV N . 15.26 -14.89 -18.96
N DPV O . 3.05 -18.72 -21.29
P DPV O . 5.42 -22.52 -18.50
C1 DPV O . 6.40 -20.96 -16.67
C2 DPV O . 6.00 -20.32 -15.34
C3 DPV O . 7.23 -19.67 -14.65
C4 DPV O . 4.06 -20.69 -19.84
C5 DPV O . 4.32 -19.46 -20.76
C6 DPV O . 2.10 -19.61 -22.12
C7 DPV O . 3.55 -17.59 -22.21
C8 DPV O . 2.25 -18.08 -20.14
C15 DPV O . 6.88 -19.14 -13.24
C16 DPV O . 8.12 -18.56 -12.53
C17 DPV O . 7.85 -18.25 -11.02
C18 DPV O . 9.16 -17.79 -10.32
C19 DPV O . 9.08 -17.83 -8.78
O1P DPV O . 4.28 -23.47 -18.68
C20 DPV O . 10.50 -17.91 -8.17
C21 DPV O . 10.46 -18.01 -6.63
C22 DPV O . 11.90 -18.27 -6.07
C23 DPV O . 11.92 -18.30 -4.53
O2P DPV O . 6.72 -23.22 -18.57
O3P DPV O . 5.24 -21.59 -17.23
O4P DPV O . 5.34 -21.25 -19.47
H1 DPV O . 6.77 -20.20 -17.36
H1A DPV O . 7.17 -21.72 -16.52
H2 DPV O . 5.23 -19.57 -15.50
H2A DPV O . 5.58 -21.09 -14.69
H3 DPV O . 7.62 -18.85 -15.27
H3A DPV O . 8.02 -20.41 -14.56
H4 DPV O . 3.52 -20.39 -18.93
H4A DPV O . 3.47 -21.44 -20.37
H5 DPV O . 4.92 -18.74 -20.19
H5A DPV O . 4.90 -19.79 -21.61
H6 DPV O . 1.73 -20.42 -21.50
H6A DPV O . 2.65 -20.02 -22.96
H6B DPV O . 1.28 -19.00 -22.48
H7 DPV O . 4.15 -18.04 -23.01
H7A DPV O . 4.16 -16.90 -21.61
H7B DPV O . 2.67 -17.07 -22.61
H8 DPV O . 1.46 -17.45 -20.57
H8A DPV O . 2.93 -17.45 -19.55
H8B DPV O . 1.82 -18.86 -19.51
H15 DPV O . 6.50 -19.97 -12.64
H15A DPV O . 6.10 -18.38 -13.31
H16 DPV O . 8.94 -19.28 -12.58
H16A DPV O . 8.45 -17.66 -13.05
H17 DPV O . 7.10 -17.48 -10.92
H17A DPV O . 7.48 -19.17 -10.54
H18 DPV O . 9.96 -18.49 -10.63
H18A DPV O . 9.43 -16.80 -10.66
H19 DPV O . 8.58 -16.93 -8.43
H19A DPV O . 8.48 -18.69 -8.46
H20 DPV O . 11.01 -18.78 -8.57
H20A DPV O . 11.07 -17.04 -8.46
H21 DPV O . 10.06 -17.08 -6.21
H21A DPV O . 9.80 -18.82 -6.31
H22 DPV O . 12.28 -19.22 -6.46
H22A DPV O . 12.58 -17.50 -6.41
H23 DPV O . 11.70 -17.33 -4.11
H23A DPV O . 12.91 -18.64 -4.20
H23B DPV O . 11.16 -19.00 -4.16
N DPV P . 4.38 -30.34 -8.63
P DPV P . 0.87 -29.87 -4.79
C1 DPV P . -0.85 -31.07 -3.24
C2 DPV P . -0.51 -31.87 -1.97
C3 DPV P . 0.74 -31.31 -1.22
C4 DPV P . 2.81 -30.03 -6.53
C5 DPV P . 3.32 -30.96 -7.68
C6 DPV P . 5.67 -29.96 -7.88
C7 DPV P . 3.86 -29.09 -9.35
C8 DPV P . 4.74 -31.40 -9.69
C15 DPV P . 0.88 -31.90 0.22
C16 DPV P . 2.12 -31.37 0.97
C17 DPV P . 1.88 -29.95 1.62
C18 DPV P . 3.22 -29.21 1.92
C19 DPV P . 3.77 -28.52 0.64
O1P DPV P . 1.66 -29.14 -3.78
C20 DPV P . 5.13 -27.81 0.88
C21 DPV P . 5.66 -27.06 -0.38
C22 DPV P . 4.84 -25.77 -0.71
C23 DPV P . 5.26 -25.16 -2.05
O2P DPV P . -0.10 -28.99 -5.47
O3P DPV P . 0.21 -31.22 -4.22
O4P DPV P . 1.76 -30.73 -5.80
H1 DPV P . -1.77 -31.43 -3.68
H1A DPV P . -1.00 -30.02 -2.99
H2 DPV P . -1.38 -31.83 -1.30
H2A DPV P . -0.36 -32.93 -2.21
H3 DPV P . 0.69 -30.23 -1.17
H3A DPV P . 1.63 -31.55 -1.81
H4 DPV P . 3.62 -29.80 -5.83
H4A DPV P . 2.40 -29.10 -6.94
H5 DPV P . 3.75 -31.87 -7.25
H5A DPV P . 2.47 -31.25 -8.30
H6 DPV P . 6.04 -30.84 -7.34
H6A DPV P . 5.46 -29.15 -7.18
H6B DPV P . 6.42 -29.62 -8.60
H7 DPV P . 2.92 -29.34 -9.87
H7A DPV P . 4.61 -28.75 -10.06
H7B DPV P . 3.66 -28.30 -8.62
H8 DPV P . 5.45 -30.96 -10.40
H8A DPV P . 3.82 -31.70 -10.21
H8B DPV P . 5.17 -32.27 -9.18
H15 DPV P . 0.97 -32.99 0.14
H15A DPV P . -0.04 -31.71 0.80
H16 DPV P . 2.39 -32.09 1.76
H16A DPV P . 2.96 -31.34 0.28
H17 DPV P . 1.24 -29.33 0.98
H17A DPV P . 1.34 -30.09 2.56
H18 DPV P . 3.06 -28.47 2.69
H18A DPV P . 3.97 -29.93 2.30
H19 DPV P . 3.90 -29.26 -0.17
H19A DPV P . 3.04 -27.79 0.29
H20 DPV P . 5.03 -27.10 1.71
H20A DPV P . 5.88 -28.56 1.18
H21 DPV P . 6.70 -26.79 -0.23
H21A DPV P . 5.63 -27.73 -1.22
H22 DPV P . 3.78 -25.99 -0.76
H22A DPV P . 4.99 -25.04 0.07
H23 DPV P . 4.74 -24.21 -2.18
H23A DPV P . 5.00 -25.83 -2.87
H23B DPV P . 6.33 -24.97 -2.06
N DPV Q . -1.38 -30.47 -9.51
P DPV Q . 1.43 -26.12 -8.96
C1 DPV Q . 3.26 -25.04 -7.50
C2 DPV Q . 4.49 -25.46 -6.66
C3 DPV Q . 5.42 -24.26 -6.43
C4 DPV Q . 0.11 -28.30 -9.44
C5 DPV Q . -0.50 -29.50 -8.66
C6 DPV Q . -0.55 -31.19 -10.58
C7 DPV Q . -2.59 -29.75 -10.17
C8 DPV Q . -1.94 -31.52 -8.55
C15 DPV Q . 6.66 -24.61 -5.58
C16 DPV Q . 7.55 -23.37 -5.28
C17 DPV Q . 6.99 -22.48 -4.13
C18 DPV Q . 7.82 -21.19 -3.92
C19 DPV Q . 7.17 -20.29 -2.87
O1P DPV Q . 2.04 -26.05 -10.30
C20 DPV Q . 8.07 -19.06 -2.51
C21 DPV Q . 7.31 -18.07 -1.60
C22 DPV Q . 8.22 -16.97 -1.05
C23 DPV Q . 7.45 -16.07 -0.05
O2P DPV Q . 0.39 -25.08 -8.76
O3P DPV Q . 2.48 -26.20 -7.78
O4P DPV Q . 0.95 -27.57 -8.54
H1 DPV Q . 2.65 -24.31 -6.97
H1A DPV Q . 3.61 -24.61 -8.44
H2 DPV Q . 4.15 -25.86 -5.70
H2A DPV Q . 5.02 -26.25 -7.18
H3 DPV Q . 4.87 -23.47 -5.93
H3A DPV Q . 5.75 -23.86 -7.38
H4 DPV Q . 0.72 -28.65 -10.27
H4A DPV Q . -0.69 -27.64 -9.79
H5 DPV Q . 0.31 -30.08 -8.22
H5A DPV Q . -1.13 -29.12 -7.85
H6 DPV Q . -0.18 -30.45 -11.29
H6A DPV Q . -1.19 -31.91 -11.09
H6B DPV Q . 0.29 -31.70 -10.11
H7 DPV Q . -3.18 -29.27 -9.40
H7A DPV Q . -3.20 -30.50 -10.70
H7B DPV Q . -2.24 -29.01 -10.90
H8 DPV Q . -1.09 -32.00 -8.04
H8A DPV Q . -2.51 -32.26 -9.13
H8B DPV Q . -2.58 -31.03 -7.81
H15 DPV Q . 7.27 -25.34 -6.12
H15A DPV Q . 6.36 -25.09 -4.65
H16 DPV Q . 8.55 -23.71 -5.00
H16A DPV Q . 7.65 -22.78 -6.19
H17 DPV Q . 5.95 -22.21 -4.32
H17A DPV Q . 7.00 -23.06 -3.19
H18 DPV Q . 8.84 -21.45 -3.62
H18A DPV Q . 7.91 -20.64 -4.88
H19 DPV Q . 6.19 -19.93 -3.20
H19A DPV Q . 6.99 -20.87 -1.95
H20 DPV Q . 8.95 -19.43 -1.99
H20A DPV Q . 8.40 -18.54 -3.42
H21 DPV Q . 6.49 -17.62 -2.17
H21A DPV Q . 6.86 -18.62 -0.77
H22 DPV Q . 9.08 -17.40 -0.55
H22A DPV Q . 8.61 -16.36 -1.86
H23 DPV Q . 8.06 -15.21 0.23
H23A DPV Q . 7.19 -16.63 0.84
H23B DPV Q . 6.52 -15.69 -0.51
N DPV R . 15.82 -29.45 12.19
P DPV R . 11.23 -29.40 9.90
C1 DPV R . 11.96 -29.78 7.43
C2 DPV R . 12.89 -30.62 6.55
C3 DPV R . 12.78 -30.17 5.07
C4 DPV R . 13.30 -29.12 11.49
C5 DPV R . 14.78 -28.65 11.32
C6 DPV R . 15.56 -29.25 13.70
C7 DPV R . 17.20 -28.90 11.86
C8 DPV R . 15.82 -30.96 11.86
C15 DPV R . 13.86 -30.79 4.18
C16 DPV R . 13.92 -30.05 2.81
C17 DPV R . 15.00 -30.64 1.85
C18 DPV R . 14.96 -29.97 0.45
C19 DPV R . 13.77 -30.47 -0.42
O1P DPV R . 10.69 -30.34 10.89
C20 DPV R . 13.72 -29.80 -1.80
C21 DPV R . 12.44 -30.21 -2.56
C22 DPV R . 12.36 -29.51 -3.95
C23 DPV R . 10.98 -29.76 -4.61
O2P DPV R . 10.18 -28.54 9.32
O3P DPV R . 12.15 -30.12 8.81
O4P DPV R . 12.52 -28.57 10.42
H1 DPV R . 12.16 -28.71 7.29
H1A DPV R . 10.92 -29.97 7.15
H2 DPV R . 13.91 -30.53 6.91
H2A DPV R . 12.64 -31.69 6.64
H3 DPV R . 12.84 -29.07 5.03
H3A DPV R . 11.79 -30.45 4.70
H4 DPV R . 13.23 -30.20 11.43
H4A DPV R . 12.89 -28.77 12.45
H5 DPV R . 15.08 -28.79 10.29
H5A DPV R . 14.86 -27.59 11.57
H6 DPV R . 14.60 -29.71 13.95
H6A DPV R . 15.54 -28.18 13.92
H6B DPV R . 16.35 -29.76 14.27
H7 DPV R . 17.41 -29.09 10.81
H7A DPV R . 17.94 -29.44 12.48
H7B DPV R . 17.22 -27.83 12.07
H8 DPV R . 16.65 -31.44 12.39
H8A DPV R . 15.96 -31.07 10.77
H8B DPV R . 14.86 -31.39 12.17
H15 DPV R . 13.67 -31.85 4.03
H15A DPV R . 14.84 -30.71 4.66
H16 DPV R . 12.94 -30.11 2.35
H16A DPV R . 14.14 -28.98 2.96
H17 DPV R . 15.98 -30.47 2.31
H17A DPV R . 14.87 -31.73 1.77
H18 DPV R . 14.92 -28.89 0.56
H18A DPV R . 15.90 -30.20 -0.06
H19 DPV R . 13.84 -31.55 -0.55
H19A DPV R . 12.83 -30.27 0.12
H20 DPV R . 13.75 -28.71 -1.68
H20A DPV R . 14.60 -30.08 -2.38
H21 DPV R . 12.41 -31.29 -2.68
H21A DPV R . 11.55 -29.92 -1.97
H22 DPV R . 12.52 -28.43 -3.86
H22A DPV R . 13.15 -29.88 -4.60
H23 DPV R . 10.82 -30.83 -4.77
H23A DPV R . 10.91 -29.25 -5.57
H23B DPV R . 10.18 -29.38 -3.97
N DPV S . 18.55 -23.03 12.38
P DPV S . 13.99 -22.68 12.21
C1 DPV S . 13.50 -24.76 10.67
C2 DPV S . 14.67 -25.00 9.69
C3 DPV S . 14.22 -25.87 8.50
C4 DPV S . 16.33 -21.54 12.42
C5 DPV S . 17.83 -21.70 11.97
C6 DPV S . 18.44 -23.33 13.89
C7 DPV S . 20.04 -22.84 12.06
C8 DPV S . 18.06 -24.24 11.56
C15 DPV S . 15.37 -26.19 7.52
C16 DPV S . 14.93 -27.27 6.49
C17 DPV S . 16.08 -27.72 5.54
C18 DPV S . 16.22 -26.83 4.28
C19 DPV S . 17.43 -27.27 3.40
O1P DPV S . 13.75 -22.36 13.64
C20 DPV S . 17.74 -26.25 2.26
C21 DPV S . 17.13 -26.68 0.89
C22 DPV S . 17.36 -25.59 -0.18
C23 DPV S . 16.85 -26.05 -1.58
O2P DPV S . 13.09 -21.93 11.32
O3P DPV S . 14.03 -24.25 11.94
O4P DPV S . 15.53 -22.56 11.80
H1 DPV S . 12.79 -24.06 10.24
H1A DPV S . 12.97 -25.69 10.87
H2 DPV S . 15.05 -24.04 9.33
H2A DPV S . 15.48 -25.50 10.21
H3 DPV S . 13.42 -25.35 7.96
H3A DPV S . 13.80 -26.80 8.88
H4 DPV S . 16.25 -21.64 13.50
H4A DPV S . 15.97 -20.57 12.11
H5 DPV S . 17.90 -21.61 10.89
H5A DPV S . 18.39 -20.88 12.41
H6 DPV S . 17.40 -23.56 14.11
H6A DPV S . 18.77 -22.45 14.45
H6B DPV S . 19.06 -24.19 14.14
H7 DPV S . 20.57 -23.76 12.34
H7A DPV S . 20.42 -22.00 12.64
H7B DPV S . 20.14 -22.65 10.99
H8 DPV S . 17.02 -24.45 11.82
H8A DPV S . 18.67 -25.11 11.80
H8B DPV S . 18.14 -24.00 10.50
H15 DPV S . 16.23 -26.56 8.08
H15A DPV S . 15.70 -25.28 7.00
H16 DPV S . 14.58 -28.14 7.04
H16A DPV S . 14.09 -26.89 5.90
H17 DPV S . 17.03 -27.77 6.10
H17A DPV S . 15.88 -28.75 5.22
H18 DPV S . 15.30 -26.88 3.69
H18A DPV S . 16.36 -25.79 4.60
H19 DPV S . 18.32 -27.35 4.03
H19A DPV S . 17.22 -28.28 3.00
H20 DPV S . 17.37 -25.25 2.52
H20A DPV S . 18.82 -26.17 2.16
H21 DPV S . 17.62 -27.60 0.55
H21A DPV S . 16.07 -26.88 1.00
H22 DPV S . 16.86 -24.67 0.11
H22A DPV S . 18.42 -25.35 -0.25
H23 DPV S . 16.93 -25.22 -2.30
H23A DPV S . 15.81 -26.36 -1.53
H23B DPV S . 17.45 -26.87 -1.97
N DPV T . 19.37 -31.36 4.96
P DPV T . 19.69 -28.44 8.40
C1 DPV T . 20.07 -26.01 7.47
C2 DPV T . 19.36 -25.41 6.24
C3 DPV T . 19.59 -23.89 6.12
C4 DPV T . 19.48 -30.92 7.57
C5 DPV T . 19.90 -31.82 6.36
C6 DPV T . 19.96 -30.02 4.52
C7 DPV T . 17.82 -31.29 4.90
C8 DPV T . 19.82 -32.42 3.93
C15 DPV T . 18.77 -23.26 4.96
C16 DPV T . 19.20 -21.80 4.70
C17 DPV T . 18.27 -21.07 3.70
C18 DPV T . 18.87 -19.72 3.19
C19 DPV T . 19.70 -19.88 1.88
O1P DPV T . 18.23 -28.36 8.58
C20 DPV T . 20.42 -18.57 1.45
C21 DPV T . 20.91 -18.58 -0.05
C22 DPV T . 22.14 -19.51 -0.30
C23 DPV T . 22.65 -19.42 -1.75
O2P DPV T . 20.41 -28.38 9.67
O3P DPV T . 20.25 -27.44 7.28
O4P DPV T . 20.15 -29.65 7.47
H1 DPV T . 21.06 -25.57 7.60
H1A DPV T . 19.49 -25.84 8.39
H2 DPV T . 19.72 -25.90 5.32
H2A DPV T . 18.29 -25.63 6.31
H3 DPV T . 20.65 -23.71 5.96
H3A DPV T . 19.31 -23.40 7.06
H4 DPV T . 18.40 -30.77 7.57
H4A DPV T . 19.76 -31.39 8.51
H5 DPV T . 20.99 -31.87 6.30
H5A DPV T . 19.52 -32.83 6.53
H6 DPV T . 21.05 -30.08 4.52
H6A DPV T . 19.64 -29.24 5.20
H6B DPV T . 19.60 -29.79 3.50
H7 DPV T . 17.42 -32.27 5.20
H7A DPV T . 17.52 -31.06 3.86
H7B DPV T . 17.49 -30.50 5.58
H8 DPV T . 19.40 -33.39 4.19
H8A DPV T . 20.91 -32.48 3.97
H8B DPV T . 19.49 -32.12 2.93
H15 DPV T . 17.71 -23.30 5.19
H15A DPV T . 18.93 -23.84 4.05
H16 DPV T . 19.20 -21.24 5.64
H16A DPV T . 20.23 -21.80 4.33
H17 DPV T . 18.06 -21.74 2.84
H17A DPV T . 17.32 -20.88 4.18
H18 DPV T . 18.05 -19.05 3.00
H18A DPV T . 19.48 -19.27 3.98
H19 DPV T . 20.47 -20.63 2.04
H19A DPV T . 19.06 -20.23 1.08
H20 DPV T . 19.71 -17.74 1.55
H20A DPV T . 21.25 -18.36 2.12
H21 DPV T . 20.09 -18.86 -0.70
H21A DPV T . 21.19 -17.55 -0.32
H22 DPV T . 22.96 -19.24 0.39
H22A DPV T . 21.86 -20.56 -0.09
H23 DPV T . 22.86 -18.39 -2.03
H23A DPV T . 21.89 -19.83 -2.45
H23B DPV T . 23.56 -20.01 -1.85
N DPV U . 17.90 -11.80 18.14
P DPV U . 18.39 -7.44 16.25
C1 DPV U . 17.40 -5.12 17.03
C2 DPV U . 17.12 -4.20 15.80
C3 DPV U . 15.70 -4.43 15.20
C4 DPV U . 17.28 -9.24 17.83
C5 DPV U . 18.39 -10.32 18.09
C6 DPV U . 16.85 -12.03 19.26
C7 DPV U . 19.12 -12.67 18.44
C8 DPV U . 17.32 -12.26 16.79
C15 DPV U . 15.46 -3.56 13.93
C16 DPV U . 14.04 -3.75 13.32
C17 DPV U . 13.86 -5.12 12.59
C18 DPV U . 12.52 -5.18 11.79
C19 DPV U . 12.40 -6.47 10.94
O1P DPV U . 19.67 -8.07 15.83
C20 DPV U . 11.13 -6.44 10.06
C21 DPV U . 11.05 -7.68 9.13
C22 DPV U . 9.84 -7.60 8.15
C23 DPV U . 9.77 -8.83 7.24
O2P DPV U . 17.36 -7.56 15.21
O3P DPV U . 18.59 -5.94 16.79
O4P DPV U . 17.88 -7.93 17.70
H1 DPV U . 17.60 -4.48 17.90
H1A DPV U . 16.55 -5.76 17.26
H2 DPV U . 17.23 -3.16 16.10
H2A DPV U . 17.87 -4.40 15.03
H3 DPV U . 14.94 -4.20 15.96
H3A DPV U . 15.59 -5.48 14.95
H4 DPV U . 16.70 -9.46 16.93
H4A DPV U . 16.59 -9.21 18.69
H5 DPV U . 19.15 -10.24 17.30
H5A DPV U . 18.87 -10.09 19.05
H6 DPV U . 15.94 -11.47 19.01
H6A DPV U . 17.25 -11.70 20.21
H6B DPV U . 16.59 -13.10 19.29
H7 DPV U . 19.84 -12.56 17.61
H7A DPV U . 18.81 -13.72 18.54
H7B DPV U . 19.57 -12.32 19.37
H8 DPV U . 18.06 -12.11 16.00
H8A DPV U . 16.43 -11.67 16.57
H8B DPV U . 17.04 -13.31 16.85
H15 DPV U . 16.21 -3.79 13.17
H15A DPV U . 15.59 -2.50 14.18
H16 DPV U . 13.29 -3.66 14.11
H16A DPV U . 13.85 -2.94 12.63
H17 DPV U . 14.69 -5.28 11.89
H17A DPV U . 13.88 -5.93 13.32
H18 DPV U . 11.67 -5.10 12.46
H18A DPV U . 12.48 -4.32 11.10
H19 DPV U . 13.29 -6.56 10.31
H19A DPV U . 12.39 -7.34 11.59
H20 DPV U . 10.24 -6.40 10.69
H20A DPV U . 11.14 -5.55 9.44
H21 DPV U . 11.98 -7.76 8.56
H21A DPV U . 10.95 -8.57 9.74
H22 DPV U . 8.91 -7.52 8.71
H22A DPV U . 9.92 -6.71 7.53
H23 DPV U . 9.63 -9.74 7.84
H23A DPV U . 10.68 -8.93 6.65
H23B DPV U . 8.92 -8.73 6.55
N DPV V . 26.20 -8.09 13.56
P DPV V . 24.34 -11.54 10.04
C1 DPV V . 22.25 -11.90 8.58
C2 DPV V . 21.08 -11.13 7.94
C3 DPV V . 20.11 -12.12 7.23
C4 DPV V . 25.44 -9.89 11.75
C5 DPV V . 25.07 -8.66 12.62
C6 DPV V . 25.63 -6.85 14.25
C7 DPV V . 27.44 -7.66 12.75
C8 DPV V . 26.63 -9.10 14.63
C15 DPV V . 19.08 -11.38 6.35
C16 DPV V . 18.22 -12.41 5.58
C17 DPV V . 17.40 -11.74 4.44
C18 DPV V . 16.83 -12.81 3.48
C19 DPV V . 16.32 -12.18 2.15
O1P DPV V . 25.52 -11.50 9.16
C20 DPV V . 16.06 -13.28 1.12
C21 DPV V . 15.59 -12.72 -0.25
C22 DPV V . 15.55 -13.86 -1.30
C23 DPV V . 15.11 -13.34 -2.67
O2P DPV V . 24.16 -12.84 10.70
O3P DPV V . 23.02 -10.98 9.36
O4P DPV V . 24.27 -10.29 11.06
H1 DPV V . 21.86 -12.69 9.23
H1A DPV V . 22.88 -12.33 7.80
H2 DPV V . 20.53 -10.59 8.71
H2A DPV V . 21.47 -10.41 7.22
H3 DPV V . 19.58 -12.71 7.99
H3A DPV V . 20.69 -12.83 6.64
H4 DPV V . 26.21 -9.62 11.01
H4A DPV V . 25.81 -10.72 12.36
H5 DPV V . 24.75 -7.85 11.97
H5A DPV V . 24.23 -8.92 13.27
H6 DPV V . 24.73 -7.14 14.80
H6A DPV V . 25.38 -6.11 13.49
H6B DPV V . 26.37 -6.44 14.93
H7 DPV V . 27.91 -8.55 12.32
H7A DPV V . 28.16 -7.16 13.42
H7B DPV V . 27.13 -6.98 11.95
H8 DPV V . 27.34 -8.61 15.30
H8A DPV V . 27.12 -9.96 14.15
H8B DPV V . 25.76 -9.44 15.18
H15 DPV V . 19.61 -10.75 5.64
H15A DPV V . 18.44 -10.74 6.96
H16 DPV V . 18.88 -13.17 5.14
H16A DPV V . 17.55 -12.91 6.29
H17 DPV V . 16.59 -11.13 4.87
H17A DPV V . 18.07 -11.07 3.88
H18 DPV V . 17.60 -13.54 3.25
H18A DPV V . 16.01 -13.35 3.99
H19 DPV V . 15.40 -11.62 2.34
H19A DPV V . 17.06 -11.50 1.77
H20 DPV V . 16.98 -13.86 0.97
H20A DPV V . 15.31 -13.97 1.49
H21 DPV V . 14.61 -12.27 -0.15
H21A DPV V . 16.29 -11.94 -0.59
H22 DPV V . 16.54 -14.32 -1.39
H22A DPV V . 14.84 -14.64 -0.98
H23 DPV V . 15.05 -14.17 -3.40
H23A DPV V . 15.82 -12.60 -3.06
H23B DPV V . 14.13 -12.86 -2.64
N DPV W . 15.71 4.78 6.28
P DPV W . 11.83 3.81 2.88
C1 DPV W . 9.90 2.16 2.29
C2 DPV W . 9.12 0.96 2.91
C3 DPV W . 9.89 -0.39 2.88
C4 DPV W . 13.73 4.46 4.54
C5 DPV W . 14.64 3.83 5.64
C6 DPV W . 16.47 3.97 7.33
C7 DPV W . 15.05 5.98 6.99
C8 DPV W . 16.71 5.28 5.24
C15 DPV W . 9.97 -1.06 1.48
C16 DPV W . 10.83 -2.36 1.53
C17 DPV W . 10.99 -3.00 0.13
C18 DPV W . 11.92 -4.24 0.19
C19 DPV W . 12.16 -4.85 -1.23
O1P DPV W . 10.95 4.98 3.18
C20 DPV W . 13.17 -6.02 -1.21
C21 DPV W . 13.41 -6.59 -2.62
C22 DPV W . 14.57 -7.61 -2.63
C23 DPV W . 14.76 -8.27 -4.02
O2P DPV W . 12.50 3.93 1.58
O3P DPV W . 11.10 2.41 3.07
O4P DPV W . 12.81 3.44 4.08
H1 DPV W . 10.19 1.93 1.25
H1A DPV W . 9.26 3.05 2.32
H2 DPV W . 8.86 1.21 3.94
H2A DPV W . 8.18 0.84 2.37
H3 DPV W . 9.39 -1.07 3.56
H3A DPV W . 10.90 -0.25 3.29
H4 DPV W . 13.15 5.30 4.95
H4A DPV W . 14.33 4.82 3.70
H5 DPV W . 14.01 3.48 6.45
H5A DPV W . 15.17 2.97 5.22
H6 DPV W . 17.02 3.14 6.82
H6A DPV W . 15.75 3.56 8.06
H6B DPV W . 17.19 4.63 7.84
H7 DPV W . 14.34 5.59 7.73
H7A DPV W . 14.55 6.60 6.25
H7B DPV W . 15.83 6.57 7.50
H8 DPV W . 17.17 4.42 4.75
H8A DPV W . 17.48 5.86 5.73
H8B DPV W . 16.19 5.90 4.52
H15 DPV W . 10.41 -0.39 0.74
H15A DPV W . 8.95 -1.30 1.14
H16 DPV W . 11.81 -2.14 1.94
H16A DPV W . 10.34 -3.07 2.20
H17 DPV W . 10.00 -3.30 -0.25
H17A DPV W . 11.40 -2.25 -0.56
H18 DPV W . 12.88 -3.95 0.63
H18A DPV W . 11.47 -5.02 0.84
H19 DPV W . 11.20 -5.18 -1.64
H19A DPV W . 12.54 -4.06 -1.91
H20 DPV W . 14.11 -5.68 -0.77
H20A DPV W . 12.77 -6.81 -0.55
H21 DPV W . 12.50 -7.06 -2.96
H21A DPV W . 13.64 -5.78 -3.31
H22 DPV W . 15.50 -7.13 -2.34
H22A DPV W . 14.36 -8.41 -1.92
H23 DPV W . 15.60 -8.98 -4.01
H23A DPV W . 14.98 -7.51 -4.76
H23B DPV W . 13.87 -8.82 -4.32
N DPV X . 8.01 3.23 11.08
P DPV X . 11.80 4.77 8.81
C1 DPV X . 13.00 2.43 9.09
C2 DPV X . 13.88 1.70 10.13
C3 DPV X . 14.57 0.44 9.55
C4 DPV X . 9.25 4.19 8.92
C5 DPV X . 8.05 4.29 9.91
C6 DPV X . 9.10 3.46 12.13
C7 DPV X . 8.10 1.78 10.55
C8 DPV X . 6.66 3.41 11.78
C15 DPV X . 15.31 -0.36 10.67
C16 DPV X . 16.17 -1.55 10.16
C17 DPV X . 15.34 -2.73 9.55
C18 DPV X . 16.10 -4.11 9.56
C19 DPV X . 17.32 -4.16 8.59
O1P DPV X . 11.74 4.47 7.36
C20 DPV X . 17.93 -5.58 8.52
C21 DPV X . 19.12 -5.61 7.53
C22 DPV X . 19.83 -7.00 7.42
C23 DPV X . 20.79 -7.26 8.59
O2P DPV X . 12.15 6.18 9.07
O3P DPV X . 12.69 3.73 9.67
O4P DPV X . 10.51 4.30 9.62
H1 DPV X . 13.54 2.58 8.17
H1A DPV X . 12.07 1.89 8.92
H2 DPV X . 14.64 2.39 10.52
H2A DPV X . 13.25 1.40 10.97
H3 DPV X . 15.28 0.73 8.76
H3A DPV X . 13.82 -0.20 9.09
H4 DPV X . 9.23 3.24 8.38
H4A DPV X . 9.17 5.01 8.20
H5 DPV X . 8.07 5.27 10.38
H5A DPV X . 7.12 4.19 9.36
H6 DPV X . 8.93 2.76 12.96
H6A DPV X . 9.03 4.49 12.49
H6B DPV X . 10.09 3.28 11.68
H7 DPV X . 9.08 1.64 10.09
H7A DPV X . 7.32 1.63 9.80
H7B DPV X . 7.98 1.09 11.37
H8 DPV X . 5.86 3.21 11.07
H8A DPV X . 6.58 4.43 12.17
H8B DPV X . 6.60 2.68 12.60
H15 DPV X . 14.59 -0.73 11.40
H15A DPV X . 15.97 0.32 11.22
H16 DPV X . 16.89 -1.20 9.42
H16A DPV X . 16.74 -1.93 11.00
H17 DPV X . 14.41 -2.86 10.14
H17A DPV X . 15.03 -2.50 8.54
H18 DPV X . 16.45 -4.32 10.58
H18A DPV X . 15.40 -4.90 9.29
H19 DPV X . 16.97 -3.86 7.59
H19A DPV X . 18.07 -3.42 8.89
H20 DPV X . 18.28 -5.89 9.51
H20A DPV X . 17.17 -6.31 8.19
H21 DPV X . 18.74 -5.35 6.54
H21A DPV X . 19.85 -4.83 7.79
H22 DPV X . 19.08 -7.80 7.39
H22A DPV X . 20.38 -7.05 6.48
H23 DPV X . 20.25 -7.43 9.53
H23A DPV X . 21.48 -6.43 8.73
H23B DPV X . 21.40 -8.16 8.40
N DPV Y . -5.05 -10.52 -12.83
P DPV Y . -3.73 -14.43 -10.19
C1 DPV Y . -1.15 -14.74 -10.43
C2 DPV Y . 0.14 -13.94 -10.80
C3 DPV Y . 0.66 -13.11 -9.60
C4 DPV Y . -4.31 -13.03 -12.34
C5 DPV Y . -3.89 -11.58 -12.77
C6 DPV Y . -5.69 -10.34 -11.44
C7 DPV Y . -6.14 -10.89 -13.84
C8 DPV Y . -4.45 -9.16 -13.25
C15 DPV Y . 1.56 -13.93 -8.63
C16 DPV Y . 1.95 -13.08 -7.40
C17 DPV Y . 2.76 -13.88 -6.34
C18 DPV Y . 2.57 -13.27 -4.92
C19 DPV Y . 3.32 -14.08 -3.81
O1P DPV Y . -4.03 -14.56 -8.75
C20 DPV Y . 2.61 -15.41 -3.45
C21 DPV Y . 3.35 -16.19 -2.33
C22 DPV Y . 2.70 -17.57 -2.10
C23 DPV Y . 3.30 -18.32 -0.91
O2P DPV Y . -3.99 -15.68 -10.93
O3P DPV Y . -2.26 -13.84 -10.44
O4P DPV Y . -4.34 -13.12 -10.89
H1 DPV Y . -1.32 -15.53 -11.17
H1A DPV Y . -1.05 -15.17 -9.44
H2 DPV Y . 0.91 -14.63 -11.15
H2A DPV Y . -0.09 -13.28 -11.62
H3 DPV Y . -0.17 -12.70 -9.05
H3A DPV Y . 1.24 -12.28 -9.98
H4 DPV Y . -5.28 -13.28 -12.75
H4A DPV Y . -3.58 -13.75 -12.71
H5 DPV Y . -3.13 -11.22 -12.09
H5A DPV Y . -3.47 -11.62 -13.78
H6 DPV Y . -6.41 -9.53 -11.48
H6A DPV Y . -4.90 -10.08 -10.71
H6B DPV Y . -6.18 -11.26 -11.15
H7 DPV Y . -6.88 -10.09 -13.89
H7A DPV Y . -6.63 -11.81 -13.53
H7B DPV Y . -5.69 -11.02 -14.83
H8 DPV Y . -3.70 -8.88 -12.51
H8A DPV Y . -5.26 -8.42 -13.31
H8B DPV Y . -3.99 -9.29 -14.23
H15 DPV Y . 2.46 -14.26 -9.15
H15A DPV Y . 1.02 -14.82 -8.29
H16 DPV Y . 2.54 -12.23 -7.73
H16A DPV Y . 1.05 -12.70 -6.95
H17 DPV Y . 2.44 -14.92 -6.33
H17A DPV Y . 3.82 -13.88 -6.61
H18 DPV Y . 2.95 -12.26 -4.91
H18A DPV Y . 1.51 -13.23 -4.68
H19 DPV Y . 4.35 -14.25 -4.12
H19A DPV Y . 3.35 -13.45 -2.92
H20 DPV Y . 1.59 -15.19 -3.13
H20A DPV Y . 2.55 -16.05 -4.34
H21 DPV Y . 4.40 -16.32 -2.59
H21A DPV Y . 3.30 -15.61 -1.40
H22 DPV Y . 1.63 -17.41 -1.92
H22A DPV Y . 2.78 -18.18 -3.01
H23 DPV Y . 4.37 -18.52 -1.08
H23A DPV Y . 2.81 -19.27 -0.76
H23B DPV Y . 3.20 -17.73 -0.01
N DPV Z . -2.75 -3.43 -12.25
P DPV Z . -3.82 -6.59 -16.22
C1 DPV Z . -2.98 -8.63 -17.64
C2 DPV Z . -3.86 -9.83 -17.20
C3 DPV Z . -4.08 -10.83 -18.37
C4 DPV Z . -3.29 -4.89 -14.39
C5 DPV Z . -2.24 -4.49 -13.29
C6 DPV Z . -1.61 -3.11 -11.31
C7 DPV Z . -3.90 -3.99 -11.39
C8 DPV Z . -3.17 -2.10 -12.92
C15 DPV Z . -4.76 -12.15 -17.90
C16 DPV Z . -4.90 -13.16 -19.11
C17 DPV Z . -5.12 -14.64 -18.66
C18 DPV Z . -3.81 -15.36 -18.15
C19 DPV Z . -2.81 -15.69 -19.31
O1P DPV Z . -5.09 -7.09 -15.66
C20 DPV Z . -1.42 -16.19 -18.77
C21 DPV Z . -0.27 -15.13 -18.79
C22 DPV Z . -0.43 -14.02 -17.70
C23 DPV Z . 0.86 -13.22 -17.53
O2P DPV Z . -4.03 -5.68 -17.37
O3P DPV Z . -2.75 -7.75 -16.50
O4P DPV Z . -2.84 -6.03 -15.12
H1 DPV Z . -2.02 -9.01 -17.96
H1A DPV Z . -3.45 -8.09 -18.45
H2 DPV Z . -3.36 -10.35 -16.37
H2A DPV Z . -4.81 -9.47 -16.84
H3 DPV Z . -3.12 -11.07 -18.84
H3A DPV Z . -4.70 -10.35 -19.14
H4 DPV Z . -4.25 -5.13 -13.93
H4A DPV Z . -3.43 -4.05 -15.09
H5 DPV Z . -1.98 -5.40 -12.71
H5A DPV Z . -1.35 -4.09 -13.75
H6 DPV Z . -0.78 -2.69 -11.88
H6A DPV Z . -1.29 -4.03 -10.80
H6B DPV Z . -1.97 -2.37 -10.58
H7 DPV Z . -4.21 -3.22 -10.66
H7A DPV Z . -3.55 -4.88 -10.86
H7B DPV Z . -4.75 -4.25 -12.04
H8 DPV Z . -4.06 -2.29 -13.55
H8A DPV Z . -2.34 -1.74 -13.53
H8B DPV Z . -3.41 -1.37 -12.13
H15 DPV Z . -5.75 -11.95 -17.49
H15A DPV Z . -4.15 -12.62 -17.11
H16 DPV Z . -5.75 -12.84 -19.71
H16A DPV Z . -4.02 -13.09 -19.75
H17 DPV Z . -5.88 -14.67 -17.86
H17A DPV Z . -5.53 -15.21 -19.49
H18 DPV Z . -3.30 -14.76 -17.39
H18A DPV Z . -4.09 -16.32 -17.69
H19 DPV Z . -3.24 -16.46 -19.95
H19A DPV Z . -2.64 -14.81 -19.96
H20 DPV Z . -1.52 -16.60 -17.76
H20A DPV Z . -1.10 -17.03 -19.41
H21 DPV Z . 0.67 -15.66 -18.62
H21A DPV Z . -0.22 -14.66 -19.78
H22 DPV Z . -1.25 -13.36 -17.98
H22A DPV Z . -0.71 -14.48 -16.76
H23 DPV Z . 0.71 -12.43 -16.78
H23A DPV Z . 1.13 -12.73 -18.48
H23B DPV Z . 1.68 -13.86 -17.22
N DPV AA . 0.74 -23.53 -15.90
P DPV AA . -0.92 -19.91 -17.68
C1 DPV AA . 0.76 -18.40 -16.39
C2 DPV AA . 1.70 -18.50 -15.16
C3 DPV AA . 2.12 -17.09 -14.66
C4 DPV AA . -1.46 -22.00 -16.12
C5 DPV AA . -0.32 -22.59 -15.20
C6 DPV AA . 1.46 -24.37 -14.83
C7 DPV AA . 1.82 -22.66 -16.57
C8 DPV AA . 0.14 -24.51 -16.92
C15 DPV AA . 3.10 -17.19 -13.47
C16 DPV AA . 3.49 -15.78 -12.96
C17 DPV AA . 4.45 -15.84 -11.75
C18 DPV AA . 4.79 -14.42 -11.20
C19 DPV AA . 5.68 -14.47 -9.92
O1P DPV AA . -0.66 -19.60 -19.10
C20 DPV AA . 5.89 -13.05 -9.33
C21 DPV AA . 6.76 -13.06 -8.04
C22 DPV AA . 6.89 -11.65 -7.41
C23 DPV AA . 7.76 -11.63 -6.13
O2P DPV AA . -2.12 -19.21 -17.18
O3P DPV AA . 0.37 -19.73 -16.76
O4P DPV AA . -0.92 -21.49 -17.37
H1 DPV AA . -0.13 -17.81 -16.13
H1A DPV AA . 1.28 -17.94 -17.22
H2 DPV AA . 1.19 -19.06 -14.37
H2A DPV AA . 2.57 -19.06 -15.44
H3 DPV AA . 1.21 -16.52 -14.38
H3A DPV AA . 2.60 -16.53 -15.46
H4 DPV AA . -2.17 -22.80 -16.37
H4A DPV AA . -1.99 -21.21 -15.59
H5 DPV AA . 0.23 -21.76 -14.76
H5A DPV AA . -0.77 -23.17 -14.39
H6 DPV AA . 0.71 -24.98 -14.33
H6A DPV AA . 1.92 -23.70 -14.10
H6B DPV AA . 2.22 -25.00 -15.28
H7 DPV AA . 1.34 -22.03 -17.32
H7A DPV AA . 2.57 -23.32 -17.01
H7B DPV AA . 2.27 -22.03 -15.80
H8 DPV AA . -0.31 -23.94 -17.73
H8A DPV AA . -0.60 -25.12 -16.42
H8B DPV AA . 0.94 -25.13 -17.32
H15 DPV AA . 4.00 -17.70 -13.77
H15A DPV AA . 2.64 -17.76 -12.65
H16 DPV AA . 3.95 -15.21 -13.78
H16A DPV AA . 2.59 -15.23 -12.67
H17 DPV AA . 3.99 -16.41 -10.94
H17A DPV AA . 5.37 -16.36 -12.04
H18 DPV AA . 5.30 -13.85 -11.98
H18A DPV AA . 3.85 -13.90 -10.96
H19 DPV AA . 5.22 -15.12 -9.16
H19A DPV AA . 6.67 -14.91 -10.16
H20 DPV AA . 6.38 -12.41 -10.09
H20A DPV AA . 4.91 -12.60 -9.12
H21 DPV AA . 6.33 -13.76 -7.31
H21A DPV AA . 7.77 -13.43 -8.29
H22 DPV AA . 7.32 -10.96 -8.14
H22A DPV AA . 5.89 -11.28 -7.15
H23 DPV AA . 7.89 -10.63 -5.78
H23A DPV AA . 8.74 -12.05 -6.32
H23B DPV AA . 7.28 -12.20 -5.33
N DPV BA . 8.04 -30.05 -14.94
P DPV BA . 3.56 -28.88 -15.07
C1 DPV BA . 0.97 -28.80 -14.98
C2 DPV BA . -0.23 -29.05 -14.05
C3 DPV BA . -1.20 -27.83 -13.95
C4 DPV BA . 5.53 -30.33 -14.11
C5 DPV BA . 6.76 -29.37 -14.39
C6 DPV BA . 8.59 -31.15 -13.99
C7 DPV BA . 9.12 -28.96 -15.05
C8 DPV BA . 7.81 -30.66 -16.34
C15 DPV BA . -0.77 -26.82 -12.85
C16 DPV BA . -1.70 -25.58 -12.84
C17 DPV BA . -1.28 -24.58 -11.74
C18 DPV BA . -2.27 -23.38 -11.67
C19 DPV BA . -1.83 -22.26 -10.68
O1P DPV BA . 3.99 -27.50 -15.36
C20 DPV BA . -0.72 -21.35 -11.29
C21 DPV BA . -0.50 -20.08 -10.43
C22 DPV BA . 0.53 -19.11 -11.06
C23 DPV BA . 0.77 -17.91 -10.13
O2P DPV BA . 3.56 -29.71 -16.29
O3P DPV BA . 2.20 -28.96 -14.25
O4P DPV BA . 4.34 -29.54 -13.85
H1 DPV BA . 0.96 -29.53 -15.79
H1A DPV BA . 0.94 -27.78 -15.38
H2 DPV BA . -0.79 -29.91 -14.43
H2A DPV BA . 0.11 -29.33 -13.04
H3 DPV BA . -2.21 -28.20 -13.70
H3A DPV BA . -1.26 -27.34 -14.92
H4 DPV BA . 5.35 -30.98 -14.97
H4A DPV BA . 5.73 -30.94 -13.22
H5 DPV BA . 6.46 -28.61 -15.13
H5A DPV BA . 7.02 -28.86 -13.46
H6 DPV BA . 7.84 -31.95 -13.92
H6A DPV BA . 8.77 -30.71 -13.01
H6B DPV BA . 9.52 -31.53 -14.41
H7 DPV BA . 10.05 -29.43 -15.37
H7A DPV BA . 9.25 -28.49 -14.08
H7B DPV BA . 8.80 -28.21 -15.80
H8 DPV BA . 7.38 -29.87 -16.99
H8A DPV BA . 7.10 -31.51 -16.26
H8B DPV BA . 8.77 -30.98 -16.75
H15 DPV BA . 0.28 -26.51 -13.01
H15A DPV BA . -0.82 -27.31 -11.88
H16 DPV BA . -1.67 -25.10 -13.81
H16A DPV BA . -2.72 -25.92 -12.65
H17 DPV BA . -1.26 -25.06 -10.77
H17A DPV BA . -0.28 -24.21 -11.94
H18 DPV BA . -2.43 -22.96 -12.66
H18A DPV BA . -3.25 -23.77 -11.35
H19 DPV BA . -2.70 -21.64 -10.44
H19A DPV BA . -1.48 -22.71 -9.75
H20 DPV BA . 0.21 -21.92 -11.34
H20A DPV BA . -0.98 -21.06 -12.31
H21 DPV BA . -1.46 -19.56 -10.27
H21A DPV BA . -0.14 -20.38 -9.45
H22 DPV BA . 1.48 -19.62 -11.22
H22A DPV BA . 0.19 -18.76 -12.03
H23 DPV BA . 1.18 -18.24 -9.17
H23A DPV BA . -0.16 -17.38 -9.96
H23B DPV BA . 1.48 -17.22 -10.60
N DPV CA . 15.61 -30.24 -18.93
P DPV CA . 12.27 -27.59 -20.63
C1 DPV CA . 11.80 -25.98 -22.61
C2 DPV CA . 11.92 -26.00 -24.15
C3 DPV CA . 10.97 -24.97 -24.83
C4 DPV CA . 13.34 -29.96 -20.27
C5 DPV CA . 14.75 -30.60 -20.19
C6 DPV CA . 15.84 -28.73 -18.80
C7 DPV CA . 16.98 -30.92 -19.09
C8 DPV CA . 14.98 -30.78 -17.63
C15 DPV CA . 11.51 -23.51 -24.72
C16 DPV CA . 10.40 -22.43 -24.69
C17 DPV CA . 9.69 -22.35 -23.29
C18 DPV CA . 9.02 -20.98 -23.08
C19 DPV CA . 8.57 -20.77 -21.62
O1P DPV CA . 10.95 -28.23 -20.47
C20 DPV CA . 8.16 -19.29 -21.39
C21 DPV CA . 8.19 -18.94 -19.90
C22 DPV CA . 7.75 -17.49 -19.63
C23 DPV CA . 7.76 -17.19 -18.13
O2P DPV CA . 12.53 -26.57 -19.60
O3P DPV CA . 12.56 -27.10 -22.11
O4P DPV CA . 13.47 -28.63 -20.82
H1 DPV CA . 12.20 -25.05 -22.18
H1A DPV CA . 10.76 -26.11 -22.32
H2 DPV CA . 12.96 -25.80 -24.44
H2A DPV CA . 11.68 -26.99 -24.53
H3 DPV CA . 9.99 -25.05 -24.38
H3A DPV CA . 10.85 -25.22 -25.90
H4 DPV CA . 12.71 -30.54 -20.94
H4A DPV CA . 12.87 -29.91 -19.29
H5 DPV CA . 14.63 -31.70 -20.20
H5A DPV CA . 15.32 -30.31 -21.06
H6 DPV CA . 14.88 -28.23 -18.69
H6A DPV CA . 16.34 -28.37 -19.70
H6B DPV CA . 16.50 -28.55 -17.93
H7 DPV CA . 16.82 -32.00 -19.12
H7A DPV CA . 17.61 -30.64 -18.24
H7B DPV CA . 17.43 -30.57 -20.03
H8 DPV CA . 14.06 -30.22 -17.43
H8A DPV CA . 15.68 -30.64 -16.80
H8B DPV CA . 14.76 -31.84 -17.75
H15 DPV CA . 12.16 -23.30 -25.60
H15A DPV CA . 12.14 -23.37 -23.84
H16 DPV CA . 10.84 -21.46 -24.91
H16A DPV CA . 9.66 -22.64 -25.47
H17 DPV CA . 8.94 -23.14 -23.22
H17A DPV CA . 10.43 -22.52 -22.51
H18 DPV CA . 9.74 -20.20 -23.34
H18A DPV CA . 8.18 -20.87 -23.76
H19 DPV CA . 7.73 -21.43 -21.38
H19A DPV CA . 9.39 -21.03 -20.97
H20 DPV CA . 8.83 -18.63 -21.94
H20A DPV CA . 7.15 -19.12 -21.79
H21 DPV CA . 7.52 -19.62 -19.35
H21A DPV CA . 9.20 -19.09 -19.51
H22 DPV CA . 8.43 -16.79 -20.15
H22A DPV CA . 6.75 -17.35 -20.01
H23 DPV CA . 7.46 -16.16 -17.95
H23A DPV CA . 8.75 -17.35 -17.70
H23B DPV CA . 7.06 -17.83 -17.61
N DPV DA . 19.64 -22.66 -20.53
P DPV DA . 16.12 -24.92 -17.27
C1 DPV DA . 15.91 -22.51 -16.24
C2 DPV DA . 16.71 -21.53 -15.35
C3 DPV DA . 18.20 -21.43 -15.79
C4 DPV DA . 18.05 -23.94 -18.81
C5 DPV DA . 18.18 -23.04 -20.09
C6 DPV DA . 20.28 -21.65 -19.56
C7 DPV DA . 19.53 -22.00 -21.90
C8 DPV DA . 20.55 -23.90 -20.69
C15 DPV DA . 18.98 -20.28 -15.11
C16 DPV DA . 20.49 -20.41 -15.37
C17 DPV DA . 21.26 -19.13 -14.94
C18 DPV DA . 22.81 -19.28 -15.09
C19 DPV DA . 23.60 -17.96 -14.95
O1P DPV DA . 14.66 -25.11 -17.24
C20 DPV DA . 23.62 -17.41 -13.48
C21 DPV DA . 24.53 -16.17 -13.35
C22 DPV DA . 24.41 -15.49 -11.94
C23 DPV DA . 25.54 -14.45 -11.73
O2P DPV DA . 16.82 -26.20 -17.05
O3P DPV DA . 16.62 -23.78 -16.27
O4P DPV DA . 16.64 -24.11 -18.57
H1 DPV DA . 14.92 -22.67 -15.82
H1A DPV DA . 15.85 -22.11 -17.25
H2 DPV DA . 16.24 -20.54 -15.41
H2A DPV DA . 16.66 -21.85 -14.31
H3 DPV DA . 18.23 -21.26 -16.89
H3A DPV DA . 18.69 -22.38 -15.58
H4 DPV DA . 18.52 -24.90 -18.97
H4A DPV DA . 18.51 -23.43 -17.96
H5 DPV DA . 17.72 -23.55 -20.93
H5A DPV DA . 17.65 -22.10 -19.93
H6 DPV DA . 21.27 -21.36 -19.95
H6A DPV DA . 20.40 -22.10 -18.57
H6B DPV DA . 19.63 -20.76 -19.49
H7 DPV DA . 19.11 -22.72 -22.62
H7A DPV DA . 20.52 -21.70 -22.23
H7B DPV DA . 18.85 -21.15 -21.82
H8 DPV DA . 20.06 -24.60 -21.36
H8A DPV DA . 20.70 -24.35 -19.71
H8B DPV DA . 21.51 -23.58 -21.11
H15 DPV DA . 18.79 -20.28 -14.04
H15A DPV DA . 18.60 -19.32 -15.49
H16 DPV DA . 20.90 -21.28 -14.85
H16A DPV DA . 20.68 -20.57 -16.45
H17 DPV DA . 20.92 -18.29 -15.55
H17A DPV DA . 21.04 -18.89 -13.89
H18 DPV DA . 23.16 -20.04 -14.37
H18A DPV DA . 23.02 -19.70 -16.09
H19 DPV DA . 24.61 -18.13 -15.27
H19A DPV DA . 23.16 -17.21 -15.61
H20 DPV DA . 22.61 -17.15 -13.18
H20A DPV DA . 23.98 -18.18 -12.81
H21 DPV DA . 25.57 -16.46 -13.52
H21A DPV DA . 24.28 -15.42 -14.11
H22 DPV DA . 23.43 -15.02 -11.86
H22A DPV DA . 24.47 -16.24 -11.16
H23 DPV DA . 25.47 -13.65 -12.46
H23A DPV DA . 26.52 -14.92 -11.82
H23B DPV DA . 25.45 -14.03 -10.73
N DPV EA . 23.62 -33.30 -8.62
P DPV EA . 23.55 -29.69 -10.98
C1 DPV EA . 22.58 -27.59 -12.23
C2 DPV EA . 22.49 -26.04 -12.13
C3 DPV EA . 21.04 -25.52 -11.89
C4 DPV EA . 23.98 -30.68 -8.56
C5 DPV EA . 23.00 -31.88 -8.36
C6 DPV EA . 24.78 -33.61 -7.64
C7 DPV EA . 24.10 -33.46 -10.08
C8 DPV EA . 22.52 -34.33 -8.38
C15 DPV EA . 20.95 -23.95 -11.97
C16 DPV EA . 19.50 -23.41 -11.75
C17 DPV EA . 19.48 -21.88 -11.46
C18 DPV EA . 18.03 -21.38 -11.14
C19 DPV EA . 18.00 -19.92 -10.58
O1P DPV EA . 24.96 -29.95 -11.40
C20 DPV EA . 16.60 -19.57 -9.95
C21 DPV EA . 16.54 -18.12 -9.36
C22 DPV EA . 15.16 -17.87 -8.65
C23 DPV EA . 14.93 -16.38 -8.22
O2P DPV EA . 22.60 -30.58 -11.66
O3P DPV EA . 23.15 -28.14 -11.01
O4P DPV EA . 23.35 -29.66 -9.39
H1 DPV EA . 21.59 -28.03 -12.38
H1A DPV EA . 23.24 -27.87 -13.07
H2 DPV EA . 23.14 -25.69 -11.32
H2A DPV EA . 22.87 -25.61 -13.06
H3 DPV EA . 20.69 -25.86 -10.91
H3A DPV EA . 20.36 -25.96 -12.63
H4 DPV EA . 24.19 -30.24 -7.58
H4A DPV EA . 24.92 -30.98 -9.02
H5 DPV EA . 22.62 -31.88 -7.33
H5A DPV EA . 22.17 -31.78 -9.06
H6 DPV EA . 24.41 -33.54 -6.61
H6A DPV EA . 25.59 -32.89 -7.80
H6B DPV EA . 25.14 -34.65 -7.84
H7 DPV EA . 23.27 -33.23 -10.75
H7A DPV EA . 24.46 -34.47 -10.25
H7B DPV EA . 24.92 -32.75 -10.28
H8 DPV EA . 21.68 -34.11 -9.04
H8A DPV EA . 22.20 -34.27 -7.34
H8B DPV EA . 22.90 -35.33 -8.59
H15 DPV EA . 21.31 -23.61 -12.94
H15A DPV EA . 21.61 -23.53 -11.21
H16 DPV EA . 18.89 -23.64 -12.61
H16A DPV EA . 19.05 -23.94 -10.88
H17 DPV EA . 20.12 -21.66 -10.60
H17A DPV EA . 19.88 -21.34 -12.31
H18 DPV EA . 17.41 -21.43 -12.03
H18A DPV EA . 17.58 -22.06 -10.39
H19 DPV EA . 18.76 -19.82 -9.81
H19A DPV EA . 18.23 -19.22 -11.38
H20 DPV EA . 15.81 -19.69 -10.69
H20A DPV EA . 16.40 -20.28 -9.14
H21 DPV EA . 17.34 -17.98 -8.65
H21A DPV EA . 16.69 -17.40 -10.17
H22 DPV EA . 14.35 -18.19 -9.30
H22A DPV EA . 15.11 -18.49 -7.76
H23 DPV EA . 14.97 -15.71 -9.09
H23A DPV EA . 15.68 -16.06 -7.51
H23B DPV EA . 13.96 -16.27 -7.75
N DPV FA . 16.94 -33.40 -1.86
P DPV FA . 17.80 -30.02 -5.76
C1 DPV FA . 18.78 -27.64 -6.09
C2 DPV FA . 19.09 -26.33 -5.37
C3 DPV FA . 20.36 -26.43 -4.45
C4 DPV FA . 17.10 -31.80 -3.97
C5 DPV FA . 17.19 -31.97 -2.42
C6 DPV FA . 17.04 -33.33 -0.33
C7 DPV FA . 18.01 -34.39 -2.35
C8 DPV FA . 15.51 -33.92 -2.20
C15 DPV FA . 20.88 -25.03 -3.97
C16 DPV FA . 19.88 -24.32 -2.98
C17 DPV FA . 20.44 -22.97 -2.48
C18 DPV FA . 19.41 -22.22 -1.59
C19 DPV FA . 18.35 -21.42 -2.43
O1P DPV FA . 18.95 -30.76 -6.30
C20 DPV FA . 17.32 -20.69 -1.51
C21 DPV FA . 16.54 -19.60 -2.28
C22 DPV FA . 15.53 -18.85 -1.38
C23 DPV FA . 14.96 -17.60 -2.07
O2P DPV FA . 16.64 -29.99 -6.67
O3P DPV FA . 18.18 -28.58 -5.19
O4P DPV FA . 17.41 -30.43 -4.26
H1 DPV FA . 18.08 -27.46 -6.91
H1A DPV FA . 19.70 -28.08 -6.51
H2 DPV FA . 19.26 -25.54 -6.11
H2A DPV FA . 18.23 -26.02 -4.76
H3 DPV FA . 21.17 -26.93 -5.00
H3A DPV FA . 20.11 -27.05 -3.59
H4 DPV FA . 17.82 -32.47 -4.46
H4A DPV FA . 16.09 -32.02 -4.33
H5 DPV FA . 18.17 -31.66 -2.08
H5A DPV FA . 16.44 -31.32 -1.95
H6 DPV FA . 16.29 -32.63 0.05
H6A DPV FA . 18.04 -32.98 -0.06
H6B DPV FA . 16.86 -34.33 0.09
H7 DPV FA . 17.91 -34.51 -3.43
H7A DPV FA . 17.85 -35.37 -1.87
H7B DPV FA . 19.01 -34.00 -2.10
H8 DPV FA . 15.37 -34.90 -1.71
H8A DPV FA . 15.43 -34.03 -3.29
H8B DPV FA . 14.76 -33.22 -1.84
H15 DPV FA . 21.05 -24.38 -4.82
H15A DPV FA . 21.83 -25.17 -3.46
H16 DPV FA . 18.93 -24.16 -3.50
H16A DPV FA . 19.69 -24.98 -2.13
H17 DPV FA . 21.35 -23.13 -1.90
H17A DPV FA . 20.72 -22.33 -3.33
H18 DPV FA . 18.88 -22.93 -0.95
H18A DPV FA . 19.93 -21.53 -0.94
H19 DPV FA . 18.87 -20.69 -3.08
H19A DPV FA . 17.81 -22.10 -3.09
H20 DPV FA . 16.61 -21.41 -1.09
H20A DPV FA . 17.83 -20.21 -0.68
H21 DPV FA . 17.26 -18.89 -2.70
H21A DPV FA . 16.01 -20.06 -3.13
H22 DPV FA . 14.71 -19.51 -1.11
H22A DPV FA . 16.01 -18.54 -0.44
H23 DPV FA . 15.75 -16.87 -2.21
H23A DPV FA . 14.18 -17.15 -1.47
H23B DPV FA . 14.56 -17.89 -3.05
N DPV GA . 36.79 -9.26 -1.43
P DPV GA . 35.14 -11.54 -5.46
C1 DPV GA . 35.30 -10.62 -7.88
C2 DPV GA . 35.55 -9.28 -8.61
C3 DPV GA . 34.64 -9.14 -9.87
C4 DPV GA . 35.36 -10.91 -2.94
C5 DPV GA . 36.53 -10.73 -1.92
C6 DPV GA . 35.59 -8.65 -0.68
C7 DPV GA . 37.20 -8.33 -2.58
C8 DPV GA . 37.98 -9.33 -0.47
C15 DPV GA . 34.38 -7.64 -10.22
C16 DPV GA . 33.66 -7.45 -11.60
C17 DPV GA . 32.12 -7.83 -11.59
C18 DPV GA . 31.19 -6.74 -10.99
C19 DPV GA . 29.72 -7.21 -11.01
O1P DPV GA . 35.68 -12.90 -5.63
C20 DPV GA . 28.78 -6.09 -10.49
C21 DPV GA . 27.30 -6.59 -10.41
C22 DPV GA . 26.36 -5.47 -9.90
C23 DPV GA . 24.91 -5.98 -9.69
O2P DPV GA . 33.67 -11.54 -5.36
O3P DPV GA . 35.71 -10.49 -6.51
O4P DPV GA . 35.84 -10.72 -4.29
H1 DPV GA . 34.22 -10.85 -7.91
H1A DPV GA . 35.85 -11.44 -8.36
H2 DPV GA . 35.36 -8.46 -7.91
H2A DPV GA . 36.60 -9.22 -8.89
H3 DPV GA . 33.69 -9.64 -9.71
H3A DPV GA . 35.13 -9.63 -10.71
H4 DPV GA . 34.99 -11.93 -2.86
H4A DPV GA . 34.55 -10.21 -2.73
H5 DPV GA . 36.32 -11.32 -1.03
H5A DPV GA . 37.46 -11.08 -2.37
H6 DPV GA . 35.88 -7.68 -0.27
H6A DPV GA . 35.30 -9.33 0.13
H6B DPV GA . 34.75 -8.55 -1.37
H7 DPV GA . 38.07 -8.77 -3.10
H7A DPV GA . 37.46 -7.34 -2.18
H7B DPV GA . 36.37 -8.23 -3.28
H8 DPV GA . 38.20 -8.33 -0.10
H8A DPV GA . 38.85 -9.73 -1.00
H8B DPV GA . 37.75 -9.98 0.38
H15 DPV GA . 35.33 -7.10 -10.26
H15A DPV GA . 33.79 -7.19 -9.43
H16 DPV GA . 33.76 -6.40 -11.91
H16A DPV GA . 34.15 -8.05 -12.34
H17 DPV GA . 31.83 -8.01 -12.63
H17A DPV GA . 31.99 -8.77 -11.07
H18 DPV GA . 31.51 -6.53 -9.96
H18A DPV GA . 31.29 -5.81 -11.57
H19 DPV GA . 29.43 -7.49 -12.02
H19A DPV GA . 29.62 -8.10 -10.38
H20 DPV GA . 29.11 -5.77 -9.48
H20A DPV GA . 28.86 -5.22 -11.15
H21 DPV GA . 26.97 -6.93 -11.41
H21A DPV GA . 27.25 -7.44 -9.72
H22 DPV GA . 26.74 -5.07 -8.96
H22A DPV GA . 26.34 -4.66 -10.63
H23 DPV GA . 24.25 -5.16 -9.46
H23A DPV GA . 24.87 -6.70 -8.87
H23B DPV GA . 24.54 -6.47 -10.60
N DPV HA . 27.04 -26.81 -10.16
P DPV HA . 27.21 -29.61 -6.40
C1 DPV HA . 29.43 -30.50 -5.36
C2 DPV HA . 30.46 -30.12 -4.27
C3 DPV HA . 29.79 -30.00 -2.86
C4 DPV HA . 28.32 -28.49 -8.53
C5 DPV HA . 27.49 -28.28 -9.84
C6 DPV HA . 25.95 -26.32 -9.18
C7 DPV HA . 26.41 -26.84 -11.56
C8 DPV HA . 28.22 -25.82 -10.21
C15 DPV HA . 30.75 -29.56 -1.70
C16 DPV HA . 31.04 -28.03 -1.65
C17 DPV HA . 29.79 -27.16 -1.25
C18 DPV HA . 30.11 -25.64 -1.27
C19 DPV HA . 28.85 -24.76 -1.01
O1P DPV HA . 26.07 -29.42 -5.48
C20 DPV HA . 27.95 -24.59 -2.28
C21 DPV HA . 26.64 -23.83 -1.96
C22 DPV HA . 25.64 -23.83 -3.14
C23 DPV HA . 24.32 -23.15 -2.78
O2P DPV HA . 27.11 -30.90 -7.13
O3P DPV HA . 28.62 -29.36 -5.70
O4P DPV HA . 27.46 -28.35 -7.36
H1 DPV HA . 29.94 -30.85 -6.26
H1A DPV HA . 28.78 -31.31 -5.00
H2 DPV HA . 31.23 -30.89 -4.22
H2A DPV HA . 30.96 -29.19 -4.54
H3 DPV HA . 29.36 -30.98 -2.59
H3A DPV HA . 28.94 -29.32 -2.93
H4 DPV HA . 28.77 -29.50 -8.54
H4A DPV HA . 29.12 -27.77 -8.47
H5 DPV HA . 28.09 -28.61 -10.68
H5A DPV HA . 26.58 -28.90 -9.79
H6 DPV HA . 25.12 -27.05 -9.18
H6A DPV HA . 25.59 -25.34 -9.52
H6B DPV HA . 26.40 -26.25 -8.19
H7 DPV HA . 27.16 -27.21 -12.28
H7A DPV HA . 26.08 -25.83 -11.82
H7B DPV HA . 25.55 -27.53 -11.56
H8 DPV HA . 28.98 -26.21 -10.91
H8A DPV HA . 28.64 -25.73 -9.20
H8B DPV HA . 27.86 -24.85 -10.58
H15 DPV HA . 31.69 -30.10 -1.79
H15A DPV HA . 30.31 -29.87 -0.75
H16 DPV HA . 31.82 -27.84 -0.92
H16A DPV HA . 31.42 -27.71 -2.61
H17 DPV HA . 28.96 -27.36 -1.93
H17A DPV HA . 29.45 -27.45 -0.24
H18 DPV HA . 30.84 -25.41 -0.49
H18A DPV HA . 30.56 -25.35 -2.22
H19 DPV HA . 28.25 -25.21 -0.22
H19A DPV HA . 29.16 -23.78 -0.68
H20 DPV HA . 28.51 -24.05 -3.06
H20A DPV HA . 27.69 -25.58 -2.69
H21 DPV HA . 26.16 -24.29 -1.09
H21A DPV HA . 26.88 -22.78 -1.67
H22 DPV HA . 26.09 -23.33 -4.02
H22A DPV HA . 25.45 -24.86 -3.44
H23 DPV HA . 24.50 -22.13 -2.45
H23A DPV HA . 23.83 -23.70 -1.97
H23B DPV HA . 23.65 -23.14 -3.64
N DPV IA . 30.34 -25.30 -5.95
P DPV IA . 30.35 -20.84 -3.81
C1 DPV IA . 27.78 -20.31 -4.07
C2 DPV IA . 26.80 -19.68 -5.07
C3 DPV IA . 25.36 -20.20 -4.86
C4 DPV IA . 30.07 -22.70 -5.69
C5 DPV IA . 30.70 -24.01 -5.15
C6 DPV IA . 30.93 -26.50 -5.21
C7 DPV IA . 30.97 -25.28 -7.36
C8 DPV IA . 28.83 -25.55 -6.05
C15 DPV IA . 24.41 -19.72 -5.99
C16 DPV IA . 22.98 -20.30 -5.85
C17 DPV IA . 22.12 -19.88 -7.08
C18 DPV IA . 20.65 -20.40 -7.03
C19 DPV IA . 20.54 -21.91 -7.45
O1P DPV IA . 29.94 -21.78 -2.75
C20 DPV IA . 19.09 -22.40 -7.64
C21 DPV IA . 18.34 -22.64 -6.32
C22 DPV IA . 16.94 -23.27 -6.58
C23 DPV IA . 16.19 -23.51 -5.25
O2P DPV IA . 31.35 -19.86 -3.33
O3P DPV IA . 29.13 -20.16 -4.59
O4P DPV IA . 30.79 -21.56 -5.18
H1 DPV IA . 27.72 -19.82 -3.11
H1A DPV IA . 27.57 -21.38 -3.96
H2 DPV IA . 26.82 -18.60 -4.98
H2A DPV IA . 27.13 -19.93 -6.07
H3 DPV IA . 24.98 -19.85 -3.91
H3A DPV IA . 25.35 -21.29 -4.83
H4 DPV IA . 30.15 -22.68 -6.78
H4A DPV IA . 29.02 -22.63 -5.41
H5 DPV IA . 31.78 -23.93 -5.16
H5A DPV IA . 30.37 -24.17 -4.12
H6 DPV IA . 32.01 -26.37 -5.12
H6A DPV IA . 30.70 -27.41 -5.77
H6B DPV IA . 30.48 -26.55 -4.21
H7 DPV IA . 32.04 -25.08 -7.26
H7A DPV IA . 30.50 -24.49 -7.96
H7B DPV IA . 30.82 -26.26 -7.84
H8 DPV IA . 28.36 -24.77 -6.66
H8A DPV IA . 28.39 -25.53 -5.03
H8B DPV IA . 28.66 -26.53 -6.49
H15 DPV IA . 24.83 -20.03 -6.97
H15A DPV IA . 24.38 -18.63 -5.99
H16 DPV IA . 23.03 -21.40 -5.81
H16A DPV IA . 22.53 -19.93 -4.94
H17 DPV IA . 22.06 -18.79 -7.12
H17A DPV IA . 22.58 -20.19 -8.01
H18 DPV IA . 20.22 -20.27 -6.03
H18A DPV IA . 20.04 -19.82 -7.72
H19 DPV IA . 21.08 -22.04 -8.40
H19A DPV IA . 21.06 -22.53 -6.72
H20 DPV IA . 18.54 -21.66 -8.24
H20A DPV IA . 19.11 -23.32 -8.22
H21 DPV IA . 18.92 -23.29 -5.68
H21A DPV IA . 18.20 -21.69 -5.80
H22 DPV IA . 16.34 -22.62 -7.22
H22A DPV IA . 17.07 -24.22 -7.10
H23 DPV IA . 16.75 -24.21 -4.61
H23A DPV IA . 15.21 -23.94 -5.45
H23B DPV IA . 16.06 -22.57 -4.70
N DPV JA . 21.81 2.77 9.35
P DPV JA . 25.40 2.09 6.32
C1 DPV JA . 27.17 0.15 6.44
C2 DPV JA . 27.24 -1.36 6.58
C3 DPV JA . 28.60 -1.89 6.04
C4 DPV JA . 24.07 3.44 8.11
C5 DPV JA . 23.28 3.30 9.46
C6 DPV JA . 21.72 1.42 8.63
C7 DPV JA . 20.90 3.80 8.64
C8 DPV JA . 21.28 2.57 10.79
C15 DPV JA . 28.83 -3.40 6.32
C16 DPV JA . 28.23 -4.33 5.23
C17 DPV JA . 28.64 -5.81 5.50
C18 DPV JA . 28.24 -6.76 4.35
C19 DPV JA . 28.73 -8.20 4.65
O1P DPV JA . 24.54 2.17 5.13
C20 DPV JA . 28.22 -9.22 3.61
C21 DPV JA . 28.80 -10.64 3.89
C22 DPV JA . 28.15 -11.72 2.99
C23 DPV JA . 28.77 -13.11 3.22
O2P DPV JA . 26.55 3.01 6.24
O3P DPV JA . 25.80 0.59 6.69
O4P DPV JA . 24.60 2.17 7.70
H1 DPV JA . 27.83 0.63 7.16
H1A DPV JA . 27.44 0.44 5.43
H2 DPV JA . 27.13 -1.62 7.63
H2A DPV JA . 26.41 -1.82 6.03
H3 DPV JA . 29.41 -1.34 6.50
H3A DPV JA . 28.67 -1.71 4.97
H4 DPV JA . 23.41 3.84 7.32
H4A DPV JA . 24.91 4.12 8.27
H5 DPV JA . 23.83 2.62 10.12
H5A DPV JA . 23.24 4.28 9.94
H6 DPV JA . 22.38 0.71 9.15
H6A DPV JA . 22.04 1.54 7.59
H6B DPV JA . 20.68 1.07 8.66
H7 DPV JA . 21.27 3.95 7.63
H7A DPV JA . 20.94 4.74 9.20
H7B DPV JA . 19.88 3.43 8.62
H8 DPV JA . 21.89 1.81 11.29
H8A DPV JA . 20.24 2.25 10.73
H8B DPV JA . 21.35 3.52 11.32
H15 DPV JA . 28.43 -3.66 7.31
H15A DPV JA . 29.91 -3.57 6.40
H16 DPV JA . 27.14 -4.25 5.23
H16A DPV JA . 28.58 -4.03 4.23
H17 DPV JA . 29.72 -5.87 5.63
H17A DPV JA . 28.18 -6.15 6.43
H18 DPV JA . 27.15 -6.75 4.22
H18A DPV JA . 28.69 -6.40 3.42
H19 DPV JA . 29.82 -8.20 4.66
H19A DPV JA . 28.39 -8.50 5.64
H20 DPV JA . 27.13 -9.27 3.63
H20A DPV JA . 28.52 -8.89 2.61
H21 DPV JA . 29.86 -10.62 3.72
H21A DPV JA . 28.64 -10.92 4.95
H22 DPV JA . 27.08 -11.77 3.20
H22A DPV JA . 28.27 -11.45 1.94
H23 DPV JA . 28.27 -13.85 2.61
H23A DPV JA . 28.66 -13.41 4.27
H23B DPV JA . 29.83 -13.11 2.97
N DPV KA . 31.80 -0.02 -1.45
P DPV KA . 26.93 -0.82 -3.07
C1 DPV KA . 25.22 -2.59 -3.95
C2 DPV KA . 25.10 -3.97 -4.64
C3 DPV KA . 25.58 -5.13 -3.73
C4 DPV KA . 29.42 -0.22 -2.63
C5 DPV KA . 30.65 -0.97 -2.01
C6 DPV KA . 31.28 0.97 -0.38
C7 DPV KA . 32.49 0.76 -2.56
C8 DPV KA . 32.83 -0.94 -0.77
C15 DPV KA . 25.26 -6.51 -4.37
C16 DPV KA . 25.88 -7.68 -3.55
C17 DPV KA . 25.35 -9.06 -4.05
C18 DPV KA . 26.06 -10.23 -3.31
C19 DPV KA . 25.34 -11.59 -3.50
O1P DPV KA . 26.32 -0.72 -1.73
C20 DPV KA . 26.15 -12.77 -2.89
C21 DPV KA . 25.38 -14.11 -2.99
C22 DPV KA . 26.26 -15.31 -2.53
C23 DPV KA . 25.46 -16.64 -2.54
O2P DPV KA . 26.62 0.36 -3.91
O3P DPV KA . 26.59 -2.20 -3.79
O4P DPV KA . 28.45 -1.22 -3.04
H1 DPV KA . 24.72 -1.84 -4.57
H1A DPV KA . 24.73 -2.60 -2.96
H2 DPV KA . 24.07 -4.14 -4.92
H2A DPV KA . 25.70 -3.97 -5.54
H3 DPV KA . 25.06 -5.06 -2.76
H3A DPV KA . 26.65 -5.03 -3.52
H4 DPV KA . 28.95 0.42 -1.89
H4A DPV KA . 29.73 0.37 -3.48
H5 DPV KA . 30.32 -1.59 -1.17
H5A DPV KA . 31.11 -1.63 -2.76
H6 DPV KA . 32.14 1.54 0.00
H6A DPV KA . 30.82 0.40 0.43
H6B DPV KA . 30.54 1.63 -0.85
H7 DPV KA . 33.27 1.39 -2.13
H7A DPV KA . 31.76 1.41 -3.06
H7B DPV KA . 32.92 0.06 -3.28
H8 DPV KA . 32.37 -1.45 0.06
H8A DPV KA . 33.66 -0.33 -0.41
H8B DPV KA . 33.19 -1.67 -1.51
H15 DPV KA . 25.64 -6.54 -5.39
H15A DPV KA . 24.18 -6.63 -4.42
H16 DPV KA . 26.97 -7.62 -3.64
H16A DPV KA . 25.64 -7.57 -2.50
H17 DPV KA . 24.27 -9.12 -3.91
H17A DPV KA . 25.54 -9.16 -5.12
H18 DPV KA . 27.09 -10.31 -3.65
H18A DPV KA . 26.10 -10.00 -2.24
H19 DPV KA . 24.37 -11.52 -3.02
H19A DPV KA . 25.18 -11.76 -4.56
H20 DPV KA . 27.10 -12.88 -3.40
H20A DPV KA . 26.36 -12.56 -1.84
H21 DPV KA . 24.48 -14.04 -2.36
H21A DPV KA . 25.05 -14.26 -4.03
H22 DPV KA . 27.15 -15.40 -3.15
H22A DPV KA . 26.59 -15.13 -1.50
H23 DPV KA . 26.08 -17.44 -2.12
H23A DPV KA . 25.17 -16.93 -3.55
H23B DPV KA . 24.56 -16.56 -1.91
N DPV LA . 18.84 2.12 -19.07
P DPV LA . 20.34 4.78 -15.37
C1 DPV LA . 19.37 6.92 -16.55
C2 DPV LA . 18.03 7.67 -16.81
C3 DPV LA . 17.30 7.20 -18.10
C4 DPV LA . 19.64 2.51 -16.56
C5 DPV LA . 18.74 2.98 -17.76
C6 DPV LA . 18.45 0.64 -18.82
C7 DPV LA . 20.27 2.19 -19.67
C8 DPV LA . 17.85 2.73 -20.08
C15 DPV LA . 16.35 5.99 -17.85
C16 DPV LA . 15.45 5.71 -19.09
C17 DPV LA . 14.35 4.64 -18.86
C18 DPV LA . 12.97 5.23 -18.44
C19 DPV LA . 11.85 4.16 -18.29
O1P DPV LA . 20.61 5.23 -13.99
C20 DPV LA . 11.91 3.42 -16.92
C21 DPV LA . 10.96 2.18 -16.85
C22 DPV LA . 11.62 0.92 -17.49
C23 DPV LA . 10.73 -0.34 -17.25
O2P DPV LA . 21.58 4.77 -16.21
O3P DPV LA . 19.13 5.58 -16.05
O4P DPV LA . 19.48 3.43 -15.45
H1 DPV LA . 19.97 6.86 -17.47
H1A DPV LA . 19.94 7.47 -15.79
H2 DPV LA . 17.39 7.57 -15.94
H2A DPV LA . 18.26 8.73 -16.93
H3 DPV LA . 18.03 6.95 -18.88
H3A DPV LA . 16.71 8.02 -18.48
H4 DPV LA . 19.34 1.52 -16.22
H4A DPV LA . 20.70 2.46 -16.84
H5 DPV LA . 17.70 2.97 -17.44
H5A DPV LA . 19.01 4.00 -18.01
H6 DPV LA . 17.51 0.63 -18.28
H6A DPV LA . 19.23 0.15 -18.24
H6B DPV LA . 18.35 0.13 -19.77
H7 DPV LA . 20.96 1.74 -18.96
H7A DPV LA . 20.53 3.23 -19.86
H7B DPV LA . 20.28 1.60 -20.59
H8 DPV LA . 16.85 2.71 -19.65
H8A DPV LA . 17.90 2.13 -20.99
H8B DPV LA . 18.16 3.76 -20.30
H15 DPV LA . 15.72 6.18 -16.99
H15A DPV LA . 16.93 5.10 -17.62
H16 DPV LA . 14.97 6.66 -19.39
H16A DPV LA . 16.08 5.40 -19.92
H17 DPV LA . 14.21 4.06 -19.79
H17A DPV LA . 14.69 3.93 -18.10
H18 DPV LA . 13.07 5.79 -17.51
H18A DPV LA . 12.66 5.95 -19.20
H19 DPV LA . 10.88 4.63 -18.41
H19A DPV LA . 11.95 3.44 -19.12
H20 DPV LA . 12.93 3.13 -16.70
H20A DPV LA . 11.60 4.12 -16.14
H21 DPV LA . 10.74 1.97 -15.80
H21A DPV LA . 10.02 2.39 -17.34
H22 DPV LA . 11.76 1.05 -18.56
H22A DPV LA . 12.59 0.73 -17.03
H23 DPV LA . 10.70 -0.56 -16.19
H23A DPV LA . 11.17 -1.19 -17.77
H23B DPV LA . 9.73 -0.17 -17.63
N DPV MA . 10.46 -6.05 -26.92
P DPV MA . 11.95 -6.34 -21.90
C1 DPV MA . 11.64 -8.01 -19.91
C2 DPV MA . 12.03 -9.45 -19.46
C3 DPV MA . 11.29 -9.84 -18.16
C4 DPV MA . 11.17 -5.97 -24.36
C5 DPV MA . 10.98 -6.82 -25.65
C6 DPV MA . 11.40 -4.90 -27.32
C7 DPV MA . 9.05 -5.50 -26.69
C8 DPV MA . 10.39 -7.05 -28.08
C15 DPV MA . 12.00 -10.99 -17.38
C16 DPV MA . 11.12 -11.46 -16.18
C17 DPV MA . 11.94 -12.20 -15.07
C18 DPV MA . 11.10 -12.32 -13.77
C19 DPV MA . 11.91 -12.85 -12.56
O1P DPV MA . 13.30 -5.77 -22.01
C20 DPV MA . 11.02 -12.93 -11.28
C21 DPV MA . 11.80 -13.48 -10.04
C22 DPV MA . 10.87 -13.58 -8.79
C23 DPV MA . 11.62 -14.09 -7.54
O2P DPV MA . 11.02 -5.42 -21.22
O3P DPV MA . 11.94 -7.83 -21.31
O4P DPV MA . 11.39 -6.90 -23.27
H1 DPV MA . 10.56 -7.83 -19.76
H1A DPV MA . 12.20 -7.27 -19.34
H2 DPV MA . 11.79 -10.17 -20.25
H2A DPV MA . 13.10 -9.49 -19.31
H3 DPV MA . 10.26 -10.14 -18.40
H3A DPV MA . 11.21 -8.97 -17.50
H4 DPV MA . 12.03 -5.31 -24.46
H4A DPV MA . 10.26 -5.39 -24.14
H5 DPV MA . 11.94 -7.26 -25.92
H5A DPV MA . 10.27 -7.63 -25.46
H6 DPV MA . 11.03 -4.44 -28.25
H6A DPV MA . 12.40 -5.29 -27.46
H6B DPV MA . 11.40 -4.15 -26.52
H7 DPV MA . 8.68 -5.05 -27.62
H7A DPV MA . 9.09 -4.73 -25.91
H7B DPV MA . 8.39 -6.33 -26.40
H8 DPV MA . 9.73 -7.88 -27.78
H8A DPV MA . 11.39 -7.44 -28.27
H8B DPV MA . 10.00 -6.57 -28.97
H15 DPV MA . 12.97 -10.61 -17.02
H15A DPV MA . 12.21 -11.84 -18.03
H16 DPV MA . 10.63 -10.60 -15.74
H16A DPV MA . 10.34 -12.12 -16.55
H17 DPV MA . 12.22 -13.19 -15.44
H17A DPV MA . 12.86 -11.65 -14.86
H18 DPV MA . 10.68 -11.35 -13.50
H18A DPV MA . 10.26 -12.99 -13.96
H19 DPV MA . 12.31 -13.84 -12.79
H19A DPV MA . 12.75 -12.18 -12.37
H20 DPV MA . 10.66 -11.92 -11.05
H20A DPV MA . 10.15 -13.55 -11.47
H21 DPV MA . 12.20 -14.47 -10.27
H21A DPV MA . 12.63 -12.81 -9.82
H22 DPV MA . 10.45 -12.61 -8.56
H22A DPV MA . 10.01 -14.26 -9.00
H23 DPV MA . 12.46 -13.42 -7.33
H23A DPV MA . 12.00 -15.09 -7.70
H23B DPV MA . 10.95 -14.10 -6.68
N DPV NA . 0.17 -4.45 -18.32
P DPV NA . -0.10 -0.94 -15.67
C1 DPV NA . 1.30 -1.91 -13.66
C2 DPV NA . 2.35 -2.96 -14.11
C3 DPV NA . 3.52 -3.06 -13.09
C4 DPV NA . -0.75 -1.95 -18.01
C5 DPV NA . 0.39 -2.89 -18.53
C6 DPV NA . -1.18 -4.95 -18.88
C7 DPV NA . 0.24 -4.85 -16.83
C8 DPV NA . 1.29 -5.18 -19.06
C15 DPV NA . 4.53 -4.14 -13.55
C16 DPV NA . 5.59 -4.52 -12.47
C17 DPV NA . 6.92 -3.68 -12.53
C18 DPV NA . 7.97 -4.20 -13.57
C19 DPV NA . 7.87 -3.54 -15.01
O1P DPV NA . 1.17 -0.43 -16.26
C20 DPV NA . 8.16 -2.02 -15.02
C21 DPV NA . 6.87 -1.14 -15.20
C22 DPV NA . 7.17 0.39 -15.19
C23 DPV NA . 7.35 0.97 -13.76
O2P DPV NA . -0.98 0.15 -15.23
O3P DPV NA . 0.14 -2.05 -14.53
O4P DPV NA . -0.83 -2.04 -16.56
H1 DPV NA . 1.01 -2.10 -12.63
H1A DPV NA . 1.73 -0.91 -13.76
H2 DPV NA . 1.86 -3.92 -14.20
H2A DPV NA . 2.73 -2.69 -15.10
H3 DPV NA . 3.13 -3.30 -12.11
H3A DPV NA . 4.04 -2.09 -13.01
H4 DPV NA . -0.55 -0.92 -18.30
H4A DPV NA . -1.72 -2.27 -18.43
H5 DPV NA . 0.51 -2.74 -19.61
H5A DPV NA . 1.33 -2.63 -18.05
H6 DPV NA . -1.97 -4.48 -18.29
H6A DPV NA . -1.21 -6.04 -18.78
H6B DPV NA . -1.26 -4.66 -19.92
H7 DPV NA . 1.22 -4.55 -16.44
H7A DPV NA . 0.10 -5.92 -16.73
H7B DPV NA . -0.56 -4.33 -16.28
H8 DPV NA . 2.25 -4.85 -18.66
H8A DPV NA . 1.21 -4.95 -20.13
H8B DPV NA . 1.18 -6.26 -18.92
H15 DPV NA . 5.02 -3.78 -14.45
H15A DPV NA . 3.99 -5.05 -13.82
H16 DPV NA . 5.15 -4.40 -11.46
H16A DPV NA . 5.82 -5.58 -12.56
H17 DPV NA . 6.68 -2.63 -12.68
H17A DPV NA . 7.39 -3.73 -11.54
H18 DPV NA . 8.97 -4.00 -13.19
H18A DPV NA . 7.90 -5.28 -13.68
H19 DPV NA . 8.59 -4.05 -15.65
H19A DPV NA . 6.90 -3.75 -15.45
H20 DPV NA . 8.71 -1.71 -14.13
H20A DPV NA . 8.82 -1.80 -15.86
H21 DPV NA . 6.42 -1.39 -16.16
H21A DPV NA . 6.14 -1.37 -14.43
H22 DPV NA . 8.03 0.62 -15.79
H22A DPV NA . 6.32 0.90 -15.66
H23 DPV NA . 8.31 0.67 -13.35
H23A DPV NA . 6.56 0.61 -13.09
H23B DPV NA . 7.31 2.06 -13.80
N DPV OA . 21.43 -14.11 -26.81
P DPV OA . 20.21 -15.39 -22.67
C1 DPV OA . 19.92 -15.99 -20.14
C2 DPV OA . 20.73 -16.02 -18.82
C3 DPV OA . 19.90 -15.42 -17.66
C4 DPV OA . 21.82 -13.99 -24.18
C5 DPV OA . 21.91 -14.84 -25.52
C6 DPV OA . 21.63 -15.07 -27.99
C7 DPV OA . 22.25 -12.83 -27.11
C8 DPV OA . 19.93 -13.75 -26.73
C15 DPV OA . 20.76 -15.19 -16.40
C16 DPV OA . 19.95 -14.49 -15.27
C17 DPV OA . 20.78 -14.33 -13.97
C18 DPV OA . 19.98 -13.57 -12.88
C19 DPV OA . 20.63 -13.69 -11.49
O1P DPV OA . 19.21 -14.31 -22.56
C20 DPV OA . 19.91 -12.81 -10.42
C21 DPV OA . 19.90 -13.44 -9.01
C22 DPV OA . 18.68 -14.40 -8.78
C23 DPV OA . 18.76 -15.05 -7.39
O2P DPV OA . 19.73 -16.49 -23.49
O3P DPV OA . 20.82 -15.87 -21.27
O4P DPV OA . 21.68 -14.88 -23.06
H1 DPV OA . 19.34 -16.90 -20.25
H1A DPV OA . 19.25 -15.13 -20.15
H2 DPV OA . 21.00 -17.05 -18.59
H2A DPV OA . 21.66 -15.46 -18.97
H3 DPV OA . 19.07 -16.08 -17.41
H3A DPV OA . 19.47 -14.46 -17.97
H4 DPV OA . 22.76 -13.41 -24.07
H4A DPV OA . 20.97 -13.31 -24.21
H5 DPV OA . 22.95 -15.13 -25.68
H5A DPV OA . 21.30 -15.74 -25.41
H6 DPV OA . 21.08 -15.99 -27.79
H6A DPV OA . 22.70 -15.28 -28.08
H6B DPV OA . 21.27 -14.59 -28.91
H7 DPV OA . 23.33 -13.08 -27.12
H7A DPV OA . 22.07 -12.10 -26.31
H7B DPV OA . 21.95 -12.43 -28.08
H8 DPV OA . 19.60 -13.33 -27.70
H8A DPV OA . 19.77 -13.00 -25.95
H8B DPV OA . 19.36 -14.65 -26.52
H15 DPV OA . 21.63 -14.56 -16.67
H15A DPV OA . 21.15 -16.13 -16.03
H16 DPV OA . 19.65 -13.50 -15.61
H16A DPV OA . 19.06 -15.04 -15.06
H17 DPV OA . 21.08 -15.31 -13.60
H17A DPV OA . 21.70 -13.78 -14.19
H18 DPV OA . 19.91 -12.52 -13.18
H18A DPV OA . 18.95 -13.97 -12.84
H19 DPV OA . 20.62 -14.75 -11.18
H19A DPV OA . 21.68 -13.38 -11.55
H20 DPV OA . 20.42 -11.83 -10.37
H20A DPV OA . 18.88 -12.61 -10.73
H21 DPV OA . 20.82 -14.00 -8.83
H21A DPV OA . 19.86 -12.65 -8.26
H22 DPV OA . 17.76 -13.83 -8.84
H22A DPV OA . 18.65 -15.17 -9.55
H23 DPV OA . 19.76 -15.43 -7.21
H23A DPV OA . 18.05 -15.88 -7.31
H23B DPV OA . 18.51 -14.33 -6.61
N DPV PA . 18.36 -19.23 -26.69
P DPV PA . 16.12 -22.03 -24.15
C1 DPV PA . 14.72 -23.57 -22.55
C2 DPV PA . 15.30 -24.78 -21.79
C3 DPV PA . 16.48 -25.46 -22.56
C4 DPV PA . 17.28 -19.67 -24.31
C5 DPV PA . 18.37 -20.07 -25.37
C6 DPV PA . 16.98 -19.29 -27.39
C7 DPV PA . 19.40 -19.87 -27.63
C8 DPV PA . 18.76 -17.77 -26.43
C15 DPV PA . 17.10 -26.64 -21.76
C16 DPV PA . 18.36 -27.19 -22.46
C17 DPV PA . 19.09 -28.31 -21.64
C18 DPV PA . 20.14 -27.79 -20.62
C19 DPV PA . 19.64 -27.79 -19.14
O1P DPV PA . 14.97 -21.57 -24.95
C20 DPV PA . 20.66 -27.10 -18.19
C21 DPV PA . 20.15 -27.04 -16.74
C22 DPV PA . 20.99 -26.09 -15.86
C23 DPV PA . 20.45 -24.63 -15.83
O2P DPV PA . 16.99 -22.99 -24.87
O3P DPV PA . 15.71 -22.52 -22.67
O4P DPV PA . 16.93 -20.82 -23.49
H1 DPV PA . 14.39 -23.86 -23.55
H1A DPV PA . 13.85 -23.19 -21.99
H2 DPV PA . 15.63 -24.44 -20.81
H2A DPV PA . 14.52 -25.50 -21.63
H3 DPV PA . 17.25 -24.73 -22.76
H3A DPV PA . 16.10 -25.83 -23.52
H4 DPV PA . 17.66 -18.88 -23.67
H4A DPV PA . 16.38 -19.33 -24.80
H5 DPV PA . 19.37 -19.98 -24.92
H5A DPV PA . 18.22 -21.11 -25.67
H6 DPV PA . 16.68 -20.34 -27.51
H6A DPV PA . 17.06 -18.81 -28.37
H6B DPV PA . 16.25 -18.75 -26.79
H7 DPV PA . 20.35 -19.95 -27.10
H7A DPV PA . 19.51 -19.22 -28.51
H7B DPV PA . 19.04 -20.85 -27.92
H8 DPV PA . 18.76 -17.24 -27.37
H8A DPV PA . 19.76 -17.75 -25.99
H8B DPV PA . 18.04 -17.32 -25.76
H15 DPV PA . 16.34 -27.43 -21.66
H15A DPV PA . 17.35 -26.29 -20.76
H16 DPV PA . 18.08 -27.60 -23.42
H16A DPV PA . 19.06 -26.38 -22.64
H17 DPV PA . 18.36 -28.97 -21.16
H17A DPV PA . 19.63 -28.93 -22.35
H18 DPV PA . 21.02 -28.45 -20.67
H18A DPV PA . 20.48 -26.79 -20.90
H19 DPV PA . 18.67 -27.26 -19.09
H19A DPV PA . 19.46 -28.81 -18.83
H20 DPV PA . 21.61 -27.65 -18.21
H20A DPV PA . 20.84 -26.09 -18.55
H21 DPV PA . 19.10 -26.72 -16.71
H21A DPV PA . 20.16 -28.05 -16.31
H22 DPV PA . 20.99 -26.47 -14.84
H22A DPV PA . 22.02 -26.07 -16.19
H23 DPV PA . 19.45 -24.60 -15.41
H23A DPV PA . 20.42 -24.21 -16.84
H23B DPV PA . 21.11 -24.01 -15.21
N DPV QA . -1.05 -26.63 -1.32
P DPV QA . -1.38 -22.44 -0.06
C1 DPV QA . 1.17 -22.16 -0.57
C2 DPV QA . 2.23 -22.53 -1.63
C3 DPV QA . 1.88 -21.94 -3.04
C4 DPV QA . -2.14 -24.93 0.42
C5 DPV QA . -2.15 -25.57 -1.03
C6 DPV QA . 0.38 -26.10 -1.14
C7 DPV QA . -1.20 -27.05 -2.79
C8 DPV QA . -1.25 -27.88 -0.45
C15 DPV QA . 3.05 -22.05 -4.03
C16 DPV QA . 2.65 -21.44 -5.42
C17 DPV QA . 3.82 -20.68 -6.13
C18 DPV QA . 4.02 -19.27 -5.54
C19 DPV QA . 5.34 -18.62 -6.04
O1P DPV QA . -2.66 -22.30 -0.80
C20 DPV QA . 5.54 -17.26 -5.35
C21 DPV QA . 6.92 -16.66 -5.70
C22 DPV QA . 7.19 -15.40 -4.88
C23 DPV QA . 8.59 -14.85 -5.14
O2P DPV QA . -1.24 -21.40 0.97
O3P DPV QA . -0.13 -22.60 -1.03
O4P DPV QA . -1.11 -23.92 0.51
H1 DPV QA . 1.40 -22.65 0.37
H1A DPV QA . 1.16 -21.07 -0.42
H2 DPV QA . 3.18 -22.13 -1.30
H2A DPV QA . 2.31 -23.62 -1.69
H3 DPV QA . 1.62 -20.89 -2.91
H3A DPV QA . 1.00 -22.46 -3.44
H4 DPV QA . -3.11 -24.47 0.62
H4A DPV QA . -1.93 -25.71 1.16
H5 DPV QA . -3.12 -26.06 -1.17
H5A DPV QA . -2.04 -24.78 -1.77
H6 DPV QA . 1.11 -26.89 -1.43
H6A DPV QA . 0.51 -25.79 -0.09
H6B DPV QA . 0.50 -25.21 -1.81
H7 DPV QA . -1.00 -26.19 -3.42
H7A DPV QA . -2.23 -27.41 -2.94
H7B DPV QA . -0.49 -27.86 -3.00
H8 DPV QA . -0.55 -28.66 -0.75
H8A DPV QA . -2.28 -28.26 -0.59
H8B DPV QA . -1.09 -27.62 0.61
H15 DPV QA . 3.33 -23.09 -4.16
H15A DPV QA . 3.91 -21.52 -3.63
H16 DPV QA . 2.33 -22.27 -6.07
H16A DPV QA . 1.81 -20.76 -5.32
H17 DPV QA . 4.74 -21.27 -6.04
H17A DPV QA . 3.57 -20.57 -7.18
H18 DPV QA . 3.18 -18.63 -5.81
H18A DPV QA . 4.05 -19.33 -4.44
H19 DPV QA . 6.18 -19.28 -5.82
H19A DPV QA . 5.29 -18.49 -7.12
H20 DPV QA . 4.75 -16.56 -5.65
H20A DPV QA . 5.48 -17.38 -4.27
H21 DPV QA . 7.71 -17.39 -5.51
H21A DPV QA . 6.94 -16.41 -6.77
H22 DPV QA . 6.46 -14.62 -5.11
H22A DPV QA . 7.09 -15.63 -3.81
H23 DPV QA . 8.75 -13.92 -4.60
H23A DPV QA . 8.74 -14.64 -6.20
H23B DPV QA . 9.36 -15.56 -4.80
N DPV RA . 3.27 -34.50 -4.00
P DPV RA . 5.87 -32.75 -0.88
C1 DPV RA . 7.88 -34.40 -0.49
C2 DPV RA . 9.42 -34.20 -0.41
C3 DPV RA . 9.85 -32.84 0.22
C4 DPV RA . 4.16 -32.32 -2.78
C5 DPV RA . 3.77 -33.01 -4.12
C6 DPV RA . 3.01 -35.01 -5.42
C7 DPV RA . 1.96 -34.60 -3.20
C8 DPV RA . 4.35 -35.42 -3.38
C15 DPV RA . 9.52 -32.73 1.75
C16 DPV RA . 9.79 -31.33 2.37
C17 DPV RA . 8.85 -30.22 1.79
C18 DPV RA . 8.68 -28.98 2.71
C19 DPV RA . 9.98 -28.19 3.05
O1P DPV RA . 5.95 -31.42 -0.27
C20 DPV RA . 10.70 -27.58 1.81
C21 DPV RA . 11.83 -26.63 2.27
C22 DPV RA . 12.63 -26.10 1.03
C23 DPV RA . 13.71 -25.09 1.43
O2P DPV RA . 5.04 -33.70 -0.10
O3P DPV RA . 7.30 -33.34 -1.31
O4P DPV RA . 5.50 -32.73 -2.43
H1 DPV RA . 7.64 -35.36 -0.93
H1A DPV RA . 7.45 -34.35 0.52
H2 DPV RA . 9.86 -35.04 0.15
H2A DPV RA . 9.82 -34.25 -1.42
H3 DPV RA . 9.36 -32.02 -0.32
H3A DPV RA . 10.93 -32.71 0.08
H4 DPV RA . 4.13 -31.23 -2.87
H4A DPV RA . 3.47 -32.61 -1.99
H5 DPV RA . 2.95 -32.45 -4.59
H5A DPV RA . 4.63 -33.00 -4.81
H6 DPV RA . 3.93 -34.93 -6.02
H6A DPV RA . 2.21 -34.40 -5.88
H6B DPV RA . 2.68 -36.05 -5.37
H7 DPV RA . 2.15 -34.26 -2.17
H7A DPV RA . 1.64 -35.63 -3.19
H7B DPV RA . 1.21 -33.96 -3.67
H8 DPV RA . 4.49 -35.14 -2.33
H8A DPV RA . 5.28 -35.31 -3.92
H8B DPV RA . 4.00 -36.46 -3.43
H15 DPV RA . 10.12 -33.47 2.30
H15A DPV RA . 8.48 -33.00 1.93
H16 DPV RA . 9.64 -31.39 3.45
H16A DPV RA . 10.84 -31.05 2.21
H17 DPV RA . 9.22 -29.90 0.81
H17A DPV RA . 7.85 -30.65 1.61
H18 DPV RA . 7.96 -28.29 2.25
H18A DPV RA . 8.22 -29.29 3.66
H19 DPV RA . 9.72 -27.37 3.74
H19A DPV RA . 10.68 -28.84 3.59
H20 DPV RA . 11.11 -28.39 1.19
H20A DPV RA . 9.98 -27.01 1.20
H21 DPV RA . 11.39 -25.78 2.81
H21A DPV RA . 12.52 -27.14 2.95
H22 DPV RA . 13.10 -26.93 0.50
H22A DPV RA . 11.93 -25.60 0.36
H23 DPV RA . 14.27 -24.77 0.55
H23A DPV RA . 14.41 -25.52 2.14
H23B DPV RA . 13.26 -24.21 1.89
N DPV SA . 26.29 -21.66 12.99
P DPV SA . 23.79 -17.05 13.20
C1 DPV SA . 22.01 -15.72 11.87
C2 DPV SA . 21.56 -15.39 10.43
C3 DPV SA . 20.56 -16.43 9.87
C4 DPV SA . 25.14 -19.27 13.22
C5 DPV SA . 25.72 -20.39 12.27
C6 DPV SA . 27.49 -21.30 13.90
C7 DPV SA . 26.81 -22.60 11.89
C8 DPV SA . 25.22 -22.41 13.79
C15 DPV SA . 20.54 -16.46 8.32
C16 DPV SA . 19.32 -17.19 7.70
C17 DPV SA . 19.09 -18.67 8.21
C18 DPV SA . 17.81 -19.30 7.57
C19 DPV SA . 17.41 -20.61 8.31
O1P DPV SA . 22.79 -17.50 14.19
C20 DPV SA . 16.31 -21.43 7.58
C21 DPV SA . 14.88 -20.82 7.71
C22 DPV SA . 13.82 -21.69 7.01
C23 DPV SA . 12.47 -20.95 6.89
O2P DPV SA . 24.73 -16.06 13.75
O3P DPV SA . 23.15 -16.59 11.82
O4P DPV SA . 24.52 -18.24 12.45
H1 DPV SA . 22.29 -14.81 12.39
H1A DPV SA . 21.19 -16.20 12.43
H2 DPV SA . 21.07 -14.41 10.42
H2A DPV SA . 22.44 -15.32 9.79
H3 DPV SA . 19.58 -16.21 10.27
H3A DPV SA . 20.84 -17.43 10.24
H4 DPV SA . 24.37 -19.71 13.89
H4A DPV SA . 25.94 -18.84 13.81
H5 DPV SA . 24.92 -20.72 11.60
H5A DPV SA . 26.51 -19.94 11.67
H6 DPV SA . 27.14 -20.69 14.73
H6A DPV SA . 28.22 -20.75 13.29
H6B DPV SA . 27.93 -22.23 14.28
H7 DPV SA . 25.95 -22.89 11.25
H7A DPV SA . 27.24 -23.51 12.36
H7B DPV SA . 27.57 -22.08 11.29
H8 DPV SA . 24.38 -22.64 13.15
H8A DPV SA . 24.92 -21.78 14.64
H8B DPV SA . 25.66 -23.34 14.18
H15 DPV SA . 21.45 -16.91 7.95
H15A DPV SA . 20.52 -15.43 7.94
H16 DPV SA . 18.42 -16.61 7.92
H16A DPV SA . 19.44 -17.21 6.61
H17 DPV SA . 19.96 -19.27 7.94
H17A DPV SA . 19.00 -18.67 9.29
H18 DPV SA . 16.98 -18.59 7.61
H18A DPV SA . 17.99 -19.51 6.52
H19 DPV SA . 18.29 -21.24 8.41
H19A DPV SA . 17.07 -20.35 9.32
H20 DPV SA . 16.57 -21.53 6.53
H20A DPV SA . 16.30 -22.43 8.00
H21 DPV SA . 14.61 -20.72 8.76
H21A DPV SA . 14.88 -19.81 7.27
H22 DPV SA . 14.16 -21.94 6.00
H22A DPV SA . 13.66 -22.62 7.55
H23 DPV SA . 11.74 -21.56 6.33
H23A DPV SA . 12.60 -20.01 6.37
H23B DPV SA . 12.06 -20.77 7.90
N DPV TA . 10.89 -6.46 16.47
P DPV TA . 13.49 -9.84 13.69
C1 DPV TA . 13.56 -10.64 11.23
C2 DPV TA . 12.66 -11.17 10.11
C3 DPV TA . 13.50 -11.47 8.84
C4 DPV TA . 11.65 -8.12 14.53
C5 DPV TA . 11.16 -7.94 16.01
C6 DPV TA . 12.13 -5.55 16.34
C7 DPV TA . 10.56 -6.51 17.98
C8 DPV TA . 9.70 -5.84 15.72
C15 DPV TA . 12.60 -11.83 7.63
C16 DPV TA . 13.24 -11.40 6.29
C17 DPV TA . 12.18 -11.41 5.16
C18 DPV TA . 12.77 -10.94 3.82
C19 DPV TA . 11.69 -10.91 2.70
O1P DPV TA . 14.37 -8.66 13.49
C20 DPV TA . 12.30 -10.45 1.35
C21 DPV TA . 11.24 -10.36 0.25
C22 DPV TA . 11.89 -9.91 -1.10
C23 DPV TA . 10.83 -9.76 -2.21
O2P DPV TA . 14.22 -10.93 14.37
O3P DPV TA . 12.75 -10.29 12.37
O4P DPV TA . 12.08 -9.49 14.38
H1 DPV TA . 14.28 -11.41 11.52
H1A DPV TA . 14.09 -9.74 10.89
H2 DPV TA . 12.15 -12.06 10.43
H2A DPV TA . 11.92 -10.42 9.87
H3 DPV TA . 14.21 -12.29 9.03
H3A DPV TA . 14.08 -10.58 8.61
H4 DPV TA . 10.83 -7.90 13.83
H4A DPV TA . 12.49 -7.45 14.33
H5 DPV TA . 10.25 -8.51 16.17
H5A DPV TA . 11.95 -8.34 16.67
H6 DPV TA . 12.37 -5.45 15.28
H6A DPV TA . 12.96 -6.00 16.88
H6B DPV TA . 11.91 -4.56 16.75
H7 DPV TA . 10.32 -5.50 18.33
H7A DPV TA . 11.44 -6.91 18.51
H7B DPV TA . 9.71 -7.19 18.13
H8 DPV TA . 9.97 -5.76 14.66
H8A DPV TA . 9.48 -4.85 16.13
H8B DPV TA . 8.82 -6.49 15.83
H15 DPV TA . 11.63 -11.32 7.74
H15A DPV TA . 12.38 -12.92 7.63
H16 DPV TA . 13.62 -10.38 6.39
H16A DPV TA . 14.07 -12.07 6.05
H17 DPV TA . 11.78 -12.43 5.06
H17A DPV TA . 11.34 -10.76 5.45
H18 DPV TA . 13.19 -9.93 3.93
H18A DPV TA . 13.59 -11.60 3.53
H19 DPV TA . 11.28 -11.91 2.58
H19A DPV TA . 10.88 -10.24 2.99
H20 DPV TA . 12.76 -9.48 1.48
H20A DPV TA . 13.07 -11.15 1.05
H21 DPV TA . 10.75 -11.33 0.13
H21A DPV TA . 10.46 -9.66 0.55
H22 DPV TA . 12.38 -8.96 -0.97
H22A DPV TA . 12.64 -10.64 -1.41
H23 DPV TA . 10.41 -10.74 -2.45
H23A DPV TA . 11.27 -9.35 -3.12
H23B DPV TA . 10.01 -9.10 -1.91
N DPV UA . 2.00 -2.91 10.89
P DPV UA . 6.07 -1.00 12.77
C1 DPV UA . 8.10 -2.50 13.42
C2 DPV UA . 8.82 -1.90 14.66
C3 DPV UA . 10.38 -2.02 14.58
C4 DPV UA . 3.85 -2.45 12.72
C5 DPV UA . 2.77 -1.85 11.76
C6 DPV UA . 1.27 -3.97 11.75
C7 DPV UA . 2.95 -3.63 9.90
C8 DPV UA . 0.94 -2.14 10.08
C15 DPV UA . 11.13 -0.72 14.09
C16 DPV UA . 10.84 -0.31 12.61
C17 DPV UA . 11.34 -1.35 11.57
C18 DPV UA . 10.73 -1.12 10.16
C19 DPV UA . 11.07 -2.31 9.23
O1P DPV UA . 6.19 -1.09 11.31
C20 DPV UA . 10.28 -2.25 7.90
C21 DPV UA . 10.55 -3.52 7.05
C22 DPV UA . 9.76 -3.49 5.72
C23 DPV UA . 10.08 -4.74 4.86
O2P DPV UA . 6.56 0.30 13.29
O3P DPV UA . 6.67 -2.26 13.54
O4P DPV UA . 4.61 -1.38 13.33
H1 DPV UA . 8.47 -2.07 12.50
H1A DPV UA . 8.25 -3.59 13.40
H2 DPV UA . 8.53 -0.85 14.77
H2A DPV UA . 8.46 -2.41 15.56
H3 DPV UA . 10.66 -2.89 13.96
H3A DPV UA . 10.76 -2.26 15.58
H4 DPV UA . 3.36 -3.03 13.50
H4A DPV UA . 4.54 -3.09 12.17
H5 DPV UA . 2.04 -1.29 12.35
H5A DPV UA . 3.26 -1.16 11.07
H6 DPV UA . 0.69 -4.61 11.09
H6A DPV UA . 0.60 -3.47 12.46
H6B DPV UA . 2.01 -4.57 12.27
H7 DPV UA . 2.36 -4.26 9.23
H7A DPV UA . 3.65 -4.25 10.46
H7B DPV UA . 3.49 -2.87 9.32
H8 DPV UA . 0.24 -1.67 10.77
H8A DPV UA . 0.41 -2.86 9.43
H8B DPV UA . 1.45 -1.40 9.46
H15 DPV UA . 12.21 -0.88 14.21
H15A DPV UA . 10.87 0.11 14.74
H16 DPV UA . 9.77 -0.14 12.49
H16A DPV UA . 11.31 0.65 12.40
H17 DPV UA . 12.43 -1.30 11.52
H17A DPV UA . 11.09 -2.36 11.90
H18 DPV UA . 9.64 -1.05 10.26
H18A DPV UA . 11.09 -0.19 9.74
H19 DPV UA . 12.15 -2.30 9.02
H19A DPV UA . 10.84 -3.23 9.73
H20 DPV UA . 9.20 -2.19 8.10
H20A DPV UA . 10.55 -1.37 7.33
H21 DPV UA . 11.62 -3.61 6.85
H21A DPV UA . 10.26 -4.41 7.63
H22 DPV UA . 8.69 -3.46 5.93
H22A DPV UA . 10.03 -2.59 5.15
H23 DPV UA . 9.73 -5.66 5.36
H23A DPV UA . 11.15 -4.82 4.66
H23B DPV UA . 9.55 -4.66 3.90
N DPV VA . 6.44 -8.81 17.91
P DPV VA . 5.16 -6.09 13.70
C1 DPV VA . 6.17 -5.28 11.45
C2 DPV VA . 7.28 -5.60 10.44
C3 DPV VA . 7.04 -4.94 9.05
C4 DPV VA . 5.43 -7.67 15.77
C5 DPV VA . 6.51 -8.61 16.37
C6 DPV VA . 5.09 -9.43 18.36
C7 DPV VA . 6.67 -7.50 18.68
C8 DPV VA . 7.56 -9.79 18.28
C15 DPV VA . 5.98 -5.72 8.18
C16 DPV VA . 5.68 -4.96 6.86
C17 DPV VA . 4.64 -5.73 5.98
C18 DPV VA . 4.29 -4.92 4.71
C19 DPV VA . 3.21 -5.57 3.81
O1P DPV VA . 3.82 -6.33 13.13
C20 DPV VA . 3.77 -6.74 2.92
C21 DPV VA . 2.71 -7.33 1.95
C22 DPV VA . 1.74 -8.33 2.65
C23 DPV VA . 0.69 -8.89 1.66
O2P DPV VA . 5.20 -4.90 14.57
O3P DPV VA . 6.32 -6.14 12.61
O4P DPV VA . 5.80 -7.38 14.38
H1 DPV VA . 6.23 -4.24 11.75
H1A DPV VA . 5.20 -5.49 11.00
H2 DPV VA . 8.23 -5.23 10.84
H2A DPV VA . 7.38 -6.68 10.33
H3 DPV VA . 7.98 -4.92 8.51
H3A DPV VA . 6.72 -3.90 9.19
H4 DPV VA . 4.44 -8.14 15.76
H4A DPV VA . 5.40 -6.73 16.32
H5 DPV VA . 6.42 -9.60 15.90
H5A DPV VA . 7.51 -8.22 16.15
H6 DPV VA . 4.30 -8.70 18.22
H6A DPV VA . 5.17 -9.70 19.42
H6B DPV VA . 4.90 -10.33 17.75
H7 DPV VA . 7.57 -7.02 18.30
H7A DPV VA . 6.78 -7.73 19.74
H7B DPV VA . 5.80 -6.84 18.53
H8 DPV VA . 7.56 -9.97 19.36
H8A DPV VA . 8.51 -9.36 17.98
H8B DPV VA . 7.38 -10.72 17.74
H15 DPV VA . 5.05 -5.84 8.74
H15A DPV VA . 6.38 -6.70 7.94
H16 DPV VA . 5.29 -3.98 7.10
H16A DPV VA . 6.61 -4.82 6.30
H17 DPV VA . 5.05 -6.71 5.69
H17A DPV VA . 3.73 -5.91 6.56
H18 DPV VA . 3.89 -3.94 5.03
H18A DPV VA . 5.19 -4.72 4.13
H19 DPV VA . 2.40 -5.96 4.42
H19A DPV VA . 2.78 -4.81 3.15
H20 DPV VA . 4.60 -6.33 2.34
H20A DPV VA . 4.19 -7.50 3.56
H21 DPV VA . 2.15 -6.53 1.47
H21A DPV VA . 3.24 -7.86 1.15
H22 DPV VA . 2.31 -9.17 3.07
H22A DPV VA . 1.22 -7.83 3.47
H23 DPV VA . -0.01 -9.54 2.19
H23A DPV VA . 1.16 -9.48 0.87
H23B DPV VA . 0.11 -8.08 1.19
N DPV WA . -7.27 -16.19 -14.11
P DPV WA . -8.21 -13.70 -9.57
C1 DPV WA . -7.48 -13.51 -7.08
C2 DPV WA . -6.50 -14.10 -6.06
C3 DPV WA . -6.74 -13.57 -4.64
C4 DPV WA . -7.71 -14.75 -11.93
C5 DPV WA . -7.00 -15.98 -12.58
C6 DPV WA . -6.74 -15.01 -14.95
C7 DPV WA . -8.77 -16.42 -14.42
C8 DPV WA . -6.55 -17.47 -14.59
C15 DPV WA . -5.72 -14.21 -3.65
C16 DPV WA . -5.87 -13.64 -2.22
C17 DPV WA . -4.86 -14.31 -1.26
C18 DPV WA . -4.90 -13.67 0.16
C19 DPV WA . -4.10 -14.54 1.18
O1P DPV WA . -8.02 -12.28 -9.93
C20 DPV WA . -4.13 -13.90 2.60
C21 DPV WA . -3.71 -14.91 3.72
C22 DPV WA . -2.19 -15.22 3.74
C23 DPV WA . -1.86 -16.32 4.79
O2P DPV WA . -9.64 -14.07 -9.41
O3P DPV WA . -7.29 -14.18 -8.37
O4P DPV WA . -7.39 -14.71 -10.51
H1 DPV WA . -8.51 -13.68 -6.75
H1A DPV WA . -7.30 -12.44 -7.20
H2 DPV WA . -6.58 -15.18 -6.07
H2A DPV WA . -5.48 -13.85 -6.37
H3 DPV WA . -7.77 -13.79 -4.31
H3A DPV WA . -6.61 -12.48 -4.63
H4 DPV WA . -7.37 -13.81 -12.39
H4A DPV WA . -8.79 -14.83 -12.04
H5 DPV WA . -5.91 -15.88 -12.46
H5A DPV WA . -7.32 -16.89 -12.07
H6 DPV WA . -5.67 -14.89 -14.74
H6A DPV WA . -7.29 -14.11 -14.68
H6B DPV WA . -6.89 -15.24 -16.02
H7 DPV WA . -9.14 -17.24 -13.80
H7A DPV WA . -8.87 -16.66 -15.49
H7B DPV WA . -9.32 -15.50 -14.19
H8 DPV WA . -6.94 -18.33 -14.03
H8A DPV WA . -5.48 -17.37 -14.41
H8B DPV WA . -6.74 -17.60 -15.65
H15 DPV WA . -4.71 -14.02 -4.02
H15A DPV WA . -5.88 -15.30 -3.64
H16 DPV WA . -5.69 -12.55 -2.23
H16A DPV WA . -6.89 -13.79 -1.86
H17 DPV WA . -5.06 -15.38 -1.20
H17A DPV WA . -3.84 -14.20 -1.67
H18 DPV WA . -4.51 -12.65 0.13
H18A DPV WA . -5.94 -13.62 0.49
H19 DPV WA . -4.53 -15.55 1.21
H19A DPV WA . -3.06 -14.64 0.83
H20 DPV WA . -3.47 -13.02 2.62
H20A DPV WA . -5.14 -13.55 2.81
H21 DPV WA . -3.99 -14.48 4.69
H21A DPV WA . -4.28 -15.83 3.59
H22 DPV WA . -1.85 -15.57 2.75
H22A DPV WA . -1.62 -14.31 3.98
H23 DPV WA . -0.80 -16.56 4.77
H23A DPV WA . -2.43 -17.21 4.57
H23B DPV WA . -2.13 -15.97 5.79
N DPV XA . -9.72 -17.25 -5.33
P DPV XA . -7.76 -18.32 -0.60
C1 DPV XA . -7.80 -16.06 0.77
C2 DPV XA . -7.40 -16.48 2.20
C3 DPV XA . -8.61 -16.91 3.08
C4 DPV XA . -8.92 -17.55 -2.83
C5 DPV XA . -8.53 -17.27 -4.30
C6 DPV XA . -10.73 -16.13 -5.01
C7 DPV XA . -10.46 -18.61 -5.38
C8 DPV XA . -9.14 -17.00 -6.73
C15 DPV XA . -8.17 -17.52 4.43
C16 DPV XA . -7.74 -19.02 4.29
C17 DPV XA . -7.18 -19.61 5.63
C18 DPV XA . -5.68 -19.28 5.94
C19 DPV XA . -4.69 -20.09 5.05
O1P DPV XA . -8.55 -19.57 -0.64
C20 DPV XA . -3.24 -20.02 5.60
C21 DPV XA . -2.24 -20.75 4.67
C22 DPV XA . -0.78 -20.62 5.19
C23 DPV XA . 0.20 -21.45 4.33
O2P DPV XA . -6.41 -18.55 -0.05
O3P DPV XA . -8.56 -17.11 0.10
O4P DPV XA . -7.74 -17.54 -2.01
H1 DPV XA . -8.41 -15.15 0.83
H1A DPV XA . -6.93 -15.82 0.16
H2 DPV XA . -6.68 -17.29 2.15
H2A DPV XA . -6.89 -15.64 2.69
H3 DPV XA . -9.23 -17.61 2.54
H3A DPV XA . -9.23 -16.02 3.29
H4 DPV XA . -9.62 -16.79 -2.46
H4A DPV XA . -9.39 -18.54 -2.76
H5 DPV XA . -8.03 -16.30 -4.38
H5A DPV XA . -7.84 -18.04 -4.63
H6 DPV XA . -11.50 -16.10 -5.79
H6A DPV XA . -10.17 -15.19 -4.96
H6B DPV XA . -11.19 -16.34 -4.03
H7 DPV XA . -11.26 -18.55 -6.12
H7A DPV XA . -10.89 -18.80 -4.40
H7B DPV XA . -9.76 -19.39 -5.65
H8 DPV XA . -8.41 -17.79 -6.96
H8A DPV XA . -8.64 -16.03 -6.76
H8B DPV XA . -9.95 -17.02 -7.46
H15 DPV XA . -9.01 -17.46 5.13
H15A DPV XA . -7.35 -16.92 4.85
H16 DPV XA . -8.61 -19.60 4.00
H16A DPV XA . -6.99 -19.14 3.50
H17 DPV XA . -7.80 -19.26 6.45
H17A DPV XA . -7.29 -20.69 5.61
H18 DPV XA . -5.52 -18.21 5.79
H18A DPV XA . -5.51 -19.51 6.99
H19 DPV XA . -5.00 -21.12 4.99
H19A DPV XA . -4.71 -19.67 4.03
H20 DPV XA . -2.94 -18.97 5.71
H20A DPV XA . -3.20 -20.47 6.59
H21 DPV XA . -2.52 -21.81 4.59
H21A DPV XA . -2.28 -20.33 3.67
H22 DPV XA . -0.49 -19.57 5.18
H22A DPV XA . -0.72 -20.98 6.23
H23 DPV XA . 1.21 -21.35 4.71
H23A DPV XA . 0.19 -21.11 3.29
H23B DPV XA . -0.07 -22.50 4.33
N DPV YA . -6.35 -22.67 -1.73
P DPV YA . -4.19 -25.50 -4.96
C1 DPV YA . -5.09 -24.64 -7.27
C2 DPV YA . -6.10 -23.65 -7.87
C3 DPV YA . -5.75 -23.31 -9.35
C4 DPV YA . -5.76 -24.97 -2.91
C5 DPV YA . -5.78 -24.12 -1.61
C6 DPV YA . -6.23 -22.03 -0.35
C7 DPV YA . -7.84 -22.67 -2.11
C8 DPV YA . -5.54 -21.79 -2.71
C15 DPV YA . -6.79 -22.36 -10.00
C16 DPV YA . -6.35 -21.85 -11.40
C17 DPV YA . -5.49 -20.55 -11.30
C18 DPV YA . -4.71 -20.28 -12.61
C19 DPV YA . -3.82 -19.01 -12.49
O1P DPV YA . -2.76 -25.44 -5.32
C20 DPV YA . -2.88 -18.84 -13.72
C21 DPV YA . -2.00 -17.56 -13.61
C22 DPV YA . -2.65 -16.31 -14.28
C23 DPV YA . -1.68 -15.11 -14.27
O2P DPV YA . -4.70 -26.88 -4.95
O3P DPV YA . -5.11 -24.51 -5.82
O4P DPV YA . -4.53 -24.67 -3.64
H1 DPV YA . -5.37 -25.66 -7.54
H1A DPV YA . -4.09 -24.41 -7.61
H2 DPV YA . -7.10 -24.08 -7.83
H2A DPV YA . -6.12 -22.74 -7.28
H3 DPV YA . -5.70 -24.23 -9.92
H3A DPV YA . -4.76 -22.85 -9.39
H4 DPV YA . -5.75 -26.02 -2.67
H4A DPV YA . -6.62 -24.73 -3.54
H5 DPV YA . -6.38 -24.63 -0.85
H5A DPV YA . -4.76 -24.03 -1.22
H6 DPV YA . -5.18 -22.04 -0.06
H6A DPV YA . -6.82 -22.62 0.37
H6B DPV YA . -6.64 -21.02 -0.39
H7 DPV YA . -7.95 -23.04 -3.12
H7A DPV YA . -8.23 -21.65 -2.05
H7B DPV YA . -8.38 -23.32 -1.44
H8 DPV YA . -4.50 -21.79 -2.39
H8A DPV YA . -5.94 -20.77 -2.70
H8B DPV YA . -5.63 -22.23 -3.71
H15 DPV YA . -6.98 -21.50 -9.33
H15A DPV YA . -7.72 -22.89 -10.10
H16 DPV YA . -5.78 -22.64 -11.92
H16A DPV YA . -7.24 -21.64 -12.00
H17 DPV YA . -6.14 -19.71 -11.07
H17A DPV YA . -4.77 -20.64 -10.49
H18 DPV YA . -4.08 -21.15 -12.85
H18A DPV YA . -5.43 -20.16 -13.43
H19 DPV YA . -4.47 -18.12 -12.40
H19A DPV YA . -3.24 -19.07 -11.58
H20 DPV YA . -2.23 -19.70 -13.77
H20A DPV YA . -3.47 -18.84 -14.65
H21 DPV YA . -1.78 -17.36 -12.56
H21A DPV YA . -1.05 -17.77 -14.10
H22 DPV YA . -2.92 -16.54 -15.31
H22A DPV YA . -3.57 -16.05 -13.75
H23 DPV YA . -1.50 -14.78 -13.24
H23A DPV YA . -2.12 -14.27 -14.81
H23B DPV YA . -0.74 -15.38 -14.72
N DPV ZA . 25.36 -25.82 -20.48
P DPV ZA . 24.69 -20.85 -19.08
C1 DPV ZA . 26.38 -19.48 -17.61
C2 DPV ZA . 27.61 -19.65 -16.71
C3 DPV ZA . 27.22 -19.99 -15.24
C4 DPV ZA . 25.34 -23.37 -19.49
C5 DPV ZA . 25.43 -24.28 -20.75
C6 DPV ZA . 26.58 -26.30 -19.65
C7 DPV ZA . 25.41 -26.55 -21.83
C8 DPV ZA . 24.05 -26.23 -19.79
C15 DPV ZA . 28.49 -20.00 -14.34
C16 DPV ZA . 28.17 -20.16 -12.82
C17 DPV ZA . 27.60 -18.88 -12.17
C18 DPV ZA . 27.52 -19.02 -10.62
C19 DPV ZA . 27.15 -17.68 -9.96
O1P DPV ZA . 24.45 -19.61 -19.85
C20 DPV ZA . 26.81 -17.85 -8.46
C21 DPV ZA . 26.41 -16.52 -7.77
C22 DPV ZA . 27.63 -15.77 -7.17
C23 DPV ZA . 27.23 -14.38 -6.64
O2P DPV ZA . 23.48 -21.31 -18.37
O3P DPV ZA . 25.98 -20.78 -18.14
O4P DPV ZA . 25.39 -21.99 -19.95
H1 DPV ZA . 25.54 -19.04 -17.08
H1A DPV ZA . 26.64 -18.85 -18.47
H2 DPV ZA . 28.27 -20.43 -17.10
H2A DPV ZA . 28.17 -18.71 -16.73
H3 DPV ZA . 26.73 -20.96 -15.22
H3A DPV ZA . 26.51 -19.25 -14.87
H4 DPV ZA . 24.42 -23.56 -18.97
H4A DPV ZA . 26.19 -23.54 -18.82
H5 DPV ZA . 24.62 -24.03 -21.43
H5A DPV ZA . 26.38 -24.09 -21.27
H6 DPV ZA . 27.48 -26.02 -20.19
H6A DPV ZA . 26.54 -27.40 -19.52
H6B DPV ZA . 26.56 -25.82 -18.66
H7 DPV ZA . 24.60 -26.18 -22.45
H7A DPV ZA . 25.34 -27.61 -21.67
H7B DPV ZA . 26.36 -26.32 -22.31
H8 DPV ZA . 23.22 -25.86 -20.40
H8A DPV ZA . 24.03 -25.77 -18.78
H8B DPV ZA . 24.01 -27.32 -19.71
H15 DPV ZA . 29.05 -19.08 -14.50
H15A DPV ZA . 29.13 -20.83 -14.65
H16 DPV ZA . 27.47 -21.01 -12.69
H16A DPV ZA . 29.11 -20.42 -12.32
H17 DPV ZA . 28.25 -18.02 -12.42
H17A DPV ZA . 26.61 -18.66 -12.56
H18 DPV ZA . 26.77 -19.78 -10.38
H18A DPV ZA . 28.48 -19.37 -10.24
H19 DPV ZA . 27.97 -16.97 -10.05
H19A DPV ZA . 26.29 -17.24 -10.48
H20 DPV ZA . 25.99 -18.56 -8.36
H20A DPV ZA . 27.65 -18.30 -7.92
H21 DPV ZA . 25.88 -15.88 -8.49
H21A DPV ZA . 25.71 -16.73 -6.97
H22 DPV ZA . 28.04 -16.35 -6.36
H22A DPV ZA . 28.41 -15.65 -7.93
H23 DPV ZA . 28.11 -13.88 -6.23
H23A DPV ZA . 26.50 -14.48 -5.84
H23B DPV ZA . 26.82 -13.76 -7.46
N DPV AB . 32.59 -7.74 -5.21
P DPV AB . 30.65 -10.80 -8.15
C1 DPV AB . 28.02 -10.93 -8.12
C2 DPV AB . 26.82 -9.95 -8.25
C3 DPV AB . 25.49 -10.59 -7.78
C4 DPV AB . 31.24 -8.33 -7.41
C5 DPV AB . 32.62 -8.29 -6.68
C6 DPV AB . 31.81 -8.66 -4.27
C7 DPV AB . 32.03 -6.32 -5.12
C8 DPV AB . 34.05 -7.71 -4.74
C15 DPV AB . 24.30 -9.58 -7.90
C16 DPV AB . 23.00 -10.20 -7.32
C17 DPV AB . 21.78 -9.25 -7.51
C18 DPV AB . 20.48 -9.86 -6.89
C19 DPV AB . 19.19 -9.19 -7.47
O1P DPV AB . 31.13 -11.84 -9.08
C20 DPV AB . 17.89 -9.63 -6.73
C21 DPV AB . 17.39 -11.06 -7.14
C22 DPV AB . 16.09 -11.44 -6.41
C23 DPV AB . 15.55 -12.81 -6.86
O2P DPV AB . 30.73 -11.25 -6.73
O3P DPV AB . 29.21 -10.21 -8.54
O4P DPV AB . 31.31 -9.36 -8.42
H1 DPV AB . 28.14 -11.26 -7.09
H1A DPV AB . 27.89 -11.80 -8.77
H2 DPV AB . 27.02 -9.06 -7.65
H2A DPV AB . 26.72 -9.63 -9.29
H3 DPV AB . 25.60 -10.92 -6.74
H3A DPV AB . 25.27 -11.46 -8.40
H4 DPV AB . 30.44 -8.56 -6.72
H4A DPV AB . 31.06 -7.37 -7.89
H5 DPV AB . 33.04 -9.29 -6.63
H5A DPV AB . 33.29 -7.65 -7.25
H6 DPV AB . 30.76 -8.63 -4.54
H6A DPV AB . 31.97 -8.32 -3.25
H6B DPV AB . 32.19 -9.68 -4.40
H7 DPV AB . 32.17 -5.95 -4.10
H7A DPV AB . 30.98 -6.35 -5.38
H7B DPV AB . 32.58 -5.68 -5.81
H8 DPV AB . 34.06 -7.43 -3.68
H8A DPV AB . 34.59 -6.98 -5.33
H8B DPV AB . 34.47 -8.70 -4.87
H15 DPV AB . 24.15 -9.33 -8.96
H15A DPV AB . 24.53 -8.66 -7.36
H16 DPV AB . 22.80 -11.16 -7.81
H16A DPV AB . 23.15 -10.40 -6.25
H17 DPV AB . 21.98 -8.28 -7.04
H17A DPV AB . 21.64 -9.08 -8.57
H18 DPV AB . 20.45 -10.94 -7.07
H18A DPV AB . 20.51 -9.70 -5.80
H19 DPV AB . 19.28 -8.11 -7.39
H19A DPV AB . 19.10 -9.42 -8.55
H20 DPV AB . 18.05 -9.60 -5.65
H20A DPV AB . 17.10 -8.92 -6.96
H21 DPV AB . 17.24 -11.08 -8.22
H21A DPV AB . 18.16 -11.80 -6.90
H22 DPV AB . 16.27 -11.46 -5.33
H22A DPV AB . 15.33 -10.69 -6.59
H23 DPV AB . 15.37 -12.82 -7.93
H23A DPV AB . 14.61 -13.03 -6.34
H23B DPV AB . 16.26 -13.62 -6.63
N DPV BB . 14.82 -8.81 -24.76
P DPV BB . 19.14 -7.47 -24.73
C1 DPV BB . 21.10 -6.50 -23.34
C2 DPV BB . 22.24 -7.39 -22.78
C3 DPV BB . 22.11 -7.54 -21.24
C4 DPV BB . 17.42 -9.44 -24.72
C5 DPV BB . 15.97 -9.72 -24.18
C6 DPV BB . 13.52 -9.22 -24.07
C7 DPV BB . 14.63 -9.01 -26.27
C8 DPV BB . 15.07 -7.33 -24.46
C15 DPV BB . 23.33 -8.22 -20.61
C16 DPV BB . 23.16 -8.33 -19.08
C17 DPV BB . 24.46 -8.74 -18.36
C18 DPV BB . 24.27 -8.82 -16.82
C19 DPV BB . 24.26 -7.42 -16.13
O1P DPV BB . 19.93 -8.28 -25.69
C20 DPV BB . 23.81 -7.51 -14.64
C21 DPV BB . 23.96 -6.17 -13.87
C22 DPV BB . 22.73 -5.22 -14.06
C23 DPV BB . 22.87 -3.97 -13.17
O2P DPV BB . 18.66 -6.22 -25.34
O3P DPV BB . 19.87 -7.25 -23.34
O4P DPV BB . 17.98 -8.30 -24.02
H1 DPV BB . 20.99 -5.60 -22.72
H1A DPV BB . 21.34 -6.19 -24.35
H2 DPV BB . 22.20 -8.35 -23.26
H2A DPV BB . 23.20 -6.91 -23.04
H3 DPV BB . 21.21 -8.11 -21.00
H3A DPV BB . 22.00 -6.55 -20.80
H4 DPV BB . 18.07 -10.31 -24.57
H4A DPV BB . 17.40 -9.22 -25.78
H5 DPV BB . 15.71 -10.77 -24.43
H5A DPV BB . 15.96 -9.61 -23.09
H6 DPV BB . 13.33 -10.27 -24.29
H6A DPV BB . 12.71 -8.61 -24.46
H6B DPV BB . 13.63 -9.06 -22.99
H7 DPV BB . 13.83 -8.35 -26.63
H7A DPV BB . 14.39 -10.05 -26.48
H7B DPV BB . 15.58 -8.75 -26.77
H8 DPV BB . 15.18 -7.20 -23.37
H8A DPV BB . 14.21 -6.74 -24.83
H8B DPV BB . 15.98 -7.01 -24.98
H15 DPV BB . 24.23 -7.66 -20.86
H15A DPV BB . 23.46 -9.22 -21.04
H16 DPV BB . 22.83 -7.36 -18.69
H16A DPV BB . 22.38 -9.05 -18.85
H17 DPV BB . 24.75 -9.72 -18.72
H17A DPV BB . 25.26 -8.04 -18.60
H18 DPV BB . 23.33 -9.35 -16.59
H18A DPV BB . 25.07 -9.42 -16.40
H19 DPV BB . 25.26 -6.99 -16.17
H19A DPV BB . 23.59 -6.74 -16.66
H20 DPV BB . 22.77 -7.85 -14.60
H20A DPV BB . 24.41 -8.28 -14.13
H21 DPV BB . 24.08 -6.40 -12.80
H21A DPV BB . 24.88 -5.67 -14.19
H22 DPV BB . 22.67 -4.92 -15.10
H22A DPV BB . 21.81 -5.75 -13.81
H23 DPV BB . 22.91 -4.24 -12.11
H23A DPV BB . 22.00 -3.32 -13.32
H23B DPV BB . 23.75 -3.40 -13.43
N DPV CB . 25.39 4.30 -13.13
P DPV CB . 22.56 4.90 -9.29
C1 DPV CB . 21.86 2.55 -8.31
C2 DPV CB . 22.47 1.24 -7.77
C3 DPV CB . 21.41 0.11 -7.58
C4 DPV CB . 24.86 4.58 -10.51
C5 DPV CB . 25.51 3.72 -11.66
C6 DPV CB . 26.24 5.57 -13.29
C7 DPV CB . 23.91 4.60 -13.55
C8 DPV CB . 25.90 3.22 -14.10
C15 DPV CB . 21.12 -0.69 -8.89
C16 DPV CB . 19.91 -1.64 -8.72
C17 DPV CB . 19.75 -2.68 -9.88
C18 DPV CB . 20.69 -3.93 -9.69
C19 DPV CB . 20.22 -5.09 -10.60
O1P DPV CB . 23.11 6.12 -8.66
C20 DPV CB . 21.16 -6.33 -10.55
C21 DPV CB . 20.60 -7.46 -11.44
C22 DPV CB . 21.59 -8.64 -11.62
C23 DPV CB . 21.08 -9.67 -12.66
O2P DPV CB . 21.14 5.05 -9.63
O3P DPV CB . 22.90 3.55 -8.47
O4P DPV CB . 23.44 4.34 -10.50
H1 DPV CB . 21.39 2.37 -9.28
H1A DPV CB . 21.12 2.94 -7.59
H2 DPV CB . 23.27 0.91 -8.44
H2A DPV CB . 22.91 1.45 -6.80
H3 DPV CB . 20.50 0.53 -7.17
H3A DPV CB . 21.79 -0.58 -6.84
H4 DPV CB . 25.26 4.25 -9.55
H4A DPV CB . 25.06 5.64 -10.65
H5 DPV CB . 26.58 3.61 -11.47
H5A DPV CB . 25.05 2.73 -11.65
H6 DPV CB . 25.85 6.32 -12.60
H6A DPV CB . 26.16 5.92 -14.32
H6B DPV CB . 27.27 5.32 -13.04
H7 DPV CB . 23.90 4.93 -14.58
H7A DPV CB . 23.51 5.37 -12.90
H7B DPV CB . 23.32 3.68 -13.44
H8 DPV CB . 26.94 2.99 -13.85
H8A DPV CB . 25.83 3.62 -15.12
H8B DPV CB . 25.29 2.33 -14.00
H15 DPV CB . 22.01 -1.25 -9.18
H15A DPV CB . 20.91 0.01 -9.70
H16 DPV CB . 19.99 -2.19 -7.77
H16A DPV CB . 18.99 -1.05 -8.67
H17 DPV CB . 18.71 -3.03 -9.89
H17A DPV CB . 19.95 -2.21 -10.84
H18 DPV CB . 21.72 -3.65 -9.93
H18A DPV CB . 20.66 -4.23 -8.65
H19 DPV CB . 19.23 -5.38 -10.29
H19A DPV CB . 20.15 -4.73 -11.63
H20 DPV CB . 22.15 -6.04 -10.90
H20A DPV CB . 21.26 -6.68 -9.52
H21 DPV CB . 19.68 -7.83 -11.02
H21A DPV CB . 20.37 -7.05 -12.43
H22 DPV CB . 22.56 -8.26 -11.96
H22A DPV CB . 21.77 -9.14 -10.68
H23 DPV CB . 21.79 -10.49 -12.77
H23A DPV CB . 20.95 -9.19 -13.63
H23B DPV CB . 20.12 -10.08 -12.34
N DPV DB . 33.26 -4.52 3.16
P DPV DB . 33.56 -5.44 -1.52
C1 DPV DB . 35.28 -4.03 -2.94
C2 DPV DB . 34.88 -3.54 -4.35
C3 DPV DB . 33.51 -2.82 -4.34
C4 DPV DB . 34.41 -4.45 0.77
C5 DPV DB . 33.43 -5.19 1.76
C6 DPV DB . 32.71 -3.08 3.05
C7 DPV DB . 34.59 -4.50 3.93
C8 DPV DB . 32.27 -5.36 3.99
C15 DPV DB . 33.14 -2.23 -5.72
C16 DPV DB . 31.79 -1.45 -5.66
C17 DPV DB . 31.29 -1.01 -7.06
C18 DPV DB . 30.06 -0.04 -6.95
C19 DPV DB . 29.30 0.08 -8.32
O1P DPV DB . 32.89 -6.75 -1.49
C20 DPV DB . 28.37 -1.13 -8.60
C21 DPV DB . 26.95 -0.94 -7.98
C22 DPV DB . 26.11 -2.24 -8.06
C23 DPV DB . 24.61 -1.99 -7.78
O2P DPV DB . 32.58 -4.33 -1.54
O3P DPV DB . 34.69 -5.32 -2.66
O4P DPV DB . 34.67 -5.28 -0.38
H1 DPV DB . 36.36 -4.13 -2.89
H1A DPV DB . 34.97 -3.30 -2.17
H2 DPV DB . 35.64 -2.87 -4.71
H2A DPV DB . 34.85 -4.42 -5.02
H3 DPV DB . 33.55 -2.02 -3.58
H3A DPV DB . 32.72 -3.51 -4.02
H4 DPV DB . 33.98 -3.50 0.46
H4A DPV DB . 35.36 -4.26 1.26
H5 DPV DB . 32.43 -5.25 1.30
H5A DPV DB . 33.79 -6.21 1.93
H6 DPV DB . 32.50 -2.70 4.07
H6A DPV DB . 31.78 -3.09 2.47
H6B DPV DB . 33.47 -2.45 2.58
H7 DPV DB . 35.27 -3.81 3.42
H7A DPV DB . 35.00 -5.52 3.93
H7B DPV DB . 34.42 -4.17 4.96
H8 DPV DB . 32.66 -6.38 4.05
H8A DPV DB . 31.30 -5.34 3.49
H8B DPV DB . 32.18 -4.94 4.98
H15 DPV DB . 33.07 -3.03 -6.45
H15A DPV DB . 33.93 -1.55 -6.07
H16 DPV DB . 31.02 -2.08 -5.19
H16A DPV DB . 31.92 -0.56 -5.04
H17 DPV DB . 32.10 -0.52 -7.60
H17A DPV DB . 31.04 -1.92 -7.63
H18 DPV DB . 29.37 -0.37 -6.17
H18A DPV DB . 30.43 0.95 -6.66
H19 DPV DB . 28.73 1.01 -8.30
H19A DPV DB . 30.04 0.18 -9.10
H20 DPV DB . 28.26 -1.26 -9.69
H20A DPV DB . 28.82 -2.05 -8.23
H21 DPV DB . 27.06 -0.65 -6.92
H21A DPV DB . 26.42 -0.11 -8.48
H22 DPV DB . 26.22 -2.69 -9.04
H22A DPV DB . 26.49 -2.95 -7.32
H23 DPV DB . 24.06 -2.93 -7.83
H23A DPV DB . 24.21 -1.31 -8.52
H23B DPV DB . 24.48 -1.56 -6.80
N DPV EB . 8.09 10.00 -9.42
P DPV EB . 8.00 7.99 -5.30
C1 DPV EB . 10.45 7.59 -6.12
C2 DPV EB . 11.71 8.38 -6.52
C3 DPV EB . 12.60 7.65 -7.56
C4 DPV EB . 6.99 8.29 -7.71
C5 DPV EB . 6.79 9.40 -8.78
C6 DPV EB . 8.88 10.82 -8.39
C7 DPV EB . 7.65 10.94 -10.54
C8 DPV EB . 9.00 8.93 -10.03
C15 DPV EB . 13.47 6.51 -6.94
C16 DPV EB . 14.16 5.66 -8.05
C17 DPV EB . 15.06 4.55 -7.47
C18 DPV EB . 15.43 3.46 -8.53
C19 DPV EB . 14.29 2.42 -8.83
O1P DPV EB . 7.56 8.42 -3.96
C20 DPV EB . 14.08 1.40 -7.66
C21 DPV EB . 13.03 0.33 -8.02
C22 DPV EB . 12.74 -0.62 -6.82
C23 DPV EB . 11.77 -1.74 -7.23
O2P DPV EB . 7.81 6.53 -5.52
O3P DPV EB . 9.46 8.53 -5.69
O4P DPV EB . 7.41 8.90 -6.47
H1 DPV EB . 10.05 7.03 -6.97
H1A DPV EB . 10.69 6.88 -5.32
H2 DPV EB . 11.41 9.34 -6.93
H2A DPV EB . 12.29 8.60 -5.63
H3 DPV EB . 13.27 8.38 -8.05
H3A DPV EB . 11.96 7.24 -8.35
H4 DPV EB . 6.04 7.78 -7.52
H4A DPV EB . 7.75 7.59 -8.02
H5 DPV EB . 6.21 8.99 -9.62
H5A DPV EB . 6.23 10.25 -8.35
H6 DPV EB . 9.23 10.17 -7.60
H6A DPV EB . 8.25 11.61 -7.98
H6B DPV EB . 9.75 11.28 -8.88
H7 DPV EB . 7.09 10.36 -11.29
H7A DPV EB . 8.55 11.38 -11.00
H7B DPV EB . 7.02 11.73 -10.12
H8 DPV EB . 8.43 8.33 -10.73
H8A DPV EB . 9.39 8.30 -9.22
H8B DPV EB . 9.84 9.42 -10.54
H15 DPV EB . 12.84 5.86 -6.34
H15A DPV EB . 14.23 6.95 -6.28
H16 DPV EB . 13.38 5.21 -8.67
H16A DPV EB . 14.77 6.32 -8.69
H17 DPV EB . 15.98 4.99 -7.07
H17A DPV EB . 14.55 4.07 -6.62
H18 DPV EB . 15.73 3.95 -9.46
H18A DPV EB . 16.33 2.92 -8.17
H19 DPV EB . 13.36 2.95 -9.03
H19A DPV EB . 14.55 1.88 -9.74
H20 DPV EB . 15.05 0.92 -7.43
H20A DPV EB . 13.76 1.93 -6.77
H21 DPV EB . 12.10 0.80 -8.35
H21A DPV EB . 13.40 -0.26 -8.88
H22 DPV EB . 13.68 -1.07 -6.46
H22A DPV EB . 12.32 -0.05 -5.99
H23 DPV EB . 11.55 -2.36 -6.37
H23A DPV EB . 12.20 -2.36 -8.01
H23B DPV EB . 10.83 -1.33 -7.60
N DPV FB . 12.94 8.27 -14.81
P DPV FB . 14.77 3.72 -14.42
C1 DPV FB . 13.43 2.01 -12.97
C2 DPV FB . 12.09 1.25 -12.87
C3 DPV FB . 12.15 0.22 -11.70
C4 DPV FB . 13.24 5.80 -13.88
C5 DPV FB . 12.33 6.85 -14.62
C6 DPV FB . 14.31 8.23 -15.51
C7 DPV FB . 13.07 9.00 -13.46
C8 DPV FB . 11.96 9.07 -15.68
C15 DPV FB . 10.87 -0.63 -11.57
C16 DPV FB . 9.76 0.03 -10.71
C17 DPV FB . 8.51 -0.90 -10.66
C18 DPV FB . 7.34 -0.28 -9.86
C19 DPV FB . 6.03 -1.07 -10.14
O1P DPV FB . 15.55 3.13 -15.52
C20 DPV FB . 4.83 -0.54 -9.34
C21 DPV FB . 3.51 -1.21 -9.82
C22 DPV FB . 2.31 -0.75 -8.98
C23 DPV FB . 0.99 -1.38 -9.47
O2P DPV FB . 15.61 3.97 -13.22
O3P DPV FB . 13.42 2.90 -14.10
O4P DPV FB . 13.92 5.00 -14.87
H1 DPV FB . 13.61 2.59 -12.06
H1A DPV FB . 14.24 1.29 -13.11
H2 DPV FB . 11.28 1.95 -12.70
H2A DPV FB . 11.87 0.74 -13.81
H3 DPV FB . 12.34 0.76 -10.77
H3A DPV FB . 12.99 -0.45 -11.86
H4 DPV FB . 13.97 6.30 -13.25
H4A DPV FB . 12.61 5.14 -13.28
H5 DPV FB . 12.09 6.47 -15.61
H5A DPV FB . 11.40 6.96 -14.06
H6 DPV FB . 14.19 7.72 -16.47
H6A DPV FB . 15.02 7.69 -14.87
H6B DPV FB . 14.65 9.27 -15.66
H7 DPV FB . 12.10 8.98 -12.95
H7A DPV FB . 13.38 10.04 -13.64
H7B DPV FB . 13.81 8.48 -12.85
H8 DPV FB . 12.39 10.07 -15.89
H8A DPV FB . 11.02 9.18 -15.13
H8B DPV FB . 11.78 8.52 -16.60
H15 DPV FB . 11.17 -1.58 -11.10
H15A DPV FB . 10.49 -0.90 -12.56
H16 DPV FB . 10.13 0.23 -9.70
H16A DPV FB . 9.48 0.99 -11.16
H17 DPV FB . 8.18 -1.08 -11.68
H17A DPV FB . 8.77 -1.88 -10.23
H18 DPV FB . 7.56 -0.30 -8.79
H18A DPV FB . 7.21 0.75 -10.14
H19 DPV FB . 5.81 -0.98 -11.20
H19A DPV FB . 6.17 -2.12 -9.91
H20 DPV FB . 5.01 -0.75 -8.29
H20A DPV FB . 4.76 0.54 -9.46
H21 DPV FB . 3.34 -0.95 -10.87
H21A DPV FB . 3.61 -2.29 -9.75
H22 DPV FB . 2.45 -1.03 -7.93
H22A DPV FB . 2.22 0.35 -9.03
H23 DPV FB . 1.03 -2.46 -9.37
H23A DPV FB . 0.85 -1.15 -10.52
H23B DPV FB . 0.15 -0.99 -8.91
N DPV GB . 25.49 -3.68 -18.65
P DPV GB . 22.83 -0.46 -16.51
C1 DPV GB . 20.46 -1.39 -15.94
C2 DPV GB . 19.60 -1.87 -14.76
C3 DPV GB . 18.23 -2.38 -15.27
C4 DPV GB . 24.43 -2.55 -16.49
C5 DPV GB . 24.74 -3.86 -17.29
C6 DPV GB . 24.68 -2.84 -19.65
C7 DPV GB . 25.68 -5.08 -19.26
C8 DPV GB . 26.89 -3.06 -18.45
C15 DPV GB . 17.20 -2.65 -14.13
C16 DPV GB . 17.57 -3.90 -13.25
C17 DPV GB . 16.28 -4.49 -12.61
C18 DPV GB . 16.56 -5.66 -11.64
C19 DPV GB . 15.24 -6.39 -11.29
O1P DPV GB . 23.91 0.28 -15.84
C20 DPV GB . 15.40 -7.46 -10.17
C21 DPV GB . 14.07 -8.19 -9.98
C22 DPV GB . 14.09 -9.21 -8.82
C23 DPV GB . 12.74 -9.94 -8.69
O2P DPV GB . 22.18 0.38 -17.54
O3P DPV GB . 21.82 -1.15 -15.50
O4P DPV GB . 23.29 -1.90 -17.08
H1 DPV GB . 20.48 -2.15 -16.72
H1A DPV GB . 20.04 -0.47 -16.35
H2 DPV GB . 20.11 -2.67 -14.23
H2A DPV GB . 19.47 -1.04 -14.06
H3 DPV GB . 18.37 -3.28 -15.85
H3A DPV GB . 17.78 -1.64 -15.93
H4 DPV GB . 24.18 -2.80 -15.46
H4A DPV GB . 25.28 -1.88 -16.48
H5 DPV GB . 25.36 -4.50 -16.66
H5A DPV GB . 23.80 -4.39 -17.49
H6 DPV GB . 25.23 -2.81 -20.60
H6A DPV GB . 24.56 -1.83 -19.24
H6B DPV GB . 23.71 -3.31 -19.78
H7 DPV GB . 26.27 -5.68 -18.56
H7A DPV GB . 26.20 -4.96 -20.23
H7B DPV GB . 24.69 -5.53 -19.42
H8 DPV GB . 27.46 -3.69 -17.73
H8A DPV GB . 26.79 -2.06 -18.05
H8B DPV GB . 27.41 -3.02 -19.41
H15 DPV GB . 16.22 -2.80 -14.58
H15A DPV GB . 17.13 -1.78 -13.48
H16 DPV GB . 18.03 -4.67 -13.87
H16A DPV GB . 18.29 -3.60 -12.48
H17 DPV GB . 15.75 -3.69 -12.06
H17A DPV GB . 15.64 -4.84 -13.41
H18 DPV GB . 17.25 -6.37 -12.10
H18A DPV GB . 17.04 -5.28 -10.74
H19 DPV GB . 14.50 -5.64 -10.97
H19A DPV GB . 14.84 -6.87 -12.19
H20 DPV GB . 16.19 -8.17 -10.44
H20A DPV GB . 15.69 -6.96 -9.23
H21 DPV GB . 13.28 -7.45 -9.79
H21A DPV GB . 13.80 -8.72 -10.91
H22 DPV GB . 14.88 -9.95 -8.98
H22A DPV GB . 14.34 -8.69 -7.89
H23 DPV GB . 12.81 -10.69 -7.88
H23A DPV GB . 12.49 -10.45 -9.62
H23B DPV GB . 11.96 -9.22 -8.44
N DPV HB . 28.62 -8.11 -21.76
P DPV HB . 25.33 -12.19 -21.47
C1 DPV HB . 23.13 -12.92 -20.31
C2 DPV HB . 21.95 -12.32 -19.52
C3 DPV HB . 20.93 -11.61 -20.46
C4 DPV HB . 27.05 -10.25 -21.75
C5 DPV HB . 27.18 -8.71 -21.52
C6 DPV HB . 29.63 -8.67 -20.75
C7 DPV HB . 28.55 -6.60 -21.58
C8 DPV HB . 29.13 -8.37 -23.20
C15 DPV HB . 19.84 -10.90 -19.62
C16 DPV HB . 18.83 -10.15 -20.54
C17 DPV HB . 17.80 -9.33 -19.68
C18 DPV HB . 16.79 -8.60 -20.60
C19 DPV HB . 15.84 -7.62 -19.84
O1P DPV HB . 25.08 -12.68 -22.85
C20 DPV HB . 16.58 -6.34 -19.33
C21 DPV HB . 15.61 -5.24 -18.86
C22 DPV HB . 16.33 -4.05 -18.15
C23 DPV HB . 17.00 -3.06 -19.12
O2P DPV HB . 26.26 -13.07 -20.72
O3P DPV HB . 24.01 -11.85 -20.67
O4P DPV HB . 25.73 -10.64 -21.39
H1 DPV HB . 23.67 -13.63 -19.69
H1A DPV HB . 22.79 -13.45 -21.21
H2 DPV HB . 21.45 -13.12 -18.96
H2A DPV HB . 22.34 -11.61 -18.81
H3 DPV HB . 20.47 -12.34 -21.13
H3A DPV HB . 21.44 -10.88 -21.08
H4 DPV HB . 27.23 -10.49 -22.80
H4A DPV HB . 27.76 -10.77 -21.11
H5 DPV HB . 26.50 -8.19 -22.20
H5A DPV HB . 26.90 -8.47 -20.50
H6 DPV HB . 29.26 -8.50 -19.74
H6A DPV HB . 30.58 -8.13 -20.91
H6B DPV HB . 29.76 -9.74 -20.93
H7 DPV HB . 27.82 -6.19 -22.29
H7A DPV HB . 29.55 -6.18 -21.78
H7B DPV HB . 28.25 -6.39 -20.55
H8 DPV HB . 28.40 -8.00 -23.92
H8A DPV HB . 29.26 -9.45 -23.31
H8B DPV HB . 30.10 -7.86 -23.33
H15 DPV HB . 20.31 -10.19 -18.95
H15A DPV HB . 19.30 -11.64 -19.02
H16 DPV HB . 19.37 -9.47 -21.21
H16A DPV HB . 18.31 -10.86 -21.18
H17 DPV HB . 17.26 -10.01 -19.00
H17A DPV HB . 18.35 -8.60 -19.09
H18 DPV HB . 17.29 -8.06 -21.42
H18A DPV HB . 16.16 -9.37 -21.08
H19 DPV HB . 15.02 -7.33 -20.50
H19A DPV HB . 15.38 -8.15 -18.99
H20 DPV HB . 17.24 -6.62 -18.49
H20A DPV HB . 17.23 -5.94 -20.13
H21 DPV HB . 15.02 -4.87 -19.70
H21A DPV HB . 14.89 -5.67 -18.14
H22 DPV HB . 15.58 -3.50 -17.57
H22A DPV HB . 17.07 -4.43 -17.45
H23 DPV HB . 17.51 -2.26 -18.57
H23A DPV HB . 16.27 -2.61 -19.79
H23B DPV HB . 17.75 -3.57 -19.73
N DPV IB . 10.10 -19.61 14.17
P DPV IB . 6.35 -21.14 11.33
C1 DPV IB . 6.24 -19.82 9.07
C2 DPV IB . 6.90 -19.73 7.67
C3 DPV IB . 6.15 -20.56 6.57
C4 DPV IB . 8.36 -19.68 12.18
C5 DPV IB . 8.61 -19.67 13.73
C6 DPV IB . 10.88 -20.86 13.68
C7 DPV IB . 10.16 -19.61 15.70
C8 DPV IB . 10.80 -18.34 13.66
C15 DPV IB . 6.38 -22.10 6.66
C16 DPV IB . 7.83 -22.54 6.29
C17 DPV IB . 7.96 -24.09 6.19
C18 DPV IB . 8.33 -24.60 4.77
C19 DPV IB . 7.21 -24.41 3.71
O1P DPV IB . 6.95 -22.35 11.94
C20 DPV IB . 7.58 -24.95 2.30
C21 DPV IB . 8.66 -24.08 1.59
C22 DPV IB . 8.59 -24.20 0.06
C23 DPV IB . 9.61 -23.27 -0.62
O2P DPV IB . 4.87 -21.20 11.37
O3P DPV IB . 6.91 -20.84 9.86
O4P DPV IB . 6.94 -19.78 11.93
H1 DPV IB . 6.34 -18.87 9.59
H1A DPV IB . 5.18 -20.08 8.99
H2 DPV IB . 6.89 -18.69 7.37
H2A DPV IB . 7.95 -20.02 7.72
H3 DPV IB . 6.46 -20.22 5.58
H3A DPV IB . 5.08 -20.36 6.65
H4 DPV IB . 8.72 -18.76 11.73
H4A DPV IB . 8.88 -20.52 11.70
H5 DPV IB . 8.10 -18.81 14.17
H5A DPV IB . 8.19 -20.60 14.17
H6 DPV IB . 10.85 -20.90 12.58
H6A DPV IB . 10.41 -21.75 14.10
H6B DPV IB . 11.92 -20.78 14.01
H7 DPV IB . 11.22 -19.55 16.01
H7A DPV IB . 9.71 -20.54 16.07
H7B DPV IB . 9.60 -18.75 16.07
H8 DPV IB . 10.24 -17.47 14.00
H8A DPV IB . 10.82 -18.36 12.57
H8B DPV IB . 11.81 -18.32 14.03
H15 DPV IB . 5.67 -22.58 5.98
H15A DPV IB . 6.13 -22.46 7.67
H16 DPV IB . 8.13 -22.07 5.35
H16A DPV IB . 8.50 -22.16 7.06
H17 DPV IB . 8.73 -24.40 6.88
H17A DPV IB . 7.05 -24.59 6.53
H18 DPV IB . 9.24 -24.08 4.45
H18A DPV IB . 8.58 -25.66 4.83
H19 DPV IB . 6.31 -24.94 4.06
H19A DPV IB . 6.94 -23.36 3.64
H20 DPV IB . 7.92 -25.98 2.36
H20A DPV IB . 6.66 -24.95 1.71
H21 DPV IB . 8.54 -23.04 1.88
H21A DPV IB . 9.65 -24.38 1.93
H22 DPV IB . 8.80 -25.24 -0.24
H22A DPV IB . 7.59 -23.96 -0.29
H23 DPV IB . 9.54 -23.37 -1.72
H23A DPV IB . 10.63 -23.51 -0.31
H23B DPV IB . 9.43 -22.23 -0.36
N DPV JB . 18.02 -17.87 17.05
P DPV JB . 17.64 -17.57 12.35
C1 DPV JB . 16.39 -16.52 10.32
C2 DPV JB . 15.12 -16.71 9.42
C3 DPV JB . 15.22 -15.85 8.13
C4 DPV JB . 17.28 -18.75 14.67
C5 DPV JB . 17.36 -17.55 15.67
C6 DPV JB . 19.44 -18.42 16.92
C7 DPV JB . 17.13 -18.82 17.87
C8 DPV JB . 18.08 -16.54 17.82
C15 DPV JB . 13.95 -15.97 7.25
C16 DPV JB . 14.17 -15.28 5.85
C17 DPV JB . 12.92 -15.42 4.92
C18 DPV JB . 13.22 -14.93 3.48
C19 DPV JB . 11.98 -14.99 2.55
O1P DPV JB . 18.18 -16.25 12.78
C20 DPV JB . 12.32 -14.54 1.10
C21 DPV JB . 11.07 -14.48 0.18
C22 DPV JB . 11.35 -13.82 -1.20
C23 DPV JB . 11.80 -14.82 -2.29
O2P DPV JB . 18.69 -18.45 11.84
O3P DPV JB . 16.35 -17.47 11.41
O4P DPV JB . 16.70 -18.26 13.43
H1 DPV JB . 17.29 -16.71 9.72
H1A DPV JB . 16.42 -15.50 10.72
H2 DPV JB . 15.02 -17.78 9.16
H2A DPV JB . 14.22 -16.45 10.00
H3 DPV JB . 16.09 -16.21 7.55
H3A DPV JB . 15.40 -14.81 8.38
H4 DPV JB . 18.27 -19.17 14.47
H4A DPV JB . 16.62 -19.52 15.07
H5 DPV JB . 17.93 -16.75 15.22
H5A DPV JB . 16.37 -17.18 15.87
H6 DPV JB . 19.90 -18.47 17.92
H6A DPV JB . 20.02 -17.75 16.29
H6B DPV JB . 19.40 -19.41 16.49
H7 DPV JB . 17.58 -18.97 18.87
H7A DPV JB . 17.09 -19.78 17.34
H7B DPV JB . 16.14 -18.39 17.95
H8 DPV JB . 17.06 -16.16 17.98
H8A DPV JB . 18.65 -15.81 17.22
H8B DPV JB . 18.59 -16.71 18.77
H15 DPV JB . 13.12 -15.50 7.76
H15A DPV JB . 13.71 -17.02 7.11
H16 DPV JB . 14.41 -14.23 5.99
H16A DPV JB . 15.01 -15.75 5.35
H17 DPV JB . 12.60 -16.47 4.88
H17A DPV JB . 12.10 -14.84 5.36
H18 DPV JB . 13.61 -13.91 3.51
H18A DPV JB . 14.00 -15.58 3.06
H19 DPV JB . 11.62 -16.03 2.53
H19A DPV JB . 11.19 -14.37 2.95
H20 DPV JB . 12.80 -13.55 1.13
H20A DPV JB . 13.04 -15.24 0.67
H21 DPV JB . 10.68 -15.50 0.04
H21A DPV JB . 10.30 -13.90 0.70
H22 DPV JB . 10.42 -13.32 -1.56
H22A DPV JB . 12.10 -13.03 -1.10
H23 DPV JB . 11.07 -15.61 -2.43
H23A DPV JB . 12.75 -15.29 -2.03
H23B DPV JB . 11.92 -14.30 -3.24
N DPV KB . 1.67 -29.89 7.07
P DPV KB . 0.46 -26.65 4.70
C1 DPV KB . 1.30 -25.39 2.62
C2 DPV KB . 2.57 -24.79 1.99
C3 DPV KB . 2.95 -23.43 2.67
C4 DPV KB . 1.06 -27.29 7.20
C5 DPV KB . 0.57 -28.78 7.26
C6 DPV KB . 2.11 -30.00 5.59
C7 DPV KB . 1.02 -31.22 7.47
C8 DPV KB . 2.90 -29.68 7.98
C15 DPV KB . 4.10 -22.75 1.89
C16 DPV KB . 4.29 -21.26 2.35
C17 DPV KB . 5.16 -20.44 1.34
C18 DPV KB . 6.69 -20.72 1.43
C19 DPV KB . 7.42 -19.74 2.39
O1P DPV KB . -0.05 -27.87 4.06
C20 DPV KB . 8.96 -20.03 2.45
C21 DPV KB . 9.74 -18.97 3.29
C22 DPV KB . 9.43 -19.07 4.81
C23 DPV KB . 10.26 -18.07 5.65
O2P DPV KB . -0.64 -25.75 5.10
O3P DPV KB . 1.62 -25.93 3.90
O4P DPV KB . 1.52 -26.93 5.86
H1 DPV KB . 0.52 -24.63 2.73
H1A DPV KB . 0.91 -26.20 1.98
H2 DPV KB . 3.40 -25.50 2.11
H2A DPV KB . 2.40 -24.64 0.92
H3 DPV KB . 3.24 -23.59 3.71
H3A DPV KB . 2.07 -22.78 2.65
H4 DPV KB . 0.26 -26.63 7.49
H4A DPV KB . 1.90 -27.14 7.88
H5 DPV KB . 0.11 -28.96 8.23
H5A DPV KB . -0.19 -28.95 6.48
H6 DPV KB . 2.63 -29.08 5.31
H6A DPV KB . 1.22 -30.13 4.96
H6B DPV KB . 2.79 -30.86 5.49
H7 DPV KB . 1.74 -32.03 7.33
H7A DPV KB . 0.14 -31.39 6.83
H7B DPV KB . 0.71 -31.15 8.51
H8 DPV KB . 3.55 -30.55 7.89
H8A DPV KB . 2.55 -29.56 9.00
H8B DPV KB . 3.43 -28.79 7.66
H15 DPV KB . 3.89 -22.76 0.82
H15A DPV KB . 5.04 -23.29 2.05
H16 DPV KB . 3.30 -20.78 2.40
H16A DPV KB . 4.72 -21.23 3.34
H17 DPV KB . 4.83 -20.66 0.32
H17A DPV KB . 4.97 -19.38 1.49
H18 DPV KB . 6.86 -21.74 1.75
H18A DPV KB . 7.12 -20.63 0.42
H19 DPV KB . 7.27 -18.72 2.06
H19A DPV KB . 6.98 -19.84 3.39
H20 DPV KB . 9.13 -21.02 2.87
H20A DPV KB . 9.35 -20.03 1.44
H21 DPV KB . 10.81 -19.12 3.12
H21A DPV KB . 9.50 -17.96 2.93
H22 DPV KB . 8.38 -18.87 4.99
H22A DPV KB . 9.63 -20.09 5.17
H23 DPV KB . 11.32 -18.29 5.58
H23A DPV KB . 9.97 -18.12 6.71
H23B DPV KB . 10.11 -17.06 5.30
N DPV LB . 17.24 -3.20 -23.53
P DPV LB . 21.07 -1.73 -21.63
C1 DPV LB . 20.96 -3.16 -19.46
C2 DPV LB . 20.95 -4.63 -19.02
C3 DPV LB . 20.40 -4.80 -17.60
C4 DPV LB . 19.80 -2.59 -23.80
C5 DPV LB . 18.73 -3.52 -23.15
C6 DPV LB . 16.99 -3.29 -25.05
C7 DPV LB . 16.81 -1.81 -23.02
C8 DPV LB . 16.36 -4.26 -22.83
C15 DPV LB . 20.13 -6.29 -17.24
C16 DPV LB . 19.26 -6.42 -15.96
C17 DPV LB . 18.83 -7.89 -15.74
C18 DPV LB . 17.99 -8.07 -14.43
C19 DPV LB . 17.58 -9.55 -14.24
O1P DPV LB . 22.24 -0.86 -21.52
C20 DPV LB . 16.85 -9.81 -12.88
C21 DPV LB . 16.53 -11.32 -12.70
C22 DPV LB . 15.89 -11.63 -11.31
C23 DPV LB . 15.64 -13.14 -11.12
O2P DPV LB . 19.80 -1.02 -21.31
O3P DPV LB . 21.24 -3.12 -20.87
O4P DPV LB . 21.01 -2.57 -22.99
H1 DPV LB . 19.99 -2.70 -19.28
H1A DPV LB . 21.74 -2.60 -18.92
H2 DPV LB . 20.33 -5.20 -19.72
H2A DPV LB . 21.97 -5.03 -19.07
H3 DPV LB . 19.47 -4.24 -17.52
H3A DPV LB . 21.11 -4.38 -16.87
H4 DPV LB . 20.04 -2.95 -24.81
H4A DPV LB . 19.44 -1.57 -23.88
H5 DPV LB . 18.91 -4.56 -23.44
H5A DPV LB . 18.79 -3.45 -22.06
H6 DPV LB . 17.56 -2.51 -25.54
H6A DPV LB . 15.92 -3.17 -25.24
H6B DPV LB . 17.32 -4.28 -25.38
H7 DPV LB . 17.37 -1.06 -23.58
H7A DPV LB . 17.05 -1.74 -21.96
H7B DPV LB . 15.73 -1.69 -23.19
H8 DPV LB . 16.66 -5.26 -23.16
H8A DPV LB . 15.31 -4.09 -23.09
H8B DPV LB . 16.49 -4.17 -21.74
H15 DPV LB . 21.08 -6.81 -17.10
H15A DPV LB . 19.62 -6.76 -18.08
H16 DPV LB . 19.81 -6.06 -15.09
H16A DPV LB . 18.35 -5.81 -16.06
H17 DPV LB . 18.24 -8.25 -16.60
H17A DPV LB . 19.72 -8.51 -15.67
H18 DPV LB . 18.59 -7.75 -13.59
H18A DPV LB . 17.11 -7.44 -14.48
H19 DPV LB . 16.93 -9.86 -15.06
H19A DPV LB . 18.47 -10.19 -14.29
H20 DPV LB . 17.49 -9.48 -12.05
H20A DPV LB . 15.94 -9.21 -12.84
H21 DPV LB . 15.82 -11.63 -13.49
H21A DPV LB . 17.44 -11.89 -12.83
H22 DPV LB . 16.55 -11.28 -10.52
H22A DPV LB . 14.94 -11.10 -11.21
H23 DPV LB . 16.59 -13.69 -11.22
H23A DPV LB . 14.95 -13.52 -11.87
H23B DPV LB . 15.23 -13.35 -10.13
N DPV MB . 32.92 -4.58 -15.20
P DPV MB . 28.24 -5.07 -15.13
C1 DPV MB . 27.04 -3.48 -13.43
C2 DPV MB . 26.45 -2.04 -13.32
C3 DPV MB . 25.86 -1.79 -11.89
C4 DPV MB . 30.54 -4.99 -16.37
C5 DPV MB . 31.93 -4.22 -16.38
C6 DPV MB . 33.28 -6.08 -15.21
C7 DPV MB . 32.35 -4.21 -13.83
C8 DPV MB . 34.20 -3.78 -15.41
C15 DPV MB . 25.13 -0.42 -11.76
C16 DPV MB . 23.67 -0.47 -12.30
C17 DPV MB . 22.91 0.86 -12.12
C18 DPV MB . 21.45 0.75 -12.63
C19 DPV MB . 20.60 1.99 -12.28
O1P DPV MB . 27.58 -5.74 -16.27
C20 DPV MB . 19.08 1.79 -12.58
C21 DPV MB . 18.38 0.86 -11.55
C22 DPV MB . 16.85 0.77 -11.81
C23 DPV MB . 16.21 -0.27 -10.87
O2P DPV MB . 28.41 -5.97 -13.98
O3P DPV MB . 27.57 -3.66 -14.77
O4P DPV MB . 29.59 -4.29 -15.53
H1 DPV MB . 27.85 -3.60 -12.70
H1A DPV MB . 26.25 -4.21 -13.26
H2 DPV MB . 27.21 -1.31 -13.54
H2A DPV MB . 25.66 -1.93 -14.05
H3 DPV MB . 26.68 -1.82 -11.16
H3A DPV MB . 25.18 -2.59 -11.61
H4 DPV MB . 30.13 -5.05 -17.37
H4A DPV MB . 30.68 -6.01 -15.98
H5 DPV MB . 32.45 -4.45 -17.32
H5A DPV MB . 31.75 -3.14 -16.32
H6 DPV MB . 33.64 -6.36 -16.20
H6A DPV MB . 32.39 -6.66 -14.96
H6B DPV MB . 34.05 -6.27 -14.45
H7 DPV MB . 32.10 -3.15 -13.84
H7A DPV MB . 33.07 -4.43 -13.04
H7B DPV MB . 31.45 -4.80 -13.67
H8 DPV MB . 34.91 -4.00 -14.61
H8A DPV MB . 33.98 -2.70 -15.41
H8B DPV MB . 34.64 -4.07 -16.37
H15 DPV MB . 25.67 0.35 -12.28
H15A DPV MB . 25.08 -0.15 -10.70
H16 DPV MB . 23.70 -0.71 -13.37
H16A DPV MB . 23.13 -1.27 -11.80
H17 DPV MB . 22.90 1.13 -11.06
H17A DPV MB . 23.41 1.65 -12.66
H18 DPV MB . 21.46 0.61 -13.70
H18A DPV MB . 21.00 -0.14 -12.18
H19 DPV MB . 20.73 2.24 -11.23
H19A DPV MB . 20.98 2.84 -12.86
H20 DPV MB . 18.57 2.77 -12.58
H20A DPV MB . 18.97 1.39 -13.60
H21 DPV MB . 18.80 -0.15 -11.63
H21A DPV MB . 18.57 1.22 -10.53
H22 DPV MB . 16.39 1.74 -11.64
H22A DPV MB . 16.67 0.49 -12.85
H23 DPV MB . 16.63 -1.27 -11.07
H23A DPV MB . 15.14 -0.31 -11.04
H23B DPV MB . 16.40 -0.01 -9.84
N DPV NB . 25.99 3.80 -5.89
P DPV NB . 21.20 4.37 -3.78
C1 DPV NB . 19.14 3.77 -5.25
C2 DPV NB . 18.48 2.50 -5.82
C3 DPV NB . 18.50 1.33 -4.79
C4 DPV NB . 23.47 4.11 -5.11
C5 DPV NB . 24.94 3.73 -4.74
C6 DPV NB . 25.96 5.15 -6.63
C7 DPV NB . 25.80 2.65 -6.88
C8 DPV NB . 27.38 3.62 -5.26
C15 DPV NB . 17.87 0.03 -5.39
C16 DPV NB . 18.12 -1.22 -4.47
C17 DPV NB . 19.57 -1.78 -4.63
C18 DPV NB . 19.84 -2.99 -3.69
C19 DPV NB . 21.32 -3.45 -3.75
O1P DPV NB . 20.69 4.10 -2.41
C20 DPV NB . 21.60 -4.67 -2.83
C21 DPV NB . 21.81 -4.26 -1.34
C22 DPV NB . 22.01 -5.51 -0.43
C23 DPV NB . 21.96 -5.14 1.06
O2P DPV NB . 21.18 5.82 -4.11
O3P DPV NB . 20.51 3.47 -4.89
O4P DPV NB . 22.63 3.68 -4.03
H1 DPV NB . 19.12 4.57 -5.99
H1A DPV NB . 18.59 4.09 -4.36
H2 DPV NB . 17.45 2.72 -6.11
H2A DPV NB . 19.01 2.19 -6.72
H3 DPV NB . 17.96 1.63 -3.89
H3A DPV NB . 19.53 1.14 -4.51
H4 DPV NB . 23.39 5.20 -5.23
H4A DPV NB . 23.16 3.62 -6.02
H5 DPV NB . 25.29 4.42 -3.94
H5A DPV NB . 24.96 2.71 -4.34
H6 DPV NB . 26.10 5.96 -5.90
H6A DPV NB . 24.99 5.25 -7.13
H6B DPV NB . 26.76 5.18 -7.38
H7 DPV NB . 26.60 2.69 -7.65
H7A DPV NB . 24.82 2.75 -7.37
H7B DPV NB . 25.85 1.70 -6.34
H8 DPV NB . 27.42 2.66 -4.74
H8A DPV NB . 27.54 4.44 -4.55
H8B DPV NB . 28.14 3.66 -6.04
H15 DPV NB . 18.27 -0.16 -6.38
H15A DPV NB . 16.79 0.17 -5.50
H16 DPV NB . 17.90 -0.98 -3.42
H16A DPV NB . 17.40 -2.00 -4.77
H17 DPV NB . 19.73 -2.10 -5.67
H17A DPV NB . 20.28 -0.98 -4.41
H18 DPV NB . 19.57 -2.72 -2.66
H18A DPV NB . 19.18 -3.83 -3.98
H19 DPV NB . 21.55 -3.75 -4.78
H19A DPV NB . 21.99 -2.62 -3.51
H20 DPV NB . 20.78 -5.38 -2.90
H20A DPV NB . 22.49 -5.19 -3.18
H21 DPV NB . 22.68 -3.60 -1.26
H21A DPV NB . 20.93 -3.69 -1.00
H22 DPV NB . 21.24 -6.25 -0.63
H22A DPV NB . 22.98 -5.96 -0.64
H23 DPV NB . 22.12 -6.04 1.66
H23A DPV NB . 20.97 -4.72 1.31
H23B DPV NB . 22.73 -4.41 1.31
N DPV OB . 10.10 -13.51 16.94
P DPV OB . 14.18 -15.42 17.37
C1 DPV OB . 14.80 -14.54 14.99
C2 DPV OB . 14.90 -15.06 13.56
C3 DPV OB . 13.53 -15.48 12.97
C4 DPV OB . 11.58 -15.56 17.73
C5 DPV OB . 10.32 -15.08 16.96
C6 DPV OB . 8.87 -13.22 16.08
C7 DPV OB . 9.84 -12.96 18.35
C8 DPV OB . 11.28 -12.75 16.30
C15 DPV OB . 12.89 -14.36 12.11
C16 DPV OB . 11.54 -14.81 11.47
C17 DPV OB . 10.37 -14.69 12.47
C18 DPV OB . 9.03 -15.09 11.80
C19 DPV OB . 7.87 -15.07 12.84
O1P DPV OB . 14.49 -16.54 18.30
C20 DPV OB . 6.47 -15.19 12.19
C21 DPV OB . 6.14 -16.61 11.62
C22 DPV OB . 4.73 -16.69 10.99
C23 DPV OB . 4.62 -15.95 9.63
O2P DPV OB . 14.58 -14.11 17.92
O3P DPV OB . 14.66 -15.68 15.88
O4P DPV OB . 12.68 -15.47 16.82
H1 DPV OB . 15.71 -14.00 15.26
H1A DPV OB . 13.94 -13.88 15.11
H2 DPV OB . 15.36 -14.30 12.93
H2A DPV OB . 15.57 -15.92 13.55
H3 DPV OB . 12.84 -15.79 13.76
H3A DPV OB . 13.68 -16.34 12.31
H4 DPV OB . 11.79 -14.93 18.60
H4A DPV OB . 11.47 -16.58 18.08
H5 DPV OB . 10.36 -15.41 15.93
H5A DPV OB . 9.42 -15.51 17.42
H6 DPV OB . 9.13 -13.43 15.05
H6A DPV OB . 8.61 -12.16 16.20
H6B DPV OB . 8.06 -13.86 16.42
H7 DPV OB . 10.73 -13.12 18.97
H7A DPV OB . 8.98 -13.48 18.78
H7B DPV OB . 9.64 -11.89 18.27
H8 DPV OB . 12.18 -12.90 16.92
H8A DPV OB . 11.04 -11.68 16.25
H8B DPV OB . 11.46 -13.15 15.29
H15 DPV OB . 13.58 -14.10 11.31
H15A DPV OB . 12.74 -13.46 12.71
H16 DPV OB . 11.33 -14.18 10.61
H16A DPV OB . 11.61 -15.84 11.10
H17 DPV OB . 10.58 -15.34 13.33
H17A DPV OB . 10.31 -13.67 12.85
H18 DPV OB . 8.82 -14.40 10.99
H18A DPV OB . 9.12 -16.10 11.38
H19 DPV OB . 8.01 -15.88 13.57
H19A DPV OB . 7.90 -14.12 13.38
H20 DPV OB . 5.73 -14.95 12.95
H20A DPV OB . 6.38 -14.45 11.38
H21 DPV OB . 6.90 -16.92 10.89
H21A DPV OB . 6.19 -17.33 12.44
H22 DPV OB . 4.50 -17.74 10.80
H22A DPV OB . 3.97 -16.31 11.68
H23 DPV OB . 5.34 -16.34 8.92
H23A DPV OB . 4.77 -14.87 9.75
H23B DPV OB . 3.63 -16.10 9.21
N GLY A 1 -4.38 2.74 -5.32
CA GLY A 1 -3.18 2.24 -6.02
C GLY A 1 -2.56 1.06 -5.31
N LEU A 2 -1.85 0.20 -6.02
CA LEU A 2 -1.23 -0.97 -5.39
C LEU A 2 -0.06 -0.56 -4.50
N LEU A 3 0.65 0.48 -4.86
CA LEU A 3 1.75 0.97 -4.03
C LEU A 3 1.19 1.46 -2.71
N LYS A 4 0.09 2.21 -2.79
CA LYS A 4 -0.59 2.71 -1.60
C LYS A 4 -1.13 1.57 -0.74
N TRP A 5 -1.62 0.51 -1.37
CA TRP A 5 -2.12 -0.65 -0.64
C TRP A 5 -1.00 -1.31 0.18
N ILE A 6 0.18 -1.47 -0.41
CA ILE A 6 1.33 -2.04 0.30
C ILE A 6 1.77 -1.08 1.42
N LYS A 7 1.76 0.21 1.16
CA LYS A 7 2.10 1.20 2.20
C LYS A 7 1.13 1.20 3.37
N THR A 8 -0.13 0.87 3.10
CA THR A 8 -1.14 0.82 4.15
C THR A 8 -0.89 -0.38 5.07
N LEU A 9 -0.48 -1.50 4.50
CA LEU A 9 -0.15 -2.69 5.29
C LEU A 9 1.11 -2.44 6.12
N LEU A 10 2.00 -1.61 5.58
CA LEU A 10 3.25 -1.24 6.26
C LEU A 10 3.12 0.19 6.81
N NH2 A 11 2.02 0.44 7.50
HN1 NH2 A 11 1.34 -0.29 7.65
HN2 NH2 A 11 1.86 1.36 7.87
UNK UNX B . 13.22 -12.14 -5.77
N DPV C . 11.08 11.64 -7.76
P DPV C . 12.02 9.58 -3.03
C1 DPV C . 12.45 7.14 -3.97
C2 DPV C . 12.78 6.16 -2.82
C3 DPV C . 11.81 6.33 -1.63
C4 DPV C . 11.60 10.39 -5.50
C5 DPV C . 11.84 11.65 -6.39
C6 DPV C . 9.54 11.57 -7.56
C7 DPV C . 11.39 12.97 -8.47
C8 DPV C . 11.54 10.48 -8.68
C15 DPV C . 11.95 5.21 -0.58
C16 DPV C . 11.05 5.50 0.64
C17 DPV C . 11.14 4.40 1.74
C18 DPV C . 10.24 4.76 2.96
C19 DPV C . 10.12 3.59 3.96
O1P DPV C . 10.59 9.18 -2.96
C20 DPV C . 9.20 3.97 5.16
C21 DPV C . 8.73 2.72 5.98
C22 DPV C . 7.27 2.24 5.62
C23 DPV C . 7.18 1.45 4.29
O2P DPV C . 12.49 10.10 -1.75
O3P DPV C . 12.99 8.45 -3.67
O4P DPV C . 12.33 10.56 -4.27
H1 DPV C . 12.93 6.78 -4.88
H1A DPV C . 11.37 7.20 -4.14
H2 DPV C . 12.70 5.14 -3.19
H2A DPV C . 13.81 6.31 -2.49
H3 DPV C . 10.78 6.35 -2.00
H3A DPV C . 12.00 7.29 -1.15
H4 DPV C . 10.52 10.31 -5.26
H4A DPV C . 11.93 9.48 -6.01
H5 DPV C . 11.54 12.55 -5.85
H5A DPV C . 12.91 11.73 -6.63
H6 DPV C . 9.05 11.67 -8.53
H6A DPV C . 9.23 12.38 -6.90
H6B DPV C . 9.28 10.60 -7.12
H7 DPV C . 11.07 13.80 -7.84
H7A DPV C . 10.86 12.99 -9.44
H7B DPV C . 12.47 13.03 -8.64
H8 DPV C . 12.63 10.55 -8.79
H8A DPV C . 11.07 10.59 -9.65
H8B DPV C . 11.27 9.54 -8.22
H15 DPV C . 12.98 5.12 -0.27
H15A DPV C . 11.66 4.25 -1.03
H16 DPV C . 11.32 6.47 1.07
H16A DPV C . 10.02 5.59 0.31
H17 DPV C . 10.81 3.45 1.31
H17A DPV C . 12.17 4.29 2.06
H18 DPV C . 10.64 5.65 3.46
H18A DPV C . 9.24 5.02 2.59
H19 DPV C . 9.73 2.71 3.43
H19A DPV C . 11.11 3.32 4.33
H20 DPV C . 9.75 4.63 5.83
H20A DPV C . 8.33 4.52 4.80
H21 DPV C . 9.44 1.90 5.87
H21A DPV C . 8.73 2.99 7.04
H22 DPV C . 6.92 1.59 6.42
H22A DPV C . 6.60 3.10 5.58
H23 DPV C . 6.17 1.07 4.14
H23A DPV C . 7.87 0.61 4.28
H23B DPV C . 7.43 2.10 3.44
N DPV D . 1.55 5.47 -9.20
P DPV D . -0.64 1.87 -8.87
C1 DPV D . 0.43 0.10 -10.48
C2 DPV D . 1.57 -0.46 -9.60
C3 DPV D . 2.06 -1.84 -10.11
C4 DPV D . -0.83 4.45 -8.46
C5 DPV D . 0.01 5.70 -8.93
C6 DPV D . 2.23 6.86 -9.18
C7 DPV D . 2.23 4.60 -8.14
C8 DPV D . 1.77 4.87 -10.59
C15 DPV D . 2.84 -2.60 -9.00
C16 DPV D . 3.47 -3.89 -9.57
C17 DPV D . 4.17 -4.72 -8.45
C18 DPV D . 4.72 -6.08 -8.97
C19 DPV D . 6.02 -5.94 -9.81
O1P DPV D . -1.95 1.21 -8.83
C20 DPV D . 6.60 -7.33 -10.18
C21 DPV D . 7.97 -7.25 -10.92
C22 DPV D . 7.87 -6.96 -12.45
C23 DPV D . 7.51 -8.22 -13.28
O2P DPV D . 0.09 1.72 -7.59
O3P DPV D . 0.24 1.50 -10.15
O4P DPV D . -0.69 3.37 -9.42
H1 DPV D . 0.70 0.02 -11.53
H1A DPV D . -0.50 -0.45 -10.29
H2 DPV D . 2.39 0.24 -9.59
H2A DPV D . 1.21 -0.56 -8.57
H3 DPV D . 2.72 -1.66 -10.97
H3A DPV D . 1.22 -2.45 -10.45
H4 DPV D . -0.49 4.13 -7.49
H4A DPV D . -1.89 4.71 -8.39
H5 DPV D . -0.43 6.11 -9.85
H5A DPV D . -0.08 6.47 -8.14
H6 DPV D . 1.76 7.49 -9.94
H6A DPV D . 3.28 6.73 -9.42
H6B DPV D . 2.11 7.30 -8.19
H7 DPV D . 3.32 4.61 -8.31
H7A DPV D . 1.85 3.57 -8.22
H7B DPV D . 2.00 4.99 -7.14
H8 DPV D . 2.84 4.85 -10.81
H8A DPV D . 1.23 5.47 -11.33
H8B DPV D . 1.37 3.84 -10.59
H15 DPV D . 2.16 -2.84 -8.19
H15A DPV D . 3.61 -1.95 -8.60
H16 DPV D . 2.70 -4.49 -10.04
H16A DPV D . 4.20 -3.62 -10.33
H17 DPV D . 4.99 -4.15 -8.00
H17A DPV D . 3.45 -4.92 -7.65
H18 DPV D . 4.92 -6.73 -8.12
H18A DPV D . 3.95 -6.58 -9.58
H19 DPV D . 5.81 -5.37 -10.72
H19A DPV D . 6.76 -5.38 -9.24
H20 DPV D . 6.75 -7.90 -9.26
H20A DPV D . 5.88 -7.88 -10.79
H21 DPV D . 8.59 -6.47 -10.46
H21A DPV D . 8.51 -8.19 -10.77
H22 DPV D . 7.12 -6.18 -12.64
H22A DPV D . 8.82 -6.58 -12.81
H23 DPV D . 7.49 -7.99 -14.34
H23A DPV D . 6.53 -8.60 -12.99
H23B DPV D . 8.24 -9.01 -13.10
N DPV E . -6.16 -20.07 -9.23
P DPV E . -6.73 -15.56 -9.00
C1 DPV E . -5.20 -15.37 -6.90
C2 DPV E . -4.05 -16.11 -6.17
C3 DPV E . -4.42 -17.57 -5.82
C4 DPV E . -7.53 -17.91 -9.95
C5 DPV E . -7.17 -18.94 -8.82
C6 DPV E . -6.75 -21.00 -10.31
C7 DPV E . -5.89 -20.92 -7.98
C8 DPV E . -4.82 -19.51 -9.72
C15 DPV E . -3.22 -18.37 -5.21
C16 DPV E . -2.99 -18.05 -3.70
C17 DPV E . -1.63 -18.61 -3.22
C18 DPV E . -1.35 -18.31 -1.73
C19 DPV E . 0.15 -18.54 -1.41
O1P DPV E . -6.54 -14.27 -9.70
C20 DPV E . 0.49 -18.43 0.10
C21 DPV E . 2.04 -18.37 0.36
C22 DPV E . 2.80 -19.68 0.00
C23 DPV E . 4.33 -19.50 0.10
O2P DPV E . -7.99 -15.57 -8.21
O3P DPV E . -5.46 -16.02 -8.16
O4P DPV E . -6.54 -16.83 -9.95
H1 DPV E . -6.11 -15.40 -6.29
H1A DPV E . -4.93 -14.32 -7.08
H2 DPV E . -3.16 -16.09 -6.81
H2A DPV E . -3.80 -15.55 -5.26
H3 DPV E . -4.74 -18.08 -6.73
H3A DPV E . -5.27 -17.59 -5.13
H4 DPV E . -7.53 -18.38 -10.93
H4A DPV E . -8.52 -17.48 -9.76
H5 DPV E . -6.75 -18.41 -7.96
H5A DPV E . -8.09 -19.45 -8.51
H6 DPV E . -7.70 -21.40 -9.96
H6A DPV E . -6.04 -21.82 -10.49
H6B DPV E . -6.89 -20.43 -11.23
H7 DPV E . -6.82 -21.37 -7.63
H7A DPV E . -5.46 -20.29 -7.20
H7B DPV E . -5.17 -21.72 -8.24
H8 DPV E . -4.13 -20.33 -9.93
H8A DPV E . -4.40 -18.87 -8.93
H8B DPV E . -4.99 -18.91 -10.62
H15 DPV E . -2.31 -18.15 -5.78
H15A DPV E . -3.42 -19.44 -5.32
H16 DPV E . -3.01 -16.97 -3.54
H16A DPV E . -3.80 -18.48 -3.12
H17 DPV E . -1.61 -19.68 -3.39
H17A DPV E . -0.83 -18.17 -3.84
H18 DPV E . -1.61 -17.27 -1.50
H18A DPV E . -1.97 -18.95 -1.10
H19 DPV E . 0.42 -19.55 -1.75
H19A DPV E . 0.75 -17.83 -1.98
H20 DPV E . 0.05 -17.51 0.50
H20A DPV E . 0.06 -19.26 0.65
H21 DPV E . 2.46 -17.53 -0.19
H21A DPV E . 2.20 -18.17 1.43
H22 DPV E . 2.49 -20.49 0.66
H22A DPV E . 2.56 -19.98 -1.03
H23 DPV E . 4.63 -19.34 1.13
H23A DPV E . 4.66 -18.64 -0.50
H23B DPV E . 4.83 -20.38 -0.29
N DPV F . -2.39 -29.34 -6.96
P DPV F . -2.80 -24.12 -6.32
C1 DPV F . -1.56 -21.89 -6.90
C2 DPV F . -1.84 -21.37 -8.34
C3 DPV F . -0.59 -21.49 -9.26
C4 DPV F . -2.66 -26.75 -6.43
C5 DPV F . -2.02 -27.86 -7.33
C6 DPV F . -1.98 -29.67 -5.52
C7 DPV F . -1.61 -30.26 -7.91
C8 DPV F . -3.90 -29.63 -7.16
C15 DPV F . -0.96 -21.35 -10.77
C16 DPV F . 0.31 -21.41 -11.66
C17 DPV F . -0.04 -21.56 -13.17
C18 DPV F . 1.22 -21.75 -14.10
C19 DPV F . 1.93 -23.14 -13.90
O1P DPV F . -4.06 -23.77 -6.97
C20 DPV F . 3.04 -23.45 -14.96
C21 DPV F . 4.30 -22.52 -14.87
C22 DPV F . 5.54 -23.13 -15.61
C23 DPV F . 5.43 -23.13 -17.16
O2P DPV F . -2.89 -24.06 -4.84
O3P DPV F . -1.54 -23.34 -6.90
O4P DPV F . -2.15 -25.47 -6.86
H1 DPV F . -0.59 -21.51 -6.55
H1A DPV F . -2.34 -21.53 -6.23
H2 DPV F . -2.66 -21.94 -8.76
H2A DPV F . -2.16 -20.33 -8.29
H3 DPV F . -0.10 -22.45 -9.11
H3A DPV F . 0.13 -20.71 -8.99
H4 DPV F . -3.74 -26.75 -6.54
H4A DPV F . -2.39 -26.91 -5.39
H5 DPV F . -2.33 -27.71 -8.38
H5A DPV F . -0.94 -27.78 -7.28
H6 DPV F . -2.58 -29.06 -4.84
H6A DPV F . -0.91 -29.44 -5.40
H6B DPV F . -2.16 -30.72 -5.33
H7 DPV F . -1.83 -31.30 -7.66
H7A DPV F . -0.54 -30.06 -7.78
H7B DPV F . -1.90 -30.05 -8.94
H8 DPV F . -4.08 -30.68 -6.93
H8A DPV F . -4.17 -29.40 -8.19
H8B DPV F . -4.46 -29.01 -6.47
H15 DPV F . -1.48 -20.40 -10.94
H15A DPV F . -1.64 -22.16 -11.03
H16 DPV F . 0.91 -20.51 -11.51
H16A DPV F . 0.91 -22.26 -11.35
H17 DPV F . -0.72 -22.41 -13.33
H17A DPV F . -0.57 -20.67 -13.51
H18 DPV F . 0.90 -21.67 -15.13
H18A DPV F . 1.92 -20.93 -13.91
H19 DPV F . 2.36 -23.19 -12.91
H19A DPV F . 1.18 -23.93 -13.97
H20 DPV F . 3.35 -24.49 -14.81
H20A DPV F . 2.61 -23.39 -15.96
H21 DPV F . 4.07 -21.54 -15.29
H21A DPV F . 4.56 -22.39 -13.83
H22 DPV F . 6.43 -22.56 -15.31
H22A DPV F . 5.68 -24.15 -15.27
H23 DPV F . 5.35 -22.11 -17.53
H23A DPV F . 4.57 -23.69 -17.48
H23B DPV F . 6.32 -23.57 -17.59
N DPV G . 2.98 -32.13 0.20
P DPV G . 2.12 -28.78 -3.15
C1 DPV G . 4.19 -27.21 -3.61
C2 DPV G . 4.79 -25.86 -3.15
C3 DPV G . 6.12 -25.53 -3.90
C4 DPV G . 3.61 -30.38 -1.70
C5 DPV G . 3.82 -30.89 -0.24
C6 DPV G . 3.25 -33.37 -0.69
C7 DPV G . 1.47 -31.83 0.21
C8 DPV G . 3.40 -32.48 1.63
C15 DPV G . 6.60 -24.07 -3.64
C16 DPV G . 8.02 -23.79 -4.23
C17 DPV G . 8.37 -22.27 -4.19
C18 DPV G . 9.85 -22.00 -4.59
C19 DPV G . 10.20 -20.48 -4.62
O1P DPV G . 0.71 -28.39 -3.27
C20 DPV G . 9.73 -19.75 -5.90
C21 DPV G . 10.11 -18.25 -5.93
C22 DPV G . 9.86 -17.65 -7.34
C23 DPV G . 10.31 -16.17 -7.44
O2P DPV G . 2.57 -29.53 -4.35
O3P DPV G . 3.09 -27.57 -2.73
O4P DPV G . 2.44 -29.53 -1.78
H1 DPV G . 3.82 -27.12 -4.64
H1A DPV G . 4.94 -28.01 -3.58
H2 DPV G . 4.07 -25.07 -3.31
H2A DPV G . 4.99 -25.91 -2.07
H3 DPV G . 5.96 -25.67 -4.98
H3A DPV G . 6.90 -26.24 -3.60
H4 DPV G . 4.48 -29.79 -2.01
H4A DPV G . 3.50 -31.22 -2.40
H5 DPV G . 4.88 -31.16 -0.11
H5A DPV G . 3.60 -30.08 0.46
H6 DPV G . 4.32 -33.57 -0.71
H6A DPV G . 2.89 -33.16 -1.71
H6B DPV G . 2.69 -34.23 -0.29
H7 DPV G . 1.29 -31.01 0.92
H7A DPV G . 0.92 -32.72 0.54
H7B DPV G . 1.15 -31.54 -0.79
H8 DPV G . 3.20 -31.62 2.27
H8A DPV G . 4.47 -32.70 1.63
H8B DPV G . 2.83 -33.35 1.97
H15 DPV G . 6.62 -23.87 -2.56
H15A DPV G . 5.87 -23.39 -4.08
H16 DPV G . 8.76 -24.37 -3.66
H16A DPV G . 8.05 -24.12 -5.27
H17 DPV G . 7.69 -21.73 -4.86
H17A DPV G . 8.20 -21.89 -3.18
H18 DPV G . 10.51 -22.49 -3.87
H18A DPV G . 10.05 -22.44 -5.58
H19 DPV G . 9.78 -19.99 -3.74
H19A DPV G . 11.29 -20.38 -4.54
H20 DPV G . 10.18 -20.26 -6.76
H20A DPV G . 8.65 -19.85 -6.01
H21 DPV G . 9.53 -17.71 -5.18
H21A DPV G . 11.17 -18.14 -5.67
H22 DPV G . 10.41 -18.21 -8.08
H22A DPV G . 8.80 -17.70 -7.59
H23 DPV G . 9.56 -15.51 -7.01
H23A DPV G . 10.44 -15.89 -8.49
H23B DPV G . 11.25 -16.00 -6.90
N DPV H . 12.45 -33.07 1.69
P DPV H . 11.24 -33.87 -2.79
C1 DPV H . 11.98 -31.36 -2.85
C2 DPV H . 11.39 -29.95 -3.05
C3 DPV H . 11.03 -29.68 -4.54
C4 DPV H . 12.32 -34.58 -0.51
C5 DPV H . 12.11 -34.46 1.03
C6 DPV H . 13.85 -32.55 1.31
C7 DPV H . 11.39 -32.00 1.34
C8 DPV H . 12.42 -33.28 3.22
C15 DPV H . 10.06 -28.46 -4.68
C16 DPV H . 9.85 -28.10 -6.15
C17 DPV H . 8.74 -27.02 -6.33
C18 DPV H . 8.82 -26.33 -7.73
C19 DPV H . 7.50 -25.60 -8.11
O1P DPV H . 12.49 -34.24 -3.49
C20 DPV H . 7.63 -24.94 -9.51
C21 DPV H . 6.28 -24.42 -10.03
C22 DPV H . 6.37 -23.77 -11.46
C23 DPV H . 6.82 -22.30 -11.41
O2P DPV H . 10.11 -34.76 -3.15
O3P DPV H . 10.89 -32.32 -2.92
O4P DPV H . 11.42 -33.70 -1.21
H1 DPV H . 12.71 -31.59 -3.64
H1A DPV H . 12.46 -31.42 -1.87
H2 DPV H . 10.51 -29.85 -2.41
H2A DPV H . 12.13 -29.21 -2.72
H3 DPV H . 10.55 -30.56 -4.97
H3A DPV H . 11.94 -29.48 -5.11
H4 DPV H . 13.35 -34.33 -0.78
H4A DPV H . 12.11 -35.61 -0.83
H5 DPV H . 11.07 -34.69 1.28
H5A DPV H . 12.74 -35.21 1.53
H6 DPV H . 14.04 -31.63 1.87
H6A DPV H . 13.87 -32.35 0.24
H6B DPV H . 14.58 -33.31 1.58
H7 DPV H . 11.60 -31.08 1.90
H7A DPV H . 10.40 -32.39 1.62
H7B DPV H . 11.43 -31.82 0.27
H8 DPV H . 11.43 -33.62 3.51
H8A DPV H . 12.67 -32.34 3.71
H8B DPV H . 13.17 -34.05 3.47
H15 DPV H . 10.49 -27.59 -4.16
H15A DPV H . 9.11 -28.70 -4.21
H16 DPV H . 10.79 -27.72 -6.56
H16A DPV H . 9.56 -28.99 -6.73
H17 DPV H . 7.75 -27.49 -6.20
H17A DPV H . 8.84 -26.26 -5.55
H18 DPV H . 9.64 -25.61 -7.71
H18A DPV H . 9.04 -27.08 -8.48
H19 DPV H . 6.68 -26.32 -8.12
H19A DPV H . 7.28 -24.84 -7.36
H20 DPV H . 8.34 -24.13 -9.45
H20A DPV H . 8.04 -25.66 -10.22
H21 DPV H . 5.57 -25.25 -10.10
H21A DPV H . 5.85 -23.70 -9.33
H22 DPV H . 7.06 -24.35 -12.08
H22A DPV H . 5.38 -23.82 -11.92
H23 DPV H . 6.12 -21.69 -10.82
H23A DPV H . 6.86 -21.88 -12.43
H23B DPV H . 7.81 -22.20 -10.96
N DPV I . 14.19 -33.22 -7.18
P DPV I . 18.52 -33.27 -9.07
C1 DPV I . 19.14 -35.07 -7.26
C2 DPV I . 19.26 -35.23 -5.73
C3 DPV I . 17.87 -35.26 -5.03
C4 DPV I . 15.93 -33.75 -9.15
C5 DPV I . 14.54 -33.17 -8.71
C6 DPV I . 12.75 -32.71 -7.00
C7 DPV I . 15.13 -32.31 -6.37
C8 DPV I . 14.25 -34.65 -6.61
C15 DPV I . 18.00 -35.39 -3.49
C16 DPV I . 16.61 -35.37 -2.75
C17 DPV I . 15.90 -33.98 -2.74
C18 DPV I . 16.54 -32.95 -1.75
C19 DPV I . 15.86 -31.55 -1.84
O1P DPV I . 18.68 -34.36 -10.05
C20 DPV I . 16.49 -30.64 -2.94
C21 DPV I . 15.76 -29.27 -3.06
C22 DPV I . 16.48 -28.25 -3.99
C23 DPV I . 16.34 -28.60 -5.50
O2P DPV I . 19.45 -32.15 -9.32
O3P DPV I . 18.56 -33.77 -7.55
O4P DPV I . 16.99 -32.80 -8.86
H1 DPV I . 20.13 -35.12 -7.71
H1A DPV I . 18.51 -35.85 -7.68
H2 DPV I . 19.78 -36.17 -5.51
H2A DPV I . 19.86 -34.43 -5.32
H3 DPV I . 17.28 -36.09 -5.42
H3A DPV I . 17.34 -34.34 -5.29
H4 DPV I . 16.13 -34.68 -8.63
H4A DPV I . 15.92 -33.94 -10.21
H5 DPV I . 14.47 -32.12 -9.03
H5A DPV I . 13.75 -33.72 -9.23
H6 DPV I . 12.07 -33.36 -7.57
H6A DPV I . 12.68 -31.69 -7.38
H6B DPV I . 12.49 -32.74 -5.93
H7 DPV I . 15.07 -31.29 -6.78
H7A DPV I . 16.14 -32.68 -6.45
H7B DPV I . 14.80 -32.31 -5.33
H8 DPV I . 13.92 -34.63 -5.56
H8A DPV I . 15.29 -35.01 -6.66
H8B DPV I . 13.60 -35.29 -7.20
H15 DPV I . 18.63 -34.60 -3.10
H15A DPV I . 18.49 -36.34 -3.26
H16 DPV I . 15.95 -36.10 -3.23
H16A DPV I . 16.75 -35.70 -1.72
H17 DPV I . 15.89 -33.57 -3.75
H17A DPV I . 14.86 -34.13 -2.46
H18 DPV I . 16.41 -33.34 -0.74
H18A DPV I . 17.62 -32.86 -1.92
H19 DPV I . 14.79 -31.66 -2.02
H19A DPV I . 15.98 -31.05 -0.87
H20 DPV I . 17.55 -30.47 -2.69
H20A DPV I . 16.47 -31.15 -3.90
H21 DPV I . 14.74 -29.43 -3.40
H21A DPV I . 15.69 -28.82 -2.07
H22 DPV I . 16.04 -27.26 -3.83
H22A DPV I . 17.53 -28.18 -3.73
H23 DPV I . 16.82 -27.83 -6.11
H23A DPV I . 15.28 -28.65 -5.78
H23B DPV I . 16.81 -29.56 -5.73
N DPV J . 30.75 -21.00 -0.83
P DPV J . 31.85 -19.34 -5.56
C1 DPV J . 30.71 -17.95 -7.44
C2 DPV J . 29.48 -17.94 -8.37
C3 DPV J . 28.17 -17.56 -7.61
C4 DPV J . 31.35 -20.75 -3.40
C5 DPV J . 30.54 -20.22 -2.17
C6 DPV J . 32.22 -20.96 -0.38
C7 DPV J . 29.90 -20.29 0.23
C8 DPV J . 30.27 -22.45 -0.91
C15 DPV J . 26.88 -17.65 -8.50
C16 DPV J . 26.47 -19.14 -8.81
C17 DPV J . 24.99 -19.23 -9.30
C18 DPV J . 24.58 -20.70 -9.59
C19 DPV J . 23.09 -20.80 -10.01
O1P DPV J . 32.85 -20.24 -6.17
C20 DPV J . 22.61 -22.28 -10.00
C21 DPV J . 21.07 -22.38 -10.22
C22 DPV J . 20.58 -23.85 -10.06
C23 DPV J . 19.04 -23.94 -10.11
O2P DPV J . 32.47 -18.14 -4.97
O3P DPV J . 30.61 -19.04 -6.51
O4P DPV J . 30.84 -20.09 -4.58
H1 DPV J . 31.63 -18.07 -8.04
H1A DPV J . 30.77 -17.00 -6.89
H2 DPV J . 29.65 -17.24 -9.18
H2A DPV J . 29.37 -18.93 -8.81
H3 DPV J . 28.26 -16.54 -7.24
H3A DPV J . 28.05 -18.20 -6.73
H4 DPV J . 32.42 -20.51 -3.28
H4A DPV J . 31.23 -21.83 -3.52
H5 DPV J . 30.79 -19.17 -2.00
H5A DPV J . 29.48 -20.27 -2.41
H6 DPV J . 32.55 -19.91 -0.33
H6A DPV J . 32.83 -21.51 -1.09
H6B DPV J . 32.30 -21.42 0.62
H7 DPV J . 30.00 -20.82 1.19
H7A DPV J . 28.85 -20.30 -0.09
H7B DPV J . 30.24 -19.25 0.33
H8 DPV J . 29.22 -22.46 -1.25
H8A DPV J . 30.35 -22.91 0.08
H8B DPV J . 30.90 -23.00 -1.62
H15 DPV J . 27.03 -17.10 -9.42
H15A DPV J . 26.07 -17.16 -7.96
H16 DPV J . 27.13 -19.54 -9.59
H16A DPV J . 26.58 -19.74 -7.91
H17 DPV J . 24.34 -18.83 -8.52
H17A DPV J . 24.86 -18.63 -10.19
H18 DPV J . 25.22 -21.11 -10.39
H18A DPV J . 24.75 -21.31 -8.70
H19 DPV J . 22.48 -20.21 -9.32
H19A DPV J . 22.96 -20.38 -11.00
H20 DPV J . 23.12 -22.84 -10.78
H20A DPV J . 22.86 -22.75 -9.04
H21 DPV J . 20.55 -21.74 -9.50
H21A DPV J . 20.82 -22.02 -11.22
H22 DPV J . 21.00 -24.47 -10.84
H22A DPV J . 20.92 -24.24 -9.10
H23 DPV J . 18.72 -24.98 -9.96
H23A DPV J . 18.67 -23.60 -11.09
H23B DPV J . 18.59 -23.31 -9.34
N DPV K . 31.57 -24.59 -6.07
P DPV K . 29.01 -26.33 -9.49
C1 DPV K . 29.40 -27.42 -11.87
C2 DPV K . 28.32 -27.89 -12.89
C3 DPV K . 27.72 -26.74 -13.74
C4 DPV K . 31.38 -25.83 -8.42
C5 DPV K . 31.01 -25.79 -6.89
C6 DPV K . 30.94 -23.26 -6.53
C7 DPV K . 31.17 -24.81 -4.60
C8 DPV K . 33.11 -24.49 -6.16
C15 DPV K . 26.74 -25.83 -12.92
C16 DPV K . 26.40 -24.51 -13.69
C17 DPV K . 25.66 -23.49 -12.76
C18 DPV K . 25.48 -22.09 -13.40
C19 DPV K . 26.82 -21.26 -13.43
O1P DPV K . 28.94 -24.99 -10.14
C20 DPV K . 26.63 -19.82 -13.95
C21 DPV K . 26.14 -18.84 -12.84
C22 DPV K . 25.92 -17.42 -13.41
C23 DPV K . 25.46 -16.43 -12.31
O2P DPV K . 28.08 -26.43 -8.35
O3P DPV K . 28.86 -27.55 -10.52
O4P DPV K . 30.50 -26.77 -9.12
H1 DPV K . 30.31 -28.05 -11.95
H1A DPV K . 29.67 -26.38 -12.07
H2 DPV K . 28.79 -28.61 -13.58
H2A DPV K . 27.53 -28.43 -12.38
H3 DPV K . 27.17 -27.17 -14.59
H3A DPV K . 28.53 -26.14 -14.16
H4 DPV K . 31.27 -24.84 -8.87
H4A DPV K . 32.42 -26.16 -8.54
H5 DPV K . 29.92 -25.76 -6.78
H5A DPV K . 31.38 -26.71 -6.41
H6 DPV K . 31.23 -23.06 -7.55
H6A DPV K . 31.30 -22.45 -5.88
H6B DPV K . 29.85 -23.34 -6.45
H7 DPV K . 31.56 -23.99 -4.00
H7A DPV K . 31.60 -25.76 -4.26
H7B DPV K . 30.08 -24.84 -4.53
H8 DPV K . 33.39 -24.23 -7.18
H8A DPV K . 33.55 -25.44 -5.87
H8B DPV K . 33.45 -23.69 -5.48
H15 DPV K . 27.20 -25.56 -11.96
H15A DPV K . 25.83 -26.37 -12.70
H16 DPV K . 27.32 -24.07 -14.07
H16A DPV K . 25.76 -24.74 -14.55
H17 DPV K . 24.68 -23.90 -12.51
H17A DPV K . 26.21 -23.40 -11.82
H18 DPV K . 25.10 -22.18 -14.42
H18A DPV K . 24.75 -21.53 -12.82
H19 DPV K . 27.26 -21.24 -12.43
H19A DPV K . 27.53 -21.76 -14.09
H20 DPV K . 27.59 -19.46 -14.33
H20A DPV K . 25.93 -19.81 -14.80
H21 DPV K . 25.21 -19.20 -12.41
H21A DPV K . 26.89 -18.80 -12.05
H22 DPV K . 26.85 -17.04 -13.86
H22A DPV K . 25.17 -17.45 -14.21
H23 DPV K . 26.22 -16.35 -11.53
H23A DPV K . 24.52 -16.77 -11.86
H23B DPV K . 25.31 -15.44 -12.74
N DPV L . 29.50 0.90 -17.64
P DPV L . 30.73 -3.31 -15.50
C1 DPV L . 28.44 -4.44 -14.94
C2 DPV L . 27.64 -5.71 -15.28
C3 DPV L . 26.34 -5.84 -14.43
C4 DPV L . 29.59 -1.73 -17.28
C5 DPV L . 30.38 -0.39 -17.46
C6 DPV L . 28.65 0.84 -18.93
C7 DPV L . 28.58 1.17 -16.43
C8 DPV L . 30.47 2.09 -17.78
C15 DPV L . 25.40 -6.93 -15.02
C16 DPV L . 24.24 -7.28 -14.06
C17 DPV L . 23.11 -8.11 -14.76
C18 DPV L . 22.17 -7.21 -15.62
C19 DPV L . 20.91 -7.99 -16.10
O1P DPV L . 30.35 -2.32 -14.48
C20 DPV L . 19.88 -7.00 -16.73
C21 DPV L . 18.63 -7.76 -17.30
C22 DPV L . 17.59 -6.81 -17.96
C23 DPV L . 18.03 -6.29 -19.36
O2P DPV L . 32.09 -3.86 -15.25
O3P DPV L . 29.65 -4.45 -15.73
O4P DPV L . 30.52 -2.80 -17.00
H1 DPV L . 27.85 -3.55 -15.20
H1A DPV L . 28.70 -4.42 -13.88
H2 DPV L . 27.38 -5.68 -16.33
H2A DPV L . 28.26 -6.58 -15.11
H3 DPV L . 25.81 -4.89 -14.42
H3A DPV L . 26.61 -6.09 -13.40
H4 DPV L . 28.87 -1.65 -16.46
H4A DPV L . 29.04 -1.97 -18.19
H5 DPV L . 31.01 -0.23 -16.58
H5A DPV L . 31.03 -0.48 -18.34
H6 DPV L . 29.32 0.63 -19.78
H6A DPV L . 28.15 1.78 -19.07
H6B DPV L . 27.92 0.03 -18.82
H7 DPV L . 29.20 1.20 -15.52
H7A DPV L . 27.86 0.35 -16.37
H7B DPV L . 28.08 2.12 -16.58
H8 DPV L . 31.11 1.93 -18.66
H8A DPV L . 31.08 2.16 -16.88
H8B DPV L . 29.89 3.01 -17.91
H15 DPV L . 25.98 -7.84 -15.24
H15A DPV L . 25.02 -6.58 -15.98
H16 DPV L . 24.64 -7.85 -13.23
H16A DPV L . 23.80 -6.37 -13.65
H17 DPV L . 23.56 -8.90 -15.37
H17A DPV L . 22.52 -8.61 -13.98
H18 DPV L . 21.86 -6.36 -15.02
H18A DPV L . 22.71 -6.83 -16.49
H19 DPV L . 21.19 -8.74 -16.84
H19A DPV L . 20.44 -8.51 -15.25
H20 DPV L . 19.55 -6.29 -15.98
H20A DPV L . 20.35 -6.45 -17.53
H21 DPV L . 18.96 -8.50 -18.03
H21A DPV L . 18.14 -8.30 -16.48
H22 DPV L . 16.65 -7.35 -18.08
H22A DPV L . 17.39 -5.95 -17.30
H23 DPV L . 18.94 -5.70 -19.30
H23A DPV L . 17.25 -5.68 -19.80
H23B DPV L . 18.23 -7.13 -20.04
N DPV M . 31.15 2.83 -11.23
P DPV M . 26.88 3.24 -12.98
C1 DPV M . 25.52 1.20 -13.84
C2 DPV M . 25.48 -0.35 -13.79
C3 DPV M . 25.06 -0.89 -12.39
C4 DPV M . 28.84 4.15 -11.49
C5 DPV M . 30.03 3.71 -10.56
C6 DPV M . 30.66 1.39 -11.44
C7 DPV M . 32.34 2.78 -10.24
C8 DPV M . 31.67 3.38 -12.55
C15 DPV M . 25.09 -2.45 -12.38
C16 DPV M . 24.50 -3.04 -11.08
C17 DPV M . 24.34 -4.58 -11.16
C18 DPV M . 23.81 -5.17 -9.83
C19 DPV M . 23.58 -6.71 -9.94
O1P DPV M . 25.77 4.06 -12.43
C20 DPV M . 23.09 -7.30 -8.58
C21 DPV M . 23.02 -8.87 -8.57
C22 DPV M . 21.73 -9.43 -9.25
C23 DPV M . 21.60 -10.95 -9.03
O2P DPV M . 27.35 3.75 -14.28
O3P DPV M . 26.56 1.69 -12.96
O4P DPV M . 28.06 3.01 -11.92
H1 DPV M . 25.73 1.53 -14.86
H1A DPV M . 24.56 1.60 -13.52
H2 DPV M . 24.77 -0.70 -14.55
H2A DPV M . 26.46 -0.74 -14.07
H3 DPV M . 24.05 -0.54 -12.16
H3A DPV M . 25.73 -0.51 -11.63
H4 DPV M . 28.17 4.83 -10.94
H4A DPV M . 29.22 4.67 -12.37
H5 DPV M . 30.53 4.61 -10.18
H5A DPV M . 29.64 3.15 -9.70
H6 DPV M . 31.48 0.78 -11.83
H6A DPV M . 29.84 1.41 -12.16
H6B DPV M . 30.32 0.98 -10.49
H7 DPV M . 32.69 3.80 -10.09
H7A DPV M . 33.13 2.17 -10.67
H7B DPV M . 32.00 2.35 -9.29
H8 DPV M . 32.03 4.40 -12.38
H8A DPV M . 30.85 3.39 -13.28
H8B DPV M . 32.49 2.75 -12.91
H15 DPV M . 26.12 -2.79 -12.49
H15A DPV M . 24.54 -2.83 -13.24
H16 DPV M . 25.15 -2.77 -10.23
H16A DPV M . 23.52 -2.58 -10.88
H17 DPV M . 23.65 -4.83 -11.97
H17A DPV M . 25.30 -5.03 -11.39
H18 DPV M . 24.50 -4.96 -9.02
H18A DPV M . 22.85 -4.70 -9.57
H19 DPV M . 22.86 -6.93 -10.72
H19A DPV M . 24.53 -7.19 -10.22
H20 DPV M . 23.79 -6.98 -7.79
H20A DPV M . 22.11 -6.88 -8.34
H21 DPV M . 23.90 -9.28 -9.06
H21A DPV M . 23.04 -9.19 -7.53
H22 DPV M . 20.84 -8.93 -8.84
H22A DPV M . 21.76 -9.23 -10.31
H23 DPV M . 20.68 -11.33 -9.48
H23A DPV M . 21.57 -11.18 -7.95
H23B DPV M . 22.44 -11.48 -9.48
N DPV N . 8.03 6.74 -9.69
P DPV N . 10.99 8.48 -12.73
C1 DPV N . 12.92 8.44 -14.47
C2 DPV N . 13.15 7.97 -15.93
C3 DPV N . 14.60 8.21 -16.43
C4 DPV N . 8.63 7.53 -12.15
C5 DPV N . 8.90 6.53 -10.98
C6 DPV N . 8.44 5.65 -8.70
C7 DPV N . 6.52 6.59 -9.99
C8 DPV N . 8.29 8.09 -9.01
C15 DPV N . 15.61 7.09 -15.99
C16 DPV N . 15.47 5.80 -16.87
C17 DPV N . 16.33 4.64 -16.30
C18 DPV N . 16.04 3.32 -17.08
C19 DPV N . 16.77 2.06 -16.48
O1P DPV N . 10.66 9.92 -12.81
C20 DPV N . 16.41 1.71 -14.99
C21 DPV N . 14.91 1.38 -14.75
C22 DPV N . 14.61 1.17 -13.24
C23 DPV N . 13.18 0.65 -12.99
O2P DPV N . 11.72 8.13 -11.49
O3P DPV N . 11.66 7.90 -14.05
O4P DPV N . 9.76 7.51 -13.04
H1 DPV N . 13.71 8.09 -13.81
H1A DPV N . 12.88 9.54 -14.44
H2 DPV N . 12.89 6.92 -16.01
H2A DPV N . 12.46 8.51 -16.58
H3 DPV N . 14.97 9.17 -16.06
H3A DPV N . 14.59 8.27 -17.52
H4 DPV N . 7.74 7.23 -12.70
H4A DPV N . 8.49 8.54 -11.77
H5 DPV N . 8.73 5.51 -11.33
H5A DPV N . 9.94 6.62 -10.66
H6 DPV N . 7.81 5.73 -7.81
H6A DPV N . 9.49 5.81 -8.42
H6B DPV N . 8.32 4.67 -9.17
H7 DPV N . 5.97 6.68 -9.05
H7A DPV N . 6.34 5.62 -10.45
H7B DPV N . 6.22 7.40 -10.66
H8 DPV N . 7.76 8.12 -8.06
H8A DPV N . 7.92 8.88 -9.68
H8B DPV N . 9.37 8.21 -8.86
H15 DPV N . 15.45 6.84 -14.94
H15A DPV N . 16.62 7.47 -16.08
H16 DPV N . 14.42 5.49 -16.91
H16A DPV N . 15.79 6.03 -17.90
H17 DPV N . 17.39 4.87 -16.37
H17A DPV N . 16.08 4.51 -15.25
H18 DPV N . 14.98 3.14 -17.12
H18A DPV N . 16.39 3.44 -18.10
H19 DPV N . 16.52 1.20 -17.11
H19A DPV N . 17.84 2.21 -16.56
H20 DPV N . 17.01 0.86 -14.70
H20A DPV N . 16.71 2.54 -14.36
H21 DPV N . 14.28 2.19 -15.13
H21A DPV N . 14.64 0.48 -15.31
H22 DPV N . 15.33 0.47 -12.82
H22A DPV N . 14.76 2.11 -12.71
H23 DPV N . 13.03 -0.30 -13.48
H23A DPV N . 12.45 1.37 -13.36
H23B DPV N . 13.02 0.52 -11.91
N DPV O . 16.40 10.37 -4.28
P DPV O . 19.30 7.09 -2.55
C1 DPV O . 19.05 4.50 -2.12
C2 DPV O . 19.05 3.22 -2.98
C3 DPV O . 18.11 3.31 -4.22
C4 DPV O . 17.11 7.87 -3.80
C5 DPV O . 17.57 9.33 -4.15
C6 DPV O . 15.61 10.52 -2.97
C7 DPV O . 15.44 10.02 -5.43
C8 DPV O . 17.03 11.74 -4.62
C15 DPV O . 16.61 3.11 -3.86
C16 DPV O . 15.68 3.38 -5.06
C17 DPV O . 14.22 2.94 -4.73
C18 DPV O . 13.17 3.53 -5.71
C19 DPV O . 11.73 3.16 -5.26
O1P DPV O . 20.40 8.03 -2.78
C20 DPV O . 10.66 3.99 -6.01
C21 DPV O . 9.21 3.74 -5.48
C22 DPV O . 8.89 4.59 -4.22
C23 DPV O . 7.42 4.43 -3.78
O2P DPV O . 18.66 7.27 -1.24
O3P DPV O . 19.71 5.56 -2.85
O4P DPV O . 18.27 6.99 -3.78
H1 DPV O . 18.01 4.81 -1.90
H1A DPV O . 19.56 4.34 -1.17
H2 DPV O . 20.08 3.03 -3.32
H2A DPV O . 18.77 2.36 -2.36
H3 DPV O . 18.41 2.54 -4.94
H3A DPV O . 18.25 4.29 -4.71
H4 DPV O . 16.62 7.83 -2.83
H4A DPV O . 16.43 7.49 -4.57
H5 DPV O . 18.23 9.70 -3.36
H5A DPV O . 18.11 9.33 -5.09
H6 DPV O . 15.12 9.56 -2.73
H6A DPV O . 14.84 11.29 -3.10
H6B DPV O . 16.29 10.80 -2.17
H7 DPV O . 16.02 9.90 -6.35
H7A DPV O . 14.71 10.83 -5.54
H7B DPV O . 14.93 9.09 -5.18
H8 DPV O . 17.68 12.04 -3.80
H8A DPV O . 16.23 12.47 -4.74
H8B DPV O . 17.60 11.65 -5.54
H15 DPV O . 16.34 3.78 -3.04
H15A DPV O . 16.48 2.10 -3.49
H16 DPV O . 15.70 4.44 -5.30
H16A DPV O . 16.02 2.83 -5.94
H17 DPV O . 14.16 1.85 -4.74
H17A DPV O . 13.98 3.27 -3.71
H18 DPV O . 13.28 4.62 -5.74
H18A DPV O . 13.36 3.14 -6.72
H19 DPV O . 11.58 2.09 -5.43
H19A DPV O . 11.64 3.33 -4.18
H20 DPV O . 10.89 5.05 -5.94
H20A DPV O . 10.69 3.72 -7.06
H21 DPV O . 8.50 4.00 -6.28
H21A DPV O . 9.07 2.67 -5.26
H22 DPV O . 9.53 4.30 -3.39
H22A DPV O . 9.08 5.65 -4.43
H23 DPV O . 6.74 4.76 -4.59
H23A DPV O . 7.22 5.03 -2.90
H23B DPV O . 7.20 3.39 -3.55
N DPV P . 6.04 -8.50 14.81
P DPV P . 7.76 -5.75 11.22
C1 DPV P . 9.97 -4.35 11.27
C2 DPV P . 11.51 -4.55 11.10
C3 DPV P . 12.02 -4.42 9.63
C4 DPV P . 7.40 -6.46 13.73
C5 DPV P . 7.40 -7.73 14.67
C6 DPV P . 5.54 -9.05 13.47
C7 DPV P . 4.94 -7.62 15.47
C8 DPV P . 6.28 -9.69 15.75
C15 DPV P . 11.38 -5.44 8.64
C16 DPV P . 12.12 -5.50 7.27
C17 DPV P . 11.33 -6.41 6.28
C18 DPV P . 12.19 -6.94 5.10
C19 DPV P . 11.35 -7.89 4.19
O1P DPV P . 7.37 -6.25 9.89
C20 DPV P . 12.26 -8.79 3.29
C21 DPV P . 11.44 -9.66 2.29
C22 DPV P . 10.75 -10.90 2.96
C23 DPV P . 10.16 -11.87 1.92
O2P DPV P . 7.03 -4.52 11.58
O3P DPV P . 9.34 -5.65 11.43
O4P DPV P . 7.67 -6.88 12.36
H1 DPV P . 9.78 -3.76 12.16
H1A DPV P . 9.56 -3.85 10.39
H2 DPV P . 12.03 -3.81 11.71
H2A DPV P . 11.79 -5.53 11.50
H3 DPV P . 13.11 -4.55 9.63
H3A DPV P . 11.84 -3.41 9.27
H4 DPV P . 6.43 -5.96 13.77
H4A DPV P . 8.19 -5.79 14.04
H5 DPV P . 8.13 -8.45 14.30
H5A DPV P . 7.70 -7.42 15.67
H6 DPV P . 6.33 -9.67 13.04
H6A DPV P . 5.31 -8.21 12.80
H6B DPV P . 4.64 -9.64 13.64
H7 DPV P . 4.04 -8.23 15.61
H7A DPV P . 4.72 -6.79 14.81
H7B DPV P . 5.31 -7.25 16.43
H8 DPV P . 5.34 -10.24 15.87
H8A DPV P . 6.62 -9.31 16.72
H8B DPV P . 7.05 -10.33 15.32
H15 DPV P . 10.33 -5.17 8.48
H15A DPV P . 11.40 -6.44 9.09
H16 DPV P . 12.21 -4.49 6.84
H16A DPV P . 13.12 -5.89 7.42
H17 DPV P . 10.93 -7.27 6.81
H17A DPV P . 10.47 -5.85 5.88
H18 DPV P . 12.58 -6.11 4.51
H18A DPV P . 13.06 -7.48 5.50
H19 DPV P . 10.73 -8.54 4.82
H19A DPV P . 10.68 -7.30 3.57
H20 DPV P . 12.93 -8.14 2.72
H20A DPV P . 12.88 -9.42 3.92
H21 DPV P . 10.70 -9.05 1.77
H21A DPV P . 12.14 -10.04 1.52
H22 DPV P . 11.48 -11.44 3.57
H22A DPV P . 9.96 -10.56 3.62
H23 DPV P . 9.76 -12.75 2.42
H23A DPV P . 10.93 -12.20 1.22
H23B DPV P . 9.36 -11.40 1.36
N DPV Q . 3.17 -5.44 10.18
P DPV Q . -0.89 -7.64 7.73
C1 DPV Q . 0.12 -9.43 6.09
C2 DPV Q . 0.53 -9.64 4.63
C3 DPV Q . -0.70 -9.75 3.67
C4 DPV Q . 1.26 -6.34 8.58
C5 DPV Q . 2.39 -6.67 9.61
C6 DPV Q . 2.26 -4.45 10.90
C7 DPV Q . 3.97 -4.70 9.09
C8 DPV Q . 4.15 -5.99 11.22
C15 DPV Q . -0.29 -10.15 2.23
C16 DPV Q . 0.39 -8.97 1.43
C17 DPV Q . 1.26 -9.45 0.24
C18 DPV Q . 2.58 -10.21 0.61
C19 DPV Q . 3.59 -9.36 1.42
O1P DPV Q . -1.73 -8.69 8.38
C20 DPV Q . 4.98 -10.07 1.60
C21 DPV Q . 4.98 -11.18 2.69
C22 DPV Q . 6.37 -11.82 2.88
C23 DPV Q . 6.53 -12.53 4.25
O2P DPV Q . -1.58 -6.33 7.75
O3P DPV Q . -0.35 -8.06 6.28
O4P DPV Q . 0.61 -7.60 8.30
H1 DPV Q . -0.67 -10.13 6.39
H1A DPV Q . 0.98 -9.58 6.75
H2 DPV Q . 1.17 -8.81 4.32
H2A DPV Q . 1.11 -10.55 4.56
H3 DPV Q . -1.25 -8.81 3.65
H3A DPV Q . -1.38 -10.51 4.06
H4 DPV Q . 0.54 -5.65 9.02
H4A DPV Q . 1.67 -5.92 7.66
H5 DPV Q . 1.96 -7.20 10.46
H5A DPV Q . 3.13 -7.33 9.14
H6 DPV Q . 1.58 -4.00 10.16
H6A DPV Q . 2.87 -3.67 11.36
H6B DPV Q . 1.68 -4.98 11.66
H7 DPV Q . 4.58 -3.93 9.57
H7A DPV Q . 3.27 -4.24 8.39
H7B DPV Q . 4.61 -5.42 8.58
H8 DPV Q . 4.71 -5.14 11.63
H8A DPV Q . 4.84 -6.69 10.72
H8B DPV Q . 3.60 -6.50 12.00
H15 DPV Q . -1.17 -10.48 1.67
H15A DPV Q . 0.39 -11.01 2.27
H16 DPV Q . -0.40 -8.32 1.05
H16A DPV Q . 0.99 -8.36 2.10
H17 DPV Q . 0.65 -10.10 -0.40
H17A DPV Q . 1.51 -8.57 -0.37
H18 DPV Q . 2.33 -11.12 1.17
H18A DPV Q . 3.05 -10.53 -0.32
H19 DPV Q . 3.76 -8.42 0.89
H19A DPV Q . 3.19 -9.12 2.40
H20 DPV Q . 5.31 -10.47 0.65
H20A DPV Q . 5.70 -9.30 1.89
H21 DPV Q . 4.63 -10.75 3.63
H21A DPV Q . 4.26 -11.96 2.42
H22 DPV Q . 6.56 -12.54 2.07
H22A DPV Q . 7.16 -11.07 2.80
H23 DPV Q . 5.77 -13.30 4.37
H23A DPV Q . 6.43 -11.80 5.06
H23B DPV Q . 7.50 -12.99 4.32
N DPV R . -1.76 -6.11 12.04
P DPV R . 1.64 -9.49 12.50
C1 DPV R . 3.29 -10.60 10.85
C2 DPV R . 3.60 -10.72 9.35
C3 DPV R . 2.62 -11.69 8.62
C4 DPV R . -0.82 -8.53 12.55
C5 DPV R . -0.85 -7.30 11.59
C6 DPV R . -3.22 -6.54 12.24
C7 DPV R . -1.74 -5.04 10.93
C8 DPV R . -1.23 -5.46 13.33
C15 DPV R . 3.09 -11.94 7.17
C16 DPV R . 2.12 -12.89 6.41
C17 DPV R . 2.61 -13.12 4.95
C18 DPV R . 1.59 -13.93 4.12
C19 DPV R . 2.02 -14.09 2.63
O1P DPV R . 2.13 -8.15 12.89
C20 DPV R . 2.85 -15.37 2.32
C21 DPV R . 4.36 -15.21 2.61
C22 DPV R . 5.18 -16.42 2.09
C23 DPV R . 6.69 -16.26 2.40
O2P DPV R . 1.94 -10.51 13.52
O3P DPV R . 2.04 -9.91 11.03
O4P DPV R . 0.11 -9.51 12.03
H1 DPV R . 3.23 -11.59 11.32
H1A DPV R . 4.09 -10.02 11.33
H2 DPV R . 3.54 -9.73 8.88
H2A DPV R . 4.63 -11.09 9.23
H3 DPV R . 1.61 -11.25 8.62
H3A DPV R . 2.58 -12.64 9.17
H4 DPV R . -0.51 -8.24 13.56
H4A DPV R . -1.81 -8.99 12.60
H5 DPV R . 0.16 -6.92 11.47
H5A DPV R . -1.20 -7.63 10.61
H6 DPV R . -3.58 -7.03 11.32
H6A DPV R . -3.84 -5.65 12.44
H6B DPV R . -3.28 -7.24 13.08
H7 DPV R . -0.72 -4.67 10.80
H7A DPV R . -2.40 -4.21 11.22
H7B DPV R . -2.09 -5.49 10.00
H8 DPV R . -0.18 -5.15 13.19
H8A DPV R . -1.29 -6.19 14.15
H8B DPV R . -1.85 -4.59 13.57
H15 DPV R . 4.08 -12.38 7.18
H15A DPV R . 3.15 -10.99 6.63
H16 DPV R . 2.06 -13.86 6.93
H16A DPV R . 1.12 -12.45 6.40
H17 DPV R . 2.77 -12.15 4.47
H17A DPV R . 3.57 -13.63 4.99
H18 DPV R . 1.44 -14.92 4.58
H18A DPV R . 0.63 -13.42 4.15
H19 DPV R . 1.10 -14.14 2.02
H19A DPV R . 2.54 -13.20 2.27
H20 DPV R . 2.45 -16.21 2.89
H20A DPV R . 2.71 -15.61 1.27
H21 DPV R . 4.74 -14.30 2.15
H21A DPV R . 4.52 -15.13 3.69
H22 DPV R . 4.82 -17.34 2.54
H22A DPV R . 5.05 -16.51 1.01
H23 DPV R . 6.86 -16.18 3.47
H23A DPV R . 7.09 -15.37 1.91
H23B DPV R . 7.24 -17.12 2.02
N DPV S . 17.07 -16.27 15.30
P DPV S . 13.17 -13.86 14.10
C1 DPV S . 12.57 -11.37 14.50
C2 DPV S . 13.20 -9.96 14.47
C3 DPV S . 13.73 -9.59 13.05
C4 DPV S . 15.10 -15.55 13.65
C5 DPV S . 16.63 -15.79 13.86
C6 DPV S . 16.39 -17.61 15.68
C7 DPV S . 16.76 -15.22 16.39
C8 DPV S . 18.58 -16.49 15.27
C15 DPV S . 14.07 -8.07 12.94
C16 DPV S . 14.90 -7.72 11.67
C17 DPV S . 14.12 -7.69 10.33
C18 DPV S . 14.00 -9.08 9.62
C19 DPV S . 13.95 -8.94 8.07
O1P DPV S . 12.62 -14.04 12.74
C20 DPV S . 13.59 -10.27 7.35
C21 DPV S . 12.06 -10.53 7.32
C22 DPV S . 11.73 -11.91 6.69
C23 DPV S . 10.19 -12.08 6.54
O2P DPV S . 12.30 -14.45 15.13
O3P DPV S . 13.60 -12.37 14.42
O4P DPV S . 14.70 -14.29 14.24
H1 DPV S . 12.02 -11.50 15.43
H1A DPV S . 11.88 -11.49 13.65
H2 DPV S . 12.45 -9.24 14.77
H2A DPV S . 14.02 -9.91 15.20
H3 DPV S . 12.96 -9.85 12.31
H3A DPV S . 14.61 -10.20 12.83
H4 DPV S . 14.89 -15.51 12.58
H4A DPV S . 14.51 -16.36 14.09
H5 DPV S . 16.97 -16.55 13.16
H5A DPV S . 17.18 -14.87 13.65
H6 DPV S . 15.32 -17.44 15.81
H6A DPV S . 16.83 -17.98 16.62
H6B DPV S . 16.58 -18.33 14.87
H7 DPV S . 17.23 -14.27 16.10
H7A DPV S . 17.17 -15.57 17.34
H7B DPV S . 15.67 -15.10 16.46
H8 DPV S . 19.06 -15.55 14.98
H8A DPV S . 18.81 -17.26 14.53
H8B DPV S . 18.92 -16.80 16.26
H15 DPV S . 14.63 -7.77 13.82
H15A DPV S . 13.15 -7.49 12.93
H16 DPV S . 15.34 -6.73 11.83
H16A DPV S . 15.76 -8.40 11.60
H17 DPV S . 13.13 -7.28 10.49
H17A DPV S . 14.64 -7.00 9.66
H18 DPV S . 14.85 -9.72 9.90
H18A DPV S . 13.10 -9.59 9.98
H19 DPV S . 13.23 -8.18 7.80
H19A DPV S . 14.93 -8.60 7.72
H20 DPV S . 13.97 -10.22 6.32
H20A DPV S . 14.10 -11.11 7.84
H21 DPV S . 11.65 -10.48 8.32
H21A DPV S . 11.59 -9.73 6.74
H22 DPV S . 12.20 -12.00 5.72
H22A DPV S . 12.11 -12.70 7.33
H23 DPV S . 9.70 -11.98 7.51
H23A DPV S . 9.97 -13.07 6.14
H23B DPV S . 9.79 -11.33 5.86
N DPV T . -0.81 -26.32 0.10
P DPV T . 2.40 -28.12 3.22
C1 DPV T . 3.68 -25.88 3.74
C2 DPV T . 3.51 -24.37 3.50
C3 DPV T . 4.01 -23.88 2.11
C4 DPV T . 1.10 -27.97 0.93
C5 DPV T . -0.35 -27.79 0.38
C6 DPV T . 0.00 -25.71 -1.07
C7 DPV T . -0.67 -25.42 1.34
C8 DPV T . -2.28 -26.38 -0.31
C15 DPV T . 5.57 -23.87 1.99
C16 DPV T . 6.04 -22.90 0.87
C17 DPV T . 7.58 -22.92 0.68
C18 DPV T . 8.08 -21.82 -0.31
C19 DPV T . 8.59 -20.54 0.42
O1P DPV T . 2.14 -28.31 4.65
C20 DPV T . 9.08 -19.43 -0.56
C21 DPV T . 7.91 -18.53 -1.06
C22 DPV T . 8.41 -17.40 -1.98
C23 DPV T . 7.26 -16.49 -2.43
O2P DPV T . 3.28 -29.15 2.67
O3P DPV T . 2.82 -26.61 2.83
O4P DPV T . 1.05 -27.92 2.38
H1 DPV T . 4.71 -26.19 3.60
H1A DPV T . 3.37 -26.12 4.77
H2 DPV T . 2.45 -24.12 3.59
H2A DPV T . 4.03 -23.82 4.29
H3 DPV T . 3.63 -22.87 1.96
H3A DPV T . 3.58 -24.49 1.31
H4 DPV T . 1.49 -28.94 0.63
H4A DPV T . 1.76 -27.19 0.56
H5 DPV T . -0.44 -28.34 -0.56
H5A DPV T . -1.05 -28.23 1.10
H6 DPV T . -0.08 -26.36 -1.95
H6A DPV T . 1.04 -25.62 -0.77
H6B DPV T . -0.41 -24.72 -1.30
H7 DPV T . -1.06 -24.43 1.12
H7A DPV T . 0.39 -25.34 1.61
H7B DPV T . -1.22 -25.88 2.17
H8 DPV T . -2.85 -26.79 0.52
H8A DPV T . -2.38 -27.00 -1.19
H8B DPV T . -2.61 -25.36 -0.54
H15 DPV T . 5.92 -24.88 1.77
H15A DPV T . 6.01 -23.56 2.93
H16 DPV T . 5.54 -23.15 -0.07
H16A DPV T . 5.74 -21.88 1.15
H17 DPV T . 8.09 -22.81 1.64
H17A DPV T . 7.87 -23.89 0.27
H18 DPV T . 8.90 -22.23 -0.90
H18A DPV T . 7.28 -21.55 -1.02
H19 DPV T . 7.81 -20.14 1.09
H19A DPV T . 9.44 -20.82 1.05
H20 DPV T . 9.80 -18.80 -0.03
H20A DPV T . 9.59 -19.88 -1.40
H21 DPV T . 7.18 -19.15 -1.59
H21A DPV T . 7.39 -18.09 -0.21
H22 DPV T . 9.16 -16.80 -1.47
H22A DPV T . 8.88 -17.83 -2.87
H23 DPV T . 7.65 -15.63 -3.00
H23A DPV T . 6.72 -16.10 -1.56
H23B DPV T . 6.56 -17.03 -3.06
N DPV U . 13.35 -27.43 7.79
P DPV U . 9.22 -26.04 9.32
C1 DPV U . 10.18 -26.99 11.58
C2 DPV U . 9.86 -26.13 12.82
C3 DPV U . 11.16 -25.60 13.51
C4 DPV U . 10.77 -26.83 7.38
C5 DPV U . 11.99 -27.78 7.06
C6 DPV U . 13.76 -25.95 7.66
C7 DPV U . 14.44 -28.28 7.13
C8 DPV U . 13.29 -27.81 9.28
C15 DPV U . 11.81 -24.39 12.75
C16 DPV U . 13.29 -24.65 12.33
C17 DPV U . 13.85 -23.47 11.51
C18 DPV U . 15.31 -23.71 11.07
C19 DPV U . 15.86 -22.52 10.22
O1P DPV U . 9.80 -24.71 9.59
C20 DPV U . 17.32 -22.77 9.68
C21 DPV U . 17.37 -23.66 8.38
C22 DPV U . 17.05 -22.88 7.07
C23 DPV U . 18.27 -22.13 6.50
O2P DPV U . 7.98 -25.95 8.51
O3P DPV U . 9.07 -26.96 10.63
O4P DPV U . 10.28 -27.08 8.71
H1 DPV U . 11.08 -26.63 11.09
H1A DPV U . 10.35 -28.03 11.89
H2 DPV U . 9.23 -25.28 12.52
H2A DPV U . 9.29 -26.72 13.54
H3 DPV U . 11.87 -26.42 13.62
H3A DPV U . 10.90 -25.27 14.52
H4 DPV U . 11.05 -25.79 7.27
H4A DPV U . 9.96 -27.05 6.68
H5 DPV U . 11.73 -28.80 7.33
H5A DPV U . 12.17 -27.73 6.00
H6 DPV U . 14.74 -25.81 8.11
H6A DPV U . 13.03 -25.33 8.18
H6B DPV U . 13.78 -25.69 6.60
H7 DPV U . 15.40 -28.08 7.61
H7A DPV U . 14.50 -28.03 6.07
H7B DPV U . 14.17 -29.35 7.25
H8 DPV U . 12.56 -27.17 9.78
H8A DPV U . 14.28 -27.68 9.73
H8B DPV U . 12.99 -28.86 9.37
H15 DPV U . 11.77 -23.51 13.39
H15A DPV U . 11.22 -24.15 11.85
H16 DPV U . 13.89 -24.80 13.23
H16A DPV U . 13.35 -25.57 11.73
H17 DPV U . 13.23 -23.32 10.61
H17A DPV U . 13.79 -22.54 12.10
H18 DPV U . 15.95 -23.84 11.95
H18A DPV U . 15.37 -24.63 10.48
H19 DPV U . 15.20 -22.32 9.38
H19A DPV U . 15.88 -21.62 10.83
H20 DPV U . 17.79 -21.80 9.48
H20A DPV U . 17.92 -23.23 10.47
H21 DPV U . 18.37 -24.11 8.32
H21A DPV U . 16.67 -24.48 8.50
H22 DPV U . 16.70 -23.60 6.32
H22A DPV U . 16.22 -22.18 7.23
H23 DPV U . 17.99 -21.59 5.59
H23A DPV U . 19.07 -22.82 6.26
H23B DPV U . 18.64 -21.40 7.22
N DPV V . 21.06 -28.88 4.16
P DPV V . 16.20 -27.75 2.59
C1 DPV V . 15.04 -25.76 1.28
C2 DPV V . 15.35 -24.76 0.14
C3 DPV V . 14.20 -23.72 -0.06
C4 DPV V . 18.54 -28.43 3.49
C5 DPV V . 20.05 -28.15 3.21
C6 DPV V . 20.94 -30.41 4.04
C7 DPV V . 20.88 -28.47 5.62
C8 DPV V . 22.48 -28.49 3.72
C15 DPV V . 14.63 -22.56 -1.01
C16 DPV V . 13.51 -21.48 -1.14
C17 DPV V . 13.93 -20.28 -2.06
C18 DPV V . 12.84 -19.18 -2.06
C19 DPV V . 13.19 -17.95 -2.96
O1P DPV V . 15.65 -29.09 2.26
C20 DPV V . 12.08 -16.84 -2.82
C21 DPV V . 12.30 -15.61 -3.75
C22 DPV V . 11.15 -14.57 -3.56
C23 DPV V . 11.20 -13.40 -4.58
O2P DPV V . 15.63 -27.20 3.84
O3P DPV V . 16.14 -26.73 1.36
O4P DPV V . 17.77 -27.68 2.53
H1 DPV V . 14.97 -25.23 2.24
H1A DPV V . 14.12 -26.31 1.08
H2 DPV V . 16.27 -24.24 0.38
H2A DPV V . 15.50 -25.30 -0.79
H3 DPV V . 13.90 -23.30 0.91
H3A DPV V . 13.32 -24.22 -0.48
H4 DPV V . 18.32 -29.49 3.38
H4A DPV V . 18.28 -28.11 4.50
H5 DPV V . 20.29 -28.45 2.19
H5A DPV V . 20.24 -27.08 3.31
H6 DPV V . 21.03 -30.70 2.98
H6A DPV V . 19.96 -30.73 4.42
H6B DPV V . 21.73 -30.88 4.62
H7 DPV V . 19.88 -28.78 5.97
H7A DPV V . 20.98 -27.38 5.70
H7B DPV V . 21.64 -28.95 6.23
H8 DPV V . 22.60 -27.40 3.84
H8A DPV V . 22.62 -28.77 2.68
H8B DPV V . 23.21 -29.02 4.35
H15 DPV V . 14.87 -22.96 -2.00
H15A DPV V . 15.54 -22.08 -0.62
H16 DPV V . 12.60 -21.94 -1.55
H16A DPV V . 13.26 -21.11 -0.14
H17 DPV V . 14.88 -19.87 -1.70
H17A DPV V . 14.09 -20.64 -3.08
H18 DPV V . 11.90 -19.62 -2.40
H18A DPV V . 12.66 -18.84 -1.03
H19 DPV V . 14.16 -17.54 -2.67
H19A DPV V . 13.26 -18.28 -4.01
H20 DPV V . 11.12 -17.29 -3.06
H20A DPV V . 12.04 -16.51 -1.79
H21 DPV V . 13.27 -15.14 -3.54
H21A DPV V . 12.33 -15.94 -4.79
H22 DPV V . 10.18 -15.07 -3.65
H22A DPV V . 11.21 -14.16 -2.55
H23 DPV V . 12.20 -12.97 -4.63
H23A DPV V . 10.50 -12.62 -4.31
H23B DPV V . 10.95 -13.77 -5.57
N DPV W . 24.02 -32.18 -9.17
P DPV W . 22.84 -27.69 -7.33
C1 DPV W . 21.20 -25.90 -6.39
C2 DPV W . 19.69 -25.68 -6.19
C3 DPV W . 19.33 -24.16 -6.12
C4 DPV W . 22.90 -29.78 -8.94
C5 DPV W . 23.55 -31.01 -8.22
C6 DPV W . 22.83 -32.84 -9.90
C7 DPV W . 24.68 -33.24 -8.29
C8 DPV W . 25.07 -31.70 -10.19
C15 DPV W . 17.80 -23.93 -6.18
C16 DPV W . 17.44 -22.43 -6.37
C17 DPV W . 15.90 -22.26 -6.49
C18 DPV W . 15.49 -20.81 -6.85
C19 DPV W . 13.98 -20.75 -7.23
O1P DPV W . 23.77 -27.97 -6.22
C20 DPV W . 13.45 -19.32 -7.58
C21 DPV W . 14.08 -18.72 -8.88
C22 DPV W . 13.52 -17.31 -9.29
C23 DPV W . 13.78 -16.11 -8.29
O2P DPV W . 23.45 -26.78 -8.34
O3P DPV W . 21.39 -27.25 -6.85
O4P DPV W . 22.18 -29.01 -7.96
H1 DPV W . 21.59 -25.21 -7.14
H1A DPV W . 21.73 -25.76 -5.43
H2 DPV W . 19.15 -26.13 -7.04
H2A DPV W . 19.35 -26.18 -5.29
H3 DPV W . 19.82 -23.64 -6.95
H3A DPV W . 19.73 -23.75 -5.20
H4 DPV W . 23.65 -29.16 -9.42
H4A DPV W . 22.18 -30.12 -9.69
H5 DPV W . 24.42 -30.68 -7.66
H5A DPV W . 22.83 -31.45 -7.54
H6 DPV W . 23.20 -33.70 -10.47
H6A DPV W . 22.37 -32.12 -10.57
H6B DPV W . 22.11 -33.18 -9.15
H7 DPV W . 25.54 -32.79 -7.77
H7A DPV W . 25.03 -34.07 -8.92
H7B DPV W . 23.96 -33.61 -7.55
H8 DPV W . 25.44 -32.58 -10.75
H8A DPV W . 25.91 -31.23 -9.65
H8B DPV W . 24.61 -30.99 -10.87
H15 DPV W . 17.34 -24.31 -5.26
H15A DPV W . 17.37 -24.51 -7.02
H16 DPV W . 17.81 -21.86 -5.53
H16A DPV W . 17.91 -22.06 -7.28
H17 DPV W . 15.53 -22.95 -7.26
H17A DPV W . 15.44 -22.55 -5.54
H18 DPV W . 15.69 -20.14 -6.00
H18A DPV W . 16.10 -20.47 -7.69
H19 DPV W . 13.79 -21.40 -8.09
H19A DPV W . 13.37 -21.13 -6.41
H20 DPV W . 12.36 -19.39 -7.73
H20A DPV W . 13.60 -18.67 -6.73
H21 DPV W . 15.16 -18.64 -8.76
H21A DPV W . 13.89 -19.39 -9.71
H22 DPV W . 13.95 -17.05 -10.26
H22A DPV W . 12.44 -17.41 -9.44
H23 DPV W . 13.36 -16.23 -7.28
H23A DPV W . 12.96 -15.44 -8.62
H23B DPV W . 14.55 -15.40 -8.59
N DPV X . 33.12 -6.60 -8.43
P DPV X . 33.93 -5.62 -3.36
C1 DPV X . 32.51 -6.68 -1.44
C2 DPV X . 31.02 -6.95 -1.08
C3 DPV X . 30.83 -8.11 -0.08
C4 DPV X . 33.74 -5.90 -5.95
C5 DPV X . 32.67 -5.91 -7.09
C6 DPV X . 32.00 -6.42 -9.46
C7 DPV X . 33.37 -8.11 -8.25
C8 DPV X . 34.41 -5.95 -8.98
C15 DPV X . 31.04 -9.53 -0.74
C16 DPV X . 30.79 -10.66 0.29
C17 DPV X . 31.48 -12.00 -0.08
C18 DPV X . 30.77 -12.80 -1.20
C19 DPV X . 31.56 -14.10 -1.56
O1P DPV X . 34.82 -6.80 -3.26
C20 DPV X . 30.96 -14.88 -2.77
C21 DPV X . 29.79 -15.82 -2.33
C22 DPV X . 29.28 -16.66 -3.54
C23 DPV X . 28.14 -17.60 -3.11
O2P DPV X . 34.64 -4.36 -3.08
O3P DPV X . 32.55 -5.78 -2.57
O4P DPV X . 33.08 -5.58 -4.71
H1 DPV X . 33.03 -6.22 -0.60
H1A DPV X . 33.00 -7.61 -1.72
H2 DPV X . 30.60 -6.04 -0.66
H2A DPV X . 30.47 -7.16 -2.00
H3 DPV X . 29.82 -8.07 0.32
H3A DPV X . 31.52 -7.99 0.76
H4 DPV X . 34.20 -6.90 -5.85
H4A DPV X . 34.51 -5.16 -6.15
H5 DPV X . 31.78 -6.43 -6.76
H5A DPV X . 32.39 -4.88 -7.33
H6 DPV X . 31.09 -6.88 -9.07
H6A DPV X . 32.30 -6.91 -10.39
H6B DPV X . 31.85 -5.35 -9.62
H7 DPV X . 34.17 -8.26 -7.52
H7A DPV X . 33.65 -8.54 -9.22
H7B DPV X . 32.44 -8.57 -7.88
H8 DPV X . 34.24 -4.87 -9.09
H8A DPV X . 34.62 -6.39 -9.97
H8B DPV X . 35.23 -6.14 -8.30
H15 DPV X . 32.07 -9.60 -1.12
H15A DPV X . 30.36 -9.66 -1.59
H16 DPV X . 31.20 -10.35 1.26
H16A DPV X . 29.72 -10.81 0.42
H17 DPV X . 32.52 -11.79 -0.37
H17A DPV X . 31.53 -12.63 0.82
H18 DPV X . 29.77 -13.07 -0.88
H18A DPV X . 30.68 -12.17 -2.09
H19 DPV X . 32.59 -13.81 -1.83
H19A DPV X . 31.64 -14.74 -0.68
H20 DPV X . 30.62 -14.19 -3.53
H20A DPV X . 31.74 -15.49 -3.21
H21 DPV X . 30.14 -16.50 -1.56
H21A DPV X . 28.97 -15.23 -1.92
H22 DPV X . 28.93 -15.99 -4.33
H22A DPV X . 30.09 -17.26 -3.95
H23 DPV X . 28.44 -18.23 -2.27
H23A DPV X . 27.86 -18.24 -3.95
H23B DPV X . 27.26 -17.03 -2.81
N DPV Y . 31.81 -8.47 -16.88
P DPV Y . 33.61 -8.53 -12.88
C1 DPV Y . 34.52 -6.11 -13.39
C2 DPV Y . 35.01 -4.85 -12.67
C3 DPV Y . 33.84 -4.00 -12.09
C4 DPV Y . 31.46 -9.03 -14.31
C5 DPV Y . 32.05 -9.46 -15.69
C6 DPV Y . 32.52 -9.05 -18.12
C7 DPV Y . 32.37 -7.05 -16.63
C8 DPV Y . 30.31 -8.36 -17.22
C15 DPV Y . 34.37 -2.88 -11.17
C16 DPV Y . 33.22 -2.19 -10.40
C17 DPV Y . 33.77 -1.35 -9.21
C18 DPV Y . 32.68 -0.54 -8.47
C19 DPV Y . 31.76 -1.41 -7.57
O1P DPV Y . 33.30 -9.42 -11.75
C20 DPV Y . 30.77 -0.54 -6.76
C21 DPV Y . 29.71 -1.40 -6.04
C22 DPV Y . 28.65 -0.53 -5.33
C23 DPV Y . 27.57 -1.40 -4.67
O2P DPV Y . 34.66 -9.09 -13.76
O3P DPV Y . 33.90 -7.02 -12.44
O4P DPV Y . 32.31 -8.04 -13.66
H1 DPV Y . 33.81 -5.86 -14.17
H1A DPV Y . 35.38 -6.62 -13.85
H2 DPV Y . 35.69 -5.16 -11.86
H2A DPV Y . 35.60 -4.25 -13.35
H3 DPV Y . 33.18 -4.66 -11.53
H3A DPV Y . 33.26 -3.58 -12.91
H4 DPV Y . 30.47 -8.59 -14.43
H4A DPV Y . 31.38 -9.89 -13.65
H5 DPV Y . 33.13 -9.59 -15.60
H5A DPV Y . 31.62 -10.42 -15.99
H6 DPV Y . 32.36 -8.37 -18.97
H6A DPV Y . 32.10 -10.03 -18.33
H6B DPV Y . 33.59 -9.14 -17.90
H7 DPV Y . 33.44 -7.14 -16.40
H7A DPV Y . 31.83 -6.60 -15.80
H7B DPV Y . 32.24 -6.44 -17.53
H8 DPV Y . 29.79 -7.88 -16.37
H8A DPV Y . 29.92 -9.36 -17.38
H8B DPV Y . 30.20 -7.76 -18.11
H15 DPV Y . 34.92 -2.14 -11.76
H15A DPV Y . 35.08 -3.31 -10.45
H16 DPV Y . 32.65 -1.56 -11.07
H16A DPV Y . 32.54 -2.96 -10.00
H17 DPV Y . 34.28 -2.02 -8.50
H17A DPV Y . 34.52 -0.66 -9.60
H18 DPV Y . 33.16 0.23 -7.86
H18A DPV Y . 32.06 -0.01 -9.20
H19 DPV Y . 31.20 -2.11 -8.20
H19A DPV Y . 32.37 -2.01 -6.89
H20 DPV Y . 31.33 0.05 -6.02
H20A DPV Y . 30.27 0.17 -7.42
H21 DPV Y . 29.23 -2.05 -6.76
H21A DPV Y . 30.20 -2.04 -5.30
H22 DPV Y . 29.12 0.08 -4.57
H22A DPV Y . 28.17 0.14 -6.05
H23 DPV Y . 27.05 -2.00 -5.43
H23A DPV Y . 26.83 -0.77 -4.16
H23B DPV Y . 28.01 -2.08 -3.94
N DPV Z . 15.48 6.57 1.76
P DPV Z . 19.45 6.05 4.42
C1 DPV Z . 21.75 6.31 3.19
C2 DPV Z . 22.52 5.76 1.96
C3 DPV Z . 21.79 6.11 0.63
C4 DPV Z . 18.06 6.78 2.30
C5 DPV Z . 16.59 7.04 2.77
C6 DPV Z . 14.14 6.90 2.42
C7 DPV Z . 15.55 5.04 1.50
C8 DPV Z . 15.55 7.33 0.42
C15 DPV Z . 22.61 5.74 -0.65
C16 DPV Z . 22.68 4.20 -0.91
C17 DPV Z . 23.16 3.91 -2.35
C18 DPV Z . 23.16 2.39 -2.65
C19 DPV Z . 23.52 2.08 -4.13
O1P DPV Z . 20.04 6.63 5.65
C20 DPV Z . 23.60 0.55 -4.37
C21 DPV Z . 23.86 0.22 -5.86
C22 DPV Z . 23.90 -1.32 -6.09
C23 DPV Z . 24.03 -1.69 -7.57
O2P DPV Z . 18.42 5.05 4.74
O3P DPV Z . 20.55 5.53 3.39
O4P DPV Z . 18.96 7.16 3.37
H1 DPV Z . 22.36 6.23 4.09
H1A DPV Z . 21.47 7.35 3.03
H2 DPV Z . 23.52 6.20 1.96
H2A DPV Z . 22.63 4.68 2.06
H3 DPV Z . 21.59 7.18 0.60
H3A DPV Z . 20.81 5.61 0.59
H4 DPV Z . 18.23 5.73 2.06
H4A DPV Z . 18.29 7.38 1.42
H5 DPV Z . 16.42 6.50 3.70
H5A DPV Z . 16.46 8.11 2.94
H6 DPV Z . 14.09 7.96 2.62
H6A DPV Z . 14.06 6.34 3.38
H6B DPV Z . 13.33 6.59 1.75
H7 DPV Z . 15.51 4.53 2.47
H7A DPV Z . 16.49 4.81 1.00
H7B DPV Z . 14.70 4.75 0.89
H8 DPV Z . 14.71 7.02 -0.20
H8A DPV Z . 16.50 7.09 -0.07
H8B DPV Z . 15.48 8.40 0.61
H15 DPV Z . 23.61 6.15 -0.57
H15A DPV Z . 22.13 6.23 -1.50
H16 DPV Z . 23.36 3.74 -0.19
H16A DPV Z . 21.70 3.76 -0.76
H17 DPV Z . 22.50 4.42 -3.07
H17A DPV Z . 24.18 4.30 -2.50
H18 DPV Z . 23.87 1.90 -1.98
H18A DPV Z . 22.17 1.97 -2.43
H19 DPV Z . 22.76 2.51 -4.78
H19A DPV Z . 24.47 2.54 -4.37
H20 DPV Z . 24.41 0.13 -3.76
H20A DPV Z . 22.67 0.08 -4.05
H21 DPV Z . 23.07 0.65 -6.47
H21A DPV Z . 24.81 0.66 -6.18
H22 DPV Z . 24.75 -1.75 -5.54
H22A DPV Z . 23.00 -1.77 -5.68
H23 DPV Z . 23.15 -1.35 -8.12
H23A DPV Z . 24.13 -2.77 -7.69
H23B DPV Z . 24.92 -1.22 -8.01
N DPV AA . 24.15 5.19 -8.01
P DPV AA . 19.84 4.87 -9.75
C1 DPV AA . 19.37 2.76 -8.26
C2 DPV AA . 20.17 1.66 -7.52
C3 DPV AA . 19.31 0.43 -7.18
C4 DPV AA . 22.26 5.95 -9.70
C5 DPV AA . 23.28 6.36 -8.58
C6 DPV AA . 25.24 4.80 -9.03
C7 DPV AA . 23.36 3.93 -7.62
C8 DPV AA . 24.86 5.70 -6.75
C15 DPV AA . 20.20 -0.70 -6.60
C16 DPV AA . 19.41 -2.00 -6.29
C17 DPV AA . 20.37 -3.18 -5.94
C18 DPV AA . 19.60 -4.48 -5.59
C19 DPV AA . 20.53 -5.72 -5.60
O1P DPV AA . 18.47 5.33 -9.47
C20 DPV AA . 19.73 -7.01 -5.27
C21 DPV AA . 20.51 -8.32 -5.63
C22 DPV AA . 19.74 -9.61 -5.24
C23 DPV AA . 18.60 -9.99 -6.24
O2P DPV AA . 20.06 4.58 -11.18
O3P DPV AA . 20.34 3.70 -8.77
O4P DPV AA . 20.96 5.81 -9.10
H1 DPV AA . 18.81 2.34 -9.10
H1A DPV AA . 18.70 3.27 -7.57
H2 DPV AA . 21.00 1.35 -8.16
H2A DPV AA . 20.59 2.08 -6.61
H3 DPV AA . 18.80 0.05 -8.08
H3A DPV AA . 18.53 0.69 -6.45
H4 DPV AA . 22.22 6.72 -10.47
H4A DPV AA . 22.54 5.00 -10.17
H5 DPV AA . 23.95 7.12 -8.96
H5A DPV AA . 22.72 6.79 -7.74
H6 DPV AA . 25.83 5.70 -9.26
H6A DPV AA . 24.76 4.44 -9.94
H6B DPV AA . 25.88 4.04 -8.60
H7 DPV AA . 24.02 3.21 -7.15
H7A DPV AA . 22.92 3.50 -8.52
H7B DPV AA . 22.57 4.21 -6.93
H8 DPV AA . 25.46 6.57 -7.00
H8A DPV AA . 25.51 4.90 -6.35
H8B DPV AA . 24.11 5.96 -6.01
H15 DPV AA . 20.69 -0.36 -5.68
H15A DPV AA . 20.99 -0.94 -7.32
H16 DPV AA . 18.73 -1.82 -5.45
H16A DPV AA . 18.79 -2.28 -7.15
H17 DPV AA . 21.03 -3.37 -6.79
H17A DPV AA . 21.00 -2.90 -5.09
H18 DPV AA . 19.14 -4.37 -4.60
H18A DPV AA . 18.79 -4.63 -6.31
H19 DPV AA . 20.98 -5.82 -6.59
H19A DPV AA . 21.34 -5.59 -4.87
H20 DPV AA . 19.50 -7.02 -4.20
H20A DPV AA . 18.78 -7.01 -5.81
H21 DPV AA . 20.73 -8.32 -6.70
H21A DPV AA . 21.47 -8.32 -5.10
H22 DPV AA . 20.44 -10.45 -5.19
H22A DPV AA . 19.32 -9.51 -4.24
H23 DPV AA . 17.95 -10.75 -5.81
H23A DPV AA . 19.02 -10.39 -7.16
H23B DPV AA . 17.99 -9.13 -6.49
N DPV BA . 27.80 -1.54 3.15
P DPV BA . 23.64 0.88 2.19
C1 DPV BA . 21.67 0.38 0.56
C2 DPV BA . 21.48 -0.46 -0.73
C3 DPV BA . 21.11 -1.94 -0.44
C4 DPV BA . 25.20 -1.23 2.75
C5 DPV BA . 26.59 -0.56 3.02
C6 DPV BA . 27.70 -2.34 4.45
C7 DPV BA . 29.10 -0.70 3.22
C8 DPV BA . 27.93 -2.49 1.94
C15 DPV BA . 20.75 -2.69 -1.76
C16 DPV BA . 20.46 -4.22 -1.53
C17 DPV BA . 21.77 -5.06 -1.60
C18 DPV BA . 21.48 -6.59 -1.52
C19 DPV BA . 22.78 -7.44 -1.71
O1P DPV BA . 22.83 1.88 2.91
C20 DPV BA . 23.63 -7.56 -0.41
C21 DPV BA . 24.97 -8.31 -0.68
C22 DPV BA . 25.74 -8.55 0.64
C23 DPV BA . 27.06 -9.31 0.40
O2P DPV BA . 24.74 1.50 1.42
O3P DPV BA . 22.78 -0.15 1.33
O4P DPV BA . 24.12 -0.32 3.14
H1 DPV BA . 21.88 1.41 0.28
H1A DPV BA . 20.77 0.35 1.17
H2 DPV BA . 20.68 0.00 -1.34
H2A DPV BA . 22.39 -0.41 -1.33
H3 DPV BA . 20.27 -1.99 0.26
H3A DPV BA . 21.96 -2.43 0.03
H4 DPV BA . 25.08 -1.48 1.69
H4A DPV BA . 25.09 -2.14 3.34
H5 DPV BA . 26.82 0.14 2.20
H5A DPV BA . 26.55 0.00 3.95
H6 DPV BA . 28.58 -2.98 4.55
H6A DPV BA . 26.79 -2.96 4.42
H6B DPV BA . 27.64 -1.66 5.30
H7 DPV BA . 29.03 -0.03 4.08
H7A DPV BA . 29.19 -0.11 2.30
H7B DPV BA . 29.95 -1.38 3.33
H8 DPV BA . 27.97 -1.90 1.03
H8A DPV BA . 27.06 -3.15 1.93
H8B DPV BA . 28.84 -3.08 2.06
H15 DPV BA . 21.54 -2.58 -2.49
H15A DPV BA . 19.86 -2.24 -2.18
H16 DPV BA . 19.97 -4.38 -0.57
H16A DPV BA . 19.77 -4.56 -2.30
H17 DPV BA . 22.29 -4.84 -2.53
H17A DPV BA . 22.43 -4.77 -0.78
H18 DPV BA . 21.01 -6.83 -0.57
H18A DPV BA . 20.78 -6.86 -2.30
H19 DPV BA . 22.49 -8.44 -2.04
H19A DPV BA . 23.39 -7.00 -2.52
H20 DPV BA . 23.85 -6.56 -0.02
H20A DPV BA . 23.06 -8.10 0.34
H21 DPV BA . 24.76 -9.26 -1.17
H21A DPV BA . 25.58 -7.71 -1.37
H22 DPV BA . 25.96 -7.59 1.11
H22A DPV BA . 25.12 -9.11 1.33
H23 DPV BA . 26.86 -10.32 0.08
H23A DPV BA . 27.63 -9.35 1.33
H23B DPV BA . 27.66 -8.80 -0.36
N DPV CA . 5.51 3.61 9.76
P DPV CA . 3.99 -0.79 10.72
C1 DPV CA . 6.44 -1.54 10.19
C2 DPV CA . 7.33 -1.99 9.02
C3 DPV CA . 7.66 -0.81 8.08
C4 DPV CA . 3.69 1.78 10.46
C5 DPV CA . 4.08 2.97 9.52
C6 DPV CA . 5.70 4.72 8.72
C7 DPV CA . 6.63 2.57 9.54
C8 DPV CA . 5.64 4.24 11.16
C15 DPV CA . 8.65 -1.22 6.94
C16 DPV CA . 10.14 -1.15 7.37
C17 DPV CA . 11.07 -1.45 6.15
C18 DPV CA . 12.57 -1.29 6.50
C19 DPV CA . 13.45 -1.49 5.25
O1P DPV CA . 4.37 -0.80 12.15
C20 DPV CA . 14.97 -1.27 5.54
C21 DPV CA . 15.81 -1.50 4.25
C22 DPV CA . 17.32 -1.25 4.49
C23 DPV CA . 18.18 -1.53 3.24
O2P DPV CA . 2.60 -1.26 10.52
O3P DPV CA . 5.05 -1.54 9.77
O4P DPV CA . 4.31 0.58 9.97
H1 DPV CA . 6.53 -2.22 11.02
H1A DPV CA . 6.72 -0.53 10.51
H2 DPV CA . 8.25 -2.41 9.42
H2A DPV CA . 6.83 -2.79 8.48
H3 DPV CA . 8.08 0.03 8.64
H3A DPV CA . 6.74 -0.45 7.62
H4 DPV CA . 4.02 1.97 11.48
H4A DPV CA . 2.61 1.64 10.45
H5 DPV CA . 4.03 2.65 8.49
H5A DPV CA . 3.36 3.80 9.66
H6 DPV CA . 5.61 4.30 7.71
H6A DPV CA . 6.70 5.16 8.85
H6B DPV CA . 4.94 5.49 8.87
H7 DPV CA . 7.60 3.08 9.59
H7A DPV CA . 6.49 2.10 8.57
H7B DPV CA . 6.57 1.82 10.34
H8 DPV CA . 5.57 3.45 11.91
H8A DPV CA . 4.82 4.95 11.29
H8B DPV CA . 6.60 4.75 11.23
H15 DPV CA . 8.49 -0.55 6.10
H15A DPV CA . 8.39 -2.22 6.60
H16 DPV CA . 10.36 -0.15 7.76
H16A DPV CA . 10.33 -1.88 8.17
H17 DPV CA . 10.90 -2.47 5.80
H17A DPV CA . 10.83 -0.77 5.34
H18 DPV CA . 12.74 -0.29 6.92
H18A DPV CA . 12.85 -2.02 7.28
H19 DPV CA . 13.29 -2.50 4.86
H19A DPV CA . 13.13 -0.79 4.47
H20 DPV CA . 15.13 -0.27 5.92
H20A DPV CA . 15.29 -1.97 6.31
H21 DPV CA . 15.66 -2.52 3.89
H21A DPV CA . 15.46 -0.82 3.47
H22 DPV CA . 17.48 -0.22 4.81
H22A DPV CA . 17.67 -1.91 5.30
H23 DPV CA . 17.86 -0.88 2.42
H23A DPV CA . 18.06 -2.57 2.92
H23B DPV CA . 19.23 -1.35 3.45
N DPV DA . -6.95 -5.87 -16.66
P DPV DA . -3.33 -2.66 -16.68
C1 DPV DA . -1.06 -2.47 -15.45
C2 DPV DA . -0.43 -2.65 -14.05
C3 DPV DA . 1.09 -2.39 -14.05
C4 DPV DA . -5.81 -3.47 -16.42
C5 DPV DA . -5.95 -4.80 -17.24
C6 DPV DA . -8.37 -5.28 -16.51
C7 DPV DA . -6.47 -6.40 -15.30
C8 DPV DA . -7.01 -7.04 -17.64
C15 DPV DA . 1.93 -3.61 -14.55
C16 DPV DA . 3.44 -3.26 -14.74
C17 DPV DA . 4.24 -3.23 -13.40
C18 DPV DA . 5.59 -2.48 -13.57
C19 DPV DA . 6.47 -2.55 -12.28
O1P DPV DA . -2.79 -3.48 -17.79
C20 DPV DA . 7.74 -1.66 -12.42
C21 DPV DA . 8.71 -1.77 -11.21
C22 DPV DA . 9.60 -3.06 -11.18
C23 DPV DA . 10.80 -3.01 -12.15
O2P DPV DA . -3.68 -1.29 -17.10
O3P DPV DA . -2.47 -2.72 -15.35
O4P DPV DA . -4.49 -3.39 -15.86
H1 DPV DA . -0.89 -1.44 -15.82
H1A DPV DA . -0.62 -3.19 -16.15
H2 DPV DA . -0.91 -1.94 -13.37
H2A DPV DA . -0.65 -3.65 -13.67
H3 DPV DA . 1.40 -2.14 -13.04
H3A DPV DA . 1.31 -1.51 -14.67
H4 DPV DA . -5.99 -2.61 -17.06
H4A DPV DA . -6.53 -3.45 -15.59
H5 DPV DA . -6.31 -4.56 -18.24
H5A DPV DA . -4.97 -5.28 -17.33
H6 DPV DA . -9.05 -6.09 -16.21
H6A DPV DA . -8.68 -4.87 -17.47
H6B DPV DA . -8.36 -4.51 -15.75
H7 DPV DA . -5.50 -6.89 -15.43
H7A DPV DA . -7.20 -7.13 -14.93
H7B DPV DA . -6.38 -5.57 -14.59
H8 DPV DA . -7.70 -7.80 -17.26
H8A DPV DA . -6.01 -7.47 -17.75
H8B DPV DA . -7.36 -6.68 -18.62
H15 DPV DA . 1.54 -3.94 -15.52
H15A DPV DA . 1.82 -4.45 -13.86
H16 DPV DA . 3.88 -4.01 -15.40
H16A DPV DA . 3.52 -2.30 -15.24
H17 DPV DA . 3.66 -2.72 -12.63
H17A DPV DA . 4.42 -4.25 -13.06
H18 DPV DA . 6.14 -2.91 -14.42
H18A DPV DA . 5.39 -1.43 -13.82
H19 DPV DA . 5.88 -2.21 -11.42
H19A DPV DA . 6.75 -3.58 -12.11
H20 DPV DA . 8.27 -1.93 -13.35
H20A DPV DA . 7.43 -0.62 -12.52
H21 DPV DA . 9.37 -0.89 -11.20
H21A DPV DA . 8.13 -1.72 -10.28
H22 DPV DA . 9.98 -3.20 -10.17
H22A DPV DA . 8.98 -3.94 -11.40
H23 DPV DA . 10.44 -2.97 -13.19
H23A DPV DA . 11.41 -3.90 -12.05
H23B DPV DA . 11.41 -2.13 -11.95
N DPV EA . -8.32 -13.48 -4.34
P DPV EA . -5.49 -10.62 -2.30
C1 DPV EA . -3.06 -9.71 -2.68
C2 DPV EA . -1.63 -10.30 -2.72
C3 DPV EA . -0.60 -9.25 -3.25
C4 DPV EA . -6.29 -11.79 -4.50
C5 DPV EA . -6.81 -13.20 -4.04
C6 DPV EA . -9.22 -12.56 -3.51
C7 DPV EA . -8.62 -14.92 -3.95
C8 DPV EA . -8.65 -13.32 -5.83
C15 DPV EA . 0.81 -9.88 -3.49
C16 DPV EA . 1.88 -8.78 -3.71
C17 DPV EA . 3.29 -9.38 -4.01
C18 DPV EA . 4.30 -8.26 -4.42
C19 DPV EA . 5.69 -8.84 -4.80
O1P DPV EA . -6.05 -9.27 -2.54
C20 DPV EA . 6.58 -7.76 -5.46
C21 DPV EA . 7.96 -8.31 -5.93
C22 DPV EA . 8.77 -7.24 -6.73
C23 DPV EA . 10.10 -7.80 -7.31
O2P DPV EA . -6.29 -11.38 -1.32
O3P DPV EA . -3.92 -10.63 -1.98
O4P DPV EA . -5.19 -11.43 -3.65
H1 DPV EA . -3.07 -8.74 -2.17
H1A DPV EA . -3.43 -9.56 -3.70
H2 DPV EA . -1.35 -10.61 -1.72
H2A DPV EA . -1.63 -11.19 -3.36
H3 DPV EA . -0.52 -8.45 -2.52
H3A DPV EA . -0.97 -8.82 -4.18
H4 DPV EA . -5.95 -11.84 -5.53
H4A DPV EA . -7.07 -11.04 -4.41
H5 DPV EA . -6.23 -13.98 -4.52
H5A DPV EA . -6.69 -13.30 -2.97
H6 DPV EA . -9.07 -11.51 -3.83
H6A DPV EA . -8.97 -12.67 -2.45
H6B DPV EA . -10.27 -12.85 -3.69
H7 DPV EA . -8.39 -15.06 -2.88
H7A DPV EA . -8.00 -15.60 -4.55
H7B DPV EA . -9.68 -15.12 -4.14
H8 DPV EA . -9.69 -13.61 -6.00
H8A DPV EA . -7.98 -13.95 -6.41
H8B DPV EA . -8.52 -12.27 -6.13
H15 DPV EA . 0.77 -10.54 -4.37
H15A DPV EA . 1.09 -10.50 -2.64
H16 DPV EA . 1.57 -8.15 -4.54
H16A DPV EA . 1.94 -8.14 -2.82
H17 DPV EA . 3.65 -9.90 -3.12
H17A DPV EA . 3.20 -10.11 -4.82
H18 DPV EA . 3.89 -7.70 -5.26
H18A DPV EA . 4.42 -7.55 -3.60
H19 DPV EA . 6.18 -9.22 -3.91
H19A DPV EA . 5.55 -9.67 -5.50
H20 DPV EA . 6.06 -7.33 -6.33
H20A DPV EA . 6.75 -6.94 -4.77
H21 DPV EA . 8.54 -8.62 -5.06
H21A DPV EA . 7.81 -9.19 -6.55
H22 DPV EA . 8.15 -6.87 -7.56
H22A DPV EA . 8.98 -6.39 -6.08
H23 DPV EA . 9.89 -8.62 -7.99
H23A DPV EA . 10.73 -8.16 -6.50
H23B DPV EA . 10.63 -7.01 -7.85
N DPV FA . -9.05 -17.98 0.13
P DPV FA . -5.16 -15.36 1.99
C1 DPV FA . -3.09 -15.04 0.39
C2 DPV FA . -2.08 -13.92 0.01
C3 DPV FA . -0.89 -14.51 -0.79
C4 DPV FA . -6.63 -17.25 0.96
C5 DPV FA . -7.86 -16.96 0.03
C6 DPV FA . -8.61 -19.42 -0.24
C7 DPV FA . -10.10 -17.55 -0.88
C8 DPV FA . -9.69 -17.98 1.53
C15 DPV FA . 0.27 -13.52 -0.97
C16 DPV FA . 1.54 -14.24 -1.51
C17 DPV FA . 2.83 -13.41 -1.24
C18 DPV FA . 4.12 -14.27 -1.34
C19 DPV FA . 5.36 -13.54 -0.77
O1P DPV FA . -6.24 -14.61 2.64
C20 DPV FA . 6.07 -12.64 -1.81
C21 DPV FA . 7.41 -12.08 -1.25
C22 DPV FA . 8.16 -11.25 -2.33
C23 DPV FA . 9.46 -10.65 -1.76
O2P DPV FA . -4.37 -16.14 2.97
O3P DPV FA . -4.24 -14.44 1.03
O4P DPV FA . -5.66 -16.21 0.73
H1 DPV FA . -3.42 -15.56 -0.51
H1A DPV FA . -2.62 -15.74 1.06
H2 DPV FA . -2.58 -13.16 -0.57
H2A DPV FA . -1.72 -13.46 0.93
H3 DPV FA . -1.23 -14.85 -1.77
H3A DPV FA . -0.52 -15.40 -0.26
H4 DPV FA . -6.93 -17.24 2.01
H4A DPV FA . -6.19 -18.21 0.70
H5 DPV FA . -8.27 -15.97 0.28
H5A DPV FA . -7.53 -16.94 -1.01
H6 DPV FA . -8.14 -19.41 -1.23
H6A DPV FA . -9.48 -20.07 -0.24
H6B DPV FA . -7.88 -19.77 0.49
H7 DPV FA . -10.44 -16.53 -0.63
H7A DPV FA . -10.95 -18.24 -0.84
H7B DPV FA . -9.66 -17.56 -1.88
H8 DPV FA . -8.94 -18.29 2.26
H8A DPV FA . -10.53 -18.68 1.54
H8B DPV FA . -10.04 -16.96 1.75
H15 DPV FA . 0.49 -13.05 -0.01
H15A DPV FA . -0.01 -12.72 -1.66
H16 DPV FA . 1.64 -15.21 -1.02
H16A DPV FA . 1.44 -14.43 -2.58
H17 DPV FA . 2.89 -12.56 -1.93
H17A DPV FA . 2.78 -13.00 -0.23
H18 DPV FA . 3.97 -15.19 -0.78
H18A DPV FA . 4.29 -14.56 -2.39
H19 DPV FA . 5.08 -12.95 0.11
H19A DPV FA . 6.07 -14.30 -0.41
H20 DPV FA . 6.29 -13.21 -2.71
H20A DPV FA . 5.42 -11.81 -2.09
H21 DPV FA . 7.21 -11.44 -0.38
H21A DPV FA . 8.06 -12.90 -0.92
H22 DPV FA . 8.40 -11.89 -3.18
H22A DPV FA . 7.52 -10.43 -2.68
H23 DPV FA . 10.14 -11.45 -1.41
H23A DPV FA . 9.26 -9.97 -0.94
H23B DPV FA . 9.98 -10.09 -2.54
N DPV GA . -2.62 -12.79 -19.31
P DPV GA . -1.75 -7.87 -17.77
C1 DPV GA . -2.35 -6.20 -15.88
C2 DPV GA . -2.75 -6.13 -14.39
C3 DPV GA . -1.60 -6.58 -13.46
C4 DPV GA . -2.11 -10.28 -18.70
C5 DPV GA . -2.77 -11.62 -18.29
C6 DPV GA . -1.15 -13.23 -19.47
C7 DPV GA . -3.19 -12.44 -20.69
C8 DPV GA . -3.41 -14.00 -18.76
C15 DPV GA . -1.88 -6.19 -11.99
C16 DPV GA . -0.89 -6.84 -10.97
C17 DPV GA . 0.54 -6.17 -10.93
C18 DPV GA . 1.59 -6.77 -11.93
C19 DPV GA . 2.08 -8.19 -11.51
O1P DPV GA . -0.27 -7.81 -17.86
C20 DPV GA . 2.82 -8.91 -12.66
C21 DPV GA . 3.31 -10.31 -12.18
C22 DPV GA . 4.00 -11.09 -13.32
C23 DPV GA . 4.49 -12.46 -12.83
O2P DPV GA . -2.42 -7.08 -18.82
O3P DPV GA . -2.30 -7.58 -16.30
O4P DPV GA . -2.31 -9.35 -17.63
H1 DPV GA . -3.09 -5.68 -16.48
H1A DPV GA . -1.38 -5.73 -16.03
H2 DPV GA . -3.04 -5.11 -14.15
H2A DPV GA . -3.63 -6.76 -14.22
H3 DPV GA . -0.68 -6.08 -13.79
H3A DPV GA . -1.45 -7.66 -13.56
H4 DPV GA . -1.03 -10.42 -18.85
H4A DPV GA . -2.56 -9.88 -19.61
H5 DPV GA . -2.35 -11.96 -17.33
H5A DPV GA . -3.85 -11.46 -18.14
H6 DPV GA . -0.58 -12.39 -19.88
H6A DPV GA . -1.11 -14.09 -20.14
H6B DPV GA . -0.76 -13.51 -18.48
H7 DPV GA . -2.59 -11.64 -21.14
H7A DPV GA . -4.23 -12.11 -20.57
H7B DPV GA . -3.16 -13.34 -21.33
H8 DPV GA . -4.46 -13.70 -18.64
H8A DPV GA . -2.99 -14.28 -17.78
H8B DPV GA . -3.32 -14.83 -19.46
H15 DPV GA . -2.90 -6.52 -11.73
H15A DPV GA . -1.86 -5.11 -11.87
H16 DPV GA . -1.32 -6.75 -9.97
H16A DPV GA . -0.81 -7.91 -11.17
H17 DPV GA . 0.44 -5.10 -11.12
H17A DPV GA . 0.93 -6.26 -9.92
H18 DPV GA . 1.17 -6.81 -12.93
H18A DPV GA . 2.44 -6.10 -11.98
H19 DPV GA . 2.74 -8.09 -10.65
H19A DPV GA . 1.23 -8.80 -11.19
H20 DPV GA . 2.15 -9.03 -13.52
H20A DPV GA . 3.68 -8.30 -12.99
H21 DPV GA . 4.03 -10.17 -11.37
H21A DPV GA . 2.47 -10.88 -11.80
H22 DPV GA . 3.29 -11.25 -14.14
H22A DPV GA . 4.83 -10.53 -13.72
H23 DPV GA . 3.66 -13.06 -12.47
H23A DPV GA . 5.21 -12.34 -12.01
H23B DPV GA . 4.98 -13.01 -13.64
N DPV HA . 8.65 -14.13 -25.75
P DPV HA . 8.11 -19.23 -25.90
C1 DPV HA . 7.75 -18.85 -23.33
C2 DPV HA . 7.25 -17.73 -22.38
C3 DPV HA . 8.07 -17.71 -21.07
C4 DPV HA . 8.91 -16.72 -26.28
C5 DPV HA . 8.12 -15.40 -26.52
C6 DPV HA . 10.09 -13.78 -26.18
C7 DPV HA . 8.60 -14.32 -24.22
C8 DPV HA . 7.74 -12.95 -26.12
C15 DPV HA . 7.63 -16.57 -20.12
C16 DPV HA . 8.69 -16.33 -19.01
C17 DPV HA . 8.25 -15.17 -18.05
C18 DPV HA . 9.40 -14.67 -17.12
C19 DPV HA . 9.70 -15.61 -15.91
O1P DPV HA . 7.35 -20.30 -26.56
C20 DPV HA . 10.95 -16.52 -16.12
C21 DPV HA . 11.26 -17.34 -14.84
C22 DPV HA . 12.56 -18.17 -14.99
C23 DPV HA . 12.90 -18.94 -13.70
O2P DPV HA . 9.50 -19.65 -25.57
O3P DPV HA . 7.32 -18.55 -24.67
O4P DPV HA . 8.05 -17.83 -26.68
H1 DPV HA . 8.84 -18.89 -23.29
H1A DPV HA . 7.34 -19.82 -23.01
H2 DPV HA . 7.36 -16.77 -22.89
H2A DPV HA . 6.19 -17.87 -22.16
H3 DPV HA . 9.12 -17.59 -21.32
H3A DPV HA . 7.96 -18.66 -20.55
H4 DPV HA . 9.83 -16.74 -26.87
H4A DPV HA . 9.15 -16.83 -25.21
H5 DPV HA . 8.12 -15.16 -27.59
H5A DPV HA . 7.08 -15.53 -26.19
H6 DPV HA . 10.76 -14.60 -25.91
H6A DPV HA . 10.39 -12.86 -25.67
H6B DPV HA . 10.10 -13.62 -27.27
H7 DPV HA . 8.89 -13.37 -23.74
H7A DPV HA . 9.30 -15.11 -23.93
H7B DPV HA . 7.59 -14.59 -23.92
H8 DPV HA . 6.72 -13.18 -25.81
H8A DPV HA . 7.76 -12.81 -27.21
H8B DPV HA . 8.10 -12.05 -25.63
H15 DPV HA . 6.66 -16.81 -19.66
H15A DPV HA . 7.49 -15.65 -20.69
H16 DPV HA . 8.82 -17.25 -18.43
H16A DPV HA . 9.65 -16.09 -19.47
H17 DPV HA . 7.91 -14.32 -18.65
H17A DPV HA . 7.41 -15.50 -17.45
H18 DPV HA . 10.32 -14.48 -17.70
H18A DPV HA . 9.09 -13.71 -16.71
H19 DPV HA . 9.87 -14.99 -15.03
H19A DPV HA . 8.83 -16.23 -15.69
H20 DPV HA . 10.77 -17.21 -16.95
H20A DPV HA . 11.79 -15.90 -16.38
H21 DPV HA . 11.36 -16.65 -14.00
H21A DPV HA . 10.42 -18.00 -14.62
H22 DPV HA . 12.45 -18.87 -15.82
H22A DPV HA . 13.41 -17.50 -15.23
H23 DPV HA . 13.79 -19.55 -13.84
H23A DPV HA . 12.08 -19.60 -13.43
H23B DPV HA . 13.08 -18.26 -12.87
N DPV IA . 5.11 -29.34 7.62
P DPV IA . 7.72 -30.65 3.90
C1 DPV IA . 7.48 -30.46 1.28
C2 DPV IA . 8.23 -29.78 0.12
C3 DPV IA . 7.58 -29.96 -1.28
C4 DPV IA . 5.43 -30.23 5.13
C5 DPV IA . 5.71 -29.09 6.18
C6 DPV IA . 5.43 -28.12 8.49
C7 DPV IA . 5.75 -30.58 8.29
C8 DPV IA . 3.58 -29.50 7.56
C15 DPV IA . 7.54 -31.44 -1.80
C16 DPV IA . 7.67 -31.56 -3.35
C17 DPV IA . 6.49 -30.93 -4.16
C18 DPV IA . 6.72 -31.08 -5.68
C19 DPV IA . 5.55 -30.47 -6.50
O1P DPV IA . 8.60 -30.17 4.99
C20 DPV IA . 5.74 -30.62 -8.04
C21 DPV IA . 6.61 -29.47 -8.66
C22 DPV IA . 6.85 -29.70 -10.17
C23 DPV IA . 7.63 -28.53 -10.80
O2P DPV IA . 7.73 -32.12 3.79
O3P DPV IA . 8.02 -29.91 2.52
O4P DPV IA . 6.26 -30.02 3.96
H1 DPV IA . 6.41 -30.21 1.24
H1A DPV IA . 7.63 -31.54 1.27
H2 DPV IA . 8.32 -28.72 0.32
H2A DPV IA . 9.26 -30.17 0.08
H3 DPV IA . 8.13 -29.34 -1.98
H3A DPV IA . 6.56 -29.55 -1.25
H4 DPV IA . 5.67 -31.21 5.55
H4A DPV IA . 4.39 -30.20 4.83
H5 DPV IA . 6.79 -28.97 6.31
H5A DPV IA . 5.29 -28.15 5.81
H6 DPV IA . 4.93 -27.25 8.06
H6A DPV IA . 6.51 -27.98 8.51
H6B DPV IA . 5.05 -28.32 9.51
H7 DPV IA . 6.83 -30.45 8.32
H7A DPV IA . 5.48 -31.47 7.73
H7B DPV IA . 5.37 -30.66 9.32
H8 DPV IA . 3.33 -30.40 7.02
H8A DPV IA . 3.15 -28.63 7.06
H8B DPV IA . 3.19 -29.57 8.59
H15 DPV IA . 6.61 -31.92 -1.46
H15A DPV IA . 8.37 -31.99 -1.35
H16 DPV IA . 8.61 -31.10 -3.66
H16A DPV IA . 7.73 -32.62 -3.60
H17 DPV IA . 5.56 -31.42 -3.87
H17A DPV IA . 6.40 -29.86 -3.91
H18 DPV IA . 7.65 -30.58 -5.96
H18A DPV IA . 6.83 -32.13 -5.93
H19 DPV IA . 4.62 -30.98 -6.22
H19A DPV IA . 5.42 -29.41 -6.25
H20 DPV IA . 6.20 -31.58 -8.26
H20A DPV IA . 4.76 -30.61 -8.52
H21 DPV IA . 6.10 -28.52 -8.50
H21A DPV IA . 7.57 -29.41 -8.13
H22 DPV IA . 7.42 -30.62 -10.32
H22A DPV IA . 5.90 -29.81 -10.68
H23 DPV IA . 7.03 -27.62 -10.80
H23A DPV IA . 7.87 -28.76 -11.85
H23B DPV IA . 8.57 -28.35 -10.28
N DPV JA . 18.08 -32.73 -13.52
P DPV JA . 13.75 -32.45 -12.54
C1 DPV JA . 11.56 -31.89 -11.20
C2 DPV JA . 11.08 -33.33 -10.91
C3 DPV JA . 9.52 -33.45 -10.79
C4 DPV JA . 15.91 -31.19 -13.37
C5 DPV JA . 17.39 -31.46 -12.90
C6 DPV JA . 19.49 -32.81 -12.94
C7 DPV JA . 18.22 -32.65 -15.05
C8 DPV JA . 17.34 -34.03 -13.14
C15 DPV JA . 8.78 -33.23 -12.16
C16 DPV JA . 7.27 -33.65 -12.06
C17 DPV JA . 6.44 -33.20 -13.29
C18 DPV JA . 5.97 -31.72 -13.18
C19 DPV JA . 5.22 -31.22 -14.45
O1P DPV JA . 13.06 -32.18 -13.81
C20 DPV JA . 4.92 -29.69 -14.40
C21 DPV JA . 6.18 -28.82 -14.70
C22 DPV JA . 5.95 -27.33 -14.39
C23 DPV JA . 7.25 -26.53 -14.56
O2P DPV JA . 14.10 -33.88 -12.39
O3P DPV JA . 13.02 -31.84 -11.26
O4P DPV JA . 15.00 -31.48 -12.27
H1 DPV JA . 11.16 -31.52 -12.16
H1A DPV JA . 11.24 -31.22 -10.40
H2 DPV JA . 11.43 -34.00 -11.71
H2A DPV JA . 11.52 -33.68 -9.98
H3 DPV JA . 9.15 -32.74 -10.07
H3A DPV JA . 9.28 -34.45 -10.43
H4 DPV JA . 15.80 -30.13 -13.65
H4A DPV JA . 15.65 -31.80 -14.24
H5 DPV JA . 18.00 -30.59 -13.17
H5A DPV JA . 17.41 -31.57 -11.81
H6 DPV JA . 19.98 -33.73 -13.31
H6A DPV JA . 19.43 -32.86 -11.85
H6B DPV JA . 20.05 -31.93 -13.25
H7 DPV JA . 17.22 -32.64 -15.49
H7A DPV JA . 18.78 -33.52 -15.40
H7B DPV JA . 18.75 -31.73 -15.30
H8 DPV JA . 17.91 -34.89 -13.48
H8A DPV JA . 16.35 -34.02 -13.61
H8B DPV JA . 17.22 -34.05 -12.05
H15 DPV JA . 9.27 -33.81 -12.94
H15A DPV JA . 8.85 -32.17 -12.43
H16 DPV JA . 7.23 -34.73 -11.99
H16A DPV JA . 6.83 -33.23 -11.15
H17 DPV JA . 7.01 -33.34 -14.21
H17A DPV JA . 5.55 -33.84 -13.36
H18 DPV JA . 5.31 -31.62 -12.30
H18A DPV JA . 6.84 -31.10 -13.00
H19 DPV JA . 5.78 -31.45 -15.35
H19A DPV JA . 4.26 -31.76 -14.53
H20 DPV JA . 4.14 -29.45 -15.13
H20A DPV JA . 4.51 -29.44 -13.41
H21 DPV JA . 7.03 -29.18 -14.11
H21A DPV JA . 6.46 -28.94 -15.75
H22 DPV JA . 5.18 -26.92 -15.05
H22A DPV JA . 5.59 -27.22 -13.35
H23 DPV JA . 8.06 -26.96 -13.94
H23A DPV JA . 7.11 -25.50 -14.23
H23B DPV JA . 7.57 -26.52 -15.59
N DPV KA . 27.47 -23.79 -18.36
P DPV KA . 23.25 -21.68 -17.36
C1 DPV KA . 22.77 -19.67 -15.76
C2 DPV KA . 22.44 -19.37 -14.29
C3 DPV KA . 22.05 -17.88 -14.07
C4 DPV KA . 24.97 -23.66 -17.44
C5 DPV KA . 26.39 -22.99 -17.54
C6 DPV KA . 27.77 -25.17 -17.70
C7 DPV KA . 28.76 -22.98 -18.37
C8 DPV KA . 27.03 -24.01 -19.82
C15 DPV KA . 21.77 -17.52 -12.57
C16 DPV KA . 20.26 -17.56 -12.16
C17 DPV KA . 19.74 -19.01 -11.92
C18 DPV KA . 18.22 -19.05 -11.61
C19 DPV KA . 17.70 -20.51 -11.71
O1P DPV KA . 24.06 -20.76 -18.18
C20 DPV KA . 16.21 -20.61 -11.34
C21 DPV KA . 15.63 -21.98 -11.79
C22 DPV KA . 14.17 -22.17 -11.32
C23 DPV KA . 13.50 -23.34 -12.06
O2P DPV KA . 22.08 -22.22 -18.09
O3P DPV KA . 22.88 -21.10 -15.92
O4P DPV KA . 24.11 -22.82 -16.64
H1 DPV KA . 21.99 -19.31 -16.41
H1A DPV KA . 23.73 -19.21 -16.03
H2 DPV KA . 21.62 -20.02 -13.99
H2A DPV KA . 23.29 -19.63 -13.65
H3 DPV KA . 21.18 -17.62 -14.68
H3A DPV KA . 22.87 -17.26 -14.42
H4 DPV KA . 24.53 -23.79 -18.42
H4A DPV KA . 25.05 -24.63 -16.94
H5 DPV KA . 26.29 -22.01 -18.02
H5A DPV KA . 26.80 -22.83 -16.54
H6 DPV KA . 28.57 -25.65 -18.26
H6A DPV KA . 26.87 -25.79 -17.72
H6B DPV KA . 28.09 -25.01 -16.67
H7 DPV KA . 28.56 -22.01 -18.85
H7A DPV KA . 29.53 -23.52 -18.95
H7B DPV KA . 29.10 -22.83 -17.34
H8 DPV KA . 26.80 -23.03 -20.26
H8A DPV KA . 26.15 -24.65 -19.84
H8B DPV KA . 27.85 -24.48 -20.37
H15 DPV KA . 22.12 -16.50 -12.39
H15A DPV KA . 22.35 -18.16 -11.90
H16 DPV KA . 20.13 -16.98 -11.25
H16A DPV KA . 19.66 -17.08 -12.94
H17 DPV KA . 19.93 -19.61 -12.80
H17A DPV KA . 20.30 -19.46 -11.09
H18 DPV KA . 18.04 -18.66 -10.62
H18A DPV KA . 17.69 -18.43 -12.33
H19 DPV KA . 17.85 -20.86 -12.73
H19A DPV KA . 18.29 -21.15 -11.05
H20 DPV KA . 16.10 -20.51 -10.26
H20A DPV KA . 15.66 -19.81 -11.82
H21 DPV KA . 15.70 -22.05 -12.87
H21A DPV KA . 16.24 -22.79 -11.37
H22 DPV KA . 14.13 -22.34 -10.25
H22A DPV KA . 13.60 -21.25 -11.53
H23 DPV KA . 12.50 -23.52 -11.65
H23A DPV KA . 14.07 -24.25 -11.95
H23B DPV KA . 13.38 -23.11 -13.13
N DPV LA . 31.86 -23.49 -12.97
P DPV LA . 32.73 -18.52 -11.46
C1 DPV LA . 30.92 -16.72 -11.81
C2 DPV LA . 29.43 -16.54 -12.19
C3 DPV LA . 29.07 -15.07 -12.59
C4 DPV LA . 32.28 -20.91 -12.48
C5 DPV LA . 32.42 -22.39 -12.00
C6 DPV LA . 32.59 -23.47 -14.34
C7 DPV LA . 30.33 -23.35 -13.18
C8 DPV LA . 32.13 -24.84 -12.31
C15 DPV LA . 29.20 -14.00 -11.45
C16 DPV LA . 28.17 -14.19 -10.30
C17 DPV LA . 28.19 -13.04 -9.26
C18 DPV LA . 29.34 -13.18 -8.22
C19 DPV LA . 29.31 -12.01 -7.21
O1P DPV LA . 33.35 -17.96 -10.24
C20 DPV LA . 30.42 -12.15 -6.12
C21 DPV LA . 30.38 -10.99 -5.09
C22 DPV LA . 30.95 -9.65 -5.64
C23 DPV LA . 30.81 -8.52 -4.61
O2P DPV LA . 33.54 -18.23 -12.66
O3P DPV LA . 31.22 -18.12 -11.63
O4P DPV LA . 32.35 -20.06 -11.31
H1 DPV LA . 31.54 -16.32 -12.62
H1A DPV LA . 31.14 -16.19 -10.88
H2 DPV LA . 29.21 -17.20 -13.03
H2A DPV LA . 28.80 -16.87 -11.35
H3 DPV LA . 28.05 -15.05 -12.98
H3A DPV LA . 29.71 -14.77 -13.41
H4 DPV LA . 33.10 -20.67 -13.17
H4A DPV LA . 31.31 -20.75 -12.98
H5 DPV LA . 33.47 -22.61 -11.84
H5A DPV LA . 31.90 -22.52 -11.05
H6 DPV LA . 32.39 -22.51 -14.83
H6A DPV LA . 32.20 -24.29 -14.95
H6B DPV LA . 33.66 -23.59 -14.16
H7 DPV LA . 29.83 -23.37 -12.21
H7A DPV LA . 29.98 -24.18 -13.81
H7B DPV LA . 30.13 -22.39 -13.68
H8 DPV LA . 31.60 -24.87 -11.36
H8A DPV LA . 33.21 -24.96 -12.17
H8B DPV LA . 31.75 -25.64 -12.97
H15 DPV LA . 29.05 -13.01 -11.88
H15A DPV LA . 30.21 -14.02 -11.04
H16 DPV LA . 27.17 -14.25 -10.74
H16A DPV LA . 28.34 -15.15 -9.79
H17 DPV LA . 28.27 -12.09 -9.78
H17A DPV LA . 27.24 -13.04 -8.73
H18 DPV LA . 29.23 -14.14 -7.69
H18A DPV LA . 30.31 -13.19 -8.74
H19 DPV LA . 29.44 -11.07 -7.75
H19A DPV LA . 28.33 -11.97 -6.72
H20 DPV LA . 30.28 -13.10 -5.59
H20A DPV LA . 31.41 -12.18 -6.60
H21 DPV LA . 29.35 -10.84 -4.74
H21A DPV LA . 30.96 -11.29 -4.21
H22 DPV LA . 32.01 -9.78 -5.89
H22A DPV LA . 30.43 -9.36 -6.56
H23 DPV LA . 31.17 -7.58 -5.02
H23A DPV LA . 31.39 -8.74 -3.71
H23B DPV LA . 29.76 -8.39 -4.32
N DPV MA . 23.03 6.64 -14.29
P DPV MA . 21.06 2.15 -14.61
C1 DPV MA . 19.84 0.82 -12.68
C2 DPV MA . 20.22 0.56 -11.20
C3 DPV MA . 20.73 -0.89 -10.92
C4 DPV MA . 22.90 4.01 -14.52
C5 DPV MA . 22.68 5.27 -13.62
C6 DPV MA . 24.50 6.69 -14.78
C7 DPV MA . 22.86 7.73 -13.23
C8 DPV MA . 22.09 6.95 -15.47
C15 DPV MA . 19.55 -1.91 -10.79
C16 DPV MA . 20.02 -3.27 -10.20
C17 DPV MA . 18.84 -4.27 -10.06
C18 DPV MA . 19.29 -5.62 -9.45
C19 DPV MA . 18.18 -6.72 -9.45
O1P DPV MA . 19.84 3.00 -14.61
C20 DPV MA . 17.02 -6.47 -8.44
C21 DPV MA . 16.05 -7.69 -8.38
C22 DPV MA . 14.91 -7.45 -7.34
C23 DPV MA . 14.07 -8.72 -7.10
O2P DPV MA . 21.37 1.62 -15.94
O3P DPV MA . 21.05 1.02 -13.45
O4P DPV MA . 22.29 2.85 -13.88
H1 DPV MA . 19.26 -0.01 -13.10
H1A DPV MA . 19.23 1.73 -12.72
H2 DPV MA . 21.00 1.27 -10.91
H2A DPV MA . 19.36 0.77 -10.57
H3 DPV MA . 21.28 -0.88 -9.98
H3A DPV MA . 21.42 -1.22 -11.69
H4 DPV MA . 22.43 4.15 -15.50
H4A DPV MA . 23.97 3.83 -14.66
H5 DPV MA . 21.61 5.32 -13.33
H5A DPV MA . 23.28 5.17 -12.71
H6 DPV MA . 25.16 6.43 -13.95
H6A DPV MA . 24.73 7.70 -15.14
H6B DPV MA . 24.63 5.97 -15.60
H7 DPV MA . 21.82 7.74 -12.89
H7A DPV MA . 23.10 8.71 -13.68
H7B DPV MA . 23.54 7.53 -12.40
H8 DPV MA . 21.06 6.90 -15.11
H8A DPV MA . 22.25 6.23 -16.27
H8B DPV MA . 22.30 7.96 -15.83
H15 DPV MA . 19.10 -2.08 -11.77
H15A DPV MA . 18.78 -1.50 -10.13
H16 DPV MA . 20.79 -3.70 -10.85
H16A DPV MA . 20.47 -3.12 -9.22
H17 DPV MA . 18.06 -3.82 -9.44
H17A DPV MA . 18.39 -4.44 -11.05
H18 DPV MA . 20.15 -6.01 -10.01
H18A DPV MA . 19.64 -5.46 -8.43
H19 DPV MA . 17.77 -6.81 -10.46
H19A DPV MA . 18.66 -7.68 -9.22
H20 DPV MA . 17.44 -6.29 -7.45
H20A DPV MA . 16.48 -5.57 -8.73
H21 DPV MA . 15.62 -7.85 -9.36
H21A DPV MA . 16.61 -8.58 -8.11
H22 DPV MA . 15.35 -7.12 -6.39
H22A DPV MA . 14.26 -6.65 -7.68
H23 DPV MA . 13.30 -8.51 -6.35
H23A DPV MA . 14.69 -9.54 -6.72
H23B DPV MA . 13.59 -9.05 -8.02
N DPV NA . 24.29 4.09 -19.29
P DPV NA . 25.06 -0.61 -18.55
C1 DPV NA . 26.47 -2.03 -20.21
C2 DPV NA . 27.22 -1.89 -21.56
C3 DPV NA . 28.10 -3.14 -21.86
C4 DPV NA . 24.43 1.84 -17.84
C5 DPV NA . 23.53 2.98 -18.45
C6 DPV NA . 25.40 4.78 -18.49
C7 DPV NA . 23.24 5.16 -19.66
C8 DPV NA . 24.88 3.52 -20.59
C15 DPV NA . 29.50 -3.08 -21.17
C16 DPV NA . 30.21 -4.47 -21.13
C17 DPV NA . 30.24 -5.13 -19.71
C18 DPV NA . 28.83 -5.46 -19.10
C19 DPV NA . 28.10 -6.64 -19.80
O1P DPV NA . 25.93 -0.83 -17.38
C20 DPV NA . 26.84 -7.07 -19.00
C21 DPV NA . 26.26 -8.42 -19.51
C22 DPV NA . 25.14 -8.94 -18.56
C23 DPV NA . 24.64 -10.33 -18.99
O2P DPV NA . 23.80 -1.37 -18.45
O3P DPV NA . 25.81 -0.77 -19.94
O4P DPV NA . 24.84 0.93 -18.89
H1 DPV NA . 25.71 -2.83 -20.27
H1A DPV NA . 27.17 -2.25 -19.40
H2 DPV NA . 26.49 -1.78 -22.36
H2A DPV NA . 27.83 -0.99 -21.55
H3 DPV NA . 28.25 -3.20 -22.94
H3A DPV NA . 27.57 -4.04 -21.56
H4 DPV NA . 25.31 2.23 -17.34
H4A DPV NA . 23.83 1.27 -17.12
H5 DPV NA . 22.78 2.54 -19.09
H5A DPV NA . 23.03 3.50 -17.63
H6 DPV NA . 25.83 5.58 -19.09
H6A DPV NA . 26.17 4.04 -18.24
H6B DPV NA . 24.97 5.19 -17.57
H7 DPV NA . 22.46 4.69 -20.28
H7A DPV NA . 23.74 5.96 -20.21
H7B DPV NA . 22.80 5.55 -18.75
H8 DPV NA . 25.34 4.34 -21.16
H8A DPV NA . 24.09 3.07 -21.18
H8B DPV NA . 25.63 2.77 -20.35
H15 DPV NA . 29.40 -2.69 -20.16
H15A DPV NA . 30.14 -2.37 -21.70
H16 DPV NA . 29.75 -5.16 -21.84
H16A DPV NA . 31.25 -4.34 -21.46
H17 DPV NA . 30.83 -6.05 -19.77
H17A DPV NA . 30.78 -4.47 -19.03
H18 DPV NA . 28.99 -5.72 -18.05
H18A DPV NA . 28.20 -4.57 -19.11
H19 DPV NA . 27.80 -6.34 -20.81
H19A DPV NA . 28.78 -7.48 -19.89
H20 DPV NA . 27.11 -7.19 -17.95
H20A DPV NA . 26.09 -6.29 -19.05
H21 DPV NA . 25.86 -8.29 -20.52
H21A DPV NA . 27.06 -9.16 -19.56
H22 DPV NA . 25.52 -9.01 -17.54
H22A DPV NA . 24.30 -8.23 -18.57
H23 DPV NA . 25.42 -11.07 -18.83
H23A DPV NA . 24.37 -10.33 -20.05
H23B DPV NA . 23.76 -10.61 -18.42
N DPV OA . 1.87 5.00 -16.76
P DPV OA . 4.57 6.43 -13.20
C1 DPV OA . 6.50 4.82 -13.94
C2 DPV OA . 7.17 3.51 -13.50
C3 DPV OA . 8.28 3.08 -14.50
C4 DPV OA . 2.26 5.95 -14.31
C5 DPV OA . 1.56 4.88 -15.22
C6 DPV OA . 3.38 4.95 -17.07
C7 DPV OA . 1.28 6.29 -17.36
C8 DPV OA . 1.19 3.81 -17.46
C15 DPV OA . 8.70 1.61 -14.28
C16 DPV OA . 9.82 1.19 -15.27
C17 DPV OA . 10.09 -0.34 -15.26
C18 DPV OA . 11.30 -0.70 -16.17
C19 DPV OA . 11.46 -2.23 -16.36
O1P DPV OA . 5.15 7.46 -14.08
C20 DPV OA . 12.76 -2.54 -17.15
C21 DPV OA . 12.89 -4.05 -17.58
C22 DPV OA . 13.10 -5.02 -16.36
C23 DPV OA . 13.48 -6.44 -16.82
O2P DPV OA . 4.00 6.99 -11.98
O3P DPV OA . 5.56 5.20 -12.91
O4P DPV OA . 3.57 5.44 -13.96
H1 DPV OA . 7.24 5.61 -14.06
H1A DPV OA . 5.96 4.67 -14.88
H2 DPV OA . 7.61 3.63 -12.50
H2A DPV OA . 6.41 2.73 -13.44
H3 DPV OA . 9.15 3.73 -14.40
H3A DPV OA . 7.91 3.18 -15.52
H4 DPV OA . 2.36 6.90 -14.82
H4A DPV OA . 1.69 6.09 -13.40
H5 DPV OA . 1.86 3.89 -14.89
H5A DPV OA . 0.48 4.98 -15.11
H6 DPV OA . 3.86 5.83 -16.65
H6A DPV OA . 3.52 4.93 -18.16
H6B DPV OA . 3.81 4.05 -16.62
H7 DPV OA . 0.21 6.33 -17.13
H7A DPV OA . 1.42 6.27 -18.45
H7B DPV OA . 1.79 7.16 -16.94
H8 DPV OA . 1.40 3.85 -18.52
H8A DPV OA . 0.12 3.85 -17.26
H8B DPV OA . 1.61 2.88 -17.03
H15 DPV OA . 7.84 0.95 -14.42
H15A DPV OA . 9.06 1.47 -13.26
H16 DPV OA . 9.52 1.48 -16.28
H16A DPV OA . 10.73 1.74 -15.04
H17 DPV OA . 10.30 -0.66 -14.24
H17A DPV OA . 9.20 -0.88 -15.60
H18 DPV OA . 11.17 -0.23 -17.14
H18A DPV OA . 12.20 -0.29 -15.73
H19 DPV OA . 11.50 -2.72 -15.39
H19A DPV OA . 10.58 -2.61 -16.91
H20 DPV OA . 12.77 -1.94 -18.07
H20A DPV OA . 13.64 -2.26 -16.56
H21 DPV OA . 12.00 -4.35 -18.13
H21A DPV OA . 13.74 -4.14 -18.25
H22 DPV OA . 13.86 -4.63 -15.70
H22A DPV OA . 12.17 -5.08 -15.79
H23 DPV OA . 13.59 -7.10 -15.96
H23A DPV OA . 14.43 -6.42 -17.37
H23B DPV OA . 12.71 -6.85 -17.49
N DPV PA . 12.91 -0.92 -22.35
P DPV PA . 10.31 1.76 -19.50
C1 DPV PA . 7.93 2.66 -18.96
C2 DPV PA . 6.44 2.23 -18.97
C3 DPV PA . 6.03 1.48 -17.69
C4 DPV PA . 10.88 -0.52 -20.72
C5 DPV PA . 12.40 -0.30 -21.00
C6 DPV PA . 12.73 -2.44 -22.37
C7 DPV PA . 14.41 -0.62 -22.46
C8 DPV PA . 12.21 -0.29 -23.56
C15 DPV PA . 4.52 1.08 -17.73
C16 DPV PA . 4.01 0.39 -16.42
C17 DPV PA . 3.99 1.35 -15.19
C18 DPV PA . 3.11 0.81 -14.03
C19 DPV PA . 3.26 1.67 -12.74
O1P DPV PA . 10.98 2.43 -18.37
C20 DPV PA . 4.44 1.18 -11.84
C21 DPV PA . 4.68 2.17 -10.67
C22 DPV PA . 5.93 1.80 -9.86
C23 DPV PA . 6.16 2.76 -8.69
O2P DPV PA . 10.60 2.42 -20.80
O3P DPV PA . 8.75 1.51 -19.26
O4P DPV PA . 10.52 0.17 -19.51
H1 DPV PA . 8.10 3.42 -19.72
H1A DPV PA . 8.21 3.05 -17.98
H2 DPV PA . 5.83 3.13 -19.08
H2A DPV PA . 6.25 1.62 -19.85
H3 DPV PA . 6.21 2.12 -16.83
H3A DPV PA . 6.64 0.58 -17.57
H4 DPV PA . 10.28 -0.12 -21.54
H4A DPV PA . 10.68 -1.57 -20.58
H5 DPV PA . 12.61 0.77 -21.05
H5A DPV PA . 12.99 -0.73 -20.21
H6 DPV PA . 13.09 -2.85 -21.42
H6A DPV PA . 13.29 -2.86 -23.21
H6B DPV PA . 11.66 -2.67 -22.48
H7 DPV PA . 14.92 -1.06 -21.60
H7A DPV PA . 14.55 0.45 -22.47
H7B DPV PA . 14.79 -1.06 -23.39
H8 DPV PA . 11.15 -0.53 -23.53
H8A DPV PA . 12.67 -0.68 -24.47
H8B DPV PA . 12.35 0.79 -23.52
H15 DPV PA . 4.36 0.37 -18.56
H15A DPV PA . 3.91 1.95 -17.94
H16 DPV PA . 3.00 0.03 -16.61
H16A DPV PA . 4.63 -0.47 -16.19
H17 DPV PA . 5.02 1.50 -14.83
H17A DPV PA . 3.61 2.33 -15.49
H18 DPV PA . 2.07 0.83 -14.35
H18A DPV PA . 3.36 -0.23 -13.81
H19 DPV PA . 3.39 2.72 -12.99
H19A DPV PA . 2.34 1.59 -12.16
H20 DPV PA . 4.21 0.19 -11.44
H20A DPV PA . 5.35 1.10 -12.44
H21 DPV PA . 4.80 3.18 -11.06
H21A DPV PA . 3.80 2.18 -10.01
H22 DPV PA . 5.84 0.78 -9.48
H22A DPV PA . 6.82 1.82 -10.51
H23 DPV PA . 5.33 2.73 -7.99
H23A DPV PA . 6.25 3.79 -9.05
H23B DPV PA . 7.08 2.50 -8.15
N DPV QA . 20.61 1.51 6.83
P DPV QA . 17.23 -0.97 9.31
C1 DPV QA . 16.47 -3.49 9.22
C2 DPV QA . 15.76 -4.41 8.20
C3 DPV QA . 16.63 -4.66 6.94
C4 DPV QA . 19.30 -0.61 7.72
C5 DPV QA . 19.24 0.89 7.30
C6 DPV QA . 20.34 2.98 6.47
C7 DPV QA . 21.15 0.80 5.56
C8 DPV QA . 21.67 1.47 7.94
C15 DPV QA . 15.82 -5.34 5.80
C16 DPV QA . 16.69 -5.50 4.53
C17 DPV QA . 15.89 -6.07 3.33
C18 DPV QA . 16.76 -6.09 2.04
C19 DPV QA . 16.03 -6.79 0.86
O1P DPV QA . 18.08 -1.37 10.46
C20 DPV QA . 16.89 -6.81 -0.43
C21 DPV QA . 16.20 -7.63 -1.55
C22 DPV QA . 17.05 -7.66 -2.86
C23 DPV QA . 16.42 -8.58 -3.94
O2P DPV QA . 16.60 0.35 9.50
O3P DPV QA . 16.19 -2.10 8.87
O4P DPV QA . 17.97 -1.13 7.90
H1 DPV QA . 16.10 -3.68 10.22
H1A DPV QA . 17.55 -3.66 9.19
H2 DPV QA . 15.54 -5.36 8.67
H2A DPV QA . 14.81 -3.95 7.92
H3 DPV QA . 17.48 -5.29 7.21
H3A DPV QA . 17.03 -3.72 6.57
H4 DPV QA . 19.78 -1.20 6.94
H4A DPV QA . 19.87 -0.73 8.64
H5 DPV QA . 18.53 1.01 6.48
H5A DPV QA . 18.88 1.48 8.15
H6 DPV QA . 19.96 3.50 7.35
H6A DPV QA . 19.60 3.00 5.65
H6B DPV QA . 21.27 3.43 6.12
H7 DPV QA . 21.35 -0.24 5.79
H7A DPV QA . 22.06 1.30 5.24
H7B DPV QA . 20.39 0.86 4.77
H8 DPV QA . 21.90 0.44 8.18
H8A DPV QA . 21.27 1.98 8.83
H8B DPV QA . 22.57 1.99 7.59
H15 DPV QA . 14.94 -4.74 5.56
H15A DPV QA . 15.46 -6.33 6.13
H16 DPV QA . 17.11 -4.53 4.26
H16A DPV QA . 17.52 -6.17 4.75
H17 DPV QA . 15.56 -7.09 3.57
H17A DPV QA . 15.00 -5.46 3.17
H18 DPV QA . 17.02 -5.06 1.75
H18A DPV QA . 17.70 -6.62 2.24
H19 DPV QA . 15.79 -7.81 1.15
H19A DPV QA . 15.08 -6.27 0.65
H20 DPV QA . 17.07 -5.78 -0.78
H20A DPV QA . 17.87 -7.25 -0.22
H21 DPV QA . 16.02 -8.65 -1.21
H21A DPV QA . 15.22 -7.19 -1.78
H22 DPV QA . 17.13 -6.66 -3.26
H22A DPV QA . 18.05 -8.02 -2.63
H23 DPV QA . 16.65 -9.63 -3.74
H23A DPV QA . 16.82 -8.31 -4.92
H23B DPV QA . 15.34 -8.45 -3.99
N DPV RA . -5.38 -10.54 2.55
P DPV RA . -3.76 -12.29 6.86
C1 DPV RA . -1.83 -13.83 5.96
C2 DPV RA . -1.50 -15.34 5.97
C3 DPV RA . -1.46 -15.98 7.40
C4 DPV RA . -5.17 -12.24 4.57
C5 DPV RA . -5.16 -10.75 4.09
C6 DPV RA . -6.75 -11.09 2.09
C7 DPV RA . -4.27 -11.18 1.69
C8 DPV RA . -5.38 -9.04 2.27
C15 DPV RA . -0.24 -15.52 8.25
C16 DPV RA . -0.12 -16.30 9.59
C17 DPV RA . 0.82 -15.61 10.63
C18 DPV RA . 2.33 -15.79 10.33
C19 DPV RA . 3.19 -15.06 11.41
O1P DPV RA . -2.94 -11.11 6.55
C20 DPV RA . 4.72 -15.20 11.14
C21 DPV RA . 5.25 -14.15 10.12
C22 DPV RA . 6.75 -14.38 9.79
C23 DPV RA . 7.29 -13.31 8.83
O2P DPV RA . -3.96 -12.45 8.31
O3P DPV RA . -3.25 -13.65 6.16
O4P DPV RA . -5.14 -12.36 6.03
H1 DPV RA . -1.27 -13.32 6.77
H1A DPV RA . -1.54 -13.39 5.01
H2 DPV RA . -2.25 -15.87 5.37
H2A DPV RA . -0.54 -15.51 5.48
H3 DPV RA . -1.43 -17.07 7.29
H3A DPV RA . -2.40 -15.74 7.93
H4 DPV RA . -6.09 -12.72 4.23
H4A DPV RA . -4.32 -12.78 4.14
H5 DPV RA . -5.95 -10.20 4.61
H5A DPV RA . -4.20 -10.30 4.34
H6 DPV RA . -6.75 -12.18 2.20
H6A DPV RA . -6.90 -10.83 1.04
H6B DPV RA . -7.54 -10.65 2.71
H7 DPV RA . -3.31 -10.75 1.99
H7A DPV RA . -4.47 -10.97 0.64
H7B DPV RA . -4.27 -12.25 1.87
H8 DPV RA . -5.49 -8.88 1.19
H8A DPV RA . -4.43 -8.61 2.61
H8B DPV RA . -6.21 -8.57 2.79
H15 DPV RA . -0.34 -14.45 8.47
H15A DPV RA . 0.69 -15.65 7.68
H16 DPV RA . -1.12 -16.39 10.03
H16A DPV RA . 0.23 -17.32 9.40
H17 DPV RA . 0.57 -14.55 10.67
H17A DPV RA . 0.60 -16.02 11.62
H18 DPV RA . 2.57 -16.85 10.32
H18A DPV RA . 2.56 -15.39 9.34
H19 DPV RA . 2.92 -14.00 11.45
H19A DPV RA . 2.97 -15.48 12.39
H20 DPV RA . 5.25 -15.08 12.09
H20A DPV RA . 4.93 -16.21 10.78
H21 DPV RA . 4.66 -14.19 9.20
H21A DPV RA . 5.12 -13.14 10.55
H22 DPV RA . 7.34 -14.37 10.71
H22A DPV RA . 6.86 -15.36 9.33
H23 DPV RA . 7.25 -12.32 9.29
H23A DPV RA . 6.71 -13.28 7.90
H23B DPV RA . 8.33 -13.54 8.57
N DPV SA . -1.64 -21.43 9.06
P DPV SA . 2.50 -18.95 7.00
C1 DPV SA . 3.52 -19.75 4.70
C2 DPV SA . 4.71 -20.57 4.18
C3 DPV SA . 6.05 -19.79 4.31
C4 DPV SA . 0.36 -20.02 8.02
C5 DPV SA . -0.40 -21.39 8.11
C6 DPV SA . -2.28 -22.82 8.92
C7 DPV SA . -2.71 -20.38 8.68
C8 DPV SA . -1.22 -21.25 10.54
C15 DPV SA . 7.27 -20.72 4.13
C16 DPV SA . 8.60 -19.92 4.18
C17 DPV SA . 9.84 -20.85 4.09
C18 DPV SA . 11.12 -20.05 3.74
C19 DPV SA . 12.38 -20.95 3.61
O1P DPV SA . 1.87 -17.89 6.19
C20 DPV SA . 13.55 -20.15 2.98
C21 DPV SA . 14.86 -20.98 2.89
C22 DPV SA . 15.93 -20.21 2.08
C23 DPV SA . 17.23 -21.02 1.94
O2P DPV SA . 3.12 -18.42 8.22
O3P DPV SA . 3.49 -19.89 6.15
O4P DPV SA . 1.56 -20.21 7.25
H1 DPV SA . 3.62 -18.69 4.42
H1A DPV SA . 2.59 -20.15 4.29
H2 DPV SA . 4.76 -21.52 4.72
H2A DPV SA . 4.55 -20.82 3.12
H3 DPV SA . 6.10 -19.32 5.31
H3A DPV SA . 6.08 -18.99 3.58
H4 DPV SA . -0.27 -19.26 7.55
H4A DPV SA . 0.65 -19.69 9.03
H5 DPV SA . -0.77 -21.65 7.10
H5A DPV SA . 0.28 -22.17 8.43
H6 DPV SA . -1.55 -23.59 9.21
H6A DPV SA . -2.57 -22.98 7.87
H6B DPV SA . -3.16 -22.88 9.57
H7 DPV SA . -2.27 -19.37 8.80
H7A DPV SA . -3.57 -20.49 9.34
H7B DPV SA . -3.00 -20.54 7.64
H8 DPV SA . -2.10 -21.39 11.18
H8A DPV SA . -0.82 -20.25 10.68
H8B DPV SA . -0.47 -22.01 10.77
H15 DPV SA . 7.20 -21.23 3.18
H15A DPV SA . 7.28 -21.48 4.92
H16 DPV SA . 8.61 -19.22 3.34
H16A DPV SA . 8.65 -19.32 5.11
H17 DPV SA . 9.97 -21.38 5.04
H17A DPV SA . 9.67 -21.60 3.32
H18 DPV SA . 10.96 -19.52 2.80
H18A DPV SA . 11.30 -19.29 4.51
H19 DPV SA . 12.66 -21.32 4.59
H19A DPV SA . 12.15 -21.82 2.98
H20 DPV SA . 13.26 -19.83 1.97
H20A DPV SA . 13.74 -19.26 3.57
H21 DPV SA . 15.23 -21.19 3.90
H21A DPV SA . 14.66 -21.94 2.41
H22 DPV SA . 15.56 -19.99 1.08
H22A DPV SA . 16.15 -19.26 2.56
H23 DPV SA . 17.97 -20.45 1.35
H23A DPV SA . 17.05 -21.97 1.44
H23B DPV SA . 17.68 -21.22 2.92
N DPV TA . 20.81 -31.11 -4.79
P DPV TA . 20.38 -29.17 -0.76
C1 DPV TA . 18.71 -27.15 -0.65
C2 DPV TA . 18.39 -26.04 -1.67
C3 DPV TA . 18.91 -24.65 -1.20
C4 DPV TA . 20.46 -28.90 -3.38
C5 DPV TA . 20.09 -29.71 -4.66
C6 DPV TA . 20.40 -31.66 -6.15
C7 DPV TA . 20.36 -32.09 -3.69
C8 DPV TA . 22.34 -30.97 -4.75
C15 DPV TA . 18.40 -23.54 -2.14
C16 DPV TA . 18.85 -22.15 -1.65
C17 DPV TA . 18.19 -21.02 -2.48
C18 DPV TA . 18.74 -19.63 -2.06
C19 DPV TA . 17.98 -18.50 -2.79
O1P DPV TA . 19.62 -29.85 0.30
C20 DPV TA . 18.59 -17.10 -2.43
C21 DPV TA . 17.67 -15.93 -2.91
C22 DPV TA . 17.85 -15.61 -4.42
C23 DPV TA . 16.63 -14.78 -4.97
O2P DPV TA . 21.83 -29.46 -0.65
O3P DPV TA . 20.06 -27.60 -0.87
O4P DPV TA . 19.81 -29.46 -2.23
H1 DPV TA . 18.61 -26.79 0.38
H1A DPV TA . 18.02 -27.99 -0.81
H2 DPV TA . 18.82 -26.28 -2.64
H2A DPV TA . 17.30 -26.00 -1.81
H3 DPV TA . 20.00 -24.67 -1.17
H3A DPV TA . 18.55 -24.47 -0.18
H4 DPV TA . 21.53 -28.90 -3.22
H4A DPV TA . 20.12 -27.87 -3.51
H5 DPV TA . 19.01 -29.90 -4.67
H5A DPV TA . 20.37 -29.13 -5.54
H6 DPV TA . 20.89 -32.64 -6.30
H6A DPV TA . 20.72 -30.96 -6.93
H6B DPV TA . 19.32 -31.78 -6.17
H7 DPV TA . 20.67 -31.70 -2.72
H7A DPV TA . 20.85 -33.06 -3.87
H7B DPV TA . 19.27 -32.20 -3.73
H8 DPV TA . 22.64 -30.23 -5.50
H8A DPV TA . 22.79 -31.94 -4.97
H8B DPV TA . 22.65 -30.64 -3.75
H15 DPV TA . 17.31 -23.57 -2.20
H15A DPV TA . 18.79 -23.71 -3.14
H16 DPV TA . 18.57 -22.03 -0.60
H16A DPV TA . 19.94 -22.08 -1.72
H17 DPV TA . 18.40 -21.18 -3.54
H17A DPV TA . 17.11 -21.05 -2.35
H18 DPV TA . 18.62 -19.51 -0.99
H18A DPV TA . 19.81 -19.57 -2.30
H19 DPV TA . 18.03 -18.65 -3.87
H19A DPV TA . 16.93 -18.53 -2.50
H20 DPV TA . 18.69 -17.02 -1.35
H20A DPV TA . 19.58 -17.00 -2.87
H21 DPV TA . 16.63 -16.18 -2.70
H21A DPV TA . 17.91 -15.04 -2.33
H22 DPV TA . 18.77 -15.04 -4.55
H22A DPV TA . 17.96 -16.53 -4.99
H23 DPV TA . 16.66 -13.87 -4.36
H23A DPV TA . 15.64 -15.11 -4.63
H23B DPV TA . 16.76 -14.30 -5.93
N DPV UA . 27.32 -26.94 1.06
P DPV UA . 26.93 -25.34 -3.94
C1 DPV UA . 24.57 -24.21 -3.89
C2 DPV UA . 23.82 -23.18 -3.02
C3 DPV UA . 22.44 -22.75 -3.56
C4 DPV UA . 27.27 -26.56 -1.59
C5 DPV UA . 27.86 -26.15 -0.19
C6 DPV UA . 27.56 -28.46 0.94
C7 DPV UA . 25.82 -26.68 1.32
C8 DPV UA . 28.09 -26.43 2.29
C15 DPV UA . 22.52 -21.92 -4.88
C16 DPV UA . 21.31 -20.99 -5.04
C17 DPV UA . 21.24 -20.38 -6.46
C18 DPV UA . 20.15 -19.29 -6.54
C19 DPV UA . 20.00 -18.76 -8.00
O1P DPV UA . 27.62 -24.42 -4.86
C20 DPV UA . 19.16 -17.44 -8.07
C21 DPV UA . 17.66 -17.63 -7.70
C22 DPV UA . 16.88 -16.28 -7.75
C23 DPV UA . 15.63 -16.27 -6.71
O2P DPV UA . 26.56 -26.60 -4.62
O3P DPV UA . 25.72 -24.66 -3.15
O4P DPV UA . 27.71 -25.56 -2.55
H1 DPV UA . 23.92 -25.07 -4.12
H1A DPV UA . 24.89 -23.76 -4.83
H2 DPV UA . 23.68 -23.61 -2.02
H2A DPV UA . 24.46 -22.30 -2.90
H3 DPV UA . 21.96 -22.13 -2.79
H3A DPV UA . 21.80 -23.61 -3.72
H4 DPV UA . 27.65 -27.54 -1.90
H4A DPV UA . 26.18 -26.59 -1.56
H5 DPV UA . 28.93 -26.27 -0.21
H5A DPV UA . 27.64 -25.09 0.00
H6 DPV UA . 28.62 -28.64 0.77
H6A DPV UA . 26.96 -28.85 0.11
H6B DPV UA . 27.25 -28.94 1.88
H7 DPV UA . 25.65 -25.60 1.32
H7A DPV UA . 25.55 -27.12 2.29
H7B DPV UA . 25.25 -27.15 0.51
H8 DPV UA . 29.15 -26.62 2.15
H8A DPV UA . 27.73 -26.96 3.18
H8B DPV UA . 27.91 -25.36 2.39
H15 DPV UA . 22.59 -22.61 -5.73
H15A DPV UA . 23.43 -21.31 -4.88
H16 DPV UA . 20.38 -21.54 -4.83
H16A DPV UA . 21.37 -20.18 -4.29
H17 DPV UA . 22.21 -19.96 -6.72
H17A DPV UA . 21.02 -21.18 -7.18
H18 DPV UA . 19.20 -19.68 -6.19
H18A DPV UA . 20.42 -18.46 -5.87
H19 DPV UA . 20.99 -18.56 -8.42
H19A DPV UA . 19.53 -19.53 -8.62
H20 DPV UA . 19.61 -16.70 -7.42
H20A DPV UA . 19.23 -17.04 -9.09
H21 DPV UA . 17.21 -18.34 -8.38
H21A DPV UA . 17.59 -18.06 -6.69
H22 DPV UA . 17.55 -15.45 -7.52
H22A DPV UA . 16.54 -16.11 -8.77
H23 DPV UA . 15.92 -16.77 -5.79
H23A DPV UA . 15.09 -17.21 -6.83
H23B DPV UA . 15.04 -15.35 -6.55
N DPV VA . 22.12 -23.77 8.19
P DPV VA . 24.56 -22.99 3.59
C1 DPV VA . 23.47 -22.67 1.24
C2 DPV VA . 22.11 -22.36 0.58
C3 DPV VA . 21.67 -20.87 0.77
C4 DPV VA . 23.50 -23.49 5.93
C5 DPV VA . 22.56 -22.83 7.01
C6 DPV VA . 23.33 -24.33 8.96
C7 DPV VA . 21.25 -24.93 7.71
C8 DPV VA . 21.29 -22.93 9.17
C15 DPV VA . 22.35 -19.91 -0.24
C16 DPV VA . 21.86 -18.44 -0.05
C17 DPV VA . 22.43 -17.47 -1.12
C18 DPV VA . 23.85 -16.94 -0.74
C19 DPV VA . 24.44 -16.05 -1.87
O1P DPV VA . 25.67 -22.07 3.30
C20 DPV VA . 25.48 -15.04 -1.31
C21 DPV VA . 25.95 -14.05 -2.41
C22 DPV VA . 26.71 -12.84 -1.78
C23 DPV VA . 27.31 -11.93 -2.87
O2P DPV VA . 24.99 -24.40 3.62
O3P DPV VA . 23.28 -22.76 2.67
O4P DPV VA . 23.69 -22.56 4.86
H1 DPV VA . 23.85 -23.63 0.89
H1A DPV VA . 24.21 -21.89 1.01
H2 DPV VA . 22.16 -22.60 -0.48
H2A DPV VA . 21.35 -23.00 1.02
H3 DPV VA . 21.90 -20.55 1.79
H3A DPV VA . 20.59 -20.80 0.66
H4 DPV VA . 24.47 -23.73 6.37
H4A DPV VA . 23.03 -24.40 5.54
H5 DPV VA . 23.08 -21.96 7.44
H5A DPV VA . 21.65 -22.47 6.52
H6 DPV VA . 22.97 -24.90 9.81
H6A DPV VA . 23.95 -23.50 9.30
H6B DPV VA . 23.90 -24.99 8.29
H7 DPV VA . 21.84 -25.56 7.03
H7A DPV VA . 20.38 -24.53 7.17
H7B DPV VA . 20.92 -25.51 8.56
H8 DPV VA . 20.95 -23.58 9.99
H8A DPV VA . 20.43 -22.52 8.64
H8B DPV VA . 21.91 -22.12 9.56
H15 DPV VA . 22.13 -20.25 -1.25
H15A DPV VA . 23.44 -19.95 -0.12
H16 DPV VA . 20.78 -18.42 -0.14
H16A DPV VA . 22.11 -18.09 0.96
H17 DPV VA . 22.48 -17.98 -2.08
H17A DPV VA . 21.76 -16.63 -1.21
H18 DPV VA . 23.76 -16.34 0.19
H18A DPV VA . 24.52 -17.77 -0.53
H19 DPV VA . 24.91 -16.69 -2.61
H19A DPV VA . 23.64 -15.50 -2.37
H20 DPV VA . 25.02 -14.48 -0.49
H20A DPV VA . 26.34 -15.58 -0.90
H21 DPV VA . 26.61 -14.57 -3.11
H21A DPV VA . 25.10 -13.67 -2.97
H22 DPV VA . 26.02 -12.26 -1.16
H22A DPV VA . 27.50 -13.20 -1.13
H23 DPV VA . 28.06 -12.47 -3.45
H23A DPV VA . 27.79 -11.06 -2.41
H23B DPV VA . 26.53 -11.56 -3.54
N DPV WA . 35.43 -17.29 1.05
P DPV WA . 32.40 -15.69 4.04
C1 DPV WA . 31.17 -13.38 3.91
C2 DPV WA . 31.37 -11.87 4.23
C3 DPV WA . 30.11 -11.04 3.85
C4 DPV WA . 32.92 -16.62 1.64
C5 DPV WA . 34.10 -16.55 0.60
C6 DPV WA . 35.97 -16.78 2.42
C7 DPV WA . 36.49 -16.96 -0.01
C8 DPV WA . 35.25 -18.82 1.10
C15 DPV WA . 28.94 -11.16 4.89
C16 DPV WA . 27.53 -11.02 4.22
C17 DPV WA . 27.07 -12.34 3.55
C18 DPV WA . 25.59 -12.23 3.09
C19 DPV WA . 25.11 -13.57 2.47
O1P DPV WA . 31.04 -16.29 4.02
C20 DPV WA . 23.59 -13.56 2.12
C21 DPV WA . 22.68 -13.75 3.37
C22 DPV WA . 21.18 -13.81 2.98
C23 DPV WA . 20.28 -13.90 4.23
O2P DPV WA . 33.28 -16.35 5.01
O3P DPV WA . 32.40 -14.09 4.18
O4P DPV WA . 33.06 -15.52 2.58
H1 DPV WA . 30.37 -13.79 4.54
H1A DPV WA . 30.91 -13.52 2.85
H2 DPV WA . 31.59 -11.74 5.28
H2A DPV WA . 32.22 -11.51 3.65
H3 DPV WA . 29.76 -11.34 2.86
H3A DPV WA . 30.39 -9.99 3.77
H4 DPV WA . 31.97 -16.49 1.11
H4A DPV WA . 32.93 -17.57 2.16
H5 DPV WA . 33.79 -17.03 -0.33
H5A DPV WA . 34.35 -15.51 0.39
H6 DPV WA . 36.07 -15.70 2.39
H6A DPV WA . 36.94 -17.26 2.60
H6B DPV WA . 35.27 -17.08 3.21
H7 DPV WA . 37.42 -17.48 0.25
H7A DPV WA . 36.67 -15.89 -0.04
H7B DPV WA . 36.13 -17.32 -0.99
H8 DPV WA . 34.52 -19.07 1.87
H8A DPV WA . 36.21 -19.28 1.33
H8B DPV WA . 34.90 -19.16 0.12
H15 DPV WA . 29.05 -10.37 5.63
H15A DPV WA . 29.00 -12.12 5.42
H16 DPV WA . 26.81 -10.72 4.98
H16A DPV WA . 27.56 -10.22 3.47
H17 DPV WA . 27.70 -12.56 2.68
H17A DPV WA . 27.17 -13.16 4.25
H18 DPV WA . 24.97 -11.97 3.94
H18A DPV WA . 25.49 -11.44 2.35
H19 DPV WA . 25.68 -13.77 1.56
H19A DPV WA . 25.31 -14.40 3.15
H20 DPV WA . 23.33 -12.64 1.61
H20A DPV WA . 23.38 -14.38 1.43
H21 DPV WA . 22.95 -14.66 3.89
H21A DPV WA . 22.83 -12.92 4.06
H22 DPV WA . 20.91 -12.92 2.41
H22A DPV WA . 21.00 -14.68 2.34
H23 DPV WA . 20.50 -14.80 4.81
H23A DPV WA . 19.23 -13.94 3.93
H23B DPV WA . 20.42 -13.03 4.86
N DPV XA . 33.46 -2.00 0.57
P DPV XA . 31.24 -4.60 3.77
C1 DPV XA . 29.18 -6.18 3.67
C2 DPV XA . 27.64 -6.06 3.54
C3 DPV XA . 26.94 -7.26 4.22
C4 DPV XA . 31.75 -3.91 1.29
C5 DPV XA . 32.05 -2.66 0.39
C6 DPV XA . 34.60 -2.97 0.22
C7 DPV XA . 33.68 -1.46 2.00
C8 DPV XA . 33.55 -0.80 -0.40
C15 DPV XA . 25.39 -7.06 4.32
C16 DPV XA . 24.71 -8.15 5.21
C17 DPV XA . 24.95 -7.93 6.74
C18 DPV XA . 23.96 -8.71 7.64
C19 DPV XA . 22.57 -8.01 7.72
O1P DPV XA . 32.16 -5.75 3.63
C20 DPV XA . 21.61 -8.73 8.69
C21 DPV XA . 20.15 -8.23 8.51
C22 DPV XA . 19.18 -9.00 9.43
C23 DPV XA . 17.74 -8.51 9.22
O2P DPV XA . 31.29 -4.03 5.14
O3P DPV XA . 29.76 -4.91 3.28
O4P DPV XA . 31.41 -3.50 2.63
H1 DPV XA . 29.44 -6.38 4.72
H1A DPV XA . 29.55 -6.96 3.02
H2 DPV XA . 27.32 -5.13 4.02
H2A DPV XA . 27.36 -6.00 2.49
H3 DPV XA . 27.36 -7.41 5.21
H3A DPV XA . 27.14 -8.16 3.64
H4 DPV XA . 30.90 -4.47 0.88
H4A DPV XA . 32.62 -4.57 1.32
H5 DPV XA . 31.99 -2.95 -0.67
H5A DPV XA . 31.30 -1.89 0.58
H6 DPV XA . 34.45 -3.33 -0.80
H6A DPV XA . 34.58 -3.82 0.92
H6B DPV XA . 35.56 -2.45 0.30
H7 DPV XA . 32.86 -0.79 2.26
H7A DPV XA . 34.64 -0.94 2.05
H7B DPV XA . 33.70 -2.32 2.69
H8 DPV XA . 33.43 -1.17 -1.42
H8A DPV XA . 34.53 -0.32 -0.28
H8B DPV XA . 32.75 -0.10 -0.15
H15 DPV XA . 24.96 -7.09 3.32
H15A DPV XA . 25.18 -6.07 4.73
H16 DPV XA . 23.64 -8.12 5.01
H16A DPV XA . 25.04 -9.15 4.91
H17 DPV XA . 25.97 -8.26 6.97
H17A DPV XA . 24.91 -6.87 6.96
H18 DPV XA . 23.86 -9.73 7.29
H18A DPV XA . 24.39 -8.75 8.65
H19 DPV XA . 22.70 -6.97 8.04
H19A DPV XA . 22.13 -7.98 6.72
H20 DPV XA . 21.65 -9.80 8.51
H20A DPV XA . 21.94 -8.55 9.71
H21 DPV XA . 20.11 -7.15 8.73
H21A DPV XA . 19.86 -8.36 7.47
H22 DPV XA . 19.23 -10.06 9.21
H22A DPV XA . 19.47 -8.86 10.47
H23 DPV XA . 17.65 -7.45 9.48
H23A DPV XA . 17.07 -9.08 9.86
H23B DPV XA . 17.42 -8.64 8.19
N DPV YA . 25.46 3.81 4.98
P DPV YA . 25.63 -0.64 7.78
C1 DPV YA . 23.52 -2.00 6.98
C2 DPV YA . 22.59 -2.81 7.91
C3 DPV YA . 22.08 -4.13 7.28
C4 DPV YA . 25.55 1.69 6.56
C5 DPV YA . 25.59 2.26 5.11
C6 DPV YA . 26.59 4.55 5.72
C7 DPV YA . 24.09 4.31 5.47
C8 DPV YA . 25.57 4.15 3.48
C15 DPV YA . 20.95 -3.91 6.21
C16 DPV YA . 20.38 -5.24 5.64
C17 DPV YA . 21.22 -5.85 4.48
C18 DPV YA . 20.62 -7.20 3.98
C19 DPV YA . 21.42 -7.76 2.77
O1P DPV YA . 26.42 -1.85 7.58
C20 DPV YA . 20.97 -9.20 2.35
C21 DPV YA . 19.74 -9.21 1.41
C22 DPV YA . 19.44 -10.64 0.89
C23 DPV YA . 18.22 -10.65 -0.06
O2P DPV YA . 26.08 0.13 8.97
O3P DPV YA . 24.05 -0.88 7.76
O4P DPV YA . 25.52 0.26 6.45
H1 DPV YA . 24.35 -2.64 6.64
H1A DPV YA . 22.98 -1.61 6.11
H2 DPV YA . 23.13 -3.05 8.83
H2A DPV YA . 21.74 -2.19 8.20
H3 DPV YA . 21.70 -4.78 8.06
H3A DPV YA . 22.92 -4.67 6.80
H4 DPV YA . 26.46 2.00 7.10
H4A DPV YA . 24.66 2.03 7.08
H5 DPV YA . 26.53 1.98 4.63
H5A DPV YA . 24.77 1.82 4.54
H6 DPV YA . 26.46 4.41 6.80
H6A DPV YA . 26.55 5.61 5.48
H6B DPV YA . 27.55 4.13 5.39
H7 DPV YA . 24.02 5.38 5.29
H7A DPV YA . 24.00 4.10 6.55
H7B DPV YA . 23.30 3.78 4.91
H8 DPV YA . 24.78 3.62 2.95
H8A DPV YA . 26.54 3.81 3.12
H8B DPV YA . 25.47 5.22 3.35
H15 DPV YA . 21.31 -3.29 5.39
H15A DPV YA . 20.13 -3.38 6.69
H16 DPV YA . 20.28 -5.98 6.44
H16A DPV YA . 19.37 -5.04 5.28
H17 DPV YA . 21.25 -5.14 3.65
H17A DPV YA . 22.26 -6.00 4.81
H18 DPV YA . 20.65 -7.92 4.80
H18A DPV YA . 19.58 -7.04 3.69
H19 DPV YA . 21.33 -7.07 1.93
H19A DPV YA . 22.48 -7.81 3.04
H20 DPV YA . 21.81 -9.68 1.84
H20A DPV YA . 20.76 -9.80 3.24
H21 DPV YA . 18.86 -8.83 1.97
H21A DPV YA . 19.92 -8.53 0.57
H22 DPV YA . 20.31 -11.02 0.34
H22A DPV YA . 19.25 -11.31 1.72
H23 DPV YA . 17.33 -10.28 0.46
H23A DPV YA . 18.02 -11.66 -0.40
H23B DPV YA . 18.40 -10.02 -0.94
N DPV ZA . -0.48 -21.01 -18.20
P DPV ZA . 2.22 -25.51 -18.41
C1 DPV ZA . 0.89 -26.87 -20.25
C2 DPV ZA . -0.17 -25.89 -20.82
C3 DPV ZA . 0.41 -24.94 -21.89
C4 DPV ZA . 1.05 -23.16 -18.42
C5 DPV ZA . -0.27 -22.52 -17.85
C6 DPV ZA . 0.67 -20.12 -17.72
C7 DPV ZA . -1.76 -20.55 -17.48
C8 DPV ZA . -0.71 -20.80 -19.71
C15 DPV ZA . -0.65 -23.91 -22.40
C16 DPV ZA . -0.18 -23.15 -23.68
C17 DPV ZA . 0.36 -21.71 -23.45
C18 DPV ZA . 1.76 -21.67 -22.80
C19 DPV ZA . 2.35 -20.23 -22.86
O1P DPV ZA . 3.06 -25.03 -19.53
C20 DPV ZA . 3.66 -20.07 -22.05
C21 DPV ZA . 3.39 -19.86 -20.52
C22 DPV ZA . 4.71 -19.74 -19.71
C23 DPV ZA . 4.45 -19.44 -18.23
O2P DPV ZA . 3.02 -25.93 -17.24
O3P DPV ZA . 1.12 -26.61 -18.84
O4P DPV ZA . 1.01 -24.54 -18.03
H1 DPV ZA . 0.51 -27.89 -20.36
H1A DPV ZA . 1.83 -26.80 -20.79
H2 DPV ZA . -0.99 -26.47 -21.24
H2A DPV ZA . -0.60 -25.29 -20.00
H3 DPV ZA . 0.77 -25.53 -22.73
H3A DPV ZA . 1.26 -24.39 -21.48
H4 DPV ZA . 1.07 -23.09 -19.49
H4A DPV ZA . 1.92 -22.68 -17.98
H5 DPV ZA . -1.13 -23.07 -18.23
H5A DPV ZA . -0.26 -22.60 -16.75
H6 DPV ZA . 1.59 -20.46 -18.20
H6A DPV ZA . 0.76 -20.20 -16.64
H6B DPV ZA . 0.46 -19.09 -18.00
H7 DPV ZA . -2.59 -21.18 -17.81
H7A DPV ZA . -1.96 -19.51 -17.73
H7B DPV ZA . -1.61 -20.66 -16.39
H8 DPV ZA . 0.20 -21.08 -20.25
H8A DPV ZA . -0.94 -19.75 -19.89
H8B DPV ZA . -1.54 -21.43 -20.04
H15 DPV ZA . -0.89 -23.21 -21.60
H15A DPV ZA . -1.57 -24.45 -22.64
H16 DPV ZA . 0.57 -23.74 -24.22
H16A DPV ZA . -1.04 -23.07 -24.34
H17 DPV ZA . 0.40 -21.21 -24.42
H17A DPV ZA . -0.35 -21.15 -22.82
H18 DPV ZA . 1.70 -22.01 -21.77
H18A DPV ZA . 2.44 -22.35 -23.33
H19 DPV ZA . 2.56 -19.97 -23.90
H19A DPV ZA . 1.61 -19.51 -22.49
H20 DPV ZA . 4.31 -20.94 -22.20
H20A DPV ZA . 4.21 -19.20 -22.43
H21 DPV ZA . 2.79 -18.96 -20.39
H21A DPV ZA . 2.82 -20.71 -20.13
H22 DPV ZA . 5.28 -20.66 -19.80
H22A DPV ZA . 5.32 -18.94 -20.13
H23 DPV ZA . 3.96 -18.47 -18.11
H23A DPV ZA . 5.40 -19.42 -17.69
H23B DPV ZA . 3.82 -20.22 -17.79
N DPV AB . -6.84 -4.80 -3.43
P DPV AB . -4.00 -7.04 -6.02
C1 DPV AB . -1.82 -8.00 -7.09
C2 DPV AB . -0.29 -7.75 -7.16
C3 DPV AB . 0.46 -9.01 -7.64
C4 DPV AB . -4.76 -6.43 -3.60
C5 DPV AB . -5.29 -4.95 -3.61
C6 DPV AB . -7.57 -5.27 -4.71
C7 DPV AB . -7.13 -3.31 -3.24
C8 DPV AB . -7.38 -5.57 -2.21
C15 DPV AB . 1.99 -8.76 -7.74
C16 DPV AB . 2.75 -10.06 -8.09
C17 DPV AB . 4.26 -9.81 -8.38
C18 DPV AB . 5.03 -11.14 -8.62
C19 DPV AB . 6.51 -10.90 -8.98
O1P DPV AB . -4.54 -8.42 -6.07
C20 DPV AB . 7.30 -12.23 -9.12
C21 DPV AB . 8.82 -12.02 -9.36
C22 DPV AB . 9.61 -11.72 -8.04
C23 DPV AB . 11.09 -11.40 -8.31
O2P DPV AB . -4.81 -6.10 -6.80
O3P DPV AB . -2.43 -6.96 -6.31
O4P DPV AB . -3.67 -6.54 -4.53
H1 DPV AB . -2.25 -8.01 -8.10
H1A DPV AB . -2.02 -8.96 -6.61
H2 DPV AB . -0.10 -6.91 -7.83
H2A DPV AB . 0.06 -7.47 -6.17
H3 DPV AB . 0.08 -9.30 -8.63
H3A DPV AB . 0.27 -9.83 -6.95
H4 DPV AB . -4.39 -6.69 -2.61
H4A DPV AB . -5.54 -7.13 -3.89
H5 DPV AB . -4.81 -4.39 -2.81
H5A DPV AB . -5.03 -4.49 -4.56
H6 DPV AB . -7.37 -6.33 -4.85
H6A DPV AB . -7.21 -4.69 -5.56
H6B DPV AB . -8.65 -5.11 -4.57
H7 DPV AB . -6.64 -2.96 -2.34
H7A DPV AB . -8.22 -3.17 -3.16
H7B DPV AB . -6.76 -2.76 -4.11
H8 DPV AB . -7.23 -6.64 -2.36
H8A DPV AB . -8.44 -5.35 -2.10
H8B DPV AB . -6.83 -5.24 -1.32
H15 DPV AB . 2.36 -8.37 -6.78
H15A DPV AB . 2.19 -8.00 -8.50
H16 DPV AB . 2.66 -10.76 -7.24
H16A DPV AB . 2.30 -10.54 -8.95
H17 DPV AB . 4.34 -9.17 -9.26
H17A DPV AB . 4.71 -9.28 -7.54
H18 DPV AB . 4.97 -11.76 -7.72
H18A DPV AB . 4.55 -11.69 -9.44
H19 DPV AB . 6.57 -10.35 -9.94
H19A DPV AB . 6.98 -10.28 -8.22
H20 DPV AB . 7.16 -12.85 -8.21
H20A DPV AB . 6.89 -12.81 -9.95
H21 DPV AB . 9.23 -12.92 -9.81
H21A DPV AB . 8.97 -11.20 -10.07
H22 DPV AB . 9.15 -10.88 -7.52
H22A DPV AB . 9.55 -12.59 -7.38
H23 DPV AB . 11.19 -10.57 -9.01
H23A DPV AB . 11.61 -12.27 -8.72
H23B DPV AB . 11.59 -11.12 -7.39
N DPV BB . 7.59 2.56 -23.89
P DPV BB . 5.56 -1.34 -22.19
C1 DPV BB . 3.34 -0.08 -21.67
C2 DPV BB . 2.43 0.98 -22.33
C3 DPV BB . 0.97 0.89 -21.83
C4 DPV BB . 7.59 0.28 -22.54
C5 DPV BB . 8.24 1.14 -23.67
C6 DPV BB . 8.27 3.17 -25.13
C7 DPV BB . 7.87 3.49 -22.70
C8 DPV BB . 6.07 2.50 -24.15
C15 DPV BB . 0.76 1.59 -20.44
C16 DPV BB . -0.58 1.18 -19.74
C17 DPV BB . -0.39 0.17 -18.55
C18 DPV BB . -0.07 -1.29 -18.99
C19 DPV BB . 1.39 -1.70 -18.66
O1P DPV BB . 5.01 -2.58 -22.78
C20 DPV BB . 1.69 -3.14 -19.13
C21 DPV BB . 3.20 -3.49 -18.95
C22 DPV BB . 3.50 -4.94 -19.39
C23 DPV BB . 5.01 -5.25 -19.32
O2P DPV BB . 6.04 -1.54 -20.81
O3P DPV BB . 4.60 -0.09 -22.37
O4P DPV BB . 6.60 -0.59 -23.14
H1 DPV BB . 3.52 0.15 -20.63
H1A DPV BB . 2.88 -1.07 -21.76
H2 DPV BB . 2.84 1.98 -22.16
H2A DPV BB . 2.44 0.83 -23.42
H3 DPV BB . 0.66 -0.16 -21.76
H3A DPV BB . 0.30 1.37 -22.55
H4 DPV BB . 8.35 -0.34 -22.07
H4A DPV BB . 7.11 0.91 -21.79
H5 DPV BB . 9.29 1.31 -23.44
H5A DPV BB . 8.17 0.60 -24.61
H6 DPV BB . 7.85 4.17 -25.30
H6A DPV BB . 8.08 2.53 -26.00
H6B DPV BB . 9.35 3.25 -24.95
H7 DPV BB . 7.52 4.49 -22.95
H7A DPV BB . 8.95 3.51 -22.52
H7B DPV BB . 7.35 3.10 -21.83
H8 DPV BB . 5.58 2.09 -23.26
H8A DPV BB . 5.89 1.84 -25.01
H8B DPV BB . 5.70 3.50 -24.36
H15 DPV BB . 0.76 2.67 -20.60
H15A DPV BB . 1.61 1.37 -19.78
H16 DPV BB . -1.04 2.09 -19.34
H16A DPV BB . -1.28 0.77 -20.47
H17 DPV BB . 0.36 0.55 -17.85
H17A DPV BB . -1.33 0.15 -18.00
H18 DPV BB . -0.75 -1.97 -18.46
H18A DPV BB . -0.27 -1.42 -20.07
H19 DPV BB . 2.08 -1.00 -19.15
H19A DPV BB . 1.56 -1.62 -17.58
H20 DPV BB . 1.09 -3.85 -18.55
H20A DPV BB . 1.41 -3.25 -20.18
H21 DPV BB . 3.80 -2.79 -19.56
H21A DPV BB . 3.49 -3.34 -17.91
H22 DPV BB . 2.95 -5.65 -18.75
H22A DPV BB . 3.15 -5.09 -20.41
H23 DPV BB . 5.39 -5.08 -18.31
H23A DPV BB . 5.56 -4.62 -20.01
H23B DPV BB . 5.18 -6.30 -19.59
N DPV CB . 3.53 -13.32 -24.10
P DPV CB . 5.09 -8.89 -21.73
C1 DPV CB . 6.81 -9.43 -19.86
C2 DPV CB . 8.01 -10.33 -19.53
C3 DPV CB . 8.70 -9.81 -18.25
C4 DPV CB . 4.14 -11.09 -22.80
C5 DPV CB . 4.24 -11.92 -24.13
C6 DPV CB . 2.03 -13.20 -23.79
C7 DPV CB . 4.19 -14.29 -23.10
C8 DPV CB . 3.65 -13.92 -25.52
C15 DPV CB . 9.83 -10.74 -17.73
C16 DPV CB . 10.20 -10.34 -16.28
C17 DPV CB . 11.30 -11.24 -15.65
C18 DPV CB . 11.27 -11.22 -14.09
C19 DPV CB . 11.58 -9.81 -13.47
O1P DPV CB . 5.55 -7.55 -22.15
C20 DPV CB . 11.34 -9.80 -11.93
C21 DPV CB . 11.52 -8.39 -11.30
C22 DPV CB . 13.00 -7.97 -11.15
C23 DPV CB . 13.11 -6.52 -10.63
O2P DPV CB . 3.91 -8.82 -20.86
O3P DPV CB . 6.27 -9.78 -21.15
O4P DPV CB . 4.93 -9.90 -22.96
H1 DPV CB . 6.03 -9.55 -19.11
H1A DPV CB . 7.12 -8.39 -19.90
H2 DPV CB . 7.66 -11.36 -19.37
H2A DPV CB . 8.72 -10.34 -20.36
H3 DPV CB . 7.96 -9.68 -17.48
H3A DPV CB . 9.12 -8.82 -18.45
H4 DPV CB . 3.10 -10.81 -22.59
H4A DPV CB . 4.54 -11.67 -21.96
H5 DPV CB . 3.80 -11.33 -24.94
H5A DPV CB . 5.29 -12.09 -24.36
H6 DPV CB . 1.58 -14.19 -23.88
H6A DPV CB . 1.57 -12.51 -24.50
H6B DPV CB . 1.91 -12.83 -22.76
H7 DPV CB . 3.72 -15.27 -23.21
H7A DPV CB . 4.04 -13.90 -22.10
H7B DPV CB . 5.26 -14.35 -23.32
H8 DPV CB . 4.72 -14.08 -25.74
H8A DPV CB . 3.22 -13.22 -26.23
H8B DPV CB . 3.12 -14.87 -25.55
H15 DPV CB . 10.69 -10.68 -18.38
H15A DPV CB . 9.47 -11.78 -17.74
H16 DPV CB . 10.53 -9.30 -16.27
H16A DPV CB . 9.29 -10.39 -15.66
H17 DPV CB . 11.17 -12.27 -15.98
H17A DPV CB . 12.28 -10.91 -16.01
H18 DPV CB . 10.29 -11.56 -13.75
H18A DPV CB . 12.00 -11.93 -13.71
H19 DPV CB . 12.61 -9.55 -13.69
H19A DPV CB . 10.93 -9.05 -13.93
H20 DPV CB . 10.31 -10.14 -11.73
H20A DPV CB . 12.01 -10.52 -11.44
H21 DPV CB . 10.97 -7.65 -11.91
H21A DPV CB . 11.04 -8.39 -10.31
H22 DPV CB . 13.50 -8.64 -10.45
H22A DPV CB . 13.51 -8.05 -12.10
H23 DPV CB . 12.65 -5.83 -11.35
H23A DPV CB . 14.15 -6.25 -10.51
H23B DPV CB . 12.60 -6.42 -9.67
N DPV DB . 6.69 -27.65 -19.22
P DPV DB . 11.32 -29.97 -18.54
C1 DPV DB . 12.90 -28.81 -16.81
C2 DPV DB . 13.31 -28.83 -15.31
C3 DPV DB . 12.12 -28.54 -14.37
C4 DPV DB . 9.11 -28.72 -19.08
C5 DPV DB . 7.77 -28.42 -18.36
C6 DPV DB . 6.41 -28.36 -20.57
C7 DPV DB . 7.12 -26.20 -19.47
C8 DPV DB . 5.39 -27.64 -18.42
C15 DPV DB . 12.60 -28.32 -12.91
C16 DPV DB . 11.39 -28.06 -11.95
C17 DPV DB . 11.83 -27.89 -10.47
C18 DPV DB . 12.37 -26.46 -10.14
C19 DPV DB . 12.63 -26.31 -8.62
O1P DPV DB . 10.98 -31.36 -18.92
C20 DPV DB . 12.96 -24.85 -8.19
C21 DPV DB . 12.72 -24.60 -6.67
C22 DPV DB . 13.72 -25.35 -5.74
C23 DPV DB . 13.54 -24.96 -4.25
O2P DPV DB . 12.14 -29.31 -19.58
O3P DPV DB . 11.93 -29.85 -17.07
O4P DPV DB . 10.06 -29.12 -18.08
H1 DPV DB . 12.46 -27.84 -17.06
H1A DPV DB . 13.78 -28.98 -17.43
H2 DPV DB . 13.75 -29.81 -15.08
H2A DPV DB . 14.09 -28.09 -15.17
H3 DPV DB . 11.41 -29.37 -14.40
H3A DPV DB . 11.59 -27.65 -14.70
H4 DPV DB . 8.98 -29.54 -19.80
H4A DPV DB . 9.49 -27.83 -19.59
H5 DPV DB . 7.32 -29.37 -18.03
H5A DPV DB . 7.95 -27.81 -17.47
H6 DPV DB . 6.13 -29.39 -20.37
H6A DPV DB . 7.30 -28.33 -21.19
H6B DPV DB . 5.58 -27.84 -21.06
H7 DPV DB . 6.31 -25.68 -20.00
H7A DPV DB . 8.02 -26.18 -20.08
H7B DPV DB . 7.31 -25.71 -18.51
H8 DPV DB . 4.62 -27.11 -19.00
H8A DPV DB . 5.56 -27.11 -17.48
H8B DPV DB . 5.07 -28.67 -18.23
H15 DPV DB . 13.29 -27.47 -12.87
H15A DPV DB . 13.15 -29.20 -12.57
H16 DPV DB . 10.84 -27.17 -12.29
H16A DPV DB . 10.71 -28.91 -12.01
H17 DPV DB . 10.96 -28.08 -9.83
H17A DPV DB . 12.58 -28.64 -10.21
H18 DPV DB . 13.29 -26.27 -10.69
H18A DPV DB . 11.64 -25.72 -10.46
H19 DPV DB . 11.75 -26.65 -8.08
H19A DPV DB . 13.46 -26.96 -8.34
H20 DPV DB . 13.99 -24.62 -8.46
H20A DPV DB . 12.32 -24.16 -8.75
H21 DPV DB . 12.81 -23.52 -6.49
H21A DPV DB . 11.69 -24.87 -6.40
H22 DPV DB . 13.58 -26.43 -5.84
H22A DPV DB . 14.75 -25.13 -6.04
H23 DPV DB . 13.71 -23.89 -4.12
H23A DPV DB . 14.24 -25.50 -3.63
H23B DPV DB . 12.52 -25.19 -3.93
N DPV EB . 14.32 -23.73 -25.74
P DPV EB . 12.92 -23.05 -20.78
C1 DPV EB . 11.43 -24.08 -18.91
C2 DPV EB . 11.17 -25.49 -18.33
C3 DPV EB . 10.46 -25.45 -16.95
C4 DPV EB . 13.49 -23.18 -23.30
C5 DPV EB . 13.79 -24.26 -24.37
C6 DPV EB . 13.25 -22.91 -26.48
C7 DPV EB . 14.69 -24.96 -26.58
C8 DPV EB . 15.60 -22.86 -25.59
C15 DPV EB . 11.38 -24.92 -15.80
C16 DPV EB . 10.63 -24.76 -14.43
C17 DPV EB . 9.63 -23.55 -14.38
C18 DPV EB . 10.35 -22.15 -14.31
C19 DPV EB . 9.43 -20.98 -14.76
O1P DPV EB . 14.21 -22.89 -20.06
C20 DPV EB . 9.67 -20.53 -16.23
C21 DPV EB . 8.87 -21.37 -17.28
C22 DPV EB . 9.13 -20.89 -18.73
C23 DPV EB . 8.32 -21.70 -19.76
O2P DPV EB . 12.18 -21.77 -20.92
O3P DPV EB . 12.03 -24.23 -20.22
O4P DPV EB . 13.04 -23.87 -22.13
H1 DPV EB . 10.51 -23.53 -19.02
H1A DPV EB . 12.13 -23.53 -18.26
H2 DPV EB . 10.55 -26.05 -19.03
H2A DPV EB . 12.11 -26.03 -18.24
H3 DPV EB . 10.13 -26.47 -16.69
H3A DPV EB . 9.56 -24.84 -17.04
H4 DPV EB . 14.40 -22.62 -23.05
H4A DPV EB . 12.71 -22.50 -23.63
H5 DPV EB . 14.54 -24.95 -23.98
H5A DPV EB . 12.88 -24.83 -24.58
H6 DPV EB . 13.04 -21.99 -25.91
H6A DPV EB . 12.34 -23.51 -26.56
H6B DPV EB . 13.62 -22.64 -27.48
H7 DPV EB . 13.79 -25.57 -26.72
H7A DPV EB . 15.46 -25.54 -26.07
H7B DPV EB . 15.06 -24.63 -27.56
H8 DPV EB . 15.98 -22.61 -26.58
H8A DPV EB . 16.35 -23.45 -25.05
H8B DPV EB . 15.36 -21.96 -25.03
H15 DPV EB . 11.82 -23.96 -16.08
H15A DPV EB . 12.21 -25.62 -15.66
H16 DPV EB . 10.08 -25.68 -14.22
H16A DPV EB . 11.36 -24.65 -13.64
H17 DPV EB . 8.97 -23.58 -15.24
H17A DPV EB . 8.99 -23.65 -13.50
H18 DPV EB . 10.66 -21.98 -13.27
H18A DPV EB . 11.26 -22.16 -14.91
H19 DPV EB . 8.37 -21.22 -14.59
H19A DPV EB . 9.65 -20.12 -14.11
H20 DPV EB . 9.36 -19.49 -16.33
H20A DPV EB . 10.73 -20.57 -16.47
H21 DPV EB . 9.16 -22.43 -17.18
H21A DPV EB . 7.80 -21.30 -17.05
H22 DPV EB . 8.88 -19.83 -18.80
H22A DPV EB . 10.19 -20.98 -18.96
H23 DPV EB . 7.25 -21.61 -19.56
H23A DPV EB . 8.59 -22.76 -19.73
H23B DPV EB . 8.53 -21.32 -20.76
N DPV FB . 34.16 -13.48 -13.04
P DPV FB . 30.56 -13.97 -16.86
C1 DPV FB . 28.35 -12.63 -16.47
C2 DPV FB . 27.89 -11.28 -15.88
C3 DPV FB . 28.28 -11.17 -14.38
C4 DPV FB . 32.20 -13.75 -14.81
C5 DPV FB . 33.56 -13.06 -14.43
C6 DPV FB . 35.45 -12.67 -12.84
C7 DPV FB . 34.56 -14.98 -13.02
C8 DPV FB . 33.22 -13.18 -11.87
C15 DPV FB . 27.80 -9.82 -13.77
C16 DPV FB . 28.22 -9.67 -12.28
C17 DPV FB . 27.87 -8.25 -11.75
C18 DPV FB . 28.28 -8.00 -10.26
C19 DPV FB . 27.38 -8.76 -9.24
O1P DPV FB . 30.80 -14.31 -18.27
C20 DPV FB . 27.46 -8.14 -7.82
C21 DPV FB . 26.53 -8.89 -6.83
C22 DPV FB . 26.29 -8.09 -5.53
C23 DPV FB . 25.17 -8.71 -4.67
O2P DPV FB . 29.98 -15.11 -16.11
O3P DPV FB . 29.78 -12.59 -16.65
O4P DPV FB . 31.84 -13.33 -16.15
H1 DPV FB . 28.09 -13.45 -15.79
H1A DPV FB . 27.88 -12.80 -17.44
H2 DPV FB . 28.33 -10.47 -16.45
H2A DPV FB . 26.81 -11.20 -15.98
H3 DPV FB . 29.36 -11.23 -14.28
H3A DPV FB . 27.85 -11.99 -13.82
H4 DPV FB . 32.31 -14.84 -14.80
H4A DPV FB . 31.41 -13.45 -14.12
H5 DPV FB . 34.30 -13.30 -15.20
H5A DPV FB . 33.42 -11.98 -14.40
H6 DPV FB . 35.19 -11.61 -12.83
H6A DPV FB . 36.14 -12.89 -13.65
H6B DPV FB . 35.89 -12.95 -11.88
H7 DPV FB . 35.03 -15.20 -12.07
H7A DPV FB . 35.25 -15.17 -13.84
H7B DPV FB . 33.65 -15.58 -13.15
H8 DPV FB . 32.31 -13.78 -11.97
H8A DPV FB . 32.96 -12.11 -11.90
H8B DPV FB . 33.73 -13.43 -10.94
H15 DPV FB . 26.71 -9.75 -13.84
H15A DPV FB . 28.21 -9.00 -14.35
H16 DPV FB . 27.71 -10.43 -11.68
H16A DPV FB . 29.30 -9.84 -12.18
H17 DPV FB . 28.39 -7.50 -12.36
H17A DPV FB . 26.80 -8.06 -11.86
H18 DPV FB . 29.32 -8.28 -10.10
H18A DPV FB . 28.21 -6.93 -10.08
H19 DPV FB . 26.33 -8.71 -9.59
H19A DPV FB . 27.66 -9.81 -9.20
H20 DPV FB . 28.49 -8.17 -7.46
H20A DPV FB . 27.16 -7.09 -7.87
H21 DPV FB . 25.57 -9.08 -7.30
H21A DPV FB . 26.98 -9.85 -6.59
H22 DPV FB . 27.22 -8.05 -4.96
H22A DPV FB . 26.02 -7.05 -5.78
H23 DPV FB . 24.23 -8.73 -5.23
H23A DPV FB . 25.03 -8.12 -3.77
H23B DPV FB . 25.42 -9.73 -4.39
N DPV GB . 27.03 -6.69 -24.64
P DPV GB . 22.46 -7.18 -23.86
C1 DPV GB . 21.16 -8.58 -22.08
C2 DPV GB . 21.40 -9.59 -20.92
C3 DPV GB . 20.06 -10.20 -20.40
C4 DPV GB . 24.59 -5.70 -24.21
C5 DPV GB . 26.12 -5.67 -23.84
C6 DPV GB . 26.59 -8.15 -24.44
C7 DPV GB . 28.46 -6.56 -24.12
C8 DPV GB . 27.04 -6.35 -26.14
C15 DPV GB . 20.28 -11.02 -19.10
C16 DPV GB . 18.93 -11.52 -18.50
C17 DPV GB . 19.05 -11.86 -16.98
C18 DPV GB . 17.64 -12.11 -16.35
C19 DPV GB . 17.71 -12.11 -14.79
O1P DPV GB . 21.51 -6.07 -23.79
C20 DPV GB . 16.29 -12.21 -14.15
C21 DPV GB . 16.31 -11.94 -12.62
C22 DPV GB . 14.87 -11.77 -12.05
C23 DPV GB . 14.90 -11.39 -10.55
O2P DPV GB . 22.36 -7.91 -25.15
O3P DPV GB . 22.44 -8.15 -22.60
O4P DPV GB . 23.96 -6.78 -23.48
H1 DPV GB . 20.61 -9.08 -22.89
H1A DPV GB . 20.60 -7.72 -21.73
H2 DPV GB . 22.06 -10.39 -21.25
H2A DPV GB . 21.89 -9.06 -20.11
H3 DPV GB . 19.63 -10.85 -21.17
H3A DPV GB . 19.35 -9.40 -20.20
H4 DPV GB . 24.12 -4.76 -23.91
H4A DPV GB . 24.46 -5.86 -25.28
H5 DPV GB . 26.52 -4.67 -24.04
H5A DPV GB . 26.24 -5.89 -22.77
H6 DPV GB . 25.58 -8.28 -24.85
H6A DPV GB . 26.58 -8.38 -23.36
H6B DPV GB . 27.29 -8.82 -24.95
H7 DPV GB . 28.79 -5.52 -24.25
H7A DPV GB . 29.12 -7.24 -24.68
H7B DPV GB . 28.48 -6.82 -23.05
H8 DPV GB . 27.37 -5.32 -26.28
H8A DPV GB . 26.04 -6.48 -26.55
H8B DPV GB . 27.74 -7.02 -26.65
H15 DPV GB . 20.79 -10.39 -18.37
H15A DPV GB . 20.94 -11.89 -19.30
H16 DPV GB . 18.16 -10.76 -18.63
H16A DPV GB . 18.59 -12.42 -19.05
H17 DPV GB . 19.69 -12.74 -16.84
H17A DPV GB . 19.52 -11.01 -16.47
H18 DPV GB . 16.96 -11.33 -16.68
H18A DPV GB . 17.26 -13.07 -16.70
H19 DPV GB . 18.33 -12.94 -14.44
H19A DPV GB . 18.17 -11.17 -14.46
H20 DPV GB . 15.62 -11.51 -14.65
H20A DPV GB . 15.89 -13.22 -14.34
H21 DPV GB . 16.83 -12.76 -12.11
H21A DPV GB . 16.88 -11.03 -12.43
H22 DPV GB . 14.35 -10.99 -12.61
H22A DPV GB . 14.33 -12.71 -12.17
H23 DPV GB . 15.40 -12.16 -9.97
H23A DPV GB . 13.88 -11.28 -10.17
H23B DPV GB . 15.41 -10.44 -10.40
N DPV HB . 11.44 6.43 -20.06
P DPV HB . 15.20 3.10 -20.94
C1 DPV HB . 17.75 2.55 -21.03
C2 DPV HB . 18.98 2.75 -20.10
C3 DPV HB . 20.14 1.75 -20.43
C4 DPV HB . 13.30 4.55 -19.94
C5 DPV HB . 12.95 6.07 -19.80
C6 DPV HB . 11.01 6.14 -21.51
C7 DPV HB . 11.27 7.93 -19.80
C8 DPV HB . 10.50 5.70 -19.09
C15 DPV HB . 21.02 2.22 -21.64
C16 DPV HB . 22.13 1.20 -22.02
C17 DPV HB . 21.63 0.09 -23.01
C18 DPV HB . 22.77 -0.87 -23.50
C19 DPV HB . 23.32 -1.85 -22.42
O1P DPV HB . 14.79 1.86 -20.25
C20 DPV HB . 22.30 -2.93 -21.97
C21 DPV HB . 22.95 -3.94 -20.99
C22 DPV HB . 21.91 -4.95 -20.42
C23 DPV HB . 22.60 -6.08 -19.63
O2P DPV HB . 14.84 3.09 -22.37
O3P DPV HB . 16.72 3.50 -20.66
O4P DPV HB . 14.71 4.42 -20.19
H1 DPV HB . 18.01 2.69 -22.08
H1A DPV HB . 17.36 1.54 -20.88
H2 DPV HB . 19.35 3.78 -20.20
H2A DPV HB . 18.67 2.62 -19.08
H3 DPV HB . 19.73 0.76 -20.61
H3A DPV HB . 20.78 1.68 -19.54
H4 DPV HB . 13.06 4.01 -19.02
H4A DPV HB . 12.76 4.11 -20.77
H5 DPV HB . 13.21 6.41 -18.80
H5A DPV HB . 13.54 6.63 -20.53
H6 DPV HB . 11.07 5.07 -21.68
H6A DPV HB . 11.69 6.66 -22.19
H6B DPV HB . 9.99 6.49 -21.65
H7 DPV HB . 11.53 8.15 -18.77
H7A DPV HB . 10.23 8.21 -20.01
H7B DPV HB . 11.93 8.48 -20.48
H8 DPV HB . 10.86 5.86 -18.06
H8A DPV HB . 10.52 4.63 -19.33
H8B DPV HB . 9.49 6.08 -19.20
H15 DPV HB . 21.48 3.17 -21.39
H15A DPV HB . 20.37 2.40 -22.50
H16 DPV HB . 22.94 1.75 -22.50
H16A DPV HB . 22.54 0.74 -21.12
H17 DPV HB . 20.83 -0.48 -22.55
H17A DPV HB . 21.18 0.59 -23.88
H18 DPV HB . 22.39 -1.43 -24.35
H18A DPV HB . 23.59 -0.26 -23.87
H19 DPV HB . 24.20 -2.35 -22.84
H19A DPV HB . 23.66 -1.29 -21.54
H20 DPV HB . 21.45 -2.45 -21.49
H20A DPV HB . 21.92 -3.47 -22.84
H21 DPV HB . 23.74 -4.48 -21.51
H21A DPV HB . 23.40 -3.40 -20.15
H22 DPV HB . 21.21 -4.42 -19.79
H22A DPV HB . 21.34 -5.40 -21.25
H23 DPV HB . 23.15 -5.67 -18.78
H23A DPV HB . 23.30 -6.63 -20.26
H23B DPV HB . 21.86 -6.78 -19.25
N DPV IB . 2.60 -19.52 13.46
P DPV IB . 2.99 -22.98 10.08
C1 DPV IB . 5.26 -24.28 10.30
C2 DPV IB . 6.18 -24.68 11.49
C3 DPV IB . 6.51 -23.50 12.45
C4 DPV IB . 2.75 -20.56 11.02
C5 DPV IB . 3.37 -19.59 12.10
C6 DPV IB . 3.42 -18.63 14.41
C7 DPV IB . 2.45 -20.90 14.14
C8 DPV IB . 1.20 -18.88 13.28
C15 DPV IB . 7.69 -22.63 11.92
C16 DPV IB . 7.84 -21.31 12.73
C17 DPV IB . 8.93 -20.38 12.11
C18 DPV IB . 10.38 -20.88 12.39
C19 DPV IB . 11.46 -20.11 11.59
O1P DPV IB . 1.57 -23.38 10.12
C20 DPV IB . 11.58 -20.58 10.11
C21 DPV IB . 12.80 -19.90 9.41
C22 DPV IB . 13.01 -20.43 7.97
C23 DPV IB . 14.21 -19.75 7.29
O2P DPV IB . 3.43 -22.65 8.70
O3P DPV IB . 3.94 -24.01 10.84
O4P DPV IB . 3.36 -21.86 11.15
H1 DPV IB . 5.66 -23.38 9.81
H1A DPV IB . 5.19 -25.09 9.58
H2 DPV IB . 5.69 -25.47 12.05
H2A DPV IB . 7.11 -25.11 11.10
H3 DPV IB . 6.78 -23.91 13.43
H3A DPV IB . 5.62 -22.89 12.60
H4 DPV IB . 1.67 -20.65 11.14
H4A DPV IB . 2.98 -20.17 10.01
H5 DPV IB . 4.39 -19.91 12.33
H5A DPV IB . 3.41 -18.58 11.70
H6 DPV IB . 3.52 -17.63 13.95
H6A DPV IB . 4.41 -19.06 14.54
H6B DPV IB . 2.91 -18.55 15.37
H7 DPV IB . 1.82 -21.53 13.49
H7A DPV IB . 1.97 -20.78 15.11
H7B DPV IB . 3.44 -21.34 14.24
H8 DPV IB . 0.59 -19.54 12.66
H8A DPV IB . 1.32 -17.90 12.80
H8B DPV IB . 0.74 -18.75 14.27
H15 DPV IB . 7.53 -22.40 10.87
H15A DPV IB . 8.60 -23.21 11.99
H16 DPV IB . 6.89 -20.77 12.74
H16A DPV IB . 8.10 -21.54 13.76
H17 DPV IB . 8.76 -20.29 11.03
H17A DPV IB . 8.82 -19.37 12.53
H18 DPV IB . 10.59 -20.76 13.46
H18A DPV IB . 10.46 -21.94 12.16
H19 DPV IB . 11.27 -19.03 11.62
H19A DPV IB . 12.42 -20.27 12.08
H20 DPV IB . 11.70 -21.66 10.08
H20A DPV IB . 10.67 -20.33 9.56
H21 DPV IB . 12.64 -18.82 9.39
H21A DPV IB . 13.70 -20.08 10.00
H22 DPV IB . 13.18 -21.52 7.99
H22A DPV IB . 12.11 -20.25 7.36
H23 DPV IB . 14.35 -20.13 6.28
H23A DPV IB . 15.14 -19.95 7.85
H23B DPV IB . 14.06 -18.68 7.24
N DPV JB . 24.55 -15.31 11.43
P DPV JB . 21.89 -18.85 8.63
C1 DPV JB . 21.02 -18.87 6.19
C2 DPV JB . 20.48 -17.92 5.10
C3 DPV JB . 19.93 -18.73 3.88
C4 DPV JB . 23.26 -17.28 10.21
C5 DPV JB . 23.24 -15.81 10.73
C6 DPV JB . 24.31 -13.86 11.87
C7 DPV JB . 25.75 -15.33 10.47
C8 DPV JB . 24.87 -16.14 12.69
C15 DPV JB . 19.54 -17.83 2.67
C16 DPV JB . 18.24 -16.97 2.87
C17 DPV JB . 17.79 -16.37 1.51
C18 DPV JB . 16.69 -15.27 1.65
C19 DPV JB . 16.39 -14.66 0.23
O1P DPV JB . 23.13 -19.60 8.34
C20 DPV JB . 15.19 -13.68 0.23
C21 DPV JB . 15.00 -13.01 -1.17
C22 DPV JB . 13.64 -12.27 -1.28
C23 DPV JB . 13.53 -11.43 -2.58
O2P DPV JB . 20.90 -19.68 9.35
O3P DPV JB . 21.27 -18.10 7.38
O4P DPV JB . 22.14 -17.44 9.32
H1 DPV JB . 20.28 -19.64 6.42
H1A DPV JB . 21.94 -19.34 5.85
H2 DPV JB . 19.68 -17.30 5.52
H2A DPV JB . 21.28 -17.26 4.77
H3 DPV JB . 19.08 -19.33 4.19
H3A DPV JB . 20.70 -19.43 3.54
H4 DPV JB . 24.18 -17.50 9.66
H4A DPV JB . 23.15 -17.98 11.05
H5 DPV JB . 23.07 -15.12 9.89
H5A DPV JB . 22.42 -15.68 11.44
H6 DPV JB . 23.47 -13.84 12.57
H6A DPV JB . 24.11 -13.26 11.00
H6B DPV JB . 25.21 -13.50 12.38
H7 DPV JB . 25.50 -14.74 9.59
H7A DPV JB . 25.97 -16.36 10.19
H7B DPV JB . 26.62 -14.89 10.98
H8 DPV JB . 25.08 -17.18 12.39
H8A DPV JB . 24.01 -16.12 13.35
H8B DPV JB . 25.75 -15.71 13.18
H15 DPV JB . 19.38 -18.49 1.81
H15A DPV JB . 20.38 -17.17 2.43
H16 DPV JB . 17.44 -17.59 3.27
H16A DPV JB . 18.45 -16.18 3.59
H17 DPV JB . 18.67 -15.93 1.01
H17A DPV JB . 17.43 -17.17 0.87
H18 DPV JB . 15.78 -15.72 2.06
H18A DPV JB . 17.02 -14.48 2.32
H19 DPV JB . 17.28 -14.13 -0.12
H19A DPV JB . 16.19 -15.46 -0.46
H20 DPV JB . 14.28 -14.23 0.50
H20A DPV JB . 15.34 -12.90 0.98
H21 DPV JB . 15.81 -12.30 -1.34
H21A DPV JB . 15.06 -13.76 -1.95
H22 DPV JB . 12.83 -13.01 -1.26
H22A DPV JB . 13.49 -11.62 -0.42
H23 DPV JB . 12.51 -11.06 -2.69
H23A DPV JB . 13.79 -12.03 -3.44
H23B DPV JB . 14.21 -10.58 -2.53
N DPV KB . 23.53 -9.50 12.98
P DPV KB . 27.15 -11.35 9.71
C1 DPV KB . 26.00 -12.13 7.49
C2 DPV KB . 24.82 -13.10 7.16
C3 DPV KB . 25.30 -14.50 6.68
C4 DPV KB . 25.53 -10.16 11.38
C5 DPV KB . 24.00 -9.81 11.53
C6 DPV KB . 22.05 -9.09 12.91
C7 DPV KB . 24.31 -8.33 13.62
C8 DPV KB . 23.63 -10.74 13.89
C15 DPV KB . 24.14 -15.52 6.70
C16 DPV KB . 24.58 -16.94 6.22
C17 DPV KB . 24.56 -17.09 4.67
C18 DPV KB . 25.00 -18.52 4.20
C19 DPV KB . 25.05 -18.65 2.65
O1P DPV KB . 27.82 -10.27 8.97
C20 DPV KB . 26.48 -18.48 2.02
C21 DPV KB . 26.97 -17.00 1.98
C22 DPV KB . 28.34 -16.84 1.29
C23 DPV KB . 28.82 -15.36 1.35
O2P DPV KB . 28.01 -11.88 10.80
O3P DPV KB . 26.55 -12.51 8.78
O4P DPV KB . 25.67 -10.97 10.20
H1 DPV KB . 26.78 -12.19 6.73
H1A DPV KB . 25.62 -11.11 7.55
H2 DPV KB . 24.21 -13.21 8.06
H2A DPV KB . 24.19 -12.64 6.39
H3 DPV KB . 26.11 -14.84 7.34
H3A DPV KB . 25.72 -14.41 5.67
H4 DPV KB . 26.11 -9.24 11.25
H4A DPV KB . 25.89 -10.71 12.24
H5 DPV KB . 23.77 -8.93 10.92
H5A DPV KB . 23.40 -10.65 11.16
H6 DPV KB . 21.47 -9.92 12.50
H6A DPV KB . 21.96 -8.21 12.26
H6B DPV KB . 21.71 -8.84 13.92
H7 DPV KB . 24.20 -7.44 12.99
H7A DPV KB . 25.36 -8.60 13.70
H7B DPV KB . 23.90 -8.13 14.62
H8 DPV KB . 24.69 -11.04 13.98
H8A DPV KB . 23.05 -11.56 13.44
H8B DPV KB . 23.22 -10.51 14.87
H15 DPV KB . 23.31 -15.17 6.09
H15A DPV KB . 23.76 -15.61 7.72
H16 DPV KB . 25.58 -17.18 6.61
H16A DPV KB . 23.88 -17.68 6.64
H17 DPV KB . 23.54 -16.90 4.30
H17A DPV KB . 25.21 -16.35 4.24
H18 DPV KB . 25.97 -18.76 4.64
H18A DPV KB . 24.28 -19.25 4.59
H19 DPV KB . 24.70 -19.66 2.38
H19A DPV KB . 24.36 -17.95 2.17
H20 DPV KB . 27.20 -19.10 2.57
H20A DPV KB . 26.45 -18.87 1.00
H21 DPV KB . 26.22 -16.39 1.46
H21A DPV KB . 27.03 -16.61 3.00
H22 DPV KB . 29.08 -17.47 1.78
H22A DPV KB . 28.27 -17.16 0.25
H23 DPV KB . 29.82 -15.28 0.90
H23A DPV KB . 28.88 -15.02 2.37
H23B DPV KB . 28.15 -14.71 0.79
N DPV LB . 20.35 -4.24 -27.21
P DPV LB . 17.85 -1.35 -24.39
C1 DPV LB . 17.98 -1.40 -21.77
C2 DPV LB . 17.71 -2.37 -20.60
C3 DPV LB . 17.47 -1.62 -19.26
C4 DPV LB . 19.80 -1.93 -26.00
C5 DPV LB . 20.85 -3.06 -26.29
C6 DPV LB . 20.00 -3.74 -28.64
C7 DPV LB . 19.15 -4.98 -26.60
C8 DPV LB . 21.52 -5.23 -27.34
C15 DPV LB . 17.08 -2.61 -18.13
C16 DPV LB . 16.97 -1.90 -16.75
C17 DPV LB . 16.58 -2.89 -15.63
C18 DPV LB . 16.45 -2.17 -14.27
C19 DPV LB . 15.92 -3.13 -13.17
O1P DPV LB . 18.25 0.07 -24.27
C20 DPV LB . 15.64 -2.39 -11.83
C21 DPV LB . 14.98 -3.32 -10.80
C22 DPV LB . 14.66 -2.57 -9.48
C23 DPV LB . 13.84 -3.46 -8.52
O2P DPV LB . 16.61 -1.51 -25.18
O3P DPV LB . 17.81 -2.14 -23.00
O4P DPV LB . 19.03 -2.31 -24.85
H1 DPV LB . 17.26 -0.57 -21.75
H1A DPV LB . 18.99 -1.00 -21.71
H2 DPV LB . 16.85 -2.98 -20.83
H2A DPV LB . 18.57 -3.04 -20.49
H3 DPV LB . 16.67 -0.88 -19.39
H3A DPV LB . 18.38 -1.07 -18.98
H4 DPV LB . 20.32 -1.00 -25.78
H4A DPV LB . 19.13 -1.78 -26.86
H5 DPV LB . 21.71 -2.61 -26.79
H5A DPV LB . 21.17 -3.50 -25.35
H6 DPV LB . 20.86 -3.22 -29.04
H6A DPV LB . 19.15 -3.07 -28.57
H6B DPV LB . 19.75 -4.60 -29.26
H7 DPV LB . 18.31 -4.30 -26.52
H7A DPV LB . 19.43 -5.35 -25.61
H7B DPV LB . 18.89 -5.82 -27.25
H8 DPV LB . 22.38 -4.71 -27.79
H8A DPV LB . 21.21 -6.07 -27.96
H8B DPV LB . 21.77 -5.59 -26.34
H15 DPV LB . 17.82 -3.41 -18.06
H15A DPV LB . 16.12 -3.07 -18.37
H16 DPV LB . 17.91 -1.41 -16.52
H16A DPV LB . 16.20 -1.11 -16.82
H17 DPV LB . 15.64 -3.36 -15.88
H17A DPV LB . 17.33 -3.68 -15.56
H18 DPV LB . 17.42 -1.77 -13.96
H18A DPV LB . 15.76 -1.34 -14.38
H19 DPV LB . 15.00 -3.60 -13.51
H19A DPV LB . 16.64 -3.92 -12.99
H20 DPV LB . 16.58 -2.00 -11.43
H20A DPV LB . 14.98 -1.54 -12.02
H21 DPV LB . 14.06 -3.72 -11.23
H21A DPV LB . 15.64 -4.17 -10.58
H22 DPV LB . 15.59 -2.27 -8.99
H22A DPV LB . 14.09 -1.67 -9.70
H23 DPV LB . 12.89 -3.75 -8.96
H23A DPV LB . 13.62 -2.90 -7.60
H23B DPV LB . 14.39 -4.35 -8.25
N DPV MB . 8.12 -5.82 -28.24
P DPV MB . 9.20 -2.67 -25.23
C1 DPV MB . 11.68 -3.02 -25.94
C2 DPV MB . 12.38 -3.58 -27.20
C3 DPV MB . 12.70 -5.09 -27.08
C4 DPV MB . 7.56 -3.45 -27.13
C5 DPV MB . 7.03 -4.76 -27.80
C6 DPV MB . 7.40 -6.86 -29.11
C7 DPV MB . 8.71 -6.54 -27.01
C8 DPV MB . 9.25 -5.21 -29.08
C15 DPV MB . 13.40 -5.60 -28.38
C16 DPV MB . 13.77 -7.10 -28.32
C17 DPV MB . 12.55 -8.05 -28.56
C18 DPV MB . 12.93 -9.55 -28.41
C19 DPV MB . 12.94 -10.01 -26.92
O1P DPV MB . 9.11 -1.32 -25.83
C20 DPV MB . 13.40 -11.47 -26.76
C21 DPV MB . 13.37 -11.92 -25.27
C22 DPV MB . 13.79 -13.40 -25.12
C23 DPV MB . 13.56 -13.91 -23.69
O2P DPV MB . 9.21 -2.63 -23.75
O3P DPV MB . 10.35 -3.59 -25.85
O4P DPV MB . 8.13 -3.72 -25.83
H1 DPV MB . 12.24 -3.29 -25.05
H1A DPV MB . 11.61 -1.94 -26.03
H2 DPV MB . 11.74 -3.40 -28.07
H2A DPV MB . 13.31 -3.03 -27.34
H3 DPV MB . 11.78 -5.65 -26.92
H3A DPV MB . 13.35 -5.26 -26.23
H4 DPV MB . 8.32 -2.99 -27.77
H4A DPV MB . 6.73 -2.75 -27.02
H5 DPV MB . 6.36 -5.27 -27.12
H5A DPV MB . 6.47 -4.51 -28.70
H6 DPV MB . 6.61 -7.33 -28.53
H6A DPV MB . 8.13 -7.63 -29.42
H6B DPV MB . 6.98 -6.37 -29.99
H7 DPV MB . 9.26 -5.81 -26.42
H7A DPV MB . 9.39 -7.33 -27.36
H7B DPV MB . 7.90 -6.96 -26.42
H8 DPV MB . 9.92 -6.01 -29.43
H8A DPV MB . 9.81 -4.50 -28.47
H8B DPV MB . 8.81 -4.68 -29.93
H15 DPV MB . 14.31 -5.02 -28.54
H15A DPV MB . 12.75 -5.42 -29.25
H16 DPV MB . 14.53 -7.31 -29.09
H16A DPV MB . 14.23 -7.33 -27.37
H17 DPV MB . 11.74 -7.81 -27.88
H17A DPV MB . 12.18 -7.89 -29.57
H18 DPV MB . 12.22 -10.15 -28.96
H18A DPV MB . 13.91 -9.73 -28.85
H19 DPV MB . 13.60 -9.36 -26.34
H19A DPV MB . 11.93 -9.90 -26.51
H20 DPV MB . 12.76 -12.14 -27.36
H20A DPV MB . 14.42 -11.57 -27.15
H21 DPV MB . 14.04 -11.30 -24.68
H21A DPV MB . 12.36 -11.79 -24.87
H22 DPV MB . 13.21 -14.03 -25.80
H22A DPV MB . 14.85 -13.51 -25.38
H23 DPV MB . 13.83 -14.97 -23.60
H23A DPV MB . 12.51 -13.82 -23.40
H23B DPV MB . 14.17 -13.35 -22.97
N DPV NB . 15.98 -26.47 -20.45
P DPV NB . 20.11 -25.49 -20.74
C1 DPV NB . 22.09 -23.83 -21.00
C2 DPV NB . 22.37 -22.38 -21.45
C3 DPV NB . 23.89 -22.11 -21.43
C4 DPV NB . 18.19 -25.98 -19.03
C5 DPV NB . 16.62 -25.91 -19.13
C6 DPV NB . 16.53 -27.85 -20.87
C7 DPV NB . 16.17 -25.47 -21.61
C8 DPV NB . 14.48 -26.63 -20.22
C15 DPV NB . 24.24 -20.70 -21.96
C16 DPV NB . 25.71 -20.34 -21.66
C17 DPV NB . 26.16 -19.05 -22.40
C18 DPV NB . 27.50 -18.46 -21.82
C19 DPV NB . 27.30 -17.20 -20.91
O1P DPV NB . 20.97 -26.43 -20.00
C20 DPV NB . 26.57 -17.52 -19.56
C21 DPV NB . 26.52 -16.26 -18.64
C22 DPV NB . 25.60 -16.51 -17.42
C23 DPV NB . 25.60 -15.30 -16.47
O2P DPV NB . 19.78 -25.98 -22.10
O3P DPV NB . 20.67 -24.00 -20.74
O4P DPV NB . 18.83 -25.01 -19.92
H1 DPV NB . 22.40 -24.52 -21.79
H1A DPV NB . 22.65 -24.06 -20.09
H2 DPV NB . 21.98 -22.22 -22.44
H2A DPV NB . 21.86 -21.70 -20.77
H3 DPV NB . 24.40 -22.86 -22.05
H3A DPV NB . 24.26 -22.23 -20.40
H4 DPV NB . 18.51 -25.76 -18.01
H4A DPV NB . 18.54 -26.98 -19.27
H5 DPV NB . 16.21 -26.50 -18.30
H5A DPV NB . 16.29 -24.88 -19.00
H6 DPV NB . 17.60 -27.75 -21.11
H6A DPV NB . 15.98 -28.20 -21.74
H6B DPV NB . 16.40 -28.55 -20.03
H7 DPV NB . 15.72 -24.52 -21.33
H7A DPV NB . 15.69 -25.88 -22.50
H7B DPV NB . 17.24 -25.34 -21.79
H8 DPV NB . 14.00 -26.98 -21.15
H8A DPV NB . 14.06 -25.66 -19.93
H8B DPV NB . 14.31 -27.36 -19.41
H15 DPV NB . 23.59 -19.95 -21.49
H15A DPV NB . 24.07 -20.67 -23.03
H16 DPV NB . 25.83 -20.21 -20.57
H16A DPV NB . 26.36 -21.16 -21.96
H17 DPV NB . 26.30 -19.30 -23.45
H17A DPV NB . 25.37 -18.30 -22.35
H18 DPV NB . 28.05 -19.24 -21.28
H18A DPV NB . 28.13 -18.17 -22.67
H19 DPV NB . 28.28 -16.78 -20.70
H19A DPV NB . 26.73 -16.45 -21.46
H20 DPV NB . 25.55 -17.85 -19.78
H20A DPV NB . 27.10 -18.32 -19.05
H21 DPV NB . 27.54 -16.03 -18.31
H21A DPV NB . 26.15 -15.41 -19.21
H22 DPV NB . 24.57 -16.70 -17.75
H22A DPV NB . 25.94 -17.39 -16.86
H23 DPV NB . 24.90 -15.47 -15.65
H23A DPV NB . 25.31 -14.39 -16.99
H23B DPV NB . 26.60 -15.16 -16.03
N DPV OB . 26.76 -5.14 9.50
P DPV OB . 22.06 -5.07 11.81
C1 DPV OB . 19.62 -4.97 10.80
C2 DPV OB . 18.83 -5.14 12.13
C3 DPV OB . 18.72 -6.63 12.58
C4 DPV OB . 24.51 -5.22 10.92
C5 DPV OB . 25.21 -5.36 9.52
C6 DPV OB . 27.17 -3.79 10.14
C7 DPV OB . 27.49 -6.30 10.20
C8 DPV OB . 27.21 -5.12 8.02
C15 DPV OB . 18.12 -6.77 14.02
C16 DPV OB . 18.40 -8.17 14.65
C17 DPV OB . 17.51 -9.29 14.06
C18 DPV OB . 18.10 -10.71 14.27
C19 DPV OB . 17.26 -11.81 13.56
O1P DPV OB . 22.01 -3.59 11.98
C20 DPV OB . 17.42 -11.79 12.02
C21 DPV OB . 16.42 -12.74 11.31
C22 DPV OB . 16.48 -12.55 9.77
C23 DPV OB . 15.49 -13.48 9.05
O2P DPV OB . 22.16 -5.78 13.10
O3P DPV OB . 20.92 -5.65 10.85
O4P DPV OB . 23.12 -5.55 10.73
H1 DPV OB . 19.04 -5.41 9.99
H1A DPV OB . 19.77 -3.90 10.60
H2 DPV OB . 19.32 -4.56 12.92
H2A DPV OB . 17.83 -4.72 12.01
H3 DPV OB . 19.72 -7.08 12.56
H3A DPV OB . 18.10 -7.18 11.87
H4 DPV OB . 24.95 -5.90 11.65
H4A DPV OB . 24.59 -4.19 11.28
H5 DPV OB . 25.02 -6.36 9.13
H5A DPV OB . 24.77 -4.63 8.83
H6 DPV OB . 26.57 -3.00 9.69
H6A DPV OB . 28.22 -3.62 9.94
H6B DPV OB . 26.99 -3.84 11.22
H7 DPV OB . 27.22 -7.24 9.73
H7A DPV OB . 27.19 -6.32 11.26
H7B DPV OB . 28.57 -6.12 10.13
H8 DPV OB . 26.66 -4.33 7.51
H8A DPV OB . 27.01 -6.09 7.58
H8B DPV OB . 28.28 -4.91 8.00
H15 DPV OB . 17.04 -6.57 13.99
H15A DPV OB . 18.57 -6.02 14.66
H16 DPV OB . 19.46 -8.42 14.52
H16A DPV OB . 18.22 -8.11 15.72
H17 DPV OB . 16.52 -9.23 14.51
H17A DPV OB . 17.38 -9.12 12.99
H18 DPV OB . 19.13 -10.74 13.91
H18A DPV OB . 18.12 -10.93 15.35
H19 DPV OB . 17.58 -12.78 13.94
H19A DPV OB . 16.21 -11.70 13.83
H20 DPV OB . 17.25 -10.78 11.63
H20A DPV OB . 18.44 -12.08 11.74
H21 DPV OB . 16.65 -13.78 11.56
H21A DPV OB . 15.40 -12.53 11.67
H22 DPV OB . 16.24 -11.51 9.52
H22A DPV OB . 17.48 -12.75 9.42
H23 DPV OB . 14.46 -13.29 9.37
H23A DPV OB . 15.74 -14.52 9.25
H23B DPV OB . 15.54 -13.31 7.97
N GLY A 1 -4.01 2.96 -5.46
CA GLY A 1 -3.21 1.99 -6.30
C GLY A 1 -2.51 0.94 -5.48
N LEU A 2 -1.86 -0.05 -6.12
CA LEU A 2 -1.18 -1.11 -5.37
C LEU A 2 -0.01 -0.59 -4.49
N LEU A 3 0.70 0.45 -4.89
CA LEU A 3 1.78 0.99 -4.04
C LEU A 3 1.20 1.52 -2.74
N LYS A 4 0.09 2.24 -2.83
CA LYS A 4 -0.60 2.75 -1.63
C LYS A 4 -1.16 1.59 -0.80
N TRP A 5 -1.62 0.53 -1.47
CA TRP A 5 -2.16 -0.64 -0.77
C TRP A 5 -1.06 -1.27 0.10
N ILE A 6 0.14 -1.44 -0.46
CA ILE A 6 1.24 -1.98 0.36
C ILE A 6 1.66 -1.00 1.48
N LYS A 7 1.69 0.28 1.18
CA LYS A 7 2.02 1.29 2.23
C LYS A 7 1.07 1.26 3.42
N THR A 8 -0.21 0.97 3.16
CA THR A 8 -1.22 0.88 4.22
C THR A 8 -0.88 -0.28 5.15
N LEU A 9 -0.48 -1.41 4.54
CA LEU A 9 -0.07 -2.61 5.27
C LEU A 9 1.17 -2.30 6.09
N LEU A 10 2.18 -1.70 5.45
CA LEU A 10 3.43 -1.35 6.15
C LEU A 10 3.18 -0.35 7.28
N NH2 A 11 2.35 0.62 7.01
HN1 NH2 A 11 1.96 0.74 6.08
HN2 NH2 A 11 2.15 1.28 7.75
UNK UNX B . 12.74 -13.42 -3.49
N DPV C . 16.71 -14.28 -27.13
P DPV C . 17.10 -15.87 -22.20
C1 DPV C . 15.76 -15.49 -20.02
C2 DPV C . 14.34 -15.62 -19.43
C3 DPV C . 14.34 -16.10 -17.92
C4 DPV C . 17.13 -15.08 -24.69
C5 DPV C . 16.17 -15.09 -25.91
C6 DPV C . 15.72 -14.37 -28.25
C7 DPV C . 18.06 -14.89 -27.62
C8 DPV C . 16.88 -12.79 -26.77
C15 DPV C . 14.93 -15.04 -16.88
C16 DPV C . 13.97 -13.88 -16.57
C17 DPV C . 14.62 -12.78 -15.69
C18 DPV C . 15.47 -11.73 -16.51
C19 DPV C . 16.09 -10.63 -15.60
O1P DPV C . 17.50 -17.27 -22.08
C20 DPV C . 16.83 -9.58 -16.44
C21 DPV C . 17.68 -8.60 -15.58
C22 DPV C . 18.35 -7.52 -16.46
C23 DPV C . 19.17 -6.55 -15.59
O2P DPV C . 18.19 -14.92 -21.81
O3P DPV C . 15.73 -15.55 -21.46
O4P DPV C . 16.37 -15.53 -23.57
H1 DPV C . 16.23 -14.55 -19.74
H1A DPV C . 16.40 -16.34 -19.69
H2 DPV C . 13.84 -14.68 -19.55
H2A DPV C . 13.78 -16.32 -20.01
H3 DPV C . 14.93 -17.01 -17.85
H3A DPV C . 13.32 -16.34 -17.67
H4 DPV C . 18.00 -15.75 -24.88
H4A DPV C . 17.48 -14.05 -24.47
H5 DPV C . 15.99 -16.10 -26.22
H5A DPV C . 15.22 -14.65 -25.60
H6 DPV C . 14.79 -13.94 -27.89
H6A DPV C . 15.55 -15.40 -28.52
H6B DPV C . 16.09 -13.81 -29.08
H7 DPV C . 17.92 -15.91 -27.94
H7A DPV C . 18.76 -14.80 -26.79
H7B DPV C . 18.42 -14.33 -28.48
H8 DPV C . 15.90 -12.45 -26.41
H8A DPV C . 17.16 -12.23 -27.67
H8B DPV C . 17.64 -12.68 -25.99
H15 DPV C . 15.90 -14.67 -17.22
H15A DPV C . 15.16 -15.60 -15.96
H16 DPV C . 13.60 -13.40 -17.48
H16A DPV C . 13.12 -14.28 -16.01
H17 DPV C . 13.84 -12.26 -15.09
H17A DPV C . 15.24 -13.24 -14.90
H18 DPV C . 16.29 -12.22 -17.05
H18A DPV C . 14.85 -11.27 -17.25
H19 DPV C . 15.32 -10.15 -14.97
H19A DPV C . 16.82 -11.11 -14.91
H20 DPV C . 17.44 -10.10 -17.18
H20A DPV C . 16.05 -9.00 -16.96
H21 DPV C . 17.03 -8.10 -14.87
H21A DPV C . 18.45 -9.13 -15.03
H22 DPV C . 18.98 -8.01 -17.27
H22A DPV C . 17.56 -6.93 -16.99
H23 DPV C . 20.01 -7.09 -15.14
H23A DPV C . 18.55 -6.14 -14.77
H23B DPV C . 19.54 -5.70 -16.20
N DPV D . 12.25 -13.05 -23.48
P DPV D . 10.96 -9.07 -21.42
C1 DPV D . 9.32 -7.11 -20.74
C2 DPV D . 9.24 -5.54 -20.90
C3 DPV D . 8.41 -4.92 -19.73
C4 DPV D . 11.02 -10.67 -23.52
C5 DPV D . 12.37 -11.47 -23.26
C6 DPV D . 11.34 -13.70 -22.40
C7 DPV D . 13.66 -13.61 -23.33
C8 DPV D . 11.77 -13.37 -24.89
C15 DPV D . 8.67 -3.42 -19.63
C16 DPV D . 7.90 -2.77 -18.43
C17 DPV D . 8.51 -1.43 -17.95
C18 DPV D . 7.60 -0.59 -16.99
C19 DPV D . 7.22 -1.32 -15.63
O1P DPV D . 12.26 -8.86 -20.72
C20 DPV D . 5.74 -1.81 -15.68
C21 DPV D . 5.52 -3.14 -14.91
C22 DPV D . 6.08 -4.37 -15.66
C23 DPV D . 5.91 -5.64 -14.85
O2P DPV D . 10.12 -10.05 -20.71
O3P DPV D . 10.22 -7.68 -21.74
O4P DPV D . 11.09 -9.36 -22.98
H1 DPV D . 9.71 -7.37 -19.75
H1A DPV D . 8.32 -7.55 -20.84
H2 DPV D . 10.25 -5.14 -20.89
H2A DPV D . 8.79 -5.28 -21.86
H3 DPV D . 8.71 -5.41 -18.77
H3A DPV D . 7.31 -5.07 -19.93
H4 DPV D . 10.83 -10.65 -24.61
H4A DPV D . 10.15 -11.19 -23.06
H5 DPV D . 13.13 -11.08 -23.95
H5A DPV D . 12.68 -11.29 -22.24
H6 DPV D . 11.80 -13.53 -21.43
H6A DPV D . 11.25 -14.75 -22.60
H6B DPV D . 10.38 -13.20 -22.45
H7 DPV D . 14.05 -13.38 -22.32
H7A DPV D . 14.32 -13.09 -24.05
H7B DPV D . 13.70 -14.69 -23.48
H8 DPV D . 11.76 -14.45 -25.03
H8A DPV D . 12.43 -12.92 -25.60
H8B DPV D . 10.77 -13.03 -24.99
H15 DPV D . 8.41 -2.93 -20.59
H15A DPV D . 9.77 -3.29 -19.48
H16 DPV D . 6.90 -2.62 -18.74
H16A DPV D . 7.92 -3.45 -17.62
H17 DPV D . 9.47 -1.61 -17.42
H17A DPV D . 8.72 -0.81 -18.85
H18 DPV D . 8.11 0.35 -16.74
H18A DPV D . 6.71 -0.34 -17.56
H19 DPV D . 7.88 -2.15 -15.47
H19A DPV D . 7.31 -0.66 -14.79
H20 DPV D . 5.07 -1.11 -15.18
H20A DPV D . 5.41 -1.93 -16.71
H21 DPV D . 5.97 -3.03 -13.92
H21A DPV D . 4.46 -3.28 -14.77
H22 DPV D . 5.59 -4.52 -16.63
H22A DPV D . 7.17 -4.28 -15.83
H23 DPV D . 6.51 -5.60 -13.92
H23A DPV D . 6.27 -6.50 -15.42
H23B DPV D . 4.84 -5.82 -14.59
N DPV E . 13.65 5.07 -11.25
P DPV E . 9.68 6.11 -11.33
C1 DPV E . 8.59 7.57 -13.24
C2 DPV E . 8.21 7.51 -14.73
C3 DPV E . 6.71 7.06 -14.95
C4 DPV E . 11.23 4.10 -10.79
C5 DPV E . 12.71 3.83 -11.22
C6 DPV E . 13.31 5.99 -12.43
C7 DPV E . 13.66 5.84 -9.89
C8 DPV E . 15.04 4.51 -11.50
C15 DPV E . 6.42 5.56 -14.56
C16 DPV E . 7.08 4.54 -15.55
C17 DPV E . 6.69 3.08 -15.18
C18 DPV E . 7.35 2.49 -13.88
C19 DPV E . 8.84 2.06 -14.12
O1P DPV E . 10.52 7.24 -10.88
C20 DPV E . 9.37 1.28 -12.86
C21 DPV E . 10.84 0.82 -13.09
C22 DPV E . 11.43 0.02 -11.90
C23 DPV E . 12.88 -0.45 -12.19
O2P DPV E . 8.58 5.80 -10.39
O3P DPV E . 9.18 6.29 -12.84
O4P DPV E . 10.52 4.84 -11.80
H1 DPV E . 9.37 8.32 -13.10
H1A DPV E . 7.74 7.78 -12.57
H2 DPV E . 8.35 8.51 -15.17
H2A DPV E . 8.87 6.83 -15.28
H3 DPV E . 6.44 7.19 -16.00
H3A DPV E . 6.09 7.73 -14.33
H4 DPV E . 10.69 3.13 -10.69
H4A DPV E . 11.19 4.62 -9.83
H5 DPV E . 13.15 3.14 -10.52
H5A DPV E . 12.71 3.40 -12.19
H6 DPV E . 13.36 5.42 -13.34
H6A DPV E . 14.02 6.81 -12.47
H6B DPV E . 12.33 6.38 -12.27
H7 DPV E . 13.83 5.13 -9.10
H7A DPV E . 12.73 6.34 -9.71
H7B DPV E . 14.47 6.56 -9.88
H8 DPV E . 15.03 3.91 -12.41
H8A DPV E . 15.30 3.88 -10.64
H8B DPV E . 15.73 5.34 -11.58
H15 DPV E . 5.35 5.43 -14.59
H15A DPV E . 6.70 5.40 -13.54
H16 DPV E . 6.73 4.78 -16.52
H16A DPV E . 8.14 4.66 -15.58
H17 DPV E . 5.59 3.01 -15.08
H17A DPV E . 6.99 2.43 -16.02
H18 DPV E . 7.31 3.19 -13.01
H18A DPV E . 6.78 1.59 -13.61
H19 DPV E . 8.92 1.49 -15.05
H19A DPV E . 9.42 2.98 -14.25
H20 DPV E . 9.31 1.89 -11.97
H20A DPV E . 8.72 0.43 -12.65
H21 DPV E . 10.84 0.19 -13.98
H21A DPV E . 11.47 1.68 -13.29
H22 DPV E . 11.40 0.65 -11.00
H22A DPV E . 10.80 -0.85 -11.71
H23 DPV E . 13.28 -0.99 -11.32
H23A DPV E . 13.56 0.41 -12.38
H23B DPV E . 12.91 -1.07 -13.08
N DPV F . 11.21 6.38 7.71
P DPV F . 6.89 4.13 8.03
C1 DPV F . 5.82 2.90 6.00
C2 DPV F . 5.64 3.05 4.46
C3 DPV F . 6.99 2.97 3.72
C4 DPV F . 9.29 4.61 7.07
C5 DPV F . 10.20 5.26 8.19
C6 DPV F . 11.99 6.92 8.90
C7 DPV F . 12.20 5.82 6.66
C8 DPV F . 10.45 7.57 7.09
C15 DPV F . 6.83 3.19 2.16
C16 DPV F . 8.16 3.11 1.35
C17 DPV F . 8.76 1.65 1.27
C18 DPV F . 7.96 0.67 0.34
C19 DPV F . 8.53 -0.77 0.37
O1P DPV F . 6.16 3.13 8.85
C20 DPV F . 7.65 -1.74 -0.43
C21 DPV F . 8.10 -3.24 -0.27
C22 DPV F . 7.63 -3.83 1.09
C23 DPV F . 8.12 -5.33 1.25
O2P DPV F . 6.81 5.47 8.61
O3P DPV F . 6.49 4.08 6.48
O4P DPV F . 8.40 3.68 7.67
H1 DPV F . 4.86 2.82 6.49
H1A DPV F . 6.41 2.00 6.24
H2 DPV F . 4.97 2.24 4.11
H2A DPV F . 5.15 4.02 4.26
H3 DPV F . 7.47 2.01 3.93
H3A DPV F . 7.64 3.73 4.13
H4 DPV F . 8.73 5.38 6.57
H4A DPV F . 9.89 4.09 6.35
H5 DPV F . 9.55 5.76 8.95
H5A DPV F . 10.79 4.48 8.68
H6 DPV F . 11.31 7.34 9.60
H6A DPV F . 12.68 7.68 8.57
H6B DPV F . 12.54 6.10 9.34
H7 DPV F . 11.64 5.30 5.91
H7A DPV F . 12.86 5.11 7.15
H7B DPV F . 12.75 6.66 6.24
H8 DPV F . 9.99 7.22 6.16
H8A DPV F . 11.17 8.36 6.88
H8B DPV F . 9.71 7.94 7.79
H15 DPV F . 6.39 4.19 2.00
H15A DPV F . 6.10 2.46 1.75
H16 DPV F . 7.97 3.47 0.34
H16A DPV F . 8.87 3.75 1.82
H17 DPV F . 9.79 1.72 0.89
H17A DPV F . 8.81 1.25 2.27
H18 DPV F . 6.92 0.66 0.67
H18A DPV F . 8.00 1.07 -0.70
H19 DPV F . 9.55 -0.75 -0.02
H19A DPV F . 8.59 -1.11 1.42
H20 DPV F . 6.61 -1.65 -0.10
H20A DPV F . 7.67 -1.44 -1.50
H21 DPV F . 7.65 -3.83 -1.07
H21A DPV F . 9.18 -3.31 -0.38
H22 DPV F . 8.03 -3.25 1.91
H22A DPV F . 6.57 -3.80 1.18
H23 DPV F . 7.72 -5.75 2.16
H23A DPV F . 9.20 -5.38 1.30
H23B DPV F . 7.80 -5.92 0.37
N DPV G . 4.05 4.73 -10.50
P DPV G . 0.59 1.29 -8.67
C1 DPV G . 1.54 -1.05 -9.37
C2 DPV G . 2.16 -2.31 -8.78
C3 DPV G . 3.22 -2.10 -7.70
C4 DPV G . 2.15 3.06 -9.76
C5 DPV G . 3.60 3.24 -10.29
C6 DPV G . 4.08 5.55 -9.20
C7 DPV G . 3.23 5.41 -11.57
C8 DPV G . 5.53 4.69 -11.01
C15 DPV G . 3.62 -3.45 -7.03
C16 DPV G . 4.70 -3.22 -5.94
C17 DPV G . 5.03 -4.45 -5.09
C18 DPV G . 5.95 -5.50 -5.88
C19 DPV G . 6.11 -6.83 -5.15
O1P DPV G . 0.10 2.02 -7.48
C20 DPV G . 6.99 -6.78 -3.85
C21 DPV G . 7.19 -8.24 -3.26
C22 DPV G . 8.18 -8.29 -2.05
C23 DPV G . 8.54 -9.72 -1.68
O2P DPV G . -0.39 1.23 -9.76
O3P DPV G . 1.22 -0.15 -8.30
O4P DPV G . 2.02 1.77 -9.17
H1 DPV G . 2.24 -0.62 -10.06
H1A DPV G . 0.63 -1.30 -9.90
H2 DPV G . 1.39 -2.97 -8.40
H2A DPV G . 2.68 -2.81 -9.59
H3 DPV G . 2.82 -1.43 -6.91
H3A DPV G . 4.11 -1.63 -8.16
H4 DPV G . 1.92 3.80 -9.01
H4A DPV G . 1.43 3.16 -10.57
H5 DPV G . 4.31 2.81 -9.58
H5A DPV G . 3.71 2.71 -11.25
H6 DPV G . 4.86 5.13 -8.59
H6A DPV G . 3.15 5.46 -8.68
H6B DPV G . 4.34 6.61 -9.43
H7 DPV G . 3.26 4.86 -12.49
H7A DPV G . 3.64 6.39 -11.77
H7B DPV G . 2.22 5.48 -11.21
H8 DPV G . 5.90 5.69 -11.20
H8A DPV G . 5.57 4.16 -11.94
H8B DPV G . 6.13 4.19 -10.25
H15 DPV G . 3.98 -4.20 -7.78
H15A DPV G . 2.73 -3.90 -6.58
H16 DPV G . 5.64 -2.79 -6.41
H16A DPV G . 4.36 -2.45 -5.24
H17 DPV G . 5.58 -4.12 -4.20
H17A DPV G . 4.09 -4.90 -4.74
H18 DPV G . 5.54 -5.73 -6.85
H18A DPV G . 6.91 -5.04 -6.04
H19 DPV G . 5.11 -7.23 -4.91
H19A DPV G . 6.56 -7.54 -5.87
H20 DPV G . 7.97 -6.37 -4.13
H20A DPV G . 6.56 -6.12 -3.12
H21 DPV G . 6.22 -8.61 -2.90
H21A DPV G . 7.56 -8.90 -4.06
H22 DPV G . 9.10 -7.79 -2.36
H22A DPV G . 7.78 -7.76 -1.17
H23 DPV G . 9.17 -9.71 -0.78
H23A DPV G . 9.09 -10.25 -2.47
H23B DPV G . 7.62 -10.28 -1.47
N DPV H . -7.29 -8.98 8.56
P DPV H . -5.78 -6.91 4.74
C1 DPV H . -3.83 -8.12 3.42
C2 DPV H . -3.60 -9.45 2.68
C3 DPV H . -2.15 -9.68 2.22
C4 DPV H . -5.29 -8.36 6.94
C5 DPV H . -6.29 -7.86 8.03
C6 DPV H . -6.56 -10.19 9.14
C7 DPV H . -8.28 -9.42 7.43
C8 DPV H . -8.06 -8.35 9.67
C15 DPV H . -1.88 -11.22 1.99
C16 DPV H . -0.40 -11.52 1.58
C17 DPV H . -0.11 -13.04 1.55
C18 DPV H . 1.36 -13.33 1.21
C19 DPV H . 1.69 -14.85 1.24
O1P DPV H . -5.42 -5.63 4.13
C20 DPV H . 3.23 -15.10 1.06
C21 DPV H . 3.65 -16.56 1.36
C22 DPV H . 3.80 -16.81 2.87
C23 DPV H . 4.24 -18.28 3.14
O2P DPV H . -7.23 -7.00 4.98
O3P DPV H . -5.19 -8.20 3.96
O4P DPV H . -4.91 -7.27 6.04
H1 DPV H . -3.15 -8.03 4.24
H1A DPV H . -3.70 -7.27 2.72
H2 DPV H . -3.91 -10.29 3.30
H2A DPV H . -4.23 -9.45 1.79
H3 DPV H . -1.52 -9.29 3.04
H3A DPV H . -1.91 -9.10 1.33
H4 DPV H . -4.40 -8.73 7.44
H4A DPV H . -5.75 -9.12 6.35
H5 DPV H . -5.71 -7.46 8.91
H5A DPV H . -6.91 -7.03 7.59
H6 DPV H . -6.03 -10.71 8.33
H6A DPV H . -7.31 -10.85 9.58
H6B DPV H . -5.88 -9.87 9.92
H7 DPV H . -8.76 -8.54 7.01
H7A DPV H . -9.03 -10.08 7.86
H7B DPV H . -7.70 -9.91 6.64
H8 DPV H . -8.57 -7.47 9.27
H8A DPV H . -7.40 -8.07 10.48
H8B DPV H . -8.77 -9.07 10.06
H15 DPV H . -2.52 -11.60 1.20
H15A DPV H . -2.13 -11.80 2.87
H16 DPV H . -0.15 -11.11 0.63
H16A DPV H . 0.24 -11.04 2.30
H17 DPV H . -0.36 -13.48 2.48
H17A DPV H . -0.75 -13.44 0.80
H18 DPV H . 1.64 -12.91 0.19
H18A DPV H . 2.05 -12.80 1.92
H19 DPV H . 1.39 -15.19 2.21
H19A DPV H . 1.11 -15.34 0.49
H20 DPV H . 3.48 -14.81 0.05
H20A DPV H . 3.79 -14.43 1.73
H21 DPV H . 2.94 -17.29 0.94
H21A DPV H . 4.65 -16.75 0.90
H22 DPV H . 4.56 -16.10 3.21
H22A DPV H . 2.88 -16.62 3.41
H23 DPV H . 4.47 -18.43 4.22
H23A DPV H . 5.15 -18.55 2.60
H23B DPV H . 3.46 -18.98 2.84
N DPV I . 5.72 -4.22 15.73
P DPV I . 2.60 -2.97 12.55
C1 DPV I . 2.95 -3.55 10.00
C2 DPV I . 3.32 -4.72 9.07
C3 DPV I . 2.34 -5.93 9.12
C4 DPV I . 3.26 -3.57 14.98
C5 DPV I . 4.20 -4.54 15.79
C6 DPV I . 6.24 -4.33 14.30
C7 DPV I . 6.45 -5.29 16.53
C8 DPV I . 6.03 -2.82 16.30
C15 DPV I . 1.28 -5.92 7.94
C16 DPV I . 0.57 -7.30 7.86
C17 DPV I . -0.46 -7.39 6.71
C18 DPV I . -1.04 -8.87 6.56
C19 DPV I . -0.04 -9.82 5.80
O1P DPV I . 1.11 -2.87 12.70
C20 DPV I . -0.67 -11.20 5.44
C21 DPV I . -0.61 -12.22 6.61
C22 DPV I . -1.39 -13.51 6.25
C23 DPV I . -1.47 -14.47 7.44
O2P DPV I . 3.26 -1.64 12.47
O3P DPV I . 3.08 -3.99 11.38
O4P DPV I . 3.29 -3.95 13.59
H1 DPV I . 3.63 -2.74 9.88
H1A DPV I . 1.95 -3.20 9.80
H2 DPV I . 3.43 -4.37 8.06
H2A DPV I . 4.30 -5.05 9.38
H3 DPV I . 1.84 -5.98 10.07
H3A DPV I . 2.91 -6.83 9.07
H4 DPV I . 2.20 -3.66 15.34
H4A DPV I . 3.56 -2.49 15.06
H5 DPV I . 3.95 -4.53 16.84
H5A DPV I . 4.08 -5.56 15.41
H6 DPV I . 7.34 -4.23 14.34
H6A DPV I . 5.81 -3.50 13.71
H6B DPV I . 5.99 -5.32 13.88
H7 DPV I . 6.09 -5.26 17.57
H7A DPV I . 7.52 -5.09 16.50
H7B DPV I . 6.20 -6.29 16.14
H8 DPV I . 7.13 -2.69 16.34
H8A DPV I . 5.59 -2.77 17.29
H8B DPV I . 5.63 -2.04 15.60
H15 DPV I . 1.81 -5.73 7.01
H15A DPV I . 0.54 -5.13 8.12
H16 DPV I . 1.34 -8.07 7.76
H16A DPV I . 0.06 -7.46 8.82
H17 DPV I . -1.30 -6.71 6.90
H17A DPV I . 0.01 -7.04 5.80
H18 DPV I . -1.29 -9.27 7.57
H18A DPV I . -1.98 -8.84 6.02
H19 DPV I . 0.22 -9.32 4.87
H19A DPV I . 0.90 -9.96 6.40
H20 DPV I . -1.72 -11.08 5.11
H20A DPV I . -0.13 -11.62 4.58
H21 DPV I . 0.42 -12.51 6.84
H21A DPV I . -1.06 -11.79 7.51
H22 DPV I . -2.41 -13.28 5.97
H22A DPV I . -0.90 -14.01 5.42
H23 DPV I . -2.11 -15.33 7.16
H23A DPV I . -1.86 -13.98 8.35
H23B DPV I . -0.45 -14.85 7.67
N DPV J . 10.45 -25.02 14.37
P DPV J . 5.43 -24.56 13.99
C1 DPV J . 3.61 -22.78 13.72
C2 DPV J . 3.51 -21.26 13.39
C3 DPV J . 3.75 -20.99 11.85
C4 DPV J . 7.94 -25.10 13.55
C5 DPV J . 9.21 -24.22 13.77
C6 DPV J . 10.11 -25.58 15.78
C7 DPV J . 11.63 -24.04 14.47
C8 DPV J . 10.85 -26.17 13.44
C15 DPV J . 4.19 -19.50 11.58
C16 DPV J . 5.64 -19.19 12.07
C17 DPV J . 6.15 -17.84 11.52
C18 DPV J . 7.56 -17.52 12.09
C19 DPV J . 8.14 -16.22 11.49
O1P DPV J . 4.74 -25.63 13.30
C20 DPV J . 8.93 -15.39 12.51
C21 DPV J . 10.25 -16.09 12.97
C22 DPV J . 10.98 -15.31 14.11
C23 DPV J . 11.71 -14.03 13.62
O2P DPV J . 5.46 -24.76 15.44
O3P DPV J . 4.98 -23.12 13.58
O4P DPV J . 6.85 -24.19 13.36
H1 DPV J . 3.31 -22.96 14.72
H1A DPV J . 3.01 -23.33 13.05
H2 DPV J . 2.51 -20.87 13.68
H2A DPV J . 4.32 -20.78 13.98
H3 DPV J . 2.82 -21.17 11.34
H3A DPV J . 4.50 -21.65 11.42
H4 DPV J . 8.05 -25.76 12.68
H4A DPV J . 7.73 -25.72 14.45
H5 DPV J . 9.50 -23.83 12.82
H5A DPV J . 8.99 -23.43 14.49
H6 DPV J . 11.04 -25.77 16.32
H6A DPV J . 9.54 -26.50 15.66
H6B DPV J . 9.52 -24.83 16.32
H7 DPV J . 11.87 -23.64 13.49
H7A DPV J . 12.50 -24.58 14.85
H7B DPV J . 11.35 -23.23 15.16
H8 DPV J . 10.99 -25.78 12.42
H8A DPV J . 10.05 -26.93 13.47
H8B DPV J . 11.81 -26.61 13.80
H15 DPV J . 3.50 -18.83 12.09
H15A DPV J . 4.10 -19.32 10.52
H16 DPV J . 5.71 -19.23 13.14
H16A DPV J . 6.29 -19.94 11.65
H17 DPV J . 6.22 -17.91 10.44
H17A DPV J . 5.47 -17.04 11.83
H18 DPV J . 7.46 -17.41 13.20
H18A DPV J . 8.25 -18.38 11.90
H19 DPV J . 8.79 -16.44 10.64
H19A DPV J . 7.33 -15.62 11.10
H20 DPV J . 9.18 -14.43 12.03
H20A DPV J . 8.28 -15.15 13.35
H21 DPV J . 10.02 -17.10 13.32
H21A DPV J . 10.94 -16.25 12.13
H22 DPV J . 10.23 -15.02 14.88
H22A DPV J . 11.70 -15.98 14.61
H23 DPV J . 12.46 -14.26 12.83
H23A DPV J . 12.30 -13.60 14.44
H23B DPV J . 11.00 -13.28 13.25
N DPV K . 13.48 -29.13 10.41
P DPV K . 8.31 -28.48 11.18
C1 DPV K . 6.36 -27.00 10.38
C2 DPV K . 6.03 -25.89 9.37
C3 DPV K . 6.01 -24.43 9.95
C4 DPV K . 10.89 -28.98 10.89
C5 DPV K . 12.10 -28.49 10.04
C6 DPV K . 14.55 -28.61 9.46
C7 DPV K . 13.92 -28.73 11.84
C8 DPV K . 13.44 -30.69 10.29
C15 DPV K . 7.40 -23.75 10.07
C16 DPV K . 7.34 -22.29 10.65
C17 DPV K . 8.72 -21.59 10.68
C18 DPV K . 9.12 -21.02 9.29
C19 DPV K . 10.57 -20.53 9.22
O1P DPV K . 7.85 -29.85 10.83
C20 DPV K . 11.58 -21.65 8.76
C21 DPV K . 11.93 -22.67 9.87
C22 DPV K . 13.22 -23.44 9.57
C23 DPV K . 13.46 -24.58 10.56
O2P DPV K . 8.16 -28.22 12.61
O3P DPV K . 7.74 -27.33 10.24
O4P DPV K . 9.78 -28.10 10.63
H1 DPV K . 6.16 -26.68 11.42
H1A DPV K . 5.73 -27.88 10.14
H2 DPV K . 6.77 -25.95 8.53
H2A DPV K . 5.02 -26.12 8.96
H3 DPV K . 5.48 -24.41 10.89
H3A DPV K . 5.42 -23.83 9.30
H4 DPV K . 10.62 -30.01 10.63
H4A DPV K . 11.08 -28.94 11.97
H5 DPV K . 11.93 -28.77 9.00
H5A DPV K . 12.18 -27.42 10.15
H6 DPV K . 14.34 -29.03 8.47
H6A DPV K . 15.55 -28.94 9.79
H6B DPV K . 14.51 -27.51 9.44
H7 DPV K . 13.98 -27.65 11.89
H7A DPV K . 14.87 -29.19 12.05
H7B DPV K . 13.16 -29.08 12.54
H8 DPV K . 13.11 -30.99 9.28
H8A DPV K . 12.72 -31.07 11.05
H8B DPV K . 14.47 -31.06 10.48
H15 DPV K . 7.84 -23.68 9.04
H15A DPV K . 8.11 -24.38 10.68
H16 DPV K . 6.66 -21.71 10.03
H16A DPV K . 6.93 -22.32 11.66
H17 DPV K . 8.69 -20.78 11.37
H17A DPV K . 9.47 -22.28 11.02
H18 DPV K . 8.92 -21.77 8.51
H18A DPV K . 8.48 -20.17 9.03
H19 DPV K . 10.62 -19.73 8.50
H19A DPV K . 10.87 -20.08 10.18
H20 DPV K . 11.17 -22.22 7.90
H20A DPV K . 12.49 -21.16 8.40
H21 DPV K . 12.03 -22.17 10.82
H21A DPV K . 11.12 -23.39 9.99
H22 DPV K . 13.21 -23.83 8.54
H22A DPV K . 14.06 -22.73 9.65
H23 DPV K . 12.62 -25.27 10.59
H23A DPV K . 13.62 -24.21 11.54
H23B DPV K . 14.36 -25.09 10.27
N DPV L . 23.69 -27.49 11.91
P DPV L . 18.73 -28.54 10.71
C1 DPV L . 18.35 -30.69 9.26
C2 DPV L . 17.52 -32.00 9.29
C3 DPV L . 17.08 -32.46 7.87
C4 DPV L . 21.15 -27.94 11.41
C5 DPV L . 22.57 -28.53 11.52
C6 DPV L . 23.88 -26.42 10.79
C7 DPV L . 23.39 -26.77 13.26
C8 DPV L . 24.99 -28.23 12.05
C15 DPV L . 15.77 -31.78 7.40
C16 DPV L . 15.15 -32.46 6.13
C17 DPV L . 13.75 -31.89 5.79
C18 DPV L . 12.57 -32.57 6.59
C19 DPV L . 11.16 -31.95 6.17
O1P DPV L . 18.49 -27.74 9.49
C20 DPV L . 10.77 -30.73 7.04
C21 DPV L . 9.51 -30.03 6.44
C22 DPV L . 9.24 -28.61 7.06
C23 DPV L . 8.14 -27.84 6.31
O2P DPV L . 18.12 -27.89 11.93
O3P DPV L . 18.32 -30.09 10.57
O4P DPV L . 20.24 -28.95 10.92
H1 DPV L . 19.38 -30.89 8.97
H1A DPV L . 17.89 -29.98 8.57
H2 DPV L . 18.10 -32.79 9.77
H2A DPV L . 16.63 -31.87 9.90
H3 DPV L . 16.92 -33.55 7.90
H3A DPV L . 17.90 -32.24 7.14
H4 DPV L . 20.80 -27.59 12.39
H4A DPV L . 21.13 -27.12 10.71
H5 DPV L . 22.60 -29.32 12.30
H5A DPV L . 22.86 -28.95 10.55
H6 DPV L . 24.32 -26.90 9.90
H6A DPV L . 24.57 -25.64 11.15
H6B DPV L . 22.89 -25.98 10.54
H7 DPV L . 23.21 -27.52 14.03
H7A DPV L . 22.49 -26.17 13.10
H7B DPV L . 24.24 -26.12 13.48
H8 DPV L . 25.19 -28.75 11.11
H8A DPV L . 24.87 -28.94 12.86
H8B DPV L . 25.79 -27.53 12.28
H15 DPV L . 15.92 -30.73 7.21
H15A DPV L . 15.04 -31.89 8.20
H16 DPV L . 15.80 -32.27 5.28
H16A DPV L . 15.08 -33.55 6.26
H17 DPV L . 13.73 -30.81 5.98
H17A DPV L . 13.60 -32.01 4.67
H18 DPV L . 12.58 -33.68 6.36
H18A DPV L . 12.73 -32.49 7.68
H19 DPV L . 11.16 -31.73 5.08
H19A DPV L . 10.38 -32.74 6.36
H20 DPV L . 10.54 -31.09 8.05
H20A DPV L . 11.62 -30.03 7.10
H21 DPV L . 9.68 -29.91 5.33
H21A DPV L . 8.64 -30.69 6.58
H22 DPV L . 8.95 -28.74 8.10
H22A DPV L . 10.14 -28.00 7.06
H23 DPV L . 8.04 -26.83 6.70
H23A DPV L . 7.14 -28.31 6.44
H23B DPV L . 8.32 -27.78 5.25
N DPV M . 18.95 -32.19 -9.84
P DPV M . 19.05 -33.36 -5.59
C1 DPV M . 16.41 -33.55 -5.59
C2 DPV M . 16.08 -34.77 -4.67
C3 DPV M . 15.08 -34.47 -3.51
C4 DPV M . 20.32 -32.20 -7.55
C5 DPV M . 19.98 -31.45 -8.87
C6 DPV M . 17.53 -32.20 -9.30
C7 DPV M . 19.39 -33.62 -10.20
C8 DPV M . 18.93 -31.40 -11.15
C15 DPV M . 13.65 -34.22 -4.01
C16 DPV M . 12.60 -34.00 -2.85
C17 DPV M . 11.29 -33.33 -3.37
C18 DPV M . 10.28 -33.03 -2.26
C19 DPV M . 9.09 -32.12 -2.74
O1P DPV M . 19.07 -34.72 -6.17
C20 DPV M . 8.05 -31.82 -1.58
C21 DPV M . 7.22 -30.56 -1.89
C22 DPV M . 6.09 -30.33 -0.84
C23 DPV M . 5.42 -28.95 -1.06
O2P DPV M . 20.08 -33.19 -4.54
O3P DPV M . 17.59 -32.86 -5.11
O4P DPV M . 19.12 -32.21 -6.72
H1 DPV M . 16.62 -33.89 -6.60
H1A DPV M . 15.56 -32.84 -5.63
H2 DPV M . 15.69 -35.57 -5.29
H2A DPV M . 17.00 -35.16 -4.22
H3 DPV M . 15.41 -33.59 -2.92
H3A DPV M . 15.08 -35.34 -2.83
H4 DPV M . 20.65 -33.18 -7.78
H4A DPV M . 21.09 -31.70 -7.02
H5 DPV M . 19.58 -30.45 -8.65
H5A DPV M . 20.93 -31.31 -9.39
H6 DPV M . 17.49 -32.89 -8.44
H6A DPV M . 16.80 -32.48 -10.06
H6B DPV M . 17.28 -31.20 -8.95
H7 DPV M . 20.44 -33.58 -10.56
H7A DPV M . 18.72 -34.01 -11.00
H7B DPV M . 19.36 -34.23 -9.28
H8 DPV M . 19.96 -31.44 -11.57
H8A DPV M . 18.64 -30.34 -10.96
H8B DPV M . 18.24 -31.85 -11.89
H15 DPV M . 13.35 -35.08 -4.63
H15A DPV M . 13.64 -33.31 -4.64
H16 DPV M . 12.36 -34.98 -2.40
H16A DPV M . 13.01 -33.39 -2.04
H17 DPV M . 11.53 -32.40 -3.86
H17A DPV M . 10.84 -33.98 -4.11
H18 DPV M . 9.90 -33.96 -1.86
H18A DPV M . 10.76 -32.53 -1.44
H19 DPV M . 9.49 -31.17 -3.09
H19A DPV M . 8.60 -32.56 -3.57
H20 DPV M . 7.40 -32.68 -1.42
H20A DPV M . 8.58 -31.63 -0.63
H21 DPV M . 7.90 -29.67 -1.94
H21A DPV M . 6.76 -30.64 -2.91
H22 DPV M . 5.33 -31.12 -0.90
H22A DPV M . 6.53 -30.38 0.16
H23 DPV M . 5.12 -28.85 -2.11
H23A DPV M . 6.11 -28.15 -0.83
H23B DPV M . 4.52 -28.87 -0.43
N DPV N . 15.50 -32.10 -17.11
P DPV N . 19.17 -30.03 -15.26
C1 DPV N . 17.62 -28.58 -13.77
C2 DPV N . 16.12 -28.25 -13.57
C3 DPV N . 15.27 -29.51 -13.22
C4 DPV N . 17.99 -32.19 -16.05
C5 DPV N . 17.00 -32.65 -17.20
C6 DPV N . 14.83 -32.49 -15.80
C7 DPV N . 14.69 -32.71 -18.25
C8 DPV N . 15.47 -30.57 -17.27
C15 DPV N . 13.71 -29.38 -13.35
C16 DPV N . 13.02 -28.68 -12.10
C17 DPV N . 12.94 -27.15 -12.24
C18 DPV N . 12.05 -26.54 -11.13
C19 DPV N . 11.89 -24.99 -11.37
O1P DPV N . 19.87 -30.82 -14.22
C20 DPV N . 10.92 -24.32 -10.40
C21 DPV N . 10.69 -22.84 -10.81
C22 DPV N . 11.69 -21.83 -10.17
C23 DPV N . 11.39 -20.39 -10.58
O2P DPV N . 20.00 -28.94 -15.79
O3P DPV N . 17.71 -29.55 -14.80
O4P DPV N . 18.53 -30.95 -16.40
H1 DPV N . 18.17 -27.69 -14.03
H1A DPV N . 18.08 -29.01 -12.88
H2 DPV N . 15.99 -27.47 -12.83
H2A DPV N . 15.75 -27.86 -14.51
H3 DPV N . 15.52 -29.82 -12.21
H3A DPV N . 15.57 -30.31 -13.88
H4 DPV N . 17.48 -32.07 -15.10
H4A DPV N . 18.80 -32.92 -15.98
H5 DPV N . 17.39 -32.37 -18.18
H5A DPV N . 16.95 -33.75 -17.20
H6 DPV N . 15.33 -31.99 -14.96
H6A DPV N . 14.94 -33.56 -15.64
H6B DPV N . 13.78 -32.26 -15.85
H7 DPV N . 14.69 -33.79 -18.17
H7A DPV N . 15.13 -32.42 -19.19
H7B DPV N . 13.65 -32.36 -18.22
H8 DPV N . 14.46 -30.24 -17.12
H8A DPV N . 15.78 -30.27 -18.26
H8B DPV N . 16.12 -30.11 -16.54
H15 DPV N . 13.29 -30.39 -13.44
H15A DPV N . 13.47 -28.86 -14.25
H16 DPV N . 12.02 -29.13 -11.97
H16A DPV N . 13.60 -28.91 -11.18
H17 DPV N . 13.95 -26.73 -12.18
H17A DPV N . 12.50 -26.88 -13.18
H18 DPV N . 11.06 -27.01 -11.08
H18A DPV N . 12.59 -26.71 -10.18
H19 DPV N . 12.90 -24.52 -11.35
H19A DPV N . 11.49 -24.86 -12.39
H20 DPV N . 9.96 -24.83 -10.41
H20A DPV N . 11.36 -24.41 -9.42
H21 DPV N . 10.73 -22.74 -11.90
H21A DPV N . 9.65 -22.54 -10.49
H22 DPV N . 11.59 -21.91 -9.09
H22A DPV N . 12.74 -22.11 -10.38
H23 DPV N . 11.71 -20.18 -11.59
H23A DPV N . 11.92 -19.72 -9.90
H23B DPV N . 10.36 -20.13 -10.41
N DPV O . 23.00 -26.24 -15.13
P DPV O . 27.03 -24.84 -15.82
C1 DPV O . 28.96 -24.46 -14.16
C2 DPV O . 29.27 -23.96 -12.70
C3 DPV O . 29.67 -25.10 -11.73
C4 DPV O . 24.54 -24.47 -16.38
C5 DPV O . 23.14 -24.81 -15.71
C6 DPV O . 21.62 -26.35 -14.49
C7 DPV O . 24.07 -26.62 -14.10
C8 DPV O . 23.03 -27.33 -16.25
C15 DPV O . 28.47 -25.97 -11.21
C16 DPV O . 27.48 -25.19 -10.30
C17 DPV O . 26.50 -26.09 -9.61
C18 DPV O . 25.56 -25.27 -8.68
C19 DPV O . 24.49 -26.22 -7.98
O1P DPV O . 27.16 -26.31 -16.01
C20 DPV O . 23.57 -25.43 -7.02
C21 DPV O . 24.23 -25.07 -5.65
C22 DPV O . 23.27 -24.35 -4.72
C23 DPV O . 24.02 -23.80 -3.44
O2P DPV O . 27.55 -24.08 -16.95
O3P DPV O . 27.57 -24.35 -14.41
O4P DPV O . 25.58 -24.38 -15.39
H1 DPV O . 29.46 -23.84 -14.86
H1A DPV O . 29.27 -25.47 -14.29
H2 DPV O . 30.15 -23.31 -12.77
H2A DPV O . 28.41 -23.39 -12.35
H3 DPV O . 30.15 -24.69 -10.86
H3A DPV O . 30.42 -25.69 -12.22
H4 DPV O . 24.80 -25.19 -17.13
H4A DPV O . 24.46 -23.51 -16.86
H5 DPV O . 23.00 -24.12 -14.85
H5A DPV O . 22.33 -24.63 -16.41
H6 DPV O . 21.57 -25.60 -13.69
H6A DPV O . 21.49 -27.35 -14.08
H6B DPV O . 20.83 -26.14 -15.22
H7 DPV O . 25.04 -26.56 -14.58
H7A DPV O . 23.86 -27.62 -13.74
H7B DPV O . 24.05 -25.92 -13.27
H8 DPV O . 22.80 -28.30 -15.80
H8A DPV O . 24.03 -27.35 -16.67
H8B DPV O . 22.29 -27.09 -17.00
H15 DPV O . 28.87 -26.82 -10.66
H15A DPV O . 27.97 -26.44 -12.06
H16 DPV O . 28.02 -24.60 -9.56
H16A DPV O . 26.95 -24.48 -10.90
H17 DPV O . 25.88 -26.60 -10.37
H17A DPV O . 27.05 -26.84 -9.05
H18 DPV O . 26.15 -24.77 -7.91
H18A DPV O . 25.05 -24.47 -9.27
H19 DPV O . 23.87 -26.70 -8.76
H19A DPV O . 24.97 -27.02 -7.40
H20 DPV O . 23.23 -24.52 -7.52
H20A DPV O . 22.69 -26.05 -6.84
H21 DPV O . 24.50 -26.01 -5.17
H21A DPV O . 25.13 -24.49 -5.76
H22 DPV O . 22.80 -23.50 -5.26
H22A DPV O . 22.49 -25.06 -4.42
H23 DPV O . 24.83 -23.18 -3.74
H23A DPV O . 24.43 -24.62 -2.90
H23B DPV O . 23.36 -23.27 -2.81
N DPV P . 31.94 -12.92 -17.65
P DPV P . 29.49 -14.99 -14.07
C1 DPV P . 28.87 -16.62 -12.11
C2 DPV P . 27.33 -16.72 -12.27
C3 DPV P . 26.68 -17.48 -11.07
C4 DPV P . 31.05 -14.95 -16.23
C5 DPV P . 31.55 -13.49 -16.25
C6 DPV P . 30.75 -12.83 -18.61
C7 DPV P . 33.11 -13.73 -18.28
C8 DPV P . 32.42 -11.49 -17.44
C15 DPV P . 25.10 -17.49 -11.13
C16 DPV P . 24.41 -16.17 -10.69
C17 DPV P . 24.44 -15.96 -9.14
C18 DPV P . 23.49 -14.77 -8.71
C19 DPV P . 24.20 -13.41 -8.78
O1P DPV P . 29.73 -13.89 -13.12
C20 DPV P . 23.41 -12.26 -8.11
C21 DPV P . 24.19 -10.93 -8.02
C22 DPV P . 23.38 -9.84 -7.22
C23 DPV P . 24.09 -8.49 -7.21
O2P DPV P . 28.32 -14.73 -14.93
O3P DPV P . 29.51 -16.45 -13.40
O4P DPV P . 30.80 -15.43 -14.86
H1 DPV P . 29.15 -15.81 -11.44
H1A DPV P . 29.27 -17.54 -11.69
H2 DPV P . 26.92 -15.74 -12.34
H2A DPV P . 27.11 -17.23 -13.19
H3 DPV P . 27.03 -17.09 -10.13
H3A DPV P . 27.03 -18.50 -11.13
H4 DPV P . 30.15 -15.02 -16.81
H4A DPV P . 31.80 -15.60 -16.70
H5 DPV P . 30.76 -12.87 -15.88
H5A DPV P . 32.43 -13.45 -15.64
H6 DPV P . 29.94 -12.30 -18.09
H6A DPV P . 30.43 -13.86 -18.88
H6B DPV P . 31.05 -12.30 -19.53
H7 DPV P . 33.95 -13.76 -17.54
H7A DPV P . 33.43 -13.22 -19.23
H7B DPV P . 32.75 -14.76 -18.50
H8 DPV P . 32.71 -11.08 -18.41
H8A DPV P . 33.26 -11.49 -16.74
H8B DPV P . 31.61 -10.88 -17.03
H15 DPV P . 24.77 -18.34 -10.47
H15A DPV P . 24.79 -17.74 -12.15
H16 DPV P . 24.92 -15.34 -11.17
H16A DPV P . 23.37 -16.17 -11.02
H17 DPV P . 24.10 -16.91 -8.67
H17A DPV P . 25.48 -15.79 -8.76
H18 DPV P . 22.57 -14.76 -9.34
H18A DPV P . 23.23 -14.94 -7.67
H19 DPV P . 25.18 -13.45 -8.34
H19A DPV P . 24.33 -13.18 -9.83
H20 DPV P . 22.45 -12.13 -8.67
H20A DPV P . 23.16 -12.55 -7.08
H21 DPV P . 25.16 -11.11 -7.55
H21A DPV P . 24.38 -10.63 -9.07
H22 DPV P . 22.41 -9.72 -7.70
H22A DPV P . 23.21 -10.17 -6.19
H23 DPV P . 23.45 -7.73 -6.77
H23A DPV P . 24.30 -8.17 -8.26
H23B DPV P . 25.03 -8.56 -6.68
N DPV Q . 24.49 -16.21 -20.32
P DPV Q . 21.76 -12.40 -19.27
C1 DPV Q . 19.84 -14.08 -18.70
C2 DPV Q . 18.85 -14.45 -17.57
C3 DPV Q . 19.54 -15.22 -16.42
C4 DPV Q . 23.96 -13.66 -19.94
C5 DPV Q . 24.77 -14.90 -19.50
C6 DPV Q . 22.99 -16.57 -20.37
C7 DPV Q . 25.23 -17.35 -19.65
C8 DPV Q . 25.05 -16.08 -21.76
C15 DPV Q . 18.53 -15.61 -15.30
C16 DPV Q . 19.23 -16.22 -14.06
C17 DPV Q . 19.71 -17.69 -14.27
C18 DPV Q . 20.65 -18.16 -13.11
C19 DPV Q . 20.89 -19.68 -13.16
O1P DPV Q . 22.41 -11.15 -18.74
C20 DPV Q . 22.15 -20.05 -12.33
C21 DPV Q . 22.62 -21.52 -12.61
C22 DPV Q . 23.92 -21.81 -11.83
C23 DPV Q . 24.41 -23.26 -12.04
O2P DPV Q . 21.17 -12.18 -20.62
O3P DPV Q . 20.77 -13.05 -18.22
O4P DPV Q . 22.72 -13.67 -19.19
H1 DPV Q . 20.41 -14.96 -19.03
H1A DPV Q . 19.27 -13.69 -19.55
H2 DPV Q . 18.32 -13.54 -17.19
H2A DPV Q . 18.06 -15.08 -18.03
H3 DPV Q . 20.30 -14.56 -15.97
H3A DPV Q . 20.09 -16.10 -16.81
H4 DPV Q . 24.51 -12.76 -19.70
H4A DPV Q . 23.75 -13.66 -20.98
H5 DPV Q . 25.83 -14.70 -19.59
H5A DPV Q . 24.56 -15.09 -18.45
H6 DPV Q . 22.46 -15.78 -20.86
H6A DPV Q . 22.59 -16.64 -19.37
H6B DPV Q . 22.88 -17.48 -20.94
H7 DPV Q . 26.30 -17.12 -19.63
H7A DPV Q . 25.03 -18.28 -20.18
H7B DPV Q . 24.89 -17.44 -18.62
H8 DPV Q . 26.12 -15.82 -21.70
H8A DPV Q . 24.49 -15.31 -22.29
H8B DPV Q . 24.97 -17.05 -22.24
H15 DPV Q . 17.85 -16.33 -15.72
H15A DPV Q . 17.97 -14.75 -15.01
H16 DPV Q . 20.11 -15.62 -13.78
H16A DPV Q . 18.55 -16.19 -13.22
H17 DPV Q . 18.81 -18.33 -14.27
H17A DPV Q . 20.25 -17.78 -15.22
H18 DPV Q . 21.58 -17.64 -13.16
H18A DPV Q . 20.20 -17.93 -12.17
H19 DPV Q . 20.01 -20.16 -12.74
H19A DPV Q . 21.04 -19.97 -14.16
H20 DPV Q . 22.97 -19.36 -12.58
H20A DPV Q . 21.90 -19.92 -11.27
H21 DPV Q . 21.83 -22.19 -12.29
H21A DPV Q . 22.76 -21.69 -13.67
H22 DPV Q . 24.75 -21.09 -12.14
H22A DPV Q . 23.74 -21.63 -10.76
H23 DPV Q . 25.26 -23.43 -11.39
H23A DPV Q . 24.67 -23.44 -13.08
H23B DPV Q . 23.65 -23.98 -11.78
N DPV R . 25.29 0.30 -14.05
P DPV R . 27.46 -4.37 -15.23
C1 DPV R . 26.16 -6.56 -14.59
C2 DPV R . 24.68 -6.24 -14.91
C3 DPV R . 23.99 -5.36 -13.82
C4 DPV R . 26.20 -2.07 -14.81
C5 DPV R . 26.15 -0.97 -13.72
C6 DPV R . 25.85 1.03 -15.28
C7 DPV R . 25.30 1.29 -12.87
C8 DPV R . 23.85 -0.09 -14.32
C15 DPV R . 22.57 -4.91 -14.22
C16 DPV R . 21.99 -3.87 -13.19
C17 DPV R . 20.51 -3.49 -13.51
C18 DPV R . 19.92 -2.57 -12.42
C19 DPV R . 18.50 -2.07 -12.84
O1P DPV R . 26.75 -4.40 -16.55
C20 DPV R . 17.72 -1.51 -11.61
C21 DPV R . 17.00 -2.61 -10.82
C22 DPV R . 16.26 -2.07 -9.55
C23 DPV R . 15.76 -3.20 -8.60
O2P DPV R . 28.91 -4.55 -15.42
O3P DPV R . 26.84 -5.35 -14.15
O4P DPV R . 27.10 -3.09 -14.33
H1 DPV R . 26.20 -7.31 -13.78
H1A DPV R . 26.71 -6.96 -15.46
H2 DPV R . 24.59 -5.75 -15.88
H2A DPV R . 24.13 -7.19 -15.01
H3 DPV R . 24.64 -4.48 -13.65
H3A DPV R . 23.93 -5.87 -12.84
H4 DPV R . 25.22 -2.53 -14.94
H4A DPV R . 26.57 -1.65 -15.75
H5 DPV R . 25.71 -1.40 -12.84
H5A DPV R . 27.16 -0.64 -13.45
H6 DPV R . 25.60 0.41 -16.16
H6A DPV R . 26.96 1.14 -15.16
H6B DPV R . 25.33 2.00 -15.39
H7 DPV R . 26.32 1.59 -12.64
H7A DPV R . 24.86 0.77 -12.00
H7B DPV R . 24.73 2.19 -13.14
H8 DPV R . 23.48 -0.66 -13.46
H8A DPV R . 23.79 -0.72 -15.22
H8B DPV R . 23.23 0.78 -14.47
H15 DPV R . 21.91 -5.78 -14.29
H15A DPV R . 22.58 -4.41 -15.22
H16 DPV R . 22.03 -4.24 -12.15
H16A DPV R . 22.65 -2.97 -13.23
H17 DPV R . 20.46 -2.98 -14.47
H17A DPV R . 19.87 -4.34 -13.59
H18 DPV R . 19.83 -3.10 -11.48
H18A DPV R . 20.58 -1.71 -12.26
H19 DPV R . 18.58 -1.31 -13.63
H19A DPV R . 17.94 -2.93 -13.23
H20 DPV R . 18.38 -0.94 -10.95
H20A DPV R . 16.97 -0.78 -11.99
H21 DPV R . 16.28 -3.15 -11.49
H21A DPV R . 17.73 -3.36 -10.51
H22 DPV R . 16.95 -1.42 -8.98
H22A DPV R . 15.39 -1.43 -9.83
H23 DPV R . 15.13 -2.77 -7.84
H23A DPV R . 16.57 -3.71 -8.11
H23B DPV R . 15.21 -3.95 -9.13
N DPV S . 32.14 -2.15 -7.98
P DPV S . 31.61 -5.32 -11.56
C1 DPV S . 29.02 -5.17 -11.28
C2 DPV S . 27.99 -5.50 -10.17
C3 DPV S . 26.50 -5.09 -10.52
C4 DPV S . 32.91 -3.59 -10.12
C5 DPV S . 33.11 -3.24 -8.58
C6 DPV S . 32.33 -0.80 -8.63
C7 DPV S . 32.48 -1.98 -6.48
C8 DPV S . 30.64 -2.52 -8.04
C15 DPV S . 26.24 -3.55 -10.74
C16 DPV S . 26.74 -2.67 -9.56
C17 DPV S . 26.11 -1.22 -9.56
C18 DPV S . 26.79 -0.33 -8.50
C19 DPV S . 26.04 1.01 -8.33
O1P DPV S . 31.49 -4.59 -12.83
C20 DPV S . 25.37 1.21 -6.93
C21 DPV S . 24.13 0.26 -6.66
C22 DPV S . 23.60 0.29 -5.20
C23 DPV S . 22.41 -0.73 -5.00
O2P DPV S . 32.68 -6.33 -11.65
O3P DPV S . 30.25 -5.88 -11.00
O4P DPV S . 31.74 -4.36 -10.30
H1 DPV S . 28.66 -5.38 -12.27
H1A DPV S . 29.28 -4.12 -11.22
H2 DPV S . 28.00 -6.55 -9.97
H2A DPV S . 28.31 -5.06 -9.23
H3 DPV S . 25.82 -5.44 -9.73
H3A DPV S . 26.20 -5.63 -11.44
H4 DPV S . 32.91 -2.70 -10.69
H4A DPV S . 33.72 -4.18 -10.48
H5 DPV S . 32.99 -4.13 -8.02
H5A DPV S . 34.11 -2.90 -8.47
H6 DPV S . 32.06 -0.84 -9.68
H6A DPV S . 33.39 -0.53 -8.55
H6B DPV S . 31.72 -0.07 -8.09
H7 DPV S . 32.39 -2.95 -5.98
H7A DPV S . 31.80 -1.25 -6.02
H7B DPV S . 33.53 -1.68 -6.39
H8 DPV S . 30.47 -3.53 -7.62
H8A DPV S . 30.29 -2.49 -9.09
H8B DPV S . 30.06 -1.77 -7.46
H15 DPV S . 25.17 -3.39 -10.87
H15A DPV S . 26.66 -3.24 -11.70
H16 DPV S . 26.52 -3.18 -8.60
H16A DPV S . 27.83 -2.59 -9.64
H17 DPV S . 26.19 -0.74 -10.56
H17A DPV S . 25.04 -1.31 -9.37
H18 DPV S . 26.85 -0.84 -7.53
H18A DPV S . 27.81 -0.16 -8.84
H19 DPV S . 26.80 1.84 -8.47
H19A DPV S . 25.26 1.18 -9.10
H20 DPV S . 26.15 1.06 -6.14
H20A DPV S . 25.07 2.25 -6.81
H21 DPV S . 23.34 0.53 -7.31
H21A DPV S . 24.41 -0.74 -6.87
H22 DPV S . 24.40 0.04 -4.52
H22A DPV S . 23.23 1.30 -4.95
H23 DPV S . 21.59 -0.53 -5.68
H23A DPV S . 22.08 -0.67 -3.96
H23B DPV S . 22.78 -1.76 -5.16
N DPV T . 5.98 7.65 5.10
P DPV T . 10.75 6.93 3.03
C1 DPV T . 12.36 4.92 2.53
C2 DPV T . 13.06 3.73 3.24
C3 DPV T . 12.19 2.46 3.30
C4 DPV T . 8.31 7.46 3.87
C5 DPV T . 7.03 6.74 4.37
C6 DPV T . 4.79 6.78 5.51
C7 DPV T . 5.43 8.76 4.18
C8 DPV T . 6.56 8.27 6.41
C15 DPV T . 11.30 2.41 4.55
C16 DPV T . 10.69 0.99 4.70
C17 DPV T . 9.75 0.88 5.93
C18 DPV T . 9.05 -0.52 6.07
C19 DPV T . 8.29 -0.65 7.42
O1P DPV T . 10.68 7.22 1.58
C20 DPV T . 7.69 -2.07 7.60
C21 DPV T . 7.42 -2.37 9.10
C22 DPV T . 7.19 -3.86 9.35
C23 DPV T . 7.08 -4.13 10.84
O2P DPV T . 11.43 8.04 3.77
O3P DPV T . 11.31 5.49 3.41
O4P DPV T . 9.33 6.48 3.64
H1 DPV T . 13.09 5.68 2.33
H1A DPV T . 11.90 4.57 1.61
H2 DPV T . 14.00 3.51 2.70
H2A DPV T . 13.42 4.02 4.26
H3 DPV T . 12.85 1.59 3.33
H3A DPV T . 11.58 2.37 2.40
H4 DPV T . 8.10 7.99 2.92
H4A DPV T . 8.65 8.18 4.60
H5 DPV T . 6.53 6.25 3.50
H5A DPV T . 7.34 5.98 5.13
H6 DPV T . 5.16 6.01 6.18
H6A DPV T . 4.34 6.32 4.63
H6B DPV T . 4.05 7.38 6.05
H7 DPV T . 6.26 9.45 3.90
H7A DPV T . 4.66 9.31 4.71
H7B DPV T . 5.05 8.26 3.28
H8 DPV T . 7.39 8.95 6.18
H8A DPV T . 6.90 7.48 7.08
H8B DPV T . 5.76 8.86 6.90
H15 DPV T . 10.48 3.13 4.43
H15A DPV T . 11.85 2.67 5.46
H16 DPV T . 10.11 0.75 3.81
H16A DPV T . 11.46 0.24 4.77
H17 DPV T . 10.39 1.03 6.82
H17A DPV T . 8.99 1.66 5.85
H18 DPV T . 8.39 -0.72 5.21
H18A DPV T . 9.82 -1.29 6.04
H19 DPV T . 8.95 -0.38 8.25
H19A DPV T . 7.47 0.08 7.47
H20 DPV T . 6.75 -2.12 7.04
H20A DPV T . 8.37 -2.82 7.17
H21 DPV T . 8.28 -2.05 9.68
H21A DPV T . 6.55 -1.82 9.42
H22 DPV T . 6.27 -4.18 8.82
H22A DPV T . 7.99 -4.49 8.92
H23 DPV T . 7.95 -3.80 11.38
H23A DPV T . 7.01 -5.20 11.00
H23B DPV T . 6.19 -3.67 11.22
N DPV U . 8.42 9.69 -8.13
P DPV U . 11.92 6.24 -6.27
C1 DPV U . 12.94 5.25 -4.09
C2 DPV U . 12.63 4.93 -2.59
C3 DPV U . 12.40 6.20 -1.73
C4 DPV U . 10.35 8.04 -7.26
C5 DPV U . 8.79 8.37 -7.36
C6 DPV U . 6.89 9.83 -8.27
C7 DPV U . 9.01 9.71 -9.53
C8 DPV U . 8.94 10.95 -7.37
C15 DPV U . 13.69 7.04 -1.40
C16 DPV U . 14.61 6.34 -0.31
C17 DPV U . 16.09 6.87 -0.35
C18 DPV U . 16.93 6.52 -1.65
C19 DPV U . 17.06 4.98 -1.88
O1P DPV U . 11.81 5.05 -7.11
C20 DPV U . 18.08 4.68 -3.02
C21 DPV U . 18.23 3.17 -3.26
C22 DPV U . 19.25 2.79 -4.36
C23 DPV U . 19.15 1.31 -4.69
O2P DPV U . 13.10 7.05 -6.60
O3P DPV U . 11.80 5.95 -4.72
O4P DPV U . 10.56 7.07 -6.23
H1 DPV U . 13.82 5.86 -4.15
H1A DPV U . 13.11 4.33 -4.60
H2 DPV U . 11.73 4.35 -2.53
H2A DPV U . 13.45 4.35 -2.22
H3 DPV U . 11.93 5.91 -0.77
H3A DPV U . 11.70 6.84 -2.28
H4 DPV U . 10.70 7.60 -8.23
H4A DPV U . 10.95 8.93 -7.05
H5 DPV U . 8.26 7.56 -7.86
H5A DPV U . 8.43 8.48 -6.33
H6 DPV U . 6.70 10.69 -8.89
H6A DPV U . 6.46 9.92 -7.29
H6B DPV U . 6.54 8.91 -8.74
H7 DPV U . 10.11 9.71 -9.46
H7A DPV U . 8.67 10.62 -10.06
H7B DPV U . 8.66 8.82 -10.08
H8 DPV U . 10.03 10.92 -7.36
H8A DPV U . 8.57 10.94 -6.37
H8B DPV U . 8.60 11.82 -7.93
H15 DPV U . 13.37 8.00 -1.03
H15A DPV U . 14.26 7.19 -2.32
H16 DPV U . 14.18 6.52 0.65
H16A DPV U . 14.63 5.27 -0.46
H17 DPV U . 16.05 7.93 -0.19
H17A DPV U . 16.59 6.49 0.50
H18 DPV U . 16.54 7.05 -2.52
H18A DPV U . 17.92 6.93 -1.48
H19 DPV U . 17.38 4.47 -0.97
H19A DPV U . 16.08 4.56 -2.09
H20 DPV U . 17.73 5.17 -3.93
H20A DPV U . 19.05 5.14 -2.77
H21 DPV U . 18.47 2.64 -2.32
H21A DPV U . 17.25 2.78 -3.56
H22 DPV U . 19.08 3.33 -5.29
H22A DPV U . 20.27 3.05 -4.06
H23 DPV U . 19.82 1.04 -5.50
H23A DPV U . 18.13 1.05 -4.98
H23B DPV U . 19.42 0.72 -3.82
N DPV V . 14.10 -0.24 14.09
P DPV V . 13.42 0.22 8.99
C1 DPV V . 13.01 -1.38 6.97
C2 DPV V . 13.42 -2.74 6.38
C3 DPV V . 12.85 -2.91 4.94
C4 DPV V . 14.07 0.35 11.51
C5 DPV V . 14.60 -0.62 12.64
C6 DPV V . 12.59 -0.44 14.23
C7 DPV V . 14.49 1.20 14.52
C8 DPV V . 14.76 -1.22 15.05
C15 DPV V . 13.16 -4.30 4.35
C16 DPV V . 12.63 -4.47 2.90
C17 DPV V . 12.88 -5.92 2.41
C18 DPV V . 12.36 -6.16 0.94
C19 DPV V . 12.48 -7.62 0.56
O1P DPV V . 12.01 0.49 9.27
C20 DPV V . 12.24 -7.83 -0.96
C21 DPV V . 12.45 -9.29 -1.46
C22 DPV V . 12.43 -9.36 -3.02
C23 DPV V . 12.52 -10.78 -3.56
O2P DPV V . 14.09 1.34 8.30
O3P DPV V . 13.66 -1.19 8.26
O4P DPV V . 14.24 -0.36 10.27
H1 DPV V . 13.34 -0.60 6.28
H1A DPV V . 11.92 -1.30 7.14
H2 DPV V . 14.52 -2.78 6.39
H2A DPV V . 13.07 -3.58 7.00
H3 DPV V . 13.28 -2.18 4.30
H3A DPV V . 11.79 -2.75 4.91
H4 DPV V . 13.01 0.60 11.65
H4A DPV V . 14.68 1.28 11.48
H5 DPV V . 14.27 -1.64 12.44
H5A DPV V . 15.73 -0.58 12.64
H6 DPV V . 12.10 0.24 13.53
H6A DPV V . 12.30 -0.26 15.25
H6B DPV V . 12.39 -1.47 13.96
H7 DPV V . 14.09 1.42 15.55
H7A DPV V . 14.06 1.94 13.79
H7B DPV V . 15.60 1.27 14.57
H8 DPV V . 15.84 -1.04 15.03
H8A DPV V . 14.50 -2.24 14.76
H8B DPV V . 14.40 -1.05 16.06
H15 DPV V . 12.69 -5.06 4.95
H15A DPV V . 14.25 -4.52 4.39
H16 DPV V . 11.57 -4.29 2.84
H16A DPV V . 13.13 -3.75 2.28
H17 DPV V . 13.92 -6.12 2.43
H17A DPV V . 12.35 -6.59 3.04
H18 DPV V . 11.31 -5.82 0.79
H18A DPV V . 12.93 -5.53 0.26
H19 DPV V . 13.48 -8.01 0.83
H19A DPV V . 11.77 -8.25 1.18
H20 DPV V . 11.19 -7.52 -1.20
H20A DPV V . 12.92 -7.16 -1.51
H21 DPV V . 13.40 -9.70 -1.08
H21A DPV V . 11.64 -9.89 -1.02
H22 DPV V . 11.51 -8.91 -3.38
H22A DPV V . 13.26 -8.74 -3.43
H23 DPV V . 13.02 -10.77 -4.54
H23A DPV V . 11.52 -11.24 -3.63
H23B DPV V . 13.12 -11.40 -2.91
N DPV W . 6.85 -17.40 16.84
P DPV W . 4.27 -14.11 14.86
C1 DPV W . 4.55 -13.99 12.27
C2 DPV W . 5.35 -13.30 11.20
C3 DPV W . 5.05 -13.95 9.80
C4 DPV W . 4.88 -16.69 15.18
C5 DPV W . 5.35 -16.95 16.65
C6 DPV W . 7.06 -17.72 18.32
C7 DPV W . 7.83 -16.24 16.47
C8 DPV W . 7.17 -18.64 16.05
C15 DPV W . 5.98 -13.35 8.69
C16 DPV W . 5.59 -13.92 7.34
C17 DPV W . 6.62 -13.52 6.24
C18 DPV W . 6.24 -14.08 4.85
C19 DPV W . 7.39 -13.79 3.81
O1P DPV W . 2.84 -14.49 14.69
C20 DPV W . 6.95 -14.01 2.36
C21 DPV W . 8.08 -13.69 1.34
C22 DPV W . 7.58 -13.89 -0.12
C23 DPV W . 8.62 -13.36 -1.15
O2P DPV W . 4.45 -13.28 16.04
O3P DPV W . 4.92 -13.44 13.56
O4P DPV W . 5.29 -15.36 14.75
H1 DPV W . 3.51 -13.77 12.07
H1A DPV W . 4.74 -15.05 12.28
H2 DPV W . 5.13 -12.23 11.17
H2A DPV W . 6.39 -13.37 11.48
H3 DPV W . 3.99 -13.75 9.55
H3A DPV W . 5.22 -15.03 9.81
H4 DPV W . 5.35 -17.42 14.53
H4A DPV W . 3.80 -16.75 15.09
H5 DPV W . 5.22 -16.03 17.26
H5A DPV W . 4.72 -17.75 17.06
H6 DPV W . 6.39 -18.53 18.62
H6A DPV W . 6.86 -16.80 18.89
H6B DPV W . 8.10 -18.05 18.44
H7 DPV W . 7.58 -15.39 17.11
H7A DPV W . 7.68 -16.02 15.42
H7B DPV W . 8.85 -16.57 16.64
H8 DPV W . 7.23 -18.41 15.01
H8A DPV W . 6.39 -19.36 16.26
H8B DPV W . 8.11 -19.04 16.40
H15 DPV W . 7.05 -13.63 8.92
H15A DPV W . 5.92 -12.23 8.64
H16 DPV W . 5.64 -15.02 7.39
H16A DPV W . 4.57 -13.63 7.09
H17 DPV W . 6.70 -12.43 6.20
H17A DPV W . 7.62 -13.91 6.46
H18 DPV W . 6.03 -15.16 4.92
H18A DPV W . 5.31 -13.60 4.53
H19 DPV W . 7.67 -12.75 3.89
H19A DPV W . 8.29 -14.42 4.03
H20 DPV W . 6.62 -15.05 2.20
H20A DPV W . 6.07 -13.41 2.16
H21 DPV W . 8.41 -12.65 1.46
H21A DPV W . 8.95 -14.34 1.54
H22 DPV W . 7.45 -14.93 -0.33
H22A DPV W . 6.65 -13.38 -0.24
H23 DPV W . 9.45 -14.05 -1.24
H23A DPV W . 9.02 -12.37 -0.91
H23B DPV W . 8.15 -13.25 -2.12
N DPV X . 18.77 -14.28 19.07
P DPV X . 13.73 -15.20 18.28
C1 DPV X . 12.14 -17.09 17.59
C2 DPV X . 12.23 -18.51 16.94
C3 DPV X . 10.82 -18.95 16.44
C4 DPV X . 16.15 -14.58 18.84
C5 DPV X . 17.59 -15.19 18.64
C6 DPV X . 18.74 -13.98 20.59
C7 DPV X . 18.83 -13.00 18.27
C8 DPV X . 20.06 -15.06 18.81
C15 DPV X . 10.78 -20.35 15.78
C16 DPV X . 10.24 -20.31 14.26
C17 DPV X . 11.36 -20.33 13.18
C18 DPV X . 12.38 -19.16 13.29
C19 DPV X . 12.98 -18.80 11.89
O1P DPV X . 13.13 -14.91 19.59
C20 DPV X . 14.21 -17.90 11.97
C21 DPV X . 15.51 -18.70 12.26
C22 DPV X . 16.78 -17.80 12.30
C23 DPV X . 18.01 -18.60 12.71
O2P DPV X . 13.39 -14.20 17.24
O3P DPV X . 13.48 -16.69 17.80
O4P DPV X . 15.25 -15.55 18.33
H1 DPV X . 11.67 -16.40 16.90
H1A DPV X . 11.63 -17.07 18.52
H2 DPV X . 12.99 -18.54 16.14
H2A DPV X . 12.60 -19.23 17.68
H3 DPV X . 10.43 -18.20 15.72
H3A DPV X . 10.13 -18.92 17.29
H4 DPV X . 15.96 -14.42 19.91
H4A DPV X . 16.01 -13.63 18.28
H5 DPV X . 17.66 -16.07 19.26
H5A DPV X . 17.75 -15.47 17.59
H6 DPV X . 18.88 -14.94 21.09
H6A DPV X . 17.81 -13.52 20.87
H6B DPV X . 19.55 -13.31 20.82
H7 DPV X . 18.76 -13.24 17.22
H7A DPV X . 19.79 -12.51 18.48
H7B DPV X . 17.98 -12.38 18.57
H8 DPV X . 20.12 -15.27 17.75
H8A DPV X . 20.04 -15.95 19.38
H8B DPV X . 20.89 -14.49 19.11
H15 DPV X . 10.15 -20.97 16.39
H15A DPV X . 11.76 -20.80 15.78
H16 DPV X . 9.62 -21.21 14.11
H16A DPV X . 9.61 -19.45 14.11
H17 DPV X . 11.94 -21.21 13.30
H17A DPV X . 10.89 -20.34 12.21
H18 DPV X . 11.89 -18.27 13.68
H18A DPV X . 13.17 -19.41 13.99
H19 DPV X . 13.23 -19.73 11.37
H19A DPV X . 12.21 -18.28 11.29
H20 DPV X . 14.31 -17.33 11.05
H20A DPV X . 14.04 -17.17 12.77
H21 DPV X . 15.40 -19.16 13.22
H21A DPV X . 15.60 -19.46 11.53
H22 DPV X . 16.97 -17.33 11.29
H22A DPV X . 16.58 -16.98 13.03
H23 DPV X . 18.84 -17.95 12.80
H23A DPV X . 18.22 -19.38 11.97
H23B DPV X . 17.88 -19.06 13.66
N DPV Y . 30.51 -25.30 7.33
P DPV Y . 28.23 -25.01 3.33
C1 DPV Y . 30.44 -23.70 2.92
C2 DPV Y . 31.57 -22.95 3.67
C3 DPV Y . 31.15 -21.52 4.15
C4 DPV Y . 29.03 -26.45 5.41
C5 DPV Y . 30.49 -26.14 6.01
C6 DPV Y . 29.68 -25.95 8.47
C7 DPV Y . 29.99 -23.87 7.09
C8 DPV Y . 31.96 -25.17 7.85
C15 DPV Y . 32.24 -20.89 5.01
C16 DPV Y . 31.82 -19.47 5.48
C17 DPV Y . 32.96 -18.86 6.32
C18 DPV Y . 32.70 -17.39 6.68
C19 DPV Y . 32.00 -17.15 8.08
O1P DPV Y . 28.09 -25.11 1.87
C20 DPV Y . 30.43 -17.43 8.12
C21 DPV Y . 29.61 -16.52 7.19
C22 DPV Y . 28.10 -16.76 7.36
C23 DPV Y . 27.22 -15.93 6.38
O2P DPV Y . 26.90 -24.79 3.98
O3P DPV Y . 29.34 -23.96 3.81
O4P DPV Y . 29.07 -26.20 3.97
H1 DPV Y . 30.10 -23.11 2.07
H1A DPV Y . 30.82 -24.65 2.56
H2 DPV Y . 31.83 -23.54 4.54
H2A DPV Y . 32.43 -22.88 3.02
H3 DPV Y . 30.25 -21.59 4.77
H3A DPV Y . 30.92 -20.90 3.28
H4 DPV Y . 28.81 -27.51 5.61
H4A DPV Y . 28.24 -25.83 5.84
H5 DPV Y . 30.96 -27.06 6.25
H5A DPV Y . 31.09 -25.62 5.30
H6 DPV Y . 29.64 -25.26 9.31
H6A DPV Y . 30.18 -26.87 8.78
H6B DPV Y . 28.67 -26.14 8.08
H7 DPV Y . 28.98 -23.94 6.71
H7A DPV Y . 30.68 -23.42 6.38
H7B DPV Y . 30.02 -23.30 8.02
H8 DPV Y . 32.35 -26.18 8.09
H8A DPV Y . 31.99 -24.60 8.77
H8B DPV Y . 32.58 -24.69 7.11
H15 DPV Y . 33.17 -20.83 4.42
H15A DPV Y . 32.44 -21.57 5.87
H16 DPV Y . 31.67 -18.86 4.58
H16A DPV Y . 30.88 -19.54 6.04
H17 DPV Y . 33.13 -19.48 7.24
H17A DPV Y . 33.90 -18.90 5.72
H18 DPV Y . 33.64 -16.86 6.71
H18A DPV Y . 32.17 -16.93 5.88
H19 DPV Y . 32.48 -17.80 8.82
H19A DPV Y . 32.23 -16.12 8.40
H20 DPV Y . 30.23 -18.47 7.82
H20A DPV Y . 30.05 -17.32 9.13
H21 DPV Y . 29.84 -15.46 7.39
H21A DPV Y . 29.89 -16.70 6.14
H22 DPV Y . 27.91 -17.82 7.18
H22A DPV Y . 27.78 -16.50 8.38
H23 DPV Y . 27.34 -14.88 6.59
H23A DPV Y . 26.18 -16.16 6.47
H23B DPV Y . 27.55 -16.12 5.39
N DPV Z . 25.28 -28.69 3.44
P DPV Z . 24.66 -31.68 -0.34
C1 DPV Z . 24.98 -29.46 -1.69
C2 DPV Z . 24.05 -28.35 -2.26
C3 DPV Z . 23.00 -27.86 -1.19
C4 DPV Z . 24.62 -30.94 2.17
C5 DPV Z . 24.17 -29.76 3.08
C6 DPV Z . 25.69 -27.89 2.22
C7 DPV Z . 26.53 -29.33 4.07
C8 DPV Z . 24.69 -27.76 4.47
C15 DPV Z . 21.98 -26.85 -1.74
C16 DPV Z . 20.85 -26.46 -0.72
C17 DPV Z . 19.89 -27.61 -0.36
C18 DPV Z . 18.61 -27.12 0.39
C19 DPV Z . 17.48 -28.20 0.40
O1P DPV Z . 26.11 -31.90 -0.32
C20 DPV Z . 16.64 -28.21 -0.92
C21 DPV Z . 15.64 -29.38 -1.04
C22 DPV Z . 15.10 -29.45 -2.49
C23 DPV Z . 14.22 -30.69 -2.74
O2P DPV Z . 23.91 -32.94 -0.40
O3P DPV Z . 24.21 -30.65 -1.47
O4P DPV Z . 24.16 -30.68 0.81
H1 DPV Z . 25.79 -29.63 -2.38
H1A DPV Z . 25.42 -29.17 -0.72
H2 DPV Z . 24.63 -27.51 -2.64
H2A DPV Z . 23.50 -28.77 -3.11
H3 DPV Z . 23.55 -27.40 -0.34
H3A DPV Z . 22.48 -28.73 -0.78
H4 DPV Z . 25.69 -31.01 2.15
H4A DPV Z . 24.16 -31.85 2.52
H5 DPV Z . 23.36 -29.22 2.62
H5A DPV Z . 23.83 -30.18 4.01
H6 DPV Z . 26.17 -28.61 1.55
H6A DPV Z . 26.37 -27.08 2.47
H6B DPV Z . 24.82 -27.45 1.75
H7 DPV Z . 26.21 -29.96 4.91
H7A DPV Z . 27.20 -28.53 4.42
H7B DPV Z . 27.06 -29.95 3.35
H8 DPV Z . 24.43 -28.35 5.36
H8A DPV Z . 23.81 -27.25 4.04
H8B DPV Z . 25.42 -27.00 4.78
H15 DPV Z . 21.54 -27.21 -2.68
H15A DPV Z . 22.52 -25.96 -2.04
H16 DPV Z . 21.28 -26.10 0.18
H16A DPV Z . 20.29 -25.62 -1.14
H17 DPV Z . 19.61 -28.10 -1.26
H17A DPV Z . 20.40 -28.34 0.23
H18 DPV Z . 18.90 -26.85 1.43
H18A DPV Z . 18.26 -26.20 -0.05
H19 DPV Z . 17.91 -29.21 0.62
H19A DPV Z . 16.81 -27.99 1.24
H20 DPV Z . 16.09 -27.25 -1.00
H20A DPV Z . 17.32 -28.26 -1.76
H21 DPV Z . 16.14 -30.30 -0.80
H21A DPV Z . 14.83 -29.24 -0.32
H22 DPV Z . 14.52 -28.56 -2.75
H22A DPV Z . 15.94 -29.47 -3.19
H23 DPV Z . 13.85 -30.70 -3.76
H23A DPV Z . 13.39 -30.74 -2.03
H23B DPV Z . 14.81 -31.60 -2.63
N DPV AA . 23.57 -34.44 -4.54
P DPV AA . 23.92 -30.35 -6.79
C1 DPV AA . 22.00 -28.84 -5.90
C2 DPV AA . 20.73 -28.94 -5.01
C3 DPV AA . 19.86 -27.66 -5.13
C4 DPV AA . 24.65 -32.00 -4.84
C5 DPV AA . 23.73 -32.97 -3.98
C6 DPV AA . 22.82 -34.45 -5.89
C7 DPV AA . 22.78 -35.26 -3.49
C8 DPV AA . 24.94 -35.09 -4.71
C15 DPV AA . 18.58 -27.79 -4.28
C16 DPV AA . 17.55 -26.67 -4.43
C17 DPV AA . 17.79 -25.43 -3.52
C18 DPV AA . 16.79 -24.28 -3.86
C19 DPV AA . 16.74 -23.19 -2.75
O1P DPV AA . 25.11 -29.53 -6.55
C20 DPV AA . 15.83 -22.00 -3.16
C21 DPV AA . 15.90 -20.78 -2.19
C22 DPV AA . 14.93 -19.69 -2.63
C23 DPV AA . 14.78 -18.54 -1.63
O2P DPV AA . 23.51 -30.34 -8.20
O3P DPV AA . 22.70 -30.08 -5.77
O4P DPV AA . 24.04 -31.82 -6.18
H1 DPV AA . 21.73 -28.72 -6.96
H1A DPV AA . 22.58 -28.01 -5.57
H2 DPV AA . 20.16 -29.80 -5.36
H2A DPV AA . 21.00 -29.10 -4.00
H3 DPV AA . 19.59 -27.43 -6.17
H3A DPV AA . 20.44 -26.83 -4.75
H4 DPV AA . 24.75 -31.04 -4.32
H4A DPV AA . 25.62 -32.40 -4.96
H5 DPV AA . 24.14 -33.05 -2.95
H5A DPV AA . 22.71 -32.52 -3.92
H6 DPV AA . 23.45 -33.98 -6.64
H6A DPV AA . 21.91 -33.90 -5.75
H6B DPV AA . 22.63 -35.46 -6.16
H7 DPV AA . 21.79 -34.80 -3.37
H7A DPV AA . 23.34 -35.17 -2.55
H7B DPV AA . 22.73 -36.28 -3.86
H8 DPV AA . 25.40 -35.10 -3.72
H8A DPV AA . 25.49 -34.51 -5.44
H8B DPV AA . 24.81 -36.11 -5.08
H15 DPV AA . 18.84 -27.86 -3.21
H15A DPV AA . 18.08 -28.75 -4.53
H16 DPV AA . 17.51 -26.33 -5.47
H16A DPV AA . 16.55 -27.09 -4.25
H17 DPV AA . 17.65 -25.72 -2.47
H17A DPV AA . 18.84 -25.07 -3.59
H18 DPV AA . 17.13 -23.81 -4.80
H18A DPV AA . 15.78 -24.70 -4.04
H19 DPV AA . 16.37 -23.62 -1.79
H19A DPV AA . 17.78 -22.86 -2.54
H20 DPV AA . 16.08 -21.67 -4.17
H20A DPV AA . 14.81 -22.37 -3.28
H21 DPV AA . 15.60 -21.12 -1.19
H21A DPV AA . 16.91 -20.36 -2.13
H22 DPV AA . 15.27 -19.25 -3.59
H22A DPV AA . 13.93 -20.15 -2.80
H23 DPV AA . 15.75 -18.18 -1.29
H23A DPV AA . 14.22 -18.82 -0.76
H23B DPV AA . 14.27 -17.72 -2.13
N DPV BA . 33.05 -12.88 -5.11
P DPV BA . 33.36 -17.14 -6.27
C1 DPV BA . 33.18 -18.86 -8.23
C2 DPV BA . 32.28 -19.15 -9.45
C3 DPV BA . 32.22 -20.68 -9.74
C4 DPV BA . 32.01 -15.32 -5.00
C5 DPV BA . 31.76 -13.79 -5.19
C6 DPV BA . 33.67 -12.88 -3.68
C7 DPV BA . 32.64 -11.44 -5.44
C8 DPV BA . 34.11 -13.29 -6.12
C15 DPV BA . 31.28 -21.08 -10.93
C16 DPV BA . 29.76 -20.64 -10.80
C17 DPV BA . 29.04 -21.34 -9.61
C18 DPV BA . 27.64 -20.73 -9.35
C19 DPV BA . 26.84 -21.42 -8.24
O1P DPV BA . 34.79 -16.79 -6.19
C20 DPV BA . 25.46 -20.74 -8.06
C21 DPV BA . 24.72 -21.38 -6.90
C22 DPV BA . 23.26 -20.83 -6.70
C23 DPV BA . 22.26 -21.39 -7.75
O2P DPV BA . 32.97 -18.16 -5.26
O3P DPV BA . 32.91 -17.52 -7.75
O4P DPV BA . 32.40 -15.87 -6.28
H1 DPV BA . 32.97 -19.56 -7.42
H1A DPV BA . 34.21 -18.98 -8.54
H2 DPV BA . 31.27 -18.79 -9.25
H2A DPV BA . 32.71 -18.62 -10.32
H3 DPV BA . 31.88 -21.25 -8.85
H3A DPV BA . 33.27 -21.09 -9.97
H4 DPV BA . 32.78 -15.52 -4.27
H4A DPV BA . 31.10 -15.79 -4.65
H5 DPV BA . 31.28 -13.63 -6.16
H5A DPV BA . 31.07 -13.44 -4.39
H6 DPV BA . 32.92 -12.57 -2.96
H6A DPV BA . 34.49 -12.18 -3.67
H6B DPV BA . 34.04 -13.87 -3.43
H7 DPV BA . 33.56 -10.82 -5.44
H7A DPV BA . 31.92 -11.12 -4.67
H7B DPV BA . 32.14 -11.38 -6.41
H8 DPV BA . 33.63 -13.45 -7.09
H8A DPV BA . 34.57 -14.20 -5.74
H8B DPV BA . 34.83 -12.46 -6.22
H15 DPV BA . 31.34 -22.14 -11.15
H15A DPV BA . 31.69 -20.59 -11.81
H16 DPV BA . 29.71 -19.55 -10.68
H16A DPV BA . 29.23 -20.91 -11.72
H17 DPV BA . 28.90 -22.39 -9.87
H17A DPV BA . 29.65 -21.31 -8.69
H18 DPV BA . 27.78 -19.69 -9.07
H18A DPV BA . 27.07 -20.74 -10.28
H19 DPV BA . 26.68 -22.48 -8.51
H19A DPV BA . 27.41 -21.38 -7.30
H20 DPV BA . 25.62 -19.70 -7.80
H20A DPV BA . 24.90 -20.76 -8.99
H21 DPV BA . 24.68 -22.46 -7.04
H21A DPV BA . 25.26 -21.19 -5.97
H22 DPV BA . 22.89 -21.07 -5.66
H22A DPV BA . 23.25 -19.71 -6.78
H23 DPV BA . 22.23 -22.48 -7.74
H23A DPV BA . 22.56 -21.08 -8.75
H23B DPV BA . 21.28 -21.00 -7.52
N DPV CA . 29.81 -9.15 -12.91
P DPV CA . 26.84 -11.46 -16.08
C1 DPV CA . 25.43 -13.62 -15.74
C2 DPV CA . 24.63 -14.37 -14.63
C3 DPV CA . 23.65 -15.41 -15.21
C4 DPV CA . 29.11 -10.49 -15.13
C5 DPV CA . 29.94 -10.47 -13.80
C6 DPV CA . 30.37 -7.93 -13.67
C7 DPV CA . 30.65 -9.34 -11.69
C8 DPV CA . 28.37 -8.92 -12.43
C15 DPV CA . 24.36 -16.76 -15.47
C16 DPV CA . 23.42 -17.81 -16.04
C17 DPV CA . 24.09 -19.19 -16.23
C18 DPV CA . 23.09 -20.27 -16.67
C19 DPV CA . 22.79 -20.25 -18.20
O1P DPV CA . 25.96 -10.30 -16.42
C20 DPV CA . 21.28 -20.53 -18.49
C21 DPV CA . 20.39 -19.32 -18.22
C22 DPV CA . 18.91 -19.58 -18.61
C23 DPV CA . 17.94 -18.44 -18.29
O2P DPV CA . 27.52 -12.03 -17.27
O3P DPV CA . 26.13 -12.54 -15.13
O4P DPV CA . 27.82 -11.13 -14.86
H1 DPV CA . 26.16 -14.34 -16.23
H1A DPV CA . 24.74 -13.18 -16.51
H2 DPV CA . 25.36 -14.82 -13.97
H2A DPV CA . 24.08 -13.64 -13.97
H3 DPV CA . 23.23 -14.96 -16.11
H3A DPV CA . 22.86 -15.60 -14.51
H4 DPV CA . 28.94 -9.44 -15.50
H4A DPV CA . 29.63 -11.09 -15.89
H5 DPV CA . 29.63 -11.28 -13.17
H5A DPV CA . 30.99 -10.59 -14.02
H6 DPV CA . 30.27 -7.04 -13.04
H6A DPV CA . 29.81 -7.77 -14.57
H6B DPV CA . 31.44 -8.12 -13.91
H7 DPV CA . 31.69 -9.43 -12.00
H7A DPV CA . 30.32 -10.23 -11.17
H7B DPV CA . 30.57 -8.50 -11.02
H8 DPV CA . 27.70 -8.91 -13.30
H8A DPV CA . 28.33 -7.96 -11.90
H8B DPV CA . 28.09 -9.76 -11.78
H15 DPV CA . 24.76 -17.10 -14.52
H15A DPV CA . 25.20 -16.60 -16.11
H16 DPV CA . 22.59 -17.94 -15.35
H16A DPV CA . 23.02 -17.45 -16.98
H17 DPV CA . 24.86 -19.13 -16.96
H17A DPV CA . 24.50 -19.47 -15.27
H18 DPV CA . 23.50 -21.25 -16.36
H18A DPV CA . 22.17 -20.14 -16.08
H19 DPV CA . 23.02 -19.31 -18.57
H19A DPV CA . 23.38 -20.99 -18.63
H20 DPV CA . 21.15 -20.81 -19.52
H20A DPV CA . 20.96 -21.37 -17.84
H21 DPV CA . 20.46 -19.06 -17.15
H21A DPV CA . 20.80 -18.48 -18.78
H22 DPV CA . 18.85 -19.81 -19.69
H22A DPV CA . 18.55 -20.48 -18.08
H23 DPV CA . 18.20 -17.53 -18.81
H23A DPV CA . 17.96 -18.18 -17.24
H23B DPV CA . 16.91 -18.69 -18.60
N DPV DA . -4.90 -8.35 -12.24
P DPV DA . -2.80 -11.81 -15.60
C1 DPV DA . -0.56 -10.50 -16.16
C2 DPV DA . 0.12 -11.40 -17.26
C3 DPV DA . 1.65 -11.43 -17.10
C4 DPV DA . -3.56 -10.03 -13.74
C5 DPV DA . -4.57 -8.82 -13.65
C6 DPV DA . -5.43 -9.47 -11.34
C7 DPV DA . -6.02 -7.25 -12.36
C8 DPV DA . -3.67 -7.74 -11.54
C15 DPV DA . 2.29 -12.29 -18.25
C16 DPV DA . 3.86 -12.18 -18.31
C17 DPV DA . 4.58 -13.00 -17.24
C18 DPV DA . 6.10 -12.71 -17.21
C19 DPV DA . 6.85 -13.54 -16.13
O1P DPV DA . -3.26 -12.96 -14.81
C20 DPV DA . 8.32 -13.06 -15.95
C21 DPV DA . 9.08 -13.93 -14.86
C22 DPV DA . 10.39 -13.23 -14.41
C23 DPV DA . 11.12 -14.01 -13.27
O2P DPV DA . -2.99 -12.04 -17.05
O3P DPV DA . -1.31 -11.37 -15.22
O4P DPV DA . -3.40 -10.39 -15.12
H1 DPV DA . 0.13 -9.90 -15.62
H1A DPV DA . -1.28 -9.83 -16.62
H2 DPV DA . -0.27 -12.37 -17.19
H2A DPV DA . -0.11 -11.05 -18.23
H3 DPV DA . 1.93 -11.84 -16.14
H3A DPV DA . 2.06 -10.43 -17.19
H4 DPV DA . -2.61 -9.76 -13.26
H4A DPV DA . -3.97 -10.91 -13.21
H5 DPV DA . -4.09 -7.97 -14.18
H5A DPV DA . -5.53 -9.06 -14.18
H6 DPV DA . -5.73 -9.05 -10.40
H6A DPV DA . -4.65 -10.21 -11.23
H6B DPV DA . -6.30 -9.93 -11.81
H7 DPV DA . -5.61 -6.39 -12.84
H7A DPV DA . -6.37 -7.02 -11.36
H7B DPV DA . -6.84 -7.62 -12.95
H8 DPV DA . -4.04 -7.18 -10.68
H8A DPV DA . -3.18 -7.08 -12.27
H8B DPV DA . -3.01 -8.57 -11.26
H15 DPV DA . 1.90 -12.00 -19.26
H15A DPV DA . 2.00 -13.35 -18.09
H16 DPV DA . 4.16 -12.55 -19.28
H16A DPV DA . 4.19 -11.14 -18.24
H17 DPV DA . 4.18 -12.77 -16.24
H17A DPV DA . 4.41 -14.06 -17.42
H18 DPV DA . 6.52 -12.93 -18.17
H18A DPV DA . 6.28 -11.64 -17.04
H19 DPV DA . 6.33 -13.45 -15.20
H19A DPV DA . 6.83 -14.58 -16.44
H20 DPV DA . 8.87 -13.17 -16.92
H20A DPV DA . 8.29 -12.02 -15.62
H21 DPV DA . 8.44 -14.06 -13.97
H21A DPV DA . 9.31 -14.93 -15.29
H22 DPV DA . 11.11 -13.15 -15.28
H22A DPV DA . 10.12 -12.21 -14.03
H23 DPV DA . 12.01 -13.51 -12.93
H23A DPV DA . 11.43 -15.00 -13.63
H23B DPV DA . 10.45 -14.17 -12.43
N DPV EA . 20.63 -5.54 -20.45
P DPV EA . 18.34 -1.78 -17.68
C1 DPV EA . 16.64 -3.47 -16.59
C2 DPV EA . 16.22 -4.04 -15.25
C3 DPV EA . 15.28 -5.25 -15.43
C4 DPV EA . 19.67 -3.46 -19.18
C5 DPV EA . 20.44 -4.77 -19.12
C6 DPV EA . 19.28 -5.98 -21.07
C7 DPV EA . 21.47 -6.85 -20.18
C8 DPV EA . 21.39 -4.68 -21.49
C15 DPV EA . 14.98 -5.95 -14.09
C16 DPV EA . 14.00 -7.14 -14.35
C17 DPV EA . 13.72 -7.98 -13.08
C18 DPV EA . 12.71 -9.13 -13.39
C19 DPV EA . 12.36 -9.93 -12.08
O1P DPV EA . 19.05 -0.53 -17.37
C20 DPV EA . 13.41 -11.02 -11.66
C21 DPV EA . 12.87 -11.90 -10.51
C22 DPV EA . 13.84 -13.03 -10.14
C23 DPV EA . 13.25 -13.90 -9.01
O2P DPV EA . 17.38 -1.60 -18.79
O3P DPV EA . 17.65 -2.47 -16.39
O4P DPV EA . 19.30 -3.03 -17.87
H1 DPV EA . 17.09 -4.26 -17.23
H1A DPV EA . 15.80 -2.98 -17.10
H2 DPV EA . 17.10 -4.36 -14.68
H2A DPV EA . 15.74 -3.27 -14.66
H3 DPV EA . 15.73 -5.96 -16.10
H3A DPV EA . 14.35 -4.92 -15.86
H4 DPV EA . 20.24 -2.65 -19.64
H4A DPV EA . 18.75 -3.62 -19.74
H5 DPV EA . 21.45 -4.59 -18.73
H5A DPV EA . 19.91 -5.45 -18.42
H6 DPV EA . 18.72 -6.59 -20.34
H6A DPV EA . 19.48 -6.57 -21.98
H6B DPV EA . 18.66 -5.11 -21.32
H7 DPV EA . 21.53 -7.41 -21.12
H7A DPV EA . 20.94 -7.47 -19.45
H7B DPV EA . 22.46 -6.56 -19.79
H8 DPV EA . 21.53 -5.30 -22.38
H8A DPV EA . 22.35 -4.41 -21.04
H8B DPV EA . 20.80 -3.81 -21.78
H15 DPV EA . 14.51 -5.22 -13.41
H15A DPV EA . 15.93 -6.31 -13.66
H16 DPV EA . 13.06 -6.72 -14.70
H16A DPV EA . 14.39 -7.79 -15.12
H17 DPV EA . 14.66 -8.40 -12.70
H17A DPV EA . 13.28 -7.33 -12.32
H18 DPV EA . 11.81 -8.68 -13.83
H18A DPV EA . 13.12 -9.81 -14.13
H19 DPV EA . 12.18 -9.23 -11.27
H19A DPV EA . 11.44 -10.45 -12.31
H20 DPV EA . 13.62 -11.64 -12.55
H20A DPV EA . 14.34 -10.50 -11.35
H21 DPV EA . 12.70 -11.26 -9.66
H21A DPV EA . 11.92 -12.34 -10.83
H22 DPV EA . 14.05 -13.62 -11.05
H22A DPV EA . 14.79 -12.62 -9.79
H23 DPV EA . 13.92 -14.74 -8.78
H23A DPV EA . 12.27 -14.32 -9.28
H23B DPV EA . 13.12 -13.35 -8.09
N DPV FA . 12.56 2.30 -16.95
P DPV FA . 12.69 -2.41 -17.78
C1 DPV FA . 11.34 -4.08 -16.31
C2 DPV FA . 10.44 -4.19 -15.03
C3 DPV FA . 11.28 -3.88 -13.74
C4 DPV FA . 13.10 -0.22 -16.24
C5 DPV FA . 13.27 0.94 -17.29
C6 DPV FA . 13.00 2.90 -15.61
C7 DPV FA . 11.06 2.12 -16.93
C8 DPV FA . 12.89 3.33 -18.04
C15 DPV FA . 10.38 -3.90 -12.46
C16 DPV FA . 11.19 -3.93 -11.16
C17 DPV FA . 11.52 -5.40 -10.69
C18 DPV FA . 12.89 -5.46 -9.91
C19 DPV FA . 13.08 -6.83 -9.20
O1P DPV FA . 12.05 -1.62 -18.86
C20 DPV FA . 14.45 -6.82 -8.44
C21 DPV FA . 14.59 -8.09 -7.57
C22 DPV FA . 15.89 -8.12 -6.75
C23 DPV FA . 15.92 -9.27 -5.74
O2P DPV FA . 13.42 -3.61 -18.27
O3P DPV FA . 11.69 -2.72 -16.54
O4P DPV FA . 13.61 -1.47 -16.76
H1 DPV FA . 12.25 -4.64 -16.18
H1A DPV FA . 10.82 -4.46 -17.16
H2 DPV FA . 9.60 -3.50 -15.10
H2A DPV FA . 10.04 -5.19 -14.97
H3 DPV FA . 11.80 -2.94 -13.79
H3A DPV FA . 12.01 -4.66 -13.64
H4 DPV FA . 13.65 0.03 -15.36
H4A DPV FA . 12.05 -0.37 -15.98
H5 DPV FA . 14.33 1.16 -17.42
H5A DPV FA . 12.84 0.61 -18.26
H6 DPV FA . 12.65 2.24 -14.80
H6A DPV FA . 12.57 3.89 -15.44
H6B DPV FA . 14.12 2.94 -15.60
H7 DPV FA . 10.71 1.79 -17.93
H7A DPV FA . 10.56 3.06 -16.69
H7B DPV FA . 10.82 1.36 -16.18
H8 DPV FA . 12.38 4.27 -17.80
H8A DPV FA . 12.54 2.96 -19.01
H8B DPV FA . 13.97 3.49 -18.10
H15 DPV FA . 9.70 -4.76 -12.52
H15A DPV FA . 9.75 -2.98 -12.44
H16 DPV FA . 12.13 -3.33 -11.31
H16A DPV FA . 10.62 -3.41 -10.34
H17 DPV FA . 10.75 -5.77 -10.06
H17A DPV FA . 11.58 -6.05 -11.55
H18 DPV FA . 13.69 -5.29 -10.61
H18A DPV FA . 12.91 -4.68 -9.17
H19 DPV FA . 12.26 -7.00 -8.51
H19A DPV FA . 13.05 -7.61 -9.92
H20 DPV FA . 15.27 -6.77 -9.16
H20A DPV FA . 14.49 -5.96 -7.76
H21 DPV FA . 13.75 -8.14 -6.89
H21A DPV FA . 14.53 -8.99 -8.17
H22 DPV FA . 16.76 -8.20 -7.44
H22A DPV FA . 15.99 -7.18 -6.19
H23 DPV FA . 15.06 -9.24 -5.06
H23A DPV FA . 16.85 -9.24 -5.19
H23B DPV FA . 15.90 -10.23 -6.27
N DPV GA . -1.55 -1.10 -12.73
P DPV GA . 1.10 -0.07 -16.57
C1 DPV GA . -0.44 -1.74 -17.97
C2 DPV GA . -1.93 -1.89 -18.39
C3 DPV GA . -2.33 -3.38 -18.62
C4 DPV GA . 0.58 -0.13 -14.03
C5 DPV GA . -0.02 -1.07 -12.90
C6 DPV GA . -2.26 -1.84 -13.92
C7 DPV GA . -2.18 0.30 -12.52
C8 DPV GA . -1.78 -1.91 -11.46
C15 DPV GA . -2.62 -4.14 -17.26
C16 DPV GA . -2.62 -5.70 -17.42
C17 DPV GA . -2.41 -6.47 -16.06
C18 DPV GA . -0.89 -6.38 -15.58
C19 DPV GA . -0.66 -7.07 -14.23
O1P DPV GA . 1.47 1.36 -16.50
C20 DPV GA . 0.64 -6.53 -13.51
C21 DPV GA . 0.38 -5.23 -12.66
C22 DPV GA . 1.61 -4.77 -11.87
C23 DPV GA . 1.73 -5.49 -10.49
O2P DPV GA . 2.27 -0.96 -16.82
O3P DPV GA . -0.15 -0.37 -17.59
O4P DPV GA . 0.19 -0.54 -15.32
H1 DPV GA . -0.28 -2.37 -17.10
H1A DPV GA . 0.22 -2.05 -18.75
H2 DPV GA . -2.59 -1.43 -17.64
H2A DPV GA . -2.13 -1.39 -19.33
H3 DPV GA . -1.55 -3.86 -19.20
H3A DPV GA . -3.23 -3.41 -19.23
H4 DPV GA . 0.25 0.89 -13.88
H4A DPV GA . 1.67 -0.16 -13.99
H5 DPV GA . 0.34 -2.10 -13.06
H5A DPV GA . 0.38 -0.71 -11.96
H6 DPV GA . -1.88 -2.84 -14.02
H6A DPV GA . -2.10 -1.27 -14.83
H6B DPV GA . -3.31 -1.95 -13.69
H7 DPV GA . -3.26 0.16 -12.34
H7A DPV GA . -2.02 0.91 -13.43
H7B DPV GA . -1.64 0.80 -11.70
H8 DPV GA . -2.85 -2.04 -11.35
H8A DPV GA . -1.35 -1.33 -10.65
H8B DPV GA . -1.31 -2.88 -11.55
H15 DPV GA . -3.61 -3.84 -16.91
H15A DPV GA . -1.96 -3.81 -16.45
H16 DPV GA . -3.56 -6.02 -17.87
H16A DPV GA . -1.84 -6.00 -18.10
H17 DPV GA . -3.09 -6.01 -15.31
H17A DPV GA . -2.71 -7.52 -16.22
H18 DPV GA . -0.23 -6.81 -16.33
H18A DPV GA . -0.64 -5.29 -15.50
H19 DPV GA . -1.54 -6.86 -13.59
H19A DPV GA . -0.60 -8.15 -14.38
H20 DPV GA . 1.10 -7.31 -12.86
H20A DPV GA . 1.38 -6.32 -14.26
H21 DPV GA . 0.12 -4.39 -13.33
H21A DPV GA . -0.48 -5.39 -11.99
H22 DPV GA . 2.54 -4.89 -12.41
H22A DPV GA . 1.45 -3.72 -11.68
H23 DPV GA . 0.86 -5.27 -9.89
H23A DPV GA . 2.60 -5.10 -9.96
H23B DPV GA . 1.82 -6.57 -10.60
N DPV HA . -7.33 -9.03 -6.61
P DPV HA . -6.57 -4.66 -9.42
C1 DPV HA . -7.37 -2.26 -8.86
C2 DPV HA . -7.65 -1.36 -7.64
C3 DPV HA . -9.11 -1.55 -7.04
C4 DPV HA . -6.89 -6.97 -8.18
C5 DPV HA . -6.90 -7.52 -6.72
C6 DPV HA . -6.27 -9.93 -7.29
C7 DPV HA . -8.74 -9.34 -7.21
C8 DPV HA . -7.34 -9.39 -5.12
C15 DPV HA . -9.39 -2.93 -6.35
C16 DPV HA . -8.59 -3.12 -5.03
C17 DPV HA . -9.03 -4.42 -4.28
C18 DPV HA . -8.31 -4.60 -2.92
C19 DPV HA . -7.26 -5.72 -2.94
O1P DPV HA . -5.36 -4.54 -10.27
C20 DPV HA . -5.92 -5.30 -3.56
C21 DPV HA . -4.94 -6.54 -3.65
C22 DPV HA . -3.68 -6.21 -4.51
C23 DPV HA . -2.79 -7.44 -4.78
O2P DPV HA . -7.80 -4.95 -10.23
O3P DPV HA . -6.74 -3.47 -8.38
O4P DPV HA . -6.39 -5.62 -8.16
H1 DPV HA . -8.29 -2.49 -9.39
H1A DPV HA . -6.69 -1.77 -9.53
H2 DPV HA . -6.96 -1.58 -6.88
H2A DPV HA . -7.50 -0.34 -7.95
H3 DPV HA . -9.85 -1.42 -7.85
H3A DPV HA . -9.31 -0.77 -6.31
H4 DPV HA . -6.26 -7.59 -8.82
H4A DPV HA . -7.92 -6.97 -8.57
H5 DPV HA . -5.91 -7.46 -6.30
H5A DPV HA . -7.61 -6.92 -6.13
H6 DPV HA . -6.27 -9.68 -8.33
H6A DPV HA . -6.55 -10.96 -7.11
H6B DPV HA . -5.29 -9.74 -6.86
H7 DPV HA . -9.46 -8.67 -6.77
H7A DPV HA . -9.01 -10.36 -7.02
H7B DPV HA . -8.72 -9.19 -8.28
H8 DPV HA . -8.08 -8.73 -4.65
H8A DPV HA . -6.35 -9.22 -4.70
H8B DPV HA . -7.60 -10.46 -5.00
H15 DPV HA . -9.11 -3.72 -7.05
H15A DPV HA . -10.47 -3.02 -6.17
H16 DPV HA . -7.52 -3.09 -5.20
H16A DPV HA . -8.79 -2.29 -4.38
H17 DPV HA . -10.13 -4.39 -4.09
H17A DPV HA . -8.81 -5.28 -4.95
H18 DPV HA . -7.88 -3.66 -2.53
H18A DPV HA . -9.07 -4.87 -2.18
H19 DPV HA . -7.13 -6.03 -1.91
H19A DPV HA . -7.62 -6.61 -3.46
H20 DPV HA . -6.09 -4.91 -4.57
H20A DPV HA . -5.51 -4.51 -2.95
H21 DPV HA . -4.65 -6.83 -2.66
H21A DPV HA . -5.46 -7.38 -4.09
H22 DPV HA . -4.01 -5.82 -5.49
H22A DPV HA . -3.10 -5.38 -4.06
H23 DPV HA . -3.35 -8.20 -5.36
H23A DPV HA . -2.45 -7.92 -3.86
H23B DPV HA . -1.92 -7.13 -5.38
N DPV IA . -7.79 -12.05 -14.81
P DPV IA . -8.17 -12.32 -9.98
C1 DPV IA . -9.33 -13.26 -7.83
C2 DPV IA . -8.41 -13.51 -6.59
C3 DPV IA . -9.12 -13.19 -5.26
C4 DPV IA . -8.85 -12.70 -12.47
C5 DPV IA . -7.55 -12.60 -13.33
C6 DPV IA . -8.28 -10.60 -14.77
C7 DPV IA . -8.77 -12.91 -15.66
C8 DPV IA . -6.43 -12.04 -15.51
C15 DPV IA . -8.17 -13.42 -4.04
C16 DPV IA . -8.79 -13.02 -2.66
C17 DPV IA . -8.34 -11.61 -2.14
C18 DPV IA . -6.86 -11.65 -1.63
C19 DPV IA . -6.22 -10.24 -1.51
O1P DPV IA . -6.76 -11.95 -9.89
C20 DPV IA . -4.73 -10.27 -1.14
C21 DPV IA . -3.78 -10.58 -2.34
C22 DPV IA . -2.30 -10.60 -1.90
C23 DPV IA . -1.34 -10.91 -3.11
O2P DPV IA . -9.08 -11.16 -9.85
O3P DPV IA . -8.57 -13.54 -9.01
O4P DPV IA . -8.52 -13.29 -11.18
H1 DPV IA . -10.21 -13.90 -7.72
H1A DPV IA . -9.62 -12.22 -7.86
H2 DPV IA . -8.07 -14.54 -6.54
H2A DPV IA . -7.55 -12.87 -6.70
H3 DPV IA . -9.99 -13.84 -5.11
H3A DPV IA . -9.44 -12.19 -5.27
H4 DPV IA . -9.31 -11.73 -12.31
H4A DPV IA . -9.56 -13.43 -12.97
H5 DPV IA . -6.85 -11.93 -12.85
H5A DPV IA . -7.06 -13.56 -13.39
H6 DPV IA . -9.27 -10.58 -14.29
H6A DPV IA . -8.36 -10.18 -15.79
H6B DPV IA . -7.57 -10.00 -14.19
H7 DPV IA . -8.45 -13.94 -15.68
H7A DPV IA . -8.88 -12.50 -16.65
H7B DPV IA . -9.73 -12.87 -15.18
H8 DPV IA . -6.08 -13.07 -15.54
H8A DPV IA . -5.75 -11.40 -14.95
H8B DPV IA . -6.61 -11.74 -16.55
H15 DPV IA . -7.26 -12.85 -4.19
H15A DPV IA . -7.91 -14.47 -3.98
H16 DPV IA . -9.91 -13.06 -2.67
H16A DPV IA . -8.49 -13.81 -1.92
H17 DPV IA . -8.40 -10.87 -2.95
H17A DPV IA . -9.01 -11.30 -1.34
H18 DPV IA . -6.85 -12.13 -0.69
H18A DPV IA . -6.24 -12.22 -2.32
H19 DPV IA . -6.34 -9.70 -2.45
H19A DPV IA . -6.75 -9.64 -0.76
H20 DPV IA . -4.42 -9.31 -0.72
H20A DPV IA . -4.56 -11.01 -0.36
H21 DPV IA . -4.00 -11.54 -2.76
H21A DPV IA . -3.90 -9.80 -3.09
H22 DPV IA . -2.02 -9.64 -1.51
H22A DPV IA . -2.14 -11.34 -1.12
H23 DPV IA . -1.55 -11.87 -3.54
H23A DPV IA . -0.31 -10.94 -2.79
H23B DPV IA . -1.43 -10.14 -3.87
N DPV JA . -1.50 -20.39 9.55
P DPV JA . -2.03 -22.31 4.69
C1 DPV JA . -0.07 -21.04 3.47
C2 DPV JA . 0.80 -21.30 2.26
C3 DPV JA . 0.84 -20.08 1.27
C4 DPV JA . -2.10 -21.27 7.15
C5 DPV JA . -1.15 -20.48 8.04
C6 DPV JA . -1.75 -21.74 10.24
C7 DPV JA . -2.72 -19.49 9.76
C8 DPV JA . -0.30 -19.70 10.28
C15 DPV JA . 1.82 -20.35 0.07
C16 DPV JA . 1.09 -20.97 -1.15
C17 DPV JA . 2.06 -21.14 -2.36
C18 DPV JA . 1.28 -21.51 -3.68
C19 DPV JA . 2.27 -21.67 -4.86
O1P DPV JA . -2.43 -23.59 5.25
C20 DPV JA . 1.52 -21.70 -6.26
C21 DPV JA . 1.23 -20.32 -6.84
C22 DPV JA . 0.49 -20.36 -8.20
C23 DPV JA . 0.56 -19.02 -8.96
O2P DPV JA . -3.07 -21.81 3.76
O3P DPV JA . -0.57 -22.30 4.05
O4P DPV JA . -1.58 -21.24 5.78
H1 DPV JA . 0.53 -20.49 4.24
H1A DPV JA . -0.94 -20.43 3.17
H2 DPV JA . 1.80 -21.52 2.58
H2A DPV JA . 0.42 -22.16 1.78
H3 DPV JA . 1.21 -19.21 1.85
H3A DPV JA . -0.14 -19.80 0.92
H4 DPV JA . -2.21 -22.31 7.48
H4A DPV JA . -3.11 -20.84 7.15
H5 DPV JA . -0.14 -20.94 7.97
H5A DPV JA . -1.08 -19.44 7.66
H6 DPV JA . -0.91 -22.37 10.01
H6A DPV JA . -2.66 -22.16 9.84
H6B DPV JA . -1.83 -21.58 11.31
H7 DPV JA . -3.61 -20.01 9.41
H7A DPV JA . -2.57 -18.56 9.22
H7B DPV JA . -2.83 -19.27 10.81
H8 DPV JA . -0.53 -19.64 11.35
H8A DPV JA . -0.15 -18.70 9.86
H8B DPV JA . 0.59 -20.31 10.17
H15 DPV JA . 2.70 -20.97 0.35
H15A DPV JA . 2.25 -19.37 -0.26
H16 DPV JA . 0.63 -21.95 -0.89
H16A DPV JA . 0.25 -20.34 -1.44
H17 DPV JA . 2.61 -20.17 -2.53
H17A DPV JA . 2.78 -21.98 -2.13
H18 DPV JA . 0.77 -22.47 -3.53
H18A DPV JA . 0.54 -20.74 -3.93
H19 DPV JA . 2.97 -20.84 -4.85
H19A DPV JA . 2.81 -22.61 -4.74
H20 DPV JA . 2.11 -22.29 -6.99
H20A DPV JA . 0.57 -22.24 -6.15
H21 DPV JA . 0.63 -19.76 -6.14
H21A DPV JA . 2.18 -19.82 -6.99
H22 DPV JA . 0.90 -21.12 -8.87
H22A DPV JA . -0.56 -20.61 -8.04
H23 DPV JA . -0.12 -19.06 -9.79
H23A DPV JA . 1.56 -18.86 -9.36
H23B DPV JA . 0.27 -18.20 -8.33
N DPV KA . 3.01 -28.93 7.09
P DPV KA . -1.19 -27.55 6.02
C1 DPV KA . -0.84 -25.58 7.72
C2 DPV KA . 0.24 -24.76 8.45
C3 DPV KA . 0.99 -23.86 7.45
C4 DPV KA . 0.46 -29.53 6.51
C5 DPV KA . 1.99 -29.90 6.37
C6 DPV KA . 2.73 -28.78 8.60
C7 DPV KA . 3.03 -27.51 6.43
C8 DPV KA . 4.42 -29.54 6.94
C15 DPV KA . 1.92 -22.86 8.19
C16 DPV KA . 2.69 -21.91 7.23
C17 DPV KA . 3.64 -20.97 8.04
C18 DPV KA . 4.58 -20.11 7.09
C19 DPV KA . 5.55 -19.21 7.87
O1P DPV KA . -1.82 -26.99 4.83
C20 DPV KA . 6.62 -18.51 6.96
C21 DPV KA . 7.47 -17.53 7.83
C22 DPV KA . 8.59 -16.92 6.99
C23 DPV KA . 9.53 -16.08 7.85
O2P DPV KA . -2.13 -28.27 6.87
O3P DPV KA . -0.23 -26.52 6.78
O4P DPV KA . 0.14 -28.39 5.70
H1 DPV KA . -1.44 -26.13 8.44
H1A DPV KA . -1.48 -24.88 7.20
H2 DPV KA . -0.22 -24.19 9.22
H2A DPV KA . 0.94 -25.45 8.92
H3 DPV KA . 0.24 -23.26 6.87
H3A DPV KA . 1.62 -24.49 6.74
H4 DPV KA . -0.17 -30.36 6.17
H4A DPV KA . 0.20 -29.31 7.55
H5 DPV KA . 2.15 -30.88 6.71
H5A DPV KA . 2.22 -29.87 5.33
H6 DPV KA . 3.57 -28.23 9.04
H6A DPV KA . 2.64 -29.78 9.03
H6B DPV KA . 1.81 -28.23 8.73
H7 DPV KA . 3.81 -26.92 6.89
H7A DPV KA . 2.08 -27.03 6.59
H7B DPV KA . 3.19 -27.61 5.37
H8 DPV KA . 4.64 -29.68 5.88
H8A DPV KA . 4.43 -30.49 7.46
H8B DPV KA . 5.16 -28.87 7.37
H15 DPV KA . 2.62 -23.45 8.77
H15A DPV KA . 1.31 -22.24 8.84
H16 DPV KA . 3.23 -22.46 6.50
H16A DPV KA . 1.99 -21.29 6.72
H17 DPV KA . 3.08 -20.26 8.69
H17A DPV KA . 4.28 -21.56 8.69
H18 DPV KA . 5.12 -20.77 6.43
H18A DPV KA . 3.96 -19.44 6.48
H19 DPV KA . 5.00 -18.42 8.42
H19A DPV KA . 6.10 -19.82 8.61
H20 DPV KA . 7.26 -19.32 6.55
H20A DPV KA . 6.12 -17.92 6.15
H21 DPV KA . 6.82 -16.72 8.25
H21A DPV KA . 7.90 -18.08 8.66
H22 DPV KA . 9.18 -17.69 6.50
H22A DPV KA . 8.18 -16.28 6.19
H23 DPV KA . 9.91 -16.65 8.69
H23A DPV KA . 8.97 -15.25 8.27
H23B DPV KA . 10.36 -15.67 7.26
N DPV LA . 19.96 -34.13 4.65
P DPV LA . 22.14 -30.34 6.49
C1 DPV LA . 21.89 -27.94 7.49
C2 DPV LA . 22.02 -26.43 7.06
C3 DPV LA . 21.32 -25.44 8.07
C4 DPV LA . 21.35 -31.90 4.45
C5 DPV LA . 20.18 -32.67 5.15
C6 DPV LA . 18.80 -34.74 5.43
C7 DPV LA . 21.22 -35.03 4.87
C8 DPV LA . 19.56 -34.16 3.18
C15 DPV LA . 19.91 -24.95 7.56
C16 DPV LA . 19.38 -23.72 8.43
C17 DPV LA . 18.16 -23.11 7.73
C18 DPV LA . 17.51 -21.94 8.54
C19 DPV LA . 16.31 -21.31 7.78
O1P DPV LA . 21.31 -30.88 7.58
C20 DPV LA . 15.73 -20.08 8.49
C21 DPV LA . 14.80 -19.29 7.52
C22 DPV LA . 14.09 -18.14 8.26
C23 DPV LA . 13.20 -17.33 7.29
O2P DPV LA . 23.54 -30.77 6.58
O3P DPV LA . 21.96 -28.78 6.31
O4P DPV LA . 21.50 -30.56 5.03
H1 DPV LA . 22.73 -28.16 8.16
H1A DPV LA . 20.93 -28.13 7.97
H2 DPV LA . 23.10 -26.16 6.93
H2A DPV LA . 21.60 -26.30 6.10
H3 DPV LA . 22.01 -24.58 8.15
H3A DPV LA . 21.23 -25.89 9.05
H4 DPV LA . 22.32 -32.44 4.58
H4A DPV LA . 21.15 -31.79 3.38
H5 DPV LA . 20.36 -32.72 6.24
H5A DPV LA . 19.24 -32.13 4.95
H6 DPV LA . 17.89 -34.16 5.18
H6A DPV LA . 19.02 -34.70 6.50
H6B DPV LA . 18.66 -35.80 5.16
H7 DPV LA . 22.01 -34.68 4.23
H7A DPV LA . 20.97 -36.04 4.60
H7B DPV LA . 21.51 -35.01 5.91
H8 DPV LA . 20.35 -33.82 2.57
H8A DPV LA . 18.68 -33.56 3.07
H8B DPV LA . 19.33 -35.18 2.88
H15 DPV LA . 19.21 -25.79 7.62
H15A DPV LA . 19.98 -24.70 6.50
H16 DPV LA . 19.13 -24.01 9.41
H16A DPV LA . 20.15 -22.98 8.52
H17 DPV LA . 18.46 -22.70 6.76
H17A DPV LA . 17.41 -23.88 7.51
H18 DPV LA . 17.14 -22.27 9.53
H18A DPV LA . 18.24 -21.14 8.72
H19 DPV LA . 16.68 -20.98 6.79
H19A DPV LA . 15.53 -22.08 7.63
H20 DPV LA . 15.18 -20.44 9.41
H20A DPV LA . 16.54 -19.42 8.86
H21 DPV LA . 15.38 -18.86 6.72
H21A DPV LA . 14.08 -19.95 7.08
H22 DPV LA . 13.48 -18.57 9.06
H22A DPV LA . 14.82 -17.45 8.73
H23 DPV LA . 12.34 -17.93 7.01
H23A DPV LA . 13.80 -17.06 6.41
H23B DPV LA . 12.75 -16.45 7.76
N DPV MA . 13.11 -36.70 -8.54
P DPV MA . 13.15 -31.87 -9.08
C1 DPV MA . 12.81 -30.26 -7.08
C2 DPV MA . 13.47 -29.02 -6.42
C3 DPV MA . 13.14 -27.71 -7.19
C4 DPV MA . 14.10 -34.23 -8.56
C5 DPV MA . 12.86 -35.16 -8.28
C6 DPV MA . 13.47 -36.99 -10.00
C7 DPV MA . 11.82 -37.44 -8.22
C8 DPV MA . 14.20 -37.28 -7.60
C15 DPV MA . 13.69 -26.46 -6.43
C16 DPV MA . 13.08 -25.16 -7.00
C17 DPV MA . 13.59 -23.87 -6.20
C18 DPV MA . 13.11 -22.58 -6.88
C19 DPV MA . 13.60 -21.32 -6.10
O1P DPV MA . 13.73 -31.87 -10.45
C20 DPV MA . 13.12 -20.01 -6.77
C21 DPV MA . 13.65 -18.78 -5.98
C22 DPV MA . 13.23 -17.42 -6.59
C23 DPV MA . 13.79 -16.26 -5.72
O2P DPV MA . 11.70 -32.02 -9.13
O3P DPV MA . 13.64 -30.67 -8.19
O4P DPV MA . 13.85 -32.89 -8.09
H1 DPV MA . 12.78 -31.10 -6.38
H1A DPV MA . 11.80 -30.01 -7.41
H2 DPV MA . 13.13 -28.93 -5.38
H2A DPV MA . 14.56 -29.18 -6.42
H3 DPV MA . 12.05 -27.63 -7.33
H3A DPV MA . 13.58 -27.78 -8.22
H4 DPV MA . 14.99 -34.60 -8.04
H4A DPV MA . 14.31 -34.23 -9.63
H5 DPV MA . 12.59 -35.08 -7.22
H5A DPV MA . 12.01 -34.85 -8.89
H6 DPV MA . 14.43 -36.54 -10.22
H6A DPV MA . 12.70 -36.54 -10.63
H6B DPV MA . 13.52 -38.07 -10.14
H7 DPV MA . 11.99 -38.50 -8.38
H7A DPV MA . 11.01 -37.09 -8.87
H7B DPV MA . 11.56 -37.24 -7.20
H8 DPV MA . 13.99 -37.01 -6.56
H8A DPV MA . 15.17 -36.84 -7.91
H8B DPV MA . 14.23 -38.38 -7.71
H15 DPV MA . 14.79 -26.44 -6.55
H15A DPV MA . 13.41 -26.54 -5.37
H16 DPV MA . 13.33 -25.07 -8.07
H16A DPV MA . 11.99 -25.20 -6.89
H17 DPV MA . 13.29 -23.89 -5.15
H17A DPV MA . 14.70 -23.88 -6.27
H18 DPV MA . 13.50 -22.51 -7.93
H18A DPV MA . 12.03 -22.60 -6.88
H19 DPV MA . 13.22 -21.31 -5.10
H19A DPV MA . 14.68 -21.33 -6.09
H20 DPV MA . 13.55 -19.95 -7.75
H20A DPV MA . 12.04 -19.98 -6.80
H21 DPV MA . 13.23 -18.80 -4.98
H21A DPV MA . 14.73 -18.83 -5.90
H22 DPV MA . 13.67 -17.34 -7.61
H22A DPV MA . 12.12 -17.36 -6.64
H23 DPV MA . 13.43 -15.31 -6.12
H23A DPV MA . 14.89 -16.23 -5.75
H23B DPV MA . 13.43 -16.35 -4.69
N DPV NA . 3.36 -31.27 -4.77
P DPV NA . 0.68 -30.73 -0.96
C1 DPV NA . 1.08 -28.45 -2.19
C2 DPV NA . 2.07 -27.25 -2.27
C3 DPV NA . 1.95 -26.27 -1.08
C4 DPV NA . 2.11 -32.18 -2.63
C5 DPV NA . 3.31 -31.40 -3.22
C6 DPV NA . 2.20 -30.36 -5.25
C7 DPV NA . 3.36 -32.63 -5.49
C8 DPV NA . 4.69 -30.52 -5.13
C15 DPV NA . 3.21 -25.41 -1.01
C16 DPV NA . 3.13 -24.33 0.08
C17 DPV NA . 4.50 -23.77 0.53
C18 DPV NA . 5.18 -22.89 -0.58
C19 DPV NA . 6.66 -22.56 -0.26
O1P DPV NA . -0.45 -30.91 -1.89
C20 DPV NA . 7.41 -21.91 -1.46
C21 DPV NA . 8.91 -21.84 -1.19
C22 DPV NA . 9.72 -21.38 -2.45
C23 DPV NA . 11.24 -21.30 -2.18
O2P DPV NA . 0.25 -30.76 0.44
O3P DPV NA . 1.61 -29.47 -1.31
O4P DPV NA . 1.86 -31.73 -1.25
H1 DPV NA . 0.11 -28.08 -1.81
H1A DPV NA . 0.93 -28.90 -3.16
H2 DPV NA . 3.08 -27.67 -2.28
H2A DPV NA . 1.92 -26.71 -3.22
H3 DPV NA . 1.85 -26.83 -0.16
H3A DPV NA . 1.06 -25.66 -1.23
H4 DPV NA . 1.24 -32.05 -3.25
H4A DPV NA . 2.34 -33.24 -2.59
H5 DPV NA . 3.34 -30.40 -2.81
H5A DPV NA . 4.25 -31.84 -2.87
H6 DPV NA . 2.30 -30.23 -6.34
H6A DPV NA . 2.29 -29.36 -4.77
H6B DPV NA . 1.27 -30.88 -5.02
H7 DPV NA . 4.17 -33.26 -5.07
H7A DPV NA . 3.57 -32.48 -6.57
H7B DPV NA . 2.38 -33.11 -5.37
H8 DPV NA . 5.57 -31.04 -4.75
H8A DPV NA . 4.68 -29.51 -4.70
H8B DPV NA . 4.77 -30.42 -6.21
H15 DPV NA . 3.44 -24.96 -1.99
H15A DPV NA . 4.04 -26.09 -0.76
H16 DPV NA . 2.47 -23.53 -0.27
H16A DPV NA . 2.64 -24.76 0.96
H17 DPV NA . 4.39 -23.18 1.43
H17A DPV NA . 5.17 -24.61 0.74
H18 DPV NA . 5.14 -23.39 -1.54
H18A DPV NA . 4.59 -21.96 -0.68
H19 DPV NA . 6.71 -21.87 0.60
H19A DPV NA . 7.11 -23.49 0.03
H20 DPV NA . 7.21 -22.48 -2.39
H20A DPV NA . 7.00 -20.89 -1.67
H21 DPV NA . 9.07 -21.15 -0.38
H21A DPV NA . 9.20 -22.84 -0.87
H22 DPV NA . 9.56 -22.11 -3.24
H22A DPV NA . 9.35 -20.43 -2.78
H23 DPV NA . 11.62 -22.28 -1.96
H23A DPV NA . 11.42 -20.62 -1.35
H23B DPV NA . 11.78 -20.92 -3.04
N DPV OA . 13.09 -26.96 -23.33
P DPV OA . 16.08 -27.36 -19.54
C1 DPV OA . 15.53 -26.44 -17.12
C2 DPV OA . 14.25 -26.21 -16.29
C3 DPV OA . 13.13 -25.50 -17.13
C4 DPV OA . 14.79 -26.11 -21.49
C5 DPV OA . 13.76 -27.20 -21.96
C6 DPV OA . 12.15 -28.12 -23.61
C7 DPV OA . 14.13 -26.89 -24.49
C8 DPV OA . 12.22 -25.69 -23.36
C15 DPV OA . 13.20 -23.93 -17.00
C16 DPV OA . 12.55 -23.22 -18.22
C17 DPV OA . 12.58 -21.67 -17.99
C18 DPV OA . 11.61 -20.90 -18.92
C19 DPV OA . 11.49 -19.42 -18.52
O1P DPV OA . 16.06 -28.63 -20.30
C20 DPV OA . 10.52 -18.69 -19.44
C21 DPV OA . 10.40 -17.17 -19.03
C22 DPV OA . 9.33 -16.44 -19.86
C23 DPV OA . 9.25 -14.95 -19.45
O2P DPV OA . 17.44 -26.79 -19.40
O3P DPV OA . 15.24 -27.42 -18.15
O4P DPV OA . 15.04 -26.27 -20.04
H1 DPV OA . 15.88 -25.51 -17.56
H1A DPV OA . 16.31 -26.86 -16.50
H2 DPV OA . 13.89 -27.17 -15.95
H2A DPV OA . 14.47 -25.56 -15.44
H3 DPV OA . 12.16 -25.80 -16.72
H3A DPV OA . 13.20 -25.81 -18.20
H4 DPV OA . 15.74 -26.20 -22.02
H4A DPV OA . 14.35 -25.14 -21.72
H5 DPV OA . 14.27 -28.14 -22.04
H5A DPV OA . 12.97 -27.29 -21.26
H6 DPV OA . 11.41 -28.20 -22.81
H6A DPV OA . 12.75 -29.05 -23.63
H6B DPV OA . 11.66 -27.95 -24.58
H7 DPV OA . 14.74 -25.99 -24.38
H7A DPV OA . 13.59 -26.87 -25.44
H7B DPV OA . 14.80 -27.75 -24.46
H8 DPV OA . 11.65 -25.69 -24.30
H8A DPV OA . 12.86 -24.82 -23.29
H8B DPV OA . 11.52 -25.73 -22.53
H15 DPV OA . 14.22 -23.64 -16.87
H15A DPV OA . 12.67 -23.62 -16.09
H16 DPV OA . 13.04 -23.48 -19.13
H16A DPV OA . 11.54 -23.55 -18.30
H17 DPV OA . 12.40 -21.41 -16.93
H17A DPV OA . 13.60 -21.34 -18.19
H18 DPV OA . 11.90 -21.00 -19.96
H18A DPV OA . 10.66 -21.37 -18.82
H19 DPV OA . 11.15 -19.35 -17.49
H19A DPV OA . 12.46 -18.94 -18.60
H20 DPV OA . 10.81 -18.79 -20.50
H20A DPV OA . 9.54 -19.16 -19.32
H21 DPV OA . 10.18 -17.07 -17.99
H21A DPV OA . 11.37 -16.71 -19.20
H22 DPV OA . 9.62 -16.52 -20.88
H22A DPV OA . 8.38 -16.90 -19.77
H23 DPV OA . 10.25 -14.48 -19.32
H23A DPV OA . 8.72 -14.84 -18.50
H23B DPV OA . 8.73 -14.39 -20.23
N DPV PA . 6.04 -15.23 -22.75
P DPV PA . 10.38 -17.46 -24.62
C1 DPV PA . 12.35 -17.29 -22.86
C2 DPV PA . 13.19 -18.59 -23.15
C3 DPV PA . 14.05 -18.98 -21.90
C4 DPV PA . 8.15 -16.44 -23.79
C5 DPV PA . 7.57 -15.19 -23.03
C6 DPV PA . 5.23 -15.30 -24.08
C7 DPV PA . 5.66 -13.97 -21.98
C8 DPV PA . 5.70 -16.43 -21.87
C15 DPV PA . 14.65 -20.43 -22.11
C16 DPV PA . 15.51 -20.90 -20.92
C17 DPV PA . 15.65 -22.45 -20.96
C18 DPV PA . 16.88 -23.00 -20.17
C19 DPV PA . 16.79 -22.75 -18.64
O1P DPV PA . 10.11 -18.80 -24.09
C20 DPV PA . 18.03 -23.27 -17.94
C21 DPV PA . 18.03 -22.96 -16.39
C22 DPV PA . 19.36 -23.46 -15.66
C23 DPV PA . 19.40 -23.04 -14.20
O2P DPV PA . 10.22 -17.39 -26.08
O3P DPV PA . 11.77 -16.82 -24.13
O4P DPV PA . 9.58 -16.31 -23.85
H1 DPV PA . 11.53 -17.50 -22.15
H1A DPV PA . 13.00 -16.51 -22.49
H2 DPV PA . 12.50 -19.37 -23.35
H2A DPV PA . 13.83 -18.42 -23.97
H3 DPV PA . 13.44 -19.00 -20.99
H3A DPV PA . 14.82 -18.22 -21.70
H4 DPV PA . 7.89 -17.37 -23.26
H4A DPV PA . 7.73 -16.47 -24.81
H5 DPV PA . 8.08 -15.12 -22.06
H5A DPV PA . 7.81 -14.28 -23.62
H6 DPV PA . 5.40 -16.26 -24.56
H6A DPV PA . 5.54 -14.46 -24.70
H6B DPV PA . 4.17 -15.20 -23.84
H7 DPV PA . 6.19 -13.97 -21.01
H7A DPV PA . 4.56 -13.98 -21.82
H7B DPV PA . 5.95 -13.08 -22.56
H8 DPV PA . 6.25 -16.28 -20.94
H8A DPV PA . 6.01 -17.37 -22.35
H8B DPV PA . 4.61 -16.44 -21.67
H15 DPV PA . 15.24 -20.46 -23.00
H15A DPV PA . 13.81 -21.12 -22.24
H16 DPV PA . 16.50 -20.38 -20.98
H16A DPV PA . 15.06 -20.64 -19.96
H17 DPV PA . 14.73 -22.92 -20.58
H17A DPV PA . 15.74 -22.80 -22.01
H18 DPV PA . 16.95 -24.06 -20.33
H18A DPV PA . 17.76 -22.51 -20.57
H19 DPV PA . 16.65 -21.66 -18.45
H19A DPV PA . 15.93 -23.32 -18.26
H20 DPV PA . 18.07 -24.34 -18.10
H20A DPV PA . 18.93 -22.89 -18.43
H21 DPV PA . 17.91 -21.87 -16.26
H21A DPV PA . 17.14 -23.42 -15.90
H22 DPV PA . 19.39 -24.55 -15.74
H22A DPV PA . 20.27 -23.05 -16.14
H23 DPV PA . 20.31 -23.42 -13.72
H23A DPV PA . 18.55 -23.42 -13.65
H23B DPV PA . 19.37 -21.95 -14.09
N DPV QA . 33.48 -14.98 -10.80
P DPV QA . 30.01 -11.84 -8.44
C1 DPV QA . 28.12 -11.87 -6.66
C2 DPV QA . 27.86 -12.26 -5.16
C3 DPV QA . 27.63 -13.80 -4.93
C4 DPV QA . 31.54 -13.48 -9.80
C5 DPV QA . 32.60 -14.62 -9.53
C6 DPV QA . 34.32 -13.80 -11.27
C7 DPV QA . 32.63 -15.54 -11.95
C8 DPV QA . 34.49 -16.06 -10.37
C15 DPV QA . 26.19 -14.35 -5.32
C16 DPV QA . 25.11 -13.85 -4.33
C17 DPV QA . 23.74 -14.58 -4.49
C18 DPV QA . 22.69 -14.05 -3.51
C19 DPV QA . 21.32 -14.70 -3.83
O1P DPV QA . 30.80 -10.60 -8.26
C20 DPV QA . 20.24 -14.30 -2.77
C21 DPV QA . 18.78 -14.67 -3.19
C22 DPV QA . 18.45 -16.17 -3.11
C23 DPV QA . 16.91 -16.39 -3.33
O2P DPV QA . 29.04 -11.75 -9.55
O3P DPV QA . 29.38 -12.39 -7.07
O4P DPV QA . 30.94 -13.15 -8.52
H1 DPV QA . 27.29 -12.24 -7.31
H1A DPV QA . 28.19 -10.77 -6.76
H2 DPV QA . 28.71 -11.94 -4.57
H2A DPV QA . 26.99 -11.71 -4.80
H3 DPV QA . 27.86 -14.02 -3.89
H3A DPV QA . 28.35 -14.36 -5.47
H4 DPV QA . 32.03 -12.60 -10.24
H4A DPV QA . 30.74 -13.86 -10.46
H5 DPV QA . 33.28 -14.32 -8.74
H5A DPV QA . 32.11 -15.53 -9.19
H6 DPV QA . 34.93 -13.44 -10.45
H6A DPV QA . 33.65 -13.02 -11.60
H6B DPV QA . 34.96 -14.13 -12.08
H7 DPV QA . 32.05 -16.36 -11.53
H7A DPV QA . 33.29 -15.90 -12.73
H7B DPV QA . 31.95 -14.77 -12.31
H8 DPV QA . 33.92 -16.94 -10.03
H8A DPV QA . 35.08 -15.64 -9.56
H8B DPV QA . 35.16 -16.28 -11.20
H15 DPV QA . 26.27 -15.43 -5.34
H15A DPV QA . 25.94 -14.01 -6.33
H16 DPV QA . 25.48 -14.01 -3.35
H16A DPV QA . 24.92 -12.80 -4.52
H17 DPV QA . 23.39 -14.45 -5.52
H17A DPV QA . 23.87 -15.67 -4.32
H18 DPV QA . 22.99 -14.32 -2.47
H18A DPV QA . 22.64 -12.97 -3.59
H19 DPV QA . 21.03 -14.44 -4.83
H19A DPV QA . 21.42 -15.76 -3.81
H20 DPV QA . 20.49 -14.76 -1.82
H20A DPV QA . 20.28 -13.21 -2.61
H21 DPV QA . 18.09 -14.15 -2.52
H21A DPV QA . 18.61 -14.28 -4.25
H22 DPV QA . 18.98 -16.73 -3.86
H22A DPV QA . 18.77 -16.60 -2.16
H23 DPV QA . 16.70 -17.46 -3.40
H23A DPV QA . 16.57 -15.90 -4.25
H23B DPV QA . 16.35 -15.99 -2.49
N DPV RA . 31.51 -7.09 -6.64
P DPV RA . 28.92 -3.06 -4.45
C1 DPV RA . 26.59 -3.22 -5.65
C2 DPV RA . 26.06 -4.65 -5.91
C3 DPV RA . 24.52 -4.70 -5.91
C4 DPV RA . 30.06 -5.26 -5.30
C5 DPV RA . 31.47 -5.73 -5.84
C6 DPV RA . 32.96 -7.40 -7.00
C7 DPV RA . 30.70 -6.97 -7.91
C8 DPV RA . 30.92 -8.25 -5.84
C15 DPV RA . 23.88 -4.20 -7.21
C16 DPV RA . 22.33 -4.41 -7.21
C17 DPV RA . 21.68 -3.81 -8.49
C18 DPV RA . 20.21 -4.31 -8.74
C19 DPV RA . 20.21 -5.64 -9.53
O1P DPV RA . 28.37 -3.80 -3.28
C20 DPV RA . 18.79 -6.24 -9.73
C21 DPV RA . 18.85 -7.53 -10.56
C22 DPV RA . 17.42 -8.09 -10.75
C23 DPV RA . 17.43 -9.51 -11.41
O2P DPV RA . 29.20 -1.63 -4.11
O3P DPV RA . 28.04 -3.24 -5.78
O4P DPV RA . 30.13 -3.82 -5.15
H1 DPV RA . 26.23 -2.57 -6.42
H1A DPV RA . 26.30 -2.85 -4.70
H2 DPV RA . 26.40 -5.00 -6.90
H2A DPV RA . 26.48 -5.35 -5.20
H3 DPV RA . 24.10 -4.16 -5.04
H3A DPV RA . 24.24 -5.74 -5.77
H4 DPV RA . 29.31 -5.49 -6.02
H4A DPV RA . 29.85 -5.72 -4.37
H5 DPV RA . 31.89 -4.96 -6.49
H5A DPV RA . 32.15 -5.83 -5.01
H6 DPV RA . 33.55 -7.43 -6.08
H6A DPV RA . 33.32 -6.64 -7.69
H6B DPV RA . 33.00 -8.37 -7.50
H7 DPV RA . 29.64 -6.91 -7.61
H7A DPV RA . 30.90 -7.83 -8.56
H7B DPV RA . 30.99 -6.08 -8.48
H8 DPV RA . 29.92 -8.01 -5.55
H8A DPV RA . 31.45 -8.40 -4.93
H8B DPV RA . 30.92 -9.14 -6.43
H15 DPV RA . 24.32 -4.72 -8.04
H15A DPV RA . 24.13 -3.15 -7.34
H16 DPV RA . 22.14 -5.47 -7.20
H16A DPV RA . 21.87 -3.98 -6.29
H17 DPV RA . 21.62 -2.71 -8.34
H17A DPV RA . 22.31 -4.03 -9.34
H18 DPV RA . 19.70 -4.45 -7.78
H18A DPV RA . 19.66 -3.57 -9.32
H19 DPV RA . 20.68 -5.49 -10.52
H19A DPV RA . 20.82 -6.40 -9.01
H20 DPV RA . 18.31 -6.41 -8.74
H20A DPV RA . 18.12 -5.52 -10.22
H21 DPV RA . 19.31 -7.36 -11.57
H21A DPV RA . 19.48 -8.31 -10.04
H22 DPV RA . 16.93 -8.14 -9.79
H22A DPV RA . 16.86 -7.40 -11.37
H23 DPV RA . 18.12 -10.15 -10.84
H23A DPV RA . 17.80 -9.43 -12.43
H23B DPV RA . 16.45 -9.98 -11.36
N DPV SA . 21.00 8.18 -4.80
P DPV SA . 23.47 5.29 -7.79
C1 DPV SA . 23.77 7.35 -9.39
C2 DPV SA . 23.19 8.04 -10.63
C3 DPV SA . 21.84 8.78 -10.36
C4 DPV SA . 22.17 5.96 -5.62
C5 DPV SA . 20.87 6.68 -5.17
C6 DPV SA . 21.94 8.38 -3.61
C7 DPV SA . 19.61 8.70 -4.35
C8 DPV SA . 21.53 9.04 -5.97
C15 DPV SA . 20.70 7.87 -9.88
C16 DPV SA . 19.32 8.60 -9.83
C17 DPV SA . 18.35 8.07 -8.70
C18 DPV SA . 18.04 6.58 -8.83
C19 DPV SA . 16.98 6.13 -7.83
O1P DPV SA . 24.80 5.60 -7.25
C20 DPV SA . 16.82 4.57 -7.84
C21 DPV SA . 15.74 4.15 -6.81
C22 DPV SA . 15.63 2.61 -6.74
C23 DPV SA . 14.76 2.16 -5.55
O2P DPV SA . 23.22 3.84 -7.92
O3P DPV SA . 23.13 6.07 -9.16
O4P DPV SA . 22.30 6.08 -7.04
H1 DPV SA . 24.85 7.16 -9.50
H1A DPV SA . 23.62 7.99 -8.51
H2 DPV SA . 23.95 8.77 -11.00
H2A DPV SA . 23.04 7.25 -11.44
H3 DPV SA . 21.52 9.31 -11.24
H3A DPV SA . 22.01 9.59 -9.63
H4 DPV SA . 23.04 6.38 -5.17
H4A DPV SA . 22.08 4.90 -5.36
H5 DPV SA . 20.12 6.60 -5.98
H5A DPV SA . 20.47 6.20 -4.26
H6 DPV SA . 22.94 8.04 -3.89
H6A DPV SA . 21.57 7.80 -2.77
H6B DPV SA . 21.91 9.43 -3.34
H7 DPV SA . 19.70 9.74 -4.00
H7A DPV SA . 19.25 8.11 -3.50
H7B DPV SA . 18.92 8.63 -5.21
H8 DPV SA . 20.82 8.87 -6.77
H8A DPV SA . 22.53 8.73 -6.25
H8B DPV SA . 21.51 10.09 -5.61
H15 DPV SA . 20.95 7.45 -8.89
H15A DPV SA . 20.61 7.02 -10.56
H16 DPV SA . 19.46 9.68 -9.69
H16A DPV SA . 18.85 8.49 -10.80
H17 DPV SA . 18.80 8.25 -7.73
H17A DPV SA . 17.39 8.59 -8.76
H18 DPV SA . 17.68 6.39 -9.84
H18A DPV SA . 18.96 5.98 -8.71
H19 DPV SA . 17.31 6.45 -6.82
H19A DPV SA . 16.00 6.61 -8.04
H20 DPV SA . 16.57 4.23 -8.85
H20A DPV SA . 17.77 4.10 -7.59
H21 DPV SA . 15.95 4.61 -5.84
H21A DPV SA . 14.78 4.60 -7.08
H22 DPV SA . 15.23 2.26 -7.66
H22A DPV SA . 16.61 2.22 -6.68
H23 DPV SA . 13.73 2.50 -5.69
H23A DPV SA . 15.12 2.57 -4.61
H23B DPV SA . 14.76 1.09 -5.50
N DPV TA . 18.29 2.51 10.31
P DPV TA . 18.25 -2.71 10.22
C1 DPV TA . 17.63 -4.74 8.71
C2 DPV TA . 17.02 -4.98 7.33
C3 DPV TA . 16.81 -6.50 7.06
C4 DPV TA . 18.02 -0.08 10.52
C5 DPV TA . 17.80 1.21 9.68
C6 DPV TA . 17.52 2.84 11.65
C7 DPV TA . 18.03 3.66 9.30
C8 DPV TA . 19.78 2.52 10.58
C15 DPV TA . 16.40 -6.77 5.58
C16 DPV TA . 16.07 -8.27 5.32
C17 DPV TA . 15.95 -8.51 3.79
C18 DPV TA . 15.61 -9.95 3.44
C19 DPV TA . 15.79 -10.24 1.94
O1P DPV TA . 19.72 -2.82 10.24
C20 DPV TA . 15.60 -11.77 1.55
C21 DPV TA . 14.14 -12.23 1.39
C22 DPV TA . 14.10 -13.71 0.87
C23 DPV TA . 12.66 -14.29 0.80
O2P DPV TA . 17.63 -3.18 11.47
O3P DPV TA . 17.56 -3.30 8.93
O4P DPV TA . 17.69 -1.25 9.73
H1 DPV TA . 17.02 -5.21 9.51
H1A DPV TA . 18.65 -5.13 8.72
H2 DPV TA . 16.08 -4.45 7.26
H2A DPV TA . 17.66 -4.63 6.56
H3 DPV TA . 16.04 -6.92 7.73
H3A DPV TA . 17.72 -7.10 7.33
H4 DPV TA . 19.06 -0.13 10.83
H4A DPV TA . 17.39 -0.07 11.39
H5 DPV TA . 18.30 1.10 8.72
H5A DPV TA . 16.74 1.33 9.49
H6 DPV TA . 17.83 3.79 11.99
H6A DPV TA . 17.78 2.10 12.39
H6B DPV TA . 16.45 2.85 11.47
H7 DPV TA . 18.49 3.41 8.35
H7A DPV TA . 18.42 4.58 9.70
H7B DPV TA . 16.97 3.80 9.17
H8 DPV TA . 20.31 2.25 9.66
H8A DPV TA . 20.01 1.81 11.37
H8B DPV TA . 20.08 3.51 10.91
H15 DPV TA . 17.15 -6.43 4.92
H15A DPV TA . 15.55 -6.19 5.32
H16 DPV TA . 16.88 -8.91 5.77
H16A DPV TA . 15.08 -8.50 5.78
H17 DPV TA . 15.22 -7.84 3.33
H17A DPV TA . 16.89 -8.27 3.35
H18 DPV TA . 16.24 -10.62 4.04
H18A DPV TA . 14.54 -10.19 3.70
H19 DPV TA . 15.10 -9.63 1.36
H19A DPV TA . 16.77 -9.91 1.62
H20 DPV TA . 16.15 -12.04 0.63
H20A DPV TA . 16.07 -12.38 2.31
H21 DPV TA . 13.59 -12.10 2.33
H21A DPV TA . 13.67 -11.59 0.63
H22 DPV TA . 14.53 -13.77 -0.15
H22A DPV TA . 14.71 -14.33 1.54
H23 DPV TA . 12.70 -15.34 0.45
H23A DPV TA . 12.03 -13.72 0.11
H23B DPV TA . 12.18 -14.28 1.78
N DPV UA . 26.40 0.56 7.61
P DPV UA . 24.51 -2.01 11.10
C1 DPV UA . 23.80 -3.69 12.99
C2 DPV UA . 22.42 -4.31 12.65
C3 DPV UA . 21.55 -4.49 13.91
C4 DPV UA . 26.46 -1.55 9.25
C5 DPV UA . 25.59 -0.44 8.54
C6 DPV UA . 26.66 -0.09 6.26
C7 DPV UA . 27.74 1.03 8.23
C8 DPV UA . 25.54 1.80 7.37
C15 DPV UA . 20.22 -5.11 13.51
C16 DPV UA . 19.38 -5.49 14.76
C17 DPV UA . 18.07 -6.17 14.37
C18 DPV UA . 17.21 -6.61 15.60
C19 DPV UA . 16.12 -7.68 15.31
O1P DPV UA . 25.07 -0.99 12.01
C20 DPV UA . 14.86 -7.09 14.61
C21 DPV UA . 13.76 -8.18 14.41
C22 DPV UA . 12.52 -7.61 13.65
C23 DPV UA . 11.50 -8.70 13.52
O2P DPV UA . 23.19 -1.62 10.54
O3P DPV UA . 24.51 -3.48 11.74
O4P DPV UA . 25.56 -2.49 9.93
H1 DPV UA . 23.68 -2.72 13.53
H1A DPV UA . 24.39 -4.36 13.64
H2 DPV UA . 21.90 -3.62 11.94
H2A DPV UA . 22.53 -5.27 12.13
H3 DPV UA . 21.36 -3.50 14.40
H3A DPV UA . 22.09 -5.14 14.63
H4 DPV UA . 27.05 -2.07 8.54
H4A DPV UA . 27.13 -1.12 9.99
H5 DPV UA . 24.78 -0.89 8.00
H5A DPV UA . 25.14 0.17 9.30
H6 DPV UA . 25.70 -0.41 5.85
H6A DPV UA . 27.29 -0.95 6.43
H6B DPV UA . 27.12 0.62 5.59
H7 DPV UA . 28.39 0.16 8.40
H7A DPV UA . 27.57 1.49 9.21
H7B DPV UA . 28.23 1.74 7.55
H8 DPV UA . 25.38 2.26 8.34
H8A DPV UA . 24.59 1.50 6.94
H8B DPV UA . 26.02 2.46 6.67
H15 DPV UA . 20.38 -5.99 12.91
H15A DPV UA . 19.68 -4.36 12.93
H16 DPV UA . 19.98 -6.18 15.40
H16A DPV UA . 19.14 -4.61 15.34
H17 DPV UA . 17.49 -5.49 13.76
H17A DPV UA . 18.30 -7.07 13.79
H18 DPV UA . 17.87 -7.02 16.35
H18A DPV UA . 16.74 -5.74 16.04
H19 DPV UA . 16.55 -8.43 14.70
H19A DPV UA . 15.83 -8.17 16.23
H20 DPV UA . 14.43 -6.27 15.22
H20A DPV UA . 15.16 -6.68 13.62
H21 DPV UA . 14.18 -9.03 13.84
H21A DPV UA . 13.40 -8.54 15.40
H22 DPV UA . 12.05 -6.75 14.19
H22A DPV UA . 12.83 -7.26 12.66
H23 DPV UA . 11.95 -9.54 12.98
H23A DPV UA . 10.65 -8.36 12.98
H23B DPV UA . 11.16 -9.03 14.49
N DPV VA . 27.59 -11.81 10.74
P DPV VA . 23.39 -12.26 13.94
C1 DPV VA . 22.07 -10.00 13.61
C2 DPV VA . 21.41 -9.13 12.55
C3 DPV VA . 20.01 -9.62 12.10
C4 DPV VA . 25.41 -11.75 12.27
C5 DPV VA . 26.28 -12.54 11.24
C6 DPV VA . 28.54 -11.38 11.88
C7 DPV VA . 27.21 -10.62 9.87
C8 DPV VA . 28.30 -12.78 9.83
C15 DPV VA . 19.31 -8.51 11.27
C16 DPV VA . 17.95 -8.99 10.64
C17 DPV VA . 18.14 -9.94 9.43
C18 DPV VA . 16.81 -10.29 8.75
C19 DPV VA . 16.96 -11.38 7.64
O1P DPV VA . 22.54 -13.37 14.36
C20 DPV VA . 15.62 -11.88 7.13
C21 DPV VA . 15.82 -13.05 6.18
C22 DPV VA . 14.41 -13.58 5.67
C23 DPV VA . 14.62 -14.69 4.66
O2P DPV VA . 24.09 -11.64 15.09
O3P DPV VA . 22.61 -11.20 12.99
O4P DPV VA . 24.36 -12.65 12.68
H1 DPV VA . 22.90 -9.48 14.05
H1A DPV VA . 21.34 -10.26 14.35
H2 DPV VA . 21.33 -8.11 12.99
H2A DPV VA . 22.06 -9.09 11.67
H3 DPV VA . 19.43 -9.83 12.98
H3A DPV VA . 20.12 -10.51 11.55
H4 DPV VA . 25.99 -11.44 13.15
H4A DPV VA . 24.95 -10.88 11.79
H5 DPV VA . 26.58 -13.45 11.74
H5A DPV VA . 25.63 -12.78 10.41
H6 DPV VA . 29.42 -10.86 11.45
H6A DPV VA . 28.91 -12.22 12.45
H6B DPV VA . 28.03 -10.71 12.57
H7 DPV VA . 26.57 -11.00 9.07
H7A DPV VA . 28.11 -10.15 9.45
H7B DPV VA . 26.65 -9.89 10.46
H8 DPV VA . 27.58 -13.08 9.04
H8A DPV VA . 28.64 -13.65 10.40
H8B DPV VA . 29.15 -12.30 9.32
H15 DPV VA . 19.98 -8.12 10.56
H15A DPV VA . 19.12 -7.67 11.91
H16 DPV VA . 17.31 -9.45 11.43
H16A DPV VA . 17.39 -8.10 10.35
H17 DPV VA . 18.72 -9.43 8.70
H17A DPV VA . 18.69 -10.83 9.68
H18 DPV VA . 16.10 -10.66 9.51
H18A DPV VA . 16.37 -9.37 8.33
H19 DPV VA . 17.52 -10.97 6.84
H19A DPV VA . 17.52 -12.22 8.04
H20 DPV VA . 15.02 -12.22 7.96
H20A DPV VA . 15.10 -11.07 6.64
H21 DPV VA . 16.41 -12.70 5.31
H21A DPV VA . 16.36 -13.84 6.71
H22 DPV VA . 13.78 -13.94 6.44
H22A DPV VA . 13.90 -12.76 5.21
H23 DPV VA . 13.67 -15.03 4.23
H23A DPV VA . 15.11 -15.55 5.11
H23B DPV VA . 15.26 -14.36 3.84
N DPV WA . 29.24 -5.50 10.06
P DPV WA . 26.18 -7.65 12.89
C1 DPV WA . 27.00 -8.73 15.12
C2 DPV WA . 28.21 -9.55 15.66
C3 DPV WA . 27.84 -11.02 15.73
C4 DPV WA . 28.66 -7.26 11.96
C5 DPV WA . 29.36 -6.98 10.59
C6 DPV WA . 29.98 -4.51 10.99
C7 DPV WA . 27.71 -5.11 9.87
C8 DPV WA . 29.96 -5.48 8.73
C15 DPV WA . 29.10 -11.86 16.10
C16 DPV WA . 28.87 -13.40 16.00
C17 DPV WA . 28.68 -13.92 14.53
C18 DPV WA . 28.73 -15.46 14.40
C19 DPV WA . 28.47 -15.90 12.92
O1P DPV WA . 26.13 -6.36 13.63
C20 DPV WA . 27.01 -16.35 12.64
C21 DPV WA . 26.76 -16.53 11.11
C22 DPV WA . 25.31 -17.00 10.85
C23 DPV WA . 24.95 -17.02 9.32
O2P DPV WA . 24.85 -8.08 12.43
O3P DPV WA . 26.97 -8.79 13.69
O4P DPV WA . 27.30 -7.64 11.72
H1 DPV WA . 26.05 -9.09 15.52
H1A DPV WA . 27.08 -7.66 15.42
H2 DPV WA . 29.08 -9.41 15.03
H2A DPV WA . 28.49 -9.21 16.65
H3 DPV WA . 27.45 -11.34 14.77
H3A DPV WA . 27.05 -11.18 16.47
H4 DPV WA . 29.18 -8.08 12.47
H4A DPV WA . 28.67 -6.38 12.61
H5 DPV WA . 30.43 -7.17 10.70
H5A DPV WA . 28.94 -7.63 9.81
H6 DPV WA . 30.98 -4.89 11.15
H6A DPV WA . 29.38 -4.47 11.93
H6B DPV WA . 30.05 -3.54 10.52
H7 DPV WA . 27.24 -5.83 9.19
H7A DPV WA . 27.67 -4.09 9.48
H7B DPV WA . 27.21 -5.11 10.85
H8 DPV WA . 29.95 -4.47 8.33
H8A DPV WA . 29.40 -6.14 8.06
H8B DPV WA . 31.00 -5.80 8.86
H15 DPV WA . 29.40 -11.58 17.15
H15A DPV WA . 29.92 -11.62 15.42
H16 DPV WA . 29.73 -13.95 16.49
H16A DPV WA . 27.95 -13.66 16.56
H17 DPV WA . 27.73 -13.58 14.14
H17A DPV WA . 29.42 -13.50 13.88
H18 DPV WA . 29.72 -15.82 14.71
H18A DPV WA . 28.00 -15.91 15.06
H19 DPV WA . 28.77 -15.08 12.22
H19A DPV WA . 29.14 -16.77 12.67
H20 DPV WA . 26.82 -17.33 13.13
H20A DPV WA . 26.29 -15.60 13.06
H21 DPV WA . 26.93 -15.55 10.62
H21A DPV WA . 27.46 -17.25 10.69
H22 DPV WA . 25.20 -18.01 11.26
H22A DPV WA . 24.62 -16.37 11.41
H23 DPV WA . 23.93 -17.40 9.16
H23A DPV WA . 25.63 -17.68 8.75
H23B DPV WA . 25.03 -15.99 8.88
N DPV XA . 34.57 -13.01 5.81
P DPV XA . 31.13 -9.84 7.39
C1 DPV XA . 29.31 -11.02 5.89
C2 DPV XA . 29.48 -12.54 5.68
C3 DPV XA . 30.08 -12.89 4.29
C4 DPV XA . 33.56 -10.92 7.04
C5 DPV XA . 33.39 -11.98 5.92
C6 DPV XA . 35.95 -12.38 5.50
C7 DPV XA . 34.24 -13.89 4.67
C8 DPV XA . 34.67 -13.91 7.09
C15 DPV XA . 30.22 -14.43 4.19
C16 DPV XA . 30.84 -14.87 2.84
C17 DPV XA . 30.98 -16.39 2.65
C18 DPV XA . 29.55 -17.07 2.45
C19 DPV XA . 29.66 -18.48 1.81
O1P DPV XA . 30.92 -10.79 8.51
C20 DPV XA . 28.30 -19.19 1.83
C21 DPV XA . 28.37 -20.68 1.38
C22 DPV XA . 28.31 -20.86 -0.19
C23 DPV XA . 28.03 -22.32 -0.57
O2P DPV XA . 30.61 -8.52 7.67
O3P DPV XA . 30.62 -10.42 5.97
O4P DPV XA . 32.63 -9.82 6.83
H1 DPV XA . 28.76 -10.55 5.04
H1A DPV XA . 28.76 -10.85 6.82
H2 DPV XA . 30.15 -12.91 6.47
H2A DPV XA . 28.50 -13.04 5.78
H3 DPV XA . 31.06 -12.39 4.18
H3A DPV XA . 29.44 -12.52 3.47
H4 DPV XA . 33.39 -11.36 8.03
H4A DPV XA . 34.55 -10.53 7.04
H5 DPV XA . 32.47 -12.58 6.11
H5A DPV XA . 33.31 -11.49 4.96
H6 DPV XA . 36.31 -11.85 6.41
H6A DPV XA . 35.86 -11.71 4.63
H6B DPV XA . 36.68 -13.16 5.24
H7 DPV XA . 33.31 -14.40 4.87
H7A DPV XA . 35.04 -14.60 4.57
H7B DPV XA . 34.18 -13.31 3.75
H8 DPV XA . 33.68 -14.30 7.34
H8A DPV XA . 35.00 -13.30 7.93
H8B DPV XA . 35.38 -14.72 6.90
H15 DPV XA . 29.24 -14.82 4.28
H15A DPV XA . 30.86 -14.76 4.96
H16 DPV XA . 30.22 -14.47 2.00
H16A DPV XA . 31.87 -14.43 2.74
H17 DPV XA . 31.60 -16.54 1.77
H17A DPV XA . 31.48 -16.82 3.50
H18 DPV XA . 29.08 -17.13 3.42
H18A DPV XA . 28.93 -16.46 1.84
H19 DPV XA . 30.06 -18.39 0.80
H19A DPV XA . 30.39 -19.03 2.41
H20 DPV XA . 27.89 -19.15 2.86
H20A DPV XA . 27.55 -18.64 1.23
H21 DPV XA . 29.29 -21.13 1.75
H21A DPV XA . 27.53 -21.24 1.85
H22 DPV XA . 27.51 -20.25 -0.61
H22A DPV XA . 29.23 -20.53 -0.68
H23 DPV XA . 28.79 -22.99 -0.16
H23A DPV XA . 28.06 -22.47 -1.66
H23B DPV XA . 27.03 -22.61 -0.22
N DPV YA . 33.99 -19.88 0.01
P DPV YA . 34.46 -15.35 -0.56
C1 DPV YA . 31.87 -15.08 -0.91
C2 DPV YA . 31.01 -16.24 -1.43
C3 DPV YA . 29.52 -15.90 -1.40
C4 DPV YA . 35.46 -17.65 -0.06
C5 DPV YA . 35.32 -19.17 -0.45
C6 DPV YA . 32.82 -19.47 -0.90
C7 DPV YA . 33.63 -19.62 1.47
C8 DPV YA . 34.15 -21.41 -0.14
C15 DPV YA . 28.70 -17.00 -2.13
C16 DPV YA . 27.23 -16.61 -2.30
C17 DPV YA . 26.35 -17.08 -1.09
C18 DPV YA . 24.87 -16.67 -1.32
C19 DPV YA . 23.99 -17.13 -0.14
O1P DPV YA . 34.19 -15.05 0.85
C20 DPV YA . 22.54 -16.66 -0.31
C21 DPV YA . 21.72 -17.08 0.93
C22 DPV YA . 20.23 -16.67 0.80
C23 DPV YA . 19.49 -17.06 2.12
O2P DPV YA . 35.62 -14.58 -1.09
O3P DPV YA . 33.18 -15.23 -1.51
O4P DPV YA . 34.54 -16.89 -0.86
H1 DPV YA . 31.44 -14.11 -1.18
H1A DPV YA . 31.93 -15.16 0.18
H2 DPV YA . 31.32 -16.47 -2.44
H2A DPV YA . 31.18 -17.11 -0.80
H3 DPV YA . 29.36 -14.94 -1.91
H3A DPV YA . 29.21 -15.79 -0.33
H4 DPV YA . 35.25 -17.50 1.01
H4A DPV YA . 36.48 -17.31 -0.25
H5 DPV YA . 35.39 -19.27 -1.55
H5A DPV YA . 36.15 -19.72 0.01
H6 DPV YA . 32.67 -18.41 -0.78
H6A DPV YA . 31.94 -20.02 -0.57
H6B DPV YA . 33.08 -19.70 -1.93
H7 DPV YA . 34.46 -19.92 2.12
H7A DPV YA . 32.76 -20.25 1.72
H7B DPV YA . 33.39 -18.55 1.59
H8 DPV YA . 35.00 -21.81 0.44
H8A DPV YA . 34.37 -21.67 -1.17
H8B DPV YA . 33.21 -21.89 0.18
H15 DPV YA . 28.79 -17.95 -1.59
H15A DPV YA . 29.14 -17.18 -3.10
H16 DPV YA . 27.14 -15.54 -2.41
H16A DPV YA . 26.90 -17.09 -3.22
H17 DPV YA . 26.40 -18.17 -0.98
H17A DPV YA . 26.75 -16.63 -0.18
H18 DPV YA . 24.81 -15.59 -1.41
H18A DPV YA . 24.52 -17.07 -2.25
H19 DPV YA . 24.02 -18.22 -0.01
H19A DPV YA . 24.39 -16.70 0.76
H20 DPV YA . 22.54 -15.56 -0.39
H20A DPV YA . 22.11 -17.07 -1.24
H21 DPV YA . 21.75 -18.17 0.99
H21A DPV YA . 22.15 -16.66 1.83
H22 DPV YA . 20.10 -15.59 0.58
H22A DPV YA . 19.79 -17.23 -0.04
H23 DPV YA . 20.00 -16.63 2.96
H23A DPV YA . 19.46 -18.13 2.20
H23B DPV YA . 18.49 -16.67 2.08
N DPV ZA . 0.49 -18.76 -23.24
P DPV ZA . -1.16 -15.25 -20.35
C1 DPV ZA . -0.89 -15.45 -17.78
C2 DPV ZA . -0.09 -16.23 -16.75
C3 DPV ZA . 1.23 -15.44 -16.37
C4 DPV ZA . -1.24 -16.84 -22.47
C5 DPV ZA . -1.03 -18.38 -22.89
C6 DPV ZA . 0.91 -17.99 -24.49
C7 DPV ZA . 0.61 -20.26 -23.53
C8 DPV ZA . 1.46 -18.45 -22.10
C15 DPV ZA . 1.90 -16.11 -15.16
C16 DPV ZA . 3.29 -15.52 -14.90
C17 DPV ZA . 3.91 -16.17 -13.63
C18 DPV ZA . 5.29 -15.56 -13.23
C19 DPV ZA . 5.79 -16.19 -11.90
O1P DPV ZA . -0.50 -14.07 -20.92
C20 DPV ZA . 7.31 -15.85 -11.66
C21 DPV ZA . 7.82 -16.39 -10.33
C22 DPV ZA . 9.35 -16.29 -10.21
C23 DPV ZA . 9.83 -16.78 -8.85
O2P DPV ZA . -2.61 -15.04 -20.14
O3P DPV ZA . -0.42 -15.81 -19.06
O4P DPV ZA . -0.80 -16.64 -21.10
H1 DPV ZA . -1.95 -15.69 -17.69
H1A DPV ZA . -0.73 -14.37 -17.64
H2 DPV ZA . -0.71 -16.39 -15.86
H2A DPV ZA . 0.16 -17.20 -17.16
H3 DPV ZA . 0.98 -14.40 -16.12
H3A DPV ZA . 1.94 -15.46 -17.19
H4 DPV ZA . -0.71 -16.19 -23.13
H4A DPV ZA . -2.30 -16.56 -22.51
H5 DPV ZA . -1.38 -19.06 -22.08
H5A DPV ZA . -1.62 -18.58 -23.82
H6 DPV ZA . 1.98 -18.16 -24.70
H6A DPV ZA . 0.77 -16.94 -24.31
H6B DPV ZA . 0.30 -18.32 -25.33
H7 DPV ZA . -0.01 -20.50 -24.39
H7A DPV ZA . 0.29 -20.85 -22.66
H7B DPV ZA . 1.67 -20.49 -23.75
H8 DPV ZA . 1.50 -17.35 -21.93
H8A DPV ZA . 2.49 -18.84 -22.36
H8B DPV ZA . 1.14 -18.94 -21.17
H15 DPV ZA . 2.02 -17.19 -15.35
H15A DPV ZA . 1.28 -16.00 -14.25
H16 DPV ZA . 3.92 -15.70 -15.77
H16A DPV ZA . 3.24 -14.42 -14.73
H17 DPV ZA . 3.22 -16.01 -12.82
H17A DPV ZA . 4.01 -17.22 -13.77
H18 DPV ZA . 6.01 -15.77 -14.01
H18A DPV ZA . 5.21 -14.48 -13.17
H19 DPV ZA . 5.17 -15.78 -11.09
H19A DPV ZA . 5.64 -17.30 -11.89
H20 DPV ZA . 7.86 -16.33 -12.45
H20A DPV ZA . 7.46 -14.78 -11.74
H21 DPV ZA . 7.33 -15.79 -9.53
H21A DPV ZA . 7.49 -17.44 -10.21
H22 DPV ZA . 9.84 -16.83 -11.00
H22A DPV ZA . 9.64 -15.23 -10.29
H23 DPV ZA . 10.92 -16.73 -8.85
H23A DPV ZA . 9.53 -17.80 -8.70
H23B DPV ZA . 9.42 -16.15 -8.08
N DPV AB . 3.75 -2.02 -20.30
P DPV AB . 2.80 -6.17 -17.98
C1 DPV AB . 3.34 -7.86 -16.06
C2 DPV AB . 4.35 -8.98 -15.68
C3 DPV AB . 3.91 -9.70 -14.39
C4 DPV AB . 3.75 -4.60 -19.87
C5 DPV AB . 3.82 -3.15 -19.26
C6 DPV AB . 2.41 -2.00 -21.11
C7 DPV AB . 4.95 -2.06 -21.30
C8 DPV AB . 3.82 -0.70 -19.58
C15 DPV AB . 4.90 -10.83 -13.94
C16 DPV AB . 6.06 -10.36 -13.08
C17 DPV AB . 6.81 -11.55 -12.44
C18 DPV AB . 7.87 -11.06 -11.38
C19 DPV AB . 8.33 -12.22 -10.46
O1P DPV AB . 2.15 -5.14 -17.18
C20 DPV AB . 9.18 -11.71 -9.28
C21 DPV AB . 9.50 -12.83 -8.33
C22 DPV AB . 10.33 -12.37 -7.12
C23 DPV AB . 10.64 -13.54 -6.17
O2P DPV AB . 1.83 -6.99 -18.77
O3P DPV AB . 3.87 -7.05 -17.17
O4P DPV AB . 4.03 -5.60 -18.85
H1 DPV AB . 2.36 -8.25 -16.32
H1A DPV AB . 3.23 -7.20 -15.22
H2 DPV AB . 4.42 -9.66 -16.53
H2A DPV AB . 5.35 -8.54 -15.51
H3 DPV AB . 2.92 -10.13 -14.56
H3A DPV AB . 3.82 -8.96 -13.59
H4 DPV AB . 2.78 -4.79 -20.34
H4A DPV AB . 4.52 -4.75 -20.63
H5 DPV AB . 2.98 -2.99 -18.58
H5A DPV AB . 4.77 -3.05 -18.70
H6 DPV AB . 2.31 -2.93 -21.68
H6A DPV AB . 2.39 -1.14 -21.76
H6B DPV AB . 1.55 -1.90 -20.42
H7 DPV AB . 4.88 -1.17 -21.95
H7A DPV AB . 4.85 -2.97 -21.91
H7B DPV AB . 5.89 -2.02 -20.75
H8 DPV AB . 4.69 -0.71 -18.89
H8A DPV AB . 2.89 -0.49 -19.04
H8B DPV AB . 3.95 0.11 -20.31
H15 DPV AB . 5.25 -11.39 -14.80
H15A DPV AB . 4.35 -11.56 -13.36
H16 DPV AB . 6.76 -9.78 -13.67
H16A DPV AB . 5.70 -9.71 -12.31
H17 DPV AB . 6.10 -12.18 -11.98
H17A DPV AB . 7.28 -12.14 -13.21
H18 DPV AB . 8.76 -10.65 -11.88
H18A DPV AB . 7.41 -10.25 -10.82
H19 DPV AB . 7.42 -12.70 -10.05
H19A DPV AB . 8.92 -12.95 -11.04
H20 DPV AB . 10.11 -11.26 -9.63
H20A DPV AB . 8.64 -10.91 -8.77
H21 DPV AB . 8.57 -13.25 -7.97
H21A DPV AB . 10.02 -13.60 -8.87
H22 DPV AB . 11.26 -11.93 -7.51
H22A DPV AB . 9.77 -11.62 -6.54
H23 DPV AB . 11.18 -13.12 -5.31
H23A DPV AB . 11.27 -14.30 -6.65
H23B DPV AB . 9.73 -14.01 -5.81
N DPV BB . 7.93 -24.78 -20.75
P DPV BB . 3.70 -23.77 -20.17
C1 DPV BB . 1.51 -25.13 -20.67
C2 DPV BB . 0.78 -26.47 -20.28
C3 DPV BB . 0.19 -26.52 -18.84
C4 DPV BB . 5.51 -24.81 -21.81
C5 DPV BB . 6.81 -23.96 -21.47
C6 DPV BB . 9.13 -23.85 -20.53
C7 DPV BB . 8.42 -26.06 -21.53
C8 DPV BB . 7.44 -25.18 -19.39
C15 DPV BB . -0.98 -25.51 -18.57
C16 DPV BB . -1.34 -25.40 -17.07
C17 DPV BB . -0.25 -24.61 -16.30
C18 DPV BB . -0.72 -24.21 -14.89
C19 DPV BB . 0.31 -23.30 -14.23
O1P DPV BB . 4.20 -23.00 -19.00
C20 DPV BB . -0.28 -22.62 -12.97
C21 DPV BB . 0.60 -21.48 -12.37
C22 DPV BB . 0.57 -20.18 -13.23
C23 DPV BB . 1.45 -19.03 -12.64
O2P DPV BB . 3.29 -22.87 -21.27
O3P DPV BB . 2.61 -24.89 -19.78
O4P DPV BB . 4.67 -24.96 -20.61
H1 DPV BB . 1.91 -25.17 -21.69
H1A DPV BB . 0.79 -24.34 -20.59
H2 DPV BB . -0.05 -26.62 -21.00
H2A DPV BB . 1.44 -27.34 -20.41
H3 DPV BB . 0.98 -26.33 -18.13
H3A DPV BB . -0.19 -27.52 -18.65
H4 DPV BB . 4.97 -24.29 -22.60
H4A DPV BB . 5.75 -25.82 -22.14
H5 DPV BB . 7.27 -23.54 -22.36
H5A DPV BB . 6.50 -23.14 -20.81
H6 DPV BB . 8.83 -23.04 -19.87
H6A DPV BB . 9.42 -23.47 -21.47
H6B DPV BB . 9.93 -24.42 -20.11
H7 DPV BB . 9.30 -26.44 -21.02
H7A DPV BB . 8.67 -25.75 -22.54
H7B DPV BB . 7.61 -26.75 -21.53
H8 DPV BB . 8.23 -25.69 -18.85
H8A DPV BB . 6.62 -25.86 -19.51
H8B DPV BB . 7.12 -24.30 -18.86
H15 DPV BB . -1.82 -25.88 -19.14
H15A DPV BB . -0.73 -24.51 -18.91
H16 DPV BB . -2.28 -24.86 -17.00
H16A DPV BB . -1.52 -26.37 -16.61
H17 DPV BB . 0.64 -25.19 -16.24
H17A DPV BB . -0.02 -23.71 -16.83
H18 DPV BB . -1.63 -23.67 -14.93
H18A DPV BB . -0.82 -25.11 -14.26
H19 DPV BB . 1.21 -23.89 -13.98
H19A DPV BB . 0.68 -22.55 -14.95
H20 DPV BB . -1.30 -22.21 -13.19
H20A DPV BB . -0.44 -23.42 -12.20
H21 DPV BB . 0.25 -21.22 -11.31
H21A DPV BB . 1.63 -21.82 -12.18
H22 DPV BB . 0.91 -20.44 -14.20
H22A DPV BB . -0.42 -19.79 -13.35
H23 DPV BB . 1.12 -18.77 -11.65
H23A DPV BB . 1.42 -18.16 -13.27
H23B DPV BB . 2.47 -19.38 -12.58
N DPV CB . -9.41 -18.55 -9.45
P DPV CB . -6.74 -16.59 -13.26
C1 DPV CB . -4.73 -16.66 -14.88
C2 DPV CB . -4.18 -17.62 -15.99
C3 DPV CB . -3.16 -18.62 -15.40
C4 DPV CB . -8.52 -17.90 -11.88
C5 DPV CB . -8.42 -18.88 -10.63
C6 DPV CB . -10.88 -18.49 -9.92
C7 DPV CB . -9.04 -17.22 -8.77
C8 DPV CB . -9.27 -19.67 -8.45
C15 DPV CB . -2.40 -19.45 -16.47
C16 DPV CB . -3.26 -20.57 -17.10
C17 DPV CB . -2.43 -21.67 -17.87
C18 DPV CB . -2.05 -21.22 -19.32
C19 DPV CB . -0.75 -20.38 -19.43
O1P DPV CB . -7.71 -15.93 -14.16
C20 DPV CB . 0.58 -21.18 -19.28
C21 DPV CB . 1.73 -20.30 -18.72
C22 DPV CB . 1.63 -20.14 -17.16
C23 DPV CB . 2.92 -19.59 -16.55
O2P DPV CB . -6.16 -15.66 -12.27
O3P DPV CB . -5.63 -17.41 -14.03
O4P DPV CB . -7.28 -17.95 -12.62
H1 DPV CB . -3.91 -16.25 -14.30
H1A DPV CB . -5.30 -15.87 -15.35
H2 DPV CB . -4.99 -18.16 -16.48
H2A DPV CB . -3.71 -17.02 -16.76
H3 DPV CB . -3.65 -19.29 -14.72
H3A DPV CB . -2.46 -18.07 -14.83
H4 DPV CB . -9.35 -18.18 -12.55
H4A DPV CB . -8.65 -16.85 -11.54
H5 DPV CB . -8.64 -19.89 -10.98
H5A DPV CB . -7.40 -18.85 -10.21
H6 DPV CB . -11.17 -19.43 -10.35
H6A DPV CB . -10.97 -17.70 -10.67
H6B DPV CB . -11.51 -18.27 -9.07
H7 DPV CB . -9.34 -16.37 -9.40
H7A DPV CB . -7.97 -17.24 -8.68
H7B DPV CB . -9.50 -17.15 -7.78
H8 DPV CB . -9.56 -20.62 -8.92
H8A DPV CB . -9.94 -19.46 -7.61
H8B DPV CB . -8.22 -19.69 -8.12
H15 DPV CB . -1.47 -19.92 -16.04
H15A DPV CB . -2.06 -18.74 -17.25
H16 DPV CB . -3.82 -21.10 -16.34
H16A DPV CB . -4.00 -20.14 -17.73
H17 DPV CB . -1.52 -21.91 -17.33
H17A DPV CB . -3.00 -22.57 -17.91
H18 DPV CB . -1.94 -22.11 -19.94
H18A DPV CB . -2.88 -20.65 -19.76
H19 DPV CB . -0.72 -19.96 -20.40
H19A DPV CB . -0.77 -19.53 -18.75
H20 DPV CB . 0.45 -22.02 -18.64
H20A DPV CB . 0.90 -21.55 -20.25
H21 DPV CB . 2.64 -20.79 -18.99
H21A DPV CB . 1.69 -19.29 -19.14
H22 DPV CB . 0.80 -19.46 -16.87
H22A DPV CB . 1.41 -21.15 -16.69
H23 DPV CB . 2.84 -19.53 -15.45
H23A DPV CB . 3.12 -18.56 -16.92
H23B DPV CB . 3.79 -20.24 -16.80
N DPV DB . -10.47 -14.80 1.45
P DPV DB . -7.65 -17.88 3.24
C1 DPV DB . -6.38 -19.78 1.98
C2 DPV DB . -5.24 -19.92 0.94
C3 DPV DB . -3.83 -19.45 1.46
C4 DPV DB . -8.46 -15.39 3.09
C5 DPV DB . -10.00 -15.47 2.81
C6 DPV DB . -9.82 -15.44 0.22
C7 DPV DB . -10.22 -13.26 1.48
C8 DPV DB . -11.97 -14.99 1.27
C15 DPV DB . -3.63 -17.93 1.45
C16 DPV DB . -2.21 -17.42 1.85
C17 DPV DB . -1.99 -17.57 3.38
C18 DPV DB . -0.58 -17.08 3.82
C19 DPV DB . -0.29 -17.54 5.26
O1P DPV DB . -6.80 -17.78 4.41
C20 DPV DB . 1.02 -16.91 5.83
C21 DPV DB . 1.20 -17.33 7.33
C22 DPV DB . 2.39 -16.58 8.00
C23 DPV DB . 2.53 -17.01 9.48
O2P DPV DB . -8.91 -18.54 3.50
O3P DPV DB . -6.90 -18.43 1.95
O4P DPV DB . -7.79 -16.49 2.43
H1 DPV DB . -7.19 -20.48 1.73
H1A DPV DB . -6.01 -19.98 3.03
H2 DPV DB . -5.13 -20.95 0.65
H2A DPV DB . -5.52 -19.37 0.07
H3 DPV DB . -3.06 -19.91 0.84
H3A DPV DB . -3.69 -19.84 2.45
H4 DPV DB . -8.07 -14.42 2.72
H4A DPV DB . -8.24 -15.47 4.17
H5 DPV DB . -10.36 -16.49 2.79
H5A DPV DB . -10.53 -14.93 3.59
H6 DPV DB . -8.77 -15.25 0.23
H6A DPV DB . -10.27 -15.03 -0.70
H6B DPV DB . -10.00 -16.50 0.24
H7 DPV DB . -10.69 -12.79 2.34
H7A DPV DB . -10.63 -12.81 0.58
H7B DPV DB . -9.14 -13.06 1.52
H8 DPV DB . -12.19 -16.08 1.23
H8A DPV DB . -12.28 -14.48 0.34
H8B DPV DB . -12.52 -14.57 2.12
H15 DPV DB . -4.38 -17.40 2.10
H15A DPV DB . -3.84 -17.58 0.41
H16 DPV DB . -1.41 -17.98 1.33
H16A DPV DB . -2.07 -16.34 1.58
H17 DPV DB . -2.76 -17.07 3.96
H17A DPV DB . -2.07 -18.62 3.58
H18 DPV DB . 0.18 -17.47 3.16
H18A DPV DB . -0.54 -15.99 3.75
H19 DPV DB . -1.09 -17.25 5.91
H19A DPV DB . -0.25 -18.63 5.30
H20 DPV DB . 1.86 -17.23 5.21
H20A DPV DB . 0.95 -15.82 5.77
H21 DPV DB . 0.24 -17.08 7.87
H21A DPV DB . 1.39 -18.41 7.36
H22 DPV DB . 3.31 -16.82 7.47
H22A DPV DB . 2.25 -15.48 7.95
H23 DPV DB . 3.41 -16.57 9.92
H23A DPV DB . 2.59 -18.07 9.55
H23B DPV DB . 1.65 -16.71 10.04
N DPV EB . -6.43 -25.71 3.35
P DPV EB . -5.55 -23.70 -0.68
C1 DPV EB . -3.42 -22.92 -2.00
C2 DPV EB . -2.54 -21.66 -2.06
C3 DPV EB . -3.34 -20.42 -2.46
C4 DPV EB . -6.75 -23.75 1.63
C5 DPV EB . -7.02 -25.24 1.96
C6 DPV EB . -6.75 -27.23 3.55
C7 DPV EB . -7.11 -25.02 4.53
C8 DPV EB . -4.87 -25.55 3.44
C15 DPV EB . -2.46 -19.15 -2.36
C16 DPV EB . -3.33 -17.87 -2.59
C17 DPV EB . -2.54 -16.59 -2.21
C18 DPV EB . -3.31 -15.25 -2.47
C19 DPV EB . -4.54 -15.01 -1.47
O1P DPV EB . -5.56 -25.09 -1.20
C20 DPV EB . -4.11 -14.31 -0.15
C21 DPV EB . -5.24 -14.36 0.93
C22 DPV EB . -4.95 -13.47 2.20
C23 DPV EB . -3.89 -14.06 3.15
O2P DPV EB . -6.62 -22.90 -1.30
O3P DPV EB . -4.12 -23.01 -0.72
O4P DPV EB . -5.50 -23.59 0.90
H1 DPV EB . -4.20 -22.90 -2.79
H1A DPV EB . -2.79 -23.84 -2.13
H2 DPV EB . -2.13 -21.53 -1.04
H2A DPV EB . -1.68 -21.78 -2.70
H3 DPV EB . -4.19 -20.31 -1.78
H3A DPV EB . -3.75 -20.52 -3.45
H4 DPV EB . -7.55 -23.35 0.99
H4A DPV EB . -6.74 -23.13 2.54
H5 DPV EB . -8.08 -25.43 2.00
H5A DPV EB . -6.56 -25.85 1.19
H6 DPV EB . -6.24 -27.77 2.75
H6A DPV EB . -7.83 -27.39 3.53
H6B DPV EB . -6.38 -27.59 4.51
H7 DPV EB . -6.75 -25.43 5.44
H7A DPV EB . -8.17 -25.18 4.45
H7B DPV EB . -6.89 -23.97 4.51
H8 DPV EB . -4.40 -26.01 2.61
H8A DPV EB . -4.50 -25.98 4.36
H8B DPV EB . -4.60 -24.51 3.42
H15 DPV EB . -1.66 -19.18 -3.10
H15A DPV EB . -1.97 -19.11 -1.36
H16 DPV EB . -3.58 -17.85 -3.65
H16A DPV EB . -4.28 -17.94 -2.03
H17 DPV EB . -2.20 -16.61 -1.19
H17A DPV EB . -1.63 -16.54 -2.79
H18 DPV EB . -2.62 -14.43 -2.44
H18A DPV EB . -3.69 -15.25 -3.52
H19 DPV EB . -5.28 -14.41 -1.95
H19A DPV EB . -4.99 -15.97 -1.25
H20 DPV EB . -3.24 -14.80 0.21
H20A DPV EB . -3.91 -13.31 -0.39
H21 DPV EB . -6.19 -14.00 0.47
H21A DPV EB . -5.45 -15.42 1.24
H22 DPV EB . -4.63 -12.48 1.88
H22A DPV EB . -5.89 -13.40 2.74
H23 DPV EB . -2.90 -14.11 2.67
H23A DPV EB . -4.16 -15.06 3.46
H23B DPV EB . -3.77 -13.45 4.04
N DPV FB . 19.80 -31.95 -1.23
P DPV FB . 16.71 -34.59 0.88
C1 DPV FB . 14.74 -32.96 0.32
C2 DPV FB . 13.82 -33.24 1.51
C3 DPV FB . 12.32 -33.19 1.05
C4 DPV FB . 18.54 -34.27 -0.99
C5 DPV FB . 19.88 -33.52 -1.31
C6 DPV FB . 19.84 -31.47 0.24
C7 DPV FB . 18.59 -31.36 -2.01
C8 DPV FB . 21.06 -31.40 -1.86
C15 DPV FB . 11.34 -33.37 2.24
C16 DPV FB . 9.86 -33.22 1.82
C17 DPV FB . 8.85 -33.38 3.07
C18 DPV FB . 7.45 -32.85 2.78
C19 DPV FB . 7.34 -31.29 2.94
O1P DPV FB . 16.09 -35.60 0.00
C20 DPV FB . 5.84 -30.80 2.96
C21 DPV FB . 5.75 -29.25 2.89
C22 DPV FB . 4.28 -28.78 2.79
C23 DPV FB . 4.15 -27.24 2.69
O2P DPV FB . 16.70 -34.99 2.28
O3P DPV FB . 16.15 -33.12 0.67
O4P DPV FB . 18.16 -34.07 0.38
H1 DPV FB . 14.54 -33.61 -0.52
H1A DPV FB . 14.62 -31.94 -0.01
H2 DPV FB . 14.04 -34.21 1.91
H2A DPV FB . 13.98 -32.50 2.30
H3 DPV FB . 12.16 -33.99 0.30
H3A DPV FB . 12.15 -32.22 0.54
H4 DPV FB . 17.72 -33.95 -1.64
H4A DPV FB . 18.70 -35.32 -1.14
H5 DPV FB . 20.63 -33.83 -0.62
H5A DPV FB . 20.17 -33.78 -2.31
H6 DPV FB . 19.95 -30.39 0.26
H6A DPV FB . 20.70 -31.95 0.71
H6B DPV FB . 18.90 -31.80 0.70
H7 DPV FB . 17.65 -31.70 -1.57
H7A DPV FB . 18.59 -31.76 -3.05
H7B DPV FB . 18.65 -30.27 -2.02
H8 DPV FB . 21.04 -31.56 -2.92
H8A DPV FB . 21.90 -31.96 -1.43
H8B DPV FB . 21.14 -30.36 -1.59
H15 DPV FB . 11.54 -32.60 2.97
H15A DPV FB . 11.53 -34.29 2.74
H16 DPV FB . 9.72 -32.19 1.41
H16A DPV FB . 9.60 -33.96 1.05
H17 DPV FB . 8.78 -34.46 3.32
H17A DPV FB . 9.27 -32.83 3.92
H18 DPV FB . 7.15 -33.14 1.75
H18A DPV FB . 6.73 -33.33 3.48
H19 DPV FB . 7.78 -31.04 3.94
H19A DPV FB . 7.92 -30.78 2.16
H20 DPV FB . 5.31 -31.22 2.12
H20A DPV FB . 5.34 -31.14 3.87
H21 DPV FB . 6.23 -28.82 3.74
H21A DPV FB . 6.26 -28.94 1.96
H22 DPV FB . 3.87 -29.22 1.85
H22A DPV FB . 3.70 -29.15 3.62
H23 DPV FB . 4.56 -26.73 3.56
H23A DPV FB . 3.09 -26.98 2.55
H23B DPV FB . 4.71 -26.88 1.81
N DPV GB . 7.54 -35.07 -11.89
P DPV GB . 5.56 -30.89 -11.12
C1 DPV GB . 4.76 -28.42 -11.41
C2 DPV GB . 6.00 -27.52 -11.15
C3 DPV GB . 5.88 -26.73 -9.81
C4 DPV GB . 5.66 -33.29 -12.24
C5 DPV GB . 7.15 -33.62 -12.25
C6 DPV GB . 7.01 -35.51 -10.50
C7 DPV GB . 9.06 -35.17 -11.82
C8 DPV GB . 7.06 -36.05 -12.98
C15 DPV GB . 7.08 -25.81 -9.59
C16 DPV GB . 6.93 -25.05 -8.22
C17 DPV GB . 7.87 -23.83 -8.19
C18 DPV GB . 7.56 -22.88 -7.05
C19 DPV GB . 8.48 -21.61 -7.10
O1P DPV GB . 4.62 -31.14 -10.03
C20 DPV GB . 8.03 -20.60 -6.00
C21 DPV GB . 9.00 -19.38 -5.89
C22 DPV GB . 8.55 -18.40 -4.77
C23 DPV GB . 9.73 -17.48 -4.39
O2P DPV GB . 6.95 -30.82 -10.65
O3P DPV GB . 5.13 -29.69 -12.06
O4P DPV GB . 5.36 -31.86 -12.37
H1 DPV GB . 4.24 -28.67 -10.50
H1A DPV GB . 4.10 -27.87 -12.07
H2 DPV GB . 6.89 -28.13 -11.11
H2A DPV GB . 6.09 -26.87 -12.00
H3 DPV GB . 5.77 -27.44 -8.98
H3A DPV GB . 4.99 -26.10 -9.87
H4 DPV GB . 5.13 -33.82 -13.06
H4A DPV GB . 5.26 -33.62 -11.27
H5 DPV GB . 7.55 -33.41 -13.25
H5A DPV GB . 7.67 -32.96 -11.56
H6 DPV GB . 5.90 -35.62 -10.56
H6A DPV GB . 7.23 -34.71 -9.75
H6B DPV GB . 7.49 -36.49 -10.23
H7 DPV GB . 9.51 -34.88 -12.77
H7A DPV GB . 9.33 -36.19 -11.56
H7B DPV GB . 9.36 -34.46 -11.04
H8 DPV GB . 7.42 -35.71 -13.94
H8A DPV GB . 5.96 -36.04 -13.01
H8B DPV GB . 7.47 -37.04 -12.76
H15 DPV GB . 7.10 -25.07 -10.39
H15A DPV GB . 8.03 -26.37 -9.62
H16 DPV GB . 5.91 -24.68 -8.12
H16A DPV GB . 7.20 -25.73 -7.41
H17 DPV GB . 8.90 -24.20 -8.08
H17A DPV GB . 7.80 -23.26 -9.10
H18 DPV GB . 6.51 -22.58 -7.12
H18A DPV GB . 7.69 -23.38 -6.07
H19 DPV GB . 9.52 -21.91 -6.88
H19A DPV GB . 8.41 -21.15 -8.08
H20 DPV GB . 7.01 -20.30 -6.22
H20A DPV GB . 7.99 -21.09 -5.04
H21 DPV GB . 10.03 -19.72 -5.69
H21A DPV GB . 9.00 -18.84 -6.84
H22 DPV GB . 7.71 -17.79 -5.12
H22A DPV GB . 8.25 -18.96 -3.89
H23 DPV GB . 10.63 -18.05 -4.19
H23A DPV GB . 9.48 -16.90 -3.48
H23B DPV GB . 9.97 -16.77 -5.19
N DPV HB . 3.69 -26.96 -15.72
P DPV HB . 7.29 -28.96 -18.15
C1 DPV HB . 8.19 -31.35 -18.79
C2 DPV HB . 8.66 -32.70 -18.19
C3 DPV HB . 9.44 -32.58 -16.84
C4 DPV HB . 6.17 -27.58 -16.26
C5 DPV HB . 4.80 -28.08 -15.86
C6 DPV HB . 4.03 -25.93 -14.63
C7 DPV HB . 2.41 -27.67 -15.31
C8 DPV HB . 3.40 -26.27 -17.05
C15 DPV HB . 10.89 -31.94 -16.94
C16 DPV HB . 11.00 -30.36 -16.92
C17 DPV HB . 10.48 -29.70 -15.63
C18 DPV HB . 10.48 -28.17 -15.67
C19 DPV HB . 9.67 -27.60 -14.50
O1P DPV HB . 6.12 -28.79 -19.04
C20 DPV HB . 9.61 -26.04 -14.57
C21 DPV HB . 8.51 -25.48 -13.61
C22 DPV HB . 8.33 -23.97 -13.76
C23 DPV HB . 7.20 -23.43 -12.85
O2P DPV HB . 8.48 -28.24 -18.65
O3P DPV HB . 7.60 -30.50 -17.78
O4P DPV HB . 6.98 -28.70 -16.64
H1 DPV HB . 9.03 -30.84 -19.18
H1A DPV HB . 7.49 -31.55 -19.59
H2 DPV HB . 7.78 -33.33 -18.04
H2A DPV HB . 9.31 -33.19 -18.90
H3 DPV HB . 9.60 -33.59 -16.42
H3A DPV HB . 8.83 -32.01 -16.14
H4 DPV HB . 6.07 -26.94 -17.13
H4A DPV HB . 6.61 -27.07 -15.41
H5 DPV HB . 4.44 -28.83 -16.59
H5A DPV HB . 4.89 -28.58 -14.90
H6 DPV HB . 4.93 -25.37 -14.95
H6A DPV HB . 4.21 -26.50 -13.72
H6B DPV HB . 3.19 -25.25 -14.48
H7 DPV HB . 1.65 -26.93 -15.05
H7A DPV HB . 2.60 -28.29 -14.44
H7B DPV HB . 2.06 -28.29 -16.18
H8 DPV HB . 3.08 -27.00 -17.80
H8A DPV HB . 4.33 -25.82 -17.47
H8B DPV HB . 2.61 -25.49 -16.93
H15 DPV HB . 11.45 -32.35 -17.82
H15A DPV HB . 11.47 -32.33 -16.07
H16 DPV HB . 12.02 -30.11 -17.09
H16A DPV HB . 10.43 -29.96 -17.74
H17 DPV HB . 9.43 -30.01 -15.45
H17A DPV HB . 11.08 -30.01 -14.76
H18 DPV HB . 11.50 -27.81 -15.66
H18A DPV HB . 10.04 -27.81 -16.60
H19 DPV HB . 8.69 -28.06 -14.46
H19A DPV HB . 10.18 -27.87 -13.58
H20 DPV HB . 10.58 -25.66 -14.29
H20A DPV HB . 9.40 -25.70 -15.59
H21 DPV HB . 7.57 -25.99 -13.79
H21A DPV HB . 8.79 -25.71 -12.57
H22 DPV HB . 9.25 -23.45 -13.52
H22A DPV HB . 8.07 -23.77 -14.81
H23 DPV HB . 7.40 -23.68 -11.80
H23A DPV HB . 6.23 -23.84 -13.16
H23B DPV HB . 7.11 -22.36 -12.91
N DPV IB . 26.86 5.12 0.21
P DPV IB . 27.62 1.02 2.48
C1 DPV IB . 25.61 -0.61 2.56
C2 DPV IB . 25.08 -1.94 1.95
C3 DPV IB . 24.95 -1.87 0.39
C4 DPV IB . 27.62 2.59 0.36
C5 DPV IB . 26.58 3.71 0.76
C6 DPV IB . 28.22 5.67 0.73
C7 DPV IB . 25.79 6.05 0.70
C8 DPV IB . 26.82 5.16 -1.38
C15 DPV IB . 24.18 -3.07 -0.21
C16 DPV IB . 24.19 -3.02 -1.79
C17 DPV IB . 22.98 -3.78 -2.41
C18 DPV IB . 23.20 -5.31 -2.55
C19 DPV IB . 22.05 -5.95 -3.33
O1P DPV IB . 29.08 1.01 2.74
C20 DPV IB . 22.24 -7.46 -3.72
C21 DPV IB . 21.81 -8.46 -2.59
C22 DPV IB . 21.98 -9.95 -3.00
C23 DPV IB . 20.86 -10.47 -3.99
O2P DPV IB . 26.90 1.88 3.43
O3P DPV IB . 27.03 -0.44 2.30
O4P DPV IB . 27.24 1.31 0.94
H1 DPV IB . 25.06 0.24 2.14
H1A DPV IB . 25.45 -0.58 3.65
H2 DPV IB . 25.78 -2.74 2.18
H2A DPV IB . 24.13 -2.21 2.39
H3 DPV IB . 25.95 -1.77 -0.07
H3A DPV IB . 24.42 -0.94 0.09
H4 DPV IB . 27.70 2.45 -0.74
H4A DPV IB . 28.60 2.89 0.74
H5 DPV IB . 25.60 3.41 0.37
H5A DPV IB . 26.56 3.76 1.85
H6 DPV IB . 29.00 5.01 0.35
H6A DPV IB . 28.26 5.65 1.83
H6B DPV IB . 28.34 6.69 0.34
H7 DPV IB . 24.82 5.72 0.40
H7A DPV IB . 26.03 7.05 0.35
H7B DPV IB . 25.82 6.04 1.78
H8 DPV IB . 25.86 4.76 -1.71
H8A DPV IB . 27.66 4.56 -1.74
H8B DPV IB . 26.93 6.20 -1.69
H15 DPV IB . 23.14 -3.05 0.17
H15A DPV IB . 24.62 -4.01 0.13
H16 DPV IB . 24.09 -1.96 -2.14
H16A DPV IB . 25.13 -3.42 -2.17
H17 DPV IB . 22.08 -3.58 -1.80
H17A DPV IB . 22.81 -3.34 -3.43
H18 DPV IB . 24.14 -5.52 -3.05
H18A DPV IB . 23.20 -5.77 -1.56
H19 DPV IB . 21.10 -5.79 -2.80
H19A DPV IB . 21.95 -5.41 -4.31
H20 DPV IB . 21.65 -7.69 -4.59
H20A DPV IB . 23.28 -7.59 -4.00
H21 DPV IB . 22.43 -8.33 -1.71
H21A DPV IB . 20.77 -8.29 -2.32
H22 DPV IB . 22.98 -10.06 -3.45
H22A DPV IB . 21.95 -10.58 -2.10
H23 DPV IB . 20.94 -9.89 -4.90
H23A DPV IB . 19.88 -10.28 -3.55
H23B DPV IB . 20.96 -11.53 -4.24
N DPV JB . 22.38 3.49 4.18
P DPV JB . 21.86 3.10 -0.40
C1 DPV JB . 21.00 0.70 -1.04
C2 DPV JB . 19.80 -0.25 -0.71
C3 DPV JB . 20.10 -1.68 -1.17
C4 DPV JB . 22.49 4.54 1.70
C5 DPV JB . 22.14 4.74 3.22
C6 DPV JB . 23.80 2.92 4.07
C7 DPV JB . 21.34 2.40 3.93
C8 DPV JB . 22.17 3.97 5.63
C15 DPV JB . 18.90 -2.63 -0.88
C16 DPV JB . 19.20 -4.08 -1.44
C17 DPV JB . 18.01 -5.01 -1.26
C18 DPV JB . 18.33 -6.47 -1.76
C19 DPV JB . 17.14 -7.46 -1.59
O1P DPV JB . 21.33 3.99 -1.43
C20 DPV JB . 17.59 -8.91 -1.82
C21 DPV JB . 16.38 -9.89 -2.06
C22 DPV JB . 16.88 -11.34 -2.37
C23 DPV JB . 15.74 -12.30 -2.81
O2P DPV JB . 23.28 2.76 -0.60
O3P DPV JB . 20.93 1.81 -0.12
O4P DPV JB . 21.54 3.61 1.08
H1 DPV JB . 21.97 0.18 -0.87
H1A DPV JB . 20.96 1.06 -2.05
H2 DPV JB . 19.69 -0.23 0.36
H2A DPV JB . 18.86 0.11 -1.12
H3 DPV JB . 20.96 -2.04 -0.62
H3A DPV JB . 20.37 -1.66 -2.25
H4 DPV JB . 22.42 5.52 1.15
H4A DPV JB . 23.52 4.12 1.59
H5 DPV JB . 22.73 5.56 3.61
H5A DPV JB . 21.08 5.01 3.30
H6 DPV JB . 23.93 2.54 3.05
H6A DPV JB . 23.91 2.09 4.78
H6B DPV JB . 24.57 3.68 4.28
H7 DPV JB . 20.34 2.83 4.09
H7A DPV JB . 21.55 1.56 4.61
H7B DPV JB . 21.40 2.07 2.89
H8 DPV JB . 21.28 4.59 5.67
H8A DPV JB . 23.05 4.53 5.95
H8B DPV JB . 22.04 3.09 6.28
H15 DPV JB . 17.99 -2.25 -1.38
H15A DPV JB . 18.72 -2.70 0.19
H16 DPV JB . 19.46 -4.02 -2.46
H16A DPV JB . 20.10 -4.50 -0.97
H17 DPV JB . 17.77 -5.00 -0.20
H17A DPV JB . 17.16 -4.62 -1.83
H18 DPV JB . 18.61 -6.45 -2.79
H18A DPV JB . 19.20 -6.84 -1.21
H19 DPV JB . 16.77 -7.34 -0.59
H19A DPV JB . 16.37 -7.17 -2.28
H20 DPV JB . 18.22 -8.96 -2.70
H20A DPV JB . 18.16 -9.21 -0.94
H21 DPV JB . 15.70 -9.92 -1.20
H21A DPV JB . 15.82 -9.53 -2.91
H22 DPV JB . 17.63 -11.35 -3.19
H22A DPV JB . 17.38 -11.71 -1.45
H23 DPV JB . 16.13 -13.32 -2.86
H23A DPV JB . 15.35 -12.02 -3.78
H23B DPV JB . 14.92 -12.31 -2.08
N DPV KB . 29.72 -2.36 0.17
P DPV KB . 33.28 -5.92 -1.22
C1 DPV KB . 31.32 -7.39 -2.16
C2 DPV KB . 31.63 -8.92 -2.01
C3 DPV KB . 30.26 -9.69 -1.97
C4 DPV KB . 31.46 -4.23 -0.37
C5 DPV KB . 30.86 -2.85 -0.78
C6 DPV KB . 30.15 -2.18 1.62
C7 DPV KB . 28.46 -3.21 0.08
C8 DPV KB . 29.36 -0.96 -0.38
C15 DPV KB . 30.41 -11.22 -1.63
C16 DPV KB . 29.04 -11.88 -1.46
C17 DPV KB . 28.78 -12.30 0.03
C18 DPV KB . 27.33 -12.98 0.19
C19 DPV KB . 26.99 -13.21 1.68
O1P DPV KB . 34.72 -5.68 -1.49
C20 DPV KB . 25.64 -13.98 1.81
C21 DPV KB . 25.01 -13.86 3.23
C22 DPV KB . 23.62 -14.54 3.33
C23 DPV KB . 22.93 -14.37 4.68
O2P DPV KB . 33.09 -6.59 0.10
O3P DPV KB . 32.51 -6.64 -2.43
O4P DPV KB . 32.39 -4.60 -1.41
H1 DPV KB . 30.65 -7.24 -3.00
H1A DPV KB . 30.87 -7.03 -1.26
H2 DPV KB . 32.27 -9.21 -2.84
H2A DPV KB . 32.22 -9.09 -1.12
H3 DPV KB . 29.71 -9.55 -2.91
H3A DPV KB . 29.67 -9.24 -1.16
H4 DPV KB . 31.95 -4.14 0.58
H4A DPV KB . 30.70 -4.98 -0.28
H5 DPV KB . 31.65 -2.09 -0.85
H5A DPV KB . 30.44 -2.94 -1.79
H6 DPV KB . 30.30 -3.17 2.08
H6A DPV KB . 29.36 -1.64 2.18
H6B DPV KB . 31.07 -1.57 1.66
H7 DPV KB . 28.10 -3.21 -0.95
H7A DPV KB . 27.69 -2.80 0.74
H7B DPV KB . 28.72 -4.22 0.40
H8 DPV KB . 29.11 -1.10 -1.41
H8A DPV KB . 30.23 -0.32 -0.30
H8B DPV KB . 28.56 -0.55 0.21
H15 DPV KB . 31.04 -11.35 -0.74
H15A DPV KB . 30.93 -11.71 -2.46
H16 DPV KB . 28.24 -11.22 -1.87
H16A DPV KB . 28.97 -12.82 -2.04
H17 DPV KB . 29.52 -12.98 0.37
H17A DPV KB . 28.77 -11.40 0.64
H18 DPV KB . 26.54 -12.35 -0.24
H18A DPV KB . 27.31 -13.95 -0.32
H19 DPV KB . 27.80 -13.76 2.16
H19A DPV KB . 26.85 -12.22 2.16
H20 DPV KB . 24.88 -13.66 1.07
H20A DPV KB . 25.82 -15.05 1.60
H21 DPV KB . 25.69 -14.23 3.98
H21A DPV KB . 24.84 -12.80 3.47
H22 DPV KB . 22.95 -14.19 2.55
H22A DPV KB . 23.76 -15.62 3.16
H23 DPV KB . 22.05 -14.93 4.72
H23A DPV KB . 22.67 -13.34 4.87
H23B DPV KB . 23.57 -14.74 5.48
N DPV LB . 1.07 -32.79 -10.70
P DPV LB . -0.60 -28.48 -11.89
C1 DPV LB . 1.20 -26.55 -11.63
C2 DPV LB . 1.86 -25.75 -10.55
C3 DPV LB . 2.73 -24.60 -11.12
C4 DPV LB . 1.33 -30.38 -11.75
C5 DPV LB . 0.50 -31.71 -11.65
C6 DPV LB . 1.39 -32.25 -9.27
C7 DPV LB . 2.29 -33.46 -11.32
C8 DPV LB . -0.02 -33.91 -10.58
C15 DPV LB . 3.19 -23.65 -10.01
C16 DPV LB . 4.33 -22.80 -10.53
C17 DPV LB . 4.94 -21.87 -9.46
C18 DPV LB . 4.30 -20.48 -9.45
C19 DPV LB . 4.99 -19.57 -8.38
O1P DPV LB . -1.31 -27.65 -12.93
C20 DPV LB . 4.48 -18.12 -8.43
C21 DPV LB . 5.31 -17.24 -7.42
C22 DPV LB . 4.89 -15.75 -7.52
C23 DPV LB . 5.80 -14.91 -6.62
O2P DPV LB . -1.52 -29.26 -11.08
O3P DPV LB . 0.45 -27.61 -11.01
O4P DPV LB . 0.62 -29.36 -12.53
H1 DPV LB . 0.52 -25.93 -12.22
H1A DPV LB . 1.97 -26.97 -12.29
H2 DPV LB . 1.08 -25.34 -9.92
H2A DPV LB . 2.48 -26.41 -9.95
H3 DPV LB . 2.12 -24.04 -11.85
H3A DPV LB . 3.61 -25.01 -11.67
H4 DPV LB . 1.56 -29.99 -10.77
H4A DPV LB . 2.29 -30.61 -12.25
H5 DPV LB . -0.49 -31.50 -11.30
H5A DPV LB . 0.44 -32.17 -12.64
H6 DPV LB . 2.19 -31.54 -9.34
H6A DPV LB . 1.71 -33.08 -8.64
H6B DPV LB . 0.50 -31.78 -8.86
H7 DPV LB . 1.98 -34.00 -12.24
H7A DPV LB . 2.76 -34.15 -10.58
H7B DPV LB . 3.00 -32.67 -11.63
H8 DPV LB . -0.22 -34.31 -11.56
H8A DPV LB . -0.94 -33.52 -10.18
H8B DPV LB . 0.41 -34.68 -9.92
H15 DPV LB . 3.55 -24.21 -9.15
H15A DPV LB . 2.37 -23.02 -9.68
H16 DPV LB . 5.14 -23.44 -10.94
H16A DPV LB . 4.00 -22.18 -11.40
H17 DPV LB . 4.82 -22.32 -8.44
H17A DPV LB . 6.02 -21.79 -9.67
H18 DPV LB . 4.39 -20.03 -10.43
H18A DPV LB . 3.26 -20.59 -9.21
H19 DPV LB . 4.85 -19.96 -7.39
H19A DPV LB . 6.07 -19.55 -8.53
H20 DPV LB . 4.58 -17.67 -9.47
H20A DPV LB . 3.43 -18.09 -8.16
H21 DPV LB . 5.12 -17.58 -6.41
H21A DPV LB . 6.38 -17.32 -7.61
H22 DPV LB . 4.95 -15.36 -8.53
H22A DPV LB . 3.87 -15.65 -7.18
H23 DPV LB . 6.79 -14.76 -7.05
H23A DPV LB . 5.91 -15.40 -5.67
H23B DPV LB . 5.40 -13.89 -6.46
N DPV MB . -3.95 -25.83 -10.12
P DPV MB . -5.89 -21.75 -10.20
C1 DPV MB . -4.58 -19.72 -9.13
C2 DPV MB . -4.18 -19.21 -7.71
C3 DPV MB . -3.16 -18.02 -7.83
C4 DPV MB . -4.72 -23.65 -8.71
C5 DPV MB . -5.06 -25.11 -9.23
C6 DPV MB . -2.57 -25.94 -9.42
C7 DPV MB . -3.76 -25.11 -11.47
C8 DPV MB . -4.44 -27.24 -10.43
C15 DPV MB . -2.53 -17.63 -6.48
C16 DPV MB . -1.52 -16.43 -6.66
C17 DPV MB . -0.23 -16.56 -5.83
C18 DPV MB . 0.94 -15.68 -6.27
C19 DPV MB . 0.81 -14.19 -5.79
O1P DPV MB . -5.73 -21.11 -11.51
C20 DPV MB . 2.14 -13.43 -5.87
C21 DPV MB . 2.10 -12.11 -5.03
C22 DPV MB . 3.42 -11.32 -5.27
C23 DPV MB . 3.51 -10.02 -4.45
O2P DPV MB . -7.19 -22.42 -10.08
O3P DPV MB . -5.56 -20.79 -8.96
O4P DPV MB . -4.61 -22.69 -9.80
H1 DPV MB . -5.03 -18.87 -9.69
H1A DPV MB . -3.73 -20.11 -9.71
H2 DPV MB . -5.06 -18.91 -7.15
H2A DPV MB . -3.73 -20.05 -7.20
H3 DPV MB . -3.67 -17.13 -8.24
H3A DPV MB . -2.37 -18.29 -8.56
H4 DPV MB . -5.52 -23.32 -8.03
H4A DPV MB . -3.77 -23.68 -8.15
H5 DPV MB . -5.23 -25.73 -8.38
H5A DPV MB . -5.96 -25.07 -9.82
H6 DPV MB . -2.71 -26.47 -8.50
H6A DPV MB . -2.16 -24.95 -9.22
H6B DPV MB . -1.88 -26.48 -10.07
H7 DPV MB . -3.06 -25.69 -12.07
H7A DPV MB . -3.34 -24.12 -11.29
H7B DPV MB . -4.74 -24.99 -11.94
H8 DPV MB . -5.39 -27.16 -10.94
H8A DPV MB . -4.56 -27.77 -9.50
H8B DPV MB . -3.73 -27.77 -11.07
H15 DPV MB . -2.03 -18.49 -6.06
H15A DPV MB . -3.31 -17.33 -5.79
H16 DPV MB . -1.23 -16.35 -7.73
H16A DPV MB . -2.07 -15.51 -6.42
H17 DPV MB . -0.46 -16.40 -4.77
H17A DPV MB . 0.12 -17.60 -5.90
H18 DPV MB . 1.86 -16.10 -5.87
H18A DPV MB . 1.04 -15.69 -7.36
H19 DPV MB . 0.10 -13.63 -6.38
H19A DPV MB . 0.42 -14.19 -4.77
H20 DPV MB . 2.96 -14.04 -5.48
H20A DPV MB . 2.34 -13.22 -6.92
H21 DPV MB . 1.30 -11.46 -5.36
H21A DPV MB . 1.94 -12.35 -3.97
H22 DPV MB . 4.30 -11.92 -4.97
H22A DPV MB . 3.54 -11.14 -6.35
H23 DPV MB . 4.43 -9.50 -4.64
H23A DPV MB . 3.45 -10.26 -3.39
H23B DPV MB . 2.72 -9.35 -4.75
N DPV NB . -3.09 -28.03 -0.72
P DPV NB . -4.16 -27.22 -5.21
C1 DPV NB . -2.33 -25.33 -5.28
C2 DPV NB . -1.07 -24.90 -6.04
C3 DPV NB . 0.15 -25.83 -5.79
C4 DPV NB . -3.97 -28.70 -3.12
C5 DPV NB . -3.01 -29.02 -1.93
C6 DPV NB . -4.48 -28.01 -0.10
C7 DPV NB . -2.69 -26.60 -1.13
C8 DPV NB . -2.12 -28.50 0.39
C15 DPV NB . 1.25 -25.62 -6.88
C16 DPV NB . 2.61 -26.31 -6.53
C17 DPV NB . 3.53 -25.41 -5.62
C18 DPV NB . 4.75 -26.21 -5.15
C19 DPV NB . 5.65 -25.39 -4.21
O1P DPV NB . -4.74 -28.28 -6.04
C20 DPV NB . 6.83 -26.27 -3.70
C21 DPV NB . 7.63 -25.57 -2.60
C22 DPV NB . 8.63 -26.51 -1.94
C23 DPV NB . 9.41 -25.79 -0.82
O2P DPV NB . -5.19 -26.21 -4.84
O3P DPV NB . -2.83 -26.60 -5.84
O4P DPV NB . -3.33 -27.74 -3.98
H1 DPV NB . -2.10 -25.47 -4.19
H1A DPV NB . -3.10 -24.59 -5.39
H2 DPV NB . -1.30 -24.88 -7.11
H2A DPV NB . -0.83 -23.86 -5.77
H3 DPV NB . -0.16 -26.88 -5.85
H3A DPV NB . 0.55 -25.58 -4.80
H4 DPV NB . -4.18 -29.60 -3.69
H4A DPV NB . -4.90 -28.26 -2.77
H5 DPV NB . -3.27 -30.01 -1.55
H5A DPV NB . -1.98 -29.05 -2.27
H6 DPV NB . -4.80 -29.04 0.04
H6A DPV NB . -5.16 -27.48 -0.77
H6B DPV NB . -4.44 -27.47 0.82
H7 DPV NB . -1.72 -26.60 -1.60
H7A DPV NB . -2.68 -25.96 -0.24
H7B DPV NB . -3.41 -26.21 -1.84
H8 DPV NB . -1.10 -28.52 -0.01
H8A DPV NB . -2.44 -29.50 0.70
H8B DPV NB . -2.17 -27.80 1.22
H15 DPV NB . 1.39 -24.54 -7.05
H15A DPV NB . 0.86 -26.12 -7.78
H16 DPV NB . 2.42 -27.28 -6.05
H16A DPV NB . 3.14 -26.54 -7.45
H17 DPV NB . 3.88 -24.56 -6.23
H17A DPV NB . 2.98 -25.03 -4.76
H18 DPV NB . 4.38 -27.10 -4.59
H18A DPV NB . 5.34 -26.56 -6.04
H19 DPV NB . 6.04 -24.50 -4.75
H19A DPV NB . 5.09 -24.99 -3.35
H20 DPV NB . 6.44 -27.22 -3.32
H20A DPV NB . 7.47 -26.52 -4.55
H21 DPV NB . 8.13 -24.72 -3.01
H21A DPV NB . 6.95 -25.13 -1.88
H22 DPV NB . 8.14 -27.39 -1.50
H22A DPV NB . 9.34 -26.88 -2.72
H23 DPV NB . 10.08 -25.04 -1.24
H23A DPV NB . 10.05 -26.49 -0.29
H23B DPV NB . 8.71 -25.34 -0.11
N DPV OB . 33.25 -5.61 4.82
P DPV OB . 28.68 -3.30 5.71
C1 DPV OB . 26.12 -3.74 5.50
C2 DPV OB . 25.11 -4.13 6.62
C3 DPV OB . 23.71 -3.45 6.46
C4 DPV OB . 31.05 -4.26 5.29
C5 DPV OB . 31.78 -5.67 5.27
C6 DPV OB . 33.40 -5.02 3.39
C7 DPV OB . 34.12 -4.83 5.84
C8 DPV OB . 33.74 -7.08 4.79
C15 DPV OB . 22.74 -4.16 5.47
C16 DPV OB . 22.06 -5.40 6.10
C17 DPV OB . 21.19 -6.23 5.09
C18 DPV OB . 20.78 -7.57 5.70
C19 DPV OB . 20.13 -8.50 4.64
O1P DPV OB . 28.66 -2.45 4.53
C20 DPV OB . 19.91 -9.95 5.15
C21 DPV OB . 19.61 -10.93 3.99
C22 DPV OB . 19.37 -12.38 4.47
C23 DPV OB . 19.07 -13.33 3.31
O2P DPV OB . 28.92 -2.53 6.95
O3P DPV OB . 27.45 -4.26 5.79
O4P DPV OB . 29.65 -4.56 5.55
H1 DPV OB . 25.76 -4.13 4.52
H1A DPV OB . 26.20 -2.64 5.41
H2 DPV OB . 25.04 -5.20 6.70
H2A DPV OB . 25.52 -3.84 7.58
H3 DPV OB . 23.83 -2.36 6.18
H3A DPV OB . 23.21 -3.39 7.46
H4 DPV OB . 31.42 -3.65 6.10
H4A DPV OB . 31.14 -3.70 4.39
H5 DPV OB . 31.72 -6.12 6.26
H5A DPV OB . 31.29 -6.32 4.53
H6 DPV OB . 32.75 -5.56 2.72
H6A DPV OB . 34.44 -5.13 3.10
H6B DPV OB . 33.14 -3.98 3.44
H7 DPV OB . 33.78 -3.80 5.85
H7A DPV OB . 35.17 -4.88 5.53
H7B DPV OB . 34.01 -5.27 6.85
H8 DPV OB . 33.49 -7.58 5.75
H8A DPV OB . 34.82 -7.08 4.62
H8B DPV OB . 33.21 -7.56 3.97
H15 DPV OB . 23.26 -4.47 4.57
H15A DPV OB . 21.97 -3.42 5.15
H16 DPV OB . 22.82 -6.09 6.50
H16A DPV OB . 21.42 -5.09 6.94
H17 DPV OB . 20.30 -5.65 4.76
H17A DPV OB . 21.80 -6.43 4.19
H18 DPV OB . 21.67 -8.08 6.09
H18A DPV OB . 20.10 -7.41 6.51
H19 DPV OB . 19.18 -8.07 4.27
H19A DPV OB . 20.78 -8.56 3.76
H20 DPV OB . 20.79 -10.27 5.68
H20A DPV OB . 19.10 -9.95 5.90
H21 DPV OB . 18.70 -10.59 3.44
H21A DPV OB . 20.42 -10.87 3.24
H22 DPV OB . 20.28 -12.76 4.99
H22A DPV OB . 18.58 -12.41 5.26
H23 DPV OB . 18.98 -14.38 3.65
H23A DPV OB . 19.89 -13.28 2.58
H23B DPV OB . 18.10 -13.07 2.84
N GLY A 1 -3.72 2.76 -6.79
CA GLY A 1 -2.67 1.80 -7.19
C GLY A 1 -2.20 0.98 -6.03
N LEU A 2 -1.70 -0.22 -6.30
CA LEU A 2 -1.26 -1.15 -5.26
C LEU A 2 -0.08 -0.63 -4.42
N LEU A 3 0.61 0.42 -4.86
CA LEU A 3 1.70 0.99 -4.07
C LEU A 3 1.17 1.51 -2.74
N LYS A 4 -0.01 2.13 -2.77
CA LYS A 4 -0.64 2.67 -1.56
C LYS A 4 -1.23 1.54 -0.73
N TRP A 5 -1.62 0.46 -1.38
CA TRP A 5 -2.09 -0.72 -0.67
C TRP A 5 -0.95 -1.28 0.17
N ILE A 6 0.24 -1.37 -0.41
CA ILE A 6 1.43 -1.81 0.34
C ILE A 6 1.74 -0.82 1.46
N LYS A 7 1.78 0.47 1.15
CA LYS A 7 2.00 1.51 2.16
C LYS A 7 1.10 1.40 3.37
N THR A 8 -0.17 1.14 3.14
CA THR A 8 -1.15 1.02 4.22
C THR A 8 -0.85 -0.20 5.09
N LEU A 9 -0.48 -1.31 4.46
CA LEU A 9 -0.21 -2.54 5.20
C LEU A 9 1.09 -2.45 5.99
N LEU A 10 2.08 -1.79 5.42
CA LEU A 10 3.36 -1.57 6.10
C LEU A 10 3.14 -0.70 7.32
N NH2 A 11 2.29 0.31 7.16
HN1 NH2 A 11 1.83 0.46 6.27
HN2 NH2 A 11 2.10 0.91 7.93
UNK UNX B . 10.52 -14.88 -4.46
N DPV C . 16.03 6.45 -6.03
P DPV C . 11.54 6.67 -4.53
C1 DPV C . 10.50 9.09 -4.66
C2 DPV C . 9.03 8.71 -4.97
C3 DPV C . 8.03 9.43 -4.02
C4 DPV C . 13.84 5.44 -4.87
C5 DPV C . 15.38 5.70 -4.80
C6 DPV C . 17.55 6.44 -5.81
C7 DPV C . 15.58 7.92 -6.13
C8 DPV C . 15.75 5.73 -7.37
C15 DPV C . 6.57 8.89 -4.18
C16 DPV C . 6.13 7.90 -3.06
C17 DPV C . 6.85 6.50 -3.11
C18 DPV C . 6.24 5.50 -2.10
C19 DPV C . 7.02 4.17 -2.11
O1P DPV C . 11.24 6.68 -3.08
C20 DPV C . 6.35 3.08 -1.23
C21 DPV C . 7.17 1.76 -1.25
C22 DPV C . 6.43 0.59 -0.55
C23 DPV C . 7.36 -0.62 -0.38
O2P DPV C . 10.82 5.60 -5.24
O3P DPV C . 11.40 8.10 -5.25
O4P DPV C . 13.12 6.70 -4.84
H1 DPV C . 10.73 10.08 -5.09
H1A DPV C . 10.68 9.13 -3.59
H2 DPV C . 8.81 8.97 -6.00
H2A DPV C . 8.91 7.64 -4.87
H3 DPV C . 8.04 10.50 -4.25
H3A DPV C . 8.36 9.33 -2.98
H4 DPV C . 13.57 4.91 -5.77
H4A DPV C . 13.53 4.85 -3.99
H5 DPV C . 15.61 6.30 -3.92
H5A DPV C . 15.90 4.74 -4.70
H6 DPV C . 17.89 5.40 -5.72
H6A DPV C . 17.77 6.98 -4.88
H6B DPV C . 18.04 6.92 -6.66
H7 DPV C . 15.78 8.40 -5.17
H7A DPV C . 14.51 7.94 -6.34
H7B DPV C . 16.14 8.41 -6.93
H8 DPV C . 16.31 6.23 -8.16
H8A DPV C . 14.67 5.80 -7.57
H8B DPV C . 16.05 4.69 -7.27
H15 DPV C . 6.44 8.43 -5.16
H15A DPV C . 5.89 9.75 -4.16
H16 DPV C . 6.30 8.35 -2.08
H16A DPV C . 5.05 7.73 -3.15
H17 DPV C . 6.76 6.09 -4.12
H17A DPV C . 7.91 6.64 -2.90
H18 DPV C . 6.27 5.93 -1.09
H18A DPV C . 5.19 5.33 -2.34
H19 DPV C . 7.09 3.80 -3.14
H19A DPV C . 8.04 4.34 -1.76
H20 DPV C . 6.28 3.44 -0.20
H20A DPV C . 5.33 2.89 -1.58
H21 DPV C . 7.37 1.47 -2.28
H21A DPV C . 8.14 1.93 -0.76
H22 DPV C . 6.08 0.91 0.44
H22A DPV C . 5.55 0.30 -1.13
H23 DPV C . 6.84 -1.43 0.13
H23A DPV C . 8.24 -0.36 0.22
H23B DPV C . 7.70 -0.99 -1.35
N DPV D . 14.28 6.24 0.10
P DPV D . 9.93 4.96 1.15
C1 DPV D . 9.71 6.19 3.43
C2 DPV D . 10.58 6.63 4.66
C3 DPV D . 11.27 5.44 5.39
C4 DPV D . 12.42 4.37 0.54
C5 DPV D . 13.63 4.86 -0.32
C6 DPV D . 14.75 6.22 1.57
C7 DPV D . 15.52 6.45 -0.77
C8 DPV D . 13.32 7.42 -0.11
C15 DPV D . 10.27 4.59 6.25
C16 DPV D . 11.00 3.47 7.04
C17 DPV D . 10.01 2.48 7.72
C18 DPV D . 9.45 1.38 6.76
C19 DPV D . 10.43 0.18 6.57
O1P DPV D . 8.75 5.66 0.61
C20 DPV D . 9.84 -0.87 5.58
C21 DPV D . 10.75 -2.13 5.43
C22 DPV D . 10.03 -3.31 4.72
C23 DPV D . 9.84 -3.08 3.20
O2P DPV D . 9.64 3.53 1.42
O3P DPV D . 10.58 5.70 2.39
O4P DPV D . 11.25 5.18 0.28
H1 DPV D . 9.02 5.40 3.73
H1A DPV D . 9.16 7.05 3.05
H2 DPV D . 11.35 7.32 4.30
H2A DPV D . 9.95 7.19 5.35
H3 DPV D . 12.04 5.84 6.04
H3A DPV D . 11.76 4.79 4.67
H4 DPV D . 12.18 3.34 0.28
H4A DPV D . 12.67 4.42 1.61
H5 DPV D . 14.41 4.11 -0.28
H5A DPV D . 13.30 4.97 -1.36
H6 DPV D . 15.40 5.36 1.73
H6A DPV D . 13.86 6.15 2.22
H6B DPV D . 15.29 7.15 1.78
H7 DPV D . 16.21 5.62 -0.65
H7A DPV D . 16.00 7.39 -0.47
H7B DPV D . 15.20 6.53 -1.82
H8 DPV D . 13.85 8.34 0.12
H8A DPV D . 12.47 7.31 0.55
H8B DPV D . 12.99 7.42 -1.16
H15 DPV D . 9.51 4.15 5.59
H15A DPV D . 9.75 5.25 6.95
H16 DPV D . 11.67 2.91 6.36
H16A DPV D . 11.64 3.93 7.80
H17 DPV D . 10.51 2.00 8.57
H17A DPV D . 9.17 3.04 8.15
H18 DPV D . 8.52 1.00 7.19
H18A DPV D . 9.22 1.82 5.80
H19 DPV D . 11.39 0.54 6.19
H19A DPV D . 10.62 -0.30 7.53
H20 DPV D . 8.85 -1.18 5.92
H20A DPV D . 9.71 -0.39 4.59
H21 DPV D . 11.66 -1.86 4.89
H21A DPV D . 11.06 -2.46 6.42
H22 DPV D . 10.62 -4.21 4.87
H22A DPV D . 9.05 -3.48 5.18
H23 DPV D . 10.79 -2.84 2.72
H23A DPV D . 9.14 -2.27 3.01
H23B DPV D . 9.44 -3.99 2.72
N DPV E . 25.20 -3.57 10.82
P DPV E . 25.10 -2.68 6.04
C1 DPV E . 27.09 -0.97 5.96
C2 DPV E . 27.83 -0.24 4.81
C3 DPV E . 28.01 -1.13 3.53
C4 DPV E . 24.22 -2.67 8.52
C5 DPV E . 25.49 -2.93 9.41
C6 DPV E . 24.34 -2.63 11.71
C7 DPV E . 26.55 -3.76 11.51
C8 DPV E . 24.50 -4.94 10.72
C15 DPV E . 29.19 -2.13 3.66
C16 DPV E . 29.20 -3.19 2.51
C17 DPV E . 28.37 -4.47 2.88
C18 DPV E . 28.38 -5.49 1.71
C19 DPV E . 27.82 -6.89 2.11
O1P DPV E . 23.99 -3.15 5.21
C20 DPV E . 26.27 -6.92 2.27
C21 DPV E . 25.75 -8.38 2.24
C22 DPV E . 24.22 -8.46 2.47
C23 DPV E . 23.73 -9.92 2.43
O2P DPV E . 26.09 -3.75 6.32
O3P DPV E . 25.76 -1.32 5.50
O4P DPV E . 24.61 -1.91 7.36
H1 DPV E . 27.64 -1.87 6.24
H1A DPV E . 27.00 -0.32 6.83
H2 DPV E . 27.25 0.65 4.55
H2A DPV E . 28.81 0.10 5.16
H3 DPV E . 28.18 -0.48 2.67
H3A DPV E . 27.07 -1.67 3.33
H4 DPV E . 23.78 -3.62 8.20
H4A DPV E . 23.49 -2.09 9.08
H5 DPV E . 26.17 -3.59 8.89
H5A DPV E . 25.99 -1.98 9.59
H6 DPV E . 24.82 -1.65 11.76
H6A DPV E . 24.27 -3.07 12.71
H6B DPV E . 23.34 -2.54 11.27
H7 DPV E . 27.04 -2.79 11.62
H7A DPV E . 27.18 -4.42 10.90
H7B DPV E . 26.38 -4.21 12.49
H8 DPV E . 24.36 -5.33 11.73
H8A DPV E . 25.14 -5.61 10.15
H8B DPV E . 23.54 -4.82 10.23
H15 DPV E . 29.17 -2.64 4.63
H15A DPV E . 30.14 -1.56 3.61
H16 DPV E . 28.82 -2.75 1.59
H16A DPV E . 30.23 -3.49 2.32
H17 DPV E . 28.81 -4.93 3.77
H17A DPV E . 27.34 -4.19 3.12
H18 DPV E . 27.81 -5.09 0.87
H18A DPV E . 29.40 -5.63 1.36
H19 DPV E . 28.11 -7.60 1.32
H19A DPV E . 28.31 -7.24 3.03
H20 DPV E . 26.01 -6.46 3.22
H20A DPV E . 25.80 -6.35 1.48
H21 DPV E . 25.99 -8.82 1.27
H21A DPV E . 26.26 -8.98 3.00
H22 DPV E . 23.96 -8.03 3.43
H22A DPV E . 23.69 -7.88 1.70
H23 DPV E . 24.24 -10.51 3.20
H23A DPV E . 23.94 -10.37 1.46
H23B DPV E . 22.66 -9.97 2.61
N DPV F . 21.16 -13.37 14.68
P DPV F . 23.09 -9.87 11.37
C1 DPV F . 21.12 -9.47 9.67
C2 DPV F . 20.42 -10.05 8.43
C3 DPV F . 19.68 -11.39 8.70
C4 DPV F . 21.78 -11.77 12.65
C5 DPV F . 21.18 -11.91 14.09
C6 DPV F . 20.14 -14.26 13.95
C7 DPV F . 20.71 -13.25 16.14
C8 DPV F . 22.54 -14.05 14.66
C15 DPV F . 18.37 -11.55 7.85
C16 DPV F . 17.14 -10.91 8.56
C17 DPV F . 15.89 -10.86 7.64
C18 DPV F . 14.69 -10.21 8.37
C19 DPV F . 13.42 -10.11 7.46
O1P DPV F . 23.33 -8.41 11.42
C20 DPV F . 12.20 -9.55 8.26
C21 DPV F . 10.89 -9.49 7.43
C22 DPV F . 10.25 -10.89 7.19
C23 DPV F . 8.81 -10.78 6.63
O2P DPV F . 24.33 -10.62 11.52
O3P DPV F . 22.23 -10.32 10.09
O4P DPV F . 21.94 -10.35 12.38
H1 DPV F . 21.50 -8.47 9.46
H1A DPV F . 20.40 -9.39 10.50
H2 DPV F . 19.69 -9.30 8.08
H2A DPV F . 21.15 -10.19 7.63
H3 DPV F . 19.44 -11.48 9.76
H3A DPV F . 20.35 -12.21 8.46
H4 DPV F . 22.74 -12.25 12.59
H4A DPV F . 21.09 -12.20 11.91
H5 DPV F . 21.78 -11.31 14.77
H5A DPV F . 20.15 -11.53 14.10
H6 DPV F . 20.09 -15.23 14.46
H6A DPV F . 20.47 -14.39 12.92
H6B DPV F . 19.16 -13.76 13.97
H7 DPV F . 21.43 -12.61 16.67
H7A DPV F . 20.70 -14.25 16.59
H7B DPV F . 19.71 -12.81 16.18
H8 DPV F . 23.25 -13.39 15.18
H8A DPV F . 22.85 -14.20 13.62
H8B DPV F . 22.47 -15.00 15.18
H15 DPV F . 18.17 -12.62 7.71
H15A DPV F . 18.51 -11.12 6.86
H16 DPV F . 16.90 -11.47 9.47
H16A DPV F . 17.39 -9.88 8.87
H17 DPV F . 16.12 -10.30 6.73
H17A DPV F . 15.63 -11.89 7.35
H18 DPV F . 14.45 -10.79 9.26
H18A DPV F . 14.97 -9.21 8.70
H19 DPV F . 13.64 -9.46 6.61
H19A DPV F . 13.19 -11.10 7.07
H20 DPV F . 12.04 -10.17 9.15
H20A DPV F . 12.44 -8.55 8.61
H21 DPV F . 10.19 -8.86 7.96
H21A DPV F . 11.09 -9.01 6.46
H22 DPV F . 10.85 -11.48 6.51
H22A DPV F . 10.20 -11.43 8.15
H23 DPV F . 8.40 -11.77 6.46
H23A DPV F . 8.81 -10.23 5.69
H23B DPV F . 8.16 -10.25 7.34
N DPV G . 25.32 -20.17 13.50
P DPV G . 21.62 -17.48 12.22
C1 DPV G . 21.21 -18.38 9.81
C2 DPV G . 21.83 -19.37 8.80
C3 DPV G . 21.25 -19.14 7.39
C4 DPV G . 23.81 -18.00 13.61
C5 DPV G . 24.45 -19.21 14.38
C6 DPV G . 24.59 -20.67 12.24
C7 DPV G . 25.65 -21.41 14.36
C8 DPV G . 26.64 -19.50 13.11
C15 DPV G . 21.83 -20.13 6.34
C16 DPV G . 21.09 -20.00 4.99
C17 DPV G . 21.73 -20.85 3.85
C18 DPV G . 21.06 -22.24 3.63
C19 DPV G . 21.71 -23.39 4.46
O1P DPV G . 22.26 -16.19 11.88
C20 DPV G . 20.79 -24.63 4.47
C21 DPV G . 21.42 -25.86 5.18
C22 DPV G . 20.39 -27.01 5.45
C23 DPV G . 19.85 -27.69 4.16
O2P DPV G . 20.22 -17.33 12.66
O3P DPV G . 21.81 -18.60 11.10
O4P DPV G . 22.48 -18.40 13.19
H1 DPV G . 21.41 -17.35 9.48
H1A DPV G . 20.14 -18.53 9.90
H2 DPV G . 22.91 -19.24 8.79
H2A DPV G . 21.62 -20.39 9.13
H3 DPV G . 21.47 -18.12 7.07
H3A DPV G . 20.16 -19.25 7.42
H4 DPV G . 23.70 -17.14 14.29
H4A DPV G . 24.41 -17.72 12.74
H5 DPV G . 25.09 -18.83 15.17
H5A DPV G . 23.65 -19.81 14.83
H6 DPV G . 23.63 -21.10 12.54
H6A DPV G . 25.20 -21.41 11.73
H6B DPV G . 24.41 -19.82 11.57
H7 DPV G . 24.71 -21.90 14.64
H7A DPV G . 26.18 -21.08 15.26
H7B DPV G . 26.29 -22.08 13.78
H8 DPV G . 26.43 -18.63 12.48
H8A DPV G . 27.25 -20.22 12.54
H8B DPV G . 27.18 -19.19 14.01
H15 DPV G . 21.74 -21.15 6.72
H15A DPV G . 22.90 -19.93 6.20
H16 DPV G . 20.05 -20.28 5.12
H16A DPV G . 21.09 -18.96 4.68
H17 DPV G . 21.61 -20.28 2.92
H17A DPV G . 22.81 -20.96 4.00
H18 DPV G . 20.00 -22.16 3.88
H18A DPV G . 21.12 -22.49 2.58
H19 DPV G . 22.68 -23.65 4.01
H19A DPV G . 21.89 -23.07 5.48
H20 DPV G . 19.86 -24.36 4.97
H20A DPV G . 20.53 -24.90 3.43
H21 DPV G . 22.25 -26.24 4.59
H21A DPV G . 21.83 -25.54 6.15
H22 DPV G . 20.86 -27.76 6.07
H22A DPV G . 19.54 -26.61 6.02
H23 DPV G . 19.29 -26.98 3.55
H23A DPV G . 19.20 -28.52 4.40
H23B DPV G . 20.69 -28.07 3.56
N DPV H . 6.08 -23.11 15.09
P DPV H . 5.98 -23.87 10.47
C1 DPV H . 5.44 -21.31 10.39
C2 DPV H . 4.29 -20.35 10.07
C3 DPV H . 4.72 -18.87 10.15
C4 DPV H . 6.75 -24.45 12.88
C5 DPV H . 6.26 -24.50 14.36
C6 DPV H . 4.83 -22.36 14.57
C7 DPV H . 5.87 -23.41 16.57
C8 DPV H . 7.31 -22.20 14.96
C15 DPV H . 3.53 -17.91 9.88
C16 DPV H . 3.94 -16.43 10.10
C17 DPV H . 2.84 -15.45 9.64
C18 DPV H . 3.21 -13.98 9.98
C19 DPV H . 2.24 -12.97 9.29
O1P DPV H . 5.53 -25.11 9.81
C20 DPV H . 2.43 -11.49 9.79
C21 DPV H . 3.73 -10.78 9.30
C22 DPV H . 3.69 -10.40 7.79
C23 DPV H . 4.90 -9.54 7.40
O2P DPV H . 7.37 -23.52 10.09
O3P DPV H . 4.95 -22.66 10.28
O4P DPV H . 5.72 -23.87 12.04
H1 DPV H . 6.26 -21.17 9.68
H1A DPV H . 5.81 -21.14 11.41
H2 DPV H . 3.91 -20.57 9.08
H2A DPV H . 3.48 -20.53 10.79
H3 DPV H . 5.52 -18.68 9.42
H3A DPV H . 5.14 -18.67 11.14
H4 DPV H . 7.66 -23.86 12.79
H4A DPV H . 6.95 -25.46 12.53
H5 DPV H . 5.31 -25.02 14.42
H5A DPV H . 7.00 -25.06 14.95
H6 DPV H . 3.96 -23.02 14.67
H6A DPV H . 4.99 -22.10 13.52
H6B DPV H . 4.69 -21.46 15.17
H7 DPV H . 4.99 -24.04 16.69
H7A DPV H . 5.74 -22.48 17.12
H7B DPV H . 6.75 -23.95 16.96
H8 DPV H . 8.19 -22.75 15.32
H8A DPV H . 7.16 -21.30 15.57
H8B DPV H . 7.44 -21.92 13.92
H15 DPV H . 2.70 -18.16 10.54
H15A DPV H . 3.18 -18.04 8.85
H16 DPV H . 4.17 -16.27 11.16
H16A DPV H . 4.86 -16.22 9.54
H17 DPV H . 2.71 -15.54 8.56
H17A DPV H . 1.89 -15.71 10.11
H18 DPV H . 3.17 -13.85 11.07
H18A DPV H . 4.23 -13.76 9.66
H19 DPV H . 2.36 -13.02 8.21
H19A DPV H . 1.20 -13.27 9.52
H20 DPV H . 1.56 -10.90 9.48
H20A DPV H . 2.42 -11.49 10.88
H21 DPV H . 3.85 -9.87 9.90
H21A DPV H . 4.60 -11.42 9.51
H22 DPV H . 3.70 -11.32 7.20
H22A DPV H . 2.77 -9.87 7.57
H23 DPV H . 4.87 -9.30 6.34
H23A DPV H . 5.84 -10.06 7.61
H23B DPV H . 4.89 -8.59 7.96
N DPV I . 13.46 -36.03 2.34
P DPV I . 17.52 -33.31 4.13
C1 DPV I . 16.62 -30.91 4.70
C2 DPV I . 16.43 -29.94 5.90
C3 DPV I . 15.41 -28.79 5.60
C4 DPV I . 15.52 -34.55 3.06
C5 DPV I . 14.08 -35.02 3.38
C6 DPV I . 13.32 -35.38 0.95
C7 DPV I . 12.07 -36.40 2.82
C8 DPV I . 14.29 -37.33 2.23
C15 DPV I . 15.89 -27.79 4.50
C16 DPV I . 14.88 -26.63 4.26
C17 DPV I . 13.71 -27.01 3.30
C18 DPV I . 12.77 -25.81 3.01
C19 DPV I . 11.65 -25.66 4.09
O1P DPV I . 18.44 -34.33 4.67
C20 DPV I . 10.76 -24.42 3.83
C21 DPV I . 9.45 -24.48 4.68
C22 DPV I . 8.51 -23.25 4.46
C23 DPV I . 7.82 -23.24 3.07
O2P DPV I . 17.97 -32.80 2.82
O3P DPV I . 17.20 -32.14 5.19
O4P DPV I . 15.99 -33.74 4.15
H1 DPV I . 15.66 -31.12 4.23
H1A DPV I . 17.31 -30.46 3.97
H2 DPV I . 16.07 -30.51 6.76
H2A DPV I . 17.39 -29.50 6.18
H3 DPV I . 15.22 -28.24 6.52
H3A DPV I . 14.45 -29.24 5.30
H4 DPV I . 16.19 -35.41 2.96
H4A DPV I . 15.54 -33.96 2.15
H5 DPV I . 14.06 -35.52 4.35
H5A DPV I . 13.42 -34.15 3.42
H6 DPV I . 14.31 -35.14 0.55
H6A DPV I . 12.73 -34.47 1.04
H6B DPV I . 12.81 -36.09 0.28
H7 DPV I . 12.15 -36.84 3.83
H7A DPV I . 11.64 -37.12 2.13
H7B DPV I . 11.45 -35.49 2.87
H8 DPV I . 14.38 -37.77 3.22
H8A DPV I . 15.27 -37.10 1.84
H8B DPV I . 13.76 -38.02 1.56
H15 DPV I . 16.07 -28.32 3.56
H15A DPV I . 16.85 -27.37 4.82
H16 DPV I . 14.48 -26.28 5.21
H16A DPV I . 15.42 -25.79 3.82
H17 DPV I . 14.14 -27.36 2.35
H17A DPV I . 13.14 -27.84 3.71
H18 DPV I . 13.34 -24.89 2.93
H18A DPV I . 12.29 -25.97 2.04
H19 DPV I . 11.04 -26.55 4.08
H19A DPV I . 12.10 -25.58 5.08
H20 DPV I . 11.32 -23.51 4.07
H20A DPV I . 10.50 -24.37 2.77
H21 DPV I . 8.92 -25.40 4.46
H21A DPV I . 9.73 -24.52 5.74
H22 DPV I . 7.74 -23.28 5.23
H22A DPV I . 9.06 -22.32 4.61
H23 DPV I . 7.29 -24.18 2.89
H23A DPV I . 8.55 -23.10 2.28
H23B DPV I . 7.10 -22.43 3.02
N DPV J . -2.15 -30.48 0.70
P DPV J . 1.88 -31.27 3.92
C1 DPV J . 4.21 -30.29 3.21
C2 DPV J . 5.58 -30.78 2.68
C3 DPV J . 6.74 -29.82 3.01
C4 DPV J . -0.21 -30.69 2.48
C5 DPV J . -0.65 -30.20 1.05
C6 DPV J . -2.39 -31.98 0.46
C7 DPV J . -2.49 -29.75 -0.62
C8 DPV J . -3.15 -29.97 1.77
C15 DPV J . 7.31 -29.99 4.45
C16 DPV J . 8.55 -29.09 4.68
C17 DPV J . 9.21 -29.34 6.06
C18 DPV J . 10.44 -28.42 6.26
C19 DPV J . 11.15 -28.65 7.63
O1P DPV J . 1.32 -32.55 4.36
C20 DPV J . 12.37 -27.72 7.83
C21 DPV J . 11.96 -26.27 8.25
C22 DPV J . 13.19 -25.35 8.49
C23 DPV J . 12.75 -23.94 8.94
O2P DPV J . 1.88 -30.26 5.02
O3P DPV J . 3.30 -31.42 3.20
O4P DPV J . 1.23 -30.72 2.56
H1 DPV J . 4.32 -29.93 4.24
H1A DPV J . 3.82 -29.49 2.58
H2 DPV J . 5.79 -31.77 3.07
H2A DPV J . 5.50 -30.88 1.59
H3 DPV J . 6.42 -28.78 2.86
H3A DPV J . 7.55 -30.00 2.30
H4 DPV J . -0.60 -30.00 3.23
H4A DPV J . -0.60 -31.68 2.66
H5 DPV J . -0.50 -29.12 0.97
H5A DPV J . -0.05 -30.69 0.29
H6 DPV J . -1.72 -32.32 -0.33
H6A DPV J . -3.44 -32.14 0.15
H6B DPV J . -2.19 -32.52 1.39
H7 DPV J . -1.79 -30.08 -1.39
H7A DPV J . -2.39 -28.67 -0.45
H7B DPV J . -3.52 -29.99 -0.90
H8 DPV J . -2.98 -28.89 1.93
H8A DPV J . -2.98 -30.51 2.70
H8B DPV J . -4.17 -30.14 1.42
H15 DPV J . 7.60 -31.04 4.60
H15A DPV J . 6.55 -29.75 5.18
H16 DPV J . 9.29 -29.27 3.89
H16A DPV J . 8.24 -28.03 4.61
H17 DPV J . 8.48 -29.15 6.86
H17A DPV J . 9.52 -30.38 6.13
H18 DPV J . 11.16 -28.60 5.45
H18A DPV J . 10.12 -27.38 6.19
H19 DPV J . 10.44 -28.53 8.45
H19A DPV J . 11.50 -29.69 7.67
H20 DPV J . 13.01 -28.14 8.62
H20A DPV J . 12.97 -27.68 6.92
H21 DPV J . 11.33 -25.83 7.47
H21A DPV J . 11.36 -26.32 9.17
H22 DPV J . 13.83 -25.79 9.27
H22A DPV J . 13.78 -25.27 7.57
H23 DPV J . 13.63 -23.32 9.14
H23A DPV J . 12.16 -24.00 9.86
H23B DPV J . 12.16 -23.46 8.17
N DPV K . 4.73 -34.08 -0.62
P DPV K . 6.01 -33.52 -5.34
C1 DPV K . 4.46 -31.61 -6.21
C2 DPV K . 2.95 -31.25 -6.35
C3 DPV K . 2.49 -30.10 -5.41
C4 DPV K . 5.66 -34.75 -3.02
C5 DPV K . 4.56 -33.99 -2.18
C6 DPV K . 3.53 -33.38 0.03
C7 DPV K . 6.02 -33.39 -0.14
C8 DPV K . 4.73 -35.53 -0.12
C15 DPV K . 2.51 -30.50 -3.89
C16 DPV K . 2.22 -29.26 -2.99
C17 DPV K . 2.39 -29.55 -1.46
C18 DPV K . 3.88 -29.66 -1.00
C19 DPV K . 4.60 -28.29 -0.80
O1P DPV K . 6.63 -34.04 -6.58
C20 DPV K . 6.13 -28.48 -0.66
C21 DPV K . 6.81 -27.35 0.14
C22 DPV K . 8.33 -27.64 0.34
C23 DPV K . 8.95 -26.67 1.36
O2P DPV K . 6.92 -32.61 -4.61
O3P DPV K . 4.56 -32.90 -5.57
O4P DPV K . 5.35 -34.66 -4.43
H1 DPV K . 4.92 -31.67 -7.21
H1A DPV K . 4.99 -30.86 -5.62
H2 DPV K . 2.76 -30.94 -7.38
H2A DPV K . 2.34 -32.14 -6.16
H3 DPV K . 1.48 -29.82 -5.68
H3A DPV K . 3.13 -29.24 -5.56
H4 DPV K . 6.65 -34.34 -2.83
H4A DPV K . 5.66 -35.81 -2.75
H5 DPV K . 4.58 -32.93 -2.45
H5A DPV K . 3.58 -34.39 -2.43
H6 DPV K . 2.61 -33.89 -0.27
H6A DPV K . 3.50 -32.34 -0.31
H6B DPV K . 3.64 -33.41 1.11
H7 DPV K . 6.07 -33.44 0.95
H7A DPV K . 6.00 -32.34 -0.45
H7B DPV K . 6.88 -33.89 -0.58
H8 DPV K . 4.74 -35.54 0.98
H8A DPV K . 5.61 -36.05 -0.51
H8B DPV K . 3.83 -36.03 -0.48
H15 DPV K . 3.48 -30.92 -3.64
H15A DPV K . 1.75 -31.27 -3.70
H16 DPV K . 2.88 -28.44 -3.28
H16A DPV K . 1.19 -28.93 -3.17
H17 DPV K . 1.90 -28.76 -0.89
H17A DPV K . 1.86 -30.48 -1.21
H18 DPV K . 3.90 -30.20 -0.05
H18A DPV K . 4.44 -30.27 -1.72
H19 DPV K . 4.39 -27.62 -1.64
H19A DPV K . 4.19 -27.81 0.11
H20 DPV K . 6.34 -29.43 -0.16
H20A DPV K . 6.57 -28.53 -1.66
H21 DPV K . 6.69 -26.40 -0.38
H21A DPV K . 6.33 -27.25 1.11
H22 DPV K . 8.48 -28.66 0.68
H22A DPV K . 8.85 -27.53 -0.62
H23 DPV K . 8.48 -26.79 2.34
H23A DPV K . 8.84 -25.64 1.04
H23B DPV K . 10.02 -26.89 1.47
N DPV L . 2.66 -33.57 -16.76
P DPV L . -0.06 -31.73 -13.34
C1 DPV L . -2.11 -31.15 -11.84
C2 DPV L . -2.84 -31.74 -10.61
C3 DPV L . -3.58 -30.68 -9.74
C4 DPV L . 0.97 -33.74 -14.72
C5 DPV L . 1.40 -32.99 -16.03
C6 DPV L . 3.91 -33.45 -15.86
C7 DPV L . 2.48 -35.04 -17.18
C8 DPV L . 2.92 -32.74 -18.02
C15 DPV L . -2.64 -29.65 -9.06
C16 DPV L . -3.37 -28.80 -7.98
C17 DPV L . -2.62 -27.50 -7.57
C18 DPV L . -1.25 -27.75 -6.85
C19 DPV L . -0.56 -26.41 -6.50
O1P DPV L . 1.19 -31.64 -12.54
C20 DPV L . 0.74 -26.63 -5.70
C21 DPV L . 1.42 -25.28 -5.31
C22 DPV L . 2.48 -25.42 -4.19
C23 DPV L . 1.85 -25.52 -2.78
O2P DPV L . -0.29 -30.53 -14.15
O3P DPV L . -1.31 -32.18 -12.47
O4P DPV L . -0.20 -33.09 -14.15
H1 DPV L . -2.83 -30.75 -12.56
H1A DPV L . -1.44 -30.34 -11.52
H2 DPV L . -3.55 -32.49 -10.95
H2A DPV L . -2.11 -32.27 -9.99
H3 DPV L . -4.15 -31.20 -8.98
H3A DPV L . -4.31 -30.14 -10.37
H4 DPV L . 0.71 -34.78 -14.95
H4A DPV L . 1.77 -33.72 -13.99
H5 DPV L . 0.58 -33.02 -16.75
H5A DPV L . 1.61 -31.94 -15.79
H6 DPV L . 4.03 -32.41 -15.55
H6A DPV L . 4.80 -33.76 -16.44
H6B DPV L . 3.80 -34.10 -15.00
H7 DPV L . 3.38 -35.37 -17.70
H7A DPV L . 1.60 -35.10 -17.84
H7B DPV L . 2.32 -35.65 -16.28
H8 DPV L . 3.07 -31.70 -17.74
H8A DPV L . 2.04 -32.82 -18.67
H8B DPV L . 3.81 -33.13 -18.54
H15 DPV L . -2.21 -28.99 -9.82
H15A DPV L . -1.80 -30.17 -8.58
H16 DPV L . -4.34 -28.50 -8.38
H16A DPV L . -3.56 -29.42 -7.09
H17 DPV L . -2.46 -26.89 -8.45
H17A DPV L . -3.26 -26.92 -6.90
H18 DPV L . -1.42 -28.34 -5.95
H18A DPV L . -0.59 -28.33 -7.50
H19 DPV L . -0.35 -25.85 -7.41
H19A DPV L . -1.25 -25.80 -5.90
H20 DPV L . 0.52 -27.21 -4.80
H20A DPV L . 1.44 -27.22 -6.30
H21 DPV L . 1.89 -24.84 -6.20
H21A DPV L . 0.65 -24.56 -4.98
H22 DPV L . 3.10 -26.30 -4.37
H22A DPV L . 3.14 -24.56 -4.21
H23 DPV L . 1.12 -26.33 -2.72
H23A DPV L . 1.35 -24.58 -2.51
H23B DPV L . 2.62 -25.72 -2.03
N DPV M . 0.49 -24.17 -19.26
P DPV M . 3.37 -24.16 -22.71
C1 DPV M . 2.31 -25.93 -24.39
C2 DPV M . 1.16 -26.55 -23.54
C3 DPV M . 1.62 -27.78 -22.70
C4 DPV M . 3.02 -24.30 -20.12
C5 DPV M . 1.90 -24.87 -19.18
C6 DPV M . -0.13 -24.25 -20.68
C7 DPV M . 0.57 -22.68 -18.83
C8 DPV M . -0.47 -24.89 -18.30
C15 DPV M . 0.49 -28.34 -21.81
C16 DPV M . 0.97 -29.56 -20.97
C17 DPV M . -0.13 -30.13 -20.03
C18 DPV M . -0.41 -29.28 -18.74
C19 DPV M . 0.62 -29.48 -17.59
O1P DPV M . 2.32 -23.23 -23.19
C20 DPV M . 1.66 -28.32 -17.49
C21 DPV M . 2.67 -28.52 -16.31
C22 DPV M . 2.12 -28.00 -14.95
C23 DPV M . 3.03 -28.38 -13.76
O2P DPV M . 4.69 -23.50 -22.58
O3P DPV M . 3.44 -25.54 -23.54
O4P DPV M . 2.94 -24.96 -21.41
H1 DPV M . 2.66 -26.68 -25.11
H1A DPV M . 1.95 -25.05 -24.93
H2 DPV M . 0.76 -25.79 -22.88
H2A DPV M . 0.35 -26.85 -24.22
H3 DPV M . 2.46 -27.50 -22.08
H3A DPV M . 1.97 -28.56 -23.39
H4 DPV M . 2.90 -23.22 -20.26
H4A DPV M . 4.00 -24.50 -19.70
H5 DPV M . 1.75 -25.93 -19.40
H5A DPV M . 2.23 -24.78 -18.14
H6 DPV M . -0.19 -25.30 -20.96
H6A DPV M . 0.53 -23.71 -21.37
H6B DPV M . -1.12 -23.80 -20.66
H7 DPV M . 1.04 -22.63 -17.85
H7A DPV M . -0.45 -22.27 -18.79
H7B DPV M . 1.16 -22.13 -19.57
H8 DPV M . -0.05 -24.84 -17.28
H8A DPV M . -0.55 -25.93 -18.61
H8B DPV M . -1.44 -24.40 -18.33
H15 DPV M . -0.35 -28.64 -22.43
H15A DPV M . 0.14 -27.55 -21.13
H16 DPV M . 1.29 -30.36 -21.67
H16A DPV M . 1.86 -29.29 -20.39
H17 DPV M . -1.06 -30.24 -20.60
H17A DPV M . 0.16 -31.14 -19.73
H18 DPV M . -0.50 -28.22 -19.00
H18A DPV M . -1.39 -29.58 -18.36
H19 DPV M . 0.08 -29.55 -16.65
H19A DPV M . 1.14 -30.42 -17.72
H20 DPV M . 2.23 -28.26 -18.41
H20A DPV M . 1.14 -27.37 -17.36
H21 DPV M . 2.92 -29.59 -16.22
H21A DPV M . 3.60 -28.00 -16.54
H22 DPV M . 2.03 -26.91 -15.00
H22A DPV M . 1.12 -28.40 -14.77
H23 DPV M . 4.02 -27.93 -13.88
H23A DPV M . 3.14 -29.46 -13.70
H23B DPV M . 2.59 -28.02 -12.83
N DPV N . 3.27 -12.24 -25.89
P DPV N . 1.51 -12.65 -21.34
C1 DPV N . 2.79 -13.92 -19.40
C2 DPV N . 1.60 -14.35 -18.49
C3 DPV N . 1.01 -15.72 -18.89
C4 DPV N . 1.52 -12.10 -23.89
C5 DPV N . 1.90 -12.71 -25.27
C6 DPV N . 3.42 -12.96 -27.23
C7 DPV N . 4.47 -12.62 -25.00
C8 DPV N . 3.28 -10.72 -26.16
C15 DPV N . -0.01 -16.26 -17.84
C16 DPV N . -0.61 -17.63 -18.29
C17 DPV N . -1.44 -18.36 -17.19
C18 DPV N . -2.77 -17.63 -16.80
C19 DPV N . -3.72 -18.48 -15.91
O1P DPV N . 1.92 -11.33 -20.81
C20 DPV N . -3.22 -18.68 -14.45
C21 DPV N . -4.23 -19.50 -13.60
C22 DPV N . -3.74 -19.70 -12.14
C23 DPV N . -4.74 -20.54 -11.31
O2P DPV N . 0.07 -12.89 -21.16
O3P DPV N . 2.42 -13.86 -20.82
O4P DPV N . 2.03 -12.94 -22.82
H1 DPV N . 3.16 -12.93 -19.08
H1A DPV N . 3.60 -14.64 -19.29
H2 DPV N . 1.95 -14.38 -17.45
H2A DPV N . 0.82 -13.59 -18.54
H3 DPV N . 1.82 -16.45 -19.00
H3A DPV N . 0.51 -15.63 -19.86
H4 DPV N . 1.91 -11.09 -23.76
H4A DPV N . 0.43 -12.07 -23.80
H5 DPV N . 1.94 -13.80 -25.20
H5A DPV N . 1.13 -12.44 -25.99
H6 DPV N . 2.55 -12.72 -27.87
H6A DPV N . 3.48 -14.03 -27.06
H6B DPV N . 4.33 -12.62 -27.72
H7 DPV N . 4.38 -12.12 -24.04
H7A DPV N . 5.39 -12.31 -25.51
H7B DPV N . 4.48 -13.70 -24.86
H8 DPV N . 3.23 -10.19 -25.21
H8A DPV N . 2.40 -10.47 -26.77
H8B DPV N . 4.19 -10.47 -26.70
H15 DPV N . -0.81 -15.54 -17.70
H15A DPV N . 0.50 -16.37 -16.88
H16 DPV N . -1.23 -17.49 -19.18
H16A DPV N . 0.21 -18.30 -18.59
H17 DPV N . -1.68 -19.36 -17.54
H17A DPV N . -0.82 -18.49 -16.30
H18 DPV N . -2.55 -16.69 -16.29
H18A DPV N . -3.31 -17.38 -17.72
H19 DPV N . -4.69 -18.00 -15.88
H19A DPV N . -3.88 -19.46 -16.37
H20 DPV N . -2.25 -19.19 -14.45
H20A DPV N . -3.06 -17.70 -13.98
H21 DPV N . -5.19 -19.00 -13.59
H21A DPV N . -4.39 -20.48 -14.06
H22 DPV N . -2.77 -20.21 -12.15
H22A DPV N . -3.60 -18.73 -11.66
H23 DPV N . -4.93 -21.50 -11.79
H23A DPV N . -5.68 -20.01 -11.21
H23B DPV N . -4.34 -20.72 -10.31
N DPV O . 1.58 -16.92 -23.80
P DPV O . 6.28 -16.25 -26.01
C1 DPV O . 8.61 -15.33 -25.37
C2 DPV O . 9.29 -14.51 -24.24
C3 DPV O . 8.65 -13.10 -24.10
C4 DPV O . 3.86 -16.72 -25.13
C5 DPV O . 3.03 -16.33 -23.87
C6 DPV O . 1.61 -18.43 -23.58
C7 DPV O . 0.74 -16.59 -25.06
C8 DPV O . 0.89 -16.27 -22.59
C15 DPV O . 9.40 -12.24 -23.05
C16 DPV O . 8.80 -10.81 -22.95
C17 DPV O . 9.51 -9.89 -21.90
C18 DPV O . 10.99 -9.55 -22.28
C19 DPV O . 11.62 -8.40 -21.46
O1P DPV O . 6.63 -17.55 -26.62
C20 DPV O . 11.77 -8.71 -19.93
C21 DPV O . 12.99 -8.00 -19.27
C22 DPV O . 12.86 -6.44 -19.11
C23 DPV O . 11.86 -6.04 -17.99
O2P DPV O . 5.96 -15.23 -27.03
O3P DPV O . 7.31 -15.74 -24.92
O4P DPV O . 5.22 -16.35 -24.84
H1 DPV O . 8.51 -14.71 -26.27
H1A DPV O . 9.21 -16.21 -25.60
H2 DPV O . 9.19 -15.06 -23.30
H2A DPV O . 10.34 -14.41 -24.47
H3 DPV O . 7.60 -13.20 -23.80
H3A DPV O . 8.67 -12.59 -25.07
H4 DPV O . 3.82 -17.79 -25.33
H4A DPV O . 3.51 -16.17 -26.01
H5 DPV O . 3.55 -16.67 -22.97
H5A DPV O . 2.94 -15.24 -23.82
H6 DPV O . 2.24 -18.64 -22.71
H6A DPV O . 2.02 -18.91 -24.48
H6B DPV O . 0.59 -18.79 -23.41
H7 DPV O . 1.21 -17.04 -25.94
H7A DPV O . 0.69 -15.51 -25.18
H7B DPV O . -0.26 -17.00 -24.93
H8 DPV O . 0.82 -15.20 -22.76
H8A DPV O . 1.50 -16.49 -21.71
H8B DPV O . -0.11 -16.71 -22.49
H15 DPV O . 10.46 -12.19 -23.33
H15A DPV O . 9.35 -12.74 -22.07
H16 DPV O . 8.84 -10.33 -23.93
H16A DPV O . 7.75 -10.89 -22.68
H17 DPV O . 8.94 -8.97 -21.82
H17A DPV O . 9.48 -10.37 -20.91
H18 DPV O . 11.61 -10.44 -22.19
H18A DPV O . 11.02 -9.26 -23.34
H19 DPV O . 12.61 -8.19 -21.88
H19A DPV O . 11.04 -7.49 -21.58
H20 DPV O . 10.86 -8.44 -19.41
H20A DPV O . 11.91 -9.78 -19.79
H21 DPV O . 13.17 -8.44 -18.29
H21A DPV O . 13.89 -8.20 -19.86
H22 DPV O . 13.84 -6.03 -18.87
H22A DPV O . 12.54 -6.00 -20.06
H23 DPV O . 11.88 -4.95 -17.85
H23A DPV O . 12.14 -6.51 -17.04
H23B DPV O . 10.84 -6.33 -18.25
N DPV P . 11.82 -2.67 -21.59
P DPV P . 14.27 -0.35 -17.60
C1 DPV P . 13.61 1.88 -16.34
C2 DPV P . 14.57 2.98 -15.83
C3 DPV P . 15.92 2.41 -15.28
C4 DPV P . 13.25 -1.60 -19.64
C5 DPV P . 12.35 -1.37 -20.90
C6 DPV P . 12.96 -3.54 -22.15
C7 DPV P . 10.93 -2.27 -22.77
C8 DPV P . 10.96 -3.51 -20.64
C15 DPV P . 15.81 1.90 -13.82
C16 DPV P . 17.13 1.21 -13.35
C17 DPV P . 17.13 0.89 -11.83
C18 DPV P . 16.29 -0.37 -11.47
C19 DPV P . 16.16 -0.52 -9.93
O1P DPV P . 13.45 -1.04 -16.58
C20 DPV P . 15.25 -1.72 -9.54
C21 DPV P . 14.94 -1.76 -8.01
C22 DPV P . 13.88 -0.70 -7.55
C23 DPV P . 12.42 -1.09 -7.89
O2P DPV P . 15.66 -0.84 -17.60
O3P DPV P . 14.18 1.26 -17.53
O4P DPV P . 13.60 -0.33 -19.05
H1 DPV P . 13.45 1.13 -15.56
H1A DPV P . 12.64 2.33 -16.60
H2 DPV P . 14.78 3.67 -16.65
H2A DPV P . 14.07 3.56 -15.04
H3 DPV P . 16.68 3.21 -15.33
H3A DPV P . 16.28 1.61 -15.94
H4 DPV P . 12.70 -2.18 -18.89
H4A DPV P . 14.16 -2.13 -19.91
H5 DPV P . 11.47 -0.77 -20.62
H5A DPV P . 12.91 -0.80 -21.65
H6 DPV P . 13.59 -3.89 -21.31
H6A DPV P . 13.55 -2.95 -22.84
H6B DPV P . 12.53 -4.41 -22.67
H7 DPV P . 10.07 -1.72 -22.39
H7A DPV P . 10.59 -3.18 -23.29
H7B DPV P . 11.50 -1.65 -23.45
H8 DPV P . 11.57 -3.80 -19.77
H8A DPV P . 10.61 -4.41 -21.17
H8B DPV P . 10.11 -2.91 -20.30
H15 DPV P . 14.98 1.19 -13.74
H15A DPV P . 15.59 2.75 -13.17
H16 DPV P . 17.29 0.28 -13.93
H16A DPV P . 17.97 1.86 -13.56
H17 DPV P . 18.16 0.74 -11.50
H17A DPV P . 16.75 1.76 -11.28
H18 DPV P . 15.29 -0.28 -11.90
H18A DPV P . 16.75 -1.26 -11.89
H19 DPV P . 17.15 -0.67 -9.50
H19A DPV P . 15.75 0.40 -9.51
H20 DPV P . 14.31 -1.68 -10.11
H20A DPV P . 15.76 -2.65 -9.82
H21 DPV P . 14.58 -2.75 -7.74
H21A DPV P . 15.86 -1.60 -7.45
H22 DPV P . 13.96 -0.57 -6.46
H22A DPV P . 14.10 0.27 -7.99
H23 DPV P . 12.15 -2.03 -7.40
H23A DPV P . 12.31 -1.21 -8.97
H23B DPV P . 11.74 -0.32 -7.56
N DPV Q . 24.01 1.31 -5.88
P DPV Q . 21.60 -0.41 -9.58
C1 DPV Q . 22.21 -2.88 -8.94
C2 DPV Q . 23.24 -3.95 -9.30
C3 DPV Q . 22.69 -5.39 -9.16
C4 DPV Q . 22.73 1.52 -8.20
C5 DPV Q . 24.03 1.81 -7.37
C6 DPV Q . 25.38 1.65 -5.26
C7 DPV Q . 23.83 -0.23 -5.78
C8 DPV Q . 22.93 2.00 -5.04
C15 DPV Q . 23.72 -6.45 -9.62
C16 DPV Q . 23.11 -7.87 -9.65
C17 DPV Q . 24.14 -8.91 -10.18
C18 DPV Q . 23.48 -10.31 -10.30
C19 DPV Q . 24.52 -11.37 -10.78
O1P DPV Q . 20.35 -0.62 -8.83
C20 DPV Q . 23.88 -12.78 -10.85
C21 DPV Q . 24.90 -13.85 -11.30
C22 DPV Q . 24.20 -15.19 -11.63
C23 DPV Q . 25.17 -16.17 -12.33
O2P DPV Q . 21.37 0.33 -10.84
O3P DPV Q . 22.47 -1.74 -9.80
O4P DPV Q . 22.80 0.16 -8.70
H1 DPV Q . 21.20 -3.24 -9.13
H1A DPV Q . 22.30 -2.58 -7.89
H2 DPV Q . 23.56 -3.80 -10.33
H2A DPV Q . 24.13 -3.83 -8.67
H3 DPV Q . 21.78 -5.48 -9.76
H3A DPV Q . 22.41 -5.58 -8.12
H4 DPV Q . 21.84 1.62 -7.59
H4A DPV Q . 22.67 2.19 -9.05
H5 DPV Q . 24.88 1.35 -7.86
H5A DPV Q . 24.18 2.89 -7.33
H6 DPV Q . 25.53 2.73 -5.30
H6A DPV Q . 26.17 1.14 -5.83
H6B DPV Q . 25.39 1.31 -4.22
H7 DPV Q . 24.60 -0.71 -6.39
H7A DPV Q . 22.84 -0.48 -6.17
H7B DPV Q . 23.92 -0.53 -4.73
H8 DPV Q . 21.95 1.73 -5.43
H8A DPV Q . 23.08 3.08 -5.11
H8B DPV Q . 23.01 1.68 -4.00
H15 DPV Q . 24.59 -6.42 -8.96
H15A DPV Q . 24.08 -6.19 -10.63
H16 DPV Q . 22.80 -8.15 -8.64
H16A DPV Q . 22.22 -7.87 -10.28
H17 DPV Q . 24.51 -8.59 -11.16
H17A DPV Q . 24.99 -8.95 -9.50
H18 DPV Q . 23.07 -10.61 -9.34
H18A DPV Q . 22.67 -10.25 -11.02
H19 DPV Q . 24.87 -11.10 -11.77
H19A DPV Q . 25.38 -11.38 -10.11
H20 DPV Q . 23.49 -13.05 -9.86
H20A DPV Q . 23.03 -12.76 -11.54
H21 DPV Q . 25.42 -13.49 -12.19
H21A DPV Q . 25.65 -14.00 -10.52
H22 DPV Q . 23.84 -15.65 -10.71
H22A DPV Q . 23.34 -15.01 -12.27
H23 DPV Q . 24.64 -17.09 -12.56
H23A DPV Q . 26.03 -16.39 -11.70
H23B DPV Q . 25.53 -15.74 -13.27
N DPV R . 27.36 -2.69 -1.94
P DPV R . 27.69 -1.38 -7.02
C1 DPV R . 28.77 -2.67 -9.01
C2 DPV R . 28.96 -4.10 -9.58
C3 DPV R . 29.84 -5.02 -8.65
C4 DPV R . 27.75 -2.16 -4.51
C5 DPV R . 26.79 -2.72 -3.40
C6 DPV R . 27.68 -1.25 -1.48
C7 DPV R . 28.60 -3.59 -1.80
C8 DPV R . 26.27 -3.24 -1.01
C15 DPV R . 29.07 -6.27 -8.10
C16 DPV R . 28.08 -5.89 -6.95
C17 DPV R . 27.12 -7.07 -6.59
C18 DPV R . 26.10 -6.67 -5.48
C19 DPV R . 24.98 -5.71 -5.97
O1P DPV R . 26.69 -0.55 -7.72
C20 DPV R . 24.07 -5.23 -4.80
C21 DPV R . 23.15 -4.06 -5.25
C22 DPV R . 22.38 -3.40 -4.07
C23 DPV R . 21.17 -4.24 -3.61
O2P DPV R . 28.90 -0.60 -6.67
O3P DPV R . 28.02 -2.74 -7.77
O4P DPV R . 27.07 -2.19 -5.78
H1 DPV R . 29.73 -2.19 -8.82
H1A DPV R . 28.20 -2.06 -9.73
H2 DPV R . 27.98 -4.55 -9.74
H2A DPV R . 29.44 -4.02 -10.56
H3 DPV R . 30.25 -4.45 -7.81
H3A DPV R . 30.69 -5.37 -9.24
H4 DPV R . 28.02 -1.13 -4.27
H4A DPV R . 28.66 -2.78 -4.57
H5 DPV R . 25.86 -2.14 -3.40
H5A DPV R . 26.54 -3.77 -3.65
H6 DPV R . 26.77 -0.65 -1.56
H6A DPV R . 28.47 -0.84 -2.11
H6B DPV R . 28.03 -1.29 -0.44
H7 DPV R . 28.35 -4.61 -2.10
H7A DPV R . 28.93 -3.58 -0.76
H7B DPV R . 29.40 -3.19 -2.44
H8 DPV R . 25.38 -2.61 -1.11
H8A DPV R . 26.05 -4.27 -1.29
H8B DPV R . 26.63 -3.20 0.02
H15 DPV R . 29.79 -7.00 -7.73
H15A DPV R . 28.52 -6.75 -8.92
H16 DPV R . 28.65 -5.60 -6.07
H16A DPV R . 27.48 -5.04 -7.26
H17 DPV R . 26.58 -7.40 -7.48
H17A DPV R . 27.71 -7.91 -6.23
H18 DPV R . 25.64 -7.59 -5.10
H18A DPV R . 26.64 -6.21 -4.64
H19 DPV R . 25.43 -4.84 -6.46
H19A DPV R . 24.37 -6.23 -6.71
H20 DPV R . 23.46 -6.07 -4.46
H20A DPV R . 24.69 -4.91 -3.97
H21 DPV R . 23.77 -3.29 -5.72
H21A DPV R . 22.45 -4.41 -6.01
H22 DPV R . 23.06 -3.24 -3.23
H22A DPV R . 22.02 -2.42 -4.39
H23 DPV R . 20.45 -4.34 -4.41
H23A DPV R . 20.68 -3.75 -2.75
H23B DPV R . 21.48 -5.24 -3.29
N DPV S . 33.00 -8.94 -10.51
P DPV S . 30.57 -11.70 -7.50
C1 DPV S . 28.16 -10.72 -7.23
C2 DPV S . 26.68 -11.11 -7.43
C3 DPV S . 25.82 -10.83 -6.17
C4 DPV S . 30.82 -10.22 -9.71
C5 DPV S . 32.39 -10.20 -9.80
C6 DPV S . 32.64 -8.91 -12.01
C7 DPV S . 34.53 -9.05 -10.41
C8 DPV S . 32.57 -7.63 -9.83
C15 DPV S . 24.31 -10.86 -6.49
C16 DPV S . 23.47 -10.23 -5.35
C17 DPV S . 22.03 -9.89 -5.82
C18 DPV S . 21.27 -9.04 -4.76
C19 DPV S . 19.98 -8.37 -5.30
O1P DPV S . 31.34 -12.91 -7.20
C20 DPV S . 20.27 -7.14 -6.23
C21 DPV S . 19.00 -6.29 -6.46
C22 DPV S . 19.30 -5.01 -7.30
C23 DPV S . 18.04 -4.13 -7.44
O2P DPV S . 31.08 -10.52 -6.78
O3P DPV S . 28.99 -11.90 -7.36
O4P DPV S . 30.39 -11.46 -9.09
H1 DPV S . 28.45 -10.00 -7.98
H1A DPV S . 28.32 -10.29 -6.23
H2 DPV S . 26.29 -10.52 -8.26
H2A DPV S . 26.60 -12.16 -7.72
H3 DPV S . 26.08 -9.85 -5.77
H3A DPV S . 26.05 -11.57 -5.39
H4 DPV S . 30.46 -9.38 -9.12
H4A DPV S . 30.39 -10.17 -10.71
H5 DPV S . 32.81 -10.23 -8.79
H5A DPV S . 32.74 -11.08 -10.35
H6 DPV S . 33.14 -8.05 -12.47
H6A DPV S . 31.56 -8.82 -12.11
H6B DPV S . 32.98 -9.84 -12.48
H7 DPV S . 34.81 -9.07 -9.35
H7A DPV S . 34.99 -8.18 -10.89
H7B DPV S . 34.86 -9.96 -10.91
H8 DPV S . 32.83 -7.68 -8.77
H8A DPV S . 31.49 -7.50 -9.95
H8B DPV S . 33.10 -6.80 -10.31
H15 DPV S . 23.99 -11.89 -6.68
H15A DPV S . 24.14 -10.29 -7.40
H16 DPV S . 23.43 -10.91 -4.50
H16A DPV S . 23.96 -9.31 -5.02
H17 DPV S . 22.08 -9.34 -6.76
H17A DPV S . 21.47 -10.80 -6.01
H18 DPV S . 21.01 -9.68 -3.92
H18A DPV S . 21.94 -8.26 -4.36
H19 DPV S . 19.38 -9.10 -5.84
H19A DPV S . 19.39 -8.03 -4.45
H20 DPV S . 21.05 -6.51 -5.77
H20A DPV S . 20.67 -7.48 -7.19
H21 DPV S . 18.25 -6.89 -6.98
H21A DPV S . 18.59 -6.00 -5.51
H22 DPV S . 20.09 -4.44 -6.82
H22A DPV S . 19.65 -5.30 -8.30
H23 DPV S . 17.25 -4.64 -7.99
H23A DPV S . 18.29 -3.20 -7.98
H23B DPV S . 17.65 -3.84 -6.46
N DPV T . 25.08 -7.42 7.04
P DPV T . 27.71 -11.70 5.52
C1 DPV T . 25.39 -12.89 5.16
C2 DPV T . 24.02 -12.39 5.66
C3 DPV T . 22.85 -12.91 4.79
C4 DPV T . 26.56 -9.52 6.44
C5 DPV T . 25.57 -8.42 5.95
C6 DPV T . 26.26 -6.66 7.68
C7 DPV T . 24.24 -8.12 8.13
C8 DPV T . 24.18 -6.39 6.35
C15 DPV T . 21.49 -12.33 5.26
C16 DPV T . 20.27 -13.02 4.58
C17 DPV T . 19.68 -12.20 3.38
C18 DPV T . 18.37 -12.87 2.89
C19 DPV T . 17.63 -12.02 1.81
O1P DPV T . 28.21 -12.30 4.26
C20 DPV T . 16.19 -12.57 1.59
C21 DPV T . 15.39 -11.76 0.53
C22 DPV T . 13.89 -12.14 0.54
C23 DPV T . 13.12 -11.53 -0.66
O2P DPV T . 28.79 -11.57 6.52
O3P DPV T . 26.41 -12.45 6.10
O4P DPV T . 26.89 -10.34 5.30
H1 DPV T . 25.41 -13.98 5.12
H1A DPV T . 25.60 -12.48 4.17
H2 DPV T . 23.88 -12.71 6.69
H2A DPV T . 24.02 -11.29 5.66
H3 DPV T . 22.82 -14.00 4.85
H3A DPV T . 23.02 -12.64 3.74
H4 DPV T . 27.47 -9.08 6.83
H4A DPV T . 26.09 -10.14 7.21
H5 DPV T . 26.06 -7.83 5.17
H5A DPV T . 24.69 -8.89 5.52
H6 DPV T . 26.89 -6.25 6.89
H6A DPV T . 26.84 -7.35 8.30
H6B DPV T . 25.87 -5.85 8.30
H7 DPV T . 24.89 -8.79 8.71
H7A DPV T . 23.44 -8.68 7.65
H7B DPV T . 23.82 -7.36 8.80
H8 DPV T . 23.35 -6.91 5.88
H8A DPV T . 24.78 -5.85 5.59
H8B DPV T . 23.81 -5.68 7.09
H15 DPV T . 21.47 -11.25 5.09
H15A DPV T . 21.40 -12.48 6.34
H16 DPV T . 20.54 -14.02 4.24
H16A DPV T . 19.49 -13.14 5.33
H17 DPV T . 19.47 -11.18 3.71
H17A DPV T . 20.41 -12.16 2.57
H18 DPV T . 18.59 -13.87 2.47
H18A DPV T . 17.70 -13.02 3.74
H19 DPV T . 17.57 -10.98 2.14
H19A DPV T . 18.19 -12.06 0.87
H20 DPV T . 16.24 -13.61 1.29
H20A DPV T . 15.65 -12.54 2.55
H21 DPV T . 15.50 -10.69 0.71
H21A DPV T . 15.82 -11.96 -0.46
H22 DPV T . 13.78 -13.23 0.50
H22A DPV T . 13.43 -11.80 1.47
H23 DPV T . 12.11 -11.95 -0.70
H23A DPV T . 13.61 -11.73 -1.60
H23B DPV T . 13.02 -10.45 -0.53
N DPV U . 26.37 -13.60 10.50
P DPV U . 27.22 -18.31 9.49
C1 DPV U . 26.48 -18.16 7.02
C2 DPV U . 26.68 -17.30 5.75
C3 DPV U . 25.63 -17.60 4.65
C4 DPV U . 27.37 -16.03 10.86
C5 DPV U . 27.02 -14.87 9.85
C6 DPV U . 25.05 -13.92 11.21
C7 DPV U . 26.08 -12.61 9.36
C8 DPV U . 27.33 -12.91 11.49
C15 DPV U . 24.24 -16.95 4.96
C16 DPV U . 23.20 -17.19 3.84
C17 DPV U . 23.43 -16.28 2.61
C18 DPV U . 22.34 -16.54 1.53
C19 DPV U . 22.49 -15.61 0.30
O1P DPV U . 27.94 -19.60 9.56
C20 DPV U . 21.88 -14.20 0.54
C21 DPV U . 22.35 -13.22 -0.55
C22 DPV U . 21.70 -11.82 -0.39
C23 DPV U . 22.34 -10.82 -1.37
O2P DPV U . 25.85 -18.44 10.01
O3P DPV U . 27.30 -17.62 8.07
O4P DPV U . 28.05 -17.09 10.13
H1 DPV U . 25.44 -18.14 7.34
H1A DPV U . 26.78 -19.20 6.82
H2 DPV U . 26.64 -16.25 6.03
H2A DPV U . 27.68 -17.50 5.35
H3 DPV U . 25.51 -18.69 4.53
H3A DPV U . 26.01 -17.21 3.71
H4 DPV U . 28.05 -15.65 11.63
H4A DPV U . 26.48 -16.42 11.34
H5 DPV U . 27.92 -14.56 9.33
H5A DPV U . 26.31 -15.26 9.11
H6 DPV U . 24.37 -14.37 10.49
H6A DPV U . 24.63 -13.00 11.60
H6B DPV U . 25.25 -14.62 12.03
H7 DPV U . 27.02 -12.39 8.84
H7A DPV U . 25.65 -11.70 9.79
H7B DPV U . 25.37 -13.08 8.67
H8 DPV U . 28.27 -12.66 10.98
H8A DPV U . 27.54 -13.59 12.33
H8B DPV U . 26.86 -12.00 11.87
H15 DPV U . 24.35 -15.88 5.15
H15A DPV U . 23.84 -17.39 5.89
H16 DPV U . 23.22 -18.23 3.54
H16A DPV U . 22.21 -16.98 4.25
H17 DPV U . 23.40 -15.23 2.91
H17A DPV U . 24.41 -16.48 2.18
H18 DPV U . 22.42 -17.57 1.19
H18A DPV U . 21.34 -16.42 1.96
H19 DPV U . 23.55 -15.53 0.03
H19A DPV U . 21.98 -16.07 -0.56
H20 DPV U . 20.79 -14.27 0.54
H20A DPV U . 22.18 -13.82 1.51
H21 DPV U . 23.44 -13.11 -0.49
H21A DPV U . 22.11 -13.61 -1.54
H22 DPV U . 20.64 -11.89 -0.59
H22A DPV U . 21.84 -11.46 0.63
H23 DPV U . 23.42 -10.78 -1.22
H23A DPV U . 21.93 -9.82 -1.22
H23B DPV U . 22.14 -11.11 -2.41
N DPV V . 25.63 -22.83 6.60
P DPV V . 25.66 -22.69 1.34
C1 DPV V . 23.63 -21.22 0.58
C2 DPV V . 22.32 -21.29 -0.24
C3 DPV V . 21.62 -19.90 -0.23
C4 DPV V . 25.77 -22.93 3.94
C5 DPV V . 25.23 -22.20 5.22
C6 DPV V . 24.92 -22.02 7.71
C7 DPV V . 27.13 -22.77 6.85
C8 DPV V . 25.14 -24.30 6.71
C15 DPV V . 20.22 -19.92 -0.90
C16 DPV V . 19.47 -18.59 -0.57
C17 DPV V . 18.06 -18.52 -1.23
C18 DPV V . 17.22 -17.39 -0.57
C19 DPV V . 15.83 -17.23 -1.24
O1P DPV V . 26.62 -21.65 0.91
C20 DPV V . 14.90 -16.31 -0.38
C21 DPV V . 13.56 -15.97 -1.07
C22 DPV V . 13.69 -14.84 -2.13
C23 DPV V . 12.32 -14.29 -2.58
O2P DPV V . 26.23 -24.04 1.18
O3P DPV V . 24.23 -22.53 0.65
O4P DPV V . 25.07 -22.41 2.79
H1 DPV V . 24.33 -20.54 0.10
H1A DPV V . 23.43 -20.86 1.60
H2 DPV V . 22.55 -21.58 -1.26
H2A DPV V . 21.66 -22.04 0.20
H3 DPV V . 22.25 -19.17 -0.73
H3A DPV V . 21.51 -19.58 0.81
H4 DPV V . 26.84 -22.74 3.83
H4A DPV V . 25.59 -24.01 4.01
H5 DPV V . 25.58 -21.16 5.22
H5A DPV V . 24.13 -22.18 5.18
H6 DPV V . 25.28 -20.99 7.66
H6A DPV V . 25.19 -22.46 8.67
H6B DPV V . 23.84 -22.06 7.55
H7 DPV V . 27.36 -23.19 7.83
H7A DPV V . 27.46 -21.72 6.82
H7B DPV V . 27.64 -23.34 6.07
H8 DPV V . 24.06 -24.33 6.53
H8A DPV V . 25.36 -24.66 7.73
H8B DPV V . 25.66 -24.91 5.98
H15 DPV V . 19.64 -20.76 -0.51
H15A DPV V . 20.32 -20.04 -1.97
H16 DPV V . 19.37 -18.51 0.52
H16A DPV V . 20.06 -17.75 -0.91
H17 DPV V . 18.16 -18.34 -2.30
H17A DPV V . 17.54 -19.48 -1.09
H18 DPV V . 17.08 -17.62 0.50
H18A DPV V . 17.76 -16.44 -0.63
H19 DPV V . 15.95 -16.81 -2.24
H19A DPV V . 15.35 -18.20 -1.35
H20 DPV V . 14.70 -16.81 0.57
H20A DPV V . 15.43 -15.38 -0.14
H21 DPV V . 13.12 -16.87 -1.53
H21A DPV V . 12.85 -15.65 -0.30
H22 DPV V . 14.28 -14.01 -1.72
H22A DPV V . 14.25 -15.21 -3.00
H23 DPV V . 12.45 -13.45 -3.27
H23A DPV V . 11.73 -13.95 -1.73
H23B DPV V . 11.75 -15.08 -3.10
N DPV W . 18.19 -33.32 -4.35
P DPV W . 14.41 -32.36 -1.32
C1 DPV W . 13.19 -30.04 -1.54
C2 DPV W . 13.46 -28.52 -1.35
C3 DPV W . 12.18 -27.67 -1.59
C4 DPV W . 15.95 -33.72 -2.96
C5 DPV W . 17.49 -33.43 -2.95
C6 DPV W . 18.20 -34.65 -5.11
C7 DPV W . 19.64 -32.88 -4.13
C8 DPV W . 17.51 -32.25 -5.23
C15 DPV W . 12.39 -26.18 -1.19
C16 DPV W . 11.12 -25.30 -1.47
C17 DPV W . 11.21 -23.89 -0.82
C18 DPV W . 9.91 -23.06 -1.02
C19 DPV W . 10.05 -21.58 -0.54
O1P DPV W . 13.06 -32.95 -1.40
C20 DPV W . 8.77 -20.74 -0.84
C21 DPV W . 8.99 -19.22 -0.54
C22 DPV W . 7.78 -18.36 -1.06
C23 DPV W . 8.03 -16.83 -0.93
O2P DPV W . 15.15 -32.86 -0.14
O3P DPV W . 14.45 -30.77 -1.46
O4P DPV W . 15.24 -32.50 -2.68
H1 DPV W . 12.52 -30.40 -0.77
H1A DPV W . 12.75 -30.23 -2.53
H2 DPV W . 13.83 -28.36 -0.34
H2A DPV W . 14.25 -28.21 -2.05
H3 DPV W . 11.36 -28.09 -0.99
H3A DPV W . 11.89 -27.73 -2.64
H4 DPV W . 15.64 -34.10 -3.93
H4A DPV W . 15.70 -34.46 -2.18
H5 DPV W . 17.66 -32.49 -2.42
H5A DPV W . 18.01 -34.22 -2.39
H6 DPV W . 18.76 -35.39 -4.52
H6A DPV W . 18.69 -34.50 -6.08
H6B DPV W . 17.17 -34.98 -5.28
H7 DPV W . 19.64 -31.92 -3.62
H7A DPV W . 20.13 -32.80 -5.10
H7B DPV W . 20.13 -33.63 -3.52
H8 DPV W . 17.48 -31.30 -4.69
H8A DPV W . 16.49 -32.58 -5.46
H8B DPV W . 18.09 -32.14 -6.15
H15 DPV W . 13.24 -25.77 -1.75
H15A DPV W . 12.63 -26.12 -0.13
H16 DPV W . 10.99 -25.20 -2.56
H16A DPV W . 10.23 -25.81 -1.10
H17 DPV W . 11.42 -24.00 0.25
H17A DPV W . 12.06 -23.36 -1.25
H18 DPV W . 9.65 -23.06 -2.08
H18A DPV W . 9.09 -23.54 -0.48
H19 DPV W . 10.27 -21.57 0.53
H19A DPV W . 10.91 -21.13 -1.04
H20 DPV W . 8.50 -20.87 -1.88
H20A DPV W . 7.94 -21.12 -0.23
H21 DPV W . 9.11 -19.07 0.53
H21A DPV W . 9.90 -18.88 -1.03
H22 DPV W . 7.59 -18.60 -2.10
H22A DPV W . 6.89 -18.63 -0.49
H23 DPV W . 8.18 -16.55 0.12
H23A DPV W . 7.17 -16.28 -1.31
H23B DPV W . 8.92 -16.53 -1.50
N DPV X . 4.40 -33.36 -10.58
P DPV X . 7.62 -33.46 -14.71
C1 DPV X . 10.12 -33.17 -15.43
C2 DPV X . 11.48 -32.75 -14.84
C3 DPV X . 12.10 -33.87 -13.95
C4 DPV X . 5.95 -33.17 -12.72
C5 DPV X . 5.83 -33.56 -11.21
C6 DPV X . 4.47 -33.91 -9.15
C7 DPV X . 3.30 -34.17 -11.32
C8 DPV X . 4.01 -31.88 -10.53
C15 DPV X . 13.35 -33.38 -13.18
C16 DPV X . 13.80 -34.36 -12.03
C17 DPV X . 12.79 -34.53 -10.85
C18 DPV X . 12.53 -33.24 -10.01
C19 DPV X . 13.61 -32.94 -8.94
O1P DPV X . 7.25 -34.71 -15.37
C20 DPV X . 13.23 -31.69 -8.12
C21 DPV X . 14.24 -31.40 -6.98
C22 DPV X . 13.85 -30.10 -6.22
C23 DPV X . 14.76 -29.83 -5.02
O2P DPV X . 7.10 -32.28 -15.41
O3P DPV X . 9.16 -33.36 -14.34
O4P DPV X . 7.30 -33.46 -13.15
H1 DPV X . 9.74 -32.39 -16.09
H1A DPV X . 10.20 -34.10 -16.00
H2 DPV X . 12.16 -32.51 -15.65
H2A DPV X . 11.35 -31.84 -14.25
H3 DPV X . 12.36 -34.73 -14.58
H3A DPV X . 11.35 -34.21 -13.25
H4 DPV X . 5.26 -33.77 -13.32
H4A DPV X . 5.76 -32.10 -12.87
H5 DPV X . 6.08 -34.62 -11.10
H5A DPV X . 6.54 -32.97 -10.63
H6 DPV X . 5.27 -33.39 -8.62
H6A DPV X . 4.69 -34.98 -9.19
H6B DPV X . 3.52 -33.74 -8.66
H7 DPV X . 3.60 -35.22 -11.36
H7A DPV X . 3.20 -33.77 -12.33
H7B DPV X . 2.36 -34.06 -10.78
H8 DPV X . 3.86 -31.52 -11.55
H8A DPV X . 4.81 -31.33 -10.04
H8B DPV X . 3.09 -31.78 -9.96
H15 DPV X . 13.17 -32.39 -12.76
H15A DPV X . 14.17 -33.27 -13.89
H16 DPV X . 14.00 -35.34 -12.47
H16A DPV X . 14.76 -34.01 -11.63
H17 DPV X . 11.84 -34.91 -11.23
H17A DPV X . 13.16 -35.31 -10.18
H18 DPV X . 12.42 -32.37 -10.67
H18A DPV X . 11.57 -33.35 -9.50
H19 DPV X . 13.72 -33.79 -8.27
H19A DPV X . 14.57 -32.79 -9.43
H20 DPV X . 13.18 -30.82 -8.78
H20A DPV X . 12.24 -31.82 -7.69
H21 DPV X . 14.26 -32.24 -6.28
H21A DPV X . 15.24 -31.29 -7.39
H22 DPV X . 13.88 -29.25 -6.91
H22A DPV X . 12.82 -30.18 -5.86
H23 DPV X . 14.72 -30.66 -4.31
H23A DPV X . 14.44 -28.92 -4.50
H23B DPV X . 15.79 -29.69 -5.34
N DPV Y . 5.70 -28.52 -21.08
P DPV Y . 9.81 -31.21 -19.21
C1 DPV Y . 10.16 -29.59 -17.15
C2 DPV Y . 9.36 -28.26 -17.07
C3 DPV Y . 8.03 -28.37 -16.25
C4 DPV Y . 7.66 -30.06 -20.19
C5 DPV Y . 7.23 -28.73 -20.86
C6 DPV Y . 4.93 -28.50 -19.74
C7 DPV Y . 5.10 -29.59 -22.01
C8 DPV Y . 5.53 -27.15 -21.73
C15 DPV Y . 8.26 -28.37 -14.70
C16 DPV Y . 6.92 -28.13 -13.96
C17 DPV Y . 7.10 -28.06 -12.40
C18 DPV Y . 6.89 -29.44 -11.70
C19 DPV Y . 7.21 -29.41 -10.18
O1P DPV Y . 9.22 -32.53 -19.49
C20 DPV Y . 6.16 -28.62 -9.33
C21 DPV Y . 6.48 -28.67 -7.82
C22 DPV Y . 5.51 -27.77 -7.01
C23 DPV Y . 5.82 -27.79 -5.49
O2P DPV Y . 11.27 -31.21 -19.38
O3P DPV Y . 9.34 -30.60 -17.80
O4P DPV Y . 9.09 -30.02 -20.00
H1 DPV Y . 11.07 -29.43 -17.72
H1A DPV Y . 10.41 -29.94 -16.15
H2 DPV Y . 9.99 -27.48 -16.65
H2A DPV Y . 9.10 -27.95 -18.08
H3 DPV Y . 7.48 -29.27 -16.54
H3A DPV Y . 7.40 -27.51 -16.51
H4 DPV Y . 7.17 -30.16 -19.21
H4A DPV Y . 7.41 -30.91 -20.82
H5 DPV Y . 7.57 -27.90 -20.24
H5A DPV Y . 7.72 -28.64 -21.84
H6 DPV Y . 5.40 -27.78 -19.07
H6A DPV Y . 4.97 -29.49 -19.29
H6B DPV Y . 3.90 -28.21 -19.94
H7 DPV Y . 5.15 -30.57 -21.52
H7A DPV Y . 5.67 -29.61 -22.94
H7B DPV Y . 4.05 -29.34 -22.22
H8 DPV Y . 4.48 -26.97 -21.93
H8A DPV Y . 6.10 -27.14 -22.67
H8B DPV Y . 5.92 -26.38 -21.05
H15 DPV Y . 8.96 -27.56 -14.44
H15A DPV Y . 8.70 -29.32 -14.39
H16 DPV Y . 6.49 -27.18 -14.29
H16A DPV Y . 6.20 -28.92 -14.22
H17 DPV Y . 8.09 -27.67 -12.16
H17A DPV Y . 6.38 -27.35 -12.01
H18 DPV Y . 5.86 -29.78 -11.86
H18A DPV Y . 7.53 -30.18 -12.18
H19 DPV Y . 7.24 -30.45 -9.81
H19A DPV Y . 8.20 -28.99 -10.02
H20 DPV Y . 6.16 -27.57 -9.67
H20A DPV Y . 5.16 -29.03 -9.51
H21 DPV Y . 6.40 -29.70 -7.47
H21A DPV Y . 7.51 -28.34 -7.65
H22 DPV Y . 5.59 -26.73 -7.36
H22A DPV Y . 4.48 -28.09 -7.17
H23 DPV Y . 5.67 -28.79 -5.09
H23A DPV Y . 5.17 -27.09 -4.97
H23B DPV Y . 6.86 -27.50 -5.31
N DPV Z . 4.55 -21.66 -26.15
P DPV Z . 6.05 -19.49 -21.71
C1 DPV Z . 5.44 -21.05 -19.70
C2 DPV Z . 4.47 -21.13 -18.50
C3 DPV Z . 4.91 -22.24 -17.52
C4 DPV Z . 5.37 -20.16 -24.13
C5 DPV Z . 4.19 -20.91 -24.84
C6 DPV Z . 5.59 -22.77 -25.92
C7 DPV Z . 5.07 -20.68 -27.23
C8 DPV Z . 3.27 -22.33 -26.68
C15 DPV Z . 3.94 -22.41 -16.32
C16 DPV Z . 4.40 -23.57 -15.40
C17 DPV Z . 3.56 -23.65 -14.10
C18 DPV Z . 4.16 -24.67 -13.09
C19 DPV Z . 3.27 -24.82 -11.83
O1P DPV Z . 7.26 -20.33 -21.83
C20 DPV Z . 3.86 -25.83 -10.80
C21 DPV Z . 2.93 -26.04 -9.57
C22 DPV Z . 1.75 -27.05 -9.82
C23 DPV Z . 2.18 -28.53 -9.66
O2P DPV Z . 6.37 -18.05 -21.62
O3P DPV Z . 5.03 -19.98 -20.58
O4P DPV Z . 4.94 -19.82 -22.80
H1 DPV Z . 6.46 -20.86 -19.35
H1A DPV Z . 5.42 -21.99 -20.26
H2 DPV Z . 4.46 -20.16 -17.98
H2A DPV Z . 3.46 -21.32 -18.86
H3 DPV Z . 5.91 -22.01 -17.13
H3A DPV Z . 4.99 -23.19 -18.06
H4 DPV Z . 6.24 -20.82 -24.07
H4A DPV Z . 5.63 -19.25 -24.67
H5 DPV Z . 3.79 -21.66 -24.15
H5A DPV Z . 3.40 -20.20 -25.07
H6 DPV Z . 5.20 -23.46 -25.15
H6A DPV Z . 6.53 -22.32 -25.58
H6B DPV Z . 5.75 -23.31 -26.86
H7 DPV Z . 4.34 -19.88 -27.36
H7A DPV Z . 5.22 -21.22 -28.15
H7B DPV Z . 6.02 -20.25 -26.88
H8 DPV Z . 2.90 -23.02 -25.93
H8A DPV Z . 3.51 -22.87 -27.61
H8B DPV Z . 2.52 -21.55 -26.87
H15 DPV Z . 2.93 -22.61 -16.69
H15A DPV Z . 3.91 -21.47 -15.76
H16 DPV Z . 4.33 -24.51 -15.95
H16A DPV Z . 5.45 -23.42 -15.14
H17 DPV Z . 3.53 -22.67 -13.62
H17A DPV Z . 2.54 -23.93 -14.35
H18 DPV Z . 4.26 -25.65 -13.59
H18A DPV Z . 5.16 -24.35 -12.80
H19 DPV Z . 3.15 -23.84 -11.35
H19A DPV Z . 2.27 -25.15 -12.13
H20 DPV Z . 4.05 -26.79 -11.29
H20A DPV Z . 4.82 -25.45 -10.45
H21 DPV Z . 3.52 -26.39 -8.72
H21A DPV Z . 2.50 -25.08 -9.27
H22 DPV Z . 0.96 -26.85 -9.10
H22A DPV Z . 1.34 -26.90 -10.82
H23 DPV Z . 2.58 -28.71 -8.66
H23A DPV Z . 2.94 -28.80 -10.40
H23B DPV Z . 1.32 -29.18 -9.80
N DPV AA . -4.09 -19.78 -21.39
P DPV AA . -3.84 -22.73 -17.11
C1 DPV AA . -1.87 -22.02 -15.54
C2 DPV AA . -0.50 -22.53 -15.05
C3 DPV AA . 0.40 -21.40 -14.46
C4 DPV AA . -4.09 -21.02 -19.06
C5 DPV AA . -3.27 -20.56 -20.31
C6 DPV AA . -4.59 -18.42 -20.85
C7 DPV AA . -5.28 -20.59 -21.94
C8 DPV AA . -3.15 -19.49 -22.58
C15 DPV AA . 0.09 -21.06 -12.97
C16 DPV AA . 1.41 -20.83 -12.15
C17 DPV AA . 1.13 -20.34 -10.70
C18 DPV AA . 2.40 -20.44 -9.79
C19 DPV AA . 3.43 -19.29 -10.03
O1P DPV AA . -4.79 -22.07 -16.18
C20 DPV AA . 4.81 -19.66 -9.40
C21 DPV AA . 5.85 -18.49 -9.46
C22 DPV AA . 7.24 -18.99 -9.00
C23 DPV AA . 8.28 -17.84 -8.91
O2P DPV AA . -4.43 -23.93 -17.71
O3P DPV AA . -2.41 -22.99 -16.46
O4P DPV AA . -3.20 -21.73 -18.18
H1 DPV AA . -2.55 -21.90 -14.69
H1A DPV AA . -1.76 -21.07 -16.06
H2 DPV AA . -0.64 -23.32 -14.31
H2A DPV AA . 0.02 -22.98 -15.89
H3 DPV AA . 0.30 -20.49 -15.07
H3A DPV AA . 1.43 -21.72 -14.56
H4 DPV AA . -4.50 -20.16 -18.53
H4A DPV AA . -4.90 -21.69 -19.37
H5 DPV AA . -2.45 -19.92 -19.99
H5A DPV AA . -2.85 -21.45 -20.80
H6 DPV AA . -5.07 -17.87 -21.67
H6A DPV AA . -3.73 -17.86 -20.47
H6B DPV AA . -5.31 -18.61 -20.06
H7 DPV AA . -4.92 -21.55 -22.30
H7A DPV AA . -5.76 -20.03 -22.75
H7B DPV AA . -6.01 -20.74 -21.13
H8 DPV AA . -2.78 -20.44 -22.97
H8A DPV AA . -2.31 -18.90 -22.22
H8B DPV AA . -3.70 -18.95 -23.34
H15 DPV AA . -0.47 -21.87 -12.50
H15A DPV AA . -0.53 -20.18 -12.93
H16 DPV AA . 1.96 -21.77 -12.11
H16A DPV AA . 2.04 -20.10 -12.67
H17 DPV AA . 0.76 -19.31 -10.72
H17A DPV AA . 0.34 -20.95 -10.26
H18 DPV AA . 2.08 -20.41 -8.75
H18A DPV AA . 2.87 -21.41 -9.94
H19 DPV AA . 3.57 -19.11 -11.10
H19A DPV AA . 3.06 -18.37 -9.59
H20 DPV AA . 4.67 -19.96 -8.36
H20A DPV AA . 5.21 -20.52 -9.94
H21 DPV AA . 5.91 -18.10 -10.48
H21A DPV AA . 5.51 -17.68 -8.81
H22 DPV AA . 7.16 -19.46 -8.01
H22A DPV AA . 7.61 -19.75 -9.68
H23 DPV AA . 9.27 -18.25 -8.70
H23A DPV AA . 8.01 -17.15 -8.12
H23B DPV AA . 8.34 -17.30 -9.86
N DPV BA . 18.59 -7.38 -23.04
P DPV BA . 15.91 -11.84 -22.51
C1 DPV BA . 14.13 -11.61 -20.60
C2 DPV BA . 13.80 -12.14 -19.17
C3 DPV BA . 12.70 -13.24 -19.15
C4 DPV BA . 17.22 -9.64 -22.92
C5 DPV BA . 17.44 -8.20 -22.35
C6 DPV BA . 19.96 -8.05 -22.84
C7 DPV BA . 18.64 -5.99 -22.39
C8 DPV BA . 18.31 -7.18 -24.56
C15 DPV BA . 11.25 -12.66 -19.19
C16 DPV BA . 10.19 -13.79 -19.29
C17 DPV BA . 8.74 -13.23 -19.19
C18 DPV BA . 7.66 -14.33 -19.42
C19 DPV BA . 7.06 -14.90 -18.08
O1P DPV BA . 14.85 -11.80 -23.54
C20 DPV BA . 6.84 -16.45 -18.13
C21 DPV BA . 8.15 -17.22 -17.75
C22 DPV BA . 8.00 -18.74 -18.02
C23 DPV BA . 9.27 -19.50 -17.55
O2P DPV BA . 17.05 -12.69 -22.92
O3P DPV BA . 15.36 -12.21 -21.05
O4P DPV BA . 16.37 -10.39 -22.03
H1 DPV BA . 13.32 -11.84 -21.30
H1A DPV BA . 14.27 -10.53 -20.56
H2 DPV BA . 14.71 -12.54 -18.73
H2A DPV BA . 13.49 -11.29 -18.54
H3 DPV BA . 12.81 -13.82 -18.24
H3A DPV BA . 12.84 -13.93 -19.99
H4 DPV BA . 16.74 -9.58 -23.89
H4A DPV BA . 18.16 -10.16 -23.00
H5 DPV BA . 16.51 -7.62 -22.45
H5A DPV BA . 17.68 -8.26 -21.29
H6 DPV BA . 20.74 -7.39 -23.26
H6A DPV BA . 19.97 -9.01 -23.37
H6B DPV BA . 20.13 -8.20 -21.78
H7 DPV BA . 18.82 -6.11 -21.32
H7A DPV BA . 17.68 -5.49 -22.56
H7B DPV BA . 19.45 -5.42 -22.85
H8 DPV BA . 17.34 -6.71 -24.68
H8A DPV BA . 18.32 -8.16 -25.05
H8B DPV BA . 19.10 -6.55 -24.98
H15 DPV BA . 11.14 -12.01 -20.07
H15A DPV BA . 11.07 -12.05 -18.31
H16 DPV BA . 10.30 -14.32 -20.23
H16A DPV BA . 10.35 -14.50 -18.48
H17 DPV BA . 8.58 -12.74 -18.23
H17A DPV BA . 8.61 -12.46 -19.96
H18 DPV BA . 6.84 -13.91 -19.99
H18A DPV BA . 8.08 -15.14 -20.03
H19 DPV BA . 7.69 -14.65 -17.23
H19A DPV BA . 6.10 -14.41 -17.90
H20 DPV BA . 6.05 -16.71 -17.42
H20A DPV BA . 6.49 -16.74 -19.12
H21 DPV BA . 8.98 -16.83 -18.33
H21A DPV BA . 8.36 -17.05 -16.70
H22 DPV BA . 7.14 -19.13 -17.50
H22A DPV BA . 7.86 -18.92 -19.08
H23 DPV BA . 9.18 -20.56 -17.78
H23A DPV BA . 9.41 -19.39 -16.47
H23B DPV BA . 10.16 -19.11 -18.06
N DPV CA . 26.25 -2.98 -13.25
P DPV CA . 22.95 -0.28 -15.27
C1 DPV CA . 21.03 1.42 -14.62
C2 DPV CA . 20.41 2.31 -15.75
C3 DPV CA . 20.92 3.80 -15.77
C4 DPV CA . 23.86 -1.81 -13.33
C5 DPV CA . 25.42 -1.65 -13.40
C6 DPV CA . 27.74 -2.63 -13.37
C7 DPV CA . 25.91 -3.98 -14.37
C8 DPV CA . 26.03 -3.64 -11.89
C15 DPV CA . 20.76 4.61 -14.43
C16 DPV CA . 19.27 4.80 -13.96
C17 DPV CA . 19.12 5.18 -12.46
C18 DPV CA . 19.57 4.03 -11.49
C19 DPV CA . 18.92 4.14 -10.09
O1P DPV CA . 24.17 -0.27 -16.11
C20 DPV CA . 19.55 3.12 -9.09
C21 DPV CA . 18.79 3.00 -7.74
C22 DPV CA . 17.57 2.04 -7.83
C23 DPV CA . 16.90 1.84 -6.46
O2P DPV CA . 21.88 -1.13 -15.85
O3P DPV CA . 22.45 1.20 -14.88
O4P DPV CA . 23.23 -0.56 -13.72
H1 DPV CA . 20.92 1.91 -13.65
H1A DPV CA . 20.51 0.47 -14.59
H2 DPV CA . 20.62 1.85 -16.71
H2A DPV CA . 19.32 2.30 -15.63
H3 DPV CA . 20.37 4.33 -16.56
H3A DPV CA . 21.96 3.81 -16.06
H4 DPV CA . 23.52 -2.60 -13.99
H4A DPV CA . 23.57 -2.03 -12.30
H5 DPV CA . 25.69 -1.21 -14.37
H5A DPV CA . 25.76 -0.97 -12.61
H6 DPV CA . 28.00 -1.91 -12.58
H6A DPV CA . 27.91 -2.17 -14.35
H6B DPV CA . 28.33 -3.54 -13.26
H7 DPV CA . 24.86 -4.27 -14.28
H7A DPV CA . 26.54 -4.87 -14.23
H7B DPV CA . 26.10 -3.52 -15.33
H8 DPV CA . 24.99 -3.98 -11.82
H8A DPV CA . 26.24 -2.91 -11.10
H8B DPV CA . 26.70 -4.50 -11.79
H15 DPV CA . 21.21 5.60 -14.57
H15A DPV CA . 21.35 4.11 -13.66
H16 DPV CA . 18.82 5.59 -14.57
H16A DPV CA . 18.69 3.90 -14.15
H17 DPV CA . 19.70 6.08 -12.23
H17A DPV CA . 18.07 5.41 -12.27
H18 DPV CA . 19.32 3.06 -11.92
H18A DPV CA . 20.67 4.06 -11.39
H19 DPV CA . 19.04 5.15 -9.69
H19A DPV CA . 17.84 3.96 -10.18
H20 DPV CA . 19.62 2.14 -9.57
H20A DPV CA . 20.58 3.45 -8.89
H21 DPV CA . 19.49 2.61 -7.00
H21A DPV CA . 18.47 3.99 -7.41
H22 DPV CA . 16.84 2.44 -8.54
H22A DPV CA . 17.90 1.08 -8.20
H23 DPV CA . 17.58 1.37 -5.76
H23A DPV CA . 16.02 1.18 -6.57
H23B DPV CA . 16.56 2.78 -6.04
N DPV DA . 8.40 6.44 -8.77
P DPV DA . 5.11 5.12 -11.84
C1 DPV DA . 4.81 2.57 -12.29
C2 DPV DA . 5.14 1.19 -11.69
C3 DPV DA . 6.65 0.83 -11.83
C4 DPV DA . 6.48 6.95 -10.58
C5 DPV DA . 7.92 7.25 -10.04
C6 DPV DA . 7.36 6.44 -7.63
C7 DPV DA . 9.67 7.11 -8.25
C8 DPV DA . 8.76 5.00 -9.15
C15 DPV DA . 6.97 -0.55 -11.21
C16 DPV DA . 8.44 -0.96 -11.42
C17 DPV DA . 8.77 -2.29 -10.70
C18 DPV DA . 10.25 -2.72 -10.93
C19 DPV DA . 10.69 -3.81 -9.90
O1P DPV DA . 3.81 5.59 -11.31
C20 DPV DA . 12.14 -4.27 -10.18
C21 DPV DA . 12.72 -5.11 -9.00
C22 DPV DA . 14.17 -5.56 -9.31
C23 DPV DA . 14.77 -6.42 -8.18
O2P DPV DA . 5.28 5.45 -13.27
O3P DPV DA . 5.42 3.60 -11.47
O4P DPV DA . 6.35 5.55 -10.94
H1 DPV DA . 5.18 2.64 -13.32
H1A DPV DA . 3.72 2.72 -12.28
H2 DPV DA . 4.86 1.17 -10.63
H2A DPV DA . 4.54 0.43 -12.20
H3 DPV DA . 7.26 1.60 -11.35
H3A DPV DA . 6.92 0.83 -12.89
H4 DPV DA . 5.73 7.18 -9.82
H4A DPV DA . 6.30 7.56 -11.47
H5 DPV DA . 8.66 7.06 -10.83
H5A DPV DA . 7.98 8.31 -9.78
H6 DPV DA . 7.79 5.95 -6.76
H6A DPV DA . 6.47 5.90 -7.96
H6B DPV DA . 7.10 7.49 -7.40
H7 DPV DA . 10.44 7.06 -9.02
H7A DPV DA . 10.01 6.58 -7.36
H7B DPV DA . 9.46 8.15 -8.01
H8 DPV DA . 9.51 5.02 -9.94
H8A DPV DA . 7.86 4.48 -9.50
H8B DPV DA . 9.16 4.49 -8.26
H15 DPV DA . 6.32 -1.31 -11.66
H15A DPV DA . 6.75 -0.52 -10.14
H16 DPV DA . 8.65 -1.06 -12.50
H16A DPV DA . 9.10 -0.17 -11.04
H17 DPV DA . 8.59 -2.18 -9.63
H17A DPV DA . 8.13 -3.08 -11.07
H18 DPV DA . 10.36 -3.10 -11.95
H18A DPV DA . 10.91 -1.85 -10.82
H19 DPV DA . 10.61 -3.40 -8.90
H19A DPV DA . 10.01 -4.67 -9.97
H20 DPV DA . 12.17 -4.86 -11.09
H20A DPV DA . 12.78 -3.40 -10.34
H21 DPV DA . 12.71 -4.51 -8.09
H21A DPV DA . 12.09 -5.98 -8.83
H22 DPV DA . 14.17 -6.15 -10.23
H22A DPV DA . 14.81 -4.69 -9.48
H23 DPV DA . 14.15 -7.30 -7.99
H23A DPV DA . 14.83 -5.83 -7.26
H23B DPV DA . 15.78 -6.74 -8.45
N DPV EA . 19.79 2.62 1.18
P DPV EA . 18.41 3.51 -3.12
C1 DPV EA . 16.14 2.55 -2.17
C2 DPV EA . 14.89 1.75 -2.62
C3 DPV EA . 15.22 0.26 -2.96
C4 DPV EA . 20.31 3.03 -1.42
C5 DPV EA . 20.63 2.23 -0.10
C6 DPV EA . 19.89 4.12 1.50
C7 DPV EA . 20.38 1.84 2.36
C8 DPV EA . 18.32 2.21 1.02
C15 DPV EA . 13.94 -0.53 -3.32
C16 DPV EA . 14.25 -1.98 -3.78
C17 DPV EA . 12.94 -2.74 -4.17
C18 DPV EA . 13.22 -4.20 -4.61
C19 DPV EA . 11.89 -4.96 -4.95
O1P DPV EA . 18.07 4.89 -2.74
C20 DPV EA . 12.19 -6.47 -5.22
C21 DPV EA . 10.91 -7.28 -5.59
C22 DPV EA . 11.25 -8.78 -5.81
C23 DPV EA . 10.01 -9.61 -6.17
O2P DPV EA . 19.25 3.47 -4.33
O3P DPV EA . 17.13 2.54 -3.24
O4P DPV EA . 19.01 2.65 -1.92
H1 DPV EA . 15.86 3.58 -1.95
H1A DPV EA . 16.57 2.09 -1.28
H2 DPV EA . 14.15 1.79 -1.83
H2A DPV EA . 14.46 2.24 -3.50
H3 DPV EA . 15.70 -0.20 -2.11
H3A DPV EA . 15.92 0.23 -3.80
H4 DPV EA . 20.32 4.10 -1.23
H4A DPV EA . 21.06 2.79 -2.18
H5 DPV EA . 20.48 1.16 -0.28
H5A DPV EA . 21.69 2.39 0.16
H6 DPV EA . 19.36 4.32 2.45
H6A DPV EA . 19.44 4.69 0.70
H6B DPV EA . 20.95 4.39 1.62
H7 DPV EA . 20.29 0.77 2.16
H7A DPV EA . 19.82 2.11 3.27
H7B DPV EA . 21.43 2.11 2.48
H8 DPV EA . 17.86 2.87 0.28
H8A DPV EA . 17.81 2.31 1.97
H8B DPV EA . 18.27 1.18 0.67
H15 DPV EA . 13.40 -0.01 -4.12
H15A DPV EA . 13.28 -0.56 -2.46
H16 DPV EA . 14.93 -1.95 -4.65
H16A DPV EA . 14.77 -2.52 -2.99
H17 DPV EA . 12.26 -2.74 -3.32
H17A DPV EA . 12.45 -2.21 -4.99
H18 DPV EA . 13.87 -4.19 -5.49
H18A DPV EA . 13.74 -4.72 -3.81
H19 DPV EA . 11.20 -4.87 -4.12
H19A DPV EA . 11.44 -4.52 -5.83
H20 DPV EA . 12.91 -6.55 -6.02
H20A DPV EA . 12.65 -6.90 -4.32
H21 DPV EA . 10.17 -7.18 -4.78
H21A DPV EA . 10.47 -6.86 -6.50
H22 DPV EA . 12.00 -8.87 -6.61
H22A DPV EA . 11.70 -9.19 -4.91
H23 DPV EA . 9.56 -9.27 -7.11
H23A DPV EA . 9.26 -9.55 -5.38
H23B DPV EA . 10.29 -10.67 -6.29
N DPV FA . 20.58 -0.31 6.97
P DPV FA . 20.33 -5.26 8.68
C1 DPV FA . 20.11 -6.02 6.15
C2 DPV FA . 20.44 -7.50 5.87
C3 DPV FA . 20.88 -7.79 4.41
C4 DPV FA . 20.58 -2.72 8.08
C5 DPV FA . 19.73 -1.52 7.49
C6 DPV FA . 21.55 -0.71 5.83
C7 DPV FA . 21.38 0.37 8.11
C8 DPV FA . 19.60 0.73 6.41
C15 DPV FA . 19.70 -7.72 3.40
C16 DPV FA . 20.09 -8.32 2.03
C17 DPV FA . 18.92 -8.20 1.01
C18 DPV FA . 19.22 -9.00 -0.28
C19 DPV FA . 17.98 -9.10 -1.21
O1P DPV FA . 21.80 -5.35 8.52
C20 DPV FA . 18.08 -10.36 -2.14
C21 DPV FA . 16.81 -10.54 -3.01
C22 DPV FA . 16.76 -11.96 -3.64
C23 DPV FA . 15.51 -12.14 -4.54
O2P DPV FA . 19.90 -5.73 10.01
O3P DPV FA . 19.50 -5.93 7.47
O4P DPV FA . 19.70 -3.84 8.27
H1 DPV FA . 21.01 -5.40 6.12
H1A DPV FA . 19.39 -5.65 5.43
H2 DPV FA . 21.24 -7.80 6.55
H2A DPV FA . 19.58 -8.12 6.12
H3 DPV FA . 21.32 -8.78 4.38
H3A DPV FA . 21.67 -7.08 4.11
H4 DPV FA . 21.36 -3.01 7.37
H4A DPV FA . 21.03 -2.44 9.02
H5 DPV FA . 19.15 -1.89 6.65
H5A DPV FA . 19.05 -1.16 8.25
H6 DPV FA . 22.03 0.20 5.44
H6A DPV FA . 20.97 -1.20 5.05
H6B DPV FA . 22.30 -1.39 6.22
H7 DPV FA . 20.68 0.64 8.90
H7A DPV FA . 21.88 1.25 7.72
H7B DPV FA . 22.11 -0.34 8.49
H8 DPV FA . 18.92 1.04 7.20
H8A DPV FA . 19.05 0.28 5.58
H8B DPV FA . 20.17 1.60 6.06
H15 DPV FA . 19.38 -6.69 3.27
H15A DPV FA . 18.85 -8.29 3.80
H16 DPV FA . 20.98 -7.82 1.64
H16A DPV FA . 20.35 -9.38 2.16
H17 DPV FA . 18.02 -8.59 1.47
H17A DPV FA . 18.75 -7.15 0.76
H18 DPV FA . 20.04 -8.54 -0.83
H18A DPV FA . 19.54 -10.00 0.00
H19 DPV FA . 17.07 -9.19 -0.61
H19A DPV FA . 17.88 -8.20 -1.82
H20 DPV FA . 18.95 -10.27 -2.78
H20A DPV FA . 18.22 -11.24 -1.51
H21 DPV FA . 15.91 -10.40 -2.39
H21A DPV FA . 16.80 -9.78 -3.79
H22 DPV FA . 17.65 -12.11 -4.24
H22A DPV FA . 16.74 -12.71 -2.86
H23 DPV FA . 15.49 -13.16 -4.94
H23A DPV FA . 15.52 -11.44 -5.36
H23B DPV FA . 14.59 -11.99 -3.95
N DPV GA . 16.94 -2.55 12.26
P DPV GA . 16.20 1.13 9.53
C1 DPV GA . 15.52 -0.33 7.51
C2 DPV GA . 15.17 -1.78 7.17
C3 DPV GA . 14.99 -1.97 5.65
C4 DPV GA . 17.53 -0.08 11.45
C5 DPV GA . 17.24 -1.04 12.65
C6 DPV GA . 18.21 -3.25 11.77
C7 DPV GA . 15.85 -2.69 11.18
C8 DPV GA . 16.45 -3.27 13.53
C15 DPV GA . 14.77 -3.47 5.31
C16 DPV GA . 14.78 -3.70 3.77
C17 DPV GA . 14.50 -5.18 3.38
C18 DPV GA . 12.98 -5.51 3.38
C19 DPV GA . 12.72 -6.96 2.90
O1P DPV GA . 15.14 2.16 9.45
C20 DPV GA . 11.19 -7.24 2.81
C21 DPV GA . 10.86 -8.65 2.24
C22 DPV GA . 10.94 -9.76 3.32
C23 DPV GA . 10.41 -11.10 2.77
O2P DPV GA . 17.49 1.63 9.04
O3P DPV GA . 15.78 -0.26 8.92
O4P DPV GA . 16.26 0.44 10.97
H1 DPV GA . 16.42 -0.01 6.96
H1A DPV GA . 14.69 0.34 7.26
H2 DPV GA . 15.98 -2.43 7.53
H2A DPV GA . 14.25 -2.06 7.69
H3 DPV GA . 15.89 -1.61 5.13
H3A DPV GA . 14.14 -1.38 5.29
H4 DPV GA . 18.15 0.75 11.78
H4A DPV GA . 18.05 -0.62 10.64
H5 DPV GA . 18.10 -1.06 13.32
H5A DPV GA . 16.37 -0.67 13.20
H6 DPV GA . 18.57 -2.75 10.86
H6A DPV GA . 17.98 -4.30 11.55
H6B DPV GA . 18.96 -3.20 12.56
H7 DPV GA . 14.95 -2.16 11.52
H7A DPV GA . 15.64 -3.74 11.03
H7B DPV GA . 16.21 -2.24 10.25
H8 DPV GA . 15.54 -2.77 13.88
H8A DPV GA . 17.23 -3.21 14.29
H8B DPV GA . 16.24 -4.31 13.28
H15 DPV GA . 13.81 -3.80 5.72
H15A DPV GA . 15.56 -4.08 5.76
H16 DPV GA . 14.03 -3.04 3.30
H16A DPV GA . 15.75 -3.41 3.37
H17 DPV GA . 14.90 -5.35 2.38
H17A DPV GA . 15.03 -5.85 4.05
H18 DPV GA . 12.58 -5.38 4.39
H18A DPV GA . 12.46 -4.81 2.72
H19 DPV GA . 13.15 -7.10 1.91
H19A DPV GA . 13.18 -7.67 3.59
H20 DPV GA . 10.74 -7.12 3.81
H20A DPV GA . 10.73 -6.49 2.17
H21 DPV GA . 9.85 -8.62 1.83
H21A DPV GA . 11.54 -8.88 1.41
H22 DPV GA . 11.98 -9.89 3.65
H22A DPV GA . 10.34 -9.47 4.18
H23 DPV GA . 11.02 -11.44 1.93
H23A DPV GA . 9.38 -11.00 2.44
H23B DPV GA . 10.46 -11.87 3.55
N DPV HA . 4.05 4.34 7.74
P DPV HA . 6.70 1.14 10.17
C1 DPV HA . 6.45 2.91 12.11
C2 DPV HA . 6.78 2.48 13.55
C3 DPV HA . 5.67 2.84 14.60
C4 DPV HA . 5.40 2.05 8.10
C5 DPV HA . 5.18 3.36 7.26
C6 DPV HA . 4.33 4.88 9.16
C7 DPV HA . 2.66 3.68 7.72
C8 DPV HA . 4.02 5.53 6.79
C15 DPV HA . 4.32 2.05 14.46
C16 DPV HA . 4.46 0.51 14.69
C17 DPV HA . 3.08 -0.20 14.61
C18 DPV HA . 3.21 -1.76 14.59
C19 DPV HA . 3.57 -2.31 13.17
O1P DPV HA . 5.59 0.36 10.75
C20 DPV HA . 3.71 -3.85 13.16
C21 DPV HA . 4.07 -4.37 11.74
C22 DPV HA . 4.21 -5.91 11.71
C23 DPV HA . 4.64 -6.41 10.31
O2P DPV HA . 7.71 0.27 9.55
O3P DPV HA . 7.34 2.21 11.20
O4P DPV HA . 6.22 2.35 9.24
H1 DPV HA . 5.41 2.68 11.86
H1A DPV HA . 6.60 3.99 11.99
H2 DPV HA . 6.98 1.41 13.57
H2A DPV HA . 7.71 2.97 13.85
H3 DPV HA . 5.46 3.91 14.53
H3A DPV HA . 6.07 2.67 15.61
H4 DPV HA . 4.45 1.65 8.44
H4A DPV HA . 5.91 1.31 7.47
H5 DPV HA . 6.12 3.95 7.24
H5A DPV HA . 4.94 3.10 6.23
H6 DPV HA . 5.32 5.35 9.17
H6A DPV HA . 4.30 4.04 9.87
H6B DPV HA . 3.56 5.62 9.42
H7 DPV HA . 2.63 2.89 8.46
H7A DPV HA . 2.48 3.28 6.71
H7B DPV HA . 1.90 4.44 7.95
H8 DPV HA . 5.00 6.04 6.81
H8A DPV HA . 3.25 6.23 7.11
H8B DPV HA . 3.81 5.18 5.78
H15 DPV HA . 3.90 2.23 13.46
H15A DPV HA . 3.61 2.46 15.18
H16 DPV HA . 5.12 0.10 13.94
H16A DPV HA . 4.92 0.33 15.67
H17 DPV HA . 2.49 0.08 15.48
H17A DPV HA . 2.53 0.13 13.73
H18 DPV HA . 3.97 -2.08 15.32
H18A DPV HA . 2.26 -2.20 14.90
H19 DPV HA . 2.79 -2.00 12.47
H19A DPV HA . 4.52 -1.86 12.84
H20 DPV HA . 4.50 -4.15 13.87
H20A DPV HA . 2.77 -4.31 13.49
H21 DPV HA . 3.30 -4.06 11.03
H21A DPV HA . 5.02 -3.92 11.42
H22 DPV HA . 4.96 -6.24 12.43
H22A DPV HA . 3.25 -6.37 11.98
H23 DPV HA . 5.61 -6.01 10.05
H23A DPV HA . 3.92 -6.08 9.55
H23B DPV HA . 4.69 -7.50 10.29
N DPV IA . 4.01 -14.32 14.93
P DPV IA . 0.04 -13.51 13.66
C1 DPV IA . -0.72 -11.82 11.83
C2 DPV IA . -0.37 -10.34 12.06
C3 DPV IA . -1.28 -9.40 11.23
C4 DPV IA . 1.70 -15.45 14.18
C5 DPV IA . 3.27 -15.57 14.28
C6 DPV IA . 5.45 -14.76 15.23
C7 DPV IA . 3.37 -13.86 16.26
C8 DPV IA . 4.07 -13.14 13.95
C15 DPV IA . -0.86 -7.90 11.31
C16 DPV IA . 0.45 -7.53 10.51
C17 DPV IA . 0.29 -7.66 8.97
C18 DPV IA . 1.51 -7.06 8.22
C19 DPV IA . 1.35 -7.18 6.68
O1P DPV IA . -1.20 -14.31 13.59
C20 DPV IA . 2.47 -6.42 5.93
C21 DPV IA . 2.39 -6.67 4.40
C22 DPV IA . 3.22 -5.66 3.59
C23 DPV IA . 3.05 -5.90 2.08
O2P DPV IA . 0.12 -12.72 14.92
O3P DPV IA . 0.33 -12.65 12.36
O4P DPV IA . 1.36 -14.34 13.34
H1 DPV IA . -1.68 -12.07 12.31
H1A DPV IA . -0.80 -12.02 10.76
H2 DPV IA . -0.48 -10.11 13.13
H2A DPV IA . 0.67 -10.18 11.80
H3 DPV IA . -2.31 -9.49 11.60
H3A DPV IA . -1.29 -9.73 10.19
H4 DPV IA . 1.30 -16.37 13.73
H4A DPV IA . 1.26 -15.31 15.17
H5 DPV IA . 3.52 -16.43 14.90
H5A DPV IA . 3.69 -15.72 13.29
H6 DPV IA . 5.42 -15.57 15.97
H6A DPV IA . 6.01 -13.91 15.64
H6B DPV IA . 5.92 -15.11 14.30
H7 DPV IA . 3.33 -14.71 16.94
H7A DPV IA . 2.36 -13.49 16.05
H7B DPV IA . 3.98 -13.06 16.68
H8 DPV IA . 3.06 -12.78 13.75
H8A DPV IA . 4.55 -13.47 13.02
H8B DPV IA . 4.68 -12.34 14.40
H15 DPV IA . -0.73 -7.61 12.35
H15A DPV IA . -1.68 -7.28 10.91
H16 DPV IA . 0.72 -6.50 10.76
H16A DPV IA . 1.27 -8.16 10.85
H17 DPV IA . 0.19 -8.73 8.70
H17A DPV IA . -0.62 -7.16 8.65
H18 DPV IA . 1.61 -6.01 8.49
H18A DPV IA . 2.42 -7.57 8.53
H19 DPV IA . 1.38 -8.25 6.41
H19A DPV IA . 0.38 -6.79 6.38
H20 DPV IA . 2.38 -5.36 6.13
H20A DPV IA . 3.46 -6.75 6.29
H21 DPV IA . 2.73 -7.69 4.19
H21A DPV IA . 1.35 -6.62 4.08
H22 DPV IA . 2.91 -4.64 3.83
H22A DPV IA . 4.28 -5.75 3.86
H23 DPV IA . 2.01 -5.77 1.78
H23A DPV IA . 3.37 -6.90 1.81
H23B DPV IA . 3.65 -5.18 1.52
N DPV JA . 11.00 -34.87 -4.35
P DPV JA . 9.42 -35.93 0.03
C1 DPV JA . 7.84 -36.58 2.03
C2 DPV JA . 8.53 -37.83 2.66
C3 DPV JA . 7.94 -38.23 4.05
C4 DPV JA . 9.26 -35.85 -2.61
C5 DPV JA . 10.45 -34.86 -2.89
C6 DPV JA . 9.94 -34.32 -5.34
C7 DPV JA . 11.45 -36.27 -4.80
C8 DPV JA . 12.22 -33.95 -4.41
C15 DPV JA . 8.04 -37.13 5.17
C16 DPV JA . 9.42 -37.10 5.90
C17 DPV JA . 9.68 -35.74 6.62
C18 DPV JA . 10.56 -34.79 5.75
C19 DPV JA . 10.74 -33.38 6.41
O1P DPV JA . 10.47 -36.96 -0.14
C20 DPV JA . 11.85 -32.52 5.72
C21 DPV JA . 11.48 -32.06 4.28
C22 DPV JA . 12.55 -31.10 3.70
C23 DPV JA . 12.22 -30.65 2.26
O2P DPV JA . 9.92 -34.76 0.78
O3P DPV JA . 8.05 -36.53 0.59
O4P DPV JA . 8.66 -35.55 -1.32
H1 DPV JA . 6.77 -36.63 2.19
H1A DPV JA . 8.23 -35.66 2.49
H2 DPV JA . 8.40 -38.67 1.97
H2A DPV JA . 9.59 -37.64 2.75
H3 DPV JA . 8.45 -39.14 4.40
H3A DPV JA . 6.89 -38.50 3.92
H4 DPV JA . 8.48 -35.72 -3.38
H4A DPV JA . 9.61 -36.89 -2.62
H5 DPV JA . 10.14 -33.83 -2.67
H5A DPV JA . 11.29 -35.11 -2.23
H6 DPV JA . 10.40 -34.23 -6.33
H6A DPV JA . 9.62 -33.33 -4.99
H6B DPV JA . 9.10 -35.00 -5.37
H7 DPV JA . 10.59 -36.95 -4.80
H7A DPV JA . 12.21 -36.64 -4.11
H7B DPV JA . 11.86 -36.20 -5.81
H8 DPV JA . 11.92 -32.93 -4.12
H8A DPV JA . 12.62 -33.94 -5.43
H8B DPV JA . 12.97 -34.32 -3.72
H15 DPV JA . 7.27 -37.32 5.92
H15A DPV JA . 7.83 -36.15 4.75
H16 DPV JA . 9.44 -37.91 6.64
H16A DPV JA . 10.23 -37.33 5.19
H17 DPV JA . 8.73 -35.26 6.87
H17A DPV JA . 10.20 -35.93 7.56
H18 DPV JA . 11.54 -35.24 5.61
H18A DPV JA . 10.10 -34.67 4.76
H19 DPV JA . 9.78 -32.84 6.39
H19A DPV JA . 11.01 -33.51 7.46
H20 DPV JA . 12.02 -31.63 6.34
H20A DPV JA . 12.79 -33.08 5.70
H21 DPV JA . 11.39 -32.93 3.63
H21A DPV JA . 10.51 -31.56 4.29
H22 DPV JA . 12.63 -30.21 4.34
H22A DPV JA . 13.53 -31.59 3.70
H23 DPV JA . 12.98 -29.96 1.90
H23A DPV JA . 11.25 -30.15 2.23
H23B DPV JA . 12.18 -31.51 1.59
N DPV KA . -1.99 -25.65 9.11
P DPV KA . -3.73 -22.36 5.71
C1 DPV KA . -3.17 -21.57 3.29
C2 DPV KA . -2.01 -21.00 2.44
C3 DPV KA . -0.97 -22.09 2.07
C4 DPV KA . -2.82 -23.46 7.89
C5 DPV KA . -1.65 -24.45 8.15
C6 DPV KA . -3.07 -26.58 8.49
C7 DPV KA . -2.45 -25.19 10.51
C8 DPV KA . -0.72 -26.48 9.27
C15 DPV KA . 0.15 -21.57 1.14
C16 DPV KA . 1.19 -22.68 0.85
C17 DPV KA . 2.31 -22.21 -0.10
C18 DPV KA . 3.45 -23.26 -0.19
C19 DPV KA . 4.41 -22.95 -1.37
O1P DPV KA . -4.59 -23.52 5.34
C20 DPV KA . 5.46 -24.09 -1.56
C21 DPV KA . 6.33 -23.85 -2.82
C22 DPV KA . 7.32 -25.02 -3.08
C23 DPV KA . 8.17 -24.77 -4.35
O2P DPV KA . -4.53 -21.22 6.20
O3P DPV KA . -2.67 -21.97 4.59
O4P DPV KA . -2.52 -22.75 6.67
H1 DPV KA . -3.94 -20.80 3.43
H1A DPV KA . -3.62 -22.44 2.79
H2 DPV KA . -2.42 -20.56 1.54
H2A DPV KA . -1.52 -20.19 3.00
H3 DPV KA . -1.48 -22.93 1.60
H3A DPV KA . -0.52 -22.46 3.00
H4 DPV KA . -3.76 -24.00 7.76
H4A DPV KA . -2.93 -22.74 8.71
H5 DPV KA . -1.32 -24.88 7.20
H5A DPV KA . -0.81 -23.91 8.60
H6 DPV KA . -3.20 -27.45 9.15
H6A DPV KA . -2.74 -26.90 7.50
H6B DPV KA . -4.02 -26.04 8.43
H7 DPV KA . -2.57 -26.08 11.14
H7A DPV KA . -3.40 -24.67 10.41
H7B DPV KA . -1.69 -24.53 10.92
H8 DPV KA . 0.05 -25.84 9.70
H8A DPV KA . -0.40 -26.83 8.28
H8B DPV KA . -0.92 -27.33 9.93
H15 DPV KA . 0.64 -20.71 1.61
H15A DPV KA . -0.29 -21.23 0.20
H16 DPV KA . 1.64 -23.01 1.80
H16A DPV KA . 0.69 -23.54 0.41
H17 DPV KA . 1.87 -22.04 -1.10
H17A DPV KA . 2.72 -21.26 0.24
H18 DPV KA . 4.01 -23.28 0.75
H18A DPV KA . 3.01 -24.26 -0.33
H19 DPV KA . 3.83 -22.84 -2.30
H19A DPV KA . 4.93 -22.01 -1.19
H20 DPV KA . 6.10 -24.14 -0.68
H20A DPV KA . 4.94 -25.04 -1.65
H21 DPV KA . 5.68 -23.71 -3.70
H21A DPV KA . 6.90 -22.91 -2.70
H22 DPV KA . 7.97 -25.14 -2.22
H22A DPV KA . 6.75 -25.94 -3.20
H23 DPV KA . 8.87 -25.59 -4.49
H23A DPV KA . 8.74 -23.85 -4.25
H23B DPV KA . 7.53 -24.71 -5.23
N DPV LA . -8.11 -23.62 -13.70
P DPV LA . -6.72 -25.35 -9.26
C1 DPV LA . -4.80 -24.26 -7.84
C2 DPV LA . -3.39 -23.67 -8.08
C3 DPV LA . -2.81 -23.09 -6.75
C4 DPV LA . -7.91 -23.82 -11.05
C5 DPV LA . -7.60 -24.44 -12.46
C6 DPV LA . -7.35 -22.29 -13.85
C7 DPV LA . -9.64 -23.35 -13.62
C8 DPV LA . -7.86 -24.46 -14.95
C15 DPV LA . -1.40 -22.47 -6.94
C16 DPV LA . -0.84 -21.97 -5.57
C17 DPV LA . 0.61 -21.39 -5.70
C18 DPV LA . 1.32 -21.23 -4.31
C19 DPV LA . 0.79 -20.03 -3.44
O1P DPV LA . -7.56 -25.26 -8.06
C20 DPV LA . 1.40 -18.66 -3.86
C21 DPV LA . 0.97 -17.52 -2.89
C22 DPV LA . 1.60 -16.15 -3.33
C23 DPV LA . 1.14 -15.00 -2.40
O2P DPV LA . -6.94 -26.61 -10.01
O3P DPV LA . -5.17 -25.02 -9.02
O4P DPV LA . -6.79 -24.03 -10.18
H1 DPV LA . -4.79 -24.94 -6.98
H1A DPV LA . -5.53 -23.46 -7.68
H2 DPV LA . -2.72 -24.45 -8.45
H2A DPV LA . -3.44 -22.88 -8.83
H3 DPV LA . -2.76 -23.89 -6.00
H3A DPV LA . -3.49 -22.33 -6.36
H4 DPV LA . -8.07 -22.74 -11.15
H4A DPV LA . -8.82 -24.27 -10.63
H5 DPV LA . -6.51 -24.54 -12.58
H5A DPV LA . -8.03 -25.44 -12.51
H6 DPV LA . -6.29 -22.51 -13.95
H6A DPV LA . -7.53 -21.67 -12.97
H6B DPV LA . -7.71 -21.78 -14.75
H7 DPV LA . -9.84 -22.69 -12.77
H7A DPV LA . -10.16 -24.30 -13.49
H7B DPV LA . -9.96 -22.86 -14.55
H8 DPV LA . -8.39 -25.41 -14.86
H8A DPV LA . -6.78 -24.64 -15.03
H8B DPV LA . -8.22 -23.91 -15.82
H15 DPV LA . -1.45 -21.64 -7.65
H15A DPV LA . -0.72 -23.22 -7.35
H16 DPV LA . -1.50 -21.20 -5.18
H16A DPV LA . -0.84 -22.79 -4.87
H17 DPV LA . 1.21 -22.07 -6.31
H17A DPV LA . 0.58 -20.43 -6.22
H18 DPV LA . 1.19 -22.15 -3.74
H18A DPV LA . 2.38 -21.11 -4.47
H19 DPV LA . -0.30 -19.99 -3.47
H19A DPV LA . 1.06 -20.22 -2.39
H20 DPV LA . 2.49 -18.73 -3.89
H20A DPV LA . 1.06 -18.42 -4.88
H21 DPV LA . -0.11 -17.44 -2.87
H21A DPV LA . 1.32 -17.76 -1.88
H22 DPV LA . 2.68 -16.21 -3.31
H22A DPV LA . 1.29 -15.92 -4.35
H23 DPV LA . 1.60 -14.06 -2.71
H23A DPV LA . 1.42 -15.20 -1.36
H23B DPV LA . 0.05 -14.88 -2.45
N DPV MA . -1.01 -8.70 -21.50
P DPV MA . -1.99 -9.54 -16.54
C1 DPV MA . -0.53 -11.25 -15.21
C2 DPV MA . -0.18 -12.76 -15.26
C3 DPV MA . 1.14 -13.08 -14.51
C4 DPV MA . -1.00 -8.85 -18.87
C5 DPV MA . -1.16 -9.60 -20.24
C6 DPV MA . 0.40 -8.11 -21.63
C7 DPV MA . -2.05 -7.56 -21.53
C8 DPV MA . -1.26 -9.60 -22.75
C15 DPV MA . 0.94 -13.25 -12.98
C16 DPV MA . 2.26 -13.64 -12.26
C17 DPV MA . 2.01 -14.24 -10.84
C18 DPV MA . 3.28 -14.90 -10.22
C19 DPV MA . 4.28 -13.85 -9.64
O1P DPV MA . -1.43 -8.48 -15.66
C20 DPV MA . 5.56 -14.56 -9.12
C21 DPV MA . 6.61 -13.53 -8.58
C22 DPV MA . 7.86 -14.29 -8.04
C23 DPV MA . 8.92 -13.33 -7.49
O2P DPV MA . -3.41 -9.30 -16.87
O3P DPV MA . -1.71 -11.02 -16.01
O4P DPV MA . -1.09 -9.84 -17.82
H1 DPV MA . -0.73 -10.94 -14.18
H1A DPV MA . 0.30 -10.67 -15.61
H2 DPV MA . -1.01 -13.35 -14.86
H2A DPV MA . -0.06 -13.05 -16.30
H3 DPV MA . 1.89 -12.30 -14.70
H3A DPV MA . 1.55 -14.01 -14.92
H4 DPV MA . -0.03 -8.36 -18.80
H4A DPV MA . -1.80 -8.12 -18.74
H5 DPV MA . -0.40 -10.39 -20.31
H5A DPV MA . -2.15 -10.06 -20.29
H6 DPV MA . 1.13 -8.93 -21.59
H6A DPV MA . 0.58 -7.42 -20.79
H6B DPV MA . 0.49 -7.57 -22.58
H7 DPV MA . -3.05 -8.00 -21.39
H7A DPV MA . -2.00 -7.07 -22.51
H7B DPV MA . -1.82 -6.86 -20.74
H8 DPV MA . -2.28 -9.97 -22.71
H8A DPV MA . -0.55 -10.42 -22.72
H8B DPV MA . -1.11 -9.00 -23.65
H15 DPV MA . 0.19 -14.04 -12.80
H15A DPV MA . 0.55 -12.33 -12.54
H16 DPV MA . 2.81 -14.37 -12.87
H16A DPV MA . 2.91 -12.76 -12.18
H17 DPV MA . 1.62 -13.46 -10.17
H17A DPV MA . 1.24 -15.01 -10.92
H18 DPV MA . 2.96 -15.57 -9.42
H18A DPV MA . 3.78 -15.50 -10.98
H19 DPV MA . 4.55 -13.13 -10.41
H19A DPV MA . 3.80 -13.30 -8.83
H20 DPV MA . 5.29 -15.25 -8.32
H20A DPV MA . 6.01 -15.13 -9.93
H21 DPV MA . 6.91 -12.86 -9.38
H21A DPV MA . 6.16 -12.93 -7.79
H22 DPV MA . 7.56 -14.98 -7.26
H22A DPV MA . 8.29 -14.86 -8.85
H23 DPV MA . 8.52 -12.72 -6.67
H23A DPV MA . 9.29 -12.66 -8.27
H23B DPV MA . 9.78 -13.90 -7.09
N DPV NA . -3.39 -13.61 -19.16
P DPV NA . -7.14 -16.76 -17.39
C1 DPV NA . -7.86 -18.14 -15.31
C2 DPV NA . -8.21 -17.94 -13.82
C3 DPV NA . -9.35 -18.92 -13.39
C4 DPV NA . -5.43 -15.11 -18.39
C5 DPV NA . -4.26 -14.16 -17.96
C6 DPV NA . -4.19 -12.66 -20.06
C7 DPV NA . -2.79 -14.74 -20.02
C8 DPV NA . -2.23 -12.82 -18.56
C15 DPV NA . -9.68 -18.85 -11.87
C16 DPV NA . -8.63 -19.60 -10.99
C17 DPV NA . -9.12 -19.77 -9.53
C18 DPV NA . -8.10 -20.53 -8.63
C19 DPV NA . -6.99 -19.61 -8.06
O1P DPV NA . -8.40 -16.31 -18.02
C20 DPV NA . -5.97 -20.41 -7.20
C21 DPV NA . -4.83 -19.53 -6.62
C22 DPV NA . -3.74 -19.18 -7.67
C23 DPV NA . -2.55 -18.44 -7.02
O2P DPV NA . -6.59 -17.94 -18.06
O3P DPV NA . -7.26 -16.92 -15.81
O4P DPV NA . -6.08 -15.59 -17.20
H1 DPV NA . -7.15 -18.96 -15.43
H1A DPV NA . -8.76 -18.33 -15.88
H2 DPV NA . -7.31 -18.12 -13.22
H2A DPV NA . -8.52 -16.91 -13.64
H3 DPV NA . -9.09 -19.94 -13.66
H3A DPV NA . -10.26 -18.66 -13.94
H4 DPV NA . -6.16 -14.57 -19.00
H4A DPV NA . -5.04 -15.96 -18.96
H5 DPV NA . -4.66 -13.30 -17.43
H5A DPV NA . -3.59 -14.70 -17.30
H6 DPV NA . -4.61 -11.85 -19.45
H6A DPV NA . -5.01 -13.22 -20.54
H6B DPV NA . -3.53 -12.25 -20.83
H7 DPV NA . -3.60 -15.22 -20.58
H7A DPV NA . -2.30 -15.46 -19.36
H7B DPV NA . -2.06 -14.31 -20.71
H8 DPV NA . -1.59 -12.46 -19.37
H8A DPV NA . -1.65 -13.48 -17.89
H8B DPV NA . -2.63 -11.98 -17.99
H15 DPV NA . -10.66 -19.32 -11.71
H15A DPV NA . -9.76 -17.81 -11.54
H16 DPV NA . -8.44 -20.59 -11.42
H16A DPV NA . -7.68 -19.04 -11.00
H17 DPV NA . -9.33 -18.79 -9.10
H17A DPV NA . -10.05 -20.33 -9.53
H18 DPV NA . -8.64 -20.99 -7.79
H18A DPV NA . -7.65 -21.35 -9.20
H19 DPV NA . -6.47 -19.12 -8.89
H19A DPV NA . -7.44 -18.83 -7.44
H20 DPV NA . -6.51 -20.89 -6.37
H20A DPV NA . -5.55 -21.21 -7.79
H21 DPV NA . -5.25 -18.62 -6.20
H21A DPV NA . -4.37 -20.08 -5.78
H22 DPV NA . -3.36 -20.10 -8.13
H22A DPV NA . -4.16 -18.56 -8.45
H23 DPV NA . -2.87 -17.47 -6.63
H23A DPV NA . -1.77 -18.27 -7.77
H23B DPV NA . -2.11 -19.02 -6.21
N DPV OA . -1.17 1.86 -14.78
P DPV OA . 3.26 1.36 -16.06
C1 DPV OA . 3.09 3.06 -18.08
C2 DPV OA . 3.10 2.24 -19.39
C3 DPV OA . 4.53 2.07 -19.99
C4 DPV OA . 1.42 2.26 -14.40
C5 DPV OA . 0.15 2.53 -15.28
C6 DPV OA . -1.54 2.30 -13.36
C7 DPV OA . -1.09 0.32 -14.84
C8 DPV OA . -2.31 2.30 -15.72
C15 DPV OA . 4.49 1.30 -21.34
C16 DPV OA . 5.92 1.01 -21.88
C17 DPV OA . 5.92 0.22 -23.23
C18 DPV OA . 5.63 -1.31 -23.10
C19 DPV OA . 6.86 -2.11 -22.58
O1P DPV OA . 4.25 0.57 -15.33
C20 DPV OA . 6.52 -3.62 -22.38
C21 DPV OA . 7.61 -4.33 -21.54
C22 DPV OA . 7.23 -5.80 -21.19
C23 DPV OA . 8.23 -6.41 -20.18
O2P DPV OA . 2.25 0.50 -16.73
O3P DPV OA . 3.92 2.45 -17.04
O4P DPV OA . 2.60 2.53 -15.19
H1 DPV OA . 3.48 4.06 -18.29
H1A DPV OA . 2.06 3.16 -17.72
H2 DPV OA . 2.67 1.25 -19.21
H2A DPV OA . 2.47 2.73 -20.13
H3 DPV OA . 5.16 1.52 -19.28
H3A DPV OA . 4.98 3.05 -20.15
H4 DPV OA . 1.42 2.91 -13.53
H4A DPV OA . 1.46 1.21 -14.07
H5 DPV OA . -0.02 3.61 -15.34
H5A DPV OA . 0.33 2.16 -16.29
H6 DPV OA . -1.58 3.40 -13.34
H6A DPV OA . -0.78 1.95 -12.66
H6B DPV OA . -2.51 1.89 -13.09
H7 DPV OA . -0.34 -0.03 -14.13
H7A DPV OA . -0.79 0.04 -15.85
H7B DPV OA . -2.06 -0.10 -14.61
H8 DPV OA . -2.07 1.97 -16.74
H8A DPV OA . -2.39 3.39 -15.69
H8B DPV OA . -3.25 1.84 -15.39
H15 DPV OA . 3.93 1.88 -22.07
H15A DPV OA . 3.96 0.35 -21.20
H16 DPV OA . 6.42 1.97 -22.05
H16A DPV OA . 6.50 0.47 -21.13
H17 DPV OA . 5.18 0.66 -23.91
H17A DPV OA . 6.89 0.36 -23.72
H18 DPV OA . 4.78 -1.47 -22.44
H18A DPV OA . 5.36 -1.71 -24.08
H19 DPV OA . 7.69 -2.02 -23.28
H19A DPV OA . 7.19 -1.69 -21.62
H20 DPV OA . 5.56 -3.71 -21.88
H20A DPV OA . 6.43 -4.11 -23.35
H21 DPV OA . 8.55 -4.33 -22.10
H21A DPV OA . 7.78 -3.77 -20.62
H22 DPV OA . 6.23 -5.83 -20.75
H22A DPV OA . 7.22 -6.39 -22.10
H23 DPV OA . 9.25 -6.37 -20.57
H23A DPV OA . 7.98 -7.46 -20.00
H23B DPV OA . 8.20 -5.87 -19.23
N DPV PA . 3.96 -2.59 -18.76
P DPV PA . 8.91 -1.13 -17.92
C1 DPV PA . 10.27 1.05 -18.40
C2 DPV PA . 10.17 2.31 -19.30
C3 DPV PA . 8.73 2.90 -19.43
C4 DPV PA . 6.56 -2.20 -18.37
C5 DPV PA . 5.25 -1.75 -19.10
C6 DPV PA . 2.78 -1.98 -19.54
C7 DPV PA . 3.62 -2.51 -17.26
C8 DPV PA . 4.09 -4.07 -19.18
C15 DPV PA . 8.24 3.69 -18.16
C16 DPV PA . 7.35 2.82 -17.21
C17 DPV PA . 7.27 3.41 -15.76
C18 DPV PA . 8.55 3.08 -14.92
C19 DPV PA . 8.58 3.85 -13.57
O1P DPV PA . 8.56 -0.63 -16.58
C20 DPV PA . 9.98 3.78 -12.88
C21 DPV PA . 10.29 2.41 -12.20
C22 DPV PA . 11.77 2.30 -11.79
C23 DPV PA . 12.12 0.91 -11.23
O2P DPV PA . 9.84 -2.29 -17.85
O3P DPV PA . 9.40 0.01 -18.92
O4P DPV PA . 7.65 -1.38 -18.86
H1 DPV PA . 11.29 0.68 -18.38
H1A DPV PA . 9.96 1.30 -17.39
H2 DPV PA . 10.85 3.07 -18.91
H2A DPV PA . 10.54 2.04 -20.29
H3 DPV PA . 8.01 2.11 -19.68
H3A DPV PA . 8.73 3.59 -20.28
H4 DPV PA . 6.46 -2.05 -17.30
H4A DPV PA . 6.78 -3.24 -18.58
H5 DPV PA . 5.03 -0.71 -18.83
H5A DPV PA . 5.40 -1.80 -20.18
H6 DPV PA . 1.88 -2.55 -19.32
H6A DPV PA . 3.00 -2.02 -20.60
H6B DPV PA . 2.66 -0.94 -19.22
H7 DPV PA . 4.40 -3.04 -16.70
H7A DPV PA . 2.66 -2.98 -17.09
H7B DPV PA . 3.60 -1.46 -16.96
H8 DPV PA . 4.28 -4.12 -20.24
H8A DPV PA . 3.15 -4.58 -18.94
H8B DPV PA . 4.91 -4.52 -18.62
H15 DPV PA . 7.66 4.55 -18.49
H15A DPV PA . 9.12 4.08 -17.63
H16 DPV PA . 6.35 2.78 -17.62
H16A DPV PA . 7.72 1.80 -17.16
H17 DPV PA . 7.13 4.49 -15.81
H17A DPV PA . 6.40 2.98 -15.26
H18 DPV PA . 8.58 2.00 -14.73
H18A DPV PA . 9.43 3.33 -15.50
H19 DPV PA . 8.34 4.90 -13.75
H19A DPV PA . 7.81 3.46 -12.90
H20 DPV PA . 10.75 4.01 -13.63
H20A DPV PA . 10.03 4.57 -12.14
H21 DPV PA . 9.64 2.31 -11.32
H21A DPV PA . 10.04 1.60 -12.89
H22 DPV PA . 12.41 2.50 -12.65
H22A DPV PA . 11.99 3.06 -11.03
H23 DPV PA . 13.16 0.88 -10.91
H23A DPV PA . 11.97 0.14 -11.99
H23B DPV PA . 11.49 0.67 -10.36
N DPV QA . 19.48 -14.83 -26.73
P DPV QA . 20.28 -15.56 -21.68
C1 DPV QA . 18.80 -14.00 -20.17
C2 DPV QA . 17.63 -14.00 -19.16
C3 DPV QA . 18.10 -14.34 -17.72
C4 DPV QA . 19.81 -15.61 -24.23
C5 DPV QA . 18.96 -14.79 -25.26
C6 DPV QA . 19.43 -16.26 -27.31
C7 DPV QA . 20.91 -14.27 -26.87
C8 DPV QA . 18.56 -13.94 -27.59
C15 DPV QA . 17.01 -13.95 -16.67
C16 DPV QA . 17.18 -14.69 -15.32
C17 DPV QA . 16.03 -14.35 -14.32
C18 DPV QA . 16.11 -15.21 -13.02
C19 DPV QA . 14.71 -15.37 -12.36
O1P DPV QA . 20.92 -16.89 -21.56
C20 DPV QA . 14.81 -16.02 -10.95
C21 DPV QA . 13.43 -16.54 -10.40
C22 DPV QA . 12.47 -15.40 -9.95
C23 DPV QA . 11.14 -15.95 -9.43
O2P DPV QA . 21.27 -14.46 -21.66
O3P DPV QA . 19.08 -15.35 -20.62
O4P DPV QA . 19.26 -15.45 -22.90
H1 DPV QA . 18.52 -13.39 -21.03
H1A DPV QA . 19.70 -13.57 -19.72
H2 DPV QA . 17.17 -13.02 -19.17
H2A DPV QA . 16.87 -14.72 -19.48
H3 DPV QA . 19.02 -13.81 -17.48
H3A DPV QA . 18.30 -15.42 -17.65
H4 DPV QA . 19.80 -16.67 -24.49
H4A DPV QA . 20.84 -15.24 -24.24
H5 DPV QA . 17.93 -15.16 -25.27
H5A DPV QA . 18.93 -13.74 -24.95
H6 DPV QA . 20.11 -16.89 -26.75
H6A DPV QA . 19.72 -16.23 -28.37
H6B DPV QA . 18.41 -16.63 -27.22
H7 DPV QA . 21.19 -14.25 -27.93
H7A DPV QA . 21.59 -14.91 -26.31
H7B DPV QA . 20.93 -13.25 -26.45
H8 DPV QA . 18.66 -12.91 -27.25
H8A DPV QA . 17.53 -14.28 -27.47
H8B DPV QA . 18.86 -14.02 -28.64
H15 DPV QA . 16.01 -14.18 -17.08
H15A DPV QA . 17.04 -12.87 -16.51
H16 DPV QA . 17.18 -15.77 -15.50
H16A DPV QA . 18.15 -14.44 -14.88
H17 DPV QA . 16.09 -13.29 -14.05
H17A DPV QA . 15.07 -14.50 -14.81
H18 DPV QA . 16.50 -16.20 -13.26
H18A DPV QA . 16.81 -14.74 -12.33
H19 DPV QA . 14.23 -14.39 -12.26
H19A DPV QA . 14.08 -15.98 -13.00
H20 DPV QA . 15.49 -16.88 -11.00
H20A DPV QA . 15.25 -15.32 -10.23
H21 DPV QA . 12.95 -17.15 -11.17
H21A DPV QA . 13.62 -17.20 -9.55
H22 DPV QA . 12.95 -14.80 -9.16
H22A DPV QA . 12.27 -14.73 -10.80
H23 DPV QA . 10.65 -16.56 -10.19
H23A DPV QA . 10.47 -15.12 -9.17
H23B DPV QA . 11.29 -16.56 -8.53
N DPV RA . 25.81 -9.05 -19.10
P DPV RA . 27.03 -7.75 -14.74
C1 DPV RA . 27.26 -10.03 -13.39
C2 DPV RA . 26.93 -11.41 -14.03
C3 DPV RA . 25.66 -11.36 -14.92
C4 DPV RA . 25.53 -7.64 -16.86
C5 DPV RA . 24.87 -8.53 -17.95
C6 DPV RA . 26.59 -7.92 -19.79
C7 DPV RA . 24.92 -9.71 -20.15
C8 DPV RA . 26.80 -10.12 -18.59
C15 DPV RA . 25.05 -12.76 -15.21
C16 DPV RA . 24.11 -12.76 -16.47
C17 DPV RA . 22.82 -11.91 -16.30
C18 DPV RA . 22.06 -11.77 -17.64
C19 DPV RA . 20.84 -10.81 -17.53
O1P DPV RA . 27.94 -6.64 -15.06
C20 DPV RA . 20.29 -10.39 -18.92
C21 DPV RA . 19.12 -9.38 -18.83
C22 DPV RA . 17.73 -10.07 -18.63
C23 DPV RA . 16.61 -9.03 -18.44
O2P DPV RA . 26.04 -7.36 -13.71
O3P DPV RA . 27.81 -9.13 -14.40
O4P DPV RA . 26.38 -8.44 -16.01
H1 DPV RA . 26.35 -9.61 -12.95
H1A DPV RA . 28.00 -10.16 -12.60
H2 DPV RA . 27.79 -11.75 -14.62
H2A DPV RA . 26.79 -12.13 -13.22
H3 DPV RA . 25.93 -10.87 -15.85
H3A DPV RA . 24.90 -10.73 -14.43
H4 DPV RA . 26.12 -6.84 -17.31
H4A DPV RA . 24.75 -7.18 -16.23
H5 DPV RA . 24.41 -9.40 -17.48
H5A DPV RA . 24.07 -7.95 -18.43
H6 DPV RA . 27.30 -7.48 -19.08
H6A DPV RA . 25.89 -7.16 -20.14
H6B DPV RA . 27.14 -8.34 -20.65
H7 DPV RA . 24.37 -10.54 -19.70
H7A DPV RA . 25.54 -10.08 -20.97
H7B DPV RA . 24.21 -8.96 -20.53
H8 DPV RA . 27.47 -9.66 -17.85
H8A DPV RA . 27.38 -10.50 -19.44
H8B DPV RA . 26.24 -10.94 -18.14
H15 DPV RA . 24.50 -13.11 -14.34
H15A DPV RA . 25.86 -13.48 -15.39
H16 DPV RA . 24.68 -12.39 -17.32
H16A DPV RA . 23.84 -13.79 -16.69
H17 DPV RA . 22.16 -12.37 -15.54
H17A DPV RA . 23.07 -10.90 -15.93
H18 DPV RA . 22.74 -11.40 -18.41
H18A DPV RA . 21.70 -12.75 -17.97
H19 DPV RA . 20.05 -11.30 -16.96
H19A DPV RA . 21.14 -9.91 -16.98
H20 DPV RA . 21.11 -9.92 -19.50
H20A DPV RA . 19.99 -11.28 -19.50
H21 DPV RA . 19.30 -8.67 -18.02
H21A DPV RA . 19.09 -8.80 -19.75
H22 DPV RA . 17.51 -10.69 -19.49
H22A DPV RA . 17.77 -10.71 -17.74
H23 DPV RA . 16.79 -8.41 -17.56
H23A DPV RA . 15.65 -9.53 -18.32
H23B DPV RA . 16.54 -8.38 -19.32
N DPV SA . 32.31 -19.04 2.47
P DPV SA . 28.26 -18.02 0.36
C1 DPV SA . 27.53 -15.50 0.42
C2 DPV SA . 28.04 -14.11 0.01
C3 DPV SA . 27.20 -12.98 0.69
C4 DPV SA . 29.97 -17.73 2.36
C5 DPV SA . 31.50 -17.69 2.67
C6 DPV SA . 31.61 -20.26 3.10
C7 DPV SA . 33.67 -18.87 3.16
C8 DPV SA . 32.58 -19.30 0.97
C15 DPV SA . 27.71 -11.56 0.33
C16 DPV SA . 27.17 -11.05 -1.05
C17 DPV SA . 27.60 -9.57 -1.32
C18 DPV SA . 26.88 -8.93 -2.54
C19 DPV SA . 25.38 -8.58 -2.28
O1P DPV SA . 28.09 -18.92 -0.78
C20 DPV SA . 25.18 -7.19 -1.61
C21 DPV SA . 23.68 -6.96 -1.25
C22 DPV SA . 23.44 -5.57 -0.63
C23 DPV SA . 22.01 -5.43 -0.08
O2P DPV SA . 27.19 -18.20 1.37
O3P DPV SA . 28.47 -16.49 -0.06
O4P DPV SA . 29.73 -18.05 0.97
H1 DPV SA . 27.46 -15.57 1.51
H1A DPV SA . 26.55 -15.69 -0.02
H2 DPV SA . 29.09 -14.01 0.29
H2A DPV SA . 27.99 -14.00 -1.08
H3 DPV SA . 27.26 -13.10 1.77
H3A DPV SA . 26.15 -13.08 0.42
H4 DPV SA . 29.47 -18.47 3.00
H4A DPV SA . 29.53 -16.75 2.57
H5 DPV SA . 31.99 -16.94 2.04
H5A DPV SA . 31.64 -17.40 3.72
H6 DPV SA . 30.66 -20.44 2.58
H6A DPV SA . 31.43 -20.06 4.16
H6B DPV SA . 32.26 -21.14 2.98
H7 DPV SA . 34.20 -18.02 2.71
H7A DPV SA . 34.26 -19.79 3.02
H7B DPV SA . 33.51 -18.70 4.23
H8 DPV SA . 31.61 -19.45 0.47
H8A DPV SA . 33.19 -20.20 0.87
H8B DPV SA . 33.08 -18.42 0.55
H15 DPV SA . 28.80 -11.53 0.31
H15A DPV SA . 27.38 -10.86 1.11
H16 DPV SA . 27.54 -11.69 -1.85
H16A DPV SA . 26.08 -11.12 -1.04
H17 DPV SA . 27.43 -8.96 -0.44
H17A DPV SA . 28.69 -9.56 -1.50
H18 DPV SA . 27.43 -8.04 -2.86
H18A DPV SA . 26.93 -9.64 -3.39
H19 DPV SA . 24.85 -8.58 -3.22
H19A DPV SA . 24.92 -9.35 -1.66
H20 DPV SA . 25.78 -7.14 -0.70
H20A DPV SA . 25.53 -6.41 -2.28
H21 DPV SA . 23.07 -7.07 -2.15
H21A DPV SA . 23.36 -7.74 -0.55
H22 DPV SA . 24.14 -5.38 0.18
H22A DPV SA . 23.60 -4.79 -1.38
H23 DPV SA . 21.88 -6.05 0.81
H23A DPV SA . 21.27 -5.73 -0.83
H23B DPV SA . 21.80 -4.39 0.20
N DPV TA . 23.67 -31.20 -8.84
P DPV TA . 19.67 -30.51 -8.04
C1 DPV TA . 18.23 -28.62 -6.99
C2 DPV TA . 17.88 -27.14 -7.23
C3 DPV TA . 16.57 -26.71 -6.51
C4 DPV TA . 21.26 -31.14 -10.03
C5 DPV TA . 22.82 -30.95 -10.15
C6 DPV TA . 23.47 -30.07 -7.81
C7 DPV TA . 25.14 -31.21 -9.25
C8 DPV TA . 23.35 -32.55 -8.19
C15 DPV TA . 16.80 -26.29 -5.03
C16 DPV TA . 15.49 -25.79 -4.33
C17 DPV TA . 15.08 -24.35 -4.76
C18 DPV TA . 13.67 -23.98 -4.21
C19 DPV TA . 13.11 -22.69 -4.88
O1P DPV TA . 18.53 -31.32 -8.50
C20 DPV TA . 11.68 -22.36 -4.37
C21 DPV TA . 10.88 -21.43 -5.34
C22 DPV TA . 11.16 -19.91 -5.17
C23 DPV TA . 10.22 -19.24 -4.15
O2P DPV TA . 20.33 -31.12 -6.86
O3P DPV TA . 19.32 -28.97 -7.84
O4P DPV TA . 20.69 -30.11 -9.19
H1 DPV TA . 18.52 -28.79 -5.94
H1A DPV TA . 17.37 -29.26 -7.23
H2 DPV TA . 18.71 -26.51 -6.92
H2A DPV TA . 17.74 -27.00 -8.31
H3 DPV TA . 15.84 -27.51 -6.56
H3A DPV TA . 16.15 -25.87 -7.05
H4 DPV TA . 20.80 -31.08 -11.02
H4A DPV TA . 21.03 -32.13 -9.60
H5 DPV TA . 23.18 -31.65 -10.90
H5A DPV TA . 23.03 -29.94 -10.50
H6 DPV TA . 24.13 -30.25 -6.95
H6A DPV TA . 22.43 -30.07 -7.48
H6B DPV TA . 23.71 -29.11 -8.28
H7 DPV TA . 25.31 -32.01 -9.97
H7A DPV TA . 25.76 -31.37 -8.35
H7B DPV TA . 25.39 -30.24 -9.70
H8 DPV TA . 22.35 -32.51 -7.76
H8A DPV TA . 24.09 -32.74 -7.40
H8B DPV TA . 23.42 -33.33 -8.96
H15 DPV TA . 17.56 -25.51 -4.96
H15A DPV TA . 17.18 -27.15 -4.46
H16 DPV TA . 14.67 -26.49 -4.56
H16A DPV TA . 15.63 -25.81 -3.24
H17 DPV TA . 15.81 -23.63 -4.38
H17A DPV TA . 15.07 -24.28 -5.85
H18 DPV TA . 12.98 -24.80 -4.41
H18A DPV TA . 13.72 -23.84 -3.13
H19 DPV TA . 13.78 -21.84 -4.67
H19A DPV TA . 13.10 -22.83 -5.97
H20 DPV TA . 11.12 -23.30 -4.27
H20A DPV TA . 11.73 -21.92 -3.38
H21 DPV TA . 11.11 -21.72 -6.37
H21A DPV TA . 9.82 -21.63 -5.20
H22 DPV TA . 12.20 -19.75 -4.88
H22A DPV TA . 11.02 -19.42 -6.14
H23 DPV TA . 10.35 -19.69 -3.16
H23A DPV TA . 9.17 -19.37 -4.44
H23B DPV TA . 10.43 -18.18 -4.08
N DPV UA . 16.38 -38.12 -2.67
P DPV UA . 14.71 -36.36 -6.91
C1 DPV UA . 15.75 -36.93 -9.25
C2 DPV UA . 17.09 -36.92 -9.99
C3 DPV UA . 16.90 -37.16 -11.52
C4 DPV UA . 16.00 -38.01 -5.28
C5 DPV UA . 15.41 -37.76 -3.84
C6 DPV UA . 16.73 -39.63 -2.66
C7 DPV UA . 15.66 -37.81 -1.35
C8 DPV UA . 17.68 -37.31 -2.70
C15 DPV UA . 18.26 -37.23 -12.31
C16 DPV UA . 19.01 -35.86 -12.42
C17 DPV UA . 18.38 -34.90 -13.50
C18 DPV UA . 18.55 -33.40 -13.13
C19 DPV UA . 17.41 -32.89 -12.21
O1P DPV UA . 13.42 -36.28 -7.63
C20 DPV UA . 17.55 -31.38 -11.88
C21 DPV UA . 16.36 -30.89 -11.00
C22 DPV UA . 16.48 -29.38 -10.70
C23 DPV UA . 15.32 -28.86 -9.82
O2P DPV UA . 14.86 -35.26 -5.94
O3P DPV UA . 15.98 -36.54 -7.87
O4P DPV UA . 14.96 -37.81 -6.27
H1 DPV UA . 15.06 -36.22 -9.71
H1A DPV UA . 15.31 -37.94 -9.26
H2 DPV UA . 17.57 -35.96 -9.83
H2A DPV UA . 17.74 -37.68 -9.58
H3 DPV UA . 16.26 -36.38 -11.95
H3A DPV UA . 16.38 -38.11 -11.67
H4 DPV UA . 16.82 -37.32 -5.47
H4A DPV UA . 16.34 -39.04 -5.36
H5 DPV UA . 15.14 -36.71 -3.74
H5A DPV UA . 14.50 -38.36 -3.71
H6 DPV UA . 15.80 -40.20 -2.69
H6A DPV UA . 17.29 -39.86 -1.76
H6B DPV UA . 17.34 -39.85 -3.54
H7 DPV UA . 14.75 -38.42 -1.29
H7A DPV UA . 15.40 -36.75 -1.33
H7B DPV UA . 16.32 -38.06 -0.51
H8 DPV UA . 17.43 -36.25 -2.72
H8A DPV UA . 18.25 -37.59 -3.59
H8B DPV UA . 18.27 -37.54 -1.81
H15 DPV UA . 18.07 -37.63 -13.31
H15A DPV UA . 18.92 -37.95 -11.81
H16 DPV UA . 19.03 -35.37 -11.45
H16A DPV UA . 20.04 -36.05 -12.69
H17 DPV UA . 18.89 -35.09 -14.45
H17A DPV UA . 17.34 -35.13 -13.66
H18 DPV UA . 19.52 -33.24 -12.65
H18A DPV UA . 18.55 -32.81 -14.06
H19 DPV UA . 16.46 -33.06 -12.71
H19A DPV UA . 17.40 -33.47 -11.28
H20 DPV UA . 18.49 -31.21 -11.35
H20A DPV UA . 17.58 -30.81 -12.81
H21 DPV UA . 15.41 -31.09 -11.51
H21A DPV UA . 16.34 -31.45 -10.06
H22 DPV UA . 17.44 -29.17 -10.20
H22A DPV UA . 16.47 -28.83 -11.63
H23 DPV UA . 15.41 -27.78 -9.68
H23A DPV UA . 15.36 -29.33 -8.84
H23B DPV UA . 14.36 -29.07 -10.29
N DPV VA . 10.70 -19.81 -27.17
P DPV VA . 9.13 -23.97 -24.46
C1 DPV VA . 10.13 -25.18 -26.58
C2 DPV VA . 11.49 -25.66 -27.14
C3 DPV VA . 12.25 -24.50 -27.89
C4 DPV VA . 9.76 -21.64 -25.53
C5 DPV VA . 9.68 -20.98 -26.94
C6 DPV VA . 10.48 -18.65 -26.17
C7 DPV VA . 10.47 -19.25 -28.58
C8 DPV VA . 12.16 -20.30 -27.10
C15 DPV VA . 13.80 -24.68 -27.82
C16 DPV VA . 14.40 -23.99 -26.57
C17 DPV VA . 15.89 -24.39 -26.33
C18 DPV VA . 16.61 -23.48 -25.27
C19 DPV VA . 16.06 -23.65 -23.82
O1P DPV VA . 9.51 -23.45 -23.13
C20 DPV VA . 16.70 -22.62 -22.84
C21 DPV VA . 16.03 -22.65 -21.44
C22 DPV VA . 16.55 -23.79 -20.53
C23 DPV VA . 15.84 -23.79 -19.16
O2P DPV VA . 8.02 -24.92 -24.37
O3P DPV VA . 10.39 -24.53 -25.29
O4P DPV VA . 8.88 -22.80 -25.53
H1 DPV VA . 9.65 -24.48 -27.26
H1A DPV VA . 9.48 -26.04 -26.43
H2 DPV VA . 12.10 -26.04 -26.31
H2A DPV VA . 11.32 -26.48 -27.83
H3 DPV VA . 11.98 -23.53 -27.46
H3A DPV VA . 11.93 -24.50 -28.92
H4 DPV VA . 10.78 -21.97 -25.33
H4A DPV VA . 9.43 -20.95 -24.75
H5 DPV VA . 9.87 -21.73 -27.71
H5A DPV VA . 8.67 -20.57 -27.10
H6 DPV VA . 9.42 -18.35 -26.22
H6A DPV VA . 11.12 -17.83 -26.44
H6B DPV VA . 10.72 -19.01 -25.16
H7 DPV VA . 10.55 -20.06 -29.30
H7A DPV VA . 11.23 -18.49 -28.79
H7B DPV VA . 9.48 -18.80 -28.63
H8 DPV VA . 12.30 -21.13 -27.81
H8A DPV VA . 12.37 -20.66 -26.09
H8B DPV VA . 12.83 -19.47 -27.36
H15 DPV VA . 14.24 -24.23 -28.71
H15A DPV VA . 14.06 -25.75 -27.84
H16 DPV VA . 14.32 -22.91 -26.68
H16A DPV VA . 13.81 -24.26 -25.68
H17 DPV VA . 15.94 -25.44 -26.00
H17A DPV VA . 16.43 -24.32 -27.27
H18 DPV VA . 17.67 -23.72 -25.27
H18A DPV VA . 16.51 -22.44 -25.59
H19 DPV VA . 14.97 -23.52 -23.82
H19A DPV VA . 16.26 -24.67 -23.47
H20 DPV VA . 17.77 -22.81 -22.75
H20A DPV VA . 16.58 -21.61 -23.26
H21 DPV VA . 16.24 -21.69 -20.94
H21A DPV VA . 14.94 -22.72 -21.54
H22 DPV VA . 16.39 -24.76 -21.03
H22A DPV VA . 17.63 -23.69 -20.38
H23 DPV VA . 14.76 -23.93 -19.29
H23A DPV VA . 16.02 -22.86 -18.63
H23B DPV VA . 16.22 -24.62 -18.54
N DPV WA . 26.85 -24.86 -14.69
P DPV WA . 25.77 -28.78 -12.14
C1 DPV WA . 24.50 -27.10 -10.59
C2 DPV WA . 23.19 -26.29 -10.62
C3 DPV WA . 22.06 -26.98 -9.81
C4 DPV WA . 27.13 -27.37 -13.87
C5 DPV WA . 26.82 -26.39 -15.05
C6 DPV WA . 28.28 -24.39 -14.45
C7 DPV WA . 25.96 -24.49 -13.47
C8 DPV WA . 26.29 -24.12 -15.90
C15 DPV WA . 20.64 -26.47 -10.18
C16 DPV WA . 20.13 -27.11 -11.50
C17 DPV WA . 18.76 -26.55 -11.94
C18 DPV WA . 18.32 -27.20 -13.27
C19 DPV WA . 16.89 -26.77 -13.68
O1P DPV WA . 25.58 -30.05 -12.86
C20 DPV WA . 16.44 -27.51 -14.97
C21 DPV WA . 15.05 -27.04 -15.44
C22 DPV WA . 14.61 -27.80 -16.72
C23 DPV WA . 13.31 -27.21 -17.29
O2P DPV WA . 26.84 -28.86 -11.12
O3P DPV WA . 24.41 -28.16 -11.57
O4P DPV WA . 25.92 -27.53 -13.11
H1 DPV WA . 25.33 -26.45 -10.85
H1A DPV WA . 24.67 -27.53 -9.60
H2 DPV WA . 23.38 -25.30 -10.21
H2A DPV WA . 22.89 -26.16 -11.67
H3 DPV WA . 22.24 -26.81 -8.74
H3A DPV WA . 22.10 -28.06 -9.95
H4 DPV WA . 27.43 -28.35 -14.27
H4A DPV WA . 27.92 -26.98 -13.23
H5 DPV WA . 27.54 -26.54 -15.85
H5A DPV WA . 25.83 -26.61 -15.44
H6 DPV WA . 28.88 -24.62 -15.33
H6A DPV WA . 28.69 -24.89 -13.57
H6B DPV WA . 28.27 -23.31 -14.28
H7 DPV WA . 26.36 -24.98 -12.58
H7A DPV WA . 24.94 -24.85 -13.66
H7B DPV WA . 25.96 -23.40 -13.35
H8 DPV WA . 25.26 -24.44 -16.07
H8A DPV WA . 26.90 -24.37 -16.78
H8B DPV WA . 26.33 -23.05 -15.71
H15 DPV WA . 20.65 -25.38 -10.27
H15A DPV WA . 19.96 -26.71 -9.37
H16 DPV WA . 20.85 -26.95 -12.29
H16A DPV WA . 20.04 -28.20 -11.35
H17 DPV WA . 18.02 -26.73 -11.15
H17A DPV WA . 18.83 -25.46 -12.07
H18 DPV WA . 19.02 -26.93 -14.06
H18A DPV WA . 18.34 -28.30 -13.16
H19 DPV WA . 16.18 -27.00 -12.88
H19A DPV WA . 16.86 -25.69 -13.85
H20 DPV WA . 17.18 -27.32 -15.76
H20A DPV WA . 16.42 -28.59 -14.79
H21 DPV WA . 14.31 -27.20 -14.65
H21A DPV WA . 15.09 -25.97 -15.66
H22 DPV WA . 15.39 -27.74 -17.48
H22A DPV WA . 14.46 -28.86 -16.48
H23 DPV WA . 12.51 -27.25 -16.55
H23A DPV WA . 12.99 -27.81 -18.16
H23B DPV WA . 13.46 -26.18 -17.62
N DPV XA . 12.17 -26.82 -21.47
P DPV XA . 7.81 -25.02 -19.13
C1 DPV XA . 8.16 -24.23 -16.66
C2 DPV XA . 8.60 -22.97 -15.89
C3 DPV XA . 8.31 -23.06 -14.35
C4 DPV XA . 9.87 -25.98 -20.46
C5 DPV XA . 11.42 -26.05 -20.34
C6 DPV XA . 11.96 -26.16 -22.86
C7 DPV XA . 11.77 -28.31 -21.52
C8 DPV XA . 13.68 -26.74 -21.16
C15 DPV XA . 8.28 -21.66 -13.67
C16 DPV XA . 7.01 -20.84 -14.02
C17 DPV XA . 7.08 -19.37 -13.50
C18 DPV XA . 6.19 -18.39 -14.32
C19 DPV XA . 4.66 -18.58 -14.07
O1P DPV XA . 7.24 -24.45 -20.37
C20 DPV XA . 3.83 -17.82 -15.14
C21 DPV XA . 2.29 -17.99 -14.95
C22 DPV XA . 1.73 -17.10 -13.81
C23 DPV XA . 0.19 -17.09 -13.76
O2P DPV XA . 6.97 -26.10 -18.58
O3P DPV XA . 8.22 -23.90 -18.07
O4P DPV XA . 9.37 -25.39 -19.25
H1 DPV XA . 8.83 -25.07 -16.44
H1A DPV XA . 7.14 -24.51 -16.39
H2 DPV XA . 9.67 -22.80 -16.04
H2A DPV XA . 8.08 -22.12 -16.32
H3 DPV XA . 9.10 -23.67 -13.89
H3A DPV XA . 7.37 -23.58 -14.17
H4 DPV XA . 9.57 -25.36 -21.32
H4A DPV XA . 9.45 -26.99 -20.56
H5 DPV XA . 11.82 -25.03 -20.32
H5A DPV XA . 11.68 -26.53 -19.40
H6 DPV XA . 12.53 -26.72 -23.60
H6A DPV XA . 12.31 -25.13 -22.81
H6B DPV XA . 10.89 -26.18 -23.10
H7 DPV XA . 11.93 -28.76 -20.53
H7A DPV XA . 12.39 -28.83 -22.26
H7B DPV XA . 10.72 -28.39 -21.81
H8 DPV XA . 13.87 -27.21 -20.20
H8A DPV XA . 13.98 -25.68 -21.12
H8B DPV XA . 14.23 -27.26 -21.95
H15 DPV XA . 9.17 -21.10 -13.96
H15A DPV XA . 8.33 -21.80 -12.58
H16 DPV XA . 6.87 -20.82 -15.10
H16A DPV XA . 6.13 -21.33 -13.59
H17 DPV XA . 6.81 -19.34 -12.44
H17A DPV XA . 8.11 -19.02 -13.56
H18 DPV XA . 6.46 -17.37 -14.05
H18A DPV XA . 6.40 -18.52 -15.37
H19 DPV XA . 4.40 -19.64 -14.10
H19A DPV XA . 4.41 -18.21 -13.07
H20 DPV XA . 4.09 -16.76 -15.13
H20A DPV XA . 4.10 -18.20 -16.13
H21 DPV XA . 1.80 -17.73 -15.89
H21A DPV XA . 2.07 -19.04 -14.75
H22 DPV XA . 2.11 -17.45 -12.84
H22A DPV XA . 2.08 -16.08 -13.95
H23 DPV XA . -0.22 -16.64 -14.68
H23A DPV XA . -0.15 -16.50 -12.91
H23B DPV XA . -0.20 -18.10 -13.66
N DPV YA . 25.19 -17.92 -19.34
P DPV YA . 23.88 -22.40 -19.56
C1 DPV YA . 21.66 -21.50 -20.64
C2 DPV YA . 20.14 -21.39 -20.36
C3 DPV YA . 19.75 -20.10 -19.57
C4 DPV YA . 25.73 -20.54 -19.49
C5 DPV YA . 26.03 -19.08 -19.98
C6 DPV YA . 25.26 -17.92 -17.79
C7 DPV YA . 23.72 -17.95 -19.80
C8 DPV YA . 25.79 -16.59 -19.83
C15 DPV YA . 18.21 -19.95 -19.50
C16 DPV YA . 17.77 -18.76 -18.61
C17 DPV YA . 16.22 -18.69 -18.54
C18 DPV YA . 15.74 -17.54 -17.61
C19 DPV YA . 14.19 -17.46 -17.52
O1P DPV YA . 24.16 -23.20 -20.79
C20 DPV YA . 13.73 -16.37 -16.52
C21 DPV YA . 12.19 -16.27 -16.41
C22 DPV YA . 11.77 -15.11 -15.46
C23 DPV YA . 10.25 -14.95 -15.38
O2P DPV YA . 24.38 -23.07 -18.34
O3P DPV YA . 22.35 -21.94 -19.44
O4P DPV YA . 24.34 -20.88 -19.69
H1 DPV YA . 21.82 -22.23 -21.43
H1A DPV YA . 22.06 -20.53 -20.96
H2 DPV YA . 19.62 -21.38 -21.32
H2A DPV YA . 19.81 -22.27 -19.82
H3 DPV YA . 20.19 -19.22 -20.06
H3A DPV YA . 20.17 -20.16 -18.56
H4 DPV YA . 26.34 -21.25 -20.05
H4A DPV YA . 25.96 -20.64 -18.42
H5 DPV YA . 27.08 -18.85 -19.79
H5A DPV YA . 25.86 -19.02 -21.07
H6 DPV YA . 24.74 -17.03 -17.42
H6A DPV YA . 26.31 -17.90 -17.49
H6B DPV YA . 24.78 -18.83 -17.43
H7 DPV YA . 23.69 -17.97 -20.89
H7A DPV YA . 23.22 -17.05 -19.43
H7B DPV YA . 23.24 -18.83 -19.38
H8 DPV YA . 26.84 -16.54 -19.51
H8A DPV YA . 25.22 -15.76 -19.39
H8B DPV YA . 25.73 -16.56 -20.91
H15 DPV YA . 17.77 -20.87 -19.11
H15A DPV YA . 17.82 -19.82 -20.51
H16 DPV YA . 18.18 -18.88 -17.61
H16A DPV YA . 18.15 -17.83 -19.03
H17 DPV YA . 15.80 -18.54 -19.54
H17A DPV YA . 15.82 -19.64 -18.15
H18 DPV YA . 16.15 -17.69 -16.60
H18A DPV YA . 16.13 -16.59 -17.98
H19 DPV YA . 13.78 -17.24 -18.50
H19A DPV YA . 13.80 -18.43 -17.20
H20 DPV YA . 14.14 -16.60 -15.53
H20A DPV YA . 14.14 -15.41 -16.83
H21 DPV YA . 11.77 -16.08 -17.41
H21A DPV YA . 11.78 -17.21 -16.05
H22 DPV YA . 12.17 -15.31 -14.46
H22A DPV YA . 12.21 -14.17 -15.80
H23 DPV YA . 9.85 -14.59 -16.32
H23A DPV YA . 9.99 -14.23 -14.61
H23B DPV YA . 9.76 -15.90 -15.14
N DPV ZA . 11.95 0.29 11.36
P DPV ZA . 12.86 -4.73 12.24
C1 DPV ZA . 10.81 -6.18 11.54
C2 DPV ZA . 9.27 -6.14 11.57
C3 DPV ZA . 8.61 -6.95 10.40
C4 DPV ZA . 11.96 -2.29 11.89
C5 DPV ZA . 12.41 -0.85 12.32
C6 DPV ZA . 12.50 0.11 9.93
C7 DPV ZA . 12.51 1.62 11.91
C8 DPV ZA . 10.41 0.41 11.31
C15 DPV ZA . 8.64 -6.19 9.04
C16 DPV ZA . 7.83 -6.93 7.94
C17 DPV ZA . 8.04 -6.27 6.55
C18 DPV ZA . 7.31 -7.04 5.42
C19 DPV ZA . 7.59 -6.40 4.05
O1P DPV ZA . 13.39 -4.76 10.85
C20 DPV ZA . 7.00 -7.21 2.86
C21 DPV ZA . 7.45 -6.64 1.47
C22 DPV ZA . 6.70 -5.35 1.04
C23 DPV ZA . 7.47 -4.57 -0.03
O2P DPV ZA . 13.70 -5.53 13.15
O3P DPV ZA . 11.31 -5.08 12.33
O4P DPV ZA . 12.58 -3.25 12.77
H1 DPV ZA . 11.18 -7.13 11.95
H1A DPV ZA . 11.18 -6.07 10.51
H2 DPV ZA . 8.93 -6.55 12.52
H2A DPV ZA . 8.93 -5.10 11.53
H3 DPV ZA . 7.57 -7.15 10.68
H3A DPV ZA . 9.10 -7.92 10.30
H4 DPV ZA . 10.88 -2.40 11.95
H4A DPV ZA . 12.31 -2.48 10.87
H5 DPV ZA . 11.99 -0.62 13.31
H5A DPV ZA . 13.49 -0.81 12.38
H6 DPV ZA . 12.03 -0.77 9.48
H6A DPV ZA . 13.59 -0.05 10.00
H6B DPV ZA . 12.29 0.99 9.34
H7 DPV ZA . 12.18 2.44 11.26
H7A DPV ZA . 13.61 1.56 11.91
H7B DPV ZA . 12.14 1.77 12.92
H8 DPV ZA . 10.14 1.27 10.69
H8A DPV ZA . 10.04 0.56 12.33
H8B DPV ZA . 10.00 -0.50 10.88
H15 DPV ZA . 9.68 -6.09 8.72
H15A DPV ZA . 8.24 -5.18 9.17
H16 DPV ZA . 8.13 -7.97 7.90
H16A DPV ZA . 6.77 -6.91 8.20
H17 DPV ZA . 7.68 -5.24 6.59
H17A DPV ZA . 9.11 -6.24 6.33
H18 DPV ZA . 7.64 -8.09 5.41
H18A DPV ZA . 6.23 -7.05 5.61
H19 DPV ZA . 7.17 -5.40 4.04
H19A DPV ZA . 8.66 -6.29 3.91
H20 DPV ZA . 7.35 -8.25 2.93
H20A DPV ZA . 5.91 -7.23 2.92
H21 DPV ZA . 8.53 -6.46 1.50
H21A DPV ZA . 7.28 -7.41 0.71
H22 DPV ZA . 5.72 -5.62 0.66
H22A DPV ZA . 6.54 -4.69 1.90
H23 DPV ZA . 7.75 -5.22 -0.86
H23A DPV ZA . 8.38 -4.13 0.38
H23B DPV ZA . 6.86 -3.75 -0.43
N DPV AB . 16.09 4.10 5.29
P DPV AB . 14.36 1.38 2.38
C1 DPV AB . 14.92 -0.79 1.00
C2 DPV AB . 13.53 -1.47 0.77
C3 DPV AB . 13.66 -2.86 0.09
C4 DPV AB . 14.14 2.33 4.84
C5 DPV AB . 14.70 3.79 4.62
C6 DPV AB . 16.03 3.98 6.83
C7 DPV AB . 16.47 5.56 4.96
C8 DPV AB . 17.20 3.20 4.74
C15 DPV AB . 12.28 -3.51 -0.18
C16 DPV AB . 12.42 -4.97 -0.69
C17 DPV AB . 11.03 -5.63 -0.96
C18 DPV AB . 11.19 -7.13 -1.36
C19 DPV AB . 9.80 -7.81 -1.61
O1P DPV AB . 12.90 1.45 2.18
C20 DPV AB . 9.92 -9.34 -1.83
C21 DPV AB . 8.52 -10.02 -1.98
C22 DPV AB . 8.56 -11.58 -2.05
C23 DPV AB . 8.80 -12.12 -3.48
O2P DPV AB . 15.09 2.36 1.56
O3P DPV AB . 14.96 -0.11 2.28
O4P DPV AB . 14.79 1.39 3.93
H1 DPV AB . 15.70 -1.55 0.99
H1A DPV AB . 15.12 -0.07 0.20
H2 DPV AB . 13.03 -1.58 1.74
H2A DPV AB . 12.91 -0.80 0.16
H3 DPV AB . 14.25 -3.52 0.74
H3A DPV AB . 14.20 -2.75 -0.84
H4 DPV AB . 14.31 2.01 5.85
H4A DPV AB . 13.07 2.32 4.63
H5 DPV AB . 14.80 4.00 3.56
H5A DPV AB . 13.99 4.51 5.05
H6 DPV AB . 15.24 4.63 7.20
H6A DPV AB . 17.00 4.28 7.24
H6B DPV AB . 15.82 2.94 7.09
H7 DPV AB . 17.42 5.80 5.44
H7A DPV AB . 15.69 6.22 5.34
H7B DPV AB . 16.56 5.67 3.88
H8 DPV AB . 16.98 2.16 5.00
H8A DPV AB . 18.15 3.50 5.18
H8B DPV AB . 17.24 3.32 3.66
H15 DPV AB . 11.73 -2.92 -0.91
H15A DPV AB . 11.69 -3.51 0.75
H16 DPV AB . 13.00 -4.98 -1.62
H16A DPV AB . 12.96 -5.56 0.05
H17 DPV AB . 10.42 -5.56 -0.07
H17A DPV AB . 10.52 -5.09 -1.76
H18 DPV AB . 11.79 -7.22 -2.26
H18A DPV AB . 11.70 -7.67 -0.56
H19 DPV AB . 9.15 -7.62 -0.74
H19A DPV AB . 9.32 -7.34 -2.48
H20 DPV AB . 10.51 -9.54 -2.73
H20A DPV AB . 10.44 -9.79 -0.98
H21 DPV AB . 7.90 -9.73 -1.11
H21A DPV AB . 8.00 -9.61 -2.86
H22 DPV AB . 9.34 -11.96 -1.38
H22A DPV AB . 7.61 -11.97 -1.69
H23 DPV AB . 9.80 -11.85 -3.83
H23A DPV AB . 8.07 -11.71 -4.17
H23B DPV AB . 8.71 -13.20 -3.49
N DPV BB . -5.96 1.85 -0.58
P DPV BB . -7.03 -3.00 -2.24
C1 DPV BB . -9.50 -3.54 -1.54
C2 DPV BB . -10.33 -3.89 -0.28
C3 DPV BB . -10.03 -5.33 0.24
C4 DPV BB . -6.80 -0.56 -1.29
C5 DPV BB . -5.91 0.30 -0.33
C6 DPV BB . -5.41 2.22 -1.97
C7 DPV BB . -5.10 2.53 0.48
C8 DPV BB . -7.40 2.41 -0.44
C15 DPV BB . -10.74 -5.62 1.59
C16 DPV BB . -10.39 -7.03 2.17
C17 DPV BB . -9.05 -7.06 2.96
C18 DPV BB . -8.68 -8.51 3.38
C19 DPV BB . -7.51 -8.61 4.40
O1P DPV BB . -7.58 -2.39 -3.47
C20 DPV BB . -6.12 -8.23 3.78
C21 DPV BB . -4.95 -8.66 4.73
C22 DPV BB . -3.58 -8.13 4.22
C23 DPV BB . -2.41 -8.57 5.13
O2P DPV BB . -6.17 -4.16 -2.54
O3P DPV BB . -8.13 -3.31 -1.11
O4P DPV BB . -6.35 -1.93 -1.25
H1 DPV BB . -9.53 -4.35 -2.26
H1A DPV BB . -9.89 -2.63 -1.98
H2 DPV BB . -10.12 -3.17 0.51
H2A DPV BB . -11.40 -3.82 -0.53
H3 DPV BB . -8.96 -5.46 0.37
H3A DPV BB . -10.36 -6.06 -0.51
H4 DPV BB . -7.84 -0.52 -0.98
H4A DPV BB . -6.70 -0.19 -2.31
H5 DPV BB . -6.23 0.12 0.70
H5A DPV BB . -4.87 -0.01 -0.43
H6 DPV BB . -6.07 1.81 -2.74
H6A DPV BB . -4.40 1.80 -2.08
H6B DPV BB . -5.37 3.31 -2.07
H7 DPV BB . -5.12 3.61 0.33
H7A DPV BB . -4.06 2.17 0.38
H7B DPV BB . -5.48 2.28 1.47
H8 DPV BB . -7.78 2.14 0.56
H8A DPV BB . -8.03 1.96 -1.21
H8B DPV BB . -7.37 3.49 -0.55
H15 DPV BB . -11.82 -5.57 1.44
H15A DPV BB . -10.48 -4.84 2.32
H16 DPV BB . -11.20 -7.33 2.84
H16A DPV BB . -10.36 -7.76 1.36
H17 DPV BB . -8.25 -6.65 2.34
H17A DPV BB . -9.14 -6.43 3.85
H18 DPV BB . -9.56 -8.98 3.84
H18A DPV BB . -8.45 -9.10 2.49
H19 DPV BB . -7.71 -7.96 5.26
H19A DPV BB . -7.46 -9.63 4.77
H20 DPV BB . -6.00 -8.73 2.82
H20A DPV BB . -6.08 -7.16 3.61
H21 DPV BB . -5.13 -8.29 5.73
H21A DPV BB . -4.92 -9.76 4.78
H22 DPV BB . -3.40 -8.47 3.20
H22A DPV BB . -3.62 -7.04 4.19
H23 DPV BB . -1.48 -8.15 4.76
H23A DPV BB . -2.33 -9.66 5.14
H23B DPV BB . -2.57 -8.22 6.15
N DPV CB . -9.42 -17.30 7.17
P DPV CB . -5.35 -18.19 10.27
C1 DPV CB . -2.74 -18.09 10.08
C2 DPV CB . -1.59 -17.14 9.67
C3 DPV CB . -1.57 -16.87 8.14
C4 DPV CB . -7.58 -17.57 9.06
C5 DPV CB . -7.97 -16.97 7.67
C6 DPV CB . -9.65 -18.83 7.02
C7 DPV CB . -9.58 -16.68 5.78
C8 DPV CB . -10.50 -16.71 8.09
C15 DPV CB . -0.30 -16.08 7.71
C16 DPV CB . -0.28 -15.86 6.18
C17 DPV CB . 0.99 -15.09 5.71
C18 DPV CB . 1.03 -14.97 4.17
C19 DPV CB . 2.31 -14.24 3.68
O1P DPV CB . -5.55 -17.92 11.70
C20 DPV CB . 2.46 -14.34 2.14
C21 DPV CB . 3.68 -13.51 1.64
C22 DPV CB . 3.86 -13.65 0.10
C23 DPV CB . 5.05 -12.81 -0.42
O2P DPV CB . -5.48 -19.63 9.95
O3P DPV CB . -4.02 -17.53 9.68
O4P DPV CB . -6.19 -17.24 9.31
H1 DPV CB . -2.62 -19.06 9.59
H1A DPV CB . -2.74 -18.22 11.16
H2 DPV CB . -1.69 -16.19 10.21
H2A DPV CB . -0.65 -17.58 9.98
H3 DPV CB . -2.45 -16.29 7.86
H3A DPV CB . -1.61 -17.82 7.60
H4 DPV CB . -8.20 -17.15 9.86
H4A DPV CB . -7.69 -18.65 9.04
H5 DPV CB . -7.88 -15.88 7.70
H5A DPV CB . -7.27 -17.34 6.91
H6 DPV CB . -9.59 -19.29 8.02
H6A DPV CB . -8.87 -19.25 6.38
H6B DPV CB . -10.63 -18.99 6.59
H7 DPV CB . -9.46 -15.59 5.87
H7A DPV CB . -10.58 -16.91 5.40
H7B DPV CB . -8.82 -17.08 5.11
H8 DPV CB . -11.47 -16.92 7.67
H8A DPV CB . -10.34 -15.63 8.16
H8B DPV CB . -10.41 -17.18 9.07
H15 DPV CB . 0.59 -16.64 8.01
H15A DPV CB . -0.28 -15.12 8.22
H16 DPV CB . -0.32 -16.84 5.68
H16A DPV CB . -1.17 -15.31 5.88
H17 DPV CB . 0.98 -14.09 6.16
H17A DPV CB . 1.88 -15.62 6.06
H18 DPV CB . 0.99 -15.97 3.74
H18A DPV CB . 0.14 -14.43 3.82
H19 DPV CB . 2.25 -13.20 3.98
H19A DPV CB . 3.19 -14.69 4.16
H20 DPV CB . 2.58 -15.38 1.86
H20A DPV CB . 1.55 -13.97 1.66
H21 DPV CB . 3.53 -12.46 1.89
H21A DPV CB . 4.59 -13.87 2.14
H22 DPV CB . 4.01 -14.70 -0.17
H22A DPV CB . 2.94 -13.32 -0.41
H23 DPV CB . 5.14 -12.92 -1.50
H23A DPV CB . 5.98 -13.15 0.04
H23B DPV CB . 4.91 -11.76 -0.19
N DPV DB . -1.42 -32.22 7.12
P DPV DB . 1.84 -29.47 9.55
C1 DPV DB . 1.31 -28.56 11.99
C2 DPV DB . 2.09 -27.24 12.16
C3 DPV DB . 1.17 -26.10 12.69
C4 DPV DB . -0.48 -30.16 8.49
C5 DPV DB . -0.26 -31.63 8.00
C6 DPV DB . -1.63 -31.40 5.84
C7 DPV DB . -2.74 -32.32 7.90
C8 DPV DB . -1.01 -33.63 6.71
C15 DPV DB . 1.85 -24.71 12.60
C16 DPV DB . 0.80 -23.58 12.69
C17 DPV DB . 1.40 -22.17 12.38
C18 DPV DB . 0.30 -21.09 12.08
C19 DPV DB . -0.34 -21.19 10.65
O1P DPV DB . 2.69 -30.43 8.84
C20 DPV DB . 0.57 -20.55 9.55
C21 DPV DB . -0.07 -20.65 8.13
C22 DPV DB . 0.84 -19.99 7.06
C23 DPV DB . 0.17 -20.00 5.66
O2P DPV DB . 1.96 -28.11 8.98
O3P DPV DB . 2.04 -29.51 11.15
O4P DPV DB . 0.32 -29.96 9.69
H1 DPV DB . 1.14 -29.02 12.97
H1A DPV DB . 0.33 -28.37 11.53
H2 DPV DB . 2.92 -27.40 12.86
H2A DPV DB . 2.53 -26.95 11.21
H3 DPV DB . 0.90 -26.31 13.73
H3A DPV DB . 0.25 -26.10 12.11
H4 DPV DB . -0.18 -29.44 7.73
H4A DPV DB . -1.52 -30.00 8.76
H5 DPV DB . 0.66 -31.68 7.41
H5A DPV DB . -0.16 -32.29 8.86
H6 DPV DB . -0.70 -31.34 5.30
H6A DPV DB . -1.98 -30.40 6.12
H6B DPV DB . -2.40 -31.90 5.23
H7 DPV DB . -2.58 -32.89 8.82
H7A DPV DB . -3.48 -32.83 7.27
H7B DPV DB . -3.09 -31.31 8.14
H8 DPV DB . -0.08 -33.59 6.14
H8A DPV DB . -1.80 -34.07 6.10
H8B DPV DB . -0.86 -34.23 7.62
H15 DPV DB . 2.38 -24.62 11.64
H15A DPV DB . 2.58 -24.60 13.40
H16 DPV DB . -0.02 -23.78 12.00
H16A DPV DB . 0.35 -23.56 13.70
H17 DPV DB . 1.99 -21.83 13.24
H17A DPV DB . 2.08 -22.23 11.53
H18 DPV DB . -0.50 -21.18 12.82
H18A DPV DB . 0.73 -20.10 12.22
H19 DPV DB . -0.54 -22.24 10.39
H19A DPV DB . -1.30 -20.68 10.65
H20 DPV DB . 0.75 -19.50 9.80
H20A DPV DB . 1.53 -21.06 9.53
H21 DPV DB . -0.22 -21.70 7.88
H21A DPV DB . -1.04 -20.16 8.14
H22 DPV DB . 1.06 -18.96 7.34
H22A DPV DB . 1.79 -20.53 7.00
H23 DPV DB . 0.84 -19.54 4.93
H23A DPV DB . -0.76 -19.44 5.68
H23B DPV DB . -0.03 -21.02 5.34
N DPV EB . -8.41 -22.52 3.89
P DPV EB . -9.05 -18.50 2.44
C1 DPV EB . -10.92 -16.94 1.52
C2 DPV EB . -11.86 -15.85 2.12
C3 DPV EB . -12.10 -14.64 1.16
C4 DPV EB . -10.23 -20.60 3.60
C5 DPV EB . -9.47 -21.83 2.97
C6 DPV EB . -7.26 -21.57 4.27
C7 DPV EB . -7.80 -23.70 3.11
C8 DPV EB . -9.06 -23.11 5.17
C15 DPV EB . -13.30 -14.83 0.16
C16 DPV EB . -13.00 -15.71 -1.10
C17 DPV EB . -12.11 -15.01 -2.18
C18 DPV EB . -10.66 -15.54 -2.16
C19 DPV EB . -9.81 -15.00 -3.35
O1P DPV EB . -7.91 -17.61 2.66
C20 DPV EB . -8.38 -15.60 -3.33
C21 DPV EB . -7.61 -15.35 -4.65
C22 DPV EB . -6.18 -15.92 -4.56
C23 DPV EB . -5.34 -15.55 -5.80
O2P DPV EB . -8.94 -19.24 1.17
O3P DPV EB . -10.45 -17.76 2.61
O4P DPV EB . -9.37 -19.43 3.71
H1 DPV EB . -11.44 -17.55 0.80
H1A DPV EB . -10.06 -16.45 1.06
H2 DPV EB . -12.82 -16.31 2.38
H2A DPV EB . -11.42 -15.47 3.04
H3 DPV EB . -11.18 -14.40 0.61
H3A DPV EB . -12.32 -13.77 1.78
H4 DPV EB . -11.08 -20.34 2.97
H4A DPV EB . -10.60 -20.85 4.59
H5 DPV EB . -10.20 -22.60 2.70
H5A DPV EB . -8.96 -21.53 2.05
H6 DPV EB . -6.51 -22.13 4.84
H6A DPV EB . -7.66 -20.76 4.89
H6B DPV EB . -6.82 -21.17 3.36
H7 DPV EB . -7.30 -23.29 2.21
H7A DPV EB . -8.60 -24.39 2.82
H7B DPV EB . -7.07 -24.20 3.74
H8 DPV EB . -9.89 -23.75 4.87
H8A DPV EB . -9.42 -22.28 5.79
H8B DPV EB . -8.31 -23.69 5.70
H15 DPV EB . -13.63 -13.84 -0.17
H15A DPV EB . -14.14 -15.26 0.71
H16 DPV EB . -12.58 -16.67 -0.81
H16A DPV EB . -13.97 -15.94 -1.56
H17 DPV EB . -12.55 -15.21 -3.16
H17A DPV EB . -12.11 -13.93 -2.04
H18 DPV EB . -10.17 -15.27 -1.23
H18A DPV EB . -10.66 -16.64 -2.21
H19 DPV EB . -10.31 -15.26 -4.29
H19A DPV EB . -9.75 -13.91 -3.30
H20 DPV EB . -7.83 -15.17 -2.49
H20A DPV EB . -8.45 -16.67 -3.15
H21 DPV EB . -8.14 -15.82 -5.48
H21A DPV EB . -7.57 -14.28 -4.85
H22 DPV EB . -5.67 -15.52 -3.67
H22A DPV EB . -6.22 -17.01 -4.45
H23 DPV EB . -5.35 -14.47 -5.98
H23A DPV EB . -5.75 -16.06 -6.68
H23B DPV EB . -4.31 -15.88 -5.67
N DPV FB . -11.56 -17.76 -6.69
P DPV FB . -8.19 -20.26 -3.49
C1 DPV FB . -9.53 -21.47 -1.59
C2 DPV FB . -9.77 -22.99 -1.46
C3 DPV FB . -8.52 -23.85 -1.79
C4 DPV FB . -9.88 -18.81 -4.92
C5 DPV FB . -10.83 -19.03 -6.14
C6 DPV FB . -12.49 -17.13 -5.63
C7 DPV FB . -12.45 -18.20 -7.86
C8 DPV FB . -10.57 -16.69 -7.21
C15 DPV FB . -7.51 -23.94 -0.61
C16 DPV FB . -6.22 -24.71 -0.99
C17 DPV FB . -5.27 -24.86 0.23
C18 DPV FB . -3.90 -25.49 -0.18
C19 DPV FB . -2.94 -25.65 1.03
O1P DPV FB . -6.97 -21.07 -3.70
C20 DPV FB . -1.48 -25.96 0.56
C21 DPV FB . -0.54 -26.24 1.77
C22 DPV FB . 0.90 -26.58 1.29
C23 DPV FB . 1.84 -26.90 2.47
O2P DPV FB . -7.93 -19.07 -2.66
O3P DPV FB . -9.44 -21.13 -3.00
O4P DPV FB . -8.98 -19.93 -4.85
H1 DPV FB . -10.36 -20.91 -1.16
H1A DPV FB . -8.60 -21.18 -1.09
H2 DPV FB . -10.12 -23.21 -0.45
H2A DPV FB . -10.58 -23.27 -2.14
H3 DPV FB . -8.01 -23.45 -2.68
H3A DPV FB . -8.85 -24.86 -2.05
H4 DPV FB . -9.29 -17.91 -5.04
H4A DPV FB . -10.46 -18.75 -3.99
H5 DPV FB . -10.25 -19.44 -6.97
H5A DPV FB . -11.60 -19.76 -5.87
H6 DPV FB . -11.89 -16.83 -4.76
H6A DPV FB . -13.24 -17.86 -5.34
H6B DPV FB . -12.97 -16.24 -6.06
H7 DPV FB . -11.81 -18.62 -8.65
H7A DPV FB . -12.98 -17.33 -8.25
H7B DPV FB . -13.16 -18.96 -7.51
H8 DPV FB . -11.15 -15.88 -7.67
H8A DPV FB . -9.92 -17.15 -7.95
H8B DPV FB . -10.00 -16.31 -6.38
H15 DPV FB . -7.99 -24.45 0.23
H15A DPV FB . -7.24 -22.94 -0.27
H16 DPV FB . -6.48 -25.70 -1.37
H16A DPV FB . -5.70 -24.17 -1.79
H17 DPV FB . -5.08 -23.88 0.68
H17A DPV FB . -5.74 -25.49 0.99
H18 DPV FB . -4.07 -26.47 -0.65
H18A DPV FB . -3.43 -24.85 -0.94
H19 DPV FB . -2.94 -24.75 1.63
H19A DPV FB . -3.31 -26.47 1.67
H20 DPV FB . -1.48 -26.82 -0.11
H20A DPV FB . -1.10 -25.10 0.00
H21 DPV FB . -0.51 -25.37 2.42
H21A DPV FB . -0.93 -27.08 2.36
H22 DPV FB . 0.87 -27.44 0.62
H22A DPV FB . 1.31 -25.74 0.72
H23 DPV FB . 1.49 -27.77 3.04
H23A DPV FB . 1.90 -26.05 3.16
H23B DPV FB . 2.85 -27.11 2.11
N DPV GB . -6.53 -6.88 -13.16
P DPV GB . -5.96 -7.49 -9.11
C1 DPV GB . -4.80 -7.05 -6.80
C2 DPV GB . -3.46 -6.55 -6.20
C3 DPV GB . -2.28 -7.53 -6.48
C4 DPV GB . -5.45 -5.70 -11.00
C5 DPV GB . -6.25 -5.55 -12.35
C6 DPV GB . -5.24 -7.68 -13.43
C7 DPV GB . -7.12 -6.48 -14.52
C8 DPV GB . -7.56 -7.78 -12.45
C15 DPV GB . -1.08 -7.25 -5.54
C16 DPV GB . 0.13 -8.19 -5.83
C17 DPV GB . 1.27 -7.98 -4.78
C18 DPV GB . 2.57 -8.78 -5.11
C19 DPV GB . 2.55 -10.27 -4.63
O1P DPV GB . -7.12 -8.01 -8.36
C20 DPV GB . 3.97 -10.90 -4.74
C21 DPV GB . 3.95 -12.45 -4.67
C22 DPV GB . 5.40 -13.02 -4.74
C23 DPV GB . 5.44 -14.54 -5.02
O2P DPV GB . -5.32 -8.54 -9.92
O3P DPV GB . -4.92 -6.67 -8.19
O4P DPV GB . -6.33 -6.17 -9.94
H1 DPV GB . -4.87 -8.15 -6.71
H1A DPV GB . -5.65 -6.60 -6.25
H2 DPV GB . -3.23 -5.56 -6.59
H2A DPV GB . -3.60 -6.44 -5.12
H3 DPV GB . -1.98 -7.44 -7.53
H3A DPV GB . -2.62 -8.56 -6.32
H4 DPV GB . -4.62 -6.39 -11.13
H4A DPV GB . -5.06 -4.72 -10.71
H5 DPV GB . -7.21 -5.08 -12.16
H5A DPV GB . -5.68 -4.90 -13.02
H6 DPV GB . -4.87 -8.07 -12.48
H6A DPV GB . -4.49 -7.00 -13.87
H6B DPV GB . -5.45 -8.49 -14.12
H7 DPV GB . -8.06 -5.95 -14.34
H7A DPV GB . -7.30 -7.38 -15.11
H7B DPV GB . -6.42 -5.81 -15.03
H8 DPV GB . -7.13 -8.13 -11.50
H8A DPV GB . -7.80 -8.63 -13.09
H8B DPV GB . -8.46 -7.18 -12.24
H15 DPV GB . -1.40 -7.38 -4.49
H15A DPV GB . -0.76 -6.21 -5.65
H16 DPV GB . -0.20 -9.23 -5.79
H16A DPV GB . 0.51 -8.00 -6.83
H17 DPV GB . 1.52 -6.92 -4.75
H17A DPV GB . 0.91 -8.26 -3.79
H18 DPV GB . 2.78 -8.73 -6.18
H18A DPV GB . 3.41 -8.27 -4.61
H19 DPV GB . 2.19 -10.33 -3.60
H19A DPV GB . 1.84 -10.83 -5.25
H20 DPV GB . 4.43 -10.61 -5.68
H20A DPV GB . 4.59 -10.51 -3.92
H21 DPV GB . 3.48 -12.79 -3.73
H21A DPV GB . 3.36 -12.85 -5.50
H22 DPV GB . 5.96 -12.51 -5.53
H22A DPV GB . 5.91 -12.83 -3.80
H23 DPV GB . 4.95 -14.77 -5.96
H23A DPV GB . 4.93 -15.09 -4.21
H23B DPV GB . 6.48 -14.89 -5.07
N DPV HB . -4.40 -4.54 -18.35
P DPV HB . -3.56 -2.83 -14.71
C1 DPV HB . -5.16 -1.43 -13.13
C2 DPV HB . -4.12 -0.55 -12.37
C3 DPV HB . -3.85 -0.98 -10.89
C4 DPV HB . -3.41 -5.13 -15.94
C5 DPV HB . -4.13 -5.63 -17.24
C6 DPV HB . -5.56 -3.59 -17.95
C7 DPV HB . -4.84 -5.26 -19.63
C8 DPV HB . -3.15 -3.70 -18.70
C15 DPV HB . -2.81 -2.14 -10.71
C16 DPV HB . -1.36 -1.85 -11.23
C17 DPV HB . -0.57 -0.78 -10.39
C18 DPV HB . 0.69 -0.22 -11.15
C19 DPV HB . 1.80 -1.27 -11.48
O1P DPV HB . -2.17 -2.99 -14.25
C20 DPV HB . 2.68 -1.63 -10.25
C21 DPV HB . 3.69 -2.75 -10.59
C22 DPV HB . 4.58 -3.09 -9.36
C23 DPV HB . 5.55 -4.25 -9.68
O2P DPV HB . -3.68 -1.74 -15.70
O3P DPV HB . -4.62 -2.73 -13.51
O4P DPV HB . -4.24 -4.20 -15.20
H1 DPV HB . -6.02 -1.58 -12.49
H1A DPV HB . -5.48 -0.90 -14.03
H2 DPV HB . -3.20 -0.51 -12.94
H2A DPV HB . -4.51 0.47 -12.36
H3 DPV HB . -4.79 -1.29 -10.42
H3A DPV HB . -3.51 -0.11 -10.33
H4 DPV HB . -3.19 -5.99 -15.30
H4A DPV HB . -2.46 -4.65 -16.20
H5 DPV HB . -3.52 -6.41 -17.71
H5A DPV HB . -5.09 -6.07 -16.99
H6 DPV HB . -5.26 -3.04 -17.06
H6A DPV HB . -6.45 -4.19 -17.74
H6B DPV HB . -5.76 -2.91 -18.77
H7 DPV HB . -4.02 -5.92 -19.96
H7A DPV HB . -5.05 -4.51 -20.41
H7B DPV HB . -5.74 -5.85 -19.42
H8 DPV HB . -2.33 -4.37 -18.98
H8A DPV HB . -2.87 -3.11 -17.82
H8B DPV HB . -3.39 -3.03 -19.54
H15 DPV HB . -3.18 -3.04 -11.23
H15A DPV HB . -2.76 -2.42 -9.66
H16 DPV HB . -0.80 -2.78 -11.22
H16A DPV HB . -1.40 -1.53 -12.27
H17 DPV HB . -1.22 0.07 -10.17
H17A DPV HB . -0.27 -1.21 -9.45
H18 DPV HB . 0.36 0.23 -12.08
H18A DPV HB . 1.12 0.59 -10.57
H19 DPV HB . 1.36 -2.17 -11.90
H19A DPV HB . 2.45 -0.85 -12.26
H20 DPV HB . 3.22 -0.74 -9.94
H20A DPV HB . 2.04 -1.95 -9.43
H21 DPV HB . 3.15 -3.65 -10.90
H21A DPV HB . 4.32 -2.44 -11.42
H22 DPV HB . 5.17 -2.21 -9.08
H22A DPV HB . 3.96 -3.38 -8.52
H23 DPV HB . 6.14 -4.03 -10.58
H23A DPV HB . 5.00 -5.17 -9.85
H23B DPV HB . 6.24 -4.40 -8.85
N DPV IB . 30.23 -14.41 -11.48
P DPV IB . 28.23 -17.88 -14.88
C1 DPV IB . 26.45 -19.40 -13.73
C2 DPV IB . 26.28 -20.42 -12.56
C3 DPV IB . 26.20 -19.77 -11.15
C4 DPV IB . 29.06 -16.07 -13.17
C5 DPV IB . 30.30 -15.76 -12.27
C6 DPV IB . 30.17 -13.19 -12.43
C7 DPV IB . 31.52 -14.32 -10.65
C8 DPV IB . 29.04 -14.36 -10.51
C15 DPV IB . 27.59 -19.36 -10.56
C16 DPV IB . 27.51 -18.87 -9.08
C17 DPV IB . 27.03 -17.40 -8.95
C18 DPV IB . 27.17 -16.88 -7.49
C19 DPV IB . 26.98 -15.33 -7.42
O1P DPV IB . 27.23 -16.89 -15.33
C20 DPV IB . 27.23 -14.75 -6.00
C21 DPV IB . 25.99 -14.85 -5.07
C22 DPV IB . 26.27 -14.21 -3.69
C23 DPV IB . 25.03 -14.25 -2.79
O2P DPV IB . 28.78 -18.66 -16.01
O3P DPV IB . 27.75 -18.79 -13.66
O4P DPV IB . 29.36 -17.26 -13.93
H1 DPV IB . 26.36 -19.93 -14.69
H1A DPV IB . 25.68 -18.63 -13.68
H2 DPV IB . 25.38 -20.99 -12.74
H2A DPV IB . 27.11 -21.14 -12.59
H3 DPV IB . 25.74 -20.49 -10.47
H3A DPV IB . 25.54 -18.90 -11.18
H4 DPV IB . 28.18 -16.26 -12.56
H4A DPV IB . 28.87 -15.25 -13.86
H5 DPV IB . 30.43 -16.56 -11.54
H5A DPV IB . 31.20 -15.71 -12.90
H6 DPV IB . 29.24 -13.23 -12.99
H6A DPV IB . 31.02 -13.25 -13.12
H6B DPV IB . 30.23 -12.28 -11.83
H7 DPV IB . 31.55 -15.16 -9.95
H7A DPV IB . 31.52 -13.38 -10.10
H7B DPV IB . 32.37 -14.36 -11.32
H8 DPV IB . 29.07 -13.42 -9.95
H8A DPV IB . 29.12 -15.20 -9.81
H8B DPV IB . 28.11 -14.42 -11.08
H15 DPV IB . 28.04 -18.58 -11.18
H15A DPV IB . 28.26 -20.23 -10.60
H16 DPV IB . 26.85 -19.52 -8.50
H16A DPV IB . 28.51 -18.96 -8.64
H17 DPV IB . 27.62 -16.78 -9.62
H17A DPV IB . 25.98 -17.32 -9.26
H18 DPV IB . 26.43 -17.37 -6.85
H18A DPV IB . 28.17 -17.14 -7.10
H19 DPV IB . 27.69 -14.86 -8.09
H19A DPV IB . 25.98 -15.06 -7.76
H20 DPV IB . 28.08 -15.27 -5.53
H20A DPV IB . 27.51 -13.71 -6.10
H21 DPV IB . 25.14 -14.34 -5.55
H21A DPV IB . 25.71 -15.90 -4.93
H22 DPV IB . 27.08 -14.72 -3.20
H22A DPV IB . 26.57 -13.17 -3.82
H23 DPV IB . 25.25 -13.80 -1.82
H23A DPV IB . 24.70 -15.28 -2.62
H23B DPV IB . 24.19 -13.70 -3.24
N DPV JB . 29.31 -25.34 -4.67
P DPV JB . 24.97 -26.03 -6.49
C1 DPV JB . 22.54 -26.42 -5.57
C2 DPV JB . 21.62 -25.34 -6.22
C3 DPV JB . 20.79 -24.53 -5.17
C4 DPV JB . 27.20 -24.76 -6.20
C5 DPV JB . 28.25 -24.29 -5.13
C6 DPV JB . 30.23 -24.66 -3.65
C7 DPV JB . 30.18 -25.84 -5.85
C8 DPV JB . 28.66 -26.55 -3.98
C15 DPV JB . 19.97 -23.42 -5.86
C16 DPV JB . 19.08 -22.60 -4.87
C17 DPV JB . 18.54 -21.31 -5.56
C18 DPV JB . 17.35 -20.67 -4.78
C19 DPV JB . 16.96 -19.30 -5.41
O1P DPV JB . 24.67 -25.24 -7.69
C20 DPV JB . 15.54 -18.84 -4.99
C21 DPV JB . 15.20 -17.43 -5.59
C22 DPV JB . 13.71 -17.03 -5.35
C23 DPV JB . 13.43 -15.58 -5.81
O2P DPV JB . 25.29 -27.45 -6.82
O3P DPV JB . 23.87 -25.88 -5.33
O4P DPV JB . 26.06 -25.36 -5.54
H1 DPV JB . 22.12 -26.75 -4.62
H1A DPV JB . 22.62 -27.28 -6.25
H2 DPV JB . 22.23 -24.66 -6.81
H2A DPV JB . 20.94 -25.84 -6.90
H3 DPV JB . 21.47 -24.08 -4.43
H3A DPV JB . 20.13 -25.21 -4.64
H4 DPV JB . 26.86 -23.90 -6.77
H4A DPV JB . 27.65 -25.49 -6.87
H5 DPV JB . 28.81 -23.44 -5.54
H5A DPV JB . 27.72 -23.95 -4.23
H6 DPV JB . 29.63 -24.31 -2.81
H6A DPV JB . 30.73 -23.82 -4.15
H6B DPV JB . 30.98 -25.39 -3.31
H7 DPV JB . 30.97 -26.49 -5.44
H7A DPV JB . 30.62 -24.98 -6.34
H7B DPV JB . 29.56 -26.40 -6.54
H8 DPV JB . 29.44 -27.22 -3.61
H8A DPV JB . 28.02 -27.07 -4.71
H8B DPV JB . 28.05 -26.18 -3.15
H15 DPV JB . 19.32 -23.88 -6.63
H15A DPV JB . 20.64 -22.75 -6.38
H16 DPV JB . 18.26 -23.23 -4.53
H16A DPV JB . 19.67 -22.33 -3.99
H17 DPV JB . 19.35 -20.59 -5.64
H17A DPV JB . 18.20 -21.56 -6.57
H18 DPV JB . 16.50 -21.35 -4.81
H18A DPV JB . 17.63 -20.51 -3.73
H19 DPV JB . 17.69 -18.54 -5.11
H19A DPV JB . 17.00 -19.37 -6.50
H20 DPV JB . 14.81 -19.56 -5.35
H20A DPV JB . 15.46 -18.79 -3.90
H21 DPV JB . 15.86 -16.68 -5.13
H21A DPV JB . 15.40 -17.42 -6.66
H22 DPV JB . 13.07 -17.72 -5.90
H22A DPV JB . 13.48 -17.13 -4.28
H23 DPV JB . 12.38 -15.33 -5.61
H23A DPV JB . 13.61 -15.49 -6.89
H23B DPV JB . 14.06 -14.87 -5.29
N DPV KB . 31.52 -20.73 -12.92
P DPV KB . 31.11 -21.92 -7.84
C1 DPV KB . 30.38 -20.75 -5.61
C2 DPV KB . 28.94 -20.25 -5.78
C3 DPV KB . 28.07 -20.49 -4.51
C4 DPV KB . 31.16 -21.47 -10.41
C5 DPV KB . 31.49 -20.32 -11.41
C6 DPV KB . 32.53 -21.86 -13.20
C7 DPV KB . 31.94 -19.51 -13.74
C8 DPV KB . 30.12 -21.16 -13.41
C15 DPV KB . 26.58 -20.10 -4.72
C16 DPV KB . 25.79 -21.13 -5.59
C17 DPV KB . 24.32 -20.67 -5.77
C18 DPV KB . 23.48 -21.64 -6.66
C19 DPV KB . 23.81 -21.52 -8.18
O1P DPV KB . 29.90 -22.77 -7.80
C20 DPV KB . 22.79 -22.28 -9.06
C21 DPV KB . 23.14 -22.14 -10.57
C22 DPV KB . 22.01 -22.65 -11.49
C23 DPV KB . 22.34 -22.44 -12.98
O2P DPV KB . 32.35 -22.71 -7.67
O3P DPV KB . 31.04 -20.64 -6.89
O4P DPV KB . 31.16 -20.92 -9.08
H1 DPV KB . 30.91 -20.14 -4.89
H1A DPV KB . 30.39 -21.79 -5.29
H2 DPV KB . 28.95 -19.18 -6.02
H2A DPV KB . 28.48 -20.76 -6.64
H3 DPV KB . 28.48 -19.89 -3.69
H3A DPV KB . 28.15 -21.53 -4.20
H4 DPV KB . 30.18 -21.88 -10.61
H4A DPV KB . 31.92 -22.25 -10.46
H5 DPV KB . 30.75 -19.52 -11.30
H5A DPV KB . 32.47 -19.91 -11.17
H6 DPV KB . 32.60 -22.03 -14.27
H6A DPV KB . 32.19 -22.78 -12.69
H6B DPV KB . 33.51 -21.57 -12.80
H7 DPV KB . 31.22 -18.71 -13.58
H7A DPV KB . 31.98 -19.78 -14.79
H7B DPV KB . 32.93 -19.19 -13.40
H8 DPV KB . 29.83 -22.08 -12.90
H8A DPV KB . 30.16 -21.33 -14.49
H8B DPV KB . 29.42 -20.36 -13.18
H15 DPV KB . 26.52 -19.11 -5.18
H15A DPV KB . 26.10 -20.02 -3.74
H16 DPV KB . 26.26 -21.23 -6.57
H16A DPV KB . 25.81 -22.11 -5.11
H17 DPV KB . 23.83 -20.63 -4.79
H17A DPV KB . 24.28 -19.67 -6.19
H18 DPV KB . 23.62 -22.68 -6.34
H18A DPV KB . 22.42 -21.40 -6.52
H19 DPV KB . 23.81 -20.46 -8.46
H19A DPV KB . 24.82 -21.90 -8.37
H20 DPV KB . 22.78 -23.33 -8.79
H20A DPV KB . 21.79 -21.87 -8.88
H21 DPV KB . 23.35 -21.09 -10.80
H21A DPV KB . 24.06 -22.70 -10.79
H22 DPV KB . 21.83 -23.70 -11.31
H22A DPV KB . 21.08 -22.11 -11.25
H23 DPV KB . 23.24 -22.99 -13.26
H23A DPV KB . 22.50 -21.37 -13.20
H23B DPV KB . 21.51 -22.78 -13.60
N DPV LB . -7.69 -3.33 -7.29
P DPV LB . -9.44 -7.06 -3.99
C1 DPV LB . -7.63 -8.79 -4.82
C2 DPV LB . -7.52 -10.22 -5.40
C3 DPV LB . -7.42 -11.28 -4.28
C4 DPV LB . -8.50 -5.08 -5.47
C5 DPV LB . -8.29 -4.75 -6.99
C6 DPV LB . -6.27 -3.18 -6.70
C7 DPV LB . -8.60 -2.20 -6.77
C8 DPV LB . -7.59 -3.18 -8.81
C15 DPV LB . -5.93 -11.60 -3.92
C16 DPV LB . -5.84 -12.42 -2.61
C17 DPV LB . -4.41 -12.99 -2.42
C18 DPV LB . -4.34 -13.94 -1.19
C19 DPV LB . -2.95 -14.61 -1.10
O1P DPV LB . -8.57 -6.62 -2.87
C20 DPV LB . -2.79 -15.44 0.21
C21 DPV LB . -1.41 -16.13 0.27
C22 DPV LB . -1.27 -17.03 1.52
C23 DPV LB . 0.09 -17.76 1.53
O2P DPV LB . -10.87 -6.96 -3.68
O3P DPV LB . -9.04 -8.49 -4.58
O4P DPV LB . -9.07 -6.41 -5.41
H1 DPV LB . -7.07 -8.69 -3.88
H1A DPV LB . -7.25 -8.07 -5.55
H2 DPV LB . -8.41 -10.42 -6.00
H2A DPV LB . -6.66 -10.27 -6.07
H3 DPV LB . -7.90 -12.19 -4.62
H3A DPV LB . -7.96 -10.95 -3.39
H4 DPV LB . -7.54 -5.08 -4.94
H4A DPV LB . -9.18 -4.37 -5.00
H5 DPV LB . -7.61 -5.49 -7.43
H5A DPV LB . -9.25 -4.81 -7.50
H6 DPV LB . -5.64 -3.98 -7.10
H6A DPV LB . -6.33 -3.25 -5.62
H6B DPV LB . -5.87 -2.20 -6.99
H7 DPV LB . -9.59 -2.33 -7.19
H7A DPV LB . -8.18 -1.25 -7.08
H7B DPV LB . -8.64 -2.25 -5.68
H8 DPV LB . -8.59 -3.28 -9.24
H8A DPV LB . -6.94 -3.97 -9.21
H8B DPV LB . -7.17 -2.21 -9.05
H15 DPV LB . -5.38 -10.67 -3.79
H15A DPV LB . -5.49 -12.15 -4.74
H16 DPV LB . -6.11 -11.80 -1.76
H16A DPV LB . -6.54 -13.25 -2.65
H17 DPV LB . -4.10 -13.53 -3.31
H17A DPV LB . -3.70 -12.16 -2.28
H18 DPV LB . -4.54 -13.37 -0.28
H18A DPV LB . -5.11 -14.70 -1.28
H19 DPV LB . -2.81 -15.28 -1.96
H19A DPV LB . -2.17 -13.86 -1.14
H20 DPV LB . -2.91 -14.79 1.08
H20A DPV LB . -3.58 -16.19 0.26
H21 DPV LB . -1.27 -16.73 -0.63
H21A DPV LB . -0.62 -15.37 0.28
H22 DPV LB . -1.36 -16.43 2.43
H22A DPV LB . -2.07 -17.78 1.53
H23 DPV LB . 0.19 -18.41 0.65
H23A DPV LB . 0.18 -18.38 2.43
H23B DPV LB . 0.91 -17.04 1.51
N DPV MB . -11.18 -10.18 -1.17
P DPV MB . -6.15 -8.95 -0.31
C1 DPV MB . -3.96 -10.03 0.59
C2 DPV MB . -3.47 -11.05 1.66
C3 DPV MB . -1.92 -10.98 1.85
C4 DPV MB . -8.67 -9.39 -0.82
C5 DPV MB . -9.82 -10.35 -0.40
C6 DPV MB . -11.02 -10.53 -2.66
C7 DPV MB . -11.75 -8.76 -1.03
C8 DPV MB . -12.19 -11.15 -0.54
C15 DPV MB . -1.15 -11.75 0.73
C16 DPV MB . 0.37 -11.44 0.72
C17 DPV MB . 0.72 -10.08 0.06
C18 DPV MB . 2.25 -9.89 -0.09
C19 DPV MB . 2.59 -8.56 -0.82
O1P DPV MB . -5.69 -8.89 -1.70
C20 DPV MB . 4.11 -8.45 -1.12
C21 DPV MB . 4.44 -7.16 -1.91
C22 DPV MB . 5.87 -7.23 -2.53
C23 DPV MB . 6.18 -5.97 -3.36
O2P DPV MB . -6.20 -7.62 0.32
O3P DPV MB . -5.40 -10.06 0.57
O4P DPV MB . -7.49 -9.80 -0.11
H1 DPV MB . -3.64 -9.03 0.85
H1A DPV MB . -3.59 -10.30 -0.41
H2 DPV MB . -3.95 -10.81 2.61
H2A DPV MB . -3.77 -12.06 1.38
H3 DPV MB . -1.67 -11.42 2.82
H3A DPV MB . -1.61 -9.94 1.88
H4 DPV MB . -8.49 -9.45 -1.89
H4A DPV MB . -8.91 -8.35 -0.55
H5 DPV MB . -9.50 -11.38 -0.53
H5A DPV MB . -10.03 -10.21 0.67
H6 DPV MB . -10.65 -11.55 -2.74
H6A DPV MB . -10.32 -9.83 -3.11
H6B DPV MB . -12.00 -10.45 -3.13
H7 DPV MB . -11.05 -8.04 -1.48
H7A DPV MB . -11.88 -8.53 0.03
H7B DPV MB . -12.71 -8.71 -1.54
H8 DPV MB . -13.14 -11.04 -1.06
H8A DPV MB . -12.30 -10.90 0.52
H8B DPV MB . -11.80 -12.16 -0.65
H15 DPV MB . -1.57 -11.51 -0.25
H15A DPV MB . -1.29 -12.82 0.89
H16 DPV MB . 0.77 -11.49 1.73
H16A DPV MB . 0.86 -12.24 0.14
H17 DPV MB . 0.25 -10.02 -0.93
H17A DPV MB . 0.31 -9.27 0.66
H18 DPV MB . 2.72 -9.91 0.89
H18A DPV MB . 2.65 -10.73 -0.67
H19 DPV MB . 2.02 -8.50 -1.75
H19A DPV MB . 2.28 -7.71 -0.20
H20 DPV MB . 4.67 -8.48 -0.19
H20A DPV MB . 4.41 -9.33 -1.71
H21 DPV MB . 3.71 -7.02 -2.71
H21A DPV MB . 4.37 -6.30 -1.24
H22 DPV MB . 6.61 -7.33 -1.73
H22A DPV MB . 5.95 -8.12 -3.17
H23 DPV MB . 6.16 -5.08 -2.75
H23A DPV MB . 5.46 -5.87 -4.17
H23B DPV MB . 7.18 -6.07 -3.80
N DPV NB . -9.04 -12.70 -16.58
P DPV NB . -9.76 -12.13 -12.19
C1 DPV NB . -7.50 -11.65 -10.88
C2 DPV NB . -7.69 -11.97 -9.37
C3 DPV NB . -6.85 -13.22 -8.92
C4 DPV NB . -8.80 -13.61 -14.09
C5 DPV NB . -8.16 -13.45 -15.52
C6 DPV NB . -9.32 -11.23 -16.21
C7 DPV NB . -10.39 -13.42 -16.83
C8 DPV NB . -8.27 -12.73 -17.90
C15 DPV NB . -7.59 -14.57 -9.22
C16 DPV NB . -6.62 -15.78 -9.42
C17 DPV NB . -6.41 -16.18 -10.92
C18 DPV NB . -5.34 -15.30 -11.62
C19 DPV NB . -5.28 -15.56 -13.16
O1P DPV NB . -11.00 -11.47 -12.63
C20 DPV NB . -4.11 -14.82 -13.89
C21 DPV NB . -4.31 -13.27 -14.02
C22 DPV NB . -3.56 -12.48 -12.92
C23 DPV NB . -3.87 -10.97 -13.00
O2P DPV NB . -10.05 -13.34 -11.40
O3P DPV NB . -8.75 -11.11 -11.45
O4P DPV NB . -8.73 -12.37 -13.38
H1 DPV NB . -6.71 -10.89 -10.99
H1A DPV NB . -7.21 -12.54 -11.43
H2 DPV NB . -7.38 -11.10 -8.79
H2A DPV NB . -8.74 -12.13 -9.15
H3 DPV NB . -6.66 -13.14 -7.85
H3A DPV NB . -5.87 -13.19 -9.42
H4 DPV NB . -9.85 -13.91 -14.18
H4A DPV NB . -8.26 -14.37 -13.53
H5 DPV NB . -7.22 -12.89 -15.43
H5A DPV NB . -7.94 -14.44 -15.92
H6 DPV NB . -9.93 -11.21 -15.30
H6A DPV NB . -9.85 -10.74 -17.03
H6B DPV NB . -8.36 -10.73 -16.03
H7 DPV NB . -10.91 -12.93 -17.65
H7A DPV NB . -10.99 -13.38 -15.91
H7B DPV NB . -10.18 -14.47 -17.09
H8 DPV NB . -8.11 -13.77 -18.19
H8A DPV NB . -7.30 -12.22 -17.75
H8B DPV NB . -8.86 -12.22 -18.66
H15 DPV NB . -8.23 -14.47 -10.09
H15A DPV NB . -8.25 -14.79 -8.38
H16 DPV NB . -5.66 -15.59 -8.94
H16A DPV NB . -7.05 -16.65 -8.90
H17 DPV NB . -6.08 -17.22 -10.97
H17A DPV NB . -7.35 -16.11 -11.45
H18 DPV NB . -5.56 -14.25 -11.46
H18A DPV NB . -4.36 -15.50 -11.18
H19 DPV NB . -5.16 -16.63 -13.32
H19A DPV NB . -6.23 -15.28 -13.62
H20 DPV NB . -3.16 -15.06 -13.40
H20A DPV NB . -4.05 -15.24 -14.89
H21 DPV NB . -3.93 -12.95 -15.00
H21A DPV NB . -5.38 -13.03 -13.99
H22 DPV NB . -3.84 -12.84 -11.92
H22A DPV NB . -2.48 -12.62 -13.02
H23 DPV NB . -3.31 -10.43 -12.23
H23A DPV NB . -4.93 -10.79 -12.86
H23B DPV NB . -3.57 -10.56 -13.97
N DPV OB . 24.95 -28.55 -2.20
P DPV OB . 24.22 -32.12 -4.04
C1 DPV OB . 24.13 -34.62 -4.87
C2 DPV OB . 22.60 -34.82 -4.72
C3 DPV OB . 22.16 -36.30 -4.40
C4 DPV OB . 26.08 -30.25 -3.93
C5 DPV OB . 25.17 -28.99 -3.71
C6 DPV OB . 26.25 -28.15 -1.50
C7 DPV OB . 24.02 -27.34 -2.22
C8 DPV OB . 24.26 -29.66 -1.38
C15 DPV OB . 22.74 -36.94 -3.08
C16 DPV OB . 22.57 -36.09 -1.77
C17 DPV OB . 21.09 -35.93 -1.30
C18 DPV OB . 20.96 -34.90 -0.14
C19 DPV OB . 20.87 -33.43 -0.67
O1P DPV OB . 22.89 -31.47 -4.07
C20 DPV OB . 20.94 -32.40 0.47
C21 DPV OB . 20.82 -30.95 -0.08
C22 DPV OB . 21.10 -29.90 1.02
C23 DPV OB . 21.02 -28.46 0.47
O2P DPV OB . 24.56 -32.60 -2.68
O3P DPV OB . 24.43 -33.23 -5.17
O4P DPV OB . 25.37 -31.25 -4.71
H1 DPV OB . 24.64 -34.90 -3.94
H1A DPV OB . 24.51 -35.24 -5.68
H2 DPV OB . 22.23 -34.17 -3.93
H2A DPV OB . 22.11 -34.50 -5.65
H3 DPV OB . 22.46 -36.94 -5.24
H3A DPV OB . 21.07 -36.33 -4.37
H4 DPV OB . 26.98 -29.96 -4.46
H4A DPV OB . 26.37 -30.70 -2.97
H5 DPV OB . 25.61 -28.13 -4.22
H5A DPV OB . 24.18 -29.17 -4.13
H6 DPV OB . 26.94 -29.00 -1.49
H6A DPV OB . 26.02 -27.85 -0.47
H6B DPV OB . 26.69 -27.30 -2.03
H7 DPV OB . 23.09 -27.63 -2.72
H7A DPV OB . 24.50 -26.53 -2.78
H7B DPV OB . 23.81 -27.03 -1.20
H8 DPV OB . 24.94 -30.51 -1.29
H8A DPV OB . 23.34 -29.96 -1.90
H8B DPV OB . 24.02 -29.26 -0.39
H15 DPV OB . 23.81 -37.12 -3.23
H15A DPV OB . 22.28 -37.91 -2.93
H16 DPV OB . 23.12 -36.57 -0.98
H16A DPV OB . 23.02 -35.10 -1.91
H17 DPV OB . 20.45 -35.64 -2.13
H17A DPV OB . 20.73 -36.90 -0.94
H18 DPV OB . 20.06 -35.12 0.43
H18A DPV OB . 21.80 -35.00 0.55
H19 DPV OB . 21.68 -33.25 -1.38
H19A DPV OB . 19.93 -33.31 -1.22
H20 DPV OB . 20.13 -32.58 1.19
H20A DPV OB . 21.88 -32.51 1.00
H21 DPV OB . 21.51 -30.81 -0.91
H21A DPV OB . 19.80 -30.79 -0.48
H22 DPV OB . 20.38 -30.01 1.83
H22A DPV OB . 22.10 -30.06 1.43
H23 DPV OB . 21.75 -28.31 -0.33
H23A DPV OB . 21.23 -27.73 1.25
H23B DPV OB . 20.02 -28.25 0.06
N GLY A 1 -4.00 3.11 -5.34
CA GLY A 1 -3.31 2.14 -6.22
C GLY A 1 -2.60 1.05 -5.41
N LEU A 2 -1.92 0.13 -6.10
CA LEU A 2 -1.24 -1.00 -5.45
C LEU A 2 -0.14 -0.60 -4.48
N LEU A 3 0.66 0.39 -4.83
CA LEU A 3 1.76 0.82 -3.98
C LEU A 3 1.22 1.42 -2.69
N LYS A 4 0.14 2.17 -2.80
CA LYS A 4 -0.52 2.76 -1.63
C LYS A 4 -1.11 1.65 -0.76
N TRP A 5 -1.60 0.59 -1.39
CA TRP A 5 -2.14 -0.56 -0.67
C TRP A 5 -1.04 -1.25 0.15
N ILE A 6 0.13 -1.42 -0.44
CA ILE A 6 1.29 -1.97 0.28
C ILE A 6 1.69 -1.03 1.41
N LYS A 7 1.69 0.27 1.14
CA LYS A 7 2.03 1.26 2.18
C LYS A 7 1.05 1.26 3.34
N THR A 8 -0.18 0.86 3.08
CA THR A 8 -1.20 0.77 4.15
C THR A 8 -0.89 -0.43 5.04
N LEU A 9 -0.40 -1.51 4.47
CA LEU A 9 -0.01 -2.69 5.25
C LEU A 9 1.23 -2.37 6.08
N LEU A 10 2.10 -1.54 5.53
CA LEU A 10 3.33 -1.13 6.21
C LEU A 10 3.05 -0.17 7.36
N NH2 A 11 2.00 0.62 7.25
HN1 NH2 A 11 1.43 0.59 6.43
HN2 NH2 A 11 1.78 1.26 7.98
UNK UNX B . 10.04 -15.71 -2.26
N DPV C . 11.71 6.78 5.80
P DPV C . 9.72 5.99 1.52
C1 DPV C . 10.38 4.70 -0.63
C2 DPV C . 11.38 3.63 -1.14
C3 DPV C . 10.77 2.81 -2.29
C4 DPV C . 11.73 6.39 3.18
C5 DPV C . 12.24 5.95 4.59
C6 DPV C . 10.18 6.76 5.89
C7 DPV C . 12.23 8.23 5.77
C8 DPV C . 12.27 6.13 7.10
C15 DPV C . 11.68 1.60 -2.66
C16 DPV C . 10.91 0.57 -3.53
C17 DPV C . 11.77 -0.67 -3.87
C18 DPV C . 10.92 -1.80 -4.50
C19 DPV C . 11.77 -2.97 -5.11
O1P DPV C . 8.31 5.54 1.53
C20 DPV C . 12.35 -2.60 -6.51
C21 DPV C . 12.64 -3.87 -7.37
C22 DPV C . 13.19 -3.47 -8.76
C23 DPV C . 13.33 -4.69 -9.68
O2P DPV C . 9.85 7.38 1.06
O3P DPV C . 10.67 4.99 0.74
O4P DPV C . 10.47 5.71 2.88
H1 DPV C . 10.47 5.62 -1.22
H1A DPV C . 9.37 4.30 -0.67
H2 DPV C . 12.30 4.13 -1.49
H2A DPV C . 11.66 2.98 -0.31
H3 DPV C . 10.64 3.45 -3.17
H3A DPV C . 9.80 2.44 -2.00
H4 DPV C . 11.56 7.47 3.17
H4A DPV C . 12.46 6.12 2.43
H5 DPV C . 11.94 4.91 4.75
H5A DPV C . 13.32 6.01 4.60
H6 DPV C . 9.84 5.73 6.03
H6A DPV C . 9.78 7.17 4.96
H6B DPV C . 9.88 7.36 6.75
H7 DPV C . 13.32 8.20 5.71
H7A DPV C . 11.92 8.74 6.69
H7B DPV C . 11.81 8.74 4.90
H8 DPV C . 13.37 6.18 7.06
H8A DPV C . 11.95 5.08 7.14
H8B DPV C . 11.89 6.68 7.96
H15 DPV C . 12.00 1.11 -1.75
H15A DPV C . 12.56 1.94 -3.19
H16 DPV C . 9.99 0.27 -3.02
H16A DPV C . 10.62 1.06 -4.47
H17 DPV C . 12.58 -0.39 -4.55
H17A DPV C . 12.25 -1.05 -2.96
H18 DPV C . 10.26 -2.22 -3.73
H18A DPV C . 10.25 -1.40 -5.28
H19 DPV C . 12.57 -3.24 -4.44
H19A DPV C . 11.11 -3.84 -5.22
H20 DPV C . 11.65 -1.96 -7.06
H20A DPV C . 13.27 -2.03 -6.37
H21 DPV C . 13.36 -4.51 -6.85
H21A DPV C . 11.71 -4.44 -7.48
H22 DPV C . 12.52 -2.73 -9.22
H22A DPV C . 14.16 -2.98 -8.65
H23 DPV C . 13.60 -4.36 -10.70
H23A DPV C . 12.38 -5.24 -9.76
H23B DPV C . 14.11 -5.35 -9.34
N DPV D . 10.78 7.62 -5.20
P DPV D . 6.52 5.58 -2.91
C1 DPV D . 4.80 6.77 -4.50
C2 DPV D . 3.96 6.50 -5.78
C3 DPV D . 4.59 7.12 -7.08
C4 DPV D . 8.86 6.52 -3.77
C5 DPV D . 9.36 7.77 -4.56
C6 DPV D . 11.87 7.39 -4.16
C7 DPV D . 10.81 6.49 -6.25
C8 DPV D . 11.07 8.95 -5.92
C15 DPV D . 5.88 6.39 -7.56
C16 DPV D . 6.42 6.95 -8.90
C17 DPV D . 7.82 6.34 -9.27
C18 DPV D . 7.72 4.99 -10.03
C19 DPV D . 9.08 4.26 -10.22
O1P DPV D . 5.69 5.91 -1.74
C20 DPV D . 9.55 3.39 -9.00
C21 DPV D . 8.63 2.15 -8.73
C22 DPV D . 9.23 1.22 -7.64
C23 DPV D . 8.19 0.17 -7.18
O2P DPV D . 7.24 4.29 -2.71
O3P DPV D . 5.75 5.70 -4.31
O4P DPV D . 7.50 6.79 -3.34
H1 DPV D . 5.32 7.73 -4.57
H1A DPV D . 4.14 6.82 -3.63
H2 DPV D . 3.81 5.44 -5.91
H2A DPV D . 2.98 6.94 -5.65
H3 DPV D . 4.82 8.18 -6.91
H3A DPV D . 3.84 7.08 -7.88
H4 DPV D . 8.86 5.62 -4.39
H4A DPV D . 9.48 6.35 -2.89
H5 DPV D . 8.65 7.99 -5.38
H5A DPV D . 9.39 8.63 -3.90
H6 DPV D . 11.74 6.42 -3.68
H6A DPV D . 11.82 8.18 -3.42
H6B DPV D . 12.84 7.43 -4.66
H7 DPV D . 10.60 5.53 -5.75
H7A DPV D . 11.83 6.47 -6.71
H7B DPV D . 10.05 6.68 -7.01
H8 DPV D . 10.35 9.08 -6.72
H8A DPV D . 12.09 8.90 -6.33
H8B DPV D . 11.00 9.77 -5.21
H15 DPV D . 5.65 5.31 -7.65
H15A DPV D . 6.64 6.51 -6.79
H16 DPV D . 5.71 6.77 -9.70
H16A DPV D . 6.54 8.04 -8.83
H17 DPV D . 8.37 7.04 -9.91
H17A DPV D . 8.42 6.20 -8.37
H18 DPV D . 7.01 4.33 -9.51
H18A DPV D . 7.27 5.18 -11.02
H19 DPV D . 8.99 3.60 -11.09
H19A DPV D . 9.85 4.98 -10.46
H20 DPV D . 10.55 3.03 -9.21
H20A DPV D . 9.60 4.01 -8.10
H21 DPV D . 7.64 2.50 -8.42
H21A DPV D . 8.50 1.58 -9.65
H22 DPV D . 10.11 0.72 -8.04
H22A DPV D . 9.56 1.81 -6.78
H23 DPV D . 7.30 0.67 -6.76
H23A DPV D . 8.61 -0.46 -6.40
H23B DPV D . 7.88 -0.45 -8.01
N DPV E . -6.39 -0.71 -10.77
P DPV E . -1.94 0.81 -10.18
C1 DPV E . -2.45 3.41 -10.00
C2 DPV E . -1.48 4.07 -11.01
C3 DPV E . -0.29 4.79 -10.32
C4 DPV E . -4.44 0.38 -9.33
C5 DPV E . -4.90 -0.80 -10.25
C6 DPV E . -6.65 0.60 -11.56
C7 DPV E . -7.38 -0.83 -9.59
C8 DPV E . -6.63 -1.88 -11.71
C15 DPV E . 0.70 5.41 -11.35
C16 DPV E . 2.17 5.35 -10.88
C17 DPV E . 2.79 3.93 -11.07
C18 DPV E . 4.28 3.89 -10.67
C19 DPV E . 4.87 2.45 -10.73
O1P DPV E . -0.68 0.06 -10.16
C20 DPV E . 4.61 1.66 -9.41
C21 DPV E . 4.91 0.15 -9.57
C22 DPV E . 4.61 -0.71 -8.30
C23 DPV E . 3.08 -0.92 -8.04
O2P DPV E . -2.50 0.93 -11.54
O3P DPV E . -1.84 2.22 -9.39
O4P DPV E . -3.00 0.28 -9.08
H1 DPV E . -2.68 4.11 -9.18
H1A DPV E . -3.38 3.13 -10.50
H2 DPV E . -1.10 3.31 -11.71
H2A DPV E . -2.03 4.80 -11.62
H3 DPV E . 0.22 4.09 -9.66
H3A DPV E . -0.68 5.60 -9.68
H4 DPV E . -4.65 1.35 -9.80
H4A DPV E . -4.97 0.33 -8.39
H5 DPV E . -4.27 -0.82 -11.14
H5A DPV E . -4.79 -1.74 -9.73
H6 DPV E . -5.91 0.68 -12.36
H6A DPV E . -6.54 1.45 -10.88
H6B DPV E . -7.66 0.59 -11.98
H7 DPV E . -7.16 -1.74 -9.04
H7A DPV E . -8.39 -0.86 -9.99
H7B DPV E . -7.27 0.04 -8.93
H8 DPV E . -6.42 -2.82 -11.17
H8A DPV E . -5.97 -1.79 -12.57
H8B DPV E . -7.68 -1.86 -12.04
H15 DPV E . 0.42 6.45 -11.51
H15A DPV E . 0.61 4.91 -12.33
H16 DPV E . 2.75 6.08 -11.46
H16A DPV E . 2.24 5.65 -9.83
H17 DPV E . 2.22 3.22 -10.45
H17A DPV E . 2.68 3.62 -12.10
H18 DPV E . 4.85 4.53 -11.34
H18A DPV E . 4.41 4.30 -9.65
H19 DPV E . 4.44 1.91 -11.57
H19A DPV E . 5.94 2.51 -10.90
H20 DPV E . 5.26 2.06 -8.62
H20A DPV E . 3.58 1.78 -9.08
H21 DPV E . 4.33 -0.25 -10.42
H21A DPV E . 5.97 0.02 -9.83
H22 DPV E . 5.07 -1.69 -8.40
H22A DPV E . 5.06 -0.23 -7.42
H23 DPV E . 2.95 -1.63 -7.21
H23A DPV E . 2.58 -1.34 -8.91
H23B DPV E . 2.60 0.02 -7.76
N DPV F . -8.75 -14.29 -16.18
P DPV F . -4.36 -13.15 -18.73
C1 DPV F . -5.55 -11.88 -20.67
C2 DPV F . -6.58 -10.90 -20.03
C3 DPV F . -6.63 -9.53 -20.81
C4 DPV F . -6.39 -13.59 -17.12
C5 DPV F . -7.35 -14.74 -16.68
C6 DPV F . -9.51 -15.55 -15.75
C7 DPV F . -8.67 -13.38 -14.93
C8 DPV F . -9.57 -13.59 -17.29
C15 DPV F . -7.09 -8.36 -19.90
C16 DPV F . -5.93 -7.83 -19.02
C17 DPV F . -6.40 -6.79 -17.96
C18 DPV F . -5.23 -6.26 -17.08
C19 DPV F . -4.69 -7.31 -16.07
O1P DPV F . -4.12 -11.87 -18.01
C20 DPV F . -3.49 -6.75 -15.27
C21 DPV F . -2.89 -7.88 -14.38
C22 DPV F . -1.59 -7.38 -13.69
C23 DPV F . -0.81 -8.54 -13.04
O2P DPV F . -3.11 -13.76 -19.20
O3P DPV F . -5.49 -13.05 -19.86
O4P DPV F . -5.31 -14.15 -17.91
H1 DPV F . -5.88 -12.17 -21.68
H1A DPV F . -4.57 -11.42 -20.74
H2 DPV F . -7.57 -11.36 -20.03
H2A DPV F . -6.31 -10.71 -19.01
H3 DPV F . -7.34 -9.63 -21.65
H3A DPV F . -5.67 -9.30 -21.25
H4 DPV F . -6.91 -12.84 -17.72
H4A DPV F . -5.97 -13.12 -16.23
H5 DPV F . -7.50 -15.43 -17.53
H5A DPV F . -6.88 -15.29 -15.86
H6 DPV F . -10.49 -15.29 -15.37
H6A DPV F . -8.95 -16.04 -14.96
H6B DPV F . -9.61 -16.23 -16.60
H7 DPV F . -8.18 -12.43 -15.22
H7A DPV F . -8.07 -13.91 -14.16
H7B DPV F . -9.68 -13.19 -14.56
H8 DPV F . -10.56 -13.39 -16.91
H8A DPV F . -9.61 -14.25 -18.16
H8B DPV F . -9.06 -12.65 -17.55
H15 DPV F . -7.93 -8.67 -19.28
H15A DPV F . -7.46 -7.54 -20.54
H16 DPV F . -5.45 -8.66 -18.51
H16A DPV F . -5.16 -7.36 -19.64
H17 DPV F . -6.85 -5.96 -18.50
H17A DPV F . -7.17 -7.24 -17.33
H18 DPV F . -4.43 -5.92 -17.73
H18A DPV F . -5.57 -5.36 -16.54
H19 DPV F . -5.48 -7.61 -15.38
H19A DPV F . -4.37 -8.19 -16.62
H20 DPV F . -2.74 -6.35 -15.94
H20A DPV F . -3.83 -5.94 -14.64
H21 DPV F . -3.60 -8.20 -13.62
H21A DPV F . -2.67 -8.74 -15.01
H22 DPV F . -0.93 -6.91 -14.43
H22A DPV F . -1.84 -6.64 -12.92
H23 DPV F . 0.09 -8.18 -12.58
H23A DPV F . -0.57 -9.29 -13.79
H23B DPV F . -1.42 -9.03 -12.28
N DPV G . -0.86 -9.42 -18.77
P DPV G . 1.36 -5.73 -16.89
C1 DPV G . 2.69 -6.96 -15.04
C2 DPV G . 2.72 -8.44 -14.61
C3 DPV G . 4.13 -8.81 -14.12
C4 DPV G . -0.73 -6.87 -18.10
C5 DPV G . -0.56 -8.35 -17.66
C6 DPV G . -0.69 -10.80 -18.14
C7 DPV G . 0.12 -9.34 -19.96
C8 DPV G . -2.31 -9.32 -19.28
C15 DPV G . 4.25 -10.33 -13.70
C16 DPV G . 5.74 -10.81 -13.63
C17 DPV G . 6.56 -10.17 -12.46
C18 DPV G . 6.57 -11.01 -11.16
C19 DPV G . 7.74 -12.06 -11.14
O1P DPV G . 1.71 -4.32 -16.58
C20 DPV G . 7.94 -12.74 -9.76
C21 DPV G . 6.99 -13.97 -9.54
C22 DPV G . 7.09 -14.55 -8.11
C23 DPV G . 8.38 -15.38 -7.86
O2P DPV G . 2.14 -6.25 -18.03
O3P DPV G . 1.40 -6.67 -15.62
O4P DPV G . -0.23 -5.95 -17.06
H1 DPV G . 2.86 -6.30 -14.19
H1A DPV G . 3.47 -6.78 -15.79
H2 DPV G . 1.99 -8.59 -13.82
H2A DPV G . 2.44 -9.05 -15.46
H3 DPV G . 4.39 -8.19 -13.26
H3A DPV G . 4.86 -8.60 -14.89
H4 DPV G . -0.19 -6.68 -19.01
H4A DPV G . -1.79 -6.66 -18.27
H5 DPV G . 0.47 -8.50 -17.32
H5A DPV G . -1.22 -8.57 -16.81
H6 DPV G . -1.39 -10.88 -17.30
H6A DPV G . 0.33 -10.90 -17.77
H6B DPV G . -0.92 -11.56 -18.87
H7 DPV G . 1.15 -9.46 -19.59
H7A DPV G . 0.01 -8.36 -20.45
H7B DPV G . -0.11 -10.13 -20.66
H8 DPV G . -2.99 -9.38 -18.43
H8A DPV G . -2.50 -10.16 -19.98
H8B DPV G . -2.44 -8.37 -19.81
H15 DPV G . 3.72 -10.94 -14.44
H15A DPV G . 3.75 -10.47 -12.74
H16 DPV G . 5.75 -11.90 -13.53
H16A DPV G . 6.23 -10.58 -14.59
H17 DPV G . 7.59 -10.01 -12.79
H17A DPV G . 6.16 -9.18 -12.21
H18 DPV G . 6.70 -10.34 -10.30
H18A DPV G . 5.61 -11.53 -11.03
H19 DPV G . 7.57 -12.81 -11.92
H19A DPV G . 8.67 -11.53 -11.39
H20 DPV G . 8.97 -13.07 -9.68
H20A DPV G . 7.78 -12.00 -8.98
H21 DPV G . 5.96 -13.65 -9.72
H21A DPV G . 7.22 -14.74 -10.27
H22 DPV G . 7.04 -13.73 -7.40
H22A DPV G . 6.22 -15.18 -7.92
H23 DPV G . 9.26 -14.78 -8.04
H23A DPV G . 8.36 -16.27 -8.48
H23B DPV G . 8.40 -15.71 -6.82
N DPV H . -3.20 -17.37 -17.13
P DPV H . -1.56 -21.45 -18.51
C1 DPV H . -0.09 -19.59 -19.66
C2 DPV H . 1.25 -18.88 -19.38
C3 DPV H . 1.11 -17.52 -18.64
C4 DPV H . -2.95 -19.99 -16.77
C5 DPV H . -2.34 -18.56 -16.59
C6 DPV H . -2.39 -16.08 -16.95
C7 DPV H . -3.55 -17.48 -18.63
C8 DPV H . -4.50 -17.21 -16.31
C15 DPV H . 0.65 -16.37 -19.59
C16 DPV H . 0.83 -14.94 -18.99
C17 DPV H . 2.32 -14.46 -19.03
C18 DPV H . 2.46 -12.96 -18.67
C19 DPV H . 3.83 -12.64 -18.02
O1P DPV H . -1.34 -22.48 -17.50
C20 DPV H . 3.97 -11.16 -17.57
C21 DPV H . 4.35 -10.18 -18.72
C22 DPV H . 4.56 -8.72 -18.22
C23 DPV H . 5.95 -8.54 -17.57
O2P DPV H . -1.71 -22.03 -19.86
O3P DPV H . -0.47 -20.29 -18.45
O4P DPV H . -2.76 -20.43 -18.15
H1 DPV H . -0.86 -18.88 -19.95
H1A DPV H . 0.07 -20.34 -20.46
H2 DPV H . 1.88 -19.52 -18.78
H2A DPV H . 1.77 -18.70 -20.32
H3 DPV H . 2.09 -17.26 -18.21
H3A DPV H . 0.41 -17.61 -17.80
H4 DPV H . -2.44 -20.68 -16.10
H4A DPV H . -4.01 -19.98 -16.54
H5 DPV H . -2.17 -18.37 -15.53
H5A DPV H . -1.38 -18.50 -17.11
H6 DPV H . -1.48 -16.14 -17.56
H6A DPV H . -2.12 -15.96 -15.89
H6B DPV H . -3.00 -15.24 -17.25
H7 DPV H . -2.62 -17.54 -19.20
H7A DPV H . -4.12 -16.59 -18.94
H7B DPV H . -4.16 -18.37 -18.80
H8 DPV H . -4.26 -17.10 -15.25
H8A DPV H . -5.13 -18.09 -16.47
H8B DPV H . -5.02 -16.32 -16.66
H15 DPV H . -0.41 -16.52 -19.82
H15A DPV H . 1.19 -16.43 -20.54
H16 DPV H . 0.22 -14.24 -19.55
H16A DPV H . 0.48 -14.93 -17.95
H17 DPV H . 2.91 -15.07 -18.34
H17A DPV H . 2.73 -14.62 -20.04
H18 DPV H . 2.31 -12.35 -19.57
H18A DPV H . 1.67 -12.67 -17.97
H19 DPV H . 3.96 -13.27 -17.14
H19A DPV H . 4.65 -12.90 -18.72
H20 DPV H . 3.04 -10.83 -17.07
H20A DPV H . 4.75 -11.11 -16.80
H21 DPV H . 5.25 -10.53 -19.24
H21A DPV H . 3.52 -10.18 -19.45
H22 DPV H . 4.49 -8.06 -19.09
H22A DPV H . 3.79 -8.45 -17.50
H23 DPV H . 6.74 -8.71 -18.30
H23A DPV H . 6.11 -9.22 -16.73
H23B DPV H . 6.06 -7.51 -17.20
N DPV I . -9.38 -24.45 -10.30
P DPV I . -7.77 -21.25 -13.92
C1 DPV I . -5.82 -19.68 -13.15
C2 DPV I . -4.47 -19.79 -12.41
C3 DPV I . -3.71 -18.43 -12.32
C4 DPV I . -7.86 -23.10 -12.02
C5 DPV I . -9.30 -23.62 -11.64
C6 DPV I . -8.83 -23.66 -9.09
C7 DPV I . -8.61 -25.78 -10.42
C8 DPV I . -10.85 -24.79 -10.02
C15 DPV I . -2.32 -18.64 -11.62
C16 DPV I . -1.34 -17.42 -11.76
C17 DPV I . -0.75 -17.30 -13.20
C18 DPV I . 0.51 -16.42 -13.25
C19 DPV I . 1.02 -16.27 -14.71
O1P DPV I . -7.67 -21.13 -15.39
C20 DPV I . 2.29 -15.35 -14.87
C21 DPV I . 2.11 -13.84 -14.43
C22 DPV I . 0.85 -13.15 -15.04
C23 DPV I . 0.85 -11.62 -14.79
O2P DPV I . -8.89 -20.44 -13.39
O3P DPV I . -6.37 -21.01 -13.17
O4P DPV I . -7.79 -22.78 -13.42
H1 DPV I . -6.50 -19.02 -12.61
H1A DPV I . -5.69 -19.32 -14.19
H2 DPV I . -4.64 -20.15 -11.40
H2A DPV I . -3.84 -20.52 -12.92
H3 DPV I . -4.31 -17.71 -11.75
H3A DPV I . -3.56 -18.03 -13.33
H4 DPV I . -7.62 -22.21 -11.43
H4A DPV I . -7.12 -23.87 -11.82
H5 DPV I . -9.98 -22.78 -11.56
H5A DPV I . -9.66 -24.28 -12.43
H6 DPV I . -9.38 -22.73 -9.01
H6A DPV I . -7.77 -23.47 -9.25
H6B DPV I . -8.96 -24.26 -8.19
H7 DPV I . -7.54 -25.57 -10.55
H7A DPV I . -8.99 -26.33 -11.30
H7B DPV I . -8.77 -26.37 -9.52
H8 DPV I . -11.41 -23.85 -9.90
H8A DPV I . -10.91 -25.40 -9.12
H8B DPV I . -11.24 -25.33 -10.88
H15 DPV I . -1.84 -19.53 -12.02
H15A DPV I . -2.50 -18.82 -10.57
H16 DPV I . -1.86 -16.49 -11.50
H16A DPV I . -0.53 -17.55 -11.03
H17 DPV I . -0.48 -18.30 -13.56
H17A DPV I . -1.52 -16.89 -13.88
H18 DPV I . 0.27 -15.43 -12.83
H18A DPV I . 1.31 -16.85 -12.64
H19 DPV I . 1.27 -17.27 -15.09
H19A DPV I . 0.21 -15.90 -15.35
H20 DPV I . 3.11 -15.77 -14.31
H20A DPV I . 2.59 -15.36 -15.92
H21 DPV I . 2.06 -13.78 -13.35
H21A DPV I . 3.01 -13.30 -14.75
H22 DPV I . 0.79 -13.36 -16.10
H22A DPV I . -0.05 -13.58 -14.60
H23 DPV I . 1.62 -11.13 -15.39
H23A DPV I . 1.04 -11.39 -13.74
H23B DPV I . -0.12 -11.18 -15.07
N DPV J . 6.05 -32.73 -16.73
P DPV J . 7.58 -32.80 -12.62
C1 DPV J . 8.63 -30.48 -13.17
C2 DPV J . 9.08 -29.61 -14.35
C3 DPV J . 9.65 -28.24 -13.84
C4 DPV J . 5.97 -34.00 -14.38
C5 DPV J . 5.54 -32.77 -15.26
C6 DPV J . 5.73 -33.99 -17.53
C7 DPV J . 5.37 -31.56 -17.43
C8 DPV J . 7.58 -32.48 -16.79
C15 DPV J . 9.70 -27.19 -14.99
C16 DPV J . 10.23 -25.81 -14.48
C17 DPV J . 9.89 -24.69 -15.53
C18 DPV J . 10.10 -23.25 -14.95
C19 DPV J . 9.48 -22.18 -15.92
O1P DPV J . 8.58 -33.29 -11.66
C20 DPV J . 9.33 -20.76 -15.28
C21 DPV J . 10.57 -19.86 -15.53
C22 DPV J . 10.41 -18.48 -14.82
C23 DPV J . 11.64 -17.57 -15.06
O2P DPV J . 6.35 -32.34 -11.94
O3P DPV J . 8.16 -31.75 -13.67
O4P DPV J . 7.31 -33.82 -13.83
H1 DPV J . 9.45 -30.64 -12.47
H1A DPV J . 7.81 -29.98 -12.65
H2 DPV J . 9.86 -30.14 -14.93
H2A DPV J . 8.23 -29.44 -15.01
H3 DPV J . 10.63 -28.38 -13.40
H3A DPV J . 8.99 -27.85 -13.05
H4 DPV J . 5.27 -34.09 -13.55
H4A DPV J . 5.93 -34.92 -14.97
H5 DPV J . 4.44 -32.75 -15.33
H5A DPV J . 5.87 -31.85 -14.78
H6 DPV J . 4.66 -34.20 -17.44
H6A DPV J . 6.30 -34.82 -17.11
H6B DPV J . 6.00 -33.84 -18.59
H7 DPV J . 5.64 -30.62 -16.92
H7A DPV J . 4.28 -31.68 -17.37
H7B DPV J . 5.69 -31.51 -18.48
H8 DPV J . 7.80 -31.58 -16.20
H8A DPV J . 7.87 -32.31 -17.83
H8B DPV J . 8.11 -33.34 -16.36
H15 DPV J . 8.70 -27.07 -15.42
H15A DPV J . 10.35 -27.56 -15.79
H16 DPV J . 9.76 -25.56 -13.54
H16A DPV J . 11.32 -25.86 -14.32
H17 DPV J . 10.53 -24.82 -16.41
H17A DPV J . 8.86 -24.80 -15.85
H18 DPV J . 9.63 -23.17 -13.97
H18A DPV J . 11.17 -23.03 -14.82
H19 DPV J . 10.05 -22.11 -16.85
H19A DPV J . 8.47 -22.49 -16.22
H20 DPV J . 8.45 -20.28 -15.74
H20A DPV J . 9.12 -20.85 -14.22
H21 DPV J . 11.46 -20.38 -15.15
H21A DPV J . 10.71 -19.73 -16.60
H22 DPV J . 9.51 -17.96 -15.18
H22A DPV J . 10.30 -18.63 -13.74
H23 DPV J . 12.52 -18.01 -14.61
H23A DPV J . 11.47 -16.59 -14.60
H23B DPV J . 11.81 -17.43 -16.13
N DPV K . 12.26 -38.51 -1.90
P DPV K . 16.90 -36.57 -0.41
C1 DPV K . 16.98 -34.08 -1.28
C2 DPV K . 15.77 -33.34 -0.66
C3 DPV K . 14.46 -33.49 -1.52
C4 DPV K . 14.57 -37.71 -0.88
C5 DPV K . 13.81 -38.34 -2.10
C6 DPV K . 11.94 -39.51 -0.75
C7 DPV K . 11.55 -37.18 -1.66
C8 DPV K . 11.68 -39.13 -3.18
C15 DPV K . 13.17 -33.08 -0.75
C16 DPV K . 12.75 -34.10 0.37
C17 DPV K . 13.09 -33.57 1.80
C18 DPV K . 11.95 -32.71 2.39
C19 DPV K . 12.40 -31.94 3.66
O1P DPV K . 18.31 -36.97 -0.34
C20 DPV K . 11.21 -31.19 4.30
C21 DPV K . 11.69 -30.14 5.31
C22 DPV K . 10.51 -29.44 5.98
C23 DPV K . 11.02 -28.33 6.94
O2P DPV K . 16.36 -36.22 0.91
O3P DPV K . 16.63 -35.47 -1.54
O4P DPV K . 15.97 -37.58 -1.23
H1 DPV K . 17.24 -33.61 -2.22
H1A DPV K . 17.85 -34.03 -0.60
H2 DPV K . 15.61 -33.73 0.34
H2A DPV K . 16.00 -32.28 -0.56
H3 DPV K . 14.35 -34.53 -1.87
H3A DPV K . 14.56 -32.88 -2.42
H4 DPV K . 14.18 -36.72 -0.66
H4A DPV K . 14.49 -38.33 0.01
H5 DPV K . 13.95 -37.73 -2.99
H5A DPV K . 14.22 -39.34 -2.29
H6 DPV K . 12.39 -40.47 -0.98
H6A DPV K . 10.85 -39.61 -0.65
H6B DPV K . 12.35 -39.10 0.17
H7 DPV K . 11.83 -36.48 -2.46
H7A DPV K . 11.86 -36.79 -0.69
H7B DPV K . 10.47 -37.35 -1.67
H8 DPV K . 12.08 -40.15 -3.29
H8A DPV K . 12.00 -38.53 -4.04
H8B DPV K . 10.59 -39.15 -3.10
H15 DPV K . 12.36 -33.03 -1.47
H15A DPV K . 13.28 -32.08 -0.33
H16 DPV K . 11.68 -34.29 0.31
H16A DPV K . 13.25 -35.04 0.22
H17 DPV K . 13.28 -34.43 2.44
H17A DPV K . 14.01 -32.99 1.76
H18 DPV K . 11.63 -31.97 1.66
H18A DPV K . 11.10 -33.35 2.61
H19 DPV K . 12.81 -32.64 4.38
H19A DPV K . 13.19 -31.25 3.38
H20 DPV K . 10.63 -30.70 3.53
H20A DPV K . 10.55 -31.92 4.79
H21 DPV K . 12.32 -30.62 6.09
H21A DPV K . 12.31 -29.40 4.80
H22 DPV K . 9.86 -28.98 5.23
H22A DPV K . 9.91 -30.17 6.54
H23 DPV K . 11.69 -28.75 7.69
H23A DPV K . 10.17 -27.87 7.44
H23B DPV K . 11.57 -27.57 6.39
N DPV L . 16.59 -33.83 5.24
P DPV L . 20.15 -34.19 2.37
C1 DPV L . 22.32 -34.18 3.83
C2 DPV L . 23.06 -33.29 4.84
C3 DPV L . 22.44 -33.36 6.27
C4 DPV L . 17.60 -33.84 2.78
C5 DPV L . 16.62 -33.17 3.80
C6 DPV L . 17.93 -33.67 5.98
C7 DPV L . 16.21 -35.32 5.19
C8 DPV L . 15.50 -33.11 6.06
C15 DPV L . 23.11 -32.37 7.27
C16 DPV L . 22.72 -30.89 7.04
C17 DPV L . 23.21 -29.99 8.21
C18 DPV L . 22.90 -28.48 7.98
C19 DPV L . 21.42 -28.14 8.26
O1P DPV L . 20.44 -33.67 1.02
C20 DPV L . 21.11 -26.65 7.98
C21 DPV L . 19.60 -26.39 8.15
C22 DPV L . 19.24 -24.91 7.87
C23 DPV L . 17.74 -24.66 8.06
O2P DPV L . 20.06 -35.68 2.41
O3P DPV L . 21.06 -33.56 3.51
O4P DPV L . 18.94 -33.45 3.09
H1 DPV L . 22.90 -34.27 2.91
H1A DPV L . 22.13 -35.17 4.26
H2 DPV L . 24.11 -33.59 4.88
H2A DPV L . 23.04 -32.25 4.46
H3 DPV L . 22.57 -34.37 6.65
H3A DPV L . 21.36 -33.16 6.23
H4 DPV L . 17.53 -34.93 2.82
H4A DPV L . 17.37 -33.51 1.78
H5 DPV L . 16.88 -32.12 3.93
H5A DPV L . 15.62 -33.24 3.40
H6 DPV L . 18.70 -34.26 5.46
H6A DPV L . 17.82 -34.05 7.01
H6B DPV L . 18.20 -32.61 6.00
H7 DPV L . 15.31 -35.43 4.58
H7A DPV L . 16.03 -35.68 6.21
H7B DPV L . 17.04 -35.88 4.75
H8 DPV L . 14.55 -33.23 5.55
H8A DPV L . 15.74 -32.04 6.15
H8B DPV L . 15.45 -33.56 7.05
H15 DPV L . 24.19 -32.48 7.22
H15A DPV L . 22.79 -32.67 8.28
H16 DPV L . 23.16 -30.54 6.10
H16A DPV L . 21.63 -30.81 6.94
H17 DPV L . 22.76 -30.32 9.15
H17A DPV L . 24.28 -30.11 8.33
H18 DPV L . 23.52 -27.89 8.65
H18A DPV L . 23.17 -28.20 6.96
H19 DPV L . 20.78 -28.77 7.64
H19A DPV L . 21.19 -28.36 9.29
H20 DPV L . 21.67 -26.03 8.67
H20A DPV L . 21.40 -26.41 6.96
H21 DPV L . 19.03 -27.04 7.48
H21A DPV L . 19.31 -26.65 9.18
H22 DPV L . 19.80 -24.26 8.54
H22A DPV L . 19.52 -24.65 6.84
H23 DPV L . 17.45 -24.82 9.10
H23A DPV L . 17.13 -25.30 7.42
H23B DPV L . 17.52 -23.62 7.81
N DPV M . 25.94 -25.61 10.00
P DPV M . 21.12 -25.39 12.06
C1 DPV M . 18.95 -23.96 11.74
C2 DPV M . 18.65 -23.31 13.12
C3 DPV M . 17.11 -23.26 13.35
C4 DPV M . 23.57 -25.64 11.16
C5 DPV M . 24.44 -25.16 9.97
C6 DPV M . 26.13 -27.14 10.01
C7 DPV M . 26.69 -24.99 11.21
C8 DPV M . 26.61 -25.07 8.72
C15 DPV M . 16.70 -22.63 14.70
C16 DPV M . 16.88 -21.07 14.74
C17 DPV M . 15.71 -20.34 15.51
C18 DPV M . 14.74 -19.56 14.56
C19 DPV M . 13.83 -20.49 13.70
O1P DPV M . 20.41 -26.65 11.72
C20 DPV M . 12.94 -19.67 12.72
C21 DPV M . 12.10 -20.58 11.77
C22 DPV M . 10.70 -20.93 12.35
C23 DPV M . 10.02 -22.04 11.52
O2P DPV M . 21.53 -25.31 13.48
O3P DPV M . 20.37 -24.06 11.55
O4P DPV M . 22.28 -25.01 11.03
H1 DPV M . 18.50 -24.95 11.69
H1A DPV M . 18.55 -23.33 10.95
H2 DPV M . 19.13 -23.91 13.90
H2A DPV M . 19.08 -22.31 13.15
H3 DPV M . 16.73 -24.29 13.33
H3A DPV M . 16.62 -22.72 12.56
H4 DPV M . 23.44 -26.71 11.15
H4A DPV M . 24.02 -25.31 12.13
H5 DPV M . 24.01 -25.53 9.04
H5A DPV M . 24.43 -24.07 9.94
H6 DPV M . 25.65 -27.57 9.13
H6A DPV M . 25.67 -27.54 10.92
H6B DPV M . 27.19 -27.36 10.01
H7 DPV M . 26.54 -23.90 11.20
H7A DPV M . 27.76 -25.23 11.13
H7B DPV M . 26.28 -25.41 12.14
H8 DPV M . 26.49 -23.99 8.70
H8A DPV M . 26.13 -25.52 7.85
H8B DPV M . 27.68 -25.33 8.74
H15 DPV M . 17.26 -23.07 15.53
H15A DPV M . 15.65 -22.90 14.87
H16 DPV M . 17.82 -20.82 15.24
H16A DPV M . 16.97 -20.69 13.72
H17 DPV M . 15.17 -21.05 16.14
H17A DPV M . 16.18 -19.62 16.19
H18 DPV M . 14.09 -18.93 15.17
H18A DPV M . 15.32 -18.90 13.91
H19 DPV M . 14.46 -21.17 13.12
H19A DPV M . 13.20 -21.10 14.34
H20 DPV M . 12.30 -18.99 13.30
H20A DPV M . 13.58 -19.03 12.11
H21 DPV M . 11.98 -20.07 10.82
H21A DPV M . 12.66 -21.50 11.56
H22 DPV M . 10.81 -21.26 13.39
H22A DPV M . 10.08 -20.04 12.35
H23 DPV M . 10.54 -22.99 11.62
H23A DPV M . 10.01 -21.78 10.45
H23B DPV M . 8.98 -22.19 11.83
N DPV N . 25.74 -8.72 12.73
P DPV N . 27.13 -12.64 11.04
C1 DPV N . 28.10 -11.00 9.25
C2 DPV N . 27.48 -10.14 8.14
C3 DPV N . 28.31 -8.84 7.94
C4 DPV N . 25.40 -11.38 12.60
C5 DPV N . 26.17 -10.16 13.26
C6 DPV N . 26.54 -7.71 13.57
C7 DPV N . 24.25 -8.43 12.97
C8 DPV N . 26.10 -8.51 11.27
C15 DPV N . 27.75 -7.93 6.79
C16 DPV N . 27.02 -6.65 7.29
C17 DPV N . 25.54 -6.89 7.71
C18 DPV N . 24.81 -5.54 7.96
C19 DPV N . 23.33 -5.71 8.39
O1P DPV N . 28.32 -12.32 11.87
C20 DPV N . 22.59 -4.34 8.42
C21 DPV N . 21.10 -4.43 8.88
C22 DPV N . 20.15 -5.05 7.81
C23 DPV N . 18.69 -5.07 8.30
O2P DPV N . 26.77 -14.06 11.13
O3P DPV N . 27.21 -12.10 9.54
O4P DPV N . 25.90 -11.63 11.27
H1 DPV N . 29.07 -11.37 8.93
H1A DPV N . 28.23 -10.40 10.15
H2 DPV N . 27.43 -10.71 7.22
H2A DPV N . 26.44 -9.88 8.41
H3 DPV N . 29.34 -9.13 7.68
H3A DPV N . 28.35 -8.27 8.88
H4 DPV N . 25.56 -12.28 13.21
H4A DPV N . 24.34 -11.16 12.54
H5 DPV N . 25.98 -10.17 14.33
H5A DPV N . 27.24 -10.25 13.09
H6 DPV N . 27.61 -7.90 13.43
H6A DPV N . 26.27 -7.84 14.63
H6B DPV N . 26.29 -6.70 13.24
H7 DPV N . 23.65 -9.09 12.33
H7A DPV N . 24.04 -7.39 12.72
H7B DPV N . 24.01 -8.61 14.03
H8 DPV N . 25.50 -9.19 10.66
H8A DPV N . 27.17 -8.71 11.12
H8B DPV N . 25.87 -7.48 10.98
H15 DPV N . 27.10 -8.50 6.14
H15A DPV N . 28.60 -7.62 6.17
H16 DPV N . 27.58 -6.19 8.11
H16A DPV N . 27.02 -5.92 6.47
H17 DPV N . 25.01 -7.43 6.93
H17A DPV N . 25.51 -7.51 8.62
H18 DPV N . 25.34 -4.96 8.73
H18A DPV N . 24.83 -4.94 7.04
H19 DPV N . 22.86 -6.37 7.66
H19A DPV N . 23.28 -6.19 9.37
H20 DPV N . 23.11 -3.67 9.10
H20A DPV N . 22.63 -3.88 7.42
H21 DPV N . 21.05 -5.05 9.79
H21A DPV N . 20.73 -3.44 9.14
H22 DPV N . 20.23 -4.49 6.88
H22A DPV N . 20.47 -6.08 7.57
H23 DPV N . 18.03 -5.53 7.57
H23A DPV N . 18.34 -4.06 8.47
H23B DPV N . 18.60 -5.64 9.22
N DPV O . 11.46 -11.92 17.70
P DPV O . 7.49 -9.26 15.55
C1 DPV O . 7.16 -7.90 13.35
C2 DPV O . 7.99 -7.30 12.19
C3 DPV O . 8.74 -8.38 11.34
C4 DPV O . 9.30 -10.76 16.68
C5 DPV O . 10.81 -10.64 17.07
C6 DPV O . 12.90 -11.54 18.09
C7 DPV O . 11.54 -13.08 16.67
C8 DPV O . 10.76 -12.38 18.98
C15 DPV O . 7.85 -9.04 10.21
C16 DPV O . 7.86 -8.21 8.91
C17 DPV O . 6.95 -8.86 7.82
C18 DPV O . 7.03 -8.13 6.44
C19 DPV O . 8.16 -8.74 5.55
O1P DPV O . 6.68 -10.45 15.17
C20 DPV O . 8.17 -8.14 4.11
C21 DPV O . 9.14 -8.94 3.19
C22 DPV O . 9.21 -8.35 1.76
C23 DPV O . 10.09 -9.21 0.83
O2P DPV O . 6.81 -8.41 16.53
O3P DPV O . 8.08 -8.46 14.31
O4P DPV O . 8.98 -9.60 15.92
H1 DPV O . 6.58 -7.11 13.85
H1A DPV O . 6.48 -8.69 13.00
H2 DPV O . 7.34 -6.70 11.56
H2A DPV O . 8.73 -6.62 12.62
H3 DPV O . 9.11 -9.17 11.99
H3A DPV O . 9.64 -7.93 10.90
H4 DPV O . 9.13 -11.65 16.07
H4A DPV O . 8.68 -10.80 17.59
H5 DPV O . 11.39 -10.42 16.17
H5A DPV O . 10.93 -9.82 17.77
H6 DPV O . 12.87 -10.69 18.79
H6A DPV O . 13.43 -11.24 17.17
H6B DPV O . 13.39 -12.40 18.55
H7 DPV O . 10.53 -13.38 16.38
H7A DPV O . 12.04 -13.92 17.14
H7B DPV O . 12.10 -12.73 15.79
H8 DPV O . 9.74 -12.68 18.73
H8A DPV O . 10.73 -11.54 19.69
H8B DPV O . 11.30 -13.22 19.40
H15 DPV O . 6.83 -9.18 10.58
H15A DPV O . 8.25 -10.03 10.01
H16 DPV O . 7.50 -7.21 9.13
H16A DPV O . 8.89 -8.12 8.54
H17 DPV O . 7.19 -9.92 7.70
H17A DPV O . 5.91 -8.83 8.17
H18 DPV O . 6.08 -8.24 5.93
H18A DPV O . 7.20 -7.06 6.58
H19 DPV O . 9.14 -8.59 6.01
H19A DPV O . 8.01 -9.81 5.46
H20 DPV O . 7.16 -8.17 3.70
H20A DPV O . 8.46 -7.09 4.15
H21 DPV O . 10.15 -8.95 3.63
H21A DPV O . 8.80 -9.98 3.13
H22 DPV O . 8.19 -8.31 1.34
H22A DPV O . 9.62 -7.34 1.79
H23 DPV O . 10.29 -8.66 -0.10
H23A DPV O . 9.57 -10.13 0.57
H23B DPV O . 11.04 -9.44 1.31
N DPV P . 17.10 -9.09 15.94
P DPV P . 12.48 -7.17 17.52
C1 DPV P . 10.71 -7.31 19.40
C2 DPV P . 10.03 -8.34 20.34
C3 DPV P . 8.93 -7.64 21.19
C4 DPV P . 14.87 -7.90 16.77
C5 DPV P . 15.83 -9.15 16.86
C6 DPV P . 18.00 -7.88 16.24
C7 DPV P . 16.72 -9.10 14.44
C8 DPV P . 17.95 -10.35 16.22
C15 DPV P . 8.13 -8.57 22.15
C16 DPV P . 7.10 -9.49 21.42
C17 DPV P . 7.56 -10.96 21.35
C18 DPV P . 6.68 -11.77 20.40
C19 DPV P . 7.14 -13.26 20.35
O1P DPV P . 12.87 -5.77 17.83
C20 DPV P . 6.41 -14.11 19.28
C21 DPV P . 6.81 -13.78 17.81
C22 DPV P . 5.93 -14.56 16.80
C23 DPV P . 6.30 -14.26 15.33
O2P DPV P . 11.66 -7.26 16.29
O3P DPV P . 11.83 -7.92 18.77
O4P DPV P . 13.70 -8.20 17.57
H1 DPV P . 10.00 -6.99 18.64
H1A DPV P . 11.05 -6.43 19.96
H2 DPV P . 9.58 -9.14 19.73
H2A DPV P . 10.78 -8.79 21.00
H3 DPV P . 8.23 -7.12 20.52
H3A DPV P . 9.42 -6.86 21.79
H4 DPV P . 15.37 -7.02 17.17
H4A DPV P . 14.59 -7.71 15.72
H5 DPV P . 16.17 -9.29 17.90
H5A DPV P . 15.28 -10.06 16.56
H6 DPV P . 17.43 -6.96 16.04
H6A DPV P . 18.88 -7.93 15.60
H6B DPV P . 18.30 -7.90 17.29
H7 DPV P . 16.11 -9.97 14.24
H7A DPV P . 17.64 -9.16 13.85
H7B DPV P . 16.19 -8.17 14.21
H8 DPV P . 17.33 -11.24 16.03
H8A DPV P . 18.26 -10.34 17.27
H8B DPV P . 18.83 -10.34 15.56
H15 DPV P . 7.59 -7.93 22.86
H15A DPV P . 8.83 -9.17 22.75
H16 DPV P . 6.16 -9.44 21.97
H16A DPV P . 6.90 -9.10 20.41
H17 DPV P . 8.60 -11.00 21.02
H17A DPV P . 7.52 -11.40 22.35
H18 DPV P . 5.63 -11.72 20.71
H18A DPV P . 6.74 -11.33 19.40
H19 DPV P . 8.21 -13.31 20.18
H19A DPV P . 6.96 -13.70 21.33
H20 DPV P . 6.63 -15.16 19.48
H20A DPV P . 5.33 -13.99 19.40
H21 DPV P . 6.69 -12.70 17.61
H21A DPV P . 7.86 -14.03 17.66
H22 DPV P . 6.04 -15.64 16.99
H22A DPV P . 4.88 -14.32 16.96
H23 DPV P . 6.21 -13.20 15.12
H23A DPV P . 5.63 -14.79 14.66
H23B DPV P . 7.33 -14.58 15.12
N DPV Q . 15.22 -0.62 9.79
P DPV Q . 11.77 2.62 9.04
C1 DPV Q . 9.76 3.01 7.40
C2 DPV Q . 9.04 2.41 6.18
C3 DPV Q . 9.80 2.67 4.85
C4 DPV Q . 12.79 0.19 9.18
C5 DPV Q . 13.98 0.23 10.18
C6 DPV Q . 14.87 -2.13 9.59
C7 DPV Q . 16.22 -0.55 10.96
C8 DPV Q . 15.91 -0.06 8.54
C15 DPV Q . 9.30 1.70 3.75
C16 DPV Q . 9.82 2.10 2.34
C17 DPV Q . 9.60 0.99 1.28
C18 DPV Q . 10.80 -0.02 1.23
C19 DPV Q . 10.50 -1.18 0.28
O1P DPV Q . 11.12 3.58 9.96
C20 DPV Q . 11.65 -2.23 0.23
C21 DPV Q . 11.28 -3.41 -0.70
C22 DPV Q . 12.30 -4.60 -0.63
C23 DPV Q . 13.58 -4.31 -1.41
O2P DPV Q . 13.09 3.08 8.60
O3P DPV Q . 10.83 2.14 7.83
O4P DPV Q . 11.77 1.12 9.62
H1 DPV Q . 10.17 4.01 7.17
H1A DPV Q . 9.05 3.11 8.24
H2 DPV Q . 8.91 1.36 6.33
H2A DPV Q . 8.04 2.84 6.10
H3 DPV Q . 10.88 2.51 4.98
H3A DPV Q . 9.65 3.71 4.54
H4 DPV Q . 13.12 0.46 8.17
H4A DPV Q . 12.34 -0.81 9.17
H5 DPV Q . 14.33 1.26 10.32
H5A DPV Q . 13.66 -0.14 11.16
H6 DPV Q . 14.32 -2.47 10.47
H6A DPV Q . 15.79 -2.71 9.46
H6B DPV Q . 14.24 -2.22 8.71
H7 DPV Q . 17.09 -1.15 10.71
H7A DPV Q . 15.74 -0.95 11.85
H7B DPV Q . 16.51 0.50 11.13
H8 DPV Q . 16.18 0.99 8.75
H8A DPV Q . 15.23 -0.10 7.69
H8B DPV Q . 16.81 -0.64 8.32
H15 DPV Q . 8.20 1.70 3.74
H15A DPV Q . 9.62 0.68 3.99
H16 DPV Q . 9.29 3.00 2.00
H16A DPV Q . 10.88 2.37 2.38
H17 DPV Q . 8.67 0.46 1.49
H17A DPV Q . 9.50 1.46 0.29
H18 DPV Q . 11.70 0.51 0.91
H18A DPV Q . 11.00 -0.40 2.24
H19 DPV Q . 9.59 -1.68 0.59
H19A DPV Q . 10.31 -0.78 -0.74
H20 DPV Q . 12.56 -1.75 -0.12
H20A DPV Q . 11.83 -2.59 1.25
H21 DPV Q . 10.31 -3.81 -0.42
H21A DPV Q . 11.19 -3.09 -1.73
H22 DPV Q . 12.52 -4.83 0.41
H22A DPV Q . 11.82 -5.50 -1.04
H23 DPV Q . 14.21 -5.20 -1.43
H23A DPV Q . 14.17 -3.51 -0.94
H23B DPV Q . 13.37 -4.02 -2.44
N DPV R . 2.94 -5.80 17.01
P DPV R . 0.90 -4.28 12.53
C1 DPV R . 2.84 -5.91 11.84
C2 DPV R . 4.36 -5.96 11.46
C3 DPV R . 4.69 -5.37 10.06
C4 DPV R . 1.83 -4.49 15.01
C5 DPV R . 1.63 -5.42 16.24
C6 DPV R . 3.65 -4.56 17.61
C7 DPV R . 3.93 -6.60 16.12
C8 DPV R . 2.52 -6.71 18.17
C15 DPV R . 4.11 -6.21 8.89
C16 DPV R . 4.29 -5.50 7.53
C17 DPV R . 3.48 -6.24 6.43
C18 DPV R . 3.46 -5.52 5.06
C19 DPV R . 4.65 -5.87 4.13
O1P DPV R . -0.05 -4.93 11.61
C20 DPV R . 4.44 -5.29 2.72
C21 DPV R . 5.62 -5.55 1.76
C22 DPV R . 6.80 -4.57 1.96
C23 DPV R . 7.87 -4.73 0.88
O2P DPV R . 0.60 -2.84 12.70
O3P DPV R . 2.44 -4.53 12.14
O4P DPV R . 1.06 -5.05 13.93
H1 DPV R . 2.23 -6.28 11.00
H1A DPV R . 2.67 -6.52 12.71
H2 DPV R . 4.90 -5.40 12.23
H2A DPV R . 4.71 -7.00 11.51
H3 DPV R . 5.80 -5.31 9.96
H3A DPV R . 4.31 -4.35 9.99
H4 DPV R . 1.46 -3.48 15.23
H4A DPV R . 2.87 -4.40 14.71
H5 DPV R . 0.97 -4.92 16.96
H5A DPV R . 1.17 -6.36 15.94
H6 DPV R . 4.53 -4.89 18.14
H6A DPV R . 2.96 -4.06 18.28
H6B DPV R . 3.91 -3.89 16.79
H7 DPV R . 3.43 -7.48 15.72
H7A DPV R . 4.78 -6.91 16.74
H7B DPV R . 4.30 -5.97 15.30
H8 DPV R . 2.04 -7.59 17.76
H8A DPV R . 1.83 -6.17 18.82
H8B DPV R . 3.41 -7.00 18.75
H15 DPV R . 3.04 -6.39 9.06
H15A DPV R . 4.60 -7.19 8.87
H16 DPV R . 3.94 -4.46 7.61
H16A DPV R . 5.35 -5.47 7.24
H17 DPV R . 3.85 -7.25 6.30
H17A DPV R . 2.43 -6.33 6.77
H18 DPV R . 2.54 -5.79 4.56
H18A DPV R . 3.41 -4.42 5.20
H19 DPV R . 5.58 -5.49 4.57
H19A DPV R . 4.77 -6.95 4.08
H20 DPV R . 3.55 -5.74 2.30
H20A DPV R . 4.23 -4.21 2.79
H21 DPV R . 5.98 -6.59 1.85
H21A DPV R . 5.25 -5.43 0.73
H22 DPV R . 6.44 -3.53 1.93
H22A DPV R . 7.26 -4.74 2.94
H23 DPV R . 7.45 -4.55 -0.11
H23A DPV R . 8.31 -5.74 0.89
H23B DPV R . 8.67 -4.01 1.07
N DPV S . -6.07 -4.20 5.03
P DPV S . -3.56 -7.94 6.68
C1 DPV S . -2.09 -8.85 4.73
C2 DPV S . -2.14 -9.05 3.19
C3 DPV S . -0.85 -9.72 2.65
C4 DPV S . -5.70 -6.78 5.48
C5 DPV S . -5.35 -5.30 5.87
C6 DPV S . -5.97 -4.45 3.50
C7 DPV S . -5.40 -2.85 5.36
C8 DPV S . -7.55 -4.10 5.42
C15 DPV S . -0.88 -11.28 2.67
C16 DPV S . -0.34 -11.90 4.00
C17 DPV S . -0.07 -13.42 3.84
C18 DPV S . 0.34 -14.09 5.18
C19 DPV S . 0.94 -15.52 4.97
O1P DPV S . -2.82 -6.74 7.15
C20 DPV S . 2.47 -15.49 4.62
C21 DPV S . 3.03 -16.87 4.12
C22 DPV S . 3.12 -17.96 5.24
C23 DPV S . 4.05 -19.13 4.83
O2P DPV S . -3.28 -9.11 7.54
O3P DPV S . -3.33 -8.25 5.13
O4P DPV S . -5.14 -7.69 6.46
H1 DPV S . -1.99 -9.81 5.24
H1A DPV S . -1.26 -8.21 5.00
H2 DPV S . -3.02 -9.64 2.91
H2A DPV S . -2.26 -8.07 2.72
H3 DPV S . 0.03 -9.34 3.18
H3A DPV S . -0.74 -9.39 1.60
H4 DPV S . -6.79 -6.92 5.48
H4A DPV S . -5.31 -7.02 4.50
H5 DPV S . -5.60 -5.12 6.92
H5A DPV S . -4.29 -5.15 5.75
H6 DPV S . -6.55 -5.35 3.25
H6A DPV S . -4.91 -4.58 3.23
H6B DPV S . -6.40 -3.59 2.99
H7 DPV S . -5.45 -2.70 6.44
H7A DPV S . -5.92 -2.05 4.83
H7B DPV S . -4.36 -2.91 5.02
H8 DPV S . -7.62 -3.89 6.50
H8A DPV S . -8.05 -5.05 5.20
H8B DPV S . -8.02 -3.30 4.85
H15 DPV S . -0.27 -11.64 1.84
H15A DPV S . -1.90 -11.64 2.47
H16 DPV S . 0.59 -11.41 4.28
H16A DPV S . -1.05 -11.72 4.81
H17 DPV S . -0.98 -13.91 3.48
H17A DPV S . 0.70 -13.58 3.08
H18 DPV S . 1.08 -13.46 5.70
H18A DPV S . -0.52 -14.17 5.82
H19 DPV S . 0.81 -16.08 5.90
H19A DPV S . 0.38 -16.05 4.20
H20 DPV S . 2.63 -14.76 3.81
H20A DPV S . 3.05 -15.16 5.48
H21 DPV S . 2.42 -17.24 3.30
H21A DPV S . 4.04 -16.72 3.72
H22 DPV S . 3.46 -17.53 6.16
H22A DPV S . 2.11 -18.36 5.43
H23 DPV S . 3.68 -19.63 3.93
H23A DPV S . 4.09 -19.86 5.65
H23B DPV S . 5.06 -18.77 4.65
N DPV T . -7.49 -10.28 -11.30
P DPV T . -4.38 -13.88 -13.46
C1 DPV T . -2.17 -13.40 -12.15
C2 DPV T . -1.37 -12.23 -11.58
C3 DPV T . -0.04 -12.68 -10.93
C4 DPV T . -6.27 -12.38 -12.37
C5 DPV T . -6.79 -10.91 -12.55
C6 DPV T . -6.60 -10.30 -10.04
C7 DPV T . -8.83 -10.99 -11.01
C8 DPV T . -7.79 -8.81 -11.63
C15 DPV T . 0.82 -11.46 -10.48
C16 DPV T . 2.00 -11.91 -9.58
C17 DPV T . 2.92 -10.73 -9.21
C18 DPV T . 3.98 -11.15 -8.16
C19 DPV T . 4.93 -9.98 -7.78
O1P DPV T . -4.80 -15.05 -12.67
C20 DPV T . 5.98 -10.43 -6.75
C21 DPV T . 6.93 -9.26 -6.34
C22 DPV T . 7.94 -9.67 -5.23
C23 DPV T . 9.06 -10.61 -5.72
O2P DPV T . -3.86 -14.27 -14.78
O3P DPV T . -3.41 -12.88 -12.67
O4P DPV T . -5.50 -12.70 -13.54
H1 DPV T . -1.63 -13.90 -12.96
H1A DPV T . -2.40 -14.14 -11.36
H2 DPV T . -1.15 -11.51 -12.37
H2A DPV T . -1.97 -11.72 -10.82
H3 DPV T . 0.52 -13.28 -11.63
H3A DPV T . -0.26 -13.30 -10.07
H4 DPV T . -5.63 -12.46 -11.49
H4A DPV T . -7.10 -13.09 -12.28
H5 DPV T . -5.94 -10.26 -12.82
H5A DPV T . -7.51 -10.88 -13.37
H6 DPV T . -6.41 -11.33 -9.74
H6A DPV T . -7.12 -9.77 -9.24
H6B DPV T . -5.65 -9.81 -10.28
H7 DPV T . -9.46 -10.96 -11.90
H7A DPV T . -9.33 -10.46 -10.18
H7B DPV T . -8.62 -12.02 -10.73
H8 DPV T . -6.86 -8.30 -11.88
H8A DPV T . -8.28 -8.34 -10.77
H8B DPV T . -8.46 -8.79 -12.51
H15 DPV T . 0.20 -10.75 -9.94
H15A DPV T . 1.20 -10.94 -11.38
H16 DPV T . 1.60 -12.36 -8.68
H16A DPV T . 2.58 -12.66 -10.11
H17 DPV T . 3.42 -10.34 -10.10
H17A DPV T . 2.34 -9.90 -8.81
H18 DPV T . 3.47 -11.51 -7.27
H18A DPV T . 4.56 -11.97 -8.58
H19 DPV T . 5.44 -9.61 -8.67
H19A DPV T . 4.34 -9.15 -7.38
H20 DPV T . 5.47 -10.79 -5.85
H20A DPV T . 6.57 -11.26 -7.14
H21 DPV T . 7.47 -8.91 -7.22
H21A DPV T . 6.33 -8.43 -5.98
H22 DPV T . 8.40 -8.77 -4.82
H22A DPV T . 7.41 -10.16 -4.41
H23 DPV T . 9.70 -10.10 -6.45
H23A DPV T . 8.64 -11.51 -6.19
H23B DPV T . 9.68 -10.91 -4.87
N DPV U . -8.99 -10.78 -5.74
P DPV U . -11.52 -14.61 -6.11
C1 DPV U . -13.25 -13.32 -4.60
C2 DPV U . -13.50 -13.09 -3.09
C3 DPV U . -12.24 -12.59 -2.36
C4 DPV U . -9.21 -13.42 -5.69
C5 DPV U . -9.63 -12.03 -5.06
C6 DPV U . -9.43 -9.52 -4.96
C7 DPV U . -9.46 -10.62 -7.19
C8 DPV U . -7.45 -10.82 -5.73
C15 DPV U . -12.44 -12.57 -0.80
C16 DPV U . -11.13 -12.25 0.01
C17 DPV U . -10.09 -13.42 -0.01
C18 DPV U . -8.92 -13.14 -1.00
C19 DPV U . -8.43 -14.46 -1.69
O1P DPV U . -11.77 -13.55 -7.11
C20 DPV U . -7.17 -14.19 -2.54
C21 DPV U . -6.70 -15.44 -3.34
C22 DPV U . -5.29 -15.27 -3.98
C23 DPV U . -5.22 -14.18 -5.08
O2P DPV U . -11.71 -15.96 -6.68
O3P DPV U . -12.28 -14.41 -4.72
O4P DPV U . -10.14 -14.46 -5.30
H1 DPV U . -14.16 -13.62 -5.10
H1A DPV U . -12.83 -12.42 -5.08
H2 DPV U . -14.30 -12.34 -2.98
H2A DPV U . -13.84 -14.01 -2.63
H3 DPV U . -11.99 -11.58 -2.69
H3A DPV U . -11.38 -13.23 -2.61
H4 DPV U . -9.21 -13.35 -6.76
H4A DPV U . -8.22 -13.70 -5.34
H5 DPV U . -10.71 -11.91 -5.13
H5A DPV U . -9.34 -12.01 -4.00
H6 DPV U . -9.08 -9.59 -3.92
H6A DPV U . -10.54 -9.47 -4.97
H6B DPV U . -9.02 -8.63 -5.45
H7 DPV U . -9.19 -9.62 -7.55
H7A DPV U . -10.55 -10.76 -7.22
H7B DPV U . -8.97 -11.40 -7.79
H8 DPV U . -7.13 -11.68 -6.33
H8A DPV U . -7.12 -10.93 -4.70
H8B DPV U . -7.07 -9.89 -6.14
H15 DPV U . -12.84 -13.54 -0.48
H15A DPV U . -13.20 -11.82 -0.57
H16 DPV U . -10.70 -11.32 -0.33
H16A DPV U . -11.42 -12.09 1.06
H17 DPV U . -9.67 -13.54 0.99
H17A DPV U . -10.60 -14.36 -0.26
H18 DPV U . -9.23 -12.44 -1.77
H18A DPV U . -8.11 -12.67 -0.46
H19 DPV U . -8.19 -15.23 -0.94
H19A DPV U . -9.24 -14.83 -2.32
H20 DPV U . -7.37 -13.38 -3.24
H20A DPV U . -6.37 -13.86 -1.89
H21 DPV U . -6.68 -16.31 -2.68
H21A DPV U . -7.43 -15.67 -4.14
H22 DPV U . -4.57 -15.04 -3.20
H22A DPV U . -4.99 -16.23 -4.42
H23 DPV U . -6.00 -14.33 -5.84
H23A DPV U . -4.24 -14.20 -5.59
H23B DPV U . -5.34 -13.18 -4.64
N DPV V . -9.89 -18.29 -9.35
P DPV V . -7.01 -14.54 -8.87
C1 DPV V . -4.56 -15.39 -9.35
C2 DPV V . -3.37 -15.93 -8.52
C3 DPV V . -2.21 -14.93 -8.37
C4 DPV V . -8.63 -16.43 -7.94
C5 DPV V . -8.54 -17.54 -9.04
C6 DPV V . -10.98 -17.33 -9.87
C7 DPV V . -10.42 -19.03 -8.10
C8 DPV V . -9.61 -19.33 -10.45
C15 DPV V . -1.19 -15.39 -7.27
C16 DPV V . 0.09 -14.50 -7.26
C17 DPV V . 1.02 -14.85 -6.06
C18 DPV V . 2.28 -13.94 -6.03
C19 DPV V . 3.27 -14.36 -4.90
O1P DPV V . -7.29 -14.88 -10.28
C20 DPV V . 4.62 -13.58 -4.99
C21 DPV V . 5.69 -14.14 -4.00
C22 DPV V . 7.09 -13.51 -4.28
C23 DPV V . 8.23 -14.27 -3.59
O2P DPV V . -7.58 -13.24 -8.50
O3P DPV V . -5.46 -14.69 -8.46
O4P DPV V . -7.34 -15.73 -7.85
H1 DPV V . -4.24 -14.71 -10.14
H1A DPV V . -5.09 -16.24 -9.79
H2 DPV V . -3.73 -16.20 -7.52
H2A DPV V . -3.01 -16.85 -8.99
H3 DPV V . -2.60 -13.94 -8.12
H3A DPV V . -1.69 -14.85 -9.32
H4 DPV V . -9.39 -15.69 -8.18
H4A DPV V . -8.83 -16.88 -6.97
H5 DPV V . -8.20 -17.11 -9.99
H5A DPV V . -7.81 -18.30 -8.74
H6 DPV V . -11.87 -17.91 -10.14
H6A DPV V . -10.59 -16.79 -10.73
H6B DPV V . -11.25 -16.62 -9.08
H7 DPV V . -10.65 -18.29 -7.33
H7A DPV V . -9.67 -19.73 -7.75
H7B DPV V . -11.33 -19.56 -8.40
H8 DPV V . -9.26 -18.81 -11.34
H8A DPV V . -10.52 -19.88 -10.68
H8B DPV V . -8.85 -20.01 -10.10
H15 DPV V . -0.92 -16.42 -7.46
H15A DPV V . -1.68 -15.34 -6.30
H16 DPV V . 0.64 -14.67 -8.19
H16A DPV V . -0.20 -13.45 -7.23
H17 DPV V . 0.47 -14.74 -5.12
H17A DPV V . 1.33 -15.89 -6.14
H18 DPV V . 2.78 -14.00 -7.01
H18A DPV V . 1.98 -12.91 -5.87
H19 DPV V . 2.82 -14.20 -3.92
H19A DPV V . 3.49 -15.44 -4.99
H20 DPV V . 5.00 -13.66 -6.01
H20A DPV V . 4.45 -12.52 -4.80
H21 DPV V . 5.39 -13.91 -2.98
H21A DPV V . 5.75 -15.22 -4.10
H22 DPV V . 7.29 -13.52 -5.35
H22A DPV V . 7.10 -12.47 -3.95
H23 DPV V . 8.23 -14.08 -2.52
H23A DPV V . 9.20 -13.95 -3.98
H23B DPV V . 8.16 -15.36 -3.75
N DPV W . -4.80 -24.44 -16.34
P DPV W . -1.24 -23.67 -13.78
C1 DPV W . -1.48 -22.94 -11.24
C2 DPV W . -0.34 -21.93 -10.94
C3 DPV W . 0.90 -22.59 -10.26
C4 DPV W . -3.87 -23.41 -14.06
C5 DPV W . -4.96 -24.28 -14.78
C6 DPV W . -3.44 -25.05 -16.72
C7 DPV W . -4.98 -23.09 -17.05
C8 DPV W . -5.91 -25.40 -16.84
C15 DPV W . 1.91 -21.49 -9.82
C16 DPV W . 3.22 -22.06 -9.17
C17 DPV W . 4.11 -20.90 -8.65
C18 DPV W . 5.53 -21.35 -8.19
C19 DPV W . 6.36 -20.10 -7.78
O1P DPV W . -0.32 -24.46 -14.63
C20 DPV W . 7.82 -20.42 -7.35
C21 DPV W . 8.59 -19.09 -7.10
C22 DPV W . 10.03 -19.31 -6.59
C23 DPV W . 10.76 -17.95 -6.38
O2P DPV W . -1.19 -22.22 -14.12
O3P DPV W . -1.05 -23.95 -12.20
O4P DPV W . -2.73 -24.26 -13.74
H1 DPV W . -1.79 -23.43 -10.31
H1A DPV W . -2.35 -22.42 -11.65
H2 DPV W . -0.04 -21.45 -11.87
H2A DPV W . -0.74 -21.16 -10.29
H3 DPV W . 1.40 -23.26 -10.98
H3A DPV W . 0.61 -23.18 -9.40
H4 DPV W . -3.54 -22.59 -14.72
H4A DPV W . -4.26 -22.99 -13.15
H5 DPV W . -4.97 -25.29 -14.33
H5A DPV W . -5.94 -23.82 -14.62
H6 DPV W . -2.64 -24.35 -16.42
H6A DPV W . -3.42 -25.20 -17.80
H6B DPV W . -3.31 -26.00 -16.20
H7 DPV W . -4.13 -22.45 -16.77
H7A DPV W . -5.92 -22.63 -16.74
H7B DPV W . -4.97 -23.26 -18.13
H8 DPV W . -6.88 -24.94 -16.65
H8A DPV W . -5.83 -26.35 -16.31
H8B DPV W . -5.77 -25.55 -17.92
H15 DPV W . 1.40 -20.81 -9.13
H15A DPV W . 2.20 -20.89 -10.69
H16 DPV W . 2.96 -22.74 -8.34
H16A DPV W . 3.75 -22.65 -9.91
H17 DPV W . 4.22 -20.14 -9.44
H17A DPV W . 3.59 -20.42 -7.81
H18 DPV W . 5.47 -22.05 -7.35
H18A DPV W . 6.04 -21.87 -9.02
H19 DPV W . 6.39 -19.41 -8.62
H19A DPV W . 5.83 -19.60 -6.97
H20 DPV W . 7.83 -21.02 -6.44
H20A DPV W . 8.31 -20.99 -8.15
H21 DPV W . 8.63 -18.51 -8.02
H21A DPV W . 8.05 -18.50 -6.37
H22 DPV W . 10.02 -19.85 -5.64
H22A DPV W . 10.59 -19.90 -7.32
H23 DPV W . 11.79 -18.11 -6.08
H23A DPV W . 10.26 -17.36 -5.60
H23B DPV W . 10.74 -17.37 -7.30
N DPV X . 6.69 -36.98 -11.00
P DPV X . 6.38 -37.16 -5.82
C1 DPV X . 4.02 -36.05 -5.55
C2 DPV X . 2.71 -35.80 -6.35
C3 DPV X . 2.99 -35.15 -7.74
C4 DPV X . 6.84 -36.96 -8.38
C5 DPV X . 6.57 -37.80 -9.68
C6 DPV X . 8.12 -36.45 -11.23
C7 DPV X . 5.67 -35.80 -11.03
C8 DPV X . 6.32 -37.93 -12.15
C15 DPV X . 1.66 -34.92 -8.53
C16 DPV X . 1.91 -34.46 -10.00
C17 DPV X . 2.13 -32.91 -10.14
C18 DPV X . 2.63 -32.54 -11.57
C19 DPV X . 2.75 -30.99 -11.73
O1P DPV X . 6.56 -38.08 -4.67
C20 DPV X . 3.39 -30.64 -13.09
C21 DPV X . 3.49 -29.10 -13.32
C22 DPV X . 4.32 -28.78 -14.59
C23 DPV X . 4.37 -27.28 -14.86
O2P DPV X . 7.08 -35.88 -5.59
O3P DPV X . 4.84 -36.99 -6.26
O4P DPV X . 6.69 -37.82 -7.24
H1 DPV X . 4.58 -35.11 -5.45
H1A DPV X . 3.78 -36.45 -4.57
H2 DPV X . 2.19 -36.74 -6.47
H2A DPV X . 2.05 -35.13 -5.77
H3 DPV X . 3.63 -35.80 -8.32
H3A DPV X . 3.51 -34.20 -7.61
H4 DPV X . 7.84 -36.55 -8.38
H4A DPV X . 6.12 -36.14 -8.30
H5 DPV X . 7.28 -38.63 -9.72
H5A DPV X . 5.57 -38.21 -9.64
H6 DPV X . 8.83 -37.30 -11.20
H6A DPV X . 8.38 -35.74 -10.44
H6B DPV X . 8.17 -35.93 -12.19
H7 DPV X . 4.68 -36.20 -10.82
H7A DPV X . 5.73 -35.33 -12.01
H7B DPV X . 5.96 -35.08 -10.26
H8 DPV X . 5.31 -38.29 -12.00
H8A DPV X . 7.02 -38.77 -12.15
H8B DPV X . 6.38 -37.38 -13.09
H15 DPV X . 1.04 -34.18 -8.01
H15A DPV X . 1.09 -35.86 -8.57
H16 DPV X . 2.76 -34.99 -10.40
H16A DPV X . 1.05 -34.75 -10.62
H17 DPV X . 1.18 -32.40 -9.94
H17A DPV X . 2.84 -32.58 -9.40
H18 DPV X . 3.62 -33.00 -11.72
H18A DPV X . 1.96 -32.94 -12.32
H19 DPV X . 1.75 -30.54 -11.68
H19A DPV X . 3.34 -30.57 -10.91
H20 DPV X . 4.41 -31.07 -13.14
H20A DPV X . 2.81 -31.08 -13.91
H21 DPV X . 2.47 -28.71 -13.41
H21A DPV X . 3.94 -28.62 -12.44
H22 DPV X . 5.35 -29.16 -14.47
H22A DPV X . 3.88 -29.27 -15.48
H23 DPV X . 4.74 -26.75 -13.97
H23A DPV X . 3.37 -26.89 -15.09
H23B DPV X . 5.04 -27.05 -15.71
N DPV Y . 9.97 -32.68 9.67
P DPV Y . 12.55 -35.52 7.06
C1 DPV Y . 11.82 -35.88 4.58
C2 DPV Y . 12.75 -36.98 4.03
C3 DPV Y . 12.20 -37.67 2.74
C4 DPV Y . 11.81 -33.07 7.81
C5 DPV Y . 11.34 -33.33 9.28
C6 DPV Y . 8.81 -33.22 8.81
C7 DPV Y . 10.01 -31.15 9.57
C8 DPV Y . 9.68 -33.06 11.13
C15 DPV Y . 11.04 -38.71 2.97
C16 DPV Y . 9.58 -38.13 3.01
C17 DPV Y . 9.11 -37.50 1.66
C18 DPV Y . 7.70 -36.84 1.78
C19 DPV Y . 7.45 -35.79 0.65
O1P DPV Y . 13.65 -36.45 7.40
C20 DPV Y . 8.06 -34.40 1.00
C21 DPV Y . 8.10 -33.45 -0.24
C22 DPV Y . 8.75 -32.10 0.13
C23 DPV Y . 8.90 -31.18 -1.09
O2P DPV Y . 11.23 -36.01 7.56
O3P DPV Y . 12.53 -35.06 5.52
O4P DPV Y . 12.87 -34.00 7.49
H1 DPV Y . 11.46 -35.24 3.77
H1A DPV Y . 10.95 -36.32 5.07
H2 DPV Y . 13.72 -36.53 3.81
H2A DPV Y . 12.91 -37.73 4.81
H3 DPV Y . 13.03 -38.19 2.27
H3A DPV Y . 11.89 -36.89 2.02
H4 DPV Y . 10.99 -33.23 7.08
H4A DPV Y . 12.17 -32.05 7.69
H5 DPV Y . 11.24 -34.41 9.45
H5A DPV Y . 12.10 -32.95 9.98
H6 DPV Y . 8.79 -34.32 8.90
H6A DPV Y . 8.97 -32.94 7.76
H6B DPV Y . 7.86 -32.80 9.16
H7 DPV Y . 10.77 -30.75 10.26
H7A DPV Y . 9.03 -30.76 9.82
H7B DPV Y . 10.26 -30.87 8.53
H8 DPV Y . 9.69 -34.15 11.22
H8A DPV Y . 8.70 -32.67 11.41
H8B DPV Y . 10.44 -32.60 11.76
H15 DPV Y . 11.21 -39.24 3.91
H15A DPV Y . 11.09 -39.46 2.18
H16 DPV Y . 8.89 -38.93 3.29
H16A DPV Y . 9.51 -37.38 3.80
H17 DPV Y . 9.82 -36.73 1.35
H17A DPV Y . 9.09 -38.27 0.87
H18 DPV Y . 6.94 -37.63 1.70
H18A DPV Y . 7.57 -36.37 2.75
H19 DPV Y . 7.86 -36.16 -0.30
H19A DPV Y . 6.39 -35.67 0.50
H20 DPV Y . 7.48 -33.95 1.81
H20A DPV Y . 9.09 -34.52 1.37
H21 DPV Y . 8.65 -33.92 -1.04
H21A DPV Y . 7.06 -33.28 -0.60
H22 DPV Y . 8.16 -31.58 0.88
H22A DPV Y . 9.73 -32.26 0.55
H23 DPV Y . 9.55 -31.63 -1.84
H23A DPV Y . 9.35 -30.23 -0.79
H23B DPV Y . 7.93 -30.98 -1.54
N DPV Z . 6.42 -27.78 17.20
P DPV Z . 6.95 -31.10 13.17
C1 DPV Z . 6.79 -29.43 11.15
C2 DPV Z . 6.04 -29.26 9.82
C3 DPV Z . 6.71 -28.18 8.94
C4 DPV Z . 6.80 -29.59 15.29
C5 DPV Z . 5.78 -28.71 16.10
C6 DPV Z . 5.26 -27.03 17.90
C7 DPV Z . 7.37 -26.73 16.58
C8 DPV Z . 7.17 -28.62 18.28
C15 DPV Z . 6.16 -28.24 7.49
C16 DPV Z . 6.95 -27.30 6.53
C17 DPV Z . 6.61 -27.60 5.05
C18 DPV Z . 7.67 -26.99 4.09
C19 DPV Z . 7.45 -27.51 2.63
O1P DPV Z . 8.41 -30.87 13.15
C20 DPV Z . 8.68 -27.25 1.71
C21 DPV Z . 9.85 -28.25 1.93
C22 DPV Z . 11.06 -27.94 1.01
C23 DPV Z . 12.23 -28.91 1.24
O2P DPV Z . 6.63 -32.52 13.44
O3P DPV Z . 6.21 -30.56 11.87
O4P DPV Z . 6.15 -30.08 14.09
H1 DPV Z . 7.85 -29.64 10.98
H1A DPV Z . 6.70 -28.53 11.77
H2 DPV Z . 6.05 -30.22 9.28
H2A DPV Z . 5.00 -29.00 10.02
H3 DPV Z . 7.78 -28.33 8.91
H3A DPV Z . 6.52 -27.19 9.37
H4 DPV Z . 7.66 -29.00 15.00
H4A DPV Z . 7.11 -30.44 15.91
H5 DPV Z . 5.22 -28.05 15.42
H5A DPV Z . 5.06 -29.36 16.60
H6 DPV Z . 4.61 -27.74 18.40
H6A DPV Z . 4.71 -26.44 17.16
H6B DPV Z . 5.69 -26.35 18.65
H7 DPV Z . 6.91 -26.29 15.71
H7A DPV Z . 8.31 -27.23 16.31
H7B DPV Z . 7.56 -25.96 17.32
H8 DPV Z . 8.03 -29.09 17.82
H8A DPV Z . 6.47 -29.36 18.68
H8B DPV Z . 7.49 -27.94 19.08
H15 DPV Z . 5.11 -27.97 7.49
H15A DPV Z . 6.25 -29.26 7.12
H16 DPV Z . 6.71 -26.25 6.77
H16A DPV Z . 8.02 -27.43 6.70
H17 DPV Z . 6.58 -28.68 4.88
H17A DPV Z . 5.62 -27.19 4.81
H18 DPV Z . 7.60 -25.89 4.11
H18A DPV Z . 8.66 -27.27 4.44
H19 DPV Z . 7.21 -28.57 2.64
H19A DPV Z . 6.57 -26.98 2.22
H20 DPV Z . 8.35 -27.34 0.67
H20A DPV Z . 9.03 -26.23 1.84
H21 DPV Z . 10.19 -28.20 2.97
H21A DPV Z . 9.49 -29.27 1.75
H22 DPV Z . 10.73 -28.02 -0.04
H22A DPV Z . 11.39 -26.92 1.17
H23 DPV Z . 12.48 -28.95 2.31
H23A DPV Z . 13.09 -28.56 0.69
H23B DPV Z . 11.97 -29.91 0.91
N DPV AA . 16.21 -31.95 11.84
P DPV AA . 12.44 -29.42 12.27
C1 DPV AA . 11.63 -27.36 10.86
C2 DPV AA . 10.32 -26.69 10.37
C3 DPV AA . 10.59 -25.51 9.39
C4 DPV AA . 13.94 -31.04 10.83
C5 DPV AA . 15.38 -30.70 11.36
C6 DPV AA . 16.39 -33.01 10.73
C7 DPV AA . 15.59 -32.60 13.09
C8 DPV AA . 17.60 -31.43 12.22
C15 DPV AA . 9.25 -24.97 8.78
C16 DPV AA . 9.44 -24.38 7.35
C17 DPV AA . 9.98 -22.93 7.34
C18 DPV AA . 10.18 -22.40 5.89
C19 DPV AA . 10.59 -20.90 5.89
O1P DPV AA . 11.91 -30.58 13.03
C20 DPV AA . 10.81 -20.33 4.46
C21 DPV AA . 12.14 -20.83 3.76
C22 DPV AA . 12.68 -19.82 2.71
C23 DPV AA . 11.91 -19.84 1.37
O2P DPV AA . 13.30 -28.57 13.10
O3P DPV AA . 11.28 -28.63 11.48
O4P DPV AA . 13.12 -29.86 10.87
H1 DPV AA . 12.29 -27.54 10.01
H1A DPV AA . 12.13 -26.71 11.60
H2 DPV AA . 9.71 -27.45 9.88
H2A DPV AA . 9.75 -26.33 11.23
H3 DPV AA . 11.24 -25.87 8.58
H3A DPV AA . 11.11 -24.71 9.91
H4 DPV AA . 13.99 -31.39 9.81
H4A DPV AA . 13.47 -31.82 11.44
H5 DPV AA . 15.96 -30.21 10.58
H5A DPV AA . 15.32 -30.03 12.21
H6 DPV AA . 16.80 -32.53 9.84
H6A DPV AA . 15.42 -33.45 10.50
H6B DPV AA . 17.07 -33.79 11.07
H7 DPV AA . 16.23 -33.40 13.45
H7A DPV AA . 14.62 -33.03 12.82
H7B DPV AA . 15.46 -31.84 13.86
H8 DPV AA . 17.50 -30.67 13.01
H8A DPV AA . 18.06 -30.99 11.34
H8B DPV AA . 18.21 -32.27 12.58
H15 DPV AA . 8.80 -24.22 9.44
H15A DPV AA . 8.53 -25.79 8.69
H16 DPV AA . 10.09 -25.03 6.74
H16A DPV AA . 8.46 -24.39 6.86
H17 DPV AA . 9.26 -22.29 7.86
H17A DPV AA . 10.91 -22.89 7.88
H18 DPV AA . 10.95 -23.00 5.41
H18A DPV AA . 9.26 -22.52 5.32
H19 DPV AA . 9.80 -20.31 6.35
H19A DPV AA . 11.49 -20.74 6.47
H20 DPV AA . 9.96 -20.55 3.81
H20A DPV AA . 10.84 -19.26 4.56
H21 DPV AA . 12.92 -20.98 4.52
H21A DPV AA . 11.98 -21.80 3.30
H22 DPV AA . 12.66 -18.80 3.13
H22A DPV AA . 13.72 -20.05 2.51
H23 DPV AA . 12.23 -19.00 0.74
H23A DPV AA . 10.83 -19.77 1.54
H23B DPV AA . 12.13 -20.78 0.87
N DPV BA . 16.85 -15.53 19.15
P DPV BA . 15.51 -13.78 14.77
C1 DPV BA . 13.70 -14.33 12.96
C2 DPV BA . 12.92 -15.59 12.54
C3 DPV BA . 12.47 -15.53 11.04
C4 DPV BA . 15.21 -14.76 17.23
C5 DPV BA . 16.56 -14.51 17.98
C6 DPV BA . 15.82 -15.43 20.30
C7 DPV BA . 18.23 -15.22 19.76
C8 DPV BA . 16.91 -17.00 18.65
C15 DPV BA . 11.83 -16.86 10.59
C16 DPV BA . 11.07 -16.73 9.22
C17 DPV BA . 10.37 -18.05 8.79
C18 DPV BA . 9.11 -18.38 9.64
C19 DPV BA . 8.27 -19.56 9.07
O1P DPV BA . 15.71 -12.47 14.14
C20 DPV BA . 7.06 -19.86 10.02
C21 DPV BA . 6.01 -20.83 9.42
C22 DPV BA . 6.40 -22.34 9.57
C23 DPV BA . 5.21 -23.27 9.23
O2P DPV BA . 16.70 -14.65 14.63
O3P DPV BA . 14.15 -14.50 14.34
O4P DPV BA . 14.97 -13.69 16.28
H1 DPV BA . 14.56 -14.19 12.30
H1A DPV BA . 13.06 -13.45 12.92
H2 DPV BA . 13.55 -16.48 12.70
H2A DPV BA . 12.04 -15.68 13.18
H3 DPV BA . 13.32 -15.29 10.39
H3A DPV BA . 11.74 -14.73 10.93
H4 DPV BA . 15.24 -15.71 16.68
H4A DPV BA . 14.39 -14.77 17.96
H5 DPV BA . 17.39 -14.58 17.28
H5A DPV BA . 16.56 -13.52 18.43
H6 DPV BA . 14.83 -15.72 19.92
H6A DPV BA . 15.81 -14.39 20.67
H6B DPV BA . 16.12 -16.12 21.10
H7 DPV BA . 18.23 -14.20 20.14
H7A DPV BA . 18.99 -15.33 18.97
H7B DPV BA . 18.42 -15.93 20.56
H8 DPV BA . 17.68 -17.06 17.86
H8A DPV BA . 15.93 -17.29 18.25
H8B DPV BA . 17.18 -17.66 19.48
H15 DPV BA . 11.12 -17.20 11.35
H15A DPV BA . 12.61 -17.64 10.49
H16 DPV BA . 10.34 -15.93 9.30
H16A DPV BA . 11.78 -16.44 8.45
H17 DPV BA . 10.04 -17.94 7.74
H17A DPV BA . 11.07 -18.89 8.81
H18 DPV BA . 9.41 -18.63 10.66
H18A DPV BA . 8.47 -17.49 9.71
H19 DPV BA . 7.92 -19.30 8.08
H19A DPV BA . 8.90 -20.45 8.98
H20 DPV BA . 7.45 -20.27 10.95
H20A DPV BA . 6.58 -18.93 10.26
H21 DPV BA . 5.07 -20.68 9.95
H21A DPV BA . 5.82 -20.57 8.37
H22 DPV BA . 7.22 -22.56 8.88
H22A DPV BA . 6.73 -22.53 10.58
H23 DPV BA . 4.78 -23.03 8.27
H23A DPV BA . 4.44 -23.19 9.99
H23B DPV BA . 5.54 -24.31 9.21
N DPV CA . 9.03 -2.00 12.28
P DPV CA . 13.36 -1.16 13.88
C1 DPV CA . 13.14 -3.43 15.23
C2 DPV CA . 14.18 -4.37 14.52
C3 DPV CA . 15.66 -3.82 14.51
C4 DPV CA . 10.84 -0.47 13.51
C5 DPV CA . 10.11 -1.86 13.40
C6 DPV CA . 9.59 -1.69 10.88
C7 DPV CA . 7.83 -1.09 12.57
C8 DPV CA . 8.53 -3.45 12.30
C15 DPV CA . 16.66 -4.71 13.73
C16 DPV CA . 16.40 -4.81 12.19
C17 DPV CA . 15.71 -6.16 11.81
C18 DPV CA . 15.26 -6.20 10.32
C19 DPV CA . 14.60 -7.58 9.98
O1P DPV CA . 13.23 -1.99 12.66
C20 DPV CA . 14.19 -7.72 8.49
C21 DPV CA . 12.91 -6.92 8.11
C22 DPV CA . 12.38 -7.30 6.72
C23 DPV CA . 11.22 -6.39 6.28
O2P DPV CA . 14.38 -0.11 13.73
O3P DPV CA . 13.53 -2.01 15.23
O4P DPV CA . 11.96 -0.60 14.42
H1 DPV CA . 12.16 -3.53 14.74
H1A DPV CA . 13.04 -3.73 16.27
H2 DPV CA . 14.15 -5.34 15.01
H2A DPV CA . 13.86 -4.52 13.48
H3 DPV CA . 16.02 -3.72 15.53
H3A DPV CA . 15.68 -2.82 14.06
H4 DPV CA . 11.22 -0.14 12.54
H4A DPV CA . 10.15 0.28 13.90
H5 DPV CA . 10.86 -2.63 13.21
H5A DPV CA . 9.63 -2.09 14.35
H6 DPV CA . 9.89 -0.63 10.85
H6A DPV CA . 8.82 -1.88 10.13
H6B DPV CA . 10.46 -2.33 10.71
H7 DPV CA . 8.16 -0.04 12.56
H7A DPV CA . 7.40 -1.35 13.54
H7B DPV CA . 7.09 -1.21 11.78
H8 DPV CA . 7.77 -3.57 11.52
H8A DPV CA . 8.11 -3.66 13.29
H8B DPV CA . 9.39 -4.11 12.09
H15 DPV CA . 16.68 -5.72 14.17
H15A DPV CA . 17.66 -4.28 13.87
H16 DPV CA . 15.78 -3.97 11.86
H16A DPV CA . 17.37 -4.73 11.67
H17 DPV CA . 16.41 -6.99 12.00
H17A DPV CA . 14.83 -6.32 12.45
H18 DPV CA . 14.53 -5.39 10.13
H18A DPV CA . 16.13 -6.04 9.66
H19 DPV CA . 15.30 -8.39 10.23
H19A DPV CA . 13.72 -7.74 10.62
H20 DPV CA . 15.03 -7.41 7.85
H20A DPV CA . 14.02 -8.78 8.28
H21 DPV CA . 12.13 -7.11 8.87
H21A DPV CA . 13.13 -5.85 8.15
H22 DPV CA . 13.18 -7.24 5.98
H22A DPV CA . 12.04 -8.35 6.71
H23 DPV CA . 10.86 -6.68 5.28
H23A DPV CA . 11.57 -5.35 6.24
H23B DPV CA . 10.38 -6.45 6.98
N DPV DA . 15.75 4.51 -0.10
P DPV DA . 19.49 3.35 3.00
C1 DPV DA . 18.44 2.76 5.33
C2 DPV DA . 17.32 3.22 6.28
C3 DPV DA . 15.92 2.59 5.99
C4 DPV DA . 17.56 4.84 1.82
C5 DPV DA . 17.24 4.29 0.39
C6 DPV DA . 14.74 3.80 0.83
C7 DPV DA . 15.62 3.89 -1.50
C8 DPV DA . 15.41 6.00 -0.21
C15 DPV DA . 15.18 3.26 4.79
C16 DPV DA . 13.72 2.72 4.59
C17 DPV DA . 13.61 1.30 3.95
C18 DPV DA . 13.43 0.17 5.00
C19 DPV DA . 13.68 -1.23 4.38
O1P DPV DA . 19.36 2.07 2.26
C20 DPV DA . 14.06 -2.25 5.48
C21 DPV DA . 14.56 -3.59 4.89
C22 DPV DA . 15.26 -4.43 5.98
C23 DPV DA . 15.86 -5.71 5.38
O2P DPV DA . 20.86 3.54 3.53
O3P DPV DA . 18.36 3.54 4.13
O4P DPV DA . 18.96 4.62 2.16
H1 DPV DA . 19.41 2.92 5.79
H1A DPV DA . 18.33 1.68 5.08
H2 DPV DA . 17.61 2.93 7.30
H2A DPV DA . 17.25 4.32 6.27
H3 DPV DA . 15.31 2.71 6.89
H3A DPV DA . 16.04 1.52 5.82
H4 DPV DA . 17.35 5.90 1.84
H4A DPV DA . 16.92 4.35 2.55
H5 DPV DA . 17.91 4.76 -0.34
H5A DPV DA . 17.42 3.21 0.39
H6 DPV DA . 14.78 4.26 1.81
H6A DPV DA . 15.00 2.74 0.88
H6B DPV DA . 13.74 3.90 0.42
H7 DPV DA . 16.32 4.39 -2.20
H7A DPV DA . 14.59 4.02 -1.86
H7B DPV DA . 15.85 2.82 -1.45
H8 DPV DA . 16.15 6.49 -0.83
H8A DPV DA . 15.42 6.44 0.80
H8B DPV DA . 14.41 6.09 -0.65
H15 DPV DA . 15.73 3.12 3.87
H15A DPV DA . 15.11 4.33 4.97
H16 DPV DA . 13.18 2.76 5.53
H16A DPV DA . 13.21 3.41 3.91
H17 DPV DA . 12.77 1.28 3.27
H17A DPV DA . 14.50 1.09 3.34
H18 DPV DA . 14.13 0.33 5.82
H18A DPV DA . 12.42 0.21 5.44
H19 DPV DA . 12.79 -1.57 3.85
H19A DPV DA . 14.50 -1.18 3.64
H20 DPV DA . 14.87 -1.81 6.10
H20A DPV DA . 13.22 -2.44 6.15
H21 DPV DA . 13.71 -4.14 4.47
H21A DPV DA . 15.26 -3.39 4.07
H22 DPV DA . 16.06 -3.87 6.45
H22A DPV DA . 14.54 -4.70 6.76
H23 DPV DA . 15.09 -6.33 4.91
H23A DPV DA . 16.35 -6.29 6.16
H23B DPV DA . 16.62 -5.46 4.62
N DPV EA . 17.91 3.94 -6.49
P DPV EA . 20.06 2.02 -2.09
C1 DPV EA . 18.12 0.84 -0.78
C2 DPV EA . 17.57 -0.55 -0.45
C3 DPV EA . 18.34 -1.25 0.71
C4 DPV EA . 19.13 3.10 -4.28
C5 DPV EA . 17.88 3.01 -5.23
C6 DPV EA . 19.07 3.58 -7.43
C7 DPV EA . 18.01 5.44 -6.11
C8 DPV EA . 16.59 3.73 -7.27
C15 DPV EA . 17.51 -2.37 1.37
C16 DPV EA . 17.43 -3.68 0.51
C17 DPV EA . 16.52 -4.75 1.17
C18 DPV EA . 16.55 -6.05 0.33
C19 DPV EA . 15.41 -7.02 0.74
O1P DPV EA . 21.45 1.77 -2.55
C20 DPV EA . 15.40 -8.28 -0.17
C21 DPV EA . 14.14 -9.14 0.11
C22 DPV EA . 14.23 -10.50 -0.63
C23 DPV EA . 12.88 -11.25 -0.54
O2P DPV EA . 19.99 3.16 -1.18
O3P DPV EA . 19.36 0.71 -1.51
O4P DPV EA . 18.99 2.08 -3.28
H1 DPV EA . 17.41 1.38 -1.41
H1A DPV EA . 18.29 1.40 0.12
H2 DPV EA . 16.54 -0.42 -0.14
H2A DPV EA . 17.56 -1.17 -1.34
H3 DPV EA . 18.61 -0.51 1.47
H3A DPV EA . 19.29 -1.66 0.33
H4 DPV EA . 20.06 2.93 -4.85
H4A DPV EA . 19.17 4.08 -3.80
H5 DPV EA . 17.76 1.97 -5.57
H5A DPV EA . 16.98 3.28 -4.66
H6 DPV EA . 19.03 2.51 -7.64
H6A DPV EA . 20.00 3.83 -6.93
H6B DPV EA . 18.97 4.15 -8.35
H7 DPV EA . 17.19 5.69 -5.42
H7A DPV EA . 17.92 6.04 -7.01
H7B DPV EA . 18.97 5.61 -5.62
H8 DPV EA . 16.62 4.38 -8.15
H8A DPV EA . 15.75 4.00 -6.63
H8B DPV EA . 16.53 2.68 -7.57
H15 DPV EA . 16.50 -2.00 1.59
H15A DPV EA . 17.95 -2.62 2.34
H16 DPV EA . 17.04 -3.44 -0.48
H16A DPV EA . 18.44 -4.09 0.38
H17 DPV EA . 16.87 -4.96 2.18
H17A DPV EA . 15.49 -4.36 1.26
H18 DPV EA . 16.44 -5.82 -0.73
H18A DPV EA . 17.51 -6.55 0.46
H19 DPV EA . 15.54 -7.33 1.78
H19A DPV EA . 14.45 -6.50 0.68
H20 DPV EA . 15.41 -7.99 -1.22
H20A DPV EA . 16.30 -8.86 0.01
H21 DPV EA . 14.06 -9.32 1.19
H21A DPV EA . 13.25 -8.61 -0.21
H22 DPV EA . 14.46 -10.34 -1.68
H22A DPV EA . 15.02 -11.11 -0.18
H23 DPV EA . 12.60 -11.39 0.51
H23A DPV EA . 12.97 -12.23 -0.99
H23B DPV EA . 12.10 -10.70 -1.07
N DPV FA . -1.26 -2.38 -13.46
P DPV FA . -4.35 -4.74 -10.59
C1 DPV FA . -3.10 -6.96 -9.99
C2 DPV FA . -1.68 -7.47 -9.64
C3 DPV FA . -1.34 -7.27 -8.15
C4 DPV FA . -3.52 -3.60 -12.82
C5 DPV FA . -2.82 -2.30 -13.34
C6 DPV FA . -0.76 -1.00 -13.92
C7 DPV FA . -0.82 -3.43 -14.50
C8 DPV FA . -0.59 -2.70 -12.11
C15 DPV FA . 0.08 -7.80 -7.82
C16 DPV FA . 0.34 -7.87 -6.28
C17 DPV FA . 1.69 -8.58 -5.99
C18 DPV FA . 1.94 -8.81 -4.47
C19 DPV FA . 3.31 -9.50 -4.24
O1P DPV FA . -4.91 -4.29 -9.30
C20 DPV FA . 3.52 -9.91 -2.76
C21 DPV FA . 5.00 -10.32 -2.50
C22 DPV FA . 5.15 -11.05 -1.12
C23 DPV FA . 6.62 -11.40 -0.82
O2P DPV FA . -5.38 -5.41 -11.42
O3P DPV FA . -3.00 -5.58 -10.44
O4P DPV FA . -3.55 -3.59 -11.37
H1 DPV FA . -3.51 -7.56 -10.81
H1A DPV FA . -3.77 -7.03 -9.13
H2 DPV FA . -1.64 -8.53 -9.88
H2A DPV FA . -0.94 -6.97 -10.28
H3 DPV FA . -2.07 -7.81 -7.55
H3A DPV FA . -1.42 -6.21 -7.88
H4 DPV FA . -4.55 -3.63 -13.20
H4A DPV FA . -2.99 -4.50 -13.14
H5 DPV FA . -3.19 -2.09 -14.36
H5A DPV FA . -3.06 -1.46 -12.69
H6 DPV FA . -1.03 -0.26 -13.16
H6A DPV FA . -1.21 -0.76 -14.88
H6B DPV FA . 0.34 -1.04 -14.02
H7 DPV FA . -1.12 -4.43 -14.17
H7A DPV FA . 0.26 -3.41 -14.61
H7B DPV FA . -1.30 -3.20 -15.45
H8 DPV FA . 0.49 -2.63 -12.22
H8A DPV FA . -0.84 -3.73 -11.82
H8B DPV FA . -0.95 -2.00 -11.35
H15 DPV FA . 0.85 -7.17 -8.28
H15A DPV FA . 0.20 -8.79 -8.23
H16 DPV FA . 0.34 -6.87 -5.84
H16A DPV FA . -0.47 -8.42 -5.79
H17 DPV FA . 1.70 -9.55 -6.50
H17A DPV FA . 2.50 -7.98 -6.40
H18 DPV FA . 1.92 -7.86 -3.95
H18A DPV FA . 1.13 -9.43 -4.06
H19 DPV FA . 3.39 -10.38 -4.88
H19A DPV FA . 4.10 -8.81 -4.55
H20 DPV FA . 3.27 -9.08 -2.11
H20A DPV FA . 2.86 -10.75 -2.53
H21 DPV FA . 5.36 -10.98 -3.29
H21A DPV FA . 5.61 -9.43 -2.51
H22 DPV FA . 4.76 -10.40 -0.34
H22A DPV FA . 4.55 -11.96 -1.12
H23 DPV FA . 6.70 -11.87 0.16
H23A DPV FA . 7.25 -10.51 -0.80
H23B DPV FA . 7.00 -12.10 -1.55
N DPV GA . 12.91 4.44 -14.11
P DPV GA . 9.63 1.39 -13.41
C1 DPV GA . 11.29 0.60 -11.51
C2 DPV GA . 12.79 0.28 -11.26
C3 DPV GA . 13.23 -1.01 -12.02
C4 DPV GA . 10.63 3.29 -14.95
C5 DPV GA . 12.20 3.28 -14.91
C6 DPV GA . 12.68 4.27 -12.60
C7 DPV GA . 12.42 5.83 -14.55
C8 DPV GA . 14.42 4.35 -14.41
C15 DPV GA . 14.71 -1.36 -11.69
C16 DPV GA . 15.26 -2.50 -12.61
C17 DPV GA . 16.39 -3.27 -11.91
C18 DPV GA . 17.09 -4.28 -12.85
C19 DPV GA . 17.87 -5.40 -12.08
O1P DPV GA . 8.59 1.27 -12.36
C20 DPV GA . 19.17 -4.92 -11.38
C21 DPV GA . 19.89 -6.11 -10.67
C22 DPV GA . 21.25 -5.72 -10.01
C23 DPV GA . 21.07 -5.15 -8.60
O2P DPV GA . 9.23 0.67 -14.63
O3P DPV GA . 11.11 0.99 -12.89
O4P DPV GA . 10.09 2.90 -13.66
H1 DPV GA . 10.66 -0.29 -11.31
H1A DPV GA . 10.98 1.44 -10.87
H2 DPV GA . 13.39 1.13 -11.59
H2A DPV GA . 12.95 0.17 -10.20
H3 DPV GA . 13.12 -0.86 -13.09
H3A DPV GA . 12.59 -1.84 -11.73
H4 DPV GA . 10.28 4.30 -15.20
H4A DPV GA . 10.28 2.60 -15.72
H5 DPV GA . 12.54 2.34 -14.48
H5A DPV GA . 12.57 3.32 -15.94
H6 DPV GA . 13.01 3.27 -12.31
H6A DPV GA . 11.62 4.41 -12.39
H6B DPV GA . 13.27 5.04 -12.08
H7 DPV GA . 12.50 5.90 -15.64
H7A DPV GA . 13.04 6.60 -14.07
H7B DPV GA . 11.38 5.97 -14.22
H8 DPV GA . 14.93 5.18 -13.92
H8A DPV GA . 14.56 4.42 -15.50
H8B DPV GA . 14.79 3.40 -14.04
H15 DPV GA . 14.77 -1.66 -10.64
H15A DPV GA . 15.33 -0.48 -11.80
H16 DPV GA . 14.45 -3.20 -12.86
H16A DPV GA . 15.62 -2.07 -13.55
H17 DPV GA . 17.13 -2.56 -11.54
H17A DPV GA . 15.98 -3.78 -11.04
H18 DPV GA . 16.35 -4.78 -13.49
H18A DPV GA . 17.76 -3.74 -13.51
H19 DPV GA . 17.22 -5.86 -11.35
H19A DPV GA . 18.14 -6.18 -12.81
H20 DPV GA . 19.85 -4.49 -12.12
H20A DPV GA . 18.93 -4.14 -10.66
H21 DPV GA . 19.23 -6.55 -9.93
H21A DPV GA . 20.09 -6.88 -11.42
H22 DPV GA . 21.87 -6.62 -9.95
H22A DPV GA . 21.79 -5.01 -10.64
H23 DPV GA . 20.53 -5.85 -7.96
H23A DPV GA . 20.56 -4.20 -8.60
H23B DPV GA . 22.06 -4.99 -8.16
N DPV HA . 5.39 -11.60 -22.72
P DPV HA . 6.48 -7.04 -22.08
C1 DPV HA . 8.88 -5.99 -22.34
C2 DPV HA . 9.54 -4.66 -22.76
C3 DPV HA . 11.09 -4.65 -22.68
C4 DPV HA . 6.17 -9.20 -23.54
C5 DPV HA . 6.31 -10.34 -22.48
C6 DPV HA . 5.66 -12.60 -21.61
C7 DPV HA . 5.72 -12.29 -24.05
C8 DPV HA . 3.89 -11.22 -22.68
C15 DPV HA . 11.64 -4.76 -21.22
C16 DPV HA . 13.19 -4.65 -21.19
C17 DPV HA . 13.78 -4.80 -19.75
C18 DPV HA . 14.21 -6.26 -19.41
C19 DPV HA . 14.75 -6.43 -17.96
O1P DPV HA . 5.07 -6.66 -22.24
C20 DPV HA . 13.61 -6.51 -16.90
C21 DPV HA . 14.18 -6.79 -15.47
C22 DPV HA . 13.10 -6.59 -14.38
C23 DPV HA . 13.65 -6.86 -12.99
O2P DPV HA . 6.79 -7.41 -20.70
O3P DPV HA . 7.47 -5.91 -22.64
O4P DPV HA . 7.01 -8.08 -23.17
H1 DPV HA . 9.31 -6.82 -22.89
H1A DPV HA . 9.01 -6.15 -21.26
H2 DPV HA . 9.23 -4.44 -23.78
H2A DPV HA . 9.12 -3.86 -22.14
H3 DPV HA . 11.44 -3.73 -23.13
H3A DPV HA . 11.48 -5.47 -23.28
H4 DPV HA . 6.47 -9.54 -24.52
H4A DPV HA . 5.13 -8.86 -23.59
H5 DPV HA . 7.36 -10.69 -22.49
H5A DPV HA . 6.08 -9.95 -21.49
H6 DPV HA . 5.00 -13.47 -21.73
H6A DPV HA . 5.46 -12.10 -20.64
H6B DPV HA . 6.70 -12.91 -21.64
H7 DPV HA . 5.39 -11.64 -24.87
H7A DPV HA . 5.21 -13.24 -24.08
H7B DPV HA . 6.81 -12.45 -24.10
H8 DPV HA . 3.69 -10.66 -21.77
H8A DPV HA . 3.29 -12.14 -22.70
H8B DPV HA . 3.64 -10.59 -23.55
H15 DPV HA . 11.34 -5.71 -20.79
H15A DPV HA . 11.21 -3.95 -20.60
H16 DPV HA . 13.63 -5.39 -21.85
H16A DPV HA . 13.49 -3.68 -21.57
H17 DPV HA . 14.64 -4.14 -19.66
H17A DPV HA . 13.05 -4.44 -19.00
H18 DPV HA . 13.38 -6.95 -19.57
H18A DPV HA . 15.01 -6.56 -20.10
H19 DPV HA . 15.35 -7.32 -17.92
H19A DPV HA . 15.40 -5.59 -17.72
H20 DPV HA . 13.06 -5.58 -16.89
H20A DPV HA . 12.91 -7.29 -17.16
H21 DPV HA . 14.55 -7.82 -15.43
H21A DPV HA . 15.03 -6.12 -15.28
H22 DPV HA . 12.71 -5.57 -14.41
H22A DPV HA . 12.26 -7.26 -14.57
H23 DPV HA . 12.86 -6.73 -12.24
H23A DPV HA . 14.47 -6.17 -12.74
H23B DPV HA . 14.04 -7.89 -12.92
N DPV IA . 4.48 -21.69 -24.85
P DPV IA . 6.22 -17.31 -23.88
C1 DPV IA . 7.82 -15.72 -22.58
C2 DPV IA . 9.30 -15.60 -22.12
C3 DPV IA . 9.45 -14.59 -20.94
C4 DPV IA . 5.96 -19.52 -25.28
C5 DPV IA . 5.28 -20.48 -24.24
C6 DPV IA . 3.86 -22.47 -23.70
C7 DPV IA . 5.41 -22.64 -25.64
C8 DPV IA . 3.34 -21.21 -25.77
C15 DPV IA . 9.60 -13.12 -21.38
C16 DPV IA . 9.40 -12.15 -20.17
C17 DPV IA . 9.92 -10.73 -20.48
C18 DPV IA . 9.51 -9.74 -19.37
C19 DPV IA . 10.31 -8.41 -19.42
O1P DPV IA . 5.56 -16.37 -24.81
C20 DPV IA . 9.71 -7.27 -18.53
C21 DPV IA . 9.69 -7.59 -17.02
C22 DPV IA . 9.22 -6.35 -16.20
C23 DPV IA . 9.05 -6.68 -14.72
O2P DPV IA . 5.36 -17.62 -22.73
O3P DPV IA . 7.70 -16.86 -23.46
O4P DPV IA . 6.83 -18.59 -24.60
H1 DPV IA . 7.17 -15.87 -21.71
H1A DPV IA . 7.51 -14.82 -23.12
H2 DPV IA . 9.64 -16.59 -21.77
H2A DPV IA . 9.94 -15.31 -22.95
H3 DPV IA . 10.33 -14.88 -20.36
H3A DPV IA . 8.60 -14.71 -20.26
H4 DPV IA . 6.57 -20.09 -26.00
H4A DPV IA . 5.20 -18.95 -25.82
H5 DPV IA . 6.04 -20.89 -23.56
H5A DPV IA . 4.58 -19.90 -23.61
H6 DPV IA . 3.14 -21.82 -23.18
H6A DPV IA . 4.65 -22.77 -23.02
H6B DPV IA . 3.33 -23.34 -24.11
H7 DPV IA . 5.80 -22.13 -26.51
H7A DPV IA . 4.83 -23.51 -25.95
H7B DPV IA . 6.22 -22.95 -24.98
H8 DPV IA . 2.71 -22.05 -26.05
H8A DPV IA . 3.77 -20.75 -26.66
H8B DPV IA . 2.74 -20.46 -25.23
H15 DPV IA . 8.86 -12.89 -22.15
H15A DPV IA . 10.59 -12.98 -21.82
H16 DPV IA . 8.33 -12.10 -19.95
H16A DPV IA . 9.92 -12.52 -19.30
H17 DPV IA . 11.00 -10.75 -20.58
H17A DPV IA . 9.50 -10.39 -21.44
H18 DPV IA . 8.43 -9.55 -19.48
H18A DPV IA . 9.66 -10.21 -18.38
H19 DPV IA . 11.36 -8.58 -19.12
H19A DPV IA . 10.35 -8.04 -20.45
H20 DPV IA . 10.29 -6.36 -18.70
H20A DPV IA . 8.70 -7.06 -18.89
H21 DPV IA . 9.02 -8.43 -16.80
H21A DPV IA . 10.69 -7.88 -16.70
H22 DPV IA . 9.95 -5.54 -16.31
H22A DPV IA . 8.26 -5.98 -16.60
H23 DPV IA . 8.77 -5.77 -14.16
H23A DPV IA . 9.99 -7.07 -14.30
H23B DPV IA . 8.27 -7.43 -14.56
N DPV JA . 1.32 -25.20 -18.65
P DPV JA . 4.01 -21.62 -19.87
C1 DPV JA . 5.07 -20.27 -17.93
C2 DPV JA . 4.61 -19.53 -16.64
C3 DPV JA . 5.56 -18.36 -16.23
C4 DPV JA . 2.14 -23.37 -20.43
C5 DPV JA . 0.93 -24.10 -19.72
C6 DPV JA . 2.39 -24.77 -17.63
C7 DPV JA . 1.80 -26.47 -19.36
C8 DPV JA . 0.04 -25.54 -17.89
C15 DPV JA . 5.18 -17.04 -16.96
C16 DPV JA . 6.00 -15.80 -16.47
C17 DPV JA . 7.44 -15.73 -17.11
C18 DPV JA . 7.96 -14.26 -17.23
C19 DPV JA . 8.36 -13.67 -15.83
O1P DPV JA . 5.12 -22.54 -20.17
C20 DPV JA . 8.99 -12.26 -15.96
C21 DPV JA . 9.54 -11.82 -14.57
C22 DPV JA . 10.16 -10.40 -14.60
C23 DPV JA . 10.83 -10.08 -13.26
O2P DPV JA . 3.87 -20.54 -20.87
O3P DPV JA . 3.98 -21.09 -18.36
O4P DPV JA . 2.63 -22.36 -19.54
H1 DPV JA . 5.32 -19.54 -18.71
H1A DPV JA . 5.94 -20.91 -17.70
H2 DPV JA . 3.60 -19.14 -16.78
H2A DPV JA . 4.56 -20.25 -15.82
H3 DPV JA . 6.60 -18.62 -16.44
H3A DPV JA . 5.48 -18.21 -15.15
H4 DPV JA . 2.93 -24.08 -20.65
H4A DPV JA . 1.80 -22.90 -21.36
H5 DPV JA . 0.32 -23.35 -19.22
H5A DPV JA . 0.31 -24.59 -20.48
H6 DPV JA . 2.09 -23.85 -17.12
H6A DPV JA . 3.33 -24.59 -18.18
H6B DPV JA . 2.54 -25.57 -16.90
H7 DPV JA . 1.06 -26.78 -20.10
H7A DPV JA . 1.95 -27.27 -18.63
H7B DPV JA . 2.76 -26.27 -19.84
H8 DPV JA . -0.74 -25.84 -18.60
H8A DPV JA . -0.29 -24.66 -17.34
H8B DPV JA . 0.24 -26.35 -17.18
H15 DPV JA . 4.12 -16.83 -16.79
H15A DPV JA . 5.31 -17.16 -18.03
H16 DPV JA . 5.45 -14.90 -16.75
H16A DPV JA . 6.07 -15.81 -15.39
H17 DPV JA . 8.13 -16.33 -16.53
H17A DPV JA . 7.41 -16.15 -18.12
H18 DPV JA . 8.84 -14.25 -17.87
H18A DPV JA . 7.21 -13.62 -17.71
H19 DPV JA . 7.48 -13.60 -15.19
H19A DPV JA . 9.07 -14.34 -15.35
H20 DPV JA . 9.80 -12.26 -16.70
H20A DPV JA . 8.23 -11.55 -16.30
H21 DPV JA . 8.73 -11.84 -13.86
H21A DPV JA . 10.27 -12.54 -14.25
H22 DPV JA . 10.88 -10.32 -15.40
H22A DPV JA . 9.38 -9.67 -14.79
H23 DPV JA . 11.61 -10.82 -13.02
H23A DPV JA . 10.11 -10.06 -12.46
H23B DPV JA . 11.32 -9.09 -13.33
N DPV KA . 21.75 -27.70 -19.33
P DPV KA . 18.14 -26.19 -15.83
C1 DPV KA . 15.90 -27.30 -16.72
C2 DPV KA . 14.58 -27.31 -15.93
C3 DPV KA . 13.57 -28.40 -16.42
C4 DPV KA . 20.03 -26.92 -17.48
C5 DPV KA . 20.34 -27.07 -19.00
C6 DPV KA . 21.91 -29.10 -18.70
C7 DPV KA . 22.91 -26.83 -18.87
C8 DPV KA . 21.84 -27.84 -20.84
C15 DPV KA . 14.01 -29.90 -16.22
C16 DPV KA . 14.41 -30.33 -14.76
C17 DPV KA . 13.27 -30.19 -13.73
C18 DPV KA . 13.75 -30.58 -12.29
C19 DPV KA . 12.66 -30.34 -11.19
O1P DPV KA . 18.37 -27.36 -14.96
C20 DPV KA . 12.88 -29.05 -10.34
C21 DPV KA . 12.54 -27.73 -11.07
C22 DPV KA . 12.84 -26.45 -10.25
C23 DPV KA . 11.76 -26.16 -9.20
O2P DPV KA . 18.64 -24.94 -15.22
O3P DPV KA . 16.63 -26.07 -16.35
O4P DPV KA . 18.68 -26.42 -17.32
H1 DPV KA . 16.50 -28.19 -16.49
H1A DPV KA . 15.71 -27.26 -17.79
H2 DPV KA . 14.79 -27.45 -14.86
H2A DPV KA . 14.10 -26.35 -16.02
H3 DPV KA . 13.33 -28.23 -17.47
H3A DPV KA . 12.62 -28.24 -15.87
H4 DPV KA . 20.07 -27.90 -16.99
H4A DPV KA . 20.70 -26.22 -17.02
H5 DPV KA . 19.59 -27.71 -19.46
H5A DPV KA . 20.32 -26.09 -19.48
H6 DPV KA . 22.87 -29.54 -19.05
H6A DPV KA . 21.06 -29.72 -19.04
H6B DPV KA . 21.91 -29.02 -17.61
H7 DPV KA . 22.80 -25.84 -19.32
H7A DPV KA . 23.84 -27.28 -19.20
H7B DPV KA . 22.89 -26.75 -17.78
H8 DPV KA . 21.76 -26.85 -21.29
H8A DPV KA . 21.01 -28.46 -21.21
H8B DPV KA . 22.79 -28.31 -21.13
H15 DPV KA . 14.84 -30.10 -16.88
H15A DPV KA . 13.17 -30.54 -16.55
H16 DPV KA . 14.72 -31.37 -14.78
H16A DPV KA . 15.27 -29.75 -14.43
H17 DPV KA . 12.94 -29.15 -13.72
H17A DPV KA . 12.42 -30.80 -14.02
H18 DPV KA . 14.02 -31.64 -12.28
H18A DPV KA . 14.66 -30.02 -12.05
H19 DPV KA . 11.66 -30.30 -11.66
H19A DPV KA . 12.66 -31.20 -10.51
H20 DPV KA . 12.26 -29.12 -9.44
H20A DPV KA . 13.92 -29.01 -9.98
H21 DPV KA . 13.13 -27.68 -12.00
H21A DPV KA . 11.49 -27.75 -11.39
H22 DPV KA . 13.80 -26.51 -9.76
H22A DPV KA . 12.90 -25.61 -10.93
H23 DPV KA . 10.77 -26.14 -9.66
H23A DPV KA . 11.94 -25.19 -8.74
H23B DPV KA . 11.76 -26.91 -8.41
N DPV LA . 17.70 -35.31 -13.24
P DPV LA . 21.16 -32.47 -11.18
C1 DPV LA . 21.31 -30.24 -12.56
C2 DPV LA . 22.19 -29.55 -13.60
C3 DPV LA . 21.83 -28.03 -13.74
C4 DPV LA . 19.95 -33.92 -13.03
C5 DPV LA . 18.93 -34.92 -12.36
C6 DPV LA . 16.81 -34.10 -13.58
C7 DPV LA . 16.88 -36.30 -12.41
C8 DPV LA . 18.11 -36.03 -14.54
C15 DPV LA . 22.91 -27.31 -14.61
C16 DPV LA . 22.68 -25.78 -14.79
C17 DPV LA . 22.81 -24.97 -13.46
C18 DPV LA . 23.04 -23.46 -13.71
C19 DPV LA . 22.93 -22.62 -12.40
O1P DPV LA . 19.84 -32.00 -10.71
C20 DPV LA . 21.45 -22.27 -12.03
C21 DPV LA . 21.36 -21.55 -10.68
C22 DPV LA . 19.89 -21.14 -10.35
C23 DPV LA . 19.78 -20.40 -9.00
O2P DPV LA . 22.11 -32.65 -10.05
O3P DPV LA . 21.78 -31.61 -12.37
O4P DPV LA . 21.10 -33.73 -12.15
H1 DPV LA . 21.39 -29.73 -11.60
H1A DPV LA . 20.26 -30.27 -12.88
H2 DPV LA . 23.24 -29.66 -13.31
H2A DPV LA . 22.05 -30.03 -14.57
H3 DPV LA . 21.77 -27.56 -12.75
H3A DPV LA . 20.85 -27.93 -14.21
H4 DPV LA . 20.30 -34.33 -13.99
H4A DPV LA . 19.46 -32.95 -13.23
H5 DPV LA . 19.47 -35.84 -12.12
H5A DPV LA . 18.55 -34.47 -11.44
H6 DPV LA . 17.38 -33.41 -14.22
H6A DPV LA . 16.53 -33.60 -12.65
H6B DPV LA . 15.91 -34.46 -14.10
H7 DPV LA . 17.47 -37.21 -12.24
H7A DPV LA . 15.96 -36.55 -12.96
H7B DPV LA . 16.62 -35.84 -11.45
H8 DPV LA . 18.73 -36.90 -14.29
H8A DPV LA . 18.69 -35.35 -15.16
H8B DPV LA . 17.20 -36.36 -15.08
H15 DPV LA . 22.95 -27.78 -15.61
H15A DPV LA . 23.89 -27.47 -14.16
H16 DPV LA . 23.41 -25.42 -15.51
H16A DPV LA . 21.69 -25.59 -15.20
H17 DPV LA . 21.91 -25.12 -12.85
H17A DPV LA . 23.66 -25.37 -12.89
H18 DPV LA . 24.04 -23.31 -14.14
H18A DPV LA . 22.33 -23.08 -14.47
H19 DPV LA . 23.41 -23.17 -11.57
H19A DPV LA . 23.48 -21.71 -12.52
H20 DPV LA . 21.01 -21.67 -12.83
H20A DPV LA . 20.85 -23.19 -11.98
H21 DPV LA . 21.74 -22.20 -9.90
H21A DPV LA . 21.99 -20.65 -10.68
H22 DPV LA . 19.48 -20.51 -11.14
H22A DPV LA . 19.27 -22.04 -10.30
H23 DPV LA . 18.75 -20.15 -8.79
H23A DPV LA . 20.36 -19.47 -9.04
H23B DPV LA . 20.18 -21.01 -8.18
N DPV MA . 22.35 -17.97 15.13
P DPV MA . 22.20 -19.04 11.05
C1 DPV MA . 21.55 -21.01 9.48
C2 DPV MA . 20.44 -21.29 8.47
C3 DPV MA . 20.38 -20.21 7.37
C4 DPV MA . 21.16 -19.67 13.42
C5 DPV MA . 22.30 -19.40 14.47
C6 DPV MA . 20.97 -17.53 15.69
C7 DPV MA . 22.85 -16.91 14.15
C8 DPV MA . 23.34 -18.03 16.31
C15 DPV MA . 19.08 -20.32 6.52
C16 DPV MA . 18.91 -19.12 5.58
C17 DPV MA . 17.54 -19.13 4.88
C18 DPV MA . 17.31 -17.80 4.11
C19 DPV MA . 15.90 -17.73 3.46
O1P DPV MA . 22.47 -17.83 10.26
C20 DPV MA . 15.69 -16.44 2.63
C21 DPV MA . 14.27 -16.41 1.99
C22 DPV MA . 14.13 -15.25 0.97
C23 DPV MA . 12.73 -15.24 0.33
O2P DPV MA . 23.44 -19.75 11.43
O3P DPV MA . 21.10 -19.98 10.41
O4P DPV MA . 21.23 -18.75 12.29
H1 DPV MA . 21.76 -21.91 10.06
H1A DPV MA . 22.45 -20.67 8.98
H2 DPV MA . 20.63 -22.26 8.00
H2A DPV MA . 19.47 -21.36 8.97
H3 DPV MA . 21.25 -20.32 6.71
H3A DPV MA . 20.43 -19.21 7.82
H4 DPV MA . 21.23 -20.69 13.06
H4A DPV MA . 20.17 -19.55 13.90
H5 DPV MA . 22.20 -20.11 15.29
H5A DPV MA . 23.27 -19.56 14.00
H6 DPV MA . 20.60 -18.30 16.38
H6A DPV MA . 20.29 -17.41 14.86
H6B DPV MA . 21.12 -16.58 16.22
H7 DPV MA . 23.82 -17.21 13.74
H7A DPV MA . 22.95 -15.95 14.67
H7B DPV MA . 22.14 -16.79 13.33
H8 DPV MA . 24.31 -18.36 15.93
H8A DPV MA . 22.98 -18.75 17.04
H8B DPV MA . 23.43 -17.05 16.76
H15 DPV MA . 18.21 -20.36 7.20
H15A DPV MA . 19.07 -21.26 5.95
H16 DPV MA . 19.03 -18.21 6.16
H16A DPV MA . 19.70 -19.13 4.81
H17 DPV MA . 17.48 -19.97 4.17
H17A DPV MA . 16.75 -19.25 5.62
H18 DPV MA . 17.43 -16.95 4.78
H18A DPV MA . 18.06 -17.72 3.32
H19 DPV MA . 15.75 -18.61 2.82
H19A DPV MA . 15.12 -17.78 4.25
H20 DPV MA . 15.82 -15.58 3.27
H20A DPV MA . 16.44 -16.40 1.85
H21 DPV MA . 14.10 -17.37 1.46
H21A DPV MA . 13.53 -16.32 2.77
H22 DPV MA . 14.29 -14.30 1.49
H22A DPV MA . 14.87 -15.33 0.18
H23 DPV MA . 12.50 -16.21 -0.13
H23A DPV MA . 12.70 -14.49 -0.46
H23B DPV MA . 11.97 -15.01 1.07
N DPV NA . 27.13 -19.64 7.99
P DPV NA . 27.36 -18.05 2.98
C1 DPV NA . 27.89 -19.31 0.73
C2 DPV NA . 27.72 -20.69 0.04
C3 DPV NA . 26.24 -20.99 -0.27
C4 DPV NA . 27.25 -18.57 5.57
C5 DPV NA . 27.80 -19.64 6.57
C6 DPV NA . 25.62 -19.98 7.93
C7 DPV NA . 27.31 -18.29 8.72
C8 DPV NA . 27.85 -20.72 8.83
C15 DPV NA . 26.05 -22.43 -0.83
C16 DPV NA . 24.57 -22.75 -1.27
C17 DPV NA . 23.51 -22.70 -0.13
C18 DPV NA . 23.63 -23.87 0.88
C19 DPV NA . 22.59 -23.72 2.03
O1P DPV NA . 25.99 -17.51 3.07
C20 DPV NA . 22.74 -24.82 3.11
C21 DPV NA . 21.75 -24.63 4.32
C22 DPV NA . 22.13 -23.43 5.29
C23 DPV NA . 23.36 -23.71 6.17
O2P DPV NA . 28.33 -17.02 2.57
O3P DPV NA . 27.45 -19.40 2.11
O4P DPV NA . 27.82 -18.88 4.26
H1 DPV NA . 28.95 -19.03 0.71
H1A DPV NA . 27.30 -18.55 0.19
H2 DPV NA . 28.30 -20.69 -0.89
H2A DPV NA . 28.14 -21.44 0.68
H3 DPV NA . 25.86 -20.26 -0.99
H3A DPV NA . 25.65 -20.88 0.65
H4 DPV NA . 26.16 -18.63 5.52
H4A DPV NA . 27.58 -17.57 5.88
H5 DPV NA . 27.66 -20.65 6.16
H5A DPV NA . 28.86 -19.48 6.73
H6 DPV NA . 25.49 -20.92 7.38
H6A DPV NA . 25.09 -19.17 7.42
H6B DPV NA . 25.24 -20.06 8.95
H7 DPV NA . 26.78 -17.50 8.18
H7A DPV NA . 28.39 -18.06 8.76
H7B DPV NA . 26.91 -18.36 9.75
H8 DPV NA . 27.68 -21.69 8.37
H8A DPV NA . 27.44 -20.71 9.85
H8B DPV NA . 28.91 -20.50 8.85
H15 DPV NA . 26.38 -23.15 -0.07
H15A DPV NA . 26.71 -22.56 -1.69
H16 DPV NA . 24.27 -22.04 -2.06
H16A DPV NA . 24.53 -23.73 -1.75
H17 DPV NA . 23.58 -21.74 0.40
H17A DPV NA . 22.51 -22.75 -0.60
H18 DPV NA . 23.49 -24.82 0.38
H18A DPV NA . 24.63 -23.87 1.33
H19 DPV NA . 22.70 -22.74 2.48
H19A DPV NA . 21.58 -23.77 1.61
H20 DPV NA . 22.53 -25.79 2.66
H20A DPV NA . 23.78 -24.82 3.46
H21 DPV NA . 20.76 -24.45 3.93
H21A DPV NA . 21.72 -25.56 4.89
H22 DPV NA . 22.30 -22.52 4.69
H22A DPV NA . 21.27 -23.23 5.94
H23 DPV NA . 23.52 -22.88 6.86
H23A DPV NA . 24.27 -23.85 5.56
H23B DPV NA . 23.20 -24.62 6.76
N DPV OA . 31.63 -15.34 3.81
P DPV OA . 29.12 -12.07 1.33
C1 DPV OA . 26.57 -11.64 1.45
C2 DPV OA . 25.35 -12.15 2.21
C3 DPV OA . 24.04 -11.83 1.45
C4 DPV OA . 30.78 -14.09 1.63
C5 DPV OA . 31.86 -14.20 2.75
C6 DPV OA . 32.78 -15.28 4.83
C7 DPV OA . 31.65 -16.74 3.15
C8 DPV OA . 30.31 -15.16 4.60
C15 DPV OA . 22.76 -12.22 2.25
C16 DPV OA . 21.46 -12.12 1.41
C17 DPV OA . 21.06 -10.64 1.03
C18 DPV OA . 19.76 -10.56 0.19
C19 DPV OA . 19.94 -11.04 -1.29
O1P DPV OA . 29.87 -10.84 1.67
C20 DPV OA . 18.56 -11.15 -2.00
C21 DPV OA . 18.50 -12.40 -2.92
C22 DPV OA . 17.07 -12.63 -3.49
C23 DPV OA . 16.97 -13.91 -4.30
O2P DPV OA . 29.03 -12.27 -0.13
O3P DPV OA . 27.74 -12.20 2.09
O4P DPV OA . 29.63 -13.36 2.13
H1 DPV OA . 26.52 -11.98 0.41
H1A DPV OA . 26.61 -10.54 1.49
H2 DPV OA . 25.43 -13.23 2.36
H2A DPV OA . 25.32 -11.69 3.20
H3 DPV OA . 24.04 -12.35 0.49
H3A DPV OA . 24.01 -10.75 1.24
H4 DPV OA . 31.20 -13.54 0.79
H4A DPV OA . 30.45 -15.08 1.31
H5 DPV OA . 32.83 -14.38 2.29
H5A DPV OA . 31.91 -13.26 3.31
H6 DPV OA . 32.75 -14.30 5.32
H6A DPV OA . 33.73 -15.43 4.29
H6B DPV OA . 32.64 -16.08 5.57
H7 DPV OA . 30.84 -16.80 2.42
H7A DPV OA . 31.52 -17.49 3.93
H7B DPV OA . 32.62 -16.87 2.66
H8 DPV OA . 29.48 -15.18 3.89
H8A DPV OA . 30.35 -14.21 5.11
H8B DPV OA . 30.20 -15.97 5.30
H15 DPV OA . 22.69 -11.59 3.15
H15A DPV OA . 22.86 -13.26 2.59
H16 DPV OA . 21.58 -12.71 0.51
H16A DPV OA . 20.64 -12.58 1.99
H17 DPV OA . 20.92 -10.05 1.94
H17A DPV OA . 21.87 -10.17 0.47
H18 DPV OA . 18.99 -11.17 0.68
H18A DPV OA . 19.41 -9.53 0.18
H19 DPV OA . 20.58 -10.33 -1.83
H19A DPV OA . 20.46 -12.01 -1.31
H20 DPV OA . 17.75 -11.21 -1.27
H20A DPV OA . 18.39 -10.26 -2.60
H21 DPV OA . 19.21 -12.30 -3.75
H21A DPV OA . 18.80 -13.28 -2.35
H22 DPV OA . 16.35 -12.65 -2.67
H22A DPV OA . 16.80 -11.78 -4.12
H23 DPV OA . 16.00 -13.97 -4.81
H23A DPV OA . 17.07 -14.79 -3.66
H23B DPV OA . 17.75 -13.96 -5.07
N DPV PA . 23.38 1.73 -6.93
P DPV PA . 24.92 -0.19 -3.10
C1 DPV PA . 24.65 1.30 -0.98
C2 DPV PA . 25.37 2.52 -0.34
C3 DPV PA . 24.76 2.99 1.00
C4 DPV PA . 24.93 -0.08 -5.72
C5 DPV PA . 23.64 0.24 -6.58
C6 DPV PA . 22.83 2.48 -5.70
C7 DPV PA . 22.30 1.79 -8.04
C8 DPV PA . 24.63 2.47 -7.46
C15 DPV PA . 24.99 1.99 2.17
C16 DPV PA . 24.42 2.54 3.51
C17 DPV PA . 24.10 1.45 4.57
C18 DPV PA . 22.86 0.57 4.16
C19 DPV PA . 22.17 -0.09 5.38
O1P DPV PA . 23.67 -0.88 -2.79
C20 DPV PA . 20.91 -0.85 4.92
C21 DPV PA . 20.01 -1.30 6.11
C22 DPV PA . 18.71 -2.03 5.65
C23 DPV PA . 17.68 -1.10 4.96
O2P DPV PA . 26.09 -1.08 -2.98
O3P DPV PA . 25.12 1.18 -2.34
O4P DPV PA . 24.89 0.63 -4.45
H1 DPV PA . 24.90 0.38 -0.42
H1A DPV PA . 23.57 1.45 -0.98
H2 DPV PA . 26.44 2.31 -0.21
H2A DPV PA . 25.30 3.35 -1.06
H3 DPV PA . 23.68 3.16 0.86
H3A DPV PA . 25.19 3.95 1.26
H4 DPV PA . 24.99 -1.14 -5.54
H4A DPV PA . 25.82 0.23 -6.26
H5 DPV PA . 23.73 -0.30 -7.53
H5A DPV PA . 22.75 -0.13 -6.06
H6 DPV PA . 23.60 2.50 -4.93
H6A DPV PA . 21.95 1.94 -5.32
H6B DPV PA . 22.55 3.49 -6.01
H7 DPV PA . 22.65 1.21 -8.90
H7A DPV PA . 22.14 2.83 -8.33
H7B DPV PA . 21.37 1.37 -7.66
H8 DPV PA . 25.02 1.92 -8.32
H8A DPV PA . 25.39 2.51 -6.68
H8B DPV PA . 24.35 3.48 -7.75
H15 DPV PA . 26.05 1.79 2.29
H15A DPV PA . 24.51 1.03 1.91
H16 DPV PA . 25.15 3.23 3.94
H16A DPV PA . 23.52 3.12 3.32
H17 DPV PA . 24.99 0.82 4.72
H17A DPV PA . 23.89 1.95 5.52
H18 DPV PA . 22.14 1.20 3.64
H18A DPV PA . 23.19 -0.21 3.47
H19 DPV PA . 22.85 -0.77 5.88
H19A DPV PA . 21.87 0.69 6.11
H20 DPV PA . 20.34 -0.19 4.26
H20A DPV PA . 21.18 -1.72 4.32
H21 DPV PA . 20.58 -1.96 6.75
H21A DPV PA . 19.73 -0.42 6.70
H22 DPV PA . 18.98 -2.86 4.98
H22A DPV PA . 18.23 -2.47 6.52
H23 DPV PA . 17.31 -0.33 5.64
H23A DPV PA . 16.83 -1.68 4.63
H23B DPV PA . 18.11 -0.60 4.08
N DPV QA . -5.37 -15.65 11.98
P DPV QA . -0.36 -15.51 13.49
C1 DPV QA . 1.80 -16.98 13.16
C2 DPV QA . 2.98 -15.96 13.16
C3 DPV QA . 3.34 -15.38 11.75
C4 DPV QA . -2.92 -15.72 12.99
C5 DPV QA . -3.85 -15.95 11.74
C6 DPV QA . -5.63 -14.17 12.35
C7 DPV QA . -5.97 -16.58 13.03
C8 DPV QA . -6.11 -15.92 10.66
C15 DPV QA . 3.98 -16.44 10.80
C16 DPV QA . 4.45 -15.83 9.47
C17 DPV QA . 5.46 -16.74 8.72
C18 DPV QA . 5.88 -16.10 7.36
C19 DPV QA . 7.02 -16.91 6.66
O1P DPV QA . -0.05 -14.07 13.41
C20 DPV QA . 7.48 -16.21 5.37
C21 DPV QA . 8.67 -16.98 4.71
C22 DPV QA . 9.08 -16.32 3.36
C23 DPV QA . 10.18 -17.12 2.66
O2P DPV QA . -0.49 -15.97 14.88
O3P DPV QA . 0.60 -16.41 12.58
O4P DPV QA . -1.56 -15.97 12.55
H1 DPV QA . 2.10 -17.86 12.59
H1A DPV QA . 1.58 -17.29 14.18
H2 DPV QA . 2.71 -15.13 13.83
H2A DPV QA . 3.86 -16.43 13.62
H3 DPV QA . 4.06 -14.57 11.89
H3A DPV QA . 2.47 -14.95 11.29
H4 DPV QA . -3.00 -14.68 13.32
H4A DPV QA . -3.16 -16.41 13.80
H5 DPV QA . -3.53 -15.30 10.92
H5A DPV QA . -3.77 -16.98 11.41
H6 DPV QA . -5.19 -13.54 11.57
H6A DPV QA . -5.13 -13.96 13.30
H6B DPV QA . -6.70 -14.00 12.42
H7 DPV QA . -5.80 -17.60 12.72
H7A DPV QA . -7.05 -16.39 13.14
H7B DPV QA . -5.46 -16.41 13.98
H8 DPV QA . -5.89 -16.94 10.35
H8A DPV QA . -5.74 -15.22 9.92
H8B DPV QA . -7.18 -15.78 10.82
H15 DPV QA . 3.25 -17.21 10.59
H15A DPV QA . 4.82 -16.90 11.30
H16 DPV QA . 3.58 -15.64 8.86
H16A DPV QA . 4.93 -14.87 9.67
H17 DPV QA . 6.35 -16.89 9.32
H17A DPV QA . 5.01 -17.72 8.51
H18 DPV QA . 5.01 -16.05 6.69
H18A DPV QA . 6.20 -15.06 7.52
H19 DPV QA . 7.87 -17.00 7.34
H19A DPV QA . 6.67 -17.93 6.43
H20 DPV QA . 6.65 -16.17 4.67
H20A DPV QA . 7.79 -15.20 5.60
H21 DPV QA . 9.51 -16.99 5.38
H21A DPV QA . 8.36 -18.01 4.52
H22 DPV QA . 8.20 -16.26 2.71
H22A DPV QA . 9.43 -15.30 3.53
H23 DPV QA . 11.09 -17.09 3.25
H23A DPV QA . 10.39 -16.68 1.68
H23B DPV QA . 9.84 -18.15 2.51
N DPV RA . -8.80 -10.81 7.49
P DPV RA . -6.27 -6.69 9.57
C1 DPV RA . -5.69 -6.70 12.11
C2 DPV RA . -5.51 -7.71 13.26
C3 DPV RA . -4.74 -7.10 14.48
C4 DPV RA . -7.70 -8.64 8.56
C5 DPV RA . -7.50 -10.01 7.82
C6 DPV RA . -8.40 -12.09 6.74
C7 DPV RA . -9.76 -10.00 6.58
C8 DPV RA . -9.55 -11.22 8.77
C15 DPV RA . -4.07 -8.22 15.31
C16 DPV RA . -3.17 -7.66 16.44
C17 DPV RA . -2.33 -8.79 17.13
C18 DPV RA . -0.81 -8.76 16.73
C19 DPV RA . -0.51 -9.34 15.30
O1P DPV RA . -5.01 -5.99 9.24
C20 DPV RA . 1.02 -9.30 15.01
C21 DPV RA . 1.33 -9.65 13.52
C22 DPV RA . 2.85 -9.44 13.22
C23 DPV RA . 3.19 -9.76 11.75
O2P DPV RA . -7.45 -5.81 9.37
O3P DPV RA . -6.25 -7.42 10.98
O4P DPV RA . -6.40 -8.14 8.87
H1 DPV RA . -6.35 -5.89 12.41
H1A DPV RA . -4.71 -6.29 11.81
H2 DPV RA . -6.47 -8.09 13.59
H2A DPV RA . -4.95 -8.56 12.86
H3 DPV RA . -5.47 -6.53 15.08
H3A DPV RA . -4.00 -6.39 14.13
H4 DPV RA . -8.21 -7.96 7.88
H4A DPV RA . -8.28 -8.76 9.48
H5 DPV RA . -6.98 -9.82 6.88
H5A DPV RA . -6.88 -10.67 8.43
H6 DPV RA . -9.29 -12.70 6.58
H6A DPV RA . -7.66 -12.63 7.35
H6B DPV RA . -7.96 -11.82 5.77
H7 DPV RA . -10.16 -9.16 7.15
H7A DPV RA . -10.58 -10.67 6.27
H7B DPV RA . -9.20 -9.65 5.70
H8 DPV RA . -9.87 -10.31 9.28
H8A DPV RA . -8.86 -11.79 9.41
H8B DPV RA . -10.42 -11.82 8.50
H15 DPV RA . -3.45 -8.84 14.65
H15A DPV RA . -4.82 -8.88 15.74
H16 DPV RA . -2.51 -6.89 16.03
H16A DPV RA . -3.80 -7.19 17.19
H17 DPV RA . -2.41 -8.65 18.20
H17A DPV RA . -2.76 -9.76 16.92
H18 DPV RA . -0.44 -7.74 16.81
H18A DPV RA . -0.25 -9.35 17.47
H19 DPV RA . -0.88 -10.37 15.22
H19A DPV RA . -1.03 -8.74 14.55
H20 DPV RA . 1.40 -8.31 15.23
H20A DPV RA . 1.53 -10.00 15.69
H21 DPV RA . 1.04 -10.68 13.32
H21A DPV RA . 0.75 -9.01 12.86
H22 DPV RA . 3.14 -8.41 13.44
H22A DPV RA . 3.44 -10.06 13.88
H23 DPV RA . 2.66 -9.10 11.05
H23A DPV RA . 2.95 -10.79 11.49
H23B DPV RA . 4.25 -9.62 11.56
N DPV SA . -10.12 -3.80 -5.81
P DPV SA . -8.05 -6.53 -2.54
C1 DPV SA . -7.41 -8.53 -0.98
C2 DPV SA . -7.01 -9.78 -1.82
C3 DPV SA . -5.95 -10.67 -1.13
C4 DPV SA . -10.02 -5.14 -3.52
C5 DPV SA . -9.71 -5.11 -5.06
C6 DPV SA . -11.65 -3.57 -5.73
C7 DPV SA . -9.76 -3.98 -7.29
C8 DPV SA . -9.38 -2.56 -5.27
C15 DPV SA . -4.54 -10.00 -1.07
C16 DPV SA . -3.44 -11.04 -0.73
C17 DPV SA . -1.99 -10.50 -1.02
C18 DPV SA . -1.65 -10.32 -2.54
C19 DPV SA . -1.47 -11.67 -3.31
O1P DPV SA . -7.15 -6.81 -3.68
C20 DPV SA . -1.23 -11.49 -4.84
C21 DPV SA . -2.56 -11.24 -5.63
C22 DPV SA . -2.31 -11.06 -7.14
C23 DPV SA . -3.64 -10.85 -7.91
O2P DPV SA . -7.55 -5.41 -1.70
O3P DPV SA . -8.44 -7.84 -1.71
O4P DPV SA . -9.57 -6.37 -2.96
H1 DPV SA . -7.79 -8.86 -0.01
H1A DPV SA . -6.56 -7.86 -0.84
H2 DPV SA . -7.92 -10.36 -1.99
H2A DPV SA . -6.63 -9.46 -2.79
H3 DPV SA . -5.87 -11.60 -1.69
H3A DPV SA . -6.27 -10.93 -0.12
H4 DPV SA . -9.55 -4.29 -3.01
H4A DPV SA . -11.11 -5.07 -3.39
H5 DPV SA . -8.63 -5.24 -5.21
H5A DPV SA . -10.22 -5.95 -5.54
H6 DPV SA . -12.17 -4.46 -6.07
H6A DPV SA . -11.91 -2.72 -6.39
H6B DPV SA . -11.93 -3.32 -4.71
H7 DPV SA . -8.68 -4.17 -7.36
H7A DPV SA . -10.03 -3.06 -7.82
H7B DPV SA . -10.32 -4.83 -7.69
H8 DPV SA . -8.30 -2.72 -5.38
H8A DPV SA . -9.62 -2.41 -4.21
H8B DPV SA . -9.70 -1.69 -5.85
H15 DPV SA . -4.52 -9.21 -0.31
H15A DPV SA . -4.32 -9.52 -2.03
H16 DPV SA . -3.50 -11.30 0.32
H16A DPV SA . -3.61 -11.95 -1.30
H17 DPV SA . -1.87 -9.54 -0.51
H17A DPV SA . -1.27 -11.18 -0.58
H18 DPV SA . -2.42 -9.72 -3.03
H18A DPV SA . -0.73 -9.74 -2.61
H19 DPV SA . -0.59 -12.18 -2.87
H19A DPV SA . -2.33 -12.31 -3.15
H20 DPV SA . -0.52 -10.68 -5.01
H20A DPV SA . -0.77 -12.39 -5.24
H21 DPV SA . -3.24 -12.09 -5.47
H21A DPV SA . -3.06 -10.35 -5.22
H22 DPV SA . -1.67 -10.19 -7.31
H22A DPV SA . -1.80 -11.93 -7.55
H23 DPV SA . -4.29 -11.72 -7.79
H23A DPV SA . -3.43 -10.74 -8.98
H23B DPV SA . -4.14 -9.95 -7.57
N DPV TA . -4.98 -29.66 -12.16
P DPV TA . -4.90 -25.84 -9.13
C1 DPV TA . -2.51 -25.44 -8.14
C2 DPV TA . -1.60 -25.93 -6.98
C3 DPV TA . -0.23 -25.20 -6.95
C4 DPV TA . -4.91 -28.41 -9.81
C5 DPV TA . -5.57 -28.54 -11.22
C6 DPV TA . -3.51 -29.38 -12.48
C7 DPV TA . -5.78 -29.64 -13.48
C8 DPV TA . -5.11 -31.07 -11.52
C15 DPV TA . 0.71 -25.81 -5.86
C16 DPV TA . 2.18 -25.30 -5.96
C17 DPV TA . 2.49 -24.09 -5.02
C18 DPV TA . 4.01 -23.78 -5.04
C19 DPV TA . 4.40 -22.45 -4.33
O1P DPV TA . -4.48 -25.45 -10.50
C20 DPV TA . 5.93 -22.42 -4.08
C21 DPV TA . 6.46 -21.06 -3.57
C22 DPV TA . 7.98 -21.17 -3.25
C23 DPV TA . 8.59 -19.81 -2.80
O2P DPV TA . -5.74 -24.80 -8.51
O3P DPV TA . -3.67 -26.29 -8.20
O4P DPV TA . -5.53 -27.33 -9.06
H1 DPV TA . -2.83 -24.41 -7.96
H1A DPV TA . -1.98 -25.48 -9.09
H2 DPV TA . -2.12 -25.77 -6.03
H2A DPV TA . -1.45 -27.01 -7.08
H3 DPV TA . -0.37 -24.13 -6.75
H3A DPV TA . 0.25 -25.29 -7.93
H4 DPV TA . -5.07 -29.34 -9.26
H4A DPV TA . -3.82 -28.24 -9.91
H5 DPV TA . -6.63 -28.76 -11.10
H5A DPV TA . -5.47 -27.59 -11.75
H6 DPV TA . -2.91 -29.46 -11.57
H6A DPV TA . -3.43 -28.38 -12.92
H6B DPV TA . -3.20 -30.13 -13.22
H7 DPV TA . -5.65 -28.67 -13.93
H7A DPV TA . -6.85 -29.83 -13.24
H7B DPV TA . -5.40 -30.43 -14.14
H8 DPV TA . -6.17 -31.25 -11.30
H8A DPV TA . -4.52 -31.09 -10.58
H8B DPV TA . -4.74 -31.81 -12.23
H15 DPV TA . 0.71 -26.90 -5.97
H15A DPV TA . 0.30 -25.60 -4.87
H16 DPV TA . 2.83 -26.14 -5.68
H16A DPV TA . 2.43 -25.04 -7.01
H17 DPV TA . 1.93 -23.22 -5.34
H17A DPV TA . 2.19 -24.32 -3.99
H18 DPV TA . 4.54 -24.62 -4.56
H18A DPV TA . 4.36 -23.74 -6.08
H19 DPV TA . 4.12 -21.60 -4.96
H19A DPV TA . 3.86 -22.35 -3.38
H20 DPV TA . 6.16 -23.19 -3.34
H20A DPV TA . 6.45 -22.68 -5.01
H21 DPV TA . 6.30 -20.29 -4.33
H21A DPV TA . 5.92 -20.76 -2.67
H22 DPV TA . 8.15 -21.90 -2.47
H22A DPV TA . 8.52 -21.51 -4.13
H23 DPV TA . 8.11 -19.48 -1.87
H23A DPV TA . 8.45 -19.05 -3.55
H23B DPV TA . 9.66 -19.91 -2.61
N DPV UA . -2.23 -32.70 0.30
P DPV UA . 0.81 -35.58 -1.95
C1 DPV UA . -0.75 -35.39 -4.06
C2 DPV UA . -2.27 -35.49 -4.32
C3 DPV UA . -2.73 -35.00 -5.73
C4 DPV UA . 0.16 -33.80 -0.11
C5 DPV UA . -0.68 -32.50 0.12
C6 DPV UA . -2.55 -33.62 1.51
C7 DPV UA . -2.89 -33.28 -0.95
C8 DPV UA . -2.86 -31.32 0.57
C15 DPV UA . -2.60 -33.45 -5.92
C16 DPV UA . -3.11 -33.02 -7.34
C17 DPV UA . -2.88 -31.50 -7.63
C18 DPV UA . -1.38 -31.15 -7.91
C19 DPV UA . -1.26 -29.77 -8.61
O1P DPV UA . 2.00 -35.29 -2.79
C20 DPV UA . 0.22 -29.33 -8.77
C21 DPV UA . 0.32 -28.11 -9.73
C22 DPV UA . 1.76 -27.54 -9.77
C23 DPV UA . 1.85 -26.33 -10.72
O2P DPV UA . 1.14 -36.50 -0.84
O3P DPV UA . -0.46 -36.06 -2.80
O4P DPV UA . 0.03 -34.26 -1.48
H1 DPV UA . -0.19 -35.88 -4.86
H1A DPV UA . -0.45 -34.34 -4.00
H2 DPV UA . -2.59 -36.53 -4.22
H2A DPV UA . -2.81 -34.92 -3.55
H3 DPV UA . -3.76 -35.28 -5.88
H3A DPV UA . -2.15 -35.51 -6.50
H4 DPV UA . 1.21 -33.60 0.07
H4A DPV UA . -0.15 -34.60 0.56
H5 DPV UA . -0.30 -31.97 1.00
H5A DPV UA . -0.56 -31.84 -0.74
H6 DPV UA . -2.02 -33.24 2.38
H6A DPV UA . -2.23 -34.64 1.28
H6B DPV UA . -3.63 -33.61 1.70
H7 DPV UA . -2.67 -32.61 -1.80
H7A DPV UA . -3.97 -33.33 -0.79
H7B DPV UA . -2.49 -34.29 -1.13
H8 DPV UA . -2.70 -30.69 -0.31
H8A DPV UA . -2.38 -30.88 1.45
H8B DPV UA . -3.93 -31.46 0.76
H15 DPV UA . -1.57 -33.16 -5.81
H15A DPV UA . -3.18 -32.93 -5.15
H16 DPV UA . -2.61 -33.62 -8.10
H16A DPV UA . -4.17 -33.24 -7.41
H17 DPV UA . -3.48 -31.22 -8.48
H17A DPV UA . -3.23 -30.90 -6.79
H18 DPV UA . -0.84 -31.14 -6.96
H18A DPV UA . -0.92 -31.92 -8.52
H19 DPV UA . -1.75 -29.82 -9.58
H19A DPV UA . -1.79 -29.02 -8.01
H20 DPV UA . 0.65 -29.09 -7.80
H20A DPV UA . 0.81 -30.15 -9.21
H21 DPV UA . 0.03 -28.41 -10.74
H21A DPV UA . -0.38 -27.34 -9.40
H22 DPV UA . 2.08 -27.23 -8.77
H22A DPV UA . 2.44 -28.31 -10.11
H23 DPV UA . 2.87 -25.92 -10.70
H23A DPV UA . 1.15 -25.56 -10.40
H23B DPV UA . 1.62 -26.63 -11.74
N DPV VA . -7.13 -32.08 -5.25
P DPV VA . -5.53 -28.77 -1.49
C1 DPV VA . -3.46 -27.97 -2.93
C2 DPV VA . -2.74 -28.98 -3.86
C3 DPV VA . -1.53 -29.64 -3.19
C4 DPV VA . -6.39 -30.26 -3.48
C5 DPV VA . -6.22 -31.71 -4.03
C6 DPV VA . -6.77 -31.24 -6.50
C7 DPV VA . -8.64 -31.93 -4.95
C8 DPV VA . -6.86 -33.55 -5.59
C15 DPV VA . -0.75 -30.51 -4.22
C16 DPV VA . 0.50 -31.15 -3.58
C17 DPV VA . 1.44 -31.78 -4.62
C18 DPV VA . 2.85 -32.03 -4.01
C19 DPV VA . 3.93 -32.12 -5.12
O1P DPV VA . -6.30 -27.67 -2.13
C20 DPV VA . 5.36 -32.25 -4.50
C21 DPV VA . 6.46 -32.44 -5.58
C22 DPV VA . 7.88 -32.50 -4.96
C23 DPV VA . 8.47 -31.09 -4.68
O2P DPV VA . -5.91 -28.97 -0.09
O3P DPV VA . -3.96 -28.65 -1.72
O4P DPV VA . -5.52 -30.13 -2.33
H1 DPV VA . -2.76 -27.20 -2.62
H1A DPV VA . -4.31 -27.53 -3.47
H2 DPV VA . -3.46 -29.75 -4.17
H2A DPV VA . -2.42 -28.46 -4.77
H3 DPV VA . -1.85 -30.28 -2.36
H3A DPV VA . -0.86 -28.88 -2.77
H4 DPV VA . -6.10 -29.53 -4.22
H4A DPV VA . -7.42 -30.08 -3.17
H5 DPV VA . -5.19 -31.87 -4.34
H5A DPV VA . -6.47 -32.42 -3.24
H6 DPV VA . -5.69 -31.37 -6.69
H6A DPV VA . -6.99 -30.19 -6.30
H6B DPV VA . -7.35 -31.60 -7.36
H7 DPV VA . -8.88 -32.51 -4.06
H7A DPV VA . -9.22 -32.30 -5.80
H7B DPV VA . -8.86 -30.86 -4.79
H8 DPV VA . -7.14 -34.17 -4.73
H8A DPV VA . -5.80 -33.69 -5.79
H8B DPV VA . -7.46 -33.84 -6.44
H15 DPV VA . -0.46 -29.87 -5.07
H15A DPV VA . -1.41 -31.28 -4.59
H16 DPV VA . 1.04 -30.37 -3.04
H16A DPV VA . 0.21 -31.91 -2.85
H17 DPV VA . 1.02 -32.73 -4.97
H17A DPV VA . 1.51 -31.12 -5.50
H18 DPV VA . 3.11 -31.20 -3.34
H18A DPV VA . 2.83 -32.94 -3.40
H19 DPV VA . 3.74 -32.97 -5.75
H19A DPV VA . 3.91 -31.24 -5.75
H20 DPV VA . 5.57 -31.34 -3.93
H20A DPV VA . 5.39 -33.08 -3.80
H21 DPV VA . 6.26 -33.37 -6.10
H21A DPV VA . 6.39 -31.65 -6.33
H22 DPV VA . 7.88 -33.09 -4.06
H22A DPV VA . 8.54 -33.00 -5.67
H23 DPV VA . 8.54 -30.51 -5.59
H23A DPV VA . 9.46 -31.18 -4.24
H23B DPV VA . 7.84 -30.55 -3.96
N DPV WA . 2.67 -36.33 3.44
P DPV WA . 3.97 -32.71 0.78
C1 DPV WA . 2.92 -30.36 0.35
C2 DPV WA . 1.59 -29.68 -0.05
C3 DPV WA . 1.76 -28.15 -0.30
C4 DPV WA . 4.22 -34.26 2.84
C5 DPV WA . 3.40 -35.01 3.93
C6 DPV WA . 3.65 -37.38 2.90
C7 DPV WA . 1.62 -36.03 2.37
C8 DPV WA . 1.96 -36.94 4.65
C15 DPV WA . 2.76 -27.81 -1.45
C16 DPV WA . 2.96 -26.27 -1.67
C17 DPV WA . 3.75 -25.58 -0.52
C18 DPV WA . 4.09 -24.10 -0.86
C19 DPV WA . 4.46 -23.31 0.42
O1P DPV WA . 5.22 -32.00 1.07
C20 DPV WA . 5.09 -21.92 0.10
C21 DPV WA . 5.23 -21.05 1.40
C22 DPV WA . 5.99 -19.72 1.15
C23 DPV WA . 7.54 -19.90 1.08
O2P DPV WA . 4.08 -33.60 -0.40
O3P DPV WA . 2.70 -31.74 0.74
O4P DPV WA . 3.34 -33.43 2.05
H1 DPV WA . 3.60 -30.35 -0.49
H1A DPV WA . 3.38 -29.85 1.21
H2 DPV WA . 1.19 -30.17 -0.94
H2A DPV WA . 0.84 -29.83 0.75
H3 DPV WA . 2.08 -27.68 0.62
H3A DPV WA . 0.77 -27.74 -0.55
H4 DPV WA . 4.96 -33.61 3.32
H4A DPV WA . 4.74 -34.96 2.18
H5 DPV WA . 4.05 -35.32 4.74
H5A DPV WA . 2.62 -34.35 4.33
H6 DPV WA . 4.41 -37.57 3.66
H6A DPV WA . 4.11 -37.00 1.98
H6B DPV WA . 3.10 -38.30 2.68
H7 DPV WA . 0.91 -35.28 2.76
H7A DPV WA . 1.09 -36.96 2.11
H7B DPV WA . 2.12 -35.64 1.47
H8 DPV WA . 1.21 -36.22 5.02
H8A DPV WA . 2.70 -37.15 5.42
H8B DPV WA . 1.46 -37.86 4.35
H15 DPV WA . 2.39 -28.25 -2.37
H15A DPV WA . 3.75 -28.25 -1.24
H16 DPV WA . 3.52 -26.12 -2.60
H16A DPV WA . 1.99 -25.78 -1.80
H17 DPV WA . 3.13 -25.62 0.39
H17A DPV WA . 4.66 -26.13 -0.31
H18 DPV WA . 4.94 -24.09 -1.55
H18A DPV WA . 3.25 -23.60 -1.34
H19 DPV WA . 3.56 -23.18 1.01
H19A DPV WA . 5.17 -23.89 1.02
H20 DPV WA . 6.08 -22.07 -0.35
H20A DPV WA . 4.46 -21.39 -0.61
H21 DPV WA . 4.23 -20.83 1.78
H21A DPV WA . 5.73 -21.63 2.17
H22 DPV WA . 5.62 -19.25 0.23
H22A DPV WA . 5.77 -19.01 1.96
H23 DPV WA . 8.01 -18.93 0.90
H23A DPV WA . 7.80 -20.57 0.27
H23B DPV WA . 7.93 -20.30 2.02
N DPV XA . 4.03 -34.06 10.28
P DPV XA . 1.39 -33.05 6.81
C1 DPV XA . -0.76 -32.78 8.27
C2 DPV XA . -1.02 -32.42 9.76
C3 DPV XA . -1.01 -30.89 10.05
C4 DPV XA . 3.14 -34.71 7.84
C5 DPV XA . 3.71 -35.18 9.23
C6 DPV XA . 2.76 -33.52 10.94
C7 DPV XA . 4.81 -32.90 9.69
C8 DPV XA . 4.90 -34.68 11.41
C15 DPV XA . 0.38 -30.34 10.50
C16 DPV XA . 0.64 -30.52 12.03
C17 DPV XA . 2.05 -30.04 12.50
C18 DPV XA . 2.28 -28.50 12.32
C19 DPV XA . 3.60 -28.04 13.00
O1P DPV XA . 2.42 -32.24 6.14
C20 DPV XA . 4.18 -26.78 12.34
C21 DPV XA . 5.48 -26.31 13.07
C22 DPV XA . 6.25 -25.24 12.26
C23 DPV XA . 7.56 -24.83 12.95
O2P DPV XA . 0.61 -33.84 5.85
O3P DPV XA . 0.48 -32.20 7.82
O4P DPV XA . 1.95 -33.92 8.03
H1 DPV XA . -0.75 -33.86 8.14
H1A DPV XA . -1.57 -32.38 7.66
H2 DPV XA . -2.00 -32.81 10.04
H2A DPV XA . -0.27 -32.93 10.38
H3 DPV XA . -1.74 -30.66 10.82
H3A DPV XA . -1.33 -30.33 9.16
H4 DPV XA . 3.89 -34.10 7.33
H4A DPV XA . 2.89 -35.57 7.23
H5 DPV XA . 3.00 -35.87 9.70
H5A DPV XA . 4.65 -35.73 9.06
H6 DPV XA . 3.04 -32.82 11.73
H6A DPV XA . 2.19 -34.35 11.37
H6B DPV XA . 2.17 -33.01 10.19
H7 DPV XA . 5.70 -33.29 9.20
H7A DPV XA . 5.10 -32.21 10.50
H7B DPV XA . 4.18 -32.36 8.97
H8 DPV XA . 5.84 -35.02 10.96
H8A DPV XA . 4.36 -35.51 11.86
H8B DPV XA . 5.11 -33.92 12.17
H15 DPV XA . 0.41 -29.28 10.27
H15A DPV XA . 1.19 -30.81 9.93
H16 DPV XA . -0.14 -30.01 12.58
H16A DPV XA . 0.55 -31.58 12.26
H17 DPV XA . 2.17 -30.29 13.56
H17A DPV XA . 2.83 -30.58 11.96
H18 DPV XA . 2.32 -28.27 11.27
H18A DPV XA . 1.46 -27.94 12.76
H19 DPV XA . 3.40 -27.84 14.06
H19A DPV XA . 4.33 -28.85 12.94
H20 DPV XA . 4.39 -26.99 11.28
H20A DPV XA . 3.45 -25.97 12.38
H21 DPV XA . 5.24 -25.93 14.05
H21A DPV XA . 6.13 -27.17 13.22
H22 DPV XA . 6.47 -25.63 11.26
H22A DPV XA . 5.62 -24.36 12.15
H23 DPV XA . 8.12 -24.17 12.28
H23A DPV XA . 8.18 -25.70 13.17
H23B DPV XA . 7.36 -24.28 13.87
N DPV YA . -1.88 -27.12 13.79
P DPV YA . 2.11 -24.43 15.85
C1 DPV YA . 2.92 -23.25 13.64
C2 DPV YA . 3.54 -21.92 13.15
C3 DPV YA . 4.78 -21.51 13.99
C4 DPV YA . 0.31 -25.77 14.47
C5 DPV YA . -1.26 -25.81 14.38
C6 DPV YA . -1.44 -28.38 14.55
C7 DPV YA . -1.54 -27.26 12.28
C8 DPV YA . -3.40 -27.03 13.92
C15 DPV YA . 5.45 -20.23 13.43
C16 DPV YA . 6.48 -19.62 14.45
C17 DPV YA . 7.59 -18.74 13.80
C18 DPV YA . 7.07 -17.43 13.15
C19 DPV YA . 8.22 -16.44 12.81
O1P DPV YA . 2.00 -24.17 17.29
C20 DPV YA . 7.69 -15.18 12.03
C21 DPV YA . 8.78 -14.09 11.83
C22 DPV YA . 9.17 -13.33 13.13
C23 DPV YA . 10.19 -12.22 12.83
O2P DPV YA . 3.04 -25.56 15.56
O3P DPV YA . 2.47 -23.10 15.02
O4P DPV YA . 0.70 -24.54 15.11
H1 DPV YA . 2.07 -23.51 13.01
H1A DPV YA . 3.68 -24.04 13.59
H2 DPV YA . 3.83 -22.04 12.10
H2A DPV YA . 2.79 -21.13 13.20
H3 DPV YA . 5.49 -22.33 14.01
H3A DPV YA . 4.48 -21.33 15.03
H4 DPV YA . 0.66 -26.61 15.07
H4A DPV YA . 0.74 -25.79 13.46
H5 DPV YA . -1.67 -25.67 15.38
H5A DPV YA . -1.59 -24.97 13.75
H6 DPV YA . -1.68 -28.23 15.61
H6A DPV YA . -0.37 -28.54 14.45
H6B DPV YA . -1.99 -29.24 14.16
H7 DPV YA . -1.89 -26.36 11.76
H7A DPV YA . -2.02 -28.16 11.88
H7B DPV YA . -0.46 -27.36 12.17
H8 DPV YA . -3.73 -26.12 13.40
H8A DPV YA . -3.66 -26.97 14.99
H8B DPV YA . -3.85 -27.93 13.47
H15 DPV YA . 4.68 -19.49 13.18
H15A DPV YA . 5.98 -20.48 12.52
H16 DPV YA . 5.93 -19.02 15.19
H16A DPV YA . 6.98 -20.43 14.99
H17 DPV YA . 8.31 -18.48 14.58
H17A DPV YA . 8.12 -19.32 13.06
H18 DPV YA . 6.53 -17.69 12.22
H18A DPV YA . 6.35 -16.93 13.81
H19 DPV YA . 8.72 -16.14 13.73
H19A DPV YA . 8.97 -16.93 12.19
H20 DPV YA . 7.34 -15.49 11.06
H20A DPV YA . 6.84 -14.75 12.56
H21 DPV YA . 9.67 -14.53 11.40
H21A DPV YA . 8.39 -13.36 11.10
H22 DPV YA . 8.28 -12.88 13.59
H22A DPV YA . 9.59 -14.02 13.87
H23 DPV YA . 9.79 -11.51 12.11
H23A DPV YA . 11.10 -12.65 12.42
H23B DPV YA . 10.46 -11.66 13.74
N DPV ZA . 22.26 -12.63 -20.91
P DPV ZA . 24.38 -9.73 -17.71
C1 DPV ZA . 24.02 -7.18 -17.23
C2 DPV ZA . 22.97 -6.06 -17.51
C3 DPV ZA . 23.20 -4.76 -16.69
C4 DPV ZA . 22.44 -11.25 -18.65
C5 DPV ZA . 21.67 -11.51 -19.99
C6 DPV ZA . 23.72 -12.36 -21.31
C7 DPV ZA . 21.41 -12.63 -22.19
C8 DPV ZA . 22.14 -14.02 -20.28
C15 DPV ZA . 22.90 -4.93 -15.15
C16 DPV ZA . 24.15 -4.63 -14.30
C17 DPV ZA . 23.91 -4.94 -12.79
C18 DPV ZA . 25.19 -4.60 -11.96
C19 DPV ZA . 25.10 -5.01 -10.46
O1P DPV ZA . 23.95 -10.21 -16.38
C20 DPV ZA . 25.29 -6.55 -10.23
C21 DPV ZA . 25.18 -6.90 -8.75
C22 DPV ZA . 25.38 -8.42 -8.51
C23 DPV ZA . 25.16 -8.83 -7.04
O2P DPV ZA . 25.84 -9.78 -17.87
O3P DPV ZA . 23.73 -8.32 -18.09
O4P DPV ZA . 23.57 -10.38 -18.92
H1 DPV ZA . 25.02 -6.82 -17.44
H1A DPV ZA . 23.96 -7.51 -16.20
H2 DPV ZA . 23.01 -5.83 -18.57
H2A DPV ZA . 21.97 -6.46 -17.31
H3 DPV ZA . 22.53 -3.99 -17.09
H3A DPV ZA . 24.23 -4.41 -16.86
H4 DPV ZA . 21.76 -10.73 -17.96
H4A DPV ZA . 22.77 -12.18 -18.20
H5 DPV ZA . 20.64 -11.81 -19.75
H5A DPV ZA . 21.63 -10.58 -20.56
H6 DPV ZA . 23.79 -11.37 -21.73
H6A DPV ZA . 24.01 -13.11 -22.05
H6B DPV ZA . 24.35 -12.44 -20.43
H7 DPV ZA . 21.82 -13.38 -22.87
H7A DPV ZA . 21.46 -11.64 -22.67
H7B DPV ZA . 20.38 -12.87 -21.93
H8 DPV ZA . 21.09 -14.22 -20.03
H8A DPV ZA . 22.76 -14.05 -19.37
H8B DPV ZA . 22.50 -14.77 -20.99
H15 DPV ZA . 22.54 -5.94 -14.94
H15A DPV ZA . 22.10 -4.24 -14.89
H16 DPV ZA . 24.97 -5.26 -14.65
H16A DPV ZA . 24.45 -3.59 -14.42
H17 DPV ZA . 23.06 -4.35 -12.41
H17A DPV ZA . 23.66 -6.00 -12.67
H18 DPV ZA . 26.07 -5.09 -12.40
H18A DPV ZA . 25.36 -3.51 -12.01
H19 DPV ZA . 25.89 -4.48 -9.91
H19A DPV ZA . 24.15 -4.68 -10.05
H20 DPV ZA . 24.54 -7.11 -10.79
H20A DPV ZA . 26.28 -6.84 -10.61
H21 DPV ZA . 25.96 -6.36 -8.19
H21A DPV ZA . 24.22 -6.58 -8.36
H22 DPV ZA . 24.66 -8.96 -9.14
H22A DPV ZA . 26.37 -8.71 -8.83
H23 DPV ZA . 25.91 -8.39 -6.40
H23A DPV ZA . 25.22 -9.93 -6.93
H23B DPV ZA . 24.17 -8.49 -6.69
N DPV AB . 20.55 -0.56 -13.61
P DPV AB . 19.22 -0.96 -9.21
C1 DPV AB . 17.88 -2.48 -7.59
C2 DPV AB . 17.25 -3.89 -7.46
C3 DPV AB . 16.52 -4.02 -6.09
C4 DPV AB . 18.88 0.01 -11.62
C5 DPV AB . 19.07 -0.34 -13.12
C6 DPV AB . 21.51 0.58 -13.17
C7 DPV AB . 20.53 -0.58 -15.16
C8 DPV AB . 21.11 -1.89 -13.12
C15 DPV AB . 15.99 -5.45 -5.85
C16 DPV AB . 15.21 -5.51 -4.50
C17 DPV AB . 14.68 -6.91 -4.12
C18 DPV AB . 13.54 -7.41 -5.09
C19 DPV AB . 12.72 -8.63 -4.54
O1P DPV AB . 20.60 -1.08 -8.76
C20 DPV AB . 13.49 -9.98 -4.56
C21 DPV AB . 12.56 -11.21 -4.31
C22 DPV AB . 13.32 -12.52 -4.07
C23 DPV AB . 12.42 -13.65 -3.54
O2P DPV AB . 18.57 0.28 -8.71
O3P DPV AB . 18.35 -2.27 -8.94
O4P DPV AB . 19.05 -1.17 -10.79
H1 DPV AB . 17.13 -1.71 -7.38
H1A DPV AB . 18.70 -2.38 -6.88
H2 DPV AB . 16.54 -4.05 -8.28
H2A DPV AB . 18.04 -4.63 -7.56
H3 DPV AB . 15.70 -3.30 -6.05
H3A DPV AB . 17.23 -3.76 -5.29
H4 DPV AB . 19.58 0.78 -11.31
H4A DPV AB . 17.86 0.38 -11.46
H5 DPV AB . 18.52 -1.26 -13.36
H5A DPV AB . 18.67 0.46 -13.73
H6 DPV AB . 21.08 1.57 -13.44
H6A DPV AB . 22.47 0.43 -13.67
H6B DPV AB . 21.64 0.51 -12.07
H7 DPV AB . 19.84 -1.35 -15.50
H7A DPV AB . 21.54 -0.79 -15.53
H7B DPV AB . 20.20 0.39 -15.52
H8 DPV AB . 20.47 -2.70 -13.51
H8A DPV AB . 21.12 -1.91 -12.03
H8B DPV AB . 22.13 -2.02 -13.50
H15 DPV AB . 16.82 -6.15 -5.82
H15A DPV AB . 15.33 -5.75 -6.66
H16 DPV AB . 15.87 -5.16 -3.70
H16A DPV AB . 14.36 -4.80 -4.53
H17 DPV AB . 15.50 -7.63 -4.10
H17A DPV AB . 14.29 -6.88 -3.11
H18 DPV AB . 12.85 -6.59 -5.27
H18A DPV AB . 13.97 -7.68 -6.05
H19 DPV AB . 12.40 -8.41 -3.52
H19A DPV AB . 11.81 -8.72 -5.14
H20 DPV AB . 13.99 -10.10 -5.51
H20A DPV AB . 14.28 -9.95 -3.79
H21 DPV AB . 11.92 -10.99 -3.45
H21A DPV AB . 11.89 -11.33 -5.17
H22 DPV AB . 13.81 -12.84 -5.00
H22A DPV AB . 14.12 -12.35 -3.33
H23 DPV AB . 13.02 -14.50 -3.24
H23A DPV AB . 11.71 -13.97 -4.31
H23B DPV AB . 11.85 -13.32 -2.67
N DPV BB . 27.40 -2.22 5.05
P DPV BB . 27.14 -3.01 0.83
C1 DPV BB . 28.58 -3.40 -1.31
C2 DPV BB . 29.67 -2.73 -2.17
C3 DPV BB . 30.68 -3.75 -2.81
C4 DPV BB . 27.01 -1.09 2.66
C5 DPV BB . 26.41 -1.82 3.91
C6 DPV BB . 26.57 -2.63 6.29
C7 DPV BB . 28.33 -1.07 5.46
C8 DPV BB . 28.26 -3.44 4.66
C15 DPV BB . 30.05 -4.81 -3.79
C16 DPV BB . 29.55 -4.18 -5.14
C17 DPV BB . 28.78 -5.20 -6.04
C18 DPV BB . 27.34 -5.57 -5.53
C19 DPV BB . 26.30 -4.43 -5.71
O1P DPV BB . 27.34 -4.42 1.20
C20 DPV BB . 24.89 -4.88 -5.26
C21 DPV BB . 23.90 -3.69 -5.31
C22 DPV BB . 22.43 -4.12 -5.09
C23 DPV BB . 21.46 -2.92 -5.18
O2P DPV BB . 25.72 -2.69 0.50
O3P DPV BB . 28.16 -2.48 -0.28
O4P DPV BB . 27.82 -1.98 1.86
H1 DPV BB . 27.71 -3.66 -1.93
H1A DPV BB . 28.97 -4.31 -0.84
H2 DPV BB . 29.19 -2.15 -2.96
H2A DPV BB . 30.24 -2.05 -1.56
H3 DPV BB . 31.19 -4.28 -2.01
H3A DPV BB . 31.44 -3.19 -3.35
H4 DPV BB . 26.20 -0.68 2.04
H4A DPV BB . 27.61 -0.26 2.99
H5 DPV BB . 25.65 -1.18 4.38
H5A DPV BB . 25.91 -2.76 3.59
H6 DPV BB . 25.97 -3.49 6.03
H6A DPV BB . 25.94 -1.80 6.56
H6B DPV BB . 27.25 -2.87 7.09
H7 DPV BB . 27.74 -0.19 5.72
H7A DPV BB . 28.99 -0.83 4.63
H7B DPV BB . 28.92 -1.39 6.33
H8 DPV BB . 28.90 -3.72 5.51
H8A DPV BB . 28.86 -3.15 3.79
H8B DPV BB . 27.60 -4.26 4.40
H15 DPV BB . 29.22 -5.32 -3.29
H15A DPV BB . 30.80 -5.57 -4.01
H16 DPV BB . 28.93 -3.31 -4.94
H16A DPV BB . 30.43 -3.83 -5.70
H17 DPV BB . 28.69 -4.79 -7.05
H17A DPV BB . 29.37 -6.12 -6.14
H18 DPV BB . 27.01 -6.45 -6.08
H18A DPV BB . 27.40 -5.85 -4.49
H19 DPV BB . 26.60 -3.56 -5.12
H19A DPV BB . 26.28 -4.13 -6.75
H20 DPV BB . 24.55 -5.69 -5.91
H20A DPV BB . 24.92 -5.28 -4.24
H21 DPV BB . 24.19 -2.97 -4.54
H21A DPV BB . 23.99 -3.18 -6.27
H22 DPV BB . 22.15 -4.87 -5.83
H22A DPV BB . 22.32 -4.58 -4.11
H23 DPV BB . 20.44 -3.27 -5.05
H23A DPV BB . 21.53 -2.44 -6.16
H23B DPV BB . 21.68 -2.19 -4.39
N DPV CB . 18.95 -4.40 -18.60
P DPV CB . 18.51 -9.14 -18.81
C1 DPV CB . 18.04 -9.65 -16.29
C2 DPV CB . 16.89 -9.57 -15.29
C3 DPV CB . 17.11 -10.58 -14.12
C4 DPV CB . 18.28 -6.68 -19.79
C5 DPV CB . 18.60 -5.92 -18.45
C6 DPV CB . 19.32 -3.89 -17.20
C7 DPV CB . 17.74 -3.60 -19.10
C8 DPV CB . 20.16 -4.20 -19.53
C15 DPV CB . 15.91 -10.68 -13.11
C16 DPV CB . 14.63 -11.39 -13.66
C17 DPV CB . 14.82 -12.91 -13.98
C18 DPV CB . 13.51 -13.67 -14.42
C19 DPV CB . 12.82 -13.13 -15.71
O1P DPV CB . 18.29 -10.46 -19.45
C20 DPV CB . 13.65 -13.30 -17.03
C21 DPV CB . 13.04 -12.53 -18.24
C22 DPV CB . 13.19 -10.98 -18.15
C23 DPV CB . 14.63 -10.48 -18.46
O2P DPV CB . 19.96 -8.83 -18.66
O3P DPV CB . 17.66 -8.91 -17.48
O4P DPV CB . 17.67 -7.97 -19.51
H1 DPV CB . 18.92 -9.20 -15.88
H1A DPV CB . 18.22 -10.68 -16.59
H2 DPV CB . 16.80 -8.55 -14.89
H2A DPV CB . 15.93 -9.80 -15.79
H3 DPV CB . 18.01 -10.28 -13.57
H3A DPV CB . 17.34 -11.56 -14.52
H4 DPV CB . 17.58 -6.09 -20.39
H4A DPV CB . 19.21 -6.83 -20.37
H5 DPV CB . 17.73 -5.99 -17.79
H5A DPV CB . 19.45 -6.41 -17.95
H6 DPV CB . 18.45 -4.01 -16.54
H6A DPV CB . 19.58 -2.82 -17.28
H6B DPV CB . 20.17 -4.46 -16.82
H7 DPV CB . 17.50 -3.93 -20.12
H7A DPV CB . 18.00 -2.54 -19.12
H7B DPV CB . 16.90 -3.79 -18.43
H8 DPV CB . 19.87 -4.46 -20.55
H8A DPV CB . 20.99 -4.84 -19.21
H8B DPV CB . 20.48 -3.14 -19.52
H15 DPV CB . 15.64 -9.68 -12.78
H15A DPV CB . 16.25 -11.23 -12.22
H16 DPV CB . 13.84 -11.28 -12.91
H16A DPV CB . 14.29 -10.87 -14.55
H17 DPV CB . 15.58 -13.03 -14.77
H17A DPV CB . 15.22 -13.39 -13.11
H18 DPV CB . 13.74 -14.74 -14.56
H18A DPV CB . 12.78 -13.62 -13.60
H19 DPV CB . 11.87 -13.67 -15.84
H19A DPV CB . 12.55 -12.10 -15.57
H20 DPV CB . 14.67 -12.96 -16.86
H20A DPV CB . 13.72 -14.36 -17.27
H21 DPV CB . 13.50 -12.88 -19.16
H21A DPV CB . 11.97 -12.78 -18.30
H22 DPV CB . 12.52 -10.52 -18.86
H22A DPV CB . 12.91 -10.61 -17.16
H23 DPV CB . 14.66 -9.40 -18.35
H23A DPV CB . 14.93 -10.75 -19.47
H23B DPV CB . 15.35 -10.92 -17.76
N DPV DB . 5.46 -26.72 -22.78
P DPV DB . 7.53 -29.12 -19.22
C1 DPV DB . 8.04 -30.92 -21.08
C2 DPV DB . 9.57 -31.16 -21.02
C3 DPV DB . 10.25 -30.76 -22.37
C4 DPV DB . 5.57 -27.80 -20.37
C5 DPV DB . 5.90 -27.94 -21.90
C6 DPV DB . 6.20 -25.41 -22.36
C7 DPV DB . 3.94 -26.51 -22.78
C8 DPV DB . 5.88 -27.06 -24.22
C15 DPV DB . 11.79 -31.02 -22.39
C16 DPV DB . 12.65 -30.00 -21.58
C17 DPV DB . 12.74 -28.59 -22.26
C18 DPV DB . 14.01 -27.79 -21.86
C19 DPV DB . 14.01 -27.21 -20.41
O1P DPV DB . 8.46 -28.22 -19.96
C20 DPV DB . 13.32 -25.82 -20.30
C21 DPV DB . 13.47 -25.21 -18.88
C22 DPV DB . 12.93 -23.78 -18.79
C23 DPV DB . 13.18 -23.17 -17.38
O2P DPV DB . 7.71 -29.01 -17.76
O3P DPV DB . 7.55 -30.64 -19.73
O4P DPV DB . 6.00 -28.99 -19.70
H1 DPV DB . 7.81 -30.06 -21.72
H1A DPV DB . 7.56 -31.81 -21.47
H2 DPV DB . 10.00 -30.56 -20.21
H2A DPV DB . 9.76 -32.20 -20.80
H3 DPV DB . 10.07 -29.69 -22.57
H3A DPV DB . 9.78 -31.33 -23.17
H4 DPV DB . 6.07 -26.93 -19.94
H4A DPV DB . 4.48 -27.69 -20.23
H5 DPV DB . 6.97 -28.05 -22.02
H5A DPV DB . 5.41 -28.83 -22.30
H6 DPV DB . 7.27 -25.62 -22.32
H6A DPV DB . 5.83 -25.11 -21.37
H6B DPV DB . 6.00 -24.63 -23.09
H7 DPV DB . 3.44 -27.46 -22.98
H7A DPV DB . 3.67 -25.78 -23.55
H7B DPV DB . 3.64 -26.13 -21.81
H8 DPV DB . 5.38 -27.99 -24.53
H8A DPV DB . 6.96 -27.19 -24.25
H8B DPV DB . 5.59 -26.24 -24.88
H15 DPV DB . 12.12 -31.01 -23.43
H15A DPV DB . 11.97 -32.03 -22.01
H16 DPV DB . 12.29 -29.91 -20.56
H16A DPV DB . 13.67 -30.41 -21.50
H17 DPV DB . 12.75 -28.71 -23.35
H17A DPV DB . 11.84 -28.02 -22.02
H18 DPV DB . 14.88 -28.45 -21.98
H18A DPV DB . 14.15 -26.99 -22.57
H19 DPV DB . 13.52 -27.91 -19.73
H19A DPV DB . 15.04 -27.13 -20.09
H20 DPV DB . 13.78 -25.14 -21.03
H20A DPV DB . 12.28 -25.94 -20.57
H21 DPV DB . 12.91 -25.85 -18.17
H21A DPV DB . 14.51 -25.23 -18.57
H22 DPV DB . 13.43 -23.14 -19.54
H22A DPV DB . 11.87 -23.76 -18.99
H23 DPV DB . 12.68 -23.76 -16.62
H23A DPV DB . 12.79 -22.15 -17.32
H23B DPV DB . 14.26 -23.14 -17.15
N DPV EB . 17.35 -22.90 -19.98
P DPV EB . 18.67 -18.42 -20.99
C1 DPV EB . 21.15 -17.78 -21.44
C2 DPV EB . 22.59 -18.34 -21.32
C3 DPV EB . 23.20 -18.10 -19.91
C4 DPV EB . 17.04 -20.26 -20.12
C5 DPV EB . 17.00 -21.57 -19.25
C6 DPV EB . 16.37 -23.20 -21.15
C7 DPV EB . 17.24 -24.04 -18.96
C8 DPV EB . 18.78 -22.91 -20.54
C15 DPV EB . 24.55 -18.87 -19.72
C16 DPV EB . 25.21 -18.55 -18.35
C17 DPV EB . 26.50 -19.41 -18.13
C18 DPV EB . 27.32 -19.00 -16.86
C19 DPV EB . 26.70 -19.50 -15.51
O1P DPV EB . 18.16 -18.30 -22.36
C20 DPV EB . 25.90 -18.39 -14.78
C21 DPV EB . 25.28 -18.92 -13.45
C22 DPV EB . 24.73 -17.75 -12.60
C23 DPV EB . 23.93 -18.25 -11.38
O2P DPV EB . 18.28 -17.27 -20.14
O3P DPV EB . 20.22 -18.76 -20.92
O4P DPV EB . 18.41 -19.83 -20.32
H1 DPV EB . 21.05 -16.83 -20.90
H1A DPV EB . 20.92 -17.60 -22.49
H2 DPV EB . 22.59 -19.40 -21.54
H2A DPV EB . 23.22 -17.86 -22.06
H3 DPV EB . 22.48 -18.42 -19.14
H3A DPV EB . 23.38 -17.04 -19.77
H4 DPV EB . 16.56 -20.43 -21.08
H4A DPV EB . 16.50 -19.49 -19.57
H5 DPV EB . 17.70 -21.47 -18.42
H5A DPV EB . 15.99 -21.70 -18.86
H6 DPV EB . 16.46 -22.40 -21.90
H6A DPV EB . 15.35 -23.21 -20.74
H6B DPV EB . 16.62 -24.17 -21.58
H7 DPV EB . 17.99 -23.89 -18.19
H7A DPV EB . 17.40 -24.99 -19.46
H7B DPV EB . 16.25 -24.02 -18.51
H8 DPV EB . 18.88 -22.12 -21.30
H8A DPV EB . 18.99 -23.88 -21.00
H8B DPV EB . 19.48 -22.74 -19.71
H15 DPV EB . 25.23 -18.58 -20.52
H15A DPV EB . 24.37 -19.94 -19.81
H16 DPV EB . 25.46 -17.49 -18.31
H16A DPV EB . 24.49 -18.75 -17.55
H17 DPV EB . 26.23 -20.46 -18.08
H17A DPV EB . 27.13 -19.27 -19.00
H18 DPV EB . 28.32 -19.45 -16.96
H18A DPV EB . 27.48 -17.93 -16.84
H19 DPV EB . 26.04 -20.36 -15.69
H19A DPV EB . 27.50 -19.83 -14.85
H20 DPV EB . 26.56 -17.53 -14.57
H20A DPV EB . 25.10 -18.02 -15.42
H21 DPV EB . 24.48 -19.61 -13.69
H21A DPV EB . 26.04 -19.47 -12.87
H22 DPV EB . 25.54 -17.11 -12.25
H22A DPV EB . 24.05 -17.14 -13.20
H23 DPV EB . 24.58 -18.81 -10.70
H23A DPV EB . 23.12 -18.91 -11.70
H23B DPV EB . 23.50 -17.42 -10.84
N DPV FB . 11.58 -34.41 -14.31
P DPV FB . 13.46 -35.47 -10.67
C1 DPV FB . 14.48 -37.52 -9.38
C2 DPV FB . 14.78 -39.03 -9.55
C3 DPV FB . 13.55 -39.90 -9.97
C4 DPV FB . 12.06 -36.51 -12.71
C5 DPV FB . 12.54 -35.58 -13.90
C6 DPV FB . 11.39 -33.40 -13.17
C7 DPV FB . 10.21 -34.92 -14.72
C8 DPV FB . 12.20 -33.69 -15.51
C15 DPV FB . 12.42 -39.98 -8.86
C16 DPV FB . 11.19 -39.10 -9.23
C17 DPV FB . 10.09 -39.09 -8.13
C18 DPV FB . 10.47 -38.36 -6.79
C19 DPV FB . 10.67 -36.84 -6.96
O1P DPV FB . 14.34 -34.60 -11.47
C20 DPV FB . 10.95 -36.15 -5.60
C21 DPV FB . 11.31 -34.64 -5.79
C22 DPV FB . 11.60 -33.96 -4.44
C23 DPV FB . 12.08 -32.51 -4.63
O2P DPV FB . 13.24 -34.88 -9.32
O3P DPV FB . 13.95 -36.99 -10.63
O4P DPV FB . 12.08 -35.85 -11.40
H1 DPV FB . 13.73 -37.38 -8.59
H1A DPV FB . 15.38 -36.98 -9.12
H2 DPV FB . 15.57 -39.16 -10.29
H2A DPV FB . 15.18 -39.41 -8.59
H3 DPV FB . 13.92 -40.92 -10.15
H3A DPV FB . 13.15 -39.54 -10.91
H4 DPV FB . 11.04 -36.85 -12.92
H4A DPV FB . 12.70 -37.39 -12.67
H5 DPV FB . 13.51 -35.14 -13.66
H5A DPV FB . 12.67 -36.21 -14.80
H6 DPV FB . 12.39 -33.08 -12.84
H6A DPV FB . 10.85 -33.89 -12.35
H6B DPV FB . 10.83 -32.54 -13.54
H7 DPV FB . 10.33 -35.63 -15.55
H7A DPV FB . 9.60 -34.06 -15.04
H7B DPV FB . 9.73 -35.40 -13.86
H8 DPV FB . 12.27 -34.41 -16.32
H8A DPV FB . 13.19 -33.34 -15.24
H8B DPV FB . 11.57 -32.86 -15.80
H15 DPV FB . 12.80 -39.69 -7.89
H15A DPV FB . 12.10 -41.02 -8.78
H16 DPV FB . 11.52 -38.08 -9.44
H16A DPV FB . 10.76 -39.46 -10.17
H17 DPV FB . 9.21 -38.63 -8.53
H17A DPV FB . 9.80 -40.11 -7.90
H18 DPV FB . 9.67 -38.52 -6.07
H18A DPV FB . 11.38 -38.81 -6.38
H19 DPV FB . 11.52 -36.68 -7.63
H19A DPV FB . 9.80 -36.40 -7.43
H20 DPV FB . 10.07 -36.24 -4.97
H20A DPV FB . 11.80 -36.64 -5.09
H21 DPV FB . 12.19 -34.58 -6.43
H21A DPV FB . 10.50 -34.13 -6.31
H22 DPV FB . 10.70 -33.96 -3.81
H22A DPV FB . 12.36 -34.51 -3.89
H23 DPV FB . 11.31 -31.92 -5.15
H23A DPV FB . 12.99 -32.48 -5.24
H23B DPV FB . 12.28 -32.03 -3.68
N DPV GB . 28.99 -20.88 -6.31
P DPV GB . 25.57 -24.27 -8.22
C1 DPV GB . 23.07 -24.87 -8.50
C2 DPV GB . 21.84 -25.20 -7.62
C3 DPV GB . 21.04 -23.94 -7.21
C4 DPV GB . 27.22 -22.52 -7.36
C5 DPV GB . 27.55 -21.51 -6.20
C6 DPV GB . 30.07 -21.96 -6.09
C7 DPV GB . 29.14 -19.83 -5.18
C8 DPV GB . 29.25 -20.15 -7.63
C15 DPV GB . 19.80 -24.34 -6.41
C16 DPV GB . 19.03 -23.11 -5.86
C17 DPV GB . 17.84 -23.55 -4.96
C18 DPV GB . 17.03 -22.36 -4.39
C19 DPV GB . 17.74 -21.60 -3.23
O1P DPV GB . 25.69 -23.83 -9.61
C20 DPV GB . 16.77 -20.69 -2.39
C21 DPV GB . 16.31 -19.40 -3.15
C22 DPV GB . 15.48 -18.46 -2.22
C23 DPV GB . 14.85 -17.29 -3.00
O2P DPV GB . 26.24 -25.55 -7.98
O3P DPV GB . 24.08 -24.24 -7.69
O4P DPV GB . 25.95 -23.14 -7.16
H1 DPV GB . 23.47 -25.80 -8.92
H1A DPV GB . 22.78 -24.20 -9.31
H2 DPV GB . 21.20 -25.89 -8.17
H2A DPV GB . 22.18 -25.73 -6.73
H3 DPV GB . 20.74 -23.40 -8.12
H3A DPV GB . 21.68 -23.28 -6.63
H4 DPV GB . 27.20 -21.97 -8.31
H4A DPV GB . 27.96 -23.30 -7.39
H5 DPV GB . 26.83 -20.68 -6.20
H5A DPV GB . 27.48 -22.03 -5.24
H6 DPV GB . 29.92 -22.77 -6.82
H6A DPV GB . 29.96 -22.36 -5.08
H6B DPV GB . 31.05 -21.51 -6.23
H7 DPV GB . 28.44 -19.02 -5.36
H7A DPV GB . 30.17 -19.46 -5.21
H7B DPV GB . 28.95 -20.31 -4.22
H8 DPV GB . 29.22 -20.88 -8.46
H8A DPV GB . 30.23 -19.68 -7.60
H8B DPV GB . 28.48 -19.38 -7.76
H15 DPV GB . 20.08 -24.98 -5.57
H15A DPV GB . 19.12 -24.92 -7.05
H16 DPV GB . 19.72 -22.49 -5.27
H16A DPV GB . 18.66 -22.51 -6.67
H17 DPV GB . 17.17 -24.17 -5.54
H17A DPV GB . 18.21 -24.19 -4.14
H18 DPV GB . 16.77 -21.66 -5.20
H18A DPV GB . 16.08 -22.75 -4.02
H19 DPV GB . 18.17 -22.34 -2.55
H19A DPV GB . 18.56 -21.01 -3.62
H20 DPV GB . 15.90 -21.27 -2.09
H20A DPV GB . 17.29 -20.39 -1.49
H21 DPV GB . 17.20 -18.87 -3.50
H21A DPV GB . 15.71 -19.67 -4.03
H22 DPV GB . 14.67 -19.03 -1.74
H22A DPV GB . 16.12 -18.07 -1.44
H23 DPV GB . 15.62 -16.67 -3.46
H23A DPV GB . 14.27 -16.68 -2.32
H23B DPV GB . 14.21 -17.67 -3.80
N DPV HB . 30.35 -22.19 3.37
P DPV HB . 30.39 -23.93 -1.26
C1 DPV HB . 31.55 -21.70 -2.01
C2 DPV HB . 31.40 -20.15 -1.91
C3 DPV HB . 31.70 -19.57 -0.49
C4 DPV HB . 30.75 -23.92 1.40
C5 DPV HB . 30.77 -22.44 1.88
C6 DPV HB . 28.90 -22.66 3.64
C7 DPV HB . 30.42 -20.68 3.61
C8 DPV HB . 31.32 -22.89 4.35
C15 DPV HB . 33.23 -19.54 -0.11
C16 DPV HB . 34.03 -18.41 -0.81
C17 DPV HB . 33.83 -17.01 -0.13
C18 DPV HB . 34.10 -15.82 -1.12
C19 DPV HB . 32.78 -15.07 -1.55
O1P DPV HB . 31.01 -24.57 -2.41
C20 DPV HB . 31.83 -15.90 -2.49
C21 DPV HB . 30.36 -15.89 -2.00
C22 DPV HB . 29.46 -16.77 -2.93
C23 DPV HB . 28.01 -16.84 -2.43
O2P DPV HB . 29.03 -24.42 -1.03
O3P DPV HB . 30.47 -22.33 -1.28
O4P DPV HB . 31.32 -23.99 0.06
H1 DPV HB . 31.49 -22.00 -3.07
H1A DPV HB . 32.51 -22.01 -1.60
H2 DPV HB . 32.03 -19.68 -2.65
H2A DPV HB . 30.37 -19.89 -2.18
H3 DPV HB . 31.18 -20.18 0.25
H3A DPV HB . 31.30 -18.56 -0.42
H4 DPV HB . 31.36 -24.53 2.06
H4A DPV HB . 29.73 -24.32 1.37
H5 DPV HB . 31.80 -22.06 1.77
H5A DPV HB . 30.12 -21.85 1.24
H6 DPV HB . 28.83 -23.73 3.47
H6A DPV HB . 28.22 -22.14 2.95
H6B DPV HB . 28.63 -22.42 4.68
H7 DPV HB . 31.42 -20.34 3.38
H7A DPV HB . 30.18 -20.46 4.65
H7B DPV HB . 29.70 -20.20 2.94
H8 DPV HB . 32.35 -22.61 4.11
H8A DPV HB . 31.20 -23.97 4.24
H8B DPV HB . 31.07 -22.60 5.37
H15 DPV HB . 33.68 -20.51 -0.36
H15A DPV HB . 33.31 -19.44 0.97
H16 DPV HB . 35.09 -18.65 -0.76
H16A DPV HB . 33.77 -18.37 -1.87
H17 DPV HB . 32.82 -16.94 0.29
H17A DPV HB . 34.52 -16.93 0.73
H18 DPV HB . 34.75 -15.10 -0.61
H18A DPV HB . 34.64 -16.16 -2.01
H19 DPV HB . 32.25 -14.75 -0.66
H19A DPV HB . 33.08 -14.17 -2.09
H20 DPV HB . 31.88 -15.49 -3.50
H20A DPV HB . 32.17 -16.94 -2.56
H21 DPV HB . 30.32 -16.29 -0.97
H21A DPV HB . 29.99 -14.87 -1.96
H22 DPV HB . 29.48 -16.37 -3.94
H22A DPV HB . 29.87 -17.79 -2.96
H23 DPV HB . 27.54 -15.86 -2.50
H23A DPV HB . 27.98 -17.18 -1.39
H23B DPV HB . 27.44 -17.55 -3.05
N DPV IB . -12.54 -7.93 -0.80
P DPV IB . -9.33 -6.86 3.24
C1 DPV IB . -7.73 -8.94 3.10
C2 DPV IB . -6.31 -9.32 2.60
C3 DPV IB . -5.92 -10.78 2.99
C4 DPV IB . -10.64 -7.47 1.01
C5 DPV IB . -12.03 -8.11 0.67
C6 DPV IB . -12.69 -6.45 -1.18
C7 DPV IB . -13.94 -8.56 -0.86
C8 DPV IB . -11.65 -8.65 -1.82
C15 DPV IB . -5.49 -10.91 4.50
C16 DPV IB . -5.28 -12.37 4.96
C17 DPV IB . -3.88 -12.94 4.59
C18 DPV IB . -3.74 -14.47 4.87
C19 DPV IB . -3.50 -14.80 6.36
O1P DPV IB . -9.42 -5.44 2.88
C20 DPV IB . -3.28 -16.32 6.59
C21 DPV IB . -2.96 -16.62 8.09
C22 DPV IB . -2.67 -18.13 8.39
C23 DPV IB . -3.95 -18.98 8.53
O2P DPV IB . -9.48 -7.05 4.70
O3P DPV IB . -8.04 -7.59 2.62
O4P DPV IB . -10.34 -7.78 2.39
H1 DPV IB . -8.47 -9.64 2.70
H1A DPV IB . -7.74 -8.93 4.19
H2 DPV IB . -6.29 -9.23 1.52
H2A DPV IB . -5.57 -8.61 2.98
H3 DPV IB . -5.09 -11.11 2.35
H3A DPV IB . -6.75 -11.46 2.77
H4 DPV IB . -9.85 -7.88 0.37
H4A DPV IB . -10.68 -6.38 0.89
H5 DPV IB . -11.96 -9.18 0.86
H5A DPV IB . -12.78 -7.71 1.35
H6 DPV IB . -11.69 -6.00 -1.19
H6A DPV IB . -13.32 -5.96 -0.42
H6B DPV IB . -13.14 -6.39 -2.17
H7 DPV IB . -13.86 -9.62 -0.62
H7A DPV IB . -14.35 -8.42 -1.87
H7B DPV IB . -14.57 -8.06 -0.12
H8 DPV IB . -10.67 -8.20 -1.81
H8A DPV IB . -12.10 -8.56 -2.81
H8B DPV IB . -11.58 -9.70 -1.54
H15 DPV IB . -6.28 -10.46 5.12
H15A DPV IB . -4.59 -10.32 4.66
H16 DPV IB . -5.38 -12.41 6.05
H16A DPV IB . -6.06 -13.00 4.55
H17 DPV IB . -3.71 -12.76 3.51
H17A DPV IB . -3.11 -12.40 5.13
H18 DPV IB . -4.62 -14.99 4.50
H18A DPV IB . -2.89 -14.85 4.28
H19 DPV IB . -2.63 -14.26 6.73
H19A DPV IB . -4.35 -14.48 6.94
H20 DPV IB . -4.18 -16.87 6.29
H20A DPV IB . -2.46 -16.68 5.95
H21 DPV IB . -2.08 -16.03 8.37
H21A DPV IB . -3.79 -16.27 8.70
H22 DPV IB . -2.05 -18.56 7.59
H22A DPV IB . -2.09 -18.20 9.32
H23 DPV IB . -3.69 -20.00 8.83
H23A DPV IB . -4.52 -19.02 7.60
H23B DPV IB . -4.61 -18.56 9.31
N DPV JB . -8.78 -19.46 6.37
P DPV JB . -7.71 -15.71 3.55
C1 DPV JB . -6.31 -14.45 1.75
C2 DPV JB . -5.28 -14.66 0.61
C3 DPV JB . -3.86 -15.00 1.16
C4 DPV JB . -7.65 -18.26 4.31
C5 DPV JB . -8.82 -18.26 5.35
C6 DPV JB . -7.42 -19.57 7.12
C7 DPV JB . -9.07 -20.81 5.67
C8 DPV JB . -9.89 -19.26 7.42
C15 DPV JB . -2.79 -15.05 0.06
C16 DPV JB . -1.42 -15.36 0.69
C17 DPV JB . -0.23 -15.24 -0.30
C18 DPV JB . 1.08 -15.63 0.42
C19 DPV JB . 2.34 -15.34 -0.45
O1P DPV JB . -8.91 -14.92 3.19
C20 DPV JB . 3.60 -15.79 0.33
C21 DPV JB . 4.92 -15.37 -0.37
C22 DPV JB . 6.14 -15.88 0.43
C23 DPV JB . 7.47 -15.49 -0.24
O2P DPV JB . -7.22 -15.40 4.91
O3P DPV JB . -6.56 -15.69 2.43
O4P DPV JB . -7.90 -17.29 3.26
H1 DPV JB . -5.94 -13.72 2.47
H1A DPV JB . -7.26 -14.10 1.34
H2 DPV JB . -5.61 -15.46 -0.06
H2A DPV JB . -5.21 -13.74 0.03
H3 DPV JB . -3.90 -15.96 1.68
H3A DPV JB . -3.57 -14.23 1.89
H4 DPV JB . -6.71 -18.01 4.79
H4A DPV JB . -7.60 -19.25 3.85
H5 DPV JB . -8.78 -17.33 5.94
H5A DPV JB . -9.78 -18.32 4.84
H6 DPV JB . -7.20 -18.60 7.54
H6A DPV JB . -6.65 -19.85 6.41
H6B DPV JB . -7.51 -20.31 7.90
H7 DPV JB . -8.25 -21.02 4.96
H7A DPV JB . -10.02 -20.74 5.15
H7B DPV JB . -9.10 -21.60 6.42
H8 DPV JB . -10.85 -19.19 6.91
H8A DPV JB . -9.71 -18.32 7.96
H8B DPV JB . -9.88 -20.11 8.12
H15 DPV JB . -2.78 -14.09 -0.48
H15A DPV JB . -3.03 -15.82 -0.68
H16 DPV JB . -1.26 -14.67 1.52
H16A DPV JB . -1.44 -16.36 1.11
H17 DPV JB . -0.40 -15.92 -1.15
H17A DPV JB . -0.19 -14.23 -0.69
H18 DPV JB . 1.16 -15.05 1.33
H18A DPV JB . 1.05 -16.68 0.70
H19 DPV JB . 2.28 -15.86 -1.41
H19A DPV JB . 2.41 -14.27 -0.66
H20 DPV JB . 3.57 -15.36 1.33
H20A DPV JB . 3.59 -16.88 0.44
H21 DPV JB . 4.94 -15.77 -1.38
H21A DPV JB . 4.95 -14.29 -0.46
H22 DPV JB . 6.11 -15.47 1.43
H22A DPV JB . 6.09 -16.95 0.52
H23 DPV JB . 7.53 -15.94 -1.23
H23A DPV JB . 8.31 -15.85 0.36
H23B DPV JB . 7.54 -14.41 -0.34
N DPV KB . -2.49 -18.95 16.93
P DPV KB . -5.03 -20.42 13.03
C1 DPV KB . -4.64 -22.06 11.04
C2 DPV KB . -5.33 -23.34 10.54
C3 DPV KB . -4.82 -24.64 11.24
C4 DPV KB . -4.48 -20.08 15.59
C5 DPV KB . -2.97 -19.69 15.64
C6 DPV KB . -0.98 -18.67 16.77
C7 DPV KB . -2.68 -19.80 18.20
C8 DPV KB . -3.21 -17.61 17.09
C15 DPV KB . -5.26 -25.93 10.50
C16 DPV KB . -4.24 -26.38 9.43
C17 DPV KB . -4.71 -27.64 8.67
C18 DPV KB . -3.55 -28.36 7.92
C19 DPV KB . -4.10 -29.39 6.89
O1P DPV KB . -6.41 -19.91 12.91
C20 DPV KB . -2.96 -30.20 6.18
C21 DPV KB . -2.29 -29.41 5.01
C22 DPV KB . -1.18 -30.24 4.32
C23 DPV KB . -0.29 -29.36 3.42
O2P DPV KB . -4.02 -19.46 12.53
O3P DPV KB . -4.84 -21.90 12.48
O4P DPV KB . -4.70 -21.00 14.49
H1 DPV KB . -3.57 -22.09 10.84
H1A DPV KB . -5.07 -21.20 10.52
H2 DPV KB . -6.41 -23.26 10.69
H2A DPV KB . -5.16 -23.44 9.47
H3 DPV KB . -5.25 -24.65 12.25
H3A DPV KB . -3.74 -24.62 11.36
H4 DPV KB . -4.77 -20.60 16.51
H4A DPV KB . -5.10 -19.19 15.45
H5 DPV KB . -2.35 -20.59 15.58
H5A DPV KB . -2.73 -19.04 14.79
H6 DPV KB . -0.84 -18.09 15.87
H6A DPV KB . -0.46 -19.63 16.69
H6B DPV KB . -0.62 -18.11 17.64
H7 DPV KB . -3.75 -19.98 18.37
H7A DPV KB . -2.26 -19.25 19.05
H7B DPV KB . -2.15 -20.74 18.08
H8 DPV KB . -4.28 -17.77 17.22
H8A DPV KB . -3.03 -16.99 16.20
H8B DPV KB . -2.81 -17.10 17.99
H15 DPV KB . -6.26 -25.78 10.04
H15A DPV KB . -5.39 -26.72 11.24
H16 DPV KB . -4.05 -25.57 8.72
H16A DPV KB . -3.28 -26.59 9.92
H17 DPV KB . -5.17 -28.35 9.37
H17A DPV KB . -5.49 -27.34 7.96
H18 DPV KB . -2.91 -27.62 7.41
H18A DPV KB . -2.92 -28.87 8.66
H19 DPV KB . -4.73 -30.10 7.40
H19A DPV KB . -4.72 -28.89 6.13
H20 DPV KB . -2.21 -30.46 6.93
H20A DPV KB . -3.37 -31.13 5.77
H21 DPV KB . -3.04 -29.13 4.27
H21A DPV KB . -1.86 -28.48 5.40
H22 DPV KB . -0.54 -30.72 5.08
H22A DPV KB . -1.63 -31.04 3.73
H23 DPV KB . 0.53 -29.96 2.99
H23A DPV KB . 0.14 -28.54 3.99
H23B DPV KB . -0.87 -28.95 2.59
N DPV LB . 30.10 -16.75 -11.92
P DPV LB . 29.78 -15.61 -7.25
C1 DPV LB . 27.23 -15.99 -7.73
C2 DPV LB . 25.97 -15.16 -8.11
C3 DPV LB . 25.83 -14.95 -9.65
C4 DPV LB . 30.66 -15.34 -9.74
C5 DPV LB . 29.57 -16.04 -10.63
C6 DPV LB . 31.06 -17.89 -11.58
C7 DPV LB . 30.82 -15.73 -12.86
C8 DPV LB . 28.89 -17.31 -12.67
C15 DPV LB . 24.50 -14.21 -9.99
C16 DPV LB . 24.30 -13.99 -11.51
C17 DPV LB . 22.90 -13.36 -11.79
C18 DPV LB . 22.66 -13.04 -13.30
C19 DPV LB . 21.21 -12.48 -13.53
O1P DPV LB . 29.93 -17.07 -7.45
C20 DPV LB . 20.87 -12.18 -15.02
C21 DPV LB . 20.72 -13.46 -15.89
C22 DPV LB . 19.74 -13.28 -17.10
C23 DPV LB . 18.29 -13.67 -16.75
O2P DPV LB . 30.57 -15.14 -6.11
O3P DPV LB . 28.26 -15.09 -7.24
O4P DPV LB . 30.02 -14.74 -8.58
H1 DPV LB . 27.00 -16.71 -6.95
H1A DPV LB . 27.60 -16.55 -8.60
H2 DPV LB . 25.07 -15.69 -7.75
H2A DPV LB . 25.99 -14.20 -7.60
H3 DPV LB . 25.88 -15.91 -10.16
H3A DPV LB . 26.67 -14.35 -10.00
H4 DPV LB . 31.40 -16.05 -9.40
H4A DPV LB . 31.15 -14.54 -10.30
H5 DPV LB . 29.07 -16.81 -10.04
H5A DPV LB . 28.82 -15.31 -10.95
H6 DPV LB . 31.33 -18.43 -12.50
H6A DPV LB . 30.54 -18.58 -10.89
H6B DPV LB . 31.96 -17.49 -11.10
H7 DPV LB . 30.11 -14.94 -13.11
H7A DPV LB . 31.13 -16.26 -13.77
H7B DPV LB . 31.68 -15.31 -12.33
H8 DPV LB . 28.19 -16.50 -12.86
H8A DPV LB . 28.42 -18.05 -12.03
H8B DPV LB . 29.21 -17.76 -13.60
H15 DPV LB . 24.48 -13.24 -9.49
H15A DPV LB . 23.66 -14.78 -9.60
H16 DPV LB . 25.09 -13.34 -11.87
H16A DPV LB . 24.36 -14.94 -12.05
H17 DPV LB . 22.12 -14.04 -11.43
H17A DPV LB . 22.80 -12.43 -11.22
H18 DPV LB . 23.39 -12.32 -13.64
H18A DPV LB . 22.80 -13.96 -13.89
H19 DPV LB . 20.47 -13.19 -13.12
H19A DPV LB . 21.11 -11.56 -12.96
H20 DPV LB . 19.93 -11.60 -15.03
H20A DPV LB . 21.63 -11.53 -15.45
H21 DPV LB . 21.71 -13.74 -16.27
H21A DPV LB . 20.40 -14.30 -15.28
H22 DPV LB . 19.77 -12.27 -17.47
H22A DPV LB . 20.09 -13.92 -17.92
H23 DPV LB . 17.92 -13.05 -15.94
H23A DPV LB . 18.24 -14.72 -16.44
H23B DPV LB . 17.63 -13.53 -17.61
N DPV MB . 26.03 -13.92 -16.40
P DPV MB . 28.14 -12.63 -12.87
C1 DPV MB . 28.73 -12.09 -10.37
C2 DPV MB . 28.33 -11.10 -9.26
C3 DPV MB . 29.26 -11.20 -8.01
C4 DPV MB . 26.79 -11.81 -14.96
C5 DPV MB . 25.70 -12.90 -15.24
C6 DPV MB . 27.27 -14.76 -16.04
C7 DPV MB . 26.27 -13.21 -17.74
C8 DPV MB . 24.80 -14.86 -16.55
C15 DPV MB . 28.90 -10.09 -6.98
C16 DPV MB . 29.89 -10.05 -5.77
C17 DPV MB . 29.48 -9.01 -4.67
C18 DPV MB . 28.33 -9.52 -3.74
C19 DPV MB . 27.80 -8.39 -2.80
O1P DPV MB . 27.75 -14.04 -12.72
C20 DPV MB . 26.77 -8.93 -1.77
C21 DPV MB . 25.90 -7.78 -1.17
C22 DPV MB . 24.93 -8.32 -0.09
C23 DPV MB . 23.97 -7.22 0.40
O2P DPV MB . 29.48 -12.47 -13.50
O3P DPV MB . 27.94 -11.75 -11.54
O4P DPV MB . 27.01 -11.73 -13.53
H1 DPV MB . 29.80 -11.98 -10.62
H1A DPV MB . 28.52 -13.11 -10.06
H2 DPV MB . 28.39 -10.09 -9.66
H2A DPV MB . 27.30 -11.28 -8.95
H3 DPV MB . 30.31 -11.08 -8.31
H3A DPV MB . 29.18 -12.18 -7.56
H4 DPV MB . 27.73 -12.05 -15.46
H4A DPV MB . 26.43 -10.85 -15.32
H5 DPV MB . 25.53 -13.50 -14.35
H5A DPV MB . 24.76 -12.42 -15.51
H6 DPV MB . 28.14 -14.12 -15.98
H6A DPV MB . 27.43 -15.52 -16.82
H6B DPV MB . 27.09 -15.26 -15.09
H7 DPV MB . 25.38 -12.62 -17.98
H7A DPV MB . 26.44 -13.97 -18.51
H7B DPV MB . 27.14 -12.56 -17.66
H8 DPV MB . 23.91 -14.26 -16.77
H8A DPV MB . 24.67 -15.41 -15.60
H8B DPV MB . 25.00 -15.55 -17.37
H15 DPV MB . 27.90 -10.27 -6.61
H15A DPV MB . 28.89 -9.12 -7.48
H16 DPV MB . 29.98 -11.04 -5.32
H16A DPV MB . 30.88 -9.78 -6.14
H17 DPV MB . 30.34 -8.79 -4.05
H17A DPV MB . 29.18 -8.08 -5.15
H18 DPV MB . 27.51 -9.90 -4.33
H18A DPV MB . 28.71 -10.36 -3.13
H19 DPV MB . 28.63 -7.92 -2.28
H19A DPV MB . 27.32 -7.63 -3.42
H20 DPV MB . 26.10 -9.65 -2.26
H20A DPV MB . 27.31 -9.45 -0.97
H21 DPV MB . 26.55 -7.01 -0.72
H21A DPV MB . 25.33 -7.28 -1.96
H22 DPV MB . 24.33 -9.13 -0.51
H22A DPV MB . 25.50 -8.70 0.76
H23 DPV MB . 23.31 -7.64 1.16
H23A DPV MB . 23.36 -6.84 -0.41
H23B DPV MB . 24.54 -6.39 0.85
N DPV NB . 30.28 -26.23 -9.22
P DPV NB . 29.15 -21.67 -11.41
C1 DPV NB . 27.72 -23.33 -12.88
C2 DPV NB . 27.87 -24.88 -12.95
C3 DPV NB . 26.52 -25.58 -12.60
C4 DPV NB . 29.99 -23.69 -9.94
C5 DPV NB . 29.35 -24.99 -9.32
C6 DPV NB . 31.52 -25.95 -8.36
C7 DPV NB . 30.71 -26.73 -10.62
C8 DPV NB . 29.49 -27.36 -8.56
C15 DPV NB . 26.70 -27.03 -12.12
C16 DPV NB . 25.43 -27.52 -11.37
C17 DPV NB . 25.54 -28.99 -10.90
C18 DPV NB . 24.25 -29.50 -10.18
C19 DPV NB . 24.18 -29.07 -8.68
O1P DPV NB . 28.08 -20.65 -11.45
C20 DPV NB . 22.77 -29.31 -8.07
C21 DPV NB . 22.71 -28.85 -6.59
C22 DPV NB . 21.23 -28.80 -6.08
C23 DPV NB . 21.13 -28.15 -4.68
O2P DPV NB . 30.47 -21.05 -11.34
O3P DPV NB . 29.03 -22.76 -12.59
O4P DPV NB . 28.92 -22.77 -10.26
H1 DPV NB . 27.34 -22.95 -13.83
H1A DPV NB . 27.03 -23.06 -12.08
H2 DPV NB . 28.20 -25.18 -13.96
H2A DPV NB . 28.63 -25.18 -12.24
H3 DPV NB . 25.87 -25.56 -13.48
H3A DPV NB . 26.02 -24.99 -11.83
H4 DPV NB . 30.67 -23.21 -9.23
H4A DPV NB . 30.52 -23.96 -10.86
H5 DPV NB . 29.00 -24.78 -8.29
H5A DPV NB . 28.48 -25.28 -9.92
H6 DPV NB . 31.20 -25.55 -7.40
H6A DPV NB . 32.12 -25.21 -8.88
H6B DPV NB . 32.07 -26.88 -8.22
H7 DPV NB . 29.82 -26.87 -11.23
H7A DPV NB . 31.26 -27.66 -10.53
H7B DPV NB . 31.34 -25.97 -11.08
H8 DPV NB . 28.57 -27.55 -9.13
H8A DPV NB . 29.23 -27.06 -7.53
H8B DPV NB . 30.09 -28.27 -8.52
H15 DPV NB . 27.54 -27.09 -11.43
H15A DPV NB . 26.92 -27.69 -12.97
H16 DPV NB . 25.25 -26.87 -10.50
H16A DPV NB . 24.57 -27.41 -12.03
H17 DPV NB . 25.70 -29.61 -11.78
H17A DPV NB . 26.42 -29.12 -10.27
H18 DPV NB . 23.36 -29.13 -10.70
H18A DPV NB . 24.21 -30.59 -10.24
H19 DPV NB . 24.94 -29.62 -8.12
H19A DPV NB . 24.41 -28.01 -8.58
H20 DPV NB . 22.03 -28.76 -8.65
H20A DPV NB . 22.53 -30.38 -8.12
H21 DPV NB . 23.31 -29.54 -5.99
H21A DPV NB . 23.16 -27.86 -6.50
H22 DPV NB . 20.61 -28.24 -6.78
H22A DPV NB . 20.84 -29.81 -6.03
H23 DPV NB . 21.67 -28.74 -3.94
H23A DPV NB . 20.09 -28.09 -4.39
H23B DPV NB . 21.56 -27.14 -4.70
N DPV OB . -11.10 -18.06 -2.68
P DPV OB . -10.83 -21.21 1.51
C1 DPV OB . -9.04 -23.17 1.35
C2 DPV OB . -8.82 -23.62 2.81
C3 DPV OB . -7.41 -24.24 3.00
C4 DPV OB . -10.96 -19.47 -0.44
C5 DPV OB . -11.39 -19.41 -1.94
C6 DPV OB . -11.70 -16.83 -1.98
C7 DPV OB . -9.59 -17.83 -2.84
C8 DPV OB . -11.74 -18.16 -4.08
C15 DPV OB . -7.15 -24.67 4.46
C16 DPV OB . -5.85 -25.53 4.64
C17 DPV OB . -4.54 -24.68 4.66
C18 DPV OB . -3.31 -25.60 4.95
C19 DPV OB . -2.03 -24.78 5.24
O1P DPV OB . -12.16 -21.09 2.15
C20 DPV OB . -0.82 -25.74 5.52
C21 DPV OB . 0.40 -24.97 6.07
C22 DPV OB . 1.64 -25.90 6.20
C23 DPV OB . 2.81 -25.23 6.95
O2P DPV OB . -9.79 -20.48 2.27
O3P DPV OB . -10.43 -22.73 1.17
O4P DPV OB . -10.85 -20.86 -0.05
H1 DPV OB . -8.37 -22.35 1.09
H1A DPV OB . -8.88 -23.99 0.67
H2 DPV OB . -8.93 -22.79 3.48
H2A DPV OB . -9.57 -24.37 3.07
H3 DPV OB . -6.64 -23.54 2.68
H3A DPV OB . -7.33 -25.12 2.35
H4 DPV OB . -9.99 -18.99 -0.28
H4A DPV OB . -11.70 -18.98 0.18
H5 DPV OB . -10.89 -20.21 -2.51
H5A DPV OB . -12.47 -19.58 -1.98
H6 DPV OB . -12.77 -17.00 -1.85
H6A DPV OB . -11.55 -15.95 -2.63
H6B DPV OB . -11.23 -16.69 -1.02
H7 DPV OB . -9.15 -18.75 -3.24
H7A DPV OB . -9.18 -17.61 -1.86
H7B DPV OB . -9.42 -16.99 -3.52
H8 DPV OB . -11.57 -17.23 -4.63
H8A DPV OB . -12.81 -18.34 -3.97
H8B DPV OB . -11.28 -18.98 -4.63
H15 DPV OB . -7.99 -25.26 4.85
H15A DPV OB . -7.10 -23.79 5.11
H16 DPV OB . -5.92 -26.08 5.60
H16A DPV OB . -5.79 -26.29 3.85
H17 DPV OB . -4.42 -24.18 3.69
H17A DPV OB . -4.62 -23.91 5.42
H18 DPV OB . -3.51 -26.25 5.80
H18A DPV OB . -3.13 -26.26 4.09
H19 DPV OB . -1.79 -24.14 4.38
H19A DPV OB . -2.21 -24.14 6.11
H20 DPV OB . -1.11 -26.48 6.26
H20A DPV OB . -0.56 -26.28 4.60
H21 DPV OB . 0.64 -24.13 5.41
H21A DPV OB . 0.14 -24.56 7.05
H22 DPV OB . 1.35 -26.81 6.74
H22A DPV OB . 1.98 -26.21 5.22
H23 DPV OB . 3.65 -25.92 7.02
H23A DPV OB . 2.51 -24.95 7.96
H23B DPV OB . 3.14 -24.35 6.42
N GLY A 1 -4.56 2.22 -5.20
CA GLY A 1 -3.79 1.27 -6.03
C GLY A 1 -2.86 0.44 -5.20
N LEU A 2 -2.04 -0.38 -5.84
CA LEU A 2 -1.16 -1.31 -5.13
C LEU A 2 -0.04 -0.65 -4.35
N LEU A 3 0.54 0.43 -4.85
CA LEU A 3 1.60 1.13 -4.11
C LEU A 3 1.01 1.66 -2.81
N LYS A 4 -0.16 2.25 -2.90
CA LYS A 4 -0.85 2.77 -1.72
C LYS A 4 -1.21 1.62 -0.78
N TRP A 5 -1.61 0.49 -1.36
CA TRP A 5 -1.96 -0.69 -0.57
C TRP A 5 -0.78 -1.18 0.24
N ILE A 6 0.37 -1.37 -0.39
CA ILE A 6 1.57 -1.86 0.32
C ILE A 6 1.96 -0.87 1.42
N LYS A 7 1.94 0.43 1.13
CA LYS A 7 2.24 1.43 2.15
C LYS A 7 1.28 1.35 3.33
N THR A 8 0.00 1.15 3.05
CA THR A 8 -1.01 1.07 4.11
C THR A 8 -0.85 -0.23 4.92
N LEU A 9 -0.48 -1.32 4.26
CA LEU A 9 -0.27 -2.60 4.95
C LEU A 9 0.89 -2.53 5.93
N LEU A 10 1.95 -1.81 5.56
CA LEU A 10 3.14 -1.68 6.40
C LEU A 10 2.91 -0.62 7.48
N NH2 A 11 2.03 0.32 7.19
HN1 NH2 A 11 1.55 0.32 6.31
HN2 NH2 A 11 1.83 1.05 7.86
UNK UNX B . 13.32 -12.39 -5.18
N DPV C . 2.58 -2.47 -22.10
P DPV C . -1.18 -4.30 -19.69
C1 DPV C . -3.35 -4.53 -21.13
C2 DPV C . -3.84 -4.98 -22.53
C3 DPV C . -4.03 -6.52 -22.65
C4 DPV C . 0.93 -4.40 -21.37
C5 DPV C . 1.66 -3.08 -20.99
C6 DPV C . 1.81 -2.18 -23.41
C7 DPV C . 3.10 -1.12 -21.57
C8 DPV C . 3.80 -3.37 -22.39
C15 DPV C . -2.88 -7.26 -23.38
C16 DPV C . -1.68 -7.65 -22.46
C17 DPV C . -0.76 -8.70 -23.15
C18 DPV C . 0.62 -8.89 -22.44
C19 DPV C . 0.57 -9.78 -21.14
O1P DPV C . -1.12 -2.84 -19.46
C20 DPV C . 0.33 -9.02 -19.80
C21 DPV C . 1.51 -8.10 -19.38
C22 DPV C . 1.25 -7.40 -18.03
C23 DPV C . 2.34 -6.36 -17.69
O2P DPV C . -1.75 -5.02 -18.53
O3P DPV C . -1.91 -4.68 -21.06
O4P DPV C . 0.21 -4.93 -20.21
H1 DPV C . -3.60 -3.48 -20.99
H1A DPV C . -3.83 -5.12 -20.36
H2 DPV C . -4.81 -4.50 -22.72
H2A DPV C . -3.16 -4.61 -23.31
H3 DPV C . -4.95 -6.70 -23.22
H3A DPV C . -4.20 -6.96 -21.66
H4 DPV C . 0.22 -4.23 -22.18
H4A DPV C . 1.65 -5.15 -21.68
H5 DPV C . 0.93 -2.32 -20.73
H5A DPV C . 2.29 -3.26 -20.12
H6 DPV C . 0.95 -1.54 -23.19
H6A DPV C . 1.47 -3.13 -23.84
H6B DPV C . 2.49 -1.69 -24.12
H7 DPV C . 3.76 -0.67 -22.32
H7A DPV C . 3.67 -1.31 -20.66
H7B DPV C . 2.25 -0.47 -21.35
H8 DPV C . 4.31 -3.56 -21.45
H8A DPV C . 4.46 -2.85 -23.08
H8B DPV C . 3.44 -4.31 -22.82
H15 DPV C . -2.50 -6.65 -24.21
H15A DPV C . -3.28 -8.18 -23.82
H16 DPV C . -1.11 -6.77 -22.21
H16A DPV C . -2.08 -8.08 -21.53
H17 DPV C . -1.27 -9.66 -23.22
H17A DPV C . -0.55 -8.37 -24.18
H18 DPV C . 1.29 -9.38 -23.14
H18A DPV C . 1.07 -7.91 -22.21
H19 DPV C . -0.21 -10.55 -21.25
H19A DPV C . 1.51 -10.33 -21.06
H20 DPV C . -0.57 -8.41 -19.88
H20A DPV C . 0.15 -9.75 -19.01
H21 DPV C . 2.43 -8.69 -19.31
H21A DPV C . 1.67 -7.33 -20.15
H22 DPV C . 0.28 -6.90 -18.05
H22A DPV C . 1.21 -8.15 -17.22
H23 DPV C . 2.40 -5.59 -18.48
H23A DPV C . 3.32 -6.84 -17.61
H23B DPV C . 2.12 -5.86 -16.75
N DPV D . -9.50 -14.98 -9.73
P DPV D . -6.53 -17.08 -13.51
C1 DPV D . -5.89 -16.49 -15.96
C2 DPV D . -6.20 -15.44 -17.06
C3 DPV D . -5.60 -14.06 -16.68
C4 DPV D . -7.98 -16.28 -11.48
C5 DPV D . -9.20 -15.33 -11.22
C6 DPV D . -9.98 -16.21 -8.94
C7 DPV D . -8.30 -14.35 -9.01
C8 DPV D . -10.63 -13.94 -9.71
C15 DPV D . -5.95 -12.95 -17.73
C16 DPV D . -5.24 -11.59 -17.42
C17 DPV D . -5.87 -10.83 -16.20
C18 DPV D . -5.25 -9.43 -15.97
C19 DPV D . -3.81 -9.48 -15.36
O1P DPV D . -6.70 -18.54 -13.67
C20 DPV D . -3.18 -8.06 -15.27
C21 DPV D . -1.69 -8.11 -14.83
C22 DPV D . -1.06 -6.70 -14.80
C23 DPV D . 0.40 -6.74 -14.29
O2P DPV D . -5.26 -16.74 -12.82
O3P DPV D . -6.77 -16.26 -14.85
O4P DPV D . -7.80 -16.35 -12.90
H1 DPV D . -6.05 -17.49 -16.35
H1A DPV D . -4.84 -16.38 -15.63
H2 DPV D . -5.77 -15.77 -18.01
H2A DPV D . -7.27 -15.36 -17.20
H3 DPV D . -4.52 -14.15 -16.59
H3A DPV D . -6.00 -13.75 -15.71
H4 DPV D . -7.08 -15.85 -11.03
H4A DPV D . -8.17 -17.27 -11.08
H5 DPV D . -9.02 -14.39 -11.74
H5A DPV D . -10.11 -15.79 -11.64
H6 DPV D . -10.82 -16.67 -9.47
H6A DPV D . -10.28 -15.89 -7.93
H6B DPV D . -9.16 -16.93 -8.86
H7 DPV D . -7.49 -15.08 -8.95
H7A DPV D . -8.60 -14.05 -8.00
H7B DPV D . -7.97 -13.48 -9.58
H8 DPV D . -10.29 -13.05 -10.27
H8A DPV D . -10.85 -13.67 -8.68
H8B DPV D . -11.51 -14.36 -10.19
H15 DPV D . -7.03 -12.81 -17.77
H15A DPV D . -5.63 -13.29 -18.72
H16 DPV D . -4.18 -11.77 -17.23
H16A DPV D . -5.31 -10.96 -18.30
H17 DPV D . -6.94 -10.71 -16.38
H17A DPV D . -5.77 -11.43 -15.28
H18 DPV D . -5.23 -8.88 -16.92
H18A DPV D . -5.89 -8.86 -15.29
H19 DPV D . -3.86 -9.91 -14.35
H19A DPV D . -3.17 -10.12 -15.97
H20 DPV D . -3.24 -7.57 -16.25
H20A DPV D . -3.75 -7.45 -14.57
H21 DPV D . -1.63 -8.56 -13.83
H21A DPV D . -1.13 -8.75 -15.52
H22 DPV D . -1.07 -6.28 -15.81
H22A DPV D . -1.64 -6.04 -14.16
H23 DPV D . 1.02 -7.37 -14.93
H23A DPV D . 0.43 -7.13 -13.28
H23B DPV D . 0.81 -5.72 -14.28
N DPV E . 3.40 8.45 -4.39
P DPV E . 5.90 8.17 -7.84
C1 DPV E . 6.68 8.83 -10.26
C2 DPV E . 6.28 8.61 -11.74
C3 DPV E . 6.56 7.17 -12.28
C4 DPV E . 3.60 9.07 -6.96
C5 DPV E . 3.18 8.02 -5.88
C6 DPV E . 2.73 9.81 -4.06
C7 DPV E . 2.73 7.40 -3.50
C8 DPV E . 4.90 8.51 -4.05
C15 DPV E . 8.08 6.87 -12.50
C16 DPV E . 8.27 5.44 -13.07
C17 DPV E . 9.77 5.10 -13.31
C18 DPV E . 9.95 3.66 -13.88
C19 DPV E . 9.96 2.57 -12.77
O1P DPV E . 6.24 7.02 -6.99
C20 DPV E . 9.59 1.16 -13.33
C21 DPV E . 9.81 0.05 -12.27
C22 DPV E . 9.15 -1.28 -12.71
C23 DPV E . 9.57 -2.46 -11.81
O2P DPV E . 6.62 9.40 -7.41
O3P DPV E . 6.00 7.87 -9.41
O4P DPV E . 4.33 8.40 -8.02
H1 DPV E . 7.76 8.71 -10.13
H1A DPV E . 6.39 9.84 -9.95
H2 DPV E . 5.22 8.81 -11.84
H2A DPV E . 6.80 9.34 -12.37
H3 DPV E . 6.04 7.07 -13.24
H3A DPV E . 6.13 6.43 -11.60
H4 DPV E . 2.71 9.54 -7.39
H4A DPV E . 4.25 9.85 -6.53
H5 DPV E . 2.11 7.79 -6.00
H5A DPV E . 3.74 7.09 -6.03
H6 DPV E . 1.68 9.77 -4.33
H6A DPV E . 3.23 10.59 -4.64
H6B DPV E . 2.84 10.01 -2.99
H7 DPV E . 3.23 6.44 -3.66
H7A DPV E . 1.68 7.33 -3.77
H7B DPV E . 2.84 7.71 -2.45
H8 DPV E . 5.02 8.75 -2.98
H8A DPV E . 5.38 9.29 -4.66
H8B DPV E . 5.35 7.54 -4.27
H15 DPV E . 8.61 6.96 -11.55
H15A DPV E . 8.50 7.60 -13.20
H16 DPV E . 7.84 4.72 -12.37
H16A DPV E . 7.72 5.35 -14.01
H17 DPV E . 10.18 5.81 -14.03
H17A DPV E . 10.34 5.21 -12.38
H18 DPV E . 9.14 3.45 -14.60
H18A DPV E . 10.89 3.61 -14.43
H19 DPV E . 10.95 2.53 -12.31
H19A DPV E . 9.24 2.83 -11.98
H20 DPV E . 8.54 1.17 -13.64
H20A DPV E . 10.20 0.95 -14.20
H21 DPV E . 10.89 -0.10 -12.13
H21A DPV E . 9.39 0.36 -11.30
H22 DPV E . 8.06 -1.18 -12.68
H22A DPV E . 9.43 -1.51 -13.74
H23 DPV E . 9.09 -3.38 -12.15
H23A DPV E . 9.27 -2.27 -10.78
H23B DPV E . 10.66 -2.60 -11.84
N DPV F . 19.89 9.27 -5.16
P DPV F . 15.12 9.01 -5.60
C1 DPV F . 14.66 7.72 -7.85
C2 DPV F . 13.89 7.95 -9.18
C3 DPV F . 14.16 6.82 -10.21
C4 DPV F . 17.52 8.07 -5.13
C5 DPV F . 18.96 8.13 -5.71
C6 DPV F . 21.20 9.23 -5.94
C7 DPV F . 20.22 9.07 -3.68
C8 DPV F . 19.26 10.66 -5.36
C15 DPV F . 13.15 6.87 -11.40
C16 DPV F . 13.68 6.18 -12.70
C17 DPV F . 13.84 4.63 -12.60
C18 DPV F . 14.26 4.00 -13.97
C19 DPV F . 14.77 2.53 -13.84
O1P DPV F . 14.56 7.88 -4.82
C20 DPV F . 13.68 1.51 -13.38
C21 DPV F . 14.22 0.06 -13.19
C22 DPV F . 15.10 -0.11 -11.93
C23 DPV F . 15.54 -1.57 -11.71
O2P DPV F . 14.88 10.31 -4.95
O3P DPV F . 14.69 8.99 -7.14
O4P DPV F . 16.65 8.80 -6.02
H1 DPV F . 14.13 6.97 -7.25
H1A DPV F . 15.67 7.39 -8.04
H2 DPV F . 12.83 8.03 -8.97
H2A DPV F . 14.21 8.91 -9.62
H3 DPV F . 14.09 5.85 -9.72
H3A DPV F . 15.19 6.92 -10.59
H4 DPV F . 17.17 7.04 -5.07
H4A DPV F . 17.48 8.52 -4.13
H5 DPV F . 19.47 7.19 -5.49
H5A DPV F . 18.91 8.25 -6.79
H6 DPV F . 20.99 9.39 -7.01
H6A DPV F . 21.67 8.26 -5.80
H6B DPV F . 21.86 10.02 -5.58
H7 DPV F . 19.30 9.13 -3.10
H7A DPV F . 20.91 9.86 -3.35
H7B DPV F . 20.68 8.10 -3.54
H8 DPV F . 19.04 10.79 -6.43
H8A DPV F . 19.98 11.42 -5.04
H8B DPV F . 18.34 10.73 -4.78
H15 DPV F . 12.92 7.91 -11.64
H15A DPV F . 12.21 6.40 -11.09
H16 DPV F . 12.98 6.40 -13.52
H16A DPV F . 14.64 6.63 -12.99
H17 DPV F . 14.58 4.40 -11.84
H17A DPV F . 12.89 4.20 -12.28
H18 DPV F . 13.41 4.03 -14.66
H18A DPV F . 15.06 4.60 -14.41
H19 DPV F . 15.15 2.21 -14.82
H19A DPV F . 15.63 2.52 -13.15
H20 DPV F . 13.24 1.84 -12.43
H20A DPV F . 12.87 1.50 -14.11
H21 DPV F . 13.36 -0.61 -13.12
H21A DPV F . 14.78 -0.24 -14.08
H22 DPV F . 16.00 0.50 -12.02
H22A DPV F . 14.56 0.23 -11.05
H23 DPV F . 16.15 -1.92 -12.54
H23A DPV F . 14.67 -2.22 -11.62
H23B DPV F . 16.12 -1.66 -10.79
N DPV G . 16.40 8.51 4.52
P DPV G . 17.49 8.60 -0.63
C1 DPV G . 16.62 6.31 -1.55
C2 DPV G . 16.76 5.09 -0.61
C3 DPV G . 15.38 4.60 -0.10
C4 DPV G . 17.07 8.45 1.97
C5 DPV G . 16.15 9.04 3.07
C6 DPV G . 17.78 8.95 5.06
C7 DPV G . 15.34 9.10 5.45
C8 DPV G . 16.29 6.96 4.60
C15 DPV G . 15.51 3.49 0.99
C16 DPV G . 15.08 4.01 2.40
C17 DPV G . 15.33 2.98 3.55
C18 DPV G . 14.33 1.78 3.52
C19 DPV G . 14.40 0.99 4.86
O1P DPV G . 18.86 8.05 -0.44
C20 DPV G . 13.40 -0.21 4.91
C21 DPV G . 13.92 -1.45 4.13
C22 DPV G . 13.00 -2.68 4.37
C23 DPV G . 13.62 -3.98 3.81
O2P DPV G . 17.45 9.59 -1.73
O3P DPV G . 16.35 7.48 -0.75
O4P DPV G . 16.82 9.13 0.72
H1 DPV G . 17.55 6.45 -2.11
H1A DPV G . 15.80 6.16 -2.26
H2 DPV G . 17.25 4.28 -1.14
H2A DPV G . 17.40 5.36 0.24
H3 DPV G . 14.82 4.20 -0.94
H3A DPV G . 14.80 5.45 0.29
H4 DPV G . 18.12 8.58 2.23
H4A DPV G . 16.87 7.39 1.83
H5 DPV G . 16.26 10.13 3.10
H5A DPV G . 15.10 8.82 2.82
H6 DPV G . 18.56 8.49 4.43
H6A DPV G . 17.89 8.62 6.10
H6B DPV G . 17.84 10.04 5.00
H7 DPV G . 14.34 8.81 5.07
H7A DPV G . 15.43 10.19 5.44
H7B DPV G . 15.49 8.71 6.46
H8 DPV G . 16.35 6.66 5.65
H8A DPV G . 17.12 6.52 4.03
H8B DPV G . 15.33 6.67 4.17
H15 DPV G . 16.54 3.11 1.04
H15A DPV G . 14.87 2.64 0.71
H16 DPV G . 15.64 4.91 2.62
H16A DPV G . 14.03 4.28 2.38
H17 DPV G . 16.36 2.62 3.51
H17A DPV G . 15.22 3.53 4.50
H18 DPV G . 13.31 2.15 3.37
H18A DPV G . 14.58 1.12 2.70
H19 DPV G . 15.42 0.63 5.03
H19A DPV G . 14.15 1.67 5.69
H20 DPV G . 13.26 -0.49 5.95
H20A DPV G . 12.43 0.10 4.52
H21 DPV G . 13.96 -1.24 3.06
H21A DPV G . 14.94 -1.69 4.45
H22 DPV G . 12.84 -2.81 5.44
H22A DPV G . 12.03 -2.51 3.89
H23 DPV G . 14.60 -4.16 4.26
H23A DPV G . 13.73 -3.92 2.73
H23B DPV G . 12.98 -4.83 4.05
N DPV H . 7.52 8.95 2.88
P DPV H . 4.62 5.43 4.05
C1 DPV H . 6.79 3.99 3.64
C2 DPV H . 6.62 2.54 4.15
C3 DPV H . 7.94 1.97 4.80
C4 DPV H . 5.25 7.96 3.88
C5 DPV H . 5.95 8.98 2.92
C6 DPV H . 8.07 7.60 2.40
C7 DPV H . 8.12 9.31 4.26
C8 DPV H . 7.98 10.01 1.87
C15 DPV H . 9.08 1.63 3.80
C16 DPV H . 8.82 0.33 2.99
C17 DPV H . 9.96 -0.01 2.00
C18 DPV H . 9.62 -1.28 1.18
C19 DPV H . 10.75 -1.63 0.16
O1P DPV H . 3.17 5.29 3.84
C20 DPV H . 10.48 -2.93 -0.64
C21 DPV H . 9.46 -2.72 -1.80
C22 DPV H . 9.11 -4.04 -2.56
C23 DPV H . 8.11 -4.94 -1.79
O2P DPV H . 4.98 5.39 5.49
O3P DPV H . 5.50 4.46 3.13
O4P DPV H . 5.27 6.66 3.27
H1 DPV H . 7.13 4.65 4.44
H1A DPV H . 7.51 4.01 2.81
H2 DPV H . 5.83 2.52 4.90
H2A DPV H . 6.30 1.89 3.33
H3 DPV H . 7.69 1.07 5.37
H3A DPV H . 8.32 2.69 5.52
H4 DPV H . 5.77 7.92 4.85
H4A DPV H . 4.21 8.26 4.04
H5 DPV H . 5.61 8.80 1.90
H5A DPV H . 5.66 10.00 3.20
H6 DPV H . 9.17 7.67 2.33
H6A DPV H . 7.65 7.37 1.42
H6B DPV H . 7.78 6.83 3.12
H7 DPV H . 7.72 10.29 4.56
H7A DPV H . 9.20 9.36 4.17
H7B DPV H . 7.83 8.55 4.98
H8 DPV H . 7.61 10.99 2.19
H8A DPV H . 7.56 9.76 0.89
H8B DPV H . 9.07 10.00 1.83
H15 DPV H . 10.02 1.52 4.35
H15A DPV H . 9.23 2.46 3.09
H16 DPV H . 8.71 -0.50 3.71
H16A DPV H . 7.87 0.41 2.45
H17 DPV H . 10.10 0.84 1.32
H17A DPV H . 10.89 -0.16 2.55
H18 DPV H . 9.48 -2.12 1.86
H18A DPV H . 8.68 -1.13 0.64
H19 DPV H . 10.90 -0.79 -0.52
H19A DPV H . 11.68 -1.76 0.72
H20 DPV H . 11.43 -3.28 -1.07
H20A DPV H . 10.14 -3.71 0.03
H21 DPV H . 8.53 -2.29 -1.40
H21A DPV H . 9.87 -2.01 -2.52
H22 DPV H . 8.66 -3.77 -3.52
H22A DPV H . 10.02 -4.60 -2.78
H23 DPV H . 7.21 -4.38 -1.53
H23A DPV H . 8.57 -5.32 -0.87
H23B DPV H . 7.82 -5.79 -2.41
N DPV I . 23.82 3.80 3.90
P DPV I . 26.50 0.97 1.18
C1 DPV I . 27.56 -0.18 -0.91
C2 DPV I . 27.23 -0.48 -2.39
C3 DPV I . 26.44 -1.80 -2.56
C4 DPV I . 24.21 2.04 1.98
C5 DPV I . 24.77 3.27 2.78
C6 DPV I . 22.52 4.41 3.31
C7 DPV I . 23.45 2.72 4.93
C8 DPV I . 24.55 4.92 4.64
C15 DPV I . 25.87 -1.94 -4.01
C16 DPV I . 25.38 -3.38 -4.31
C17 DPV I . 26.55 -4.31 -4.77
C18 DPV I . 26.21 -5.80 -4.55
C19 DPV I . 27.45 -6.70 -4.83
O1P DPV I . 27.64 1.89 1.35
C20 DPV I . 27.29 -8.13 -4.24
C21 DPV I . 27.96 -8.26 -2.84
C22 DPV I . 27.27 -9.32 -1.96
C23 DPV I . 27.90 -9.36 -0.55
O2P DPV I . 26.44 -0.05 2.25
O3P DPV I . 26.37 0.36 -0.29
O4P DPV I . 25.11 1.71 0.89
H1 DPV I . 27.86 -1.10 -0.39
H1A DPV I . 28.35 0.56 -0.85
H2 DPV I . 26.67 0.37 -2.80
H2A DPV I . 28.17 -0.54 -2.95
H3 DPV I . 25.61 -1.83 -1.85
H3A DPV I . 27.10 -2.64 -2.33
H4 DPV I . 24.12 1.17 2.63
H4A DPV I . 23.25 2.28 1.55
H5 DPV I . 25.71 2.99 3.27
H5A DPV I . 24.96 4.09 2.10
H6 DPV I . 21.92 4.84 4.11
H6A DPV I . 21.96 3.62 2.80
H6B DPV I . 22.80 5.19 2.59
H7 DPV I . 24.38 2.30 5.33
H7A DPV I . 22.87 1.94 4.43
H7B DPV I . 22.86 3.17 5.73
H8 DPV I . 24.79 5.72 3.93
H8A DPV I . 25.46 4.52 5.09
H8B DPV I . 23.90 5.32 5.43
H15 DPV I . 26.63 -1.65 -4.75
H15A DPV I . 25.03 -1.24 -4.13
H16 DPV I . 24.88 -3.79 -3.43
H16A DPV I . 24.63 -3.34 -5.11
H17 DPV I . 26.77 -4.13 -5.82
H17A DPV I . 27.45 -4.07 -4.20
H18 DPV I . 25.88 -5.95 -3.52
H18A DPV I . 25.39 -6.10 -5.21
H19 DPV I . 27.61 -6.77 -5.90
H19A DPV I . 28.34 -6.23 -4.41
H20 DPV I . 26.23 -8.39 -4.18
H20A DPV I . 27.76 -8.85 -4.92
H21 DPV I . 29.01 -8.49 -2.96
H21A DPV I . 27.91 -7.30 -2.32
H22 DPV I . 26.21 -9.09 -1.86
H22A DPV I . 27.36 -10.31 -2.43
H23 DPV I . 28.94 -9.71 -0.60
H23A DPV I . 27.34 -10.06 0.08
H23B DPV I . 27.88 -8.38 -0.08
N DPV J . 32.13 -15.24 4.14
P DPV J . 28.36 -12.62 4.88
C1 DPV J . 27.57 -11.00 2.95
C2 DPV J . 26.28 -10.34 3.48
C3 DPV J . 25.29 -10.00 2.34
C4 DPV J . 30.97 -12.97 4.92
C5 DPV J . 32.13 -13.67 4.14
C6 DPV J . 32.03 -15.85 5.55
C7 DPV J . 31.01 -15.79 3.24
C8 DPV J . 33.45 -15.71 3.52
C15 DPV J . 23.88 -9.56 2.87
C16 DPV J . 23.87 -8.10 3.43
C17 DPV J . 22.50 -7.72 4.07
C18 DPV J . 22.37 -8.27 5.53
C19 DPV J . 20.97 -7.98 6.16
O1P DPV J . 28.47 -12.41 6.34
C20 DPV J . 19.86 -8.97 5.66
C21 DPV J . 18.53 -8.80 6.45
C22 DPV J . 18.53 -9.54 7.82
C23 DPV J . 17.23 -9.30 8.60
O2P DPV J . 27.18 -13.43 4.52
O3P DPV J . 28.48 -11.24 4.05
O4P DPV J . 29.71 -13.13 4.20
H1 DPV J . 27.34 -11.94 2.44
H1A DPV J . 28.06 -10.32 2.24
H2 DPV J . 25.80 -11.02 4.20
H2A DPV J . 26.54 -9.43 4.02
H3 DPV J . 25.15 -10.88 1.71
H3A DPV J . 25.71 -9.22 1.71
H4 DPV J . 30.87 -13.39 5.91
H4A DPV J . 31.18 -11.90 4.99
H5 DPV J . 32.11 -13.35 3.08
H5A DPV J . 33.08 -13.36 4.57
H6 DPV J . 32.12 -16.94 5.47
H6A DPV J . 31.06 -15.59 5.98
H6B DPV J . 32.84 -15.44 6.17
H7 DPV J . 31.13 -15.41 2.23
H7A DPV J . 30.05 -15.47 3.65
H7B DPV J . 31.06 -16.89 3.23
H8 DPV J . 33.47 -16.79 3.48
H8A DPV J . 34.27 -15.33 4.14
H8B DPV J . 33.53 -15.29 2.51
H15 DPV J . 23.56 -10.26 3.63
H15A DPV J . 23.17 -9.63 2.04
H16 DPV J . 24.67 -7.97 4.16
H16A DPV J . 24.07 -7.40 2.61
H17 DPV J . 22.42 -6.64 4.10
H17A DPV J . 21.68 -8.09 3.44
H18 DPV J . 22.56 -9.35 5.55
H18A DPV J . 23.13 -7.80 6.15
H19 DPV J . 21.07 -8.06 7.24
H19A DPV J . 20.67 -6.95 5.94
H20 DPV J . 19.67 -8.79 4.61
H20A DPV J . 20.21 -10.00 5.75
H21 DPV J . 18.31 -7.74 6.60
H21A DPV J . 17.71 -9.21 5.83
H22 DPV J . 18.67 -10.61 7.66
H22A DPV J . 19.38 -9.20 8.43
H23 DPV J . 16.36 -9.58 8.00
H23A DPV J . 17.14 -8.26 8.89
H23B DPV J . 17.23 -9.90 9.51
N DPV K . 24.82 -18.07 12.42
P DPV K . 22.39 -14.31 13.78
C1 DPV K . 24.83 -13.60 13.02
C2 DPV K . 24.77 -12.62 11.82
C3 DPV K . 25.93 -12.86 10.81
C4 DPV K . 22.79 -16.93 13.72
C5 DPV K . 23.47 -17.25 12.34
C6 DPV K . 25.33 -18.26 10.98
C7 DPV K . 25.91 -17.34 13.23
C8 DPV K . 24.58 -19.47 13.01
C15 DPV K . 25.63 -14.03 9.82
C16 DPV K . 26.84 -14.33 8.89
C17 DPV K . 27.95 -15.19 9.59
C18 DPV K . 29.13 -15.57 8.63
C19 DPV K . 29.14 -17.06 8.19
O1P DPV K . 21.34 -13.96 14.77
C20 DPV K . 28.04 -17.45 7.15
C21 DPV K . 28.29 -16.88 5.73
C22 DPV K . 27.20 -17.33 4.73
C23 DPV K . 27.52 -16.86 3.30
O2P DPV K . 21.85 -14.36 12.40
O3P DPV K . 23.70 -13.37 13.91
O4P DPV K . 23.22 -15.62 14.19
H1 DPV K . 24.79 -14.63 12.66
H1A DPV K . 25.75 -13.44 13.57
H2 DPV K . 23.80 -12.72 11.31
H2A DPV K . 24.82 -11.60 12.20
H3 DPV K . 26.85 -13.05 11.37
H3A DPV K . 26.07 -11.95 10.25
H4 DPV K . 21.70 -16.91 13.60
H4A DPV K . 23.05 -17.68 14.46
H5 DPV K . 22.79 -17.84 11.72
H5A DPV K . 23.68 -16.32 11.81
H6 DPV K . 24.59 -18.82 10.40
H6A DPV K . 26.27 -18.84 11.02
H6B DPV K . 25.51 -17.29 10.53
H7 DPV K . 25.55 -17.20 14.25
H7A DPV K . 26.11 -16.37 12.76
H7B DPV K . 26.81 -17.96 13.22
H8 DPV K . 23.83 -20.00 12.40
H8A DPV K . 24.22 -19.38 14.04
H8B DPV K . 25.52 -20.02 13.00
H15 DPV K . 24.78 -13.76 9.20
H15A DPV K . 25.36 -14.93 10.37
H16 DPV K . 26.48 -14.88 8.01
H16A DPV K . 27.28 -13.40 8.53
H17 DPV K . 28.36 -14.63 10.43
H17A DPV K . 27.51 -16.10 10.01
H18 DPV K . 29.14 -14.91 7.75
H18A DPV K . 30.07 -15.36 9.16
H19 DPV K . 30.12 -17.30 7.76
H19A DPV K . 29.04 -17.70 9.07
H20 DPV K . 28.00 -18.54 7.09
H20A DPV K . 27.07 -17.13 7.52
H21 DPV K . 28.32 -15.78 5.77
H21A DPV K . 29.28 -17.22 5.38
H22 DPV K . 27.14 -18.43 4.73
H22A DPV K . 26.24 -16.94 5.03
H23 DPV K . 27.65 -15.77 3.26
H23A DPV K . 26.69 -17.12 2.63
H23B DPV K . 28.43 -17.33 2.92
N DPV L . 23.49 -31.44 3.93
P DPV L . 19.89 -28.69 6.46
C1 DPV L . 21.09 -27.40 8.42
C2 DPV L . 21.84 -26.09 8.70
C3 DPV L . 20.91 -24.90 9.03
C4 DPV L . 21.86 -30.16 5.57
C5 DPV L . 23.06 -30.08 4.58
C6 DPV L . 23.84 -32.52 4.99
C7 DPV L . 24.76 -31.19 3.10
C8 DPV L . 22.40 -31.99 2.99
C15 DPV L . 21.74 -23.66 9.49
C16 DPV L . 20.83 -22.42 9.74
C17 DPV L . 21.69 -21.18 10.11
C18 DPV L . 20.81 -19.94 10.48
C19 DPV L . 20.21 -19.18 9.24
O1P DPV L . 18.80 -28.51 5.48
C20 DPV L . 20.86 -17.78 9.00
C21 DPV L . 22.22 -17.88 8.25
C22 DPV L . 22.83 -16.48 7.98
C23 DPV L . 24.08 -16.57 7.10
O2P DPV L . 19.60 -29.75 7.44
O3P DPV L . 20.37 -27.31 7.16
O4P DPV L . 21.33 -28.84 5.77
H1 DPV L . 21.80 -28.23 8.36
H1A DPV L . 20.37 -27.61 9.23
H2 DPV L . 22.52 -26.26 9.54
H2A DPV L . 22.46 -25.84 7.83
H3 DPV L . 20.21 -25.19 9.83
H3A DPV L . 20.32 -24.64 8.15
H4 DPV L . 21.07 -30.80 5.16
H4A DPV L . 22.18 -30.58 6.54
H5 DPV L . 22.81 -29.41 3.77
H5A DPV L . 23.94 -29.68 5.11
H6 DPV L . 22.93 -32.77 5.55
H6A DPV L . 24.59 -32.11 5.67
H6B DPV L . 24.22 -33.41 4.48
H7 DPV L . 24.53 -30.46 2.32
H7A DPV L . 25.08 -32.13 2.65
H7B DPV L . 25.53 -30.81 3.77
H8 DPV L . 22.14 -31.22 2.26
H8A DPV L . 21.51 -32.25 3.58
H8B DPV L . 22.77 -32.89 2.49
H15 DPV L . 22.47 -23.42 8.74
H15A DPV L . 22.27 -23.90 10.41
H16 DPV L . 20.24 -22.21 8.86
H16A DPV L . 20.14 -22.63 10.56
H17 DPV L . 22.32 -21.42 10.96
H17A DPV L . 22.36 -20.92 9.29
H18 DPV L . 20.01 -20.26 11.12
H18A DPV L . 21.42 -19.25 11.08
H19 DPV L . 20.27 -19.79 8.34
H19A DPV L . 19.16 -19.02 9.45
H20 DPV L . 20.17 -17.19 8.39
H20A DPV L . 21.00 -17.26 9.94
H21 DPV L . 22.92 -18.48 8.84
H21A DPV L . 22.08 -18.41 7.30
H22 DPV L . 22.09 -15.84 7.50
H22A DPV L . 23.09 -16.01 8.93
H23 DPV L . 24.83 -17.21 7.57
H23A DPV L . 24.51 -15.59 6.94
H23B DPV L . 23.83 -17.00 6.12
N DPV M . 17.67 -32.99 6.11
P DPV M . 15.73 -31.59 2.64
C1 DPV M . 15.47 -29.05 3.29
C2 DPV M . 14.61 -28.33 2.21
C3 DPV M . 15.29 -28.33 0.82
C4 DPV M . 16.17 -33.79 4.02
C5 DPV M . 17.61 -33.59 4.65
C6 DPV M . 16.84 -33.79 7.13
C7 DPV M . 17.22 -31.52 6.15
C8 DPV M . 19.13 -33.02 6.57
C15 DPV M . 14.48 -27.51 -0.25
C16 DPV M . 14.70 -25.95 -0.16
C17 DPV M . 16.10 -25.51 -0.70
C18 DPV M . 16.19 -23.96 -0.95
C19 DPV M . 16.34 -23.14 0.36
O1P DPV M . 17.16 -31.34 2.37
C20 DPV M . 16.41 -21.61 0.05
C21 DPV M . 16.51 -20.77 1.34
C22 DPV M . 16.69 -19.26 1.04
C23 DPV M . 16.69 -18.40 2.33
O2P DPV M . 14.99 -32.00 1.43
O3P DPV M . 15.00 -30.42 3.46
O4P DPV M . 15.46 -32.54 3.89
H1 DPV M . 16.53 -29.04 3.03
H1A DPV M . 15.34 -28.54 4.24
H2 DPV M . 13.63 -28.80 2.16
H2A DPV M . 14.45 -27.29 2.54
H3 DPV M . 15.36 -29.36 0.48
H3A DPV M . 16.31 -27.94 0.89
H4 DPV M . 16.27 -34.24 3.03
H4A DPV M . 15.59 -34.46 4.66
H5 DPV M . 18.12 -34.55 4.69
H5A DPV M . 18.20 -32.93 4.01
H6 DPV M . 17.17 -34.84 7.09
H6A DPV M . 15.78 -33.72 6.86
H6B DPV M . 16.99 -33.38 8.12
H7 DPV M . 17.79 -30.95 5.41
H7A DPV M . 17.40 -31.11 7.16
H7B DPV M . 16.16 -31.46 5.91
H8 DPV M . 19.74 -32.43 5.87
H8A DPV M . 19.48 -34.06 6.56
H8B DPV M . 19.22 -32.60 7.57
H15 DPV M . 13.42 -27.72 -0.14
H15A DPV M . 14.78 -27.85 -1.24
H16 DPV M . 13.92 -25.47 -0.77
H16A DPV M . 14.56 -25.61 0.87
H17 DPV M . 16.88 -25.82 -0.01
H17A DPV M . 16.28 -26.01 -1.65
H18 DPV M . 17.05 -23.78 -1.59
H18A DPV M . 15.30 -23.63 -1.49
H19 DPV M . 15.49 -23.33 1.03
H19A DPV M . 17.24 -23.44 0.89
H20 DPV M . 17.29 -21.41 -0.58
H20A DPV M . 15.52 -21.31 -0.52
H21 DPV M . 15.59 -20.91 1.94
H21A DPV M . 17.34 -21.12 1.95
H22 DPV M . 17.63 -19.12 0.51
H22A DPV M . 15.89 -18.92 0.37
H23 DPV M . 15.73 -18.49 2.84
H23A DPV M . 16.86 -17.36 2.07
H23B DPV M . 17.49 -18.72 3.00
N DPV N . 0.66 -22.11 -23.13
P DPV N . 1.49 -25.02 -18.86
C1 DPV N . 1.62 -23.43 -16.80
C2 DPV N . 2.59 -22.90 -15.71
C3 DPV N . 3.60 -21.86 -16.26
C4 DPV N . 1.02 -23.71 -21.05
C5 DPV N . 1.45 -22.41 -21.81
C6 DPV N . 0.85 -23.22 -24.18
C7 DPV N . 1.25 -20.82 -23.73
C8 DPV N . -0.84 -21.87 -22.87
C15 DPV N . 4.30 -21.13 -15.09
C16 DPV N . 5.43 -20.20 -15.57
C17 DPV N . 6.19 -19.59 -14.35
C18 DPV N . 7.35 -18.67 -14.78
C19 DPV N . 8.08 -18.10 -13.52
O1P DPV N . 0.07 -25.25 -18.51
C20 DPV N . 9.20 -17.10 -13.93
C21 DPV N . 9.95 -16.51 -12.70
C22 DPV N . 11.01 -17.48 -12.11
C23 DPV N . 11.94 -16.77 -11.11
O2P DPV N . 2.12 -26.24 -19.39
O3P DPV N . 2.33 -24.32 -17.69
O4P DPV N . 1.71 -23.74 -19.79
H1 DPV N . 0.82 -23.99 -16.32
H1A DPV N . 1.20 -22.60 -17.36
H2 DPV N . 1.98 -22.43 -14.94
H2A DPV N . 3.11 -23.73 -15.25
H3 DPV N . 3.09 -21.14 -16.89
H3A DPV N . 4.35 -22.38 -16.88
H4 DPV N . -0.05 -23.70 -20.87
H4A DPV N . 1.29 -24.60 -21.63
H5 DPV N . 1.32 -21.54 -21.15
H5A DPV N . 2.51 -22.48 -22.07
H6 DPV N . 0.38 -24.13 -23.80
H6A DPV N . 1.92 -23.38 -24.34
H6B DPV N . 0.37 -22.91 -25.12
H7 DPV N . 1.16 -20.02 -22.98
H7A DPV N . 0.68 -20.55 -24.63
H7B DPV N . 2.30 -20.99 -23.98
H8 DPV N . -0.95 -21.08 -22.12
H8A DPV N . -1.29 -22.81 -22.51
H8B DPV N . -1.31 -21.57 -23.81
H15 DPV N . 4.71 -21.88 -14.40
H15A DPV N . 3.56 -20.55 -14.53
H16 DPV N . 6.13 -20.74 -16.20
H16A DPV N . 5.00 -19.39 -16.17
H17 DPV N . 5.49 -19.03 -13.73
H17A DPV N . 6.58 -20.40 -13.74
H18 DPV N . 8.07 -19.25 -15.38
H18A DPV N . 6.98 -17.86 -15.39
H19 DPV N . 7.35 -17.60 -12.89
H19A DPV N . 8.51 -18.92 -12.94
H20 DPV N . 9.91 -17.59 -14.59
H20A DPV N . 8.75 -16.28 -14.49
H21 DPV N . 10.46 -15.60 -13.03
H21A DPV N . 9.24 -16.22 -11.93
H22 DPV N . 10.51 -18.31 -11.61
H22A DPV N . 11.62 -17.90 -12.91
H23 DPV N . 12.61 -16.07 -11.63
H23A DPV N . 12.56 -17.50 -10.59
H23B DPV N . 11.37 -16.22 -10.37
N DPV O . 3.91 -27.90 -15.87
P DPV O . 8.39 -30.39 -14.86
C1 DPV O . 8.67 -31.09 -12.35
C2 DPV O . 9.30 -30.57 -11.06
C3 DPV O . 9.81 -31.73 -10.14
C4 DPV O . 6.11 -29.29 -15.46
C5 DPV O . 5.19 -28.12 -15.00
C6 DPV O . 2.92 -29.08 -15.71
C7 DPV O . 4.24 -27.69 -17.36
C8 DPV O . 3.22 -26.64 -15.35
C15 DPV O . 10.81 -31.22 -9.06
C16 DPV O . 12.24 -30.94 -9.63
C17 DPV O . 13.20 -30.46 -8.53
C18 DPV O . 14.56 -29.95 -9.10
C19 DPV O . 14.56 -28.43 -9.42
O1P DPV O . 7.94 -31.79 -15.09
C20 DPV O . 15.89 -27.96 -10.06
C21 DPV O . 15.89 -26.43 -10.27
C22 DPV O . 17.17 -25.93 -10.99
C23 DPV O . 17.09 -24.41 -11.27
O2P DPV O . 9.29 -29.91 -15.93
O3P DPV O . 8.95 -30.13 -13.40
O4P DPV O . 7.20 -29.40 -14.53
H1 DPV O . 9.10 -32.05 -12.64
H1A DPV O . 7.59 -31.19 -12.24
H2 DPV O . 10.13 -29.90 -11.32
H2A DPV O . 8.56 -29.97 -10.52
H3 DPV O . 10.29 -32.50 -10.74
H3A DPV O . 8.96 -32.18 -9.65
H4 DPV O . 5.56 -30.24 -15.47
H4A DPV O . 6.52 -29.09 -16.45
H5 DPV O . 4.87 -28.30 -13.97
H5A DPV O . 5.76 -27.19 -15.02
H6 DPV O . 2.69 -29.20 -14.65
H6A DPV O . 3.38 -29.99 -16.11
H6B DPV O . 2.02 -28.85 -16.27
H7 DPV O . 4.89 -26.81 -17.45
H7A DPV O . 3.30 -27.51 -17.90
H7B DPV O . 4.73 -28.58 -17.75
H8 DPV O . 3.00 -26.76 -14.29
H8A DPV O . 2.29 -26.48 -15.92
H8B DPV O . 3.89 -25.79 -15.50
H15 DPV O . 10.88 -31.97 -8.27
H15A DPV O . 10.42 -30.33 -8.59
H16 DPV O . 12.63 -31.85 -10.09
H16A DPV O . 12.17 -30.18 -10.41
H17 DPV O . 12.73 -29.66 -7.94
H17A DPV O . 13.40 -31.28 -7.84
H18 DPV O . 15.34 -30.15 -8.36
H18A DPV O . 14.83 -30.53 -9.99
H19 DPV O . 13.73 -28.21 -10.11
H19A DPV O . 14.37 -27.87 -8.50
H20 DPV O . 16.72 -28.23 -9.41
H20A DPV O . 16.03 -28.46 -11.02
H21 DPV O . 15.00 -26.13 -10.86
H21A DPV O . 15.81 -25.93 -9.29
H22 DPV O . 18.05 -26.15 -10.38
H22A DPV O . 17.28 -26.46 -11.94
H23 DPV O . 18.03 -24.07 -11.72
H23A DPV O . 16.93 -23.86 -10.34
H23B DPV O . 16.29 -24.19 -11.96
N DPV P . 9.96 -24.98 -23.83
P DPV P . 6.36 -23.86 -21.53
C1 DPV P . 7.59 -24.59 -19.30
C2 DPV P . 6.90 -24.32 -17.94
C3 DPV P . 7.75 -24.86 -16.75
C4 DPV P . 7.32 -24.52 -23.85
C5 DPV P . 8.55 -25.27 -24.49
C6 DPV P . 10.14 -25.79 -22.53
C7 DPV P . 10.22 -23.49 -23.53
C8 DPV P . 11.03 -25.46 -24.82
C15 DPV P . 7.07 -24.56 -15.37
C16 DPV P . 7.54 -23.22 -14.71
C17 DPV P . 8.74 -23.41 -13.74
C18 DPV P . 9.20 -22.05 -13.13
C19 DPV P . 10.24 -22.22 -11.97
O1P DPV P . 7.03 -22.56 -21.36
C20 DPV P . 11.59 -21.48 -12.22
C21 DPV P . 12.57 -22.31 -13.09
C22 DPV P . 13.91 -21.57 -13.32
C23 DPV P . 14.84 -22.36 -14.27
O2P DPV P . 4.95 -23.72 -21.95
O3P DPV P . 6.54 -24.87 -20.29
O4P DPV P . 7.18 -24.87 -22.46
H1 DPV P . 8.18 -23.73 -19.61
H1A DPV P . 8.23 -25.47 -19.24
H2 DPV P . 6.75 -23.24 -17.82
H2A DPV P . 5.92 -24.80 -17.93
H3 DPV P . 8.76 -24.43 -16.78
H3A DPV P . 7.86 -25.94 -16.86
H4 DPV P . 7.46 -23.45 -23.93
H4A DPV P . 6.41 -24.80 -24.38
H5 DPV P . 8.39 -26.35 -24.44
H5A DPV P . 8.63 -24.97 -25.53
H6 DPV P . 9.96 -26.84 -22.75
H6A DPV P . 9.41 -25.43 -21.80
H6B DPV P . 11.15 -25.64 -22.16
H7 DPV P . 9.50 -23.15 -22.79
H7A DPV P . 10.10 -22.92 -24.46
H7B DPV P . 11.24 -23.37 -23.16
H8 DPV P . 10.92 -26.54 -24.97
H8A DPV P . 12.02 -25.25 -24.40
H8B DPV P . 10.91 -24.92 -25.76
H15 DPV P . 7.29 -25.39 -14.69
H15A DPV P . 6.00 -24.54 -15.49
H16 DPV P . 7.80 -22.49 -15.49
H16A DPV P . 6.71 -22.82 -14.15
H17 DPV P . 8.44 -24.09 -12.93
H17A DPV P . 9.57 -23.86 -14.26
H18 DPV P . 9.62 -21.43 -13.92
H18A DPV P . 8.33 -21.52 -12.73
H19 DPV P . 9.80 -21.81 -11.06
H19A DPV P . 10.43 -23.28 -11.76
H20 DPV P . 11.40 -20.51 -12.69
H20A DPV P . 12.06 -21.28 -11.25
H21 DPV P . 12.78 -23.27 -12.59
H21A DPV P . 12.11 -22.53 -14.05
H22 DPV P . 13.72 -20.58 -13.75
H22A DPV P . 14.43 -21.42 -12.37
H23 DPV P . 14.38 -22.49 -15.25
H23A DPV P . 15.08 -23.34 -13.86
H23B DPV P . 15.78 -21.81 -14.42
N DPV Q . 3.38 -16.91 -24.79
P DPV Q . 4.16 -12.46 -23.25
C1 DPV Q . 5.75 -12.91 -21.20
C2 DPV Q . 7.26 -13.17 -21.01
C3 DPV Q . 7.57 -13.93 -19.70
C4 DPV Q . 4.89 -14.80 -24.28
C5 DPV Q . 3.59 -15.37 -24.94
C6 DPV Q . 4.51 -17.72 -25.48
C7 DPV Q . 2.07 -17.26 -25.50
C8 DPV Q . 3.26 -17.33 -23.31
C15 DPV Q . 9.05 -14.39 -19.65
C16 DPV Q . 9.33 -15.28 -18.42
C17 DPV Q . 10.69 -16.02 -18.53
C18 DPV Q . 10.92 -16.91 -17.30
C19 DPV Q . 12.20 -17.80 -17.44
O1P DPV Q . 3.62 -11.19 -23.77
C20 DPV Q . 12.43 -18.72 -16.19
C21 DPV Q . 11.44 -19.94 -16.11
C22 DPV Q . 11.83 -21.10 -17.07
C23 DPV Q . 10.80 -22.25 -17.02
O2P DPV Q . 3.14 -13.20 -22.46
O3P DPV Q . 5.58 -12.29 -22.50
O4P DPV Q . 4.88 -13.35 -24.37
H1 DPV Q . 5.22 -13.86 -21.18
H1A DPV Q . 5.36 -12.25 -20.42
H2 DPV Q . 7.63 -13.75 -21.86
H2A DPV Q . 7.79 -12.21 -21.02
H3 DPV Q . 6.91 -14.80 -19.63
H3A DPV Q . 7.34 -13.28 -18.84
H4 DPV Q . 4.96 -15.09 -23.23
H4A DPV Q . 5.77 -15.17 -24.81
H5 DPV Q . 2.72 -14.88 -24.49
H5A DPV Q . 3.60 -15.14 -26.00
H6 DPV Q . 5.45 -17.48 -24.99
H6A DPV Q . 4.55 -17.43 -26.53
H6B DPV Q . 4.28 -18.78 -25.39
H7 DPV Q . 1.26 -16.69 -25.03
H7A DPV Q . 1.89 -18.33 -25.40
H7B DPV Q . 2.15 -17.00 -26.55
H8 DPV Q . 4.22 -17.15 -22.81
H8A DPV Q . 3.02 -18.40 -23.26
H8B DPV Q . 2.47 -16.74 -22.83
H15 DPV Q . 9.71 -13.51 -19.62
H15A DPV Q . 9.28 -14.94 -20.57
H16 DPV Q . 9.32 -14.67 -17.52
H16A DPV Q . 8.53 -16.02 -18.32
H17 DPV Q . 10.70 -16.64 -19.44
H17A DPV Q . 11.50 -15.29 -18.62
H18 DPV Q . 11.02 -16.28 -16.41
H18A DPV Q . 10.05 -17.55 -17.15
H19 DPV Q . 12.14 -18.40 -18.35
H19A DPV Q . 13.07 -17.14 -17.55
H20 DPV Q . 13.46 -19.10 -16.21
H20A DPV Q . 12.34 -18.13 -15.29
H21 DPV Q . 11.45 -20.32 -15.09
H21A DPV Q . 10.42 -19.61 -16.32
H22 DPV Q . 11.88 -20.73 -18.10
H22A DPV Q . 12.82 -21.48 -16.81
H23 DPV Q . 9.81 -21.90 -17.32
H23A DPV Q . 10.73 -22.65 -16.01
H23B DPV Q . 11.10 -23.05 -17.70
N DPV R . 9.73 4.15 -22.01
P DPV R . 7.27 0.25 -21.59
C1 DPV R . 6.87 -1.87 -20.15
C2 DPV R . 7.24 -3.36 -20.15
C3 DPV R . 6.46 -4.14 -19.06
C4 DPV R . 9.02 1.73 -22.84
C5 DPV R . 9.75 2.59 -21.76
C6 DPV R . 10.42 4.54 -23.32
C7 DPV R . 10.50 4.81 -20.85
C8 DPV R . 8.29 4.69 -21.98
C15 DPV R . 6.85 -5.65 -19.03
C16 DPV R . 6.34 -6.36 -17.74
C17 DPV R . 7.43 -6.58 -16.63
C18 DPV R . 7.95 -5.29 -15.91
C19 DPV R . 9.28 -4.76 -16.54
O1P DPV R . 7.05 1.19 -20.47
C20 DPV R . 9.78 -3.47 -15.84
C21 DPV R . 10.98 -2.83 -16.62
C22 DPV R . 11.53 -1.57 -15.92
C23 DPV R . 12.78 -1.02 -16.65
O2P DPV R . 6.15 0.23 -22.55
O3P DPV R . 7.70 -1.19 -21.10
O4P DPV R . 8.70 0.43 -22.27
H1 DPV R . 5.82 -1.75 -20.45
H1A DPV R . 7.02 -1.43 -19.16
H2 DPV R . 7.02 -3.79 -21.12
H2A DPV R . 8.30 -3.46 -19.95
H3 DPV R . 5.38 -4.06 -19.25
H3A DPV R . 6.65 -3.68 -18.09
H4 DPV R . 8.10 2.21 -23.17
H4A DPV R . 9.67 1.59 -23.71
H5 DPV R . 9.29 2.42 -20.79
H5A DPV R . 10.80 2.29 -21.70
H6 DPV R . 9.85 4.11 -24.15
H6A DPV R . 11.44 4.13 -23.32
H6B DPV R . 10.45 5.62 -23.40
H7 DPV R . 10.01 4.56 -19.91
H7A DPV R . 10.50 5.89 -21.01
H7B DPV R . 11.53 4.43 -20.85
H8 DPV R . 7.80 4.36 -21.07
H8A DPV R . 7.76 4.31 -22.86
H8B DPV R . 8.33 5.78 -22.02
H15 DPV R . 7.94 -5.75 -19.13
H15A DPV R . 6.41 -6.13 -19.91
H16 DPV R . 5.50 -5.82 -17.32
H16A DPV R . 5.97 -7.34 -18.03
H17 DPV R . 7.00 -7.24 -15.87
H17A DPV R . 8.26 -7.14 -17.06
H18 DPV R . 7.20 -4.51 -15.95
H18A DPV R . 8.13 -5.52 -14.86
H19 DPV R . 10.05 -5.52 -16.46
H19A DPV R . 9.13 -4.55 -17.60
H20 DPV R . 8.97 -2.74 -15.78
H20A DPV R . 10.10 -3.70 -14.82
H21 DPV R . 11.77 -3.57 -16.74
H21A DPV R . 10.64 -2.56 -17.63
H22 DPV R . 10.77 -0.80 -15.88
H22A DPV R . 11.81 -1.81 -14.89
H23 DPV R . 13.11 -0.10 -16.17
H23A DPV R . 12.54 -0.79 -17.69
H23B DPV R . 13.59 -1.74 -16.63
N DPV S . 8.37 -2.07 -25.79
P DPV S . 13.04 -3.20 -25.00
C1 DPV S . 13.95 -3.87 -27.36
C2 DPV S . 13.61 -4.81 -28.55
C3 DPV S . 12.17 -4.60 -29.11
C4 DPV S . 10.45 -3.65 -25.41
C5 DPV S . 9.74 -2.30 -25.07
C6 DPV S . 8.45 -2.22 -27.32
C7 DPV S . 7.93 -0.64 -25.49
C8 DPV S . 7.28 -3.02 -25.23
C15 DPV S . 11.19 -5.72 -28.66
C16 DPV S . 9.79 -5.58 -29.31
C17 DPV S . 8.79 -6.66 -28.78
C18 DPV S . 8.19 -6.28 -27.39
C19 DPV S . 7.68 -7.51 -26.60
O1P DPV S . 12.96 -1.79 -25.43
C20 DPV S . 7.29 -7.12 -25.15
C21 DPV S . 7.24 -8.34 -24.19
C22 DPV S . 7.00 -7.90 -22.73
C23 DPV S . 7.25 -9.05 -21.73
O2P DPV S . 14.08 -3.40 -23.97
O3P DPV S . 13.15 -4.24 -26.21
O4P DPV S . 11.62 -3.81 -24.56
H1 DPV S . 15.01 -3.95 -27.10
H1A DPV S . 13.73 -2.83 -27.64
H2 DPV S . 14.33 -4.60 -29.35
H2A DPV S . 13.77 -5.85 -28.24
H3 DPV S . 12.22 -4.59 -30.19
H3A DPV S . 11.78 -3.62 -28.80
H4 DPV S . 9.77 -4.48 -25.20
H4A DPV S . 10.75 -3.68 -26.46
H5 DPV S . 9.56 -2.23 -23.99
H5A DPV S . 10.39 -1.47 -25.36
H6 DPV S . 8.68 -3.25 -27.57
H6A DPV S . 9.24 -1.56 -27.70
H6B DPV S . 7.49 -1.95 -27.76
H7 DPV S . 7.81 -0.53 -24.41
H7A DPV S . 6.98 -0.45 -25.99
H7B DPV S . 8.69 0.05 -25.86
H8 DPV S . 7.21 -2.87 -24.14
H8A DPV S . 7.57 -4.05 -25.46
H8B DPV S . 6.33 -2.78 -25.71
H15 DPV S . 11.11 -5.70 -27.57
H15A DPV S . 11.62 -6.69 -28.93
H16 DPV S . 9.38 -4.58 -29.14
H16A DPV S . 9.89 -5.71 -30.39
H17 DPV S . 7.96 -6.76 -29.49
H17A DPV S . 9.28 -7.63 -28.72
H18 DPV S . 8.96 -5.79 -26.79
H18A DPV S . 7.37 -5.56 -27.53
H19 DPV S . 6.81 -7.95 -27.11
H19A DPV S . 8.46 -8.27 -26.58
H20 DPV S . 8.03 -6.41 -24.76
H20A DPV S . 6.32 -6.60 -25.14
H21 DPV S . 6.44 -9.02 -24.51
H21A DPV S . 8.19 -8.89 -24.26
H22 DPV S . 7.67 -7.07 -22.48
H22A DPV S . 5.98 -7.52 -22.62
H23 DPV S . 8.29 -9.38 -21.79
H23A DPV S . 6.60 -9.90 -21.96
H23B DPV S . 7.04 -8.70 -20.72
N DPV T . 19.08 3.78 -16.83
P DPV T . 18.73 5.74 -11.98
C1 DPV T . 17.25 4.36 -10.33
C2 DPV T . 16.72 2.92 -10.14
C3 DPV T . 15.94 2.70 -8.82
C4 DPV T . 18.82 4.93 -14.47
C5 DPV T . 19.40 3.73 -15.30
C6 DPV T . 19.79 4.95 -17.52
C7 DPV T . 17.56 3.85 -17.12
C8 DPV T . 19.61 2.48 -17.46
C15 DPV T . 16.87 2.63 -7.58
C16 DPV T . 16.17 1.94 -6.38
C17 DPV T . 17.07 1.96 -5.12
C18 DPV T . 16.51 1.06 -3.99
C19 DPV T . 17.30 1.24 -2.67
O1P DPV T . 19.67 6.20 -10.94
C20 DPV T . 16.82 0.26 -1.58
C21 DPV T . 17.59 0.41 -0.25
C22 DPV T . 16.96 -0.46 0.87
C23 DPV T . 17.66 -0.28 2.22
O2P DPV T . 17.83 6.83 -12.43
O3P DPV T . 17.95 4.40 -11.59
O4P DPV T . 19.43 4.93 -13.16
H1 DPV T . 16.41 5.07 -10.38
H1A DPV T . 17.93 4.64 -9.52
H2 DPV T . 16.05 2.69 -10.98
H2A DPV T . 17.55 2.22 -10.21
H3 DPV T . 15.40 1.76 -8.91
H3A DPV T . 15.19 3.49 -8.68
H4 DPV T . 19.04 5.88 -14.96
H4A DPV T . 17.74 4.81 -14.37
H5 DPV T . 20.50 3.72 -15.20
H5A DPV T . 19.02 2.80 -14.90
H6 DPV T . 20.86 4.88 -17.33
H6A DPV T . 19.39 5.89 -17.13
H6B DPV T . 19.60 4.90 -18.59
H7 DPV T . 17.06 3.02 -16.61
H7A DPV T . 17.39 3.78 -18.21
H7B DPV T . 17.17 4.80 -16.75
H8 DPV T . 19.08 1.63 -17.02
H8A DPV T . 20.68 2.40 -17.26
H8B DPV T . 19.43 2.51 -18.54
H15 DPV T . 17.18 3.64 -7.29
H15A DPV T . 17.77 2.07 -7.82
H16 DPV T . 15.23 2.45 -6.16
H16A DPV T . 15.94 0.91 -6.65
H17 DPV T . 18.08 1.62 -5.36
H17A DPV T . 17.14 2.99 -4.75
H18 DPV T . 15.46 1.29 -3.81
H18A DPV T . 16.56 0.01 -4.30
H19 DPV T . 18.37 1.06 -2.85
H19A DPV T . 17.18 2.26 -2.32
H20 DPV T . 15.75 0.43 -1.41
H20A DPV T . 16.94 -0.77 -1.94
H21 DPV T . 18.63 0.11 -0.40
H21A DPV T . 17.59 1.46 0.06
H22 DPV T . 15.90 -0.20 0.99
H22A DPV T . 17.00 -1.51 0.58
H23 DPV T . 18.72 -0.55 2.15
H23A DPV T . 17.20 -0.91 2.98
H23B DPV T . 17.60 0.76 2.54
N DPV U . 26.41 5.05 -1.61
P DPV U . 21.65 3.25 -0.58
C1 DPV U . 19.97 3.76 -2.50
C2 DPV U . 19.68 4.83 -3.58
C3 DPV U . 20.73 4.79 -4.73
C4 DPV U . 23.91 4.30 -1.35
C5 DPV U . 25.04 5.24 -0.85
C6 DPV U . 26.98 3.64 -1.40
C7 DPV U . 27.41 6.05 -1.01
C8 DPV U . 26.28 5.32 -3.12
C15 DPV U . 20.16 4.17 -6.03
C16 DPV U . 21.26 3.97 -7.10
C17 DPV U . 20.64 3.50 -8.45
C18 DPV U . 21.73 3.04 -9.45
C19 DPV U . 21.13 2.74 -10.85
O1P DPV U . 22.07 1.92 -1.11
C20 DPV U . 22.08 1.92 -11.76
C21 DPV U . 22.10 0.41 -11.37
C22 DPV U . 22.94 -0.44 -12.35
C23 DPV U . 22.89 -1.94 -11.96
O2P DPV U . 20.78 3.10 0.60
O3P DPV U . 21.05 4.23 -1.69
O4P DPV U . 22.85 4.27 -0.35
H1 DPV U . 19.08 3.62 -1.87
H1A DPV U . 20.24 2.81 -2.97
H2 DPV U . 18.68 4.69 -3.97
H2A DPV U . 19.70 5.81 -3.11
H3 DPV U . 21.63 4.23 -4.41
H3A DPV U . 21.06 5.82 -4.94
H4 DPV U . 23.50 4.65 -2.30
H4A DPV U . 24.28 3.27 -1.47
H5 DPV U . 24.73 6.28 -0.98
H5A DPV U . 25.24 5.05 0.21
H6 DPV U . 27.98 3.60 -1.81
H6A DPV U . 26.34 2.92 -1.91
H6B DPV U . 27.00 3.43 -0.32
H7 DPV U . 27.54 5.83 0.05
H7A DPV U . 27.03 7.06 -1.15
H7B DPV U . 28.36 5.93 -1.54
H8 DPV U . 25.86 6.31 -3.27
H8A DPV U . 25.61 4.57 -3.55
H8B DPV U . 27.26 5.25 -3.58
H15 DPV U . 19.37 4.82 -6.42
H15A DPV U . 19.71 3.21 -5.80
H16 DPV U . 21.79 4.90 -7.26
H16A DPV U . 21.97 3.23 -6.75
H17 DPV U . 19.96 2.66 -8.27
H17A DPV U . 20.05 4.31 -8.88
H18 DPV U . 22.50 3.82 -9.54
H18A DPV U . 22.22 2.15 -9.05
H19 DPV U . 20.18 2.21 -10.75
H19A DPV U . 20.91 3.69 -11.34
H20 DPV U . 21.75 2.01 -12.79
H20A DPV U . 23.10 2.33 -11.71
H21 DPV U . 22.52 0.29 -10.36
H21A DPV U . 21.09 0.03 -11.34
H22 DPV U . 22.55 -0.32 -13.36
H22A DPV U . 23.97 -0.09 -12.35
H23 DPV U . 23.54 -2.52 -12.61
H23A DPV U . 21.87 -2.32 -12.04
H23B DPV U . 23.23 -2.07 -10.93
N DPV V . 28.96 -0.07 -7.06
P DPV V . 24.48 1.95 -5.12
C1 DPV V . 22.14 0.82 -4.79
C2 DPV V . 21.03 0.08 -5.58
C3 DPV V . 20.23 -0.90 -4.68
C4 DPV V . 26.82 1.18 -6.06
C5 DPV V . 27.39 0.11 -7.06
C6 DPV V . 29.28 -1.17 -8.09
C7 DPV V . 29.48 -0.54 -5.70
C8 DPV V . 29.68 1.21 -7.48
C15 DPV V . 19.14 -1.67 -5.48
C16 DPV V . 18.51 -2.84 -4.65
C17 DPV V . 17.40 -3.57 -5.46
C18 DPV V . 16.93 -4.89 -4.78
C19 DPV V . 15.83 -5.60 -5.63
O1P DPV V . 24.68 1.77 -3.66
C20 DPV V . 15.35 -6.92 -4.97
C21 DPV V . 14.40 -7.73 -5.92
C22 DPV V . 13.92 -9.04 -5.25
C23 DPV V . 13.16 -9.96 -6.24
O2P DPV V . 24.54 3.37 -5.54
O3P DPV V . 23.21 1.16 -5.70
O4P DPV V . 25.38 0.98 -6.02
H1 DPV V . 21.73 1.73 -4.34
H1A DPV V . 22.54 0.16 -4.01
H2 DPV V . 20.35 0.81 -6.03
H2A DPV V . 21.49 -0.48 -6.41
H3 DPV V . 19.76 -0.36 -3.87
H3A DPV V . 20.93 -1.61 -4.24
H4 DPV V . 27.23 1.04 -5.06
H4A DPV V . 27.03 2.19 -6.42
H5 DPV V . 26.96 -0.86 -6.83
H5A DPV V . 27.10 0.39 -8.08
H6 DPV V . 28.93 -0.84 -9.07
H6A DPV V . 28.79 -2.10 -7.80
H6B DPV V . 30.37 -1.31 -8.12
H7 DPV V . 29.30 0.25 -4.96
H7A DPV V . 30.56 -0.73 -5.78
H7B DPV V . 28.96 -1.45 -5.40
H8 DPV V . 30.76 1.00 -7.56
H8A DPV V . 29.51 1.98 -6.73
H8B DPV V . 29.29 1.54 -8.45
H15 DPV V . 19.58 -2.10 -6.39
H15A DPV V . 18.36 -0.97 -5.79
H16 DPV V . 19.30 -3.55 -4.37
H16A DPV V . 18.08 -2.44 -3.72
H17 DPV V . 16.55 -2.90 -5.57
H17A DPV V . 17.77 -3.80 -6.46
H18 DPV V . 17.78 -5.56 -4.65
H18A DPV V . 16.53 -4.67 -3.78
H19 DPV V . 14.97 -4.93 -5.75
H19A DPV V . 16.22 -5.80 -6.62
H20 DPV V . 16.22 -7.54 -4.72
H20A DPV V . 14.83 -6.70 -4.03
H21 DPV V . 13.53 -7.11 -6.17
H21A DPV V . 14.93 -7.95 -6.85
H22 DPV V . 14.79 -9.59 -4.87
H22A DPV V . 13.28 -8.82 -4.40
H23 DPV V . 12.23 -9.49 -6.54
H23A DPV V . 12.93 -10.91 -5.77
H23B DPV V . 13.76 -10.15 -7.13
N DPV W . 31.57 -8.25 1.82
P DPV W . 28.92 -4.90 0.04
C1 DPV W . 26.44 -5.43 -0.53
C2 DPV W . 25.27 -6.27 -0.02
C3 DPV W . 24.06 -6.25 -0.99
C4 DPV W . 30.65 -5.75 1.87
C5 DPV W . 30.42 -7.26 2.24
C6 DPV W . 31.67 -8.33 0.28
C7 DPV W . 31.20 -9.65 2.34
C8 DPV W . 32.94 -7.86 2.41
C15 DPV W . 22.84 -6.97 -0.37
C16 DPV W . 21.55 -6.78 -1.20
C17 DPV W . 20.34 -7.41 -0.46
C18 DPV W . 19.03 -7.33 -1.28
C19 DPV W . 17.86 -7.98 -0.50
O1P DPV W . 28.80 -3.47 -0.30
C20 DPV W . 16.58 -8.06 -1.35
C21 DPV W . 15.47 -8.89 -0.65
C22 DPV W . 14.33 -9.27 -1.63
C23 DPV W . 13.31 -10.21 -0.99
O2P DPV W . 29.72 -5.64 -0.96
O3P DPV W . 27.54 -5.59 0.40
O4P DPV W . 29.37 -5.15 1.57
H1 DPV W . 26.76 -5.78 -1.52
H1A DPV W . 26.16 -4.37 -0.58
H2 DPV W . 25.60 -7.31 0.13
H2A DPV W . 24.97 -5.89 0.95
H3 DPV W . 24.33 -6.73 -1.93
H3A DPV W . 23.80 -5.20 -1.22
H4 DPV W . 31.09 -5.23 2.73
H4A DPV W . 31.31 -5.66 1.01
H5 DPV W . 30.30 -7.35 3.33
H5A DPV W . 29.50 -7.61 1.76
H6 DPV W . 32.10 -7.39 -0.10
H6A DPV W . 30.67 -8.48 -0.14
H6B DPV W . 32.33 -9.16 0.01
H7 DPV W . 31.11 -9.60 3.43
H7A DPV W . 31.99 -10.34 2.06
H7B DPV W . 30.25 -9.95 1.90
H8 DPV W . 33.67 -8.62 2.11
H8A DPV W . 32.84 -7.83 3.50
H8B DPV W . 33.22 -6.88 2.03
H15 DPV W . 22.68 -6.59 0.65
H15A DPV W . 23.07 -8.04 -0.28
H16 DPV W . 21.36 -5.71 -1.36
H16A DPV W . 21.67 -7.25 -2.18
H17 DPV W . 20.57 -8.46 -0.25
H17A DPV W . 20.20 -6.90 0.50
H18 DPV W . 18.79 -6.27 -1.49
H18A DPV W . 19.17 -7.83 -2.23
H19 DPV W . 18.15 -8.98 -0.19
H19A DPV W . 17.66 -7.40 0.41
H20 DPV W . 16.20 -7.06 -1.57
H20A DPV W . 16.82 -8.53 -2.31
H21 DPV W . 15.91 -9.80 -0.23
H21A DPV W . 15.06 -8.32 0.19
H22 DPV W . 13.83 -8.37 -1.98
H22A DPV W . 14.77 -9.77 -2.50
H23 DPV W . 13.78 -11.10 -0.59
H23A DPV W . 12.57 -10.52 -1.73
H23B DPV W . 12.78 -9.70 -0.18
N DPV X . 26.39 -25.40 8.54
P DPV X . 28.31 -22.69 5.32
C1 DPV X . 27.03 -22.80 3.03
C2 DPV X . 27.57 -21.64 2.14
C3 DPV X . 26.45 -20.97 1.29
C4 DPV X . 27.82 -25.07 6.31
C5 DPV X . 26.74 -25.89 7.10
C6 DPV X . 27.64 -25.18 9.42
C7 DPV X . 25.55 -26.50 9.21
C8 DPV X . 25.56 -24.10 8.51
C15 DPV X . 25.50 -20.05 2.13
C16 DPV X . 24.64 -19.16 1.21
C17 DPV X . 23.75 -18.17 2.02
C18 DPV X . 22.82 -17.37 1.06
C19 DPV X . 21.79 -16.51 1.84
O1P DPV X . 27.84 -21.30 5.46
C20 DPV X . 20.77 -15.80 0.89
C21 DPV X . 19.71 -16.78 0.30
C22 DPV X . 18.56 -16.06 -0.49
C23 DPV X . 19.01 -15.51 -1.86
O2P DPV X . 29.69 -22.84 5.81
O3P DPV X . 28.11 -23.30 3.85
O4P DPV X . 27.30 -23.77 5.94
H1 DPV X . 26.22 -22.45 3.66
H1A DPV X . 26.67 -23.61 2.39
H2 DPV X . 28.06 -20.89 2.75
H2A DPV X . 28.32 -22.05 1.46
H3 DPV X . 25.86 -21.74 0.77
H3A DPV X . 26.93 -20.37 0.51
H4 DPV X . 28.70 -24.95 6.92
H4A DPV X . 28.09 -25.61 5.39
H5 DPV X . 25.80 -25.91 6.53
H5A DPV X . 27.09 -26.92 7.19
H6 DPV X . 27.33 -24.96 10.45
H6A DPV X . 28.22 -24.33 9.02
H6B DPV X . 28.26 -26.10 9.40
H7 DPV X . 26.15 -27.41 9.27
H7A DPV X . 24.66 -26.67 8.60
H7B DPV X . 25.26 -26.17 10.20
H8 DPV X . 26.18 -23.29 8.11
H8A DPV X . 25.25 -23.86 9.53
H8B DPV X . 24.69 -24.26 7.88
H15 DPV X . 26.11 -19.43 2.78
H15A DPV X . 24.87 -20.67 2.77
H16 DPV X . 25.29 -18.60 0.53
H16A DPV X . 23.99 -19.80 0.61
H17 DPV X . 23.16 -18.72 2.75
H17A DPV X . 24.40 -17.47 2.57
H18 DPV X . 23.43 -16.73 0.41
H18A DPV X . 22.30 -18.09 0.43
H19 DPV X . 21.24 -17.14 2.54
H19A DPV X . 22.32 -15.76 2.42
H20 DPV X . 20.26 -15.03 1.47
H20A DPV X . 21.31 -15.31 0.08
H21 DPV X . 20.19 -17.51 -0.36
H21A DPV X . 19.25 -17.34 1.12
H22 DPV X . 17.76 -16.78 -0.66
H22A DPV X . 18.15 -15.26 0.11
H23 DPV X . 18.16 -15.12 -2.41
H23A DPV X . 19.48 -16.29 -2.46
H23B DPV X . 19.73 -14.69 -1.74
N DPV Y . 27.46 -28.35 -3.69
P DPV Y . 27.73 -27.71 0.84
C1 DPV Y . 26.46 -27.47 3.11
C2 DPV Y . 25.10 -27.11 3.75
C3 DPV Y . 24.85 -25.58 3.76
C4 DPV Y . 27.41 -29.31 -1.21
C5 DPV Y . 26.77 -29.29 -2.64
C6 DPV Y . 28.93 -28.75 -3.95
C7 DPV Y . 27.40 -26.87 -3.26
C8 DPV Y . 26.69 -28.50 -5.01
C15 DPV Y . 23.61 -25.19 4.62
C16 DPV Y . 23.53 -23.66 4.82
C17 DPV Y . 22.25 -23.26 5.60
C18 DPV Y . 22.24 -21.76 6.04
C19 DPV Y . 22.01 -20.75 4.87
O1P DPV Y . 28.57 -28.77 1.45
C20 DPV Y . 20.52 -20.69 4.41
C21 DPV Y . 20.36 -20.34 2.89
C22 DPV Y . 20.60 -21.57 1.97
C23 DPV Y . 20.51 -21.20 0.49
O2P DPV Y . 28.51 -26.50 0.54
O3P DPV Y . 26.39 -27.42 1.66
O4P DPV Y . 26.88 -28.23 -0.41
H1 DPV Y . 27.24 -26.78 3.45
H1A DPV Y . 26.74 -28.48 3.41
H2 DPV Y . 24.29 -27.61 3.21
H2A DPV Y . 25.09 -27.49 4.77
H3 DPV Y . 24.71 -25.22 2.74
H3A DPV Y . 25.73 -25.08 4.16
H4 DPV Y . 27.16 -30.24 -0.71
H4A DPV Y . 28.49 -29.21 -1.28
H5 DPV Y . 26.80 -30.30 -3.06
H5A DPV Y . 25.73 -28.98 -2.57
H6 DPV Y . 28.96 -29.80 -4.24
H6A DPV Y . 29.51 -28.59 -3.04
H6B DPV Y . 29.32 -28.12 -4.76
H7 DPV Y . 28.01 -26.74 -2.36
H7A DPV Y . 26.36 -26.60 -3.06
H7B DPV Y . 27.80 -26.25 -4.08
H8 DPV Y . 25.66 -28.22 -4.86
H8A DPV Y . 26.76 -29.55 -5.35
H8B DPV Y . 27.16 -27.84 -5.77
H15 DPV Y . 23.68 -25.69 5.60
H15A DPV Y . 22.71 -25.56 4.14
H16 DPV Y . 24.42 -23.32 5.37
H16A DPV Y . 23.54 -23.16 3.85
H17 DPV Y . 21.37 -23.49 4.99
H17A DPV Y . 22.17 -23.88 6.50
H18 DPV Y . 21.44 -21.61 6.79
H18A DPV Y . 23.18 -21.52 6.54
H19 DPV Y . 22.31 -19.75 5.20
H19A DPV Y . 22.66 -21.01 4.03
H20 DPV Y . 20.01 -21.64 4.60
H20A DPV Y . 20.00 -19.93 4.99
H21 DPV Y . 19.36 -19.96 2.72
H21A DPV Y . 21.06 -19.54 2.63
H22 DPV Y . 21.58 -22.00 2.17
H22A DPV Y . 19.87 -22.35 2.20
H23 DPV Y . 19.52 -20.79 0.26
H23A DPV Y . 20.66 -22.09 -0.13
H23B DPV Y . 21.26 -20.46 0.23
N DPV Z . 19.14 -33.27 -1.05
P DPV Z . 21.43 -32.93 -5.69
C1 DPV Z . 22.60 -30.63 -5.42
C2 DPV Z . 22.68 -29.56 -4.34
C3 DPV Z . 22.95 -30.15 -2.93
C4 DPV Z . 20.38 -33.54 -3.37
C5 DPV Z . 19.05 -33.24 -2.61
C6 DPV Z . 19.55 -34.65 -0.52
C7 DPV Z . 17.75 -32.94 -0.50
C8 DPV Z . 20.11 -32.20 -0.51
C15 DPV Z . 22.96 -29.02 -1.87
C16 DPV Z . 23.26 -29.56 -0.44
C17 DPV Z . 23.06 -28.45 0.63
C18 DPV Z . 21.57 -28.24 0.99
C19 DPV Z . 21.39 -27.08 2.00
O1P DPV Z . 22.65 -33.68 -5.30
C20 DPV Z . 19.87 -26.77 2.24
C21 DPV Z . 19.70 -25.62 3.25
C22 DPV Z . 18.19 -25.35 3.53
C23 DPV Z . 18.01 -24.16 4.50
O2P DPV Z . 21.15 -33.06 -7.13
O3P DPV Z . 21.43 -31.44 -5.18
O4P DPV Z . 20.17 -33.26 -4.76
H1 DPV Z . 22.50 -30.17 -6.41
H1A DPV Z . 23.49 -31.26 -5.40
H2 DPV Z . 23.49 -28.87 -4.59
H2A DPV Z . 21.75 -28.98 -4.33
H3 DPV Z . 23.90 -30.68 -2.92
H3A DPV Z . 22.16 -30.87 -2.67
H4 DPV Z . 21.18 -32.91 -2.99
H4A DPV Z . 20.66 -34.59 -3.25
H5 DPV Z . 18.69 -32.25 -2.90
H5A DPV Z . 18.29 -33.97 -2.91
H6 DPV Z . 18.84 -35.39 -0.89
H6A DPV Z . 19.53 -34.64 0.57
H6B DPV Z . 20.55 -34.89 -0.87
H7 DPV Z . 17.47 -31.93 -0.82
H7A DPV Z . 17.78 -32.99 0.60
H7B DPV Z . 17.04 -33.67 -0.89
H8 DPV Z . 19.83 -31.22 -0.92
H8A DPV Z . 21.13 -32.46 -0.83
H8B DPV Z . 20.06 -32.18 0.58
H15 DPV Z . 22.00 -28.52 -1.88
H15A DPV Z . 23.72 -28.27 -2.14
H16 DPV Z . 22.62 -30.41 -0.22
H16A DPV Z . 24.29 -29.91 -0.41
H17 DPV Z . 23.61 -28.75 1.53
H17A DPV Z . 23.51 -27.52 0.29
H18 DPV Z . 21.01 -28.00 0.08
H18A DPV Z . 21.16 -29.16 1.42
H19 DPV Z . 21.85 -27.35 2.95
H19A DPV Z . 21.88 -26.18 1.63
H20 DPV Z . 19.41 -26.51 1.29
H20A DPV Z . 19.38 -27.67 2.62
H21 DPV Z . 20.20 -25.87 4.19
H21A DPV Z . 20.16 -24.71 2.86
H22 DPV Z . 17.67 -25.12 2.59
H22A DPV Z . 17.73 -26.24 3.96
H23 DPV Z . 16.96 -24.00 4.71
H23A DPV Z . 18.42 -23.25 4.06
H23B DPV Z . 18.52 -24.35 5.44
N DPV AA . 12.90 -35.31 -0.58
P DPV AA . 10.45 -31.84 -3.72
C1 DPV AA . 12.23 -30.23 -4.75
C2 DPV AA . 13.76 -30.02 -4.67
C3 DPV AA . 14.27 -28.70 -5.31
C4 DPV AA . 11.80 -33.44 -2.11
C5 DPV AA . 11.84 -34.94 -1.68
C6 DPV AA . 12.76 -34.44 0.68
C7 DPV AA . 14.33 -35.19 -1.13
C8 DPV AA . 12.67 -36.77 -0.18
C15 DPV AA . 13.93 -27.42 -4.51
C16 DPV AA . 14.74 -26.21 -5.04
C17 DPV AA . 14.29 -24.86 -4.40
C18 DPV AA . 15.25 -23.70 -4.78
C19 DPV AA . 14.70 -22.32 -4.30
O1P DPV AA . 9.50 -31.89 -4.85
C20 DPV AA . 15.74 -21.20 -4.56
C21 DPV AA . 15.28 -19.83 -3.98
C22 DPV AA . 16.37 -18.74 -4.16
C23 DPV AA . 15.90 -17.36 -3.64
O2P DPV AA . 9.96 -30.97 -2.62
O3P DPV AA . 11.95 -31.51 -4.17
O4P DPV AA . 10.90 -33.30 -3.22
H1 DPV AA . 11.71 -29.45 -4.20
H1A DPV AA . 11.89 -30.23 -5.79
H2 DPV AA . 14.07 -30.05 -3.62
H2A DPV AA . 14.25 -30.86 -5.17
H3 DPV AA . 13.87 -28.61 -6.31
H3A DPV AA . 15.35 -28.77 -5.40
H4 DPV AA . 11.44 -32.83 -1.27
H4A DPV AA . 12.80 -33.11 -2.41
H5 DPV AA . 10.85 -35.22 -1.29
H5A DPV AA . 12.05 -35.56 -2.56
H6 DPV AA . 12.98 -33.40 0.42
H6A DPV AA . 13.46 -34.80 1.43
H6B DPV AA . 11.73 -34.53 1.06
H7 DPV AA . 14.42 -35.81 -2.03
H7A DPV AA . 15.03 -35.53 -0.37
H7B DPV AA . 14.53 -34.14 -1.38
H8 DPV AA . 11.65 -36.87 0.22
H8A DPV AA . 13.40 -37.06 0.57
H8B DPV AA . 12.77 -37.40 -1.07
H15 DPV AA . 14.16 -27.56 -3.45
H15A DPV AA . 12.85 -27.21 -4.59
H16 DPV AA . 15.80 -26.36 -4.82
H16A DPV AA . 14.64 -26.14 -6.12
H17 DPV AA . 13.27 -24.63 -4.75
H17A DPV AA . 14.24 -24.96 -3.31
H18 DPV AA . 16.23 -23.89 -4.33
H18A DPV AA . 15.38 -23.68 -5.86
H19 DPV AA . 13.78 -22.09 -4.83
H19A DPV AA . 14.47 -22.37 -3.23
H20 DPV AA . 16.70 -21.47 -4.09
H20A DPV AA . 15.92 -21.10 -5.63
H21 DPV AA . 14.36 -19.52 -4.49
H21A DPV AA . 15.04 -19.94 -2.92
H22 DPV AA . 17.26 -19.04 -3.62
H22A DPV AA . 16.63 -18.66 -5.22
H23 DPV AA . 16.63 -16.59 -3.89
H23A DPV AA . 15.81 -17.38 -2.55
H23B DPV AA . 14.93 -17.08 -4.07
N DPV BA . 11.53 -35.36 -7.28
P DPV BA . 16.07 -33.71 -7.83
C1 DPV BA . 17.80 -32.16 -6.62
C2 DPV BA . 17.74 -30.82 -5.87
C3 DPV BA . 17.95 -29.58 -6.80
C4 DPV BA . 13.92 -34.46 -6.54
C5 DPV BA . 12.64 -34.24 -7.42
C6 DPV BA . 12.05 -36.72 -7.78
C7 DPV BA . 10.35 -34.95 -8.16
C8 DPV BA . 11.02 -35.49 -5.83
C15 DPV BA . 19.44 -29.15 -6.92
C16 DPV BA . 19.59 -27.82 -7.69
C17 DPV BA . 19.35 -26.57 -6.78
C18 DPV BA . 18.95 -25.33 -7.62
C19 DPV BA . 18.88 -24.04 -6.75
O1P DPV BA . 16.95 -34.82 -7.39
C20 DPV BA . 18.19 -22.86 -7.50
C21 DPV BA . 19.03 -22.29 -8.69
C22 DPV BA . 18.31 -21.09 -9.38
C23 DPV BA . 19.06 -20.66 -10.66
O2P DPV BA . 15.65 -33.85 -9.24
O3P DPV BA . 16.66 -32.26 -7.50
O4P DPV BA . 14.86 -33.41 -6.82
H1 DPV BA . 18.72 -32.24 -7.19
H1A DPV BA . 17.76 -32.97 -5.88
H2 DPV BA . 16.77 -30.73 -5.39
H2A DPV BA . 18.49 -30.81 -5.07
H3 DPV BA . 17.37 -28.75 -6.39
H3A DPV BA . 17.54 -29.79 -7.79
H4 DPV BA . 13.65 -34.42 -5.48
H4A DPV BA . 14.38 -35.43 -6.77
H5 DPV BA . 12.17 -33.29 -7.13
H5A DPV BA . 12.93 -34.20 -8.48
H6 DPV BA . 11.23 -37.44 -7.76
H6A DPV BA . 12.86 -37.06 -7.13
H6B DPV BA . 12.41 -36.61 -8.81
H7 DPV BA . 9.93 -34.01 -7.79
H7A DPV BA . 9.59 -35.74 -8.12
H7B DPV BA . 10.70 -34.82 -9.19
H8 DPV BA . 10.20 -36.20 -5.81
H8A DPV BA . 10.68 -34.50 -5.49
H8B DPV BA . 11.84 -35.84 -5.20
H15 DPV BA . 19.99 -29.94 -7.44
H15A DPV BA . 19.89 -29.06 -5.93
H16 DPV BA . 20.60 -27.76 -8.10
H16A DPV BA . 18.91 -27.80 -8.53
H17 DPV BA . 18.55 -26.78 -6.06
H17A DPV BA . 20.26 -26.36 -6.21
H18 DPV BA . 19.67 -25.20 -8.43
H18A DPV BA . 17.97 -25.52 -8.07
H19 DPV BA . 18.31 -24.25 -5.84
H19A DPV BA . 19.89 -23.75 -6.45
H20 DPV BA . 17.23 -23.20 -7.87
H20A DPV BA . 18.01 -22.05 -6.79
H21 DPV BA . 20.01 -21.97 -8.32
H21A DPV BA . 19.19 -23.08 -9.43
H22 DPV BA . 17.30 -21.38 -9.65
H22A DPV BA . 18.26 -20.25 -8.69
H23 DPV BA . 20.09 -20.40 -10.45
H23A DPV BA . 18.56 -19.79 -11.10
H23B DPV BA . 19.05 -21.46 -11.41
N DPV CA . 19.70 -24.48 -23.16
P DPV CA . 15.96 -21.80 -24.07
C1 DPV CA . 14.39 -23.42 -25.44
C2 DPV CA . 13.24 -22.59 -26.07
C3 DPV CA . 12.91 -23.09 -27.50
C4 DPV CA . 18.40 -22.61 -24.56
C5 DPV CA . 19.28 -23.91 -24.56
C6 DPV CA . 20.55 -25.73 -23.39
C7 DPV CA . 18.48 -24.91 -22.32
C8 DPV CA . 20.54 -23.47 -22.34
C15 DPV CA . 11.86 -22.20 -28.25
C16 DPV CA . 10.38 -22.45 -27.80
C17 DPV CA . 9.81 -21.28 -26.94
C18 DPV CA . 8.33 -21.53 -26.54
C19 DPV CA . 7.68 -20.34 -25.77
O1P DPV CA . 16.08 -21.16 -22.75
C20 DPV CA . 8.10 -20.28 -24.27
C21 DPV CA . 7.61 -18.96 -23.61
C22 DPV CA . 8.12 -18.81 -22.16
C23 DPV CA . 7.75 -17.43 -21.57
O2P DPV CA . 15.94 -20.80 -25.17
O3P DPV CA . 14.76 -22.85 -24.15
O4P DPV CA . 17.03 -22.97 -24.29
H1 DPV CA . 14.07 -24.45 -25.29
H1A DPV CA . 15.27 -23.41 -26.09
H2 DPV CA . 12.36 -22.66 -25.43
H2A DPV CA . 13.54 -21.54 -26.10
H3 DPV CA . 12.55 -24.12 -27.46
H3A DPV CA . 13.83 -23.10 -28.10
H4 DPV CA . 18.74 -21.91 -23.79
H4A DPV CA . 18.44 -22.13 -25.53
H5 DPV CA . 18.75 -24.71 -25.09
H5A DPV CA . 20.21 -23.71 -25.10
H6 DPV CA . 21.44 -25.45 -23.97
H6A DPV CA . 19.95 -26.46 -23.96
H6B DPV CA . 20.84 -26.16 -22.43
H7 DPV CA . 17.88 -24.01 -22.09
H7A DPV CA . 18.82 -25.38 -21.40
H7B DPV CA . 17.88 -25.61 -22.91
H8 DPV CA . 19.93 -22.60 -22.10
H8A DPV CA . 21.40 -23.16 -22.95
H8B DPV CA . 20.89 -23.95 -21.43
H15 DPV CA . 11.94 -22.43 -29.31
H15A DPV CA . 12.13 -21.14 -28.15
H16 DPV CA . 9.77 -22.56 -28.70
H16A DPV CA . 10.30 -23.39 -27.25
H17 DPV CA . 10.42 -21.16 -26.04
H17A DPV CA . 9.89 -20.35 -27.51
H18 DPV CA . 7.74 -21.70 -27.45
H18A DPV CA . 8.25 -22.45 -25.95
H19 DPV CA . 7.96 -19.41 -26.27
H19A DPV CA . 6.61 -20.43 -25.84
H20 DPV CA . 7.68 -21.13 -23.74
H20A DPV CA . 9.19 -20.34 -24.18
H21 DPV CA . 7.95 -18.11 -24.20
H21A DPV CA . 6.52 -18.94 -23.61
H22 DPV CA . 7.69 -19.60 -21.54
H22A DPV CA . 9.21 -18.93 -22.14
H23 DPV CA . 6.66 -17.30 -21.55
H23A DPV CA . 8.19 -16.63 -22.16
H23B DPV CA . 8.13 -17.37 -20.55
N DPV DA . -6.13 -7.43 -11.33
P DPV DA . -7.57 -11.40 -12.02
C1 DPV DA . -5.71 -13.16 -12.48
C2 DPV DA . -4.36 -13.33 -13.20
C3 DPV DA . -3.25 -12.45 -12.56
C4 DPV DA . -8.18 -8.88 -12.23
C5 DPV DA . -7.31 -7.57 -12.35
C6 DPV DA . -6.60 -7.49 -9.86
C7 DPV DA . -5.47 -6.06 -11.56
C8 DPV DA . -5.04 -8.50 -11.55
C15 DPV DA . -1.94 -12.52 -13.38
C16 DPV DA . -0.87 -11.56 -12.80
C17 DPV DA . 0.46 -11.62 -13.61
C18 DPV DA . 1.50 -10.61 -13.07
C19 DPV DA . 2.91 -10.79 -13.73
O1P DPV DA . -7.47 -11.34 -10.53
C20 DPV DA . 3.00 -10.19 -15.16
C21 DPV DA . 4.38 -10.49 -15.81
C22 DPV DA . 4.45 -9.97 -17.27
C23 DPV DA . 5.77 -10.35 -17.95
O2P DPV DA . -8.74 -12.18 -12.47
O3P DPV DA . -6.21 -11.83 -12.72
O4P DPV DA . -7.43 -9.99 -12.73
H1 DPV DA . -6.43 -13.90 -12.87
H1A DPV DA . -5.60 -13.32 -11.40
H2 DPV DA . -4.06 -14.36 -13.17
H2A DPV DA . -4.48 -13.04 -14.25
H3 DPV DA . -3.06 -12.78 -11.55
H3A DPV DA . -3.59 -11.41 -12.51
H4 DPV DA . -8.45 -9.05 -11.18
H4A DPV DA . -9.09 -8.77 -12.82
H5 DPV DA . -6.89 -7.51 -13.35
H5A DPV DA . -7.95 -6.70 -12.20
H6 DPV DA . -7.00 -8.48 -9.65
H6A DPV DA . -7.39 -6.73 -9.72
H6B DPV DA . -5.76 -7.27 -9.21
H7 DPV DA . -5.08 -6.02 -12.59
H7A DPV DA . -4.64 -5.93 -10.85
H7B DPV DA . -6.22 -5.28 -11.41
H8 DPV DA . -5.47 -9.49 -11.32
H8A DPV DA . -4.20 -8.30 -10.88
H8B DPV DA . -4.70 -8.47 -12.59
H15 DPV DA . -2.14 -12.24 -14.43
H15A DPV DA . -1.55 -13.55 -13.38
H16 DPV DA . -1.25 -10.53 -12.83
H16A DPV DA . -0.67 -11.81 -11.76
H17 DPV DA . 0.86 -12.64 -13.54
H17A DPV DA . 0.25 -11.42 -14.66
H18 DPV DA . 1.15 -9.59 -13.22
H18A DPV DA . 1.62 -10.75 -11.98
H19 DPV DA . 3.65 -10.30 -13.10
H19A DPV DA . 3.16 -11.85 -13.75
H20 DPV DA . 2.21 -10.62 -15.79
H20A DPV DA . 2.84 -9.11 -15.12
H21 DPV DA . 5.18 -10.03 -15.21
H21A DPV DA . 4.56 -11.57 -15.80
H22 DPV DA . 3.62 -10.38 -17.85
H22A DPV DA . 4.34 -8.88 -17.27
H23 DPV DA . 5.79 -9.98 -18.97
H23A DPV DA . 5.90 -11.43 -17.97
H23B DPV DA . 6.62 -9.91 -17.41
N DPV EA . -0.25 -1.80 -15.36
P DPV EA . 3.87 -1.40 -17.30
C1 DPV EA . 4.04 -3.52 -15.79
C2 DPV EA . 4.57 -3.98 -14.41
C3 DPV EA . 4.42 -5.52 -14.21
C4 DPV EA . 1.33 -0.79 -17.29
C5 DPV EA . 0.09 -0.60 -16.33
C6 DPV EA . 0.74 -1.88 -14.19
C7 DPV EA . -0.28 -3.16 -16.10
C8 DPV EA . -1.65 -1.55 -14.79
C15 DPV EA . 5.14 -5.99 -12.93
C16 DPV EA . 5.17 -7.54 -12.79
C17 DPV EA . 5.97 -8.00 -11.54
C18 DPV EA . 6.06 -9.54 -11.44
C19 DPV EA . 6.86 -10.03 -10.20
O1P DPV EA . 3.66 -2.31 -18.44
C20 DPV EA . 7.02 -11.59 -10.21
C21 DPV EA . 7.90 -12.11 -9.04
C22 DPV EA . 7.96 -13.67 -9.04
C23 DPV EA . 8.77 -14.22 -7.84
O2P DPV EA . 4.68 -0.22 -17.68
O3P DPV EA . 4.41 -2.13 -15.99
O4P DPV EA . 2.53 -1.01 -16.54
H1 DPV EA . 4.50 -4.11 -16.59
H1A DPV EA . 2.96 -3.63 -15.83
H2 DPV EA . 5.62 -3.69 -14.32
H2A DPV EA . 4.02 -3.46 -13.63
H3 DPV EA . 4.84 -6.04 -15.07
H3A DPV EA . 3.36 -5.78 -14.15
H4 DPV EA . 1.16 -1.66 -17.95
H4A DPV EA . 1.46 0.10 -17.91
H5 DPV EA . 0.27 0.28 -15.70
H5A DPV EA . -0.80 -0.42 -16.95
H6 DPV EA . 0.43 -2.68 -13.51
H6A DPV EA . 0.73 -0.92 -13.66
H6B DPV EA . 1.74 -2.07 -14.57
H7 DPV EA . -0.98 -3.09 -16.93
H7A DPV EA . -0.61 -3.94 -15.40
H7B DPV EA . 0.72 -3.39 -16.46
H8 DPV EA . -2.37 -1.51 -15.60
H8A DPV EA . -1.65 -0.60 -14.25
H8B DPV EA . -1.90 -2.36 -14.10
H15 DPV EA . 4.65 -5.56 -12.05
H15A DPV EA . 6.18 -5.62 -12.92
H16 DPV EA . 4.14 -7.91 -12.73
H16A DPV EA . 5.63 -7.98 -13.69
H17 DPV EA . 6.97 -7.58 -11.57
H17A DPV EA . 5.48 -7.61 -10.64
H18 DPV EA . 5.04 -9.97 -11.40
H18A DPV EA . 6.53 -9.93 -12.36
H19 DPV EA . 7.85 -9.57 -10.21
H19A DPV EA . 6.36 -9.72 -9.29
H20 DPV EA . 6.03 -12.04 -10.13
H20A DPV EA . 7.46 -11.91 -11.15
H21 DPV EA . 8.92 -11.70 -9.14
H21A DPV EA . 7.51 -11.76 -8.09
H22 DPV EA . 6.94 -14.07 -8.98
H22A DPV EA . 8.40 -14.03 -9.96
H23 DPV EA . 9.82 -13.92 -7.90
H23A DPV EA . 8.73 -15.31 -7.84
H23B DPV EA . 8.35 -13.86 -6.88
N DPV FA . 10.32 9.24 -6.28
P DPV FA . 11.00 5.23 -7.68
C1 DPV FA . 11.88 3.48 -9.45
C2 DPV FA . 11.33 2.14 -8.93
C3 DPV FA . 12.25 0.96 -9.29
C4 DPV FA . 9.56 7.42 -8.08
C5 DPV FA . 9.94 8.91 -7.77
C6 DPV FA . 9.13 9.01 -5.32
C7 DPV FA . 10.71 10.72 -6.22
C8 DPV FA . 11.52 8.41 -5.80
C15 DPV FA . 11.65 -0.40 -8.80
C16 DPV FA . 12.56 -1.59 -9.21
C17 DPV FA . 11.98 -2.97 -8.76
C18 DPV FA . 12.98 -4.12 -9.09
C19 DPV FA . 12.30 -5.51 -9.12
O1P DPV FA . 12.30 5.11 -7.02
C20 DPV FA . 13.30 -6.61 -9.56
C21 DPV FA . 12.62 -8.00 -9.73
C22 DPV FA . 13.66 -9.08 -10.18
C23 DPV FA . 12.98 -10.42 -10.51
O2P DPV FA . 9.90 4.79 -6.80
O3P DPV FA . 10.94 4.55 -9.13
O4P DPV FA . 10.77 6.67 -8.35
H1 DPV FA . 12.85 3.71 -8.99
H1A DPV FA . 12.00 3.45 -10.53
H2 DPV FA . 11.22 2.20 -7.84
H2A DPV FA . 10.34 1.97 -9.36
H3 DPV FA . 13.23 1.10 -8.83
H3A DPV FA . 12.38 0.92 -10.37
H4 DPV FA . 9.02 6.99 -7.24
H4A DPV FA . 8.93 7.37 -8.97
H5 DPV FA . 10.80 9.20 -8.40
H5A DPV FA . 9.10 9.55 -8.03
H6 DPV FA . 9.42 9.30 -4.32
H6A DPV FA . 8.87 7.94 -5.34
H6B DPV FA . 8.29 9.61 -5.67
H7 DPV FA . 11.57 10.89 -6.88
H7A DPV FA . 10.97 10.98 -5.18
H7B DPV FA . 9.85 11.32 -6.55
H8 DPV FA . 12.34 8.56 -6.50
H8A DPV FA . 11.24 7.35 -5.78
H8B DPV FA . 11.81 8.75 -4.80
H15 DPV FA . 10.66 -0.54 -9.23
H15A DPV FA . 11.54 -0.38 -7.71
H16 DPV FA . 12.68 -1.60 -10.30
H16A DPV FA . 13.55 -1.46 -8.78
H17 DPV FA . 11.78 -2.95 -7.68
H17A DPV FA . 11.03 -3.14 -9.26
H18 DPV FA . 13.43 -3.93 -10.06
H18A DPV FA . 13.78 -4.11 -8.35
H19 DPV FA . 11.90 -5.76 -8.12
H19A DPV FA . 11.44 -5.49 -9.80
H20 DPV FA . 13.75 -6.32 -10.51
H20A DPV FA . 14.10 -6.68 -8.83
H21 DPV FA . 12.15 -8.30 -8.79
H21A DPV FA . 11.82 -7.91 -10.48
H22 DPV FA . 14.19 -8.72 -11.06
H22A DPV FA . 14.39 -9.23 -9.39
H23 DPV FA . 13.73 -11.18 -10.76
H23A DPV FA . 12.31 -10.32 -11.37
H23B DPV FA . 12.40 -10.79 -9.66
N DPV GA . 12.75 9.93 -1.13
P DPV GA . 8.58 6.71 -1.56
C1 DPV GA . 8.31 4.13 -1.34
C2 DPV GA . 8.33 3.01 -0.26
C3 DPV GA . 7.27 1.88 -0.52
C4 DPV GA . 10.60 8.41 -1.51
C5 DPV GA . 11.58 9.09 -0.50
C6 DPV GA . 12.24 11.05 -2.07
C7 DPV GA . 13.72 9.03 -1.92
C8 DPV GA . 13.56 10.58 0.00
C15 DPV GA . 7.57 1.03 -1.79
C16 DPV GA . 6.52 -0.11 -1.98
C17 DPV GA . 6.64 -0.75 -3.39
C18 DPV GA . 5.62 -1.91 -3.57
C19 DPV GA . 5.77 -2.59 -4.96
O1P DPV GA . 7.27 7.25 -1.16
C20 DPV GA . 4.84 -3.85 -5.14
C21 DPV GA . 5.38 -5.09 -4.37
C22 DPV GA . 4.47 -6.33 -4.57
C23 DPV GA . 5.02 -7.55 -3.78
O2P DPV GA . 8.75 6.65 -3.02
O3P DPV GA . 8.93 5.33 -0.82
O4P DPV GA . 9.81 7.40 -0.80
H1 DPV GA . 8.85 3.80 -2.23
H1A DPV GA . 7.27 4.35 -1.61
H2 DPV GA . 9.33 2.58 -0.21
H2A DPV GA . 8.12 3.46 0.71
H3 DPV GA . 6.28 2.33 -0.60
H3A DPV GA . 7.25 1.22 0.35
H4 DPV GA . 9.92 9.15 -1.95
H4A DPV GA . 11.16 7.90 -2.31
H5 DPV GA . 11.02 9.76 0.15
H5A DPV GA . 12.05 8.33 0.12
H6 DPV GA . 11.57 11.71 -1.50
H6A DPV GA . 11.71 10.60 -2.91
H6B DPV GA . 13.10 11.63 -2.43
H7 DPV GA . 14.59 9.62 -2.23
H7A DPV GA . 13.21 8.62 -2.79
H7B DPV GA . 14.05 8.21 -1.26
H8 DPV GA . 13.95 9.79 0.65
H8A DPV GA . 12.89 11.24 0.57
H8B DPV GA . 14.38 11.15 -0.44
H15 DPV GA . 8.57 0.59 -1.71
H15A DPV GA . 7.56 1.68 -2.66
H16 DPV GA . 6.68 -0.86 -1.21
H16A DPV GA . 5.51 0.30 -1.85
H17 DPV GA . 6.45 0.01 -4.15
H17A DPV GA . 7.66 -1.13 -3.53
H18 DPV GA . 5.77 -2.64 -2.78
H18A DPV GA . 4.61 -1.52 -3.46
H19 DPV GA . 5.53 -1.87 -5.74
H19A DPV GA . 6.81 -2.89 -5.12
H20 DPV GA . 3.83 -3.60 -4.80
H20A DPV GA . 4.79 -4.08 -6.20
H21 DPV GA . 6.40 -5.33 -4.72
H21A DPV GA . 5.45 -4.87 -3.31
H22 DPV GA . 3.46 -6.10 -4.21
H22A DPV GA . 4.40 -6.59 -5.62
H23 DPV GA . 5.98 -7.86 -4.18
H23A DPV GA . 4.32 -8.39 -3.85
H23B DPV GA . 5.14 -7.30 -2.72
N DPV HA . -7.35 -10.27 6.86
P DPV HA . -3.32 -11.59 5.73
C1 DPV HA . -2.01 -13.22 4.14
C2 DPV HA . -1.06 -13.20 2.93
C3 DPV HA . -0.60 -14.63 2.56
C4 DPV HA . -5.76 -11.06 4.89
C5 DPV HA . -6.53 -11.43 6.22
C6 DPV HA . -8.42 -9.72 5.89
C7 DPV HA . -6.43 -9.11 7.32
C8 DPV HA . -8.07 -10.82 8.09
C15 DPV HA . 0.46 -14.60 1.41
C16 DPV HA . 1.04 -16.00 1.07
C17 DPV HA . 2.15 -16.47 2.09
C18 DPV HA . 3.32 -17.26 1.40
C19 DPV HA . 2.90 -18.68 0.90
O1P DPV HA . -3.26 -10.20 6.24
C20 DPV HA . 4.08 -19.39 0.18
C21 DPV HA . 3.74 -20.82 -0.31
C22 DPV HA . 2.93 -20.83 -1.65
C23 DPV HA . 2.63 -22.27 -2.11
O2P DPV HA . -3.16 -12.57 6.83
O3P DPV HA . -2.33 -11.85 4.50
O4P DPV HA . -4.58 -11.88 4.79
H1 DPV HA . -2.93 -13.75 3.90
H1A DPV HA . -1.52 -13.70 4.99
H2 DPV HA . -1.56 -12.72 2.08
H2A DPV HA . -0.19 -12.58 3.18
H3 DPV HA . -1.46 -15.22 2.24
H3A DPV HA . -0.17 -15.12 3.43
H4 DPV HA . -6.40 -11.25 4.04
H4A DPV HA . -5.45 -10.01 4.89
H5 DPV HA . -7.22 -12.25 6.02
H5A DPV HA . -5.80 -11.76 6.98
H6 DPV HA . -7.94 -9.28 5.02
H6A DPV HA . -9.02 -8.96 6.40
H6B DPV HA . -9.07 -10.55 5.58
H7 DPV HA . -7.03 -8.37 7.87
H7A DPV HA . -5.98 -8.64 6.45
H7B DPV HA . -5.65 -9.52 7.98
H8 DPV HA . -7.31 -11.16 8.80
H8A DPV HA . -8.70 -11.65 7.79
H8B DPV HA . -8.67 -10.02 8.55
H15 DPV HA . 1.27 -13.91 1.67
H15A DPV HA . -0.02 -14.19 0.50
H16 DPV HA . 0.25 -16.75 1.03
H16A DPV HA . 1.47 -15.94 0.07
H17 DPV HA . 2.59 -15.60 2.58
H17A DPV HA . 1.69 -17.09 2.86
H18 DPV HA . 3.70 -16.67 0.57
H18A DPV HA . 4.12 -17.36 2.13
H19 DPV HA . 2.59 -19.28 1.76
H19A DPV HA . 2.05 -18.60 0.22
H20 DPV HA . 4.43 -18.77 -0.66
H20A DPV HA . 4.91 -19.46 0.88
H21 DPV HA . 4.67 -21.37 -0.46
H21A DPV HA . 3.18 -21.35 0.46
H22 DPV HA . 2.00 -20.29 -1.52
H22A DPV HA . 3.51 -20.31 -2.43
H23 DPV HA . 2.07 -22.81 -1.35
H23A DPV HA . 3.55 -22.81 -2.33
H23B DPV HA . 2.03 -22.25 -3.02
N DPV IA . 5.93 2.81 8.97
P DPV IA . 10.38 0.26 7.85
C1 DPV IA . 10.85 -1.51 9.73
C2 DPV IA . 10.83 -1.64 11.27
C3 DPV IA . 11.29 -3.03 11.79
C4 DPV IA . 8.27 1.59 8.71
C5 DPV IA . 6.71 1.50 8.60
C6 DPV IA . 6.30 3.98 8.03
C7 DPV IA . 6.17 3.23 10.44
C8 DPV IA . 4.44 2.53 8.79
C15 DPV IA . 10.36 -4.21 11.34
C16 DPV IA . 10.58 -5.53 12.14
C17 DPV IA . 11.94 -6.20 11.84
C18 DPV IA . 12.03 -7.61 12.50
C19 DPV IA . 13.49 -8.14 12.49
O1P DPV IA . 10.68 -0.84 6.89
C20 DPV IA . 13.59 -9.52 13.20
C21 DPV IA . 15.06 -10.00 13.42
C22 DPV IA . 15.82 -10.28 12.09
C23 DPV IA . 17.17 -10.95 12.35
O2P DPV IA . 10.98 1.54 7.42
O3P DPV IA . 10.72 -0.12 9.38
O4P DPV IA . 8.82 0.36 8.22
H1 DPV IA . 11.79 -1.90 9.33
H1A DPV IA . 10.01 -2.07 9.30
H2 DPV IA . 11.49 -0.88 11.70
H2A DPV IA . 9.82 -1.43 11.64
H3 DPV IA . 11.32 -3.00 12.88
H3A DPV IA . 12.31 -3.23 11.45
H4 DPV IA . 8.65 2.42 8.10
H4A DPV IA . 8.57 1.73 9.75
H5 DPV IA . 6.44 1.26 7.56
H5A DPV IA . 6.34 0.71 9.24
H6 DPV IA . 5.67 4.84 8.29
H6A DPV IA . 6.12 3.68 7.01
H6B DPV IA . 7.35 4.24 8.18
H7 DPV IA . 7.21 3.48 10.58
H7A DPV IA . 5.89 2.40 11.09
H7B DPV IA . 5.54 4.10 10.65
H8 DPV IA . 3.87 3.43 9.06
H8A DPV IA . 4.15 1.70 9.46
H8B DPV IA . 4.25 2.25 7.76
H15 DPV IA . 10.49 -4.41 10.27
H15A DPV IA . 9.32 -3.91 11.47
H16 DPV IA . 10.51 -5.32 13.22
H16A DPV IA . 9.76 -6.22 11.89
H17 DPV IA . 12.08 -6.30 10.76
H17A DPV IA . 12.75 -5.57 12.22
H18 DPV IA . 11.67 -7.55 13.52
H18A DPV IA . 11.39 -8.30 11.96
H19 DPV IA . 13.84 -8.22 11.46
H19A DPV IA . 14.13 -7.43 13.00
H20 DPV IA . 13.10 -9.46 14.17
H20A DPV IA . 13.05 -10.28 12.61
H21 DPV IA . 15.61 -9.23 13.99
H21A DPV IA . 15.04 -10.90 14.02
H22 DPV IA . 15.21 -10.92 11.45
H22A DPV IA . 15.99 -9.34 11.55
H23 DPV IA . 17.80 -10.31 12.96
H23A DPV IA . 17.69 -11.16 11.41
H23B DPV IA . 17.03 -11.90 12.87
N DPV JA . 26.66 -4.57 9.67
P DPV JA . 22.49 -5.64 11.54
C1 DPV JA . 21.16 -5.64 9.26
C2 DPV JA . 22.02 -4.92 8.19
C3 DPV JA . 21.13 -4.04 7.27
C4 DPV JA . 24.88 -6.33 10.56
C5 DPV JA . 25.79 -5.08 10.88
C6 DPV JA . 27.65 -5.64 9.18
C7 DPV JA . 27.47 -3.35 10.14
C8 DPV JA . 25.77 -4.10 8.49
C15 DPV JA . 21.97 -3.37 6.15
C16 DPV JA . 21.12 -2.35 5.30
C17 DPV JA . 21.00 -0.96 5.99
C18 DPV JA . 19.83 -0.10 5.42
C19 DPV JA . 18.59 0.00 6.37
O1P DPV JA . 21.58 -5.94 12.66
C20 DPV JA . 17.74 -1.31 6.43
C21 DPV JA . 16.59 -1.19 7.47
C22 DPV JA . 15.76 -2.50 7.57
C23 DPV JA . 14.60 -2.36 8.57
O2P DPV JA . 22.71 -4.19 11.40
O3P DPV JA . 22.05 -6.36 10.17
O4P DPV JA . 23.85 -6.50 11.59
H1 DPV JA . 20.57 -4.92 9.84
H1A DPV JA . 20.49 -6.36 8.79
H2 DPV JA . 22.76 -4.29 8.69
H2A DPV JA . 22.56 -5.66 7.60
H3 DPV JA . 20.64 -3.27 7.88
H3A DPV JA . 20.36 -4.66 6.82
H4 DPV JA . 24.39 -6.23 9.59
H4A DPV JA . 25.49 -7.23 10.55
H5 DPV JA . 25.17 -4.25 11.19
H5A DPV JA . 26.48 -5.34 11.69
H6 DPV JA . 27.10 -6.48 8.77
H6A DPV JA . 28.27 -5.96 10.03
H6B DPV JA . 28.28 -5.20 8.39
H7 DPV JA . 26.77 -2.57 10.46
H7A DPV JA . 28.08 -3.00 9.31
H7B DPV JA . 28.10 -3.66 10.99
H8 DPV JA . 26.41 -3.65 7.73
H8A DPV JA . 25.05 -3.37 8.86
H8B DPV JA . 25.26 -4.97 8.06
H15 DPV JA . 22.36 -4.14 5.48
H15A DPV JA . 22.84 -2.85 6.58
H16 DPV JA . 21.59 -2.23 4.32
H16A DPV JA . 20.13 -2.78 5.12
H17 DPV JA . 20.88 -1.07 7.07
H17A DPV JA . 21.94 -0.41 5.85
H18 DPV JA . 20.21 0.91 5.25
H18A DPV JA . 19.52 -0.48 4.45
H19 DPV JA . 18.92 0.28 7.37
H19A DPV JA . 17.95 0.81 6.02
H20 DPV JA . 17.32 -1.52 5.45
H20A DPV JA . 18.38 -2.15 6.70
H21 DPV JA . 17.02 -0.97 8.46
H21A DPV JA . 15.94 -0.36 7.20
H22 DPV JA . 15.36 -2.75 6.59
H22A DPV JA . 16.41 -3.33 7.87
H23 DPV JA . 13.92 -1.56 8.27
H23A DPV JA . 14.98 -2.15 9.57
H23B DPV JA . 14.03 -3.30 8.62
N DPV KA . 30.83 -1.01 2.36
P DPV KA . 29.60 -4.14 5.71
C1 DPV KA . 31.25 -3.50 7.67
C2 DPV KA . 31.69 -4.88 8.20
C3 DPV KA . 31.65 -4.96 9.75
C4 DPV KA . 29.09 -2.27 3.93
C5 DPV KA . 29.51 -1.87 2.49
C6 DPV KA . 31.21 -0.99 0.89
C7 DPV KA . 32.03 -1.61 3.15
C8 DPV KA . 30.59 0.43 2.83
C15 DPV KA . 32.00 -6.39 10.25
C16 DPV KA . 31.54 -6.62 11.73
C17 DPV KA . 31.31 -8.14 12.07
C18 DPV KA . 29.82 -8.60 11.93
C19 DPV KA . 29.41 -8.96 10.47
O1P DPV KA . 28.45 -3.59 6.46
C20 DPV KA . 27.89 -9.26 10.34
C21 DPV KA . 27.52 -9.60 8.87
C22 DPV KA . 26.00 -9.47 8.59
C23 DPV KA . 25.65 -10.02 7.19
O2P DPV KA . 29.55 -5.61 5.62
O3P DPV KA . 31.02 -3.59 6.24
O4P DPV KA . 29.86 -3.43 4.31
H1 DPV KA . 30.32 -3.17 8.15
H1A DPV KA . 32.03 -2.76 7.85
H2 DPV KA . 31.03 -5.65 7.80
H2A DPV KA . 32.71 -5.10 7.85
H3 DPV KA . 30.65 -4.68 10.09
H3A DPV KA . 32.35 -4.23 10.18
H4 DPV KA . 29.27 -1.47 4.63
H4A DPV KA . 28.02 -2.54 3.94
H5 DPV KA . 29.67 -2.77 1.90
H5A DPV KA . 28.72 -1.29 2.02
H6 DPV KA . 30.41 -0.50 0.32
H6A DPV KA . 31.35 -2.01 0.54
H6B DPV KA . 32.14 -0.42 0.77
H7 DPV KA . 31.79 -1.60 4.22
H7A DPV KA . 32.91 -0.99 2.95
H7B DPV KA . 32.19 -2.64 2.80
H8 DPV KA . 29.73 0.84 2.29
H8A DPV KA . 31.48 1.03 2.61
H8B DPV KA . 30.40 0.43 3.90
H15 DPV KA . 33.07 -6.55 10.17
H15A DPV KA . 31.52 -7.12 9.60
H16 DPV KA . 32.31 -6.22 12.39
H16A DPV KA . 30.62 -6.06 11.94
H17 DPV KA . 31.97 -8.78 11.46
H17A DPV KA . 31.62 -8.29 13.12
H18 DPV KA . 29.68 -9.49 12.56
H18A DPV KA . 29.16 -7.82 12.33
H19 DPV KA . 29.65 -8.12 9.82
H19A DPV KA . 30.00 -9.81 10.13
H20 DPV KA . 27.62 -10.10 10.99
H20A DPV KA . 27.33 -8.39 10.68
H21 DPV KA . 28.05 -8.94 8.19
H21A DPV KA . 27.85 -10.61 8.65
H22 DPV KA . 25.43 -10.01 9.34
H22A DPV KA . 25.71 -8.41 8.64
H23 DPV KA . 24.58 -9.90 7.01
H23A DPV KA . 25.89 -11.08 7.12
H23B DPV KA . 26.19 -9.48 6.43
N DPV LA . 16.47 -27.29 11.62
P DPV LA . 13.81 -23.68 13.05
C1 DPV LA . 12.61 -21.38 12.81
C2 DPV LA . 12.88 -19.86 12.65
C3 DPV LA . 12.86 -19.42 11.16
C4 DPV LA . 16.02 -24.71 11.99
C5 DPV LA . 15.96 -26.16 12.58
C6 DPV LA . 16.33 -28.63 12.35
C7 DPV LA . 17.95 -27.10 11.25
C8 DPV LA . 15.62 -27.40 10.34
C15 DPV LA . 13.06 -17.90 11.00
C16 DPV LA . 12.70 -17.42 9.57
C17 DPV LA . 12.60 -15.87 9.47
C18 DPV LA . 11.92 -15.38 8.16
C19 DPV LA . 12.82 -15.55 6.90
O1P DPV LA . 13.09 -24.40 11.98
C20 DPV LA . 12.03 -15.27 5.59
C21 DPV LA . 12.91 -15.53 4.33
C22 DPV LA . 12.11 -15.48 3.01
C23 DPV LA . 11.90 -14.03 2.51
O2P DPV LA . 13.32 -24.05 14.39
O3P DPV LA . 13.87 -22.11 12.81
O4P DPV LA . 15.41 -23.76 12.91
H1 DPV LA . 12.12 -21.55 13.76
H1A DPV LA . 11.98 -21.75 12.00
H2 DPV LA . 12.11 -19.31 13.19
H2A DPV LA . 13.84 -19.60 13.09
H3 DPV LA . 11.89 -19.71 10.73
H3A DPV LA . 13.65 -19.95 10.61
H4 DPV LA . 17.07 -24.41 11.84
H4A DPV LA . 15.50 -24.65 11.04
H5 DPV LA . 16.55 -26.21 13.49
H5A DPV LA . 14.92 -26.40 12.83
H6 DPV LA . 15.28 -28.79 12.62
H6A DPV LA . 16.95 -28.60 13.25
H6B DPV LA . 16.66 -29.43 11.69
H7 DPV LA . 18.06 -26.18 10.67
H7A DPV LA . 18.28 -27.96 10.64
H7B DPV LA . 18.54 -27.05 12.17
H8 DPV LA . 15.74 -26.47 9.77
H8A DPV LA . 14.57 -27.54 10.62
H8B DPV LA . 15.97 -28.24 9.74
H15 DPV LA . 14.09 -17.63 11.23
H15A DPV LA . 12.43 -17.37 11.73
H16 DPV LA . 13.45 -17.79 8.87
H16A DPV LA . 11.74 -17.87 9.28
H17 DPV LA . 12.01 -15.49 10.32
H17A DPV LA . 13.60 -15.43 9.55
H18 DPV LA . 10.98 -15.91 8.02
H18A DPV LA . 11.67 -14.32 8.28
H19 DPV LA . 13.67 -14.87 6.96
H19A DPV LA . 13.21 -16.57 6.87
H20 DPV LA . 11.15 -15.92 5.55
H20A DPV LA . 11.68 -14.23 5.58
H21 DPV LA . 13.75 -14.82 4.30
H21A DPV LA . 13.36 -16.53 4.42
H22 DPV LA . 12.66 -16.02 2.25
H22A DPV LA . 11.14 -15.97 3.12
H23 DPV LA . 12.85 -13.58 2.26
H23A DPV LA . 11.40 -13.43 3.26
H23B DPV LA . 11.28 -14.04 1.60
N DPV MA . -3.32 -27.29 -10.57
P DPV MA . 1.37 -27.06 -11.33
C1 DPV MA . 2.93 -24.97 -11.55
C2 DPV MA . 3.28 -23.71 -10.71
C3 DPV MA . 4.59 -23.00 -11.17
C4 DPV MA . -0.80 -28.07 -10.27
C5 DPV MA . -2.15 -27.66 -9.60
C6 DPV MA . -4.52 -26.88 -9.71
C7 DPV MA . -3.74 -28.47 -11.46
C8 DPV MA . -2.96 -26.08 -11.46
C15 DPV MA . 4.86 -21.73 -10.28
C16 DPV MA . 6.27 -21.12 -10.52
C17 DPV MA . 6.53 -19.91 -9.56
C18 DPV MA . 8.03 -19.46 -9.55
C19 DPV MA . 8.38 -18.63 -8.27
O1P DPV MA . 2.28 -28.02 -10.69
C20 DPV MA . 9.82 -18.06 -8.31
C21 DPV MA . 10.28 -17.50 -6.92
C22 DPV MA . 11.56 -16.60 -7.04
C23 DPV MA . 11.88 -15.84 -5.72
O2P DPV MA . 1.19 -27.33 -12.78
O3P DPV MA . 1.71 -25.53 -11.00
O4P DPV MA . -0.02 -26.90 -10.55
H1 DPV MA . 2.75 -24.68 -12.59
H1A DPV MA . 3.73 -25.70 -11.49
H2 DPV MA . 2.45 -23.02 -10.74
H2A DPV MA . 3.39 -24.03 -9.67
H3 DPV MA . 4.49 -22.70 -12.21
H3A DPV MA . 5.43 -23.69 -11.09
H4 DPV MA . -0.22 -28.72 -9.59
H4A DPV MA . -0.97 -28.62 -11.20
H5 DPV MA . -2.50 -28.50 -8.99
H5A DPV MA . -1.97 -26.81 -8.93
H6 DPV MA . -5.35 -26.60 -10.38
H6A DPV MA . -4.25 -26.03 -9.09
H6B DPV MA . -4.81 -27.73 -9.09
H7 DPV MA . -3.97 -29.33 -10.83
H7A DPV MA . -2.92 -28.71 -12.14
H7B DPV MA . -4.62 -28.18 -12.04
H8 DPV MA . -3.82 -25.85 -12.10
H8A DPV MA . -2.09 -26.33 -12.08
H8B DPV MA . -2.73 -25.22 -10.83
H15 DPV MA . 4.77 -22.01 -9.23
H15A DPV MA . 4.09 -20.97 -10.49
H16 DPV MA . 7.02 -21.89 -10.35
H16A DPV MA . 6.37 -20.79 -11.55
H17 DPV MA . 5.90 -19.08 -9.85
H17A DPV MA . 6.23 -20.20 -8.54
H18 DPV MA . 8.68 -20.33 -9.60
H18A DPV MA . 8.22 -18.86 -10.45
H19 DPV MA . 7.67 -17.80 -8.18
H19A DPV MA . 8.26 -19.26 -7.39
H20 DPV MA . 10.52 -18.83 -8.64
H20A DPV MA . 9.85 -17.26 -9.05
H21 DPV MA . 9.48 -16.92 -6.47
H21A DPV MA . 10.50 -18.34 -6.24
H22 DPV MA . 12.42 -17.23 -7.31
H22A DPV MA . 11.42 -15.87 -7.85
H23 DPV MA . 12.08 -16.53 -4.92
H23A DPV MA . 11.04 -15.20 -5.44
H23B DPV MA . 12.76 -15.20 -5.87
N DPV NA . 5.06 -33.69 -12.55
P DPV NA . 4.68 -31.40 -8.19
C1 DPV NA . 6.11 -29.60 -6.98
C2 DPV NA . 7.56 -29.28 -6.57
C3 DPV NA . 8.29 -28.44 -7.64
C4 DPV NA . 5.84 -32.72 -10.20
C5 DPV NA . 4.80 -33.59 -11.00
C6 DPV NA . 4.89 -32.33 -13.24
C7 DPV NA . 4.01 -34.65 -13.13
C8 DPV NA . 6.45 -34.27 -12.88
C15 DPV NA . 9.66 -27.93 -7.14
C16 DPV NA . 10.39 -27.15 -8.26
C17 DPV NA . 11.65 -26.41 -7.75
C18 DPV NA . 12.15 -25.39 -8.82
C19 DPV NA . 13.22 -24.43 -8.24
O1P DPV NA . 3.99 -30.56 -9.19
C20 DPV NA . 13.42 -23.21 -9.17
C21 DPV NA . 14.47 -22.23 -8.57
C22 DPV NA . 14.29 -20.76 -9.06
C23 DPV NA . 13.13 -20.04 -8.36
O2P DPV NA . 3.79 -31.74 -7.05
O3P DPV NA . 6.09 -30.82 -7.74
O4P DPV NA . 5.43 -32.69 -8.80
H1 DPV NA . 5.49 -29.73 -6.10
H1A DPV NA . 5.69 -28.79 -7.60
H2 DPV NA . 7.54 -28.72 -5.63
H2A DPV NA . 8.10 -30.19 -6.38
H3 DPV NA . 7.68 -27.58 -7.91
H3A DPV NA . 8.42 -29.04 -8.53
H4 DPV NA . 6.83 -33.18 -10.24
H4A DPV NA . 5.88 -31.70 -10.58
H5 DPV NA . 4.81 -34.61 -10.60
H5A DPV NA . 3.80 -33.17 -10.87
H6 DPV NA . 5.65 -31.63 -12.85
H6A DPV NA . 3.89 -31.94 -13.02
H6B DPV NA . 5.02 -32.46 -14.32
H7 DPV NA . 4.13 -35.63 -12.67
H7A DPV NA . 4.17 -34.72 -14.21
H7B DPV NA . 3.01 -34.25 -12.93
H8 DPV NA . 6.55 -35.25 -12.40
H8A DPV NA . 7.22 -33.60 -12.49
H8B DPV NA . 6.55 -34.37 -13.97
H15 DPV NA . 10.28 -28.77 -6.81
H15A DPV NA . 9.51 -27.27 -6.28
H16 DPV NA . 10.67 -27.83 -9.06
H16A DPV NA . 9.70 -26.41 -8.67
H17 DPV NA . 11.41 -25.88 -6.82
H17A DPV NA . 12.44 -27.12 -7.52
H18 DPV NA . 12.56 -25.93 -9.67
H18A DPV NA . 11.30 -24.80 -9.18
H19 DPV NA . 12.89 -24.08 -7.25
H19A DPV NA . 14.16 -24.97 -8.11
H20 DPV NA . 13.77 -23.55 -10.15
H20A DPV NA . 12.47 -22.71 -9.31
H21 DPV NA . 14.42 -22.24 -7.48
H21A DPV NA . 15.46 -22.57 -8.85
H22 DPV NA . 15.22 -20.22 -8.87
H22A DPV NA . 14.13 -20.75 -10.15
H23 DPV NA . 13.32 -19.96 -7.29
H23A DPV NA . 12.19 -20.57 -8.51
H23B DPV NA . 13.01 -19.03 -8.77
N DPV OA . -6.61 -19.69 -8.26
P DPV OA . -5.06 -22.80 -11.52
C1 DPV OA . -3.47 -22.60 -13.60
C2 DPV OA . -2.88 -23.75 -14.46
C3 DPV OA . -2.06 -23.25 -15.68
C4 DPV OA . -5.62 -20.38 -10.62
C5 DPV OA . -5.62 -20.60 -9.07
C6 DPV OA . -6.53 -20.10 -6.78
C7 DPV OA . -8.08 -19.87 -8.70
C8 DPV OA . -6.22 -18.20 -8.36
C15 DPV OA . -2.93 -22.62 -16.82
C16 DPV OA . -2.07 -22.11 -18.02
C17 DPV OA . -1.33 -20.77 -17.71
C18 DPV OA . -0.21 -20.45 -18.74
C19 DPV OA . 0.75 -19.35 -18.19
O1P DPV OA . -5.24 -23.60 -10.28
C20 DPV OA . 2.02 -19.20 -19.07
C21 DPV OA . 3.03 -18.19 -18.44
C22 DPV OA . 4.40 -18.23 -19.17
C23 DPV OA . 5.43 -17.30 -18.49
O2P DPV OA . -6.23 -22.92 -12.41
O3P DPV OA . -3.67 -23.08 -12.25
O4P DPV OA . -4.65 -21.28 -11.23
H1 DPV OA . -2.78 -21.75 -13.57
H1A DPV OA . -4.43 -22.28 -14.02
H2 DPV OA . -2.22 -24.34 -13.83
H2A DPV OA . -3.69 -24.41 -14.79
H3 DPV OA . -1.51 -24.09 -16.09
H3A DPV OA . -1.32 -22.52 -15.34
H4 DPV OA . -6.61 -20.59 -11.05
H4A DPV OA . -5.33 -19.35 -10.85
H5 DPV OA . -5.90 -21.63 -8.85
H5A DPV OA . -4.62 -20.42 -8.67
H6 DPV OA . -7.19 -19.45 -6.20
H6A DPV OA . -5.50 -19.99 -6.45
H6B DPV OA . -6.85 -21.14 -6.70
H7 DPV OA . -8.73 -19.28 -8.06
H7A DPV OA . -8.34 -20.94 -8.62
H7B DPV OA . -8.19 -19.56 -9.75
H8 DPV OA . -5.19 -18.08 -8.02
H8A DPV OA . -6.89 -17.61 -7.74
H8B DPV OA . -6.30 -17.88 -9.41
H15 DPV OA . -3.53 -21.79 -16.43
H15A DPV OA . -3.64 -23.37 -17.20
H16 DPV OA . -1.33 -22.88 -18.29
H16A DPV OA . -2.71 -21.97 -18.89
H17 DPV OA . -2.06 -19.96 -17.70
H17A DPV OA . -0.89 -20.81 -16.71
H18 DPV OA . 0.37 -21.36 -18.94
H18A DPV OA . -0.65 -20.12 -19.68
H19 DPV OA . 0.22 -18.40 -18.12
H19A DPV OA . 1.06 -19.63 -17.18
H20 DPV OA . 2.50 -20.17 -19.18
H20A DPV OA . 1.74 -18.86 -20.08
H21 DPV OA . 2.61 -17.18 -18.49
H21A DPV OA . 3.17 -18.45 -17.39
H22 DPV OA . 4.79 -19.24 -19.18
H22A DPV OA . 4.27 -17.91 -20.21
H23 DPV OA . 6.41 -17.44 -18.93
H23A DPV OA . 5.51 -17.53 -17.42
H23B DPV OA . 5.15 -16.25 -18.59
N DPV PA . 5.36 -30.89 -2.69
P DPV PA . 0.48 -29.05 -3.11
C1 DPV PA . -0.08 -26.78 -1.87
C2 DPV PA . -1.53 -26.48 -2.31
C3 DPV PA . -1.60 -25.29 -3.31
C4 DPV PA . 2.86 -30.08 -2.87
C5 DPV PA . 4.29 -30.05 -3.49
C6 DPV PA . 5.53 -30.38 -1.24
C7 DPV PA . 6.71 -30.74 -3.39
C8 DPV PA . 5.00 -32.39 -2.68
C15 DPV PA . -3.03 -25.13 -3.90
C16 DPV PA . -3.13 -23.97 -4.94
C17 DPV PA . -2.48 -24.34 -6.31
C18 DPV PA . -2.45 -23.13 -7.28
C19 DPV PA . -1.65 -23.47 -8.55
O1P DPV PA . -0.47 -29.44 -4.18
C20 DPV PA . -1.54 -22.24 -9.49
C21 DPV PA . -0.64 -22.57 -10.71
C22 DPV PA . -0.43 -21.31 -11.58
C23 DPV PA . 0.42 -21.61 -12.83
O2P DPV PA . 0.20 -29.76 -1.84
O3P DPV PA . 0.65 -27.46 -2.95
O4P DPV PA . 2.01 -29.15 -3.57
H1 DPV PA . 0.44 -25.85 -1.63
H1A DPV PA . -0.08 -27.42 -0.99
H2 DPV PA . -1.97 -27.39 -2.76
H2A DPV PA . -2.13 -26.26 -1.43
H3 DPV PA . -0.89 -25.47 -4.11
H3A DPV PA . -1.30 -24.37 -2.80
H4 DPV PA . 2.44 -31.08 -2.93
H4A DPV PA . 2.91 -29.76 -1.83
H5 DPV PA . 4.26 -30.46 -4.50
H5A DPV PA . 4.66 -29.02 -3.54
H6 DPV PA . 4.58 -30.51 -0.70
H6A DPV PA . 5.81 -29.33 -1.25
H6B DPV PA . 6.31 -30.97 -0.75
H7 DPV PA . 6.63 -31.13 -4.40
H7A DPV PA . 7.47 -31.31 -2.84
H7B DPV PA . 6.98 -29.69 -3.41
H8 DPV PA . 4.05 -32.53 -2.15
H8A DPV PA . 5.80 -32.94 -2.17
H8B DPV PA . 4.90 -32.73 -3.71
H15 DPV PA . -3.74 -24.93 -3.10
H15A DPV PA . -3.35 -26.06 -4.38
H16 DPV PA . -4.18 -23.73 -5.10
H16A DPV PA . -2.65 -23.08 -4.53
H17 DPV PA . -1.46 -24.69 -6.15
H17A DPV PA . -3.05 -25.16 -6.77
H18 DPV PA . -3.47 -22.84 -7.54
H18A DPV PA . -1.99 -22.27 -6.77
H19 DPV PA . -0.65 -23.79 -8.27
H19A DPV PA . -2.13 -24.30 -9.08
H20 DPV PA . -2.53 -21.95 -9.83
H20A DPV PA . -1.12 -21.40 -8.94
H21 DPV PA . 0.32 -22.94 -10.37
H21A DPV PA . -1.12 -23.36 -11.31
H22 DPV PA . -1.39 -20.92 -11.91
H22A DPV PA . 0.07 -20.54 -11.00
H23 DPV PA . 0.46 -20.74 -13.48
H23A DPV PA . 0.00 -22.45 -13.40
H23B DPV PA . 1.44 -21.88 -12.54
N DPV QA . 26.69 -14.13 -20.69
P DPV QA . 24.42 -17.67 -18.50
C1 DPV QA . 23.18 -17.04 -16.27
C2 DPV QA . 21.86 -16.46 -15.76
C3 DPV QA . 20.77 -17.56 -15.57
C4 DPV QA . 25.47 -15.25 -18.64
C5 DPV QA . 26.71 -15.23 -19.59
C6 DPV QA . 26.48 -12.71 -20.12
C7 DPV QA . 25.60 -14.42 -21.74
C8 DPV QA . 28.05 -14.15 -21.40
C15 DPV QA . 19.52 -16.97 -14.89
C16 DPV QA . 18.48 -18.06 -14.50
C17 DPV QA . 17.29 -17.41 -13.76
C18 DPV QA . 16.30 -18.47 -13.17
C19 DPV QA . 15.45 -17.91 -12.00
O1P DPV QA . 24.26 -17.65 -19.96
C20 DPV QA . 16.26 -17.85 -10.67
C21 DPV QA . 15.49 -17.11 -9.53
C22 DPV QA . 16.33 -17.10 -8.23
C23 DPV QA . 15.50 -16.65 -7.01
O2P DPV QA . 24.78 -19.03 -18.02
O3P DPV QA . 23.18 -17.04 -17.72
O4P DPV QA . 25.42 -16.53 -17.95
H1 DPV QA . 24.01 -16.40 -15.92
H1A DPV QA . 23.34 -18.06 -15.91
H2 DPV QA . 22.04 -15.98 -14.79
H2A DPV QA . 21.50 -15.70 -16.44
H3 DPV QA . 21.18 -18.38 -14.96
H3A DPV QA . 20.51 -17.98 -16.55
H4 DPV QA . 25.55 -14.46 -17.89
H4A DPV QA . 24.54 -15.11 -19.20
H5 DPV QA . 27.61 -15.09 -18.99
H5A DPV QA . 26.79 -16.20 -20.10
H6 DPV QA . 26.57 -11.98 -20.93
H6A DPV QA . 27.25 -12.52 -19.36
H6B DPV QA . 25.48 -12.65 -19.68
H7 DPV QA . 25.75 -15.42 -22.15
H7A DPV QA . 25.66 -13.67 -22.54
H7B DPV QA . 24.61 -14.36 -21.26
H8 DPV QA . 28.22 -15.16 -21.81
H8A DPV QA . 28.83 -13.92 -20.67
H8B DPV QA . 28.05 -13.41 -22.21
H15 DPV QA . 19.06 -16.24 -15.55
H15A DPV QA . 19.83 -16.43 -13.97
H16 DPV QA . 18.13 -18.56 -15.41
H16A DPV QA . 18.95 -18.81 -13.87
H17 DPV QA . 17.68 -16.79 -12.94
H17A DPV QA . 16.75 -16.75 -14.44
H18 DPV QA . 15.63 -18.80 -13.98
H18A DPV QA . 16.85 -19.36 -12.83
H19 DPV QA . 15.08 -16.90 -12.25
H19A DPV QA . 14.58 -18.54 -11.86
H20 DPV QA . 16.49 -18.87 -10.35
H20A DPV QA . 17.21 -17.34 -10.83
H21 DPV QA . 15.27 -16.09 -9.83
H21A DPV QA . 14.54 -17.62 -9.35
H22 DPV QA . 16.74 -18.09 -8.02
H22A DPV QA . 17.17 -16.41 -8.35
H23 DPV QA . 14.84 -17.45 -6.68
H23A DPV QA . 14.90 -15.77 -7.25
H23B DPV QA . 16.18 -16.38 -6.20
N DPV RA . 18.67 -17.59 -24.87
P DPV RA . 17.88 -13.30 -25.88
C1 DPV RA . 16.12 -14.07 -27.68
C2 DPV RA . 15.55 -13.67 -29.05
C3 DPV RA . 14.88 -12.27 -29.03
C4 DPV RA . 19.64 -15.15 -25.36
C5 DPV RA . 19.79 -16.70 -25.54
C6 DPV RA . 19.05 -19.05 -25.11
C7 DPV RA . 17.29 -17.36 -25.52
C8 DPV RA . 18.57 -17.37 -23.35
C15 DPV RA . 14.03 -12.01 -30.31
C16 DPV RA . 13.43 -10.56 -30.40
C17 DPV RA . 12.33 -10.24 -29.32
C18 DPV RA . 12.88 -9.35 -28.17
C19 DPV RA . 11.81 -9.09 -27.09
O1P DPV RA . 16.86 -13.46 -24.83
C20 DPV RA . 12.35 -8.22 -25.92
C21 DPV RA . 11.29 -8.06 -24.80
C22 DPV RA . 11.88 -7.32 -23.56
C23 DPV RA . 10.93 -7.41 -22.34
O2P DPV RA . 18.81 -12.20 -25.59
O3P DPV RA . 17.27 -13.22 -27.37
O4P DPV RA . 18.62 -14.66 -26.27
H1 DPV RA . 15.37 -13.95 -26.91
H1A DPV RA . 16.45 -15.11 -27.71
H2 DPV RA . 16.35 -13.68 -29.80
H2A DPV RA . 14.82 -14.42 -29.35
H3 DPV RA . 15.66 -11.50 -28.94
H3A DPV RA . 14.24 -12.19 -28.15
H4 DPV RA . 19.35 -14.90 -24.34
H4A DPV RA . 20.58 -14.66 -25.60
H5 DPV RA . 19.81 -16.94 -26.60
H5A DPV RA . 20.74 -17.01 -25.10
H6 DPV RA . 20.03 -19.24 -24.65
H6A DPV RA . 19.11 -19.24 -26.19
H6B DPV RA . 18.29 -19.68 -24.66
H7 DPV RA . 16.57 -18.07 -25.10
H7A DPV RA . 17.38 -17.50 -26.60
H7B DPV RA . 16.97 -16.33 -25.30
H8 DPV RA . 17.85 -18.06 -22.93
H8A DPV RA . 18.25 -16.34 -23.17
H8B DPV RA . 19.56 -17.53 -22.91
H15 DPV RA . 13.22 -12.74 -30.35
H15A DPV RA . 14.65 -12.18 -31.19
H16 DPV RA . 14.24 -9.83 -30.34
H16A DPV RA . 12.98 -10.45 -31.39
H17 DPV RA . 11.52 -9.71 -29.82
H17A DPV RA . 11.92 -11.17 -28.92
H18 DPV RA . 13.74 -9.84 -27.70
H18A DPV RA . 13.23 -8.39 -28.58
H19 DPV RA . 10.94 -8.60 -27.53
H19A DPV RA . 11.46 -10.05 -26.69
H20 DPV RA . 13.25 -8.68 -25.52
H20A DPV RA . 12.62 -7.23 -26.31
H21 DPV RA . 10.43 -7.50 -25.17
H21A DPV RA . 10.94 -9.05 -24.50
H22 DPV RA . 12.84 -7.76 -23.29
H22A DPV RA . 12.06 -6.28 -23.81
H23 DPV RA . 10.78 -8.44 -22.04
H23A DPV RA . 9.97 -6.97 -22.58
H23B DPV RA . 11.36 -6.87 -21.49
N DPV SA . 25.84 3.65 -14.14
P DPV SA . 24.00 1.91 -17.86
C1 DPV SA . 22.52 0.78 -19.68
C2 DPV SA . 22.21 -0.59 -20.30
C3 DPV SA . 20.98 -1.30 -19.66
C4 DPV SA . 24.82 1.55 -15.38
C5 DPV SA . 25.88 2.70 -15.39
C6 DPV SA . 24.50 4.41 -14.04
C7 DPV SA . 26.94 4.70 -14.33
C8 DPV SA . 26.12 2.89 -12.83
C15 DPV SA . 21.36 -2.63 -18.94
C16 DPV SA . 20.12 -3.54 -18.66
C17 DPV SA . 19.22 -3.03 -17.50
C18 DPV SA . 17.97 -3.93 -17.30
C19 DPV SA . 17.15 -3.49 -16.06
O1P DPV SA . 23.05 2.92 -17.34
C20 DPV SA . 15.85 -4.32 -15.89
C21 DPV SA . 15.08 -3.90 -14.61
C22 DPV SA . 13.78 -4.70 -14.42
C23 DPV SA . 13.01 -4.26 -13.15
O2P DPV SA . 24.99 2.51 -18.78
O3P DPV SA . 23.28 0.62 -18.46
O4P DPV SA . 24.66 1.01 -16.71
H1 DPV SA . 23.12 1.37 -20.39
H1A DPV SA . 21.60 1.34 -19.47
H2 DPV SA . 21.99 -0.43 -21.37
H2A DPV SA . 23.10 -1.22 -20.26
H3 DPV SA . 20.25 -1.51 -20.45
H3A DPV SA . 20.48 -0.63 -18.95
H4 DPV SA . 25.15 0.75 -14.72
H4A DPV SA . 23.85 1.91 -15.04
H5 DPV SA . 26.89 2.27 -15.44
H5A DPV SA . 25.73 3.34 -16.26
H6 DPV SA . 24.56 5.14 -13.23
H6A DPV SA . 23.69 3.69 -13.84
H6B DPV SA . 24.32 4.92 -14.98
H7 DPV SA . 26.76 5.25 -15.25
H7A DPV SA . 27.91 4.19 -14.38
H7B DPV SA . 26.93 5.39 -13.48
H8 DPV SA . 27.08 2.35 -12.93
H8A DPV SA . 25.31 2.18 -12.64
H8B DPV SA . 26.20 3.61 -12.01
H15 DPV SA . 21.87 -2.42 -18.01
H15A DPV SA . 22.05 -3.20 -19.56
H16 DPV SA . 19.52 -3.64 -19.57
H16A DPV SA . 20.48 -4.55 -18.41
H17 DPV SA . 19.82 -3.02 -16.57
H17A DPV SA . 18.90 -2.01 -17.70
H18 DPV SA . 17.34 -3.88 -18.20
H18A DPV SA . 18.27 -4.97 -17.18
H19 DPV SA . 17.77 -3.60 -15.17
H19A DPV SA . 16.89 -2.43 -16.15
H20 DPV SA . 15.20 -4.18 -16.76
H20A DPV SA . 16.10 -5.39 -15.83
H21 DPV SA . 15.73 -4.04 -13.73
H21A DPV SA . 14.85 -2.83 -14.67
H22 DPV SA . 13.13 -4.57 -15.29
H22A DPV SA . 14.00 -5.77 -14.34
H23 DPV SA . 12.08 -4.81 -13.07
H23A DPV SA . 12.79 -3.19 -13.19
H23B DPV SA . 13.61 -4.46 -12.27
N DPV TA . 32.28 -6.12 -5.07
P DPV TA . 29.93 -5.26 -9.19
C1 DPV TA . 27.78 -6.76 -8.91
C2 DPV TA . 26.26 -6.56 -8.71
C3 DPV TA . 25.60 -7.80 -8.03
C4 DPV TA . 30.92 -4.66 -6.84
C5 DPV TA . 30.98 -5.94 -5.93
C6 DPV TA . 33.47 -6.54 -5.95
C7 DPV TA . 32.01 -7.24 -4.06
C8 DPV TA . 32.65 -4.84 -4.29
C15 DPV TA . 24.11 -7.53 -7.67
C16 DPV TA . 23.52 -8.69 -6.81
C17 DPV TA . 22.01 -8.44 -6.47
C18 DPV TA . 21.41 -9.65 -5.70
C19 DPV TA . 19.90 -9.42 -5.39
O1P DPV TA . 30.45 -4.22 -10.08
C20 DPV TA . 19.21 -10.69 -4.81
C21 DPV TA . 17.68 -10.49 -4.63
C22 DPV TA . 16.90 -11.79 -4.30
C23 DPV TA . 16.99 -12.21 -2.81
O2P DPV TA . 30.71 -6.52 -9.30
O3P DPV TA . 28.35 -5.48 -9.30
O4P DPV TA . 29.75 -4.77 -7.68
H1 DPV TA . 28.25 -7.08 -7.98
H1A DPV TA . 27.97 -7.49 -9.69
H2 DPV TA . 26.10 -5.67 -8.07
H2A DPV TA . 25.79 -6.37 -9.67
H3 DPV TA . 26.15 -8.07 -7.13
H3A DPV TA . 25.65 -8.64 -8.71
H4 DPV TA . 30.83 -3.76 -6.22
H4A DPV TA . 31.81 -4.59 -7.46
H5 DPV TA . 30.15 -5.90 -5.22
H5A DPV TA . 30.87 -6.83 -6.55
H6 DPV TA . 33.19 -7.45 -6.50
H6A DPV TA . 34.34 -6.73 -5.31
H6B DPV TA . 33.70 -5.73 -6.66
H7 DPV TA . 31.16 -6.94 -3.42
H7A DPV TA . 32.90 -7.40 -3.45
H7B DPV TA . 31.77 -8.16 -4.61
H8 DPV TA . 31.81 -4.53 -3.69
H8A DPV TA . 32.92 -4.04 -4.99
H8B DPV TA . 33.52 -5.05 -3.65
H15 DPV TA . 23.52 -7.40 -8.58
H15A DPV TA . 24.03 -6.59 -7.10
H16 DPV TA . 23.61 -9.62 -7.36
H16A DPV TA . 24.08 -8.78 -5.88
H17 DPV TA . 21.93 -7.54 -5.87
H17A DPV TA . 21.45 -8.29 -7.40
H18 DPV TA . 21.53 -10.56 -6.29
H18A DPV TA . 21.95 -9.78 -4.75
H19 DPV TA . 19.77 -8.59 -4.70
H19A DPV TA . 19.39 -9.16 -6.33
H20 DPV TA . 19.40 -11.54 -5.47
H20A DPV TA . 19.67 -10.94 -3.83
H21 DPV TA . 17.50 -9.74 -3.86
H21A DPV TA . 17.28 -10.08 -5.56
H22 DPV TA . 15.85 -11.65 -4.54
H22A DPV TA . 17.26 -12.61 -4.93
H23 DPV TA . 18.03 -12.37 -2.52
H23A DPV TA . 16.45 -13.14 -2.66
H23B DPV TA . 16.56 -11.44 -2.17
N DPV UA . 33.07 -15.39 -5.33
P DPV UA . 32.36 -14.96 -0.57
C1 DPV UA . 30.69 -12.96 -0.12
C2 DPV UA . 29.43 -13.58 0.52
C3 DPV UA . 28.15 -13.28 -0.32
C4 DPV UA . 32.56 -14.06 -3.08
C5 DPV UA . 33.00 -15.40 -3.76
C6 DPV UA . 34.21 -14.49 -5.83
C7 DPV UA . 31.74 -14.91 -5.97
C8 DPV UA . 33.35 -16.80 -5.83
C15 DPV UA . 26.86 -14.00 0.18
C16 DPV UA . 26.83 -15.57 -0.03
C17 DPV UA . 26.49 -16.05 -1.47
C18 DPV UA . 27.73 -16.17 -2.42
C19 DPV UA . 27.44 -17.09 -3.63
O1P DPV UA . 31.24 -15.79 -1.06
C20 DPV UA . 28.59 -17.05 -4.67
C21 DPV UA . 28.32 -18.02 -5.86
C22 DPV UA . 29.47 -17.99 -6.90
C23 DPV UA . 29.12 -18.82 -8.15
O2P DPV UA . 33.36 -15.78 0.14
O3P DPV UA . 31.88 -13.67 0.29
O4P DPV UA . 33.01 -14.01 -1.69
H1 DPV UA . 30.62 -13.00 -1.22
H1A DPV UA . 30.78 -11.91 0.18
H2 DPV UA . 29.56 -14.66 0.60
H2A DPV UA . 29.31 -13.20 1.53
H3 DPV UA . 28.33 -13.54 -1.38
H3A DPV UA . 27.96 -12.21 -0.30
H4 DPV UA . 33.00 -13.21 -3.61
H4A DPV UA . 31.47 -13.96 -3.11
H5 DPV UA . 34.00 -15.68 -3.41
H5A DPV UA . 32.31 -16.20 -3.47
H6 DPV UA . 35.14 -14.83 -5.38
H6A DPV UA . 34.00 -13.45 -5.54
H6B DPV UA . 34.27 -14.56 -6.91
H7 DPV UA . 30.92 -15.52 -5.57
H7A DPV UA . 31.81 -15.03 -7.05
H7B DPV UA . 31.58 -13.86 -5.71
H8 DPV UA . 33.42 -16.80 -6.92
H8A DPV UA . 32.53 -17.46 -5.51
H8B DPV UA . 34.29 -17.15 -5.40
H15 DPV UA . 25.98 -13.57 -0.30
H15A DPV UA . 26.75 -13.80 1.26
H16 DPV UA . 27.77 -16.01 0.31
H16A DPV UA . 26.07 -15.96 0.64
H17 DPV UA . 26.02 -17.03 -1.38
H17A DPV UA . 25.74 -15.38 -1.92
H18 DPV UA . 28.01 -15.18 -2.76
H18A DPV UA . 28.58 -16.58 -1.86
H19 DPV UA . 27.31 -18.12 -3.28
H19A DPV UA . 26.51 -16.79 -4.11
H20 DPV UA . 28.69 -16.03 -5.05
H20A DPV UA . 29.53 -17.32 -4.19
H21 DPV UA . 28.20 -19.03 -5.47
H21A DPV UA . 27.38 -17.74 -6.34
H22 DPV UA . 29.66 -16.96 -7.21
H22A DPV UA . 30.39 -18.37 -6.45
H23 DPV UA . 28.92 -19.86 -7.89
H23A DPV UA . 29.95 -18.81 -8.86
H23B DPV UA . 28.24 -18.42 -8.66
N DPV VA . 37.06 -10.84 -6.43
P DPV VA . 33.59 -12.68 -9.15
C1 DPV VA . 33.59 -15.19 -9.82
C2 DPV VA . 34.57 -16.34 -10.12
C3 DPV VA . 33.90 -17.54 -10.85
C4 DPV VA . 34.63 -10.89 -7.57
C5 DPV VA . 35.50 -10.74 -6.26
C6 DPV VA . 37.50 -12.29 -6.71
C7 DPV VA . 37.71 -10.41 -5.11
C8 DPV VA . 37.60 -9.91 -7.54
C15 DPV VA . 33.20 -18.57 -9.91
C16 DPV VA . 34.22 -19.46 -9.12
C17 DPV VA . 33.62 -20.83 -8.67
C18 DPV VA . 32.61 -20.72 -7.49
C19 DPV VA . 32.03 -22.11 -7.13
O1P DPV VA . 32.25 -12.80 -8.55
C20 DPV VA . 30.88 -22.01 -6.07
C21 DPV VA . 30.33 -23.42 -5.71
C22 DPV VA . 29.10 -23.36 -4.75
C23 DPV VA . 27.76 -23.16 -5.51
O2P DPV VA . 33.58 -11.88 -10.38
O3P DPV VA . 34.33 -14.07 -9.30
O4P DPV VA . 34.70 -12.23 -8.10
H1 DPV VA . 33.07 -14.89 -10.74
H1A DPV VA . 32.85 -15.51 -9.07
H2 DPV VA . 35.36 -15.93 -10.76
H2A DPV VA . 35.05 -16.66 -9.20
H3 DPV VA . 34.67 -18.06 -11.44
H3A DPV VA . 33.18 -17.16 -11.58
H4 DPV VA . 33.59 -10.66 -7.34
H4A DPV VA . 34.98 -10.18 -8.34
H5 DPV VA . 35.31 -9.75 -5.83
H5A DPV VA . 35.19 -11.49 -5.54
H6 DPV VA . 37.07 -12.61 -7.66
H6A DPV VA . 37.13 -12.93 -5.91
H6B DPV VA . 38.59 -12.33 -6.76
H7 DPV VA . 37.47 -9.35 -4.92
H7A DPV VA . 38.79 -10.54 -5.17
H7B DPV VA . 37.30 -11.02 -4.30
H8 DPV VA . 37.24 -8.90 -7.35
H8A DPV VA . 37.24 -10.27 -8.51
H8B DPV VA . 38.70 -9.93 -7.51
H15 DPV VA . 32.57 -19.21 -10.53
H15A DPV VA . 32.54 -18.05 -9.21
H16 DPV VA . 35.09 -19.66 -9.75
H16A DPV VA . 34.59 -18.90 -8.24
H17 DPV VA . 33.15 -21.31 -9.52
H17A DPV VA . 34.45 -21.47 -8.36
H18 DPV VA . 33.10 -20.28 -6.61
H18A DPV VA . 31.80 -20.05 -7.77
H19 DPV VA . 31.64 -22.60 -8.03
H19A DPV VA . 32.83 -22.75 -6.73
H20 DPV VA . 31.25 -21.53 -5.17
H20A DPV VA . 30.07 -21.40 -6.48
H21 DPV VA . 30.07 -23.97 -6.61
H21A DPV VA . 31.13 -23.99 -5.22
H22 DPV VA . 29.05 -24.28 -4.18
H22A DPV VA . 29.23 -22.55 -4.02
H23 DPV VA . 26.93 -23.16 -4.81
H23A DPV VA . 27.61 -23.97 -6.22
H23B DPV VA . 27.75 -22.21 -6.05
N DPV WA . 36.18 -6.25 -0.84
P DPV WA . 34.21 -10.10 -2.15
C1 DPV WA . 35.81 -12.17 -1.94
C2 DPV WA . 36.39 -13.30 -2.81
C3 DPV WA . 36.59 -14.60 -1.99
C4 DPV WA . 35.82 -8.08 -2.71
C5 DPV WA . 35.19 -6.94 -1.84
C6 DPV WA . 37.37 -5.61 -1.59
C7 DPV WA . 36.70 -7.24 0.22
C8 DPV WA . 35.43 -5.12 -0.11
C15 DPV WA . 36.98 -15.82 -2.88
C16 DPV WA . 37.17 -17.15 -2.06
C17 DPV WA . 35.86 -17.78 -1.51
C18 DPV WA . 35.04 -18.57 -2.59
C19 DPV WA . 33.58 -18.85 -2.10
O1P DPV WA . 34.50 -9.82 -0.72
C20 DPV WA . 32.74 -19.60 -3.17
C21 DPV WA . 31.20 -19.45 -2.93
C22 DPV WA . 30.66 -20.40 -1.83
C23 DPV WA . 29.12 -20.30 -1.70
O2P DPV WA . 32.79 -10.41 -2.36
O3P DPV WA . 35.21 -11.18 -2.81
O4P DPV WA . 34.77 -8.98 -3.15
H1 DPV WA . 35.02 -12.57 -1.28
H1A DPV WA . 36.59 -11.70 -1.34
H2 DPV WA . 35.72 -13.49 -3.65
H2A DPV WA . 37.35 -12.98 -3.23
H3 DPV WA . 35.66 -14.83 -1.46
H3A DPV WA . 37.36 -14.44 -1.23
H4 DPV WA . 36.31 -7.66 -3.59
H4A DPV WA . 36.54 -8.66 -2.13
H5 DPV WA . 34.79 -6.16 -2.49
H5A DPV WA . 34.37 -7.33 -1.24
H6 DPV WA . 36.99 -4.92 -2.35
H6A DPV WA . 37.97 -6.40 -2.05
H6B DPV WA . 37.98 -5.05 -0.87
H7 DPV WA . 37.30 -6.70 0.95
H7A DPV WA . 37.33 -7.99 -0.27
H7B DPV WA . 35.85 -7.73 0.70
H8 DPV WA . 34.57 -5.55 0.42
H8A DPV WA . 35.08 -4.39 -0.84
H8B DPV WA . 36.11 -4.65 0.60
H15 DPV WA . 37.92 -15.59 -3.40
H15A DPV WA . 36.22 -15.98 -3.66
H16 DPV WA . 37.69 -17.88 -2.69
H16A DPV WA . 37.84 -16.94 -1.22
H17 DPV WA . 36.11 -18.47 -0.70
H17A DPV WA . 35.23 -17.01 -1.07
H18 DPV WA . 35.00 -17.99 -3.51
H18A DPV WA . 35.54 -19.51 -2.81
H19 DPV WA . 33.61 -19.43 -1.19
H19A DPV WA . 33.11 -17.89 -1.87
H20 DPV WA . 32.97 -19.20 -4.15
H20A DPV WA . 33.02 -20.66 -3.18
H21 DPV WA . 30.96 -18.42 -2.69
H21A DPV WA . 30.69 -19.67 -3.87
H22 DPV WA . 30.93 -21.43 -2.05
H22A DPV WA . 31.11 -20.14 -0.86
H23 DPV WA . 28.65 -20.58 -2.64
H23A DPV WA . 28.82 -19.28 -1.43
H23B DPV WA . 28.77 -20.98 -0.92
N DPV XA . 19.06 -31.13 -11.08
P DPV XA . 23.41 -30.03 -9.49
C1 DPV XA . 24.05 -27.59 -8.83
C2 DPV XA . 23.50 -26.40 -8.02
C3 DPV XA . 23.45 -26.72 -6.50
C4 DPV XA . 21.48 -31.66 -10.10
C5 DPV XA . 19.93 -31.81 -9.96
C6 DPV XA . 19.35 -31.75 -12.45
C7 DPV XA . 19.27 -29.61 -11.15
C8 DPV XA . 17.59 -31.40 -10.74
C15 DPV XA . 23.17 -25.47 -5.61
C16 DPV XA . 23.24 -25.87 -4.10
C17 DPV XA . 22.98 -24.69 -3.12
C18 DPV XA . 21.47 -24.33 -2.91
C19 DPV XA . 20.66 -25.40 -2.09
O1P DPV XA . 24.07 -30.85 -8.45
C20 DPV XA . 19.67 -26.20 -2.99
C21 DPV XA . 19.04 -27.41 -2.24
C22 DPV XA . 17.97 -28.11 -3.12
C23 DPV XA . 17.40 -29.37 -2.43
O2P DPV XA . 24.15 -30.04 -10.78
O3P DPV XA . 23.00 -28.57 -8.99
O4P DPV XA . 21.86 -30.34 -9.66
H1 DPV XA . 24.36 -27.24 -9.83
H1A DPV XA . 24.90 -28.04 -8.32
H2 DPV XA . 24.13 -25.53 -8.18
H2A DPV XA . 22.50 -26.14 -8.37
H3 DPV XA . 24.40 -27.15 -6.21
H3A DPV XA . 22.66 -27.46 -6.33
H4 DPV XA . 21.98 -32.40 -9.47
H4A DPV XA . 21.79 -31.79 -11.14
H5 DPV XA . 19.68 -32.87 -9.95
H5A DPV XA . 19.61 -31.38 -9.00
H6 DPV XA . 20.37 -31.51 -12.75
H6A DPV XA . 18.63 -31.33 -13.17
H6B DPV XA . 19.22 -32.83 -12.38
H7 DPV XA . 19.06 -29.18 -10.17
H7A DPV XA . 18.58 -29.19 -11.90
H7B DPV XA . 20.30 -29.40 -11.43
H8 DPV XA . 17.37 -30.96 -9.75
H8A DPV XA . 17.43 -32.48 -10.70
H8B DPV XA . 16.96 -30.95 -11.50
H15 DPV XA . 22.18 -25.06 -5.85
H15A DPV XA . 23.91 -24.69 -5.83
H16 DPV XA . 22.54 -26.67 -3.91
H16A DPV XA . 24.25 -26.26 -3.89
H17 DPV XA . 23.41 -24.94 -2.15
H17A DPV XA . 23.51 -23.80 -3.46
H18 DPV XA . 21.42 -23.39 -2.37
H18A DPV XA . 20.98 -24.14 -3.88
H19 DPV XA . 21.35 -26.08 -1.59
H19A DPV XA . 20.10 -24.89 -1.30
H20 DPV XA . 18.88 -25.52 -3.34
H20A DPV XA . 20.20 -26.57 -3.87
H21 DPV XA . 19.82 -28.12 -1.98
H21A DPV XA . 18.58 -27.06 -1.30
H22 DPV XA . 17.16 -27.42 -3.33
H22A DPV XA . 18.42 -28.39 -4.07
H23 DPV XA . 16.63 -29.82 -3.06
H23A DPV XA . 16.95 -29.11 -1.48
H23B DPV XA . 18.18 -30.10 -2.27
N DPV YA . 18.51 -30.54 -18.66
P DPV YA . 16.03 -31.91 -14.78
C1 DPV YA . 14.83 -33.72 -16.26
C2 DPV YA . 13.70 -33.86 -17.31
C3 DPV YA . 13.82 -32.82 -18.46
C4 DPV YA . 18.16 -31.02 -16.05
C5 DPV YA . 18.97 -31.32 -17.37
C6 DPV YA . 19.45 -30.93 -19.80
C7 DPV YA . 18.58 -29.02 -18.48
C8 DPV YA . 17.08 -30.94 -19.09
C15 DPV YA . 12.61 -32.92 -19.45
C16 DPV YA . 12.39 -31.60 -20.27
C17 DPV YA . 11.59 -30.54 -19.43
C18 DPV YA . 11.42 -29.19 -20.19
C19 DPV YA . 10.81 -28.08 -19.27
O1P DPV YA . 16.59 -32.98 -13.93
C20 DPV YA . 11.90 -27.43 -18.35
C21 DPV YA . 11.28 -26.67 -17.14
C22 DPV YA . 12.38 -26.35 -16.10
C23 DPV YA . 11.81 -25.61 -14.87
O2P DPV YA . 15.76 -30.67 -14.02
O3P DPV YA . 14.80 -32.38 -15.67
O4P DPV YA . 16.87 -31.66 -16.12
H1 DPV YA . 14.71 -34.46 -15.46
H1A DPV YA . 15.80 -33.87 -16.74
H2 DPV YA . 13.72 -34.87 -17.72
H2A DPV YA . 12.74 -33.74 -16.80
H3 DPV YA . 14.75 -33.00 -19.02
H3A DPV YA . 13.88 -31.82 -18.04
H4 DPV YA . 18.71 -31.45 -15.21
H4A DPV YA . 18.04 -29.95 -15.89
H5 DPV YA . 20.02 -31.05 -17.21
H5A DPV YA . 18.91 -32.39 -17.60
H6 DPV YA . 19.36 -32.01 -19.98
H6A DPV YA . 20.48 -30.69 -19.51
H6B DPV YA . 19.17 -30.38 -20.71
H7 DPV YA . 19.60 -28.75 -18.20
H7A DPV YA . 17.88 -28.72 -17.71
H7B DPV YA . 18.31 -28.54 -19.44
H8 DPV YA . 16.38 -30.64 -18.31
H8A DPV YA . 17.04 -32.01 -19.24
H8B DPV YA . 16.83 -30.42 -20.02
H15 DPV YA . 11.70 -33.17 -18.90
H15A DPV YA . 12.80 -33.73 -20.15
H16 DPV YA . 13.35 -31.19 -20.59
H16A DPV YA . 11.82 -31.84 -21.17
H17 DPV YA . 10.61 -30.95 -19.18
H17A DPV YA . 12.12 -30.36 -18.50
H18 DPV YA . 12.38 -28.86 -20.61
H18A DPV YA . 10.75 -29.35 -21.04
H19 DPV YA . 10.37 -27.29 -19.89
H19A DPV YA . 10.00 -28.51 -18.67
H20 DPV YA . 12.55 -28.23 -17.96
H20A DPV YA . 12.53 -26.76 -18.94
H21 DPV YA . 10.83 -25.75 -17.50
H21A DPV YA . 10.50 -27.27 -16.68
H22 DPV YA . 12.85 -27.27 -15.75
H22A DPV YA . 13.17 -25.73 -16.54
H23 DPV YA . 11.00 -26.20 -14.41
H23A DPV YA . 11.41 -24.64 -15.16
H23B DPV YA . 12.59 -25.45 -14.13
N DPV ZA . -6.25 -0.63 -9.71
P DPV ZA . -5.98 -2.83 -6.00
C1 DPV ZA . -5.90 -4.35 -3.87
C2 DPV ZA . -5.13 -5.56 -3.29
C3 DPV ZA . -5.46 -6.89 -4.02
C4 DPV ZA . -5.68 -2.97 -8.62
C5 DPV ZA . -5.21 -1.51 -8.93
C6 DPV ZA . -6.62 -1.25 -11.08
C7 DPV ZA . -5.60 0.74 -9.98
C8 DPV ZA . -7.53 -0.39 -8.89
C15 DPV ZA . -4.44 -8.04 -3.72
C16 DPV ZA . -3.12 -7.85 -4.52
C17 DPV ZA . -2.07 -8.97 -4.24
C18 DPV ZA . -0.80 -8.71 -5.09
C19 DPV ZA . 0.34 -9.73 -4.81
O1P DPV ZA . -5.44 -1.56 -5.47
C20 DPV ZA . 1.55 -9.43 -5.73
C21 DPV ZA . 2.73 -10.43 -5.51
C22 DPV ZA . 3.90 -10.13 -6.49
C23 DPV ZA . 5.13 -11.02 -6.21
O2P DPV ZA . -7.46 -2.79 -6.15
O3P DPV ZA . -5.46 -4.12 -5.24
O4P DPV ZA . -5.22 -3.36 -7.31
H1 DPV ZA . -6.98 -4.55 -3.87
H1A DPV ZA . -5.69 -3.46 -3.28
H2 DPV ZA . -4.07 -5.34 -3.35
H2A DPV ZA . -5.38 -5.65 -2.23
H3 DPV ZA . -5.50 -6.73 -5.11
H3A DPV ZA . -6.46 -7.22 -3.73
H4 DPV ZA . -6.76 -3.06 -8.65
H4A DPV ZA . -5.24 -3.66 -9.35
H5 DPV ZA . -5.00 -0.99 -8.00
H5A DPV ZA . -4.28 -1.53 -9.53
H6 DPV ZA . -7.28 -0.56 -11.62
H6A DPV ZA . -7.13 -2.21 -10.91
H6B DPV ZA . -5.69 -1.41 -11.65
H7 DPV ZA . -5.36 1.21 -9.02
H7A DPV ZA . -6.30 1.37 -10.54
H7B DPV ZA . -4.69 0.59 -10.57
H8 DPV ZA . -7.24 0.04 -7.92
H8A DPV ZA . -8.04 -1.34 -8.74
H8B DPV ZA . -8.18 0.30 -9.42
H15 DPV ZA . -4.89 -9.00 -3.99
H15A DPV ZA . -4.23 -8.07 -2.64
H16 DPV ZA . -3.35 -7.82 -5.58
H16A DPV ZA . -2.67 -6.89 -4.26
H17 DPV ZA . -1.81 -8.98 -3.18
H17A DPV ZA . -2.50 -9.94 -4.49
H18 DPV ZA . -1.08 -8.76 -6.15
H18A DPV ZA . -0.43 -7.70 -4.89
H19 DPV ZA . 0.63 -9.67 -3.76
H19A DPV ZA . -0.02 -10.74 -5.00
H20 DPV ZA . 1.25 -9.46 -6.78
H20A DPV ZA . 1.92 -8.41 -5.52
H21 DPV ZA . 3.07 -10.37 -4.48
H21A DPV ZA . 2.36 -11.45 -5.68
H22 DPV ZA . 3.57 -10.27 -7.52
H22A DPV ZA . 4.21 -9.08 -6.38
H23 DPV ZA . 5.94 -10.75 -6.87
H23A DPV ZA . 4.87 -12.07 -6.38
H23B DPV ZA . 5.47 -10.89 -5.18
N DPV AB . 4.51 3.32 -15.91
P DPV AB . 3.09 0.72 -12.12
C1 DPV AB . 4.74 -0.94 -10.98
C2 DPV AB . 5.29 -2.36 -11.15
C3 DPV AB . 6.11 -2.76 -9.90
C4 DPV AB . 2.84 1.80 -14.51
C5 DPV AB . 4.28 2.02 -15.06
C6 DPV AB . 5.93 3.26 -16.48
C7 DPV AB . 4.37 4.58 -15.04
C8 DPV AB . 3.54 3.41 -17.11
C15 DPV AB . 6.60 -4.23 -9.96
C16 DPV AB . 7.39 -4.61 -8.67
C17 DPV AB . 7.73 -6.13 -8.67
C18 DPV AB . 8.39 -6.57 -7.34
C19 DPV AB . 8.56 -8.11 -7.32
O1P DPV AB . 3.77 1.97 -11.71
C20 DPV AB . 9.12 -8.62 -5.97
C21 DPV AB . 9.22 -10.17 -5.97
C22 DPV AB . 9.78 -10.73 -4.64
C23 DPV AB . 9.95 -12.26 -4.72
O2P DPV AB . 1.87 0.46 -11.33
O3P DPV AB . 4.07 -0.53 -12.20
O4P DPV AB . 2.84 0.61 -13.70
H1 DPV AB . 4.02 -0.91 -10.16
H1A DPV AB . 5.54 -0.23 -10.79
H2 DPV AB . 4.46 -3.06 -11.29
H2A DPV AB . 5.93 -2.41 -12.03
H3 DPV AB . 5.48 -2.64 -9.00
H3A DPV AB . 6.96 -2.10 -9.80
H4 DPV AB . 2.51 2.65 -13.91
H4A DPV AB . 2.13 1.65 -15.34
H5 DPV AB . 4.99 2.04 -14.24
H5A DPV AB . 4.54 1.16 -15.71
H6 DPV AB . 6.03 2.36 -17.10
H6A DPV AB . 6.64 3.20 -15.63
H6B DPV AB . 6.12 4.15 -17.08
H7 DPV AB . 4.63 5.46 -15.64
H7A DPV AB . 5.06 4.49 -14.19
H7B DPV AB . 3.35 4.66 -14.68
H8 DPV AB . 3.60 2.48 -17.68
H8A DPV AB . 3.83 4.26 -17.74
H8B DPV AB . 2.52 3.56 -16.73
H15 DPV AB . 7.22 -4.37 -10.83
H15A DPV AB . 5.74 -4.89 -10.06
H16 DPV AB . 8.32 -4.03 -8.63
H16A DPV AB . 6.80 -4.37 -7.79
H17 DPV AB . 6.80 -6.69 -8.81
H17A DPV AB . 8.38 -6.37 -9.51
H18 DPV AB . 9.36 -6.09 -7.24
H18A DPV AB . 7.77 -6.26 -6.49
H19 DPV AB . 7.59 -8.58 -7.50
H19A DPV AB . 9.22 -8.42 -8.13
H20 DPV AB . 10.11 -8.19 -5.79
H20A DPV AB . 8.47 -8.30 -5.14
H21 DPV AB . 8.23 -10.60 -6.15
H21A DPV AB . 9.86 -10.49 -6.80
H22 DPV AB . 10.73 -10.27 -4.41
H22A DPV AB . 9.09 -10.48 -3.82
H23 DPV AB . 8.99 -12.75 -4.84
H23A DPV AB . 10.41 -12.63 -3.80
H23B DPV AB . 10.59 -12.53 -5.55
N DPV BB . -2.89 -18.53 4.97
P DPV BB . 1.05 -20.53 6.04
C1 DPV BB . 2.16 -21.64 3.93
C2 DPV BB . 1.74 -22.72 2.89
C3 DPV BB . 0.30 -22.50 2.33
C4 DPV BB . -0.22 -18.47 5.03
C5 DPV BB . -1.57 -18.32 5.81
C6 DPV BB . -3.03 -17.43 3.89
C7 DPV BB . -4.06 -18.42 5.93
C8 DPV BB . -2.94 -19.91 4.30
C15 DPV BB . 0.22 -21.36 1.29
C16 DPV BB . -1.24 -21.09 0.83
C17 DPV BB . -1.31 -20.01 -0.29
C18 DPV BB . -1.28 -20.64 -1.71
C19 DPV BB . -1.08 -19.56 -2.81
O1P DPV BB . 2.26 -19.76 6.32
C20 DPV BB . -1.34 -20.13 -4.24
C21 DPV BB . -2.83 -19.94 -4.71
C22 DPV BB . -3.06 -18.59 -5.45
C23 DPV BB . -2.54 -18.62 -6.92
O2P DPV BB . 0.33 -20.89 7.27
O3P DPV BB . 1.31 -21.80 5.09
O4P DPV BB . 0.12 -19.87 4.92
H1 DPV BB . 3.20 -21.78 4.23
H1A DPV BB . 2.03 -20.64 3.51
H2 DPV BB . 2.46 -22.73 2.06
H2A DPV BB . 1.80 -23.70 3.37
H3 DPV BB . -0.38 -22.31 3.15
H3A DPV BB . -0.04 -23.44 1.86
H4 DPV BB . -0.32 -18.05 4.02
H4A DPV BB . 0.58 -17.95 5.56
H5 DPV BB . -1.60 -19.04 6.64
H5A DPV BB . -1.63 -17.31 6.24
H6 DPV BB . -2.24 -17.55 3.15
H6A DPV BB . -2.96 -16.45 4.37
H6B DPV BB . -4.00 -17.54 3.41
H7 DPV BB . -4.05 -17.43 6.40
H7A DPV BB . -3.97 -19.20 6.70
H7B DPV BB . -5.00 -18.56 5.37
H8 DPV BB . -2.09 -20.03 3.63
H8A DPV BB . -3.88 -20.01 3.75
H8B DPV BB . -2.89 -20.67 5.09
H15 DPV BB . 0.83 -21.62 0.42
H15A DPV BB . 0.62 -20.44 1.71
H16 DPV BB . -1.70 -22.01 0.49
H16A DPV BB . -1.82 -20.74 1.69
H17 DPV BB . -2.25 -19.46 -0.17
H17A DPV BB . -0.50 -19.29 -0.17
H18 DPV BB . -0.47 -21.37 -1.78
H18A DPV BB . -2.22 -21.17 -1.88
H19 DPV BB . -1.73 -18.70 -2.62
H19A DPV BB . -0.05 -19.20 -2.76
H20 DPV BB . -0.67 -19.63 -4.94
H20A DPV BB . -1.08 -21.19 -4.26
H21 DPV BB . -3.10 -20.76 -5.36
H21A DPV BB . -3.49 -19.98 -3.84
H22 DPV BB . -4.13 -18.39 -5.47
H22A DPV BB . -2.59 -17.77 -4.92
H23 DPV BB . -2.83 -17.71 -7.44
H23A DPV BB . -2.97 -19.47 -7.45
H23B DPV BB . -1.46 -18.70 -6.94
N DPV CB . 4.51 -11.53 16.27
P DPV CB . 4.01 -8.99 12.50
C1 DPV CB . 6.26 -10.06 11.66
C2 DPV CB . 7.32 -9.95 10.56
C3 DPV CB . 8.12 -8.61 10.61
C4 DPV CB . 4.55 -9.16 15.08
C5 DPV CB . 5.24 -10.56 15.29
C6 DPV CB . 3.13 -11.94 15.74
C7 DPV CB . 4.35 -10.91 17.68
C8 DPV CB . 5.37 -12.80 16.41
C15 DPV CB . 9.43 -8.65 9.75
C16 DPV CB . 9.21 -8.77 8.21
C17 DPV CB . 8.84 -7.41 7.55
C18 DPV CB . 8.79 -7.56 6.00
C19 DPV CB . 8.68 -6.17 5.30
O1P DPV CB . 3.37 -10.32 12.57
C20 DPV CB . 8.82 -6.27 3.75
C21 DPV CB . 10.28 -6.54 3.27
C22 DPV CB . 10.42 -6.37 1.74
C23 DPV CB . 11.85 -6.72 1.26
O2P DPV CB . 3.03 -7.94 12.17
O3P DPV CB . 5.31 -8.96 11.56
O4P DPV CB . 4.91 -8.63 13.78
H1 DPV CB . 5.73 -11.01 11.57
H1A DPV CB . 6.75 -10.01 12.65
H2 DPV CB . 8.01 -10.79 10.65
H2A DPV CB . 6.83 -10.05 9.58
H3 DPV CB . 8.40 -8.39 11.64
H3A DPV CB . 7.49 -7.79 10.27
H4 DPV CB . 3.47 -9.25 15.13
H4A DPV CB . 4.90 -8.47 15.85
H5 DPV CB . 5.29 -11.08 14.32
H5A DPV CB . 6.26 -10.42 15.65
H6 DPV CB . 3.26 -12.35 14.73
H6A DPV CB . 2.48 -11.05 15.69
H6B DPV CB . 2.70 -12.70 16.40
H7 DPV CB . 5.34 -10.61 18.05
H7A DPV CB . 3.91 -11.65 18.35
H7B DPV CB . 3.70 -10.02 17.61
H8 DPV CB . 6.35 -12.52 16.81
H8A DPV CB . 5.47 -13.25 15.42
H8B DPV CB . 4.86 -13.50 17.09
H15 DPV CB . 10.04 -9.50 10.08
H15A DPV CB . 10.02 -7.75 9.96
H16 DPV CB . 10.14 -9.14 7.77
H16A DPV CB . 8.44 -9.52 7.98
H17 DPV CB . 7.86 -7.07 7.91
H17A DPV CB . 9.58 -6.66 7.82
H18 DPV CB . 9.69 -8.06 5.67
H18A DPV CB . 7.93 -8.18 5.72
H19 DPV CB . 7.72 -5.72 5.54
H19A DPV CB . 9.45 -5.50 5.69
H20 DPV CB . 8.15 -7.05 3.36
H20A DPV CB . 8.48 -5.32 3.34
H21 DPV CB . 10.96 -5.85 3.79
H21A DPV CB . 10.57 -7.55 3.56
H22 DPV CB . 9.70 -7.02 1.23
H22A DPV CB . 10.20 -5.34 1.48
H23 DPV CB . 11.91 -6.61 0.17
H23A DPV CB . 12.09 -7.76 1.50
H23B DPV CB . 12.59 -6.06 1.71
N DPV DB . 11.35 5.33 5.70
P DPV DB . 14.05 4.03 9.44
C1 DPV DB . 11.65 3.27 10.20
C2 DPV DB . 10.64 3.38 11.37
C3 DPV DB . 10.94 2.33 12.48
C4 DPV DB . 13.61 4.94 7.03
C5 DPV DB . 12.68 5.94 6.25
C6 DPV DB . 10.47 4.76 6.81
C7 DPV DB . 11.61 4.25 4.63
C8 DPV DB . 10.56 6.46 5.03
C15 DPV DB . 9.81 2.19 13.53
C16 DPV DB . 8.58 1.39 13.01
C17 DPV DB . 7.56 1.07 14.14
C18 DPV DB . 6.21 0.45 13.62
C19 DPV DB . 6.33 -1.01 13.07
O1P DPV DB . 14.38 2.68 8.95
C20 DPV DB . 6.39 -1.07 11.51
C21 DPV DB . 6.53 -2.53 11.00
C22 DPV DB . 6.76 -2.59 9.47
C23 DPV DB . 6.96 -4.04 8.98
O2P DPV DB . 15.25 4.74 9.94
O3P DPV DB . 12.84 4.05 10.50
O4P DPV DB . 13.19 4.90 8.42
H1 DPV DB . 11.93 2.22 10.02
H1A DPV DB . 11.19 3.67 9.30
H2 DPV DB . 10.68 4.38 11.79
H2A DPV DB . 9.64 3.22 10.98
H3 DPV DB . 11.86 2.62 12.99
H3A DPV DB . 11.13 1.35 12.02
H4 DPV DB . 13.55 3.94 6.61
H4A DPV DB . 14.64 5.29 6.99
H5 DPV DB . 12.42 6.77 6.90
H5A DPV DB . 13.23 6.33 5.39
H6 DPV DB . 10.31 5.53 7.57
H6A DPV DB . 10.98 3.89 7.25
H6B DPV DB . 9.51 4.44 6.38
H7 DPV DB . 10.66 3.97 4.17
H7A DPV DB . 12.06 3.37 5.12
H7B DPV DB . 12.28 4.65 3.88
H8 DPV DB . 11.16 6.87 4.21
H8A DPV DB . 10.35 7.24 5.78
H8B DPV DB . 9.62 6.06 4.63
H15 DPV DB . 9.49 3.18 13.87
H15A DPV DB . 10.21 1.68 14.41
H16 DPV DB . 8.09 1.97 12.22
H16A DPV DB . 8.93 0.46 12.56
H17 DPV DB . 8.01 0.39 14.86
H17A DPV DB . 7.32 1.99 14.68
H18 DPV DB . 5.51 0.44 14.45
H18A DPV DB . 5.77 1.12 12.86
H19 DPV DB . 7.19 -1.50 13.50
H19A DPV DB . 5.45 -1.57 13.40
H20 DPV DB . 5.49 -0.62 11.10
H20A DPV DB . 7.25 -0.49 11.16
H21 DPV DB . 7.36 -3.01 11.52
H21A DPV DB . 5.62 -3.08 11.26
H22 DPV DB . 5.90 -2.15 8.95
H22A DPV DB . 7.64 -2.00 9.21
H23 DPV DB . 7.83 -4.50 9.48
H23A DPV DB . 7.15 -4.06 7.91
H23B DPV DB . 6.08 -4.65 9.18
N DPV EB . 11.20 -6.33 17.35
P DPV EB . 15.20 -5.69 15.39
C1 DPV EB . 17.50 -5.75 16.63
C2 DPV EB . 18.98 -6.06 16.34
C3 DPV EB . 19.30 -7.57 16.39
C4 DPV EB . 13.59 -7.31 16.76
C5 DPV EB . 12.22 -6.75 16.24
C6 DPV EB . 10.76 -7.54 18.21
C7 DPV EB . 9.95 -5.77 16.65
C8 DPV EB . 11.75 -5.21 18.27
C15 DPV EB . 20.81 -7.83 16.10
C16 DPV EB . 21.19 -9.34 16.06
C17 DPV EB . 20.70 -10.10 14.78
C18 DPV EB . 21.42 -9.65 13.47
C19 DPV EB . 21.10 -10.63 12.32
O1P DPV EB . 14.91 -5.22 14.02
C20 DPV EB . 21.80 -10.24 10.98
C21 DPV EB . 21.47 -11.29 9.88
C22 DPV EB . 22.27 -11.04 8.59
C23 DPV EB . 21.90 -12.04 7.49
O2P DPV EB . 14.83 -4.66 16.40
O3P DPV EB . 16.68 -6.27 15.56
O4P DPV EB . 14.61 -7.15 15.72
H1 DPV EB . 17.18 -6.19 17.57
H1A DPV EB . 17.37 -4.67 16.68
H2 DPV EB . 19.24 -5.68 15.36
H2A DPV EB . 19.60 -5.54 17.07
H3 DPV EB . 18.69 -8.10 15.66
H3A DPV EB . 19.06 -7.97 17.38
H4 DPV EB . 13.93 -6.79 17.65
H4A DPV EB . 13.49 -8.38 16.98
H5 DPV EB . 12.39 -5.86 15.63
H5A DPV EB . 11.73 -7.50 15.62
H6 DPV EB . 10.35 -8.31 17.56
H6A DPV EB . 9.99 -7.21 18.93
H6B DPV EB . 11.62 -7.92 18.76
H7 DPV EB . 10.25 -4.91 16.04
H7A DPV EB . 9.22 -5.46 17.40
H7B DPV EB . 9.53 -6.55 16.01
H8 DPV EB . 12.60 -5.61 18.84
H8A DPV EB . 10.96 -4.90 18.97
H8B DPV EB . 12.08 -4.38 17.65
H15 DPV EB . 21.40 -7.35 16.89
H15A DPV EB . 21.09 -7.35 15.15
H16 DPV EB . 22.27 -9.43 16.13
H16A DPV EB . 20.78 -9.84 16.94
H17 DPV EB . 20.90 -11.18 14.94
H17A DPV EB . 19.63 -10.00 14.67
H18 DPV EB . 21.09 -8.64 13.19
H18A DPV EB . 22.50 -9.62 13.63
H19 DPV EB . 21.43 -11.63 12.61
H19A DPV EB . 20.03 -10.67 12.15
H20 DPV EB . 21.47 -9.25 10.67
H20A DPV EB . 22.88 -10.20 11.14
H21 DPV EB . 21.70 -12.30 10.26
H21A DPV EB . 20.40 -11.26 9.66
H22 DPV EB . 22.09 -10.03 8.23
H22A DPV EB . 23.34 -11.13 8.80
H23 DPV EB . 22.14 -13.06 7.79
H23A DPV EB . 22.47 -11.82 6.57
H23B DPV EB . 20.84 -12.00 7.25
N DPV FB . 12.79 -19.91 17.38
P DPV FB . 11.49 -15.17 16.58
C1 DPV FB . 9.26 -14.37 15.44
C2 DPV FB . 8.77 -13.60 14.21
C3 DPV FB . 8.79 -14.48 12.93
C4 DPV FB . 11.31 -17.70 17.27
C5 DPV FB . 12.39 -18.60 16.59
C6 DPV FB . 11.59 -20.86 17.58
C7 DPV FB . 13.41 -19.58 18.76
C8 DPV FB . 13.86 -20.66 16.56
C15 DPV FB . 8.27 -13.68 11.70
C16 DPV FB . 8.07 -14.61 10.47
C17 DPV FB . 7.59 -13.86 9.20
C18 DPV FB . 6.09 -13.46 9.26
C19 DPV FB . 5.63 -12.68 7.98
O1P DPV FB . 11.04 -14.55 17.84
C20 DPV FB . 5.12 -13.62 6.83
C21 DPV FB . 3.62 -14.00 7.00
C22 DPV FB . 3.08 -14.78 5.76
C23 DPV FB . 1.60 -15.18 5.95
O2P DPV FB . 12.95 -15.07 16.41
O3P DPV FB . 10.69 -14.63 15.30
O4P DPV FB . 10.92 -16.65 16.35
H1 DPV FB . 9.10 -13.76 16.34
H1A DPV FB . 8.73 -15.32 15.56
H2 DPV FB . 7.75 -13.26 14.40
H2A DPV FB . 9.38 -12.72 14.07
H3 DPV FB . 8.17 -15.36 13.08
H3A DPV FB . 9.81 -14.81 12.74
H4 DPV FB . 10.41 -18.29 17.49
H4A DPV FB . 11.69 -17.27 18.20
H5 DPV FB . 12.04 -18.92 15.61
H5A DPV FB . 13.30 -18.03 16.45
H6 DPV FB . 11.93 -21.78 18.05
H6A DPV FB . 11.15 -21.08 16.60
H6B DPV FB . 10.85 -20.36 18.22
H7 DPV FB . 14.29 -18.94 18.60
H7A DPV FB . 13.71 -20.51 19.25
H7B DPV FB . 12.67 -19.05 19.37
H8 DPV FB . 13.41 -20.95 15.60
H8A DPV FB . 14.17 -21.55 17.12
H8B DPV FB . 14.70 -19.99 16.40
H15 DPV FB . 8.98 -12.89 11.46
H15A DPV FB . 7.32 -13.20 11.95
H16 DPV FB . 9.02 -15.11 10.24
H16A DPV FB . 7.34 -15.38 10.72
H17 DPV FB . 8.21 -12.96 9.06
H17A DPV FB . 7.76 -14.50 8.33
H18 DPV FB . 5.47 -14.35 9.40
H18A DPV FB . 5.92 -12.81 10.12
H19 DPV FB . 4.84 -11.99 8.25
H19A DPV FB . 6.45 -12.08 7.60
H20 DPV FB . 5.25 -13.10 5.88
H20A DPV FB . 5.72 -14.53 6.79
H21 DPV FB . 3.48 -14.60 7.90
H21A DPV FB . 3.03 -13.09 7.12
H22 DPV FB . 3.17 -14.16 4.87
H22A DPV FB . 3.68 -15.67 5.60
H23 DPV FB . 1.27 -15.77 5.09
H23A DPV FB . 0.97 -14.29 6.01
H23B DPV FB . 1.47 -15.77 6.85
N DPV GB . 8.72 -23.21 10.97
P DPV GB . 8.99 -25.74 6.37
C1 DPV GB . 8.54 -25.26 3.85
C2 DPV GB . 8.70 -24.17 2.77
C3 DPV GB . 7.90 -22.86 3.08
C4 DPV GB . 8.73 -24.62 8.72
C5 DPV GB . 9.06 -23.28 9.44
C6 DPV GB . 9.04 -21.79 11.44
C7 DPV GB . 9.55 -24.21 11.79
C8 DPV GB . 7.21 -23.45 11.24
C15 DPV GB . 8.13 -21.79 1.99
C16 DPV GB . 7.48 -20.43 2.39
C17 DPV GB . 7.80 -19.31 1.35
C18 DPV GB . 7.35 -17.91 1.88
C19 DPV GB . 7.25 -16.84 0.75
O1P DPV GB . 10.17 -26.64 6.38
C20 DPV GB . 8.60 -16.16 0.40
C21 DPV GB . 8.47 -15.30 -0.88
C22 DPV GB . 9.66 -14.32 -1.14
C23 DPV GB . 11.01 -15.02 -1.44
O2P DPV GB . 7.73 -26.49 6.56
O3P DPV GB . 8.98 -24.74 5.13
O4P DPV GB . 9.14 -24.48 7.34
H1 DPV GB . 7.49 -25.57 3.93
H1A DPV GB . 9.15 -26.12 3.60
H2 DPV GB . 9.75 -23.93 2.67
H2A DPV GB . 8.37 -24.58 1.81
H3 DPV GB . 8.22 -22.47 4.05
H3A DPV GB . 6.84 -23.10 3.15
H4 DPV GB . 9.27 -25.45 9.18
H4A DPV GB . 7.66 -24.81 8.75
H5 DPV GB . 10.14 -23.10 9.37
H5A DPV GB . 8.54 -22.46 8.95
H6 DPV GB . 8.88 -21.71 12.52
H6A DPV GB . 8.39 -21.09 10.91
H6B DPV GB . 10.08 -21.58 11.20
H7 DPV GB . 9.34 -24.07 12.85
H7A DPV GB . 10.61 -24.02 11.59
H7B DPV GB . 9.29 -25.23 11.49
H8 DPV GB . 7.03 -23.34 12.31
H8A DPV GB . 6.96 -24.46 10.92
H8B DPV GB . 6.62 -22.72 10.68
H15 DPV GB . 7.69 -22.13 1.05
H15A DPV GB . 9.20 -21.65 1.83
H16 DPV GB . 6.39 -20.55 2.46
H16A DPV GB . 7.83 -20.13 3.37
H17 DPV GB . 8.86 -19.29 1.13
H17A DPV GB . 7.28 -19.54 0.42
H18 DPV GB . 6.36 -18.01 2.34
H18A DPV GB . 8.04 -17.57 2.66
H19 DPV GB . 6.81 -17.29 -0.14
H19A DPV GB . 6.54 -16.07 1.08
H20 DPV GB . 8.91 -15.53 1.25
H20A DPV GB . 9.37 -16.91 0.27
H21 DPV GB . 8.34 -15.95 -1.75
H21A DPV GB . 7.56 -14.69 -0.81
H22 DPV GB . 9.41 -13.68 -1.99
H22A DPV GB . 9.79 -13.66 -0.28
H23 DPV GB . 11.20 -15.49 -0.45
H23A DPV GB . 11.66 -14.18 -1.71
H23B DPV GB . 10.74 -15.71 -2.27
N DPV HB . -5.00 -23.62 0.65
P DPV HB . -2.89 -23.70 4.57
C1 DPV HB . -5.13 -23.10 5.76
C2 DPV HB . -6.13 -21.92 5.81
C3 DPV HB . -7.28 -22.07 4.77
C4 DPV HB . -3.14 -24.77 2.18
C5 DPV HB . -3.62 -24.36 0.74
C6 DPV HB . -6.13 -24.37 1.37
C7 DPV HB . -5.39 -23.53 -0.84
C8 DPV HB . -4.92 -22.18 1.19
C15 DPV HB . -8.28 -20.87 4.82
C16 DPV HB . -7.82 -19.62 3.97
C17 DPV HB . -8.09 -19.82 2.44
C18 DPV HB . -7.69 -18.59 1.57
C19 DPV HB . -6.16 -18.34 1.52
O1P DPV HB . -2.91 -25.09 5.07
C20 DPV HB . -5.76 -17.48 0.29
C21 DPV HB . -4.25 -17.10 0.33
C22 DPV HB . -3.76 -16.54 -1.04
C23 DPV HB . -2.30 -16.06 -0.95
O2P DPV HB . -1.84 -22.90 5.24
O3P DPV HB . -4.31 -22.98 4.57
O4P DPV HB . -2.85 -23.58 2.98
H1 DPV HB . -4.47 -23.06 6.64
H1A DPV HB . -5.66 -24.05 5.75
H2 DPV HB . -6.55 -21.86 6.82
H2A DPV HB . -5.58 -20.99 5.62
H3 DPV HB . -7.82 -22.99 4.99
H3A DPV HB . -6.86 -22.18 3.77
H4 DPV HB . -3.91 -25.36 2.68
H4A DPV HB . -2.23 -25.36 2.11
H5 DPV HB . -2.87 -23.73 0.26
H5A DPV HB . -3.72 -25.28 0.14
H6 DPV HB . -5.91 -24.39 2.45
H6A DPV HB . -6.17 -25.40 0.99
H6B DPV HB . -7.08 -23.87 1.19
H7 DPV HB . -4.60 -22.99 -1.37
H7A DPV HB . -6.34 -23.00 -0.93
H7B DPV HB . -5.48 -24.54 -1.24
H8 DPV HB . -4.11 -21.66 0.66
H8A DPV HB . -4.70 -22.21 2.25
H8B DPV HB . -5.87 -21.67 1.01
H15 DPV HB . -8.42 -20.56 5.85
H15A DPV HB . -9.25 -21.21 4.46
H16 DPV HB . -8.39 -18.76 4.32
H16A DPV HB . -6.78 -19.42 4.15
H17 DPV HB . -7.56 -20.70 2.09
H17A DPV HB . -9.16 -20.02 2.30
H18 DPV HB . -8.07 -18.78 0.55
H18A DPV HB . -8.21 -17.70 1.94
H19 DPV HB . -5.86 -17.83 2.44
H19A DPV HB . -5.63 -19.28 1.48
H20 DPV HB . -5.97 -18.05 -0.62
H20A DPV HB . -6.37 -16.58 0.25
H21 DPV HB . -4.09 -16.35 1.11
H21A DPV HB . -3.66 -17.98 0.59
H22 DPV HB . -3.85 -17.31 -1.80
H22A DPV HB . -4.39 -15.71 -1.34
H23 DPV HB . -2.20 -15.24 -0.25
H23A DPV HB . -1.97 -15.71 -1.94
H23B DPV HB . -1.64 -16.87 -0.66
N DPV IB . 21.30 -3.49 -23.77
P DPV IB . 23.09 -7.41 -21.65
C1 DPV IB . 23.33 -7.88 -19.06
C2 DPV IB . 23.27 -9.38 -18.71
C3 DPV IB . 23.69 -9.66 -17.25
C4 DPV IB . 23.10 -4.92 -22.46
C5 DPV IB . 21.63 -4.36 -22.51
C6 DPV IB . 22.27 -2.32 -23.95
C7 DPV IB . 19.89 -2.91 -23.54
C8 DPV IB . 21.27 -4.34 -25.05
C15 DPV IB . 23.54 -11.16 -16.92
C16 DPV IB . 23.66 -11.45 -15.40
C17 DPV IB . 23.40 -12.96 -15.09
C18 DPV IB . 23.45 -13.31 -13.57
C19 DPV IB . 24.87 -13.24 -12.92
O1P DPV IB . 22.15 -7.74 -22.74
C20 DPV IB . 25.82 -14.39 -13.38
C21 DPV IB . 27.34 -14.03 -13.25
C22 DPV IB . 27.87 -12.97 -14.29
C23 DPV IB . 27.85 -13.48 -15.76
O2P DPV IB . 24.41 -8.07 -21.83
O3P DPV IB . 22.45 -7.63 -20.20
O4P DPV IB . 23.20 -5.84 -21.35
H1 DPV IB . 22.96 -7.29 -18.22
H1A DPV IB . 24.35 -7.57 -19.30
H2 DPV IB . 22.25 -9.73 -18.86
H2A DPV IB . 23.91 -9.93 -19.41
H3 DPV IB . 23.08 -9.08 -16.57
H3A DPV IB . 24.74 -9.35 -17.10
H4 DPV IB . 23.36 -5.43 -23.38
H4A DPV IB . 23.80 -4.10 -22.29
H5 DPV IB . 20.93 -5.20 -22.50
H5A DPV IB . 21.45 -3.75 -21.62
H6 DPV IB . 23.26 -2.71 -24.18
H6A DPV IB . 22.30 -1.72 -23.03
H6B DPV IB . 21.92 -1.69 -24.78
H7 DPV IB . 19.18 -3.73 -23.43
H7A DPV IB . 19.61 -2.30 -24.41
H7B DPV IB . 19.90 -2.29 -22.65
H8 DPV IB . 20.57 -5.17 -24.90
H8A DPV IB . 22.27 -4.73 -25.24
H8B DPV IB . 20.94 -3.71 -25.88
H15 DPV IB . 24.30 -11.75 -17.46
H15A DPV IB . 22.56 -11.51 -17.26
H16 DPV IB . 24.67 -11.18 -15.06
H16A DPV IB . 22.96 -10.84 -14.85
H17 DPV IB . 22.40 -13.21 -15.47
H17A DPV IB . 24.11 -13.58 -15.65
H18 DPV IB . 22.78 -12.65 -13.02
H18A DPV IB . 23.06 -14.33 -13.44
H19 DPV IB . 25.31 -12.27 -13.15
H19A DPV IB . 24.77 -13.29 -11.85
H20 DPV IB . 25.63 -15.28 -12.77
H20A DPV IB . 25.61 -14.68 -14.42
H21 DPV IB . 27.53 -13.65 -12.25
H21A DPV IB . 27.94 -14.95 -13.36
H22 DPV IB . 27.27 -12.06 -14.22
H22A DPV IB . 28.89 -12.70 -14.02
H23 DPV IB . 28.41 -14.41 -15.85
H23A DPV IB . 28.30 -12.74 -16.41
H23B DPV IB . 26.82 -13.65 -16.10
N DPV JB . 26.06 -3.14 -19.10
P DPV JB . 27.13 -6.35 -16.33
C1 DPV JB . 26.87 -7.45 -14.00
C2 DPV JB . 25.95 -7.49 -12.76
C3 DPV JB . 24.83 -8.54 -12.92
C4 DPV JB . 25.12 -4.93 -17.33
C5 DPV JB . 25.37 -4.54 -18.84
C6 DPV JB . 27.57 -3.18 -18.77
C7 DPV JB . 25.40 -1.99 -18.31
C8 DPV JB . 25.92 -2.82 -20.59
C15 DPV JB . 23.95 -8.59 -11.65
C16 DPV JB . 22.90 -9.72 -11.72
C17 DPV JB . 21.97 -9.69 -10.49
C18 DPV JB . 20.91 -10.82 -10.55
C19 DPV JB . 19.91 -10.69 -9.38
O1P DPV JB . 26.84 -7.39 -17.34
C20 DPV JB . 18.91 -11.87 -9.37
C21 DPV JB . 17.71 -11.57 -8.44
C22 DPV JB . 16.80 -12.82 -8.25
C23 DPV JB . 15.42 -12.42 -7.71
O2P DPV JB . 28.58 -6.16 -16.14
O3P DPV JB . 26.34 -6.54 -14.97
O4P DPV JB . 26.36 -4.96 -16.58
H1 DPV JB . 27.87 -7.10 -13.69
H1A DPV JB . 26.97 -8.45 -14.44
H2 DPV JB . 26.56 -7.73 -11.88
H2A DPV JB . 25.53 -6.50 -12.59
H3 DPV JB . 25.27 -9.53 -13.10
H3A DPV JB . 24.21 -8.30 -13.78
H4 DPV JB . 24.45 -4.19 -16.86
H4A DPV JB . 24.64 -5.92 -17.27
H5 DPV JB . 26.01 -5.30 -19.31
H5A DPV JB . 24.41 -4.53 -19.36
H6 DPV JB . 28.02 -4.00 -19.33
H6A DPV JB . 27.69 -3.34 -17.70
H6B DPV JB . 28.02 -2.22 -19.07
H7 DPV JB . 24.33 -2.00 -18.49
H7A DPV JB . 25.82 -1.04 -18.65
H7B DPV JB . 25.61 -2.13 -17.24
H8 DPV JB . 24.85 -2.73 -20.83
H8A DPV JB . 26.37 -3.63 -21.17
H8B DPV JB . 26.42 -1.87 -20.80
H15 DPV JB . 23.44 -7.63 -11.53
H15A DPV JB . 24.58 -8.74 -10.77
H16 DPV JB . 22.31 -9.61 -12.63
H16A DPV JB . 23.41 -10.69 -11.78
H17 DPV JB . 22.57 -9.80 -9.58
H17A DPV JB . 21.47 -8.72 -10.44
H18 DPV JB . 20.37 -10.76 -11.50
H18A DPV JB . 21.41 -11.79 -10.51
H19 DPV JB . 20.45 -10.66 -8.43
H19A DPV JB . 19.36 -9.74 -9.48
H20 DPV JB . 18.54 -12.07 -10.38
H20A DPV JB . 19.42 -12.78 -9.03
H21 DPV JB . 18.07 -11.25 -7.46
H21A DPV JB . 17.12 -10.74 -8.86
H22 DPV JB . 16.68 -13.34 -9.19
H22A DPV JB . 17.28 -13.51 -7.55
H23 DPV JB . 14.87 -11.83 -8.45
H23A DPV JB . 15.50 -11.84 -6.80
H23B DPV JB . 14.82 -13.31 -7.50
N DPV KB . 28.39 -22.05 -14.51
P DPV KB . 29.56 -25.49 -11.91
C1 DPV KB . 27.36 -26.72 -12.55
C2 DPV KB . 26.21 -26.67 -13.58
C3 DPV KB . 25.08 -27.69 -13.24
C4 DPV KB . 29.86 -22.89 -12.46
C5 DPV KB . 28.47 -22.38 -12.97
C6 DPV KB . 26.96 -21.58 -14.80
C7 DPV KB . 28.66 -23.29 -15.38
C8 DPV KB . 29.35 -20.91 -14.92
C15 DPV KB . 23.95 -27.68 -14.30
C16 DPV KB . 22.73 -28.55 -13.84
C17 DPV KB . 21.60 -28.66 -14.92
C18 DPV KB . 20.87 -27.32 -15.28
C19 DPV KB . 20.05 -26.71 -14.10
O1P DPV KB . 30.43 -26.67 -11.96
C20 DPV KB . 19.11 -25.54 -14.54
C21 DPV KB . 19.86 -24.18 -14.59
C22 DPV KB . 18.90 -23.04 -15.06
C23 DPV KB . 19.64 -21.69 -15.16
O2P DPV KB . 29.28 -25.07 -10.51
O3P DPV KB . 28.25 -25.62 -12.81
O4P DPV KB . 30.07 -24.29 -12.84
H1 DPV KB . 26.97 -26.63 -11.53
H1A DPV KB . 27.91 -27.67 -12.64
H2 DPV KB . 25.79 -25.65 -13.61
H2A DPV KB . 26.61 -26.88 -14.57
H3 DPV KB . 24.68 -27.45 -12.26
H3A DPV KB . 25.52 -28.69 -13.19
H4 DPV KB . 30.66 -22.29 -12.88
H4A DPV KB . 29.91 -22.81 -11.37
H5 DPV KB . 27.71 -23.13 -12.75
H5A DPV KB . 28.21 -21.46 -12.44
H6 DPV KB . 26.76 -20.68 -14.21
H6A DPV KB . 26.26 -22.38 -14.52
H6B DPV KB . 26.87 -21.35 -15.87
H7 DPV KB . 29.69 -23.61 -15.23
H7A DPV KB . 28.47 -23.03 -16.43
H7B DPV KB . 27.97 -24.09 -15.07
H8 DPV KB . 30.38 -21.26 -14.78
H8A DPV KB . 29.16 -20.05 -14.27
H8B DPV KB . 29.17 -20.65 -15.95
H15 DPV KB . 24.34 -28.07 -15.25
H15A DPV KB . 23.62 -26.65 -14.48
H16 DPV KB . 23.09 -29.55 -13.61
H16A DPV KB . 22.33 -28.14 -12.92
H17 DPV KB . 22.03 -29.08 -15.83
H17A DPV KB . 20.86 -29.39 -14.57
H18 DPV KB . 21.59 -26.59 -15.63
H18A DPV KB . 20.19 -27.52 -16.11
H19 DPV KB . 19.43 -27.50 -13.66
H19A DPV KB . 20.72 -26.37 -13.31
H20 DPV KB . 18.68 -25.77 -15.52
H20A DPV KB . 18.29 -25.47 -13.84
H21 DPV KB . 20.23 -23.94 -13.59
H21A DPV KB . 20.71 -24.24 -15.26
H22 DPV KB . 18.48 -23.29 -16.03
H22A DPV KB . 18.07 -22.94 -14.36
H23 DPV KB . 20.01 -21.37 -14.19
H23A DPV KB . 18.97 -20.92 -15.55
H23B DPV KB . 20.49 -21.77 -15.84
N DPV LB . 3.81 -20.74 15.03
P DPV LB . 3.07 -23.65 10.76
C1 DPV LB . 4.33 -24.62 8.69
C2 DPV LB . 4.61 -24.15 7.27
C3 DPV LB . 4.39 -25.27 6.23
C4 DPV LB . 3.34 -22.25 12.91
C5 DPV LB . 4.13 -21.05 13.53
C6 DPV LB . 4.19 -21.91 15.96
C7 DPV LB . 2.32 -20.36 15.23
C8 DPV LB . 4.65 -19.53 15.44
C15 DPV LB . 4.70 -24.74 4.81
C16 DPV LB . 4.28 -25.75 3.73
C17 DPV LB . 4.63 -25.23 2.30
C18 DPV LB . 3.98 -26.09 1.21
C19 DPV LB . 4.41 -25.60 -0.20
O1P DPV LB . 3.24 -24.96 11.44
C20 DPV LB . 3.88 -26.55 -1.32
C21 DPV LB . 4.38 -26.17 -2.74
C22 DPV LB . 5.90 -26.46 -2.95
C23 DPV LB . 6.31 -26.29 -4.41
O2P DPV LB . 1.66 -23.40 10.41
O3P DPV LB . 4.06 -23.46 9.53
O4P DPV LB . 3.76 -22.45 11.54
H1 DPV LB . 3.45 -25.28 8.71
H1A DPV LB . 5.19 -25.17 9.10
H2 DPV LB . 3.93 -23.32 7.04
H2A DPV LB . 5.63 -23.76 7.21
H3 DPV LB . 3.36 -25.62 6.28
H3A DPV LB . 5.05 -26.11 6.46
H4 DPV LB . 3.54 -23.16 13.48
H4A DPV LB . 2.27 -22.04 12.92
H5 DPV LB . 5.20 -21.26 13.46
H5A DPV LB . 3.93 -20.15 12.95
H6 DPV LB . 5.23 -22.16 15.79
H6A DPV LB . 3.55 -22.77 15.72
H6B DPV LB . 4.03 -21.60 17.00
H7 DPV LB . 2.08 -19.51 14.60
H7A DPV LB . 2.16 -20.11 16.29
H7B DPV LB . 1.70 -21.22 14.97
H8 DPV LB . 4.40 -18.69 14.78
H8A DPV LB . 5.71 -19.78 15.32
H8B DPV LB . 4.43 -19.28 16.47
H15 DPV LB . 5.77 -24.53 4.74
H15A DPV LB . 4.16 -23.80 4.65
H16 DPV LB . 4.78 -26.71 3.89
H16A DPV LB . 3.20 -25.93 3.79
H17 DPV LB . 4.31 -24.19 2.20
H17A DPV LB . 5.72 -25.24 2.18
H18 DPV LB . 4.28 -27.14 1.33
H18A DPV LB . 2.89 -26.03 1.29
H19 DPV LB . 4.01 -24.58 -0.38
H19A DPV LB . 5.49 -25.54 -0.26
H20 DPV LB . 4.17 -27.58 -1.09
H20A DPV LB . 2.79 -26.52 -1.32
H21 DPV LB . 3.81 -26.75 -3.47
H21A DPV LB . 4.19 -25.11 -2.94
H22 DPV LB . 6.49 -25.79 -2.33
H22A DPV LB . 6.14 -27.49 -2.63
H23 DPV LB . 5.78 -26.99 -5.05
H23A DPV LB . 7.39 -26.45 -4.53
H23B DPV LB . 6.09 -25.28 -4.76
N DPV MB . -0.75 -12.34 12.86
P DPV MB . -2.31 -15.81 9.95
C1 DPV MB . -4.81 -16.17 9.29
C2 DPV MB . -5.78 -15.33 8.44
C3 DPV MB . -6.78 -16.23 7.64
C4 DPV MB . -0.53 -14.27 11.04
C5 DPV MB . -0.26 -12.78 11.44
C6 DPV MB . -0.16 -13.21 13.99
C7 DPV MB . -2.29 -12.34 12.95
C8 DPV MB . -0.26 -10.90 13.07
C15 DPV MB . -7.44 -15.50 6.43
C16 DPV MB . -6.48 -15.37 5.20
C17 DPV MB . -7.19 -14.66 4.01
C18 DPV MB . -6.22 -14.41 2.83
C19 DPV MB . -6.90 -13.55 1.72
O1P DPV MB . -1.69 -16.01 8.62
C20 DPV MB . -6.04 -13.41 0.42
C21 DPV MB . -4.77 -12.52 0.59
C22 DPV MB . -4.11 -12.24 -0.79
C23 DPV MB . -2.87 -11.34 -0.66
O2P DPV MB . -2.14 -16.98 10.83
O3P DPV MB . -3.82 -15.29 9.87
O4P DPV MB . -1.90 -14.44 10.63
H1 DPV MB . -5.35 -16.69 10.10
H1A DPV MB . -4.31 -16.92 8.66
H2 DPV MB . -6.35 -14.65 9.09
H2A DPV MB . -5.20 -14.72 7.76
H3 DPV MB . -7.56 -16.57 8.32
H3A DPV MB . -6.27 -17.13 7.28
H4 DPV MB . 0.12 -14.53 10.19
H4A DPV MB . -0.30 -14.95 11.86
H5 DPV MB . 0.82 -12.59 11.41
H5A DPV MB . -0.73 -12.12 10.70
H6 DPV MB . 0.93 -13.22 13.88
H6A DPV MB . -0.56 -14.22 13.90
H6B DPV MB . -0.44 -12.78 14.95
H7 DPV MB . -2.68 -11.71 12.15
H7A DPV MB . -2.58 -11.94 13.93
H7B DPV MB . -2.64 -13.37 12.84
H8 DPV MB . -0.57 -10.55 14.05
H8A DPV MB . -0.69 -10.25 12.29
H8B DPV MB . 0.84 -10.87 13.00
H15 DPV MB . -7.79 -14.51 6.74
H15A DPV MB . -8.31 -16.07 6.12
H16 DPV MB . -5.60 -14.79 5.49
H16A DPV MB . -6.14 -16.36 4.88
H17 DPV MB . -8.03 -15.28 3.67
H17A DPV MB . -7.61 -13.70 4.35
H18 DPV MB . -5.32 -13.89 3.20
H18A DPV MB . -5.90 -15.37 2.42
H19 DPV MB . -7.84 -14.02 1.45
H19A DPV MB . -7.12 -12.55 2.11
H20 DPV MB . -5.75 -14.40 0.06
H20A DPV MB . -6.67 -12.97 -0.35
H21 DPV MB . -5.05 -11.57 1.06
H21A DPV MB . -4.06 -13.02 1.24
H22 DPV MB . -3.82 -13.19 -1.26
H22A DPV MB . -4.82 -11.75 -1.45
H23 DPV MB . -2.10 -11.83 -0.05
H23A DPV MB . -3.13 -10.39 -0.20
H23B DPV MB . -2.44 -11.15 -1.65
N DPV NB . 2.04 -18.09 10.29
P DPV NB . 6.34 -18.38 11.42
C1 DPV NB . 7.50 -18.01 9.09
C2 DPV NB . 8.91 -18.29 8.55
C3 DPV NB . 8.91 -18.36 7.00
C4 DPV NB . 4.18 -16.87 11.29
C5 DPV NB . 2.97 -16.82 10.30
C6 DPV NB . 1.26 -18.22 11.61
C7 DPV NB . 2.84 -19.39 10.02
C8 DPV NB . 1.02 -17.91 9.15
C15 DPV NB . 10.28 -18.81 6.42
C16 DPV NB . 10.22 -18.87 4.88
C17 DPV NB . 11.55 -19.32 4.24
C18 DPV NB . 11.43 -19.32 2.70
C19 DPV NB . 12.77 -19.66 1.99
O1P DPV NB . 6.47 -18.00 12.85
C20 DPV NB . 12.71 -19.43 0.45
C21 DPV NB . 12.90 -17.93 0.07
C22 DPV NB . 12.71 -17.66 -1.43
C23 DPV NB . 13.04 -16.15 -1.78
O2P DPV NB . 6.08 -19.83 11.26
O3P DPV NB . 7.59 -17.88 10.53
O4P DPV NB . 5.30 -17.47 10.61
H1 DPV NB . 7.11 -17.08 8.67
H1A DPV NB . 6.83 -18.83 8.83
H2 DPV NB . 9.59 -17.50 8.88
H2A DPV NB . 9.27 -19.23 8.97
H3 DPV NB . 8.65 -17.38 6.60
H3A DPV NB . 8.14 -19.06 6.68
H4 DPV NB . 4.46 -15.87 11.60
H4A DPV NB . 3.93 -17.47 12.16
H5 DPV NB . 2.34 -15.96 10.54
H5A DPV NB . 3.36 -16.69 9.28
H6 DPV NB . 0.66 -17.32 11.76
H6A DPV NB . 1.97 -18.33 12.44
H6B DPV NB . 0.61 -19.10 11.56
H7 DPV NB . 3.41 -19.24 9.10
H7A DPV NB . 2.13 -20.21 9.89
H7B DPV NB . 3.51 -19.57 10.85
H8 DPV NB . 1.57 -17.85 8.21
H8A DPV NB . 0.46 -16.99 9.33
H8B DPV NB . 0.35 -18.77 9.15
H15 DPV NB . 10.52 -19.80 6.81
H15A DPV NB . 11.06 -18.12 6.74
H16 DPV NB . 9.43 -19.58 4.60
H16A DPV NB . 9.93 -17.89 4.49
H17 DPV NB . 12.35 -18.64 4.55
H17A DPV NB . 11.80 -20.32 4.60
H18 DPV NB . 10.69 -20.06 2.39
H18A DPV NB . 11.07 -18.35 2.37
H19 DPV NB . 13.57 -19.05 2.42
H19A DPV NB . 13.03 -20.70 2.17
H20 DPV NB . 13.49 -20.01 -0.03
H20A DPV NB . 11.75 -19.79 0.06
H21 DPV NB . 12.17 -17.33 0.62
H21A DPV NB . 13.90 -17.60 0.39
H22 DPV NB . 13.36 -18.31 -2.02
H22A DPV NB . 11.68 -17.89 -1.72
H23 DPV NB . 12.78 -15.79 -2.79
H23A DPV NB . 14.09 -16.24 -1.98
H23B DPV NB . 13.24 -15.46 -0.92
N DPV OB . 33.25 -4.25 -13.60
P DPV OB . 32.12 -8.54 -13.85
C1 DPV OB . 30.43 -9.80 -12.29
C2 DPV OB . 28.93 -9.83 -11.98
C3 DPV OB . 28.58 -10.84 -10.85
C4 DPV OB . 31.46 -6.13 -12.95
C5 DPV OB . 32.79 -5.36 -12.59
C6 DPV OB . 34.46 -3.54 -13.00
C7 DPV OB . 33.69 -4.85 -14.95
C8 DPV OB . 32.16 -3.19 -13.87
C15 DPV OB . 27.06 -10.81 -10.55
C16 DPV OB . 26.65 -11.87 -9.49
C17 DPV OB . 25.13 -11.81 -9.19
C18 DPV OB . 24.68 -12.93 -8.23
C19 DPV OB . 23.14 -12.93 -8.04
O1P DPV OB . 33.12 -8.71 -12.78
C20 DPV OB . 22.68 -14.07 -7.09
C21 DPV OB . 21.12 -14.07 -6.93
C22 DPV OB . 20.65 -15.17 -5.96
C23 DPV OB . 19.13 -15.14 -5.76
O2P DPV OB . 32.54 -9.20 -15.10
O3P DPV OB . 30.62 -8.93 -13.43
O4P DPV OB . 31.67 -7.02 -14.08
H1 DPV OB . 30.98 -9.41 -11.43
H1A DPV OB . 30.79 -10.79 -12.54
H2 DPV OB . 28.61 -8.82 -11.68
H2A DPV OB . 28.38 -10.09 -12.88
H3 DPV OB . 29.14 -10.58 -9.95
H3A DPV OB . 28.88 -11.84 -11.16
H4 DPV OB . 31.13 -6.72 -12.09
H4A DPV OB . 30.67 -5.42 -13.20
H5 DPV OB . 32.63 -4.85 -11.63
H5A DPV OB . 33.60 -6.07 -12.48
H6 DPV OB . 34.17 -3.11 -12.03
H6A DPV OB . 34.79 -2.75 -13.68
H6B DPV OB . 35.27 -4.27 -12.85
H7 DPV OB . 34.10 -4.05 -15.58
H7A DPV OB . 32.83 -5.31 -15.44
H7B DPV OB . 34.47 -5.60 -14.76
H8 DPV OB . 31.82 -2.79 -12.91
H8A DPV OB . 31.32 -3.66 -14.39
H8B DPV OB . 32.57 -2.39 -14.49
H15 DPV OB . 26.51 -11.01 -11.47
H15A DPV OB . 26.78 -9.82 -10.20
H16 DPV OB . 26.92 -12.86 -9.85
H16A DPV OB . 27.21 -11.69 -8.57
H17 DPV OB . 24.89 -10.84 -8.75
H17A DPV OB . 24.57 -11.89 -10.12
H18 DPV OB . 24.98 -13.91 -8.64
H18A DPV OB . 25.17 -12.83 -7.27
H19 DPV OB . 22.83 -11.96 -7.64
H19A DPV OB . 22.65 -13.06 -9.02
H20 DPV OB . 23.00 -15.03 -7.48
H20A DPV OB . 23.13 -13.93 -6.11
H21 DPV OB . 20.79 -13.09 -6.57
H21A DPV OB . 20.67 -14.23 -7.91
H22 DPV OB . 20.94 -16.15 -6.34
H22A DPV OB . 21.13 -15.05 -4.98
H23 DPV OB . 18.80 -15.93 -5.08
H23A DPV OB . 18.61 -15.28 -6.72
H23B DPV OB . 18.81 -14.18 -5.33
N GLY A 1 -3.99 2.59 -5.81
CA GLY A 1 -3.25 1.52 -6.51
C GLY A 1 -2.45 0.67 -5.56
N LEU A 2 -1.69 -0.27 -6.11
CA LEU A 2 -0.95 -1.24 -5.30
C LEU A 2 0.08 -0.60 -4.40
N LEU A 3 0.70 0.48 -4.83
CA LEU A 3 1.71 1.16 -4.00
C LEU A 3 1.09 1.65 -2.68
N LYS A 4 -0.05 2.32 -2.75
CA LYS A 4 -0.73 2.75 -1.51
C LYS A 4 -1.22 1.54 -0.73
N TRP A 5 -1.67 0.49 -1.41
CA TRP A 5 -2.17 -0.70 -0.69
C TRP A 5 -1.06 -1.31 0.16
N ILE A 6 0.14 -1.43 -0.42
CA ILE A 6 1.29 -1.97 0.30
C ILE A 6 1.69 -0.98 1.43
N LYS A 7 1.72 0.32 1.12
CA LYS A 7 2.08 1.33 2.13
C LYS A 7 1.08 1.37 3.29
N THR A 8 -0.17 1.03 3.03
CA THR A 8 -1.18 1.00 4.08
C THR A 8 -0.92 -0.17 5.04
N LEU A 9 -0.51 -1.32 4.50
CA LEU A 9 -0.24 -2.50 5.33
C LEU A 9 1.05 -2.35 6.13
N LEU A 10 2.09 -1.82 5.51
CA LEU A 10 3.40 -1.68 6.16
C LEU A 10 3.48 -0.44 7.05
N NH2 A 11 2.76 0.60 6.67
HN1 NH2 A 11 2.20 0.57 5.84
HN2 NH2 A 11 2.78 1.42 7.23
UNK UNX B . 14.15 -10.93 -4.47
N DPV C . 17.31 12.38 0.17
P DPV C . 20.44 9.10 0.63
C1 DPV C . 22.35 8.25 -0.91
C2 DPV C . 23.30 8.86 -1.98
C3 DPV C . 24.20 7.82 -2.69
C4 DPV C . 17.93 9.80 0.46
C5 DPV C . 17.04 10.88 -0.23
C6 DPV C . 18.75 12.82 -0.19
C7 DPV C . 17.06 12.61 1.68
C8 DPV C . 16.34 13.26 -0.62
C15 DPV C . 23.50 7.11 -3.89
C16 DPV C . 24.53 6.33 -4.76
C17 DPV C . 23.88 5.54 -5.93
C18 DPV C . 23.19 4.22 -5.46
C19 DPV C . 22.72 3.36 -6.67
O1P DPV C . 20.13 7.72 1.07
C20 DPV C . 22.16 1.99 -6.18
C21 DPV C . 21.68 1.05 -7.32
C22 DPV C . 22.82 0.52 -8.23
C23 DPV C . 22.36 -0.62 -9.14
O2P DPV C . 21.01 9.92 1.73
O3P DPV C . 21.26 9.19 -0.71
O4P DPV C . 19.25 9.80 -0.13
H1 DPV C . 21.95 7.30 -1.26
H1A DPV C . 22.90 8.12 0.02
H2 DPV C . 22.71 9.42 -2.71
H2A DPV C . 23.94 9.59 -1.48
H3 DPV C . 24.56 7.08 -1.98
H3A DPV C . 25.09 8.34 -3.06
H4 DPV C . 18.02 10.00 1.53
H4A DPV C . 17.48 8.81 0.30
H5 DPV C . 17.18 10.81 -1.31
H5A DPV C . 15.98 10.70 -0.02
H6 DPV C . 18.91 12.60 -1.26
H6A DPV C . 19.46 12.25 0.41
H6B DPV C . 18.85 13.91 0.01
H7 DPV C . 16.04 12.31 1.92
H7A DPV C . 17.22 13.66 1.92
H7B DPV C . 17.75 12.00 2.25
H8 DPV C . 15.31 13.00 -0.33
H8A DPV C . 16.48 13.07 -1.69
H8B DPV C . 16.54 14.30 -0.38
H15 DPV C . 22.99 7.88 -4.50
H15A DPV C . 22.73 6.43 -3.52
H16 DPV C . 25.25 7.02 -5.19
H16A DPV C . 25.09 5.63 -4.12
H17 DPV C . 23.15 6.16 -6.46
H17A DPV C . 24.66 5.29 -6.65
H18 DPV C . 23.92 3.66 -4.86
H18A DPV C . 22.35 4.46 -4.81
H19 DPV C . 21.95 3.89 -7.24
H19A DPV C . 23.56 3.18 -7.34
H20 DPV C . 22.92 1.46 -5.58
H20A DPV C . 21.32 2.17 -5.51
H21 DPV C . 21.16 0.21 -6.86
H21A DPV C . 20.94 1.58 -7.92
H22 DPV C . 23.20 1.35 -8.84
H22A DPV C . 23.65 0.17 -7.60
H23 DPV C . 22.05 -1.48 -8.55
H23A DPV C . 23.16 -0.94 -9.79
H23B DPV C . 21.52 -0.31 -9.78
N DPV D . 25.42 -0.12 13.81
P DPV D . 21.87 0.70 10.87
C1 DPV D . 22.42 -0.26 8.49
C2 DPV D . 21.49 0.57 7.57
C3 DPV D . 21.34 -0.15 6.21
C4 DPV D . 22.93 0.61 13.22
C5 DPV D . 24.25 0.92 13.99
C6 DPV D . 25.03 -1.52 14.35
C7 DPV D . 25.88 -0.24 12.35
C8 DPV D . 26.61 0.39 14.63
C15 DPV D . 20.25 0.47 5.30
C16 DPV D . 20.19 -0.29 3.95
C17 DPV D . 19.03 0.16 3.05
C18 DPV D . 18.97 -0.72 1.77
C19 DPV D . 17.66 -0.58 1.00
O1P DPV D . 21.03 1.90 10.78
C20 DPV D . 17.50 -1.72 -0.04
C21 DPV D . 16.05 -1.74 -0.64
C22 DPV D . 15.81 -3.05 -1.41
C23 DPV D . 14.32 -3.18 -1.81
O2P DPV D . 21.10 -0.51 11.16
O3P DPV D . 22.86 0.52 9.63
O4P DPV D . 23.12 0.90 11.81
H1 DPV D . 21.91 -1.16 8.85
H1A DPV D . 23.31 -0.55 7.93
H2 DPV D . 20.50 0.64 8.05
H2A DPV D . 21.88 1.56 7.42
H3 DPV D . 21.08 -1.20 6.40
H3A DPV D . 22.30 -0.13 5.69
H4 DPV D . 22.64 -0.45 13.34
H4A DPV D . 22.13 1.24 13.58
H5 DPV D . 24.62 1.91 13.68
H5A DPV D . 24.03 1.00 15.07
H6 DPV D . 24.21 -1.92 13.76
H6A DPV D . 24.73 -1.42 15.40
H6B DPV D . 25.91 -2.17 14.27
H7 DPV D . 25.05 -0.68 11.77
H7A DPV D . 26.76 -0.89 12.31
H7B DPV D . 26.10 0.75 11.96
H8 DPV D . 26.91 1.36 14.25
H8A DPV D . 27.43 -0.33 14.54
H8B DPV D . 26.29 0.47 15.68
H15 DPV D . 20.46 1.53 5.15
H15A DPV D . 19.27 0.42 5.81
H16 DPV D . 21.14 -0.14 3.41
H16A DPV D . 20.09 -1.36 4.15
H17 DPV D . 18.09 0.08 3.59
H17A DPV D . 19.16 1.21 2.75
H18 DPV D . 19.82 -0.47 1.13
H18A DPV D . 19.10 -1.78 2.07
H19 DPV D . 16.81 -0.59 1.69
H19A DPV D . 17.65 0.39 0.48
H20 DPV D . 18.24 -1.59 -0.84
H20A DPV D . 17.71 -2.68 0.44
H21 DPV D . 15.33 -1.66 0.17
H21A DPV D . 15.91 -0.87 -1.30
H22 DPV D . 16.44 -3.08 -2.30
H22A DPV D . 16.08 -3.91 -0.78
H23 DPV D . 13.66 -3.10 -0.93
H23A DPV D . 14.15 -4.15 -2.28
H23B DPV D . 14.03 -2.39 -2.53
N DPV E . 26.79 -20.00 8.77
P DPV E . 29.73 -17.21 7.95
C1 DPV E . 32.34 -16.85 8.13
C2 DPV E . 32.57 -15.36 7.78
C3 DPV E . 33.05 -15.15 6.33
C4 DPV E . 29.41 -19.83 8.20
C5 DPV E . 28.07 -20.64 8.09
C6 DPV E . 27.02 -19.64 10.25
C7 DPV E . 26.29 -18.78 7.99
C8 DPV E . 25.67 -21.06 8.71
C15 DPV E . 33.44 -13.66 6.05
C16 DPV E . 33.71 -13.41 4.51
C17 DPV E . 34.00 -11.90 4.17
C18 DPV E . 32.79 -10.94 4.44
C19 DPV E . 32.56 -9.92 3.28
O1P DPV E . 28.98 -16.13 7.29
C20 DPV E . 31.30 -9.02 3.54
C21 DPV E . 29.95 -9.77 3.33
C22 DPV E . 28.73 -8.91 3.74
C23 DPV E . 27.42 -9.71 3.66
O2P DPV E . 29.65 -17.14 9.43
O3P DPV E . 31.22 -17.41 7.38
O4P DPV E . 29.34 -18.65 7.36
H1 DPV E . 33.24 -17.41 7.88
H1A DPV E . 32.15 -16.96 9.19
H2 DPV E . 31.63 -14.81 7.93
H2A DPV E . 33.29 -14.94 8.47
H3 DPV E . 32.25 -15.44 5.64
H3A DPV E . 33.90 -15.81 6.11
H4 DPV E . 29.58 -19.54 9.23
H4A DPV E . 30.22 -20.46 7.84
H5 DPV E . 27.82 -20.83 7.05
H5A DPV E . 28.20 -21.61 8.59
H6 DPV E . 27.39 -20.51 10.79
H6A DPV E . 26.07 -19.30 10.67
H6B DPV E . 27.75 -18.84 10.29
H7 DPV E . 26.11 -19.07 6.95
H7A DPV E . 27.05 -17.99 8.02
H7B DPV E . 25.36 -18.41 8.44
H8 DPV E . 25.98 -21.92 9.31
H8A DPV E . 25.52 -21.37 7.68
H8B DPV E . 24.75 -20.63 9.13
H15 DPV E . 34.33 -13.39 6.64
H15A DPV E . 32.63 -13.03 6.38
H16 DPV E . 34.56 -14.00 4.19
H16A DPV E . 32.85 -13.75 3.94
H17 DPV E . 34.86 -11.57 4.74
H17A DPV E . 34.30 -11.83 3.11
H18 DPV E . 31.89 -11.55 4.55
H18A DPV E . 32.95 -10.43 5.39
H19 DPV E . 33.43 -9.26 3.22
H19A DPV E . 32.47 -10.43 2.32
H20 DPV E . 31.34 -8.63 4.56
H20A DPV E . 31.33 -8.16 2.87
H21 DPV E . 29.87 -10.08 2.28
H21A DPV E . 29.94 -10.68 3.94
H22 DPV E . 28.86 -8.54 4.76
H22A DPV E . 28.67 -8.04 3.09
H23 DPV E . 27.46 -10.58 4.30
H23A DPV E . 27.22 -10.03 2.63
H23B DPV E . 26.58 -9.08 3.99
N DPV F . 28.80 -14.09 11.44
P DPV F . 28.83 -11.25 7.50
C1 DPV F . 27.04 -9.36 7.57
C2 DPV F . 26.61 -8.20 8.48
C3 DPV F . 25.30 -7.50 8.01
C4 DPV F . 29.63 -13.11 9.12
C5 DPV F . 28.60 -14.00 9.89
C6 DPV F . 30.23 -14.55 11.83
C7 DPV F . 27.82 -15.14 11.97
C8 DPV F . 28.48 -12.75 12.12
C15 DPV F . 25.49 -6.65 6.72
C16 DPV F . 24.48 -5.46 6.58
C17 DPV F . 23.02 -5.90 6.29
C18 DPV F . 22.07 -4.69 6.30
C19 DPV F . 20.59 -5.15 6.21
O1P DPV F . 27.84 -12.06 6.76
C20 DPV F . 19.57 -3.97 6.49
C21 DPV F . 19.44 -3.67 8.01
C22 DPV F . 18.46 -2.52 8.32
C23 DPV F . 18.25 -2.35 9.82
O2P DPV F . 30.06 -11.03 6.73
O3P DPV F . 28.24 -9.93 8.16
O4P DPV F . 29.09 -11.79 8.98
H1 DPV F . 26.28 -10.13 7.51
H1A DPV F . 27.28 -9.00 6.56
H2 DPV F . 26.46 -8.59 9.49
H2A DPV F . 27.42 -7.47 8.52
H3 DPV F . 24.98 -6.84 8.82
H3A DPV F . 24.51 -8.25 7.86
H4 DPV F . 30.57 -13.06 9.65
H4A DPV F . 29.81 -13.55 8.12
H5 DPV F . 27.60 -13.63 9.71
H5A DPV F . 28.65 -15.02 9.51
H6 DPV F . 30.93 -13.77 11.55
H6A DPV F . 30.45 -15.47 11.28
H6B DPV F . 30.29 -14.73 12.90
H7 DPV F . 27.99 -16.09 11.46
H7A DPV F . 26.78 -14.78 11.77
H7B DPV F . 27.97 -15.26 13.05
H8 DPV F . 28.59 -12.86 13.20
H8A DPV F . 27.45 -12.48 11.88
H8B DPV F . 29.17 -11.98 11.74
H15 DPV F . 25.41 -7.30 5.83
H15A DPV F . 26.49 -6.24 6.71
H16 DPV F . 24.52 -4.87 7.49
H16A DPV F . 24.82 -4.83 5.77
H17 DPV F . 22.96 -6.39 5.32
H17A DPV F . 22.69 -6.63 7.02
H18 DPV F . 22.22 -4.11 7.22
H18A DPV F . 22.32 -4.04 5.47
H19 DPV F . 20.42 -5.53 5.20
H19A DPV F . 20.40 -5.96 6.91
H20 DPV F . 19.89 -3.09 5.94
H20A DPV F . 18.57 -4.25 6.10
H21 DPV F . 19.11 -4.57 8.53
H21A DPV F . 20.42 -3.39 8.41
H22 DPV F . 18.86 -1.58 7.91
H22A DPV F . 17.50 -2.73 7.84
H23 DPV F . 17.73 -3.22 10.25
H23A DPV F . 17.63 -1.47 10.00
H23B DPV F . 19.19 -2.22 10.35
N DPV G . 31.28 -23.77 5.55
P DPV G . 30.13 -24.67 1.06
C1 DPV G . 32.22 -24.38 -0.49
C2 DPV G . 33.36 -23.33 -0.62
C3 DPV G . 32.78 -21.91 -0.84
C4 DPV G . 30.16 -23.17 3.21
C5 DPV G . 29.99 -23.31 4.75
C6 DPV G . 31.76 -25.16 5.11
C7 DPV G . 30.87 -23.86 7.02
C8 DPV G . 32.41 -22.76 5.43
C15 DPV G . 33.89 -20.83 -0.94
C16 DPV G . 33.26 -19.43 -1.09
C17 DPV G . 34.31 -18.30 -0.98
C18 DPV G . 33.68 -16.88 -1.16
C19 DPV G . 32.76 -16.44 0.00
O1P DPV G . 29.20 -23.71 0.43
C20 DPV G . 32.31 -14.96 -0.14
C21 DPV G . 31.17 -14.60 0.86
C22 DPV G . 30.64 -13.17 0.60
C23 DPV G . 29.33 -12.87 1.35
O2P DPV G . 29.84 -26.06 0.68
O3P DPV G . 31.66 -24.28 0.85
O4P DPV G . 30.27 -24.48 2.63
H1 DPV G . 31.45 -24.18 -1.23
H1A DPV G . 32.61 -25.38 -0.63
H2 DPV G . 33.96 -23.34 0.28
H2A DPV G . 34.00 -23.61 -1.46
H3 DPV G . 32.11 -21.66 -0.02
H3A DPV G . 32.18 -21.91 -1.77
H4 DPV G . 29.29 -22.68 2.81
H4A DPV G . 31.06 -22.60 2.97
H5 DPV G . 29.68 -22.35 5.16
H5A DPV G . 29.21 -24.05 4.95
H6 DPV G . 32.05 -25.11 4.07
H6A DPV G . 30.95 -25.90 5.24
H6B DPV G . 32.62 -25.45 5.73
H7 DPV G . 30.09 -24.62 7.13
H7A DPV G . 30.50 -22.89 7.35
H7B DPV G . 31.75 -24.17 7.62
H8 DPV G . 32.05 -21.79 5.77
H8A DPV G . 32.74 -22.70 4.40
H8B DPV G . 33.23 -23.08 6.08
H15 DPV G . 34.54 -21.04 -1.79
H15A DPV G . 34.49 -20.87 -0.04
H16 DPV G . 32.74 -19.36 -2.05
H16A DPV G . 32.53 -19.30 -0.31
H17 DPV G . 34.83 -18.34 -0.03
H17A DPV G . 35.08 -18.46 -1.76
H18 DPV G . 34.50 -16.17 -1.25
H18A DPV G . 33.11 -16.87 -2.10
H19 DPV G . 31.87 -17.07 0.03
H19A DPV G . 33.29 -16.57 0.95
H20 DPV G . 33.17 -14.30 0.04
H20A DPV G . 31.97 -14.78 -1.16
H21 DPV G . 30.36 -15.32 0.72
H21A DPV G . 31.53 -14.70 1.89
H22 DPV G . 31.39 -12.44 0.89
H22A DPV G . 30.44 -13.05 -0.46
H23 DPV G . 28.56 -13.61 1.09
H23A DPV G . 28.96 -11.88 1.11
H23B DPV G . 29.50 -12.93 2.44
N DPV H . 14.38 -27.95 11.22
P DPV H . 11.22 -24.26 11.90
C1 DPV H . 12.38 -23.81 14.21
C2 DPV H . 13.72 -24.10 14.94
C3 DPV H . 13.69 -23.70 16.44
C4 DPV H . 12.39 -26.28 10.61
C5 DPV H . 13.84 -26.48 11.20
C6 DPV H . 14.60 -28.48 9.80
C7 DPV H . 13.48 -28.91 12.01
C8 DPV H . 15.73 -27.89 11.91
C15 DPV H . 13.82 -22.16 16.70
C16 DPV H . 15.26 -21.65 17.00
C17 DPV H . 16.12 -21.39 15.73
C18 DPV H . 17.44 -20.63 16.05
C19 DPV H . 18.44 -20.56 14.83
O1P DPV H . 10.71 -22.90 11.64
C20 DPV H . 17.99 -19.57 13.71
C21 DPV H . 18.97 -19.60 12.52
C22 DPV H . 18.54 -18.64 11.40
C23 DPV H . 19.55 -18.65 10.23
O2P DPV H . 10.13 -25.16 12.34
O3P DPV H . 12.50 -24.31 12.86
O4P DPV H . 12.08 -24.85 10.69
H1 DPV H . 11.54 -24.31 14.70
H1A DPV H . 12.17 -22.73 14.17
H2 DPV H . 13.94 -25.17 14.88
H2A DPV H . 14.55 -23.59 14.43
H3 DPV H . 14.51 -24.20 16.96
H3A DPV H . 12.77 -24.08 16.90
H4 DPV H . 12.38 -26.57 9.57
H4A DPV H . 11.65 -26.85 11.18
H5 DPV H . 14.54 -25.87 10.63
H5A DPV H . 13.84 -26.14 12.24
H6 DPV H . 15.25 -27.78 9.26
H6A DPV H . 13.66 -28.58 9.31
H6B DPV H . 15.10 -29.45 9.86
H7 DPV H . 13.32 -28.51 13.01
H7A DPV H . 13.97 -29.89 12.07
H7B DPV H . 12.51 -29.01 11.48
H8 DPV H . 15.59 -27.51 12.92
H8A DPV H . 16.39 -27.23 11.33
H8B DPV H . 16.15 -28.91 11.95
H15 DPV H . 13.20 -21.91 17.55
H15A DPV H . 13.39 -21.61 15.86
H16 DPV H . 15.21 -20.72 17.57
H16A DPV H . 15.79 -22.37 17.63
H17 DPV H . 16.35 -22.36 15.29
H17A DPV H . 15.52 -20.84 14.99
H18 DPV H . 17.20 -19.61 16.36
H18A DPV H . 17.96 -21.10 16.88
H19 DPV H . 19.41 -20.24 15.21
H19A DPV H . 18.56 -21.56 14.41
H20 DPV H . 16.98 -19.83 13.37
H20A DPV H . 17.94 -18.56 14.13
H21 DPV H . 19.96 -19.32 12.88
H21A DPV H . 19.04 -20.64 12.14
H22 DPV H . 17.55 -18.92 11.02
H22A DPV H . 18.46 -17.62 11.80
H23 DPV H . 20.54 -18.33 10.55
H23A DPV H . 19.23 -17.97 9.43
H23B DPV H . 19.63 -19.66 9.80
N DPV I . 21.80 -30.59 6.60
P DPV I . 19.31 -27.44 9.15
C1 DPV I . 21.33 -26.23 10.33
C2 DPV I . 21.43 -24.84 11.02
C3 DPV I . 20.15 -24.50 11.86
C4 DPV I . 20.24 -29.82 8.61
C5 DPV I . 21.53 -30.57 8.13
C6 DPV I . 22.00 -29.19 6.02
C7 DPV I . 20.68 -31.30 5.82
C8 DPV I . 23.11 -31.38 6.35
C15 DPV I . 19.05 -23.80 11.01
C16 DPV I . 17.79 -23.52 11.84
C17 DPV I . 16.81 -22.61 11.06
C18 DPV I . 15.53 -22.30 11.88
C19 DPV I . 14.64 -21.25 11.18
O1P DPV I . 18.69 -27.81 10.45
C20 DPV I . 13.49 -20.76 12.08
C21 DPV I . 12.62 -19.67 11.40
C22 DPV I . 13.27 -18.25 11.49
C23 DPV I . 12.32 -17.17 11.00
O2P DPV I . 18.31 -27.25 8.10
O3P DPV I . 20.34 -26.21 9.26
O4P DPV I . 20.50 -28.41 8.72
H1 DPV I . 22.30 -26.48 9.89
H1A DPV I . 21.07 -27.01 11.05
H2 DPV I . 22.29 -24.84 11.69
H2A DPV I . 21.61 -24.07 10.26
H3 DPV I . 20.43 -23.82 12.67
H3A DPV I . 19.75 -25.40 12.33
H4 DPV I . 19.41 -29.97 7.92
H4A DPV I . 19.93 -30.20 9.59
H5 DPV I . 22.40 -30.12 8.61
H5A DPV I . 21.47 -31.61 8.46
H6 DPV I . 22.80 -28.68 6.57
H6A DPV I . 21.06 -28.64 6.16
H6B DPV I . 22.23 -29.25 4.95
H7 DPV I . 20.56 -32.31 6.24
H7A DPV I . 20.96 -31.38 4.77
H7B DPV I . 19.75 -30.74 5.90
H8 DPV I . 23.92 -30.85 6.85
H8A DPV I . 23.29 -31.40 5.28
H8B DPV I . 23.01 -32.39 6.75
H15 DPV I . 18.79 -24.43 10.17
H15A DPV I . 19.45 -22.85 10.63
H16 DPV I . 17.30 -24.47 12.08
H16A DPV I . 18.06 -23.04 12.79
H17 DPV I . 17.30 -21.67 10.82
H17A DPV I . 16.51 -23.09 10.12
H18 DPV I . 14.96 -23.23 12.03
H18A DPV I . 15.82 -21.94 12.86
H19 DPV I . 15.27 -20.40 10.88
H19A DPV I . 14.22 -21.70 10.27
H20 DPV I . 12.85 -21.62 12.32
H20A DPV I . 13.87 -20.40 13.03
H21 DPV I . 12.43 -19.92 10.36
H21A DPV I . 11.64 -19.64 11.90
H22 DPV I . 13.56 -18.05 12.52
H22A DPV I . 14.19 -18.24 10.89
H23 DPV I . 12.81 -16.20 11.02
H23A DPV I . 11.44 -17.11 11.64
H23B DPV I . 11.99 -17.37 10.00
N DPV J . 11.45 -30.60 -7.39
P DPV J . 10.80 -31.26 -12.26
C1 DPV J . 8.15 -31.43 -12.38
C2 DPV J . 7.59 -31.30 -10.94
C3 DPV J . 7.19 -29.84 -10.58
C4 DPV J . 11.81 -30.28 -10.02
C5 DPV J . 10.88 -30.81 -8.86
C6 DPV J . 10.48 -31.25 -6.42
C7 DPV J . 11.55 -29.10 -7.04
C8 DPV J . 12.83 -31.28 -7.20
C15 DPV J . 6.31 -29.74 -9.29
C16 DPV J . 7.11 -29.81 -7.96
C17 DPV J . 6.17 -29.67 -6.73
C18 DPV J . 6.96 -29.42 -5.38
C19 DPV J . 7.44 -27.95 -5.24
O1P DPV J . 10.76 -32.61 -11.64
C20 DPV J . 8.13 -27.70 -3.88
C21 DPV J . 8.50 -26.19 -3.74
C22 DPV J . 9.27 -25.89 -2.42
C23 DPV J . 9.51 -24.37 -2.26
O2P DPV J . 11.72 -31.19 -13.42
O3P DPV J . 9.36 -30.60 -12.56
O4P DPV J . 11.02 -30.08 -11.21
H1 DPV J . 8.40 -32.49 -12.61
H1A DPV J . 7.40 -31.10 -13.09
H2 DPV J . 6.72 -31.94 -10.87
H2A DPV J . 8.34 -31.68 -10.24
H3 DPV J . 6.62 -29.41 -11.42
H3A DPV J . 8.09 -29.22 -10.46
H4 DPV J . 12.23 -29.32 -9.73
H4A DPV J . 12.62 -30.99 -10.22
H5 DPV J . 9.93 -30.30 -8.91
H5A DPV J . 10.71 -31.89 -8.99
H6 DPV J . 9.49 -30.79 -6.56
H6A DPV J . 10.84 -31.10 -5.41
H6B DPV J . 10.41 -32.32 -6.64
H7 DPV J . 10.58 -28.63 -7.19
H7A DPV J . 12.31 -28.62 -7.66
H7B DPV J . 11.85 -29.01 -5.99
H8 DPV J . 12.74 -32.35 -7.42
H8A DPV J . 13.17 -31.13 -6.16
H8B DPV J . 13.54 -30.81 -7.90
H15 DPV J . 5.55 -30.52 -9.30
H15A DPV J . 5.79 -28.78 -9.31
H16 DPV J . 7.65 -30.77 -7.91
H16A DPV J . 7.86 -29.02 -7.96
H17 DPV J . 5.46 -28.85 -6.89
H17A DPV J . 5.60 -30.58 -6.63
H18 DPV J . 6.30 -29.65 -4.55
H18A DPV J . 7.81 -30.10 -5.33
H19 DPV J . 8.14 -27.71 -6.05
H19A DPV J . 6.57 -27.29 -5.35
H20 DPV J . 7.47 -27.97 -3.06
H20A DPV J . 9.03 -28.31 -3.79
H21 DPV J . 9.11 -25.89 -4.59
H21A DPV J . 7.58 -25.62 -3.78
H22 DPV J . 8.70 -26.24 -1.55
H22A DPV J . 10.22 -26.41 -2.42
H23 DPV J . 10.06 -24.16 -1.34
H23A DPV J . 8.57 -23.83 -2.23
H23B DPV J . 10.09 -23.98 -3.10
N DPV K . 8.71 -30.09 -17.39
P DPV K . 6.15 -25.67 -18.54
C1 DPV K . 3.72 -26.30 -19.34
C2 DPV K . 2.69 -25.73 -20.35
C3 DPV K . 2.05 -24.39 -19.88
C4 DPV K . 7.60 -27.80 -18.12
C5 DPV K . 7.39 -29.27 -17.61
C6 DPV K . 9.41 -30.39 -18.73
C7 DPV K . 9.70 -29.38 -16.45
C8 DPV K . 8.31 -31.43 -16.76
C15 DPV K . 2.93 -23.14 -20.20
C16 DPV K . 2.31 -21.80 -19.71
C17 DPV K . 2.33 -21.63 -18.16
C18 DPV K . 2.03 -20.18 -17.73
C19 DPV K . 2.02 -20.05 -16.17
O1P DPV K . 5.62 -25.06 -17.30
C20 DPV K . 2.21 -18.58 -15.72
C21 DPV K . 1.97 -18.35 -14.20
C22 DPV K . 3.05 -19.01 -13.29
C23 DPV K . 2.89 -18.59 -11.81
O2P DPV K . 7.37 -24.99 -19.00
O3P DPV K . 5.04 -25.81 -19.70
O4P DPV K . 6.31 -27.25 -18.45
H1 DPV K . 3.48 -26.00 -18.32
H1A DPV K . 3.75 -27.39 -19.39
H2 DPV K . 3.16 -25.62 -21.33
H2A DPV K . 1.89 -26.47 -20.47
H3 DPV K . 1.83 -24.44 -18.80
H3A DPV K . 1.09 -24.28 -20.39
H4 DPV K . 8.04 -27.20 -17.32
H4A DPV K . 8.23 -27.79 -19.00
H5 DPV K . 6.86 -29.27 -16.66
H5A DPV K . 6.77 -29.83 -18.33
H6 DPV K . 10.30 -31.00 -18.54
H6A DPV K . 9.70 -29.45 -19.21
H6B DPV K . 8.71 -30.94 -19.37
H7 DPV K . 9.20 -29.16 -15.51
H7A DPV K . 10.03 -28.45 -16.92
H7B DPV K . 10.55 -30.04 -16.27
H8 DPV K . 7.83 -31.23 -15.80
H8A DPV K . 9.21 -32.04 -16.60
H8B DPV K . 7.61 -31.95 -17.41
H15 DPV K . 3.06 -23.08 -21.30
H15A DPV K . 3.92 -23.28 -19.78
H16 DPV K . 2.89 -20.97 -20.15
H16A DPV K . 1.28 -21.69 -20.08
H17 DPV K . 1.56 -22.28 -17.72
H17A DPV K . 3.30 -21.93 -17.77
H18 DPV K . 2.80 -19.52 -18.14
H18A DPV K . 1.06 -19.85 -18.12
H19 DPV K . 1.08 -20.44 -15.79
H19A DPV K . 2.84 -20.67 -15.77
H20 DPV K . 3.22 -18.23 -15.98
H20A DPV K . 1.51 -17.95 -16.28
H21 DPV K . 1.97 -17.28 -14.01
H21A DPV K . 0.98 -18.73 -13.93
H22 DPV K . 2.97 -20.09 -13.37
H22A DPV K . 4.05 -18.73 -13.64
H23 DPV K . 1.91 -18.88 -11.44
H23A DPV K . 3.01 -17.51 -11.71
H23B DPV K . 3.65 -19.07 -11.19
N DPV L . 16.44 -24.33 -19.28
P DPV L . 12.35 -21.15 -19.88
C1 DPV L . 11.11 -22.09 -17.77
C2 DPV L . 10.79 -21.73 -16.30
C3 DPV L . 11.63 -22.56 -15.28
C4 DPV L . 14.48 -22.65 -19.82
C5 DPV L . 15.68 -23.03 -18.90
C6 DPV L . 15.56 -25.57 -19.22
C7 DPV L . 17.57 -24.51 -18.27
C8 DPV L . 17.10 -24.23 -20.68
C15 DPV L . 11.01 -22.46 -13.85
C16 DPV L . 11.70 -23.41 -12.82
C17 DPV L . 12.53 -22.63 -11.75
C18 DPV L . 13.16 -23.60 -10.71
C19 DPV L . 14.17 -22.88 -9.75
O1P DPV L . 12.53 -19.89 -20.62
C20 DPV L . 13.46 -22.15 -8.57
C21 DPV L . 14.48 -21.64 -7.52
C22 DPV L . 13.75 -20.91 -6.36
C23 DPV L . 14.74 -20.51 -5.23
O2P DPV L . 11.67 -22.18 -20.69
O3P DPV L . 11.71 -20.94 -18.42
O4P DPV L . 13.69 -21.64 -19.18
H1 DPV L . 11.81 -22.94 -17.81
H1A DPV L . 10.19 -22.35 -18.31
H2 DPV L . 10.99 -20.65 -16.12
H2A DPV L . 9.73 -21.88 -16.14
H3 DPV L . 12.67 -22.22 -15.27
H3A DPV L . 11.62 -23.61 -15.59
H4 DPV L . 14.83 -22.28 -20.78
H4A DPV L . 13.84 -23.53 -20.01
H5 DPV L . 16.40 -22.22 -18.93
H5A DPV L . 15.33 -23.14 -17.85
H6 DPV L . 15.12 -25.63 -18.23
H6A DPV L . 16.18 -26.45 -19.41
H6B DPV L . 14.77 -25.48 -19.98
H7 DPV L . 18.16 -25.40 -18.53
H7A DPV L . 17.13 -24.64 -17.28
H7B DPV L . 18.21 -23.62 -18.31
H8 DPV L . 16.32 -24.09 -21.44
H8A DPV L . 17.67 -25.14 -20.88
H8B DPV L . 17.78 -23.37 -20.70
H15 DPV L . 9.95 -22.75 -13.92
H15A DPV L . 11.02 -21.43 -13.51
H16 DPV L . 10.93 -24.00 -12.31
H16A DPV L . 12.34 -24.12 -13.34
H17 DPV L . 13.31 -22.05 -12.23
H17A DPV L . 11.88 -21.91 -11.25
H18 DPV L . 12.36 -24.08 -10.13
H18A DPV L . 13.70 -24.38 -11.23
H19 DPV L . 14.85 -23.64 -9.33
H19A DPV L . 14.77 -22.17 -10.31
H20 DPV L . 12.86 -21.31 -8.95
H20A DPV L . 12.77 -22.85 -8.08
H21 DPV L . 15.06 -22.48 -7.13
H21A DPV L . 15.19 -20.95 -7.99
H22 DPV L . 13.28 -20.02 -6.74
H22A DPV L . 12.99 -21.57 -5.95
H23 DPV L . 15.53 -19.88 -5.61
H23A DPV L . 15.19 -21.40 -4.78
H23B DPV L . 14.19 -19.97 -4.45
N DPV M . 0.21 -10.74 -20.95
P DPV M . -3.39 -9.82 -17.73
C1 DPV M . -4.41 -7.52 -17.11
C2 DPV M . -4.54 -6.06 -17.63
C3 DPV M . -5.41 -5.17 -16.67
C4 DPV M . -1.48 -11.12 -18.93
C5 DPV M . 0.00 -10.89 -19.41
C6 DPV M . -0.55 -9.52 -21.52
C7 DPV M . -0.19 -12.02 -21.73
C8 DPV M . 1.71 -10.51 -21.19
C15 DPV M . -4.58 -4.56 -15.48
C16 DPV M . -5.48 -3.88 -14.41
C17 DPV M . -6.09 -4.86 -13.34
C18 DPV M . -5.05 -5.23 -12.24
C19 DPV M . -5.66 -6.19 -11.18
O1P DPV M . -4.52 -10.56 -18.31
C20 DPV M . -4.74 -6.47 -9.96
C21 DPV M . -3.54 -7.43 -10.29
C22 DPV M . -2.60 -7.65 -9.05
C23 DPV M . -3.07 -8.80 -8.13
O2P DPV M . -3.13 -10.20 -16.32
O3P DPV M . -3.49 -8.25 -17.95
O4P DPV M . -2.08 -9.84 -18.64
H1 DPV M . -4.03 -7.51 -16.10
H1A DPV M . -5.38 -8.00 -17.15
H2 DPV M . -3.54 -5.63 -17.72
H2A DPV M . -4.98 -6.05 -18.61
H3 DPV M . -6.22 -5.76 -16.26
H3A DPV M . -5.86 -4.35 -17.24
H4 DPV M . -2.06 -11.62 -19.70
H4A DPV M . -1.47 -11.71 -18.00
H5 DPV M . 0.42 -10.01 -18.90
H5A DPV M . 0.59 -11.76 -19.11
H6 DPV M . -1.63 -9.69 -21.43
H6A DPV M . -0.28 -9.37 -22.57
H6B DPV M . -0.25 -8.64 -20.94
H7 DPV M . 0.37 -12.86 -21.32
H7A DPV M . 0.08 -11.87 -22.78
H7B DPV M . -1.27 -12.17 -21.63
H8 DPV M . 2.25 -11.39 -20.84
H8A DPV M . 2.01 -9.62 -20.62
H8B DPV M . 1.88 -10.36 -22.26
H15 DPV M . -3.88 -3.83 -15.88
H15A DPV M . -3.98 -5.33 -15.02
H16 DPV M . -4.90 -3.11 -13.89
H16A DPV M . -6.31 -3.36 -14.91
H17 DPV M . -6.95 -4.36 -12.90
H17A DPV M . -6.45 -5.76 -13.85
H18 DPV M . -4.18 -5.69 -12.70
H18A DPV M . -4.69 -4.33 -11.74
H19 DPV M . -6.59 -5.75 -10.81
H19A DPV M . -5.94 -7.14 -11.68
H20 DPV M . -4.35 -5.52 -9.58
H20A DPV M . -5.34 -6.90 -9.17
H21 DPV M . -3.92 -8.40 -10.63
H21A DPV M . -2.95 -7.01 -11.10
H22 DPV M . -1.58 -7.88 -9.40
H22A DPV M . -2.53 -6.74 -8.46
H23 DPV M . -3.09 -9.76 -8.67
H23A DPV M . -4.09 -8.61 -7.74
H23B DPV M . -2.39 -8.90 -7.27
N DPV N . 7.86 -2.53 -23.67
P DPV N . 3.42 -3.32 -22.03
C1 DPV N . 2.86 -1.30 -20.44
C2 DPV N . 2.64 -1.04 -18.93
C3 DPV N . 2.10 0.39 -18.66
C4 DPV N . 5.20 -2.44 -23.72
C5 DPV N . 6.55 -1.67 -23.78
C6 DPV N . 9.06 -1.58 -23.61
C7 DPV N . 8.04 -3.46 -24.88
C8 DPV N . 7.87 -3.37 -22.38
C15 DPV N . 1.83 0.64 -17.15
C16 DPV N . 0.31 0.57 -16.73
C17 DPV N . -0.38 -0.81 -16.92
C18 DPV N . 0.05 -1.87 -15.86
C19 DPV N . -0.72 -3.21 -16.04
O1P DPV N . 2.27 -2.93 -22.90
C20 DPV N . -0.52 -4.23 -14.89
C21 DPV N . -1.19 -3.81 -13.53
C22 DPV N . -1.36 -4.97 -12.52
C23 DPV N . -0.07 -5.33 -11.75
O2P DPV N . 3.61 -4.78 -22.00
O3P DPV N . 3.33 -2.66 -20.56
O4P DPV N . 4.77 -2.51 -22.35
H1 DPV N . 1.92 -1.17 -20.97
H1A DPV N . 3.60 -0.61 -20.85
H2 DPV N . 1.95 -1.79 -18.55
H2A DPV N . 3.59 -1.17 -18.41
H3 DPV N . 1.20 0.55 -19.25
H3A DPV N . 2.84 1.12 -19.00
H4 DPV N . 4.44 -1.91 -24.31
H4A DPV N . 5.32 -3.46 -24.12
H5 DPV N . 6.62 -1.13 -24.74
H5A DPV N . 6.57 -0.94 -22.97
H6 DPV N . 8.96 -0.93 -22.74
H6A DPV N . 9.07 -0.96 -24.52
H6B DPV N . 9.97 -2.17 -23.55
H7 DPV N . 7.23 -4.21 -24.88
H7A DPV N . 9.02 -3.94 -24.83
H7B DPV N . 7.97 -2.86 -25.80
H8 DPV N . 7.05 -4.10 -22.42
H8A DPV N . 7.72 -2.72 -21.52
H8B DPV N . 8.83 -3.89 -22.28
H15 DPV N . 2.21 1.63 -16.89
H15A DPV N . 2.41 -0.07 -16.53
H16 DPV N . 0.23 0.88 -15.68
H16A DPV N . -0.24 1.32 -17.30
H17 DPV N . -1.46 -0.67 -16.82
H17A DPV N . -0.20 -1.19 -17.91
H18 DPV N . 1.13 -2.07 -15.94
H18A DPV N . -0.13 -1.46 -14.85
H19 DPV N . -1.79 -2.99 -16.15
H19A DPV N . -0.43 -3.68 -16.99
H20 DPV N . -0.96 -5.19 -15.19
H20A DPV N . 0.55 -4.40 -14.74
H21 DPV N . -0.59 -3.01 -13.07
H21A DPV N . -2.17 -3.37 -13.73
H22 DPV N . -2.12 -4.68 -11.80
H22A DPV N . -1.73 -5.85 -13.03
H23 DPV N . 0.73 -5.58 -12.45
H23A DPV N . -0.25 -6.18 -11.09
H23B DPV N . 0.24 -4.47 -11.15
N DPV O . 14.28 2.95 -19.01
P DPV O . 14.06 -1.08 -21.68
C1 DPV O . 15.49 -2.69 -20.20
C2 DPV O . 15.35 -3.96 -19.31
C3 DPV O . 15.76 -5.29 -20.07
C4 DPV O . 14.94 1.30 -21.01
C5 DPV O . 14.07 2.52 -20.50
C6 DPV O . 13.30 4.09 -18.73
C7 DPV O . 15.71 3.45 -18.73
C8 DPV O . 13.95 1.81 -18.02
C15 DPV O . 14.69 -5.84 -21.06
C16 DPV O . 13.51 -6.52 -20.31
C17 DPV O . 12.60 -7.35 -21.27
C18 DPV O . 11.41 -7.98 -20.48
C19 DPV O . 10.54 -8.92 -21.35
O1P DPV O . 12.71 -1.02 -22.28
C20 DPV O . 9.30 -9.44 -20.56
C21 DPV O . 8.55 -10.60 -21.27
C22 DPV O . 9.12 -11.99 -20.87
C23 DPV O . 8.17 -13.14 -21.31
O2P DPV O . 15.12 -1.17 -22.72
O3P DPV O . 14.17 -2.19 -20.54
O4P DPV O . 14.31 0.08 -20.59
H1 DPV O . 16.05 -1.92 -19.67
H1A DPV O . 16.02 -2.92 -21.11
H2 DPV O . 16.01 -3.84 -18.45
H2A DPV O . 14.33 -4.04 -18.93
H3 DPV O . 15.99 -6.04 -19.32
H3A DPV O . 16.69 -5.11 -20.61
H4 DPV O . 14.98 1.32 -22.10
H4A DPV O . 15.94 1.34 -20.58
H5 DPV O . 14.33 3.40 -21.09
H5A DPV O . 13.01 2.28 -20.65
H6 DPV O . 12.28 3.74 -18.92
H6A DPV O . 13.54 4.92 -19.40
H6B DPV O . 13.40 4.40 -17.69
H7 DPV O . 16.38 2.58 -18.73
H7A DPV O . 15.73 3.94 -17.75
H7B DPV O . 15.99 4.16 -19.51
H8 DPV O . 14.61 0.99 -18.25
H8A DPV O . 12.91 1.53 -18.14
H8B DPV O . 14.13 2.18 -17.01
H15 DPV O . 15.18 -6.58 -21.70
H15A DPV O . 14.33 -5.05 -21.71
H16 DPV O . 13.89 -7.19 -19.54
H16A DPV O . 12.90 -5.75 -19.82
H17 DPV O . 12.22 -6.70 -22.06
H17A DPV O . 13.20 -8.12 -21.74
H18 DPV O . 11.80 -8.55 -19.63
H18A DPV O . 10.78 -7.17 -20.06
H19 DPV O . 10.22 -8.39 -22.24
H19A DPV O . 11.15 -9.77 -21.67
H20 DPV O . 9.60 -9.74 -19.57
H20A DPV O . 8.60 -8.63 -20.43
H21 DPV O . 7.50 -10.54 -20.99
H21A DPV O . 8.60 -10.48 -22.35
H22 DPV O . 10.10 -12.13 -21.32
H22A DPV O . 9.22 -12.05 -19.78
H23 DPV O . 8.56 -14.11 -20.98
H23A DPV O . 8.08 -13.16 -22.39
H23B DPV O . 7.18 -13.00 -20.90
N DPV P . 8.42 9.47 -14.25
P DPV P . 5.90 5.76 -16.01
C1 DPV P . 5.06 3.34 -16.49
C2 DPV P . 5.52 1.87 -16.34
C3 DPV P . 6.06 1.31 -17.69
C4 DPV P . 8.01 7.31 -15.71
C5 DPV P . 7.74 8.08 -14.37
C6 DPV P . 7.92 10.45 -15.33
C7 DPV P . 9.97 9.37 -14.30
C8 DPV P . 8.04 10.04 -12.87
C15 DPV P . 6.37 -0.24 -17.64
C16 DPV P . 7.78 -0.60 -17.06
C17 DPV P . 7.78 -0.88 -15.54
C18 DPV P . 7.24 -2.29 -15.17
C19 DPV P . 7.09 -2.44 -13.64
O1P DPV P . 4.98 6.02 -14.88
C20 DPV P . 6.68 -3.89 -13.26
C21 DPV P . 6.69 -4.09 -11.72
C22 DPV P . 5.41 -3.56 -11.02
C23 DPV P . 5.58 -3.51 -9.49
O2P DPV P . 5.49 6.48 -17.24
O3P DPV P . 6.19 4.21 -16.26
O4P DPV P . 7.44 5.98 -15.63
H1 DPV P . 4.63 3.52 -17.47
H1A DPV P . 4.31 3.55 -15.72
H2 DPV P . 6.30 1.81 -15.57
H2A DPV P . 4.68 1.26 -16.01
H3 DPV P . 6.96 1.86 -17.99
H3A DPV P . 5.31 1.47 -18.45
H4 DPV P . 7.57 7.85 -16.56
H4A DPV P . 9.09 7.21 -15.85
H5 DPV P . 6.66 8.25 -14.25
H5A DPV P . 8.09 7.48 -13.53
H6 DPV P . 6.83 10.52 -15.26
H6A DPV P . 8.22 10.09 -16.32
H6B DPV P . 8.37 11.44 -15.14
H7 DPV P . 10.38 10.37 -14.18
H7A DPV P . 10.27 8.98 -15.28
H7B DPV P . 10.32 8.72 -13.52
H8 DPV P . 8.38 9.35 -12.09
H8A DPV P . 6.95 10.14 -12.82
H8B DPV P . 8.51 11.02 -12.74
H15 DPV P . 6.33 -0.61 -18.66
H15A DPV P . 5.58 -0.76 -17.09
H16 DPV P . 8.16 -1.49 -17.59
H16A DPV P . 8.48 0.21 -17.28
H17 DPV P . 8.80 -0.77 -15.15
H17A DPV P . 7.19 -0.12 -15.02
H18 DPV P . 6.27 -2.48 -15.64
H18A DPV P . 7.93 -3.04 -15.54
H19 DPV P . 8.05 -2.19 -13.18
H19A DPV P . 6.35 -1.73 -13.28
H20 DPV P . 5.69 -4.11 -13.65
H20A DPV P . 7.39 -4.60 -13.70
H21 DPV P . 6.78 -5.15 -11.50
H21A DPV P . 7.58 -3.60 -11.30
H22 DPV P . 5.16 -2.56 -11.38
H22A DPV P . 4.57 -4.21 -11.28
H23 DPV P . 5.83 -4.49 -9.07
H23A DPV P . 4.64 -3.18 -9.05
H23B DPV P . 6.35 -2.80 -9.20
N DPV Q . 22.00 11.18 -6.28
P DPV Q . 23.01 8.30 -9.96
C1 DPV Q . 23.87 5.81 -9.83
C2 DPV Q . 23.48 5.05 -11.13
C3 DPV Q . 22.32 4.04 -10.89
C4 DPV Q . 23.15 9.05 -7.40
C5 DPV Q . 22.83 10.59 -7.47
C6 DPV Q . 22.82 11.26 -4.99
C7 DPV Q . 20.68 10.39 -6.00
C8 DPV Q . 21.60 12.61 -6.67
C15 DPV Q . 21.69 3.60 -12.25
C16 DPV Q . 20.92 2.25 -12.16
C17 DPV Q . 19.45 2.36 -11.68
C18 DPV Q . 19.29 2.12 -10.16
C19 DPV Q . 17.80 1.96 -9.76
O1P DPV Q . 21.72 9.02 -10.07
C20 DPV Q . 17.64 1.64 -8.24
C21 DPV Q . 16.18 1.27 -7.82
C22 DPV Q . 15.13 2.43 -7.95
C23 DPV Q . 15.31 3.51 -6.86
O2P DPV Q . 23.82 8.47 -11.19
O3P DPV Q . 22.84 6.78 -9.49
O4P DPV Q . 23.83 8.65 -8.61
H1 DPV Q . 24.00 5.08 -9.02
H1A DPV Q . 24.83 6.34 -9.97
H2 DPV Q . 23.17 5.79 -11.88
H2A DPV Q . 24.34 4.52 -11.54
H3 DPV Q . 21.54 4.49 -10.26
H3A DPV Q . 22.72 3.17 -10.36
H4 DPV Q . 23.79 8.84 -6.56
H4A DPV Q . 22.22 8.46 -7.32
H5 DPV Q . 23.76 11.15 -7.54
H5A DPV Q . 22.25 10.78 -8.37
H6 DPV Q . 22.21 11.74 -4.20
H6A DPV Q . 23.72 11.85 -5.19
H6B DPV Q . 23.10 10.25 -4.68
H7 DPV Q . 20.09 10.38 -6.93
H7A DPV Q . 20.13 10.91 -5.20
H7B DPV Q . 20.93 9.38 -5.70
H8 DPV Q . 21.01 12.57 -7.59
H8A DPV Q . 22.50 13.19 -6.82
H8B DPV Q . 21.00 13.04 -5.87
H15 DPV Q . 22.48 3.49 -12.98
H15A DPV Q . 21.01 4.38 -12.62
H16 DPV Q . 20.89 1.82 -13.17
H16A DPV Q . 21.46 1.53 -11.54
H17 DPV Q . 19.05 3.33 -11.95
H17A DPV Q . 18.85 1.61 -12.21
H18 DPV Q . 19.83 1.23 -9.89
H18A DPV Q . 19.73 2.96 -9.61
H19 DPV Q . 17.26 2.89 -10.00
H19A DPV Q . 17.35 1.16 -10.35
H20 DPV Q . 18.29 0.81 -7.99
H20A DPV Q . 17.99 2.50 -7.65
H21 DPV Q . 15.85 0.43 -8.43
H21A DPV Q . 16.20 0.91 -6.79
H22 DPV Q . 15.19 2.89 -8.94
H22A DPV Q . 14.14 2.00 -7.85
H23 DPV Q . 15.33 3.05 -5.86
H23A DPV Q . 14.48 4.21 -6.91
H23B DPV Q . 16.24 4.06 -7.00
N DPV R . 26.85 6.54 -14.40
P DPV R . 24.31 3.81 -17.20
C1 DPV R . 23.25 2.09 -15.49
C2 DPV R . 24.44 1.24 -14.97
C3 DPV R . 24.96 1.73 -13.61
C4 DPV R . 26.65 4.65 -16.25
C5 DPV R . 26.17 5.22 -14.87
C6 DPV R . 28.35 6.32 -14.11
C7 DPV R . 26.19 6.98 -13.08
C8 DPV R . 26.68 7.68 -15.41
C15 DPV R . 26.26 0.98 -13.19
C16 DPV R . 26.81 1.46 -11.82
C17 DPV R . 25.96 0.96 -10.61
C18 DPV R . 26.60 1.28 -9.24
C19 DPV R . 26.31 2.74 -8.74
O1P DPV R . 24.08 5.20 -17.62
C20 DPV R . 27.02 3.09 -7.38
C21 DPV R . 26.63 2.17 -6.19
C22 DPV R . 27.22 2.69 -4.86
C23 DPV R . 26.94 1.70 -3.70
O2P DPV R . 23.89 2.86 -18.27
O3P DPV R . 23.69 3.45 -15.76
O4P DPV R . 25.80 3.54 -16.65
H1 DPV R . 22.85 1.64 -16.40
H1A DPV R . 22.46 2.13 -14.72
H2 DPV R . 24.10 0.20 -14.88
H2A DPV R . 25.24 1.26 -15.70
H3 DPV R . 24.19 1.59 -12.84
H3A DPV R . 25.17 2.79 -13.64
H4 DPV R . 26.61 5.41 -17.03
H4A DPV R . 27.68 4.27 -16.15
H5 DPV R . 25.10 5.43 -14.91
H5A DPV R . 26.35 4.48 -14.08
H6 DPV R . 28.45 5.53 -13.36
H6A DPV R . 28.78 7.25 -13.72
H6B DPV R . 28.86 6.04 -15.04
H7 DPV R . 26.65 7.92 -12.74
H7A DPV R . 26.36 6.20 -12.32
H7B DPV R . 25.12 7.10 -13.24
H8 DPV R . 25.62 7.79 -15.63
H8A DPV R . 27.23 7.41 -16.34
H8B DPV R . 27.10 8.59 -14.98
H15 DPV R . 27.01 1.14 -13.96
H15A DPV R . 26.07 -0.09 -13.17
H16 DPV R . 27.81 1.08 -11.72
H16A DPV R . 26.88 2.56 -11.81
H17 DPV R . 24.94 1.39 -10.65
H17A DPV R . 25.85 -0.12 -10.69
H18 DPV R . 26.19 0.55 -8.53
H18A DPV R . 27.66 1.10 -9.29
H19 DPV R . 26.64 3.44 -9.50
H19A DPV R . 25.23 2.87 -8.63
H20 DPV R . 28.10 3.03 -7.52
H20A DPV R . 26.77 4.12 -7.13
H21 DPV R . 25.54 2.14 -6.10
H21A DPV R . 26.96 1.15 -6.37
H22 DPV R . 28.29 2.83 -4.96
H22A DPV R . 26.77 3.65 -4.62
H23 DPV R . 25.87 1.56 -3.55
H23A DPV R . 27.37 2.10 -2.78
H23B DPV R . 27.41 0.73 -3.88
N DPV S . 31.00 1.62 -14.54
P DPV S . 32.79 -1.75 -11.06
C1 DPV S . 31.06 -3.69 -10.87
C2 DPV S . 30.29 -4.43 -9.78
C3 DPV S . 29.58 -5.69 -10.30
C4 DPV S . 31.95 -0.23 -12.97
C5 DPV S . 30.74 0.66 -13.35
C6 DPV S . 32.22 2.55 -14.30
C7 DPV S . 29.76 2.53 -14.67
C8 DPV S . 31.18 0.85 -15.86
C15 DPV S . 28.74 -6.35 -9.17
C16 DPV S . 28.03 -7.66 -9.60
C17 DPV S . 26.78 -7.41 -10.51
C18 DPV S . 25.99 -8.72 -10.79
C19 DPV S . 24.77 -8.45 -11.71
O1P DPV S . 33.66 -2.55 -11.97
C20 DPV S . 23.67 -9.54 -11.62
C21 DPV S . 22.39 -9.09 -12.37
C22 DPV S . 21.10 -9.82 -11.83
C23 DPV S . 19.84 -9.33 -12.56
O2P DPV S . 33.60 -0.84 -10.23
O3P DPV S . 31.77 -2.62 -10.21
O4P DPV S . 31.59 -1.02 -11.81
H1 DPV S . 31.78 -4.34 -11.38
H1A DPV S . 30.38 -3.28 -11.60
H2 DPV S . 30.99 -4.73 -8.99
H2A DPV S . 29.55 -3.77 -9.33
H3 DPV S . 30.32 -6.39 -10.68
H3A DPV S . 28.93 -5.42 -11.15
H4 DPV S . 32.22 -0.90 -13.78
H4A DPV S . 32.80 0.41 -12.70
H5 DPV S . 29.89 0.01 -13.61
H5A DPV S . 30.46 1.26 -12.46
H6 DPV S . 32.12 3.00 -13.30
H6A DPV S . 32.24 3.32 -15.07
H6B DPV S . 33.14 1.93 -14.34
H7 DPV S . 29.63 3.09 -13.73
H7A DPV S . 28.89 1.89 -14.85
H7B DPV S . 29.91 3.22 -15.50
H8 DPV S . 31.30 1.57 -16.68
H8A DPV S . 30.27 0.24 -16.04
H8B DPV S . 32.06 0.21 -15.78
H15 DPV S . 28.00 -5.62 -8.82
H15A DPV S . 29.40 -6.56 -8.33
H16 DPV S . 28.72 -8.32 -10.10
H16A DPV S . 27.69 -8.19 -8.71
H17 DPV S . 26.13 -6.68 -10.03
H17A DPV S . 27.10 -6.96 -11.45
H18 DPV S . 26.65 -9.47 -11.26
H18A DPV S . 25.65 -9.13 -9.83
H19 DPV S . 24.33 -7.47 -11.44
H19A DPV S . 25.12 -8.38 -12.74
H20 DPV S . 24.05 -10.48 -12.03
H20A DPV S . 23.44 -9.72 -10.56
H21 DPV S . 22.23 -8.02 -12.27
H21A DPV S . 22.51 -9.31 -13.43
H22 DPV S . 21.21 -10.91 -11.96
H22A DPV S . 20.99 -9.65 -10.77
H23 DPV S . 18.96 -9.88 -12.21
H23A DPV S . 19.92 -9.48 -13.64
H23B DPV S . 19.65 -8.27 -12.36
N DPV T . 33.92 -0.32 3.61
P DPV T . 33.00 -4.95 1.25
C1 DPV T . 30.50 -4.73 2.02
C2 DPV T . 29.12 -4.30 1.44
C3 DPV T . 28.07 -3.96 2.55
C4 DPV T . 33.46 -2.55 2.26
C5 DPV T . 33.74 -1.89 3.64
C6 DPV T . 32.65 0.38 3.08
C7 DPV T . 35.13 0.11 2.77
C8 DPV T . 34.15 0.15 5.05
C15 DPV T . 27.26 -5.17 3.11
C16 DPV T . 26.26 -5.79 2.07
C17 DPV T . 25.05 -6.48 2.75
C18 DPV T . 24.16 -7.22 1.71
C19 DPV T . 22.77 -7.63 2.28
O1P DPV T . 33.89 -4.66 0.11
C20 DPV T . 21.67 -6.56 1.99
C21 DPV T . 20.25 -7.02 2.45
C22 DPV T . 19.12 -6.11 1.91
C23 DPV T . 18.97 -4.77 2.71
O2P DPV T . 33.08 -6.37 1.62
O3P DPV T . 31.50 -4.46 1.00
O4P DPV T . 33.24 -3.97 2.50
H1 DPV T . 30.73 -4.15 2.92
H1A DPV T . 30.50 -5.78 2.30
H2 DPV T . 29.29 -3.43 0.83
H2A DPV T . 28.74 -5.08 0.77
H3 DPV T . 27.37 -3.24 2.13
H3A DPV T . 28.56 -3.43 3.38
H4 DPV T . 32.57 -2.13 1.80
H4A DPV T . 34.32 -2.43 1.59
H5 DPV T . 32.90 -2.09 4.31
H5A DPV T . 34.65 -2.31 4.08
H6 DPV T . 31.78 0.05 3.69
H6A DPV T . 32.48 0.08 2.04
H6B DPV T . 32.76 1.47 3.14
H7 DPV T . 36.01 -0.41 3.14
H7A DPV T . 35.26 1.18 2.88
H7B DPV T . 34.93 -0.16 1.73
H8 DPV T . 35.10 -0.26 5.40
H8A DPV T . 33.33 -0.20 5.67
H8B DPV T . 34.18 1.25 5.06
H15 DPV T . 26.71 -4.83 3.98
H15A DPV T . 27.95 -5.96 3.45
H16 DPV T . 25.89 -5.00 1.40
H16A DPV T . 26.81 -6.51 1.45
H17 DPV T . 25.40 -7.21 3.46
H17A DPV T . 24.44 -5.74 3.29
H18 DPV T . 24.04 -6.62 0.81
H18A DPV T . 24.69 -8.13 1.41
H19 DPV T . 22.47 -8.56 1.81
H19A DPV T . 22.82 -7.83 3.35
H20 DPV T . 21.91 -5.62 2.51
H20A DPV T . 21.66 -6.35 0.92
H21 DPV T . 20.08 -8.03 2.05
H21A DPV T . 20.22 -7.10 3.53
H22 DPV T . 19.27 -5.89 0.87
H22A DPV T . 18.16 -6.64 1.99
H23 DPV T . 19.93 -4.24 2.74
H23A DPV T . 18.66 -4.99 3.73
H23B DPV T . 18.22 -4.13 2.26
N DPV U . 37.43 -11.28 -8.75
P DPV U . 35.41 -15.10 -8.49
C1 DPV U . 35.10 -17.40 -7.32
C2 DPV U . 35.44 -18.11 -5.97
C3 DPV U . 34.62 -19.41 -5.74
C4 DPV U . 37.74 -13.87 -8.18
C5 DPV U . 37.87 -12.71 -9.23
C6 DPV U . 37.96 -10.94 -7.36
C7 DPV U . 35.90 -11.13 -8.78
C8 DPV U . 38.05 -10.24 -9.72
C15 DPV U . 33.14 -19.08 -5.36
C16 DPV U . 32.34 -20.37 -4.98
C17 DPV U . 30.78 -20.17 -5.01
C18 DPV U . 30.17 -19.47 -3.76
C19 DPV U . 30.23 -17.91 -3.80
O1P DPV U . 33.99 -14.72 -8.50
C20 DPV U . 29.34 -17.25 -2.73
C21 DPV U . 29.35 -15.70 -2.87
C22 DPV U . 28.28 -14.99 -1.99
C23 DPV U . 26.88 -15.03 -2.64
O2P DPV U . 35.90 -15.50 -9.84
O3P DPV U . 35.78 -16.14 -7.35
O4P DPV U . 36.35 -14.04 -7.76
H1 DPV U . 35.43 -18.02 -8.16
H1A DPV U . 34.02 -17.22 -7.40
H2 DPV U . 36.50 -18.35 -5.96
H2A DPV U . 35.26 -17.42 -5.15
H3 DPV U . 35.07 -19.96 -4.93
H3A DPV U . 34.65 -20.05 -6.63
H4 DPV U . 38.08 -14.82 -8.62
H4A DPV U . 38.34 -13.65 -7.28
H5 DPV U . 38.93 -12.64 -9.52
H5A DPV U . 37.29 -12.97 -10.13
H6 DPV U . 39.03 -11.15 -7.33
H6A DPV U . 37.44 -11.56 -6.63
H6B DPV U . 37.77 -9.88 -7.17
H7 DPV U . 35.46 -11.83 -8.07
H7A DPV U . 35.53 -11.33 -9.79
H7B DPV U . 35.65 -10.11 -8.49
H8 DPV U . 37.66 -10.45 -10.72
H8A DPV U . 39.14 -10.34 -9.70
H8B DPV U . 37.76 -9.24 -9.39
H15 DPV U . 32.64 -18.59 -6.20
H15A DPV U . 33.12 -18.40 -4.52
H16 DPV U . 32.59 -21.15 -5.70
H16A DPV U . 32.64 -20.74 -3.99
H17 DPV U . 30.50 -19.64 -5.92
H17A DPV U . 30.34 -21.16 -5.09
H18 DPV U . 29.11 -19.74 -3.71
H18A DPV U . 30.63 -19.84 -2.84
H19 DPV U . 31.27 -17.60 -3.61
H19A DPV U . 29.95 -17.56 -4.79
H20 DPV U . 28.31 -17.62 -2.84
H20A DPV U . 29.68 -17.54 -1.73
H21 DPV U . 30.33 -15.35 -2.57
H21A DPV U . 29.22 -15.41 -3.91
H22 DPV U . 28.24 -15.47 -0.99
H22A DPV U . 28.58 -13.96 -1.85
H23 DPV U . 26.90 -14.63 -3.66
H23A DPV U . 26.18 -14.43 -2.06
H23B DPV U . 26.50 -16.04 -2.70
N DPV V . 26.61 -26.91 3.11
P DPV V . 25.41 -21.96 4.41
C1 DPV V . 24.00 -19.95 3.51
C2 DPV V . 23.58 -19.25 2.18
C3 DPV V . 22.54 -18.12 2.43
C4 DPV V . 26.09 -24.43 3.89
C5 DPV V . 26.26 -25.43 2.71
C6 DPV V . 27.91 -26.97 3.94
C7 DPV V . 26.85 -27.70 1.82
C8 DPV V . 25.47 -27.58 3.91
C15 DPV V . 22.29 -17.27 1.16
C16 DPV V . 21.04 -16.36 1.34
C17 DPV V . 20.86 -15.37 0.16
C18 DPV V . 19.45 -14.71 0.18
C19 DPV V . 19.31 -13.54 -0.83
O1P DPV V . 24.40 -22.29 5.43
C20 DPV V . 17.80 -13.15 -1.01
C21 DPV V . 17.58 -11.83 -1.79
C22 DPV V . 16.09 -11.60 -2.16
C23 DPV V . 15.77 -10.12 -2.51
O2P DPV V . 26.64 -21.42 5.00
O3P DPV V . 24.85 -21.10 3.20
O4P DPV V . 25.69 -23.14 3.38
H1 DPV V . 24.59 -19.26 4.13
H1A DPV V . 23.13 -20.30 4.06
H2 DPV V . 24.46 -18.84 1.69
H2A DPV V . 23.15 -20.02 1.51
H3 DPV V . 22.86 -17.46 3.24
H3A DPV V . 21.59 -18.59 2.75
H4 DPV V . 25.33 -24.81 4.58
H4A DPV V . 27.04 -24.31 4.42
H5 DPV V . 25.32 -25.46 2.12
H5A DPV V . 27.06 -25.09 2.05
H6 DPV V . 27.74 -26.47 4.91
H6A DPV V . 28.71 -26.47 3.39
H6B DPV V . 28.17 -28.01 4.12
H7 DPV V . 27.67 -27.23 1.26
H7A DPV V . 25.93 -27.68 1.21
H7B DPV V . 27.10 -28.73 2.08
H8 DPV V . 25.32 -27.06 4.85
H8A DPV V . 25.72 -28.62 4.09
H8B DPV V . 24.56 -27.53 3.30
H15 DPV V . 22.12 -17.93 0.30
H15A DPV V . 23.16 -16.66 0.95
H16 DPV V . 20.15 -16.99 1.44
H16A DPV V . 21.14 -15.78 2.27
H17 DPV V . 21.62 -14.59 0.21
H17A DPV V . 20.99 -15.90 -0.80
H18 DPV V . 18.70 -15.48 -0.02
H18A DPV V . 19.25 -14.32 1.18
H19 DPV V . 19.89 -12.69 -0.48
H19A DPV V . 19.72 -13.83 -1.81
H20 DPV V . 17.27 -13.95 -1.52
H20A DPV V . 17.33 -13.06 -0.02
H21 DPV V . 17.93 -11.00 -1.17
H21A DPV V . 18.19 -11.84 -2.69
H22 DPV V . 15.85 -12.23 -3.01
H22A DPV V . 15.45 -11.91 -1.34
H23 DPV V . 14.85 -10.07 -3.11
H23A DPV V . 16.57 -9.67 -3.08
H23B DPV V . 15.62 -9.53 -1.60
N DPV W . 9.56 -29.73 4.45
P DPV W . 7.13 -26.09 5.41
C1 DPV W . 7.81 -23.57 5.12
C2 DPV W . 7.93 -22.39 6.07
C3 DPV W . 7.48 -21.04 5.41
C4 DPV W . 9.45 -27.32 5.68
C5 DPV W . 10.32 -28.40 4.90
C6 DPV W . 10.64 -30.73 4.02
C7 DPV W . 8.67 -29.46 3.23
C8 DPV W . 8.72 -30.35 5.58
C15 DPV W . 8.55 -20.43 4.43
C16 DPV W . 9.66 -19.62 5.16
C17 DPV W . 10.73 -19.06 4.18
C18 DPV W . 10.23 -17.81 3.38
C19 DPV W . 11.34 -17.29 2.42
O1P DPV W . 6.10 -25.82 4.38
C20 DPV W . 10.82 -16.13 1.51
C21 DPV W . 11.89 -15.80 0.44
C22 DPV W . 11.49 -14.61 -0.46
C23 DPV W . 12.63 -14.19 -1.38
O2P DPV W . 6.58 -26.89 6.53
O3P DPV W . 7.89 -24.78 5.92
O4P DPV W . 8.48 -26.71 4.79
H1 DPV W . 6.84 -23.54 4.61
H1A DPV W . 8.61 -23.57 4.38
H2 DPV W . 7.30 -22.58 6.94
H2A DPV W . 8.95 -22.32 6.44
H3 DPV W . 7.26 -20.33 6.20
H3A DPV W . 6.56 -21.20 4.85
H4 DPV W . 8.94 -27.76 6.51
H4A DPV W . 10.11 -26.54 6.07
H5 DPV W . 10.76 -27.96 4.01
H5A DPV W . 11.13 -28.72 5.56
H6 DPV W . 11.30 -30.92 4.86
H6A DPV W . 11.21 -30.32 3.18
H6B DPV W . 10.16 -31.67 3.72
H7 DPV W . 9.30 -29.05 2.42
H7A DPV W . 7.90 -28.73 3.52
H7B DPV W . 8.21 -30.40 2.91
H8 DPV W . 8.29 -31.29 5.23
H8A DPV W . 7.93 -29.65 5.85
H8B DPV W . 9.37 -30.53 6.45
H15 DPV W . 8.04 -19.80 3.73
H15A DPV W . 9.01 -21.24 3.87
H16 DPV W . 9.21 -18.78 5.71
H16A DPV W . 10.16 -20.26 5.88
H17 DPV W . 11.60 -18.75 4.78
H17A DPV W . 11.06 -19.83 3.50
H18 DPV W . 9.34 -18.06 2.81
H18A DPV W . 9.96 -17.01 4.08
H19 DPV W . 12.19 -16.95 2.99
H19A DPV W . 11.68 -18.12 1.78
H20 DPV W . 9.89 -16.43 1.02
H20A DPV W . 10.60 -15.26 2.12
H21 DPV W . 12.83 -15.53 0.94
H21A DPV W . 12.09 -16.67 -0.18
H22 DPV W . 10.61 -14.87 -1.06
H22A DPV W . 11.19 -13.76 0.17
H23 DPV W . 12.41 -13.21 -1.84
H23A DPV W . 12.75 -14.91 -2.21
H23B DPV W . 13.58 -14.10 -0.83
N DPV X . 14.97 -34.07 1.88
P DPV X . 11.91 -30.12 0.27
C1 DPV X . 11.40 -27.61 0.68
C2 DPV X . 11.72 -26.47 1.66
C3 DPV X . 11.45 -25.09 1.04
C4 DPV X . 13.35 -32.18 0.95
C5 DPV X . 14.30 -32.67 2.10
C6 DPV X . 15.96 -34.04 0.70
C7 DPV X . 13.93 -35.19 1.66
C8 DPV X . 15.76 -34.39 3.15
C15 DPV X . 11.86 -23.93 1.99
C16 DPV X . 11.87 -22.54 1.26
C17 DPV X . 10.45 -21.96 1.07
C18 DPV X . 10.47 -20.68 0.21
C19 DPV X . 9.06 -20.04 0.11
O1P DPV X . 12.39 -29.99 -1.11
C20 DPV X . 9.05 -18.80 -0.83
C21 DPV X . 7.68 -18.08 -0.77
C22 DPV X . 7.64 -16.83 -1.68
C23 DPV X . 6.27 -16.15 -1.65
O2P DPV X . 10.55 -30.71 0.35
O3P DPV X . 12.08 -28.79 1.13
O4P DPV X . 12.97 -30.83 1.24
H1 DPV X . 10.32 -27.80 0.64
H1A DPV X . 11.76 -27.36 -0.33
H2 DPV X . 11.13 -26.58 2.57
H2A DPV X . 12.78 -26.55 1.94
H3 DPV X . 10.38 -25.01 0.79
H3A DPV X . 12.01 -25.01 0.11
H4 DPV X . 13.86 -32.20 -0.01
H4A DPV X . 12.46 -32.81 0.90
H5 DPV X . 15.10 -31.95 2.23
H5A DPV X . 13.73 -32.72 3.04
H6 DPV X . 16.45 -35.02 0.61
H6A DPV X . 16.71 -33.27 0.89
H6B DPV X . 15.41 -33.83 -0.22
H7 DPV X . 13.21 -35.17 2.48
H7A DPV X . 14.43 -36.15 1.64
H7B DPV X . 13.41 -35.02 0.72
H8 DPV X . 15.07 -34.43 3.99
H8A DPV X . 16.51 -33.62 3.30
H8B DPV X . 16.24 -35.37 3.01
H15 DPV X . 12.87 -24.10 2.36
H15A DPV X . 11.20 -23.90 2.84
H16 DPV X . 12.46 -21.85 1.86
H16A DPV X . 12.36 -22.63 0.29
H17 DPV X . 9.80 -22.71 0.60
H17A DPV X . 10.03 -21.75 2.06
H18 DPV X . 11.16 -19.95 0.64
H18A DPV X . 10.85 -20.93 -0.79
H19 DPV X . 8.34 -20.78 -0.25
H19A DPV X . 8.74 -19.73 1.12
H20 DPV X . 9.85 -18.10 -0.54
H20A DPV X . 9.26 -19.13 -1.86
H21 DPV X . 6.89 -18.78 -1.04
H21A DPV X . 7.49 -17.78 0.29
H22 DPV X . 8.41 -16.11 -1.35
H22A DPV X . 7.89 -17.10 -2.72
H23 DPV X . 5.50 -16.81 -2.05
H23A DPV X . 6.29 -15.23 -2.25
H23B DPV X . 5.98 -15.88 -0.63
N DPV Y . 13.43 -24.41 -24.03
P DPV Y . 11.26 -26.55 -19.76
C1 DPV Y . 12.84 -28.60 -19.19
C2 DPV Y . 13.46 -29.27 -17.95
C3 DPV Y . 14.61 -30.27 -18.33
C4 DPV Y . 12.22 -25.63 -22.01
C5 DPV Y . 13.55 -25.05 -22.61
C6 DPV Y . 12.36 -23.31 -24.09
C7 DPV Y . 13.16 -25.48 -25.11
C8 DPV Y . 14.77 -23.74 -24.35
C15 DPV Y . 15.00 -31.26 -17.19
C16 DPV Y . 15.80 -30.61 -16.02
C17 DPV Y . 14.91 -30.24 -14.80
C18 DPV Y . 15.70 -29.48 -13.71
C19 DPV Y . 14.83 -29.22 -12.46
O1P DPV Y . 10.64 -25.36 -19.13
C20 DPV Y . 15.44 -28.12 -11.56
C21 DPV Y . 14.58 -27.85 -10.31
C22 DPV Y . 15.18 -26.76 -9.41
C23 DPV Y . 14.27 -26.41 -8.22
O2P DPV Y . 10.26 -27.41 -20.41
O3P DPV Y . 12.22 -27.35 -18.74
O4P DPV Y . 12.51 -26.19 -20.70
H1 DPV Y . 13.61 -28.35 -19.94
H1A DPV Y . 12.08 -29.24 -19.65
H2 DPV Y . 13.86 -28.51 -17.27
H2A DPV Y . 12.67 -29.81 -17.41
H3 DPV Y . 15.49 -29.71 -18.65
H3A DPV Y . 14.31 -30.87 -19.19
H4 DPV Y . 11.49 -24.84 -21.90
H4A DPV Y . 11.81 -26.42 -22.65
H5 DPV Y . 13.92 -24.29 -21.94
H5A DPV Y . 14.30 -25.85 -22.69
H6 DPV Y . 11.36 -23.76 -23.97
H6A DPV Y . 12.43 -22.81 -25.05
H6B DPV Y . 12.52 -22.57 -23.30
H7 DPV Y . 13.91 -26.26 -25.03
H7A DPV Y . 13.19 -25.01 -26.09
H7B DPV Y . 12.16 -25.92 -24.93
H8 DPV Y . 15.54 -24.52 -24.33
H8A DPV Y . 14.97 -22.98 -23.60
H8B DPV Y . 14.71 -23.28 -25.36
H15 DPV Y . 15.64 -32.02 -17.64
H15A DPV Y . 14.11 -31.79 -16.82
H16 DPV Y . 16.56 -31.34 -15.70
H16A DPV Y . 16.33 -29.74 -16.37
H17 DPV Y . 14.07 -29.63 -15.12
H17A DPV Y . 14.51 -31.15 -14.36
H18 DPV Y . 16.59 -30.05 -13.42
H18A DPV Y . 16.04 -28.53 -14.14
H19 DPV Y . 13.83 -28.92 -12.76
H19A DPV Y . 14.72 -30.16 -11.88
H20 DPV Y . 16.45 -28.41 -11.25
H20A DPV Y . 15.52 -27.20 -12.14
H21 DPV Y . 13.57 -27.55 -10.62
H21A DPV Y . 14.49 -28.78 -9.72
H22 DPV Y . 16.15 -27.10 -9.04
H22A DPV Y . 15.36 -25.85 -9.98
H23 DPV Y . 13.25 -26.13 -8.56
H23A DPV Y . 14.67 -25.58 -7.66
H23B DPV Y . 14.18 -27.26 -7.52
N DPV Z . 17.46 -13.37 -25.04
P DPV Z . 13.99 -16.54 -25.06
C1 DPV Z . 14.99 -17.54 -22.89
C2 DPV Z . 15.66 -17.06 -21.59
C3 DPV Z . 15.89 -18.23 -20.62
C4 DPV Z . 15.55 -14.77 -26.24
C5 DPV Z . 16.10 -13.36 -25.87
C6 DPV Z . 18.63 -13.92 -25.88
C7 DPV Z . 17.35 -14.16 -23.73
C8 DPV Z . 17.79 -11.91 -24.70
C15 DPV Z . 16.29 -17.72 -19.21
C16 DPV Z . 16.58 -18.89 -18.21
C17 DPV Z . 18.06 -19.37 -18.30
C18 DPV Z . 18.37 -20.40 -17.18
C19 DPV Z . 19.87 -20.81 -17.19
O1P DPV Z . 12.56 -16.72 -24.70
C20 DPV Z . 20.10 -22.05 -16.30
C21 DPV Z . 21.54 -22.62 -16.43
C22 DPV Z . 22.59 -21.92 -15.51
C23 DPV Z . 22.45 -22.29 -14.02
O2P DPV Z . 14.42 -17.53 -26.07
O3P DPV Z . 14.96 -16.44 -23.80
O4P DPV Z . 14.37 -15.03 -25.44
H1 DPV Z . 15.57 -18.35 -23.34
H1A DPV Z . 13.96 -17.87 -22.67
H2 DPV Z . 16.61 -16.57 -21.83
H2A DPV Z . 15.01 -16.30 -21.11
H3 DPV Z . 16.69 -18.88 -21.03
H3A DPV Z . 14.97 -18.82 -20.54
H4 DPV Z . 15.26 -14.80 -27.30
H4A DPV Z . 16.29 -15.55 -26.05
H5 DPV Z . 16.30 -12.79 -26.78
H5A DPV Z . 15.36 -12.84 -25.27
H6 DPV Z . 18.70 -13.34 -26.81
H6A DPV Z . 18.45 -14.98 -26.10
H6B DPV Z . 19.55 -13.81 -25.30
H7 DPV Z . 17.07 -15.18 -23.96
H7A DPV Z . 16.58 -13.70 -23.10
H7B DPV Z . 18.32 -14.14 -23.22
H8 DPV Z . 17.00 -11.51 -24.06
H8A DPV Z . 17.84 -11.33 -25.63
H8B DPV Z . 18.75 -11.89 -24.17
H15 DPV Z . 15.47 -17.13 -18.80
H15A DPV Z . 17.15 -17.06 -19.27
H16 DPV Z . 16.36 -18.54 -17.21
H16A DPV Z . 15.92 -19.73 -18.42
H17 DPV Z . 18.25 -19.82 -19.27
H17A DPV Z . 18.73 -18.52 -18.18
H18 DPV Z . 18.13 -19.99 -16.20
H18A DPV Z . 17.75 -21.29 -17.33
H19 DPV Z . 20.20 -21.02 -18.21
H19A DPV Z . 20.48 -19.98 -16.81
H20 DPV Z . 19.87 -21.81 -15.25
H20A DPV Z . 19.40 -22.82 -16.60
H21 DPV Z . 21.52 -23.69 -16.20
H21A DPV Z . 21.87 -22.54 -17.47
H22 DPV Z . 23.56 -22.21 -15.85
H22A DPV Z . 22.52 -20.85 -15.63
H23 DPV Z . 22.47 -23.38 -13.87
H23A DPV Z . 21.53 -21.89 -13.58
H23B DPV Z . 23.29 -21.88 -13.46
N DPV AA . 9.11 -18.72 -22.28
P DPV AA . 5.12 -16.87 -20.91
C1 DPV AA . 5.59 -15.34 -18.79
C2 DPV AA . 4.95 -15.08 -17.40
C3 DPV AA . 5.68 -15.88 -16.28
C4 DPV AA . 7.37 -16.69 -22.24
C5 DPV AA . 7.81 -18.05 -22.88
C6 DPV AA . 8.90 -19.11 -20.80
C7 DPV AA . 10.33 -17.81 -22.41
C8 DPV AA . 9.39 -20.01 -23.07
C15 DPV AA . 5.08 -15.51 -14.89
C16 DPV AA . 5.79 -16.20 -13.70
C17 DPV AA . 7.06 -15.43 -13.23
C18 DPV AA . 7.69 -16.07 -11.96
C19 DPV AA . 9.07 -15.43 -11.63
O1P DPV AA . 4.50 -15.76 -21.65
C20 DPV AA . 9.68 -15.99 -10.30
C21 DPV AA . 11.17 -15.54 -10.08
C22 DPV AA . 11.29 -14.04 -9.66
C23 DPV AA . 12.75 -13.62 -9.42
O2P DPV AA . 4.52 -18.17 -21.27
O3P DPV AA . 5.15 -16.63 -19.31
O4P DPV AA . 6.72 -16.88 -20.96
H1 DPV AA . 5.23 -14.56 -19.48
H1A DPV AA . 6.68 -15.30 -18.74
H2 DPV AA . 5.01 -14.02 -17.19
H2A DPV AA . 3.91 -15.35 -17.42
H3 DPV AA . 6.74 -15.63 -16.28
H3A DPV AA . 5.59 -16.95 -16.44
H4 DPV AA . 8.25 -16.04 -22.09
H4A DPV AA . 6.69 -16.17 -22.91
H5 DPV AA . 7.00 -18.77 -22.76
H5A DPV AA . 8.00 -17.92 -23.95
H6 DPV AA . 8.01 -19.75 -20.71
H6A DPV AA . 8.79 -18.20 -20.21
H6B DPV AA . 9.78 -19.67 -20.45
H7 DPV AA . 10.46 -17.55 -23.47
H7A DPV AA . 11.22 -18.33 -22.05
H7B DPV AA . 10.18 -16.89 -21.82
H8 DPV AA . 9.60 -19.73 -24.10
H8A DPV AA . 8.50 -20.64 -23.01
H8B DPV AA . 10.25 -20.50 -22.61
H15 DPV AA . 4.03 -15.80 -14.88
H15A DPV AA . 5.10 -14.42 -14.75
H16 DPV AA . 5.09 -16.27 -12.87
H16A DPV AA . 6.06 -17.23 -13.96
H17 DPV AA . 7.79 -15.42 -14.03
H17A DPV AA . 6.81 -14.38 -13.02
H18 DPV AA . 7.02 -15.97 -11.10
H18A DPV AA . 7.82 -17.15 -12.13
H19 DPV AA . 9.76 -15.62 -12.45
H19A DPV AA . 8.95 -14.34 -11.54
H20 DPV AA . 9.06 -15.68 -9.46
H20A DPV AA . 9.66 -17.08 -10.33
H21 DPV AA . 11.61 -16.16 -9.31
H21A DPV AA . 11.75 -15.71 -10.99
H22 DPV AA . 10.86 -13.40 -10.42
H22A DPV AA . 10.74 -13.90 -8.74
H23 DPV AA . 12.79 -12.69 -8.86
H23A DPV AA . 13.27 -13.51 -10.37
H23B DPV AA . 13.29 -14.37 -8.83
N DPV BA . 10.56 -8.52 -26.59
P DPV BA . 6.42 -7.50 -24.61
C1 DPV BA . 6.02 -10.07 -24.14
C2 DPV BA . 7.00 -10.77 -25.11
C3 DPV BA . 6.70 -12.31 -25.24
C4 DPV BA . 8.25 -7.18 -26.44
C5 DPV BA . 9.81 -7.14 -26.65
C6 DPV BA . 10.64 -9.03 -25.14
C7 DPV BA . 11.99 -8.29 -27.09
C8 DPV BA . 9.91 -9.58 -27.49
C15 DPV BA . 7.74 -13.08 -26.11
C16 DPV BA . 8.88 -13.78 -25.29
C17 DPV BA . 10.04 -12.81 -24.90
C18 DPV BA . 11.11 -13.50 -24.02
C19 DPV BA . 12.26 -12.53 -23.64
O1P DPV BA . 6.20 -6.27 -23.82
C20 DPV BA . 13.20 -13.12 -22.55
C21 DPV BA . 14.44 -12.23 -22.24
C22 DPV BA . 14.09 -11.00 -21.35
C23 DPV BA . 15.37 -10.20 -20.96
O2P DPV BA . 5.40 -7.65 -25.67
O3P DPV BA . 6.61 -8.81 -23.69
O4P DPV BA . 7.92 -7.65 -25.13
H1 DPV BA . 5.04 -9.88 -24.59
H1A DPV BA . 5.90 -10.71 -23.26
H2 DPV BA . 6.92 -10.31 -26.11
H2A DPV BA . 8.01 -10.63 -24.75
H3 DPV BA . 5.71 -12.42 -25.69
H3A DPV BA . 6.64 -12.76 -24.24
H4 DPV BA . 7.84 -6.16 -26.53
H4A DPV BA . 7.77 -7.81 -27.19
H5 DPV BA . 10.03 -6.70 -27.61
H5A DPV BA . 10.25 -6.51 -25.89
H6 DPV BA . 9.64 -9.21 -24.77
H6A DPV BA . 11.12 -8.26 -24.52
H6B DPV BA . 11.23 -9.96 -25.13
H7 DPV BA . 11.96 -7.98 -28.13
H7A DPV BA . 12.55 -9.22 -27.01
H7B DPV BA . 12.45 -7.51 -26.48
H8 DPV BA . 8.92 -9.83 -27.11
H8A DPV BA . 10.53 -10.48 -27.48
H8B DPV BA . 9.85 -9.18 -28.50
H15 DPV BA . 8.15 -12.43 -26.88
H15A DPV BA . 7.19 -13.86 -26.63
H16 DPV BA . 8.47 -14.25 -24.39
H16A DPV BA . 9.32 -14.59 -25.89
H17 DPV BA . 10.51 -12.41 -25.81
H17A DPV BA . 9.63 -11.96 -24.34
H18 DPV BA . 10.64 -13.88 -23.10
H18A DPV BA . 11.52 -14.37 -24.56
H19 DPV BA . 12.85 -12.30 -24.54
H19A DPV BA . 11.83 -11.59 -23.27
H20 DPV BA . 12.63 -13.31 -21.64
H20A DPV BA . 13.55 -14.10 -22.91
H21 DPV BA . 15.18 -12.83 -21.72
H21A DPV BA . 14.91 -11.91 -23.17
H22 DPV BA . 13.41 -10.34 -21.91
H22A DPV BA . 13.56 -11.32 -20.46
H23 DPV BA . 16.06 -10.83 -20.39
H23A DPV BA . 15.11 -9.34 -20.32
H23B DPV BA . 15.87 -9.82 -21.85
N DPV CA . 21.78 8.00 -15.31
P DPV CA . 18.41 4.83 -15.77
C1 DPV CA . 17.38 5.19 -13.40
C2 DPV CA . 16.63 6.25 -12.57
C3 DPV CA . 16.64 5.96 -11.05
C4 DPV CA . 20.97 5.50 -15.74
C5 DPV CA . 21.95 6.46 -15.00
C6 DPV CA . 22.68 8.79 -14.34
C7 DPV CA . 20.33 8.50 -15.12
C8 DPV CA . 22.23 8.31 -16.73
C15 DPV CA . 18.02 6.23 -10.38
C16 DPV CA . 17.99 6.05 -8.84
C17 DPV CA . 19.38 6.33 -8.21
C18 DPV CA . 19.34 6.36 -6.64
C19 DPV CA . 19.15 4.94 -6.02
O1P DPV CA . 18.22 5.24 -17.18
C20 DPV CA . 18.62 4.99 -4.57
C21 DPV CA . 18.34 3.55 -4.04
C22 DPV CA . 17.38 3.55 -2.84
C23 DPV CA . 17.01 2.12 -2.40
O2P DPV CA . 18.38 3.36 -15.60
O3P DPV CA . 17.43 5.60 -14.78
O4P DPV CA . 19.69 5.53 -15.07
H1 DPV CA . 18.42 5.08 -13.02
H1A DPV CA . 16.89 4.22 -13.32
H2 DPV CA . 17.06 7.24 -12.76
H2A DPV CA . 15.58 6.28 -12.91
H3 DPV CA . 16.33 4.92 -10.86
H3A DPV CA . 15.90 6.61 -10.57
H4 DPV CA . 20.84 5.82 -16.78
H4A DPV CA . 21.36 4.48 -15.70
H5 DPV CA . 21.84 6.36 -13.91
H5A DPV CA . 22.97 6.20 -15.26
H6 DPV CA . 22.56 9.86 -14.53
H6A DPV CA . 23.72 8.50 -14.49
H6B DPV CA . 22.38 8.56 -13.32
H7 DPV CA . 19.71 8.03 -15.90
H7A DPV CA . 20.31 9.59 -15.24
H7B DPV CA . 19.99 8.21 -14.12
H8 DPV CA . 21.56 7.81 -17.44
H8A DPV CA . 23.27 7.96 -16.87
H8B DPV CA . 22.19 9.41 -16.89
H15 DPV CA . 18.32 7.25 -10.59
H15A DPV CA . 18.78 5.57 -10.80
H16 DPV CA . 17.26 6.75 -8.42
H16A DPV CA . 17.65 5.04 -8.61
H17 DPV CA . 20.11 5.57 -8.54
H17A DPV CA . 19.75 7.29 -8.56
H18 DPV CA . 20.29 6.78 -6.28
H18A DPV CA . 18.55 7.03 -6.32
H19 DPV CA . 18.45 4.36 -6.62
H19A DPV CA . 20.11 4.41 -6.05
H20 DPV CA . 19.35 5.49 -3.91
H20A DPV CA . 17.69 5.57 -4.56
H21 DPV CA . 17.92 2.92 -4.84
H21A DPV CA . 19.30 3.11 -3.75
H22 DPV CA . 17.86 4.06 -2.01
H22A DPV CA . 16.47 4.09 -3.09
H23 DPV CA . 16.22 2.14 -1.65
H23A DPV CA . 17.87 1.60 -1.98
H23B DPV CA . 16.64 1.55 -3.26
N DPV DA . 8.05 10.94 -0.17
P DPV DA . 8.16 8.46 3.92
C1 DPV DA . 9.78 8.89 5.91
C2 DPV DA . 11.08 9.65 6.22
C3 DPV DA . 11.57 9.39 7.68
C4 DPV DA . 7.67 8.84 1.41
C5 DPV DA . 8.26 9.40 0.08
C6 DPV DA . 8.71 11.79 0.93
C7 DPV DA . 6.55 11.31 -0.25
C8 DPV DA . 8.70 11.29 -1.53
C15 DPV DA . 12.90 10.19 7.96
C16 DPV DA . 13.71 9.61 9.16
C17 DPV DA . 14.45 8.26 8.85
C18 DPV DA . 15.68 8.42 7.87
C19 DPV DA . 16.29 7.06 7.50
O1P DPV DA . 7.02 9.21 4.47
C20 DPV DA . 17.49 7.20 6.50
C21 DPV DA . 18.05 5.83 6.01
C22 DPV DA . 17.14 5.12 4.96
C23 DPV DA . 17.82 3.87 4.37
O2P DPV DA . 7.95 6.99 4.00
O3P DPV DA . 9.57 8.94 4.47
O4P DPV DA . 8.61 8.96 2.48
H1 DPV DA . 9.85 7.86 6.24
H1A DPV DA . 8.96 9.39 6.43
H2 DPV DA . 11.85 9.32 5.53
H2A DPV DA . 10.91 10.70 6.07
H3 DPV DA . 11.74 8.33 7.81
H3A DPV DA . 10.80 9.70 8.40
H4 DPV DA . 6.74 9.37 1.66
H4A DPV DA . 7.43 7.78 1.27
H5 DPV DA . 9.33 9.22 0.06
H5A DPV DA . 7.81 8.88 -0.77
H6 DPV DA . 9.76 11.49 1.04
H6A DPV DA . 8.19 11.65 1.87
H6B DPV DA . 8.66 12.85 0.64
H7 DPV DA . 6.48 12.35 -0.56
H7A DPV DA . 6.11 11.18 0.73
H7B DPV DA . 6.06 10.67 -0.99
H8 DPV DA . 8.19 10.72 -2.30
H8A DPV DA . 9.76 11.02 -1.47
H8B DPV DA . 8.58 12.36 -1.70
H15 DPV DA . 12.65 11.23 8.18
H15A DPV DA . 13.52 10.18 7.06
H16 DPV DA . 14.44 10.36 9.47
H16A DPV DA . 13.04 9.45 10.01
H17 DPV DA . 14.81 7.84 9.79
H17A DPV DA . 13.76 7.55 8.42
H18 DPV DA . 15.36 8.94 6.97
H18A DPV DA . 16.44 9.04 8.37
H19 DPV DA . 16.67 6.56 8.41
H19A DPV DA . 15.52 6.43 7.07
H20 DPV DA . 17.18 7.78 5.64
H20A DPV DA . 18.30 7.76 7.00
H21 DPV DA . 19.04 5.99 5.57
H21A DPV DA . 18.20 5.16 6.88
H22 DPV DA . 16.20 4.82 5.43
H22A DPV DA . 16.90 5.82 4.18
H23 DPV DA . 18.09 3.16 5.16
H23A DPV DA . 18.72 4.15 3.81
H23B DPV DA . 17.15 3.36 3.67
N DPV EA . 22.63 5.84 3.52
P DPV EA . 23.70 3.90 -1.11
C1 DPV EA . 23.27 1.50 -2.10
C2 DPV EA . 21.73 1.28 -2.28
C3 DPV EA . 21.40 -0.03 -3.06
C4 DPV EA . 23.53 5.30 1.09
C5 DPV EA . 23.68 5.10 2.64
C6 DPV EA . 21.21 5.33 3.22
C7 DPV EA . 22.71 7.37 3.34
C8 DPV EA . 22.96 5.51 4.99
C15 DPV EA . 19.87 -0.10 -3.36
C16 DPV EA . 19.46 -1.35 -4.21
C17 DPV EA . 17.94 -1.30 -4.56
C18 DPV EA . 17.44 -2.63 -5.20
C19 DPV EA . 15.89 -2.70 -5.31
O1P DPV EA . 22.51 4.56 -1.70
C20 DPV EA . 15.39 -4.14 -5.60
C21 DPV EA . 13.84 -4.27 -5.48
C22 DPV EA . 13.36 -5.76 -5.56
C23 DPV EA . 11.86 -5.91 -5.19
O2P DPV EA . 24.95 4.28 -1.77
O3P DPV EA . 23.50 2.32 -0.92
O4P DPV EA . 23.75 4.01 0.47
H1 DPV EA . 23.74 0.53 -1.94
H1A DPV EA . 23.71 1.99 -2.97
H2 DPV EA . 21.27 1.26 -1.29
H2A DPV EA . 21.33 2.13 -2.81
H3 DPV EA . 21.71 -0.91 -2.48
H3A DPV EA . 21.95 -0.06 -4.00
H4 DPV EA . 22.53 5.62 0.82
H4A DPV EA . 24.28 6.02 0.71
H5 DPV EA . 23.62 4.05 2.87
H5A DPV EA . 24.67 5.46 2.94
H6 DPV EA . 20.52 5.81 3.92
H6A DPV EA . 21.19 4.24 3.34
H6B DPV EA . 20.96 5.61 2.19
H7 DPV EA . 22.01 7.85 4.03
H7A DPV EA . 22.46 7.61 2.32
H7B DPV EA . 23.73 7.70 3.55
H8 DPV EA . 23.97 5.85 5.21
H8A DPV EA . 22.89 4.42 5.13
H8B DPV EA . 22.23 6.03 5.63
H15 DPV EA . 19.58 0.81 -3.91
H15A DPV EA . 19.32 -0.10 -2.43
H16 DPV EA . 20.05 -1.37 -5.13
H16A DPV EA . 19.68 -2.26 -3.64
H17 DPV EA . 17.36 -1.10 -3.65
H17A DPV EA . 17.77 -0.47 -5.25
H18 DPV EA . 17.89 -2.75 -6.19
H18A DPV EA . 17.80 -3.47 -4.58
H19 DPV EA . 15.45 -2.33 -4.38
H19A DPV EA . 15.53 -2.01 -6.09
H20 DPV EA . 15.70 -4.44 -6.60
H20A DPV EA . 15.84 -4.83 -4.88
H21 DPV EA . 13.50 -3.84 -4.54
H21A DPV EA . 13.36 -3.69 -6.27
H22 DPV EA . 13.55 -6.15 -6.57
H22A DPV EA . 13.96 -6.36 -4.89
H23 DPV EA . 11.22 -5.26 -5.79
H23A DPV EA . 11.69 -5.65 -4.14
H23B DPV EA . 11.55 -6.94 -5.33
N DPV FA . 23.91 4.92 10.12
P DPV FA . 25.72 2.42 5.87
C1 DPV FA . 25.61 0.01 4.89
C2 DPV FA . 25.06 -1.40 5.19
C3 DPV FA . 24.90 -2.23 3.88
C4 DPV FA . 24.89 3.86 7.89
C5 DPV FA . 23.81 3.81 9.02
C6 DPV FA . 23.67 6.34 9.53
C7 DPV FA . 25.25 4.89 10.87
C8 DPV FA . 22.80 4.65 11.15
C15 DPV FA . 23.56 -1.95 3.12
C16 DPV FA . 23.53 -2.76 1.79
C17 DPV FA . 22.17 -2.60 1.03
C18 DPV FA . 22.17 -3.48 -0.25
C19 DPV FA . 20.73 -3.70 -0.84
O1P DPV FA . 25.30 3.00 4.58
C20 DPV FA . 20.73 -4.86 -1.88
C21 DPV FA . 19.30 -5.22 -2.38
C22 DPV FA . 19.33 -6.45 -3.34
C23 DPV FA . 17.97 -6.74 -4.02
O2P DPV FA . 27.13 2.74 6.20
O3P DPV FA . 25.38 0.88 6.02
O4P DPV FA . 24.69 2.71 7.05
H1 DPV FA . 26.69 -0.03 4.69
H1A DPV FA . 25.10 0.44 4.02
H2 DPV FA . 25.77 -1.91 5.84
H2A DPV FA . 24.11 -1.35 5.72
H3 DPV FA . 24.95 -3.29 4.15
H3A DPV FA . 25.75 -2.04 3.21
H4 DPV FA . 24.79 4.77 7.29
H4A DPV FA . 25.89 3.83 8.33
H5 DPV FA . 22.81 3.89 8.58
H5A DPV FA . 23.88 2.84 9.54
H6 DPV FA . 22.70 6.34 9.03
H6A DPV FA . 24.47 6.57 8.82
H6B DPV FA . 23.67 7.05 10.36
H7 DPV FA . 25.24 5.65 11.66
H7A DPV FA . 26.06 5.11 10.18
H7B DPV FA . 25.39 3.89 11.31
H8 DPV FA . 22.84 5.42 11.93
H8A DPV FA . 22.95 3.66 11.58
H8B DPV FA . 21.84 4.70 10.64
H15 DPV FA . 23.46 -0.89 2.92
H15A DPV FA . 22.71 -2.25 3.75
H16 DPV FA . 24.35 -2.42 1.15
H16A DPV FA . 23.70 -3.81 2.01
H17 DPV FA . 21.36 -2.89 1.68
H17A DPV FA . 22.03 -1.54 0.75
H18 DPV FA . 22.81 -3.01 -1.00
H18A DPV FA . 22.61 -4.46 -0.02
H19 DPV FA . 20.04 -3.93 -0.03
H19A DPV FA . 20.41 -2.76 -1.29
H20 DPV FA . 21.36 -4.56 -2.73
H20A DPV FA . 21.19 -5.74 -1.44
H21 DPV FA . 18.65 -5.43 -1.52
H21A DPV FA . 18.88 -4.35 -2.89
H22 DPV FA . 20.07 -6.29 -4.13
H22A DPV FA . 19.64 -7.33 -2.78
H23 DPV FA . 17.15 -6.78 -3.28
H23A DPV FA . 17.99 -7.69 -4.53
H23B DPV FA . 17.73 -5.96 -4.74
N DPV GA . 34.62 -6.29 5.82
P DPV GA . 31.20 -3.11 6.56
C1 DPV GA . 28.91 -2.94 7.76
C2 DPV GA . 28.05 -3.65 8.82
C3 DPV GA . 26.66 -2.95 8.93
C4 DPV GA . 32.17 -5.30 5.49
C5 DPV GA . 33.08 -6.54 5.87
C6 DPV GA . 35.06 -5.18 6.79
C7 DPV GA . 35.11 -5.96 4.40
C8 DPV GA . 35.29 -7.58 6.26
C15 DPV GA . 25.78 -3.53 10.05
C16 DPV GA . 24.36 -2.87 10.02
C17 DPV GA . 23.48 -3.26 11.24
C18 DPV GA . 22.22 -4.09 10.86
C19 DPV GA . 22.54 -5.61 10.74
O1P DPV GA . 31.97 -1.97 7.11
C20 DPV GA . 21.34 -6.39 10.15
C21 DPV GA . 21.70 -7.88 9.91
C22 DPV GA . 20.61 -8.61 9.11
C23 DPV GA . 21.00 -10.08 8.86
O2P DPV GA . 30.66 -2.83 5.23
O3P DPV GA . 30.12 -3.69 7.57
O4P DPV GA . 31.97 -4.50 6.67
H1 DPV GA . 28.38 -2.89 6.80
H1A DPV GA . 29.17 -1.93 8.08
H2 DPV GA . 27.90 -4.69 8.55
H2A DPV GA . 28.56 -3.61 9.79
H3 DPV GA . 26.14 -3.05 7.97
H3A DPV GA . 26.80 -1.89 9.11
H4 DPV GA . 32.63 -4.70 4.71
H4A DPV GA . 31.20 -5.65 5.13
H5 DPV GA . 32.83 -6.87 6.87
H5A DPV GA . 32.90 -7.35 5.18
H6 DPV GA . 34.59 -4.24 6.47
H6A DPV GA . 36.15 -5.08 6.75
H6B DPV GA . 34.73 -5.43 7.80
H7 DPV GA . 34.71 -6.72 3.71
H7A DPV GA . 36.20 -5.95 4.37
H7B DPV GA . 34.72 -4.98 4.11
H8 DPV GA . 34.97 -8.39 5.58
H8A DPV GA . 34.97 -7.81 7.28
H8B DPV GA . 36.37 -7.47 6.22
H15 DPV GA . 26.25 -3.35 11.02
H15A DPV GA . 25.66 -4.62 9.94
H16 DPV GA . 24.48 -1.80 10.02
H16A DPV GA . 23.87 -3.14 9.08
H17 DPV GA . 24.06 -3.80 12.00
H17A DPV GA . 23.13 -2.35 11.73
H18 DPV GA . 21.46 -3.94 11.62
H18A DPV GA . 21.81 -3.72 9.94
H19 DPV GA . 23.40 -5.74 10.09
H19A DPV GA . 22.80 -6.03 11.73
H20 DPV GA . 20.48 -6.32 10.83
H20A DPV GA . 21.04 -5.93 9.21
H21 DPV GA . 22.64 -7.95 9.37
H21A DPV GA . 21.84 -8.37 10.88
H22 DPV GA . 19.67 -8.58 9.67
H22A DPV GA . 20.44 -8.11 8.16
H23 DPV GA . 21.08 -10.63 9.80
H23A DPV GA . 21.96 -10.14 8.35
H23B DPV GA . 20.25 -10.58 8.23
N DPV HA . 21.51 -17.68 16.80
P DPV HA . 24.72 -17.57 13.31
C1 DPV HA . 25.89 -15.95 14.99
C2 DPV HA . 26.04 -14.46 15.30
C3 DPV HA . 24.67 -13.77 15.59
C4 DPV HA . 22.39 -18.25 14.33
C5 DPV HA . 21.26 -17.64 15.24
C6 DPV HA . 22.76 -16.86 17.19
C7 DPV HA . 21.65 -19.12 17.32
C8 DPV HA . 20.29 -17.05 17.47
C15 DPV HA . 24.77 -12.24 15.89
C16 DPV HA . 25.30 -11.32 14.73
C17 DPV HA . 24.45 -11.39 13.44
C18 DPV HA . 24.99 -10.44 12.33
C19 DPV HA . 24.36 -10.73 10.94
O1P DPV HA . 25.58 -18.69 13.76
C20 DPV HA . 25.09 -11.88 10.19
C21 DPV HA . 24.29 -12.37 8.95
C22 DPV HA . 24.96 -13.58 8.22
C23 DPV HA . 24.83 -14.92 8.99
O2P DPV HA . 24.34 -17.71 11.88
O3P DPV HA . 25.30 -16.13 13.68
O4P DPV HA . 23.46 -17.30 14.27
H1 DPV HA . 26.85 -16.45 15.01
H1A DPV HA . 25.25 -16.41 15.74
H2 DPV HA . 26.70 -14.33 16.16
H2A DPV HA . 26.53 -13.96 14.46
H3 DPV HA . 24.22 -14.26 16.44
H3A DPV HA . 24.00 -13.95 14.75
H4 DPV HA . 22.76 -19.19 14.75
H4A DPV HA . 22.03 -18.41 13.32
H5 DPV HA . 21.10 -16.59 14.97
H5A DPV HA . 20.32 -18.18 15.05
H6 DPV HA . 22.84 -16.84 18.28
H6A DPV HA . 22.63 -15.85 16.80
H6B DPV HA . 23.65 -17.33 16.76
H7 DPV HA . 20.75 -19.69 17.05
H7A DPV HA . 21.77 -19.10 18.41
H7B DPV HA . 22.54 -19.57 16.86
H8 DPV HA . 19.39 -17.59 17.16
H8A DPV HA . 20.23 -16.00 17.18
H8B DPV HA . 20.40 -17.13 18.56
H15 DPV HA . 25.39 -12.08 16.77
H15A DPV HA . 23.77 -11.88 16.16
H16 DPV HA . 25.33 -10.29 15.10
H16A DPV HA . 26.34 -11.60 14.50
H17 DPV HA . 24.42 -12.41 13.07
H17A DPV HA . 23.41 -11.10 13.66
H18 DPV HA . 24.78 -9.41 12.60
H18A DPV HA . 26.09 -10.53 12.26
H19 DPV HA . 23.29 -10.98 11.07
H19A DPV HA . 24.40 -9.82 10.34
H20 DPV HA . 26.08 -11.54 9.88
H20A DPV HA . 25.22 -12.73 10.87
H21 DPV HA . 23.27 -12.63 9.26
H21A DPV HA . 24.21 -11.54 8.24
H22 DPV HA . 24.49 -13.69 7.25
H22A DPV HA . 26.00 -13.37 8.02
H23 DPV HA . 25.38 -14.91 9.94
H23A DPV HA . 25.23 -15.73 8.39
H23B DPV HA . 23.79 -15.15 9.21
N DPV IA . 18.17 -11.47 18.73
P DPV IA . 20.48 -13.06 15.28
C1 DPV IA . 21.57 -14.35 13.30
C2 DPV IA . 21.21 -15.11 12.02
C3 DPV IA . 20.67 -14.15 10.91
C4 DPV IA . 18.21 -12.08 16.15
C5 DPV IA . 18.25 -12.59 17.63
C6 DPV IA . 18.31 -12.18 20.09
C7 DPV IA . 16.83 -10.74 18.72
C8 DPV IA . 19.35 -10.47 18.59
C15 DPV IA . 20.58 -14.85 9.54
C16 DPV IA . 20.46 -13.85 8.37
C17 DPV IA . 21.14 -14.40 7.09
C18 DPV IA . 21.24 -13.35 5.95
C19 DPV IA . 22.15 -13.85 4.78
O1P DPV IA . 21.09 -11.75 15.00
C20 DPV IA . 22.24 -12.78 3.65
C21 DPV IA . 23.35 -13.12 2.61
C22 DPV IA . 23.73 -11.88 1.76
C23 DPV IA . 24.91 -12.17 0.81
O2P DPV IA . 21.09 -13.73 16.46
O3P DPV IA . 20.37 -14.01 14.01
O4P DPV IA . 18.88 -13.04 15.31
H1 DPV IA . 22.21 -14.97 13.94
H1A DPV IA . 22.12 -13.43 13.05
H2 DPV IA . 22.10 -15.62 11.66
H2A DPV IA . 20.46 -15.88 12.25
H3 DPV IA . 21.34 -13.28 10.82
H3A DPV IA . 19.68 -13.75 11.20
H4 DPV IA . 17.19 -11.97 15.80
H4A DPV IA . 18.71 -11.11 16.05
H5 DPV IA . 17.42 -13.26 17.80
H5A DPV IA . 19.16 -13.13 17.81
H6 DPV IA . 19.28 -12.68 20.13
H6A DPV IA . 17.50 -12.91 20.18
H6B DPV IA . 18.25 -11.43 20.88
H7 DPV IA . 16.70 -10.25 17.76
H7A DPV IA . 16.84 -10.00 19.53
H7B DPV IA . 16.02 -11.47 18.89
H8 DPV IA . 19.22 -9.91 17.68
H8A DPV IA . 20.28 -11.04 18.57
H8B DPV IA . 19.35 -9.81 19.46
H15 DPV IA . 19.71 -15.51 9.53
H15A DPV IA . 21.47 -15.49 9.41
H16 DPV IA . 19.40 -13.64 8.17
H16A DPV IA . 20.95 -12.91 8.64
H17 DPV IA . 22.15 -14.72 7.34
H17A DPV IA . 20.58 -15.28 6.73
H18 DPV IA . 20.24 -13.13 5.58
H18A DPV IA . 21.65 -12.43 6.36
H19 DPV IA . 23.15 -14.04 5.16
H19A DPV IA . 21.76 -14.79 4.37
H20 DPV IA . 21.28 -12.71 3.14
H20A DPV IA . 22.45 -11.81 4.10
H21 DPV IA . 24.23 -13.49 3.13
H21A DPV IA . 23.00 -13.91 1.95
H22 DPV IA . 22.88 -11.55 1.18
H22A DPV IA . 24.03 -11.06 2.43
H23 DPV IA . 25.82 -12.44 1.36
H23A DPV IA . 25.12 -11.26 0.23
H23B DPV IA . 24.67 -12.97 0.11
N DPV JA . 9.56 -20.49 15.93
P DPV JA . 11.55 -16.31 15.88
C1 DPV JA . 10.50 -14.89 13.93
C2 DPV JA . 10.93 -13.98 12.77
C3 DPV JA . 10.00 -14.13 11.53
C4 DPV JA . 10.67 -18.46 14.63
C5 DPV JA . 10.80 -19.54 15.76
C6 DPV JA . 9.19 -21.23 14.63
C7 DPV JA . 8.30 -19.69 16.39
C8 DPV JA . 9.89 -21.51 17.02
C15 DPV JA . 10.60 -13.42 10.29
C16 DPV JA . 9.93 -13.90 8.97
C17 DPV JA . 10.61 -13.25 7.74
C18 DPV JA . 10.29 -13.96 6.39
C19 DPV JA . 8.94 -13.52 5.78
O1P DPV JA . 10.24 -16.29 16.56
C20 DPV JA . 8.81 -13.98 4.30
C21 DPV JA . 7.45 -13.58 3.69
C22 DPV JA . 7.42 -13.82 2.15
C23 DPV JA . 6.00 -13.61 1.57
O2P DPV JA . 12.67 -16.29 16.83
O3P DPV JA . 11.68 -15.20 14.73
O4P DPV JA . 11.71 -17.47 14.78
H1 DPV JA . 9.77 -14.36 14.57
H1A DPV JA . 10.09 -15.82 13.56
H2 DPV JA . 10.95 -12.94 13.09
H2A DPV JA . 11.95 -14.26 12.48
H3 DPV JA . 9.02 -13.71 11.75
H3A DPV JA . 9.86 -15.19 11.31
H4 DPV JA . 10.75 -18.93 13.66
H4A DPV JA . 9.70 -17.97 14.71
H5 DPV JA . 11.68 -20.17 15.57
H5A DPV JA . 10.94 -19.04 16.73
H6 DPV JA . 10.07 -21.80 14.31
H6A DPV JA . 8.91 -20.50 13.87
H6B DPV JA . 8.36 -21.90 14.83
H7 DPV JA . 7.49 -20.39 16.65
H7A DPV JA . 7.97 -19.04 15.57
H7B DPV JA . 8.58 -19.08 17.26
H8 DPV JA . 9.04 -22.18 17.19
H8A DPV JA . 10.12 -20.97 17.94
H8B DPV JA . 10.76 -22.08 16.69
H15 DPV JA . 11.67 -13.61 10.24
H15A DPV JA . 10.46 -12.34 10.40
H16 DPV JA . 10.01 -14.99 8.90
H16A DPV JA . 8.87 -13.63 8.97
H17 DPV JA . 10.35 -12.20 7.69
H17A DPV JA . 11.70 -13.29 7.88
H18 DPV JA . 11.08 -13.74 5.68
H18A DPV JA . 10.28 -15.05 6.49
H19 DPV JA . 8.14 -13.91 6.39
H19A DPV JA . 8.89 -12.42 5.82
H20 DPV JA . 9.61 -13.54 3.70
H20A DPV JA . 8.93 -15.06 4.25
H21 DPV JA . 6.67 -14.17 4.16
H21A DPV JA . 7.25 -12.53 3.91
H22 DPV JA . 8.12 -13.15 1.67
H22A DPV JA . 7.74 -14.86 1.93
H23 DPV JA . 5.63 -12.63 1.84
H23A DPV JA . 5.30 -14.35 1.98
H23B DPV JA . 6.00 -13.69 0.47
N DPV KA . 3.02 -21.94 12.71
P DPV KA . 7.16 -18.87 11.97
C1 DPV KA . 7.36 -16.76 10.44
C2 DPV KA . 6.65 -16.10 9.24
C3 DPV KA . 7.04 -16.77 7.90
C4 DPV KA . 5.25 -20.52 12.67
C5 DPV KA . 3.70 -20.54 12.87
C6 DPV KA . 3.61 -23.01 13.65
C7 DPV KA . 3.12 -22.41 11.24
C8 DPV KA . 1.54 -21.77 13.06
C15 DPV KA . 6.09 -16.36 6.73
C16 DPV KA . 6.49 -17.06 5.40
C17 DPV KA . 5.36 -16.97 4.33
C18 DPV KA . 5.89 -17.41 2.93
C19 DPV KA . 4.75 -17.90 1.97
O1P DPV KA . 7.80 -18.09 13.06
C20 DPV KA . 4.39 -19.42 2.18
C21 DPV KA . 5.49 -20.37 1.59
C22 DPV KA . 5.22 -21.86 1.94
C23 DPV KA . 6.34 -22.79 1.41
O2P DPV KA . 7.96 -20.04 11.56
O3P DPV KA . 6.66 -17.99 10.74
O4P DPV KA . 5.63 -19.19 12.26
H1 DPV KA . 8.42 -16.99 10.20
H1A DPV KA . 7.33 -16.10 11.30
H2 DPV KA . 5.57 -16.16 9.40
H2A DPV KA . 6.91 -15.02 9.21
H3 DPV KA . 7.00 -17.86 8.01
H3A DPV KA . 8.07 -16.51 7.67
H4 DPV KA . 5.76 -20.76 13.62
H4A DPV KA . 5.56 -21.24 11.92
H5 DPV KA . 3.46 -20.15 13.87
H5A DPV KA . 3.25 -19.88 12.13
H6 DPV KA . 4.66 -23.15 13.39
H6A DPV KA . 3.05 -23.93 13.51
H6B DPV KA . 3.53 -22.63 14.67
H7 DPV KA . 2.79 -21.61 10.58
H7A DPV KA . 2.47 -23.30 11.11
H7B DPV KA . 4.16 -22.69 11.01
H8 DPV KA . 1.10 -21.02 12.39
H8A DPV KA . 1.46 -21.47 14.10
H8B DPV KA . 1.04 -22.73 12.92
H15 DPV KA . 6.13 -15.27 6.59
H15A DPV KA . 5.07 -16.63 7.00
H16 DPV KA . 7.43 -16.62 5.03
H16A DPV KA . 6.68 -18.12 5.60
H17 DPV KA . 4.52 -17.59 4.65
H17A DPV KA . 4.99 -15.93 4.26
H18 DPV KA . 6.38 -16.56 2.45
H18A DPV KA . 6.65 -18.17 3.03
H19 DPV KA . 3.85 -17.30 2.15
H19A DPV KA . 5.04 -17.75 0.93
H20 DPV KA . 4.26 -19.62 3.25
H20A DPV KA . 3.44 -19.62 1.69
H21 DPV KA . 5.53 -20.26 0.51
H21A DPV KA . 6.48 -20.10 1.98
H22 DPV KA . 5.13 -21.99 3.02
H22A DPV KA . 4.27 -22.17 1.49
H23 DPV KA . 6.40 -22.75 0.32
H23A DPV KA . 6.11 -23.82 1.70
H23B DPV KA . 7.31 -22.51 1.84
N DPV LA . -2.75 -18.43 -15.05
P DPV LA . -1.23 -22.78 -13.24
C1 DPV LA . 0.99 -22.25 -11.94
C2 DPV LA . 1.49 -21.98 -10.51
C3 DPV LA . 2.05 -23.27 -9.84
C4 DPV LA . -1.91 -20.20 -13.24
C5 DPV LA . -2.50 -19.95 -14.67
C6 DPV LA . -3.23 -18.40 -16.49
C7 DPV LA . -1.49 -17.58 -14.96
C8 DPV LA . -3.86 -17.83 -14.18
C15 DPV LA . 2.46 -23.01 -8.35
C16 DPV LA . 1.32 -23.32 -7.34
C17 DPV LA . 1.25 -22.32 -6.14
C18 DPV LA . 0.42 -21.04 -6.52
C19 DPV LA . 0.11 -20.13 -5.31
O1P DPV LA . -1.91 -24.08 -13.29
C20 DPV LA . 1.29 -19.17 -4.93
C21 DPV LA . 0.97 -18.40 -3.61
C22 DPV LA . 2.17 -17.56 -3.15
C23 DPV LA . 1.90 -16.87 -1.79
O2P DPV LA . -0.42 -22.52 -14.46
O3P DPV LA . -0.42 -22.57 -11.86
O4P DPV LA . -2.20 -21.56 -12.83
H1 DPV LA . 1.10 -21.34 -12.54
H1A DPV LA . 1.54 -23.08 -12.41
H2 DPV LA . 2.27 -21.23 -10.54
H2A DPV LA . 0.67 -21.58 -9.90
H3 DPV LA . 2.94 -23.60 -10.40
H3A DPV LA . 1.32 -24.08 -9.90
H4 DPV LA . -0.83 -20.04 -13.23
H4A DPV LA . -2.38 -19.53 -12.52
H5 DPV LA . -1.83 -20.36 -15.43
H5A DPV LA . -3.46 -20.46 -14.76
H6 DPV LA . -4.16 -18.96 -16.59
H6A DPV LA . -2.47 -18.85 -17.14
H6B DPV LA . -3.40 -17.36 -16.79
H7 DPV LA . -0.73 -18.03 -15.62
H7A DPV LA . -1.16 -17.58 -13.92
H7B DPV LA . -1.73 -16.57 -15.29
H8 DPV LA . -3.53 -17.77 -13.13
H8A DPV LA . -4.77 -18.45 -14.26
H8B DPV LA . -4.08 -16.82 -14.55
H15 DPV LA . 2.83 -21.98 -8.24
H15A DPV LA . 3.31 -23.68 -8.11
H16 DPV LA . 0.36 -23.35 -7.87
H16A DPV LA . 1.48 -24.33 -6.93
H17 DPV LA . 0.77 -22.82 -5.30
H17A DPV LA . 2.25 -22.04 -5.82
H18 DPV LA . 0.94 -20.48 -7.31
H18A DPV LA . -0.55 -21.34 -6.95
H19 DPV LA . -0.77 -19.53 -5.53
H19A DPV LA . -0.13 -20.74 -4.44
H20 DPV LA . 2.21 -19.76 -4.82
H20A DPV LA . 1.44 -18.47 -5.76
H21 DPV LA . 0.12 -17.73 -3.78
H21A DPV LA . 0.68 -19.09 -2.82
H22 DPV LA . 3.05 -18.17 -3.06
H22A DPV LA . 2.36 -16.80 -3.89
H23 DPV LA . 2.73 -16.21 -1.52
H23A DPV LA . 1.76 -17.59 -1.00
H23B DPV LA . 1.00 -16.24 -1.85
N DPV MA . 0.00 -5.19 -20.14
P DPV MA . 1.18 -7.60 -16.62
C1 DPV MA . 3.27 -9.04 -15.96
C2 DPV MA . 3.97 -10.38 -16.26
C3 DPV MA . 5.26 -10.60 -15.40
C4 DPV MA . 1.74 -6.94 -19.12
C5 DPV MA . 1.30 -5.44 -19.29
C6 DPV MA . -0.24 -3.68 -20.15
C7 DPV MA . -1.25 -5.85 -19.52
C8 DPV MA . 0.17 -5.65 -21.61
C15 DPV MA . 4.97 -10.99 -13.92
C16 DPV MA . 6.27 -11.16 -13.09
C17 DPV MA . 5.97 -11.65 -11.65
C18 DPV MA . 7.26 -11.98 -10.85
C19 DPV MA . 7.85 -10.77 -10.05
O1P DPV MA . 1.93 -6.40 -16.20
C20 DPV MA . 9.24 -11.13 -9.49
C21 DPV MA . 9.84 -10.04 -8.55
C22 DPV MA . 11.25 -10.50 -8.06
C23 DPV MA . 11.98 -9.48 -7.17
O2P DPV MA . 0.01 -7.84 -15.75
O3P DPV MA . 2.10 -8.91 -16.80
O4P DPV MA . 0.85 -7.63 -18.18
H1 DPV MA . 2.95 -9.02 -14.91
H1A DPV MA . 3.95 -8.20 -16.14
H2 DPV MA . 3.29 -11.21 -16.11
H2A DPV MA . 4.26 -10.37 -17.30
H3 DPV MA . 5.89 -9.70 -15.44
H3A DPV MA . 5.84 -11.41 -15.86
H4 DPV MA . 1.70 -7.46 -20.09
H4A DPV MA . 2.77 -7.00 -18.75
H5 DPV MA . 1.15 -4.99 -18.30
H5A DPV MA . 2.10 -4.90 -19.79
H6 DPV MA . -0.34 -3.31 -19.13
H6A DPV MA . -1.15 -3.47 -20.72
H6B DPV MA . 0.60 -3.19 -20.65
H7 DPV MA . -1.33 -5.52 -18.47
H7A DPV MA . -1.13 -6.94 -19.54
H7B DPV MA . -2.14 -5.54 -20.08
H8 DPV MA . 1.02 -5.11 -22.03
H8A DPV MA . -0.75 -5.42 -22.15
H8B DPV MA . 0.38 -6.71 -21.60
H15 DPV MA . 4.39 -11.92 -13.90
H15A DPV MA . 4.33 -10.23 -13.46
H16 DPV MA . 6.93 -11.86 -13.59
H16A DPV MA . 6.77 -10.19 -13.03
H17 DPV MA . 5.38 -10.91 -11.11
H17A DPV MA . 5.36 -12.55 -11.71
H18 DPV MA . 7.03 -12.77 -10.13
H18A DPV MA . 8.01 -12.39 -11.53
H19 DPV MA . 7.94 -9.91 -10.72
H19A DPV MA . 7.17 -10.48 -9.25
H20 DPV MA . 9.17 -12.06 -8.93
H20A DPV MA . 9.91 -11.31 -10.33
H21 DPV MA . 9.94 -9.10 -9.11
H21A DPV MA . 9.18 -9.89 -7.70
H22 DPV MA . 11.15 -11.43 -7.50
H22A DPV MA . 11.87 -10.71 -8.93
H23 DPV MA . 11.36 -9.20 -6.31
H23A DPV MA . 12.19 -8.55 -7.72
H23B DPV MA . 12.91 -9.90 -6.81
N DPV NA . -8.12 -18.30 -4.90
P DPV NA . -7.56 -13.39 -5.79
C1 DPV NA . -8.35 -14.17 -8.18
C2 DPV NA . -9.46 -13.90 -9.22
C3 DPV NA . -9.54 -14.95 -10.38
C4 DPV NA . -8.04 -15.67 -4.51
C5 DPV NA . -8.57 -16.86 -5.37
C6 DPV NA . -8.58 -18.62 -3.47
C7 DPV NA . -6.59 -18.49 -4.99
C8 DPV NA . -8.77 -19.33 -5.84
C15 DPV NA . -8.26 -15.03 -11.28
C16 DPV NA . -8.03 -13.76 -12.16
C17 DPV NA . -6.71 -13.83 -12.98
C18 DPV NA . -5.44 -13.50 -12.13
C19 DPV NA . -4.18 -14.17 -12.71
O1P DPV NA . -7.44 -12.10 -5.11
C20 DPV NA . -2.93 -13.96 -11.80
C21 DPV NA . -1.76 -14.88 -12.25
C22 DPV NA . -0.50 -14.63 -11.41
C23 DPV NA . 0.65 -15.57 -11.80
O2P DPV NA . -6.22 -13.96 -6.16
O3P DPV NA . -8.60 -13.34 -7.03
O4P DPV NA . -8.53 -14.43 -5.05
H1 DPV NA . -8.35 -15.22 -7.89
H1A DPV NA . -7.37 -13.92 -8.62
H2 DPV NA . -10.42 -13.88 -8.71
H2A DPV NA . -9.34 -12.89 -9.63
H3 DPV NA . -10.42 -14.73 -10.98
H3A DPV NA . -9.71 -15.93 -9.93
H4 DPV NA . -8.42 -15.76 -3.48
H4A DPV NA . -6.95 -15.65 -4.50
H5 DPV NA . -9.67 -16.84 -5.36
H5A DPV NA . -8.24 -16.74 -6.41
H6 DPV NA . -8.36 -19.67 -3.26
H6A DPV NA . -9.66 -18.46 -3.41
H6B DPV NA . -8.06 -17.95 -2.78
H7 DPV NA . -6.11 -17.78 -4.32
H7A DPV NA . -6.27 -18.29 -6.02
H7B DPV NA . -6.34 -19.52 -4.71
H8 DPV NA . -8.42 -19.13 -6.86
H8A DPV NA . -9.85 -19.21 -5.79
H8B DPV NA . -8.48 -20.33 -5.53
H15 DPV NA . -8.38 -15.88 -11.95
H15A DPV NA . -7.38 -15.23 -10.67
H16 DPV NA . -8.86 -13.64 -12.86
H16A DPV NA . -8.01 -12.87 -11.54
H17 DPV NA . -6.63 -14.83 -13.41
H17A DPV NA . -6.77 -13.13 -13.82
H18 DPV NA . -5.30 -12.41 -12.07
H18A DPV NA . -5.58 -13.88 -11.10
H19 DPV NA . -4.38 -15.24 -12.81
H19A DPV NA . -3.98 -13.78 -13.71
H20 DPV NA . -2.61 -12.91 -11.86
H20A DPV NA . -3.19 -14.17 -10.76
H21 DPV NA . -2.06 -15.93 -12.16
H21A DPV NA . -1.53 -14.70 -13.30
H22 DPV NA . -0.17 -13.59 -11.49
H22A DPV NA . -0.72 -14.79 -10.36
H23 DPV NA . 1.02 -15.34 -12.81
H23A DPV NA . 0.33 -16.60 -11.78
H23B DPV NA . 1.50 -15.47 -11.11
N DPV OA . 1.15 4.83 -14.36
P DPV OA . 0.02 4.89 -10.12
C1 DPV OA . 2.52 4.50 -9.56
C2 DPV OA . 3.89 4.40 -10.27
C3 DPV OA . 5.01 3.88 -9.34
C4 DPV OA . -0.46 3.82 -12.47
C5 DPV OA . -0.23 4.20 -13.99
C6 DPV OA . 1.26 4.86 -15.89
C7 DPV OA . 2.34 4.00 -13.83
C8 DPV OA . 1.29 6.28 -13.84
C15 DPV OA . 5.59 4.99 -8.41
C16 DPV OA . 6.73 4.44 -7.52
C17 DPV OA . 7.18 5.47 -6.47
C18 DPV OA . 8.37 4.93 -5.61
C19 DPV OA . 8.62 5.75 -4.32
O1P DPV OA . -0.27 6.11 -9.35
C20 DPV OA . 7.55 5.46 -3.21
C21 DPV OA . 7.95 6.02 -1.82
C22 DPV OA . 8.96 5.10 -1.09
C23 DPV OA . 9.36 5.66 0.27
O2P DPV OA . -0.50 3.67 -9.47
O3P DPV OA . 1.54 4.78 -10.57
O4P DPV OA . -0.41 5.02 -11.66
H1 DPV OA . 2.27 3.54 -9.08
H1A DPV OA . 2.54 5.30 -8.83
H2 DPV OA . 3.80 3.69 -11.11
H2A DPV OA . 4.17 5.35 -10.69
H3 DPV OA . 5.82 3.46 -9.96
H3A DPV OA . 4.63 3.04 -8.73
H4 DPV OA . -1.43 3.35 -12.35
H4A DPV OA . 0.32 3.13 -12.14
H5 DPV OA . -0.35 3.29 -14.59
H5A DPV OA . -1.00 4.91 -14.30
H6 DPV OA . 0.44 5.46 -16.27
H6A DPV OA . 1.18 3.85 -16.26
H6B DPV OA . 2.21 5.30 -16.19
H7 DPV OA . 3.26 4.47 -14.19
H7A DPV OA . 2.24 2.99 -14.24
H7B DPV OA . 2.30 3.98 -12.75
H8 DPV OA . 1.36 6.27 -12.76
H8A DPV OA . 0.41 6.84 -14.16
H8B DPV OA . 2.19 6.74 -14.25
H15 DPV OA . 4.80 5.38 -7.78
H15A DPV OA . 5.98 5.81 -9.02
H16 DPV OA . 6.39 3.52 -7.00
H16A DPV OA . 7.58 4.15 -8.15
H17 DPV OA . 7.51 6.39 -6.98
H17A DPV OA . 6.33 5.72 -5.83
H18 DPV OA . 8.18 3.88 -5.36
H18A DPV OA . 9.27 4.95 -6.22
H19 DPV OA . 9.60 5.48 -3.93
H19A DPV OA . 8.64 6.81 -4.54
H20 DPV OA . 6.60 5.90 -3.51
H20A DPV OA . 7.37 4.38 -3.13
H21 DPV OA . 8.36 7.02 -1.92
H21A DPV OA . 7.05 6.11 -1.19
H22 DPV OA . 8.52 4.10 -0.95
H22A DPV OA . 9.86 5.00 -1.70
H23 DPV OA . 10.10 5.02 0.76
H23A DPV OA . 8.48 5.75 0.93
H23B DPV OA . 9.78 6.65 0.17
N DPV PA . 3.27 6.82 4.08
P DPV PA . 3.76 7.63 -0.58
C1 DPV PA . 4.61 8.22 -2.97
C2 DPV PA . 5.78 8.92 -3.69
C3 DPV PA . 5.59 8.86 -5.22
C4 DPV PA . 4.15 8.17 1.99
C5 DPV PA . 3.61 6.83 2.56
C6 DPV PA . 4.55 6.99 4.92
C7 DPV PA . 2.65 5.45 4.41
C8 DPV PA . 2.23 7.89 4.47
C15 DPV PA . 6.86 9.35 -5.97
C16 DPV PA . 6.66 9.31 -7.52
C17 DPV PA . 7.91 9.87 -8.28
C18 DPV PA . 9.05 8.81 -8.45
C19 DPV PA . 10.27 9.43 -9.22
O1P DPV PA . 3.62 6.18 -0.82
C20 DPV PA . 11.29 8.36 -9.71
C21 DPV PA . 12.19 7.77 -8.59
C22 DPV PA . 13.33 6.85 -9.12
C23 DPV PA . 12.85 5.43 -9.50
O2P DPV PA . 2.45 8.31 -0.53
O3P DPV PA . 4.82 8.34 -1.55
O4P DPV PA . 4.70 7.96 0.67
H1 DPV PA . 3.67 8.71 -3.23
H1A DPV PA . 4.57 7.16 -3.24
H2 DPV PA . 5.85 9.97 -3.38
H2A DPV PA . 6.72 8.44 -3.43
H3 DPV PA . 4.73 9.50 -5.49
H3A DPV PA . 5.35 7.85 -5.54
H4 DPV PA . 3.35 8.92 1.94
H4A DPV PA . 4.94 8.55 2.64
H5 DPV PA . 2.71 6.56 2.02
H5A DPV PA . 4.36 6.05 2.40
H6 DPV PA . 4.29 6.84 5.98
H6A DPV PA . 4.95 7.99 4.79
H6B DPV PA . 5.29 6.24 4.61
H7 DPV PA . 3.40 4.69 4.20
H7A DPV PA . 1.78 5.30 3.77
H7B DPV PA . 2.37 5.43 5.46
H8 DPV PA . 2.67 8.89 4.33
H8A DPV PA . 1.96 7.77 5.53
H8B DPV PA . 1.34 7.77 3.84
H15 DPV PA . 7.70 8.70 -5.70
H15A DPV PA . 7.10 10.36 -5.66
H16 DPV PA . 6.42 8.30 -7.84
H16A DPV PA . 5.80 9.93 -7.77
H17 DPV PA . 7.60 10.22 -9.28
H17A DPV PA . 8.30 10.74 -7.77
H18 DPV PA . 9.37 8.47 -7.48
H18A DPV PA . 8.66 7.94 -9.00
H19 DPV PA . 9.89 9.97 -10.08
H19A DPV PA . 10.77 10.15 -8.58
H20 DPV PA . 10.75 7.54 -10.18
H20A DPV PA . 11.92 8.81 -10.48
H21 DPV PA . 12.65 8.60 -8.04
H21A DPV PA . 11.57 7.22 -7.87
H22 DPV PA . 13.79 7.33 -9.98
H22A DPV PA . 14.10 6.75 -8.35
H23 DPV PA . 12.35 4.94 -8.66
H23A DPV PA . 13.71 4.84 -9.80
H23B DPV PA . 12.16 5.46 -10.35
N DPV QA . 18.24 2.00 -23.82
P DPV QA . 20.44 -1.28 -21.46
C1 DPV QA . 20.18 -3.04 -19.55
C2 DPV QA . 19.11 -3.82 -18.77
C3 DPV QA . 19.76 -4.96 -17.91
C4 DPV QA . 19.83 1.24 -21.83
C5 DPV QA . 18.60 2.11 -22.30
C6 DPV QA . 17.90 0.56 -24.24
C7 DPV QA . 19.37 2.56 -24.72
C8 DPV QA . 16.98 2.85 -24.07
C15 DPV QA . 18.77 -6.08 -17.47
C16 DPV QA . 17.97 -5.74 -16.18
C17 DPV QA . 17.23 -7.00 -15.66
C18 DPV QA . 16.65 -6.80 -14.24
C19 DPV QA . 16.13 -8.15 -13.67
O1P DPV QA . 20.54 -1.99 -22.75
C20 DPV QA . 15.80 -8.05 -12.16
C21 DPV QA . 15.49 -9.46 -11.58
C22 DPV QA . 15.11 -9.42 -10.07
C23 DPV QA . 14.80 -10.83 -9.55
O2P DPV QA . 21.77 -0.87 -20.95
O3P DPV QA . 19.54 -2.03 -20.37
O4P DPV QA . 19.37 -0.08 -21.49
H1 DPV QA . 20.87 -2.55 -18.86
H1A DPV QA . 20.74 -3.71 -20.21
H2 DPV QA . 18.54 -3.15 -18.12
H2A DPV QA . 18.42 -4.26 -19.48
H3 DPV QA . 20.24 -4.52 -17.03
H3A DPV QA . 20.55 -5.44 -18.48
H4 DPV QA . 20.57 1.18 -22.62
H4A DPV QA . 20.28 1.70 -20.93
H5 DPV QA . 17.73 1.81 -21.71
H5A DPV QA . 18.82 3.17 -22.11
H6 DPV QA . 17.11 0.16 -23.59
H6A DPV QA . 18.81 -0.06 -24.12
H6B DPV QA . 17.58 0.55 -25.29
H7 DPV QA . 19.61 3.57 -24.36
H7A DPV QA . 19.04 2.60 -25.75
H7B DPV QA . 20.25 1.93 -24.63
H8 DPV QA . 17.21 3.90 -23.81
H8A DPV QA . 16.17 2.49 -23.44
H8B DPV QA . 16.70 2.78 -25.12
H15 DPV QA . 19.36 -6.99 -17.30
H15A DPV QA . 18.09 -6.30 -18.29
H16 DPV QA . 18.66 -5.39 -15.40
H16A DPV QA . 17.25 -4.94 -16.38
H17 DPV QA . 16.42 -7.26 -16.34
H17A DPV QA . 17.91 -7.83 -15.63
H18 DPV QA . 17.44 -6.43 -13.59
H18A DPV QA . 15.84 -6.07 -14.24
H19 DPV QA . 15.24 -8.45 -14.22
H19A DPV QA . 16.89 -8.92 -13.83
H20 DPV QA . 16.63 -7.60 -11.61
H20A DPV QA . 14.93 -7.41 -12.02
H21 DPV QA . 14.66 -9.90 -12.13
H21A DPV QA . 16.36 -10.11 -11.72
H22 DPV QA . 15.93 -9.00 -9.48
H22A DPV QA . 14.24 -8.77 -9.94
H23 DPV QA . 13.99 -11.26 -10.15
H23A DPV QA . 14.49 -10.78 -8.51
H23B DPV QA . 15.68 -11.47 -9.62
N DPV RA . 26.82 0.08 -18.92
P DPV RA . 29.28 -2.91 -15.56
C1 DPV RA . 28.04 -4.74 -14.12
C2 DPV RA . 28.01 -5.96 -15.11
C3 DPV RA . 28.11 -7.32 -14.39
C4 DPV RA . 27.53 -1.43 -16.86
C5 DPV RA . 27.55 -0.01 -17.53
C6 DPV RA . 26.93 1.53 -19.44
C7 DPV RA . 25.33 -0.25 -18.80
C8 DPV RA . 27.51 -0.83 -19.97
C15 DPV RA . 29.51 -7.59 -13.75
C16 DPV RA . 29.59 -8.91 -12.96
C17 DPV RA . 30.98 -9.04 -12.26
C18 DPV RA . 30.99 -10.15 -11.19
C19 DPV RA . 32.31 -10.11 -10.36
O1P DPV RA . 29.65 -3.63 -16.79
C20 DPV RA . 32.06 -10.40 -8.85
C21 DPV RA . 31.65 -9.14 -8.05
C22 DPV RA . 31.07 -9.52 -6.65
C23 DPV RA . 30.68 -8.28 -5.84
O2P DPV RA . 30.41 -2.80 -14.63
O3P DPV RA . 27.95 -3.48 -14.87
O4P DPV RA . 28.54 -1.50 -15.83
H1 DPV RA . 27.19 -4.81 -13.45
H1A DPV RA . 28.97 -4.76 -13.55
H2 DPV RA . 27.08 -5.91 -15.68
H2A DPV RA . 28.82 -5.88 -15.82
H3 DPV RA . 27.90 -8.11 -15.11
H3A DPV RA . 27.34 -7.40 -13.62
H4 DPV RA . 26.54 -1.61 -16.42
H4A DPV RA . 27.77 -2.18 -17.61
H5 DPV RA . 27.09 0.72 -16.87
H5A DPV RA . 28.60 0.29 -17.70
H6 DPV RA . 26.49 2.19 -18.69
H6A DPV RA . 26.39 1.61 -20.38
H6B DPV RA . 27.99 1.77 -19.57
H7 DPV RA . 24.85 -0.11 -19.78
H7A DPV RA . 24.87 0.43 -18.07
H7B DPV RA . 25.22 -1.30 -18.48
H8 DPV RA . 27.36 -1.88 -19.69
H8A DPV RA . 28.58 -0.59 -20.01
H8B DPV RA . 27.07 -0.61 -20.95
H15 DPV RA . 29.77 -6.76 -13.08
H15A DPV RA . 30.27 -7.57 -14.54
H16 DPV RA . 28.80 -8.93 -12.23
H16A DPV RA . 29.42 -9.76 -13.62
H17 DPV RA . 31.75 -9.22 -13.02
H17A DPV RA . 31.22 -8.10 -11.78
H18 DPV RA . 30.12 -10.01 -10.54
H18A DPV RA . 30.88 -11.13 -11.67
H19 DPV RA . 33.01 -10.87 -10.74
H19A DPV RA . 32.81 -9.14 -10.46
H20 DPV RA . 31.28 -11.15 -8.78
H20A DPV RA . 32.96 -10.83 -8.41
H21 DPV RA . 32.53 -8.51 -7.91
H21A DPV RA . 30.91 -8.56 -8.60
H22 DPV RA . 30.18 -10.15 -6.78
H22A DPV RA . 31.79 -10.12 -6.09
H23 DPV RA . 30.26 -8.56 -4.87
H23A DPV RA . 29.94 -7.68 -6.37
H23B DPV RA . 31.57 -7.65 -5.66
N DPV SA . 31.12 -0.58 -6.68
P DPV SA . 30.49 2.89 -9.67
C1 DPV SA . 32.34 3.50 -7.93
C2 DPV SA . 32.42 4.07 -6.49
C3 DPV SA . 33.82 3.95 -5.83
C4 DPV SA . 30.42 0.32 -9.13
C5 DPV SA . 30.18 -0.71 -7.95
C6 DPV SA . 30.75 0.64 -5.84
C7 DPV SA . 32.61 -0.52 -7.07
C8 DPV SA . 30.91 -1.84 -5.82
C15 DPV SA . 34.09 2.55 -5.23
C16 DPV SA . 35.42 2.51 -4.41
C17 DPV SA . 35.75 1.12 -3.80
C18 DPV SA . 35.02 0.82 -2.44
C19 DPV SA . 33.79 -0.11 -2.63
O1P DPV SA . 31.59 2.61 -10.63
C20 DPV SA . 33.14 -0.49 -1.26
C21 DPV SA . 32.02 -1.56 -1.41
C22 DPV SA . 30.68 -0.99 -1.97
C23 DPV SA . 29.64 -2.10 -2.19
O2P DPV SA . 29.33 3.50 -10.33
O3P DPV SA . 30.98 3.70 -8.38
O4P DPV SA . 30.11 1.66 -8.72
H1 DPV SA . 33.03 4.02 -8.59
H1A DPV SA . 32.59 2.44 -7.94
H2 DPV SA . 32.15 5.12 -6.54
H2A DPV SA . 31.66 3.60 -5.87
H3 DPV SA . 33.88 4.69 -5.03
H3A DPV SA . 34.60 4.20 -6.55
H4 DPV SA . 31.47 0.27 -9.45
H4A DPV SA . 29.78 0.07 -9.98
H5 DPV SA . 29.15 -0.61 -7.61
H5A DPV SA . 30.31 -1.72 -8.36
H6 DPV SA . 30.89 1.54 -6.44
H6A DPV SA . 31.40 0.69 -4.96
H6B DPV SA . 29.70 0.57 -5.52
H7 DPV SA . 33.22 -0.54 -6.16
H7A DPV SA . 32.79 0.39 -7.65
H7B DPV SA . 32.83 -1.40 -7.69
H8 DPV SA . 29.87 -1.86 -5.49
H8A DPV SA . 31.60 -1.80 -4.97
H8B DPV SA . 31.13 -2.73 -6.44
H15 DPV SA . 34.14 1.80 -6.03
H15A DPV SA . 33.26 2.28 -4.56
H16 DPV SA . 36.24 2.80 -5.09
H16A DPV SA . 35.39 3.28 -3.63
H17 DPV SA . 35.55 0.33 -4.53
H17A DPV SA . 36.81 1.10 -3.60
H18 DPV SA . 35.75 0.33 -1.80
H18A DPV SA . 34.72 1.74 -1.95
H19 DPV SA . 33.05 0.38 -3.27
H19A DPV SA . 34.10 -1.03 -3.13
H20 DPV SA . 33.92 -0.89 -0.61
H20A DPV SA . 32.75 0.41 -0.79
H21 DPV SA . 32.37 -2.39 -2.05
H21A DPV SA . 31.82 -2.00 -0.43
H22 DPV SA . 30.28 -0.26 -1.26
H22A DPV SA . 30.86 -0.46 -2.91
H23 DPV SA . 29.36 -2.58 -1.24
H23A DPV SA . 30.00 -2.87 -2.87
H23B DPV SA . 28.73 -1.67 -2.62
N DPV TA . 33.25 -23.68 -8.39
P DPV TA . 30.07 -19.58 -9.15
C1 DPV TA . 28.30 -18.40 -7.63
C2 DPV TA . 27.11 -18.72 -6.69
C3 DPV TA . 26.35 -17.45 -6.21
C4 DPV TA . 31.77 -21.53 -8.87
C5 DPV TA . 31.82 -23.06 -8.49
C6 DPV TA . 34.03 -23.57 -9.72
C7 DPV TA . 33.09 -25.16 -8.06
C8 DPV TA . 34.07 -23.03 -7.26
C15 DPV TA . 24.97 -17.81 -5.62
C16 DPV TA . 24.08 -16.55 -5.38
C17 DPV TA . 22.66 -16.95 -4.85
C18 DPV TA . 21.70 -15.73 -4.81
C19 DPV TA . 20.29 -16.13 -4.33
O1P DPV TA . 31.14 -18.63 -8.77
C20 DPV TA . 19.23 -15.06 -4.70
C21 DPV TA . 17.77 -15.50 -4.34
C22 DPV TA . 16.73 -14.56 -5.02
C23 DPV TA . 15.30 -15.13 -4.99
O2P DPV TA . 29.64 -19.40 -10.55
O3P DPV TA . 28.86 -19.64 -8.11
O4P DPV TA . 30.41 -21.10 -8.78
H1 DPV TA . 27.96 -17.80 -8.48
H1A DPV TA . 29.08 -17.85 -7.08
H2 DPV TA . 26.44 -19.38 -7.23
H2A DPV TA . 27.48 -19.27 -5.83
H3 DPV TA . 26.22 -16.76 -7.04
H3A DPV TA . 26.95 -16.93 -5.45
H4 DPV TA . 32.37 -20.95 -8.18
H4A DPV TA . 32.15 -21.39 -9.88
H5 DPV TA . 31.35 -23.19 -7.52
H5A DPV TA . 31.27 -23.65 -9.23
H6 DPV TA . 34.99 -24.10 -9.60
H6A DPV TA . 34.19 -22.52 -9.94
H6B DPV TA . 33.43 -24.04 -10.51
H7 DPV TA . 32.54 -25.24 -7.10
H7A DPV TA . 34.08 -25.61 -7.95
H7B DPV TA . 32.54 -25.65 -8.85
H8 DPV TA . 34.27 -21.98 -7.52
H8A DPV TA . 35.02 -23.57 -7.14
H8B DPV TA . 33.51 -23.07 -6.32
H15 DPV TA . 25.08 -18.34 -4.67
H15A DPV TA . 24.45 -18.48 -6.30
H16 DPV TA . 24.56 -15.88 -4.68
H16A DPV TA . 23.96 -16.02 -6.34
H17 DPV TA . 22.23 -17.72 -5.49
H17A DPV TA . 22.77 -17.38 -3.85
H18 DPV TA . 22.10 -14.96 -4.14
H18A DPV TA . 21.65 -15.29 -5.81
H19 DPV TA . 20.00 -17.08 -4.77
H19A DPV TA . 20.28 -16.26 -3.24
H20 DPV TA . 19.46 -14.11 -4.19
H20A DPV TA . 19.31 -14.88 -5.77
H21 DPV TA . 17.61 -16.53 -4.67
H21A DPV TA . 17.63 -15.50 -3.25
H22 DPV TA . 16.73 -13.60 -4.52
H22A DPV TA . 17.01 -14.40 -6.07
H23 DPV TA . 14.65 -14.49 -5.60
H23A DPV TA . 14.91 -15.17 -3.97
H23B DPV TA . 15.28 -16.15 -5.39
N DPV UA . 29.04 -20.57 -20.46
P DPV UA . 26.96 -21.90 -16.41
C1 DPV UA . 26.25 -23.25 -14.32
C2 DPV UA . 26.13 -24.69 -13.77
C3 DPV UA . 25.02 -25.50 -14.50
C4 DPV UA . 27.67 -22.22 -18.94
C5 DPV UA . 28.86 -21.23 -19.06
C6 DPV UA . 27.73 -19.91 -20.97
C7 DPV UA . 29.54 -21.58 -21.50
C8 DPV UA . 30.09 -19.45 -20.33
C15 DPV UA . 24.78 -26.87 -13.80
C16 DPV UA . 23.71 -27.74 -14.55
C17 DPV UA . 22.28 -27.70 -13.96
C18 DPV UA . 21.55 -26.34 -14.19
C19 DPV UA . 20.05 -26.42 -13.85
O1P DPV UA . 27.93 -21.05 -15.68
C20 DPV UA . 19.35 -25.05 -14.05
C21 DPV UA . 17.83 -25.11 -13.77
C22 DPV UA . 17.18 -23.71 -13.88
C23 DPV UA . 15.67 -23.73 -13.60
O2P DPV UA . 25.75 -21.15 -16.81
O3P DPV UA . 26.64 -23.28 -15.71
O4P DPV UA . 27.62 -22.76 -17.61
H1 DPV UA . 25.30 -22.73 -14.23
H1A DPV UA . 27.00 -22.70 -13.76
H2 DPV UA . 27.09 -25.20 -13.88
H2A DPV UA . 25.89 -24.64 -12.70
H3 DPV UA . 25.31 -25.65 -15.55
H3A DPV UA . 24.10 -24.92 -14.52
H4 DPV UA . 26.71 -21.72 -19.14
H4A DPV UA . 27.81 -23.04 -19.64
H5 DPV UA . 28.73 -20.43 -18.32
H5A DPV UA . 29.80 -21.74 -18.82
H6 DPV UA . 27.35 -19.26 -20.21
H6A DPV UA . 27.00 -20.69 -21.21
H6B DPV UA . 27.94 -19.33 -21.88
H7 DPV UA . 29.70 -21.06 -22.46
H7A DPV UA . 28.80 -22.36 -21.61
H7B DPV UA . 30.49 -21.99 -21.16
H8 DPV UA . 31.05 -19.89 -20.06
H8A DPV UA . 29.77 -18.74 -19.55
H8B DPV UA . 30.18 -18.95 -21.30
H15 DPV UA . 24.48 -26.72 -12.76
H15A DPV UA . 25.72 -27.43 -13.79
H16 DPV UA . 23.68 -27.48 -15.60
H16A DPV UA . 24.05 -28.78 -14.52
H17 DPV UA . 21.70 -28.50 -14.43
H17A DPV UA . 22.32 -27.91 -12.88
H18 DPV UA . 22.01 -25.57 -13.56
H18A DPV UA . 21.67 -26.02 -15.24
H19 DPV UA . 19.56 -27.19 -14.49
H19A DPV UA . 19.93 -26.74 -12.82
H20 DPV UA . 19.82 -24.31 -13.39
H20A DPV UA . 19.50 -24.71 -15.10
H21 DPV UA . 17.35 -25.80 -14.47
H21A DPV UA . 17.66 -25.50 -12.76
H22 DPV UA . 17.66 -23.03 -13.17
H22A DPV UA . 17.34 -23.31 -14.89
H23 DPV UA . 15.14 -24.32 -14.35
H23A DPV UA . 15.27 -22.71 -13.61
H23B DPV UA . 15.47 -24.15 -12.60
N DPV VA . 32.46 -19.45 -15.24
P DPV VA . 30.23 -22.91 -12.84
C1 DPV VA . 28.27 -22.44 -11.16
C2 DPV VA . 27.04 -21.51 -10.99
C3 DPV VA . 26.40 -21.67 -9.58
C4 DPV VA . 32.02 -20.96 -13.09
C5 DPV VA . 32.93 -20.61 -14.30
C6 DPV VA . 32.22 -18.12 -14.50
C7 DPV VA . 31.16 -19.81 -16.02
C8 DPV VA . 33.56 -19.20 -16.29
C15 DPV VA . 25.02 -20.98 -9.49
C16 DPV VA . 24.30 -21.32 -8.16
C17 DPV VA . 22.84 -20.79 -8.14
C18 DPV VA . 22.10 -21.12 -6.82
C19 DPV VA . 20.55 -21.12 -6.96
O1P DPV VA . 29.86 -23.97 -13.79
C20 DPV VA . 19.90 -19.70 -6.86
C21 DPV VA . 18.43 -19.74 -7.37
C22 DPV VA . 17.63 -18.44 -7.06
C23 DPV VA . 18.11 -17.20 -7.84
O2P DPV VA . 31.09 -23.41 -11.74
O3P DPV VA . 28.98 -22.03 -12.35
O4P DPV VA . 30.80 -21.59 -13.57
H1 DPV VA . 28.95 -22.35 -10.31
H1A DPV VA . 27.95 -23.47 -11.27
H2 DPV VA . 27.36 -20.47 -11.11
H2A DPV VA . 26.30 -21.71 -11.77
H3 DPV VA . 27.06 -21.26 -8.81
H3A DPV VA . 26.27 -22.74 -9.37
H4 DPV VA . 32.55 -21.65 -12.43
H4A DPV VA . 31.76 -20.05 -12.53
H5 DPV VA . 33.90 -20.32 -13.91
H5A DPV VA . 33.07 -21.49 -14.93
H6 DPV VA . 32.03 -17.34 -15.23
H6A DPV VA . 33.11 -17.89 -13.91
H6B DPV VA . 31.36 -18.24 -13.84
H7 DPV VA . 31.33 -20.75 -16.54
H7A DPV VA . 30.93 -19.01 -16.72
H7B DPV VA . 30.35 -19.93 -15.30
H8 DPV VA . 33.26 -18.37 -16.93
H8A DPV VA . 33.68 -20.10 -16.89
H8B DPV VA . 34.50 -18.96 -15.78
H15 DPV VA . 24.39 -21.31 -10.32
H15A DPV VA . 25.14 -19.90 -9.59
H16 DPV VA . 24.28 -22.39 -8.02
H16A DPV VA . 24.86 -20.89 -7.32
H17 DPV VA . 22.83 -19.70 -8.32
H17A DPV VA . 22.32 -21.24 -8.98
H18 DPV VA . 22.39 -22.13 -6.48
H18A DPV VA . 22.41 -20.43 -6.04
H19 DPV VA . 20.26 -21.60 -7.90
H19A DPV VA . 20.14 -21.74 -6.16
H20 DPV VA . 19.95 -19.37 -5.83
H20A DPV VA . 20.47 -18.99 -7.45
H21 DPV VA . 18.42 -19.93 -8.43
H21A DPV VA . 17.91 -20.57 -6.88
H22 DPV VA . 16.58 -18.61 -7.30
H22A DPV VA . 17.68 -18.23 -5.98
H23 DPV VA . 17.44 -16.36 -7.67
H23A DPV VA . 18.14 -17.41 -8.91
H23B DPV VA . 19.11 -16.90 -7.53
N DPV WA . 24.50 -25.54 -19.33
P DPV WA . 20.84 -23.05 -21.16
C1 DPV WA . 22.38 -20.99 -20.90
C2 DPV WA . 23.83 -20.68 -20.42
C3 DPV WA . 23.99 -19.25 -19.84
C4 DPV WA . 22.10 -25.25 -20.45
C5 DPV WA . 23.65 -25.30 -20.64
C6 DPV WA . 24.09 -26.84 -18.60
C7 DPV WA . 24.38 -24.31 -18.38
C8 DPV WA . 25.96 -25.66 -19.75
C15 DPV WA . 23.24 -19.09 -18.50
C16 DPV WA . 23.52 -17.72 -17.82
C17 DPV WA . 22.52 -17.45 -16.66
C18 DPV WA . 21.24 -16.71 -17.14
C19 DPV WA . 20.18 -16.67 -16.02
O1P DPV WA . 19.99 -22.51 -22.26
C20 DPV WA . 18.93 -15.90 -16.50
C21 DPV WA . 17.72 -16.15 -15.53
C22 DPV WA . 16.45 -15.40 -16.02
C23 DPV WA . 15.23 -15.78 -15.17
O2P DPV WA . 20.14 -23.04 -19.86
O3P DPV WA . 22.28 -22.40 -21.13
O4P DPV WA . 21.49 -24.47 -21.52
H1 DPV WA . 21.65 -20.71 -20.14
H1A DPV WA . 22.17 -20.46 -21.83
H2 DPV WA . 24.12 -21.41 -19.66
H2A DPV WA . 24.51 -20.82 -21.26
H3 DPV WA . 23.62 -18.53 -20.56
H3A DPV WA . 25.06 -19.05 -19.71
H4 DPV WA . 21.68 -26.26 -20.46
H4A DPV WA . 21.86 -24.78 -19.49
H5 DPV WA . 23.90 -26.12 -21.33
H5A DPV WA . 23.99 -24.36 -21.08
H6 DPV WA . 23.09 -26.70 -18.18
H6A DPV WA . 24.79 -27.02 -17.79
H6B DPV WA . 24.09 -27.66 -19.31
H7 DPV WA . 25.07 -24.45 -17.54
H7A DPV WA . 23.36 -24.26 -18.02
H7B DPV WA . 24.63 -23.41 -18.95
H8 DPV WA . 26.08 -26.56 -20.36
H8A DPV WA . 26.57 -25.75 -18.85
H8B DPV WA . 26.26 -24.78 -20.31
H15 DPV WA . 23.53 -19.89 -17.80
H15A DPV WA . 22.16 -19.18 -18.66
H16 DPV WA . 24.54 -17.73 -17.44
H16A DPV WA . 23.48 -16.91 -18.57
H17 DPV WA . 22.27 -18.40 -16.19
H17A DPV WA . 23.01 -16.85 -15.92
H18 DPV WA . 21.51 -15.70 -17.46
H18A DPV WA . 20.81 -17.23 -18.00
H19 DPV WA . 19.90 -17.68 -15.73
H19A DPV WA . 20.60 -16.17 -15.14
H20 DPV WA . 19.15 -14.83 -16.55
H20A DPV WA . 18.65 -16.22 -17.51
H21 DPV WA . 17.53 -17.23 -15.48
H21A DPV WA . 17.98 -15.81 -14.53
H22 DPV WA . 16.60 -14.32 -15.99
H22A DPV WA . 16.23 -15.69 -17.05
H23 DPV WA . 15.45 -15.68 -14.11
H23A DPV WA . 14.95 -16.82 -15.36
H23B DPV WA . 14.36 -15.15 -15.41
N DPV XA . 18.13 -19.92 -26.41
P DPV XA . 20.59 -16.97 -24.02
C1 DPV XA . 22.95 -15.98 -24.52
C2 DPV XA . 23.05 -14.46 -24.26
C3 DPV XA . 23.31 -13.65 -25.57
C4 DPV XA . 18.28 -17.71 -24.97
C5 DPV XA . 17.76 -18.41 -26.27
C6 DPV XA . 17.38 -20.79 -25.37
C7 DPV XA . 19.65 -20.18 -26.29
C8 DPV XA . 17.68 -20.38 -27.81
C15 DPV XA . 23.85 -12.20 -25.28
C16 DPV XA . 22.79 -11.07 -25.44
C17 DPV XA . 21.62 -11.09 -24.41
C18 DPV XA . 22.05 -10.74 -22.96
C19 DPV XA . 20.89 -10.83 -21.94
O1P DPV XA . 20.08 -16.01 -23.01
C20 DPV XA . 20.57 -12.28 -21.48
C21 DPV XA . 19.28 -12.32 -20.61
C22 DPV XA . 18.92 -13.75 -20.17
C23 DPV XA . 17.57 -13.80 -19.43
O2P DPV XA . 21.04 -18.23 -23.40
O3P DPV XA . 21.64 -16.34 -25.03
O4P DPV XA . 19.59 -17.18 -25.23
H1 DPV XA . 23.69 -16.29 -25.26
H1A DPV XA . 23.12 -16.52 -23.58
H2 DPV XA . 22.13 -14.11 -23.77
H2A DPV XA . 23.87 -14.30 -23.56
H3 DPV XA . 22.40 -13.62 -26.18
H3A DPV XA . 24.08 -14.17 -26.17
H4 DPV XA . 17.61 -16.91 -24.69
H4A DPV XA . 18.34 -18.44 -24.14
H5 DPV XA . 16.67 -18.34 -26.32
H5A DPV XA . 18.18 -17.88 -27.15
H6 DPV XA . 16.31 -20.57 -25.44
H6A DPV XA . 17.76 -20.55 -24.38
H6B DPV XA . 17.57 -21.86 -25.59
H7 DPV XA . 20.17 -19.58 -27.06
H7A DPV XA . 19.85 -21.25 -26.45
H7B DPV XA . 20.00 -19.88 -25.30
H8 DPV XA . 17.86 -21.46 -27.90
H8A DPV XA . 18.27 -19.85 -28.55
H8B DPV XA . 16.62 -20.17 -27.95
H15 DPV XA . 24.65 -12.01 -26.01
H15A DPV XA . 24.31 -12.14 -24.30
H16 DPV XA . 23.30 -10.10 -25.36
H16A DPV XA . 22.37 -11.11 -26.45
H17 DPV XA . 20.87 -10.36 -24.72
H17A DPV XA . 21.13 -12.07 -24.45
H18 DPV XA . 22.88 -11.37 -22.62
H18A DPV XA . 22.44 -9.71 -22.96
H19 DPV XA . 21.16 -10.22 -21.06
H19A DPV XA . 19.99 -10.36 -22.37
H20 DPV XA . 20.42 -12.93 -22.35
H20A DPV XA . 21.43 -12.68 -20.92
H21 DPV XA . 19.43 -11.71 -19.72
H21A DPV XA . 18.46 -11.87 -21.18
H22 DPV XA . 18.88 -14.42 -21.03
H22A DPV XA . 19.69 -14.15 -19.52
H23 DPV XA . 16.77 -13.38 -20.04
H23A DPV XA . 17.63 -13.28 -18.48
H23B DPV XA . 17.31 -14.83 -19.21
N DPV YA . 26.53 -15.05 -20.54
P DPV YA . 26.34 -10.33 -20.78
C1 DPV YA . 28.27 -8.77 -21.61
C2 DPV YA . 28.93 -8.58 -23.00
C3 DPV YA . 28.50 -7.27 -23.74
C4 DPV YA . 25.84 -12.62 -19.67
C5 DPV YA . 26.50 -14.01 -19.36
C6 DPV YA . 27.35 -14.53 -21.75
C7 DPV YA . 25.12 -15.42 -21.02
C8 DPV YA . 27.22 -16.31 -20.02
C15 DPV YA . 27.11 -7.37 -24.47
C16 DPV YA . 25.93 -6.90 -23.57
C17 DPV YA . 24.61 -6.75 -24.38
C18 DPV YA . 23.45 -6.29 -23.45
C19 DPV YA . 22.12 -6.06 -24.23
O1P DPV YA . 25.21 -10.30 -21.72
C20 DPV YA . 20.92 -5.72 -23.28
C21 DPV YA . 20.33 -7.00 -22.60
C22 DPV YA . 19.16 -6.67 -21.61
C23 DPV YA . 18.59 -7.94 -20.95
O2P DPV YA . 26.13 -9.45 -19.61
O3P DPV YA . 27.76 -10.11 -21.50
O4P DPV YA . 26.80 -11.80 -20.38
H1 DPV YA . 28.98 -8.58 -20.81
H1A DPV YA . 27.43 -8.09 -21.51
H2 DPV YA . 30.02 -8.55 -22.85
H2A DPV YA . 28.74 -9.44 -23.63
H3 DPV YA . 29.25 -7.08 -24.50
H3A DPV YA . 28.53 -6.42 -23.06
H4 DPV YA . 24.95 -12.74 -20.28
H4A DPV YA . 25.57 -12.13 -18.74
H5 DPV YA . 27.53 -13.87 -19.02
H5A DPV YA . 25.93 -14.48 -18.55
H6 DPV YA . 26.82 -13.69 -22.19
H6A DPV YA . 27.43 -15.33 -22.50
H6B DPV YA . 28.34 -14.22 -21.43
H7 DPV YA . 24.57 -15.83 -20.18
H7A DPV YA . 25.21 -16.17 -21.81
H7B DPV YA . 24.63 -14.52 -21.40
H8 DPV YA . 27.33 -17.03 -20.85
H8A DPV YA . 26.62 -16.75 -19.21
H8B DPV YA . 28.20 -16.01 -19.64
H15 DPV YA . 26.94 -8.39 -24.80
H15A DPV YA . 27.12 -6.73 -25.36
H16 DPV YA . 25.77 -7.62 -22.77
H16A DPV YA . 26.18 -5.93 -23.10
H17 DPV YA . 24.76 -6.00 -25.18
H17A DPV YA . 24.35 -7.70 -24.86
H18 DPV YA . 23.30 -7.05 -22.68
H18A DPV YA . 23.73 -5.35 -22.93
H19 DPV YA . 22.25 -5.23 -24.93
H19A DPV YA . 21.88 -6.95 -24.83
H20 DPV YA . 21.23 -5.00 -22.51
H20A DPV YA . 20.13 -5.23 -23.86
H21 DPV YA . 19.98 -7.69 -23.36
H21A DPV YA . 21.15 -7.50 -22.04
H22 DPV YA . 19.51 -5.99 -20.84
H22A DPV YA . 18.37 -6.14 -22.14
H23 DPV YA . 17.77 -7.68 -20.27
H23A DPV YA . 19.36 -8.43 -20.36
H23B DPV YA . 18.20 -8.64 -21.70
N DPV ZA . 3.36 3.80 9.63
P DPV ZA . 8.43 3.49 10.50
C1 DPV ZA . 9.67 1.61 11.89
C2 DPV ZA . 10.40 1.47 13.24
C3 DPV ZA . 11.21 0.14 13.34
C4 DPV ZA . 5.90 3.98 10.28
C5 DPV ZA . 4.59 3.12 10.29
C6 DPV ZA . 2.93 5.07 10.39
C7 DPV ZA . 2.20 2.82 9.70
C8 DPV ZA . 3.62 4.15 8.14
C15 DPV ZA . 12.54 0.14 12.53
C16 DPV ZA . 13.20 -1.27 12.59
C17 DPV ZA . 14.56 -1.37 11.80
C18 DPV ZA . 14.45 -1.26 10.24
C19 DPV ZA . 14.25 -2.64 9.52
O1P DPV ZA . 8.80 2.68 9.32
C20 DPV ZA . 12.76 -3.09 9.37
C21 DPV ZA . 12.07 -2.62 8.03
C22 DPV ZA . 11.65 -1.12 7.95
C23 DPV ZA . 10.53 -0.74 8.95
O2P DPV ZA . 8.76 4.92 10.35
O3P DPV ZA . 8.92 2.87 11.90
O4P DPV ZA . 6.93 3.24 10.97
H1 DPV ZA . 10.39 1.64 11.06
H1A DPV ZA . 8.99 0.78 11.75
H2 DPV ZA . 11.08 2.33 13.38
H2A DPV ZA . 9.67 1.51 14.05
H3 DPV ZA . 10.58 -0.68 13.04
H3A DPV ZA . 11.44 0.00 14.39
H4 DPV ZA . 6.22 4.17 9.26
H4A DPV ZA . 5.72 4.93 10.81
H5 DPV ZA . 4.78 2.18 9.76
H5A DPV ZA . 4.30 2.89 11.32
H6 DPV ZA . 2.71 4.80 11.43
H6A DPV ZA . 2.04 5.50 9.92
H6B DPV ZA . 3.75 5.81 10.36
H7 DPV ZA . 2.01 2.58 10.75
H7A DPV ZA . 2.47 1.91 9.15
H7B DPV ZA . 1.30 3.28 9.26
H8 DPV ZA . 3.92 3.23 7.61
H8A DPV ZA . 4.42 4.90 8.08
H8B DPV ZA . 2.70 4.57 7.71
H15 DPV ZA . 13.24 0.88 12.94
H15A DPV ZA . 12.35 0.41 11.48
H16 DPV ZA . 13.39 -1.53 13.64
H16A DPV ZA . 12.51 -2.02 12.20
H17 DPV ZA . 15.23 -0.59 12.18
H17A DPV ZA . 15.06 -2.31 12.08
H18 DPV ZA . 13.68 -0.55 9.95
H18A DPV ZA . 15.40 -0.84 9.87
H19 DPV ZA . 14.69 -2.59 8.52
H19A DPV ZA . 14.79 -3.40 10.07
H20 DPV ZA . 12.74 -4.17 9.39
H20A DPV ZA . 12.17 -2.76 10.24
H21 DPV ZA . 12.72 -2.84 7.19
H21A DPV ZA . 11.17 -3.25 7.87
H22 DPV ZA . 12.51 -0.48 8.12
H22A DPV ZA . 11.29 -0.91 6.93
H23 DPV ZA . 9.66 -1.38 8.80
H23A DPV ZA . 10.23 0.29 8.81
H23B DPV ZA . 10.86 -0.88 9.98
N DPV AB . 12.84 3.94 9.48
P DPV AB . 16.84 1.99 8.09
C1 DPV AB . 16.32 -0.20 6.79
C2 DPV AB . 15.54 -0.69 5.55
C3 DPV AB . 15.73 -2.21 5.29
C4 DPV AB . 15.49 3.88 9.27
C5 DPV AB . 14.16 4.69 9.11
C6 DPV AB . 12.72 3.79 11.02
C7 DPV AB . 12.70 2.54 8.82
C8 DPV AB . 11.68 4.80 9.00
C15 DPV AB . 15.10 -2.57 3.91
C16 DPV AB . 15.10 -4.09 3.62
C17 DPV AB . 14.61 -4.36 2.17
C18 DPV AB . 14.43 -5.85 1.86
C19 DPV AB . 13.98 -6.05 0.39
O1P DPV AB . 18.14 2.53 7.64
C20 DPV AB . 13.33 -7.44 0.12
C21 DPV AB . 12.83 -7.57 -1.34
C22 DPV AB . 12.15 -8.95 -1.57
C23 DPV AB . 11.68 -9.11 -3.01
O2P DPV AB . 16.96 1.27 9.37
O3P DPV AB . 16.03 1.21 6.97
O4P DPV AB . 15.67 3.08 8.09
H1 DPV AB . 16.04 -0.76 7.68
H1A DPV AB . 17.39 -0.33 6.63
H2 DPV AB . 14.47 -0.48 5.71
H2A DPV AB . 15.85 -0.12 4.67
H3 DPV AB . 15.27 -2.80 6.10
H3A DPV AB . 16.80 -2.46 5.28
H4 DPV AB . 16.34 4.54 9.37
H4A DPV AB . 15.42 3.22 10.14
H5 DPV AB . 14.22 5.57 9.74
H5A DPV AB . 14.07 5.02 8.07
H6 DPV AB . 12.83 4.78 11.46
H6A DPV AB . 13.52 3.14 11.39
H6B DPV AB . 11.73 3.38 11.26
H7 DPV AB . 12.84 2.65 7.74
H7A DPV AB . 11.70 2.14 9.04
H7B DPV AB . 13.47 1.87 9.20
H8 DPV AB . 11.70 5.75 9.55
H8A DPV AB . 10.74 4.26 9.17
H8B DPV AB . 11.82 4.98 7.93
H15 DPV AB . 15.66 -2.06 3.12
H15A DPV AB . 14.07 -2.20 3.88
H16 DPV AB . 16.11 -4.50 3.74
H16A DPV AB . 14.44 -4.62 4.33
H17 DPV AB . 13.67 -3.83 2.00
H17A DPV AB . 15.36 -3.93 1.48
H18 DPV AB . 15.37 -6.39 2.02
H18A DPV AB . 13.69 -6.30 2.54
H19 DPV AB . 13.23 -5.27 0.11
H19A DPV AB . 14.83 -5.92 -0.28
H20 DPV AB . 14.07 -8.23 0.32
H20A DPV AB . 12.48 -7.59 0.81
H21 DPV AB . 12.10 -6.79 -1.55
H21A DPV AB . 13.67 -7.43 -2.04
H22 DPV AB . 12.86 -9.76 -1.33
H22A DPV AB . 11.30 -9.06 -0.91
H23 DPV AB . 11.22 -10.10 -3.14
H23A DPV AB . 12.51 -9.03 -3.71
H23B DPV AB . 10.94 -8.34 -3.23
N DPV BB . 2.42 -25.32 3.34
P DPV BB . -0.85 -23.04 6.00
C1 DPV BB . -0.92 -20.57 6.76
C2 DPV BB . -0.69 -19.13 6.26
C3 DPV BB . -1.07 -18.11 7.39
C4 DPV BB . 0.02 -24.88 4.41
C5 DPV BB . 0.87 -25.12 3.13
C6 DPV BB . 3.07 -25.41 1.97
C7 DPV BB . 2.72 -26.62 4.11
C8 DPV BB . 3.05 -24.13 4.08
C15 DPV BB . -0.78 -16.62 7.04
C16 DPV BB . 0.74 -16.27 6.97
C17 DPV BB . 1.10 -14.92 7.63
C18 DPV BB . 2.62 -14.68 7.60
C19 DPV BB . 2.98 -13.22 8.03
O1P DPV BB . -2.28 -23.35 5.90
C20 DPV BB . 4.50 -12.97 7.89
C21 DPV BB . 4.86 -11.46 7.83
C22 DPV BB . 6.33 -11.25 7.41
C23 DPV BB . 6.64 -9.74 7.33
O2P DPV BB . -0.26 -23.54 7.25
O3P DPV BB . -0.53 -21.51 5.73
O4P DPV BB . -0.01 -23.47 4.72
H1 DPV BB . -0.32 -20.77 7.65
H1A DPV BB . -1.98 -20.71 6.99
H2 DPV BB . 0.36 -19.00 5.98
H2A DPV BB . -1.29 -18.93 5.38
H3 DPV BB . -0.54 -18.38 8.31
H3A DPV BB . -2.14 -18.24 7.64
H4 DPV BB . -1.00 -25.22 4.23
H4A DPV BB . 0.43 -25.42 5.28
H5 DPV BB . 0.53 -26.01 2.61
H5A DPV BB . 0.76 -24.27 2.45
H6 DPV BB . 2.66 -26.27 1.43
H6A DPV BB . 4.16 -25.55 2.11
H6B DPV BB . 2.88 -24.47 1.42
H7 DPV BB . 2.30 -26.53 5.10
H7A DPV BB . 3.79 -26.76 4.17
H7B DPV BB . 2.26 -27.46 3.57
H8 DPV BB . 4.14 -24.29 4.12
H8A DPV BB . 2.64 -24.06 5.09
H8B DPV BB . 2.84 -23.21 3.50
H15 DPV BB . -1.26 -16.01 7.80
H15A DPV BB . -1.26 -16.37 6.08
H16 DPV BB . 1.34 -17.06 7.45
H16A DPV BB . 1.02 -16.26 5.91
H17 DPV BB . 0.58 -14.13 7.10
H17A DPV BB . 0.75 -14.91 8.66
H18 DPV BB . 3.13 -15.39 8.26
H18A DPV BB . 2.99 -14.87 6.58
H19 DPV BB . 2.45 -12.54 7.37
H19A DPV BB . 2.64 -13.04 9.04
H20 DPV BB . 5.02 -13.44 8.74
H20A DPV BB . 4.88 -13.44 6.98
H21 DPV BB . 4.20 -10.96 7.12
H21A DPV BB . 4.70 -11.01 8.83
H22 DPV BB . 7.01 -11.73 8.13
H22A DPV BB . 6.48 -11.70 6.42
H23 DPV BB . 5.96 -9.25 6.62
H23A DPV BB . 7.67 -9.58 7.00
H23B DPV BB . 6.50 -9.26 8.30
N DPV CB . 20.66 -3.84 15.42
P DPV CB . 18.41 0.21 14.04
C1 DPV CB . 16.06 0.33 15.17
C2 DPV CB . 15.29 -0.71 16.03
C3 DPV CB . 15.71 -2.18 15.67
C4 DPV CB . 19.93 -1.31 15.63
C5 DPV CB . 20.50 -2.44 14.72
C6 DPV CB . 19.34 -4.32 16.05
C7 DPV CB . 21.76 -3.80 16.48
C8 DPV CB . 21.05 -4.86 14.33
C15 DPV CB . 14.90 -3.22 16.46
C16 DPV CB . 15.62 -4.60 16.46
C17 DPV CB . 14.81 -5.70 17.18
C18 DPV CB . 15.66 -6.99 17.45
C19 DPV CB . 15.94 -7.87 16.17
O1P DPV CB . 18.41 1.55 13.41
C20 DPV CB . 17.39 -7.73 15.66
C21 DPV CB . 17.62 -8.65 14.43
C22 DPV CB . 19.06 -8.60 13.89
C23 DPV CB . 19.28 -9.60 12.74
O2P DPV CB . 18.08 -0.84 13.07
O3P DPV CB . 17.49 0.16 15.34
O4P DPV CB . 19.76 -0.08 14.89
H1 DPV CB . 15.81 0.19 14.11
H1A DPV CB . 15.77 1.34 15.48
H2 DPV CB . 15.49 -0.51 17.08
H2A DPV CB . 14.22 -0.59 15.85
H3 DPV CB . 16.78 -2.30 15.86
H3A DPV CB . 15.57 -2.34 14.59
H4 DPV CB . 18.98 -1.62 16.06
H4A DPV CB . 20.64 -1.13 16.46
H5 DPV CB . 19.82 -2.56 13.88
H5A DPV CB . 21.48 -2.15 14.34
H6 DPV CB . 18.55 -4.28 15.29
H6A DPV CB . 19.11 -3.70 16.90
H6B DPV CB . 19.49 -5.35 16.39
H7 DPV CB . 22.67 -3.41 16.01
H7A DPV CB . 21.95 -4.80 16.87
H7B DPV CB . 21.45 -3.12 17.30
H8 DPV CB . 20.27 -4.86 13.56
H8A DPV CB . 21.15 -5.85 14.78
H8B DPV CB . 22.00 -4.56 13.88
H15 DPV CB . 13.89 -3.32 16.03
H15A DPV CB . 14.78 -2.91 17.50
H16 DPV CB . 15.82 -4.91 15.43
H16A DPV CB . 16.59 -4.49 16.96
H17 DPV CB . 14.45 -5.31 18.14
H17A DPV CB . 13.92 -5.95 16.59
H18 DPV CB . 16.59 -6.72 17.96
H18A DPV CB . 15.10 -7.62 18.16
H19 DPV CB . 15.73 -8.91 16.40
H19A DPV CB . 15.25 -7.58 15.38
H20 DPV CB . 17.60 -6.70 15.39
H20A DPV CB . 18.07 -8.02 16.46
H21 DPV CB . 17.35 -9.68 14.67
H21A DPV CB . 16.93 -8.35 13.63
H22 DPV CB . 19.29 -7.59 13.54
H22A DPV CB . 19.75 -8.84 14.71
H23 DPV CB . 18.61 -9.38 11.89
H23A DPV CB . 19.11 -10.62 13.08
H23B DPV CB . 20.29 -9.53 12.38
N DPV DB . 11.15 -12.07 17.79
P DPV DB . 10.78 -8.93 14.50
C1 DPV DB . 13.32 -9.39 14.07
C2 DPV DB . 14.31 -10.14 13.12
C3 DPV DB . 15.02 -11.36 13.80
C4 DPV DB . 9.65 -10.66 16.06
C5 DPV DB . 9.96 -12.06 16.76
C6 DPV DB . 12.49 -11.85 17.09
C7 DPV DB . 11.21 -13.46 18.41
C8 DPV DB . 10.99 -11.03 18.93
C15 DPV DB . 14.18 -12.66 13.73
C16 DPV DB . 14.88 -13.89 14.40
C17 DPV DB . 15.13 -15.07 13.40
C18 DPV DB . 16.38 -14.84 12.46
C19 DPV DB . 16.19 -15.39 11.01
O1P DPV DB . 9.61 -8.49 13.73
C20 DPV DB . 15.30 -14.47 10.09
C21 DPV DB . 16.12 -13.45 9.23
C22 DPV DB . 16.53 -12.15 10.01
C23 DPV DB . 17.23 -11.14 9.09
O2P DPV DB . 11.20 -7.94 15.51
O3P DPV DB . 11.97 -9.45 13.56
O4P DPV DB . 10.65 -10.41 15.06
H1 DPV DB . 13.35 -9.81 15.07
H1A DPV DB . 13.62 -8.36 14.15
H2 DPV DB . 13.78 -10.48 12.22
H2A DPV DB . 15.07 -9.45 12.79
H3 DPV DB . 15.27 -11.12 14.83
H3A DPV DB . 15.97 -11.54 13.27
H4 DPV DB . 8.67 -10.69 15.59
H4A DPV DB . 9.66 -9.86 16.81
H5 DPV DB . 9.07 -12.38 17.31
H5A DPV DB . 10.20 -12.80 15.99
H6 DPV DB . 12.48 -10.84 16.65
H6A DPV DB . 12.61 -12.58 16.29
H6B DPV DB . 13.30 -11.92 17.83
H7 DPV DB . 12.04 -13.52 19.11
H7A DPV DB . 11.34 -14.19 17.62
H7B DPV DB . 10.27 -13.65 18.94
H8 DPV DB . 10.03 -11.19 19.44
H8A DPV DB . 11.01 -10.04 18.48
H8B DPV DB . 11.82 -11.15 19.63
H15 DPV DB . 13.93 -12.88 12.68
H15A DPV DB . 13.24 -12.50 14.23
H16 DPV DB . 15.83 -13.58 14.87
H16A DPV DB . 14.25 -14.26 15.21
H17 DPV DB . 15.32 -15.97 13.98
H17A DPV DB . 14.22 -15.24 12.82
H18 DPV DB . 16.62 -13.77 12.43
H18A DPV DB . 17.24 -15.35 12.90
H19 DPV DB . 17.17 -15.53 10.56
H19A DPV DB . 15.72 -16.37 11.08
H20 DPV DB . 14.76 -15.13 9.42
H20A DPV DB . 14.54 -13.95 10.69
H21 DPV DB . 17.01 -13.94 8.84
H21A DPV DB . 15.49 -13.16 8.38
H22 DPV DB . 15.64 -11.69 10.45
H22A DPV DB . 17.20 -12.42 10.82
H23 DPV DB . 16.57 -10.81 8.28
H23A DPV DB . 18.14 -11.57 8.65
H23B DPV DB . 17.53 -10.26 9.67
N DPV EB . 5.73 -15.85 15.22
P DPV EB . 6.80 -11.80 12.17
C1 DPV EB . 4.26 -11.33 11.76
C2 DPV EB . 2.91 -11.42 12.51
C3 DPV EB . 2.60 -12.82 13.12
C4 DPV EB . 6.67 -13.92 13.69
C5 DPV EB . 5.85 -15.24 13.78
C6 DPV EB . 7.12 -16.13 15.82
C7 DPV EB . 5.00 -17.18 15.09
C8 DPV EB . 4.92 -14.93 16.15
C15 DPV EB . 2.33 -13.93 12.05
C16 DPV EB . 1.95 -15.27 12.72
C17 DPV EB . 1.58 -16.39 11.72
C18 DPV EB . 2.81 -17.01 10.99
C19 DPV EB . 2.37 -18.17 10.05
O1P DPV EB . 7.89 -11.29 13.03
C20 DPV EB . 3.52 -18.68 9.13
C21 DPV EB . 2.99 -19.70 8.09
C22 DPV EB . 4.06 -20.10 7.04
C23 DPV EB . 3.47 -20.94 5.90
O2P DPV EB . 7.01 -11.41 10.77
O3P DPV EB . 5.34 -11.42 12.72
O4P DPV EB . 6.49 -13.35 12.38
H1 DPV EB . 4.33 -12.14 11.03
H1A DPV EB . 4.34 -10.37 11.25
H2 DPV EB . 2.91 -10.68 13.30
H2A DPV EB . 2.11 -11.16 11.83
H3 DPV EB . 1.74 -12.73 13.77
H3A DPV EB . 3.45 -13.10 13.77
H4 DPV EB . 6.31 -13.22 14.44
H4A DPV EB . 7.73 -14.12 13.85
H5 DPV EB . 4.84 -15.07 13.42
H5A DPV EB . 6.33 -16.00 13.16
H6 DPV EB . 7.63 -15.19 16.03
H6A DPV EB . 7.71 -16.73 15.12
H6B DPV EB . 6.99 -16.69 16.76
H7 DPV EB . 4.00 -17.00 14.68
H7A DPV EB . 4.91 -17.68 16.06
H7B DPV EB . 5.56 -17.83 14.40
H8 DPV EB . 3.95 -14.71 15.68
H8A DPV EB . 5.49 -14.00 16.29
H8B DPV EB . 4.77 -15.44 17.11
H15 DPV EB . 3.22 -14.07 11.41
H15A DPV EB . 1.51 -13.62 11.40
H16 DPV EB . 2.75 -15.62 13.37
H16A DPV EB . 1.08 -15.11 13.38
H17 DPV EB . 1.05 -17.18 12.26
H17A DPV EB . 0.86 -15.99 10.99
H18 DPV EB . 3.32 -16.24 10.40
H18A DPV EB . 3.53 -17.39 11.73
H19 DPV EB . 1.99 -18.99 10.67
H19A DPV EB . 1.53 -17.84 9.43
H20 DPV EB . 3.95 -17.82 8.62
H20A DPV EB . 4.32 -19.13 9.73
H21 DPV EB . 2.63 -20.59 8.60
H21A DPV EB . 2.13 -19.25 7.56
H22 DPV EB . 4.54 -19.21 6.60
H22A DPV EB . 4.86 -20.68 7.52
H23 DPV EB . 2.73 -20.36 5.34
H23A DPV EB . 2.99 -21.84 6.27
H23B DPV EB . 4.25 -21.25 5.20
N DPV FB . -4.54 -16.30 3.47
P DPV FB . -4.72 -17.18 -1.70
C1 DPV FB . -3.33 -19.38 -2.14
C2 DPV FB . -3.49 -20.74 -2.86
C3 DPV FB . -2.29 -21.68 -2.58
C4 DPV FB . -4.55 -16.55 0.84
C5 DPV FB . -4.63 -17.24 2.23
C6 DPV FB . -5.67 -15.24 3.49
C7 DPV FB . -3.16 -15.60 3.58
C8 DPV FB . -4.71 -17.19 4.72
C15 DPV FB . -2.28 -22.92 -3.49
C16 DPV FB . -1.15 -23.91 -3.10
C17 DPV FB . -1.02 -25.10 -4.12
C18 DPV FB . -0.03 -26.21 -3.68
C19 DPV FB . 1.47 -25.75 -3.66
O1P DPV FB . -6.03 -16.57 -2.01
C20 DPV FB . 2.43 -26.96 -3.41
C21 DPV FB . 3.89 -26.53 -3.04
C22 DPV FB . 4.04 -26.09 -1.55
C23 DPV FB . 5.51 -25.79 -1.17
O2P DPV FB . -3.60 -16.38 -2.21
O3P DPV FB . -4.65 -18.73 -2.11
O4P DPV FB . -4.57 -17.59 -0.15
H1 DPV FB . -2.99 -19.52 -1.11
H1A DPV FB . -2.63 -18.74 -2.68
H2 DPV FB . -4.40 -21.24 -2.53
H2A DPV FB . -3.58 -20.56 -3.94
H3 DPV FB . -2.34 -22.01 -1.53
H3A DPV FB . -1.34 -21.14 -2.70
H4 DPV FB . -5.39 -15.88 0.70
H4A DPV FB . -3.62 -15.99 0.74
H5 DPV FB . -5.58 -17.79 2.31
H5A DPV FB . -3.80 -17.96 2.32
H6 DPV FB . -6.62 -15.75 3.37
H6A DPV FB . -5.51 -14.54 2.67
H6B DPV FB . -5.65 -14.71 4.44
H7 DPV FB . -3.07 -14.90 2.74
H7A DPV FB . -2.38 -16.36 3.52
H7B DPV FB . -3.11 -15.05 4.52
H8 DPV FB . -3.91 -17.92 4.75
H8A DPV FB . -5.70 -17.70 4.66
H8B DPV FB . -4.68 -16.54 5.61
H15 DPV FB . -2.14 -22.60 -4.53
H15A DPV FB . -3.24 -23.42 -3.44
H16 DPV FB . -0.20 -23.38 -3.07
H16A DPV FB . -1.35 -24.30 -2.10
H17 DPV FB . -2.01 -25.55 -4.25
H17A DPV FB . -0.71 -24.71 -5.09
H18 DPV FB . -0.33 -26.61 -2.70
H18A DPV FB . -0.13 -27.05 -4.39
H19 DPV FB . 1.75 -25.27 -4.60
H19A DPV FB . 1.61 -25.01 -2.87
H20 DPV FB . 2.03 -27.60 -2.63
H20A DPV FB . 2.45 -27.56 -4.33
H21 DPV FB . 4.56 -27.37 -3.23
H21A DPV FB . 4.20 -25.72 -3.70
H22 DPV FB . 3.43 -25.19 -1.37
H22A DPV FB . 3.67 -26.88 -0.92
H23 DPV FB . 5.91 -24.97 -1.76
H23A DPV FB . 6.12 -26.67 -1.34
H23B DPV FB . 5.58 -25.52 -0.12
N DPV GB . -6.41 -12.17 -1.30
P DPV GB . -3.78 -9.27 -4.20
C1 DPV GB . -1.79 -7.56 -4.38
C2 DPV GB . -0.29 -7.40 -4.03
C3 DPV GB . 0.67 -8.31 -4.86
C4 DPV GB . -4.92 -10.06 -1.93
C5 DPV GB . -5.62 -11.37 -2.41
C6 DPV GB . -5.45 -12.75 -0.26
C7 DPV GB . -7.11 -13.33 -1.98
C8 DPV GB . -7.49 -11.31 -0.62
C15 DPV GB . 0.90 -7.81 -6.32
C16 DPV GB . 1.95 -8.67 -7.08
C17 DPV GB . 3.44 -8.33 -6.69
C18 DPV GB . 4.49 -9.37 -7.19
C19 DPV GB . 4.47 -10.69 -6.36
O1P DPV GB . -4.08 -10.33 -5.20
C20 DPV GB . 5.67 -11.65 -6.66
C21 DPV GB . 6.94 -11.33 -5.83
C22 DPV GB . 7.97 -12.48 -5.87
C23 DPV GB . 9.21 -12.19 -4.99
O2P DPV GB . -4.68 -8.10 -4.38
O3P DPV GB . -2.22 -8.92 -4.09
O4P DPV GB . -3.71 -9.81 -2.70
H1 DPV GB . -2.39 -6.85 -3.78
H1A DPV GB . -1.98 -7.33 -5.42
H2 DPV GB . 0.00 -6.36 -4.20
H2A DPV GB . -0.14 -7.61 -2.98
H3 DPV GB . 0.27 -9.34 -4.88
H3A DPV GB . 1.62 -8.36 -4.35
H4 DPV GB . -5.60 -9.22 -2.03
H4A DPV GB . -4.61 -10.16 -0.89
H5 DPV GB . -6.33 -11.13 -3.22
H5A DPV GB . -4.87 -12.07 -2.83
H6 DPV GB . -4.69 -13.35 -0.76
H6A DPV GB . -6.02 -13.35 0.45
H6B DPV GB . -4.99 -11.91 0.29
H7 DPV GB . -7.81 -12.94 -2.72
H7A DPV GB . -7.65 -13.91 -1.23
H7B DPV GB . -6.37 -13.96 -2.46
H8 DPV GB . -8.14 -10.89 -1.38
H8A DPV GB . -7.00 -10.51 -0.04
H8B DPV GB . -8.07 -11.94 0.06
H15 DPV GB . 1.22 -6.75 -6.31
H15A DPV GB . -0.04 -7.86 -6.88
H16 DPV GB . 1.75 -9.73 -6.87
H16A DPV GB . 1.86 -8.52 -8.15
H17 DPV GB . 3.70 -7.35 -7.10
H17A DPV GB . 3.52 -8.25 -5.60
H18 DPV GB . 4.31 -9.60 -8.25
H18A DPV GB . 5.48 -8.93 -7.13
H19 DPV GB . 4.46 -10.47 -5.29
H19A DPV GB . 3.55 -11.25 -6.58
H20 DPV GB . 5.34 -12.67 -6.43
H20A DPV GB . 5.91 -11.64 -7.73
H21 DPV GB . 7.41 -10.41 -6.20
H21A DPV GB . 6.65 -11.14 -4.80
H22 DPV GB . 7.51 -13.40 -5.52
H22A DPV GB . 8.29 -12.65 -6.90
H23 DPV GB . 8.93 -12.20 -3.93
H23A DPV GB . 9.66 -11.21 -5.22
H23B DPV GB . 9.95 -12.97 -5.15
N DPV HB . -7.57 -6.09 -2.99
P DPV HB . -5.84 -2.14 -4.97
C1 DPV HB . -6.79 -2.21 -7.38
C2 DPV HB . -6.59 -3.05 -8.66
C3 DPV HB . -5.82 -2.25 -9.78
C4 DPV HB . -5.71 -4.24 -3.35
C5 DPV HB . -6.68 -5.28 -4.00
C6 DPV HB . -6.77 -6.70 -1.84
C7 DPV HB . -8.19 -7.24 -3.77
C8 DPV HB . -8.71 -5.19 -2.44
C15 DPV HB . -4.29 -2.10 -9.47
C16 DPV HB . -3.52 -1.41 -10.65
C17 DPV HB . -2.06 -1.05 -10.25
C18 DPV HB . -1.31 -0.35 -11.40
C19 DPV HB . 0.15 0.00 -11.00
O1P DPV HB . -6.98 -1.70 -4.16
C20 DPV HB . 1.10 0.13 -12.23
C21 DPV HB . 2.51 0.61 -11.81
C22 DPV HB . 3.54 0.49 -12.96
C23 DPV HB . 4.91 1.07 -12.58
O2P DPV HB . -4.92 -1.03 -5.27
O3P DPV HB . -6.28 -2.96 -6.25
O4P DPV HB . -5.11 -3.45 -4.42
H1 DPV HB . -6.26 -1.27 -7.45
H1A DPV HB . -7.86 -2.01 -7.23
H2 DPV HB . -6.04 -3.97 -8.42
H2A DPV HB . -7.55 -3.34 -9.06
H3 DPV HB . -6.27 -1.26 -9.90
H3A DPV HB . -5.94 -2.79 -10.71
H4 DPV HB . -6.23 -3.57 -2.66
H4A DPV HB . -4.91 -4.77 -2.84
H5 DPV HB . -7.37 -4.78 -4.69
H5A DPV HB . -6.10 -6.01 -4.56
H6 DPV HB . -6.41 -5.90 -1.20
H6A DPV HB . -5.91 -7.22 -2.28
H6B DPV HB . -7.40 -7.40 -1.29
H7 DPV HB . -8.82 -7.82 -3.11
H7A DPV HB . -7.40 -7.88 -4.18
H7B DPV HB . -8.79 -6.83 -4.59
H8 DPV HB . -9.34 -5.79 -1.77
H8A DPV HB . -9.30 -4.80 -3.27
H8B DPV HB . -8.27 -4.37 -1.87
H15 DPV HB . -3.87 -3.08 -9.30
H15A DPV HB . -4.16 -1.51 -8.55
H16 DPV HB . -3.52 -2.08 -11.52
H16A DPV HB . -4.04 -0.50 -10.95
H17 DPV HB . -2.09 -0.41 -9.37
H17A DPV HB . -1.54 -1.97 -9.97
H18 DPV HB . -1.31 -1.00 -12.27
H18A DPV HB . -1.82 0.57 -11.68
H19 DPV HB . 0.15 0.93 -10.43
H19A DPV HB . 0.55 -0.78 -10.33
H20 DPV HB . 1.16 -0.84 -12.72
H20A DPV HB . 0.68 0.84 -12.95
H21 DPV HB . 2.47 1.66 -11.48
H21A DPV HB . 2.87 0.02 -10.96
H22 DPV HB . 3.66 -0.56 -13.23
H22A DPV HB . 3.17 1.00 -13.84
H23 DPV HB . 4.87 2.16 -12.50
H23A DPV HB . 5.65 0.82 -13.33
H23B DPV HB . 5.24 0.68 -11.61
N DPV IB . 34.40 -5.51 -8.50
P DPV IB . 33.58 -6.27 -13.68
C1 DPV IB . 34.36 -8.17 -15.31
C2 DPV IB . 33.71 -9.56 -15.52
C3 DPV IB . 32.26 -9.45 -16.07
C4 DPV IB . 34.21 -5.89 -11.12
C5 DPV IB . 33.68 -6.25 -9.69
C6 DPV IB . 35.91 -5.85 -8.46
C7 DPV IB . 33.74 -5.94 -7.18
C8 DPV IB . 34.26 -3.98 -8.60
C15 DPV IB . 31.48 -10.78 -15.91
C16 DPV IB . 30.00 -10.64 -16.37
C17 DPV IB . 29.15 -11.90 -16.03
C18 DPV IB . 27.63 -11.69 -16.33
C19 DPV IB . 26.83 -11.17 -15.09
O1P DPV IB . 32.30 -5.98 -14.36
C20 DPV IB . 25.35 -10.86 -15.42
C21 DPV IB . 25.16 -9.48 -16.07
C22 DPV IB . 23.70 -9.26 -16.54
C23 DPV IB . 23.51 -7.87 -17.14
O2P DPV IB . 34.59 -5.23 -13.97
O3P DPV IB . 34.14 -7.75 -13.93
O4P DPV IB . 33.41 -6.61 -12.12
H1 DPV IB . 35.45 -8.24 -15.46
H1A DPV IB . 33.93 -7.45 -16.00
H2 DPV IB . 34.32 -10.15 -16.20
H2A DPV IB . 33.72 -10.08 -14.56
H3 DPV IB . 32.29 -9.17 -17.11
H3A DPV IB . 31.74 -8.66 -15.53
H4 DPV IB . 34.10 -4.82 -11.30
H4A DPV IB . 35.25 -6.19 -11.23
H5 DPV IB . 32.62 -6.00 -9.63
H5A DPV IB . 33.79 -7.31 -9.50
H6 DPV IB . 36.39 -5.47 -9.37
H6A DPV IB . 36.03 -6.94 -8.41
H6B DPV IB . 36.35 -5.38 -7.58
H7 DPV IB . 32.69 -5.66 -7.22
H7A DPV IB . 34.23 -5.43 -6.35
H7B DPV IB . 33.84 -7.02 -7.07
H8 DPV IB . 33.21 -3.72 -8.61
H8A DPV IB . 34.75 -3.65 -9.52
H8B DPV IB . 34.78 -3.53 -7.74
H15 DPV IB . 31.50 -11.10 -14.85
H15A DPV IB . 31.96 -11.56 -16.50
H16 DPV IB . 29.54 -9.77 -15.89
H16A DPV IB . 29.96 -10.46 -17.44
H17 DPV IB . 29.51 -12.74 -16.63
H17A DPV IB . 29.30 -12.16 -14.98
H18 DPV IB . 27.50 -11.01 -17.19
H18A DPV IB . 27.21 -12.64 -16.64
H19 DPV IB . 26.87 -11.94 -14.31
H19A DPV IB . 27.32 -10.30 -14.67
H20 DPV IB . 24.97 -11.64 -16.08
H20A DPV IB . 24.78 -10.91 -14.49
H21 DPV IB . 25.42 -8.70 -15.34
H21A DPV IB . 25.82 -9.37 -16.92
H22 DPV IB . 23.43 -10.02 -17.28
H22A DPV IB . 23.02 -9.37 -15.70
H23 DPV IB . 24.20 -7.69 -17.97
H23A DPV IB . 23.66 -7.10 -16.38
H23B DPV IB . 22.49 -7.78 -17.53
N DPV JB . 35.96 -14.22 -3.43
P DPV JB . 33.09 -10.64 -2.05
C1 DPV JB . 30.80 -11.53 -2.96
C2 DPV JB . 29.40 -11.00 -2.63
C3 DPV JB . 28.35 -11.38 -3.70
C4 DPV JB . 35.26 -12.09 -1.98
C5 DPV JB . 35.84 -13.55 -2.01
C6 DPV JB . 36.77 -13.36 -4.42
C7 DPV JB . 34.58 -14.52 -4.02
C8 DPV JB . 36.72 -15.55 -3.26
C15 DPV JB . 26.95 -10.87 -3.29
C16 DPV JB . 25.85 -11.43 -4.22
C17 DPV JB . 24.50 -10.71 -3.96
C18 DPV JB . 23.32 -11.40 -4.72
C19 DPV JB . 22.01 -10.55 -4.61
O1P DPV JB . 33.50 -9.79 -0.93
C20 DPV JB . 20.82 -11.34 -5.25
C21 DPV JB . 19.57 -10.42 -5.41
C22 DPV JB . 18.29 -11.25 -5.71
C23 DPV JB . 17.05 -10.38 -5.93
O2P DPV JB . 33.24 -9.93 -3.35
O3P DPV JB . 31.65 -11.27 -1.83
O4P DPV JB . 33.80 -12.08 -2.05
H1 DPV JB . 30.80 -12.61 -3.15
H1A DPV JB . 31.18 -11.02 -3.85
H2 DPV JB . 29.10 -11.43 -1.66
H2A DPV JB . 29.44 -9.92 -2.50
H3 DPV JB . 28.32 -12.47 -3.81
H3A DPV JB . 28.66 -10.98 -4.66
H4 DPV JB . 35.55 -11.64 -1.04
H4A DPV JB . 35.66 -11.49 -2.81
H5 DPV JB . 36.86 -13.52 -1.58
H5A DPV JB . 35.23 -14.19 -1.38
H6 DPV JB . 36.93 -13.93 -5.33
H6A DPV JB . 37.73 -13.11 -3.96
H6B DPV JB . 36.21 -12.45 -4.63
H7 DPV JB . 34.02 -13.59 -4.14
H7A DPV JB . 34.04 -15.18 -3.34
H7B DPV JB . 34.70 -15.01 -4.99
H8 DPV JB . 36.18 -16.20 -2.57
H8A DPV JB . 37.73 -15.34 -2.86
H8B DPV JB . 36.81 -16.02 -4.23
H15 DPV JB . 26.94 -9.77 -3.34
H15A DPV JB . 26.72 -11.17 -2.26
H16 DPV JB . 26.14 -11.29 -5.27
H16A DPV JB . 25.74 -12.49 -4.05
H17 DPV JB . 24.29 -10.70 -2.89
H17A DPV JB . 24.58 -9.67 -4.29
H18 DPV JB . 23.58 -11.52 -5.76
H18A DPV JB . 23.17 -12.39 -4.31
H19 DPV JB . 21.78 -10.34 -3.56
H19A DPV JB . 22.14 -9.61 -5.13
H20 DPV JB . 21.09 -11.74 -6.22
H20A DPV JB . 20.57 -12.19 -4.60
H21 DPV JB . 19.41 -9.85 -4.48
H21A DPV JB . 19.75 -9.71 -6.21
H22 DPV JB . 18.44 -11.87 -6.59
H22A DPV JB . 18.11 -11.91 -4.86
H23 DPV JB . 16.14 -10.99 -5.89
H23A DPV JB . 17.10 -9.86 -6.88
H23B DPV JB . 16.96 -9.61 -5.16
N DPV KB . 31.60 -11.86 -20.38
P DPV KB . 30.96 -16.07 -17.71
C1 DPV KB . 29.03 -16.03 -15.95
C2 DPV KB . 27.50 -16.25 -15.95
C3 DPV KB . 26.79 -15.35 -14.91
C4 DPV KB . 30.93 -14.30 -19.64
C5 DPV KB . 30.88 -12.77 -19.33
C6 DPV KB . 31.45 -10.39 -19.95
C7 DPV KB . 30.96 -11.99 -21.78
C8 DPV KB . 33.11 -12.15 -20.47
C15 DPV KB . 25.26 -15.36 -15.12
C16 DPV KB . 24.52 -14.37 -14.18
C17 DPV KB . 23.09 -14.07 -14.71
C18 DPV KB . 22.32 -13.06 -13.81
C19 DPV KB . 20.89 -12.77 -14.35
O1P DPV KB . 31.73 -17.08 -18.47
C20 DPV KB . 20.88 -11.73 -15.49
C21 DPV KB . 19.42 -11.46 -16.00
C22 DPV KB . 19.34 -10.28 -17.00
C23 DPV KB . 17.91 -10.08 -17.51
O2P DPV KB . 31.80 -15.42 -16.68
O3P DPV KB . 29.58 -16.63 -17.15
O4P DPV KB . 30.18 -15.03 -18.63
H1 DPV KB . 29.24 -14.96 -15.97
H1A DPV KB . 29.50 -16.49 -15.08
H2 DPV KB . 27.12 -16.05 -16.94
H2A DPV KB . 27.28 -17.30 -15.72
H3 DPV KB . 27.16 -14.33 -15.02
H3A DPV KB . 27.03 -15.68 -13.90
H4 DPV KB . 30.50 -14.52 -20.61
H4A DPV KB . 31.98 -14.64 -19.64
H5 DPV KB . 29.85 -12.45 -19.26
H5A DPV KB . 31.37 -12.59 -18.36
H6 DPV KB . 30.37 -10.14 -19.88
H6A DPV KB . 31.95 -9.73 -20.68
H6B DPV KB . 31.92 -10.27 -18.97
H7 DPV KB . 31.12 -13.00 -22.14
H7A DPV KB . 31.45 -11.28 -22.46
H7B DPV KB . 29.91 -11.75 -21.70
H8 DPV KB . 33.23 -13.18 -20.82
H8A DPV KB . 33.55 -12.02 -19.49
H8B DPV KB . 33.58 -11.46 -21.18
H15 DPV KB . 24.88 -16.36 -14.95
H15A DPV KB . 25.05 -15.10 -16.16
H16 DPV KB . 24.47 -14.78 -13.18
H16A DPV KB . 25.09 -13.43 -14.12
H17 DPV KB . 23.16 -13.68 -15.73
H17A DPV KB . 22.53 -14.99 -14.75
H18 DPV KB . 22.25 -13.47 -12.80
H18A DPV KB . 22.88 -12.13 -13.74
H19 DPV KB . 20.42 -13.71 -14.67
H19A DPV KB . 20.30 -12.38 -13.51
H20 DPV KB . 21.30 -10.79 -15.13
H20A DPV KB . 21.49 -12.08 -16.32
H21 DPV KB . 19.05 -12.37 -16.51
H21A DPV KB . 18.76 -11.26 -15.16
H22 DPV KB . 19.70 -9.37 -16.51
H22A DPV KB . 20.01 -10.46 -17.84
H23 DPV KB . 17.83 -9.20 -18.14
H23A DPV KB . 17.21 -9.95 -16.66
H23B DPV KB . 17.57 -10.95 -18.10
N DPV LB . 4.40 -1.80 11.95
P DPV LB . 2.19 -5.37 10.80
C1 DPV LB . 1.84 -7.93 10.46
C2 DPV LB . 1.98 -9.04 9.38
C3 DPV LB . 0.98 -8.82 8.20
C4 DPV LB . 3.34 -3.17 9.94
C5 DPV LB . 4.56 -2.95 10.89
C6 DPV LB . 4.19 -0.43 11.27
C7 DPV LB . 5.69 -1.74 12.77
C8 DPV LB . 3.25 -2.08 12.94
C15 DPV LB . 0.88 -10.07 7.32
C16 DPV LB . -0.12 -9.89 6.14
C17 DPV LB . -0.56 -11.25 5.50
C18 DPV LB . 0.56 -11.97 4.69
C19 DPV LB . 0.01 -13.26 4.00
O1P DPV LB . 2.76 -5.42 12.15
C20 DPV LB . 1.13 -14.23 3.50
C21 DPV LB . 1.93 -13.73 2.24
C22 DPV LB . 1.11 -13.82 0.91
C23 DPV LB . 1.90 -13.28 -0.30
O2P DPV LB . 0.79 -4.93 10.79
O3P DPV LB . 2.44 -6.71 9.96
O4P DPV LB . 3.11 -4.59 9.75
H1 DPV LB . 0.79 -7.76 10.71
H1A DPV LB . 2.37 -8.24 11.37
H2 DPV LB . 3.00 -9.07 9.02
H2A DPV LB . 1.76 -10.00 9.86
H3 DPV LB . 1.34 -7.97 7.61
H3A DPV LB . 0.00 -8.56 8.59
H4 DPV LB . 2.44 -2.72 10.34
H4A DPV LB . 3.56 -2.73 8.96
H5 DPV LB . 4.73 -3.86 11.47
H5A DPV LB . 5.45 -2.72 10.31
H6 DPV LB . 4.20 0.35 12.03
H6A DPV LB . 3.23 -0.46 10.73
H6B DPV LB . 5.00 -0.28 10.55
H7 DPV LB . 5.61 -0.93 13.50
H7A DPV LB . 6.52 -1.51 12.08
H7B DPV LB . 5.86 -2.69 13.27
H8 DPV LB . 3.37 -3.07 13.37
H8A DPV LB . 2.30 -2.02 12.39
H8B DPV LB . 3.26 -1.32 13.71
H15 DPV LB . 0.54 -10.91 7.93
H15A DPV LB . 1.87 -10.31 6.93
H16 DPV LB . -1.02 -9.38 6.49
H16A DPV LB . 0.33 -9.25 5.37
H17 DPV LB . -0.95 -11.91 6.27
H17A DPV LB . -1.40 -11.04 4.82
H18 DPV LB . 0.97 -11.29 3.93
H18A DPV LB . 1.37 -12.23 5.37
H19 DPV LB . -0.61 -13.83 4.72
H19A DPV LB . -0.63 -12.98 3.17
H20 DPV LB . 1.85 -14.40 4.32
H20A DPV LB . 0.68 -15.20 3.27
H21 DPV LB . 2.26 -12.71 2.39
H21A DPV LB . 2.82 -14.36 2.14
H22 DPV LB . 0.84 -14.86 0.71
H22A DPV LB . 0.18 -13.26 1.00
H23 DPV LB . 2.19 -12.24 -0.14
H23A DPV LB . 1.26 -13.32 -1.19
H23B DPV LB . 2.80 -13.87 -0.48
N DPV MB . 5.39 -7.46 14.60
P DPV MB . 8.88 -3.58 14.96
C1 DPV MB . 11.24 -4.41 14.21
C2 DPV MB . 11.93 -5.16 13.07
C3 DPV MB . 13.45 -5.24 13.28
C4 DPV MB . 7.30 -5.65 14.74
C5 DPV MB . 5.98 -6.12 14.03
C6 DPV MB . 4.19 -7.85 13.75
C7 DPV MB . 4.91 -7.32 16.05
C8 DPV MB . 6.44 -8.60 14.50
C15 DPV MB . 14.15 -5.98 12.11
C16 DPV MB . 15.68 -5.75 12.14
C17 DPV MB . 16.48 -6.59 11.11
C18 DPV MB . 16.24 -6.13 9.63
C19 DPV MB . 17.10 -6.98 8.66
O1P DPV MB . 8.82 -2.12 14.83
C20 DPV MB . 16.66 -6.79 7.19
C21 DPV MB . 17.50 -7.69 6.26
C22 DPV MB . 17.09 -7.60 4.77
C23 DPV MB . 15.80 -8.37 4.43
O2P DPV MB . 9.16 -4.02 16.35
O3P DPV MB . 9.83 -4.27 13.88
O4P DPV MB . 7.63 -4.33 14.30
H1 DPV MB . 11.33 -5.00 15.14
H1A DPV MB . 11.69 -3.43 14.36
H2 DPV MB . 11.52 -6.17 12.99
H2A DPV MB . 11.70 -4.67 12.11
H3 DPV MB . 13.66 -5.77 14.21
H3A DPV MB . 13.85 -4.22 13.39
H4 DPV MB . 7.14 -5.62 15.82
H4A DPV MB . 8.12 -6.34 14.53
H5 DPV MB . 5.21 -5.36 14.12
H5A DPV MB . 6.19 -6.29 12.96
H6 DPV MB . 4.51 -7.96 12.71
H6A DPV MB . 3.42 -7.07 13.83
H6B DPV MB . 3.78 -8.80 14.13
H7 DPV MB . 5.76 -7.13 16.70
H7A DPV MB . 4.42 -8.25 16.35
H7B DPV MB . 4.20 -6.50 16.11
H8 DPV MB . 5.96 -9.54 14.83
H8A DPV MB . 7.29 -8.37 15.15
H8B DPV MB . 6.77 -8.71 13.46
H15 DPV MB . 13.75 -5.65 11.15
H15A DPV MB . 13.95 -7.04 12.21
H16 DPV MB . 15.87 -4.68 11.98
H16A DPV MB . 16.04 -5.97 13.14
H17 DPV MB . 17.53 -6.51 11.34
H17A DPV MB . 16.20 -7.65 11.22
H18 DPV MB . 15.18 -6.23 9.36
H18A DPV MB . 16.50 -5.07 9.53
H19 DPV MB . 18.15 -6.71 8.77
H19A DPV MB . 17.00 -8.04 8.93
H20 DPV MB . 15.59 -7.03 7.11
H20A DPV MB . 16.78 -5.73 6.91
H21 DPV MB . 18.55 -7.40 6.34
H21A DPV MB . 17.42 -8.73 6.59
H22 DPV MB . 16.96 -6.54 4.48
H22A DPV MB . 17.89 -8.01 4.16
H23 DPV MB . 14.94 -7.98 5.00
H23A DPV MB . 15.93 -9.42 4.67
H23B DPV MB . 15.56 -8.30 3.36
N DPV NB . -4.06 -22.17 2.46
P DPV NB . 0.73 -22.36 0.42
C1 DPV NB . 1.86 -21.64 -1.82
C2 DPV NB . 3.29 -21.17 -1.44
C3 DPV NB . 4.24 -21.05 -2.67
C4 DPV NB . -1.56 -22.31 1.65
C5 DPV NB . -3.02 -21.86 1.34
C6 DPV NB . -3.78 -21.31 3.73
C7 DPV NB . -4.08 -23.66 2.86
C8 DPV NB . -5.45 -21.80 1.92
C15 DPV NB . 4.65 -22.42 -3.27
C16 DPV NB . 5.28 -22.26 -4.68
C17 DPV NB . 5.62 -23.64 -5.30
C18 DPV NB . 6.25 -23.50 -6.70
C19 DPV NB . 6.77 -24.88 -7.21
O1P DPV NB . 1.61 -22.13 1.58
C20 DPV NB . 7.34 -24.78 -8.66
C21 DPV NB . 8.29 -25.96 -9.00
C22 DPV NB . 9.07 -25.72 -10.32
C23 DPV NB . 10.19 -26.77 -10.52
O2P DPV NB . 0.76 -23.77 -0.01
O3P DPV NB . 0.93 -21.30 -0.76
O4P DPV NB . -0.73 -21.79 0.60
H1 DPV NB . 1.55 -21.12 -2.72
H1A DPV NB . 1.85 -22.72 -2.00
H2 DPV NB . 3.23 -20.20 -0.94
H2A DPV NB . 3.71 -21.86 -0.71
H3 DPV NB . 5.13 -20.51 -2.37
H3A DPV NB . 3.75 -20.44 -3.44
H4 DPV NB . -1.22 -21.89 2.60
H4A DPV NB . -1.48 -23.40 1.70
H5 DPV NB . -3.03 -20.79 1.18
H5A DPV NB . -3.37 -22.35 0.42
H6 DPV NB . -4.62 -21.41 4.43
H6A DPV NB . -3.66 -20.26 3.41
H6B DPV NB . -2.85 -21.67 4.20
H7 DPV NB . -4.21 -24.28 1.97
H7A DPV NB . -4.91 -23.83 3.56
H7B DPV NB . -3.13 -23.92 3.35
H8 DPV NB . -5.44 -20.73 1.68
H8A DPV NB . -6.19 -22.02 2.69
H8B DPV NB . -5.64 -22.38 1.02
H15 DPV NB . 3.78 -23.07 -3.35
H15A DPV NB . 5.37 -22.89 -2.60
H16 DPV NB . 4.59 -21.73 -5.32
H16A DPV NB . 6.19 -21.66 -4.61
H17 DPV NB . 6.30 -24.18 -4.65
H17A DPV NB . 4.70 -24.24 -5.39
H18 DPV NB . 5.50 -23.11 -7.40
H18A DPV NB . 7.09 -22.78 -6.66
H19 DPV NB . 7.54 -25.21 -6.53
H19A DPV NB . 5.95 -25.61 -7.19
H20 DPV NB . 6.51 -24.72 -9.39
H20A DPV NB . 7.89 -23.84 -8.74
H21 DPV NB . 9.01 -26.12 -8.19
H21A DPV NB . 7.69 -26.89 -9.09
H22 DPV NB . 8.39 -25.76 -11.17
H22A DPV NB . 9.52 -24.73 -10.31
H23 DPV NB . 9.79 -27.79 -10.57
H23A DPV NB . 10.92 -26.72 -9.71
H23B DPV NB . 10.73 -26.57 -11.45
N DPV OB . 34.23 -13.73 -13.20
P DPV OB . 29.92 -14.80 -12.16
C1 DPV OB . 28.00 -16.09 -10.97
C2 DPV OB . 26.72 -15.68 -10.23
C3 DPV OB . 25.56 -16.68 -10.44
C4 DPV OB . 32.31 -14.00 -11.39
C5 DPV OB . 32.74 -13.49 -12.82
C6 DPV OB . 34.60 -15.23 -13.15
C7 DPV OB . 34.44 -13.27 -14.64
C8 DPV OB . 35.17 -12.94 -12.29
C15 DPV OB . 24.31 -16.24 -9.63
C16 DPV OB . 23.07 -17.12 -9.95
C17 DPV OB . 21.86 -16.87 -9.00
C18 DPV OB . 21.15 -15.49 -9.21
C19 DPV OB . 20.26 -15.47 -10.49
O1P DPV OB . 30.54 -16.08 -12.60
C20 DPV OB . 19.44 -14.15 -10.60
C21 DPV OB . 18.45 -14.19 -11.80
C22 DPV OB . 17.69 -12.86 -11.94
C23 DPV OB . 16.78 -12.84 -13.19
O2P DPV OB . 29.37 -14.05 -13.29
O3P DPV OB . 28.91 -14.96 -10.95
O4P DPV OB . 30.88 -13.91 -11.24
H1 DPV OB . 28.48 -16.93 -10.47
H1A DPV OB . 27.78 -16.35 -12.01
H2 DPV OB . 26.94 -15.57 -9.17
H2A DPV OB . 26.39 -14.70 -10.59
H3 DPV OB . 25.87 -17.68 -10.10
H3A DPV OB . 25.30 -16.74 -11.49
H4 DPV OB . 32.61 -15.05 -11.25
H4A DPV OB . 32.78 -13.39 -10.63
H5 DPV OB . 32.12 -14.00 -13.56
H5A DPV OB . 32.53 -12.42 -12.89
H6 DPV OB . 34.54 -15.58 -12.10
H6A DPV OB . 35.62 -15.37 -13.51
H6B DPV OB . 33.90 -15.79 -13.77
H7 DPV OB . 35.46 -13.52 -14.95
H7A DPV OB . 34.29 -12.18 -14.69
H7B DPV OB . 33.71 -13.77 -15.28
H8 DPV OB . 34.89 -11.88 -12.32
H8A DPV OB . 36.20 -13.07 -12.66
H8B DPV OB . 35.09 -13.31 -11.27
H15 DPV OB . 24.10 -15.19 -9.85
H15A DPV OB . 24.54 -16.31 -8.57
H16 DPV OB . 22.77 -16.97 -11.00
H16A DPV OB . 23.35 -18.17 -9.86
H17 DPV OB . 21.14 -17.68 -9.13
H17A DPV OB . 22.20 -16.94 -7.96
H18 DPV OB . 20.52 -15.31 -8.34
H18A DPV OB . 21.87 -14.68 -9.24
H19 DPV OB . 20.89 -15.57 -11.37
H19A DPV OB . 19.57 -16.32 -10.48
H20 DPV OB . 18.89 -13.98 -9.67
H20A DPV OB . 20.12 -13.30 -10.71
H21 DPV OB . 19.00 -14.40 -12.71
H21A DPV OB . 17.75 -15.01 -11.65
H22 DPV OB . 17.05 -12.70 -11.06
H22A DPV OB . 18.40 -12.03 -11.99
H23 DPV OB . 15.98 -13.57 -13.10
H23A DPV OB . 17.36 -13.05 -14.10
H23B DPV OB . 16.32 -11.87 -13.31
N GLY A 1 -4.53 2.14 -5.65
CA GLY A 1 -3.34 1.57 -6.29
C GLY A 1 -2.55 0.68 -5.37
N LEU A 2 -1.79 -0.24 -5.95
CA LEU A 2 -1.07 -1.25 -5.18
C LEU A 2 0.08 -0.66 -4.33
N LEU A 3 0.70 0.39 -4.79
CA LEU A 3 1.76 1.01 -3.99
C LEU A 3 1.17 1.59 -2.71
N LYS A 4 -0.01 2.24 -2.79
CA LYS A 4 -0.72 2.77 -1.62
C LYS A 4 -1.19 1.60 -0.77
N TRP A 5 -1.70 0.56 -1.42
CA TRP A 5 -2.17 -0.62 -0.70
C TRP A 5 -1.03 -1.21 0.17
N ILE A 6 0.15 -1.39 -0.39
CA ILE A 6 1.34 -1.88 0.31
C ILE A 6 1.74 -0.91 1.43
N LYS A 7 1.72 0.39 1.17
CA LYS A 7 2.07 1.36 2.19
C LYS A 7 1.10 1.35 3.33
N THR A 8 -0.17 1.07 3.07
CA THR A 8 -1.18 0.98 4.16
C THR A 8 -0.90 -0.27 5.05
N LEU A 9 -0.49 -1.37 4.44
CA LEU A 9 -0.19 -2.59 5.19
C LEU A 9 1.12 -2.46 5.98
N LEU A 10 2.11 -1.80 5.38
CA LEU A 10 3.37 -1.54 6.08
C LEU A 10 3.22 -0.44 7.16
N NH2 A 11 2.22 0.40 7.05
HN1 NH2 A 11 1.58 0.33 6.27
HN2 NH2 A 11 2.08 1.12 7.74
UNK UNX B . 9.58 -15.00 -6.05
N DPV C . -12.56 -12.45 -4.11
P DPV C . -10.80 -16.09 -6.57
C1 DPV C . -11.67 -18.25 -7.75
C2 DPV C . -12.48 -18.74 -8.94
C3 DPV C . -12.77 -20.29 -8.90
C4 DPV C . -12.19 -13.83 -6.38
C5 DPV C . -11.54 -13.08 -5.16
C6 DPV C . -13.36 -13.60 -3.42
C7 DPV C . -13.55 -11.48 -4.80
C8 DPV C . -11.78 -11.67 -3.06
C15 DPV C . -11.52 -21.14 -9.24
C16 DPV C . -11.81 -22.66 -9.32
C17 DPV C . -10.55 -23.52 -9.52
C18 DPV C . -9.74 -23.81 -8.24
C19 DPV C . -8.29 -24.35 -8.54
O1P DPV C . -9.36 -16.34 -6.66
C20 DPV C . -7.58 -24.90 -7.28
C21 DPV C . -7.08 -23.76 -6.29
C22 DPV C . -6.33 -24.40 -5.10
C23 DPV C . -6.04 -23.34 -3.99
O2P DPV C . -11.32 -16.38 -5.22
O3P DPV C . -11.62 -16.79 -7.75
O4P DPV C . -11.21 -14.63 -7.11
H1 DPV C . -12.17 -18.58 -6.86
H1A DPV C . -10.65 -18.59 -7.77
H2 DPV C . -13.45 -18.26 -8.94
H2A DPV C . -11.97 -18.44 -9.88
H3 DPV C . -13.57 -20.53 -9.60
H3A DPV C . -13.08 -20.55 -7.89
H4 DPV C . -12.96 -14.51 -6.00
H4A DPV C . -12.65 -13.10 -7.06
H5 DPV C . -10.90 -13.79 -4.62
H5A DPV C . -10.91 -12.27 -5.53
H6 DPV C . -12.65 -14.32 -3.02
H6A DPV C . -13.97 -14.09 -4.15
H6B DPV C . -14.00 -13.21 -2.65
H7 DPV C . -14.13 -10.97 -4.04
H7A DPV C . -14.24 -12.04 -5.46
H7B DPV C . -12.97 -10.72 -5.32
H8 DPV C . -11.30 -10.80 -3.52
H8A DPV C . -11.04 -12.35 -2.68
H8B DPV C . -12.48 -11.37 -2.31
H15 DPV C . -10.73 -20.91 -8.53
H15A DPV C . -11.16 -20.84 -10.22
H16 DPV C . -12.32 -22.99 -8.41
H16A DPV C . -12.48 -22.84 -10.17
H17 DPV C . -10.82 -24.52 -9.97
H17A DPV C . -9.91 -23.02 -10.26
H18 DPV C . -9.67 -22.90 -7.62
H18A DPV C . -10.27 -24.55 -7.63
H19 DPV C . -8.34 -25.18 -9.27
H19A DPV C . -7.67 -23.51 -8.96
H20 DPV C . -8.29 -25.58 -6.78
H20A DPV C . -6.72 -25.52 -7.62
H21 DPV C . -6.37 -23.09 -6.77
H21A DPV C . -7.94 -23.20 -5.89
H22 DPV C . -6.91 -25.20 -4.68
H22A DPV C . -5.41 -24.84 -5.44
H23 DPV C . -5.53 -23.88 -3.17
H23A DPV C . -6.98 -22.93 -3.58
H23B DPV C . -5.40 -22.53 -4.35
N DPV D . -4.99 -28.63 -8.52
P DPV D . -4.41 -30.73 -12.62
C1 DPV D . -4.65 -33.29 -13.35
C2 DPV D . -5.63 -33.24 -14.56
C3 DPV D . -5.03 -33.70 -15.92
C4 DPV D . -4.69 -30.79 -9.99
C5 DPV D . -4.14 -29.39 -9.60
C6 DPV D . -4.23 -27.35 -8.17
C7 DPV D . -5.14 -29.47 -7.21
C8 DPV D . -6.38 -28.25 -9.04
C15 DPV D . -4.02 -32.72 -16.57
C16 DPV D . -4.72 -31.41 -17.07
C17 DPV D . -3.83 -30.65 -18.08
C18 DPV D . -4.28 -29.18 -18.30
C19 DPV D . -4.06 -28.24 -17.08
O1P DPV D . -5.87 -30.60 -12.76
C20 DPV D . -2.55 -27.81 -16.91
C21 DPV D . -2.37 -26.62 -15.90
C22 DPV D . -0.90 -26.13 -15.86
C23 DPV D . -0.71 -24.87 -15.01
O2P DPV D . -3.72 -29.53 -13.04
O3P DPV D . -3.80 -32.07 -13.29
O4P DPV D . -3.96 -31.26 -11.18
H1 DPV D . -5.19 -33.36 -12.41
H1A DPV D . -4.00 -34.15 -13.47
H2 DPV D . -6.46 -33.89 -14.34
H2A DPV D . -6.00 -32.23 -14.71
H3 DPV D . -5.81 -33.87 -16.64
H3A DPV D . -4.56 -34.67 -15.73
H4 DPV D . -4.58 -31.48 -9.19
H4A DPV D . -5.74 -30.70 -10.22
H5 DPV D . -3.14 -29.52 -9.19
H5A DPV D . -4.09 -28.75 -10.48
H6 DPV D . -4.16 -26.74 -9.05
H6A DPV D . -3.23 -27.61 -7.85
H6B DPV D . -4.77 -26.83 -7.39
H7 DPV D . -5.76 -30.34 -7.46
H7A DPV D . -5.63 -28.87 -6.44
H7B DPV D . -4.13 -29.79 -6.88
H8 DPV D . -6.91 -29.18 -9.30
H8A DPV D . -6.28 -27.61 -9.93
H8B DPV D . -6.92 -27.73 -8.24
H15 DPV D . -3.53 -33.23 -17.41
H15A DPV D . -3.20 -32.46 -15.87
H16 DPV D . -5.65 -31.65 -17.56
H16A DPV D . -4.98 -30.80 -16.22
H17 DPV D . -2.79 -30.64 -17.73
H17A DPV D . -3.85 -31.21 -19.05
H18 DPV D . -3.80 -28.75 -19.21
H18A DPV D . -5.41 -29.18 -18.52
H19 DPV D . -4.64 -27.30 -17.25
H19A DPV D . -4.44 -28.68 -16.17
H20 DPV D . -2.00 -28.67 -16.56
H20A DPV D . -2.17 -27.54 -17.91
H21 DPV D . -3.02 -25.83 -16.21
H21A DPV D . -2.67 -26.97 -14.95
H22 DPV D . -0.25 -26.92 -15.49
H22A DPV D . -0.60 -25.93 -16.90
H23 DPV D . -1.19 -24.00 -15.52
H23A DPV D . 0.36 -24.61 -14.92
H23B DPV D . -1.13 -25.02 -14.01
N DPV E . 7.42 -35.50 -8.36
P DPV E . 2.80 -35.64 -9.03
C1 DPV E . 3.35 -37.98 -7.98
C2 DPV E . 3.28 -38.78 -6.65
C3 DPV E . 4.34 -38.35 -5.58
C4 DPV E . 4.98 -34.40 -8.20
C5 DPV E . 6.50 -34.23 -8.50
C6 DPV E . 7.17 -36.54 -9.42
C7 DPV E . 7.29 -36.15 -6.95
C8 DPV E . 8.86 -35.01 -8.49
C15 DPV E . 3.90 -37.11 -4.75
C16 DPV E . 5.04 -36.48 -3.95
C17 DPV E . 4.53 -35.28 -3.05
C18 DPV E . 4.16 -34.01 -3.85
C19 DPV E . 3.84 -32.80 -2.95
O1P DPV E . 2.02 -34.40 -8.75
C20 DPV E . 3.63 -31.53 -3.79
C21 DPV E . 3.27 -30.33 -2.89
C22 DPV E . 2.82 -29.09 -3.69
C23 DPV E . 2.51 -27.87 -2.79
O2P DPV E . 2.30 -36.32 -10.24
O3P DPV E . 2.93 -36.61 -7.77
O4P DPV E . 4.39 -35.38 -9.11
H1 DPV E . 4.38 -37.94 -8.40
H1A DPV E . 2.69 -38.46 -8.73
H2 DPV E . 2.27 -38.76 -6.20
H2A DPV E . 3.47 -39.81 -6.94
H3 DPV E . 5.29 -38.11 -6.09
H3A DPV E . 4.47 -39.20 -4.92
H4 DPV E . 4.86 -34.72 -7.14
H4A DPV E . 4.44 -33.43 -8.32
H5 DPV E . 6.60 -33.87 -9.56
H5A DPV E . 6.89 -33.45 -7.82
H6 DPV E . 6.19 -37.02 -9.21
H6A DPV E . 7.98 -37.29 -9.39
H6B DPV E . 7.15 -36.02 -10.40
H7 DPV E . 7.43 -35.39 -6.21
H7A DPV E . 8.04 -36.91 -6.86
H7B DPV E . 6.31 -36.60 -6.87
H8 DPV E . 9.04 -34.26 -7.71
H8A DPV E . 8.94 -34.52 -9.46
H8B DPV E . 9.58 -35.84 -8.38
H15 DPV E . 3.12 -37.43 -4.07
H15A DPV E . 3.49 -36.37 -5.42
H16 DPV E . 5.47 -37.27 -3.31
H16A DPV E . 5.83 -36.15 -4.62
H17 DPV E . 3.65 -35.59 -2.46
H17A DPV E . 5.33 -34.99 -2.34
H18 DPV E . 4.99 -33.80 -4.51
H18A DPV E . 3.30 -34.21 -4.52
H19 DPV E . 2.96 -33.05 -2.39
H19A DPV E . 4.64 -32.61 -2.28
H20 DPV E . 4.52 -31.28 -4.37
H20A DPV E . 2.84 -31.65 -4.55
H21 DPV E . 2.50 -30.66 -2.16
H21A DPV E . 4.10 -30.04 -2.25
H22 DPV E . 3.63 -28.82 -4.41
H22A DPV E . 1.90 -29.37 -4.26
H23 DPV E . 2.23 -27.00 -3.37
H23A DPV E . 3.39 -27.58 -2.22
H23B DPV E . 1.75 -28.10 -2.04
N DPV F . 12.09 -38.34 -10.70
P DPV F . 12.00 -36.36 -5.89
C1 DPV F . 11.96 -34.00 -4.74
C2 DPV F . 12.94 -32.96 -4.15
C3 DPV F . 12.23 -31.72 -3.47
C4 DPV F . 12.57 -37.49 -8.17
C5 DPV F . 12.16 -37.12 -9.66
C6 DPV F . 13.49 -38.93 -10.88
C7 DPV F . 11.56 -37.80 -12.04
C8 DPV F . 11.13 -39.47 -10.25
C15 DPV F . 11.47 -30.78 -4.48
C16 DPV F . 10.95 -29.49 -3.79
C17 DPV F . 10.24 -28.63 -4.87
C18 DPV F . 9.47 -27.41 -4.27
C19 DPV F . 9.03 -26.44 -5.36
O1P DPV F . 10.54 -36.33 -5.84
C20 DPV F . 8.39 -25.17 -4.75
C21 DPV F . 8.05 -24.08 -5.77
C22 DPV F . 7.39 -22.86 -5.09
C23 DPV F . 6.95 -21.81 -6.13
O2P DPV F . 12.59 -37.42 -5.06
O3P DPV F . 12.66 -34.93 -5.60
O4P DPV F . 12.59 -36.29 -7.38
H1 DPV F . 11.49 -34.60 -3.93
H1A DPV F . 11.15 -33.51 -5.28
H2 DPV F . 13.59 -33.44 -3.42
H2A DPV F . 13.56 -32.59 -4.98
H3 DPV F . 12.89 -31.11 -2.90
H3A DPV F . 11.54 -32.12 -2.75
H4 DPV F . 11.91 -38.20 -7.74
H4A DPV F . 13.55 -37.92 -8.14
H5 DPV F . 11.22 -36.62 -9.64
H5A DPV F . 12.90 -36.42 -10.02
H6 DPV F . 13.77 -39.49 -9.99
H6A DPV F . 14.19 -38.11 -11.05
H6B DPV F . 13.47 -39.60 -11.72
H7 DPV F . 12.21 -37.01 -12.38
H7A DPV F . 10.53 -37.44 -11.92
H7B DPV F . 11.54 -38.59 -12.80
H8 DPV F . 11.06 -40.18 -11.08
H8A DPV F . 10.19 -39.00 -10.05
H8B DPV F . 11.50 -39.95 -9.34
H15 DPV F . 10.65 -31.34 -4.96
H15A DPV F . 12.18 -30.52 -5.27
H16 DPV F . 10.26 -29.77 -3.01
H16A DPV F . 11.74 -28.91 -3.31
H17 DPV F . 10.97 -28.30 -5.60
H17A DPV F . 9.50 -29.27 -5.37
H18 DPV F . 8.62 -27.79 -3.70
H18A DPV F . 10.10 -26.89 -3.55
H19 DPV F . 9.94 -26.13 -5.88
H19A DPV F . 8.35 -26.95 -6.10
H20 DPV F . 7.47 -25.44 -4.18
H20A DPV F . 9.08 -24.74 -4.03
H21 DPV F . 8.97 -23.80 -6.31
H21A DPV F . 7.35 -24.49 -6.48
H22 DPV F . 6.50 -23.21 -4.61
H22A DPV F . 8.04 -22.41 -4.37
H23 DPV F . 7.77 -21.40 -6.72
H23A DPV F . 6.49 -21.01 -5.61
H23B DPV F . 6.25 -22.22 -6.84
N DPV G . 19.54 -35.30 -8.36
P DPV G . 22.21 -31.32 -10.40
C1 DPV G . 21.58 -28.76 -10.44
C2 DPV G . 20.71 -27.80 -11.18
C3 DPV G . 21.19 -26.32 -10.93
C4 DPV G . 21.03 -33.47 -9.50
C5 DPV G . 19.78 -33.79 -8.63
C6 DPV G . 20.70 -35.96 -7.66
C7 DPV G . 19.22 -36.09 -9.64
C8 DPV G . 18.31 -35.39 -7.41
C15 DPV G . 20.27 -25.24 -11.64
C16 DPV G . 19.26 -24.60 -10.64
C17 DPV G . 18.32 -23.54 -11.31
C18 DPV G . 17.64 -22.65 -10.23
C19 DPV G . 16.49 -21.74 -10.77
O1P DPV G . 23.15 -30.98 -9.30
C20 DPV G . 16.03 -20.75 -9.63
C21 DPV G . 14.63 -20.15 -9.86
C22 DPV G . 14.03 -19.58 -8.55
C23 DPV G . 12.57 -19.06 -8.69
O2P DPV G . 22.91 -31.95 -11.56
O3P DPV G . 21.25 -30.12 -10.85
O4P DPV G . 20.91 -32.10 -9.93
H1 DPV G . 22.64 -28.57 -10.68
H1A DPV G . 21.38 -28.66 -9.36
H2 DPV G . 20.74 -28.04 -12.25
H2A DPV G . 19.65 -27.90 -10.87
H3 DPV G . 22.18 -26.22 -11.38
H3A DPV G . 21.34 -26.12 -9.85
H4 DPV G . 21.93 -33.58 -8.90
H4A DPV G . 21.07 -34.12 -10.36
H5 DPV G . 19.88 -33.29 -7.68
H5A DPV G . 18.91 -33.43 -9.15
H6 DPV G . 20.84 -35.53 -6.67
H6A DPV G . 21.61 -35.83 -8.23
H6B DPV G . 20.51 -37.03 -7.56
H7 DPV G . 18.36 -35.64 -10.16
H7A DPV G . 18.94 -37.11 -9.39
H7B DPV G . 20.09 -36.12 -10.31
H8 DPV G . 17.44 -34.89 -7.86
H8A DPV G . 18.54 -34.88 -6.47
H8B DPV G . 18.06 -36.44 -7.24
H15 DPV G . 19.75 -25.72 -12.48
H15A DPV G . 20.90 -24.43 -12.02
H16 DPV G . 18.67 -25.40 -10.14
H16A DPV G . 19.85 -24.13 -9.81
H17 DPV G . 18.95 -22.94 -11.93
H17A DPV G . 17.59 -24.03 -11.93
H18 DPV G . 17.22 -23.32 -9.43
H18A DPV G . 18.40 -22.09 -9.67
H19 DPV G . 16.86 -21.18 -11.62
H19A DPV G . 15.66 -22.37 -11.11
H20 DPV G . 16.02 -21.27 -8.68
H20A DPV G . 16.76 -19.95 -9.55
H21 DPV G . 14.65 -19.37 -10.62
H21A DPV G . 13.95 -20.94 -10.20
H22 DPV G . 14.05 -20.31 -7.75
H22A DPV G . 14.65 -18.77 -8.21
H23 DPV G . 12.31 -18.48 -7.79
H23A DPV G . 11.85 -19.84 -8.84
H23B DPV G . 12.51 -18.38 -9.55
N DPV H . 29.91 -26.99 -5.39
P DPV H . 28.16 -25.89 -10.20
C1 DPV H . 26.64 -27.12 -11.86
C2 DPV H . 25.19 -27.45 -12.09
C3 DPV H . 24.94 -27.83 -13.58
C4 DPV H . 29.13 -26.14 -7.81
C5 DPV H . 28.70 -26.67 -6.38
C6 DPV H . 30.82 -25.77 -5.19
C7 DPV H . 30.75 -28.20 -5.93
C8 DPV H . 29.38 -27.37 -4.05
C15 DPV H . 23.45 -28.08 -13.87
C16 DPV H . 23.21 -28.59 -15.34
C17 DPV H . 21.74 -28.85 -15.69
C18 DPV H . 20.94 -27.55 -15.91
C19 DPV H . 19.65 -27.87 -16.66
O1P DPV H . 28.14 -24.44 -10.36
C20 DPV H . 18.87 -26.60 -17.01
C21 DPV H . 17.72 -26.90 -18.00
C22 DPV H . 16.91 -25.61 -18.40
C23 DPV H . 15.62 -25.39 -17.56
O2P DPV H . 29.31 -26.51 -10.87
O3P DPV H . 26.79 -26.56 -10.57
O4P DPV H . 27.99 -26.35 -8.69
H1 DPV H . 27.23 -28.03 -11.95
H1A DPV H . 26.95 -26.38 -12.64
H2 DPV H . 24.91 -28.27 -11.41
H2A DPV H . 24.57 -26.58 -11.82
H3 DPV H . 25.52 -28.68 -13.90
H3A DPV H . 25.27 -27.00 -14.19
H4 DPV H . 29.34 -25.08 -7.75
H4A DPV H . 29.97 -26.65 -8.22
H5 DPV H . 28.04 -25.97 -5.88
H5A DPV H . 28.18 -27.61 -6.53
H6 DPV H . 30.19 -24.93 -4.91
H6A DPV H . 31.29 -25.55 -6.16
H6B DPV H . 31.57 -25.96 -4.43
H7 DPV H . 30.15 -29.09 -5.99
H7A DPV H . 31.57 -28.37 -5.24
H7B DPV H . 31.12 -27.93 -6.90
H8 DPV H . 28.82 -28.31 -4.19
H8A DPV H . 28.70 -26.59 -3.69
H8B DPV H . 30.22 -27.51 -3.37
H15 DPV H . 22.90 -27.14 -13.71
H15A DPV H . 23.07 -28.85 -13.18
H16 DPV H . 23.65 -27.84 -16.00
H16A DPV H . 23.74 -29.53 -15.50
H17 DPV H . 21.73 -29.44 -16.60
H17A DPV H . 21.29 -29.45 -14.93
H18 DPV H . 20.71 -27.09 -14.92
H18A DPV H . 21.55 -26.82 -16.47
H19 DPV H . 19.88 -28.45 -17.58
H19A DPV H . 19.00 -28.54 -16.05
H20 DPV H . 18.50 -26.13 -16.07
H20A DPV H . 19.57 -25.88 -17.47
H21 DPV H . 18.16 -27.32 -18.91
H21A DPV H . 17.08 -27.66 -17.61
H22 DPV H . 17.52 -24.71 -18.31
H22A DPV H . 16.64 -25.69 -19.47
H23 DPV H . 15.08 -24.54 -17.92
H23A DPV H . 15.89 -25.23 -16.54
H23B DPV H . 14.97 -26.27 -17.64
N DPV I . 33.02 -17.16 -1.92
P DPV I . 29.30 -20.39 -3.67
C1 DPV I . 29.10 -21.93 -5.78
C2 DPV I . 27.68 -21.73 -6.39
C3 DPV I . 27.15 -23.01 -6.96
C4 DPV I . 30.93 -18.60 -2.62
C5 DPV I . 32.07 -17.62 -3.09
C6 DPV I . 32.28 -16.38 -0.81
C7 DPV I . 34.04 -16.21 -2.56
C8 DPV I . 33.79 -18.38 -1.33
C15 DPV I . 25.60 -22.86 -7.32
C16 DPV I . 25.07 -24.15 -7.95
C17 DPV I . 23.52 -24.17 -8.10
C18 DPV I . 22.93 -23.34 -9.27
C19 DPV I . 22.47 -21.89 -8.87
O1P DPV I . 29.88 -21.44 -2.83
C20 DPV I . 21.49 -21.21 -9.89
C21 DPV I . 22.15 -20.93 -11.27
C22 DPV I . 21.07 -20.31 -12.19
C23 DPV I . 21.68 -19.91 -13.55
O2P DPV I . 27.88 -20.11 -3.30
O3P DPV I . 29.49 -20.64 -5.23
O4P DPV I . 30.22 -19.06 -3.81
H1 DPV I . 29.03 -22.64 -4.97
H1A DPV I . 29.81 -22.22 -6.56
H2 DPV I . 26.94 -21.35 -5.66
H2A DPV I . 27.76 -21.00 -7.19
H3 DPV I . 27.29 -23.83 -6.26
H3A DPV I . 27.68 -23.23 -7.88
H4 DPV I . 31.35 -19.46 -2.07
H4A DPV I . 30.19 -18.09 -1.95
H5 DPV I . 32.70 -18.13 -3.81
H5A DPV I . 31.66 -16.72 -3.54
H6 DPV I . 31.56 -17.04 -0.34
H6A DPV I . 31.79 -15.51 -1.24
H6B DPV I . 33.00 -16.03 -0.07
H7 DPV I . 33.49 -15.35 -2.93
H7A DPV I . 34.54 -16.74 -3.39
H7B DPV I . 34.75 -15.85 -1.80
H8 DPV I . 34.58 -18.03 -0.64
H8A DPV I . 34.27 -18.92 -2.17
H8B DPV I . 33.06 -19.00 -0.78
H15 DPV I . 25.47 -22.02 -8.01
H15A DPV I . 24.96 -22.62 -6.46
H16 DPV I . 25.52 -24.31 -8.96
H16A DPV I . 25.38 -24.98 -7.32
H17 DPV I . 23.23 -25.21 -8.24
H17A DPV I . 23.04 -23.85 -7.19
H18 DPV I . 23.66 -23.28 -10.08
H18A DPV I . 22.07 -23.86 -9.66
H19 DPV I . 21.97 -21.89 -7.87
H19A DPV I . 23.35 -21.26 -8.73
H20 DPV I . 20.60 -21.87 -10.01
H20A DPV I . 21.14 -20.25 -9.46
H21 DPV I . 22.96 -20.21 -11.18
H21A DPV I . 22.55 -21.88 -11.69
H22 DPV I . 20.24 -21.03 -12.32
H22A DPV I . 20.61 -19.42 -11.73
H23 DPV I . 20.91 -19.51 -14.18
H23A DPV I . 22.11 -20.77 -14.07
H23B DPV I . 22.44 -19.15 -13.41
N DPV J . 23.38 -2.33 -14.45
P DPV J . 26.60 -2.85 -10.90
C1 DPV J . 28.35 -4.13 -12.31
C2 DPV J . 28.90 -5.53 -12.55
C3 DPV J . 27.86 -6.41 -13.28
C4 DPV J . 24.17 -2.60 -11.89
C5 DPV J . 24.32 -3.05 -13.40
C6 DPV J . 23.81 -0.84 -14.67
C7 DPV J . 21.90 -2.37 -14.02
C8 DPV J . 23.49 -3.06 -15.79
C15 DPV J . 28.41 -7.82 -13.72
C16 DPV J . 28.48 -8.86 -12.57
C17 DPV J . 27.11 -9.50 -12.25
C18 DPV J . 27.25 -10.58 -11.16
C19 DPV J . 25.92 -11.27 -10.84
O1P DPV J . 26.91 -1.67 -11.71
C20 DPV J . 26.12 -12.39 -9.80
C21 DPV J . 24.83 -12.81 -9.07
C22 DPV J . 25.13 -13.73 -7.87
C23 DPV J . 23.88 -14.07 -7.05
O2P DPV J . 26.92 -2.65 -9.48
O3P DPV J . 27.17 -4.21 -11.50
O4P DPV J . 25.10 -3.36 -11.11
H1 DPV J . 29.10 -3.49 -11.79
H1A DPV J . 28.08 -3.65 -13.28
H2 DPV J . 29.90 -5.50 -13.08
H2A DPV J . 29.11 -6.02 -11.59
H3 DPV J . 27.54 -5.91 -14.17
H3A DPV J . 27.00 -6.54 -12.67
H4 DPV J . 24.36 -1.52 -11.81
H4A DPV J . 23.20 -2.82 -11.50
H5 DPV J . 25.36 -2.89 -13.76
H5A DPV J . 24.11 -4.11 -13.48
H6 DPV J . 24.85 -0.86 -15.01
H6A DPV J . 23.73 -0.29 -13.74
H6B DPV J . 23.16 -0.40 -15.44
H7 DPV J . 21.75 -1.74 -13.16
H7A DPV J . 21.62 -3.40 -13.81
H7B DPV J . 21.29 -1.97 -14.82
H8 DPV J . 23.26 -4.11 -15.64
H8A DPV J . 24.50 -2.94 -16.16
H8B DPV J . 22.80 -2.63 -16.50
H15 DPV J . 29.42 -7.68 -14.11
H15A DPV J . 27.81 -8.20 -14.55
H16 DPV J . 29.13 -9.64 -12.91
H16A DPV J . 28.91 -8.43 -11.68
H17 DPV J . 26.46 -8.72 -11.92
H17A DPV J . 26.66 -9.95 -13.10
H18 DPV J . 28.03 -11.32 -11.46
H18A DPV J . 27.67 -10.09 -10.23
H19 DPV J . 25.22 -10.51 -10.40
H19A DPV J . 25.44 -11.66 -11.75
H20 DPV J . 26.58 -13.26 -10.30
H20A DPV J . 26.84 -12.02 -9.06
H21 DPV J . 24.32 -11.89 -8.73
H21A DPV J . 24.14 -13.27 -9.80
H22 DPV J . 25.61 -14.65 -8.23
H22A DPV J . 25.84 -13.20 -7.19
H23 DPV J . 23.56 -13.19 -6.51
H23A DPV J . 24.08 -14.87 -6.31
H23B DPV J . 23.10 -14.44 -7.70
N DPV K . 24.23 -0.43 -7.32
P DPV K . 23.87 0.91 -2.75
C1 DPV K . 26.33 0.67 -1.78
C2 DPV K . 26.93 -0.62 -1.20
C3 DPV K . 27.98 -1.32 -2.15
C4 DPV K . 23.77 -0.88 -4.74
C5 DPV K . 24.75 -0.29 -5.83
C6 DPV K . 22.90 0.40 -7.54
C7 DPV K . 23.97 -1.92 -7.70
C8 DPV K . 25.28 0.16 -8.26
C15 DPV K . 27.38 -1.97 -3.45
C16 DPV K . 26.27 -3.08 -3.25
C17 DPV K . 26.76 -4.28 -2.37
C18 DPV K . 25.84 -5.53 -2.58
C19 DPV K . 26.05 -6.62 -1.47
O1P DPV K . 24.24 2.07 -3.58
C20 DPV K . 24.94 -6.57 -0.38
C21 DPV K . 25.11 -7.69 0.66
C22 DPV K . 24.13 -7.50 1.90
C23 DPV K . 22.83 -8.31 1.76
O2P DPV K . 22.46 1.00 -2.30
O3P DPV K . 24.87 0.69 -1.53
O4P DPV K . 24.26 -0.50 -3.40
H1 DPV K . 26.74 1.57 -1.28
H1A DPV K . 26.49 0.72 -2.87
H2 DPV K . 27.41 -0.37 -0.29
H2A DPV K . 26.15 -1.29 -0.96
H3 DPV K . 28.50 -2.09 -1.61
H3A DPV K . 28.75 -0.59 -2.44
H4 DPV K . 22.81 -0.44 -4.89
H4A DPV K . 23.73 -1.96 -4.77
H5 DPV K . 24.92 0.79 -5.68
H5A DPV K . 25.72 -0.79 -5.79
H6 DPV K . 23.09 1.45 -7.22
H6A DPV K . 22.08 -0.04 -6.94
H6B DPV K . 22.63 0.39 -8.61
H7 DPV K . 23.69 -1.99 -8.73
H7A DPV K . 23.19 -2.30 -7.04
H7B DPV K . 24.88 -2.48 -7.54
H8 DPV K . 26.18 -0.39 -8.11
H8A DPV K . 25.41 1.20 -7.97
H8B DPV K . 24.92 0.09 -9.27
H15 DPV K . 28.21 -2.38 -4.04
H15A DPV K . 26.92 -1.16 -4.07
H16 DPV K . 25.41 -2.63 -2.83
H16A DPV K . 26.02 -3.44 -4.23
H17 DPV K . 27.77 -4.57 -2.68
H17A DPV K . 26.74 -3.99 -1.34
H18 DPV K . 24.77 -5.22 -2.59
H18A DPV K . 26.06 -5.98 -3.58
H19 DPV K . 26.03 -7.60 -1.96
H19A DPV K . 27.03 -6.52 -1.01
H20 DPV K . 24.94 -5.63 0.12
H20A DPV K . 23.98 -6.66 -0.88
H21 DPV K . 24.95 -8.65 0.20
H21A DPV K . 26.14 -7.72 1.03
H22 DPV K . 24.66 -7.84 2.81
H22A DPV K . 23.87 -6.43 2.05
H23 DPV K . 22.23 -8.20 2.63
H23A DPV K . 23.04 -9.37 1.72
H23B DPV K . 22.27 -7.99 0.89
N DPV L . 14.13 7.93 -6.08
P DPV L . 9.52 6.05 -7.53
C1 DPV L . 9.73 4.41 -9.56
C2 DPV L . 10.61 4.18 -10.81
C3 DPV L . 9.99 3.07 -11.71
C4 DPV L . 11.72 7.06 -6.59
C5 DPV L . 13.14 6.71 -6.05
C6 DPV L . 14.52 8.32 -7.50
C7 DPV L . 15.43 7.48 -5.40
C8 DPV L . 13.62 9.19 -5.33
C15 DPV L . 11.05 2.44 -12.69
C16 DPV L . 11.43 0.96 -12.36
C17 DPV L . 11.88 0.67 -10.87
C18 DPV L . 13.25 1.28 -10.49
C19 DPV L . 13.59 1.09 -8.96
O1P DPV L . 8.49 5.10 -7.06
C20 DPV L . 12.89 2.16 -8.08
C21 DPV L . 13.16 1.91 -6.56
C22 DPV L . 14.48 2.52 -6.08
C23 DPV L . 14.79 2.17 -4.63
O2P DPV L . 9.04 7.45 -7.54
O3P DPV L . 10.19 5.63 -8.92
O4P DPV L . 10.92 5.86 -6.83
H1 DPV L . 8.69 4.55 -9.86
H1A DPV L . 9.79 3.59 -8.85
H2 DPV L . 10.68 5.13 -11.37
H2A DPV L . 11.60 3.82 -10.46
H3 DPV L . 9.20 3.49 -12.31
H3A DPV L . 9.51 2.31 -11.14
H4 DPV L . 11.20 7.69 -5.85
H4A DPV L . 11.81 7.59 -7.53
H5 DPV L . 13.06 6.37 -5.02
H5A DPV L . 13.59 5.87 -6.62
H6 DPV L . 13.64 8.70 -8.02
H6A DPV L . 14.87 7.45 -8.02
H6B DPV L . 15.31 9.07 -7.46
H7 DPV L . 15.20 7.17 -4.39
H7A DPV L . 16.12 8.32 -5.38
H7B DPV L . 15.87 6.64 -5.94
H8 DPV L . 14.48 9.86 -5.15
H8A DPV L . 13.17 8.90 -4.38
H8B DPV L . 12.87 9.68 -5.97
H15 DPV L . 11.95 3.05 -12.71
H15A DPV L . 10.66 2.46 -13.72
H16 DPV L . 10.59 0.27 -12.58
H16A DPV L . 12.19 0.65 -13.10
H17 DPV L . 11.08 1.00 -10.20
H17A DPV L . 11.96 -0.41 -10.75
H18 DPV L . 14.01 0.79 -11.08
H18A DPV L . 13.29 2.34 -10.70
H19 DPV L . 13.30 0.08 -8.62
H19A DPV L . 14.67 1.15 -8.80
H20 DPV L . 13.20 3.15 -8.33
H20A DPV L . 11.84 2.13 -8.28
H21 DPV L . 12.34 2.35 -5.99
H21A DPV L . 13.18 0.85 -6.30
H22 DPV L . 15.30 2.15 -6.68
H22A DPV L . 14.45 3.60 -6.15
H23 DPV L . 13.94 2.46 -3.99
H23A DPV L . 15.71 2.67 -4.33
H23B DPV L . 14.93 1.08 -4.58
N DPV M . 7.15 3.98 -20.53
P DPV M . 9.18 1.49 -16.98
C1 DPV M . 8.08 0.23 -14.98
C2 DPV M . 7.36 0.53 -13.67
C3 DPV M . 7.10 -0.75 -12.79
C4 DPV M . 8.14 1.84 -19.35
C5 DPV M . 6.90 2.51 -20.08
C6 DPV M . 8.22 4.09 -21.64
C7 DPV M . 7.54 4.91 -19.34
C8 DPV M . 5.84 4.53 -21.12
C15 DPV M . 8.40 -1.34 -12.18
C16 DPV M . 8.14 -2.70 -11.54
C17 DPV M . 9.46 -3.53 -11.27
C18 DPV M . 9.20 -5.03 -11.00
C19 DPV M . 10.45 -5.73 -10.46
O1P DPV M . 9.71 0.16 -17.45
C20 DPV M . 10.13 -7.26 -10.14
C21 DPV M . 11.43 -8.07 -9.91
C22 DPV M . 11.87 -8.90 -11.16
C23 DPV M . 12.23 -8.12 -12.40
O2P DPV M . 10.26 2.45 -16.69
O3P DPV M . 8.08 1.40 -15.81
O4P DPV M . 8.05 2.08 -17.90
H1 DPV M . 9.08 -0.11 -14.78
H1A DPV M . 7.54 -0.58 -15.47
H2 DPV M . 7.95 1.24 -13.16
H2A DPV M . 6.40 0.97 -13.90
H3 DPV M . 6.63 -1.51 -13.38
H3A DPV M . 6.40 -0.46 -12.03
H4 DPV M . 8.14 0.75 -19.53
H4A DPV M . 9.09 2.25 -19.71
H5 DPV M . 6.66 1.96 -20.98
H5A DPV M . 6.04 2.53 -19.40
H6 DPV M . 7.83 3.56 -22.53
H6A DPV M . 9.12 3.62 -21.27
H6B DPV M . 8.37 5.15 -21.88
H7 DPV M . 7.62 5.93 -19.68
H7A DPV M . 8.53 4.59 -18.98
H7B DPV M . 6.78 4.88 -18.55
H8 DPV M . 5.10 4.58 -20.29
H8A DPV M . 5.49 3.81 -21.88
H8B DPV M . 6.00 5.55 -21.52
H15 DPV M . 8.81 -0.63 -11.43
H15A DPV M . 9.16 -1.44 -12.96
H16 DPV M . 7.58 -2.54 -10.62
H16A DPV M . 7.52 -3.27 -12.22
H17 DPV M . 10.15 -3.44 -12.12
H17A DPV M . 9.98 -3.05 -10.38
H18 DPV M . 8.37 -5.16 -10.32
H18A DPV M . 8.88 -5.47 -11.95
H19 DPV M . 11.23 -5.61 -11.17
H19A DPV M . 10.74 -5.24 -9.56
H20 DPV M . 9.54 -7.32 -9.22
H20A DPV M . 9.55 -7.73 -10.96
H21 DPV M . 12.24 -7.41 -9.61
H21A DPV M . 11.26 -8.73 -9.06
H22 DPV M . 12.72 -9.50 -10.89
H22A DPV M . 11.08 -9.57 -11.45
H23 DPV M . 11.36 -7.56 -12.75
H23A DPV M . 12.52 -8.82 -13.19
H23B DPV M . 13.07 -7.45 -12.18
N DPV N . -5.03 2.89 -11.59
P DPV N . -6.05 -1.69 -11.03
C1 DPV N . -5.60 -3.45 -9.14
C2 DPV N . -6.19 -4.85 -9.35
C3 DPV N . -5.20 -5.99 -8.90
C4 DPV N . -4.61 0.44 -10.64
C5 DPV N . -5.58 1.63 -10.86
C6 DPV N . -6.14 3.93 -11.71
C7 DPV N . -4.51 2.55 -12.99
C8 DPV N . -3.88 3.52 -10.76
C15 DPV N . -3.99 -6.14 -9.90
C16 DPV N . -3.02 -7.20 -9.37
C17 DPV N . -1.65 -7.19 -10.09
C18 DPV N . -0.77 -8.43 -9.71
C19 DPV N . -0.12 -8.40 -8.29
O1P DPV N . -7.18 -1.12 -11.80
C20 DPV N . 1.23 -7.62 -8.24
C21 DPV N . 1.77 -7.43 -6.78
C22 DPV N . 1.13 -6.21 -6.07
C23 DPV N . 1.75 -5.91 -4.71
O2P DPV N . -5.14 -2.46 -11.90
O3P DPV N . -6.51 -2.50 -9.73
O4P DPV N . -5.32 -0.65 -10.07
H1 DPV N . -5.44 -3.23 -8.05
H1A DPV N . -4.59 -3.37 -9.67
H2 DPV N . -7.08 -4.97 -8.73
H2A DPV N . -6.50 -4.97 -10.38
H3 DPV N . -5.76 -6.91 -8.87
H3A DPV N . -4.83 -5.76 -7.91
H4 DPV N . -4.16 0.11 -11.59
H4A DPV N . -3.81 0.74 -9.94
H5 DPV N . -6.42 1.27 -11.44
H5A DPV N . -5.98 1.93 -9.90
H6 DPV N . -5.79 4.84 -12.21
H6A DPV N . -6.43 4.24 -10.69
H6B DPV N . -7.04 3.44 -12.18
H7 DPV N . -4.16 3.47 -13.45
H7A DPV N . -5.32 2.10 -13.57
H7B DPV N . -3.70 1.84 -12.89
H8 DPV N . -3.63 4.51 -11.15
H8A DPV N . -3.03 2.83 -10.85
H8B DPV N . -4.22 3.64 -9.73
H15 DPV N . -3.43 -5.17 -9.98
H15A DPV N . -4.37 -6.39 -10.90
H16 DPV N . -2.88 -7.09 -8.28
H16A DPV N . -3.52 -8.17 -9.49
H17 DPV N . -1.85 -7.16 -11.18
H17A DPV N . -1.11 -6.26 -9.82
H18 DPV N . -1.38 -9.32 -9.86
H18A DPV N . 0.04 -8.55 -10.41
H19 DPV N . -0.86 -7.97 -7.56
H19A DPV N . 0.07 -9.42 -7.95
H20 DPV N . 1.98 -8.17 -8.80
H20A DPV N . 1.11 -6.63 -8.72
H21 DPV N . 1.64 -8.35 -6.25
H21A DPV N . 2.83 -7.24 -6.84
H22 DPV N . 1.25 -5.32 -6.67
H22A DPV N . 0.06 -6.35 -5.95
H23 DPV N . 1.56 -6.72 -4.03
H23A DPV N . 1.28 -5.02 -4.30
H23B DPV N . 2.82 -5.76 -4.80
N DPV O . -12.19 -6.78 -0.02
P DPV O . -9.62 -7.08 -4.16
C1 DPV O . -8.11 -5.25 -5.26
C2 DPV O . -7.37 -3.95 -4.85
C3 DPV O . -6.38 -4.11 -3.65
C4 DPV O . -10.83 -7.86 -2.04
C5 DPV O . -10.89 -7.53 -0.50
C6 DPV O . -13.46 -7.68 -0.13
C7 DPV O . -12.48 -5.50 -0.79
C8 DPV O . -12.00 -6.45 1.47
C15 DPV O . -5.14 -4.93 -3.99
C16 DPV O . -5.27 -6.38 -3.45
C17 DPV O . -4.28 -7.35 -4.15
C18 DPV O . -4.90 -8.05 -5.39
C19 DPV O . -3.87 -9.03 -6.07
O1P DPV O . -8.65 -8.17 -4.17
C20 DPV O . -4.54 -9.87 -7.17
C21 DPV O . -3.50 -10.79 -7.86
C22 DPV O . -4.08 -11.57 -9.07
C23 DPV O . -2.94 -12.29 -9.77
O2P DPV O . -10.67 -7.22 -5.15
O3P DPV O . -8.96 -5.64 -4.14
O4P DPV O . -10.15 -6.77 -2.70
H1 DPV O . -8.76 -5.09 -6.13
H1A DPV O . -7.36 -6.04 -5.51
H2 DPV O . -6.88 -3.56 -5.71
H2A DPV O . -8.11 -3.19 -4.58
H3 DPV O . -6.92 -4.52 -2.79
H3A DPV O . -6.04 -3.11 -3.34
H4 DPV O . -10.26 -8.76 -2.22
H4A DPV O . -11.83 -8.00 -2.42
H5 DPV O . -10.83 -8.45 0.02
H5A DPV O . -10.03 -6.91 -0.27
H6 DPV O . -14.32 -7.19 0.32
H6A DPV O . -13.27 -8.64 0.33
H6B DPV O . -13.66 -7.87 -1.19
H7 DPV O . -13.43 -5.06 -0.43
H7A DPV O . -12.54 -5.71 -1.86
H7B DPV O . -11.63 -4.78 -0.66
H8 DPV O . -12.87 -5.89 1.82
H8A DPV O . -11.12 -5.80 1.60
H8B DPV O . -11.90 -7.37 2.02
H15 DPV O . -4.27 -4.44 -3.52
H15A DPV O . -4.97 -4.94 -5.07
H16 DPV O . -5.04 -6.33 -2.37
H16A DPV O . -6.29 -6.75 -3.57
H17 DPV O . -3.36 -6.81 -4.46
H17A DPV O . -3.92 -8.12 -3.44
H18 DPV O . -5.84 -8.60 -5.06
H18A DPV O . -5.24 -7.31 -6.17
H19 DPV O . -3.02 -8.49 -6.48
H19A DPV O . -3.45 -9.69 -5.29
H20 DPV O . -5.33 -10.45 -6.70
H20A DPV O . -5.00 -9.19 -7.90
H21 DPV O . -2.66 -10.21 -8.18
H21A DPV O . -3.13 -11.49 -7.14
H22 DPV O . -4.84 -12.25 -8.72
H22A DPV O . -4.57 -10.86 -9.77
H23 DPV O . -3.29 -12.66 -10.74
H23A DPV O . -2.64 -13.15 -9.16
H23B DPV O . -2.11 -11.62 -9.95
N DPV P . -10.48 -17.00 4.47
P DPV P . -11.20 -16.75 -0.19
C1 DPV P . -10.89 -19.25 -0.87
C2 DPV P . -10.75 -20.68 -0.26
C3 DPV P . -9.53 -20.85 0.68
C4 DPV P . -10.55 -15.67 2.16
C5 DPV P . -11.01 -15.76 3.65
C6 DPV P . -11.10 -16.92 5.89
C7 DPV P . -8.93 -16.94 4.62
C8 DPV P . -10.87 -18.33 3.79
C15 DPV P . -8.16 -20.73 -0.07
C16 DPV P . -6.90 -21.06 0.82
C17 DPV P . -6.43 -19.88 1.71
C18 DPV P . -5.34 -20.30 2.68
C19 DPV P . -4.85 -19.06 3.52
O1P DPV P . -12.35 -16.40 -1.03
C20 DPV P . -3.85 -19.37 4.64
C21 DPV P . -2.44 -19.79 4.10
C22 DPV P . -1.43 -19.95 5.25
C23 DPV P . -0.03 -20.38 4.78
O2P DPV P . -9.93 -16.17 -0.69
O3P DPV P . -11.09 -18.30 0.19
O4P DPV P . -11.46 -16.49 1.38
H1 DPV P . -9.99 -18.98 -1.44
H1A DPV P . -11.77 -19.19 -1.52
H2 DPV P . -11.67 -20.93 0.28
H2A DPV P . -10.71 -21.43 -1.05
H3 DPV P . -9.58 -21.82 1.13
H3A DPV P . -9.58 -20.13 1.48
H4 DPV P . -10.62 -14.66 1.80
H4A DPV P . -9.54 -16.03 2.06
H5 DPV P . -10.63 -14.87 4.20
H5A DPV P . -12.12 -15.73 3.73
H6 DPV P . -12.15 -16.72 5.84
H6A DPV P . -10.62 -16.11 6.41
H6B DPV P . -10.86 -17.87 6.40
H7 DPV P . -8.61 -15.93 4.91
H7A DPV P . -8.47 -17.20 3.65
H7B DPV P . -8.62 -17.66 5.40
H8 DPV P . -11.96 -18.39 3.76
H8A DPV P . -10.46 -19.16 4.36
H8B DPV P . -10.46 -18.35 2.79
H15 DPV P . -8.08 -19.69 -0.47
H15A DPV P . -8.14 -21.42 -0.94
H16 DPV P . -7.16 -21.90 1.39
H16A DPV P . -6.10 -21.40 0.18
H17 DPV P . -6.07 -19.07 1.08
H17A DPV P . -7.31 -19.53 2.28
H18 DPV P . -5.75 -21.06 3.35
H18A DPV P . -4.50 -20.74 2.14
H19 DPV P . -4.43 -18.31 2.86
H19A DPV P . -5.69 -18.59 3.99
H20 DPV P . -3.73 -18.48 5.27
H20A DPV P . -4.26 -20.16 5.29
H21 DPV P . -2.51 -20.76 3.58
H21A DPV P . -2.09 -19.04 3.38
H22 DPV P . -1.34 -19.01 5.83
H22A DPV P . -1.82 -20.73 5.96
H23 DPV P . 0.37 -19.63 4.07
H23A DPV P . -0.11 -21.35 4.27
H23B DPV P . 0.68 -20.53 5.59
N DPV Q . -0.47 -36.24 -4.74
P DPV Q . -0.56 -33.69 -0.57
C1 DPV Q . -2.08 -35.35 0.81
C2 DPV Q . -3.49 -35.41 1.52
C3 DPV Q . -3.57 -34.50 2.76
C4 DPV Q . 0.45 -35.10 -2.54
C5 DPV Q . 0.18 -36.40 -3.32
C6 DPV Q . 0.46 -35.47 -5.71
C7 DPV Q . -1.83 -35.52 -4.69
C8 DPV Q . -0.70 -37.68 -5.29
C15 DPV Q . -4.08 -33.04 2.45
C16 DPV Q . -3.75 -31.99 3.59
C17 DPV Q . -2.24 -31.52 3.59
C18 DPV Q . -1.94 -30.53 2.39
C19 DPV Q . -0.78 -29.56 2.70
O1P DPV Q . 0.59 -33.98 0.33
C20 DPV Q . -0.80 -28.41 1.67
C21 DPV Q . 0.46 -27.49 1.86
C22 DPV Q . 0.46 -26.38 0.82
C23 DPV Q . 1.76 -25.55 0.94
O2P DPV Q . -0.56 -32.32 -1.06
O3P DPV Q . -1.98 -34.13 0.03
O4P DPV Q . -0.71 -34.77 -1.75
H1 DPV Q . -1.25 -35.36 1.53
H1A DPV Q . -1.97 -36.22 0.12
H2 DPV Q . -4.27 -35.18 0.77
H2A DPV Q . -3.72 -36.46 1.84
H3 DPV Q . -2.58 -34.49 3.27
H3A DPV Q . -4.27 -34.93 3.51
H4 DPV Q . 1.29 -35.26 -1.87
H4A DPV Q . 0.66 -34.28 -3.20
H5 DPV Q . 1.14 -36.92 -3.48
H5A DPV Q . -0.46 -37.08 -2.72
H6 DPV Q . 1.42 -35.98 -5.77
H6A DPV Q . 0.64 -34.44 -5.36
H6B DPV Q . -0.04 -35.42 -6.67
H7 DPV Q . -2.45 -35.97 -3.89
H7A DPV Q . -2.31 -35.66 -5.66
H7B DPV Q . -1.69 -34.47 -4.46
H8 DPV Q . -1.39 -38.20 -4.60
H8A DPV Q . 0.25 -38.20 -5.37
H8B DPV Q . -1.16 -37.63 -6.28
H15 DPV Q . -5.17 -33.08 2.34
H15A DPV Q . -3.67 -32.73 1.50
H16 DPV Q . -4.41 -31.12 3.50
H16A DPV Q . -3.99 -32.46 4.52
H17 DPV Q . -2.04 -31.02 4.52
H17A DPV Q . -1.58 -32.35 3.52
H18 DPV Q . -1.74 -31.10 1.49
H18A DPV Q . -2.81 -29.96 2.16
H19 DPV Q . -0.94 -29.16 3.70
H19A DPV Q . 0.20 -30.09 2.67
H20 DPV Q . -0.76 -28.83 0.66
H20A DPV Q . -1.69 -27.80 1.80
H21 DPV Q . 0.41 -27.06 2.86
H21A DPV Q . 1.34 -28.10 1.76
H22 DPV Q . 0.42 -26.81 -0.18
H22A DPV Q . -0.43 -25.78 0.96
H23 DPV Q . 2.65 -26.16 0.64
H23A DPV Q . 1.91 -25.18 1.97
H23B DPV Q . 1.71 -24.68 0.27
N DPV R . -3.24 -28.69 7.32
P DPV R . 0.97 -26.81 6.31
C1 DPV R . 3.15 -26.03 5.12
C2 DPV R . 4.48 -26.61 4.61
C3 DPV R . 4.33 -27.30 3.24
C4 DPV R . -0.62 -28.85 6.95
C5 DPV R . -2.00 -28.25 6.48
C6 DPV R . -3.47 -30.25 7.32
C7 DPV R . -4.49 -28.05 6.68
C8 DPV R . -3.13 -28.21 8.77
C15 DPV R . 5.39 -28.41 3.00
C16 DPV R . 5.13 -29.14 1.64
C17 DPV R . 6.11 -30.32 1.41
C18 DPV R . 5.98 -30.90 -0.06
C19 DPV R . 7.07 -31.97 -0.42
O1P DPV R . 0.09 -25.83 5.72
C20 DPV R . 8.15 -31.42 -1.41
C21 DPV R . 7.66 -31.41 -2.91
C22 DPV R . 7.99 -32.78 -3.58
C23 DPV R . 7.85 -32.71 -5.11
O2P DPV R . 1.29 -26.51 7.72
O3P DPV R . 2.26 -27.14 5.44
O4P DPV R . 0.45 -28.32 6.07
H1 DPV R . 3.34 -25.42 6.02
H1A DPV R . 2.64 -25.40 4.36
H2 DPV R . 5.23 -25.81 4.57
H2A DPV R . 4.81 -27.34 5.36
H3 DPV R . 4.46 -26.52 2.48
H3A DPV R . 3.29 -27.69 3.11
H4 DPV R . -0.38 -28.56 7.98
H4A DPV R . -0.63 -29.95 6.90
H5 DPV R . -1.95 -27.17 6.54
H5A DPV R . -2.23 -28.53 5.46
H6 DPV R . -2.66 -30.71 7.88
H6A DPV R . -3.48 -30.63 6.29
H6B DPV R . -4.42 -30.44 7.82
H7 DPV R . -5.33 -28.19 7.34
H7A DPV R . -4.68 -28.49 5.69
H7B DPV R . -4.31 -26.98 6.60
H8 DPV R . -2.97 -27.14 8.79
H8A DPV R . -2.31 -28.72 9.25
H8B DPV R . -4.05 -28.44 9.31
H15 DPV R . 5.36 -29.11 3.83
H15A DPV R . 6.38 -27.95 2.97
H16 DPV R . 4.14 -29.55 1.60
H16A DPV R . 5.22 -28.43 0.80
H17 DPV R . 7.16 -29.99 1.54
H17A DPV R . 5.93 -31.12 2.14
H18 DPV R . 4.99 -31.35 -0.18
H18A DPV R . 6.03 -30.08 -0.78
H19 DPV R . 7.53 -32.35 0.49
H19A DPV R . 6.58 -32.86 -0.85
H20 DPV R . 8.42 -30.40 -1.10
H20A DPV R . 9.10 -31.99 -1.33
H21 DPV R . 6.62 -31.22 -2.97
H21A DPV R . 8.19 -30.65 -3.46
H22 DPV R . 9.00 -33.06 -3.37
H22A DPV R . 7.37 -33.58 -3.18
H23 DPV R . 8.46 -31.92 -5.53
H23A DPV R . 6.82 -32.51 -5.45
H23B DPV R . 8.19 -33.65 -5.56
N DPV S . 8.93 -30.42 8.24
P DPV S . 6.29 -26.41 10.32
C1 DPV S . 4.74 -24.41 9.78
C2 DPV S . 3.89 -23.76 8.64
C3 DPV S . 4.73 -23.20 7.46
C4 DPV S . 7.66 -28.34 9.34
C5 DPV S . 7.94 -29.20 8.02
C6 DPV S . 10.30 -29.96 8.75
C7 DPV S . 9.20 -31.08 6.89
C8 DPV S . 8.36 -31.50 9.17
C15 DPV S . 3.83 -22.57 6.38
C16 DPV S . 4.66 -22.30 5.09
C17 DPV S . 3.79 -21.62 4.00
C18 DPV S . 4.55 -21.49 2.64
C19 DPV S . 4.02 -22.48 1.57
O1P DPV S . 5.72 -27.01 11.54
C20 DPV S . 4.67 -22.30 0.18
C21 DPV S . 4.09 -23.30 -0.85
C22 DPV S . 4.69 -23.14 -2.29
C23 DPV S . 4.18 -24.25 -3.24
O2P DPV S . 7.46 -25.57 10.61
O3P DPV S . 5.20 -25.72 9.39
O4P DPV S . 6.53 -27.47 9.16
H1 DPV S . 5.66 -23.80 9.98
H1A DPV S . 4.14 -24.47 10.67
H2 DPV S . 3.16 -24.51 8.32
H2A DPV S . 3.35 -22.87 9.06
H3 DPV S . 5.33 -24.01 7.00
H3A DPV S . 5.44 -22.46 7.89
H4 DPV S . 7.44 -28.98 10.22
H4A DPV S . 8.54 -27.72 9.55
H5 DPV S . 7.01 -29.64 7.69
H5A DPV S . 8.36 -28.58 7.23
H6 DPV S . 10.20 -29.52 9.75
H6A DPV S . 10.70 -29.22 8.06
H6B DPV S . 10.95 -30.82 8.80
H7 DPV S . 9.78 -31.99 7.05
H7A DPV S . 9.74 -30.38 6.25
H7B DPV S . 8.24 -31.35 6.44
H8 DPV S . 7.42 -31.85 8.78
H8A DPV S . 8.25 -31.06 10.16
H8B DPV S . 9.06 -32.31 9.26
H15 DPV S . 3.55 -21.60 6.74
H15A DPV S . 2.95 -23.15 6.20
H16 DPV S . 5.53 -21.65 5.34
H16A DPV S . 4.99 -23.25 4.70
H17 DPV S . 2.83 -22.12 3.87
H17A DPV S . 3.54 -20.62 4.35
H18 DPV S . 4.46 -20.47 2.27
H18A DPV S . 5.63 -21.67 2.77
H19 DPV S . 4.13 -23.51 1.92
H19A DPV S . 2.96 -22.33 1.44
H20 DPV S . 4.52 -21.27 -0.12
H20A DPV S . 5.73 -22.45 0.26
H21 DPV S . 4.28 -24.33 -0.50
H21A DPV S . 3.01 -23.16 -0.95
H22 DPV S . 4.40 -22.21 -2.70
H22A DPV S . 5.76 -23.19 -2.25
H23 DPV S . 4.50 -25.22 -2.85
H23A DPV S . 4.59 -24.09 -4.21
H23B DPV S . 3.10 -24.22 -3.29
N DPV T . 24.86 -26.98 5.41
P DPV T . 22.24 -29.23 2.14
C1 DPV T . 22.11 -31.50 3.44
C2 DPV T . 21.23 -32.14 4.57
C3 DPV T . 20.05 -33.04 4.08
C4 DPV T . 23.14 -27.17 3.39
C5 DPV T . 23.48 -26.58 4.80
C6 DPV T . 26.07 -26.51 4.57
C7 DPV T . 24.92 -28.51 5.65
C8 DPV T . 24.99 -26.30 6.79
C15 DPV T . 18.80 -32.30 3.50
C16 DPV T . 18.00 -31.54 4.61
C17 DPV T . 16.75 -30.84 4.02
C18 DPV T . 15.88 -30.17 5.14
C19 DPV T . 14.53 -29.74 4.58
O1P DPV T . 21.45 -28.47 1.16
C20 DPV T . 13.74 -28.79 5.54
C21 DPV T . 12.28 -28.65 5.03
C22 DPV T . 11.50 -27.57 5.75
C23 DPV T . 10.04 -27.50 5.24
O2P DPV T . 23.52 -29.70 1.54
O3P DPV T . 21.39 -30.39 2.89
O4P DPV T . 22.49 -28.44 3.49
H1 DPV T . 23.07 -31.19 3.86
H1A DPV T . 22.32 -32.23 2.62
H2 DPV T . 21.82 -32.72 5.25
H2A DPV T . 20.86 -31.30 5.16
H3 DPV T . 19.74 -33.71 4.89
H3A DPV T . 20.41 -33.73 3.29
H4 DPV T . 22.42 -26.48 2.87
H4A DPV T . 24.06 -27.26 2.75
H5 DPV T . 23.47 -25.49 4.73
H5A DPV T . 22.71 -26.89 5.49
H6 DPV T . 26.03 -27.04 3.62
H6A DPV T . 26.97 -26.82 5.12
H6B DPV T . 26.03 -25.44 4.48
H7 DPV T . 24.04 -28.82 6.20
H7A DPV T . 25.81 -28.76 6.24
H7B DPV T . 24.96 -29.02 4.69
H8 DPV T . 24.20 -26.70 7.45
H8A DPV T . 24.89 -25.20 6.68
H8B DPV T . 25.95 -26.57 7.23
H15 DPV T . 18.14 -33.06 3.06
H15A DPV T . 19.11 -31.59 2.75
H16 DPV T . 17.67 -32.30 5.34
H16A DPV T . 18.66 -30.84 5.12
H17 DPV T . 17.07 -30.08 3.32
H17A DPV T . 16.20 -31.57 3.44
H18 DPV T . 15.73 -30.89 5.98
H18A DPV T . 16.44 -29.32 5.53
H19 DPV T . 14.67 -29.22 3.63
H19A DPV T . 13.95 -30.65 4.39
H20 DPV T . 13.74 -29.19 6.53
H20A DPV T . 14.21 -27.85 5.59
H21 DPV T . 12.29 -28.41 3.97
H21A DPV T . 11.76 -29.57 5.18
H22 DPV T . 11.47 -27.72 6.83
H22A DPV T . 11.98 -26.60 5.61
H23 DPV T . 10.02 -27.21 4.19
H23A DPV T . 9.48 -26.77 5.83
H23B DPV T . 9.55 -28.48 5.32
N DPV U . 25.78 -14.59 8.56
P DPV U . 28.00 -16.65 4.88
C1 DPV U . 28.43 -19.20 4.78
C2 DPV U . 27.97 -20.46 4.03
C3 DPV U . 26.44 -20.69 4.16
C4 DPV U . 25.91 -16.06 6.40
C5 DPV U . 26.54 -15.70 7.76
C6 DPV U . 26.53 -14.37 9.93
C7 DPV U . 24.32 -14.96 8.85
C8 DPV U . 25.81 -13.27 7.80
C15 DPV U . 25.94 -21.82 3.24
C16 DPV U . 24.39 -21.83 2.99
C17 DPV U . 23.61 -22.56 4.11
C18 DPV U . 22.17 -22.83 3.64
C19 DPV U . 21.34 -23.50 4.73
O1P DPV U . 27.74 -15.47 4.03
C20 DPV U . 19.99 -24.03 4.15
C21 DPV U . 19.30 -25.08 5.09
C22 DPV U . 17.95 -25.57 4.51
C23 DPV U . 17.26 -26.64 5.38
O2P DPV U . 29.22 -16.46 5.69
O3P DPV U . 27.91 -18.01 4.10
O4P DPV U . 26.72 -17.08 5.76
H1 DPV U . 28.08 -19.23 5.78
H1A DPV U . 29.52 -19.13 4.75
H2 DPV U . 28.24 -20.41 2.98
H2A DPV U . 28.51 -21.29 4.48
H3 DPV U . 25.92 -19.75 3.95
H3A DPV U . 26.23 -20.98 5.20
H4 DPV U . 24.89 -16.48 6.55
H4A DPV U . 25.88 -15.16 5.77
H5 DPV U . 26.59 -16.59 8.38
H5A DPV U . 27.57 -15.36 7.61
H6 DPV U . 27.57 -14.12 9.68
H6A DPV U . 26.51 -15.31 10.49
H6B DPV U . 26.03 -13.56 10.46
H7 DPV U . 23.76 -15.04 7.92
H7A DPV U . 23.86 -14.18 9.46
H7B DPV U . 24.28 -15.92 9.36
H8 DPV U . 25.34 -12.49 8.42
H8A DPV U . 25.25 -13.41 6.87
H8B DPV U . 26.87 -13.02 7.58
H15 DPV U . 26.30 -22.79 3.64
H15A DPV U . 26.39 -21.65 2.25
H16 DPV U . 24.02 -20.80 2.91
H16A DPV U . 24.20 -22.31 2.02
H17 DPV U . 24.11 -23.49 4.37
H17A DPV U . 23.63 -21.98 5.00
H18 DPV U . 21.69 -21.94 3.32
H18A DPV U . 22.19 -23.46 2.79
H19 DPV U . 21.88 -24.33 5.17
H19A DPV U . 21.10 -22.81 5.53
H20 DPV U . 19.29 -23.19 3.99
H20A DPV U . 20.19 -24.54 3.17
H21 DPV U . 19.97 -25.91 5.23
H21A DPV U . 19.17 -24.65 6.06
H22 DPV U . 17.28 -24.70 4.40
H22A DPV U . 18.07 -25.95 3.47
H23 DPV U . 16.95 -26.19 6.32
H23A DPV U . 17.93 -27.49 5.56
H23B DPV U . 16.37 -27.02 4.88
N DPV V . 24.05 -29.12 -6.28
P DPV V . 19.36 -29.95 -4.27
C1 DPV V . 17.03 -28.85 -4.38
C2 DPV V . 16.40 -27.45 -4.66
C3 DPV V . 14.92 -27.41 -4.22
C4 DPV V . 21.75 -29.93 -5.35
C5 DPV V . 22.51 -29.15 -6.47
C6 DPV V . 24.49 -28.33 -5.01
C7 DPV V . 24.57 -28.41 -7.54
C8 DPV V . 24.66 -30.54 -6.25
C15 DPV V . 14.40 -25.99 -4.21
C16 DPV V . 12.88 -25.96 -3.85
C17 DPV V . 12.39 -24.57 -3.39
C18 DPV V . 12.10 -23.59 -4.59
C19 DPV V . 11.61 -22.18 -4.11
O1P DPV V . 18.74 -31.28 -4.45
C20 DPV V . 11.18 -21.27 -5.31
C21 DPV V . 10.63 -19.89 -4.83
C22 DPV V . 9.94 -19.12 -5.96
C23 DPV V . 9.96 -17.61 -5.72
O2P DPV V . 19.92 -29.78 -2.90
O3P DPV V . 18.41 -28.75 -4.70
O4P DPV V . 20.38 -29.54 -5.44
H1 DPV V . 16.94 -29.13 -3.34
H1A DPV V . 16.56 -29.63 -4.99
H2 DPV V . 16.99 -26.70 -4.14
H2A DPV V . 16.42 -27.28 -5.75
H3 DPV V . 14.82 -27.86 -3.19
H3A DPV V . 14.30 -28.05 -4.91
H4 DPV V . 21.84 -31.02 -5.51
H4A DPV V . 22.10 -29.64 -4.32
H5 DPV V . 22.32 -29.60 -7.46
H5A DPV V . 22.17 -28.08 -6.48
H6 DPV V . 23.96 -27.36 -5.04
H6A DPV V . 25.56 -28.15 -5.01
H6B DPV V . 24.20 -28.91 -4.13
H7 DPV V . 24.22 -28.92 -8.43
H7A DPV V . 25.64 -28.41 -7.51
H7B DPV V . 24.23 -27.36 -7.51
H8 DPV V . 24.32 -31.07 -7.15
H8A DPV V . 24.31 -31.02 -5.33
H8B DPV V . 25.74 -30.46 -6.23
H15 DPV V . 14.55 -25.54 -5.19
H15A DPV V . 14.99 -25.40 -3.51
H16 DPV V . 12.30 -26.25 -4.71
H16A DPV V . 12.72 -26.70 -3.06
H17 DPV V . 11.45 -24.68 -2.83
H17A DPV V . 13.13 -24.14 -2.69
H18 DPV V . 13.01 -23.43 -5.17
H18A DPV V . 11.37 -24.05 -5.26
H19 DPV V . 10.82 -22.26 -3.37
H19A DPV V . 12.38 -21.66 -3.60
H20 DPV V . 12.00 -21.15 -6.00
H20A DPV V . 10.41 -21.82 -5.92
H21 DPV V . 9.93 -20.04 -3.99
H21A DPV V . 11.45 -19.27 -4.42
H22 DPV V . 10.40 -19.32 -6.92
H22A DPV V . 8.92 -19.42 -5.98
H23 DPV V . 9.65 -17.05 -6.61
H23A DPV V . 10.95 -17.26 -5.41
H23B DPV V . 9.24 -17.37 -4.93
N DPV W . 31.68 -18.92 -8.03
P DPV W . 29.62 -16.84 -11.73
C1 DPV W . 27.02 -16.52 -11.39
C2 DPV W . 25.67 -17.32 -11.33
C3 DPV W . 24.52 -16.41 -10.81
C4 DPV W . 31.61 -18.04 -10.57
C5 DPV W . 32.01 -19.17 -9.53
C6 DPV W . 32.24 -20.08 -7.19
C7 DPV W . 30.19 -18.91 -7.81
C8 DPV W . 32.26 -17.62 -7.48
C15 DPV W . 23.15 -17.12 -10.75
C16 DPV W . 22.10 -16.36 -9.90
C17 DPV W . 20.71 -16.98 -10.04
C18 DPV W . 19.65 -16.23 -9.15
C19 DPV W . 18.16 -16.57 -9.56
O1P DPV W . 29.82 -15.51 -11.12
C20 DPV W . 17.13 -15.80 -8.70
C21 DPV W . 15.71 -15.81 -9.38
C22 DPV W . 14.61 -15.24 -8.41
C23 DPV W . 13.19 -15.21 -9.10
O2P DPV W . 30.05 -16.86 -13.16
O3P DPV W . 28.13 -17.46 -11.50
O4P DPV W . 30.21 -18.05 -10.88
H1 DPV W . 27.01 -15.86 -12.23
H1A DPV W . 27.16 -16.00 -10.47
H2 DPV W . 25.44 -17.66 -12.33
H2A DPV W . 25.79 -18.18 -10.69
H3 DPV W . 24.43 -15.49 -11.43
H3A DPV W . 24.78 -16.08 -9.79
H4 DPV W . 31.92 -17.07 -10.22
H4A DPV W . 32.17 -18.21 -11.49
H5 DPV W . 31.51 -20.07 -9.85
H5A DPV W . 33.08 -19.36 -9.61
H6 DPV W . 33.32 -20.12 -7.29
H6A DPV W . 31.81 -21.02 -7.56
H6B DPV W . 31.93 -19.98 -6.15
H7 DPV W . 30.03 -18.67 -6.76
H7A DPV W . 29.80 -19.90 -8.11
H7B DPV W . 29.75 -18.17 -8.45
H8 DPV W . 32.10 -17.61 -6.39
H8A DPV W . 31.74 -16.76 -7.92
H8B DPV W . 33.33 -17.59 -7.72
H15 DPV W . 23.31 -18.15 -10.33
H15A DPV W . 22.75 -17.29 -11.80
H16 DPV W . 22.43 -16.40 -8.87
H16A DPV W . 22.07 -15.33 -10.18
H17 DPV W . 20.38 -16.93 -11.10
H17A DPV W . 20.77 -18.05 -9.76
H18 DPV W . 19.80 -16.45 -8.12
H18A DPV W . 19.80 -15.17 -9.29
H19 DPV W . 18.01 -16.35 -10.64
H19A DPV W . 17.98 -17.66 -9.41
H20 DPV W . 17.05 -16.24 -7.68
H20A DPV W . 17.49 -14.75 -8.56
H21 DPV W . 15.78 -15.20 -10.29
H21A DPV W . 15.42 -16.84 -9.66
H22 DPV W . 14.54 -15.85 -7.48
H22A DPV W . 14.92 -14.20 -8.13
H23 DPV W . 13.26 -14.67 -10.03
H23A DPV W . 12.42 -14.75 -8.47
H23B DPV W . 12.90 -16.24 -9.29
N DPV X . 32.40 -9.55 -10.33
P DPV X . 29.91 -6.81 -8.11
C1 DPV X . 27.97 -8.11 -6.88
C2 DPV X . 26.95 -9.21 -7.20
C3 DPV X . 26.05 -9.59 -6.00
C4 DPV X . 31.55 -7.01 -10.20
C5 DPV X . 32.59 -8.06 -9.78
C6 DPV X . 32.38 -9.63 -11.85
C7 DPV X . 31.16 -10.22 -9.76
C8 DPV X . 33.59 -10.36 -9.89
C15 DPV X . 25.08 -8.48 -5.60
C16 DPV X . 24.18 -8.94 -4.42
C17 DPV X . 23.02 -7.95 -4.12
C18 DPV X . 22.07 -8.54 -3.02
C19 DPV X . 20.96 -7.52 -2.64
O1P DPV X . 30.98 -7.06 -7.11
C20 DPV X . 19.89 -8.14 -1.70
C21 DPV X . 18.92 -7.06 -1.15
C22 DPV X . 17.90 -7.71 -0.20
C23 DPV X . 16.80 -6.70 0.24
O2P DPV X . 29.42 -5.43 -8.06
O3P DPV X . 28.75 -7.90 -8.11
O4P DPV X . 30.27 -7.30 -9.60
H1 DPV X . 27.46 -7.17 -6.65
H1A DPV X . 28.61 -8.44 -6.06
H2 DPV X . 26.33 -8.86 -8.03
H2A DPV X . 27.51 -10.11 -7.57
H3 DPV X . 26.71 -9.83 -5.15
H3A DPV X . 25.44 -10.48 -6.23
H4 DPV X . 31.83 -6.02 -9.89
H4A DPV X . 31.49 -7.04 -11.29
H5 DPV X . 33.57 -7.70 -10.14
H5A DPV X . 32.59 -8.09 -8.70
H6 DPV X . 31.51 -9.12 -12.21
H6A DPV X . 32.34 -10.65 -12.19
H6B DPV X . 33.28 -9.17 -12.24
H7 DPV X . 31.17 -10.15 -8.68
H7A DPV X . 31.16 -11.28 -10.05
H7B DPV X . 30.26 -9.69 -10.10
H8 DPV X . 33.66 -10.36 -8.83
H8A DPV X . 34.47 -9.88 -10.28
H8B DPV X . 33.58 -11.34 -10.31
H15 DPV X . 24.43 -8.20 -6.46
H15A DPV X . 25.64 -7.58 -5.34
H16 DPV X . 23.81 -9.92 -4.60
H16A DPV X . 24.82 -8.99 -3.54
H17 DPV X . 23.47 -7.01 -3.78
H17A DPV X . 22.42 -7.76 -5.02
H18 DPV X . 21.60 -9.44 -3.45
H18A DPV X . 22.60 -8.81 -2.12
H19 DPV X . 21.46 -6.66 -2.16
H19A DPV X . 20.47 -7.15 -3.55
H20 DPV X . 19.31 -8.85 -2.26
H20A DPV X . 20.31 -8.68 -0.86
H21 DPV X . 19.49 -6.29 -0.61
H21A DPV X . 18.38 -6.55 -1.97
H22 DPV X . 17.41 -8.57 -0.70
H22A DPV X . 18.42 -8.09 0.67
H23 DPV X . 17.19 -5.95 0.95
H23A DPV X . 15.98 -7.19 0.78
H23B DPV X . 16.40 -6.14 -0.63
N DPV Y . 21.93 -1.73 5.82
P DPV Y . 19.11 2.22 3.83
C1 DPV Y . 17.24 2.46 2.01
C2 DPV Y . 15.91 1.84 1.64
C3 DPV Y . 15.09 2.73 0.65
C4 DPV Y . 20.74 0.35 4.74
C5 DPV Y . 20.62 -1.10 5.24
C6 DPV Y . 22.40 -0.98 7.06
C7 DPV Y . 23.08 -1.76 4.78
C8 DPV Y . 21.57 -3.19 6.23
C15 DPV Y . 13.82 2.06 0.13
C16 DPV Y . 14.04 0.91 -0.90
C17 DPV Y . 12.76 0.58 -1.70
C18 DPV Y . 12.92 -0.64 -2.64
C19 DPV Y . 11.58 -0.96 -3.34
O1P DPV Y . 18.83 3.00 5.05
C20 DPV Y . 11.67 -2.22 -4.26
C21 DPV Y . 12.25 -1.88 -5.65
C22 DPV Y . 12.13 -3.06 -6.64
C23 DPV Y . 12.47 -2.67 -8.08
O2P DPV Y . 20.04 2.91 2.92
O3P DPV Y . 17.76 1.72 3.14
O4P DPV Y . 19.46 0.69 4.11
H1 DPV Y . 17.91 2.35 1.16
H1A DPV Y . 17.09 3.51 2.23
H2 DPV Y . 16.10 0.86 1.17
H2A DPV Y . 15.31 1.67 2.55
H3 DPV Y . 15.72 2.97 -0.22
H3A DPV Y . 14.79 3.68 1.09
H4 DPV Y . 20.97 1.04 5.56
H4A DPV Y . 21.55 0.40 4.01
H5 DPV Y . 19.88 -1.11 6.07
H5A DPV Y . 20.27 -1.75 4.43
H6 DPV Y . 21.55 -0.84 7.73
H6A DPV Y . 22.81 -0.02 6.76
H6B DPV Y . 23.16 -1.55 7.59
H7 DPV Y . 22.66 -2.12 3.81
H7A DPV Y . 23.86 -2.47 5.14
H7B DPV Y . 23.47 -0.71 4.71
H8 DPV Y . 21.21 -3.72 5.35
H8A DPV Y . 20.77 -3.16 6.99
H8B DPV Y . 22.47 -3.69 6.59
H15 DPV Y . 13.20 2.85 -0.35
H15A DPV Y . 13.19 1.69 0.97
H16 DPV Y . 14.81 1.23 -1.60
H16A DPV Y . 14.39 0.02 -0.40
H17 DPV Y . 11.92 0.33 -1.03
H17A DPV Y . 12.46 1.48 -2.29
H18 DPV Y . 13.67 -0.42 -3.37
H18A DPV Y . 13.24 -1.49 -2.09
H19 DPV Y . 10.78 -1.15 -2.59
H19A DPV Y . 11.27 -0.07 -3.94
H20 DPV Y . 12.28 -2.98 -3.78
H20A DPV Y . 10.68 -2.62 -4.44
H21 DPV Y . 11.75 -1.04 -6.10
H21A DPV Y . 13.28 -1.58 -5.54
H22 DPV Y . 12.76 -3.88 -6.35
H22A DPV Y . 11.10 -3.40 -6.65
H23 DPV Y . 12.36 -3.49 -8.78
H23A DPV Y . 13.47 -2.28 -8.14
H23B DPV Y . 11.77 -1.89 -8.41
N DPV Z . 5.06 3.66 6.80
P DPV Z . 7.42 2.49 2.86
C1 DPV Z . 9.62 1.11 2.69
C2 DPV Z . 10.37 -0.01 3.37
C3 DPV Z . 11.59 -0.52 2.54
C4 DPV Z . 5.26 2.87 4.28
C5 DPV Z . 4.74 2.57 5.70
C6 DPV Z . 4.35 5.00 6.49
C7 DPV Z . 6.54 3.90 6.92
C8 DPV Z . 4.56 3.10 8.19
C15 DPV Z . 11.19 -1.48 1.35
C16 DPV Z . 12.33 -2.50 1.04
C17 DPV Z . 11.85 -3.56 0.00
C18 DPV Z . 12.92 -4.67 -0.23
C19 DPV Z . 12.55 -5.60 -1.41
O1P DPV Z . 6.74 2.04 1.62
C20 DPV Z . 13.62 -6.71 -1.57
C21 DPV Z . 13.30 -7.71 -2.73
C22 DPV Z . 14.49 -8.65 -3.04
C23 DPV Z . 15.66 -7.99 -3.78
O2P DPV Z . 8.00 3.83 2.74
O3P DPV Z . 8.43 1.42 3.44
O4P DPV Z . 6.57 2.27 4.20
H1 DPV Z . 10.20 2.04 2.66
H1A DPV Z . 9.35 0.81 1.67
H2 DPV Z . 10.77 0.36 4.32
H2A DPV Z . 9.70 -0.84 3.57
H3 DPV Z . 12.27 -1.07 3.21
H3A DPV Z . 12.16 0.34 2.17
H4 DPV Z . 4.61 2.33 3.56
H4A DPV Z . 5.29 3.96 4.09
H5 DPV Z . 3.65 2.51 5.67
H5A DPV Z . 5.15 1.62 6.06
H6 DPV Z . 3.29 4.80 6.25
H6A DPV Z . 4.78 5.49 5.60
H6B DPV Z . 4.44 5.66 7.36
H7 DPV Z . 6.97 4.15 5.94
H7A DPV Z . 7.01 3.00 7.29
H7B DPV Z . 6.70 4.73 7.61
H8 DPV Z . 5.05 2.15 8.39
H8A DPV Z . 3.49 2.92 8.12
H8B DPV Z . 4.79 3.83 8.98
H15 DPV Z . 10.97 -0.93 0.46
H15A DPV Z . 10.31 -2.05 1.67
H16 DPV Z . 13.17 -1.94 0.62
H16A DPV Z . 12.66 -2.99 1.95
H17 DPV Z . 10.93 -4.04 0.37
H17A DPV Z . 11.60 -3.06 -0.95
H18 DPV Z . 13.89 -4.16 -0.49
H18A DPV Z . 13.06 -5.26 0.69
H19 DPV Z . 11.56 -6.03 -1.17
H19A DPV Z . 12.42 -5.04 -2.36
H20 DPV Z . 14.61 -6.26 -1.75
H20A DPV Z . 13.72 -7.28 -0.63
H21 DPV Z . 12.43 -8.31 -2.44
H21A DPV Z . 13.02 -7.15 -3.63
H22 DPV Z . 14.86 -9.08 -2.11
H22A DPV Z . 14.15 -9.49 -3.64
H23 DPV Z . 16.46 -8.69 -3.91
H23A DPV Z . 16.04 -7.13 -3.25
H23B DPV Z . 15.32 -7.63 -4.74
N DPV AA . 7.73 6.29 -13.94
P DPV AA . 4.15 3.29 -11.63
C1 DPV AA . 5.86 1.83 -10.27
C2 DPV AA . 6.39 1.64 -8.82
C3 DPV AA . 7.51 0.56 -8.81
C4 DPV AA . 5.59 5.06 -12.93
C5 DPV AA . 6.91 5.86 -12.64
C6 DPV AA . 8.17 5.09 -14.81
C7 DPV AA . 9.02 7.06 -13.50
C8 DPV AA . 6.92 7.23 -14.83
C15 DPV AA . 7.86 0.07 -7.36
C16 DPV AA . 8.58 -1.28 -7.32
C17 DPV AA . 7.60 -2.51 -7.45
C18 DPV AA . 8.30 -3.86 -7.67
C19 DPV AA . 8.50 -4.72 -6.38
O1P DPV AA . 2.79 3.87 -11.51
C20 DPV AA . 9.23 -6.03 -6.68
C21 DPV AA . 9.30 -6.98 -5.46
C22 DPV AA . 9.97 -8.35 -5.83
C23 DPV AA . 9.87 -9.37 -4.68
O2P DPV AA . 4.25 2.35 -12.72
O3P DPV AA . 4.76 2.78 -10.23
O4P DPV AA . 5.27 4.40 -11.65
H1 DPV AA . 6.62 2.24 -10.94
H1A DPV AA . 5.51 0.88 -10.66
H2 DPV AA . 6.77 2.54 -8.36
H2A DPV AA . 5.57 1.29 -8.23
H3 DPV AA . 8.40 0.96 -9.29
H3A DPV AA . 7.17 -0.29 -9.40
H4 DPV AA . 4.75 5.74 -13.20
H4A DPV AA . 5.71 4.30 -13.69
H5 DPV AA . 6.64 6.76 -12.10
H5A DPV AA . 7.56 5.22 -12.03
H6 DPV AA . 7.32 4.53 -15.19
H6A DPV AA . 8.79 4.42 -14.22
H6B DPV AA . 8.76 5.47 -15.65
H7 DPV AA . 9.59 7.36 -14.40
H7A DPV AA . 9.61 6.43 -12.84
H7B DPV AA . 8.73 7.95 -12.94
H8 DPV AA . 6.61 8.08 -14.23
H8A DPV AA . 6.08 6.66 -15.25
H8B DPV AA . 7.59 7.58 -15.63
H15 DPV AA . 6.93 0.03 -6.74
H15A DPV AA . 8.50 0.80 -6.84
H16 DPV AA . 9.33 -1.28 -8.10
H16A DPV AA . 9.13 -1.37 -6.38
H17 DPV AA . 6.90 -2.53 -6.59
H17A DPV AA . 7.00 -2.34 -8.35
H18 DPV AA . 7.68 -4.44 -8.37
H18A DPV AA . 9.24 -3.71 -8.17
H19 DPV AA . 9.13 -4.16 -5.64
H19A DPV AA . 7.52 -4.96 -5.91
H20 DPV AA . 8.74 -6.56 -7.53
H20A DPV AA . 10.25 -5.79 -7.03
H21 DPV AA . 9.88 -6.53 -4.64
H21A DPV AA . 8.27 -7.16 -5.11
H22 DPV AA . 9.44 -8.76 -6.72
H22A DPV AA . 11.01 -8.18 -6.11
H23 DPV AA . 10.23 -10.36 -5.00
H23A DPV AA . 8.83 -9.47 -4.36
H23B DPV AA . 10.45 -9.05 -3.80
N DPV BA . -1.05 -19.04 10.50
P DPV BA . -5.17 -20.09 8.38
C1 DPV BA . -5.69 -17.73 7.40
C2 DPV BA . -5.10 -16.34 7.39
C3 DPV BA . -6.18 -15.28 7.06
C4 DPV BA . -3.47 -20.22 10.36
C5 DPV BA . -1.92 -20.36 10.67
C6 DPV BA . -1.10 -18.52 9.07
C7 DPV BA . 0.40 -19.35 10.87
C8 DPV BA . -1.53 -17.91 11.46
C15 DPV BA . -5.64 -13.86 7.30
C16 DPV BA . -6.68 -12.76 6.96
C17 DPV BA . -6.15 -11.31 7.22
C18 DPV BA . -5.37 -10.70 6.02
C19 DPV BA . -4.83 -9.27 6.30
O1P DPV BA . -5.55 -21.00 7.27
C20 DPV BA . -4.37 -8.53 5.01
C21 DPV BA . -3.01 -9.09 4.48
C22 DPV BA . -2.72 -8.53 3.04
C23 DPV BA . -1.29 -8.92 2.58
O2P DPV BA . -6.21 -20.06 9.47
O3P DPV BA . -4.69 -18.63 7.89
O4P DPV BA . -3.69 -20.35 8.93
H1 DPV BA . -6.54 -17.77 8.05
H1A DPV BA . -5.96 -18.06 6.42
H2 DPV BA . -4.60 -16.15 8.34
H2A DPV BA . -4.31 -16.25 6.62
H3 DPV BA . -7.10 -15.47 7.65
H3A DPV BA . -6.47 -15.36 6.00
H4 DPV BA . -4.06 -21.03 10.85
H4A DPV BA . -3.84 -19.25 10.72
H5 DPV BA . -1.77 -20.69 11.70
H5A DPV BA . -1.47 -21.10 9.98
H6 DPV BA . -2.09 -18.08 8.88
H6A DPV BA . -0.92 -19.37 8.40
H6B DPV BA . -0.37 -17.72 8.90
H7 DPV BA . 0.45 -19.78 11.90
H7A DPV BA . 1.00 -18.45 10.78
H7B DPV BA . 0.79 -20.09 10.15
H8 DPV BA . -1.53 -18.29 12.48
H8A DPV BA . -2.53 -17.64 11.19
H8B DPV BA . -0.87 -17.05 11.35
H15 DPV BA . -4.75 -13.71 6.67
H15A DPV BA . -5.33 -13.74 8.34
H16 DPV BA . -7.04 -12.83 5.92
H16A DPV BA . -7.57 -12.92 7.53
H17 DPV BA . -7.03 -10.70 7.39
H17A DPV BA . -5.56 -11.28 8.13
H18 DPV BA . -4.54 -11.34 5.76
H18A DPV BA . -6.03 -10.67 5.14
H19 DPV BA . -5.62 -8.67 6.74
H19A DPV BA . -4.00 -9.36 7.01
H20 DPV BA . -5.11 -8.63 4.22
H20A DPV BA . -4.25 -7.49 5.23
H21 DPV BA . -2.17 -8.80 5.15
H21A DPV BA . -3.03 -10.20 4.45
H22 DPV BA . -3.45 -8.96 2.33
H22A DPV BA . -2.81 -7.45 2.99
H23 DPV BA . -0.54 -8.50 3.26
H23A DPV BA . -1.11 -8.51 1.57
H23B DPV BA . -1.17 -10.00 2.53
N DPV CA . -10.13 -25.57 2.68
P DPV CA . -8.98 -26.06 -1.81
C1 DPV CA . -9.97 -25.20 -4.05
C2 DPV CA . -10.92 -24.08 -4.46
C3 DPV CA . -10.71 -22.83 -3.54
C4 DPV CA . -10.13 -24.71 0.11
C5 DPV CA . -10.94 -24.94 1.46
C6 DPV CA . -9.64 -26.97 2.37
C7 DPV CA . -11.02 -25.60 3.91
C8 DPV CA . -8.93 -24.70 2.99
C15 DPV CA . -11.50 -21.60 -4.02
C16 DPV CA . -10.79 -20.80 -5.17
C17 DPV CA . -9.87 -19.63 -4.71
C18 DPV CA . -8.44 -20.10 -4.30
C19 DPV CA . -7.43 -18.89 -4.21
O1P DPV CA . -7.87 -25.10 -1.74
C20 DPV CA . -6.04 -19.48 -3.86
C21 DPV CA . -4.93 -18.39 -3.85
C22 DPV CA . -3.58 -18.91 -3.24
C23 DPV CA . -2.70 -19.71 -4.22
O2P DPV CA . -8.57 -27.46 -2.13
O3P DPV CA . -10.22 -25.54 -2.69
O4P DPV CA . -9.94 -26.00 -0.53
H1 DPV CA . -10.13 -26.11 -4.70
H1A DPV CA . -8.91 -24.87 -4.16
H2 DPV CA . -10.71 -23.80 -5.49
H2A DPV CA . -11.94 -24.44 -4.36
H3 DPV CA . -9.67 -22.58 -3.49
H3A DPV CA . -11.01 -23.08 -2.54
H4 DPV CA . -10.69 -24.03 -0.58
H4A DPV CA . -9.17 -24.27 0.31
H5 DPV CA . -11.28 -24.01 1.83
H5A DPV CA . -11.80 -25.55 1.24
H6 DPV CA . -9.13 -27.39 3.25
H6A DPV CA . -8.96 -26.95 1.51
H6B DPV CA . -10.52 -27.60 2.17
H7 DPV CA . -11.81 -26.32 3.71
H7A DPV CA . -11.44 -24.63 4.02
H7B DPV CA . -10.43 -25.87 4.78
H8 DPV CA . -8.22 -24.74 2.16
H8A DPV CA . -8.43 -25.10 3.89
H8B DPV CA . -9.25 -23.65 3.15
H15 DPV CA . -11.69 -20.91 -3.19
H15A DPV CA . -12.50 -21.95 -4.37
H16 DPV CA . -10.25 -21.48 -5.82
H16A DPV CA . -11.56 -20.41 -5.85
H17 DPV CA . -9.78 -18.91 -5.54
H17A DPV CA . -10.39 -19.10 -3.88
H18 DPV CA . -8.50 -20.59 -3.33
H18A DPV CA . -8.03 -20.79 -5.05
H19 DPV CA . -7.38 -18.34 -5.16
H19A DPV CA . -7.77 -18.18 -3.46
H20 DPV CA . -6.13 -19.95 -2.86
H20A DPV CA . -5.76 -20.23 -4.58
H21 DPV CA . -4.75 -18.01 -4.86
H21A DPV CA . -5.25 -17.54 -3.25
H22 DPV CA . -3.02 -18.05 -2.88
H22A DPV CA . -3.79 -19.50 -2.39
H23 DPV CA . -1.70 -19.86 -3.80
H23A DPV CA . -2.59 -19.14 -5.15
H23B DPV CA . -3.14 -20.69 -4.46
N DPV DA . -3.37 -24.28 -20.11
P DPV DA . -2.26 -19.66 -20.24
C1 DPV DA . -2.01 -19.99 -17.66
C2 DPV DA . -0.91 -20.26 -16.57
C3 DPV DA . -1.55 -20.74 -15.27
C4 DPV DA . -2.99 -21.91 -21.39
C5 DPV DA . -2.72 -23.49 -21.30
C6 DPV DA . -2.77 -23.90 -18.75
C7 DPV DA . -3.12 -25.78 -20.36
C8 DPV DA . -4.88 -24.08 -20.06
C15 DPV DA . -0.50 -21.10 -14.15
C16 DPV DA . -1.20 -21.59 -12.85
C17 DPV DA . -0.23 -21.59 -11.66
C18 DPV DA . -0.85 -22.01 -10.29
C19 DPV DA . -1.49 -20.81 -9.52
O1P DPV DA . -1.60 -18.98 -21.36
C20 DPV DA . -1.93 -21.11 -8.05
C21 DPV DA . -3.25 -21.95 -7.86
C22 DPV DA . -3.02 -23.48 -7.44
C23 DPV DA . -2.62 -23.62 -5.94
O2P DPV DA . -3.61 -19.12 -19.93
O3P DPV DA . -1.34 -19.83 -18.95
O4P DPV DA . -2.23 -21.26 -20.36
H1 DPV DA . -2.71 -20.82 -17.73
H1A DPV DA . -2.53 -19.04 -17.45
H2 DPV DA . -0.19 -21.02 -16.90
H2A DPV DA . -0.36 -19.32 -16.43
H3 DPV DA . -2.19 -21.59 -15.53
H3A DPV DA . -2.25 -20.01 -14.89
H4 DPV DA . -2.63 -21.52 -22.35
H4A DPV DA . -4.09 -21.70 -21.26
H5 DPV DA . -3.12 -23.94 -22.23
H5A DPV DA . -1.63 -23.68 -21.25
H6 DPV DA . -1.69 -24.14 -18.77
H6A DPV DA . -3.30 -24.45 -17.96
H6B DPV DA . -2.90 -22.82 -18.62
H7 DPV DA . -3.38 -26.01 -21.40
H7A DPV DA . -3.77 -26.35 -19.67
H7B DPV DA . -2.06 -25.99 -20.19
H8 DPV DA . -5.12 -23.05 -19.79
H8A DPV DA . -5.29 -24.75 -19.32
H8B DPV DA . -5.28 -24.26 -21.06
H15 DPV DA . 0.08 -20.21 -13.94
H15A DPV DA . 0.18 -21.89 -14.53
H16 DPV DA . -2.00 -20.87 -12.58
H16A DPV DA . -1.65 -22.58 -13.01
H17 DPV DA . 0.56 -22.30 -11.91
H17A DPV DA . 0.23 -20.61 -11.57
H18 DPV DA . -1.64 -22.77 -10.45
H18A DPV DA . -0.08 -22.45 -9.64
H19 DPV DA . -0.81 -19.98 -9.48
H19A DPV DA . -2.37 -20.47 -10.09
H20 DPV DA . -1.08 -21.55 -7.50
H20A DPV DA . -2.08 -20.13 -7.57
H21 DPV DA . -3.90 -21.48 -7.14
H21A DPV DA . -3.89 -21.95 -8.76
H22 DPV DA . -3.95 -23.99 -7.56
H22A DPV DA . -2.22 -23.90 -8.02
H23 DPV DA . -3.33 -23.13 -5.29
H23A DPV DA . -1.63 -23.19 -5.76
H23B DPV DA . -2.56 -24.65 -5.62
N DPV EA . -1.75 -35.19 -10.55
P DPV EA . 0.10 -30.36 -9.91
C1 DPV EA . 0.33 -29.03 -7.66
C2 DPV EA . -0.10 -27.54 -7.52
C3 DPV EA . 1.01 -26.73 -6.82
C4 DPV EA . -0.63 -32.81 -10.06
C5 DPV EA . -1.93 -33.62 -10.44
C6 DPV EA . -1.30 -35.78 -9.22
C7 DPV EA . -0.76 -35.55 -11.65
C8 DPV EA . -3.11 -35.82 -10.90
C15 DPV EA . 0.61 -25.24 -6.73
C16 DPV EA . 1.84 -24.32 -6.52
C17 DPV EA . 1.47 -22.80 -6.65
C18 DPV EA . 2.75 -21.90 -6.72
C19 DPV EA . 2.35 -20.41 -6.93
O1P DPV EA . 1.49 -30.80 -9.67
C20 DPV EA . 3.59 -19.52 -7.11
C21 DPV EA . 3.26 -17.99 -7.20
C22 DPV EA . 4.50 -17.10 -7.45
C23 DPV EA . 4.21 -15.59 -7.44
O2P DPV EA . -0.03 -29.62 -11.17
O3P DPV EA . -0.53 -29.61 -8.67
O4P DPV EA . -0.98 -31.50 -9.71
H1 DPV EA . 1.37 -29.11 -8.02
H1A DPV EA . 0.20 -29.56 -6.74
H2 DPV EA . -0.30 -27.17 -8.52
H2A DPV EA . -0.97 -27.43 -6.93
H3 DPV EA . 1.94 -26.82 -7.42
H3A DPV EA . 1.24 -27.10 -5.82
H4 DPV EA . -0.16 -33.33 -9.22
H4A DPV EA . 0.09 -32.77 -10.88
H5 DPV EA . -2.73 -33.40 -9.69
H5A DPV EA . -2.31 -33.25 -11.39
H6 DPV EA . -2.01 -35.47 -8.47
H6A DPV EA . -0.32 -35.41 -8.97
H6B DPV EA . -1.30 -36.86 -9.28
H7 DPV EA . -1.12 -35.05 -12.60
H7A DPV EA . -0.74 -36.67 -11.78
H7B DPV EA . 0.25 -35.14 -11.37
H8 DPV EA . -3.47 -35.41 -11.84
H8A DPV EA . -3.83 -35.57 -10.12
H8B DPV EA . -2.98 -36.90 -10.96
H15 DPV EA . -0.06 -25.13 -5.90
H15A DPV EA . 0.12 -24.94 -7.63
H16 DPV EA . 2.25 -24.56 -5.52
H16A DPV EA . 2.61 -24.54 -7.23
H17 DPV EA . 0.90 -22.66 -7.56
H17A DPV EA . 0.83 -22.50 -5.81
H18 DPV EA . 3.28 -22.06 -5.76
H18A DPV EA . 3.39 -22.21 -7.55
H19 DPV EA . 1.72 -20.35 -7.80
H19A DPV EA . 1.76 -20.08 -6.07
H20 DPV EA . 4.29 -19.70 -6.28
H20A DPV EA . 4.12 -19.80 -8.01
H21 DPV EA . 2.57 -17.84 -8.04
H21A DPV EA . 2.72 -17.71 -6.30
H22 DPV EA . 5.20 -17.31 -6.64
H22A DPV EA . 5.02 -17.39 -8.41
H23 DPV EA . 3.49 -15.32 -8.22
H23A DPV EA . 5.14 -15.04 -7.60
H23B DPV EA . 3.77 -15.26 -6.50
N DPV FA . -5.02 -32.63 -1.79
P DPV FA . -3.92 -27.67 -0.83
C1 DPV FA . -2.53 -26.62 -2.78
C2 DPV FA . -1.25 -25.86 -3.04
C3 DPV FA . -1.25 -24.46 -2.36
C4 DPV FA . -4.42 -30.21 -0.85
C5 DPV FA . -3.90 -31.61 -1.33
C6 DPV FA . -5.70 -32.12 -3.07
C7 DPV FA . -6.07 -32.92 -0.72
C8 DPV FA . -4.33 -33.94 -2.18
C15 DPV FA . -0.09 -23.59 -2.90
C16 DPV FA . 0.13 -22.33 -2.03
C17 DPV FA . 1.11 -21.31 -2.75
C18 DPV FA . 1.63 -20.27 -1.75
C19 DPV FA . 2.36 -19.07 -2.39
O1P DPV FA . -5.11 -27.21 -1.56
C20 DPV FA . 3.77 -19.40 -2.96
C21 DPV FA . 4.54 -18.11 -3.34
C22 DPV FA . 5.93 -18.42 -3.97
C23 DPV FA . 6.97 -18.99 -2.95
O2P DPV FA . -4.09 -27.45 0.62
O3P DPV FA . -2.55 -27.05 -1.41
O4P DPV FA . -3.48 -29.16 -1.20
H1 DPV FA . -3.43 -25.98 -2.95
H1A DPV FA . -2.55 -27.50 -3.43
H2 DPV FA . -0.39 -26.46 -2.71
H2A DPV FA . -1.20 -25.69 -4.15
H3 DPV FA . -1.21 -24.56 -1.26
H3A DPV FA . -2.19 -23.96 -2.58
H4 DPV FA . -5.39 -29.97 -1.34
H4A DPV FA . -4.54 -30.20 0.23
H5 DPV FA . -3.21 -31.50 -2.16
H5A DPV FA . -3.38 -32.06 -0.50
H6 DPV FA . -6.21 -31.18 -2.86
H6A DPV FA . -6.40 -32.89 -3.44
H6B DPV FA . -4.93 -31.96 -3.84
H7 DPV FA . -5.53 -33.27 0.16
H7A DPV FA . -6.77 -33.66 -1.10
H7B DPV FA . -6.63 -32.01 -0.50
H8 DPV FA . -5.13 -34.64 -2.51
H8A DPV FA . -3.81 -34.34 -1.28
H8B DPV FA . -3.60 -33.74 -2.98
H15 DPV FA . -0.31 -23.26 -3.91
H15A DPV FA . 0.84 -24.16 -2.92
H16 DPV FA . -0.78 -21.85 -1.84
H16A DPV FA . 0.58 -22.65 -1.12
H17 DPV FA . 1.96 -21.82 -3.19
H17A DPV FA . 0.57 -20.85 -3.59
H18 DPV FA . 0.80 -19.88 -1.19
H18A DPV FA . 2.31 -20.77 -1.07
H19 DPV FA . 1.72 -18.68 -3.22
H19A DPV FA . 2.46 -18.28 -1.65
H20 DPV FA . 4.36 -20.00 -2.22
H20A DPV FA . 3.64 -20.01 -3.87
H21 DPV FA . 3.94 -17.58 -4.06
H21A DPV FA . 4.67 -17.45 -2.48
H22 DPV FA . 5.83 -19.09 -4.83
H22A DPV FA . 6.37 -17.48 -4.38
H23 DPV FA . 7.10 -18.28 -2.13
H23A DPV FA . 7.93 -19.16 -3.42
H23B DPV FA . 6.65 -19.95 -2.55
N DPV GA . 0.28 -31.28 -14.73
P DPV GA . 5.29 -31.99 -15.50
C1 DPV GA . 5.92 -33.63 -13.59
C2 DPV GA . 7.17 -34.50 -13.24
C3 DPV GA . 8.49 -33.65 -13.21
C4 DPV GA . 2.68 -31.81 -15.81
C5 DPV GA . 1.57 -32.18 -14.76
C6 DPV GA . 0.61 -29.81 -14.39
C7 DPV GA . -0.63 -31.86 -13.67
C8 DPV GA . -0.44 -31.33 -16.08
C15 DPV GA . 9.65 -34.41 -12.48
C16 DPV GA . 11.04 -33.69 -12.68
C17 DPV GA . 11.22 -32.44 -11.73
C18 DPV GA . 12.34 -31.49 -12.24
C19 DPV GA . 12.41 -30.15 -11.43
O1P DPV GA . 5.80 -31.58 -16.81
C20 DPV GA . 13.31 -30.24 -10.15
C21 DPV GA . 12.74 -29.43 -8.96
C22 DPV GA . 13.72 -29.28 -7.78
C23 DPV GA . 14.20 -30.64 -7.17
O2P DPV GA . 5.41 -30.88 -14.50
O3P DPV GA . 5.92 -33.35 -14.99
O4P DPV GA . 3.86 -32.65 -15.58
H1 DPV GA . 5.00 -34.15 -13.31
H1A DPV GA . 6.00 -32.70 -13.03
H2 DPV GA . 7.01 -34.99 -12.26
H2A DPV GA . 7.27 -35.30 -13.99
H3 DPV GA . 8.32 -32.69 -12.71
H3A DPV GA . 8.80 -33.39 -14.24
H4 DPV GA . 2.31 -31.97 -16.86
H4A DPV GA . 2.97 -30.75 -15.68
H5 DPV GA . 1.22 -33.20 -14.97
H5A DPV GA . 2.02 -32.17 -13.75
H6 DPV GA . 1.18 -29.39 -15.23
H6A DPV GA . 1.18 -29.81 -13.45
H6B DPV GA . -0.32 -29.25 -14.27
H7 DPV GA . -0.83 -32.92 -13.89
H7A DPV GA . -1.58 -31.30 -13.68
H7B DPV GA . -0.19 -31.74 -12.68
H8 DPV GA . -0.63 -32.35 -16.38
H8A DPV GA . 0.19 -30.88 -16.83
H8B DPV GA . -1.40 -30.82 -16.01
H15 DPV GA . 9.68 -35.40 -12.93
H15A DPV GA . 9.43 -34.52 -11.43
H16 DPV GA . 11.86 -34.39 -12.46
H16A DPV GA . 11.09 -33.36 -13.75
H17 DPV GA . 10.27 -31.88 -11.69
H17A DPV GA . 11.46 -32.79 -10.71
H18 DPV GA . 13.27 -32.00 -12.22
H18A DPV GA . 12.16 -31.22 -13.25
H19 DPV GA . 12.83 -29.35 -12.07
H19A DPV GA . 11.37 -29.87 -11.13
H20 DPV GA . 13.41 -31.29 -9.83
H20A DPV GA . 14.33 -29.93 -10.40
H21 DPV GA . 12.48 -28.43 -9.29
H21A DPV GA . 11.83 -29.88 -8.59
H22 DPV GA . 14.59 -28.72 -8.11
H22A DPV GA . 13.25 -28.69 -6.99
H23 DPV GA . 14.72 -31.23 -7.91
H23A DPV GA . 13.36 -31.24 -6.81
H23B DPV GA . 14.82 -30.51 -6.32
N DPV HA . 15.77 -28.63 -21.67
P DPV HA . 10.96 -27.50 -20.25
C1 DPV HA . 10.47 -25.69 -18.38
C2 DPV HA . 11.79 -25.49 -17.60
C3 DPV HA . 11.46 -25.26 -16.11
C4 DPV HA . 13.33 -28.30 -20.75
C5 DPV HA . 14.64 -27.64 -21.30
C6 DPV HA . 16.35 -29.36 -20.41
C7 DPV HA . 16.91 -27.79 -22.29
C8 DPV HA . 15.37 -29.69 -22.73
C15 DPV HA . 12.72 -25.00 -15.23
C16 DPV HA . 12.28 -24.74 -13.73
C17 DPV HA . 13.45 -24.76 -12.72
C18 DPV HA . 12.95 -25.31 -11.34
C19 DPV HA . 14.08 -25.33 -10.24
O1P DPV HA . 10.30 -27.83 -21.53
C20 DPV HA . 15.12 -26.45 -10.47
C21 DPV HA . 16.10 -26.61 -9.26
C22 DPV HA . 16.99 -27.89 -9.47
C23 DPV HA . 17.91 -28.12 -8.26
O2P DPV HA . 10.62 -28.48 -19.19
O3P DPV HA . 10.75 -25.97 -19.79
O4P DPV HA . 12.49 -27.22 -20.40
H1 DPV HA . 9.93 -26.52 -17.95
H1A DPV HA . 9.88 -24.76 -18.32
H2 DPV HA . 12.41 -26.39 -17.75
H2A DPV HA . 12.34 -24.59 -18.03
H3 DPV HA . 10.92 -26.09 -15.70
H3A DPV HA . 10.85 -24.37 -16.04
H4 DPV HA . 12.79 -28.89 -21.51
H4A DPV HA . 13.54 -28.94 -19.84
H5 DPV HA . 14.38 -27.10 -22.20
H5A DPV HA . 15.04 -26.94 -20.58
H6 DPV HA . 17.16 -30.02 -20.72
H6A DPV HA . 15.57 -29.96 -19.96
H6B DPV HA . 16.70 -28.62 -19.70
H7 DPV HA . 16.53 -27.27 -23.20
H7A DPV HA . 17.74 -28.45 -22.61
H7B DPV HA . 17.31 -27.04 -21.56
H8 DPV HA . 14.89 -29.19 -23.60
H8A DPV HA . 14.66 -30.39 -22.28
H8B DPV HA . 16.24 -30.25 -23.06
H15 DPV HA . 13.29 -24.13 -15.58
H15A DPV HA . 13.38 -25.88 -15.28
H16 DPV HA . 11.75 -23.82 -13.65
H16A DPV HA . 11.58 -25.54 -13.47
H17 DPV HA . 14.27 -25.41 -13.12
H17A DPV HA . 13.86 -23.73 -12.59
H18 DPV HA . 12.13 -24.70 -10.96
H18A DPV HA . 12.55 -26.33 -11.46
H19 DPV HA . 14.60 -24.36 -10.21
H19A DPV HA . 13.58 -25.49 -9.27
H20 DPV HA . 14.59 -27.40 -10.67
H20A DPV HA . 15.68 -26.21 -11.37
H21 DPV HA . 16.70 -25.76 -9.17
H21A DPV HA . 15.50 -26.67 -8.36
H22 DPV HA . 16.35 -28.82 -9.62
H22A DPV HA . 17.59 -27.77 -10.38
H23 DPV HA . 18.53 -27.26 -8.09
H23A DPV HA . 18.56 -28.97 -8.44
H23B DPV HA . 17.32 -28.34 -7.37
N DPV IA . 18.42 -32.22 -13.09
P DPV IA . 15.44 -34.64 -10.31
C1 DPV IA . 14.74 -35.67 -12.60
C2 DPV IA . 14.76 -34.77 -13.84
C3 DPV IA . 13.79 -35.29 -14.97
C4 DPV IA . 16.42 -32.36 -11.32
C5 DPV IA . 17.77 -31.71 -11.73
C6 DPV IA . 19.73 -31.44 -13.32
C7 DPV IA . 17.51 -31.93 -14.29
C8 DPV IA . 18.78 -33.73 -13.06
C15 DPV IA . 13.76 -34.33 -16.17
C16 DPV IA . 12.93 -33.04 -15.87
C17 DPV IA . 13.17 -31.93 -16.98
C18 DPV IA . 13.03 -30.50 -16.42
C19 DPV IA . 14.29 -30.05 -15.59
O1P DPV IA . 15.67 -35.58 -9.16
C20 DPV IA . 14.04 -28.73 -14.88
C21 DPV IA . 15.14 -28.45 -13.81
C22 DPV IA . 16.45 -27.90 -14.40
C23 DPV IA . 17.48 -27.60 -13.35
O2P DPV IA . 14.10 -34.00 -10.23
O3P DPV IA . 15.80 -35.28 -11.74
O4P DPV IA . 16.64 -33.60 -10.51
H1 DPV IA . 13.78 -35.54 -12.09
H1A DPV IA . 14.89 -36.72 -12.86
H2 DPV IA . 14.40 -33.78 -13.54
H2A DPV IA . 15.76 -34.69 -14.23
H3 DPV IA . 12.79 -35.43 -14.60
H3A DPV IA . 14.10 -36.29 -15.31
H4 DPV IA . 15.89 -31.63 -10.69
H4A DPV IA . 15.82 -32.63 -12.18
H5 DPV IA . 17.65 -30.63 -11.84
H5A DPV IA . 18.55 -31.90 -10.94
H6 DPV IA . 20.17 -31.74 -14.29
H6A DPV IA . 20.43 -31.69 -12.50
H6B DPV IA . 19.53 -30.36 -13.29
H7 DPV IA . 18.04 -32.17 -15.21
H7A DPV IA . 17.30 -30.86 -14.35
H7B DPV IA . 16.59 -32.52 -14.21
H8 DPV IA . 17.87 -34.30 -13.00
H8A DPV IA . 19.44 -33.91 -12.21
H8B DPV IA . 19.32 -34.01 -13.97
H15 DPV IA . 13.30 -34.87 -17.00
H15A DPV IA . 14.75 -34.08 -16.47
H16 DPV IA . 11.86 -33.30 -15.82
H16A DPV IA . 13.19 -32.62 -14.87
H17 DPV IA . 14.13 -32.05 -17.43
H17A DPV IA . 12.45 -32.07 -17.75
H18 DPV IA . 12.88 -29.81 -17.27
H18A DPV IA . 12.12 -30.41 -15.83
H19 DPV IA . 14.48 -30.81 -14.83
H19A DPV IA . 15.19 -29.99 -16.23
H20 DPV IA . 13.99 -27.90 -15.61
H20A DPV IA . 13.03 -28.77 -14.36
H21 DPV IA . 14.73 -27.70 -13.14
H21A DPV IA . 15.29 -29.38 -13.21
H22 DPV IA . 16.83 -28.61 -15.09
H22A DPV IA . 16.27 -26.96 -14.90
H23 DPV IA . 17.62 -28.45 -12.66
H23A DPV IA . 17.18 -26.73 -12.74
H23B DPV IA . 18.46 -27.33 -13.80
N DPV JA . 31.12 -21.18 -14.04
P DPV JA . 26.90 -22.72 -16.75
C1 DPV JA . 25.24 -24.11 -15.21
C2 DPV JA . 23.84 -23.95 -14.54
C3 DPV JA . 22.68 -23.73 -15.60
C4 DPV JA . 29.03 -21.84 -15.52
C5 DPV JA . 29.66 -21.76 -14.09
C6 DPV JA . 31.25 -19.76 -14.58
C7 DPV JA . 32.08 -22.11 -14.79
C8 DPV JA . 31.55 -21.13 -12.56
C15 DPV JA . 21.32 -23.60 -14.90
C16 DPV JA . 20.24 -23.02 -15.86
C17 DPV JA . 18.87 -22.78 -15.10
C18 DPV JA . 17.80 -22.22 -16.02
C19 DPV JA . 16.48 -21.98 -15.26
O1P DPV JA . 26.86 -21.58 -17.68
C20 DPV JA . 15.33 -21.57 -16.22
C21 DPV JA . 13.98 -21.29 -15.51
C22 DPV JA . 12.85 -21.10 -16.53
C23 DPV JA . 11.47 -20.89 -15.83
O2P DPV JA . 27.32 -23.97 -17.38
O3P DPV JA . 25.54 -22.83 -15.89
O4P DPV JA . 27.70 -22.41 -15.38
H1 DPV JA . 25.98 -24.32 -14.45
H1A DPV JA . 25.22 -24.92 -15.94
H2 DPV JA . 23.63 -24.86 -13.98
H2A DPV JA . 23.90 -23.13 -13.83
H3 DPV JA . 22.61 -24.57 -16.30
H3A DPV JA . 22.85 -22.84 -16.15
H4 DPV JA . 28.93 -20.83 -15.98
H4A DPV JA . 29.62 -22.53 -16.19
H5 DPV JA . 29.03 -21.07 -13.43
H5A DPV JA . 29.68 -22.82 -13.63
H6 DPV JA . 30.62 -19.11 -13.96
H6A DPV JA . 30.94 -19.76 -15.62
H6B DPV JA . 32.28 -19.43 -14.51
H7 DPV JA . 33.11 -21.75 -14.70
H7A DPV JA . 31.79 -22.10 -15.84
H7B DPV JA . 32.00 -23.11 -14.37
H8 DPV JA . 31.55 -22.12 -12.15
H8A DPV JA . 30.83 -20.54 -12.02
H8B DPV JA . 32.53 -20.69 -12.49
H15 DPV JA . 21.40 -23.00 -13.97
H15A DPV JA . 21.00 -24.62 -14.59
H16 DPV JA . 20.62 -22.07 -16.27
H16A DPV JA . 20.09 -23.69 -16.70
H17 DPV JA . 18.55 -23.67 -14.67
H17A DPV JA . 19.03 -22.10 -14.30
H18 DPV JA . 18.19 -21.27 -16.44
H18A DPV JA . 17.65 -22.94 -16.84
H19 DPV JA . 16.17 -22.89 -14.69
H19A DPV JA . 16.63 -21.16 -14.49
H20 DPV JA . 15.63 -20.72 -16.82
H20A DPV JA . 15.17 -22.34 -16.98
H21 DPV JA . 13.73 -22.13 -14.87
H21A DPV JA . 14.07 -20.40 -14.85
H22 DPV JA . 13.06 -20.25 -17.18
H22A DPV JA . 12.80 -21.99 -17.15
H23 DPV JA . 11.49 -20.00 -15.20
H23A DPV JA . 11.25 -21.73 -15.17
H23B DPV JA . 10.69 -20.85 -16.59
N DPV KA . 19.78 -15.51 -23.56
P DPV KA . 23.55 -15.89 -21.28
C1 DPV KA . 22.80 -14.03 -19.56
C2 DPV KA . 23.83 -12.90 -19.70
C3 DPV KA . 23.93 -11.96 -18.45
C4 DPV KA . 21.50 -17.13 -22.32
C5 DPV KA . 20.01 -16.77 -22.62
C6 DPV KA . 20.29 -15.81 -24.99
C7 DPV KA . 20.45 -14.25 -23.00
C8 DPV KA . 18.29 -15.24 -23.64
C15 DPV KA . 22.69 -11.10 -18.18
C16 DPV KA . 23.04 -9.82 -17.29
C17 DPV KA . 21.80 -8.91 -17.07
C18 DPV KA . 22.18 -7.52 -16.47
C19 DPV KA . 20.93 -6.67 -16.02
O1P DPV KA . 24.45 -17.07 -21.40
C20 DPV KA . 20.10 -6.12 -17.21
C21 DPV KA . 18.82 -5.38 -16.73
C22 DPV KA . 17.72 -5.28 -17.84
C23 DPV KA . 16.51 -4.49 -17.36
O2P DPV KA . 23.87 -14.87 -22.28
O3P DPV KA . 23.47 -15.31 -19.77
O4P DPV KA . 22.00 -16.28 -21.26
H1 DPV KA . 22.41 -14.01 -18.56
H1A DPV KA . 21.98 -13.90 -20.26
H2 DPV KA . 24.82 -13.32 -19.82
H2A DPV KA . 23.56 -12.34 -20.60
H3 DPV KA . 24.79 -11.30 -18.57
H3A DPV KA . 24.14 -12.58 -17.58
H4 DPV KA . 21.55 -18.17 -22.04
H4A DPV KA . 22.13 -16.96 -23.19
H5 DPV KA . 19.52 -17.62 -23.13
H5A DPV KA . 19.50 -16.52 -21.68
H6 DPV KA . 19.79 -16.74 -25.34
H6A DPV KA . 21.38 -15.92 -24.97
H6B DPV KA . 20.04 -14.95 -25.63
H7 DPV KA . 20.28 -14.19 -21.94
H7A DPV KA . 20.09 -13.39 -23.52
H7B DPV KA . 21.52 -14.35 -23.15
H8 DPV KA . 17.85 -15.19 -22.65
H8A DPV KA . 17.83 -16.07 -24.17
H8B DPV KA . 18.12 -14.31 -24.19
H15 DPV KA . 21.88 -11.65 -17.71
H15A DPV KA . 22.34 -10.76 -19.19
H16 DPV KA . 23.38 -10.14 -16.36
H16A DPV KA . 23.81 -9.22 -17.78
H17 DPV KA . 21.33 -8.73 -18.05
H17A DPV KA . 21.07 -9.41 -16.43
H18 DPV KA . 22.80 -7.71 -15.55
H18A DPV KA . 22.80 -6.92 -17.21
H19 DPV KA . 20.27 -7.31 -15.36
H19A DPV KA . 21.26 -5.82 -15.38
H20 DPV KA . 20.73 -5.43 -17.78
H20A DPV KA . 19.80 -6.92 -17.87
H21 DPV KA . 18.41 -5.85 -15.85
H21A DPV KA . 19.09 -4.36 -16.41
H22 DPV KA . 18.20 -4.79 -18.71
H22A DPV KA . 17.38 -6.31 -18.16
H23 DPV KA . 15.80 -4.44 -18.18
H23A DPV KA . 16.80 -3.49 -17.08
H23B DPV KA . 16.02 -4.99 -16.54
N DPV LA . 20.43 4.44 -5.20
P DPV LA . 17.11 5.19 -8.22
C1 DPV LA . 16.66 3.85 -10.38
C2 DPV LA . 17.18 2.61 -11.15
C3 DPV LA . 16.27 2.33 -12.39
C4 DPV LA . 17.81 4.81 -5.74
C5 DPV LA . 18.91 4.03 -4.89
C6 DPV LA . 21.30 3.83 -4.10
C7 DPV LA . 20.67 5.96 -5.19
C8 DPV LA . 20.91 3.89 -6.56
C15 DPV LA . 16.46 0.93 -12.95
C16 DPV LA . 15.23 0.50 -13.87
C17 DPV LA . 15.59 -0.62 -14.87
C18 DPV LA . 15.72 -2.05 -14.22
C19 DPV LA . 17.21 -2.46 -14.00
O1P DPV LA . 15.66 5.23 -7.99
C20 DPV LA . 17.34 -3.86 -13.40
C21 DPV LA . 18.85 -4.23 -13.20
C22 DPV LA . 19.01 -5.59 -12.50
C23 DPV LA . 20.49 -5.89 -12.14
O2P DPV LA . 17.71 6.54 -8.44
O3P DPV LA . 17.56 4.12 -9.32
O4P DPV LA . 17.89 4.36 -7.10
H1 DPV LA . 16.61 4.74 -11.03
H1A DPV LA . 15.65 3.64 -9.95
H2 DPV LA . 18.21 2.74 -11.48
H2A DPV LA . 17.19 1.75 -10.52
H3 DPV LA . 16.46 3.07 -13.15
H3A DPV LA . 15.21 2.50 -12.14
H4 DPV LA . 16.83 4.57 -5.35
H4A DPV LA . 17.96 5.88 -5.70
H5 DPV LA . 18.79 4.20 -3.81
H5A DPV LA . 18.83 2.99 -5.09
H6 DPV LA . 21.15 2.75 -4.13
H6A DPV LA . 21.01 4.22 -3.14
H6B DPV LA . 22.34 4.06 -4.27
H7 DPV LA . 20.17 6.46 -6.03
H7A DPV LA . 21.75 6.13 -5.24
H7B DPV LA . 20.30 6.37 -4.25
H8 DPV LA . 22.00 4.04 -6.67
H8A DPV LA . 20.37 4.41 -7.35
H8B DPV LA . 20.66 2.83 -6.66
H15 DPV LA . 16.59 0.19 -12.10
H15A DPV LA . 17.39 0.93 -13.52
H16 DPV LA . 14.37 0.18 -13.27
H16A DPV LA . 14.86 1.38 -14.42
H17 DPV LA . 14.81 -0.69 -15.64
H17A DPV LA . 16.51 -0.32 -15.42
H18 DPV LA . 15.22 -2.03 -13.27
H18A DPV LA . 15.23 -2.80 -14.85
H19 DPV LA . 17.72 -2.44 -14.97
H19A DPV LA . 17.69 -1.75 -13.35
H20 DPV LA . 16.82 -3.84 -12.40
H20A DPV LA . 16.87 -4.64 -14.04
H21 DPV LA . 19.41 -4.25 -14.14
H21A DPV LA . 19.30 -3.44 -12.58
H22 DPV LA . 18.41 -5.56 -11.61
H22A DPV LA . 18.67 -6.40 -13.13
H23 DPV LA . 20.59 -6.77 -11.48
H23A DPV LA . 20.93 -5.04 -11.61
H23B DPV LA . 21.09 -6.05 -13.04
N DPV MA . -3.52 -1.83 -16.17
P DPV MA . -0.53 -0.52 -12.03
C1 DPV MA . 1.95 -1.29 -12.37
C2 DPV MA . 2.72 -1.26 -11.03
C3 DPV MA . 3.94 -2.27 -11.05
C4 DPV MA . -2.12 -1.00 -14.06
C5 DPV MA . -2.17 -1.86 -15.40
C6 DPV MA . -3.47 -2.78 -17.32
C7 DPV MA . -3.80 -0.41 -16.76
C8 DPV MA . -4.72 -2.28 -15.26
C15 DPV MA . 3.59 -3.70 -10.56
C16 DPV MA . 4.87 -4.56 -10.30
C17 DPV MA . 4.52 -6.04 -9.89
C18 DPV MA . 5.79 -6.84 -9.45
C19 DPV MA . 5.47 -8.33 -9.11
O1P DPV MA . -1.30 0.68 -11.65
C20 DPV MA . 6.59 -9.03 -8.31
C21 DPV MA . 6.22 -10.53 -7.93
C22 DPV MA . 7.18 -11.12 -6.85
C23 DPV MA . 6.74 -12.56 -6.40
O2P DPV MA . -0.68 -1.59 -11.04
O3P DPV MA . 1.02 -0.20 -12.36
O4P DPV MA . -0.75 -1.00 -13.54
H1 DPV MA . 2.61 -1.12 -13.22
H1A DPV MA . 1.42 -2.21 -12.54
H2 DPV MA . 3.11 -0.25 -10.83
H2A DPV MA . 2.08 -1.56 -10.17
H3 DPV MA . 4.67 -1.83 -10.39
H3A DPV MA . 4.37 -2.36 -12.02
H4 DPV MA . -2.43 0.05 -14.22
H4A DPV MA . -2.77 -1.44 -13.29
H5 DPV MA . -1.41 -1.48 -16.10
H5A DPV MA . -1.95 -2.92 -15.18
H6 DPV MA . -3.43 -3.80 -16.96
H6A DPV MA . -2.58 -2.56 -17.91
H6B DPV MA . -4.36 -2.64 -17.94
H7 DPV MA . -3.92 0.28 -15.91
H7A DPV MA . -4.73 -0.43 -17.32
H7B DPV MA . -2.94 -0.12 -17.37
H8 DPV MA . -4.86 -1.56 -14.43
H8A DPV MA . -4.53 -3.30 -14.87
H8B DPV MA . -5.63 -2.27 -15.90
H15 DPV MA . 2.97 -4.19 -11.30
H15A DPV MA . 3.03 -3.69 -9.63
H16 DPV MA . 5.54 -4.58 -11.16
H16A DPV MA . 5.43 -4.11 -9.46
H17 DPV MA . 3.80 -5.98 -9.06
H17A DPV MA . 3.99 -6.51 -10.73
H18 DPV MA . 6.55 -6.79 -10.22
H18A DPV MA . 6.23 -6.37 -8.58
H19 DPV MA . 4.53 -8.41 -8.60
H19A DPV MA . 5.38 -8.85 -10.01
H20 DPV MA . 7.54 -9.03 -8.87
H20A DPV MA . 6.75 -8.45 -7.41
H21 DPV MA . 5.20 -10.61 -7.54
H21A DPV MA . 6.25 -11.14 -8.86
H22 DPV MA . 8.22 -11.16 -7.24
H22A DPV MA . 7.13 -10.46 -5.95
H23 DPV MA . 6.87 -13.24 -7.24
H23A DPV MA . 5.69 -12.57 -6.07
H23B DPV MA . 7.39 -12.85 -5.58
N DPV NA . 4.36 -3.40 -23.77
P DPV NA . 4.68 -1.71 -19.13
C1 DPV NA . 3.63 -2.92 -17.05
C2 DPV NA . 2.82 -2.64 -15.77
C3 DPV NA . 2.23 -3.95 -15.11
C4 DPV NA . 3.53 -2.31 -21.50
C5 DPV NA . 4.55 -3.24 -22.22
C6 DPV NA . 5.52 -4.30 -24.30
C7 DPV NA . 4.36 -2.06 -24.52
C8 DPV NA . 3.05 -4.16 -24.08
C15 DPV NA . 3.14 -4.71 -14.10
C16 DPV NA . 4.41 -5.40 -14.68
C17 DPV NA . 5.72 -4.62 -14.37
C18 DPV NA . 6.83 -4.93 -15.38
C19 DPV NA . 8.11 -4.16 -14.99
O1P DPV NA . 5.92 -2.48 -18.92
C20 DPV NA . 9.17 -4.29 -16.08
C21 DPV NA . 10.59 -3.90 -15.53
C22 DPV NA . 11.31 -5.09 -14.87
C23 DPV NA . 12.65 -4.69 -14.27
O2P DPV NA . 4.96 -0.34 -19.62
O3P DPV NA . 3.66 -1.74 -17.87
O4P DPV NA . 3.60 -2.51 -20.05
H1 DPV NA . 4.67 -3.24 -16.77
H1A DPV NA . 3.15 -3.74 -17.64
H2 DPV NA . 3.42 -2.05 -15.06
H2A DPV NA . 1.97 -2.04 -16.08
H3 DPV NA . 1.90 -4.68 -15.87
H3A DPV NA . 1.33 -3.64 -14.56
H4 DPV NA . 3.75 -1.30 -21.76
H4A DPV NA . 2.53 -2.53 -21.80
H5 DPV NA . 5.55 -2.87 -22.02
H5A DPV NA . 4.48 -4.23 -21.77
H6 DPV NA . 5.52 -5.24 -23.77
H6A DPV NA . 6.47 -3.82 -24.09
H6B DPV NA . 5.39 -4.47 -25.34
H7 DPV NA . 3.45 -1.50 -24.32
H7A DPV NA . 4.47 -2.27 -25.59
H7B DPV NA . 5.24 -1.49 -24.18
H8 DPV NA . 2.21 -3.65 -23.59
H8A DPV NA . 3.17 -5.19 -23.69
H8B DPV NA . 2.91 -4.17 -25.17
H15 DPV NA . 2.55 -5.48 -13.64
H15A DPV NA . 3.43 -4.01 -13.31
H16 DPV NA . 4.50 -6.40 -14.27
H16A DPV NA . 4.27 -5.51 -15.73
H17 DPV NA . 5.54 -3.54 -14.37
H17A DPV NA . 6.08 -4.87 -13.36
H18 DPV NA . 7.05 -6.00 -15.40
H18A DPV NA . 6.49 -4.65 -16.37
H19 DPV NA . 7.86 -3.10 -14.83
H19A DPV NA . 8.51 -4.56 -14.06
H20 DPV NA . 9.16 -5.28 -16.51
H20A DPV NA . 8.92 -3.63 -16.88
H21 DPV NA . 11.20 -3.46 -16.33
H21A DPV NA . 10.43 -3.07 -14.80
H22 DPV NA . 10.73 -5.47 -14.02
H22A DPV NA . 11.43 -5.91 -15.57
H23 DPV NA . 13.29 -4.24 -15.02
H23A DPV NA . 13.17 -5.53 -13.85
H23B DPV NA . 12.50 -3.96 -13.47
N DPV OA . -9.43 -16.26 -12.03
P DPV OA . -8.75 -17.34 -16.52
C1 DPV OA . -6.50 -18.40 -15.72
C2 DPV OA . -5.01 -18.14 -15.64
C3 DPV OA . -4.66 -17.01 -14.63
C4 DPV OA . -8.78 -15.56 -14.55
C5 DPV OA . -9.63 -15.28 -13.26
C6 DPV OA . -10.07 -15.61 -10.81
C7 DPV OA . -7.93 -16.46 -11.68
C8 DPV OA . -10.13 -17.60 -12.25
C15 DPV OA . -3.10 -16.72 -14.56
C16 DPV OA . -2.83 -15.66 -13.44
C17 DPV OA . -1.37 -15.14 -13.46
C18 DPV OA . -1.13 -14.09 -12.35
C19 DPV OA . 0.35 -13.59 -12.39
O1P DPV OA . -9.30 -18.68 -16.79
C20 DPV OA . 0.64 -12.54 -11.33
C21 DPV OA . 2.14 -12.24 -11.17
C22 DPV OA . 2.43 -10.96 -10.30
C23 DPV OA . 2.42 -11.26 -8.80
O2P DPV OA . -9.27 -16.35 -17.47
O3P DPV OA . -7.15 -17.31 -16.37
O4P DPV OA . -8.98 -16.92 -14.99
H1 DPV OA . -6.72 -19.28 -16.33
H1A DPV OA . -6.89 -18.53 -14.72
H2 DPV OA . -4.49 -19.07 -15.34
H2A DPV OA . -4.64 -17.89 -16.66
H3 DPV OA . -4.98 -17.35 -13.63
H3A DPV OA . -5.19 -16.11 -14.89
H4 DPV OA . -9.13 -14.90 -15.35
H4A DPV OA . -7.72 -15.37 -14.37
H5 DPV OA . -9.45 -14.25 -12.95
H5A DPV OA . -10.68 -15.34 -13.53
H6 DPV OA . -11.14 -15.52 -11.01
H6A DPV OA . -9.64 -14.61 -10.64
H6B DPV OA . -9.90 -16.24 -9.92
H7 DPV OA . -7.40 -16.94 -12.50
H7A DPV OA . -7.82 -17.09 -10.81
H7B DPV OA . -7.51 -15.48 -11.52
H8 DPV OA . -9.64 -18.16 -13.01
H8A DPV OA . -11.16 -17.41 -12.53
H8B DPV OA . -10.09 -18.14 -11.30
H15 DPV OA . -2.75 -16.33 -15.53
H15A DPV OA . -2.56 -17.68 -14.38
H16 DPV OA . -3.46 -14.81 -13.66
H16A DPV OA . -3.12 -16.01 -12.46
H17 DPV OA . -0.66 -16.00 -13.34
H17A DPV OA . -1.15 -14.69 -14.47
H18 DPV OA . -1.83 -13.24 -12.51
H18A DPV OA . -1.38 -14.52 -11.34
H19 DPV OA . 1.03 -14.45 -12.27
H19A DPV OA . 0.61 -13.15 -13.36
H20 DPV OA . 0.14 -11.62 -11.62
H20A DPV OA . 0.23 -12.84 -10.35
H21 DPV OA . 2.57 -13.11 -10.71
H21A DPV OA . 2.61 -12.11 -12.16
H22 DPV OA . 3.42 -10.58 -10.57
H22A DPV OA . 1.69 -10.15 -10.52
H23 DPV OA . 3.15 -12.05 -8.54
H23A DPV OA . 1.41 -11.58 -8.45
H23B DPV OA . 2.69 -10.34 -8.28
N DPV PA . -7.34 -19.66 -20.73
P DPV PA . -6.61 -22.59 -17.05
C1 DPV PA . -5.91 -24.77 -15.78
C2 DPV PA . -6.55 -26.09 -15.28
C3 DPV PA . -7.52 -25.92 -14.09
C4 DPV PA . -8.05 -21.54 -18.99
C5 DPV PA . -7.01 -21.02 -20.07
C6 DPV PA . -8.78 -19.66 -21.34
C7 DPV PA . -6.36 -19.39 -21.89
C8 DPV PA . -7.23 -18.51 -19.72
C15 DPV PA . -8.97 -25.44 -14.49
C16 DPV PA . -9.71 -24.88 -13.28
C17 DPV PA . -9.81 -23.29 -13.29
C18 DPV PA . -8.48 -22.59 -12.91
C19 DPV PA . -8.57 -21.03 -12.89
O1P DPV PA . -5.23 -22.17 -17.35
C20 DPV PA . -7.56 -20.37 -11.90
C21 DPV PA . -8.05 -20.48 -10.42
C22 DPV PA . -7.03 -19.94 -9.44
C23 DPV PA . -7.51 -20.15 -7.95
O2P DPV PA . -7.24 -21.78 -15.99
O3P DPV PA . -6.76 -24.17 -16.81
O4P DPV PA . -7.55 -22.74 -18.35
H1 DPV PA . -5.74 -24.08 -14.95
H1A DPV PA . -4.97 -24.98 -16.30
H2 DPV PA . -7.04 -26.64 -16.08
H2A DPV PA . -5.74 -26.75 -14.97
H3 DPV PA . -7.07 -25.25 -13.36
H3A DPV PA . -7.64 -26.87 -13.59
H4 DPV PA . -8.28 -20.77 -18.19
H4A DPV PA . -9.03 -21.82 -19.49
H5 DPV PA . -6.03 -20.89 -19.59
H5A DPV PA . -6.92 -21.75 -20.89
H6 DPV PA . -9.50 -19.83 -20.54
H6A DPV PA . -8.91 -20.46 -22.09
H6B DPV PA . -8.98 -18.69 -21.82
H7 DPV PA . -5.38 -19.24 -21.47
H7A DPV PA . -6.68 -18.49 -22.41
H7B DPV PA . -6.38 -20.24 -22.58
H8 DPV PA . -6.23 -18.49 -19.31
H8A DPV PA . -7.99 -18.66 -18.93
H8B DPV PA . -7.47 -17.57 -20.27
H15 DPV PA . -9.55 -26.30 -14.90
H15A DPV PA . -8.90 -24.67 -15.31
H16 DPV PA . -10.72 -25.33 -13.33
H16A DPV PA . -9.28 -25.27 -12.33
H17 DPV PA . -10.13 -22.93 -14.28
H17A DPV PA . -10.55 -22.95 -12.55
H18 DPV PA . -8.24 -22.98 -11.92
H18A DPV PA . -7.71 -22.91 -13.61
H19 DPV PA . -8.39 -20.65 -13.89
H19A DPV PA . -9.57 -20.72 -12.64
H20 DPV PA . -6.57 -20.84 -11.96
H20A DPV PA . -7.47 -19.33 -12.21
H21 DPV PA . -8.99 -19.95 -10.31
H21A DPV PA . -8.25 -21.53 -10.20
H22 DPV PA . -6.10 -20.49 -9.57
H22A DPV PA . -6.85 -18.88 -9.63
H23 DPV PA . -7.63 -21.20 -7.70
H23A DPV PA . -8.45 -19.66 -7.74
H23B DPV PA . -6.74 -19.78 -7.27
N DPV QA . 1.40 -8.40 13.06
P DPV QA . 4.67 -11.09 11.31
C1 DPV QA . 6.90 -11.77 10.22
C2 DPV QA . 8.21 -11.05 9.97
C3 DPV QA . 8.96 -11.49 8.70
C4 DPV QA . 3.91 -9.32 13.20
C5 DPV QA . 2.35 -9.64 13.09
C6 DPV QA . 1.59 -7.55 14.36
C7 DPV QA . -0.06 -8.87 13.05
C8 DPV QA . 1.65 -7.51 11.82
C15 DPV QA . 8.26 -11.08 7.35
C16 DPV QA . 9.07 -11.60 6.12
C17 DPV QA . 8.18 -11.54 4.85
C18 DPV QA . 9.08 -11.68 3.56
C19 DPV QA . 8.20 -11.65 2.30
O1P DPV QA . 3.94 -12.38 11.18
C20 DPV QA . 9.02 -11.55 1.01
C21 DPV QA . 8.09 -11.51 -0.25
C22 DPV QA . 8.84 -11.39 -1.57
C23 DPV QA . 7.85 -11.45 -2.78
O2P DPV QA . 4.22 -10.09 10.29
O3P DPV QA . 6.22 -11.22 11.37
O4P DPV QA . 4.65 -10.55 12.84
H1 DPV QA . 6.24 -11.68 9.35
H1A DPV QA . 7.13 -12.83 10.41
H2 DPV QA . 7.98 -10.00 9.91
H2A DPV QA . 8.84 -11.19 10.83
H3 DPV QA . 9.12 -12.55 8.74
H3A DPV QA . 9.94 -11.03 8.72
H4 DPV QA . 4.16 -8.52 12.48
H4A DPV QA . 4.21 -9.05 14.22
H5 DPV QA . 2.13 -10.22 12.16
H5A DPV QA . 2.05 -10.28 13.92
H6 DPV QA . 2.63 -7.18 14.36
H6A DPV QA . 1.37 -8.18 15.22
H6B DPV QA . 0.92 -6.71 14.35
H7 DPV QA . -0.27 -9.40 13.99
H7A DPV QA . -0.17 -9.58 12.23
H7B DPV QA . -0.70 -7.97 12.96
H8 DPV QA . 1.53 -8.12 10.92
H8A DPV QA . 2.67 -7.13 11.93
H8B DPV QA . 0.94 -6.69 11.82
H15 DPV QA . 8.17 -9.98 7.27
H15A DPV QA . 7.25 -11.48 7.37
H16 DPV QA . 9.97 -11.01 5.97
H16A DPV QA . 9.37 -12.64 6.29
H17 DPV QA . 7.47 -12.32 4.89
H17A DPV QA . 7.69 -10.59 4.83
H18 DPV QA . 9.79 -10.88 3.55
H18A DPV QA . 9.61 -12.62 3.56
H19 DPV QA . 7.56 -12.52 2.25
H19A DPV QA . 7.55 -10.80 2.34
H20 DPV QA . 9.65 -10.67 1.05
H20A DPV QA . 9.69 -12.38 0.94
H21 DPV QA . 7.55 -12.46 -0.27
H21A DPV QA . 7.41 -10.66 -0.15
H22 DPV QA . 9.38 -10.42 -1.64
H22A DPV QA . 9.57 -12.21 -1.67
H23 DPV QA . 8.37 -11.60 -3.74
H23A DPV QA . 7.26 -10.52 -2.90
H23B DPV QA . 7.17 -12.31 -2.68
N DPV RA . 17.20 -26.01 13.12
P DPV RA . 12.29 -24.78 12.01
C1 DPV RA . 10.36 -23.13 12.73
C2 DPV RA . 9.30 -23.19 13.84
C3 DPV RA . 8.30 -22.01 13.72
C4 DPV RA . 14.83 -25.17 12.34
C5 DPV RA . 15.78 -25.52 13.51
C6 DPV RA . 17.88 -26.44 14.42
C7 DPV RA . 18.04 -24.86 12.49
C8 DPV RA . 17.21 -27.22 12.18
C15 DPV RA . 7.49 -22.00 12.38
C16 DPV RA . 6.51 -20.81 12.30
C17 DPV RA . 5.69 -20.88 10.96
C18 DPV RA . 4.97 -19.55 10.69
C19 DPV RA . 4.26 -19.59 9.32
O1P DPV RA . 12.43 -24.02 10.73
C20 DPV RA . 3.81 -18.17 8.84
C21 DPV RA . 2.95 -18.30 7.55
C22 DPV RA . 2.55 -16.85 7.06
C23 DPV RA . 1.54 -16.92 5.91
O2P DPV RA . 11.78 -26.13 11.80
O3P DPV RA . 11.49 -23.97 13.14
O4P DPV RA . 13.57 -24.74 12.92
H1 DPV RA . 9.93 -23.54 11.84
H1A DPV RA . 10.72 -22.12 12.57
H2 DPV RA . 8.74 -24.11 13.75
H2A DPV RA . 9.76 -23.16 14.82
H3 DPV RA . 8.85 -21.05 13.88
H3A DPV RA . 7.58 -22.08 14.55
H4 DPV RA . 15.26 -24.38 11.70
H4A DPV RA . 14.64 -26.07 11.71
H5 DPV RA . 15.92 -24.63 14.11
H5A DPV RA . 15.31 -26.30 14.13
H6 DPV RA . 17.34 -27.30 14.83
H6A DPV RA . 17.91 -25.60 15.13
H6B DPV RA . 18.90 -26.76 14.18
H7 DPV RA . 17.57 -24.58 11.56
H7A DPV RA . 19.05 -25.20 12.33
H7B DPV RA . 18.04 -24.00 13.17
H8 DPV RA . 18.25 -27.58 12.04
H8A DPV RA . 16.73 -26.93 11.24
H8B DPV RA . 16.62 -28.04 12.62
H15 DPV RA . 6.94 -22.94 12.26
H15A DPV RA . 8.17 -21.91 11.52
H16 DPV RA . 5.81 -20.81 13.14
H16A DPV RA . 7.08 -19.87 12.36
H17 DPV RA . 6.39 -21.08 10.11
H17A DPV RA . 4.95 -21.70 11.02
H18 DPV RA . 4.22 -19.34 11.47
H18A DPV RA . 5.70 -18.71 10.67
H19 DPV RA . 4.91 -20.00 8.55
H19A DPV RA . 3.39 -20.22 9.41
H20 DPV RA . 3.26 -17.65 9.61
H20A DPV RA . 4.70 -17.55 8.59
H21 DPV RA . 3.50 -18.77 6.75
H21A DPV RA . 2.08 -18.88 7.77
H22 DPV RA . 2.05 -16.28 7.90
H22A DPV RA . 3.47 -16.27 6.77
H23 DPV RA . 1.92 -17.57 5.11
H23A DPV RA . 1.36 -15.94 5.47
H23B DPV RA . 0.59 -17.31 6.28
N DPV SA . 20.10 -29.10 8.48
P DPV SA . 14.92 -29.06 9.18
C1 DPV SA . 13.90 -26.72 8.78
C2 DPV SA . 14.11 -25.44 7.93
C3 DPV SA . 15.32 -24.62 8.40
C4 DPV SA . 17.50 -28.78 8.74
C5 DPV SA . 18.68 -29.51 8.03
C6 DPV SA . 20.38 -27.59 8.29
C7 DPV SA . 21.08 -29.90 7.59
C8 DPV SA . 20.38 -29.49 9.97
C15 DPV SA . 15.62 -23.43 7.43
C16 DPV SA . 17.01 -22.77 7.77
C17 DPV SA . 17.42 -21.75 6.68
C18 DPV SA . 18.83 -21.19 6.99
C19 DPV SA . 19.35 -20.24 5.89
O1P DPV SA . 13.79 -29.95 8.85
C20 DPV SA . 20.69 -19.66 6.30
C21 DPV SA . 21.40 -18.96 5.11
C22 DPV SA . 22.87 -18.61 5.42
C23 DPV SA . 23.60 -17.99 4.22
O2P DPV SA . 15.07 -28.92 10.62
O3P DPV SA . 14.90 -27.66 8.40
O4P DPV SA . 16.26 -29.45 8.41
H1 DPV SA . 13.96 -26.50 9.85
H1A DPV SA . 12.88 -27.17 8.56
H2 DPV SA . 14.14 -25.71 6.84
H2A DPV SA . 13.22 -24.81 8.04
H3 DPV SA . 16.19 -25.30 8.45
H3A DPV SA . 15.12 -24.21 9.40
H4 DPV SA . 17.65 -28.83 9.86
H4A DPV SA . 17.47 -27.71 8.41
H5 DPV SA . 18.59 -30.60 8.19
H5A DPV SA . 18.61 -29.31 6.93
H6 DPV SA . 21.47 -27.42 8.46
H6A DPV SA . 19.78 -27.04 9.03
H6B DPV SA . 20.08 -27.28 7.28
H7 DPV SA . 20.92 -29.67 6.52
H7A DPV SA . 20.93 -30.99 7.74
H7B DPV SA . 22.11 -29.62 7.86
H8 DPV SA . 19.64 -29.05 10.63
H8A DPV SA . 21.37 -29.11 10.25
H8B DPV SA . 20.36 -30.59 10.09
H15 DPV SA . 14.84 -22.70 7.53
H15A DPV SA . 15.62 -23.77 6.41
H16 DPV SA . 16.97 -22.27 8.76
H16A DPV SA . 17.74 -23.57 7.86
H17 DPV SA . 17.42 -22.20 5.68
H17A DPV SA . 16.70 -20.94 6.68
H18 DPV SA . 18.76 -20.64 7.92
H18A DPV SA . 19.55 -22.00 7.15
H19 DPV SA . 19.51 -20.84 4.96
H19A DPV SA . 18.62 -19.44 5.66
H20 DPV SA . 20.53 -18.91 7.11
H20A DPV SA . 21.35 -20.46 6.70
H21 DPV SA . 21.41 -19.66 4.22
H21A DPV SA . 20.84 -18.03 4.83
H22 DPV SA . 22.93 -17.91 6.24
H22A DPV SA . 23.40 -19.53 5.71
H23 DPV SA . 23.09 -17.09 3.91
H23A DPV SA . 23.57 -18.67 3.38
H23B DPV SA . 24.62 -17.77 4.47
N DPV TA . 27.34 -11.82 2.57
P DPV TA . 22.98 -10.94 5.31
C1 DPV TA . 20.63 -11.06 4.25
C2 DPV TA . 19.89 -10.78 2.93
C3 DPV TA . 18.39 -11.12 3.05
C4 DPV TA . 25.21 -11.50 4.07
C5 DPV TA . 26.19 -10.90 3.03
C6 DPV TA . 28.27 -12.20 3.75
C7 DPV TA . 28.17 -11.06 1.53
C8 DPV TA . 26.80 -13.08 1.92
C15 DPV TA . 17.63 -11.18 1.66
C16 DPV TA . 16.11 -11.22 1.89
C17 DPV TA . 15.30 -11.28 0.51
C18 DPV TA . 13.75 -11.27 0.70
C19 DPV TA . 12.96 -11.42 -0.63
O1P DPV TA . 23.04 -12.33 5.80
C20 DPV TA . 12.83 -12.90 -1.07
C21 DPV TA . 12.50 -13.12 -2.59
C22 DPV TA . 13.66 -12.71 -3.53
C23 DPV TA . 13.46 -13.29 -4.95
O2P DPV TA . 22.69 -9.98 6.37
O3P DPV TA . 22.02 -10.77 4.06
O4P DPV TA . 24.25 -10.51 4.42
H1 DPV TA . 20.27 -10.41 5.02
H1A DPV TA . 20.53 -12.10 4.55
H2 DPV TA . 20.04 -9.76 2.67
H2A DPV TA . 20.37 -11.33 2.15
H3 DPV TA . 17.95 -10.38 3.69
H3A DPV TA . 18.29 -12.07 3.55
H4 DPV TA . 24.72 -12.39 3.67
H4A DPV TA . 25.76 -11.75 4.98
H5 DPV TA . 25.61 -10.62 2.14
H5A DPV TA . 26.65 -9.98 3.44
H6 DPV TA . 27.71 -12.82 4.46
H6A DPV TA . 28.59 -11.28 4.25
H6B DPV TA . 29.14 -12.77 3.37
H7 DPV TA . 27.51 -10.78 0.68
H7A DPV TA . 28.97 -11.74 1.19
H7B DPV TA . 28.59 -10.13 1.99
H8 DPV TA . 26.18 -12.84 1.08
H8A DPV TA . 26.22 -13.62 2.66
H8B DPV TA . 27.63 -13.70 1.62
H15 DPV TA . 17.88 -12.06 1.11
H15A DPV TA . 17.92 -10.34 1.06
H16 DPV TA . 15.91 -12.14 2.49
H16A DPV TA . 15.82 -10.32 2.50
H17 DPV TA . 15.57 -10.38 -0.07
H17A DPV TA . 15.60 -12.20 -0.02
H18 DPV TA . 13.48 -12.05 1.42
H18A DPV TA . 13.49 -10.30 1.18
H19 DPV TA . 11.95 -11.06 -0.50
H19A DPV TA . 13.47 -10.82 -1.37
H20 DPV TA . 13.78 -13.42 -0.85
H20A DPV TA . 12.04 -13.38 -0.46
H21 DPV TA . 12.24 -14.18 -2.72
H21A DPV TA . 11.63 -12.56 -2.86
H22 DPV TA . 13.71 -11.61 -3.63
H22A DPV TA . 14.63 -13.00 -3.11
H23 DPV TA . 14.34 -13.13 -5.58
H23A DPV TA . 12.60 -12.82 -5.43
H23B DPV TA . 13.28 -14.37 -4.88
N DPV UA . 32.75 -10.32 -4.92
P DPV UA . 31.53 -14.25 -5.36
C1 DPV UA . 29.46 -15.79 -5.76
C2 DPV UA . 28.34 -16.05 -6.82
C3 DPV UA . 27.38 -17.19 -6.44
C4 DPV UA . 33.02 -12.41 -6.55
C5 DPV UA . 33.43 -11.68 -5.19
C6 DPV UA . 31.22 -10.43 -4.90
C7 DPV UA . 33.15 -9.27 -5.96
C8 DPV UA . 33.17 -9.78 -3.55
C15 DPV UA . 26.65 -17.73 -7.73
C16 DPV UA . 25.41 -18.66 -7.46
C17 DPV UA . 24.21 -17.91 -6.80
C18 DPV UA . 22.93 -18.76 -6.78
C19 DPV UA . 22.01 -18.46 -5.54
O1P DPV UA . 32.67 -15.22 -5.35
C20 DPV UA . 21.45 -17.02 -5.42
C21 DPV UA . 22.07 -16.25 -4.24
C22 DPV UA . 21.46 -14.82 -4.10
C23 DPV UA . 22.15 -14.06 -2.96
O2P DPV UA . 31.15 -13.81 -4.00
O3P DPV UA . 30.30 -14.72 -6.26
O4P DPV UA . 31.72 -13.04 -6.39
H1 DPV UA . 29.04 -15.48 -4.81
H1A DPV UA . 30.06 -16.71 -5.64
H2 DPV UA . 27.70 -15.15 -6.87
H2A DPV UA . 28.80 -16.24 -7.83
H3 DPV UA . 26.64 -16.87 -5.72
H3A DPV UA . 27.94 -17.99 -5.98
H4 DPV UA . 33.00 -11.69 -7.38
H4A DPV UA . 33.74 -13.21 -6.76
H5 DPV UA . 33.21 -12.32 -4.32
H5A DPV UA . 34.53 -11.49 -5.23
H6 DPV UA . 30.91 -10.70 -5.90
H6A DPV UA . 30.80 -9.47 -4.63
H6B DPV UA . 30.91 -11.19 -4.19
H7 DPV UA . 34.23 -9.24 -6.01
H7A DPV UA . 32.71 -8.31 -5.65
H7B DPV UA . 32.75 -9.61 -6.92
H8 DPV UA . 32.69 -8.81 -3.40
H8A DPV UA . 34.26 -9.67 -3.58
H8B DPV UA . 32.86 -10.43 -2.73
H15 DPV UA . 27.35 -18.26 -8.33
H15A DPV UA . 26.32 -16.88 -8.34
H16 DPV UA . 25.07 -19.09 -8.41
H16A DPV UA . 25.73 -19.48 -6.83
H17 DPV UA . 24.49 -17.67 -5.77
H17A DPV UA . 24.00 -17.00 -7.35
H18 DPV UA . 22.41 -18.58 -7.65
H18A DPV UA . 23.18 -19.80 -6.79
H19 DPV UA . 21.12 -19.15 -5.57
H19A DPV UA . 22.60 -18.75 -4.61
H20 DPV UA . 21.58 -16.54 -6.36
H20A DPV UA . 20.40 -17.07 -5.26
H21 DPV UA . 21.86 -16.81 -3.26
H21A DPV UA . 23.16 -16.16 -4.40
H22 DPV UA . 21.55 -14.29 -5.02
H22A DPV UA . 20.41 -14.92 -3.84
H23 DPV UA . 21.73 -13.05 -2.90
H23A DPV UA . 23.21 -13.98 -3.17
H23B DPV UA . 22.00 -14.56 -2.00
N DPV VA . 29.03 -6.22 4.51
P DPV VA . 25.89 -3.70 3.37
C1 DPV VA . 24.84 -2.40 1.37
C2 DPV VA . 23.51 -2.12 0.58
C3 DPV VA . 23.23 -3.20 -0.48
C4 DPV VA . 27.69 -5.34 2.35
C5 DPV VA . 27.82 -6.37 3.52
C6 DPV VA . 29.17 -4.82 5.12
C7 DPV VA . 30.32 -6.59 3.79
C8 DPV VA . 28.81 -7.21 5.68
C15 DPV VA . 22.03 -2.76 -1.40
C16 DPV VA . 22.03 -3.62 -2.67
C17 DPV VA . 20.91 -3.13 -3.63
C18 DPV VA . 21.08 -3.68 -5.10
C19 DPV VA . 20.18 -2.85 -6.03
O1P DPV VA . 25.50 -4.26 4.66
C20 DPV VA . 20.36 -3.17 -7.56
C21 DPV VA . 19.89 -2.04 -8.47
C22 DPV VA . 20.31 -2.21 -9.95
C23 DPV VA . 19.78 -1.06 -10.81
O2P DPV VA . 26.89 -2.60 3.52
O3P DPV VA . 24.62 -3.30 2.45
O4P DPV VA . 26.33 -4.82 2.30
H1 DPV VA . 25.61 -2.82 0.71
H1A DPV VA . 25.23 -1.47 1.78
H2 DPV VA . 22.68 -2.09 1.28
H2A DPV VA . 23.55 -1.13 0.11
H3 DPV VA . 22.96 -4.13 0.04
H3A DPV VA . 24.10 -3.39 -1.09
H4 DPV VA . 28.40 -4.51 2.47
H4A DPV VA . 27.90 -5.83 1.40
H5 DPV VA . 26.92 -6.32 4.12
H5A DPV VA . 27.88 -7.35 3.10
H6 DPV VA . 30.06 -4.80 5.75
H6A DPV VA . 28.30 -4.62 5.71
H6B DPV VA . 29.23 -4.09 4.32
H7 DPV VA . 30.42 -5.93 2.92
H7A DPV VA . 30.25 -7.62 3.44
H7B DPV VA . 31.16 -6.48 4.49
H8 DPV VA . 28.69 -8.22 5.26
H8A DPV VA . 27.94 -6.89 6.26
H8B DPV VA . 29.67 -7.21 6.31
H15 DPV VA . 22.15 -1.73 -1.68
H15A DPV VA . 21.10 -2.84 -0.88
H16 DPV VA . 22.99 -3.55 -3.14
H16A DPV VA . 21.84 -4.65 -2.44
H17 DPV VA . 19.94 -3.37 -3.24
H17A DPV VA . 20.94 -2.03 -3.68
H18 DPV VA . 22.15 -3.60 -5.41
H18A DPV VA . 20.79 -4.73 -5.15
H19 DPV VA . 19.15 -3.02 -5.75
H19A DPV VA . 20.39 -1.81 -5.86
H20 DPV VA . 21.42 -3.39 -7.73
H20A DPV VA . 19.80 -4.06 -7.84
H21 DPV VA . 18.80 -1.90 -8.35
H21A DPV VA . 20.34 -1.12 -8.08
H22 DPV VA . 21.39 -2.24 -9.98
H22A DPV VA . 19.93 -3.13 -10.36
H23 DPV VA . 20.19 -0.10 -10.53
H23A DPV VA . 18.70 -0.99 -10.75
H23B DPV VA . 20.02 -1.27 -11.85
N DPV WA . 20.08 -2.48 11.48
P DPV WA . 17.13 0.11 8.02
C1 DPV WA . 16.86 -1.61 6.09
C2 DPV WA . 16.63 -1.54 4.56
C3 DPV WA . 16.42 -2.90 3.90
C4 DPV WA . 18.67 -0.85 9.90
C5 DPV WA . 19.93 -1.80 10.06
C6 DPV WA . 18.82 -3.22 11.94
C7 DPV WA . 20.55 -1.51 12.53
C8 DPV WA . 21.16 -3.57 11.32
C15 DPV WA . 14.95 -3.47 4.00
C16 DPV WA . 14.82 -4.83 3.24
C17 DPV WA . 13.51 -5.59 3.53
C18 DPV WA . 13.55 -7.07 2.98
C19 DPV WA . 12.32 -7.89 3.41
O1P DPV WA . 15.85 -0.38 8.59
C20 DPV WA . 10.97 -7.38 2.82
C21 DPV WA . 10.76 -7.78 1.31
C22 DPV WA . 9.47 -7.14 0.69
C23 DPV WA . 8.12 -7.72 1.26
O2P DPV WA . 17.30 1.56 8.23
O3P DPV WA . 17.39 -0.34 6.53
O4P DPV WA . 18.41 -0.73 8.49
H1 DPV WA . 15.87 -1.80 6.59
H1A DPV WA . 17.59 -2.43 6.39
H2 DPV WA . 15.77 -0.89 4.32
H2A DPV WA . 17.51 -1.11 4.08
H3 DPV WA . 17.15 -3.58 4.36
H3A DPV WA . 16.72 -2.84 2.85
H4 DPV WA . 17.78 -1.26 10.41
H4A DPV WA . 18.89 0.14 10.32
H5 DPV WA . 19.87 -2.56 9.33
H5A DPV WA . 20.81 -1.22 9.88
H6 DPV WA . 19.05 -3.75 12.87
H6A DPV WA . 18.53 -3.93 11.16
H6B DPV WA . 18.04 -2.48 12.11
H7 DPV WA . 21.52 -1.09 12.25
H7A DPV WA . 20.66 -2.02 13.48
H7B DPV WA . 19.85 -0.68 12.62
H8 DPV WA . 22.08 -3.13 10.92
H8A DPV WA . 20.79 -4.31 10.59
H8B DPV WA . 21.37 -4.03 12.30
H15 DPV WA . 14.25 -2.70 3.59
H15A DPV WA . 14.70 -3.63 5.08
H16 DPV WA . 14.91 -4.70 2.17
H16A DPV WA . 15.63 -5.46 3.56
H17 DPV WA . 13.32 -5.59 4.60
H17A DPV WA . 12.68 -5.01 3.08
H18 DPV WA . 13.65 -7.06 1.88
H18A DPV WA . 14.43 -7.58 3.39
H19 DPV WA . 12.46 -8.96 3.12
H19A DPV WA . 12.25 -7.88 4.51
H20 DPV WA . 10.17 -7.82 3.38
H20A DPV WA . 10.91 -6.32 2.94
H21 DPV WA . 11.62 -7.47 0.74
H21A DPV WA . 10.71 -8.85 1.23
H22 DPV WA . 9.46 -6.09 0.85
H22A DPV WA . 9.52 -7.29 -0.36
H23 DPV WA . 7.28 -7.27 0.77
H23A DPV WA . 8.02 -7.54 2.31
H23B DPV WA . 8.09 -8.78 1.08
N DPV XA . 11.73 5.52 2.77
P DPV XA . 13.47 1.77 5.86
C1 DPV XA . 12.94 -0.72 6.47
C2 DPV XA . 12.07 -1.50 7.43
C3 DPV XA . 10.58 -1.61 6.97
C4 DPV XA . 12.58 3.40 4.02
C5 DPV XA . 11.42 4.37 3.83
C6 DPV XA . 11.96 4.95 1.40
C7 DPV XA . 12.94 6.37 3.16
C8 DPV XA . 10.43 6.41 2.72
C15 DPV XA . 9.74 -2.32 8.09
C16 DPV XA . 8.32 -2.60 7.62
C17 DPV XA . 7.47 -3.28 8.77
C18 DPV XA . 6.01 -3.57 8.30
C19 DPV XA . 5.21 -4.43 9.32
O1P DPV XA . 14.48 1.26 4.93
C20 DPV XA . 3.74 -4.78 8.81
C21 DPV XA . 3.74 -5.87 7.71
C22 DPV XA . 2.31 -6.14 7.20
C23 DPV XA . 2.34 -6.96 5.87
O2P DPV XA . 14.09 2.54 6.95
O3P DPV XA . 12.45 0.66 6.39
O4P DPV XA . 12.29 2.55 5.13
H1 DPV XA . 13.99 -0.74 6.82
H1A DPV XA . 12.91 -1.21 5.49
H2 DPV XA . 12.47 -2.52 7.46
H2A DPV XA . 12.15 -1.06 8.40
H3 DPV XA . 10.51 -2.21 6.05
H3A DPV XA . 10.10 -0.64 6.76
H4 DPV XA . 12.73 2.77 3.14
H4A DPV XA . 13.48 3.95 4.25
H5 DPV XA . 10.55 3.82 3.47
H5A DPV XA . 11.16 4.83 4.78
H6 DPV XA . 11.13 4.30 1.16
H6A DPV XA . 12.87 4.34 1.42
H6B DPV XA . 12.08 5.78 0.68
H7 DPV XA . 13.85 5.77 3.10
H7A DPV XA . 12.82 6.71 4.18
H7B DPV XA . 12.99 7.24 2.49
H8 DPV XA . 10.28 6.83 3.71
H8A DPV XA . 9.59 5.77 2.46
H8B DPV XA . 10.57 7.20 2.00
H15 DPV XA . 9.76 -1.72 9.00
H15A DPV XA . 10.19 -3.28 8.34
H16 DPV XA . 7.87 -1.68 7.40
H16A DPV XA . 8.32 -3.18 6.70
H17 DPV XA . 7.94 -4.22 9.07
H17A DPV XA . 7.45 -2.60 9.63
H18 DPV XA . 5.49 -2.61 8.12
H18A DPV XA . 6.05 -4.09 7.34
H19 DPV XA . 5.76 -5.35 9.49
H19A DPV XA . 5.16 -3.91 10.29
H20 DPV XA . 3.14 -5.15 9.67
H20A DPV XA . 3.24 -3.90 8.42
H21 DPV XA . 4.35 -5.54 6.84
H21A DPV XA . 4.22 -6.80 8.11
H22 DPV XA . 1.72 -6.67 7.93
H22A DPV XA . 1.82 -5.22 7.00
H23 DPV XA . 2.84 -6.44 5.06
H23A DPV XA . 1.31 -7.13 5.56
H23B DPV XA . 2.82 -7.93 5.99
N DPV YA . 18.94 -12.16 11.57
P DPV YA . 19.56 -7.46 11.68
C1 DPV YA . 18.27 -6.34 9.72
C2 DPV YA . 18.33 -5.16 8.71
C3 DPV YA . 17.02 -4.34 8.77
C4 DPV YA . 20.18 -9.89 11.09
C5 DPV YA . 18.99 -10.82 10.74
C6 DPV YA . 18.63 -11.91 13.08
C7 DPV YA . 20.21 -13.00 11.41
C8 DPV YA . 17.80 -13.00 10.99
C15 DPV YA . 15.97 -4.93 7.82
C16 DPV YA . 14.54 -4.85 8.44
C17 DPV YA . 13.52 -5.31 7.37
C18 DPV YA . 12.15 -5.67 7.99
C19 DPV YA . 11.13 -6.04 6.87
O1P DPV YA . 18.26 -7.69 12.39
C20 DPV YA . 9.72 -6.40 7.40
C21 DPV YA . 8.76 -6.74 6.21
C22 DPV YA . 7.35 -7.05 6.71
C23 DPV YA . 6.47 -7.32 5.49
O2P DPV YA . 20.66 -7.20 12.63
O3P DPV YA . 19.47 -6.36 10.52
O4P DPV YA . 19.88 -8.57 10.60
H1 DPV YA . 17.38 -6.23 10.37
H1A DPV YA . 18.16 -7.27 9.14
H2 DPV YA . 19.18 -4.50 8.91
H2A DPV YA . 18.51 -5.52 7.70
H3 DPV YA . 17.24 -3.30 8.49
H3A DPV YA . 16.61 -4.34 9.82
H4 DPV YA . 20.35 -9.84 12.16
H4A DPV YA . 21.08 -10.19 10.60
H5 DPV YA . 18.03 -10.30 10.98
H5A DPV YA . 19.05 -11.12 9.69
H6 DPV YA . 18.74 -12.84 13.63
H6A DPV YA . 17.61 -11.51 13.14
H6B DPV YA . 19.36 -11.20 13.47
H7 DPV YA . 20.45 -13.04 10.31
H7A DPV YA . 20.01 -13.98 11.84
H7B DPV YA . 21.03 -12.52 11.96
H8 DPV YA . 16.86 -12.44 11.10
H8A DPV YA . 17.73 -13.93 11.55
H8B DPV YA . 17.95 -13.18 9.92
H15 DPV YA . 16.16 -6.04 7.64
H15A DPV YA . 15.99 -4.40 6.82
H16 DPV YA . 14.52 -5.50 9.29
H16A DPV YA . 14.32 -3.85 8.77
H17 DPV YA . 13.39 -4.48 6.67
H17A DPV YA . 13.94 -6.17 6.86
H18 DPV YA . 12.27 -6.50 8.65
H18A DPV YA . 11.78 -4.82 8.54
H19 DPV YA . 11.06 -5.21 6.19
H19A DPV YA . 11.52 -6.88 6.31
H20 DPV YA . 9.82 -7.28 8.08
H20A DPV YA . 9.34 -5.54 7.95
H21 DPV YA . 8.71 -5.91 5.54
H21A DPV YA . 9.15 -7.61 5.66
H22 DPV YA . 7.37 -7.93 7.34
H22A DPV YA . 6.97 -6.20 7.27
H23 DPV YA . 6.89 -8.12 4.88
H23A DPV YA . 6.41 -6.43 4.89
H23B DPV YA . 5.50 -7.66 5.81
N DPV ZA . 2.87 -23.93 -23.14
P DPV ZA . 3.35 -19.40 -22.42
C1 DPV ZA . 4.01 -17.26 -21.07
C2 DPV ZA . 3.37 -16.17 -22.01
C3 DPV ZA . 3.07 -14.82 -21.23
C4 DPV ZA . 4.39 -21.87 -22.41
C5 DPV ZA . 3.65 -22.64 -23.55
C6 DPV ZA . 3.80 -24.97 -22.49
C7 DPV ZA . 2.31 -24.58 -24.42
C8 DPV ZA . 1.69 -23.61 -22.22
C15 DPV ZA . 1.84 -14.91 -20.32
C16 DPV ZA . 1.54 -13.57 -19.65
C17 DPV ZA . 0.54 -13.73 -18.44
C18 DPV ZA . 0.18 -12.37 -17.79
C19 DPV ZA . -0.80 -12.52 -16.60
O1P DPV ZA . 2.63 -18.87 -23.62
C20 DPV ZA . -2.23 -12.89 -17.04
C21 DPV ZA . -3.28 -12.68 -15.95
C22 DPV ZA . -4.69 -13.17 -16.38
C23 DPV ZA . -5.73 -12.97 -15.25
O2P DPV ZA . 2.39 -19.87 -21.39
O3P DPV ZA . 4.45 -18.40 -21.86
O4P DPV ZA . 4.51 -20.47 -22.77
H1 DPV ZA . 4.88 -16.84 -20.60
H1A DPV ZA . 3.27 -17.59 -20.37
H2 DPV ZA . 4.03 -15.97 -22.87
H2A DPV ZA . 2.42 -16.54 -22.42
H3 DPV ZA . 2.89 -14.08 -22.02
H3A DPV ZA . 3.93 -14.46 -20.65
H4 DPV ZA . 3.87 -21.98 -21.45
H4A DPV ZA . 5.40 -22.26 -22.27
H5 DPV ZA . 2.90 -21.98 -23.97
H5A DPV ZA . 4.36 -22.91 -24.35
H6 DPV ZA . 4.66 -25.10 -23.15
H6A DPV ZA . 3.21 -25.89 -22.37
H6B DPV ZA . 4.13 -24.65 -21.50
H7 DPV ZA . 1.54 -23.93 -24.80
H7A DPV ZA . 1.86 -25.52 -24.17
H7B DPV ZA . 3.11 -24.71 -25.17
H8 DPV ZA . 0.97 -22.93 -22.74
H8A DPV ZA . 2.05 -23.11 -21.30
H8B DPV ZA . 1.16 -24.53 -21.94
H15 DPV ZA . 2.04 -15.65 -19.56
H15A DPV ZA . 0.97 -15.28 -20.87
H16 DPV ZA . 2.46 -13.13 -19.24
H16A DPV ZA . 1.12 -12.88 -20.38
H17 DPV ZA . -0.38 -14.19 -18.78
H17A DPV ZA . 0.96 -14.38 -17.69
H18 DPV ZA . 1.06 -11.81 -17.49
H18A DPV ZA . -0.31 -11.71 -18.53
H19 DPV ZA . -0.41 -13.29 -15.92
H19A DPV ZA . -0.83 -11.56 -16.07
H20 DPV ZA . -2.52 -12.29 -17.91
H20A DPV ZA . -2.24 -13.95 -17.39
H21 DPV ZA . -2.98 -13.18 -15.05
H21A DPV ZA . -3.33 -11.62 -15.63
H22 DPV ZA . -5.01 -12.64 -17.28
H22A DPV ZA . -4.61 -14.22 -16.63
H23 DPV ZA . -5.83 -11.94 -14.96
H23A DPV ZA . -5.50 -13.63 -14.41
H23B DPV ZA . -6.70 -13.24 -15.64
N DPV AB . 5.74 -31.35 -21.55
P DPV AB . 5.61 -27.47 -19.05
C1 DPV AB . 5.91 -25.09 -18.01
C2 DPV AB . 7.03 -24.24 -17.33
C3 DPV AB . 6.50 -23.03 -16.55
C4 DPV AB . 6.96 -29.37 -20.29
C5 DPV AB . 5.87 -29.80 -21.33
C6 DPV AB . 6.94 -31.95 -22.25
C7 DPV AB . 4.50 -31.58 -22.44
C8 DPV AB . 5.53 -32.11 -20.21
C15 DPV AB . 7.57 -22.50 -15.52
C16 DPV AB . 7.25 -21.06 -15.01
C17 DPV AB . 8.19 -20.69 -13.83
C18 DPV AB . 8.07 -19.19 -13.43
C19 DPV AB . 8.98 -18.85 -12.20
O1P DPV AB . 4.44 -26.98 -19.83
C20 DPV AB . 8.64 -17.49 -11.56
C21 DPV AB . 9.47 -17.23 -10.25
C22 DPV AB . 9.18 -15.82 -9.61
C23 DPV AB . 7.82 -15.76 -8.86
O2P DPV AB . 5.24 -28.42 -18.01
O3P DPV AB . 6.54 -26.30 -18.50
O4P DPV AB . 6.85 -27.96 -19.98
H1 DPV AB . 5.13 -25.35 -17.29
H1A DPV AB . 5.45 -24.56 -18.88
H2 DPV AB . 7.61 -24.87 -16.68
H2A DPV AB . 7.71 -23.93 -18.06
H3 DPV AB . 5.60 -23.29 -16.00
H3A DPV AB . 6.28 -22.23 -17.27
H4 DPV AB . 6.91 -29.92 -19.37
H4A DPV AB . 7.95 -29.50 -20.71
H5 DPV AB . 4.89 -29.46 -20.95
H5A DPV AB . 6.04 -29.30 -22.31
H6 DPV AB . 7.79 -31.88 -21.57
H6A DPV AB . 7.09 -31.35 -23.15
H6B DPV AB . 6.69 -32.99 -22.51
H7 DPV AB . 3.60 -31.23 -21.93
H7A DPV AB . 4.44 -32.67 -22.68
H7B DPV AB . 4.64 -30.95 -23.34
H8 DPV AB . 5.35 -33.16 -20.44
H8A DPV AB . 4.69 -31.63 -19.67
H8B DPV AB . 6.45 -32.01 -19.61
H15 DPV AB . 8.55 -22.51 -15.99
H15A DPV AB . 7.60 -23.19 -14.67
H16 DPV AB . 7.36 -20.32 -15.80
H16A DPV AB . 6.20 -21.02 -14.72
H17 DPV AB . 7.91 -21.28 -12.95
H17A DPV AB . 9.22 -20.91 -14.08
H18 DPV AB . 8.35 -18.57 -14.30
H18A DPV AB . 7.02 -18.92 -13.20
H19 DPV AB . 8.85 -19.60 -11.43
H19A DPV AB . 10.00 -18.89 -12.50
H20 DPV AB . 8.88 -16.69 -12.26
H20A DPV AB . 7.58 -17.48 -11.29
H21 DPV AB . 9.27 -18.00 -9.50
H21A DPV AB . 10.54 -17.28 -10.51
H22 DPV AB . 9.95 -15.61 -8.89
H22A DPV AB . 9.21 -15.05 -10.37
H23 DPV AB . 6.98 -15.95 -9.54
H23A DPV AB . 7.67 -14.78 -8.41
H23B DPV AB . 7.78 -16.50 -8.07
N DPV BB . 8.46 -6.33 -28.13
P DPV BB . 4.62 -8.40 -25.17
C1 DPV BB . 5.15 -10.73 -24.09
C2 DPV BB . 5.35 -12.19 -24.51
C3 DPV BB . 6.12 -12.96 -23.39
C4 DPV BB . 6.65 -7.32 -26.38
C5 DPV BB . 7.71 -7.61 -27.54
C6 DPV BB . 9.44 -6.77 -29.17
C7 DPV BB . 9.22 -5.50 -27.10
C8 DPV BB . 7.48 -5.41 -28.90
C15 DPV BB . 6.62 -14.30 -23.96
C16 DPV BB . 7.28 -15.20 -22.90
C17 DPV BB . 7.49 -16.64 -23.42
C18 DPV BB . 8.13 -17.59 -22.40
C19 DPV BB . 8.48 -18.95 -23.08
O1P DPV BB . 4.96 -7.82 -23.83
C20 DPV BB . 9.01 -19.98 -22.05
C21 DPV BB . 7.86 -20.62 -21.21
C22 DPV BB . 8.38 -21.78 -20.30
C23 DPV BB . 9.05 -21.24 -19.03
O2P DPV BB . 3.41 -7.76 -25.73
O3P DPV BB . 4.60 -9.99 -25.21
O4P DPV BB . 5.83 -8.50 -26.20
H1 DPV BB . 4.42 -10.69 -23.30
H1A DPV BB . 6.08 -10.28 -23.78
H2 DPV BB . 4.39 -12.64 -24.73
H2A DPV BB . 5.96 -12.17 -25.39
H3 DPV BB . 5.39 -13.13 -22.58
H3A DPV BB . 6.95 -12.35 -22.98
H4 DPV BB . 7.16 -7.09 -25.45
H4A DPV BB . 6.01 -6.48 -26.64
H5 DPV BB . 8.47 -8.27 -27.15
H5A DPV BB . 7.21 -8.06 -28.36
H6 DPV BB . 10.18 -7.41 -28.69
H6A DPV BB . 9.94 -5.87 -29.60
H6B DPV BB . 8.92 -7.30 -29.98
H7 DPV BB . 9.75 -4.68 -27.59
H7A DPV BB . 9.91 -6.15 -26.57
H7B DPV BB . 8.49 -5.08 -26.41
H8 DPV BB . 6.74 -5.05 -28.17
H8A DPV BB . 6.99 -6.00 -29.70
H8B DPV BB . 8.05 -4.56 -29.33
H15 DPV BB . 7.34 -14.12 -24.77
H15A DPV BB . 5.77 -14.84 -24.42
H16 DPV BB . 8.21 -14.76 -22.58
H16A DPV BB . 6.65 -15.25 -22.05
H17 DPV BB . 6.51 -17.04 -23.73
H17A DPV BB . 8.11 -16.59 -24.32
H18 DPV BB . 9.03 -17.16 -21.98
H18A DPV BB . 7.45 -17.74 -21.55
H19 DPV BB . 7.60 -19.32 -23.59
H19A DPV BB . 9.22 -18.75 -23.83
H20 DPV BB . 9.50 -20.77 -22.64
H20A DPV BB . 9.76 -19.52 -21.40
H21 DPV BB . 7.34 -19.86 -20.62
H21A DPV BB . 7.14 -21.01 -21.89
H22 DPV BB . 7.51 -22.43 -20.00
H22A DPV BB . 9.09 -22.43 -20.85
H23 DPV BB . 9.39 -22.07 -18.41
H23A DPV BB . 8.32 -20.66 -18.45
H23B DPV BB . 9.91 -20.61 -19.29
N DPV CB . 8.76 -24.14 -24.70
P DPV CB . 13.10 -24.52 -24.14
C1 DPV CB . 13.88 -22.02 -24.31
C2 DPV CB . 12.89 -20.88 -24.62
C3 DPV CB . 12.97 -19.57 -23.79
C4 DPV CB . 10.75 -24.62 -22.92
C5 DPV CB . 9.73 -25.16 -24.00
C6 DPV CB . 9.52 -23.18 -25.60
C7 DPV CB . 7.90 -23.34 -23.69
C8 DPV CB . 7.80 -24.91 -25.61
C15 DPV CB . 12.78 -19.80 -22.25
C16 DPV CB . 12.54 -18.49 -21.50
C17 DPV CB . 12.53 -18.69 -19.96
C18 DPV CB . 12.06 -17.46 -19.14
C19 DPV CB . 13.14 -16.30 -19.04
O1P DPV CB . 14.09 -24.79 -23.08
C20 DPV CB . 12.55 -15.11 -18.20
C21 DPV CB . 13.61 -14.02 -17.92
C22 DPV CB . 12.98 -12.90 -17.06
C23 DPV CB . 14.05 -11.87 -16.64
O2P DPV CB . 12.84 -25.70 -24.99
O3P DPV CB . 13.39 -23.20 -24.99
O4P DPV CB . 11.75 -23.84 -23.59
H1 DPV CB . 14.86 -21.75 -24.69
H1A DPV CB . 13.92 -22.18 -23.22
H2 DPV CB . 13.01 -20.63 -25.66
H2A DPV CB . 11.88 -21.27 -24.52
H3 DPV CB . 12.15 -18.90 -24.14
H3A DPV CB . 13.92 -19.08 -23.98
H4 DPV CB . 10.21 -24.00 -22.19
H4A DPV CB . 11.26 -25.42 -22.35
H5 DPV CB . 10.27 -25.70 -24.81
H5A DPV CB . 9.08 -25.89 -23.51
H6 DPV CB . 10.29 -23.77 -26.11
H6A DPV CB . 9.98 -22.37 -25.00
H6B DPV CB . 8.85 -22.72 -26.33
H7 DPV CB . 7.33 -24.01 -23.07
H7A DPV CB . 7.23 -22.71 -24.22
H7B DPV CB . 8.56 -22.75 -23.08
H8 DPV CB . 7.31 -25.68 -25.02
H8A DPV CB . 8.36 -25.38 -26.40
H8B DPV CB . 7.13 -24.22 -26.08
H15 DPV CB . 13.69 -20.26 -21.85
H15A DPV CB . 11.95 -20.48 -22.06
H16 DPV CB . 13.31 -17.77 -21.77
H16A DPV CB . 11.58 -18.07 -21.83
H17 DPV CB . 11.90 -19.55 -19.70
H17A DPV CB . 13.52 -18.94 -19.60
H18 DPV CB . 11.14 -17.06 -19.55
H18A DPV CB . 11.86 -17.81 -18.13
H19 DPV CB . 14.07 -16.68 -18.59
H19A DPV CB . 13.41 -15.98 -20.06
H20 DPV CB . 11.70 -14.66 -18.76
H20A DPV CB . 12.13 -15.48 -17.26
H21 DPV CB . 14.47 -14.43 -17.42
H21A DPV CB . 13.93 -13.65 -18.89
H22 DPV CB . 12.25 -12.40 -17.67
H22A DPV CB . 12.46 -13.32 -16.21
H23 DPV CB . 13.60 -11.00 -16.17
H23A DPV CB . 14.61 -11.52 -17.48
H23B DPV CB . 14.73 -12.32 -15.92
N DPV DB . 27.77 -14.83 -20.18
P DPV DB . 28.63 -11.66 -16.61
C1 DPV DB . 28.10 -12.63 -14.25
C2 DPV DB . 27.07 -13.80 -14.06
C3 DPV DB . 25.91 -13.71 -15.08
C4 DPV DB . 29.06 -13.77 -18.14
C5 DPV DB . 28.25 -13.51 -19.44
C6 DPV DB . 26.78 -15.62 -19.32
C7 DPV DB . 28.97 -15.75 -20.55
C8 DPV DB . 27.06 -14.45 -21.46
C15 DPV DB . 24.79 -14.68 -14.79
C16 DPV DB . 25.05 -16.12 -15.35
C17 DPV DB . 23.72 -16.94 -15.39
C18 DPV DB . 22.91 -16.67 -16.68
C19 DPV DB . 21.62 -17.54 -16.75
O1P DPV DB . 29.26 -10.36 -16.22
C20 DPV DB . 20.87 -17.37 -18.12
C21 DPV DB . 19.57 -18.23 -18.08
C22 DPV DB . 18.78 -18.10 -19.44
C23 DPV DB . 17.52 -18.94 -19.41
O2P DPV DB . 27.24 -11.47 -17.09
O3P DPV DB . 28.79 -12.80 -15.49
O4P DPV DB . 29.53 -12.52 -17.58
H1 DPV DB . 27.54 -11.64 -14.27
H1A DPV DB . 28.85 -12.65 -13.42
H2 DPV DB . 27.58 -14.74 -14.17
H2A DPV DB . 26.68 -13.73 -13.02
H3 DPV DB . 26.24 -13.90 -16.10
H3A DPV DB . 25.52 -12.66 -15.09
H4 DPV DB . 28.43 -14.27 -17.44
H4A DPV DB . 29.93 -14.38 -18.36
H5 DPV DB . 27.36 -12.90 -19.21
H5A DPV DB . 28.90 -12.96 -20.14
H6 DPV DB . 25.95 -14.97 -19.06
H6A DPV DB . 27.31 -15.95 -18.44
H6B DPV DB . 26.44 -16.48 -19.90
H7 DPV DB . 29.64 -15.22 -21.22
H7A DPV DB . 28.60 -16.65 -21.01
H7B DPV DB . 29.52 -15.98 -19.65
H8 DPV DB . 26.66 -15.37 -21.94
H8A DPV DB . 27.78 -13.94 -22.14
H8B DPV DB . 26.25 -13.72 -21.24
H15 DPV DB . 23.89 -14.28 -15.24
H15A DPV DB . 24.65 -14.75 -13.75
H16 DPV DB . 25.47 -16.03 -16.36
H16A DPV DB . 25.76 -16.60 -14.74
H17 DPV DB . 23.95 -18.01 -15.37
H17A DPV DB . 23.15 -16.70 -14.48
H18 DPV DB . 22.62 -15.62 -16.74
H18A DPV DB . 23.54 -16.92 -17.54
H19 DPV DB . 21.87 -18.59 -16.61
H19A DPV DB . 20.97 -17.23 -15.95
H20 DPV DB . 20.58 -16.33 -18.30
H20A DPV DB . 21.55 -17.71 -18.93
H21 DPV DB . 19.84 -19.28 -17.91
H21A DPV DB . 18.93 -17.89 -17.28
H22 DPV DB . 18.54 -17.05 -19.59
H22A DPV DB . 19.39 -18.40 -20.29
H23 DPV DB . 16.78 -18.51 -18.73
H23A DPV DB . 17.73 -19.98 -19.08
H23B DPV DB . 17.10 -18.96 -20.43
N DPV EB . 25.06 -9.25 -22.41
P DPV EB . 20.49 -10.61 -24.39
C1 DPV EB . 19.81 -11.49 -26.74
C2 DPV EB . 18.58 -12.39 -26.48
C3 DPV EB . 17.28 -11.69 -26.89
C4 DPV EB . 22.61 -10.18 -22.91
C5 DPV EB . 24.17 -10.42 -22.97
C6 DPV EB . 24.79 -8.93 -20.93
C7 DPV EB . 24.83 -7.95 -23.22
C8 DPV EB . 26.52 -9.72 -22.58
C15 DPV EB . 16.00 -12.47 -26.43
C16 DPV EB . 14.71 -11.63 -26.74
C17 DPV EB . 13.43 -12.36 -26.37
C18 DPV EB . 12.18 -11.44 -26.46
C19 DPV EB . 10.91 -12.22 -25.96
O1P DPV EB . 19.47 -11.10 -23.45
C20 DPV EB . 9.60 -11.38 -25.99
C21 DPV EB . 9.18 -10.84 -24.57
C22 DPV EB . 10.03 -9.64 -24.08
C23 DPV EB . 9.43 -8.99 -22.83
O2P DPV EB . 20.25 -9.19 -24.76
O3P DPV EB . 20.72 -11.57 -25.63
O4P DPV EB . 22.02 -10.92 -23.97
H1 DPV EB . 20.32 -11.83 -27.64
H1A DPV EB . 19.54 -10.44 -26.86
H2 DPV EB . 18.67 -13.31 -27.04
H2A DPV EB . 18.50 -12.64 -25.44
H3 DPV EB . 17.23 -11.56 -27.99
H3A DPV EB . 17.24 -10.69 -26.45
H4 DPV EB . 22.20 -10.51 -21.95
H4A DPV EB . 22.35 -9.15 -23.09
H5 DPV EB . 24.41 -11.30 -22.41
H5A DPV EB . 24.45 -10.57 -23.99
H6 DPV EB . 23.79 -8.52 -20.83
H6A DPV EB . 25.54 -8.21 -20.61
H6B DPV EB . 24.86 -9.87 -20.37
H7 DPV EB . 24.96 -8.11 -24.28
H7A DPV EB . 25.53 -7.19 -22.92
H7B DPV EB . 23.80 -7.64 -23.06
H8 DPV EB . 26.67 -9.90 -23.63
H8A DPV EB . 26.69 -10.65 -22.03
H8B DPV EB . 27.19 -8.95 -22.19
H15 DPV EB . 16.02 -12.65 -25.34
H15A DPV EB . 15.96 -13.43 -26.93
H16 DPV EB . 14.76 -10.66 -26.14
H16A DPV EB . 14.67 -11.36 -27.85
H17 DPV EB . 13.36 -13.21 -27.04
H17A DPV EB . 13.49 -12.74 -25.37
H18 DPV EB . 12.36 -10.54 -25.84
H18A DPV EB . 12.05 -11.13 -27.51
H19 DPV EB . 10.75 -13.11 -26.60
H19A DPV EB . 11.07 -12.57 -24.91
H20 DPV EB . 9.66 -10.54 -26.69
H20A DPV EB . 8.80 -12.07 -26.38
H21 DPV EB . 8.16 -10.48 -24.69
H21A DPV EB . 9.15 -11.64 -23.84
H22 DPV EB . 11.06 -10.02 -23.88
H22A DPV EB . 10.13 -8.84 -24.83
H23 DPV EB . 8.47 -8.57 -23.05
H23A DPV EB . 10.08 -8.21 -22.49
H23B DPV EB . 9.35 -9.71 -22.04
N DPV FB . 16.31 4.54 -16.47
P DPV FB . 20.10 0.93 -16.05
C1 DPV FB . 19.23 -1.18 -17.37
C2 DPV FB . 19.09 -1.67 -18.83
C3 DPV FB . 20.42 -2.22 -19.39
C4 DPV FB . 18.33 2.85 -16.01
C5 DPV FB . 16.82 3.05 -16.37
C6 DPV FB . 16.92 5.20 -17.71
C7 DPV FB . 16.62 5.40 -15.24
C8 DPV FB . 14.78 4.50 -16.65
C15 DPV FB . 20.32 -2.55 -20.96
C16 DPV FB . 19.50 -3.86 -21.25
C17 DPV FB . 20.32 -5.17 -21.01
C18 DPV FB . 19.46 -6.45 -21.08
C19 DPV FB . 20.28 -7.75 -20.88
O1P DPV FB . 21.20 1.91 -16.01
C20 DPV FB . 19.41 -9.04 -20.89
C21 DPV FB . 18.75 -9.40 -19.48
C22 DPV FB . 17.23 -9.09 -19.47
C23 DPV FB . 16.58 -9.43 -18.12
O2P DPV FB . 19.99 0.17 -14.79
O3P DPV FB . 20.09 0.02 -17.36
O4P DPV FB . 18.68 1.55 -16.51
H1 DPV FB . 18.23 -0.92 -17.01
H1A DPV FB . 19.63 -1.93 -16.70
H2 DPV FB . 18.34 -2.47 -18.87
H2A DPV FB . 18.71 -0.83 -19.41
H3 DPV FB . 20.70 -3.14 -18.82
H3A DPV FB . 21.25 -1.52 -19.24
H4 DPV FB . 18.99 3.62 -16.47
H4A DPV FB . 18.44 2.87 -14.94
H5 DPV FB . 16.61 2.59 -17.35
H5A DPV FB . 16.19 2.57 -15.62
H6 DPV FB . 16.72 4.57 -18.58
H6A DPV FB . 17.98 5.33 -17.53
H6B DPV FB . 16.45 6.18 -17.87
H7 DPV FB . 17.70 5.48 -15.11
H7A DPV FB . 16.14 4.98 -14.35
H7B DPV FB . 16.21 6.40 -15.41
H8 DPV FB . 14.55 3.96 -17.58
H8A DPV FB . 14.38 5.52 -16.63
H8B DPV FB . 14.35 3.95 -15.79
H15 DPV FB . 21.31 -2.64 -21.35
H15A DPV FB . 19.84 -1.72 -21.51
H16 DPV FB . 18.58 -3.89 -20.67
H16A DPV FB . 19.19 -3.76 -22.28
H17 DPV FB . 21.14 -5.21 -21.76
H17A DPV FB . 20.77 -5.13 -20.02
H18 DPV FB . 18.64 -6.38 -20.37
H18A DPV FB . 19.02 -6.46 -22.09
H19 DPV FB . 20.97 -7.82 -21.69
H19A DPV FB . 20.90 -7.69 -20.00
H20 DPV FB . 18.63 -8.97 -21.67
H20A DPV FB . 20.04 -9.88 -21.17
H21 DPV FB . 18.89 -10.48 -19.30
H21A DPV FB . 19.26 -8.89 -18.65
H22 DPV FB . 17.10 -8.06 -19.73
H22A DPV FB . 16.72 -9.70 -20.20
H23 DPV FB . 16.80 -10.46 -17.84
H23A DPV FB . 15.50 -9.32 -18.19
H23B DPV FB . 16.92 -8.76 -17.33
N DPV GB . 13.56 -6.13 -26.21
P DPV GB . 9.76 -5.14 -23.58
C1 DPV GB . 9.59 -5.04 -21.01
C2 DPV GB . 10.33 -5.49 -19.76
C3 DPV GB . 10.03 -6.98 -19.45
C4 DPV GB . 12.08 -4.65 -24.64
C5 DPV GB . 13.44 -5.28 -24.91
C6 DPV GB . 12.65 -7.38 -26.17
C7 DPV GB . 15.01 -6.66 -26.29
C8 DPV GB . 13.27 -5.30 -27.49
C15 DPV GB . 10.73 -7.44 -18.15
C16 DPV GB . 10.12 -8.74 -17.61
C17 DPV GB . 10.76 -9.20 -16.30
C18 DPV GB . 10.06 -10.50 -15.81
C19 DPV GB . 10.41 -10.89 -14.33
O1P DPV GB . 9.45 -3.72 -23.93
C20 DPV GB . 9.59 -12.12 -13.87
C21 DPV GB . 9.78 -12.45 -12.36
C22 DPV GB . 8.89 -11.55 -11.46
C23 DPV GB . 9.23 -11.73 -9.99
O2P DPV GB . 8.61 -6.06 -23.86
O3P DPV GB . 10.41 -5.31 -22.14
O4P DPV GB . 11.12 -5.61 -24.20
H1 DPV GB . 8.61 -5.55 -21.11
H1A DPV GB . 9.43 -3.96 -20.95
H2 DPV GB . 11.41 -5.33 -19.91
H2A DPV GB . 9.98 -4.87 -18.91
H3 DPV GB . 10.37 -7.57 -20.30
H3A DPV GB . 8.96 -7.13 -19.35
H4 DPV GB . 12.18 -3.92 -23.81
H4A DPV GB . 11.68 -4.12 -25.53
H5 DPV GB . 14.20 -4.52 -24.93
H5A DPV GB . 13.65 -5.93 -24.09
H6 DPV GB . 12.88 -7.92 -25.24
H6A DPV GB . 12.86 -8.01 -27.05
H6B DPV GB . 11.60 -7.08 -26.21
H7 DPV GB . 15.12 -7.28 -27.16
H7A DPV GB . 15.20 -7.28 -25.41
H7B DPV GB . 15.69 -5.82 -26.34
H8 DPV GB . 13.50 -5.95 -28.36
H8A DPV GB . 13.94 -4.45 -27.48
H8B DPV GB . 12.24 -4.96 -27.48
H15 DPV GB . 10.69 -6.63 -17.41
H15A DPV GB . 11.79 -7.58 -18.39
H16 DPV GB . 9.04 -8.58 -17.43
H16A DPV GB . 10.22 -9.57 -18.34
H17 DPV GB . 11.85 -9.36 -16.47
H17A DPV GB . 10.64 -8.41 -15.52
H18 DPV GB . 8.99 -10.37 -15.89
H18A DPV GB . 10.31 -11.33 -16.48
H19 DPV GB . 11.47 -11.08 -14.23
H19A DPV GB . 10.16 -10.06 -13.67
H20 DPV GB . 8.51 -11.94 -14.09
H20A DPV GB . 9.90 -12.99 -14.49
H21 DPV GB . 9.52 -13.45 -12.27
H21A DPV GB . 10.80 -12.36 -12.10
H22 DPV GB . 9.08 -10.52 -11.73
H22A DPV GB . 7.83 -11.72 -11.60
H23 DPV GB . 8.88 -12.68 -9.58
H23A DPV GB . 8.79 -10.92 -9.43
H23B DPV GB . 10.31 -11.69 -9.88
N DPV HB . -9.17 -4.37 -13.63
P DPV HB . -7.19 -8.45 -14.29
C1 DPV HB . -4.99 -9.66 -13.64
C2 DPV HB . -3.90 -9.52 -12.53
C3 DPV HB . -2.44 -9.79 -13.02
C4 DPV HB . -7.43 -6.25 -12.90
C5 DPV HB . -7.71 -4.71 -13.11
C6 DPV HB . -9.52 -5.02 -14.95
C7 DPV HB . -9.23 -2.85 -13.80
C8 DPV HB . -10.28 -4.85 -12.63
C15 DPV HB . -1.89 -8.66 -13.97
C16 DPV HB . -0.38 -8.33 -13.70
C17 DPV HB . 0.61 -9.45 -14.10
C18 DPV HB . 2.07 -8.94 -14.10
C19 DPV HB . 3.02 -10.11 -14.53
O1P DPV HB . -8.22 -9.14 -13.47
C20 DPV HB . 4.45 -9.64 -14.76
C21 DPV HB . 5.22 -9.25 -13.44
C22 DPV HB . 6.75 -8.96 -13.78
C23 DPV HB . 7.48 -8.15 -12.71
O2P DPV HB . -7.19 -8.96 -15.68
O3P DPV HB . -5.73 -8.43 -13.63
O4P DPV HB . -7.26 -6.87 -14.19
H1 DPV HB . -4.59 -9.78 -14.66
H1A DPV HB . -5.65 -10.48 -13.38
H2 DPV HB . -3.96 -8.50 -12.10
H2A DPV HB . -4.12 -10.22 -11.74
H3 DPV HB . -2.39 -10.74 -13.53
H3A DPV HB . -1.80 -9.88 -12.14
H4 DPV HB . -6.52 -6.40 -12.33
H4A DPV HB . -8.26 -6.74 -12.40
H5 DPV HB . -7.63 -4.19 -12.15
H5A DPV HB . -6.97 -4.26 -13.79
H6 DPV HB . -9.48 -6.11 -14.79
H6A DPV HB . -8.76 -4.73 -15.68
H6B DPV HB . -10.52 -4.73 -15.28
H7 DPV HB . -9.07 -2.36 -12.84
H7A DPV HB . -10.23 -2.58 -14.18
H7B DPV HB . -8.47 -2.58 -14.54
H8 DPV HB . -10.10 -4.46 -11.64
H8A DPV HB . -10.29 -5.95 -12.57
H8B DPV HB . -11.27 -4.50 -12.99
H15 DPV HB . -2.44 -7.76 -13.77
H15A DPV HB . -2.05 -8.87 -14.99
H16 DPV HB . -0.15 -7.46 -14.31
H16A DPV HB . -0.24 -8.04 -12.66
H17 DPV HB . 0.50 -10.27 -13.37
H17A DPV HB . 0.34 -9.78 -15.13
H18 DPV HB . 2.18 -8.09 -14.78
H18A DPV HB . 2.31 -8.59 -13.08
H19 DPV HB . 3.02 -10.84 -13.72
H19A DPV HB . 2.65 -10.61 -15.42
H20 DPV HB . 5.00 -10.46 -15.19
H20A DPV HB . 4.48 -8.83 -15.46
H21 DPV HB . 4.75 -8.37 -12.95
H21A DPV HB . 5.19 -10.05 -12.72
H22 DPV HB . 7.27 -9.92 -13.88
H22A DPV HB . 6.83 -8.45 -14.74
H23 DPV HB . 7.01 -7.15 -12.59
H23A DPV HB . 8.52 -8.04 -12.96
H23B DPV HB . 7.43 -8.65 -11.75
N DPV IB . 6.20 -15.11 13.69
P DPV IB . 9.62 -13.15 15.88
C1 DPV IB . 11.55 -12.31 14.29
C2 DPV IB . 11.40 -12.59 12.80
C3 DPV IB . 12.57 -13.48 12.24
C4 DPV IB . 8.55 -15.33 14.99
C5 DPV IB . 7.63 -15.77 13.82
C6 DPV IB . 5.32 -15.43 14.90
C7 DPV IB . 5.54 -15.72 12.45
C8 DPV IB . 6.24 -13.59 13.55
C15 DPV IB . 12.41 -13.85 10.77
C16 DPV IB . 12.82 -12.68 9.78
C17 DPV IB . 12.22 -12.87 8.35
C18 DPV IB . 13.07 -13.77 7.45
C19 DPV IB . 12.48 -13.82 6.02
O1P DPV IB . 8.49 -12.60 16.69
C20 DPV IB . 13.48 -14.48 5.03
C21 DPV IB . 12.85 -14.62 3.60
C22 DPV IB . 13.82 -15.32 2.61
C23 DPV IB . 13.86 -16.84 2.82
O2P DPV IB . 10.64 -13.82 16.76
O3P DPV IB . 10.23 -12.05 14.84
O4P DPV IB . 9.13 -14.05 14.68
H1 DPV IB . 12.02 -13.16 14.77
H1A DPV IB . 12.17 -11.44 14.45
H2 DPV IB . 10.46 -13.15 12.63
H2A DPV IB . 11.33 -11.64 12.24
H3 DPV IB . 12.64 -14.41 12.80
H3A DPV IB . 13.51 -12.96 12.39
H4 DPV IB . 7.96 -15.31 15.91
H4A DPV IB . 9.39 -16.01 15.13
H5 DPV IB . 8.15 -15.59 12.92
H5A DPV IB . 7.49 -16.83 13.88
H6 DPV IB . 5.75 -15.00 15.80
H6A DPV IB . 5.26 -16.52 15.01
H6B DPV IB . 4.32 -15.04 14.71
H7 DPV IB . 6.12 -15.43 11.58
H7A DPV IB . 4.54 -15.32 12.36
H7B DPV IB . 5.52 -16.80 12.54
H8 DPV IB . 6.82 -13.36 12.66
H8A DPV IB . 6.71 -13.18 14.45
H8B DPV IB . 5.21 -13.24 13.46
H15 DPV IB . 11.38 -14.14 10.59
H15A DPV IB . 13.04 -14.73 10.55
H16 DPV IB . 12.50 -11.75 10.15
H16A DPV IB . 13.91 -12.63 9.75
H17 DPV IB . 11.21 -13.27 8.40
H17A DPV IB . 12.19 -11.87 7.88
H18 DPV IB . 14.10 -13.39 7.40
H18A DPV IB . 13.13 -14.80 7.87
H19 DPV IB . 11.54 -14.35 5.99
H19A DPV IB . 12.35 -12.80 5.68
H20 DPV IB . 14.38 -13.89 4.94
H20A DPV IB . 13.76 -15.45 5.42
H21 DPV IB . 11.90 -15.15 3.65
H21A DPV IB . 12.65 -13.64 3.25
H22 DPV IB . 13.54 -15.08 1.61
H22A DPV IB . 14.83 -14.95 2.67
H23 DPV IB . 14.49 -17.32 2.06
H23A DPV IB . 12.85 -17.25 2.75
H23B DPV IB . 14.28 -17.09 3.79
N DPV JB . 14.57 -20.54 12.48
P DPV JB . 10.29 -18.28 12.41
C1 DPV JB . 9.41 -16.93 10.33
C2 DPV JB . 8.78 -15.57 9.96
C3 DPV JB . 7.97 -15.63 8.62
C4 DPV JB . 12.83 -18.69 11.69
C5 DPV JB . 13.17 -19.88 12.67
C6 DPV JB . 15.73 -19.53 12.69
C7 DPV JB . 14.69 -21.22 11.11
C8 DPV JB . 14.73 -21.64 13.54
C15 DPV JB . 8.88 -15.77 7.36
C16 DPV JB . 8.04 -15.68 6.04
C17 DPV JB . 8.96 -15.80 4.81
C18 DPV JB . 8.16 -15.66 3.46
C19 DPV JB . 9.11 -15.61 2.25
O1P DPV JB . 9.99 -19.50 11.61
C20 DPV JB . 8.30 -15.55 0.94
C21 DPV JB . 9.20 -15.48 -0.30
C22 DPV JB . 8.40 -15.46 -1.63
C23 DPV JB . 9.32 -15.49 -2.82
O2P DPV JB . 9.79 -18.39 13.78
O3P DPV JB . 9.87 -16.89 11.70
O4P DPV JB . 11.84 -17.83 12.34
H1 DPV JB . 8.67 -17.72 10.22
H1A DPV JB . 10.25 -17.14 9.69
H2 DPV JB . 8.07 -15.28 10.74
H2A DPV JB . 9.55 -14.81 9.89
H3 DPV JB . 7.39 -14.71 8.51
H3A DPV JB . 7.23 -16.46 8.62
H4 DPV JB . 13.67 -18.04 11.52
H4A DPV JB . 12.47 -19.10 10.75
H5 DPV JB . 13.11 -19.55 13.69
H5A DPV JB . 12.45 -20.67 12.56
H6 DPV JB . 15.66 -19.09 13.69
H6A DPV JB . 15.67 -18.74 11.95
H6B DPV JB . 16.67 -20.06 12.60
H7 DPV JB . 15.68 -21.69 11.10
H7A DPV JB . 14.57 -20.44 10.36
H7B DPV JB . 13.94 -22.00 11.04
H8 DPV JB . 13.90 -22.34 13.39
H8A DPV JB . 14.67 -21.18 14.53
H8B DPV JB . 15.71 -22.11 13.37
H15 DPV JB . 9.39 -16.71 7.40
H15A DPV JB . 9.63 -14.99 7.38
H16 DPV JB . 7.27 -16.45 6.04
H16A DPV JB . 7.52 -14.70 6.00
H17 DPV JB . 9.80 -15.06 4.87
H17A DPV JB . 9.42 -16.77 4.84
H18 DPV JB . 7.53 -16.52 3.34
H18A DPV JB . 7.51 -14.77 3.51
H19 DPV JB . 9.77 -14.71 2.30
H19A DPV JB . 9.76 -16.51 2.25
H20 DPV JB . 7.68 -16.43 0.87
H20A DPV JB . 7.62 -14.69 0.97
H21 DPV JB . 9.84 -14.58 -0.28
H21A DPV JB . 9.88 -16.33 -0.29
H22 DPV JB . 7.70 -16.30 -1.67
H22A DPV JB . 7.81 -14.52 -1.69
H23 DPV JB . 9.95 -16.38 -2.82
H23A DPV JB . 9.99 -14.64 -2.79
H23B DPV JB . 8.74 -15.42 -3.74
N DPV KB . 8.62 -8.65 14.44
P DPV KB . 13.28 -6.53 13.54
C1 DPV KB . 14.50 -7.60 11.47
C2 DPV KB . 14.18 -8.58 10.33
C3 DPV KB . 15.50 -9.25 9.83
C4 DPV KB . 10.88 -7.32 14.10
C5 DPV KB . 10.10 -8.33 14.93
C6 DPV KB . 7.92 -9.60 15.42
C7 DPV KB . 8.65 -9.38 13.12
C8 DPV KB . 7.76 -7.36 14.28
C15 DPV KB . 15.34 -10.12 8.52
C16 DPV KB . 15.34 -9.31 7.20
C17 DPV KB . 16.79 -8.84 6.77
C18 DPV KB . 16.80 -7.99 5.48
C19 DPV KB . 18.23 -7.51 5.16
O1P DPV KB . 12.71 -5.18 13.38
C20 DPV KB . 18.22 -6.51 3.99
C21 DPV KB . 19.64 -5.93 3.66
C22 DPV KB . 19.53 -4.74 2.67
C23 DPV KB . 20.90 -4.16 2.28
O2P DPV KB . 14.61 -6.49 14.18
O3P DPV KB . 13.25 -7.40 12.20
O4P DPV KB . 12.30 -7.52 14.29
H1 DPV KB . 15.23 -8.01 12.14
H1A DPV KB . 14.85 -6.63 11.10
H2 DPV KB . 13.47 -9.32 10.68
H2A DPV KB . 13.73 -8.04 9.53
H3 DPV KB . 15.85 -9.90 10.64
H3A DPV KB . 16.25 -8.47 9.70
H4 DPV KB . 10.67 -7.44 13.03
H4A DPV KB . 10.59 -6.31 14.45
H5 DPV KB . 10.64 -9.28 14.94
H5A DPV KB . 10.03 -7.95 15.96
H6 DPV KB . 7.85 -9.08 16.38
H6A DPV KB . 8.50 -10.51 15.51
H6B DPV KB . 6.91 -9.81 15.05
H7 DPV KB . 9.33 -8.86 12.44
H7A DPV KB . 7.63 -9.35 12.68
H7B DPV KB . 9.00 -10.41 13.27
H8 DPV KB . 8.21 -6.69 13.52
H8A DPV KB . 7.69 -6.83 15.24
H8B DPV KB . 6.72 -7.63 13.97
H15 DPV KB . 14.36 -10.66 8.59
H15A DPV KB . 16.15 -10.87 8.45
H16 DPV KB . 14.94 -9.92 6.40
H16A DPV KB . 14.67 -8.45 7.31
H17 DPV KB . 17.22 -8.26 7.58
H17A DPV KB . 17.42 -9.75 6.62
H18 DPV KB . 16.40 -8.60 4.63
H18A DPV KB . 16.12 -7.12 5.60
H19 DPV KB . 18.71 -7.08 6.05
H19A DPV KB . 18.83 -8.39 4.88
H20 DPV KB . 17.83 -7.04 3.10
H20A DPV KB . 17.56 -5.70 4.27
H21 DPV KB . 20.10 -5.57 4.59
H21A DPV KB . 20.25 -6.69 3.19
H22 DPV KB . 19.01 -5.06 1.78
H22A DPV KB . 18.93 -3.95 3.12
H23 DPV KB . 21.35 -3.70 3.13
H23A DPV KB . 20.76 -3.42 1.48
H23B DPV KB . 21.62 -4.94 1.97
N DPV LB . -0.47 -5.16 -20.96
P DPV LB . -0.02 -0.76 -19.62
C1 DPV LB . -2.33 -0.12 -20.70
C2 DPV LB . -3.40 -0.66 -21.65
C3 DPV LB . -4.20 -1.86 -21.04
C4 DPV LB . 0.38 -3.36 -19.25
C5 DPV LB . 0.71 -4.63 -20.10
C6 DPV LB . -1.10 -4.08 -21.86
C7 DPV LB . -1.58 -5.75 -20.03
C8 DPV LB . 0.06 -6.29 -21.86
C15 DPV LB . -5.32 -2.36 -21.97
C16 DPV LB . -5.71 -3.84 -21.74
C17 DPV LB . -6.60 -4.04 -20.47
C18 DPV LB . -6.88 -5.55 -20.14
C19 DPV LB . -5.66 -6.18 -19.41
O1P DPV LB . -0.60 -0.76 -18.24
C20 DPV LB . -6.07 -7.54 -18.72
C21 DPV LB . -4.89 -8.15 -17.94
C22 DPV LB . -3.81 -8.83 -18.84
C23 DPV LB . -2.56 -9.20 -18.04
O2P DPV LB . 0.87 0.40 -19.88
O3P DPV LB . -1.14 -0.96 -20.77
O4P DPV LB . 0.58 -2.16 -20.08
H1 DPV LB . -2.04 0.90 -20.94
H1A DPV LB . -2.73 -0.14 -19.67
H2 DPV LB . -4.08 0.16 -21.91
H2A DPV LB . -2.93 -1.00 -22.59
H3 DPV LB . -4.64 -1.55 -20.09
H3A DPV LB . -3.48 -2.67 -20.88
H4 DPV LB . -0.66 -3.39 -18.84
H4A DPV LB . 1.06 -3.29 -18.39
H5 DPV LB . 1.50 -4.37 -20.75
H5A DPV LB . 1.03 -5.43 -19.46
H6 DPV LB . -1.44 -3.25 -21.24
H6A DPV LB . -1.92 -4.53 -22.43
H6B DPV LB . -0.35 -3.72 -22.57
H7 DPV LB . -2.34 -6.26 -20.63
H7A DPV LB . -2.08 -4.97 -19.47
H7B DPV LB . -1.11 -6.45 -19.34
H8 DPV LB . 0.43 -7.09 -21.22
H8A DPV LB . 0.88 -5.90 -22.46
H8B DPV LB . -0.74 -6.67 -22.50
H15 DPV LB . -5.01 -2.27 -22.99
H15A DPV LB . -6.20 -1.71 -21.87
H16 DPV LB . -6.29 -4.18 -22.62
H16A DPV LB . -4.80 -4.44 -21.68
H17 DPV LB . -6.16 -3.54 -19.60
H17A DPV LB . -7.56 -3.56 -20.68
H18 DPV LB . -7.79 -5.61 -19.52
H18A DPV LB . -7.07 -6.09 -21.07
H19 DPV LB . -4.90 -6.32 -20.12
H19A DPV LB . -5.30 -5.51 -18.65
H20 DPV LB . -6.89 -7.35 -18.02
H20A DPV LB . -6.43 -8.27 -19.47
H21 DPV LB . -4.44 -7.37 -17.34
H21A DPV LB . -5.27 -8.88 -17.27
H22 DPV LB . -4.21 -9.72 -19.29
H22A DPV LB . -3.51 -8.18 -19.65
H23 DPV LB . -2.77 -9.92 -17.25
H23A DPV LB . -2.12 -8.32 -17.57
H23B DPV LB . -1.79 -9.61 -18.69
N DPV MB . -3.50 -14.84 -21.77
P DPV MB . -0.22 -14.60 -25.49
C1 DPV MB . 2.33 -14.77 -26.01
C2 DPV MB . 3.37 -15.85 -26.28
C3 DPV MB . 4.58 -15.28 -27.08
C4 DPV MB . -2.23 -15.50 -24.04
C5 DPV MB . -2.13 -14.92 -22.57
C6 DPV MB . -4.03 -16.25 -21.46
C7 DPV MB . -4.58 -14.05 -22.54
C8 DPV MB . -3.24 -14.15 -20.43
C15 DPV MB . 5.73 -16.33 -27.17
C16 DPV MB . 7.07 -15.70 -27.64
C17 DPV MB . 8.26 -16.75 -27.56
C18 DPV MB . 9.63 -16.06 -27.38
C19 DPV MB . 10.70 -16.97 -26.67
O1P DPV MB . -0.85 -14.49 -26.83
C20 DPV MB . 11.65 -16.13 -25.74
C21 DPV MB . 10.98 -15.77 -24.41
C22 DPV MB . 12.01 -15.05 -23.47
C23 DPV MB . 11.32 -14.44 -22.27
O2P DPV MB . -0.11 -13.28 -24.80
O3P DPV MB . 1.13 -15.42 -25.49
O4P DPV MB . -0.87 -15.74 -24.59
H1 DPV MB . 2.67 -14.04 -25.27
H1A DPV MB . 2.12 -14.32 -26.94
H2 DPV MB . 3.71 -16.23 -25.31
H2A DPV MB . 2.95 -16.68 -26.82
H3 DPV MB . 4.97 -14.37 -26.60
H3A DPV MB . 4.28 -15.02 -28.08
H4 DPV MB . -2.79 -16.45 -23.99
H4A DPV MB . -2.73 -14.81 -24.68
H5 DPV MB . -1.48 -15.57 -21.98
H5A DPV MB . -1.76 -13.91 -22.64
H6 DPV MB . -3.24 -16.85 -21.00
H6A DPV MB . -4.33 -16.71 -22.42
H6B DPV MB . -4.88 -16.15 -20.77
H7 DPV MB . -4.20 -13.05 -22.78
H7A DPV MB . -5.47 -14.02 -21.90
H7B DPV MB . -4.81 -14.56 -23.47
H8 DPV MB . -2.81 -13.15 -20.62
H8A DPV MB . -2.51 -14.76 -19.87
H8B DPV MB . -4.20 -14.05 -19.91
H15 DPV MB . 5.40 -17.18 -27.80
H15A DPV MB . 5.92 -16.71 -26.17
H16 DPV MB . 6.96 -15.38 -28.68
H16A DPV MB . 7.29 -14.81 -27.06
H17 DPV MB . 8.12 -17.39 -26.70
H17A DPV MB . 8.25 -17.34 -28.46
H18 DPV MB . 10.02 -15.78 -28.35
H18A DPV MB . 9.49 -15.12 -26.82
H19 DPV MB . 10.21 -17.74 -26.05
H19A DPV MB . 11.27 -17.51 -27.43
H20 DPV MB . 12.56 -16.72 -25.51
H20A DPV MB . 12.01 -15.22 -26.26
H21 DPV MB . 10.13 -15.14 -24.63
H21A DPV MB . 10.60 -16.68 -23.94
H22 DPV MB . 12.78 -15.75 -23.15
H22A DPV MB . 12.49 -14.25 -24.03
H23 DPV MB . 10.79 -15.20 -21.71
H23A DPV MB . 10.61 -13.68 -22.60
H23B DPV MB . 12.02 -13.95 -21.57
N DPV NB . 12.04 -0.97 -21.28
P DPV NB . 15.83 -2.92 -22.67
C1 DPV NB . 15.63 -5.13 -21.20
C2 DPV NB . 14.17 -5.61 -21.07
C3 DPV NB . 14.03 -7.16 -20.84
C4 DPV NB . 13.65 -1.57 -23.32
C5 DPV NB . 13.32 -0.59 -22.15
C6 DPV NB . 12.25 -2.30 -20.51
C7 DPV NB . 10.74 -1.03 -22.12
C8 DPV NB . 11.89 0.13 -20.23
C15 DPV NB . 14.40 -7.99 -22.11
C16 DPV NB . 13.98 -9.46 -21.90
C17 DPV NB . 14.63 -10.38 -22.92
C18 DPV NB . 14.28 -11.89 -22.72
C19 DPV NB . 14.83 -12.55 -21.40
O1P DPV NB . 16.46 -3.77 -23.70
C20 DPV NB . 16.33 -12.80 -21.43
C21 DPV NB . 16.92 -13.10 -20.01
C22 DPV NB . 18.42 -13.50 -20.10
C23 DPV NB . 19.06 -13.59 -18.70
O2P DPV NB . 16.51 -1.64 -22.53
O3P DPV NB . 15.64 -3.69 -21.25
O4P DPV NB . 14.23 -2.79 -22.84
H1 DPV NB . 16.21 -5.45 -20.32
H1A DPV NB . 16.11 -5.56 -22.11
H2 DPV NB . 13.71 -5.13 -20.20
H2A DPV NB . 13.60 -5.33 -21.97
H3 DPV NB . 12.98 -7.34 -20.56
H3A DPV NB . 14.66 -7.45 -19.98
H4 DPV NB . 12.76 -1.78 -23.88
H4A DPV NB . 14.35 -1.09 -24.03
H5 DPV NB . 14.16 -0.58 -21.46
H5A DPV NB . 13.15 0.41 -22.55
H6 DPV NB . 12.27 -3.14 -21.19
H6A DPV NB . 11.40 -2.46 -19.85
H6B DPV NB . 13.16 -2.26 -19.93
H7 DPV NB . 10.63 -0.07 -22.62
H7A DPV NB . 9.89 -1.22 -21.47
H7B DPV NB . 10.82 -1.81 -22.85
H8 DPV NB . 11.78 1.10 -20.74
H8A DPV NB . 12.79 0.18 -19.60
H8B DPV NB . 10.96 -0.08 -19.66
H15 DPV NB . 15.51 -7.96 -22.26
H15A DPV NB . 13.90 -7.60 -23.01
H16 DPV NB . 14.21 -9.80 -20.89
H16A DPV NB . 12.89 -9.52 -22.01
H17 DPV NB . 14.29 -10.06 -23.89
H17A DPV NB . 15.72 -10.23 -22.87
H18 DPV NB . 13.20 -11.97 -22.69
H18A DPV NB . 14.61 -12.48 -23.54
H19 DPV NB . 14.58 -11.90 -20.56
H19A DPV NB . 14.30 -13.52 -21.26
H20 DPV NB . 16.51 -13.62 -22.10
H20A DPV NB . 16.85 -11.93 -21.83
H21 DPV NB . 16.80 -12.23 -19.35
H21A DPV NB . 16.39 -13.96 -19.55
H22 DPV NB . 18.46 -14.50 -20.57
H22A DPV NB . 18.97 -12.76 -20.70
H23 DPV NB . 20.05 -14.04 -18.72
H23A DPV NB . 18.45 -14.22 -18.05
H23B DPV NB . 19.13 -12.60 -18.28
N DPV OB . 12.53 -17.14 16.46
P DPV OB . 15.91 -14.14 14.62
C1 DPV OB . 18.12 -15.55 14.74
C2 DPV OB . 18.03 -16.74 13.78
C3 DPV OB . 19.23 -16.81 12.83
C4 DPV OB . 14.04 -16.02 14.59
C5 DPV OB . 12.59 -16.27 15.17
C6 DPV OB . 11.07 -17.23 16.89
C7 DPV OB . 13.03 -18.58 16.21
C8 DPV OB . 13.29 -16.49 17.63
C15 DPV OB . 19.06 -17.85 11.67
C16 DPV OB . 18.06 -17.36 10.55
C17 DPV OB . 17.95 -18.38 9.39
C18 DPV OB . 16.99 -17.95 8.24
C19 DPV OB . 15.52 -18.36 8.54
O1P DPV OB . 16.17 -12.80 15.17
C20 DPV OB . 14.53 -17.98 7.43
C21 DPV OB . 13.07 -18.33 7.85
C22 DPV OB . 12.03 -17.89 6.81
C23 DPV OB . 12.02 -18.68 5.48
O2P DPV OB . 15.93 -14.15 13.14
O3P DPV OB . 16.81 -15.30 15.30
O4P DPV OB . 14.63 -14.84 15.25
H1 DPV OB . 18.83 -15.79 15.57
H1A DPV OB . 18.48 -14.65 14.21
H2 DPV OB . 17.93 -17.68 14.35
H2A DPV OB . 17.11 -16.64 13.24
H3 DPV OB . 20.11 -17.12 13.43
H3A DPV OB . 19.42 -15.82 12.42
H4 DPV OB . 14.70 -16.90 14.75
H4A DPV OB . 13.98 -15.83 13.53
H5 DPV OB . 12.13 -15.29 15.37
H5A DPV OB . 11.99 -16.80 14.43
H6 DPV OB . 10.71 -16.22 17.06
H6A DPV OB . 11.00 -17.78 17.80
H6B DPV OB . 10.54 -17.73 16.08
H7 DPV OB . 12.97 -19.15 17.15
H7A DPV OB . 14.08 -18.53 15.87
H7B DPV OB . 12.39 -19.04 15.42
H8 DPV OB . 14.33 -16.49 17.32
H8A DPV OB . 13.15 -17.11 18.51
H8B DPV OB . 12.95 -15.50 17.79
H15 DPV OB . 18.70 -18.81 12.06
H15A DPV OB . 20.03 -18.07 11.27
H16 DPV OB . 17.07 -17.25 11.00
H16A DPV OB . 18.38 -16.41 10.17
H17 DPV OB . 18.92 -18.50 8.93
H17A DPV OB . 17.72 -19.39 9.78
H18 DPV OB . 17.07 -16.86 8.09
H18A DPV OB . 17.33 -18.44 7.30
H19 DPV OB . 15.52 -19.43 8.65
H19A DPV OB . 15.20 -17.92 9.48
H20 DPV OB . 14.62 -16.86 7.20
H20A DPV OB . 14.83 -18.55 6.49
H21 DPV OB . 12.98 -19.41 8.01
H21A DPV OB . 12.84 -17.86 8.81
H22 DPV OB . 11.07 -18.02 7.29
H22A DPV OB . 12.15 -16.82 6.59
H23 DPV OB . 13.00 -18.74 5.05
H23A DPV OB . 11.35 -18.24 4.77
H23B DPV OB . 11.68 -19.70 5.69
N GLY A 1 -3.98 3.11 -5.23
CA GLY A 1 -3.10 2.27 -6.10
C GLY A 1 -2.47 1.13 -5.34
N LEU A 2 -1.81 0.21 -6.01
CA LEU A 2 -1.23 -0.93 -5.27
C LEU A 2 -0.09 -0.53 -4.38
N LEU A 3 0.64 0.51 -4.79
CA LEU A 3 1.72 1.06 -3.97
C LEU A 3 1.12 1.52 -2.66
N LYS A 4 -0.03 2.18 -2.73
CA LYS A 4 -0.75 2.61 -1.55
C LYS A 4 -1.16 1.43 -0.73
N TRP A 5 -1.66 0.38 -1.39
CA TRP A 5 -2.09 -0.83 -0.67
C TRP A 5 -0.97 -1.44 0.14
N ILE A 6 0.22 -1.52 -0.44
CA ILE A 6 1.40 -2.01 0.26
C ILE A 6 1.79 -1.07 1.38
N LYS A 7 1.82 0.23 1.10
CA LYS A 7 2.19 1.21 2.11
C LYS A 7 1.23 1.22 3.32
N THR A 8 -0.04 0.98 3.03
CA THR A 8 -1.09 1.00 4.04
C THR A 8 -0.83 -0.20 4.97
N LEU A 9 -0.49 -1.36 4.40
CA LEU A 9 -0.21 -2.55 5.21
C LEU A 9 1.05 -2.37 6.05
N LEU A 10 1.98 -1.58 5.54
CA LEU A 10 3.23 -1.29 6.24
C LEU A 10 3.07 -0.17 7.25
N NH2 A 11 1.99 0.57 7.17
HN1 NH2 A 11 1.31 0.35 6.45
HN2 NH2 A 11 1.83 1.33 7.80
UNK UNX B . 9.41 -15.16 -5.64
N DPV C . 0.74 -11.09 -26.52
P DPV C . -2.66 -11.51 -23.65
C1 DPV C . -5.19 -12.04 -23.75
C2 DPV C . -6.15 -13.05 -24.38
C3 DPV C . -7.12 -13.72 -23.37
C4 DPV C . -0.34 -12.34 -24.45
C5 DPV C . 0.49 -12.42 -25.77
C6 DPV C . -0.57 -10.36 -26.90
C7 DPV C . 1.49 -11.41 -27.82
C8 DPV C . 1.67 -10.17 -25.67
C15 DPV C . -6.53 -15.07 -22.77
C16 DPV C . -5.49 -14.82 -21.64
C17 DPV C . -5.31 -16.05 -20.70
C18 DPV C . -6.36 -16.12 -19.55
C19 DPV C . -5.96 -17.17 -18.45
O1P DPV C . -2.40 -11.98 -22.27
C20 DPV C . -6.73 -16.96 -17.14
C21 DPV C . -6.16 -15.74 -16.33
C22 DPV C . -6.84 -15.55 -14.99
C23 DPV C . -6.31 -14.31 -14.28
O2P DPV C . -2.71 -10.03 -23.77
O3P DPV C . -3.89 -12.24 -24.32
O4P DPV C . -1.73 -12.19 -24.76
H1 DPV C . -5.53 -10.99 -23.95
H1A DPV C . -5.11 -12.18 -22.64
H2 DPV C . -6.72 -12.54 -25.15
H2A DPV C . -5.61 -13.84 -24.90
H3 DPV C . -8.04 -13.93 -23.92
H3A DPV C . -7.40 -13.02 -22.58
H4 DPV C . -0.22 -13.24 -23.87
H4A DPV C . 0.00 -11.51 -23.81
H5 DPV C . 1.50 -12.84 -25.54
H5A DPV C . -0.03 -13.09 -26.48
H6 DPV C . -1.26 -11.09 -27.37
H6A DPV C . -0.36 -9.57 -27.61
H6B DPV C . -1.01 -9.97 -25.97
H7 DPV C . 0.86 -12.08 -28.41
H7A DPV C . 2.41 -11.92 -27.58
H7B DPV C . 1.67 -10.49 -28.39
H8 DPV C . 1.19 -9.92 -24.73
H8A DPV C . 1.83 -9.26 -26.26
H8B DPV C . 2.62 -10.68 -25.48
H15 DPV C . -6.08 -15.67 -23.56
H15A DPV C . -7.37 -15.63 -22.34
H16 DPV C . -4.54 -14.66 -22.12
H16A DPV C . -5.76 -13.95 -21.07
H17 DPV C . -5.37 -16.96 -21.30
H17A DPV C . -4.31 -16.01 -20.27
H18 DPV C . -6.50 -15.09 -19.12
H18A DPV C . -7.33 -16.38 -20.02
H19 DPV C . -6.14 -18.17 -18.86
H19A DPV C . -4.89 -17.13 -18.24
H20 DPV C . -7.84 -16.85 -17.32
H20A DPV C . -6.59 -17.89 -16.54
H21 DPV C . -5.11 -15.91 -16.18
H21A DPV C . -6.22 -14.82 -16.94
H22 DPV C . -7.92 -15.48 -15.11
H22A DPV C . -6.64 -16.41 -14.37
H23 DPV C . -6.40 -13.42 -14.88
H23A DPV C . -5.25 -14.42 -14.04
H23B DPV C . -6.85 -14.15 -13.36
N DPV D . -8.16 -6.23 -18.95
P DPV D . -8.55 -10.74 -17.59
C1 DPV D . -9.52 -11.44 -15.29
C2 DPV D . -9.24 -12.39 -14.11
C3 DPV D . -10.31 -12.26 -13.03
C4 DPV D . -7.43 -8.36 -17.54
C5 DPV D . -8.57 -7.50 -18.18
C6 DPV D . -7.60 -5.12 -18.00
C7 DPV D . -9.38 -5.63 -19.64
C8 DPV D . -7.11 -6.54 -20.08
C15 DPV D . -10.00 -13.12 -11.79
C16 DPV D . -10.87 -12.67 -10.57
C17 DPV D . -10.50 -13.47 -9.26
C18 DPV D . -9.18 -12.95 -8.66
C19 DPV D . -8.98 -13.48 -7.20
O1P DPV D . -9.90 -10.54 -18.12
C20 DPV D . -7.66 -12.92 -6.61
C21 DPV D . -7.47 -13.26 -5.10
C22 DPV D . -7.11 -14.77 -4.83
C23 DPV D . -6.40 -14.93 -3.47
O2P DPV D . -7.63 -11.22 -18.64
O3P DPV D . -8.50 -11.62 -16.25
O4P DPV D . -7.98 -9.48 -16.78
H1 DPV D . -10.49 -11.74 -15.75
H1A DPV D . -9.55 -10.39 -14.97
H2 DPV D . -9.25 -13.40 -14.56
H2A DPV D . -8.30 -12.16 -13.65
H3 DPV D . -11.27 -12.60 -13.45
H3A DPV D . -10.44 -11.20 -12.72
H4 DPV D . -6.79 -8.79 -18.32
H4A DPV D . -6.84 -7.74 -16.89
H5 DPV D . -9.08 -8.14 -18.90
H5A DPV D . -9.26 -7.17 -17.40
H6 DPV D . -6.67 -5.50 -17.60
H6A DPV D . -8.34 -4.92 -17.23
H6B DPV D . -7.41 -4.23 -18.59
H7 DPV D . -9.75 -6.32 -20.39
H7A DPV D . -9.09 -4.70 -20.11
H7B DPV D . -10.17 -5.41 -18.91
H8 DPV D . -7.51 -7.33 -20.73
H8A DPV D . -6.17 -6.87 -19.61
H8B DPV D . -6.93 -5.62 -20.66
H15 DPV D . -8.96 -13.03 -11.47
H15A DPV D . -10.17 -14.19 -12.04
H16 DPV D . -10.78 -11.65 -10.39
H16A DPV D . -11.89 -12.85 -10.81
H17 DPV D . -11.30 -13.34 -8.54
H17A DPV D . -10.42 -14.55 -9.47
H18 DPV D . -8.34 -13.25 -9.30
H18A DPV D . -9.20 -11.87 -8.64
H19 DPV D . -9.82 -13.13 -6.59
H19A DPV D . -8.97 -14.58 -7.18
H20 DPV D . -6.81 -13.31 -7.18
H20A DPV D . -7.66 -11.85 -6.72
H21 DPV D . -6.66 -12.63 -4.71
H21A DPV D . -8.40 -13.01 -4.56
H22 DPV D . -8.03 -15.36 -4.88
H22A DPV D . -6.43 -15.13 -5.62
H23 DPV D . -6.14 -16.00 -3.29
H23A DPV D . -7.05 -14.54 -2.68
H23B DPV D . -5.48 -14.33 -3.47
N DPV E . -3.96 -5.64 9.37
P DPV E . -7.07 -8.29 6.68
C1 DPV E . -7.59 -10.46 5.27
C2 DPV E . -7.23 -11.11 3.91
C3 DPV E . -7.73 -12.58 3.88
C4 DPV E . -5.40 -6.32 7.22
C5 DPV E . -4.51 -6.77 8.41
C6 DPV E . -3.26 -4.51 8.59
C7 DPV E . -5.09 -5.10 10.23
C8 DPV E . -2.91 -6.28 10.33
C15 DPV E . -7.19 -13.35 2.64
C16 DPV E . -7.56 -14.83 2.70
C17 DPV E . -6.96 -15.65 1.50
C18 DPV E . -7.28 -17.17 1.66
C19 DPV E . -6.31 -18.11 0.87
O1P DPV E . -8.26 -7.48 6.43
C20 DPV E . -6.56 -18.08 -0.64
C21 DPV E . -5.87 -19.21 -1.50
C22 DPV E . -4.33 -19.26 -1.43
C23 DPV E . -3.58 -18.01 -1.90
O2P DPV E . -7.09 -8.91 8.02
O3P DPV E . -6.72 -9.32 5.49
O4P DPV E . -5.72 -7.49 6.39
H1 DPV E . -8.62 -10.11 5.26
H1A DPV E . -7.41 -11.17 6.14
H2 DPV E . -7.68 -10.57 3.12
H2A DPV E . -6.16 -11.06 3.79
H3 DPV E . -8.81 -12.61 3.96
H3A DPV E . -7.32 -13.04 4.76
H4 DPV E . -6.34 -5.82 7.56
H4A DPV E . -4.81 -5.61 6.61
H5 DPV E . -5.05 -7.46 9.05
H5A DPV E . -3.61 -7.27 8.03
H6 DPV E . -2.49 -4.95 7.96
H6A DPV E . -2.78 -3.80 9.27
H6B DPV E . -4.00 -3.95 8.00
H7 DPV E . -5.57 -5.93 10.79
H7A DPV E . -5.80 -4.58 9.57
H7B DPV E . -4.66 -4.38 10.95
H8 DPV E . -2.11 -6.75 9.73
H8A DPV E . -3.39 -7.04 10.97
H8B DPV E . -2.51 -5.49 10.99
H15 DPV E . -6.12 -13.22 2.53
H15A DPV E . -7.67 -12.86 1.78
H16 DPV E . -7.26 -15.26 3.66
H16A DPV E . -8.64 -14.90 2.71
H17 DPV E . -7.37 -15.30 0.53
H17A DPV E . -5.88 -15.53 1.48
H18 DPV E . -7.19 -17.44 2.71
H18A DPV E . -8.31 -17.36 1.31
H19 DPV E . -5.29 -17.86 1.08
H19A DPV E . -6.46 -19.14 1.22
H20 DPV E . -7.63 -18.17 -0.86
H20A DPV E . -6.25 -17.13 -1.02
H21 DPV E . -6.30 -20.19 -1.21
H21A DPV E . -6.18 -19.06 -2.55
H22 DPV E . -4.06 -19.50 -0.38
H22A DPV E . -3.92 -20.12 -2.02
H23 DPV E . -2.50 -18.19 -1.95
H23A DPV E . -3.69 -17.20 -1.17
H23B DPV E . -3.95 -17.63 -2.87
N DPV F . 7.03 -27.79 14.50
P DPV F . 3.65 -23.92 13.37
C1 DPV F . 3.97 -21.73 12.02
C2 DPV F . 4.10 -21.97 10.49
C3 DPV F . 3.51 -20.78 9.68
C4 DPV F . 5.42 -25.87 13.64
C5 DPV F . 6.49 -26.33 14.68
C6 DPV F . 8.05 -28.07 15.66
C7 DPV F . 7.77 -27.90 13.19
C8 DPV F . 5.92 -28.84 14.63
C15 DPV F . 3.53 -21.03 8.15
C16 DPV F . 2.79 -19.90 7.37
C17 DPV F . 2.94 -20.14 5.86
C18 DPV F . 2.07 -19.20 5.00
C19 DPV F . 2.23 -19.56 3.50
O1P DPV F . 2.99 -24.80 12.39
C20 DPV F . 1.26 -18.73 2.61
C21 DPV F . -0.19 -19.34 2.61
C22 DPV F . -1.21 -18.50 1.81
C23 DPV F . -2.68 -18.84 2.19
O2P DPV F . 2.70 -23.36 14.30
O3P DPV F . 4.60 -22.86 12.70
O4P DPV F . 4.91 -24.60 14.10
H1 DPV F . 4.52 -20.82 12.27
H1A DPV F . 2.92 -21.64 12.27
H2 DPV F . 5.17 -22.13 10.23
H2A DPV F . 3.56 -22.89 10.21
H3 DPV F . 4.10 -19.87 9.85
H3A DPV F . 2.48 -20.59 10.01
H4 DPV F . 5.86 -25.81 12.65
H4A DPV F . 4.58 -26.60 13.61
H5 DPV F . 7.34 -25.62 14.66
H5A DPV F . 6.01 -26.29 15.70
H6 DPV F . 8.91 -27.38 15.58
H6A DPV F . 8.42 -29.11 15.57
H6B DPV F . 7.56 -27.92 16.63
H7 DPV F . 8.48 -27.09 13.14
H7A DPV F . 7.06 -27.82 12.38
H7B DPV F . 8.26 -28.87 13.16
H8 DPV F . 5.27 -28.76 13.76
H8A DPV F . 5.38 -28.64 15.54
H8B DPV F . 6.33 -29.82 14.62
H15 DPV F . 3.10 -21.99 7.94
H15A DPV F . 4.57 -21.04 7.82
H16 DPV F . 1.76 -19.87 7.67
H16A DPV F . 3.21 -18.97 7.61
H17 DPV F . 3.98 -19.96 5.56
H17A DPV F . 2.68 -21.19 5.64
H18 DPV F . 1.03 -19.35 5.30
H18A DPV F . 2.31 -18.16 5.22
H19 DPV F . 3.26 -19.37 3.18
H19A DPV F . 2.04 -20.63 3.37
H20 DPV F . 1.21 -17.68 2.95
H20A DPV F . 1.65 -18.71 1.62
H21 DPV F . -0.16 -20.36 2.19
H21A DPV F . -0.53 -19.38 3.64
H22 DPV F . -1.07 -17.43 1.97
H22A DPV F . -1.10 -18.71 0.74
H23 DPV F . -3.34 -18.20 1.60
H23A DPV F . -2.88 -18.68 3.25
H23B DPV F . -2.93 -19.89 1.97
N DPV G . -3.34 -26.47 5.91
P DPV G . 1.18 -24.60 7.70
C1 DPV G . 2.69 -24.28 5.58
C2 DPV G . 4.08 -24.23 6.21
C3 DPV G . 5.01 -23.39 5.30
C4 DPV G . -1.16 -25.21 6.73
C5 DPV G . -2.31 -26.24 7.07
C6 DPV G . -4.51 -27.31 6.48
C7 DPV G . -2.71 -27.26 4.74
C8 DPV G . -3.87 -25.14 5.39
C15 DPV G . 6.26 -23.00 6.07
C16 DPV G . 7.31 -22.19 5.20
C17 DPV G . 6.81 -20.81 4.65
C18 DPV G . 7.96 -19.89 4.17
C19 DPV G . 8.93 -20.49 3.09
O1P DPV G . 0.77 -23.19 7.63
C20 DPV G . 8.32 -20.68 1.67
C21 DPV G . 8.12 -19.38 0.86
C22 DPV G . 7.55 -19.68 -0.60
C23 DPV G . 7.52 -18.40 -1.45
O2P DPV G . 1.98 -24.89 8.87
O3P DPV G . 1.83 -25.16 6.33
O4P DPV G . -0.04 -25.63 7.50
H1 DPV G . 2.23 -23.29 5.53
H1A DPV G . 2.76 -24.68 4.57
H2 DPV G . 3.97 -23.82 7.20
H2A DPV G . 4.46 -25.24 6.29
H3 DPV G . 4.49 -22.46 4.97
H3A DPV G . 5.29 -24.00 4.41
H4 DPV G . -0.94 -25.22 5.67
H4A DPV G . -1.43 -24.19 7.04
H5 DPV G . -1.88 -27.21 7.32
H5A DPV G . -2.87 -25.85 7.93
H6 DPV G . -4.12 -28.31 6.69
H6A DPV G . -5.29 -27.39 5.71
H6B DPV G . -4.88 -26.83 7.39
H7 DPV G . -1.89 -26.70 4.33
H7A DPV G . -3.47 -27.45 4.01
H7B DPV G . -2.36 -28.19 5.16
H8 DPV G . -4.31 -24.59 6.25
H8A DPV G . -4.62 -25.30 4.61
H8B DPV G . -3.03 -24.56 4.96
H15 DPV G . 6.71 -23.92 6.45
H15A DPV G . 6.00 -22.44 6.96
H16 DPV G . 8.17 -21.99 5.82
H16A DPV G . 7.67 -22.83 4.39
H17 DPV G . 6.10 -20.97 3.82
H17A DPV G . 6.29 -20.24 5.42
H18 DPV G . 7.50 -19.01 3.78
H18A DPV G . 8.54 -19.62 5.03
H19 DPV G . 9.77 -19.81 2.98
H19A DPV G . 9.38 -21.42 3.43
H20 DPV G . 8.95 -21.37 1.10
H20A DPV G . 7.35 -21.18 1.77
H21 DPV G . 7.37 -18.73 1.40
H21A DPV G . 9.08 -18.83 0.77
H22 DPV G . 8.15 -20.43 -1.08
H22A DPV G . 6.51 -20.05 -0.47
H23 DPV G . 8.52 -17.97 -1.48
H23A DPV G . 6.80 -17.66 -1.04
H23B DPV G . 7.26 -18.63 -2.48
N DPV H . 15.04 -27.08 12.04
P DPV H . 10.05 -27.38 10.30
C1 DPV H . 10.51 -28.38 7.88
C2 DPV H . 10.10 -27.84 6.52
C3 DPV H . 8.55 -27.76 6.37
C4 DPV H . 12.57 -27.40 11.01
C5 DPV H . 13.65 -26.44 11.65
C6 DPV H . 15.66 -27.76 10.79
C7 DPV H . 14.88 -28.12 13.14
C8 DPV H . 16.01 -26.00 12.51
C15 DPV H . 8.20 -27.14 5.01
C16 DPV H . 6.68 -27.16 4.79
C17 DPV H . 6.33 -26.83 3.33
C18 DPV H . 4.82 -26.97 3.08
C19 DPV H . 4.43 -26.91 1.54
O1P DPV H . 8.81 -26.61 10.50
C20 DPV H . 2.93 -27.19 1.37
C21 DPV H . 2.47 -27.10 -0.10
C22 DPV H . 0.96 -27.36 -0.22
C23 DPV H . 0.38 -26.77 -1.53
O2P DPV H . 9.90 -28.81 10.77
O3P DPV H . 10.63 -27.24 8.79
O4P DPV H . 11.34 -26.66 10.91
H1 DPV H . 9.77 -29.08 8.27
H1A DPV H . 11.49 -28.84 7.78
H2 DPV H . 10.57 -26.85 6.39
H2A DPV H . 10.56 -28.51 5.76
H3 DPV H . 8.11 -27.18 7.17
H3A DPV H . 8.15 -28.75 6.46
H4 DPV H . 12.87 -27.74 10.00
H4A DPV H . 12.41 -28.28 11.66
H5 DPV H . 13.89 -25.67 10.92
H5A DPV H . 13.26 -25.99 12.55
H6 DPV H . 15.03 -28.59 10.47
H6A DPV H . 16.63 -28.15 11.10
H6B DPV H . 15.77 -27.04 9.99
H7 DPV H . 15.86 -28.46 13.47
H7A DPV H . 14.36 -29.00 12.79
H7B DPV H . 14.34 -27.67 13.98
H8 DPV H . 15.57 -25.49 13.38
H8A DPV H . 16.15 -25.30 11.69
H8B DPV H . 16.98 -26.44 12.76
H15 DPV H . 8.75 -27.66 4.21
H15A DPV H . 8.53 -26.10 5.00
H16 DPV H . 6.27 -28.17 5.06
H16A DPV H . 6.16 -26.47 5.46
H17 DPV H . 6.57 -25.80 3.12
H17A DPV H . 6.89 -27.45 2.64
H18 DPV H . 4.50 -27.91 3.51
H18A DPV H . 4.31 -26.16 3.61
H19 DPV H . 4.63 -25.90 1.12
H19A DPV H . 5.06 -27.61 0.99
H20 DPV H . 2.74 -28.21 1.78
H20A DPV H . 2.35 -26.46 1.99
H21 DPV H . 2.69 -26.12 -0.50
H21A DPV H . 3.02 -27.85 -0.68
H22 DPV H . 0.83 -28.44 -0.23
H22A DPV H . 0.39 -26.93 0.62
H23 DPV H . -0.64 -27.11 -1.72
H23A DPV H . 0.98 -27.13 -2.37
H23B DPV H . 0.45 -25.67 -1.47
N DPV I . 6.59 -21.45 15.63
P DPV I . 5.87 -17.56 12.32
C1 DPV I . 6.85 -18.49 10.12
C2 DPV I . 7.34 -19.75 9.37
C3 DPV I . 8.30 -20.59 10.27
C4 DPV I . 6.34 -19.18 14.32
C5 DPV I . 5.63 -20.36 15.05
C6 DPV I . 7.52 -20.85 16.70
C7 DPV I . 7.39 -22.13 14.45
C8 DPV I . 5.70 -22.48 16.31
C15 DPV I . 9.41 -21.32 9.47
C16 DPV I . 8.92 -22.62 8.77
C17 DPV I . 9.94 -23.13 7.70
C18 DPV I . 11.25 -23.70 8.31
C19 DPV I . 12.21 -24.20 7.20
O1P DPV I . 7.05 -16.76 12.72
C20 DPV I . 13.49 -24.85 7.79
C21 DPV I . 14.50 -23.79 8.37
C22 DPV I . 15.93 -24.34 8.51
C23 DPV I . 16.98 -23.21 8.64
O2P DPV I . 4.80 -16.71 11.80
O3P DPV I . 6.23 -18.78 11.37
O4P DPV I . 5.37 -18.56 13.44
H1 DPV I . 7.67 -17.79 10.30
H1A DPV I . 6.09 -18.01 9.50
H2 DPV I . 6.47 -20.34 9.06
H2A DPV I . 7.83 -19.45 8.46
H3 DPV I . 7.76 -21.27 10.93
H3A DPV I . 8.80 -19.87 10.94
H4 DPV I . 6.70 -18.42 15.07
H4A DPV I . 7.21 -19.55 13.68
H5 DPV I . 5.04 -19.97 15.89
H5A DPV I . 4.96 -20.87 14.36
H6 DPV I . 6.90 -20.40 17.47
H6A DPV I . 8.17 -20.07 16.24
H6B DPV I . 8.12 -21.65 17.14
H7 DPV I . 8.01 -22.92 14.87
H7A DPV I . 8.05 -21.39 13.99
H7B DPV I . 6.73 -22.50 13.66
H8 DPV I . 5.20 -22.00 17.14
H8A DPV I . 6.33 -23.30 16.68
H8B DPV I . 4.99 -22.86 15.57
H15 DPV I . 10.20 -21.56 10.17
H15A DPV I . 9.82 -20.65 8.73
H16 DPV I . 8.79 -23.39 9.50
H16A DPV I . 7.96 -22.43 8.32
H17 DPV I . 9.47 -23.84 7.09
H17A DPV I . 10.17 -22.26 7.10
H18 DPV I . 11.75 -22.93 8.93
H18A DPV I . 10.98 -24.54 8.94
H19 DPV I . 11.72 -24.93 6.54
H19A DPV I . 12.47 -23.30 6.58
H20 DPV I . 13.18 -25.53 8.57
H20A DPV I . 13.98 -25.40 7.01
H21 DPV I . 14.51 -22.90 7.70
H21A DPV I . 14.15 -23.45 9.36
H22 DPV I . 15.99 -24.95 9.38
H22A DPV I . 16.18 -24.97 7.68
H23 DPV I . 16.72 -22.54 9.49
H23A DPV I . 16.97 -22.55 7.73
H23B DPV I . 17.99 -23.63 8.81
N DPV J . 29.96 -25.04 -8.44
P DPV J . 26.72 -26.21 -5.27
C1 DPV J . 24.47 -26.51 -4.07
C2 DPV J . 22.97 -26.74 -4.30
C3 DPV J . 22.22 -26.94 -2.95
C4 DPV J . 27.48 -25.42 -7.66
C5 DPV J . 28.87 -24.79 -7.37
C6 DPV J . 31.17 -24.20 -8.08
C7 DPV J . 29.49 -24.62 -9.85
C8 DPV J . 30.37 -26.51 -8.46
C15 DPV J . 22.15 -25.63 -2.10
C16 DPV J . 21.18 -25.87 -0.91
C17 DPV J . 21.05 -24.54 -0.07
C18 DPV J . 19.76 -24.56 0.75
C19 DPV J . 19.57 -23.32 1.71
O1P DPV J . 27.39 -27.48 -5.55
C20 DPV J . 18.20 -23.35 2.46
C21 DPV J . 18.10 -24.42 3.56
C22 DPV J . 16.67 -24.58 4.12
C23 DPV J . 16.53 -25.85 4.98
O2P DPV J . 27.24 -25.58 -4.05
O3P DPV J . 25.13 -26.32 -5.30
O4P DPV J . 26.61 -25.21 -6.52
H1 DPV J . 24.60 -25.61 -3.45
H1A DPV J . 24.94 -27.36 -3.59
H2 DPV J . 22.54 -25.89 -4.84
H2A DPV J . 22.81 -27.62 -4.95
H3 DPV J . 22.70 -27.76 -2.40
H3A DPV J . 21.21 -27.25 -3.17
H4 DPV J . 27.04 -24.94 -8.54
H4A DPV J . 27.60 -26.49 -7.85
H5 DPV J . 28.76 -23.69 -7.23
H5A DPV J . 29.25 -25.16 -6.41
H6 DPV J . 31.58 -24.54 -7.12
H6A DPV J . 30.87 -23.15 -7.98
H6B DPV J . 31.94 -24.31 -8.86
H7 DPV J . 29.23 -23.56 -9.79
H7A DPV J . 28.66 -25.23 -10.17
H7B DPV J . 30.32 -24.79 -10.53
H8 DPV J . 30.67 -26.80 -7.44
H8A DPV J . 31.19 -26.67 -9.18
H8B DPV J . 29.49 -27.12 -8.78
H15 DPV J . 21.77 -24.81 -2.67
H15A DPV J . 23.12 -25.41 -1.69
H16 DPV J . 20.22 -26.17 -1.29
H16A DPV J . 21.58 -26.67 -0.28
H17 DPV J . 21.94 -24.41 0.53
H17A DPV J . 21.04 -23.65 -0.70
H18 DPV J . 18.90 -24.61 0.04
H18A DPV J . 19.74 -25.51 1.35
H19 DPV J . 20.40 -23.26 2.42
H19A DPV J . 19.62 -22.43 1.07
H20 DPV J . 18.03 -22.36 2.89
H20A DPV J . 17.42 -23.52 1.74
H21 DPV J . 18.46 -25.41 3.19
H21A DPV J . 18.76 -24.12 4.40
H22 DPV J . 16.36 -23.72 4.69
H22A DPV J . 15.99 -24.64 3.26
H23 DPV J . 15.53 -25.90 5.35
H23A DPV J . 17.20 -25.84 5.82
H23B DPV J . 16.68 -26.74 4.39
N DPV K . 32.42 -18.58 -11.80
P DPV K . 28.81 -20.31 -9.38
C1 DPV K . 26.83 -21.82 -8.65
C2 DPV K . 25.65 -20.99 -8.04
C3 DPV K . 24.88 -21.79 -6.99
C4 DPV K . 30.31 -20.07 -11.51
C5 DPV K . 31.00 -18.72 -11.24
C6 DPV K . 32.97 -17.17 -11.37
C7 DPV K . 32.46 -18.61 -13.32
C8 DPV K . 33.39 -19.65 -11.24
C15 DPV K . 23.81 -20.92 -6.27
C16 DPV K . 22.73 -21.72 -5.44
C17 DPV K . 23.29 -22.37 -4.18
C18 DPV K . 23.26 -21.41 -2.93
C19 DPV K . 23.90 -22.08 -1.70
O1P DPV K . 29.85 -21.20 -8.81
C20 DPV K . 24.00 -21.16 -0.45
C21 DPV K . 22.59 -20.91 0.25
C22 DPV K . 22.71 -20.48 1.71
C23 DPV K . 23.05 -18.97 1.93
O2P DPV K . 28.62 -19.09 -8.57
O3P DPV K . 27.45 -21.08 -9.70
O4P DPV K . 28.98 -20.05 -10.94
H1 DPV K . 27.54 -22.01 -7.86
H1A DPV K . 26.45 -22.75 -9.02
H2 DPV K . 26.08 -20.12 -7.55
H2A DPV K . 24.97 -20.63 -8.82
H3 DPV K . 25.60 -22.24 -6.27
H3A DPV K . 24.39 -22.68 -7.48
H4 DPV K . 30.22 -20.24 -12.59
H4A DPV K . 30.88 -20.87 -11.05
H5 DPV K . 30.40 -17.90 -11.67
H5A DPV K . 31.06 -18.58 -10.15
H6 DPV K . 32.38 -16.44 -11.84
H6A DPV K . 33.98 -17.10 -11.69
H6B DPV K . 32.89 -17.09 -10.27
H7 DPV K . 33.49 -18.37 -13.64
H7A DPV K . 31.78 -17.84 -13.70
H7B DPV K . 32.15 -19.59 -13.68
H8 DPV K . 33.34 -19.61 -10.13
H8A DPV K . 34.41 -19.40 -11.59
H8B DPV K . 33.08 -20.62 -11.62
H15 DPV K . 23.28 -20.32 -7.04
H15A DPV K . 24.32 -20.19 -5.62
H16 DPV K . 21.89 -21.08 -5.16
H16A DPV K . 22.33 -22.51 -6.10
H17 DPV K . 22.67 -23.26 -3.97
H17A DPV K . 24.32 -22.71 -4.34
H18 DPV K . 23.82 -20.48 -3.15
H18A DPV K . 22.23 -21.12 -2.67
H19 DPV K . 23.38 -22.99 -1.39
H19A DPV K . 24.90 -22.39 -2.00
H20 DPV K . 24.65 -21.64 0.25
H20A DPV K . 24.40 -20.19 -0.72
H21 DPV K . 21.99 -20.15 -0.27
H21A DPV K . 22.01 -21.83 0.19
H22 DPV K . 21.75 -20.67 2.21
H22A DPV K . 23.45 -21.11 2.24
H23 DPV K . 22.23 -18.36 1.57
H23A DPV K . 23.94 -18.66 1.39
H23B DPV K . 23.19 -18.80 2.99
N DPV L . 27.83 -12.63 -13.66
P DPV L . 27.28 -15.19 -17.87
C1 DPV L . 28.29 -17.29 -16.75
C2 DPV L . 29.22 -17.72 -15.62
C3 DPV L . 28.43 -18.24 -14.40
C4 DPV L . 27.24 -13.17 -16.19
C5 DPV L . 28.24 -13.36 -15.00
C6 DPV L . 26.49 -13.14 -13.06
C7 DPV L . 28.93 -13.02 -12.70
C8 DPV L . 27.83 -11.11 -13.81
C15 DPV L . 27.68 -17.13 -13.58
C16 DPV L . 26.95 -17.81 -12.37
C17 DPV L . 25.88 -16.92 -11.73
C18 DPV L . 25.31 -17.65 -10.44
C19 DPV L . 24.20 -16.87 -9.73
O1P DPV L . 25.82 -15.36 -17.75
C20 DPV L . 23.82 -17.56 -8.38
C21 DPV L . 22.83 -16.70 -7.53
C22 DPV L . 22.43 -17.36 -6.18
C23 DPV L . 23.56 -17.23 -5.10
O2P DPV L . 27.77 -15.54 -19.22
O3P DPV L . 28.12 -15.87 -16.72
O4P DPV L . 27.80 -13.79 -17.35
H1 DPV L . 28.73 -17.52 -17.71
H1A DPV L . 27.32 -17.79 -16.67
H2 DPV L . 29.85 -18.57 -15.93
H2A DPV L . 29.90 -16.88 -15.35
H3 DPV L . 29.08 -18.75 -13.72
H3A DPV L . 27.74 -18.99 -14.72
H4 DPV L . 26.26 -13.64 -15.98
H4A DPV L . 27.05 -12.10 -16.40
H5 DPV L . 28.43 -14.44 -14.78
H5A DPV L . 29.24 -12.95 -15.29
H6 DPV L . 25.68 -12.84 -13.76
H6A DPV L . 26.33 -12.68 -12.08
H6B DPV L . 26.55 -14.23 -12.93
H7 DPV L . 28.75 -12.54 -11.74
H7A DPV L . 29.87 -12.75 -13.14
H7B DPV L . 28.93 -14.07 -12.53
H8 DPV L . 27.71 -10.64 -12.82
H8A DPV L . 27.02 -10.81 -14.49
H8B DPV L . 28.82 -10.82 -14.19
H15 DPV L . 26.92 -16.67 -14.23
H15A DPV L . 28.33 -16.37 -13.18
H16 DPV L . 26.45 -18.71 -12.70
H16A DPV L . 27.67 -18.11 -11.61
H17 DPV L . 26.27 -15.96 -11.45
H17A DPV L . 25.10 -16.75 -12.43
H18 DPV L . 24.91 -18.62 -10.71
H18A DPV L . 26.13 -17.82 -9.75
H19 DPV L . 24.58 -15.86 -9.52
H19A DPV L . 23.32 -16.80 -10.37
H20 DPV L . 23.36 -18.51 -8.58
H20A DPV L . 24.73 -17.75 -7.79
H21 DPV L . 23.27 -15.71 -7.35
H21A DPV L . 21.91 -16.57 -8.12
H22 DPV L . 21.55 -16.85 -5.80
H22A DPV L . 22.19 -18.40 -6.32
H23 DPV L . 23.24 -17.75 -4.18
H23A DPV L . 23.75 -16.20 -4.85
H23B DPV L . 24.49 -17.65 -5.43
N DPV M . 15.57 -19.85 -24.03
P DPV M . 20.45 -21.53 -23.27
C1 DPV M . 22.53 -20.36 -24.44
C2 DPV M . 22.49 -19.37 -25.64
C3 DPV M . 21.21 -18.48 -25.66
C4 DPV M . 18.02 -20.67 -23.45
C5 DPV M . 17.06 -20.06 -24.50
C6 DPV M . 15.42 -18.97 -22.82
C7 DPV M . 14.85 -21.18 -23.77
C8 DPV M . 14.82 -19.17 -25.21
C15 DPV M . 21.31 -17.21 -24.72
C16 DPV M . 19.92 -16.68 -24.25
C17 DPV M . 19.71 -16.87 -22.73
C18 DPV M . 18.35 -16.37 -22.24
C19 DPV M . 17.94 -17.11 -20.93
O1P DPV M . 20.81 -20.74 -22.06
C20 DPV M . 18.50 -16.44 -19.66
C21 DPV M . 18.12 -17.26 -18.38
C22 DPV M . 18.53 -16.58 -17.05
C23 DPV M . 20.03 -16.81 -16.65
O2P DPV M . 20.26 -22.95 -22.96
O3P DPV M . 21.42 -21.29 -24.55
O4P DPV M . 19.27 -20.90 -24.11
H1 DPV M . 23.47 -20.90 -24.44
H1A DPV M . 22.48 -19.82 -23.51
H2 DPV M . 23.41 -18.72 -25.64
H2A DPV M . 22.53 -19.96 -26.58
H3 DPV M . 20.35 -19.07 -25.36
H3A DPV M . 21.05 -18.14 -26.69
H4 DPV M . 18.17 -19.98 -22.61
H4A DPV M . 17.65 -21.64 -23.07
H5 DPV M . 17.45 -19.08 -24.79
H5A DPV M . 17.04 -20.75 -25.36
H6 DPV M . 14.36 -18.84 -22.57
H6A DPV M . 15.87 -18.00 -23.08
H6B DPV M . 15.98 -19.39 -21.98
H7 DPV M . 14.84 -21.78 -24.68
H7A DPV M . 13.83 -20.96 -23.48
H7B DPV M . 15.35 -21.70 -22.96
H8 DPV M . 15.03 -19.73 -26.13
H8A DPV M . 15.15 -18.15 -25.28
H8B DPV M . 13.75 -19.22 -24.99
H15 DPV M . 21.80 -16.41 -25.30
H15A DPV M . 21.99 -17.42 -23.86
H16 DPV M . 19.86 -15.62 -24.52
H16A DPV M . 19.12 -17.18 -24.78
H17 DPV M . 19.79 -17.93 -22.50
H17A DPV M . 20.49 -16.38 -22.15
H18 DPV M . 18.37 -15.30 -22.10
H18A DPV M . 17.62 -16.61 -22.98
H19 DPV M . 16.84 -17.11 -20.88
H19A DPV M . 18.31 -18.16 -20.95
H20 DPV M . 19.58 -16.37 -19.72
H20A DPV M . 18.07 -15.45 -19.57
H21 DPV M . 17.03 -17.44 -18.35
H21A DPV M . 18.59 -18.26 -18.47
H22 DPV M . 18.32 -15.54 -17.13
H22A DPV M . 17.94 -16.98 -16.24
H23 DPV M . 20.68 -16.46 -17.44
H23A DPV M . 20.25 -17.85 -16.43
H23B DPV M . 20.29 -16.24 -15.76
N DPV N . 4.00 -17.19 -25.89
P DPV N . 3.62 -19.99 -22.13
C1 DPV N . 2.33 -17.99 -21.02
C2 DPV N . 2.02 -17.53 -19.57
C3 DPV N . 3.16 -16.64 -19.05
C4 DPV N . 4.59 -19.42 -24.49
C5 DPV N . 5.12 -18.20 -25.36
C6 DPV N . 4.69 -16.09 -26.76
C7 DPV N . 3.27 -16.46 -24.74
C8 DPV N . 2.97 -17.89 -26.79
C15 DPV N . 2.98 -16.23 -17.56
C16 DPV N . 2.99 -17.45 -16.62
C17 DPV N . 3.39 -17.12 -15.15
C18 DPV N . 3.33 -18.36 -14.24
C19 DPV N . 3.70 -18.03 -12.75
O1P DPV N . 2.30 -20.63 -22.43
C20 DPV N . 3.41 -19.26 -11.84
C21 DPV N . 3.26 -18.86 -10.34
C22 DPV N . 2.57 -20.00 -9.54
C23 DPV N . 2.35 -19.62 -8.09
O2P DPV N . 4.66 -21.03 -21.78
O3P DPV N . 3.51 -18.84 -21.03
O4P DPV N . 4.12 -18.94 -23.21
H1 DPV N . 1.48 -18.56 -21.40
H1A DPV N . 2.49 -17.16 -21.66
H2 DPV N . 1.08 -16.94 -19.56
H2A DPV N . 1.91 -18.44 -18.95
H3 DPV N . 3.23 -15.74 -19.66
H3A DPV N . 4.10 -17.20 -19.18
H4 DPV N . 3.77 -19.90 -24.99
H4A DPV N . 5.37 -20.15 -24.38
H5 DPV N . 5.82 -17.63 -24.75
H5A DPV N . 5.64 -18.60 -26.22
H6 DPV N . 5.22 -16.58 -27.57
H6A DPV N . 5.40 -15.54 -26.17
H6B DPV N . 3.92 -15.39 -27.12
H7 DPV N . 2.78 -17.19 -24.13
H7A DPV N . 2.57 -15.75 -25.20
H7B DPV N . 3.98 -15.92 -24.16
H8 DPV N . 2.25 -17.15 -27.14
H8A DPV N . 2.44 -18.66 -26.22
H8B DPV N . 3.51 -18.35 -27.61
H15 DPV N . 2.09 -15.67 -17.50
H15A DPV N . 3.77 -15.54 -17.27
H16 DPV N . 2.00 -17.89 -16.62
H16A DPV N . 3.67 -18.23 -16.99
H17 DPV N . 4.38 -16.66 -15.18
H17A DPV N . 2.71 -16.38 -14.74
H18 DPV N . 2.30 -18.74 -14.30
H18A DPV N . 4.01 -19.11 -14.63
H19 DPV N . 4.75 -17.81 -12.68
H19A DPV N . 3.12 -17.16 -12.40
H20 DPV N . 2.49 -19.72 -12.16
H20A DPV N . 4.20 -19.99 -11.96
H21 DPV N . 4.26 -18.67 -9.90
H21A DPV N . 2.68 -17.94 -10.30
H22 DPV N . 1.64 -20.23 -10.01
H22A DPV N . 3.17 -20.90 -9.55
H23 DPV N . 3.30 -19.40 -7.61
H23A DPV N . 1.85 -20.42 -7.50
H23B DPV N . 1.75 -18.73 -8.01
N DPV O . 6.47 4.01 -19.68
P DPV O . 9.44 1.74 -17.26
C1 DPV O . 8.18 1.52 -14.98
C2 DPV O . 7.68 2.42 -13.84
C3 DPV O . 6.78 1.63 -12.82
C4 DPV O . 9.01 3.21 -19.40
C5 DPV O . 8.02 4.39 -19.70
C6 DPV O . 6.11 2.89 -20.68
C7 DPV O . 5.71 5.26 -20.15
C8 DPV O . 5.98 3.60 -18.26
C15 DPV O . 7.59 0.87 -11.75
C16 DPV O . 6.74 -0.07 -10.89
C17 DPV O . 6.62 -1.51 -11.53
C18 DPV O . 5.69 -2.44 -10.72
C19 DPV O . 5.81 -3.93 -11.17
O1P DPV O . 8.71 0.62 -17.89
C20 DPV O . 5.07 -4.23 -12.48
C21 DPV O . 5.29 -5.72 -12.92
C22 DPV O . 4.46 -6.77 -12.08
C23 DPV O . 2.97 -6.80 -12.49
O2P DPV O . 10.85 1.42 -16.98
O3P DPV O . 8.69 2.40 -16.03
O4P DPV O . 9.23 3.15 -17.96
H1 DPV O . 8.96 0.83 -14.60
H1A DPV O . 7.37 0.94 -15.40
H2 DPV O . 8.60 2.85 -13.34
H2A DPV O . 7.11 3.27 -14.29
H3 DPV O . 6.18 0.94 -13.36
H3A DPV O . 6.11 2.35 -12.35
H4 DPV O . 8.60 2.26 -19.75
H4A DPV O . 9.98 3.38 -19.87
H5 DPV O . 8.18 5.19 -18.94
H5A DPV O . 8.23 4.81 -20.72
H6 DPV O . 5.04 2.80 -20.71
H6A DPV O . 6.54 1.97 -20.35
H6B DPV O . 6.48 3.12 -21.66
H7 DPV O . 5.86 6.07 -19.43
H7A DPV O . 4.63 5.03 -20.18
H7B DPV O . 6.06 5.57 -21.13
H8 DPV O . 6.55 2.74 -17.92
H8A DPV O . 4.93 3.34 -18.28
H8B DPV O . 6.15 4.43 -17.58
H15 DPV O . 8.07 1.57 -11.09
H15A DPV O . 8.37 0.29 -12.22
H16 DPV O . 7.16 -0.12 -9.90
H16A DPV O . 5.73 0.37 -10.78
H17 DPV O . 6.18 -1.39 -12.56
H17A DPV O . 7.61 -1.96 -11.66
H18 DPV O . 5.97 -2.39 -9.72
H18A DPV O . 4.68 -2.10 -10.78
H19 DPV O . 6.89 -4.18 -11.33
H19A DPV O . 5.42 -4.61 -10.36
H20 DPV O . 4.03 -3.96 -12.38
H20A DPV O . 5.50 -3.61 -13.28
H21 DPV O . 5.00 -5.82 -13.94
H21A DPV O . 6.35 -5.95 -12.81
H22 DPV O . 4.86 -7.75 -12.24
H22A DPV O . 4.56 -6.53 -11.00
H23 DPV O . 2.88 -6.68 -13.59
H23A DPV O . 2.40 -6.03 -12.00
H23B DPV O . 2.51 -7.74 -12.23
N DPV P . 2.22 -1.33 -19.59
P DPV P . 1.96 -4.83 -22.61
C1 DPV P . 1.57 -7.44 -22.83
C2 DPV P . 0.95 -7.95 -21.50
C3 DPV P . -0.10 -9.03 -21.77
C4 DPV P . 3.11 -3.64 -20.58
C5 DPV P . 2.76 -2.12 -20.85
C6 DPV P . 3.19 -1.29 -18.42
C7 DPV P . 0.85 -1.89 -19.19
C8 DPV P . 2.04 0.13 -20.04
C15 DPV P . -0.92 -9.36 -20.45
C16 DPV P . -0.44 -10.54 -19.59
C17 DPV P . 0.91 -10.34 -18.84
C18 DPV P . 1.30 -11.51 -17.92
C19 DPV P . 2.79 -11.47 -17.50
O1P DPV P . 0.69 -4.54 -21.89
C20 DPV P . 3.15 -10.33 -16.46
C21 DPV P . 4.65 -10.41 -16.06
C22 DPV P . 5.04 -9.31 -15.04
C23 DPV P . 6.58 -9.25 -14.79
O2P DPV P . 1.93 -4.37 -24.02
O3P DPV P . 2.50 -6.34 -22.45
O4P DPV P . 3.28 -4.33 -21.81
H1 DPV P . 2.16 -8.21 -23.30
H1A DPV P . 0.81 -7.03 -23.50
H2 DPV P . 1.77 -8.37 -20.86
H2A DPV P . 0.52 -7.10 -20.96
H3 DPV P . 0.39 -9.94 -22.13
H3A DPV P . -0.80 -8.69 -22.54
H4 DPV P . 4.06 -3.70 -19.97
H4A DPV P . 2.29 -4.16 -20.00
H5 DPV P . 3.66 -1.62 -21.15
H5A DPV P . 2.03 -2.05 -21.62
H6 DPV P . 2.75 -0.66 -17.67
H6A DPV P . 4.11 -0.88 -18.77
H6B DPV P . 3.34 -2.29 -18.06
H7 DPV P . 0.18 -1.85 -20.05
H7A DPV P . 0.42 -1.29 -18.39
H7B DPV P . 0.94 -2.94 -18.88
H8 DPV P . 1.31 0.15 -20.87
H8A DPV P . 3.00 0.51 -20.39
H8B DPV P . 1.65 0.73 -19.22
H15 DPV P . -1.97 -9.59 -20.75
H15A DPV P . -1.01 -8.47 -19.80
H16 DPV P . -1.22 -10.84 -18.85
H16A DPV P . -0.38 -11.44 -20.25
H17 DPV P . 1.68 -10.20 -19.59
H17A DPV P . 0.89 -9.41 -18.28
H18 DPV P . 0.67 -11.52 -17.03
H18A DPV P . 1.12 -12.43 -18.45
H19 DPV P . 3.06 -12.47 -17.06
H19A DPV P . 3.39 -11.33 -18.44
H20 DPV P . 2.95 -9.34 -16.94
H20A DPV P . 2.48 -10.46 -15.57
H21 DPV P . 4.86 -11.39 -15.58
H21A DPV P . 5.22 -10.35 -17.01
H22 DPV P . 4.77 -8.34 -15.39
H22A DPV P . 4.51 -9.47 -14.14
H23 DPV P . 6.98 -10.22 -14.46
H23A DPV P . 6.81 -8.51 -14.02
H23B DPV P . 7.11 -8.99 -15.70
N DPV Q . -10.61 -6.85 -13.15
P DPV Q . -6.66 -8.65 -10.34
C1 DPV Q . -6.32 -11.10 -11.31
C2 DPV Q . -5.04 -11.68 -10.64
C3 DPV Q . -4.23 -12.45 -11.70
C4 DPV Q . -8.97 -8.34 -11.64
C5 DPV Q . -9.72 -6.99 -11.80
C6 DPV Q . -11.68 -7.93 -13.21
C7 DPV Q . -9.79 -6.93 -14.43
C8 DPV Q . -11.32 -5.49 -13.09
C15 DPV Q . -2.96 -13.19 -11.19
C16 DPV Q . -1.82 -12.24 -10.70
C17 DPV Q . -0.48 -13.00 -10.39
C18 DPV Q . 0.32 -13.30 -11.65
C19 DPV Q . 1.75 -13.78 -11.33
O1P DPV Q . -5.98 -8.19 -11.57
C20 DPV Q . 2.52 -14.26 -12.61
C21 DPV Q . 3.32 -13.10 -13.35
C22 DPV Q . 4.67 -12.74 -12.67
C23 DPV Q . 5.76 -13.83 -12.73
O2P DPV Q . -5.96 -8.24 -9.12
O3P DPV Q . -7.04 -10.21 -10.37
O4P DPV Q . -8.22 -8.31 -10.34
H1 DPV Q . -6.06 -10.54 -12.21
H1A DPV Q . -6.98 -11.94 -11.58
H2 DPV Q . -4.47 -10.85 -10.18
H2A DPV Q . -5.35 -12.37 -9.83
H3 DPV Q . -3.93 -11.75 -12.53
H3A DPV Q . -4.88 -13.18 -12.18
H4 DPV Q . -9.68 -9.20 -11.62
H4A DPV Q . -8.26 -8.52 -12.48
H5 DPV Q . -10.41 -6.87 -10.98
H5A DPV Q . -9.00 -6.20 -11.79
H6 DPV Q . -12.23 -7.91 -12.26
H6A DPV Q . -11.18 -8.88 -13.35
H6B DPV Q . -12.37 -7.68 -14.05
H7 DPV Q . -9.32 -7.92 -14.47
H7A DPV Q . -9.05 -6.12 -14.40
H7B DPV Q . -10.47 -6.78 -15.29
H8 DPV Q . -10.58 -4.71 -12.99
H8A DPV Q . -11.97 -5.42 -12.23
H8B DPV Q . -11.91 -5.39 -13.99
H15 DPV Q . -2.55 -13.80 -11.98
H15A DPV Q . -3.22 -13.89 -10.40
H16 DPV Q . -1.67 -11.46 -11.47
H16A DPV Q . -2.12 -11.72 -9.77
H17 DPV Q . 0.16 -12.39 -9.74
H17A DPV Q . -0.72 -13.93 -9.84
H18 DPV Q . -0.20 -14.08 -12.19
H18A DPV Q . 0.37 -12.40 -12.23
H19 DPV Q . 2.30 -13.00 -10.85
H19A DPV Q . 1.68 -14.64 -10.63
H20 DPV Q . 3.22 -15.04 -12.35
H20A DPV Q . 1.81 -14.76 -13.30
H21 DPV Q . 3.53 -13.36 -14.38
H21A DPV Q . 2.66 -12.25 -13.39
H22 DPV Q . 5.05 -11.84 -13.13
H22A DPV Q . 4.51 -12.49 -11.62
H23 DPV Q . 5.97 -14.12 -13.77
H23A DPV Q . 5.47 -14.73 -12.17
H23B DPV Q . 6.70 -13.46 -12.32
N DPV R . -8.80 0.21 -7.98
P DPV R . -7.47 -2.85 -10.52
C1 DPV R . -5.71 -4.81 -10.65
C2 DPV R . -4.25 -5.17 -10.17
C3 DPV R . -3.16 -4.25 -10.81
C4 DPV R . -9.14 -2.42 -8.50
C5 DPV R . -9.55 -0.92 -8.83
C6 DPV R . -8.92 0.02 -6.44
C7 DPV R . -9.43 1.56 -8.34
C8 DPV R . -7.32 0.32 -8.35
C15 DPV R . -1.77 -4.93 -10.91
C16 DPV R . -1.10 -5.26 -9.52
C17 DPV R . 0.37 -5.77 -9.69
C18 DPV R . 1.08 -5.97 -8.31
C19 DPV R . 2.52 -6.54 -8.47
O1P DPV R . -8.36 -3.78 -11.24
C20 DPV R . 3.18 -6.77 -7.08
C21 DPV R . 4.65 -7.25 -7.22
C22 DPV R . 5.31 -7.49 -5.85
C23 DPV R . 6.76 -7.94 -6.01
O2P DPV R . -7.39 -1.55 -11.21
O3P DPV R . -6.05 -3.46 -10.17
O4P DPV R . -7.79 -2.70 -8.95
H1 DPV R . -5.75 -4.89 -11.77
H1A DPV R . -6.47 -5.48 -10.20
H2 DPV R . -4.19 -5.10 -9.10
H2A DPV R . -4.03 -6.19 -10.42
H3 DPV R . -3.08 -3.34 -10.20
H3A DPV R . -3.43 -3.94 -11.82
H4 DPV R . -9.20 -2.62 -7.43
H4A DPV R . -9.84 -3.08 -9.00
H5 DPV R . -9.41 -0.75 -9.90
H5A DPV R . -10.59 -0.83 -8.66
H6 DPV R . -8.38 -0.87 -6.15
H6A DPV R . -9.97 -0.06 -6.19
H6B DPV R . -8.47 0.88 -5.94
H7 DPV R . -9.32 1.74 -9.39
H7A DPV R . -8.92 2.33 -7.77
H7B DPV R . -10.48 1.53 -8.03
H8 DPV R . -6.85 -0.63 -8.11
H8A DPV R . -6.88 1.13 -7.79
H8B DPV R . -7.28 0.51 -9.42
H15 DPV R . -1.09 -4.28 -11.45
H15A DPV R . -1.85 -5.84 -11.52
H16 DPV R . -1.09 -4.37 -8.92
H16A DPV R . -1.64 -6.06 -9.00
H17 DPV R . 0.36 -6.74 -10.20
H17A DPV R . 0.97 -5.07 -10.29
H18 DPV R . 1.08 -4.98 -7.82
H18A DPV R . 0.50 -6.64 -7.67
H19 DPV R . 2.44 -7.54 -8.95
H19A DPV R . 3.13 -5.87 -9.10
H20 DPV R . 3.11 -5.83 -6.50
H20A DPV R . 2.61 -7.54 -6.52
H21 DPV R . 4.71 -8.15 -7.82
H21A DPV R . 5.19 -6.46 -7.75
H22 DPV R . 5.30 -6.52 -5.26
H22A DPV R . 4.75 -8.27 -5.25
H23 DPV R . 7.35 -7.10 -6.37
H23A DPV R . 6.86 -8.76 -6.71
H23B DPV R . 7.15 -8.25 -5.05
N DPV S . 5.14 -7.99 13.82
P DPV S . 2.75 -11.60 13.51
C1 DPV S . 4.42 -12.38 11.69
C2 DPV S . 5.94 -12.30 11.66
C3 DPV S . 6.59 -13.64 11.23
C4 DPV S . 2.95 -9.22 14.71
C5 DPV S . 4.52 -9.14 14.70
C6 DPV S . 6.68 -8.15 13.80
C7 DPV S . 4.78 -6.64 14.38
C8 DPV S . 4.69 -8.06 12.35
C15 DPV S . 6.61 -13.85 9.69
C16 DPV S . 7.69 -13.02 8.97
C17 DPV S . 7.90 -13.42 7.49
C18 DPV S . 8.93 -12.52 6.73
C19 DPV S . 8.31 -11.19 6.17
O1P DPV S . 3.20 -12.18 14.79
C20 DPV S . 9.32 -10.28 5.46
C21 DPV S . 10.14 -9.41 6.45
C22 DPV S . 11.39 -8.84 5.79
C23 DPV S . 12.20 -8.07 6.83
O2P DPV S . 1.63 -12.37 12.97
O3P DPV S . 3.91 -11.32 12.49
O4P DPV S . 2.46 -10.02 13.58
H1 DPV S . 4.02 -12.22 10.64
H1A DPV S . 4.03 -13.38 12.07
H2 DPV S . 6.30 -11.44 11.09
H2A DPV S . 6.25 -12.09 12.70
H3 DPV S . 6.07 -14.47 11.68
H3A DPV S . 7.60 -13.71 11.59
H4 DPV S . 2.64 -9.68 15.63
H4A DPV S . 2.49 -8.21 14.68
H5 DPV S . 4.85 -8.96 15.72
H5A DPV S . 4.91 -10.10 14.36
H6 DPV S . 6.95 -9.13 13.42
H6A DPV S . 7.07 -8.08 14.83
H6B DPV S . 7.13 -7.38 13.15
H7 DPV S . 3.71 -6.46 14.27
H7A DPV S . 5.37 -5.88 13.87
H7B DPV S . 5.03 -6.65 15.45
H8 DPV S . 5.21 -7.25 11.84
H8A DPV S . 3.62 -7.95 12.34
H8B DPV S . 4.94 -9.02 11.94
H15 DPV S . 5.62 -13.59 9.26
H15A DPV S . 6.74 -14.90 9.49
H16 DPV S . 7.44 -11.94 9.01
H16A DPV S . 8.66 -13.17 9.49
H17 DPV S . 8.30 -14.47 7.44
H17A DPV S . 6.93 -13.42 6.96
H18 DPV S . 9.76 -12.30 7.39
H18A DPV S . 9.33 -13.11 5.90
H19 DPV S . 7.51 -11.45 5.47
H19A DPV S . 7.84 -10.60 6.97
H20 DPV S . 10.03 -10.88 4.84
H20A DPV S . 8.77 -9.65 4.73
H21 DPV S . 9.51 -8.61 6.80
H21A DPV S . 10.40 -10.01 7.31
H22 DPV S . 11.95 -9.67 5.39
H22A DPV S . 11.16 -8.17 4.99
H23 DPV S . 13.16 -7.73 6.44
H23A DPV S . 12.41 -8.71 7.69
H23B DPV S . 11.66 -7.19 7.16
N DPV T . -2.80 -11.07 9.57
P DPV T . -0.76 -15.08 11.06
C1 DPV T . 1.63 -15.57 10.07
C2 DPV T . 2.59 -15.08 8.96
C3 DPV T . 3.74 -16.10 8.66
C4 DPV T . -2.51 -13.18 11.17
C5 DPV T . -3.46 -12.33 10.27
C6 DPV T . -1.86 -11.46 8.46
C7 DPV T . -2.12 -10.14 10.58
C8 DPV T . -3.89 -10.25 8.86
C15 DPV T . 4.38 -15.83 7.27
C16 DPV T . 5.55 -16.83 6.92
C17 DPV T . 6.20 -16.58 5.55
C18 DPV T . 5.28 -17.10 4.40
C19 DPV T . 5.71 -16.60 3.01
O1P DPV T . -0.47 -14.75 12.49
C20 DPV T . 4.70 -17.03 1.95
C21 DPV T . 4.92 -16.27 0.60
C22 DPV T . 3.95 -16.72 -0.49
C23 DPV T . 4.02 -15.83 -1.76
O2P DPV T . -1.24 -16.45 10.87
O3P DPV T . 0.46 -14.70 10.09
O4P DPV T . -1.68 -13.98 10.33
H1 DPV T . 1.27 -16.59 9.85
H1A DPV T . 2.13 -15.56 11.06
H2 DPV T . 2.01 -14.95 8.06
H2A DPV T . 2.99 -14.11 9.20
H3 DPV T . 3.37 -17.16 8.75
H3A DPV T . 4.51 -16.02 9.41
H4 DPV T . -1.91 -12.56 11.83
H4A DPV T . -3.12 -13.85 11.80
H5 DPV T . -3.90 -12.94 9.50
H5A DPV T . -4.22 -11.92 10.93
H6 DPV T . -1.43 -10.55 8.03
H6A DPV T . -2.41 -11.99 7.71
H6B DPV T . -1.09 -12.06 8.88
H7 DPV T . -2.81 -9.88 11.35
H7A DPV T . -1.77 -9.22 10.08
H7B DPV T . -1.30 -10.67 11.07
H8 DPV T . -4.61 -9.91 9.61
H8A DPV T . -4.41 -10.87 8.10
H8B DPV T . -3.42 -9.38 8.41
H15 DPV T . 4.76 -14.83 7.31
H15A DPV T . 3.61 -15.89 6.53
H16 DPV T . 6.35 -16.74 7.70
H16A DPV T . 5.24 -17.92 6.99
H17 DPV T . 6.40 -15.50 5.41
H17A DPV T . 7.23 -17.08 5.54
H18 DPV T . 5.28 -18.20 4.40
H18A DPV T . 4.24 -16.77 4.60
H19 DPV T . 5.80 -15.54 2.98
H19A DPV T . 6.66 -16.98 2.76
H20 DPV T . 4.82 -18.12 1.79
H20A DPV T . 3.66 -16.86 2.31
H21 DPV T . 4.76 -15.22 0.76
H21A DPV T . 5.94 -16.35 0.27
H22 DPV T . 4.16 -17.75 -0.71
H22A DPV T . 2.93 -16.67 -0.12
H23 DPV T . 3.39 -16.24 -2.53
H23A DPV T . 5.07 -15.75 -2.11
H23B DPV T . 3.64 -14.82 -1.54
N DPV U . 1.54 -0.65 11.13
P DPV U . 5.25 -3.41 12.52
C1 DPV U . 7.36 -3.77 13.96
C2 DPV U . 8.72 -3.15 14.21
C3 DPV U . 9.84 -4.23 14.41
C4 DPV U . 4.05 -1.17 11.81
C5 DPV U . 2.81 -1.55 10.93
C6 DPV U . 0.46 -1.02 10.07
C7 DPV U . 1.85 0.87 10.99
C8 DPV U . 0.92 -0.94 12.48
C15 DPV U . 10.39 -4.77 13.07
C16 DPV U . 11.47 -5.82 13.27
C17 DPV U . 12.00 -6.33 11.90
C18 DPV U . 12.75 -7.67 12.08
C19 DPV U . 13.30 -8.14 10.74
O1P DPV U . 4.18 -3.50 13.54
C20 DPV U . 14.29 -9.32 10.90
C21 DPV U . 14.96 -9.68 9.55
C22 DPV U . 15.88 -10.90 9.74
C23 DPV U . 16.46 -11.37 8.42
O2P DPV U . 5.36 -4.65 11.77
O3P DPV U . 6.62 -2.88 13.09
O4P DPV U . 5.13 -2.12 11.56
H1 DPV U . 7.45 -4.76 13.46
H1A DPV U . 6.83 -3.89 14.94
H2 DPV U . 8.98 -2.50 13.40
H2A DPV U . 8.67 -2.51 15.08
H3 DPV U . 9.43 -5.04 15.05
H3A DPV U . 10.70 -3.76 14.90
H4 DPV U . 4.40 -0.17 11.55
H4A DPV U . 3.80 -1.21 12.89
H5 DPV U . 3.05 -1.50 9.84
H5A DPV U . 2.49 -2.62 11.16
H6 DPV U . 0.13 -2.08 10.24
H6A DPV U . 0.93 -0.95 9.06
H6B DPV U . -0.44 -0.36 10.22
H7 DPV U . 2.52 1.13 11.81
H7A DPV U . 0.93 1.47 11.09
H7B DPV U . 2.35 1.06 10.03
H8 DPV U . 0.14 -0.21 12.66
H8A DPV U . 1.67 -0.88 13.26
H8B DPV U . 0.48 -1.94 12.47
H15 DPV U . 10.78 -3.94 12.47
H15A DPV U . 9.55 -5.23 12.52
H16 DPV U . 12.28 -5.37 13.81
H16A DPV U . 11.07 -6.63 13.88
H17 DPV U . 11.17 -6.48 11.18
H17A DPV U . 12.64 -5.55 11.46
H18 DPV U . 13.56 -7.54 12.80
H18A DPV U . 12.05 -8.42 12.49
H19 DPV U . 12.46 -8.47 10.10
H19A DPV U . 13.81 -7.28 10.27
H20 DPV U . 15.03 -9.06 11.63
H20A DPV U . 13.74 -10.18 11.27
H21 DPV U . 14.19 -9.91 8.81
H21A DPV U . 15.50 -8.83 9.18
H22 DPV U . 16.67 -10.69 10.42
H22A DPV U . 15.30 -11.70 10.17
H23 DPV U . 17.17 -12.15 8.59
H23A DPV U . 16.94 -10.57 7.91
H23B DPV U . 15.67 -11.76 7.81
N DPV V . 12.05 -20.03 16.22
P DPV V . 12.16 -18.61 11.83
C1 DPV V . 12.05 -17.96 9.33
C2 DPV V . 11.43 -18.44 8.03
C3 DPV V . 11.72 -17.47 6.87
C4 DPV V . 11.39 -20.39 13.63
C5 DPV V . 12.50 -20.23 14.71
C6 DPV V . 11.12 -18.83 16.40
C7 DPV V . 13.30 -19.79 17.12
C8 DPV V . 11.33 -21.30 16.72
C15 DPV V . 10.71 -17.67 5.75
C16 DPV V . 11.17 -16.96 4.46
C17 DPV V . 9.96 -16.63 3.52
C18 DPV V . 10.47 -16.17 2.17
C19 DPV V . 9.30 -15.73 1.23
O1P DPV V . 11.18 -17.66 12.39
C20 DPV V . 9.78 -15.48 -0.19
C21 DPV V . 8.65 -14.99 -1.12
C22 DPV V . 9.06 -15.14 -2.61
C23 DPV V . 7.84 -14.90 -3.51
O2P DPV V . 13.56 -18.16 12.05
O3P DPV V . 11.86 -19.00 10.33
O4P DPV V . 11.92 -20.13 12.31
H1 DPV V . 13.14 -17.81 9.21
H1A DPV V . 11.58 -17.03 9.68
H2 DPV V . 11.82 -19.43 7.74
H2A DPV V . 10.36 -18.53 8.14
H3 DPV V . 12.75 -17.62 6.47
H3A DPV V . 11.69 -16.41 7.22
H4 DPV V . 10.99 -21.43 13.66
H4A DPV V . 10.51 -19.72 13.78
H5 DPV V . 13.12 -21.14 14.70
H5A DPV V . 13.12 -19.37 14.48
H6 DPV V . 10.16 -19.05 15.91
H6A DPV V . 11.53 -17.93 15.92
H6B DPV V . 10.97 -18.67 17.47
H7 DPV V . 13.60 -18.71 17.04
H7A DPV V . 14.14 -20.41 16.75
H7B DPV V . 13.04 -20.11 18.13
H8 DPV V . 12.04 -22.15 16.65
H8A DPV V . 10.46 -21.47 16.07
H8B DPV V . 11.02 -21.16 17.76
H15 DPV V . 9.78 -17.26 6.04
H15A DPV V . 10.55 -18.73 5.56
H16 DPV V . 11.68 -16.01 4.69
H16A DPV V . 11.87 -17.60 3.90
H17 DPV V . 9.33 -17.51 3.41
H17A DPV V . 9.36 -15.80 3.95
H18 DPV V . 11.15 -15.34 2.33
H18A DPV V . 10.99 -16.96 1.70
H19 DPV V . 8.53 -16.48 1.22
H19A DPV V . 8.83 -14.82 1.62
H20 DPV V . 10.62 -14.76 -0.20
H20A DPV V . 10.21 -16.42 -0.55
H21 DPV V . 7.74 -15.53 -0.90
H21A DPV V . 8.41 -13.95 -0.86
H22 DPV V . 9.85 -14.41 -2.84
H22A DPV V . 9.44 -16.16 -2.77
H23 DPV V . 7.41 -13.91 -3.34
H23A DPV V . 7.09 -15.67 -3.29
H23B DPV V . 8.14 -15.00 -4.57
N DPV W . 15.64 -15.92 14.60
P DPV W . 17.84 -18.25 10.35
C1 DPV W . 16.73 -18.01 7.98
C2 DPV W . 15.62 -18.97 7.64
C3 DPV W . 15.47 -19.22 6.08
C4 DPV W . 16.80 -17.28 12.62
C5 DPV W . 16.22 -15.91 13.14
C6 DPV W . 15.12 -14.52 14.94
C7 DPV W . 16.71 -16.27 15.64
C8 DPV W . 14.45 -16.86 14.69
C15 DPV W . 14.56 -20.46 5.81
C16 DPV W . 14.57 -20.89 4.29
C17 DPV W . 13.59 -20.03 3.44
C18 DPV W . 13.64 -20.51 1.96
C19 DPV W . 12.66 -19.75 1.08
O1P DPV W . 19.20 -18.14 9.75
C20 DPV W . 12.65 -20.33 -0.37
C21 DPV W . 11.56 -19.67 -1.27
C22 DPV W . 11.85 -19.92 -2.77
C23 DPV W . 10.82 -19.23 -3.66
O2P DPV W . 17.61 -19.59 10.92
O3P DPV W . 16.66 -17.73 9.41
O4P DPV W . 17.49 -17.05 11.33
H1 DPV W . 17.72 -18.42 7.76
H1A DPV W . 16.59 -17.09 7.45
H2 DPV W . 15.88 -19.91 8.11
H2A DPV W . 14.70 -18.61 8.04
H3 DPV W . 16.45 -19.37 5.63
H3A DPV W . 15.01 -18.34 5.64
H4 DPV W . 17.52 -17.63 13.37
H4A DPV W . 16.01 -18.00 12.44
H5 DPV W . 16.99 -15.17 13.13
H5A DPV W . 15.44 -15.57 12.46
H6 DPV W . 14.38 -14.21 14.21
H6A DPV W . 15.99 -13.87 14.90
H6B DPV W . 14.74 -14.52 15.96
H7 DPV W . 17.02 -17.32 15.54
H7A DPV W . 16.31 -16.14 16.66
H7B DPV W . 17.61 -15.64 15.43
H8 DPV W . 14.75 -17.83 14.41
H8A DPV W . 13.70 -16.53 14.00
H8B DPV W . 14.07 -16.86 15.70
H15 DPV W . 13.56 -20.29 6.19
H15A DPV W . 14.98 -21.30 6.38
H16 DPV W . 15.59 -20.85 3.89
H16A DPV W . 14.28 -21.92 4.22
H17 DPV W . 12.58 -20.17 3.83
H17A DPV W . 13.87 -18.96 3.53
H18 DPV W . 14.68 -20.40 1.54
H18A DPV W . 13.39 -21.62 1.96
H19 DPV W . 11.67 -19.82 1.50
H19A DPV W . 12.89 -18.67 1.06
H20 DPV W . 13.61 -20.15 -0.85
H20A DPV W . 12.54 -21.42 -0.34
H21 DPV W . 10.58 -20.07 -0.99
H21A DPV W . 11.56 -18.58 -1.08
H22 DPV W . 12.83 -19.46 -2.97
H22A DPV W . 11.91 -20.98 -3.00
H23 DPV W . 10.67 -18.18 -3.39
H23A DPV W . 9.86 -19.76 -3.58
H23B DPV W . 11.15 -19.24 -4.70
N DPV X . 29.71 -12.12 0.65
P DPV X . 26.75 -15.44 -0.03
C1 DPV X . 24.23 -16.07 -0.29
C2 DPV X . 23.08 -15.84 -1.33
C3 DPV X . 22.17 -17.10 -1.38
C4 DPV X . 27.68 -13.57 1.54
C5 DPV X . 28.24 -12.15 1.30
C6 DPV X . 30.76 -12.59 1.70
C7 DPV X . 30.10 -10.68 0.28
C8 DPV X . 29.82 -12.96 -0.65
C15 DPV X . 20.98 -16.97 -2.38
C16 DPV X . 20.40 -18.33 -2.81
C17 DPV X . 19.49 -18.93 -1.69
C18 DPV X . 18.98 -20.33 -2.06
C19 DPV X . 17.82 -20.75 -1.08
O1P DPV X . 27.63 -15.85 -1.12
C20 DPV X . 17.30 -22.13 -1.35
C21 DPV X . 16.05 -22.45 -0.50
C22 DPV X . 15.66 -23.96 -0.56
C23 DPV X . 14.45 -24.27 0.35
O2P DPV X . 26.78 -16.39 1.13
O3P DPV X . 25.28 -15.08 -0.50
O4P DPV X . 26.91 -13.90 0.39
H1 DPV X . 23.83 -16.00 0.74
H1A DPV X . 24.69 -17.07 -0.42
H2 DPV X . 22.54 -14.95 -1.03
H2A DPV X . 23.51 -15.68 -2.32
H3 DPV X . 21.77 -17.28 -0.39
H3A DPV X . 22.76 -17.98 -1.64
H4 DPV X . 28.52 -14.29 1.71
H4A DPV X . 27.03 -13.62 2.43
H5 DPV X . 27.57 -11.63 0.60
H5A DPV X . 28.31 -11.64 2.26
H6 DPV X . 30.62 -13.66 1.84
H6A DPV X . 30.63 -12.06 2.64
H6B DPV X . 31.75 -12.40 1.31
H7 DPV X . 29.40 -10.35 -0.45
H7A DPV X . 31.10 -10.68 -0.13
H7B DPV X . 30.07 -10.06 1.16
H8 DPV X . 29.00 -12.64 -1.29
H8A DPV X . 29.69 -14.01 -0.40
H8B DPV X . 30.80 -12.75 -1.11
H15 DPV X . 21.34 -16.47 -3.28
H15A DPV X . 20.17 -16.33 -1.95
H16 DPV X . 19.81 -18.14 -3.73
H16A DPV X . 21.22 -19.05 -3.02
H17 DPV X . 20.02 -19.04 -0.77
H17A DPV X . 18.65 -18.25 -1.51
H18 DPV X . 18.61 -20.33 -3.11
H18A DPV X . 19.85 -21.01 -1.96
H19 DPV X . 18.19 -20.72 -0.04
H19A DPV X . 16.99 -20.06 -1.20
H20 DPV X . 17.08 -22.21 -2.40
H20A DPV X . 18.10 -22.84 -1.13
H21 DPV X . 16.20 -22.08 0.54
H21A DPV X . 15.22 -21.87 -0.92
H22 DPV X . 15.39 -24.24 -1.55
H22A DPV X . 16.47 -24.57 -0.25
H23 DPV X . 14.19 -25.33 0.27
H23A DPV X . 13.57 -23.67 0.06
H23B DPV X . 14.68 -24.06 1.39
N DPV Y . 32.41 -11.05 -7.36
P DPV Y . 30.37 -14.70 -9.77
C1 DPV Y . 27.92 -15.24 -9.03
C2 DPV Y . 27.24 -15.23 -7.61
C3 DPV Y . 26.18 -14.10 -7.47
C4 DPV Y . 31.78 -12.50 -9.52
C5 DPV Y . 31.31 -11.87 -8.15
C6 DPV Y . 32.95 -9.91 -8.22
C7 DPV Y . 33.59 -11.95 -7.00
C8 DPV Y . 31.76 -10.55 -6.08
C15 DPV Y . 25.67 -13.93 -6.01
C16 DPV Y . 24.27 -13.26 -5.91
C17 DPV Y . 23.84 -12.92 -4.42
C18 DPV Y . 22.36 -12.47 -4.29
C19 DPV Y . 21.36 -13.66 -4.25
O1P DPV Y . 30.18 -15.47 -10.99
C20 DPV Y . 19.89 -13.21 -4.34
C21 DPV Y . 18.90 -14.39 -4.36
C22 DPV Y . 18.78 -15.05 -5.79
C23 DPV Y . 17.66 -14.49 -6.64
O2P DPV Y . 31.34 -15.33 -8.86
O3P DPV Y . 29.03 -14.27 -9.04
O4P DPV Y . 30.64 -13.16 -10.06
H1 DPV Y . 28.33 -16.24 -9.21
H1A DPV Y . 27.21 -15.02 -9.83
H2 DPV Y . 26.77 -16.18 -7.48
H2A DPV Y . 27.98 -15.09 -6.80
H3 DPV Y . 25.33 -14.33 -8.13
H3A DPV Y . 26.63 -13.12 -7.76
H4 DPV Y . 32.08 -11.75 -10.21
H4A DPV Y . 32.60 -13.15 -9.43
H5 DPV Y . 30.50 -11.19 -8.30
H5A DPV Y . 31.01 -12.65 -7.48
H6 DPV Y . 32.09 -9.34 -8.60
H6A DPV Y . 33.56 -10.33 -9.05
H6B DPV Y . 33.55 -9.25 -7.60
H7 DPV Y . 33.22 -12.85 -6.52
H7A DPV Y . 34.26 -11.39 -6.34
H7B DPV Y . 34.11 -12.18 -7.93
H8 DPV Y . 32.48 -10.02 -5.48
H8A DPV Y . 31.42 -11.44 -5.51
H8B DPV Y . 30.93 -9.90 -6.32
H15 DPV Y . 26.38 -13.31 -5.42
H15A DPV Y . 25.62 -14.93 -5.54
H16 DPV Y . 24.28 -12.36 -6.48
H16A DPV Y . 23.54 -13.89 -6.39
H17 DPV Y . 24.02 -13.77 -3.79
H17A DPV Y . 24.47 -12.16 -4.03
H18 DPV Y . 22.23 -11.91 -3.36
H18A DPV Y . 22.09 -11.78 -5.12
H19 DPV Y . 21.58 -14.38 -5.06
H19A DPV Y . 21.57 -14.20 -3.30
H20 DPV Y . 19.65 -12.63 -3.45
H20A DPV Y . 19.73 -12.53 -5.19
H21 DPV Y . 19.19 -15.11 -3.63
H21A DPV Y . 17.93 -14.05 -4.07
H22 DPV Y . 19.71 -14.99 -6.32
H22A DPV Y . 18.56 -16.11 -5.62
H23 DPV Y . 16.74 -14.51 -6.05
H23A DPV Y . 17.52 -15.07 -7.54
H23B DPV Y . 17.89 -13.48 -6.94
N DPV Z . 26.81 -4.10 -16.55
P DPV Z . 25.46 -7.92 -14.06
C1 DPV Z . 25.32 -8.62 -11.52
C2 DPV Z . 24.89 -10.06 -11.21
C3 DPV Z . 23.97 -10.19 -9.98
C4 DPV Z . 25.80 -5.32 -14.41
C5 DPV Z . 26.97 -5.22 -15.45
C6 DPV Z . 26.76 -2.71 -15.93
C7 DPV Z . 25.53 -4.37 -17.42
C8 DPV Z . 28.06 -4.14 -17.44
C15 DPV Z . 23.42 -11.66 -9.85
C16 DPV Z . 22.28 -11.75 -8.78
C17 DPV Z . 21.62 -13.19 -8.72
C18 DPV Z . 20.68 -13.43 -9.94
C19 DPV Z . 20.23 -14.90 -10.06
O1P DPV Z . 23.97 -8.01 -14.12
C20 DPV Z . 19.58 -15.14 -11.47
C21 DPV Z . 18.72 -16.43 -11.46
C22 DPV Z . 18.17 -16.71 -12.92
C23 DPV Z . 17.03 -17.75 -12.97
O2P DPV Z . 26.08 -8.39 -15.30
O3P DPV Z . 26.09 -8.60 -12.77
O4P DPV Z . 26.02 -6.49 -13.58
H1 DPV Z . 24.42 -7.98 -11.67
H1A DPV Z . 25.91 -8.22 -10.66
H2 DPV Z . 24.41 -10.46 -12.13
H2A DPV Z . 25.78 -10.64 -11.01
H3 DPV Z . 23.17 -9.49 -10.10
H3A DPV Z . 24.52 -9.96 -9.04
H4 DPV Z . 25.80 -4.43 -13.77
H4A DPV Z . 24.84 -5.41 -14.93
H5 DPV Z . 27.89 -5.02 -14.91
H5A DPV Z . 27.10 -6.18 -15.94
H6 DPV Z . 27.65 -2.58 -15.29
H6A DPV Z . 25.87 -2.61 -15.29
H6B DPV Z . 26.71 -1.94 -16.72
H7 DPV Z . 25.61 -5.37 -17.83
H7A DPV Z . 25.49 -3.65 -18.20
H7B DPV Z . 24.69 -4.30 -16.77
H8 DPV Z . 27.99 -3.32 -18.19
H8A DPV Z . 28.11 -5.14 -17.92
H8B DPV Z . 28.95 -4.00 -16.83
H15 DPV Z . 24.24 -12.33 -9.53
H15A DPV Z . 23.04 -12.02 -10.81
H16 DPV Z . 22.66 -11.51 -7.79
H16A DPV Z . 21.53 -10.99 -9.04
H17 DPV Z . 22.40 -13.96 -8.75
H17A DPV Z . 21.08 -13.32 -7.79
H18 DPV Z . 19.77 -12.78 -9.82
H18A DPV Z . 21.17 -13.13 -10.88
H19 DPV Z . 21.01 -15.58 -9.91
H19A DPV Z . 19.50 -15.07 -9.29
H20 DPV Z . 18.91 -14.26 -11.71
H20A DPV Z . 20.38 -15.24 -12.25
H21 DPV Z . 19.35 -17.28 -11.21
H21A DPV Z . 17.94 -16.37 -10.74
H22 DPV Z . 17.81 -15.76 -13.32
H22A DPV Z . 18.95 -17.10 -13.60
H23 DPV Z . 16.22 -17.43 -12.33
H23A DPV Z . 17.39 -18.73 -12.64
H23B DPV Z . 16.68 -17.84 -13.99
N DPV AA . 18.18 -3.26 -23.82
P DPV AA . 16.89 -8.25 -23.17
C1 DPV AA . 17.00 -10.23 -21.48
C2 DPV AA . 18.09 -10.83 -20.54
C3 DPV AA . 17.57 -12.06 -19.73
C4 DPV AA . 17.57 -5.79 -23.70
C5 DPV AA . 18.50 -4.66 -23.18
C6 DPV AA . 16.74 -2.76 -23.57
C7 DPV AA . 18.49 -3.23 -25.28
C8 DPV AA . 19.15 -2.24 -23.11
C15 DPV AA . 16.71 -11.69 -18.46
C16 DPV AA . 16.83 -12.78 -17.33
C17 DPV AA . 15.87 -12.51 -16.18
C18 DPV AA . 16.13 -13.48 -15.01
C19 DPV AA . 15.12 -13.26 -13.83
O1P DPV AA . 15.40 -8.07 -23.12
C20 DPV AA . 15.52 -14.04 -12.54
C21 DPV AA . 14.65 -13.62 -11.37
C22 DPV AA . 14.94 -14.54 -10.13
C23 DPV AA . 14.06 -14.10 -8.96
O2P DPV AA . 17.29 -8.89 -24.46
O3P DPV AA . 17.53 -8.95 -21.90
O4P DPV AA . 17.68 -6.93 -22.84
H1 DPV AA . 16.87 -10.85 -22.38
H1A DPV AA . 16.08 -10.10 -20.96
H2 DPV AA . 18.95 -11.21 -21.13
H2A DPV AA . 18.48 -10.07 -19.88
H3 DPV AA . 18.44 -12.60 -19.42
H3A DPV AA . 17.05 -12.74 -20.38
H4 DPV AA . 16.52 -5.42 -23.74
H4A DPV AA . 17.90 -6.13 -24.73
H5 DPV AA . 18.44 -4.52 -22.10
H5A DPV AA . 19.53 -4.84 -23.46
H6 DPV AA . 16.52 -2.78 -22.50
H6A DPV AA . 16.03 -3.39 -24.11
H6B DPV AA . 16.69 -1.73 -23.92
H7 DPV AA . 19.55 -3.48 -25.41
H7A DPV AA . 18.34 -2.20 -25.64
H7B DPV AA . 17.82 -3.93 -25.83
H8 DPV AA . 20.18 -2.66 -23.23
H8A DPV AA . 18.88 -2.17 -22.05
H8B DPV AA . 19.09 -1.27 -23.59
H15 DPV AA . 15.66 -11.59 -18.77
H15A DPV AA . 17.00 -10.74 -18.03
H16 DPV AA . 16.64 -13.79 -17.71
H16A DPV AA . 17.84 -12.73 -16.93
H17 DPV AA . 16.00 -11.45 -15.84
H17A DPV AA . 14.82 -12.62 -16.57
H18 DPV AA . 16.07 -14.52 -15.36
H18A DPV AA . 17.17 -13.29 -14.63
H19 DPV AA . 15.10 -12.20 -13.61
H19A DPV AA . 14.11 -13.58 -14.15
H20 DPV AA . 15.36 -15.11 -12.72
H20A DPV AA . 16.57 -13.87 -12.30
H21 DPV AA . 14.88 -12.58 -11.11
H21A DPV AA . 13.58 -13.71 -11.59
H22 DPV AA . 14.69 -15.62 -10.29
H22A DPV AA . 16.01 -14.47 -9.88
H23 DPV AA . 13.00 -14.21 -9.22
H23A DPV AA . 14.28 -13.07 -8.70
H23B DPV AA . 14.22 -14.73 -8.07
N DPV BA . 17.11 4.03 -17.85
P DPV BA . 17.17 -0.50 -18.71
C1 DPV BA . 15.88 -2.58 -19.71
C2 DPV BA . 16.55 -3.97 -19.83
C3 DPV BA . 15.61 -5.13 -19.40
C4 DPV BA . 16.75 2.00 -19.50
C5 DPV BA . 17.65 2.68 -18.41
C6 DPV BA . 16.79 5.01 -18.97
C7 DPV BA . 18.20 4.68 -17.02
C8 DPV BA . 15.87 3.77 -16.93
C15 DPV BA . 16.29 -6.49 -19.65
C16 DPV BA . 15.57 -7.62 -18.86
C17 DPV BA . 14.30 -8.14 -19.53
C18 DPV BA . 13.54 -9.16 -18.69
C19 DPV BA . 12.42 -9.90 -19.46
O1P DPV BA . 18.44 -0.71 -18.00
C20 DPV BA . 12.97 -11.07 -20.29
C21 DPV BA . 11.87 -11.78 -21.16
C22 DPV BA . 10.79 -12.49 -20.30
C23 DPV BA . 9.93 -13.41 -21.19
O2P DPV BA . 16.01 -0.33 -17.79
O3P DPV BA . 16.92 -1.58 -19.88
O4P DPV BA . 17.26 0.68 -19.83
H1 DPV BA . 15.14 -2.43 -20.50
H1A DPV BA . 15.45 -2.47 -18.70
H2 DPV BA . 16.84 -4.09 -20.86
H2A DPV BA . 17.47 -3.98 -19.24
H3 DPV BA . 14.69 -5.11 -19.97
H3A DPV BA . 15.40 -5.01 -18.35
H4 DPV BA . 15.71 1.89 -19.14
H4A DPV BA . 16.74 2.61 -20.42
H5 DPV BA . 17.76 1.98 -17.57
H5A DPV BA . 18.68 2.90 -18.84
H6 DPV BA . 16.48 5.96 -18.54
H6A DPV BA . 16.01 4.58 -19.58
H6B DPV BA . 17.68 5.17 -19.58
H7 DPV BA . 18.41 4.02 -16.17
H7A DPV BA . 17.83 5.67 -16.73
H7B DPV BA . 19.10 4.75 -17.65
H8 DPV BA . 15.05 3.37 -17.53
H8A DPV BA . 15.54 4.69 -16.46
H8B DPV BA . 16.17 3.07 -16.14
H15 DPV BA . 17.35 -6.44 -19.33
H15A DPV BA . 16.27 -6.70 -20.74
H16 DPV BA . 16.26 -8.46 -18.72
H16A DPV BA . 15.31 -7.25 -17.86
H17 DPV BA . 13.65 -7.29 -19.72
H17A DPV BA . 14.56 -8.61 -20.48
H18 DPV BA . 14.20 -9.89 -18.23
H18A DPV BA . 13.08 -8.65 -17.83
H19 DPV BA . 11.73 -10.23 -18.73
H19A DPV BA . 11.88 -9.21 -20.09
H20 DPV BA . 13.75 -10.72 -20.97
H20A DPV BA . 13.43 -11.81 -19.63
H21 DPV BA . 11.40 -11.03 -21.80
H21A DPV BA . 12.37 -12.50 -21.80
H22 DPV BA . 11.25 -13.08 -19.47
H22A DPV BA . 10.15 -11.72 -19.82
H23 DPV BA . 9.23 -13.91 -20.57
H23A DPV BA . 10.55 -14.12 -21.72
H23B DPV BA . 9.34 -12.83 -21.90
N DPV CA . -1.79 3.63 -12.94
P DPV CA . -0.64 0.32 -15.88
C1 DPV CA . -3.04 -0.85 -15.92
C2 DPV CA . -3.04 -1.35 -17.37
C3 DPV CA . -4.27 -2.28 -17.67
C4 DPV CA . -0.87 1.17 -13.38
C5 DPV CA . -0.73 2.52 -12.54
C6 DPV CA . -3.25 3.10 -12.90
C7 DPV CA . -1.57 4.25 -14.34
C8 DPV CA . -1.71 4.81 -11.92
C15 DPV CA . -4.24 -3.62 -16.88
C16 DPV CA . -3.68 -4.80 -17.75
C17 DPV CA . -3.73 -6.15 -17.03
C18 DPV CA . -3.35 -7.34 -18.01
C19 DPV CA . -3.45 -8.75 -17.31
O1P DPV CA . -0.13 0.74 -17.17
C20 DPV CA . -2.30 -9.03 -16.31
C21 DPV CA . -2.32 -10.50 -15.78
C22 DPV CA . -1.61 -10.63 -14.39
C23 DPV CA . -0.11 -10.46 -14.42
O2P DPV CA . -0.09 -1.01 -15.43
O3P DPV CA . -2.27 0.40 -15.78
O4P DPV CA . -0.50 1.45 -14.76
H1 DPV CA . -4.09 -0.68 -15.59
H1A DPV CA . -2.61 -1.60 -15.21
H2 DPV CA . -3.10 -0.50 -18.02
H2A DPV CA . -2.13 -1.89 -17.59
H3 DPV CA . -4.32 -2.46 -18.73
H3A DPV CA . -5.18 -1.74 -17.42
H4 DPV CA . -0.18 0.41 -12.94
H4A DPV CA . -1.87 0.76 -13.37
H5 DPV CA . -0.88 2.26 -11.50
H5A DPV CA . 0.28 2.92 -12.61
H6 DPV CA . -3.49 2.78 -11.88
H6A DPV CA . -3.31 2.23 -13.55
H6B DPV CA . -3.93 3.90 -13.21
H7 DPV CA . -0.52 4.57 -14.38
H7A DPV CA . -2.28 5.11 -14.45
H7B DPV CA . -1.82 3.46 -15.08
H8 DPV CA . -1.91 4.46 -10.90
H8A DPV CA . -2.47 5.57 -12.21
H8B DPV CA . -0.71 5.27 -11.98
H15 DPV CA . -5.28 -3.87 -16.63
H15A DPV CA . -3.65 -3.54 -15.97
H16 DPV CA . -4.19 -4.88 -18.72
H16A DPV CA . -2.66 -4.55 -17.98
H17 DPV CA . -3.03 -6.13 -16.19
H17A DPV CA . -4.73 -6.31 -16.59
H18 DPV CA . -4.00 -7.37 -18.88
H18A DPV CA . -2.37 -7.18 -18.38
H19 DPV CA . -4.42 -8.89 -16.83
H19A DPV CA . -3.43 -9.52 -18.11
H20 DPV CA . -1.35 -8.85 -16.82
H20A DPV CA . -2.39 -8.33 -15.48
H21 DPV CA . -3.34 -10.81 -15.69
H21A DPV CA . -1.81 -11.15 -16.51
H22 DPV CA . -2.06 -9.93 -13.68
H22A DPV CA . -1.81 -11.62 -13.97
H23 DPV CA . 0.28 -10.51 -13.42
H23A DPV CA . 0.19 -9.52 -14.81
H23B DPV CA . 0.36 -11.27 -14.98
N DPV DA . -11.96 -15.90 -15.71
P DPV DA . -10.00 -19.77 -13.89
C1 DPV DA . -8.16 -18.90 -12.25
C2 DPV DA . -7.94 -18.50 -10.77
C3 DPV DA . -7.94 -16.94 -10.57
C4 DPV DA . -10.52 -18.15 -15.88
C5 DPV DA . -10.65 -16.62 -16.21
C6 DPV DA . -13.23 -16.62 -16.23
C7 DPV DA . -11.93 -14.45 -16.23
C8 DPV DA . -12.01 -15.85 -14.17
C15 DPV DA . -6.62 -16.22 -11.09
C16 DPV DA . -5.38 -16.50 -10.16
C17 DPV DA . -5.31 -15.56 -8.94
C18 DPV DA . -4.00 -15.74 -8.15
C19 DPV DA . -3.58 -14.45 -7.40
O1P DPV DA . -11.30 -20.48 -13.81
C20 DPV DA . -2.13 -14.56 -6.89
C21 DPV DA . -2.04 -15.36 -5.53
C22 DPV DA . -0.56 -15.61 -5.07
C23 DPV DA . -0.48 -16.54 -3.83
O2P DPV DA . -8.93 -20.58 -14.52
O3P DPV DA . -9.56 -19.11 -12.48
O4P DPV DA . -10.12 -18.30 -14.49
H1 DPV DA . -7.81 -18.12 -12.94
H1A DPV DA . -7.60 -19.81 -12.42
H2 DPV DA . -8.71 -18.94 -10.14
H2A DPV DA . -7.00 -18.92 -10.44
H3 DPV DA . -8.12 -16.72 -9.51
H3A DPV DA . -8.80 -16.50 -11.10
H4 DPV DA . -11.46 -18.66 -16.02
H4A DPV DA . -9.75 -18.58 -16.50
H5 DPV DA . -9.79 -16.07 -15.76
H5A DPV DA . -10.62 -16.50 -17.34
H6 DPV DA . -13.06 -16.80 -17.33
H6A DPV DA . -14.12 -16.00 -16.05
H6B DPV DA . -13.33 -17.58 -15.69
H7 DPV DA . -11.02 -13.97 -15.87
H7A DPV DA . -12.84 -13.96 -15.91
H7B DPV DA . -11.90 -14.50 -17.33
H8 DPV DA . -11.15 -15.27 -13.81
H8A DPV DA . -11.96 -16.88 -13.79
H8B DPV DA . -12.95 -15.38 -13.87
H15 DPV DA . -6.78 -15.14 -11.18
H15A DPV DA . -6.38 -16.58 -12.10
H16 DPV DA . -5.35 -17.55 -9.82
H16A DPV DA . -4.47 -16.34 -10.80
H17 DPV DA . -5.46 -14.50 -9.27
H17A DPV DA . -6.15 -15.79 -8.26
H18 DPV DA . -4.08 -16.58 -7.46
H18A DPV DA . -3.20 -15.96 -8.87
H19 DPV DA . -3.59 -13.60 -8.10
H19A DPV DA . -4.29 -14.25 -6.56
H20 DPV DA . -1.45 -15.06 -7.61
H20A DPV DA . -1.79 -13.51 -6.79
H21 DPV DA . -2.57 -14.79 -4.78
H21A DPV DA . -2.48 -16.34 -5.68
H22 DPV DA . 0.02 -16.08 -5.85
H22A DPV DA . -0.13 -14.64 -4.79
H23 DPV DA . 0.53 -16.56 -3.46
H23A DPV DA . -0.76 -17.56 -4.09
H23B DPV DA . -1.13 -16.18 -3.05
N DPV EA . -9.26 -7.64 -6.62
P DPV EA . -6.42 -4.52 -4.58
C1 DPV EA . -4.40 -5.93 -3.69
C2 DPV EA . -3.77 -7.35 -3.85
C3 DPV EA . -2.37 -7.37 -4.49
C4 DPV EA . -7.42 -5.64 -6.71
C5 DPV EA . -8.79 -6.20 -7.24
C6 DPV EA . -8.18 -8.72 -6.77
C7 DPV EA . -10.46 -8.17 -7.38
C8 DPV EA . -9.66 -7.48 -5.14
C15 DPV EA . -1.87 -8.83 -4.74
C16 DPV EA . -0.52 -8.86 -5.47
C17 DPV EA . -0.08 -10.31 -5.84
C18 DPV EA . 1.33 -10.32 -6.54
C19 DPV EA . 1.74 -11.77 -6.89
O1P DPV EA . -5.97 -3.33 -5.34
C20 DPV EA . 3.17 -11.82 -7.57
C21 DPV EA . 3.64 -13.29 -7.85
C22 DPV EA . 4.98 -13.30 -8.63
C23 DPV EA . 5.23 -14.68 -9.29
O2P DPV EA . -6.77 -4.17 -3.20
O3P DPV EA . -5.42 -5.78 -4.69
O4P DPV EA . -7.56 -5.35 -5.32
H1 DPV EA . -4.89 -5.84 -2.72
H1A DPV EA . -3.66 -5.14 -3.82
H2 DPV EA . -3.63 -7.75 -2.87
H2A DPV EA . -4.43 -7.99 -4.38
H3 DPV EA . -1.68 -6.82 -3.86
H3A DPV EA . -2.39 -6.84 -5.43
H4 DPV EA . -6.62 -6.37 -6.86
H4A DPV EA . -7.19 -4.69 -7.23
H5 DPV EA . -9.59 -5.53 -6.97
H5A DPV EA . -8.77 -6.35 -8.30
H6 DPV EA . -7.30 -8.38 -6.24
H6A DPV EA . -7.95 -8.83 -7.83
H6B DPV EA . -8.56 -9.67 -6.38
H7 DPV EA . -11.26 -7.43 -7.30
H7A DPV EA . -10.76 -9.11 -6.94
H7B DPV EA . -10.19 -8.30 -8.41
H8 DPV EA . -10.42 -6.71 -5.04
H8A DPV EA . -8.77 -7.16 -4.58
H8B DPV EA . -10.07 -8.42 -4.77
H15 DPV EA . -2.61 -9.38 -5.33
H15A DPV EA . -1.82 -9.36 -3.75
H16 DPV EA . -0.60 -8.28 -6.40
H16A DPV EA . 0.23 -8.40 -4.84
H17 DPV EA . 0.00 -10.91 -4.96
H17A DPV EA . -0.84 -10.71 -6.51
H18 DPV EA . 1.34 -9.69 -7.45
H18A DPV EA . 2.09 -9.90 -5.86
H19 DPV EA . 1.80 -12.38 -5.98
H19A DPV EA . 0.97 -12.21 -7.51
H20 DPV EA . 3.17 -11.26 -8.50
H20A DPV EA . 3.92 -11.38 -6.89
H21 DPV EA . 3.76 -13.82 -6.89
H21A DPV EA . 2.85 -13.74 -8.45
H22 DPV EA . 4.97 -12.53 -9.43
H22A DPV EA . 5.79 -13.07 -7.91
H23 DPV EA . 5.18 -15.46 -8.53
H23A DPV EA . 6.22 -14.70 -9.74
H23B DPV EA . 4.49 -14.87 -10.05
N DPV FA . -6.27 -16.40 10.14
P DPV FA . -4.91 -14.07 6.96
C1 DPV FA . -3.97 -12.55 5.07
C2 DPV FA . -2.63 -12.07 4.45
C3 DPV FA . -2.81 -11.73 2.94
C4 DPV FA . -4.22 -16.09 8.54
C5 DPV FA . -4.91 -15.71 9.90
C6 DPV FA . -6.85 -15.84 11.46
C7 DPV FA . -6.17 -17.94 10.21
C8 DPV FA . -7.31 -15.98 9.07
C15 DPV FA . -1.42 -11.55 2.28
C16 DPV FA . -1.52 -11.12 0.77
C17 DPV FA . -0.11 -11.00 0.14
C18 DPV FA . -0.19 -10.36 -1.29
C19 DPV FA . 1.22 -9.93 -1.83
O1P DPV FA . -5.71 -14.92 6.04
C20 DPV FA . 1.97 -11.07 -2.53
C21 DPV FA . 3.36 -10.62 -3.05
C22 DPV FA . 4.24 -11.77 -3.56
C23 DPV FA . 5.60 -11.26 -4.04
O2P DPV FA . -5.77 -13.16 7.77
O3P DPV FA . -3.70 -13.34 6.26
O4P DPV FA . -3.84 -14.91 7.80
H1 DPV FA . -4.57 -11.67 5.39
H1A DPV FA . -4.56 -13.15 4.36
H2 DPV FA . -2.30 -11.20 4.98
H2A DPV FA . -1.93 -12.89 4.49
H3 DPV FA . -3.39 -10.81 2.83
H3A DPV FA . -3.34 -12.53 2.41
H4 DPV FA . -3.31 -16.68 8.79
H4A DPV FA . -4.88 -16.65 7.91
H5 DPV FA . -4.25 -15.96 10.71
H5A DPV FA . -5.06 -14.66 9.91
H6 DPV FA . -6.91 -14.74 11.42
H6A DPV FA . -6.23 -16.13 12.31
H6B DPV FA . -7.86 -16.23 11.58
H7 DPV FA . -5.75 -18.32 9.29
H7A DPV FA . -7.19 -18.30 10.36
H7B DPV FA . -5.52 -18.19 11.03
H8 DPV FA . -7.02 -16.32 8.07
H8A DPV FA . -7.40 -14.88 9.10
H8B DPV FA . -8.29 -16.42 9.34
H15 DPV FA . -0.86 -12.50 2.35
H15A DPV FA . -0.85 -10.78 2.86
H16 DPV FA . -2.11 -11.86 0.20
H16A DPV FA . -2.01 -10.14 0.70
H17 DPV FA . 0.56 -10.42 0.76
H17A DPV FA . 0.36 -11.96 0.05
H18 DPV FA . -0.71 -11.08 -1.97
H18A DPV FA . -0.83 -9.48 -1.27
H19 DPV FA . 1.08 -9.11 -2.53
H19A DPV FA . 1.81 -9.49 -1.01
H20 DPV FA . 2.08 -11.91 -1.82
H20A DPV FA . 1.37 -11.45 -3.37
H21 DPV FA . 3.23 -9.88 -3.87
H21A DPV FA . 3.88 -10.07 -2.23
H22 DPV FA . 4.38 -12.53 -2.76
H22A DPV FA . 3.70 -12.24 -4.41
H23 DPV FA . 6.13 -10.66 -3.29
H23A DPV FA . 5.44 -10.62 -4.94
H23B DPV FA . 6.21 -12.12 -4.35
N DPV GA . -0.78 -23.35 11.57
P DPV GA . -4.99 -23.02 8.63
C1 DPV GA . -7.14 -24.39 7.99
C2 DPV GA . -7.20 -24.38 6.46
C3 DPV GA . -8.65 -24.41 5.87
C4 DPV GA . -2.64 -23.14 9.71
C5 DPV GA . -1.81 -24.06 10.59
C6 DPV GA . -1.49 -22.39 12.52
C7 DPV GA . 0.35 -22.66 10.84
C8 DPV GA . -0.18 -24.45 12.51
C15 DPV GA . -8.59 -24.12 4.34
C16 DPV GA . -9.87 -24.57 3.58
C17 DPV GA . -9.85 -24.11 2.08
C18 DPV GA . -9.00 -25.06 1.19
C19 DPV GA . -9.02 -24.59 -0.28
O1P DPV GA . -5.71 -22.07 9.54
C20 DPV GA . -7.90 -25.28 -1.15
C21 DPV GA . -7.66 -24.60 -2.55
C22 DPV GA . -6.92 -23.22 -2.42
C23 DPV GA . -6.65 -22.55 -3.77
O2P DPV GA . -4.57 -22.36 7.38
O3P DPV GA . -5.75 -24.41 8.40
O4P DPV GA . -3.85 -23.81 9.35
H1 DPV GA . -7.66 -23.49 8.41
H1A DPV GA . -7.62 -25.31 8.39
H2 DPV GA . -6.69 -23.46 6.09
H2A DPV GA . -6.67 -25.26 6.07
H3 DPV GA . -9.24 -23.63 6.34
H3A DPV GA . -9.09 -25.38 6.09
H4 DPV GA . -2.95 -22.21 10.26
H4A DPV GA . -2.06 -22.86 8.80
H5 DPV GA . -2.48 -24.61 11.24
H5A DPV GA . -1.21 -24.72 9.96
H6 DPV GA . -1.79 -21.54 11.93
H6A DPV GA . -0.79 -22.06 13.28
H6B DPV GA . -2.33 -22.88 12.98
H7 DPV GA . 1.02 -22.19 11.56
H7A DPV GA . -0.06 -21.88 10.19
H7B DPV GA . 0.92 -23.40 10.29
H8 DPV GA . -0.98 -24.99 12.98
H8A DPV GA . 0.49 -23.98 13.21
H8B DPV GA . 0.38 -25.14 11.89
H15 DPV GA . -7.72 -24.64 3.91
H15A DPV GA . -8.48 -23.04 4.21
H16 DPV GA . -10.00 -25.65 3.64
H16A DPV GA . -10.73 -24.14 4.07
H17 DPV GA . -10.88 -24.11 1.71
H17A DPV GA . -9.45 -23.11 2.02
H18 DPV GA . -7.96 -25.07 1.55
H18A DPV GA . -9.41 -26.09 1.24
H19 DPV GA . -9.99 -24.83 -0.71
H19A DPV GA . -8.90 -23.53 -0.29
H20 DPV GA . -6.95 -25.24 -0.62
H20A DPV GA . -8.21 -26.33 -1.30
H21 DPV GA . -7.04 -25.27 -3.15
H21A DPV GA . -8.60 -24.49 -3.08
H22 DPV GA . -7.53 -22.55 -1.80
H22A DPV GA . -5.95 -23.36 -1.93
H23 DPV GA . -6.12 -23.20 -4.44
H23A DPV GA . -6.07 -21.62 -3.65
H23B DPV GA . -7.61 -22.29 -4.25
N DPV HA . 3.14 -28.86 7.41
P DPV HA . 4.42 -32.83 6.41
C1 DPV HA . 1.89 -32.75 5.77
C2 DPV HA . 0.87 -32.02 4.82
C3 DPV HA . -0.55 -32.56 5.01
C4 DPV HA . 5.00 -30.71 7.93
C5 DPV HA . 3.55 -30.16 8.19
C6 DPV HA . 1.67 -28.59 7.71
C7 DPV HA . 3.23 -29.00 5.87
C8 DPV HA . 3.94 -27.64 7.85
C15 DPV HA . -1.54 -31.96 3.97
C16 DPV HA . -1.49 -32.72 2.60
C17 DPV HA . -2.56 -32.21 1.56
C18 DPV HA . -2.09 -30.96 0.71
C19 DPV HA . -3.15 -30.57 -0.32
O1P DPV HA . 5.31 -33.71 5.60
C20 DPV HA . -2.89 -29.14 -0.91
C21 DPV HA . -4.00 -28.70 -1.91
C22 DPV HA . -3.60 -27.44 -2.75
C23 DPV HA . -4.04 -26.11 -2.07
O2P DPV HA . 4.02 -33.49 7.67
O3P DPV HA . 3.20 -32.19 5.59
O4P DPV HA . 5.07 -31.37 6.64
H1 DPV HA . 1.57 -32.61 6.80
H1A DPV HA . 1.92 -33.83 5.54
H2 DPV HA . 0.90 -30.97 5.05
H2A DPV HA . 1.22 -32.11 3.81
H3 DPV HA . -0.88 -32.32 6.01
H3A DPV HA . -0.59 -33.65 4.94
H4 DPV HA . 5.79 -29.92 7.95
H4A DPV HA . 5.23 -31.44 8.74
H5 DPV HA . 2.81 -30.94 7.91
H5A DPV HA . 3.40 -29.95 9.26
H6 DPV HA . 1.58 -28.40 8.79
H6A DPV HA . 1.06 -29.46 7.40
H6B DPV HA . 1.39 -27.70 7.15
H7 DPV HA . 4.28 -29.13 5.58
H7A DPV HA . 2.82 -28.09 5.41
H7B DPV HA . 2.65 -29.88 5.57
H8 DPV HA . 3.54 -26.78 7.31
H8A DPV HA . 5.00 -27.77 7.62
H8B DPV HA . 3.75 -27.51 8.92
H15 DPV HA . -1.35 -30.91 3.79
H15A DPV HA . -2.54 -32.04 4.40
H16 DPV HA . -0.47 -32.63 2.20
H16A DPV HA . -1.66 -33.78 2.80
H17 DPV HA . -2.78 -33.01 0.90
H17A DPV HA . -3.43 -31.96 2.11
H18 DPV HA . -1.90 -30.12 1.39
H18A DPV HA . -1.17 -31.24 0.20
H19 DPV HA . -3.12 -31.35 -1.14
H19A DPV HA . -4.16 -30.63 0.15
H20 DPV HA . -2.78 -28.39 -0.13
H20A DPV HA . -1.94 -29.16 -1.44
H21 DPV HA . -4.17 -29.50 -2.62
H21A DPV HA . -4.92 -28.57 -1.40
H22 DPV HA . -2.52 -27.42 -2.90
H22A DPV HA . -4.05 -27.52 -3.70
H23 DPV HA . -3.85 -25.25 -2.75
H23A DPV HA . -3.57 -25.94 -1.11
H23B DPV HA . -5.10 -26.16 -1.86
N DPV IA . 11.16 -34.58 1.17
P DPV IA . 9.86 -31.38 4.45
C1 DPV IA . 7.26 -31.27 4.18
C2 DPV IA . 6.20 -30.68 3.25
C3 DPV IA . 5.25 -31.79 2.68
C4 DPV IA . 10.12 -32.24 1.94
C5 DPV IA . 9.99 -33.55 1.09
C6 DPV IA . 10.68 -35.82 0.44
C7 DPV IA . 11.58 -34.94 2.63
C8 DPV IA . 12.38 -34.07 0.44
C15 DPV IA . 4.11 -31.17 1.82
C16 DPV IA . 3.15 -32.29 1.31
C17 DPV IA . 1.94 -31.74 0.52
C18 DPV IA . 2.31 -31.53 -1.00
C19 DPV IA . 1.03 -31.19 -1.81
O1P DPV IA . 9.65 -31.92 5.80
C20 DPV IA . 1.29 -31.34 -3.32
C21 DPV IA . 0.05 -31.02 -4.21
C22 DPV IA . -0.22 -29.46 -4.31
C23 DPV IA . -1.23 -29.09 -5.38
O2P DPV IA . 11.05 -30.53 4.35
O3P DPV IA . 8.55 -30.69 3.84
O4P DPV IA . 9.84 -32.53 3.33
H1 DPV IA . 7.05 -30.99 5.20
H1A DPV IA . 7.27 -32.36 4.08
H2 DPV IA . 5.62 -29.97 3.81
H2A DPV IA . 6.64 -30.16 2.41
H3 DPV IA . 4.82 -32.38 3.48
H3A DPV IA . 5.81 -32.46 2.05
H4 DPV IA . 11.13 -31.82 1.85
H4A DPV IA . 9.40 -31.51 1.62
H5 DPV IA . 9.09 -34.10 1.34
H5A DPV IA . 9.94 -33.29 0.03
H6 DPV IA . 9.82 -36.20 0.97
H6A DPV IA . 11.48 -36.56 0.45
H6B DPV IA . 10.43 -35.57 -0.59
H7 DPV IA . 10.67 -35.33 3.10
H7A DPV IA . 11.93 -34.04 3.14
H7B DPV IA . 12.38 -35.67 2.59
H8 DPV IA . 12.71 -33.17 0.96
H8A DPV IA . 12.13 -33.86 -0.59
H8B DPV IA . 13.14 -34.86 0.43
H15 DPV IA . 4.51 -30.62 0.96
H15A DPV IA . 3.54 -30.47 2.46
H16 DPV IA . 3.72 -33.03 0.71
H16A DPV IA . 2.74 -32.83 2.19
H17 DPV IA . 1.16 -32.47 0.62
H17A DPV IA . 1.57 -30.86 0.91
H18 DPV IA . 2.98 -30.69 -1.10
H18A DPV IA . 2.80 -32.40 -1.42
H19 DPV IA . 0.22 -31.83 -1.54
H19A DPV IA . 0.77 -30.15 -1.65
H20 DPV IA . 2.16 -30.72 -3.62
H20A DPV IA . 1.53 -32.38 -3.53
H21 DPV IA . 0.18 -31.46 -5.16
H21A DPV IA . -0.80 -31.48 -3.79
H22 DPV IA . -0.61 -29.18 -3.31
H22A DPV IA . 0.69 -28.89 -4.48
H23 DPV IA . -0.83 -29.27 -6.37
H23A DPV IA . -1.51 -28.05 -5.31
H23B DPV IA . -2.16 -29.64 -5.28
N DPV JA . 17.99 -21.32 15.13
P DPV JA . 20.73 -23.35 11.35
C1 DPV JA . 19.61 -25.46 10.24
C2 DPV JA . 19.45 -26.97 10.45
C3 DPV JA . 18.82 -27.70 9.23
C4 DPV JA . 19.32 -22.98 13.54
C5 DPV JA . 18.00 -22.18 13.80
C6 DPV JA . 16.59 -20.77 15.31
C7 DPV JA . 19.02 -20.14 15.08
C8 DPV JA . 18.18 -22.19 16.33
C15 DPV JA . 19.89 -28.10 8.15
C16 DPV JA . 19.19 -28.78 6.94
C17 DPV JA . 20.33 -29.20 5.91
C18 DPV JA . 19.82 -29.77 4.58
C19 DPV JA . 19.06 -28.73 3.67
O1P DPV JA . 20.71 -22.64 10.04
C20 DPV JA . 18.76 -29.28 2.29
C21 DPV JA . 17.98 -28.22 1.43
C22 DPV JA . 18.19 -28.51 -0.09
C23 DPV JA . 17.51 -27.45 -0.94
O2P DPV JA . 21.92 -22.99 12.13
O3P DPV JA . 20.56 -24.95 11.22
O4P DPV JA . 19.35 -23.26 12.13
H1 DPV JA . 20.02 -25.22 9.22
H1A DPV JA . 18.62 -24.96 10.36
H2 DPV JA . 20.42 -27.44 10.68
H2A DPV JA . 18.81 -27.13 11.32
H3 DPV JA . 18.04 -27.09 8.79
H3A DPV JA . 18.36 -28.60 9.61
H4 DPV JA . 20.19 -22.35 13.81
H4A DPV JA . 19.35 -23.91 14.13
H5 DPV JA . 17.82 -21.50 12.99
H5A DPV JA . 17.16 -22.87 13.84
H6 DPV JA . 15.84 -21.55 15.20
H6A DPV JA . 16.40 -20.03 14.52
H6B DPV JA . 16.52 -20.31 16.28
H7 DPV JA . 18.82 -19.56 14.19
H7A DPV JA . 20.04 -20.54 15.11
H7B DPV JA . 18.87 -19.53 15.97
H8 DPV JA . 19.10 -22.77 16.22
H8A DPV JA . 17.33 -22.91 16.37
H8B DPV JA . 18.25 -21.57 17.21
H15 DPV JA . 20.66 -28.76 8.58
H15A DPV JA . 20.39 -27.19 7.77
H16 DPV JA . 18.65 -29.66 7.27
H16A DPV JA . 18.47 -28.10 6.49
H17 DPV JA . 20.92 -28.32 5.71
H17A DPV JA . 21.00 -29.92 6.35
H18 DPV JA . 20.70 -30.13 4.02
H18A DPV JA . 19.17 -30.64 4.74
H19 DPV JA . 18.16 -28.43 4.14
H19A DPV JA . 19.72 -27.88 3.54
H20 DPV JA . 19.67 -29.52 1.77
H20A DPV JA . 18.21 -30.21 2.39
H21 DPV JA . 16.91 -28.26 1.66
H21A DPV JA . 18.30 -27.21 1.68
H22 DPV JA . 19.25 -28.53 -0.33
H22A DPV JA . 17.74 -29.49 -0.31
H23 DPV JA . 17.89 -26.47 -0.70
H23A DPV JA . 16.45 -27.48 -0.72
H23B DPV JA . 17.64 -27.62 -2.00
N DPV KA . 26.64 -29.68 -1.28
P DPV KA . 23.83 -31.27 -4.98
C1 DPV KA . 21.37 -30.58 -5.30
C2 DPV KA . 20.26 -29.71 -4.67
C3 DPV KA . 18.87 -30.21 -5.03
C4 DPV KA . 25.97 -30.68 -3.68
C5 DPV KA . 26.45 -30.96 -2.20
C6 DPV KA . 25.33 -28.99 -1.04
C7 DPV KA . 27.67 -28.65 -1.89
C8 DPV KA . 27.15 -30.17 0.06
C15 DPV KA . 17.83 -29.43 -4.21
C16 DPV KA . 16.40 -29.89 -4.62
C17 DPV KA . 15.23 -29.02 -4.05
C18 DPV KA . 14.74 -27.95 -5.07
C19 DPV KA . 15.77 -26.84 -5.43
O1P DPV KA . 24.39 -30.78 -6.27
C20 DPV KA . 16.05 -25.87 -4.25
C21 DPV KA . 17.13 -24.80 -4.58
C22 DPV KA . 18.60 -25.35 -4.47
C23 DPV KA . 19.63 -24.21 -4.72
O2P DPV KA . 23.67 -32.74 -4.94
O3P DPV KA . 22.52 -30.48 -4.50
O4P DPV KA . 24.53 -30.66 -3.70
H1 DPV KA . 21.07 -31.62 -5.32
H1A DPV KA . 21.58 -30.23 -6.28
H2 DPV KA . 20.38 -29.73 -3.56
H2A DPV KA . 20.36 -28.67 -5.02
H3 DPV KA . 18.79 -31.28 -4.87
H3A DPV KA . 18.67 -30.01 -6.10
H4 DPV KA . 26.34 -29.71 -4.06
H4A DPV KA . 26.34 -31.49 -4.35
H5 DPV KA . 25.72 -31.61 -1.71
H5A DPV KA . 27.42 -31.48 -2.21
H6 DPV KA . 24.63 -29.75 -0.68
H6A DPV KA . 24.98 -28.64 -2.00
H6B DPV KA . 25.45 -28.19 -0.31
H7 DPV KA . 27.79 -27.82 -1.19
H7A DPV KA . 27.28 -28.31 -2.86
H7B DPV KA . 28.61 -29.18 -2.03
H8 DPV KA . 28.06 -30.76 -0.10
H8A DPV KA . 26.42 -30.84 0.52
H8B DPV KA . 27.37 -29.30 0.69
H15 DPV KA . 17.96 -28.37 -4.34
H15A DPV KA . 17.98 -29.65 -3.18
H16 DPV KA . 16.30 -29.91 -5.70
H16A DPV KA . 16.27 -30.91 -4.23
H17 DPV KA . 14.37 -29.69 -3.86
H17A DPV KA . 15.54 -28.54 -3.08
H18 DPV KA . 14.48 -28.49 -6.00
H18A DPV KA . 13.83 -27.49 -4.70
H19 DPV KA . 16.66 -27.28 -5.80
H19A DPV KA . 15.36 -26.25 -6.26
H20 DPV KA . 15.11 -25.36 -3.91
H20A DPV KA . 16.36 -26.42 -3.37
H21 DPV KA . 16.97 -24.43 -5.57
H21A DPV KA . 16.97 -24.00 -3.87
H22 DPV KA . 18.75 -25.79 -3.49
H22A DPV KA . 18.71 -26.12 -5.25
H23 DPV KA . 19.50 -23.74 -5.72
H23A DPV KA . 20.62 -24.64 -4.72
H23B DPV KA . 19.60 -23.39 -3.96
N DPV LA . 28.13 -21.49 -19.24
P DPV LA . 27.86 -22.82 -14.66
C1 DPV LA . 29.85 -24.17 -13.73
C2 DPV LA . 30.62 -25.47 -14.02
C3 DPV LA . 29.82 -26.78 -13.67
C4 DPV LA . 27.22 -21.42 -16.75
C5 DPV LA . 26.93 -21.70 -18.26
C6 DPV LA . 27.68 -21.89 -20.63
C7 DPV LA . 29.38 -22.31 -18.86
C8 DPV LA . 28.51 -20.00 -19.25
C15 DPV LA . 28.65 -27.05 -14.66
C16 DPV LA . 27.73 -28.18 -14.13
C17 DPV LA . 26.30 -28.07 -14.74
C18 DPV LA . 25.46 -26.95 -14.05
C19 DPV LA . 23.98 -27.00 -14.53
O1P DPV LA . 28.28 -21.61 -13.89
C20 DPV LA . 23.12 -25.89 -13.81
C21 DPV LA . 21.62 -26.15 -13.99
C22 DPV LA . 20.76 -25.22 -13.06
C23 DPV LA . 19.33 -25.74 -12.93
O2P DPV LA . 26.60 -23.40 -14.14
O3P DPV LA . 29.03 -23.87 -14.88
O4P DPV LA . 27.84 -22.59 -16.23
H1 DPV LA . 29.22 -24.29 -12.84
H1A DPV LA . 30.55 -23.34 -13.57
H2 DPV LA . 30.95 -25.53 -15.05
H2A DPV LA . 31.54 -25.43 -13.42
H3 DPV LA . 29.42 -26.70 -12.67
H3A DPV LA . 30.47 -27.62 -13.68
H4 DPV LA . 27.83 -20.55 -16.64
H4A DPV LA . 26.30 -21.29 -16.19
H5 DPV LA . 26.63 -22.77 -18.34
H5A DPV LA . 26.12 -21.06 -18.60
H6 DPV LA . 26.80 -21.32 -20.92
H6A DPV LA . 27.41 -22.95 -20.58
H6B DPV LA . 28.49 -21.73 -21.37
H7 DPV LA . 29.79 -21.93 -17.91
H7A DPV LA . 30.13 -22.25 -19.67
H7B DPV LA . 29.08 -23.37 -18.76
H8 DPV LA . 28.94 -19.74 -18.28
H8A DPV LA . 27.64 -19.36 -19.44
H8B DPV LA . 29.25 -19.86 -20.04
H15 DPV LA . 29.05 -27.38 -15.62
H15A DPV LA . 28.08 -26.14 -14.84
H16 DPV LA . 28.15 -29.16 -14.37
H16A DPV LA . 27.68 -28.15 -13.03
H17 DPV LA . 26.35 -27.84 -15.80
H17A DPV LA . 25.80 -29.02 -14.61
H18 DPV LA . 25.52 -27.04 -12.96
H18A DPV LA . 25.91 -25.97 -14.27
H19 DPV LA . 23.90 -26.90 -15.61
H19A DPV LA . 23.59 -27.98 -14.27
H20 DPV LA . 23.36 -25.87 -12.73
H20A DPV LA . 23.35 -24.89 -14.23
H21 DPV LA . 21.32 -25.98 -15.03
H21A DPV LA . 21.40 -27.21 -13.77
H22 DPV LA . 21.18 -25.17 -12.07
H22A DPV LA . 20.75 -24.23 -13.52
H23 DPV LA . 18.65 -25.03 -12.42
H23A DPV LA . 19.30 -26.67 -12.33
H23B DPV LA . 18.92 -25.90 -13.95
N DPV MA . 10.38 -11.86 -25.89
P DPV MA . 13.47 -15.54 -23.79
C1 DPV MA . 14.64 -14.96 -21.50
C2 DPV MA . 14.39 -14.79 -19.99
C3 DPV MA . 14.39 -16.14 -19.23
C4 DPV MA . 12.21 -13.66 -25.17
C5 DPV MA . 11.50 -12.31 -24.90
C6 DPV MA . 10.14 -10.35 -25.70
C7 DPV MA . 9.07 -12.63 -25.68
C8 DPV MA . 10.82 -11.99 -27.37
C15 DPV MA . 14.36 -15.90 -17.68
C16 DPV MA . 13.88 -17.15 -16.88
C17 DPV MA . 13.80 -16.96 -15.33
C18 DPV MA . 12.55 -16.10 -14.84
C19 DPV MA . 12.21 -16.35 -13.31
O1P DPV MA . 12.51 -16.59 -24.28
C20 DPV MA . 11.27 -15.23 -12.78
C21 DPV MA . 10.79 -15.48 -11.31
C22 DPV MA . 9.80 -14.39 -10.81
C23 DPV MA . 9.32 -14.60 -9.36
O2P DPV MA . 14.81 -15.76 -24.31
O3P DPV MA . 13.42 -15.34 -22.20
O4P DPV MA . 12.97 -14.04 -23.97
H1 DPV MA . 14.98 -13.99 -21.89
H1A DPV MA . 15.42 -15.71 -21.72
H2 DPV MA . 15.20 -14.18 -19.60
H2A DPV MA . 13.45 -14.27 -19.82
H3 DPV MA . 15.27 -16.73 -19.49
H3A DPV MA . 13.48 -16.70 -19.54
H4 DPV MA . 11.46 -14.43 -25.44
H4A DPV MA . 12.93 -13.53 -26.02
H5 DPV MA . 11.07 -12.38 -23.94
H5A DPV MA . 12.25 -11.52 -24.88
H6 DPV MA . 11.06 -9.82 -25.91
H6A DPV MA . 9.84 -10.12 -24.68
H6B DPV MA . 9.36 -10.03 -26.40
H7 DPV MA . 9.21 -13.70 -25.89
H7A DPV MA . 8.32 -12.23 -26.37
H7B DPV MA . 8.74 -12.48 -24.64
H8 DPV MA . 11.79 -11.52 -27.51
H8A DPV MA . 10.10 -11.54 -28.02
H8B DPV MA . 10.90 -13.04 -27.65
H15 DPV MA . 13.68 -15.05 -17.42
H15A DPV MA . 15.37 -15.62 -17.37
H16 DPV MA . 12.91 -17.48 -17.24
H16A DPV MA . 14.57 -17.96 -17.09
H17 DPV MA . 13.70 -17.92 -14.83
H17A DPV MA . 14.72 -16.52 -15.03
H18 DPV MA . 12.72 -15.05 -15.03
H18A DPV MA . 11.64 -16.39 -15.38
H19 DPV MA . 11.73 -17.34 -13.15
H19A DPV MA . 13.16 -16.34 -12.71
H20 DPV MA . 11.73 -14.25 -12.89
H20A DPV MA . 10.39 -15.25 -13.41
H21 DPV MA . 10.32 -16.49 -11.23
H21A DPV MA . 11.64 -15.42 -10.64
H22 DPV MA . 10.29 -13.38 -10.90
H22A DPV MA . 8.88 -14.37 -11.48
H23 DPV MA . 10.16 -14.68 -8.67
H23A DPV MA . 8.74 -15.54 -9.25
H23B DPV MA . 8.67 -13.78 -9.05
N DPV NA . 22.62 -27.03 -19.44
P DPV NA . 20.21 -23.21 -17.55
C1 DPV NA . 19.09 -21.31 -19.01
C2 DPV NA . 17.80 -21.18 -19.79
C3 DPV NA . 16.57 -21.45 -18.88
C4 DPV NA . 22.00 -25.12 -17.72
C5 DPV NA . 23.00 -25.72 -18.77
C6 DPV NA . 21.24 -26.94 -20.16
C7 DPV NA . 22.61 -28.23 -18.46
C8 DPV NA . 23.66 -27.34 -20.53
C15 DPV NA . 15.23 -21.17 -19.56
C16 DPV NA . 14.09 -21.35 -18.57
C17 DPV NA . 12.72 -21.48 -19.31
C18 DPV NA . 11.52 -21.48 -18.33
C19 DPV NA . 11.04 -20.04 -17.93
O1P DPV NA . 19.27 -23.95 -16.67
C20 DPV NA . 10.00 -20.04 -16.74
C21 DPV NA . 10.58 -19.67 -15.35
C22 DPV NA . 11.32 -20.85 -14.63
C23 DPV NA . 11.60 -20.52 -13.17
O2P DPV NA . 20.97 -22.12 -16.84
O3P DPV NA . 19.49 -22.70 -18.91
O4P DPV NA . 21.15 -24.16 -18.40
H1 DPV NA . 19.88 -20.70 -19.47
H1A DPV NA . 18.95 -20.91 -18.00
H2 DPV NA . 17.74 -20.18 -20.25
H2A DPV NA . 17.79 -21.96 -20.62
H3 DPV NA . 16.66 -20.80 -18.00
H3A DPV NA . 16.63 -22.52 -18.53
H4 DPV NA . 21.40 -25.95 -17.28
H4A DPV NA . 22.53 -24.56 -16.92
H5 DPV NA . 23.14 -24.99 -19.59
H5A DPV NA . 23.99 -25.87 -18.33
H6 DPV NA . 20.45 -26.70 -19.48
H6A DPV NA . 21.04 -27.92 -20.62
H6B DPV NA . 21.28 -26.14 -20.90
H7 DPV NA . 23.62 -28.40 -18.08
H7A DPV NA . 22.32 -29.11 -19.00
H7B DPV NA . 21.91 -28.05 -17.66
H8 DPV NA . 24.61 -27.53 -20.07
H8A DPV NA . 23.68 -26.52 -21.22
H8B DPV NA . 23.34 -28.23 -21.05
H15 DPV NA . 15.14 -21.86 -20.39
H15A DPV NA . 15.22 -20.19 -19.99
H16 DPV NA . 14.27 -22.25 -17.95
H16A DPV NA . 14.08 -20.48 -17.88
H17 DPV NA . 12.62 -20.72 -20.07
H17A DPV NA . 12.72 -22.40 -19.83
H18 DPV NA . 10.67 -21.99 -18.83
H18A DPV NA . 11.76 -22.04 -17.43
H19 DPV NA . 11.91 -19.47 -17.67
H19A DPV NA . 10.59 -19.58 -18.78
H20 DPV NA . 9.16 -19.31 -17.01
H20A DPV NA . 9.50 -21.05 -16.69
H21 DPV NA . 11.23 -18.82 -15.45
H21A DPV NA . 9.76 -19.31 -14.74
H22 DPV NA . 10.70 -21.74 -14.72
H22A DPV NA . 12.28 -21.07 -15.09
H23 DPV NA . 12.13 -21.37 -12.72
H23A DPV NA . 10.67 -20.33 -12.61
H23B DPV NA . 12.25 -19.65 -13.05
N DPV OA . -9.74 -25.53 -12.21
P DPV OA . -5.44 -27.82 -14.15
C1 DPV OA . -4.23 -25.47 -14.34
C2 DPV OA . -5.06 -24.34 -15.03
C3 DPV OA . -4.70 -22.92 -14.51
C4 DPV OA . -7.65 -26.84 -13.13
C5 DPV OA . -8.67 -25.68 -13.35
C6 DPV OA . -10.69 -24.40 -12.64
C7 DPV OA . -9.15 -25.18 -10.81
C8 DPV OA . -10.62 -26.80 -12.12
C15 DPV OA . -5.53 -21.85 -15.23
C16 DPV OA . -5.41 -20.45 -14.56
C17 DPV OA . -4.18 -19.66 -15.03
C18 DPV OA . -4.01 -18.42 -14.16
C19 DPV OA . -2.92 -17.48 -14.81
O1P DPV OA . -4.97 -27.98 -12.75
C20 DPV OA . -2.76 -16.18 -14.00
C21 DPV OA . -2.00 -15.09 -14.78
C22 DPV OA . -0.51 -15.47 -15.08
C23 DPV OA . 0.24 -14.25 -15.66
O2P DPV OA . -5.57 -29.12 -14.82
O3P DPV OA . -4.59 -26.75 -14.98
O4P DPV OA . -6.78 -26.90 -14.27
H1 DPV OA . -3.16 -25.25 -14.51
H1A DPV OA . -4.39 -25.49 -13.23
H2 DPV OA . -4.91 -24.37 -16.11
H2A DPV OA . -6.09 -24.57 -14.77
H3 DPV OA . -3.64 -22.76 -14.70
H3A DPV OA . -4.83 -22.87 -13.46
H4 DPV OA . -7.10 -26.67 -12.20
H4A DPV OA . -8.20 -27.79 -13.08
H5 DPV OA . -8.15 -24.74 -13.45
H5A DPV OA . -9.17 -25.86 -14.28
H6 DPV OA . -11.22 -24.70 -13.55
H6A DPV OA . -10.13 -23.49 -12.81
H6B DPV OA . -11.45 -24.29 -11.87
H7 DPV OA . -8.44 -25.95 -10.49
H7A DPV OA . -9.95 -25.06 -10.08
H7B DPV OA . -8.63 -24.23 -10.89
H8 DPV OA . -9.99 -27.62 -11.79
H8A DPV OA . -11.04 -27.06 -13.09
H8B DPV OA . -11.38 -26.63 -11.38
H15 DPV OA . -6.58 -22.14 -15.28
H15A DPV OA . -5.19 -21.76 -16.28
H16 DPV OA . -6.31 -19.88 -14.76
H16A DPV OA . -5.42 -20.58 -13.44
H17 DPV OA . -3.31 -20.29 -14.93
H17A DPV OA . -4.27 -19.40 -16.09
H18 DPV OA . -4.96 -17.89 -14.06
H18A DPV OA . -3.69 -18.75 -13.18
H19 DPV OA . -1.96 -18.02 -14.82
H19A DPV OA . -3.20 -17.26 -15.83
H20 DPV OA . -3.76 -15.79 -13.74
H20A DPV OA . -2.21 -16.35 -13.08
H21 DPV OA . -2.50 -14.89 -15.74
H21A DPV OA . -2.02 -14.20 -14.22
H22 DPV OA . -0.07 -15.83 -14.20
H22A DPV OA . -0.54 -16.22 -15.84
H23 DPV OA . 1.29 -14.44 -15.77
H23A DPV OA . 0.14 -13.42 -15.00
H23B DPV OA . -0.22 -14.00 -16.58
N DPV PA . -6.89 -20.21 -22.60
P DPV PA . -2.12 -18.24 -21.93
C1 DPV PA . -1.61 -15.69 -21.58
C2 DPV PA . -0.20 -15.43 -22.17
C3 DPV PA . 0.48 -14.29 -21.42
C4 DPV PA . -4.36 -19.54 -22.29
C5 DPV PA . -5.61 -19.58 -23.23
C6 DPV PA . -6.67 -21.69 -22.16
C7 DPV PA . -7.97 -20.18 -23.71
C8 DPV PA . -7.41 -19.39 -21.44
C15 DPV PA . 1.90 -14.00 -22.04
C16 DPV PA . 2.46 -12.66 -21.51
C17 DPV PA . 3.72 -12.19 -22.27
C18 DPV PA . 4.19 -10.83 -21.70
C19 DPV PA . 5.39 -10.17 -22.49
O1P DPV PA . -2.27 -18.46 -20.47
C20 DPV PA . 6.76 -10.91 -22.27
C21 DPV PA . 7.96 -10.03 -22.65
C22 DPV PA . 8.39 -9.02 -21.51
C23 DPV PA . 9.64 -8.20 -21.88
O2P DPV PA . -0.89 -18.92 -22.45
O3P DPV PA . -2.25 -16.72 -22.39
O4P DPV PA . -3.43 -18.57 -22.79
H1 DPV PA . -1.52 -16.03 -20.56
H1A DPV PA . -2.23 -14.80 -21.63
H2 DPV PA . 0.40 -16.34 -22.05
H2A DPV PA . -0.29 -15.25 -23.25
H3 DPV PA . 0.61 -14.52 -20.37
H3A DPV PA . -0.17 -13.42 -21.53
H4 DPV PA . -4.63 -19.26 -21.23
H4A DPV PA . -3.92 -20.54 -22.30
H5 DPV PA . -5.85 -18.55 -23.54
H5A DPV PA . -5.37 -20.15 -24.12
H6 DPV PA . -5.95 -21.72 -21.35
H6A DPV PA . -6.24 -22.24 -23.00
H6B DPV PA . -7.62 -22.11 -21.84
H7 DPV PA . -8.12 -19.15 -24.00
H7A DPV PA . -8.90 -20.57 -23.29
H7B DPV PA . -7.64 -20.77 -24.56
H8 DPV PA . -7.52 -18.34 -21.76
H8A DPV PA . -6.73 -19.49 -20.61
H8B DPV PA . -8.38 -19.77 -21.14
H15 DPV PA . 1.84 -14.01 -23.14
H15A DPV PA . 2.62 -14.77 -21.75
H16 DPV PA . 1.68 -11.90 -21.64
H16A DPV PA . 2.72 -12.73 -20.44
H17 DPV PA . 4.55 -12.91 -22.09
H17A DPV PA . 3.50 -12.12 -23.35
H18 DPV PA . 3.36 -10.13 -21.71
H18A DPV PA . 4.48 -10.94 -20.69
H19 DPV PA . 5.16 -10.13 -23.57
H19A DPV PA . 5.50 -9.13 -22.18
H20 DPV PA . 6.87 -11.26 -21.24
H20A DPV PA . 6.78 -11.77 -22.93
H21 DPV PA . 8.81 -10.72 -22.77
H21A DPV PA . 7.79 -9.47 -23.58
H22 DPV PA . 7.56 -8.34 -21.23
H22A DPV PA . 8.65 -9.59 -20.62
H23 DPV PA . 9.90 -7.53 -21.06
H23A DPV PA . 9.43 -7.57 -22.75
H23B DPV PA . 10.48 -8.88 -22.09
N DPV QA . 19.16 2.37 -10.63
P DPV QA . 15.36 3.53 -12.54
C1 DPV QA . 14.95 0.96 -12.29
C2 DPV QA . 14.39 -0.11 -11.31
C3 DPV QA . 14.43 -1.46 -11.97
C4 DPV QA . 17.65 4.37 -11.59
C5 DPV QA . 18.79 3.29 -11.83
C6 DPV QA . 19.39 3.10 -9.27
C7 DPV QA . 20.44 1.63 -10.98
C8 DPV QA . 18.11 1.25 -10.47
C15 DPV QA . 13.96 -2.57 -11.01
C16 DPV QA . 13.99 -3.96 -11.73
C17 DPV QA . 13.78 -5.09 -10.73
C18 DPV QA . 14.15 -6.45 -11.42
C19 DPV QA . 14.25 -7.63 -10.40
O1P DPV QA . 14.40 4.64 -12.71
C20 DPV QA . 12.88 -8.11 -9.82
C21 DPV QA . 13.03 -9.53 -9.19
C22 DPV QA . 11.64 -10.08 -8.74
C23 DPV QA . 11.71 -11.60 -8.52
O2P DPV QA . 16.00 3.16 -13.83
O3P DPV QA . 14.72 2.27 -11.76
O4P DPV QA . 16.38 3.75 -11.33
H1 DPV QA . 16.01 0.80 -12.46
H1A DPV QA . 14.42 0.87 -13.23
H2 DPV QA . 15.02 -0.11 -10.44
H2A DPV QA . 13.35 0.08 -11.00
H3 DPV QA . 15.44 -1.67 -12.30
H3A DPV QA . 13.77 -1.47 -12.87
H4 DPV QA . 17.90 4.99 -10.70
H4A DPV QA . 17.58 5.06 -12.47
H5 DPV QA . 18.48 2.64 -12.64
H5A DPV QA . 19.68 3.81 -12.09
H6 DPV QA . 18.47 3.59 -8.99
H6A DPV QA . 20.19 3.81 -9.41
H6B DPV QA . 19.68 2.40 -8.52
H7 DPV QA . 20.33 1.02 -11.88
H7A DPV QA . 20.71 0.97 -10.16
H7B DPV QA . 21.23 2.36 -11.17
H8 DPV QA . 18.43 0.54 -9.68
H8A DPV QA . 17.99 0.67 -11.40
H8B DPV QA . 17.12 1.71 -10.24
H15 DPV QA . 12.95 -2.35 -10.68
H15A DPV QA . 14.62 -2.58 -10.14
H16 DPV QA . 13.19 -3.99 -12.44
H16A DPV QA . 14.93 -4.05 -12.21
H17 DPV QA . 14.44 -4.95 -9.88
H17A DPV QA . 12.72 -5.11 -10.42
H18 DPV QA . 13.36 -6.71 -12.18
H18A DPV QA . 15.11 -6.35 -11.98
H19 DPV QA . 14.77 -8.46 -10.91
H19A DPV QA . 14.89 -7.35 -9.55
H20 DPV QA . 12.56 -7.42 -9.07
H20A DPV QA . 12.15 -8.13 -10.59
H21 DPV QA . 13.49 -10.23 -9.92
H21A DPV QA . 13.76 -9.51 -8.35
H22 DPV QA . 11.33 -9.59 -7.84
H22A DPV QA . 10.91 -9.88 -9.50
H23 DPV QA . 10.78 -11.98 -8.09
H23A DPV QA . 12.48 -11.86 -7.80
H23B DPV QA . 11.88 -12.12 -9.46
N DPV RA . 7.46 7.03 -13.15
P DPV RA . 4.23 5.47 -10.50
C1 DPV RA . 2.63 4.94 -12.45
C2 DPV RA . 2.35 5.21 -13.95
C3 DPV RA . 3.56 4.89 -14.92
C4 DPV RA . 6.65 6.52 -10.69
C5 DPV RA . 7.04 5.96 -12.10
C6 DPV RA . 7.67 6.32 -14.50
C7 DPV RA . 8.79 7.72 -12.75
C8 DPV RA . 6.36 8.09 -13.37
C15 DPV RA . 4.08 3.39 -14.91
C16 DPV RA . 3.02 2.34 -15.45
C17 DPV RA . 3.20 0.92 -14.78
C18 DPV RA . 2.86 0.89 -13.26
C19 DPV RA . 2.60 -0.57 -12.77
O1P DPV RA . 4.94 4.18 -10.27
C20 DPV RA . 2.17 -0.57 -11.28
C21 DPV RA . 1.71 -1.97 -10.81
C22 DPV RA . 1.46 -2.05 -9.28
C23 DPV RA . 2.74 -2.40 -8.44
O2P DPV RA . 3.16 5.69 -9.49
O3P DPV RA . 3.73 5.71 -11.98
O4P DPV RA . 5.21 6.74 -10.65
H1 DPV RA . 1.74 5.23 -11.87
H1A DPV RA . 2.85 3.88 -12.26
H2 DPV RA . 1.46 4.64 -14.28
H2A DPV RA . 2.05 6.27 -14.07
H3 DPV RA . 4.44 5.51 -14.66
H3A DPV RA . 3.24 5.15 -15.96
H4 DPV RA . 6.95 5.81 -9.89
H4A DPV RA . 7.16 7.50 -10.49
H5 DPV RA . 7.87 5.27 -12.01
H5A DPV RA . 6.18 5.41 -12.52
H6 DPV RA . 6.73 5.80 -14.74
H6A DPV RA . 8.47 5.59 -14.41
H6B DPV RA . 7.92 7.08 -15.24
H7 DPV RA . 9.09 8.41 -13.54
H7A DPV RA . 9.57 6.99 -12.56
H7B DPV RA . 8.60 8.28 -11.82
H8 DPV RA . 6.18 8.66 -12.45
H8A DPV RA . 5.43 7.59 -13.64
H8B DPV RA . 6.66 8.74 -14.19
H15 DPV RA . 4.38 3.16 -13.90
H15A DPV RA . 4.96 3.35 -15.52
H16 DPV RA . 2.00 2.68 -15.22
H16A DPV RA . 3.15 2.22 -16.52
H17 DPV RA . 2.58 0.25 -15.36
H17A DPV RA . 4.20 0.55 -14.94
H18 DPV RA . 3.66 1.35 -12.72
H18A DPV RA . 1.99 1.47 -13.05
H19 DPV RA . 1.85 -1.01 -13.38
H19A DPV RA . 3.49 -1.15 -12.86
H20 DPV RA . 3.02 -0.18 -10.72
H20A DPV RA . 1.34 0.13 -11.11
H21 DPV RA . 0.77 -2.27 -11.35
H21A DPV RA . 2.52 -2.70 -11.07
H22 DPV RA . 1.01 -1.10 -8.93
H22A DPV RA . 0.69 -2.83 -9.08
H23 DPV RA . 2.49 -2.62 -7.39
H23A DPV RA . 3.46 -1.54 -8.43
H23B DPV RA . 3.26 -3.29 -8.87
N DPV SA . 6.09 -14.90 16.13
P DPV SA . 10.58 -13.70 16.31
C1 DPV SA . 11.70 -12.28 14.46
C2 DPV SA . 11.38 -11.29 13.34
C3 DPV SA . 10.42 -11.92 12.30
C4 DPV SA . 8.39 -14.37 14.97
C5 DPV SA . 7.54 -15.35 15.82
C6 DPV SA . 6.04 -13.78 17.19
C7 DPV SA . 5.35 -16.11 16.71
C8 DPV SA . 5.34 -14.45 14.84
C15 DPV SA . 10.25 -10.98 11.06
C16 DPV SA . 9.25 -9.78 11.30
C17 DPV SA . 9.08 -9.00 9.99
C18 DPV SA . 8.23 -7.69 10.16
C19 DPV SA . 8.24 -6.83 8.84
O1P DPV SA . 9.82 -13.45 17.54
C20 DPV SA . 6.98 -7.00 7.97
C21 DPV SA . 5.80 -6.14 8.46
C22 DPV SA . 4.64 -6.17 7.43
C23 DPV SA . 3.49 -5.25 7.81
O2P DPV SA . 11.90 -14.21 16.60
O3P DPV SA . 10.56 -12.45 15.33
O4P DPV SA . 9.78 -14.56 15.23
H1 DPV SA . 11.99 -13.24 14.02
H1A DPV SA . 12.54 -11.90 15.05
H2 DPV SA . 10.93 -10.41 13.75
H2A DPV SA . 12.30 -11.03 12.86
H3 DPV SA . 9.41 -12.14 12.73
H3A DPV SA . 10.84 -12.89 11.96
H4 DPV SA . 8.19 -14.55 13.89
H4A DPV SA . 8.15 -13.30 15.21
H5 DPV SA . 7.46 -16.28 15.28
H5A DPV SA . 8.04 -15.49 16.75
H6 DPV SA . 6.55 -12.90 16.81
H6A DPV SA . 6.52 -14.18 18.08
H6B DPV SA . 4.99 -13.52 17.37
H7 DPV SA . 5.37 -16.90 15.98
H7A DPV SA . 4.30 -15.84 16.85
H7B DPV SA . 5.85 -16.44 17.61
H8 DPV SA . 5.44 -15.19 14.06
H8A DPV SA . 5.77 -13.50 14.53
H8B DPV SA . 4.30 -14.30 15.10
H15 DPV SA . 9.87 -11.56 10.23
H15A DPV SA . 11.24 -10.61 10.75
H16 DPV SA . 8.27 -10.14 11.65
H16A DPV SA . 9.64 -9.12 12.10
H17 DPV SA . 10.08 -8.77 9.60
H17A DPV SA . 8.56 -9.63 9.21
H18 DPV SA . 7.23 -7.94 10.46
H18A DPV SA . 8.69 -7.10 10.91
H19 DPV SA . 8.35 -5.76 9.07
H19A DPV SA . 9.13 -7.12 8.23
H20 DPV SA . 7.24 -6.69 6.95
H20A DPV SA . 6.70 -8.06 7.94
H21 DPV SA . 5.44 -6.50 9.42
H21A DPV SA . 6.16 -5.11 8.57
H22 DPV SA . 5.03 -5.84 6.46
H22A DPV SA . 4.26 -7.19 7.28
H23 DPV SA . 3.88 -4.26 8.07
H23A DPV SA . 2.97 -5.67 8.70
H23B DPV SA . 2.81 -5.11 6.94
N DPV TA . 27.19 -15.27 7.46
P DPV TA . 22.72 -16.60 8.53
C1 DPV TA . 21.04 -17.65 6.84
C2 DPV TA . 20.99 -18.44 5.50
C3 DPV TA . 19.56 -18.52 4.90
C4 DPV TA . 25.22 -16.02 9.06
C5 DPV TA . 26.68 -16.23 8.58
C6 DPV TA . 26.39 -15.42 6.18
C7 DPV TA . 28.66 -15.61 7.13
C8 DPV TA . 27.18 -13.79 7.94
C15 DPV TA . 19.55 -19.21 3.49
C16 DPV TA . 18.14 -19.19 2.80
C17 DPV TA . 17.92 -17.97 1.86
C18 DPV TA . 16.48 -17.97 1.26
C19 DPV TA . 16.32 -16.92 0.13
O1P DPV TA . 22.37 -17.32 9.77
C20 DPV TA . 14.92 -17.04 -0.56
C21 DPV TA . 14.77 -16.05 -1.76
C22 DPV TA . 13.44 -16.25 -2.50
C23 DPV TA . 13.40 -15.45 -3.85
O2P DPV TA . 22.17 -15.23 8.48
O3P DPV TA . 22.41 -17.46 7.23
O4P DPV TA . 24.29 -16.69 8.15
H1 DPV TA . 20.50 -16.70 6.72
H1A DPV TA . 20.53 -18.22 7.62
H2 DPV TA . 21.65 -17.98 4.75
H2A DPV TA . 21.35 -19.45 5.68
H3 DPV TA . 19.10 -17.53 4.82
H3A DPV TA . 18.90 -19.12 5.54
H4 DPV TA . 25.12 -16.47 10.03
H4A DPV TA . 24.96 -14.96 9.13
H5 DPV TA . 27.36 -16.11 9.45
H5A DPV TA . 26.83 -17.27 8.25
H6 DPV TA . 26.80 -14.73 5.41
H6A DPV TA . 25.35 -15.18 6.40
H6B DPV TA . 26.45 -16.46 5.84
H7 DPV TA . 29.03 -14.91 6.35
H7A DPV TA . 28.69 -16.64 6.73
H7B DPV TA . 29.25 -15.52 8.07
H8 DPV TA . 27.63 -13.17 7.16
H8A DPV TA . 27.74 -13.73 8.86
H8B DPV TA . 26.12 -13.52 8.07
H15 DPV TA . 19.88 -20.29 3.56
H15A DPV TA . 20.29 -18.70 2.84
H16 DPV TA . 18.09 -20.11 2.20
H16A DPV TA . 17.34 -19.21 3.55
H17 DPV TA . 18.10 -17.05 2.40
H17A DPV TA . 18.64 -18.00 1.05
H18 DPV TA . 16.29 -18.97 0.82
H18A DPV TA . 15.72 -17.80 2.07
H19 DPV TA . 16.35 -15.93 0.60
H19A DPV TA . 17.11 -16.99 -0.59
H20 DPV TA . 14.76 -18.06 -0.95
H20A DPV TA . 14.16 -16.81 0.20
H21 DPV TA . 14.83 -15.03 -1.39
H21A DPV TA . 15.59 -16.24 -2.46
H22 DPV TA . 13.35 -17.32 -2.77
H22A DPV TA . 12.59 -15.94 -1.90
H23 DPV TA . 13.55 -14.40 -3.64
H23A DPV TA . 12.42 -15.59 -4.31
H23B DPV TA . 14.18 -15.77 -4.55
N DPV UA . 20.18 2.40 -3.19
P DPV UA . 21.42 1.47 0.80
C1 DPV UA . 22.92 1.17 2.85
C2 DPV UA . 23.48 1.93 4.06
C3 DPV UA . 24.31 1.02 4.96
C4 DPV UA . 19.91 3.08 -0.63
C5 DPV UA . 20.73 3.22 -1.98
C6 DPV UA . 18.68 2.65 -3.43
C7 DPV UA . 20.41 0.90 -3.00
C8 DPV UA . 20.96 2.85 -4.45
C15 DPV UA . 25.74 0.71 4.40
C16 DPV UA . 26.42 -0.54 5.08
C17 DPV UA . 26.07 -1.87 4.38
C18 DPV UA . 26.78 -3.10 5.03
C19 DPV UA . 26.75 -4.35 4.09
O1P DPV UA . 20.36 0.52 1.13
C20 DPV UA . 25.47 -5.18 4.19
C21 DPV UA . 25.44 -6.27 3.03
C22 DPV UA . 24.11 -7.05 3.02
C23 DPV UA . 24.09 -8.09 1.89
O2P DPV UA . 22.32 0.96 -0.23
O3P DPV UA . 22.15 2.06 2.04
O4P DPV UA . 20.87 2.92 0.45
H1 DPV UA . 23.72 0.71 2.27
H1A DPV UA . 22.26 0.37 3.22
H2 DPV UA . 24.06 2.77 3.72
H2A DPV UA . 22.65 2.33 4.62
H3 DPV UA . 23.76 0.12 5.16
H3A DPV UA . 24.39 1.47 5.93
H4 DPV UA . 19.32 3.95 -0.46
H4A DPV UA . 19.23 2.22 -0.67
H5 DPV UA . 20.69 4.28 -2.27
H5A DPV UA . 21.79 2.98 -1.82
H6 DPV UA . 18.50 3.74 -3.49
H6A DPV UA . 18.12 2.24 -2.60
H6B DPV UA . 18.42 2.15 -4.38
H7 DPV UA . 19.84 0.58 -2.13
H7A DPV UA . 21.47 0.75 -2.87
H7B DPV UA . 20.09 0.39 -3.90
H8 DPV UA . 20.89 3.94 -4.55
H8A DPV UA . 20.50 2.40 -5.35
H8B DPV UA . 22.02 2.55 -4.37
H15 DPV UA . 26.37 1.59 4.54
H15A DPV UA . 25.71 0.53 3.32
H16 DPV UA . 27.52 -0.45 5.04
H16A DPV UA . 26.08 -0.56 6.12
H17 DPV UA . 25.00 -2.04 4.48
H17A DPV UA . 26.28 -1.82 3.28
H18 DPV UA . 27.84 -2.89 5.24
H18A DPV UA . 26.27 -3.29 5.99
H19 DPV UA . 26.91 -4.03 3.09
H19A DPV UA . 27.57 -5.01 4.34
H20 DPV UA . 25.45 -5.67 5.15
H20A DPV UA . 24.60 -4.53 4.09
H21 DPV UA . 25.59 -5.71 2.04
H21A DPV UA . 26.27 -7.00 3.18
H22 DPV UA . 23.94 -7.56 3.98
H22A DPV UA . 23.29 -6.32 2.87
H23 DPV UA . 24.38 -7.66 0.93
H23A DPV UA . 23.07 -8.48 1.78
H23B DPV UA . 24.75 -8.94 2.09
N DPV VA . 20.77 -10.45 10.21
P DPV VA . 21.57 -5.86 9.59
C1 DPV VA . 22.56 -4.54 7.56
C2 DPV VA . 21.53 -3.96 6.54
C3 DPV VA . 22.03 -2.67 5.87
C4 DPV VA . 22.17 -8.22 10.59
C5 DPV VA . 22.16 -9.73 10.22
C6 DPV VA . 19.85 -9.86 9.16
C7 DPV VA . 20.09 -10.47 11.58
C8 DPV VA . 21.03 -11.94 9.83
C15 DPV VA . 21.16 -2.20 4.64
C16 DPV VA . 21.37 -3.08 3.34
C17 DPV VA . 22.67 -2.74 2.57
C18 DPV VA . 22.82 -3.54 1.26
C19 DPV VA . 24.15 -3.22 0.50
O1P DPV VA . 20.16 -5.43 9.82
C20 DPV VA . 24.15 -3.83 -0.94
C21 DPV VA . 24.91 -5.19 -1.07
C22 DPV VA . 24.79 -5.72 -2.52
C23 DPV VA . 25.34 -7.18 -2.62
O2P DPV VA . 22.53 -5.23 10.53
O3P DPV VA . 22.03 -5.79 8.05
O4P DPV VA . 21.72 -7.44 9.47
H1 DPV VA . 23.50 -4.73 7.07
H1A DPV VA . 22.68 -3.83 8.42
H2 DPV VA . 21.40 -4.72 5.80
H2A DPV VA . 20.57 -3.78 7.02
H3 DPV VA . 23.07 -2.77 5.52
H3A DPV VA . 21.99 -1.85 6.65
H4 DPV VA . 21.51 -8.03 11.43
H4A DPV VA . 23.19 -7.95 10.85
H5 DPV VA . 22.59 -9.85 9.23
H5A DPV VA . 22.78 -10.25 10.92
H6 DPV VA . 19.02 -10.55 9.01
H6A DPV VA . 20.38 -9.75 8.23
H6B DPV VA . 19.50 -8.91 9.53
H7 DPV VA . 20.77 -10.91 12.32
H7A DPV VA . 19.16 -11.06 11.51
H7B DPV VA . 19.86 -9.45 11.89
H8 DPV VA . 21.61 -12.41 10.62
H8A DPV VA . 21.54 -11.95 8.86
H8B DPV VA . 20.08 -12.46 9.72
H15 DPV VA . 21.39 -1.17 4.41
H15A DPV VA . 20.10 -2.25 4.90
H16 DPV VA . 21.30 -4.12 3.64
H16A DPV VA . 20.52 -2.89 2.67
H17 DPV VA . 22.69 -1.68 2.30
H17A DPV VA . 23.52 -2.96 3.21
H18 DPV VA . 22.83 -4.59 1.54
H18A DPV VA . 21.97 -3.39 0.58
H19 DPV VA . 24.27 -2.10 0.40
H19A DPV VA . 25.01 -3.61 1.10
H20 DPV VA . 23.13 -3.94 -1.30
H20A DPV VA . 24.66 -3.14 -1.62
H21 DPV VA . 25.95 -5.03 -0.81
H21A DPV VA . 24.51 -5.93 -0.40
H22 DPV VA . 23.74 -5.70 -2.88
H22A DPV VA . 25.40 -5.05 -3.17
H23 DPV VA . 26.37 -7.21 -2.24
H23A DPV VA . 25.36 -7.52 -3.65
H23B DPV VA . 24.73 -7.89 -2.06
N DPV WA . 29.69 -4.34 -3.49
P DPV WA . 29.10 -7.45 -6.96
C1 DPV WA . 27.83 -9.74 -6.83
C2 DPV WA . 26.47 -10.07 -6.21
C3 DPV WA . 25.42 -8.95 -6.38
C4 DPV WA . 28.24 -5.68 -5.27
C5 DPV WA . 28.39 -5.18 -3.80
C6 DPV WA . 29.93 -3.22 -4.55
C7 DPV WA . 30.92 -5.28 -3.34
C8 DPV WA . 29.51 -3.65 -2.14
C15 DPV WA . 24.09 -9.29 -5.72
C16 DPV WA . 23.04 -8.17 -5.93
C17 DPV WA . 21.92 -8.23 -4.82
C18 DPV WA . 20.70 -7.33 -5.22
C19 DPV WA . 19.76 -7.98 -6.30
O1P DPV WA . 28.22 -6.80 -7.93
C20 DPV WA . 18.93 -9.20 -5.75
C21 DPV WA . 17.89 -9.71 -6.80
C22 DPV WA . 18.51 -10.55 -7.96
C23 DPV WA . 17.37 -11.13 -8.84
O2P DPV WA . 30.38 -7.87 -7.56
O3P DPV WA . 28.39 -8.59 -6.10
O4P DPV WA . 29.25 -6.64 -5.59
H1 DPV WA . 28.48 -10.57 -6.70
H1A DPV WA . 27.70 -9.47 -7.88
H2 DPV WA . 26.12 -10.97 -6.71
H2A DPV WA . 26.60 -10.32 -5.16
H3 DPV WA . 25.29 -8.76 -7.40
H3A DPV WA . 25.77 -8.05 -5.96
H4 DPV WA . 27.25 -6.19 -5.39
H4A DPV WA . 28.27 -4.82 -5.95
H5 DPV WA . 27.52 -4.57 -3.58
H5A DPV WA . 28.39 -6.06 -3.15
H6 DPV WA . 29.04 -2.58 -4.60
H6A DPV WA . 30.12 -3.72 -5.53
H6B DPV WA . 30.80 -2.63 -4.24
H7 DPV WA . 31.16 -5.73 -4.31
H7A DPV WA . 30.64 -6.06 -2.65
H7B DPV WA . 31.77 -4.72 -2.95
H8 DPV WA . 29.28 -4.40 -1.40
H8A DPV WA . 28.69 -2.94 -2.20
H8B DPV WA . 30.40 -3.09 -1.88
H15 DPV WA . 24.25 -9.46 -4.64
H15A DPV WA . 23.66 -10.21 -6.13
H16 DPV WA . 23.52 -7.19 -5.84
H16A DPV WA . 22.63 -8.27 -6.93
H17 DPV WA . 21.59 -9.24 -4.69
H17A DPV WA . 22.33 -7.88 -3.86
H18 DPV WA . 20.10 -7.11 -4.31
H18A DPV WA . 21.06 -6.37 -5.61
H19 DPV WA . 19.08 -7.18 -6.64
H19A DPV WA . 20.37 -8.32 -7.16
H20 DPV WA . 19.61 -10.00 -5.47
H20A DPV WA . 18.38 -8.86 -4.88
H21 DPV WA . 17.14 -10.32 -6.32
H21A DPV WA . 17.36 -8.85 -7.21
H22 DPV WA . 19.18 -9.95 -8.59
H22A DPV WA . 19.12 -11.34 -7.54
H23 DPV WA . 17.79 -11.82 -9.57
H23A DPV WA . 16.82 -10.36 -9.38
H23B DPV WA . 16.66 -11.68 -8.24
N DPV XA . 29.48 -7.15 -11.50
P DPV XA . 26.88 -3.29 -10.42
C1 DPV XA . 26.57 -0.76 -10.93
C2 DPV XA . 25.74 0.21 -11.79
C3 DPV XA . 25.99 -0.04 -13.33
C4 DPV XA . 28.70 -4.60 -11.82
C5 DPV XA . 28.39 -6.03 -11.25
C6 DPV XA . 30.85 -6.75 -10.94
C7 DPV XA . 29.54 -7.45 -13.01
C8 DPV XA . 29.07 -8.46 -10.80
C15 DPV XA . 24.70 -0.07 -14.19
C16 DPV XA . 23.82 -1.30 -13.85
C17 DPV XA . 22.88 -1.66 -15.03
C18 DPV XA . 21.95 -2.84 -14.67
C19 DPV XA . 21.02 -3.18 -15.84
O1P DPV XA . 25.95 -4.29 -9.83
C20 DPV XA . 20.05 -4.36 -15.47
C21 DPV XA . 18.94 -4.54 -16.54
C22 DPV XA . 17.95 -5.67 -16.11
C23 DPV XA . 16.84 -5.15 -15.13
O2P DPV XA . 27.91 -2.82 -9.41
O3P DPV XA . 26.10 -2.10 -11.15
O4P DPV XA . 27.51 -3.77 -11.79
H1 DPV XA . 27.64 -0.77 -11.23
H1A DPV XA . 26.52 -0.50 -9.88
H2 DPV XA . 24.70 0.13 -11.56
H2A DPV XA . 26.00 1.24 -11.52
H3 DPV XA . 26.55 -0.97 -13.46
H3A DPV XA . 26.64 0.74 -13.70
H4 DPV XA . 29.49 -4.13 -11.28
H4A DPV XA . 28.99 -4.69 -12.88
H5 DPV XA . 28.22 -5.94 -10.17
H5A DPV XA . 27.43 -6.38 -11.70
H6 DPV XA . 31.56 -7.58 -11.07
H6A DPV XA . 30.69 -6.51 -9.89
H6B DPV XA . 31.23 -5.89 -11.47
H7 DPV XA . 28.54 -7.73 -13.34
H7A DPV XA . 30.22 -8.29 -13.17
H7B DPV XA . 29.92 -6.59 -13.58
H8 DPV XA . 28.13 -8.82 -11.22
H8A DPV XA . 28.94 -8.24 -9.73
H8B DPV XA . 29.86 -9.22 -10.91
H15 DPV XA . 25.00 -0.11 -15.22
H15A DPV XA . 24.16 0.83 -14.04
H16 DPV XA . 24.47 -2.14 -13.64
H16A DPV XA . 23.21 -1.09 -12.98
H17 DPV XA . 22.28 -0.79 -15.32
H17A DPV XA . 23.47 -1.93 -15.91
H18 DPV XA . 22.55 -3.74 -14.41
H18A DPV XA . 21.38 -2.63 -13.74
H19 DPV XA . 20.46 -2.30 -16.14
H19A DPV XA . 21.60 -3.50 -16.72
H20 DPV XA . 20.61 -5.33 -15.38
H20A DPV XA . 19.60 -4.12 -14.49
H21 DPV XA . 18.42 -3.56 -16.77
H21A DPV XA . 19.41 -4.82 -17.49
H22 DPV XA . 17.50 -6.08 -17.01
H22A DPV XA . 18.47 -6.50 -15.64
H23 DPV XA . 16.18 -5.97 -14.86
H23A DPV XA . 16.29 -4.33 -15.58
H23B DPV XA . 17.22 -4.77 -14.19
N DPV YA . 24.69 -2.22 -5.96
P DPV YA . 22.89 1.84 -7.86
C1 DPV YA . 23.92 3.54 -9.63
C2 DPV YA . 23.48 4.42 -10.81
C3 DPV YA . 23.65 3.70 -12.20
C4 DPV YA . 24.68 -0.11 -7.52
C5 DPV YA . 23.89 -1.33 -6.97
C6 DPV YA . 24.98 -1.51 -4.63
C7 DPV YA . 25.98 -2.75 -6.61
C8 DPV YA . 23.81 -3.42 -5.65
C15 DPV YA . 23.48 4.72 -13.36
C16 DPV YA . 23.29 4.05 -14.78
C17 DPV YA . 21.79 3.70 -15.09
C18 DPV YA . 21.45 2.21 -14.88
C19 DPV YA . 19.97 1.92 -15.16
O1P DPV YA . 21.58 1.32 -7.41
C20 DPV YA . 19.61 0.44 -14.82
C21 DPV YA . 18.07 0.29 -14.66
C22 DPV YA . 17.62 -1.22 -14.45
C23 DPV YA . 18.15 -1.86 -13.10
O2P DPV YA . 23.53 2.70 -6.80
O3P DPV YA . 22.82 2.56 -9.29
O4P DPV YA . 23.86 0.69 -8.41
H1 DPV YA . 24.85 3.00 -9.90
H1A DPV YA . 24.09 4.21 -8.76
H2 DPV YA . 22.43 4.72 -10.67
H2A DPV YA . 24.09 5.31 -10.76
H3 DPV YA . 22.91 2.90 -12.26
H3A DPV YA . 24.63 3.19 -12.29
H4 DPV YA . 24.99 0.51 -6.68
H4A DPV YA . 25.56 -0.46 -8.05
H5 DPV YA . 22.98 -0.96 -6.48
H5A DPV YA . 23.60 -1.98 -7.80
H6 DPV YA . 24.04 -1.16 -4.21
H6A DPV YA . 25.62 -0.66 -4.77
H6B DPV YA . 25.46 -2.18 -3.94
H7 DPV YA . 25.75 -3.23 -7.55
H7A DPV YA . 26.44 -3.47 -5.96
H7B DPV YA . 26.65 -1.92 -6.78
H8 DPV YA . 22.86 -3.07 -5.22
H8A DPV YA . 24.33 -4.06 -4.92
H8B DPV YA . 23.59 -3.94 -6.58
H15 DPV YA . 24.35 5.38 -13.35
H15A DPV YA . 22.61 5.40 -13.18
H16 DPV YA . 23.63 4.74 -15.55
H16A DPV YA . 23.95 3.16 -14.89
H17 DPV YA . 21.13 4.34 -14.50
H17A DPV YA . 21.58 3.98 -16.15
H18 DPV YA . 22.04 1.55 -15.55
H18A DPV YA . 21.73 1.96 -13.84
H19 DPV YA . 19.36 2.63 -14.56
H19A DPV YA . 19.76 2.10 -16.22
H20 DPV YA . 19.97 -0.23 -15.61
H20A DPV YA . 20.13 0.15 -13.88
H21 DPV YA . 17.71 0.90 -13.80
H21A DPV YA . 17.60 0.70 -15.58
H22 DPV YA . 16.55 -1.27 -14.48
H22A DPV YA . 17.95 -1.80 -15.27
H23 DPV YA . 17.70 -2.85 -12.99
H23A DPV YA . 17.90 -1.23 -12.25
H23B DPV YA . 19.23 -1.98 -13.11
N DPV ZA . -11.15 -20.83 -3.45
P DPV ZA . -12.03 -17.22 -6.02
C1 DPV ZA . -9.42 -17.50 -6.23
C2 DPV ZA . -8.37 -18.53 -6.65
C3 DPV ZA . -7.04 -18.29 -5.90
C4 DPV ZA . -12.78 -18.84 -4.05
C5 DPV ZA . -12.22 -20.25 -4.44
C6 DPV ZA . -10.75 -22.22 -3.99
C7 DPV ZA . -11.69 -21.04 -2.02
C8 DPV ZA . -9.87 -19.94 -3.41
C15 DPV ZA . -5.95 -19.33 -6.32
C16 DPV ZA . -4.71 -19.18 -5.44
C17 DPV ZA . -3.54 -20.13 -5.87
C18 DPV ZA . -2.46 -19.49 -6.76
C19 DPV ZA . -2.83 -19.44 -8.28
O1P DPV ZA . -13.25 -17.63 -6.76
C20 DPV ZA . -1.57 -19.02 -9.14
C21 DPV ZA . -1.96 -18.83 -10.64
C22 DPV ZA . -0.70 -18.52 -11.52
C23 DPV ZA . -0.03 -17.15 -11.19
O2P DPV ZA . -11.83 -15.72 -6.12
O3P DPV ZA . -10.74 -18.09 -6.41
O4P DPV ZA . -11.93 -17.76 -4.53
H1 DPV ZA . -9.32 -17.21 -5.17
H1A DPV ZA . -9.32 -16.61 -6.83
H2 DPV ZA . -8.75 -19.53 -6.43
H2A DPV ZA . -8.24 -18.51 -7.72
H3 DPV ZA . -7.23 -18.40 -4.86
H3A DPV ZA . -6.68 -17.29 -6.09
H4 DPV ZA . -13.81 -18.75 -4.46
H4A DPV ZA . -12.85 -18.70 -2.96
H5 DPV ZA . -13.00 -20.96 -4.47
H5A DPV ZA . -11.78 -20.17 -5.39
H6 DPV ZA . -9.95 -22.61 -3.32
H6A DPV ZA . -10.37 -22.07 -5.04
H6B DPV ZA . -11.63 -22.88 -4.00
H7 DPV ZA . -11.94 -20.05 -1.62
H7A DPV ZA . -10.90 -21.54 -1.43
H7B DPV ZA . -12.59 -21.66 -2.08
H8 DPV ZA . -9.15 -20.41 -2.76
H8A DPV ZA . -10.13 -18.96 -3.08
H8B DPV ZA . -9.47 -19.90 -4.41
H15 DPV ZA . -5.71 -19.15 -7.34
H15A DPV ZA . -6.37 -20.31 -6.24
H16 DPV ZA . -4.35 -18.15 -5.47
H16A DPV ZA . -4.96 -19.34 -4.39
H17 DPV ZA . -3.07 -20.49 -4.93
H17A DPV ZA . -3.89 -21.05 -6.38
H18 DPV ZA . -2.19 -18.48 -6.42
H18A DPV ZA . -1.57 -20.09 -6.65
H19 DPV ZA . -3.17 -20.42 -8.63
H19A DPV ZA . -3.64 -18.72 -8.41
H20 DPV ZA . -1.15 -18.06 -8.76
H20A DPV ZA . -0.82 -19.81 -9.05
H21 DPV ZA . -2.42 -19.74 -11.05
H21A DPV ZA . -2.66 -17.98 -10.73
H22 DPV ZA . 0.02 -19.33 -11.39
H22A DPV ZA . -1.04 -18.50 -12.54
H23 DPV ZA . 0.73 -16.90 -11.92
H23A DPV ZA . 0.43 -17.20 -10.23
H23B DPV ZA . -0.77 -16.35 -11.18
N DPV AB . -7.06 -19.39 5.27
P DPV AB . -5.33 -22.64 1.61
C1 DPV AB . -3.61 -22.80 -0.35
C2 DPV AB . -2.09 -23.06 -0.46
C3 DPV AB . -1.22 -21.80 -0.40
C4 DPV AB . -6.04 -21.31 3.69
C5 DPV AB . -5.88 -19.86 4.32
C6 DPV AB . -8.45 -19.42 4.58
C7 DPV AB . -6.76 -17.97 5.70
C8 DPV AB . -7.14 -20.26 6.49
C15 DPV AB . -0.74 -21.33 -1.81
C16 DPV AB . 0.35 -20.23 -1.74
C17 DPV AB . 1.17 -20.19 -3.03
C18 DPV AB . 2.51 -19.37 -2.89
C19 DPV AB . 3.21 -19.26 -4.26
O1P DPV AB . -5.42 -24.01 2.19
C20 DPV AB . 4.69 -18.72 -4.19
C21 DPV AB . 5.19 -18.35 -5.61
C22 DPV AB . 6.64 -17.81 -5.62
C23 DPV AB . 7.05 -17.20 -6.98
O2P DPV AB . -6.48 -22.30 0.74
O3P DPV AB . -3.91 -22.33 0.97
O4P DPV AB . -5.03 -21.51 2.71
H1 DPV AB . -3.94 -22.08 -1.09
H1A DPV AB . -4.16 -23.74 -0.48
H2 DPV AB . -1.77 -23.72 0.36
H2A DPV AB . -1.90 -23.64 -1.38
H3 DPV AB . -0.35 -21.97 0.25
H3A DPV AB . -1.76 -21.00 0.11
H4 DPV AB . -5.95 -22.11 4.44
H4A DPV AB . -7.04 -21.38 3.21
H5 DPV AB . -4.94 -19.82 4.87
H5A DPV AB . -5.81 -19.14 3.52
H6 DPV AB . -9.21 -19.04 5.30
H6A DPV AB . -8.69 -20.46 4.26
H6B DPV AB . -8.43 -18.78 3.68
H7 DPV AB . -6.63 -17.35 4.83
H7A DPV AB . -5.84 -17.96 6.27
H7B DPV AB . -7.58 -17.59 6.30
H8 DPV AB . -6.15 -20.21 7.00
H8A DPV AB . -7.33 -21.31 6.18
H8B DPV AB . -7.96 -19.91 7.14
H15 DPV AB . -1.55 -20.96 -2.37
H15A DPV AB . -0.33 -22.20 -2.33
H16 DPV AB . -0.12 -19.26 -1.57
H16A DPV AB . 1.01 -20.41 -0.90
H17 DPV AB . 1.39 -21.21 -3.38
H17A DPV AB . 0.57 -19.71 -3.80
H18 DPV AB . 2.33 -18.37 -2.50
H18A DPV AB . 3.17 -19.92 -2.21
H19 DPV AB . 3.20 -20.25 -4.77
H19A DPV AB . 2.57 -18.63 -4.92
H20 DPV AB . 4.72 -17.82 -3.56
H20A DPV AB . 5.33 -19.47 -3.71
H21 DPV AB . 5.17 -19.21 -6.26
H21A DPV AB . 4.50 -17.62 -5.98
H22 DPV AB . 6.78 -17.07 -4.81
H22A DPV AB . 7.32 -18.67 -5.34
H23 DPV AB . 6.48 -16.29 -7.14
H23A DPV AB . 6.84 -17.89 -7.80
H23B DPV AB . 8.14 -16.99 -7.01
N DPV BB . 0.95 -36.64 -10.22
P DPV BB . -2.21 -33.73 -7.36
C1 DPV BB . -3.40 -31.41 -7.28
C2 DPV BB . -4.90 -31.58 -7.60
C3 DPV BB . -5.73 -31.88 -6.33
C4 DPV BB . -0.87 -35.22 -8.98
C5 DPV BB . 0.56 -35.29 -9.56
C6 DPV BB . 0.04 -36.96 -11.47
C7 DPV BB . 0.84 -37.82 -9.22
C8 DPV BB . 2.39 -36.57 -10.69
C15 DPV BB . -5.92 -30.71 -5.35
C16 DPV BB . -6.91 -29.57 -5.83
C17 DPV BB . -7.07 -28.40 -4.78
C18 DPV BB . -7.96 -27.26 -5.34
C19 DPV BB . -7.13 -26.15 -6.05
O1P DPV BB . -3.28 -34.75 -7.41
C20 DPV BB . -8.06 -24.99 -6.55
C21 DPV BB . -7.26 -23.99 -7.38
C22 DPV BB . -8.02 -22.67 -7.74
C23 DPV BB . -7.14 -21.75 -8.58
O2P DPV BB . -1.64 -33.59 -6.02
O3P DPV BB . -2.61 -32.36 -8.05
O4P DPV BB . -1.13 -33.89 -8.49
H1 DPV BB . -3.06 -30.39 -7.53
H1A DPV BB . -3.22 -31.57 -6.21
H2 DPV BB . -5.25 -30.67 -8.10
H2A DPV BB . -5.00 -32.41 -8.29
H3 DPV BB . -5.26 -32.75 -5.80
H3A DPV BB . -6.73 -32.26 -6.65
H4 DPV BB . -1.61 -35.46 -9.73
H4A DPV BB . -0.96 -35.94 -8.17
H5 DPV BB . 0.63 -34.54 -10.37
H5A DPV BB . 1.30 -35.10 -8.76
H6 DPV BB . 0.37 -37.94 -11.86
H6A DPV BB . 0.14 -36.16 -12.21
H6B DPV BB . -1.02 -37.05 -11.18
H7 DPV BB . -0.20 -37.95 -9.00
H7A DPV BB . 1.44 -37.59 -8.33
H7B DPV BB . 1.25 -38.72 -9.69
H8 DPV BB . 2.61 -37.48 -11.27
H8A DPV BB . 3.06 -36.51 -9.82
H8B DPV BB . 2.53 -35.67 -11.31
H15 DPV BB . -4.97 -30.24 -5.11
H15A DPV BB . -6.32 -31.14 -4.41
H16 DPV BB . -6.51 -29.17 -6.75
H16A DPV BB . -7.89 -29.98 -6.04
H17 DPV BB . -7.49 -28.81 -3.86
H17A DPV BB . -6.11 -27.99 -4.54
H18 DPV BB . -8.76 -27.67 -6.04
H18A DPV BB . -8.48 -26.81 -4.47
H19 DPV BB . -6.37 -25.77 -5.41
H19A DPV BB . -6.63 -26.58 -6.90
H20 DPV BB . -8.87 -25.45 -7.11
H20A DPV BB . -8.49 -24.47 -5.70
H21 DPV BB . -6.35 -23.73 -6.85
H21A DPV BB . -6.96 -24.47 -8.31
H22 DPV BB . -8.91 -22.92 -8.26
H22A DPV BB . -8.27 -22.15 -6.84
H23 DPV BB . -6.16 -21.61 -8.08
H23A DPV BB . -7.60 -20.77 -8.70
H23B DPV BB . -6.98 -22.17 -9.58
N DPV CB . 0.42 -36.12 -0.83
P DPV CB . 4.69 -36.09 -1.29
C1 DPV CB . 5.74 -33.78 -1.74
C2 DPV CB . 6.68 -32.75 -1.10
C3 DPV CB . 6.38 -31.37 -1.66
C4 DPV CB . 2.76 -36.18 0.54
C5 DPV CB . 1.67 -36.95 -0.36
C6 DPV CB . 0.81 -34.86 -1.66
C7 DPV CB . -0.47 -35.73 0.39
C8 DPV CB . -0.46 -37.00 -1.75
C15 DPV CB . 7.17 -30.28 -0.96
C16 DPV CB . 6.93 -28.88 -1.67
C17 DPV CB . 7.62 -27.74 -0.92
C18 DPV CB . 7.20 -26.38 -1.54
C19 DPV CB . 7.86 -25.25 -0.73
O1P DPV CB . 5.09 -37.42 -0.85
C20 DPV CB . 7.29 -23.83 -0.99
C21 DPV CB . 7.50 -23.26 -2.41
C22 DPV CB . 8.98 -22.96 -2.79
C23 DPV CB . 9.12 -22.76 -4.32
O2P DPV CB . 4.21 -36.07 -2.69
O3P DPV CB . 5.81 -35.00 -1.02
O4P DPV CB . 3.66 -35.37 -0.28
H1 DPV CB . 4.68 -33.41 -1.70
H1A DPV CB . 5.99 -33.97 -2.82
H2 DPV CB . 6.53 -32.77 -0.05
H2A DPV CB . 7.69 -33.01 -1.36
H3 DPV CB . 5.29 -31.15 -1.56
H3A DPV CB . 6.62 -31.36 -2.77
H4 DPV CB . 2.25 -35.57 1.26
H4A DPV CB . 3.36 -36.87 1.10
H5 DPV CB . 2.20 -37.34 -1.23
H5A DPV CB . 1.29 -37.81 0.20
H6 DPV CB . 1.34 -34.15 -1.02
H6A DPV CB . -0.12 -34.40 -2.01
H6B DPV CB . 1.51 -35.17 -2.45
H7 DPV CB . -0.84 -36.66 0.87
H7A DPV CB . -1.31 -35.13 0.03
H7B DPV CB . 0.15 -35.15 1.08
H8 DPV CB . -0.73 -37.92 -1.22
H8A DPV CB . 0.15 -37.24 -2.62
H8B DPV CB . -1.36 -36.44 -2.01
H15 DPV CB . 8.22 -30.55 -1.04
H15A DPV CB . 6.91 -30.25 0.11
H16 DPV CB . 7.30 -28.92 -2.70
H16A DPV CB . 5.83 -28.67 -1.72
H17 DPV CB . 7.41 -27.82 0.14
H17A DPV CB . 8.69 -27.88 -1.09
H18 DPV CB . 7.49 -26.37 -2.57
H18A DPV CB . 6.12 -26.29 -1.46
H19 DPV CB . 7.78 -25.48 0.35
H19A DPV CB . 8.93 -25.25 -0.96
H20 DPV CB . 6.23 -23.85 -0.77
H20A DPV CB . 7.74 -23.13 -0.28
H21 DPV CB . 7.08 -23.99 -3.12
H21A DPV CB . 6.90 -22.34 -2.47
H22 DPV CB . 9.30 -22.07 -2.22
H22A DPV CB . 9.66 -23.77 -2.50
H23 DPV CB . 10.14 -22.48 -4.53
H23A DPV CB . 8.45 -22.00 -4.66
H23B DPV CB . 8.91 -23.70 -4.83
N DPV DB . 16.54 -34.04 5.53
P DPV DB . 16.39 -34.30 1.45
C1 DPV DB . 16.48 -36.08 -0.40
C2 DPV DB . 15.76 -37.31 -0.94
C3 DPV DB . 14.51 -36.96 -1.83
C4 DPV DB . 15.51 -35.56 3.64
C5 DPV DB . 16.65 -35.35 4.69
C6 DPV DB . 15.14 -33.66 5.94
C7 DPV DB . 17.26 -32.86 4.85
C8 DPV DB . 17.31 -34.32 6.85
C15 DPV DB . 13.76 -38.26 -2.26
C16 DPV DB . 12.90 -38.09 -3.55
C17 DPV DB . 11.52 -37.41 -3.28
C18 DPV DB . 10.59 -37.50 -4.54
C19 DPV DB . 10.97 -36.48 -5.67
O1P DPV DB . 16.08 -33.10 0.59
C20 DPV DB . 10.25 -35.09 -5.48
C21 DPV DB . 10.46 -34.21 -6.74
C22 DPV DB . 11.85 -33.51 -6.75
C23 DPV DB . 12.04 -32.67 -8.03
O2P DPV DB . 17.85 -34.35 1.82
O3P DPV DB . 15.86 -35.65 0.82
O4P DPV DB . 15.39 -34.44 2.70
H1 DPV DB . 17.49 -36.35 -0.23
H1A DPV DB . 16.44 -35.25 -1.07
H2 DPV DB . 16.43 -37.83 -1.57
H2A DPV DB . 15.48 -37.97 -0.12
H3 DPV DB . 14.81 -36.39 -2.70
H3A DPV DB . 13.79 -36.35 -1.29
H4 DPV DB . 15.71 -36.45 3.06
H4A DPV DB . 14.55 -35.71 4.15
H5 DPV DB . 16.64 -36.17 5.40
H5A DPV DB . 17.61 -35.33 4.20
H6 DPV DB . 14.68 -34.54 6.41
H6A DPV DB . 14.60 -33.36 5.04
H6B DPV DB . 15.16 -32.84 6.65
H7 DPV DB . 17.28 -32.00 5.52
H7A DPV DB . 16.69 -32.62 3.96
H7B DPV DB . 18.28 -33.17 4.60
H8 DPV DB . 17.36 -33.36 7.40
H8A DPV DB . 18.30 -34.71 6.61
H8B DPV DB . 16.75 -35.08 7.40
H15 DPV DB . 13.14 -38.65 -1.43
H15A DPV DB . 14.54 -39.04 -2.46
H16 DPV DB . 13.48 -37.50 -4.30
H16A DPV DB . 12.76 -39.08 -4.02
H17 DPV DB . 11.03 -37.91 -2.42
H17A DPV DB . 11.63 -36.35 -2.97
H18 DPV DB . 10.63 -38.48 -4.99
H18A DPV DB . 9.57 -37.34 -4.19
H19 DPV DB . 12.07 -36.35 -5.75
H19A DPV DB . 10.71 -36.94 -6.62
H20 DPV DB . 9.17 -35.25 -5.35
H20A DPV DB . 10.62 -34.60 -4.57
H21 DPV DB . 10.28 -34.83 -7.62
H21A DPV DB . 9.68 -33.42 -6.75
H22 DPV DB . 11.88 -32.85 -5.91
H22A DPV DB . 12.65 -34.20 -6.64
H23 DPV DB . 11.84 -33.23 -8.90
H23A DPV DB . 13.03 -32.28 -8.09
H23B DPV DB . 11.34 -31.86 -7.99
N DPV EB . 21.21 -32.04 -0.50
P DPV EB . 18.10 -34.37 -3.54
C1 DPV EB . 19.88 -34.31 -5.47
C2 DPV EB . 19.89 -33.97 -7.00
C3 DPV EB . 18.83 -34.78 -7.82
C4 DPV EB . 18.90 -33.01 -1.45
C5 DPV EB . 19.78 -31.73 -1.10
C6 DPV EB . 21.06 -32.84 0.81
C7 DPV EB . 21.91 -30.71 -0.19
C8 DPV EB . 22.06 -32.83 -1.52
C15 DPV EB . 18.80 -34.34 -9.33
C16 DPV EB . 17.52 -34.89 -10.06
C17 DPV EB . 16.26 -33.99 -9.81
C18 DPV EB . 15.09 -34.41 -10.76
C19 DPV EB . 15.14 -33.68 -12.13
O1P DPV EB . 18.73 -35.62 -3.11
C20 DPV EB . 13.82 -33.83 -12.97
C21 DPV EB . 12.65 -32.96 -12.44
C22 DPV EB . 12.80 -31.44 -12.75
C23 DPV EB . 11.63 -30.66 -12.15
O2P DPV EB . 16.64 -34.40 -3.39
O3P DPV EB . 18.58 -33.86 -4.97
O4P DPV EB . 18.77 -33.09 -2.87
H1 DPV EB . 19.97 -35.41 -5.32
H1A DPV EB . 20.69 -33.77 -4.93
H2 DPV EB . 19.69 -32.89 -7.14
H2A DPV EB . 20.89 -34.14 -7.39
H3 DPV EB . 17.84 -34.58 -7.37
H3A DPV EB . 19.06 -35.84 -7.77
H4 DPV EB . 19.38 -33.93 -1.09
H4A DPV EB . 17.91 -32.93 -1.01
H5 DPV EB . 19.90 -31.14 -2.01
H5A DPV EB . 19.28 -31.11 -0.37
H6 DPV EB . 20.54 -32.19 1.53
H6A DPV EB . 22.07 -33.11 1.19
H6B DPV EB . 20.49 -33.79 0.63
H7 DPV EB . 22.93 -30.93 0.15
H7A DPV EB . 21.38 -30.22 0.64
H7B DPV EB . 21.93 -30.11 -1.11
H8 DPV EB . 22.12 -32.25 -2.44
H8A DPV EB . 21.61 -33.79 -1.74
H8B DPV EB . 23.08 -32.94 -1.16
H15 DPV EB . 19.68 -34.69 -9.82
H15A DPV EB . 18.79 -33.27 -9.38
H16 DPV EB . 17.72 -34.97 -11.13
H16A DPV EB . 17.32 -35.90 -9.70
H17 DPV EB . 15.92 -34.17 -8.77
H17A DPV EB . 16.53 -32.95 -9.94
H18 DPV EB . 15.07 -35.50 -10.86
H18A DPV EB . 14.14 -34.12 -10.28
H19 DPV EB . 15.38 -32.61 -11.97
H19A DPV EB . 15.97 -34.08 -12.73
H20 DPV EB . 14.03 -33.59 -13.97
H20A DPV EB . 13.51 -34.82 -12.95
H21 DPV EB . 11.69 -33.33 -12.91
H21A DPV EB . 12.51 -33.05 -11.33
H22 DPV EB . 13.75 -31.06 -12.41
H22A DPV EB . 12.76 -31.28 -13.82
H23 DPV EB . 11.71 -29.60 -12.37
H23A DPV EB . 11.60 -30.75 -11.07
H23B DPV EB . 10.70 -31.02 -12.56
N DPV FB . 25.00 -31.97 -12.30
P DPV FB . 25.17 -27.38 -9.98
C1 DPV FB . 23.87 -25.28 -9.18
C2 DPV FB . 22.67 -24.33 -9.53
C3 DPV FB . 23.11 -23.19 -10.50
C4 DPV FB . 25.15 -29.59 -11.17
C5 DPV FB . 24.33 -30.58 -12.07
C6 DPV FB . 25.27 -32.69 -10.99
C7 DPV FB . 26.32 -31.81 -13.08
C8 DPV FB . 24.05 -32.89 -13.09
C15 DPV FB . 21.98 -22.18 -10.82
C16 DPV FB . 21.54 -21.29 -9.61
C17 DPV FB . 20.79 -19.99 -10.06
C18 DPV FB . 20.26 -19.16 -8.85
C19 DPV FB . 18.80 -19.57 -8.48
O1P DPV FB . 25.33 -27.91 -8.61
C20 DPV FB . 18.24 -18.66 -7.33
C21 DPV FB . 16.74 -18.88 -7.15
C22 DPV FB . 16.19 -18.18 -5.85
C23 DPV FB . 14.68 -18.47 -5.69
O2P DPV FB . 26.44 -26.86 -10.52
O3P DPV FB . 23.95 -26.35 -10.11
O4P DPV FB . 24.44 -28.40 -10.97
H1 DPV FB . 24.83 -24.75 -9.18
H1A DPV FB . 23.68 -25.68 -8.17
H2 DPV FB . 21.87 -24.91 -9.96
H2A DPV FB . 22.31 -23.89 -8.59
H3 DPV FB . 23.47 -23.67 -11.44
H3A DPV FB . 23.97 -22.62 -10.10
H4 DPV FB . 25.34 -30.05 -10.19
H4A DPV FB . 26.09 -29.30 -11.65
H5 DPV FB . 23.35 -30.72 -11.61
H5A DPV FB . 24.08 -30.12 -13.04
H6 DPV FB . 25.69 -33.71 -11.19
H6A DPV FB . 24.31 -32.72 -10.41
H6B DPV FB . 26.04 -32.11 -10.45
H7 DPV FB . 26.14 -31.30 -14.03
H7A DPV FB . 26.76 -32.80 -13.31
H7B DPV FB . 27.06 -31.26 -12.46
H8 DPV FB . 23.17 -33.05 -12.44
H8A DPV FB . 24.58 -33.84 -13.26
H8B DPV FB . 23.80 -32.38 -14.02
H15 DPV FB . 21.11 -22.71 -11.18
H15A DPV FB . 22.32 -21.55 -11.64
H16 DPV FB . 20.96 -21.85 -8.96
H16A DPV FB . 22.42 -21.02 -9.04
H17 DPV FB . 21.53 -19.37 -10.61
H17A DPV FB . 20.00 -20.22 -10.78
H18 DPV FB . 20.88 -19.31 -7.97
H18A DPV FB . 20.32 -18.14 -9.16
H19 DPV FB . 18.17 -19.39 -9.41
H19A DPV FB . 18.78 -20.65 -8.24
H20 DPV FB . 18.78 -18.86 -6.41
H20A DPV FB . 18.41 -17.62 -7.58
H21 DPV FB . 16.20 -18.48 -7.99
H21A DPV FB . 16.54 -19.92 -7.07
H22 DPV FB . 16.75 -18.58 -5.00
H22A DPV FB . 16.32 -17.11 -5.88
H23 DPV FB . 14.34 -18.07 -4.77
H23A DPV FB . 14.49 -19.55 -5.67
H23B DPV FB . 14.09 -18.03 -6.47
N DPV GB . 19.23 -31.63 -13.64
P DPV GB . 18.91 -30.08 -9.31
C1 DPV GB . 19.10 -27.78 -8.09
C2 DPV GB . 19.27 -26.25 -8.40
C3 DPV GB . 18.00 -25.71 -9.07
C4 DPV GB . 19.75 -29.77 -11.82
C5 DPV GB . 19.25 -30.11 -13.26
C6 DPV GB . 20.63 -32.11 -14.02
C7 DPV GB . 18.30 -31.77 -14.84
C8 DPV GB . 18.66 -32.56 -12.54
C15 DPV GB . 17.94 -24.18 -9.18
C16 DPV GB . 16.66 -23.68 -9.91
C17 DPV GB . 16.43 -22.16 -9.79
C18 DPV GB . 15.24 -21.72 -10.67
C19 DPV GB . 14.86 -20.20 -10.58
O1P DPV GB . 17.77 -30.63 -8.56
C20 DPV GB . 13.68 -19.97 -9.55
C21 DPV GB . 13.11 -18.54 -9.78
C22 DPV GB . 12.01 -18.14 -8.72
C23 DPV GB . 10.63 -18.84 -8.99
O2P DPV GB . 20.19 -30.71 -8.89
O3P DPV GB . 18.95 -28.50 -9.34
O4P DPV GB . 18.68 -29.99 -10.89
H1 DPV GB . 20.00 -28.11 -7.55
H1A DPV GB . 18.20 -27.98 -7.46
H2 DPV GB . 19.36 -25.72 -7.44
H2A DPV GB . 20.18 -26.08 -8.98
H3 DPV GB . 17.12 -26.04 -8.49
H3A DPV GB . 17.89 -26.15 -10.08
H4 DPV GB . 20.62 -30.39 -11.54
H4A DPV GB . 20.04 -28.74 -11.77
H5 DPV GB . 18.25 -29.76 -13.39
H5A DPV GB . 19.91 -29.63 -13.96
H6 DPV GB . 21.23 -32.17 -13.12
H6A DPV GB . 21.06 -31.42 -14.73
H6B DPV GB . 20.59 -33.11 -14.46
H7 DPV GB . 17.33 -31.35 -14.58
H7A DPV GB . 18.11 -32.83 -15.08
H7B DPV GB . 18.76 -31.30 -15.71
H8 DPV GB . 18.61 -33.58 -12.92
H8A DPV GB . 17.67 -32.21 -12.21
H8B DPV GB . 19.38 -32.50 -11.71
H15 DPV GB . 18.85 -23.79 -9.75
H15A DPV GB . 17.98 -23.71 -8.17
H16 DPV GB . 16.82 -23.93 -10.94
H16A DPV GB . 15.78 -24.19 -9.55
H17 DPV GB . 16.23 -21.89 -8.76
H17A DPV GB . 17.32 -21.60 -10.10
H18 DPV GB . 15.56 -21.93 -11.71
H18A DPV GB . 14.35 -22.33 -10.47
H19 DPV GB . 15.72 -19.62 -10.35
H19A DPV GB . 14.51 -19.89 -11.55
H20 DPV GB . 12.88 -20.71 -9.74
H20A DPV GB . 14.06 -20.09 -8.52
H21 DPV GB . 13.94 -17.83 -9.77
H21A DPV GB . 12.66 -18.49 -10.79
H22 DPV GB . 12.33 -18.40 -7.73
H22A DPV GB . 11.89 -17.09 -8.75
H23 DPV GB . 10.72 -19.93 -8.95
H23A DPV GB . 10.28 -18.60 -10.00
H23B DPV GB . 9.91 -18.50 -8.25
N DPV HB . 5.27 -24.94 -23.14
P DPV HB . 2.02 -27.69 -20.19
C1 DPV HB . 0.83 -27.73 -17.82
C2 DPV HB . 1.78 -28.43 -16.80
C3 DPV HB . 2.47 -27.44 -15.84
C4 DPV HB . 3.79 -26.48 -21.57
C5 DPV HB . 4.44 -25.06 -21.82
C6 DPV HB . 4.46 -25.32 -24.37
C7 DPV HB . 6.48 -25.89 -23.07
C8 DPV HB . 5.80 -23.53 -23.28
C15 DPV HB . 3.25 -28.20 -14.71
C16 DPV HB . 3.74 -27.25 -13.59
C17 DPV HB . 2.63 -26.93 -12.54
C18 DPV HB . 3.14 -25.92 -11.45
C19 DPV HB . 1.99 -25.39 -10.54
O1P DPV HB . 0.89 -27.87 -21.15
C20 DPV HB . 1.17 -24.28 -11.20
C21 DPV HB . 0.04 -23.79 -10.23
C22 DPV HB . -0.79 -22.61 -10.84
C23 DPV HB . -1.74 -23.04 -12.02
O2P DPV HB . 2.78 -28.95 -19.99
O3P DPV HB . 1.60 -26.97 -18.83
O4P DPV HB . 2.91 -26.42 -20.48
H1 DPV HB . 0.22 -28.47 -18.33
H1A DPV HB . 0.18 -27.01 -17.28
H2 DPV HB . 1.15 -29.08 -16.19
H2A DPV HB . 2.54 -29.02 -17.32
H3 DPV HB . 1.71 -26.80 -15.37
H3A DPV HB . 3.16 -26.80 -16.39
H4 DPV HB . 3.21 -26.82 -22.44
H4A DPV HB . 4.58 -27.18 -21.34
H5 DPV HB . 3.68 -24.31 -21.83
H5A DPV HB . 5.16 -24.85 -21.04
H6 DPV HB . 3.66 -24.59 -24.52
H6A DPV HB . 4.05 -26.33 -24.26
H6B DPV HB . 5.14 -25.31 -25.20
H7 DPV HB . 7.13 -25.55 -22.28
H7A DPV HB . 7.02 -25.84 -24.00
H7B DPV HB . 6.09 -26.88 -22.92
H8 DPV HB . 6.51 -23.32 -22.47
H8A DPV HB . 4.95 -22.86 -23.27
H8B DPV HB . 6.31 -23.43 -24.25
H15 DPV HB . 4.12 -28.68 -15.18
H15A DPV HB . 2.66 -29.04 -14.27
H16 DPV HB . 4.57 -27.71 -13.08
H16A DPV HB . 4.12 -26.34 -14.04
H17 DPV HB . 1.76 -26.51 -13.07
H17A DPV HB . 2.29 -27.85 -12.03
H18 DPV HB . 3.91 -26.44 -10.85
H18A DPV HB . 3.62 -25.04 -11.94
H19 DPV HB . 1.35 -26.21 -10.22
H19A DPV HB . 2.43 -24.99 -9.62
H20 DPV HB . 1.82 -23.43 -11.42
H20A DPV HB . 0.73 -24.64 -12.13
H21 DPV HB . -0.62 -24.62 -9.97
H21A DPV HB . 0.52 -23.41 -9.31
H22 DPV HB . -1.41 -22.20 -10.08
H22A DPV HB . -0.07 -21.85 -11.18
H23 DPV HB . -2.32 -22.19 -12.40
H23A DPV HB . -2.41 -23.85 -11.69
H23B DPV HB . -1.13 -23.43 -12.85
N DPV IB . 8.47 6.79 -4.71
P DPV IB . 7.43 2.55 -1.78
C1 DPV IB . 5.54 0.71 -1.82
C2 DPV IB . 6.19 -0.58 -2.38
C3 DPV IB . 6.04 -0.69 -3.90
C4 DPV IB . 8.19 4.65 -3.21
C5 DPV IB . 7.64 5.52 -4.37
C6 DPV IB . 8.57 7.75 -3.49
C7 DPV IB . 7.75 7.53 -5.80
C8 DPV IB . 9.85 6.44 -5.23
C15 DPV IB . 6.60 -2.01 -4.47
C16 DPV IB . 7.07 -1.88 -5.92
C17 DPV IB . 7.49 -3.23 -6.51
C18 DPV IB . 8.30 -3.05 -7.83
C19 DPV IB . 8.44 -4.42 -8.52
O1P DPV IB . 8.69 1.81 -2.04
C20 DPV IB . 9.29 -4.32 -9.85
C21 DPV IB . 9.24 -5.73 -10.53
C22 DPV IB . 9.97 -5.70 -11.87
C23 DPV IB . 9.95 -7.10 -12.55
O2P DPV IB . 7.28 2.97 -0.36
O3P DPV IB . 6.14 1.87 -2.43
O4P DPV IB . 7.14 3.73 -2.83
H1 DPV IB . 4.48 0.68 -2.03
H1A DPV IB . 5.72 0.80 -0.75
H2 DPV IB . 7.24 -0.56 -2.09
H2A DPV IB . 5.74 -1.46 -1.94
H3 DPV IB . 6.52 0.15 -4.34
H3A DPV IB . 4.99 -0.65 -4.17
H4 DPV IB . 9.06 4.08 -3.54
H4A DPV IB . 8.46 5.28 -2.36
H5 DPV IB . 7.62 4.94 -5.29
H5A DPV IB . 6.65 5.88 -4.09
H6 DPV IB . 7.55 7.96 -3.15
H6A DPV IB . 9.04 8.68 -3.82
H6B DPV IB . 9.22 7.29 -2.73
H7 DPV IB . 7.55 6.87 -6.62
H7A DPV IB . 8.39 8.34 -6.12
H7B DPV IB . 6.80 7.88 -5.43
H8 DPV IB . 9.74 5.68 -6.02
H8A DPV IB . 10.48 6.01 -4.44
H8B DPV IB . 10.35 7.36 -5.55
H15 DPV IB . 5.82 -2.78 -4.40
H15A DPV IB . 7.45 -2.37 -3.85
H16 DPV IB . 6.30 -1.47 -6.53
H16A DPV IB . 7.90 -1.20 -5.93
H17 DPV IB . 8.12 -3.75 -5.77
H17A DPV IB . 6.57 -3.82 -6.69
H18 DPV IB . 7.78 -2.36 -8.51
H18A DPV IB . 9.27 -2.67 -7.54
H19 DPV IB . 8.90 -5.15 -7.85
H19A DPV IB . 7.48 -4.81 -8.80
H20 DPV IB . 8.88 -3.61 -10.55
H20A DPV IB . 10.29 -4.02 -9.56
H21 DPV IB . 9.71 -6.43 -9.84
H21A DPV IB . 8.19 -6.05 -10.67
H22 DPV IB . 9.46 -5.00 -12.54
H22A DPV IB . 10.99 -5.37 -11.69
H23 DPV IB . 10.65 -7.12 -13.38
H23A DPV IB . 8.93 -7.31 -12.92
H23B DPV IB . 10.23 -7.88 -11.82
N DPV JB . 8.20 1.11 7.13
P DPV JB . 11.87 1.86 3.47
C1 DPV JB . 12.41 -0.33 2.15
C2 DPV JB . 12.51 -1.85 2.27
C3 DPV JB . 12.78 -2.48 0.88
C4 DPV JB . 9.88 1.69 5.17
C5 DPV JB . 9.64 1.55 6.74
C6 DPV JB . 8.19 0.99 8.67
C7 DPV JB . 7.87 -0.28 6.52
C8 DPV JB . 7.10 2.14 6.76
C15 DPV JB . 12.83 -4.04 0.86
C16 DPV JB . 12.72 -4.56 -0.62
C17 DPV JB . 12.30 -6.08 -0.66
C18 DPV JB . 12.07 -6.57 -2.11
C19 DPV JB . 11.64 -8.06 -2.11
O1P DPV JB . 10.89 2.38 2.47
C20 DPV JB . 10.96 -8.50 -3.46
C21 DPV JB . 10.54 -9.99 -3.41
C22 DPV JB . 10.04 -10.50 -4.80
C23 DPV JB . 9.69 -12.01 -4.75
O2P DPV JB . 13.15 2.58 3.41
O3P DPV JB . 12.01 0.27 3.40
O4P DPV JB . 11.29 1.78 4.95
H1 DPV JB . 13.40 0.08 1.87
H1A DPV JB . 11.68 -0.08 1.37
H2 DPV JB . 13.28 -2.10 2.97
H2A DPV JB . 11.60 -2.24 2.67
H3 DPV JB . 13.72 -2.08 0.49
H3A DPV JB . 11.97 -2.17 0.22
H4 DPV JB . 9.50 0.82 4.63
H4A DPV JB . 9.36 2.63 4.84
H5 DPV JB . 10.36 0.85 7.15
H5A DPV JB . 9.85 2.50 7.23
H6 DPV JB . 8.43 1.95 9.12
H6A DPV JB . 8.94 0.26 8.97
H6B DPV JB . 7.19 0.68 9.01
H7 DPV JB . 7.76 -0.21 5.42
H7A DPV JB . 6.93 -0.64 6.96
H7B DPV JB . 8.69 -0.99 6.74
H8 DPV JB . 7.11 2.34 5.70
H8A DPV JB . 7.32 3.07 7.28
H8B DPV JB . 6.15 1.77 7.07
H15 DPV JB . 12.01 -4.43 1.45
H15A DPV JB . 13.76 -4.39 1.33
H16 DPV JB . 11.96 -3.98 -1.14
H16A DPV JB . 13.65 -4.41 -1.18
H17 DPV JB . 13.10 -6.71 -0.19
H17A DPV JB . 11.38 -6.26 -0.04
H18 DPV JB . 11.31 -5.98 -2.62
H18A DPV JB . 12.97 -6.46 -2.70
H19 DPV JB . 12.55 -8.65 -1.97
H19A DPV JB . 10.92 -8.25 -1.30
H20 DPV JB . 10.03 -7.92 -3.61
H20A DPV JB . 11.57 -8.29 -4.33
H21 DPV JB . 11.42 -10.57 -3.16
H21A DPV JB . 9.77 -10.18 -2.63
H22 DPV JB . 9.16 -9.92 -5.09
H22A DPV JB . 10.79 -10.34 -5.54
H23 DPV JB . 8.80 -12.18 -4.13
H23A DPV JB . 10.51 -12.59 -4.33
H23B DPV JB . 9.49 -12.37 -5.77
N DPV KB . 12.91 5.34 -8.48
P DPV KB . 14.94 6.13 -4.13
C1 DPV KB . 13.54 6.18 -1.93
C2 DPV KB . 12.03 6.22 -1.50
C3 DPV KB . 11.69 5.26 -0.34
C4 DPV KB . 14.67 6.30 -6.73
C5 DPV KB . 13.57 6.56 -7.80
C6 DPV KB . 11.74 5.87 -9.34
C7 DPV KB . 12.30 4.36 -7.47
C8 DPV KB . 13.89 4.60 -9.40
C15 DPV KB . 11.45 3.76 -0.78
C16 DPV KB . 12.71 2.89 -0.60
C17 DPV KB . 12.58 1.47 -1.18
C18 DPV KB . 13.98 0.74 -1.34
C19 DPV KB . 14.89 1.31 -2.50
O1P DPV KB . 15.79 4.94 -3.94
C20 DPV KB . 14.55 0.74 -3.91
C21 DPV KB . 15.36 1.42 -5.03
C22 DPV KB . 14.89 0.97 -6.42
C23 DPV KB . 15.76 1.61 -7.53
O2P DPV KB . 15.69 7.40 -3.95
O3P DPV KB . 13.53 6.12 -3.36
O4P DPV KB . 14.06 6.10 -5.45
H1 DPV KB . 14.03 7.10 -1.62
H1A DPV KB . 14.06 5.35 -1.53
H2 DPV KB . 11.86 7.27 -1.16
H2A DPV KB . 11.39 5.98 -2.36
H3 DPV KB . 10.77 5.65 0.07
H3A DPV KB . 12.42 5.32 0.46
H4 DPV KB . 15.27 5.46 -7.00
H4A DPV KB . 15.28 7.17 -6.64
H5 DPV KB . 12.74 7.14 -7.32
H5A DPV KB . 13.99 7.17 -8.59
H6 DPV KB . 11.00 6.30 -8.67
H6A DPV KB . 11.32 5.02 -9.91
H6B DPV KB . 12.10 6.65 -10.04
H7 DPV KB . 13.09 3.95 -6.82
H7A DPV KB . 11.80 3.54 -7.99
H7B DPV KB . 11.56 4.89 -6.86
H8 DPV KB . 14.71 4.23 -8.82
H8A DPV KB . 14.24 5.29 -10.16
H8B DPV KB . 13.39 3.75 -9.82
H15 DPV KB . 11.07 3.75 -1.79
H15A DPV KB . 10.69 3.35 -0.16
H16 DPV KB . 13.58 3.42 -1.07
H16A DPV KB . 12.95 2.84 0.49
H17 DPV KB . 11.96 0.86 -0.58
H17A DPV KB . 12.08 1.56 -2.14
H18 DPV KB . 14.55 0.80 -0.41
H18A DPV KB . 13.77 -0.33 -1.52
H19 DPV KB . 14.86 2.40 -2.49
H19A DPV KB . 15.92 1.03 -2.32
H20 DPV KB . 14.76 -0.33 -3.94
H20A DPV KB . 13.47 0.91 -4.08
H21 DPV KB . 15.25 2.48 -4.93
H21A DPV KB . 16.42 1.25 -4.92
H22 DPV KB . 14.91 -0.11 -6.50
H22A DPV KB . 13.88 1.27 -6.55
H23 DPV KB . 15.40 1.35 -8.52
H23A DPV KB . 16.82 1.34 -7.44
H23B DPV KB . 15.74 2.67 -7.43
N DPV LB . 16.31 -31.91 -20.63
P DPV LB . 13.23 -27.79 -21.61
C1 DPV LB . 12.75 -26.25 -23.66
C2 DPV LB . 12.62 -24.90 -22.90
C3 DPV LB . 11.42 -24.03 -23.44
C4 DPV LB . 14.68 -29.82 -20.87
C5 DPV LB . 15.65 -30.84 -21.56
C6 DPV LB . 15.26 -32.79 -19.87
C7 DPV LB . 17.23 -31.22 -19.60
C8 DPV LB . 17.17 -32.79 -21.52
C15 DPV LB . 11.14 -22.83 -22.46
C16 DPV LB . 9.81 -22.11 -22.76
C17 DPV LB . 9.56 -21.01 -21.73
C18 DPV LB . 8.30 -20.15 -22.04
C19 DPV LB . 8.14 -19.08 -20.95
O1P DPV LB . 11.86 -28.33 -21.70
C20 DPV LB . 6.95 -18.11 -21.23
C21 DPV LB . 7.38 -16.90 -22.10
C22 DPV LB . 6.22 -15.86 -22.27
C23 DPV LB . 6.58 -14.76 -23.31
O2P DPV LB . 13.45 -26.98 -20.40
O3P DPV LB . 13.69 -27.07 -22.96
O4P DPV LB . 14.35 -28.87 -21.89
H1 DPV LB . 11.80 -26.75 -23.69
H1A DPV LB . 13.11 -26.10 -24.64
H2 DPV LB . 12.45 -25.10 -21.87
H2A DPV LB . 13.55 -24.34 -23.04
H3 DPV LB . 10.52 -24.63 -23.51
H3A DPV LB . 11.67 -23.61 -24.41
H4 DPV LB . 13.78 -30.32 -20.53
H4A DPV LB . 15.14 -29.25 -20.05
H5 DPV LB . 15.11 -31.39 -22.30
H5A DPV LB . 16.42 -30.30 -22.05
H6 DPV LB . 14.59 -33.23 -20.61
H6A DPV LB . 14.68 -32.18 -19.18
H6B DPV LB . 15.80 -33.58 -19.34
H7 DPV LB . 17.88 -30.53 -20.16
H7A DPV LB . 17.86 -31.98 -19.09
H7B DPV LB . 16.59 -30.69 -18.86
H8 DPV LB . 17.87 -32.17 -22.08
H8A DPV LB . 16.52 -33.32 -22.21
H8B DPV LB . 17.68 -33.50 -20.89
H15 DPV LB . 11.96 -22.12 -22.47
H15A DPV LB . 11.07 -23.24 -21.44
H16 DPV LB . 9.76 -21.66 -23.74
H16A DPV LB . 9.02 -22.84 -22.71
H17 DPV LB . 9.42 -21.48 -20.78
H17A DPV LB . 10.43 -20.36 -21.66
H18 DPV LB . 8.44 -19.66 -22.99
H18A DPV LB . 7.40 -20.74 -22.10
H19 DPV LB . 7.97 -19.55 -19.95
H19A DPV LB . 9.09 -18.49 -20.86
H20 DPV LB . 6.16 -18.65 -21.73
H20A DPV LB . 6.52 -17.76 -20.28
H21 DPV LB . 8.27 -16.40 -21.68
H21A DPV LB . 7.66 -17.32 -23.10
H22 DPV LB . 5.34 -16.40 -22.57
H22A DPV LB . 6.03 -15.35 -21.34
H23 DPV LB . 7.38 -14.12 -22.92
H23A DPV LB . 5.70 -14.14 -23.57
H23B DPV LB . 6.97 -15.24 -24.24
N DPV MB . 13.77 -38.11 -8.98
P DPV MB . 9.95 -35.47 -11.35
C1 DPV MB . 8.39 -36.48 -9.45
C2 DPV MB . 7.14 -35.61 -9.62
C3 DPV MB . 6.55 -35.14 -8.27
C4 DPV MB . 11.93 -36.57 -10.03
C5 DPV MB . 13.11 -37.58 -10.26
C6 DPV MB . 12.82 -39.06 -8.20
C7 DPV MB . 14.31 -37.00 -8.03
C8 DPV MB . 14.98 -38.96 -9.43
C15 DPV MB . 5.57 -33.95 -8.44
C16 DPV MB . 4.82 -33.71 -7.07
C17 DPV MB . 4.02 -32.40 -7.05
C18 DPV MB . 2.68 -32.42 -7.90
C19 DPV MB . 2.06 -30.99 -7.95
O1P DPV MB . 10.01 -34.27 -10.50
C20 DPV MB . 0.81 -30.91 -8.83
C21 DPV MB . 0.51 -29.43 -9.19
C22 DPV MB . -0.85 -29.27 -9.88
C23 DPV MB . -1.11 -27.82 -10.28
O2P DPV MB . 9.55 -35.14 -12.72
O3P DPV MB . 9.06 -36.68 -10.72
O4P DPV MB . 11.27 -36.40 -11.29
H1 DPV MB . 9.08 -36.00 -8.74
H1A DPV MB . 8.14 -37.49 -9.04
H2 DPV MB . 7.41 -34.74 -10.23
H2A DPV MB . 6.40 -36.19 -10.20
H3 DPV MB . 7.36 -34.78 -7.63
H3A DPV MB . 6.10 -36.00 -7.80
H4 DPV MB . 11.22 -36.92 -9.27
H4A DPV MB . 12.33 -35.60 -9.71
H5 DPV MB . 12.71 -38.48 -10.79
H5A DPV MB . 13.88 -37.11 -10.89
H6 DPV MB . 13.36 -39.49 -7.36
H6A DPV MB . 12.48 -39.83 -8.87
H6B DPV MB . 12.00 -38.50 -7.82
H7 DPV MB . 13.47 -36.42 -7.64
H7A DPV MB . 15.01 -36.40 -8.59
H7B DPV MB . 14.82 -37.47 -7.21
H8 DPV MB . 15.47 -39.40 -8.55
H8A DPV MB . 15.75 -38.34 -9.93
H8B DPV MB . 14.64 -39.74 -10.12
H15 DPV MB . 4.86 -34.20 -9.21
H15A DPV MB . 6.06 -33.04 -8.81
H16 DPV MB . 4.17 -34.58 -6.86
H16A DPV MB . 5.51 -33.65 -6.23
H17 DPV MB . 3.78 -32.24 -6.02
H17A DPV MB . 4.64 -31.60 -7.39
H18 DPV MB . 2.94 -32.72 -8.91
H18A DPV MB . 2.01 -33.16 -7.46
H19 DPV MB . 1.85 -30.65 -6.93
H19A DPV MB . 2.82 -30.32 -8.33
H20 DPV MB . 0.97 -31.50 -9.76
H20A DPV MB . -0.05 -31.39 -8.28
H21 DPV MB . 0.47 -28.83 -8.26
H21A DPV MB . 1.30 -29.03 -9.80
H22 DPV MB . -0.92 -29.92 -10.77
H22A DPV MB . -1.67 -29.57 -9.20
H23 DPV MB . -1.12 -27.17 -9.40
H23A DPV MB . -2.10 -27.73 -10.76
H23B DPV MB . -0.37 -27.49 -11.00
N DPV NB . -0.43 -32.75 -16.71
P DPV NB . 3.40 -33.43 -14.07
C1 DPV NB . 4.15 -32.08 -12.00
C2 DPV NB . 4.15 -30.64 -11.48
C3 DPV NB . 5.30 -30.40 -10.56
C4 DPV NB . 1.98 -33.63 -16.19
C5 DPV NB . 1.06 -32.78 -17.12
C6 DPV NB . -0.67 -32.17 -15.28
C7 DPV NB . -1.11 -34.13 -16.81
C8 DPV NB . -1.15 -31.83 -17.72
C15 DPV NB . 5.21 -29.01 -9.87
C16 DPV NB . 6.46 -28.69 -8.99
C17 DPV NB . 6.59 -29.60 -7.73
C18 DPV NB . 7.82 -29.17 -6.87
C19 DPV NB . 8.21 -30.26 -5.85
O1P DPV NB . 3.10 -34.70 -13.45
C20 DPV NB . 9.39 -29.75 -4.96
C21 DPV NB . 9.82 -30.80 -3.89
C22 DPV NB . 10.83 -30.20 -2.92
C23 DPV NB . 11.16 -31.17 -1.74
O2P DPV NB . 4.73 -33.41 -14.73
O3P DPV NB . 3.19 -32.22 -13.07
O4P DPV NB . 2.24 -32.90 -14.98
H1 DPV NB . 5.16 -32.31 -12.41
H1A DPV NB . 3.89 -32.82 -11.23
H2 DPV NB . 4.24 -29.98 -12.34
H2A DPV NB . 3.16 -30.44 -10.98
H3 DPV NB . 6.24 -30.45 -11.13
H3A DPV NB . 5.35 -31.21 -9.80
H4 DPV NB . 1.51 -34.60 -15.97
H4A DPV NB . 2.97 -33.83 -16.69
H5 DPV NB . 1.43 -31.73 -17.14
H5A DPV NB . 1.11 -33.17 -18.17
H6 DPV NB . -0.10 -31.24 -15.19
H6A DPV NB . -0.30 -32.90 -14.56
H6B DPV NB . -1.74 -31.98 -15.14
H7 DPV NB . -0.99 -34.54 -17.82
H7A DPV NB . -2.16 -34.03 -16.55
H7B DPV NB . -0.63 -34.77 -16.08
H8 DPV NB . -2.19 -31.74 -17.41
H8A DPV NB . -1.09 -32.25 -18.72
H8B DPV NB . -0.66 -30.87 -17.67
H15 DPV NB . 4.33 -28.97 -9.22
H15A DPV NB . 5.13 -28.23 -10.63
H16 DPV NB . 7.32 -28.83 -9.64
H16A DPV NB . 6.42 -27.68 -8.65
H17 DPV NB . 5.68 -29.49 -7.11
H17A DPV NB . 6.66 -30.67 -8.03
H18 DPV NB . 8.64 -28.96 -7.54
H18A DPV NB . 7.54 -28.26 -6.32
H19 DPV NB . 7.35 -30.47 -5.24
H19A DPV NB . 8.53 -31.15 -6.36
H20 DPV NB . 10.27 -29.54 -5.60
H20A DPV NB . 9.11 -28.81 -4.49
H21 DPV NB . 8.96 -31.18 -3.32
H21A DPV NB . 10.31 -31.69 -4.37
H22 DPV NB . 11.74 -29.90 -3.38
H22A DPV NB . 10.41 -29.31 -2.52
H23 DPV NB . 11.78 -30.65 -0.99
H23A DPV NB . 11.74 -32.02 -2.09
H23B DPV NB . 10.23 -31.52 -1.27
N DPV OB . 19.90 -0.72 9.85
P DPV OB . 16.49 -2.60 6.92
C1 DPV OB . 17.06 -2.37 4.39
C2 DPV OB . 16.37 -1.93 3.09
C3 DPV OB . 17.34 -1.97 1.87
C4 DPV OB . 18.56 -1.02 7.57
C5 DPV OB . 18.49 -0.82 9.11
C6 DPV OB . 19.60 -0.36 11.30
C7 DPV OB . 20.61 -2.08 9.83
C8 DPV OB . 20.83 0.37 9.27
C15 DPV OB . 16.68 -1.38 0.58
C16 DPV OB . 17.64 -1.32 -0.64
C17 DPV OB . 17.87 -2.68 -1.39
C18 DPV OB . 16.67 -3.22 -2.17
C19 DPV OB . 17.11 -4.43 -3.01
O1P DPV OB . 15.33 -2.80 7.81
C20 DPV OB . 15.88 -5.20 -3.57
C21 DPV OB . 16.33 -6.36 -4.50
C22 DPV OB . 15.20 -7.37 -4.90
C23 DPV OB . 14.14 -6.86 -5.92
O2P DPV OB . 17.44 -3.73 6.99
O3P DPV OB . 16.08 -2.23 5.43
O4P DPV OB . 17.18 -1.16 7.07
H1 DPV OB . 17.44 -3.40 4.32
H1A DPV OB . 17.90 -1.70 4.58
H2 DPV OB . 15.57 -2.61 2.88
H2A DPV OB . 15.97 -0.94 3.17
H3 DPV OB . 17.70 -3.00 1.64
H3A DPV OB . 18.27 -1.37 2.08
H4 DPV OB . 19.03 -0.18 7.08
H4A DPV OB . 19.08 -1.93 7.32
H5 DPV OB . 17.99 0.12 9.30
H5A DPV OB . 17.96 -1.65 9.58
H6 DPV OB . 19.13 0.63 11.35
H6A DPV OB . 20.52 -0.31 11.89
H6B DPV OB . 18.97 -1.14 11.77
H7 DPV OB . 21.02 -2.26 8.82
H7A DPV OB . 19.86 -2.85 10.11
H7B DPV OB . 21.47 -2.09 10.53
H8 DPV OB . 21.12 0.04 8.26
H8A DPV OB . 21.71 0.47 9.94
H8B DPV OB . 20.24 1.30 9.23
H15 DPV OB . 16.33 -0.35 0.79
H15A DPV OB . 15.81 -2.00 0.31
H16 DPV OB . 17.24 -0.60 -1.36
H16A DPV OB . 18.59 -0.96 -0.30
H17 DPV OB . 18.73 -2.53 -2.06
H17A DPV OB . 18.21 -3.44 -0.67
H18 DPV OB . 15.87 -3.51 -1.48
H18A DPV OB . 16.33 -2.43 -2.85
H19 DPV OB . 17.78 -4.12 -3.80
H19A DPV OB . 17.63 -5.10 -2.36
H20 DPV OB . 15.28 -5.63 -2.72
H20A DPV OB . 15.23 -4.49 -4.14
H21 DPV OB . 16.82 -5.97 -5.40
H21A DPV OB . 17.09 -6.95 -3.99
H22 DPV OB . 15.67 -8.28 -5.32
H22A DPV OB . 14.69 -7.70 -3.99
H23 DPV OB . 13.39 -7.64 -6.12
H23A DPV OB . 14.59 -6.61 -6.89
H23B DPV OB . 13.58 -6.00 -5.53
N GLY A 1 -4.43 2.35 -5.45
CA GLY A 1 -3.38 1.69 -6.23
C GLY A 1 -2.59 0.74 -5.39
N LEU A 2 -1.92 -0.23 -6.02
CA LEU A 2 -1.13 -1.23 -5.32
C LEU A 2 -0.04 -0.61 -4.46
N LEU A 3 0.56 0.50 -4.88
CA LEU A 3 1.64 1.10 -4.09
C LEU A 3 1.14 1.57 -2.73
N LYS A 4 0.03 2.30 -2.73
CA LYS A 4 -0.56 2.76 -1.47
C LYS A 4 -1.11 1.58 -0.70
N TRP A 5 -1.56 0.56 -1.40
CA TRP A 5 -2.10 -0.62 -0.77
C TRP A 5 -1.02 -1.26 0.09
N ILE A 6 0.16 -1.42 -0.49
CA ILE A 6 1.31 -1.95 0.21
C ILE A 6 1.69 -1.01 1.36
N LYS A 7 1.77 0.27 1.10
CA LYS A 7 2.13 1.24 2.12
C LYS A 7 1.15 1.28 3.31
N THR A 8 -0.11 0.92 3.07
CA THR A 8 -1.09 0.93 4.14
C THR A 8 -0.86 -0.31 5.02
N LEU A 9 -0.46 -1.41 4.43
CA LEU A 9 -0.13 -2.62 5.22
C LEU A 9 1.10 -2.35 6.08
N LEU A 10 2.11 -1.65 5.54
CA LEU A 10 3.31 -1.30 6.31
C LEU A 10 3.01 -0.36 7.48
N NH2 A 11 2.21 0.67 7.23
HN1 NH2 A 11 1.82 0.78 6.29
HN2 NH2 A 11 2.00 1.34 7.95
UNK UNX B . 9.05 -14.90 -5.59
N DPV C . 16.58 6.24 -8.25
P DPV C . 17.42 4.19 -12.34
C1 DPV C . 20.02 4.65 -12.20
C2 DPV C . 20.77 5.80 -11.53
C3 DPV C . 21.72 5.31 -10.40
C4 DPV C . 16.47 4.15 -9.90
C5 DPV C . 16.79 4.68 -8.46
C6 DPV C . 17.51 7.12 -9.11
C7 DPV C . 16.89 6.51 -6.76
C8 DPV C . 15.10 6.64 -8.53
C15 DPV C . 20.99 4.92 -9.04
C16 DPV C . 21.92 4.31 -7.99
C17 DPV C . 22.14 2.77 -8.13
C18 DPV C . 23.04 2.22 -7.03
C19 DPV C . 23.21 0.68 -7.23
O1P DPV C . 17.69 2.76 -12.59
C20 DPV C . 22.06 -0.11 -6.51
C21 DPV C . 22.12 -1.64 -6.81
C22 DPV C . 20.80 -2.37 -6.44
C23 DPV C . 20.74 -3.77 -7.05
O2P DPV C . 16.23 4.67 -13.04
O3P DPV C . 18.69 5.12 -12.58
O4P DPV C . 17.50 4.59 -10.80
H1 DPV C . 20.56 4.35 -13.13
H1A DPV C . 19.92 3.78 -11.53
H2 DPV C . 21.35 6.34 -12.27
H2A DPV C . 20.07 6.53 -11.09
H3 DPV C . 22.41 6.10 -10.18
H3A DPV C . 22.27 4.44 -10.75
H4 DPV C . 16.46 3.06 -9.91
H4A DPV C . 15.49 4.53 -10.23
H5 DPV C . 16.11 4.19 -7.73
H5A DPV C . 17.82 4.46 -8.19
H6 DPV C . 18.54 6.84 -8.88
H6A DPV C . 17.32 8.17 -8.85
H6B DPV C . 17.28 6.94 -10.17
H7 DPV C . 17.90 6.20 -6.56
H7A DPV C . 16.15 5.97 -6.14
H7B DPV C . 16.76 7.57 -6.57
H8 DPV C . 14.44 6.04 -7.92
H8A DPV C . 14.87 6.47 -9.57
H8B DPV C . 14.96 7.70 -8.32
H15 DPV C . 20.15 4.26 -9.19
H15A DPV C . 20.56 5.79 -8.61
H16 DPV C . 22.88 4.79 -8.04
H16A DPV C . 21.54 4.52 -7.01
H17 DPV C . 21.18 2.26 -8.08
H17A DPV C . 22.60 2.55 -9.09
H18 DPV C . 24.02 2.71 -7.11
H18A DPV C . 22.66 2.45 -6.02
H19 DPV C . 23.17 0.50 -8.34
H19A DPV C . 24.21 0.35 -6.83
H20 DPV C . 22.16 0.04 -5.45
H20A DPV C . 21.11 0.31 -6.83
H21 DPV C . 22.37 -1.79 -7.88
H21A DPV C . 22.93 -2.07 -6.21
H22 DPV C . 20.76 -2.47 -5.36
H22A DPV C . 19.92 -1.76 -6.71
H23 DPV C . 20.92 -3.76 -8.12
H23A DPV C . 19.77 -4.24 -6.89
H23B DPV C . 21.49 -4.41 -6.58
N DPV D . 17.49 5.71 2.69
P DPV D . 20.34 1.54 1.28
C1 DPV D . 20.62 -0.58 2.80
C2 DPV D . 21.65 -1.43 2.05
C3 DPV D . 21.50 -2.92 2.38
C4 DPV D . 19.23 3.89 1.82
C5 DPV D . 18.36 4.45 3.01
C6 DPV D . 16.60 5.50 1.45
C7 DPV D . 18.37 6.94 2.49
C8 DPV D . 16.54 5.98 3.89
C15 DPV D . 22.38 -3.83 1.49
C16 DPV D . 22.21 -5.31 1.84
C17 DPV D . 22.78 -6.27 0.74
C18 DPV D . 22.74 -7.76 1.20
C19 DPV D . 21.27 -8.31 1.40
O1P DPV D . 21.42 1.92 0.32
C20 DPV D . 21.24 -9.84 1.75
C21 DPV D . 19.91 -10.27 2.42
C22 DPV D . 18.67 -10.18 1.46
C23 DPV D . 17.35 -10.64 2.06
O2P DPV D . 19.21 0.82 0.63
O3P DPV D . 20.91 0.82 2.58
O4P DPV D . 19.88 2.70 2.30
H1 DPV D . 19.63 -0.79 2.47
H1A DPV D . 20.69 -0.78 3.84
H2 DPV D . 21.57 -1.29 0.97
H2A DPV D . 22.68 -1.09 2.32
H3 DPV D . 20.45 -3.22 2.25
H3A DPV D . 21.83 -3.10 3.43
H4 DPV D . 18.57 3.65 0.99
H4A DPV D . 20.01 4.59 1.52
H5 DPV D . 17.68 3.67 3.32
H5A DPV D . 19.02 4.66 3.86
H6 DPV D . 16.04 4.60 1.57
H6A DPV D . 17.22 5.43 0.56
H6B DPV D . 15.94 6.35 1.37
H7 DPV D . 19.03 6.80 1.64
H7A DPV D . 18.94 7.06 3.40
H7B DPV D . 17.72 7.80 2.35
H8 DPV D . 15.93 5.09 4.12
H8A DPV D . 15.87 6.83 3.64
H8B DPV D . 17.14 6.26 4.77
H15 DPV D . 23.43 -3.58 1.60
H15A DPV D . 22.11 -3.72 0.46
H16 DPV D . 22.76 -5.54 2.76
H16A DPV D . 21.15 -5.55 2.01
H17 DPV D . 22.24 -6.11 -0.22
H17A DPV D . 23.85 -6.05 0.56
H18 DPV D . 23.25 -8.30 0.43
H18A DPV D . 23.30 -7.89 2.11
H19 DPV D . 20.77 -7.75 2.17
H19A DPV D . 20.71 -8.13 0.48
H20 DPV D . 21.42 -10.42 0.84
H20A DPV D . 22.04 -10.05 2.44
H21 DPV D . 20.04 -11.26 2.78
H21A DPV D . 19.76 -9.65 3.28
H22 DPV D . 18.52 -9.15 1.11
H22A DPV D . 18.84 -10.78 0.57
H23 DPV D . 16.60 -10.58 1.28
H23A DPV D . 17.08 -10.04 2.91
H23B DPV D . 17.43 -11.66 2.40
N DPV E . 29.66 -4.84 -5.24
P DPV E . 26.28 -2.61 -8.43
C1 DPV E . 27.39 -1.13 -10.32
C2 DPV E . 27.88 0.32 -10.62
C3 DPV E . 26.98 1.48 -10.02
C4 DPV E . 28.21 -3.43 -6.83
C5 DPV E . 29.28 -4.46 -6.68
C6 DPV E . 30.80 -5.86 -5.32
C7 DPV E . 30.10 -3.64 -4.42
C8 DPV E . 28.50 -5.58 -4.60
C15 DPV E . 25.42 1.36 -10.24
C16 DPV E . 24.97 1.37 -11.72
C17 DPV E . 23.46 1.72 -11.91
C18 DPV E . 22.50 0.54 -11.47
C19 DPV E . 21.01 1.03 -11.28
O1P DPV E . 25.43 -3.19 -9.50
C20 DPV E . 20.25 0.16 -10.27
C21 DPV E . 18.93 0.90 -9.82
C22 DPV E . 18.19 0.16 -8.70
C23 DPV E . 17.01 0.95 -8.14
O2P DPV E . 25.47 -2.37 -7.19
O3P DPV E . 27.12 -1.33 -8.88
O4P DPV E . 27.64 -3.41 -8.17
H1 DPV E . 26.45 -1.34 -10.86
H1A DPV E . 28.14 -1.86 -10.65
H2 DPV E . 28.88 0.46 -10.24
H2A DPV E . 27.92 0.45 -11.71
H3 DPV E . 27.33 2.42 -10.47
H3A DPV E . 27.17 1.53 -8.95
H4 DPV E . 27.41 -3.62 -6.09
H4A DPV E . 28.63 -2.44 -6.59
H5 DPV E . 28.97 -5.36 -7.19
H5A DPV E . 30.19 -4.10 -7.18
H6 DPV E . 31.06 -6.17 -4.28
H6A DPV E . 31.65 -5.38 -5.82
H6B DPV E . 30.48 -6.77 -5.88
H7 DPV E . 30.91 -3.16 -4.93
H7A DPV E . 30.39 -3.95 -3.41
H7B DPV E . 29.29 -2.95 -4.33
H8 DPV E . 28.17 -6.39 -5.23
H8A DPV E . 27.69 -4.87 -4.47
H8B DPV E . 28.80 -5.96 -3.63
H15 DPV E . 24.98 2.19 -9.71
H15A DPV E . 25.03 0.48 -9.80
H16 DPV E . 25.58 2.11 -12.27
H16A DPV E . 25.19 0.40 -12.17
H17 DPV E . 23.23 2.59 -11.32
H17A DPV E . 23.28 1.90 -12.96
H18 DPV E . 22.53 -0.23 -12.22
H18A DPV E . 22.84 0.12 -10.53
H19 DPV E . 21.00 2.05 -10.91
H19A DPV E . 20.48 0.97 -12.23
H20 DPV E . 20.03 -0.79 -10.73
H20A DPV E . 20.86 0.00 -9.39
H21 DPV E . 19.19 1.90 -9.44
H21A DPV E . 18.25 0.99 -10.69
H22 DPV E . 17.84 -0.78 -9.07
H22A DPV E . 18.90 -0.05 -7.90
H23 DPV E . 17.34 1.90 -7.75
H23A DPV E . 16.53 0.44 -7.34
H23B DPV E . 16.26 1.08 -8.92
N DPV F . 27.34 -10.96 -18.14
P DPV F . 23.55 -14.54 -18.15
C1 DPV F . 22.18 -16.04 -16.55
C2 DPV F . 22.01 -16.26 -15.05
C3 DPV F . 20.68 -17.10 -14.79
C4 DPV F . 25.22 -12.53 -17.90
C5 DPV F . 26.69 -12.25 -17.54
C6 DPV F . 27.26 -10.96 -19.66
C7 DPV F . 26.68 -9.70 -17.51
C8 DPV F . 28.81 -10.91 -17.75
C15 DPV F . 20.32 -17.11 -13.28
C16 DPV F . 18.91 -17.75 -13.05
C17 DPV F . 18.50 -17.74 -11.54
C18 DPV F . 19.36 -18.71 -10.66
C19 DPV F . 18.95 -18.67 -9.16
O1P DPV F . 22.49 -13.53 -18.36
C20 DPV F . 19.87 -19.55 -8.27
C21 DPV F . 19.36 -19.46 -6.80
C22 DPV F . 20.34 -20.21 -5.83
C23 DPV F . 19.85 -20.18 -4.39
O2P DPV F . 23.70 -15.41 -19.33
O3P DPV F . 23.42 -15.35 -16.78
O4P DPV F . 24.93 -13.91 -17.61
H1 DPV F . 22.22 -16.99 -17.06
H1A DPV F . 21.37 -15.40 -16.92
H2 DPV F . 22.85 -16.80 -14.65
H2A DPV F . 21.95 -15.32 -14.56
H3 DPV F . 20.86 -18.14 -15.14
H3A DPV F . 19.84 -16.71 -15.34
H4 DPV F . 24.58 -11.88 -17.35
H4A DPV F . 25.06 -12.34 -18.97
H5 DPV F . 26.78 -12.18 -16.46
H5A DPV F . 27.33 -13.11 -17.87
H6 DPV F . 27.91 -10.18 -20.05
H6A DPV F . 26.24 -10.76 -19.95
H6B DPV F . 27.55 -11.92 -20.03
H7 DPV F . 25.61 -9.76 -17.70
H7A DPV F . 27.12 -8.82 -17.97
H7B DPV F . 26.89 -9.72 -16.44
H8 DPV F . 29.23 -9.94 -18.07
H8A DPV F . 29.33 -11.75 -18.25
H8B DPV F . 28.91 -11.03 -16.67
H15 DPV F . 20.29 -16.10 -12.89
H15A DPV F . 21.10 -17.68 -12.76
H16 DPV F . 18.18 -17.17 -13.59
H16A DPV F . 18.89 -18.77 -13.44
H17 DPV F . 18.54 -16.75 -11.13
H17A DPV F . 17.49 -18.03 -11.48
H18 DPV F . 19.30 -19.76 -11.00
H18A DPV F . 20.42 -18.41 -10.74
H19 DPV F . 18.96 -17.62 -8.81
H19A DPV F . 17.93 -19.04 -9.05
H20 DPV F . 19.91 -20.60 -8.55
H20A DPV F . 20.89 -19.16 -8.34
H21 DPV F . 19.21 -18.44 -6.46
H21A DPV F . 18.40 -19.95 -6.74
H22 DPV F . 20.43 -21.26 -6.11
H22A DPV F . 21.34 -19.75 -5.94
H23 DPV F . 20.47 -20.80 -3.75
H23A DPV F . 18.83 -20.51 -4.28
H23B DPV F . 19.89 -19.17 -4.00
N DPV G . 25.22 -29.43 -7.68
P DPV G . 25.28 -24.61 -9.74
C1 DPV G . 22.83 -23.74 -10.11
C2 DPV G . 21.79 -23.26 -11.20
C3 DPV G . 20.33 -23.18 -10.64
C4 DPV G . 24.76 -26.91 -8.44
C5 DPV G . 24.87 -28.42 -8.84
C6 DPV G . 25.50 -30.82 -8.32
C7 DPV G . 26.47 -29.05 -6.91
C8 DPV G . 24.06 -29.62 -6.67
C15 DPV G . 19.24 -23.14 -11.78
C16 DPV G . 17.80 -23.18 -11.23
C17 DPV G . 17.28 -21.79 -10.74
C18 DPV G . 15.83 -21.85 -10.25
C19 DPV G . 15.31 -20.51 -9.59
O1P DPV G . 26.61 -24.55 -10.35
C20 DPV G . 15.46 -20.51 -8.05
C21 DPV G . 14.84 -19.20 -7.43
C22 DPV G . 14.80 -19.30 -5.87
C23 DPV G . 14.11 -18.08 -5.21
O2P DPV G . 25.25 -23.91 -8.40
O3P DPV G . 24.09 -24.17 -10.72
O4P DPV G . 24.68 -26.11 -9.69
H1 DPV G . 23.02 -22.93 -9.40
H1A DPV G . 22.43 -24.61 -9.54
H2 DPV G . 22.11 -22.31 -11.63
H2A DPV G . 21.79 -23.98 -12.02
H3 DPV G . 20.24 -22.29 -10.00
H3A DPV G . 20.12 -24.08 -10.00
H4 DPV G . 23.83 -26.73 -7.90
H4A DPV G . 25.66 -26.60 -7.89
H5 DPV G . 23.95 -28.73 -9.27
H5A DPV G . 25.64 -28.54 -9.57
H6 DPV G . 25.70 -31.54 -7.53
H6A DPV G . 26.34 -30.73 -9.02
H6B DPV G . 24.63 -31.13 -8.90
H7 DPV G . 27.27 -28.88 -7.63
H7A DPV G . 26.75 -29.87 -6.24
H7B DPV G . 26.27 -28.14 -6.33
H8 DPV G . 23.19 -29.94 -7.22
H8A DPV G . 23.88 -28.66 -6.21
H8B DPV G . 24.38 -30.39 -5.96
H15 DPV G . 19.38 -24.03 -12.37
H15A DPV G . 19.36 -22.29 -12.43
H16 DPV G . 17.12 -23.53 -12.02
H16A DPV G . 17.74 -23.91 -10.42
H17 DPV G . 17.93 -21.41 -9.93
H17A DPV G . 17.33 -21.01 -11.52
H18 DPV G . 15.21 -22.06 -11.08
H18A DPV G . 15.70 -22.67 -9.57
H19 DPV G . 15.83 -19.67 -9.99
H19A DPV G . 14.27 -20.39 -9.85
H20 DPV G . 14.95 -21.40 -7.64
H20A DPV G . 16.52 -20.60 -7.77
H21 DPV G . 15.49 -18.36 -7.71
H21A DPV G . 13.83 -19.04 -7.83
H22 DPV G . 14.27 -20.23 -5.59
H22A DPV G . 15.80 -19.38 -5.47
H23 DPV G . 13.67 -18.39 -4.28
H23A DPV G . 13.29 -17.71 -5.84
H23B DPV G . 14.78 -17.25 -4.99
N DPV H . 16.09 -33.44 -11.59
P DPV H . 19.73 -31.85 -14.53
C1 DPV H . 21.69 -30.49 -13.40
C2 DPV H . 21.93 -29.30 -12.44
C3 DPV H . 21.04 -28.08 -12.84
C4 DPV H . 17.54 -33.09 -13.79
C5 DPV H . 16.23 -32.75 -12.98
C6 DPV H . 15.92 -34.96 -11.74
C7 DPV H . 17.25 -33.10 -10.65
C8 DPV H . 14.83 -32.94 -10.87
C15 DPV H . 21.01 -26.89 -11.84
C16 DPV H . 20.18 -27.16 -10.55
C17 DPV H . 21.05 -27.51 -9.32
C18 DPV H . 20.19 -27.47 -8.00
C19 DPV H . 20.93 -28.19 -6.83
O1P DPV H . 19.57 -31.23 -15.84
C20 DPV H . 20.03 -28.32 -5.57
C21 DPV H . 20.75 -29.05 -4.41
C22 DPV H . 20.04 -28.91 -3.02
C23 DPV H . 18.77 -29.77 -2.84
O2P DPV H . 20.50 -33.12 -14.59
O3P DPV H . 20.29 -30.83 -13.39
O4P DPV H . 18.40 -31.93 -13.66
H1 DPV H . 21.94 -30.18 -14.39
H1A DPV H . 22.25 -31.35 -13.10
H2 DPV H . 21.68 -29.64 -11.39
H2A DPV H . 22.99 -29.01 -12.49
H3 DPV H . 20.03 -28.41 -13.01
H3A DPV H . 21.43 -27.70 -13.79
H4 DPV H . 18.04 -33.96 -13.40
H4A DPV H . 17.29 -33.24 -14.84
H5 DPV H . 16.20 -31.69 -12.82
H5A DPV H . 15.35 -33.02 -13.57
H6 DPV H . 15.12 -35.16 -12.45
H6A DPV H . 15.67 -35.38 -10.77
H6B DPV H . 16.85 -35.40 -12.11
H7 DPV H . 18.23 -33.38 -11.10
H7A DPV H . 17.13 -33.71 -9.74
H7B DPV H . 17.21 -32.03 -10.36
H8 DPV H . 13.96 -33.17 -11.49
H8A DPV H . 14.93 -31.85 -10.76
H8B DPV H . 14.74 -33.44 -9.89
H15 DPV H . 20.57 -26.07 -12.35
H15A DPV H . 22.01 -26.59 -11.59
H16 DPV H . 19.62 -26.27 -10.36
H16A DPV H . 19.51 -28.00 -10.70
H17 DPV H . 21.43 -28.53 -9.48
H17A DPV H . 21.89 -26.83 -9.24
H18 DPV H . 19.98 -26.43 -7.75
H18A DPV H . 19.23 -27.98 -8.13
H19 DPV H . 21.18 -29.18 -7.15
H19A DPV H . 21.83 -27.67 -6.61
H20 DPV H . 19.72 -27.32 -5.26
H20A DPV H . 19.11 -28.86 -5.83
H21 DPV H . 20.91 -30.14 -4.66
H21A DPV H . 21.78 -28.66 -4.33
H22 DPV H . 20.73 -29.20 -2.22
H22A DPV H . 19.82 -27.86 -2.83
H23 DPV H . 18.01 -29.51 -3.58
H23A DPV H . 18.36 -29.65 -1.83
H23B DPV H . 18.96 -30.84 -2.97
N DPV I . 10.33 -32.93 -14.39
P DPV I . 5.78 -34.37 -13.49
C1 DPV I . 4.69 -32.42 -14.95
C2 DPV I . 5.63 -31.35 -15.53
C3 DPV I . 6.01 -30.23 -14.54
C4 DPV I . 8.30 -34.66 -14.09
C5 DPV I . 9.36 -34.00 -15.08
C6 DPV I . 9.51 -31.78 -13.74
C7 DPV I . 11.19 -33.60 -13.32
C8 DPV I . 11.27 -32.30 -15.41
C15 DPV I . 6.62 -29.01 -15.30
C16 DPV I . 7.31 -27.97 -14.36
C17 DPV I . 6.29 -27.20 -13.44
C18 DPV I . 6.95 -26.08 -12.57
C19 DPV I . 7.76 -26.65 -11.37
O1P DPV I . 5.13 -35.40 -14.31
C20 DPV I . 8.10 -25.56 -10.29
C21 DPV I . 9.12 -26.04 -9.24
C22 DPV I . 9.05 -25.10 -8.04
C23 DPV I . 10.11 -25.50 -6.95
O2P DPV I . 5.92 -34.81 -12.07
O3P DPV I . 5.12 -32.90 -13.64
O4P DPV I . 7.13 -33.84 -14.10
H1 DPV I . 3.70 -31.99 -14.82
H1A DPV I . 4.69 -33.25 -15.63
H2 DPV I . 6.54 -31.83 -15.91
H2A DPV I . 5.13 -30.92 -16.40
H3 DPV I . 6.75 -30.63 -13.87
H3A DPV I . 5.19 -29.91 -13.93
H4 DPV I . 8.03 -35.68 -14.43
H4A DPV I . 8.68 -34.72 -13.08
H5 DPV I . 9.98 -34.78 -15.52
H5A DPV I . 8.80 -33.44 -15.85
H6 DPV I . 10.19 -31.05 -13.26
H6A DPV I . 8.81 -32.20 -13.05
H6B DPV I . 9.02 -31.24 -14.53
H7 DPV I . 10.53 -34.17 -12.67
H7A DPV I . 11.73 -32.80 -12.75
H7B DPV I . 11.91 -34.24 -13.79
H8 DPV I . 11.93 -31.57 -14.93
H8A DPV I . 10.69 -31.83 -16.21
H8B DPV I . 11.88 -33.09 -15.84
H15 DPV I . 5.87 -28.53 -15.83
H15A DPV I . 7.33 -29.30 -16.04
H16 DPV I . 8.06 -28.50 -13.71
H16A DPV I . 7.82 -27.22 -15.01
H17 DPV I . 5.59 -26.69 -14.08
H17A DPV I . 5.71 -27.90 -12.86
H18 DPV I . 7.56 -25.42 -13.17
H18A DPV I . 6.16 -25.50 -12.15
H19 DPV I . 7.14 -27.44 -10.86
H19A DPV I . 8.70 -27.10 -11.74
H20 DPV I . 8.46 -24.64 -10.75
H20A DPV I . 7.17 -25.29 -9.74
H21 DPV I . 8.87 -27.04 -8.89
H21A DPV I . 10.13 -26.03 -9.64
H22 DPV I . 9.29 -24.08 -8.39
H22A DPV I . 8.04 -25.08 -7.59
H23 DPV I . 10.04 -24.81 -6.08
H23A DPV I . 11.12 -25.35 -7.36
H23B DPV I . 9.97 -26.52 -6.63
N DPV J . 1.70 -33.45 -11.53
P DPV J . -0.99 -33.44 -7.56
C1 DPV J . 0.49 -35.58 -7.36
C2 DPV J . 1.21 -36.59 -8.33
C3 DPV J . 2.60 -37.03 -7.81
C4 DPV J . 0.00 -32.33 -9.80
C5 DPV J . 0.29 -33.45 -10.87
C6 DPV J . 1.85 -34.67 -12.44
C7 DPV J . 1.89 -32.18 -12.43
C8 DPV J . 2.83 -33.48 -10.50
C15 DPV J . 3.68 -35.91 -7.98
C16 DPV J . 5.02 -36.27 -7.30
C17 DPV J . 6.11 -35.16 -7.46
C18 DPV J . 5.83 -33.95 -6.57
C19 DPV J . 7.05 -32.97 -6.53
O1P DPV J . -2.29 -33.68 -6.88
C20 DPV J . 6.71 -31.73 -5.74
C21 DPV J . 7.89 -30.76 -5.70
C22 DPV J . 7.59 -29.60 -4.70
C23 DPV J . 8.76 -28.62 -4.64
O2P DPV J . -0.03 -32.70 -6.70
O3P DPV J . -0.35 -34.75 -8.18
O4P DPV J . -1.17 -32.76 -9.02
H1 DPV J . -0.11 -36.13 -6.61
H1A DPV J . 1.25 -34.98 -6.82
H2 DPV J . 0.56 -37.44 -8.48
H2A DPV J . 1.39 -36.09 -9.28
H3 DPV J . 2.94 -37.91 -8.31
H3A DPV J . 2.49 -37.26 -6.76
H4 DPV J . 0.83 -32.15 -9.11
H4A DPV J . -0.26 -31.43 -10.31
H5 DPV J . 0.17 -34.44 -10.37
H5A DPV J . -0.47 -33.39 -11.67
H6 DPV J . 1.09 -34.62 -13.23
H6A DPV J . 1.74 -35.58 -11.79
H6B DPV J . 2.86 -34.64 -12.90
H7 DPV J . 1.14 -32.19 -13.23
H7A DPV J . 2.90 -32.17 -12.82
H7B DPV J . 1.76 -31.29 -11.82
H8 DPV J . 2.58 -34.27 -9.82
H8A DPV J . 2.87 -32.56 -9.96
H8B DPV J . 3.76 -33.64 -11.01
H15 DPV J . 3.32 -34.97 -7.54
H15A DPV J . 3.90 -35.75 -9.06
H16 DPV J . 4.86 -36.47 -6.24
H16A DPV J . 5.37 -37.17 -7.76
H17 DPV J . 7.11 -35.58 -7.24
H17A DPV J . 6.15 -34.84 -8.50
H18 DPV J . 4.93 -33.43 -6.96
H18A DPV J . 5.62 -34.28 -5.55
H19 DPV J . 7.92 -33.47 -6.08
H19A DPV J . 7.31 -32.71 -7.54
H20 DPV J . 5.85 -31.26 -6.14
H20A DPV J . 6.45 -31.99 -4.74
H21 DPV J . 8.78 -31.33 -5.40
H21A DPV J . 8.06 -30.37 -6.70
H22 DPV J . 6.68 -29.11 -4.98
H22A DPV J . 7.44 -30.02 -3.71
H23 DPV J . 9.69 -29.11 -4.36
H23A DPV J . 8.51 -27.84 -3.92
H23B DPV J . 8.93 -28.14 -5.58
N DPV K . -5.64 -32.02 -12.16
P DPV K . -3.53 -27.38 -13.20
C1 DPV K . -2.41 -26.63 -10.97
C2 DPV K . -2.40 -25.11 -11.20
C3 DPV K . -1.43 -24.31 -10.25
C4 DPV K . -4.50 -29.75 -12.69
C5 DPV K . -5.80 -30.46 -12.26
C6 DPV K . -4.51 -32.47 -11.24
C7 DPV K . -5.43 -32.69 -13.55
C8 DPV K . -6.98 -32.58 -11.59
C15 DPV K . 0.08 -24.58 -10.48
C16 DPV K . 0.92 -23.46 -9.82
C17 DPV K . 2.45 -23.79 -9.87
C18 DPV K . 3.26 -22.50 -9.70
C19 DPV K . 4.78 -22.79 -10.00
O1P DPV K . -2.28 -28.06 -13.69
C20 DPV K . 5.60 -21.46 -10.05
C21 DPV K . 6.92 -21.63 -10.89
C22 DPV K . 6.74 -21.25 -12.40
C23 DPV K . 7.87 -21.82 -13.32
O2P DPV K . -3.84 -26.16 -13.96
O3P DPV K . -3.56 -27.19 -11.61
O4P DPV K . -4.79 -28.39 -13.06
H1 DPV K . -1.52 -27.10 -11.40
H1A DPV K . -2.47 -26.83 -9.88
H2 DPV K . -2.16 -24.89 -12.25
H2A DPV K . -3.41 -24.75 -11.06
H3 DPV K . -1.64 -24.49 -9.21
H3A DPV K . -1.67 -23.26 -10.42
H4 DPV K . -3.80 -29.78 -11.87
H4A DPV K . -4.07 -30.24 -13.55
H5 DPV K . -6.15 -30.09 -11.29
H5A DPV K . -6.59 -30.26 -13.01
H6 DPV K . -4.64 -31.98 -10.28
H6A DPV K . -3.56 -32.15 -11.68
H6B DPV K . -4.58 -33.56 -11.13
H7 DPV K . -6.28 -32.41 -14.19
H7A DPV K . -5.39 -33.79 -13.41
H7B DPV K . -4.52 -32.31 -14.02
H8 DPV K . -6.90 -33.65 -11.53
H8A DPV K . -7.77 -32.30 -12.27
H8B DPV K . -7.10 -32.19 -10.59
H15 DPV K . 0.31 -24.66 -11.51
H15A DPV K . 0.29 -25.51 -10.04
H16 DPV K . 0.72 -22.53 -10.37
H16A DPV K . 0.63 -23.31 -8.79
H17 DPV K . 2.71 -24.52 -9.10
H17A DPV K . 2.71 -24.26 -10.86
H18 DPV K . 2.91 -21.72 -10.39
H18A DPV K . 3.14 -22.08 -8.69
H19 DPV K . 5.18 -23.45 -9.21
H19A DPV K . 4.86 -23.29 -10.96
H20 DPV K . 5.02 -20.66 -10.48
H20A DPV K . 5.86 -21.20 -9.03
H21 DPV K . 7.74 -21.07 -10.45
H21A DPV K . 7.20 -22.69 -10.86
H22 DPV K . 5.78 -21.67 -12.73
H22A DPV K . 6.68 -20.16 -12.52
H23 DPV K . 8.00 -22.89 -13.13
H23A DPV K . 8.80 -21.26 -13.13
H23B DPV K . 7.61 -21.71 -14.37
N DPV L . -11.44 -23.11 -5.32
P DPV L . -9.23 -27.00 -6.71
C1 DPV L . -7.93 -28.89 -7.91
C2 DPV L . -6.55 -29.28 -8.54
C3 DPV L . -5.44 -29.33 -7.51
C4 DPV L . -9.23 -24.53 -5.64
C5 DPV L . -10.69 -24.20 -6.13
C6 DPV L . -11.60 -23.48 -3.82
C7 DPV L . -10.73 -21.76 -5.41
C8 DPV L . -12.85 -22.99 -5.91
C15 DPV L . -4.06 -29.65 -8.15
C16 DPV L . -2.85 -29.71 -7.13
C17 DPV L . -2.42 -28.33 -6.55
C18 DPV L . -1.39 -28.46 -5.40
C19 DPV L . -0.93 -27.10 -4.76
O1P DPV L . -10.38 -27.03 -7.65
C20 DPV L . -0.03 -26.27 -5.69
C21 DPV L . 0.66 -25.14 -4.93
C22 DPV L . 1.44 -24.25 -5.92
C23 DPV L . 2.20 -23.13 -5.17
O2P DPV L . -9.58 -27.62 -5.40
O3P DPV L . -7.88 -27.58 -7.35
O4P DPV L . -8.61 -25.53 -6.56
H1 DPV L . -8.69 -28.90 -8.70
H1A DPV L . -8.20 -29.61 -7.13
H2 DPV L . -6.61 -30.24 -9.08
H2A DPV L . -6.33 -28.49 -9.28
H3 DPV L . -5.71 -30.04 -6.76
H3A DPV L . -5.39 -28.39 -7.03
H4 DPV L . -8.60 -23.63 -5.66
H4A DPV L . -9.23 -24.93 -4.62
H5 DPV L . -10.69 -23.86 -7.18
H5A DPV L . -11.30 -25.11 -6.08
H6 DPV L . -12.17 -22.72 -3.33
H6A DPV L . -10.62 -23.56 -3.39
H6B DPV L . -12.14 -24.41 -3.76
H7 DPV L . -10.62 -21.47 -6.46
H7A DPV L . -9.78 -21.82 -4.88
H7B DPV L . -11.38 -21.00 -4.94
H8 DPV L . -12.75 -22.68 -6.95
H8A DPV L . -13.43 -22.27 -5.32
H8B DPV L . -13.33 -23.96 -5.89
H15 DPV L . -3.81 -28.95 -8.94
H15A DPV L . -4.17 -30.61 -8.64
H16 DPV L . -3.10 -30.40 -6.30
H16A DPV L . -1.99 -30.15 -7.65
H17 DPV L . -1.98 -27.77 -7.38
H17A DPV L . -3.32 -27.78 -6.21
H18 DPV L . -1.85 -29.12 -4.64
H18A DPV L . -0.45 -28.99 -5.77
H19 DPV L . -1.80 -26.50 -4.51
H19A DPV L . -0.37 -27.35 -3.85
H20 DPV L . 0.72 -26.91 -6.09
H20A DPV L . -0.61 -25.86 -6.51
H21 DPV L . -0.12 -24.54 -4.40
H21A DPV L . 1.33 -25.56 -4.16
H22 DPV L . 2.14 -24.88 -6.53
H22A DPV L . 0.73 -23.76 -6.65
H23 DPV L . 3.04 -23.57 -4.62
H23A DPV L . 1.55 -22.57 -4.50
H23B DPV L . 2.60 -22.44 -5.92
N DPV M . -3.87 -16.93 10.49
P DPV M . -4.70 -17.62 6.02
C1 DPV M . -4.63 -19.49 4.17
C2 DPV M . -3.70 -20.64 3.78
C3 DPV M . -4.03 -21.17 2.37
C4 DPV M . -3.14 -16.77 7.95
C5 DPV M . -4.01 -16.17 9.11
C6 DPV M . -2.51 -16.71 11.13
C7 DPV M . -4.14 -18.44 10.35
C8 DPV M . -4.97 -16.42 11.44
C15 DPV M . -3.09 -22.26 1.86
C16 DPV M . -3.20 -22.50 0.34
C17 DPV M . -2.59 -21.36 -0.54
C18 DPV M . -2.44 -21.80 -2.04
C19 DPV M . -1.70 -20.73 -2.91
O1P DPV M . -6.15 -17.52 6.24
C20 DPV M . -1.41 -21.21 -4.34
C21 DPV M . -0.48 -20.20 -5.10
C22 DPV M . -0.24 -20.55 -6.60
C23 DPV M . 0.90 -19.73 -7.21
O2P DPV M . -4.18 -16.52 5.18
O3P DPV M . -4.25 -19.06 5.52
O4P DPV M . -3.87 -17.86 7.33
H1 DPV M . -4.54 -18.61 3.51
H1A DPV M . -5.69 -19.82 4.18
H2 DPV M . -2.66 -20.28 3.76
H2A DPV M . -3.76 -21.46 4.53
H3 DPV M . -3.98 -20.30 1.68
H3A DPV M . -5.06 -21.58 2.35
H4 DPV M . -2.91 -15.99 7.20
H4A DPV M . -2.17 -17.17 8.35
H5 DPV M . -3.72 -15.12 9.32
H5A DPV M . -5.09 -16.23 8.80
H6 DPV M . -2.50 -17.22 12.11
H6A DPV M . -2.36 -15.62 11.24
H6B DPV M . -1.77 -17.19 10.47
H7 DPV M . -5.18 -18.61 10.07
H7A DPV M . -3.93 -18.96 11.29
H7B DPV M . -3.52 -18.84 9.54
H8 DPV M . -4.83 -16.89 12.39
H8A DPV M . -5.91 -16.68 10.98
H8B DPV M . -4.91 -15.36 11.53
H15 DPV M . -3.32 -23.19 2.38
H15A DPV M . -2.05 -21.99 2.13
H16 DPV M . -2.71 -23.49 0.12
H16A DPV M . -4.25 -22.63 0.04
H17 DPV M . -3.20 -20.45 -0.43
H17A DPV M . -1.59 -21.14 -0.14
H18 DPV M . -1.89 -22.72 -2.07
H18A DPV M . -3.45 -21.98 -2.45
H19 DPV M . -2.31 -19.83 -2.93
H19A DPV M . -0.78 -20.44 -2.42
H20 DPV M . -0.94 -22.21 -4.33
H20A DPV M . -2.39 -21.28 -4.84
H21 DPV M . -0.90 -19.19 -5.05
H21A DPV M . 0.46 -20.20 -4.59
H22 DPV M . -0.03 -21.63 -6.67
H22A DPV M . -1.15 -20.38 -7.19
H23 DPV M . 1.80 -19.85 -6.61
H23A DPV M . 0.64 -18.67 -7.21
H23B DPV M . 1.12 -20.03 -8.24
N DPV N . -10.67 -6.04 4.49
P DPV N . -7.22 -9.82 5.49
C1 DPV N . -4.71 -10.53 5.84
C2 DPV N . -3.23 -10.20 5.45
C3 DPV N . -2.73 -8.97 6.25
C4 DPV N . -8.96 -8.06 4.73
C5 DPV N . -9.14 -6.49 4.48
C6 DPV N . -10.68 -4.56 4.09
C7 DPV N . -11.30 -6.14 5.87
C8 DPV N . -11.53 -6.86 3.48
C15 DPV N . -1.22 -8.78 6.05
C16 DPV N . -0.61 -7.73 7.00
C17 DPV N . 0.80 -7.37 6.55
C18 DPV N . 1.43 -6.25 7.46
C19 DPV N . 2.89 -5.98 7.07
O1P DPV N . -7.56 -9.96 6.90
C20 DPV N . 3.59 -5.05 8.07
C21 DPV N . 5.13 -4.98 7.83
C22 DPV N . 5.79 -3.92 8.71
C23 DPV N . 7.31 -3.81 8.42
O2P DPV N . -7.76 -10.93 4.68
O3P DPV N . -5.66 -9.59 5.27
O4P DPV N . -7.58 -8.37 4.87
H1 DPV N . -4.99 -11.53 5.48
H1A DPV N . -4.83 -10.54 6.92
H2 DPV N . -2.64 -11.08 5.72
H2A DPV N . -3.15 -9.98 4.39
H3 DPV N . -2.90 -9.11 7.31
H3A DPV N . -3.28 -8.08 5.90
H4 DPV N . -9.53 -8.38 5.62
H4A DPV N . -9.34 -8.62 3.87
H5 DPV N . -8.61 -5.90 5.24
H5A DPV N . -8.70 -6.24 3.51
H6 DPV N . -10.34 -4.52 3.07
H6A DPV N . -10.02 -3.99 4.72
H6B DPV N . -11.69 -4.17 4.17
H7 DPV N . -11.38 -7.19 6.13
H7A DPV N . -12.28 -5.70 5.84
H7B DPV N . -10.66 -5.62 6.57
H8 DPV N . -11.13 -6.69 2.46
H8A DPV N . -12.57 -6.52 3.51
H8B DPV N . -11.48 -7.93 3.74
H15 DPV N . -1.00 -8.55 4.96
H15A DPV N . -0.70 -9.77 6.25
H16 DPV N . -1.22 -6.84 7.00
H16A DPV N . -0.60 -8.08 8.04
H17 DPV N . 1.43 -8.25 6.60
H17A DPV N . 0.77 -7.02 5.50
H18 DPV N . 0.86 -5.33 7.35
H18A DPV N . 1.35 -6.55 8.48
H19 DPV N . 3.40 -6.95 7.09
H19A DPV N . 2.96 -5.53 6.09
H20 DPV N . 3.19 -4.03 7.98
H20A DPV N . 3.39 -5.39 9.12
H21 DPV N . 5.59 -5.96 8.05
H21A DPV N . 5.23 -4.71 6.78
H22 DPV N . 5.35 -2.97 8.52
H22A DPV N . 5.63 -4.21 9.74
H23 DPV N . 7.47 -3.34 7.47
H23A DPV N . 7.77 -4.81 8.42
H23B DPV N . 7.79 -3.20 9.18
N DPV O . -10.60 -2.82 -3.42
P DPV O . -8.58 -4.85 0.35
C1 DPV O . -8.60 -7.43 0.85
C2 DPV O . -9.57 -8.62 0.76
C3 DPV O . -8.85 -9.97 1.08
C4 DPV O . -8.61 -3.88 -2.06
C5 DPV O . -10.09 -3.99 -2.49
C6 DPV O . -10.45 -1.46 -2.74
C7 DPV O . -12.13 -3.04 -3.60
C8 DPV O . -9.92 -2.83 -4.79
C15 DPV O . -9.82 -11.12 0.90
C16 DPV O . -9.09 -12.48 0.64
C17 DPV O . -10.07 -13.67 0.61
C18 DPV O . -9.32 -14.95 0.22
C19 DPV O . -10.27 -16.18 0.14
O1P DPV O . -7.37 -4.80 1.17
C20 DPV O . -9.58 -17.44 -0.53
C21 DPV O . -8.45 -18.06 0.32
C22 DPV O . -7.83 -19.28 -0.40
C23 DPV O . -6.68 -19.87 0.44
O2P DPV O . -9.53 -3.78 0.69
O3P DPV O . -9.29 -6.29 0.31
O4P DPV O . -8.28 -4.97 -1.22
H1 DPV O . -8.31 -7.24 1.85
H1A DPV O . -7.71 -7.61 0.25
H2 DPV O . -10.37 -8.52 1.48
H2A DPV O . -10.03 -8.59 -0.22
H3 DPV O . -8.44 -9.97 2.10
H3A DPV O . -8.00 -10.08 0.38
H4 DPV O . -7.96 -3.96 -2.96
H4A DPV O . -8.40 -2.93 -1.57
H5 DPV O . -10.25 -4.94 -3.01
H5A DPV O . -10.72 -3.99 -1.61
H6 DPV O . -9.40 -1.28 -2.58
H6A DPV O . -10.99 -1.53 -1.78
H6B DPV O . -10.87 -0.67 -3.37
H7 DPV O . -12.28 -4.06 -3.85
H7A DPV O . -12.47 -2.40 -4.40
H7B DPV O . -12.62 -2.79 -2.68
H8 DPV O . -10.05 -3.82 -5.23
H8A DPV O . -8.86 -2.60 -4.67
H8B DPV O . -10.39 -2.10 -5.44
H15 DPV O . -10.48 -10.87 0.07
H15A DPV O . -10.43 -11.19 1.80
H16 DPV O . -8.56 -12.41 -0.31
H16A DPV O . -8.32 -12.68 1.40
H17 DPV O . -10.52 -13.78 1.58
H17A DPV O . -10.86 -13.48 -0.09
H18 DPV O . -8.82 -14.78 -0.76
H18A DPV O . -8.51 -15.14 0.95
H19 DPV O . -10.61 -16.42 1.16
H19A DPV O . -11.20 -15.95 -0.43
H20 DPV O . -10.34 -18.25 -0.71
H20A DPV O . -9.19 -17.17 -1.52
H21 DPV O . -7.67 -17.29 0.49
H21A DPV O . -8.91 -18.37 1.31
H22 DPV O . -8.59 -20.04 -0.49
H22A DPV O . -7.47 -19.01 -1.38
H23 DPV O . -7.05 -20.14 1.43
H23A DPV O . -5.92 -19.16 0.59
H23B DPV O . -6.24 -20.73 -0.06
N DPV P . 20.48 3.54 -2.98
P DPV P . 15.90 3.57 -1.82
C1 DPV P . 13.63 2.76 -0.81
C2 DPV P . 12.98 2.57 0.55
C3 DPV P . 13.16 1.17 1.12
C4 DPV P . 18.19 2.42 -2.31
C5 DPV P . 19.32 3.45 -1.96
C6 DPV P . 20.03 4.29 -4.25
C7 DPV P . 21.07 2.14 -3.36
C8 DPV P . 21.61 4.37 -2.35
C15 DPV P . 12.57 0.99 2.52
C16 DPV P . 12.93 -0.36 3.19
C17 DPV P . 14.31 -0.39 3.88
C18 DPV P . 14.48 -1.62 4.85
C19 DPV P . 15.78 -1.59 5.63
O1P DPV P . 16.20 5.02 -1.63
C20 DPV P . 15.72 -2.33 6.99
C21 DPV P . 15.88 -3.88 6.88
C22 DPV P . 16.00 -4.53 8.29
C23 DPV P . 16.42 -6.02 8.22
O2P DPV P . 15.37 3.28 -3.17
O3P DPV P . 15.07 2.91 -0.62
O4P DPV P . 17.07 2.62 -1.39
H1 DPV P . 13.46 1.93 -1.44
H1A DPV P . 13.24 3.64 -1.28
H2 DPV P . 13.42 3.30 1.25
H2A DPV P . 11.93 2.82 0.52
H3 DPV P . 14.23 0.87 1.11
H3A DPV P . 12.66 0.43 0.47
H4 DPV P . 17.81 2.60 -3.30
H4A DPV P . 18.58 1.45 -2.24
H5 DPV P . 18.89 4.48 -1.87
H5A DPV P . 19.79 3.13 -1.01
H6 DPV P . 20.93 4.43 -4.86
H6A DPV P . 19.58 5.22 -3.96
H6B DPV P . 19.30 3.64 -4.73
H7 DPV P . 21.39 1.66 -2.41
H7A DPV P . 21.96 2.27 -3.98
H7B DPV P . 20.30 1.57 -3.89
H8 DPV P . 21.94 3.87 -1.42
H8A DPV P . 21.23 5.38 -2.13
H8B DPV P . 22.42 4.45 -3.07
H15 DPV P . 11.49 1.15 2.47
H15A DPV P . 12.94 1.77 3.17
H16 DPV P . 12.14 -0.49 3.93
H16A DPV P . 12.87 -1.19 2.48
H17 DPV P . 15.01 -0.45 3.11
H17A DPV P . 14.41 0.50 4.41
H18 DPV P . 13.61 -1.62 5.54
H18A DPV P . 14.38 -2.56 4.26
H19 DPV P . 16.60 -1.95 5.03
H19A DPV P . 16.02 -0.54 5.82
H20 DPV P . 16.53 -1.90 7.62
H20A DPV P . 14.74 -2.12 7.49
H21 DPV P . 15.00 -4.26 6.32
H21A DPV P . 16.80 -4.14 6.31
H22 DPV P . 16.72 -4.00 8.91
H22A DPV P . 15.03 -4.47 8.75
H23 DPV P . 16.39 -6.44 9.22
H23A DPV P . 17.43 -6.11 7.84
H23B DPV P . 15.72 -6.56 7.60
N DPV Q . 8.79 6.77 -10.18
P DPV Q . 10.58 4.15 -6.18
C1 DPV Q . 9.80 2.39 -4.38
C2 DPV Q . 10.95 1.36 -4.25
C3 DPV Q . 10.81 0.44 -3.03
C4 DPV Q . 9.05 5.02 -8.19
C5 DPV Q . 9.38 5.38 -9.67
C6 DPV Q . 9.46 8.00 -9.48
C7 DPV Q . 7.26 6.86 -10.04
C8 DPV Q . 9.11 6.88 -11.66
C15 DPV Q . 11.94 -0.66 -3.00
C16 DPV Q . 11.79 -1.58 -1.78
C17 DPV Q . 13.03 -2.53 -1.65
C18 DPV Q . 13.11 -3.18 -0.27
C19 DPV Q . 14.37 -4.10 -0.20
O1P DPV Q . 12.03 3.92 -6.08
C20 DPV Q . 14.83 -4.47 1.23
C21 DPV Q . 16.03 -5.49 1.21
C22 DPV Q . 17.40 -4.93 0.68
C23 DPV Q . 18.36 -6.10 0.29
O2P DPV Q . 10.17 5.43 -5.48
O3P DPV Q . 9.69 2.89 -5.74
O4P DPV Q . 10.03 4.07 -7.68
H1 DPV Q . 8.85 1.95 -4.13
H1A DPV Q . 10.00 3.25 -3.71
H2 DPV Q . 11.00 0.76 -5.18
H2A DPV Q . 11.93 1.86 -4.15
H3 DPV Q . 9.81 0.01 -2.94
H3A DPV Q . 10.95 1.07 -2.16
H4 DPV Q . 9.08 5.93 -7.60
H4A DPV Q . 8.06 4.59 -8.13
H5 DPV Q . 10.46 5.42 -9.81
H5A DPV Q . 8.96 4.58 -10.32
H6 DPV Q . 9.24 7.93 -8.42
H6A DPV Q . 9.04 8.92 -9.90
H6B DPV Q . 10.53 7.96 -9.70
H7 DPV Q . 6.83 5.94 -10.39
H7A DPV Q . 6.92 7.72 -10.60
H7B DPV Q . 7.04 6.99 -8.98
H8 DPV Q . 8.55 6.09 -12.18
H8A DPV Q . 10.20 6.75 -11.80
H8B DPV Q . 8.79 7.85 -12.04
H15 DPV Q . 12.92 -0.20 -3.02
H15A DPV Q . 11.82 -1.30 -3.89
H16 DPV Q . 11.71 -0.94 -0.86
H16A DPV Q . 10.86 -2.19 -1.85
H17 DPV Q . 12.97 -3.31 -2.41
H17A DPV Q . 13.96 -1.99 -1.79
H18 DPV Q . 13.17 -2.39 0.51
H18A DPV Q . 12.19 -3.78 -0.06
H19 DPV Q . 14.14 -5.03 -0.75
H19A DPV Q . 15.22 -3.60 -0.68
H20 DPV Q . 15.11 -3.57 1.80
H20A DPV Q . 14.00 -4.93 1.75
H21 DPV Q . 16.17 -5.87 2.22
H21A DPV Q . 15.70 -6.31 0.59
H22 DPV Q . 17.25 -4.33 -0.25
H22A DPV Q . 17.87 -4.26 1.44
H23 DPV Q . 17.93 -6.77 -0.47
H23A DPV Q . 18.63 -6.69 1.16
H23B DPV Q . 19.28 -5.68 -0.12
N DPV R . 6.14 2.44 -18.24
P DPV R . 2.49 2.17 -15.44
C1 DPV R . 3.02 3.52 -13.25
C2 DPV R . 3.32 3.21 -11.75
C3 DPV R . 3.62 4.50 -10.96
C4 DPV R . 4.20 3.62 -16.82
C5 DPV R . 5.70 3.60 -17.28
C6 DPV R . 6.00 1.08 -17.55
C7 DPV R . 7.61 2.65 -18.64
C8 DPV R . 5.35 2.43 -19.53
C15 DPV R . 3.83 4.26 -9.43
C16 DPV R . 5.27 3.77 -9.01
C17 DPV R . 5.37 2.26 -8.78
C18 DPV R . 6.75 1.88 -8.17
C19 DPV R . 6.90 0.35 -8.03
O1P DPV R . 1.47 3.13 -15.82
C20 DPV R . 8.02 0.02 -7.05
C21 DPV R . 8.26 -1.51 -6.92
C22 DPV R . 9.27 -1.85 -5.81
C23 DPV R . 9.54 -3.37 -5.68
O2P DPV R . 2.15 0.80 -15.88
O3P DPV R . 2.86 2.22 -13.89
O4P DPV R . 3.99 2.58 -15.84
H1 DPV R . 2.08 4.11 -13.36
H1A DPV R . 3.86 4.06 -13.69
H2 DPV R . 2.49 2.68 -11.30
H2A DPV R . 4.17 2.54 -11.70
H3 DPV R . 2.75 5.14 -11.06
H3A DPV R . 4.48 5.03 -11.40
H4 DPV R . 3.94 4.59 -16.36
H4A DPV R . 3.53 3.46 -17.70
H5 DPV R . 5.91 4.54 -17.78
H5A DPV R . 6.35 3.60 -16.39
H6 DPV R . 4.94 0.87 -17.41
H6A DPV R . 6.57 1.09 -16.62
H6B DPV R . 6.41 0.31 -18.18
H7 DPV R . 7.70 3.64 -19.05
H7A DPV R . 7.90 1.92 -19.40
H7B DPV R . 8.25 2.54 -17.76
H8 DPV R . 5.74 1.68 -20.23
H8A DPV R . 5.43 3.40 -20.01
H8B DPV R . 4.31 2.25 -19.31
H15 DPV R . 3.05 3.61 -9.04
H15A DPV R . 3.69 5.19 -8.93
H16 DPV R . 5.98 4.07 -9.76
H16A DPV R . 5.49 4.30 -8.09
H17 DPV R . 4.54 1.97 -8.10
H17A DPV R . 5.21 1.73 -9.75
H18 DPV R . 7.60 2.30 -8.76
H18A DPV R . 6.81 2.36 -7.17
H19 DPV R . 5.97 -0.11 -7.70
H19A DPV R . 7.12 -0.08 -9.01
H20 DPV R . 8.98 0.52 -7.37
H20A DPV R . 7.74 0.47 -6.04
H21 DPV R . 7.32 -2.06 -6.75
H21A DPV R . 8.66 -1.84 -7.90
H22 DPV R . 10.26 -1.34 -6.03
H22A DPV R . 8.88 -1.41 -4.82
H23 DPV R . 9.92 -3.77 -6.62
H23A DPV R . 8.59 -3.87 -5.48
H23B DPV R . 10.25 -3.58 -4.87
N DPV S . 25.70 -0.58 -15.51
P DPV S . 21.35 -1.74 -18.14
C1 DPV S . 19.17 -0.58 -17.45
C2 DPV S . 18.35 -1.29 -16.32
C3 DPV S . 18.43 -0.45 -15.00
C4 DPV S . 23.63 -1.19 -17.03
C5 DPV S . 24.43 -1.47 -15.73
C6 DPV S . 26.63 -0.60 -16.75
C7 DPV S . 26.47 -1.14 -14.34
C8 DPV S . 25.28 0.90 -15.25
C15 DPV S . 17.89 -1.19 -13.75
C16 DPV S . 18.90 -2.22 -13.10
C17 DPV S . 18.29 -2.85 -11.86
C18 DPV S . 19.28 -3.84 -11.14
C19 DPV S . 18.55 -5.13 -10.78
O1P DPV S . 21.92 -1.08 -19.35
C20 DPV S . 19.46 -6.16 -10.02
C21 DPV S . 18.61 -7.41 -9.83
C22 DPV S . 19.43 -8.61 -9.12
C23 DPV S . 18.62 -9.90 -9.25
O2P DPV S . 20.60 -2.96 -18.47
O3P DPV S . 20.57 -0.77 -17.21
O4P DPV S . 22.42 -1.94 -16.97
H1 DPV S . 18.88 -0.96 -18.42
H1A DPV S . 18.96 0.47 -17.46
H2 DPV S . 17.31 -1.33 -16.64
H2A DPV S . 18.70 -2.30 -16.21
H3 DPV S . 17.84 0.45 -15.14
H3A DPV S . 19.45 -0.14 -14.78
H4 DPV S . 23.35 -0.15 -17.11
H4A DPV S . 24.19 -1.49 -17.91
H5 DPV S . 23.77 -1.30 -14.86
H5A DPV S . 24.72 -2.54 -15.71
H6 DPV S . 26.12 -0.07 -17.56
H6A DPV S . 26.80 -1.62 -17.05
H6B DPV S . 27.55 -0.07 -16.49
H7 DPV S . 25.81 -1.15 -13.49
H7A DPV S . 27.29 -0.47 -14.12
H7B DPV S . 26.77 -2.16 -14.58
H8 DPV S . 24.54 0.94 -14.46
H8A DPV S . 24.83 1.29 -16.17
H8B DPV S . 26.15 1.48 -14.99
H15 DPV S . 16.94 -1.69 -13.98
H15A DPV S . 17.69 -0.41 -12.99
H16 DPV S . 19.12 -3.03 -13.82
H16A DPV S . 19.84 -1.73 -12.87
H17 DPV S . 17.98 -2.07 -11.16
H17A DPV S . 17.41 -3.39 -12.18
H18 DPV S . 20.14 -4.09 -11.75
H18A DPV S . 19.62 -3.35 -10.24
H19 DPV S . 17.67 -4.87 -10.19
H19A DPV S . 18.20 -5.60 -11.71
H20 DPV S . 20.34 -6.36 -10.59
H20A DPV S . 19.81 -5.79 -9.08
H21 DPV S . 17.74 -7.14 -9.21
H21A DPV S . 18.28 -7.76 -10.82
H22 DPV S . 20.37 -8.72 -9.61
H22A DPV S . 19.68 -8.42 -8.08
H23 DPV S . 17.64 -9.79 -8.73
H23A DPV S . 19.15 -10.72 -8.77
H23B DPV S . 18.46 -10.16 -10.29
N DPV T . 27.53 -5.67 -11.84
P DPV T . 28.58 -10.15 -13.47
C1 DPV T . 26.42 -11.54 -12.96
C2 DPV T . 25.34 -12.37 -13.70
C3 DPV T . 24.09 -11.54 -14.03
C4 DPV T . 28.94 -7.69 -12.80
C5 DPV T . 28.35 -6.28 -13.04
C6 DPV T . 27.12 -4.25 -12.27
C7 DPV T . 28.39 -5.52 -10.58
C8 DPV T . 26.26 -6.50 -11.49
C15 DPV T . 22.90 -12.45 -14.42
C16 DPV T . 21.61 -11.62 -14.65
C17 DPV T . 20.37 -12.45 -15.06
C18 DPV T . 19.63 -13.03 -13.82
C19 DPV T . 18.33 -13.80 -14.24
O1P DPV T . 29.48 -10.17 -14.61
C20 DPV T . 17.40 -14.20 -13.05
C21 DPV T . 16.53 -13.04 -12.49
C22 DPV T . 15.81 -13.53 -11.22
C23 DPV T . 14.86 -12.45 -10.66
O2P DPV T . 29.15 -10.79 -12.27
O3P DPV T . 27.10 -10.64 -13.84
O4P DPV T . 27.98 -8.72 -13.15
H1 DPV T . 25.96 -10.98 -12.14
H1A DPV T . 27.14 -12.27 -12.55
H2 DPV T . 25.78 -12.72 -14.60
H2A DPV T . 25.05 -13.22 -13.13
H3 DPV T . 24.29 -10.82 -14.83
H3A DPV T . 23.85 -10.96 -13.12
H4 DPV T . 29.80 -7.81 -13.44
H4A DPV T . 29.23 -7.79 -11.78
H5 DPV T . 29.19 -5.59 -13.25
H5A DPV T . 27.68 -6.26 -13.93
H6 DPV T . 26.49 -4.33 -13.17
H6A DPV T . 28.03 -3.66 -12.49
H6B DPV T . 26.55 -3.79 -11.45
H7 DPV T . 28.79 -6.51 -10.28
H7A DPV T . 27.74 -5.16 -9.75
H7B DPV T . 29.25 -4.87 -10.79
H8 DPV T . 26.55 -7.49 -11.16
H8A DPV T . 25.65 -6.58 -12.41
H8B DPV T . 25.71 -6.01 -10.69
H15 DPV T . 22.73 -13.18 -13.64
H15A DPV T . 23.17 -12.96 -15.32
H16 DPV T . 21.35 -11.10 -13.72
H16A DPV T . 21.86 -10.85 -15.41
H17 DPV T . 19.70 -11.79 -15.60
H17A DPV T . 20.66 -13.22 -15.78
H18 DPV T . 20.34 -13.71 -13.29
H18A DPV T . 19.36 -12.25 -13.10
H19 DPV T . 17.76 -13.18 -14.98
H19A DPV T . 18.63 -14.73 -14.80
H20 DPV T . 16.72 -15.00 -13.41
H20A DPV T . 18.04 -14.62 -12.28
H21 DPV T . 17.12 -12.15 -12.19
H21A DPV T . 15.80 -12.75 -13.24
H22 DPV T . 15.25 -14.45 -11.46
H22A DPV T . 16.57 -13.81 -10.45
H23 DPV T . 15.40 -11.55 -10.40
H23A DPV T . 14.39 -12.84 -9.80
H23B DPV T . 14.09 -12.20 -11.36
N DPV U . 15.08 -29.57 -21.96
P DPV U . 10.37 -31.33 -20.29
C1 DPV U . 10.85 -33.53 -18.90
C2 DPV U . 11.70 -34.84 -18.95
C3 DPV U . 13.11 -34.66 -18.32
C4 DPV U . 12.80 -30.46 -20.95
C5 DPV U . 13.69 -30.26 -22.21
C6 DPV U . 15.78 -29.48 -23.32
C7 DPV U . 15.98 -30.45 -21.09
C8 DPV U . 14.92 -28.17 -21.34
C15 DPV U . 14.10 -33.84 -19.25
C16 DPV U . 15.23 -33.11 -18.50
C17 DPV U . 14.71 -31.92 -17.66
C18 DPV U . 15.90 -31.13 -17.03
C19 DPV U . 15.39 -30.06 -16.09
O1P DPV U . 10.50 -30.51 -19.05
C20 DPV U . 16.57 -29.28 -15.50
C21 DPV U . 16.13 -28.21 -14.49
C22 DPV U . 17.34 -27.40 -14.02
C23 DPV U . 17.00 -26.34 -12.99
O2P DPV U . 8.99 -31.33 -20.81
O3P DPV U . 10.99 -32.83 -20.16
O4P DPV U . 11.50 -30.98 -21.41
H1 DPV U . 9.77 -33.76 -18.72
H1A DPV U . 11.21 -32.87 -18.10
H2 DPV U . 11.16 -35.59 -18.38
H2A DPV U . 11.83 -35.19 -19.99
H3 DPV U . 13.55 -35.65 -18.11
H3A DPV U . 13.00 -34.19 -17.36
H4 DPV U . 13.24 -31.18 -20.29
H4A DPV U . 12.66 -29.53 -20.43
H5 DPV U . 13.91 -31.26 -22.66
H5A DPV U . 13.18 -29.63 -22.99
H6 DPV U . 15.19 -28.83 -23.96
H6A DPV U . 15.85 -30.50 -23.74
H6B DPV U . 16.76 -29.01 -23.19
H7 DPV U . 16.11 -31.43 -21.63
H7A DPV U . 15.49 -30.59 -20.10
H7B DPV U . 16.95 -29.92 -20.96
H8 DPV U . 14.46 -28.28 -20.37
H8A DPV U . 14.25 -27.58 -21.96
H8B DPV U . 15.90 -27.71 -21.24
H15 DPV U . 13.54 -33.08 -19.80
H15A DPV U . 14.59 -34.56 -19.96
H16 DPV U . 15.79 -33.81 -17.89
H16A DPV U . 15.92 -32.69 -19.23
H17 DPV U . 14.12 -31.24 -18.29
H17A DPV U . 14.02 -32.28 -16.87
H18 DPV U . 16.58 -31.80 -16.49
H18A DPV U . 16.45 -30.62 -17.82
H19 DPV U . 14.69 -29.38 -16.63
H19A DPV U . 14.89 -30.57 -15.29
H20 DPV U . 17.25 -29.98 -15.05
H20A DPV U . 17.11 -28.79 -16.30
H21 DPV U . 15.40 -27.53 -14.95
H21A DPV U . 15.64 -28.65 -13.63
H22 DPV U . 18.09 -28.11 -13.62
H22A DPV U . 17.84 -26.90 -14.86
H23 DPV U . 16.32 -25.59 -13.43
H23A DPV U . 17.89 -25.83 -12.66
H23B DPV U . 16.56 -26.79 -12.10
N DPV V . 23.76 -20.23 -18.03
P DPV V . 19.40 -20.04 -19.74
C1 DPV V . 17.42 -19.23 -18.27
C2 DPV V . 16.89 -19.28 -16.83
C3 DPV V . 15.38 -18.92 -16.77
C4 DPV V . 21.90 -20.76 -19.84
C5 DPV V . 23.09 -21.27 -18.97
C6 DPV V . 22.88 -19.95 -16.76
C7 DPV V . 24.10 -18.92 -18.78
C8 DPV V . 25.10 -20.79 -17.52
C15 DPV V . 14.70 -19.26 -15.42
C16 DPV V . 15.10 -18.30 -14.25
C17 DPV V . 14.17 -18.50 -13.04
C18 DPV V . 14.44 -17.48 -11.88
C19 DPV V . 13.26 -17.44 -10.88
O1P DPV V . 19.51 -18.80 -20.52
C20 DPV V . 13.56 -16.41 -9.73
C21 DPV V . 12.45 -16.29 -8.65
C22 DPV V . 12.61 -15.00 -7.77
C23 DPV V . 11.40 -14.79 -6.80
O2P DPV V . 18.77 -21.13 -20.49
O3P DPV V . 18.73 -19.80 -18.32
O4P DPV V . 20.76 -20.44 -19.01
H1 DPV V . 16.75 -19.81 -18.92
H1A DPV V . 17.46 -18.17 -18.64
H2 DPV V . 17.03 -20.29 -16.42
H2A DPV V . 17.43 -18.58 -16.14
H3 DPV V . 14.89 -19.49 -17.52
H3A DPV V . 15.25 -17.87 -16.98
H4 DPV V . 22.20 -19.87 -20.41
H4A DPV V . 21.60 -21.54 -20.55
H5 DPV V . 22.81 -22.15 -18.37
H5A DPV V . 23.85 -21.62 -19.66
H6 DPV V . 21.92 -19.55 -17.07
H6A DPV V . 23.41 -19.25 -16.12
H6B DPV V . 22.78 -20.90 -16.21
H7 DPV V . 24.76 -19.15 -19.60
H7A DPV V . 24.56 -18.23 -18.09
H7B DPV V . 23.19 -18.50 -19.20
H8 DPV V . 25.76 -20.96 -18.40
H8A DPV V . 24.95 -21.74 -16.97
H8B DPV V . 25.59 -20.04 -16.87
H15 DPV V . 14.99 -20.30 -15.17
H15A DPV V . 13.61 -19.20 -15.53
H16 DPV V . 16.16 -18.48 -13.96
H16A DPV V . 15.06 -17.23 -14.58
H17 DPV V . 13.14 -18.40 -13.39
H17A DPV V . 14.34 -19.50 -12.69
H18 DPV V . 15.36 -17.76 -11.38
H18A DPV V . 14.56 -16.46 -12.30
H19 DPV V . 12.35 -17.19 -11.40
H19A DPV V . 13.10 -18.44 -10.46
H20 DPV V . 14.55 -16.65 -9.24
H20A DPV V . 13.70 -15.43 -10.19
H21 DPV V . 11.49 -16.24 -9.14
H21A DPV V . 12.44 -17.18 -8.03
H22 DPV V . 13.54 -15.04 -7.21
H22A DPV V . 12.68 -14.11 -8.40
H23 DPV V . 11.37 -13.76 -6.42
H23A DPV V . 11.50 -15.47 -5.95
H23B DPV V . 10.45 -15.00 -7.31
N DPV W . 10.06 -27.47 -23.37
P DPV W . 12.21 -26.40 -18.94
C1 DPV W . 12.04 -25.68 -16.45
C2 DPV W . 11.09 -25.00 -15.43
C3 DPV W . 11.85 -24.66 -14.11
C4 DPV W . 10.83 -27.46 -20.84
C5 DPV W . 9.93 -26.82 -21.96
C6 DPV W . 9.54 -28.93 -23.39
C7 DPV W . 11.48 -27.41 -23.94
C8 DPV W . 9.12 -26.72 -24.31
C15 DPV W . 10.94 -23.93 -13.07
C16 DPV W . 11.73 -23.60 -11.78
C17 DPV W . 10.96 -22.57 -10.89
C18 DPV W . 11.59 -22.47 -9.46
C19 DPV W . 10.93 -21.35 -8.63
O1P DPV W . 12.86 -27.70 -18.60
C20 DPV W . 11.41 -21.38 -7.18
C21 DPV W . 10.70 -20.26 -6.33
C22 DPV W . 11.04 -20.34 -4.83
C23 DPV W . 10.43 -19.16 -4.04
O2P DPV W . 13.17 -25.44 -19.57
O3P DPV W . 11.40 -25.77 -17.74
O4P DPV W . 10.87 -26.56 -19.75
H1 DPV W . 12.95 -25.09 -16.53
H1A DPV W . 12.29 -26.69 -16.08
H2 DPV W . 10.67 -24.08 -15.82
H2A DPV W . 10.27 -25.69 -15.15
H3 DPV W . 12.69 -24.03 -14.36
H3A DPV W . 12.21 -25.56 -13.65
H4 DPV W . 10.40 -28.39 -20.49
H4A DPV W . 11.84 -27.58 -21.18
H5 DPV W . 8.88 -26.91 -21.66
H5A DPV W . 10.16 -25.75 -22.06
H6 DPV W . 8.56 -28.97 -22.93
H6A DPV W . 10.22 -29.53 -22.80
H6B DPV W . 9.50 -29.26 -24.43
H7 DPV W . 11.75 -26.34 -23.99
H7A DPV W . 11.49 -27.86 -24.92
H7B DPV W . 12.17 -27.92 -23.29
H8 DPV W . 9.19 -27.11 -25.31
H8A DPV W . 9.37 -25.68 -24.30
H8B DPV W . 8.10 -26.84 -23.97
H15 DPV W . 10.08 -24.57 -12.86
H15A DPV W . 10.60 -22.96 -13.50
H16 DPV W . 11.96 -24.51 -11.23
H16A DPV W . 12.69 -23.16 -12.09
H17 DPV W . 10.99 -21.59 -11.41
H17A DPV W . 9.90 -22.87 -10.86
H18 DPV W . 11.51 -23.43 -8.97
H18A DPV W . 12.65 -22.26 -9.61
H19 DPV W . 11.13 -20.39 -9.10
H19A DPV W . 9.85 -21.54 -8.63
H20 DPV W . 11.14 -22.38 -6.74
H20A DPV W . 12.51 -21.25 -7.10
H21 DPV W . 10.94 -19.28 -6.74
H21A DPV W . 9.66 -20.37 -6.42
H22 DPV W . 10.66 -21.30 -4.43
H22A DPV W . 12.14 -20.33 -4.70
H23 DPV W . 10.61 -19.26 -2.98
H23A DPV W . 9.33 -19.12 -4.14
H23B DPV W . 10.84 -18.20 -4.40
N DPV X . -1.81 -25.34 -20.39
P DPV X . 2.67 -26.93 -21.49
C1 DPV X . 3.71 -28.11 -19.36
C2 DPV X . 3.30 -29.07 -18.19
C3 DPV X . 1.98 -28.67 -17.44
C4 DPV X . 0.67 -26.16 -19.93
C5 DPV X . -0.41 -25.71 -21.00
C6 DPV X . -1.71 -24.08 -19.52
C7 DPV X . -2.37 -26.48 -19.55
C8 DPV X . -2.72 -25.04 -21.56
C15 DPV X . 1.75 -29.48 -16.10
C16 DPV X . 2.50 -28.89 -14.85
C17 DPV X . 1.67 -27.83 -14.07
C18 DPV X . 2.40 -27.28 -12.77
C19 DPV X . 2.52 -28.29 -11.60
O1P DPV X . 1.83 -27.24 -22.66
C20 DPV X . 3.26 -27.66 -10.40
C21 DPV X . 3.43 -28.69 -9.24
C22 DPV X . 4.09 -28.15 -7.94
C23 DPV X . 5.62 -27.86 -8.12
O2P DPV X . 4.01 -26.45 -21.92
O3P DPV X . 2.74 -28.17 -20.44
O4P DPV X . 1.96 -25.92 -20.46
H1 DPV X . 3.77 -27.09 -19.00
H1A DPV X . 4.68 -28.42 -19.74
H2 DPV X . 3.21 -30.10 -18.57
H2A DPV X . 4.13 -29.09 -17.49
H3 DPV X . 1.10 -28.83 -18.11
H3A DPV X . 1.99 -27.58 -17.18
H4 DPV X . 0.53 -25.59 -19.02
H4A DPV X . 0.58 -27.21 -19.70
H5 DPV X . -0.07 -24.83 -21.53
H5A DPV X . -0.52 -26.50 -21.72
H6 DPV X . -1.23 -23.29 -20.11
H6A DPV X . -1.11 -24.26 -18.63
H6B DPV X . -2.72 -23.79 -19.19
H7 DPV X . -1.74 -26.61 -18.67
H7A DPV X . -2.37 -27.39 -20.15
H7B DPV X . -3.41 -26.27 -19.26
H8 DPV X . -2.83 -25.94 -22.17
H8A DPV X . -2.28 -24.29 -22.20
H8B DPV X . -3.69 -24.71 -21.18
H15 DPV X . 2.09 -30.49 -16.26
H15A DPV X . 0.69 -29.47 -15.87
H16 DPV X . 2.69 -29.74 -14.17
H16A DPV X . 3.48 -28.49 -15.16
H17 DPV X . 1.54 -26.98 -14.78
H17A DPV X . 0.67 -28.22 -13.81
H18 DPV X . 3.39 -26.96 -13.10
H18A DPV X . 1.93 -26.38 -12.36
H19 DPV X . 1.52 -28.54 -11.27
H19A DPV X . 3.06 -29.19 -11.92
H20 DPV X . 4.27 -27.28 -10.70
H20A DPV X . 2.69 -26.80 -10.02
H21 DPV X . 2.44 -29.06 -8.95
H21A DPV X . 4.05 -29.53 -9.57
H22 DPV X . 3.59 -27.26 -7.64
H22A DPV X . 3.97 -28.90 -7.16
H23 DPV X . 6.07 -27.68 -7.13
H23A DPV X . 5.77 -26.96 -8.73
H23B DPV X . 6.10 -28.71 -8.64
N DPV Y . -7.35 -25.41 -11.07
P DPV Y . -10.74 -22.25 -9.78
C1 DPV Y . -9.95 -20.56 -11.60
C2 DPV Y . -9.89 -20.39 -13.12
C3 DPV Y . -8.88 -21.42 -13.79
C4 DPV Y . -9.69 -24.71 -9.99
C5 DPV Y . -8.57 -24.38 -11.06
C6 DPV Y . -7.79 -26.79 -11.52
C7 DPV Y . -6.61 -25.49 -9.73
C8 DPV Y . -6.36 -24.88 -12.11
C15 DPV Y . -7.40 -21.11 -13.45
C16 DPV Y . -6.40 -21.66 -14.53
C17 DPV Y . -4.91 -21.21 -14.35
C18 DPV Y . -4.08 -22.15 -13.43
C19 DPV Y . -2.57 -21.78 -13.46
O1P DPV Y . -12.03 -21.71 -9.29
C20 DPV Y . -2.24 -20.69 -12.39
C21 DPV Y . -0.70 -20.41 -12.31
C22 DPV Y . -0.35 -19.47 -11.13
C23 DPV Y . 1.17 -19.12 -11.13
O2P DPV Y . -9.64 -21.90 -8.88
O3P DPV Y . -10.48 -21.88 -11.30
O4P DPV Y . -10.81 -23.82 -10.17
H1 DPV Y . -8.96 -20.46 -11.17
H1A DPV Y . -10.63 -19.84 -11.15
H2 DPV Y . -10.89 -20.50 -13.54
H2A DPV Y . -9.57 -19.37 -13.36
H3 DPV Y . -8.98 -21.31 -14.87
H3A DPV Y . -9.16 -22.46 -13.57
H4 DPV Y . -10.04 -25.75 -10.07
H4A DPV Y . -9.29 -24.58 -8.98
H5 DPV Y . -9.04 -24.45 -12.06
H5A DPV Y . -8.19 -23.36 -10.91
H6 DPV Y . -8.36 -26.69 -12.45
H6A DPV Y . -8.46 -27.22 -10.76
H6B DPV Y . -6.90 -27.41 -11.70
H7 DPV Y . -5.74 -26.14 -9.84
H7A DPV Y . -7.31 -25.90 -9.00
H7B DPV Y . -6.29 -24.46 -9.49
H8 DPV Y . -6.04 -23.88 -11.83
H8A DPV Y . -6.88 -24.87 -13.08
H8B DPV Y . -5.47 -25.51 -12.16
H15 DPV Y . -7.20 -21.57 -12.50
H15A DPV Y . -7.28 -20.03 -13.35
H16 DPV Y . -6.47 -22.75 -14.63
H16A DPV Y . -6.74 -21.26 -15.49
H17 DPV Y . -4.44 -21.20 -15.37
H17A DPV Y . -4.86 -20.14 -13.98
H18 DPV Y . -4.48 -22.10 -12.39
H18A DPV Y . -4.17 -23.20 -13.81
H19 DPV Y . -2.00 -22.69 -13.23
H19A DPV Y . -2.28 -21.44 -14.46
H20 DPV Y . -2.79 -19.75 -12.66
H20A DPV Y . -2.63 -21.03 -11.42
H21 DPV Y . -0.15 -21.34 -12.18
H21A DPV Y . -0.38 -19.93 -13.24
H22 DPV Y . -0.93 -18.55 -11.27
H22A DPV Y . -0.59 -19.90 -10.13
H23 DPV Y . 1.43 -18.51 -10.26
H23A DPV Y . 1.42 -18.53 -12.03
H23B DPV Y . 1.79 -20.02 -11.11
N DPV Z . -13.23 -7.37 -7.30
P DPV Z . -12.00 -9.52 -3.39
C1 DPV Z . -14.61 -9.65 -3.11
C2 DPV Z . -15.87 -10.26 -3.80
C3 DPV Z . -15.58 -11.58 -4.60
C4 DPV Z . -11.54 -7.76 -5.29
C5 DPV Z . -11.79 -7.74 -6.84
C6 DPV Z . -13.66 -5.97 -6.83
C7 DPV Z . -14.25 -8.43 -6.81
C8 DPV Z . -13.25 -7.38 -8.83
C15 DPV Z . -15.22 -12.78 -3.68
C16 DPV Z . -14.76 -14.00 -4.53
C17 DPV Z . -14.14 -15.17 -3.66
C18 DPV Z . -12.75 -14.87 -3.02
C19 DPV Z . -11.59 -14.63 -4.06
O1P DPV Z . -11.46 -10.81 -2.90
C20 DPV Z . -10.21 -14.40 -3.37
C21 DPV Z . -9.05 -14.17 -4.40
C22 DPV Z . -7.73 -13.91 -3.69
C23 DPV Z . -7.04 -15.22 -3.27
O2P DPV Z . -11.85 -8.44 -2.39
O3P DPV Z . -13.45 -9.64 -4.00
O4P DPV Z . -11.48 -9.13 -4.85
H1 DPV Z . -14.78 -8.61 -2.77
H1A DPV Z . -14.38 -10.25 -2.24
H2 DPV Z . -16.62 -10.48 -3.04
H2A DPV Z . -16.32 -9.49 -4.46
H3 DPV Z . -14.80 -11.37 -5.38
H3A DPV Z . -16.46 -11.86 -5.21
H4 DPV Z . -10.57 -7.31 -5.09
H4A DPV Z . -12.29 -7.24 -4.76
H5 DPV Z . -11.13 -6.96 -7.29
H5A DPV Z . -11.54 -8.73 -7.27
H6 DPV Z . -12.92 -5.23 -7.20
H6A DPV Z . -13.67 -5.99 -5.73
H6B DPV Z . -14.67 -5.77 -7.18
H7 DPV Z . -13.94 -9.41 -7.15
H7A DPV Z . -15.21 -8.19 -7.27
H7B DPV Z . -14.32 -8.42 -5.73
H8 DPV Z . -14.29 -7.20 -9.13
H8A DPV Z . -12.90 -8.35 -9.20
H8B DPV Z . -12.59 -6.58 -9.17
H15 DPV Z . -16.09 -13.08 -3.08
H15A DPV Z . -14.42 -12.48 -2.97
H16 DPV Z . -15.65 -14.42 -5.09
H16A DPV Z . -14.03 -13.64 -5.28
H17 DPV Z . -14.86 -15.42 -2.86
H17A DPV Z . -14.05 -16.04 -4.32
H18 DPV Z . -12.84 -13.98 -2.35
H18A DPV Z . -12.48 -15.73 -2.33
H19 DPV Z . -11.53 -15.49 -4.70
H19A DPV Z . -11.79 -13.79 -4.68
H20 DPV Z . -10.27 -13.54 -2.74
H20A DPV Z . -9.98 -15.28 -2.79
H21 DPV Z . -8.94 -15.05 -5.08
H21A DPV Z . -9.25 -13.28 -5.02
H22 DPV Z . -7.08 -13.33 -4.33
H22A DPV Z . -7.88 -13.27 -2.81
H23 DPV Z . -7.58 -15.79 -2.52
H23A DPV Z . -6.04 -14.94 -2.87
H23B DPV Z . -6.86 -15.89 -4.09
N DPV AA . -6.19 -28.37 -3.15
P DPV AA . -6.27 -24.17 -3.08
C1 DPV AA . -6.80 -21.60 -3.17
C2 DPV AA . -7.20 -20.54 -4.20
C3 DPV AA . -5.98 -19.83 -4.89
C4 DPV AA . -5.43 -26.22 -4.55
C5 DPV AA . -6.55 -27.29 -4.22
C6 DPV AA . -5.87 -27.74 -1.79
C7 DPV AA . -5.01 -29.28 -3.62
C8 DPV AA . -7.41 -29.25 -2.98
C15 DPV AA . -5.34 -18.77 -3.96
C16 DPV AA . -4.21 -17.97 -4.63
C17 DPV AA . -3.49 -17.06 -3.61
C18 DPV AA . -2.16 -16.47 -4.19
C19 DPV AA . -1.44 -15.56 -3.19
O1P DPV AA . -7.54 -24.60 -2.45
C20 DPV AA . -0.28 -14.75 -3.77
C21 DPV AA . 0.94 -15.61 -4.21
C22 DPV AA . 2.14 -14.74 -4.70
C23 DPV AA . 3.30 -15.61 -5.23
O2P DPV AA . -5.11 -24.22 -2.14
O3P DPV AA . -6.39 -22.79 -3.88
O4P DPV AA . -6.01 -24.88 -4.48
H1 DPV AA . -5.97 -21.30 -2.52
H1A DPV AA . -7.67 -21.85 -2.52
H2 DPV AA . -7.83 -21.03 -4.98
H2A DPV AA . -7.82 -19.77 -3.72
H3 DPV AA . -6.38 -19.35 -5.77
H3A DPV AA . -5.22 -20.55 -5.20
H4 DPV AA . -4.65 -26.25 -3.83
H4A DPV AA . -5.11 -26.39 -5.59
H5 DPV AA . -7.45 -26.78 -3.86
H5A DPV AA . -6.80 -27.86 -5.15
H6 DPV AA . -5.59 -28.51 -1.09
H6A DPV AA . -6.73 -27.21 -1.41
H6B DPV AA . -5.04 -27.05 -1.89
H7 DPV AA . -4.78 -30.04 -2.85
H7A DPV AA . -4.11 -28.68 -3.75
H7B DPV AA . -5.25 -29.72 -4.59
H8 DPV AA . -7.62 -29.70 -3.94
H8A DPV AA . -8.27 -28.67 -2.64
H8B DPV AA . -7.15 -30.03 -2.27
H15 DPV AA . -4.95 -19.26 -3.07
H15A DPV AA . -6.12 -18.09 -3.57
H16 DPV AA . -3.46 -18.69 -5.06
H16A DPV AA . -4.60 -17.36 -5.44
H17 DPV AA . -4.15 -16.25 -3.31
H17A DPV AA . -3.27 -17.65 -2.70
H18 DPV AA . -1.53 -17.28 -4.46
H18A DPV AA . -2.41 -15.89 -5.08
H19 DPV AA . -2.16 -14.88 -2.76
H19A DPV AA . -1.06 -16.16 -2.37
H20 DPV AA . -0.64 -14.16 -4.61
H20A DPV AA . 0.04 -14.02 -3.03
H21 DPV AA . 1.28 -16.19 -3.34
H21A DPV AA . 0.63 -16.31 -4.99
H22 DPV AA . 1.79 -14.12 -5.53
H22A DPV AA . 2.50 -14.07 -3.90
H23 DPV AA . 3.44 -16.44 -4.53
H23A DPV AA . 4.20 -15.03 -5.24
H23B DPV AA . 3.06 -16.00 -6.22
N DPV BA . -8.07 -0.41 1.89
P DPV BA . -6.83 0.20 -3.15
C1 DPV BA . -5.58 -1.66 -4.47
C2 DPV BA . -5.86 -2.72 -5.55
C3 DPV BA . -4.60 -3.48 -5.91
C4 DPV BA . -7.23 0.02 -0.58
C5 DPV BA . -8.12 -0.82 0.37
C6 DPV BA . -6.67 -0.67 2.51
C7 DPV BA . -9.09 -1.27 2.63
C8 DPV BA . -8.43 1.06 2.13
C15 DPV BA . -4.90 -4.47 -7.09
C16 DPV BA . -3.73 -5.49 -7.33
C17 DPV BA . -4.20 -6.60 -8.25
C18 DPV BA . -3.19 -7.77 -8.39
C19 DPV BA . -3.90 -9.04 -9.00
O1P DPV BA . -7.89 1.14 -3.53
C20 DPV BA . -4.70 -9.79 -7.90
C21 DPV BA . -5.81 -10.73 -8.54
C22 DPV BA . -6.59 -11.52 -7.48
C23 DPV BA . -7.74 -10.73 -6.77
O2P DPV BA . -5.51 0.87 -3.04
O3P DPV BA . -6.81 -1.12 -4.03
O4P DPV BA . -7.19 -0.67 -1.87
H1 DPV BA . -5.13 -2.09 -3.60
H1A DPV BA . -4.91 -0.90 -4.85
H2 DPV BA . -6.65 -3.44 -5.21
H2A DPV BA . -6.27 -2.22 -6.46
H3 DPV BA . -4.29 -4.02 -5.02
H3A DPV BA . -3.77 -2.84 -6.19
H4 DPV BA . -7.70 1.01 -0.74
H4A DPV BA . -6.23 0.14 -0.17
H5 DPV BA . -9.18 -0.80 0.03
H5A DPV BA . -7.78 -1.86 0.33
H6 DPV BA . -5.93 -0.10 1.95
H6A DPV BA . -6.46 -1.75 2.48
H6B DPV BA . -6.67 -0.35 3.55
H7 DPV BA . -8.84 -2.35 2.48
H7A DPV BA . -10.09 -1.04 2.23
H7B DPV BA . -9.10 -1.03 3.71
H8 DPV BA . -7.66 1.69 1.72
H8A DPV BA . -8.52 1.28 3.19
H8B DPV BA . -9.37 1.27 1.63
H15 DPV BA . -5.16 -3.90 -8.03
H15A DPV BA . -5.81 -5.06 -6.85
H16 DPV BA . -2.88 -5.00 -7.81
H16A DPV BA . -3.39 -5.93 -6.38
H17 DPV BA . -5.11 -7.03 -7.78
H17A DPV BA . -4.52 -6.18 -9.24
H18 DPV BA . -2.37 -7.42 -9.03
H18A DPV BA . -2.71 -8.01 -7.45
H19 DPV BA . -4.55 -8.83 -9.82
H19A DPV BA . -3.11 -9.69 -9.37
H20 DPV BA . -3.99 -10.39 -7.33
H20A DPV BA . -5.20 -9.08 -7.20
H21 DPV BA . -6.50 -10.13 -9.14
H21A DPV BA . -5.34 -11.49 -9.16
H22 DPV BA . -7.00 -12.44 -7.92
H22A DPV BA . -5.88 -11.83 -6.72
H23 DPV BA . -7.30 -9.88 -6.23
H23A DPV BA . -8.22 -11.41 -6.08
H23B DPV BA . -8.52 -10.39 -7.45
N DPV CA . -1.68 2.88 -13.48
P DPV CA . -0.19 1.07 -8.81
C1 DPV CA . 2.33 0.43 -9.01
C2 DPV CA . 3.11 -0.83 -8.60
C3 DPV CA . 3.31 -0.87 -7.07
C4 DPV CA . -0.75 1.70 -11.31
C5 DPV CA . -0.67 2.93 -12.26
C6 DPV CA . -1.44 1.71 -14.40
C7 DPV CA . -1.40 4.13 -14.33
C8 DPV CA . -3.14 2.92 -13.03
C15 DPV CA . 3.90 -2.24 -6.65
C16 DPV CA . 4.51 -2.23 -5.23
C17 DPV CA . 5.14 -3.62 -4.95
C18 DPV CA . 5.76 -3.75 -3.56
C19 DPV CA . 6.34 -5.19 -3.36
O1P DPV CA . 0.10 1.79 -7.57
C20 DPV CA . 6.73 -5.41 -1.91
C21 DPV CA . 7.24 -6.85 -1.63
C22 DPV CA . 7.49 -7.05 -0.14
C23 DPV CA . 8.04 -8.48 0.13
O2P DPV CA . -1.52 0.44 -8.74
O3P DPV CA . 0.95 0.04 -9.22
O4P DPV CA . 0.04 1.95 -10.14
H1 DPV CA . 2.39 1.20 -8.23
H1A DPV CA . 2.76 0.84 -9.91
H2 DPV CA . 2.56 -1.70 -8.93
H2A DPV CA . 4.06 -0.87 -9.09
H3 DPV CA . 2.36 -0.71 -6.60
H3A DPV CA . 3.99 -0.11 -6.74
H4 DPV CA . -1.79 1.53 -11.01
H4A DPV CA . -0.38 0.79 -11.81
H5 DPV CA . -0.86 3.84 -11.72
H5A DPV CA . 0.32 2.96 -12.66
H6 DPV CA . -2.10 1.79 -15.26
H6A DPV CA . -1.62 0.80 -13.83
H6B DPV CA . -0.42 1.75 -14.77
H7 DPV CA . -2.01 4.10 -15.23
H7A DPV CA . -0.34 4.12 -14.60
H7B DPV CA . -1.65 5.03 -13.75
H8 DPV CA . -3.34 2.09 -12.39
H8A DPV CA . -3.78 2.88 -13.88
H8B DPV CA . -3.30 3.84 -12.50
H15 DPV CA . 4.70 -2.53 -7.32
H15A DPV CA . 3.14 -3.01 -6.71
H16 DPV CA . 5.32 -1.46 -5.14
H16A DPV CA . 3.72 -1.97 -4.50
H17 DPV CA . 4.38 -4.38 -5.10
H17A DPV CA . 5.90 -3.80 -5.69
H18 DPV CA . 6.55 -3.02 -3.39
H18A DPV CA . 5.00 -3.56 -2.83
H19 DPV CA . 5.63 -5.95 -3.72
H19A DPV CA . 7.24 -5.31 -3.98
H20 DPV CA . 7.48 -4.64 -1.59
H20A DPV CA . 5.82 -5.22 -1.32
H21 DPV CA . 6.51 -7.59 -1.99
H21A DPV CA . 8.20 -7.01 -2.17
H22 DPV CA . 8.19 -6.28 0.24
H22A DPV CA . 6.53 -6.91 0.40
H23 DPV CA . 7.38 -9.21 -0.29
H23A DPV CA . 8.09 -8.65 1.19
H23B DPV CA . 9.04 -8.60 -0.30
N DPV DA . 28.13 -2.85 2.60
P DPV DA . 24.98 -4.62 5.06
C1 DPV DA . 26.21 -4.16 7.32
C2 DPV DA . 26.56 -5.29 8.30
C3 DPV DA . 26.24 -4.89 9.80
C4 DPV DA . 26.15 -4.60 2.65
C5 DPV DA . 27.68 -4.35 2.65
C6 DPV DA . 29.69 -2.83 2.48
C7 DPV DA . 27.76 -2.11 3.89
C8 DPV DA . 27.53 -2.12 1.40
C15 DPV DA . 24.73 -4.91 10.14
C16 DPV DA . 24.29 -6.34 10.55
C17 DPV DA . 22.70 -6.43 10.81
C18 DPV DA . 21.93 -7.05 9.64
C19 DPV DA . 21.50 -6.01 8.55
O1P DPV DA . 24.54 -3.24 4.75
C20 DPV DA . 20.62 -6.74 7.46
C21 DPV DA . 20.08 -5.78 6.37
C22 DPV DA . 19.31 -6.59 5.29
C23 DPV DA . 18.83 -5.70 4.13
O2P DPV DA . 23.86 -5.45 5.57
O3P DPV DA . 26.28 -4.66 5.95
O4P DPV DA . 25.78 -5.33 3.84
H1 DPV DA . 25.21 -3.79 7.51
H1A DPV DA . 26.90 -3.37 7.46
H2 DPV DA . 26.00 -6.18 8.05
H2A DPV DA . 27.62 -5.51 8.27
H3 DPV DA . 26.64 -3.88 9.98
H3A DPV DA . 26.80 -5.54 10.45
H4 DPV DA . 25.60 -3.64 2.62
H4A DPV DA . 25.86 -5.20 1.79
H5 DPV DA . 28.11 -4.77 3.57
H5A DPV DA . 28.13 -4.84 1.79
H6 DPV DA . 29.98 -3.32 1.56
H6A DPV DA . 30.07 -3.44 3.30
H6B DPV DA . 29.98 -1.79 2.53
H7 DPV DA . 28.23 -2.64 4.73
H7A DPV DA . 26.67 -2.11 3.98
H7B DPV DA . 28.13 -1.08 3.85
H8 DPV DA . 26.46 -2.01 1.55
H8A DPV DA . 27.72 -2.67 0.47
H8B DPV DA . 27.97 -1.13 1.32
H15 DPV DA . 24.14 -4.58 9.28
H15A DPV DA . 24.52 -4.22 10.95
H16 DPV DA . 24.63 -7.08 9.76
H16A DPV DA . 24.78 -6.55 11.52
H17 DPV DA . 22.54 -7.03 11.69
H17A DPV DA . 22.33 -5.45 11.03
H18 DPV DA . 22.53 -7.85 9.15
H18A DPV DA . 21.03 -7.52 10.05
H19 DPV DA . 20.94 -5.19 9.01
H19A DPV DA . 22.39 -5.62 8.06
H20 DPV DA . 21.22 -7.53 6.99
H20A DPV DA . 19.77 -7.21 7.96
H21 DPV DA . 19.41 -5.11 6.84
H21A DPV DA . 20.86 -5.19 5.91
H22 DPV DA . 19.97 -7.42 4.95
H22A DPV DA . 18.40 -7.01 5.75
H23 DPV DA . 18.11 -4.95 4.49
H23A DPV DA . 18.33 -6.32 3.37
H23B DPV DA . 19.68 -5.21 3.65
N DPV EA . 28.26 -9.29 1.27
P DPV EA . 26.22 -9.03 -3.06
C1 DPV EA . 23.67 -9.47 -3.09
C2 DPV EA . 22.40 -9.07 -2.37
C3 DPV EA . 21.20 -9.81 -2.95
C4 DPV EA . 26.42 -9.77 -0.56
C5 DPV EA . 26.77 -9.19 0.84
C6 DPV EA . 29.24 -8.64 0.28
C7 DPV EA . 28.65 -10.79 1.46
C8 DPV EA . 28.40 -8.54 2.61
C15 DPV EA . 19.91 -9.50 -2.20
C16 DPV EA . 18.73 -10.18 -2.88
C17 DPV EA . 17.39 -9.70 -2.26
C18 DPV EA . 16.20 -10.33 -3.02
C19 DPV EA . 14.86 -9.85 -2.47
O1P DPV EA . 26.82 -8.12 -4.05
C20 DPV EA . 13.65 -10.34 -3.33
C21 DPV EA . 12.31 -10.01 -2.61
C22 DPV EA . 11.14 -10.19 -3.60
C23 DPV EA . 9.80 -10.12 -2.84
O2P DPV EA . 26.37 -10.46 -3.47
O3P DPV EA . 24.72 -8.63 -2.65
O4P DPV EA . 26.68 -8.74 -1.57
H1 DPV EA . 23.93 -10.53 -2.88
H1A DPV EA . 23.56 -9.37 -4.17
H2 DPV EA . 22.50 -9.27 -1.31
H2A DPV EA . 22.27 -8.00 -2.51
H3 DPV EA . 21.36 -10.89 -2.98
H3A DPV EA . 21.10 -9.50 -3.98
H4 DPV EA . 27.02 -10.65 -0.74
H4A DPV EA . 25.36 -9.99 -0.62
H5 DPV EA . 26.51 -8.16 0.86
H5A DPV EA . 26.21 -9.71 1.56
H6 DPV EA . 29.02 -8.98 -0.74
H6A DPV EA . 30.26 -8.96 0.53
H6B DPV EA . 29.15 -7.54 0.33
H7 DPV EA . 29.64 -10.86 1.90
H7A DPV EA . 28.67 -11.28 0.47
H7B DPV EA . 27.94 -11.25 2.15
H8 DPV EA . 27.86 -9.10 3.36
H8A DPV EA . 27.98 -7.55 2.54
H8B DPV EA . 29.43 -8.52 2.90
H15 DPV EA . 19.74 -8.41 -2.16
H15A DPV EA . 19.98 -9.84 -1.16
H16 DPV EA . 18.74 -9.97 -3.98
H16A DPV EA . 18.82 -11.27 -2.79
H17 DPV EA . 17.31 -9.94 -1.21
H17A DPV EA . 17.33 -8.63 -2.32
H18 DPV EA . 16.24 -10.08 -4.07
H18A DPV EA . 16.25 -11.41 -2.92
H19 DPV EA . 14.74 -10.14 -1.42
H19A DPV EA . 14.87 -8.76 -2.47
H20 DPV EA . 13.69 -9.87 -4.30
H20A DPV EA . 13.72 -11.43 -3.46
H21 DPV EA . 12.18 -10.71 -1.79
H21A DPV EA . 12.32 -9.02 -2.16
H22 DPV EA . 11.17 -9.35 -4.34
H22A DPV EA . 11.20 -11.13 -4.13
H23 DPV EA . 8.96 -10.30 -3.53
H23A DPV EA . 9.71 -9.12 -2.42
H23B DPV EA . 9.78 -10.85 -2.01
N DPV FA . 26.91 0.65 -4.64
P DPV FA . 24.14 -2.47 -1.61
C1 DPV FA . 22.07 -3.77 -2.52
C2 DPV FA . 21.64 -5.01 -3.34
C3 DPV FA . 20.13 -5.09 -3.48
C4 DPV FA . 25.77 -1.08 -3.03
C5 DPV FA . 26.26 -0.76 -4.49
C6 DPV FA . 28.10 0.85 -3.74
C7 DPV FA . 25.90 1.80 -4.44
C8 DPV FA . 27.41 0.71 -6.11
C15 DPV FA . 19.66 -6.24 -4.42
C16 DPV FA . 18.12 -6.23 -4.60
C17 DPV FA . 17.66 -7.35 -5.59
C18 DPV FA . 16.11 -7.36 -5.75
C19 DPV FA . 15.65 -8.59 -6.58
O1P DPV FA . 25.02 -2.79 -0.52
C20 DPV FA . 14.13 -8.57 -6.81
C21 DPV FA . 13.60 -9.90 -7.49
C22 DPV FA . 12.08 -9.87 -7.74
C23 DPV FA . 11.64 -10.97 -8.77
O2P DPV FA . 23.15 -1.45 -1.28
O3P DPV FA . 23.50 -3.77 -2.30
O4P DPV FA . 24.89 -2.18 -2.99
H1 DPV FA . 21.81 -2.85 -3.07
H1A DPV FA . 21.53 -3.70 -1.56
H2 DPV FA . 22.09 -4.98 -4.34
H2A DPV FA . 21.99 -5.92 -2.80
H3 DPV FA . 19.72 -4.14 -3.83
H3A DPV FA . 19.71 -5.26 -2.49
H4 DPV FA . 26.64 -1.31 -2.40
H4A DPV FA . 25.28 -0.22 -2.60
H5 DPV FA . 26.96 -1.50 -4.81
H5A DPV FA . 25.40 -0.75 -5.13
H6 DPV FA . 28.87 0.09 -4.04
H6A DPV FA . 27.87 0.66 -2.68
H6B DPV FA . 28.50 1.87 -3.88
H7 DPV FA . 26.36 2.74 -4.74
H7A DPV FA . 25.60 1.83 -3.40
H7B DPV FA . 25.05 1.62 -5.07
H8 DPV FA . 27.87 1.68 -6.27
H8A DPV FA . 26.57 0.59 -6.77
H8B DPV FA . 28.15 -0.06 -6.29
H15 DPV FA . 20.01 -7.19 -4.01
H15A DPV FA . 20.15 -6.13 -5.39
H16 DPV FA . 17.68 -6.39 -3.59
H16A DPV FA . 17.79 -5.22 -4.96
H17 DPV FA . 18.15 -7.16 -6.56
H17A DPV FA . 17.97 -8.32 -5.22
H18 DPV FA . 15.67 -7.37 -4.71
H18A DPV FA . 15.77 -6.42 -6.26
H19 DPV FA . 16.13 -8.50 -7.55
H19A DPV FA . 15.96 -9.56 -6.13
H20 DPV FA . 13.58 -8.39 -5.90
H20A DPV FA . 13.90 -7.72 -7.46
H21 DPV FA . 14.11 -9.98 -8.47
H21A DPV FA . 13.88 -10.75 -6.89
H22 DPV FA . 11.52 -10.02 -6.83
H22A DPV FA . 11.82 -8.87 -8.10
H23 DPV FA . 11.83 -11.96 -8.36
H23A DPV FA . 12.20 -10.85 -9.70
H23B DPV FA . 10.58 -10.87 -8.99
N DPV GA . 28.53 -10.38 -8.63
P DPV GA . 26.79 -14.61 -9.56
C1 DPV GA . 24.73 -14.74 -7.94
C2 DPV GA . 23.71 -15.78 -7.49
C3 DPV GA . 23.90 -16.19 -6.02
C4 DPV GA . 27.59 -12.71 -7.89
C5 DPV GA . 28.79 -11.91 -8.54
C6 DPV GA . 28.29 -9.75 -7.23
C7 DPV GA . 27.31 -10.02 -9.52
C8 DPV GA . 29.80 -9.73 -9.20
C15 DPV GA . 22.89 -17.31 -5.65
C16 DPV GA . 23.07 -17.84 -4.19
C17 DPV GA . 22.34 -16.94 -3.18
C18 DPV GA . 22.34 -17.54 -1.76
C19 DPV GA . 23.71 -17.45 -1.04
O1P DPV GA . 26.13 -13.52 -10.28
C20 DPV GA . 23.62 -17.88 0.49
C21 DPV GA . 23.51 -19.42 0.69
C22 DPV GA . 23.31 -19.79 2.18
C23 DPV GA . 23.09 -21.32 2.37
O2P DPV GA . 27.56 -15.47 -10.48
O3P DPV GA . 25.81 -15.47 -8.61
O4P DPV GA . 27.65 -14.14 -8.28
H1 DPV GA . 24.24 -14.06 -8.63
H1A DPV GA . 25.15 -14.18 -7.10
H2 DPV GA . 22.72 -15.34 -7.57
H2A DPV GA . 23.70 -16.65 -8.13
H3 DPV GA . 23.71 -15.32 -5.39
H3A DPV GA . 24.93 -16.52 -5.80
H4 DPV GA . 27.65 -12.68 -6.82
H4A DPV GA . 26.65 -12.31 -8.21
H5 DPV GA . 29.68 -12.04 -7.94
H5A DPV GA . 29.00 -12.27 -9.57
H6 DPV GA . 28.14 -8.69 -7.36
H6A DPV GA . 29.19 -9.94 -6.66
H6B DPV GA . 27.41 -10.21 -6.78
H7 DPV GA . 26.40 -10.33 -9.03
H7A DPV GA . 27.41 -10.53 -10.47
H7B DPV GA . 27.31 -8.94 -9.70
H8 DPV GA . 29.99 -10.14 -10.20
H8A DPV GA . 30.64 -9.95 -8.53
H8B DPV GA . 29.65 -8.66 -9.28
H15 DPV GA . 22.98 -18.16 -6.31
H15A DPV GA . 21.86 -16.97 -5.77
H16 DPV GA . 22.71 -18.86 -4.16
H16A DPV GA . 24.10 -17.89 -3.93
H17 DPV GA . 22.84 -15.95 -3.17
H17A DPV GA . 21.28 -16.80 -3.49
H18 DPV GA . 21.61 -17.01 -1.17
H18A DPV GA . 21.97 -18.59 -1.81
H19 DPV GA . 24.43 -18.13 -1.54
H19A DPV GA . 24.07 -16.42 -1.15
H20 DPV GA . 24.50 -17.53 1.00
H20A DPV GA . 22.75 -17.40 0.93
H21 DPV GA . 22.66 -19.79 0.10
H21A DPV GA . 24.43 -19.89 0.30
H22 DPV GA . 24.20 -19.43 2.73
H22A DPV GA . 22.44 -19.24 2.62
H23 DPV GA . 23.91 -21.91 1.94
H23A DPV GA . 22.12 -21.66 1.94
H23B DPV GA . 23.08 -21.54 3.45
N DPV HA . 26.26 -23.79 5.47
P DPV HA . 28.27 -19.61 4.14
C1 DPV HA . 27.48 -19.85 1.63
C2 DPV HA . 27.64 -19.01 0.36
C3 DPV HA . 27.24 -19.84 -0.86
C4 DPV HA . 26.29 -21.38 4.43
C5 DPV HA . 26.62 -22.29 5.65
C6 DPV HA . 26.55 -24.55 6.79
C7 DPV HA . 27.18 -24.43 4.40
C8 DPV HA . 24.79 -24.04 5.12
C15 DPV HA . 27.65 -19.10 -2.17
C16 DPV HA . 26.84 -19.54 -3.42
C17 DPV HA . 27.51 -18.94 -4.65
C18 DPV HA . 26.68 -19.03 -5.98
C19 DPV HA . 26.72 -20.44 -6.67
O1P DPV HA . 28.90 -18.61 5.00
C20 DPV HA . 26.36 -20.35 -8.16
C21 DPV HA . 24.87 -19.90 -8.41
C22 DPV HA . 24.53 -19.84 -9.92
C23 DPV HA . 23.08 -19.44 -10.12
O2P DPV HA . 29.20 -20.77 3.89
O3P DPV HA . 27.67 -18.97 2.80
O4P DPV HA . 26.80 -20.03 4.65
H1 DPV HA . 26.47 -20.33 1.69
H1A DPV HA . 28.25 -20.63 1.64
H2 DPV HA . 27.02 -18.13 0.48
H2A DPV HA . 28.67 -18.70 0.23
H3 DPV HA . 26.18 -19.99 -0.86
H3A DPV HA . 27.72 -20.82 -0.84
H4 DPV HA . 26.74 -21.78 3.51
H4A DPV HA . 25.22 -21.33 4.28
H5 DPV HA . 27.67 -22.25 5.85
H5A DPV HA . 26.08 -21.93 6.51
H6 DPV HA . 25.99 -24.05 7.57
H6A DPV HA . 27.62 -24.51 7.00
H6B DPV HA . 26.20 -25.57 6.70
H7 DPV HA . 26.98 -23.94 3.44
H7A DPV HA . 26.94 -25.51 4.35
H7B DPV HA . 28.24 -24.30 4.71
H8 DPV HA . 24.57 -23.58 4.16
H8A DPV HA . 24.18 -23.56 5.90
H8B DPV HA . 24.62 -25.13 5.06
H15 DPV HA . 28.70 -19.26 -2.35
H15A DPV HA . 27.53 -18.03 -2.04
H16 DPV HA . 26.78 -20.64 -3.49
H16A DPV HA . 25.83 -19.19 -3.37
H17 DPV HA . 27.68 -17.89 -4.44
H17A DPV HA . 28.51 -19.34 -4.81
H18 DPV HA . 25.64 -18.74 -5.76
H18A DPV HA . 27.07 -18.27 -6.67
H19 DPV HA . 27.74 -20.85 -6.59
H19A DPV HA . 26.04 -21.13 -6.14
H20 DPV HA . 27.08 -19.67 -8.64
H20A DPV HA . 26.49 -21.35 -8.60
H21 DPV HA . 24.23 -20.64 -7.91
H21A DPV HA . 24.72 -18.94 -7.90
H22 DPV HA . 25.19 -19.10 -10.37
H22A DPV HA . 24.73 -20.78 -10.38
H23 DPV HA . 22.41 -20.14 -9.61
H23A DPV HA . 22.89 -19.42 -11.19
H23B DPV HA . 22.89 -18.46 -9.72
N DPV IA . 23.72 -30.67 -1.32
P DPV IA . 25.34 -26.54 -3.52
C1 DPV IA . 23.03 -25.52 -2.96
C2 DPV IA . 21.74 -25.02 -3.63
C3 DPV IA . 20.61 -24.59 -2.62
C4 DPV IA . 24.90 -29.10 -3.10
C5 DPV IA . 23.92 -29.21 -1.84
C6 DPV IA . 23.05 -30.59 0.07
C7 DPV IA . 25.05 -31.46 -1.15
C8 DPV IA . 22.80 -31.49 -2.27
C15 DPV IA . 20.96 -23.24 -1.94
C16 DPV IA . 19.69 -22.57 -1.33
C17 DPV IA . 20.09 -21.24 -0.62
C18 DPV IA . 18.84 -20.45 -0.16
C19 DPV IA . 19.27 -19.03 0.33
O1P DPV IA . 25.71 -26.33 -2.10
C20 DPV IA . 18.08 -18.23 0.99
C21 DPV IA . 17.71 -18.77 2.42
C22 DPV IA . 16.55 -17.96 3.10
C23 DPV IA . 17.05 -16.58 3.63
O2P DPV IA . 26.48 -26.32 -4.44
O3P DPV IA . 24.04 -25.72 -3.95
O4P DPV IA . 24.54 -27.89 -3.80
H1 DPV IA . 23.38 -24.79 -2.20
H1A DPV IA . 22.84 -26.50 -2.48
H2 DPV IA . 21.97 -24.18 -4.25
H2A DPV IA . 21.33 -25.77 -4.24
H3 DPV IA . 20.43 -25.38 -1.88
H3A DPV IA . 19.69 -24.46 -3.21
H4 DPV IA . 25.94 -29.07 -2.75
H4A DPV IA . 24.75 -29.91 -3.81
H5 DPV IA . 24.29 -28.60 -1.00
H5A DPV IA . 22.93 -28.80 -2.10
H6 DPV IA . 22.12 -30.03 0.03
H6A DPV IA . 23.76 -30.10 0.74
H6B DPV IA . 22.85 -31.61 0.41
H7 DPV IA . 25.47 -31.62 -2.14
H7A DPV IA . 24.85 -32.40 -0.62
H7B DPV IA . 25.76 -30.87 -0.56
H8 DPV IA . 23.23 -31.43 -3.28
H8A DPV IA . 21.79 -31.03 -2.22
H8B DPV IA . 22.74 -32.53 -1.92
H15 DPV IA . 21.36 -22.56 -2.69
H15A DPV IA . 21.70 -23.38 -1.15
H16 DPV IA . 18.99 -22.32 -2.13
H16A DPV IA . 19.15 -23.18 -0.64
H17 DPV IA . 20.71 -21.43 0.24
H17A DPV IA . 20.69 -20.61 -1.30
H18 DPV IA . 18.10 -20.38 -0.98
H18A DPV IA . 18.38 -20.95 0.69
H19 DPV IA . 20.11 -19.14 1.05
H19A DPV IA . 19.62 -18.41 -0.53
H20 DPV IA . 18.39 -17.16 1.10
H20A DPV IA . 17.21 -18.29 0.32
H21 DPV IA . 17.43 -19.80 2.34
H21A DPV IA . 18.58 -18.74 3.03
H22 DPV IA . 15.72 -17.86 2.37
H22A DPV IA . 16.18 -18.53 3.98
H23 DPV IA . 17.41 -15.95 2.83
H23A DPV IA . 17.87 -16.67 4.33
H23B DPV IA . 16.22 -16.06 4.10
N DPV JA . 10.31 -34.53 -8.96
P DPV JA . 11.92 -33.65 -4.02
C1 DPV JA . 10.50 -31.94 -2.59
C2 DPV JA . 11.40 -30.85 -1.98
C3 DPV JA . 12.50 -31.41 -1.07
C4 DPV JA . 11.37 -33.96 -6.55
C5 DPV JA . 10.33 -34.80 -7.40
C6 DPV JA . 11.68 -34.82 -9.56
C7 DPV JA . 9.97 -33.09 -9.28
C8 DPV JA . 9.26 -35.40 -9.58
C15 DPV JA . 13.49 -30.32 -0.57
C16 DPV JA . 14.65 -30.93 0.24
C17 DPV JA . 15.72 -29.86 0.59
C18 DPV JA . 16.89 -30.48 1.43
C19 DPV JA . 17.83 -29.41 2.02
O1P DPV JA . 11.91 -34.52 -2.82
C20 DPV JA . 18.87 -28.84 0.98
C21 DPV JA . 19.79 -27.79 1.61
C22 DPV JA . 20.57 -26.99 0.54
C23 DPV JA . 21.37 -25.83 1.20
O2P DPV JA . 13.30 -33.33 -4.43
O3P DPV JA . 10.97 -32.34 -3.90
O4P DPV JA . 11.01 -34.19 -5.19
H1 DPV JA . 10.47 -32.85 -1.93
H1A DPV JA . 9.46 -31.53 -2.72
H2 DPV JA . 11.89 -30.30 -2.74
H2A DPV JA . 10.82 -30.15 -1.41
H3 DPV JA . 13.08 -32.16 -1.63
H3A DPV JA . 12.02 -31.93 -0.22
H4 DPV JA . 12.37 -34.30 -6.70
H4A DPV JA . 11.28 -32.89 -6.79
H5 DPV JA . 10.53 -35.86 -7.30
H5A DPV JA . 9.32 -34.67 -7.02
H6 DPV JA . 12.41 -34.13 -9.11
H6A DPV JA . 11.62 -34.69 -10.66
H6B DPV JA . 11.94 -35.85 -9.32
H7 DPV JA . 10.75 -32.43 -8.84
H7A DPV JA . 8.97 -32.84 -8.86
H7B DPV JA . 9.96 -32.95 -10.37
H8 DPV JA . 8.28 -35.09 -9.16
H8A DPV JA . 9.53 -36.45 -9.34
H8B DPV JA . 9.26 -35.25 -10.70
H15 DPV JA . 12.98 -29.58 0.06
H15A DPV JA . 13.90 -29.76 -1.42
H16 DPV JA . 14.26 -31.33 1.17
H16A DPV JA . 15.08 -31.77 -0.31
H17 DPV JA . 16.07 -29.39 -0.35
H17A DPV JA . 15.20 -29.09 1.16
H18 DPV JA . 16.49 -31.06 2.27
H18A DPV JA . 17.49 -31.13 0.80
H19 DPV JA . 17.24 -28.61 2.43
H19A DPV JA . 18.38 -29.83 2.86
H20 DPV JA . 19.51 -29.65 0.58
H20A DPV JA . 18.34 -28.42 0.11
H21 DPV JA . 19.17 -27.08 2.15
H21A DPV JA . 20.44 -28.25 2.36
H22 DPV JA . 21.24 -27.63 -0.01
H22A DPV JA . 19.85 -26.59 -0.14
H23 DPV JA . 21.76 -25.18 0.42
H23A DPV JA . 22.22 -26.22 1.79
H23B DPV JA . 20.76 -25.24 1.87
N DPV KA . 6.96 -32.96 8.23
P DPV KA . 2.64 -31.53 6.39
C1 DPV KA . 2.27 -29.03 5.65
C2 DPV KA . 3.07 -28.04 4.75
C3 DPV KA . 4.37 -27.52 5.44
C4 DPV KA . 4.40 -33.17 7.43
C5 DPV KA . 5.43 -33.14 8.61
C6 DPV KA . 7.23 -31.57 7.64
C7 DPV KA . 7.47 -34.03 7.28
C8 DPV KA . 7.76 -33.04 9.51
C15 DPV KA . 5.18 -26.50 4.58
C16 DPV KA . 5.89 -27.10 3.32
C17 DPV KA . 5.22 -26.60 2.00
C18 DPV KA . 5.92 -27.08 0.74
C19 DPV KA . 5.24 -26.47 -0.52
O1P DPV KA . 2.33 -32.34 5.20
C20 DPV KA . 6.09 -26.69 -1.83
C21 DPV KA . 5.41 -25.92 -2.98
C22 DPV KA . 6.24 -25.91 -4.29
C23 DPV KA . 5.60 -24.99 -5.35
O2P DPV KA . 1.54 -31.54 7.38
O3P DPV KA . 3.21 -30.07 6.07
O4P DPV KA . 4.07 -31.82 7.03
H1 DPV KA . 1.88 -28.55 6.55
H1A DPV KA . 1.46 -29.47 5.06
H2 DPV KA . 3.26 -28.56 3.80
H2A DPV KA . 2.40 -27.20 4.52
H3 DPV KA . 5.04 -28.38 5.69
H3A DPV KA . 4.14 -27.08 6.42
H4 DPV KA . 4.82 -33.72 6.55
H4A DPV KA . 3.47 -33.62 7.80
H5 DPV KA . 5.23 -32.33 9.31
H5A DPV KA . 5.39 -34.08 9.15
H6 DPV KA . 8.31 -31.50 7.46
H6A DPV KA . 6.89 -30.84 8.38
H6B DPV KA . 6.67 -31.50 6.70
H7 DPV KA . 6.95 -33.98 6.34
H7A DPV KA . 7.32 -35.00 7.79
H7B DPV KA . 8.54 -33.86 7.08
H8 DPV KA . 7.47 -32.21 10.18
H8A DPV KA . 8.83 -32.96 9.29
H8B DPV KA . 7.55 -33.99 10.01
H15 DPV KA . 5.97 -26.10 5.22
H15A DPV KA . 4.53 -25.67 4.29
H16 DPV KA . 6.93 -26.85 3.35
H16A DPV KA . 5.78 -28.18 3.34
H17 DPV KA . 4.15 -26.92 1.99
H17A DPV KA . 5.23 -25.47 2.02
H18 DPV KA . 6.98 -26.83 0.77
H18A DPV KA . 5.85 -28.17 0.69
H19 DPV KA . 4.25 -26.89 -0.65
H19A DPV KA . 5.13 -25.37 -0.35
H20 DPV KA . 7.09 -26.29 -1.69
H20A DPV KA . 6.07 -27.71 -2.04
H21 DPV KA . 4.44 -26.32 -3.18
H21A DPV KA . 5.32 -24.86 -2.70
H22 DPV KA . 7.26 -25.60 -4.10
H22A DPV KA . 6.29 -26.91 -4.72
H23 DPV KA . 6.21 -25.04 -6.27
H23A DPV KA . 5.56 -23.96 -4.96
H23B DPV KA . 4.60 -25.36 -5.60
N DPV LA . -6.71 -23.58 5.17
P DPV LA . -4.00 -27.75 3.95
C1 DPV LA . -1.65 -28.64 3.41
C2 DPV LA . -0.25 -28.19 2.87
C3 DPV LA . -0.33 -27.90 1.39
C4 DPV LA . -5.24 -25.53 4.18
C5 DPV LA . -5.28 -24.23 5.11
C6 DPV LA . -7.76 -24.49 5.84
C7 DPV LA . -7.23 -23.25 3.78
C8 DPV LA . -6.64 -22.26 5.93
C15 DPV LA . 1.11 -27.67 0.78
C16 DPV LA . 1.08 -27.35 -0.75
C17 DPV LA . 0.71 -25.84 -1.10
C18 DPV LA . 1.92 -24.87 -1.09
C19 DPV LA . 1.42 -23.44 -1.24
O1P DPV LA . -4.25 -28.79 4.99
C20 DPV LA . 2.65 -22.46 -1.43
C21 DPV LA . 2.19 -21.00 -1.66
C22 DPV LA . 3.34 -20.10 -2.10
C23 DPV LA . 2.87 -18.63 -2.43
O2P DPV LA . -4.79 -27.99 2.74
O3P DPV LA . -2.47 -27.51 3.69
O4P DPV LA . -4.12 -26.27 4.50
H1 DPV LA . -2.12 -29.28 2.66
H1A DPV LA . -1.54 -29.19 4.34
H2 DPV LA . 0.09 -27.30 3.46
H2A DPV LA . 0.47 -29.00 3.01
H3 DPV LA . -0.92 -27.00 1.19
H3A DPV LA . -0.82 -28.75 0.91
H4 DPV LA . -6.11 -26.16 4.33
H4A DPV LA . -5.21 -25.25 3.10
H5 DPV LA . -4.95 -24.48 6.13
H5A DPV LA . -4.59 -23.48 4.71
H6 DPV LA . -8.72 -24.00 5.80
H6A DPV LA . -7.48 -24.68 6.88
H6B DPV LA . -7.80 -25.45 5.32
H7 DPV LA . -6.51 -22.62 3.22
H7A DPV LA . -8.15 -22.65 3.89
H7B DPV LA . -7.50 -24.19 3.25
H8 DPV LA . -7.60 -21.71 5.85
H8A DPV LA . -5.88 -21.63 5.47
H8B DPV LA . -6.36 -22.45 6.97
H15 DPV LA . 1.66 -28.58 0.99
H15A DPV LA . 1.60 -26.83 1.26
H16 DPV LA . 2.06 -27.58 -1.19
H16A DPV LA . 0.39 -28.05 -1.23
H17 DPV LA . 0.23 -25.80 -2.09
H17A DPV LA . -0.02 -25.48 -0.36
H18 DPV LA . 2.50 -24.96 -0.20
H18A DPV LA . 2.57 -25.13 -1.90
H19 DPV LA . 0.83 -23.34 -2.13
H19A DPV LA . 0.81 -23.15 -0.39
H20 DPV LA . 3.27 -22.46 -0.54
H20A DPV LA . 3.26 -22.78 -2.26
H21 DPV LA . 1.42 -20.97 -2.45
H21A DPV LA . 1.76 -20.61 -0.73
H22 DPV LA . 4.18 -20.14 -1.41
H22A DPV LA . 3.70 -20.48 -3.04
H23 DPV LA . 2.12 -18.66 -3.23
H23A DPV LA . 3.69 -18.00 -2.79
H23B DPV LA . 2.42 -18.17 -1.56
N DPV MA . -2.50 -9.62 12.18
P DPV MA . -1.91 -12.64 8.56
C1 DPV MA . -0.32 -13.92 6.99
C2 DPV MA . 1.18 -14.15 6.66
C3 DPV MA . 1.71 -13.05 5.71
C4 DPV MA . -1.33 -10.41 9.92
C5 DPV MA . -2.66 -10.20 10.74
C6 DPV MA . -3.88 -9.67 12.87
C7 DPV MA . -2.04 -8.17 12.13
C8 DPV MA . -1.50 -10.40 13.06
C15 DPV MA . 3.10 -13.47 5.11
C16 DPV MA . 3.52 -12.55 3.92
C17 DPV MA . 2.81 -12.88 2.56
C18 DPV MA . 3.20 -11.90 1.44
C19 DPV MA . 4.50 -12.32 0.65
O1P DPV MA . -1.99 -13.31 9.87
C20 DPV MA . 4.85 -11.25 -0.46
C21 DPV MA . 6.03 -11.64 -1.38
C22 DPV MA . 5.63 -12.58 -2.53
C23 DPV MA . 6.71 -12.66 -3.65
O2P DPV MA . -3.06 -12.99 7.70
O3P DPV MA . -0.52 -12.78 7.85
O4P DPV MA . -1.67 -11.04 8.65
H1 DPV MA . -0.88 -13.75 6.04
H1A DPV MA . -0.71 -14.79 7.55
H2 DPV MA . 1.76 -14.15 7.55
H2A DPV MA . 1.29 -15.11 6.19
H3 DPV MA . 1.81 -12.13 6.26
H3A DPV MA . 1.01 -12.89 4.92
H4 DPV MA . -0.85 -9.48 9.71
H4A DPV MA . -0.61 -11.03 10.48
H5 DPV MA . -3.31 -9.50 10.16
H5A DPV MA . -3.25 -11.17 10.81
H6 DPV MA . -4.22 -10.70 12.93
H6A DPV MA . -4.59 -9.08 12.28
H6B DPV MA . -3.81 -9.24 13.86
H7 DPV MA . -1.05 -8.11 11.66
H7A DPV MA . -1.95 -7.79 13.16
H7B DPV MA . -2.78 -7.61 11.54
H8 DPV MA . -1.80 -11.46 13.13
H8A DPV MA . -1.50 -9.95 14.07
H8B DPV MA . -0.51 -10.31 12.62
H15 DPV MA . 3.05 -14.45 4.77
H15A DPV MA . 3.86 -13.40 5.87
H16 DPV MA . 3.36 -11.48 4.13
H16A DPV MA . 4.59 -12.68 3.77
H17 DPV MA . 3.05 -13.90 2.24
H17A DPV MA . 1.71 -12.88 2.72
H18 DPV MA . 2.35 -11.84 0.73
H18A DPV MA . 3.36 -10.91 1.86
H19 DPV MA . 5.31 -12.46 1.36
H19A DPV MA . 4.36 -13.28 0.15
H20 DPV MA . 3.96 -11.10 -1.08
H20A DPV MA . 5.08 -10.30 0.02
H21 DPV MA . 6.47 -10.73 -1.78
H21A DPV MA . 6.79 -12.13 -0.80
H22 DPV MA . 5.47 -13.59 -2.12
H22A DPV MA . 4.66 -12.26 -2.97
H23 DPV MA . 6.87 -11.69 -4.14
H23A DPV MA . 6.42 -13.41 -4.39
H23B DPV MA . 7.67 -13.00 -3.24
N DPV NA . 7.41 -23.30 16.63
P DPV NA . 4.04 -20.13 15.22
C1 DPV NA . 1.84 -18.93 14.59
C2 DPV NA . 1.35 -19.41 13.21
C3 DPV NA . 1.05 -18.20 12.28
C4 DPV NA . 5.13 -21.92 16.85
C5 DPV NA . 6.04 -22.88 15.98
C6 DPV NA . 7.16 -24.20 17.84
C7 DPV NA . 8.29 -22.09 17.06
C8 DPV NA . 8.18 -24.12 15.57
C15 DPV NA . 0.72 -18.67 10.80
C16 DPV NA . 0.67 -17.47 9.79
C17 DPV NA . 1.97 -17.33 8.96
C18 DPV NA . 3.08 -16.52 9.64
C19 DPV NA . 4.25 -16.32 8.69
O1P DPV NA . 4.73 -19.01 15.89
C20 DPV NA . 5.33 -15.36 9.19
C21 DPV NA . 4.90 -13.88 9.18
C22 DPV NA . 6.07 -12.97 9.58
C23 DPV NA . 5.64 -11.49 9.56
O2P DPV NA . 4.57 -20.38 13.91
O3P DPV NA . 2.47 -20.02 15.28
O4P DPV NA . 3.95 -21.46 16.13
H1 DPV NA . 2.57 -18.08 14.48
H1A DPV NA . 0.96 -18.57 15.18
H2 DPV NA . 2.13 -20.00 12.75
H2A DPV NA . 0.48 -20.03 13.34
H3 DPV NA . 1.94 -17.55 12.25
H3A DPV NA . 0.24 -17.57 12.69
H4 DPV NA . 4.77 -22.45 17.74
H4A DPV NA . 5.72 -21.05 17.13
H5 DPV NA . 5.49 -23.81 15.71
H5A DPV NA . 6.27 -22.35 15.07
H6 DPV NA . 6.41 -24.97 17.59
H6A DPV NA . 6.86 -23.56 18.67
H6B DPV NA . 8.09 -24.69 18.13
H7 DPV NA . 9.29 -22.44 17.28
H7A DPV NA . 7.84 -21.60 17.91
H7B DPV NA . 8.32 -21.36 16.23
H8 DPV NA . 7.71 -25.09 15.41
H8A DPV NA . 9.18 -24.26 15.93
H8B DPV NA . 8.19 -23.58 14.64
H15 DPV NA . -0.26 -19.16 10.79
H15A DPV NA . 1.43 -19.40 10.44
H16 DPV NA . -0.18 -17.65 9.07
H16A DPV NA . 0.49 -16.51 10.32
H17 DPV NA . 2.34 -18.33 8.69
H17A DPV NA . 1.72 -16.86 7.99
H18 DPV NA . 2.71 -15.52 10.00
H18A DPV NA . 3.41 -17.14 10.52
H19 DPV NA . 4.69 -17.28 8.48
H19A DPV NA . 3.90 -15.92 7.74
H20 DPV NA . 5.59 -15.67 10.20
H20A DPV NA . 6.21 -15.45 8.57
H21 DPV NA . 4.58 -13.60 8.16
H21A DPV NA . 4.09 -13.68 9.89
H22 DPV NA . 6.40 -13.23 10.59
H22A DPV NA . 6.92 -13.06 8.91
H23 DPV NA . 5.26 -11.18 8.58
H23A DPV NA . 6.49 -10.89 9.82
H23B DPV NA . 4.84 -11.33 10.27
N DPV OA . 14.65 0.23 10.57
P DPV OA . 13.22 2.79 6.66
C1 DPV OA . 10.93 1.54 6.27
C2 DPV OA . 9.75 0.92 7.08
C3 DPV OA . 10.14 -0.19 8.05
C4 DPV OA . 14.86 1.22 8.15
C5 DPV OA . 14.01 0.41 9.13
C6 DPV OA . 13.61 -0.58 11.36
C7 DPV OA . 14.81 1.62 11.26
C8 DPV OA . 15.97 -0.54 10.54
C15 DPV OA . 10.69 -1.48 7.34
C16 DPV OA . 11.09 -2.62 8.33
C17 DPV OA . 11.59 -3.85 7.60
C18 DPV OA . 11.91 -5.00 8.57
C19 DPV OA . 12.43 -6.26 7.83
O1P DPV OA . 13.63 3.92 7.53
C20 DPV OA . 12.85 -7.33 8.87
C21 DPV OA . 13.38 -8.60 8.18
C22 DPV OA . 14.23 -9.48 9.12
C23 DPV OA . 14.74 -10.76 8.41
O2P DPV OA . 13.13 3.16 5.24
O3P DPV OA . 11.92 2.03 7.21
O4P DPV OA . 14.07 1.44 6.91
H1 DPV OA . 11.45 0.80 5.62
H1A DPV OA . 10.52 2.34 5.66
H2 DPV OA . 9.25 1.72 7.62
H2A DPV OA . 9.02 0.54 6.37
H3 DPV OA . 9.30 -0.47 8.67
H3A DPV OA . 10.91 0.19 8.73
H4 DPV OA . 15.09 2.18 8.61
H4A DPV OA . 15.77 0.71 7.88
H5 DPV OA . 13.03 0.92 9.27
H5A DPV OA . 13.86 -0.59 8.69
H6 DPV OA . 13.49 -1.53 10.87
H6A DPV OA . 12.68 -0.02 11.38
H6B DPV OA . 13.95 -0.76 12.37
H7 DPV OA . 15.57 2.19 10.70
H7A DPV OA . 15.10 1.46 12.31
H7B DPV OA . 13.84 2.15 11.19
H8 DPV OA . 16.68 0.06 9.98
H8A DPV OA . 15.80 -1.47 10.01
H8B DPV OA . 16.30 -0.72 11.55
H15 DPV OA . 11.58 -1.23 6.75
H15A DPV OA . 9.92 -1.83 6.66
H16 DPV OA . 11.83 -2.26 9.01
H16A DPV OA . 10.25 -2.91 9.01
H17 DPV OA . 10.82 -4.14 6.87
H17A DPV OA . 12.52 -3.61 7.03
H18 DPV OA . 12.60 -4.61 9.32
H18A DPV OA . 10.99 -5.27 9.09
H19 DPV OA . 11.65 -6.73 7.19
H19A DPV OA . 13.29 -5.99 7.18
H20 DPV OA . 13.61 -6.91 9.53
H20A DPV OA . 12.02 -7.62 9.53
H21 DPV OA . 12.56 -9.17 7.72
H21A DPV OA . 14.04 -8.24 7.35
H22 DPV OA . 15.11 -8.94 9.45
H22A DPV OA . 13.66 -9.73 10.02
H23 DPV OA . 15.48 -11.29 9.03
H23A DPV OA . 15.18 -10.54 7.44
H23B DPV OA . 13.93 -11.47 8.24
N DPV PA . 22.91 -11.63 10.85
P DPV PA . 21.03 -16.58 10.52
C1 DPV PA . 18.66 -15.64 10.11
C2 DPV PA . 17.32 -15.55 10.81
C3 DPV PA . 16.31 -14.70 10.00
C4 DPV PA . 22.26 -14.24 10.78
C5 DPV PA . 21.84 -12.77 11.17
C6 DPV PA . 24.29 -11.92 11.51
C7 DPV PA . 22.37 -10.31 11.34
C8 DPV PA . 23.11 -11.52 9.32
C15 DPV PA . 15.76 -15.44 8.75
C16 DPV PA . 14.56 -14.69 8.17
C17 DPV PA . 14.61 -14.61 6.61
C18 DPV PA . 13.35 -13.93 6.03
C19 DPV PA . 13.46 -13.78 4.51
O1P DPV PA . 21.29 -16.50 9.06
C20 DPV PA . 12.20 -13.03 3.97
C21 DPV PA . 12.39 -12.55 2.50
C22 DPV PA . 13.26 -11.31 2.37
C23 DPV PA . 13.20 -10.76 0.93
O2P DPV PA . 21.70 -17.68 11.16
O3P DPV PA . 19.50 -16.50 10.88
O4P DPV PA . 21.25 -15.15 11.29
H1 DPV PA . 18.56 -16.08 9.13
H1A DPV PA . 19.09 -14.68 10.01
H2 DPV PA . 16.93 -16.56 10.98
H2A DPV PA . 17.47 -15.09 11.80
H3 DPV PA . 16.77 -13.75 9.68
H3A DPV PA . 15.48 -14.42 10.67
H4 DPV PA . 22.34 -14.37 9.70
H4A DPV PA . 23.22 -14.47 11.22
H5 DPV PA . 20.96 -12.53 10.59
H5A DPV PA . 21.56 -12.67 12.22
H6 DPV PA . 25.01 -11.12 11.26
H6A DPV PA . 24.69 -12.88 11.15
H6B DPV PA . 24.15 -11.93 12.60
H7 DPV PA . 21.43 -10.13 10.81
H7A DPV PA . 23.09 -9.49 11.12
H7B DPV PA . 22.13 -10.38 12.41
H8 DPV PA . 22.18 -11.20 8.86
H8A DPV PA . 23.49 -12.49 8.96
H8B DPV PA . 23.86 -10.76 9.12
H15 DPV PA . 15.42 -16.46 9.00
H15A DPV PA . 16.55 -15.54 8.00
H16 DPV PA . 13.67 -15.23 8.48
H16A DPV PA . 14.47 -13.67 8.56
H17 DPV PA . 15.53 -14.02 6.31
H17A DPV PA . 14.77 -15.63 6.16
H18 DPV PA . 12.52 -14.56 6.28
H18A DPV PA . 13.17 -12.97 6.49
H19 DPV PA . 14.34 -13.17 4.31
H19A DPV PA . 13.57 -14.75 4.03
H20 DPV PA . 11.36 -13.71 4.08
H20A DPV PA . 11.98 -12.19 4.61
H21 DPV PA . 12.75 -13.37 1.85
H21A DPV PA . 11.37 -12.37 2.09
H22 DPV PA . 12.94 -10.53 3.09
H22A DPV PA . 14.30 -11.56 2.62
H23 DPV PA . 13.40 -11.53 0.20
H23A DPV PA . 13.94 -9.97 0.76
H23B DPV PA . 12.22 -10.32 0.72
N DPV QA . -0.15 -7.06 -21.54
P DPV QA . 4.70 -5.20 -20.56
C1 DPV QA . 6.62 -6.39 -19.28
C2 DPV QA . 6.89 -7.55 -18.32
C3 DPV QA . 6.15 -7.35 -16.99
C4 DPV QA . 2.17 -5.92 -21.06
C5 DPV QA . 1.40 -7.17 -21.51
C6 DPV QA . -0.60 -6.10 -22.64
C7 DPV QA . -0.73 -6.59 -20.20
C8 DPV QA . -0.78 -8.41 -21.87
C15 DPV QA . 6.36 -8.56 -16.05
C16 DPV QA . 5.38 -8.58 -14.83
C17 DPV QA . 5.81 -9.68 -13.84
C18 DPV QA . 4.93 -9.67 -12.50
C19 DPV QA . 5.43 -10.64 -11.42
O1P DPV QA . 5.68 -4.65 -21.56
C20 DPV QA . 4.53 -10.68 -10.18
C21 DPV QA . 5.07 -11.68 -9.12
C22 DPV QA . 4.07 -11.81 -7.95
C23 DPV QA . 4.53 -12.86 -6.92
O2P DPV QA . 4.14 -4.15 -19.69
O3P DPV QA . 5.26 -6.44 -19.73
O4P DPV QA . 3.61 -6.15 -21.24
H1 DPV QA . 6.80 -5.46 -18.78
H1A DPV QA . 7.33 -6.47 -20.10
H2 DPV QA . 6.50 -8.46 -18.80
H2A DPV QA . 7.97 -7.60 -18.17
H3 DPV QA . 5.08 -7.25 -17.19
H3A DPV QA . 6.45 -6.42 -16.50
H4 DPV QA . 1.88 -5.06 -21.69
H4A DPV QA . 1.97 -5.72 -20.00
H5 DPV QA . 1.70 -7.44 -22.54
H5A DPV QA . 1.68 -8.00 -20.84
H6 DPV QA . -0.11 -6.43 -23.55
H6A DPV QA . -0.33 -5.10 -22.36
H6B DPV QA . -1.68 -6.18 -22.75
H7 DPV QA . -1.82 -6.52 -20.29
H7A DPV QA . -0.29 -5.66 -19.90
H7B DPV QA . -0.51 -7.34 -19.47
H8 DPV QA . -1.86 -8.24 -21.91
H8A DPV QA . -0.53 -9.12 -21.07
H8B DPV QA . -0.38 -8.77 -22.81
H15 DPV QA . 7.36 -8.47 -15.67
H15A DPV QA . 6.25 -9.48 -16.59
H16 DPV QA . 5.41 -7.63 -14.31
H16A DPV QA . 4.38 -8.74 -15.16
H17 DPV QA . 5.80 -10.67 -14.33
H17A DPV QA . 6.88 -9.49 -13.57
H18 DPV QA . 4.94 -8.67 -12.05
H18A DPV QA . 3.89 -9.89 -12.74
H19 DPV QA . 5.48 -11.65 -11.84
H19A DPV QA . 6.46 -10.35 -11.13
H20 DPV QA . 4.41 -9.66 -9.72
H20A DPV QA . 3.51 -11.03 -10.50
H21 DPV QA . 5.26 -12.67 -9.59
H21A DPV QA . 6.01 -11.25 -8.70
H22 DPV QA . 4.04 -10.83 -7.42
H22A DPV QA . 3.08 -12.06 -8.33
H23 DPV QA . 5.56 -12.72 -6.53
H23A DPV QA . 4.47 -13.88 -7.35
H23B DPV QA . 3.85 -12.83 -6.07
N DPV RA . 16.55 -2.37 -21.37
P DPV RA . 12.53 -2.83 -23.67
C1 DPV RA . 11.56 -2.99 -21.23
C2 DPV RA . 10.67 -2.24 -20.24
C3 DPV RA . 11.34 -0.94 -19.68
C4 DPV RA . 15.17 -2.70 -23.68
C5 DPV RA . 16.21 -3.29 -22.63
C6 DPV RA . 17.83 -2.91 -20.72
C7 DPV RA . 15.43 -2.43 -20.34
C8 DPV RA . 16.81 -0.90 -21.76
C15 DPV RA . 10.47 -0.16 -18.65
C16 DPV RA . 10.52 -0.82 -17.22
C17 DPV RA . 9.53 -0.06 -16.26
C18 DPV RA . 9.57 -0.66 -14.81
C19 DPV RA . 8.86 -2.07 -14.67
O1P DPV RA . 12.25 -2.13 -24.94
C20 DPV RA . 7.29 -1.96 -14.69
C21 DPV RA . 6.64 -3.38 -14.64
C22 DPV RA . 5.12 -3.32 -14.56
C23 DPV RA . 4.50 -4.73 -14.64
O2P DPV RA . 12.38 -4.29 -23.77
O3P DPV RA . 11.76 -2.19 -22.41
O4P DPV RA . 13.93 -2.39 -23.00
H1 DPV RA . 12.54 -3.21 -20.78
H1A DPV RA . 11.07 -3.92 -21.50
H2 DPV RA . 9.71 -2.00 -20.76
H2A DPV RA . 10.41 -2.92 -19.40
H3 DPV RA . 11.58 -0.26 -20.51
H3A DPV RA . 12.28 -1.26 -19.20
H4 DPV RA . 15.53 -1.83 -24.13
H4A DPV RA . 14.99 -3.45 -24.45
H5 DPV RA . 15.83 -4.24 -22.29
H5A DPV RA . 17.14 -3.45 -23.12
H6 DPV RA . 18.68 -2.87 -21.40
H6A DPV RA . 17.67 -3.95 -20.46
H6B DPV RA . 18.05 -2.30 -19.85
H7 DPV RA . 14.52 -1.98 -20.76
H7A DPV RA . 15.76 -1.86 -19.45
H7B DPV RA . 15.22 -3.48 -20.11
H8 DPV RA . 15.88 -0.46 -22.16
H8A DPV RA . 17.62 -0.85 -22.51
H8B DPV RA . 17.11 -0.34 -20.85
H15 DPV RA . 9.42 -0.10 -19.00
H15A DPV RA . 10.83 0.89 -18.59
H16 DPV RA . 10.32 -1.88 -17.30
H16A DPV RA . 11.53 -0.76 -16.86
H17 DPV RA . 9.85 0.96 -16.22
H17A DPV RA . 8.55 -0.13 -16.65
H18 DPV RA . 10.63 -0.77 -14.45
H18A DPV RA . 9.07 0.06 -14.11
H19 DPV RA . 9.26 -2.70 -15.46
H19A DPV RA . 9.18 -2.47 -13.72
H20 DPV RA . 7.00 -1.34 -13.85
H20A DPV RA . 6.97 -1.47 -15.61
H21 DPV RA . 6.92 -3.91 -15.56
H21A DPV RA . 7.05 -3.98 -13.84
H22 DPV RA . 4.86 -2.88 -13.58
H22A DPV RA . 4.76 -2.64 -15.34
H23 DPV RA . 3.44 -4.68 -14.48
H23A DPV RA . 4.90 -5.37 -13.87
H23B DPV RA . 4.68 -5.18 -15.61
N DPV SA . 13.13 -9.16 -28.17
P DPV SA . 16.43 -7.97 -25.15
C1 DPV SA . 15.32 -7.45 -22.88
C2 DPV SA . 13.94 -7.33 -22.23
C3 DPV SA . 14.06 -6.88 -20.77
C4 DPV SA . 15.62 -8.39 -27.57
C5 DPV SA . 14.64 -9.28 -28.47
C6 DPV SA . 12.80 -9.49 -26.69
C7 DPV SA . 12.40 -10.15 -29.07
C8 DPV SA . 12.60 -7.76 -28.49
C15 DPV SA . 12.63 -6.61 -20.21
C16 DPV SA . 12.70 -6.26 -18.70
C17 DPV SA . 12.63 -7.52 -17.80
C18 DPV SA . 11.18 -8.01 -17.55
C19 DPV SA . 11.17 -9.44 -16.90
O1P DPV SA . 17.58 -8.71 -24.54
C20 DPV SA . 9.75 -9.86 -16.41
C21 DPV SA . 9.77 -11.36 -16.01
C22 DPV SA . 8.51 -11.72 -15.12
C23 DPV SA . 8.23 -13.23 -15.15
O2P DPV SA . 16.85 -6.65 -25.63
O3P DPV SA . 15.16 -7.92 -24.22
O4P DPV SA . 15.64 -8.85 -26.22
H1 DPV SA . 15.80 -6.47 -22.93
H1A DPV SA . 15.94 -8.18 -22.34
H2 DPV SA . 13.35 -6.63 -22.83
H2A DPV SA . 13.41 -8.32 -22.32
H3 DPV SA . 14.71 -6.00 -20.69
H3A DPV SA . 14.51 -7.73 -20.24
H4 DPV SA . 16.64 -8.44 -27.98
H4A DPV SA . 15.30 -7.33 -27.57
H5 DPV SA . 14.81 -9.01 -29.54
H5A DPV SA . 14.95 -10.33 -28.35
H6 DPV SA . 11.68 -9.55 -26.58
H6A DPV SA . 13.14 -8.67 -26.03
H6B DPV SA . 13.25 -10.45 -26.42
H7 DPV SA . 11.32 -10.07 -28.93
H7A DPV SA . 12.74 -11.16 -28.84
H7B DPV SA . 12.66 -9.91 -30.10
H8 DPV SA . 12.84 -7.50 -29.53
H8A DPV SA . 13.10 -7.04 -27.84
H8B DPV SA . 11.52 -7.74 -28.31
H15 DPV SA . 12.00 -7.43 -20.35
H15A DPV SA . 12.22 -5.80 -20.77
H16 DPV SA . 13.64 -5.69 -18.48
H16A DPV SA . 11.86 -5.59 -18.41
H17 DPV SA . 13.24 -8.35 -18.24
H17A DPV SA . 13.13 -7.24 -16.86
H18 DPV SA . 10.72 -7.26 -16.89
H18A DPV SA . 10.60 -8.07 -18.53
H19 DPV SA . 11.50 -10.14 -17.68
H19A DPV SA . 11.87 -9.48 -16.05
H20 DPV SA . 9.44 -9.21 -15.60
H20A DPV SA . 9.06 -9.72 -17.26
H21 DPV SA . 9.82 -11.97 -16.93
H21A DPV SA . 10.66 -11.59 -15.43
H22 DPV SA . 8.65 -11.38 -14.10
H22A DPV SA . 7.62 -11.22 -15.51
H23 DPV SA . 9.11 -13.74 -14.86
H23A DPV SA . 7.97 -13.50 -16.15
H23B DPV SA . 7.43 -13.47 -14.47
N DPV TA . 11.19 -22.74 -25.62
P DPV TA . 10.70 -18.99 -23.01
C1 DPV TA . 10.87 -17.67 -20.73
C2 DPV TA . 11.26 -17.94 -19.28
C3 DPV TA . 10.58 -16.95 -18.26
C4 DPV TA . 11.22 -21.57 -23.22
C5 DPV TA . 10.58 -22.67 -24.17
C6 DPV TA . 11.12 -21.36 -26.32
C7 DPV TA . 10.42 -23.78 -26.46
C8 DPV TA . 12.64 -23.20 -25.56
C15 DPV TA . 11.03 -17.29 -16.79
C16 DPV TA . 10.01 -16.76 -15.73
C17 DPV TA . 10.26 -17.36 -14.30
C18 DPV TA . 9.11 -16.99 -13.29
C19 DPV TA . 9.25 -17.76 -11.92
O1P DPV TA . 12.04 -18.76 -23.57
C20 DPV TA . 8.06 -17.54 -10.99
C21 DPV TA . 8.28 -18.14 -9.57
C22 DPV TA . 7.02 -17.95 -8.65
C23 DPV TA . 7.25 -18.52 -7.29
O2P DPV TA . 9.71 -18.08 -23.62
O3P DPV TA . 10.69 -18.97 -21.40
O4P DPV TA . 10.23 -20.52 -23.04
H1 DPV TA . 9.92 -17.10 -20.78
H1A DPV TA . 11.66 -17.10 -21.23
H2 DPV TA . 10.98 -18.96 -19.06
H2A DPV TA . 12.30 -17.84 -19.20
H3 DPV TA . 9.46 -17.04 -18.34
H3A DPV TA . 10.86 -15.89 -18.48
H4 DPV TA . 11.51 -21.95 -22.22
H4A DPV TA . 12.13 -21.13 -23.71
H5 DPV TA . 10.72 -23.67 -23.75
H5A DPV TA . 9.52 -22.46 -24.27
H6 DPV TA . 10.06 -21.05 -26.37
H6A DPV TA . 11.46 -21.49 -27.35
H6B DPV TA . 11.74 -20.62 -25.79
H7 DPV TA . 10.56 -24.76 -26.02
H7A DPV TA . 10.77 -23.78 -27.50
H7B DPV TA . 9.36 -23.52 -26.44
H8 DPV TA . 12.73 -24.15 -25.01
H8A DPV TA . 13.20 -22.44 -25.01
H8B DPV TA . 13.03 -23.31 -26.59
H15 DPV TA . 12.00 -16.82 -16.58
H15A DPV TA . 11.15 -18.36 -16.65
H16 DPV TA . 10.10 -15.68 -15.68
H16A DPV TA . 9.00 -16.97 -16.06
H17 DPV TA . 10.32 -18.44 -14.35
H17A DPV TA . 11.19 -16.99 -13.91
H18 DPV TA . 9.04 -15.91 -13.11
H18A DPV TA . 8.14 -17.27 -13.74
H19 DPV TA . 9.36 -18.84 -12.09
H19A DPV TA . 10.16 -17.42 -11.43
H20 DPV TA . 7.86 -16.50 -10.91
H20A DPV TA . 7.19 -17.99 -11.43
H21 DPV TA . 8.53 -19.21 -9.58
H21A DPV TA . 9.13 -17.67 -9.12
H22 DPV TA . 6.73 -16.90 -8.55
H22A DPV TA . 6.18 -18.46 -9.15
H23 DPV TA . 7.55 -19.57 -7.32
H23A DPV TA . 6.33 -18.39 -6.70
H23B DPV TA . 8.04 -17.94 -6.79
N DPV UA . 6.62 -17.92 -27.86
P DPV UA . 6.27 -21.94 -25.72
C1 DPV UA . 6.70 -23.18 -23.50
C2 DPV UA . 7.26 -22.96 -22.06
C3 DPV UA . 6.91 -24.13 -21.16
C4 DPV UA . 7.61 -19.70 -26.11
C5 DPV UA . 7.32 -18.20 -26.47
C6 DPV UA . 5.23 -18.60 -27.99
C7 DPV UA . 7.50 -18.36 -29.02
C8 DPV UA . 6.43 -16.41 -27.98
C15 DPV UA . 7.71 -24.07 -19.84
C16 DPV UA . 7.16 -25.03 -18.75
C17 DPV UA . 5.85 -24.53 -18.08
C18 DPV UA . 5.39 -25.42 -16.90
C19 DPV UA . 3.96 -25.10 -16.37
O1P DPV UA . 4.89 -22.43 -25.87
C20 DPV UA . 3.93 -24.00 -15.29
C21 DPV UA . 2.51 -23.85 -14.69
C22 DPV UA . 2.45 -22.73 -13.57
C23 DPV UA . 2.31 -21.31 -14.16
O2P DPV UA . 7.21 -22.62 -26.64
O3P DPV UA . 6.75 -21.95 -24.20
O4P DPV UA . 6.39 -20.36 -25.73
H1 DPV UA . 7.36 -23.90 -24.02
H1A DPV UA . 5.67 -23.57 -23.51
H2 DPV UA . 8.33 -22.82 -22.10
H2A DPV UA . 6.87 -22.04 -21.66
H3 DPV UA . 7.13 -25.06 -21.63
H3A DPV UA . 5.83 -24.14 -21.00
H4 DPV UA . 8.10 -20.22 -26.98
H4A DPV UA . 8.30 -19.79 -25.24
H5 DPV UA . 6.71 -17.73 -25.70
H5A DPV UA . 8.27 -17.68 -26.53
H6 DPV UA . 4.61 -18.30 -27.13
H6A DPV UA . 5.38 -19.69 -28.00
H6B DPV UA . 4.75 -18.25 -28.93
H7 DPV UA . 8.47 -17.88 -28.94
H7A DPV UA . 7.02 -18.10 -29.96
H7B DPV UA . 7.56 -19.43 -28.97
H8 DPV UA . 7.38 -15.92 -27.91
H8A DPV UA . 5.79 -16.08 -27.19
H8B DPV UA . 5.99 -16.21 -28.95
H15 DPV UA . 7.73 -23.06 -19.47
H15A DPV UA . 8.71 -24.33 -20.09
H16 DPV UA . 6.97 -25.98 -19.22
H16A DPV UA . 7.88 -25.14 -17.98
H17 DPV UA . 6.03 -23.51 -17.68
H17A DPV UA . 5.06 -24.45 -18.86
H18 DPV UA . 5.39 -26.44 -17.24
H18A DPV UA . 6.11 -25.31 -16.09
H19 DPV UA . 3.37 -24.81 -17.18
H19A DPV UA . 3.57 -26.00 -15.96
H20 DPV UA . 4.65 -24.25 -14.49
H20A DPV UA . 4.21 -23.04 -15.71
H21 DPV UA . 1.78 -23.63 -15.49
H21A DPV UA . 2.20 -24.82 -14.26
H22 DPV UA . 1.57 -22.90 -12.92
H22A DPV UA . 3.36 -22.80 -12.92
H23 DPV UA . 2.34 -20.58 -13.33
H23A DPV UA . 1.34 -21.22 -14.66
H23B DPV UA . 3.11 -21.08 -14.87
N DPV VA . 4.34 -2.48 -24.51
P DPV VA . 3.63 -7.54 -25.65
C1 DPV VA . 4.86 -9.53 -26.80
C2 DPV VA . 6.23 -9.91 -27.35
C3 DPV VA . 6.12 -11.02 -28.44
C4 DPV VA . 3.88 -5.15 -24.75
C5 DPV VA . 4.90 -3.95 -24.67
C6 DPV VA . 3.52 -2.33 -23.25
C7 DPV VA . 3.47 -2.04 -25.71
C8 DPV VA . 5.49 -1.51 -24.42
C15 DPV VA . 7.49 -11.45 -29.01
C16 DPV VA . 8.18 -12.52 -28.09
C17 DPV VA . 9.50 -13.05 -28.75
C18 DPV VA . 10.16 -14.13 -27.86
C19 DPV VA . 10.95 -13.60 -26.64
O1P DPV VA . 2.77 -8.19 -24.63
C20 DPV VA . 11.16 -14.68 -25.59
C21 DPV VA . 11.92 -14.13 -24.32
C22 DPV VA . 12.24 -15.29 -23.39
C23 DPV VA . 13.09 -14.82 -22.16
O2P DPV VA . 2.86 -7.14 -26.86
O3P DPV VA . 4.97 -8.34 -25.99
O4P DPV VA . 4.51 -6.36 -25.08
H1 DPV VA . 4.20 -9.35 -27.64
H1A DPV VA . 4.44 -10.33 -26.19
H2 DPV VA . 6.70 -9.00 -27.73
H2A DPV VA . 6.86 -10.25 -26.56
H3 DPV VA . 5.53 -10.66 -29.27
H3A DPV VA . 5.59 -11.88 -28.05
H4 DPV VA . 3.34 -5.26 -23.80
H4A DPV VA . 3.16 -4.94 -25.53
H5 DPV VA . 5.53 -4.10 -23.81
H5A DPV VA . 5.50 -3.96 -25.56
H6 DPV VA . 4.07 -2.73 -22.42
H6A DPV VA . 2.58 -2.86 -23.35
H6B DPV VA . 3.30 -1.27 -23.11
H7 DPV VA . 4.05 -2.14 -26.64
H7A DPV VA . 3.18 -0.99 -25.58
H7B DPV VA . 2.58 -2.66 -25.71
H8 DPV VA . 6.22 -1.81 -23.71
H8A DPV VA . 5.11 -0.50 -24.15
H8B DPV VA . 5.98 -1.48 -25.35
H15 DPV VA . 8.15 -10.63 -29.20
H15A DPV VA . 7.29 -11.89 -30.02
H16 DPV VA . 8.43 -12.07 -27.13
H16A DPV VA . 7.48 -13.33 -27.88
H17 DPV VA . 9.30 -13.49 -29.72
H17A DPV VA . 10.18 -12.22 -28.89
H18 DPV VA . 9.38 -14.84 -27.54
H18A DPV VA . 10.83 -14.79 -28.47
H19 DPV VA . 11.91 -13.24 -27.02
H19A DPV VA . 10.44 -12.76 -26.17
H20 DPV VA . 10.21 -15.10 -25.28
H20A DPV VA . 11.76 -15.48 -26.03
H21 DPV VA . 12.86 -13.62 -24.63
H21A DPV VA . 11.32 -13.34 -23.80
H22 DPV VA . 11.28 -15.72 -23.04
H22A DPV VA . 12.80 -16.05 -23.91
H23 DPV VA . 12.56 -14.02 -21.63
H23A DPV VA . 14.04 -14.44 -22.50
H23B DPV VA . 13.32 -15.63 -21.50
N DPV WA . -0.97 -19.31 -26.97
P DPV WA . 0.59 -22.38 -23.77
C1 DPV WA . 3.04 -22.23 -22.83
C2 DPV WA . 2.84 -22.89 -21.46
C3 DPV WA . 2.42 -21.88 -20.39
C4 DPV WA . -0.40 -20.03 -24.40
C5 DPV WA . -0.29 -18.95 -25.55
C6 DPV WA . -2.41 -19.84 -26.76
C7 DPV WA . -0.16 -20.36 -27.71
C8 DPV WA . -1.05 -18.03 -27.81
C15 DPV WA . 2.09 -22.57 -19.03
C16 DPV WA . 1.60 -21.57 -17.97
C17 DPV WA . 0.11 -21.22 -18.13
C18 DPV WA . -0.38 -20.20 -17.04
C19 DPV WA . -1.80 -19.68 -17.37
O1P DPV WA . -0.47 -22.53 -22.73
C20 DPV WA . -2.26 -18.63 -16.33
C21 DPV WA . -3.43 -17.74 -16.83
C22 DPV WA . -3.86 -16.67 -15.80
C23 DPV WA . -4.97 -15.77 -16.37
O2P DPV WA . 0.95 -23.67 -24.41
O3P DPV WA . 1.86 -21.55 -23.27
O4P DPV WA . 0.29 -21.24 -24.81
H1 DPV WA . 3.86 -21.49 -22.76
H1A DPV WA . 3.33 -22.97 -23.58
H2 DPV WA . 2.03 -23.60 -21.56
H2A DPV WA . 3.74 -23.41 -21.16
H3 DPV WA . 1.53 -21.35 -20.72
H3A DPV WA . 3.18 -21.13 -20.22
H4 DPV WA . 0.05 -19.63 -23.47
H4A DPV WA . -1.46 -20.30 -24.23
H5 DPV WA . -0.78 -18.06 -25.20
H5A DPV WA . 0.77 -18.69 -25.74
H6 DPV WA . -2.36 -20.81 -26.30
H6A DPV WA . -2.89 -19.95 -27.72
H6B DPV WA . -2.99 -19.16 -26.12
H7 DPV WA . -0.15 -21.27 -27.16
H7A DPV WA . 0.85 -20.00 -27.80
H7B DPV WA . -0.59 -20.53 -28.69
H8 DPV WA . -1.54 -18.28 -28.75
H8A DPV WA . -0.03 -17.70 -27.98
H8B DPV WA . -1.66 -17.27 -27.29
H15 DPV WA . 2.95 -23.07 -18.62
H15A DPV WA . 1.37 -23.35 -19.17
H16 DPV WA . 1.74 -22.04 -17.00
H16A DPV WA . 2.16 -20.66 -17.99
H17 DPV WA . -0.10 -20.84 -19.13
H17A DPV WA . -0.44 -22.13 -18.01
H18 DPV WA . -0.31 -20.67 -16.04
H18A DPV WA . 0.28 -19.30 -17.05
H19 DPV WA . -1.78 -19.21 -18.36
H19A DPV WA . -2.54 -20.49 -17.37
H20 DPV WA . -2.56 -19.13 -15.39
H20A DPV WA . -1.41 -17.99 -16.07
H21 DPV WA . -3.15 -17.21 -17.76
H21A DPV WA . -4.28 -18.40 -17.09
H22 DPV WA . -4.19 -17.14 -14.88
H22A DPV WA . -3.00 -16.05 -15.55
H23 DPV WA . -5.84 -16.32 -16.70
H23A DPV WA . -4.62 -15.18 -17.20
H23B DPV WA . -5.25 -15.03 -15.58
N DPV XA . -4.59 -1.11 -19.66
P DPV XA . -4.28 -0.74 -15.07
C1 DPV XA . -3.77 -0.99 -12.53
C2 DPV XA . -2.85 -1.91 -11.69
C3 DPV XA . -2.94 -3.38 -12.19
C4 DPV XA . -3.34 -1.55 -17.37
C5 DPV XA . -4.24 -0.57 -18.25
C6 DPV XA . -5.23 -2.53 -19.66
C7 DPV XA . -3.35 -1.07 -20.60
C8 DPV XA . -5.59 -0.13 -20.21
C15 DPV XA . -2.27 -4.42 -11.21
C16 DPV XA . -2.09 -5.82 -11.82
C17 DPV XA . -3.43 -6.54 -12.17
C18 DPV XA . -3.18 -7.97 -12.72
C19 DPV XA . -4.51 -8.69 -13.04
O1P DPV XA . -4.84 0.65 -15.11
C20 DPV XA . -4.27 -10.14 -13.58
C21 DPV XA . -5.59 -10.94 -13.80
C22 DPV XA . -6.18 -11.53 -12.49
C23 DPV XA . -5.73 -12.98 -12.25
O2P DPV XA . -5.34 -1.78 -15.15
O3P DPV XA . -3.26 -0.98 -13.89
O4P DPV XA . -3.08 -0.96 -16.09
H1 DPV XA . -4.76 -1.38 -12.53
H1A DPV XA . -3.77 0.01 -12.14
H2 DPV XA . -1.79 -1.55 -11.70
H2A DPV XA . -3.21 -1.91 -10.65
H3 DPV XA . -2.46 -3.44 -13.19
H3A DPV XA . -3.99 -3.68 -12.33
H4 DPV XA . -3.85 -2.49 -17.24
H4A DPV XA . -2.40 -1.69 -17.85
H5 DPV XA . -5.17 -0.43 -17.71
H5A DPV XA . -3.72 0.36 -18.36
H6 DPV XA . -6.09 -2.53 -19.00
H6A DPV XA . -4.52 -3.28 -19.38
H6B DPV XA . -5.58 -2.76 -20.64
H7 DPV XA . -3.70 -1.25 -21.62
H7A DPV XA . -2.65 -1.85 -20.32
H7B DPV XA . -2.89 -0.09 -20.49
H8 DPV XA . -5.16 0.86 -20.17
H8A DPV XA . -6.48 -0.15 -19.61
H8B DPV XA . -5.87 -0.42 -21.19
H15 DPV XA . -2.86 -4.48 -10.36
H15A DPV XA . -1.29 -4.08 -10.95
H16 DPV XA . -1.46 -5.70 -12.77
H16A DPV XA . -1.50 -6.45 -11.11
H17 DPV XA . -4.02 -6.61 -11.28
H17A DPV XA . -3.99 -5.99 -12.93
H18 DPV XA . -2.58 -7.92 -13.61
H18A DPV XA . -2.65 -8.55 -11.98
H19 DPV XA . -5.08 -8.70 -12.12
H19A DPV XA . -5.09 -8.09 -13.74
H20 DPV XA . -3.75 -10.13 -14.58
H20A DPV XA . -3.55 -10.70 -12.93
H21 DPV XA . -6.33 -10.30 -14.26
H21A DPV XA . -5.40 -11.72 -14.55
H22 DPV XA . -5.92 -10.92 -11.61
H22A DPV XA . -7.29 -11.54 -12.58
H23 DPV XA . -4.66 -13.11 -12.30
H23A DPV XA . -6.14 -13.64 -12.99
H23B DPV XA . -6.07 -13.38 -11.27
N DPV YA . -3.18 -15.88 -21.34
P DPV YA . -7.36 -14.90 -19.96
C1 DPV YA . -6.92 -13.02 -18.21
C2 DPV YA . -5.84 -11.97 -18.01
C3 DPV YA . -6.44 -10.61 -17.54
C4 DPV YA . -5.55 -14.83 -21.80
C5 DPV YA . -4.28 -15.49 -22.37
C6 DPV YA . -1.92 -16.25 -22.14
C7 DPV YA . -3.57 -17.13 -20.49
C8 DPV YA . -2.81 -14.75 -20.39
C15 DPV YA . -5.35 -9.54 -17.44
C16 DPV YA . -6.01 -8.14 -17.21
C17 DPV YA . -5.08 -6.98 -17.55
C18 DPV YA . -4.10 -6.60 -16.40
C19 DPV YA . -3.05 -5.55 -16.86
O1P DPV YA . -8.26 -14.14 -20.87
C20 DPV YA . -2.01 -5.24 -15.73
C21 DPV YA . -0.95 -4.28 -16.25
C22 DPV YA . 0.10 -3.91 -15.12
C23 DPV YA . 1.19 -2.96 -15.67
O2P DPV YA . -8.12 -15.83 -19.11
O3P DPV YA . -6.37 -13.98 -19.16
O4P DPV YA . -6.14 -15.58 -20.72
H1 DPV YA . -7.16 -13.55 -17.26
H1A DPV YA . -7.80 -12.55 -18.66
H2 DPV YA . -5.12 -12.32 -17.26
H2A DPV YA . -5.30 -11.84 -18.95
H3 DPV YA . -6.95 -10.71 -16.58
H3A DPV YA . -7.21 -10.29 -18.27
H4 DPV YA . -5.34 -13.84 -21.44
H4A DPV YA . -6.24 -14.75 -22.64
H5 DPV YA . -4.51 -16.41 -22.89
H5A DPV YA . -3.79 -14.82 -23.05
H6 DPV YA . -2.17 -17.06 -22.84
H6A DPV YA . -1.12 -16.50 -21.43
H6B DPV YA . -1.61 -15.37 -22.74
H7 DPV YA . -2.66 -17.42 -19.89
H7A DPV YA . -3.87 -17.93 -21.20
H7B DPV YA . -4.41 -16.88 -19.81
H8 DPV YA . -2.04 -15.08 -19.68
H8A DPV YA . -3.70 -14.40 -19.85
H8B DPV YA . -2.37 -13.94 -20.97
H15 DPV YA . -4.79 -9.56 -18.38
H15A DPV YA . -4.67 -9.79 -16.61
H16 DPV YA . -6.90 -8.08 -17.83
H16A DPV YA . -6.38 -8.04 -16.18
H17 DPV YA . -4.52 -7.22 -18.47
H17A DPV YA . -5.68 -6.11 -17.82
H18 DPV YA . -4.72 -6.18 -15.56
H18A DPV YA . -3.58 -7.52 -16.04
H19 DPV YA . -2.56 -5.95 -17.72
H19A DPV YA . -3.55 -4.64 -17.13
H20 DPV YA . -2.52 -4.82 -14.87
H20A DPV YA . -1.51 -6.16 -15.42
H21 DPV YA . -0.43 -4.75 -17.10
H21A DPV YA . -1.42 -3.36 -16.60
H22 DPV YA . -0.38 -3.42 -14.27
H22A DPV YA . 0.59 -4.84 -14.79
H23 DPV YA . 1.71 -3.43 -16.49
H23A DPV YA . 1.87 -2.74 -14.88
H23B DPV YA . 0.73 -2.04 -15.99
N DPV ZA . 27.03 -17.79 10.08
P DPV ZA . 23.91 -21.08 8.65
C1 DPV ZA . 22.54 -20.97 6.43
C2 DPV ZA . 21.51 -19.96 5.81
C3 DPV ZA . 20.42 -19.65 6.85
C4 DPV ZA . 24.56 -18.70 9.54
C5 DPV ZA . 25.63 -17.57 9.43
C6 DPV ZA . 26.91 -17.98 11.60
C7 DPV ZA . 27.81 -16.52 9.85
C8 DPV ZA . 27.79 -18.93 9.44
C15 DPV ZA . 19.34 -18.70 6.25
C16 DPV ZA . 18.37 -18.15 7.34
C17 DPV ZA . 17.14 -19.06 7.59
C18 DPV ZA . 16.80 -19.16 9.09
C19 DPV ZA . 15.33 -19.65 9.34
O1P DPV ZA . 24.51 -22.36 8.29
C20 DPV ZA . 15.03 -19.90 10.83
C21 DPV ZA . 13.64 -20.58 11.06
C22 DPV ZA . 12.47 -19.56 11.11
C23 DPV ZA . 11.09 -20.23 11.22
O2P DPV ZA . 22.95 -21.22 9.75
O3P DPV ZA . 23.32 -20.26 7.40
O4P DPV ZA . 24.98 -19.91 8.87
H1 DPV ZA . 22.04 -21.82 6.90
H1A DPV ZA . 23.17 -21.34 5.64
H2 DPV ZA . 22.03 -19.05 5.54
H2A DPV ZA . 21.07 -20.43 4.95
H3 DPV ZA . 20.87 -19.19 7.76
H3A DPV ZA . 19.91 -20.58 7.17
H4 DPV ZA . 24.40 -18.95 10.61
H4A DPV ZA . 23.60 -18.36 9.08
H5 DPV ZA . 25.80 -17.35 8.38
H5A DPV ZA . 25.22 -16.67 9.87
H6 DPV ZA . 26.16 -18.72 11.81
H6A DPV ZA . 26.60 -17.03 12.05
H6B DPV ZA . 27.87 -18.33 11.98
H7 DPV ZA . 27.83 -16.30 8.78
H7A DPV ZA . 28.84 -16.67 10.20
H7B DPV ZA . 27.30 -15.69 10.37
H8 DPV ZA . 27.29 -19.88 9.66
H8A DPV ZA . 28.80 -18.93 9.82
H8B DPV ZA . 27.82 -18.75 8.39
H15 DPV ZA . 18.81 -19.19 5.47
H15A DPV ZA . 19.85 -17.87 5.81
H16 DPV ZA . 18.94 -17.95 8.23
H16A DPV ZA . 17.99 -17.22 6.98
H17 DPV ZA . 16.26 -18.66 7.04
H17A DPV ZA . 17.28 -20.08 7.22
H18 DPV ZA . 17.48 -19.84 9.59
H18A DPV ZA . 16.95 -18.20 9.55
H19 DPV ZA . 14.63 -18.88 8.92
H19A DPV ZA . 15.18 -20.60 8.79
H20 DPV ZA . 15.79 -20.55 11.25
H20A DPV ZA . 15.12 -18.95 11.41
H21 DPV ZA . 13.46 -21.34 10.31
H21A DPV ZA . 13.67 -21.14 12.01
H22 DPV ZA . 12.62 -18.90 11.94
H22A DPV ZA . 12.46 -18.96 10.23
H23 DPV ZA . 10.93 -20.83 10.32
H23A DPV ZA . 10.31 -19.47 11.31
H23B DPV ZA . 11.10 -20.92 12.07
N DPV AB . 30.07 -15.76 1.80
P DPV AB . 26.54 -14.51 0.16
C1 DPV AB . 24.43 -13.39 -0.88
C2 DPV AB . 23.09 -12.82 -0.48
C3 DPV AB . 21.94 -13.87 -0.55
C4 DPV AB . 27.83 -14.54 2.43
C5 DPV AB . 28.61 -15.88 2.37
C6 DPV AB . 30.07 -15.47 0.26
C7 DPV AB . 30.78 -17.13 2.02
C8 DPV AB . 30.91 -14.70 2.52
C15 DPV AB . 20.53 -13.21 -0.48
C16 DPV AB . 19.41 -14.25 -0.68
C17 DPV AB . 17.98 -13.53 -0.52
C18 DPV AB . 16.81 -14.46 -0.83
C19 DPV AB . 15.43 -13.75 -0.84
O1P DPV AB . 27.43 -13.42 -0.32
C20 DPV AB . 14.33 -14.61 -1.50
C21 DPV AB . 12.94 -13.87 -1.59
C22 DPV AB . 11.88 -14.74 -2.36
C23 DPV AB . 10.60 -13.91 -2.74
O2P DPV AB . 26.72 -15.77 -0.59
O3P DPV AB . 25.01 -14.07 0.27
O4P DPV AB . 26.58 -14.70 1.75
H1 DPV AB . 24.31 -14.10 -1.71
H1A DPV AB . 25.10 -12.59 -1.13
H2 DPV AB . 23.17 -12.37 0.51
H2A DPV AB . 22.85 -12.02 -1.19
H3 DPV AB . 22.09 -14.62 0.26
H3A DPV AB . 22.00 -14.40 -1.52
H4 DPV AB . 27.63 -14.34 3.49
H4A DPV AB . 28.39 -13.76 1.97
H5 DPV AB . 28.68 -16.29 3.36
H5A DPV AB . 28.09 -16.57 1.75
H6 DPV AB . 29.69 -14.47 0.08
H6A DPV AB . 29.43 -16.20 -0.23
H6B DPV AB . 31.08 -15.55 -0.10
H7 DPV AB . 31.86 -17.00 1.97
H7A DPV AB . 30.46 -17.83 1.22
H7B DPV AB . 30.50 -17.55 3.00
H8 DPV AB . 31.03 -14.96 3.58
H8A DPV AB . 30.44 -13.71 2.41
H8B DPV AB . 31.91 -14.67 2.07
H15 DPV AB . 20.42 -12.45 -1.25
H15A DPV AB . 20.39 -12.69 0.47
H16 DPV AB . 19.52 -14.70 -1.64
H16A DPV AB . 19.49 -15.05 0.04
H17 DPV AB . 17.84 -13.15 0.49
H17A DPV AB . 17.94 -12.67 -1.20
H18 DPV AB . 16.97 -14.91 -1.82
H18A DPV AB . 16.81 -15.26 -0.09
H19 DPV AB . 15.16 -13.47 0.17
H19A DPV AB . 15.55 -12.82 -1.39
H20 DPV AB . 14.64 -14.87 -2.51
H20A DPV AB . 14.22 -15.59 -0.97
H21 DPV AB . 12.56 -13.61 -0.62
H21A DPV AB . 13.06 -12.95 -2.13
H22 DPV AB . 12.30 -15.11 -3.30
H22A DPV AB . 11.60 -15.59 -1.76
H23 DPV AB . 10.23 -13.30 -1.91
H23A DPV AB . 9.80 -14.58 -3.06
H23B DPV AB . 10.86 -13.21 -3.57
N DPV BB . 10.83 -15.85 15.05
P DPV BB . 11.50 -20.97 15.33
C1 DPV BB . 13.70 -22.37 15.51
C2 DPV BB . 14.99 -22.60 14.74
C3 DPV BB . 15.88 -23.72 15.35
C4 DPV BB . 10.95 -18.45 15.15
C5 DPV BB . 11.46 -17.14 14.49
C6 DPV BB . 11.34 -14.64 14.26
C7 DPV BB . 11.30 -15.63 16.49
C8 DPV BB . 9.28 -15.83 15.02
C15 DPV BB . 17.07 -24.04 14.42
C16 DPV BB . 17.92 -25.20 14.89
C17 DPV BB . 18.78 -25.81 13.72
C18 DPV BB . 17.94 -26.69 12.73
C19 DPV BB . 18.63 -26.88 11.33
O1P DPV BB . 11.39 -21.10 16.79
C20 DPV BB . 17.76 -26.36 10.14
C21 DPV BB . 17.74 -24.82 10.01
C22 DPV BB . 17.10 -24.43 8.63
C23 DPV BB . 16.99 -22.91 8.48
O2P DPV BB . 10.38 -21.53 14.59
O3P DPV BB . 12.92 -21.38 14.76
O4P DPV BB . 11.91 -19.48 14.86
H1 DPV BB . 13.12 -23.32 15.53
H1A DPV BB . 13.85 -21.97 16.55
H2 DPV BB . 14.75 -22.85 13.74
H2A DPV BB . 15.54 -21.67 14.75
H3 DPV BB . 15.23 -24.61 15.52
H3A DPV BB . 16.24 -23.42 16.37
H4 DPV BB . 10.85 -18.36 16.21
H4A DPV BB . 9.97 -18.72 14.76
H5 DPV BB . 12.55 -17.07 14.60
H5A DPV BB . 11.20 -17.18 13.41
H6 DPV BB . 10.96 -14.70 13.26
H6A DPV BB . 12.42 -14.66 14.22
H6B DPV BB . 11.00 -13.73 14.73
H7 DPV BB . 10.99 -16.48 17.10
H7A DPV BB . 10.81 -14.73 16.89
H7B DPV BB . 12.39 -15.50 16.44
H8 DPV BB . 8.91 -16.62 15.66
H8A DPV BB . 8.96 -15.98 13.99
H8B DPV BB . 8.93 -14.88 15.39
H15 DPV BB . 17.72 -23.14 14.41
H15A DPV BB . 16.70 -24.23 13.42
H16 DPV BB . 18.62 -24.87 15.67
H16A DPV BB . 17.32 -25.98 15.36
H17 DPV BB . 19.25 -24.97 13.19
H17A DPV BB . 19.59 -26.43 14.13
H18 DPV BB . 17.74 -27.67 13.18
H18A DPV BB . 16.97 -26.23 12.56
H19 DPV BB . 19.58 -26.38 11.31
H19A DPV BB . 18.83 -27.92 11.19
H20 DPV BB . 18.17 -26.80 9.22
H20A DPV BB . 16.72 -26.77 10.23
H21 DPV BB . 17.11 -24.40 10.83
H21A DPV BB . 18.78 -24.48 10.10
H22 DPV BB . 17.69 -24.83 7.82
H22A DPV BB . 16.13 -24.89 8.58
H23 DPV BB . 17.94 -22.39 8.66
H23A DPV BB . 16.27 -22.53 9.19
H23B DPV BB . 16.65 -22.65 7.47
N DPV CB . 14.98 -36.71 -2.09
P DPV CB . 13.50 -34.98 2.01
C1 DPV CB . 12.99 -33.14 3.81
C2 DPV CB . 12.33 -31.76 3.97
C3 DPV CB . 13.24 -30.82 4.79
C4 DPV CB . 14.29 -34.79 -0.43
C5 DPV CB . 14.05 -36.23 -0.94
C6 DPV CB . 16.48 -36.67 -1.73
C7 DPV CB . 14.74 -35.98 -3.41
C8 DPV CB . 14.62 -38.18 -2.32
C15 DPV CB . 12.77 -29.34 4.78
C16 DPV CB . 13.35 -28.57 3.58
C17 DPV CB . 13.27 -27.03 3.73
C18 DPV CB . 13.89 -26.30 2.52
C19 DPV CB . 13.77 -24.76 2.63
O1P DPV CB . 12.79 -36.27 2.20
C20 DPV CB . 14.29 -24.10 1.34
C21 DPV CB . 14.35 -22.58 1.43
C22 DPV CB . 15.29 -21.99 0.32
C23 DPV CB . 15.16 -20.51 0.26
O2P DPV CB . 14.89 -35.02 2.53
O3P DPV CB . 12.63 -33.73 2.54
O4P DPV CB . 13.36 -34.41 0.56
H1 DPV CB . 14.10 -33.02 3.81
H1A DPV CB . 12.70 -33.78 4.64
H2 DPV CB . 12.16 -31.36 2.97
H2A DPV CB . 11.36 -31.86 4.46
H3 DPV CB . 14.21 -30.83 4.34
H3A DPV CB . 13.33 -31.14 5.82
H4 DPV CB . 15.30 -34.67 -0.01
H4A DPV CB . 14.15 -34.13 -1.26
H5 DPV CB . 14.18 -36.96 -0.07
H5A DPV CB . 13.00 -36.32 -1.29
H6 DPV CB . 16.63 -37.21 -0.81
H6A DPV CB . 16.76 -35.63 -1.63
H6B DPV CB . 17.02 -37.12 -2.56
H7 DPV CB . 15.03 -34.95 -3.32
H7A DPV CB . 13.68 -36.08 -3.62
H7B DPV CB . 15.29 -36.47 -4.21
H8 DPV CB . 13.58 -38.23 -2.68
H8A DPV CB . 14.72 -38.76 -1.39
H8B DPV CB . 15.30 -38.61 -3.07
H15 DPV CB . 13.11 -28.85 5.71
H15A DPV CB . 11.67 -29.29 4.78
H16 DPV CB . 14.37 -28.85 3.45
H16A DPV CB . 12.83 -28.91 2.69
H17 DPV CB . 12.25 -26.69 3.87
H17A DPV CB . 13.86 -26.71 4.58
H18 DPV CB . 14.97 -26.55 2.44
H18A DPV CB . 13.42 -26.66 1.56
H19 DPV CB . 12.71 -24.45 2.85
H19A DPV CB . 14.40 -24.43 3.47
H20 DPV CB . 15.29 -24.48 1.09
H20A DPV CB . 13.60 -24.38 0.48
H21 DPV CB . 13.33 -22.21 1.32
H21A DPV CB . 14.68 -22.24 2.41
H22 DPV CB . 16.35 -22.27 0.58
H22A DPV CB . 15.01 -22.41 -0.67
H23 DPV CB . 15.37 -20.09 1.23
H23A DPV CB . 14.14 -20.24 0.04
H23B DPV CB . 15.82 -20.10 -0.49
N DPV DB . 18.74 -33.74 -5.22
P DPV DB . 15.33 -35.95 -7.53
C1 DPV DB . 13.25 -37.36 -6.86
C2 DPV DB . 12.35 -37.60 -5.65
C3 DPV DB . 11.06 -38.35 -6.09
C4 DPV DB . 17.80 -35.37 -7.07
C5 DPV DB . 18.81 -35.14 -5.90
C6 DPV DB . 17.34 -33.50 -4.55
C7 DPV DB . 19.04 -32.62 -6.23
C8 DPV DB . 19.84 -33.75 -4.15
C15 DPV DB . 9.98 -38.43 -4.98
C16 DPV DB . 9.11 -37.14 -4.83
C17 DPV DB . 8.06 -37.30 -3.70
C18 DPV DB . 7.01 -36.15 -3.69
C19 DPV DB . 7.51 -34.83 -3.04
O1P DPV DB . 14.78 -34.64 -7.93
C20 DPV DB . 6.88 -34.60 -1.62
C21 DPV DB . 7.34 -33.26 -0.93
C22 DPV DB . 6.58 -31.99 -1.50
C23 DPV DB . 7.09 -30.69 -0.83
O2P DPV DB . 15.58 -36.82 -8.69
O3P DPV DB . 14.46 -36.66 -6.42
O4P DPV DB . 16.57 -35.83 -6.54
H1 DPV DB . 13.51 -38.33 -7.33
H1A DPV DB . 12.73 -36.75 -7.60
H2 DPV DB . 12.82 -38.20 -4.88
H2A DPV DB . 12.07 -36.63 -5.24
H3 DPV DB . 11.31 -39.36 -6.39
H3A DPV DB . 10.61 -37.86 -6.93
H4 DPV DB . 17.63 -34.44 -7.66
H4A DPV DB . 18.20 -36.12 -7.77
H5 DPV DB . 18.63 -35.90 -5.14
H5A DPV DB . 19.85 -35.29 -6.30
H6 DPV DB . 17.14 -34.30 -3.81
H6A DPV DB . 16.58 -33.53 -5.32
H6B DPV DB . 17.33 -32.51 -4.08
H7 DPV DB . 19.06 -31.68 -5.69
H7A DPV DB . 18.24 -32.60 -6.97
H7B DPV DB . 19.99 -32.86 -6.73
H8 DPV DB . 19.83 -32.80 -3.62
H8A DPV DB . 20.81 -33.94 -4.60
H8B DPV DB . 19.64 -34.58 -3.47
H15 DPV DB . 10.48 -38.62 -4.04
H15A DPV DB . 9.35 -39.28 -5.12
H16 DPV DB . 9.78 -36.30 -4.59
H16A DPV DB . 8.57 -36.94 -5.77
H17 DPV DB . 7.51 -38.24 -3.85
H17A DPV DB . 8.55 -37.35 -2.71
H18 DPV DB . 6.72 -35.95 -4.70
H18A DPV DB . 6.14 -36.52 -3.17
H19 DPV DB . 8.58 -34.81 -2.97
H19A DPV DB . 7.25 -33.98 -3.68
H20 DPV DB . 5.82 -34.64 -1.69
H20A DPV DB . 7.15 -35.39 -1.00
H21 DPV DB . 7.18 -33.31 0.13
H21A DPV DB . 8.41 -33.16 -1.09
H22 DPV DB . 6.74 -31.94 -2.57
H22A DPV DB . 5.52 -32.14 -1.34
H23 DPV DB . 8.11 -30.42 -1.16
H23A DPV DB . 7.02 -30.76 0.27
H23B DPV DB . 6.42 -29.88 -1.14
N DPV EB . 3.90 -28.16 13.28
P DPV EB . 8.11 -26.19 12.01
C1 DPV EB . 8.34 -23.94 10.64
C2 DPV EB . 9.62 -23.89 9.76
C3 DPV EB . 9.53 -22.78 8.65
C4 DPV EB . 6.02 -26.55 13.52
C5 DPV EB . 4.81 -27.04 12.65
C6 DPV EB . 4.70 -29.44 13.53
C7 DPV EB . 2.81 -28.50 12.29
C8 DPV EB . 3.21 -27.71 14.62
C15 DPV EB . 8.72 -23.15 7.40
C16 DPV EB . 9.57 -24.03 6.44
C17 DPV EB . 8.90 -24.13 5.05
C18 DPV EB . 9.72 -24.98 4.09
C19 DPV EB . 9.27 -24.83 2.62
O1P DPV EB . 8.98 -27.03 12.86
C20 DPV EB . 9.96 -25.91 1.75
C21 DPV EB . 9.77 -25.62 0.23
C22 DPV EB . 10.39 -26.77 -0.64
C23 DPV EB . 10.39 -26.37 -2.13
O2P DPV EB . 7.81 -26.84 10.72
O3P DPV EB . 8.66 -24.68 11.84
O4P DPV EB . 6.82 -25.62 12.78
H1 DPV EB . 8.06 -22.93 10.93
H1A DPV EB . 7.51 -24.45 10.15
H2 DPV EB . 10.48 -23.70 10.39
H2A DPV EB . 9.78 -24.90 9.37
H3 DPV EB . 10.55 -22.48 8.40
H3A DPV EB . 9.10 -21.84 9.07
H4 DPV EB . 5.65 -26.01 14.40
H4A DPV EB . 6.66 -27.37 13.82
H5 DPV EB . 4.13 -26.20 12.46
H5A DPV EB . 5.17 -27.42 11.70
H6 DPV EB . 5.35 -29.27 14.38
H6A DPV EB . 5.30 -29.70 12.65
H6B DPV EB . 4.04 -30.27 13.70
H7 DPV EB . 2.30 -27.58 12.09
H7A DPV EB . 2.15 -29.19 12.74
H7B DPV EB . 3.31 -28.93 11.40
H8 DPV EB . 2.61 -26.82 14.42
H8A DPV EB . 3.99 -27.42 15.34
H8B DPV EB . 2.62 -28.52 15.04
H15 DPV EB . 8.45 -22.22 6.89
H15A DPV EB . 7.76 -23.67 7.64
H16 DPV EB . 10.55 -23.55 6.34
H16A DPV EB . 9.75 -25.02 6.89
H17 DPV EB . 7.89 -24.53 5.14
H17A DPV EB . 8.81 -23.14 4.65
H18 DPV EB . 10.78 -24.75 4.19
H18A DPV EB . 9.63 -26.04 4.37
H19 DPV EB . 8.19 -24.97 2.56
H19A DPV EB . 9.48 -23.82 2.24
H20 DPV EB . 11.03 -25.90 1.98
H20A DPV EB . 9.55 -26.91 2.01
H21 DPV EB . 8.69 -25.46 0.03
H21A DPV EB . 10.27 -24.66 0.00
H22 DPV EB . 11.44 -26.95 -0.32
H22A DPV EB . 9.82 -27.71 -0.48
H23 DPV EB . 9.40 -26.13 -2.48
H23A DPV EB . 10.81 -27.19 -2.70
H23B DPV EB . 11.04 -25.51 -2.30
N DPV FB . -1.29 -32.79 -2.32
P DPV FB . 1.68 -33.34 0.82
C1 DPV FB . 3.02 -35.56 0.91
C2 DPV FB . 3.86 -36.52 0.02
C3 DPV FB . 3.04 -37.72 -0.53
C4 DPV FB . 0.56 -31.58 -0.80
C5 DPV FB . -0.93 -32.14 -0.96
C6 DPV FB . -1.01 -31.84 -3.53
C7 DPV FB . -2.79 -33.12 -2.34
C8 DPV FB . -0.54 -34.11 -2.52
C15 DPV FB . 2.13 -37.36 -1.76
C16 DPV FB . 2.93 -37.27 -3.12
C17 DPV FB . 2.51 -36.04 -3.95
C18 DPV FB . 3.16 -34.72 -3.42
C19 DPV FB . 2.83 -33.47 -4.28
O1P DPV FB . 2.50 -32.56 1.75
C20 DPV FB . 3.40 -32.22 -3.61
C21 DPV FB . 3.02 -30.94 -4.41
C22 DPV FB . 3.32 -29.66 -3.60
C23 DPV FB . 2.75 -28.43 -4.29
O2P DPV FB . 0.40 -33.77 1.44
O3P DPV FB . 2.49 -34.54 0.10
O4P DPV FB . 1.52 -32.69 -0.62
H1 DPV FB . 2.19 -36.10 1.39
H1A DPV FB . 3.67 -35.13 1.69
H2 DPV FB . 4.34 -35.94 -0.78
H2A DPV FB . 4.68 -36.91 0.61
H3 DPV FB . 2.40 -38.16 0.27
H3A DPV FB . 3.74 -38.53 -0.86
H4 DPV FB . 0.87 -31.01 -1.71
H4A DPV FB . 0.60 -30.94 0.06
H5 DPV FB . -1.08 -32.86 -0.20
H5A DPV FB . -1.62 -31.34 -0.80
H6 DPV FB . -1.48 -30.86 -3.28
H6A DPV FB . -1.49 -32.25 -4.45
H6B DPV FB . 0.08 -31.74 -3.69
H7 DPV FB . -3.01 -33.66 -3.27
H7A DPV FB . -3.38 -32.20 -2.31
H7B DPV FB . -3.02 -33.83 -1.51
H8 DPV FB . 0.52 -33.93 -2.50
H8A DPV FB . -0.83 -34.53 -3.47
H8B DPV FB . -0.80 -34.82 -1.73
H15 DPV FB . 1.64 -36.39 -1.57
H15A DPV FB . 1.34 -38.12 -1.84
H16 DPV FB . 4.03 -37.21 -2.97
H16A DPV FB . 2.72 -38.19 -3.64
H17 DPV FB . 2.77 -36.20 -4.99
H17A DPV FB . 1.41 -35.94 -3.99
H18 DPV FB . 2.84 -34.54 -2.41
H18A DPV FB . 4.22 -34.82 -3.37
H19 DPV FB . 3.20 -33.57 -5.30
H19A DPV FB . 1.73 -33.35 -4.33
H20 DPV FB . 2.98 -32.17 -2.61
H20A DPV FB . 4.49 -32.31 -3.48
H21 DPV FB . 3.53 -30.88 -5.34
H21A DPV FB . 1.96 -30.98 -4.60
H22 DPV FB . 2.89 -29.73 -2.62
H22A DPV FB . 4.37 -29.56 -3.46
H23 DPV FB . 1.73 -28.59 -4.68
H23A DPV FB . 3.41 -28.05 -5.07
H23B DPV FB . 2.72 -27.61 -3.55
N DPV GB . -4.91 -27.44 8.70
P DPV GB . -4.18 -22.29 9.38
C1 DPV GB . -2.58 -21.18 7.62
C2 DPV GB . -1.17 -20.57 7.55
C3 DPV GB . -0.89 -19.97 6.16
C4 DPV GB . -4.79 -24.80 8.96
C5 DPV GB . -4.06 -26.11 8.57
C6 DPV GB . -5.57 -27.56 10.08
C7 DPV GB . -3.99 -28.63 8.47
C8 DPV GB . -6.02 -27.50 7.62
C15 DPV GB . 0.50 -19.25 6.09
C16 DPV GB . 0.84 -18.89 4.61
C17 DPV GB . 2.14 -18.00 4.46
C18 DPV GB . 2.42 -17.75 2.94
C19 DPV GB . 3.79 -17.11 2.69
O1P DPV GB . -5.27 -21.47 8.86
C20 DPV GB . 4.09 -17.09 1.16
C21 DPV GB . 5.49 -16.48 0.84
C22 DPV GB . 5.85 -16.70 -0.65
C23 DPV GB . 7.25 -16.15 -0.96
O2P DPV GB . -4.30 -22.48 10.83
O3P DPV GB . -2.76 -21.73 8.97
O4P DPV GB . -3.96 -23.65 8.58
H1 DPV GB . -3.31 -20.42 7.39
H1A DPV GB . -2.70 -22.01 6.91
H2 DPV GB . -1.10 -19.77 8.31
H2A DPV GB . -0.41 -21.35 7.74
H3 DPV GB . -1.70 -19.28 5.85
H3A DPV GB . -0.87 -20.85 5.47
H4 DPV GB . -5.73 -24.76 8.42
H4A DPV GB . -4.98 -24.76 10.02
H5 DPV GB . -3.69 -26.02 7.51
H5A DPV GB . -3.19 -26.22 9.27
H6 DPV GB . -6.31 -26.78 10.18
H6A DPV GB . -4.80 -27.46 10.83
H6B DPV GB . -6.08 -28.52 10.15
H7 DPV GB . -3.20 -28.62 9.22
H7A DPV GB . -3.54 -28.53 7.47
H7B DPV GB . -4.54 -29.57 8.57
H8 DPV GB . -5.54 -27.43 6.67
H8A DPV GB . -6.70 -26.69 7.80
H8B DPV GB . -6.52 -28.45 7.72
H15 DPV GB . 1.26 -19.93 6.51
H15A DPV GB . 0.45 -18.32 6.67
H16 DPV GB . 0.97 -19.81 4.05
H16A DPV GB . -0.02 -18.37 4.16
H17 DPV GB . 2.04 -17.04 5.01
H17A DPV GB . 3.00 -18.55 4.88
H18 DPV GB . 2.40 -18.70 2.43
H18A DPV GB . 1.68 -17.09 2.55
H19 DPV GB . 3.76 -16.08 3.09
H19A DPV GB . 4.59 -17.68 3.20
H20 DPV GB . 4.05 -18.14 0.81
H20A DPV GB . 3.31 -16.52 0.65
H21 DPV GB . 5.49 -15.38 1.11
H21A DPV GB . 6.27 -16.98 1.47
H22 DPV GB . 5.76 -17.77 -0.89
H22A DPV GB . 5.12 -16.15 -1.28
H23 DPV GB . 8.01 -16.64 -0.32
H23A DPV GB . 7.26 -15.08 -0.77
H23B DPV GB . 7.51 -16.35 -2.00
N DPV HB . 10.08 -5.70 12.62
P DPV HB . 14.79 -4.32 12.62
C1 DPV HB . 15.99 -6.62 12.54
C2 DPV HB . 15.75 -8.10 12.16
C3 DPV HB . 15.46 -9.03 13.40
C4 DPV HB . 12.16 -4.10 12.37
C5 DPV HB . 11.58 -5.60 12.31
C6 DPV HB . 9.71 -5.28 14.06
C7 DPV HB . 9.67 -7.15 12.44
C8 DPV HB . 9.24 -4.83 11.67
C15 DPV HB . 14.17 -8.71 14.21
C16 DPV HB . 12.83 -9.08 13.50
C17 DPV HB . 12.61 -10.62 13.31
C18 DPV HB . 11.14 -10.92 12.97
C19 DPV HB . 10.86 -10.97 11.40
O1P DPV HB . 15.94 -3.60 12.03
C20 DPV HB . 11.40 -12.26 10.74
C21 DPV HB . 10.66 -12.70 9.44
C22 DPV HB . 10.75 -11.74 8.21
C23 DPV HB . 9.97 -12.34 7.03
O2P DPV HB . 14.64 -4.04 14.08
O3P DPV HB . 14.78 -5.87 12.28
O4P DPV HB . 13.46 -4.12 11.76
H1 DPV HB . 16.29 -6.53 13.62
H1A DPV HB . 16.80 -6.20 11.95
H2 DPV HB . 14.94 -8.15 11.45
H2A DPV HB . 16.63 -8.46 11.62
H3 DPV HB . 16.30 -8.97 14.10
H3A DPV HB . 15.42 -10.06 13.03
H4 DPV HB . 11.51 -3.42 11.79
H4A DPV HB . 12.22 -3.74 13.42
H5 DPV HB . 11.71 -5.99 11.28
H5A DPV HB . 12.14 -6.22 13.04
H6 DPV HB . 9.85 -4.20 14.17
H6A DPV HB . 10.37 -5.82 14.74
H6B DPV HB . 8.66 -5.53 14.24
H7 DPV HB . 10.21 -7.77 13.14
H7A DPV HB . 9.86 -7.46 11.41
H7B DPV HB . 8.60 -7.22 12.61
H8 DPV HB . 8.19 -4.96 11.94
H8A DPV HB . 9.40 -5.17 10.64
H8B DPV HB . 9.52 -3.79 11.76
H15 DPV HB . 14.13 -7.65 14.48
H15A DPV HB . 14.22 -9.22 15.16
H16 DPV HB . 12.03 -8.68 14.11
H16A DPV HB . 12.81 -8.61 12.54
H17 DPV HB . 13.25 -11.03 12.55
H17A DPV HB . 12.87 -11.12 14.25
H18 DPV HB . 10.83 -11.87 13.42
H18A DPV HB . 10.46 -10.20 13.41
H19 DPV HB . 9.79 -10.89 11.25
H19A DPV HB . 11.29 -10.09 10.93
H20 DPV HB . 12.47 -12.17 10.54
H20A DPV HB . 11.32 -13.08 11.46
H21 DPV HB . 11.01 -13.69 9.16
H21A DPV HB . 9.62 -12.85 9.65
H22 DPV HB . 10.33 -10.76 8.47
H22A DPV HB . 11.79 -11.56 7.93
H23 DPV HB . 10.27 -13.37 6.80
H23A DPV HB . 10.17 -11.78 6.13
H23B DPV HB . 8.90 -12.31 7.24
N DPV IB . 23.18 -5.53 -20.30
P DPV IB . 25.68 -5.44 -16.47
C1 DPV IB . 23.66 -5.19 -14.89
C2 DPV IB . 22.14 -4.86 -14.84
C3 DPV IB . 21.27 -6.07 -15.25
C4 DPV IB . 24.94 -4.29 -18.73
C5 DPV IB . 23.45 -4.48 -19.15
C6 DPV IB . 23.99 -5.21 -21.56
C7 DPV IB . 21.67 -5.46 -20.63
C8 DPV IB . 23.46 -6.98 -19.83
C15 DPV IB . 19.79 -5.90 -14.80
C16 DPV IB . 18.88 -7.02 -15.29
C17 DPV IB . 17.43 -6.88 -14.76
C18 DPV IB . 16.64 -5.72 -15.45
C19 DPV IB . 15.13 -5.72 -15.07
O1P DPV IB . 26.33 -6.64 -15.94
C20 DPV IB . 14.31 -4.54 -15.70
C21 DPV IB . 14.60 -3.18 -15.03
C22 DPV IB . 13.67 -2.07 -15.63
C23 DPV IB . 14.05 -0.69 -15.03
O2P DPV IB . 26.37 -4.20 -15.99
O3P DPV IB . 24.12 -5.43 -16.22
O4P DPV IB . 25.42 -5.46 -18.02
H1 DPV IB . 24.25 -4.36 -14.51
H1A DPV IB . 23.88 -6.06 -14.29
H2 DPV IB . 21.88 -4.53 -13.79
H2A DPV IB . 21.91 -4.01 -15.52
H3 DPV IB . 21.74 -6.97 -14.85
H3A DPV IB . 21.28 -6.14 -16.31
H4 DPV IB . 25.57 -4.11 -19.62
H4A DPV IB . 25.04 -3.42 -18.04
H5 DPV IB . 22.87 -4.83 -18.28
H5A DPV IB . 23.03 -3.50 -19.49
H6 DPV IB . 23.79 -5.97 -22.32
H6A DPV IB . 25.05 -5.21 -21.33
H6B DPV IB . 23.65 -4.24 -21.91
H7 DPV IB . 21.11 -5.78 -19.77
H7A DPV IB . 21.44 -6.10 -21.45
H7B DPV IB . 21.43 -4.44 -20.93
H8 DPV IB . 23.11 -7.68 -20.56
H8A DPV IB . 22.90 -7.17 -18.91
H8B DPV IB . 24.53 -7.08 -19.65
H15 DPV IB . 19.41 -4.93 -15.15
H15A DPV IB . 19.77 -5.89 -13.72
H16 DPV IB . 18.92 -7.06 -16.40
H16A DPV IB . 19.24 -7.99 -14.94
H17 DPV IB . 16.87 -7.82 -14.94
H17A DPV IB . 17.46 -6.73 -13.66
H18 DPV IB . 17.07 -4.77 -15.09
H18A DPV IB . 16.71 -5.79 -16.52
H19 DPV IB . 14.68 -6.64 -15.35
H19A DPV IB . 15.06 -5.62 -13.97
H20 DPV IB . 14.46 -4.48 -16.77
H20A DPV IB . 13.26 -4.75 -15.60
H21 DPV IB . 14.47 -3.28 -13.97
H21A DPV IB . 15.64 -2.90 -15.25
H22 DPV IB . 13.85 -2.00 -16.67
H22A DPV IB . 12.62 -2.29 -15.49
H23 DPV IB . 13.34 0.09 -15.32
H23A DPV IB . 15.03 -0.40 -15.41
H23B DPV IB . 14.12 -0.77 -13.93
N DPV JB . 15.46 -14.46 -26.91
P DPV JB . 17.76 -15.08 -22.30
C1 DPV JB . 16.32 -14.71 -20.12
C2 DPV JB . 15.85 -15.42 -18.80
C3 DPV JB . 15.18 -14.39 -17.83
C4 DPV JB . 16.62 -14.37 -24.55
C5 DPV JB . 15.56 -15.03 -25.45
C6 DPV JB . 16.83 -14.51 -27.65
C7 DPV JB . 14.96 -12.98 -26.88
C8 DPV JB . 14.48 -15.31 -27.74
C15 DPV JB . 14.66 -15.03 -16.52
C16 DPV JB . 13.85 -14.01 -15.69
C17 DPV JB . 13.33 -14.59 -14.36
C18 DPV JB . 12.19 -13.72 -13.77
C19 DPV JB . 11.75 -14.24 -12.37
O1P DPV JB . 18.71 -16.07 -22.84
C20 DPV JB . 10.44 -13.52 -11.87
C21 DPV JB . 10.04 -14.01 -10.50
C22 DPV JB . 8.70 -13.36 -10.06
C23 DPV JB . 8.42 -13.67 -8.57
O2P DPV JB . 18.43 -13.78 -21.97
O3P DPV JB . 16.87 -15.65 -21.09
O4P DPV JB . 16.47 -14.89 -23.20
H1 DPV JB . 15.50 -14.19 -20.59
H1A DPV JB . 17.09 -13.98 -19.85
H2 DPV JB . 15.15 -16.27 -19.03
H2A DPV JB . 16.76 -15.85 -18.32
H3 DPV JB . 14.32 -13.98 -18.37
H3A DPV JB . 15.92 -13.58 -17.58
H4 DPV JB . 17.60 -14.63 -24.92
H4A DPV JB . 16.52 -13.29 -24.53
H5 DPV JB . 15.76 -16.09 -25.54
H5A DPV JB . 14.57 -14.89 -25.04
H6 DPV JB . 17.16 -15.57 -27.69
H6A DPV JB . 17.54 -13.90 -27.09
H6B DPV JB . 16.72 -14.10 -28.65
H7 DPV JB . 14.14 -12.91 -26.14
H7A DPV JB . 14.57 -12.74 -27.89
H7B DPV JB . 15.81 -12.32 -26.64
H8 DPV JB . 14.87 -16.31 -27.80
H8A DPV JB . 14.41 -14.86 -28.72
H8B DPV JB . 13.50 -15.30 -27.25
H15 DPV JB . 15.54 -15.32 -15.93
H15A DPV JB . 14.09 -15.91 -16.74
H16 DPV JB . 14.48 -13.15 -15.45
H16A DPV JB . 13.01 -13.64 -16.30
H17 DPV JB . 12.99 -15.60 -14.55
H17A DPV JB . 14.12 -14.70 -13.63
H18 DPV JB . 12.51 -12.68 -13.63
H18A DPV JB . 11.35 -13.76 -14.47
H19 DPV JB . 11.56 -15.31 -12.44
H19A DPV JB . 12.57 -14.09 -11.67
H20 DPV JB . 10.59 -12.43 -11.84
H20A DPV JB . 9.64 -13.69 -12.56
H21 DPV JB . 9.90 -15.09 -10.54
H21A DPV JB . 10.84 -13.82 -9.78
H22 DPV JB . 8.76 -12.29 -10.19
H22A DPV JB . 7.90 -13.72 -10.67
H23 DPV JB . 7.45 -13.26 -8.28
H23A DPV JB . 9.20 -13.22 -7.95
H23B DPV JB . 8.37 -14.76 -8.40
N DPV KB . -5.36 -9.59 -22.08
P DPV KB . -1.58 -12.08 -23.55
C1 DPV KB . -1.41 -10.49 -25.63
C2 DPV KB . -0.67 -11.20 -26.77
C3 DPV KB . 0.82 -10.81 -26.83
C4 DPV KB . -3.41 -11.40 -21.88
C5 DPV KB . -4.13 -10.16 -21.28
C6 DPV KB . -5.98 -8.43 -21.25
C7 DPV KB . -6.41 -10.66 -22.20
C8 DPV KB . -4.95 -9.05 -23.47
C15 DPV KB . 1.54 -11.48 -28.06
C16 DPV KB . 2.53 -12.64 -27.70
C17 DPV KB . 1.80 -13.90 -27.10
C18 DPV KB . 2.76 -15.14 -27.12
C19 DPV KB . 2.22 -16.29 -26.25
O1P DPV KB . -0.64 -12.82 -22.65
C20 DPV KB . 2.49 -16.11 -24.71
C21 DPV KB . 3.86 -16.79 -24.28
C22 DPV KB . 3.69 -18.24 -23.70
C23 DPV KB . 3.24 -18.21 -22.22
O2P DPV KB . -2.35 -13.02 -24.40
O3P DPV KB . -0.83 -10.92 -24.39
O4P DPV KB . -2.45 -10.96 -22.81
H1 DPV KB . -1.25 -9.42 -25.72
H1A DPV KB . -2.48 -10.70 -25.65
H2 DPV KB . -0.76 -12.29 -26.62
H2A DPV KB . -1.19 -10.97 -27.70
H3 DPV KB . 1.31 -11.08 -25.91
H3A DPV KB . 0.89 -9.75 -26.95
H4 DPV KB . -2.91 -11.93 -21.09
H4A DPV KB . -4.12 -12.04 -22.42
H5 DPV KB . -4.50 -10.42 -20.27
H5A DPV KB . -3.42 -9.34 -21.18
H6 DPV KB . -5.23 -7.66 -21.12
H6A DPV KB . -6.27 -8.83 -20.28
H6B DPV KB . -6.85 -8.04 -21.76
H7 DPV KB . -6.02 -11.46 -22.84
H7A DPV KB . -7.32 -10.26 -22.67
H7B DPV KB . -6.63 -11.05 -21.21
H8 DPV KB . -5.84 -8.69 -23.98
H8A DPV KB . -4.48 -9.86 -24.05
H8B DPV KB . -4.20 -8.26 -23.31
H15 DPV KB . 2.12 -10.72 -28.60
H15A DPV KB . 0.82 -11.83 -28.79
H16 DPV KB . 3.09 -12.90 -28.62
H16A DPV KB . 3.23 -12.28 -26.94
H17 DPV KB . 1.44 -13.70 -26.08
H17A DPV KB . 0.89 -14.12 -27.70
H18 DPV KB . 2.86 -15.47 -28.14
H18A DPV KB . 3.76 -14.86 -26.74
H19 DPV KB . 1.13 -16.35 -26.43
H19A DPV KB . 2.62 -17.26 -26.63
H20 DPV KB . 2.49 -15.04 -24.46
H20A DPV KB . 1.66 -16.55 -24.15
H21 DPV KB . 4.54 -16.84 -25.13
H21A DPV KB . 4.35 -16.17 -23.55
H22 DPV KB . 2.94 -18.80 -24.25
H22A DPV KB . 4.66 -18.72 -23.79
H23 DPV KB . 3.78 -17.43 -21.67
H23A DPV KB . 3.42 -19.15 -21.74
H23B DPV KB . 2.20 -17.94 -22.12
N DPV LB . 4.37 -14.35 14.28
P DPV LB . 7.34 -18.02 12.03
C1 DPV LB . 7.97 -17.96 9.50
C2 DPV LB . 8.81 -17.25 8.45
C3 DPV LB . 10.13 -18.05 8.15
C4 DPV LB . 5.77 -16.36 13.27
C5 DPV LB . 5.47 -14.81 13.27
C6 DPV LB . 4.76 -14.63 15.75
C7 DPV LB . 3.03 -15.01 13.95
C8 DPV LB . 4.19 -12.83 14.10
C15 DPV LB . 10.86 -17.48 6.91
C16 DPV LB . 12.29 -18.10 6.66
C17 DPV LB . 12.23 -19.62 6.22
C18 DPV LB . 13.65 -20.15 5.92
C19 DPV LB . 13.70 -21.70 5.62
O1P DPV LB . 8.14 -18.53 13.16
C20 DPV LB . 13.49 -22.58 6.90
C21 DPV LB . 13.53 -24.09 6.58
C22 DPV LB . 13.11 -24.92 7.82
C23 DPV LB . 13.17 -26.43 7.55
O2P DPV LB . 6.29 -19.00 11.63
O3P DPV LB . 8.24 -17.48 10.82
O4P DPV LB . 6.79 -16.56 12.25
H1 DPV LB . 6.92 -17.79 9.26
H1A DPV LB . 8.14 -19.05 9.49
H2 DPV LB . 8.23 -17.17 7.52
H2A DPV LB . 9.03 -16.22 8.77
H3 DPV LB . 9.90 -19.12 7.97
H3A DPV LB . 10.78 -18.04 9.03
H4 DPV LB . 6.18 -16.64 14.24
H4A DPV LB . 4.87 -16.91 13.03
H5 DPV LB . 6.39 -14.27 13.53
H5A DPV LB . 5.11 -14.53 12.28
H6 DPV LB . 4.85 -15.73 15.93
H6A DPV LB . 4.01 -14.18 16.43
H6B DPV LB . 5.74 -14.14 15.97
H7 DPV LB . 2.23 -14.55 14.52
H7A DPV LB . 3.08 -16.07 14.15
H7B DPV LB . 2.82 -14.88 12.90
H8 DPV LB . 3.33 -12.50 14.70
H8A DPV LB . 4.02 -12.65 13.05
H8B DPV LB . 5.11 -12.35 14.44
H15 DPV LB . 10.97 -16.41 7.08
H15A DPV LB . 10.24 -17.57 6.01
H16 DPV LB . 12.77 -17.55 5.89
H16A DPV LB . 12.87 -18.00 7.53
H17 DPV LB . 11.77 -20.20 7.07
H17A DPV LB . 11.61 -19.75 5.33
H18 DPV LB . 14.00 -19.63 5.05
H18A DPV LB . 14.33 -19.87 6.72
H19 DPV LB . 12.93 -21.99 4.87
H19A DPV LB . 14.70 -21.95 5.17
H20 DPV LB . 14.26 -22.36 7.63
H20A DPV LB . 12.53 -22.33 7.33
H21 DPV LB . 12.84 -24.31 5.76
H21A DPV LB . 14.58 -24.30 6.24
H22 DPV LB . 13.80 -24.72 8.65
H22A DPV LB . 12.13 -24.62 8.15
H23 DPV LB . 12.46 -26.71 6.75
H23A DPV LB . 12.87 -27.00 8.44
H23B DPV LB . 14.20 -26.77 7.23
N DPV MB . 22.96 -25.24 11.15
P DPV MB . 21.47 -27.29 7.42
C1 DPV MB . 19.86 -29.26 7.99
C2 DPV MB . 19.87 -30.79 8.03
C3 DPV MB . 18.44 -31.39 7.80
C4 DPV MB . 23.17 -25.73 8.50
C5 DPV MB . 23.89 -25.39 9.88
C6 DPV MB . 22.36 -26.58 11.58
C7 DPV MB . 21.83 -24.27 10.93
C8 DPV MB . 23.79 -24.70 12.30
C15 DPV MB . 17.99 -31.32 6.32
C16 DPV MB . 16.54 -30.72 6.12
C17 DPV MB . 16.41 -29.19 6.43
C18 DPV MB . 16.97 -28.26 5.29
C19 DPV MB . 17.09 -26.77 5.69
O1P DPV MB . 20.30 -26.37 7.58
C20 DPV MB . 17.82 -25.95 4.56
C21 DPV MB . 17.87 -24.47 4.80
C22 DPV MB . 18.65 -23.70 3.72
C23 DPV MB . 18.59 -22.21 3.99
O2P DPV MB . 21.97 -27.32 6.04
O3P DPV MB . 21.21 -28.76 8.04
O4P DPV MB . 22.57 -27.03 8.51
H1 DPV MB . 19.36 -28.87 7.07
H1A DPV MB . 19.32 -28.82 8.86
H2 DPV MB . 20.58 -31.17 7.29
H2A DPV MB . 20.22 -31.08 9.02
H3 DPV MB . 17.79 -30.86 8.46
H3A DPV MB . 18.39 -32.43 8.11
H4 DPV MB . 22.40 -24.98 8.24
H4A DPV MB . 23.95 -25.71 7.73
H5 DPV MB . 24.58 -26.18 10.15
H5A DPV MB . 24.44 -24.45 9.77
H6 DPV MB . 21.78 -26.44 12.49
H6A DPV MB . 23.15 -27.29 11.82
H6B DPV MB . 21.76 -27.01 10.79
H7 DPV MB . 21.23 -24.59 10.08
H7A DPV MB . 22.24 -23.28 10.73
H7B DPV MB . 21.21 -24.28 11.81
H8 DPV MB . 24.29 -23.79 11.99
H8A DPV MB . 24.55 -25.42 12.55
H8B DPV MB . 23.15 -24.49 13.15
H15 DPV MB . 18.05 -32.30 5.86
H15A DPV MB . 18.69 -30.71 5.75
H16 DPV MB . 16.24 -30.94 5.09
H16A DPV MB . 15.81 -31.22 6.79
H17 DPV MB . 15.35 -28.98 6.58
H17A DPV MB . 16.88 -28.95 7.39
H18 DPV MB . 17.97 -28.59 5.01
H18A DPV MB . 16.33 -28.38 4.41
H19 DPV MB . 16.10 -26.38 5.85
H19A DPV MB . 17.63 -26.66 6.63
H20 DPV MB . 18.87 -26.31 4.49
H20A DPV MB . 17.29 -26.15 3.63
H21 DPV MB . 16.84 -24.09 4.85
H21A DPV MB . 18.31 -24.31 5.79
H22 DPV MB . 19.70 -24.02 3.73
H22A DPV MB . 18.25 -23.96 2.74
H23 DPV MB . 17.55 -21.88 3.97
H23A DPV MB . 19.16 -21.69 3.22
H23B DPV MB . 19.00 -22.01 4.97
N DPV NB . -0.11 -23.04 11.53
P DPV NB . -0.14 -27.21 8.87
C1 DPV NB . -0.86 -25.98 6.69
C2 DPV NB . -1.25 -24.54 6.29
C3 DPV NB . -0.91 -24.24 4.79
C4 DPV NB . 0.20 -25.56 10.91
C5 DPV NB . -0.78 -24.42 11.22
C6 DPV NB . 0.66 -22.45 10.32
C7 DPV NB . 0.81 -23.12 12.76
C8 DPV NB . -1.25 -22.10 11.95
C15 DPV NB . 0.60 -23.96 4.56
C16 DPV NB . 0.91 -23.80 3.04
C17 DPV NB . 2.42 -23.65 2.73
C18 DPV NB . 3.02 -22.24 3.04
C19 DPV NB . 4.55 -22.24 2.77
O1P DPV NB . 1.34 -27.24 8.61
C20 DPV NB . 5.16 -20.88 3.08
C21 DPV NB . 6.68 -20.96 3.08
C22 DPV NB . 7.35 -19.62 3.42
C23 DPV NB . 8.87 -19.80 3.53
O2P DPV NB . -0.75 -28.53 8.58
O3P DPV NB . -0.88 -26.01 8.13
O4P DPV NB . -0.54 -26.64 10.31
H1 DPV NB . -1.58 -26.71 6.32
H1A DPV NB . 0.14 -26.20 6.32
H2 DPV NB . -2.33 -24.41 6.43
H2A DPV NB . -0.73 -23.82 6.95
H3 DPV NB . -1.45 -23.40 4.45
H3A DPV NB . -1.23 -25.07 4.19
H4 DPV NB . 0.96 -25.20 10.18
H4A DPV NB . 0.69 -25.92 11.83
H5 DPV NB . -1.46 -24.25 10.38
H5A DPV NB . -1.39 -24.69 12.04
H6 DPV NB . -0.05 -22.45 9.48
H6A DPV NB . 1.52 -23.10 10.10
H6B DPV NB . 1.02 -21.44 10.62
H7 DPV NB . 0.20 -23.42 13.60
H7A DPV NB . 1.24 -22.13 12.91
H7B DPV NB . 1.61 -23.83 12.57
H8 DPV NB . -1.81 -22.53 12.79
H8A DPV NB . -1.92 -21.95 11.11
H8B DPV NB . -0.84 -21.13 12.22
H15 DPV NB . 1.22 -24.75 5.01
H15A DPV NB . 0.84 -23.02 5.07
H16 DPV NB . 0.57 -24.67 2.49
H16A DPV NB . 0.34 -22.96 2.62
H17 DPV NB . 2.98 -24.35 3.30
H17A DPV NB . 2.51 -23.89 1.69
H18 DPV NB . 2.48 -21.46 2.45
H18A DPV NB . 2.89 -22.01 4.11
H19 DPV NB . 4.99 -22.97 3.43
H19A DPV NB . 4.75 -22.49 1.76
H20 DPV NB . 4.81 -20.13 2.35
H20A DPV NB . 4.85 -20.55 4.11
H21 DPV NB . 6.95 -21.68 3.84
H21A DPV NB . 7.06 -21.30 2.14
H22 DPV NB . 7.11 -18.88 2.67
H22A DPV NB . 6.98 -19.24 4.38
H23 DPV NB . 9.12 -20.61 4.21
H23A DPV NB . 9.32 -18.88 3.86
H23B DPV NB . 9.31 -20.04 2.57
N DPV OB . 8.54 -6.30 -23.90
P DPV OB . 10.79 -10.39 -23.24
C1 DPV OB . 9.83 -12.01 -21.48
C2 DPV OB . 9.13 -12.06 -20.08
C3 DPV OB . 7.63 -11.65 -20.12
C4 DPV OB . 10.64 -7.95 -24.08
C5 DPV OB . 10.09 -6.55 -23.67
C6 DPV OB . 7.64 -7.31 -23.11
C7 DPV OB . 8.27 -4.90 -23.38
C8 DPV OB . 8.16 -6.33 -25.39
C15 DPV OB . 6.95 -11.93 -18.73
C16 DPV OB . 5.47 -11.55 -18.72
C17 DPV OB . 4.80 -12.07 -17.41
C18 DPV OB . 3.39 -11.45 -17.24
C19 DPV OB . 2.66 -11.99 -15.99
O1P DPV OB . 12.18 -10.75 -23.48
C20 DPV OB . 1.25 -11.40 -15.78
C21 DPV OB . 0.12 -12.45 -16.02
C22 DPV OB . -1.25 -11.96 -15.51
C23 DPV OB . -2.34 -13.03 -15.74
O2P DPV OB . 9.86 -10.91 -24.27
O3P DPV OB . 10.31 -10.69 -21.76
O4P DPV OB . 10.59 -8.85 -22.98
H1 DPV OB . 10.69 -12.70 -21.49
H1A DPV OB . 9.12 -12.33 -22.24
H2 DPV OB . 9.26 -13.09 -19.71
H2A DPV OB . 9.67 -11.41 -19.39
H3 DPV OB . 7.10 -12.17 -20.93
H3A DPV OB . 7.60 -10.57 -20.35
H4 DPV OB . 10.07 -8.39 -24.92
H4A DPV OB . 11.69 -7.83 -24.44
H5 DPV OB . 10.30 -6.37 -22.59
H5A DPV OB . 10.64 -5.79 -24.27
H6 DPV OB . 6.56 -7.18 -23.41
H6A DPV OB . 7.84 -7.18 -22.03
H6B DPV OB . 7.94 -8.35 -23.37
H7 DPV OB . 8.84 -4.18 -23.99
H7A DPV OB . 8.55 -4.85 -22.32
H7B DPV OB . 7.20 -4.68 -23.49
H8 DPV OB . 7.08 -6.10 -25.43
H8A DPV OB . 8.35 -7.33 -25.80
H8B DPV OB . 8.73 -5.55 -25.93
H15 DPV OB . 7.46 -11.35 -17.94
H15A DPV OB . 7.03 -12.99 -18.50
H16 DPV OB . 5.39 -10.49 -18.81
H16A DPV OB . 4.96 -11.97 -19.53
H17 DPV OB . 4.70 -13.17 -17.46
H17A DPV OB . 5.45 -11.83 -16.51
H18 DPV OB . 3.47 -10.37 -17.20
H18A DPV OB . 2.75 -11.71 -18.10
H19 DPV OB . 2.54 -13.07 -16.10
H19A DPV OB . 3.27 -11.74 -15.10
H20 DPV OB . 1.17 -11.01 -14.78
H20A DPV OB . 1.10 -10.54 -16.41
H21 DPV OB . 0.04 -12.63 -17.08
H21A DPV OB . 0.36 -13.38 -15.53
H22 DPV OB . -1.22 -11.73 -14.42
H22A DPV OB . -1.56 -11.05 -16.04
H23 DPV OB . -2.19 -13.89 -15.09
H23A DPV OB . -2.35 -13.39 -16.75
H23B DPV OB . -3.31 -12.59 -15.51
N GLY A 1 -3.73 3.13 -6.41
CA GLY A 1 -2.46 2.42 -6.72
C GLY A 1 -2.20 1.31 -5.76
N LEU A 2 -1.54 0.27 -6.24
CA LEU A 2 -1.25 -0.90 -5.42
C LEU A 2 -0.09 -0.62 -4.47
N LEU A 3 0.71 0.39 -4.80
CA LEU A 3 1.77 0.89 -3.91
C LEU A 3 1.14 1.45 -2.64
N LYS A 4 0.03 2.12 -2.78
CA LYS A 4 -0.67 2.64 -1.60
C LYS A 4 -1.21 1.48 -0.74
N TRP A 5 -1.70 0.43 -1.38
CA TRP A 5 -2.23 -0.74 -0.67
C TRP A 5 -1.11 -1.37 0.16
N ILE A 6 0.11 -1.41 -0.39
CA ILE A 6 1.28 -1.95 0.32
C ILE A 6 1.68 -1.02 1.47
N LYS A 7 1.71 0.28 1.20
CA LYS A 7 2.08 1.27 2.22
C LYS A 7 1.07 1.31 3.34
N THR A 8 -0.18 1.01 3.04
CA THR A 8 -1.20 0.91 4.07
C THR A 8 -0.86 -0.25 5.03
N LEU A 9 -0.48 -1.39 4.46
CA LEU A 9 -0.09 -2.54 5.30
C LEU A 9 1.23 -2.32 6.02
N LEU A 10 2.15 -1.57 5.45
CA LEU A 10 3.43 -1.31 6.10
C LEU A 10 3.21 -0.37 7.29
N NH2 A 11 2.30 0.59 7.13
HN1 NH2 A 11 1.80 0.68 6.25
HN2 NH2 A 11 2.17 1.24 7.87
UNK UNX B . 10.03 -14.04 -6.61
N DPV C . 25.98 -3.43 -14.16
P DPV C . 22.06 -1.46 -17.15
C1 DPV C . 20.35 -2.81 -18.56
C2 DPV C . 20.14 -4.20 -19.18
C3 DPV C . 19.05 -4.14 -20.31
C4 DPV C . 24.10 -2.12 -15.57
C5 DPV C . 25.14 -3.31 -15.50
C6 DPV C . 26.96 -4.58 -14.35
C7 DPV C . 26.83 -2.17 -13.90
C8 DPV C . 25.12 -3.75 -12.93
C15 DPV C . 18.91 -5.50 -21.07
C16 DPV C . 17.71 -5.51 -21.99
C17 DPV C . 17.36 -6.94 -22.48
C18 DPV C . 16.05 -7.05 -23.31
C19 DPV C . 14.76 -6.94 -22.46
O1P DPV C . 21.28 -1.16 -15.95
C20 DPV C . 14.03 -5.57 -22.69
C21 DPV C . 12.84 -5.30 -21.75
C22 DPV C . 12.33 -3.83 -21.86
C23 DPV C . 11.09 -3.59 -20.97
O2P DPV C . 22.20 -0.32 -18.05
O3P DPV C . 21.61 -2.79 -17.89
O4P DPV C . 23.43 -2.23 -16.88
H1 DPV C . 20.40 -2.00 -19.29
H1A DPV C . 19.55 -2.61 -17.84
H2 DPV C . 21.09 -4.55 -19.59
H2A DPV C . 19.83 -4.92 -18.42
H3 DPV C . 19.30 -3.34 -21.04
H3A DPV C . 18.09 -3.88 -19.83
H4 DPV C . 23.36 -2.19 -14.80
H4A DPV C . 24.61 -1.18 -15.52
H5 DPV C . 24.61 -4.26 -15.62
H5A DPV C . 25.87 -3.19 -16.30
H6 DPV C . 26.42 -5.50 -14.59
H6A DPV C . 27.54 -4.71 -13.41
H6B DPV C . 27.66 -4.31 -15.16
H7 DPV C . 26.19 -1.29 -13.80
H7A DPV C . 27.48 -2.00 -14.75
H7B DPV C . 27.42 -2.35 -12.99
H8 DPV C . 24.58 -4.69 -13.12
H8A DPV C . 24.38 -2.95 -12.75
H8B DPV C . 25.76 -3.80 -12.03
H15 DPV C . 18.79 -6.28 -20.30
H15A DPV C . 19.83 -5.70 -21.64
H16 DPV C . 16.86 -5.08 -21.48
H16A DPV C . 17.82 -4.86 -22.85
H17 DPV C . 18.19 -7.28 -23.08
H17A DPV C . 17.29 -7.63 -21.61
H18 DPV C . 16.09 -6.29 -24.10
H18A DPV C . 16.02 -8.03 -23.82
H19 DPV C . 14.12 -7.76 -22.76
H19A DPV C . 14.96 -7.04 -21.39
H20 DPV C . 14.74 -4.75 -22.59
H20A DPV C . 13.67 -5.55 -23.75
H21 DPV C . 12.04 -6.01 -22.01
H21A DPV C . 13.15 -5.52 -20.72
H22 DPV C . 13.10 -3.12 -21.57
H22A DPV C . 12.05 -3.63 -22.87
H23 DPV C . 11.35 -3.70 -19.95
H23A DPV C . 10.33 -4.29 -21.18
H23B DPV C . 10.72 -2.59 -21.08
N DPV D . 15.27 -5.69 -28.12
P DPV D . 13.82 -10.67 -27.77
C1 DPV D . 13.82 -11.69 -25.35
C2 DPV D . 14.79 -12.21 -24.25
C3 DPV D . 15.60 -11.01 -23.69
C4 DPV D . 15.07 -8.33 -27.92
C5 DPV D . 14.95 -6.93 -27.23
C6 DPV D . 15.20 -4.45 -27.25
C7 DPV D . 14.28 -5.53 -29.29
C8 DPV D . 16.72 -5.76 -28.66
C15 DPV D . 16.83 -11.40 -22.84
C16 DPV D . 16.48 -12.25 -21.57
C17 DPV D . 17.75 -12.68 -20.78
C18 DPV D . 17.33 -13.44 -19.48
C19 DPV D . 18.54 -14.04 -18.70
O1P DPV D . 14.37 -10.94 -29.11
C20 DPV D . 19.42 -12.94 -17.95
C21 DPV D . 19.20 -12.86 -16.43
C22 DPV D . 17.77 -12.33 -15.99
C23 DPV D . 17.81 -11.92 -14.50
O2P DPV D . 12.36 -10.76 -27.77
O3P DPV D . 14.53 -11.53 -26.60
O4P DPV D . 14.39 -9.33 -27.09
H1 DPV D . 12.96 -12.38 -25.56
H1A DPV D . 13.41 -10.71 -25.04
H2 DPV D . 14.16 -12.60 -23.46
H2A DPV D . 15.40 -13.03 -24.63
H3 DPV D . 14.86 -10.41 -23.14
H3A DPV D . 15.97 -10.37 -24.50
H4 DPV D . 14.61 -8.30 -28.89
H4A DPV D . 16.10 -8.56 -28.06
H5 DPV D . 13.94 -6.83 -26.87
H5A DPV D . 15.60 -6.90 -26.39
H6 DPV D . 15.94 -4.53 -26.45
H6A DPV D . 14.19 -4.39 -26.83
H6B DPV D . 15.43 -3.58 -27.87
H7 DPV D . 14.42 -6.34 -29.99
H7A DPV D . 14.48 -4.58 -29.79
H7B DPV D . 13.28 -5.55 -28.90
H8 DPV D . 16.99 -4.78 -29.11
H8A DPV D . 16.80 -6.53 -29.44
H8B DPV D . 17.43 -6.00 -27.87
H15 DPV D . 17.33 -10.47 -22.58
H15A DPV D . 17.52 -12.00 -23.49
H16 DPV D . 15.82 -11.67 -20.96
H16A DPV D . 15.93 -13.14 -21.85
H17 DPV D . 18.41 -13.33 -21.40
H17A DPV D . 18.31 -11.78 -20.55
H18 DPV D . 16.77 -12.79 -18.83
H18A DPV D . 16.68 -14.27 -19.71
H19 DPV D . 18.17 -14.80 -18.01
H19A DPV D . 19.19 -14.55 -19.43
H20 DPV D . 20.48 -13.21 -18.10
H20A DPV D . 19.24 -11.96 -18.41
H21 DPV D . 19.37 -13.88 -16.07
H21A DPV D . 19.95 -12.20 -16.01
H22 DPV D . 17.49 -11.50 -16.64
H22A DPV D . 17.06 -13.16 -16.14
H23 DPV D . 18.00 -12.82 -13.88
H23A DPV D . 16.85 -11.51 -14.23
H23B DPV D . 18.57 -11.13 -14.41
N DPV E . -0.15 -9.64 -26.83
P DPV E . 4.39 -8.91 -27.30
C1 DPV E . 5.94 -7.18 -26.01
C2 DPV E . 5.21 -5.83 -26.21
C3 DPV E . 6.23 -4.68 -26.57
C4 DPV E . 2.33 -9.88 -25.95
C5 DPV E . 1.30 -10.17 -27.13
C6 DPV E . -1.04 -10.06 -28.00
C7 DPV E . -0.18 -8.09 -26.71
C8 DPV E . -0.71 -10.26 -25.54
C15 DPV E . 6.77 -4.75 -28.04
C16 DPV E . 7.92 -3.76 -28.36
C17 DPV E . 9.32 -4.22 -27.86
C18 DPV E . 9.68 -3.51 -26.51
C19 DPV E . 10.85 -4.20 -25.77
O1P DPV E . 3.48 -8.03 -28.03
C20 DPV E . 10.62 -5.67 -25.28
C21 DPV E . 9.60 -5.80 -24.13
C22 DPV E . 9.55 -7.26 -23.56
C23 DPV E . 8.68 -7.32 -22.27
O2P DPV E . 5.49 -9.42 -28.16
O3P DPV E . 4.92 -8.26 -25.95
O4P DPV E . 3.64 -10.08 -26.46
H1 DPV E . 6.58 -7.40 -26.86
H1A DPV E . 6.53 -7.19 -25.11
H2 DPV E . 4.43 -5.92 -27.00
H2A DPV E . 4.67 -5.60 -25.25
H3 DPV E . 7.06 -4.70 -25.86
H3A DPV E . 5.73 -3.73 -26.42
H4 DPV E . 2.24 -8.86 -25.55
H4A DPV E . 2.18 -10.60 -25.13
H5 DPV E . 1.63 -9.68 -28.07
H5A DPV E . 1.21 -11.28 -27.28
H6 DPV E . -1.02 -11.14 -28.13
H6A DPV E . -0.66 -9.54 -28.89
H6B DPV E . -2.07 -9.74 -27.77
H7 DPV E . -1.21 -7.75 -26.62
H7A DPV E . 0.26 -7.69 -27.63
H7B DPV E . 0.39 -7.81 -25.81
H8 DPV E . -0.66 -11.35 -25.60
H8A DPV E . -1.75 -9.91 -25.37
H8B DPV E . -0.09 -9.97 -24.68
H15 DPV E . 5.93 -4.54 -28.72
H15A DPV E . 7.10 -5.77 -28.24
H16 DPV E . 8.01 -3.68 -29.44
H16A DPV E . 7.64 -2.78 -28.00
H17 DPV E . 9.31 -5.28 -27.73
H17A DPV E . 10.04 -4.00 -28.62
H18 DPV E . 9.93 -2.48 -26.69
H18A DPV E . 8.83 -3.50 -25.85
H19 DPV E . 11.75 -4.19 -26.42
H19A DPV E . 11.10 -3.59 -24.89
H20 DPV E . 10.35 -6.31 -26.12
H20A DPV E . 11.59 -6.02 -24.90
H21 DPV E . 9.90 -5.12 -23.34
H21A DPV E . 8.61 -5.52 -24.47
H22 DPV E . 9.11 -7.95 -24.28
H22A DPV E . 10.55 -7.62 -23.38
H23 DPV E . 8.85 -6.46 -21.60
H23A DPV E . 8.95 -8.23 -21.72
H23B DPV E . 7.60 -7.42 -22.54
N DPV F . 1.28 -19.98 -25.67
P DPV F . 4.95 -17.74 -27.67
C1 DPV F . 6.46 -19.91 -27.65
C2 DPV F . 6.72 -20.30 -29.12
C3 DPV F . 8.16 -20.81 -29.35
C4 DPV F . 3.11 -18.08 -25.77
C5 DPV F . 1.60 -18.43 -25.62
C6 DPV F . -0.25 -20.09 -25.64
C7 DPV F . 1.87 -20.71 -24.43
C8 DPV F . 1.78 -20.67 -26.96
C15 DPV F . 9.25 -19.67 -29.40
C16 DPV F . 10.67 -20.27 -29.17
C17 DPV F . 10.97 -20.56 -27.65
C18 DPV F . 12.37 -21.16 -27.37
C19 DPV F . 12.57 -21.70 -25.92
O1P DPV F . 5.82 -16.99 -26.74
C20 DPV F . 12.32 -20.65 -24.82
C21 DPV F . 12.77 -21.14 -23.39
C22 DPV F . 12.35 -20.13 -22.32
C23 DPV F . 12.74 -20.62 -20.89
O2P DPV F . 5.03 -17.24 -29.04
O3P DPV F . 5.11 -19.34 -27.55
O4P DPV F . 3.42 -17.87 -27.18
H1 DPV F . 6.52 -20.78 -27.01
H1A DPV F . 7.17 -19.16 -27.26
H2 DPV F . 5.96 -21.06 -29.40
H2A DPV F . 6.58 -19.41 -29.77
H3 DPV F . 8.16 -21.36 -30.29
H3A DPV F . 8.42 -21.54 -28.57
H4 DPV F . 3.34 -17.15 -25.21
H4A DPV F . 3.73 -18.89 -25.38
H5 DPV F . 1.25 -18.08 -24.69
H5A DPV F . 1.05 -17.96 -26.40
H6 DPV F . -0.66 -19.55 -24.77
H6A DPV F . -0.54 -21.14 -25.55
H6B DPV F . -0.64 -19.65 -26.57
H7 DPV F . 2.94 -20.68 -24.48
H7A DPV F . 1.58 -21.76 -24.44
H7B DPV F . 1.52 -20.24 -23.51
H8 DPV F . 2.87 -20.63 -26.95
H8A DPV F . 1.38 -20.16 -27.82
H8B DPV F . 1.45 -21.70 -26.94
H15 DPV F . 9.06 -18.91 -28.60
H15A DPV F . 9.17 -19.22 -30.42
H16 DPV F . 10.86 -21.14 -29.78
H16A DPV F . 11.37 -19.53 -29.50
H17 DPV F . 10.86 -19.62 -27.08
H17A DPV F . 10.21 -21.25 -27.27
H18 DPV F . 12.57 -21.97 -28.05
H18A DPV F . 13.10 -20.40 -27.55
H19 DPV F . 11.87 -22.53 -25.78
H19A DPV F . 13.58 -22.10 -25.80
H20 DPV F . 12.82 -19.71 -25.09
H20A DPV F . 11.24 -20.40 -24.78
H21 DPV F . 12.28 -22.09 -23.16
H21A DPV F . 13.83 -21.34 -23.33
H22 DPV F . 12.85 -19.15 -22.51
H22A DPV F . 11.25 -19.97 -22.36
H23 DPV F . 12.55 -19.80 -20.21
H23A DPV F . 13.79 -20.87 -20.85
H23B DPV F . 12.19 -21.50 -20.58
N DPV G . 5.87 -25.31 -26.22
P DPV G . 1.63 -25.14 -23.08
C1 DPV G . 2.57 -25.11 -20.60
C2 DPV G . 3.18 -26.04 -19.56
C3 DPV G . 3.68 -25.23 -18.32
C4 DPV G . 3.75 -25.46 -24.63
C5 DPV G . 4.84 -24.54 -25.35
C6 DPV G . 5.17 -26.24 -27.29
C7 DPV G . 6.79 -26.16 -25.36
C8 DPV G . 6.72 -24.25 -26.98
C15 DPV G . 4.27 -26.16 -17.22
C16 DPV G . 4.83 -25.38 -15.98
C17 DPV G . 3.69 -24.89 -15.02
C18 DPV G . 4.19 -24.38 -13.68
C19 DPV G . 4.63 -22.89 -13.69
O1P DPV G . 0.76 -24.03 -22.64
C20 DPV G . 5.06 -22.38 -12.24
C21 DPV G . 6.51 -22.76 -11.88
C22 DPV G . 6.94 -22.15 -10.50
C23 DPV G . 8.36 -22.56 -10.11
O2P DPV G . 0.91 -26.11 -23.94
O3P DPV G . 2.43 -25.84 -21.88
O4P DPV G . 3.02 -24.62 -23.76
H1 DPV G . 1.60 -24.82 -20.31
H1A DPV G . 3.16 -24.24 -20.76
H2 DPV G . 2.45 -26.77 -19.25
H2A DPV G . 4.01 -26.61 -19.99
H3 DPV G . 2.85 -24.63 -17.92
H3A DPV G . 4.48 -24.54 -18.64
H4 DPV G . 3.04 -25.90 -25.40
H4A DPV G . 4.22 -26.33 -24.06
H5 DPV G . 4.31 -23.81 -26.04
H5A DPV G . 5.41 -24.01 -24.57
H6 DPV G . 4.39 -25.70 -27.83
H6A DPV G . 4.73 -27.09 -26.79
H6B DPV G . 5.96 -26.61 -27.96
H7 DPV G . 7.22 -25.50 -24.62
H7A DPV G . 7.59 -26.54 -25.98
H7B DPV G . 6.21 -26.92 -24.85
H8 DPV G . 7.15 -23.60 -26.21
H8A DPV G . 6.08 -23.66 -27.64
H8B DPV G . 7.50 -24.77 -27.56
H15 DPV G . 5.06 -26.75 -17.66
H15A DPV G . 3.53 -26.84 -16.86
H16 DPV G . 5.47 -26.07 -15.47
H16A DPV G . 5.43 -24.51 -16.28
H17 DPV G . 3.12 -24.08 -15.53
H17A DPV G . 2.98 -25.70 -14.83
H18 DPV G . 3.37 -24.53 -13.00
H18A DPV G . 5.01 -25.02 -13.31
H19 DPV G . 5.43 -22.72 -14.37
H19A DPV G . 3.83 -22.28 -14.00
H20 DPV G . 4.96 -21.29 -12.22
H20A DPV G . 4.39 -22.80 -11.47
H21 DPV G . 6.59 -23.83 -11.86
H21A DPV G . 7.19 -22.39 -12.66
H22 DPV G . 6.89 -21.09 -10.58
H22A DPV G . 6.30 -22.44 -9.73
H23 DPV G . 8.56 -22.40 -9.05
H23A DPV G . 9.05 -21.96 -10.71
H23B DPV G . 8.52 -23.63 -10.30
N DPV H . 0.18 -32.77 -5.00
P DPV H . 1.97 -32.09 -9.52
C1 DPV H . 3.16 -30.49 -11.14
C2 DPV H . 2.85 -29.35 -12.10
C3 DPV H . 3.99 -29.12 -13.11
C4 DPV H . 0.20 -32.52 -7.69
C5 DPV H . 0.84 -32.10 -6.28
C6 DPV H . 0.86 -32.20 -3.73
C7 DPV H . 0.41 -34.26 -5.01
C8 DPV H . -1.35 -32.54 -4.90
C15 DPV H . 5.15 -28.27 -12.56
C16 DPV H . 6.36 -28.41 -13.50
C17 DPV H . 7.56 -27.55 -13.02
C18 DPV H . 8.88 -27.88 -13.75
C19 DPV H . 8.86 -27.41 -15.24
O1P DPV H . 3.16 -32.33 -8.70
C20 DPV H . 10.15 -27.81 -15.99
C21 DPV H . 10.21 -27.10 -17.38
C22 DPV H . 11.51 -27.36 -18.17
C23 DPV H . 11.52 -26.58 -19.53
O2P DPV H . 1.63 -33.24 -10.37
O3P DPV H . 2.00 -30.75 -10.32
O4P DPV H . 0.72 -31.60 -8.69
H1 DPV H . 3.45 -31.40 -11.70
H1A DPV H . 3.97 -30.23 -10.43
H2 DPV H . 1.94 -29.61 -12.66
H2A DPV H . 2.65 -28.43 -11.56
H3 DPV H . 3.57 -28.58 -13.96
H3A DPV H . 4.35 -30.10 -13.53
H4 DPV H . 0.48 -33.56 -7.95
H4A DPV H . -0.89 -32.44 -7.65
H5 DPV H . 1.90 -32.35 -6.29
H5A DPV H . 0.73 -31.03 -6.14
H6 DPV H . 0.75 -31.10 -3.67
H6A DPV H . 1.91 -32.42 -3.80
H6B DPV H . 0.43 -32.69 -2.85
H7 DPV H . 0.06 -34.69 -4.05
H7A DPV H . 1.49 -34.44 -5.15
H7B DPV H . -0.15 -34.69 -5.85
H8 DPV H . -1.68 -32.94 -3.94
H8A DPV H . -1.84 -33.04 -5.74
H8B DPV H . -1.54 -31.46 -4.90
H15 DPV H . 5.43 -28.58 -11.58
H15A DPV H . 4.85 -27.24 -12.48
H16 DPV H . 6.68 -29.46 -13.51
H16A DPV H . 6.07 -28.14 -14.54
H17 DPV H . 7.30 -26.51 -13.13
H17A DPV H . 7.72 -27.68 -11.97
H18 DPV H . 9.72 -27.37 -13.24
H18A DPV H . 9.08 -28.97 -13.70
H19 DPV H . 8.01 -27.84 -15.75
H19A DPV H . 8.78 -26.32 -15.25
H20 DPV H . 11.05 -27.58 -15.39
H20A DPV H . 10.16 -28.90 -16.17
H21 DPV H . 9.35 -27.43 -17.99
H21A DPV H . 10.12 -26.02 -17.26
H22 DPV H . 12.36 -27.08 -17.58
H22A DPV H . 11.57 -28.41 -18.40
H23 DPV H . 12.44 -26.77 -20.09
H23A DPV H . 11.46 -25.50 -19.37
H23B DPV H . 10.66 -26.86 -20.12
N DPV I . -11.87 -17.68 -5.01
P DPV I . -11.05 -14.82 -9.21
C1 DPV I . -10.46 -16.63 -11.04
C2 DPV I . -11.22 -17.60 -11.95
C3 DPV I . -10.29 -18.66 -12.63
C4 DPV I . -11.56 -16.68 -7.44
C5 DPV I . -11.73 -16.40 -5.91
C6 DPV I . -11.92 -17.24 -3.55
C7 DPV I . -10.70 -18.68 -5.16
C8 DPV I . -13.22 -18.38 -5.30
C15 DPV I . -10.31 -20.07 -11.94
C16 DPV I . -9.86 -20.13 -10.42
C17 DPV I . -8.31 -19.96 -10.27
C18 DPV I . -7.84 -19.89 -8.77
C19 DPV I . -7.78 -18.43 -8.25
O1P DPV I . -11.44 -13.46 -9.52
C20 DPV I . -7.32 -18.36 -6.78
C21 DPV I . -7.42 -16.89 -6.25
C22 DPV I . -7.16 -16.76 -4.72
C23 DPV I . -7.28 -15.31 -4.25
O2P DPV I . -9.63 -14.94 -8.83
O3P DPV I . -11.50 -15.87 -10.35
O4P DPV I . -12.02 -15.55 -8.19
H1 DPV I . -9.82 -17.13 -10.31
H1A DPV I . -9.84 -15.95 -11.67
H2 DPV I . -12.04 -18.06 -11.45
H2A DPV I . -11.70 -17.00 -12.73
H3 DPV I . -9.26 -18.27 -12.68
H3A DPV I . -10.63 -18.82 -13.67
H4 DPV I . -10.51 -16.85 -7.67
H4A DPV I . -12.09 -17.59 -7.76
H5 DPV I . -10.92 -15.79 -5.52
H5A DPV I . -12.65 -15.81 -5.74
H6 DPV I . -10.92 -16.91 -3.25
H6A DPV I . -12.26 -18.11 -2.92
H6B DPV I . -12.63 -16.41 -3.46
H7 DPV I . -9.79 -18.12 -4.98
H7A DPV I . -10.72 -19.07 -6.18
H7B DPV I . -10.83 -19.45 -4.39
H8 DPV I . -13.29 -18.68 -6.34
H8A DPV I . -14.02 -17.66 -5.07
H8B DPV I . -13.32 -19.27 -4.68
H15 DPV I . -9.71 -20.78 -12.53
H15A DPV I . -11.37 -20.42 -11.98
H16 DPV I . -10.36 -19.34 -9.87
H16A DPV I . -10.20 -21.08 -9.99
H17 DPV I . -7.83 -20.83 -10.73
H17A DPV I . -7.98 -19.06 -10.79
H18 DPV I . -8.48 -20.50 -8.12
H18A DPV I . -6.82 -20.34 -8.71
H19 DPV I . -7.10 -17.85 -8.87
H19A DPV I . -8.77 -18.00 -8.34
H20 DPV I . -7.91 -19.04 -6.12
H20A DPV I . -6.27 -18.72 -6.73
H21 DPV I . -6.70 -16.26 -6.80
H21A DPV I . -8.47 -16.53 -6.43
H22 DPV I . -7.87 -17.32 -4.17
H22A DPV I . -6.19 -17.13 -4.49
H23 DPV I . -8.29 -14.96 -4.31
H23A DPV I . -6.72 -14.66 -4.90
H23B DPV I . -6.96 -15.24 -3.20
N DPV J . -1.58 -19.17 11.60
P DPV J . -3.44 -18.98 7.35
C1 DPV J . -5.48 -20.68 7.23
C2 DPV J . -6.28 -21.56 8.21
C3 DPV J . -5.48 -22.73 8.84
C4 DPV J . -1.52 -19.71 8.99
C5 DPV J . -2.34 -19.74 10.33
C6 DPV J . -2.52 -19.30 12.81
C7 DPV J . -1.27 -17.68 11.44
C8 DPV J . -0.29 -19.93 11.86
C15 DPV J . -5.67 -24.12 8.13
C16 DPV J . -4.78 -24.29 6.86
C17 DPV J . -4.72 -25.74 6.39
C18 DPV J . -3.70 -25.97 5.19
C19 DPV J . -3.38 -27.52 5.05
O1P DPV J . -3.25 -17.63 7.94
C20 DPV J . -2.83 -27.92 3.65
C21 DPV J . -1.42 -27.30 3.37
C22 DPV J . -1.44 -26.09 2.38
C23 DPV J . -0.02 -25.47 2.21
O2P DPV J . -3.52 -18.91 5.87
O3P DPV J . -4.65 -19.80 8.03
O4P DPV J . -2.39 -20.07 7.89
H1 DPV J . -4.85 -21.32 6.57
H1A DPV J . -6.14 -20.05 6.61
H2 DPV J . -6.64 -20.91 9.03
H2A DPV J . -7.19 -21.95 7.73
H3 DPV J . -5.79 -22.83 9.89
H3A DPV J . -4.43 -22.44 8.90
H4 DPV J . -1.15 -18.72 8.78
H4A DPV J . -0.72 -20.39 9.10
H5 DPV J . -3.25 -19.17 10.20
H5A DPV J . -2.60 -20.78 10.55
H6 DPV J . -2.55 -20.34 13.12
H6A DPV J . -3.51 -18.96 12.58
H6B DPV J . -2.13 -18.72 13.66
H7 DPV J . -0.76 -17.28 12.34
H7A DPV J . -2.21 -17.12 11.31
H7B DPV J . -0.62 -17.55 10.56
H8 DPV J . 0.47 -19.70 11.13
H8A DPV J . -0.50 -20.99 11.87
H8B DPV J . 0.10 -19.65 12.82
H15 DPV J . -6.75 -24.21 7.85
H15A DPV J . -5.45 -24.93 8.87
H16 DPV J . -5.14 -23.63 6.04
H16A DPV J . -3.75 -23.98 7.14
H17 DPV J . -4.43 -26.34 7.22
H17A DPV J . -5.72 -26.07 6.11
H18 DPV J . -4.09 -25.57 4.25
H18A DPV J . -2.75 -25.47 5.41
H19 DPV J . -2.67 -27.77 5.80
H19A DPV J . -4.27 -28.09 5.23
H20 DPV J . -2.74 -29.00 3.63
H20A DPV J . -3.54 -27.62 2.86
H21 DPV J . -0.93 -27.03 4.31
H21A DPV J . -0.80 -28.08 2.90
H22 DPV J . -1.81 -26.45 1.44
H22A DPV J . -2.14 -25.34 2.73
H23 DPV J . -0.03 -24.68 1.46
H23A DPV J . 0.66 -26.27 1.89
H23B DPV J . 0.32 -25.05 3.15
N DPV K . 4.77 -30.52 8.08
P DPV K . 8.54 -26.94 7.91
C1 DPV K . 9.94 -25.93 5.96
C2 DPV K . 11.20 -26.21 5.15
C3 DPV K . 10.89 -27.23 4.02
C4 DPV K . 6.66 -28.69 8.18
C5 DPV K . 5.83 -29.70 7.29
C6 DPV K . 3.81 -29.64 8.90
C7 DPV K . 3.97 -31.29 7.06
C8 DPV K . 5.47 -31.56 9.03
C15 DPV K . 12.06 -27.49 3.08
C16 DPV K . 13.06 -28.59 3.60
C17 DPV K . 14.02 -28.97 2.49
C18 DPV K . 14.99 -30.11 2.91
C19 DPV K . 15.67 -30.78 1.66
O1P DPV K . 9.22 -27.11 9.21
C20 DPV K . 16.69 -29.90 0.84
C21 DPV K . 15.99 -29.12 -0.29
C22 DPV K . 17.02 -28.50 -1.30
C23 DPV K . 16.27 -28.15 -2.59
O2P DPV K . 7.71 -25.73 7.86
O3P DPV K . 9.51 -27.10 6.67
O4P DPV K . 7.79 -28.24 7.41
H1 DPV K . 10.15 -25.15 6.71
H1A DPV K . 9.11 -25.60 5.29
H2 DPV K . 11.56 -25.28 4.71
H2A DPV K . 12.01 -26.54 5.81
H3 DPV K . 10.02 -26.82 3.45
H3A DPV K . 10.57 -28.18 4.49
H4 DPV K . 6.03 -27.86 8.48
H4A DPV K . 7.05 -29.21 9.04
H5 DPV K . 5.29 -29.13 6.50
H5A DPV K . 6.52 -30.41 6.80
H6 DPV K . 3.43 -28.83 8.27
H6A DPV K . 4.35 -29.19 9.71
H6B DPV K . 3.00 -30.27 9.26
H7 DPV K . 3.37 -30.59 6.44
H7A DPV K . 3.26 -31.97 7.55
H7B DPV K . 4.62 -31.95 6.47
H8 DPV K . 6.02 -31.04 9.80
H8A DPV K . 6.19 -32.16 8.49
H8B DPV K . 4.71 -32.18 9.51
H15 DPV K . 12.62 -26.61 2.90
H15A DPV K . 11.67 -27.84 2.13
H16 DPV K . 13.61 -28.27 4.48
H16A DPV K . 12.50 -29.47 3.87
H17 DPV K . 13.45 -29.33 1.65
H17A DPV K . 14.61 -28.12 2.23
H18 DPV K . 15.76 -29.76 3.59
H18A DPV K . 14.40 -30.90 3.41
H19 DPV K . 16.22 -31.70 2.03
H19A DPV K . 14.88 -31.18 0.98
H20 DPV K . 17.24 -29.22 1.47
H20A DPV K . 17.44 -30.59 0.42
H21 DPV K . 15.29 -29.77 -0.82
H21A DPV K . 15.41 -28.30 0.13
H22 DPV K . 17.45 -27.64 -0.85
H22A DPV K . 17.78 -29.22 -1.53
H23 DPV K . 15.45 -27.47 -2.38
H23A DPV K . 15.88 -29.05 -3.03
H23B DPV K . 16.93 -27.66 -3.30
N DPV L . -0.19 -26.36 8.97
P DPV L . 2.85 -26.56 5.58
C1 DPV L . 3.50 -25.18 3.50
C2 DPV L . 4.03 -25.49 2.07
C3 DPV L . 4.52 -24.19 1.39
C4 DPV L . 0.51 -25.67 6.52
C5 DPV L . 0.38 -26.82 7.62
C6 DPV L . -0.17 -27.56 9.90
C7 DPV L . -1.65 -25.89 8.84
C8 DPV L . 0.69 -25.25 9.63
C15 DPV L . 5.65 -24.50 0.40
C16 DPV L . 5.97 -23.32 -0.57
C17 DPV L . 7.21 -23.62 -1.44
C18 DPV L . 7.48 -22.49 -2.46
C19 DPV L . 8.58 -22.88 -3.48
O1P DPV L . 3.07 -27.95 6.06
C20 DPV L . 8.44 -22.11 -4.87
C21 DPV L . 7.52 -22.88 -5.90
C22 DPV L . 6.02 -22.43 -5.87
C23 DPV L . 5.14 -23.28 -6.82
O2P DPV L . 3.66 -25.55 6.35
O3P DPV L . 3.01 -26.44 4.04
O4P DPV L . 1.31 -26.19 5.42
H1 DPV L . 4.31 -24.84 4.08
H1A DPV L . 2.71 -24.44 3.45
H2 DPV L . 4.80 -26.25 2.13
H2A DPV L . 3.24 -25.87 1.45
H3 DPV L . 4.93 -23.51 2.15
H3A DPV L . 3.70 -23.70 0.85
H4 DPV L . -0.46 -25.39 6.16
H4A DPV L . 1.01 -24.80 6.93
H5 DPV L . -0.23 -27.61 7.26
H5A DPV L . 1.37 -27.23 7.81
H6 DPV L . 0.85 -27.93 9.98
H6A DPV L . -0.79 -28.34 9.50
H6B DPV L . -0.51 -27.27 10.89
H7 DPV L . -2.23 -26.69 8.38
H7A DPV L . -1.68 -24.98 8.23
H7B DPV L . -2.02 -25.70 9.85
H8 DPV L . 1.73 -25.59 9.63
H8A DPV L . 0.32 -25.09 10.65
H8B DPV L . 0.61 -24.32 9.03
H15 DPV L . 5.37 -25.36 -0.21
H15A DPV L . 6.55 -24.78 0.94
H16 DPV L . 5.10 -23.14 -1.21
H16A DPV L . 6.15 -22.41 0.00
H17 DPV L . 8.10 -23.77 -0.80
H17A DPV L . 7.01 -24.56 -1.98
H18 DPV L . 6.53 -22.26 -2.97
H18A DPV L . 7.78 -21.60 -1.95
H19 DPV L . 9.54 -22.62 -3.01
H19A DPV L . 8.59 -23.96 -3.67
H20 DPV L . 8.07 -21.10 -4.70
H20A DPV L . 9.41 -22.05 -5.32
H21 DPV L . 7.90 -22.71 -6.90
H21A DPV L . 7.58 -23.95 -5.72
H22 DPV L . 5.61 -22.51 -4.84
H22A DPV L . 5.97 -21.38 -6.15
H23 DPV L . 5.50 -23.21 -7.85
H23A DPV L . 4.11 -22.95 -6.81
H23B DPV L . 5.14 -24.33 -6.56
N DPV M . 8.04 -18.96 16.02
P DPV M . 11.20 -21.56 13.82
C1 DPV M . 9.50 -21.54 11.85
C2 DPV M . 8.74 -22.54 10.93
C3 DPV M . 7.97 -21.85 9.77
C4 DPV M . 10.39 -20.16 15.85
C5 DPV M . 9.14 -19.87 16.70
C6 DPV M . 8.60 -17.56 15.81
C7 DPV M . 6.87 -18.88 17.00
C8 DPV M . 7.52 -19.56 14.69
C15 DPV M . 8.53 -22.19 8.33
C16 DPV M . 9.92 -21.54 8.09
C17 DPV M . 10.53 -21.88 6.73
C18 DPV M . 12.04 -21.45 6.69
C19 DPV M . 12.74 -21.80 5.33
O1P DPV M . 11.91 -20.42 13.17
C20 DPV M . 12.64 -20.62 4.31
C21 DPV M . 13.61 -20.84 3.13
C22 DPV M . 13.63 -19.62 2.14
C23 DPV M . 14.70 -19.80 1.03
O2P DPV M . 12.13 -22.47 14.47
O3P DPV M . 10.15 -22.30 12.88
O4P DPV M . 10.04 -21.08 14.79
H1 DPV M . 10.26 -21.01 11.29
H1A DPV M . 8.81 -20.85 12.31
H2 DPV M . 9.44 -23.31 10.59
H2A DPV M . 8.00 -23.06 11.53
H3 DPV M . 7.97 -20.75 9.93
H3A DPV M . 6.92 -22.18 9.82
H4 DPV M . 10.78 -19.20 15.44
H4A DPV M . 11.18 -20.64 16.45
H5 DPV M . 8.66 -20.81 16.98
H5A DPV M . 9.43 -19.37 17.62
H6 DPV M . 9.53 -17.62 15.26
H6A DPV M . 8.74 -17.07 16.80
H6B DPV M . 7.89 -16.96 15.24
H7 DPV M . 6.43 -19.87 17.15
H7A DPV M . 6.10 -18.23 16.56
H7B DPV M . 7.25 -18.46 17.95
H8 DPV M . 7.32 -20.62 14.82
H8A DPV M . 8.29 -19.44 13.92
H8B DPV M . 6.59 -19.06 14.40
H15 DPV M . 7.81 -21.86 7.57
H15A DPV M . 8.57 -23.27 8.19
H16 DPV M . 9.85 -20.44 8.18
H16A DPV M . 10.59 -21.89 8.87
H17 DPV M . 10.44 -22.95 6.55
H17A DPV M . 9.98 -21.34 5.94
H18 DPV M . 12.12 -20.38 6.87
H18A DPV M . 12.54 -21.95 7.52
H19 DPV M . 13.78 -22.05 5.55
H19A DPV M . 12.27 -22.72 4.91
H20 DPV M . 11.64 -20.59 3.89
H20A DPV M . 12.83 -19.66 4.79
H21 DPV M . 14.62 -20.98 3.56
H21A DPV M . 13.34 -21.76 2.59
H22 DPV M . 12.66 -19.56 1.69
H22A DPV M . 13.85 -18.72 2.67
H23 DPV M . 14.66 -19.00 0.33
H23A DPV M . 14.46 -20.68 0.46
H23B DPV M . 15.68 -19.89 1.47
N DPV N . 25.08 0.15 -4.56
P DPV N . 28.24 -1.96 -7.66
C1 DPV N . 28.11 0.33 -8.91
C2 DPV N . 27.10 1.25 -9.62
C3 DPV N . 26.74 0.77 -11.07
C4 DPV N . 27.35 -1.03 -5.30
C5 DPV N . 25.93 -0.42 -5.77
C6 DPV N . 23.71 0.49 -5.10
C7 DPV N . 25.74 1.41 -3.98
C8 DPV N . 24.89 -0.88 -3.41
C15 DPV N . 25.23 0.49 -11.30
C16 DPV N . 24.76 -0.81 -10.57
C17 DPV N . 23.23 -1.06 -10.80
C18 DPV N . 22.76 -2.40 -10.17
C19 DPV N . 22.64 -2.39 -8.59
O1P DPV N . 29.56 -2.24 -8.25
C20 DPV N . 23.83 -3.14 -7.87
C21 DPV N . 23.46 -3.47 -6.36
C22 DPV N . 24.61 -4.08 -5.53
C23 DPV N . 25.07 -5.50 -6.00
O2P DPV N . 27.47 -3.18 -7.38
O3P DPV N . 27.40 -0.86 -8.45
O4P DPV N . 28.32 -1.00 -6.36
H1 DPV N . 28.91 0.09 -9.60
H1A DPV N . 28.52 0.80 -8.06
H2 DPV N . 26.19 1.31 -8.99
H2A DPV N . 27.53 2.27 -9.70
H3 DPV N . 27.30 -0.16 -11.30
H3A DPV N . 27.08 1.51 -11.80
H4 DPV N . 27.78 -0.46 -4.44
H4A DPV N . 27.18 -2.09 -4.99
H5 DPV N . 26.13 0.38 -6.44
H5A DPV N . 25.36 -1.18 -6.25
H6 DPV N . 23.26 -0.41 -5.50
H6A DPV N . 23.79 1.23 -5.90
H6B DPV N . 23.12 0.91 -4.29
H7 DPV N . 26.75 1.20 -3.64
H7A DPV N . 25.12 1.76 -3.15
H7B DPV N . 25.82 2.17 -4.76
H8 DPV N . 25.85 -1.17 -3.00
H8A DPV N . 24.35 -1.74 -3.82
H8B DPV N . 24.32 -0.42 -2.60
H15 DPV N . 25.09 0.37 -12.39
H15A DPV N . 24.64 1.31 -10.94
H16 DPV N . 25.35 -1.68 -10.88
H16A DPV N . 24.90 -0.72 -9.51
H17 DPV N . 22.69 -0.24 -10.34
H17A DPV N . 23.01 -1.05 -11.87
H18 DPV N . 21.75 -2.62 -10.58
H18A DPV N . 23.41 -3.21 -10.48
H19 DPV N . 22.60 -1.37 -8.26
H19A DPV N . 21.73 -2.86 -8.29
H20 DPV N . 24.03 -4.07 -8.38
H20A DPV N . 24.73 -2.55 -7.93
H21 DPV N . 23.14 -2.56 -5.87
H21A DPV N . 22.61 -4.16 -6.34
H22 DPV N . 25.46 -3.41 -5.57
H22A DPV N . 24.33 -4.12 -4.48
H23 DPV N . 25.86 -5.84 -5.33
H23A DPV N . 25.45 -5.45 -7.01
H23B DPV N . 24.23 -6.19 -5.95
N DPV O . 18.78 -4.73 9.40
P DPV O . 18.81 -0.05 7.15
C1 DPV O . 18.20 1.24 4.93
C2 DPV O . 19.41 2.12 4.65
C3 DPV O . 19.39 2.72 3.21
C4 DPV O . 18.86 -2.33 8.35
C5 DPV O . 18.74 -3.87 8.10
C6 DPV O . 18.56 -6.21 8.88
C7 DPV O . 17.63 -4.40 10.37
C8 DPV O . 20.13 -4.69 10.08
C15 DPV O . 20.76 3.33 2.78
C16 DPV O . 20.81 3.71 1.28
C17 DPV O . 20.74 2.46 0.32
C18 DPV O . 21.18 2.85 -1.10
C19 DPV O . 20.67 1.93 -2.24
O1P DPV O . 17.71 0.59 7.92
C20 DPV O . 21.07 0.42 -2.10
C21 DPV O . 20.46 -0.40 -3.28
C22 DPV O . 20.93 -1.87 -3.22
C23 DPV O . 20.35 -2.73 -4.34
O2P DPV O . 20.13 0.45 7.60
O3P DPV O . 18.61 -0.03 5.56
O4P DPV O . 18.71 -1.63 7.11
H1 DPV O . 17.50 1.77 5.58
H1A DPV O . 17.72 0.97 4.02
H2 DPV O . 19.52 2.93 5.43
H2A DPV O . 20.28 1.47 4.78
H3 DPV O . 18.59 3.45 3.09
H3A DPV O . 19.15 1.88 2.52
H4 DPV O . 18.07 -2.05 9.01
H4A DPV O . 19.83 -2.04 8.78
H5 DPV O . 17.79 -4.07 7.60
H5A DPV O . 19.59 -4.20 7.45
H6 DPV O . 19.39 -6.45 8.20
H6A DPV O . 17.60 -6.24 8.33
H6B DPV O . 18.58 -6.86 9.75
H7 DPV O . 17.77 -3.39 10.77
H7A DPV O . 17.61 -5.09 11.23
H7B DPV O . 16.69 -4.42 9.83
H8 DPV O . 20.91 -5.03 9.38
H8A DPV O . 20.10 -5.32 10.97
H8B DPV O . 20.34 -3.66 10.41
H15 DPV O . 21.61 2.63 3.04
H15A DPV O . 20.94 4.25 3.34
H16 DPV O . 20.01 4.41 1.07
H16A DPV O . 21.77 4.25 1.14
H17 DPV O . 21.35 1.65 0.71
H17A DPV O . 19.71 2.11 0.27
H18 DPV O . 20.85 3.87 -1.32
H18A DPV O . 22.30 2.89 -1.16
H19 DPV O . 19.56 1.99 -2.32
H19A DPV O . 21.07 2.33 -3.23
H20 DPV O . 22.17 0.34 -2.15
H20A DPV O . 20.75 -0.01 -1.17
H21 DPV O . 19.35 -0.36 -3.23
H21A DPV O . 20.77 0.06 -4.22
H22 DPV O . 22.02 -1.89 -3.25
H22A DPV O . 20.60 -2.30 -2.27
H23 DPV O . 20.72 -3.75 -4.23
H23A DPV O . 20.61 -2.34 -5.32
H23B DPV O . 19.26 -2.74 -4.28
N DPV P . 20.59 3.74 -16.70
P DPV P . 19.53 4.90 -11.63
C1 DPV P . 20.82 7.07 -11.02
C2 DPV P . 21.88 7.61 -10.04
C3 DPV P . 21.57 7.24 -8.55
C4 DPV P . 19.92 4.40 -14.19
C5 DPV P . 20.99 4.42 -15.34
C6 DPV P . 19.43 4.48 -17.38
C7 DPV P . 20.19 2.29 -16.49
C8 DPV P . 21.80 3.78 -17.64
C15 DPV P . 20.48 8.13 -7.89
C16 DPV P . 19.82 7.40 -6.70
C17 DPV P . 18.73 8.30 -6.05
C18 DPV P . 17.78 7.55 -5.08
C19 DPV P . 16.69 6.70 -5.85
O1P DPV P . 18.33 5.72 -11.82
C20 DPV P . 15.83 5.90 -4.90
C21 DPV P . 14.64 5.21 -5.64
C22 DPV P . 13.91 4.12 -4.84
C23 DPV P . 12.67 3.59 -5.58
O2P DPV P . 19.22 3.57 -11.04
O3P DPV P . 20.68 5.66 -10.83
O4P DPV P . 20.48 4.82 -12.94
H1 DPV P . 19.84 7.57 -10.81
H1A DPV P . 21.11 7.28 -12.07
H2 DPV P . 22.85 7.23 -10.33
H2A DPV P . 21.92 8.69 -10.13
H3 DPV P . 22.47 7.39 -7.98
H3A DPV P . 21.32 6.21 -8.50
H4 DPV P . 19.10 5.06 -14.46
H4A DPV P . 19.54 3.39 -14.07
H5 DPV P . 21.29 5.48 -15.55
H5A DPV P . 21.92 3.91 -15.00
H6 DPV P . 19.72 5.52 -17.57
H6A DPV P . 18.56 4.50 -16.74
H6B DPV P . 19.20 3.98 -18.33
H7 DPV P . 20.99 1.77 -15.96
H7A DPV P . 19.99 1.80 -17.45
H7B DPV P . 19.27 2.26 -15.88
H8 DPV P . 22.61 3.20 -17.20
H8A DPV P . 22.13 4.81 -17.78
H8B DPV P . 21.48 3.34 -18.59
H15 DPV P . 19.71 8.41 -8.61
H15A DPV P . 20.95 9.07 -7.56
H16 DPV P . 19.40 6.47 -7.08
H16A DPV P . 20.56 7.19 -5.95
H17 DPV P . 19.25 9.05 -5.47
H17A DPV P . 18.16 8.77 -6.84
H18 DPV P . 18.39 6.88 -4.44
H18A DPV P . 17.32 8.27 -4.35
H19 DPV P . 16.05 7.39 -6.41
H19A DPV P . 17.12 6.04 -6.57
H20 DPV P . 16.45 5.14 -4.40
H20A DPV P . 15.47 6.53 -4.11
H21 DPV P . 13.92 5.96 -5.92
H21A DPV P . 14.99 4.76 -6.55
H22 DPV P . 14.58 3.29 -4.64
H22A DPV P . 13.57 4.54 -3.88
H23 DPV P . 12.25 2.71 -5.07
H23A DPV P . 12.93 3.33 -6.59
H23B DPV P . 11.94 4.41 -5.58
N DPV Q . 16.80 -1.00 -23.21
P DPV Q . 12.40 0.53 -22.67
C1 DPV Q . 11.93 0.59 -20.13
C2 DPV Q . 11.89 -0.36 -18.94
C3 DPV Q . 11.94 0.38 -17.56
C4 DPV Q . 14.90 0.88 -23.35
C5 DPV Q . 16.37 0.48 -22.91
C6 DPV Q . 16.80 -1.33 -24.71
C7 DPV Q . 15.91 -1.96 -22.40
C8 DPV Q . 18.22 -1.19 -22.73
C15 DPV Q . 11.66 -0.56 -16.33
C16 DPV Q . 12.91 -1.41 -15.85
C17 DPV Q . 13.30 -2.65 -16.70
C18 DPV Q . 12.11 -3.64 -16.99
C19 DPV Q . 12.58 -5.00 -17.55
O1P DPV Q . 11.84 1.90 -22.71
C20 DPV Q . 11.36 -5.96 -17.84
C21 DPV Q . 11.79 -7.30 -18.54
C22 DPV Q . 11.95 -8.49 -17.52
C23 DPV Q . 13.36 -8.54 -16.84
O2P DPV Q . 12.00 -0.27 -23.84
O3P DPV Q . 12.10 -0.22 -21.31
O4P DPV Q . 13.98 0.45 -22.35
H1 DPV Q . 11.03 1.18 -20.21
H1A DPV Q . 12.77 1.27 -20.02
H2 DPV Q . 10.97 -0.95 -19.04
H2A DPV Q . 12.75 -1.05 -19.05
H3 DPV Q . 11.21 1.16 -17.58
H3A DPV Q . 12.90 0.83 -17.43
H4 DPV Q . 14.86 1.96 -23.42
H4A DPV Q . 14.60 0.43 -24.30
H5 DPV Q . 17.09 1.10 -23.43
H5A DPV Q . 16.47 0.63 -21.86
H6 DPV Q . 17.40 -0.60 -25.24
H6A DPV Q . 15.77 -1.28 -25.05
H6B DPV Q . 17.19 -2.34 -24.87
H7 DPV Q . 16.02 -1.72 -21.34
H7A DPV Q . 16.25 -2.98 -22.53
H7B DPV Q . 14.88 -1.87 -22.75
H8 DPV Q . 18.25 -0.96 -21.67
H8A DPV Q . 18.88 -0.52 -23.29
H8B DPV Q . 18.51 -2.25 -22.87
H15 DPV Q . 10.82 -1.24 -16.59
H15A DPV Q . 11.37 0.06 -15.46
H16 DPV Q . 13.78 -0.78 -15.81
H16A DPV Q . 12.69 -1.70 -14.84
H17 DPV Q . 13.76 -2.31 -17.65
H17A DPV Q . 14.10 -3.21 -16.14
H18 DPV Q . 11.55 -3.84 -16.08
H18A DPV Q . 11.40 -3.20 -17.71
H19 DPV Q . 13.15 -4.88 -18.47
H19A DPV Q . 13.22 -5.44 -16.82
H20 DPV Q . 10.87 -6.17 -16.90
H20A DPV Q . 10.64 -5.47 -18.48
H21 DPV Q . 11.01 -7.58 -19.28
H21A DPV Q . 12.70 -7.15 -19.12
H22 DPV Q . 11.25 -8.43 -16.74
H22A DPV Q . 11.75 -9.39 -18.02
H23 DPV Q . 13.41 -9.40 -16.18
H23A DPV Q . 13.55 -7.58 -16.31
H23B DPV Q . 14.18 -8.66 -17.58
N DPV R . 7.90 -0.69 -23.07
P DPV R . 7.36 2.64 -19.45
C1 DPV R . 7.26 0.81 -17.60
C2 DPV R . 7.85 -0.59 -17.32
C3 DPV R . 7.17 -1.69 -18.15
C4 DPV R . 7.83 1.65 -21.83
C5 DPV R . 8.45 0.22 -21.90
C6 DPV R . 6.40 -1.04 -22.82
C7 DPV R . 8.76 -1.97 -23.10
C8 DPV R . 8.08 -0.02 -24.44
C15 DPV R . 8.12 -2.90 -18.42
C16 DPV R . 7.35 -4.16 -18.92
C17 DPV R . 6.82 -4.09 -20.39
C18 DPV R . 5.79 -5.18 -20.65
C19 DPV R . 5.28 -5.11 -22.12
O1P DPV R . 7.90 3.67 -18.57
C20 DPV R . 3.99 -5.98 -22.33
C21 DPV R . 4.30 -7.50 -22.23
C22 DPV R . 3.02 -8.33 -22.44
C23 DPV R . 3.28 -9.84 -22.43
O2P DPV R . 5.93 2.89 -19.78
O3P DPV R . 7.66 1.14 -18.93
O4P DPV R . 8.27 2.34 -20.69
H1 DPV R . 6.19 0.77 -17.55
H1A DPV R . 7.64 1.55 -16.94
H2 DPV R . 8.91 -0.60 -17.54
H2A DPV R . 7.73 -0.80 -16.28
H3 DPV R . 6.80 -1.26 -19.09
H3A DPV R . 6.30 -2.03 -17.59
H4 DPV R . 8.11 2.26 -22.69
H4A DPV R . 6.74 1.57 -21.80
H5 DPV R . 9.56 0.32 -22.03
H5A DPV R . 8.26 -0.33 -20.97
H6 DPV R . 5.82 -0.14 -22.88
H6A DPV R . 6.28 -1.51 -21.85
H6B DPV R . 6.09 -1.69 -23.64
H7 DPV R . 8.37 -2.60 -23.91
H7A DPV R . 8.68 -2.51 -22.14
H7B DPV R . 9.83 -1.71 -23.28
H8 DPV R . 9.12 0.25 -24.57
H8A DPV R . 7.46 0.85 -24.49
H8B DPV R . 7.82 -0.72 -25.20
H15 DPV R . 8.67 -3.19 -17.50
H15A DPV R . 8.86 -2.58 -19.20
H16 DPV R . 8.02 -5.03 -18.83
H16A DPV R . 6.51 -4.35 -18.21
H17 DPV R . 6.38 -3.09 -20.54
H17A DPV R . 7.66 -4.19 -21.08
H18 DPV R . 6.24 -6.12 -20.49
H18A DPV R . 4.99 -5.08 -19.96
H19 DPV R . 5.00 -4.10 -22.31
H19A DPV R . 6.04 -5.39 -22.81
H20 DPV R . 3.24 -5.71 -21.56
H20A DPV R . 3.58 -5.79 -23.32
H21 DPV R . 5.03 -7.78 -22.99
H21A DPV R . 4.70 -7.70 -21.23
H22 DPV R . 2.27 -8.09 -21.70
H22A DPV R . 2.58 -8.05 -23.38
H23 DPV R . 3.64 -10.15 -21.46
H23A DPV R . 3.99 -10.09 -23.20
H23B DPV R . 2.37 -10.38 -22.65
N DPV S . 5.48 6.67 -16.96
P DPV S . 4.98 3.51 -13.50
C1 DPV S . 5.44 2.34 -11.21
C2 DPV S . 6.58 2.08 -10.17
C3 DPV S . 7.93 1.61 -10.78
C4 DPV S . 5.87 4.33 -15.79
C5 DPV S . 6.06 5.87 -15.74
C6 DPV S . 6.06 6.19 -18.28
C7 DPV S . 5.93 8.14 -16.76
C8 DPV S . 3.93 6.65 -17.05
C15 DPV S . 7.84 0.26 -11.60
C16 DPV S . 9.28 -0.34 -11.79
C17 DPV S . 9.29 -1.67 -12.59
C18 DPV S . 10.68 -2.35 -12.54
C19 DPV S . 10.69 -3.70 -13.23
O1P DPV S . 4.31 4.76 -13.09
C20 DPV S . 12.13 -4.34 -13.22
C21 DPV S . 12.18 -5.78 -13.80
C22 DPV S . 11.72 -6.85 -12.74
C23 DPV S . 11.98 -8.29 -13.29
O2P DPV S . 4.01 2.49 -13.96
O3P DPV S . 6.00 2.96 -12.41
O4P DPV S . 6.16 3.73 -14.54
H1 DPV S . 5.01 1.39 -11.47
H1A DPV S . 4.66 2.99 -10.80
H2 DPV S . 6.76 2.98 -9.61
H2A DPV S . 6.19 1.36 -9.46
H3 DPV S . 8.68 1.46 -9.98
H3A DPV S . 8.32 2.45 -11.38
H4 DPV S . 4.85 4.11 -16.04
H4A DPV S . 6.54 3.88 -16.50
H5 DPV S . 5.59 6.30 -14.84
H5A DPV S . 7.14 6.06 -15.72
H6 DPV S . 5.74 5.17 -18.44
H6A DPV S . 7.14 6.24 -18.21
H6B DPV S . 5.72 6.88 -19.06
H7 DPV S . 5.51 8.43 -15.79
H7A DPV S . 5.49 8.73 -17.56
H7B DPV S . 6.99 8.17 -16.77
H8 DPV S . 3.62 7.23 -17.91
H8A DPV S . 3.55 7.07 -16.12
H8B DPV S . 3.61 5.61 -17.15
H15 DPV S . 7.37 0.49 -12.58
H15A DPV S . 7.13 -0.44 -11.10
H16 DPV S . 9.90 0.41 -12.28
H16A DPV S . 9.71 -0.56 -10.79
H17 DPV S . 8.53 -2.34 -12.17
H17A DPV S . 9.00 -1.49 -13.67
H18 DPV S . 11.43 -1.69 -13.01
H18A DPV S . 11.00 -2.48 -11.49
H19 DPV S . 9.97 -4.38 -12.74
H19A DPV S . 10.39 -3.59 -14.27
H20 DPV S . 12.78 -3.74 -13.85
H20A DPV S . 12.53 -4.33 -12.21
H21 DPV S . 11.58 -5.88 -14.72
H21A DPV S . 13.23 -5.98 -14.12
H22 DPV S . 12.24 -6.66 -11.78
H22A DPV S . 10.63 -6.72 -12.51
H23 DPV S . 11.71 -9.07 -12.57
H23A DPV S . 13.04 -8.41 -13.53
H23B DPV S . 11.40 -8.44 -14.19
N DPV T . -4.12 -9.30 -19.87
P DPV T . -6.88 -13.11 -20.69
C1 DPV T . -6.30 -15.09 -22.31
C2 DPV T . -5.10 -15.72 -23.05
C3 DPV T . -4.75 -14.97 -24.34
C4 DPV T . -6.43 -10.61 -20.08
C5 DPV T . -5.56 -9.42 -20.56
C6 DPV T . -3.24 -10.53 -20.04
C7 DPV T . -4.23 -8.93 -18.36
C8 DPV T . -3.39 -8.11 -20.52
C15 DPV T . -3.47 -15.58 -25.01
C16 DPV T . -3.09 -14.84 -26.32
C17 DPV T . -1.88 -15.49 -27.04
C18 DPV T . -0.58 -14.64 -27.06
C19 DPV T . 0.10 -14.53 -25.67
O1P DPV T . -6.93 -13.66 -19.33
C20 DPV T . 1.60 -14.17 -25.72
C21 DPV T . 2.17 -14.10 -24.27
C22 DPV T . 3.71 -13.86 -24.23
C23 DPV T . 4.22 -13.74 -22.78
O2P DPV T . -8.22 -12.91 -21.28
O3P DPV T . -5.86 -13.86 -21.66
O4P DPV T . -5.98 -11.79 -20.79
H1 DPV T . -7.09 -14.87 -23.03
H1A DPV T . -6.69 -15.75 -21.53
H2 DPV T . -4.24 -15.74 -22.42
H2A DPV T . -5.34 -16.73 -23.31
H3 DPV T . -4.61 -13.92 -24.15
H3A DPV T . -5.61 -15.05 -25.02
H4 DPV T . -6.37 -10.77 -18.99
H4A DPV T . -7.48 -10.43 -20.36
H5 DPV T . -5.43 -9.49 -21.60
H5A DPV T . -6.08 -8.49 -20.33
H6 DPV T . -3.12 -10.69 -21.12
H6A DPV T . -3.72 -11.40 -19.61
H6B DPV T . -2.25 -10.38 -19.60
H7 DPV T . -4.82 -8.01 -18.27
H7A DPV T . -3.22 -8.79 -17.97
H7B DPV T . -4.72 -9.75 -17.83
H8 DPV T . -4.08 -7.25 -20.55
H8A DPV T . -3.11 -8.39 -21.54
H8B DPV T . -2.50 -7.87 -19.90
H15 DPV T . -3.63 -16.61 -25.23
H15A DPV T . -2.63 -15.49 -24.33
H16 DPV T . -3.95 -14.86 -26.96
H16A DPV T . -2.85 -13.78 -26.13
H17 DPV T . -1.68 -16.46 -26.63
H17A DPV T . -2.22 -15.65 -28.05
H18 DPV T . 0.14 -15.10 -27.73
H18A DPV T . -0.81 -13.65 -27.43
H19 DPV T . -0.45 -13.79 -25.07
H19A DPV T . 0.01 -15.50 -25.18
H20 DPV T . 2.14 -14.88 -26.35
H20A DPV T . 1.70 -13.19 -26.17
H21 DPV T . 1.67 -13.33 -23.72
H21A DPV T . 1.94 -15.00 -23.77
H22 DPV T . 4.22 -14.71 -24.67
H22A DPV T . 3.97 -12.98 -24.78
H23 DPV T . 4.05 -14.69 -22.26
H23A DPV T . 3.66 -12.93 -22.29
H23B DPV T . 5.27 -13.49 -22.77
N DPV U . -4.45 -20.01 -22.04
P DPV U . -2.38 -16.52 -19.45
C1 DPV U . -0.54 -16.92 -17.62
C2 DPV U . -0.38 -15.93 -16.40
C3 DPV U . -0.26 -14.50 -16.90
C4 DPV U . -3.65 -18.81 -19.85
C5 DPV U . -4.73 -18.95 -20.92
C6 DPV U . -5.65 -19.99 -22.97
C7 DPV U . -4.34 -21.42 -21.44
C8 DPV U . -3.23 -19.62 -22.89
C15 DPV U . -0.55 -13.48 -15.72
C16 DPV U . -0.11 -12.08 -16.08
C17 DPV U . -0.47 -11.03 -14.99
C18 DPV U . -0.17 -9.59 -15.54
C19 DPV U . -0.49 -8.47 -14.52
O1P DPV U . -1.44 -16.94 -20.50
C20 DPV U . -0.19 -7.04 -15.03
C21 DPV U . -1.16 -6.49 -16.13
C22 DPV U . -2.49 -5.90 -15.59
C23 DPV U . -2.31 -4.47 -15.03
O2P DPV U . -2.73 -15.08 -19.57
O3P DPV U . -1.92 -16.94 -17.96
O4P DPV U . -3.68 -17.44 -19.33
H1 DPV U . 0.03 -16.59 -18.47
H1A DPV U . -0.25 -17.91 -17.35
H2 DPV U . -1.25 -16.00 -15.70
H2A DPV U . 0.54 -16.18 -15.84
H3 DPV U . -0.96 -14.30 -17.70
H3A DPV U . 0.73 -14.36 -17.30
H4 DPV U . -3.86 -19.44 -18.98
H4A DPV U . -2.67 -19.07 -20.24
H5 DPV U . -5.70 -19.19 -20.42
H5A DPV U . -4.83 -17.97 -21.41
H6 DPV U . -5.80 -18.94 -23.31
H6A DPV U . -6.52 -20.31 -22.41
H6B DPV U . -5.47 -20.66 -23.83
H7 DPV U . -5.21 -21.64 -20.84
H7A DPV U . -3.45 -21.52 -20.85
H7B DPV U . -4.29 -22.12 -22.25
H8 DPV U . -2.37 -19.53 -22.23
H8A DPV U . -3.46 -18.66 -23.38
H8B DPV U . -3.07 -20.41 -23.64
H15 DPV U . 0.01 -13.75 -14.81
H15A DPV U . -1.63 -13.49 -15.46
H16 DPV U . 0.97 -12.04 -16.22
H16A DPV U . -0.55 -11.74 -17.00
H17 DPV U . -1.51 -11.14 -14.73
H17A DPV U . 0.11 -11.19 -14.08
H18 DPV U . 0.86 -9.51 -15.87
H18A DPV U . -0.82 -9.43 -16.42
H19 DPV U . -1.52 -8.52 -14.22
H19A DPV U . 0.07 -8.63 -13.59
H20 DPV U . -0.20 -6.35 -14.13
H20A DPV U . 0.84 -7.01 -15.47
H21 DPV U . -0.64 -5.72 -16.71
H21A DPV U . -1.37 -7.27 -16.86
H22 DPV U . -3.22 -5.89 -16.42
H22A DPV U . -2.93 -6.57 -14.82
H23 DPV U . -1.65 -4.47 -14.16
H23A DPV U . -3.26 -4.04 -14.72
H23B DPV U . -1.94 -3.80 -15.78
N DPV V . -2.19 -26.40 -21.13
P DPV V . -1.25 -21.92 -18.87
C1 DPV V . 1.05 -21.39 -17.69
C2 DPV V . 1.67 -21.17 -16.26
C3 DPV V . 1.01 -20.01 -15.48
C4 DPV V . -1.96 -24.34 -19.50
C5 DPV V . -1.33 -25.67 -20.04
C6 DPV V . -2.34 -25.52 -22.41
C7 DPV V . -3.58 -26.80 -20.65
C8 DPV V . -1.40 -27.68 -21.52
C15 DPV V . 1.76 -19.68 -14.14
C16 DPV V . 2.75 -18.47 -14.25
C17 DPV V . 3.47 -18.21 -12.84
C18 DPV V . 4.45 -17.03 -12.88
C19 DPV V . 5.41 -17.03 -11.64
O1P DPV V . -0.80 -20.99 -19.93
C20 DPV V . 6.38 -15.81 -11.60
C21 DPV V . 7.26 -15.81 -10.30
C22 DPV V . 8.21 -14.60 -10.34
C23 DPV V . 8.89 -14.35 -8.99
O2P DPV V . -2.68 -21.70 -18.55
O3P DPV V . -0.31 -21.92 -17.57
O4P DPV V . -0.89 -23.45 -19.16
H1 DPV V . 1.01 -20.46 -18.26
H1A DPV V . 1.70 -22.08 -18.21
H2 DPV V . 1.61 -22.10 -15.73
H2A DPV V . 2.71 -21.00 -16.40
H3 DPV V . 0.00 -20.33 -15.26
H3A DPV V . 0.90 -19.12 -16.13
H4 DPV V . -2.59 -23.81 -20.25
H4A DPV V . -2.56 -24.56 -18.59
H5 DPV V . -0.36 -25.45 -20.51
H5A DPV V . -1.20 -26.38 -19.21
H6 DPV V . -2.74 -24.55 -22.10
H6A DPV V . -3.01 -25.99 -23.10
H6B DPV V . -1.35 -25.39 -22.87
H7 DPV V . -3.46 -27.38 -19.73
H7A DPV V . -4.07 -27.40 -21.44
H7B DPV V . -4.16 -25.90 -20.48
H8 DPV V . -0.39 -27.41 -21.83
H8A DPV V . -1.90 -28.18 -22.35
H8B DPV V . -1.39 -28.34 -20.64
H15 DPV V . 2.33 -20.57 -13.88
H15A DPV V . 1.04 -19.41 -13.37
H16 DPV V . 3.50 -18.66 -15.05
H16A DPV V . 2.20 -17.57 -14.55
H17 DPV V . 2.77 -18.01 -12.09
H17A DPV V . 4.01 -19.09 -12.59
H18 DPV V . 5.01 -17.04 -13.80
H18A DPV V . 3.88 -16.10 -12.91
H19 DPV V . 4.80 -17.01 -10.74
H19A DPV V . 6.00 -17.94 -11.64
H20 DPV V . 7.03 -15.80 -12.48
H20A DPV V . 5.77 -14.89 -11.61
H21 DPV V . 6.61 -15.81 -9.43
H21A DPV V . 7.84 -16.72 -10.25
H22 DPV V . 8.97 -14.76 -11.10
H22A DPV V . 7.63 -13.70 -10.60
H23 DPV V . 9.44 -13.41 -9.01
H23A DPV V . 9.59 -15.17 -8.74
H23B DPV V . 8.17 -14.30 -8.19
N DPV W . -7.02 -24.41 -7.73
P DPV W . -2.53 -26.71 -9.42
C1 DPV W . -0.39 -25.25 -9.64
C2 DPV W . -0.03 -23.81 -10.01
C3 DPV W . 1.41 -23.44 -9.61
C4 DPV W . -4.58 -25.33 -8.47
C5 DPV W . -6.10 -25.04 -8.89
C6 DPV W . -8.45 -24.30 -8.24
C7 DPV W . -6.54 -22.99 -7.33
C8 DPV W . -7.02 -25.28 -6.49
C15 DPV W . 1.69 -21.95 -9.98
C16 DPV W . 2.78 -21.32 -9.06
C17 DPV W . 3.03 -19.83 -9.43
C18 DPV W . 3.96 -19.07 -8.42
C19 DPV W . 5.48 -19.47 -8.52
O1P DPV W . -2.20 -27.08 -8.01
C20 DPV W . 6.31 -18.72 -7.46
C21 DPV W . 7.83 -19.03 -7.60
C22 DPV W . 8.61 -18.32 -6.46
C23 DPV W . 10.05 -18.77 -6.39
O2P DPV W . -2.35 -27.86 -10.34
O3P DPV W . -1.81 -25.39 -9.93
O4P DPV W . -3.97 -26.00 -9.58
H1 DPV W . 0.19 -25.97 -10.25
H1A DPV W . -0.24 -25.44 -8.58
H2 DPV W . -0.19 -23.70 -11.09
H2A DPV W . -0.72 -23.14 -9.48
H3 DPV W . 2.11 -24.07 -10.12
H3A DPV W . 1.58 -23.61 -8.55
H4 DPV W . -4.07 -24.40 -8.29
H4A DPV W . -4.53 -25.92 -7.58
H5 DPV W . -6.11 -24.35 -9.74
H5A DPV W . -6.53 -25.97 -9.22
H6 DPV W . -8.82 -25.29 -8.48
H6A DPV W . -8.46 -23.72 -9.16
H6B DPV W . -9.08 -23.83 -7.47
H7 DPV W . -5.58 -23.11 -6.83
H7A DPV W . -7.25 -22.55 -6.62
H7B DPV W . -6.43 -22.42 -8.25
H8 DPV W . -6.03 -25.23 -6.06
H8A DPV W . -7.27 -26.31 -6.80
H8B DPV W . -7.76 -24.92 -5.78
H15 DPV W . 0.80 -21.35 -9.92
H15A DPV W . 2.00 -21.88 -11.02
H16 DPV W . 2.49 -21.41 -7.98
H16A DPV W . 3.73 -21.89 -9.19
H17 DPV W . 3.41 -19.74 -10.43
H17A DPV W . 2.08 -19.29 -9.42
H18 DPV W . 3.88 -18.01 -8.63
H18A DPV W . 3.62 -19.24 -7.40
H19 DPV W . 5.58 -20.52 -8.38
H19A DPV W . 5.84 -19.21 -9.51
H20 DPV W . 6.14 -17.62 -7.58
H20A DPV W . 5.98 -19.01 -6.47
H21 DPV W . 8.01 -20.09 -7.61
H21A DPV W . 8.16 -18.58 -8.55
H22 DPV W . 8.54 -17.24 -6.63
H22A DPV W . 8.14 -18.53 -5.49
H23 DPV W . 10.16 -19.86 -6.30
H23A DPV W . 10.54 -18.30 -5.52
H23B DPV W . 10.60 -18.43 -7.29
N DPV X . 4.35 -13.60 13.23
P DPV X . 2.82 -18.28 13.45
C1 DPV X . 1.07 -18.70 15.37
C2 DPV X . -0.23 -18.09 15.95
C3 DPV X . -0.02 -16.56 16.19
C4 DPV X . 2.64 -15.66 12.98
C5 DPV X . 4.13 -15.14 12.86
C6 DPV X . 4.04 -13.33 14.71
C7 DPV X . 3.48 -12.69 12.37
C8 DPV X . 5.82 -13.25 12.94
C15 DPV X . -1.05 -15.75 15.38
C16 DPV X . -0.55 -14.32 15.19
C17 DPV X . -1.63 -13.34 14.57
C18 DPV X . -1.98 -13.60 13.08
C19 DPV X . -0.82 -13.18 12.10
O1P DPV X . 3.01 -19.57 12.73
C20 DPV X . -1.15 -13.50 10.63
C21 DPV X . 0.02 -13.09 9.70
C22 DPV X . -0.29 -13.44 8.22
C23 DPV X . 0.24 -14.85 7.83
O2P DPV X . 3.91 -18.05 14.43
O3P DPV X . 1.36 -18.10 14.08
O4P DPV X . 2.54 -17.04 12.47
H1 DPV X . 1.90 -18.50 16.06
H1A DPV X . 0.94 -19.78 15.22
H2 DPV X . -1.02 -18.31 15.28
H2A DPV X . -0.49 -18.53 16.89
H3 DPV X . 1.01 -16.26 15.91
H3A DPV X . -0.18 -16.38 17.25
H4 DPV X . 2.37 -15.63 14.04
H4A DPV X . 1.98 -15.03 12.37
H5 DPV X . 4.76 -15.75 13.52
H5A DPV X . 4.48 -15.32 11.83
H6 DPV X . 4.64 -13.98 15.35
H6A DPV X . 2.99 -13.49 14.86
H6B DPV X . 4.29 -12.30 14.94
H7 DPV X . 3.68 -11.65 12.61
H7A DPV X . 2.45 -12.87 12.62
H7B DPV X . 3.73 -12.87 11.34
H8 DPV X . 6.47 -13.89 13.53
H8A DPV X . 5.98 -12.20 13.20
H8B DPV X . 6.01 -13.41 11.90
H15 DPV X . -2.03 -15.75 15.92
H15A DPV X . -1.25 -16.21 14.39
H16 DPV X . -0.26 -13.94 16.14
H16A DPV X . 0.39 -14.31 14.61
H17 DPV X . -2.56 -13.42 15.17
H17A DPV X . -1.27 -12.30 14.65
H18 DPV X . -2.20 -14.67 12.92
H18A DPV X . -2.88 -13.02 12.86
H19 DPV X . -0.62 -12.12 12.23
H19A DPV X . 0.10 -13.74 12.36
H20 DPV X . -1.40 -14.56 10.51
H20A DPV X . -2.05 -12.97 10.33
H21 DPV X . 0.16 -12.01 9.76
H21A DPV X . 0.98 -13.53 10.02
H22 DPV X . -1.35 -13.45 8.08
H22A DPV X . 0.17 -12.70 7.60
H23 DPV X . -0.04 -15.10 6.80
H23A DPV X . -0.16 -15.61 8.51
H23B DPV X . 1.33 -14.87 7.87
N DPV Y . 14.68 -11.86 13.13
P DPV Y . 11.54 -15.21 14.78
C1 DPV Y . 10.38 -16.24 12.68
C2 DPV Y . 8.99 -15.59 12.45
C3 DPV Y . 7.88 -16.60 11.95
C4 DPV Y . 12.58 -12.83 14.47
C5 DPV Y . 13.96 -12.06 14.48
C6 DPV Y . 13.83 -11.05 12.17
C7 DPV Y . 15.06 -13.20 12.48
C8 DPV Y . 15.95 -11.06 13.43
C15 DPV Y . 8.04 -16.99 10.44
C16 DPV Y . 6.81 -17.80 9.87
C17 DPV Y . 7.04 -18.11 8.35
C18 DPV Y . 5.86 -18.91 7.75
C19 DPV Y . 4.61 -18.01 7.42
O1P DPV Y . 11.92 -16.52 15.36
C20 DPV Y . 3.56 -18.79 6.59
C21 DPV Y . 2.27 -17.96 6.35
C22 DPV Y . 1.12 -18.85 5.75
C23 DPV Y . -0.20 -18.06 5.70
O2P DPV Y . 10.44 -14.57 15.53
O3P DPV Y . 11.29 -15.23 13.21
O4P DPV Y . 12.80 -14.24 14.51
H1 DPV Y . 10.34 -17.10 13.33
H1A DPV Y . 10.79 -16.54 11.72
H2 DPV Y . 8.65 -15.19 13.41
H2A DPV Y . 9.11 -14.78 11.73
H3 DPV Y . 6.92 -16.13 12.07
H3A DPV Y . 7.89 -17.51 12.55
H4 DPV Y . 12.03 -12.55 15.37
H4A DPV Y . 11.98 -12.56 13.59
H5 DPV Y . 13.79 -11.08 14.87
H5A DPV Y . 14.65 -12.58 15.13
H6 DPV Y . 13.64 -10.10 12.64
H6A DPV Y . 12.89 -11.55 11.98
H6B DPV Y . 14.40 -10.91 11.26
H7 DPV Y . 15.79 -13.71 13.12
H7A DPV Y . 15.50 -13.01 11.49
H7B DPV Y . 14.15 -13.82 12.37
H8 DPV Y . 16.57 -11.61 14.13
H8A DPV Y . 15.67 -10.08 13.85
H8B DPV Y . 16.50 -10.91 12.51
H15 DPV Y . 8.94 -17.59 10.31
H15A DPV Y . 8.21 -16.09 9.85
H16 DPV Y . 6.68 -18.74 10.38
H16A DPV Y . 5.93 -17.22 9.95
H17 DPV Y . 7.21 -17.21 7.77
H17A DPV Y . 7.95 -18.71 8.28
H18 DPV Y . 6.22 -19.36 6.80
H18A DPV Y . 5.57 -19.69 8.47
H19 DPV Y . 4.16 -17.62 8.35
H19A DPV Y . 4.91 -17.12 6.85
H20 DPV Y . 4.02 -19.05 5.62
H20A DPV Y . 3.28 -19.69 7.13
H21 DPV Y . 1.96 -17.50 7.28
H21A DPV Y . 2.52 -17.17 5.65
H22 DPV Y . 1.40 -19.18 4.74
H22A DPV Y . 0.97 -19.75 6.38
H23 DPV Y . -0.96 -18.72 5.34
H23A DPV Y . -0.14 -17.22 5.04
H23B DPV Y . -0.49 -17.71 6.67
N DPV Z . 14.48 3.78 6.41
P DPV Z . 10.58 1.52 8.37
C1 DPV Z . 9.80 -0.77 9.34
C2 DPV Z . 10.01 -2.30 9.18
C3 DPV Z . 11.42 -2.83 9.67
C4 DPV Z . 12.06 2.68 6.50
C5 DPV Z . 13.58 2.58 6.93
C6 DPV Z . 14.60 3.73 4.87
C7 DPV Z . 15.88 3.60 7.05
C8 DPV Z . 13.93 5.15 6.81
C15 DPV Z . 11.56 -2.90 11.21
C16 DPV Z . 12.21 -4.27 11.70
C17 DPV Z . 13.75 -4.29 11.57
C18 DPV Z . 14.36 -5.52 12.33
C19 DPV Z . 14.18 -6.90 11.58
O1P DPV Z . 11.33 2.13 9.49
C20 DPV Z . 15.12 -7.04 10.35
C21 DPV Z . 14.93 -8.36 9.55
C22 DPV Z . 13.56 -8.40 8.76
C23 DPV Z . 13.38 -9.71 7.98
O2P DPV Z . 9.22 2.07 8.27
O3P DPV Z . 10.62 -0.06 8.37
O4P DPV Z . 11.38 1.50 6.98
H1 DPV Z . 8.72 -0.56 9.17
H1A DPV Z . 10.07 -0.44 10.36
H2 DPV Z . 9.17 -2.84 9.66
H2A DPV Z . 9.94 -2.57 8.13
H3 DPV Z . 12.21 -2.16 9.26
H3A DPV Z . 11.62 -3.83 9.25
H4 DPV Z . 11.58 3.58 6.90
H4A DPV Z . 12.01 2.71 5.40
H5 DPV Z . 13.63 2.57 8.02
H5A DPV Z . 14.02 1.63 6.55
H6 DPV Z . 13.66 4.07 4.42
H6A DPV Z . 14.88 2.69 4.56
H6B DPV Z . 15.42 4.41 4.55
H7 DPV Z . 15.79 3.77 8.13
H7A DPV Z . 16.58 4.33 6.63
H7B DPV Z . 16.23 2.57 6.86
H8 DPV Z . 13.68 5.13 7.87
H8A DPV Z . 12.98 5.35 6.24
H8B DPV Z . 14.69 5.94 6.63
H15 DPV Z . 10.57 -2.76 11.69
H15A DPV Z . 12.18 -2.04 11.56
H16 DPV Z . 11.92 -4.41 12.74
H16A DPV Z . 11.80 -5.11 11.18
H17 DPV Z . 14.02 -4.32 10.51
H17A DPV Z . 14.18 -3.35 11.98
H18 DPV Z . 15.42 -5.34 12.44
H18A DPV Z . 13.91 -5.60 13.31
H19 DPV Z . 14.35 -7.70 12.28
H19A DPV Z . 13.12 -7.02 11.27
H20 DPV Z . 15.03 -6.14 9.66
H20A DPV Z . 16.17 -7.07 10.67
H21 DPV Z . 15.73 -8.42 8.82
H21A DPV Z . 15.00 -9.19 10.22
H22 DPV Z . 12.75 -8.27 9.46
H22A DPV Z . 13.55 -7.58 8.07
H23 DPV Z . 14.13 -9.77 7.21
H23A DPV Z . 12.42 -9.75 7.51
H23B DPV Z . 13.43 -10.54 8.66
N DPV AA . 23.66 -8.59 9.31
P DPV AA . 19.38 -8.69 11.93
C1 DPV AA . 18.20 -10.21 10.19
C2 DPV AA . 18.15 -10.39 8.65
C3 DPV AA . 17.10 -11.45 8.19
C4 DPV AA . 21.89 -8.09 11.26
C5 DPV AA . 22.16 -8.31 9.69
C6 DPV AA . 24.23 -9.81 10.04
C7 DPV AA . 24.57 -7.38 9.60
C8 DPV AA . 23.74 -8.86 7.82
C15 DPV AA . 16.94 -11.47 6.64
C16 DPV AA . 15.74 -12.31 6.16
C17 DPV AA . 15.35 -11.93 4.73
C18 DPV AA . 14.10 -12.69 4.21
C19 DPV AA . 13.58 -12.07 2.85
O1P DPV AA . 19.88 -9.71 12.91
C20 DPV AA . 12.37 -12.89 2.35
C21 DPV AA . 12.01 -12.52 0.90
C22 DPV AA . 10.75 -13.32 0.45
C23 DPV AA . 10.21 -12.85 -0.93
O2P DPV AA . 18.17 -8.01 12.46
O3P DPV AA . 19.22 -9.24 10.46
O4P DPV AA . 20.48 -7.67 11.41
H1 DPV AA . 17.27 -9.82 10.56
H1A DPV AA . 18.43 -11.12 10.72
H2 DPV AA . 17.90 -9.38 8.23
H2A DPV AA . 19.16 -10.65 8.30
H3 DPV AA . 16.13 -11.13 8.63
H3A DPV AA . 17.34 -12.45 8.60
H4 DPV AA . 22.09 -9.00 11.81
H4A DPV AA . 22.55 -7.30 11.64
H5 DPV AA . 21.57 -9.11 9.30
H5A DPV AA . 21.83 -7.45 9.14
H6 DPV AA . 23.59 -10.66 9.83
H6A DPV AA . 24.21 -9.62 11.09
H6B DPV AA . 25.23 -9.97 9.67
H7 DPV AA . 24.22 -6.53 9.02
H7A DPV AA . 25.59 -7.63 9.37
H7B DPV AA . 24.49 -7.12 10.64
H8 DPV AA . 23.01 -9.67 7.58
H8A DPV AA . 24.77 -9.12 7.54
H8B DPV AA . 23.45 -7.94 7.29
H15 DPV AA . 17.89 -11.81 6.14
H15A DPV AA . 16.76 -10.37 6.33
H16 DPV AA . 16.01 -13.33 6.14
H16A DPV AA . 14.91 -12.18 6.83
H17 DPV AA . 15.15 -10.85 4.70
H17A DPV AA . 16.21 -12.13 4.06
H18 DPV AA . 14.38 -13.75 4.06
H18A DPV AA . 13.28 -12.64 4.96
H19 DPV AA . 13.30 -11.06 3.01
H19A DPV AA . 14.37 -12.10 2.13
H20 DPV AA . 12.59 -13.96 2.43
H20A DPV AA . 11.51 -12.71 2.97
H21 DPV AA . 11.85 -11.45 0.81
H21A DPV AA . 12.81 -12.82 0.21
H22 DPV AA . 10.99 -14.34 0.38
H22A DPV AA . 9.97 -13.22 1.16
H23 DPV AA . 10.91 -13.16 -1.72
H23A DPV AA . 10.11 -11.78 -1.01
H23B DPV AA . 9.24 -13.30 -1.14
N DPV BA . 7.91 8.30 0.51
P DPV BA . 11.29 5.78 2.89
C1 DPV BA . 12.88 6.77 1.02
C2 DPV BA . 13.80 5.64 0.51
C3 DPV BA . 15.27 5.84 1.00
C4 DPV BA . 8.91 6.71 2.40
C5 DPV BA . 8.13 8.04 2.05
C6 DPV BA . 9.25 8.64 -0.18
C7 DPV BA . 6.97 9.49 0.36
C8 DPV BA . 7.24 7.09 -0.19
C15 DPV BA . 16.21 4.65 0.58
C16 DPV BA . 16.38 4.48 -0.96
C17 DPV BA . 17.13 3.19 -1.32
C18 DPV BA . 16.26 1.91 -1.21
C19 DPV BA . 17.09 0.63 -1.45
O1P DPV BA . 11.25 5.53 4.33
C20 DPV BA . 16.27 -0.66 -1.31
C21 DPV BA . 17.13 -1.94 -1.49
C22 DPV BA . 16.29 -3.20 -1.25
C23 DPV BA . 17.12 -4.49 -1.51
O2P DPV BA . 11.12 4.54 2.11
O3P DPV BA . 12.59 6.61 2.45
O4P DPV BA . 10.31 6.98 2.42
H1 DPV BA . 13.34 7.73 0.86
H1A DPV BA . 11.95 6.73 0.47
H2 DPV BA . 13.42 4.66 0.80
H2A DPV BA . 13.78 5.70 -0.56
H3 DPV BA . 15.25 5.91 2.09
H3A DPV BA . 15.68 6.77 0.63
H4 DPV BA . 8.58 6.36 3.39
H4A DPV BA . 8.70 5.91 1.68
H5 DPV BA . 7.17 7.97 2.52
H5A DPV BA . 8.65 8.87 2.49
H6 DPV BA . 9.90 7.76 -0.13
H6A DPV BA . 9.75 9.44 0.37
H6B DPV BA . 9.05 8.94 -1.20
H7 DPV BA . 6.01 9.20 0.76
H7A DPV BA . 6.87 9.71 -0.70
H7B DPV BA . 7.40 10.34 0.88
H8 DPV BA . 6.29 6.90 0.33
H8A DPV BA . 7.89 6.21 -0.13
H8B DPV BA . 7.06 7.33 -1.24
H15 DPV BA . 15.78 3.73 1.02
H15A DPV BA . 17.20 4.81 1.01
H16 DPV BA . 15.40 4.46 -1.50
H16A DPV BA . 16.90 5.38 -1.39
H17 DPV BA . 17.53 3.25 -2.33
H17A DPV BA . 18.00 3.10 -0.67
H18 DPV BA . 15.73 1.88 -0.26
H18A DPV BA . 15.52 1.97 -2.00
H19 DPV BA . 17.51 0.68 -2.46
H19A DPV BA . 17.92 0.58 -0.74
H20 DPV BA . 15.77 -0.70 -0.33
H20A DPV BA . 15.48 -0.64 -2.09
H21 DPV BA . 17.62 -2.01 -2.48
H21A DPV BA . 17.95 -1.97 -0.75
H22 DPV BA . 15.90 -3.22 -0.22
H22A DPV BA . 15.39 -3.24 -1.92
H23 DPV BA . 17.31 -4.60 -2.57
H23A DPV BA . 16.55 -5.37 -1.17
H23B DPV BA . 18.07 -4.47 -0.97
N DPV CA . 10.69 4.08 -14.91
P DPV CA . 14.32 4.19 -18.11
C1 DPV CA . 15.97 2.42 -19.06
C2 DPV CA . 16.04 0.86 -19.18
C3 DPV CA . 15.82 0.13 -17.81
C4 DPV CA . 13.19 4.18 -15.73
C5 DPV CA . 12.12 3.41 -14.91
C6 DPV CA . 9.77 3.21 -14.04
C7 DPV CA . 10.11 4.16 -16.33
C8 DPV CA . 10.72 5.54 -14.28
C15 DPV CA . 17.08 0.09 -16.91
C16 DPV CA . 16.76 -0.49 -15.50
C17 DPV CA . 17.95 -0.23 -14.50
C18 DPV CA . 17.66 -0.68 -13.05
C19 DPV CA . 18.82 -0.19 -12.09
O1P DPV CA . 13.52 5.10 -18.97
C20 DPV CA . 18.72 -0.85 -10.70
C21 DPV CA . 19.40 -0.03 -9.63
C22 DPV CA . 19.26 -0.70 -8.22
C23 DPV CA . 19.85 0.19 -7.17
O2P DPV CA . 15.52 4.88 -17.59
O3P DPV CA . 14.60 2.79 -18.76
O4P DPV CA . 13.44 3.47 -16.98
H1 DPV CA . 16.66 2.74 -18.26
H1A DPV CA . 16.26 2.91 -19.97
H2 DPV CA . 15.22 0.54 -19.82
H2A DPV CA . 17.00 0.56 -19.61
H3 DPV CA . 15.48 -0.89 -18.03
H3A DPV CA . 15.01 0.60 -17.25
H4 DPV CA . 12.84 5.18 -16.00
H4A DPV CA . 14.09 4.27 -15.18
H5 DPV CA . 11.99 2.42 -15.30
H5A DPV CA . 12.44 3.34 -13.89
H6 DPV CA . 10.12 3.26 -13.02
H6A DPV CA . 9.80 2.20 -14.43
H6B DPV CA . 8.76 3.62 -14.11
H7 DPV CA . 10.75 4.78 -16.96
H7A DPV CA . 9.11 4.62 -16.27
H7B DPV CA . 10.00 3.15 -16.75
H8 DPV CA . 11.31 5.47 -13.37
H8A DPV CA . 9.70 5.84 -14.06
H8B DPV CA . 11.19 6.22 -14.98
H15 DPV CA . 17.45 1.11 -16.82
H15A DPV CA . 17.84 -0.50 -17.43
H16 DPV CA . 15.87 -0.04 -15.13
H16A DPV CA . 16.56 -1.53 -15.55
H17 DPV CA . 18.86 -0.72 -14.89
H17A DPV CA . 18.14 0.84 -14.46
H18 DPV CA . 16.70 -0.29 -12.73
H18A DPV CA . 17.61 -1.77 -13.03
H19 DPV CA . 19.79 -0.43 -12.52
H19A DPV CA . 18.78 0.88 -12.00
H20 DPV CA . 17.69 -1.02 -10.44
H20A DPV CA . 19.23 -1.82 -10.77
H21 DPV CA . 20.46 0.15 -9.91
H21A DPV CA . 18.92 0.96 -9.61
H22 DPV CA . 18.18 -0.83 -8.02
H22A DPV CA . 19.78 -1.65 -8.21
H23 DPV CA . 20.94 0.34 -7.30
H23A DPV CA . 19.71 -0.28 -6.20
H23B DPV CA . 19.37 1.19 -7.15
N DPV DA . 21.66 -11.22 -22.78
P DPV DA . 19.17 -8.20 -25.86
C1 DPV DA . 20.73 -6.41 -24.87
C2 DPV DA . 22.23 -6.50 -24.59
C3 DPV DA . 22.60 -6.58 -23.03
C4 DPV DA . 20.01 -10.45 -24.70
C5 DPV DA . 20.37 -10.39 -23.19
C6 DPV DA . 21.58 -12.70 -23.23
C7 DPV DA . 21.76 -11.14 -21.27
C8 DPV DA . 22.94 -10.56 -23.34
C15 DPV DA . 24.14 -6.56 -22.88
C16 DPV DA . 24.59 -6.36 -21.37
C17 DPV DA . 24.31 -7.61 -20.51
C18 DPV DA . 25.17 -7.64 -19.18
C19 DPV DA . 24.63 -8.68 -18.16
O1P DPV DA . 19.89 -8.46 -27.12
C20 DPV DA . 25.79 -9.30 -17.25
C21 DPV DA . 26.24 -8.38 -16.06
C22 DPV DA . 25.23 -8.30 -14.85
C23 DPV DA . 25.25 -9.60 -13.97
O2P DPV DA . 18.00 -7.40 -26.06
O3P DPV DA . 20.10 -7.69 -24.70
O4P DPV DA . 18.92 -9.54 -24.99
H1 DPV DA . 20.27 -5.70 -24.21
H1A DPV DA . 20.53 -6.09 -25.91
H2 DPV DA . 22.64 -7.42 -25.06
H2A DPV DA . 22.73 -5.64 -25.08
H3 DPV DA . 22.23 -7.48 -22.59
H3A DPV DA . 22.18 -5.73 -22.52
H4 DPV DA . 20.84 -10.19 -25.33
H4A DPV DA . 19.68 -11.46 -24.98
H5 DPV DA . 20.50 -9.35 -22.87
H5A DPV DA . 19.52 -10.73 -22.58
H6 DPV DA . 21.53 -12.71 -24.33
H6A DPV DA . 20.69 -13.15 -22.76
H6B DPV DA . 22.46 -13.29 -22.91
H7 DPV DA . 21.86 -10.10 -20.97
H7A DPV DA . 22.62 -11.71 -20.93
H7B DPV DA . 20.85 -11.56 -20.83
H8 DPV DA . 22.95 -9.51 -22.99
H8A DPV DA . 22.91 -10.62 -24.44
H8B DPV DA . 23.83 -11.14 -22.98
H15 DPV DA . 24.57 -5.75 -23.49
H15A DPV DA . 24.51 -7.54 -23.25
H16 DPV DA . 25.63 -6.11 -21.27
H16A DPV DA . 24.06 -5.51 -20.98
H17 DPV DA . 23.25 -7.59 -20.28
H17A DPV DA . 24.48 -8.53 -21.07
H18 DPV DA . 26.18 -7.93 -19.44
H18A DPV DA . 25.22 -6.65 -18.72
H19 DPV DA . 23.87 -8.18 -17.54
H19A DPV DA . 24.14 -9.50 -18.70
H20 DPV DA . 25.43 -10.23 -16.83
H20A DPV DA . 26.65 -9.50 -17.83
H21 DPV DA . 27.22 -8.74 -15.73
H21A DPV DA . 26.41 -7.36 -16.46
H22 DPV DA . 25.56 -7.46 -14.23
H22A DPV DA . 24.22 -8.11 -15.18
H23 DPV DA . 26.28 -9.89 -13.76
H23A DPV DA . 24.71 -10.43 -14.46
H23B DPV DA . 24.78 -9.41 -13.00
N DPV EA . 11.62 -14.43 -29.07
P DPV EA . 12.70 -16.23 -24.31
C1 DPV EA . 13.28 -15.30 -21.97
C2 DPV EA . 13.02 -14.09 -21.04
C3 DPV EA . 13.52 -14.40 -19.58
C4 DPV EA . 11.94 -15.45 -26.65
C5 DPV EA . 12.44 -14.46 -27.73
C6 DPV EA . 10.27 -13.74 -28.83
C7 DPV EA . 11.45 -15.82 -29.70
C8 DPV EA . 12.40 -13.54 -30.08
C15 DPV EA . 13.42 -13.18 -18.65
C16 DPV EA . 13.74 -13.60 -17.14
C17 DPV EA . 13.68 -12.37 -16.17
C18 DPV EA . 13.97 -12.82 -14.71
C19 DPV EA . 13.89 -11.67 -13.71
O1P DPV EA . 11.55 -17.14 -24.23
C20 DPV EA . 14.39 -12.11 -12.33
C21 DPV EA . 14.14 -11.12 -11.18
C22 DPV EA . 14.77 -11.63 -9.86
C23 DPV EA . 14.18 -10.92 -8.59
O2P DPV EA . 14.00 -16.95 -24.30
O3P DPV EA . 12.63 -15.07 -23.22
O4P DPV EA . 12.60 -15.13 -25.44
H1 DPV EA . 14.34 -15.46 -22.13
H1A DPV EA . 12.82 -16.19 -21.52
H2 DPV EA . 13.52 -13.24 -21.47
H2A DPV EA . 11.97 -13.87 -21.01
H3 DPV EA . 14.53 -14.81 -19.61
H3A DPV EA . 12.86 -15.17 -19.15
H4 DPV EA . 10.87 -15.37 -26.51
H4A DPV EA . 12.22 -16.46 -26.89
H5 DPV EA . 12.41 -13.42 -27.32
H5A DPV EA . 13.48 -14.73 -28.00
H6 DPV EA . 10.49 -12.72 -28.54
H6A DPV EA . 9.73 -14.25 -28.05
H6B DPV EA . 9.69 -13.75 -29.75
H7 DPV EA . 10.86 -16.51 -29.08
H7A DPV EA . 12.44 -16.25 -29.79
H7B DPV EA . 10.96 -15.72 -30.67
H8 DPV EA . 13.24 -14.14 -30.47
H8A DPV EA . 12.78 -12.66 -29.57
H8B DPV EA . 11.72 -13.27 -30.90
H15 DPV EA . 12.38 -12.74 -18.72
H15A DPV EA . 14.15 -12.36 -18.97
H16 DPV EA . 13.04 -14.36 -16.82
H16A DPV EA . 14.76 -14.06 -17.11
H17 DPV EA . 14.45 -11.66 -16.49
H17A DPV EA . 12.71 -11.91 -16.23
H18 DPV EA . 13.26 -13.64 -14.39
H18A DPV EA . 15.01 -13.25 -14.70
H19 DPV EA . 14.50 -10.82 -14.06
H19A DPV EA . 12.85 -11.31 -13.60
H20 DPV EA . 13.94 -13.10 -12.04
H20A DPV EA . 15.48 -12.27 -12.41
H21 DPV EA . 14.51 -10.11 -11.43
H21A DPV EA . 13.02 -11.03 -11.04
H22 DPV EA . 14.69 -12.70 -9.73
H22A DPV EA . 15.83 -11.40 -9.86
H23 DPV EA . 14.29 -9.83 -8.65
H23A DPV EA . 14.70 -11.25 -7.69
H23B DPV EA . 13.13 -11.20 -8.49
N DPV FA . 4.44 -13.35 -29.33
P DPV FA . 8.10 -12.54 -25.73
C1 DPV FA . 7.30 -10.79 -23.95
C2 DPV FA . 6.97 -10.76 -22.44
C3 DPV FA . 8.14 -11.28 -21.55
C4 DPV FA . 6.00 -12.68 -27.32
C5 DPV FA . 5.02 -13.72 -27.92
C6 DPV FA . 3.60 -12.09 -29.29
C7 DPV FA . 3.49 -14.48 -29.72
C8 DPV FA . 5.55 -13.21 -30.45
C15 DPV FA . 7.78 -11.30 -20.04
C16 DPV FA . 8.98 -11.77 -19.14
C17 DPV FA . 8.57 -11.85 -17.63
C18 DPV FA . 9.83 -12.14 -16.77
C19 DPV FA . 9.52 -12.39 -15.24
O1P DPV FA . 9.24 -13.47 -25.49
C20 DPV FA . 9.19 -11.12 -14.46
C21 DPV FA . 9.13 -11.36 -12.93
C22 DPV FA . 8.53 -10.15 -12.17
C23 DPV FA . 8.29 -10.43 -10.64
O2P DPV FA . 8.50 -11.37 -26.52
O3P DPV FA . 7.31 -12.18 -24.37
O4P DPV FA . 6.79 -13.28 -26.28
H1 DPV FA . 6.56 -10.30 -24.52
H1A DPV FA . 8.27 -10.35 -24.10
H2 DPV FA . 6.69 -9.71 -22.14
H2A DPV FA . 6.02 -11.36 -22.29
H3 DPV FA . 9.05 -10.63 -21.70
H3A DPV FA . 8.38 -12.34 -21.89
H4 DPV FA . 6.70 -12.34 -28.05
H4A DPV FA . 5.45 -11.85 -26.94
H5 DPV FA . 5.57 -14.69 -28.06
H5A DPV FA . 4.16 -13.89 -27.23
H6 DPV FA . 4.27 -11.22 -29.19
H6A DPV FA . 2.91 -12.13 -28.43
H6B DPV FA . 3.02 -11.96 -30.21
H7 DPV FA . 2.81 -14.66 -28.89
H7A DPV FA . 4.08 -15.36 -29.97
H7B DPV FA . 2.91 -14.16 -30.58
H8 DPV FA . 6.25 -14.03 -30.34
H8A DPV FA . 6.04 -12.26 -30.32
H8B DPV FA . 5.07 -13.26 -31.43
H15 DPV FA . 6.87 -11.95 -19.85
H15A DPV FA . 7.48 -10.24 -19.72
H16 DPV FA . 9.37 -12.71 -19.48
H16A DPV FA . 9.79 -11.04 -19.26
H17 DPV FA . 8.14 -10.90 -17.31
H17A DPV FA . 7.78 -12.59 -17.48
H18 DPV FA . 10.33 -13.02 -17.20
H18A DPV FA . 10.54 -11.30 -16.85
H19 DPV FA . 8.68 -13.11 -15.16
H19A DPV FA . 10.42 -12.88 -14.79
H20 DPV FA . 9.92 -10.34 -14.70
H20A DPV FA . 8.25 -10.72 -14.77
H21 DPV FA . 8.55 -12.26 -12.71
H21A DPV FA . 10.14 -11.58 -12.56
H22 DPV FA . 9.16 -9.28 -12.30
H22A DPV FA . 7.59 -9.90 -12.61
H23 DPV FA . 7.82 -9.56 -10.21
H23A DPV FA . 9.23 -10.64 -10.14
H23B DPV FA . 7.62 -11.28 -10.51
N DPV GA . 17.58 -23.49 -24.94
P DPV GA . 22.24 -21.75 -23.23
C1 DPV GA . 21.42 -20.17 -21.33
C2 DPV GA . 21.73 -19.77 -19.87
C3 DPV GA . 20.46 -19.19 -19.23
C4 DPV GA . 20.02 -22.93 -24.18
C5 DPV GA . 18.56 -23.18 -23.76
C6 DPV GA . 17.98 -24.80 -25.67
C7 DPV GA . 17.44 -22.32 -25.94
C8 DPV GA . 16.18 -23.74 -24.30
C15 DPV GA . 20.73 -18.55 -17.84
C16 DPV GA . 19.46 -17.85 -17.28
C17 DPV GA . 19.77 -17.15 -15.92
C18 DPV GA . 18.48 -16.62 -15.21
C19 DPV GA . 18.83 -15.98 -13.85
O1P DPV GA . 23.30 -22.72 -23.54
C20 DPV GA . 17.59 -15.64 -13.00
C21 DPV GA . 18.01 -15.19 -11.57
C22 DPV GA . 16.77 -15.02 -10.65
C23 DPV GA . 17.22 -14.44 -9.30
O2P DPV GA . 22.25 -20.62 -24.17
O3P DPV GA . 22.26 -21.31 -21.70
O4P DPV GA . 20.78 -22.44 -23.04
H1 DPV GA . 20.36 -20.46 -21.40
H1A DPV GA . 21.61 -19.34 -22.03
H2 DPV GA . 22.05 -20.63 -19.30
H2A DPV GA . 22.51 -19.02 -19.88
H3 DPV GA . 19.69 -19.96 -19.11
H3A DPV GA . 20.07 -18.43 -19.92
H4 DPV GA . 20.47 -23.86 -24.54
H4A DPV GA . 20.04 -22.17 -24.96
H5 DPV GA . 18.58 -24.06 -23.11
H5A DPV GA . 18.20 -22.30 -23.24
H6 DPV GA . 17.92 -25.65 -24.96
H6A DPV GA . 19.01 -24.67 -26.03
H6B DPV GA . 17.30 -25.00 -26.49
H7 DPV GA . 17.11 -21.46 -25.42
H7A DPV GA . 16.72 -22.56 -26.72
H7B DPV GA . 18.40 -22.10 -26.38
H8 DPV GA . 15.83 -22.82 -23.81
H8A DPV GA . 16.28 -24.54 -23.57
H8B DPV GA . 15.49 -23.98 -25.08
H15 DPV GA . 21.53 -17.82 -17.90
H15A DPV GA . 21.06 -19.33 -17.15
H16 DPV GA . 19.06 -17.12 -18.01
H16A DPV GA . 18.69 -18.59 -17.12
H17 DPV GA . 20.22 -17.89 -15.29
H17A DPV GA . 20.47 -16.32 -16.07
H18 DPV GA . 17.97 -15.85 -15.85
H18A DPV GA . 17.75 -17.47 -15.04
H19 DPV GA . 19.43 -16.68 -13.27
H19A DPV GA . 19.42 -15.07 -14.00
H20 DPV GA . 17.05 -14.87 -13.48
H20A DPV GA . 16.94 -16.51 -12.92
H21 DPV GA . 18.66 -15.95 -11.11
H21A DPV GA . 18.52 -14.25 -11.66
H22 DPV GA . 16.03 -14.35 -11.12
H22A DPV GA . 16.30 -16.00 -10.51
H23 DPV GA . 17.67 -13.44 -9.43
H23A DPV GA . 17.95 -15.10 -8.85
H23B DPV GA . 16.36 -14.35 -8.65
N DPV HA . 17.03 -34.02 -13.54
P DPV HA . 15.81 -31.71 -18.12
C1 DPV HA . 13.52 -30.94 -19.23
C2 DPV HA . 13.71 -31.08 -20.75
C3 DPV HA . 13.19 -29.85 -21.54
C4 DPV HA . 16.50 -32.63 -15.79
C5 DPV HA . 16.07 -33.77 -14.76
C6 DPV HA . 17.21 -32.75 -12.66
C7 DPV HA . 18.39 -34.56 -13.98
C8 DPV HA . 16.42 -35.08 -12.64
C15 DPV HA . 13.66 -29.93 -23.03
C16 DPV HA . 13.86 -28.56 -23.70
C17 DPV HA . 12.54 -27.76 -23.93
C18 DPV HA . 12.80 -26.44 -24.72
C19 DPV HA . 11.50 -25.65 -25.00
O1P DPV HA . 16.03 -30.31 -17.67
C20 DPV HA . 10.87 -25.02 -23.73
C21 DPV HA . 9.67 -24.03 -24.05
C22 DPV HA . 8.77 -23.78 -22.81
C23 DPV HA . 9.47 -22.88 -21.74
O2P DPV HA . 16.81 -32.13 -19.12
O3P DPV HA . 14.30 -32.00 -18.57
O4P DPV HA . 15.62 -32.74 -16.93
H1 DPV HA . 13.88 -29.96 -18.88
H1A DPV HA . 12.48 -31.06 -18.95
H2 DPV HA . 14.78 -31.15 -20.92
H2A DPV HA . 13.26 -31.98 -21.12
H3 DPV HA . 13.55 -28.94 -21.06
H3A DPV HA . 12.13 -29.79 -21.53
H4 DPV HA . 16.41 -31.63 -15.36
H4A DPV HA . 17.53 -32.77 -16.16
H5 DPV HA . 15.10 -33.46 -14.33
H5A DPV HA . 16.00 -34.72 -15.28
H6 DPV HA . 17.88 -32.97 -11.83
H6A DPV HA . 16.25 -32.44 -12.30
H6B DPV HA . 17.62 -31.98 -13.31
H7 DPV HA . 18.98 -34.74 -13.09
H7A DPV HA . 18.83 -33.83 -14.63
H7B DPV HA . 18.24 -35.47 -14.54
H8 DPV HA . 15.42 -34.78 -12.37
H8A DPV HA . 17.01 -35.20 -11.74
H8B DPV HA . 16.39 -36.02 -13.19
H15 DPV HA . 12.96 -30.54 -23.58
H15A DPV HA . 14.62 -30.45 -23.04
H16 DPV HA . 14.53 -27.95 -23.10
H16A DPV HA . 14.31 -28.73 -24.71
H17 DPV HA . 11.81 -28.37 -24.47
H17A DPV HA . 12.06 -27.55 -22.96
H18 DPV HA . 13.51 -25.81 -24.16
H18A DPV HA . 13.23 -26.68 -25.70
H19 DPV HA . 11.71 -24.85 -25.70
H19A DPV HA . 10.76 -26.29 -25.48
H20 DPV HA . 10.55 -25.82 -23.06
H20A DPV HA . 11.66 -24.45 -23.24
H21 DPV HA . 10.08 -23.07 -24.38
H21A DPV HA . 9.08 -24.43 -24.87
H22 DPV HA . 7.83 -23.31 -23.11
H22A DPV HA . 8.50 -24.74 -22.38
H23 DPV HA . 10.39 -23.35 -21.39
H23A DPV HA . 8.83 -22.69 -20.88
H23B DPV HA . 9.74 -21.90 -22.13
N DPV IA . -2.77 -29.42 -14.02
P DPV IA . 0.21 -30.24 -17.78
C1 DPV IA . 2.80 -30.08 -17.74
C2 DPV IA . 3.99 -30.16 -16.79
C3 DPV IA . 5.30 -30.51 -17.54
C4 DPV IA . -2.04 -30.01 -16.55
C5 DPV IA . -2.78 -30.45 -15.21
C6 DPV IA . -3.59 -29.99 -12.87
C7 DPV IA . -3.42 -28.08 -14.43
C8 DPV IA . -1.34 -29.17 -13.46
C15 DPV IA . 6.47 -30.70 -16.53
C16 DPV IA . 7.70 -31.29 -17.27
C17 DPV IA . 8.83 -31.74 -16.27
C18 DPV IA . 10.21 -32.01 -16.99
C19 DPV IA . 11.28 -32.65 -16.07
O1P DPV IA . 0.08 -31.53 -18.48
C20 DPV IA . 11.81 -31.74 -14.92
C21 DPV IA . 12.79 -30.64 -15.38
C22 DPV IA . 13.07 -29.65 -14.22
C23 DPV IA . 13.89 -28.44 -14.72
O2P DPV IA . -0.09 -29.09 -18.66
O3P DPV IA . 1.57 -30.11 -16.99
O4P DPV IA . -0.60 -30.18 -16.42
H1 DPV IA . 2.82 -29.11 -18.36
H1A DPV IA . 2.84 -30.98 -18.45
H2 DPV IA . 4.12 -29.17 -16.33
H2A DPV IA . 3.80 -30.89 -16.02
H3 DPV IA . 5.55 -29.72 -18.24
H3A DPV IA . 5.17 -31.43 -18.08
H4 DPV IA . -2.40 -30.66 -17.35
H4A DPV IA . -2.22 -28.97 -16.78
H5 DPV IA . -3.83 -30.69 -15.43
H5A DPV IA . -2.30 -31.36 -14.83
H6 DPV IA . -3.25 -30.97 -12.63
H6A DPV IA . -4.62 -30.03 -13.15
H6B DPV IA . -3.48 -29.39 -12.00
H7 DPV IA . -4.43 -28.25 -14.83
H7A DPV IA . -2.76 -27.63 -15.18
H7B DPV IA . -3.49 -27.46 -13.57
H8 DPV IA . -1.40 -28.49 -12.61
H8A DPV IA . -0.70 -28.76 -14.24
H8B DPV IA . -0.91 -30.14 -13.17
H15 DPV IA . 6.20 -31.34 -15.69
H15A DPV IA . 6.75 -29.76 -16.03
H16 DPV IA . 7.39 -32.13 -17.89
H16A DPV IA . 8.10 -30.51 -17.94
H17 DPV IA . 8.94 -30.97 -15.51
H17A DPV IA . 8.53 -32.63 -15.73
H18 DPV IA . 10.02 -32.65 -17.86
H18A DPV IA . 10.61 -31.04 -17.34
H19 DPV IA . 10.87 -33.55 -15.66
H19A DPV IA . 12.13 -32.98 -16.68
H20 DPV IA . 10.97 -31.30 -14.40
H20A DPV IA . 12.32 -32.37 -14.19
H21 DPV IA . 13.73 -31.07 -15.75
H21A DPV IA . 12.35 -30.11 -16.22
H22 DPV IA . 12.12 -29.25 -13.85
H22A DPV IA . 13.56 -30.18 -13.41
H23 DPV IA . 14.07 -27.78 -13.89
H23A DPV IA . 13.34 -27.89 -15.48
H23B DPV IA . 14.85 -28.75 -15.15
N DPV JA . -5.34 -31.95 -1.98
P DPV JA . -1.38 -29.99 -0.01
C1 DPV JA . -0.35 -27.75 -0.88
C2 DPV JA . -0.73 -26.44 -1.63
C3 DPV JA . 0.47 -25.43 -1.76
C4 DPV JA . -3.97 -30.11 -0.59
C5 DPV JA . -4.11 -31.59 -1.08
C6 DPV JA . -5.43 -31.00 -3.21
C7 DPV JA . -6.62 -31.85 -1.16
C8 DPV JA . -5.17 -33.41 -2.49
C15 DPV JA . 1.57 -25.90 -2.77
C16 DPV JA . 2.70 -24.81 -2.87
C17 DPV JA . 3.86 -25.20 -3.85
C18 DPV JA . 4.82 -26.29 -3.28
C19 DPV JA . 6.16 -26.34 -4.05
O1P DPV JA . -0.46 -30.15 1.12
C20 DPV JA . 7.22 -27.13 -3.24
C21 DPV JA . 8.64 -27.15 -3.97
C22 DPV JA . 8.90 -28.45 -4.74
C23 DPV JA . 9.19 -29.68 -3.79
O2P DPV JA . -1.04 -30.91 -1.13
O3P DPV JA . -1.54 -28.47 -0.49
O4P DPV JA . -2.95 -30.02 0.41
H1 DPV JA . 0.25 -28.42 -1.54
H1A DPV JA . 0.25 -27.54 0.02
H2 DPV JA . -1.06 -26.71 -2.64
H2A DPV JA . -1.53 -25.93 -1.08
H3 DPV JA . 0.95 -25.23 -0.77
H3A DPV JA . 0.00 -24.50 -2.06
H4 DPV JA . -3.69 -29.45 -1.44
H4A DPV JA . -4.93 -29.74 -0.10
H5 DPV JA . -3.22 -31.88 -1.64
H5A DPV JA . -4.16 -32.26 -0.21
H6 DPV JA . -4.51 -31.07 -3.80
H6A DPV JA . -5.53 -29.98 -2.85
H6B DPV JA . -6.23 -31.31 -3.84
H7 DPV JA . -6.77 -30.79 -0.90
H7A DPV JA . -6.55 -32.44 -0.25
H7B DPV JA . -7.45 -32.22 -1.78
H8 DPV JA . -5.16 -34.06 -1.62
H8A DPV JA . -4.22 -33.49 -3.02
H8B DPV JA . -6.00 -33.65 -3.16
H15 DPV JA . 1.11 -26.09 -3.76
H15A DPV JA . 2.05 -26.85 -2.46
H16 DPV JA . 2.25 -23.88 -3.21
H16A DPV JA . 3.13 -24.66 -1.90
H17 DPV JA . 3.48 -25.53 -4.82
H17A DPV JA . 4.41 -24.26 -4.03
H18 DPV JA . 5.02 -26.09 -2.22
H18A DPV JA . 4.37 -27.25 -3.34
H19 DPV JA . 6.04 -26.87 -5.00
H19A DPV JA . 6.51 -25.33 -4.26
H20 DPV JA . 7.35 -26.67 -2.26
H20A DPV JA . 6.87 -28.11 -3.04
H21 DPV JA . 8.72 -26.29 -4.65
H21A DPV JA . 9.43 -27.03 -3.22
H22 DPV JA . 8.03 -28.71 -5.35
H22A DPV JA . 9.75 -28.30 -5.42
H23 DPV JA . 9.91 -29.42 -3.04
H23A DPV JA . 9.60 -30.51 -4.39
H23B DPV JA . 8.25 -30.01 -3.36
N DPV KA . 12.89 -34.01 3.27
P DPV KA . 14.38 -34.56 -1.67
C1 DPV KA . 13.19 -33.28 -3.65
C2 DPV KA . 13.41 -32.10 -4.62
C3 DPV KA . 13.06 -30.74 -3.96
C4 DPV KA . 13.86 -34.22 0.83
C5 DPV KA . 12.93 -33.44 1.81
C6 DPV KA . 14.24 -34.01 3.95
C7 DPV KA . 12.29 -35.40 3.28
C8 DPV KA . 11.97 -33.12 4.14
C15 DPV KA . 13.05 -29.56 -4.94
C16 DPV KA . 12.74 -28.26 -4.14
C17 DPV KA . 12.65 -26.98 -5.04
C18 DPV KA . 14.04 -26.26 -5.18
C19 DPV KA . 14.39 -25.97 -6.68
O1P DPV KA . 15.77 -34.83 -1.34
C20 DPV KA . 14.69 -27.26 -7.54
C21 DPV KA . 16.03 -27.96 -7.17
C22 DPV KA . 16.30 -29.20 -8.08
C23 DPV KA . 17.78 -29.57 -8.12
O2P DPV KA . 13.63 -35.74 -2.18
O3P DPV KA . 14.21 -33.25 -2.61
O4P DPV KA . 13.60 -33.79 -0.51
H1 DPV KA . 12.21 -33.23 -3.16
H1A DPV KA . 13.25 -34.21 -4.19
H2 DPV KA . 14.46 -32.08 -4.99
H2A DPV KA . 12.78 -32.28 -5.50
H3 DPV KA . 13.78 -30.56 -3.18
H3A DPV KA . 12.11 -30.80 -3.49
H4 DPV KA . 14.92 -34.01 1.07
H4A DPV KA . 13.68 -35.30 0.89
H5 DPV KA . 13.23 -32.40 1.88
H5A DPV KA . 11.94 -33.46 1.41
H6 DPV KA . 14.67 -33.02 3.81
H6A DPV KA . 14.89 -34.73 3.44
H6B DPV KA . 14.10 -34.26 5.00
H7 DPV KA . 12.09 -35.71 4.29
H7A DPV KA . 12.98 -36.10 2.81
H7B DPV KA . 11.37 -35.37 2.69
H8 DPV KA . 10.96 -33.06 3.67
H8A DPV KA . 12.36 -32.09 4.21
H8B DPV KA . 11.88 -33.57 5.17
H15 DPV KA . 12.26 -29.70 -5.68
H15A DPV KA . 14.00 -29.50 -5.45
H16 DPV KA . 11.75 -28.34 -3.67
H16A DPV KA . 13.47 -28.13 -3.33
H17 DPV KA . 12.24 -27.23 -5.99
H17A DPV KA . 11.98 -26.29 -4.58
H18 DPV KA . 14.01 -25.33 -4.63
H18A DPV KA . 14.84 -26.85 -4.72
H19 DPV KA . 13.55 -25.46 -7.14
H19A DPV KA . 15.28 -25.35 -6.70
H20 DPV KA . 13.87 -27.95 -7.41
H20A DPV KA . 14.73 -26.96 -8.61
H21 DPV KA . 16.84 -27.26 -7.30
H21A DPV KA . 16.03 -28.28 -6.15
H22 DPV KA . 15.72 -30.06 -7.73
H22A DPV KA . 16.01 -28.99 -9.12
H23 DPV KA . 17.91 -30.35 -8.88
H23A DPV KA . 18.14 -29.90 -7.14
H23B DPV KA . 18.41 -28.75 -8.41
N DPV LA . 15.89 -22.89 13.11
P DPV LA . 18.38 -24.77 9.27
C1 DPV LA . 19.57 -24.04 7.07
C2 DPV LA . 18.71 -23.02 6.26
C3 DPV LA . 18.62 -23.42 4.78
C4 DPV LA . 17.79 -24.03 11.66
C5 DPV LA . 16.84 -22.80 11.88
C6 DPV LA . 15.09 -21.58 13.20
C7 DPV LA . 16.61 -23.02 14.43
C8 DPV LA . 14.89 -24.09 12.99
C15 DPV LA . 17.74 -22.40 4.03
C16 DPV LA . 17.57 -22.71 2.51
C17 DPV LA . 16.29 -23.57 2.26
C18 DPV LA . 16.08 -23.90 0.75
C19 DPV LA . 14.64 -24.39 0.49
O1P DPV LA . 18.90 -26.14 9.47
C20 DPV LA . 14.50 -24.90 -0.98
C21 DPV LA . 13.08 -25.49 -1.29
C22 DPV LA . 12.82 -26.87 -0.67
C23 DPV LA . 11.32 -27.29 -0.76
O2P DPV LA . 17.01 -24.77 8.77
O3P DPV LA . 19.36 -23.80 8.48
O4P DPV LA . 18.60 -23.82 10.52
H1 DPV LA . 19.30 -25.06 6.85
H1A DPV LA . 20.62 -23.86 6.91
H2 DPV LA . 17.71 -22.97 6.68
H2A DPV LA . 19.14 -22.06 6.37
H3 DPV LA . 18.21 -24.44 4.70
H3A DPV LA . 19.64 -23.39 4.34
H4 DPV LA . 18.46 -24.19 12.53
H4A DPV LA . 17.15 -24.95 11.47
H5 DPV LA . 17.41 -21.86 11.96
H5A DPV LA . 16.20 -22.70 10.98
H6 DPV LA . 14.47 -21.51 12.29
H6A DPV LA . 15.79 -20.73 13.21
H6B DPV LA . 14.50 -21.59 14.11
H7 DPV LA . 17.15 -23.97 14.46
H7A DPV LA . 15.90 -22.96 15.26
H7B DPV LA . 17.33 -22.18 14.47
H8 DPV LA . 15.44 -25.01 13.15
H8A DPV LA . 14.45 -24.06 12.02
H8B DPV LA . 14.14 -24.01 13.75
H15 DPV LA . 18.20 -21.43 4.14
H15A DPV LA . 16.74 -22.39 4.48
H16 DPV LA . 17.47 -21.80 1.97
H16A DPV LA . 18.43 -23.23 2.13
H17 DPV LA . 16.39 -24.51 2.82
H17A DPV LA . 15.39 -23.08 2.65
H18 DPV LA . 16.23 -23.03 0.12
H18A DPV LA . 16.77 -24.68 0.43
H19 DPV LA . 14.40 -25.21 1.18
H19A DPV LA . 13.89 -23.59 0.66
H20 DPV LA . 14.69 -24.07 -1.69
H20A DPV LA . 15.26 -25.65 -1.19
H21 DPV LA . 12.36 -24.77 -0.94
H21A DPV LA . 13.01 -25.54 -2.36
H22 DPV LA . 13.45 -27.60 -1.17
H22A DPV LA . 13.12 -26.90 0.39
H23 DPV LA . 11.05 -27.50 -1.80
H23A DPV LA . 10.67 -26.48 -0.40
H23B DPV LA . 11.12 -28.20 -0.19
N DPV MA . 22.75 -1.51 4.22
P DPV MA . 22.31 -5.71 6.15
C1 DPV MA . 20.81 -7.80 5.81
C2 DPV MA . 19.37 -8.28 5.44
C3 DPV MA . 19.15 -8.30 3.90
C4 DPV MA . 22.20 -3.08 6.27
C5 DPV MA . 21.80 -1.85 5.42
C6 DPV MA . 22.13 -0.35 3.42
C7 DPV MA . 22.93 -2.69 3.27
C8 DPV MA . 24.14 -0.99 4.70
C15 DPV MA . 17.77 -8.96 3.49
C16 DPV MA . 17.60 -9.00 1.95
C17 DPV MA . 16.26 -9.51 1.45
C18 DPV MA . 16.29 -9.75 -0.08
C19 DPV MA . 15.08 -10.59 -0.57
O1P DPV MA . 23.49 -6.25 5.49
C20 DPV MA . 15.13 -10.75 -2.13
C21 DPV MA . 13.81 -11.32 -2.73
C22 DPV MA . 13.94 -11.41 -4.28
C23 DPV MA . 12.62 -11.89 -4.94
O2P DPV MA . 22.44 -5.68 7.62
O3P DPV MA . 20.95 -6.37 5.66
O4P DPV MA . 21.85 -4.29 5.54
H1 DPV MA . 21.02 -8.14 6.83
H1A DPV MA . 21.60 -8.28 5.17
H2 DPV MA . 19.22 -9.28 5.83
H2A DPV MA . 18.65 -7.63 5.93
H3 DPV MA . 19.94 -8.87 3.46
H3A DPV MA . 19.20 -7.31 3.49
H4 DPV MA . 23.27 -3.09 6.47
H4A DPV MA . 21.68 -3.05 7.22
H5 DPV MA . 20.80 -1.93 5.05
H5A DPV MA . 21.79 -0.98 6.07
H6 DPV MA . 22.07 0.52 4.07
H6A DPV MA . 21.14 -0.64 3.05
H6B DPV MA . 22.76 -0.14 2.56
H7 DPV MA . 23.49 -3.46 3.79
H7A DPV MA . 23.51 -2.36 2.41
H7B DPV MA . 21.95 -3.04 2.96
H8 DPV MA . 24.58 -1.73 5.38
H8A DPV MA . 23.98 -0.05 5.25
H8B DPV MA . 24.79 -0.83 3.83
H15 DPV MA . 16.94 -8.37 3.90
H15A DPV MA . 17.71 -9.98 3.89
H16 DPV MA . 17.80 -8.01 1.52
H16A DPV MA . 18.39 -9.65 1.56
H17 DPV MA . 15.99 -10.44 1.94
H17A DPV MA . 15.50 -8.79 1.72
H18 DPV MA . 16.31 -8.78 -0.59
H18A DPV MA . 17.19 -10.26 -0.39
H19 DPV MA . 15.07 -11.59 -0.09
H19A DPV MA . 14.16 -10.04 -0.29
H20 DPV MA . 15.32 -9.73 -2.57
H20A DPV MA . 16.00 -11.39 -2.46
H21 DPV MA . 13.59 -12.31 -2.35
H21A DPV MA . 12.95 -10.68 -2.50
H22 DPV MA . 14.22 -10.43 -4.68
H22A DPV MA . 14.70 -12.13 -4.54
H23 DPV MA . 11.83 -11.14 -4.86
H23A DPV MA . 12.25 -12.80 -4.49
H23B DPV MA . 12.76 -12.04 -6.02
N DPV NA . 25.20 -18.77 10.82
P DPV NA . 23.30 -22.29 8.48
C1 DPV NA . 21.80 -21.02 6.77
C2 DPV NA . 21.92 -19.80 5.82
C3 DPV NA . 20.63 -19.63 4.93
C4 DPV NA . 25.40 -21.14 9.63
C5 DPV NA . 25.01 -19.62 9.53
C6 DPV NA . 24.34 -19.27 12.02
C7 DPV NA . 24.77 -17.35 10.52
C8 DPV NA . 26.72 -18.76 11.22
C15 DPV NA . 19.54 -18.82 5.61
C16 DPV NA . 18.36 -18.47 4.66
C17 DPV NA . 17.24 -17.69 5.38
C18 DPV NA . 15.93 -17.64 4.49
C19 DPV NA . 14.76 -16.79 5.09
O1P DPV NA . 23.03 -23.63 7.95
C20 DPV NA . 14.24 -17.36 6.44
C21 DPV NA . 12.90 -16.69 6.82
C22 DPV NA . 12.59 -16.86 8.34
C23 DPV NA . 11.46 -17.86 8.61
O2P DPV NA . 22.60 -22.04 9.79
O3P DPV NA . 23.08 -21.12 7.43
O4P DPV NA . 24.84 -21.89 8.50
H1 DPV NA . 21.00 -20.84 7.50
H1A DPV NA . 21.57 -21.93 6.18
H2 DPV NA . 22.13 -18.88 6.38
H2A DPV NA . 22.76 -19.95 5.20
H3 DPV NA . 20.22 -20.61 4.65
H3A DPV NA . 20.93 -19.15 3.99
H4 DPV NA . 26.47 -21.30 9.64
H4A DPV NA . 25.01 -21.57 10.56
H5 DPV NA . 25.59 -19.12 8.76
H5A DPV NA . 23.93 -19.56 9.28
H6 DPV NA . 24.62 -20.27 12.25
H6A DPV NA . 23.30 -19.25 11.75
H6B DPV NA . 24.53 -18.66 12.87
H7 DPV NA . 25.33 -17.00 9.66
H7A DPV NA . 24.94 -16.71 11.38
H7B DPV NA . 23.69 -17.35 10.27
H8 DPV NA . 27.35 -18.52 10.35
H8A DPV NA . 26.93 -19.77 11.60
H8B DPV NA . 26.87 -18.08 12.06
H15 DPV NA . 19.98 -17.85 5.94
H15A DPV NA . 19.18 -19.35 6.47
H16 DPV NA . 18.73 -17.85 3.84
H16A DPV NA . 17.95 -19.37 4.21
H17 DPV NA . 17.00 -18.18 6.29
H17A DPV NA . 17.58 -16.70 5.64
H18 DPV NA . 16.18 -17.19 3.55
H18A DPV NA . 15.56 -18.66 4.31
H19 DPV NA . 15.05 -15.75 5.20
H19A DPV NA . 13.95 -16.84 4.35
H20 DPV NA . 14.12 -18.44 6.35
H20A DPV NA . 14.96 -17.13 7.21
H21 DPV NA . 12.95 -15.63 6.57
H21A DPV NA . 12.11 -17.09 6.20
H22 DPV NA . 13.49 -17.20 8.91
H22A DPV NA . 12.30 -15.88 8.75
H23 DPV NA . 11.75 -18.87 8.33
H23A DPV NA . 10.57 -17.54 8.08
H23B DPV NA . 11.22 -17.90 9.67
N DPV OA . 29.57 -4.69 -3.55
P DPV OA . 28.45 -4.69 0.98
C1 DPV OA . 30.23 -6.59 1.21
C2 DPV OA . 30.10 -7.20 2.65
C3 DPV OA . 29.91 -8.75 2.64
C4 DPV OA . 27.83 -4.24 -1.53
C5 DPV OA . 28.51 -3.72 -2.86
C6 DPV OA . 29.97 -4.08 -4.89
C7 DPV OA . 28.97 -6.08 -3.80
C8 DPV OA . 30.85 -4.81 -2.73
C15 DPV OA . 28.42 -9.11 2.35
C16 DPV OA . 28.20 -10.62 2.51
C17 DPV OA . 26.75 -10.94 2.21
C18 DPV OA . 26.40 -12.43 2.38
C19 DPV OA . 24.86 -12.67 2.16
O1P DPV OA . 28.07 -3.52 1.78
C20 DPV OA . 24.46 -14.17 2.29
C21 DPV OA . 22.94 -14.32 2.59
C22 DPV OA . 22.53 -15.82 2.73
C23 DPV OA . 21.00 -15.98 2.77
O2P DPV OA . 27.45 -5.77 1.09
O3P DPV OA . 29.95 -5.19 1.25
O4P DPV OA . 28.84 -4.33 -0.52
H1 DPV OA . 31.26 -6.73 0.86
H1A DPV OA . 29.53 -7.07 0.50
H2 DPV OA . 31.03 -6.98 3.19
H2A DPV OA . 29.27 -6.70 3.18
H3 DPV OA . 30.22 -9.16 3.61
H3A DPV OA . 30.53 -9.22 1.89
H4 DPV OA . 27.07 -3.55 -1.19
H4A DPV OA . 27.37 -5.21 -1.67
H5 DPV OA . 27.70 -3.54 -3.60
H5A DPV OA . 29.00 -2.75 -2.68
H6 DPV OA . 30.71 -4.72 -5.38
H6A DPV OA . 30.35 -3.08 -4.74
H6B DPV OA . 29.11 -3.99 -5.52
H7 DPV OA . 28.74 -6.51 -2.85
H7A DPV OA . 29.70 -6.69 -4.31
H7B DPV OA . 28.09 -6.04 -4.42
H8 DPV OA . 30.63 -5.29 -1.77
H8A DPV OA . 31.23 -3.81 -2.58
H8B DPV OA . 31.59 -5.40 -3.30
H15 DPV OA . 28.13 -8.77 1.34
H15A DPV OA . 27.77 -8.58 3.08
H16 DPV OA . 28.84 -11.17 1.85
H16A DPV OA . 28.46 -10.95 3.50
H17 DPV OA . 26.09 -10.35 2.80
H17A DPV OA . 26.57 -10.67 1.18
H18 DPV OA . 26.99 -13.05 1.68
H18A DPV OA . 26.68 -12.70 3.40
H19 DPV OA . 24.31 -12.07 2.88
H19A DPV OA . 24.58 -12.29 1.17
H20 DPV OA . 24.72 -14.70 1.39
H20A DPV OA . 25.01 -14.58 3.15
H21 DPV OA . 22.73 -13.79 3.54
H21A DPV OA . 22.38 -13.86 1.77
H22 DPV OA . 22.88 -16.39 1.86
H22A DPV OA . 22.97 -16.25 3.61
H23 DPV OA . 20.55 -15.65 1.83
H23A DPV OA . 20.61 -15.39 3.61
H23B DPV OA . 20.75 -17.03 2.95
N DPV PA . 30.37 -10.37 -12.90
P DPV PA . 30.85 -9.10 -7.85
C1 DPV PA . 29.39 -6.91 -7.42
C2 DPV PA . 28.82 -6.55 -8.81
C3 DPV PA . 27.51 -7.27 -9.09
C4 DPV PA . 30.64 -10.07 -10.25
C5 DPV PA . 29.72 -9.92 -11.54
C6 DPV PA . 31.66 -9.59 -13.18
C7 DPV PA . 29.40 -10.06 -14.02
C8 DPV PA . 30.68 -11.87 -12.96
C15 DPV PA . 26.98 -6.87 -10.50
C16 DPV PA . 25.49 -7.20 -10.74
C17 DPV PA . 24.54 -6.32 -9.89
C18 DPV PA . 23.01 -6.42 -10.30
C19 DPV PA . 22.23 -7.57 -9.61
O1P DPV PA . 31.35 -10.18 -7.00
C20 DPV PA . 21.94 -7.28 -8.08
C21 DPV PA . 20.95 -8.38 -7.48
C22 DPV PA . 20.82 -8.28 -5.94
C23 DPV PA . 22.08 -8.78 -5.15
O2P DPV PA . 31.94 -8.16 -8.20
O3P DPV PA . 29.57 -8.39 -7.21
O4P DPV PA . 29.98 -9.58 -9.11
H1 DPV PA . 30.33 -6.41 -7.30
H1A DPV PA . 28.73 -6.54 -6.68
H2 DPV PA . 28.67 -5.47 -8.86
H2A DPV PA . 29.56 -6.82 -9.57
H3 DPV PA . 26.80 -6.96 -8.32
H3A DPV PA . 27.63 -8.35 -9.03
H4 DPV PA . 30.87 -11.10 -10.07
H4A DPV PA . 31.57 -9.54 -10.39
H5 DPV PA . 28.79 -10.49 -11.41
H5A DPV PA . 29.43 -8.90 -11.68
H6 DPV PA . 32.40 -9.77 -12.39
H6A DPV PA . 31.44 -8.51 -13.18
H6B DPV PA . 32.03 -9.91 -14.17
H7 DPV PA . 29.16 -9.00 -13.99
H7A DPV PA . 28.48 -10.60 -13.84
H7B DPV PA . 29.82 -10.36 -14.97
H8 DPV PA . 29.75 -12.41 -12.73
H8A DPV PA . 31.47 -12.08 -12.25
H8B DPV PA . 31.02 -12.06 -14.01
H15 DPV PA . 27.56 -7.36 -11.27
H15A DPV PA . 27.14 -5.82 -10.64
H16 DPV PA . 25.27 -7.02 -11.83
H16A DPV PA . 25.30 -8.27 -10.55
H17 DPV PA . 24.67 -6.52 -8.82
H17A DPV PA . 24.83 -5.26 -10.03
H18 DPV PA . 22.54 -5.47 -10.05
H18A DPV PA . 22.93 -6.50 -11.39
H19 DPV PA . 21.28 -7.73 -10.14
H19A DPV PA . 22.80 -8.53 -9.67
H20 DPV PA . 22.89 -7.30 -7.54
H20A DPV PA . 21.49 -6.29 -7.95
H21 DPV PA . 19.98 -8.26 -7.92
H21A DPV PA . 21.30 -9.37 -7.75
H22 DPV PA . 20.61 -7.26 -5.61
H22A DPV PA . 19.93 -8.84 -5.66
H23 DPV PA . 21.81 -8.92 -4.08
H23A DPV PA . 22.87 -8.02 -5.18
H23B DPV PA . 22.38 -9.74 -5.57
N DPV QA . 11.77 8.21 -4.01
P DPV QA . 7.76 4.82 -3.68
C1 DPV QA . 7.91 2.85 -5.39
C2 DPV QA . 8.89 2.07 -6.26
C3 DPV QA . 9.71 1.04 -5.42
C4 DPV QA . 9.76 6.51 -3.62
C5 DPV QA . 10.49 7.50 -4.62
C6 DPV QA . 12.65 7.31 -3.07
C7 DPV QA . 11.36 9.52 -3.28
C8 DPV QA . 12.64 8.61 -5.21
C15 DPV QA . 9.06 -0.35 -5.37
C16 DPV QA . 9.93 -1.36 -4.56
C17 DPV QA . 9.25 -2.76 -4.43
C18 DPV QA . 10.18 -3.87 -3.84
C19 DPV QA . 9.39 -5.18 -3.62
O1P DPV QA . 7.98 4.55 -2.25
C20 DPV QA . 10.33 -6.45 -3.56
C21 DPV QA . 9.49 -7.75 -3.40
C22 DPV QA . 10.37 -9.02 -3.33
C23 DPV QA . 9.50 -10.29 -3.15
O2P DPV QA . 6.34 4.89 -4.01
O3P DPV QA . 8.62 3.88 -4.66
O4P DPV QA . 8.57 6.09 -4.24
H1 DPV QA . 7.15 3.31 -6.03
H1A DPV QA . 7.43 2.15 -4.68
H2 DPV QA . 8.32 1.58 -7.05
H2A DPV QA . 9.59 2.73 -6.73
H3 DPV QA . 9.86 1.43 -4.42
H3A DPV QA . 10.69 0.92 -5.86
H4 DPV QA . 10.43 5.63 -3.44
H4A DPV QA . 9.52 7.03 -2.67
H5 DPV QA . 10.83 6.88 -5.48
H5A DPV QA . 9.79 8.26 -4.91
H6 DPV QA . 12.90 6.37 -3.59
H6A DPV QA . 12.06 7.05 -2.19
H6B DPV QA . 13.55 7.85 -2.75
H7 DPV QA . 10.77 10.15 -3.96
H7A DPV QA . 12.24 10.06 -2.93
H7B DPV QA . 10.77 9.23 -2.42
H8 DPV QA . 12.11 9.35 -5.83
H8A DPV QA . 12.89 7.72 -5.77
H8B DPV QA . 13.53 9.08 -4.84
H15 DPV QA . 8.95 -0.75 -6.38
H15A DPV QA . 8.05 -0.32 -4.92
H16 DPV QA . 10.88 -1.50 -5.05
H16A DPV QA . 10.13 -0.94 -3.58
H17 DPV QA . 8.41 -2.62 -3.75
H17A DPV QA . 8.88 -3.06 -5.43
H18 DPV QA . 11.04 -4.04 -4.54
H18A DPV QA . 10.57 -3.54 -2.85
H19 DPV QA . 8.82 -5.09 -2.69
H19A DPV QA . 8.67 -5.30 -4.43
H20 DPV QA . 10.95 -6.49 -4.46
H20A DPV QA . 10.99 -6.34 -2.68
H21 DPV QA . 8.85 -7.71 -2.49
H21A DPV QA . 8.82 -7.82 -4.26
H22 DPV QA . 10.97 -9.13 -4.25
H22A DPV QA . 11.08 -8.96 -2.50
H23 DPV QA . 10.13 -11.17 -3.25
H23A DPV QA . 8.74 -10.30 -3.93
H23B DPV QA . 9.01 -10.29 -2.18
N DPV RA . 0.39 2.95 -12.49
P DPV RA . 1.01 5.03 -8.74
C1 DPV RA . 2.73 6.99 -8.19
C2 DPV RA . 4.14 6.34 -8.42
C3 DPV RA . 5.11 6.78 -7.29
C4 DPV RA . 1.51 2.89 -10.06
C5 DPV RA . 1.64 2.57 -11.58
C6 DPV RA . 0.69 2.51 -13.92
C7 DPV RA . 0.11 4.44 -12.50
C8 DPV RA . -0.90 2.24 -11.99
C15 DPV RA . 6.43 5.99 -7.19
C16 DPV RA . 7.46 6.29 -8.31
C17 DPV RA . 8.74 5.50 -8.07
C18 DPV RA . 9.87 6.01 -9.04
C19 DPV RA . 11.13 5.18 -9.02
O1P DPV RA . -0.43 5.15 -9.03
C20 DPV RA . 10.93 3.85 -9.80
C21 DPV RA . 12.27 3.12 -10.04
C22 DPV RA . 12.00 1.71 -10.68
C23 DPV RA . 13.26 0.93 -11.08
O2P DPV RA . 1.27 4.53 -7.36
O3P DPV RA . 1.82 6.36 -9.15
O4P DPV RA . 1.79 4.26 -9.88
H1 DPV RA . 2.36 6.84 -7.20
H1A DPV RA . 2.76 8.04 -8.40
H2 DPV RA . 4.00 5.25 -8.34
H2A DPV RA . 4.51 6.61 -9.42
H3 DPV RA . 4.56 6.68 -6.33
H3A DPV RA . 5.34 7.85 -7.41
H4 DPV RA . 0.52 2.71 -9.70
H4A DPV RA . 2.23 2.29 -9.52
H5 DPV RA . 2.52 3.12 -11.99
H5A DPV RA . 1.86 1.51 -11.69
H6 DPV RA . 0.95 1.44 -13.94
H6A DPV RA . 1.56 3.09 -14.31
H6B DPV RA . -0.23 2.67 -14.53
H7 DPV RA . 1.02 4.94 -12.79
H7A DPV RA . -0.15 4.77 -11.52
H7B DPV RA . -0.71 4.65 -13.18
H8 DPV RA . -1.12 2.63 -10.99
H8A DPV RA . -0.72 1.18 -11.98
H8B DPV RA . -1.73 2.47 -12.65
H15 DPV RA . 6.18 4.91 -7.20
H15A DPV RA . 6.87 6.25 -6.23
H16 DPV RA . 7.06 5.99 -9.27
H16A DPV RA . 7.66 7.37 -8.33
H17 DPV RA . 9.08 5.53 -7.03
H17A DPV RA . 8.51 4.48 -8.34
H18 DPV RA . 9.51 6.08 -10.05
H18A DPV RA . 10.10 7.05 -8.75
H19 DPV RA . 11.91 5.78 -9.51
H19A DPV RA . 11.46 5.01 -7.98
H20 DPV RA . 10.31 3.19 -9.20
H20A DPV RA . 10.37 3.97 -10.75
H21 DPV RA . 12.88 3.73 -10.68
H21A DPV RA . 12.78 2.97 -9.08
H22 DPV RA . 11.44 1.08 -10.00
H22A DPV RA . 11.42 1.87 -11.57
H23 DPV RA . 13.02 -0.02 -11.50
H23A DPV RA . 13.90 0.79 -10.22
H23B DPV RA . 13.82 1.52 -11.80
N DPV SA . -2.93 -0.62 -17.31
P DPV SA . 1.32 -2.75 -19.66
C1 DPV SA . 3.06 -3.54 -17.88
C2 DPV SA . 2.45 -4.55 -16.87
C3 DPV SA . 3.54 -5.55 -16.29
C4 DPV SA . -0.68 -1.71 -18.25
C5 DPV SA . -1.71 -0.51 -18.29
C6 DPV SA . -3.72 -1.95 -17.48
C7 DPV SA . -3.92 0.53 -17.63
C8 DPV SA . -2.47 -0.47 -15.84
C15 DPV SA . 4.05 -6.63 -17.31
C16 DPV SA . 3.42 -8.01 -17.09
C17 DPV SA . 4.02 -9.09 -18.06
C18 DPV SA . 3.26 -10.44 -17.93
C19 DPV SA . 4.01 -11.59 -18.62
O1P DPV SA . 0.62 -4.02 -19.82
C20 DPV SA . 3.24 -12.96 -18.47
C21 DPV SA . 4.16 -14.19 -18.83
C22 DPV SA . 3.42 -15.55 -18.69
C23 DPV SA . 3.49 -16.12 -17.22
O2P DPV SA . 2.20 -2.42 -20.79
O3P DPV SA . 2.02 -2.56 -18.24
O4P DPV SA . 0.32 -1.54 -19.28
H1 DPV SA . 3.86 -3.01 -17.39
H1A DPV SA . 3.39 -4.05 -18.78
H2 DPV SA . 1.99 -4.00 -16.06
H2A DPV SA . 1.67 -5.09 -17.39
H3 DPV SA . 3.15 -6.06 -15.42
H3A DPV SA . 4.39 -4.99 -15.96
H4 DPV SA . -0.19 -1.75 -17.27
H4A DPV SA . -1.23 -2.67 -18.44
H5 DPV SA . -1.17 0.44 -18.13
H5A DPV SA . -2.12 -0.41 -19.31
H6 DPV SA . -4.17 -1.97 -18.44
H6A DPV SA . -4.45 -1.95 -16.68
H6B DPV SA . -3.05 -2.80 -17.40
H7 DPV SA . -3.40 1.48 -17.48
H7A DPV SA . -4.79 0.47 -16.94
H7B DPV SA . -4.26 0.42 -18.67
H8 DPV SA . -2.10 -1.45 -15.48
H8A DPV SA . -3.34 -0.17 -15.23
H8B DPV SA . -1.67 0.29 -15.78
H15 DPV SA . 5.13 -6.70 -17.14
H15A DPV SA . 3.88 -6.33 -18.33
H16 DPV SA . 3.60 -8.34 -16.04
H16A DPV SA . 2.34 -7.96 -17.28
H17 DPV SA . 4.00 -8.70 -19.09
H17A DPV SA . 5.07 -9.27 -17.79
H18 DPV SA . 3.05 -10.65 -16.87
H18A DPV SA . 2.27 -10.35 -18.44
H19 DPV SA . 4.14 -11.35 -19.66
H19A DPV SA . 5.00 -11.70 -18.18
H20 DPV SA . 2.89 -13.02 -17.42
H20A DPV SA . 2.39 -12.99 -19.13
H21 DPV SA . 4.57 -14.13 -19.85
H21A DPV SA . 5.05 -14.20 -18.15
H22 DPV SA . 2.36 -15.49 -19.03
H22A DPV SA . 3.90 -16.26 -19.35
H23 DPV SA . 2.92 -17.05 -17.21
H23A DPV SA . 3.01 -15.45 -16.52
H23B DPV SA . 4.50 -16.26 -16.98
N DPV TA . -10.72 -22.55 -0.57
P DPV TA . -7.63 -21.88 -3.64
C1 DPV TA . -5.72 -20.09 -3.69
C2 DPV TA . -4.16 -20.05 -3.78
C3 DPV TA . -3.58 -18.68 -4.13
C4 DPV TA . -8.11 -22.62 -1.17
C5 DPV TA . -9.58 -23.20 -1.40
C6 DPV TA . -10.56 -22.89 0.93
C7 DPV TA . -12.07 -23.13 -1.03
C8 DPV TA . -10.78 -21.04 -0.72
C15 DPV TA . -2.00 -18.74 -4.04
C16 DPV TA . -1.33 -17.42 -4.57
C17 DPV TA . 0.19 -17.57 -4.59
C18 DPV TA . 0.90 -16.27 -5.16
C19 DPV TA . 2.41 -16.49 -5.49
O1P DPV TA . -7.80 -23.32 -3.97
C20 DPV TA . 3.36 -16.51 -4.26
C21 DPV TA . 4.84 -16.41 -4.73
C22 DPV TA . 5.86 -16.71 -3.60
C23 DPV TA . 7.25 -16.12 -3.92
O2P DPV TA . -8.39 -21.03 -4.54
O3P DPV TA . -6.08 -21.48 -3.51
O4P DPV TA . -7.87 -21.54 -2.11
H1 DPV TA . -6.08 -19.47 -2.84
H1A DPV TA . -6.17 -19.69 -4.60
H2 DPV TA . -3.75 -20.43 -2.87
H2A DPV TA . -3.89 -20.77 -4.53
H3 DPV TA . -3.93 -17.90 -3.50
H3A DPV TA . -3.84 -18.43 -5.14
H4 DPV TA . -8.05 -22.26 -0.15
H4A DPV TA . -7.35 -23.39 -1.33
H5 DPV TA . -9.85 -23.10 -2.49
H5A DPV TA . -9.56 -24.27 -1.16
H6 DPV TA . -9.63 -22.50 1.27
H6A DPV TA . -10.59 -23.97 1.06
H6B DPV TA . -11.33 -22.47 1.51
H7 DPV TA . -12.84 -22.74 -0.37
H7A DPV TA . -12.03 -24.20 -0.98
H7B DPV TA . -12.27 -22.84 -2.05
H8 DPV TA . -10.84 -20.79 -1.75
H8A DPV TA . -9.89 -20.62 -0.27
H8B DPV TA . -11.67 -20.67 -0.20
H15 DPV TA . -1.66 -19.55 -4.66
H15A DPV TA . -1.64 -18.93 -3.05
H16 DPV TA . -1.70 -17.20 -5.60
H16A DPV TA . -1.60 -16.59 -3.88
H17 DPV TA . 0.58 -17.70 -3.56
H17A DPV TA . 0.44 -18.45 -5.16
H18 DPV TA . 0.39 -15.95 -6.06
H18A DPV TA . 0.79 -15.46 -4.45
H19 DPV TA . 2.48 -17.40 -6.05
H19A DPV TA . 2.72 -15.68 -6.14
H20 DPV TA . 3.15 -15.71 -3.56
H20A DPV TA . 3.27 -17.46 -3.74
H21 DPV TA . 5.00 -17.13 -5.54
H21A DPV TA . 5.02 -15.41 -5.12
H22 DPV TA . 5.52 -16.26 -2.64
H22A DPV TA . 5.97 -17.82 -3.46
H23 DPV TA . 7.22 -15.03 -3.80
H23A DPV TA . 7.56 -16.31 -4.92
H23B DPV TA . 8.01 -16.53 -3.24
N DPV UA . -7.20 -16.29 5.72
P DPV UA . -8.62 -20.59 3.12
C1 DPV UA . -6.43 -22.11 3.14
C2 DPV UA . -6.52 -23.64 2.91
C3 DPV UA . -5.75 -24.09 1.64
C4 DPV UA . -7.85 -18.60 4.60
C5 DPV UA . -7.21 -17.22 4.44
C6 DPV UA . -6.21 -16.83 6.75
C7 DPV UA . -8.57 -16.14 6.36
C8 DPV UA . -6.74 -14.89 5.32
C15 DPV UA . -5.75 -25.62 1.50
C16 DPV UA . -4.86 -26.08 0.28
C17 DPV UA . -5.66 -26.25 -1.07
C18 DPV UA . -4.73 -26.34 -2.33
C19 DPV UA . -4.45 -24.93 -2.94
O1P DPV UA . -9.13 -21.28 4.35
C20 DPV UA . -3.42 -24.96 -4.10
C21 DPV UA . -3.33 -23.58 -4.75
C22 DPV UA . -2.30 -23.57 -5.91
C23 DPV UA . -2.42 -22.35 -6.80
O2P DPV UA . -9.71 -20.16 2.26
O3P DPV UA . -7.51 -21.46 2.34
O4P DPV UA . -7.57 -19.43 3.45
H1 DPV UA . -6.62 -21.90 4.20
H1A DPV UA . -5.45 -21.71 2.84
H2 DPV UA . -6.09 -24.17 3.74
H2A DPV UA . -7.57 -23.94 2.85
H3 DPV UA . -4.73 -23.81 1.74
H3A DPV UA . -6.16 -23.66 0.74
H4 DPV UA . -7.44 -19.10 5.48
H4A DPV UA . -8.92 -18.47 4.70
H5 DPV UA . -6.19 -17.33 4.12
H5A DPV UA . -7.75 -16.67 3.67
H6 DPV UA . -5.19 -16.89 6.31
H6A DPV UA . -6.55 -17.83 7.05
H6B DPV UA . -6.18 -16.16 7.63
H7 DPV UA . -8.83 -17.08 6.82
H7A DPV UA . -9.27 -15.88 5.60
H7B DPV UA . -8.54 -15.39 7.12
H8 DPV UA . -7.48 -14.52 4.62
H8A DPV UA . -5.75 -14.98 4.85
H8B DPV UA . -6.69 -14.29 6.22
H15 DPV UA . -6.77 -25.97 1.41
H15A DPV UA . -5.34 -26.10 2.37
H16 DPV UA . -4.06 -25.33 0.10
H16A DPV UA . -4.39 -27.05 0.51
H17 DPV UA . -6.28 -27.13 -0.95
H17A DPV UA . -6.37 -25.42 -1.21
H18 DPV UA . -3.77 -26.79 -2.00
H18A DPV UA . -5.19 -26.98 -3.09
H19 DPV UA . -5.37 -24.46 -3.26
H19A DPV UA . -4.05 -24.30 -2.16
H20 DPV UA . -2.43 -25.26 -3.72
H20A DPV UA . -3.74 -25.72 -4.83
H21 DPV UA . -4.31 -23.37 -5.13
H21A DPV UA . -3.09 -22.78 -4.04
H22 DPV UA . -1.29 -23.64 -5.52
H22A DPV UA . -2.48 -24.44 -6.56
H23 DPV UA . -1.65 -22.43 -7.59
H23A DPV UA . -2.25 -21.42 -6.22
H23B DPV UA . -3.45 -22.32 -7.23
N DPV VA . -9.63 -9.95 4.66
P DPV VA . -9.50 -11.22 0.12
C1 DPV VA . -8.59 -13.48 -0.79
C2 DPV VA . -8.10 -14.84 -0.29
C3 DPV VA . -9.31 -15.81 -0.04
C4 DPV VA . -10.70 -10.21 2.21
C5 DPV VA . -10.81 -10.47 3.76
C6 DPV VA . -9.43 -8.43 4.56
C7 DPV VA . -8.28 -10.65 4.31
C8 DPV VA . -9.92 -10.28 6.10
C15 DPV VA . -8.89 -17.23 0.45
C16 DPV VA . -8.18 -18.12 -0.67
C17 DPV VA . -6.85 -18.68 -0.20
C18 DPV VA . -5.69 -17.64 -0.45
C19 DPV VA . -4.32 -18.24 -0.02
O1P DPV VA . -10.66 -10.98 -0.79
C20 DPV VA . -3.18 -17.19 -0.04
C21 DPV VA . -1.79 -17.77 0.36
C22 DPV VA . -1.75 -18.25 1.83
C23 DPV VA . -0.42 -18.96 2.14
O2P DPV VA . -8.34 -10.38 -0.16
O3P DPV VA . -9.14 -12.77 0.31
O4P DPV VA . -9.89 -11.23 1.67
H1 DPV VA . -7.79 -12.91 -1.23
H1A DPV VA . -9.40 -13.66 -1.51
H2 DPV VA . -7.42 -15.26 -1.04
H2A DPV VA . -7.54 -14.70 0.63
H3 DPV VA . -9.85 -15.95 -0.94
H3A DPV VA . -9.96 -15.35 0.69
H4 DPV VA . -11.66 -10.25 1.70
H4A DPV VA . -10.32 -9.23 2.02
H5 DPV VA . -11.74 -9.96 4.12
H5A DPV VA . -10.91 -11.55 3.91
H6 DPV VA . -10.39 -7.97 4.75
H6A DPV VA . -9.06 -8.17 3.57
H6B DPV VA . -8.69 -8.12 5.31
H7 DPV VA . -8.44 -11.73 4.47
H7A DPV VA . -7.52 -10.22 4.95
H7B DPV VA . -8.04 -10.47 3.26
H8 DPV VA . -10.03 -11.37 6.22
H8A DPV VA . -10.85 -9.78 6.37
H8B DPV VA . -9.10 -9.88 6.71
H15 DPV VA . -9.71 -17.78 0.82
H15A DPV VA . -8.21 -17.08 1.25
H16 DPV VA . -8.85 -18.93 -0.88
H16A DPV VA . -8.01 -17.58 -1.57
H17 DPV VA . -6.95 -18.91 0.89
H17A DPV VA . -6.63 -19.59 -0.75
H18 DPV VA . -5.72 -17.34 -1.49
H18A DPV VA . -5.86 -16.75 0.13
H19 DPV VA . -4.45 -18.61 1.00
H19A DPV VA . -4.05 -19.11 -0.65
H20 DPV VA . -3.15 -16.77 -1.06
H20A DPV VA . -3.44 -16.39 0.67
H21 DPV VA . -1.55 -18.60 -0.26
H21A DPV VA . -1.08 -16.98 0.21
H22 DPV VA . -1.83 -17.41 2.52
H22A DPV VA . -2.57 -18.92 2.04
H23 DPV VA . 0.38 -18.27 2.18
H23A DPV VA . -0.22 -19.76 1.41
H23B DPV VA . -0.52 -19.46 3.11
N DPV WA . -2.73 -8.43 9.95
P DPV WA . -4.97 -11.60 6.97
C1 DPV WA . -3.44 -13.26 5.58
C2 DPV WA . -2.90 -13.52 4.16
C3 DPV WA . -1.57 -14.30 4.23
C4 DPV WA . -2.97 -10.28 8.12
C5 DPV WA . -3.69 -9.18 8.94
C6 DPV WA . -1.71 -7.50 9.19
C7 DPV WA . -1.95 -9.41 10.86
C8 DPV WA . -3.59 -7.54 10.85
C15 DPV WA . -0.87 -14.49 2.82
C16 DPV WA . 0.67 -14.87 2.91
C17 DPV WA . 1.53 -13.59 3.19
C18 DPV WA . 3.10 -13.81 3.06
C19 DPV WA . 3.65 -13.99 1.61
O1P DPV WA . -4.88 -12.56 8.12
C20 DPV WA . 3.65 -12.68 0.76
C21 DPV WA . 3.92 -12.96 -0.80
C22 DPV WA . 5.43 -13.10 -1.14
C23 DPV WA . 5.70 -13.06 -2.68
O2P DPV WA . -6.26 -10.93 6.92
O3P DPV WA . -4.49 -12.26 5.56
O4P DPV WA . -3.77 -10.57 6.90
H1 DPV WA . -3.86 -14.20 6.02
H1A DPV WA . -2.63 -12.93 6.23
H2 DPV WA . -3.68 -14.10 3.61
H2A DPV WA . -2.74 -12.56 3.67
H3 DPV WA . -1.78 -15.28 4.64
H3A DPV WA . -0.91 -13.79 4.89
H4 DPV WA . -2.00 -9.90 7.77
H4A DPV WA . -2.82 -11.20 8.72
H5 DPV WA . -4.11 -8.41 8.29
H5A DPV WA . -4.48 -9.60 9.54
H6 DPV WA . -2.26 -6.80 8.55
H6A DPV WA . -1.13 -8.14 8.52
H6B DPV WA . -1.10 -7.00 9.96
H7 DPV WA . -1.27 -10.00 10.26
H7A DPV WA . -2.68 -10.06 11.36
H7B DPV WA . -1.40 -8.85 11.61
H8 DPV WA . -4.27 -8.17 11.40
H8A DPV WA . -4.18 -6.87 10.25
H8B DPV WA . -2.95 -6.97 11.51
H15 DPV WA . -0.98 -13.56 2.24
H15A DPV WA . -1.41 -15.24 2.22
H16 DPV WA . 0.88 -15.66 3.64
H16A DPV WA . 0.94 -15.27 1.93
H17 DPV WA . 1.26 -12.79 2.50
H17A DPV WA . 1.35 -13.25 4.21
H18 DPV WA . 3.58 -12.93 3.54
H18A DPV WA . 3.38 -14.68 3.64
H19 DPV WA . 4.65 -14.37 1.68
H19A DPV WA . 3.05 -14.70 1.08
H20 DPV WA . 2.64 -12.17 0.85
H20A DPV WA . 4.42 -11.97 1.19
H21 DPV WA . 3.34 -13.84 -1.10
H21A DPV WA . 3.52 -12.13 -1.38
H22 DPV WA . 6.02 -12.29 -0.68
H22A DPV WA . 5.81 -14.04 -0.71
H23 DPV WA . 5.44 -12.09 -3.08
H23A DPV WA . 5.10 -13.81 -3.20
H23B DPV WA . 6.76 -13.26 -2.88
N DPV XA . 8.31 -9.63 14.15
P DPV XA . 8.86 -6.31 11.16
C1 DPV XA . 10.04 -6.30 8.82
C2 DPV XA . 10.32 -7.18 7.56
C3 DPV XA . 11.21 -6.44 6.55
C4 DPV XA . 7.22 -7.79 12.56
C5 DPV XA . 8.05 -9.12 12.69
C6 DPV XA . 9.14 -8.59 14.94
C7 DPV XA . 9.16 -10.92 14.05
C8 DPV XA . 6.99 -9.97 14.90
C15 DPV XA . 11.56 -7.34 5.32
C16 DPV XA . 12.26 -6.51 4.19
C17 DPV XA . 12.50 -7.35 2.90
C18 DPV XA . 12.93 -6.40 1.71
C19 DPV XA . 13.02 -7.14 0.37
O1P DPV XA . 8.56 -4.88 11.13
C20 DPV XA . 13.40 -6.20 -0.82
C21 DPV XA . 13.75 -7.03 -2.09
C22 DPV XA . 14.04 -6.13 -3.34
C23 DPV XA . 14.29 -6.99 -4.63
O2P DPV XA . 9.92 -6.63 12.13
O3P DPV XA . 9.11 -6.96 9.71
O4P DPV XA . 7.57 -7.22 11.28
H1 DPV XA . 10.99 -6.08 9.39
H1A DPV XA . 9.58 -5.28 8.53
H2 DPV XA . 10.74 -8.14 7.90
H2A DPV XA . 9.35 -7.42 7.07
H3 DPV XA . 12.14 -6.16 7.03
H3A DPV XA . 10.70 -5.53 6.29
H4 DPV XA . 6.17 -8.05 12.57
H4A DPV XA . 7.43 -7.05 13.31
H5 DPV XA . 7.55 -9.95 12.12
H5A DPV XA . 9.05 -8.97 12.25
H6 DPV XA . 9.99 -8.27 14.35
H6A DPV XA . 9.47 -9.03 15.88
H6B DPV XA . 8.45 -7.76 15.15
H7 DPV XA . 9.38 -11.30 15.05
H7A DPV XA . 10.09 -10.67 13.52
H7B DPV XA . 8.61 -11.68 13.49
H8 DPV XA . 6.46 -9.04 15.09
H8A DPV XA . 7.25 -10.43 15.84
H8B DPV XA . 6.40 -10.64 14.28
H15 DPV XA . 10.65 -7.82 4.97
H15A DPV XA . 12.23 -8.12 5.62
H16 DPV XA . 11.65 -5.64 3.98
H16A DPV XA . 13.26 -6.20 4.54
H17 DPV XA . 13.30 -8.11 3.05
H17A DPV XA . 11.58 -7.88 2.61
H18 DPV XA . 12.19 -5.63 1.59
H18A DPV XA . 13.88 -5.94 1.93
H19 DPV XA . 13.75 -7.94 0.48
H19A DPV XA . 12.05 -7.61 0.14
H20 DPV XA . 12.56 -5.56 -1.05
H20A DPV XA . 14.23 -5.58 -0.54
H21 DPV XA . 14.63 -7.67 -1.86
H21A DPV XA . 12.93 -7.73 -2.33
H22 DPV XA . 13.22 -5.43 -3.50
H22A DPV XA . 14.92 -5.51 -3.18
H23 DPV XA . 13.39 -7.58 -4.84
H23A DPV XA . 15.15 -7.63 -4.52
H23B DPV XA . 14.50 -6.36 -5.50
N DPV YA . 0.09 -2.72 10.44
P DPV YA . 2.23 -6.69 11.77
C1 DPV YA . 3.96 -7.82 10.12
C2 DPV YA . 4.71 -9.17 10.13
C3 DPV YA . 4.45 -9.98 8.84
C4 DPV YA . 2.13 -4.09 11.48
C5 DPV YA . 1.03 -3.96 10.34
C6 DPV YA . -1.02 -2.90 9.38
C7 DPV YA . 0.85 -1.43 10.15
C8 DPV YA . -0.59 -2.62 11.81
C15 DPV YA . 3.05 -10.74 8.86
C16 DPV YA . 2.02 -10.17 7.84
C17 DPV YA . 2.22 -10.80 6.43
C18 DPV YA . 1.33 -10.12 5.34
C19 DPV YA . -0.17 -10.50 5.49
O1P DPV YA . 1.90 -6.68 13.20
C20 DPV YA . -1.14 -9.79 4.48
C21 DPV YA . -0.96 -10.34 3.05
C22 DPV YA . -2.13 -9.97 2.13
C23 DPV YA . -1.94 -10.50 0.67
O2P DPV YA . 1.13 -7.19 10.96
O3P DPV YA . 3.66 -7.39 11.47
O4P DPV YA . 2.85 -5.31 11.26
H1 DPV YA . 4.59 -7.06 9.62
H1A DPV YA . 3.02 -7.89 9.54
H2 DPV YA . 5.77 -9.00 10.21
H2A DPV YA . 4.36 -9.73 10.99
H3 DPV YA . 5.22 -10.75 8.81
H3A DPV YA . 4.54 -9.33 7.94
H4 DPV YA . 2.82 -3.24 11.40
H4A DPV YA . 1.67 -4.12 12.47
H5 DPV YA . 1.53 -3.93 9.35
H5A DPV YA . 0.37 -4.87 10.39
H6 DPV YA . -0.60 -3.03 8.39
H6A DPV YA . -1.67 -2.02 9.39
H6B DPV YA . -1.57 -3.79 9.61
H7 DPV YA . 1.53 -1.23 10.98
H7A DPV YA . 0.13 -0.59 10.03
H7B DPV YA . 1.39 -1.49 9.19
H8 DPV YA . 0.15 -2.39 12.55
H8A DPV YA . -1.06 -3.57 12.04
H8B DPV YA . -1.31 -1.80 11.80
H15 DPV YA . 2.61 -10.68 9.85
H15A DPV YA . 3.18 -11.80 8.65
H16 DPV YA . 1.02 -10.43 8.18
H16A DPV YA . 2.10 -9.07 7.78
H17 DPV YA . 3.26 -10.67 6.17
H17A DPV YA . 2.05 -11.87 6.42
H18 DPV YA . 1.41 -9.03 5.35
H18A DPV YA . 1.67 -10.49 4.38
H19 DPV YA . -0.31 -11.58 5.48
H19A DPV YA . -0.46 -10.23 6.50
H20 DPV YA . -2.18 -9.92 4.80
H20A DPV YA . -0.97 -8.69 4.48
H21 DPV YA . -0.04 -9.91 2.62
H21A DPV YA . -0.80 -11.42 3.05
H22 DPV YA . -3.05 -10.38 2.51
H22A DPV YA . -2.21 -8.90 2.14
H23 DPV YA . -2.79 -10.24 0.05
H23A DPV YA . -1.86 -11.61 0.67
H23B DPV YA . -1.02 -10.11 0.21
N DPV ZA . 25.90 -18.68 -21.67
P DPV ZA . 27.88 -14.49 -19.50
C1 DPV ZA . 27.80 -13.06 -17.29
C2 DPV ZA . 28.05 -13.16 -15.76
C3 DPV ZA . 26.78 -13.58 -14.98
C4 DPV ZA . 27.35 -16.71 -20.68
C5 DPV ZA . 26.66 -18.08 -20.45
C6 DPV ZA . 24.75 -17.77 -22.22
C7 DPV ZA . 25.30 -20.04 -21.19
C8 DPV ZA . 26.87 -19.02 -22.82
C15 DPV ZA . 26.98 -13.42 -13.45
C16 DPV ZA . 25.71 -13.82 -12.64
C17 DPV ZA . 25.66 -13.25 -11.17
C18 DPV ZA . 25.11 -11.80 -11.15
C19 DPV ZA . 24.61 -11.31 -9.77
O1P DPV ZA . 29.21 -14.32 -20.10
C20 DPV ZA . 25.74 -10.89 -8.79
C21 DPV ZA . 25.22 -10.10 -7.55
C22 DPV ZA . 26.33 -9.74 -6.55
C23 DPV ZA . 26.66 -10.85 -5.54
O2P DPV ZA . 26.87 -13.61 -20.12
O3P DPV ZA . 27.90 -14.38 -17.89
O4P DPV ZA . 27.42 -16.00 -19.44
H1 DPV ZA . 26.82 -12.65 -17.49
H1A DPV ZA . 28.56 -12.41 -17.70
H2 DPV ZA . 28.85 -13.87 -15.56
H2A DPV ZA . 28.39 -12.18 -15.41
H3 DPV ZA . 26.51 -14.61 -15.20
H3A DPV ZA . 25.95 -13.00 -15.30
H4 DPV ZA . 28.37 -16.92 -21.05
H4A DPV ZA . 26.79 -16.08 -21.35
H5 DPV ZA . 27.39 -18.82 -20.12
H5A DPV ZA . 25.93 -17.98 -19.66
H6 DPV ZA . 25.21 -16.87 -22.63
H6A DPV ZA . 24.08 -17.46 -21.40
H6B DPV ZA . 24.18 -18.31 -22.97
H7 DPV ZA . 26.12 -20.69 -20.90
H7A DPV ZA . 24.78 -20.50 -22.02
H7B DPV ZA . 24.61 -19.86 -20.38
H8 DPV ZA . 27.64 -19.71 -22.46
H8A DPV ZA . 27.29 -18.10 -23.22
H8B DPV ZA . 26.30 -19.54 -23.61
H15 DPV ZA . 27.20 -12.40 -13.25
H15A DPV ZA . 27.80 -14.02 -13.12
H16 DPV ZA . 24.83 -13.52 -13.21
H16A DPV ZA . 25.66 -14.92 -12.53
H17 DPV ZA . 25.02 -13.89 -10.56
H17A DPV ZA . 26.66 -13.24 -10.71
H18 DPV ZA . 25.85 -11.13 -11.55
H18A DPV ZA . 24.25 -11.73 -11.79
H19 DPV ZA . 23.93 -10.47 -9.93
H19A DPV ZA . 24.00 -12.12 -9.30
H20 DPV ZA . 26.21 -11.80 -8.38
H20A DPV ZA . 26.50 -10.32 -9.32
H21 DPV ZA . 24.79 -9.16 -7.90
H21A DPV ZA . 24.42 -10.63 -7.04
H22 DPV ZA . 27.24 -9.47 -7.07
H22A DPV ZA . 25.98 -8.86 -6.01
H23 DPV ZA . 27.05 -11.75 -6.07
H23A DPV ZA . 25.78 -11.15 -4.96
H23B DPV ZA . 27.43 -10.52 -4.83
N DPV AB . 19.94 -17.31 -25.69
P DPV AB . 17.42 -19.90 -22.00
C1 DPV AB . 15.76 -18.27 -20.79
C2 DPV AB . 16.11 -17.89 -19.33
C3 DPV AB . 14.88 -17.91 -18.45
C4 DPV AB . 18.64 -19.01 -24.14
C5 DPV AB . 19.98 -18.33 -24.51
C6 DPV AB . 19.57 -17.99 -27.01
C7 DPV AB . 21.36 -16.75 -25.85
C8 DPV AB . 19.01 -16.11 -25.39
C15 DPV AB . 15.22 -17.55 -16.99
C16 DPV AB . 13.95 -17.56 -16.10
C17 DPV AB . 14.29 -17.07 -14.67
C18 DPV AB . 13.04 -17.12 -13.76
C19 DPV AB . 13.38 -16.58 -12.33
O1P DPV AB . 16.47 -20.55 -22.92
C20 DPV AB . 12.17 -16.64 -11.38
C21 DPV AB . 12.54 -16.35 -9.90
C22 DPV AB . 12.77 -14.86 -9.63
C23 DPV AB . 13.02 -14.59 -8.11
O2P DPV AB . 17.77 -20.78 -20.86
O3P DPV AB . 16.98 -18.42 -21.57
O4P DPV AB . 18.69 -19.25 -22.70
H1 DPV AB . 15.21 -19.21 -20.83
H1A DPV AB . 15.15 -17.47 -21.23
H2 DPV AB . 16.79 -18.61 -18.96
H2A DPV AB . 16.64 -16.92 -19.26
H3 DPV AB . 14.48 -18.93 -18.47
H3A DPV AB . 14.10 -17.26 -18.87
H4 DPV AB . 17.75 -18.36 -24.40
H4A DPV AB . 18.59 -19.96 -24.69
H5 DPV AB . 20.33 -17.76 -23.61
H5A DPV AB . 20.71 -19.07 -24.77
H6 DPV AB . 19.65 -17.25 -27.80
H6A DPV AB . 18.55 -18.34 -26.94
H6B DPV AB . 20.23 -18.82 -27.16
H7 DPV AB . 22.04 -17.55 -26.13
H7A DPV AB . 21.69 -16.30 -24.91
H7B DPV AB . 21.38 -16.00 -26.63
H8 DPV AB . 19.02 -15.42 -26.23
H8A DPV AB . 19.37 -15.60 -24.51
H8B DPV AB . 18.02 -16.46 -25.23
H15 DPV AB . 15.65 -16.56 -16.96
H15A DPV AB . 15.96 -18.21 -16.61
H16 DPV AB . 13.16 -16.92 -16.53
H16A DPV AB . 13.51 -18.56 -16.05
H17 DPV AB . 15.04 -17.73 -14.26
H17A DPV AB . 14.69 -16.04 -14.70
H18 DPV AB . 12.23 -16.54 -14.18
H18A DPV AB . 12.69 -18.12 -13.70
H19 DPV AB . 14.19 -17.15 -11.87
H19A DPV AB . 13.71 -15.55 -12.42
H20 DPV AB . 11.38 -15.94 -11.72
H20A DPV AB . 11.77 -17.66 -11.46
H21 DPV AB . 11.70 -16.73 -9.25
H21A DPV AB . 13.46 -16.94 -9.66
H22 DPV AB . 13.65 -14.55 -10.21
H22A DPV AB . 11.90 -14.27 -9.94
H23 DPV AB . 13.95 -15.04 -7.79
H23A DPV AB . 12.20 -14.98 -7.50
H23B DPV AB . 13.10 -13.52 -7.91
N DPV BB . 30.93 -16.64 -13.08
P DPV BB . 30.35 -20.89 -9.98
C1 DPV BB . 28.37 -22.42 -9.25
C2 DPV BB . 26.85 -22.52 -9.28
C3 DPV BB . 26.32 -22.75 -10.69
C4 DPV BB . 30.77 -18.63 -11.32
C5 DPV BB . 30.35 -18.01 -12.71
C6 DPV BB . 30.24 -16.17 -14.37
C7 DPV BB . 32.42 -16.74 -13.38
C8 DPV BB . 30.69 -15.58 -11.98
C15 DPV BB . 24.78 -22.99 -10.70
C16 DPV BB . 24.12 -22.71 -12.08
C17 DPV BB . 23.97 -21.18 -12.32
C18 DPV BB . 22.96 -20.86 -13.44
C19 DPV BB . 22.36 -19.43 -13.28
O1P DPV BB . 31.15 -22.05 -10.47
C20 DPV BB . 23.36 -18.28 -13.65
C21 DPV BB . 22.79 -16.88 -13.30
C22 DPV BB . 22.86 -16.58 -11.78
C23 DPV BB . 22.18 -15.24 -11.44
O2P DPV BB . 30.93 -20.30 -8.76
O3P DPV BB . 28.78 -21.19 -9.88
O4P DPV BB . 29.97 -19.83 -11.12
H1 DPV BB . 28.72 -22.43 -8.20
H1A DPV BB . 28.84 -23.25 -9.77
H2 DPV BB . 26.52 -23.34 -8.64
H2A DPV BB . 26.45 -21.58 -8.86
H3 DPV BB . 26.83 -23.61 -11.15
H3A DPV BB . 26.55 -21.88 -11.30
H4 DPV BB . 31.82 -18.88 -11.36
H4A DPV BB . 30.59 -17.96 -10.48
H5 DPV BB . 30.59 -18.71 -13.54
H5A DPV BB . 29.26 -17.89 -12.71
H6 DPV BB . 30.64 -15.19 -14.67
H6A DPV BB . 29.17 -16.09 -14.18
H6B DPV BB . 30.42 -16.91 -15.20
H7 DPV BB . 32.60 -17.45 -14.19
H7A DPV BB . 32.91 -17.11 -12.53
H7B DPV BB . 32.80 -15.77 -13.64
H8 DPV BB . 31.17 -15.91 -11.07
H8A DPV BB . 29.62 -15.44 -11.80
H8B DPV BB . 31.12 -14.64 -12.33
H15 DPV BB . 24.30 -22.36 -9.97
H15A DPV BB . 24.60 -24.02 -10.45
H16 DPV BB . 24.68 -23.16 -12.91
H16A DPV BB . 23.14 -23.19 -12.00
H17 DPV BB . 23.69 -20.70 -11.38
H17A DPV BB . 24.94 -20.75 -12.58
H18 DPV BB . 23.40 -20.96 -14.43
H18A DPV BB . 22.15 -21.57 -13.37
H19 DPV BB . 21.42 -19.32 -13.89
H19A DPV BB . 22.02 -19.34 -12.23
H20 DPV BB . 24.31 -18.42 -13.16
H20A DPV BB . 23.58 -18.32 -14.73
H21 DPV BB . 23.38 -16.12 -13.81
H21A DPV BB . 21.77 -16.83 -13.67
H22 DPV BB . 22.38 -17.39 -11.22
H22A DPV BB . 23.92 -16.55 -11.49
H23 DPV BB . 22.20 -15.07 -10.35
H23A DPV BB . 21.16 -15.21 -11.82
H23B DPV BB . 22.74 -14.41 -11.88
N DPV CB . 23.57 -29.08 -19.03
P DPV CB . 20.57 -26.58 -21.11
C1 DPV CB . 18.02 -26.45 -21.61
C2 DPV CB . 16.75 -27.29 -21.62
C3 DPV CB . 16.44 -28.03 -20.24
C4 DPV CB . 21.04 -28.84 -19.79
C5 DPV CB . 22.13 -28.60 -18.69
C6 DPV CB . 24.13 -28.37 -20.27
C7 DPV CB . 23.61 -30.60 -19.28
C8 DPV CB . 24.48 -28.80 -17.84
C15 DPV CB . 15.68 -27.14 -19.25
C16 DPV CB . 16.63 -26.42 -18.24
C17 DPV CB . 15.85 -25.34 -17.40
C18 DPV CB . 16.77 -24.61 -16.36
C19 DPV CB . 16.62 -25.19 -14.93
O1P DPV CB . 20.54 -25.77 -19.87
C20 DPV CB . 17.40 -26.51 -14.71
C21 DPV CB . 17.17 -27.02 -13.29
C22 DPV CB . 17.56 -28.53 -13.16
C23 DPV CB . 17.27 -29.05 -11.74
O2P DPV CB . 21.09 -25.77 -22.23
O3P DPV CB . 19.18 -27.30 -21.43
O4P DPV CB . 21.25 -28.01 -20.97
H1 DPV CB . 18.11 -25.92 -22.55
H1A DPV CB . 17.96 -25.73 -20.81
H2 DPV CB . 15.93 -26.67 -21.92
H2A DPV CB . 16.86 -28.06 -22.39
H3 DPV CB . 17.40 -28.38 -19.79
H3A DPV CB . 15.84 -28.93 -20.42
H4 DPV CB . 21.06 -29.90 -20.06
H4A DPV CB . 20.03 -28.64 -19.40
H5 DPV CB . 22.21 -27.53 -18.50
H5A DPV CB . 21.86 -29.12 -17.76
H6 DPV CB . 23.56 -28.68 -21.17
H6A DPV CB . 25.18 -28.63 -20.40
H6B DPV CB . 24.02 -27.28 -20.14
H7 DPV CB . 23.25 -31.13 -18.41
H7A DPV CB . 24.65 -30.89 -19.51
H7B DPV CB . 23.00 -30.83 -20.17
H8 DPV CB . 24.08 -29.33 -16.96
H8A DPV CB . 24.46 -27.73 -17.61
H8B DPV CB . 25.49 -29.13 -18.09
H15 DPV CB . 15.01 -27.77 -18.68
H15A DPV CB . 15.05 -26.42 -19.77
H16 DPV CB . 17.10 -27.16 -17.59
H16A DPV CB . 17.45 -25.94 -18.75
H17 DPV CB . 15.48 -24.57 -18.09
H17A DPV CB . 14.99 -25.79 -16.91
H18 DPV CB . 17.81 -24.63 -16.62
H18A DPV CB . 16.50 -23.57 -16.39
H19 DPV CB . 16.97 -24.46 -14.21
H19A DPV CB . 15.56 -25.33 -14.73
H20 DPV CB . 17.07 -27.24 -15.43
H20A DPV CB . 18.47 -26.35 -14.89
H21 DPV CB . 17.76 -26.45 -12.59
H21A DPV CB . 16.13 -26.87 -13.03
H22 DPV CB . 17.03 -29.15 -13.88
H22A DPV CB . 18.61 -28.60 -13.38
H23 DPV CB . 17.57 -30.09 -11.66
H23A DPV CB . 16.21 -28.95 -11.48
H23B DPV CB . 17.84 -28.51 -11.02
N DPV DB . 6.02 -35.55 -15.32
P DPV DB . 9.05 -35.60 -11.06
C1 DPV DB . 9.66 -38.14 -10.73
C2 DPV DB . 9.80 -38.38 -9.19
C3 DPV DB . 11.27 -38.22 -8.66
C4 DPV DB . 7.32 -35.87 -13.07
C5 DPV DB . 7.34 -35.98 -14.62
C6 DPV DB . 5.78 -34.03 -15.14
C7 DPV DB . 4.82 -36.35 -14.81
C8 DPV DB . 6.16 -35.84 -16.83
C15 DPV DB . 11.56 -36.78 -8.16
C16 DPV DB . 11.07 -36.57 -6.69
C17 DPV DB . 11.15 -35.09 -6.25
C18 DPV DB . 10.02 -34.21 -6.85
C19 DPV DB . 9.88 -32.83 -6.19
O1P DPV DB . 9.68 -34.29 -10.87
C20 DPV DB . 8.62 -32.07 -6.70
C21 DPV DB . 8.84 -31.46 -8.12
C22 DPV DB . 7.64 -30.59 -8.61
C23 DPV DB . 7.89 -29.95 -9.99
O2P DPV DB . 7.92 -35.82 -10.13
O3P DPV DB . 10.11 -36.81 -11.09
O4P DPV DB . 8.70 -35.89 -12.59
H1 DPV DB . 10.23 -38.88 -11.25
H1A DPV DB . 8.63 -38.25 -11.04
H2 DPV DB . 9.07 -37.76 -8.65
H2A DPV DB . 9.49 -39.40 -8.94
H3 DPV DB . 11.99 -38.52 -9.41
H3A DPV DB . 11.41 -38.92 -7.84
H4 DPV DB . 6.88 -34.92 -12.73
H4A DPV DB . 6.74 -36.71 -12.64
H5 DPV DB . 8.16 -35.38 -14.98
H5A DPV DB . 7.54 -37.01 -14.90
H6 DPV DB . 6.63 -33.48 -15.54
H6A DPV DB . 5.68 -33.78 -14.06
H6B DPV DB . 4.87 -33.74 -15.67
H7 DPV DB . 4.99 -37.42 -14.99
H7A DPV DB . 3.93 -35.99 -15.35
H7B DPV DB . 4.69 -36.17 -13.73
H8 DPV DB . 6.28 -36.92 -16.94
H8A DPV DB . 7.01 -35.27 -17.20
H8B DPV DB . 5.25 -35.53 -17.32
H15 DPV DB . 11.08 -36.07 -8.83
H15A DPV DB . 12.62 -36.58 -8.15
H16 DPV DB . 10.05 -36.89 -6.56
H16A DPV DB . 11.72 -37.17 -6.06
H17 DPV DB . 11.03 -35.08 -5.18
H17A DPV DB . 12.12 -34.66 -6.52
H18 DPV DB . 10.19 -34.09 -7.94
H18A DPV DB . 9.05 -34.76 -6.75
H19 DPV DB . 9.78 -32.94 -5.10
H19A DPV DB . 10.78 -32.25 -6.43
H20 DPV DB . 7.72 -32.72 -6.72
H20A DPV DB . 8.38 -31.22 -6.01
H21 DPV DB . 9.73 -30.87 -8.08
H21A DPV DB . 8.98 -32.24 -8.89
H22 DPV DB . 6.73 -31.22 -8.66
H22A DPV DB . 7.43 -29.73 -7.92
H23 DPV DB . 8.03 -30.73 -10.75
H23A DPV DB . 8.76 -29.30 -9.99
H23B DPV DB . 7.02 -29.37 -10.29
N DPV EB . 15.92 -37.15 -5.12
P DPV EB . 16.89 -34.10 -8.57
C1 DPV EB . 15.05 -32.42 -9.35
C2 DPV EB . 13.78 -32.34 -10.24
C3 DPV EB . 13.40 -30.86 -10.58
C4 DPV EB . 15.34 -35.03 -6.62
C5 DPV EB . 14.86 -36.35 -5.94
C6 DPV EB . 16.87 -37.90 -6.08
C7 DPV EB . 15.16 -38.19 -4.27
C8 DPV EB . 16.73 -36.28 -4.15
C15 DPV EB . 12.62 -30.19 -9.41
C16 DPV EB . 12.00 -28.80 -9.87
C17 DPV EB . 11.08 -28.19 -8.78
C18 DPV EB . 10.63 -26.74 -9.16
C19 DPV EB . 9.74 -26.04 -8.03
O1P DPV EB . 17.36 -33.01 -7.71
C20 DPV EB . 8.28 -26.62 -7.92
C21 DPV EB . 7.34 -25.97 -8.97
C22 DPV EB . 5.89 -26.56 -8.93
C23 DPV EB . 4.92 -25.75 -9.84
O2P DPV EB . 17.96 -34.55 -9.49
O3P DPV EB . 15.50 -33.79 -9.31
O4P DPV EB . 16.19 -35.31 -7.77
H1 DPV EB . 15.81 -31.84 -9.81
H1A DPV EB . 14.82 -32.08 -8.34
H2 DPV EB . 14.00 -32.87 -11.21
H2A DPV EB . 12.94 -32.83 -9.74
H3 DPV EB . 12.78 -30.88 -11.50
H3A DPV EB . 14.32 -30.26 -10.75
H4 DPV EB . 14.44 -34.45 -6.94
H4A DPV EB . 15.91 -34.38 -5.94
H5 DPV EB . 14.06 -36.08 -5.20
H5A DPV EB . 14.42 -37.04 -6.68
H6 DPV EB . 17.43 -37.19 -6.69
H6A DPV EB . 16.27 -38.53 -6.74
H6B DPV EB . 17.56 -38.51 -5.48
H7 DPV EB . 15.92 -38.87 -3.87
H7A DPV EB . 14.45 -38.70 -4.93
H7B DPV EB . 14.65 -37.62 -3.48
H8 DPV EB . 16.00 -35.64 -3.65
H8A DPV EB . 17.44 -35.69 -4.72
H8B DPV EB . 17.25 -36.95 -3.45
H15 DPV EB . 13.32 -30.12 -8.56
H15A DPV EB . 11.78 -30.84 -9.11
H16 DPV EB . 12.83 -28.09 -10.10
H16A DPV EB . 11.39 -28.93 -10.78
H17 DPV EB . 10.21 -28.85 -8.60
H17A DPV EB . 11.63 -28.16 -7.82
H18 DPV EB . 11.54 -26.14 -9.29
H18A DPV EB . 10.08 -26.71 -10.09
H19 DPV EB . 10.24 -26.18 -7.06
H19A DPV EB . 9.68 -24.95 -8.21
H20 DPV EB . 8.30 -27.68 -8.03
H20A DPV EB . 7.91 -26.36 -6.94
H21 DPV EB . 7.27 -24.90 -8.77
H21A DPV EB . 7.76 -26.07 -9.98
H22 DPV EB . 5.87 -27.62 -9.24
H22A DPV EB . 5.52 -26.55 -7.90
H23 DPV EB . 3.91 -26.18 -9.80
H23A DPV EB . 5.28 -25.75 -10.88
H23B DPV EB . 4.88 -24.71 -9.51
N DPV FB . 11.55 -26.83 13.47
P DPV FB . 13.59 -28.35 8.93
C1 DPV FB . 15.82 -29.51 8.37
C2 DPV FB . 17.15 -29.01 7.71
C3 DPV FB . 16.88 -28.37 6.33
C4 DPV FB . 12.42 -27.70 11.15
C5 DPV FB . 12.76 -27.30 12.62
C6 DPV FB . 10.51 -27.98 13.70
C7 DPV FB . 10.85 -25.59 12.89
C8 DPV FB . 12.05 -26.42 14.86
C15 DPV FB . 18.14 -27.84 5.63
C16 DPV FB . 17.83 -27.40 4.16
C17 DPV FB . 19.17 -27.06 3.46
C18 DPV FB . 18.98 -26.71 1.94
C19 DPV FB . 20.29 -26.13 1.33
O1P DPV FB . 12.94 -29.64 8.64
C20 DPV FB . 20.21 -25.76 -0.16
C21 DPV FB . 21.57 -25.20 -0.70
C22 DPV FB . 21.49 -24.65 -2.14
C23 DPV FB . 21.39 -25.75 -3.22
O2P DPV FB . 13.05 -27.25 8.13
O3P DPV FB . 15.15 -28.39 8.95
O4P DPV FB . 13.66 -28.01 10.47
H1 DPV FB . 15.17 -29.96 7.62
H1A DPV FB . 16.07 -30.23 9.14
H2 DPV FB . 17.62 -28.26 8.37
H2A DPV FB . 17.81 -29.90 7.62
H3 DPV FB . 16.17 -27.55 6.47
H3A DPV FB . 16.43 -29.14 5.70
H4 DPV FB . 11.77 -28.61 11.11
H4A DPV FB . 11.91 -26.85 10.64
H5 DPV FB . 13.17 -28.15 13.11
H5A DPV FB . 13.46 -26.50 12.60
H6 DPV FB . 11.02 -28.86 14.11
H6A DPV FB . 10.06 -28.20 12.74
H6B DPV FB . 9.73 -27.64 14.37
H7 DPV FB . 11.53 -24.73 12.81
H7A DPV FB . 9.99 -25.29 13.50
H7B DPV FB . 10.47 -25.81 11.87
H8 DPV FB . 12.76 -25.61 14.77
H8A DPV FB . 12.51 -27.28 15.34
H8B DPV FB . 11.17 -26.11 15.45
H15 DPV FB . 18.86 -28.66 5.59
H15A DPV FB . 18.55 -27.02 6.21
H16 DPV FB . 17.32 -28.22 3.63
H16A DPV FB . 17.18 -26.52 4.17
H17 DPV FB . 19.69 -26.23 3.96
H17A DPV FB . 19.83 -27.93 3.51
H18 DPV FB . 18.60 -27.61 1.39
H18A DPV FB . 18.20 -25.97 1.83
H19 DPV FB . 20.58 -25.26 1.91
H19A DPV FB . 21.08 -26.87 1.49
H20 DPV FB . 19.87 -26.62 -0.70
H20A DPV FB . 19.42 -25.03 -0.27
H21 DPV FB . 21.96 -24.42 -0.03
H21A DPV FB . 22.30 -26.01 -0.66
H22 DPV FB . 20.63 -23.98 -2.25
H22A DPV FB . 22.39 -24.10 -2.29
H23 DPV FB . 21.34 -25.28 -4.19
H23A DPV FB . 20.50 -26.35 -3.08
H23B DPV FB . 22.27 -26.38 -3.18
N DPV GB . 27.37 -22.93 5.00
P DPV GB . 27.80 -21.54 -0.08
C1 DPV GB . 25.67 -20.92 -1.36
C2 DPV GB . 24.29 -21.47 -1.84
C3 DPV GB . 23.57 -20.36 -2.60
C4 DPV GB . 27.33 -22.06 2.47
C5 DPV GB . 27.41 -23.28 3.46
C6 DPV GB . 28.48 -21.95 5.39
C7 DPV GB . 27.63 -24.26 5.76
C8 DPV GB . 26.00 -22.40 5.41
C15 DPV GB . 22.18 -20.81 -3.13
C16 DPV GB . 21.29 -19.60 -3.58
C17 DPV GB . 19.83 -20.02 -3.76
C18 DPV GB . 18.92 -18.84 -4.11
C19 DPV GB . 17.43 -19.24 -4.13
O1P DPV GB . 28.10 -20.13 0.36
C20 DPV GB . 16.53 -18.13 -4.71
C21 DPV GB . 16.45 -16.85 -3.86
C22 DPV GB . 15.47 -15.79 -4.48
C23 DPV GB . 14.01 -16.01 -4.05
O2P DPV GB . 28.73 -22.01 -1.13
O3P DPV GB . 26.26 -21.78 -0.42
O4P DPV GB . 27.65 -22.58 1.13
H1 DPV GB . 26.37 -20.84 -2.22
H1A DPV GB . 25.59 -19.91 -0.89
H2 DPV GB . 24.45 -22.31 -2.50
H2A DPV GB . 23.69 -21.80 -0.98
H3 DPV GB . 24.23 -20.00 -3.41
H3A DPV GB . 23.43 -19.49 -1.91
H4 DPV GB . 26.33 -21.64 2.49
H4A DPV GB . 28.07 -21.31 2.74
H5 DPV GB . 26.59 -23.97 3.27
H5A DPV GB . 28.36 -23.80 3.28
H6 DPV GB . 28.32 -20.99 4.90
H6A DPV GB . 29.43 -22.37 5.10
H6B DPV GB . 28.47 -21.79 6.46
H7 DPV GB . 26.88 -24.98 5.44
H7A DPV GB . 27.55 -24.07 6.82
H7B DPV GB . 28.61 -24.62 5.48
H8 DPV GB . 25.24 -23.14 5.19
H8A DPV GB . 25.81 -21.48 4.88
H8B DPV GB . 26.00 -22.23 6.48
H15 DPV GB . 21.64 -21.36 -2.35
H15A DPV GB . 22.32 -21.53 -3.94
H16 DPV GB . 21.30 -18.81 -2.81
H16A DPV GB . 21.71 -19.15 -4.50
H17 DPV GB . 19.77 -20.75 -4.57
H17A DPV GB . 19.48 -20.50 -2.84
H18 DPV GB . 19.06 -18.03 -3.37
H18A DPV GB . 19.23 -18.43 -5.09
H19 DPV GB . 17.32 -20.17 -4.70
H19A DPV GB . 17.08 -19.46 -3.12
H20 DPV GB . 16.90 -17.90 -5.74
H20A DPV GB . 15.49 -18.55 -4.81
H21 DPV GB . 16.17 -17.10 -2.82
H21A DPV GB . 17.46 -16.40 -3.80
H22 DPV GB . 15.78 -14.77 -4.18
H22A DPV GB . 15.54 -15.84 -5.60
H23 DPV GB . 13.90 -15.92 -2.97
H23A DPV GB . 13.67 -16.99 -4.36
H23B DPV GB . 13.34 -15.28 -4.52
N DPV HB . 27.06 -5.48 5.52
P DPV HB . 27.24 -10.16 6.64
C1 DPV HB . 28.18 -11.40 8.73
C2 DPV HB . 27.73 -12.33 9.86
C3 DPV HB . 27.31 -13.75 9.39
C4 DPV HB . 27.75 -7.60 7.06
C5 DPV HB . 26.95 -7.01 5.85
C6 DPV HB . 26.36 -4.61 6.58
C7 DPV HB . 26.38 -5.22 4.19
C8 DPV HB . 28.55 -5.01 5.44
C15 DPV HB . 28.50 -14.70 9.10
C16 DPV HB . 27.97 -16.07 8.56
C17 DPV HB . 29.13 -17.02 8.25
C18 DPV HB . 28.65 -18.39 7.66
C19 DPV HB . 28.34 -18.25 6.12
O1P DPV HB . 26.11 -10.29 5.69
C20 DPV HB . 26.84 -18.44 5.80
C21 DPV HB . 26.62 -18.35 4.23
C22 DPV HB . 25.17 -18.53 3.76
C23 DPV HB . 25.07 -18.53 2.20
O2P DPV HB . 28.57 -10.38 6.00
O3P DPV HB . 27.05 -11.03 7.98
O4P DPV HB . 27.15 -8.81 7.55
H1 DPV HB . 28.66 -10.49 9.16
H1A DPV HB . 28.89 -11.91 8.05
H2 DPV HB . 28.53 -12.36 10.63
H2A DPV HB . 26.85 -11.89 10.37
H3 DPV HB . 26.77 -13.65 8.47
H3A DPV HB . 26.67 -14.20 10.12
H4 DPV HB . 28.82 -7.79 6.81
H4A DPV HB . 27.69 -6.85 7.90
H5 DPV HB . 27.19 -7.60 4.94
H5A DPV HB . 25.87 -7.18 6.04
H6 DPV HB . 26.50 -3.57 6.31
H6A DPV HB . 26.78 -4.80 7.55
H6B DPV HB . 25.31 -4.87 6.58
H7 DPV HB . 26.76 -5.94 3.46
H7A DPV HB . 26.57 -4.19 3.87
H7B DPV HB . 25.31 -5.35 4.33
H8 DPV HB . 29.14 -5.76 4.92
H8A DPV HB . 28.94 -4.86 6.46
H8B DPV HB . 28.64 -4.06 4.90
H15 DPV HB . 29.05 -14.85 10.05
H15A DPV HB . 29.20 -14.23 8.38
H16 DPV HB . 27.29 -16.51 9.27
H16A DPV HB . 27.38 -15.88 7.64
H17 DPV HB . 29.86 -16.55 7.57
H17A DPV HB . 29.63 -17.23 9.20
H18 DPV HB . 29.46 -19.12 7.76
H18A DPV HB . 27.80 -18.77 8.23
H19 DPV HB . 28.66 -17.28 5.79
H19A DPV HB . 28.89 -18.98 5.58
H20 DPV HB . 26.46 -19.38 6.19
H20A DPV HB . 26.26 -17.62 6.25
H21 DPV HB . 26.94 -17.36 3.88
H21A DPV HB . 27.22 -19.11 3.70
H22 DPV HB . 24.79 -19.50 4.15
H22A DPV HB . 24.53 -17.75 4.18
H23 DPV HB . 25.31 -17.57 1.78
H23A DPV HB . 24.03 -18.72 1.90
H23B DPV HB . 25.68 -19.34 1.79
N DPV IB . -8.84 -2.77 -10.25
P DPV IB . -4.07 -1.10 -10.94
C1 DPV IB . -2.04 -1.89 -12.34
C2 DPV IB . -0.58 -1.76 -11.84
C3 DPV IB . 0.40 -1.58 -13.05
C4 DPV IB . -6.36 -1.91 -10.00
C5 DPV IB . -7.32 -3.06 -10.43
C6 DPV IB . -9.19 -2.64 -8.74
C7 DPV IB . -9.62 -3.94 -10.81
C8 DPV IB . -9.30 -1.49 -10.96
C15 DPV IB . 1.85 -1.45 -12.57
C16 DPV IB . 2.86 -1.61 -13.78
C17 DPV IB . 4.32 -1.22 -13.35
C18 DPV IB . 5.43 -1.85 -14.29
C19 DPV IB . 5.85 -3.28 -13.87
O1P DPV IB . -4.60 -0.44 -12.14
C20 DPV IB . 6.89 -3.90 -14.87
C21 DPV IB . 7.12 -5.38 -14.62
C22 DPV IB . 8.24 -5.96 -15.47
C23 DPV IB . 8.43 -7.45 -15.20
O2P DPV IB . -3.67 -0.12 -9.93
O3P DPV IB . -2.94 -2.19 -11.28
O4P DPV IB . -5.03 -2.27 -10.39
H1 DPV IB . -2.36 -0.99 -12.89
H1A DPV IB . -2.10 -2.73 -13.03
H2 DPV IB . -0.55 -0.92 -11.18
H2A DPV IB . -0.30 -2.67 -11.29
H3 DPV IB . 0.13 -0.68 -13.63
H3A DPV IB . 0.28 -2.45 -13.73
H4 DPV IB . -6.63 -0.99 -10.52
H4A DPV IB . -6.38 -1.80 -8.92
H5 DPV IB . -7.12 -3.31 -11.49
H5A DPV IB . -7.09 -3.99 -9.87
H6 DPV IB . -8.64 -1.78 -8.36
H6A DPV IB . -8.87 -3.53 -8.19
H6B DPV IB . -10.27 -2.44 -8.65
H7 DPV IB . -9.42 -4.08 -11.88
H7A DPV IB . -10.68 -3.78 -10.65
H7B DPV IB . -9.32 -4.84 -10.27
H8 DPV IB . -10.39 -1.40 -10.86
H8A DPV IB . -9.03 -1.57 -12.02
H8B DPV IB . -8.83 -0.63 -10.48
H15 DPV IB . 2.10 -2.20 -11.80
H15A DPV IB . 2.01 -0.46 -12.12
H16 DPV IB . 2.86 -2.64 -14.11
H16A DPV IB . 2.57 -0.99 -14.63
H17 DPV IB . 4.43 -0.14 -13.36
H17A DPV IB . 4.50 -1.54 -12.33
H18 DPV IB . 5.05 -1.81 -15.31
H18A DPV IB . 6.29 -1.22 -14.23
H19 DPV IB . 6.26 -3.25 -12.91
H19A DPV IB . 4.95 -3.88 -13.84
H20 DPV IB . 6.57 -3.68 -15.92
H20A DPV IB . 7.84 -3.37 -14.72
H21 DPV IB . 7.38 -5.53 -13.57
H21A DPV IB . 6.19 -5.91 -14.77
H22 DPV IB . 8.03 -5.77 -16.53
H22A DPV IB . 9.19 -5.46 -15.28
H23 DPV IB . 9.21 -7.84 -15.83
H23A DPV IB . 7.51 -7.98 -15.38
H23B DPV IB . 8.73 -7.61 -14.19
N DPV JB . -8.12 -16.70 -17.26
P DPV JB . -6.85 -14.87 -12.91
C1 DPV JB . -4.39 -14.33 -12.16
C2 DPV JB . -2.92 -14.47 -12.64
C3 DPV JB . -1.92 -14.17 -11.52
C4 DPV JB . -8.52 -15.57 -14.87
C5 DPV JB . -8.67 -15.51 -16.44
C6 DPV JB . -8.63 -18.02 -16.74
C7 DPV JB . -6.56 -16.70 -17.27
C8 DPV JB . -8.60 -16.55 -18.72
C15 DPV JB . -0.44 -14.58 -11.79
C16 DPV JB . 0.47 -14.39 -10.53
C17 DPV JB . 1.75 -15.25 -10.54
C18 DPV JB . 2.59 -15.13 -9.21
C19 DPV JB . 3.64 -13.98 -9.22
O1P DPV JB . -7.46 -13.59 -12.47
C20 DPV JB . 4.49 -13.96 -7.94
C21 DPV JB . 5.49 -12.73 -7.90
C22 DPV JB . 6.41 -12.77 -6.63
C23 DPV JB . 7.62 -11.81 -6.71
O2P DPV JB . -7.14 -15.95 -11.94
O3P DPV JB . -5.27 -14.72 -13.25
O4P DPV JB . -7.18 -15.24 -14.45
H1 DPV JB . -4.57 -14.94 -11.28
H1A DPV JB . -4.62 -13.30 -11.94
H2 DPV JB . -2.79 -15.51 -12.99
H2A DPV JB . -2.74 -13.81 -13.49
H3 DPV JB . -2.24 -14.68 -10.61
H3A DPV JB . -1.97 -13.10 -11.35
H4 DPV JB . -9.20 -14.83 -14.40
H4A DPV JB . -8.82 -16.57 -14.51
H5 DPV JB . -9.73 -15.45 -16.67
H5A DPV JB . -8.21 -14.62 -16.85
H6 DPV JB . -9.72 -17.98 -16.66
H6A DPV JB . -8.19 -18.19 -15.77
H6B DPV JB . -8.37 -18.81 -17.44
H7 DPV JB . -6.25 -17.49 -17.94
H7A DPV JB . -6.25 -16.92 -16.27
H7B DPV JB . -6.26 -15.75 -17.64
H8 DPV JB . -8.17 -15.63 -19.13
H8A DPV JB . -9.69 -16.52 -18.73
H8B DPV JB . -8.22 -17.37 -19.32
H15 DPV JB . -0.06 -14.01 -12.65
H15A DPV JB . -0.42 -15.65 -12.05
H16 DPV JB . 0.72 -13.33 -10.44
H16A DPV JB . -0.11 -14.69 -9.63
H17 DPV JB . 1.47 -16.33 -10.56
H17A DPV JB . 2.34 -15.01 -11.41
H18 DPV JB . 1.93 -15.00 -8.35
H18A DPV JB . 3.12 -16.06 -9.07
H19 DPV JB . 4.31 -14.11 -10.09
H19A DPV JB . 3.14 -13.01 -9.33
H20 DPV JB . 3.85 -13.93 -7.06
H20A DPV JB . 5.10 -14.88 -7.87
H21 DPV JB . 6.12 -12.81 -8.75
H21A DPV JB . 4.94 -11.82 -7.91
H22 DPV JB . 5.81 -12.51 -5.78
H22A DPV JB . 6.80 -13.80 -6.42
H23 DPV JB . 8.11 -11.80 -7.68
H23A DPV JB . 8.38 -12.04 -5.94
H23B DPV JB . 7.28 -10.80 -6.47
N DPV KB . -6.44 0.87 -1.55
P DPV KB . -6.90 -2.08 -5.00
C1 DPV KB . -5.93 -4.21 -3.76
C2 DPV KB . -5.13 -5.50 -4.13
C3 DPV KB . -3.56 -5.38 -3.91
C4 DPV KB . -6.12 0.24 -4.11
C5 DPV KB . -5.56 0.95 -2.82
C6 DPV KB . -5.60 1.47 -0.41
C7 DPV KB . -6.83 -0.58 -1.15
C8 DPV KB . -7.67 1.79 -1.73
C15 DPV KB . -2.78 -6.29 -4.89
C16 DPV KB . -1.26 -5.97 -4.84
C17 DPV KB . -0.46 -6.63 -6.00
C18 DPV KB . 0.90 -5.93 -6.21
C19 DPV KB . 1.68 -6.44 -7.45
O1P DPV KB . -8.21 -2.36 -4.39
C20 DPV KB . 1.16 -5.79 -8.79
C21 DPV KB . 2.03 -6.12 -10.02
C22 DPV KB . 1.54 -5.43 -11.29
C23 DPV KB . 2.56 -5.56 -12.49
O2P DPV KB . -7.02 -1.58 -6.37
O3P DPV KB . -5.90 -3.35 -4.92
O4P DPV KB . -5.93 -1.19 -4.08
H1 DPV KB . -6.99 -4.44 -3.56
H1A DPV KB . -5.47 -3.72 -2.90
H2 DPV KB . -5.50 -6.36 -3.53
H2A DPV KB . -5.32 -5.79 -5.17
H3 DPV KB . -3.28 -5.69 -2.88
H3A DPV KB . -3.27 -4.32 -4.03
H4 DPV KB . -7.19 0.47 -4.24
H4A DPV KB . -5.56 0.61 -4.99
H5 DPV KB . -4.58 0.57 -2.56
H5A DPV KB . -5.44 2.03 -3.05
H6 DPV KB . -5.29 2.47 -0.70
H6A DPV KB . -4.75 0.83 -0.24
H6B DPV KB . -6.20 1.56 0.50
H7 DPV KB . -7.61 -0.96 -1.84
H7A DPV KB . -7.24 -0.60 -0.14
H7B DPV KB . -5.92 -1.15 -1.17
H8 DPV KB . -8.40 1.28 -2.38
H8A DPV KB . -7.39 2.77 -2.22
H8B DPV KB . -8.09 1.99 -0.74
H15 DPV KB . -3.13 -6.05 -5.89
H15A DPV KB . -2.95 -7.34 -4.66
H16 DPV KB . -1.07 -4.87 -4.81
H16A DPV KB . -0.81 -6.34 -3.88
H17 DPV KB . -0.32 -7.71 -5.82
H17A DPV KB . -1.06 -6.63 -6.92
H18 DPV KB . 0.79 -4.87 -6.28
H18A DPV KB . 1.50 -6.08 -5.32
H19 DPV KB . 2.73 -6.15 -7.31
H19A DPV KB . 1.63 -7.54 -7.54
H20 DPV KB . 0.14 -6.12 -8.96
H20A DPV KB . 1.11 -4.71 -8.68
H21 DPV KB . 3.08 -5.79 -9.80
H21A DPV KB . 2.05 -7.23 -10.21
H22 DPV KB . 0.59 -5.86 -11.60
H22A DPV KB . 1.39 -4.35 -11.13
H23 DPV KB . 3.49 -5.05 -12.26
H23A DPV KB . 2.15 -5.17 -13.44
H23B DPV KB . 2.79 -6.61 -12.66
N DPV LB . 32.20 -13.52 -3.47
P DPV LB . 30.90 -17.04 -0.58
C1 DPV LB . 30.26 -18.46 -2.68
C2 DPV LB . 29.00 -19.05 -3.34
C3 DPV LB . 29.34 -19.88 -4.59
C4 DPV LB . 32.18 -14.88 -1.18
C5 DPV LB . 31.98 -13.52 -1.91
C6 DPV LB . 32.09 -12.05 -3.94
C7 DPV LB . 31.19 -14.38 -4.24
C8 DPV LB . 33.60 -13.96 -3.86
C15 DPV LB . 28.06 -20.28 -5.42
C16 DPV LB . 27.54 -21.67 -4.99
C17 DPV LB . 26.14 -21.94 -5.55
C18 DPV LB . 25.79 -23.44 -5.43
C19 DPV LB . 24.45 -23.75 -6.12
O1P DPV LB . 32.08 -17.86 -0.45
C20 DPV LB . 24.22 -25.27 -6.20
C21 DPV LB . 22.88 -25.62 -6.91
C22 DPV LB . 22.52 -27.11 -6.76
C23 DPV LB . 21.17 -27.51 -7.46
O2P DPV LB . 30.31 -16.70 0.71
O3P DPV LB . 29.80 -17.63 -1.59
O4P DPV LB . 31.09 -15.76 -1.50
H1 DPV LB . 30.89 -19.27 -2.27
H1A DPV LB . 30.86 -17.86 -3.40
H2 DPV LB . 28.45 -19.66 -2.61
H2A DPV LB . 28.34 -18.23 -3.64
H3 DPV LB . 29.98 -20.80 -4.35
H3A DPV LB . 29.99 -19.26 -5.23
H4 DPV LB . 33.14 -15.33 -1.50
H4A DPV LB . 32.20 -14.73 -0.08
H5 DPV LB . 30.93 -13.16 -1.74
H5A DPV LB . 32.71 -12.76 -1.48
H6 DPV LB . 31.13 -11.63 -3.67
H6A DPV LB . 32.22 -12.00 -5.02
H6B DPV LB . 32.89 -11.47 -3.49
H7 DPV LB . 31.39 -15.45 -4.00
H7A DPV LB . 31.33 -14.24 -5.33
H7B DPV LB . 30.16 -14.08 -3.95
H8 DPV LB . 33.72 -15.00 -3.56
H8A DPV LB . 34.32 -13.34 -3.33
H8B DPV LB . 33.73 -13.84 -4.93
H15 DPV LB . 28.34 -20.33 -6.48
H15A DPV LB . 27.28 -19.51 -5.33
H16 DPV LB . 28.23 -22.45 -5.37
H16A DPV LB . 27.51 -21.76 -3.88
H17 DPV LB . 25.40 -21.36 -5.05
H17A DPV LB . 26.09 -21.63 -6.55
H18 DPV LB . 26.61 -24.03 -5.93
H18A DPV LB . 25.77 -23.74 -4.37
H19 DPV LB . 23.58 -23.30 -5.59
H19A DPV LB . 24.47 -23.33 -7.14
H20 DPV LB . 25.04 -25.74 -6.77
H20A DPV LB . 24.21 -25.69 -5.20
H21 DPV LB . 22.04 -25.04 -6.48
H21A DPV LB . 22.92 -25.38 -7.97
H22 DPV LB . 23.28 -27.69 -7.24
H22A DPV LB . 22.42 -27.38 -5.73
H23 DPV LB . 20.88 -28.55 -7.10
H23A DPV LB . 21.31 -27.55 -8.57
H23B DPV LB . 20.32 -26.83 -7.20
N DPV MB . 28.33 -22.06 -15.02
P DPV MB . 23.78 -23.21 -17.27
C1 DPV MB . 21.31 -22.44 -16.89
C2 DPV MB . 20.31 -21.99 -15.80
C3 DPV MB . 20.10 -23.04 -14.70
C4 DPV MB . 26.15 -22.69 -16.34
C5 DPV MB . 26.88 -22.54 -14.95
C6 DPV MB . 28.43 -20.58 -15.50
C7 DPV MB . 29.25 -22.98 -15.86
C8 DPV MB . 28.87 -22.13 -13.57
C15 DPV MB . 19.21 -22.46 -13.53
C16 DPV MB . 19.13 -23.46 -12.37
C17 DPV MB . 18.23 -22.98 -11.18
C18 DPV MB . 16.74 -23.10 -11.42
C19 DPV MB . 15.94 -22.85 -10.11
O1P DPV MB . 24.01 -22.23 -18.33
C20 DPV MB . 14.41 -22.87 -10.31
C21 DPV MB . 13.75 -23.05 -8.97
C22 DPV MB . 12.17 -22.85 -9.02
C23 DPV MB . 11.78 -21.41 -8.81
O2P DPV MB . 23.72 -24.59 -17.80
O3P DPV MB . 22.59 -22.84 -16.30
O4P DPV MB . 24.80 -23.04 -16.04
H1 DPV MB . 20.91 -23.26 -17.46
H1A DPV MB . 21.50 -21.60 -17.56
H2 DPV MB . 20.70 -21.07 -15.35
H2A DPV MB . 19.36 -21.73 -16.25
H3 DPV MB . 21.06 -23.38 -14.34
H3A DPV MB . 19.57 -23.91 -15.13
H4 DPV MB . 26.16 -21.74 -16.88
H4A DPV MB . 26.63 -23.49 -16.91
H5 DPV MB . 26.31 -21.81 -14.31
H5A DPV MB . 26.89 -23.54 -14.41
H6 DPV MB . 27.90 -19.98 -14.77
H6A DPV MB . 27.98 -20.50 -16.47
H6B DPV MB . 29.47 -20.28 -15.54
H7 DPV MB . 29.17 -24.02 -15.50
H7A DPV MB . 30.30 -22.63 -15.75
H7B DPV MB . 28.92 -22.89 -16.90
H8 DPV MB . 28.84 -23.16 -13.25
H8A DPV MB . 28.24 -21.50 -12.92
H8B DPV MB . 29.87 -21.75 -13.51
H15 DPV MB . 18.22 -22.22 -13.92
H15A DPV MB . 19.64 -21.54 -13.13
H16 DPV MB . 18.78 -24.40 -12.77
H16A DPV MB . 20.13 -23.61 -11.99
H17 DPV MB . 18.47 -23.62 -10.31
H17A DPV MB . 18.48 -21.93 -10.88
H18 DPV MB . 16.46 -22.34 -12.17
H18A DPV MB . 16.48 -24.10 -11.87
H19 DPV MB . 16.19 -23.61 -9.43
H19A DPV MB . 16.23 -21.92 -9.70
H20 DPV MB . 14.10 -21.94 -10.77
H20A DPV MB . 14.08 -23.68 -10.96
H21 DPV MB . 13.94 -24.10 -8.71
H21A DPV MB . 14.22 -22.41 -8.21
H22 DPV MB . 11.73 -23.20 -9.98
H22A DPV MB . 11.73 -23.47 -8.24
H23 DPV MB . 12.23 -20.77 -9.59
H23A DPV MB . 12.07 -21.08 -7.81
H23B DPV MB . 10.70 -21.29 -8.90
N DPV NB . 21.82 -30.07 -1.86
P DPV NB . 22.66 -29.50 2.61
C1 DPV NB . 24.06 -27.69 3.84
C2 DPV NB . 24.48 -26.22 3.68
C3 DPV NB . 23.29 -25.24 3.83
C4 DPV NB . 20.97 -29.92 0.65
C5 DPV NB . 20.71 -29.57 -0.86
C6 DPV NB . 23.17 -29.42 -1.58
C7 DPV NB . 21.40 -29.65 -3.28
C8 DPV NB . 21.95 -31.62 -1.81
C15 DPV NB . 23.47 -24.00 2.89
C16 DPV NB . 22.32 -23.02 3.01
C17 DPV NB . 22.42 -21.81 2.02
C18 DPV NB . 20.99 -21.31 1.68
C19 DPV NB . 20.97 -20.00 0.90
O1P DPV NB . 21.64 -29.57 3.69
C20 DPV NB . 19.48 -19.57 0.63
C21 DPV NB . 19.46 -18.16 -0.07
C22 DPV NB . 18.03 -17.75 -0.49
C23 DPV NB . 17.26 -17.15 0.67
O2P DPV NB . 23.55 -30.69 2.53
O3P DPV NB . 23.46 -28.12 2.59
O4P DPV NB . 22.06 -29.10 1.19
H1 DPV NB . 24.93 -28.32 4.02
H1A DPV NB . 23.35 -27.78 4.66
H2 DPV NB . 25.29 -26.00 4.38
H2A DPV NB . 24.92 -26.16 2.67
H3 DPV NB . 23.24 -24.92 4.87
H3A DPV NB . 22.36 -25.76 3.57
H4 DPV NB . 20.08 -29.72 1.25
H4A DPV NB . 21.21 -30.99 0.76
H5 DPV NB . 19.77 -30.01 -1.17
H5A DPV NB . 20.66 -28.51 -0.95
H6 DPV NB . 23.06 -28.34 -1.52
H6A DPV NB . 23.85 -29.66 -2.40
H6B DPV NB . 23.58 -29.84 -0.65
H7 DPV NB . 20.43 -30.07 -3.53
H7A DPV NB . 22.13 -29.98 -4.01
H7B DPV NB . 21.30 -28.58 -3.31
H8 DPV NB . 20.95 -32.05 -1.99
H8A DPV NB . 22.34 -31.89 -0.82
H8B DPV NB . 22.68 -31.94 -2.57
H15 DPV NB . 23.56 -24.31 1.88
H15A DPV NB . 24.43 -23.52 3.09
H16 DPV NB . 21.37 -23.59 2.92
H16A DPV NB . 22.34 -22.64 4.04
H17 DPV NB . 23.00 -21.00 2.42
H17A DPV NB . 22.92 -22.14 1.14
H18 DPV NB . 20.51 -22.08 1.10
H18A DPV NB . 20.42 -21.15 2.59
H19 DPV NB . 21.47 -19.20 1.52
H19A DPV NB . 21.55 -20.13 -0.03
H20 DPV NB . 18.97 -20.33 0.00
H20A DPV NB . 18.95 -19.49 1.57
H21 DPV NB . 19.88 -17.41 0.60
H21A DPV NB . 20.07 -18.20 -0.95
H22 DPV NB . 18.07 -17.04 -1.33
H22A DPV NB . 17.50 -18.61 -0.87
H23 DPV NB . 16.23 -17.00 0.36
H23A DPV NB . 17.71 -16.18 0.94
H23B DPV NB . 17.26 -17.78 1.57
N DPV OB . -12.96 -9.59 -9.92
P DPV OB . -8.19 -9.97 -9.99
C1 DPV OB . -6.09 -10.69 -11.35
C2 DPV OB . -4.80 -10.10 -11.89
C3 DPV OB . -3.71 -9.89 -10.80
C4 DPV OB . -10.50 -8.74 -10.51
C5 DPV OB . -11.44 -9.89 -9.91
C6 DPV OB . -13.69 -10.65 -9.04
C7 DPV OB . -13.33 -8.17 -9.36
C8 DPV OB . -13.53 -9.70 -11.34
C15 DPV OB . -2.50 -9.09 -11.38
C16 DPV OB . -1.27 -9.12 -10.40
C17 DPV OB . -0.40 -10.38 -10.64
C18 DPV OB . 0.77 -10.48 -9.66
C19 DPV OB . 0.38 -11.14 -8.29
O1P DPV OB . -8.39 -11.41 -9.79
C20 DPV OB . 1.58 -11.11 -7.31
C21 DPV OB . 1.34 -12.08 -6.12
C22 DPV OB . 2.47 -12.03 -5.02
C23 DPV OB . 2.29 -10.85 -4.05
O2P DPV OB . -8.01 -9.25 -8.72
O3P DPV OB . -7.05 -9.63 -11.07
O4P DPV OB . -9.26 -9.34 -10.99
H1 DPV OB . -6.54 -11.38 -12.08
H1A DPV OB . -5.86 -11.23 -10.44
H2 DPV OB . -4.42 -10.76 -12.71
H2A DPV OB . -5.00 -9.13 -12.43
H3 DPV OB . -3.37 -10.89 -10.49
H3A DPV OB . -4.12 -9.42 -9.89
H4 DPV OB . -11.01 -8.25 -11.35
H4A DPV OB . -10.26 -7.99 -9.77
H5 DPV OB . -11.29 -10.86 -10.43
H5A DPV OB . -11.14 -10.06 -8.86
H6 DPV OB . -13.52 -11.61 -9.48
H6A DPV OB . -14.74 -10.42 -9.03
H6B DPV OB . -13.31 -10.60 -8.03
H7 DPV OB . -12.87 -7.40 -10.00
H7A DPV OB . -12.96 -8.10 -8.34
H7B DPV OB . -14.42 -8.06 -9.42
H8 DPV OB . -12.98 -9.00 -11.98
H8A DPV OB . -14.61 -9.42 -11.29
H8B DPV OB . -13.41 -10.71 -11.74
H15 DPV OB . -2.76 -8.07 -11.55
H15A DPV OB . -2.24 -9.55 -12.33
H16 DPV OB . -0.68 -8.23 -10.60
H16A DPV OB . -1.63 -9.05 -9.36
H17 DPV OB . -1.02 -11.27 -10.56
H17A DPV OB . 0.01 -10.34 -11.64
H18 DPV OB . 1.53 -11.06 -10.11
H18A DPV OB . 1.18 -9.50 -9.49
H19 DPV OB . -0.46 -10.62 -7.84
H19A DPV OB . 0.11 -12.17 -8.49
H20 DPV OB . 2.51 -11.44 -7.81
H20A DPV OB . 1.70 -10.08 -6.95
H21 DPV OB . 0.33 -11.87 -5.63
H21A DPV OB . 1.26 -13.14 -6.54
H22 DPV OB . 2.39 -12.95 -4.43
H22A DPV OB . 3.46 -11.99 -5.48
H23 DPV OB . 3.17 -10.73 -3.44
H23A DPV OB . 1.45 -11.04 -3.41
H23B DPV OB . 2.07 -9.93 -4.57
N GLY A 1 -4.15 2.31 -6.01
CA GLY A 1 -3.58 1.04 -6.54
C GLY A 1 -2.73 0.31 -5.53
N LEU A 2 -1.84 -0.55 -6.03
CA LEU A 2 -1.01 -1.42 -5.19
C LEU A 2 0.00 -0.69 -4.32
N LEU A 3 0.50 0.48 -4.75
CA LEU A 3 1.52 1.15 -3.99
C LEU A 3 0.96 1.62 -2.66
N LYS A 4 -0.16 2.31 -2.71
CA LYS A 4 -0.78 2.78 -1.50
C LYS A 4 -1.16 1.59 -0.64
N TRP A 5 -1.62 0.55 -1.31
CA TRP A 5 -2.01 -0.66 -0.59
C TRP A 5 -0.82 -1.19 0.21
N ILE A 6 0.34 -1.31 -0.38
CA ILE A 6 1.51 -1.83 0.33
C ILE A 6 1.90 -0.91 1.47
N LYS A 7 1.92 0.39 1.23
CA LYS A 7 2.32 1.35 2.27
C LYS A 7 1.32 1.41 3.42
N THR A 8 0.06 1.14 3.15
CA THR A 8 -0.96 1.06 4.19
C THR A 8 -0.85 -0.28 4.93
N LEU A 9 -0.52 -1.35 4.22
CA LEU A 9 -0.36 -2.64 4.89
C LEU A 9 0.78 -2.55 5.87
N LEU A 10 1.83 -1.88 5.43
CA LEU A 10 2.99 -1.67 6.31
C LEU A 10 3.15 -0.19 6.60
N NH2 A 11 2.22 0.34 7.38
HN1 NH2 A 11 1.51 -0.24 7.71
HN2 NH2 A 11 2.24 1.31 7.63
UNK UNX B . 11.77 -14.13 -4.18
N DPV C . 30.37 -20.82 9.30
P DPV C . 27.65 -21.73 4.89
C1 DPV C . 26.25 -19.83 3.88
C2 DPV C . 24.83 -19.27 4.15
C3 DPV C . 24.11 -18.83 2.84
C4 DPV C . 28.95 -20.99 7.05
C5 DPV C . 29.16 -21.47 8.52
C6 DPV C . 31.71 -21.00 8.54
C7 DPV C . 30.46 -21.56 10.61
C8 DPV C . 30.15 -19.31 9.54
C15 DPV C . 22.75 -18.12 3.14
C16 DPV C . 21.82 -18.03 1.88
C17 DPV C . 22.14 -16.86 0.96
C18 DPV C . 21.36 -17.04 -0.39
C19 DPV C . 21.49 -15.88 -1.33
O1P DPV C . 26.95 -22.93 4.36
C20 DPV C . 20.79 -16.17 -2.65
C21 DPV C . 20.65 -14.89 -3.56
C22 DPV C . 19.97 -15.18 -4.90
C23 DPV C . 19.71 -13.88 -5.71
O2P DPV C . 28.87 -21.42 4.12
O3P DPV C . 26.68 -20.51 5.06
O4P DPV C . 27.88 -21.77 6.46
H1 DPV C . 26.15 -20.56 3.05
H1A DPV C . 26.98 -19.04 3.61
H2 DPV C . 24.24 -20.03 4.69
H2A DPV C . 24.94 -18.43 4.84
H3 DPV C . 23.91 -19.71 2.22
H3A DPV C . 24.78 -18.16 2.26
H4 DPV C . 28.67 -19.95 7.02
H4A DPV C . 29.86 -21.10 6.46
H5 DPV C . 28.24 -21.24 9.08
H5A DPV C . 29.33 -22.57 8.55
H6 DPV C . 31.65 -20.43 7.61
H6A DPV C . 31.88 -22.07 8.33
H6B DPV C . 32.53 -20.60 9.14
H7 DPV C . 30.59 -22.63 10.42
H7A DPV C . 29.54 -21.45 11.17
H7B DPV C . 31.28 -21.15 11.22
H8 DPV C . 29.18 -19.21 10.06
H8A DPV C . 30.17 -18.79 8.57
H8B DPV C . 30.96 -18.89 10.15
H15 DPV C . 22.96 -17.12 3.51
H15A DPV C . 22.22 -18.62 3.95
H16 DPV C . 21.89 -18.92 1.30
H16A DPV C . 20.78 -17.90 2.21
H17 DPV C . 21.81 -15.91 1.41
H17A DPV C . 23.21 -16.82 0.76
H18 DPV C . 21.70 -17.95 -0.93
H18A DPV C . 20.28 -17.21 -0.19
H19 DPV C . 21.09 -14.98 -0.88
H19A DPV C . 22.53 -15.69 -1.51
H20 DPV C . 21.33 -16.97 -3.18
H20A DPV C . 19.78 -16.52 -2.43
H21 DPV C . 20.08 -14.13 -3.04
H21A DPV C . 21.63 -14.46 -3.72
H22 DPV C . 20.54 -15.85 -5.50
H22A DPV C . 19.02 -15.67 -4.73
H23 DPV C . 19.07 -13.22 -5.12
H23A DPV C . 19.26 -14.07 -6.68
H23B DPV C . 20.65 -13.35 -5.90
N DPV D . 27.68 -28.78 4.73
P DPV D . 24.34 -27.31 1.87
C1 DPV D . 22.19 -26.52 0.66
C2 DPV D . 20.79 -26.02 0.98
C3 DPV D . 20.16 -25.24 -0.21
C4 DPV D . 25.24 -28.85 3.79
C5 DPV D . 26.42 -27.98 4.25
C6 DPV D . 27.40 -29.51 6.02
C7 DPV D . 28.25 -29.72 3.65
C8 DPV D . 28.76 -27.71 5.06
C15 DPV D . 18.70 -24.78 0.12
C16 DPV D . 18.13 -23.91 -1.03
C17 DPV D . 16.69 -23.40 -0.67
C18 DPV D . 16.00 -22.65 -1.85
C19 DPV D . 14.50 -22.30 -1.55
O1P DPV D . 25.11 -26.05 1.88
C20 DPV D . 14.34 -21.15 -0.53
C21 DPV D . 12.87 -20.63 -0.42
C22 DPV D . 11.98 -21.49 0.51
C23 DPV D . 10.58 -20.85 0.66
O2P DPV D . 24.79 -28.23 0.83
O3P DPV D . 22.77 -27.08 1.87
O4P DPV D . 24.20 -27.99 3.31
H1 DPV D . 22.16 -27.29 -0.10
H1A DPV D . 22.80 -25.71 0.30
H2 DPV D . 20.16 -26.86 1.29
H2A DPV D . 20.87 -25.35 1.84
H3 DPV D . 20.16 -25.87 -1.09
H3A DPV D . 20.76 -24.37 -0.42
H4 DPV D . 25.54 -29.52 2.98
H4A DPV D . 24.88 -29.43 4.65
H5 DPV D . 26.73 -27.43 3.40
H5A DPV D . 26.12 -27.32 5.05
H6 DPV D . 26.63 -30.27 5.81
H6A DPV D . 27.02 -28.77 6.74
H6B DPV D . 28.34 -29.96 6.35
H7 DPV D . 28.43 -29.14 2.76
H7A DPV D . 27.53 -30.49 3.40
H7B DPV D . 29.19 -30.14 4.00
H8 DPV D . 29.03 -27.18 4.14
H8A DPV D . 29.66 -28.19 5.45
H8B DPV D . 28.35 -27.00 5.81
H15 DPV D . 18.73 -24.22 1.04
H15A DPV D . 18.05 -25.65 0.28
H16 DPV D . 18.79 -23.04 -1.17
H16A DPV D . 18.14 -24.50 -1.94
H17 DPV D . 16.07 -24.26 -0.42
H17A DPV D . 16.72 -22.80 0.25
H18 DPV D . 16.52 -21.75 -2.06
H18A DPV D . 16.05 -23.25 -2.70
H19 DPV D . 14.05 -21.97 -2.48
H19A DPV D . 13.97 -23.17 -1.17
H20 DPV D . 14.70 -21.49 0.46
H20A DPV D . 14.98 -20.33 -0.87
H21 DPV D . 12.88 -19.59 -0.07
H21A DPV D . 12.42 -20.59 -1.42
H22 DPV D . 11.83 -22.47 0.08
H22A DPV D . 12.44 -21.63 1.49
H23 DPV D . 9.93 -21.49 1.27
H23A DPV D . 10.08 -20.75 -0.30
H23B DPV D . 10.63 -19.87 1.15
N DPV E . 20.65 -9.75 -21.90
P DPV E . 21.38 -14.26 -23.96
C1 DPV E . 23.06 -14.86 -25.91
C2 DPV E . 24.13 -15.73 -25.23
C3 DPV E . 24.44 -17.09 -25.95
C4 DPV E . 20.56 -12.38 -22.34
C5 DPV E . 19.94 -10.96 -22.59
C6 DPV E . 22.11 -9.59 -22.37
C7 DPV E . 19.90 -8.48 -22.30
C8 DPV E . 20.62 -9.87 -20.37
C15 DPV E . 23.23 -18.07 -26.13
C16 DPV E . 22.52 -18.46 -24.78
C17 DPV E . 21.34 -19.38 -25.04
C18 DPV E . 20.36 -19.51 -23.83
C19 DPV E . 20.91 -20.33 -22.64
O1P DPV E . 20.15 -14.64 -24.72
C20 DPV E . 19.80 -20.62 -21.63
C21 DPV E . 20.35 -21.36 -20.36
C22 DPV E . 19.24 -21.77 -19.38
C23 DPV E . 19.85 -22.32 -18.08
O2P DPV E . 21.72 -15.24 -22.90
O3P DPV E . 22.63 -13.89 -24.92
O4P DPV E . 21.36 -12.73 -23.48
H1 DPV E . 23.48 -14.35 -26.80
H1A DPV E . 22.16 -15.42 -26.19
H2 DPV E . 25.07 -15.18 -25.17
H2A DPV E . 23.81 -15.95 -24.22
H3 DPV E . 25.24 -17.55 -25.38
H3A DPV E . 24.85 -16.89 -26.92
H4 DPV E . 21.23 -12.38 -21.49
H4A DPV E . 19.73 -13.10 -22.23
H5 DPV E . 19.92 -10.75 -23.69
H5A DPV E . 18.91 -10.99 -22.21
H6 DPV E . 22.66 -10.51 -22.13
H6A DPV E . 22.58 -8.75 -21.85
H6B DPV E . 22.15 -9.40 -23.46
H7 DPV E . 18.89 -8.54 -21.94
H7A DPV E . 19.96 -8.37 -23.37
H7B DPV E . 20.36 -7.61 -21.92
H8 DPV E . 21.03 -8.97 -19.95
H8A DPV E . 21.23 -10.71 -20.06
H8B DPV E . 19.62 -10.02 -20.05
H15 DPV E . 23.54 -18.97 -26.62
H15A DPV E . 22.53 -17.59 -26.82
H16 DPV E . 23.22 -18.93 -24.08
H16A DPV E . 22.16 -17.56 -24.26
H17 DPV E . 20.80 -19.00 -25.91
H17A DPV E . 21.71 -20.37 -25.27
H18 DPV E . 20.05 -18.50 -23.50
H18A DPV E . 19.42 -19.99 -24.17
H19 DPV E . 21.34 -21.28 -22.99
H19A DPV E . 21.69 -19.74 -22.20
H20 DPV E . 19.31 -19.67 -21.35
H20A DPV E . 18.99 -21.25 -22.11
H21 DPV E . 20.93 -22.25 -20.62
H21A DPV E . 21.03 -20.68 -19.89
H22 DPV E . 18.62 -20.90 -19.12
H22A DPV E . 18.64 -22.53 -19.90
H23 DPV E . 19.07 -22.71 -17.43
H23A DPV E . 20.43 -21.56 -17.55
H23B DPV E . 20.51 -23.17 -18.29
N DPV F . 0.54 -24.40 -20.61
P DPV F . 4.83 -24.31 -22.39
C1 DPV F . 5.68 -22.94 -24.51
C2 DPV F . 5.46 -21.53 -25.16
C3 DPV F . 6.29 -21.29 -26.46
C4 DPV F . 3.20 -24.14 -20.35
C5 DPV F . 1.77 -23.60 -19.98
C6 DPV F . -0.73 -23.63 -20.30
C7 DPV F . 0.44 -25.83 -20.06
C8 DPV F . 0.62 -24.48 -22.16
C15 DPV F . 7.80 -21.00 -26.18
C16 DPV F . 8.52 -20.46 -27.48
C17 DPV F . 10.00 -20.09 -27.23
C18 DPV F . 10.16 -18.68 -26.56
C19 DPV F . 11.64 -18.35 -26.30
O1P DPV F . 6.05 -24.23 -21.59
C20 DPV F . 11.85 -17.04 -25.47
C21 DPV F . 11.64 -17.24 -23.93
C22 DPV F . 12.71 -18.16 -23.27
C23 DPV F . 12.84 -17.89 -21.77
O2P DPV F . 4.63 -25.62 -22.96
O3P DPV F . 4.67 -23.10 -23.46
O4P DPV F . 3.51 -23.72 -21.68
H1 DPV F . 5.57 -23.78 -25.23
H1A DPV F . 6.70 -22.97 -24.11
H2 DPV F . 4.41 -21.41 -25.46
H2A DPV F . 5.64 -20.74 -24.41
H3 DPV F . 5.86 -20.44 -26.98
H3A DPV F . 6.18 -22.12 -27.14
H4 DPV F . 3.93 -23.71 -19.68
H4A DPV F . 3.25 -25.24 -20.31
H5 DPV F . 1.65 -23.64 -18.91
H5A DPV F . 1.65 -22.59 -20.29
H6 DPV F . -0.83 -23.55 -19.20
H6A DPV F . -1.58 -24.17 -20.73
H6B DPV F . -0.66 -22.63 -20.73
H7 DPV F . 1.34 -26.38 -20.29
H7A DPV F . -0.42 -26.34 -20.53
H7B DPV F . 0.34 -25.77 -18.97
H8 DPV F . 1.52 -25.01 -22.44
H8A DPV F . 0.65 -23.48 -22.55
H8B DPV F . -0.24 -25.03 -22.52
H15 DPV F . 8.30 -21.93 -25.83
H15A DPV F . 7.86 -20.24 -25.38
H16 DPV F . 8.54 -21.26 -28.22
H16A DPV F . 7.94 -19.63 -27.91
H17 DPV F . 10.44 -20.85 -26.63
H17A DPV F . 10.46 -20.09 -28.20
H18 DPV F . 9.67 -17.89 -27.14
H18A DPV F . 9.65 -18.73 -25.60
H19 DPV F . 12.14 -19.19 -25.87
H19A DPV F . 12.10 -18.18 -27.27
H20 DPV F . 12.87 -16.66 -25.62
H20A DPV F . 11.16 -16.27 -25.86
H21 DPV F . 11.64 -16.29 -23.45
H21A DPV F . 10.65 -17.69 -23.76
H22 DPV F . 12.42 -19.22 -23.40
H22A DPV F . 13.67 -17.97 -23.78
H23 DPV F . 13.06 -16.84 -21.61
H23A DPV F . 13.64 -18.51 -21.37
H23B DPV F . 11.92 -18.19 -21.24
N DPV G . 13.34 -22.91 -24.99
P DPV G . 9.57 -21.55 -22.43
C1 DPV G . 9.15 -19.41 -21.02
C2 DPV G . 9.35 -18.88 -19.59
C3 DPV G . 8.31 -19.53 -18.61
C4 DPV G . 11.53 -23.13 -23.07
C5 DPV G . 12.65 -22.26 -23.76
C6 DPV G . 12.35 -23.13 -26.16
C7 DPV G . 14.04 -24.22 -24.64
C8 DPV G . 14.38 -21.93 -25.47
C15 DPV G . 8.58 -19.00 -17.21
C16 DPV G . 7.46 -19.42 -16.26
C17 DPV G . 7.90 -19.29 -14.79
C18 DPV G . 6.75 -19.56 -13.80
C19 DPV G . 7.26 -19.66 -12.32
O1P DPV G . 9.75 -20.74 -23.65
C20 DPV G . 7.53 -18.28 -11.70
C21 DPV G . 8.09 -18.47 -10.23
C22 DPV G . 8.30 -17.12 -9.52
C23 DPV G . 9.00 -17.29 -8.16
O2P DPV G . 8.31 -22.34 -22.45
O3P DPV G . 9.73 -20.74 -21.10
O4P DPV G . 10.87 -22.40 -22.04
H1 DPV G . 8.09 -19.46 -21.21
H1A DPV G . 9.62 -18.79 -21.74
H2 DPV G . 10.38 -19.05 -19.27
H2A DPV G . 9.19 -17.81 -19.62
H3 DPV G . 8.37 -20.62 -18.66
H3A DPV G . 7.29 -19.25 -18.89
H4 DPV G . 10.78 -23.42 -23.80
H4A DPV G . 11.97 -24.01 -22.65
H5 DPV G . 12.19 -21.32 -24.11
H5A DPV G . 13.43 -22.04 -23.00
H6 DPV G . 11.88 -22.18 -26.42
H6A DPV G . 11.59 -23.84 -25.83
H6B DPV G . 12.85 -23.55 -27.02
H7 DPV G . 13.31 -24.94 -24.35
H7A DPV G . 14.69 -24.05 -23.82
H7B DPV G . 14.60 -24.57 -25.47
H8 DPV G . 15.12 -21.73 -24.70
H8A DPV G . 13.89 -20.99 -25.78
H8B DPV G . 14.93 -22.41 -26.28
H15 DPV G . 8.66 -17.89 -17.18
H15A DPV G . 9.53 -19.39 -16.85
H16 DPV G . 6.53 -18.79 -16.43
H16A DPV G . 7.23 -20.51 -16.48
H17 DPV G . 8.71 -20.01 -14.60
H17A DPV G . 8.25 -18.23 -14.60
H18 DPV G . 6.00 -18.77 -13.88
H18A DPV G . 6.23 -20.49 -14.03
H19 DPV G . 6.49 -20.18 -11.74
H19A DPV G . 8.17 -20.26 -12.28
H20 DPV G . 8.21 -17.69 -12.29
H20A DPV G . 6.58 -17.76 -11.66
H21 DPV G . 7.38 -19.06 -9.65
H21A DPV G . 9.06 -18.98 -10.25
H22 DPV G . 8.95 -16.46 -10.15
H22A DPV G . 7.33 -16.64 -9.37
H23 DPV G . 9.98 -17.71 -8.31
H23A DPV G . 8.42 -17.96 -7.52
H23B DPV G . 9.13 -16.31 -7.71
N DPV H . -2.14 -19.05 -17.62
P DPV H . -0.17 -23.60 -15.92
C1 DPV H . 2.42 -24.16 -15.88
C2 DPV H . 3.70 -23.67 -15.23
C3 DPV H . 4.93 -24.24 -16.02
C4 DPV H . -1.26 -21.47 -16.97
C5 DPV H . -1.36 -19.98 -16.61
C6 DPV H . -3.63 -19.45 -17.70
C7 DPV H . -1.50 -19.02 -19.03
C8 DPV H . -2.07 -17.64 -17.03
C15 DPV H . 6.30 -23.49 -15.63
C16 DPV H . 7.47 -24.21 -16.29
C17 DPV H . 8.79 -23.43 -16.13
C18 DPV H . 10.02 -24.23 -16.61
C19 DPV H . 11.35 -23.43 -16.63
O1P DPV H . -1.19 -24.06 -14.96
C20 DPV H . 11.53 -22.59 -17.94
C21 DPV H . 12.76 -21.65 -17.81
C22 DPV H . 13.04 -20.83 -19.10
C23 DPV H . 13.94 -21.59 -20.11
O2P DPV H . -0.20 -24.38 -17.18
O3P DPV H . 1.30 -23.48 -15.25
O4P DPV H . -0.18 -22.04 -16.16
H1 DPV H . 2.43 -23.90 -16.92
H1A DPV H . 2.36 -25.22 -15.76
H2 DPV H . 3.73 -22.61 -15.27
H2A DPV H . 3.76 -23.99 -14.21
H3 DPV H . 4.79 -24.06 -17.08
H3A DPV H . 5.05 -25.30 -15.88
H4 DPV H . -2.17 -21.99 -16.70
H4A DPV H . -1.06 -21.59 -18.05
H5 DPV H . -1.87 -19.88 -15.62
H5A DPV H . -0.33 -19.55 -16.56
H6 DPV H . -3.71 -20.44 -18.13
H6A DPV H . -4.17 -18.73 -18.33
H6B DPV H . -4.03 -19.47 -16.67
H7 DPV H . -0.47 -18.71 -18.99
H7A DPV H . -2.05 -18.33 -19.68
H7B DPV H . -1.56 -20.03 -19.43
H8 DPV H . -1.03 -17.27 -17.12
H8A DPV H . -2.39 -17.68 -15.97
H8B DPV H . -2.74 -16.99 -17.60
H15 DPV H . 6.40 -23.54 -14.52
H15A DPV H . 6.28 -22.45 -15.97
H16 DPV H . 7.56 -25.19 -15.85
H16A DPV H . 7.27 -24.32 -17.33
H17 DPV H . 8.74 -22.52 -16.71
H17A DPV H . 8.91 -23.14 -15.10
H18 DPV H . 10.15 -25.13 -15.95
H18A DPV H . 9.83 -24.62 -17.65
H19 DPV H . 11.38 -22.77 -15.79
H19A DPV H . 12.18 -24.13 -16.55
H20 DPV H . 11.62 -23.23 -18.78
H20A DPV H . 10.62 -22.00 -18.10
H21 DPV H . 12.63 -20.96 -16.94
H21A DPV H . 13.64 -22.26 -17.59
H22 DPV H . 12.10 -20.64 -19.58
H22A DPV H . 13.48 -19.85 -18.87
H23 DPV H . 13.41 -22.46 -20.45
H23A DPV H . 14.87 -21.93 -19.65
H23B DPV H . 14.13 -20.94 -20.97
N DPV I . -2.70 -10.64 -17.70
P DPV I . -5.01 -6.88 -16.46
C1 DPV I . -5.29 -4.29 -16.81
C2 DPV I . -4.41 -3.23 -17.50
C3 DPV I . -2.92 -3.60 -17.47
C4 DPV I . -2.76 -8.28 -16.61
C5 DPV I . -2.90 -9.11 -17.92
C6 DPV I . -1.24 -10.95 -17.26
C7 DPV I . -3.76 -11.27 -16.72
C8 DPV I . -2.88 -11.29 -19.10
C15 DPV I . -2.01 -2.44 -18.08
C16 DPV I . -0.60 -2.92 -18.30
C17 DPV I . 0.34 -1.83 -18.86
C18 DPV I . 1.79 -2.32 -18.98
C19 DPV I . 2.82 -1.20 -19.22
O1P DPV I . -5.79 -8.04 -16.99
C20 DPV I . 4.31 -1.71 -19.37
C21 DPV I . 4.91 -2.20 -17.99
C22 DPV I . 5.42 -1.04 -17.10
C23 DPV I . 6.12 -1.57 -15.83
O2P DPV I . -5.35 -6.62 -15.04
O3P DPV I . -5.08 -5.58 -17.40
O4P DPV I . -3.43 -7.00 -16.75
H1 DPV I . -5.08 -4.34 -15.76
H1A DPV I . -6.31 -4.01 -16.96
H2 DPV I . -4.71 -3.12 -18.54
H2A DPV I . -4.58 -2.28 -16.99
H3 DPV I . -2.79 -4.52 -17.99
H3A DPV I . -2.63 -3.79 -16.46
H4 DPV I . -3.17 -8.79 -15.77
H4A DPV I . -1.72 -8.06 -16.43
H5 DPV I . -3.87 -8.97 -18.36
H5A DPV I . -2.14 -8.79 -18.63
H6 DPV I . -1.14 -12.02 -17.19
H6A DPV I . -1.03 -10.49 -16.29
H6B DPV I . -0.60 -10.51 -18.03
H7 DPV I . -4.78 -11.05 -17.07
H7A DPV I . -3.62 -10.81 -15.72
H7B DPV I . -3.57 -12.34 -16.70
H8 DPV I . -3.88 -11.02 -19.45
H8A DPV I . -2.77 -12.40 -19.00
H8B DPV I . -2.09 -10.90 -19.77
H15 DPV I . -2.01 -1.60 -17.37
H15A DPV I . -2.44 -2.12 -19.03
H16 DPV I . -0.19 -3.29 -17.40
H16A DPV I . -0.62 -3.73 -18.99
H17 DPV I . 0.01 -1.51 -19.86
H17A DPV I . 0.32 -0.96 -18.18
H18 DPV I . 2.06 -2.89 -18.09
H18A DPV I . 1.83 -3.01 -19.79
H19 DPV I . 2.57 -0.66 -20.12
H19A DPV I . 2.78 -0.48 -18.43
H20 DPV I . 4.35 -2.50 -20.13
H20A DPV I . 4.95 -0.90 -19.74
H21 DPV I . 4.17 -2.77 -17.46
H21A DPV I . 5.73 -2.87 -18.20
H22 DPV I . 6.11 -0.47 -17.63
H22A DPV I . 4.60 -0.38 -16.88
H23 DPV I . 6.99 -2.18 -16.11
H23A DPV I . 5.47 -2.13 -15.15
H23B DPV I . 6.50 -0.71 -15.27
N DPV J . -7.38 -3.17 -2.83
P DPV J . -9.11 -7.69 -4.59
C1 DPV J . -7.12 -9.34 -5.02
C2 DPV J . -6.27 -10.41 -4.31
C3 DPV J . -7.14 -11.50 -3.64
C4 DPV J . -8.25 -5.47 -3.64
C5 DPV J . -7.10 -4.44 -3.74
C6 DPV J . -8.60 -2.38 -3.27
C7 DPV J . -6.17 -2.26 -3.02
C8 DPV J . -7.43 -3.54 -1.32
C15 DPV J . -6.23 -12.67 -3.16
C16 DPV J . -7.06 -13.83 -2.49
C17 DPV J . -6.19 -15.08 -2.19
C18 DPV J . -5.81 -15.86 -3.48
C19 DPV J . -5.31 -17.32 -3.23
O1P DPV J . -10.25 -7.48 -3.66
C20 DPV J . -4.59 -17.87 -4.46
C21 DPV J . -4.29 -19.39 -4.31
C22 DPV J . -3.46 -19.96 -5.49
C23 DPV J . -4.33 -20.26 -6.71
O2P DPV J . -9.58 -7.95 -5.96
O3P DPV J . -8.07 -8.78 -4.06
O4P DPV J . -8.01 -6.54 -4.54
H1 DPV J . -6.50 -8.51 -5.38
H1A DPV J . -7.62 -9.83 -5.85
H2 DPV J . -5.63 -10.86 -5.05
H2A DPV J . -5.66 -9.97 -3.54
H3 DPV J . -7.90 -11.90 -4.39
H3A DPV J . -7.66 -11.10 -2.76
H4 DPV J . -8.30 -5.84 -2.63
H4A DPV J . -9.15 -5.01 -3.89
H5 DPV J . -6.17 -4.89 -3.35
H5A DPV J . -7.01 -4.12 -4.79
H6 DPV J . -8.64 -1.45 -2.70
H6A DPV J . -9.52 -2.96 -3.10
H6B DPV J . -8.48 -2.16 -4.34
H7 DPV J . -5.26 -2.78 -2.72
H7A DPV J . -6.21 -1.36 -2.39
H7B DPV J . -6.12 -1.95 -4.07
H8 DPV J . -6.52 -4.09 -1.07
H8A DPV J . -8.33 -4.14 -1.15
H8B DPV J . -7.46 -2.61 -0.72
H15 DPV J . -5.49 -12.31 -2.43
H15A DPV J . -5.66 -13.06 -4.02
H16 DPV J . -7.46 -13.47 -1.56
H16A DPV J . -7.89 -14.12 -3.14
H17 DPV J . -5.28 -14.79 -1.64
H17A DPV J . -6.74 -15.72 -1.53
H18 DPV J . -6.69 -15.95 -4.11
H18A DPV J . -5.04 -15.32 -4.05
H19 DPV J . -4.62 -17.37 -2.40
H19A DPV J . -6.17 -18.00 -3.05
H20 DPV J . -5.21 -17.72 -5.33
H20A DPV J . -3.67 -17.32 -4.58
H21 DPV J . -3.74 -19.59 -3.38
H21A DPV J . -5.21 -19.96 -4.27
H22 DPV J . -2.62 -19.27 -5.73
H22A DPV J . -3.00 -20.91 -5.18
H23 DPV J . -3.71 -20.69 -7.51
H23A DPV J . -4.78 -19.35 -7.13
H23B DPV J . -5.11 -20.96 -6.46
N DPV K . -7.37 -5.31 6.62
P DPV K . -3.46 -6.06 8.85
C1 DPV K . -2.21 -8.28 8.28
C2 DPV K . -2.50 -9.79 8.18
C3 DPV K . -1.39 -10.52 7.41
C4 DPV K . -4.73 -5.16 6.70
C5 DPV K . -6.10 -4.61 7.21
C6 DPV K . -7.35 -6.85 6.88
C7 DPV K . -7.51 -5.06 5.14
C8 DPV K . -8.64 -4.72 7.31
C15 DPV K . -0.22 -10.98 8.39
C16 DPV K . 1.03 -11.49 7.60
C17 DPV K . 2.01 -10.33 7.16
C18 DPV K . 3.00 -9.93 8.32
C19 DPV K . 3.90 -8.74 7.89
O1P DPV K . -4.26 -5.45 9.93
C20 DPV K . 4.90 -8.38 9.02
C21 DPV K . 6.03 -7.43 8.54
C22 DPV K . 6.95 -6.97 9.71
C23 DPV K . 6.39 -5.75 10.45
O2P DPV K . -2.16 -5.36 8.69
O3P DPV K . -3.30 -7.61 9.00
O4P DPV K . -4.26 -6.30 7.47
H1 DPV K . -1.28 -8.08 8.80
H1A DPV K . -2.13 -7.86 7.28
H2 DPV K . -2.60 -10.21 9.18
H2A DPV K . -3.46 -9.94 7.65
H3 DPV K . -0.98 -9.90 6.62
H3A DPV K . -1.82 -11.38 6.92
H4 DPV K . -4.78 -5.49 5.66
H4A DPV K . -4.00 -4.37 6.79
H5 DPV K . -6.16 -4.73 8.32
H5A DPV K . -6.17 -3.53 6.97
H6 DPV K . -6.52 -7.27 6.34
H6A DPV K . -8.30 -7.29 6.57
H6B DPV K . -7.22 -7.03 7.95
H7 DPV K . -6.65 -5.52 4.64
H7A DPV K . -7.52 -3.97 4.94
H7B DPV K . -8.44 -5.52 4.80
H8 DPV K . -9.53 -5.21 6.89
H8A DPV K . -8.69 -3.64 7.10
H8B DPV K . -8.56 -4.89 8.40
H15 DPV K . -0.57 -11.74 9.03
H15A DPV K . 0.04 -10.14 9.02
H16 DPV K . 1.59 -12.21 8.24
H16A DPV K . 0.72 -12.08 6.72
H17 DPV K . 2.58 -10.70 6.29
H17A DPV K . 1.47 -9.43 6.82
H18 DPV K . 2.46 -9.63 9.22
H18A DPV K . 3.65 -10.77 8.55
H19 DPV K . 4.43 -8.97 6.97
H19A DPV K . 3.29 -7.86 7.72
H20 DPV K . 4.37 -7.93 9.85
H20A DPV K . 5.39 -9.29 9.41
H21 DPV K . 6.64 -7.90 7.79
H21A DPV K . 5.59 -6.59 8.10
H22 DPV K . 7.13 -7.83 10.39
H22A DPV K . 7.94 -6.64 9.30
H23 DPV K . 6.38 -4.89 9.79
H23A DPV K . 6.97 -5.55 11.36
H23B DPV K . 5.35 -5.92 10.75
N DPV L . 10.73 -3.61 12.81
P DPV L . 6.20 -1.22 12.23
C1 DPV L . 5.39 -0.66 14.68
C2 DPV L . 4.58 -1.82 15.34
C3 DPV L . 5.23 -2.41 16.62
C4 DPV L . 8.53 -2.43 11.95
C5 DPV L . 9.24 -3.76 12.33
C6 DPV L . 11.29 -5.00 13.15
C7 DPV L . 11.58 -3.03 11.68
C8 DPV L . 10.81 -2.79 14.13
C15 DPV L . 6.58 -3.21 16.41
C16 DPV L . 6.39 -4.43 15.46
C17 DPV L . 7.54 -5.46 15.66
C18 DPV L . 7.59 -6.57 14.57
C19 DPV L . 6.33 -7.50 14.48
O1P DPV L . 6.83 -0.06 11.55
C20 DPV L . 6.60 -8.70 13.56
C21 DPV L . 5.27 -9.44 13.18
C22 DPV L . 5.58 -10.55 12.14
C23 DPV L . 4.27 -11.26 11.72
O2P DPV L . 4.80 -1.44 11.82
O3P DPV L . 6.45 -1.20 13.83
O4P DPV L . 7.09 -2.54 12.14
H1 DPV L . 4.69 -0.11 14.09
H1A DPV L . 5.85 -0.06 15.43
H2 DPV L . 3.61 -1.47 15.60
H2A DPV L . 4.38 -2.61 14.59
H3 DPV L . 4.50 -3.09 17.09
H3A DPV L . 5.40 -1.63 17.34
H4 DPV L . 8.87 -1.66 12.63
H4A DPV L . 8.72 -2.17 10.90
H5 DPV L . 8.71 -4.22 13.16
H5A DPV L . 9.22 -4.46 11.47
H6 DPV L . 11.30 -5.67 12.30
H6A DPV L . 10.69 -5.39 13.96
H6B DPV L . 12.32 -4.89 13.48
H7 DPV L . 11.26 -2.00 11.51
H7A DPV L . 11.45 -3.66 10.80
H7B DPV L . 12.63 -3.01 11.98
H8 DPV L . 10.11 -3.23 14.83
H8A DPV L . 10.53 -1.76 13.93
H8B DPV L . 11.80 -2.83 14.53
H15 DPV L . 6.99 -3.51 17.35
H15A DPV L . 7.27 -2.54 15.94
H16 DPV L . 5.37 -4.89 15.63
H16A DPV L . 6.39 -4.06 14.40
H17 DPV L . 8.48 -4.92 15.62
H17A DPV L . 7.39 -5.92 16.62
H18 DPV L . 7.76 -6.10 13.60
H18A DPV L . 8.47 -7.20 14.80
H19 DPV L . 6.07 -7.89 15.46
H19A DPV L . 5.49 -6.88 14.11
H20 DPV L . 7.06 -8.37 12.65
H20A DPV L . 7.27 -9.37 14.04
H21 DPV L . 4.74 -9.85 14.07
H21A DPV L . 4.55 -8.69 12.74
H22 DPV L . 6.05 -10.09 11.28
H22A DPV L . 6.29 -11.26 12.57
H23 DPV L . 4.42 -11.98 10.92
H23A DPV L . 3.53 -10.55 11.38
H23B DPV L . 3.89 -11.80 12.58
N DPV M . 5.83 -11.94 16.91
P DPV M . 10.89 -11.01 17.62
C1 DPV M . 12.67 -12.75 18.35
C2 DPV M . 13.23 -13.39 19.64
C3 DPV M . 14.18 -14.61 19.41
C4 DPV M . 8.29 -11.15 17.37
C5 DPV M . 7.12 -12.05 17.79
C6 DPV M . 6.15 -12.28 15.41
C7 DPV M . 5.18 -10.53 16.99
C8 DPV M . 4.83 -12.97 17.39
C15 DPV M . 15.57 -14.22 18.81
C16 DPV M . 16.54 -15.42 18.61
C17 DPV M . 16.07 -16.37 17.46
C18 DPV M . 17.07 -17.48 17.18
C19 DPV M . 16.47 -18.52 16.20
O1P DPV M . 11.30 -11.38 16.25
C20 DPV M . 16.63 -18.02 14.70
C21 DPV M . 15.81 -18.94 13.73
C22 DPV M . 15.73 -18.37 12.27
C23 DPV M . 17.01 -18.62 11.42
O2P DPV M . 11.03 -9.57 17.87
O3P DPV M . 11.56 -11.91 18.75
O4P DPV M . 9.49 -11.62 18.03
H1 DPV M . 13.45 -12.16 17.82
H1A DPV M . 12.26 -13.55 17.71
H2 DPV M . 13.74 -12.60 20.21
H2A DPV M . 12.42 -13.65 20.28
H3 DPV M . 13.64 -15.31 18.79
H3A DPV M . 14.36 -15.08 20.38
H4 DPV M . 8.45 -11.25 16.27
H4A DPV M . 8.12 -10.06 17.64
H5 DPV M . 7.42 -13.07 17.74
H5A DPV M . 6.87 -11.88 18.79
H6 DPV M . 6.80 -11.48 15.05
H6A DPV M . 5.22 -12.29 14.84
H6B DPV M . 6.68 -13.23 15.35
H7 DPV M . 4.81 -10.34 17.99
H7A DPV M . 4.42 -10.46 16.19
H7B DPV M . 5.96 -9.80 16.78
H8 DPV M . 4.60 -12.81 18.44
H8A DPV M . 5.22 -13.95 17.24
H8B DPV M . 3.93 -12.91 16.81
H15 DPV M . 16.06 -13.48 19.46
H15A DPV M . 15.42 -13.74 17.84
H16 DPV M . 17.51 -15.06 18.38
H16A DPV M . 16.62 -15.96 19.52
H17 DPV M . 15.12 -16.82 17.73
H17A DPV M . 15.88 -15.79 16.56
H18 DPV M . 18.04 -17.10 16.83
H18A DPV M . 17.27 -17.99 18.12
H19 DPV M . 16.98 -19.47 16.30
H19A DPV M . 15.40 -18.67 16.44
H20 DPV M . 16.22 -17.03 14.63
H20A DPV M . 17.68 -17.96 14.41
H21 DPV M . 16.23 -19.92 13.68
H21A DPV M . 14.82 -19.04 14.09
H22 DPV M . 14.85 -18.84 11.81
H22A DPV M . 15.53 -17.27 12.26
H23 DPV M . 17.89 -18.07 11.79
H23A DPV M . 16.83 -18.31 10.38
H23B DPV M . 17.26 -19.68 11.38
N DPV N . 21.74 -18.28 12.87
P DPV N . 25.78 -20.48 10.67
C1 DPV N . 24.54 -20.60 8.37
C2 DPV N . 23.12 -20.52 7.79
C3 DPV N . 22.52 -19.09 7.80
C4 DPV N . 24.09 -19.28 12.36
C5 DPV N . 22.60 -19.51 12.61
C6 DPV N . 20.36 -18.79 13.35
C7 DPV N . 21.51 -17.46 11.60
C8 DPV N . 22.32 -17.39 14.00
C15 DPV N . 21.06 -19.08 7.16
C16 DPV N . 20.40 -17.66 7.21
C17 DPV N . 20.93 -16.72 6.08
C18 DPV N . 20.05 -15.44 5.96
C19 DPV N . 20.59 -14.44 4.89
O1P DPV N . 26.79 -19.40 10.74
C20 DPV N . 19.64 -13.24 4.83
C21 DPV N . 20.16 -12.17 3.82
C22 DPV N . 19.37 -10.84 3.77
C23 DPV N . 19.77 -9.88 4.92
O2P DPV N . 26.39 -21.80 10.40
O3P DPV N . 24.52 -20.14 9.72
O4P DPV N . 24.73 -20.50 11.94
H1 DPV N . 24.91 -21.64 8.33
H1A DPV N . 25.23 -19.97 7.75
H2 DPV N . 23.17 -20.90 6.78
H2A DPV N . 22.46 -21.19 8.36
H3 DPV N . 23.17 -18.47 7.18
H3A DPV N . 22.47 -18.65 8.81
H4 DPV N . 24.23 -18.50 11.62
H4A DPV N . 24.53 -18.96 13.31
H5 DPV N . 22.18 -19.99 11.71
H5A DPV N . 22.50 -20.20 13.47
H6 DPV N . 19.90 -19.36 12.54
H6A DPV N . 19.73 -17.92 13.59
H6B DPV N . 20.48 -19.43 14.24
H7 DPV N . 22.46 -17.03 11.28
H7A DPV N . 20.79 -16.69 11.83
H7B DPV N . 21.15 -18.11 10.81
H8 DPV N . 23.27 -16.96 13.70
H8A DPV N . 22.50 -18.01 14.87
H8B DPV N . 21.57 -16.63 14.25
H15 DPV N . 20.46 -19.77 7.73
H15A DPV N . 21.12 -19.42 6.13
H16 DPV N . 19.30 -17.79 7.11
H16A DPV N . 20.55 -17.21 8.21
H17 DPV N . 21.93 -16.42 6.30
H17A DPV N . 20.93 -17.25 5.12
H18 DPV N . 19.02 -15.72 5.69
H18A DPV N . 20.01 -14.94 6.93
H19 DPV N . 21.62 -14.12 5.12
H19A DPV N . 20.61 -14.90 3.88
H20 DPV N . 18.66 -13.55 4.51
H20A DPV N . 19.53 -12.78 5.80
H21 DPV N . 21.21 -11.92 4.02
H21A DPV N . 20.11 -12.62 2.82
H22 DPV N . 19.57 -10.33 2.84
H22A DPV N . 18.31 -11.07 3.83
H23 DPV N . 19.61 -10.33 5.89
H23A DPV N . 19.12 -9.00 4.88
H23B DPV N . 20.80 -9.57 4.84
N DPV O . 26.18 -15.71 9.81
P DPV O . 30.52 -16.69 6.96
C1 DPV O . 31.14 -14.98 5.04
C2 DPV O . 32.62 -14.53 5.12
C3 DPV O . 33.31 -14.57 3.73
C4 DPV O . 28.20 -16.22 8.16
C5 DPV O . 27.73 -15.97 9.67
C6 DPV O . 25.81 -14.37 9.16
C7 DPV O . 25.91 -15.68 11.29
C8 DPV O . 25.33 -16.87 9.20
C15 DPV O . 32.96 -13.30 2.82
C16 DPV O . 33.51 -13.53 1.37
C17 DPV O . 33.37 -12.32 0.39
C18 DPV O . 31.94 -11.70 0.20
C19 DPV O . 30.80 -12.73 -0.11
O1P DPV O . 31.81 -17.27 7.33
C20 DPV O . 29.36 -12.16 0.05
C21 DPV O . 28.89 -12.07 1.54
C22 DPV O . 27.46 -11.48 1.65
C23 DPV O . 27.00 -11.33 3.10
O2P DPV O . 29.79 -17.59 6.02
O3P DPV O . 30.61 -15.18 6.42
O4P DPV O . 29.66 -16.21 8.21
H1 DPV O . 30.53 -14.21 4.52
H1A DPV O . 31.07 -15.94 4.52
H2 DPV O . 32.71 -13.53 5.56
H2A DPV O . 33.15 -15.25 5.75
H3 DPV O . 33.02 -15.48 3.22
H3A DPV O . 34.36 -14.60 3.89
H4 DPV O . 27.90 -17.22 7.85
H4A DPV O . 27.80 -15.45 7.47
H5 DPV O . 27.99 -16.84 10.26
H5A DPV O . 28.21 -15.09 10.03
H6 DPV O . 26.31 -13.57 9.68
H6A DPV O . 24.72 -14.28 9.17
H6B DPV O . 26.14 -14.42 8.14
H7 DPV O . 24.84 -15.52 11.45
H7A DPV O . 26.52 -14.89 11.73
H7B DPV O . 26.24 -16.61 11.75
H8 DPV O . 25.66 -17.81 9.61
H8A DPV O . 25.46 -16.91 8.11
H8B DPV O . 24.27 -16.75 9.46
H15 DPV O . 33.36 -12.39 3.27
H15A DPV O . 31.85 -13.19 2.78
H16 DPV O . 34.59 -13.78 1.40
H16A DPV O . 32.99 -14.43 0.91
H17 DPV O . 34.03 -11.54 0.70
H17A DPV O . 33.73 -12.65 -0.55
H18 DPV O . 31.68 -11.16 1.11
H18A DPV O . 32.03 -10.97 -0.62
H19 DPV O . 30.92 -13.02 -1.15
H19A DPV O . 30.88 -13.63 0.48
H20 DPV O . 29.31 -11.19 -0.47
H20A DPV O . 28.65 -12.84 -0.49
H21 DPV O . 28.91 -13.08 2.01
H21A DPV O . 29.60 -11.39 2.08
H22 DPV O . 27.41 -10.53 1.17
H22A DPV O . 26.77 -12.10 1.08
H23 DPV O . 25.96 -11.10 3.10
H23A DPV O . 27.53 -10.53 3.59
H23B DPV O . 27.15 -12.26 3.63
N DPV P . 33.19 -10.89 -4.50
P DPV P . 31.13 -6.60 -5.69
C1 DPV P . 28.54 -6.27 -5.95
C2 DPV P . 27.37 -5.64 -5.20
C3 DPV P . 26.74 -6.65 -4.20
C4 DPV P . 31.27 -9.22 -5.33
C5 DPV P . 32.52 -9.47 -4.40
C6 DPV P . 32.18 -12.02 -4.24
C7 DPV P . 34.30 -10.97 -3.48
C8 DPV P . 33.78 -11.10 -5.90
C15 DPV P . 25.43 -6.14 -3.59
C16 DPV P . 24.74 -7.24 -2.74
C17 DPV P . 23.28 -6.90 -2.26
C18 DPV P . 22.24 -6.67 -3.41
C19 DPV P . 20.81 -6.36 -2.80
O1P DPV P . 32.30 -5.94 -5.10
C20 DPV P . 19.86 -5.72 -3.83
C21 DPV P . 18.40 -5.65 -3.28
C22 DPV P . 17.45 -4.74 -4.11
C23 DPV P . 16.00 -4.90 -3.59
O2P DPV P . 31.26 -6.76 -7.15
O3P DPV P . 29.76 -5.93 -5.24
O4P DPV P . 30.71 -7.95 -4.92
H1 DPV P . 28.46 -7.38 -6.01
H1A DPV P . 28.60 -5.86 -6.98
H2 DPV P . 27.71 -4.75 -4.65
H2A DPV P . 26.64 -5.32 -5.94
H3 DPV P . 27.47 -6.85 -3.37
H3A DPV P . 26.61 -7.62 -4.72
H4 DPV P . 31.56 -9.23 -6.37
H4A DPV P . 30.52 -9.98 -5.15
H5 DPV P . 33.27 -8.71 -4.60
H5A DPV P . 32.21 -9.32 -3.36
H6 DPV P . 31.65 -11.84 -3.30
H6A DPV P . 32.68 -12.98 -4.19
H6B DPV P . 31.49 -12.01 -5.07
H7 DPV P . 35.06 -10.24 -3.72
H7A DPV P . 34.73 -11.99 -3.49
H7B DPV P . 33.88 -10.77 -2.48
H8 DPV P . 34.53 -10.33 -6.13
H8A DPV P . 32.95 -11.09 -6.64
H8B DPV P . 34.31 -12.06 -5.94
H15 DPV P . 24.80 -5.86 -4.42
H15A DPV P . 25.58 -5.27 -2.98
H16 DPV P . 24.71 -8.16 -3.35
H16A DPV P . 25.31 -7.44 -1.84
H17 DPV P . 22.96 -7.69 -1.59
H17A DPV P . 23.27 -6.01 -1.60
H18 DPV P . 22.57 -5.86 -4.01
H18A DPV P . 22.18 -7.54 -4.03
H19 DPV P . 20.36 -7.32 -2.41
H19A DPV P . 20.90 -5.65 -1.94
H20 DPV P . 20.21 -4.69 -4.06
H20A DPV P . 19.87 -6.29 -4.77
H21 DPV P . 17.98 -6.67 -3.23
H21A DPV P . 18.44 -5.28 -2.24
H22 DPV P . 17.77 -3.69 -4.10
H22A DPV P . 17.45 -5.08 -5.14
H23 DPV P . 15.87 -4.45 -2.60
H23A DPV P . 15.75 -5.97 -3.56
H23B DPV P . 15.33 -4.39 -4.25
N DPV Q . 26.18 -14.32 -21.63
P DPV Q . 25.33 -18.80 -20.49
C1 DPV Q . 27.26 -19.14 -18.70
C2 DPV Q . 27.58 -18.90 -17.19
C3 DPV Q . 26.74 -19.83 -16.29
C4 DPV Q . 25.79 -16.93 -22.14
C5 DPV Q . 26.71 -15.63 -22.28
C6 DPV Q . 26.12 -14.41 -20.10
C7 DPV Q . 24.81 -13.87 -22.17
C8 DPV Q . 27.16 -13.20 -21.94
C15 DPV Q . 27.07 -19.68 -14.84
C16 DPV Q . 26.22 -20.68 -13.96
C17 DPV Q . 26.67 -20.63 -12.45
C18 DPV Q . 25.79 -21.58 -11.64
C19 DPV Q . 26.12 -21.61 -10.11
O1P DPV Q . 23.85 -18.87 -20.55
C20 DPV Q . 25.20 -22.51 -9.29
C21 DPV Q . 25.47 -22.41 -7.76
C22 DPV Q . 24.72 -21.20 -7.14
C23 DPV Q . 24.81 -21.15 -5.59
O2P DPV Q . 26.00 -19.85 -21.25
O3P DPV Q . 25.87 -18.68 -18.99
O4P DPV Q . 25.87 -17.39 -20.79
H1 DPV Q . 27.92 -18.56 -19.29
H1A DPV Q . 27.35 -20.19 -18.93
H2 DPV Q . 28.62 -19.08 -16.99
H2A DPV Q . 27.33 -17.87 -16.99
H3 DPV Q . 26.93 -20.87 -16.57
H3A DPV Q . 25.67 -19.62 -16.43
H4 DPV Q . 24.74 -16.73 -22.39
H4A DPV Q . 26.19 -17.69 -22.80
H5 DPV Q . 27.67 -15.86 -21.86
H5A DPV Q . 26.86 -15.45 -23.32
H6 DPV Q . 27.03 -14.75 -19.69
H6A DPV Q . 25.35 -15.12 -19.85
H6B DPV Q . 25.86 -13.44 -19.70
H7 DPV Q . 24.89 -13.72 -23.24
H7A DPV Q . 24.53 -12.95 -21.68
H7B DPV Q . 24.09 -14.65 -21.94
H8 DPV Q . 28.12 -13.41 -21.51
H8A DPV Q . 26.78 -12.27 -21.56
H8B DPV Q . 27.25 -13.12 -23.00
H15 DPV Q . 26.79 -18.65 -14.54
H15A DPV Q . 28.12 -19.82 -14.71
H16 DPV Q . 25.15 -20.42 -14.06
H16A DPV Q . 26.38 -21.70 -14.32
H17 DPV Q . 27.76 -20.91 -12.32
H17A DPV Q . 26.50 -19.59 -12.05
H18 DPV Q . 24.74 -21.27 -11.73
H18A DPV Q . 25.88 -22.58 -12.07
H19 DPV Q . 27.16 -21.91 -9.92
H19A DPV Q . 26.08 -20.58 -9.75
H20 DPV Q . 24.15 -22.24 -9.48
H20A DPV Q . 25.36 -23.55 -9.60
H21 DPV Q . 25.15 -23.29 -7.27
H21A DPV Q . 26.53 -22.34 -7.58
H22 DPV Q . 25.14 -20.29 -7.53
H22A DPV Q . 23.68 -21.24 -7.45
H23 DPV Q . 25.84 -21.06 -5.31
H23A DPV Q . 24.41 -22.07 -5.19
H23B DPV Q . 24.27 -20.33 -5.14
N DPV R . 30.44 -21.82 0.45
P DPV R . 30.40 -25.44 -3.31
C1 DPV R . 30.39 -24.14 -5.59
C2 DPV R . 29.52 -23.08 -6.34
C3 DPV R . 29.78 -21.61 -5.88
C4 DPV R . 30.68 -23.72 -1.36
C5 DPV R . 29.73 -22.75 -0.58
C6 DPV R . 31.02 -22.63 1.61
C7 DPV R . 29.33 -20.95 1.04
C8 DPV R . 31.52 -20.92 -0.17
C15 DPV R . 29.15 -20.63 -6.87
C16 DPV R . 29.63 -19.15 -6.61
C17 DPV R . 28.81 -18.07 -7.36
C18 DPV R . 28.98 -18.07 -8.92
C19 DPV R . 28.00 -17.06 -9.65
O1P DPV R . 31.85 -25.69 -3.28
C20 DPV R . 26.52 -17.32 -9.37
C21 DPV R . 25.63 -16.83 -10.50
C22 DPV R . 24.07 -17.03 -10.22
C23 DPV R . 23.63 -18.51 -10.23
O2P DPV R . 29.62 -26.66 -3.62
O3P DPV R . 30.00 -24.16 -4.19
O4P DPV R . 29.86 -24.68 -2.02
H1 DPV R . 30.21 -25.14 -6.00
H1A DPV R . 31.46 -23.90 -5.66
H2 DPV R . 29.68 -23.20 -7.42
H2A DPV R . 28.46 -23.30 -6.16
H3 DPV R . 30.85 -21.49 -5.83
H3A DPV R . 29.38 -21.44 -4.90
H4 DPV R . 31.24 -23.16 -2.09
H4A DPV R . 31.37 -24.24 -0.71
H5 DPV R . 29.18 -22.15 -1.33
H5A DPV R . 28.99 -23.34 0.01
H6 DPV R . 31.81 -23.27 1.24
H6A DPV R . 30.24 -23.25 2.06
H6B DPV R . 31.41 -21.94 2.37
H7 DPV R . 28.88 -20.37 0.24
H7A DPV R . 29.77 -20.27 1.80
H7B DPV R . 28.60 -21.59 1.53
H8 DPV R . 31.09 -20.38 -0.99
H8A DPV R . 32.34 -21.52 -0.53
H8B DPV R . 31.90 -20.25 0.58
H15 DPV R . 28.05 -20.68 -6.73
H15A DPV R . 29.41 -20.95 -7.87
H16 DPV R . 29.58 -18.96 -5.55
H16A DPV R . 30.67 -19.09 -6.90
H17 DPV R . 27.76 -18.23 -7.10
H17A DPV R . 29.12 -17.09 -6.98
H18 DPV R . 30.02 -17.77 -9.15
H18A DPV R . 28.83 -19.09 -9.29
H19 DPV R . 28.25 -16.01 -9.36
H19A DPV R . 28.22 -17.12 -10.75
H20 DPV R . 26.38 -18.39 -9.28
H20A DPV R . 26.23 -16.83 -8.44
H21 DPV R . 25.82 -15.76 -10.68
H21A DPV R . 25.86 -17.37 -11.43
H22 DPV R . 23.84 -16.60 -9.27
H22A DPV R . 23.50 -16.53 -10.98
H23 DPV R . 23.77 -18.95 -11.22
H23A DPV R . 22.58 -18.59 -9.98
H23B DPV R . 24.22 -19.08 -9.53
N DPV S . 28.01 -3.30 -17.90
P DPV S . 25.09 -7.16 -18.95
C1 DPV S . 23.46 -8.96 -18.03
C2 DPV S . 23.05 -9.64 -16.70
C3 DPV S . 22.33 -8.62 -15.74
C4 DPV S . 27.20 -5.73 -18.47
C5 DPV S . 27.07 -4.46 -17.55
C6 DPV S . 29.49 -3.62 -17.59
C7 DPV S . 27.63 -2.12 -16.99
C8 DPV S . 27.85 -2.82 -19.36
C15 DPV S . 21.81 -9.31 -14.47
C16 DPV S . 20.72 -8.49 -13.76
C17 DPV S . 20.10 -9.30 -12.60
C18 DPV S . 18.91 -8.52 -11.94
C19 DPV S . 18.00 -9.49 -11.14
O1P DPV S . 24.11 -6.09 -19.22
C20 DPV S . 16.82 -8.79 -10.45
C21 DPV S . 17.20 -8.02 -9.17
C22 DPV S . 15.94 -7.41 -8.47
C23 DPV S . 16.33 -6.61 -7.24
O2P DPV S . 25.52 -7.88 -20.17
O3P DPV S . 24.63 -8.15 -17.79
O4P DPV S . 26.29 -6.72 -17.99
H1 DPV S . 23.72 -9.71 -18.77
H1A DPV S . 22.66 -8.34 -18.39
H2 DPV S . 22.43 -10.48 -16.93
H2A DPV S . 23.93 -10.02 -16.19
H3 DPV S . 21.53 -8.19 -16.27
H3A DPV S . 23.02 -7.86 -15.46
H4 DPV S . 26.97 -5.46 -19.49
H4A DPV S . 28.21 -6.14 -18.41
H5 DPV S . 26.04 -4.11 -17.59
H5A DPV S . 27.28 -4.75 -16.52
H6 DPV S . 29.77 -4.53 -18.12
H6A DPV S . 29.59 -3.76 -16.53
H6B DPV S . 30.08 -2.76 -17.96
H7 DPV S . 26.58 -1.85 -17.14
H7A DPV S . 28.28 -1.29 -17.22
H7B DPV S . 27.74 -2.41 -15.97
H8 DPV S . 26.77 -2.68 -19.58
H8A DPV S . 28.30 -3.57 -20.04
H8B DPV S . 28.40 -1.88 -19.48
H15 DPV S . 22.64 -9.48 -13.78
H15A DPV S . 21.42 -10.32 -14.71
H16 DPV S . 21.16 -7.56 -13.37
H16A DPV S . 19.94 -8.23 -14.48
H17 DPV S . 19.76 -10.25 -13.00
H17A DPV S . 20.86 -9.55 -11.87
H18 DPV S . 19.32 -7.77 -11.27
H18A DPV S . 18.33 -8.05 -12.74
H19 DPV S . 17.63 -10.24 -11.82
H19A DPV S . 18.60 -10.02 -10.41
H20 DPV S . 16.34 -8.12 -11.18
H20A DPV S . 16.09 -9.55 -10.17
H21 DPV S . 17.68 -8.73 -8.47
H21A DPV S . 17.92 -7.23 -9.42
H22 DPV S . 15.43 -6.71 -9.15
H22A DPV S . 15.23 -8.21 -8.23
H23 DPV S . 17.17 -5.92 -7.45
H23A DPV S . 16.66 -7.29 -6.44
H23B DPV S . 15.48 -6.03 -6.89
N DPV T . 7.36 -15.53 -24.50
P DPV T . 5.03 -18.67 -21.76
C1 DPV T . 5.38 -17.18 -19.64
C2 DPV T . 4.56 -16.17 -18.79
C3 DPV T . 4.78 -14.70 -19.25
C4 DPV T . 6.68 -18.02 -23.67
C5 DPV T . 7.84 -16.94 -23.97
C6 DPV T . 6.36 -14.86 -23.52
C7 DPV T . 6.71 -15.65 -25.91
C8 DPV T . 8.59 -14.67 -24.56
C15 DPV T . 3.66 -13.75 -18.74
C16 DPV T . 4.15 -12.30 -18.63
C17 DPV T . 3.01 -11.36 -18.11
C18 DPV T . 3.57 -10.02 -17.52
C19 DPV T . 4.08 -10.18 -16.08
O1P DPV T . 3.97 -19.04 -22.75
C20 DPV T . 4.45 -8.76 -15.46
C21 DPV T . 5.01 -8.85 -14.08
C22 DPV T . 5.15 -7.52 -13.33
C23 DPV T . 5.56 -7.67 -11.90
O2P DPV T . 5.52 -19.85 -21.04
O3P DPV T . 4.59 -17.46 -20.81
O4P DPV T . 6.17 -17.72 -22.38
H1 DPV T . 6.35 -16.73 -19.98
H1A DPV T . 5.58 -18.10 -19.08
H2 DPV T . 3.50 -16.43 -18.89
H2A DPV T . 4.84 -16.24 -17.75
H3 DPV T . 4.88 -14.63 -20.34
H3A DPV T . 5.74 -14.36 -18.81
H4 DPV T . 5.89 -18.01 -24.41
H4A DPV T . 7.13 -19.03 -23.65
H5 DPV T . 8.40 -16.79 -23.03
H5A DPV T . 8.51 -17.35 -24.71
H6 DPV T . 6.82 -14.71 -22.55
H6A DPV T . 5.51 -15.50 -23.40
H6B DPV T . 6.09 -13.90 -23.91
H7 DPV T . 7.41 -16.16 -26.57
H7A DPV T . 6.47 -14.65 -26.27
H7B DPV T . 5.78 -16.21 -25.83
H8 DPV T . 9.30 -15.10 -25.26
H8A DPV T . 9.08 -14.63 -23.58
H8B DPV T . 8.29 -13.66 -24.88
H15 DPV T . 3.28 -14.07 -17.78
H15A DPV T . 2.85 -13.78 -19.48
H16 DPV T . 4.98 -12.28 -17.92
H16A DPV T . 4.50 -11.92 -19.59
H17 DPV T . 2.39 -11.11 -18.93
H17A DPV T . 2.45 -11.87 -17.33
H18 DPV T . 4.37 -9.59 -18.16
H18A DPV T . 2.72 -9.32 -17.49
H19 DPV T . 3.26 -10.61 -15.48
H19A DPV T . 4.92 -10.89 -15.98
H20 DPV T . 5.17 -8.24 -16.08
H20A DPV T . 3.55 -8.15 -15.41
H21 DPV T . 4.34 -9.53 -13.49
H21A DPV T . 6.00 -9.33 -14.15
H22 DPV T . 5.94 -6.93 -13.81
H22A DPV T . 4.22 -6.97 -13.38
H23 DPV T . 6.50 -8.22 -11.84
H23A DPV T . 4.78 -8.18 -11.33
H23B DPV T . 5.74 -6.67 -11.44
N DPV U . 11.37 -11.85 -27.98
P DPV U . 7.13 -10.47 -25.36
C1 DPV U . 6.26 -10.05 -22.94
C2 DPV U . 5.09 -10.99 -22.62
C3 DPV U . 3.72 -10.30 -22.86
C4 DPV U . 9.04 -11.35 -26.83
C5 DPV U . 10.37 -12.14 -26.77
C6 DPV U . 12.52 -12.84 -27.94
C7 DPV U . 12.00 -10.45 -27.82
C8 DPV U . 10.72 -11.98 -29.41
C15 DPV U . 2.57 -11.28 -22.52
C16 DPV U . 1.16 -10.83 -23.03
C17 DPV U . 0.63 -9.48 -22.52
C18 DPV U . 0.43 -9.44 -20.99
C19 DPV U . 0.15 -7.97 -20.46
O1P DPV U . 7.35 -9.08 -25.78
C20 DPV U . 0.89 -7.74 -19.12
C21 DPV U . 0.86 -6.28 -18.69
C22 DPV U . 1.80 -6.02 -17.44
C23 DPV U . 3.28 -5.91 -17.80
O2P DPV U . 5.91 -11.05 -25.96
O3P DPV U . 7.23 -10.70 -23.80
O4P DPV U . 8.42 -11.37 -25.53
H1 DPV U . 5.90 -9.13 -23.43
H1A DPV U . 6.78 -9.76 -22.01
H2 DPV U . 5.14 -11.93 -23.21
H2A DPV U . 5.17 -11.21 -21.54
H3 DPV U . 3.64 -10.00 -23.92
H3A DPV U . 3.61 -9.39 -22.22
H4 DPV U . 9.25 -10.30 -27.08
H4A DPV U . 8.36 -11.80 -27.53
H5 DPV U . 10.94 -11.88 -25.88
H5A DPV U . 10.18 -13.21 -26.80
H6 DPV U . 12.10 -13.84 -28.02
H6A DPV U . 13.06 -12.72 -26.99
H6B DPV U . 13.16 -12.66 -28.80
H7 DPV U . 11.22 -9.67 -27.92
H7A DPV U . 12.73 -10.31 -28.64
H7B DPV U . 12.50 -10.41 -26.84
H8 DPV U . 10.00 -11.21 -29.51
H8A DPV U . 10.29 -12.95 -29.50
H8B DPV U . 11.50 -11.84 -30.13
H15 DPV U . 2.56 -11.42 -21.40
H15A DPV U . 2.74 -12.27 -22.97
H16 DPV U . 1.21 -10.80 -24.10
H16A DPV U . 0.42 -11.62 -22.78
H17 DPV U . 1.31 -8.66 -22.82
H17A DPV U . -0.34 -9.30 -22.98
H18 DPV U . -0.37 -10.10 -20.70
H18A DPV U . 1.36 -9.77 -20.53
H19 DPV U . 0.50 -7.24 -21.17
H19A DPV U . -0.92 -7.81 -20.35
H20 DPV U . 0.43 -8.39 -18.32
H20A DPV U . 1.95 -8.02 -19.23
H21 DPV U . 1.13 -5.60 -19.49
H21A DPV U . -0.19 -6.06 -18.44
H22 DPV U . 1.50 -5.09 -16.99
H22A DPV U . 1.65 -6.80 -16.72
H23 DPV U . 3.43 -5.17 -18.59
H23A DPV U . 3.65 -6.88 -18.13
H23B DPV U . 3.90 -5.60 -16.96
N DPV V . 10.96 -7.81 -23.52
P DPV V . 7.17 -7.13 -20.00
C1 DPV V . 7.67 -9.61 -19.15
C2 DPV V . 7.58 -9.78 -17.62
C3 DPV V . 8.78 -10.55 -16.97
C4 DPV V . 9.03 -7.23 -21.88
C5 DPV V . 9.47 -8.03 -23.13
C6 DPV V . 11.92 -8.33 -22.39
C7 DPV V . 11.31 -6.34 -23.79
C8 DPV V . 11.22 -8.65 -24.80
C15 DPV V . 8.64 -10.64 -15.44
C16 DPV V . 9.89 -11.32 -14.79
C17 DPV V . 9.70 -11.52 -13.27
C18 DPV V . 10.92 -12.13 -12.59
C19 DPV V . 10.68 -12.33 -11.03
O1P DPV V . 8.23 -6.63 -19.12
C20 DPV V . 11.57 -13.48 -10.46
C21 DPV V . 11.26 -13.74 -8.93
C22 DPV V . 12.37 -14.56 -8.23
C23 DPV V . 12.10 -14.80 -6.73
O2P DPV V . 6.08 -6.17 -20.09
O3P DPV V . 6.68 -8.63 -19.64
O4P DPV V . 7.70 -7.62 -21.45
H1 DPV V . 8.67 -9.29 -19.43
H1A DPV V . 7.44 -10.59 -19.62
H2 DPV V . 7.43 -8.81 -17.16
H2A DPV V . 6.68 -10.33 -17.48
H3 DPV V . 9.71 -10.01 -17.22
H3A DPV V . 8.93 -11.55 -17.42
H4 DPV V . 9.74 -7.45 -21.07
H4A DPV V . 9.05 -6.15 -22.10
H5 DPV V . 9.32 -9.06 -22.94
H5A DPV V . 8.87 -7.73 -23.97
H6 DPV V . 12.94 -8.28 -22.75
H6A DPV V . 11.69 -9.38 -22.20
H6B DPV V . 11.78 -7.72 -21.50
H7 DPV V . 11.17 -5.75 -22.88
H7A DPV V . 10.67 -5.98 -24.59
H7B DPV V . 12.36 -6.31 -24.09
H8 DPV V . 10.63 -8.21 -25.62
H8A DPV V . 10.92 -9.69 -24.59
H8B DPV V . 12.29 -8.60 -25.05
H15 DPV V . 7.75 -11.23 -15.20
H15A DPV V . 8.48 -9.64 -15.01
H16 DPV V . 10.09 -12.26 -15.27
H16A DPV V . 10.73 -10.68 -14.94
H17 DPV V . 9.50 -10.55 -12.79
H17A DPV V . 8.83 -12.16 -13.09
H18 DPV V . 11.18 -13.12 -13.04
H18A DPV V . 11.78 -11.47 -12.73
H19 DPV V . 10.87 -11.42 -10.50
H19A DPV V . 9.64 -12.61 -10.88
H20 DPV V . 11.39 -14.41 -10.98
H20A DPV V . 12.62 -13.20 -10.55
H21 DPV V . 11.14 -12.80 -8.37
H21A DPV V . 10.34 -14.25 -8.84
H22 DPV V . 12.45 -15.52 -8.73
H22A DPV V . 13.33 -14.04 -8.35
H23 DPV V . 11.26 -15.50 -6.62
H23A DPV V . 11.79 -13.85 -6.24
H23B DPV V . 12.99 -15.21 -6.26
N DPV W . -3.16 -4.09 -12.75
P DPV W . -3.59 -4.96 -8.02
C1 DPV W . -2.36 -6.38 -6.17
C2 DPV W . -1.22 -6.25 -5.17
C3 DPV W . 0.16 -6.77 -5.67
C4 DPV W . -3.31 -3.49 -10.17
C5 DPV W . -2.74 -4.43 -11.29
C6 DPV W . -2.56 -5.13 -13.68
C7 DPV W . -2.68 -2.67 -13.17
C8 DPV W . -4.72 -4.16 -12.89
C15 DPV W . 0.37 -8.27 -5.31
C16 DPV W . 1.63 -8.86 -5.98
C17 DPV W . 1.79 -10.39 -5.70
C18 DPV W . 3.13 -10.90 -6.27
C19 DPV W . 3.44 -12.37 -5.87
O1P DPV W . -4.69 -4.33 -7.24
C20 DPV W . 4.89 -12.75 -6.20
C21 DPV W . 5.32 -14.09 -5.54
C22 DPV W . 6.81 -14.38 -5.72
C23 DPV W . 7.27 -15.47 -4.75
O2P DPV W . -4.06 -6.12 -8.80
O3P DPV W . -2.31 -5.28 -7.17
O4P DPV W . -2.75 -3.94 -8.89
H1 DPV W . -2.30 -7.33 -6.69
H1A DPV W . -3.30 -6.27 -5.63
H2 DPV W . -1.15 -5.22 -4.86
H2A DPV W . -1.49 -6.78 -4.27
H3 DPV W . 0.98 -6.14 -5.20
H3A DPV W . 0.20 -6.64 -6.78
H4 DPV W . -3.01 -2.46 -10.33
H4A DPV W . -4.40 -3.55 -10.10
H5 DPV W . -1.65 -4.44 -11.27
H5A DPV W . -3.08 -5.45 -11.09
H6 DPV W . -2.91 -6.12 -13.39
H6A DPV W . -1.49 -5.07 -13.59
H6B DPV W . -2.93 -4.93 -14.69
H7 DPV W . -3.18 -1.90 -12.55
H7A DPV W . -2.90 -2.50 -14.25
H7B DPV W . -1.57 -2.60 -13.04
H8 DPV W . -5.15 -3.36 -12.32
H8A DPV W . -5.09 -5.10 -12.48
H8B DPV W . -5.01 -4.03 -13.90
H15 DPV W . -0.50 -8.84 -5.59
H15A DPV W . 0.43 -8.36 -4.22
H16 DPV W . 1.60 -8.69 -7.07
H16A DPV W . 2.52 -8.29 -5.62
H17 DPV W . 1.75 -10.52 -4.62
H17A DPV W . 0.95 -10.92 -6.14
H18 DPV W . 3.16 -10.79 -7.38
H18A DPV W . 3.89 -10.25 -5.91
H19 DPV W . 3.28 -12.46 -4.80
H19A DPV W . 2.75 -13.09 -6.33
H20 DPV W . 4.96 -12.86 -7.28
H20A DPV W . 5.55 -11.96 -5.93
H21 DPV W . 5.11 -14.03 -4.48
H21A DPV W . 4.70 -14.88 -5.97
H22 DPV W . 7.00 -14.67 -6.76
H22A DPV W . 7.40 -13.49 -5.54
H23 DPV W . 8.35 -15.64 -4.91
H23A DPV W . 6.70 -16.38 -4.98
H23B DPV W . 7.13 -15.16 -3.71
N DPV X . -10.93 -8.67 0.25
P DPV X . -7.09 -7.18 1.27
C1 DPV X . -5.05 -7.72 2.83
C2 DPV X . -4.44 -8.96 3.54
C3 DPV X . -3.19 -8.63 4.42
C4 DPV X . -8.46 -8.25 -0.68
C5 DPV X . -9.73 -9.17 -0.67
C6 DPV X . -12.12 -9.61 -0.02
C7 DPV X . -11.42 -7.23 -0.11
C8 DPV X . -10.62 -8.80 1.74
C15 DPV X . -1.85 -8.62 3.63
C16 DPV X . -1.22 -10.03 3.37
C17 DPV X . 0.20 -9.99 2.78
C18 DPV X . 0.27 -9.60 1.26
C19 DPV X . 0.04 -10.76 0.25
O1P DPV X . -6.37 -6.30 0.34
C20 DPV X . 1.35 -11.42 -0.31
C21 DPV X . 2.12 -10.48 -1.30
C22 DPV X . 3.31 -11.19 -1.96
C23 DPV X . 4.21 -10.24 -2.74
O2P DPV X . -8.00 -6.43 2.16
O3P DPV X . -6.15 -8.23 2.02
O4P DPV X . -7.79 -8.44 0.57
H1 DPV X . -5.47 -7.05 3.59
H1A DPV X . -4.29 -7.20 2.25
H2 DPV X . -5.19 -9.41 4.20
H2A DPV X . -4.17 -9.69 2.80
H3 DPV X . -3.13 -9.37 5.24
H3A DPV X . -3.31 -7.63 4.92
H4 DPV X . -7.78 -8.54 -1.47
H4A DPV X . -8.74 -7.21 -0.81
H5 DPV X . -10.13 -9.24 -1.67
H5A DPV X . -9.40 -10.15 -0.32
H6 DPV X . -12.97 -9.29 0.57
H6A DPV X . -11.87 -10.63 0.24
H6B DPV X . -12.37 -9.59 -1.08
H7 DPV X . -10.63 -6.55 0.18
H7A DPV X . -12.35 -7.04 0.45
H7B DPV X . -11.55 -7.18 -1.19
H8 DPV X . -9.77 -8.17 1.95
H8A DPV X . -10.43 -9.84 1.98
H8B DPV X . -11.46 -8.49 2.33
H15 DPV X . -1.11 -7.98 4.15
H15A DPV X . -2.02 -8.15 2.62
H16 DPV X . -1.23 -10.56 4.29
H16A DPV X . -1.88 -10.56 2.69
H17 DPV X . 0.75 -9.28 3.35
H17A DPV X . 0.67 -10.95 2.89
H18 DPV X . -0.44 -8.80 1.04
H18A DPV X . 1.24 -9.19 1.07
H19 DPV X . -0.56 -11.57 0.74
H19A DPV X . -0.60 -10.38 -0.55
H20 DPV X . 2.01 -11.68 0.53
H20A DPV X . 1.08 -12.30 -0.85
H21 DPV X . 1.43 -10.08 -2.06
H21A DPV X . 2.53 -9.63 -0.70
H22 DPV X . 3.90 -11.69 -1.17
H22A DPV X . 2.93 -12.00 -2.65
H23 DPV X . 4.73 -9.58 -2.06
H23A DPV X . 3.64 -9.66 -3.46
H23B DPV X . 4.99 -10.75 -3.29
N DPV Y . 13.31 2.08 10.20
P DPV Y . 16.90 2.90 6.61
C1 DPV Y . 16.63 3.99 4.19
C2 DPV Y . 15.58 4.59 3.21
C3 DPV Y . 14.48 3.54 2.74
C4 DPV Y . 14.73 2.68 8.07
C5 DPV Y . 14.24 1.55 9.02
C6 DPV Y . 14.05 3.09 11.11
C7 DPV Y . 12.98 0.86 11.09
C8 DPV Y . 12.02 2.70 9.73
C15 DPV Y . 13.28 3.43 3.71
C16 DPV Y . 12.25 2.34 3.23
C17 DPV Y . 11.14 2.10 4.26
C18 DPV Y . 11.57 1.06 5.36
C19 DPV Y . 10.40 0.76 6.38
O1P DPV Y . 17.46 3.86 7.57
C20 DPV Y . 10.67 -0.46 7.30
C21 DPV Y . 9.44 -0.87 8.16
C22 DPV Y . 8.34 -1.69 7.37
C23 DPV Y . 7.31 -2.32 8.31
O2P DPV Y . 17.95 2.02 6.05
O3P DPV Y . 15.99 3.60 5.47
O4P DPV Y . 15.66 2.09 7.14
H1 DPV Y . 17.09 3.11 3.76
H1A DPV Y . 17.42 4.73 4.37
H2 DPV Y . 15.09 5.46 3.67
H2A DPV Y . 16.15 4.94 2.35
H3 DPV Y . 14.95 2.58 2.59
H3A DPV Y . 14.10 3.86 1.79
H4 DPV Y . 13.88 3.15 7.52
H4A DPV Y . 15.25 3.45 8.61
H5 DPV Y . 13.64 0.79 8.47
H5A DPV Y . 15.08 1.00 9.48
H6 DPV Y . 14.28 3.98 10.53
H6A DPV Y . 14.97 2.60 11.44
H6B DPV Y . 13.37 3.32 11.94
H7 DPV Y . 13.90 0.51 11.58
H7A DPV Y . 12.61 0.07 10.44
H7B DPV Y . 12.18 1.12 11.79
H8 DPV Y . 11.51 2.02 9.06
H8A DPV Y . 12.28 3.62 9.21
H8B DPV Y . 11.41 2.91 10.61
H15 DPV Y . 12.83 4.42 3.83
H15A DPV Y . 13.65 3.15 4.71
H16 DPV Y . 11.82 2.71 2.27
H16A DPV Y . 12.78 1.40 2.98
H17 DPV Y . 10.89 3.03 4.78
H17A DPV Y . 10.23 1.75 3.76
H18 DPV Y . 11.83 0.14 4.87
H18A DPV Y . 12.41 1.41 5.96
H19 DPV Y . 10.27 1.64 7.03
H19A DPV Y . 9.44 0.62 5.84
H20 DPV Y . 11.00 -1.31 6.73
H20A DPV Y . 11.45 -0.24 8.01
H21 DPV Y . 9.82 -1.52 8.99
H21A DPV Y . 8.96 0.01 8.67
H22 DPV Y . 7.80 -1.07 6.68
H22A DPV Y . 8.83 -2.47 6.81
H23 DPV Y . 6.77 -1.55 8.85
H23A DPV Y . 7.79 -2.96 9.01
H23B DPV Y . 6.60 -2.88 7.74
N DPV Z . 20.37 0.17 8.44
P DPV Z . 18.75 -3.95 11.23
C1 DPV Z . 18.21 -6.52 10.91
C2 DPV Z . 18.72 -7.74 10.13
C3 DPV Z . 17.98 -9.05 10.53
C4 DPV Z . 19.61 -1.79 10.05
C5 DPV Z . 20.10 -1.37 8.65
C6 DPV Z . 21.55 0.71 9.30
C7 DPV Z . 19.10 0.98 8.72
C8 DPV Z . 20.70 0.37 6.98
C15 DPV Z . 18.55 -10.33 9.83
C16 DPV Z . 18.07 -10.54 8.35
C17 DPV Z . 16.66 -11.19 8.27
C18 DPV Z . 16.18 -11.37 6.78
C19 DPV Z . 15.77 -10.02 6.14
O1P DPV Z . 19.67 -4.00 12.38
C20 DPV Z . 15.08 -10.21 4.75
C21 DPV Z . 14.77 -8.85 4.10
C22 DPV Z . 13.86 -9.06 2.85
C23 DPV Z . 13.58 -7.74 2.12
O2P DPV Z . 17.39 -3.49 11.61
O3P DPV Z . 18.75 -5.29 10.34
O4P DPV Z . 19.34 -3.23 9.97
H1 DPV Z . 17.11 -6.51 10.90
H1A DPV Z . 18.55 -6.63 11.94
H2 DPV Z . 18.64 -7.54 9.06
H2A DPV Z . 19.77 -7.88 10.37
H3 DPV Z . 16.93 -8.97 10.25
H3A DPV Z . 18.01 -9.23 11.62
H4 DPV Z . 20.39 -1.56 10.79
H4A DPV Z . 18.69 -1.28 10.30
H5 DPV Z . 21.02 -1.88 8.42
H5A DPV Z . 19.34 -1.68 7.93
H6 DPV Z . 22.45 0.14 9.07
H6A DPV Z . 21.25 0.59 10.34
H6B DPV Z . 21.73 1.76 9.07
H7 DPV Z . 18.29 0.56 8.09
H7A DPV Z . 19.28 2.04 8.45
H7B DPV Z . 18.83 0.89 9.78
H8 DPV Z . 21.63 -0.17 6.73
H8A DPV Z . 20.86 1.44 6.77
H8B DPV Z . 19.86 0.01 6.38
H15 DPV Z . 18.30 -11.18 10.47
H15A DPV Z . 19.64 -10.28 9.80
H16 DPV Z . 18.04 -9.58 7.82
H16A DPV Z . 18.81 -11.17 7.89
H17 DPV Z . 16.71 -12.16 8.75
H17A DPV Z . 15.96 -10.55 8.84
H18 DPV Z . 16.95 -11.87 6.19
H18A DPV Z . 15.32 -12.03 6.78
H19 DPV Z . 15.16 -9.46 6.81
H19A DPV Z . 16.69 -9.43 5.99
H20 DPV Z . 15.73 -10.77 4.08
H20A DPV Z . 14.17 -10.80 4.86
H21 DPV Z . 14.21 -8.21 4.82
H21A DPV Z . 15.71 -8.36 3.82
H22 DPV Z . 14.31 -9.79 2.20
H22A DPV Z . 12.89 -9.45 3.14
H23 DPV Z . 14.50 -7.30 1.75
H23A DPV Z . 13.10 -7.02 2.79
H23B DPV Z . 12.93 -7.94 1.28
N DPV AA . 22.62 -8.92 12.65
P DPV AA . 19.57 -13.18 12.41
C1 DPV AA . 18.25 -14.49 10.61
C2 DPV AA . 18.15 -14.77 9.10
C3 DPV AA . 16.72 -15.23 8.73
C4 DPV AA . 20.92 -10.91 12.74
C5 DPV AA . 21.94 -10.09 11.92
C6 DPV AA . 23.53 -9.40 13.81
C7 DPV AA . 21.57 -7.88 13.13
C8 DPV AA . 23.54 -8.28 11.63
C15 DPV AA . 16.45 -15.19 7.22
C16 DPV AA . 14.93 -14.97 6.93
C17 DPV AA . 14.62 -14.76 5.42
C18 DPV AA . 13.25 -14.13 5.17
C19 DPV AA . 12.99 -13.89 3.65
O1P DPV AA . 20.24 -14.17 13.27
C20 DPV AA . 11.79 -12.92 3.37
C21 DPV AA . 11.82 -12.41 1.91
C22 DPV AA . 10.82 -11.27 1.67
C23 DPV AA . 11.10 -10.54 0.33
O2P DPV AA . 18.31 -12.67 12.97
O3P DPV AA . 19.39 -13.67 10.89
O4P DPV AA . 20.56 -12.03 11.87
H1 DPV AA . 17.34 -14.01 11.03
H1A DPV AA . 18.38 -15.45 11.13
H2 DPV AA . 18.36 -13.88 8.55
H2A DPV AA . 18.86 -15.50 8.80
H3 DPV AA . 15.97 -14.63 9.24
H3A DPV AA . 16.59 -16.26 9.08
H4 DPV AA . 21.36 -11.29 13.67
H4A DPV AA . 20.00 -10.35 12.93
H5 DPV AA . 22.70 -10.73 11.52
H5A DPV AA . 21.43 -9.68 11.03
H6 DPV AA . 24.09 -8.55 14.17
H6A DPV AA . 24.21 -10.17 13.47
H6B DPV AA . 22.94 -9.82 14.61
H7 DPV AA . 22.08 -7.05 13.60
H7A DPV AA . 20.88 -8.32 13.84
H7B DPV AA . 21.04 -7.51 12.26
H8 DPV AA . 22.92 -7.86 10.82
H8A DPV AA . 24.24 -9.01 11.23
H8B DPV AA . 24.10 -7.47 12.10
H15 DPV AA . 16.79 -16.11 6.73
H15A DPV AA . 17.02 -14.38 6.78
H16 DPV AA . 14.38 -15.82 7.31
H16A DPV AA . 14.54 -14.13 7.53
H17 DPV AA . 15.39 -14.11 5.01
H17A DPV AA . 14.66 -15.74 4.91
H18 DPV AA . 12.47 -14.76 5.59
H18A DPV AA . 13.20 -13.19 5.73
H19 DPV AA . 13.94 -13.55 3.17
H19A DPV AA . 12.76 -14.88 3.22
H20 DPV AA . 10.83 -13.37 3.63
H20A DPV AA . 11.88 -12.07 4.04
H21 DPV AA . 12.85 -12.11 1.62
H21A DPV AA . 11.57 -13.26 1.24
H22 DPV AA . 9.84 -11.64 1.64
H22A DPV AA . 10.95 -10.54 2.45
H23 DPV AA . 10.27 -9.86 0.12
H23A DPV AA . 11.16 -11.25 -0.50
H23B DPV AA . 12.02 -9.95 0.37
N DPV BA . 30.27 -4.86 -1.25
P DPV BA . 29.31 -6.49 3.57
C1 DPV BA . 30.37 -4.36 4.74
C2 DPV BA . 31.15 -4.62 6.05
C3 DPV BA . 30.23 -4.58 7.33
C4 DPV BA . 29.60 -5.93 1.10
C5 DPV BA . 29.33 -4.82 0.01
C6 DPV BA . 31.73 -4.45 -0.88
C7 DPV BA . 29.75 -3.84 -2.26
C8 DPV BA . 30.29 -6.22 -1.97
C15 DPV BA . 29.77 -3.17 7.81
C16 DPV BA . 28.28 -2.78 7.45
C17 DPV BA . 27.17 -3.21 8.48
C18 DPV BA . 26.83 -4.71 8.44
C19 DPV BA . 25.99 -5.12 7.15
O1P DPV BA . 28.15 -7.42 3.64
C20 DPV BA . 25.80 -6.63 7.04
C21 DPV BA . 25.03 -7.00 5.74
C22 DPV BA . 24.94 -8.55 5.52
C23 DPV BA . 24.07 -8.92 4.31
O2P DPV BA . 30.60 -7.19 3.64
O3P DPV BA . 29.21 -5.23 4.60
O4P DPV BA . 29.19 -5.47 2.37
H1 DPV BA . 30.02 -3.36 4.74
H1A DPV BA . 31.04 -4.48 3.87
H2 DPV BA . 31.67 -5.62 6.01
H2A DPV BA . 31.94 -3.83 6.13
H3 DPV BA . 30.80 -5.06 8.15
H3A DPV BA . 29.32 -5.21 7.15
H4 DPV BA . 29.03 -6.86 0.84
H4A DPV BA . 30.66 -6.17 1.17
H5 DPV BA . 28.31 -4.96 -0.38
H5A DPV BA . 29.45 -3.84 0.47
H6 DPV BA . 32.08 -5.16 -0.10
H6A DPV BA . 31.68 -3.42 -0.49
H6B DPV BA . 32.33 -4.51 -1.80
H7 DPV BA . 28.74 -4.09 -2.56
H7A DPV BA . 30.41 -3.87 -3.14
H7B DPV BA . 29.75 -2.83 -1.79
H8 DPV BA . 30.91 -6.14 -2.85
H8A DPV BA . 29.27 -6.49 -2.24
H8B DPV BA . 30.73 -6.96 -1.30
H15 DPV BA . 30.49 -2.45 7.42
H15A DPV BA . 29.84 -3.15 8.91
H16 DPV BA . 28.26 -1.69 7.42
H16A DPV BA . 28.02 -3.11 6.43
H17 DPV BA . 27.50 -2.91 9.47
H17A DPV BA . 26.24 -2.65 8.29
H18 DPV BA . 27.73 -5.31 8.46
H18A DPV BA . 26.30 -4.95 9.37
H19 DPV BA . 24.99 -4.61 7.15
H19A DPV BA . 26.50 -4.78 6.23
H20 DPV BA . 26.79 -7.12 7.00
H20A DPV BA . 25.27 -7.03 7.92
H21 DPV BA . 24.04 -6.59 5.73
H21A DPV BA . 25.59 -6.60 4.89
H22 DPV BA . 25.93 -8.96 5.33
H22A DPV BA . 24.58 -9.02 6.42
H23 DPV BA . 24.47 -8.47 3.37
H23A DPV BA . 23.05 -8.60 4.48
H23B DPV BA . 24.07 -10.00 4.23
N DPV CA . 30.58 -15.14 -12.69
P DPV CA . 32.05 -14.40 -7.67
C1 DPV CA . 32.69 -15.80 -5.56
C2 DPV CA . 31.41 -15.92 -4.66
C3 DPV CA . 31.80 -15.93 -3.17
C4 DPV CA . 31.30 -14.56 -10.17
C5 DPV CA . 31.18 -15.66 -11.32
C6 DPV CA . 30.38 -16.37 -13.60
C7 DPV CA . 31.54 -14.18 -13.37
C8 DPV CA . 29.22 -14.40 -12.53
C15 DPV CA . 30.52 -15.95 -2.27
C16 DPV CA . 30.84 -16.29 -0.82
C17 DPV CA . 29.55 -16.32 0.04
C18 DPV CA . 29.90 -16.71 1.51
C19 DPV CA . 28.63 -17.00 2.35
O1P DPV CA . 33.28 -13.57 -7.75
C20 DPV CA . 28.00 -15.75 3.00
C21 DPV CA . 26.77 -16.17 3.91
C22 DPV CA . 26.16 -14.96 4.66
C23 DPV CA . 24.92 -15.33 5.49
O2P DPV CA . 30.87 -13.66 -7.17
O3P DPV CA . 32.30 -15.81 -6.94
O4P DPV CA . 31.77 -15.24 -9.02
H1 DPV CA . 33.21 -14.90 -5.34
H1A DPV CA . 33.36 -16.65 -5.42
H2 DPV CA . 30.70 -15.08 -4.81
H2A DPV CA . 30.89 -16.89 -4.89
H3 DPV CA . 32.40 -15.02 -2.92
H3A DPV CA . 32.43 -16.84 -2.97
H4 DPV CA . 32.01 -13.79 -10.42
H4A DPV CA . 30.33 -14.14 -9.96
H5 DPV CA . 32.17 -16.06 -11.54
H5A DPV CA . 30.56 -16.47 -10.97
H6 DPV CA . 31.33 -16.92 -13.68
H6A DPV CA . 30.09 -16.04 -14.61
H6B DPV CA . 29.62 -17.03 -13.17
H7 DPV CA . 31.71 -13.33 -12.71
H7A DPV CA . 31.08 -13.88 -14.32
H7B DPV CA . 32.49 -14.69 -13.53
H8 DPV CA . 28.58 -15.03 -11.96
H8A DPV CA . 28.83 -14.17 -13.51
H8B DPV CA . 29.42 -13.48 -11.96
H15 DPV CA . 29.80 -16.68 -2.67
H15A DPV CA . 30.03 -14.95 -2.30
H16 DPV CA . 31.31 -17.26 -0.80
H16A DPV CA . 31.53 -15.59 -0.40
H17 DPV CA . 29.02 -15.38 -0.04
H17A DPV CA . 28.88 -17.03 -0.40
H18 DPV CA . 30.52 -17.60 1.48
H18A DPV CA . 30.43 -15.89 1.99
H19 DPV CA . 27.90 -17.56 1.73
H19A DPV CA . 28.87 -17.74 3.12
H20 DPV CA . 28.75 -15.25 3.57
H20A DPV CA . 27.66 -15.06 2.24
H21 DPV CA . 26.02 -16.62 3.28
H21A DPV CA . 27.08 -16.94 4.61
H22 DPV CA . 26.91 -14.51 5.32
H22A DPV CA . 25.91 -14.21 3.90
H23 DPV CA . 25.14 -16.05 6.28
H23A DPV CA . 24.13 -15.77 4.84
H23B DPV CA . 24.52 -14.43 5.98
N DPV DA . 19.41 -27.16 -17.38
P DPV DA . 22.00 -29.36 -13.38
C1 DPV DA . 21.71 -31.33 -11.68
C2 DPV DA . 21.67 -32.88 -11.65
C3 DPV DA . 21.60 -33.39 -10.18
C4 DPV DA . 20.85 -28.19 -15.41
C5 DPV DA . 19.83 -28.46 -16.59
C6 DPV DA . 18.62 -26.16 -16.48
C7 DPV DA . 18.49 -27.60 -18.50
C8 DPV DA . 20.61 -26.47 -18.04
C15 DPV DA . 20.15 -33.35 -9.63
C16 DPV DA . 20.01 -34.10 -8.29
C17 DPV DA . 18.52 -34.19 -7.78
C18 DPV DA . 18.21 -33.04 -6.77
C19 DPV DA . 16.70 -32.86 -6.48
O1P DPV DA . 23.43 -29.14 -13.69
C20 DPV DA . 16.51 -31.83 -5.40
C21 DPV DA . 15.01 -31.43 -5.18
C22 DPV DA . 14.94 -30.52 -3.93
C23 DPV DA . 13.52 -30.19 -3.50
O2P DPV DA . 21.49 -28.42 -12.35
O3P DPV DA . 21.67 -30.89 -13.05
O4P DPV DA . 21.09 -29.45 -14.69
H1 DPV DA . 20.82 -30.91 -11.17
H1A DPV DA . 22.64 -30.94 -11.23
H2 DPV DA . 20.80 -33.22 -12.22
H2A DPV DA . 22.61 -33.23 -12.13
H3 DPV DA . 22.29 -32.84 -9.56
H3A DPV DA . 21.87 -34.43 -10.15
H4 DPV DA . 21.75 -27.81 -15.82
H4A DPV DA . 20.44 -27.50 -14.73
H5 DPV DA . 20.26 -29.16 -17.30
H5A DPV DA . 18.92 -28.90 -16.20
H6 DPV DA . 19.31 -25.82 -15.71
H6A DPV DA . 17.78 -26.71 -16.04
H6B DPV DA . 18.29 -25.33 -17.11
H7 DPV DA . 19.00 -28.28 -19.19
H7A DPV DA . 18.12 -26.73 -19.04
H7B DPV DA . 17.66 -28.14 -18.04
H8 DPV DA . 21.15 -27.22 -18.63
H8A DPV DA . 21.28 -26.13 -17.23
H8B DPV DA . 20.25 -25.62 -18.65
H15 DPV DA . 19.49 -33.83 -10.36
H15A DPV DA . 19.82 -32.29 -9.50
H16 DPV DA . 20.33 -35.14 -8.38
H16A DPV DA . 20.66 -33.63 -7.53
H17 DPV DA . 17.78 -34.20 -8.64
H17A DPV DA . 18.44 -35.17 -7.28
H18 DPV DA . 18.74 -33.23 -5.85
H18A DPV DA . 18.60 -32.12 -7.24
H19 DPV DA . 16.16 -32.57 -7.38
H19A DPV DA . 16.29 -33.78 -6.13
H20 DPV DA . 16.90 -32.25 -4.47
H20A DPV DA . 17.12 -30.93 -5.66
H21 DPV DA . 14.59 -30.91 -6.05
H21A DPV DA . 14.44 -32.32 -5.05
H22 DPV DA . 15.35 -31.13 -3.09
H22A DPV DA . 15.56 -29.59 -4.04
H23 DPV DA . 13.45 -29.81 -2.46
H23A DPV DA . 12.88 -31.08 -3.57
H23B DPV DA . 13.12 -29.44 -4.18
N DPV EA . 24.35 -22.91 -19.55
P DPV EA . 23.28 -23.52 -15.13
C1 DPV EA . 22.26 -22.28 -13.07
C2 DPV EA . 21.58 -20.98 -12.63
C3 DPV EA . 20.91 -21.07 -11.21
C4 DPV EA . 24.00 -21.94 -17.10
C5 DPV EA . 23.74 -21.76 -18.62
C6 DPV EA . 23.78 -24.26 -19.20
C7 DPV EA . 25.93 -22.92 -19.47
C8 DPV EA . 24.02 -22.59 -21.00
C15 DPV EA . 20.03 -19.84 -10.97
C16 DPV EA . 19.19 -19.96 -9.69
C17 DPV EA . 18.11 -18.85 -9.63
C18 DPV EA . 17.11 -19.07 -8.44
C19 DPV EA . 17.61 -18.44 -7.12
O1P DPV EA . 22.48 -24.71 -14.90
C20 DPV EA . 16.71 -18.85 -5.95
C21 DPV EA . 16.87 -17.99 -4.68
C22 DPV EA . 16.01 -18.52 -3.49
C23 DPV EA . 15.88 -17.45 -2.41
O2P DPV EA . 24.71 -23.75 -14.80
O3P DPV EA . 22.71 -22.18 -14.45
O4P DPV EA . 23.05 -22.89 -16.57
H1 DPV EA . 23.11 -22.48 -12.41
H1A DPV EA . 21.54 -23.13 -13.00
H2 DPV EA . 22.35 -20.18 -12.65
H2A DPV EA . 20.80 -20.74 -13.38
H3 DPV EA . 21.70 -21.13 -10.44
H3A DPV EA . 20.30 -21.99 -11.12
H4 DPV EA . 25.02 -22.33 -16.92
H4A DPV EA . 23.89 -20.97 -16.59
H5 DPV EA . 22.67 -21.67 -18.81
H5A DPV EA . 24.25 -20.85 -18.91
H6 DPV EA . 22.71 -24.25 -19.28
H6A DPV EA . 24.09 -24.49 -18.19
H6B DPV EA . 24.21 -25.01 -19.88
H7 DPV EA . 26.25 -21.94 -19.78
H7A DPV EA . 26.31 -23.66 -20.16
H7B DPV EA . 26.20 -23.10 -18.45
H8 DPV EA . 22.96 -22.67 -21.14
H8A DPV EA . 24.51 -23.33 -21.62
H8B DPV EA . 24.34 -21.58 -21.20
H15 DPV EA . 19.35 -19.68 -11.84
H15A DPV EA . 20.67 -18.92 -10.95
H16 DPV EA . 18.68 -20.92 -9.65
H16A DPV EA . 19.85 -19.93 -8.82
H17 DPV EA . 18.57 -17.84 -9.57
H17A DPV EA . 17.53 -18.88 -10.58
H18 DPV EA . 16.20 -18.63 -8.72
H18A DPV EA . 16.97 -20.12 -8.27
H19 DPV EA . 18.66 -18.75 -6.96
H19A DPV EA . 17.62 -17.34 -7.17
H20 DPV EA . 15.67 -18.81 -6.29
H20A DPV EA . 16.89 -19.91 -5.70
H21 DPV EA . 17.91 -17.94 -4.39
H21A DPV EA . 16.54 -16.98 -4.94
H22 DPV EA . 14.99 -18.79 -3.82
H22A DPV EA . 16.47 -19.45 -3.09
H23 DPV EA . 15.31 -16.59 -2.77
H23A DPV EA . 16.87 -17.14 -2.10
H23B DPV EA . 15.33 -17.88 -1.55
N DPV FA . 16.23 -15.43 -23.70
P DPV FA . 12.59 -12.23 -22.94
C1 DPV FA . 13.30 -12.85 -20.49
C2 DPV FA . 12.91 -13.79 -19.32
C3 DPV FA . 13.61 -13.33 -17.99
C4 DPV FA . 14.35 -13.68 -24.32
C5 DPV FA . 14.76 -14.92 -23.48
C6 DPV FA . 16.53 -15.79 -25.13
C7 DPV FA . 16.38 -16.70 -22.82
C8 DPV FA . 17.26 -14.39 -23.24
C15 DPV FA . 13.26 -14.30 -16.82
C16 DPV FA . 14.02 -13.97 -15.48
C17 DPV FA . 13.90 -15.14 -14.46
C18 DPV FA . 14.76 -14.87 -13.18
C19 DPV FA . 14.84 -16.10 -12.22
O1P DPV FA . 13.64 -11.18 -22.89
C20 DPV FA . 15.98 -15.92 -11.17
C21 DPV FA . 15.53 -15.20 -9.88
C22 DPV FA . 16.73 -14.79 -9.00
C23 DPV FA . 16.24 -14.13 -7.71
O2P DPV FA . 11.25 -11.64 -23.16
O3P DPV FA . 12.65 -13.27 -21.72
O4P DPV FA . 12.95 -13.40 -23.97
H1 DPV FA . 12.97 -11.83 -20.28
H1A DPV FA . 14.35 -12.83 -20.67
H2 DPV FA . 11.86 -13.77 -19.15
H2A DPV FA . 13.20 -14.79 -19.59
H3 DPV FA . 13.34 -12.31 -17.78
H3A DPV FA . 14.68 -13.41 -18.18
H4 DPV FA . 14.97 -12.82 -24.05
H4A DPV FA . 14.45 -13.86 -25.38
H5 DPV FA . 14.62 -14.71 -22.41
H5A DPV FA . 14.13 -15.78 -23.71
H6 DPV FA . 16.33 -14.91 -25.78
H6A DPV FA . 15.87 -16.63 -25.45
H6B DPV FA . 17.59 -16.13 -25.21
H7 DPV FA . 17.41 -17.09 -22.84
H7A DPV FA . 15.72 -17.51 -23.16
H7B DPV FA . 16.16 -16.43 -21.78
H8 DPV FA . 18.22 -14.89 -23.03
H8A DPV FA . 16.91 -13.92 -22.34
H8B DPV FA . 17.37 -13.64 -24.02
H15 DPV FA . 13.48 -15.32 -17.20
H15A DPV FA . 12.18 -14.25 -16.63
H16 DPV FA . 15.09 -13.70 -15.71
H16A DPV FA . 13.58 -13.06 -15.02
H17 DPV FA . 12.88 -15.25 -14.20
H17A DPV FA . 14.20 -16.05 -14.97
H18 DPV FA . 15.78 -14.55 -13.52
H18A DPV FA . 14.30 -14.04 -12.62
H19 DPV FA . 13.91 -16.28 -11.72
H19A DPV FA . 15.03 -17.00 -12.77
H20 DPV FA . 16.37 -16.89 -10.89
H20A DPV FA . 16.78 -15.38 -11.64
H21 DPV FA . 14.97 -14.29 -10.11
H21A DPV FA . 14.90 -15.89 -9.34
H22 DPV FA . 17.34 -15.64 -8.71
H22A DPV FA . 17.35 -14.08 -9.57
H23 DPV FA . 17.08 -13.92 -7.08
H23A DPV FA . 15.57 -14.79 -7.12
H23B DPV FA . 15.64 -13.24 -7.92
N DPV GA . 5.10 -35.40 -13.20
P DPV GA . 6.60 -34.56 -8.72
C1 DPV GA . 7.37 -35.35 -6.36
C2 DPV GA . 8.53 -35.99 -5.61
C3 DPV GA . 9.63 -34.93 -5.26
C4 DPV GA . 6.36 -35.99 -10.93
C5 DPV GA . 5.75 -34.91 -11.86
C6 DPV GA . 3.91 -36.34 -12.97
C7 DPV GA . 6.15 -36.06 -14.09
C8 DPV GA . 4.56 -34.14 -13.93
C15 DPV GA . 10.69 -35.52 -4.28
C16 DPV GA . 11.77 -34.46 -3.90
C17 DPV GA . 12.65 -34.95 -2.74
C18 DPV GA . 13.72 -33.90 -2.36
C19 DPV GA . 14.32 -34.16 -0.97
O1P DPV GA . 6.90 -33.11 -8.82
C20 DPV GA . 15.30 -33.01 -0.52
C21 DPV GA . 14.59 -31.76 0.08
C22 DPV GA . 15.62 -30.81 0.73
C23 DPV GA . 14.92 -29.61 1.43
O2P DPV GA . 5.18 -34.84 -8.44
O3P DPV GA . 7.61 -35.35 -7.80
O4P DPV GA . 7.20 -35.42 -9.97
H1 DPV GA . 6.47 -35.95 -6.08
H1A DPV GA . 7.14 -34.33 -6.04
H2 DPV GA . 8.10 -36.42 -4.69
H2A DPV GA . 8.96 -36.81 -6.20
H3 DPV GA . 9.19 -34.04 -4.82
H3A DPV GA . 10.11 -34.58 -6.17
H4 DPV GA . 5.57 -36.54 -10.43
H4A DPV GA . 7.00 -36.68 -11.49
H5 DPV GA . 4.97 -34.37 -11.31
H5A DPV GA . 6.55 -34.23 -12.13
H6 DPV GA . 4.25 -37.25 -12.49
H6A DPV GA . 3.49 -36.61 -13.93
H6B DPV GA . 3.20 -35.78 -12.34
H7 DPV GA . 6.96 -35.34 -14.23
H7A DPV GA . 5.69 -36.33 -15.05
H7B DPV GA . 6.47 -36.99 -13.62
H8 DPV GA . 4.10 -34.44 -14.88
H8A DPV GA . 5.38 -33.45 -14.15
H8B DPV GA . 3.84 -33.64 -13.27
H15 DPV GA . 11.12 -36.42 -4.72
H15A DPV GA . 10.15 -35.86 -3.40
H16 DPV GA . 12.37 -34.28 -4.75
H16A DPV GA . 11.25 -33.56 -3.64
H17 DPV GA . 12.04 -35.21 -1.87
H17A DPV GA . 13.16 -35.88 -3.07
H18 DPV GA . 14.53 -33.88 -3.13
H18A DPV GA . 13.24 -32.90 -2.37
H19 DPV GA . 13.54 -34.28 -0.29
H19A DPV GA . 14.88 -35.07 -0.95
H20 DPV GA . 15.94 -33.42 0.28
H20A DPV GA . 15.97 -32.69 -1.33
H21 DPV GA . 14.06 -31.23 -0.71
H21A DPV GA . 13.91 -32.07 0.88
H22 DPV GA . 16.20 -31.38 1.48
H22A DPV GA . 16.29 -30.42 -0.06
H23 DPV GA . 15.60 -28.97 1.96
H23A DPV GA . 14.19 -29.95 2.14
H23B DPV GA . 14.43 -29.01 0.70
N DPV HA . -0.17 -27.91 -15.51
P DPV HA . -0.39 -30.46 -12.11
C1 DPV HA . -1.85 -32.53 -11.47
C2 DPV HA . -1.76 -34.07 -11.63
C3 DPV HA . -0.74 -34.74 -10.70
C4 DPV HA . -1.37 -30.12 -14.62
C5 DPV HA . -0.14 -29.46 -15.36
C6 DPV HA . 0.94 -27.56 -16.50
C7 DPV HA . 0.12 -27.22 -14.16
C8 DPV HA . -1.48 -27.38 -16.13
C15 DPV HA . 0.78 -34.43 -11.03
C16 DPV HA . 1.36 -33.30 -10.15
C17 DPV HA . 2.74 -32.82 -10.61
C18 DPV HA . 3.15 -31.48 -9.90
C19 DPV HA . 4.50 -30.93 -10.42
O1P DPV HA . 1.02 -30.31 -12.47
C20 DPV HA . 5.12 -29.90 -9.39
C21 DPV HA . 6.34 -29.14 -10.02
C22 DPV HA . 6.89 -27.94 -9.13
C23 DPV HA . 6.12 -26.65 -9.32
O2P DPV HA . -0.66 -29.99 -10.72
O3P DPV HA . -0.95 -31.94 -12.43
O4P DPV HA . -1.43 -29.81 -13.19
H1 DPV HA . -2.85 -32.15 -11.69
H1A DPV HA . -1.62 -32.27 -10.43
H2 DPV HA . -2.79 -34.49 -11.48
H2A DPV HA . -1.50 -34.32 -12.66
H3 DPV HA . -0.82 -35.78 -10.86
H3A DPV HA . -0.96 -34.56 -9.66
H4 DPV HA . -2.35 -29.78 -15.05
H4A DPV HA . -1.29 -31.22 -14.74
H5 DPV HA . 0.80 -29.70 -14.81
H5A DPV HA . -0.06 -29.87 -16.38
H6 DPV HA . 0.75 -28.08 -17.45
H6A DPV HA . 1.92 -27.87 -16.07
H6B DPV HA . 0.96 -26.46 -16.68
H7 DPV HA . -0.73 -27.37 -13.50
H7A DPV HA . 0.28 -26.15 -14.33
H7B DPV HA . 1.04 -27.65 -13.72
H8 DPV HA . -2.29 -27.62 -15.45
H8A DPV HA . -1.65 -27.90 -17.07
H8B DPV HA . -1.42 -26.31 -16.26
H15 DPV HA . 0.91 -34.16 -12.09
H15A DPV HA . 1.37 -35.34 -10.87
H16 DPV HA . 0.66 -32.46 -10.14
H16A DPV HA . 1.42 -33.69 -9.11
H17 DPV HA . 3.48 -33.59 -10.40
H17A DPV HA . 2.74 -32.70 -11.67
H18 DPV HA . 2.40 -30.71 -10.07
H18A DPV HA . 3.19 -31.65 -8.82
H19 DPV HA . 5.19 -31.76 -10.61
H19A DPV HA . 4.28 -30.47 -11.38
H20 DPV HA . 4.37 -29.14 -9.12
H20A DPV HA . 5.44 -30.41 -8.50
H21 DPV HA . 7.17 -29.87 -10.14
H21A DPV HA . 6.07 -28.77 -11.04
H22 DPV HA . 6.86 -28.22 -8.08
H22A DPV HA . 7.93 -27.74 -9.37
H23 DPV HA . 5.09 -26.78 -8.97
H23A DPV HA . 6.07 -26.36 -10.37
H23B DPV HA . 6.61 -25.83 -8.78
N DPV IA . -6.81 -25.20 -8.04
P DPV IA . -5.78 -22.87 -11.86
C1 DPV IA . -4.45 -24.81 -12.99
C2 DPV IA . -4.03 -26.29 -12.75
C3 DPV IA . -2.75 -26.47 -11.87
C4 DPV IA . -6.00 -22.99 -9.25
C5 DPV IA . -6.87 -23.63 -8.14
C6 DPV IA . -7.77 -25.62 -6.94
C7 DPV IA . -5.43 -25.68 -7.62
C8 DPV IA . -7.26 -25.88 -9.37
C15 DPV IA . -2.98 -26.27 -10.34
C16 DPV IA . -1.78 -26.79 -9.46
C17 DPV IA . -0.63 -25.78 -9.36
C18 DPV IA . 0.69 -26.34 -8.76
C19 DPV IA . 1.50 -27.27 -9.72
O1P DPV IA . -6.64 -22.68 -13.04
C20 DPV IA . 2.16 -26.51 -10.88
C21 DPV IA . 3.13 -27.41 -11.65
C22 DPV IA . 3.78 -26.66 -12.87
C23 DPV IA . 4.68 -27.61 -13.69
O2P DPV IA . -4.86 -21.73 -11.66
O3P DPV IA . -5.06 -24.30 -11.79
O4P DPV IA . -6.62 -23.23 -10.55
H1 DPV IA . -3.58 -24.20 -13.24
H1A DPV IA . -5.12 -24.77 -13.80
H2 DPV IA . -4.83 -26.87 -12.35
H2A DPV IA . -3.85 -26.68 -13.73
H3 DPV IA . -2.00 -25.78 -12.23
H3A DPV IA . -2.39 -27.46 -12.05
H4 DPV IA . -5.95 -21.90 -9.07
H4A DPV IA . -5.01 -23.40 -9.25
H5 DPV IA . -6.56 -23.23 -7.14
H5A DPV IA . -7.96 -23.33 -8.31
H6 DPV IA . -7.75 -26.72 -6.83
H6A DPV IA . -8.78 -25.31 -7.24
H6B DPV IA . -7.48 -25.16 -5.98
H7 DPV IA . -4.67 -25.33 -8.33
H7A DPV IA . -5.43 -26.78 -7.63
H7B DPV IA . -5.18 -25.25 -6.67
H8 DPV IA . -6.52 -25.66 -10.12
H8A DPV IA . -8.22 -25.47 -9.64
H8B DPV IA . -7.36 -26.94 -9.23
H15 DPV IA . -3.91 -26.83 -10.07
H15A DPV IA . -3.16 -25.20 -10.10
H16 DPV IA . -2.16 -26.98 -8.45
H16A DPV IA . -1.40 -27.73 -9.85
H17 DPV IA . -0.43 -25.30 -10.35
H17A DPV IA . -0.94 -24.98 -8.67
H18 DPV IA . 1.32 -25.49 -8.48
H18A DPV IA . 0.46 -26.90 -7.85
H19 DPV IA . 2.30 -27.75 -9.16
H19A DPV IA . 0.83 -28.05 -10.07
H20 DPV IA . 1.39 -26.13 -11.56
H20A DPV IA . 2.71 -25.66 -10.43
H21 DPV IA . 3.93 -27.70 -10.97
H21A DPV IA . 2.61 -28.28 -11.97
H22 DPV IA . 3.02 -26.24 -13.53
H22A DPV IA . 4.38 -25.84 -12.46
H23 DPV IA . 5.45 -28.04 -13.00
H23A DPV IA . 5.20 -27.09 -14.51
H23B DPV IA . 4.11 -28.41 -14.15
N DPV JA . -8.30 -5.39 -8.82
P DPV JA . -6.56 -10.30 -9.75
C1 DPV JA . -5.12 -10.46 -11.94
C2 DPV JA . -3.95 -9.77 -12.67
C3 DPV JA . -2.56 -10.22 -12.18
C4 DPV JA . -7.72 -7.94 -9.21
C5 DPV JA . -7.48 -6.62 -8.38
C6 DPV JA . -9.83 -5.65 -8.83
C7 DPV JA . -7.86 -4.87 -10.20
C8 DPV JA . -8.04 -4.31 -7.77
C15 DPV JA . -1.76 -10.94 -13.31
C16 DPV JA . -0.42 -11.48 -12.79
C17 DPV JA . 0.41 -12.19 -13.93
C18 DPV JA . 1.70 -12.83 -13.40
C19 DPV JA . 2.53 -13.49 -14.55
O1P DPV JA . -6.21 -11.36 -8.77
C20 DPV JA . 3.96 -13.98 -14.05
C21 DPV JA . 4.81 -14.45 -15.20
C22 DPV JA . 6.26 -14.81 -14.75
C23 DPV JA . 7.14 -15.30 -15.95
O2P DPV JA . -7.77 -10.58 -10.53
O3P DPV JA . -5.31 -9.84 -10.65
O4P DPV JA . -6.55 -8.83 -9.09
H1 DPV JA . -6.05 -10.34 -12.51
H1A DPV JA . -4.89 -11.52 -11.79
H2 DPV JA . -4.07 -9.89 -13.73
H2A DPV JA . -4.03 -8.70 -12.54
H3 DPV JA . -2.67 -10.91 -11.32
H3A DPV JA . -2.02 -9.32 -11.83
H4 DPV JA . -8.59 -8.46 -8.86
H4A DPV JA . -7.83 -7.71 -10.26
H5 DPV JA . -7.78 -6.83 -7.34
H5A DPV JA . -6.43 -6.32 -8.42
H6 DPV JA . -10.17 -5.82 -7.81
H6A DPV JA . -10.03 -6.55 -9.43
H6B DPV JA . -10.33 -4.76 -9.20
H7 DPV JA . -6.78 -4.68 -10.21
H7A DPV JA . -8.39 -3.95 -10.45
H7B DPV JA . -8.13 -5.59 -10.95
H8 DPV JA . -8.70 -3.44 -7.98
H8A DPV JA . -7.00 -4.00 -7.85
H8B DPV JA . -8.24 -4.73 -6.77
H15 DPV JA . -1.56 -10.25 -14.10
H15A DPV JA . -2.33 -11.77 -13.71
H16 DPV JA . 0.14 -10.64 -12.43
H16A DPV JA . -0.56 -12.15 -11.97
H17 DPV JA . -0.22 -12.96 -14.42
H17A DPV JA . 0.67 -11.47 -14.67
H18 DPV JA . 2.30 -12.03 -12.94
H18A DPV JA . 1.46 -13.57 -12.63
H19 DPV JA . 1.94 -14.34 -14.93
H19A DPV JA . 2.65 -12.77 -15.37
H20 DPV JA . 4.48 -13.15 -13.55
H20A DPV JA . 3.82 -14.78 -13.30
H21 DPV JA . 4.36 -15.36 -15.58
H21A DPV JA . 4.87 -13.71 -15.99
H22 DPV JA . 6.74 -13.93 -14.32
H22A DPV JA . 6.22 -15.53 -13.92
H23 DPV JA . 6.67 -16.13 -16.47
H23A DPV JA . 8.13 -15.65 -15.61
H23B DPV JA . 7.27 -14.48 -16.67
N DPV KA . -11.63 -13.99 -1.74
P DPV KA . -8.97 -12.56 1.96
C1 DPV KA . -7.94 -10.73 3.52
C2 DPV KA . -8.28 -9.93 4.78
C3 DPV KA . -8.60 -10.86 6.03
C4 DPV KA . -11.14 -13.56 0.82
C5 DPV KA . -10.82 -13.21 -0.68
C6 DPV KA . -13.15 -13.78 -1.61
C7 DPV KA . -11.32 -15.52 -1.69
C8 DPV KA . -11.22 -13.44 -3.12
C15 DPV KA . -7.49 -10.86 7.17
C16 DPV KA . -6.05 -11.33 6.77
C17 DPV KA . -5.98 -12.81 6.21
C18 DPV KA . -4.54 -13.26 5.86
C19 DPV KA . -3.96 -12.61 4.55
O1P DPV KA . -8.46 -13.85 2.48
C20 DPV KA . -4.55 -13.25 3.28
C21 DPV KA . -4.00 -12.62 1.98
C22 DPV KA . -4.26 -13.50 0.70
C23 DPV KA . -3.37 -14.78 0.64
O2P DPV KA . -8.19 -12.09 0.81
O3P DPV KA . -9.12 -11.48 3.11
O4P DPV KA . -10.54 -12.53 1.69
H1 DPV KA . -7.61 -10.05 2.74
H1A DPV KA . -7.13 -11.41 3.73
H2 DPV KA . -7.43 -9.27 5.02
H2A DPV KA . -9.14 -9.30 4.56
H3 DPV KA . -8.80 -11.87 5.70
H3A DPV KA . -9.51 -10.51 6.49
H4 DPV KA . -12.21 -13.53 0.96
H4A DPV KA . -10.75 -14.53 1.11
H5 DPV KA . -11.02 -12.14 -0.85
H5A DPV KA . -9.76 -13.44 -0.86
H6 DPV KA . -13.35 -12.70 -1.63
H6A DPV KA . -13.47 -14.23 -0.65
H6B DPV KA . -13.65 -14.28 -2.46
H7 DPV KA . -10.23 -15.65 -1.78
H7A DPV KA . -11.83 -16.01 -2.53
H7B DPV KA . -11.73 -15.95 -0.75
H8 DPV KA . -10.16 -13.58 -3.24
H8A DPV KA . -11.45 -12.41 -3.16
H8B DPV KA . -11.76 -13.96 -3.89
H15 DPV KA . -7.83 -11.49 7.94
H15A DPV KA . -7.39 -9.90 7.57
H16 DPV KA . -5.64 -10.67 6.02
H16A DPV KA . -5.44 -11.25 7.64
H17 DPV KA . -6.41 -13.44 7.00
H17A DPV KA . -6.58 -12.93 5.33
H18 DPV KA . -3.88 -13.02 6.71
H18A DPV KA . -4.49 -14.36 5.76
H19 DPV KA . -4.12 -11.54 4.52
H19A DPV KA . -2.86 -12.72 4.57
H20 DPV KA . -4.31 -14.31 3.29
H20A DPV KA . -5.64 -13.16 3.28
H21 DPV KA . -4.49 -11.65 1.85
H21A DPV KA . -2.94 -12.45 2.08
H22 DPV KA . -5.32 -13.84 0.69
H22A DPV KA . -4.07 -12.88 -0.20
H23 DPV KA . -2.31 -14.53 0.67
H23A DPV KA . -3.54 -15.31 -0.29
H23B DPV KA . -3.64 -15.44 1.47
N DPV LA . 7.99 -20.95 15.62
P DPV LA . 7.87 -15.82 14.70
C1 DPV LA . 5.44 -16.01 13.73
C2 DPV LA . 4.33 -15.00 13.34
C3 DPV LA . 3.34 -15.63 12.37
C4 DPV LA . 8.05 -18.40 15.01
C5 DPV LA . 7.75 -19.51 16.09
C6 DPV LA . 7.65 -21.83 16.79
C7 DPV LA . 9.48 -21.25 15.20
C8 DPV LA . 7.00 -21.32 14.50
C15 DPV LA . 2.23 -14.67 11.89
C16 DPV LA . 1.11 -15.49 11.20
C17 DPV LA . 0.34 -14.66 10.15
C18 DPV LA . -0.64 -15.55 9.35
C19 DPV LA . -1.14 -14.89 8.02
O1P DPV LA . 8.69 -14.92 15.47
C20 DPV LA . -0.11 -14.97 6.86
C21 DPV LA . -0.70 -14.41 5.57
C22 DPV LA . 0.39 -14.24 4.48
C23 DPV LA . -0.22 -13.90 3.11
O2P DPV LA . 8.40 -16.05 13.33
O3P DPV LA . 6.30 -15.46 14.72
O4P DPV LA . 7.49 -17.16 15.47
H1 DPV LA . 5.00 -16.90 14.14
H1A DPV LA . 6.00 -16.27 12.85
H2 DPV LA . 3.83 -14.68 14.26
H2A DPV LA . 4.81 -14.11 12.90
H3 DPV LA . 2.93 -16.52 12.85
H3A DPV LA . 3.91 -15.95 11.48
H4 DPV LA . 9.12 -18.24 14.86
H4A DPV LA . 7.60 -18.69 14.06
H5 DPV LA . 8.35 -19.33 16.98
H5A DPV LA . 6.70 -19.43 16.35
H6 DPV LA . 7.83 -22.87 16.49
H6A DPV LA . 6.61 -21.67 17.04
H6B DPV LA . 8.28 -21.58 17.64
H7 DPV LA . 9.79 -20.49 14.48
H7A DPV LA . 9.51 -22.24 14.73
H7B DPV LA . 10.13 -21.18 16.07
H8 DPV LA . 7.18 -20.70 13.62
H8A DPV LA . 5.98 -21.18 14.88
H8B DPV LA . 7.16 -22.35 14.20
H15 DPV LA . 2.63 -13.94 11.21
H15A DPV LA . 1.83 -14.15 12.75
H16 DPV LA . 1.51 -16.44 10.75
H16A DPV LA . 0.38 -15.79 12.01
H17 DPV LA . -0.16 -13.79 10.62
H17A DPV LA . 1.06 -14.25 9.46
H18 DPV LA . -0.20 -16.54 9.09
H18A DPV LA . -1.50 -15.74 10.00
H19 DPV LA . -2.04 -15.39 7.71
H19A DPV LA . -1.39 -13.86 8.21
H20 DPV LA . 0.80 -14.44 7.09
H20A DPV LA . 0.20 -15.99 6.72
H21 DPV LA . -1.50 -15.04 5.21
H21A DPV LA . -1.16 -13.44 5.78
H22 DPV LA . 1.04 -13.41 4.75
H22A DPV LA . 1.01 -15.12 4.43
H23 DPV LA . -0.80 -12.96 3.17
H23A DPV LA . -0.88 -14.70 2.74
H23B DPV LA . 0.59 -13.76 2.36
N DPV MA . 24.00 -24.59 11.49
P DPV MA . 19.69 -21.74 10.87
C1 DPV MA . 18.57 -22.41 8.58
C2 DPV MA . 17.61 -21.28 8.20
C3 DPV MA . 17.33 -21.28 6.67
C4 DPV MA . 21.84 -23.13 11.34
C5 DPV MA . 23.04 -23.77 10.58
C6 DPV MA . 25.20 -25.00 10.61
C7 DPV MA . 23.37 -25.88 12.03
C8 DPV MA . 24.60 -23.75 12.61
C15 DPV MA . 16.31 -20.17 6.29
C16 DPV MA . 15.71 -20.34 4.87
C17 DPV MA . 14.83 -19.12 4.46
C18 DPV MA . 14.06 -19.41 3.16
C19 DPV MA . 13.35 -18.16 2.61
O1P DPV MA . 19.44 -21.78 12.33
C20 DPV MA . 14.31 -17.21 1.83
C21 DPV MA . 13.51 -16.32 0.79
C22 DPV MA . 14.35 -15.15 0.23
C23 DPV MA . 13.60 -14.42 -0.89
O2P DPV MA . 19.89 -20.36 10.36
O3P DPV MA . 18.61 -22.59 10.02
O4P DPV MA . 20.83 -22.74 10.40
H1 DPV MA . 18.25 -23.38 8.13
H1A DPV MA . 19.60 -22.15 8.20
H2 DPV MA . 16.71 -21.40 8.77
H2A DPV MA . 18.03 -20.32 8.46
H3 DPV MA . 16.95 -22.24 6.36
H3A DPV MA . 18.26 -21.15 6.13
H4 DPV MA . 21.37 -23.81 12.06
H4A DPV MA . 22.18 -22.25 11.87
H5 DPV MA . 22.67 -24.48 9.84
H5A DPV MA . 23.61 -23.02 10.07
H6 DPV MA . 25.94 -25.50 11.26
H6A DPV MA . 25.66 -24.10 10.19
H6B DPV MA . 24.86 -25.67 9.82
H7 DPV MA . 24.15 -26.52 12.47
H7A DPV MA . 22.88 -26.41 11.21
H7B DPV MA . 22.60 -25.60 12.75
H8 DPV MA . 25.14 -22.93 12.15
H8A DPV MA . 25.25 -24.35 13.23
H8B DPV MA . 23.82 -23.34 13.25
H15 DPV MA . 16.81 -19.20 6.35
H15A DPV MA . 15.50 -20.17 7.02
H16 DPV MA . 16.51 -20.50 4.14
H16A DPV MA . 15.07 -21.24 4.85
H17 DPV MA . 14.12 -18.92 5.24
H17A DPV MA . 15.44 -18.22 4.35
H18 DPV MA . 14.75 -19.83 2.41
H18A DPV MA . 13.31 -20.20 3.35
H19 DPV MA . 12.58 -18.49 1.91
H19A DPV MA . 12.82 -17.66 3.44
H20 DPV MA . 14.89 -16.60 2.54
H20A DPV MA . 15.02 -17.80 1.29
H21 DPV MA . 13.16 -16.97 -0.02
H21A DPV MA . 12.64 -15.85 1.26
H22 DPV MA . 14.55 -14.44 1.06
H22A DPV MA . 15.31 -15.52 -0.18
H23 DPV MA . 12.67 -14.01 -0.54
H23A DPV MA . 13.40 -15.12 -1.71
H23B DPV MA . 14.22 -13.59 -1.27
N DPV NA . 11.00 -25.77 16.00
P DPV NA . 13.36 -21.77 15.61
C1 DPV NA . 12.63 -20.02 17.45
C2 DPV NA . 11.55 -18.97 17.76
C3 DPV NA . 12.04 -17.49 17.57
C4 DPV NA . 12.66 -23.92 16.98
C5 DPV NA . 11.41 -24.85 17.22
C6 DPV NA . 12.09 -26.80 15.67
C7 DPV NA . 10.65 -24.95 14.75
C8 DPV NA . 9.75 -26.56 16.40
C15 DPV NA . 12.15 -17.12 16.08
C16 DPV NA . 12.51 -15.60 15.91
C17 DPV NA . 12.71 -15.31 14.39
C18 DPV NA . 13.04 -13.85 14.12
C19 DPV NA . 13.13 -13.62 12.58
O1P DPV NA . 14.69 -21.85 16.27
C20 DPV NA . 13.54 -12.15 12.22
C21 DPV NA . 13.72 -11.96 10.72
C22 DPV NA . 12.36 -11.69 9.98
C23 DPV NA . 12.55 -11.66 8.45
O2P DPV NA . 13.46 -21.92 14.13
O3P DPV NA . 12.53 -20.48 16.05
O4P DPV NA . 12.25 -22.72 16.27
H1 DPV NA . 13.62 -19.64 17.67
H1A DPV NA . 12.46 -20.90 18.08
H2 DPV NA . 10.66 -19.12 17.08
H2A DPV NA . 11.19 -19.10 18.79
H3 DPV NA . 13.01 -17.34 18.10
H3A DPV NA . 11.33 -16.83 18.07
H4 DPV NA . 13.02 -23.59 17.96
H4A DPV NA . 13.42 -24.44 16.39
H5 DPV NA . 11.61 -25.49 18.03
H5A DPV NA . 10.55 -24.26 17.44
H6 DPV NA . 12.17 -27.48 16.51
H6A DPV NA . 13.06 -26.33 15.57
H6B DPV NA . 11.80 -27.31 14.75
H7 DPV NA . 9.82 -24.28 15.00
H7A DPV NA . 10.36 -25.64 13.93
H7B DPV NA . 11.53 -24.37 14.43
H8 DPV NA . 8.94 -25.84 16.59
H8A DPV NA . 9.96 -27.13 17.30
H8B DPV NA . 9.47 -27.22 15.59
H15 DPV NA . 11.23 -17.37 15.62
H15A DPV NA . 12.92 -17.73 15.65
H16 DPV NA . 11.69 -14.97 16.30
H16A DPV NA . 13.43 -15.36 16.46
H17 DPV NA . 13.59 -15.87 14.07
H17A DPV NA . 11.86 -15.65 13.82
H18 DPV NA . 12.28 -13.20 14.59
H18A DPV NA . 14.01 -13.60 14.59
H19 DPV NA . 13.93 -14.28 12.16
H19A DPV NA . 12.17 -13.88 12.09
H20 DPV NA . 12.82 -11.44 12.65
H20A DPV NA . 14.46 -11.93 12.74
H21 DPV NA . 14.42 -11.13 10.59
H21A DPV NA . 14.20 -12.85 10.29
H22 DPV NA . 11.60 -12.49 10.25
H22A DPV NA . 11.94 -10.70 10.30
H23 DPV NA . 12.74 -12.66 8.04
H23A DPV NA . 13.40 -10.99 8.19
H23B DPV NA . 11.65 -11.22 7.99
N DPV OA . 19.73 -29.20 8.16
P DPV OA . 24.24 -27.68 7.97
C1 DPV OA . 24.05 -25.61 6.42
C2 DPV OA . 23.53 -24.16 6.37
C3 DPV OA . 22.00 -24.02 6.68
C4 DPV OA . 21.76 -27.73 9.01
C5 DPV OA . 21.25 -29.14 8.57
C6 DPV OA . 19.50 -30.56 7.50
C7 DPV OA . 19.35 -28.10 7.15
C8 DPV OA . 18.84 -29.09 9.41
C15 DPV OA . 21.12 -24.76 5.58
C16 DPV OA . 19.66 -24.37 5.67
C17 DPV OA . 18.81 -25.15 4.61
C18 DPV OA . 17.41 -24.56 4.37
C19 DPV OA . 16.61 -25.46 3.35
O1P DPV OA . 25.65 -27.79 8.36
C20 DPV OA . 15.28 -24.81 2.90
C21 DPV OA . 14.55 -25.69 1.86
C22 DPV OA . 13.26 -24.99 1.35
C23 DPV OA . 12.77 -25.61 0.07
O2P DPV OA . 23.90 -28.61 6.87
O3P DPV OA . 23.77 -26.19 7.69
O4P DPV OA . 23.23 -27.77 9.22
H1 DPV OA . 23.59 -26.23 5.62
H1A DPV OA . 25.15 -25.62 6.28
H2 DPV OA . 24.03 -23.53 7.11
H2A DPV OA . 23.73 -23.70 5.38
H3 DPV OA . 21.77 -22.95 6.64
H3A DPV OA . 21.78 -24.45 7.67
H4 DPV OA . 21.53 -26.99 8.25
H4A DPV OA . 21.29 -27.44 9.94
H5 DPV OA . 21.83 -29.44 7.70
H5A DPV OA . 21.42 -29.88 9.36
H6 DPV OA . 18.43 -30.70 7.29
H6A DPV OA . 19.88 -31.35 8.17
H6B DPV OA . 20.06 -30.54 6.54
H7 DPV OA . 20.06 -28.16 6.32
H7A DPV OA . 19.44 -27.14 7.61
H7B DPV OA . 18.36 -28.27 6.77
H8 DPV OA . 17.80 -29.01 9.07
H8A DPV OA . 19.09 -28.16 9.94
H8B DPV OA . 19.03 -29.93 10.06
H15 DPV OA . 21.15 -25.84 5.79
H15A DPV OA . 21.47 -24.58 4.57
H16 DPV OA . 19.24 -24.60 6.65
H16A DPV OA . 19.60 -23.29 5.48
H17 DPV OA . 19.35 -25.12 3.67
H17A DPV OA . 18.72 -26.18 4.89
H18 DPV OA . 16.84 -24.44 5.32
H18A DPV OA . 17.52 -23.56 3.92
H19 DPV OA . 17.23 -25.64 2.50
H19A DPV OA . 16.40 -26.42 3.76
H20 DPV OA . 14.64 -24.62 3.77
H20A DPV OA . 15.50 -23.82 2.46
H21 DPV OA . 15.26 -25.84 1.03
H21A DPV OA . 14.34 -26.65 2.32
H22 DPV OA . 12.46 -25.03 2.10
H22A DPV OA . 13.50 -23.92 1.19
H23 DPV OA . 11.87 -25.10 -0.25
H23A DPV OA . 12.50 -26.66 0.24
H23B DPV OA . 13.56 -25.55 -0.68
N DPV PA . 8.87 -33.59 0.20
P DPV PA . 12.26 -34.07 3.55
C1 DPV PA . 14.88 -33.92 3.49
C2 DPV PA . 16.08 -34.74 3.02
C3 DPV PA . 17.43 -34.01 3.26
C4 DPV PA . 11.21 -33.08 1.35
C5 DPV PA . 10.00 -34.06 1.21
C6 DPV PA . 8.36 -32.16 0.47
C7 DPV PA . 7.70 -34.60 0.25
C8 DPV PA . 9.40 -33.60 -1.22
C15 DPV PA . 18.67 -34.87 2.85
C16 DPV PA . 18.85 -35.11 1.31
C17 DPV PA . 18.97 -33.79 0.46
C18 DPV PA . 20.20 -32.89 0.79
C19 DPV PA . 20.12 -31.57 -0.06
O1P DPV PA . 12.28 -32.82 4.37
C20 DPV PA . 20.90 -30.34 0.58
C21 DPV PA . 20.42 -29.87 2.01
C22 DPV PA . 18.91 -29.52 2.05
C23 DPV PA . 18.52 -28.87 3.44
O2P DPV PA . 11.22 -35.03 3.97
O3P DPV PA . 13.69 -34.75 3.36
O4P DPV PA . 12.30 -33.80 2.01
H1 DPV PA . 15.03 -33.62 4.52
H1A DPV PA . 14.75 -33.03 2.90
H2 DPV PA . 16.03 -35.73 3.52
H2A DPV PA . 16.01 -34.94 1.93
H3 DPV PA . 17.52 -33.76 4.31
H3A DPV PA . 17.46 -33.06 2.74
H4 DPV PA . 11.55 -32.73 0.37
H4A DPV PA . 10.90 -32.24 1.97
H5 DPV PA . 10.39 -35.01 0.85
H5A DPV PA . 9.55 -34.21 2.18
H6 DPV PA . 7.88 -32.15 1.42
H6A DPV PA . 7.69 -31.86 -0.32
H6B DPV PA . 9.19 -31.47 0.48
H7 DPV PA . 8.07 -35.59 0.01
H7A DPV PA . 6.96 -34.26 -0.47
H7B DPV PA . 7.30 -34.65 1.25
H8 DPV PA . 9.65 -34.62 -1.48
H8A DPV PA . 10.30 -32.98 -1.30
H8B DPV PA . 8.65 -33.20 -1.90
H15 DPV PA . 18.64 -35.88 3.34
H15A DPV PA . 19.56 -34.36 3.26
H16 DPV PA . 19.72 -35.72 1.15
H16A DPV PA . 17.98 -35.68 0.93
H17 DPV PA . 19.01 -34.06 -0.58
H17A DPV PA . 18.10 -33.21 0.61
H18 DPV PA . 20.19 -32.65 1.85
H18A DPV PA . 21.13 -33.41 0.57
H19 DPV PA . 20.55 -31.81 -1.03
H19A DPV PA . 19.09 -31.30 -0.15
H20 DPV PA . 21.96 -30.62 0.66
H20A DPV PA . 20.81 -29.48 -0.10
H21 DPV PA . 20.63 -30.62 2.74
H21A DPV PA . 20.98 -28.99 2.21
H22 DPV PA . 18.67 -28.84 1.28
H22A DPV PA . 18.32 -30.43 1.90
H23 DPV PA . 18.72 -29.55 4.25
H23A DPV PA . 17.47 -28.61 3.43
H23B DPV PA . 19.11 -27.96 3.57
N DPV QA . 29.59 -1.76 -7.37
P DPV QA . 26.25 -5.05 -9.66
C1 DPV QA . 24.72 -6.20 -7.83
C2 DPV QA . 23.47 -6.82 -8.53
C3 DPV QA . 22.76 -7.91 -7.64
C4 DPV QA . 27.81 -3.44 -8.32
C5 DPV QA . 28.42 -1.98 -8.41
C6 DPV QA . 29.09 -1.98 -5.93
C7 DPV QA . 29.98 -0.28 -7.54
C8 DPV QA . 30.81 -2.66 -7.64
C15 DPV QA . 21.51 -8.54 -8.40
C16 DPV QA . 20.73 -9.60 -7.58
C17 DPV QA . 19.91 -8.98 -6.39
C18 DPV QA . 19.12 -10.07 -5.61
C19 DPV QA . 18.14 -9.44 -4.55
O1P DPV QA . 25.67 -5.10 -11.03
C20 DPV QA . 17.32 -10.51 -3.76
C21 DPV QA . 16.13 -9.90 -2.93
C22 DPV QA . 15.46 -11.00 -2.04
C23 DPV QA . 14.12 -10.55 -1.37
O2P DPV QA . 27.27 -6.11 -9.45
O3P DPV QA . 25.14 -4.99 -8.47
O4P DPV QA . 26.75 -3.58 -9.28
H1 DPV QA . 24.45 -5.91 -6.82
H1A DPV QA . 25.61 -6.85 -7.79
H2 DPV QA . 22.76 -6.03 -8.79
H2A DPV QA . 23.81 -7.23 -9.49
H3 DPV QA . 22.42 -7.45 -6.66
H3A DPV QA . 23.52 -8.68 -7.34
H4 DPV QA . 28.58 -4.21 -8.49
H4A DPV QA . 27.37 -3.58 -7.33
H5 DPV QA . 28.83 -1.85 -9.39
H5A DPV QA . 27.66 -1.25 -8.20
H6 DPV QA . 28.25 -1.32 -5.78
H6A DPV QA . 29.89 -1.76 -5.24
H6B DPV QA . 28.82 -3.03 -5.81
H7 DPV QA . 30.33 -0.12 -8.58
H7A DPV QA . 30.82 -0.06 -6.84
H7B DPV QA . 29.10 0.35 -7.31
H8 DPV QA . 31.63 -2.35 -7.00
H8A DPV QA . 31.11 -2.51 -8.67
H8B DPV QA . 30.60 -3.73 -7.45
H15 DPV QA . 21.87 -9.04 -9.33
H15A DPV QA . 20.84 -7.71 -8.70
H16 DPV QA . 20.02 -10.11 -8.27
H16A DPV QA . 21.43 -10.37 -7.22
H17 DPV QA . 20.54 -8.47 -5.69
H17A DPV QA . 19.24 -8.22 -6.75
H18 DPV QA . 18.54 -10.71 -6.28
H18A DPV QA . 19.80 -10.71 -5.13
H19 DPV QA . 18.70 -8.86 -3.82
H19A DPV QA . 17.48 -8.75 -5.09
H20 DPV QA . 16.87 -11.26 -4.45
H20A DPV QA . 18.04 -11.04 -3.08
H21 DPV QA . 16.47 -9.11 -2.29
H21A DPV QA . 15.41 -9.50 -3.61
H22 DPV QA . 15.27 -11.89 -2.66
H22A DPV QA . 16.18 -11.31 -1.25
H23 DPV QA . 14.27 -9.75 -0.63
H23A DPV QA . 13.64 -11.39 -0.90
H23B DPV QA . 13.43 -10.16 -2.13
N DPV RA . 33.20 -9.74 -10.47
P DPV RA . 28.20 -11.03 -11.37
C1 DPV RA . 27.02 -9.61 -9.48
C2 DPV RA . 27.76 -9.89 -8.15
C3 DPV RA . 26.89 -9.68 -6.87
C4 DPV RA . 30.77 -10.68 -10.85
C5 DPV RA . 31.99 -9.89 -11.45
C6 DPV RA . 32.87 -8.81 -9.29
C7 DPV RA . 34.33 -9.12 -11.26
C8 DPV RA . 33.71 -11.10 -9.95
C15 DPV RA . 25.77 -10.72 -6.65
C16 DPV RA . 24.89 -10.39 -5.37
C17 DPV RA . 23.70 -11.38 -5.28
C18 DPV RA . 22.93 -11.28 -3.93
C19 DPV RA . 23.66 -12.07 -2.78
O1P DPV RA . 27.30 -11.20 -12.54
C20 DPV RA . 22.77 -12.08 -1.48
C21 DPV RA . 23.46 -12.80 -0.31
C22 DPV RA . 22.65 -12.83 0.99
C23 DPV RA . 23.43 -13.38 2.18
O2P DPV RA . 28.19 -12.20 -10.46
O3P DPV RA . 27.97 -9.63 -10.60
O4P DPV RA . 29.68 -10.57 -11.79
H1 DPV RA . 26.25 -10.35 -9.66
H1A DPV RA . 26.56 -8.63 -9.43
H2 DPV RA . 28.14 -10.92 -8.19
H2A DPV RA . 28.62 -9.20 -8.11
H3 DPV RA . 26.46 -8.67 -6.83
H3A DPV RA . 27.57 -9.71 -5.99
H4 DPV RA . 31.00 -11.75 -10.70
H4A DPV RA . 30.45 -10.21 -9.89
H5 DPV RA . 32.33 -10.41 -12.37
H5A DPV RA . 31.67 -8.87 -11.71
H6 DPV RA . 32.54 -7.86 -9.71
H6A DPV RA . 33.79 -8.64 -8.70
H6B DPV RA . 32.07 -9.24 -8.67
H7 DPV RA . 34.56 -9.75 -12.13
H7A DPV RA . 35.22 -9.02 -10.60
H7B DPV RA . 34.04 -8.12 -11.58
H8 DPV RA . 34.59 -10.92 -9.31
H8A DPV RA . 33.99 -11.74 -10.81
H8B DPV RA . 32.93 -11.58 -9.33
H15 DPV RA . 26.19 -11.74 -6.57
H15A DPV RA . 25.14 -10.73 -7.55
H16 DPV RA . 25.51 -10.43 -4.46
H16A DPV RA . 24.56 -9.36 -5.47
H17 DPV RA . 23.06 -11.20 -6.11
H17A DPV RA . 24.07 -12.39 -5.37
H18 DPV RA . 22.78 -10.23 -3.70
H18A DPV RA . 21.93 -11.69 -4.03
H19 DPV RA . 23.89 -13.10 -3.13
H19A DPV RA . 24.64 -11.60 -2.55
H20 DPV RA . 22.56 -11.01 -1.19
H20A DPV RA . 21.79 -12.56 -1.71
H21 DPV RA . 23.71 -13.80 -0.63
H21A DPV RA . 24.43 -12.32 -0.12
H22 DPV RA . 22.28 -11.83 1.26
H22A DPV RA . 21.78 -13.48 0.82
H23 DPV RA . 24.12 -12.62 2.52
H23A DPV RA . 24.01 -14.25 1.91
H23B DPV RA . 22.77 -13.69 2.96
N DPV SA . 13.66 -2.22 -23.52
P DPV SA . 16.21 -6.72 -23.26
C1 DPV SA . 15.55 -7.40 -20.81
C2 DPV SA . 15.99 -8.43 -19.74
C3 DPV SA . 17.43 -8.30 -19.21
C4 DPV SA . 15.35 -4.27 -23.61
C5 DPV SA . 14.35 -3.41 -22.77
C6 DPV SA . 14.70 -1.18 -24.05
C7 DPV SA . 12.69 -1.55 -22.53
C8 DPV SA . 12.87 -2.71 -24.72
C15 DPV SA . 17.65 -7.15 -18.13
C16 DPV SA . 19.18 -6.85 -18.00
C17 DPV SA . 19.56 -5.97 -16.76
C18 DPV SA . 18.92 -4.54 -16.70
C19 DPV SA . 19.70 -3.54 -15.79
O1P DPV SA . 15.06 -7.42 -23.88
C20 DPV SA . 19.98 -3.97 -14.30
C21 DPV SA . 18.75 -3.93 -13.33
C22 DPV SA . 17.81 -5.14 -13.48
C23 DPV SA . 16.93 -5.24 -12.22
O2P DPV SA . 17.37 -6.70 -24.18
O3P DPV SA . 16.60 -7.28 -21.80
O4P DPV SA . 15.84 -5.27 -22.71
H1 DPV SA . 14.67 -7.73 -21.32
H1A DPV SA . 15.38 -6.45 -20.34
H2 DPV SA . 15.30 -8.38 -18.90
H2A DPV SA . 15.87 -9.42 -20.17
H3 DPV SA . 18.10 -8.15 -20.05
H3A DPV SA . 17.72 -9.25 -18.74
H4 DPV SA . 14.82 -4.79 -24.42
H4A DPV SA . 16.17 -3.68 -24.01
H5 DPV SA . 13.56 -4.06 -22.38
H5A DPV SA . 14.88 -2.98 -21.89
H6 DPV SA . 15.34 -1.70 -24.77
H6A DPV SA . 15.35 -0.85 -23.23
H6B DPV SA . 14.17 -0.36 -24.51
H7 DPV SA . 11.97 -2.27 -22.17
H7A DPV SA . 12.16 -0.76 -23.05
H7B DPV SA . 13.27 -1.18 -21.68
H8 DPV SA . 12.16 -3.48 -24.41
H8A DPV SA . 13.57 -3.11 -25.45
H8B DPV SA . 12.29 -1.91 -25.20
H15 DPV SA . 17.23 -7.47 -17.16
H15A DPV SA . 17.14 -6.21 -18.40
H16 DPV SA . 19.70 -7.79 -17.95
H16A DPV SA . 19.52 -6.34 -18.88
H17 DPV SA . 19.27 -6.51 -15.85
H17A DPV SA . 20.65 -5.88 -16.72
H18 DPV SA . 18.91 -4.12 -17.70
H18A DPV SA . 17.89 -4.63 -16.38
H19 DPV SA . 20.66 -3.30 -16.26
H19A DPV SA . 19.15 -2.57 -15.79
H20 DPV SA . 20.45 -4.97 -14.27
H20A DPV SA . 20.72 -3.26 -13.89
H21 DPV SA . 19.19 -3.95 -12.33
H21A DPV SA . 18.23 -2.98 -13.44
H22 DPV SA . 17.17 -5.05 -14.33
H22A DPV SA . 18.39 -6.03 -13.57
H23 DPV SA . 16.32 -4.36 -12.06
H23A DPV SA . 17.56 -5.34 -11.35
H23B DPV SA . 16.26 -6.07 -12.30
N DPV TA . 10.13 6.05 -6.60
P DPV TA . 7.74 5.24 -2.17
C1 DPV TA . 7.76 2.64 -2.15
C2 DPV TA . 7.75 1.45 -3.11
C3 DPV TA . 7.35 0.14 -2.39
C4 DPV TA . 8.92 6.44 -4.25
C5 DPV TA . 9.17 5.50 -5.47
C6 DPV TA . 9.45 7.22 -7.36
C7 DPV TA . 10.36 4.90 -7.60
C8 DPV TA . 11.49 6.49 -6.06
C15 DPV TA . 7.37 -1.09 -3.33
C16 DPV TA . 7.36 -2.40 -2.51
C17 DPV TA . 7.55 -3.66 -3.38
C18 DPV TA . 7.58 -4.97 -2.53
C19 DPV TA . 7.57 -6.24 -3.50
O1P DPV TA . 8.90 5.59 -1.32
C20 DPV TA . 7.81 -7.59 -2.80
C21 DPV TA . 8.05 -8.67 -3.87
C22 DPV TA . 8.33 -10.07 -3.23
C23 DPV TA . 8.61 -11.11 -4.35
O2P DPV TA . 6.47 5.35 -1.42
O3P DPV TA . 7.94 3.84 -2.92
O4P DPV TA . 7.72 6.00 -3.58
H1 DPV TA . 6.83 2.72 -1.56
H1A DPV TA . 8.61 2.52 -1.45
H2 DPV TA . 7.04 1.63 -3.88
H2A DPV TA . 8.70 1.37 -3.56
H3 DPV TA . 6.35 0.25 -1.89
H3A DPV TA . 8.09 -0.07 -1.57
H4 DPV TA . 9.78 6.43 -3.56
H4A DPV TA . 8.74 7.46 -4.59
H5 DPV TA . 9.57 4.54 -5.13
H5A DPV TA . 8.23 5.29 -5.96
H6 DPV TA . 10.14 7.62 -8.12
H6A DPV TA . 9.17 8.05 -6.68
H6B DPV TA . 8.56 6.85 -7.87
H7 DPV TA . 10.85 4.06 -7.09
H7A DPV TA . 11.05 5.20 -8.41
H7B DPV TA . 9.41 4.58 -8.03
H8 DPV TA . 11.91 5.68 -5.50
H8A DPV TA . 11.38 7.37 -5.42
H8B DPV TA . 12.14 6.74 -6.90
H15 DPV TA . 8.29 -1.10 -3.95
H15A DPV TA . 6.51 -1.03 -4.01
H16 DPV TA . 8.16 -2.40 -1.79
H16A DPV TA . 6.44 -2.45 -1.93
H17 DPV TA . 6.67 -3.70 -4.07
H17A DPV TA . 8.50 -3.60 -3.98
H18 DPV TA . 8.50 -5.00 -1.91
H18A DPV TA . 6.66 -4.96 -1.90
H19 DPV TA . 6.62 -6.27 -4.04
H19A DPV TA . 8.38 -6.09 -4.22
H20 DPV TA . 8.68 -7.55 -2.12
H20A DPV TA . 6.95 -7.85 -2.16
H21 DPV TA . 7.21 -8.75 -4.56
H21A DPV TA . 8.90 -8.37 -4.46
H22 DPV TA . 9.23 -10.01 -2.59
H22A DPV TA . 7.48 -10.37 -2.62
H23 DPV TA . 9.49 -10.84 -4.94
H23A DPV TA . 7.75 -11.18 -5.03
H23B DPV TA . 8.81 -12.09 -3.92
N DPV UA . 4.20 8.35 -3.65
P DPV UA . 5.43 6.58 -7.99
C1 DPV UA . 2.93 6.62 -8.77
C2 DPV UA . 1.89 5.60 -9.34
C3 DPV UA . 2.29 5.15 -10.76
C4 DPV UA . 5.51 8.15 -5.95
C5 DPV UA . 5.45 7.83 -4.42
C6 DPV UA . 2.89 8.00 -4.35
C7 DPV UA . 4.32 9.87 -3.43
C8 DPV UA . 4.19 7.65 -2.30
C15 DPV UA . 1.21 4.17 -11.35
C16 DPV UA . 1.63 3.70 -12.75
C17 DPV UA . 0.50 3.02 -13.54
C18 DPV UA . 1.07 2.41 -14.81
C19 DPV UA . 0.02 1.45 -15.50
O1P DPV UA . 5.80 7.70 -8.91
C20 DPV UA . -0.11 0.02 -14.87
C21 DPV UA . 1.15 -0.85 -15.11
C22 DPV UA . 0.95 -2.27 -14.54
C23 DPV UA . 2.20 -3.08 -14.79
O2P DPV UA . 6.56 5.65 -7.83
O3P DPV UA . 4.06 5.83 -8.36
O4P DPV UA . 4.81 7.08 -6.63
H1 DPV UA . 3.23 7.34 -9.55
H1A DPV UA . 2.52 7.15 -7.92
H2 DPV UA . 1.74 4.70 -8.71
H2A DPV UA . 0.89 6.09 -9.42
H3 DPV UA . 3.24 4.63 -10.71
H3A DPV UA . 2.38 5.98 -11.44
H4 DPV UA . 5.06 9.12 -6.16
H4A DPV UA . 6.57 8.14 -6.25
H5 DPV UA . 5.52 6.77 -4.26
H5A DPV UA . 6.31 8.29 -3.95
H6 DPV UA . 2.86 6.90 -4.45
H6A DPV UA . 2.90 8.49 -5.32
H6B DPV UA . 2.07 8.42 -3.76
H7 DPV UA . 5.26 10.04 -2.89
H7A DPV UA . 3.47 10.24 -2.84
H7B DPV UA . 4.34 10.37 -4.41
H8 DPV UA . 5.11 7.95 -1.79
H8A DPV UA . 4.23 6.56 -2.47
H8B DPV UA . 3.31 7.96 -1.75
H15 DPV UA . 0.27 4.71 -11.41
H15A DPV UA . 1.06 3.31 -10.69
H16 DPV UA . 2.01 4.53 -13.31
H16A DPV UA . 2.44 3.00 -12.60
H17 DPV UA . -0.01 2.28 -12.91
H17A DPV UA . -0.22 3.78 -13.82
H18 DPV UA . 1.37 3.19 -15.47
H18A DPV UA . 1.97 1.84 -14.57
H19 DPV UA . -0.96 1.92 -15.48
H19A DPV UA . 0.27 1.31 -16.53
H20 DPV UA . -0.28 0.12 -13.77
H20A DPV UA . -0.99 -0.47 -15.32
H21 DPV UA . 1.37 -0.89 -16.16
H21A DPV UA . 1.98 -0.37 -14.62
H22 DPV UA . 0.79 -2.19 -13.53
H22A DPV UA . 0.13 -2.72 -14.97
H23 DPV UA . 2.12 -4.11 -14.44
H23A DPV UA . 3.09 -2.60 -14.33
H23B DPV UA . 2.44 -3.09 -15.85
N DPV VA . 4.26 -5.06 -23.23
P DPV VA . 9.08 -3.01 -22.81
C1 DPV VA . 9.05 -0.89 -21.27
C2 DPV VA . 8.09 0.31 -21.06
C3 DPV VA . 8.42 0.99 -19.71
C4 DPV VA . 6.73 -4.16 -23.03
C5 DPV VA . 5.30 -4.15 -22.44
C6 DPV VA . 4.77 -6.55 -23.26
C7 DPV VA . 4.10 -4.56 -24.67
C8 DPV VA . 2.99 -5.00 -22.48
C15 DPV VA . 7.42 2.17 -19.39
C16 DPV VA . 7.98 3.12 -18.30
C17 DPV VA . 7.71 2.65 -16.84
C18 DPV VA . 8.38 3.61 -15.79
C19 DPV VA . 8.11 3.22 -14.33
O1P DPV VA . 10.03 -3.62 -21.87
C20 DPV VA . 8.81 1.92 -13.84
C21 DPV VA . 8.64 1.68 -12.29
C22 DPV VA . 9.17 0.29 -11.93
C23 DPV VA . 9.15 -0.01 -10.42
O2P DPV VA . 9.36 -3.38 -24.22
O3P DPV VA . 8.88 -1.43 -22.59
O4P DPV VA . 7.55 -3.18 -22.37
H1 DPV VA . 10.07 -0.57 -21.16
H1A DPV VA . 8.90 -1.66 -20.54
H2 DPV VA . 8.18 1.03 -21.87
H2A DPV VA . 7.06 -0.02 -21.06
H3 DPV VA . 9.44 1.43 -19.77
H3A DPV VA . 8.40 0.25 -18.89
H4 DPV VA . 7.18 -5.14 -22.88
H4A DPV VA . 6.73 -3.94 -24.10
H5 DPV VA . 5.32 -4.49 -21.42
H5A DPV VA . 4.92 -3.13 -22.44
H6 DPV VA . 4.95 -6.87 -22.24
H6A DPV VA . 5.69 -6.61 -23.84
H6B DPV VA . 3.98 -7.19 -23.67
H7 DPV VA . 3.79 -3.51 -24.66
H7A DPV VA . 3.31 -5.15 -25.18
H7B DPV VA . 5.04 -4.63 -25.22
H8 DPV VA . 2.68 -3.95 -22.34
H8A DPV VA . 3.18 -5.38 -21.48
H8B DPV VA . 2.24 -5.59 -23.01
H15 DPV VA . 6.45 1.78 -19.13
H15A DPV VA . 7.25 2.77 -20.27
H16 DPV VA . 9.06 3.32 -18.47
H16A DPV VA . 7.46 4.11 -18.43
H17 DPV VA . 6.64 2.59 -16.64
H17A DPV VA . 8.11 1.64 -16.71
H18 DPV VA . 9.44 3.69 -15.95
H18A DPV VA . 7.94 4.59 -15.95
H19 DPV VA . 8.46 4.09 -13.73
H19A DPV VA . 7.04 3.13 -14.14
H20 DPV VA . 8.32 1.10 -14.35
H20A DPV VA . 9.85 1.88 -14.15
H21 DPV VA . 9.16 2.44 -11.72
H21A DPV VA . 7.61 1.74 -12.00
H22 DPV VA . 8.54 -0.49 -12.41
H22A DPV VA . 10.20 0.18 -12.32
H23 DPV VA . 8.11 -0.08 -10.12
H23A DPV VA . 9.64 0.79 -9.90
H23B DPV VA . 9.64 -0.95 -10.23
N DPV WA . 6.22 3.11 7.92
P DPV WA . 8.98 5.57 4.76
C1 DPV WA . 8.41 6.79 2.51
C2 DPV WA . 9.78 7.51 2.27
C3 DPV WA . 10.82 6.63 1.59
C4 DPV WA . 8.15 3.53 6.13
C5 DPV WA . 6.62 3.72 6.52
C6 DPV WA . 4.72 3.25 8.07
C7 DPV WA . 6.93 3.88 9.05
C8 DPV WA . 6.56 1.62 8.05
C15 DPV WA . 12.07 7.42 1.10
C16 DPV WA . 13.18 6.45 0.58
C17 DPV WA . 13.48 6.60 -0.96
C18 DPV WA . 12.48 5.86 -1.90
C19 DPV WA . 12.37 4.33 -1.64
O1P DPV WA . 8.24 6.61 5.53
C20 DPV WA . 11.77 3.52 -2.82
C21 DPV WA . 11.70 2.01 -2.49
C22 DPV WA . 11.55 1.18 -3.77
C23 DPV WA . 11.28 -0.34 -3.48
O2P DPV WA . 10.46 5.59 5.03
O3P DPV WA . 8.61 5.53 3.21
O4P DPV WA . 8.35 4.15 4.87
H1 DPV WA . 7.73 7.43 3.10
H1A DPV WA . 7.93 6.58 1.55
H2 DPV WA . 9.58 8.39 1.64
H2A DPV WA . 10.16 7.92 3.22
H3 DPV WA . 10.38 6.14 0.68
H3A DPV WA . 11.15 5.83 2.29
H4 DPV WA . 8.81 4.02 6.85
H4A DPV WA . 8.33 2.46 6.02
H5 DPV WA . 6.37 4.80 6.53
H5A DPV WA . 5.98 3.24 5.74
H6 DPV WA . 4.48 4.32 8.04
H6A DPV WA . 4.44 2.80 9.01
H6B DPV WA . 4.26 2.72 7.23
H7 DPV WA . 8.02 3.70 8.93
H7A DPV WA . 6.56 3.45 10.00
H7B DPV WA . 6.73 4.95 8.92
H8 DPV WA . 7.64 1.55 8.14
H8A DPV WA . 6.21 1.10 7.16
H8B DPV WA . 6.10 1.21 8.94
H15 DPV WA . 12.50 7.98 1.94
H15A DPV WA . 11.75 8.14 0.32
H16 DPV WA . 14.07 6.72 1.14
H16A DPV WA . 12.98 5.44 0.88
H17 DPV WA . 13.53 7.66 -1.24
H17A DPV WA . 14.47 6.18 -1.21
H18 DPV WA . 11.49 6.30 -1.77
H18A DPV WA . 12.76 6.03 -2.96
H19 DPV WA . 13.36 3.92 -1.39
H19A DPV WA . 11.76 4.16 -0.73
H20 DPV WA . 10.76 3.86 -3.09
H20A DPV WA . 12.40 3.68 -3.70
H21 DPV WA . 12.60 1.69 -1.96
H21A DPV WA . 10.86 1.81 -1.80
H22 DPV WA . 10.75 1.61 -4.41
H22A DPV WA . 12.45 1.25 -4.33
H23 DPV WA . 10.41 -0.46 -2.84
H23A DPV WA . 12.16 -0.76 -3.00
H23B DPV WA . 11.09 -0.84 -4.41
N DPV XA . 23.48 5.80 0.19
P DPV XA . 20.09 3.57 2.20
C1 DPV XA . 18.27 3.94 0.37
C2 DPV XA . 18.14 3.92 -1.15
C3 DPV XA . 16.70 3.82 -1.69
C4 DPV XA . 22.57 4.37 2.24
C5 DPV XA . 23.67 4.56 1.13
C6 DPV XA . 23.75 7.11 0.89
C7 DPV XA . 22.06 5.86 -0.38
C8 DPV XA . 24.47 5.64 -0.97
C15 DPV XA . 16.09 2.37 -1.74
C16 DPV XA . 16.61 1.46 -2.92
C17 DPV XA . 15.55 0.38 -3.30
C18 DPV XA . 15.89 -0.31 -4.68
C19 DPV XA . 14.80 -1.30 -5.13
O1P DPV XA . 19.70 2.30 2.84
C20 DPV XA . 15.11 -1.96 -6.48
C21 DPV XA . 13.99 -2.98 -6.90
C22 DPV XA . 14.20 -3.52 -8.33
C23 DPV XA . 13.54 -2.58 -9.36
O2P DPV XA . 19.75 4.75 3.02
O3P DPV XA . 19.65 3.68 0.67
O4P DPV XA . 21.55 3.56 1.63
H1 DPV XA . 17.95 4.89 0.81
H1A DPV XA . 17.69 3.10 0.80
H2 DPV XA . 18.55 4.87 -1.53
H2A DPV XA . 18.75 3.06 -1.58
H3 DPV XA . 16.68 4.24 -2.71
H3A DPV XA . 16.05 4.48 -1.03
H4 DPV XA . 22.98 3.88 3.13
H4A DPV XA . 22.17 5.36 2.56
H5 DPV XA . 24.64 4.65 1.63
H5A DPV XA . 23.67 3.68 0.51
H6 DPV XA . 24.74 7.10 1.32
H6A DPV XA . 23.01 7.20 1.66
H6B DPV XA . 23.68 7.91 0.16
H7 DPV XA . 21.82 4.91 -0.82
H7A DPV XA . 22.00 6.66 -1.12
H7B DPV XA . 21.37 6.08 0.42
H8 DPV XA . 24.21 4.74 -1.53
H8A DPV XA . 25.46 5.55 -0.56
H8B DPV XA . 24.39 6.51 -1.61
H15 DPV XA . 15.00 2.51 -1.82
H15A DPV XA . 16.28 1.89 -0.80
H16 DPV XA . 16.82 2.06 -3.80
H16A DPV XA . 17.54 0.97 -2.64
H17 DPV XA . 15.52 -0.34 -2.53
H17A DPV XA . 14.57 0.80 -3.37
H18 DPV XA . 16.05 0.47 -5.45
H18A DPV XA . 16.82 -0.88 -4.55
H19 DPV XA . 14.67 -2.04 -4.35
H19A DPV XA . 13.84 -0.77 -5.25
H20 DPV XA . 15.16 -1.13 -7.23
H20A DPV XA . 16.08 -2.50 -6.45
H21 DPV XA . 14.01 -3.83 -6.18
H21A DPV XA . 12.98 -2.56 -6.82
H22 DPV XA . 15.26 -3.59 -8.62
H22A DPV XA . 13.77 -4.51 -8.37
H23 DPV XA . 13.63 -2.97 -10.37
H23A DPV XA . 13.98 -1.60 -9.32
H23B DPV XA . 12.47 -2.48 -9.12
N DPV YA . 25.56 3.45 -5.49
P DPV YA . 27.02 1.40 -0.92
C1 DPV YA . 26.10 -1.06 -0.66
C2 DPV YA . 26.60 -2.51 -0.54
C3 DPV YA . 25.46 -3.50 -0.09
C4 DPV YA . 26.62 2.63 -3.21
C5 DPV YA . 26.44 2.39 -4.71
C6 DPV YA . 25.45 3.04 -6.96
C7 DPV YA . 26.19 4.88 -5.40
C8 DPV YA . 24.11 3.45 -4.96
C15 DPV YA . 25.36 -3.55 1.45
C16 DPV YA . 24.00 -4.22 1.92
C17 DPV YA . 23.80 -4.02 3.40
C18 DPV YA . 22.47 -4.66 3.95
C19 DPV YA . 22.16 -4.26 5.45
O1P DPV YA . 28.26 2.15 -0.61
C20 DPV YA . 20.86 -4.91 5.99
C21 DPV YA . 20.92 -6.44 6.32
C22 DPV YA . 21.60 -6.78 7.66
C23 DPV YA . 21.68 -8.30 7.89
O2P DPV YA . 25.90 1.83 -0.08
O3P DPV YA . 27.26 -0.18 -0.91
O4P DPV YA . 26.67 1.37 -2.48
H1 DPV YA . 25.43 -1.00 -1.51
H1A DPV YA . 25.61 -0.81 0.28
H2 DPV YA . 27.01 -2.79 -1.49
H2A DPV YA . 27.41 -2.54 0.18
H3 DPV YA . 25.64 -4.52 -0.45
H3A DPV YA . 24.50 -3.15 -0.51
H4 DPV YA . 27.57 3.16 -3.02
H4A DPV YA . 25.79 3.23 -2.85
H5 DPV YA . 27.42 2.34 -5.22
H5A DPV YA . 25.91 1.46 -4.88
H6 DPV YA . 24.98 2.04 -7.05
H6A DPV YA . 26.46 3.00 -7.40
H6B DPV YA . 24.90 3.84 -7.49
H7 DPV YA . 26.26 5.16 -4.36
H7A DPV YA . 25.55 5.59 -5.94
H7B DPV YA . 27.19 4.90 -5.83
H8 DPV YA . 24.11 3.77 -3.94
H8A DPV YA . 23.75 2.43 -5.05
H8B DPV YA . 23.54 4.15 -5.58
H15 DPV YA . 25.38 -2.51 1.81
H15A DPV YA . 26.23 -4.06 1.88
H16 DPV YA . 23.16 -3.77 1.42
H16A DPV YA . 24.00 -5.26 1.67
H17 DPV YA . 24.63 -4.47 3.96
H17A DPV YA . 23.77 -2.95 3.59
H18 DPV YA . 21.65 -4.42 3.30
H18A DPV YA . 22.63 -5.76 3.92
H19 DPV YA . 23.00 -4.63 6.08
H19A DPV YA . 22.11 -3.18 5.54
H20 DPV YA . 20.56 -4.39 6.94
H20A DPV YA . 20.04 -4.71 5.30
H21 DPV YA . 19.86 -6.78 6.39
H21A DPV YA . 21.36 -6.94 5.45
H22 DPV YA . 22.60 -6.34 7.70
H22A DPV YA . 21.02 -6.30 8.47
H23 DPV YA . 22.13 -8.52 8.85
H23A DPV YA . 22.27 -8.77 7.12
H23B DPV YA . 20.69 -8.74 7.92
N DPV ZA . 1.88 -34.31 -5.61
P DPV ZA . 5.47 -33.76 -2.69
C1 DPV ZA . 3.98 -33.11 -0.64
C2 DPV ZA . 3.24 -33.70 0.60
C3 DPV ZA . 4.22 -34.20 1.74
C4 DPV ZA . 4.32 -33.40 -5.00
C5 DPV ZA . 2.92 -33.13 -5.67
C6 DPV ZA . 2.33 -35.47 -6.53
C7 DPV ZA . 0.54 -33.81 -6.12
C8 DPV ZA . 1.65 -34.82 -4.15
C15 DPV ZA . 4.89 -33.02 2.51
C16 DPV ZA . 5.96 -33.49 3.54
C17 DPV ZA . 6.71 -32.22 4.13
C18 DPV ZA . 8.01 -32.58 4.88
C19 DPV ZA . 8.76 -31.34 5.47
O1P DPV ZA . 6.21 -34.96 -3.23
C20 DPV ZA . 9.67 -30.61 4.44
C21 DPV ZA . 10.32 -29.37 5.06
C22 DPV ZA . 11.41 -28.78 4.13
C23 DPV ZA . 12.04 -27.52 4.76
O2P DPV ZA . 6.39 -32.65 -2.35
O3P DPV ZA . 4.45 -34.16 -1.49
O4P DPV ZA . 4.23 -33.32 -3.58
H1 DPV ZA . 3.26 -32.51 -1.18
H1A DPV ZA . 4.80 -32.49 -0.37
H2 DPV ZA . 2.61 -32.95 1.00
H2A DPV ZA . 2.65 -34.53 0.25
H3 DPV ZA . 4.99 -34.86 1.26
H3A DPV ZA . 3.67 -34.85 2.45
H4 DPV ZA . 4.67 -34.41 -5.25
H4A DPV ZA . 5.04 -32.65 -5.37
H5 DPV ZA . 2.47 -32.25 -5.16
H5A DPV ZA . 3.07 -32.84 -6.74
H6 DPV ZA . 1.51 -36.22 -6.58
H6A DPV ZA . 3.25 -35.94 -6.13
H6B DPV ZA . 2.49 -35.05 -7.52
H7 DPV ZA . 0.20 -32.97 -5.49
H7A DPV ZA . -0.17 -34.65 -6.10
H7B DPV ZA . 0.66 -33.44 -7.15
H8 DPV ZA . 0.88 -35.58 -4.19
H8A DPV ZA . 1.40 -33.96 -3.55
H8B DPV ZA . 2.57 -35.27 -3.77
H15 DPV ZA . 4.13 -32.49 3.05
H15A DPV ZA . 5.33 -32.33 1.81
H16 DPV ZA . 5.49 -34.10 4.33
H16A DPV ZA . 6.71 -34.10 3.06
H17 DPV ZA . 6.92 -31.53 3.34
H17A DPV ZA . 6.02 -31.71 4.83
H18 DPV ZA . 7.78 -33.25 5.71
H18A DPV ZA . 8.68 -33.13 4.22
H19 DPV ZA . 8.06 -30.64 5.92
H19A DPV ZA . 9.38 -31.68 6.29
H20 DPV ZA . 10.46 -31.28 4.05
H20A DPV ZA . 9.05 -30.28 3.58
H21 DPV ZA . 9.57 -28.60 5.21
H21A DPV ZA . 10.73 -29.64 6.04
H22 DPV ZA . 12.17 -29.51 3.90
H22A DPV ZA . 10.97 -28.52 3.19
H23 DPV ZA . 11.29 -26.74 4.89
H23A DPV ZA . 12.83 -27.13 4.10
H23B DPV ZA . 12.50 -27.76 5.72
N DPV AB . 17.40 -32.27 -14.29
P DPV AB . 14.89 -27.93 -15.76
C1 DPV AB . 14.63 -25.49 -14.85
C2 DPV AB . 15.12 -24.65 -13.63
C3 DPV AB . 14.00 -23.76 -13.02
C4 DPV AB . 16.04 -30.24 -15.24
C5 DPV AB . 16.49 -31.09 -14.01
C6 DPV AB . 18.77 -31.83 -14.81
C7 DPV AB . 16.75 -33.27 -15.28
C8 DPV AB . 17.65 -32.93 -12.94
C15 DPV AB . 14.54 -22.86 -11.87
C16 DPV AB . 13.35 -22.13 -11.10
C17 DPV AB . 13.90 -21.27 -9.92
C18 DPV AB . 12.76 -20.75 -8.99
C19 DPV AB . 13.27 -19.94 -7.76
O1P DPV AB . 15.26 -27.91 -17.21
C20 DPV AB . 12.12 -19.50 -6.82
C21 DPV AB . 12.67 -18.66 -5.62
C22 DPV AB . 11.53 -18.16 -4.66
C23 DPV AB . 12.14 -17.43 -3.41
O2P DPV AB . 13.44 -28.17 -15.55
O3P DPV AB . 15.46 -26.67 -14.96
O4P DPV AB . 15.83 -28.87 -14.87
H1 DPV AB . 13.60 -25.81 -14.72
H1A DPV AB . 14.70 -24.94 -15.78
H2 DPV AB . 15.55 -25.29 -12.85
H2A DPV AB . 15.93 -24.01 -13.96
H3 DPV AB . 13.24 -24.44 -12.65
H3A DPV AB . 13.60 -23.12 -13.77
H4 DPV AB . 16.82 -30.26 -16.04
H4A DPV AB . 15.09 -30.69 -15.65
H5 DPV AB . 17.06 -30.41 -13.33
H5A DPV AB . 15.59 -31.46 -13.47
H6 DPV AB . 19.39 -32.73 -14.95
H6A DPV AB . 19.22 -31.12 -14.10
H6B DPV AB . 18.63 -31.29 -15.76
H7 DPV AB . 17.39 -34.15 -15.41
H7A DPV AB . 16.66 -32.78 -16.25
H7B DPV AB . 15.76 -33.56 -14.90
H8 DPV AB . 18.36 -33.75 -13.09
H8A DPV AB . 16.71 -33.31 -12.56
H8B DPV AB . 18.04 -32.23 -12.23
H15 DPV AB . 15.22 -22.12 -12.30
H15A DPV AB . 15.11 -23.49 -11.15
H16 DPV AB . 12.78 -21.49 -11.77
H16A DPV AB . 12.66 -22.87 -10.71
H17 DPV AB . 14.57 -21.87 -9.33
H17A DPV AB . 14.47 -20.42 -10.32
H18 DPV AB . 12.09 -20.10 -9.58
H18A DPV AB . 12.15 -21.60 -8.63
H19 DPV AB . 13.97 -20.53 -7.21
H19A DPV AB . 13.79 -19.05 -8.11
H20 DPV AB . 11.42 -18.91 -7.36
H20A DPV AB . 11.58 -20.40 -6.47
H21 DPV AB . 13.36 -19.31 -5.07
H21A DPV AB . 13.25 -17.78 -5.96
H22 DPV AB . 10.85 -17.51 -5.22
H22A DPV AB . 10.97 -19.03 -4.28
H23 DPV AB . 11.34 -16.93 -2.86
H23A DPV AB . 12.87 -16.67 -3.70
H23B DPV AB . 12.65 -18.18 -2.79
N DPV BB . -1.47 -27.41 10.58
P DPV BB . -1.17 -28.33 6.45
C1 DPV BB . 0.71 -27.82 4.71
C2 DPV BB . 1.50 -28.57 3.59
C3 DPV BB . 0.56 -29.43 2.70
C4 DPV BB . -0.74 -29.37 8.88
C5 DPV BB . -1.90 -28.66 9.68
C6 DPV BB . -2.71 -26.88 11.29
C7 DPV BB . -0.86 -26.27 9.75
C8 DPV BB . -0.49 -27.81 11.68
C15 DPV BB . 1.26 -29.84 1.37
C16 DPV BB . 0.26 -30.51 0.37
C17 DPV BB . 0.88 -30.55 -1.05
C18 DPV BB . -0.18 -30.86 -2.14
C19 DPV BB . 0.37 -30.61 -3.59
O1P DPV BB . -2.29 -29.31 6.35
C20 DPV BB . 0.28 -29.12 -4.02
C21 DPV BB . 1.10 -28.86 -5.33
C22 DPV BB . 2.61 -28.54 -5.05
C23 DPV BB . 3.44 -28.44 -6.32
O2P DPV BB . -1.65 -26.97 6.22
O3P DPV BB . 0.14 -28.79 5.60
O4P DPV BB . -0.29 -28.51 7.80
H1 DPV BB . 1.40 -27.17 5.22
H1A DPV BB . -0.07 -27.24 4.26
H2 DPV BB . 1.99 -27.80 2.99
H2A DPV BB . 2.27 -29.19 4.00
H3 DPV BB . -0.34 -28.81 2.47
H3A DPV BB . 0.27 -30.35 3.22
H4 DPV BB . 0.09 -29.58 9.52
H4A DPV BB . -1.09 -30.27 8.47
H5 DPV BB . -2.67 -28.31 8.97
H5A DPV BB . -2.34 -29.40 10.37
H6 DPV BB . -3.14 -27.66 11.94
H6A DPV BB . -3.43 -26.56 10.53
H6B DPV BB . -2.41 -26.02 11.90
H7 DPV BB . 0.17 -26.55 9.39
H7A DPV BB . -0.79 -25.35 10.36
H7B DPV BB . -1.50 -26.08 8.86
H8 DPV BB . 0.40 -28.15 11.20
H8A DPV BB . -0.96 -28.55 12.29
H8B DPV BB . -0.24 -26.97 12.29
H15 DPV BB . 2.04 -30.54 1.60
H15A DPV BB . 1.70 -28.96 0.91
H16 DPV BB . 0.02 -31.49 0.72
H16A DPV BB . -0.66 -29.93 0.35
H17 DPV BB . 1.38 -29.58 -1.29
H17A DPV BB . 1.67 -31.32 -1.11
H18 DPV BB . -0.46 -31.91 -2.05
H18A DPV BB . -1.09 -30.24 -1.98
H19 DPV BB . 1.42 -30.94 -3.64
H19A DPV BB . -0.20 -31.23 -4.30
H20 DPV BB . -0.79 -28.90 -4.18
H20A DPV BB . 0.68 -28.47 -3.22
H21 DPV BB . 1.02 -29.74 -6.00
H21A DPV BB . 0.69 -27.99 -5.87
H22 DPV BB . 2.65 -27.64 -4.47
H22A DPV BB . 3.04 -29.33 -4.43
H23 DPV BB . 3.15 -27.58 -6.91
H23A DPV BB . 3.36 -29.32 -6.95
H23B DPV BB . 4.48 -28.30 -6.06
N DPV CB . -8.46 -18.39 -7.73
P DPV CB . -8.64 -22.00 -5.14
C1 DPV CB . -6.74 -23.08 -3.71
C2 DPV CB . -5.56 -24.09 -3.83
C3 DPV CB . -4.32 -23.47 -4.55
C4 DPV CB . -8.35 -19.42 -5.31
C5 DPV CB . -7.75 -18.40 -6.35
C6 DPV CB . -9.87 -17.79 -7.57
C7 DPV CB . -8.59 -19.81 -8.37
C8 DPV CB . -7.69 -17.45 -8.70
C15 DPV CB . -3.13 -24.45 -4.52
C16 DPV CB . -1.89 -23.81 -5.19
C17 DPV CB . -0.65 -24.75 -5.12
C18 DPV CB . 0.58 -23.98 -5.64
C19 DPV CB . 1.86 -24.79 -5.46
O1P DPV CB . -9.38 -21.86 -3.88
C20 DPV CB . 3.12 -23.99 -5.84
C21 DPV CB . 4.41 -24.83 -5.72
C22 DPV CB . 5.66 -23.98 -6.03
C23 DPV CB . 6.98 -24.79 -5.90
O2P DPV CB . -9.52 -22.43 -6.25
O3P DPV CB . -7.30 -22.87 -5.00
O4P DPV CB . -7.75 -20.74 -5.51
H1 DPV CB . -7.53 -23.47 -3.04
H1A DPV CB . -6.35 -22.09 -3.32
H2 DPV CB . -5.28 -24.40 -2.83
H2A DPV CB . -5.87 -24.99 -4.34
H3 DPV CB . -4.05 -22.56 -4.00
H3A DPV CB . -4.60 -23.20 -5.58
H4 DPV CB . -8.13 -19.07 -4.29
H4A DPV CB . -9.44 -19.44 -5.42
H5 DPV CB . -7.79 -17.39 -5.91
H5A DPV CB . -6.70 -18.71 -6.53
H6 DPV CB . -9.77 -16.80 -7.13
H6A DPV CB . -10.46 -18.45 -6.92
H6B DPV CB . -10.35 -17.71 -8.55
H7 DPV CB . -8.99 -19.68 -9.38
H7A DPV CB . -9.29 -20.39 -7.76
H7B DPV CB . -7.60 -20.28 -8.37
H8 DPV CB . -6.64 -17.80 -8.79
H8A DPV CB . -7.71 -16.43 -8.29
H8B DPV CB . -8.18 -17.46 -9.69
H15 DPV CB . -3.41 -25.34 -5.08
H15A DPV CB . -2.91 -24.69 -3.49
H16 DPV CB . -2.14 -23.60 -6.27
H16A DPV CB . -1.68 -22.86 -4.68
H17 DPV CB . -0.49 -25.13 -4.11
H17A DPV CB . -0.81 -25.63 -5.73
H18 DPV CB . 0.42 -23.70 -6.72
H18A DPV CB . 0.70 -23.03 -5.05
H19 DPV CB . 2.00 -25.12 -4.44
H19A DPV CB . 1.76 -25.67 -6.10
H20 DPV CB . 3.01 -23.62 -6.83
H20A DPV CB . 3.20 -23.14 -5.19
H21 DPV CB . 4.52 -25.25 -4.70
H21A DPV CB . 4.36 -25.64 -6.46
H22 DPV CB . 5.62 -23.57 -7.03
H22A DPV CB . 5.71 -23.14 -5.32
H23 DPV CB . 7.12 -25.10 -4.87
H23A DPV CB . 7.81 -24.15 -6.20
H23B DPV CB . 6.99 -25.66 -6.53
N DPV DB . -9.78 -16.76 -14.04
P DPV DB . -6.18 -14.90 -11.72
C1 DPV DB . -4.26 -14.34 -10.08
C2 DPV DB . -2.96 -14.17 -10.96
C3 DPV DB . -2.32 -15.53 -11.31
C4 DPV DB . -7.36 -16.88 -12.97
C5 DPV DB . -8.90 -16.50 -12.80
C6 DPV DB . -9.91 -18.26 -14.40
C7 DPV DB . -9.31 -15.98 -15.27
C8 DPV DB . -11.22 -16.26 -13.67
C15 DPV DB . -1.03 -15.34 -12.14
C16 DPV DB . -0.51 -16.75 -12.58
C17 DPV DB . 0.75 -16.69 -13.47
C18 DPV DB . 1.19 -18.15 -13.82
C19 DPV DB . 2.49 -18.22 -14.70
O1P DPV DB . -5.63 -14.36 -12.99
C20 DPV DB . 2.24 -18.06 -16.20
C21 DPV DB . 3.25 -18.93 -17.03
C22 DPV DB . 2.88 -20.41 -17.19
C23 DPV DB . 3.93 -21.15 -18.01
O2P DPV DB . -7.22 -14.03 -11.17
O3P DPV DB . -5.10 -15.35 -10.66
O4P DPV DB . -6.62 -16.43 -11.82
H1 DPV DB . -3.96 -14.64 -9.04
H1A DPV DB . -4.84 -13.41 -10.00
H2 DPV DB . -3.22 -13.62 -11.88
H2A DPV DB . -2.21 -13.57 -10.41
H3 DPV DB . -3.02 -16.08 -11.92
H3A DPV DB . -2.07 -16.05 -10.36
H4 DPV DB . -7.27 -17.95 -13.04
H4A DPV DB . -6.97 -16.42 -13.85
H5 DPV DB . -9.33 -17.05 -11.95
H5A DPV DB . -8.98 -15.43 -12.55
H6 DPV DB . -10.24 -18.83 -13.53
H6A DPV DB . -8.93 -18.60 -14.75
H6B DPV DB . -10.63 -18.34 -15.20
H7 DPV DB . -9.20 -14.95 -15.01
H7A DPV DB . -10.04 -16.08 -16.07
H7B DPV DB . -8.37 -16.36 -15.63
H8 DPV DB . -11.19 -15.19 -13.51
H8A DPV DB . -11.56 -16.77 -12.75
H8B DPV DB . -11.88 -16.48 -14.50
H15 DPV DB . -0.30 -14.90 -11.49
H15A DPV DB . -1.21 -14.70 -13.02
H16 DPV DB . -0.34 -17.36 -11.73
H16A DPV DB . -1.27 -17.23 -13.18
H17 DPV DB . 0.53 -16.15 -14.41
H17A DPV DB . 1.55 -16.18 -12.92
H18 DPV DB . 1.34 -18.73 -12.90
H18A DPV DB . 0.38 -18.65 -14.36
H19 DPV DB . 3.23 -17.47 -14.36
H19A DPV DB . 2.98 -19.20 -14.52
H20 DPV DB . 1.24 -18.37 -16.45
H20A DPV DB . 2.38 -17.00 -16.49
H21 DPV DB . 3.29 -18.54 -18.04
H21A DPV DB . 4.25 -18.83 -16.61
H22 DPV DB . 2.78 -20.85 -16.20
H22A DPV DB . 1.92 -20.49 -17.69
H23 DPV DB . 3.68 -22.19 -18.03
H23A DPV DB . 4.91 -21.01 -17.58
H23B DPV DB . 3.92 -20.79 -19.03
N DPV EB . -7.48 -17.33 4.08
P DPV EB . -7.48 -21.84 1.59
C1 DPV EB . -5.94 -23.32 0.13
C2 DPV EB . -4.45 -23.56 -0.18
C3 DPV EB . -3.78 -22.25 -0.79
C4 DPV EB . -7.51 -19.81 3.17
C5 DPV EB . -6.65 -18.55 3.51
C6 DPV EB . -8.69 -17.00 3.20
C7 DPV EB . -6.56 -16.11 4.05
C8 DPV EB . -7.94 -17.58 5.55
C15 DPV EB . -2.31 -22.54 -1.08
C16 DPV EB . -1.66 -21.44 -1.90
C17 DPV EB . -0.15 -21.71 -2.17
C18 DPV EB . 0.42 -20.78 -3.22
C19 DPV EB . 2.00 -20.87 -3.25
O1P DPV EB . -8.27 -22.74 2.46
C20 DPV EB . 2.58 -20.31 -4.56
C21 DPV EB . 4.14 -20.36 -4.54
C22 DPV EB . 4.79 -19.67 -5.76
C23 DPV EB . 6.33 -19.82 -5.82
O2P DPV EB . -8.24 -21.36 0.41
O3P DPV EB . -6.05 -22.41 1.22
O4P DPV EB . -6.73 -20.70 2.36
H1 DPV EB . -6.45 -22.92 -0.75
H1A DPV EB . -6.44 -24.26 0.43
H2 DPV EB . -3.91 -23.79 0.76
H2A DPV EB . -4.34 -24.42 -0.86
H3 DPV EB . -3.84 -21.47 -0.05
H3A DPV EB . -4.31 -21.98 -1.69
H4 DPV EB . -7.76 -20.35 4.07
H4A DPV EB . -8.40 -19.56 2.62
H5 DPV EB . -5.88 -18.76 4.21
H5A DPV EB . -6.19 -18.21 2.60
H6 DPV EB . -9.41 -17.82 3.30
H6A DPV EB . -8.33 -16.89 2.19
H6B DPV EB . -9.13 -16.04 3.49
H7 DPV EB . -6.28 -15.93 3.00
H7A DPV EB . -5.67 -16.31 4.69
H7B DPV EB . -7.12 -15.23 4.42
H8 DPV EB . -7.04 -17.77 6.13
H8A DPV EB . -8.54 -18.47 5.54
H8B DPV EB . -8.53 -16.73 5.86
H15 DPV EB . -2.25 -23.47 -1.62
H15A DPV EB . -1.80 -22.72 -0.13
H16 DPV EB . -2.21 -21.41 -2.85
H16A DPV EB . -1.82 -20.49 -1.40
H17 DPV EB . 0.43 -21.65 -1.25
H17A DPV EB . -0.05 -22.71 -2.58
H18 DPV EB . -0.01 -21.08 -4.18
H18A DPV EB . 0.13 -19.74 -3.03
H19 DPV EB . 2.44 -20.31 -2.43
H19A DPV EB . 2.32 -21.92 -3.17
H20 DPV EB . 2.19 -20.84 -5.43
H20A DPV EB . 2.29 -19.27 -4.68
H21 DPV EB . 4.52 -19.87 -3.60
H21A DPV EB . 4.44 -21.45 -4.47
H22 DPV EB . 4.36 -20.07 -6.65
H22A DPV EB . 4.58 -18.62 -5.71
H23 DPV EB . 6.76 -19.39 -4.95
H23A DPV EB . 6.68 -19.31 -6.74
H23B DPV EB . 6.64 -20.83 -5.94
N DPV FB . 0.81 -16.42 16.65
P DPV FB . -1.22 -12.71 13.54
C1 DPV FB . -2.76 -12.22 11.54
C2 DPV FB . -3.49 -12.93 10.41
C3 DPV FB . -4.79 -13.66 10.89
C4 DPV FB . -0.25 -14.43 15.20
C5 DPV FB . -0.11 -15.98 15.43
C6 DPV FB . 0.25 -15.91 18.02
C7 DPV FB . 2.27 -15.95 16.43
C8 DPV FB . 0.83 -17.92 16.74
C15 DPV FB . -5.41 -14.58 9.75
C16 DPV FB . -4.78 -15.99 9.68
C17 DPV FB . -5.18 -16.73 8.38
C18 DPV FB . -4.25 -17.98 8.15
C19 DPV FB . -4.48 -18.61 6.73
O1P DPV FB . -1.95 -11.91 14.52
C20 DPV FB . -3.24 -19.42 6.25
C21 DPV FB . -2.03 -18.50 5.93
C22 DPV FB . -1.03 -19.19 5.00
C23 DPV FB . 0.09 -18.20 4.61
O2P DPV FB . 0.05 -12.06 13.13
O3P DPV FB . -2.09 -13.21 12.34
O4P DPV FB . -1.00 -14.23 14.00
H1 DPV FB . -2.06 -11.50 11.16
H1A DPV FB . -3.47 -11.66 12.16
H2 DPV FB . -3.75 -12.18 9.73
H2A DPV FB . -2.85 -13.62 9.89
H3 DPV FB . -5.48 -12.88 11.17
H3A DPV FB . -4.67 -14.29 11.82
H4 DPV FB . -0.81 -13.98 16.05
H4A DPV FB . 0.73 -13.92 15.12
H5 DPV FB . -1.08 -16.42 15.56
H5A DPV FB . 0.35 -16.37 14.57
H6 DPV FB . -0.77 -16.30 18.15
H6A DPV FB . 0.27 -14.81 17.97
H6B DPV FB . 0.87 -16.27 18.84
H7 DPV FB . 2.58 -16.30 15.44
H7A DPV FB . 2.88 -16.35 17.25
H7B DPV FB . 2.25 -14.86 16.50
H8 DPV FB . 1.41 -18.30 15.90
H8A DPV FB . -0.20 -18.30 16.78
H8B DPV FB . 1.33 -18.19 17.66
H15 DPV FB . -5.27 -14.12 8.78
H15A DPV FB . -6.46 -14.65 9.95
H16 DPV FB . -3.69 -15.87 9.69
H16A DPV FB . -5.13 -16.60 10.55
H17 DPV FB . -6.22 -17.05 8.48
H17A DPV FB . -5.13 -16.08 7.51
H18 DPV FB . -3.18 -17.67 8.28
H18A DPV FB . -4.49 -18.76 8.91
H19 DPV FB . -5.35 -19.27 6.77
H19A DPV FB . -4.70 -17.82 5.97
H20 DPV FB . -2.96 -20.19 6.94
H20A DPV FB . -3.52 -19.97 5.39
H21 DPV FB . -2.39 -17.61 5.41
H21A DPV FB . -1.54 -18.11 6.84
H22 DPV FB . -0.57 -20.09 5.46
H22A DPV FB . -1.56 -19.51 4.08
H23 DPV FB . 0.60 -17.81 5.48
H23A DPV FB . -0.27 -17.44 3.95
H23B DPV FB . 0.86 -18.72 4.05
N DPV GB . -2.16 -19.13 12.50
P DPV GB . 2.97 -19.59 13.81
C1 DPV GB . 4.89 -19.31 12.04
C2 DPV GB . 5.10 -18.65 10.70
C3 DPV GB . 6.60 -18.24 10.44
C4 DPV GB . 0.48 -19.48 12.91
C5 DPV GB . -0.76 -18.51 12.95
C6 DPV GB . -2.13 -19.63 11.05
C7 DPV GB . -3.19 -18.01 12.56
C8 DPV GB . -2.62 -20.21 13.48
C15 DPV GB . 6.72 -17.35 9.19
C16 DPV GB . 8.22 -17.11 8.84
C17 DPV GB . 8.44 -16.16 7.64
C18 DPV GB . 8.37 -16.91 6.28
C19 DPV GB . 8.84 -16.03 5.10
O1P DPV GB . 3.81 -19.02 14.89
C20 DPV GB . 8.92 -16.90 3.79
C21 DPV GB . 9.42 -16.10 2.56
C22 DPV GB . 9.43 -17.01 1.29
C23 DPV GB . 9.63 -16.19 0.00
O2P DPV GB . 2.82 -21.05 13.97
O3P DPV GB . 3.47 -19.17 12.37
O4P DPV GB . 1.58 -18.80 13.62
H1 DPV GB . 5.18 -20.37 12.00
H1A DPV GB . 5.45 -18.79 12.86
H2 DPV GB . 4.83 -19.36 9.94
H2A DPV GB . 4.39 -17.84 10.59
H3 DPV GB . 7.23 -19.13 10.31
H3A DPV GB . 6.96 -17.67 11.31
H4 DPV GB . 0.27 -20.45 13.42
H4A DPV GB . 0.81 -19.63 11.85
H5 DPV GB . -0.87 -18.22 13.98
H5A DPV GB . -0.59 -17.63 12.37
H6 DPV GB . -1.42 -20.46 11.02
H6A DPV GB . -1.82 -18.81 10.37
H6B DPV GB . -3.14 -20.02 10.81
H7 DPV GB . -3.21 -17.67 13.60
H7A DPV GB . -4.18 -18.37 12.27
H7B DPV GB . -2.86 -17.21 11.89
H8 DPV GB . -2.60 -19.80 14.48
H8A DPV GB . -1.95 -21.05 13.46
H8B DPV GB . -3.63 -20.52 13.23
H15 DPV GB . 6.25 -16.40 9.40
H15A DPV GB . 6.21 -17.81 8.36
H16 DPV GB . 8.72 -16.69 9.69
H16A DPV GB . 8.73 -18.03 8.64
H17 DPV GB . 7.71 -15.35 7.64
H17A DPV GB . 9.39 -15.66 7.76
H18 DPV GB . 9.01 -17.82 6.32
H18A DPV GB . 7.34 -17.27 6.13
H19 DPV GB . 8.15 -15.23 4.96
H19A DPV GB . 9.80 -15.63 5.35
H20 DPV GB . 9.62 -17.72 3.96
H20A DPV GB . 7.95 -17.34 3.59
H21 DPV GB . 8.77 -15.22 2.36
H21A DPV GB . 10.44 -15.71 2.74
H22 DPV GB . 10.22 -17.76 1.37
H22A DPV GB . 8.50 -17.57 1.24
H23 DPV GB . 8.84 -15.42 -0.08
H23A DPV GB . 9.61 -16.84 -0.86
H23B DPV GB . 10.59 -15.67 0.04
N DPV HB . 16.45 -24.29 13.05
P DPV HB . 14.82 -27.74 10.08
C1 DPV HB . 13.39 -25.91 8.90
C2 DPV HB . 13.31 -24.35 8.93
C3 DPV HB . 14.17 -23.63 7.84
C4 DPV HB . 16.47 -26.73 11.89
C5 DPV HB . 16.27 -25.16 11.78
C6 DPV HB . 15.39 -24.62 14.10
C7 DPV HB . 16.23 -22.81 12.63
C8 DPV HB . 17.85 -24.46 13.65
C15 DPV HB . 13.64 -23.81 6.38
C16 DPV HB . 12.32 -23.06 6.14
C17 DPV HB . 11.93 -23.00 4.63
C18 DPV HB . 10.47 -22.57 4.37
C19 DPV HB . 10.25 -21.04 4.57
O1P DPV HB . 14.83 -28.86 9.12
C20 DPV HB . 8.72 -20.71 4.62
C21 DPV HB . 8.09 -21.01 6.01
C22 DPV HB . 6.64 -20.47 6.12
C23 DPV HB . 5.96 -20.86 7.46
O2P DPV HB . 13.88 -27.98 11.19
O3P DPV HB . 14.67 -26.30 9.40
O4P DPV HB . 16.27 -27.29 10.57
H1 DPV HB . 12.57 -26.33 9.54
H1A DPV HB . 13.31 -26.32 7.86
H2 DPV HB . 12.26 -24.06 8.80
H2A DPV HB . 13.62 -23.96 9.90
H3 DPV HB . 15.19 -23.99 7.93
H3A DPV HB . 14.15 -22.56 8.07
H4 DPV HB . 17.48 -26.94 12.24
H4A DPV HB . 15.73 -27.16 12.59
H5 DPV HB . 16.97 -24.81 11.06
H5A DPV HB . 15.28 -24.96 11.34
H6 DPV HB . 15.62 -25.61 14.56
H6A DPV HB . 14.40 -24.63 13.60
H6B DPV HB . 15.39 -23.85 14.90
H7 DPV HB . 16.84 -22.60 11.77
H7A DPV HB . 16.47 -22.17 13.44
H7B DPV HB . 15.20 -22.65 12.37
H8 DPV HB . 18.58 -24.23 12.90
H8A DPV HB . 17.97 -25.48 13.98
H8B DPV HB . 17.97 -23.79 14.48
H15 DPV HB . 13.55 -24.88 6.13
H15A DPV HB . 14.34 -23.37 5.67
H16 DPV HB . 11.50 -23.54 6.67
H16A DPV HB . 12.43 -22.06 6.54
H17 DPV HB . 12.61 -22.33 4.08
H17A DPV HB . 12.08 -23.97 4.17
H18 DPV HB . 10.23 -22.83 3.36
H18A DPV HB . 9.80 -23.10 4.97
H19 DPV HB . 10.76 -20.69 5.48
H19A DPV HB . 10.69 -20.49 3.74
H20 DPV HB . 8.58 -19.65 4.39
H20A DPV HB . 8.20 -21.27 3.83
H21 DPV HB . 8.09 -22.07 6.20
H21A DPV HB . 8.70 -20.55 6.76
H22 DPV HB . 6.66 -19.40 6.03
H22A DPV HB . 6.04 -20.87 5.32
H23 DPV HB . 6.02 -21.94 7.59
H23A DPV HB . 4.93 -20.53 7.44
H23B DPV HB . 6.48 -20.38 8.28
N DPV IB . 18.61 0.32 -19.40
P DPV IB . 17.35 3.64 -15.90
C1 DPV IB . 18.96 2.31 -14.34
C2 DPV IB . 19.56 0.87 -14.14
C3 DPV IB . 20.58 0.82 -12.97
C4 DPV IB . 18.04 2.67 -18.29
C5 DPV IB . 18.58 1.19 -18.09
C6 DPV IB . 17.19 0.11 -19.97
C7 DPV IB . 19.18 -1.05 -19.03
C8 DPV IB . 19.50 0.93 -20.52
C15 DPV IB . 21.03 -0.62 -12.70
C16 DPV IB . 21.86 -0.68 -11.38
C17 DPV IB . 22.20 -2.14 -10.97
C18 DPV IB . 22.43 -2.31 -9.42
C19 DPV IB . 23.67 -1.57 -8.79
O1P DPV IB . 17.61 4.81 -15.06
C20 DPV IB . 23.75 -1.83 -7.27
C21 DPV IB . 24.81 -0.95 -6.52
C22 DPV IB . 24.78 -1.19 -4.98
C23 DPV IB . 25.51 -2.48 -4.58
O2P DPV IB . 15.95 3.62 -16.34
O3P DPV IB . 17.85 2.25 -15.25
O4P DPV IB . 18.40 3.45 -17.11
H1 DPV IB . 18.62 2.69 -13.36
H1A DPV IB . 19.70 2.99 -14.79
H2 DPV IB . 18.80 0.08 -13.99
H2A DPV IB . 20.11 0.62 -15.05
H3 DPV IB . 20.11 1.18 -12.08
H3A DPV IB . 21.43 1.46 -13.17
H4 DPV IB . 18.51 3.12 -19.15
H4A DPV IB . 16.94 2.68 -18.43
H5 DPV IB . 19.59 1.20 -17.68
H5A DPV IB . 17.94 0.66 -17.38
H6 DPV IB . 16.76 1.09 -20.17
H6A DPV IB . 16.60 -0.41 -19.22
H6B DPV IB . 17.27 -0.51 -20.87
H7 DPV IB . 20.18 -0.92 -18.59
H7A DPV IB . 19.28 -1.67 -19.92
H7B DPV IB . 18.52 -1.53 -18.30
H8 DPV IB . 20.49 1.11 -20.12
H8A DPV IB . 19.04 1.86 -20.82
H8B DPV IB . 19.55 0.22 -21.33
H15 DPV IB . 21.62 -0.93 -13.57
H15A DPV IB . 20.16 -1.28 -12.64
H16 DPV IB . 22.76 -0.11 -11.47
H16A DPV IB . 21.26 -0.24 -10.58
H17 DPV IB . 21.38 -2.82 -11.29
H17A DPV IB . 23.08 -2.46 -11.52
H18 DPV IB . 21.52 -2.01 -8.90
H18A DPV IB . 22.52 -3.38 -9.29
H19 DPV IB . 24.57 -1.88 -9.31
H19A DPV IB . 23.58 -0.48 -8.90
H20 DPV IB . 22.76 -1.57 -6.81
H20A DPV IB . 23.96 -2.87 -7.09
H21 DPV IB . 25.80 -1.13 -6.96
H21A DPV IB . 24.61 0.09 -6.68
H22 DPV IB . 25.24 -0.35 -4.49
H22A DPV IB . 23.76 -1.27 -4.63
H23 DPV IB . 25.04 -3.35 -5.08
H23A DPV IB . 25.53 -2.69 -3.49
H23B DPV IB . 26.57 -2.42 -4.86
N DPV JB . 12.62 1.91 -17.20
P DPV JB . 14.45 -2.66 -18.33
C1 DPV JB . 14.00 -4.25 -16.29
C2 DPV JB . 13.58 -4.14 -14.81
C3 DPV JB . 13.59 -5.53 -14.07
C4 DPV JB . 14.36 -0.11 -17.51
C5 DPV JB . 13.89 1.32 -17.94
C6 DPV JB . 12.37 3.31 -17.76
C7 DPV JB . 12.84 2.06 -15.74
C8 DPV JB . 11.36 1.07 -17.46
C15 DPV JB . 13.05 -5.36 -12.64
C16 DPV JB . 12.98 -6.74 -11.93
C17 DPV JB . 12.50 -6.62 -10.47
C18 DPV JB . 12.37 -7.99 -9.82
C19 DPV JB . 11.74 -7.86 -8.39
O1P DPV JB . 13.84 -3.55 -19.36
C20 DPV JB . 11.51 -9.22 -7.71
C21 DPV JB . 12.78 -9.91 -7.10
C22 DPV JB . 12.40 -10.88 -5.94
C23 DPV JB . 13.60 -11.72 -5.46
O2P DPV JB . 15.93 -2.73 -18.40
O3P DPV JB . 13.86 -2.94 -16.86
O4P DPV JB . 13.84 -1.16 -18.40
H1 DPV JB . 15.08 -4.55 -16.36
H1A DPV JB . 13.36 -4.96 -16.85
H2 DPV JB . 14.20 -3.40 -14.27
H2A DPV JB . 12.57 -3.75 -14.81
H3 DPV JB . 14.58 -5.87 -13.98
H3A DPV JB . 13.00 -6.22 -14.66
H4 DPV JB . 15.48 -0.18 -17.55
H4A DPV JB . 14.07 -0.26 -16.48
H5 DPV JB . 14.72 1.99 -17.74
H5A DPV JB . 13.68 1.30 -19.01
H6 DPV JB . 12.19 3.16 -18.84
H6A DPV JB . 13.27 3.90 -17.63
H6B DPV JB . 11.52 3.74 -17.27
H7 DPV JB . 12.92 1.06 -15.30
H7A DPV JB . 11.98 2.57 -15.30
H7B DPV JB . 13.79 2.61 -15.61
H8 DPV JB . 11.46 0.08 -16.95
H8A DPV JB . 11.28 0.98 -18.54
H8B DPV JB . 10.45 1.59 -17.10
H15 DPV JB . 12.08 -4.84 -12.64
H15A DPV JB . 13.74 -4.73 -12.06
H16 DPV JB . 12.35 -7.40 -12.54
H16A DPV JB . 13.99 -7.18 -11.93
H17 DPV JB . 13.26 -6.06 -9.92
H17A DPV JB . 11.56 -6.04 -10.40
H18 DPV JB . 11.74 -8.65 -10.44
H18A DPV JB . 13.35 -8.49 -9.75
H19 DPV JB . 12.40 -7.22 -7.78
H19A DPV JB . 10.76 -7.32 -8.47
H20 DPV JB . 10.78 -9.05 -6.87
H20A DPV JB . 11.05 -9.92 -8.45
H21 DPV JB . 13.34 -10.44 -7.88
H21A DPV JB . 13.47 -9.16 -6.72
H22 DPV JB . 12.04 -10.27 -5.10
H22A DPV JB . 11.62 -11.54 -6.27
H23 DPV JB . 13.33 -12.35 -4.60
H23A DPV JB . 14.45 -11.10 -5.18
H23B DPV JB . 13.94 -12.41 -6.23
N DPV KB . 28.12 1.32 -12.42
P DPV KB . 24.11 2.70 -10.40
C1 DPV KB . 21.77 2.58 -9.32
C2 DPV KB . 21.69 3.29 -7.94
C3 DPV KB . 20.28 3.86 -7.68
C4 DPV KB . 26.56 1.77 -10.33
C5 DPV KB . 26.77 1.03 -11.71
C6 DPV KB . 28.05 0.59 -13.77
C7 DPV KB . 29.31 0.83 -11.62
C8 DPV KB . 28.26 2.85 -12.75
C15 DPV KB . 20.22 4.57 -6.32
C16 DPV KB . 18.87 5.29 -6.03
C17 DPV KB . 17.69 4.30 -5.82
C18 DPV KB . 16.33 5.08 -5.63
C19 DPV KB . 15.10 4.16 -5.53
O1P DPV KB . 24.46 4.09 -10.01
C20 DPV KB . 14.75 3.44 -6.86
C21 DPV KB . 13.63 2.38 -6.65
C22 DPV KB . 13.28 1.66 -7.95
C23 DPV KB . 12.05 0.69 -7.77
O2P DPV KB . 23.75 2.63 -11.82
O3P DPV KB . 23.09 1.99 -9.42
O4P DPV KB . 25.18 1.62 -9.95
H1 DPV KB . 21.04 1.76 -9.34
H1A DPV KB . 21.62 3.29 -10.13
H2 DPV KB . 21.92 2.59 -7.17
H2A DPV KB . 22.47 4.05 -7.88
H3 DPV KB . 19.55 3.07 -7.68
H3A DPV KB . 20.00 4.57 -8.49
H4 DPV KB . 27.18 1.33 -9.58
H4A DPV KB . 26.77 2.82 -10.45
H5 DPV KB . 26.70 -0.08 -11.59
H5A DPV KB . 25.94 1.31 -12.39
H6 DPV KB . 28.94 0.88 -14.35
H6A DPV KB . 27.13 0.88 -14.32
H6B DPV KB . 28.03 -0.51 -13.60
H7 DPV KB . 29.37 1.44 -10.72
H7A DPV KB . 30.21 0.95 -12.25
H7B DPV KB . 29.20 -0.24 -11.38
H8 DPV KB . 28.33 3.40 -11.80
H8A DPV KB . 27.37 3.16 -13.32
H8B DPV KB . 29.16 3.01 -13.36
H15 DPV KB . 21.05 5.32 -6.23
H15A DPV KB . 20.39 3.85 -5.51
H16 DPV KB . 18.97 5.94 -5.15
H16A DPV KB . 18.66 5.93 -6.87
H17 DPV KB . 17.62 3.64 -6.68
H17A DPV KB . 17.91 3.66 -4.97
H18 DPV KB . 16.41 5.71 -4.74
H18A DPV KB . 16.18 5.72 -6.51
H19 DPV KB . 15.29 3.45 -4.73
H19A DPV KB . 14.23 4.77 -5.21
H20 DPV KB . 14.45 4.18 -7.61
H20A DPV KB . 15.65 2.94 -7.24
H21 DPV KB . 13.94 1.65 -5.91
H21A DPV KB . 12.71 2.88 -6.27
H22 DPV KB . 13.10 2.41 -8.71
H22A DPV KB . 14.12 1.05 -8.22
H23 DPV KB . 12.25 -0.04 -7.01
H23A DPV KB . 11.82 0.17 -8.70
H23B DPV KB . 11.15 1.23 -7.47
N DPV LB . 5.58 -28.56 12.27
P DPV LB . 9.98 -28.56 10.56
C1 DPV LB . 9.76 -27.40 8.17
C2 DPV LB . 8.28 -27.57 7.77
C3 DPV LB . 7.50 -26.20 7.87
C4 DPV LB . 8.21 -28.85 12.45
C5 DPV LB . 6.91 -28.16 13.00
C6 DPV LB . 5.24 -30.07 12.40
C7 DPV LB . 5.62 -28.21 10.77
C8 DPV LB . 4.47 -27.72 12.92
C15 DPV LB . 6.08 -26.28 7.28
C16 DPV LB . 5.50 -24.89 7.08
C17 DPV LB . 4.04 -24.94 6.48
C18 DPV LB . 3.52 -23.48 6.24
C19 DPV LB . 2.22 -23.47 5.38
O1P DPV LB . 11.12 -28.53 11.49
C20 DPV LB . 1.98 -22.12 4.67
C21 DPV LB . 3.06 -21.71 3.63
C22 DPV LB . 2.54 -20.85 2.45
C23 DPV LB . 2.10 -21.73 1.27
O2P DPV LB . 9.89 -29.84 9.81
O3P DPV LB . 9.88 -27.24 9.63
O4P DPV LB . 8.62 -28.15 11.25
H1 DPV LB . 10.30 -28.29 7.88
H1A DPV LB . 10.20 -26.55 7.65
H2 DPV LB . 8.27 -27.90 6.73
H2A DPV LB . 7.79 -28.29 8.40
H3 DPV LB . 8.08 -25.41 7.36
H3A DPV LB . 7.45 -25.95 8.93
H4 DPV LB . 9.02 -28.79 13.20
H4A DPV LB . 8.00 -29.92 12.27
H5 DPV LB . 6.80 -28.43 14.04
H5A DPV LB . 7.03 -27.09 12.91
H6 DPV LB . 5.29 -30.36 13.46
H6A DPV LB . 6.00 -30.65 11.85
H6B DPV LB . 4.24 -30.22 11.99
H7 DPV LB . 5.72 -27.13 10.68
H7A DPV LB . 4.70 -28.57 10.28
H7B DPV LB . 6.50 -28.68 10.32
H8 DPV LB . 4.81 -26.67 12.90
H8A DPV LB . 4.30 -28.03 13.95
H8B DPV LB . 3.55 -27.87 12.36
H15 DPV LB . 5.44 -26.87 7.93
H15A DPV LB . 6.10 -26.78 6.31
H16 DPV LB . 5.50 -24.40 8.07
H16A DPV LB . 6.15 -24.31 6.41
H17 DPV LB . 4.09 -25.45 5.52
H17A DPV LB . 3.36 -25.50 7.14
H18 DPV LB . 3.33 -23.01 7.19
H18A DPV LB . 4.29 -22.91 5.76
H19 DPV LB . 2.28 -24.25 4.64
H19A DPV LB . 1.38 -23.70 6.01
H20 DPV LB . 1.01 -22.12 4.18
H20A DPV LB . 1.90 -21.36 5.43
H21 DPV LB . 3.79 -21.09 4.17
H21A DPV LB . 3.59 -22.61 3.25
H22 DPV LB . 1.70 -20.27 2.82
H22A DPV LB . 3.33 -20.23 2.07
H23 DPV LB . 2.87 -22.46 1.00
H23A DPV LB . 1.92 -21.06 0.41
H23B DPV LB . 1.14 -22.23 1.52
N DPV MB . -3.74 -32.35 -5.51
P DPV MB . -4.16 -28.82 -1.66
C1 DPV MB . -2.64 -27.09 -0.52
C2 DPV MB . -1.52 -26.16 -0.94
C3 DPV MB . -0.11 -26.78 -0.71
C4 DPV MB . -4.12 -30.70 -3.48
C5 DPV MB . -3.45 -30.97 -4.84
C6 DPV MB . -5.23 -32.65 -5.73
C7 DPV MB . -3.10 -33.49 -4.72
C8 DPV MB . -3.07 -32.37 -6.93
C15 DPV MB . 0.99 -25.87 -1.29
C16 DPV MB . 2.41 -26.42 -1.01
C17 DPV MB . 3.55 -25.63 -1.73
C18 DPV MB . 3.83 -24.24 -1.12
C19 DPV MB . 5.05 -23.57 -1.79
O1P DPV MB . -5.27 -27.87 -1.87
C20 DPV MB . 5.26 -22.10 -1.40
C21 DPV MB . 5.88 -21.92 0.03
C22 DPV MB . 6.06 -20.40 0.34
C23 DPV MB . 6.63 -20.16 1.75
O2P DPV MB . -4.48 -29.82 -0.62
O3P DPV MB . -2.76 -28.14 -1.48
O4P DPV MB . -3.63 -29.44 -3.01
H1 DPV MB . -2.44 -27.54 0.45
H1A DPV MB . -3.54 -26.50 -0.47
H2 DPV MB . -1.64 -25.97 -2.01
H2A DPV MB . -1.59 -25.27 -0.34
H3 DPV MB . -0.05 -27.77 -1.19
H3A DPV MB . -0.01 -26.93 0.38
H4 DPV MB . -5.21 -30.64 -3.60
H4A DPV MB . -3.84 -31.49 -2.76
H5 DPV MB . -3.79 -30.20 -5.55
H5A DPV MB . -2.38 -30.91 -4.71
H6 DPV MB . -5.65 -31.88 -6.37
H6A DPV MB . -5.72 -32.60 -4.76
H6B DPV MB . -5.34 -33.63 -6.18
H7 DPV MB . -2.03 -33.29 -4.61
H7A DPV MB . -3.22 -34.43 -5.28
H7B DPV MB . -3.56 -33.59 -3.73
H8 DPV MB . -2.01 -32.11 -6.82
H8A DPV MB . -3.54 -31.63 -7.56
H8B DPV MB . -3.19 -33.35 -7.37
H15 DPV MB . 0.95 -24.87 -0.77
H15A DPV MB . 0.77 -25.70 -2.36
H16 DPV MB . 2.58 -26.40 0.07
H16A DPV MB . 2.50 -27.49 -1.24
H17 DPV MB . 4.47 -26.21 -1.69
H17A DPV MB . 3.27 -25.52 -2.76
H18 DPV MB . 2.95 -23.63 -1.26
H18A DPV MB . 3.95 -24.34 -0.05
H19 DPV MB . 5.94 -24.16 -1.56
H19A DPV MB . 4.91 -23.60 -2.87
H20 DPV MB . 5.93 -21.65 -2.12
H20A DPV MB . 4.32 -21.56 -1.47
H21 DPV MB . 5.21 -22.32 0.80
H21A DPV MB . 6.88 -22.43 0.07
H22 DPV MB . 6.80 -20.03 -0.40
H22A DPV MB . 5.10 -19.86 0.23
H23 DPV MB . 6.00 -20.58 2.51
H23A DPV MB . 6.72 -19.11 1.94
H23B DPV MB . 7.61 -20.57 1.82
N DPV NB . -6.39 -27.08 2.99
P DPV NB . -4.96 -23.28 5.69
C1 DPV NB . -3.29 -23.11 7.68
C2 DPV NB . -1.81 -23.38 8.03
C3 DPV NB . -0.96 -22.05 8.07
C4 DPV NB . -5.14 -24.79 3.55
C5 DPV NB . -5.55 -26.22 4.02
C6 DPV NB . -5.57 -27.39 1.74
C7 DPV NB . -7.69 -26.33 2.57
C8 DPV NB . -6.81 -28.39 3.65
C15 DPV NB . 0.38 -22.32 8.79
C16 DPV NB . 1.10 -21.01 9.22
C17 DPV NB . 1.75 -20.19 8.06
C18 DPV NB . 2.01 -18.76 8.52
C19 DPV NB . 2.89 -17.98 7.50
O1P DPV NB . -5.53 -22.01 5.22
C20 DPV NB . 3.13 -16.55 8.02
C21 DPV NB . 4.07 -15.74 7.07
C22 DPV NB . 4.37 -14.38 7.69
C23 DPV NB . 5.17 -13.51 6.72
O2P DPV NB . -5.88 -24.02 6.59
O3P DPV NB . -3.46 -23.13 6.26
O4P DPV NB . -4.31 -24.18 4.54
H1 DPV NB . -3.94 -23.85 8.12
H1A DPV NB . -3.57 -22.13 8.05
H2 DPV NB . -1.77 -23.84 9.02
H2A DPV NB . -1.38 -24.08 7.31
H3 DPV NB . -1.52 -21.27 8.63
H3A DPV NB . -0.79 -21.68 7.04
H4 DPV NB . -4.55 -24.87 2.64
H4A DPV NB . -6.02 -24.18 3.35
H5 DPV NB . -4.63 -26.78 4.24
H5A DPV NB . -6.19 -26.13 4.94
H6 DPV NB . -4.66 -27.92 2.05
H6A DPV NB . -5.32 -26.44 1.24
H6B DPV NB . -6.19 -28.02 1.10
H7 DPV NB . -8.30 -26.16 3.46
H7A DPV NB . -8.24 -26.94 1.85
H7B DPV NB . -7.42 -25.38 2.11
H8 DPV NB . -7.30 -28.19 4.60
H8A DPV NB . -5.92 -29.02 3.78
H8B DPV NB . -7.55 -28.90 2.99
H15 DPV NB . 1.03 -22.92 8.12
H15A DPV NB . 0.25 -22.96 9.68
H16 DPV NB . 0.36 -20.40 9.71
H16A DPV NB . 1.85 -21.25 9.98
H17 DPV NB . 2.68 -20.67 7.70
H17A DPV NB . 1.04 -20.16 7.24
H18 DPV NB . 1.07 -18.25 8.65
H18A DPV NB . 2.51 -18.81 9.46
H19 DPV NB . 3.86 -18.46 7.38
H19A DPV NB . 2.44 -17.96 6.50
H20 DPV NB . 2.20 -15.97 8.12
H20A DPV NB . 3.64 -16.62 9.01
H21 DPV NB . 5.02 -16.26 6.91
H21A DPV NB . 3.57 -15.60 6.12
H22 DPV NB . 3.47 -13.85 7.95
H22A DPV NB . 4.94 -14.52 8.62
H23 DPV NB . 5.36 -12.52 7.16
H23A DPV NB . 4.67 -13.38 5.76
H23B DPV NB . 6.14 -13.97 6.48
N DPV OB . 17.41 4.61 -11.00
P DPV OB . 12.25 3.86 -11.86
C1 DPV OB . 12.76 1.28 -11.54
C2 DPV OB . 13.21 0.03 -12.36
C3 DPV OB . 14.54 0.24 -13.14
C4 DPV OB . 14.83 4.19 -11.28
C5 DPV OB . 16.16 4.66 -11.95
C6 DPV OB . 17.72 3.17 -10.53
C7 DPV OB . 18.57 5.19 -11.80
C8 DPV OB . 17.20 5.55 -9.79
C15 DPV OB . 15.78 0.33 -12.27
C16 DPV OB . 16.38 -1.03 -11.87
C17 DPV OB . 17.67 -0.93 -11.03
C18 DPV OB . 17.44 -0.50 -9.55
C19 DPV OB . 18.80 -0.38 -8.79
O1P DPV OB . 11.24 4.64 -12.62
C20 DPV OB . 18.57 0.08 -7.31
C21 DPV OB . 19.88 0.02 -6.51
C22 DPV OB . 19.66 0.33 -4.99
C23 DPV OB . 20.99 0.37 -4.23
O2P DPV OB . 11.97 3.86 -10.42
O3P DPV OB . 12.53 2.40 -12.48
O4P DPV OB . 13.75 4.28 -12.25
H1 DPV OB . 11.83 1.09 -11.02
H1A DPV OB . 13.51 1.54 -10.80
H2 DPV OB . 13.29 -0.82 -11.69
H2A DPV OB . 12.44 -0.17 -13.08
H3 DPV OB . 14.45 1.13 -13.75
H3A DPV OB . 14.66 -0.60 -13.87
H4 DPV OB . 14.92 3.17 -10.90
H4A DPV OB . 14.59 4.88 -10.43
H5 DPV OB . 16.39 4.04 -12.82
H5A DPV OB . 16.01 5.71 -12.27
H6 DPV OB . 17.87 2.53 -11.42
H6A DPV OB . 16.90 2.82 -9.89
H6B DPV OB . 18.63 3.17 -9.91
H7 DPV OB . 18.34 6.22 -12.09
H7A DPV OB . 18.74 4.60 -12.69
H7B DPV OB . 19.49 5.17 -11.21
H8 DPV OB . 16.84 6.49 -10.15
H8A DPV OB . 18.13 5.73 -9.27
H8B DPV OB . 16.48 5.15 -9.11
H15 DPV OB . 15.52 0.88 -11.38
H15A DPV OB . 16.56 0.95 -12.78
H16 DPV OB . 15.62 -1.61 -11.29
H16A DPV OB . 16.58 -1.62 -12.81
H17 DPV OB . 18.20 -1.90 -11.03
H17A DPV OB . 18.30 -0.20 -11.53
H18 DPV OB . 16.91 0.47 -9.54
H18A DPV OB . 16.79 -1.25 -9.04
H19 DPV OB . 19.28 -1.36 -8.78
H19A DPV OB . 19.46 0.33 -9.30
H20 DPV OB . 18.15 1.09 -7.28
H20A DPV OB . 17.84 -0.59 -6.86
H21 DPV OB . 20.35 -0.97 -6.64
H21A DPV OB . 20.60 0.75 -6.90
H22 DPV OB . 19.15 1.31 -4.89
H22A DPV OB . 19.02 -0.42 -4.49
H23 DPV OB . 21.49 -0.61 -4.24
H23A DPV OB . 20.78 0.57 -3.19
H23B DPV OB . 21.66 1.14 -4.62
N GLY A 1 -4.65 2.26 -5.59
CA GLY A 1 -3.50 1.68 -6.28
C GLY A 1 -2.70 0.77 -5.38
N LEU A 2 -2.07 -0.24 -5.95
CA LEU A 2 -1.33 -1.24 -5.16
C LEU A 2 -0.14 -0.67 -4.42
N LEU A 3 0.48 0.39 -4.90
CA LEU A 3 1.60 0.97 -4.15
C LEU A 3 1.09 1.50 -2.83
N LYS A 4 -0.04 2.18 -2.85
CA LYS A 4 -0.63 2.74 -1.64
C LYS A 4 -1.15 1.62 -0.74
N TRP A 5 -1.56 0.52 -1.35
CA TRP A 5 -1.98 -0.65 -0.60
C TRP A 5 -0.79 -1.20 0.22
N ILE A 6 0.36 -1.34 -0.42
CA ILE A 6 1.56 -1.79 0.31
C ILE A 6 1.94 -0.79 1.39
N LYS A 7 1.86 0.50 1.09
CA LYS A 7 2.15 1.53 2.12
C LYS A 7 1.24 1.39 3.33
N THR A 8 -0.04 1.12 3.10
CA THR A 8 -1.00 0.99 4.18
C THR A 8 -0.80 -0.32 4.96
N LEU A 9 -0.40 -1.36 4.25
CA LEU A 9 -0.16 -2.67 4.88
C LEU A 9 0.98 -2.58 5.90
N LEU A 10 2.01 -1.79 5.60
CA LEU A 10 3.11 -1.56 6.53
C LEU A 10 2.71 -0.55 7.61
N NH2 A 11 2.13 0.55 7.18
HN1 NH2 A 11 1.98 0.71 6.19
HN2 NH2 A 11 1.84 1.26 7.85
UNK UNX B . 10.96 -14.91 -3.65
N DPV C . -2.88 -29.55 1.97
P DPV C . -2.81 -27.44 6.24
C1 DPV C . -0.83 -26.12 5.09
C2 DPV C . -0.48 -24.76 5.71
C3 DPV C . 0.03 -23.77 4.64
C4 DPV C . -3.85 -28.96 4.38
C5 DPV C . -3.41 -30.07 3.36
C6 DPV C . -2.33 -30.76 1.21
C7 DPV C . -4.04 -28.97 1.16
C8 DPV C . -1.77 -28.50 2.09
C15 DPV C . 0.45 -22.40 5.24
C16 DPV C . 0.96 -21.44 4.11
C17 DPV C . 1.47 -20.06 4.64
C18 DPV C . 0.32 -19.08 5.04
C19 DPV C . 0.88 -17.67 5.38
O1P DPV C . -3.16 -28.14 7.50
C20 DPV C . -0.25 -16.69 5.82
C21 DPV C . 0.34 -15.29 6.20
C22 DPV C . -0.78 -14.29 6.64
C23 DPV C . -0.25 -12.85 6.72
O2P DPV C . -3.72 -26.32 5.99
O3P DPV C . -1.25 -27.03 6.15
O4P DPV C . -2.65 -28.43 5.00
H1 DPV C . -1.63 -26.01 4.36
H1A DPV C . 0.06 -26.54 4.59
H2 DPV C . -1.38 -24.34 6.21
H2A DPV C . 0.29 -24.90 6.49
H3 DPV C . -0.76 -23.60 3.89
H3A DPV C . 0.89 -24.21 4.12
H4 DPV C . -4.40 -28.16 3.89
H4A DPV C . -4.48 -29.40 5.16
H5 DPV C . -2.61 -30.67 3.80
H5A DPV C . -4.25 -30.73 3.16
H6 DPV C . -3.10 -31.54 1.16
H6A DPV C . -1.45 -31.16 1.73
H6B DPV C . -2.04 -30.44 0.20
H7 DPV C . -4.80 -29.74 1.01
H7A DPV C . -3.64 -28.62 0.19
H7B DPV C . -4.46 -28.11 1.69
H8 DPV C . -2.17 -27.61 2.57
H8A DPV C . -1.37 -28.28 1.09
H8B DPV C . -0.97 -28.92 2.72
H15 DPV C . 1.23 -22.53 6.00
H15A DPV C . -0.42 -21.94 5.73
H16 DPV C . 1.79 -21.92 3.59
H16A DPV C . 0.17 -21.28 3.37
H17 DPV C . 2.12 -20.23 5.49
H17A DPV C . 2.08 -19.60 3.87
H18 DPV C . -0.38 -19.00 4.21
H18A DPV C . -0.22 -19.47 5.89
H19 DPV C . 1.60 -17.76 6.21
H19A DPV C . 1.41 -17.26 4.52
H20 DPV C . -0.97 -16.59 5.02
H20A DPV C . -0.77 -17.10 6.70
H21 DPV C . 1.06 -15.42 7.02
H21A DPV C . 0.87 -14.88 5.33
H22 DPV C . -1.60 -14.31 5.94
H22A DPV C . -1.16 -14.59 7.61
H23 DPV C . 0.09 -12.50 5.75
H23A DPV C . 0.59 -12.76 7.42
H23B DPV C . -1.04 -12.18 7.07
N DPV D . -0.95 -26.05 10.52
P DPV D . 2.80 -28.51 8.64
C1 DPV D . 4.20 -26.95 10.24
C2 DPV D . 5.64 -27.36 9.85
C3 DPV D . 6.37 -26.22 9.09
C4 DPV D . 0.24 -28.02 9.18
C5 DPV D . 0.31 -26.97 10.35
C6 DPV D . -1.24 -25.24 9.23
C7 DPV D . -0.66 -25.05 11.65
C8 DPV D . -2.19 -26.87 10.92
C15 DPV D . 7.80 -26.63 8.66
C16 DPV D . 8.43 -25.66 7.61
C17 DPV D . 9.06 -24.40 8.28
C18 DPV D . 9.48 -23.32 7.22
C19 DPV D . 10.80 -23.69 6.48
O1P DPV D . 3.55 -29.66 8.11
C20 DPV D . 11.34 -22.52 5.59
C21 DPV D . 10.90 -22.59 4.07
C22 DPV D . 9.49 -22.01 3.81
C23 DPV D . 9.23 -21.84 2.29
O2P DPV D . 2.73 -27.41 7.67
O3P DPV D . 3.29 -28.08 10.11
O4P DPV D . 1.38 -28.92 9.25
H1 DPV D . 4.19 -26.59 11.26
H1A DPV D . 3.84 -26.15 9.58
H2 DPV D . 6.18 -27.59 10.77
H2A DPV D . 5.64 -28.26 9.24
H3 DPV D . 6.45 -25.35 9.72
H3A DPV D . 5.79 -25.94 8.20
H4 DPV D . -0.67 -28.60 9.26
H4A DPV D . 0.23 -27.52 8.20
H5 DPV D . 0.45 -27.49 11.30
H5A DPV D . 1.18 -26.33 10.18
H6 DPV D . -1.48 -25.93 8.42
H6A DPV D . -0.34 -24.66 8.99
H6B DPV D . -2.08 -24.55 9.43
H7 DPV D . -1.55 -24.42 11.78
H7A DPV D . 0.21 -24.45 11.38
H7B DPV D . -0.46 -25.62 12.57
H8 DPV D . -1.96 -27.46 11.80
H8A DPV D . -2.48 -27.51 10.09
H8B DPV D . -3.02 -26.18 11.14
H15 DPV D . 7.75 -27.65 8.21
H15A DPV D . 8.44 -26.72 9.54
H16 DPV D . 9.19 -26.20 7.05
H16A DPV D . 7.66 -25.36 6.89
H17 DPV D . 8.34 -23.95 8.96
H17A DPV D . 9.92 -24.68 8.88
H18 DPV D . 8.67 -23.15 6.51
H18A DPV D . 9.63 -22.39 7.76
H19 DPV D . 11.56 -23.93 7.22
H19A DPV D . 10.65 -24.58 5.89
H20 DPV D . 11.10 -21.54 6.01
H20A DPV D . 12.42 -22.59 5.60
H21 DPV D . 11.65 -22.02 3.52
H21A DPV D . 10.97 -23.62 3.72
H22 DPV D . 8.74 -22.66 4.23
H22A DPV D . 9.40 -21.05 4.30
H23 DPV D . 9.12 -22.82 1.83
H23A DPV D . 10.05 -21.31 1.81
H23B DPV D . 8.31 -21.28 2.12
N DPV E . 13.00 -17.42 20.03
P DPV E . 8.33 -16.83 17.73
C1 DPV E . 7.03 -14.73 18.67
C2 DPV E . 6.45 -13.38 18.16
C3 DPV E . 7.56 -12.31 17.92
C4 DPV E . 10.55 -17.23 19.05
C5 DPV E . 11.97 -16.59 19.19
C6 DPV E . 13.19 -18.85 19.47
C7 DPV E . 12.57 -17.51 21.50
C8 DPV E . 14.34 -16.70 19.97
C15 DPV E . 7.09 -11.11 17.06
C16 DPV E . 7.09 -11.43 15.53
C17 DPV E . 6.71 -10.18 14.68
C18 DPV E . 6.71 -10.44 13.13
C19 DPV E . 8.13 -10.52 12.50
O1P DPV E . 8.57 -17.48 16.43
C20 DPV E . 8.80 -9.12 12.36
C21 DPV E . 10.17 -9.21 11.64
C22 DPV E . 10.92 -7.85 11.71
C23 DPV E . 12.30 -7.93 11.01
O2P DPV E . 7.49 -17.66 18.62
O3P DPV E . 7.81 -15.32 17.58
O4P DPV E . 9.65 -16.29 18.43
H1 DPV E . 7.66 -14.58 19.54
H1A DPV E . 6.20 -15.40 18.91
H2 DPV E . 5.89 -13.56 17.23
H2A DPV E . 5.73 -13.00 18.89
H3 DPV E . 8.43 -12.79 17.45
H3A DPV E . 7.90 -11.93 18.90
H4 DPV E . 10.60 -18.12 18.40
H4A DPV E . 10.14 -17.50 20.04
H5 DPV E . 12.40 -16.45 18.20
H5A DPV E . 11.89 -15.61 19.67
H6 DPV E . 13.47 -18.76 18.41
H6A DPV E . 12.26 -19.41 19.56
H6B DPV E . 13.99 -19.36 20.03
H7 DPV E . 12.37 -16.50 21.87
H7A DPV E . 13.38 -17.96 22.08
H7B DPV E . 11.67 -18.12 21.58
H8 DPV E . 14.22 -15.69 20.36
H8A DPV E . 14.68 -16.68 18.93
H8B DPV E . 15.07 -17.24 20.59
H15 DPV E . 7.75 -10.28 17.25
H15A DPV E . 6.09 -10.82 17.38
H16 DPV E . 8.09 -11.78 15.24
H16A DPV E . 6.39 -12.25 15.33
H17 DPV E . 5.71 -9.85 14.97
H17A DPV E . 7.39 -9.36 14.93
H18 DPV E . 6.18 -11.36 12.91
H18A DPV E . 6.14 -9.64 12.65
H19 DPV E . 8.78 -11.18 13.09
H19A DPV E . 8.05 -10.97 11.51
H20 DPV E . 8.15 -8.46 11.80
H20A DPV E . 8.93 -8.70 13.36
H21 DPV E . 10.78 -9.96 12.13
H21A DPV E . 10.02 -9.51 10.60
H22 DPV E . 10.31 -7.08 11.24
H22A DPV E . 11.06 -7.56 12.75
H23 DPV E . 12.90 -8.73 11.41
H23A DPV E . 12.84 -6.98 11.16
H23B DPV E . 12.18 -8.09 9.94
N DPV F . 21.16 -7.17 16.66
P DPV F . 20.15 -12.22 15.71
C1 DPV F . 22.03 -12.22 13.88
C2 DPV F . 23.27 -13.02 13.41
C3 DPV F . 22.89 -14.26 12.53
C4 DPV F . 20.46 -9.66 16.11
C5 DPV F . 21.35 -8.69 16.96
C6 DPV F . 22.04 -6.38 17.63
C7 DPV F . 21.62 -6.81 15.24
C8 DPV F . 19.70 -6.69 16.85
C15 DPV F . 22.27 -15.43 13.34
C16 DPV F . 21.65 -16.49 12.39
C17 DPV F . 20.90 -17.59 13.17
C18 DPV F . 20.02 -18.48 12.25
C19 DPV F . 18.63 -17.85 11.97
O1P DPV F . 19.15 -11.86 14.69
C20 DPV F . 17.84 -18.66 10.90
C21 DPV F . 16.39 -18.14 10.66
C22 DPV F . 16.37 -16.78 9.90
C23 DPV F . 14.92 -16.42 9.48
O2P DPV F . 19.57 -13.10 16.75
O3P DPV F . 21.51 -12.81 15.10
O4P DPV F . 20.96 -10.98 16.31
H1 DPV F . 22.34 -11.18 14.09
H1A DPV F . 21.25 -12.21 13.12
H2 DPV F . 23.88 -12.35 12.80
H2A DPV F . 23.88 -13.34 14.26
H3 DPV F . 23.79 -14.62 12.03
H3A DPV F . 22.18 -13.94 11.75
H4 DPV F . 19.41 -9.61 16.42
H4A DPV F . 20.54 -9.41 15.05
H5 DPV F . 21.12 -8.85 18.03
H5A DPV F . 22.39 -8.92 16.80
H6 DPV F . 21.71 -6.61 18.64
H6A DPV F . 21.92 -5.32 17.44
H6B DPV F . 23.08 -6.69 17.50
H7 DPV F . 20.96 -7.30 14.52
H7A DPV F . 22.65 -7.19 15.11
H7B DPV F . 21.59 -5.73 15.12
H8 DPV F . 19.36 -6.97 17.86
H8A DPV F . 19.08 -7.18 16.10
H8B DPV F . 19.66 -5.61 16.73
H15 DPV F . 21.48 -15.04 13.99
H15A DPV F . 23.02 -15.89 13.98
H16 DPV F . 20.96 -15.98 11.71
H16A DPV F . 22.43 -16.95 11.77
H17 DPV F . 21.64 -18.24 13.66
H17A DPV F . 20.28 -17.16 13.96
H18 DPV F . 20.56 -18.67 11.32
H18A DPV F . 19.88 -19.45 12.73
H19 DPV F . 18.04 -17.82 12.90
H19A DPV F . 18.74 -16.82 11.62
H20 DPV F . 18.37 -18.64 9.96
H20A DPV F . 17.79 -19.70 11.20
H21 DPV F . 15.84 -18.89 10.10
H21A DPV F . 15.91 -18.02 11.63
H22 DPV F . 16.77 -15.98 10.52
H22A DPV F . 16.98 -16.85 8.99
H23 DPV F . 14.92 -15.47 8.97
H23A DPV F . 14.26 -16.35 10.36
H23B DPV F . 14.51 -17.18 8.82
N DPV G . 27.23 -10.55 12.48
P DPV G . 23.02 -8.68 11.93
C1 DPV G . 21.91 -10.51 10.42
C2 DPV G . 22.10 -11.27 9.10
C3 DPV G . 21.10 -12.45 8.98
C4 DPV G . 25.18 -9.03 13.37
C5 DPV G . 26.33 -10.06 13.69
C6 DPV G . 28.49 -11.19 13.04
C7 DPV G . 26.48 -11.61 11.66
C8 DPV G . 27.67 -9.41 11.55
C15 DPV G . 21.30 -13.23 7.65
C16 DPV G . 20.61 -14.64 7.65
C17 DPV G . 21.53 -15.71 8.29
C18 DPV G . 21.01 -17.15 8.03
C19 DPV G . 22.01 -18.23 8.54
O1P DPV G . 23.34 -7.26 11.71
C20 DPV G . 21.70 -19.66 8.03
C21 DPV G . 20.40 -20.27 8.63
C22 DPV G . 20.25 -21.77 8.26
C23 DPV G . 18.99 -22.38 8.91
O2P DPV G . 21.84 -8.85 12.79
O3P DPV G . 22.95 -9.53 10.57
O4P DPV G . 24.27 -9.56 12.38
H1 DPV G . 20.93 -10.01 10.42
H1A DPV G . 21.93 -11.21 11.27
H2 DPV G . 22.00 -10.59 8.25
H2A DPV G . 23.12 -11.67 9.08
H3 DPV G . 20.07 -12.08 9.04
H3A DPV G . 21.26 -13.13 9.82
H4 DPV G . 24.61 -8.82 14.27
H4A DPV G . 25.59 -8.09 12.99
H5 DPV G . 27.00 -9.60 14.44
H5A DPV G . 25.91 -10.96 14.14
H6 DPV G . 28.20 -11.99 13.72
H6A DPV G . 29.07 -10.45 13.58
H6B DPV G . 29.08 -11.59 12.21
H7 DPV G . 25.59 -11.15 11.22
H7A DPV G . 26.17 -12.42 12.32
H7B DPV G . 27.13 -12.00 10.87
H8 DPV G . 26.79 -8.99 11.04
H8A DPV G . 28.38 -9.82 10.81
H8B DPV G . 28.16 -8.64 12.14
H15 DPV G . 22.36 -13.35 7.42
H15A DPV G . 20.87 -12.63 6.84
H16 DPV G . 19.64 -14.59 8.17
H16A DPV G . 20.40 -14.91 6.62
H17 DPV G . 22.54 -15.63 7.88
H17A DPV G . 21.60 -15.54 9.37
H18 DPV G . 20.04 -17.27 8.53
H18A DPV G . 20.84 -17.28 6.95
H19 DPV G . 23.02 -17.96 8.22
H19A DPV G . 22.04 -18.22 9.64
H20 DPV G . 21.62 -19.64 6.94
H20A DPV G . 22.54 -20.30 8.27
H21 DPV G . 20.44 -20.16 9.71
H21A DPV G . 19.54 -19.70 8.28
H22 DPV G . 20.17 -21.90 7.18
H22A DPV G . 21.11 -22.34 8.60
H23 DPV G . 19.08 -22.37 10.00
H23A DPV G . 18.87 -23.41 8.58
H23B DPV G . 18.09 -21.80 8.61
N DPV H . 32.83 -17.66 3.60
P DPV H . 28.46 -16.42 5.22
C1 DPV H . 26.78 -14.69 4.24
C2 DPV H . 26.58 -13.78 3.00
C3 DPV H . 26.45 -14.60 1.68
C4 DPV H . 30.21 -17.24 3.42
C5 DPV H . 31.64 -16.94 2.87
C6 DPV H . 34.13 -17.26 2.90
C7 DPV H . 32.71 -19.18 3.54
C8 DPV H . 32.92 -17.23 5.10
C15 DPV H . 26.37 -13.67 0.43
C16 DPV H . 26.12 -14.43 -0.90
C17 DPV H . 24.62 -14.85 -1.13
C18 DPV H . 23.70 -13.66 -1.49
C19 DPV H . 22.25 -14.12 -1.82
O1P DPV H . 27.74 -17.71 5.08
C20 DPV H . 21.33 -12.90 -2.11
C21 DPV H . 19.83 -13.32 -2.18
C22 DPV H . 18.88 -12.10 -2.39
C23 DPV H . 18.77 -11.66 -3.87
O2P DPV H . 28.42 -15.89 6.61
O3P DPV H . 28.06 -15.33 4.13
O4P DPV H . 29.95 -16.44 4.61
H1 DPV H . 26.76 -14.09 5.15
H1A DPV H . 26.00 -15.45 4.29
H2 DPV H . 25.68 -13.18 3.14
H2A DPV H . 27.41 -13.08 2.92
H3 DPV H . 25.55 -15.23 1.73
H3A DPV H . 27.31 -15.27 1.59
H4 DPV H . 29.47 -16.97 2.66
H4A DPV H . 30.09 -18.30 3.64
H5 DPV H . 31.68 -17.24 1.83
H5A DPV H . 31.84 -15.86 2.92
H6 DPV H . 34.25 -16.16 2.94
H6A DPV H . 34.10 -17.59 1.85
H6B DPV H . 34.96 -17.73 3.43
H7 DPV H . 32.66 -19.49 2.49
H7A DPV H . 31.81 -19.50 4.07
H7B DPV H . 33.58 -19.62 4.01
H8 DPV H . 33.79 -17.71 5.55
H8A DPV H . 32.01 -17.53 5.62
H8B DPV H . 33.03 -16.14 5.14
H15 DPV H . 27.31 -13.11 0.34
H15A DPV H . 25.60 -12.93 0.61
H16 DPV H . 26.43 -13.82 -1.73
H16A DPV H . 26.73 -15.34 -0.92
H17 DPV H . 24.59 -15.56 -1.95
H17A DPV H . 24.24 -15.35 -0.25
H18 DPV H . 23.67 -12.95 -0.66
H18A DPV H . 24.11 -13.13 -2.36
H19 DPV H . 22.27 -14.77 -2.70
H19A DPV H . 21.84 -14.71 -0.99
H20 DPV H . 21.47 -12.15 -1.31
H20A DPV H . 21.65 -12.45 -3.04
H21 DPV H . 19.68 -14.06 -2.98
H21A DPV H . 19.57 -13.80 -1.24
H22 DPV H . 17.87 -12.39 -2.04
H22A DPV H . 19.20 -11.26 -1.76
H23 DPV H . 18.16 -10.76 -3.95
H23A DPV H . 18.33 -12.42 -4.47
H23B DPV H . 19.75 -11.41 -4.28
N DPV I . 31.77 -10.24 -6.27
P DPV I . 32.58 -11.36 -1.94
C1 DPV I . 32.25 -8.78 -1.68
C2 DPV I . 31.12 -7.75 -1.53
C3 DPV I . 30.80 -7.46 -0.04
C4 DPV I . 32.05 -12.15 -4.41
C5 DPV I . 32.72 -11.23 -5.50
C6 DPV I . 30.56 -10.95 -6.92
C7 DPV I . 32.58 -9.57 -7.37
C8 DPV I . 31.27 -9.13 -5.33
C15 DPV I . 29.63 -6.43 0.10
C16 DPV I . 29.22 -6.17 1.58
C17 DPV I . 28.39 -7.36 2.17
C18 DPV I . 27.98 -7.11 3.66
C19 DPV I . 27.49 -8.41 4.36
O1P DPV I . 34.01 -11.06 -2.21
C20 DPV I . 26.05 -8.83 3.94
C21 DPV I . 25.52 -9.99 4.84
C22 DPV I . 24.07 -10.41 4.45
C23 DPV I . 23.61 -11.63 5.26
O2P DPV I . 32.41 -12.57 -1.14
O3P DPV I . 31.75 -10.12 -1.39
O4P DPV I . 31.67 -11.35 -3.26
H1 DPV I . 32.61 -8.76 -2.72
H1A DPV I . 33.09 -8.55 -1.02
H2 DPV I . 31.43 -6.83 -2.02
H2A DPV I . 30.23 -8.13 -2.03
H3 DPV I . 31.68 -7.06 0.45
H3A DPV I . 30.53 -8.39 0.46
H4 DPV I . 31.15 -12.63 -4.82
H4A DPV I . 32.75 -12.92 -4.09
H5 DPV I . 33.50 -10.62 -5.02
H5A DPV I . 33.20 -11.85 -6.26
H6 DPV I . 30.91 -11.74 -7.58
H6A DPV I . 29.97 -10.22 -7.48
H6B DPV I . 29.95 -11.39 -6.11
H7 DPV I . 33.42 -9.04 -6.90
H7A DPV I . 31.95 -8.86 -7.91
H7B DPV I . 32.96 -10.33 -8.05
H8 DPV I . 30.69 -8.40 -5.90
H8A DPV I . 32.13 -8.65 -4.86
H8B DPV I . 30.62 -9.58 -4.56
H15 DPV I . 28.76 -6.78 -0.47
H15A DPV I . 29.93 -5.48 -0.35
H16 DPV I . 30.11 -6.00 2.18
H16A DPV I . 28.62 -5.25 1.63
H17 DPV I . 27.49 -7.49 1.57
H17A DPV I . 28.97 -8.27 2.11
H18 DPV I . 28.86 -6.74 4.21
H18A DPV I . 27.24 -6.33 3.72
H19 DPV I . 28.18 -9.23 4.14
H19A DPV I . 27.52 -8.27 5.44
H20 DPV I . 25.37 -7.97 4.02
H20A DPV I . 26.05 -9.16 2.89
H21 DPV I . 26.18 -10.86 4.74
H21A DPV I . 25.54 -9.69 5.89
H22 DPV I . 23.39 -9.58 4.63
H22A DPV I . 24.03 -10.64 3.39
H23 DPV I . 24.30 -12.48 5.09
H23A DPV I . 22.62 -11.92 4.95
H23B DPV I . 23.60 -11.41 6.33
N DPV J . 27.46 -9.60 -15.80
P DPV J . 29.09 -13.41 -15.05
C1 DPV J . 30.08 -15.83 -14.76
C2 DPV J . 29.42 -16.48 -13.50
C3 DPV J . 28.77 -17.86 -13.78
C4 DPV J . 28.21 -11.85 -17.00
C5 DPV J . 27.07 -11.04 -16.30
C6 DPV J . 27.89 -8.70 -16.98
C7 DPV J . 26.22 -8.98 -15.15
C8 DPV J . 28.57 -9.63 -14.74
C15 DPV J . 27.31 -17.81 -14.35
C16 DPV J . 26.22 -17.43 -13.29
C17 DPV J . 25.95 -18.56 -12.26
C18 DPV J . 24.75 -18.20 -11.34
C19 DPV J . 24.35 -19.40 -10.42
O1P DPV J . 30.41 -12.77 -15.03
C20 DPV J . 23.15 -19.06 -9.47
C21 DPV J . 23.57 -18.29 -8.17
C22 DPV J . 24.27 -19.22 -7.13
C23 DPV J . 24.61 -18.46 -5.83
O2P DPV J . 28.29 -13.12 -13.83
O3P DPV J . 29.14 -14.97 -15.45
O4P DPV J . 28.30 -13.18 -16.43
H1 DPV J . 30.96 -15.26 -14.48
H1A DPV J . 30.41 -16.62 -15.44
H2 DPV J . 30.19 -16.62 -12.74
H2A DPV J . 28.68 -15.79 -13.07
H3 DPV J . 28.79 -18.45 -12.85
H3A DPV J . 29.40 -18.41 -14.49
H4 DPV J . 27.99 -11.94 -18.07
H4A DPV J . 29.17 -11.34 -16.89
H5 DPV J . 26.23 -10.92 -17.00
H5A DPV J . 26.71 -11.60 -15.43
H6 DPV J . 28.80 -9.10 -17.42
H6A DPV J . 28.07 -7.69 -16.59
H6B DPV J . 27.09 -8.67 -17.72
H7 DPV J . 25.90 -9.61 -14.32
H7A DPV J . 25.41 -8.94 -15.90
H7B DPV J . 26.46 -7.97 -14.78
H8 DPV J . 29.49 -10.03 -15.19
H8A DPV J . 28.25 -10.29 -13.91
H8B DPV J . 28.72 -8.61 -14.36
H15 DPV J . 27.06 -18.78 -14.79
H15A DPV J . 27.26 -17.08 -15.16
H16 DPV J . 26.52 -16.52 -12.76
H16A DPV J . 25.28 -17.20 -13.83
H17 DPV J . 25.71 -19.50 -12.78
H17A DPV J . 26.84 -18.76 -11.66
H18 DPV J . 25.02 -17.35 -10.72
H18A DPV J . 23.89 -17.91 -11.94
H19 DPV J . 24.06 -20.25 -11.05
H19A DPV J . 25.22 -19.72 -9.84
H20 DPV J . 22.43 -18.47 -10.01
H20A DPV J . 22.65 -19.98 -9.20
H21 DPV J . 24.22 -17.46 -8.42
H21A DPV J . 22.66 -17.88 -7.74
H22 DPV J . 23.63 -20.07 -6.89
H22A DPV J . 25.19 -19.61 -7.56
H23 DPV J . 23.70 -18.15 -5.30
H23A DPV J . 25.21 -17.56 -6.04
H23B DPV J . 25.20 -19.10 -5.16
N DPV K . 24.02 -4.52 -16.53
P DPV K . 24.53 -7.96 -19.54
C1 DPV K . 25.48 -10.39 -19.85
C2 DPV K . 26.75 -10.17 -20.70
C3 DPV K . 27.15 -11.46 -21.48
C4 DPV K . 23.09 -6.66 -17.78
C5 DPV K . 23.42 -5.96 -16.41
C6 DPV K . 22.94 -3.53 -16.96
C7 DPV K . 24.54 -4.11 -15.11
C8 DPV K . 25.23 -4.43 -17.49
C15 DPV K . 26.24 -11.77 -22.72
C16 DPV K . 26.25 -13.28 -23.10
C17 DPV K . 25.33 -14.12 -22.14
C18 DPV K . 25.17 -15.59 -22.60
C19 DPV K . 24.26 -16.41 -21.63
O1P DPV K . 25.44 -6.97 -20.16
C20 DPV K . 22.74 -16.11 -21.82
C21 DPV K . 21.93 -16.47 -20.54
C22 DPV K . 20.45 -16.05 -20.68
C23 DPV K . 19.65 -16.31 -19.39
O2P DPV K . 23.37 -8.27 -20.40
O3P DPV K . 25.27 -9.26 -18.96
O4P DPV K . 24.15 -7.61 -18.04
H1 DPV K . 24.60 -10.54 -20.48
H1A DPV K . 25.62 -11.28 -19.23
H2 DPV K . 26.59 -9.35 -21.41
H2A DPV K . 27.58 -9.88 -20.04
H3 DPV K . 27.17 -12.29 -20.78
H3A DPV K . 28.17 -11.34 -21.83
H4 DPV K . 22.15 -7.19 -17.70
H4A DPV K . 23.04 -5.92 -18.60
H5 DPV K . 22.51 -5.86 -15.82
H5A DPV K . 24.14 -6.57 -15.85
H6 DPV K . 22.09 -3.58 -16.28
H6A DPV K . 22.62 -3.79 -17.97
H6B DPV K . 23.38 -2.52 -16.95
H7 DPV K . 23.72 -4.12 -14.40
H7A DPV K . 24.94 -3.09 -15.18
H7B DPV K . 25.31 -4.80 -14.79
H8 DPV K . 25.64 -3.42 -17.47
H8A DPV K . 24.88 -4.67 -18.51
H8B DPV K . 25.97 -5.16 -17.19
H15 DPV K . 26.59 -11.19 -23.57
H15A DPV K . 25.22 -11.44 -22.53
H16 DPV K . 25.86 -13.37 -24.13
H16A DPV K . 27.25 -13.69 -23.09
H17 DPV K . 25.74 -14.10 -21.14
H17A DPV K . 24.34 -13.65 -22.09
H18 DPV K . 24.76 -15.63 -23.61
H18A DPV K . 26.16 -16.07 -22.62
H19 DPV K . 24.44 -17.47 -21.79
H19A DPV K . 24.58 -16.19 -20.60
H20 DPV K . 22.59 -15.05 -22.04
H20A DPV K . 22.36 -16.68 -22.67
H21 DPV K . 22.02 -17.54 -20.35
H21A DPV K . 22.38 -15.96 -19.68
H22 DPV K . 20.38 -14.99 -20.92
H22A DPV K . 19.98 -16.58 -21.50
H23 DPV K . 20.12 -15.80 -18.55
H23A DPV K . 19.60 -17.38 -19.18
H23B DPV K . 18.64 -15.94 -19.51
N DPV L . 17.59 -12.38 -23.24
P DPV L . 15.48 -8.21 -23.68
C1 DPV L . 16.47 -7.23 -21.43
C2 DPV L . 16.06 -6.35 -20.23
C3 DPV L . 17.19 -6.24 -19.14
C4 DPV L . 15.44 -10.82 -23.41
C5 DPV L . 16.64 -11.33 -22.55
C6 DPV L . 16.83 -13.64 -23.70
C7 DPV L . 18.64 -12.85 -22.19
C8 DPV L . 18.34 -11.76 -24.42
C15 DPV L . 17.27 -7.45 -18.18
C16 DPV L . 16.33 -7.32 -16.95
C17 DPV L . 16.44 -8.56 -16.04
C18 DPV L . 15.65 -8.36 -14.73
C19 DPV L . 15.71 -9.60 -13.80
O1P DPV L . 16.89 -8.28 -24.16
C20 DPV L . 14.90 -9.35 -12.50
C21 DPV L . 14.75 -10.65 -11.65
C22 DPV L . 13.89 -10.44 -10.38
C23 DPV L . 12.38 -10.28 -10.67
O2P DPV L . 14.55 -7.78 -24.74
O3P DPV L . 15.32 -7.37 -22.31
O4P DPV L . 15.01 -9.53 -22.90
H1 DPV L . 17.30 -6.78 -21.97
H1A DPV L . 16.77 -8.24 -21.10
H2 DPV L . 15.84 -5.35 -20.60
H2A DPV L . 15.14 -6.74 -19.77
H3 DPV L . 17.04 -5.32 -18.59
H3A DPV L . 18.16 -6.14 -19.65
H4 DPV L . 15.74 -10.72 -24.46
H4A DPV L . 14.62 -11.54 -23.34
H5 DPV L . 17.27 -10.48 -22.27
H5A DPV L . 16.28 -11.80 -21.63
H6 DPV L . 16.30 -14.06 -22.85
H6A DPV L . 17.55 -14.36 -24.12
H6B DPV L . 16.11 -13.34 -24.48
H7 DPV L . 18.11 -13.21 -21.31
H7A DPV L . 19.27 -12.00 -21.93
H7B DPV L . 19.24 -13.65 -22.62
H8 DPV L . 18.83 -10.84 -24.10
H8A DPV L . 17.62 -11.54 -25.22
H8B DPV L . 19.09 -12.48 -24.78
H15 DPV L . 18.30 -7.53 -17.82
H15A DPV L . 17.04 -8.38 -18.70
H16 DPV L . 16.62 -6.44 -16.38
H16A DPV L . 15.29 -7.17 -17.29
H17 DPV L . 16.08 -9.45 -16.56
H17A DPV L . 17.50 -8.74 -15.79
H18 DPV L . 16.05 -7.49 -14.20
H18A DPV L . 14.62 -8.13 -14.97
H19 DPV L . 15.32 -10.46 -14.34
H19A DPV L . 16.75 -9.81 -13.55
H20 DPV L . 15.40 -8.59 -11.91
H20A DPV L . 13.90 -8.97 -12.75
H21 DPV L . 14.30 -11.45 -12.26
H21A DPV L . 15.73 -10.98 -11.34
H22 DPV L . 14.03 -11.29 -9.74
H22A DPV L . 14.25 -9.56 -9.82
H23 DPV L . 12.05 -11.08 -11.33
H23A DPV L . 12.17 -9.31 -11.13
H23B DPV L . 11.81 -10.36 -9.75
N DPV M . 4.15 -20.18 -25.32
P DPV M . 6.83 -16.48 -22.82
C1 DPV M . 6.59 -14.22 -21.53
C2 DPV M . 5.56 -13.37 -20.73
C3 DPV M . 5.20 -13.98 -19.33
C4 DPV M . 5.65 -18.33 -24.18
C5 DPV M . 4.28 -19.07 -24.22
C6 DPV M . 5.25 -21.25 -25.20
C7 DPV M . 4.19 -19.53 -26.73
C8 DPV M . 2.80 -20.89 -25.13
C15 DPV M . 6.33 -13.78 -18.27
C16 DPV M . 5.88 -14.16 -16.84
C17 DPV M . 7.00 -13.98 -15.76
C18 DPV M . 7.71 -15.31 -15.35
C19 DPV M . 8.96 -15.58 -16.23
O1P DPV M . 7.56 -17.27 -21.82
C20 DPV M . 9.63 -16.93 -15.86
C21 DPV M . 10.97 -17.13 -16.59
C22 DPV M . 11.56 -18.54 -16.32
C23 DPV M . 11.23 -19.56 -17.44
O2P DPV M . 7.71 -15.99 -23.91
O3P DPV M . 5.92 -15.33 -22.18
O4P DPV M . 5.51 -17.19 -23.34
H1 DPV M . 7.08 -13.60 -22.29
H1A DPV M . 7.36 -14.60 -20.85
H2 DPV M . 5.95 -12.36 -20.61
H2A DPV M . 4.65 -13.29 -21.33
H3 DPV M . 4.98 -15.04 -19.42
H3A DPV M . 4.28 -13.51 -18.96
H4 DPV M . 6.42 -18.98 -23.73
H4A DPV M . 5.94 -17.98 -25.17
H5 DPV M . 4.10 -19.56 -23.27
H5A DPV M . 3.48 -18.36 -24.39
H6 DPV M . 5.07 -22.03 -25.94
H6A DPV M . 5.21 -21.67 -24.20
H6B DPV M . 6.22 -20.79 -25.37
H7 DPV M . 3.37 -18.80 -26.80
H7A DPV M . 4.07 -20.32 -27.49
H7B DPV M . 5.16 -19.03 -26.86
H8 DPV M . 2.01 -20.14 -25.22
H8A DPV M . 2.78 -21.35 -24.14
H8B DPV M . 2.69 -21.65 -25.91
H15 DPV M . 6.64 -12.73 -18.27
H15A DPV M . 7.20 -14.38 -18.55
H16 DPV M . 5.04 -13.53 -16.57
H16A DPV M . 5.51 -15.19 -16.83
H17 DPV M . 7.74 -13.25 -16.10
H17A DPV M . 6.55 -13.57 -14.87
H18 DPV M . 8.03 -15.24 -14.31
H18A DPV M . 7.00 -16.13 -15.40
H19 DPV M . 8.66 -15.61 -17.27
H19A DPV M . 9.68 -14.77 -16.10
H20 DPV M . 9.80 -16.95 -14.78
H20A DPV M . 8.96 -17.75 -16.11
H21 DPV M . 10.85 -16.96 -17.67
H21A DPV M . 11.68 -16.38 -16.25
H22 DPV M . 12.63 -18.47 -16.23
H22A DPV M . 11.19 -18.93 -15.37
H23 DPV M . 11.60 -20.55 -17.17
H23A DPV M . 11.71 -19.27 -18.37
H23B DPV M . 10.14 -19.62 -17.59
N DPV N . 1.34 -16.69 -21.17
P DPV N . -3.30 -18.18 -19.32
C1 DPV N . -3.73 -18.24 -16.73
C2 DPV N . -3.18 -18.90 -15.44
C3 DPV N . -1.67 -18.57 -15.22
C4 DPV N . -1.15 -17.16 -20.38
C5 DPV N . 0.33 -16.79 -19.98
C6 DPV N . 2.69 -16.29 -20.58
C7 DPV N . 0.95 -15.60 -22.19
C8 DPV N . 1.52 -18.02 -21.91
C15 DPV N . -1.20 -18.92 -13.79
C16 DPV N . 0.33 -18.65 -13.65
C17 DPV N . 0.88 -18.98 -12.23
C18 DPV N . 2.42 -18.73 -12.16
C19 DPV N . 2.99 -19.00 -10.74
O1P DPV N . -4.32 -17.10 -19.34
C20 DPV N . 2.85 -17.77 -9.80
C21 DPV N . 3.38 -18.08 -8.37
C22 DPV N . 3.36 -16.83 -7.45
C23 DPV N . 3.87 -17.15 -6.03
O2P DPV N . -3.51 -19.14 -20.42
O3P DPV N . -3.14 -18.88 -17.89
O4P DPV N . -1.81 -17.65 -19.20
H1 DPV N . -4.81 -18.36 -16.78
H1A DPV N . -3.46 -17.18 -16.73
H2 DPV N . -3.76 -18.54 -14.60
H2A DPV N . -3.31 -20.00 -15.48
H3 DPV N . -1.49 -17.50 -15.40
H3A DPV N . -1.07 -19.13 -15.95
H4 DPV N . -1.67 -16.28 -20.76
H4A DPV N . -1.15 -17.95 -21.14
H5 DPV N . 0.31 -15.82 -19.44
H5A DPV N . 0.71 -17.56 -19.31
H6 DPV N . 3.00 -17.06 -19.87
H6A DPV N . 2.58 -15.33 -20.07
H6B DPV N . 3.43 -16.22 -21.38
H7 DPV N . 1.72 -15.53 -22.97
H7A DPV N . 0.85 -14.66 -21.66
H7B DPV N . -0.01 -15.88 -22.64
H8 DPV N . 2.28 -17.91 -22.67
H8A DPV N . 0.56 -18.31 -22.35
H8B DPV N . 1.83 -18.79 -21.20
H15 DPV N . -1.42 -19.96 -13.57
H15A DPV N . -1.75 -18.30 -13.06
H16 DPV N . 0.85 -19.24 -14.39
H16A DPV N . 0.52 -17.60 -13.88
H17 DPV N . 0.36 -18.36 -11.48
H17A DPV N . 0.66 -20.03 -12.01
H18 DPV N . 2.92 -19.39 -12.88
H18A DPV N . 2.65 -17.70 -12.46
H19 DPV N . 2.50 -19.88 -10.31
H19A DPV N . 4.05 -19.25 -10.85
H20 DPV N . 3.40 -16.93 -10.21
H20A DPV N . 1.80 -17.47 -9.72
H21 DPV N . 2.78 -18.86 -7.92
H21A DPV N . 4.41 -18.46 -8.45
H22 DPV N . 3.98 -16.04 -7.89
H22A DPV N . 2.35 -16.44 -7.39
H23 DPV N . 3.29 -17.96 -5.59
H23A DPV N . 3.76 -16.28 -5.38
H23B DPV N . 4.92 -17.44 -6.05
N DPV O . -3.54 -13.68 -17.36
P DPV O . -7.99 -14.31 -14.84
C1 DPV O . -9.16 -16.69 -14.86
C2 DPV O . -8.19 -17.65 -15.63
C3 DPV O . -8.08 -19.00 -14.88
C4 DPV O . -5.99 -13.66 -16.38
C5 DPV O . -4.77 -14.50 -16.87
C6 DPV O . -3.01 -12.69 -16.32
C7 DPV O . -3.86 -12.94 -18.67
C8 DPV O . -2.44 -14.70 -17.64
C15 DPV O . -7.13 -19.99 -15.62
C16 DPV O . -6.95 -21.30 -14.83
C17 DPV O . -6.00 -22.28 -15.59
C18 DPV O . -5.59 -23.48 -14.70
C19 DPV O . -4.59 -24.48 -15.41
O1P DPV O . -7.39 -14.74 -13.55
C20 DPV O . -3.20 -23.86 -15.79
C21 DPV O . -2.30 -23.52 -14.56
C22 DPV O . -0.98 -22.84 -15.03
C23 DPV O . 0.02 -22.64 -13.87
O2P DPV O . -8.47 -12.91 -14.78
O3P DPV O . -9.09 -15.34 -15.43
O4P DPV O . -7.05 -14.59 -16.10
H1 DPV O . -10.18 -17.07 -15.00
H1A DPV O . -8.91 -16.67 -13.79
H2 DPV O . -8.58 -17.81 -16.64
H2A DPV O . -7.20 -17.19 -15.70
H3 DPV O . -9.07 -19.44 -14.80
H3A DPV O . -7.70 -18.81 -13.86
H4 DPV O . -5.74 -13.11 -15.47
H4A DPV O . -6.33 -12.96 -17.14
H5 DPV O . -4.43 -15.12 -16.05
H5A DPV O . -5.09 -15.16 -17.69
H6 DPV O . -2.80 -13.24 -15.39
H6A DPV O . -3.78 -11.92 -16.15
H6B DPV O . -2.09 -12.22 -16.71
H7 DPV O . -4.22 -13.67 -19.41
H7A DPV O . -2.94 -12.47 -19.04
H7B DPV O . -4.62 -12.18 -18.48
H8 DPV O . -2.78 -15.38 -18.42
H8A DPV O . -2.20 -15.23 -16.72
H8B DPV O . -1.53 -14.15 -17.97
H15 DPV O . -6.15 -19.51 -15.74
H15A DPV O . -7.53 -20.20 -16.62
H16 DPV O . -6.53 -21.07 -13.86
H16A DPV O . -7.92 -21.77 -14.67
H17 DPV O . -6.49 -22.64 -16.50
H17A DPV O . -5.10 -21.72 -15.89
H18 DPV O . -5.13 -23.12 -13.78
H18A DPV O . -6.49 -24.02 -14.43
H19 DPV O . -4.43 -25.34 -14.75
H19A DPV O . -5.05 -24.86 -16.31
H20 DPV O . -2.67 -24.57 -16.42
H20A DPV O . -3.34 -22.97 -16.39
H21 DPV O . -2.84 -22.86 -13.89
H21A DPV O . -2.05 -24.42 -14.02
H22 DPV O . -0.51 -23.44 -15.80
H22A DPV O . -1.21 -21.87 -15.46
H23 DPV O . -0.43 -22.07 -13.06
H23A DPV O . 0.90 -22.09 -14.22
H23B DPV O . 0.36 -23.59 -13.48
N DPV P . -6.11 -0.58 -10.78
P DPV P . -5.96 -1.18 -5.60
C1 DPV P . -7.63 -3.09 -5.00
C2 DPV P . -8.38 -4.26 -5.70
C3 DPV P . -9.32 -5.01 -4.73
C4 DPV P . -6.17 -0.72 -8.16
C5 DPV P . -5.32 -0.80 -9.45
C6 DPV P . -5.07 -0.59 -11.91
C7 DPV P . -6.84 0.76 -10.82
C8 DPV P . -7.10 -1.73 -11.06
C15 DPV P . -9.97 -6.25 -5.45
C16 DPV P . -10.74 -7.23 -4.50
C17 DPV P . -9.80 -8.00 -3.53
C18 DPV P . -10.54 -9.12 -2.73
C19 DPV P . -10.50 -10.51 -3.43
O1P DPV P . -4.97 -1.27 -4.52
C20 DPV P . -9.20 -11.31 -3.14
C21 DPV P . -9.29 -12.76 -3.72
C22 DPV P . -8.12 -13.68 -3.29
C23 DPV P . -6.85 -13.52 -4.17
O2P DPV P . -6.92 -0.07 -5.35
O3P DPV P . -6.67 -2.56 -5.94
O4P DPV P . -5.33 -1.14 -7.05
H1 DPV P . -8.34 -2.32 -4.71
H1A DPV P . -7.08 -3.49 -4.13
H2 DPV P . -8.96 -3.86 -6.54
H2A DPV P . -7.64 -4.96 -6.11
H3 DPV P . -10.12 -4.35 -4.39
H3A DPV P . -8.77 -5.34 -3.85
H4 DPV P . -6.51 0.31 -7.99
H4A DPV P . -7.02 -1.40 -8.21
H5 DPV P . -4.54 -0.04 -9.43
H5A DPV P . -4.84 -1.78 -9.52
H6 DPV P . -4.40 0.28 -11.79
H6A DPV P . -5.60 -0.52 -12.86
H6B DPV P . -4.50 -1.52 -11.86
H7 DPV P . -6.14 1.58 -10.69
H7A DPV P . -7.60 0.80 -10.05
H7B DPV P . -7.32 0.87 -11.79
H8 DPV P . -6.58 -2.69 -10.99
H8A DPV P . -7.54 -1.60 -12.04
H8B DPV P . -7.88 -1.69 -10.29
H15 DPV P . -9.19 -6.81 -5.97
H15A DPV P . -10.67 -5.90 -6.22
H16 DPV P . -11.49 -6.67 -3.94
H16A DPV P . -11.29 -7.94 -5.12
H17 DPV P . -8.95 -8.42 -4.07
H17A DPV P . -9.41 -7.29 -2.80
H18 DPV P . -10.08 -9.21 -1.74
H18A DPV P . -11.58 -8.83 -2.57
H19 DPV P . -11.36 -11.08 -3.08
H19A DPV P . -10.63 -10.41 -4.52
H20 DPV P . -8.33 -10.80 -3.56
H20A DPV P . -9.04 -11.36 -2.06
H21 DPV P . -10.21 -13.22 -3.37
H21A DPV P . -9.34 -12.72 -4.80
H22 DPV P . -7.86 -13.51 -2.24
H22A DPV P . -8.45 -14.70 -3.34
H23 DPV P . -6.06 -14.20 -3.83
H23A DPV P . -6.45 -12.50 -4.12
H23B DPV P . -7.07 -13.75 -5.21
N DPV Q . -5.93 -23.08 11.35
P DPV Q . -3.91 -19.12 9.50
C1 DPV Q . -4.08 -16.89 8.15
C2 DPV Q . -5.14 -15.82 7.82
C3 DPV Q . -4.69 -14.92 6.63
C4 DPV Q . -5.05 -20.59 11.36
C5 DPV Q . -5.90 -21.69 10.63
C6 DPV Q . -6.59 -22.99 12.74
C7 DPV Q . -4.52 -23.70 11.49
C8 DPV Q . -6.78 -24.05 10.50
C15 DPV Q . -4.92 -15.59 5.23
C16 DPV Q . -4.10 -14.94 4.08
C17 DPV Q . -4.54 -13.48 3.72
C18 DPV Q . -3.51 -12.43 4.16
C19 DPV Q . -3.93 -11.00 3.70
O1P DPV Q . -2.58 -18.98 10.11
C20 DPV Q . -2.77 -9.96 3.77
C21 DPV Q . -1.81 -10.07 2.55
C22 DPV Q . -0.88 -8.84 2.44
C23 DPV Q . 0.05 -8.96 1.21
O2P DPV Q . -3.93 -20.06 8.37
O3P DPV Q . -4.62 -17.74 9.19
O4P DPV Q . -5.07 -19.38 10.56
H1 DPV Q . -3.90 -17.52 7.27
H1A DPV Q . -3.15 -16.44 8.50
H2 DPV Q . -6.09 -16.31 7.59
H2A DPV Q . -5.30 -15.20 8.71
H3 DPV Q . -3.66 -14.64 6.76
H3A DPV Q . -5.27 -13.99 6.67
H4 DPV Q . -5.47 -20.36 12.33
H4A DPV Q . -4.01 -20.92 11.47
H5 DPV Q . -6.93 -21.35 10.52
H5A DPV Q . -5.49 -21.86 9.62
H6 DPV Q . -7.56 -22.51 12.65
H6A DPV Q . -5.95 -22.40 13.40
H6B DPV Q . -6.73 -24.00 13.13
H7 DPV Q . -4.07 -23.82 10.50
H7A DPV Q . -4.62 -24.68 11.99
H7B DPV Q . -3.92 -23.02 12.10
H8 DPV Q . -6.79 -25.04 10.96
H8A DPV Q . -6.33 -24.10 9.50
H8B DPV Q . -7.79 -23.63 10.41
H15 DPV Q . -5.98 -15.54 4.98
H15A DPV Q . -4.65 -16.64 5.28
H16 DPV Q . -3.05 -14.98 4.30
H16A DPV Q . -4.25 -15.56 3.21
H17 DPV Q . -4.64 -13.44 2.65
H17A DPV Q . -5.53 -13.26 4.14
H18 DPV Q . -3.39 -12.44 5.25
H18A DPV Q . -2.54 -12.67 3.71
H19 DPV Q . -4.32 -11.02 2.69
H19A DPV Q . -4.76 -10.66 4.34
H20 DPV Q . -3.21 -8.97 3.78
H20A DPV Q . -2.20 -10.08 4.70
H21 DPV Q . -1.23 -10.99 2.62
H21A DPV Q . -2.41 -10.13 1.64
H22 DPV Q . -1.47 -7.94 2.34
H22A DPV Q . -0.27 -8.73 3.34
H23 DPV Q . 0.71 -9.81 1.32
H23A DPV Q . 0.65 -8.05 1.11
H23B DPV Q . -0.53 -9.09 0.29
N DPV R . -9.37 -18.12 -3.34
P DPV R . -10.15 -15.47 1.08
C1 DPV R . -8.35 -14.11 2.46
C2 DPV R . -8.68 -12.62 2.06
C3 DPV R . -8.05 -12.18 0.69
C4 DPV R . -9.39 -16.63 -1.15
C5 DPV R . -9.49 -18.05 -1.78
C6 DPV R . -8.00 -17.65 -3.84
C7 DPV R . -10.49 -17.30 -4.02
C8 DPV R . -9.54 -19.58 -3.75
C15 DPV R . -6.50 -12.08 0.75
C16 DPV R . -5.91 -11.53 -0.57
C17 DPV R . -4.35 -11.58 -0.54
C18 DPV R . -3.66 -10.68 -1.62
C19 DPV R . -3.86 -11.22 -3.07
O1P DPV R . -10.91 -14.51 0.26
C20 DPV R . -2.82 -10.64 -4.06
C21 DPV R . -3.16 -11.00 -5.53
C22 DPV R . -2.10 -10.50 -6.52
C23 DPV R . -2.50 -10.79 -8.00
O2P DPV R . -10.88 -15.85 2.30
O3P DPV R . -8.63 -15.03 1.35
O4P DPV R . -9.64 -16.75 0.26
H1 DPV R . -7.31 -14.20 2.73
H1A DPV R . -8.96 -14.41 3.34
H2 DPV R . -9.77 -12.50 1.99
H2A DPV R . -8.33 -11.96 2.84
H3 DPV R . -8.47 -11.21 0.44
H3A DPV R . -8.36 -12.88 -0.09
H4 DPV R . -8.41 -16.18 -1.33
H4A DPV R . -10.14 -15.96 -1.59
H5 DPV R . -8.70 -18.69 -1.38
H5A DPV R . -10.45 -18.49 -1.50
H6 DPV R . -7.22 -18.28 -3.41
H6A DPV R . -7.84 -16.61 -3.54
H6B DPV R . -7.98 -17.73 -4.94
H7 DPV R . -11.46 -17.66 -3.64
H7A DPV R . -10.42 -17.45 -5.11
H7B DPV R . -10.36 -16.24 -3.78
H8 DPV R . -8.79 -20.19 -3.24
H8A DPV R . -9.44 -19.66 -4.83
H8B DPV R . -10.55 -19.89 -3.46
H15 DPV R . -6.08 -13.06 0.95
H15A DPV R . -6.22 -11.42 1.57
H16 DPV R . -6.26 -12.12 -1.42
H16A DPV R . -6.25 -10.52 -0.73
H17 DPV R . -4.00 -11.24 0.43
H17A DPV R . -4.02 -12.62 -0.64
H18 DPV R . -4.04 -9.67 -1.56
H18A DPV R . -2.59 -10.65 -1.39
H19 DPV R . -3.80 -12.32 -3.06
H19A DPV R . -4.86 -10.97 -3.41
H20 DPV R . -2.77 -9.56 -3.96
H20A DPV R . -1.82 -11.04 -3.81
H21 DPV R . -3.27 -12.09 -5.64
H21A DPV R . -4.13 -10.57 -5.79
H22 DPV R . -1.97 -9.42 -6.42
H22A DPV R . -1.14 -10.97 -6.31
H23 DPV R . -2.66 -11.87 -8.14
H23A DPV R . -1.71 -10.45 -8.68
H23B DPV R . -3.43 -10.27 -8.25
N DPV S . 2.66 -3.57 11.73
P DPV S . 2.04 -7.49 10.16
C1 DPV S . 2.55 -8.97 8.09
C2 DPV S . 2.18 -9.11 6.60
C3 DPV S . 2.77 -10.41 6.01
C4 DPV S . 2.98 -5.11 9.57
C5 DPV S . 2.79 -3.68 10.17
C6 DPV S . 1.27 -4.01 12.23
C7 DPV S . 2.84 -2.09 12.11
C8 DPV S . 3.73 -4.38 12.49
C15 DPV S . 2.32 -10.62 4.55
C16 DPV S . 2.85 -11.97 4.00
C17 DPV S . 2.33 -12.30 2.58
C18 DPV S . 3.12 -11.59 1.46
C19 DPV S . 2.65 -12.07 0.05
O1P DPV S . 3.35 -7.83 10.75
C20 DPV S . 3.38 -11.32 -1.13
C21 DPV S . 4.90 -11.70 -1.26
C22 DPV S . 5.57 -10.95 -2.41
C23 DPV S . 7.07 -11.30 -2.49
O2P DPV S . 0.92 -8.07 10.94
O3P DPV S . 1.92 -7.77 8.60
O4P DPV S . 1.83 -5.91 9.87
H1 DPV S . 2.19 -9.83 8.65
H1A DPV S . 3.62 -8.87 8.19
H2 DPV S . 1.09 -9.12 6.51
H2A DPV S . 2.56 -8.24 6.04
H3 DPV S . 2.47 -11.26 6.62
H3A DPV S . 3.86 -10.33 6.05
H4 DPV S . 3.09 -5.05 8.48
H4A DPV S . 3.88 -5.56 9.99
H5 DPV S . 3.65 -3.07 9.87
H5A DPV S . 1.89 -3.22 9.74
H6 DPV S . 1.15 -5.09 12.00
H6A DPV S . 0.50 -3.42 11.69
H6B DPV S . 1.20 -3.85 13.31
H7 DPV S . 3.85 -1.79 11.85
H7A DPV S . 2.67 -1.97 13.19
H7B DPV S . 2.12 -1.49 11.55
H8 DPV S . 4.72 -4.09 12.13
H8A DPV S . 3.55 -5.44 12.32
H8B DPV S . 3.67 -4.16 13.56
H15 DPV S . 2.70 -9.80 3.92
H15A DPV S . 1.22 -10.60 4.49
H16 DPV S . 3.95 -11.96 4.01
H16A DPV S . 2.53 -12.77 4.69
H17 DPV S . 2.40 -13.38 2.43
H17A DPV S . 1.27 -12.04 2.51
H18 DPV S . 2.98 -10.50 1.56
H18A DPV S . 4.18 -11.79 1.57
H19 DPV S . 2.83 -13.15 -0.05
H19A DPV S . 1.58 -11.91 -0.06
H20 DPV S . 2.89 -11.58 -2.07
H20A DPV S . 3.27 -10.25 -1.00
H21 DPV S . 5.43 -11.48 -0.32
H21A DPV S . 4.98 -12.78 -1.43
H22 DPV S . 5.08 -11.19 -3.35
H22A DPV S . 5.45 -9.87 -2.26
H23 DPV S . 7.56 -10.92 -1.59
H23A DPV S . 7.46 -10.81 -3.37
H23B DPV S . 7.13 -12.40 -2.58
N DPV T . 15.55 -12.81 17.21
P DPV T . 14.00 -17.30 15.02
C1 DPV T . 13.01 -18.05 12.73
C2 DPV T . 11.60 -17.51 12.39
C3 DPV T . 10.96 -18.36 11.26
C4 DPV T . 14.96 -15.24 16.32
C5 DPV T . 15.59 -13.84 16.02
C6 DPV T . 16.31 -13.33 18.45
C7 DPV T . 14.11 -12.43 17.60
C8 DPV T . 16.26 -11.54 16.72
C15 DPV T . 9.50 -17.92 10.90
C16 DPV T . 8.95 -18.70 9.66
C17 DPV T . 9.51 -18.15 8.30
C18 DPV T . 9.46 -19.20 7.18
C19 DPV T . 9.84 -18.60 5.80
O1P DPV T . 14.82 -18.48 15.31
C20 DPV T . 8.62 -18.24 4.92
C21 DPV T . 9.06 -17.80 3.51
C22 DPV T . 7.84 -17.50 2.58
C23 DPV T . 8.32 -17.23 1.14
O2P DPV T . 12.74 -17.27 15.82
O3P DPV T . 13.75 -17.05 13.48
O4P DPV T . 14.81 -15.93 15.06
H1 DPV T . 12.94 -18.98 13.31
H1A DPV T . 13.57 -18.26 11.80
H2 DPV T . 10.96 -17.54 13.29
H2A DPV T . 11.69 -16.47 12.07
H3 DPV T . 10.95 -19.41 11.56
H3A DPV T . 11.59 -18.28 10.37
H4 DPV T . 15.61 -15.82 16.98
H4A DPV T . 13.97 -15.11 16.78
H5 DPV T . 16.63 -13.97 15.72
H5A DPV T . 15.04 -13.38 15.18
H6 DPV T . 17.33 -13.57 18.15
H6A DPV T . 15.80 -14.22 18.82
H6B DPV T . 16.32 -12.55 19.23
H7 DPV T . 13.58 -12.10 16.69
H7A DPV T . 14.15 -11.62 18.31
H7B DPV T . 13.61 -13.29 18.03
H8 DPV T . 15.71 -11.12 15.87
H8A DPV T . 17.29 -11.78 16.43
H8B DPV T . 16.28 -10.81 17.54
H15 DPV T . 9.47 -16.84 10.70
H15A DPV T . 8.85 -18.09 11.77
H16 DPV T . 9.19 -19.76 9.77
H16A DPV T . 7.86 -18.63 9.63
H17 DPV T . 8.94 -17.27 8.00
H17A DPV T . 10.55 -17.82 8.41
H18 DPV T . 10.14 -20.01 7.41
H18A DPV T . 8.46 -19.66 7.14
H19 DPV T . 10.48 -17.73 5.93
H19A DPV T . 10.48 -19.33 5.27
H20 DPV T . 7.94 -19.09 4.85
H20A DPV T . 8.05 -17.43 5.39
H21 DPV T . 9.67 -16.89 3.59
H21A DPV T . 9.68 -18.58 3.05
H22 DPV T . 7.15 -18.33 2.60
H22A DPV T . 7.31 -16.63 2.97
H23 DPV T . 9.07 -16.44 1.13
H23A DPV T . 7.48 -16.91 0.52
H23B DPV T . 8.73 -18.13 0.69
N DPV U . 21.96 0.22 3.50
P DPV U . 21.91 -0.79 8.63
C1 DPV U . 20.35 -1.25 10.67
C2 DPV U . 18.87 -1.13 11.11
C3 DPV U . 18.17 -2.52 11.33
C4 DPV U . 22.06 -0.34 6.10
C5 DPV U . 21.18 -0.12 4.83
C6 DPV U . 22.83 1.49 3.64
C7 DPV U . 20.93 0.48 2.41
C8 DPV U . 22.83 -0.96 3.07
C15 DPV U . 17.76 -3.22 10.00
C16 DPV U . 17.00 -4.57 10.22
C17 DPV U . 17.95 -5.80 10.39
C18 DPV U . 18.57 -6.30 9.04
C19 DPV U . 19.68 -7.37 9.30
O1P DPV U . 22.60 -2.09 8.80
C20 DPV U . 20.38 -7.82 7.98
C21 DPV U . 19.57 -8.87 7.18
C22 DPV U . 20.36 -9.36 5.93
C23 DPV U . 19.55 -10.39 5.12
O2P DPV U . 22.77 0.36 9.01
O3P DPV U . 20.48 -0.76 9.32
O4P DPV U . 21.22 -0.63 7.21
H1 DPV U . 20.99 -0.64 11.31
H1A DPV U . 20.68 -2.28 10.69
H2 DPV U . 18.84 -0.58 12.06
H2A DPV U . 18.31 -0.54 10.38
H3 DPV U . 17.28 -2.38 11.94
H3A DPV U . 18.84 -3.18 11.90
H4 DPV U . 22.75 -1.17 5.95
H4A DPV U . 22.63 0.58 6.32
H5 DPV U . 20.57 -1.02 4.65
H5A DPV U . 20.50 0.71 5.01
H6 DPV U . 23.58 1.32 4.40
H6A DPV U . 22.20 2.33 3.92
H6B DPV U . 23.31 1.69 2.69
H7 DPV U . 20.34 -0.44 2.24
H7A DPV U . 21.45 0.77 1.49
H7B DPV U . 20.27 1.29 2.73
H8 DPV U . 22.23 -1.87 2.99
H8A DPV U . 23.61 -1.11 3.82
H8B DPV U . 23.28 -0.72 2.10
H15 DPV U . 18.65 -3.40 9.40
H15A DPV U . 17.12 -2.54 9.43
H16 DPV U . 16.38 -4.50 11.11
H16A DPV U . 16.35 -4.76 9.37
H17 DPV U . 18.76 -5.54 11.07
H17A DPV U . 17.39 -6.63 10.85
H18 DPV U . 17.77 -6.72 8.42
H18A DPV U . 19.00 -5.45 8.50
H19 DPV U . 20.43 -6.95 9.97
H19A DPV U . 19.24 -8.24 9.80
H20 DPV U . 20.57 -6.95 7.35
H20A DPV U . 21.36 -8.26 8.26
H21 DPV U . 19.35 -9.72 7.83
H21A DPV U . 18.62 -8.44 6.86
H22 DPV U . 20.62 -8.50 5.29
H22A DPV U . 21.29 -9.82 6.25
H23 DPV U . 20.15 -10.70 4.25
H23A DPV U . 18.61 -9.99 4.77
H23B DPV U . 19.34 -11.28 5.72
N DPV V . 25.50 -5.98 8.21
P DPV V . 23.35 -4.76 4.91
C1 DPV V . 21.77 -6.07 3.29
C2 DPV V . 20.28 -6.38 3.12
C3 DPV V . 20.03 -7.57 2.16
C4 DPV V . 23.68 -6.87 6.47
C5 DPV V . 24.26 -6.91 7.92
C6 DPV V . 25.10 -4.50 8.28
C7 DPV V . 26.64 -6.15 7.19
C8 DPV V . 26.06 -6.38 9.58
C15 DPV V . 18.53 -8.00 2.20
C16 DPV V . 18.23 -9.17 1.19
C17 DPV V . 16.88 -9.84 1.48
C18 DPV V . 16.46 -10.80 0.35
C19 DPV V . 15.14 -11.55 0.70
O1P DPV V . 23.56 -3.33 5.19
C20 DPV V . 14.73 -12.50 -0.46
C21 DPV V . 13.42 -13.25 -0.13
C22 DPV V . 12.89 -14.07 -1.35
C23 DPV V . 11.53 -14.76 -1.06
O2P DPV V . 24.45 -5.32 4.10
O3P DPV V . 21.90 -5.08 4.33
O4P DPV V . 23.01 -5.62 6.24
H1 DPV V . 22.31 -6.99 3.59
H1A DPV V . 22.19 -5.69 2.36
H2 DPV V . 19.86 -6.59 4.10
H2A DPV V . 19.77 -5.49 2.75
H3 DPV V . 20.67 -8.42 2.44
H3A DPV V . 20.30 -7.28 1.14
H4 DPV V . 24.49 -7.02 5.75
H4A DPV V . 22.96 -7.67 6.36
H5 DPV V . 23.49 -6.66 8.65
H5A DPV V . 24.57 -7.94 8.14
H6 DPV V . 24.24 -4.40 8.95
H6A DPV V . 24.83 -4.17 7.29
H6B DPV V . 25.96 -3.92 8.66
H7 DPV V . 26.94 -7.20 7.18
H7A DPV V . 27.48 -5.52 7.49
H7B DPV V . 26.28 -5.84 6.21
H8 DPV V . 26.92 -5.74 9.82
H8A DPV V . 26.39 -7.43 9.52
H8B DPV V . 25.28 -6.28 10.34
H15 DPV V . 17.91 -7.15 1.95
H15A DPV V . 18.28 -8.32 3.21
H16 DPV V . 18.23 -8.77 0.17
H16A DPV V . 19.02 -9.91 1.25
H17 DPV V . 16.95 -10.37 2.43
H17A DPV V . 16.10 -9.07 1.61
H18 DPV V . 16.35 -10.25 -0.58
H18A DPV V . 17.25 -11.56 0.20
H19 DPV V . 15.28 -12.13 1.62
H19A DPV V . 14.35 -10.82 0.90
H20 DPV V . 14.59 -11.90 -1.37
H20A DPV V . 15.52 -13.22 -0.66
H21 DPV V . 13.59 -13.93 0.71
H21A DPV V . 12.66 -12.54 0.18
H22 DPV V . 12.77 -13.40 -2.21
H22A DPV V . 13.61 -14.84 -1.65
H23 DPV V . 11.13 -15.17 -1.98
H23A DPV V . 10.82 -14.04 -0.65
H23B DPV V . 11.66 -15.57 -0.36
N DPV W . 32.31 -12.76 -11.59
P DPV W . 28.07 -9.74 -10.73
C1 DPV W . 26.65 -11.05 -8.96
C2 DPV W . 25.65 -12.21 -8.88
C3 DPV W . 25.17 -12.45 -7.43
C4 DPV W . 30.14 -11.37 -10.93
C5 DPV W . 31.24 -11.69 -12.00
C6 DPV W . 33.09 -12.38 -10.32
C7 DPV W . 33.33 -12.87 -12.75
C8 DPV W . 31.69 -14.15 -11.40
C15 DPV W . 24.10 -13.57 -7.34
C16 DPV W . 23.80 -13.96 -5.86
C17 DPV W . 22.81 -15.15 -5.73
C18 DPV W . 21.33 -14.72 -5.88
C19 DPV W . 20.35 -15.87 -5.57
O1P DPV W . 28.73 -8.99 -9.62
C20 DPV W . 18.88 -15.40 -5.75
C21 DPV W . 17.86 -16.28 -4.98
C22 DPV W . 16.46 -15.61 -5.00
C23 DPV W . 15.41 -16.42 -4.20
O2P DPV W . 27.23 -8.85 -11.55
O3P DPV W . 27.30 -11.06 -10.26
O4P DPV W . 29.09 -10.63 -11.58
H1 DPV W . 26.12 -10.10 -8.82
H1A DPV W . 27.41 -11.14 -8.18
H2 DPV W . 24.79 -11.98 -9.51
H2A DPV W . 26.10 -13.11 -9.26
H3 DPV W . 24.75 -11.52 -7.03
H3A DPV W . 26.04 -12.72 -6.81
H4 DPV W . 29.74 -12.31 -10.54
H4A DPV W . 30.60 -10.77 -10.14
H5 DPV W . 30.76 -12.05 -12.91
H5A DPV W . 31.78 -10.76 -12.25
H6 DPV W . 33.87 -13.13 -10.13
H6A DPV W . 32.39 -12.35 -9.48
H6B DPV W . 33.55 -11.39 -10.46
H7 DPV W . 32.80 -13.17 -13.67
H7A DPV W . 34.10 -13.60 -12.49
H7B DPV W . 33.80 -11.89 -12.90
H8 DPV W . 32.48 -14.87 -11.22
H8A DPV W . 31.15 -14.41 -12.32
H8B DPV W . 30.99 -14.12 -10.56
H15 DPV W . 24.43 -14.45 -7.89
H15A DPV W . 23.19 -13.22 -7.83
H16 DPV W . 24.73 -14.26 -5.37
H16A DPV W . 23.42 -13.09 -5.32
H17 DPV W . 23.06 -15.91 -6.47
H17A DPV W . 22.95 -15.59 -4.74
H18 DPV W . 21.14 -13.88 -5.20
H18A DPV W . 21.14 -14.33 -6.89
H19 DPV W . 20.55 -16.71 -6.24
H19A DPV W . 20.50 -16.22 -4.55
H20 DPV W . 18.81 -14.37 -5.42
H20A DPV W . 18.64 -15.42 -6.82
H21 DPV W . 17.79 -17.27 -5.44
H21A DPV W . 18.19 -16.42 -3.95
H22 DPV W . 16.53 -14.61 -4.55
H22A DPV W . 16.12 -15.50 -6.03
H23 DPV W . 14.46 -15.88 -4.23
H23A DPV W . 15.71 -16.51 -3.16
H23B DPV W . 15.29 -17.40 -4.63
N DPV X . 26.80 -0.26 -12.01
P DPV X . 27.87 -1.33 -7.57
C1 DPV X . 30.11 -1.03 -6.30
C2 DPV X . 31.52 -1.70 -6.19
C3 DPV X . 31.77 -2.38 -4.79
C4 DPV X . 28.53 -0.62 -10.02
C5 DPV X . 27.38 0.24 -10.64
C6 DPV X . 26.37 -1.74 -11.98
C7 DPV X . 27.83 -0.06 -13.14
C8 DPV X . 25.56 0.57 -12.36
C15 DPV X . 31.21 -3.83 -4.68
C16 DPV X . 29.72 -3.88 -4.22
C17 DPV X . 29.20 -5.34 -4.13
C18 DPV X . 27.79 -5.38 -3.48
C19 DPV X . 27.22 -6.85 -3.41
O1P DPV X . 27.51 0.07 -7.26
C20 DPV X . 25.83 -6.91 -2.71
C21 DPV X . 25.92 -6.84 -1.14
C22 DPV X . 24.52 -6.92 -0.46
C23 DPV X . 23.79 -5.56 -0.43
O2P DPV X . 27.02 -2.27 -6.86
O3P DPV X . 29.41 -1.63 -7.40
O4P DPV X . 27.98 -1.64 -9.13
H1 DPV X . 29.54 -1.17 -5.39
H1A DPV X . 30.21 0.04 -6.48
H2 DPV X . 31.64 -2.44 -6.98
H2A DPV X . 32.26 -0.94 -6.36
H3 DPV X . 31.36 -1.74 -3.99
H3A DPV X . 32.85 -2.42 -4.64
H4 DPV X . 29.10 -1.12 -10.80
H4A DPV X . 29.22 0.02 -9.45
H5 DPV X . 26.55 0.29 -9.93
H5A DPV X . 27.74 1.27 -10.80
H6 DPV X . 25.61 -1.89 -11.19
H6A DPV X . 27.23 -2.37 -11.76
H6B DPV X . 25.95 -2.02 -12.96
H7 DPV X . 28.10 0.98 -13.19
H7A DPV X . 27.36 -0.39 -14.08
H7B DPV X . 28.70 -0.68 -12.92
H8 DPV X . 25.85 1.63 -12.43
H8A DPV X . 24.82 0.43 -11.58
H8B DPV X . 25.16 0.23 -13.32
H15 DPV X . 31.82 -4.38 -3.96
H15A DPV X . 31.31 -4.34 -5.64
H16 DPV X . 29.64 -3.39 -3.25
H16A DPV X . 29.10 -3.33 -4.93
H17 DPV X . 29.17 -5.75 -5.14
H17A DPV X . 29.88 -5.96 -3.55
H18 DPV X . 27.84 -4.95 -2.47
H18A DPV X . 27.10 -4.75 -4.07
H19 DPV X . 27.11 -7.23 -4.43
H19A DPV X . 27.93 -7.50 -2.89
H20 DPV X . 25.19 -6.10 -3.08
H20A DPV X . 25.33 -7.85 -3.00
H21 DPV X . 26.52 -7.68 -0.79
H21A DPV X . 26.43 -5.93 -0.85
H22 DPV X . 23.88 -7.65 -0.96
H22A DPV X . 24.67 -7.25 0.58
H23 DPV X . 23.62 -5.20 -1.45
H23A DPV X . 24.38 -4.83 0.12
H23B DPV X . 22.83 -5.66 0.07
N DPV Y . 21.22 -4.72 -21.85
P DPV Y . 16.64 -2.32 -20.83
C1 DPV Y . 15.64 0.07 -20.66
C2 DPV Y . 16.11 1.53 -20.42
C3 DPV Y . 16.67 1.73 -18.98
C4 DPV Y . 18.83 -3.63 -21.47
C5 DPV Y . 20.37 -3.56 -21.23
C6 DPV Y . 21.11 -4.76 -23.38
C7 DPV Y . 20.82 -6.10 -21.25
C8 DPV Y . 22.70 -4.49 -21.50
C15 DPV Y . 15.55 1.95 -17.90
C16 DPV Y . 15.92 1.39 -16.48
C17 DPV Y . 15.86 -0.16 -16.42
C18 DPV Y . 16.09 -0.68 -14.99
C19 DPV Y . 16.33 -2.21 -14.97
O1P DPV Y . 15.93 -2.87 -22.00
C20 DPV Y . 16.40 -2.75 -13.52
C21 DPV Y . 16.83 -4.23 -13.47
C22 DPV Y . 17.15 -4.67 -12.01
C23 DPV Y . 17.61 -6.14 -11.93
O2P DPV Y . 16.10 -2.83 -19.56
O3P DPV Y . 16.81 -0.75 -20.88
O4P DPV Y . 18.23 -2.43 -20.94
H1 DPV Y . 15.10 -0.30 -19.80
H1A DPV Y . 15.01 0.04 -21.55
H2 DPV Y . 16.87 1.78 -21.14
H2A DPV Y . 15.26 2.21 -20.57
H3 DPV Y . 17.32 2.62 -18.99
H3A DPV Y . 17.31 0.88 -18.72
H4 DPV Y . 18.60 -3.71 -22.54
H4A DPV Y . 18.42 -4.50 -20.95
H5 DPV Y . 20.77 -2.63 -21.64
H5A DPV Y . 20.56 -3.56 -20.16
H6 DPV Y . 21.35 -3.76 -23.77
H6A DPV Y . 20.09 -5.05 -23.65
H6B DPV Y . 21.82 -5.50 -23.77
H7 DPV Y . 20.86 -6.04 -20.17
H7A DPV Y . 21.52 -6.84 -21.63
H7B DPV Y . 19.81 -6.33 -21.57
H8 DPV Y . 22.79 -4.44 -20.41
H8A DPV Y . 23.03 -3.56 -21.95
H8B DPV Y . 23.30 -5.33 -21.88
H15 DPV Y . 14.62 1.46 -18.21
H15A DPV Y . 15.32 3.01 -17.82
H16 DPV Y . 16.91 1.74 -16.19
H16A DPV Y . 15.21 1.80 -15.77
H17 DPV Y . 14.89 -0.51 -16.80
H17A DPV Y . 16.63 -0.57 -17.08
H18 DPV Y . 16.95 -0.18 -14.56
H18A DPV Y . 15.22 -0.42 -14.38
H19 DPV Y . 15.53 -2.74 -15.50
H19A DPV Y . 17.27 -2.44 -15.47
H20 DPV Y . 17.13 -2.14 -12.96
H20A DPV Y . 15.42 -2.65 -13.05
H21 DPV Y . 16.05 -4.88 -13.90
H21A DPV Y . 17.74 -4.37 -14.09
H22 DPV Y . 17.94 -4.05 -11.60
H22A DPV Y . 16.26 -4.53 -11.39
H23 DPV Y . 18.45 -6.33 -12.61
H23A DPV Y . 16.79 -6.81 -12.20
H23B DPV Y . 17.93 -6.36 -10.90
N DPV Z . 6.12 -2.86 -20.00
P DPV Z . 4.52 -7.40 -21.91
C1 DPV Z . 5.59 -7.56 -24.31
C2 DPV Z . 6.01 -8.64 -25.34
C3 DPV Z . 7.49 -9.06 -25.24
C4 DPV Z . 5.59 -5.37 -20.64
C5 DPV Z . 6.27 -4.02 -21.04
C6 DPV Z . 4.65 -2.46 -19.77
C7 DPV Z . 6.84 -1.63 -20.55
C8 DPV Z . 6.78 -3.21 -18.66
C15 DPV Z . 8.45 -8.09 -25.99
C16 DPV Z . 9.94 -8.56 -26.00
C17 DPV Z . 10.67 -8.40 -24.62
C18 DPV Z . 11.11 -6.92 -24.32
C19 DPV Z . 11.53 -6.72 -22.84
O1P DPV Z . 4.32 -8.18 -20.68
C20 DPV Z . 10.29 -6.54 -21.91
C21 DPV Z . 10.69 -6.40 -20.42
C22 DPV Z . 9.49 -6.09 -19.49
C23 DPV Z . 8.56 -7.29 -19.25
O2P DPV Z . 3.24 -6.87 -22.44
O3P DPV Z . 5.37 -8.20 -23.03
O4P DPV Z . 5.64 -6.27 -21.77
H1 DPV Z . 6.37 -6.79 -24.23
H1A DPV Z . 4.67 -7.09 -24.66
H2 DPV Z . 5.39 -9.52 -25.17
H2A DPV Z . 5.77 -8.30 -26.35
H3 DPV Z . 7.60 -10.06 -25.65
H3A DPV Z . 7.79 -9.11 -24.19
H4 DPV Z . 6.08 -5.83 -19.79
H4A DPV Z . 4.53 -5.19 -20.39
H5 DPV Z . 7.34 -4.20 -21.19
H5A DPV Z . 5.83 -3.65 -21.96
H6 DPV Z . 4.12 -3.30 -19.31
H6A DPV Z . 4.20 -2.20 -20.73
H6B DPV Z . 4.62 -1.60 -19.10
H7 DPV Z . 6.45 -1.42 -21.55
H7A DPV Z . 7.90 -1.86 -20.61
H7B DPV Z . 6.68 -0.78 -19.90
H8 DPV Z . 7.82 -3.50 -18.83
H8A DPV Z . 6.23 -4.04 -18.20
H8B DPV Z . 6.73 -2.34 -17.99
H15 DPV Z . 8.38 -7.08 -25.57
H15A DPV Z . 8.12 -8.02 -27.03
H16 DPV Z . 9.98 -9.61 -26.30
H16A DPV Z . 10.49 -8.00 -26.77
H17 DPV Z . 10.02 -8.77 -23.81
H17A DPV Z . 11.55 -9.02 -24.60
H18 DPV Z . 11.98 -6.68 -24.94
H18A DPV Z . 10.32 -6.21 -24.58
H19 DPV Z . 12.15 -7.56 -22.51
H19A DPV Z . 12.15 -5.82 -22.77
H20 DPV Z . 9.71 -5.67 -22.22
H20A DPV Z . 9.64 -7.41 -22.01
H21 DPV Z . 11.19 -7.31 -20.07
H21A DPV Z . 11.42 -5.60 -20.33
H22 DPV Z . 9.88 -5.76 -18.52
H22A DPV Z . 8.92 -5.24 -19.90
H23 DPV Z . 8.08 -7.61 -20.18
H23A DPV Z . 7.77 -7.02 -18.53
H23B DPV Z . 9.12 -8.12 -18.83
N DPV AA . -0.99 -10.26 -23.29
P DPV AA . 0.30 -12.65 -19.69
C1 DPV AA . 1.24 -13.63 -17.45
C2 DPV AA . 0.94 -13.66 -15.94
C3 DPV AA . 1.15 -15.07 -15.30
C4 DPV AA . 0.02 -10.33 -20.85
C5 DPV AA . -1.24 -10.53 -21.76
C6 DPV AA . -0.46 -8.85 -23.56
C7 DPV AA . -2.34 -10.40 -24.00
C8 DPV AA . -0.01 -11.30 -23.89
C15 DPV AA . 2.63 -15.35 -14.82
C16 DPV AA . 2.96 -14.72 -13.44
C17 DPV AA . 4.42 -15.03 -13.01
C18 DPV AA . 4.85 -14.33 -11.68
C19 DPV AA . 6.35 -13.88 -11.71
O1P DPV AA . -0.76 -13.51 -20.23
C20 DPV AA . 6.77 -13.17 -10.38
C21 DPV AA . 8.00 -12.21 -10.56
C22 DPV AA . 9.40 -12.92 -10.43
C23 DPV AA . 10.01 -12.86 -9.00
O2P DPV AA . 1.60 -12.91 -20.33
O3P DPV AA . 0.36 -12.66 -18.09
O4P DPV AA . -0.11 -11.12 -19.64
H1 DPV AA . 2.29 -13.38 -17.64
H1A DPV AA . 1.06 -14.62 -17.91
H2 DPV AA . 1.54 -12.89 -15.42
H2A DPV AA . -0.12 -13.38 -15.77
H3 DPV AA . 0.86 -15.86 -16.01
H3A DPV AA . 0.48 -15.17 -14.45
H4 DPV AA . 0.93 -10.62 -21.36
H4A DPV AA . 0.10 -9.28 -20.54
H5 DPV AA . -1.60 -11.55 -21.68
H5A DPV AA . -2.05 -9.86 -21.44
H6 DPV AA . -1.15 -8.11 -23.13
H6A DPV AA . -0.40 -8.69 -24.65
H6B DPV AA . 0.53 -8.74 -23.12
H7 DPV AA . -2.76 -11.39 -23.82
H7A DPV AA . -2.19 -10.28 -25.08
H7B DPV AA . -3.02 -9.63 -23.63
H8 DPV AA . -0.40 -12.30 -23.70
H8A DPV AA . 0.97 -11.17 -23.42
H8B DPV AA . 0.05 -11.12 -24.96
H15 DPV AA . 3.32 -14.97 -15.56
H15A DPV AA . 2.78 -16.43 -14.78
H16 DPV AA . 2.84 -13.64 -13.51
H16A DPV AA . 2.28 -15.08 -12.66
H17 DPV AA . 4.55 -16.12 -12.90
H17A DPV AA . 5.07 -14.73 -13.82
H18 DPV AA . 4.23 -13.44 -11.52
H18A DPV AA . 4.67 -15.01 -10.84
H19 DPV AA . 6.99 -14.75 -11.89
H19A DPV AA . 6.48 -13.21 -12.56
H20 DPV AA . 5.94 -12.56 -10.02
H20A DPV AA . 6.98 -13.89 -9.61
H21 DPV AA . 7.94 -11.71 -11.52
H21A DPV AA . 7.93 -11.40 -9.81
H22 DPV AA . 9.34 -13.95 -10.78
H22A DPV AA . 10.11 -12.43 -11.11
H23 DPV AA . 9.87 -11.88 -8.55
H23A DPV AA . 11.08 -13.07 -9.05
H23B DPV AA . 9.56 -13.62 -8.38
N DPV BA . -11.09 -12.57 -11.76
P DPV BA . -9.27 -8.83 -9.34
C1 DPV BA . -7.90 -9.37 -7.17
C2 DPV BA . -7.27 -10.66 -6.58
C3 DPV BA . -6.37 -11.42 -7.62
C4 DPV BA . -11.20 -10.18 -10.61
C5 DPV BA . -10.56 -11.61 -10.64
C6 DPV BA . -12.52 -13.07 -11.46
C7 DPV BA . -10.19 -13.79 -11.80
C8 DPV BA . -11.10 -11.92 -13.15
C15 DPV BA . -7.18 -12.39 -8.54
C16 DPV BA . -6.34 -12.93 -9.74
C17 DPV BA . -6.31 -11.93 -10.94
C18 DPV BA . -5.50 -12.48 -12.17
C19 DPV BA . -4.14 -11.79 -12.41
O1P DPV BA . -8.40 -9.19 -10.47
C20 DPV BA . -4.25 -10.54 -13.35
C21 DPV BA . -2.88 -9.85 -13.53
C22 DPV BA . -3.01 -8.48 -14.27
C23 DPV BA . -1.64 -7.77 -14.40
O2P DPV BA . -9.27 -7.37 -9.09
O3P DPV BA . -9.02 -9.71 -8.04
O4P DPV BA . -10.76 -9.46 -9.43
H1 DPV BA . -8.27 -8.73 -6.35
H1A DPV BA . -7.13 -8.83 -7.76
H2 DPV BA . -6.66 -10.37 -5.72
H2A DPV BA . -8.06 -11.32 -6.21
H3 DPV BA . -5.63 -11.99 -7.06
H3A DPV BA . -5.82 -10.69 -8.23
H4 DPV BA . -10.91 -9.61 -11.49
H4A DPV BA . -12.29 -10.26 -10.56
H5 DPV BA . -9.49 -11.52 -10.78
H5A DPV BA . -10.74 -12.11 -9.67
H6 DPV BA . -13.21 -12.22 -11.44
H6A DPV BA . -12.51 -13.54 -10.47
H6B DPV BA . -12.84 -13.79 -12.21
H7 DPV BA . -9.16 -13.47 -12.05
H7A DPV BA . -10.55 -14.49 -12.58
H7B DPV BA . -10.20 -14.29 -10.83
H8 DPV BA . -11.88 -11.15 -13.19
H8A DPV BA . -11.33 -12.68 -13.90
H8B DPV BA . -10.11 -11.50 -13.34
H15 DPV BA . -8.09 -11.91 -8.91
H15A DPV BA . -7.51 -13.25 -7.94
H16 DPV BA . -5.32 -13.13 -9.42
H16A DPV BA . -6.78 -13.88 -10.08
H17 DPV BA . -7.33 -11.73 -11.25
H17A DPV BA . -5.89 -10.98 -10.61
H18 DPV BA . -5.33 -13.55 -12.03
H18A DPV BA . -6.13 -12.39 -13.07
H19 DPV BA . -3.69 -11.50 -11.45
H19A DPV BA . -3.45 -12.51 -12.88
H20 DPV BA . -4.65 -10.83 -14.32
H20A DPV BA . -4.97 -9.83 -12.91
H21 DPV BA . -2.43 -9.69 -12.54
H21A DPV BA . -2.22 -10.52 -14.10
H22 DPV BA . -3.43 -8.64 -15.27
H22A DPV BA . -3.70 -7.84 -13.72
H23 DPV BA . -1.25 -7.50 -13.42
H23A DPV BA . -1.76 -6.85 -14.99
H23B DPV BA . -0.91 -8.39 -14.91
N DPV CA . -10.30 -24.90 1.37
P DPV CA . -6.00 -25.88 1.39
C1 DPV CA . -3.55 -24.95 1.30
C2 DPV CA . -2.29 -25.14 0.43
C3 DPV CA . -1.03 -24.59 1.11
C4 DPV CA . -7.83 -24.03 1.73
C5 DPV CA . -8.95 -24.50 0.72
C6 DPV CA . -11.21 -25.43 0.24
C7 DPV CA . -10.99 -23.70 2.02
C8 DPV CA . -10.12 -26.04 2.41
C15 DPV CA . 0.26 -25.00 0.34
C16 DPV CA . 1.52 -24.36 0.97
C17 DPV CA . 2.80 -25.14 0.60
C18 DPV CA . 4.05 -24.57 1.34
C19 DPV CA . 5.12 -25.67 1.58
O1P DPV CA . -5.76 -26.23 2.81
C20 DPV CA . 6.31 -25.13 2.44
C21 DPV CA . 7.24 -26.28 2.88
C22 DPV CA . 8.50 -25.73 3.61
C23 DPV CA . 9.43 -26.88 4.07
O2P DPV CA . -6.82 -26.90 0.71
O3P DPV CA . -4.67 -25.50 0.59
O4P DPV CA . -6.54 -24.38 1.19
H1 DPV CA . -3.42 -25.48 2.26
H1A DPV CA . -3.73 -23.90 1.52
H2 DPV CA . -2.18 -26.20 0.21
H2A DPV CA . -2.45 -24.63 -0.51
H3 DPV CA . -0.97 -24.98 2.13
H3A DPV CA . -1.09 -23.51 1.19
H4 DPV CA . -7.87 -22.94 1.85
H4A DPV CA . -7.93 -24.51 2.69
H5 DPV CA . -9.14 -23.70 -0.01
H5A DPV CA . -8.61 -25.37 0.16
H6 DPV CA . -12.16 -25.75 0.68
H6A DPV CA . -10.71 -26.28 -0.25
H6B DPV CA . -11.38 -24.64 -0.49
H7 DPV CA . -10.35 -23.32 2.81
H7A DPV CA . -11.95 -24.03 2.44
H7B DPV CA . -11.16 -22.94 1.27
H8 DPV CA . -9.52 -26.84 1.96
H8A DPV CA . -11.12 -26.43 2.69
H8B DPV CA . -9.62 -25.64 3.29
H15 DPV CA . 0.16 -24.66 -0.69
H15A DPV CA . 0.33 -26.08 0.34
H16 DPV CA . 1.62 -23.33 0.66
H16A DPV CA . 1.44 -24.37 2.06
H17 DPV CA . 2.67 -26.20 0.86
H17A DPV CA . 2.97 -25.10 -0.49
H18 DPV CA . 4.48 -23.74 0.77
H18A DPV CA . 3.75 -24.16 2.32
H19 DPV CA . 4.64 -26.51 2.10
H19A DPV CA . 5.49 -26.05 0.62
H20 DPV CA . 6.88 -24.39 1.87
H20A DPV CA . 5.91 -24.64 3.31
H21 DPV CA . 6.70 -26.96 3.56
H21A DPV CA . 7.54 -26.87 2.02
H22 DPV CA . 9.05 -25.09 2.94
H22A DPV CA . 8.21 -25.15 4.48
H23 DPV CA . 8.97 -27.46 4.87
H23A DPV CA . 10.36 -26.47 4.44
H23B DPV CA . 9.63 -27.55 3.24
N DPV DA . 0.24 -31.08 5.80
P DPV DA . 2.71 -31.84 1.24
C1 DPV DA . 1.28 -30.13 -0.15
C2 DPV DA . 1.46 -28.72 -0.74
C3 DPV DA . 0.28 -28.31 -1.67
C4 DPV DA . 1.60 -31.63 3.60
C5 DPV DA . 0.22 -31.68 4.34
C6 DPV DA . 1.23 -31.81 6.73
C7 DPV DA . -1.14 -31.25 6.40
C8 DPV DA . 0.59 -29.58 5.77
C15 DPV DA . 0.77 -27.36 -2.79
C16 DPV DA . -0.31 -27.03 -3.83
C17 DPV DA . -1.32 -25.94 -3.36
C18 DPV DA . -2.03 -25.29 -4.57
C19 DPV DA . -2.86 -24.07 -4.14
O1P DPV DA . 4.00 -31.92 1.98
C20 DPV DA . -3.61 -23.41 -5.32
C21 DPV DA . -4.33 -22.11 -4.88
C22 DPV DA . -5.24 -21.53 -6.00
C23 DPV DA . -5.89 -20.21 -5.55
O2P DPV DA . 2.65 -32.81 0.12
O3P DPV DA . 2.35 -30.34 0.79
O4P DPV DA . 1.41 -31.89 2.19
H1 DPV DA . 0.32 -30.22 0.36
H1A DPV DA . 1.35 -30.88 -0.95
H2 DPV DA . 1.57 -28.00 0.07
H2A DPV DA . 2.40 -28.71 -1.30
H3 DPV DA . -0.51 -27.83 -1.09
H3A DPV DA . -0.18 -29.19 -2.12
H4 DPV DA . 2.06 -30.65 3.72
H4A DPV DA . 2.26 -32.40 4.01
H5 DPV DA . -0.51 -31.09 3.76
H5A DPV DA . -0.14 -32.71 4.41
H6 DPV DA . 1.16 -31.38 7.73
H6A DPV DA . 2.25 -31.70 6.34
H6B DPV DA . 0.97 -32.86 6.77
H7 DPV DA . -1.87 -30.69 5.81
H7A DPV DA . -1.14 -30.84 7.42
H7B DPV DA . -1.41 -32.32 6.42
H8 DPV DA . -0.11 -29.08 5.09
H8A DPV DA . 1.62 -29.47 5.42
H8B DPV DA . 0.49 -29.18 6.78
H15 DPV DA . 1.62 -27.85 -3.31
H15A DPV DA . 1.16 -26.44 -2.33
H16 DPV DA . 0.21 -26.65 -4.71
H16A DPV DA . -0.86 -27.93 -4.12
H17 DPV DA . -2.05 -26.39 -2.68
H17A DPV DA . -0.78 -25.17 -2.81
H18 DPV DA . -1.29 -24.96 -5.32
H18A DPV DA . -2.66 -26.03 -5.06
H19 DPV DA . -3.60 -24.39 -3.39
H19A DPV DA . -2.21 -23.33 -3.67
H20 DPV DA . -2.91 -23.20 -6.14
H20A DPV DA . -4.34 -24.12 -5.71
H21 DPV DA . -4.93 -22.28 -3.99
H21A DPV DA . -3.57 -21.36 -4.63
H22 DPV DA . -4.65 -21.37 -6.91
H22A DPV DA . -6.02 -22.26 -6.23
H23 DPV DA . -5.12 -19.46 -5.31
H23A DPV DA . -6.52 -20.36 -4.67
H23B DPV DA . -6.52 -19.82 -6.36
N DPV EA . 6.06 -25.25 14.90
P DPV EA . 6.08 -21.76 12.43
C1 DPV EA . 5.51 -21.53 9.89
C2 DPV EA . 6.14 -21.88 8.53
C3 DPV EA . 5.16 -21.58 7.38
C4 DPV EA . 6.75 -24.35 12.48
C5 DPV EA . 7.16 -24.65 13.96
C6 DPV EA . 5.43 -26.54 14.34
C7 DPV EA . 4.96 -24.21 15.20
C8 DPV EA . 6.74 -25.61 16.23
C15 DPV EA . 5.86 -21.74 6.01
C16 DPV EA . 4.94 -21.31 4.85
C17 DPV EA . 5.68 -21.30 3.49
C18 DPV EA . 4.75 -20.83 2.34
C19 DPV EA . 5.53 -20.75 1.00
O1P DPV EA . 4.93 -20.89 12.70
C20 DPV EA . 4.58 -20.24 -0.13
C21 DPV EA . 5.29 -19.97 -1.48
C22 DPV EA . 6.12 -18.66 -1.46
C23 DPV EA . 6.55 -18.21 -2.88
O2P DPV EA . 7.22 -21.44 13.30
O3P DPV EA . 6.50 -21.83 10.90
O4P DPV EA . 5.71 -23.32 12.42
H1 DPV EA . 5.27 -20.46 9.94
H1A DPV EA . 4.61 -22.12 10.07
H2 DPV EA . 7.06 -21.30 8.41
H2A DPV EA . 6.38 -22.93 8.53
H3 DPV EA . 4.78 -20.57 7.48
H3A DPV EA . 4.30 -22.24 7.42
H4 DPV EA . 7.62 -24.01 11.92
H4A DPV EA . 6.37 -25.26 12.01
H5 DPV EA . 7.98 -25.40 13.94
H5A DPV EA . 7.54 -23.75 14.44
H6 DPV EA . 4.71 -26.95 15.07
H6A DPV EA . 6.23 -27.27 14.15
H6B DPV EA . 4.90 -26.31 13.41
H7 DPV EA . 5.43 -23.27 15.56
H7A DPV EA . 4.27 -24.60 15.96
H7B DPV EA . 4.39 -24.00 14.29
H8 DPV EA . 7.12 -24.68 16.70
H8A DPV EA . 7.57 -26.30 16.03
H8B DPV EA . 5.99 -26.08 16.89
H15 DPV EA . 6.16 -22.80 5.86
H15A DPV EA . 6.76 -21.12 6.00
H16 DPV EA . 4.08 -21.97 4.80
H16A DPV EA . 4.54 -20.30 5.06
H17 DPV EA . 6.54 -20.63 3.56
H17A DPV EA . 6.05 -22.30 3.29
H18 DPV EA . 3.92 -21.53 2.24
H18A DPV EA . 4.34 -19.85 2.59
H19 DPV EA . 6.38 -20.07 1.11
H19A DPV EA . 5.93 -21.73 0.73
H20 DPV EA . 3.80 -21.00 -0.29
H20A DPV EA . 4.08 -19.33 0.20
H21 DPV EA . 5.91 -20.82 -1.73
H21A DPV EA . 4.51 -19.90 -2.25
H22 DPV EA . 5.56 -17.83 -1.01
H22A DPV EA . 7.01 -18.81 -0.85
H23 DPV EA . 7.08 -19.01 -3.41
H23A DPV EA . 7.23 -17.36 -2.79
H23B DPV EA . 5.70 -17.94 -3.49
N DPV FA . -1.08 -19.66 14.01
P DPV FA . 1.98 -15.99 13.45
C1 DPV FA . 3.55 -14.27 12.28
C2 DPV FA . 5.07 -14.21 12.06
C3 DPV FA . 5.47 -14.69 10.64
C4 DPV FA . 0.33 -17.89 12.64
C5 DPV FA . 0.21 -18.77 13.93
C6 DPV FA . -1.07 -20.77 12.93
C7 DPV FA . -2.37 -18.82 13.90
C8 DPV FA . -1.09 -20.33 15.40
C15 DPV FA . 7.02 -14.63 10.46
C16 DPV FA . 7.49 -15.07 9.05
C17 DPV FA . 7.32 -13.98 7.95
C18 DPV FA . 7.85 -14.45 6.56
C19 DPV FA . 7.99 -13.25 5.59
O1P DPV FA . 0.90 -14.98 13.48
C20 DPV FA . 8.49 -13.71 4.19
C21 DPV FA . 8.69 -12.50 3.24
C22 DPV FA . 9.13 -12.93 1.80
C23 DPV FA . 7.96 -13.47 0.96
O2P DPV FA . 2.46 -16.34 14.80
O3P DPV FA . 3.15 -15.66 12.44
O4P DPV FA . 1.63 -17.28 12.57
H1 DPV FA . 3.28 -13.73 13.19
H1A DPV FA . 3.01 -13.85 11.43
H2 DPV FA . 5.39 -13.19 12.19
H2A DPV FA . 5.57 -14.81 12.81
H3 DPV FA . 4.99 -14.04 9.90
H3A DPV FA . 5.12 -15.70 10.47
H4 DPV FA . 0.18 -18.50 11.74
H4A DPV FA . -0.44 -17.11 12.63
H5 DPV FA . 1.07 -19.43 14.00
H5A DPV FA . 0.22 -18.11 14.80
H6 DPV FA . -1.12 -20.31 11.95
H6A DPV FA . -1.93 -21.42 13.11
H6B DPV FA . -0.14 -21.35 13.02
H7 DPV FA . -3.22 -19.49 14.05
H7A DPV FA . -2.43 -18.37 12.90
H7B DPV FA . -2.35 -18.05 14.67
H8 DPV FA . -0.15 -20.88 15.53
H8A DPV FA . -1.95 -21.01 15.45
H8B DPV FA . -1.20 -19.55 16.17
H15 DPV FA . 7.48 -15.28 11.19
H15A DPV FA . 7.37 -13.61 10.66
H16 DPV FA . 8.55 -15.34 9.09
H16A DPV FA . 6.95 -15.98 8.75
H17 DPV FA . 6.25 -13.71 7.85
H17A DPV FA . 7.87 -13.08 8.26
H18 DPV FA . 8.82 -14.94 6.70
H18A DPV FA . 7.17 -15.21 6.15
H19 DPV FA . 7.03 -12.74 5.47
H19A DPV FA . 8.71 -12.54 6.00
H20 DPV FA . 9.43 -14.24 4.32
H20A DPV FA . 7.80 -14.41 3.77
H21 DPV FA . 7.77 -11.92 3.18
H21A DPV FA . 9.46 -11.85 3.65
H22 DPV FA . 9.54 -12.06 1.28
H22A DPV FA . 9.93 -13.68 1.87
H23 DPV FA . 7.17 -12.71 0.88
H23A DPV FA . 7.53 -14.37 1.42
H23B DPV FA . 8.30 -13.71 -0.04
N DPV GA . 12.33 -24.91 14.89
P DPV GA . 9.96 -27.97 12.37
C1 DPV GA . 10.71 -30.16 11.17
C2 DPV GA . 12.01 -30.70 10.54
C3 DPV GA . 13.23 -30.56 11.50
C4 DPV GA . 10.84 -25.54 12.80
C5 DPV GA . 12.16 -25.77 13.59
C6 DPV GA . 13.66 -25.30 15.53
C7 DPV GA . 11.21 -25.20 15.91
C8 DPV GA . 12.36 -23.40 14.57
C15 DPV GA . 14.51 -31.21 10.89
C16 DPV GA . 15.78 -30.94 11.75
C17 DPV GA . 16.48 -29.62 11.37
C18 DPV GA . 17.73 -29.33 12.28
C19 DPV GA . 18.45 -27.99 11.89
O1P DPV GA . 10.29 -28.33 13.77
C20 DPV GA . 17.66 -26.71 12.37
C21 DPV GA . 17.95 -25.45 11.46
C22 DPV GA . 16.90 -25.25 10.33
C23 DPV GA . 17.20 -26.05 9.03
O2P DPV GA . 8.51 -28.04 12.10
O3P DPV GA . 10.85 -28.74 11.30
O4P DPV GA . 10.65 -26.62 11.86
H1 DPV GA . 9.86 -30.36 10.52
H1A DPV GA . 10.56 -30.60 12.17
H2 DPV GA . 11.85 -31.75 10.27
H2A DPV GA . 12.20 -30.16 9.60
H3 DPV GA . 12.99 -31.05 12.45
H3A DPV GA . 13.39 -29.50 11.70
H4 DPV GA . 9.98 -25.51 13.47
H4A DPV GA . 10.89 -24.59 12.24
H5 DPV GA . 12.23 -26.82 13.89
H5A DPV GA . 13.02 -25.55 12.94
H6 DPV GA . 14.46 -25.06 14.81
H6A DPV GA . 13.66 -26.36 15.76
H6B DPV GA . 13.80 -24.71 16.44
H7 DPV GA . 11.16 -26.27 16.07
H7A DPV GA . 10.27 -24.82 15.53
H7B DPV GA . 11.45 -24.69 16.85
H8 DPV GA . 13.18 -23.19 13.89
H8A DPV GA . 12.50 -22.84 15.50
H8B DPV GA . 11.40 -23.12 14.12
H15 DPV GA . 14.67 -30.86 9.87
H15A DPV GA . 14.35 -32.29 10.84
H16 DPV GA . 15.52 -30.94 12.82
H16A DPV GA . 16.50 -31.77 11.62
H17 DPV GA . 16.81 -29.65 10.32
H17A DPV GA . 15.76 -28.79 11.46
H18 DPV GA . 17.42 -29.28 13.33
H18A DPV GA . 18.44 -30.15 12.18
H19 DPV GA . 19.44 -27.98 12.36
H19A DPV GA . 18.61 -27.96 10.82
H20 DPV GA . 16.59 -26.91 12.38
H20A DPV GA . 17.96 -26.49 13.38
H21 DPV GA . 17.91 -24.59 12.11
H21A DPV GA . 18.97 -25.49 11.06
H22 DPV GA . 15.89 -25.51 10.68
H22A DPV GA . 16.88 -24.19 10.06
H23 DPV GA . 17.08 -27.14 9.20
H23A DPV GA . 18.22 -25.86 8.68
H23B DPV GA . 16.51 -25.77 8.23
N DPV HA . 28.04 -28.37 0.32
P DPV HA . 24.75 -28.75 4.35
C1 DPV HA . 26.24 -28.81 6.52
C2 DPV HA . 25.55 -29.26 7.80
C3 DPV HA . 25.19 -28.08 8.75
C4 DPV HA . 26.12 -28.30 2.15
C5 DPV HA . 27.65 -28.31 1.83
C6 DPV HA . 29.57 -28.44 0.24
C7 DPV HA . 27.58 -27.12 -0.44
C8 DPV HA . 27.46 -29.64 -0.36
C15 DPV HA . 24.33 -28.56 9.96
C16 DPV HA . 23.92 -27.38 10.91
C17 DPV HA . 22.38 -27.05 10.91
C18 DPV HA . 21.96 -25.95 9.87
C19 DPV HA . 21.61 -26.55 8.48
O1P DPV HA . 23.42 -28.24 3.93
C20 DPV HA . 21.40 -25.41 7.46
C21 DPV HA . 21.26 -25.94 6.01
C22 DPV HA . 21.19 -24.76 4.99
C23 DPV HA . 21.19 -25.27 3.54
O2P DPV HA . 24.79 -30.24 4.36
O3P DPV HA . 25.28 -28.07 5.71
O4P DPV HA . 25.96 -28.08 3.56
H1 DPV HA . 27.09 -28.16 6.77
H1A DPV HA . 26.63 -29.66 5.95
H2 DPV HA . 24.64 -29.82 7.55
H2A DPV HA . 26.21 -29.95 8.32
H3 DPV HA . 24.65 -27.31 8.19
H3A DPV HA . 26.13 -27.63 9.09
H4 DPV HA . 25.58 -27.52 1.60
H4A DPV HA . 25.67 -29.27 1.90
H5 DPV HA . 28.11 -27.40 2.25
H5A DPV HA . 28.11 -29.17 2.32
H6 DPV HA . 29.92 -29.32 0.78
H6A DPV HA . 29.97 -27.53 0.70
H6B DPV HA . 29.87 -28.49 -0.81
H7 DPV HA . 26.50 -27.05 -0.41
H7A DPV HA . 27.93 -27.17 -1.48
H7B DPV HA . 28.01 -26.23 0.05
H8 DPV HA . 26.37 -29.60 -0.31
H8A DPV HA . 27.84 -30.52 0.14
H8B DPV HA . 27.77 -29.64 -1.41
H15 DPV HA . 24.91 -29.28 10.54
H15A DPV HA . 23.44 -29.08 9.60
H16 DPV HA . 24.22 -27.63 11.93
H16A DPV HA . 24.48 -26.47 10.68
H17 DPV HA . 21.80 -27.97 10.77
H17A DPV HA . 22.13 -26.69 11.91
H18 DPV HA . 21.09 -25.42 10.24
H18A DPV HA . 22.77 -25.23 9.77
H19 DPV HA . 22.40 -27.20 8.13
H19A DPV HA . 20.70 -27.15 8.56
H20 DPV HA . 20.50 -24.85 7.74
H20A DPV HA . 22.24 -24.72 7.50
H21 DPV HA . 22.09 -26.61 5.79
H21A DPV HA . 20.33 -26.54 5.94
H22 DPV HA . 20.28 -24.17 5.16
H22A DPV HA . 22.05 -24.11 5.14
H23 DPV HA . 21.15 -24.43 2.83
H23A DPV HA . 20.33 -25.90 3.34
H23B DPV HA . 22.11 -25.84 3.33
N DPV IA . 25.29 -19.90 13.71
P DPV IA . 25.24 -21.16 9.18
C1 DPV IA . 25.33 -21.34 6.56
C2 DPV IA . 24.13 -21.11 5.63
C3 DPV IA . 24.31 -21.85 4.26
C4 DPV IA . 24.52 -19.56 11.17
C5 DPV IA . 25.67 -19.93 12.18
C6 DPV IA . 26.55 -20.26 14.49
C7 DPV IA . 24.21 -20.94 14.06
C8 DPV IA . 24.81 -18.50 14.16
C15 DPV IA . 23.10 -21.62 3.31
C16 DPV IA . 23.31 -22.28 1.93
C17 DPV IA . 22.08 -22.07 1.00
C18 DPV IA . 22.21 -22.89 -0.31
C19 DPV IA . 21.06 -22.65 -1.34
O1P DPV IA . 26.57 -21.73 9.50
C20 DPV IA . 21.27 -21.37 -2.18
C21 DPV IA . 20.31 -21.29 -3.40
C22 DPV IA . 20.62 -20.07 -4.29
C23 DPV IA . 19.64 -19.99 -5.50
O2P DPV IA . 24.13 -22.11 9.43
O3P DPV IA . 25.18 -20.48 7.72
O4P DPV IA . 24.99 -19.70 9.81
H1 DPV IA . 25.38 -22.40 6.87
H1A DPV IA . 26.26 -21.08 6.05
H2 DPV IA . 23.23 -21.47 6.11
H2A DPV IA . 24.01 -20.04 5.45
H3 DPV IA . 24.43 -22.91 4.42
H3A DPV IA . 25.21 -21.50 3.75
H4 DPV IA . 23.65 -20.21 11.32
H4A DPV IA . 24.22 -18.52 11.35
H5 DPV IA . 25.99 -20.95 11.97
H5A DPV IA . 26.52 -19.26 12.01
H6 DPV IA . 27.33 -19.54 14.23
H6A DPV IA . 26.86 -21.26 14.18
H6B DPV IA . 26.33 -20.24 15.56
H7 DPV IA . 23.29 -20.72 13.52
H7A DPV IA . 24.02 -20.91 15.14
H7B DPV IA . 24.58 -21.94 13.78
H8 DPV IA . 25.61 -17.78 13.96
H8A DPV IA . 24.58 -18.54 15.24
H8B DPV IA . 23.91 -18.24 13.59
H15 DPV IA . 22.90 -20.55 3.18
H15A DPV IA . 22.20 -22.05 3.77
H16 DPV IA . 24.20 -21.87 1.44
H16A DPV IA . 23.48 -23.36 2.07
H17 DPV IA . 21.16 -22.36 1.52
H17A DPV IA . 21.99 -21.01 0.75
H18 DPV IA . 23.16 -22.68 -0.79
H18A DPV IA . 22.22 -23.96 -0.05
H19 DPV IA . 21.03 -23.52 -2.01
H19A DPV IA . 20.08 -22.61 -0.83
H20 DPV IA . 21.13 -20.48 -1.55
H20A DPV IA . 22.30 -21.34 -2.54
H21 DPV IA . 20.42 -22.20 -4.01
H21A DPV IA . 19.27 -21.24 -3.04
H22 DPV IA . 20.55 -19.15 -3.71
H22A DPV IA . 21.65 -20.15 -4.67
H23 DPV IA . 18.62 -19.84 -5.16
H23A DPV IA . 19.70 -20.91 -6.10
H23B DPV IA . 19.92 -19.15 -6.14
N DPV JA . 34.76 -15.67 -1.77
P DPV JA . 32.51 -19.12 -4.37
C1 DPV JA . 29.97 -19.45 -5.08
C2 DPV JA . 29.42 -20.40 -3.96
C3 DPV JA . 29.11 -19.68 -2.62
C4 DPV JA . 33.19 -16.63 -3.70
C5 DPV JA . 34.49 -16.80 -2.84
C6 DPV JA . 33.60 -15.53 -0.77
C7 DPV JA . 35.04 -14.30 -2.44
C8 DPV JA . 36.01 -16.03 -0.97
C15 DPV JA . 27.86 -18.74 -2.64
C16 DPV JA . 26.54 -19.47 -2.31
C17 DPV JA . 25.44 -18.47 -1.90
C18 DPV JA . 24.15 -19.20 -1.42
C19 DPV JA . 23.29 -18.38 -0.40
O1P DPV JA . 32.91 -20.15 -5.35
C20 DPV JA . 23.95 -18.29 1.02
C21 DPV JA . 23.04 -17.63 2.07
C22 DPV JA . 23.78 -17.53 3.45
C23 DPV JA . 22.86 -16.95 4.52
O2P DPV JA . 32.76 -19.57 -2.98
O3P DPV JA . 31.01 -18.54 -4.59
O4P DPV JA . 33.12 -17.67 -4.71
H1 DPV JA . 30.38 -20.06 -5.88
H1A DPV JA . 29.15 -18.86 -5.48
H2 DPV JA . 28.52 -20.89 -4.33
H2A DPV JA . 30.15 -21.19 -3.78
H3 DPV JA . 30.00 -19.11 -2.31
H3A DPV JA . 28.99 -20.45 -1.84
H4 DPV JA . 32.31 -16.68 -3.07
H4A DPV JA . 33.21 -15.66 -4.21
H5 DPV JA . 34.43 -17.74 -2.28
H5A DPV JA . 35.37 -16.85 -3.49
H6 DPV JA . 33.37 -16.53 -0.37
H6A DPV JA . 32.73 -15.14 -1.30
H6B DPV JA . 33.88 -14.85 0.04
H7 DPV JA . 34.15 -13.99 -3.00
H7A DPV JA . 35.90 -14.40 -3.10
H7B DPV JA . 35.25 -13.56 -1.67
H8 DPV JA . 36.21 -15.26 -0.23
H8A DPV JA . 36.86 -16.10 -1.66
H8B DPV JA . 35.85 -16.99 -0.46
H15 DPV JA . 27.76 -18.24 -3.61
H15A DPV JA . 28.01 -17.96 -1.89
H16 DPV JA . 26.23 -20.05 -3.17
H16A DPV JA . 26.71 -20.16 -1.48
H17 DPV JA . 25.82 -17.84 -1.09
H17A DPV JA . 25.21 -17.82 -2.74
H18 DPV JA . 23.54 -19.41 -2.31
H18A DPV JA . 24.40 -20.18 -0.98
H19 DPV JA . 23.13 -17.37 -0.80
H19A DPV JA . 22.30 -18.86 -0.31
H20 DPV JA . 24.22 -19.31 1.35
H20A DPV JA . 24.90 -17.74 0.94
H21 DPV JA . 22.78 -16.62 1.72
H21A DPV JA . 22.13 -18.21 2.17
H22 DPV JA . 24.13 -18.52 3.76
H22A DPV JA . 24.67 -16.90 3.36
H23 DPV JA . 21.94 -17.52 4.62
H23A DPV JA . 22.59 -15.92 4.29
H23B DPV JA . 23.37 -16.96 5.49
N DPV KA . 31.99 -18.69 -9.23
P DPV KA . 29.79 -22.23 -11.11
C1 DPV KA . 27.20 -22.81 -11.07
C2 DPV KA . 27.05 -23.39 -12.50
C3 DPV KA . 26.44 -22.36 -13.49
C4 DPV KA . 31.45 -21.30 -9.33
C5 DPV KA . 31.63 -20.01 -8.45
C6 DPV KA . 30.98 -18.38 -10.36
C7 DPV KA . 33.38 -18.78 -9.82
C8 DPV KA . 31.99 -17.54 -8.22
C15 DPV KA . 26.49 -22.92 -14.93
C16 DPV KA . 25.84 -21.94 -15.95
C17 DPV KA . 26.04 -22.43 -17.42
C18 DPV KA . 25.13 -21.71 -18.46
C19 DPV KA . 25.75 -20.42 -19.11
O1P DPV KA . 30.46 -21.74 -12.34
C20 DPV KA . 25.68 -19.10 -18.25
C21 DPV KA . 24.23 -18.63 -17.97
C22 DPV KA . 24.20 -17.29 -17.18
C23 DPV KA . 22.76 -16.97 -16.68
O2P DPV KA . 30.02 -23.68 -10.89
O3P DPV KA . 28.25 -21.78 -11.01
O4P DPV KA . 30.10 -21.34 -9.83
H1 DPV KA . 26.26 -22.37 -10.73
H1A DPV KA . 27.46 -23.61 -10.37
H2 DPV KA . 28.03 -23.71 -12.87
H2A DPV KA . 26.42 -24.27 -12.46
H3 DPV KA . 27.01 -21.42 -13.44
H3A DPV KA . 25.40 -22.14 -13.20
H4 DPV KA . 32.16 -21.29 -10.17
H4A DPV KA . 31.63 -22.19 -8.72
H5 DPV KA . 30.69 -19.82 -7.92
H5A DPV KA . 32.42 -20.18 -7.72
H6 DPV KA . 29.96 -18.40 -9.96
H6A DPV KA . 31.10 -19.14 -11.15
H6B DPV KA . 31.19 -17.40 -10.78
H7 DPV KA . 34.09 -18.96 -9.02
H7A DPV KA . 33.63 -17.85 -10.34
H7B DPV KA . 33.42 -19.61 -10.54
H8 DPV KA . 32.69 -17.78 -7.41
H8A DPV KA . 30.97 -17.44 -7.84
H8B DPV KA . 32.30 -16.63 -8.73
H15 DPV KA . 25.97 -23.87 -14.96
H15A DPV KA . 27.53 -23.10 -15.22
H16 DPV KA . 24.76 -21.90 -15.74
H16A DPV KA . 26.24 -20.94 -15.84
H17 DPV KA . 27.09 -22.32 -17.69
H17A DPV KA . 25.82 -23.50 -17.46
H18 DPV KA . 24.96 -22.44 -19.25
H18A DPV KA . 24.14 -21.52 -18.04
H19 DPV KA . 26.79 -20.61 -19.37
H19A DPV KA . 25.22 -20.21 -20.04
H20 DPV KA . 26.20 -19.26 -17.30
H20A DPV KA . 26.22 -18.32 -18.78
H21 DPV KA . 23.69 -18.52 -18.90
H21A DPV KA . 23.71 -19.38 -17.37
H22 DPV KA . 24.85 -17.35 -16.31
H22A DPV KA . 24.55 -16.49 -17.82
H23 DPV KA . 22.06 -16.97 -17.51
H23A DPV KA . 22.73 -15.99 -16.21
H23B DPV KA . 22.43 -17.69 -15.93
N DPV LA . 11.18 -13.53 -24.01
P DPV LA . 14.49 -17.06 -24.57
C1 DPV LA . 15.03 -17.92 -22.15
C2 DPV LA . 15.48 -17.34 -20.80
C3 DPV LA . 15.63 -18.43 -19.69
C4 DPV LA . 13.24 -14.75 -25.16
C5 DPV LA . 12.39 -14.51 -23.88
C6 DPV LA . 10.36 -13.61 -22.71
C7 DPV LA . 10.23 -13.89 -25.17
C8 DPV LA . 11.66 -12.08 -24.17
C15 DPV LA . 16.19 -17.85 -18.36
C16 DPV LA . 15.14 -17.05 -17.54
C17 DPV LA . 15.73 -16.59 -16.18
C18 DPV LA . 14.60 -15.99 -15.29
C19 DPV LA . 15.09 -15.65 -13.87
O1P DPV LA . 13.25 -17.74 -24.96
C20 DPV LA . 13.94 -15.06 -13.00
C21 DPV LA . 14.26 -15.11 -11.49
C22 DPV LA . 13.05 -14.65 -10.62
C23 DPV LA . 12.96 -15.39 -9.28
O2P DPV LA . 15.69 -17.69 -25.14
O3P DPV LA . 14.60 -16.82 -22.99
O4P DPV LA . 14.47 -15.47 -24.81
H1 DPV LA . 15.86 -18.45 -22.62
H1A DPV LA . 14.19 -18.61 -22.01
H2 DPV LA . 16.43 -16.83 -20.94
H2A DPV LA . 14.75 -16.59 -20.49
H3 DPV LA . 16.32 -19.20 -20.06
H3A DPV LA . 14.66 -18.91 -19.52
H4 DPV LA . 12.68 -15.34 -25.89
H4A DPV LA . 13.53 -13.78 -25.60
H5 DPV LA . 11.96 -15.48 -23.58
H5A DPV LA . 13.02 -14.15 -23.06
H6 DPV LA . 11.01 -13.34 -21.87
H6A DPV LA . 10.00 -14.64 -22.57
H6B DPV LA . 9.50 -12.92 -22.76
H7 DPV LA . 10.75 -13.76 -26.12
H7A DPV LA . 9.36 -13.22 -25.16
H7B DPV LA . 9.90 -14.93 -25.04
H8 DPV LA . 12.20 -11.99 -25.11
H8A DPV LA . 12.32 -11.83 -23.33
H8B DPV LA . 10.79 -11.42 -24.17
H15 DPV LA . 17.04 -17.20 -18.58
H15A DPV LA . 16.56 -18.69 -17.76
H16 DPV LA . 14.81 -16.18 -18.12
H16A DPV LA . 14.27 -17.69 -17.38
H17 DPV LA . 16.19 -17.44 -15.67
H17A DPV LA . 16.49 -15.84 -16.35
H18 DPV LA . 14.19 -15.09 -15.75
H18A DPV LA . 13.78 -16.70 -15.21
H19 DPV LA . 15.46 -16.57 -13.38
H19A DPV LA . 15.92 -14.94 -13.90
H20 DPV LA . 13.75 -14.03 -13.29
H20A DPV LA . 13.02 -15.64 -13.18
H21 DPV LA . 14.53 -16.14 -11.21
H21A DPV LA . 15.14 -14.48 -11.27
H22 DPV LA . 13.11 -13.57 -10.45
H22A DPV LA . 12.12 -14.82 -11.17
H23 DPV LA . 12.83 -16.45 -9.45
H23A DPV LA . 12.11 -15.05 -8.70
H23B DPV LA . 13.86 -15.22 -8.69
N DPV MA . 1.81 -25.53 -21.01
P DPV MA . 4.51 -21.05 -20.66
C1 DPV MA . 6.07 -20.86 -18.57
C2 DPV MA . 6.06 -21.09 -17.04
C3 DPV MA . 7.36 -20.52 -16.38
C4 DPV MA . 3.30 -23.36 -20.91
C5 DPV MA . 1.90 -24.00 -20.71
C6 DPV MA . 0.39 -25.98 -20.69
C7 DPV MA . 2.76 -26.34 -20.11
C8 DPV MA . 2.10 -25.86 -22.49
C15 DPV MA . 7.36 -20.66 -14.82
C16 DPV MA . 6.82 -19.40 -14.08
C17 DPV MA . 6.87 -19.59 -12.53
C18 DPV MA . 6.76 -18.23 -11.78
C19 DPV MA . 7.09 -18.41 -10.27
O1P DPV MA . 5.53 -21.54 -21.61
C20 DPV MA . 6.95 -17.08 -9.49
C21 DPV MA . 7.47 -17.23 -8.03
C22 DPV MA . 7.42 -15.89 -7.27
C23 DPV MA . 8.13 -15.97 -5.89
O2P DPV MA . 4.18 -19.63 -20.88
O3P DPV MA . 4.84 -21.40 -19.15
O4P DPV MA . 3.20 -21.97 -20.60
H1 DPV MA . 6.13 -19.79 -18.78
H1A DPV MA . 6.93 -21.36 -19.03
H2 DPV MA . 5.18 -20.60 -16.62
H2A DPV MA . 5.98 -22.16 -16.84
H3 DPV MA . 7.50 -19.47 -16.65
H3A DPV MA . 8.23 -21.07 -16.75
H4 DPV MA . 4.02 -23.82 -20.22
H4A DPV MA . 3.62 -23.46 -21.95
H5 DPV MA . 1.57 -23.86 -19.69
H5A DPV MA . 1.18 -23.52 -21.37
H6 DPV MA . -0.31 -25.46 -21.35
H6A DPV MA . 0.17 -25.74 -19.64
H6B DPV MA . 0.32 -27.07 -20.84
H7 DPV MA . 3.80 -26.09 -20.40
H7A DPV MA . 2.57 -27.40 -20.27
H7B DPV MA . 2.56 -26.07 -19.06
H8 DPV MA . 3.15 -25.62 -22.72
H8A DPV MA . 1.43 -25.26 -23.13
H8B DPV MA . 1.93 -26.93 -22.66
H15 DPV MA . 8.40 -20.82 -14.52
H15A DPV MA . 6.80 -21.55 -14.51
H16 DPV MA . 7.43 -18.53 -14.36
H16A DPV MA . 5.79 -19.19 -14.39
H17 DPV MA . 6.08 -20.28 -12.20
H17A DPV MA . 7.82 -20.05 -12.26
H18 DPV MA . 7.47 -17.52 -12.23
H18A DPV MA . 5.76 -17.82 -11.92
H19 DPV MA . 6.42 -19.17 -9.84
H19A DPV MA . 8.11 -18.78 -10.17
H20 DPV MA . 7.53 -16.30 -9.99
H20A DPV MA . 5.90 -16.76 -9.49
H21 DPV MA . 6.88 -17.97 -7.50
H21A DPV MA . 8.50 -17.58 -8.09
H22 DPV MA . 7.88 -15.10 -7.87
H22A DPV MA . 6.38 -15.59 -7.11
H23 DPV MA . 8.05 -15.03 -5.37
H23A DPV MA . 9.19 -16.19 -6.04
H23B DPV MA . 7.69 -16.75 -5.28
N DPV NA . 9.66 -23.45 -25.27
P DPV NA . 12.36 -25.95 -22.66
C1 DPV NA . 14.57 -27.08 -23.47
C2 DPV NA . 15.62 -26.95 -24.60
C3 DPV NA . 16.88 -27.86 -24.42
C4 DPV NA . 10.79 -23.83 -22.89
C5 DPV NA . 9.67 -24.24 -23.91
C6 DPV NA . 10.96 -23.67 -26.06
C7 DPV NA . 9.41 -21.95 -25.06
C8 DPV NA . 8.51 -24.01 -26.10
C15 DPV NA . 17.78 -27.55 -23.17
C16 DPV NA . 18.80 -26.38 -23.36
C17 DPV NA . 18.23 -24.94 -23.08
C18 DPV NA . 17.90 -24.69 -21.57
C19 DPV NA . 17.27 -23.28 -21.33
O1P DPV NA . 12.72 -25.95 -21.23
C20 DPV NA . 15.73 -23.26 -21.56
C21 DPV NA . 15.13 -21.88 -21.14
C22 DPV NA . 13.57 -21.87 -21.15
C23 DPV NA . 12.96 -22.51 -19.86
O2P DPV NA . 11.33 -26.97 -22.97
O3P DPV NA . 13.61 -26.01 -23.64
O4P DPV NA . 12.03 -24.50 -23.23
H1 DPV NA . 14.05 -28.03 -23.54
H1A DPV NA . 15.04 -26.96 -22.49
H2 DPV NA . 15.14 -27.20 -25.55
H2A DPV NA . 15.93 -25.90 -24.69
H3 DPV NA . 17.50 -27.79 -25.33
H3A DPV NA . 16.56 -28.90 -24.38
H4 DPV NA . 10.94 -22.76 -22.89
H4A DPV NA . 10.50 -24.14 -21.89
H5 DPV NA . 9.75 -25.30 -24.15
H5A DPV NA . 8.69 -24.05 -23.45
H6 DPV NA . 11.13 -24.74 -26.17
H6A DPV NA . 11.79 -23.23 -25.50
H6B DPV NA . 10.87 -23.19 -27.04
H7 DPV NA . 9.39 -21.45 -26.04
H7A DPV NA . 10.22 -21.54 -24.46
H7B DPV NA . 8.46 -21.80 -24.54
H8 DPV NA . 7.57 -23.87 -25.57
H8A DPV NA . 8.67 -25.09 -26.27
H8B DPV NA . 8.48 -23.50 -27.06
H15 DPV NA . 18.37 -28.45 -22.97
H15A DPV NA . 17.17 -27.41 -22.28
H16 DPV NA . 19.65 -26.55 -22.70
H16A DPV NA . 19.21 -26.41 -24.37
H17 DPV NA . 18.98 -24.21 -23.40
H17A DPV NA . 17.34 -24.76 -23.68
H18 DPV NA . 17.23 -25.45 -21.18
H18A DPV NA . 18.82 -24.73 -21.00
H19 DPV NA . 17.46 -23.01 -20.29
H19A DPV NA . 17.75 -22.52 -21.95
H20 DPV NA . 15.50 -23.45 -22.61
H20A DPV NA . 15.27 -24.06 -20.97
H21 DPV NA . 15.49 -21.58 -20.15
H21A DPV NA . 15.48 -21.12 -21.85
H22 DPV NA . 13.23 -20.83 -21.21
H22A DPV NA . 13.21 -22.40 -22.02
H23 DPV NA . 13.34 -23.52 -19.72
H23A DPV NA . 11.89 -22.54 -19.96
H23B DPV NA . 13.20 -21.90 -18.98
N DPV OA . -1.94 -32.47 -11.04
P DPV OA . -4.22 -28.43 -11.52
C1 DPV OA . -2.37 -27.41 -9.96
C2 DPV OA . -1.55 -27.78 -8.72
C3 DPV OA . -0.48 -26.69 -8.42
C4 DPV OA . -3.83 -30.94 -12.09
C5 DPV OA . -2.68 -31.97 -12.33
C6 DPV OA . -0.87 -33.46 -11.50
C7 DPV OA . -2.88 -33.22 -10.08
C8 DPV OA . -1.24 -31.32 -10.30
C15 DPV OA . 0.68 -27.26 -7.57
C16 DPV OA . 1.75 -26.16 -7.26
C17 DPV OA . 3.02 -26.77 -6.56
C18 DPV OA . 4.13 -25.70 -6.41
C19 DPV OA . 5.48 -26.33 -5.95
O1P DPV OA . -4.08 -27.18 -12.31
C20 DPV OA . 6.60 -25.27 -5.96
C21 DPV OA . 7.98 -25.89 -5.60
C22 DPV OA . 9.11 -24.83 -5.74
C23 DPV OA . 10.50 -25.42 -5.42
O2P DPV OA . -5.64 -28.81 -11.36
O3P DPV OA . -3.40 -28.41 -10.15
O4P DPV OA . -3.29 -29.59 -12.05
H1 DPV OA . -2.84 -26.45 -9.84
H1A DPV OA . -1.73 -27.40 -10.86
H2 DPV OA . -2.20 -27.89 -7.86
H2A DPV OA . -1.05 -28.74 -8.89
H3 DPV OA . -0.95 -25.86 -7.90
H3A DPV OA . -0.07 -26.31 -9.36
H4 DPV OA . -4.55 -30.99 -12.91
H4A DPV OA . -4.36 -31.15 -11.16
H5 DPV OA . -3.08 -32.87 -12.80
H5A DPV OA . -1.93 -31.54 -12.99
H6 DPV OA . -0.21 -32.96 -12.21
H6A DPV OA . -1.35 -34.31 -11.98
H6B DPV OA . -0.30 -33.80 -10.63
H7 DPV OA . -3.59 -32.50 -9.65
H7A DPV OA . -2.29 -33.65 -9.26
H7B DPV OA . -3.42 -34.00 -10.63
H8 DPV OA . -2.00 -30.63 -9.92
H8A DPV OA . -0.60 -30.80 -11.01
H8B DPV OA . -0.65 -31.71 -9.47
H15 DPV OA . 1.16 -28.09 -8.10
H15A DPV OA . 0.28 -27.68 -6.63
H16 DPV OA . 2.03 -25.67 -8.19
H16A DPV OA . 1.30 -25.41 -6.58
H17 DPV OA . 2.76 -27.19 -5.58
H17A DPV OA . 3.40 -27.59 -7.19
H18 DPV OA . 4.29 -25.17 -7.35
H18A DPV OA . 3.81 -24.96 -5.67
H19 DPV OA . 5.37 -26.76 -4.96
H19A DPV OA . 5.76 -27.14 -6.63
H20 DPV OA . 6.65 -24.83 -6.95
H20A DPV OA . 6.35 -24.47 -5.26
H21 DPV OA . 7.98 -26.27 -4.57
H21A DPV OA . 8.19 -26.73 -6.27
H22 DPV OA . 9.12 -24.44 -6.75
H22A DPV OA . 8.90 -23.99 -5.07
H23 DPV OA . 10.57 -25.70 -4.36
H23A DPV OA . 11.29 -24.68 -5.62
H23B DPV OA . 10.70 -26.30 -6.04
N DPV PA . 1.72 -32.98 -4.24
P DPV PA . -2.10 -32.44 -2.30
C1 DPV PA . -4.29 -31.08 -2.08
C2 DPV PA . -4.84 -29.72 -2.52
C3 DPV PA . -4.53 -29.42 -4.00
C4 DPV PA . -0.35 -31.33 -3.94
C5 DPV PA . 1.21 -31.49 -4.07
C6 DPV PA . 1.39 -33.85 -3.00
C7 DPV PA . 3.23 -32.91 -4.39
C8 DPV PA . 1.13 -33.65 -5.49
C15 DPV PA . -5.24 -28.13 -4.49
C16 DPV PA . -4.93 -27.83 -5.98
C17 DPV PA . -5.79 -26.65 -6.51
C18 DPV PA . -5.30 -26.19 -7.90
C19 DPV PA . -6.10 -24.96 -8.39
O1P DPV PA . -2.58 -33.26 -3.47
C20 DPV PA . -5.56 -24.41 -9.76
C21 DPV PA . -4.31 -23.49 -9.62
C22 DPV PA . -3.82 -22.93 -10.97
C23 DPV PA . -2.62 -21.96 -10.84
O2P DPV PA . -2.08 -33.23 -1.05
O3P DPV PA . -2.84 -31.06 -2.17
O4P DPV PA . -0.73 -31.68 -2.58
H1 DPV PA . -4.59 -31.29 -1.05
H1A DPV PA . -4.68 -31.86 -2.74
H2 DPV PA . -5.92 -29.70 -2.34
H2A DPV PA . -4.39 -28.94 -1.90
H3 DPV PA . -4.86 -30.24 -4.64
H3A DPV PA . -3.46 -29.32 -4.14
H4 DPV PA . -0.62 -30.30 -4.12
H4A DPV PA . -0.87 -31.97 -4.64
H5 DPV PA . 1.55 -30.93 -4.94
H5A DPV PA . 1.70 -31.06 -3.19
H6 DPV PA . 0.31 -33.98 -2.93
H6A DPV PA . 1.77 -33.36 -2.10
H6B DPV PA . 1.87 -34.83 -3.11
H7 DPV PA . 3.45 -32.27 -5.24
H7A DPV PA . 3.64 -33.91 -4.55
H7B DPV PA . 3.65 -32.46 -3.48
H8 DPV PA . 1.57 -34.64 -5.59
H8A DPV PA . 1.37 -33.05 -6.37
H8B DPV PA . 0.04 -33.72 -5.37
H15 DPV PA . -4.91 -27.29 -3.88
H15A DPV PA . -6.30 -28.23 -4.35
H16 DPV PA . -3.87 -27.62 -6.10
H16A DPV PA . -5.17 -28.71 -6.57
H17 DPV PA . -6.82 -26.96 -6.54
H17A DPV PA . -5.73 -25.81 -5.80
H18 DPV PA . -4.24 -25.95 -7.87
H18A DPV PA . -5.44 -27.02 -8.61
H19 DPV PA . -7.15 -25.22 -8.51
H19A DPV PA . -6.06 -24.16 -7.64
H20 DPV PA . -5.33 -25.24 -10.42
H20A DPV PA . -6.37 -23.85 -10.24
H21 DPV PA . -4.57 -22.65 -8.96
H21A DPV PA . -3.49 -24.04 -9.13
H22 DPV PA . -3.53 -23.76 -11.62
H22A DPV PA . -4.64 -22.42 -11.47
H23 DPV PA . -2.36 -21.59 -11.83
H23A DPV PA . -1.78 -22.47 -10.39
H23B DPV PA . -2.88 -21.11 -10.20
N DPV QA . -10.41 -21.70 -8.29
P DPV QA . -8.22 -16.93 -7.89
C1 DPV QA . -5.86 -15.98 -7.24
C2 DPV QA . -4.43 -15.98 -7.82
C3 DPV QA . -3.50 -14.99 -7.07
C4 DPV QA . -9.48 -19.23 -8.01
C5 DPV QA . -9.19 -20.76 -7.96
C6 DPV QA . -11.61 -21.46 -7.36
C7 DPV QA . -9.95 -23.15 -8.14
C8 DPV QA . -10.87 -21.51 -9.76
C15 DPV QA . -2.10 -14.88 -7.77
C16 DPV QA . -1.04 -14.23 -6.84
C17 DPV QA . 0.29 -13.90 -7.60
C18 DPV QA . 1.35 -13.32 -6.63
C19 DPV QA . 2.71 -13.05 -7.36
O1P DPV QA . -8.81 -16.45 -9.15
C20 DPV QA . 3.80 -12.57 -6.35
C21 DPV QA . 5.22 -12.46 -7.00
C22 DPV QA . 6.30 -12.08 -5.94
C23 DPV QA . 7.75 -12.10 -6.49
O2P DPV QA . -8.76 -16.24 -6.72
O3P DPV QA . -6.62 -17.02 -7.93
O4P DPV QA . -8.24 -18.52 -7.75
H1 DPV QA . -5.85 -16.18 -6.17
H1A DPV QA . -6.33 -15.02 -7.42
H2 DPV QA . -4.01 -16.98 -7.72
H2A DPV QA . -4.47 -15.73 -8.86
H3 DPV QA . -3.38 -15.34 -6.04
H3A DPV QA . -3.96 -14.00 -7.03
H4 DPV QA . -9.83 -18.95 -9.01
H4A DPV QA . -10.20 -18.94 -7.25
H5 DPV QA . -8.40 -21.02 -8.67
H5A DPV QA . -8.84 -21.03 -6.96
H6 DPV QA . -11.30 -21.65 -6.33
H6A DPV QA . -12.41 -22.15 -7.66
H6B DPV QA . -11.97 -20.43 -7.48
H7 DPV QA . -10.77 -23.81 -8.42
H7A DPV QA . -9.68 -23.32 -7.11
H7B DPV QA . -9.09 -23.31 -8.77
H8 DPV QA . -11.68 -22.22 -9.98
H8A DPV QA . -10.02 -21.69 -10.43
H8B DPV QA . -11.23 -20.49 -9.90
H15 DPV QA . -2.20 -14.28 -8.67
H15A DPV QA . -1.75 -15.87 -8.06
H16 DPV QA . -1.44 -13.32 -6.39
H16A DPV QA . -0.83 -14.93 -6.02
H17 DPV QA . 0.67 -14.83 -8.05
H17A DPV QA . 0.09 -13.19 -8.41
H18 DPV QA . 0.99 -12.37 -6.21
H18A DPV QA . 1.52 -14.00 -5.80
H19 DPV QA . 3.06 -13.95 -7.86
H19A DPV QA . 2.58 -12.28 -8.13
H20 DPV QA . 3.52 -11.59 -5.96
H20A DPV QA . 3.84 -13.26 -5.51
H21 DPV QA . 5.49 -13.41 -7.48
H21A DPV QA . 5.20 -11.71 -7.80
H22 DPV QA . 6.09 -11.08 -5.56
H22A DPV QA . 6.25 -12.78 -5.11
H23 DPV QA . 8.45 -11.84 -5.70
H23A DPV QA . 7.86 -11.37 -7.29
H23B DPV QA . 8.00 -13.09 -6.88
N DPV RA . -5.08 -8.60 11.32
P DPV RA . -4.64 -4.74 7.76
C1 DPV RA . -5.82 -4.55 5.43
C2 DPV RA . -5.66 -5.07 3.99
C3 DPV RA . -6.24 -6.50 3.79
C4 DPV RA . -4.89 -6.51 9.69
C5 DPV RA . -4.99 -8.07 9.85
C6 DPV RA . -3.84 -8.18 12.16
C7 DPV RA . -5.11 -10.13 11.26
C8 DPV RA . -6.37 -8.14 12.03
C15 DPV RA . -5.63 -7.15 2.52
C16 DPV RA . -6.45 -8.36 1.96
C17 DPV RA . -7.74 -7.96 1.13
C18 DPV RA . -7.47 -7.08 -0.16
C19 DPV RA . -6.67 -7.83 -1.27
O1P DPV RA . -5.64 -3.75 8.24
C20 DPV RA . -6.31 -6.90 -2.45
C21 DPV RA . -5.55 -7.67 -3.57
C22 DPV RA . -5.44 -6.82 -4.84
C23 DPV RA . -4.56 -7.48 -5.91
O2P DPV RA . -3.25 -4.26 7.94
O3P DPV RA . -4.93 -5.29 6.29
O4P DPV RA . -4.89 -6.22 8.28
H1 DPV RA . -5.56 -3.50 5.47
H1A DPV RA . -6.85 -4.65 5.78
H2 DPV RA . -6.16 -4.37 3.30
H2A DPV RA . -4.60 -5.06 3.73
H3 DPV RA . -7.35 -6.42 3.69
H3A DPV RA . -6.04 -7.12 4.66
H4 DPV RA . -5.75 -5.99 10.14
H4A DPV RA . -3.96 -6.13 10.11
H5 DPV RA . -5.88 -8.43 9.33
H5A DPV RA . -4.12 -8.53 9.38
H6 DPV RA . -2.94 -8.53 11.66
H6A DPV RA . -3.93 -8.65 13.15
H6B DPV RA . -3.84 -7.10 12.29
H7 DPV RA . -4.19 -10.48 10.79
H7A DPV RA . -5.98 -10.44 10.69
H7B DPV RA . -5.18 -10.52 12.28
H8 DPV RA . -7.22 -8.50 11.46
H8A DPV RA . -6.38 -7.05 12.08
H8B DPV RA . -6.38 -8.55 13.04
H15 DPV RA . -4.62 -7.48 2.76
H15A DPV RA . -5.51 -6.39 1.73
H16 DPV RA . -5.80 -8.95 1.33
H16A DPV RA . -6.75 -9.00 2.78
H17 DPV RA . -8.25 -8.87 0.83
H17A DPV RA . -8.44 -7.41 1.78
H18 DPV RA . -8.43 -6.77 -0.57
H18A DPV RA . -6.95 -6.15 0.11
H19 DPV RA . -5.74 -8.23 -0.86
H19A DPV RA . -7.26 -8.68 -1.62
H20 DPV RA . -7.23 -6.46 -2.86
H20A DPV RA . -5.69 -6.09 -2.10
H21 DPV RA . -4.56 -7.93 -3.21
H21A DPV RA . -6.07 -8.59 -3.81
H22 DPV RA . -6.43 -6.65 -5.26
H22A DPV RA . -5.02 -5.85 -4.59
H23 DPV RA . -3.56 -7.65 -5.52
H23A DPV RA . -4.49 -6.85 -6.80
H23B DPV RA . -4.99 -8.44 -6.21
N DPV SA . 14.36 0.47 13.77
P DPV SA . 10.56 -2.09 14.26
C1 DPV SA . 10.97 -2.95 11.82
C2 DPV SA . 12.03 -3.75 11.05
C3 DPV SA . 11.81 -3.71 9.52
C4 DPV SA . 11.82 0.22 14.54
C5 DPV SA . 12.90 1.05 13.76
C6 DPV SA . 15.24 1.41 12.94
C7 DPV SA . 14.44 -0.94 13.17
C8 DPV SA . 14.94 0.44 15.20
C15 DPV SA . 10.67 -4.65 9.05
C16 DPV SA . 10.76 -4.95 7.51
C17 DPV SA . 9.57 -5.82 7.01
C18 DPV SA . 9.68 -7.31 7.45
C19 DPV SA . 8.57 -8.17 6.78
O1P DPV SA . 10.85 -2.43 15.66
C20 DPV SA . 8.64 -9.68 7.19
C21 DPV SA . 7.82 -10.03 8.47
C22 DPV SA . 6.32 -10.30 8.16
C23 DPV SA . 5.55 -10.80 9.40
O2P DPV SA . 9.10 -1.91 14.03
O3P DPV SA . 11.26 -3.08 13.22
O4P DPV SA . 11.45 -0.89 13.69
H1 DPV SA . 11.01 -1.90 11.53
H1A DPV SA . 9.96 -3.35 11.65
H2 DPV SA . 13.00 -3.32 11.27
H2A DPV SA . 12.03 -4.79 11.41
H3 DPV SA . 12.74 -4.00 9.02
H3A DPV SA . 11.59 -2.68 9.20
H4 DPV SA . 12.23 -0.16 15.49
H4A DPV SA . 10.93 0.84 14.72
H5 DPV SA . 12.59 1.17 12.72
H5A DPV SA . 12.95 2.05 14.21
H6 DPV SA . 15.18 2.42 13.37
H6A DPV SA . 14.86 1.41 11.91
H6B DPV SA . 16.27 1.05 12.97
H7 DPV SA . 13.89 -1.63 13.82
H7A DPV SA . 15.48 -1.25 13.10
H7B DPV SA . 13.98 -0.92 12.19
H8 DPV SA . 14.36 -0.25 15.82
H8A DPV SA . 14.91 1.45 15.61
H8B DPV SA . 15.97 0.09 15.16
H15 DPV SA . 9.72 -4.19 9.27
H15A DPV SA . 10.72 -5.61 9.59
H16 DPV SA . 10.74 -4.02 6.96
H16A DPV SA . 11.72 -5.44 7.30
H17 DPV SA . 8.62 -5.40 7.35
H17A DPV SA . 9.56 -5.79 5.92
H18 DPV SA . 10.66 -7.72 7.17
H18A DPV SA . 9.59 -7.38 8.54
H19 DPV SA . 7.58 -7.76 7.04
H19A DPV SA . 8.67 -8.09 5.70
H20 DPV SA . 8.29 -10.29 6.35
H20A DPV SA . 9.68 -9.95 7.36
H21 DPV SA . 8.26 -10.93 8.91
H21A DPV SA . 7.90 -9.23 9.22
H22 DPV SA . 5.85 -9.39 7.79
H22A DPV SA . 6.23 -11.05 7.36
H23 DPV SA . 6.05 -11.66 9.84
H23A DPV SA . 4.53 -11.10 9.13
H23B DPV SA . 5.49 -10.02 10.15
N DPV TA . 26.85 -0.42 -2.94
P DPV TA . 21.81 -0.09 -1.73
C1 DPV TA . 21.87 -2.32 -0.33
C2 DPV TA . 20.77 -3.09 0.44
C3 DPV TA . 19.48 -3.32 -0.42
C4 DPV TA . 24.31 0.13 -2.48
C5 DPV TA . 25.74 -0.01 -1.90
C6 DPV TA . 26.57 -1.80 -3.56
C7 DPV TA . 28.17 -0.52 -2.16
C8 DPV TA . 27.04 0.65 -4.03
C15 DPV TA . 19.15 -4.83 -0.59
C16 DPV TA . 18.04 -5.07 -1.65
C17 DPV TA . 17.67 -6.59 -1.73
C18 DPV TA . 16.66 -6.89 -2.86
C19 DPV TA . 16.29 -8.39 -2.90
O1P DPV TA . 21.13 1.22 -1.76
C20 DPV TA . 15.36 -8.76 -4.11
C21 DPV TA . 15.02 -10.28 -4.12
C22 DPV TA . 14.05 -10.67 -5.26
C23 DPV TA . 13.95 -12.26 -5.46
O2P DPV TA . 21.53 -0.86 -2.96
O3P DPV TA . 21.51 -0.91 -0.39
O4P DPV TA . 23.37 0.00 -1.39
H1 DPV TA . 22.83 -2.41 0.18
H1A DPV TA . 21.98 -2.71 -1.35
H2 DPV TA . 21.18 -4.04 0.77
H2A DPV TA . 20.52 -2.53 1.35
H3 DPV TA . 19.60 -2.84 -1.40
H3A DPV TA . 18.64 -2.83 0.07
H4 DPV TA . 24.18 1.09 -2.96
H4A DPV TA . 24.09 -0.67 -3.21
H5 DPV TA . 26.05 0.92 -1.43
H5A DPV TA . 25.72 -0.79 -1.14
H6 DPV TA . 26.45 -2.54 -2.76
H6A DPV TA . 27.40 -2.07 -4.22
H6B DPV TA . 25.64 -1.73 -4.15
H7 DPV TA . 28.40 0.44 -1.70
H7A DPV TA . 28.97 -0.82 -2.85
H7B DPV TA . 28.05 -1.28 -1.38
H8 DPV TA . 27.24 1.62 -3.55
H8A DPV TA . 26.14 0.71 -4.64
H8B DPV TA . 27.89 0.38 -4.66
H15 DPV TA . 18.85 -5.24 0.37
H15A DPV TA . 20.04 -5.36 -0.90
H16 DPV TA . 17.15 -4.50 -1.37
H16A DPV TA . 18.38 -4.72 -2.62
H17 DPV TA . 18.58 -7.16 -1.90
H17A DPV TA . 17.25 -6.89 -0.78
H18 DPV TA . 15.76 -6.29 -2.73
H18A DPV TA . 17.09 -6.60 -3.82
H19 DPV TA . 17.20 -8.99 -2.96
H19A DPV TA . 15.78 -8.65 -1.98
H20 DPV TA . 14.45 -8.17 -4.04
H20A DPV TA . 15.86 -8.51 -5.04
H21 DPV TA . 15.95 -10.85 -4.23
H21A DPV TA . 14.59 -10.55 -3.15
H22 DPV TA . 13.07 -10.25 -5.02
H22A DPV TA . 14.36 -10.20 -6.19
H23 DPV TA . 13.02 -12.67 -5.96
H23A DPV TA . 13.44 -12.43 -4.51
H23B DPV TA . 14.78 -12.89 -5.06
N DPV UA . 23.60 0.24 -7.56
P DPV UA . 24.10 -4.40 -10.07
C1 DPV UA . 25.03 -6.54 -8.90
C2 DPV UA . 25.44 -7.10 -7.52
C3 DPV UA . 24.23 -7.16 -6.51
C4 DPV UA . 23.49 -2.08 -8.88
C5 DPV UA . 24.22 -0.72 -8.63
C6 DPV UA . 23.67 -0.40 -6.16
C7 DPV UA . 22.15 0.60 -7.90
C8 DPV UA . 24.45 1.54 -7.55
C15 DPV UA . 23.63 -8.58 -6.29
C16 DPV UA . 22.68 -9.06 -7.45
C17 DPV UA . 21.68 -10.17 -6.95
C18 DPV UA . 20.72 -10.61 -8.09
C19 DPV UA . 19.54 -11.49 -7.57
O1P DPV UA . 22.65 -4.64 -10.16
C20 DPV UA . 18.60 -11.93 -8.74
C21 DPV UA . 17.36 -12.78 -8.29
C22 DPV UA . 16.24 -11.96 -7.54
C23 DPV UA . 14.85 -12.77 -7.37
O2P DPV UA . 24.79 -4.67 -11.36
O3P DPV UA . 24.78 -5.11 -8.82
O4P DPV UA . 24.48 -2.95 -9.46
H1 DPV UA . 25.84 -6.71 -9.61
H1A DPV UA . 24.13 -7.05 -9.27
H2 DPV UA . 25.88 -8.08 -7.62
H2A DPV UA . 26.20 -6.44 -7.08
H3 DPV UA . 23.43 -6.47 -6.83
H3A DPV UA . 24.58 -6.80 -5.54
H4 DPV UA . 23.14 -2.52 -7.95
H4A DPV UA . 22.67 -1.95 -9.58
H5 DPV UA . 25.23 -0.95 -8.28
H5A DPV UA . 24.30 -0.17 -9.56
H6 DPV UA . 23.32 0.33 -5.42
H6A DPV UA . 24.71 -0.68 -5.95
H6B DPV UA . 23.04 -1.30 -6.14
H7 DPV UA . 22.13 0.97 -8.94
H7A DPV UA . 21.80 1.37 -7.20
H7B DPV UA . 21.54 -0.30 -7.82
H8 DPV UA . 24.40 2.01 -8.54
H8A DPV UA . 25.48 1.29 -7.30
H8B DPV UA . 24.04 2.22 -6.79
H15 DPV UA . 23.09 -8.58 -5.35
H15A DPV UA . 24.44 -9.32 -6.18
H16 DPV UA . 22.11 -8.21 -7.83
H16A DPV UA . 23.28 -9.43 -8.27
H17 DPV UA . 22.24 -11.02 -6.59
H17A DPV UA . 21.09 -9.78 -6.12
H18 DPV UA . 20.28 -9.71 -8.55
H18A DPV UA . 21.27 -11.15 -8.86
H19 DPV UA . 19.92 -12.36 -7.05
H19A DPV UA . 18.96 -10.90 -6.84
H20 DPV UA . 18.24 -11.07 -9.28
H20A DPV UA . 19.18 -12.53 -9.44
H21 DPV UA . 16.92 -13.23 -9.19
H21A DPV UA . 17.70 -13.60 -7.64
H22 DPV UA . 16.62 -11.66 -6.55
H22A DPV UA . 16.05 -11.03 -8.10
H23 DPV UA . 14.89 -13.26 -8.35
H23A DPV UA . 13.92 -12.28 -7.76
H23B DPV UA . 14.88 -13.80 -6.93
N DPV VA . 23.28 4.26 -0.44
P DPV VA . 21.90 4.13 -5.05
C1 DPV VA . 21.39 5.19 -7.40
C2 DPV VA . 22.01 6.12 -8.48
C3 DPV VA . 23.17 5.44 -9.30
C4 DPV VA . 22.58 5.29 -2.79
C5 DPV VA . 23.25 4.10 -2.00
C6 DPV VA . 24.12 5.47 -0.01
C7 DPV VA . 23.92 3.01 0.13
C8 DPV VA . 21.86 4.38 0.17
C15 DPV VA . 22.72 4.85 -10.68
C16 DPV VA . 21.74 3.64 -10.55
C17 DPV VA . 21.85 2.65 -11.73
C18 DPV VA . 20.77 1.54 -11.65
C19 DPV VA . 21.10 0.40 -12.62
O1P DPV VA . 22.35 2.72 -5.02
C20 DPV VA . 19.93 -0.64 -12.64
C21 DPV VA . 20.28 -1.93 -13.43
C22 DPV VA . 21.11 -2.93 -12.58
C23 DPV VA . 21.16 -4.31 -13.24
O2P DPV VA . 20.46 4.27 -4.75
O3P DPV VA . 22.37 4.92 -6.37
O4P DPV VA . 22.82 5.11 -4.19
H1 DPV VA . 20.53 5.67 -6.94
H1A DPV VA . 21.09 4.23 -7.83
H2 DPV VA . 21.23 6.47 -9.16
H2A DPV VA . 22.40 7.01 -8.00
H3 DPV VA . 23.66 4.67 -8.70
H3A DPV VA . 23.93 6.19 -9.48
H4 DPV VA . 21.51 5.34 -2.60
H4A DPV VA . 23.04 6.24 -2.49
H5 DPV VA . 22.71 3.18 -2.22
H5A DPV VA . 24.28 3.98 -2.35
H6 DPV VA . 23.63 6.39 -0.34
H6A DPV VA . 25.11 5.38 -0.46
H6B DPV VA . 24.20 5.48 1.07
H7 DPV VA . 24.93 2.90 -0.29
H7A DPV VA . 23.29 2.14 -0.11
H7B DPV VA . 24.00 3.11 1.21
H8 DPV VA . 21.26 3.52 -0.16
H8A DPV VA . 21.41 5.31 -0.18
H8B DPV VA . 21.93 4.39 1.27
H15 DPV VA . 23.62 4.51 -11.20
H15A DPV VA . 22.26 5.63 -11.28
H16 DPV VA . 21.94 3.11 -9.62
H16A DPV VA . 20.71 4.02 -10.49
H17 DPV VA . 21.76 3.18 -12.68
H17A DPV VA . 22.85 2.19 -11.71
H18 DPV VA . 20.71 1.16 -10.63
H18A DPV VA . 19.80 1.98 -11.90
H19 DPV VA . 21.24 0.79 -13.64
H19A DPV VA . 22.01 -0.09 -12.32
H20 DPV VA . 19.66 -0.91 -11.63
H20A DPV VA . 19.05 -0.17 -13.10
H21 DPV VA . 19.33 -2.41 -13.72
H21A DPV VA . 20.81 -1.65 -14.35
H22 DPV VA . 22.15 -2.55 -12.49
H22A DPV VA . 20.69 -3.02 -11.57
H23 DPV VA . 21.47 -4.23 -14.27
H23A DPV VA . 20.17 -4.79 -13.21
H23B DPV VA . 21.88 -4.95 -12.72
N DPV WA . 13.92 5.89 -14.66
P DPV WA . 14.34 1.39 -11.90
C1 DPV WA . 12.81 1.94 -9.82
C2 DPV WA . 12.93 0.60 -9.03
C3 DPV WA . 11.59 -0.19 -9.02
C4 DPV WA . 13.97 3.55 -13.39
C5 DPV WA . 14.65 4.94 -13.62
C6 DPV WA . 12.45 6.09 -14.34
C7 DPV WA . 14.08 5.33 -16.08
C8 DPV WA . 14.60 7.27 -14.59
C15 DPV WA . 11.71 -1.64 -8.49
C16 DPV WA . 11.78 -1.72 -6.93
C17 DPV WA . 11.95 -3.19 -6.41
C18 DPV WA . 10.64 -4.02 -6.50
C19 DPV WA . 10.81 -5.45 -5.95
O1P DPV WA . 13.13 0.84 -12.56
C20 DPV WA . 9.46 -6.22 -5.97
C21 DPV WA . 9.57 -7.59 -5.25
C22 DPV WA . 8.26 -8.43 -5.34
C23 DPV WA . 7.15 -7.93 -4.40
O2P DPV WA . 15.41 0.39 -11.73
O3P DPV WA . 14.03 2.21 -10.54
O4P DPV WA . 14.85 2.75 -12.55
H1 DPV WA . 11.99 1.87 -10.55
H1A DPV WA . 12.62 2.75 -9.13
H2 DPV WA . 13.71 -0.02 -9.47
H2A DPV WA . 13.24 0.82 -8.00
H3 DPV WA . 11.20 -0.23 -10.04
H3A DPV WA . 10.86 0.35 -8.42
H4 DPV WA . 13.01 3.67 -12.87
H4A DPV WA . 13.84 3.02 -14.33
H5 DPV WA . 14.71 5.48 -12.68
H5A DPV WA . 15.67 4.79 -13.98
H6 DPV WA . 12.34 6.48 -13.32
H6A DPV WA . 11.91 5.13 -14.41
H6B DPV WA . 12.01 6.79 -15.06
H7 DPV WA . 15.14 5.23 -16.33
H7A DPV WA . 13.59 6.02 -16.79
H7B DPV WA . 13.58 4.36 -16.13
H8 DPV WA . 15.66 7.15 -14.87
H8A DPV WA . 14.52 7.66 -13.58
H8B DPV WA . 14.11 7.92 -15.30
H15 DPV WA . 12.61 -2.12 -8.92
H15A DPV WA . 10.86 -2.21 -8.83
H16 DPV WA . 12.62 -1.12 -6.56
H16A DPV WA . 10.87 -1.29 -6.50
H17 DPV WA . 12.74 -3.70 -6.97
H17A DPV WA . 12.26 -3.15 -5.37
H18 DPV WA . 9.85 -3.51 -5.93
H18A DPV WA . 10.29 -4.06 -7.54
H19 DPV WA . 11.54 -5.98 -6.57
H19A DPV WA . 11.20 -5.41 -4.94
H20 DPV WA . 8.69 -5.60 -5.49
H20A DPV WA . 9.15 -6.38 -7.01
H21 DPV WA . 10.38 -8.17 -5.71
H21A DPV WA . 9.83 -7.44 -4.19
H22 DPV WA . 7.89 -8.43 -6.38
H22A DPV WA . 8.49 -9.46 -5.10
H23 DPV WA . 6.23 -8.50 -4.55
H23A DPV WA . 6.90 -6.89 -4.57
H23B DPV WA . 7.44 -8.04 -3.36
N DPV XA . -2.86 -2.68 -16.12
P DPV XA . 1.44 0.11 -16.67
C1 DPV XA . 3.89 -0.55 -16.13
C2 DPV XA . 4.73 -1.76 -15.72
C3 DPV XA . 4.63 -2.07 -14.20
C4 DPV XA . -0.44 -1.66 -16.18
C5 DPV XA . -1.89 -1.56 -15.61
C6 DPV XA . -2.40 -4.08 -15.73
C7 DPV XA . -3.06 -2.64 -17.65
C8 DPV XA . -4.24 -2.43 -15.48
C15 DPV XA . 5.62 -3.19 -13.80
C16 DPV XA . 5.46 -3.60 -12.31
C17 DPV XA . 6.48 -4.69 -11.88
C18 DPV XA . 7.86 -4.11 -11.47
C19 DPV XA . 8.86 -5.25 -11.16
O1P DPV XA . 1.26 -0.12 -18.10
C20 DPV XA . 10.24 -4.69 -10.74
C21 DPV XA . 11.29 -5.82 -10.58
C22 DPV XA . 12.65 -5.27 -10.09
C23 DPV XA . 13.77 -6.33 -10.19
O2P DPV XA . 1.72 1.53 -16.37
O3P DPV XA . 2.49 -0.88 -16.00
O4P DPV XA . 0.27 -0.50 -15.76
H1 DPV XA . 4.12 0.31 -15.49
H1A DPV XA . 4.12 -0.31 -17.18
H2 DPV XA . 4.42 -2.64 -16.29
H2A DPV XA . 5.79 -1.55 -15.98
H3 DPV XA . 3.61 -2.38 -13.99
H3A DPV XA . 4.83 -1.17 -13.62
H4 DPV XA . 0.08 -2.54 -15.82
H4A DPV XA . -0.48 -1.66 -17.28
H5 DPV XA . -1.85 -1.62 -14.52
H5A DPV XA . -2.34 -0.62 -15.91
H6 DPV XA . -1.45 -4.27 -16.23
H6A DPV XA . -3.15 -4.80 -16.04
H6B DPV XA . -2.28 -4.12 -14.64
H7 DPV XA . -3.43 -1.65 -17.92
H7A DPV XA . -3.77 -3.41 -17.94
H7B DPV XA . -2.11 -2.82 -18.13
H8 DPV XA . -4.59 -1.45 -15.80
H8A DPV XA . -4.13 -2.46 -14.39
H8B DPV XA . -4.93 -3.21 -15.81
H15 DPV XA . 6.65 -2.85 -13.97
H15A DPV XA . 5.44 -4.07 -14.43
H16 DPV XA . 5.55 -2.74 -11.66
H16A DPV XA . 4.45 -4.01 -12.15
H17 DPV XA . 6.06 -5.23 -11.02
H17A DPV XA . 6.59 -5.43 -12.67
H18 DPV XA . 8.27 -3.49 -12.28
H18A DPV XA . 7.73 -3.46 -10.60
H19 DPV XA . 8.46 -5.87 -10.36
H19A DPV XA . 8.96 -5.88 -12.05
H20 DPV XA . 10.59 -3.96 -11.48
H20A DPV XA . 10.16 -4.17 -9.79
H21 DPV XA . 10.91 -6.57 -9.86
H21A DPV XA . 11.42 -6.34 -11.54
H22 DPV XA . 12.94 -4.40 -10.68
H22A DPV XA . 12.55 -4.97 -9.04
H23 DPV XA . 13.95 -6.61 -11.24
H23A DPV XA . 13.50 -7.23 -9.64
H23B DPV XA . 14.72 -5.96 -9.78
N DPV YA . 0.13 1.76 -12.75
P DPV YA . 3.96 4.02 -12.03
C1 DPV YA . 6.53 3.76 -11.67
C2 DPV YA . 7.51 2.71 -11.12
C3 DPV YA . 7.02 2.07 -9.80
C4 DPV YA . 2.71 2.04 -13.25
C5 DPV YA . 1.52 1.09 -12.94
C6 DPV YA . -0.35 2.45 -14.03
C7 DPV YA . 0.13 2.79 -11.58
C8 DPV YA . -0.88 0.68 -12.40
C15 DPV YA . 8.22 1.49 -8.99
C16 DPV YA . 7.80 0.61 -7.79
C17 DPV YA . 7.54 -0.88 -8.18
C18 DPV YA . 7.13 -1.73 -6.97
C19 DPV YA . 7.22 -3.26 -7.24
O1P DPV YA . 3.83 4.82 -13.27
C20 DPV YA . 5.92 -3.90 -7.82
C21 DPV YA . 6.04 -5.45 -7.77
C22 DPV YA . 4.74 -6.14 -8.20
C23 DPV YA . 4.80 -7.68 -8.01
O2P DPV YA . 3.78 4.85 -10.83
O3P DPV YA . 5.27 3.12 -11.99
O4P DPV YA . 3.09 2.70 -12.01
H1 DPV YA . 6.35 4.53 -10.91
H1A DPV YA . 6.93 4.23 -12.57
H2 DPV YA . 7.66 1.94 -11.88
H2A DPV YA . 8.47 3.20 -10.97
H3 DPV YA . 6.31 1.27 -10.01
H3A DPV YA . 6.50 2.81 -9.18
H4 DPV YA . 3.58 1.48 -13.61
H4A DPV YA . 2.45 2.78 -14.00
H5 DPV YA . 1.41 0.37 -13.76
H5A DPV YA . 1.71 0.51 -12.02
H6 DPV YA . -1.35 2.86 -13.86
H6A DPV YA . -0.38 1.71 -14.84
H6B DPV YA . 0.35 3.25 -14.29
H7 DPV YA . 0.48 2.29 -10.68
H7A DPV YA . -0.88 3.19 -11.45
H7B DPV YA . 0.80 3.61 -11.84
H8 DPV YA . -0.58 0.23 -11.45
H8A DPV YA . -0.89 -0.08 -13.18
H8B DPV YA . -1.87 1.12 -12.28
H15 DPV YA . 8.82 2.33 -8.64
H15A DPV YA . 8.86 0.91 -9.66
H16 DPV YA . 8.60 0.64 -7.04
H16A DPV YA . 6.91 1.02 -7.32
H17 DPV YA . 6.76 -0.94 -8.95
H17A DPV YA . 8.46 -1.28 -8.63
H18 DPV YA . 7.82 -1.51 -6.14
H18A DPV YA . 6.13 -1.46 -6.63
H19 DPV YA . 8.05 -3.47 -7.91
H19A DPV YA . 7.46 -3.74 -6.29
H20 DPV YA . 5.06 -3.57 -7.22
H20A DPV YA . 5.78 -3.56 -8.85
H21 DPV YA . 6.86 -5.78 -8.41
H21A DPV YA . 6.29 -5.76 -6.74
H22 DPV YA . 3.88 -5.75 -7.63
H22A DPV YA . 4.54 -5.92 -9.25
H23 DPV YA . 3.87 -8.14 -8.36
H23A DPV YA . 4.94 -7.94 -6.95
H23B DPV YA . 5.63 -8.10 -8.57
N DPV ZA . 6.03 -34.63 -0.74
P DPV ZA . 9.18 -36.84 -3.63
C1 DPV ZA . 6.94 -37.68 -4.72
C2 DPV ZA . 6.22 -37.73 -6.08
C3 DPV ZA . 5.44 -36.42 -6.39
C4 DPV ZA . 7.72 -34.71 -2.78
C5 DPV ZA . 7.39 -35.17 -1.31
C6 DPV ZA . 6.08 -33.09 -0.58
C7 DPV ZA . 5.84 -35.25 0.66
C8 DPV ZA . 4.82 -35.06 -1.59
C15 DPV ZA . 4.61 -36.57 -7.71
C16 DPV ZA . 3.79 -35.28 -8.05
C17 DPV ZA . 4.66 -34.16 -8.69
C18 DPV ZA . 3.80 -32.90 -9.01
C19 DPV ZA . 4.69 -31.62 -9.21
O1P DPV ZA . 10.52 -37.13 -4.18
C20 DPV ZA . 4.83 -30.72 -7.93
C21 DPV ZA . 5.80 -31.30 -6.86
C22 DPV ZA . 6.06 -30.30 -5.70
C23 DPV ZA . 7.02 -30.88 -4.66
O2P DPV ZA . 8.82 -37.74 -2.52
O3P DPV ZA . 8.04 -36.73 -4.76
O4P DPV ZA . 9.00 -35.26 -3.23
H1 DPV ZA . 6.23 -37.39 -3.93
H1A DPV ZA . 7.34 -38.67 -4.50
H2 DPV ZA . 6.95 -37.92 -6.86
H2A DPV ZA . 5.53 -38.58 -6.09
H3 DPV ZA . 6.14 -35.60 -6.48
H3A DPV ZA . 4.77 -36.19 -5.56
H4 DPV ZA . 6.92 -35.03 -3.47
H4A DPV ZA . 7.80 -33.62 -2.80
H5 DPV ZA . 7.34 -36.25 -1.27
H5A DPV ZA . 8.19 -34.84 -0.63
H6 DPV ZA . 6.18 -32.63 -1.56
H6A DPV ZA . 6.92 -32.82 0.05
H6B DPV ZA . 5.15 -32.76 -0.11
H7 DPV ZA . 5.77 -36.35 0.56
H7A DPV ZA . 4.91 -34.86 1.10
H7B DPV ZA . 6.68 -34.98 1.30
H8 DPV ZA . 4.82 -36.15 -1.68
H8A DPV ZA . 4.90 -34.58 -2.56
H8B DPV ZA . 3.90 -34.75 -1.07
H15 DPV ZA . 3.91 -37.39 -7.59
H15A DPV ZA . 5.26 -36.82 -8.56
H16 DPV ZA . 3.00 -35.56 -8.75
H16A DPV ZA . 3.30 -34.91 -7.15
H17 DPV ZA . 5.47 -33.90 -8.02
H17A DPV ZA . 5.11 -34.52 -9.63
H18 DPV ZA . 3.21 -33.08 -9.91
H18A DPV ZA . 3.09 -32.72 -8.19
H19 DPV ZA . 5.69 -31.90 -9.57
H19A DPV ZA . 4.24 -31.01 -10.00
H20 DPV ZA . 5.16 -29.72 -8.23
H20A DPV ZA . 3.83 -30.59 -7.48
H21 DPV ZA . 5.40 -32.24 -6.47
H21A DPV ZA . 6.76 -31.53 -7.34
H22 DPV ZA . 6.46 -29.38 -6.10
H22A DPV ZA . 5.10 -30.07 -5.21
H23 DPV ZA . 6.59 -31.79 -4.21
H23A DPV ZA . 7.21 -30.16 -3.86
H23B DPV ZA . 7.99 -31.14 -5.12
N DPV AB . 12.30 -32.67 6.20
P DPV AB . 9.81 -32.89 1.63
C1 DPV AB . 9.74 -31.32 -0.46
C2 DPV AB . 8.78 -30.24 -1.05
C3 DPV AB . 9.16 -28.80 -0.60
C4 DPV AB . 10.78 -32.91 4.04
C5 DPV AB . 11.72 -31.99 4.91
C6 DPV AB . 13.21 -31.63 6.88
C7 DPV AB . 13.15 -33.92 5.88
C8 DPV AB . 11.17 -33.05 7.20
C15 DPV AB . 8.24 -27.76 -1.24
C16 DPV AB . 8.69 -26.32 -0.94
C17 DPV AB . 7.68 -25.28 -1.49
C18 DPV AB . 8.04 -23.82 -1.05
C19 DPV AB . 8.80 -23.02 -2.15
O1P DPV AB . 10.91 -33.61 0.95
C20 DPV AB . 9.14 -21.60 -1.63
C21 DPV AB . 9.64 -20.64 -2.75
C22 DPV AB . 10.05 -19.29 -2.14
C23 DPV AB . 10.41 -18.23 -3.21
O2P DPV AB . 8.64 -33.76 1.85
O3P DPV AB . 9.43 -31.49 0.94
O4P DPV AB . 10.28 -32.12 2.93
H1 DPV AB . 9.56 -32.27 -0.97
H1A DPV AB . 10.78 -31.04 -0.58
H2 DPV AB . 8.84 -30.30 -2.14
H2A DPV AB . 7.76 -30.48 -0.78
H3 DPV AB . 10.19 -28.60 -0.87
H3A DPV AB . 9.11 -28.74 0.49
H4 DPV AB . 11.35 -33.76 3.63
H4A DPV AB . 9.94 -33.27 4.62
H5 DPV AB . 12.58 -31.66 4.30
H5A DPV AB . 11.17 -31.11 5.23
H6 DPV AB . 14.01 -31.36 6.20
H6A DPV AB . 13.62 -32.07 7.78
H6B DPV AB . 12.61 -30.75 7.13
H7 DPV AB . 13.94 -33.65 5.18
H7A DPV AB . 12.51 -34.67 5.43
H7B DPV AB . 13.58 -34.31 6.81
H8 DPV AB . 10.53 -33.80 6.75
H8A DPV AB . 10.59 -32.14 7.43
H8B DPV AB . 11.63 -33.44 8.10
H15 DPV AB . 7.21 -27.89 -0.87
H15A DPV AB . 8.19 -27.91 -2.33
H16 DPV AB . 8.82 -26.18 0.12
H16A DPV AB . 9.67 -26.14 -1.42
H17 DPV AB . 7.64 -25.33 -2.57
H17A DPV AB . 6.69 -25.51 -1.10
H18 DPV AB . 7.11 -23.30 -0.81
H18A DPV AB . 8.63 -23.85 -0.13
H19 DPV AB . 9.70 -23.52 -2.44
H19A DPV AB . 8.16 -22.95 -3.04
H20 DPV AB . 8.26 -21.16 -1.17
H20A DPV AB . 9.89 -21.67 -0.87
H21 DPV AB . 10.49 -21.10 -3.26
H21A DPV AB . 8.85 -20.50 -3.51
H22 DPV AB . 9.24 -18.90 -1.51
H22A DPV AB . 10.89 -19.44 -1.48
H23 DPV AB . 10.66 -17.29 -2.72
H23A DPV AB . 9.56 -18.04 -3.86
H23B DPV AB . 11.25 -18.56 -3.83
N DPV BB . 9.69 -35.07 -7.95
P DPV BB . 14.11 -35.36 -10.29
C1 DPV BB . 15.12 -35.34 -7.88
C2 DPV BB . 14.22 -35.83 -6.70
C3 DPV BB . 15.00 -36.46 -5.50
C4 DPV BB . 11.51 -35.34 -9.85
C5 DPV BB . 11.03 -34.58 -8.57
C6 DPV BB . 8.49 -34.75 -8.86
C7 DPV BB . 9.47 -34.30 -6.63
C8 DPV BB . 9.71 -36.57 -7.62
C15 DPV BB . 16.00 -35.53 -4.76
C16 DPV BB . 15.27 -34.43 -3.91
C17 DPV BB . 16.19 -33.19 -3.66
C18 DPV BB . 16.26 -32.21 -4.88
C19 DPV BB . 15.26 -31.04 -4.77
O1P DPV BB . 14.08 -36.83 -10.25
C20 DPV BB . 15.26 -30.15 -6.06
C21 DPV BB . 14.20 -28.99 -5.99
C22 DPV BB . 14.80 -27.61 -5.61
C23 DPV BB . 14.97 -27.42 -4.08
O2P DPV BB . 15.09 -34.86 -11.28
O3P DPV BB . 14.29 -34.69 -8.86
O4P DPV BB . 12.67 -34.68 -10.41
H1 DPV BB . 15.85 -34.62 -7.51
H1A DPV BB . 15.66 -36.18 -8.33
H2 DPV BB . 13.62 -35.00 -6.35
H2A DPV BB . 13.53 -36.58 -7.08
H3 DPV BB . 15.58 -37.33 -5.89
H3A DPV BB . 14.28 -36.86 -4.77
H4 DPV BB . 11.76 -36.37 -9.60
H4A DPV BB . 10.70 -35.34 -10.59
H5 DPV BB . 11.80 -34.64 -7.80
H5A DPV BB . 10.88 -33.52 -8.81
H6 DPV BB . 8.58 -35.31 -9.80
H6A DPV BB . 8.48 -33.67 -9.09
H6B DPV BB . 7.55 -35.03 -8.35
H7 DPV BB . 8.54 -34.64 -6.16
H7A DPV BB . 9.44 -33.23 -6.85
H7B DPV BB . 10.33 -34.53 -5.96
H8 DPV BB . 10.57 -36.77 -6.96
H8A DPV BB . 9.80 -37.14 -8.53
H8B DPV BB . 8.79 -36.83 -7.10
H15 DPV BB . 16.66 -35.06 -5.48
H15A DPV BB . 16.63 -36.13 -4.09
H16 DPV BB . 14.36 -34.08 -4.40
H16A DPV BB . 14.97 -34.87 -2.96
H17 DPV BB . 15.84 -32.67 -2.78
H17A DPV BB . 17.20 -33.54 -3.43
H18 DPV BB . 17.27 -31.80 -4.95
H18A DPV BB . 16.09 -32.76 -5.82
H19 DPV BB . 14.25 -31.44 -4.61
H19A DPV BB . 15.50 -30.43 -3.90
H20 DPV BB . 16.27 -29.74 -6.23
H20A DPV BB . 15.02 -30.78 -6.92
H21 DPV BB . 13.73 -28.90 -6.98
H21A DPV BB . 13.39 -29.24 -5.29
H22 DPV BB . 15.76 -27.48 -6.11
H22A DPV BB . 14.15 -26.82 -6.00
H23 DPV BB . 15.70 -28.12 -3.68
H23A DPV BB . 14.02 -27.58 -3.57
H23B DPV BB . 15.32 -26.41 -3.84
N DPV CB . 20.32 -35.54 -6.29
P DPV CB . 24.18 -32.40 -4.69
C1 DPV CB . 24.56 -31.82 -2.16
C2 DPV CB . 23.87 -31.19 -0.94
C3 DPV CB . 23.49 -29.71 -1.19
C4 DPV CB . 22.18 -34.04 -5.20
C5 DPV CB . 20.88 -34.09 -6.05
C6 DPV CB . 19.88 -36.20 -4.97
C7 DPV CB . 21.34 -36.45 -7.01
C8 DPV CB . 19.09 -35.41 -7.20
C15 DPV CB . 22.82 -29.04 0.06
C16 DPV CB . 22.69 -27.49 -0.09
C17 DPV CB . 21.41 -27.04 -0.89
C18 DPV CB . 20.18 -26.88 0.05
C19 DPV CB . 18.85 -26.54 -0.71
O1P DPV CB . 25.04 -33.60 -4.63
C20 DPV CB . 18.15 -27.76 -1.42
C21 DPV CB . 17.59 -28.84 -0.44
C22 DPV CB . 16.65 -29.83 -1.16
C23 DPV CB . 16.40 -31.09 -0.30
O2P DPV CB . 24.84 -31.30 -5.42
O3P DPV CB . 23.62 -31.95 -3.26
O4P DPV CB . 22.70 -32.69 -5.22
H1 DPV CB . 25.40 -31.22 -2.49
H1A DPV CB . 24.93 -32.82 -1.91
H2 DPV CB . 22.98 -31.77 -0.70
H2A DPV CB . 24.53 -31.25 -0.09
H3 DPV CB . 22.79 -29.65 -2.03
H3A DPV CB . 24.38 -29.14 -1.48
H4 DPV CB . 21.97 -34.31 -4.16
H4A DPV CB . 22.93 -34.69 -5.63
H5 DPV CB . 20.08 -33.53 -5.56
H5A DPV CB . 21.06 -33.64 -7.03
H6 DPV CB . 19.18 -35.52 -4.47
H6A DPV CB . 20.75 -36.40 -4.34
H6B DPV CB . 19.37 -37.15 -5.19
H7 DPV CB . 21.62 -35.99 -7.98
H7A DPV CB . 20.88 -37.43 -7.19
H7B DPV CB . 22.21 -36.58 -6.38
H8 DPV CB . 19.42 -35.01 -8.17
H8A DPV CB . 18.37 -34.73 -6.73
H8B DPV CB . 18.65 -36.39 -7.32
H15 DPV CB . 23.42 -29.26 0.95
H15A DPV CB . 21.85 -29.50 0.24
H16 DPV CB . 22.69 -27.05 0.91
H16A DPV CB . 23.59 -27.11 -0.57
H17 DPV CB . 21.63 -26.09 -1.36
H17A DPV CB . 21.19 -27.75 -1.69
H18 DPV CB . 20.04 -27.78 0.65
H18A DPV CB . 20.37 -26.06 0.73
H19 DPV CB . 18.14 -26.11 0.01
H19A DPV CB . 19.05 -25.77 -1.46
H20 DPV CB . 17.32 -27.36 -2.02
H20A DPV CB . 18.84 -28.22 -2.11
H21 DPV CB . 18.43 -29.38 0.00
H21A DPV CB . 17.04 -28.35 0.38
H22 DPV CB . 15.70 -29.35 -1.39
H22A DPV CB . 17.09 -30.14 -2.10
H23 DPV CB . 15.72 -31.76 -0.80
H23A DPV CB . 15.94 -30.83 0.66
H23B DPV CB . 17.33 -31.63 -0.10
N DPV DB . 31.88 -23.71 4.18
P DPV DB . 30.59 -24.03 -0.20
C1 DPV DB . 31.81 -25.55 -1.97
C2 DPV DB . 31.59 -26.85 -2.76
C3 DPV DB . 30.28 -26.81 -3.63
C4 DPV DB . 32.33 -23.24 1.60
C5 DPV DB . 31.43 -22.96 2.87
C6 DPV DB . 33.22 -23.14 4.72
C7 DPV DB . 32.01 -25.23 3.97
C8 DPV DB . 30.80 -23.45 5.24
C15 DPV DB . 30.48 -26.08 -4.98
C16 DPV DB . 29.20 -26.17 -5.87
C17 DPV DB . 29.35 -25.47 -7.27
C18 DPV DB . 29.58 -23.91 -7.23
C19 DPV DB . 28.49 -23.08 -6.45
O1P DPV DB . 29.27 -23.91 0.42
C20 DPV DB . 27.07 -23.12 -7.10
C21 DPV DB . 26.01 -22.38 -6.25
C22 DPV DB . 25.52 -23.21 -5.02
C23 DPV DB . 24.37 -22.48 -4.28
O2P DPV DB . 30.88 -22.89 -1.10
O3P DPV DB . 30.81 -25.44 -0.92
O4P DPV DB . 31.76 -24.34 0.84
H1 DPV DB . 32.79 -25.57 -1.48
H1A DPV DB . 31.74 -24.68 -2.62
H2 DPV DB . 32.45 -27.06 -3.39
H2A DPV DB . 31.51 -27.69 -2.06
H3 DPV DB . 29.48 -26.35 -3.05
H3A DPV DB . 29.99 -27.84 -3.83
H4 DPV DB . 32.35 -22.34 0.96
H4A DPV DB . 33.35 -23.48 1.88
H5 DPV DB . 31.45 -21.89 3.10
H5A DPV DB . 30.39 -23.24 2.67
H6 DPV DB . 33.44 -23.64 5.66
H6A DPV DB . 33.13 -22.07 4.86
H6B DPV DB . 34.02 -23.38 4.01
H7 DPV DB . 31.06 -25.61 3.59
H7A DPV DB . 32.25 -25.69 4.94
H7B DPV DB . 32.81 -25.41 3.25
H8 DPV DB . 29.84 -23.80 4.86
H8A DPV DB . 30.77 -22.38 5.45
H8B DPV DB . 31.06 -24.00 6.16
H15 DPV DB . 31.32 -26.53 -5.53
H15A DPV DB . 30.73 -25.03 -4.81
H16 DPV DB . 28.96 -27.22 -6.03
H16A DPV DB . 28.35 -25.72 -5.34
H17 DPV DB . 30.19 -25.93 -7.79
H17A DPV DB . 28.45 -25.68 -7.86
H18 DPV DB . 30.55 -23.70 -6.77
H18A DPV DB . 29.64 -23.54 -8.25
H19 DPV DB . 28.45 -23.43 -5.43
H19A DPV DB . 28.84 -22.04 -6.42
H20 DPV DB . 27.11 -22.65 -8.08
H20A DPV DB . 26.77 -24.15 -7.27
H21 DPV DB . 26.38 -21.41 -5.93
H21A DPV DB . 25.13 -22.19 -6.90
H22 DPV DB . 25.18 -24.19 -5.33
H22A DPV DB . 26.35 -23.37 -4.32
H23 DPV DB . 24.03 -23.09 -3.43
H23A DPV DB . 23.52 -22.32 -4.94
H23B DPV DB . 24.70 -21.51 -3.89
N DPV EB . 28.80 -28.04 -12.12
P DPV EB . 26.52 -29.72 -8.42
C1 DPV EB . 26.70 -32.33 -8.18
C2 DPV EB . 26.21 -33.66 -8.83
C3 DPV EB . 24.69 -33.94 -8.59
C4 DPV EB . 28.66 -28.83 -9.56
C5 DPV EB . 29.42 -28.88 -10.95
C6 DPV EB . 27.41 -28.57 -12.50
C7 DPV EB . 29.72 -28.16 -13.33
C8 DPV EB . 28.70 -26.55 -11.78
C15 DPV EB . 23.81 -33.35 -9.73
C16 DPV EB . 22.41 -32.94 -9.21
C17 DPV EB . 21.62 -32.12 -10.27
C18 DPV EB . 20.39 -31.43 -9.64
C19 DPV EB . 19.55 -30.68 -10.72
O1P DPV EB . 27.07 -29.57 -7.05
C20 DPV EB . 18.43 -29.77 -10.13
C21 DPV EB . 18.95 -28.39 -9.59
C22 DPV EB . 19.29 -27.39 -10.73
C23 DPV EB . 19.83 -26.06 -10.15
O2P DPV EB . 25.52 -28.68 -8.70
O3P DPV EB . 25.97 -31.19 -8.72
O4P DPV EB . 27.63 -29.83 -9.54
H1 DPV EB . 26.55 -32.36 -7.10
H1A DPV EB . 27.75 -32.20 -8.39
H2 DPV EB . 26.46 -33.67 -9.89
H2A DPV EB . 26.78 -34.47 -8.37
H3 DPV EB . 24.40 -33.54 -7.63
H3A DPV EB . 24.54 -35.03 -8.55
H4 DPV EB . 29.37 -29.05 -8.75
H4A DPV EB . 28.23 -27.85 -9.39
H5 DPV EB . 30.44 -28.51 -10.80
H5A DPV EB . 29.48 -29.92 -11.30
H6 DPV EB . 27.49 -29.63 -12.75
H6A DPV EB . 27.05 -28.02 -13.37
H6B DPV EB . 26.73 -28.43 -11.65
H7 DPV EB . 30.71 -27.79 -13.06
H7A DPV EB . 29.31 -27.57 -14.17
H7B DPV EB . 29.78 -29.22 -13.62
H8 DPV EB . 29.69 -26.18 -11.50
H8A DPV EB . 27.97 -26.41 -10.98
H8B DPV EB . 28.35 -26.00 -12.66
H15 DPV EB . 23.70 -34.09 -10.53
H15A DPV EB . 24.28 -32.48 -10.16
H16 DPV EB . 21.84 -33.83 -8.94
H16A DPV EB . 22.54 -32.33 -8.31
H17 DPV EB . 22.26 -31.36 -10.72
H17A DPV EB . 21.30 -32.79 -11.08
H18 DPV EB . 19.76 -32.15 -9.12
H18A DPV EB . 20.75 -30.71 -8.89
H19 DPV EB . 20.22 -30.09 -11.35
H19A DPV EB . 19.09 -31.44 -11.37
H20 DPV EB . 17.70 -29.57 -10.91
H20A DPV EB . 17.91 -30.30 -9.34
H21 DPV EB . 18.16 -27.97 -8.97
H21A DPV EB . 19.81 -28.55 -8.95
H22 DPV EB . 20.04 -27.81 -11.40
H22A DPV EB . 18.41 -27.19 -11.33
H23 DPV EB . 19.12 -25.63 -9.43
H23A DPV EB . 20.00 -25.35 -10.94
H23B DPV EB . 20.78 -26.23 -9.63
N DPV FB . 21.59 -21.56 -23.18
P DPV FB . 21.94 -24.89 -19.61
C1 DPV FB . 19.84 -25.77 -18.35
C2 DPV FB . 19.50 -25.92 -16.86
C3 DPV FB . 20.70 -26.39 -15.98
C4 DPV FB . 22.47 -22.73 -20.99
C5 DPV FB . 21.26 -22.40 -21.93
C6 DPV FB . 22.55 -22.30 -24.13
C7 DPV FB . 22.18 -20.17 -22.83
C8 DPV FB . 20.27 -21.30 -23.96
C15 DPV FB . 21.55 -25.19 -15.43
C16 DPV FB . 22.66 -25.66 -14.47
C17 DPV FB . 23.24 -24.50 -13.62
C18 DPV FB . 22.38 -24.20 -12.37
C19 DPV FB . 22.94 -23.02 -11.52
O1P DPV FB . 21.51 -25.59 -20.84
C20 DPV FB . 22.18 -22.86 -10.17
C21 DPV FB . 20.77 -22.22 -10.33
C22 DPV FB . 20.02 -22.21 -8.97
C23 DPV FB . 18.58 -21.68 -9.14
O2P DPV FB . 23.17 -25.45 -19.06
O3P DPV FB . 20.77 -24.69 -18.54
O4P DPV FB . 21.97 -23.30 -19.77
H1 DPV FB . 20.28 -26.71 -18.72
H1A DPV FB . 18.93 -25.58 -18.93
H2 DPV FB . 19.09 -24.98 -16.48
H2A DPV FB . 18.69 -26.66 -16.76
H3 DPV FB . 21.33 -27.07 -16.54
H3A DPV FB . 20.29 -26.94 -15.11
H4 DPV FB . 23.17 -23.44 -21.48
H4A DPV FB . 23.01 -21.81 -20.76
H5 DPV FB . 20.82 -23.34 -22.28
H5A DPV FB . 20.52 -21.85 -21.37
H6 DPV FB . 22.09 -23.25 -24.40
H6A DPV FB . 23.49 -22.47 -23.57
H6B DPV FB . 22.72 -21.70 -25.02
H7 DPV FB . 21.49 -19.68 -22.15
H7A DPV FB . 22.27 -19.59 -23.75
H7B DPV FB . 23.16 -20.29 -22.37
H8 DPV FB . 19.60 -20.73 -23.30
H8A DPV FB . 19.83 -22.27 -24.20
H8B DPV FB . 20.48 -20.73 -24.86
H15 DPV FB . 20.88 -24.50 -14.90
H15A DPV FB . 21.99 -24.65 -16.27
H16 DPV FB . 22.28 -26.44 -13.80
H16A DPV FB . 23.47 -26.12 -15.05
H17 DPV FB . 24.26 -24.77 -13.31
H17A DPV FB . 23.33 -23.61 -14.25
H18 DPV FB . 21.37 -23.98 -12.68
H18A DPV FB . 22.34 -25.11 -11.75
H19 DPV FB . 23.99 -23.20 -11.31
H19A DPV FB . 22.87 -22.09 -12.10
H20 DPV FB . 22.09 -23.84 -9.69
H20A DPV FB . 22.79 -22.25 -9.51
H21 DPV FB . 20.86 -21.20 -10.71
H21A DPV FB . 20.19 -22.80 -11.05
H22 DPV FB . 19.99 -23.21 -8.56
H22A DPV FB . 20.56 -21.57 -8.26
H23 DPV FB . 18.07 -21.67 -8.17
H23A DPV FB . 18.01 -22.31 -9.82
H23B DPV FB . 18.59 -20.66 -9.54
N DPV GB . 11.55 -31.47 -20.72
P DPV GB . 9.13 -28.36 -17.71
C1 DPV GB . 10.26 -27.51 -15.51
C2 DPV GB . 10.51 -26.21 -14.72
C3 DPV GB . 11.34 -26.46 -13.45
C4 DPV GB . 10.65 -29.19 -19.73
C5 DPV GB . 11.17 -30.64 -19.44
C6 DPV GB . 10.35 -31.66 -21.65
C7 DPV GB . 12.02 -32.87 -20.28
C8 DPV GB . 12.72 -30.81 -21.48
C15 DPV GB . 11.05 -25.43 -12.33
C16 DPV GB . 11.98 -25.68 -11.10
C17 DPV GB . 11.55 -25.02 -9.77
C18 DPV GB . 11.74 -23.49 -9.78
C19 DPV GB . 11.59 -22.89 -8.34
O1P DPV GB . 8.02 -27.92 -18.57
C20 DPV GB . 11.37 -21.36 -8.39
C21 DPV GB . 11.11 -20.76 -6.97
C22 DPV GB . 10.54 -19.32 -7.05
C23 DPV GB . 11.60 -18.27 -7.46
O2P DPV GB . 8.79 -29.59 -16.95
O3P DPV GB . 9.74 -27.18 -16.82
O4P DPV GB . 10.54 -28.44 -18.47
H1 DPV GB . 11.18 -28.09 -15.63
H1A DPV GB . 9.53 -28.14 -14.97
H2 DPV GB . 11.03 -25.47 -15.37
H2A DPV GB . 9.55 -25.78 -14.46
H3 DPV GB . 12.41 -26.43 -13.70
H3A DPV GB . 11.13 -27.47 -13.06
H4 DPV GB . 11.35 -28.67 -20.36
H4A DPV GB . 9.68 -29.22 -20.22
H5 DPV GB . 12.07 -30.58 -18.83
H5A DPV GB . 10.41 -31.20 -18.90
H6 DPV GB . 10.03 -30.69 -22.04
H6A DPV GB . 9.54 -32.12 -21.09
H6B DPV GB . 10.64 -32.32 -22.48
H7 DPV GB . 11.20 -33.36 -19.76
H7A DPV GB . 12.89 -32.73 -19.62
H7B DPV GB . 12.32 -33.43 -21.17
H8 DPV GB . 12.39 -29.84 -21.88
H8A DPV GB . 13.03 -31.48 -22.30
H8B DPV GB . 13.57 -30.65 -20.80
H15 DPV GB . 10.01 -25.56 -12.00
H15A DPV GB . 11.17 -24.40 -12.69
H16 DPV GB . 12.05 -26.76 -10.94
H16A DPV GB . 12.99 -25.34 -11.35
H17 DPV GB . 10.50 -25.26 -9.60
H17A DPV GB . 12.13 -25.46 -8.96
H18 DPV GB . 12.74 -23.22 -10.17
H18A DPV GB . 11.00 -23.05 -10.44
H19 DPV GB . 10.72 -23.35 -7.86
H19A DPV GB . 12.47 -23.14 -7.74
H20 DPV GB . 12.23 -20.89 -8.84
H20A DPV GB . 10.48 -21.14 -9.03
H21 DPV GB . 10.38 -21.38 -6.44
H21A DPV GB . 12.02 -20.77 -6.38
H22 DPV GB . 9.72 -19.30 -7.76
H22A DPV GB . 10.14 -19.03 -6.08
H23 DPV GB . 12.38 -18.20 -6.71
H23A DPV GB . 11.13 -17.29 -7.53
H23B DPV GB . 12.03 -18.51 -8.41
N DPV HB . -0.86 -27.94 -15.54
P DPV HB . 2.26 -30.33 -13.03
C1 DPV HB . 4.35 -28.84 -13.60
C2 DPV HB . 5.62 -28.25 -12.94
C3 DPV HB . 6.57 -27.51 -13.96
C4 DPV HB . 0.11 -28.83 -13.24
C5 DPV HB . 0.29 -27.91 -14.49
C6 DPV HB . -2.21 -27.60 -14.91
C7 DPV HB . -0.94 -29.30 -16.23
C8 DPV HB . -0.54 -26.89 -16.62
C15 DPV HB . 6.00 -26.14 -14.49
C16 DPV HB . 5.92 -24.99 -13.42
C17 DPV HB . 7.32 -24.34 -13.19
C18 DPV HB . 7.33 -23.34 -11.99
C19 DPV HB . 7.43 -24.07 -10.62
O1P DPV HB . 1.98 -31.51 -12.19
C20 DPV HB . 7.89 -23.11 -9.47
C21 DPV HB . 6.70 -22.35 -8.80
C22 DPV HB . 7.23 -21.49 -7.61
C23 DPV HB . 6.08 -20.88 -6.81
O2P DPV HB . 2.22 -30.65 -14.47
O3P DPV HB . 3.59 -29.56 -12.59
O4P DPV HB . 1.40 -29.04 -12.63
H1 DPV HB . 3.74 -28.05 -14.02
H1A DPV HB . 4.62 -29.56 -14.39
H2 DPV HB . 5.30 -27.57 -12.15
H2A DPV HB . 6.18 -29.06 -12.45
H3 DPV HB . 6.75 -28.16 -14.82
H3A DPV HB . 7.54 -27.35 -13.49
H4 DPV HB . -0.55 -28.36 -12.52
H4A DPV HB . -0.30 -29.81 -13.52
H5 DPV HB . 0.42 -26.89 -14.16
H5A DPV HB . 1.20 -28.21 -15.02
H6 DPV HB . -2.14 -26.65 -14.39
H6A DPV HB . -2.47 -28.39 -14.21
H6B DPV HB . -2.97 -27.55 -15.70
H7 DPV HB . 0.06 -29.55 -16.64
H7A DPV HB . -1.67 -29.25 -17.04
H7B DPV HB . -1.25 -30.06 -15.50
H8 DPV HB . -1.25 -26.98 -17.43
H8A DPV HB . 0.49 -27.08 -16.99
H8B DPV HB . -0.59 -25.89 -16.17
H15 DPV HB . 5.00 -26.28 -14.88
H15A DPV HB . 6.62 -25.79 -15.33
H16 DPV HB . 5.23 -24.23 -13.78
H16A DPV HB . 5.53 -25.40 -12.49
H17 DPV HB . 8.07 -25.10 -13.03
H17A DPV HB . 7.62 -23.81 -14.10
H18 DPV HB . 8.18 -22.68 -12.12
H18A DPV HB . 6.43 -22.71 -12.02
H19 DPV HB . 6.48 -24.55 -10.37
H19A DPV HB . 8.18 -24.86 -10.69
H20 DPV HB . 8.39 -23.71 -8.72
H20A DPV HB . 8.62 -22.40 -9.86
H21 DPV HB . 6.21 -21.71 -9.53
H21A DPV HB . 5.98 -23.09 -8.42
H22 DPV HB . 7.85 -22.11 -6.95
H22A DPV HB . 7.86 -20.70 -7.99
H23 DPV HB . 5.46 -21.67 -6.35
H23A DPV HB . 5.44 -20.28 -7.46
H23B DPV HB . 6.47 -20.24 -6.02
N DPV IB . 6.97 1.42 13.06
P DPV IB . 10.19 2.33 9.83
C1 DPV IB . 9.80 -0.02 8.69
C2 DPV IB . 9.48 -0.52 7.27
C3 DPV IB . 10.44 0.11 6.22
C4 DPV IB . 9.30 2.50 12.27
C5 DPV IB . 8.49 1.71 13.37
C6 DPV IB . 6.83 0.27 12.07
C7 DPV IB . 6.21 2.65 12.54
C8 DPV IB . 6.33 1.00 14.38
C15 DPV IB . 10.24 -0.50 4.81
C16 DPV IB . 11.47 -0.26 3.90
C17 DPV IB . 11.33 -0.90 2.49
C18 DPV IB . 12.69 -1.17 1.78
C19 DPV IB . 13.36 0.13 1.26
O1P DPV IB . 10.03 3.76 9.53
C20 DPV IB . 14.63 -0.21 0.40
C21 DPV IB . 15.35 1.07 -0.08
C22 DPV IB . 16.53 0.74 -1.03
C23 DPV IB . 17.80 0.25 -0.30
O2P DPV IB . 11.61 1.98 10.01
O3P DPV IB . 9.42 1.37 8.80
O4P DPV IB . 9.26 1.82 11.01
H1 DPV IB . 9.22 -0.59 9.43
H1A DPV IB . 10.87 -0.14 8.90
H2 DPV IB . 9.58 -1.62 7.27
H2A DPV IB . 8.45 -0.28 7.02
H3 DPV IB . 11.48 -0.04 6.53
H3A DPV IB . 10.28 1.19 6.19
H4 DPV IB . 8.90 3.51 12.14
H4A DPV IB . 10.34 2.58 12.58
H5 DPV IB . 8.97 0.74 13.54
H5A DPV IB . 8.53 2.27 14.31
H6 DPV IB . 7.41 -0.59 12.45
H6A DPV IB . 7.23 0.58 11.10
H6B DPV IB . 5.77 0.00 11.97
H7 DPV IB . 6.34 3.48 13.25
H7A DPV IB . 5.15 2.42 12.44
H7B DPV IB . 6.63 2.93 11.57
H8 DPV IB . 6.43 1.83 15.08
H8A DPV IB . 6.85 0.12 14.76
H8B DPV IB . 5.26 0.76 14.20
H15 DPV IB . 9.35 -0.07 4.33
H15A DPV IB . 10.07 -1.58 4.89
H16 DPV IB . 11.64 0.82 3.80
H16A DPV IB . 12.35 -0.68 4.41
H17 DPV IB . 10.82 -1.88 2.58
H17A DPV IB . 10.68 -0.28 1.87
H18 DPV IB . 13.38 -1.67 2.48
H18A DPV IB . 12.52 -1.85 0.94
H19 DPV IB . 12.65 0.70 0.65
H19A DPV IB . 13.65 0.74 2.11
H20 DPV IB . 15.32 -0.80 1.00
H20A DPV IB . 14.33 -0.83 -0.46
H21 DPV IB . 14.64 1.69 -0.63
H21A DPV IB . 15.70 1.65 0.77
H22 DPV IB . 16.22 0.02 -1.78
H22A DPV IB . 16.79 1.66 -1.58
H23 DPV IB . 17.60 -0.69 0.24
H23A DPV IB . 18.16 1.00 0.42
H23B DPV IB . 18.61 0.08 -1.02
N DPV JB . 15.03 2.82 7.75
P DPV JB . 16.70 0.29 4.30
C1 DPV JB . 17.61 -1.88 3.17
C2 DPV JB . 17.22 -3.36 2.98
C3 DPV JB . 16.10 -3.56 1.92
C4 DPV JB . 14.67 1.33 5.59
C5 DPV JB . 15.10 1.40 7.10
C6 DPV JB . 15.41 2.66 9.23
C7 DPV JB . 13.63 3.43 7.65
C8 DPV JB . 16.07 3.75 7.13
C15 DPV JB . 15.77 -5.07 1.72
C16 DPV JB . 14.67 -5.30 0.63
C17 DPV JB . 14.25 -6.79 0.57
C18 DPV JB . 13.28 -7.06 -0.61
C19 DPV JB . 12.88 -8.57 -0.64
O1P DPV JB . 16.76 1.31 3.24
C20 DPV JB . 11.80 -8.85 -1.73
C21 DPV JB . 11.32 -10.33 -1.68
C22 DPV JB . 10.26 -10.64 -2.79
C23 DPV JB . 9.65 -12.07 -2.64
O2P DPV JB . 17.82 0.40 5.27
O3P DPV JB . 16.48 -1.19 3.76
O4P DPV JB . 15.27 0.16 4.99
H1 DPV JB . 18.45 -1.80 3.85
H1A DPV JB . 17.86 -1.42 2.22
H2 DPV JB . 18.10 -3.92 2.67
H2A DPV JB . 16.91 -3.78 3.95
H3 DPV JB . 16.43 -3.14 0.97
H3A DPV JB . 15.20 -3.01 2.24
H4 DPV JB . 13.58 1.25 5.52
H4A DPV JB . 15.00 2.22 5.05
H5 DPV JB . 14.45 0.73 7.69
H5A DPV JB . 16.13 1.05 7.19
H6 DPV JB . 16.42 2.22 9.30
H6A DPV JB . 14.67 2.02 9.71
H6B DPV JB . 15.42 3.66 9.69
H7 DPV JB . 12.91 2.69 8.04
H7A DPV JB . 13.41 3.66 6.61
H7B DPV JB . 13.59 4.34 8.26
H8 DPV JB . 15.78 3.97 6.09
H8A DPV JB . 17.04 3.27 7.16
H8B DPV JB . 16.10 4.69 7.68
H15 DPV JB . 15.45 -5.51 2.67
H15A DPV JB . 16.68 -5.58 1.43
H16 DPV JB . 13.80 -4.69 0.83
H16A DPV JB . 15.08 -5.00 -0.32
H17 DPV JB . 15.13 -7.41 0.45
H17A DPV JB . 13.78 -7.07 1.51
H18 DPV JB . 12.39 -6.44 -0.49
H18A DPV JB . 13.73 -6.80 -1.55
H19 DPV JB . 13.76 -9.18 -0.83
H19A DPV JB . 12.48 -8.85 0.34
H20 DPV JB . 10.94 -8.20 -1.60
H20A DPV JB . 12.22 -8.65 -2.71
H21 DPV JB . 12.17 -10.98 -1.82
H21A DPV JB . 10.89 -10.55 -0.70
H22 DPV JB . 9.47 -9.89 -2.75
H22A DPV JB . 10.73 -10.55 -3.77
H23 DPV JB . 10.47 -12.76 -2.69
H23A DPV JB . 9.04 -12.36 -3.51
H23B DPV JB . 9.20 -12.26 -1.67
N DPV KB . 6.21 7.26 -8.51
P DPV KB . 10.53 5.56 -10.92
C1 DPV KB . 13.01 5.78 -10.27
C2 DPV KB . 13.96 6.02 -9.09
C3 DPV KB . 14.15 7.55 -8.80
C4 DPV KB . 8.50 6.60 -9.64
C5 DPV KB . 7.37 6.21 -8.63
C6 DPV KB . 5.13 6.70 -7.58
C7 DPV KB . 5.52 7.57 -9.86
C8 DPV KB . 6.71 8.57 -7.90
C15 DPV KB . 15.33 7.82 -7.82
C16 DPV KB . 15.04 7.43 -6.33
C17 DPV KB . 14.21 8.53 -5.58
C18 DPV KB . 13.09 7.96 -4.65
C19 DPV KB . 11.84 7.43 -5.43
O1P DPV KB . 10.69 4.28 -11.66
C20 DPV KB . 11.64 5.89 -5.24
C21 DPV KB . 10.44 5.36 -6.07
C22 DPV KB . 10.13 3.85 -5.82
C23 DPV KB . 11.05 2.88 -6.60
O2P DPV KB . 10.37 6.71 -11.85
O3P DPV KB . 11.64 5.80 -9.82
O4P DPV KB . 9.40 5.50 -9.77
H1 DPV KB . 13.15 6.52 -11.05
H1A DPV KB . 13.21 4.78 -10.68
H2 DPV KB . 13.58 5.50 -8.20
H2A DPV KB . 14.92 5.59 -9.34
H3 DPV KB . 13.22 7.97 -8.38
H3A DPV KB . 14.34 8.09 -9.73
H4 DPV KB . 8.08 6.81 -10.62
H4A DPV KB . 9.07 7.47 -9.29
H5 DPV KB . 6.93 5.26 -8.94
H5A DPV KB . 7.81 6.08 -7.63
H6 DPV KB . 5.59 6.52 -6.60
H6A DPV KB . 4.75 5.77 -8.01
H6B DPV KB . 4.32 7.43 -7.49
H7 DPV KB . 5.27 6.63 -10.35
H7A DPV KB . 6.22 8.15 -10.48
H7B DPV KB . 4.61 8.16 -9.68
H8 DPV KB . 5.86 9.22 -7.67
H8A DPV KB . 7.36 9.06 -8.62
H8B DPV KB . 7.26 8.34 -6.98
H15 DPV KB . 15.62 8.87 -7.87
H15A DPV KB . 16.20 7.25 -8.16
H16 DPV KB . 14.53 6.47 -6.30
H16A DPV KB . 15.97 7.29 -5.82
H17 DPV KB . 14.90 9.10 -4.95
H17A DPV KB . 13.78 9.25 -6.27
H18 DPV KB . 13.51 7.20 -4.01
H18A DPV KB . 12.77 8.76 -4.00
H19 DPV KB . 10.96 7.96 -5.07
H19A DPV KB . 11.93 7.65 -6.49
H20 DPV KB . 12.55 5.35 -5.55
H20A DPV KB . 11.48 5.67 -4.17
H21 DPV KB . 9.54 5.94 -5.83
H21A DPV KB . 10.63 5.53 -7.15
H22 DPV KB . 10.18 3.63 -4.75
H22A DPV KB . 9.11 3.64 -6.12
H23 DPV KB . 12.12 3.08 -6.37
H23A DPV KB . 10.92 3.01 -7.67
H23B DPV KB . 10.82 1.85 -6.34
N DPV LB . 11.61 -35.38 -14.64
P DPV LB . 10.93 -31.11 -11.68
C1 DPV LB . 13.16 -29.68 -11.45
C2 DPV LB . 14.01 -29.12 -10.30
C3 DPV LB . 14.85 -27.90 -10.75
C4 DPV LB . 11.12 -33.26 -13.11
C5 DPV LB . 12.04 -33.93 -14.18
C6 DPV LB . 11.93 -36.39 -13.53
C7 DPV LB . 12.41 -35.74 -15.89
C8 DPV LB . 10.11 -35.48 -15.01
C15 DPV LB . 15.20 -26.98 -9.54
C16 DPV LB . 15.79 -25.62 -10.00
C17 DPV LB . 15.71 -24.51 -8.90
C18 DPV LB . 16.69 -24.75 -7.70
C19 DPV LB . 16.37 -23.78 -6.53
O1P DPV LB . 10.33 -30.01 -12.48
C20 DPV LB . 17.17 -24.15 -5.25
C21 DPV LB . 16.83 -23.15 -4.09
C22 DPV LB . 17.18 -23.73 -2.69
C23 DPV LB . 16.64 -22.83 -1.56
O2P DPV LB . 9.92 -31.79 -10.84
O3P DPV LB . 12.23 -30.66 -10.84
O4P DPV LB . 11.80 -32.14 -12.54
H1 DPV LB . 12.57 -28.88 -11.91
H1A DPV LB . 13.77 -30.18 -12.19
H2 DPV LB . 13.35 -28.79 -9.50
H2A DPV LB . 14.66 -29.88 -9.89
H3 DPV LB . 14.30 -27.33 -11.48
H3A DPV LB . 15.77 -28.25 -11.23
H4 DPV LB . 10.20 -32.93 -13.58
H4A DPV LB . 10.90 -33.96 -12.31
H5 DPV LB . 12.03 -33.31 -15.09
H5A DPV LB . 13.08 -33.99 -13.83
H6 DPV LB . 11.76 -37.41 -13.91
H6A DPV LB . 11.28 -36.20 -12.68
H6B DPV LB . 12.99 -36.27 -13.23
H7 DPV LB . 12.18 -34.99 -16.67
H7A DPV LB . 12.13 -36.74 -16.23
H7B DPV LB . 13.48 -35.71 -15.64
H8 DPV LB . 9.89 -34.78 -15.83
H8A DPV LB . 9.49 -35.25 -14.14
H8B DPV LB . 9.91 -36.51 -15.34
H15 DPV LB . 15.90 -27.49 -8.88
H15A DPV LB . 14.30 -26.80 -8.96
H16 DPV LB . 16.83 -25.74 -10.31
H16A DPV LB . 15.26 -25.25 -10.88
H17 DPV LB . 15.93 -23.55 -9.36
H17A DPV LB . 14.68 -24.47 -8.52
H18 DPV LB . 16.60 -25.77 -7.34
H18A DPV LB . 17.72 -24.60 -8.02
H19 DPV LB . 16.61 -22.76 -6.83
H19A DPV LB . 15.30 -23.82 -6.33
H20 DPV LB . 16.93 -25.17 -4.94
H20A DPV LB . 18.25 -24.13 -5.46
H21 DPV LB . 17.38 -22.22 -4.24
H21A DPV LB . 15.78 -22.90 -4.13
H22 DPV LB . 16.73 -24.72 -2.59
H22A DPV LB . 18.27 -23.83 -2.58
H23 DPV LB . 17.22 -21.90 -1.49
H23A DPV LB . 16.70 -23.38 -0.61
H23B DPV LB . 15.60 -22.56 -1.74
N DPV MB . 17.42 -33.82 8.44
P DPV MB . 16.36 -32.40 4.11
C1 DPV MB . 16.38 -34.82 3.09
C2 DPV MB . 17.56 -35.55 2.41
C3 DPV MB . 18.32 -34.58 1.45
C4 DPV MB . 17.21 -31.94 6.57
C5 DPV MB . 16.93 -32.37 8.04
C6 DPV MB . 18.96 -33.91 8.41
C7 DPV MB . 16.81 -34.92 7.54
C8 DPV MB . 16.99 -34.10 9.88
C15 DPV MB . 19.52 -35.28 0.73
C16 DPV MB . 20.40 -34.28 -0.08
C17 DPV MB . 19.69 -33.73 -1.36
C18 DPV MB . 20.42 -32.48 -1.92
C19 DPV MB . 19.63 -31.80 -3.05
O1P DPV MB . 15.07 -32.22 3.40
C20 DPV MB . 20.31 -30.50 -3.55
C21 DPV MB . 19.41 -29.77 -4.59
C22 DPV MB . 20.05 -28.45 -5.09
C23 DPV MB . 19.03 -27.58 -5.86
O2P DPV MB . 17.37 -31.39 3.68
O3P DPV MB . 16.92 -33.89 4.08
O4P DPV MB . 16.20 -32.51 5.69
H1 DPV MB . 15.80 -34.27 2.34
H1A DPV MB . 15.74 -35.54 3.60
H2 DPV MB . 18.25 -35.93 3.16
H2A DPV MB . 17.17 -36.41 1.86
H3 DPV MB . 18.71 -33.74 2.01
H3A DPV MB . 17.63 -34.19 0.71
H4 DPV MB . 17.15 -30.85 6.49
H4A DPV MB . 18.19 -32.29 6.26
H5 DPV MB . 17.43 -31.68 8.72
H5A DPV MB . 15.85 -32.34 8.24
H6 DPV MB . 19.31 -33.76 7.39
H6A DPV MB . 19.25 -34.91 8.75
H6B DPV MB . 19.36 -33.13 9.07
H7 DPV MB . 17.16 -34.77 6.51
H7A DPV MB . 15.73 -34.87 7.58
H7B DPV MB . 17.16 -35.89 7.90
H8 DPV MB . 15.89 -34.00 9.95
H8A DPV MB . 17.48 -33.39 10.54
H8B DPV MB . 17.28 -35.11 10.15
H15 DPV MB . 19.15 -36.08 0.08
H15A DPV MB . 20.15 -35.76 1.48
H16 DPV MB . 20.68 -33.45 0.58
H16A DPV MB . 21.30 -34.79 -0.38
H17 DPV MB . 19.64 -34.50 -2.11
H17A DPV MB . 18.65 -33.45 -1.12
H18 DPV MB . 20.58 -31.77 -1.10
H18A DPV MB . 21.41 -32.77 -2.30
H19 DPV MB . 19.50 -32.49 -3.87
H19A DPV MB . 18.62 -31.56 -2.68
H20 DPV MB . 20.50 -29.83 -2.72
H20A DPV MB . 21.27 -30.74 -4.00
H21 DPV MB . 19.23 -30.43 -5.45
H21A DPV MB . 18.45 -29.56 -4.12
H22 DPV MB . 20.44 -27.88 -4.25
H22A DPV MB . 20.90 -28.66 -5.75
H23 DPV MB . 18.55 -28.16 -6.64
H23A DPV MB . 19.53 -26.72 -6.31
H23B DPV MB . 18.26 -27.22 -5.17
N DPV NB . 20.67 -30.16 -19.48
P DPV NB . 17.25 -31.24 -17.02
C1 DPV NB . 15.03 -29.79 -17.09
C2 DPV NB . 14.49 -29.70 -15.64
C3 DPV NB . 14.33 -28.24 -15.12
C4 DPV NB . 18.49 -29.26 -18.28
C5 DPV NB . 19.98 -29.74 -18.15
C6 DPV NB . 22.11 -30.56 -19.12
C7 DPV NB . 20.76 -29.01 -20.50
C8 DPV NB . 20.00 -31.38 -20.13
C15 DPV NB . 15.70 -27.55 -14.82
C16 DPV NB . 15.52 -26.12 -14.23
C17 DPV NB . 16.89 -25.38 -14.12
C18 DPV NB . 16.76 -23.96 -13.50
C19 DPV NB . 18.01 -23.09 -13.80
O1P DPV NB . 17.71 -32.64 -17.08
C20 DPV NB . 17.89 -21.68 -13.16
C21 DPV NB . 18.87 -20.65 -13.79
C22 DPV NB . 18.27 -19.93 -15.04
C23 DPV NB . 19.34 -19.13 -15.82
O2P DPV NB . 17.68 -30.58 -15.77
O3P DPV NB . 15.67 -31.08 -17.30
O4P DPV NB . 17.60 -30.40 -18.35
H1 DPV NB . 14.20 -29.70 -17.79
H1A DPV NB . 15.76 -29.00 -17.30
H2 DPV NB . 13.51 -30.19 -15.60
H2A DPV NB . 15.14 -30.25 -14.95
H3 DPV NB . 13.73 -28.25 -14.22
H3A DPV NB . 13.78 -27.65 -15.87
H4 DPV NB . 18.22 -28.67 -17.41
H4A DPV NB . 18.36 -28.68 -19.19
H5 DPV NB . 20.58 -28.93 -17.73
H5A DPV NB . 20.02 -30.60 -17.46
H6 DPV NB . 22.65 -30.88 -20.02
H6A DPV NB . 22.07 -31.38 -18.41
H6B DPV NB . 22.63 -29.71 -18.65
H7 DPV NB . 19.76 -28.70 -20.82
H7A DPV NB . 21.34 -29.34 -21.37
H7B DPV NB . 21.30 -28.16 -20.03
H8 DPV NB . 18.99 -31.10 -20.43
H8A DPV NB . 19.96 -32.20 -19.41
H8B DPV NB . 20.57 -31.68 -21.02
H15 DPV NB . 16.31 -27.48 -15.73
H15A DPV NB . 16.26 -28.14 -14.10
H16 DPV NB . 14.84 -25.55 -14.87
H16A DPV NB . 15.05 -26.18 -13.25
H17 DPV NB . 17.58 -25.98 -13.52
H17A DPV NB . 17.33 -25.29 -15.12
H18 DPV NB . 15.86 -23.48 -13.91
H18A DPV NB . 16.63 -24.04 -12.42
H19 DPV NB . 18.91 -23.59 -13.42
H19A DPV NB . 18.13 -23.00 -14.89
H20 DPV NB . 16.87 -21.30 -13.26
H20A DPV NB . 18.09 -21.76 -12.09
H21 DPV NB . 19.12 -19.88 -13.04
H21A DPV NB . 19.81 -21.13 -14.05
H22 DPV NB . 17.84 -20.68 -15.70
H22A DPV NB . 17.48 -19.26 -14.73
H23 DPV NB . 20.10 -19.80 -16.28
H23A DPV NB . 19.86 -18.43 -15.17
H23B DPV NB . 18.88 -18.56 -16.63
N DPV OB . 18.06 6.90 2.96
P DPV OB . 15.11 6.57 -0.83
C1 DPV OB . 15.54 5.36 -3.08
C2 DPV OB . 16.18 4.08 -3.67
C3 DPV OB . 15.32 3.45 -4.80
C4 DPV OB . 15.73 6.83 1.70
C5 DPV OB . 16.65 6.22 2.80
C6 DPV OB . 17.94 8.37 3.42
C7 DPV OB . 18.83 6.12 4.04
C8 DPV OB . 18.89 6.84 1.67
C15 DPV OB . 14.39 2.28 -4.34
C16 DPV OB . 13.22 2.73 -3.39
C17 DPV OB . 12.28 1.55 -3.02
C18 DPV OB . 11.19 1.97 -2.00
C19 DPV OB . 10.30 0.76 -1.61
O1P DPV OB . 15.31 7.97 -1.24
C20 DPV OB . 9.29 1.12 -0.49
C21 DPV OB . 8.36 -0.09 -0.16
C22 DPV OB . 7.54 0.11 1.14
C23 DPV OB . 6.37 1.12 1.00
O2P DPV OB . 13.68 6.22 -0.68
O3P DPV OB . 15.93 5.53 -1.72
O4P DPV OB . 15.98 6.16 0.43
H1 DPV OB . 15.86 6.23 -3.66
H1A DPV OB . 14.45 5.30 -3.13
H2 DPV OB . 17.17 4.33 -4.07
H2A DPV OB . 16.35 3.35 -2.88
H3 DPV OB . 16.00 3.07 -5.58
H3A DPV OB . 14.71 4.22 -5.30
H4 DPV OB . 14.69 6.67 1.96
H4A DPV OB . 15.90 7.90 1.58
H5 DPV OB . 16.16 6.33 3.78
H5A DPV OB . 16.80 5.15 2.61
H6 DPV OB . 17.36 8.40 4.34
H6A DPV OB . 17.45 8.96 2.63
H6B DPV OB . 18.95 8.75 3.62
H7 DPV OB . 18.25 6.12 4.96
H7A DPV OB . 19.80 6.61 4.21
H7B DPV OB . 18.98 5.10 3.69
H8 DPV OB . 18.96 5.79 1.35
H8A DPV OB . 19.89 7.23 1.87
H8B DPV OB . 18.40 7.43 0.90
H15 DPV OB . 15.00 1.53 -3.84
H15A DPV OB . 13.95 1.80 -5.22
H16 DPV OB . 13.65 3.15 -2.46
H16A DPV OB . 12.64 3.52 -3.87
H17 DPV OB . 11.83 1.16 -3.94
H17A DPV OB . 12.90 0.75 -2.59
H18 DPV OB . 11.67 2.37 -1.11
H18A DPV OB . 10.57 2.76 -2.43
H19 DPV OB . 9.78 0.39 -2.50
H19A DPV OB . 10.94 -0.05 -1.25
H20 DPV OB . 9.84 1.42 0.41
H20A DPV OB . 8.67 1.98 -0.81
H21 DPV OB . 7.69 -0.31 -1.00
H21A DPV OB . 8.98 -0.98 -0.03
H22 DPV OB . 7.11 -0.86 1.43
H22A DPV OB . 8.20 0.43 1.95
H23 DPV OB . 5.66 0.78 0.23
H23A DPV OB . 6.74 2.11 0.74
H23B DPV OB . 5.81 1.21 1.93
#